data_6VE7
#
_entry.id   6VE7
#
_cell.length_a   1.00
_cell.length_b   1.00
_cell.length_c   1.00
_cell.angle_alpha   90.00
_cell.angle_beta   90.00
_cell.angle_gamma   90.00
#
_symmetry.space_group_name_H-M   'P 1'
#
loop_
_entity.id
_entity.type
_entity.pdbx_description
1 polymer 'Flagellar associated protein'
2 polymer FAP52
3 polymer 'Tubulin alpha'
4 polymer 'Protein Flattop homolog'
5 polymer 'Tubulin beta'
6 polymer FAP276
7 polymer 'Cilia- and flagella-associated protein 20'
8 polymer PACRG
9 non-polymer "GUANOSINE-5'-TRIPHOSPHATE"
10 non-polymer 'MAGNESIUM ION'
11 non-polymer "GUANOSINE-5'-DIPHOSPHATE"
12 non-polymer TAXOL
#
loop_
_entity_poly.entity_id
_entity_poly.type
_entity_poly.pdbx_seq_one_letter_code
_entity_poly.pdbx_strand_id
1 'polypeptide(L)'
;MQEESVYALIPQPQEVPQRPAMHTSKFGGKTHPAQFDFGQNKVQPHATMGRPDGANGPAFLHAHEKEPKLPSPGPPSNPK
QKIRPPVPAKEEKPTMGLTSNKNFITANAVDVILAKPGKVPQPEFQWTQKPDYGKVPMYLKRNKDRVAKEKEHFTQYLRM
REAPEANAHVSQLSPEDRQQLVRHLKAKWGSVNTAYQGLSLSVDSAVKKGRKEAMERELAEIERDIRTLERGEVVLVVDD
;
A
2 'polypeptide(L)'
;MAEPLVLNSVIGFGGAIENGLIAHPDGRTIIYPLGSTIVLRDRADPRSQEFLQGHSDKVSCLALSRSGRYLASGQITYMG
FTADIIIWDLESKQLIHRMALHKVKVQALDFSCDERFLASLGGQDDNALVLWDVASGNAICGSPCNTNFTNCVKFFNNSP
DKLITAGNFNMNVWTYDAGNNKLRPTDATLGTLKRVFKSVVVDANDEYAYCGTTTGDVLQIALERVLFKNTGPAKGNVQM
GVTATCEVPTGDILVGGGDGSLQVLRTVPEPSSTNPKLLRKMPALAGTKVEGAITSIALADMNARGFTFFVGTAMCNIYK
VTYEPATSRLKEELVQTAHNDKINGMAFPNEYSEVFATCGTGFIRLWHLTTCRELLRIAVPNLECFCIAFTTDGSAILSG
WSDGKIRAFGPQSGKIIFTINDAHQKAVTAIASTADSSRILSGGEEGMVRVWRIGRTSQTLEASMKDHKGPVNCIRIKGS
GDECVSASSDGSCILWDLHTFKRRTSLFANTFFKSVVYHPDESQLVTAGTDRKVTYWDAYDGNAIRIIDGSDLDEVNALA
VDRDGEALVSGGGDKLVKLWGYDEGHCYFVGVAHSGAITAVGVTPDKQRIVSVGTEGGIFIWDYQRPQTLADI
;
B,C
3 'polypeptide(L)'
;MREVISIHIGQAGIQVGNACWELYCLEHGIQPDGQMPSDKTIGGGDDAFNTFFSETGAGKHVPRCIFLDLEPTVVDEVRT
GTYRQLFHPEQLISGKEDAANNFARGHYTIGKEIVDLALDRIRKLADNCTGLQGFLVFNAVGGGTGSGLGSLLLERLSVD
YGKKSKLGFTVYPSPQVSTAVVEPYNSVLSTHSLLEHTDVAVMLDNEAIYDICRRSLDIERPTYTNLNRLIAQVISSLTA
SLRFDGALNVDITEFQTNLVPYPRIHFMLSSYAPIISAEKAYHEQLSVAEITNAAFEPASMMVKCDPRHGKYMACCLMYR
GDVVPKDVNASVATIKTKRTIQFVDWCPTGFKCGINYQPPTVVPGGDLAKVQRAVCMISNSTAIGEIFSRLDHKFDLMYA
KRAFVHWYVGEGMEEGEFSEAREDLAALEKDFEEVGAESAEGAGEGEGEEY
;
D,E,F,G,L,M,P,S,X,Y,Z,e,f,h,k,m,o,s,y,0,1,5,6,7
4 'polypeptide(L)'
;MSRSYPGEQVEHAFNSKRLKNWEVPAVDKSQAISTSTGTRFGTLQPRSGRTQFIVDDNGHLKSGVPKLEKSAFNFTQTTP
VFMDSAPRWPKENPTWPKNMKATMGYKGIQSNYLPTNTVTLKAVEVPGTTERNFNFM
;
H
5 'polypeptide(L)'
;MREIVHIQGGQCGNQIGAKFWEVVSDEHGIDPTGTYHGDSDLQLERINVYFNEATGGRYVPRAILMDLEPGTMDSVRSGP
YGQIFRPDNFVFGQTGAGNNWAKGHYTEGAELIDSVLDVVRKEAESCDCLQGFQVCHSLGGGTGSGMGTLLISKIREEYP
DRMMLTFSVVPSPKVSDTVVEPYNATLSVHQLVENADECMVLDNEALYDICFRTLKLTTPTFGDLNHLISAVMSGITCCL
RFPGQLNADLRKLAVNLIPFPRLHFFMVGFTPLTSRGSQQYRALTVPELTQQMWDAKNMMCAADPRHGRYLTASALFRGR
MSTKEVDEQMLNVQNKNSSYFVEWIPNNVKSSVCDIPPKGLKMSATFIGNSTAIQEMFKRVSEQFTAMFRRKAFLHWYTG
EGMDEMEFTEAESNMNDLVSEYQQYQDASAEEEGEFEGEEEEA
;
I,J,K,N,O,Q,R,T,U,V,a,b,i,j,p,q,r,t,u,v,w,4,8,9
6 'polypeptide(L)'
;MDLKQQVKNYTMTIRNTRPPTMIKEQDKSEFSHFRALQVLANGDEVPYEATLRNVIHDGARQPKLPPRQTQKHPGYIRNE
SGGFFT
;
W,x
7 'polypeptide(L)'
;MFKNAFQSGFLSVLYSIGSKPLEIWDKQVSNGHIKRITDADIQSSVLEIMGQNVSTTYITCPADPNKTLGIKLPFLVLII
KNLNKYFSFEVQVLDDKNVRRRFRASNYQSTTRVKPFICTMPMRLDSGWNQIQFNLSDFTRRAYGTNYIETLRVQVHANC
RIRRIYFSDRLYSEEELPAEFKLFLPIQKS
;
c,g,z,3
8 'polypeptide(L)'
;MNGDVAGSLFTSTYRNVKLAGKAPPAANLSGTGSCFDTTSLSPARAGAHKALDVQKDELPVWSKSTLSYKYPAGRPNPTG
FLKKGDGEMIKTKTGGFEERKPSPPQAGAYKRRENPPNTAFRRFYERGDLPIAVDHRGSKNMIAWKVDIEKLDYHHYLPI
FFDGIRETQEPYRFLAVKGVEDMLRVGGSKILPVIPQLIIPIKTALNTRDHSVMCITLQLLQKLVLSADLVGEALVPYYR
QILPIFNLYKNKNKNLGDGIDYGQRNYDCLGELIADTLALFEQKGGDDAFINIKYMVPTYESSVNYA
;
d,l,n,2
#
# COMPACT_ATOMS: atom_id res chain seq x y z
N GLN A 2 25.20 -17.12 21.03
CA GLN A 2 25.00 -17.98 19.88
C GLN A 2 25.79 -17.50 18.67
N GLU A 3 26.11 -16.20 18.65
CA GLU A 3 26.71 -15.56 17.49
C GLU A 3 28.23 -15.77 17.45
N GLU A 4 28.74 -16.72 18.23
CA GLU A 4 30.18 -17.02 18.26
C GLU A 4 30.98 -15.80 18.75
N SER A 5 30.50 -15.21 19.85
CA SER A 5 31.02 -13.95 20.37
C SER A 5 31.66 -14.13 21.74
N VAL A 6 32.48 -15.17 21.90
CA VAL A 6 33.13 -15.50 23.16
C VAL A 6 33.83 -14.31 23.78
N TYR A 7 34.18 -13.32 22.94
CA TYR A 7 34.68 -12.07 23.48
C TYR A 7 33.57 -11.29 24.16
N ALA A 8 32.35 -11.39 23.65
CA ALA A 8 31.19 -10.76 24.26
C ALA A 8 30.50 -11.68 25.28
N LEU A 9 31.02 -12.87 25.50
CA LEU A 9 30.46 -13.79 26.49
C LEU A 9 30.39 -13.11 27.86
N ILE A 10 31.55 -12.69 28.36
CA ILE A 10 31.66 -12.06 29.67
C ILE A 10 31.81 -10.56 29.46
N PRO A 11 30.91 -9.73 29.99
CA PRO A 11 31.10 -8.28 29.89
C PRO A 11 32.17 -7.83 30.88
N GLN A 12 33.16 -7.10 30.37
CA GLN A 12 34.23 -6.62 31.22
C GLN A 12 34.43 -5.11 31.13
N PRO A 13 33.37 -4.28 31.23
CA PRO A 13 33.70 -2.86 31.29
C PRO A 13 33.57 -2.29 32.69
N PRO A 20 27.93 14.83 42.78
CA PRO A 20 28.40 16.22 42.73
C PRO A 20 27.62 17.12 43.71
N ALA A 21 28.31 18.07 44.32
CA ALA A 21 27.65 19.02 45.21
C ALA A 21 26.59 19.80 44.44
N MET A 22 25.45 20.01 45.08
CA MET A 22 24.30 20.53 44.34
C MET A 22 24.56 21.93 43.80
N HIS A 23 24.46 22.95 44.66
CA HIS A 23 25.19 24.22 44.60
C HIS A 23 24.56 25.13 45.65
N THR A 24 25.15 26.30 45.89
CA THR A 24 24.61 27.26 46.85
C THR A 24 24.44 28.61 46.17
N SER A 25 23.20 29.09 46.11
CA SER A 25 22.90 30.32 45.39
C SER A 25 23.52 31.52 46.09
N LYS A 26 23.71 32.60 45.32
CA LYS A 26 24.25 33.83 45.88
C LYS A 26 23.21 34.58 46.69
N PHE A 27 21.98 34.66 46.17
CA PHE A 27 20.90 35.33 46.91
C PHE A 27 20.70 34.72 48.29
N GLY A 28 21.10 33.46 48.46
CA GLY A 28 20.84 32.69 49.66
C GLY A 28 21.03 33.44 50.96
N GLY A 29 20.13 33.24 51.89
CA GLY A 29 20.18 33.92 53.16
C GLY A 29 18.99 33.62 54.04
N LYS A 30 19.22 33.60 55.35
CA LYS A 30 18.13 33.46 56.30
C LYS A 30 17.38 34.77 56.43
N THR A 31 16.06 34.68 56.51
CA THR A 31 15.22 35.86 56.68
C THR A 31 15.46 36.46 58.06
N HIS A 32 15.80 37.75 58.09
CA HIS A 32 15.98 38.47 59.33
C HIS A 32 14.85 39.49 59.50
N PRO A 33 14.45 39.79 60.74
CA PRO A 33 13.36 40.76 60.93
C PRO A 33 13.79 42.18 60.61
N ALA A 34 14.38 42.35 59.43
CA ALA A 34 14.64 43.67 58.85
C ALA A 34 14.48 43.52 57.35
N GLN A 35 14.46 44.64 56.65
CA GLN A 35 14.19 44.67 55.22
C GLN A 35 12.84 44.04 54.91
N PHE A 36 11.94 44.03 55.89
CA PHE A 36 10.60 43.49 55.73
C PHE A 36 9.63 44.42 56.42
N ASP A 37 8.71 45.00 55.66
CA ASP A 37 7.74 45.93 56.19
C ASP A 37 6.53 45.25 56.80
N PHE A 38 6.43 43.93 56.73
CA PHE A 38 5.27 43.27 57.29
C PHE A 38 5.34 43.21 58.81
N GLY A 39 6.54 43.09 59.37
CA GLY A 39 6.68 42.80 60.78
C GLY A 39 7.62 43.75 61.48
N GLN A 40 7.84 43.44 62.76
CA GLN A 40 8.73 44.17 63.67
C GLN A 40 10.16 44.21 63.14
N ASN A 41 11.01 45.08 63.70
CA ASN A 41 12.37 45.24 63.23
C ASN A 41 13.40 45.06 64.34
N LYS A 42 13.16 44.13 65.27
CA LYS A 42 14.15 43.84 66.32
C LYS A 42 14.15 42.35 66.62
N VAL A 43 15.22 41.91 67.29
CA VAL A 43 15.34 40.56 67.82
C VAL A 43 15.92 40.67 69.22
N GLN A 44 15.21 40.11 70.20
CA GLN A 44 15.58 40.22 71.60
C GLN A 44 15.51 38.86 72.26
N PRO A 45 16.22 38.67 73.37
CA PRO A 45 16.19 37.36 74.04
C PRO A 45 14.85 36.98 74.66
N HIS A 46 14.35 37.79 75.58
CA HIS A 46 13.14 37.44 76.32
C HIS A 46 12.26 38.67 76.56
N ALA A 47 12.01 39.45 75.52
CA ALA A 47 11.24 40.67 75.68
C ALA A 47 9.80 40.37 76.11
N THR A 48 9.04 39.69 75.26
CA THR A 48 7.61 39.52 75.50
C THR A 48 7.35 38.62 76.69
N MET A 49 7.76 37.35 76.60
CA MET A 49 7.72 36.49 77.77
C MET A 49 8.82 36.91 78.72
N GLY A 50 8.50 36.91 80.00
CA GLY A 50 9.46 37.30 81.01
C GLY A 50 10.58 36.29 81.15
N ARG A 51 11.17 36.31 82.31
CA ARG A 51 12.20 35.40 82.77
C ARG A 51 11.58 34.39 83.72
N PRO A 52 12.13 33.17 83.82
CA PRO A 52 11.64 32.23 84.83
C PRO A 52 11.73 32.82 86.22
N ASP A 53 10.87 32.32 87.10
CA ASP A 53 10.83 32.80 88.47
C ASP A 53 12.18 32.59 89.15
N GLY A 54 12.45 33.43 90.16
CA GLY A 54 13.66 33.27 90.95
C GLY A 54 14.94 33.68 90.28
N ALA A 55 14.89 34.06 89.00
CA ALA A 55 16.07 34.51 88.27
C ALA A 55 16.14 36.02 88.13
N ASN A 56 15.11 36.76 88.55
CA ASN A 56 15.18 38.22 88.62
C ASN A 56 15.79 38.73 89.92
N GLY A 57 16.58 37.89 90.59
CA GLY A 57 17.18 38.25 91.86
C GLY A 57 18.09 39.45 91.75
N PRO A 58 18.12 40.27 92.79
CA PRO A 58 19.01 41.45 92.77
C PRO A 58 20.47 41.04 92.73
N ALA A 59 21.26 41.82 92.02
CA ALA A 59 22.68 41.57 91.85
C ALA A 59 23.48 42.70 92.48
N PHE A 60 24.77 42.45 92.68
CA PHE A 60 25.65 43.45 93.26
C PHE A 60 26.02 44.51 92.24
N LEU A 61 26.04 45.76 92.68
CA LEU A 61 26.37 46.90 91.84
C LEU A 61 27.72 47.46 92.26
N HIS A 62 28.70 47.33 91.36
CA HIS A 62 30.01 47.90 91.59
C HIS A 62 30.00 49.40 91.28
N ALA A 63 31.11 50.05 91.59
CA ALA A 63 31.26 51.45 91.21
C ALA A 63 31.60 51.56 89.73
N HIS A 64 30.94 52.50 89.05
CA HIS A 64 31.20 52.79 87.64
C HIS A 64 30.96 51.55 86.75
N GLU A 65 29.92 50.79 87.07
CA GLU A 65 29.52 49.70 86.19
C GLU A 65 29.02 50.22 84.85
N LYS A 66 28.21 51.28 84.88
CA LYS A 66 27.64 51.89 83.68
C LYS A 66 28.27 53.26 83.51
N GLU A 67 29.40 53.29 82.81
CA GLU A 67 30.11 54.53 82.53
C GLU A 67 30.65 54.49 81.11
N PRO A 68 30.22 55.42 80.25
CA PRO A 68 30.72 55.42 78.87
C PRO A 68 32.20 55.72 78.83
N LYS A 69 32.86 55.20 77.80
CA LYS A 69 34.30 55.36 77.62
C LYS A 69 34.58 56.00 76.27
N LEU A 70 35.22 57.16 76.29
CA LEU A 70 35.67 57.79 75.06
C LEU A 70 36.65 56.86 74.36
N PRO A 71 36.39 56.48 73.11
CA PRO A 71 37.33 55.58 72.42
C PRO A 71 38.71 56.19 72.27
N SER A 72 38.82 57.28 71.50
CA SER A 72 39.97 58.16 71.40
C SER A 72 39.66 59.22 70.35
N PRO A 73 40.33 60.37 70.35
CA PRO A 73 40.32 61.21 69.16
C PRO A 73 41.13 60.57 68.05
N GLY A 74 40.48 60.14 66.98
CA GLY A 74 41.15 59.42 65.92
C GLY A 74 40.63 59.80 64.55
N PRO A 75 41.51 59.79 63.55
CA PRO A 75 41.09 60.13 62.18
C PRO A 75 39.96 59.23 61.73
N PRO A 76 38.89 59.82 61.20
CA PRO A 76 37.70 59.03 60.87
C PRO A 76 37.91 58.14 59.67
N SER A 77 36.93 57.30 59.37
CA SER A 77 37.07 56.32 58.30
C SER A 77 37.05 57.00 56.92
N ASN A 78 36.04 57.83 56.67
CA ASN A 78 35.82 58.39 55.34
C ASN A 78 35.70 59.91 55.41
N PRO A 79 36.54 60.66 54.72
CA PRO A 79 36.41 62.12 54.68
C PRO A 79 35.27 62.62 53.81
N LYS A 80 34.57 61.73 53.12
CA LYS A 80 33.38 61.98 52.31
C LYS A 80 33.71 62.62 50.96
N GLN A 81 34.98 62.90 50.66
CA GLN A 81 35.39 63.23 49.29
C GLN A 81 34.65 64.44 48.72
N LYS A 82 35.02 65.63 49.17
CA LYS A 82 34.48 66.88 48.64
C LYS A 82 34.42 66.87 47.11
N ILE A 83 33.33 67.37 46.57
CA ILE A 83 33.12 67.37 45.12
C ILE A 83 33.56 68.68 44.49
N ARG A 84 33.55 69.77 45.25
CA ARG A 84 33.80 71.07 44.63
C ARG A 84 35.28 71.43 44.73
N PRO A 85 35.86 71.95 43.65
CA PRO A 85 37.29 72.25 43.65
C PRO A 85 37.58 73.51 44.44
N PRO A 86 38.80 73.67 44.96
CA PRO A 86 39.11 74.82 45.80
C PRO A 86 39.17 76.11 45.01
N VAL A 87 39.28 77.20 45.76
CA VAL A 87 39.39 78.55 45.21
C VAL A 87 40.82 78.74 44.69
N PRO A 88 41.01 79.34 43.52
CA PRO A 88 42.36 79.59 43.03
C PRO A 88 43.16 80.47 43.98
N ALA A 89 44.47 80.49 43.75
CA ALA A 89 45.42 81.07 44.69
C ALA A 89 45.80 82.51 44.35
N LYS A 90 44.86 83.29 43.85
CA LYS A 90 44.98 84.75 43.68
C LYS A 90 46.25 85.18 42.95
N GLU A 91 46.99 84.24 42.36
CA GLU A 91 48.22 84.58 41.65
C GLU A 91 48.38 83.82 40.34
N GLU A 92 47.32 83.20 39.82
CA GLU A 92 47.45 82.45 38.58
C GLU A 92 47.75 83.38 37.40
N LYS A 93 47.06 84.51 37.33
CA LYS A 93 47.26 85.51 36.28
C LYS A 93 47.26 84.87 34.88
N PRO A 94 46.15 84.28 34.45
CA PRO A 94 46.13 83.68 33.11
C PRO A 94 46.04 84.70 32.00
N THR A 95 45.56 85.91 32.30
CA THR A 95 45.39 86.92 31.26
C THR A 95 46.74 87.35 30.71
N MET A 96 46.80 87.50 29.39
CA MET A 96 48.00 87.90 28.69
C MET A 96 47.64 88.90 27.59
N GLY A 97 48.36 90.01 27.54
CA GLY A 97 48.07 91.03 26.55
C GLY A 97 48.24 90.52 25.14
N LEU A 98 49.42 89.99 24.82
CA LEU A 98 49.70 89.35 23.53
C LEU A 98 49.39 90.29 22.36
N THR A 99 49.84 91.54 22.49
CA THR A 99 49.67 92.48 21.39
C THR A 99 50.58 92.10 20.23
N SER A 100 50.04 92.20 19.00
CA SER A 100 50.75 91.69 17.83
C SER A 100 51.89 92.60 17.43
N ASN A 101 51.67 93.92 17.50
CA ASN A 101 52.69 94.91 17.14
C ASN A 101 53.15 94.77 15.68
N LYS A 102 52.27 94.28 14.82
CA LYS A 102 52.53 94.25 13.40
C LYS A 102 51.84 95.42 12.71
N ASN A 103 52.46 95.90 11.64
CA ASN A 103 51.90 97.02 10.87
C ASN A 103 50.74 96.50 10.05
N PHE A 104 49.51 96.79 10.49
CA PHE A 104 48.35 96.33 9.76
C PHE A 104 48.28 96.95 8.37
N ILE A 105 48.82 98.16 8.20
CA ILE A 105 48.85 98.76 6.88
C ILE A 105 49.62 97.88 5.91
N THR A 106 50.86 97.53 6.26
CA THR A 106 51.69 96.71 5.38
C THR A 106 51.11 95.30 5.26
N ALA A 107 50.54 94.78 6.34
CA ALA A 107 49.96 93.45 6.30
C ALA A 107 48.81 93.39 5.30
N ASN A 108 47.89 94.35 5.38
CA ASN A 108 46.77 94.38 4.45
C ASN A 108 47.24 94.62 3.02
N ALA A 109 48.26 95.47 2.86
CA ALA A 109 48.80 95.70 1.52
C ALA A 109 49.35 94.41 0.93
N VAL A 110 50.13 93.65 1.71
CA VAL A 110 50.71 92.42 1.20
C VAL A 110 49.62 91.38 0.93
N ASP A 111 48.61 91.32 1.79
CA ASP A 111 47.52 90.38 1.55
C ASP A 111 46.79 90.71 0.26
N VAL A 112 46.53 91.99 0.01
CA VAL A 112 45.88 92.39 -1.23
C VAL A 112 46.77 92.07 -2.42
N ILE A 113 48.08 92.25 -2.27
CA ILE A 113 49.01 92.02 -3.38
C ILE A 113 49.02 90.55 -3.75
N LEU A 114 49.24 89.68 -2.77
CA LEU A 114 49.40 88.24 -3.00
C LEU A 114 48.09 87.56 -2.64
N ALA A 115 47.15 87.56 -3.58
CA ALA A 115 45.84 86.95 -3.36
C ALA A 115 45.34 86.39 -4.67
N LYS A 116 44.43 85.44 -4.57
CA LYS A 116 43.89 84.85 -5.78
C LYS A 116 42.84 85.80 -6.38
N PRO A 117 42.87 86.00 -7.70
CA PRO A 117 41.96 86.99 -8.31
C PRO A 117 40.49 86.77 -7.99
N GLY A 118 40.09 85.55 -7.68
CA GLY A 118 38.71 85.29 -7.36
C GLY A 118 38.16 84.19 -8.23
N LYS A 119 36.84 84.19 -8.40
CA LYS A 119 36.14 83.16 -9.14
C LYS A 119 35.55 83.75 -10.41
N VAL A 120 35.85 83.11 -11.54
CA VAL A 120 35.28 83.49 -12.83
C VAL A 120 34.43 82.34 -13.34
N PRO A 121 33.36 82.60 -14.08
CA PRO A 121 32.55 81.50 -14.61
C PRO A 121 33.29 80.76 -15.73
N GLN A 122 33.33 79.45 -15.63
CA GLN A 122 34.01 78.66 -16.65
C GLN A 122 33.12 78.50 -17.88
N PRO A 123 33.72 78.35 -19.05
CA PRO A 123 32.91 78.14 -20.26
C PRO A 123 32.27 76.76 -20.27
N GLU A 124 31.09 76.68 -20.87
CA GLU A 124 30.38 75.41 -20.95
C GLU A 124 31.23 74.37 -21.66
N PHE A 125 31.56 73.30 -20.93
CA PHE A 125 32.38 72.22 -21.45
C PHE A 125 31.81 71.68 -22.75
N GLN A 126 32.70 71.33 -23.67
CA GLN A 126 32.32 70.82 -24.99
C GLN A 126 32.54 69.32 -25.04
N TRP A 127 31.58 68.60 -25.62
CA TRP A 127 31.68 67.17 -25.76
C TRP A 127 32.36 66.74 -27.06
N THR A 128 32.55 67.67 -27.98
CA THR A 128 33.34 67.36 -29.18
C THR A 128 34.79 67.06 -28.83
N GLN A 129 35.26 67.55 -27.69
CA GLN A 129 36.62 67.30 -27.25
C GLN A 129 36.67 66.25 -26.14
N LYS A 130 35.79 65.27 -26.21
CA LYS A 130 35.83 64.14 -25.30
C LYS A 130 36.92 63.17 -25.75
N PRO A 131 37.81 62.75 -24.84
CA PRO A 131 38.98 61.95 -25.27
C PRO A 131 38.62 60.72 -26.10
N ASP A 132 37.47 60.08 -25.84
CA ASP A 132 37.05 58.92 -26.59
C ASP A 132 36.16 59.27 -27.77
N TYR A 133 36.24 60.49 -28.28
CA TYR A 133 35.28 60.91 -29.30
C TYR A 133 35.34 60.02 -30.53
N GLY A 134 36.49 59.45 -30.84
CA GLY A 134 36.62 58.70 -32.07
C GLY A 134 36.50 57.20 -31.90
N LYS A 135 37.03 56.67 -30.81
CA LYS A 135 37.32 55.26 -30.70
C LYS A 135 36.41 54.57 -29.69
N VAL A 136 36.39 53.25 -29.78
CA VAL A 136 35.65 52.41 -28.84
C VAL A 136 36.34 52.44 -27.48
N PRO A 137 35.61 52.52 -26.37
CA PRO A 137 36.27 52.59 -25.07
C PRO A 137 36.99 51.31 -24.68
N MET A 138 37.58 51.30 -23.48
CA MET A 138 38.41 50.17 -23.08
C MET A 138 37.57 49.05 -22.47
N TYR A 139 36.77 49.37 -21.45
CA TYR A 139 36.03 48.37 -20.69
C TYR A 139 35.19 47.45 -21.57
N LEU A 140 34.84 47.88 -22.78
CA LEU A 140 34.07 47.01 -23.67
C LEU A 140 34.84 45.74 -23.97
N LYS A 141 36.17 45.80 -24.01
CA LYS A 141 36.97 44.61 -24.26
C LYS A 141 36.77 43.58 -23.14
N ARG A 142 36.95 44.00 -21.89
CA ARG A 142 36.75 43.07 -20.79
C ARG A 142 35.29 42.65 -20.64
N ASN A 143 34.34 43.46 -21.13
CA ASN A 143 32.95 43.02 -21.11
C ASN A 143 32.71 41.91 -22.13
N LYS A 144 33.22 42.08 -23.35
CA LYS A 144 33.19 40.99 -24.31
C LYS A 144 33.86 39.74 -23.73
N ASP A 145 34.92 39.93 -22.95
CA ASP A 145 35.60 38.81 -22.34
C ASP A 145 34.72 38.11 -21.30
N ARG A 146 34.11 38.90 -20.41
CA ARG A 146 33.25 38.31 -19.38
C ARG A 146 32.07 37.58 -20.01
N VAL A 147 31.57 38.06 -21.15
CA VAL A 147 30.55 37.30 -21.87
C VAL A 147 31.20 36.03 -22.42
N ALA A 148 30.90 34.90 -21.80
CA ALA A 148 31.49 33.62 -22.18
C ALA A 148 30.41 32.58 -22.48
N TRP A 189 53.85 -19.73 -29.58
CA TRP A 189 53.28 -21.07 -29.66
C TRP A 189 54.16 -21.98 -30.52
N GLY A 190 55.18 -21.41 -31.14
CA GLY A 190 56.08 -22.21 -31.94
C GLY A 190 56.77 -23.28 -31.12
N SER A 191 57.11 -22.95 -29.87
CA SER A 191 57.68 -23.95 -28.97
C SER A 191 56.66 -25.03 -28.62
N VAL A 192 55.39 -24.65 -28.46
CA VAL A 192 54.35 -25.64 -28.20
C VAL A 192 54.24 -26.59 -29.38
N ASN A 193 54.34 -26.06 -30.60
CA ASN A 193 54.24 -26.91 -31.79
C ASN A 193 55.42 -27.85 -31.89
N THR A 194 56.64 -27.35 -31.64
CA THR A 194 57.79 -28.23 -31.74
C THR A 194 57.77 -29.29 -30.65
N ALA A 195 57.28 -28.95 -29.45
CA ALA A 195 57.12 -29.96 -28.43
C ALA A 195 56.07 -30.99 -28.82
N TYR A 196 54.97 -30.53 -29.44
CA TYR A 196 53.92 -31.45 -29.84
C TYR A 196 54.40 -32.40 -30.93
N GLN A 197 55.30 -31.93 -31.79
CA GLN A 197 55.84 -32.80 -32.82
C GLN A 197 57.09 -33.55 -32.37
N GLY A 198 57.60 -33.26 -31.18
CA GLY A 198 58.67 -34.06 -30.61
C GLY A 198 58.18 -35.13 -29.66
N LEU A 199 56.99 -34.93 -29.11
CA LEU A 199 56.40 -35.88 -28.16
C LEU A 199 55.78 -37.10 -28.83
N SER A 200 55.65 -37.10 -30.15
CA SER A 200 54.82 -38.06 -30.88
C SER A 200 55.51 -39.41 -30.97
N LEU A 201 55.10 -40.24 -31.95
CA LEU A 201 55.62 -41.59 -32.15
C LEU A 201 55.20 -42.59 -31.08
N SER A 202 53.98 -43.13 -31.21
CA SER A 202 53.46 -44.22 -30.38
C SER A 202 53.18 -43.79 -28.95
N VAL A 203 52.19 -42.92 -28.80
CA VAL A 203 51.56 -42.65 -27.51
C VAL A 203 50.94 -43.97 -27.04
N ASP A 204 51.45 -44.49 -25.92
CA ASP A 204 51.08 -45.80 -25.43
C ASP A 204 50.35 -45.76 -24.09
N SER A 205 50.75 -44.86 -23.19
CA SER A 205 50.23 -44.84 -21.83
C SER A 205 49.12 -43.81 -21.67
N ALA A 206 48.37 -43.96 -20.57
CA ALA A 206 47.31 -43.02 -20.26
C ALA A 206 47.87 -41.62 -20.06
N VAL A 207 49.04 -41.51 -19.43
CA VAL A 207 49.65 -40.20 -19.24
C VAL A 207 50.06 -39.61 -20.57
N LYS A 208 50.52 -40.45 -21.50
CA LYS A 208 50.86 -39.96 -22.83
C LYS A 208 49.64 -39.42 -23.56
N LYS A 209 48.54 -40.19 -23.53
CA LYS A 209 47.30 -39.73 -24.14
C LYS A 209 46.86 -38.40 -23.52
N GLY A 210 46.90 -38.32 -22.19
CA GLY A 210 46.48 -37.09 -21.53
C GLY A 210 47.33 -35.89 -21.93
N ARG A 211 48.65 -36.07 -21.97
CA ARG A 211 49.53 -34.96 -22.32
C ARG A 211 49.33 -34.55 -23.77
N LYS A 212 49.11 -35.50 -24.67
CA LYS A 212 48.91 -35.14 -26.06
C LYS A 212 47.58 -34.41 -26.25
N GLU A 213 46.53 -34.82 -25.54
CA GLU A 213 45.26 -34.10 -25.62
C GLU A 213 45.40 -32.69 -25.02
N ALA A 214 46.20 -32.56 -23.96
CA ALA A 214 46.48 -31.24 -23.40
C ALA A 214 47.17 -30.36 -24.43
N MET A 215 48.11 -30.93 -25.18
CA MET A 215 48.75 -30.18 -26.26
C MET A 215 47.73 -29.76 -27.31
N GLU A 216 46.81 -30.67 -27.66
CA GLU A 216 45.76 -30.32 -28.62
C GLU A 216 44.96 -29.11 -28.14
N ARG A 217 44.58 -29.10 -26.86
CA ARG A 217 43.78 -28.00 -26.35
C ARG A 217 44.57 -26.70 -26.31
N GLU A 218 45.84 -26.77 -25.90
CA GLU A 218 46.69 -25.58 -25.93
C GLU A 218 46.80 -25.03 -27.35
N LEU A 219 46.97 -25.92 -28.33
CA LEU A 219 47.06 -25.47 -29.72
C LEU A 219 45.77 -24.77 -30.14
N ALA A 220 44.62 -25.36 -29.84
CA ALA A 220 43.35 -24.72 -30.18
C ALA A 220 43.25 -23.34 -29.55
N GLU A 221 43.65 -23.23 -28.28
CA GLU A 221 43.58 -21.94 -27.58
C GLU A 221 44.43 -20.89 -28.28
N ILE A 222 45.68 -21.23 -28.62
CA ILE A 222 46.54 -20.22 -29.20
C ILE A 222 46.15 -19.92 -30.64
N GLU A 223 45.57 -20.89 -31.35
CA GLU A 223 45.04 -20.59 -32.68
C GLU A 223 43.88 -19.62 -32.59
N ARG A 224 43.05 -19.74 -31.55
CA ARG A 224 42.01 -18.74 -31.36
C ARG A 224 42.59 -17.39 -31.00
N ASP A 225 43.70 -17.38 -30.26
CA ASP A 225 44.31 -16.11 -29.88
C ASP A 225 44.94 -15.41 -31.07
N ILE A 226 45.53 -16.15 -32.00
CA ILE A 226 46.27 -15.55 -33.11
C ILE A 226 45.50 -15.65 -34.42
N ALA B 2 88.18 35.84 -110.89
CA ALA B 2 88.25 37.04 -110.06
C ALA B 2 86.96 37.22 -109.28
N GLU B 3 85.84 36.95 -109.94
CA GLU B 3 84.49 36.99 -109.41
C GLU B 3 84.01 38.31 -108.82
N PRO B 4 84.34 39.50 -109.36
CA PRO B 4 83.50 40.66 -109.07
C PRO B 4 82.36 40.77 -110.06
N LEU B 5 81.16 40.40 -109.62
CA LEU B 5 79.93 40.65 -110.37
C LEU B 5 78.78 40.70 -109.38
N VAL B 6 78.31 41.91 -109.07
CA VAL B 6 77.22 42.08 -108.14
C VAL B 6 75.93 41.52 -108.73
N LEU B 7 75.21 40.73 -107.93
CA LEU B 7 73.95 40.12 -108.35
C LEU B 7 72.82 41.05 -107.96
N ASN B 8 72.37 41.87 -108.92
CA ASN B 8 71.40 42.91 -108.61
C ASN B 8 70.01 42.34 -108.37
N SER B 9 69.58 41.40 -109.20
CA SER B 9 68.22 40.88 -109.10
C SER B 9 68.18 39.44 -109.55
N VAL B 10 67.32 38.65 -108.91
CA VAL B 10 67.05 37.28 -109.30
C VAL B 10 65.55 37.05 -109.18
N ILE B 11 64.92 36.63 -110.27
CA ILE B 11 63.48 36.36 -110.26
C ILE B 11 63.28 34.89 -110.58
N GLY B 12 62.59 34.19 -109.70
CA GLY B 12 62.35 32.77 -109.85
C GLY B 12 61.62 32.26 -108.63
N PHE B 13 61.11 31.04 -108.76
CA PHE B 13 60.36 30.42 -107.66
C PHE B 13 60.19 28.94 -107.96
N GLY B 14 60.30 28.13 -106.93
CA GLY B 14 60.05 26.70 -107.06
C GLY B 14 58.59 26.40 -106.85
N GLY B 15 57.86 26.25 -107.96
CA GLY B 15 56.42 26.16 -107.91
C GLY B 15 55.87 24.92 -107.24
N ALA B 16 56.08 23.76 -107.86
CA ALA B 16 55.42 22.54 -107.44
C ALA B 16 56.08 21.86 -106.26
N ILE B 17 56.98 22.54 -105.55
CA ILE B 17 57.59 21.97 -104.35
C ILE B 17 56.63 22.19 -103.19
N GLU B 18 55.82 21.18 -102.90
CA GLU B 18 54.80 21.27 -101.86
C GLU B 18 55.42 21.67 -100.54
N ASN B 19 54.77 22.61 -99.85
CA ASN B 19 55.25 23.17 -98.59
C ASN B 19 56.63 23.78 -98.71
N GLY B 20 57.06 24.09 -99.93
CA GLY B 20 58.40 24.64 -100.13
C GLY B 20 58.55 26.04 -99.57
N LEU B 21 57.49 26.82 -99.63
CA LEU B 21 57.54 28.20 -99.14
C LEU B 21 57.56 28.21 -97.63
N ILE B 22 58.45 29.00 -97.04
CA ILE B 22 58.58 29.13 -95.59
C ILE B 22 58.82 30.60 -95.26
N ALA B 23 58.37 31.01 -94.08
CA ALA B 23 58.65 32.33 -93.55
C ALA B 23 59.49 32.19 -92.29
N HIS B 24 60.49 33.03 -92.15
CA HIS B 24 61.35 32.98 -90.97
C HIS B 24 60.53 33.29 -89.73
N PRO B 25 60.48 32.40 -88.74
CA PRO B 25 59.71 32.68 -87.53
C PRO B 25 60.24 33.91 -86.81
N ASP B 26 59.40 34.94 -86.74
CA ASP B 26 59.77 36.22 -86.12
C ASP B 26 61.01 36.81 -86.82
N GLY B 27 61.12 36.55 -88.11
CA GLY B 27 62.26 37.01 -88.89
C GLY B 27 61.84 37.91 -90.03
N ARG B 28 62.83 38.45 -90.72
CA ARG B 28 62.63 39.30 -91.88
C ARG B 28 63.01 38.63 -93.18
N THR B 29 62.84 37.31 -93.27
CA THR B 29 63.25 36.60 -94.48
C THR B 29 62.17 35.64 -94.94
N ILE B 30 62.06 35.54 -96.26
CA ILE B 30 61.22 34.54 -96.91
C ILE B 30 62.16 33.51 -97.50
N ILE B 31 61.90 32.24 -97.23
CA ILE B 31 62.73 31.14 -97.70
C ILE B 31 61.92 30.37 -98.72
N TYR B 32 62.53 30.12 -99.89
CA TYR B 32 61.87 29.28 -100.88
C TYR B 32 62.92 28.74 -101.83
N PRO B 33 62.66 27.59 -102.45
CA PRO B 33 63.67 26.94 -103.28
C PRO B 33 63.64 27.41 -104.73
N LEU B 34 64.76 27.13 -105.40
CA LEU B 34 64.95 27.36 -106.83
C LEU B 34 65.38 26.05 -107.48
N GLY B 35 65.82 26.14 -108.73
CA GLY B 35 66.31 25.00 -109.48
C GLY B 35 67.14 24.02 -108.66
N SER B 36 68.18 24.52 -107.98
CA SER B 36 68.95 23.65 -107.08
C SER B 36 69.39 24.37 -105.81
N THR B 37 68.84 25.54 -105.51
CA THR B 37 69.31 26.35 -104.41
C THR B 37 68.13 26.77 -103.55
N ILE B 38 68.45 27.31 -102.38
CA ILE B 38 67.47 27.93 -101.50
C ILE B 38 67.74 29.43 -101.51
N VAL B 39 66.68 30.23 -101.45
CA VAL B 39 66.81 31.68 -101.48
C VAL B 39 66.14 32.26 -100.24
N LEU B 40 66.87 33.14 -99.55
CA LEU B 40 66.38 33.89 -98.41
C LEU B 40 66.29 35.34 -98.86
N ARG B 41 65.08 35.78 -99.21
CA ARG B 41 64.84 37.17 -99.55
C ARG B 41 64.53 37.95 -98.28
N ASP B 42 64.85 39.25 -98.30
CA ASP B 42 64.29 40.14 -97.29
C ASP B 42 62.78 40.08 -97.32
N ARG B 43 62.18 40.17 -96.14
CA ARG B 43 60.73 40.23 -96.04
C ARG B 43 60.18 41.52 -96.66
N ALA B 44 60.99 42.58 -96.66
CA ALA B 44 60.56 43.89 -97.14
C ALA B 44 61.33 44.37 -98.37
N ASP B 45 62.66 44.41 -98.30
CA ASP B 45 63.46 44.89 -99.41
C ASP B 45 63.59 43.82 -100.49
N PRO B 46 62.87 43.93 -101.60
CA PRO B 46 62.90 42.86 -102.61
C PRO B 46 64.14 42.91 -103.49
N ARG B 47 65.29 43.09 -102.86
CA ARG B 47 66.63 43.01 -103.46
C ARG B 47 67.58 42.16 -102.64
N SER B 48 67.54 42.26 -101.30
CA SER B 48 68.48 41.55 -100.45
C SER B 48 68.22 40.07 -100.49
N GLN B 49 68.90 39.35 -101.38
CA GLN B 49 68.81 37.91 -101.47
C GLN B 49 70.07 37.28 -100.94
N GLU B 50 69.91 36.13 -100.27
CA GLU B 50 71.02 35.31 -99.81
C GLU B 50 70.72 33.88 -100.24
N PHE B 51 71.55 33.33 -101.12
CA PHE B 51 71.29 32.02 -101.69
C PHE B 51 72.20 30.98 -101.06
N LEU B 52 71.66 29.77 -100.90
CA LEU B 52 72.36 28.62 -100.36
C LEU B 52 72.40 27.54 -101.42
N GLN B 53 73.61 27.17 -101.85
CA GLN B 53 73.81 26.20 -102.92
C GLN B 53 74.72 25.09 -102.42
N GLY B 54 74.15 23.95 -102.09
CA GLY B 54 74.94 22.81 -101.67
C GLY B 54 74.48 21.50 -102.26
N HIS B 55 73.39 21.53 -102.99
CA HIS B 55 72.83 20.34 -103.62
C HIS B 55 73.37 20.19 -105.04
N SER B 56 73.25 18.98 -105.57
CA SER B 56 73.80 18.67 -106.88
C SER B 56 72.73 18.71 -107.98
N ASP B 57 71.58 18.09 -107.73
CA ASP B 57 70.52 18.01 -108.76
C ASP B 57 69.41 19.04 -108.57
N LYS B 58 68.65 18.94 -107.49
CA LYS B 58 67.49 19.81 -107.30
C LYS B 58 66.91 19.62 -105.91
N VAL B 59 66.59 20.73 -105.23
CA VAL B 59 65.93 20.60 -103.94
C VAL B 59 64.55 20.01 -104.15
N SER B 60 64.15 19.12 -103.26
CA SER B 60 62.86 18.46 -103.36
C SER B 60 61.94 18.73 -102.19
N CYS B 61 62.46 18.81 -100.96
CA CYS B 61 61.64 19.10 -99.80
C CYS B 61 62.38 20.12 -98.94
N LEU B 62 61.62 20.84 -98.13
CA LEU B 62 62.19 21.88 -97.29
C LEU B 62 61.50 21.87 -95.95
N ALA B 63 62.28 21.88 -94.87
CA ALA B 63 61.76 21.94 -93.53
C ALA B 63 62.59 22.94 -92.73
N LEU B 64 61.92 23.66 -91.83
CA LEU B 64 62.57 24.68 -91.03
C LEU B 64 62.17 24.50 -89.57
N SER B 65 63.14 24.25 -88.71
CA SER B 65 62.85 24.07 -87.30
C SER B 65 62.39 25.37 -86.67
N ARG B 66 61.72 25.24 -85.53
CA ARG B 66 61.25 26.39 -84.79
C ARG B 66 62.43 27.22 -84.28
N SER B 67 62.12 28.41 -83.78
CA SER B 67 63.09 29.30 -83.14
C SER B 67 64.17 29.77 -84.13
N GLY B 68 63.78 29.94 -85.39
CA GLY B 68 64.69 30.40 -86.42
C GLY B 68 65.98 29.60 -86.52
N ARG B 69 65.98 28.41 -85.96
CA ARG B 69 67.14 27.54 -85.95
C ARG B 69 67.34 26.94 -87.34
N TYR B 70 68.44 26.21 -87.51
CA TYR B 70 68.86 25.67 -88.80
C TYR B 70 67.74 24.93 -89.52
N LEU B 71 67.82 24.86 -90.85
CA LEU B 71 66.78 24.28 -91.67
C LEU B 71 67.32 23.14 -92.51
N ALA B 72 66.48 22.15 -92.77
CA ALA B 72 66.86 20.98 -93.55
C ALA B 72 66.30 21.09 -94.96
N SER B 73 67.05 20.54 -95.92
CA SER B 73 66.65 20.56 -97.32
C SER B 73 66.93 19.20 -97.93
N GLY B 74 65.90 18.60 -98.51
CA GLY B 74 66.04 17.34 -99.21
C GLY B 74 66.58 17.56 -100.61
N GLN B 75 66.53 16.49 -101.39
CA GLN B 75 67.12 16.56 -102.72
C GLN B 75 66.65 15.36 -103.54
N ILE B 76 66.46 15.60 -104.82
CA ILE B 76 66.22 14.53 -105.78
C ILE B 76 67.56 14.22 -106.45
N THR B 77 67.74 12.97 -106.84
CA THR B 77 68.98 12.54 -107.47
C THR B 77 68.61 11.65 -108.66
N TYR B 78 69.61 10.99 -109.22
CA TYR B 78 69.38 10.14 -110.38
C TYR B 78 68.83 8.79 -109.94
N MET B 79 68.76 7.82 -110.85
CA MET B 79 68.06 6.57 -110.61
C MET B 79 68.58 5.79 -109.41
N GLY B 80 69.88 5.49 -109.40
CA GLY B 80 70.41 4.59 -108.38
C GLY B 80 71.48 5.19 -107.51
N PHE B 81 71.36 6.47 -107.21
CA PHE B 81 72.36 7.18 -106.42
C PHE B 81 71.66 7.90 -105.27
N THR B 82 72.26 7.80 -104.08
CA THR B 82 71.59 8.22 -102.85
C THR B 82 71.18 9.69 -102.91
N ALA B 83 70.08 10.00 -102.23
CA ALA B 83 69.68 11.39 -102.04
C ALA B 83 70.64 12.07 -101.06
N ASP B 84 70.39 13.34 -100.77
CA ASP B 84 71.30 14.06 -99.90
C ASP B 84 70.50 15.09 -99.11
N ILE B 85 70.11 14.72 -97.89
CA ILE B 85 69.56 15.69 -96.97
C ILE B 85 70.69 16.56 -96.44
N ILE B 86 70.47 17.86 -96.41
CA ILE B 86 71.50 18.79 -95.96
C ILE B 86 70.90 19.73 -94.93
N ILE B 87 71.58 19.86 -93.80
CA ILE B 87 71.17 20.78 -92.74
C ILE B 87 72.00 22.05 -92.87
N TRP B 88 71.32 23.18 -92.98
CA TRP B 88 71.95 24.47 -93.20
C TRP B 88 71.76 25.32 -91.95
N ASP B 89 72.86 25.78 -91.37
CA ASP B 89 72.79 26.63 -90.18
C ASP B 89 72.23 28.00 -90.52
N LEU B 90 71.63 28.63 -89.52
CA LEU B 90 71.29 30.04 -89.57
C LEU B 90 72.07 30.77 -88.49
N GLU B 91 72.08 32.10 -88.60
CA GLU B 91 72.98 33.00 -87.86
C GLU B 91 74.41 32.82 -88.34
N SER B 92 74.63 31.85 -89.24
CA SER B 92 75.88 31.70 -90.00
C SER B 92 75.67 31.37 -91.46
N LYS B 93 74.57 30.71 -91.84
CA LYS B 93 74.18 30.51 -93.24
C LYS B 93 75.21 29.67 -94.00
N GLN B 94 75.64 28.57 -93.36
CA GLN B 94 76.50 27.58 -94.01
C GLN B 94 76.12 26.18 -93.55
N LEU B 95 76.66 25.20 -94.27
CA LEU B 95 76.33 23.79 -94.08
C LEU B 95 76.79 23.30 -92.72
N ILE B 96 76.04 22.36 -92.16
CA ILE B 96 76.41 21.72 -90.91
C ILE B 96 76.56 20.22 -91.11
N HIS B 97 75.47 19.57 -91.54
CA HIS B 97 75.49 18.14 -91.77
C HIS B 97 75.03 17.83 -93.19
N ARG B 98 75.53 16.71 -93.71
CA ARG B 98 75.18 16.21 -95.04
C ARG B 98 74.94 14.72 -94.90
N MET B 99 73.66 14.33 -94.81
CA MET B 99 73.26 12.96 -94.60
C MET B 99 72.78 12.35 -95.91
N ALA B 100 73.01 11.04 -96.08
CA ALA B 100 72.78 10.36 -97.34
C ALA B 100 72.04 9.04 -97.13
N LEU B 101 70.85 8.94 -97.70
CA LEU B 101 70.04 7.73 -97.79
C LEU B 101 68.99 8.00 -98.88
N HIS B 102 67.92 7.21 -98.87
CA HIS B 102 66.77 7.45 -99.75
C HIS B 102 67.21 7.46 -101.21
N LYS B 103 67.67 6.29 -101.66
CA LYS B 103 68.37 6.12 -102.95
C LYS B 103 67.71 6.78 -104.15
N VAL B 104 66.43 7.13 -104.09
CA VAL B 104 65.75 7.66 -105.27
C VAL B 104 65.53 9.16 -105.17
N LYS B 105 65.01 9.61 -104.04
CA LYS B 105 64.70 11.01 -103.79
C LYS B 105 64.26 11.12 -102.34
N VAL B 106 64.04 12.35 -101.90
CA VAL B 106 63.51 12.63 -100.57
C VAL B 106 62.07 13.10 -100.72
N GLN B 107 61.16 12.53 -99.94
CA GLN B 107 59.75 12.84 -100.05
C GLN B 107 59.25 13.82 -99.00
N ALA B 108 59.78 13.78 -97.79
CA ALA B 108 59.28 14.65 -96.74
C ALA B 108 60.31 14.75 -95.62
N LEU B 109 60.38 15.92 -95.00
CA LEU B 109 61.27 16.19 -93.88
C LEU B 109 60.54 17.02 -92.86
N ASP B 110 60.95 16.89 -91.60
CA ASP B 110 60.37 17.75 -90.57
C ASP B 110 61.21 17.68 -89.30
N PHE B 111 61.26 18.81 -88.59
CA PHE B 111 61.87 18.89 -87.28
C PHE B 111 60.83 18.62 -86.20
N SER B 112 61.30 18.13 -85.05
CA SER B 112 60.42 18.00 -83.91
C SER B 112 60.35 19.32 -83.14
N CYS B 113 59.40 19.40 -82.20
CA CYS B 113 59.31 20.58 -81.36
C CYS B 113 60.61 20.83 -80.63
N ASP B 114 61.19 19.77 -80.07
CA ASP B 114 62.62 19.81 -79.77
C ASP B 114 63.39 19.77 -81.08
N GLU B 115 64.32 20.70 -81.23
CA GLU B 115 65.11 20.76 -82.46
C GLU B 115 66.14 19.65 -82.54
N ARG B 116 66.05 18.64 -81.66
CA ARG B 116 67.03 17.57 -81.64
C ARG B 116 66.73 16.45 -82.62
N PHE B 117 65.46 16.28 -83.02
CA PHE B 117 65.08 15.19 -83.90
C PHE B 117 64.63 15.72 -85.26
N LEU B 118 65.05 15.04 -86.31
CA LEU B 118 64.67 15.38 -87.68
C LEU B 118 64.27 14.10 -88.40
N ALA B 119 63.02 14.03 -88.86
CA ALA B 119 62.48 12.84 -89.49
C ALA B 119 62.44 13.03 -91.01
N SER B 120 62.73 11.95 -91.72
CA SER B 120 62.80 11.94 -93.18
C SER B 120 61.91 10.83 -93.71
N LEU B 121 61.57 10.94 -94.98
CA LEU B 121 60.69 9.97 -95.61
C LEU B 121 61.22 9.64 -97.00
N GLY B 122 61.41 8.36 -97.27
CA GLY B 122 62.00 7.95 -98.54
C GLY B 122 61.11 8.29 -99.72
N GLY B 123 61.68 8.11 -100.91
CA GLY B 123 60.99 8.43 -102.14
C GLY B 123 59.91 7.41 -102.46
N GLN B 124 59.44 7.47 -103.71
CA GLN B 124 58.48 6.48 -104.17
C GLN B 124 58.99 5.07 -103.93
N ASP B 125 60.14 4.75 -104.51
CA ASP B 125 60.87 3.57 -104.08
C ASP B 125 61.63 3.87 -102.80
N ASP B 126 62.09 2.82 -102.14
CA ASP B 126 62.83 2.93 -100.88
C ASP B 126 62.05 3.76 -99.86
N ASN B 127 60.72 3.65 -99.90
CA ASN B 127 59.91 4.45 -99.00
C ASN B 127 60.00 3.87 -97.59
N ALA B 128 60.80 4.53 -96.75
CA ALA B 128 60.93 4.17 -95.35
C ALA B 128 60.96 5.45 -94.53
N LEU B 129 60.66 5.31 -93.25
CA LEU B 129 60.69 6.42 -92.30
C LEU B 129 61.94 6.29 -91.45
N VAL B 130 62.77 7.33 -91.48
CA VAL B 130 64.04 7.36 -90.77
C VAL B 130 64.05 8.59 -89.86
N LEU B 131 64.71 8.44 -88.72
CA LEU B 131 64.93 9.55 -87.79
C LEU B 131 66.41 9.90 -87.76
N TRP B 132 66.70 11.19 -87.66
CA TRP B 132 68.08 11.66 -87.61
C TRP B 132 68.31 12.47 -86.34
N ASP B 133 69.53 12.40 -85.84
CA ASP B 133 69.98 13.30 -84.79
C ASP B 133 70.59 14.53 -85.43
N VAL B 134 70.49 15.66 -84.71
CA VAL B 134 70.99 16.91 -85.27
C VAL B 134 72.43 17.20 -84.84
N ALA B 135 72.81 16.84 -83.61
CA ALA B 135 74.20 17.00 -83.19
C ALA B 135 75.11 16.11 -84.02
N SER B 136 74.80 14.82 -84.07
CA SER B 136 75.47 13.88 -84.95
C SER B 136 74.57 13.60 -86.13
N GLY B 137 75.03 13.92 -87.34
CA GLY B 137 74.23 13.72 -88.52
C GLY B 137 74.11 12.24 -88.83
N ASN B 138 73.41 11.51 -87.95
CA ASN B 138 73.36 10.06 -88.01
C ASN B 138 71.94 9.60 -87.78
N ALA B 139 71.61 8.46 -88.39
CA ALA B 139 70.27 7.91 -88.33
C ALA B 139 70.09 7.14 -87.03
N ILE B 140 69.08 7.54 -86.26
CA ILE B 140 68.75 6.86 -85.02
C ILE B 140 67.89 5.63 -85.28
N CYS B 141 66.79 5.81 -85.99
CA CYS B 141 65.79 4.76 -86.16
C CYS B 141 65.37 4.69 -87.62
N GLY B 142 64.91 3.51 -88.03
CA GLY B 142 64.45 3.31 -89.39
C GLY B 142 63.47 2.17 -89.54
N SER B 143 62.47 2.35 -90.42
CA SER B 143 61.46 1.32 -90.59
C SER B 143 60.69 1.57 -91.88
N PRO B 144 60.37 0.53 -92.66
CA PRO B 144 59.54 0.74 -93.85
C PRO B 144 58.08 0.78 -93.48
N CYS B 145 57.37 1.81 -93.96
CA CYS B 145 55.98 2.02 -93.59
C CYS B 145 55.08 0.88 -94.05
N ASN B 146 54.92 0.74 -95.37
CA ASN B 146 54.07 -0.28 -95.98
C ASN B 146 54.13 -0.17 -97.50
N THR B 147 53.34 -0.98 -98.20
CA THR B 147 53.34 -0.95 -99.66
C THR B 147 52.75 0.36 -100.19
N ASN B 148 51.63 0.81 -99.61
CA ASN B 148 51.01 2.06 -100.06
C ASN B 148 51.85 3.22 -99.56
N PHE B 149 52.60 3.84 -100.46
CA PHE B 149 53.67 4.72 -100.05
C PHE B 149 53.14 6.00 -99.42
N THR B 150 53.65 6.34 -98.25
CA THR B 150 53.21 7.54 -97.55
C THR B 150 53.63 8.79 -98.32
N ASN B 151 53.02 9.91 -97.97
CA ASN B 151 53.27 11.16 -98.66
C ASN B 151 53.80 12.26 -97.75
N CYS B 152 53.23 12.45 -96.57
CA CYS B 152 53.65 13.55 -95.70
C CYS B 152 53.74 13.08 -94.26
N VAL B 153 54.64 13.70 -93.51
CA VAL B 153 54.90 13.36 -92.11
C VAL B 153 54.99 14.64 -91.30
N LYS B 154 54.56 14.56 -90.04
CA LYS B 154 54.50 15.74 -89.18
C LYS B 154 54.77 15.35 -87.74
N PHE B 155 55.72 16.04 -87.12
CA PHE B 155 55.95 15.90 -85.69
C PHE B 155 54.82 16.57 -84.91
N PHE B 156 54.54 16.02 -83.74
CA PHE B 156 53.54 16.63 -82.87
C PHE B 156 54.07 17.93 -82.28
N ASN B 157 53.19 18.93 -82.17
CA ASN B 157 53.62 20.24 -81.68
C ASN B 157 54.14 20.15 -80.25
N ASN B 158 53.57 19.28 -79.44
CA ASN B 158 54.09 18.98 -78.11
C ASN B 158 54.47 17.52 -78.04
N SER B 159 55.15 17.16 -76.96
CA SER B 159 55.65 15.80 -76.78
C SER B 159 56.46 15.38 -78.01
N PRO B 160 57.66 15.93 -78.21
CA PRO B 160 58.38 15.64 -79.45
C PRO B 160 58.88 14.21 -79.51
N ASP B 161 57.95 13.27 -79.35
CA ASP B 161 58.26 11.85 -79.31
C ASP B 161 57.32 11.03 -80.17
N LYS B 162 56.30 11.65 -80.75
CA LYS B 162 55.34 11.01 -81.64
C LYS B 162 55.18 11.85 -82.90
N LEU B 163 54.84 11.18 -83.99
CA LEU B 163 54.71 11.87 -85.27
C LEU B 163 53.72 11.12 -86.15
N ILE B 164 52.87 11.87 -86.85
CA ILE B 164 51.82 11.28 -87.68
C ILE B 164 52.23 11.38 -89.14
N THR B 165 51.95 10.33 -89.90
CA THR B 165 52.27 10.31 -91.31
C THR B 165 51.11 9.72 -92.11
N ALA B 166 50.81 10.34 -93.24
CA ALA B 166 49.72 9.90 -94.10
C ALA B 166 50.22 9.73 -95.52
N GLY B 167 49.50 8.90 -96.28
CA GLY B 167 49.87 8.58 -97.65
C GLY B 167 48.69 8.16 -98.47
N ASN B 168 48.91 7.18 -99.34
CA ASN B 168 47.91 6.78 -100.32
C ASN B 168 46.64 6.26 -99.65
N PHE B 169 46.72 5.13 -98.98
CA PHE B 169 45.56 4.53 -98.32
C PHE B 169 45.90 4.14 -96.90
N ASN B 170 46.62 5.01 -96.20
CA ASN B 170 47.14 4.66 -94.88
C ASN B 170 47.41 5.93 -94.10
N MET B 171 47.10 5.88 -92.81
CA MET B 171 47.52 6.90 -91.87
C MET B 171 48.03 6.21 -90.62
N ASN B 172 49.11 6.73 -90.05
CA ASN B 172 49.69 6.11 -88.88
C ASN B 172 50.22 7.18 -87.93
N VAL B 173 50.31 6.82 -86.66
CA VAL B 173 51.01 7.62 -85.67
C VAL B 173 52.12 6.76 -85.10
N TRP B 174 53.35 7.25 -85.19
CA TRP B 174 54.53 6.52 -84.75
C TRP B 174 55.08 7.16 -83.49
N THR B 175 55.37 6.34 -82.49
CA THR B 175 56.00 6.79 -81.26
C THR B 175 57.38 6.17 -81.14
N TYR B 176 58.38 6.99 -80.85
CA TYR B 176 59.76 6.50 -80.77
C TYR B 176 59.99 5.84 -79.43
N ASP B 177 60.27 4.54 -79.43
CA ASP B 177 60.52 3.84 -78.18
C ASP B 177 61.84 4.30 -77.58
N ALA B 178 61.91 4.26 -76.25
CA ALA B 178 63.10 4.69 -75.55
C ALA B 178 64.09 3.55 -75.30
N GLY B 179 63.60 2.32 -75.18
CA GLY B 179 64.48 1.21 -74.85
C GLY B 179 65.38 0.77 -75.97
N ASN B 180 64.99 1.04 -77.22
CA ASN B 180 65.79 0.59 -78.35
C ASN B 180 65.86 1.66 -79.43
N ASN B 181 66.27 1.26 -80.63
CA ASN B 181 66.25 2.14 -81.80
C ASN B 181 65.01 1.92 -82.66
N LYS B 182 63.89 1.56 -82.05
CA LYS B 182 62.66 1.25 -82.76
C LYS B 182 61.63 2.35 -82.56
N LEU B 183 60.64 2.37 -83.45
CA LEU B 183 59.50 3.25 -83.31
C LEU B 183 58.24 2.48 -83.68
N ARG B 184 57.25 2.54 -82.82
CA ARG B 184 56.07 1.69 -82.99
C ARG B 184 54.96 2.47 -83.67
N PRO B 185 54.36 1.93 -84.72
CA PRO B 185 53.22 2.58 -85.36
C PRO B 185 51.88 2.11 -84.83
N THR B 186 50.90 2.99 -84.95
CA THR B 186 49.51 2.67 -84.69
C THR B 186 48.69 3.16 -85.87
N ASP B 187 47.95 2.25 -86.50
CA ASP B 187 47.26 2.55 -87.74
C ASP B 187 45.99 3.35 -87.45
N ALA B 188 45.47 3.99 -88.50
CA ALA B 188 44.25 4.78 -88.36
C ALA B 188 43.04 3.93 -88.74
N THR B 189 42.00 4.03 -87.92
CA THR B 189 40.75 3.31 -88.13
C THR B 189 39.67 4.28 -88.57
N LEU B 190 39.30 4.21 -89.85
CA LEU B 190 38.26 5.05 -90.41
C LEU B 190 37.18 4.16 -91.00
N GLY B 191 35.92 4.51 -90.77
CA GLY B 191 34.81 3.70 -91.22
C GLY B 191 34.67 3.62 -92.72
N THR B 192 35.03 2.46 -93.29
CA THR B 192 34.92 2.16 -94.73
C THR B 192 35.24 3.37 -95.61
N LEU B 193 36.36 4.02 -95.31
CA LEU B 193 36.79 5.21 -96.04
C LEU B 193 38.15 4.95 -96.68
N LYS B 194 38.24 5.20 -97.97
CA LYS B 194 39.47 5.06 -98.73
C LYS B 194 39.79 6.42 -99.32
N ARG B 195 40.70 7.14 -98.69
CA ARG B 195 41.04 8.50 -99.09
C ARG B 195 42.54 8.61 -99.31
N VAL B 196 42.91 9.32 -100.38
CA VAL B 196 44.32 9.52 -100.72
C VAL B 196 44.75 10.81 -100.03
N PHE B 197 45.22 10.69 -98.80
CA PHE B 197 45.63 11.85 -98.03
C PHE B 197 46.82 12.52 -98.70
N LYS B 198 46.78 13.85 -98.78
CA LYS B 198 47.84 14.61 -99.40
C LYS B 198 48.58 15.50 -98.41
N SER B 199 47.87 16.35 -97.68
CA SER B 199 48.47 17.23 -96.70
C SER B 199 47.92 16.91 -95.32
N VAL B 200 48.76 17.09 -94.30
CA VAL B 200 48.39 16.80 -92.92
C VAL B 200 48.91 17.91 -92.04
N VAL B 201 48.07 18.36 -91.10
CA VAL B 201 48.42 19.39 -90.14
C VAL B 201 47.99 18.92 -88.76
N VAL B 202 48.69 19.39 -87.74
CA VAL B 202 48.34 19.10 -86.34
C VAL B 202 48.04 20.42 -85.66
N ASP B 203 46.98 20.42 -84.85
CA ASP B 203 46.62 21.61 -84.10
C ASP B 203 47.70 21.93 -83.05
N ALA B 204 47.48 23.00 -82.31
CA ALA B 204 48.49 23.45 -81.35
C ALA B 204 48.64 22.47 -80.20
N ASN B 205 47.55 21.83 -79.77
CA ASN B 205 47.54 21.02 -78.55
C ASN B 205 47.42 19.54 -78.85
N ASP B 206 47.74 19.11 -80.06
CA ASP B 206 47.69 17.70 -80.46
C ASP B 206 46.30 17.08 -80.32
N GLU B 207 45.26 17.90 -80.25
CA GLU B 207 43.90 17.37 -80.15
C GLU B 207 43.49 16.67 -81.44
N TYR B 208 43.42 17.43 -82.53
CA TYR B 208 42.89 16.93 -83.79
C TYR B 208 43.90 17.12 -84.91
N ALA B 209 44.10 16.06 -85.68
CA ALA B 209 44.89 16.11 -86.90
C ALA B 209 43.94 16.32 -88.07
N TYR B 210 44.21 17.36 -88.86
CA TYR B 210 43.45 17.63 -90.06
C TYR B 210 44.22 17.11 -91.26
N CYS B 211 43.50 16.55 -92.23
CA CYS B 211 44.15 15.91 -93.36
C CYS B 211 43.32 16.15 -94.61
N GLY B 212 43.95 16.74 -95.61
CA GLY B 212 43.31 16.94 -96.89
C GLY B 212 43.13 15.63 -97.64
N THR B 213 42.45 15.72 -98.78
CA THR B 213 42.11 14.54 -99.54
C THR B 213 41.95 14.91 -101.01
N THR B 214 42.36 13.99 -101.89
CA THR B 214 42.15 14.20 -103.31
C THR B 214 40.67 14.31 -103.66
N THR B 215 39.81 13.62 -102.89
CA THR B 215 38.37 13.77 -103.11
C THR B 215 37.93 15.20 -102.85
N GLY B 216 38.58 15.89 -101.92
CA GLY B 216 38.22 17.24 -101.54
C GLY B 216 37.83 17.39 -100.10
N ASP B 217 37.71 16.31 -99.33
CA ASP B 217 37.35 16.41 -97.93
C ASP B 217 38.54 16.91 -97.12
N VAL B 218 38.23 17.39 -95.91
CA VAL B 218 39.25 17.72 -94.94
C VAL B 218 38.95 16.96 -93.66
N LEU B 219 39.43 15.72 -93.58
CA LEU B 219 39.07 14.88 -92.46
C LEU B 219 39.79 15.34 -91.20
N GLN B 220 39.03 15.65 -90.16
CA GLN B 220 39.60 15.94 -88.85
C GLN B 220 39.40 14.74 -87.96
N ILE B 221 40.49 14.27 -87.34
CA ILE B 221 40.48 13.09 -86.49
C ILE B 221 41.03 13.46 -85.14
N ALA B 222 40.55 12.76 -84.11
CA ALA B 222 41.17 12.90 -82.80
C ALA B 222 42.51 12.16 -82.79
N LEU B 223 43.35 12.53 -81.83
CA LEU B 223 44.70 11.98 -81.78
C LEU B 223 45.03 11.22 -80.50
N GLU B 224 44.21 11.33 -79.47
CA GLU B 224 44.37 10.47 -78.30
C GLU B 224 44.24 9.03 -78.78
N ARG B 225 43.07 8.69 -79.30
CA ARG B 225 42.93 7.60 -80.26
C ARG B 225 42.74 8.22 -81.64
N VAL B 226 43.33 7.58 -82.65
CA VAL B 226 43.46 8.23 -83.96
C VAL B 226 42.19 8.17 -84.80
N LEU B 227 41.09 7.66 -84.26
CA LEU B 227 39.89 7.45 -85.05
C LEU B 227 39.35 8.79 -85.59
N PHE B 228 38.47 8.67 -86.58
CA PHE B 228 38.01 9.78 -87.40
C PHE B 228 36.79 10.46 -86.77
N LYS B 229 36.67 11.77 -87.00
CA LYS B 229 35.63 12.56 -86.35
C LYS B 229 34.74 13.30 -87.35
N ASN B 230 35.29 14.13 -88.21
CA ASN B 230 34.43 14.94 -89.08
C ASN B 230 34.99 15.02 -90.48
N THR B 231 34.09 15.08 -91.46
CA THR B 231 34.45 14.79 -92.85
C THR B 231 35.17 15.95 -93.52
N GLY B 232 34.50 17.09 -93.65
CA GLY B 232 35.08 18.18 -94.40
C GLY B 232 34.10 19.30 -94.64
N PRO B 233 34.36 20.13 -95.65
CA PRO B 233 33.57 21.36 -95.82
C PRO B 233 32.15 21.05 -96.27
N ALA B 234 31.18 21.51 -95.47
CA ALA B 234 29.79 21.36 -95.86
C ALA B 234 29.47 22.32 -97.01
N LYS B 235 28.23 22.24 -97.50
CA LYS B 235 27.74 23.12 -98.56
C LYS B 235 28.57 23.00 -99.83
N GLY B 236 29.14 21.82 -100.05
CA GLY B 236 29.95 21.58 -101.23
C GLY B 236 31.14 20.67 -101.00
N ASN B 237 32.17 20.81 -101.84
CA ASN B 237 33.37 19.97 -101.79
C ASN B 237 34.46 20.58 -102.65
N VAL B 238 35.71 20.61 -102.15
CA VAL B 238 36.77 21.30 -102.87
C VAL B 238 36.97 20.64 -104.23
N GLN B 239 37.33 21.45 -105.23
CA GLN B 239 37.23 20.99 -106.60
C GLN B 239 38.30 19.97 -106.94
N MET B 240 39.57 20.36 -106.86
CA MET B 240 40.68 19.50 -107.27
C MET B 240 41.30 18.78 -106.09
N GLY B 241 40.56 18.57 -105.02
CA GLY B 241 41.13 17.94 -103.85
C GLY B 241 41.97 18.90 -103.03
N VAL B 242 42.02 18.68 -101.73
CA VAL B 242 42.77 19.56 -100.85
C VAL B 242 44.26 19.29 -101.02
N THR B 243 45.04 20.35 -101.21
CA THR B 243 46.47 20.22 -101.42
C THR B 243 47.30 20.96 -100.38
N ALA B 244 47.00 22.24 -100.13
CA ALA B 244 47.80 23.06 -99.23
C ALA B 244 46.93 23.44 -98.04
N THR B 245 47.15 22.78 -96.90
CA THR B 245 46.37 23.03 -95.70
C THR B 245 47.25 23.60 -94.60
N CYS B 246 46.70 24.52 -93.82
CA CYS B 246 47.41 25.13 -92.72
C CYS B 246 46.41 25.54 -91.65
N GLU B 247 46.91 25.91 -90.48
CA GLU B 247 46.06 26.27 -89.35
C GLU B 247 46.33 27.71 -88.94
N VAL B 248 45.26 28.46 -88.69
CA VAL B 248 45.37 29.81 -88.14
C VAL B 248 45.33 29.65 -86.62
N PRO B 249 46.10 30.43 -85.87
CA PRO B 249 46.18 30.20 -84.41
C PRO B 249 44.84 30.26 -83.70
N THR B 250 43.82 30.90 -84.27
CA THR B 250 42.52 30.98 -83.63
C THR B 250 41.79 29.64 -83.58
N GLY B 251 42.36 28.56 -84.13
CA GLY B 251 41.73 27.26 -84.11
C GLY B 251 41.11 26.85 -85.43
N ASP B 252 41.03 27.76 -86.39
CA ASP B 252 40.44 27.48 -87.69
C ASP B 252 41.51 27.00 -88.65
N ILE B 253 41.08 26.58 -89.84
CA ILE B 253 41.97 25.97 -90.83
C ILE B 253 41.85 26.72 -92.14
N LEU B 254 42.99 27.06 -92.73
CA LEU B 254 43.04 27.48 -94.13
C LEU B 254 43.18 26.25 -95.00
N VAL B 255 42.35 26.17 -96.03
CA VAL B 255 42.38 25.06 -96.97
C VAL B 255 42.53 25.62 -98.38
N GLY B 256 43.48 25.10 -99.13
CA GLY B 256 43.63 25.48 -100.52
C GLY B 256 43.67 24.28 -101.45
N GLY B 257 42.66 24.19 -102.33
CA GLY B 257 42.56 23.09 -103.26
C GLY B 257 43.45 23.27 -104.48
N GLY B 258 43.36 22.29 -105.37
CA GLY B 258 44.20 22.27 -106.55
C GLY B 258 43.65 23.07 -107.70
N ASP B 259 42.74 24.00 -107.39
CA ASP B 259 42.18 24.89 -108.39
C ASP B 259 42.39 26.36 -108.06
N GLY B 260 42.75 26.69 -106.83
CA GLY B 260 42.89 28.08 -106.40
C GLY B 260 41.87 28.50 -105.37
N SER B 261 41.00 27.60 -104.93
CA SER B 261 40.01 27.93 -103.91
C SER B 261 40.68 27.92 -102.55
N LEU B 262 40.76 29.10 -101.93
CA LEU B 262 41.38 29.26 -100.62
C LEU B 262 40.32 29.71 -99.63
N GLN B 263 40.03 28.87 -98.65
CA GLN B 263 38.91 29.15 -97.75
C GLN B 263 39.31 28.86 -96.31
N VAL B 264 38.43 29.28 -95.40
CA VAL B 264 38.66 29.19 -93.97
C VAL B 264 37.53 28.35 -93.38
N LEU B 265 37.89 27.24 -92.77
CA LEU B 265 36.93 26.36 -92.12
C LEU B 265 37.12 26.46 -90.61
N ARG B 266 36.08 26.90 -89.90
CA ARG B 266 36.14 26.93 -88.44
C ARG B 266 35.80 25.54 -87.92
N THR B 267 36.75 24.91 -87.23
CA THR B 267 36.62 23.53 -86.81
C THR B 267 36.47 23.48 -85.30
N VAL B 268 35.25 23.65 -84.83
CA VAL B 268 34.87 23.42 -83.44
C VAL B 268 33.76 22.38 -83.44
N PRO B 269 33.90 21.29 -82.68
CA PRO B 269 32.88 20.23 -82.73
C PRO B 269 31.49 20.76 -82.43
N GLU B 270 30.63 20.74 -83.45
CA GLU B 270 29.30 21.28 -83.38
C GLU B 270 28.27 20.16 -83.40
N PRO B 271 27.13 20.34 -82.73
CA PRO B 271 26.06 19.35 -82.84
C PRO B 271 25.13 19.67 -84.01
N SER B 272 24.68 18.61 -84.67
CA SER B 272 23.74 18.78 -85.77
C SER B 272 22.43 19.35 -85.26
N SER B 273 21.97 20.43 -85.89
CA SER B 273 20.78 21.14 -85.41
C SER B 273 19.56 20.21 -85.37
N THR B 274 19.22 19.62 -86.51
CA THR B 274 18.08 18.71 -86.57
C THR B 274 18.30 17.50 -85.67
N ASN B 275 19.35 16.73 -85.93
CA ASN B 275 19.65 15.54 -85.16
C ASN B 275 20.65 15.89 -84.07
N PRO B 276 20.23 16.06 -82.82
CA PRO B 276 21.17 16.55 -81.79
C PRO B 276 22.37 15.65 -81.56
N LYS B 277 22.15 14.35 -81.38
CA LYS B 277 23.28 13.42 -81.28
C LYS B 277 23.77 13.04 -82.68
N LEU B 278 24.43 14.02 -83.28
CA LEU B 278 25.13 13.99 -84.56
C LEU B 278 25.85 15.32 -84.69
N LEU B 279 26.94 15.32 -85.44
CA LEU B 279 27.71 16.53 -85.64
C LEU B 279 27.46 17.08 -87.05
N ARG B 280 27.69 18.38 -87.19
CA ARG B 280 27.63 19.01 -88.49
C ARG B 280 28.92 18.73 -89.26
N LYS B 281 29.04 19.31 -90.44
CA LYS B 281 30.30 19.37 -91.15
C LYS B 281 30.92 20.75 -90.91
N MET B 282 32.17 20.90 -91.34
CA MET B 282 32.86 22.17 -91.15
C MET B 282 32.28 23.23 -92.07
N PRO B 283 31.81 24.35 -91.54
CA PRO B 283 31.38 25.46 -92.39
C PRO B 283 32.60 26.20 -92.95
N ALA B 284 32.32 27.24 -93.74
CA ALA B 284 33.37 28.02 -94.40
C ALA B 284 33.16 29.49 -94.10
N LEU B 285 34.02 30.04 -93.25
CA LEU B 285 33.93 31.46 -92.90
C LEU B 285 34.14 32.34 -94.12
N ALA B 286 35.32 32.29 -94.72
CA ALA B 286 35.67 33.12 -95.85
C ALA B 286 36.20 32.24 -96.98
N GLY B 287 36.13 32.77 -98.19
CA GLY B 287 36.63 32.05 -99.36
C GLY B 287 37.09 33.03 -100.41
N THR B 288 38.03 32.56 -101.24
CA THR B 288 38.56 33.38 -102.32
C THR B 288 39.10 32.48 -103.41
N LYS B 289 39.42 33.10 -104.55
CA LYS B 289 40.01 32.42 -105.69
C LYS B 289 41.34 33.09 -106.03
N VAL B 290 42.39 32.29 -106.08
CA VAL B 290 43.69 32.71 -106.55
C VAL B 290 43.99 31.96 -107.83
N GLU B 291 45.03 32.41 -108.54
CA GLU B 291 45.34 31.85 -109.85
C GLU B 291 46.22 30.62 -109.67
N GLY B 292 45.68 29.45 -109.92
CA GLY B 292 46.48 28.25 -109.98
C GLY B 292 46.33 27.40 -108.73
N ALA B 293 46.77 26.15 -108.85
CA ALA B 293 46.71 25.23 -107.72
C ALA B 293 47.61 25.71 -106.59
N ILE B 294 47.07 25.72 -105.38
CA ILE B 294 47.80 26.18 -104.20
C ILE B 294 48.66 25.03 -103.69
N THR B 295 49.93 25.32 -103.40
CA THR B 295 50.86 24.29 -102.98
C THR B 295 51.56 24.56 -101.66
N SER B 296 51.69 25.80 -101.22
CA SER B 296 52.40 26.06 -99.98
C SER B 296 51.79 27.24 -99.25
N ILE B 297 51.69 27.14 -97.93
CA ILE B 297 51.12 28.17 -97.08
C ILE B 297 52.02 28.37 -95.87
N ALA B 298 52.41 29.62 -95.62
CA ALA B 298 53.16 29.98 -94.43
C ALA B 298 52.50 31.19 -93.77
N LEU B 299 52.75 31.36 -92.48
CA LEU B 299 52.04 32.31 -91.66
C LEU B 299 52.90 33.52 -91.33
N ALA B 300 52.26 34.66 -91.09
CA ALA B 300 52.92 35.86 -90.59
C ALA B 300 51.95 36.58 -89.67
N ASP B 301 52.28 36.63 -88.38
CA ASP B 301 51.39 37.22 -87.37
C ASP B 301 51.51 38.73 -87.45
N MET B 302 50.52 39.37 -88.09
CA MET B 302 50.43 40.81 -88.02
C MET B 302 49.66 41.28 -86.78
N ASN B 303 48.61 40.55 -86.41
CA ASN B 303 47.84 40.71 -85.18
C ASN B 303 47.07 42.01 -85.09
N ALA B 304 47.22 42.93 -86.05
CA ALA B 304 46.44 44.16 -86.00
C ALA B 304 44.96 43.87 -86.26
N ARG B 305 44.64 43.36 -87.44
CA ARG B 305 43.32 42.84 -87.73
C ARG B 305 43.32 41.33 -87.77
N GLY B 306 44.20 40.74 -88.60
CA GLY B 306 44.25 39.30 -88.76
C GLY B 306 45.64 38.73 -88.85
N PHE B 307 45.88 38.00 -89.94
CA PHE B 307 47.13 37.32 -90.20
C PHE B 307 47.40 37.39 -91.70
N THR B 308 48.68 37.46 -92.07
CA THR B 308 49.07 37.48 -93.47
C THR B 308 49.74 36.15 -93.78
N PHE B 309 49.17 35.40 -94.71
CA PHE B 309 49.72 34.11 -95.10
C PHE B 309 50.35 34.24 -96.47
N PHE B 310 51.62 33.84 -96.56
CA PHE B 310 52.31 33.75 -97.84
C PHE B 310 51.91 32.46 -98.51
N VAL B 311 51.31 32.57 -99.69
CA VAL B 311 50.73 31.44 -100.41
C VAL B 311 51.46 31.29 -101.73
N GLY B 312 52.17 30.17 -101.88
CA GLY B 312 52.83 29.85 -103.13
C GLY B 312 51.98 28.88 -103.93
N THR B 313 51.65 29.29 -105.15
CA THR B 313 50.79 28.49 -106.02
C THR B 313 51.64 27.78 -107.07
N ALA B 314 51.09 26.70 -107.64
CA ALA B 314 51.79 25.93 -108.65
C ALA B 314 52.23 26.78 -109.83
N MET B 315 51.57 27.91 -110.08
CA MET B 315 51.94 28.78 -111.19
C MET B 315 53.09 29.71 -110.86
N CYS B 316 53.84 29.41 -109.81
CA CYS B 316 55.02 30.18 -109.40
C CYS B 316 54.66 31.60 -109.02
N ASN B 317 53.43 31.83 -108.54
CA ASN B 317 53.03 33.11 -108.01
C ASN B 317 53.02 33.05 -106.48
N ILE B 318 53.42 34.16 -105.87
CA ILE B 318 53.43 34.30 -104.41
C ILE B 318 52.37 35.33 -104.05
N TYR B 319 51.45 34.93 -103.19
CA TYR B 319 50.37 35.80 -102.72
C TYR B 319 50.52 36.09 -101.24
N LYS B 320 50.01 37.25 -100.86
CA LYS B 320 49.95 37.69 -99.47
C LYS B 320 48.47 37.77 -99.13
N VAL B 321 47.97 36.75 -98.44
CA VAL B 321 46.57 36.65 -98.10
C VAL B 321 46.39 37.16 -96.69
N THR B 322 45.87 38.39 -96.56
CA THR B 322 45.57 38.96 -95.26
C THR B 322 44.12 38.67 -94.93
N TYR B 323 43.91 37.93 -93.85
CA TYR B 323 42.59 37.53 -93.40
C TYR B 323 42.38 38.01 -91.98
N GLU B 324 41.27 38.67 -91.72
CA GLU B 324 40.89 39.08 -90.37
C GLU B 324 39.57 38.42 -90.00
N PRO B 325 39.54 37.60 -88.95
CA PRO B 325 38.28 36.96 -88.55
C PRO B 325 37.32 37.89 -87.85
N ALA B 326 37.73 39.13 -87.55
CA ALA B 326 36.83 40.06 -86.88
C ALA B 326 35.57 40.27 -87.69
N THR B 327 35.72 40.68 -88.95
CA THR B 327 34.62 40.79 -89.90
C THR B 327 34.62 39.68 -90.93
N SER B 328 35.41 38.62 -90.70
CA SER B 328 35.56 37.49 -91.62
C SER B 328 35.85 37.97 -93.04
N ARG B 329 36.90 38.79 -93.17
CA ARG B 329 37.28 39.40 -94.44
C ARG B 329 38.62 38.84 -94.86
N LEU B 330 38.70 38.36 -96.09
CA LEU B 330 39.89 37.70 -96.63
C LEU B 330 40.26 38.38 -97.94
N LYS B 331 41.35 39.13 -97.93
CA LYS B 331 41.83 39.83 -99.11
C LYS B 331 43.21 39.31 -99.46
N GLU B 332 43.44 39.04 -100.73
CA GLU B 332 44.72 38.55 -101.23
C GLU B 332 45.41 39.63 -102.04
N GLU B 333 46.73 39.60 -102.06
CA GLU B 333 47.54 40.46 -102.89
C GLU B 333 48.57 39.59 -103.59
N LEU B 334 49.02 40.00 -104.77
CA LEU B 334 50.04 39.26 -105.50
C LEU B 334 51.37 39.97 -105.28
N VAL B 335 52.25 39.39 -104.47
CA VAL B 335 53.52 40.03 -104.18
C VAL B 335 54.49 39.87 -105.34
N GLN B 336 54.80 38.63 -105.70
CA GLN B 336 55.82 38.37 -106.70
C GLN B 336 55.38 37.25 -107.63
N THR B 337 55.74 37.38 -108.91
CA THR B 337 55.51 36.35 -109.91
C THR B 337 56.86 35.86 -110.42
N ALA B 338 56.87 34.62 -110.91
CA ALA B 338 58.06 34.05 -111.50
C ALA B 338 57.65 33.17 -112.66
N HIS B 339 58.61 32.93 -113.56
CA HIS B 339 58.32 32.07 -114.69
C HIS B 339 58.07 30.65 -114.21
N ASN B 340 57.55 29.82 -115.10
CA ASN B 340 57.15 28.47 -114.72
C ASN B 340 58.32 27.50 -114.76
N ASP B 341 58.90 27.28 -115.93
CA ASP B 341 59.99 26.31 -116.08
C ASP B 341 60.62 26.46 -117.45
N LYS B 342 61.95 26.32 -117.51
CA LYS B 342 62.68 26.22 -118.77
C LYS B 342 62.36 27.41 -119.69
N ILE B 343 62.78 28.59 -119.26
CA ILE B 343 62.68 29.78 -120.08
C ILE B 343 63.51 29.55 -121.34
N ASN B 344 62.85 29.52 -122.50
CA ASN B 344 63.53 29.15 -123.72
C ASN B 344 64.37 30.31 -124.26
N GLY B 345 63.74 31.44 -124.57
CA GLY B 345 64.38 32.50 -125.31
C GLY B 345 64.33 33.84 -124.61
N MET B 346 65.40 34.61 -124.78
CA MET B 346 65.48 36.00 -124.35
C MET B 346 65.32 36.91 -125.55
N ALA B 347 64.87 38.14 -125.30
CA ALA B 347 64.78 39.12 -126.37
C ALA B 347 64.88 40.52 -125.80
N PHE B 348 65.65 41.36 -126.47
CA PHE B 348 65.73 42.79 -126.18
C PHE B 348 65.21 43.57 -127.36
N PRO B 349 64.32 44.55 -127.15
CA PRO B 349 63.96 45.46 -128.24
C PRO B 349 65.15 46.30 -128.63
N ASN B 350 65.34 46.46 -129.94
CA ASN B 350 66.52 47.12 -130.47
C ASN B 350 66.65 48.53 -129.90
N GLU B 351 67.87 48.88 -129.48
CA GLU B 351 68.19 50.19 -128.92
C GLU B 351 67.36 50.48 -127.67
N TYR B 352 67.01 49.44 -126.93
CA TYR B 352 66.25 49.58 -125.68
C TYR B 352 66.90 48.70 -124.63
N SER B 353 67.32 49.32 -123.52
CA SER B 353 67.96 48.61 -122.43
C SER B 353 67.19 48.81 -121.13
N GLU B 354 65.85 48.82 -121.23
CA GLU B 354 64.99 48.95 -120.07
C GLU B 354 63.93 47.88 -119.96
N VAL B 355 63.44 47.33 -121.07
CA VAL B 355 62.44 46.26 -121.08
C VAL B 355 62.98 45.10 -121.89
N PHE B 356 62.61 43.87 -121.51
CA PHE B 356 62.98 42.69 -122.27
C PHE B 356 61.83 41.69 -122.21
N ALA B 357 61.96 40.63 -122.99
CA ALA B 357 60.89 39.65 -123.11
C ALA B 357 61.48 38.25 -122.96
N THR B 358 60.69 37.36 -122.34
CA THR B 358 61.12 35.99 -122.12
C THR B 358 60.08 35.03 -122.69
N CYS B 359 60.50 34.25 -123.67
CA CYS B 359 59.74 33.13 -124.21
C CYS B 359 59.97 31.89 -123.36
N GLY B 360 58.90 31.34 -122.80
CA GLY B 360 58.97 30.12 -122.02
C GLY B 360 58.19 28.98 -122.65
N THR B 361 58.07 27.87 -121.93
CA THR B 361 57.44 26.68 -122.45
C THR B 361 55.92 26.73 -122.43
N GLY B 362 55.33 27.77 -121.86
CA GLY B 362 53.89 27.89 -121.93
C GLY B 362 53.40 29.12 -122.66
N PHE B 363 54.16 30.21 -122.56
CA PHE B 363 53.73 31.49 -123.12
C PHE B 363 54.79 32.56 -122.96
N ILE B 364 54.56 33.75 -123.52
CA ILE B 364 55.56 34.82 -123.53
C ILE B 364 55.27 35.80 -122.41
N ARG B 365 56.28 36.11 -121.62
CA ARG B 365 56.17 37.12 -120.58
C ARG B 365 57.08 38.31 -120.92
N LEU B 366 56.71 39.48 -120.42
CA LEU B 366 57.50 40.69 -120.63
C LEU B 366 57.87 41.31 -119.30
N TRP B 367 59.15 41.62 -119.13
CA TRP B 367 59.66 42.21 -117.91
C TRP B 367 60.40 43.49 -118.25
N HIS B 368 60.85 44.23 -117.23
CA HIS B 368 61.64 45.42 -117.46
C HIS B 368 62.84 45.41 -116.52
N LEU B 369 63.71 46.40 -116.69
CA LEU B 369 65.03 46.38 -116.05
C LEU B 369 64.95 46.69 -114.56
N THR B 370 64.48 47.90 -114.21
CA THR B 370 64.67 48.41 -112.87
C THR B 370 63.93 47.57 -111.83
N THR B 371 62.85 46.92 -112.21
CA THR B 371 62.11 46.06 -111.30
C THR B 371 61.62 44.87 -112.09
N CYS B 372 61.34 43.77 -111.39
CA CYS B 372 60.76 42.61 -112.03
C CYS B 372 59.46 43.01 -112.72
N ARG B 373 58.39 43.13 -111.93
CA ARG B 373 57.15 43.79 -112.32
C ARG B 373 56.77 43.48 -113.77
N GLU B 374 56.65 42.19 -114.06
CA GLU B 374 56.37 41.75 -115.42
C GLU B 374 55.14 42.45 -115.98
N LEU B 375 55.19 42.77 -117.27
CA LEU B 375 54.18 43.65 -117.85
C LEU B 375 52.97 42.86 -118.32
N LEU B 376 53.18 41.84 -119.15
CA LEU B 376 52.07 41.04 -119.63
C LEU B 376 52.55 39.63 -119.93
N ARG B 377 51.58 38.73 -120.08
CA ARG B 377 51.80 37.31 -120.37
C ARG B 377 50.87 36.92 -121.50
N ILE B 378 51.39 36.88 -122.72
CA ILE B 378 50.60 36.44 -123.86
C ILE B 378 50.59 34.92 -123.86
N ALA B 379 49.40 34.34 -123.71
CA ALA B 379 49.25 32.92 -123.44
C ALA B 379 48.88 32.15 -124.70
N VAL B 380 49.53 31.01 -124.90
CA VAL B 380 49.12 30.02 -125.88
C VAL B 380 49.06 28.68 -125.15
N PRO B 381 47.90 28.03 -125.12
CA PRO B 381 47.64 26.97 -124.14
C PRO B 381 48.62 25.81 -124.12
N ASN B 382 48.72 25.06 -125.21
CA ASN B 382 49.36 23.75 -125.14
C ASN B 382 50.81 23.76 -125.62
N LEU B 383 51.04 24.17 -126.87
CA LEU B 383 52.36 24.07 -127.47
C LEU B 383 53.26 25.22 -127.03
N GLU B 384 54.57 24.95 -126.98
CA GLU B 384 55.53 25.87 -126.39
C GLU B 384 56.20 26.75 -127.45
N CYS B 385 56.67 27.91 -127.00
CA CYS B 385 57.36 28.89 -127.82
C CYS B 385 58.86 28.62 -127.89
N PHE B 386 59.47 29.02 -129.01
CA PHE B 386 60.92 28.94 -129.22
C PHE B 386 61.39 30.24 -129.83
N CYS B 387 62.61 30.65 -129.45
CA CYS B 387 63.37 31.71 -130.12
C CYS B 387 62.52 32.96 -130.39
N ILE B 388 62.04 33.56 -129.30
CA ILE B 388 61.36 34.83 -129.42
C ILE B 388 62.28 35.84 -130.08
N ALA B 389 61.70 36.77 -130.83
CA ALA B 389 62.48 37.75 -131.56
C ALA B 389 61.69 39.05 -131.68
N PHE B 390 62.41 40.16 -131.70
CA PHE B 390 61.85 41.47 -132.00
C PHE B 390 62.16 41.81 -133.45
N THR B 391 61.14 42.19 -134.22
CA THR B 391 61.40 42.71 -135.54
C THR B 391 62.23 43.99 -135.42
N THR B 392 63.14 44.19 -136.37
CA THR B 392 64.18 45.20 -136.23
C THR B 392 63.57 46.59 -136.11
N ASP B 393 64.41 47.53 -135.67
CA ASP B 393 64.13 48.96 -135.60
C ASP B 393 63.00 49.30 -134.65
N GLY B 394 62.41 48.33 -133.97
CA GLY B 394 61.28 48.55 -133.09
C GLY B 394 59.97 48.20 -133.76
N SER B 395 59.49 46.97 -133.54
CA SER B 395 58.33 46.44 -134.24
C SER B 395 57.80 45.19 -133.54
N ALA B 396 57.00 44.41 -134.25
CA ALA B 396 56.30 43.24 -133.68
C ALA B 396 57.24 42.23 -133.02
N ILE B 397 56.65 41.27 -132.31
CA ILE B 397 57.36 40.17 -131.69
C ILE B 397 57.02 38.90 -132.48
N LEU B 398 58.05 38.24 -132.98
CA LEU B 398 57.92 36.98 -133.68
C LEU B 398 58.18 35.84 -132.71
N SER B 399 57.41 34.77 -132.85
CA SER B 399 57.54 33.62 -131.97
C SER B 399 57.24 32.38 -132.78
N GLY B 400 58.20 31.48 -132.89
CA GLY B 400 58.01 30.20 -133.54
C GLY B 400 57.81 29.12 -132.49
N TRP B 401 56.83 28.26 -132.73
CA TRP B 401 56.33 27.34 -131.72
C TRP B 401 56.66 25.90 -132.11
N SER B 402 56.52 25.00 -131.13
CA SER B 402 56.76 23.58 -131.40
C SER B 402 55.80 23.00 -132.41
N ASP B 403 54.73 23.71 -132.76
CA ASP B 403 53.84 23.26 -133.82
C ASP B 403 54.53 23.21 -135.17
N GLY B 404 55.56 24.02 -135.37
CA GLY B 404 56.08 24.26 -136.70
C GLY B 404 55.47 25.47 -137.36
N LYS B 405 55.00 26.44 -136.57
CA LYS B 405 54.36 27.64 -137.08
C LYS B 405 54.94 28.85 -136.39
N ILE B 406 55.09 29.94 -137.12
CA ILE B 406 55.53 31.22 -136.60
C ILE B 406 54.30 32.10 -136.43
N ARG B 407 54.25 32.89 -135.37
CA ARG B 407 53.16 33.81 -135.15
C ARG B 407 53.73 35.15 -134.69
N ALA B 408 53.04 36.22 -135.07
CA ALA B 408 53.47 37.57 -134.75
C ALA B 408 52.49 38.22 -133.79
N PHE B 409 53.03 38.93 -132.80
CA PHE B 409 52.27 39.71 -131.85
C PHE B 409 52.83 41.14 -131.83
N GLY B 410 52.15 42.03 -131.12
CA GLY B 410 52.59 43.41 -131.03
C GLY B 410 52.99 43.80 -129.61
N PRO B 411 53.08 45.12 -129.35
CA PRO B 411 53.41 45.58 -127.99
C PRO B 411 52.35 45.24 -126.94
N GLN B 412 51.16 45.80 -127.08
CA GLN B 412 49.99 45.27 -126.39
C GLN B 412 49.60 43.94 -126.96
N SER B 413 50.12 43.62 -128.14
CA SER B 413 50.17 42.31 -128.77
C SER B 413 48.80 41.84 -129.20
N GLY B 414 47.76 42.53 -128.73
CA GLY B 414 46.44 42.41 -129.29
C GLY B 414 46.10 41.03 -129.76
N LYS B 415 45.89 40.95 -131.06
CA LYS B 415 45.53 39.74 -131.78
C LYS B 415 46.63 39.43 -132.79
N ILE B 416 46.74 38.14 -133.14
CA ILE B 416 47.93 37.62 -133.83
C ILE B 416 48.10 38.33 -135.17
N ILE B 417 49.26 39.01 -135.35
CA ILE B 417 49.47 39.78 -136.57
C ILE B 417 49.41 38.88 -137.80
N PHE B 418 50.09 37.73 -137.75
CA PHE B 418 49.97 36.72 -138.78
C PHE B 418 50.49 35.40 -138.24
N THR B 419 50.12 34.32 -138.93
CA THR B 419 50.55 32.97 -138.58
C THR B 419 51.09 32.29 -139.83
N ILE B 420 52.43 32.19 -139.92
CA ILE B 420 53.09 31.46 -140.99
C ILE B 420 53.07 29.99 -140.57
N ASN B 421 52.12 29.23 -141.09
CA ASN B 421 51.92 27.87 -140.60
C ASN B 421 52.63 26.87 -141.50
N ASP B 422 53.08 25.77 -140.87
CA ASP B 422 53.99 24.82 -141.51
C ASP B 422 55.30 25.49 -141.90
N ALA B 423 55.76 26.45 -141.08
CA ALA B 423 57.00 27.15 -141.39
C ALA B 423 58.17 26.19 -141.51
N HIS B 424 58.12 25.09 -140.76
CA HIS B 424 59.05 23.99 -140.94
C HIS B 424 58.30 22.69 -140.74
N GLN B 425 59.03 21.59 -140.77
CA GLN B 425 58.40 20.29 -140.63
C GLN B 425 57.80 20.14 -139.24
N LYS B 426 58.61 20.40 -138.21
CA LYS B 426 58.25 20.34 -136.80
C LYS B 426 59.22 21.24 -136.03
N ALA B 427 58.69 22.03 -135.10
CA ALA B 427 59.49 22.68 -134.07
C ALA B 427 60.54 23.61 -134.70
N VAL B 428 60.06 24.69 -135.32
CA VAL B 428 60.96 25.77 -135.70
C VAL B 428 61.78 26.18 -134.50
N THR B 429 63.08 26.38 -134.70
CA THR B 429 64.00 26.48 -133.58
C THR B 429 64.71 27.83 -133.49
N ALA B 430 65.13 28.41 -134.60
CA ALA B 430 65.75 29.73 -134.60
C ALA B 430 65.00 30.64 -135.57
N ILE B 431 64.90 31.91 -135.20
CA ILE B 431 64.19 32.91 -135.99
C ILE B 431 64.94 34.23 -135.94
N ALA B 432 65.15 34.84 -137.10
CA ALA B 432 65.82 36.12 -137.24
C ALA B 432 65.06 36.99 -138.23
N SER B 433 65.34 38.29 -138.20
CA SER B 433 64.72 39.22 -139.12
C SER B 433 65.80 40.03 -139.83
N THR B 434 65.42 40.60 -140.96
CA THR B 434 66.32 41.51 -141.67
C THR B 434 66.41 42.84 -140.94
N ALA B 435 67.49 43.58 -141.24
CA ALA B 435 67.64 44.93 -140.72
C ALA B 435 66.57 45.88 -141.24
N ASP B 436 65.88 45.52 -142.33
CA ASP B 436 64.80 46.33 -142.88
C ASP B 436 63.43 45.81 -142.48
N SER B 437 63.37 44.74 -141.68
CA SER B 437 62.11 44.09 -141.29
C SER B 437 61.29 43.71 -142.52
N SER B 438 61.99 43.26 -143.57
CA SER B 438 61.34 42.89 -144.81
C SER B 438 61.35 41.39 -145.06
N ARG B 439 62.21 40.63 -144.41
CA ARG B 439 62.20 39.19 -144.51
C ARG B 439 62.55 38.57 -143.15
N ILE B 440 62.06 37.35 -142.95
CA ILE B 440 62.23 36.62 -141.71
C ILE B 440 62.81 35.24 -141.98
N LEU B 441 63.91 34.93 -141.31
CA LEU B 441 64.57 33.63 -141.41
C LEU B 441 64.03 32.72 -140.32
N SER B 442 63.79 31.47 -140.67
CA SER B 442 63.31 30.44 -139.74
C SER B 442 64.11 29.17 -139.97
N GLY B 443 64.95 28.79 -139.01
CA GLY B 443 65.66 27.54 -139.04
C GLY B 443 64.97 26.51 -138.16
N GLY B 444 64.46 25.45 -138.80
CA GLY B 444 63.68 24.44 -138.11
C GLY B 444 64.54 23.34 -137.51
N GLU B 445 63.89 22.44 -136.78
CA GLU B 445 64.62 21.40 -136.08
C GLU B 445 64.98 20.25 -137.00
N GLU B 446 64.14 19.95 -137.99
CA GLU B 446 64.46 19.02 -139.06
C GLU B 446 65.31 19.73 -140.12
N GLY B 447 66.47 20.19 -139.66
CA GLY B 447 67.60 20.54 -140.50
C GLY B 447 67.26 21.29 -141.77
N MET B 448 66.55 22.40 -141.63
CA MET B 448 66.17 23.19 -142.79
C MET B 448 66.18 24.66 -142.39
N VAL B 449 66.43 25.50 -143.37
CA VAL B 449 66.35 26.94 -143.21
C VAL B 449 65.41 27.48 -144.27
N ARG B 450 64.59 28.45 -143.90
CA ARG B 450 63.71 29.10 -144.85
C ARG B 450 63.68 30.59 -144.54
N VAL B 451 63.17 31.36 -145.48
CA VAL B 451 62.97 32.78 -145.31
C VAL B 451 61.65 33.16 -145.94
N TRP B 452 60.92 34.06 -145.29
CA TRP B 452 59.63 34.54 -145.74
C TRP B 452 59.72 36.04 -146.00
N ARG B 453 59.28 36.47 -147.17
CA ARG B 453 59.18 37.88 -147.45
C ARG B 453 57.89 38.44 -146.82
N ILE B 454 57.98 39.62 -146.23
CA ILE B 454 56.88 40.19 -145.48
C ILE B 454 56.64 41.60 -145.97
N GLY B 455 55.44 41.87 -146.46
CA GLY B 455 55.02 43.19 -146.85
C GLY B 455 54.43 43.93 -145.66
N ARG B 456 53.55 44.88 -145.95
CA ARG B 456 52.96 45.62 -144.86
C ARG B 456 51.74 44.94 -144.26
N THR B 457 50.76 44.60 -145.10
CA THR B 457 49.64 43.79 -144.64
C THR B 457 49.51 42.47 -145.38
N SER B 458 50.29 42.25 -146.43
CA SER B 458 50.28 40.99 -147.18
C SER B 458 51.60 40.26 -146.94
N GLN B 459 51.48 38.98 -146.56
CA GLN B 459 52.64 38.13 -146.34
C GLN B 459 53.01 37.40 -147.63
N THR B 460 54.31 37.09 -147.78
CA THR B 460 54.81 36.41 -148.97
C THR B 460 55.56 35.15 -148.55
N LEU B 461 55.08 34.00 -149.04
CA LEU B 461 55.60 32.69 -148.64
C LEU B 461 56.50 32.19 -149.76
N GLU B 462 57.77 32.60 -149.73
CA GLU B 462 58.66 32.19 -150.80
C GLU B 462 59.31 30.84 -150.48
N ALA B 463 59.83 30.19 -151.52
CA ALA B 463 60.34 28.83 -151.42
C ALA B 463 61.87 28.75 -151.42
N SER B 464 62.53 29.51 -150.55
CA SER B 464 63.97 29.41 -150.38
C SER B 464 64.41 27.96 -150.18
N MET B 465 63.87 27.27 -149.16
CA MET B 465 64.25 25.90 -148.78
C MET B 465 65.76 25.71 -148.72
N LYS B 466 66.42 26.43 -147.83
CA LYS B 466 67.84 26.24 -147.60
C LYS B 466 68.06 24.99 -146.75
N ASP B 467 68.70 23.97 -147.35
CA ASP B 467 68.89 22.70 -146.66
C ASP B 467 70.15 22.72 -145.81
N HIS B 468 70.01 22.38 -144.54
CA HIS B 468 71.13 22.31 -143.62
C HIS B 468 71.27 20.89 -143.10
N LYS B 469 72.36 20.66 -142.38
CA LYS B 469 72.74 19.30 -142.01
C LYS B 469 72.12 18.84 -140.70
N GLY B 470 71.60 19.75 -139.88
CA GLY B 470 70.96 19.40 -138.63
C GLY B 470 70.13 20.52 -138.07
N PRO B 471 69.61 20.34 -136.85
CA PRO B 471 68.80 21.39 -136.22
C PRO B 471 69.57 22.70 -136.14
N VAL B 472 68.86 23.80 -136.40
CA VAL B 472 69.45 25.13 -136.47
C VAL B 472 69.36 25.74 -135.07
N ASN B 473 70.47 25.73 -134.34
CA ASN B 473 70.47 26.28 -132.99
C ASN B 473 70.32 27.80 -133.01
N CYS B 474 70.97 28.47 -133.97
CA CYS B 474 71.02 29.92 -133.98
C CYS B 474 71.09 30.43 -135.41
N ILE B 475 70.56 31.63 -135.62
CA ILE B 475 70.62 32.32 -136.90
C ILE B 475 70.91 33.79 -136.65
N ARG B 476 71.93 34.32 -137.34
CA ARG B 476 72.33 35.71 -137.21
C ARG B 476 72.43 36.34 -138.58
N ILE B 477 72.35 37.68 -138.60
CA ILE B 477 72.41 38.44 -139.85
C ILE B 477 73.09 39.76 -139.58
N LYS B 478 73.93 40.21 -140.50
CA LYS B 478 74.60 41.50 -140.36
C LYS B 478 73.58 42.63 -140.45
N GLY B 479 73.51 43.43 -139.38
CA GLY B 479 72.71 44.64 -139.43
C GLY B 479 73.28 45.70 -140.34
N SER B 480 74.56 45.59 -140.68
CA SER B 480 75.18 46.55 -141.58
C SER B 480 74.75 46.29 -143.03
N GLY B 481 75.03 45.09 -143.54
CA GLY B 481 74.67 44.75 -144.90
C GLY B 481 73.65 43.64 -144.97
N ASP B 482 73.75 42.79 -145.99
CA ASP B 482 72.83 41.67 -146.17
C ASP B 482 73.63 40.37 -146.22
N GLU B 483 73.42 39.50 -145.24
CA GLU B 483 74.07 38.21 -145.16
C GLU B 483 73.28 37.35 -144.19
N CYS B 484 73.78 36.15 -143.91
CA CYS B 484 73.12 35.23 -143.00
C CYS B 484 74.14 34.23 -142.50
N VAL B 485 74.00 33.85 -141.23
CA VAL B 485 74.75 32.75 -140.65
C VAL B 485 73.77 31.82 -139.95
N SER B 486 73.88 30.53 -140.26
CA SER B 486 73.06 29.52 -139.61
C SER B 486 73.97 28.53 -138.93
N ALA B 487 73.84 28.40 -137.60
CA ALA B 487 74.52 27.37 -136.84
C ALA B 487 73.76 26.05 -136.99
N SER B 488 74.27 25.02 -136.32
CA SER B 488 73.64 23.72 -136.46
C SER B 488 73.98 22.84 -135.27
N SER B 489 73.15 21.81 -135.10
CA SER B 489 73.50 20.65 -134.30
C SER B 489 74.41 19.71 -135.03
N ASP B 490 74.98 20.22 -136.12
CA ASP B 490 76.17 19.66 -136.73
C ASP B 490 77.32 20.66 -136.77
N GLY B 491 77.14 21.84 -136.18
CA GLY B 491 78.20 22.83 -136.04
C GLY B 491 78.67 23.50 -137.31
N SER B 492 78.23 23.01 -138.45
CA SER B 492 78.66 23.56 -139.75
C SER B 492 77.95 24.89 -140.00
N CYS B 493 78.39 25.91 -139.26
CA CYS B 493 77.89 27.26 -139.49
C CYS B 493 78.09 27.67 -140.94
N ILE B 494 76.99 28.06 -141.58
CA ILE B 494 76.98 28.37 -143.01
C ILE B 494 76.71 29.85 -143.18
N LEU B 495 77.53 30.49 -144.01
CA LEU B 495 77.33 31.87 -144.44
C LEU B 495 76.47 31.86 -145.70
N TRP B 496 75.22 32.30 -145.58
CA TRP B 496 74.38 32.52 -146.74
C TRP B 496 74.47 33.98 -147.17
N ASP B 497 74.45 34.19 -148.49
CA ASP B 497 74.57 35.55 -149.00
C ASP B 497 73.24 36.29 -148.93
N LEU B 498 72.14 35.63 -149.27
CA LEU B 498 70.77 36.13 -149.29
C LEU B 498 70.54 37.18 -150.37
N HIS B 499 71.57 37.59 -151.11
CA HIS B 499 71.33 38.32 -152.35
C HIS B 499 70.98 37.36 -153.47
N THR B 500 71.72 36.25 -153.55
CA THR B 500 71.46 35.19 -154.52
C THR B 500 71.02 33.89 -153.86
N PHE B 501 71.11 33.79 -152.53
CA PHE B 501 70.64 32.61 -151.78
C PHE B 501 71.44 31.37 -152.16
N LYS B 502 72.74 31.54 -152.40
CA LYS B 502 73.54 30.51 -153.04
C LYS B 502 74.52 29.84 -152.09
N ARG B 503 74.36 30.05 -150.78
CA ARG B 503 75.14 29.35 -149.77
C ARG B 503 76.64 29.55 -150.01
N ARG B 504 77.08 30.79 -149.73
CA ARG B 504 78.51 31.07 -149.68
C ARG B 504 79.23 29.98 -148.90
N THR B 505 80.16 29.31 -149.57
CA THR B 505 80.64 28.02 -149.08
C THR B 505 81.58 28.22 -147.91
N SER B 506 80.99 28.35 -146.72
CA SER B 506 81.71 28.35 -145.45
C SER B 506 81.24 27.16 -144.60
N LEU B 507 82.21 26.50 -143.96
CA LEU B 507 81.90 25.31 -143.19
C LEU B 507 82.93 25.17 -142.07
N PHE B 508 82.43 24.85 -140.88
CA PHE B 508 83.23 24.80 -139.67
C PHE B 508 82.81 23.54 -138.92
N ALA B 509 83.64 22.50 -138.93
CA ALA B 509 83.26 21.16 -138.48
C ALA B 509 84.30 20.56 -137.55
N ASN B 510 84.09 20.70 -136.24
CA ASN B 510 84.86 19.97 -135.25
C ASN B 510 83.92 19.38 -134.20
N THR B 511 82.83 20.08 -133.95
CA THR B 511 81.73 19.59 -133.11
C THR B 511 80.50 20.40 -133.52
N PHE B 512 79.40 20.21 -132.81
CA PHE B 512 78.17 20.90 -133.17
C PHE B 512 77.87 22.05 -132.22
N PHE B 513 77.42 23.15 -132.79
CA PHE B 513 77.49 24.47 -132.17
C PHE B 513 76.14 24.88 -131.59
N LYS B 514 76.18 25.86 -130.70
CA LYS B 514 74.99 26.36 -130.03
C LYS B 514 74.74 27.86 -130.26
N SER B 515 75.78 28.68 -130.36
CA SER B 515 75.56 30.11 -130.48
C SER B 515 76.70 30.77 -131.23
N VAL B 516 76.37 31.55 -132.26
CA VAL B 516 77.34 32.26 -133.07
C VAL B 516 77.01 33.74 -133.07
N VAL B 517 78.04 34.58 -133.06
CA VAL B 517 77.87 36.03 -132.99
C VAL B 517 78.91 36.68 -133.89
N TYR B 518 78.52 37.76 -134.54
CA TYR B 518 79.46 38.60 -135.26
C TYR B 518 80.28 39.43 -134.29
N HIS B 519 81.45 39.85 -134.75
CA HIS B 519 82.03 41.03 -134.13
C HIS B 519 81.40 42.26 -134.77
N PRO B 520 80.96 43.24 -133.99
CA PRO B 520 80.28 44.40 -134.58
C PRO B 520 81.20 45.15 -135.54
N ASP B 521 80.77 45.21 -136.79
CA ASP B 521 81.50 45.88 -137.87
C ASP B 521 82.91 45.30 -138.04
N GLU B 522 82.95 44.02 -138.38
CA GLU B 522 84.21 43.34 -138.63
C GLU B 522 83.92 42.04 -139.36
N SER B 523 84.99 41.45 -139.91
CA SER B 523 84.91 40.17 -140.61
C SER B 523 85.23 39.00 -139.69
N GLN B 524 85.00 39.15 -138.39
CA GLN B 524 85.30 38.12 -137.42
C GLN B 524 84.03 37.35 -137.06
N LEU B 525 84.22 36.28 -136.30
CA LEU B 525 83.11 35.45 -135.85
C LEU B 525 83.51 34.79 -134.54
N VAL B 526 82.51 34.53 -133.71
CA VAL B 526 82.70 33.78 -132.47
C VAL B 526 81.59 32.73 -132.39
N THR B 527 81.99 31.48 -132.21
CA THR B 527 81.06 30.35 -132.22
C THR B 527 81.24 29.53 -130.95
N ALA B 528 80.14 28.92 -130.50
CA ALA B 528 80.14 28.14 -129.27
C ALA B 528 79.35 26.85 -129.48
N GLY B 529 79.96 25.73 -129.10
CA GLY B 529 79.35 24.42 -129.24
C GLY B 529 79.62 23.51 -128.06
N THR B 530 79.59 22.21 -128.30
CA THR B 530 79.71 21.23 -127.22
C THR B 530 81.05 21.37 -126.50
N ASP B 531 82.13 21.10 -127.22
CA ASP B 531 83.45 21.25 -126.64
C ASP B 531 83.71 22.72 -126.34
N ARG B 532 84.55 22.96 -125.34
CA ARG B 532 84.83 24.34 -124.96
C ARG B 532 85.59 25.03 -126.08
N LYS B 533 84.88 25.81 -126.88
CA LYS B 533 85.47 26.46 -128.05
C LYS B 533 84.83 27.83 -128.20
N VAL B 534 85.67 28.87 -128.19
CA VAL B 534 85.19 30.23 -128.36
C VAL B 534 85.99 30.80 -129.53
N THR B 535 86.25 29.96 -130.51
CA THR B 535 87.17 30.27 -131.59
C THR B 535 86.73 31.50 -132.37
N TYR B 536 87.68 32.39 -132.62
CA TYR B 536 87.47 33.56 -133.48
C TYR B 536 87.80 33.16 -134.91
N TRP B 537 86.82 33.31 -135.81
CA TRP B 537 86.94 32.96 -137.22
C TRP B 537 87.23 34.18 -138.07
N ASP B 538 87.45 33.92 -139.36
CA ASP B 538 87.46 34.94 -140.40
C ASP B 538 86.24 34.75 -141.29
N ALA B 539 85.55 35.85 -141.59
CA ALA B 539 84.53 35.81 -142.64
C ALA B 539 85.13 35.39 -143.97
N TYR B 540 86.42 35.65 -144.19
CA TYR B 540 87.15 35.15 -145.35
C TYR B 540 87.69 33.74 -145.15
N ASP B 541 86.87 32.81 -144.67
CA ASP B 541 87.19 31.39 -144.56
C ASP B 541 88.49 31.14 -143.78
N GLY B 542 88.49 31.59 -142.52
CA GLY B 542 89.66 31.43 -141.69
C GLY B 542 89.30 31.34 -140.23
N ASN B 543 90.32 31.08 -139.41
CA ASN B 543 90.17 30.95 -137.96
C ASN B 543 91.27 31.78 -137.29
N ALA B 544 90.88 32.94 -136.74
CA ALA B 544 91.85 33.82 -136.10
C ALA B 544 92.50 33.13 -134.89
N ILE B 545 91.68 32.57 -134.01
CA ILE B 545 92.19 31.93 -132.79
C ILE B 545 91.19 30.88 -132.35
N ARG B 546 91.63 29.97 -131.48
CA ARG B 546 90.78 28.93 -130.90
C ARG B 546 91.04 28.89 -129.41
N ILE B 547 90.05 29.29 -128.62
CA ILE B 547 90.14 29.25 -127.17
C ILE B 547 88.93 28.55 -126.57
N GLU B 555 81.67 22.98 -121.88
CA GLU B 555 80.33 22.98 -122.44
C GLU B 555 79.72 24.37 -122.38
N VAL B 556 79.53 24.99 -123.55
CA VAL B 556 79.09 26.37 -123.65
C VAL B 556 77.91 26.45 -124.62
N ASN B 557 76.97 27.33 -124.32
CA ASN B 557 75.71 27.41 -125.06
C ASN B 557 75.36 28.79 -125.59
N ALA B 558 75.67 29.86 -124.86
CA ALA B 558 75.18 31.19 -125.21
C ALA B 558 76.32 32.20 -125.20
N LEU B 559 76.26 33.12 -126.15
CA LEU B 559 77.28 34.16 -126.34
C LEU B 559 76.60 35.50 -126.55
N ALA B 560 77.31 36.58 -126.21
CA ALA B 560 76.82 37.93 -126.45
C ALA B 560 77.99 38.89 -126.46
N VAL B 561 77.81 40.02 -127.15
CA VAL B 561 78.83 41.05 -127.28
C VAL B 561 78.21 42.40 -126.95
N ASP B 562 79.09 43.37 -126.68
CA ASP B 562 78.69 44.73 -126.36
C ASP B 562 78.42 45.50 -127.65
N ARG B 563 78.30 46.83 -127.53
CA ARG B 563 78.16 47.72 -128.67
C ARG B 563 79.32 47.46 -129.63
N ASP B 564 80.52 47.74 -129.19
CA ASP B 564 81.71 47.26 -129.86
C ASP B 564 82.18 45.97 -129.19
N GLY B 565 83.16 45.33 -129.81
CA GLY B 565 83.67 44.09 -129.28
C GLY B 565 84.53 44.23 -128.03
N GLU B 566 83.93 44.72 -126.94
CA GLU B 566 84.66 44.86 -125.69
C GLU B 566 84.68 43.55 -124.90
N ALA B 567 83.50 43.11 -124.46
CA ALA B 567 83.38 42.03 -123.50
C ALA B 567 82.44 40.97 -124.07
N LEU B 568 83.01 39.88 -124.55
CA LEU B 568 82.23 38.71 -124.94
C LEU B 568 81.79 37.99 -123.68
N VAL B 569 80.49 37.95 -123.45
CA VAL B 569 79.92 37.29 -122.28
C VAL B 569 79.32 35.96 -122.72
N SER B 570 79.55 34.92 -121.92
CA SER B 570 79.28 33.56 -122.36
C SER B 570 78.82 32.68 -121.20
N GLY B 571 78.08 31.63 -121.56
CA GLY B 571 77.64 30.64 -120.60
C GLY B 571 77.27 29.34 -121.29
N GLY B 572 77.12 28.28 -120.51
CA GLY B 572 76.77 26.99 -121.06
C GLY B 572 76.30 25.97 -120.05
N GLY B 573 76.57 24.69 -120.35
CA GLY B 573 76.20 23.63 -119.44
C GLY B 573 76.80 23.81 -118.06
N ASP B 574 78.02 24.34 -118.00
CA ASP B 574 78.59 24.74 -116.73
C ASP B 574 77.78 25.88 -116.13
N LYS B 575 77.65 25.89 -114.81
CA LYS B 575 76.73 26.78 -114.12
C LYS B 575 77.32 28.16 -113.88
N LEU B 576 78.30 28.56 -114.68
CA LEU B 576 78.99 29.84 -114.51
C LEU B 576 78.68 30.76 -115.68
N VAL B 577 79.19 31.99 -115.57
CA VAL B 577 79.07 33.00 -116.61
C VAL B 577 80.43 33.65 -116.77
N LYS B 578 81.02 33.55 -117.96
CA LYS B 578 82.38 34.00 -118.21
C LYS B 578 82.35 35.25 -119.08
N LEU B 579 82.95 36.32 -118.57
CA LEU B 579 83.12 37.56 -119.32
C LEU B 579 84.55 37.63 -119.82
N TRP B 580 84.73 38.11 -121.04
CA TRP B 580 86.03 38.09 -121.70
C TRP B 580 86.33 39.45 -122.32
N GLY B 581 87.51 39.98 -122.03
CA GLY B 581 88.04 41.04 -122.86
C GLY B 581 88.24 40.46 -124.25
N TYR B 582 87.40 40.85 -125.20
CA TYR B 582 87.36 40.19 -126.49
C TYR B 582 88.72 40.20 -127.17
N ASP B 583 89.34 41.38 -127.27
CA ASP B 583 90.61 41.49 -127.97
C ASP B 583 91.73 40.80 -127.22
N GLU B 584 91.63 40.73 -125.88
CA GLU B 584 92.70 40.16 -125.07
C GLU B 584 92.48 38.68 -124.78
N GLY B 585 91.25 38.30 -124.43
CA GLY B 585 90.92 36.90 -124.25
C GLY B 585 91.02 36.37 -122.83
N HIS B 586 91.04 37.23 -121.82
CA HIS B 586 91.09 36.79 -120.45
C HIS B 586 89.68 36.71 -119.86
N CYS B 587 89.51 35.79 -118.91
CA CYS B 587 88.21 35.54 -118.29
C CYS B 587 88.11 36.36 -117.01
N TYR B 588 88.01 37.67 -117.19
CA TYR B 588 87.83 38.57 -116.05
C TYR B 588 86.34 38.69 -115.74
N PHE B 589 86.04 38.93 -114.46
CA PHE B 589 84.67 39.14 -113.99
C PHE B 589 83.79 37.93 -114.31
N VAL B 590 84.13 36.80 -113.69
CA VAL B 590 83.36 35.57 -113.85
C VAL B 590 82.34 35.46 -112.73
N GLY B 591 81.11 35.10 -113.08
CA GLY B 591 80.01 35.01 -112.13
C GLY B 591 79.58 33.57 -111.91
N VAL B 592 79.01 33.31 -110.74
CA VAL B 592 78.63 31.95 -110.35
C VAL B 592 77.17 31.89 -109.93
N ALA B 593 76.77 30.73 -109.40
CA ALA B 593 75.46 30.53 -108.76
C ALA B 593 74.30 30.74 -109.72
N HIS B 594 74.32 30.01 -110.83
CA HIS B 594 73.18 29.88 -111.73
C HIS B 594 72.86 28.39 -111.82
N SER B 595 71.99 27.92 -110.95
CA SER B 595 71.81 26.49 -110.70
C SER B 595 71.02 25.84 -111.83
N GLY B 596 71.74 25.47 -112.88
CA GLY B 596 71.14 24.81 -114.02
C GLY B 596 71.92 25.11 -115.28
N ALA B 597 71.46 24.53 -116.38
CA ALA B 597 72.08 24.73 -117.68
C ALA B 597 71.63 26.09 -118.22
N ILE B 598 72.51 27.09 -118.12
CA ILE B 598 72.16 28.42 -118.59
C ILE B 598 71.95 28.39 -120.10
N THR B 599 70.94 29.11 -120.56
CA THR B 599 70.49 29.02 -121.94
C THR B 599 70.75 30.28 -122.76
N ALA B 600 70.54 31.46 -122.18
CA ALA B 600 70.70 32.70 -122.94
C ALA B 600 71.30 33.78 -122.06
N VAL B 601 71.95 34.74 -122.71
CA VAL B 601 72.59 35.87 -122.04
C VAL B 601 72.41 37.11 -122.89
N GLY B 602 72.15 38.24 -122.23
CA GLY B 602 71.95 39.50 -122.91
C GLY B 602 72.71 40.62 -122.24
N VAL B 603 72.94 41.68 -123.01
CA VAL B 603 73.89 42.73 -122.62
C VAL B 603 73.22 44.06 -122.29
N THR B 604 71.91 44.21 -122.54
CA THR B 604 71.19 45.45 -122.29
C THR B 604 71.90 46.62 -122.96
N PRO B 605 71.76 46.76 -124.29
CA PRO B 605 72.68 47.61 -125.08
C PRO B 605 73.09 48.94 -124.46
N ASP B 606 72.13 49.79 -124.09
CA ASP B 606 72.47 51.15 -123.67
C ASP B 606 73.24 51.15 -122.35
N LYS B 607 72.88 50.27 -121.43
CA LYS B 607 73.42 50.27 -120.06
C LYS B 607 74.43 49.15 -119.90
N GLN B 608 74.94 48.98 -118.69
CA GLN B 608 75.91 47.94 -118.36
C GLN B 608 75.23 46.92 -117.43
N ARG B 609 74.53 45.96 -118.05
CA ARG B 609 73.85 44.91 -117.32
C ARG B 609 73.84 43.64 -118.15
N ILE B 610 74.11 42.52 -117.49
CA ILE B 610 74.12 41.21 -118.11
C ILE B 610 72.98 40.41 -117.51
N VAL B 611 72.02 40.02 -118.35
CA VAL B 611 70.91 39.19 -117.92
C VAL B 611 71.21 37.76 -118.36
N SER B 612 71.11 36.84 -117.41
CA SER B 612 71.36 35.41 -117.65
C SER B 612 70.10 34.63 -117.35
N VAL B 613 69.83 33.61 -118.17
CA VAL B 613 68.63 32.81 -117.98
C VAL B 613 68.95 31.39 -118.42
N GLY B 614 68.43 30.41 -117.66
CA GLY B 614 68.68 29.01 -117.93
C GLY B 614 67.43 28.18 -117.73
N THR B 615 67.62 26.87 -117.86
CA THR B 615 66.50 25.93 -117.76
C THR B 615 65.95 25.79 -116.35
N GLU B 616 66.63 26.33 -115.34
CA GLU B 616 66.16 26.21 -113.97
C GLU B 616 64.82 26.90 -113.76
N GLY B 617 64.44 27.84 -114.61
CA GLY B 617 63.23 28.60 -114.41
C GLY B 617 63.44 29.92 -113.71
N GLY B 618 64.63 30.51 -113.81
CA GLY B 618 64.92 31.76 -113.16
C GLY B 618 65.69 32.69 -114.06
N ILE B 619 65.83 33.93 -113.60
CA ILE B 619 66.50 34.99 -114.36
C ILE B 619 67.39 35.76 -113.41
N PHE B 620 68.60 36.10 -113.86
CA PHE B 620 69.60 36.77 -113.03
C PHE B 620 70.11 38.02 -113.73
N ILE B 621 70.48 39.01 -112.93
CA ILE B 621 70.97 40.29 -113.42
C ILE B 621 72.31 40.60 -112.77
N TRP B 622 73.29 40.97 -113.59
CA TRP B 622 74.61 41.36 -113.11
C TRP B 622 75.00 42.69 -113.75
N ASP B 623 76.00 43.35 -113.15
CA ASP B 623 76.58 44.54 -113.76
C ASP B 623 77.59 44.13 -114.82
N TYR B 624 78.37 45.10 -115.29
CA TYR B 624 79.27 44.88 -116.43
C TYR B 624 80.46 45.80 -116.30
N GLN B 625 81.63 45.24 -116.01
CA GLN B 625 82.86 46.01 -115.93
C GLN B 625 83.96 45.25 -116.67
N ARG B 626 84.61 45.92 -117.61
CA ARG B 626 85.69 45.32 -118.37
C ARG B 626 86.95 46.17 -118.27
N PRO B 627 88.13 45.56 -118.10
CA PRO B 627 89.38 46.32 -118.00
C PRO B 627 89.73 47.07 -119.28
N ALA C 2 64.51 -27.69 40.94
CA ALA C 2 64.60 -26.49 41.75
C ALA C 2 63.31 -26.30 42.55
N GLU C 3 62.18 -26.57 41.89
CA GLU C 3 60.83 -26.55 42.42
C GLU C 3 60.35 -25.21 43.01
N PRO C 4 60.70 -24.02 42.45
CA PRO C 4 59.85 -22.87 42.75
C PRO C 4 58.70 -22.75 41.76
N LEU C 5 57.49 -23.12 42.20
CA LEU C 5 56.26 -22.89 41.45
C LEU C 5 55.12 -22.82 42.45
N VAL C 6 54.66 -21.61 42.75
CA VAL C 6 53.56 -21.43 43.68
C VAL C 6 52.27 -22.00 43.10
N LEU C 7 51.56 -22.79 43.90
CA LEU C 7 50.29 -23.42 43.50
C LEU C 7 49.16 -22.47 43.88
N ASN C 8 48.72 -21.67 42.91
CA ASN C 8 47.75 -20.61 43.23
C ASN C 8 46.36 -21.18 43.47
N SER C 9 45.92 -22.13 42.64
CA SER C 9 44.56 -22.64 42.76
C SER C 9 44.53 -24.10 42.30
N VAL C 10 43.67 -24.87 42.95
CA VAL C 10 43.40 -26.26 42.57
C VAL C 10 41.90 -26.48 42.70
N ILE C 11 41.26 -26.91 41.62
CA ILE C 11 39.83 -27.18 41.62
C ILE C 11 39.62 -28.66 41.31
N GLY C 12 38.93 -29.34 42.20
CA GLY C 12 38.69 -30.77 42.06
C GLY C 12 37.97 -31.27 43.28
N PHE C 13 37.46 -32.50 43.16
CA PHE C 13 36.71 -33.10 44.27
C PHE C 13 36.54 -34.58 43.98
N GLY C 14 36.66 -35.39 45.01
CA GLY C 14 36.40 -36.82 44.88
C GLY C 14 34.94 -37.12 45.09
N GLY C 15 34.20 -37.28 44.00
CA GLY C 15 32.77 -37.36 44.05
C GLY C 15 32.21 -38.60 44.73
N ALA C 16 32.43 -39.76 44.11
CA ALA C 16 31.77 -40.99 44.54
C ALA C 16 32.43 -41.65 45.73
N ILE C 17 33.34 -40.97 46.42
CA ILE C 17 33.95 -41.53 47.62
C ILE C 17 32.99 -41.31 48.79
N GLU C 18 32.18 -42.33 49.08
CA GLU C 18 31.17 -42.22 50.13
C GLU C 18 31.79 -41.82 51.45
N ASN C 19 31.15 -40.87 52.14
CA ASN C 19 31.62 -40.30 53.40
C ASN C 19 33.00 -39.69 53.26
N GLY C 20 33.43 -39.39 52.04
CA GLY C 20 34.76 -38.84 51.84
C GLY C 20 34.92 -37.44 52.38
N LEU C 21 33.86 -36.65 52.32
CA LEU C 21 33.92 -35.28 52.80
C LEU C 21 33.93 -35.26 54.32
N ILE C 22 34.83 -34.47 54.90
CA ILE C 22 34.95 -34.32 56.34
C ILE C 22 35.20 -32.86 56.67
N ALA C 23 34.75 -32.44 57.85
CA ALA C 23 35.04 -31.11 58.37
C ALA C 23 35.87 -31.25 59.63
N HIS C 24 36.89 -30.41 59.76
CA HIS C 24 37.74 -30.45 60.94
C HIS C 24 36.92 -30.14 62.18
N PRO C 25 36.88 -31.03 63.17
CA PRO C 25 36.10 -30.74 64.39
C PRO C 25 36.64 -29.51 65.10
N ASP C 26 35.80 -28.47 65.17
CA ASP C 26 36.18 -27.19 65.77
C ASP C 26 37.40 -26.60 65.07
N GLY C 27 37.52 -26.87 63.78
CA GLY C 27 38.65 -26.42 63.00
C GLY C 27 38.22 -25.52 61.85
N ARG C 28 39.23 -24.99 61.16
CA ARG C 28 39.02 -24.13 60.00
C ARG C 28 39.39 -24.82 58.69
N THR C 29 39.22 -26.13 58.60
CA THR C 29 39.63 -26.84 57.40
C THR C 29 38.55 -27.81 56.96
N ILE C 30 38.44 -27.92 55.64
CA ILE C 30 37.59 -28.92 54.99
C ILE C 30 38.55 -29.95 54.40
N ILE C 31 38.27 -31.22 54.68
CA ILE C 31 39.10 -32.33 54.22
C ILE C 31 38.30 -33.12 53.19
N TYR C 32 38.89 -33.36 52.04
CA TYR C 32 38.24 -34.20 51.05
C TYR C 32 39.29 -34.76 50.10
N PRO C 33 39.02 -35.90 49.49
CA PRO C 33 40.03 -36.56 48.66
C PRO C 33 40.00 -36.11 47.20
N LEU C 34 41.12 -36.38 46.52
CA LEU C 34 41.31 -36.16 45.10
C LEU C 34 41.73 -37.48 44.46
N GLY C 35 42.17 -37.39 43.20
CA GLY C 35 42.66 -38.54 42.46
C GLY C 35 43.49 -39.51 43.28
N SER C 36 44.53 -39.01 43.96
CA SER C 36 45.30 -39.87 44.86
C SER C 36 45.74 -39.14 46.13
N THR C 37 45.20 -37.97 46.41
CA THR C 37 45.67 -37.15 47.52
C THR C 37 44.49 -36.72 48.38
N ILE C 38 44.81 -36.18 49.55
CA ILE C 38 43.83 -35.56 50.43
C ILE C 38 44.10 -34.06 50.40
N VAL C 39 43.05 -33.26 50.46
CA VAL C 39 43.18 -31.82 50.42
C VAL C 39 42.51 -31.23 51.66
N LEU C 40 43.24 -30.34 52.34
CA LEU C 40 42.75 -29.58 53.49
C LEU C 40 42.66 -28.13 53.03
N ARG C 41 41.45 -27.70 52.69
CA ARG C 41 41.21 -26.31 52.34
C ARG C 41 40.90 -25.52 53.60
N ASP C 42 41.22 -24.22 53.56
CA ASP C 42 40.66 -23.33 54.58
C ASP C 42 39.15 -23.40 54.55
N ARG C 43 38.55 -23.29 55.73
CA ARG C 43 37.10 -23.22 55.83
C ARG C 43 36.56 -21.94 55.21
N ALA C 44 37.37 -20.88 55.20
CA ALA C 44 36.94 -19.57 54.72
C ALA C 44 37.70 -19.10 53.49
N ASP C 45 39.03 -19.07 53.55
CA ASP C 45 39.83 -18.59 52.42
C ASP C 45 39.96 -19.66 51.36
N PRO C 46 39.24 -19.56 50.25
CA PRO C 46 39.25 -20.63 49.24
C PRO C 46 40.50 -20.59 48.35
N ARG C 47 41.65 -20.41 48.99
CA ARG C 47 42.97 -20.49 48.37
C ARG C 47 43.95 -21.33 49.21
N SER C 48 43.90 -21.23 50.54
CA SER C 48 44.85 -21.93 51.40
C SER C 48 44.59 -23.42 51.37
N GLN C 49 45.27 -24.13 50.48
CA GLN C 49 45.16 -25.58 50.39
C GLN C 49 46.43 -26.21 50.93
N GLU C 50 46.28 -27.35 51.60
CA GLU C 50 47.39 -28.17 52.06
C GLU C 50 47.09 -29.61 51.64
N PHE C 51 47.91 -30.15 50.76
CA PHE C 51 47.66 -31.47 50.20
C PHE C 51 48.56 -32.51 50.83
N LEU C 52 48.02 -33.71 51.00
CA LEU C 52 48.73 -34.85 51.55
C LEU C 52 48.77 -35.94 50.49
N GLN C 53 49.97 -36.32 50.06
CA GLN C 53 50.17 -37.30 48.99
C GLN C 53 51.08 -38.39 49.50
N GLY C 54 50.51 -39.54 49.84
CA GLY C 54 51.30 -40.68 50.27
C GLY C 54 50.85 -41.99 49.68
N HIS C 55 49.75 -41.97 48.94
CA HIS C 55 49.19 -43.16 48.33
C HIS C 55 49.73 -43.31 46.91
N SER C 56 49.61 -44.53 46.38
CA SER C 56 50.15 -44.85 45.07
C SER C 56 49.08 -44.81 43.98
N ASP C 57 47.92 -45.42 44.23
CA ASP C 57 46.87 -45.52 43.21
C ASP C 57 45.76 -44.49 43.39
N LYS C 58 45.00 -44.59 44.48
CA LYS C 58 43.85 -43.71 44.67
C LYS C 58 43.26 -43.89 46.06
N VAL C 59 42.95 -42.78 46.74
CA VAL C 59 42.29 -42.90 48.02
C VAL C 59 40.91 -43.49 47.82
N SER C 60 40.52 -44.38 48.72
CA SER C 60 39.22 -45.05 48.62
C SER C 60 38.31 -44.75 49.80
N CYS C 61 38.83 -44.68 51.01
CA CYS C 61 38.02 -44.37 52.18
C CYS C 61 38.76 -43.35 53.04
N LEU C 62 37.99 -42.64 53.85
CA LEU C 62 38.56 -41.59 54.67
C LEU C 62 37.88 -41.59 56.02
N ALA C 63 38.67 -41.57 57.09
CA ALA C 63 38.14 -41.50 58.44
C ALA C 63 38.97 -40.50 59.23
N LEU C 64 38.30 -39.79 60.13
CA LEU C 64 38.96 -38.75 60.92
C LEU C 64 38.56 -38.92 62.38
N SER C 65 39.53 -39.18 63.24
CA SER C 65 39.25 -39.34 64.65
C SER C 65 38.79 -38.03 65.27
N ARG C 66 38.13 -38.16 66.42
CA ARG C 66 37.65 -37.01 67.15
C ARG C 66 38.84 -36.18 67.66
N SER C 67 38.52 -34.98 68.15
CA SER C 67 39.51 -34.09 68.79
C SER C 67 40.57 -33.63 67.79
N GLY C 68 40.19 -33.46 66.53
CA GLY C 68 41.10 -33.01 65.49
C GLY C 68 42.38 -33.80 65.40
N ARG C 69 42.38 -35.00 65.97
CA ARG C 69 43.54 -35.87 65.97
C ARG C 69 43.75 -36.47 64.58
N TYR C 70 44.85 -37.20 64.42
CA TYR C 70 45.25 -37.74 63.12
C TYR C 70 44.14 -38.50 62.41
N LEU C 71 44.22 -38.57 61.09
CA LEU C 71 43.16 -39.16 60.27
C LEU C 71 43.72 -40.31 59.43
N ALA C 72 42.87 -41.30 59.18
CA ALA C 72 43.25 -42.46 58.40
C ALA C 72 42.68 -42.37 57.00
N SER C 73 43.43 -42.92 56.05
CA SER C 73 43.03 -42.91 54.65
C SER C 73 43.30 -44.27 54.04
N GLY C 74 42.27 -44.88 53.46
CA GLY C 74 42.42 -46.14 52.77
C GLY C 74 42.95 -45.92 51.38
N GLN C 75 42.91 -47.00 50.59
CA GLN C 75 43.49 -46.94 49.27
C GLN C 75 43.02 -48.13 48.46
N ILE C 76 42.82 -47.91 47.17
CA ILE C 76 42.58 -48.98 46.22
C ILE C 76 43.91 -49.30 45.55
N THR C 77 44.09 -50.55 45.17
CA THR C 77 45.34 -50.98 44.53
C THR C 77 44.96 -51.87 43.35
N TYR C 78 45.96 -52.54 42.79
CA TYR C 78 45.73 -53.40 41.63
C TYR C 78 45.18 -54.74 42.09
N MET C 79 45.11 -55.71 41.18
CA MET C 79 44.40 -56.97 41.42
C MET C 79 44.93 -57.74 42.62
N GLY C 80 46.23 -58.05 42.64
CA GLY C 80 46.76 -58.94 43.65
C GLY C 80 47.84 -58.33 44.53
N PHE C 81 47.72 -57.04 44.82
CA PHE C 81 48.72 -56.33 45.60
C PHE C 81 48.03 -55.61 46.75
N THR C 82 48.62 -55.70 47.94
CA THR C 82 47.96 -55.27 49.16
C THR C 82 47.55 -53.80 49.11
N ALA C 83 46.45 -53.49 49.79
CA ALA C 83 46.05 -52.10 49.97
C ALA C 83 47.01 -51.42 50.94
N ASP C 84 46.76 -50.15 51.21
CA ASP C 84 47.68 -49.42 52.09
C ASP C 84 46.87 -48.37 52.88
N ILE C 85 46.50 -48.75 54.09
CA ILE C 85 45.93 -47.77 55.01
C ILE C 85 47.07 -46.90 55.53
N ILE C 86 46.85 -45.59 55.56
CA ILE C 86 47.89 -44.67 55.99
C ILE C 86 47.29 -43.73 57.03
N ILE C 87 47.97 -43.59 58.16
CA ILE C 87 47.55 -42.67 59.21
C ILE C 87 48.38 -41.39 59.07
N TRP C 88 47.71 -40.26 58.96
CA TRP C 88 48.34 -38.97 58.74
C TRP C 88 48.14 -38.11 59.98
N ASP C 89 49.24 -37.64 60.55
CA ASP C 89 49.19 -36.80 61.73
C ASP C 89 48.62 -35.42 61.39
N LEU C 90 48.03 -34.79 62.39
CA LEU C 90 47.67 -33.39 62.34
C LEU C 90 48.47 -32.65 63.40
N GLU C 91 48.47 -31.32 63.28
CA GLU C 91 49.38 -30.42 64.02
C GLU C 91 50.81 -30.61 63.54
N SER C 92 51.02 -31.57 62.64
CA SER C 92 52.27 -31.73 61.89
C SER C 92 52.06 -32.06 60.41
N LYS C 93 50.96 -32.73 60.04
CA LYS C 93 50.57 -32.93 58.65
C LYS C 93 51.59 -33.79 57.90
N GLN C 94 52.03 -34.88 58.54
CA GLN C 94 52.88 -35.86 57.89
C GLN C 94 52.50 -37.26 58.36
N LEU C 95 53.04 -38.25 57.65
CA LEU C 95 52.71 -39.65 57.84
C LEU C 95 53.19 -40.14 59.21
N ILE C 96 52.44 -41.08 59.76
CA ILE C 96 52.81 -41.71 61.02
C ILE C 96 52.95 -43.21 60.83
N HIS C 97 51.87 -43.87 60.40
CA HIS C 97 51.88 -45.30 60.18
C HIS C 97 51.42 -45.62 58.77
N ARG C 98 51.92 -46.74 58.25
CA ARG C 98 51.57 -47.24 56.93
C ARG C 98 51.32 -48.73 57.07
N MET C 99 50.05 -49.12 57.17
CA MET C 99 49.65 -50.50 57.38
C MET C 99 49.17 -51.11 56.07
N ALA C 100 49.40 -52.42 55.92
CA ALA C 100 49.16 -53.11 54.66
C ALA C 100 48.43 -54.43 54.88
N LEU C 101 47.23 -54.53 54.32
CA LEU C 101 46.42 -55.75 54.22
C LEU C 101 45.37 -55.48 53.15
N HIS C 102 44.29 -56.26 53.16
CA HIS C 102 43.15 -56.02 52.29
C HIS C 102 43.58 -56.02 50.82
N LYS C 103 44.05 -57.20 50.37
CA LYS C 103 44.73 -57.37 49.10
C LYS C 103 44.07 -56.72 47.89
N VAL C 104 42.79 -56.37 47.94
CA VAL C 104 42.11 -55.85 46.77
C VAL C 104 41.90 -54.35 46.86
N LYS C 105 41.37 -53.90 47.99
CA LYS C 105 41.07 -52.49 48.23
C LYS C 105 40.62 -52.38 49.67
N VAL C 106 40.41 -51.14 50.12
CA VAL C 106 39.88 -50.85 51.44
C VAL C 106 38.45 -50.38 51.29
N GLN C 107 37.54 -50.96 52.08
CA GLN C 107 36.12 -50.64 51.97
C GLN C 107 35.63 -49.65 53.01
N ALA C 108 36.16 -49.69 54.22
CA ALA C 108 35.66 -48.82 55.28
C ALA C 108 36.69 -48.71 56.38
N LEU C 109 36.77 -47.53 57.01
CA LEU C 109 37.66 -47.27 58.12
C LEU C 109 36.93 -46.42 59.14
N ASP C 110 37.34 -46.55 60.41
CA ASP C 110 36.77 -45.68 61.43
C ASP C 110 37.61 -45.74 62.69
N PHE C 111 37.65 -44.61 63.39
CA PHE C 111 38.27 -44.52 64.71
C PHE C 111 37.24 -44.79 65.79
N SER C 112 37.71 -45.27 66.93
CA SER C 112 36.83 -45.41 68.09
C SER C 112 36.77 -44.08 68.85
N CYS C 113 35.82 -43.99 69.78
CA CYS C 113 35.72 -42.80 70.62
C CYS C 113 37.03 -42.55 71.36
N ASP C 114 37.62 -43.60 71.91
CA ASP C 114 39.04 -43.57 72.20
C ASP C 114 39.80 -43.61 70.89
N GLU C 115 40.74 -42.69 70.73
CA GLU C 115 41.52 -42.63 69.51
C GLU C 115 42.55 -43.74 69.43
N ARG C 116 42.47 -44.74 70.31
CA ARG C 116 43.44 -45.82 70.35
C ARG C 116 43.14 -46.94 69.36
N PHE C 117 41.87 -47.12 68.96
CA PHE C 117 41.49 -48.21 68.09
C PHE C 117 41.04 -47.68 66.73
N LEU C 118 41.45 -48.38 65.68
CA LEU C 118 41.08 -48.04 64.32
C LEU C 118 40.67 -49.32 63.60
N ALA C 119 39.42 -49.39 63.15
CA ALA C 119 38.88 -50.58 62.51
C ALA C 119 38.84 -50.40 61.01
N SER C 120 39.13 -51.48 60.29
CA SER C 120 39.19 -51.51 58.85
C SER C 120 38.30 -52.62 58.32
N LEU C 121 37.96 -52.52 57.04
CA LEU C 121 37.07 -53.49 56.41
C LEU C 121 37.60 -53.81 55.03
N GLY C 122 37.80 -55.10 54.76
CA GLY C 122 38.37 -55.54 53.51
C GLY C 122 37.49 -55.19 52.33
N GLY C 123 38.05 -55.37 51.13
CA GLY C 123 37.36 -55.06 49.90
C GLY C 123 36.28 -56.08 49.58
N GLN C 124 35.80 -56.04 48.33
CA GLN C 124 34.84 -57.02 47.88
C GLN C 124 35.35 -58.43 48.14
N ASP C 125 36.51 -58.76 47.55
CA ASP C 125 37.23 -59.93 47.99
C ASP C 125 38.00 -59.62 49.26
N ASP C 126 38.45 -60.68 49.94
CA ASP C 126 39.21 -60.55 51.19
C ASP C 126 38.43 -59.72 52.21
N ASN C 127 37.10 -59.83 52.17
CA ASN C 127 36.29 -59.02 53.07
C ASN C 127 36.39 -59.59 54.47
N ALA C 128 37.18 -58.95 55.31
CA ALA C 128 37.31 -59.29 56.72
C ALA C 128 37.35 -58.00 57.53
N LEU C 129 37.05 -58.14 58.82
CA LEU C 129 37.08 -57.03 59.75
C LEU C 129 38.34 -57.15 60.61
N VAL C 130 39.17 -56.10 60.56
CA VAL C 130 40.44 -56.07 61.27
C VAL C 130 40.45 -54.84 62.17
N LEU C 131 41.12 -54.98 63.32
CA LEU C 131 41.33 -53.86 64.23
C LEU C 131 42.81 -53.51 64.25
N TRP C 132 43.11 -52.22 64.36
CA TRP C 132 44.48 -51.75 64.40
C TRP C 132 44.72 -50.93 65.66
N ASP C 133 45.94 -51.00 66.16
CA ASP C 133 46.39 -50.10 67.21
C ASP C 133 46.99 -48.87 66.56
N VAL C 134 46.90 -47.74 67.27
CA VAL C 134 47.40 -46.50 66.70
C VAL C 134 48.84 -46.20 67.12
N ALA C 135 49.22 -46.55 68.36
CA ALA C 135 50.61 -46.39 68.77
C ALA C 135 51.52 -47.28 67.95
N SER C 136 51.21 -48.58 67.91
CA SER C 136 51.88 -49.52 67.03
C SER C 136 50.98 -49.80 65.85
N GLY C 137 51.44 -49.49 64.65
CA GLY C 137 50.62 -49.70 63.46
C GLY C 137 50.51 -51.18 63.16
N ASN C 138 49.81 -51.90 64.05
CA ASN C 138 49.77 -53.35 63.98
C ASN C 138 48.34 -53.82 64.24
N ALA C 139 48.01 -54.95 63.62
CA ALA C 139 46.67 -55.51 63.69
C ALA C 139 46.49 -56.27 65.00
N ILE C 140 45.49 -55.87 65.77
CA ILE C 140 45.16 -56.54 67.01
C ILE C 140 44.30 -57.77 66.76
N CYS C 141 43.20 -57.59 66.05
CA CYS C 141 42.20 -58.64 65.88
C CYS C 141 41.78 -58.73 64.43
N GLY C 142 41.31 -59.90 64.03
CA GLY C 142 40.86 -60.11 62.67
C GLY C 142 39.88 -61.26 62.52
N SER C 143 38.87 -61.08 61.65
CA SER C 143 37.86 -62.11 61.49
C SER C 143 37.08 -61.86 60.20
N PRO C 144 36.77 -62.91 59.43
CA PRO C 144 35.93 -62.71 58.23
C PRO C 144 34.47 -62.67 58.61
N CYS C 145 33.76 -61.65 58.12
CA CYS C 145 32.37 -61.43 58.50
C CYS C 145 31.47 -62.58 58.04
N ASN C 146 31.31 -62.72 56.73
CA ASN C 146 30.46 -63.75 56.13
C ASN C 146 30.52 -63.64 54.60
N THR C 147 29.72 -64.46 53.91
CA THR C 147 29.72 -64.43 52.45
C THR C 147 29.13 -63.13 51.92
N ASN C 148 28.01 -62.68 52.48
CA ASN C 148 27.38 -61.43 52.04
C ASN C 148 28.22 -60.26 52.53
N PHE C 149 28.97 -59.65 51.62
CA PHE C 149 30.05 -58.76 52.03
C PHE C 149 29.50 -57.48 52.65
N THR C 150 30.03 -57.13 53.83
CA THR C 150 29.59 -55.93 54.51
C THR C 150 30.02 -54.68 53.74
N ASN C 151 29.40 -53.56 54.08
CA ASN C 151 29.65 -52.31 53.38
C ASN C 151 30.18 -51.21 54.29
N CYS C 152 29.61 -51.02 55.47
CA CYS C 152 30.02 -49.92 56.33
C CYS C 152 30.12 -50.37 57.77
N VAL C 153 31.03 -49.74 58.52
CA VAL C 153 31.29 -50.08 59.91
C VAL C 153 31.38 -48.80 60.72
N LYS C 154 30.96 -48.86 61.98
CA LYS C 154 30.89 -47.68 62.84
C LYS C 154 31.18 -48.07 64.27
N PHE C 155 32.13 -47.37 64.90
CA PHE C 155 32.35 -47.51 66.32
C PHE C 155 31.23 -46.83 67.10
N PHE C 156 30.95 -47.37 68.28
CA PHE C 156 29.95 -46.77 69.16
C PHE C 156 30.49 -45.46 69.72
N ASN C 157 29.60 -44.46 69.83
CA ASN C 157 30.04 -43.15 70.31
C ASN C 157 30.56 -43.22 71.75
N ASN C 158 30.00 -44.09 72.56
CA ASN C 158 30.51 -44.39 73.90
C ASN C 158 30.90 -45.85 73.97
N SER C 159 31.58 -46.22 75.05
CA SER C 159 32.09 -47.57 75.24
C SER C 159 32.88 -47.99 74.01
N PRO C 160 34.08 -47.44 73.81
CA PRO C 160 34.82 -47.73 72.56
C PRO C 160 35.30 -49.16 72.50
N ASP C 161 34.37 -50.10 72.67
CA ASP C 161 34.68 -51.53 72.72
C ASP C 161 33.74 -52.36 71.87
N LYS C 162 32.72 -51.73 71.28
CA LYS C 162 31.75 -52.38 70.41
C LYS C 162 31.59 -51.54 69.14
N LEU C 163 31.25 -52.22 68.05
CA LEU C 163 31.12 -51.55 66.77
C LEU C 163 30.12 -52.30 65.90
N ILE C 164 29.28 -51.55 65.20
CA ILE C 164 28.23 -52.13 64.37
C ILE C 164 28.63 -52.05 62.91
N THR C 165 28.34 -53.10 62.16
CA THR C 165 28.66 -53.13 60.74
C THR C 165 27.50 -53.72 59.95
N ALA C 166 27.20 -53.11 58.81
CA ALA C 166 26.11 -53.55 57.96
C ALA C 166 26.61 -53.73 56.53
N GLY C 167 25.89 -54.56 55.78
CA GLY C 167 26.25 -54.89 54.42
C GLY C 167 25.07 -55.32 53.60
N ASN C 168 25.28 -56.30 52.73
CA ASN C 168 24.27 -56.71 51.76
C ASN C 168 23.02 -57.22 52.44
N PHE C 169 23.09 -58.36 53.11
CA PHE C 169 21.94 -58.95 53.77
C PHE C 169 22.28 -59.33 55.20
N ASN C 170 23.00 -58.46 55.90
CA ASN C 170 23.53 -58.79 57.21
C ASN C 170 23.80 -57.52 57.99
N MET C 171 23.50 -57.56 59.28
CA MET C 171 23.92 -56.54 60.21
C MET C 171 24.43 -57.23 61.46
N ASN C 172 25.51 -56.71 62.03
CA ASN C 172 26.09 -57.32 63.20
C ASN C 172 26.63 -56.25 64.13
N VAL C 173 26.72 -56.60 65.41
CA VAL C 173 27.42 -55.79 66.40
C VAL C 173 28.54 -56.65 66.98
N TRP C 174 29.77 -56.16 66.87
CA TRP C 174 30.94 -56.89 67.32
C TRP C 174 31.50 -56.24 68.58
N THR C 175 31.80 -57.06 69.57
CA THR C 175 32.42 -56.59 70.80
C THR C 175 33.80 -57.22 70.92
N TYR C 176 34.81 -56.39 71.20
CA TYR C 176 36.18 -56.87 71.28
C TYR C 176 36.41 -57.53 72.64
N ASP C 177 36.69 -58.84 72.63
CA ASP C 177 36.95 -59.54 73.88
C ASP C 177 38.26 -59.06 74.48
N ALA C 178 38.34 -59.09 75.80
CA ALA C 178 39.54 -58.66 76.50
C ALA C 178 40.52 -59.80 76.76
N GLY C 179 40.04 -61.04 76.88
CA GLY C 179 40.92 -62.14 77.23
C GLY C 179 41.82 -62.58 76.10
N ASN C 180 41.43 -62.32 74.85
CA ASN C 180 42.22 -62.78 73.72
C ASN C 180 42.29 -61.71 72.64
N ASN C 181 42.70 -62.11 71.43
CA ASN C 181 42.67 -61.25 70.26
C ASN C 181 41.43 -61.47 69.41
N LYS C 182 40.31 -61.83 70.02
CA LYS C 182 39.08 -62.14 69.31
C LYS C 182 38.05 -61.04 69.51
N LEU C 183 37.06 -61.03 68.63
CA LEU C 183 35.91 -60.14 68.75
C LEU C 183 34.66 -60.92 68.39
N ARG C 184 33.67 -60.86 69.25
CA ARG C 184 32.49 -61.70 69.10
C ARG C 184 31.37 -60.93 68.42
N PRO C 185 30.77 -61.48 67.38
CA PRO C 185 29.64 -60.83 66.72
C PRO C 185 28.30 -61.29 67.27
N THR C 186 27.32 -60.41 67.15
CA THR C 186 25.92 -60.74 67.41
C THR C 186 25.10 -60.25 66.23
N ASP C 187 24.36 -61.16 65.60
CA ASP C 187 23.66 -60.87 64.37
C ASP C 187 22.39 -60.07 64.65
N ALA C 188 21.88 -59.43 63.61
CA ALA C 188 20.65 -58.65 63.73
C ALA C 188 19.44 -59.50 63.38
N THR C 189 18.40 -59.39 64.19
CA THR C 189 17.16 -60.12 63.99
C THR C 189 16.07 -59.14 63.55
N LEU C 190 15.70 -59.22 62.28
CA LEU C 190 14.65 -58.39 61.70
C LEU C 190 13.57 -59.29 61.12
N GLY C 191 12.32 -58.92 61.36
CA GLY C 191 11.22 -59.74 60.91
C GLY C 191 11.06 -59.83 59.41
N THR C 192 11.42 -60.99 58.84
CA THR C 192 11.31 -61.30 57.42
C THR C 192 11.62 -60.09 56.53
N LEU C 193 12.75 -59.44 56.81
CA LEU C 193 13.18 -58.27 56.08
C LEU C 193 14.53 -58.53 55.44
N LYS C 194 14.61 -58.28 54.14
CA LYS C 194 15.85 -58.43 53.38
C LYS C 194 16.17 -57.06 52.78
N ARG C 195 17.08 -56.33 53.42
CA ARG C 195 17.41 -54.98 53.00
C ARG C 195 18.91 -54.86 52.78
N VAL C 196 19.28 -54.17 51.71
CA VAL C 196 20.69 -53.97 51.36
C VAL C 196 21.13 -52.67 52.04
N PHE C 197 21.60 -52.80 53.27
CA PHE C 197 22.01 -51.63 54.03
C PHE C 197 23.20 -50.95 53.35
N LYS C 198 23.15 -49.63 53.27
CA LYS C 198 24.21 -48.87 52.64
C LYS C 198 24.96 -47.98 53.63
N SER C 199 24.24 -47.12 54.35
CA SER C 199 24.85 -46.23 55.33
C SER C 199 24.31 -46.55 56.72
N VAL C 200 25.15 -46.37 57.73
CA VAL C 200 24.78 -46.65 59.11
C VAL C 200 25.29 -45.53 59.99
N VAL C 201 24.45 -45.08 60.92
CA VAL C 201 24.82 -44.05 61.87
C VAL C 201 24.38 -44.51 63.25
N VAL C 202 25.09 -44.03 64.28
CA VAL C 202 24.75 -44.31 65.67
C VAL C 202 24.44 -42.99 66.35
N ASP C 203 23.39 -42.98 67.17
CA ASP C 203 23.03 -41.79 67.91
C ASP C 203 24.11 -41.47 68.95
N ALA C 204 23.89 -40.39 69.69
CA ALA C 204 24.91 -39.94 70.64
C ALA C 204 25.06 -40.91 71.80
N ASN C 205 23.97 -41.54 72.23
CA ASN C 205 23.97 -42.34 73.45
C ASN C 205 23.85 -43.84 73.18
N ASP C 206 24.15 -44.27 71.95
CA ASP C 206 24.11 -45.69 71.55
C ASP C 206 22.72 -46.30 71.71
N GLU C 207 21.67 -45.48 71.78
CA GLU C 207 20.33 -46.02 71.89
C GLU C 207 19.90 -46.72 70.60
N TYR C 208 19.85 -45.96 69.51
CA TYR C 208 19.30 -46.47 68.25
C TYR C 208 20.31 -46.28 67.13
N ALA C 209 20.50 -47.35 66.36
CA ALA C 209 21.29 -47.30 65.14
C ALA C 209 20.34 -47.10 63.97
N TYR C 210 20.61 -46.07 63.18
CA TYR C 210 19.85 -45.80 61.97
C TYR C 210 20.62 -46.33 60.77
N CYS C 211 19.88 -46.90 59.81
CA CYS C 211 20.54 -47.55 58.69
C CYS C 211 19.71 -47.30 57.44
N GLY C 212 20.34 -46.72 56.42
CA GLY C 212 19.70 -46.53 55.14
C GLY C 212 19.51 -47.84 54.41
N THR C 213 18.83 -47.76 53.27
CA THR C 213 18.48 -48.95 52.51
C THR C 213 18.33 -48.58 51.05
N THR C 214 18.73 -49.51 50.17
CA THR C 214 18.51 -49.30 48.74
C THR C 214 17.03 -49.20 48.41
N THR C 215 16.17 -49.88 49.17
CA THR C 215 14.74 -49.74 48.96
C THR C 215 14.30 -48.30 49.21
N GLY C 216 14.95 -47.61 50.14
CA GLY C 216 14.59 -46.26 50.51
C GLY C 216 14.20 -46.10 51.96
N ASP C 217 14.08 -47.18 52.72
CA ASP C 217 13.73 -47.07 54.13
C ASP C 217 14.91 -46.56 54.94
N VAL C 218 14.61 -46.08 56.13
CA VAL C 218 15.64 -45.73 57.11
C VAL C 218 15.34 -46.50 58.39
N LEU C 219 15.82 -47.72 58.47
CA LEU C 219 15.46 -48.58 59.60
C LEU C 219 16.19 -48.10 60.85
N GLN C 220 15.42 -47.79 61.90
CA GLN C 220 16.00 -47.48 63.20
C GLN C 220 15.80 -48.69 64.10
N ILE C 221 16.89 -49.15 64.71
CA ILE C 221 16.88 -50.32 65.57
C ILE C 221 17.45 -49.96 66.93
N ALA C 222 16.97 -50.63 67.97
CA ALA C 222 17.58 -50.50 69.26
C ALA C 222 18.92 -51.23 69.27
N LEU C 223 19.77 -50.86 70.23
CA LEU C 223 21.12 -51.41 70.28
C LEU C 223 21.45 -52.16 71.56
N GLU C 224 20.63 -52.04 72.60
CA GLU C 224 20.79 -52.91 73.76
C GLU C 224 20.67 -54.35 73.29
N ARG C 225 19.50 -54.70 72.78
CA ARG C 225 19.36 -55.78 71.84
C ARG C 225 19.16 -55.17 70.46
N VAL C 226 19.75 -55.81 69.44
CA VAL C 226 19.87 -55.18 68.13
C VAL C 226 18.61 -55.24 67.29
N LEU C 227 17.50 -55.75 67.84
CA LEU C 227 16.30 -55.95 67.05
C LEU C 227 15.76 -54.63 66.50
N PHE C 228 14.88 -54.74 65.51
CA PHE C 228 14.41 -53.64 64.69
C PHE C 228 13.20 -52.97 65.31
N LYS C 229 13.09 -51.64 65.09
CA LYS C 229 12.03 -50.85 65.73
C LYS C 229 11.14 -50.13 64.73
N ASN C 230 11.69 -49.28 63.86
CA ASN C 230 10.82 -48.50 62.99
C ASN C 230 11.39 -48.42 61.59
N THR C 231 10.48 -48.37 60.61
CA THR C 231 10.84 -48.66 59.23
C THR C 231 11.56 -47.51 58.53
N GLY C 232 10.89 -46.36 58.41
CA GLY C 232 11.47 -45.28 57.66
C GLY C 232 10.48 -44.16 57.41
N PRO C 233 10.74 -43.33 56.40
CA PRO C 233 9.96 -42.10 56.23
C PRO C 233 8.53 -42.41 55.78
N ALA C 234 7.57 -41.96 56.57
CA ALA C 234 6.17 -42.11 56.19
C ALA C 234 5.85 -41.15 55.04
N LYS C 235 4.62 -41.24 54.55
CA LYS C 235 4.11 -40.37 53.49
C LYS C 235 4.94 -40.50 52.21
N GLY C 236 5.51 -41.68 52.00
CA GLY C 236 6.32 -41.92 50.82
C GLY C 236 7.51 -42.83 51.05
N ASN C 237 8.54 -42.69 50.21
CA ASN C 237 9.74 -43.52 50.26
C ASN C 237 10.83 -42.93 49.39
N VAL C 238 12.07 -42.89 49.89
CA VAL C 238 13.13 -42.21 49.17
C VAL C 238 13.34 -42.87 47.81
N GLN C 239 13.69 -42.06 46.81
CA GLN C 239 13.59 -42.53 45.42
C GLN C 239 14.66 -43.56 45.10
N MET C 240 15.93 -43.15 45.17
CA MET C 240 17.03 -44.02 44.77
C MET C 240 17.67 -44.74 45.94
N GLY C 241 16.92 -44.95 47.02
CA GLY C 241 17.50 -45.57 48.20
C GLY C 241 18.34 -44.61 49.00
N VAL C 242 18.39 -44.82 50.31
CA VAL C 242 19.15 -43.92 51.17
C VAL C 242 20.63 -44.21 51.00
N THR C 243 21.41 -43.14 50.80
CA THR C 243 22.85 -43.28 50.59
C THR C 243 23.67 -42.54 51.62
N ALA C 244 23.37 -41.26 51.87
CA ALA C 244 24.17 -40.43 52.77
C ALA C 244 23.31 -40.03 53.96
N THR C 245 23.52 -40.68 55.10
CA THR C 245 22.74 -40.43 56.30
C THR C 245 23.63 -39.86 57.40
N CYS C 246 23.08 -38.93 58.17
CA CYS C 246 23.80 -38.31 59.27
C CYS C 246 22.79 -37.90 60.34
N GLU C 247 23.31 -37.52 61.50
CA GLU C 247 22.46 -37.16 62.63
C GLU C 247 22.73 -35.72 63.04
N VAL C 248 21.66 -34.96 63.28
CA VAL C 248 21.76 -33.62 63.83
C VAL C 248 21.73 -33.76 65.34
N PRO C 249 22.51 -32.98 66.09
CA PRO C 249 22.58 -33.21 67.55
C PRO C 249 21.25 -33.14 68.26
N THR C 250 20.23 -32.50 67.68
CA THR C 250 18.93 -32.42 68.34
C THR C 250 18.20 -33.76 68.40
N GLY C 251 18.77 -34.84 67.86
CA GLY C 251 18.14 -36.14 67.87
C GLY C 251 17.52 -36.57 66.56
N ASP C 252 17.43 -35.66 65.59
CA ASP C 252 16.84 -35.94 64.30
C ASP C 252 17.91 -36.43 63.34
N ILE C 253 17.47 -36.85 62.16
CA ILE C 253 18.35 -37.47 61.18
C ILE C 253 18.24 -36.72 59.85
N LEU C 254 19.37 -36.39 59.25
CA LEU C 254 19.43 -35.97 57.86
C LEU C 254 19.57 -37.21 56.99
N VAL C 255 18.73 -37.30 55.96
CA VAL C 255 18.76 -38.41 55.02
C VAL C 255 18.90 -37.85 53.62
N GLY C 256 19.86 -38.39 52.86
CA GLY C 256 20.00 -38.01 51.47
C GLY C 256 20.03 -39.21 50.55
N GLY C 257 19.04 -39.30 49.67
CA GLY C 257 18.92 -40.40 48.74
C GLY C 257 19.81 -40.24 47.53
N GLY C 258 19.72 -41.23 46.64
CA GLY C 258 20.56 -41.26 45.46
C GLY C 258 20.00 -40.45 44.30
N ASP C 259 19.09 -39.53 44.61
CA ASP C 259 18.53 -38.64 43.61
C ASP C 259 18.74 -37.17 43.93
N GLY C 260 19.10 -36.83 45.16
CA GLY C 260 19.24 -35.45 45.57
C GLY C 260 18.24 -35.02 46.61
N SER C 261 17.36 -35.91 47.06
CA SER C 261 16.38 -35.59 48.08
C SER C 261 17.05 -35.58 49.44
N LEU C 262 17.12 -34.40 50.06
CA LEU C 262 17.75 -34.23 51.36
C LEU C 262 16.68 -33.77 52.35
N GLN C 263 16.40 -34.61 53.33
CA GLN C 263 15.29 -34.33 54.23
C GLN C 263 15.69 -34.61 55.68
N VAL C 264 14.81 -34.19 56.58
CA VAL C 264 15.04 -34.26 58.02
C VAL C 264 13.92 -35.10 58.61
N LEU C 265 14.27 -36.22 59.22
CA LEU C 265 13.31 -37.08 59.89
C LEU C 265 13.51 -36.98 61.40
N ARG C 266 12.48 -36.54 62.10
CA ARG C 266 12.54 -36.50 63.56
C ARG C 266 12.20 -37.89 64.09
N THR C 267 13.15 -38.51 64.78
CA THR C 267 13.02 -39.90 65.21
C THR C 267 12.88 -39.93 66.73
N VAL C 268 11.65 -39.77 67.19
CA VAL C 268 11.28 -39.98 68.58
C VAL C 268 10.18 -41.02 68.59
N PRO C 269 10.31 -42.11 69.35
CA PRO C 269 9.29 -43.16 69.32
C PRO C 269 7.90 -42.63 69.61
N GLU C 270 7.05 -42.66 68.61
CA GLU C 270 5.71 -42.12 68.67
C GLU C 270 4.68 -43.24 68.66
N PRO C 271 3.54 -43.06 69.32
CA PRO C 271 2.47 -44.05 69.24
C PRO C 271 1.55 -43.74 68.07
N SER C 272 1.09 -44.80 67.41
CA SER C 272 0.14 -44.64 66.31
C SER C 272 -1.16 -44.06 66.83
N SER C 273 -1.63 -43.00 66.18
CA SER C 273 -2.81 -42.29 66.67
C SER C 273 -4.02 -43.20 66.71
N THR C 274 -4.37 -43.81 65.57
CA THR C 274 -5.52 -44.70 65.52
C THR C 274 -5.30 -45.92 66.42
N ASN C 275 -4.24 -46.68 66.16
CA ASN C 275 -3.94 -47.88 66.94
C ASN C 275 -2.93 -47.52 68.03
N PRO C 276 -3.35 -47.34 69.28
CA PRO C 276 -2.42 -46.84 70.30
C PRO C 276 -1.22 -47.74 70.54
N LYS C 277 -1.42 -49.05 70.73
CA LYS C 277 -0.29 -49.97 70.83
C LYS C 277 0.19 -50.37 69.43
N LEU C 278 0.84 -49.37 68.82
CA LEU C 278 1.54 -49.43 67.54
C LEU C 278 2.26 -48.09 67.40
N LEU C 279 3.35 -48.09 66.65
CA LEU C 279 4.12 -46.89 66.43
C LEU C 279 3.87 -46.33 65.03
N ARG C 280 4.10 -45.04 64.89
CA ARG C 280 4.03 -44.42 63.57
C ARG C 280 5.32 -44.70 62.81
N LYS C 281 5.43 -44.13 61.61
CA LYS C 281 6.70 -44.08 60.91
C LYS C 281 7.32 -42.70 61.13
N MET C 282 8.57 -42.55 60.71
CA MET C 282 9.26 -41.27 60.88
C MET C 282 8.66 -40.21 59.96
N PRO C 283 8.20 -39.09 60.49
CA PRO C 283 7.77 -37.98 59.63
C PRO C 283 8.99 -37.25 59.07
N ALA C 284 8.71 -36.22 58.28
CA ALA C 284 9.75 -35.45 57.61
C ALA C 284 9.55 -33.97 57.90
N LEU C 285 10.40 -33.41 58.75
CA LEU C 285 10.31 -31.99 59.09
C LEU C 285 10.52 -31.12 57.86
N ALA C 286 11.71 -31.18 57.26
CA ALA C 286 12.05 -30.35 56.12
C ALA C 286 12.58 -31.23 55.00
N GLY C 287 12.51 -30.71 53.78
CA GLY C 287 13.00 -31.43 52.62
C GLY C 287 13.47 -30.47 51.55
N THR C 288 14.40 -30.93 50.73
CA THR C 288 14.92 -30.13 49.65
C THR C 288 15.46 -31.03 48.55
N LYS C 289 15.78 -30.41 47.41
CA LYS C 289 16.36 -31.10 46.28
C LYS C 289 17.69 -30.43 45.93
N VAL C 290 18.74 -31.24 45.88
CA VAL C 290 20.04 -30.81 45.41
C VAL C 290 20.34 -31.57 44.13
N GLU C 291 21.36 -31.12 43.41
CA GLU C 291 21.68 -31.70 42.10
C GLU C 291 22.57 -32.92 42.29
N GLY C 292 22.03 -34.09 42.05
CA GLY C 292 22.82 -35.29 41.99
C GLY C 292 22.68 -36.13 43.25
N ALA C 293 23.12 -37.38 43.14
CA ALA C 293 23.06 -38.29 44.27
C ALA C 293 23.96 -37.81 45.40
N ILE C 294 23.42 -37.79 46.61
CA ILE C 294 24.16 -37.33 47.78
C ILE C 294 25.02 -38.47 48.29
N THR C 295 26.28 -38.18 48.58
CA THR C 295 27.22 -39.21 49.00
C THR C 295 27.93 -38.94 50.32
N SER C 296 28.05 -37.69 50.75
CA SER C 296 28.77 -37.42 51.99
C SER C 296 28.16 -36.24 52.71
N ILE C 297 28.06 -36.34 54.03
CA ILE C 297 27.49 -35.30 54.88
C ILE C 297 28.40 -35.09 56.08
N ALA C 298 28.79 -33.85 56.33
CA ALA C 298 29.55 -33.47 57.51
C ALA C 298 28.89 -32.27 58.17
N LEU C 299 29.14 -32.10 59.46
CA LEU C 299 28.42 -31.12 60.27
C LEU C 299 29.30 -29.91 60.59
N ALA C 300 28.64 -28.78 60.83
CA ALA C 300 29.31 -27.57 61.33
C ALA C 300 28.34 -26.85 62.24
N ASP C 301 28.67 -26.79 63.53
CA ASP C 301 27.80 -26.20 64.54
C ASP C 301 27.91 -24.69 64.45
N MET C 302 26.91 -24.06 63.82
CA MET C 302 26.82 -22.60 63.87
C MET C 302 26.06 -22.14 65.11
N ASN C 303 25.01 -22.86 65.49
CA ASN C 303 24.24 -22.70 66.73
C ASN C 303 23.48 -21.39 66.81
N ALA C 304 23.62 -20.49 65.83
CA ALA C 304 22.84 -19.25 65.88
C ALA C 304 21.36 -19.54 65.64
N ARG C 305 21.04 -20.06 64.45
CA ARG C 305 19.71 -20.58 64.16
C ARG C 305 19.71 -22.10 64.13
N GLY C 306 20.58 -22.68 63.31
CA GLY C 306 20.64 -24.12 63.16
C GLY C 306 22.03 -24.70 63.06
N PHE C 307 22.27 -25.44 61.98
CA PHE C 307 23.51 -26.13 61.72
C PHE C 307 23.78 -26.05 60.22
N THR C 308 25.06 -25.98 59.85
CA THR C 308 25.46 -25.98 58.45
C THR C 308 26.12 -27.30 58.14
N PHE C 309 25.55 -28.06 57.22
CA PHE C 309 26.09 -29.34 56.84
C PHE C 309 26.73 -29.23 55.46
N PHE C 310 27.99 -29.64 55.37
CA PHE C 310 28.68 -29.72 54.09
C PHE C 310 28.28 -31.02 53.42
N VAL C 311 27.67 -30.92 52.24
CA VAL C 311 27.09 -32.05 51.54
C VAL C 311 27.82 -32.21 50.22
N GLY C 312 28.53 -33.33 50.07
CA GLY C 312 29.19 -33.65 48.82
C GLY C 312 28.34 -34.63 48.03
N THR C 313 28.00 -34.23 46.81
CA THR C 313 27.15 -35.02 45.94
C THR C 313 27.99 -35.74 44.89
N ALA C 314 27.44 -36.82 44.33
CA ALA C 314 28.14 -37.60 43.32
C ALA C 314 28.57 -36.76 42.13
N MET C 315 27.92 -35.63 41.87
CA MET C 315 28.28 -34.77 40.76
C MET C 315 29.43 -33.83 41.08
N CYS C 316 30.19 -34.13 42.14
CA CYS C 316 31.35 -33.36 42.54
C CYS C 316 31.00 -31.92 42.92
N ASN C 317 29.78 -31.70 43.40
CA ASN C 317 29.38 -30.42 43.93
C ASN C 317 29.37 -30.47 45.45
N ILE C 318 29.77 -29.36 46.06
CA ILE C 318 29.79 -29.20 47.51
C ILE C 318 28.73 -28.18 47.87
N TYR C 319 27.81 -28.57 48.74
CA TYR C 319 26.73 -27.70 49.19
C TYR C 319 26.89 -27.40 50.68
N LYS C 320 26.38 -26.24 51.07
CA LYS C 320 26.31 -25.79 52.45
C LYS C 320 24.83 -25.72 52.78
N VAL C 321 24.34 -26.72 53.49
CA VAL C 321 22.93 -26.84 53.82
C VAL C 321 22.76 -26.30 55.24
N THR C 322 22.24 -25.08 55.35
CA THR C 322 21.95 -24.50 56.66
C THR C 322 20.49 -24.79 57.00
N TYR C 323 20.30 -25.53 58.08
CA TYR C 323 18.97 -25.91 58.53
C TYR C 323 18.78 -25.44 59.96
N GLU C 324 17.65 -24.77 60.20
CA GLU C 324 17.28 -24.37 61.55
C GLU C 324 15.95 -25.00 61.94
N PRO C 325 15.93 -25.83 62.98
CA PRO C 325 14.68 -26.48 63.39
C PRO C 325 13.72 -25.54 64.09
N ALA C 326 14.12 -24.30 64.38
CA ALA C 326 13.23 -23.36 65.05
C ALA C 326 11.96 -23.15 64.24
N THR C 327 12.11 -22.74 62.98
CA THR C 327 11.01 -22.64 62.03
C THR C 327 11.01 -23.77 61.01
N SER C 328 11.80 -24.82 61.25
CA SER C 328 11.95 -25.95 60.33
C SER C 328 12.24 -25.49 58.90
N ARG C 329 13.28 -24.66 58.77
CA ARG C 329 13.66 -24.05 57.49
C ARG C 329 15.00 -24.63 57.07
N LEU C 330 15.07 -25.11 55.84
CA LEU C 330 16.27 -25.78 55.31
C LEU C 330 16.63 -25.10 54.00
N LYS C 331 17.72 -24.34 54.00
CA LYS C 331 18.20 -23.65 52.80
C LYS C 331 19.58 -24.18 52.46
N GLU C 332 19.80 -24.45 51.19
CA GLU C 332 21.08 -24.94 50.70
C GLU C 332 21.77 -23.86 49.87
N GLU C 333 23.09 -23.90 49.85
CA GLU C 333 23.90 -23.05 49.01
C GLU C 333 24.93 -23.92 48.32
N LEU C 334 25.37 -23.52 47.14
CA LEU C 334 26.39 -24.26 46.40
C LEU C 334 27.72 -23.54 46.61
N VAL C 335 28.60 -24.12 47.43
CA VAL C 335 29.87 -23.48 47.73
C VAL C 335 30.85 -23.64 46.55
N GLN C 336 31.16 -24.89 46.20
CA GLN C 336 32.17 -25.15 45.19
C GLN C 336 31.73 -26.27 44.27
N THR C 337 32.07 -26.15 42.99
CA THR C 337 31.86 -27.18 42.00
C THR C 337 33.19 -27.68 41.49
N ALA C 338 33.20 -28.91 41.01
CA ALA C 338 34.40 -29.49 40.42
C ALA C 338 33.99 -30.39 39.26
N HIS C 339 34.94 -30.62 38.36
CA HIS C 339 34.65 -31.49 37.23
C HIS C 339 34.41 -32.91 37.73
N ASN C 340 33.88 -33.75 36.84
CA ASN C 340 33.49 -35.09 37.22
C ASN C 340 34.66 -36.07 37.19
N ASP C 341 35.23 -36.30 36.01
CA ASP C 341 36.32 -37.26 35.87
C ASP C 341 36.95 -37.11 34.50
N LYS C 342 38.27 -37.24 34.43
CA LYS C 342 39.00 -37.36 33.17
C LYS C 342 38.68 -36.18 32.24
N ILE C 343 39.10 -34.99 32.68
CA ILE C 343 39.00 -33.81 31.83
C ILE C 343 39.83 -34.05 30.59
N ASN C 344 39.17 -34.09 29.43
CA ASN C 344 39.85 -34.46 28.19
C ASN C 344 40.68 -33.30 27.65
N GLY C 345 40.05 -32.17 27.34
CA GLY C 345 40.69 -31.11 26.59
C GLY C 345 40.63 -29.77 27.29
N MET C 346 41.70 -29.01 27.12
CA MET C 346 41.78 -27.61 27.54
C MET C 346 41.63 -26.70 26.33
N ALA C 347 41.17 -25.48 26.58
CA ALA C 347 41.08 -24.51 25.49
C ALA C 347 41.18 -23.11 26.06
N PHE C 348 41.95 -22.26 25.38
CA PHE C 348 42.04 -20.83 25.67
C PHE C 348 41.50 -20.05 24.48
N PRO C 349 40.62 -19.08 24.69
CA PRO C 349 40.25 -18.18 23.60
C PRO C 349 41.44 -17.33 23.20
N ASN C 350 41.63 -17.19 21.88
CA ASN C 350 42.82 -16.52 21.36
C ASN C 350 42.95 -15.11 21.91
N GLU C 351 44.16 -14.77 22.33
CA GLU C 351 44.47 -13.45 22.88
C GLU C 351 43.65 -13.15 24.13
N TYR C 352 43.31 -14.19 24.88
CA TYR C 352 42.56 -14.04 26.12
C TYR C 352 43.20 -14.91 27.19
N SER C 353 43.62 -14.30 28.29
CA SER C 353 44.27 -14.99 29.39
C SER C 353 43.49 -14.78 30.68
N GLU C 354 42.17 -14.77 30.59
CA GLU C 354 41.30 -14.63 31.75
C GLU C 354 40.24 -15.71 31.86
N VAL C 355 39.75 -16.26 30.76
CA VAL C 355 38.75 -17.33 30.76
C VAL C 355 39.30 -18.50 29.96
N PHE C 356 38.92 -19.72 30.34
CA PHE C 356 39.29 -20.90 29.58
C PHE C 356 38.15 -21.90 29.65
N ALA C 357 38.27 -22.98 28.88
CA ALA C 357 37.20 -23.96 28.77
C ALA C 357 37.78 -25.36 28.92
N THR C 358 37.01 -26.24 29.55
CA THR C 358 37.43 -27.61 29.78
C THR C 358 36.39 -28.58 29.22
N CYS C 359 36.81 -29.36 28.24
CA CYS C 359 36.05 -30.48 27.69
C CYS C 359 36.30 -31.72 28.56
N GLY C 360 35.22 -32.26 29.12
CA GLY C 360 35.28 -33.49 29.91
C GLY C 360 34.50 -34.62 29.29
N THR C 361 34.38 -35.72 30.02
CA THR C 361 33.75 -36.93 29.50
C THR C 361 32.23 -36.87 29.53
N GLY C 362 31.65 -35.83 30.09
CA GLY C 362 30.21 -35.72 30.04
C GLY C 362 29.71 -34.49 29.30
N PHE C 363 30.47 -33.40 29.38
CA PHE C 363 30.04 -32.12 28.82
C PHE C 363 31.11 -31.04 28.97
N ILE C 364 30.87 -29.86 28.40
CA ILE C 364 31.87 -28.79 28.39
C ILE C 364 31.58 -27.81 29.50
N ARG C 365 32.60 -27.48 30.29
CA ARG C 365 32.49 -26.47 31.33
C ARG C 365 33.39 -25.29 30.97
N LEU C 366 33.03 -24.11 31.48
CA LEU C 366 33.81 -22.91 31.25
C LEU C 366 34.18 -22.28 32.57
N TRP C 367 35.47 -21.96 32.75
CA TRP C 367 35.98 -21.36 33.96
C TRP C 367 36.72 -20.08 33.60
N HIS C 368 37.17 -19.35 34.61
CA HIS C 368 37.96 -18.15 34.38
C HIS C 368 39.16 -18.16 35.33
N LEU C 369 40.04 -17.17 35.14
CA LEU C 369 41.35 -17.19 35.79
C LEU C 369 41.28 -16.86 37.27
N THR C 370 40.81 -15.66 37.61
CA THR C 370 41.00 -15.14 38.96
C THR C 370 40.27 -15.97 40.00
N THR C 371 39.19 -16.64 39.61
CA THR C 371 38.46 -17.48 40.54
C THR C 371 37.95 -18.68 39.75
N CYS C 372 37.68 -19.77 40.47
CA CYS C 372 37.10 -20.94 39.82
C CYS C 372 35.79 -20.53 39.14
N ARG C 373 34.73 -20.41 39.93
CA ARG C 373 33.49 -19.76 39.54
C ARG C 373 33.10 -20.08 38.10
N GLU C 374 32.97 -21.37 37.82
CA GLU C 374 32.69 -21.82 36.45
C GLU C 374 31.46 -21.12 35.89
N LEU C 375 31.52 -20.79 34.60
CA LEU C 375 30.50 -19.93 34.01
C LEU C 375 29.29 -20.72 33.55
N LEU C 376 29.51 -21.75 32.74
CA LEU C 376 28.39 -22.55 32.27
C LEU C 376 28.87 -23.96 31.97
N ARG C 377 27.89 -24.86 31.83
CA ARG C 377 28.11 -26.28 31.55
C ARG C 377 27.18 -26.69 30.41
N ILE C 378 27.70 -26.72 29.20
CA ILE C 378 26.91 -27.18 28.05
C ILE C 378 26.90 -28.70 28.06
N ALA C 379 25.71 -29.28 28.22
CA ALA C 379 25.56 -30.69 28.50
C ALA C 379 25.19 -31.46 27.25
N VAL C 380 25.83 -32.60 27.06
CA VAL C 380 25.42 -33.61 26.07
C VAL C 380 25.36 -34.94 26.82
N PRO C 381 24.21 -35.59 26.85
CA PRO C 381 23.95 -36.64 27.83
C PRO C 381 24.93 -37.80 27.86
N ASN C 382 25.04 -38.57 26.78
CA ASN C 382 25.68 -39.87 26.84
C ASN C 382 27.12 -39.85 26.36
N LEU C 383 27.35 -39.46 25.11
CA LEU C 383 28.66 -39.56 24.50
C LEU C 383 29.56 -38.40 24.95
N GLU C 384 30.87 -38.68 24.99
CA GLU C 384 31.84 -37.75 25.57
C GLU C 384 32.50 -36.88 24.51
N CYS C 385 32.97 -35.72 24.95
CA CYS C 385 33.66 -34.74 24.13
C CYS C 385 35.17 -35.02 24.05
N PHE C 386 35.77 -34.62 22.93
CA PHE C 386 37.21 -34.70 22.72
C PHE C 386 37.69 -33.39 22.10
N CYS C 387 38.91 -32.99 22.46
CA CYS C 387 39.66 -31.93 21.79
C CYS C 387 38.82 -30.69 21.51
N ILE C 388 38.34 -30.09 22.60
CA ILE C 388 37.66 -28.80 22.49
C ILE C 388 38.58 -27.80 21.81
N ALA C 389 37.99 -26.87 21.06
CA ALA C 389 38.77 -25.89 20.32
C ALA C 389 37.98 -24.60 20.19
N PHE C 390 38.70 -23.49 20.17
CA PHE C 390 38.13 -22.18 19.86
C PHE C 390 38.44 -21.84 18.41
N THR C 391 37.42 -21.47 17.64
CA THR C 391 37.68 -20.96 16.31
C THR C 391 38.51 -19.70 16.43
N THR C 392 39.41 -19.49 15.48
CA THR C 392 40.45 -18.48 15.61
C THR C 392 39.84 -17.08 15.73
N ASP C 393 40.68 -16.15 16.17
CA ASP C 393 40.41 -14.72 16.21
C ASP C 393 39.27 -14.36 17.17
N GLY C 394 38.69 -15.35 17.85
CA GLY C 394 37.57 -15.11 18.74
C GLY C 394 36.25 -15.47 18.07
N SER C 395 35.78 -16.69 18.30
CA SER C 395 34.62 -17.23 17.60
C SER C 395 34.09 -18.47 18.31
N ALA C 396 33.28 -19.27 17.62
CA ALA C 396 32.59 -20.42 18.19
C ALA C 396 33.52 -21.43 18.85
N ILE C 397 32.93 -22.38 19.57
CA ILE C 397 33.65 -23.49 20.18
C ILE C 397 33.30 -24.75 19.40
N LEU C 398 34.34 -25.42 18.91
CA LEU C 398 34.21 -26.68 18.23
C LEU C 398 34.46 -27.82 19.20
N SER C 399 33.69 -28.89 19.06
CA SER C 399 33.83 -30.04 19.95
C SER C 399 33.51 -31.28 19.15
N GLY C 400 34.49 -32.18 19.03
CA GLY C 400 34.30 -33.46 18.39
C GLY C 400 34.10 -34.54 19.45
N TRP C 401 33.11 -35.40 19.22
CA TRP C 401 32.63 -36.31 20.23
C TRP C 401 32.96 -37.75 19.85
N SER C 402 32.81 -38.65 20.83
CA SER C 402 33.06 -40.07 20.57
C SER C 402 32.09 -40.66 19.56
N ASP C 403 31.02 -39.94 19.21
CA ASP C 403 30.13 -40.41 18.16
C ASP C 403 30.81 -40.47 16.80
N GLY C 404 31.85 -39.65 16.60
CA GLY C 404 32.36 -39.41 15.27
C GLY C 404 31.75 -38.21 14.61
N LYS C 405 31.28 -37.24 15.39
CA LYS C 405 30.64 -36.05 14.88
C LYS C 405 31.23 -34.82 15.57
N ILE C 406 31.37 -33.75 14.81
CA ILE C 406 31.80 -32.45 15.33
C ILE C 406 30.57 -31.58 15.49
N ARG C 407 30.54 -30.78 16.55
CA ARG C 407 29.45 -29.86 16.78
C ARG C 407 30.00 -28.52 17.23
N ALA C 408 29.32 -27.46 16.85
CA ALA C 408 29.76 -26.10 17.16
C ALA C 408 28.78 -25.44 18.12
N PHE C 409 29.31 -24.73 19.10
CA PHE C 409 28.56 -23.94 20.05
C PHE C 409 29.12 -22.52 20.06
N GLY C 410 28.44 -21.61 20.76
CA GLY C 410 28.88 -20.24 20.85
C GLY C 410 29.28 -19.84 22.26
N PRO C 411 29.37 -18.52 22.52
CA PRO C 411 29.70 -18.05 23.87
C PRO C 411 28.65 -18.38 24.92
N GLN C 412 27.45 -17.82 24.78
CA GLN C 412 26.28 -18.34 25.48
C GLN C 412 25.90 -19.70 24.92
N SER C 413 26.42 -20.01 23.74
CA SER C 413 26.46 -21.33 23.12
C SER C 413 25.09 -21.80 22.69
N GLY C 414 24.05 -21.11 23.16
CA GLY C 414 22.72 -21.23 22.61
C GLY C 414 22.39 -22.62 22.14
N LYS C 415 22.17 -22.70 20.84
CA LYS C 415 21.82 -23.92 20.14
C LYS C 415 22.92 -24.24 19.12
N ILE C 416 23.03 -25.52 18.78
CA ILE C 416 24.22 -26.04 18.10
C ILE C 416 24.39 -25.34 16.75
N ILE C 417 25.53 -24.67 16.56
CA ILE C 417 25.75 -23.90 15.34
C ILE C 417 25.69 -24.81 14.12
N PHE C 418 26.36 -25.95 14.17
CA PHE C 418 26.24 -26.97 13.14
C PHE C 418 26.75 -28.29 13.68
N THR C 419 26.39 -29.38 13.00
CA THR C 419 26.82 -30.72 13.36
C THR C 419 27.37 -31.41 12.11
N ILE C 420 28.69 -31.50 12.02
CA ILE C 420 29.36 -32.25 10.94
C ILE C 420 29.34 -33.72 11.38
N ASN C 421 28.38 -34.48 10.87
CA ASN C 421 28.18 -35.83 11.36
C ASN C 421 28.89 -36.84 10.47
N ASP C 422 29.34 -37.93 11.10
CA ASP C 422 30.26 -38.88 10.46
C ASP C 422 31.57 -38.22 10.06
N ALA C 423 32.02 -37.26 10.88
CA ALA C 423 33.27 -36.55 10.56
C ALA C 423 34.43 -37.52 10.45
N HIS C 424 34.39 -38.61 11.19
CA HIS C 424 35.33 -39.71 11.02
C HIS C 424 34.57 -41.01 11.23
N GLN C 425 35.31 -42.11 11.22
CA GLN C 425 34.68 -43.41 11.35
C GLN C 425 34.07 -43.54 12.75
N LYS C 426 34.89 -43.29 13.77
CA LYS C 426 34.54 -43.33 15.18
C LYS C 426 35.50 -42.44 15.95
N ALA C 427 34.96 -41.65 16.88
CA ALA C 427 35.78 -40.98 17.89
C ALA C 427 36.83 -40.06 17.27
N VAL C 428 36.35 -38.98 16.64
CA VAL C 428 37.24 -37.90 16.24
C VAL C 428 38.06 -37.48 17.45
N THR C 429 39.36 -37.29 17.24
CA THR C 429 40.29 -37.18 18.36
C THR C 429 40.99 -35.84 18.45
N ALA C 430 41.42 -35.25 17.32
CA ALA C 430 42.02 -33.93 17.31
C ALA C 430 41.28 -33.02 16.34
N ILE C 431 41.19 -31.75 16.70
CA ILE C 431 40.48 -30.76 15.90
C ILE C 431 41.22 -29.44 15.96
N ALA C 432 41.43 -28.84 14.78
CA ALA C 432 42.10 -27.56 14.65
C ALA C 432 41.34 -26.70 13.65
N SER C 433 41.62 -25.41 13.68
CA SER C 433 40.99 -24.47 12.75
C SER C 433 42.07 -23.67 12.03
N THR C 434 41.70 -23.10 10.89
CA THR C 434 42.58 -22.20 10.18
C THR C 434 42.68 -20.86 10.90
N ALA C 435 43.75 -20.12 10.60
CA ALA C 435 43.90 -18.77 11.12
C ALA C 435 42.84 -17.82 10.59
N ASP C 436 42.14 -18.19 9.51
CA ASP C 436 41.06 -17.38 8.95
C ASP C 436 39.68 -17.90 9.35
N SER C 437 39.63 -18.96 10.16
CA SER C 437 38.37 -19.61 10.56
C SER C 437 37.55 -20.00 9.34
N SER C 438 38.25 -20.45 8.29
CA SER C 438 37.59 -20.84 7.05
C SER C 438 37.60 -22.34 6.80
N ARG C 439 38.47 -23.09 7.47
CA ARG C 439 38.45 -24.54 7.36
C ARG C 439 38.81 -25.13 8.72
N ILE C 440 38.32 -26.36 8.93
CA ILE C 440 38.49 -27.08 10.18
C ILE C 440 39.07 -28.45 9.92
N LEU C 441 40.19 -28.77 10.57
CA LEU C 441 40.83 -30.07 10.49
C LEU C 441 40.30 -30.98 11.59
N SER C 442 40.06 -32.24 11.24
CA SER C 442 39.59 -33.25 12.18
C SER C 442 40.39 -34.53 11.94
N GLY C 443 41.22 -34.89 12.91
CA GLY C 443 41.93 -36.15 12.89
C GLY C 443 41.25 -37.17 13.78
N GLY C 444 40.73 -38.23 13.14
CA GLY C 444 39.96 -39.25 13.84
C GLY C 444 40.83 -40.34 14.45
N GLU C 445 40.17 -41.23 15.18
CA GLU C 445 40.91 -42.27 15.89
C GLU C 445 41.26 -43.44 14.97
N GLU C 446 40.42 -43.73 13.99
CA GLU C 446 40.73 -44.68 12.91
C GLU C 446 41.58 -43.98 11.85
N GLY C 447 42.73 -43.50 12.31
CA GLY C 447 43.87 -43.16 11.46
C GLY C 447 43.54 -42.41 10.19
N MET C 448 42.82 -41.31 10.32
CA MET C 448 42.44 -40.52 9.17
C MET C 448 42.44 -39.05 9.55
N VAL C 449 42.69 -38.21 8.57
CA VAL C 449 42.61 -36.76 8.72
C VAL C 449 41.67 -36.23 7.65
N ARG C 450 40.84 -35.26 8.03
CA ARG C 450 39.97 -34.63 7.08
C ARG C 450 39.94 -33.13 7.38
N VAL C 451 39.43 -32.37 6.43
CA VAL C 451 39.23 -30.94 6.61
C VAL C 451 37.90 -30.56 5.96
N TRP C 452 37.18 -29.66 6.62
CA TRP C 452 35.88 -29.18 6.16
C TRP C 452 35.97 -27.69 5.91
N ARG C 453 35.54 -27.26 4.73
CA ARG C 453 35.42 -25.84 4.44
C ARG C 453 34.15 -25.30 5.07
N ILE C 454 34.24 -24.11 5.65
CA ILE C 454 33.13 -23.53 6.40
C ILE C 454 32.90 -22.12 5.91
N GLY C 455 31.69 -21.87 5.42
CA GLY C 455 31.27 -20.54 5.02
C GLY C 455 30.69 -19.80 6.21
N ARG C 456 29.80 -18.85 5.92
CA ARG C 456 29.22 -18.10 7.01
C ARG C 456 27.99 -18.78 7.60
N THR C 457 27.01 -19.13 6.78
CA THR C 457 25.89 -19.94 7.25
C THR C 457 25.76 -21.26 6.51
N SER C 458 26.54 -21.49 5.46
CA SER C 458 26.53 -22.74 4.72
C SER C 458 27.85 -23.48 4.96
N GLN C 459 27.75 -24.74 5.34
CA GLN C 459 28.90 -25.60 5.56
C GLN C 459 29.26 -26.34 4.28
N THR C 460 30.56 -26.65 4.12
CA THR C 460 31.06 -27.33 2.94
C THR C 460 31.80 -28.60 3.36
N LEU C 461 31.33 -29.75 2.89
CA LEU C 461 31.85 -31.05 3.29
C LEU C 461 32.75 -31.56 2.16
N GLU C 462 34.01 -31.15 2.19
CA GLU C 462 34.90 -31.57 1.12
C GLU C 462 35.54 -32.91 1.45
N ALA C 463 36.07 -33.56 0.41
CA ALA C 463 36.58 -34.92 0.51
C ALA C 463 38.11 -35.01 0.52
N SER C 464 38.77 -34.23 1.38
CA SER C 464 40.22 -34.35 1.55
C SER C 464 40.66 -35.79 1.75
N MET C 465 40.12 -36.47 2.78
CA MET C 465 40.50 -37.84 3.16
C MET C 465 42.01 -38.03 3.22
N LYS C 466 42.67 -37.30 4.11
CA LYS C 466 44.10 -37.50 4.34
C LYS C 466 44.32 -38.74 5.18
N ASP C 467 44.95 -39.77 4.60
CA ASP C 467 45.14 -41.03 5.29
C ASP C 467 46.42 -41.00 6.13
N HIS C 468 46.27 -41.34 7.41
CA HIS C 468 47.39 -41.40 8.33
C HIS C 468 47.53 -42.82 8.85
N LYS C 469 48.63 -43.04 9.57
CA LYS C 469 49.02 -44.39 9.95
C LYS C 469 48.38 -44.86 11.26
N GLY C 470 47.88 -43.93 12.08
CA GLY C 470 47.24 -44.29 13.32
C GLY C 470 46.40 -43.16 13.89
N PRO C 471 45.89 -43.34 15.11
CA PRO C 471 45.08 -42.28 15.73
C PRO C 471 45.84 -40.96 15.80
N VAL C 472 45.13 -39.87 15.54
CA VAL C 472 45.74 -38.55 15.46
C VAL C 472 45.64 -37.93 16.86
N ASN C 473 46.76 -37.93 17.58
CA ASN C 473 46.76 -37.37 18.93
C ASN C 473 46.61 -35.86 18.90
N CYS C 474 47.26 -35.19 17.94
CA CYS C 474 47.30 -33.74 17.92
C CYS C 474 47.37 -33.24 16.49
N ILE C 475 46.84 -32.03 16.28
CA ILE C 475 46.89 -31.36 14.99
C ILE C 475 47.19 -29.89 15.23
N ARG C 476 48.20 -29.36 14.53
CA ARG C 476 48.61 -27.98 14.66
C ARG C 476 48.70 -27.34 13.28
N ILE C 477 48.62 -26.01 13.25
CA ILE C 477 48.67 -25.26 12.00
C ILE C 477 49.36 -23.93 12.28
N LYS C 478 50.20 -23.49 11.33
CA LYS C 478 50.86 -22.20 11.48
C LYS C 478 49.85 -21.06 11.39
N GLY C 479 49.78 -20.26 12.45
CA GLY C 479 48.97 -19.05 12.39
C GLY C 479 49.54 -18.00 11.48
N SER C 480 50.83 -18.10 11.13
CA SER C 480 51.45 -17.15 10.21
C SER C 480 51.00 -17.42 8.78
N GLY C 481 51.29 -18.62 8.27
CA GLY C 481 50.92 -18.98 6.92
C GLY C 481 49.90 -20.08 6.86
N ASP C 482 49.99 -20.93 5.84
CA ASP C 482 49.08 -22.06 5.66
C ASP C 482 49.89 -23.35 5.61
N GLU C 483 49.67 -24.22 6.60
CA GLU C 483 50.33 -25.51 6.69
C GLU C 483 49.53 -26.36 7.67
N CYS C 484 50.03 -27.57 7.95
CA CYS C 484 49.38 -28.47 8.87
C CYS C 484 50.40 -29.47 9.39
N VAL C 485 50.26 -29.85 10.64
CA VAL C 485 51.02 -30.94 11.24
C VAL C 485 50.04 -31.88 11.94
N SER C 486 50.15 -33.16 11.64
CA SER C 486 49.33 -34.16 12.29
C SER C 486 50.24 -35.17 12.98
N ALA C 487 50.12 -35.29 14.30
CA ALA C 487 50.79 -36.31 15.06
C ALA C 487 50.05 -37.63 14.92
N SER C 488 50.55 -38.66 15.59
CA SER C 488 49.92 -39.95 15.47
C SER C 488 50.25 -40.83 16.66
N SER C 489 49.44 -41.86 16.83
CA SER C 489 49.79 -43.01 17.65
C SER C 489 50.69 -43.96 16.92
N ASP C 490 51.26 -43.45 15.83
CA ASP C 490 52.45 -44.01 15.22
C ASP C 490 53.60 -43.01 15.18
N GLY C 491 53.42 -41.82 15.75
CA GLY C 491 54.47 -40.84 15.89
C GLY C 491 54.95 -40.17 14.62
N SER C 492 54.50 -40.66 13.46
CA SER C 492 54.93 -40.13 12.17
C SER C 492 54.22 -38.81 11.91
N CYS C 493 54.67 -37.78 12.64
CA CYS C 493 54.17 -36.43 12.41
C CYS C 493 54.35 -36.03 10.96
N ILE C 494 53.26 -35.64 10.32
CA ILE C 494 53.24 -35.34 8.89
C ILE C 494 52.97 -33.86 8.70
N LEU C 495 53.79 -33.22 7.86
CA LEU C 495 53.58 -31.85 7.43
C LEU C 495 52.72 -31.87 6.18
N TRP C 496 51.48 -31.42 6.30
CA TRP C 496 50.63 -31.21 5.14
C TRP C 496 50.72 -29.75 4.70
N ASP C 497 50.70 -29.55 3.39
CA ASP C 497 50.81 -28.19 2.86
C ASP C 497 49.49 -27.44 2.94
N LEU C 498 48.39 -28.11 2.59
CA LEU C 498 47.02 -27.61 2.59
C LEU C 498 46.78 -26.56 1.50
N HIS C 499 47.81 -26.16 0.75
CA HIS C 499 47.56 -25.43 -0.49
C HIS C 499 47.21 -26.41 -1.60
N THR C 500 47.96 -27.52 -1.69
CA THR C 500 47.69 -28.58 -2.64
C THR C 500 47.26 -29.88 -1.98
N PHE C 501 47.35 -29.97 -0.64
CA PHE C 501 46.89 -31.13 0.11
C PHE C 501 47.68 -32.38 -0.27
N LYS C 502 48.98 -32.22 -0.51
CA LYS C 502 49.78 -33.26 -1.15
C LYS C 502 50.76 -33.92 -0.19
N ARG C 503 50.60 -33.70 1.12
CA ARG C 503 51.39 -34.40 2.12
C ARG C 503 52.89 -34.19 1.89
N ARG C 504 53.32 -32.95 2.16
CA ARG C 504 54.76 -32.67 2.20
C ARG C 504 55.48 -33.75 2.99
N THR C 505 56.40 -34.43 2.32
CA THR C 505 56.89 -35.72 2.80
C THR C 505 57.84 -35.51 3.99
N SER C 506 57.24 -35.38 5.17
CA SER C 506 57.96 -35.38 6.44
C SER C 506 57.50 -36.55 7.29
N LEU C 507 58.47 -37.21 7.93
CA LEU C 507 58.16 -38.40 8.71
C LEU C 507 59.19 -38.53 9.82
N PHE C 508 58.70 -38.84 11.02
CA PHE C 508 59.50 -38.89 12.23
C PHE C 508 59.08 -40.15 12.99
N ALA C 509 59.92 -41.18 12.98
CA ALA C 509 59.53 -42.51 13.43
C ALA C 509 60.58 -43.12 14.37
N ASN C 510 60.37 -42.97 15.68
CA ASN C 510 61.14 -43.69 16.67
C ASN C 510 60.21 -44.28 17.73
N THR C 511 59.11 -43.58 17.98
CA THR C 511 58.02 -44.06 18.82
C THR C 511 56.79 -43.26 18.41
N PHE C 512 55.69 -43.44 19.13
CA PHE C 512 54.46 -42.76 18.76
C PHE C 512 54.17 -41.60 19.71
N PHE C 513 53.71 -40.50 19.13
CA PHE C 513 53.78 -39.17 19.74
C PHE C 513 52.43 -38.77 20.33
N LYS C 514 52.48 -37.78 21.21
CA LYS C 514 51.29 -37.27 21.88
C LYS C 514 51.03 -35.79 21.65
N SER C 515 52.07 -34.96 21.53
CA SER C 515 51.85 -33.53 21.41
C SER C 515 53.00 -32.87 20.64
N VAL C 516 52.66 -32.10 19.62
CA VAL C 516 53.64 -31.39 18.80
C VAL C 516 53.29 -29.91 18.80
N VAL C 517 54.32 -29.08 18.80
CA VAL C 517 54.16 -27.63 18.86
C VAL C 517 55.20 -26.98 17.96
N TYR C 518 54.79 -25.90 17.30
CA TYR C 518 55.73 -25.06 16.58
C TYR C 518 56.56 -24.23 17.54
N HIS C 519 57.73 -23.81 17.08
CA HIS C 519 58.31 -22.63 17.69
C HIS C 519 57.68 -21.40 17.03
N PRO C 520 57.23 -20.42 17.81
CA PRO C 520 56.56 -19.26 17.22
C PRO C 520 57.47 -18.52 16.26
N ASP C 521 57.05 -18.47 15.00
CA ASP C 521 57.77 -17.80 13.92
C ASP C 521 59.18 -18.38 13.75
N GLU C 522 59.22 -19.66 13.42
CA GLU C 522 60.49 -20.34 13.17
C GLU C 522 60.19 -21.65 12.44
N SER C 523 61.25 -22.24 11.90
CA SER C 523 61.18 -23.53 11.20
C SER C 523 61.51 -24.69 12.13
N GLN C 524 61.27 -24.53 13.43
CA GLN C 524 61.57 -25.56 14.39
C GLN C 524 60.30 -26.32 14.77
N LEU C 525 60.49 -27.39 15.53
CA LEU C 525 59.39 -28.22 15.99
C LEU C 525 59.79 -28.87 17.30
N VAL C 526 58.79 -29.13 18.14
CA VAL C 526 58.99 -29.87 19.38
C VAL C 526 57.89 -30.91 19.48
N THR C 527 58.28 -32.17 19.66
CA THR C 527 57.35 -33.29 19.66
C THR C 527 57.52 -34.11 20.93
N ALA C 528 56.44 -34.72 21.39
CA ALA C 528 56.43 -35.50 22.62
C ALA C 528 55.65 -36.78 22.41
N GLY C 529 56.25 -37.90 22.80
CA GLY C 529 55.64 -39.20 22.67
C GLY C 529 55.92 -40.11 23.85
N THR C 530 55.89 -41.42 23.62
CA THR C 530 56.01 -42.38 24.72
C THR C 530 57.35 -42.26 25.42
N ASP C 531 58.43 -42.53 24.70
CA ASP C 531 59.76 -42.37 25.28
C ASP C 531 60.03 -40.90 25.57
N ARG C 532 60.86 -40.64 26.57
CA ARG C 532 61.14 -39.27 26.94
C ARG C 532 61.90 -38.59 25.81
N LYS C 533 61.18 -37.80 25.01
CA LYS C 533 61.76 -37.16 23.83
C LYS C 533 61.13 -35.79 23.68
N VAL C 534 61.96 -34.75 23.69
CA VAL C 534 61.50 -33.39 23.51
C VAL C 534 62.27 -32.83 22.33
N THR C 535 62.54 -33.69 21.35
CA THR C 535 63.45 -33.37 20.27
C THR C 535 63.02 -32.14 19.48
N TYR C 536 63.97 -31.25 19.22
CA TYR C 536 63.76 -30.10 18.37
C TYR C 536 64.07 -30.50 16.94
N TRP C 537 63.10 -30.36 16.04
CA TRP C 537 63.21 -30.72 14.63
C TRP C 537 63.50 -29.49 13.77
N ASP C 538 63.71 -29.77 12.48
CA ASP C 538 63.73 -28.76 11.43
C ASP C 538 62.50 -28.95 10.55
N ALA C 539 61.81 -27.85 10.24
CA ALA C 539 60.79 -27.90 9.20
C ALA C 539 61.39 -28.32 7.87
N TYR C 540 62.68 -28.05 7.65
CA TYR C 540 63.40 -28.57 6.49
C TYR C 540 63.95 -29.97 6.69
N ASP C 541 63.12 -30.90 7.17
CA ASP C 541 63.45 -32.33 7.29
C ASP C 541 64.75 -32.56 8.07
N GLY C 542 64.75 -32.12 9.33
CA GLY C 542 65.93 -32.27 10.17
C GLY C 542 65.57 -32.35 11.63
N ASN C 543 66.60 -32.60 12.45
CA ASN C 543 66.44 -32.73 13.89
C ASN C 543 67.55 -31.89 14.55
N ALA C 544 67.16 -30.74 15.09
CA ALA C 544 68.13 -29.86 15.73
C ALA C 544 68.78 -30.53 16.94
N ILE C 545 67.96 -31.09 17.83
CA ILE C 545 68.48 -31.71 19.05
C ILE C 545 67.48 -32.77 19.51
N ARG C 546 67.93 -33.67 20.37
CA ARG C 546 67.08 -34.70 20.96
C ARG C 546 67.33 -34.75 22.45
N ILE C 547 66.34 -34.34 23.24
CA ILE C 547 66.44 -34.38 24.70
C ILE C 547 65.24 -35.07 25.30
N GLU C 555 57.98 -40.62 30.03
CA GLU C 555 56.64 -40.62 29.47
C GLU C 555 56.03 -39.22 29.53
N VAL C 556 55.84 -38.61 28.36
CA VAL C 556 55.40 -37.23 28.25
C VAL C 556 54.22 -37.15 27.29
N ASN C 557 53.28 -36.27 27.59
CA ASN C 557 52.02 -36.20 26.84
C ASN C 557 51.66 -34.82 26.32
N ALA C 558 51.98 -33.75 27.03
CA ALA C 558 51.48 -32.42 26.68
C ALA C 558 52.63 -31.41 26.68
N LEU C 559 52.57 -30.49 25.72
CA LEU C 559 53.58 -29.46 25.53
C LEU C 559 52.90 -28.11 25.31
N ALA C 560 53.62 -27.04 25.64
CA ALA C 560 53.12 -25.69 25.40
C ALA C 560 54.30 -24.73 25.38
N VAL C 561 54.11 -23.61 24.68
CA VAL C 561 55.13 -22.57 24.54
C VAL C 561 54.51 -21.21 24.87
N ASP C 562 55.39 -20.26 25.13
CA ASP C 562 54.98 -18.89 25.44
C ASP C 562 54.71 -18.12 24.15
N ARG C 563 54.59 -16.80 24.27
CA ARG C 563 54.45 -15.91 23.12
C ARG C 563 55.60 -16.18 22.15
N ASP C 564 56.81 -15.88 22.60
CA ASP C 564 58.00 -16.37 21.93
C ASP C 564 58.47 -17.66 22.60
N GLY C 565 59.45 -18.30 21.98
CA GLY C 565 59.97 -19.55 22.51
C GLY C 565 60.83 -19.39 23.76
N GLU C 566 60.23 -18.90 24.85
CA GLU C 566 60.97 -18.76 26.10
C GLU C 566 60.98 -20.07 26.89
N ALA C 567 59.81 -20.50 27.33
CA ALA C 567 59.69 -21.58 28.31
C ALA C 567 58.75 -22.63 27.75
N LEU C 568 59.31 -23.73 27.27
CA LEU C 568 58.54 -24.89 26.88
C LEU C 568 58.10 -25.62 28.15
N VAL C 569 56.80 -25.66 28.39
CA VAL C 569 56.23 -26.30 29.57
C VAL C 569 55.64 -27.63 29.14
N SER C 570 55.87 -28.68 29.94
CA SER C 570 55.60 -30.04 29.50
C SER C 570 55.14 -30.91 30.67
N GLY C 571 54.39 -31.96 30.31
CA GLY C 571 53.95 -32.95 31.28
C GLY C 571 53.59 -34.25 30.59
N GLY C 572 53.44 -35.30 31.39
CA GLY C 572 53.09 -36.60 30.84
C GLY C 572 52.63 -37.62 31.87
N GLY C 573 52.89 -38.89 31.57
CA GLY C 573 52.52 -39.95 32.49
C GLY C 573 53.12 -39.76 33.87
N ASP C 574 54.34 -39.24 33.92
CA ASP C 574 54.92 -38.82 35.19
C ASP C 574 54.10 -37.68 35.78
N LYS C 575 53.99 -37.67 37.10
CA LYS C 575 53.07 -36.78 37.79
C LYS C 575 53.66 -35.39 38.02
N LEU C 576 54.64 -35.00 37.21
CA LEU C 576 55.32 -33.72 37.38
C LEU C 576 55.00 -32.80 36.21
N VAL C 577 55.51 -31.58 36.30
CA VAL C 577 55.39 -30.56 35.26
C VAL C 577 56.77 -29.92 35.10
N LYS C 578 57.34 -30.03 33.90
CA LYS C 578 58.70 -29.57 33.65
C LYS C 578 58.67 -28.34 32.77
N LEU C 579 59.27 -27.25 33.27
CA LEU C 579 59.44 -26.02 32.52
C LEU C 579 60.87 -25.95 32.01
N TRP C 580 61.04 -25.48 30.78
CA TRP C 580 62.34 -25.50 30.13
C TRP C 580 62.64 -24.15 29.49
N GLY C 581 63.82 -23.61 29.78
CA GLY C 581 64.35 -22.56 28.94
C GLY C 581 64.55 -23.15 27.56
N TYR C 582 63.70 -22.75 26.61
CA TYR C 582 63.65 -23.44 25.32
C TYR C 582 65.02 -23.42 24.64
N ASP C 583 65.63 -22.23 24.53
CA ASP C 583 66.91 -22.14 23.82
C ASP C 583 68.03 -22.82 24.58
N GLU C 584 67.93 -22.88 25.91
CA GLU C 584 69.01 -23.45 26.73
C GLU C 584 68.79 -24.93 27.02
N GLY C 585 67.56 -25.30 27.38
CA GLY C 585 67.23 -26.70 27.58
C GLY C 585 67.34 -27.23 28.99
N HIS C 586 67.36 -26.35 29.99
CA HIS C 586 67.40 -26.80 31.37
C HIS C 586 66.00 -26.87 31.96
N CYS C 587 65.83 -27.79 32.92
CA CYS C 587 64.53 -28.04 33.54
C CYS C 587 64.43 -27.21 34.81
N TYR C 588 64.33 -25.90 34.64
CA TYR C 588 64.15 -25.00 35.76
C TYR C 588 62.67 -24.86 36.08
N PHE C 589 62.37 -24.62 37.35
CA PHE C 589 61.00 -24.41 37.84
C PHE C 589 60.12 -25.62 37.52
N VAL C 590 60.46 -26.75 38.14
CA VAL C 590 59.69 -27.98 37.99
C VAL C 590 58.68 -28.09 39.12
N GLY C 591 57.44 -28.44 38.77
CA GLY C 591 56.35 -28.53 39.72
C GLY C 591 55.91 -29.97 39.95
N VAL C 592 55.36 -30.22 41.13
CA VAL C 592 54.97 -31.58 41.52
C VAL C 592 53.51 -31.64 41.94
N ALA C 593 53.11 -32.80 42.48
CA ALA C 593 51.81 -32.99 43.14
C ALA C 593 50.64 -32.79 42.17
N HIS C 594 50.66 -33.53 41.06
CA HIS C 594 49.51 -33.66 40.17
C HIS C 594 49.20 -35.15 40.08
N SER C 595 48.32 -35.62 40.97
CA SER C 595 48.16 -37.04 41.22
C SER C 595 47.36 -37.70 40.09
N GLY C 596 48.07 -38.08 39.05
CA GLY C 596 47.47 -38.74 37.90
C GLY C 596 48.25 -38.45 36.64
N ALA C 597 47.78 -39.03 35.55
CA ALA C 597 48.41 -38.84 34.25
C ALA C 597 47.96 -37.48 33.71
N ILE C 598 48.83 -36.48 33.80
CA ILE C 598 48.48 -35.16 33.32
C ILE C 598 48.27 -35.20 31.81
N THR C 599 47.26 -34.47 31.35
CA THR C 599 46.80 -34.57 29.96
C THR C 599 47.06 -33.32 29.14
N ALA C 600 46.85 -32.13 29.71
CA ALA C 600 47.01 -30.90 28.95
C ALA C 600 47.61 -29.81 29.82
N VAL C 601 48.27 -28.86 29.17
CA VAL C 601 48.90 -27.73 29.83
C VAL C 601 48.71 -26.48 28.97
N GLY C 602 48.46 -25.36 29.63
CA GLY C 602 48.26 -24.10 28.93
C GLY C 602 49.02 -22.98 29.61
N VAL C 603 49.25 -21.92 28.84
CA VAL C 603 50.20 -20.87 29.21
C VAL C 603 49.53 -19.54 29.53
N THR C 604 48.22 -19.39 29.28
CA THR C 604 47.50 -18.15 29.53
C THR C 604 48.21 -16.99 28.85
N PRO C 605 48.06 -16.84 27.53
CA PRO C 605 48.98 -16.00 26.73
C PRO C 605 49.39 -14.67 27.34
N ASP C 606 48.43 -13.82 27.71
CA ASP C 606 48.76 -12.46 28.12
C ASP C 606 49.55 -12.45 29.43
N LYS C 607 49.19 -13.32 30.37
CA LYS C 607 49.73 -13.31 31.72
C LYS C 607 50.75 -14.44 31.89
N GLN C 608 51.26 -14.60 33.11
CA GLN C 608 52.22 -15.64 33.44
C GLN C 608 51.55 -16.64 34.37
N ARG C 609 50.85 -17.61 33.76
CA ARG C 609 50.17 -18.66 34.49
C ARG C 609 50.16 -19.94 33.67
N ILE C 610 50.43 -21.05 34.34
CA ILE C 610 50.44 -22.37 33.72
C ILE C 610 49.30 -23.18 34.33
N VAL C 611 48.34 -23.55 33.50
CA VAL C 611 47.23 -24.40 33.93
C VAL C 611 47.54 -25.82 33.51
N SER C 612 47.43 -26.74 34.46
CA SER C 612 47.69 -28.15 34.22
C SER C 612 46.43 -28.95 34.53
N VAL C 613 46.15 -29.97 33.72
CA VAL C 613 44.96 -30.78 33.91
C VAL C 613 45.27 -32.19 33.47
N GLY C 614 44.76 -33.16 34.24
CA GLY C 614 45.00 -34.56 33.98
C GLY C 614 43.76 -35.40 34.19
N THR C 615 43.94 -36.71 34.07
CA THR C 615 42.82 -37.64 34.17
C THR C 615 42.28 -37.77 35.59
N GLU C 616 42.96 -37.22 36.59
CA GLU C 616 42.49 -37.34 37.96
C GLU C 616 41.14 -36.66 38.18
N GLY C 617 40.77 -35.73 37.31
CA GLY C 617 39.57 -34.97 37.52
C GLY C 617 39.77 -33.63 38.21
N GLY C 618 40.97 -33.05 38.10
CA GLY C 618 41.25 -31.78 38.76
C GLY C 618 42.03 -30.86 37.84
N ILE C 619 42.16 -29.62 38.29
CA ILE C 619 42.84 -28.57 37.53
C ILE C 619 43.73 -27.79 38.47
N PHE C 620 44.93 -27.46 38.02
CA PHE C 620 45.94 -26.78 38.84
C PHE C 620 46.44 -25.54 38.13
N ILE C 621 46.82 -24.54 38.93
CA ILE C 621 47.30 -23.26 38.43
C ILE C 621 48.65 -22.95 39.07
N TRP C 622 49.63 -22.58 38.25
CA TRP C 622 50.95 -22.18 38.73
C TRP C 622 51.33 -20.86 38.08
N ASP C 623 52.34 -20.20 38.66
CA ASP C 623 52.91 -19.02 38.05
C ASP C 623 53.92 -19.42 36.99
N TYR C 624 54.70 -18.46 36.51
CA TYR C 624 55.59 -18.69 35.37
C TYR C 624 56.79 -17.75 35.50
N GLN C 625 57.95 -18.33 35.78
CA GLN C 625 59.19 -17.55 35.85
C GLN C 625 60.28 -18.32 35.13
N ARG C 626 60.93 -17.65 34.17
CA ARG C 626 62.01 -18.26 33.42
C ARG C 626 63.27 -17.39 33.50
N PRO C 627 64.45 -18.01 33.67
CA PRO C 627 65.70 -17.25 33.76
C PRO C 627 66.04 -16.51 32.48
N MET D 1 -15.77 29.49 21.73
CA MET D 1 -14.62 29.22 20.89
C MET D 1 -13.32 29.71 21.56
N ARG D 2 -13.40 30.84 22.25
CA ARG D 2 -12.28 31.36 23.03
C ARG D 2 -12.54 31.10 24.52
N GLU D 3 -12.29 29.86 24.92
CA GLU D 3 -12.75 29.33 26.19
C GLU D 3 -11.60 28.70 26.96
N VAL D 4 -11.70 28.72 28.30
CA VAL D 4 -10.68 28.16 29.19
C VAL D 4 -11.38 27.37 30.28
N ILE D 5 -10.61 26.50 30.94
CA ILE D 5 -11.12 25.67 32.03
C ILE D 5 -10.42 26.10 33.31
N SER D 6 -11.22 26.51 34.29
CA SER D 6 -10.71 27.13 35.51
C SER D 6 -10.81 26.13 36.66
N ILE D 7 -9.67 25.61 37.08
CA ILE D 7 -9.59 24.63 38.15
C ILE D 7 -9.21 25.33 39.45
N HIS D 8 -9.79 24.87 40.55
CA HIS D 8 -9.45 25.38 41.88
C HIS D 8 -9.17 24.19 42.79
N ILE D 9 -8.00 24.18 43.41
CA ILE D 9 -7.54 23.05 44.21
C ILE D 9 -7.18 23.54 45.61
N GLY D 10 -7.61 22.79 46.62
CA GLY D 10 -7.29 23.14 47.99
C GLY D 10 -8.31 24.09 48.60
N GLN D 11 -7.91 24.71 49.70
CA GLN D 11 -8.77 25.73 50.30
C GLN D 11 -8.58 27.07 49.60
N ALA D 12 -7.35 27.59 49.62
CA ALA D 12 -7.08 28.85 48.92
C ALA D 12 -7.44 28.75 47.45
N GLY D 13 -7.41 27.55 46.87
CA GLY D 13 -7.91 27.37 45.53
C GLY D 13 -9.37 27.80 45.41
N ILE D 14 -10.23 27.27 46.28
CA ILE D 14 -11.62 27.67 46.23
C ILE D 14 -11.85 29.00 46.93
N GLN D 15 -10.94 29.41 47.82
CA GLN D 15 -11.06 30.73 48.41
C GLN D 15 -10.95 31.82 47.35
N VAL D 16 -10.09 31.63 46.34
CA VAL D 16 -10.05 32.57 45.24
C VAL D 16 -11.15 32.27 44.21
N GLY D 17 -11.64 31.04 44.16
CA GLY D 17 -12.76 30.75 43.29
C GLY D 17 -14.00 31.54 43.63
N ASN D 18 -14.17 31.88 44.91
CA ASN D 18 -15.30 32.70 45.32
C ASN D 18 -15.11 34.17 44.97
N ALA D 19 -13.86 34.61 44.78
CA ALA D 19 -13.64 35.98 44.38
C ALA D 19 -13.68 36.12 42.86
N CYS D 20 -13.05 35.18 42.15
CA CYS D 20 -13.07 35.24 40.69
C CYS D 20 -14.50 35.08 40.16
N TRP D 21 -15.24 34.10 40.66
CA TRP D 21 -16.57 33.84 40.13
C TRP D 21 -17.61 34.81 40.66
N GLU D 22 -17.29 35.60 41.68
CA GLU D 22 -18.13 36.75 42.01
C GLU D 22 -17.83 37.92 41.08
N LEU D 23 -16.74 37.86 40.33
CA LEU D 23 -16.41 38.92 39.39
C LEU D 23 -17.09 38.70 38.04
N TYR D 24 -16.90 37.52 37.46
CA TYR D 24 -17.46 37.26 36.14
C TYR D 24 -18.97 37.27 36.15
N CYS D 25 -19.60 36.78 37.22
CA CYS D 25 -21.04 36.92 37.34
C CYS D 25 -21.45 38.38 37.35
N LEU D 26 -20.60 39.24 37.92
CA LEU D 26 -20.91 40.66 37.96
C LEU D 26 -20.43 41.41 36.73
N GLU D 27 -19.34 40.94 36.12
CA GLU D 27 -18.80 41.63 34.95
C GLU D 27 -19.62 41.41 33.70
N HIS D 28 -20.49 40.40 33.69
CA HIS D 28 -21.33 40.11 32.53
C HIS D 28 -22.82 40.18 32.84
N GLY D 29 -23.19 40.76 33.98
CA GLY D 29 -24.59 40.82 34.35
C GLY D 29 -25.24 39.48 34.58
N ILE D 30 -24.45 38.46 34.86
CA ILE D 30 -24.98 37.13 35.15
C ILE D 30 -25.48 37.12 36.59
N GLN D 31 -26.78 36.95 36.76
CA GLN D 31 -27.34 36.86 38.09
C GLN D 31 -26.86 35.59 38.77
N PRO D 32 -26.87 35.55 40.11
CA PRO D 32 -26.48 34.32 40.81
C PRO D 32 -27.32 33.13 40.43
N ASP D 33 -28.55 33.33 39.92
CA ASP D 33 -29.37 32.22 39.44
C ASP D 33 -29.12 31.92 37.98
N GLY D 34 -27.87 31.87 37.57
CA GLY D 34 -27.53 31.43 36.22
C GLY D 34 -27.79 32.43 35.12
N GLN D 35 -29.05 32.80 34.93
CA GLN D 35 -29.45 33.57 33.77
C GLN D 35 -29.20 35.06 33.98
N MET D 36 -29.15 35.79 32.86
CA MET D 36 -28.98 37.23 32.81
C MET D 36 -30.25 37.88 32.25
N PRO D 37 -30.57 39.11 32.68
CA PRO D 37 -31.76 39.82 32.20
C PRO D 37 -31.75 40.06 30.69
N ASP D 46 -22.59 37.37 22.24
CA ASP D 46 -21.94 36.10 22.54
C ASP D 46 -20.43 36.30 22.61
N ASP D 47 -19.75 35.29 23.16
CA ASP D 47 -18.31 35.27 23.36
C ASP D 47 -17.88 36.30 24.39
N ALA D 48 -18.82 37.14 24.83
CA ALA D 48 -18.57 37.96 26.00
C ALA D 48 -18.61 37.12 27.26
N PHE D 49 -19.29 35.98 27.23
CA PHE D 49 -19.34 35.05 28.35
C PHE D 49 -18.89 33.65 27.98
N ASN D 50 -18.86 33.31 26.69
CA ASN D 50 -18.51 31.96 26.27
C ASN D 50 -17.11 31.56 26.71
N THR D 51 -16.29 32.51 27.16
CA THR D 51 -14.99 32.17 27.73
C THR D 51 -15.11 31.46 29.06
N PHE D 52 -16.22 31.66 29.77
CA PHE D 52 -16.36 31.15 31.12
C PHE D 52 -17.66 30.42 31.38
N PHE D 53 -18.61 30.42 30.44
CA PHE D 53 -19.93 29.90 30.73
C PHE D 53 -20.40 29.04 29.55
N SER D 54 -21.60 28.49 29.69
CA SER D 54 -22.13 27.58 28.68
C SER D 54 -23.66 27.70 28.73
N GLU D 55 -24.22 28.45 27.77
CA GLU D 55 -25.67 28.54 27.69
C GLU D 55 -26.27 27.17 27.40
N THR D 56 -27.19 26.75 28.27
CA THR D 56 -27.85 25.46 28.10
C THR D 56 -28.94 25.59 27.04
N GLY D 57 -29.82 24.60 26.97
CA GLY D 57 -30.92 24.66 26.02
C GLY D 57 -31.88 25.80 26.25
N ALA D 58 -31.88 26.41 27.44
CA ALA D 58 -32.83 27.48 27.75
C ALA D 58 -32.26 28.38 28.83
N GLY D 59 -31.77 29.55 28.42
CA GLY D 59 -31.56 30.64 29.35
C GLY D 59 -30.38 30.56 30.30
N LYS D 60 -30.18 29.41 30.92
CA LYS D 60 -29.23 29.29 32.02
C LYS D 60 -27.79 29.37 31.50
N HIS D 61 -26.95 30.09 32.24
CA HIS D 61 -25.53 30.26 31.92
C HIS D 61 -24.72 29.67 33.06
N VAL D 62 -24.42 28.38 32.97
CA VAL D 62 -23.62 27.69 33.99
C VAL D 62 -22.15 28.01 33.72
N PRO D 63 -21.31 28.15 34.73
CA PRO D 63 -19.87 28.36 34.49
C PRO D 63 -19.19 27.06 34.11
N ARG D 64 -17.96 27.20 33.62
CA ARG D 64 -17.11 26.08 33.27
C ARG D 64 -15.90 26.11 34.19
N CYS D 65 -16.07 25.55 35.38
CA CYS D 65 -15.00 25.47 36.37
C CYS D 65 -15.21 24.25 37.22
N ILE D 66 -14.28 24.01 38.15
CA ILE D 66 -14.37 22.85 39.03
C ILE D 66 -13.76 23.18 40.38
N PHE D 67 -14.55 23.04 41.43
CA PHE D 67 -14.09 23.24 42.79
C PHE D 67 -13.74 21.87 43.38
N LEU D 68 -12.48 21.67 43.72
CA LEU D 68 -11.99 20.38 44.16
C LEU D 68 -11.34 20.53 45.53
N ASP D 69 -11.67 19.61 46.44
CA ASP D 69 -11.18 19.69 47.81
C ASP D 69 -11.44 18.36 48.50
N LEU D 70 -10.96 18.25 49.73
CA LEU D 70 -11.14 17.06 50.55
C LEU D 70 -11.99 17.28 51.79
N GLU D 71 -11.98 18.48 52.36
CA GLU D 71 -12.87 18.80 53.48
C GLU D 71 -14.17 19.36 52.93
N PRO D 72 -15.32 18.76 53.24
CA PRO D 72 -16.58 19.37 52.80
C PRO D 72 -16.86 20.71 53.45
N THR D 73 -16.26 20.98 54.61
CA THR D 73 -16.59 22.13 55.43
C THR D 73 -16.55 23.46 54.68
N VAL D 74 -15.96 23.50 53.49
CA VAL D 74 -15.90 24.70 52.68
C VAL D 74 -16.70 24.57 51.40
N VAL D 75 -16.60 23.43 50.71
CA VAL D 75 -17.34 23.25 49.48
C VAL D 75 -18.85 23.25 49.75
N ASP D 76 -19.26 22.93 50.98
CA ASP D 76 -20.68 22.98 51.30
C ASP D 76 -21.15 24.42 51.49
N GLU D 77 -20.26 25.32 51.92
CA GLU D 77 -20.61 26.73 51.99
C GLU D 77 -21.07 27.23 50.62
N VAL D 78 -20.40 26.80 49.57
CA VAL D 78 -20.85 27.13 48.22
C VAL D 78 -22.21 26.51 47.96
N ARG D 79 -22.46 25.34 48.53
CA ARG D 79 -23.76 24.69 48.34
C ARG D 79 -24.87 25.44 49.08
N THR D 80 -24.53 26.18 50.13
CA THR D 80 -25.53 26.94 50.87
C THR D 80 -25.46 28.43 50.62
N GLY D 81 -24.37 28.92 50.04
CA GLY D 81 -24.25 30.33 49.72
C GLY D 81 -25.22 30.76 48.65
N THR D 82 -25.16 32.05 48.27
CA THR D 82 -26.05 32.54 47.24
C THR D 82 -25.72 31.97 45.87
N TYR D 83 -24.52 31.45 45.67
CA TYR D 83 -24.13 30.84 44.40
C TYR D 83 -24.29 29.32 44.44
N ARG D 84 -25.52 28.88 44.75
CA ARG D 84 -25.82 27.46 44.74
C ARG D 84 -26.66 27.05 43.54
N GLN D 85 -27.50 27.95 43.02
CA GLN D 85 -28.19 27.69 41.76
C GLN D 85 -27.24 27.82 40.57
N LEU D 86 -26.02 28.29 40.78
CA LEU D 86 -25.12 28.58 39.67
C LEU D 86 -24.41 27.32 39.18
N PHE D 87 -23.71 26.63 40.08
CA PHE D 87 -22.83 25.55 39.67
C PHE D 87 -23.61 24.25 39.42
N HIS D 88 -23.13 23.48 38.46
CA HIS D 88 -23.56 22.11 38.32
C HIS D 88 -23.15 21.35 39.57
N PRO D 89 -24.07 20.70 40.28
CA PRO D 89 -23.72 20.10 41.57
C PRO D 89 -22.59 19.10 41.52
N GLU D 90 -22.22 18.60 40.34
CA GLU D 90 -21.10 17.68 40.26
C GLU D 90 -19.75 18.39 40.17
N GLN D 91 -19.73 19.65 39.71
CA GLN D 91 -18.46 20.37 39.66
C GLN D 91 -17.88 20.55 41.05
N LEU D 92 -18.73 20.80 42.05
CA LEU D 92 -18.29 21.05 43.42
C LEU D 92 -17.88 19.72 44.04
N ILE D 93 -16.71 19.24 43.64
CA ILE D 93 -16.20 17.97 44.14
C ILE D 93 -15.69 18.16 45.55
N SER D 94 -15.85 17.13 46.38
CA SER D 94 -15.35 17.16 47.75
C SER D 94 -15.11 15.73 48.20
N GLY D 95 -14.43 15.60 49.34
CA GLY D 95 -14.09 14.30 49.87
C GLY D 95 -14.61 14.06 51.26
N LYS D 96 -14.14 12.99 51.91
CA LYS D 96 -14.55 12.66 53.26
C LYS D 96 -13.49 13.03 54.29
N GLU D 97 -12.27 12.53 54.11
CA GLU D 97 -11.15 12.86 54.97
C GLU D 97 -10.17 13.75 54.22
N ASP D 98 -9.41 14.54 54.97
CA ASP D 98 -8.56 15.56 54.36
C ASP D 98 -7.10 15.16 54.34
N ALA D 99 -6.31 15.96 53.62
CA ALA D 99 -4.89 15.67 53.45
C ALA D 99 -4.08 15.95 54.71
N ALA D 100 -4.58 16.81 55.59
CA ALA D 100 -3.95 17.08 56.88
C ALA D 100 -2.53 17.61 56.72
N ASN D 101 -2.38 18.60 55.83
CA ASN D 101 -1.12 19.29 55.61
C ASN D 101 0.05 18.32 55.50
N ASN D 102 -0.16 17.27 54.71
CA ASN D 102 0.81 16.19 54.56
C ASN D 102 0.85 15.81 53.09
N PHE D 103 1.95 16.16 52.41
CA PHE D 103 2.03 15.96 50.97
C PHE D 103 1.75 14.52 50.56
N ALA D 104 2.18 13.56 51.38
CA ALA D 104 1.98 12.16 51.03
C ALA D 104 0.50 11.82 50.92
N ARG D 105 -0.28 12.17 51.95
CA ARG D 105 -1.71 11.86 51.93
C ARG D 105 -2.40 12.45 50.71
N GLY D 106 -2.06 13.70 50.36
CA GLY D 106 -2.65 14.31 49.18
C GLY D 106 -2.14 13.75 47.88
N HIS D 107 -1.14 12.90 47.91
CA HIS D 107 -0.53 12.35 46.70
C HIS D 107 -0.69 10.85 46.56
N TYR D 108 -0.47 10.10 47.65
CA TYR D 108 -0.40 8.64 47.56
C TYR D 108 -1.65 7.96 48.09
N THR D 109 -2.19 8.40 49.22
CA THR D 109 -3.30 7.70 49.85
C THR D 109 -4.65 8.21 49.35
N ILE D 110 -4.92 9.50 49.53
CA ILE D 110 -6.24 10.04 49.20
C ILE D 110 -6.33 10.57 47.78
N GLY D 111 -5.24 11.07 47.23
CA GLY D 111 -5.29 11.64 45.89
C GLY D 111 -5.73 10.63 44.85
N LYS D 112 -5.30 9.38 44.99
CA LYS D 112 -5.52 8.36 43.97
C LYS D 112 -6.97 7.91 43.86
N GLU D 113 -7.83 8.27 44.80
CA GLU D 113 -9.17 7.71 44.83
C GLU D 113 -10.25 8.71 44.42
N ILE D 114 -9.89 9.94 44.09
CA ILE D 114 -10.87 10.88 43.57
C ILE D 114 -10.46 11.48 42.23
N VAL D 115 -9.20 11.34 41.81
CA VAL D 115 -8.79 11.88 40.52
C VAL D 115 -9.56 11.19 39.39
N ASP D 116 -9.82 9.89 39.54
CA ASP D 116 -10.62 9.19 38.54
C ASP D 116 -12.00 9.80 38.40
N LEU D 117 -12.52 10.43 39.46
CA LEU D 117 -13.79 11.13 39.38
C LEU D 117 -13.62 12.50 38.75
N ALA D 118 -12.67 13.29 39.26
CA ALA D 118 -12.42 14.62 38.71
C ALA D 118 -12.16 14.58 37.21
N LEU D 119 -11.40 13.58 36.77
CA LEU D 119 -11.02 13.51 35.36
C LEU D 119 -12.25 13.31 34.47
N ASP D 120 -13.22 12.54 34.94
CA ASP D 120 -14.43 12.33 34.15
C ASP D 120 -15.16 13.65 33.92
N ARG D 121 -15.15 14.53 34.91
CA ARG D 121 -15.73 15.85 34.75
C ARG D 121 -15.07 16.59 33.59
N ILE D 122 -13.74 16.63 33.60
CA ILE D 122 -13.00 17.36 32.58
C ILE D 122 -13.35 16.83 31.19
N ARG D 123 -13.42 15.52 31.04
CA ARG D 123 -13.80 14.96 29.75
C ARG D 123 -15.19 15.42 29.35
N LYS D 124 -16.13 15.41 30.30
CA LYS D 124 -17.45 15.96 30.05
C LYS D 124 -17.48 17.48 30.13
N LEU D 125 -16.37 18.10 30.52
CA LEU D 125 -16.26 19.55 30.51
C LEU D 125 -15.53 20.07 29.29
N ALA D 126 -14.93 19.18 28.49
CA ALA D 126 -14.22 19.57 27.28
C ALA D 126 -14.93 19.17 26.00
N ASP D 127 -15.91 18.27 26.06
CA ASP D 127 -16.62 17.90 24.84
C ASP D 127 -17.42 19.08 24.30
N ASN D 128 -18.13 19.81 25.16
CA ASN D 128 -18.85 20.98 24.69
C ASN D 128 -17.87 22.05 24.22
N CYS D 129 -16.65 22.03 24.77
CA CYS D 129 -15.60 22.95 24.36
C CYS D 129 -15.22 22.63 22.93
N THR D 130 -15.26 23.64 22.07
CA THR D 130 -14.91 23.45 20.67
C THR D 130 -13.46 23.85 20.38
N GLY D 131 -13.03 25.00 20.90
CA GLY D 131 -11.64 25.40 20.81
C GLY D 131 -11.10 25.81 22.17
N LEU D 132 -10.28 24.96 22.78
CA LEU D 132 -9.87 25.16 24.16
C LEU D 132 -8.56 25.93 24.20
N GLN D 133 -8.57 27.09 24.85
CA GLN D 133 -7.35 27.88 24.98
C GLN D 133 -6.35 27.19 25.89
N GLY D 134 -6.71 26.97 27.15
CA GLY D 134 -5.82 26.30 28.07
C GLY D 134 -6.45 26.18 29.43
N PHE D 135 -5.93 25.22 30.20
CA PHE D 135 -6.37 25.03 31.57
C PHE D 135 -5.87 26.16 32.46
N LEU D 136 -6.53 26.33 33.60
CA LEU D 136 -6.24 27.42 34.51
C LEU D 136 -6.26 26.88 35.93
N VAL D 137 -5.07 26.78 36.54
CA VAL D 137 -4.89 26.04 37.79
C VAL D 137 -4.66 27.04 38.91
N PHE D 138 -5.67 27.21 39.76
CA PHE D 138 -5.55 28.00 40.97
C PHE D 138 -5.16 27.04 42.10
N ASN D 139 -3.96 27.21 42.62
CA ASN D 139 -3.38 26.25 43.55
C ASN D 139 -2.77 27.00 44.72
N ALA D 140 -2.69 26.33 45.86
CA ALA D 140 -2.06 26.88 47.06
C ALA D 140 -1.00 25.89 47.52
N VAL D 141 0.25 26.20 47.22
CA VAL D 141 1.36 25.33 47.63
C VAL D 141 1.62 25.53 49.10
N GLY D 142 1.73 24.43 49.84
CA GLY D 142 1.97 24.50 51.27
C GLY D 142 1.07 23.60 52.08
N GLY D 143 0.06 23.03 51.44
CA GLY D 143 -0.82 22.09 52.11
C GLY D 143 -0.87 20.77 51.40
N GLY D 144 -1.36 19.72 52.08
CA GLY D 144 -1.44 18.42 51.44
C GLY D 144 -2.34 18.43 50.22
N THR D 145 -3.52 19.04 50.35
CA THR D 145 -4.45 19.08 49.22
C THR D 145 -3.91 19.98 48.11
N GLY D 146 -3.35 21.14 48.48
CA GLY D 146 -2.83 22.04 47.47
C GLY D 146 -1.62 21.46 46.76
N SER D 147 -0.69 20.87 47.50
CA SER D 147 0.54 20.37 46.93
C SER D 147 0.43 18.94 46.43
N GLY D 148 -0.25 18.07 47.18
CA GLY D 148 -0.35 16.68 46.80
C GLY D 148 -1.32 16.45 45.66
N LEU D 149 -2.59 16.82 45.87
CA LEU D 149 -3.58 16.66 44.82
C LEU D 149 -3.19 17.45 43.58
N GLY D 150 -2.74 18.69 43.75
CA GLY D 150 -2.31 19.49 42.61
C GLY D 150 -1.24 18.79 41.79
N SER D 151 -0.22 18.24 42.47
CA SER D 151 0.82 17.52 41.77
C SER D 151 0.27 16.30 41.05
N LEU D 152 -0.50 15.47 41.76
CA LEU D 152 -1.08 14.29 41.15
C LEU D 152 -2.03 14.65 40.02
N LEU D 153 -2.73 15.77 40.13
CA LEU D 153 -3.67 16.15 39.09
C LEU D 153 -2.95 16.63 37.83
N LEU D 154 -1.90 17.42 37.99
CA LEU D 154 -1.20 17.98 36.83
C LEU D 154 -0.62 16.88 35.94
N GLU D 155 0.01 15.88 36.56
CA GLU D 155 0.56 14.78 35.77
C GLU D 155 -0.52 14.08 34.96
N ARG D 156 -1.71 13.93 35.54
CA ARG D 156 -2.80 13.34 34.78
C ARG D 156 -3.23 14.23 33.63
N LEU D 157 -3.12 15.55 33.78
CA LEU D 157 -3.51 16.44 32.70
C LEU D 157 -2.48 16.45 31.58
N SER D 158 -1.21 16.24 31.90
CA SER D 158 -0.17 16.23 30.87
C SER D 158 -0.35 15.04 29.93
N VAL D 159 -0.61 13.85 30.48
CA VAL D 159 -0.71 12.65 29.65
C VAL D 159 -2.03 12.56 28.90
N ASP D 160 -3.01 13.37 29.23
CA ASP D 160 -4.27 13.36 28.50
C ASP D 160 -4.25 14.32 27.31
N TYR D 161 -3.80 15.55 27.52
CA TYR D 161 -3.84 16.57 26.50
C TYR D 161 -2.46 16.97 26.01
N GLY D 162 -1.55 17.33 26.91
CA GLY D 162 -0.19 17.61 26.52
C GLY D 162 -0.05 18.86 25.69
N LYS D 163 -0.78 18.92 24.57
CA LYS D 163 -0.72 20.09 23.71
C LYS D 163 -1.46 21.29 24.30
N LYS D 164 -2.40 21.06 25.20
CA LYS D 164 -3.07 22.17 25.86
C LYS D 164 -2.17 22.77 26.91
N SER D 165 -2.40 24.05 27.20
CA SER D 165 -1.52 24.84 28.05
C SER D 165 -2.09 24.93 29.45
N LYS D 166 -1.24 24.73 30.45
CA LYS D 166 -1.62 24.84 31.85
C LYS D 166 -0.95 26.06 32.45
N LEU D 167 -1.75 26.95 33.02
CA LEU D 167 -1.25 28.15 33.69
C LEU D 167 -1.39 27.98 35.20
N GLY D 168 -0.28 28.12 35.91
CA GLY D 168 -0.28 27.87 37.33
C GLY D 168 -0.21 29.12 38.18
N PHE D 169 -1.32 29.49 38.79
CA PHE D 169 -1.38 30.59 39.75
C PHE D 169 -1.28 29.96 41.13
N THR D 170 -0.07 29.83 41.65
CA THR D 170 0.18 29.10 42.89
C THR D 170 0.64 30.08 43.96
N VAL D 171 -0.17 30.21 45.02
CA VAL D 171 0.26 30.94 46.19
C VAL D 171 1.49 30.25 46.77
N TYR D 172 2.50 31.03 47.08
CA TYR D 172 3.75 30.47 47.52
C TYR D 172 4.02 30.82 48.98
N PRO D 173 4.71 29.96 49.73
CA PRO D 173 5.01 30.27 51.13
C PRO D 173 5.89 31.51 51.26
N SER D 174 5.45 32.44 52.08
CA SER D 174 6.13 33.71 52.27
C SER D 174 7.29 33.56 53.25
N PRO D 175 8.23 34.50 53.25
CA PRO D 175 9.33 34.41 54.23
C PRO D 175 8.86 34.50 55.68
N GLN D 176 8.11 35.54 56.01
CA GLN D 176 7.69 35.76 57.40
C GLN D 176 6.37 35.07 57.71
N VAL D 177 5.31 35.41 56.99
CA VAL D 177 4.00 34.81 57.24
C VAL D 177 4.06 33.34 56.90
N SER D 178 3.69 32.49 57.86
CA SER D 178 3.66 31.05 57.62
C SER D 178 2.60 30.45 58.53
N THR D 179 1.48 30.03 57.96
CA THR D 179 0.39 29.45 58.72
C THR D 179 0.60 27.98 59.02
N ALA D 180 1.83 27.50 58.93
CA ALA D 180 2.13 26.10 59.20
C ALA D 180 3.61 25.96 59.49
N VAL D 181 4.00 24.77 59.91
CA VAL D 181 5.38 24.47 60.25
C VAL D 181 6.03 23.57 59.21
N VAL D 182 5.28 22.60 58.69
CA VAL D 182 5.82 21.65 57.71
C VAL D 182 5.62 22.14 56.28
N GLU D 183 5.17 23.38 56.09
CA GLU D 183 4.93 23.90 54.75
C GLU D 183 6.21 24.04 53.92
N PRO D 184 7.41 24.15 54.52
CA PRO D 184 8.62 23.98 53.70
C PRO D 184 8.65 22.68 52.90
N TYR D 185 8.36 21.55 53.53
CA TYR D 185 8.51 20.26 52.88
C TYR D 185 7.63 20.14 51.65
N ASN D 186 6.30 20.16 51.85
CA ASN D 186 5.40 19.95 50.73
C ASN D 186 5.51 21.03 49.68
N SER D 187 6.08 22.20 50.02
CA SER D 187 6.38 23.19 49.00
C SER D 187 7.53 22.76 48.12
N VAL D 188 8.49 22.02 48.68
CA VAL D 188 9.60 21.50 47.89
C VAL D 188 9.11 20.37 46.98
N LEU D 189 8.37 19.42 47.56
CA LEU D 189 7.89 18.28 46.79
C LEU D 189 7.05 18.71 45.59
N SER D 190 6.43 19.89 45.67
CA SER D 190 5.57 20.34 44.59
C SER D 190 6.35 20.65 43.32
N THR D 191 7.60 21.11 43.46
CA THR D 191 8.36 21.57 42.30
C THR D 191 8.57 20.44 41.29
N HIS D 192 9.13 19.32 41.74
CA HIS D 192 9.40 18.20 40.85
C HIS D 192 8.19 17.78 40.04
N SER D 193 6.99 18.11 40.50
CA SER D 193 5.77 17.70 39.82
C SER D 193 5.13 18.83 39.04
N LEU D 194 5.25 20.08 39.49
CA LEU D 194 4.69 21.18 38.72
C LEU D 194 5.58 21.55 37.54
N LEU D 195 6.90 21.57 37.77
CA LEU D 195 7.83 22.13 36.80
C LEU D 195 7.67 21.49 35.42
N GLU D 196 7.81 20.17 35.35
CA GLU D 196 7.70 19.50 34.07
C GLU D 196 6.29 19.50 33.50
N HIS D 197 5.29 19.91 34.28
CA HIS D 197 3.90 19.73 33.89
C HIS D 197 3.15 21.03 33.63
N THR D 198 3.48 22.11 34.32
CA THR D 198 2.86 23.38 34.00
C THR D 198 3.58 24.03 32.83
N ASP D 199 2.80 24.74 32.00
CA ASP D 199 3.40 25.46 30.88
C ASP D 199 3.99 26.77 31.35
N VAL D 200 3.36 27.42 32.31
CA VAL D 200 3.85 28.66 32.89
C VAL D 200 3.24 28.81 34.28
N ALA D 201 4.04 29.32 35.22
CA ALA D 201 3.65 29.34 36.63
C ALA D 201 3.85 30.74 37.20
N VAL D 202 2.76 31.40 37.52
CA VAL D 202 2.80 32.70 38.19
C VAL D 202 2.91 32.45 39.69
N MET D 203 3.53 33.38 40.39
CA MET D 203 3.71 33.25 41.83
C MET D 203 3.25 34.51 42.54
N LEU D 204 2.84 34.34 43.79
CA LEU D 204 2.39 35.43 44.63
C LEU D 204 2.33 34.96 46.07
N ASP D 205 2.69 35.82 47.01
CA ASP D 205 2.82 35.47 48.41
C ASP D 205 1.83 36.25 49.27
N ASN D 206 1.26 35.56 50.26
CA ASN D 206 0.28 36.19 51.13
C ASN D 206 0.88 37.33 51.92
N GLU D 207 2.21 37.42 52.03
CA GLU D 207 2.80 38.52 52.77
C GLU D 207 2.90 39.78 51.92
N ALA D 208 3.38 39.65 50.69
CA ALA D 208 3.53 40.83 49.84
C ALA D 208 2.20 41.51 49.60
N ILE D 209 1.13 40.73 49.47
CA ILE D 209 -0.18 41.32 49.23
C ILE D 209 -0.73 41.95 50.50
N TYR D 210 -0.13 41.65 51.65
CA TYR D 210 -0.55 42.30 52.89
C TYR D 210 -0.11 43.74 52.92
N ASP D 211 1.14 44.01 52.56
CA ASP D 211 1.65 45.37 52.61
C ASP D 211 0.99 46.24 51.55
N ILE D 212 0.67 45.66 50.39
CA ILE D 212 -0.11 46.38 49.39
C ILE D 212 -1.40 46.90 50.02
N CYS D 213 -2.02 46.10 50.88
CA CYS D 213 -3.21 46.57 51.59
C CYS D 213 -2.90 47.57 52.69
N ARG D 214 -1.62 47.80 53.00
CA ARG D 214 -1.26 48.78 54.03
C ARG D 214 -0.99 50.15 53.44
N ARG D 215 -0.01 50.25 52.53
CA ARG D 215 0.30 51.54 51.93
C ARG D 215 -0.83 52.02 51.03
N SER D 216 -1.19 51.23 50.04
CA SER D 216 -2.14 51.68 49.02
C SER D 216 -3.56 51.70 49.56
N LEU D 217 -4.10 50.54 49.93
CA LEU D 217 -5.51 50.47 50.30
C LEU D 217 -5.79 51.08 51.66
N ASP D 218 -4.78 51.22 52.52
CA ASP D 218 -4.95 51.79 53.85
C ASP D 218 -6.02 51.06 54.65
N ILE D 219 -6.13 49.76 54.42
CA ILE D 219 -7.06 48.91 55.15
C ILE D 219 -6.26 48.19 56.22
N GLU D 220 -6.65 48.39 57.48
CA GLU D 220 -5.86 47.96 58.62
C GLU D 220 -6.29 46.61 59.18
N ARG D 221 -7.43 46.08 58.75
CA ARG D 221 -7.90 44.77 59.17
C ARG D 221 -8.02 43.85 57.96
N PRO D 222 -6.92 43.56 57.28
CA PRO D 222 -7.01 42.75 56.07
C PRO D 222 -7.31 41.30 56.40
N THR D 223 -7.88 40.61 55.41
CA THR D 223 -8.38 39.27 55.59
C THR D 223 -8.26 38.57 54.24
N TYR D 224 -8.34 37.24 54.26
CA TYR D 224 -8.21 36.49 53.02
C TYR D 224 -9.24 36.92 51.99
N THR D 225 -10.43 37.31 52.44
CA THR D 225 -11.43 37.79 51.50
C THR D 225 -11.02 39.09 50.84
N ASN D 226 -10.12 39.85 51.46
CA ASN D 226 -9.64 41.08 50.83
C ASN D 226 -8.66 40.77 49.71
N LEU D 227 -7.67 39.92 49.98
CA LEU D 227 -6.63 39.65 49.01
C LEU D 227 -7.22 39.01 47.76
N ASN D 228 -8.11 38.04 47.95
CA ASN D 228 -8.73 37.39 46.82
C ASN D 228 -9.46 38.37 45.92
N ARG D 229 -9.97 39.47 46.49
CA ARG D 229 -10.55 40.53 45.69
C ARG D 229 -9.51 41.30 44.89
N LEU D 230 -8.22 40.98 45.06
CA LEU D 230 -7.15 41.51 44.23
C LEU D 230 -6.73 40.53 43.14
N ILE D 231 -6.65 39.24 43.48
CA ILE D 231 -6.27 38.25 42.48
C ILE D 231 -7.30 38.21 41.36
N ALA D 232 -8.59 38.22 41.72
CA ALA D 232 -9.63 38.27 40.69
C ALA D 232 -9.45 39.47 39.78
N GLN D 233 -8.91 40.57 40.30
CA GLN D 233 -8.63 41.72 39.47
C GLN D 233 -7.45 41.49 38.53
N VAL D 234 -6.63 40.48 38.80
CA VAL D 234 -5.56 40.12 37.88
C VAL D 234 -6.11 39.32 36.70
N ILE D 235 -6.75 38.20 36.99
CA ILE D 235 -7.27 37.34 35.93
C ILE D 235 -8.28 38.09 35.07
N SER D 236 -9.10 38.93 35.70
CA SER D 236 -9.99 39.78 34.91
C SER D 236 -9.19 40.62 33.92
N SER D 237 -8.07 41.18 34.38
CA SER D 237 -7.21 41.95 33.48
C SER D 237 -6.46 41.04 32.52
N LEU D 238 -6.16 39.82 32.95
CA LEU D 238 -5.34 38.94 32.13
C LEU D 238 -6.11 38.39 30.94
N THR D 239 -7.38 38.03 31.13
CA THR D 239 -8.20 37.46 30.08
C THR D 239 -9.21 38.45 29.52
N ALA D 240 -8.94 39.75 29.63
CA ALA D 240 -9.82 40.72 29.00
C ALA D 240 -9.84 40.57 27.49
N SER D 241 -8.67 40.30 26.90
CA SER D 241 -8.58 40.16 25.46
C SER D 241 -9.39 38.96 24.96
N LEU D 242 -9.52 37.92 25.78
CA LEU D 242 -10.27 36.74 25.37
C LEU D 242 -11.76 37.02 25.21
N ARG D 243 -12.27 38.06 25.86
CA ARG D 243 -13.71 38.30 25.89
C ARG D 243 -14.12 39.74 25.65
N PHE D 244 -13.18 40.68 25.56
CA PHE D 244 -13.50 42.07 25.35
C PHE D 244 -12.68 42.62 24.19
N ASP D 245 -13.34 43.37 23.31
CA ASP D 245 -12.66 44.00 22.19
C ASP D 245 -11.56 44.92 22.70
N GLY D 246 -10.62 45.24 21.81
CA GLY D 246 -9.54 46.12 22.18
C GLY D 246 -8.36 46.08 21.23
N ALA D 247 -7.63 47.19 21.14
CA ALA D 247 -6.43 47.22 20.33
C ALA D 247 -5.41 46.24 20.88
N LEU D 248 -4.78 45.48 19.99
CA LEU D 248 -3.79 44.47 20.35
C LEU D 248 -4.40 43.41 21.28
N ASN D 249 -5.40 42.71 20.76
CA ASN D 249 -5.96 41.57 21.48
C ASN D 249 -4.91 40.48 21.62
N VAL D 250 -4.60 40.10 22.85
CA VAL D 250 -3.51 39.19 23.14
C VAL D 250 -4.10 37.88 23.67
N ASP D 251 -3.91 36.81 22.92
CA ASP D 251 -4.39 35.49 23.33
C ASP D 251 -3.41 34.89 24.32
N ILE D 252 -3.56 33.60 24.60
CA ILE D 252 -2.68 32.93 25.56
C ILE D 252 -1.39 32.49 24.90
N THR D 253 -1.50 31.84 23.74
CA THR D 253 -0.31 31.35 23.03
C THR D 253 0.65 32.51 22.73
N GLU D 254 0.13 33.62 22.23
CA GLU D 254 0.96 34.81 22.03
C GLU D 254 1.60 35.24 23.34
N PHE D 255 0.81 35.32 24.40
CA PHE D 255 1.31 35.71 25.72
C PHE D 255 2.43 34.80 26.19
N GLN D 256 2.37 33.53 25.85
CA GLN D 256 3.28 32.52 26.34
C GLN D 256 4.55 32.41 25.50
N THR D 257 4.48 32.73 24.21
CA THR D 257 5.63 32.60 23.33
C THR D 257 6.74 33.56 23.73
N ASN D 258 6.42 34.84 23.87
CA ASN D 258 7.42 35.87 24.08
C ASN D 258 7.66 36.18 25.55
N LEU D 259 7.50 35.20 26.43
CA LEU D 259 7.74 35.42 27.83
C LEU D 259 8.65 34.34 28.42
N VAL D 260 8.60 33.15 27.84
CA VAL D 260 9.35 32.01 28.37
C VAL D 260 10.51 31.69 27.45
N PRO D 261 11.72 32.20 27.72
CA PRO D 261 12.83 31.94 26.80
C PRO D 261 13.25 30.49 26.75
N TYR D 262 13.31 29.82 27.90
CA TYR D 262 13.75 28.44 27.97
C TYR D 262 12.69 27.58 28.64
N PRO D 263 12.62 26.29 28.30
CA PRO D 263 11.56 25.45 28.88
C PRO D 263 11.60 25.37 30.38
N ARG D 264 12.72 25.73 31.02
CA ARG D 264 12.79 25.70 32.47
C ARG D 264 12.18 26.95 33.08
N ILE D 265 12.64 28.12 32.65
CA ILE D 265 12.28 29.37 33.31
C ILE D 265 10.86 29.76 32.95
N HIS D 266 9.91 29.39 33.80
CA HIS D 266 8.53 29.81 33.65
C HIS D 266 7.94 30.23 34.98
N PHE D 267 8.79 30.72 35.89
CA PHE D 267 8.36 31.26 37.17
C PHE D 267 8.49 32.77 37.12
N MET D 268 7.36 33.46 37.20
CA MET D 268 7.31 34.88 36.94
C MET D 268 6.57 35.60 38.05
N LEU D 269 6.66 36.92 38.01
CA LEU D 269 6.12 37.81 39.03
C LEU D 269 4.87 38.49 38.47
N SER D 270 4.18 39.22 39.34
CA SER D 270 3.00 39.94 38.94
C SER D 270 3.00 41.31 39.62
N SER D 271 2.09 42.16 39.17
CA SER D 271 1.91 43.48 39.73
C SER D 271 0.53 43.97 39.34
N TYR D 272 0.14 45.11 39.88
CA TYR D 272 -1.12 45.73 39.48
C TYR D 272 -1.07 47.20 39.84
N ALA D 273 -1.75 47.99 39.04
CA ALA D 273 -1.79 49.43 39.28
C ALA D 273 -2.87 50.05 38.40
N PRO D 274 -3.59 51.06 38.90
CA PRO D 274 -3.39 51.58 40.25
C PRO D 274 -4.20 50.84 41.29
N ILE D 275 -3.63 50.68 42.47
CA ILE D 275 -4.34 50.17 43.64
C ILE D 275 -4.43 51.34 44.62
N ILE D 276 -5.62 51.91 44.76
CA ILE D 276 -5.81 53.09 45.59
C ILE D 276 -7.17 53.00 46.27
N SER D 277 -7.27 53.70 47.40
CA SER D 277 -8.56 53.83 48.06
C SER D 277 -9.49 54.72 47.23
N ALA D 278 -10.79 54.53 47.44
CA ALA D 278 -11.79 55.25 46.67
C ALA D 278 -11.79 56.74 46.95
N GLU D 279 -10.91 57.24 47.81
CA GLU D 279 -10.83 58.66 48.12
C GLU D 279 -9.56 59.32 47.63
N LYS D 280 -8.43 58.59 47.58
CA LYS D 280 -7.21 59.19 47.08
C LYS D 280 -7.25 59.37 45.57
N ALA D 281 -8.21 58.74 44.89
CA ALA D 281 -8.45 59.08 43.50
C ALA D 281 -8.74 60.57 43.34
N TYR D 282 -9.32 61.19 44.37
CA TYR D 282 -9.54 62.63 44.35
C TYR D 282 -8.25 63.42 44.45
N HIS D 283 -7.10 62.76 44.67
CA HIS D 283 -5.82 63.44 44.76
C HIS D 283 -4.88 63.00 43.65
N GLU D 284 -5.41 62.49 42.54
CA GLU D 284 -4.52 62.01 41.49
C GLU D 284 -5.25 61.94 40.16
N GLN D 285 -4.45 61.92 39.08
CA GLN D 285 -4.94 61.75 37.73
C GLN D 285 -4.70 60.36 37.16
N LEU D 286 -3.64 59.66 37.60
CA LEU D 286 -3.43 58.27 37.25
C LEU D 286 -3.28 58.07 35.75
N SER D 287 -2.41 58.87 35.14
CA SER D 287 -2.21 58.79 33.71
C SER D 287 -1.51 57.48 33.35
N VAL D 288 -1.59 57.13 32.06
CA VAL D 288 -0.85 55.98 31.56
C VAL D 288 0.63 56.09 31.92
N ALA D 289 1.15 57.32 31.91
CA ALA D 289 2.55 57.51 32.30
C ALA D 289 2.76 57.12 33.75
N GLU D 290 1.88 57.58 34.64
CA GLU D 290 2.09 57.40 36.08
C GLU D 290 1.96 55.93 36.49
N ILE D 291 1.01 55.20 35.90
CA ILE D 291 0.74 53.83 36.33
C ILE D 291 1.92 52.92 36.02
N THR D 292 2.42 52.98 34.78
CA THR D 292 3.48 52.07 34.37
C THR D 292 4.79 52.31 35.10
N ASN D 293 4.96 53.47 35.71
CA ASN D 293 6.09 53.64 36.61
C ASN D 293 5.86 52.90 37.92
N ALA D 294 4.59 52.76 38.33
CA ALA D 294 4.25 52.08 39.55
C ALA D 294 4.17 50.57 39.39
N ALA D 295 3.90 50.08 38.18
CA ALA D 295 3.89 48.63 37.97
C ALA D 295 5.29 48.06 38.15
N PHE D 296 6.31 48.78 37.70
CA PHE D 296 7.69 48.35 37.86
C PHE D 296 8.29 48.75 39.20
N GLU D 297 7.52 49.40 40.07
CA GLU D 297 8.00 49.71 41.40
C GLU D 297 8.10 48.43 42.23
N PRO D 298 9.16 48.25 43.01
CA PRO D 298 9.32 46.98 43.74
C PRO D 298 8.27 46.76 44.80
N ALA D 299 7.75 47.83 45.41
CA ALA D 299 6.71 47.67 46.42
C ALA D 299 5.37 47.21 45.85
N SER D 300 5.16 47.34 44.54
CA SER D 300 3.92 46.92 43.91
C SER D 300 3.95 45.49 43.43
N MET D 301 4.96 44.71 43.83
CA MET D 301 4.99 43.31 43.48
C MET D 301 4.07 42.52 44.37
N MET D 302 3.51 41.44 43.84
CA MET D 302 2.68 40.54 44.62
C MET D 302 3.49 39.40 45.22
N VAL D 303 4.81 39.49 45.21
CA VAL D 303 5.68 38.49 45.80
C VAL D 303 6.83 39.22 46.48
N LYS D 304 7.33 38.63 47.57
CA LYS D 304 8.40 39.27 48.33
C LYS D 304 9.75 39.04 47.68
N CYS D 305 9.86 39.34 46.40
CA CYS D 305 11.12 39.32 45.67
C CYS D 305 11.52 40.75 45.33
N ASP D 306 12.82 40.96 45.19
CA ASP D 306 13.36 42.28 44.89
C ASP D 306 13.93 42.27 43.49
N PRO D 307 13.25 42.83 42.49
CA PRO D 307 13.77 42.79 41.12
C PRO D 307 15.03 43.61 40.91
N ARG D 308 15.43 44.44 41.86
CA ARG D 308 16.64 45.22 41.71
C ARG D 308 17.90 44.40 41.95
N HIS D 309 17.79 43.20 42.50
CA HIS D 309 18.93 42.31 42.63
C HIS D 309 19.11 41.42 41.41
N GLY D 310 18.20 41.49 40.45
CA GLY D 310 18.29 40.65 39.28
C GLY D 310 18.14 41.41 37.99
N LYS D 311 17.72 40.72 36.94
CA LYS D 311 17.59 41.30 35.61
C LYS D 311 16.30 40.78 35.01
N TYR D 312 15.79 41.52 34.03
CA TYR D 312 14.54 41.17 33.37
C TYR D 312 14.83 40.44 32.08
N MET D 313 14.13 39.33 31.87
CA MET D 313 14.20 38.62 30.61
C MET D 313 13.07 38.98 29.67
N ALA D 314 11.95 39.43 30.22
CA ALA D 314 10.80 39.90 29.45
C ALA D 314 9.81 40.52 30.44
N CYS D 315 8.83 41.24 29.88
CA CYS D 315 7.70 41.75 30.62
C CYS D 315 6.50 41.68 29.69
N CYS D 316 5.31 41.64 30.29
CA CYS D 316 4.06 41.69 29.54
C CYS D 316 3.14 42.64 30.27
N LEU D 317 2.54 43.57 29.54
CA LEU D 317 1.73 44.63 30.14
C LEU D 317 0.34 44.56 29.53
N MET D 318 -0.67 44.39 30.37
CA MET D 318 -2.06 44.35 29.91
C MET D 318 -2.74 45.61 30.43
N TYR D 319 -2.86 46.63 29.60
CA TYR D 319 -3.53 47.83 30.03
C TYR D 319 -5.04 47.67 29.84
N ARG D 320 -5.79 48.57 30.45
CA ARG D 320 -7.24 48.47 30.40
C ARG D 320 -7.83 49.86 30.48
N GLY D 321 -8.90 50.10 29.75
CA GLY D 321 -9.63 51.34 29.86
C GLY D 321 -9.25 52.36 28.81
N ASP D 322 -9.42 53.64 29.14
CA ASP D 322 -9.15 54.73 28.20
C ASP D 322 -7.64 54.86 28.04
N VAL D 323 -7.09 54.02 27.16
CA VAL D 323 -5.66 53.98 26.88
C VAL D 323 -5.47 53.81 25.38
N VAL D 324 -4.60 54.63 24.81
CA VAL D 324 -4.30 54.57 23.39
C VAL D 324 -2.83 54.21 23.19
N PRO D 325 -2.48 53.47 22.13
CA PRO D 325 -1.12 52.93 22.02
C PRO D 325 -0.05 54.00 21.88
N LYS D 326 -0.39 55.21 21.48
CA LYS D 326 0.62 56.25 21.35
C LYS D 326 1.28 56.58 22.68
N ASP D 327 0.57 56.35 23.78
CA ASP D 327 1.10 56.61 25.11
C ASP D 327 1.74 55.38 25.74
N VAL D 328 1.35 54.19 25.30
CA VAL D 328 2.01 52.97 25.76
C VAL D 328 3.46 52.97 25.31
N ASN D 329 3.68 53.05 23.99
CA ASN D 329 5.01 53.04 23.44
C ASN D 329 5.88 54.16 23.98
N ALA D 330 5.26 55.23 24.49
CA ALA D 330 6.04 56.32 25.06
C ALA D 330 6.50 55.99 26.48
N SER D 331 5.59 55.46 27.30
CA SER D 331 5.95 55.16 28.68
C SER D 331 6.87 53.97 28.77
N VAL D 332 6.73 53.01 27.86
CA VAL D 332 7.68 51.90 27.81
C VAL D 332 9.05 52.39 27.40
N ALA D 333 9.11 53.38 26.50
CA ALA D 333 10.40 53.86 26.01
C ALA D 333 11.17 54.58 27.09
N THR D 334 10.50 55.29 27.98
CA THR D 334 11.20 55.99 29.06
C THR D 334 11.57 55.07 30.21
N ILE D 335 11.34 53.77 30.08
CA ILE D 335 11.70 52.81 31.11
C ILE D 335 12.96 52.05 30.74
N LYS D 336 13.11 51.68 29.47
CA LYS D 336 14.36 51.07 29.01
C LYS D 336 15.54 51.97 29.30
N THR D 337 15.30 53.29 29.41
CA THR D 337 16.39 54.22 29.68
C THR D 337 16.68 54.34 31.17
N LYS D 338 15.69 54.10 32.02
CA LYS D 338 15.90 54.18 33.47
C LYS D 338 17.01 53.24 33.88
N ARG D 339 17.88 53.72 34.78
CA ARG D 339 19.05 52.96 35.15
C ARG D 339 18.70 51.79 36.07
N THR D 340 17.75 51.99 36.99
CA THR D 340 17.44 50.98 37.98
C THR D 340 17.02 49.66 37.34
N ILE D 341 16.23 49.72 36.29
CA ILE D 341 15.70 48.53 35.65
C ILE D 341 16.75 47.97 34.68
N GLN D 342 17.27 46.79 35.01
CA GLN D 342 18.33 46.14 34.24
C GLN D 342 17.74 45.02 33.42
N PHE D 343 17.94 45.07 32.11
CA PHE D 343 17.46 44.05 31.21
C PHE D 343 18.62 43.18 30.77
N VAL D 344 18.47 41.86 30.88
CA VAL D 344 19.52 40.95 30.46
C VAL D 344 19.80 41.17 28.99
N ASP D 345 21.09 41.07 28.62
CA ASP D 345 21.53 41.59 27.33
C ASP D 345 20.87 40.89 26.16
N TRP D 346 20.59 39.60 26.29
CA TRP D 346 20.12 38.93 25.08
C TRP D 346 18.67 39.23 24.76
N CYS D 347 18.03 40.23 25.36
CA CYS D 347 16.73 40.71 24.89
C CYS D 347 16.74 42.23 24.91
N PRO D 348 17.02 42.87 23.77
CA PRO D 348 16.85 44.34 23.72
C PRO D 348 15.39 44.75 23.77
N THR D 349 14.51 43.92 23.23
CA THR D 349 13.07 44.02 23.42
C THR D 349 12.72 43.46 24.79
N GLY D 350 11.46 43.09 25.00
CA GLY D 350 11.10 42.53 26.27
C GLY D 350 9.70 42.86 26.73
N PHE D 351 8.95 43.58 25.90
CA PHE D 351 7.60 43.99 26.24
C PHE D 351 6.63 43.52 25.16
N LYS D 352 5.69 42.68 25.56
CA LYS D 352 4.48 42.43 24.80
C LYS D 352 3.36 43.21 25.49
N CYS D 353 2.75 44.15 24.78
CA CYS D 353 1.77 45.05 25.35
C CYS D 353 0.37 44.70 24.86
N GLY D 354 -0.59 44.83 25.75
CA GLY D 354 -1.98 44.54 25.43
C GLY D 354 -2.87 45.65 25.92
N ILE D 355 -3.83 46.04 25.08
CA ILE D 355 -4.75 47.12 25.38
C ILE D 355 -6.17 46.59 25.30
N ASN D 356 -7.03 47.12 26.16
CA ASN D 356 -8.46 46.84 26.09
C ASN D 356 -9.22 48.15 26.30
N TYR D 357 -10.42 48.20 25.76
CA TYR D 357 -11.28 49.35 25.93
C TYR D 357 -12.31 49.13 27.02
N GLN D 358 -12.29 47.97 27.69
CA GLN D 358 -13.22 47.66 28.76
C GLN D 358 -12.53 47.92 30.09
N PRO D 359 -12.82 49.04 30.76
CA PRO D 359 -12.13 49.35 32.00
C PRO D 359 -12.39 48.30 33.07
N PRO D 360 -11.55 48.23 34.09
CA PRO D 360 -11.74 47.21 35.13
C PRO D 360 -13.04 47.44 35.89
N THR D 361 -13.78 46.35 36.09
CA THR D 361 -15.04 46.43 36.81
C THR D 361 -14.78 46.46 38.31
N VAL D 362 -15.71 47.07 39.04
CA VAL D 362 -15.63 47.20 40.49
C VAL D 362 -16.82 46.50 41.10
N VAL D 363 -16.57 45.78 42.19
CA VAL D 363 -17.61 45.03 42.88
C VAL D 363 -18.16 45.89 44.01
N PRO D 364 -19.46 45.90 44.26
CA PRO D 364 -19.97 46.59 45.44
C PRO D 364 -19.40 45.98 46.71
N GLY D 365 -19.00 46.84 47.63
CA GLY D 365 -18.35 46.39 48.84
C GLY D 365 -16.87 46.15 48.73
N GLY D 366 -16.27 46.38 47.57
CA GLY D 366 -14.84 46.23 47.40
C GLY D 366 -14.08 47.42 47.96
N ASP D 367 -12.76 47.33 47.85
CA ASP D 367 -11.87 48.36 48.37
C ASP D 367 -11.26 49.25 47.29
N LEU D 368 -11.14 48.76 46.06
CA LEU D 368 -10.56 49.54 44.99
C LEU D 368 -11.48 50.69 44.61
N ALA D 369 -11.06 51.48 43.64
CA ALA D 369 -11.83 52.63 43.18
C ALA D 369 -12.18 52.46 41.71
N LYS D 370 -13.30 53.04 41.31
CA LYS D 370 -13.67 53.06 39.90
C LYS D 370 -12.69 53.96 39.16
N VAL D 371 -11.91 53.37 38.25
CA VAL D 371 -10.94 54.10 37.46
C VAL D 371 -11.17 53.79 35.99
N GLN D 372 -10.49 54.54 35.14
CA GLN D 372 -10.59 54.34 33.71
C GLN D 372 -9.27 53.87 33.09
N ARG D 373 -8.23 53.71 33.89
CA ARG D 373 -6.95 53.20 33.42
C ARG D 373 -6.39 52.26 34.47
N ALA D 374 -5.92 51.11 34.04
CA ALA D 374 -5.40 50.11 34.97
C ALA D 374 -4.39 49.25 34.22
N VAL D 375 -3.41 48.76 34.96
CA VAL D 375 -2.29 48.01 34.37
C VAL D 375 -2.03 46.78 35.22
N CYS D 376 -1.79 45.66 34.54
CA CYS D 376 -1.34 44.43 35.17
C CYS D 376 -0.08 43.96 34.44
N MET D 377 1.02 43.93 35.17
CA MET D 377 2.31 43.56 34.61
C MET D 377 2.69 42.17 35.09
N ILE D 378 3.30 41.39 34.21
CA ILE D 378 3.73 40.03 34.54
C ILE D 378 5.12 39.84 33.96
N SER D 379 6.14 39.88 34.82
CA SER D 379 7.52 39.91 34.38
C SER D 379 8.23 38.60 34.69
N ASN D 380 9.07 38.16 33.77
CA ASN D 380 9.95 37.02 33.97
C ASN D 380 11.33 37.56 34.29
N SER D 381 11.75 37.41 35.54
CA SER D 381 13.00 37.99 36.01
C SER D 381 13.90 36.93 36.60
N THR D 382 15.19 37.21 36.64
CA THR D 382 16.16 36.31 37.24
C THR D 382 16.40 36.60 38.71
N ALA D 383 15.75 37.62 39.27
CA ALA D 383 15.79 37.83 40.71
C ALA D 383 14.92 36.83 41.45
N ILE D 384 14.07 36.09 40.75
CA ILE D 384 13.18 35.10 41.36
C ILE D 384 13.94 34.03 42.12
N GLY D 385 15.26 33.96 41.95
CA GLY D 385 16.03 33.00 42.73
C GLY D 385 16.05 33.26 44.22
N GLU D 386 15.73 34.47 44.65
CA GLU D 386 15.73 34.80 46.07
C GLU D 386 14.73 33.95 46.83
N ILE D 387 13.45 34.15 46.53
CA ILE D 387 12.39 33.44 47.23
C ILE D 387 12.55 31.94 47.10
N PHE D 388 13.29 31.49 46.09
CA PHE D 388 13.50 30.08 45.84
C PHE D 388 14.70 29.52 46.58
N SER D 389 15.57 30.38 47.11
CA SER D 389 16.69 29.93 47.93
C SER D 389 16.38 29.94 49.42
N ARG D 390 15.43 30.76 49.86
CA ARG D 390 14.96 30.68 51.24
C ARG D 390 14.44 29.29 51.55
N LEU D 391 13.58 28.76 50.67
CA LEU D 391 13.09 27.40 50.84
C LEU D 391 14.24 26.41 50.91
N ASP D 392 15.27 26.60 50.09
CA ASP D 392 16.44 25.73 50.14
C ASP D 392 17.18 25.85 51.46
N HIS D 393 16.82 26.81 52.30
CA HIS D 393 17.46 26.93 53.61
C HIS D 393 16.63 26.28 54.70
N LYS D 394 15.33 26.61 54.76
CA LYS D 394 14.48 26.02 55.79
C LYS D 394 14.34 24.53 55.60
N PHE D 395 14.28 24.07 54.35
CA PHE D 395 14.23 22.63 54.12
C PHE D 395 15.50 21.95 54.59
N ASP D 396 16.65 22.54 54.30
CA ASP D 396 17.91 21.96 54.75
C ASP D 396 18.17 22.19 56.23
N LEU D 397 17.41 23.07 56.88
CA LEU D 397 17.58 23.30 58.30
C LEU D 397 16.80 22.30 59.14
N MET D 398 15.60 21.94 58.71
CA MET D 398 14.75 20.99 59.42
C MET D 398 15.04 19.55 59.03
N TYR D 399 15.28 19.28 57.73
CA TYR D 399 15.61 17.94 57.25
C TYR D 399 16.94 17.43 57.79
N ALA D 400 17.76 18.27 58.40
CA ALA D 400 18.99 17.78 59.00
C ALA D 400 18.69 16.86 60.17
N LYS D 401 17.50 16.98 60.75
CA LYS D 401 17.11 16.16 61.89
C LYS D 401 16.01 15.17 61.56
N ARG D 402 15.60 15.07 60.30
CA ARG D 402 14.51 14.20 59.89
C ARG D 402 13.22 14.51 60.66
N ALA D 403 13.06 15.76 61.09
CA ALA D 403 11.86 16.16 61.80
C ALA D 403 10.64 16.00 60.91
N PHE D 404 9.54 15.54 61.52
CA PHE D 404 8.26 15.35 60.86
C PHE D 404 8.30 14.34 59.73
N VAL D 405 9.40 13.59 59.59
CA VAL D 405 9.50 12.65 58.47
C VAL D 405 8.58 11.45 58.70
N HIS D 406 8.49 10.97 59.94
CA HIS D 406 7.72 9.77 60.21
C HIS D 406 6.26 9.89 59.80
N TRP D 407 5.79 11.11 59.52
CA TRP D 407 4.45 11.26 58.96
C TRP D 407 4.45 10.97 57.47
N TYR D 408 5.47 11.49 56.75
CA TYR D 408 5.53 11.28 55.32
C TYR D 408 5.87 9.83 54.99
N VAL D 409 6.78 9.21 55.75
CA VAL D 409 7.16 7.84 55.46
C VAL D 409 6.03 6.87 55.81
N GLY D 410 5.13 7.26 56.69
CA GLY D 410 4.04 6.39 57.08
C GLY D 410 2.87 6.35 56.14
N GLU D 411 2.91 7.13 55.06
CA GLU D 411 1.80 7.28 54.13
C GLU D 411 2.19 6.84 52.72
N GLY D 412 2.96 5.78 52.62
CA GLY D 412 3.36 5.28 51.32
C GLY D 412 4.35 6.18 50.61
N MET D 413 5.33 6.69 51.36
CA MET D 413 6.42 7.45 50.76
C MET D 413 7.74 6.85 51.20
N GLU D 414 8.84 7.51 50.88
CA GLU D 414 10.17 6.99 51.21
C GLU D 414 11.10 8.17 51.49
N GLU D 415 12.36 7.85 51.76
CA GLU D 415 13.36 8.85 52.06
C GLU D 415 14.00 9.43 50.80
N GLY D 416 13.93 8.72 49.68
CA GLY D 416 14.48 9.26 48.45
C GLY D 416 13.73 10.48 47.96
N GLU D 417 12.40 10.48 48.12
CA GLU D 417 11.59 11.57 47.63
C GLU D 417 11.96 12.90 48.26
N PHE D 418 12.73 12.90 49.35
CA PHE D 418 13.17 14.14 49.95
C PHE D 418 14.43 14.66 49.28
N SER D 419 15.47 13.83 49.21
CA SER D 419 16.71 14.26 48.56
C SER D 419 16.50 14.48 47.07
N GLU D 420 15.65 13.68 46.43
CA GLU D 420 15.37 13.89 45.01
C GLU D 420 14.77 15.26 44.77
N ALA D 421 13.68 15.58 45.46
CA ALA D 421 13.05 16.89 45.30
C ALA D 421 13.95 18.01 45.79
N ARG D 422 15.03 17.69 46.50
CA ARG D 422 15.95 18.73 46.92
C ARG D 422 16.92 19.11 45.81
N GLU D 423 17.45 18.12 45.08
CA GLU D 423 18.38 18.43 44.01
C GLU D 423 17.70 19.21 42.90
N ASP D 424 16.45 18.88 42.60
CA ASP D 424 15.70 19.61 41.58
C ASP D 424 15.71 21.10 41.83
N LEU D 425 15.77 21.52 43.10
CA LEU D 425 15.83 22.94 43.39
C LEU D 425 17.20 23.50 43.08
N ALA D 426 18.26 22.78 43.42
CA ALA D 426 19.60 23.19 43.02
C ALA D 426 19.73 23.17 41.51
N ALA D 427 19.26 22.10 40.86
CA ALA D 427 19.24 22.06 39.41
C ALA D 427 18.52 23.26 38.82
N LEU D 428 17.61 23.86 39.57
CA LEU D 428 16.88 25.02 39.08
C LEU D 428 17.63 26.31 39.33
N GLU D 429 18.26 26.46 40.49
CA GLU D 429 18.89 27.74 40.81
C GLU D 429 20.11 27.99 39.93
N LYS D 430 20.80 26.94 39.50
CA LYS D 430 21.85 27.13 38.50
C LYS D 430 21.28 27.74 37.24
N ASP D 431 20.12 27.24 36.78
CA ASP D 431 19.50 27.79 35.60
C ASP D 431 19.18 29.26 35.75
N PHE D 432 18.94 29.72 36.98
CA PHE D 432 18.78 31.14 37.22
C PHE D 432 20.12 31.85 37.39
N GLU D 433 21.24 31.16 37.18
CA GLU D 433 22.55 31.78 37.16
C GLU D 433 23.29 31.59 35.86
N GLU D 434 23.00 30.53 35.10
CA GLU D 434 23.59 30.38 33.78
C GLU D 434 23.19 31.53 32.85
N VAL D 435 22.10 32.22 33.15
CA VAL D 435 21.56 33.26 32.28
C VAL D 435 22.23 34.60 32.57
N GLY D 436 23.28 34.58 33.39
CA GLY D 436 24.00 35.79 33.72
C GLY D 436 24.82 36.34 32.57
N MET E 1 28.88 136.62 -118.92
CA MET E 1 30.08 136.65 -119.73
C MET E 1 31.25 137.20 -118.92
N ARG E 2 30.99 138.25 -118.14
CA ARG E 2 31.96 138.86 -117.25
C ARG E 2 31.57 138.53 -115.81
N GLU E 3 31.96 137.34 -115.35
CA GLU E 3 31.59 136.86 -114.03
C GLU E 3 32.82 136.60 -113.18
N VAL E 4 32.65 136.75 -111.87
CA VAL E 4 33.68 136.46 -110.88
C VAL E 4 33.08 135.56 -109.81
N ILE E 5 33.96 135.04 -108.94
CA ILE E 5 33.55 134.16 -107.85
C ILE E 5 33.98 134.81 -106.55
N SER E 6 33.01 135.10 -105.69
CA SER E 6 33.29 135.70 -104.39
C SER E 6 33.39 134.61 -103.33
N ILE E 7 34.42 134.68 -102.49
CA ILE E 7 34.54 133.81 -101.35
C ILE E 7 34.55 134.70 -100.12
N HIS E 8 33.86 134.24 -99.08
CA HIS E 8 33.94 134.86 -97.76
C HIS E 8 34.39 133.77 -96.82
N ILE E 9 35.42 134.05 -96.01
CA ILE E 9 35.96 133.03 -95.13
C ILE E 9 35.89 133.53 -93.69
N GLY E 10 35.37 132.69 -92.81
CA GLY E 10 35.30 133.05 -91.42
C GLY E 10 34.17 134.00 -91.11
N GLN E 11 34.15 134.40 -89.84
CA GLN E 11 33.06 135.23 -89.34
C GLN E 11 33.05 136.58 -90.05
N ALA E 12 34.20 137.26 -90.10
CA ALA E 12 34.24 138.58 -90.69
C ALA E 12 34.02 138.50 -92.20
N GLY E 13 34.56 137.47 -92.83
CA GLY E 13 34.24 137.23 -94.23
C GLY E 13 32.75 137.23 -94.46
N ILE E 14 32.02 136.41 -93.71
CA ILE E 14 30.60 136.33 -93.98
C ILE E 14 29.81 137.52 -93.44
N GLN E 15 30.33 138.21 -92.42
CA GLN E 15 29.65 139.43 -91.99
C GLN E 15 29.76 140.53 -93.04
N VAL E 16 30.87 140.59 -93.76
CA VAL E 16 30.96 141.58 -94.82
C VAL E 16 30.21 141.08 -96.05
N GLY E 17 30.11 139.77 -96.23
CA GLY E 17 29.35 139.27 -97.36
C GLY E 17 27.86 139.47 -97.22
N ASN E 18 27.35 139.36 -95.99
CA ASN E 18 25.97 139.76 -95.73
C ASN E 18 25.69 141.14 -96.32
N ALA E 19 26.56 142.11 -96.06
CA ALA E 19 26.34 143.46 -96.55
C ALA E 19 26.56 143.57 -98.06
N CYS E 20 27.60 142.91 -98.56
CA CYS E 20 27.85 142.93 -100.00
C CYS E 20 26.64 142.42 -100.76
N TRP E 21 26.02 141.36 -100.27
CA TRP E 21 24.90 140.80 -100.99
C TRP E 21 23.59 141.53 -100.73
N GLU E 22 23.40 142.14 -99.55
CA GLU E 22 22.23 143.00 -99.36
C GLU E 22 22.32 144.22 -100.26
N LEU E 23 23.53 144.67 -100.57
CA LEU E 23 23.68 145.79 -101.48
C LEU E 23 23.44 145.38 -102.91
N TYR E 24 23.97 144.22 -103.30
CA TYR E 24 23.83 143.75 -104.68
C TYR E 24 22.38 143.46 -105.03
N CYS E 25 21.66 142.73 -104.16
CA CYS E 25 20.25 142.49 -104.40
C CYS E 25 19.48 143.80 -104.54
N LEU E 26 19.80 144.80 -103.73
CA LEU E 26 19.04 146.03 -103.84
C LEU E 26 19.45 146.82 -105.08
N GLU E 27 20.73 146.80 -105.45
CA GLU E 27 21.17 147.54 -106.62
C GLU E 27 20.61 146.97 -107.91
N HIS E 28 20.34 145.66 -107.93
CA HIS E 28 19.80 145.05 -109.13
C HIS E 28 18.31 144.71 -109.02
N GLY E 29 17.66 145.06 -107.91
CA GLY E 29 16.23 144.87 -107.87
C GLY E 29 15.84 143.48 -107.46
N ILE E 30 16.80 142.71 -106.95
CA ILE E 30 16.57 141.32 -106.59
C ILE E 30 15.84 141.29 -105.26
N GLN E 31 14.58 140.86 -105.27
CA GLN E 31 13.85 140.67 -104.04
C GLN E 31 14.54 139.61 -103.19
N PRO E 32 14.31 139.63 -101.87
CA PRO E 32 14.94 138.61 -101.02
C PRO E 32 14.62 137.18 -101.43
N ASP E 33 13.49 136.94 -102.07
CA ASP E 33 13.16 135.61 -102.57
C ASP E 33 13.74 135.35 -103.95
N GLY E 34 14.99 135.70 -104.17
CA GLY E 34 15.64 135.36 -105.43
C GLY E 34 15.26 136.14 -106.66
N GLN E 35 13.97 136.24 -106.96
CA GLN E 35 13.52 136.79 -108.22
C GLN E 35 13.40 138.31 -108.13
N MET E 36 12.97 138.91 -109.25
CA MET E 36 12.79 140.35 -109.41
C MET E 36 11.43 140.60 -110.03
N PRO E 37 10.92 141.85 -110.01
CA PRO E 37 9.64 142.12 -110.69
C PRO E 37 9.73 141.92 -112.20
N ASP E 46 20.27 141.74 -119.85
CA ASP E 46 21.04 140.98 -118.88
C ASP E 46 22.44 141.56 -118.71
N ASP E 47 23.29 140.82 -118.01
CA ASP E 47 24.67 141.16 -117.66
C ASP E 47 24.75 142.32 -116.67
N ALA E 48 23.64 142.94 -116.31
CA ALA E 48 23.65 143.86 -115.18
C ALA E 48 23.76 143.09 -113.88
N PHE E 49 23.31 141.84 -113.87
CA PHE E 49 23.47 140.95 -112.74
C PHE E 49 24.30 139.72 -113.05
N ASN E 50 24.45 139.36 -114.33
CA ASN E 50 25.14 138.14 -114.71
C ASN E 50 26.58 138.09 -114.23
N THR E 51 27.14 139.22 -113.79
CA THR E 51 28.44 139.18 -113.16
C THR E 51 28.40 138.45 -111.83
N PHE E 52 27.30 138.58 -111.08
CA PHE E 52 27.19 138.01 -109.75
C PHE E 52 26.10 136.98 -109.62
N PHE E 53 25.24 136.79 -110.61
CA PHE E 53 24.07 135.94 -110.45
C PHE E 53 23.98 134.95 -111.60
N SER E 54 23.21 133.89 -111.36
CA SER E 54 22.87 132.94 -112.41
C SER E 54 21.36 132.72 -112.33
N GLU E 55 20.67 132.90 -113.45
CA GLU E 55 19.24 132.68 -113.49
C GLU E 55 18.93 131.18 -113.50
N THR E 56 17.88 130.80 -112.79
CA THR E 56 17.48 129.41 -112.72
C THR E 56 16.40 129.15 -113.76
N GLY E 57 15.93 127.90 -113.83
CA GLY E 57 14.85 127.58 -114.74
C GLY E 57 13.51 128.14 -114.35
N ALA E 58 13.40 128.74 -113.17
CA ALA E 58 12.13 129.32 -112.73
C ALA E 58 12.43 130.62 -111.98
N GLY E 59 12.47 131.72 -112.72
CA GLY E 59 12.42 133.04 -112.12
C GLY E 59 13.64 133.48 -111.34
N LYS E 60 14.12 132.60 -110.48
CA LYS E 60 15.06 132.99 -109.44
C LYS E 60 16.43 133.35 -110.01
N HIS E 61 17.15 134.18 -109.27
CA HIS E 61 18.54 134.54 -109.57
C HIS E 61 19.37 134.19 -108.34
N VAL E 62 20.18 133.13 -108.44
CA VAL E 62 20.98 132.69 -107.30
C VAL E 62 22.37 133.32 -107.40
N PRO E 63 22.91 133.86 -106.31
CA PRO E 63 24.24 134.47 -106.37
C PRO E 63 25.33 133.43 -106.50
N ARG E 64 26.42 133.81 -107.17
CA ARG E 64 27.56 132.92 -107.36
C ARG E 64 28.65 133.24 -106.34
N CYS E 65 28.32 133.06 -105.07
CA CYS E 65 29.23 133.32 -103.96
C CYS E 65 29.37 132.07 -103.10
N ILE E 66 30.36 132.12 -102.21
CA ILE E 66 30.57 130.97 -101.33
C ILE E 66 30.99 131.45 -99.95
N PHE E 67 30.17 131.19 -98.94
CA PHE E 67 30.50 131.47 -97.55
C PHE E 67 31.11 130.21 -96.98
N LEU E 68 32.19 130.34 -96.20
CA LEU E 68 32.82 129.16 -95.65
C LEU E 68 33.28 129.47 -94.24
N ASP E 69 32.96 128.57 -93.31
CA ASP E 69 33.19 128.84 -91.90
C ASP E 69 33.14 127.54 -91.13
N LEU E 70 33.64 127.58 -89.91
CA LEU E 70 33.62 126.45 -88.98
C LEU E 70 32.67 126.68 -87.81
N GLU E 71 32.06 127.86 -87.72
CA GLU E 71 31.10 128.15 -86.66
C GLU E 71 29.69 128.08 -87.25
N PRO E 72 28.88 127.08 -86.90
CA PRO E 72 27.51 127.05 -87.40
C PRO E 72 26.65 128.17 -86.84
N THR E 73 27.10 128.81 -85.76
CA THR E 73 26.28 129.77 -85.03
C THR E 73 26.07 131.06 -85.78
N VAL E 74 26.80 131.28 -86.86
CA VAL E 74 26.63 132.48 -87.67
C VAL E 74 26.13 132.16 -89.07
N VAL E 75 26.25 130.91 -89.52
CA VAL E 75 25.64 130.55 -90.79
C VAL E 75 24.17 130.17 -90.59
N ASP E 76 23.76 129.73 -89.39
CA ASP E 76 22.34 129.56 -89.18
C ASP E 76 21.64 130.91 -89.13
N GLU E 77 22.37 131.95 -88.73
CA GLU E 77 21.84 133.31 -88.85
C GLU E 77 21.39 133.58 -90.27
N VAL E 78 22.26 133.33 -91.25
CA VAL E 78 21.90 133.58 -92.65
C VAL E 78 20.77 132.67 -93.08
N ARG E 79 20.83 131.40 -92.68
CA ARG E 79 19.79 130.44 -93.09
C ARG E 79 18.43 130.78 -92.50
N THR E 80 18.39 131.46 -91.36
CA THR E 80 17.11 131.89 -90.79
C THR E 80 16.69 133.31 -91.18
N GLY E 81 17.61 134.19 -91.55
CA GLY E 81 17.23 135.55 -91.84
C GLY E 81 16.33 135.72 -93.06
N THR E 82 16.08 136.98 -93.44
CA THR E 82 15.28 137.23 -94.63
C THR E 82 15.94 136.67 -95.88
N TYR E 83 17.27 136.74 -95.95
CA TYR E 83 18.00 136.30 -97.13
C TYR E 83 18.33 134.81 -97.07
N ARG E 84 17.31 133.99 -96.84
CA ARG E 84 17.50 132.55 -96.82
C ARG E 84 17.06 131.88 -98.11
N GLN E 85 16.01 132.39 -98.76
CA GLN E 85 15.60 131.86 -100.05
C GLN E 85 16.66 132.09 -101.11
N LEU E 86 17.55 133.07 -100.93
CA LEU E 86 18.55 133.40 -101.93
C LEU E 86 19.55 132.27 -102.18
N PHE E 87 20.35 131.96 -101.17
CA PHE E 87 21.51 131.13 -101.39
C PHE E 87 21.12 129.68 -101.59
N HIS E 88 21.80 129.03 -102.53
CA HIS E 88 21.70 127.59 -102.65
C HIS E 88 22.21 126.97 -101.36
N PRO E 89 21.49 126.02 -100.77
CA PRO E 89 21.93 125.46 -99.47
C PRO E 89 23.33 124.87 -99.52
N GLU E 90 23.72 124.28 -100.66
CA GLU E 90 25.02 123.65 -100.75
C GLU E 90 26.17 124.66 -100.71
N GLN E 91 25.91 125.93 -101.03
CA GLN E 91 26.98 126.91 -101.00
C GLN E 91 27.38 127.25 -99.57
N LEU E 92 26.41 127.56 -98.72
CA LEU E 92 26.70 127.88 -97.33
C LEU E 92 27.35 126.68 -96.64
N ILE E 93 28.64 126.77 -96.36
CA ILE E 93 29.42 125.67 -95.80
C ILE E 93 29.74 125.99 -94.36
N SER E 94 29.48 125.05 -93.45
CA SER E 94 29.74 125.22 -92.04
C SER E 94 30.49 124.01 -91.50
N GLY E 95 31.39 124.28 -90.57
CA GLY E 95 32.08 123.21 -89.88
C GLY E 95 31.36 122.86 -88.60
N LYS E 96 31.66 121.68 -88.04
CA LYS E 96 30.99 121.28 -86.81
C LYS E 96 31.64 121.94 -85.60
N GLU E 97 32.97 121.91 -85.51
CA GLU E 97 33.70 122.59 -84.46
C GLU E 97 34.54 123.71 -85.05
N ASP E 98 34.99 124.61 -84.18
CA ASP E 98 35.67 125.83 -84.58
C ASP E 98 37.18 125.70 -84.46
N ALA E 99 37.88 126.53 -85.24
CA ALA E 99 39.34 126.57 -85.20
C ALA E 99 39.87 127.23 -83.94
N ALA E 100 39.06 128.04 -83.27
CA ALA E 100 39.36 128.58 -81.96
C ALA E 100 40.64 129.42 -81.96
N ASN E 101 40.63 130.47 -82.78
CA ASN E 101 41.70 131.45 -82.89
C ASN E 101 43.08 130.81 -82.88
N ASN E 102 43.23 129.70 -83.60
CA ASN E 102 44.50 129.00 -83.68
C ASN E 102 44.80 128.73 -85.14
N PHE E 103 46.02 129.03 -85.56
CA PHE E 103 46.38 128.83 -86.96
C PHE E 103 46.45 127.35 -87.30
N ALA E 104 46.96 126.53 -86.38
CA ALA E 104 47.18 125.12 -86.69
C ALA E 104 45.85 124.38 -86.82
N ARG E 105 44.91 124.64 -85.90
CA ARG E 105 43.64 123.92 -85.95
C ARG E 105 42.93 124.17 -87.28
N GLY E 106 43.14 125.35 -87.86
CA GLY E 106 42.57 125.64 -89.16
C GLY E 106 43.39 125.16 -90.34
N HIS E 107 44.71 125.10 -90.21
CA HIS E 107 45.54 124.70 -91.34
C HIS E 107 45.79 123.20 -91.45
N TYR E 108 45.91 122.49 -90.34
CA TYR E 108 46.36 121.09 -90.35
C TYR E 108 45.30 120.09 -89.92
N THR E 109 44.50 120.42 -88.90
CA THR E 109 43.62 119.43 -88.27
C THR E 109 42.22 119.45 -88.86
N ILE E 110 41.53 120.59 -88.82
CA ILE E 110 40.16 120.68 -89.28
C ILE E 110 40.08 121.09 -90.74
N GLY E 111 40.76 122.18 -91.10
CA GLY E 111 40.53 122.80 -92.40
C GLY E 111 40.66 121.85 -93.57
N LYS E 112 41.49 120.81 -93.45
CA LYS E 112 41.72 119.92 -94.57
C LYS E 112 40.58 118.94 -94.82
N GLU E 113 39.62 118.83 -93.90
CA GLU E 113 38.53 117.89 -94.10
C GLU E 113 37.45 118.43 -95.02
N ILE E 114 37.24 119.74 -95.04
CA ILE E 114 36.13 120.30 -95.79
C ILE E 114 36.58 120.97 -97.09
N VAL E 115 37.87 121.01 -97.37
CA VAL E 115 38.33 121.60 -98.62
C VAL E 115 37.81 120.80 -99.80
N ASP E 116 37.57 119.50 -99.63
CA ASP E 116 37.03 118.72 -100.73
C ASP E 116 35.66 119.22 -101.14
N LEU E 117 34.78 119.46 -100.16
CA LEU E 117 33.45 119.99 -100.47
C LEU E 117 33.54 121.42 -100.98
N ALA E 118 34.44 122.20 -100.40
CA ALA E 118 34.68 123.55 -100.89
C ALA E 118 35.05 123.53 -102.36
N LEU E 119 35.98 122.65 -102.74
CA LEU E 119 36.45 122.61 -104.12
C LEU E 119 35.38 122.05 -105.05
N ASP E 120 34.59 121.08 -104.58
CA ASP E 120 33.49 120.57 -105.41
C ASP E 120 32.53 121.70 -105.77
N ARG E 121 32.15 122.49 -104.76
CA ARG E 121 31.28 123.63 -105.01
C ARG E 121 31.95 124.68 -105.88
N ILE E 122 33.24 124.89 -105.70
CA ILE E 122 33.94 125.88 -106.53
C ILE E 122 33.98 125.43 -107.98
N ARG E 123 34.22 124.14 -108.21
CA ARG E 123 34.21 123.60 -109.56
C ARG E 123 32.83 123.80 -110.19
N LYS E 124 31.79 123.41 -109.46
CA LYS E 124 30.43 123.58 -109.96
C LYS E 124 30.13 125.04 -110.28
N LEU E 125 30.57 125.97 -109.44
CA LEU E 125 30.32 127.38 -109.68
C LEU E 125 31.12 127.94 -110.85
N ALA E 126 32.35 127.46 -111.06
CA ALA E 126 33.15 127.91 -112.20
C ALA E 126 32.64 127.32 -113.51
N ASP E 127 32.05 126.14 -113.46
CA ASP E 127 31.50 125.56 -114.68
C ASP E 127 30.34 126.38 -115.25
N ASN E 128 29.47 126.93 -114.39
CA ASN E 128 28.41 127.79 -114.88
C ASN E 128 28.93 129.14 -115.36
N CYS E 129 30.22 129.38 -115.19
CA CYS E 129 30.86 130.60 -115.68
C CYS E 129 31.44 130.36 -117.06
N THR E 130 31.29 131.33 -117.95
CA THR E 130 31.88 131.19 -119.28
C THR E 130 33.22 131.92 -119.37
N GLY E 131 33.29 133.17 -118.94
CA GLY E 131 34.56 133.87 -118.87
C GLY E 131 34.88 134.32 -117.46
N LEU E 132 35.82 133.65 -116.80
CA LEU E 132 36.09 133.88 -115.38
C LEU E 132 37.13 134.97 -115.24
N GLN E 133 36.70 136.13 -114.72
CA GLN E 133 37.63 137.24 -114.54
C GLN E 133 38.62 136.95 -113.42
N GLY E 134 38.14 136.42 -112.31
CA GLY E 134 39.01 136.08 -111.22
C GLY E 134 38.22 135.90 -109.95
N PHE E 135 38.88 135.32 -108.96
CA PHE E 135 38.28 135.16 -107.65
C PHE E 135 38.48 136.41 -106.81
N LEU E 136 37.49 136.71 -105.98
CA LEU E 136 37.61 137.69 -104.91
C LEU E 136 37.51 136.90 -103.62
N VAL E 137 38.38 137.21 -102.67
CA VAL E 137 38.35 136.61 -101.34
C VAL E 137 38.18 137.74 -100.33
N PHE E 138 37.34 137.51 -99.33
CA PHE E 138 37.18 138.43 -98.20
C PHE E 138 37.55 137.66 -96.94
N ASN E 139 38.74 137.98 -96.43
CA ASN E 139 39.39 137.26 -95.36
C ASN E 139 39.62 138.19 -94.17
N ALA E 140 39.78 137.62 -92.99
CA ALA E 140 40.07 138.38 -91.78
C ALA E 140 41.28 137.75 -91.10
N VAL E 141 42.44 138.37 -91.23
CA VAL E 141 43.63 137.75 -90.69
C VAL E 141 43.68 137.99 -89.19
N GLY E 142 44.03 136.94 -88.44
CA GLY E 142 44.05 136.97 -86.99
C GLY E 142 43.27 135.82 -86.35
N GLY E 143 42.20 135.37 -87.01
CA GLY E 143 41.41 134.27 -86.52
C GLY E 143 42.00 132.93 -86.92
N GLY E 144 41.33 131.88 -86.50
CA GLY E 144 41.74 130.55 -86.90
C GLY E 144 41.13 130.15 -88.23
N THR E 145 39.85 130.48 -88.40
CA THR E 145 39.16 130.14 -89.63
C THR E 145 39.68 130.95 -90.80
N GLY E 146 39.62 132.28 -90.69
CA GLY E 146 40.01 133.13 -91.80
C GLY E 146 41.48 132.98 -92.15
N SER E 147 42.35 132.86 -91.14
CA SER E 147 43.76 132.77 -91.44
C SER E 147 44.16 131.38 -91.91
N GLY E 148 43.92 130.35 -91.08
CA GLY E 148 44.48 129.04 -91.37
C GLY E 148 43.80 128.36 -92.54
N LEU E 149 42.47 128.26 -92.49
CA LEU E 149 41.76 127.65 -93.61
C LEU E 149 41.84 128.50 -94.87
N GLY E 150 41.85 129.83 -94.73
CA GLY E 150 42.03 130.67 -95.89
C GLY E 150 43.37 130.45 -96.58
N SER E 151 44.45 130.41 -95.78
CA SER E 151 45.77 130.16 -96.32
C SER E 151 45.86 128.79 -96.98
N LEU E 152 45.21 127.79 -96.37
CA LEU E 152 45.20 126.47 -96.96
C LEU E 152 44.46 126.46 -98.29
N LEU E 153 43.27 127.07 -98.34
CA LEU E 153 42.46 127.04 -99.55
C LEU E 153 43.13 127.79 -100.68
N LEU E 154 43.90 128.83 -100.36
CA LEU E 154 44.60 129.57 -101.40
C LEU E 154 45.59 128.69 -102.16
N GLU E 155 46.30 127.83 -101.44
CA GLU E 155 47.25 126.93 -102.09
C GLU E 155 46.54 125.97 -103.03
N ARG E 156 45.44 125.38 -102.56
CA ARG E 156 44.64 124.51 -103.41
C ARG E 156 44.15 125.24 -104.65
N LEU E 157 43.66 126.46 -104.49
CA LEU E 157 43.17 127.24 -105.62
C LEU E 157 44.27 127.63 -106.59
N SER E 158 45.46 127.96 -106.10
CA SER E 158 46.55 128.30 -107.00
C SER E 158 47.11 127.07 -107.69
N VAL E 159 47.00 125.89 -107.07
CA VAL E 159 47.41 124.68 -107.76
C VAL E 159 46.39 124.30 -108.82
N ASP E 160 45.11 124.46 -108.52
CA ASP E 160 44.07 124.08 -109.48
C ASP E 160 44.04 125.04 -110.67
N TYR E 161 44.25 126.33 -110.46
CA TYR E 161 44.17 127.28 -111.55
C TYR E 161 45.52 127.91 -111.87
N GLY E 162 46.15 128.57 -110.90
CA GLY E 162 47.45 129.17 -111.13
C GLY E 162 47.40 130.38 -112.04
N LYS E 163 46.88 130.16 -113.25
CA LYS E 163 46.77 131.24 -114.22
C LYS E 163 45.84 132.34 -113.74
N LYS E 164 44.72 131.96 -113.14
CA LYS E 164 43.64 132.89 -112.82
C LYS E 164 44.09 133.89 -111.76
N SER E 165 43.33 134.97 -111.66
CA SER E 165 43.61 136.07 -110.74
C SER E 165 42.86 135.85 -109.42
N LYS E 166 43.51 136.23 -108.32
CA LYS E 166 42.88 136.21 -107.00
C LYS E 166 43.12 137.55 -106.34
N LEU E 167 42.05 138.31 -106.10
CA LEU E 167 42.11 139.47 -105.25
C LEU E 167 41.69 139.05 -103.86
N GLY E 168 42.38 139.57 -102.86
CA GLY E 168 42.01 139.31 -101.49
C GLY E 168 41.94 140.59 -100.68
N PHE E 169 40.79 140.87 -100.10
CA PHE E 169 40.62 142.00 -99.22
C PHE E 169 40.67 141.42 -97.81
N THR E 170 41.72 141.78 -97.07
CA THR E 170 42.06 141.12 -95.82
C THR E 170 41.96 142.12 -94.69
N VAL E 171 40.96 141.95 -93.84
CA VAL E 171 40.85 142.73 -92.63
C VAL E 171 42.05 142.43 -91.74
N TYR E 172 42.84 143.46 -91.46
CA TYR E 172 44.17 143.29 -90.93
C TYR E 172 44.26 143.74 -89.47
N PRO E 173 45.15 143.15 -88.67
CA PRO E 173 45.23 143.53 -87.25
C PRO E 173 45.70 144.96 -87.06
N SER E 174 44.89 145.75 -86.36
CA SER E 174 45.22 147.12 -86.05
C SER E 174 46.25 147.17 -84.92
N PRO E 175 47.08 148.23 -84.87
CA PRO E 175 48.14 148.28 -83.84
C PRO E 175 47.63 148.19 -82.41
N GLN E 176 46.76 149.11 -81.99
CA GLN E 176 46.32 149.10 -80.60
C GLN E 176 45.00 148.36 -80.42
N VAL E 177 44.01 148.65 -81.26
CA VAL E 177 42.73 147.95 -81.20
C VAL E 177 42.96 146.52 -81.64
N SER E 178 42.82 145.58 -80.72
CA SER E 178 43.05 144.17 -81.02
C SER E 178 42.15 143.33 -80.12
N THR E 179 41.14 142.70 -80.71
CA THR E 179 40.24 141.84 -79.96
C THR E 179 40.82 140.47 -79.67
N ALA E 180 42.10 140.26 -79.97
CA ALA E 180 42.74 138.96 -79.78
C ALA E 180 44.07 139.17 -79.07
N VAL E 181 44.67 138.05 -78.65
CA VAL E 181 45.92 138.08 -77.91
C VAL E 181 46.98 137.33 -78.70
N VAL E 182 46.57 136.35 -79.49
CA VAL E 182 47.48 135.53 -80.27
C VAL E 182 47.35 135.79 -81.76
N GLU E 183 46.66 136.85 -82.15
CA GLU E 183 46.51 137.17 -83.57
C GLU E 183 47.81 137.56 -84.27
N PRO E 184 48.83 138.12 -83.59
CA PRO E 184 50.10 138.32 -84.29
C PRO E 184 50.67 137.03 -84.88
N TYR E 185 50.54 135.92 -84.14
CA TYR E 185 51.05 134.64 -84.61
C TYR E 185 50.43 134.25 -85.94
N ASN E 186 49.11 134.21 -86.00
CA ASN E 186 48.48 133.71 -87.21
C ASN E 186 48.34 134.80 -88.27
N SER E 187 48.76 136.04 -87.98
CA SER E 187 48.99 136.95 -89.09
C SER E 187 50.33 136.67 -89.74
N VAL E 188 51.38 136.54 -88.93
CA VAL E 188 52.71 136.28 -89.46
C VAL E 188 52.73 134.96 -90.22
N LEU E 189 52.02 133.94 -89.71
CA LEU E 189 51.99 132.65 -90.38
C LEU E 189 51.24 132.70 -91.71
N SER E 190 50.15 133.47 -91.78
CA SER E 190 49.36 133.47 -92.99
C SER E 190 49.99 134.34 -94.07
N THR E 191 50.92 135.22 -93.68
CA THR E 191 51.63 136.02 -94.68
C THR E 191 52.23 135.13 -95.76
N HIS E 192 53.25 134.34 -95.40
CA HIS E 192 53.96 133.55 -96.41
C HIS E 192 53.02 132.83 -97.35
N SER E 193 51.86 132.40 -96.85
CA SER E 193 50.91 131.70 -97.68
C SER E 193 50.19 132.62 -98.63
N LEU E 194 49.63 133.74 -98.13
CA LEU E 194 48.89 134.64 -99.00
C LEU E 194 49.81 135.30 -100.01
N LEU E 195 50.98 135.71 -99.54
CA LEU E 195 52.01 136.31 -100.38
C LEU E 195 52.21 135.53 -101.68
N GLU E 196 52.60 134.27 -101.56
CA GLU E 196 52.97 133.49 -102.72
C GLU E 196 51.78 132.86 -103.43
N HIS E 197 50.55 133.18 -103.04
CA HIS E 197 49.41 132.56 -103.70
C HIS E 197 48.39 133.55 -104.25
N THR E 198 48.06 134.62 -103.55
CA THR E 198 47.16 135.60 -104.10
C THR E 198 47.89 136.48 -105.09
N ASP E 199 47.12 137.11 -105.97
CA ASP E 199 47.69 138.00 -106.98
C ASP E 199 47.60 139.46 -106.57
N VAL E 200 46.52 139.85 -105.90
CA VAL E 200 46.34 141.22 -105.44
C VAL E 200 45.85 141.17 -104.00
N ALA E 201 46.37 142.07 -103.16
CA ALA E 201 46.03 142.07 -101.74
C ALA E 201 45.71 143.49 -101.30
N VAL E 202 44.46 143.74 -100.97
CA VAL E 202 44.05 144.99 -100.37
C VAL E 202 43.94 144.76 -98.87
N MET E 203 44.28 145.79 -98.09
CA MET E 203 44.32 145.68 -96.65
C MET E 203 43.55 146.82 -96.02
N LEU E 204 42.92 146.55 -94.88
CA LEU E 204 42.08 147.56 -94.24
C LEU E 204 41.87 147.18 -92.78
N ASP E 205 41.78 148.18 -91.93
CA ASP E 205 41.75 148.01 -90.49
C ASP E 205 40.44 148.52 -89.92
N ASN E 206 39.90 147.76 -88.96
CA ASN E 206 38.68 148.20 -88.30
C ASN E 206 38.90 149.53 -87.60
N GLU E 207 40.11 149.78 -87.10
CA GLU E 207 40.39 151.05 -86.42
C GLU E 207 40.37 152.21 -87.40
N ALA E 208 41.07 152.06 -88.53
CA ALA E 208 41.02 153.09 -89.56
C ALA E 208 39.59 153.42 -89.94
N ILE E 209 38.75 152.40 -90.05
CA ILE E 209 37.37 152.66 -90.48
C ILE E 209 36.52 153.23 -89.34
N TYR E 210 36.76 152.83 -88.09
CA TYR E 210 36.13 153.48 -86.95
C TYR E 210 36.40 154.97 -86.97
N ASP E 211 37.63 155.33 -87.29
CA ASP E 211 38.00 156.74 -87.25
C ASP E 211 37.23 157.54 -88.28
N ILE E 212 37.04 156.99 -89.48
CA ILE E 212 36.23 157.67 -90.49
C ILE E 212 34.77 157.73 -90.06
N CYS E 213 34.25 156.65 -89.48
CA CYS E 213 32.88 156.66 -88.98
C CYS E 213 32.69 157.74 -87.92
N ARG E 214 33.69 157.91 -87.07
CA ARG E 214 33.67 158.99 -86.08
C ARG E 214 33.67 160.35 -86.76
N ARG E 215 34.71 160.62 -87.55
CA ARG E 215 34.93 161.94 -88.12
C ARG E 215 33.79 162.35 -89.05
N SER E 216 33.60 161.61 -90.15
CA SER E 216 32.70 162.09 -91.19
C SER E 216 31.25 161.75 -90.89
N LEU E 217 30.97 160.48 -90.61
CA LEU E 217 29.59 160.04 -90.43
C LEU E 217 29.00 160.48 -89.10
N ASP E 218 29.86 160.80 -88.13
CA ASP E 218 29.41 161.30 -86.83
C ASP E 218 28.49 160.29 -86.14
N ILE E 219 28.83 159.00 -86.24
CA ILE E 219 28.13 157.95 -85.51
C ILE E 219 29.02 157.53 -84.34
N GLU E 220 28.70 158.06 -83.17
CA GLU E 220 29.39 157.67 -81.93
C GLU E 220 29.01 156.27 -81.49
N ARG E 221 28.10 155.60 -82.20
CA ARG E 221 27.72 154.22 -81.94
C ARG E 221 28.06 153.37 -83.16
N PRO E 222 29.34 153.15 -83.43
CA PRO E 222 29.71 152.33 -84.59
C PRO E 222 29.77 150.86 -84.22
N THR E 223 29.42 150.03 -85.20
CA THR E 223 29.37 148.59 -85.04
C THR E 223 29.84 147.99 -86.36
N TYR E 224 30.04 146.68 -86.37
CA TYR E 224 30.61 146.02 -87.54
C TYR E 224 29.70 146.16 -88.75
N THR E 225 28.41 146.42 -88.52
CA THR E 225 27.49 146.61 -89.64
C THR E 225 27.89 147.80 -90.49
N ASN E 226 28.33 148.90 -89.88
CA ASN E 226 28.71 150.06 -90.68
C ASN E 226 30.00 149.81 -91.45
N LEU E 227 30.94 149.08 -90.85
CA LEU E 227 32.16 148.75 -91.57
C LEU E 227 31.83 147.89 -92.79
N ASN E 228 30.94 146.91 -92.60
CA ASN E 228 30.52 146.05 -93.71
C ASN E 228 29.81 146.86 -94.79
N ARG E 229 28.92 147.77 -94.39
CA ARG E 229 28.22 148.61 -95.36
C ARG E 229 29.15 149.53 -96.13
N LEU E 230 30.23 149.99 -95.50
CA LEU E 230 31.20 150.81 -96.22
C LEU E 230 31.99 149.97 -97.22
N ILE E 231 32.43 148.79 -96.80
CA ILE E 231 33.18 147.91 -97.69
C ILE E 231 32.29 147.45 -98.85
N ALA E 232 30.98 147.32 -98.60
CA ALA E 232 30.06 146.98 -99.67
C ALA E 232 30.12 148.00 -100.80
N GLN E 233 30.01 149.29 -100.48
CA GLN E 233 30.05 150.25 -101.58
C GLN E 233 31.46 150.44 -102.14
N VAL E 234 32.50 150.22 -101.37
CA VAL E 234 33.84 150.16 -101.95
C VAL E 234 33.88 149.15 -103.10
N ILE E 235 33.42 147.93 -102.81
CA ILE E 235 33.44 146.87 -103.81
C ILE E 235 32.46 147.16 -104.94
N SER E 236 31.32 147.79 -104.61
CA SER E 236 30.37 148.17 -105.65
C SER E 236 30.98 149.16 -106.62
N SER E 237 31.64 150.20 -106.10
CA SER E 237 32.31 151.18 -106.95
C SER E 237 33.40 150.52 -107.79
N LEU E 238 34.07 149.53 -107.22
CA LEU E 238 35.09 148.84 -108.01
C LEU E 238 34.48 148.01 -109.16
N THR E 239 33.42 147.25 -108.88
CA THR E 239 32.87 146.32 -109.86
C THR E 239 31.82 146.94 -110.79
N ALA E 240 31.73 148.26 -110.81
CA ALA E 240 30.86 148.91 -111.80
C ALA E 240 31.33 148.59 -113.21
N SER E 241 32.60 148.82 -113.52
CA SER E 241 33.07 148.58 -114.88
C SER E 241 32.77 147.16 -115.36
N LEU E 242 32.64 146.19 -114.46
CA LEU E 242 32.23 144.86 -114.86
C LEU E 242 30.74 144.79 -115.15
N ARG E 243 29.92 145.31 -114.24
CA ARG E 243 28.48 145.04 -114.34
C ARG E 243 27.60 146.21 -114.77
N PHE E 244 28.17 147.33 -115.19
CA PHE E 244 27.42 148.47 -115.69
C PHE E 244 28.19 149.13 -116.82
N ASP E 245 27.48 149.90 -117.63
CA ASP E 245 28.13 150.65 -118.70
C ASP E 245 28.92 151.81 -118.12
N GLY E 246 29.56 152.57 -119.01
CA GLY E 246 30.38 153.70 -118.59
C GLY E 246 31.68 153.78 -119.36
N ALA E 247 32.00 154.94 -119.89
CA ALA E 247 33.20 155.10 -120.70
C ALA E 247 34.44 154.85 -119.85
N LEU E 248 35.55 154.61 -120.54
CA LEU E 248 36.84 154.32 -119.91
C LEU E 248 36.71 153.12 -118.97
N ASN E 249 36.17 152.03 -119.52
CA ASN E 249 35.93 150.84 -118.72
C ASN E 249 37.23 150.27 -118.20
N VAL E 250 37.12 149.41 -117.19
CA VAL E 250 38.27 148.82 -116.53
C VAL E 250 37.95 147.36 -116.21
N ASP E 251 38.87 146.47 -116.54
CA ASP E 251 38.73 145.06 -116.22
C ASP E 251 39.88 144.67 -115.30
N ILE E 252 39.69 143.56 -114.58
CA ILE E 252 40.65 143.14 -113.57
C ILE E 252 42.01 142.88 -114.18
N THR E 253 42.03 142.33 -115.40
CA THR E 253 43.29 142.04 -116.06
C THR E 253 44.13 143.31 -116.22
N GLU E 254 43.60 144.30 -116.92
CA GLU E 254 44.34 145.54 -117.15
C GLU E 254 44.44 146.39 -115.90
N PHE E 255 43.67 146.09 -114.87
CA PHE E 255 43.82 146.78 -113.60
C PHE E 255 45.01 146.24 -112.83
N GLN E 256 45.16 144.91 -112.79
CA GLN E 256 46.28 144.29 -112.12
C GLN E 256 47.58 144.49 -112.89
N THR E 257 47.51 144.67 -114.21
CA THR E 257 48.73 144.93 -114.97
C THR E 257 49.44 146.18 -114.47
N ASN E 258 48.76 147.32 -114.50
CA ASN E 258 49.39 148.61 -114.29
C ASN E 258 49.38 149.06 -112.85
N LEU E 259 49.38 148.14 -111.89
CA LEU E 259 49.41 148.53 -110.48
C LEU E 259 50.45 147.74 -109.71
N VAL E 260 50.76 146.53 -110.18
CA VAL E 260 51.67 145.64 -109.47
C VAL E 260 52.91 145.43 -110.33
N PRO E 261 53.95 146.23 -110.15
CA PRO E 261 55.16 146.07 -110.98
C PRO E 261 55.86 144.75 -110.75
N TYR E 262 56.21 144.46 -109.51
CA TYR E 262 56.95 143.25 -109.22
C TYR E 262 56.01 142.18 -108.67
N PRO E 263 56.33 140.90 -108.89
CA PRO E 263 55.42 139.85 -108.40
C PRO E 263 55.22 139.87 -106.90
N ARG E 264 56.17 140.40 -106.14
CA ARG E 264 56.06 140.41 -104.69
C ARG E 264 55.18 141.55 -104.20
N ILE E 265 55.47 142.77 -104.65
CA ILE E 265 54.80 143.95 -104.13
C ILE E 265 53.38 144.02 -104.68
N HIS E 266 52.41 143.52 -103.92
CA HIS E 266 51.02 143.58 -104.34
C HIS E 266 50.10 143.93 -103.17
N PHE E 267 50.59 144.75 -102.24
CA PHE E 267 49.79 145.29 -101.17
C PHE E 267 49.42 146.73 -101.48
N MET E 268 48.15 147.07 -101.26
CA MET E 268 47.63 148.36 -101.66
C MET E 268 46.79 148.96 -100.54
N LEU E 269 46.48 150.24 -100.69
CA LEU E 269 45.64 150.99 -99.78
C LEU E 269 44.29 151.27 -100.43
N SER E 270 43.42 151.96 -99.72
CA SER E 270 42.09 152.22 -100.21
C SER E 270 41.52 153.46 -99.55
N SER E 271 40.63 154.14 -100.27
CA SER E 271 39.95 155.30 -99.76
C SER E 271 38.66 155.48 -100.52
N TYR E 272 37.72 156.21 -99.92
CA TYR E 272 36.44 156.46 -100.55
C TYR E 272 36.04 157.90 -100.27
N ALA E 273 35.28 158.48 -101.20
CA ALA E 273 34.84 159.86 -101.08
C ALA E 273 33.68 160.08 -102.04
N PRO E 274 32.63 160.79 -101.63
CA PRO E 274 32.51 161.45 -100.33
C PRO E 274 31.98 160.53 -99.26
N ILE E 275 32.20 160.91 -98.00
CA ILE E 275 31.66 160.20 -96.85
C ILE E 275 31.01 161.28 -95.98
N ILE E 276 29.68 161.39 -96.04
CA ILE E 276 28.96 162.49 -95.41
C ILE E 276 27.58 162.01 -94.98
N SER E 277 26.90 162.84 -94.20
CA SER E 277 25.54 162.59 -93.76
C SER E 277 24.57 163.39 -94.64
N ALA E 278 23.29 163.33 -94.28
CA ALA E 278 22.26 163.89 -95.13
C ALA E 278 22.16 165.41 -95.01
N GLU E 279 22.75 166.01 -93.96
CA GLU E 279 22.76 167.46 -93.89
C GLU E 279 24.05 168.05 -94.46
N LYS E 280 25.16 167.33 -94.35
CA LYS E 280 26.33 167.75 -95.10
C LYS E 280 26.08 167.60 -96.61
N ALA E 281 25.29 166.62 -97.03
CA ALA E 281 24.82 166.57 -98.42
C ALA E 281 24.29 167.92 -98.90
N TYR E 282 23.47 168.57 -98.07
CA TYR E 282 22.85 169.83 -98.47
C TYR E 282 23.77 171.03 -98.23
N HIS E 283 24.65 170.94 -97.24
CA HIS E 283 25.56 172.05 -96.93
C HIS E 283 26.89 171.97 -97.68
N GLU E 284 27.10 170.91 -98.48
CA GLU E 284 28.26 170.88 -99.36
C GLU E 284 27.79 170.97 -100.80
N GLN E 285 28.75 170.89 -101.72
CA GLN E 285 28.45 170.94 -103.15
C GLN E 285 29.10 169.85 -103.99
N LEU E 286 30.04 169.07 -103.45
CA LEU E 286 30.42 167.78 -104.03
C LEU E 286 31.06 167.93 -105.42
N SER E 287 32.13 168.70 -105.49
CA SER E 287 32.86 168.81 -106.75
C SER E 287 33.82 167.65 -106.92
N VAL E 288 34.15 167.36 -108.18
CA VAL E 288 35.12 166.31 -108.48
C VAL E 288 36.49 166.63 -107.90
N ALA E 289 36.90 167.90 -107.97
CA ALA E 289 38.21 168.26 -107.43
C ALA E 289 38.26 168.00 -105.93
N GLU E 290 37.21 168.37 -105.21
CA GLU E 290 37.25 168.18 -103.76
C GLU E 290 37.07 166.71 -103.38
N ILE E 291 36.28 165.95 -104.15
CA ILE E 291 36.14 164.55 -103.78
C ILE E 291 37.44 163.80 -104.03
N THR E 292 38.21 164.17 -105.06
CA THR E 292 39.52 163.53 -105.21
C THR E 292 40.53 164.03 -104.17
N ASN E 293 40.45 165.30 -103.76
CA ASN E 293 41.30 165.77 -102.67
C ASN E 293 41.03 164.98 -101.40
N ALA E 294 39.75 164.78 -101.08
CA ALA E 294 39.37 163.99 -99.91
C ALA E 294 39.79 162.53 -100.03
N ALA E 295 39.69 161.95 -101.23
CA ALA E 295 40.15 160.57 -101.42
C ALA E 295 41.64 160.44 -101.18
N PHE E 296 42.43 161.38 -101.69
CA PHE E 296 43.88 161.36 -101.50
C PHE E 296 44.29 161.83 -100.11
N GLU E 297 43.44 162.55 -99.40
CA GLU E 297 43.68 162.86 -97.99
C GLU E 297 44.01 161.60 -97.20
N PRO E 298 45.02 161.63 -96.33
CA PRO E 298 45.33 160.43 -95.53
C PRO E 298 44.24 160.05 -94.55
N ALA E 299 43.59 161.04 -93.94
CA ALA E 299 42.57 160.73 -92.94
C ALA E 299 41.41 159.92 -93.51
N SER E 300 41.26 159.88 -94.83
CA SER E 300 40.23 159.07 -95.46
C SER E 300 40.75 157.72 -95.93
N MET E 301 41.95 157.33 -95.51
CA MET E 301 42.47 156.01 -95.85
C MET E 301 41.77 154.93 -95.04
N MET E 302 41.60 153.78 -95.65
CA MET E 302 40.95 152.65 -95.00
C MET E 302 41.92 151.80 -94.20
N VAL E 303 43.15 152.26 -94.00
CA VAL E 303 44.13 151.56 -93.20
C VAL E 303 44.87 152.59 -92.36
N LYS E 304 45.39 152.15 -91.22
CA LYS E 304 46.08 153.05 -90.29
C LYS E 304 47.56 153.18 -90.62
N CYS E 305 47.84 153.55 -91.87
CA CYS E 305 49.18 153.85 -92.32
C CYS E 305 49.26 155.32 -92.73
N ASP E 306 50.47 155.84 -92.77
CA ASP E 306 50.69 157.23 -93.15
C ASP E 306 51.29 157.30 -94.54
N PRO E 307 50.55 157.78 -95.54
CA PRO E 307 51.11 157.84 -96.90
C PRO E 307 52.22 158.86 -97.06
N ARG E 308 52.42 159.76 -96.11
CA ARG E 308 53.43 160.79 -96.22
C ARG E 308 54.80 160.34 -95.77
N HIS E 309 54.95 159.08 -95.36
CA HIS E 309 56.24 158.53 -94.99
C HIS E 309 56.92 157.79 -96.12
N GLY E 310 56.25 157.62 -97.25
CA GLY E 310 56.80 156.90 -98.39
C GLY E 310 56.44 157.61 -99.67
N LYS E 311 56.32 156.83 -100.74
CA LYS E 311 56.04 157.36 -102.05
C LYS E 311 55.00 156.49 -102.74
N TYR E 312 54.39 157.04 -103.79
CA TYR E 312 53.31 156.38 -104.50
C TYR E 312 53.86 155.73 -105.75
N MET E 313 53.79 154.40 -105.81
CA MET E 313 54.24 153.69 -107.00
C MET E 313 53.18 153.69 -108.08
N ALA E 314 51.90 153.72 -107.70
CA ALA E 314 50.80 153.80 -108.66
C ALA E 314 49.49 154.02 -107.91
N CYS E 315 48.47 154.45 -108.65
CA CYS E 315 47.17 154.78 -108.10
C CYS E 315 46.10 154.36 -109.10
N CYS E 316 44.94 153.98 -108.57
CA CYS E 316 43.79 153.67 -109.41
C CYS E 316 42.59 154.44 -108.88
N LEU E 317 41.82 155.02 -109.78
CA LEU E 317 40.64 155.79 -109.41
C LEU E 317 39.44 155.24 -110.14
N MET E 318 38.31 155.17 -109.44
CA MET E 318 37.03 154.79 -110.02
C MET E 318 36.03 155.86 -109.64
N TYR E 319 35.46 156.53 -110.62
CA TYR E 319 34.43 157.53 -110.34
C TYR E 319 33.08 157.01 -110.79
N ARG E 320 32.04 157.48 -110.11
CA ARG E 320 30.69 157.05 -110.41
C ARG E 320 29.78 158.26 -110.43
N GLY E 321 28.88 158.28 -111.40
CA GLY E 321 27.91 159.35 -111.49
C GLY E 321 28.19 160.32 -112.60
N ASP E 322 27.66 161.53 -112.49
CA ASP E 322 27.85 162.55 -113.51
C ASP E 322 29.29 163.03 -113.43
N VAL E 323 30.17 162.38 -114.20
CA VAL E 323 31.59 162.68 -114.24
C VAL E 323 32.04 162.64 -115.69
N VAL E 324 32.89 163.58 -116.08
CA VAL E 324 33.37 163.72 -117.45
C VAL E 324 34.90 163.72 -117.43
N PRO E 325 35.56 163.03 -118.36
CA PRO E 325 37.01 162.82 -118.23
C PRO E 325 37.84 164.09 -118.13
N LYS E 326 37.36 165.21 -118.67
CA LYS E 326 38.12 166.45 -118.59
C LYS E 326 38.32 166.86 -117.15
N ASP E 327 37.30 166.66 -116.30
CA ASP E 327 37.40 167.00 -114.89
C ASP E 327 38.41 166.11 -114.17
N VAL E 328 38.33 164.81 -114.43
CA VAL E 328 39.29 163.86 -113.86
C VAL E 328 40.72 164.30 -114.19
N ASN E 329 40.94 164.64 -115.46
CA ASN E 329 42.28 165.02 -115.89
C ASN E 329 42.73 166.33 -115.26
N ALA E 330 41.85 167.35 -115.26
CA ALA E 330 42.21 168.62 -114.66
C ALA E 330 42.59 168.44 -113.21
N SER E 331 41.90 167.53 -112.51
CA SER E 331 42.16 167.38 -111.09
C SER E 331 43.39 166.51 -110.81
N VAL E 332 43.62 165.47 -111.61
CA VAL E 332 44.85 164.71 -111.44
C VAL E 332 46.03 165.63 -111.72
N ALA E 333 45.83 166.64 -112.56
CA ALA E 333 46.89 167.63 -112.80
C ALA E 333 47.29 168.37 -111.52
N THR E 334 46.31 168.89 -110.77
CA THR E 334 46.65 169.62 -109.56
C THR E 334 47.22 168.69 -108.50
N ILE E 335 46.72 167.45 -108.46
CA ILE E 335 47.26 166.50 -107.50
C ILE E 335 48.72 166.19 -107.81
N LYS E 336 49.05 165.99 -109.08
CA LYS E 336 50.43 165.71 -109.45
C LYS E 336 51.33 166.89 -109.16
N THR E 337 50.85 168.10 -109.42
CA THR E 337 51.65 169.29 -109.14
C THR E 337 51.91 169.47 -107.64
N LYS E 338 50.94 169.15 -106.80
CA LYS E 338 51.10 169.29 -105.36
C LYS E 338 52.35 168.56 -104.86
N ARG E 339 52.97 169.12 -103.81
CA ARG E 339 54.25 168.64 -103.31
C ARG E 339 54.13 167.68 -102.13
N THR E 340 53.07 167.81 -101.33
CA THR E 340 52.87 166.90 -100.20
C THR E 340 52.86 165.44 -100.65
N ILE E 341 52.50 165.18 -101.90
CA ILE E 341 52.44 163.84 -102.45
C ILE E 341 53.70 163.62 -103.27
N GLN E 342 54.47 162.60 -102.91
CA GLN E 342 55.72 162.26 -103.58
C GLN E 342 55.52 161.01 -104.41
N PHE E 343 56.23 160.94 -105.54
CA PHE E 343 56.16 159.77 -106.41
C PHE E 343 57.57 159.25 -106.66
N VAL E 344 57.66 157.92 -106.79
CA VAL E 344 58.96 157.31 -107.08
C VAL E 344 59.41 157.75 -108.47
N ASP E 345 60.73 157.87 -108.64
CA ASP E 345 61.27 158.45 -109.87
C ASP E 345 60.87 157.64 -111.10
N TRP E 346 60.91 156.31 -111.00
CA TRP E 346 60.76 155.50 -112.20
C TRP E 346 59.31 155.32 -112.63
N CYS E 347 58.40 156.18 -112.17
CA CYS E 347 57.05 156.23 -112.73
C CYS E 347 56.65 157.70 -112.92
N PRO E 348 56.78 158.25 -114.13
CA PRO E 348 56.25 159.60 -114.37
C PRO E 348 54.73 159.61 -114.37
N THR E 349 54.13 158.63 -115.03
CA THR E 349 52.71 158.38 -114.93
C THR E 349 52.47 157.56 -113.66
N GLY E 350 51.28 156.99 -113.56
CA GLY E 350 51.01 156.10 -112.45
C GLY E 350 49.56 156.06 -112.07
N PHE E 351 48.75 156.90 -112.71
CA PHE E 351 47.32 156.97 -112.45
C PHE E 351 46.58 156.17 -113.52
N LYS E 352 45.74 155.23 -113.07
CA LYS E 352 44.72 154.64 -113.92
C LYS E 352 43.38 155.18 -113.47
N CYS E 353 42.49 155.49 -114.42
CA CYS E 353 41.20 156.08 -114.09
C CYS E 353 40.07 155.36 -114.80
N GLY E 354 38.97 155.15 -114.08
CA GLY E 354 37.79 154.57 -114.67
C GLY E 354 36.56 155.38 -114.30
N ILE E 355 35.58 155.42 -115.20
CA ILE E 355 34.37 156.19 -114.99
C ILE E 355 33.18 155.26 -115.18
N ASN E 356 32.13 155.49 -114.39
CA ASN E 356 30.88 154.78 -114.62
C ASN E 356 29.71 155.74 -114.50
N TYR E 357 28.70 155.51 -115.33
CA TYR E 357 27.52 156.35 -115.39
C TYR E 357 26.47 155.96 -114.36
N GLN E 358 26.63 154.81 -113.72
CA GLN E 358 25.72 154.40 -112.67
C GLN E 358 26.25 154.94 -111.34
N PRO E 359 25.61 155.94 -110.75
CA PRO E 359 26.04 156.43 -109.45
C PRO E 359 25.90 155.34 -108.40
N PRO E 360 26.50 155.51 -107.22
CA PRO E 360 26.29 154.53 -106.15
C PRO E 360 24.83 154.51 -105.73
N THR E 361 24.47 153.44 -105.02
CA THR E 361 23.12 153.27 -104.52
C THR E 361 23.12 153.31 -103.00
N VAL E 362 22.10 153.94 -102.44
CA VAL E 362 21.99 154.10 -101.00
C VAL E 362 21.14 152.98 -100.43
N VAL E 363 21.56 152.48 -99.27
CA VAL E 363 20.81 151.43 -98.58
C VAL E 363 19.77 152.11 -97.70
N PRO E 364 18.50 151.73 -97.78
CA PRO E 364 17.52 152.26 -96.83
C PRO E 364 17.93 151.93 -95.41
N GLY E 365 17.68 152.87 -94.50
CA GLY E 365 18.19 152.75 -93.15
C GLY E 365 19.71 152.84 -93.04
N GLY E 366 20.41 153.01 -94.15
CA GLY E 366 21.84 153.20 -94.11
C GLY E 366 22.22 154.62 -93.78
N ASP E 367 23.47 154.77 -93.31
CA ASP E 367 23.94 156.04 -92.78
C ASP E 367 24.50 156.98 -93.84
N LEU E 368 24.89 156.47 -95.01
CA LEU E 368 25.39 157.34 -96.07
C LEU E 368 24.25 158.19 -96.62
N ALA E 369 24.59 159.06 -97.57
CA ALA E 369 23.63 160.00 -98.13
C ALA E 369 23.59 159.86 -99.64
N LYS E 370 22.39 159.94 -100.20
CA LYS E 370 22.22 159.91 -101.65
C LYS E 370 23.05 161.03 -102.29
N VAL E 371 23.85 160.66 -103.29
CA VAL E 371 24.74 161.58 -103.98
C VAL E 371 24.69 161.27 -105.47
N GLN E 372 25.48 162.01 -106.25
CA GLN E 372 25.60 161.77 -107.68
C GLN E 372 27.05 161.77 -108.15
N ARG E 373 28.02 161.79 -107.24
CA ARG E 373 29.43 161.66 -107.58
C ARG E 373 30.13 160.96 -106.44
N ALA E 374 30.98 159.98 -106.76
CA ALA E 374 31.65 159.18 -105.76
C ALA E 374 33.02 158.77 -106.27
N VAL E 375 33.93 158.48 -105.34
CA VAL E 375 35.32 158.18 -105.66
C VAL E 375 35.80 157.02 -104.79
N CYS E 376 36.46 156.06 -105.42
CA CYS E 376 37.17 155.00 -104.69
C CYS E 376 38.60 154.95 -105.20
N MET E 377 39.54 155.22 -104.31
CA MET E 377 40.96 155.24 -104.66
C MET E 377 41.65 154.00 -104.12
N ILE E 378 42.53 153.43 -104.93
CA ILE E 378 43.37 152.31 -104.54
C ILE E 378 44.79 152.62 -105.03
N SER E 379 45.75 152.55 -104.12
CA SER E 379 47.11 152.95 -104.44
C SER E 379 48.09 151.90 -103.93
N ASN E 380 49.17 151.74 -104.68
CA ASN E 380 50.31 150.92 -104.26
C ASN E 380 51.41 151.86 -103.82
N SER E 381 51.59 151.99 -102.51
CA SER E 381 52.58 152.89 -101.94
C SER E 381 53.63 152.08 -101.19
N THR E 382 54.80 152.69 -101.00
CA THR E 382 55.83 152.08 -100.18
C THR E 382 55.71 152.47 -98.71
N ALA E 383 54.80 153.40 -98.39
CA ALA E 383 54.55 153.72 -97.00
C ALA E 383 53.90 152.56 -96.27
N ILE E 384 53.36 151.58 -97.00
CA ILE E 384 52.68 150.45 -96.41
C ILE E 384 53.57 149.61 -95.50
N GLY E 385 54.88 149.67 -95.70
CA GLY E 385 55.78 148.86 -94.92
C GLY E 385 55.89 149.29 -93.47
N GLU E 386 55.12 150.29 -93.05
CA GLU E 386 55.06 150.64 -91.65
C GLU E 386 54.19 149.65 -90.89
N ILE E 387 52.95 149.46 -91.33
CA ILE E 387 52.03 148.60 -90.61
C ILE E 387 52.49 147.15 -90.59
N PHE E 388 53.46 146.79 -91.43
CA PHE E 388 54.00 145.44 -91.37
C PHE E 388 55.02 145.29 -90.25
N SER E 389 55.58 146.38 -89.74
CA SER E 389 56.66 146.27 -88.77
C SER E 389 56.18 146.20 -87.33
N ARG E 390 55.04 146.79 -87.00
CA ARG E 390 54.44 146.56 -85.69
C ARG E 390 54.24 145.06 -85.45
N LEU E 391 53.69 144.37 -86.46
CA LEU E 391 53.49 142.93 -86.35
C LEU E 391 54.80 142.20 -86.20
N ASP E 392 55.81 142.57 -87.01
CA ASP E 392 57.11 141.92 -86.94
C ASP E 392 57.71 142.07 -85.55
N HIS E 393 57.57 143.26 -84.97
CA HIS E 393 58.06 143.50 -83.61
C HIS E 393 57.35 142.62 -82.61
N LYS E 394 56.01 142.65 -82.62
CA LYS E 394 55.21 141.92 -81.64
C LYS E 394 55.42 140.42 -81.74
N PHE E 395 55.62 139.90 -82.96
CA PHE E 395 55.83 138.47 -83.10
C PHE E 395 56.99 138.03 -82.25
N ASP E 396 58.16 138.65 -82.44
CA ASP E 396 59.33 138.26 -81.68
C ASP E 396 59.21 138.64 -80.21
N LEU E 397 58.53 139.74 -79.89
CA LEU E 397 58.37 140.12 -78.49
C LEU E 397 57.64 139.03 -77.71
N MET E 398 56.68 138.38 -78.37
CA MET E 398 55.98 137.26 -77.78
C MET E 398 56.73 135.94 -77.94
N TYR E 399 57.42 135.73 -79.07
CA TYR E 399 57.99 134.42 -79.35
C TYR E 399 59.31 134.17 -78.62
N ALA E 400 59.98 135.21 -78.15
CA ALA E 400 61.21 134.99 -77.41
C ALA E 400 60.97 134.27 -76.09
N LYS E 401 59.72 133.92 -75.78
CA LYS E 401 59.35 133.25 -74.55
C LYS E 401 58.59 131.95 -74.78
N ARG E 402 58.34 131.58 -76.03
CA ARG E 402 57.57 130.39 -76.39
C ARG E 402 56.15 130.43 -75.84
N ALA E 403 55.60 131.62 -75.61
CA ALA E 403 54.24 131.73 -75.10
C ALA E 403 53.24 131.20 -76.12
N PHE E 404 52.24 130.47 -75.64
CA PHE E 404 51.18 129.87 -76.44
C PHE E 404 51.72 128.88 -77.47
N VAL E 405 53.02 128.62 -77.45
CA VAL E 405 53.63 127.78 -78.47
C VAL E 405 53.04 126.38 -78.44
N HIS E 406 52.90 125.81 -77.23
CA HIS E 406 52.40 124.45 -77.05
C HIS E 406 51.09 124.21 -77.77
N TRP E 407 50.24 125.24 -77.91
CA TRP E 407 48.98 125.06 -78.62
C TRP E 407 49.20 124.66 -80.06
N TYR E 408 49.89 125.50 -80.83
CA TYR E 408 50.19 125.17 -82.22
C TYR E 408 50.98 123.87 -82.30
N VAL E 409 51.87 123.65 -81.34
CA VAL E 409 52.75 122.49 -81.44
C VAL E 409 51.98 121.19 -81.22
N GLY E 410 50.98 121.20 -80.33
CA GLY E 410 50.13 120.04 -80.14
C GLY E 410 49.10 119.87 -81.23
N GLU E 411 48.74 120.96 -81.92
CA GLU E 411 47.79 120.87 -83.03
C GLU E 411 48.48 120.57 -84.36
N GLY E 412 49.64 119.92 -84.31
CA GLY E 412 50.30 119.44 -85.51
C GLY E 412 51.16 120.46 -86.23
N MET E 413 52.20 120.95 -85.56
CA MET E 413 53.13 121.90 -86.16
C MET E 413 54.47 121.81 -85.46
N GLU E 414 55.37 122.71 -85.82
CA GLU E 414 56.71 122.77 -85.24
C GLU E 414 57.19 124.21 -85.29
N GLU E 415 58.44 124.43 -84.89
CA GLU E 415 58.99 125.79 -84.82
C GLU E 415 59.59 126.24 -86.14
N GLY E 416 59.77 125.28 -87.05
CA GLY E 416 60.20 125.63 -88.38
C GLY E 416 59.34 126.72 -88.99
N GLU E 417 58.01 126.60 -88.84
CA GLU E 417 57.11 127.53 -89.50
C GLU E 417 57.18 128.92 -88.91
N PHE E 418 57.30 129.02 -87.58
CA PHE E 418 57.47 130.33 -86.97
C PHE E 418 58.71 131.01 -87.52
N SER E 419 59.81 130.26 -87.59
CA SER E 419 61.05 130.84 -88.11
C SER E 419 60.92 131.19 -89.60
N GLU E 420 60.26 130.32 -90.38
CA GLU E 420 60.05 130.58 -91.79
C GLU E 420 59.31 131.90 -91.98
N ALA E 421 58.18 132.04 -91.29
CA ALA E 421 57.35 133.23 -91.44
C ALA E 421 58.06 134.48 -90.98
N ARG E 422 58.88 134.41 -89.93
CA ARG E 422 59.70 135.55 -89.56
C ARG E 422 60.65 135.93 -90.69
N GLU E 423 61.25 134.92 -91.34
CA GLU E 423 62.16 135.20 -92.45
C GLU E 423 61.44 135.86 -93.61
N ASP E 424 60.32 135.29 -94.03
CA ASP E 424 59.48 135.90 -95.06
C ASP E 424 59.17 137.37 -94.77
N LEU E 425 58.72 137.68 -93.53
CA LEU E 425 58.42 139.07 -93.18
C LEU E 425 59.65 139.96 -93.28
N ALA E 426 60.80 139.46 -92.83
CA ALA E 426 62.02 140.28 -92.90
C ALA E 426 62.43 140.53 -94.35
N ALA E 427 62.32 139.50 -95.19
CA ALA E 427 62.65 139.67 -96.61
C ALA E 427 61.69 140.66 -97.30
N LEU E 428 60.41 140.62 -96.90
CA LEU E 428 59.41 141.50 -97.49
C LEU E 428 59.67 142.94 -97.07
N GLU E 429 60.01 143.14 -95.82
CA GLU E 429 60.43 144.46 -95.36
C GLU E 429 61.59 145.01 -96.18
N LYS E 430 62.61 144.18 -96.40
CA LYS E 430 63.79 144.65 -97.14
C LYS E 430 63.45 144.96 -98.60
N ASP E 431 62.59 144.15 -99.20
CA ASP E 431 62.04 144.48 -100.52
C ASP E 431 61.41 145.86 -100.49
N PHE E 432 60.60 146.12 -99.49
CA PHE E 432 59.96 147.43 -99.41
C PHE E 432 60.92 148.60 -99.41
N GLU E 433 62.14 148.44 -98.90
CA GLU E 433 63.12 149.52 -98.95
C GLU E 433 63.90 149.57 -100.25
N GLU E 434 64.18 148.43 -100.86
CA GLU E 434 64.95 148.41 -102.12
C GLU E 434 64.36 149.33 -103.19
N VAL E 435 63.08 149.69 -103.09
CA VAL E 435 62.45 150.50 -104.12
C VAL E 435 62.79 151.98 -104.02
N GLY E 436 63.70 152.35 -103.12
CA GLY E 436 64.09 153.74 -102.95
C GLY E 436 64.78 154.35 -104.17
N MET F 1 -93.52 25.28 -62.66
CA MET F 1 -93.27 24.55 -63.89
C MET F 1 -92.25 23.44 -63.67
N ARG F 2 -91.30 23.70 -62.77
CA ARG F 2 -90.25 22.76 -62.43
C ARG F 2 -90.31 22.53 -60.92
N GLU F 3 -91.00 21.47 -60.51
CA GLU F 3 -91.25 21.21 -59.10
C GLU F 3 -90.82 19.78 -58.75
N VAL F 4 -90.50 19.59 -57.47
CA VAL F 4 -90.09 18.29 -56.95
C VAL F 4 -90.75 18.05 -55.61
N ILE F 5 -90.97 16.77 -55.29
CA ILE F 5 -91.54 16.34 -54.03
C ILE F 5 -90.41 15.75 -53.20
N SER F 6 -90.14 16.35 -52.04
CA SER F 6 -89.06 15.91 -51.16
C SER F 6 -89.64 15.13 -50.00
N ILE F 7 -89.39 13.83 -49.97
CA ILE F 7 -89.91 12.94 -48.94
C ILE F 7 -88.85 12.72 -47.89
N HIS F 8 -89.22 12.88 -46.62
CA HIS F 8 -88.32 12.64 -45.49
C HIS F 8 -88.95 11.56 -44.63
N ILE F 9 -88.34 10.38 -44.62
CA ILE F 9 -88.84 9.24 -43.87
C ILE F 9 -87.83 8.90 -42.77
N GLY F 10 -88.32 8.16 -41.78
CA GLY F 10 -87.46 7.81 -40.67
C GLY F 10 -87.10 9.03 -39.83
N GLN F 11 -86.12 8.83 -38.95
CA GLN F 11 -85.63 9.93 -38.12
C GLN F 11 -84.51 10.70 -38.82
N ALA F 12 -83.49 9.99 -39.30
CA ALA F 12 -82.40 10.66 -40.00
C ALA F 12 -82.90 11.42 -41.21
N GLY F 13 -83.88 10.86 -41.92
CA GLY F 13 -84.45 11.56 -43.05
C GLY F 13 -85.04 12.91 -42.66
N ILE F 14 -85.94 12.92 -41.68
CA ILE F 14 -86.54 14.17 -41.23
C ILE F 14 -85.60 14.99 -40.38
N GLN F 15 -84.43 14.45 -40.03
CA GLN F 15 -83.44 15.26 -39.32
C GLN F 15 -82.73 16.20 -40.29
N VAL F 16 -82.16 15.66 -41.37
CA VAL F 16 -81.57 16.52 -42.39
C VAL F 16 -82.63 17.38 -43.04
N GLY F 17 -83.88 16.90 -43.07
CA GLY F 17 -84.96 17.72 -43.59
C GLY F 17 -85.13 19.02 -42.85
N ASN F 18 -84.77 19.03 -41.56
CA ASN F 18 -84.71 20.29 -40.83
C ASN F 18 -83.59 21.17 -41.36
N ALA F 19 -82.48 20.56 -41.78
CA ALA F 19 -81.36 21.34 -42.29
C ALA F 19 -81.60 21.78 -43.73
N CYS F 20 -82.25 20.93 -44.55
CA CYS F 20 -82.51 21.31 -45.93
C CYS F 20 -83.53 22.44 -45.99
N TRP F 21 -84.66 22.28 -45.32
CA TRP F 21 -85.70 23.31 -45.37
C TRP F 21 -85.30 24.55 -44.59
N GLU F 22 -84.27 24.48 -43.77
CA GLU F 22 -83.68 25.70 -43.24
C GLU F 22 -82.88 26.41 -44.32
N LEU F 23 -82.19 25.64 -45.17
CA LEU F 23 -81.35 26.24 -46.19
C LEU F 23 -82.20 26.94 -47.25
N TYR F 24 -83.21 26.26 -47.78
CA TYR F 24 -84.01 26.83 -48.85
C TYR F 24 -84.71 28.09 -48.41
N CYS F 25 -85.36 28.07 -47.24
CA CYS F 25 -86.03 29.27 -46.76
C CYS F 25 -85.04 30.41 -46.54
N LEU F 26 -83.76 30.10 -46.40
CA LEU F 26 -82.75 31.14 -46.24
C LEU F 26 -82.21 31.63 -47.58
N GLU F 27 -82.05 30.74 -48.55
CA GLU F 27 -81.53 31.15 -49.85
C GLU F 27 -82.46 32.12 -50.56
N HIS F 28 -83.77 31.96 -50.36
CA HIS F 28 -84.75 32.73 -51.10
C HIS F 28 -85.38 33.84 -50.26
N GLY F 29 -84.92 34.02 -49.03
CA GLY F 29 -85.45 35.06 -48.17
C GLY F 29 -86.76 34.72 -47.49
N ILE F 30 -87.27 33.50 -47.66
CA ILE F 30 -88.51 33.11 -47.03
C ILE F 30 -88.34 33.13 -45.51
N GLN F 31 -89.24 33.75 -44.85
CA GLN F 31 -89.10 33.72 -43.41
C GLN F 31 -89.75 32.46 -42.84
N PRO F 32 -89.36 32.05 -41.62
CA PRO F 32 -89.99 30.86 -41.02
C PRO F 32 -91.50 30.94 -40.93
N ASP F 33 -92.07 32.13 -41.05
CA ASP F 33 -93.52 32.25 -41.08
C ASP F 33 -94.06 32.24 -42.51
N GLY F 34 -93.61 31.27 -43.30
CA GLY F 34 -94.18 31.05 -44.62
C GLY F 34 -93.83 32.09 -45.67
N GLN F 35 -93.89 33.37 -45.31
CA GLN F 35 -93.86 34.46 -46.27
C GLN F 35 -92.59 35.30 -46.12
N MET F 36 -92.18 35.91 -47.23
CA MET F 36 -91.04 36.79 -47.34
C MET F 36 -91.47 38.24 -47.23
N PRO F 37 -90.54 39.16 -46.94
CA PRO F 37 -90.87 40.59 -46.88
C PRO F 37 -91.48 41.13 -48.17
N ASP F 46 -90.84 34.84 -60.25
CA ASP F 46 -91.26 33.53 -59.77
C ASP F 46 -90.32 32.44 -60.25
N ASP F 47 -90.68 31.19 -59.95
CA ASP F 47 -89.90 30.01 -60.30
C ASP F 47 -88.53 30.03 -59.62
N ALA F 48 -88.28 31.05 -58.79
CA ALA F 48 -87.11 31.03 -57.92
C ALA F 48 -87.37 30.22 -56.67
N PHE F 49 -88.63 29.94 -56.37
CA PHE F 49 -89.02 29.07 -55.27
C PHE F 49 -90.00 28.00 -55.67
N ASN F 50 -90.72 28.17 -56.79
CA ASN F 50 -91.76 27.23 -57.19
C ASN F 50 -91.25 25.80 -57.25
N THR F 51 -89.93 25.61 -57.34
CA THR F 51 -89.37 24.27 -57.25
C THR F 51 -89.62 23.65 -55.88
N PHE F 52 -89.58 24.47 -54.83
CA PHE F 52 -89.64 23.98 -53.47
C PHE F 52 -90.81 24.51 -52.65
N PHE F 53 -91.66 25.36 -53.23
CA PHE F 53 -92.67 26.02 -52.42
C PHE F 53 -93.95 26.18 -53.23
N SER F 54 -95.02 26.51 -52.51
CA SER F 54 -96.31 26.79 -53.12
C SER F 54 -96.84 28.06 -52.47
N GLU F 55 -96.82 29.17 -53.22
CA GLU F 55 -97.41 30.39 -52.70
C GLU F 55 -98.92 30.22 -52.59
N THR F 56 -99.46 30.47 -51.41
CA THR F 56 -100.89 30.31 -51.17
C THR F 56 -101.65 31.45 -51.83
N GLY F 57 -102.95 31.54 -51.54
CA GLY F 57 -103.75 32.63 -52.07
C GLY F 57 -103.19 34.01 -51.77
N ALA F 58 -102.40 34.14 -50.71
CA ALA F 58 -101.75 35.41 -50.39
C ALA F 58 -100.67 35.17 -49.36
N GLY F 59 -99.46 35.64 -49.65
CA GLY F 59 -98.41 35.74 -48.65
C GLY F 59 -97.57 34.50 -48.39
N LYS F 60 -98.12 33.54 -47.66
CA LYS F 60 -97.32 32.42 -47.17
C LYS F 60 -96.83 31.55 -48.32
N HIS F 61 -95.68 30.91 -48.11
CA HIS F 61 -95.14 29.91 -49.03
C HIS F 61 -95.06 28.59 -48.28
N VAL F 62 -95.78 27.59 -48.76
CA VAL F 62 -95.81 26.28 -48.13
C VAL F 62 -94.79 25.39 -48.84
N PRO F 63 -93.79 24.86 -48.14
CA PRO F 63 -92.83 23.95 -48.78
C PRO F 63 -93.51 22.68 -49.25
N ARG F 64 -93.23 22.29 -50.49
CA ARG F 64 -93.82 21.10 -51.09
C ARG F 64 -93.00 19.87 -50.68
N CYS F 65 -93.08 19.55 -49.40
CA CYS F 65 -92.37 18.40 -48.85
C CYS F 65 -93.35 17.47 -48.15
N ILE F 66 -92.83 16.43 -47.50
CA ILE F 66 -93.64 15.56 -46.68
C ILE F 66 -92.76 14.96 -45.59
N PHE F 67 -93.20 15.07 -44.34
CA PHE F 67 -92.48 14.52 -43.20
C PHE F 67 -93.23 13.30 -42.71
N LEU F 68 -92.57 12.14 -42.78
CA LEU F 68 -93.19 10.86 -42.47
C LEU F 68 -92.37 10.14 -41.41
N ASP F 69 -93.04 9.64 -40.39
CA ASP F 69 -92.36 8.93 -39.31
C ASP F 69 -93.38 8.23 -38.44
N LEU F 70 -92.93 7.19 -37.74
CA LEU F 70 -93.74 6.52 -36.72
C LEU F 70 -93.40 6.99 -35.32
N GLU F 71 -92.16 7.36 -35.06
CA GLU F 71 -91.77 7.88 -33.74
C GLU F 71 -92.41 9.23 -33.52
N PRO F 72 -93.30 9.39 -32.54
CA PRO F 72 -93.99 10.67 -32.37
C PRO F 72 -93.12 11.79 -31.86
N THR F 73 -91.89 11.50 -31.42
CA THR F 73 -91.13 12.50 -30.68
C THR F 73 -90.50 13.55 -31.59
N VAL F 74 -89.97 13.13 -32.75
CA VAL F 74 -89.28 14.09 -33.61
C VAL F 74 -90.29 14.90 -34.40
N VAL F 75 -91.32 14.25 -34.96
CA VAL F 75 -92.34 14.98 -35.69
C VAL F 75 -93.01 16.01 -34.79
N ASP F 76 -93.24 15.65 -33.52
CA ASP F 76 -93.75 16.62 -32.57
C ASP F 76 -92.71 17.68 -32.25
N GLU F 77 -91.42 17.33 -32.31
CA GLU F 77 -90.38 18.31 -32.06
C GLU F 77 -90.37 19.39 -33.13
N VAL F 78 -90.69 19.03 -34.38
CA VAL F 78 -90.79 20.04 -35.41
C VAL F 78 -92.09 20.82 -35.25
N ARG F 79 -93.16 20.17 -34.78
CA ARG F 79 -94.41 20.87 -34.54
C ARG F 79 -94.25 21.98 -33.52
N THR F 80 -93.33 21.82 -32.57
CA THR F 80 -93.07 22.86 -31.58
C THR F 80 -91.86 23.72 -31.93
N GLY F 81 -91.03 23.30 -32.86
CA GLY F 81 -89.87 24.07 -33.25
C GLY F 81 -90.27 25.39 -33.90
N THR F 82 -89.24 26.13 -34.34
CA THR F 82 -89.48 27.42 -34.95
C THR F 82 -90.20 27.29 -36.29
N TYR F 83 -89.84 26.28 -37.07
CA TYR F 83 -90.41 26.13 -38.41
C TYR F 83 -91.71 25.33 -38.37
N ARG F 84 -92.60 25.79 -37.50
CA ARG F 84 -93.94 25.21 -37.41
C ARG F 84 -94.97 25.97 -38.23
N GLN F 85 -94.79 27.28 -38.38
CA GLN F 85 -95.68 28.05 -39.24
C GLN F 85 -95.60 27.60 -40.68
N LEU F 86 -94.44 27.08 -41.10
CA LEU F 86 -94.24 26.73 -42.49
C LEU F 86 -95.17 25.62 -42.94
N PHE F 87 -95.02 24.43 -42.35
CA PHE F 87 -95.67 23.24 -42.88
C PHE F 87 -97.13 23.20 -42.47
N HIS F 88 -97.99 22.88 -43.43
CA HIS F 88 -99.37 22.59 -43.10
C HIS F 88 -99.41 21.30 -42.28
N PRO F 89 -100.05 21.30 -41.12
CA PRO F 89 -100.10 20.09 -40.29
C PRO F 89 -100.55 18.84 -41.04
N GLU F 90 -101.24 19.02 -42.16
CA GLU F 90 -101.58 17.89 -43.01
C GLU F 90 -100.34 17.19 -43.55
N GLN F 91 -99.22 17.90 -43.64
CA GLN F 91 -97.99 17.30 -44.14
C GLN F 91 -97.38 16.39 -43.07
N LEU F 92 -97.00 16.98 -41.95
CA LEU F 92 -96.40 16.22 -40.85
C LEU F 92 -97.34 15.11 -40.41
N ILE F 93 -96.85 13.87 -40.47
CA ILE F 93 -97.60 12.72 -40.00
C ILE F 93 -96.78 12.00 -38.94
N SER F 94 -97.47 11.22 -38.11
CA SER F 94 -96.83 10.48 -37.05
C SER F 94 -97.54 9.14 -36.90
N GLY F 95 -97.03 8.33 -36.00
CA GLY F 95 -97.64 7.05 -35.69
C GLY F 95 -97.64 6.83 -34.20
N LYS F 96 -98.60 6.03 -33.74
CA LYS F 96 -98.68 5.78 -32.30
C LYS F 96 -97.49 4.97 -31.81
N GLU F 97 -96.93 4.11 -32.65
CA GLU F 97 -95.83 3.23 -32.28
C GLU F 97 -94.77 3.21 -33.37
N ASP F 98 -93.52 3.10 -32.97
CA ASP F 98 -92.40 3.08 -33.90
C ASP F 98 -92.13 1.66 -34.39
N ALA F 99 -91.21 1.55 -35.36
CA ALA F 99 -90.87 0.25 -35.93
C ALA F 99 -89.88 -0.51 -35.07
N ALA F 100 -89.03 0.19 -34.32
CA ALA F 100 -88.10 -0.44 -33.39
C ALA F 100 -87.09 -1.33 -34.11
N ASN F 101 -86.45 -0.78 -35.13
CA ASN F 101 -85.35 -1.42 -35.85
C ASN F 101 -85.73 -2.78 -36.42
N ASN F 102 -87.01 -3.03 -36.64
CA ASN F 102 -87.49 -4.28 -37.19
C ASN F 102 -88.00 -4.01 -38.60
N PHE F 103 -87.32 -4.58 -39.60
CA PHE F 103 -87.72 -4.37 -40.98
C PHE F 103 -89.17 -4.78 -41.20
N ALA F 104 -89.55 -5.95 -40.70
CA ALA F 104 -90.90 -6.44 -40.92
C ALA F 104 -91.93 -5.55 -40.24
N ARG F 105 -91.60 -5.00 -39.07
CA ARG F 105 -92.55 -4.17 -38.35
C ARG F 105 -92.89 -2.91 -39.13
N GLY F 106 -91.90 -2.32 -39.79
CA GLY F 106 -92.17 -1.15 -40.60
C GLY F 106 -92.74 -1.48 -41.96
N HIS F 107 -92.36 -2.62 -42.53
CA HIS F 107 -92.78 -3.00 -43.87
C HIS F 107 -94.10 -3.78 -43.85
N TYR F 108 -94.21 -4.77 -42.97
CA TYR F 108 -95.39 -5.62 -42.94
C TYR F 108 -96.44 -5.15 -41.94
N THR F 109 -96.03 -4.91 -40.69
CA THR F 109 -97.00 -4.75 -39.62
C THR F 109 -97.67 -3.39 -39.65
N ILE F 110 -96.90 -2.31 -39.47
CA ILE F 110 -97.47 -1.00 -39.21
C ILE F 110 -97.45 -0.13 -40.46
N GLY F 111 -96.54 -0.41 -41.38
CA GLY F 111 -96.46 0.39 -42.59
C GLY F 111 -97.71 0.28 -43.44
N LYS F 112 -98.41 -0.85 -43.38
CA LYS F 112 -99.46 -1.14 -44.33
C LYS F 112 -100.76 -0.39 -44.06
N GLU F 113 -100.93 0.21 -42.88
CA GLU F 113 -102.15 0.93 -42.58
C GLU F 113 -101.99 2.45 -42.64
N ILE F 114 -100.78 2.96 -42.82
CA ILE F 114 -100.57 4.40 -42.89
C ILE F 114 -100.11 4.88 -44.26
N VAL F 115 -99.66 3.99 -45.14
CA VAL F 115 -99.26 4.43 -46.48
C VAL F 115 -100.46 4.98 -47.23
N ASP F 116 -101.65 4.40 -47.01
CA ASP F 116 -102.85 4.93 -47.65
C ASP F 116 -103.06 6.41 -47.31
N LEU F 117 -102.67 6.82 -46.11
CA LEU F 117 -102.70 8.23 -45.77
C LEU F 117 -101.61 9.00 -46.51
N ALA F 118 -100.36 8.50 -46.45
CA ALA F 118 -99.25 9.21 -47.08
C ALA F 118 -99.47 9.38 -48.57
N LEU F 119 -99.93 8.34 -49.25
CA LEU F 119 -100.16 8.45 -50.69
C LEU F 119 -101.20 9.52 -51.01
N ASP F 120 -102.21 9.68 -50.14
CA ASP F 120 -103.24 10.68 -50.39
C ASP F 120 -102.64 12.09 -50.39
N ARG F 121 -101.74 12.37 -49.45
CA ARG F 121 -101.05 13.65 -49.47
C ARG F 121 -100.22 13.80 -50.74
N ILE F 122 -99.60 12.72 -51.18
CA ILE F 122 -98.86 12.76 -52.45
C ILE F 122 -99.81 13.04 -53.61
N ARG F 123 -100.92 12.32 -53.66
CA ARG F 123 -101.93 12.62 -54.69
C ARG F 123 -102.49 14.03 -54.52
N LYS F 124 -102.59 14.51 -53.27
CA LYS F 124 -103.02 15.88 -53.05
C LYS F 124 -101.91 16.88 -53.37
N LEU F 125 -100.66 16.43 -53.41
CA LEU F 125 -99.55 17.33 -53.70
C LEU F 125 -99.07 17.25 -55.14
N ALA F 126 -99.28 16.12 -55.82
CA ALA F 126 -98.84 15.99 -57.20
C ALA F 126 -99.74 16.78 -58.15
N ASP F 127 -101.05 16.76 -57.92
CA ASP F 127 -101.98 17.46 -58.81
C ASP F 127 -101.81 18.97 -58.74
N ASN F 128 -101.05 19.47 -57.78
CA ASN F 128 -100.82 20.90 -57.67
C ASN F 128 -99.68 21.37 -58.57
N CYS F 129 -98.64 20.55 -58.74
CA CYS F 129 -97.51 20.93 -59.57
C CYS F 129 -97.82 20.65 -61.04
N THR F 130 -97.34 21.54 -61.91
CA THR F 130 -97.60 21.37 -63.34
C THR F 130 -96.66 20.34 -63.96
N GLY F 131 -95.36 20.61 -63.92
CA GLY F 131 -94.40 19.66 -64.45
C GLY F 131 -93.58 18.99 -63.37
N LEU F 132 -93.96 17.78 -62.98
CA LEU F 132 -93.31 17.10 -61.88
C LEU F 132 -91.99 16.52 -62.38
N GLN F 133 -90.88 17.04 -61.84
CA GLN F 133 -89.57 16.56 -62.26
C GLN F 133 -89.24 15.19 -61.66
N GLY F 134 -89.65 14.97 -60.43
CA GLY F 134 -89.38 13.71 -59.77
C GLY F 134 -89.41 13.87 -58.27
N PHE F 135 -89.39 12.73 -57.58
CA PHE F 135 -89.41 12.70 -56.14
C PHE F 135 -88.00 12.75 -55.58
N LEU F 136 -87.91 13.05 -54.29
CA LEU F 136 -86.64 13.26 -53.61
C LEU F 136 -86.75 12.62 -52.22
N VAL F 137 -86.46 11.32 -52.13
CA VAL F 137 -86.67 10.58 -50.89
C VAL F 137 -85.39 10.61 -50.06
N PHE F 138 -85.54 10.86 -48.77
CA PHE F 138 -84.43 10.91 -47.82
C PHE F 138 -84.59 9.75 -46.86
N ASN F 139 -83.94 8.64 -47.16
CA ASN F 139 -84.08 7.41 -46.39
C ASN F 139 -82.84 7.18 -45.54
N ALA F 140 -82.99 6.33 -44.54
CA ALA F 140 -81.91 5.98 -43.61
C ALA F 140 -81.86 4.46 -43.51
N VAL F 141 -81.09 3.84 -44.40
CA VAL F 141 -80.98 2.39 -44.40
C VAL F 141 -80.24 1.94 -43.15
N GLY F 142 -80.91 1.14 -42.31
CA GLY F 142 -80.32 0.72 -41.07
C GLY F 142 -81.28 0.74 -39.90
N GLY F 143 -82.55 1.05 -40.18
CA GLY F 143 -83.57 1.09 -39.17
C GLY F 143 -84.87 0.50 -39.67
N GLY F 144 -85.86 0.48 -38.78
CA GLY F 144 -87.15 -0.07 -39.12
C GLY F 144 -87.98 0.85 -40.00
N THR F 145 -88.19 2.09 -39.53
CA THR F 145 -89.00 3.03 -40.30
C THR F 145 -88.34 3.33 -41.64
N GLY F 146 -87.04 3.64 -41.63
CA GLY F 146 -86.33 3.95 -42.85
C GLY F 146 -86.39 2.87 -43.89
N SER F 147 -85.82 1.70 -43.58
CA SER F 147 -85.75 0.63 -44.58
C SER F 147 -87.09 -0.07 -44.74
N GLY F 148 -87.76 -0.38 -43.63
CA GLY F 148 -89.01 -1.12 -43.73
C GLY F 148 -90.11 -0.32 -44.42
N LEU F 149 -90.38 0.88 -43.93
CA LEU F 149 -91.45 1.67 -44.51
C LEU F 149 -91.04 2.30 -45.83
N GLY F 150 -89.77 2.67 -45.96
CA GLY F 150 -89.31 3.28 -47.20
C GLY F 150 -89.47 2.36 -48.39
N SER F 151 -88.98 1.12 -48.26
CA SER F 151 -89.08 0.16 -49.36
C SER F 151 -90.52 -0.12 -49.73
N LEU F 152 -91.41 -0.18 -48.73
CA LEU F 152 -92.83 -0.37 -49.02
C LEU F 152 -93.38 0.79 -49.84
N LEU F 153 -92.95 2.02 -49.53
CA LEU F 153 -93.51 3.18 -50.20
C LEU F 153 -93.14 3.22 -51.67
N LEU F 154 -91.86 2.99 -51.99
CA LEU F 154 -91.42 3.05 -53.38
C LEU F 154 -92.20 2.07 -54.25
N GLU F 155 -92.47 0.87 -53.74
CA GLU F 155 -93.32 -0.06 -54.46
C GLU F 155 -94.67 0.55 -54.76
N ARG F 156 -95.24 1.28 -53.79
CA ARG F 156 -96.50 1.95 -54.02
C ARG F 156 -96.36 3.08 -55.03
N LEU F 157 -95.15 3.64 -55.15
CA LEU F 157 -94.96 4.76 -56.06
C LEU F 157 -94.67 4.30 -57.48
N SER F 158 -93.92 3.19 -57.62
CA SER F 158 -93.63 2.68 -58.95
C SER F 158 -94.87 2.15 -59.65
N VAL F 159 -95.80 1.57 -58.91
CA VAL F 159 -97.03 1.09 -59.51
C VAL F 159 -97.94 2.25 -59.90
N ASP F 160 -97.82 3.38 -59.19
CA ASP F 160 -98.67 4.53 -59.50
C ASP F 160 -98.19 5.26 -60.74
N TYR F 161 -96.95 5.73 -60.74
CA TYR F 161 -96.42 6.51 -61.84
C TYR F 161 -95.62 5.67 -62.83
N GLY F 162 -94.51 5.07 -62.38
CA GLY F 162 -93.64 4.34 -63.27
C GLY F 162 -92.85 5.25 -64.18
N LYS F 163 -93.55 6.11 -64.92
CA LYS F 163 -92.90 7.06 -65.81
C LYS F 163 -92.07 8.08 -65.04
N LYS F 164 -92.48 8.42 -63.83
CA LYS F 164 -91.74 9.37 -63.02
C LYS F 164 -90.45 8.74 -62.48
N SER F 165 -89.42 9.56 -62.34
CA SER F 165 -88.11 9.12 -61.88
C SER F 165 -87.96 9.45 -60.41
N LYS F 166 -87.80 8.42 -59.59
CA LYS F 166 -87.59 8.56 -58.16
C LYS F 166 -86.08 8.58 -57.89
N LEU F 167 -85.65 9.49 -57.02
CA LEU F 167 -84.24 9.68 -56.71
C LEU F 167 -84.06 9.73 -55.19
N GLY F 168 -83.01 9.07 -54.71
CA GLY F 168 -82.88 8.91 -53.28
C GLY F 168 -81.52 9.19 -52.67
N PHE F 169 -81.53 9.82 -51.51
CA PHE F 169 -80.33 10.06 -50.70
C PHE F 169 -80.47 9.22 -49.45
N THR F 170 -79.84 8.04 -49.45
CA THR F 170 -79.96 7.08 -48.37
C THR F 170 -78.62 6.96 -47.66
N VAL F 171 -78.60 7.27 -46.37
CA VAL F 171 -77.39 7.02 -45.60
C VAL F 171 -77.16 5.51 -45.53
N TYR F 172 -75.90 5.12 -45.44
CA TYR F 172 -75.62 3.70 -45.46
C TYR F 172 -74.94 3.28 -44.18
N PRO F 173 -75.20 2.06 -43.70
CA PRO F 173 -74.52 1.58 -42.50
C PRO F 173 -73.01 1.60 -42.68
N SER F 174 -72.35 2.41 -41.86
CA SER F 174 -70.91 2.54 -41.93
C SER F 174 -70.22 1.22 -41.61
N PRO F 175 -69.02 0.98 -42.15
CA PRO F 175 -68.31 -0.27 -41.83
C PRO F 175 -67.94 -0.38 -40.37
N GLN F 176 -67.19 0.58 -39.85
CA GLN F 176 -66.69 0.50 -38.48
C GLN F 176 -67.73 0.99 -37.49
N VAL F 177 -68.10 2.27 -37.59
CA VAL F 177 -69.08 2.84 -36.66
C VAL F 177 -70.47 2.33 -36.98
N SER F 178 -71.19 1.89 -35.96
CA SER F 178 -72.58 1.46 -36.15
C SER F 178 -73.32 1.62 -34.84
N THR F 179 -74.40 2.39 -34.86
CA THR F 179 -75.21 2.61 -33.68
C THR F 179 -76.30 1.57 -33.51
N ALA F 180 -76.31 0.54 -34.35
CA ALA F 180 -77.26 -0.55 -34.25
C ALA F 180 -76.53 -1.87 -34.43
N VAL F 181 -77.15 -2.93 -33.93
CA VAL F 181 -76.56 -4.26 -34.00
C VAL F 181 -77.24 -5.04 -35.11
N VAL F 182 -78.51 -4.74 -35.36
CA VAL F 182 -79.33 -5.53 -36.26
C VAL F 182 -79.42 -4.88 -37.64
N GLU F 183 -78.60 -3.87 -37.91
CA GLU F 183 -78.71 -3.15 -39.16
C GLU F 183 -78.23 -3.93 -40.39
N PRO F 184 -77.33 -4.92 -40.28
CA PRO F 184 -77.06 -5.75 -41.47
C PRO F 184 -78.29 -6.46 -42.01
N TYR F 185 -79.21 -6.86 -41.14
CA TYR F 185 -80.38 -7.61 -41.57
C TYR F 185 -81.32 -6.73 -42.39
N ASN F 186 -81.78 -5.63 -41.80
CA ASN F 186 -82.80 -4.83 -42.47
C ASN F 186 -82.23 -4.06 -43.66
N SER F 187 -80.94 -3.77 -43.65
CA SER F 187 -80.31 -3.12 -44.79
C SER F 187 -80.47 -3.96 -46.04
N VAL F 188 -80.03 -5.22 -45.97
CA VAL F 188 -80.15 -6.15 -47.10
C VAL F 188 -81.59 -6.16 -47.62
N LEU F 189 -82.55 -6.31 -46.71
CA LEU F 189 -83.95 -6.39 -47.11
C LEU F 189 -84.41 -5.12 -47.80
N SER F 190 -83.75 -3.99 -47.55
CA SER F 190 -84.12 -2.74 -48.21
C SER F 190 -83.57 -2.68 -49.62
N THR F 191 -82.27 -2.98 -49.77
CA THR F 191 -81.61 -2.86 -51.07
C THR F 191 -82.39 -3.59 -52.16
N HIS F 192 -82.74 -4.85 -51.91
CA HIS F 192 -83.54 -5.60 -52.88
C HIS F 192 -84.84 -4.87 -53.18
N SER F 193 -85.64 -4.60 -52.15
CA SER F 193 -86.98 -4.06 -52.36
C SER F 193 -86.97 -2.66 -52.97
N LEU F 194 -85.84 -1.97 -52.95
CA LEU F 194 -85.74 -0.66 -53.59
C LEU F 194 -85.14 -0.72 -54.98
N LEU F 195 -84.30 -1.72 -55.24
CA LEU F 195 -83.48 -1.72 -56.45
C LEU F 195 -84.33 -1.64 -57.71
N GLU F 196 -85.35 -2.48 -57.81
CA GLU F 196 -86.19 -2.48 -58.99
C GLU F 196 -87.16 -1.30 -59.03
N HIS F 197 -87.18 -0.45 -58.00
CA HIS F 197 -88.15 0.62 -57.92
C HIS F 197 -87.54 2.00 -58.13
N THR F 198 -86.46 2.31 -57.42
CA THR F 198 -85.79 3.59 -57.65
C THR F 198 -85.16 3.62 -59.03
N ASP F 199 -84.97 4.83 -59.55
CA ASP F 199 -84.30 5.00 -60.84
C ASP F 199 -82.83 5.35 -60.68
N VAL F 200 -82.45 5.88 -59.51
CA VAL F 200 -81.06 6.19 -59.21
C VAL F 200 -80.96 6.38 -57.70
N ALA F 201 -79.82 5.98 -57.13
CA ALA F 201 -79.64 6.00 -55.69
C ALA F 201 -78.28 6.58 -55.33
N VAL F 202 -78.29 7.57 -54.44
CA VAL F 202 -77.08 8.19 -53.93
C VAL F 202 -76.84 7.69 -52.52
N MET F 203 -75.62 7.25 -52.24
CA MET F 203 -75.27 6.70 -50.94
C MET F 203 -74.22 7.55 -50.26
N LEU F 204 -74.26 7.53 -48.92
CA LEU F 204 -73.28 8.21 -48.09
C LEU F 204 -73.42 7.65 -46.68
N ASP F 205 -72.35 7.71 -45.91
CA ASP F 205 -72.37 7.20 -44.54
C ASP F 205 -72.06 8.32 -43.56
N ASN F 206 -72.13 7.98 -42.28
CA ASN F 206 -71.83 8.96 -41.23
C ASN F 206 -70.34 9.05 -40.93
N GLU F 207 -69.62 7.94 -41.08
CA GLU F 207 -68.21 7.91 -40.70
C GLU F 207 -67.36 8.78 -41.62
N ALA F 208 -67.55 8.66 -42.92
CA ALA F 208 -66.76 9.46 -43.86
C ALA F 208 -66.99 10.94 -43.62
N ILE F 209 -68.23 11.33 -43.30
CA ILE F 209 -68.50 12.74 -43.08
C ILE F 209 -67.90 13.20 -41.76
N TYR F 210 -67.70 12.29 -40.81
CA TYR F 210 -67.01 12.66 -39.58
C TYR F 210 -65.56 13.04 -39.87
N ASP F 211 -64.92 12.35 -40.81
CA ASP F 211 -63.56 12.70 -41.18
C ASP F 211 -63.52 14.06 -41.88
N ILE F 212 -64.49 14.33 -42.75
CA ILE F 212 -64.54 15.62 -43.42
C ILE F 212 -64.62 16.75 -42.40
N CYS F 213 -65.39 16.55 -41.33
CA CYS F 213 -65.44 17.53 -40.26
C CYS F 213 -64.13 17.61 -39.48
N ARG F 214 -63.31 16.55 -39.53
CA ARG F 214 -62.06 16.57 -38.78
C ARG F 214 -60.96 17.29 -39.55
N ARG F 215 -60.61 16.80 -40.74
CA ARG F 215 -59.50 17.37 -41.48
C ARG F 215 -59.81 18.80 -41.94
N SER F 216 -60.95 18.99 -42.61
CA SER F 216 -61.22 20.26 -43.28
C SER F 216 -61.79 21.30 -42.32
N LEU F 217 -62.97 21.01 -41.76
CA LEU F 217 -63.59 21.97 -40.84
C LEU F 217 -62.79 22.15 -39.57
N ASP F 218 -61.95 21.18 -39.23
CA ASP F 218 -61.14 21.22 -38.02
C ASP F 218 -61.99 21.49 -36.79
N ILE F 219 -63.11 20.79 -36.70
CA ILE F 219 -63.99 20.83 -35.54
C ILE F 219 -63.86 19.50 -34.81
N GLU F 220 -63.71 19.57 -33.49
CA GLU F 220 -63.46 18.38 -32.68
C GLU F 220 -64.71 17.85 -31.99
N ARG F 221 -65.85 18.53 -32.14
CA ARG F 221 -67.12 18.08 -31.58
C ARG F 221 -68.14 17.94 -32.69
N PRO F 222 -67.96 16.97 -33.58
CA PRO F 222 -68.98 16.75 -34.61
C PRO F 222 -70.19 16.08 -34.00
N THR F 223 -71.36 16.50 -34.47
CA THR F 223 -72.60 15.92 -34.00
C THR F 223 -73.59 15.89 -35.16
N TYR F 224 -74.74 15.26 -34.91
CA TYR F 224 -75.64 14.94 -36.02
C TYR F 224 -76.14 16.18 -36.74
N THR F 225 -76.10 17.34 -36.10
CA THR F 225 -76.53 18.55 -36.80
C THR F 225 -75.49 19.00 -37.82
N ASN F 226 -74.21 18.75 -37.56
CA ASN F 226 -73.17 19.18 -38.50
C ASN F 226 -73.23 18.40 -39.79
N LEU F 227 -73.39 17.08 -39.70
CA LEU F 227 -73.56 16.28 -40.91
C LEU F 227 -74.78 16.74 -41.69
N ASN F 228 -75.88 17.05 -40.98
CA ASN F 228 -77.11 17.44 -41.65
C ASN F 228 -76.93 18.69 -42.49
N ARG F 229 -76.04 19.60 -42.07
CA ARG F 229 -75.79 20.79 -42.86
C ARG F 229 -75.14 20.44 -44.19
N LEU F 230 -74.16 19.54 -44.18
CA LEU F 230 -73.44 19.22 -45.40
C LEU F 230 -74.35 18.54 -46.41
N ILE F 231 -75.24 17.66 -45.95
CA ILE F 231 -76.19 17.04 -46.87
C ILE F 231 -77.07 18.10 -47.51
N ALA F 232 -77.41 19.14 -46.75
CA ALA F 232 -78.18 20.25 -47.32
C ALA F 232 -77.37 20.97 -48.40
N GLN F 233 -76.09 21.24 -48.12
CA GLN F 233 -75.26 21.94 -49.08
C GLN F 233 -75.16 21.18 -50.40
N VAL F 234 -75.09 19.86 -50.33
CA VAL F 234 -75.02 19.05 -51.54
C VAL F 234 -76.25 19.27 -52.41
N ILE F 235 -77.43 19.09 -51.83
CA ILE F 235 -78.66 19.17 -52.62
C ILE F 235 -78.94 20.59 -53.07
N SER F 236 -78.47 21.58 -52.32
CA SER F 236 -78.57 22.96 -52.81
C SER F 236 -77.74 23.14 -54.08
N SER F 237 -76.64 22.40 -54.19
CA SER F 237 -75.82 22.47 -55.39
C SER F 237 -76.42 21.66 -56.54
N LEU F 238 -77.24 20.67 -56.22
CA LEU F 238 -77.85 19.86 -57.28
C LEU F 238 -79.05 20.59 -57.90
N THR F 239 -80.01 20.96 -57.07
CA THR F 239 -81.24 21.56 -57.55
C THR F 239 -81.05 22.99 -58.06
N ALA F 240 -79.84 23.54 -57.98
CA ALA F 240 -79.62 24.92 -58.41
C ALA F 240 -80.03 25.11 -59.86
N SER F 241 -79.60 24.21 -60.74
CA SER F 241 -79.96 24.33 -62.16
C SER F 241 -81.46 24.22 -62.38
N LEU F 242 -82.20 23.64 -61.45
CA LEU F 242 -83.65 23.59 -61.58
C LEU F 242 -84.27 24.93 -61.23
N ARG F 243 -83.71 25.63 -60.25
CA ARG F 243 -84.32 26.85 -59.70
C ARG F 243 -83.38 28.04 -59.78
N PHE F 244 -82.44 28.02 -60.72
CA PHE F 244 -81.58 29.17 -60.94
C PHE F 244 -81.14 29.17 -62.39
N ASP F 245 -80.27 30.11 -62.76
CA ASP F 245 -79.80 30.27 -64.12
C ASP F 245 -78.31 29.93 -64.18
N GLY F 246 -77.72 30.16 -65.34
CA GLY F 246 -76.32 29.86 -65.54
C GLY F 246 -76.07 28.98 -66.75
N ALA F 247 -74.87 29.03 -67.28
CA ALA F 247 -74.53 28.20 -68.42
C ALA F 247 -74.56 26.72 -68.04
N LEU F 248 -74.95 25.89 -69.00
CA LEU F 248 -74.96 24.44 -68.85
C LEU F 248 -75.90 24.00 -67.70
N ASN F 249 -77.17 24.36 -67.86
CA ASN F 249 -78.18 23.89 -66.91
C ASN F 249 -78.35 22.39 -67.02
N VAL F 250 -78.75 21.76 -65.91
CA VAL F 250 -78.92 20.32 -65.84
C VAL F 250 -80.20 20.01 -65.08
N ASP F 251 -81.11 19.28 -65.72
CA ASP F 251 -82.31 18.78 -65.07
C ASP F 251 -82.17 17.29 -64.81
N ILE F 252 -83.11 16.75 -64.03
CA ILE F 252 -83.07 15.34 -63.67
C ILE F 252 -83.08 14.47 -64.92
N THR F 253 -83.93 14.82 -65.90
CA THR F 253 -83.96 14.08 -67.16
C THR F 253 -82.58 14.06 -67.81
N GLU F 254 -81.98 15.23 -68.01
CA GLU F 254 -80.64 15.29 -68.57
C GLU F 254 -79.61 14.74 -67.60
N PHE F 255 -79.98 14.60 -66.32
CA PHE F 255 -79.05 14.11 -65.31
C PHE F 255 -78.96 12.59 -65.34
N GLN F 256 -80.10 11.92 -65.21
CA GLN F 256 -80.10 10.49 -64.94
C GLN F 256 -79.66 9.69 -66.16
N THR F 257 -80.01 10.13 -67.37
CA THR F 257 -79.72 9.34 -68.55
C THR F 257 -78.23 9.24 -68.82
N ASN F 258 -77.49 10.35 -68.66
CA ASN F 258 -76.07 10.34 -68.90
C ASN F 258 -75.26 9.96 -67.67
N LEU F 259 -75.87 9.21 -66.75
CA LEU F 259 -75.16 8.76 -65.55
C LEU F 259 -75.36 7.29 -65.21
N VAL F 260 -76.42 6.64 -65.69
CA VAL F 260 -76.71 5.25 -65.34
C VAL F 260 -76.59 4.38 -66.58
N PRO F 261 -75.46 3.69 -66.77
CA PRO F 261 -75.28 2.89 -67.99
C PRO F 261 -76.23 1.71 -68.10
N TYR F 262 -76.28 0.88 -67.06
CA TYR F 262 -77.14 -0.29 -67.07
C TYR F 262 -78.27 -0.12 -66.05
N PRO F 263 -79.44 -0.69 -66.33
CA PRO F 263 -80.60 -0.42 -65.46
C PRO F 263 -80.39 -0.77 -64.00
N ARG F 264 -79.41 -1.61 -63.68
CA ARG F 264 -79.22 -2.03 -62.29
C ARG F 264 -78.13 -1.21 -61.59
N ILE F 265 -77.06 -0.87 -62.28
CA ILE F 265 -75.95 -0.13 -61.67
C ILE F 265 -76.37 1.32 -61.56
N HIS F 266 -76.91 1.71 -60.39
CA HIS F 266 -77.29 3.09 -60.18
C HIS F 266 -76.93 3.60 -58.78
N PHE F 267 -76.02 2.92 -58.09
CA PHE F 267 -75.53 3.38 -56.80
C PHE F 267 -74.27 4.20 -57.01
N MET F 268 -74.28 5.44 -56.53
CA MET F 268 -73.21 6.37 -56.84
C MET F 268 -72.72 7.06 -55.58
N LEU F 269 -71.45 7.46 -55.61
CA LEU F 269 -70.82 8.17 -54.51
C LEU F 269 -71.17 9.66 -54.60
N SER F 270 -70.55 10.45 -53.72
CA SER F 270 -70.79 11.89 -53.71
C SER F 270 -69.58 12.59 -53.12
N SER F 271 -69.56 13.91 -53.26
CA SER F 271 -68.47 14.73 -52.75
C SER F 271 -68.88 16.19 -52.86
N TYR F 272 -68.15 17.04 -52.14
CA TYR F 272 -68.40 18.47 -52.17
C TYR F 272 -67.10 19.20 -51.86
N ALA F 273 -66.90 20.34 -52.53
CA ALA F 273 -65.69 21.12 -52.31
C ALA F 273 -65.96 22.55 -52.73
N PRO F 274 -65.39 23.55 -52.05
CA PRO F 274 -64.50 23.38 -50.90
C PRO F 274 -65.24 23.34 -49.58
N ILE F 275 -64.61 22.79 -48.56
CA ILE F 275 -65.17 22.73 -47.21
C ILE F 275 -64.09 23.27 -46.29
N ILE F 276 -64.24 24.52 -45.84
CA ILE F 276 -63.26 25.18 -45.00
C ILE F 276 -63.98 26.03 -43.96
N SER F 277 -63.22 26.47 -42.97
CA SER F 277 -63.72 27.41 -41.99
C SER F 277 -63.55 28.83 -42.52
N ALA F 278 -63.73 29.82 -41.65
CA ALA F 278 -63.65 31.21 -42.08
C ALA F 278 -62.21 31.65 -42.27
N GLU F 279 -61.31 31.26 -41.37
CA GLU F 279 -59.94 31.76 -41.43
C GLU F 279 -59.18 31.18 -42.62
N LYS F 280 -59.29 29.86 -42.84
CA LYS F 280 -58.60 29.27 -43.99
C LYS F 280 -59.07 29.89 -45.30
N ALA F 281 -60.32 30.37 -45.34
CA ALA F 281 -60.77 31.11 -46.52
C ALA F 281 -59.94 32.35 -46.78
N TYR F 282 -59.23 32.85 -45.75
CA TYR F 282 -58.42 34.03 -45.94
C TYR F 282 -57.05 33.69 -46.52
N HIS F 283 -56.51 32.53 -46.20
CA HIS F 283 -55.25 32.08 -46.81
C HIS F 283 -55.52 31.18 -48.02
N GLU F 284 -56.42 31.59 -48.90
CA GLU F 284 -56.71 30.77 -50.08
C GLU F 284 -57.18 31.67 -51.22
N GLN F 285 -57.09 31.12 -52.43
CA GLN F 285 -57.66 31.74 -53.61
C GLN F 285 -58.79 30.93 -54.22
N LEU F 286 -58.80 29.62 -54.02
CA LEU F 286 -59.91 28.76 -54.42
C LEU F 286 -60.15 28.85 -55.92
N SER F 287 -59.08 28.75 -56.69
CA SER F 287 -59.21 28.69 -58.14
C SER F 287 -60.03 27.49 -58.54
N VAL F 288 -60.68 27.59 -59.70
CA VAL F 288 -61.48 26.47 -60.19
C VAL F 288 -60.63 25.22 -60.29
N ALA F 289 -59.38 25.37 -60.73
CA ALA F 289 -58.48 24.22 -60.79
C ALA F 289 -58.19 23.67 -59.41
N GLU F 290 -58.27 24.51 -58.38
CA GLU F 290 -57.99 24.04 -57.02
C GLU F 290 -59.20 23.31 -56.43
N ILE F 291 -60.42 23.70 -56.82
CA ILE F 291 -61.60 23.06 -56.25
C ILE F 291 -61.81 21.69 -56.88
N THR F 292 -61.56 21.55 -58.19
CA THR F 292 -61.79 20.28 -58.85
C THR F 292 -60.88 19.19 -58.30
N ASN F 293 -59.65 19.54 -57.94
CA ASN F 293 -58.73 18.55 -57.38
C ASN F 293 -59.28 17.97 -56.08
N ALA F 294 -59.75 18.84 -55.19
CA ALA F 294 -60.34 18.38 -53.94
C ALA F 294 -61.56 17.51 -54.17
N ALA F 295 -62.32 17.78 -55.23
CA ALA F 295 -63.52 16.99 -55.51
C ALA F 295 -63.15 15.55 -55.83
N PHE F 296 -62.18 15.35 -56.71
CA PHE F 296 -61.79 14.02 -57.14
C PHE F 296 -60.79 13.37 -56.20
N GLU F 297 -60.62 13.91 -55.00
CA GLU F 297 -59.78 13.26 -54.01
C GLU F 297 -60.59 12.22 -53.24
N PRO F 298 -60.14 10.97 -53.17
CA PRO F 298 -60.89 9.96 -52.41
C PRO F 298 -61.14 10.32 -50.96
N ALA F 299 -60.31 11.17 -50.35
CA ALA F 299 -60.56 11.57 -48.98
C ALA F 299 -61.76 12.51 -48.85
N SER F 300 -62.10 13.24 -49.91
CA SER F 300 -63.23 14.15 -49.85
C SER F 300 -64.56 13.46 -50.08
N MET F 301 -64.56 12.17 -50.37
CA MET F 301 -65.80 11.45 -50.57
C MET F 301 -66.63 11.44 -49.29
N MET F 302 -67.92 11.12 -49.43
CA MET F 302 -68.81 10.97 -48.29
C MET F 302 -69.18 9.52 -48.05
N VAL F 303 -68.42 8.59 -48.64
CA VAL F 303 -68.61 7.16 -48.43
C VAL F 303 -67.24 6.56 -48.13
N LYS F 304 -67.21 5.54 -47.29
CA LYS F 304 -65.96 4.84 -47.03
C LYS F 304 -65.68 3.84 -48.14
N CYS F 305 -65.75 4.31 -49.38
CA CYS F 305 -65.40 3.53 -50.56
C CYS F 305 -64.17 4.16 -51.20
N ASP F 306 -63.17 3.34 -51.48
CA ASP F 306 -61.94 3.85 -52.06
C ASP F 306 -62.04 3.74 -53.57
N PRO F 307 -62.27 4.85 -54.28
CA PRO F 307 -62.47 4.75 -55.74
C PRO F 307 -61.21 4.33 -56.48
N ARG F 308 -60.04 4.46 -55.87
CA ARG F 308 -58.81 4.02 -56.52
C ARG F 308 -58.72 2.50 -56.63
N HIS F 309 -59.75 1.77 -56.23
CA HIS F 309 -59.83 0.33 -56.43
C HIS F 309 -60.77 -0.05 -57.55
N GLY F 310 -61.28 0.94 -58.29
CA GLY F 310 -62.10 0.68 -59.45
C GLY F 310 -61.90 1.74 -60.51
N LYS F 311 -62.81 1.79 -61.48
CA LYS F 311 -62.78 2.79 -62.53
C LYS F 311 -63.99 3.70 -62.37
N TYR F 312 -64.04 4.75 -63.17
CA TYR F 312 -65.15 5.70 -63.16
C TYR F 312 -66.01 5.45 -64.39
N MET F 313 -67.20 4.90 -64.17
CA MET F 313 -68.11 4.68 -65.28
C MET F 313 -68.70 5.99 -65.78
N ALA F 314 -68.77 7.00 -64.92
CA ALA F 314 -69.27 8.32 -65.28
C ALA F 314 -69.07 9.25 -64.11
N CYS F 315 -69.07 10.56 -64.40
CA CYS F 315 -69.02 11.60 -63.38
C CYS F 315 -69.94 12.73 -63.78
N CYS F 316 -70.38 13.49 -62.78
CA CYS F 316 -71.29 14.61 -63.02
C CYS F 316 -70.94 15.71 -62.02
N LEU F 317 -70.36 16.80 -62.52
CA LEU F 317 -69.82 17.86 -61.67
C LEU F 317 -70.68 19.10 -61.83
N MET F 318 -71.30 19.53 -60.73
CA MET F 318 -72.10 20.75 -60.70
C MET F 318 -71.28 21.82 -59.99
N TYR F 319 -70.86 22.84 -60.72
CA TYR F 319 -70.16 23.93 -60.07
C TYR F 319 -71.19 24.94 -59.58
N ARG F 320 -70.70 26.02 -59.01
CA ARG F 320 -71.58 26.99 -58.38
C ARG F 320 -70.81 28.26 -58.13
N GLY F 321 -71.46 29.40 -58.37
CA GLY F 321 -70.81 30.67 -58.16
C GLY F 321 -70.09 31.17 -59.40
N ASP F 322 -69.02 31.92 -59.20
CA ASP F 322 -68.28 32.53 -60.31
C ASP F 322 -67.35 31.49 -60.92
N VAL F 323 -67.78 30.91 -62.04
CA VAL F 323 -66.97 29.98 -62.81
C VAL F 323 -67.17 30.28 -64.28
N VAL F 324 -66.10 30.14 -65.07
CA VAL F 324 -66.19 30.31 -66.51
C VAL F 324 -65.93 28.98 -67.18
N PRO F 325 -66.67 28.63 -68.24
CA PRO F 325 -66.62 27.25 -68.77
C PRO F 325 -65.28 26.85 -69.34
N LYS F 326 -64.34 27.78 -69.51
CA LYS F 326 -63.01 27.38 -69.95
C LYS F 326 -62.22 26.74 -68.82
N ASP F 327 -62.36 27.25 -67.60
CA ASP F 327 -61.70 26.64 -66.46
C ASP F 327 -62.23 25.25 -66.19
N VAL F 328 -63.51 25.02 -66.48
CA VAL F 328 -64.03 23.66 -66.49
C VAL F 328 -63.27 22.82 -67.51
N ASN F 329 -63.32 23.23 -68.77
CA ASN F 329 -62.68 22.46 -69.83
C ASN F 329 -61.17 22.37 -69.65
N ALA F 330 -60.58 23.31 -68.89
CA ALA F 330 -59.16 23.23 -68.61
C ALA F 330 -58.87 22.25 -67.46
N SER F 331 -59.70 22.28 -66.42
CA SER F 331 -59.46 21.44 -65.26
C SER F 331 -59.82 19.99 -65.54
N VAL F 332 -61.02 19.74 -66.08
CA VAL F 332 -61.42 18.40 -66.46
C VAL F 332 -60.39 17.78 -67.38
N ALA F 333 -59.77 18.58 -68.24
CA ALA F 333 -58.67 18.09 -69.06
C ALA F 333 -57.53 17.57 -68.18
N THR F 334 -57.10 18.38 -67.20
CA THR F 334 -55.97 18.00 -66.36
C THR F 334 -56.22 16.69 -65.63
N ILE F 335 -57.46 16.44 -65.23
CA ILE F 335 -57.76 15.24 -64.46
C ILE F 335 -57.68 14.00 -65.34
N LYS F 336 -58.24 14.08 -66.55
CA LYS F 336 -58.15 12.92 -67.45
C LYS F 336 -56.71 12.60 -67.83
N THR F 337 -55.80 13.58 -67.73
CA THR F 337 -54.38 13.27 -67.90
C THR F 337 -53.84 12.44 -66.73
N LYS F 338 -54.42 12.63 -65.55
CA LYS F 338 -53.94 11.90 -64.37
C LYS F 338 -54.19 10.42 -64.51
N ARG F 339 -53.25 9.62 -63.99
CA ARG F 339 -53.29 8.17 -64.11
C ARG F 339 -53.99 7.49 -62.95
N THR F 340 -53.96 8.10 -61.76
CA THR F 340 -54.63 7.51 -60.61
C THR F 340 -56.12 7.34 -60.86
N ILE F 341 -56.72 8.21 -61.66
CA ILE F 341 -58.15 8.21 -61.94
C ILE F 341 -58.36 7.39 -63.20
N GLN F 342 -59.09 6.28 -63.07
CA GLN F 342 -59.28 5.34 -64.16
C GLN F 342 -60.73 5.38 -64.65
N PHE F 343 -60.88 5.05 -65.92
CA PHE F 343 -62.19 4.96 -66.56
C PHE F 343 -62.30 3.64 -67.30
N VAL F 344 -63.50 3.06 -67.28
CA VAL F 344 -63.72 1.83 -68.04
C VAL F 344 -63.67 2.17 -69.52
N ASP F 345 -63.26 1.19 -70.33
CA ASP F 345 -63.00 1.45 -71.75
C ASP F 345 -64.24 1.95 -72.47
N TRP F 346 -65.40 1.37 -72.19
CA TRP F 346 -66.53 1.71 -73.06
C TRP F 346 -67.04 3.12 -72.86
N CYS F 347 -66.38 3.99 -72.08
CA CYS F 347 -66.72 5.41 -72.03
C CYS F 347 -65.43 6.23 -72.11
N PRO F 348 -64.96 6.51 -73.32
CA PRO F 348 -63.93 7.55 -73.48
C PRO F 348 -64.46 8.94 -73.17
N THR F 349 -65.78 9.10 -73.16
CA THR F 349 -66.47 10.23 -72.55
C THR F 349 -66.53 9.99 -71.06
N GLY F 350 -67.42 10.67 -70.35
CA GLY F 350 -67.53 10.40 -68.92
C GLY F 350 -67.66 11.59 -68.01
N PHE F 351 -67.94 12.76 -68.56
CA PHE F 351 -68.20 13.95 -67.76
C PHE F 351 -69.46 14.63 -68.23
N LYS F 352 -70.31 15.02 -67.27
CA LYS F 352 -71.46 15.88 -67.52
C LYS F 352 -71.33 17.05 -66.57
N CYS F 353 -70.90 18.20 -67.09
CA CYS F 353 -70.60 19.36 -66.27
C CYS F 353 -71.75 20.35 -66.30
N GLY F 354 -71.87 21.12 -65.23
CA GLY F 354 -72.91 22.14 -65.14
C GLY F 354 -72.41 23.32 -64.33
N ILE F 355 -72.90 24.50 -64.68
CA ILE F 355 -72.52 25.74 -64.03
C ILE F 355 -73.76 26.48 -63.58
N ASN F 356 -73.65 27.21 -62.48
CA ASN F 356 -74.66 28.14 -62.04
C ASN F 356 -73.99 29.45 -61.65
N TYR F 357 -74.74 30.54 -61.78
CA TYR F 357 -74.23 31.83 -61.35
C TYR F 357 -74.60 32.16 -59.91
N GLN F 358 -75.43 31.35 -59.28
CA GLN F 358 -75.89 31.62 -57.94
C GLN F 358 -74.86 31.09 -56.94
N PRO F 359 -74.14 31.95 -56.21
CA PRO F 359 -73.13 31.47 -55.29
C PRO F 359 -73.76 30.64 -54.17
N PRO F 360 -72.97 29.79 -53.51
CA PRO F 360 -73.52 29.04 -52.38
C PRO F 360 -73.77 29.95 -51.20
N THR F 361 -74.83 29.65 -50.46
CA THR F 361 -75.28 30.49 -49.37
C THR F 361 -74.88 29.89 -48.03
N VAL F 362 -74.47 30.76 -47.12
CA VAL F 362 -74.05 30.36 -45.78
C VAL F 362 -75.21 30.51 -44.82
N VAL F 363 -75.36 29.57 -43.91
CA VAL F 363 -76.37 29.64 -42.87
C VAL F 363 -75.77 30.33 -41.64
N PRO F 364 -76.47 31.26 -41.02
CA PRO F 364 -75.96 31.86 -39.78
C PRO F 364 -75.74 30.80 -38.72
N GLY F 365 -74.73 31.03 -37.88
CA GLY F 365 -74.37 30.09 -36.85
C GLY F 365 -73.82 28.77 -37.36
N GLY F 366 -73.77 28.58 -38.67
CA GLY F 366 -73.28 27.34 -39.24
C GLY F 366 -71.78 27.18 -39.05
N ASP F 367 -71.21 26.25 -39.81
CA ASP F 367 -69.81 25.89 -39.73
C ASP F 367 -68.99 26.37 -40.92
N LEU F 368 -69.53 26.28 -42.12
CA LEU F 368 -68.81 26.66 -43.32
C LEU F 368 -68.59 28.18 -43.35
N ALA F 369 -67.92 28.64 -44.39
CA ALA F 369 -67.66 30.05 -44.61
C ALA F 369 -68.31 30.50 -45.91
N LYS F 370 -68.05 31.75 -46.29
CA LYS F 370 -68.60 32.32 -47.51
C LYS F 370 -67.58 32.24 -48.63
N VAL F 371 -67.96 31.62 -49.74
CA VAL F 371 -67.10 31.47 -50.90
C VAL F 371 -67.93 31.76 -52.14
N GLN F 372 -67.27 32.25 -53.19
CA GLN F 372 -67.93 32.48 -54.46
C GLN F 372 -67.81 31.30 -55.42
N ARG F 373 -67.22 30.19 -54.98
CA ARG F 373 -67.11 28.99 -55.79
C ARG F 373 -67.40 27.78 -54.93
N ALA F 374 -67.93 26.72 -55.55
CA ALA F 374 -68.22 25.48 -54.86
C ALA F 374 -68.49 24.42 -55.88
N VAL F 375 -68.03 23.20 -55.61
CA VAL F 375 -68.17 22.08 -56.53
C VAL F 375 -68.75 20.91 -55.77
N CYS F 376 -69.78 20.29 -56.33
CA CYS F 376 -70.35 19.06 -55.80
C CYS F 376 -70.24 17.99 -56.87
N MET F 377 -69.33 17.05 -56.67
CA MET F 377 -69.08 15.98 -57.63
C MET F 377 -69.93 14.77 -57.28
N ILE F 378 -70.42 14.09 -58.32
CA ILE F 378 -71.21 12.88 -58.15
C ILE F 378 -70.79 11.90 -59.23
N SER F 379 -70.24 10.76 -58.83
CA SER F 379 -69.72 9.78 -59.78
C SER F 379 -70.34 8.43 -59.52
N ASN F 380 -70.49 7.65 -60.59
CA ASN F 380 -70.99 6.28 -60.52
C ASN F 380 -69.81 5.37 -60.85
N SER F 381 -69.05 5.00 -59.82
CA SER F 381 -67.83 4.21 -59.99
C SER F 381 -68.08 2.76 -59.65
N THR F 382 -67.33 1.87 -60.32
CA THR F 382 -67.47 0.45 -60.07
C THR F 382 -66.86 0.03 -58.73
N ALA F 383 -66.09 0.90 -58.10
CA ALA F 383 -65.51 0.56 -56.80
C ALA F 383 -66.56 0.53 -55.70
N ILE F 384 -67.76 1.06 -55.95
CA ILE F 384 -68.79 1.07 -54.92
C ILE F 384 -69.18 -0.33 -54.49
N GLY F 385 -68.82 -1.35 -55.27
CA GLY F 385 -69.18 -2.71 -54.93
C GLY F 385 -68.50 -3.24 -53.68
N GLU F 386 -67.44 -2.58 -53.22
CA GLU F 386 -66.72 -3.11 -52.06
C GLU F 386 -67.49 -2.88 -50.77
N ILE F 387 -67.96 -1.65 -50.54
CA ILE F 387 -68.79 -1.40 -49.37
C ILE F 387 -70.07 -2.20 -49.44
N PHE F 388 -70.47 -2.63 -50.64
CA PHE F 388 -71.57 -3.54 -50.79
C PHE F 388 -71.21 -4.95 -50.36
N SER F 389 -69.92 -5.27 -50.31
CA SER F 389 -69.49 -6.61 -49.93
C SER F 389 -69.48 -6.82 -48.42
N ARG F 390 -69.19 -5.77 -47.66
CA ARG F 390 -69.20 -5.89 -46.20
C ARG F 390 -70.55 -6.37 -45.70
N LEU F 391 -71.62 -5.75 -46.19
CA LEU F 391 -72.96 -6.19 -45.79
C LEU F 391 -73.20 -7.65 -46.16
N ASP F 392 -72.65 -8.09 -47.29
CA ASP F 392 -72.78 -9.51 -47.63
C ASP F 392 -72.11 -10.38 -46.58
N HIS F 393 -70.92 -9.99 -46.13
CA HIS F 393 -70.17 -10.81 -45.19
C HIS F 393 -70.85 -10.87 -43.83
N LYS F 394 -71.44 -9.75 -43.39
CA LYS F 394 -72.05 -9.72 -42.07
C LYS F 394 -73.38 -10.45 -42.05
N PHE F 395 -74.20 -10.28 -43.09
CA PHE F 395 -75.51 -10.91 -43.11
C PHE F 395 -75.39 -12.42 -42.94
N ASP F 396 -74.57 -13.07 -43.75
CA ASP F 396 -74.38 -14.51 -43.62
C ASP F 396 -73.80 -14.86 -42.26
N LEU F 397 -72.90 -14.02 -41.75
CA LEU F 397 -72.23 -14.32 -40.49
C LEU F 397 -73.22 -14.42 -39.34
N MET F 398 -74.30 -13.66 -39.39
CA MET F 398 -75.37 -13.77 -38.39
C MET F 398 -76.50 -14.67 -38.85
N TYR F 399 -76.75 -14.76 -40.16
CA TYR F 399 -77.72 -15.72 -40.66
C TYR F 399 -77.25 -17.15 -40.47
N ALA F 400 -75.97 -17.35 -40.17
CA ALA F 400 -75.49 -18.67 -39.81
C ALA F 400 -76.18 -19.19 -38.55
N LYS F 401 -76.37 -18.31 -37.58
CA LYS F 401 -77.00 -18.67 -36.31
C LYS F 401 -78.49 -18.41 -36.29
N ARG F 402 -79.03 -17.78 -37.32
CA ARG F 402 -80.43 -17.35 -37.34
C ARG F 402 -80.75 -16.45 -36.16
N ALA F 403 -79.77 -15.65 -35.74
CA ALA F 403 -79.97 -14.72 -34.64
C ALA F 403 -80.97 -13.64 -35.02
N PHE F 404 -81.78 -13.24 -34.04
CA PHE F 404 -82.76 -12.17 -34.19
C PHE F 404 -83.83 -12.52 -35.22
N VAL F 405 -83.75 -13.69 -35.82
CA VAL F 405 -84.71 -14.05 -36.86
C VAL F 405 -86.08 -14.30 -36.25
N HIS F 406 -86.13 -14.76 -34.99
CA HIS F 406 -87.41 -14.97 -34.33
C HIS F 406 -88.20 -13.69 -34.20
N TRP F 407 -87.56 -12.53 -34.34
CA TRP F 407 -88.30 -11.28 -34.42
C TRP F 407 -89.05 -11.17 -35.73
N TYR F 408 -88.30 -11.21 -36.85
CA TYR F 408 -88.91 -11.01 -38.16
C TYR F 408 -89.98 -12.06 -38.45
N VAL F 409 -89.61 -13.34 -38.33
CA VAL F 409 -90.59 -14.41 -38.49
C VAL F 409 -91.69 -14.34 -37.46
N GLY F 410 -91.52 -13.53 -36.42
CA GLY F 410 -92.61 -13.27 -35.50
C GLY F 410 -93.52 -12.16 -35.95
N GLU F 411 -92.99 -11.22 -36.75
CA GLU F 411 -93.75 -10.04 -37.20
C GLU F 411 -94.21 -10.16 -38.65
N GLY F 412 -94.62 -11.36 -39.08
CA GLY F 412 -95.13 -11.50 -40.43
C GLY F 412 -94.02 -11.53 -41.47
N MET F 413 -93.16 -12.53 -41.39
CA MET F 413 -92.08 -12.70 -42.35
C MET F 413 -91.62 -14.15 -42.28
N GLU F 414 -90.95 -14.61 -43.32
CA GLU F 414 -90.44 -15.97 -43.37
C GLU F 414 -88.97 -15.95 -43.77
N GLU F 415 -88.38 -17.14 -43.82
CA GLU F 415 -86.95 -17.26 -44.10
C GLU F 415 -86.62 -17.00 -45.57
N GLY F 416 -87.60 -17.18 -46.46
CA GLY F 416 -87.33 -17.04 -47.88
C GLY F 416 -86.72 -15.70 -48.24
N GLU F 417 -87.27 -14.61 -47.70
CA GLU F 417 -86.79 -13.28 -48.05
C GLU F 417 -85.33 -13.11 -47.70
N PHE F 418 -84.87 -13.71 -46.60
CA PHE F 418 -83.47 -13.61 -46.23
C PHE F 418 -82.58 -14.23 -47.30
N SER F 419 -82.95 -15.42 -47.78
CA SER F 419 -82.22 -16.03 -48.89
C SER F 419 -82.56 -15.35 -50.21
N GLU F 420 -83.82 -14.93 -50.39
CA GLU F 420 -84.21 -14.25 -51.62
C GLU F 420 -83.37 -13.00 -51.83
N ALA F 421 -83.45 -12.05 -50.87
CA ALA F 421 -82.62 -10.86 -50.96
C ALA F 421 -81.14 -11.21 -50.96
N ARG F 422 -80.77 -12.34 -50.36
CA ARG F 422 -79.38 -12.77 -50.37
C ARG F 422 -78.89 -13.02 -51.79
N GLU F 423 -79.73 -13.63 -52.63
CA GLU F 423 -79.34 -13.85 -54.01
C GLU F 423 -79.31 -12.55 -54.79
N ASP F 424 -80.22 -11.62 -54.50
CA ASP F 424 -80.24 -10.34 -55.20
C ASP F 424 -78.92 -9.59 -54.99
N LEU F 425 -78.28 -9.78 -53.84
CA LEU F 425 -76.99 -9.13 -53.60
C LEU F 425 -75.90 -9.80 -54.42
N ALA F 426 -75.77 -11.12 -54.29
CA ALA F 426 -74.74 -11.84 -55.03
C ALA F 426 -74.85 -11.56 -56.53
N ALA F 427 -76.08 -11.53 -57.06
CA ALA F 427 -76.28 -11.14 -58.45
C ALA F 427 -75.80 -9.72 -58.69
N LEU F 428 -76.09 -8.81 -57.76
CA LEU F 428 -75.65 -7.44 -57.91
C LEU F 428 -74.13 -7.32 -57.87
N GLU F 429 -73.47 -8.17 -57.10
CA GLU F 429 -72.00 -8.15 -57.08
C GLU F 429 -71.44 -8.58 -58.44
N LYS F 430 -71.98 -9.65 -59.00
CA LYS F 430 -71.51 -10.12 -60.31
C LYS F 430 -71.67 -9.02 -61.35
N ASP F 431 -72.76 -8.25 -61.28
CA ASP F 431 -72.95 -7.14 -62.21
C ASP F 431 -71.83 -6.12 -62.07
N PHE F 432 -71.34 -5.90 -60.84
CA PHE F 432 -70.21 -5.00 -60.66
C PHE F 432 -68.90 -5.63 -61.10
N GLU F 433 -68.93 -6.88 -61.54
CA GLU F 433 -67.74 -7.51 -62.11
C GLU F 433 -67.83 -7.67 -63.61
N GLU F 434 -69.03 -7.86 -64.15
CA GLU F 434 -69.20 -7.98 -65.60
C GLU F 434 -68.72 -6.72 -66.31
N VAL F 435 -68.71 -5.57 -65.62
CA VAL F 435 -68.26 -4.33 -66.24
C VAL F 435 -66.75 -4.18 -66.23
N GLY F 436 -66.03 -5.16 -65.69
CA GLY F 436 -64.58 -5.12 -65.71
C GLY F 436 -63.98 -5.53 -67.04
N MET G 1 -105.31 -6.55 14.17
CA MET G 1 -104.97 -7.19 12.90
C MET G 1 -103.90 -8.25 13.10
N ARG G 2 -102.84 -7.87 13.81
CA ARG G 2 -101.74 -8.77 14.14
C ARG G 2 -101.80 -9.01 15.65
N GLU G 3 -102.40 -10.13 16.05
CA GLU G 3 -102.70 -10.39 17.45
C GLU G 3 -102.38 -11.83 17.78
N VAL G 4 -101.99 -12.06 19.03
CA VAL G 4 -101.72 -13.40 19.55
C VAL G 4 -102.41 -13.56 20.89
N ILE G 5 -102.84 -14.79 21.18
CA ILE G 5 -103.43 -15.15 22.45
C ILE G 5 -102.37 -15.82 23.29
N SER G 6 -102.13 -15.30 24.48
CA SER G 6 -101.07 -15.80 25.36
C SER G 6 -101.70 -16.57 26.52
N ILE G 7 -101.40 -17.86 26.60
CA ILE G 7 -101.92 -18.74 27.64
C ILE G 7 -100.78 -19.04 28.61
N HIS G 8 -101.11 -19.11 29.90
CA HIS G 8 -100.12 -19.38 30.93
C HIS G 8 -100.66 -20.47 31.85
N ILE G 9 -100.11 -21.68 31.73
CA ILE G 9 -100.57 -22.83 32.47
C ILE G 9 -99.62 -23.07 33.62
N GLY G 10 -100.08 -23.82 34.62
CA GLY G 10 -99.23 -24.18 35.73
C GLY G 10 -98.96 -23.01 36.66
N GLN G 11 -97.81 -23.07 37.33
CA GLN G 11 -97.36 -21.98 38.20
C GLN G 11 -96.24 -21.17 37.57
N ALA G 12 -95.19 -21.82 37.07
CA ALA G 12 -94.12 -21.09 36.40
C ALA G 12 -94.63 -20.34 35.18
N GLY G 13 -95.66 -20.88 34.52
CA GLY G 13 -96.22 -20.21 33.37
C GLY G 13 -96.82 -18.86 33.73
N ILE G 14 -97.56 -18.82 34.84
CA ILE G 14 -98.21 -17.58 35.22
C ILE G 14 -97.26 -16.67 36.00
N GLN G 15 -96.13 -17.21 36.47
CA GLN G 15 -95.11 -16.35 37.05
C GLN G 15 -94.43 -15.52 35.98
N VAL G 16 -93.90 -16.17 34.94
CA VAL G 16 -93.29 -15.43 33.84
C VAL G 16 -94.32 -14.55 33.13
N GLY G 17 -95.57 -15.02 33.05
CA GLY G 17 -96.61 -14.19 32.47
C GLY G 17 -96.86 -12.93 33.28
N ASN G 18 -96.69 -13.04 34.59
CA ASN G 18 -96.70 -11.84 35.43
C ASN G 18 -95.59 -10.90 35.01
N ALA G 19 -94.41 -11.45 34.72
CA ALA G 19 -93.30 -10.62 34.27
C ALA G 19 -93.57 -10.04 32.88
N CYS G 20 -94.02 -10.89 31.95
CA CYS G 20 -94.29 -10.41 30.60
C CYS G 20 -95.31 -9.27 30.62
N TRP G 21 -96.38 -9.42 31.40
CA TRP G 21 -97.43 -8.41 31.36
C TRP G 21 -97.08 -7.17 32.16
N GLU G 22 -96.08 -7.26 33.04
CA GLU G 22 -95.49 -6.04 33.58
C GLU G 22 -94.69 -5.33 32.52
N LEU G 23 -93.83 -6.07 31.82
CA LEU G 23 -92.95 -5.46 30.84
C LEU G 23 -93.75 -4.79 29.72
N TYR G 24 -94.79 -5.46 29.24
CA TYR G 24 -95.60 -4.93 28.14
C TYR G 24 -96.24 -3.61 28.51
N CYS G 25 -97.09 -3.61 29.54
CA CYS G 25 -97.80 -2.40 29.96
C CYS G 25 -96.86 -1.22 30.12
N LEU G 26 -95.64 -1.49 30.59
CA LEU G 26 -94.65 -0.42 30.69
C LEU G 26 -94.16 -0.01 29.31
N GLU G 27 -93.82 -0.99 28.48
CA GLU G 27 -93.28 -0.70 27.16
C GLU G 27 -94.26 0.11 26.31
N HIS G 28 -95.56 -0.17 26.45
CA HIS G 28 -96.56 0.54 25.67
C HIS G 28 -97.13 1.75 26.39
N GLY G 29 -96.71 2.00 27.63
CA GLY G 29 -97.20 3.14 28.39
C GLY G 29 -98.44 2.88 29.21
N ILE G 30 -99.05 1.70 29.08
CA ILE G 30 -100.27 1.41 29.80
C ILE G 30 -100.02 1.44 31.30
N GLN G 31 -100.89 2.12 32.03
CA GLN G 31 -100.86 2.10 33.48
C GLN G 31 -101.42 0.78 33.99
N PRO G 32 -101.14 0.43 35.25
CA PRO G 32 -101.76 -0.78 35.81
C PRO G 32 -103.27 -0.77 35.82
N ASP G 33 -103.90 0.40 35.72
CA ASP G 33 -105.36 0.49 35.74
C ASP G 33 -105.95 0.46 34.32
N GLY G 34 -105.50 -0.47 33.50
CA GLY G 34 -106.13 -0.67 32.21
C GLY G 34 -105.79 0.36 31.15
N GLN G 35 -105.77 1.64 31.52
CA GLN G 35 -105.71 2.71 30.55
C GLN G 35 -104.41 3.49 30.66
N MET G 36 -104.03 4.10 29.54
CA MET G 36 -102.84 4.91 29.39
C MET G 36 -103.18 6.38 29.40
N PRO G 37 -102.21 7.26 29.70
CA PRO G 37 -102.45 8.70 29.64
C PRO G 37 -102.69 9.19 28.21
N ASP G 46 -102.70 3.39 16.68
CA ASP G 46 -103.12 2.03 16.99
C ASP G 46 -102.07 1.05 16.48
N ASP G 47 -102.33 -0.25 16.69
CA ASP G 47 -101.47 -1.38 16.34
C ASP G 47 -100.22 -1.41 17.20
N ALA G 48 -99.99 -0.39 18.02
CA ALA G 48 -98.87 -0.46 18.95
C ALA G 48 -99.14 -1.45 20.07
N PHE G 49 -100.39 -1.49 20.54
CA PHE G 49 -100.81 -2.39 21.59
C PHE G 49 -101.75 -3.48 21.12
N ASN G 50 -102.43 -3.28 19.99
CA ASN G 50 -103.47 -4.21 19.56
C ASN G 50 -102.97 -5.65 19.46
N THR G 51 -101.65 -5.84 19.40
CA THR G 51 -101.12 -7.20 19.43
C THR G 51 -101.40 -7.88 20.75
N PHE G 52 -101.38 -7.13 21.85
CA PHE G 52 -101.50 -7.69 23.18
C PHE G 52 -102.71 -7.23 23.96
N PHE G 53 -103.47 -6.26 23.46
CA PHE G 53 -104.57 -5.69 24.22
C PHE G 53 -105.81 -5.56 23.37
N SER G 54 -106.92 -5.28 24.05
CA SER G 54 -108.17 -4.90 23.41
C SER G 54 -108.67 -3.65 24.10
N GLU G 55 -108.99 -2.62 23.32
CA GLU G 55 -109.54 -1.41 23.89
C GLU G 55 -111.02 -1.60 24.18
N THR G 56 -111.44 -1.16 25.36
CA THR G 56 -112.84 -1.28 25.76
C THR G 56 -113.68 -0.25 25.00
N GLY G 57 -114.95 -0.11 25.38
CA GLY G 57 -115.75 0.98 24.87
C GLY G 57 -115.12 2.34 25.11
N ALA G 58 -114.32 2.47 26.16
CA ALA G 58 -113.61 3.72 26.45
C ALA G 58 -112.52 3.50 27.48
N GLY G 59 -111.33 4.02 27.21
CA GLY G 59 -110.28 4.14 28.22
C GLY G 59 -109.43 2.91 28.47
N LYS G 60 -109.97 1.93 29.18
CA LYS G 60 -109.18 0.79 29.63
C LYS G 60 -108.71 -0.06 28.45
N HIS G 61 -107.50 -0.59 28.58
CA HIS G 61 -106.98 -1.62 27.70
C HIS G 61 -106.88 -2.91 28.50
N VAL G 62 -107.48 -3.97 27.99
CA VAL G 62 -107.51 -5.28 28.66
C VAL G 62 -106.59 -6.22 27.89
N PRO G 63 -105.74 -6.98 28.57
CA PRO G 63 -104.83 -7.89 27.86
C PRO G 63 -105.55 -9.10 27.32
N ARG G 64 -105.20 -9.49 26.09
CA ARG G 64 -105.73 -10.69 25.47
C ARG G 64 -104.94 -11.92 25.93
N CYS G 65 -104.95 -12.13 27.23
CA CYS G 65 -104.25 -13.23 27.87
C CYS G 65 -105.23 -14.05 28.69
N ILE G 66 -104.72 -15.16 29.23
CA ILE G 66 -105.52 -16.02 30.11
C ILE G 66 -104.58 -16.77 31.03
N PHE G 67 -104.89 -16.76 32.33
CA PHE G 67 -104.14 -17.46 33.35
C PHE G 67 -104.96 -18.65 33.83
N LEU G 68 -104.38 -19.84 33.79
CA LEU G 68 -105.12 -21.06 34.12
C LEU G 68 -104.27 -21.91 35.04
N ASP G 69 -104.81 -22.26 36.20
CA ASP G 69 -104.10 -23.08 37.17
C ASP G 69 -105.10 -23.84 38.03
N LEU G 70 -104.62 -24.94 38.61
CA LEU G 70 -105.41 -25.71 39.55
C LEU G 70 -105.25 -25.23 40.98
N GLU G 71 -104.06 -24.76 41.35
CA GLU G 71 -103.83 -24.25 42.70
C GLU G 71 -104.50 -22.89 42.84
N PRO G 72 -105.19 -22.61 43.95
CA PRO G 72 -105.88 -21.33 44.08
C PRO G 72 -105.00 -20.19 44.57
N THR G 73 -103.82 -20.49 45.11
CA THR G 73 -103.05 -19.47 45.82
C THR G 73 -102.50 -18.42 44.86
N VAL G 74 -101.83 -18.84 43.79
CA VAL G 74 -101.15 -17.90 42.91
C VAL G 74 -102.16 -17.03 42.15
N VAL G 75 -103.22 -17.65 41.61
CA VAL G 75 -104.23 -16.87 40.92
C VAL G 75 -104.82 -15.82 41.84
N ASP G 76 -105.07 -16.18 43.10
CA ASP G 76 -105.57 -15.21 44.05
C ASP G 76 -104.50 -14.21 44.47
N GLU G 77 -103.23 -14.60 44.43
CA GLU G 77 -102.16 -13.63 44.67
C GLU G 77 -102.20 -12.53 43.61
N VAL G 78 -102.34 -12.92 42.35
CA VAL G 78 -102.45 -11.91 41.29
C VAL G 78 -103.73 -11.10 41.45
N ARG G 79 -104.81 -11.78 41.86
CA ARG G 79 -106.09 -11.08 42.05
C ARG G 79 -105.97 -9.96 43.07
N THR G 80 -105.15 -10.15 44.10
CA THR G 80 -104.95 -9.10 45.09
C THR G 80 -103.86 -8.13 44.68
N GLY G 81 -102.90 -8.56 43.86
CA GLY G 81 -101.76 -7.74 43.50
C GLY G 81 -102.12 -6.47 42.75
N THR G 82 -101.10 -5.70 42.37
CA THR G 82 -101.35 -4.44 41.69
C THR G 82 -102.07 -4.64 40.36
N TYR G 83 -101.70 -5.69 39.63
CA TYR G 83 -102.23 -5.90 38.28
C TYR G 83 -103.53 -6.68 38.31
N ARG G 84 -104.47 -6.18 39.12
CA ARG G 84 -105.81 -6.71 39.18
C ARG G 84 -106.81 -5.91 38.36
N GLN G 85 -106.56 -4.61 38.18
CA GLN G 85 -107.43 -3.80 37.35
C GLN G 85 -107.34 -4.20 35.88
N LEU G 86 -106.18 -4.73 35.46
CA LEU G 86 -105.99 -5.12 34.08
C LEU G 86 -106.95 -6.23 33.66
N PHE G 87 -106.82 -7.39 34.29
CA PHE G 87 -107.47 -8.59 33.79
C PHE G 87 -108.95 -8.61 34.14
N HIS G 88 -109.78 -8.88 33.14
CA HIS G 88 -111.17 -9.17 33.42
C HIS G 88 -111.23 -10.47 34.21
N PRO G 89 -111.87 -10.48 35.39
CA PRO G 89 -111.86 -11.69 36.22
C PRO G 89 -112.37 -12.94 35.52
N GLU G 90 -113.04 -12.81 34.38
CA GLU G 90 -113.39 -13.98 33.59
C GLU G 90 -112.17 -14.69 33.04
N GLN G 91 -111.04 -13.99 32.91
CA GLN G 91 -109.83 -14.59 32.35
C GLN G 91 -109.16 -15.52 33.34
N LEU G 92 -108.90 -15.02 34.55
CA LEU G 92 -108.23 -15.83 35.56
C LEU G 92 -109.10 -17.01 35.95
N ILE G 93 -108.61 -18.22 35.66
CA ILE G 93 -109.30 -19.45 36.00
C ILE G 93 -108.47 -20.18 37.04
N SER G 94 -109.10 -20.52 38.16
CA SER G 94 -108.42 -21.16 39.27
C SER G 94 -109.16 -22.42 39.68
N GLY G 95 -108.43 -23.52 39.80
CA GLY G 95 -109.01 -24.74 40.28
C GLY G 95 -109.25 -24.73 41.77
N LYS G 96 -110.01 -25.73 42.23
CA LYS G 96 -110.26 -25.87 43.66
C LYS G 96 -109.16 -26.69 44.32
N GLU G 97 -108.73 -27.76 43.66
CA GLU G 97 -107.61 -28.57 44.08
C GLU G 97 -106.52 -28.50 43.02
N ASP G 98 -105.34 -29.00 43.37
CA ASP G 98 -104.19 -28.94 42.48
C ASP G 98 -104.06 -30.25 41.70
N ALA G 99 -102.94 -30.39 40.98
CA ALA G 99 -102.61 -31.64 40.31
C ALA G 99 -101.57 -32.45 41.05
N ALA G 100 -100.78 -31.82 41.92
CA ALA G 100 -99.88 -32.50 42.84
C ALA G 100 -98.85 -33.36 42.11
N ASN G 101 -98.22 -32.77 41.10
CA ASN G 101 -97.13 -33.41 40.36
C ASN G 101 -97.53 -34.76 39.79
N ASN G 102 -98.78 -34.88 39.34
CA ASN G 102 -99.30 -36.13 38.81
C ASN G 102 -99.84 -35.87 37.42
N PHE G 103 -99.18 -36.46 36.41
CA PHE G 103 -99.66 -36.31 35.04
C PHE G 103 -101.10 -36.80 34.90
N ALA G 104 -101.41 -37.92 35.54
CA ALA G 104 -102.76 -38.48 35.42
C ALA G 104 -103.79 -37.58 36.09
N ARG G 105 -103.45 -37.02 37.25
CA ARG G 105 -104.36 -36.10 37.92
C ARG G 105 -104.67 -34.89 37.04
N GLY G 106 -103.69 -34.40 36.30
CA GLY G 106 -103.93 -33.30 35.41
C GLY G 106 -104.60 -33.71 34.12
N HIS G 107 -104.03 -34.72 33.46
CA HIS G 107 -104.51 -35.11 32.14
C HIS G 107 -105.91 -35.74 32.21
N TYR G 108 -106.08 -36.72 33.09
CA TYR G 108 -107.30 -37.52 33.06
C TYR G 108 -108.33 -37.05 34.08
N THR G 109 -107.91 -36.82 35.32
CA THR G 109 -108.87 -36.65 36.41
C THR G 109 -109.49 -35.26 36.44
N ILE G 110 -108.65 -34.23 36.53
CA ILE G 110 -109.14 -32.89 36.80
C ILE G 110 -109.12 -31.99 35.57
N GLY G 111 -108.27 -32.26 34.58
CA GLY G 111 -108.20 -31.38 33.42
C GLY G 111 -109.52 -31.30 32.68
N LYS G 112 -110.23 -32.43 32.57
CA LYS G 112 -111.40 -32.50 31.69
C LYS G 112 -112.53 -31.57 32.13
N GLU G 113 -112.55 -31.13 33.39
CA GLU G 113 -113.70 -30.41 33.90
C GLU G 113 -113.54 -28.89 33.87
N ILE G 114 -112.39 -28.37 33.46
CA ILE G 114 -112.24 -26.93 33.25
C ILE G 114 -111.75 -26.59 31.85
N VAL G 115 -111.28 -27.57 31.06
CA VAL G 115 -110.95 -27.28 29.68
C VAL G 115 -112.17 -26.73 28.95
N ASP G 116 -113.36 -27.25 29.26
CA ASP G 116 -114.58 -26.72 28.66
C ASP G 116 -114.71 -25.23 28.94
N LEU G 117 -114.45 -24.82 30.18
CA LEU G 117 -114.44 -23.39 30.50
C LEU G 117 -113.30 -22.68 29.79
N ALA G 118 -112.10 -23.27 29.81
CA ALA G 118 -110.96 -22.64 29.15
C ALA G 118 -111.21 -22.48 27.66
N LEU G 119 -111.73 -23.51 27.00
CA LEU G 119 -112.02 -23.41 25.57
C LEU G 119 -113.05 -22.31 25.31
N ASP G 120 -114.03 -22.15 26.20
CA ASP G 120 -115.04 -21.11 25.98
C ASP G 120 -114.43 -19.72 26.07
N ARG G 121 -113.53 -19.51 27.03
CA ARG G 121 -112.88 -18.21 27.13
C ARG G 121 -111.95 -17.96 25.95
N ILE G 122 -111.25 -19.00 25.49
CA ILE G 122 -110.45 -18.86 24.28
C ILE G 122 -111.34 -18.49 23.09
N ARG G 123 -112.44 -19.22 22.91
CA ARG G 123 -113.36 -18.89 21.82
C ARG G 123 -113.88 -17.48 21.97
N LYS G 124 -114.25 -17.07 23.19
CA LYS G 124 -114.68 -15.70 23.41
C LYS G 124 -113.59 -14.72 23.05
N LEU G 125 -112.34 -15.05 23.39
CA LEU G 125 -111.23 -14.15 23.09
C LEU G 125 -110.90 -14.16 21.62
N ALA G 126 -111.02 -15.33 20.97
CA ALA G 126 -110.62 -15.43 19.57
C ALA G 126 -111.56 -14.64 18.66
N ASP G 127 -112.87 -14.75 18.86
CA ASP G 127 -113.81 -14.09 17.96
C ASP G 127 -113.62 -12.58 17.94
N ASN G 128 -113.00 -12.01 18.97
CA ASN G 128 -112.69 -10.59 18.96
C ASN G 128 -111.47 -10.28 18.10
N CYS G 129 -110.64 -11.28 17.82
CA CYS G 129 -109.45 -11.08 17.02
C CYS G 129 -109.77 -11.11 15.53
N THR G 130 -109.39 -10.05 14.82
CA THR G 130 -109.57 -10.04 13.37
C THR G 130 -108.58 -10.99 12.70
N GLY G 131 -107.28 -10.72 12.85
CA GLY G 131 -106.28 -11.65 12.39
C GLY G 131 -105.53 -12.28 13.55
N LEU G 132 -105.77 -13.56 13.80
CA LEU G 132 -105.12 -14.27 14.91
C LEU G 132 -103.86 -14.93 14.38
N GLN G 133 -102.71 -14.41 14.80
CA GLN G 133 -101.43 -14.96 14.33
C GLN G 133 -101.20 -16.36 14.90
N GLY G 134 -101.60 -16.59 16.13
CA GLY G 134 -101.41 -17.89 16.74
C GLY G 134 -101.40 -17.79 18.25
N PHE G 135 -101.40 -18.96 18.88
CA PHE G 135 -101.40 -19.04 20.32
C PHE G 135 -99.97 -19.03 20.84
N LEU G 136 -99.81 -18.61 22.10
CA LEU G 136 -98.50 -18.48 22.73
C LEU G 136 -98.63 -19.01 24.16
N VAL G 137 -98.35 -20.29 24.35
CA VAL G 137 -98.59 -20.98 25.61
C VAL G 137 -97.31 -20.98 26.44
N PHE G 138 -97.46 -20.78 27.74
CA PHE G 138 -96.34 -20.72 28.67
C PHE G 138 -96.49 -21.88 29.65
N ASN G 139 -95.64 -22.89 29.50
CA ASN G 139 -95.78 -24.14 30.21
C ASN G 139 -94.54 -24.41 31.05
N ALA G 140 -94.72 -25.22 32.09
CA ALA G 140 -93.64 -25.68 32.95
C ALA G 140 -93.72 -27.19 33.01
N VAL G 141 -92.92 -27.87 32.19
CA VAL G 141 -92.95 -29.33 32.12
C VAL G 141 -92.19 -29.88 33.33
N GLY G 142 -92.88 -30.69 34.12
CA GLY G 142 -92.28 -31.25 35.32
C GLY G 142 -93.26 -31.31 36.48
N GLY G 143 -94.45 -30.77 36.27
CA GLY G 143 -95.50 -30.81 37.27
C GLY G 143 -96.78 -31.41 36.70
N GLY G 144 -97.79 -31.47 37.54
CA GLY G 144 -99.06 -32.00 37.13
C GLY G 144 -99.86 -31.03 36.29
N THR G 145 -100.01 -29.80 36.77
CA THR G 145 -100.78 -28.80 36.05
C THR G 145 -100.14 -28.49 34.70
N GLY G 146 -98.85 -28.19 34.70
CA GLY G 146 -98.15 -27.81 33.49
C GLY G 146 -98.23 -28.86 32.40
N SER G 147 -97.83 -30.09 32.72
CA SER G 147 -97.79 -31.14 31.72
C SER G 147 -99.18 -31.68 31.41
N GLY G 148 -99.89 -32.14 32.44
CA GLY G 148 -101.18 -32.78 32.22
C GLY G 148 -102.18 -31.87 31.53
N LEU G 149 -102.43 -30.69 32.11
CA LEU G 149 -103.38 -29.75 31.50
C LEU G 149 -102.87 -29.22 30.17
N GLY G 150 -101.57 -28.91 30.09
CA GLY G 150 -101.02 -28.39 28.86
C GLY G 150 -101.24 -29.33 27.69
N SER G 151 -100.91 -30.61 27.88
CA SER G 151 -101.18 -31.60 26.84
C SER G 151 -102.66 -31.65 26.49
N LEU G 152 -103.53 -31.66 27.51
CA LEU G 152 -104.96 -31.75 27.26
C LEU G 152 -105.46 -30.54 26.48
N LEU G 153 -104.96 -29.35 26.80
CA LEU G 153 -105.37 -28.17 26.06
C LEU G 153 -104.87 -28.20 24.63
N LEU G 154 -103.63 -28.65 24.42
CA LEU G 154 -103.08 -28.70 23.06
C LEU G 154 -103.87 -29.66 22.19
N GLU G 155 -104.36 -30.77 22.76
CA GLU G 155 -105.16 -31.70 22.00
C GLU G 155 -106.47 -31.07 21.56
N ARG G 156 -107.15 -30.40 22.48
CA ARG G 156 -108.40 -29.73 22.13
C ARG G 156 -108.15 -28.63 21.10
N LEU G 157 -107.05 -27.90 21.25
CA LEU G 157 -106.77 -26.78 20.35
C LEU G 157 -106.43 -27.27 18.94
N SER G 158 -105.69 -28.38 18.84
CA SER G 158 -105.35 -28.91 17.53
C SER G 158 -106.59 -29.45 16.83
N VAL G 159 -107.48 -30.11 17.56
CA VAL G 159 -108.69 -30.65 16.95
C VAL G 159 -109.61 -29.51 16.53
N ASP G 160 -109.62 -28.41 17.28
CA ASP G 160 -110.51 -27.31 16.95
C ASP G 160 -109.98 -26.50 15.77
N TYR G 161 -108.73 -26.05 15.86
CA TYR G 161 -108.19 -25.12 14.88
C TYR G 161 -107.39 -25.81 13.77
N GLY G 162 -106.34 -26.52 14.15
CA GLY G 162 -105.54 -27.22 13.16
C GLY G 162 -104.69 -26.28 12.33
N LYS G 163 -105.34 -25.48 11.49
CA LYS G 163 -104.62 -24.55 10.64
C LYS G 163 -104.05 -23.37 11.41
N LYS G 164 -104.55 -23.09 12.61
CA LYS G 164 -103.95 -22.07 13.43
C LYS G 164 -102.61 -22.54 13.99
N SER G 165 -101.76 -21.59 14.35
CA SER G 165 -100.41 -21.90 14.76
C SER G 165 -100.29 -21.86 16.28
N LYS G 166 -99.51 -22.78 16.82
CA LYS G 166 -99.24 -22.86 18.25
C LYS G 166 -97.74 -22.70 18.48
N LEU G 167 -97.39 -21.97 19.54
CA LEU G 167 -96.00 -21.81 19.93
C LEU G 167 -95.89 -22.00 21.43
N GLY G 168 -94.86 -22.72 21.86
CA GLY G 168 -94.77 -23.08 23.26
C GLY G 168 -93.43 -22.82 23.91
N PHE G 169 -93.43 -22.01 24.97
CA PHE G 169 -92.24 -21.80 25.80
C PHE G 169 -92.34 -22.70 27.01
N THR G 170 -91.54 -23.76 27.04
CA THR G 170 -91.63 -24.78 28.07
C THR G 170 -90.36 -24.79 28.91
N VAL G 171 -90.50 -24.47 30.19
CA VAL G 171 -89.38 -24.61 31.11
C VAL G 171 -89.11 -26.10 31.29
N TYR G 172 -88.02 -26.55 30.82
CA TYR G 172 -87.67 -27.96 30.82
C TYR G 172 -86.90 -28.33 32.08
N PRO G 173 -87.06 -29.55 32.57
CA PRO G 173 -86.31 -29.95 33.77
C PRO G 173 -84.81 -29.90 33.52
N SER G 174 -84.13 -29.18 34.41
CA SER G 174 -82.68 -29.05 34.32
C SER G 174 -82.01 -30.39 34.60
N PRO G 175 -80.83 -30.63 34.04
CA PRO G 175 -80.13 -31.90 34.32
C PRO G 175 -79.79 -32.08 35.78
N GLN G 176 -79.05 -31.14 36.35
CA GLN G 176 -78.60 -31.28 37.74
C GLN G 176 -79.65 -30.78 38.73
N VAL G 177 -79.95 -29.49 38.67
CA VAL G 177 -80.92 -28.91 39.59
C VAL G 177 -82.30 -29.47 39.29
N SER G 178 -82.98 -29.97 40.33
CA SER G 178 -84.32 -30.52 40.17
C SER G 178 -85.06 -30.35 41.48
N THR G 179 -86.21 -29.69 41.44
CA THR G 179 -87.01 -29.43 42.62
C THR G 179 -88.10 -30.47 42.84
N ALA G 180 -88.24 -31.43 41.94
CA ALA G 180 -89.22 -32.49 42.08
C ALA G 180 -88.52 -33.84 41.93
N VAL G 181 -89.28 -34.91 42.18
CA VAL G 181 -88.75 -36.25 42.03
C VAL G 181 -89.47 -37.05 40.94
N VAL G 182 -90.74 -36.78 40.69
CA VAL G 182 -91.51 -37.55 39.74
C VAL G 182 -91.55 -36.86 38.39
N GLU G 183 -90.65 -35.91 38.18
CA GLU G 183 -90.69 -35.16 36.93
C GLU G 183 -90.23 -35.96 35.70
N PRO G 184 -89.32 -36.93 35.82
CA PRO G 184 -89.03 -37.75 34.62
C PRO G 184 -90.26 -38.43 34.05
N TYR G 185 -91.15 -38.90 34.92
CA TYR G 185 -92.37 -39.56 34.46
C TYR G 185 -93.26 -38.59 33.68
N ASN G 186 -93.65 -37.50 34.33
CA ASN G 186 -94.60 -36.60 33.69
C ASN G 186 -93.99 -35.84 32.51
N SER G 187 -92.69 -35.55 32.56
CA SER G 187 -92.06 -34.88 31.43
C SER G 187 -92.16 -35.73 30.16
N VAL G 188 -91.77 -36.99 30.24
CA VAL G 188 -91.85 -37.87 29.08
C VAL G 188 -93.28 -37.96 28.57
N LEU G 189 -94.25 -38.02 29.49
CA LEU G 189 -95.64 -38.10 29.06
C LEU G 189 -96.08 -36.82 28.36
N SER G 190 -95.50 -35.69 28.73
CA SER G 190 -95.85 -34.44 28.05
C SER G 190 -95.26 -34.39 26.65
N THR G 191 -94.03 -34.87 26.48
CA THR G 191 -93.35 -34.76 25.19
C THR G 191 -94.17 -35.41 24.08
N HIS G 192 -94.48 -36.69 24.21
CA HIS G 192 -95.27 -37.36 23.19
C HIS G 192 -96.60 -36.65 22.94
N SER G 193 -97.26 -36.19 23.99
CA SER G 193 -98.56 -35.54 23.80
C SER G 193 -98.41 -34.17 23.12
N LEU G 194 -97.27 -33.49 23.32
CA LEU G 194 -97.10 -32.18 22.71
C LEU G 194 -96.65 -32.26 21.27
N LEU G 195 -95.68 -33.14 20.97
CA LEU G 195 -95.02 -33.12 19.66
C LEU G 195 -96.02 -33.24 18.52
N GLU G 196 -97.02 -34.10 18.69
CA GLU G 196 -98.03 -34.29 17.65
C GLU G 196 -99.01 -33.13 17.57
N HIS G 197 -98.90 -32.13 18.44
CA HIS G 197 -99.89 -31.05 18.51
C HIS G 197 -99.29 -29.66 18.42
N THR G 198 -98.13 -29.43 19.05
CA THR G 198 -97.51 -28.12 18.95
C THR G 198 -96.96 -27.88 17.55
N ASP G 199 -96.86 -26.61 17.17
CA ASP G 199 -96.29 -26.27 15.88
C ASP G 199 -94.82 -25.88 16.01
N VAL G 200 -94.47 -25.09 17.02
CA VAL G 200 -93.10 -24.75 17.32
C VAL G 200 -92.94 -24.71 18.83
N ALA G 201 -91.83 -25.25 19.35
CA ALA G 201 -91.64 -25.36 20.78
C ALA G 201 -90.24 -24.87 21.13
N VAL G 202 -90.16 -23.80 21.93
CA VAL G 202 -88.91 -23.30 22.46
C VAL G 202 -88.68 -23.96 23.81
N MET G 203 -87.45 -24.39 24.05
CA MET G 203 -87.09 -25.07 25.29
C MET G 203 -86.10 -24.21 26.06
N LEU G 204 -86.16 -24.32 27.38
CA LEU G 204 -85.23 -23.62 28.25
C LEU G 204 -85.36 -24.22 29.65
N ASP G 205 -84.26 -24.18 30.40
CA ASP G 205 -84.23 -24.70 31.76
C ASP G 205 -83.97 -23.57 32.74
N ASN G 206 -83.92 -23.91 34.02
CA ASN G 206 -83.60 -22.94 35.06
C ASN G 206 -82.11 -22.80 35.29
N GLU G 207 -81.36 -23.90 35.11
CA GLU G 207 -79.95 -23.89 35.45
C GLU G 207 -79.18 -22.93 34.56
N ALA G 208 -79.38 -23.02 33.24
CA ALA G 208 -78.62 -22.18 32.33
C ALA G 208 -78.85 -20.71 32.59
N ILE G 209 -80.08 -20.35 32.96
CA ILE G 209 -80.40 -18.96 33.20
C ILE G 209 -79.81 -18.50 34.52
N TYR G 210 -79.70 -19.42 35.49
CA TYR G 210 -79.01 -19.12 36.74
C TYR G 210 -77.57 -18.68 36.46
N ASP G 211 -76.84 -19.46 35.68
CA ASP G 211 -75.45 -19.12 35.39
C ASP G 211 -75.35 -17.80 34.65
N ILE G 212 -76.33 -17.51 33.78
CA ILE G 212 -76.32 -16.24 33.05
C ILE G 212 -76.43 -15.07 34.03
N CYS G 213 -77.32 -15.18 35.01
CA CYS G 213 -77.37 -14.17 36.06
C CYS G 213 -76.06 -14.13 36.85
N ARG G 214 -75.37 -15.26 36.95
CA ARG G 214 -74.13 -15.29 37.73
C ARG G 214 -72.98 -14.63 36.98
N ARG G 215 -72.70 -15.09 35.76
CA ARG G 215 -71.61 -14.50 35.00
C ARG G 215 -71.84 -13.03 34.72
N SER G 216 -72.87 -12.72 33.94
CA SER G 216 -72.98 -11.40 33.33
C SER G 216 -73.54 -10.38 34.31
N LEU G 217 -74.76 -10.59 34.80
CA LEU G 217 -75.37 -9.63 35.71
C LEU G 217 -74.70 -9.62 37.07
N ASP G 218 -73.95 -10.68 37.40
CA ASP G 218 -73.21 -10.78 38.64
C ASP G 218 -74.12 -10.57 39.83
N ILE G 219 -75.30 -11.19 39.77
CA ILE G 219 -76.24 -11.24 40.88
C ILE G 219 -75.99 -12.54 41.62
N GLU G 220 -75.44 -12.46 42.82
CA GLU G 220 -75.23 -13.64 43.64
C GLU G 220 -76.51 -14.16 44.26
N ARG G 221 -77.58 -13.37 44.27
CA ARG G 221 -78.87 -13.77 44.82
C ARG G 221 -79.90 -13.82 43.69
N PRO G 222 -79.88 -14.87 42.88
CA PRO G 222 -80.90 -15.03 41.86
C PRO G 222 -82.09 -15.82 42.40
N THR G 223 -83.28 -15.37 42.03
CA THR G 223 -84.49 -16.05 42.40
C THR G 223 -85.45 -16.00 41.22
N TYR G 224 -86.65 -16.55 41.41
CA TYR G 224 -87.52 -16.80 40.28
C TYR G 224 -87.95 -15.50 39.57
N THR G 225 -87.89 -14.36 40.26
CA THR G 225 -88.26 -13.12 39.58
C THR G 225 -87.27 -12.77 38.48
N ASN G 226 -85.98 -13.03 38.68
CA ASN G 226 -84.99 -12.68 37.66
C ASN G 226 -85.17 -13.53 36.42
N LEU G 227 -85.37 -14.83 36.60
CA LEU G 227 -85.59 -15.69 35.45
C LEU G 227 -86.80 -15.21 34.66
N ASN G 228 -87.88 -14.87 35.36
CA ASN G 228 -89.10 -14.42 34.67
C ASN G 228 -88.86 -13.11 33.92
N ARG G 229 -88.05 -12.22 34.48
CA ARG G 229 -87.72 -10.99 33.76
C ARG G 229 -87.00 -11.28 32.45
N LEU G 230 -86.05 -12.22 32.48
CA LEU G 230 -85.28 -12.52 31.27
C LEU G 230 -86.16 -13.15 30.21
N ILE G 231 -87.05 -14.05 30.59
CA ILE G 231 -87.98 -14.62 29.63
C ILE G 231 -88.87 -13.53 29.05
N ALA G 232 -89.30 -12.58 29.90
CA ALA G 232 -90.10 -11.47 29.40
C ALA G 232 -89.34 -10.66 28.37
N GLN G 233 -88.05 -10.42 28.61
CA GLN G 233 -87.25 -9.67 27.65
C GLN G 233 -87.15 -10.40 26.32
N VAL G 234 -87.00 -11.73 26.36
CA VAL G 234 -86.85 -12.49 25.12
C VAL G 234 -88.11 -12.39 24.27
N ILE G 235 -89.28 -12.58 24.88
CA ILE G 235 -90.52 -12.55 24.12
C ILE G 235 -90.82 -11.16 23.60
N SER G 236 -90.52 -10.12 24.39
CA SER G 236 -90.63 -8.76 23.88
C SER G 236 -89.77 -8.56 22.65
N SER G 237 -88.61 -9.23 22.59
CA SER G 237 -87.77 -9.16 21.42
C SER G 237 -88.40 -9.90 20.24
N LEU G 238 -89.05 -11.02 20.51
CA LEU G 238 -89.69 -11.79 19.44
C LEU G 238 -90.81 -11.00 18.80
N THR G 239 -91.76 -10.55 19.60
CA THR G 239 -92.98 -9.92 19.09
C THR G 239 -92.76 -8.50 18.59
N ALA G 240 -91.57 -7.93 18.80
CA ALA G 240 -91.31 -6.57 18.32
C ALA G 240 -91.55 -6.46 16.82
N SER G 241 -91.23 -7.50 16.07
CA SER G 241 -91.50 -7.48 14.64
C SER G 241 -93.00 -7.42 14.36
N LEU G 242 -93.81 -7.95 15.27
CA LEU G 242 -95.26 -7.92 15.08
C LEU G 242 -95.83 -6.53 15.35
N ARG G 243 -95.46 -5.94 16.49
CA ARG G 243 -96.11 -4.74 16.99
C ARG G 243 -95.25 -3.49 16.86
N PHE G 244 -94.32 -3.47 15.91
CA PHE G 244 -93.49 -2.29 15.70
C PHE G 244 -93.06 -2.25 14.23
N ASP G 245 -92.16 -1.33 13.92
CA ASP G 245 -91.64 -1.16 12.58
C ASP G 245 -90.15 -1.47 12.56
N GLY G 246 -89.54 -1.27 11.40
CA GLY G 246 -88.13 -1.54 11.24
C GLY G 246 -87.84 -2.37 10.01
N ALA G 247 -86.61 -2.30 9.51
CA ALA G 247 -86.24 -3.08 8.35
C ALA G 247 -86.32 -4.57 8.67
N LEU G 248 -86.65 -5.36 7.64
CA LEU G 248 -86.72 -6.81 7.76
C LEU G 248 -87.71 -7.25 8.84
N ASN G 249 -88.98 -6.92 8.62
CA ASN G 249 -90.02 -7.39 9.50
C ASN G 249 -90.09 -8.92 9.47
N VAL G 250 -90.64 -9.49 10.54
CA VAL G 250 -90.73 -10.95 10.68
C VAL G 250 -92.09 -11.30 11.26
N ASP G 251 -92.78 -12.23 10.63
CA ASP G 251 -94.08 -12.71 11.09
C ASP G 251 -93.96 -14.17 11.47
N ILE G 252 -94.95 -14.65 12.24
CA ILE G 252 -94.94 -16.03 12.71
C ILE G 252 -94.85 -17.00 11.55
N THR G 253 -95.68 -16.81 10.53
CA THR G 253 -95.63 -17.67 9.35
C THR G 253 -94.23 -17.68 8.76
N GLU G 254 -93.67 -16.50 8.51
CA GLU G 254 -92.32 -16.42 7.97
C GLU G 254 -91.31 -17.00 8.94
N PHE G 255 -91.44 -16.67 10.22
CA PHE G 255 -90.58 -17.26 11.23
C PHE G 255 -90.64 -18.78 11.22
N GLN G 256 -91.83 -19.32 11.02
CA GLN G 256 -92.00 -20.77 11.05
C GLN G 256 -91.44 -21.44 9.82
N THR G 257 -91.78 -20.92 8.63
CA THR G 257 -91.50 -21.64 7.40
C THR G 257 -90.00 -21.77 7.15
N ASN G 258 -89.19 -20.81 7.58
CA ASN G 258 -87.76 -20.86 7.33
C ASN G 258 -86.96 -21.42 8.49
N LEU G 259 -87.62 -21.95 9.52
CA LEU G 259 -86.91 -22.44 10.69
C LEU G 259 -87.12 -23.92 10.96
N VAL G 260 -88.29 -24.46 10.65
CA VAL G 260 -88.60 -25.87 10.94
C VAL G 260 -88.49 -26.68 9.65
N PRO G 261 -87.36 -27.34 9.41
CA PRO G 261 -87.20 -28.08 8.15
C PRO G 261 -88.12 -29.28 8.04
N TYR G 262 -88.15 -30.10 9.08
CA TYR G 262 -88.98 -31.30 9.04
C TYR G 262 -90.13 -31.19 10.04
N PRO G 263 -91.27 -31.80 9.76
CA PRO G 263 -92.43 -31.66 10.66
C PRO G 263 -92.14 -32.07 12.09
N ARG G 264 -91.11 -32.87 12.32
CA ARG G 264 -90.81 -33.32 13.68
C ARG G 264 -89.90 -32.35 14.41
N ILE G 265 -88.74 -32.05 13.82
CA ILE G 265 -87.70 -31.30 14.51
C ILE G 265 -88.12 -29.84 14.64
N HIS G 266 -88.69 -29.48 15.79
CA HIS G 266 -89.05 -28.10 16.07
C HIS G 266 -88.70 -27.68 17.48
N PHE G 267 -87.80 -28.39 18.15
CA PHE G 267 -87.34 -28.01 19.47
C PHE G 267 -86.07 -27.19 19.33
N MET G 268 -86.15 -25.91 19.68
CA MET G 268 -85.09 -24.97 19.38
C MET G 268 -84.57 -24.33 20.65
N LEU G 269 -83.31 -23.91 20.61
CA LEU G 269 -82.65 -23.25 21.72
C LEU G 269 -82.96 -21.76 21.69
N SER G 270 -82.33 -21.01 22.59
CA SER G 270 -82.49 -19.56 22.64
C SER G 270 -81.26 -18.93 23.28
N SER G 271 -81.16 -17.62 23.15
CA SER G 271 -80.07 -16.85 23.73
C SER G 271 -80.40 -15.37 23.57
N TYR G 272 -79.95 -14.56 24.52
CA TYR G 272 -80.20 -13.14 24.49
C TYR G 272 -78.92 -12.39 24.84
N ALA G 273 -78.76 -11.22 24.24
CA ALA G 273 -77.57 -10.41 24.44
C ALA G 273 -77.85 -9.00 23.93
N PRO G 274 -77.26 -7.96 24.54
CA PRO G 274 -76.36 -8.07 25.69
C PRO G 274 -77.14 -8.09 26.99
N ILE G 275 -76.51 -8.59 28.05
CA ILE G 275 -77.16 -8.67 29.34
C ILE G 275 -76.14 -8.28 30.40
N ILE G 276 -76.23 -7.04 30.90
CA ILE G 276 -75.19 -6.45 31.72
C ILE G 276 -75.82 -5.50 32.72
N SER G 277 -75.02 -5.05 33.67
CA SER G 277 -75.44 -4.07 34.66
C SER G 277 -75.19 -2.66 34.14
N ALA G 278 -75.30 -1.67 35.02
CA ALA G 278 -75.08 -0.29 34.60
C ALA G 278 -73.61 -0.03 34.28
N GLU G 279 -72.70 -0.50 35.12
CA GLU G 279 -71.30 -0.19 34.90
C GLU G 279 -70.75 -0.83 33.64
N LYS G 280 -71.14 -2.07 33.34
CA LYS G 280 -70.72 -2.68 32.08
C LYS G 280 -71.20 -1.84 30.89
N ALA G 281 -72.44 -1.34 30.95
CA ALA G 281 -72.91 -0.46 29.88
C ALA G 281 -72.02 0.77 29.74
N TYR G 282 -71.32 1.15 30.81
CA TYR G 282 -70.43 2.29 30.75
C TYR G 282 -69.07 1.90 30.21
N HIS G 283 -68.66 0.65 30.42
CA HIS G 283 -67.36 0.18 29.98
C HIS G 283 -67.41 -0.55 28.65
N GLU G 284 -68.57 -0.65 28.03
CA GLU G 284 -68.72 -1.27 26.73
C GLU G 284 -69.17 -0.24 25.70
N GLN G 285 -69.07 -0.62 24.43
CA GLN G 285 -69.67 0.16 23.35
C GLN G 285 -70.71 -0.63 22.57
N LEU G 286 -70.69 -1.96 22.63
CA LEU G 286 -71.77 -2.80 22.15
C LEU G 286 -72.00 -2.62 20.64
N SER G 287 -70.92 -2.83 19.89
CA SER G 287 -71.08 -2.97 18.45
C SER G 287 -72.00 -4.16 18.16
N VAL G 288 -72.74 -4.06 17.06
CA VAL G 288 -73.58 -5.17 16.65
C VAL G 288 -72.74 -6.41 16.42
N ALA G 289 -71.48 -6.24 16.04
CA ALA G 289 -70.60 -7.40 15.89
C ALA G 289 -70.24 -7.97 17.25
N GLU G 290 -70.15 -7.12 18.27
CA GLU G 290 -69.87 -7.60 19.62
C GLU G 290 -71.07 -8.36 20.19
N ILE G 291 -72.27 -7.81 20.02
CA ILE G 291 -73.45 -8.46 20.57
C ILE G 291 -73.68 -9.81 19.91
N THR G 292 -73.45 -9.90 18.60
CA THR G 292 -73.72 -11.14 17.88
C THR G 292 -72.75 -12.24 18.31
N ASN G 293 -71.52 -11.88 18.65
CA ASN G 293 -70.57 -12.89 19.12
C ASN G 293 -70.99 -13.42 20.48
N ALA G 294 -71.45 -12.53 21.36
CA ALA G 294 -71.96 -12.98 22.65
C ALA G 294 -73.20 -13.85 22.48
N ALA G 295 -74.01 -13.57 21.46
CA ALA G 295 -75.23 -14.33 21.24
C ALA G 295 -74.93 -15.75 20.79
N PHE G 296 -74.09 -15.89 19.77
CA PHE G 296 -73.75 -17.22 19.27
C PHE G 296 -72.85 -17.99 20.21
N GLU G 297 -72.32 -17.35 21.24
CA GLU G 297 -71.55 -18.06 22.24
C GLU G 297 -72.41 -19.14 22.89
N PRO G 298 -71.88 -20.36 23.07
CA PRO G 298 -72.67 -21.38 23.78
C PRO G 298 -72.93 -21.05 25.24
N ALA G 299 -71.99 -20.41 25.94
CA ALA G 299 -72.20 -20.15 27.36
C ALA G 299 -73.38 -19.22 27.62
N SER G 300 -73.81 -18.44 26.64
CA SER G 300 -74.93 -17.54 26.83
C SER G 300 -76.28 -18.17 26.48
N MET G 301 -76.29 -19.45 26.11
CA MET G 301 -77.55 -20.13 25.86
C MET G 301 -78.38 -20.20 27.14
N MET G 302 -79.69 -20.37 26.96
CA MET G 302 -80.60 -20.53 28.09
C MET G 302 -81.05 -21.98 28.24
N VAL G 303 -80.32 -22.92 27.64
CA VAL G 303 -80.56 -24.34 27.81
C VAL G 303 -79.22 -25.00 28.14
N LYS G 304 -79.26 -26.06 28.94
CA LYS G 304 -78.04 -26.78 29.26
C LYS G 304 -77.70 -27.77 28.15
N CYS G 305 -77.69 -27.28 26.91
CA CYS G 305 -77.26 -28.05 25.75
C CYS G 305 -76.09 -27.34 25.11
N ASP G 306 -75.04 -28.10 24.79
CA ASP G 306 -73.88 -27.50 24.15
C ASP G 306 -74.04 -27.60 22.64
N PRO G 307 -74.14 -26.48 21.92
CA PRO G 307 -74.34 -26.57 20.47
C PRO G 307 -73.14 -27.12 19.74
N ARG G 308 -71.94 -27.00 20.29
CA ARG G 308 -70.72 -27.45 19.61
C ARG G 308 -70.61 -28.95 19.53
N HIS G 309 -71.64 -29.69 19.93
CA HIS G 309 -71.71 -31.12 19.73
C HIS G 309 -72.62 -31.52 18.58
N GLY G 310 -73.27 -30.55 17.95
CA GLY G 310 -74.08 -30.82 16.78
C GLY G 310 -73.84 -29.79 15.70
N LYS G 311 -74.83 -29.61 14.83
CA LYS G 311 -74.75 -28.63 13.76
C LYS G 311 -75.97 -27.73 13.83
N TYR G 312 -75.92 -26.63 13.10
CA TYR G 312 -76.99 -25.63 13.11
C TYR G 312 -77.85 -25.84 11.88
N MET G 313 -79.08 -26.33 12.09
CA MET G 313 -79.98 -26.53 10.96
C MET G 313 -80.55 -25.21 10.47
N ALA G 314 -80.70 -24.23 11.36
CA ALA G 314 -81.19 -22.90 11.00
C ALA G 314 -81.08 -22.00 12.22
N CYS G 315 -81.00 -20.70 11.96
CA CYS G 315 -80.95 -19.70 13.02
C CYS G 315 -81.81 -18.51 12.63
N CYS G 316 -82.47 -17.93 13.62
CA CYS G 316 -83.30 -16.75 13.42
C CYS G 316 -82.89 -15.70 14.44
N LEU G 317 -82.39 -14.58 13.94
CA LEU G 317 -81.86 -13.51 14.78
C LEU G 317 -82.77 -12.29 14.71
N MET G 318 -83.09 -11.72 15.88
CA MET G 318 -83.92 -10.53 15.97
C MET G 318 -83.12 -9.46 16.72
N TYR G 319 -82.61 -8.48 16.01
CA TYR G 319 -81.89 -7.39 16.65
C TYR G 319 -82.91 -6.38 17.13
N ARG G 320 -82.44 -5.27 17.69
CA ARG G 320 -83.35 -4.32 18.30
C ARG G 320 -82.66 -3.00 18.54
N GLY G 321 -83.30 -1.90 18.14
CA GLY G 321 -82.74 -0.59 18.38
C GLY G 321 -81.92 -0.06 17.21
N ASP G 322 -80.75 0.49 17.51
CA ASP G 322 -79.89 1.09 16.49
C ASP G 322 -79.09 -0.01 15.81
N VAL G 323 -79.62 -0.50 14.69
CA VAL G 323 -78.94 -1.52 13.89
C VAL G 323 -79.19 -1.21 12.42
N VAL G 324 -78.18 -1.49 11.59
CA VAL G 324 -78.28 -1.28 10.15
C VAL G 324 -77.96 -2.58 9.44
N PRO G 325 -78.61 -2.87 8.31
CA PRO G 325 -78.46 -4.20 7.68
C PRO G 325 -77.06 -4.50 7.19
N LYS G 326 -76.27 -3.49 6.86
CA LYS G 326 -74.89 -3.72 6.46
C LYS G 326 -74.12 -4.43 7.56
N ASP G 327 -74.26 -3.95 8.80
CA ASP G 327 -73.55 -4.53 9.92
C ASP G 327 -74.07 -5.92 10.24
N VAL G 328 -75.38 -6.13 10.04
CA VAL G 328 -75.94 -7.46 10.21
C VAL G 328 -75.23 -8.44 9.28
N ASN G 329 -75.21 -8.13 7.99
CA ASN G 329 -74.56 -9.01 7.02
C ASN G 329 -73.07 -9.10 7.26
N ALA G 330 -72.46 -8.03 7.77
CA ALA G 330 -71.05 -8.08 8.12
C ALA G 330 -70.80 -9.07 9.24
N SER G 331 -71.61 -9.02 10.28
CA SER G 331 -71.45 -9.96 11.39
C SER G 331 -71.79 -11.38 10.97
N VAL G 332 -72.95 -11.56 10.31
CA VAL G 332 -73.32 -12.88 9.81
C VAL G 332 -72.21 -13.48 8.98
N ALA G 333 -71.58 -12.67 8.14
CA ALA G 333 -70.48 -13.16 7.31
C ALA G 333 -69.32 -13.65 8.18
N THR G 334 -68.92 -12.86 9.18
CA THR G 334 -67.79 -13.24 10.02
C THR G 334 -68.04 -14.58 10.70
N ILE G 335 -69.25 -14.77 11.23
CA ILE G 335 -69.55 -16.00 11.95
C ILE G 335 -69.58 -17.19 11.00
N LYS G 336 -70.07 -16.99 9.78
CA LYS G 336 -70.05 -18.08 8.81
C LYS G 336 -68.62 -18.47 8.45
N THR G 337 -67.71 -17.49 8.38
CA THR G 337 -66.31 -17.81 8.18
C THR G 337 -65.73 -18.51 9.40
N LYS G 338 -66.26 -18.23 10.58
CA LYS G 338 -65.79 -18.87 11.80
C LYS G 338 -65.94 -20.38 11.70
N ARG G 339 -65.05 -21.10 12.35
CA ARG G 339 -64.92 -22.55 12.16
C ARG G 339 -65.61 -23.39 13.22
N THR G 340 -65.73 -22.88 14.45
CA THR G 340 -66.36 -23.67 15.52
C THR G 340 -67.82 -23.96 15.23
N ILE G 341 -68.49 -23.08 14.48
CA ILE G 341 -69.91 -23.21 14.22
C ILE G 341 -70.11 -24.14 13.03
N GLN G 342 -70.78 -25.26 13.26
CA GLN G 342 -71.06 -26.22 12.19
C GLN G 342 -72.46 -26.03 11.65
N PHE G 343 -72.60 -26.33 10.36
CA PHE G 343 -73.88 -26.26 9.67
C PHE G 343 -74.03 -27.51 8.84
N VAL G 344 -75.26 -28.02 8.76
CA VAL G 344 -75.50 -29.23 7.99
C VAL G 344 -75.38 -28.91 6.51
N ASP G 345 -74.94 -29.89 5.72
CA ASP G 345 -74.70 -29.66 4.29
C ASP G 345 -75.95 -29.14 3.60
N TRP G 346 -77.12 -29.71 3.91
CA TRP G 346 -78.27 -29.34 3.10
C TRP G 346 -78.81 -27.97 3.42
N CYS G 347 -78.15 -27.15 4.22
CA CYS G 347 -78.54 -25.75 4.41
C CYS G 347 -77.31 -24.88 4.17
N PRO G 348 -77.01 -24.58 2.91
CA PRO G 348 -75.93 -23.61 2.63
C PRO G 348 -76.29 -22.21 3.08
N THR G 349 -77.58 -21.89 3.07
CA THR G 349 -78.13 -20.74 3.76
C THR G 349 -78.27 -21.09 5.24
N GLY G 350 -79.07 -20.33 5.98
CA GLY G 350 -79.23 -20.66 7.39
C GLY G 350 -79.46 -19.52 8.35
N PHE G 351 -79.56 -18.28 7.86
CA PHE G 351 -79.81 -17.14 8.72
C PHE G 351 -81.08 -16.42 8.28
N LYS G 352 -81.95 -16.14 9.25
CA LYS G 352 -83.11 -15.28 9.05
C LYS G 352 -83.02 -14.13 10.04
N CYS G 353 -82.60 -12.96 9.56
CA CYS G 353 -82.31 -11.82 10.42
C CYS G 353 -83.42 -10.80 10.35
N GLY G 354 -83.79 -10.23 11.49
CA GLY G 354 -84.83 -9.23 11.55
C GLY G 354 -84.42 -8.07 12.42
N ILE G 355 -84.90 -6.88 12.06
CA ILE G 355 -84.53 -5.65 12.75
C ILE G 355 -85.79 -4.94 13.21
N ASN G 356 -85.67 -4.20 14.31
CA ASN G 356 -86.71 -3.28 14.75
C ASN G 356 -86.06 -2.04 15.33
N TYR G 357 -86.56 -0.87 14.96
CA TYR G 357 -86.00 0.36 15.46
C TYR G 357 -86.46 0.69 16.88
N GLN G 358 -87.33 -0.12 17.46
CA GLN G 358 -87.83 0.13 18.79
C GLN G 358 -86.85 -0.44 19.80
N PRO G 359 -86.12 0.38 20.55
CA PRO G 359 -85.07 -0.14 21.44
C PRO G 359 -85.67 -1.01 22.53
N PRO G 360 -84.85 -1.78 23.24
CA PRO G 360 -85.37 -2.51 24.40
C PRO G 360 -85.69 -1.57 25.54
N THR G 361 -86.68 -1.94 26.33
CA THR G 361 -87.13 -1.14 27.45
C THR G 361 -86.69 -1.77 28.75
N VAL G 362 -86.28 -0.93 29.69
CA VAL G 362 -85.83 -1.36 31.00
C VAL G 362 -86.97 -1.15 31.99
N VAL G 363 -87.18 -2.14 32.85
CA VAL G 363 -88.18 -2.02 33.91
C VAL G 363 -87.50 -1.45 35.15
N PRO G 364 -88.06 -0.44 35.78
CA PRO G 364 -87.48 0.06 37.03
C PRO G 364 -87.48 -1.01 38.11
N GLY G 365 -86.47 -0.95 38.97
CA GLY G 365 -86.25 -1.99 39.95
C GLY G 365 -85.72 -3.28 39.38
N GLY G 366 -85.57 -3.38 38.06
CA GLY G 366 -85.06 -4.58 37.43
C GLY G 366 -83.55 -4.66 37.52
N ASP G 367 -83.01 -5.62 36.79
CA ASP G 367 -81.58 -5.92 36.80
C ASP G 367 -80.86 -5.41 35.56
N LEU G 368 -81.44 -5.63 34.38
CA LEU G 368 -80.82 -5.18 33.14
C LEU G 368 -80.67 -3.67 33.12
N ALA G 369 -79.83 -3.19 32.21
CA ALA G 369 -79.53 -1.78 32.05
C ALA G 369 -80.29 -1.23 30.84
N LYS G 370 -80.03 0.04 30.53
CA LYS G 370 -80.61 0.68 29.35
C LYS G 370 -79.61 0.62 28.21
N VAL G 371 -79.98 -0.07 27.14
CA VAL G 371 -79.12 -0.23 25.97
C VAL G 371 -79.92 0.09 24.72
N GLN G 372 -79.25 0.65 23.73
CA GLN G 372 -79.87 0.95 22.45
C GLN G 372 -79.75 -0.19 21.45
N ARG G 373 -79.10 -1.29 21.84
CA ARG G 373 -78.98 -2.46 20.98
C ARG G 373 -79.30 -3.70 21.81
N ALA G 374 -79.78 -4.73 21.12
CA ALA G 374 -80.10 -5.99 21.78
C ALA G 374 -80.28 -7.05 20.70
N VAL G 375 -79.93 -8.28 21.04
CA VAL G 375 -79.99 -9.39 20.08
C VAL G 375 -80.58 -10.60 20.79
N CYS G 376 -81.55 -11.23 20.15
CA CYS G 376 -82.15 -12.46 20.65
C CYS G 376 -81.97 -13.55 19.59
N MET G 377 -81.10 -14.51 19.88
CA MET G 377 -80.81 -15.58 18.95
C MET G 377 -81.68 -16.80 19.26
N ILE G 378 -82.16 -17.45 18.21
CA ILE G 378 -82.98 -18.65 18.34
C ILE G 378 -82.53 -19.62 17.27
N SER G 379 -81.97 -20.75 17.69
CA SER G 379 -81.40 -21.72 16.76
C SER G 379 -82.10 -23.07 16.89
N ASN G 380 -82.39 -23.68 15.75
CA ASN G 380 -82.90 -25.04 15.68
C ASN G 380 -81.69 -25.92 15.40
N SER G 381 -80.98 -26.30 16.46
CA SER G 381 -79.77 -27.09 16.35
C SER G 381 -80.05 -28.56 16.64
N THR G 382 -79.20 -29.42 16.09
CA THR G 382 -79.32 -30.86 16.28
C THR G 382 -78.49 -31.37 17.44
N ALA G 383 -78.13 -30.50 18.38
CA ALA G 383 -77.42 -30.90 19.59
C ALA G 383 -78.35 -31.11 20.77
N ILE G 384 -79.64 -30.80 20.62
CA ILE G 384 -80.61 -30.87 21.70
C ILE G 384 -80.90 -32.34 22.02
N GLY G 385 -80.40 -33.24 21.19
CA GLY G 385 -80.61 -34.65 21.43
C GLY G 385 -80.07 -35.12 22.77
N GLU G 386 -79.07 -34.42 23.31
CA GLU G 386 -78.46 -34.86 24.56
C GLU G 386 -79.40 -34.64 25.74
N ILE G 387 -80.05 -33.47 25.81
CA ILE G 387 -80.91 -33.21 26.96
C ILE G 387 -82.20 -34.02 26.86
N PHE G 388 -82.51 -34.57 25.69
CA PHE G 388 -83.61 -35.53 25.62
C PHE G 388 -83.16 -36.90 26.08
N SER G 389 -81.92 -37.27 25.78
CA SER G 389 -81.40 -38.57 26.22
C SER G 389 -81.32 -38.65 27.74
N ARG G 390 -80.96 -37.55 28.40
CA ARG G 390 -80.93 -37.52 29.86
C ARG G 390 -82.25 -38.00 30.43
N LEU G 391 -83.35 -37.37 30.03
CA LEU G 391 -84.67 -37.78 30.50
C LEU G 391 -84.92 -39.24 30.18
N ASP G 392 -84.67 -39.63 28.93
CA ASP G 392 -84.89 -41.01 28.52
C ASP G 392 -84.14 -42.00 29.40
N HIS G 393 -82.96 -41.61 29.86
CA HIS G 393 -82.19 -42.50 30.74
C HIS G 393 -82.83 -42.57 32.12
N LYS G 394 -83.12 -41.43 32.73
CA LYS G 394 -83.71 -41.40 34.06
C LYS G 394 -85.03 -42.16 34.09
N PHE G 395 -85.93 -41.86 33.15
CA PHE G 395 -87.24 -42.51 33.13
C PHE G 395 -87.09 -44.01 33.12
N ASP G 396 -86.21 -44.53 32.27
CA ASP G 396 -85.99 -45.97 32.23
C ASP G 396 -85.42 -46.48 33.54
N LEU G 397 -84.55 -45.69 34.18
CA LEU G 397 -83.93 -46.13 35.44
C LEU G 397 -84.96 -46.24 36.56
N MET G 398 -86.00 -45.41 36.53
CA MET G 398 -87.02 -45.48 37.58
C MET G 398 -88.19 -46.36 37.18
N TYR G 399 -88.50 -46.46 35.89
CA TYR G 399 -89.53 -47.39 35.46
C TYR G 399 -89.08 -48.84 35.59
N ALA G 400 -87.78 -49.06 35.84
CA ALA G 400 -87.29 -50.41 36.07
C ALA G 400 -87.98 -51.05 37.26
N LYS G 401 -87.92 -50.39 38.43
CA LYS G 401 -88.61 -50.86 39.61
C LYS G 401 -90.06 -50.41 39.67
N ARG G 402 -90.49 -49.58 38.72
CA ARG G 402 -91.87 -49.12 38.63
C ARG G 402 -92.33 -48.37 39.88
N ALA G 403 -91.44 -47.57 40.46
CA ALA G 403 -91.82 -46.77 41.61
C ALA G 403 -92.73 -45.63 41.20
N PHE G 404 -93.59 -45.22 42.14
CA PHE G 404 -94.52 -44.12 41.98
C PHE G 404 -95.60 -44.43 40.94
N VAL G 405 -95.50 -45.58 40.27
CA VAL G 405 -96.44 -45.87 39.20
C VAL G 405 -97.83 -46.17 39.76
N HIS G 406 -97.91 -46.63 41.01
CA HIS G 406 -99.21 -46.90 41.60
C HIS G 406 -100.07 -45.65 41.67
N TRP G 407 -99.44 -44.48 41.80
CA TRP G 407 -100.18 -43.22 41.73
C TRP G 407 -100.87 -43.07 40.38
N TYR G 408 -100.12 -43.26 39.30
CA TYR G 408 -100.67 -43.03 37.97
C TYR G 408 -101.70 -44.10 37.61
N VAL G 409 -101.43 -45.36 37.96
CA VAL G 409 -102.40 -46.40 37.67
C VAL G 409 -103.63 -46.26 38.55
N GLY G 410 -103.51 -45.61 39.71
CA GLY G 410 -104.68 -45.37 40.53
C GLY G 410 -105.50 -44.20 40.05
N GLU G 411 -104.89 -43.26 39.35
CA GLU G 411 -105.56 -42.06 38.87
C GLU G 411 -106.09 -42.20 37.45
N GLY G 412 -106.35 -43.42 36.99
CA GLY G 412 -106.96 -43.62 35.70
C GLY G 412 -105.96 -43.70 34.54
N MET G 413 -104.81 -44.31 34.79
CA MET G 413 -103.83 -44.57 33.75
C MET G 413 -103.47 -46.04 33.77
N GLU G 414 -102.53 -46.42 32.91
CA GLU G 414 -102.08 -47.80 32.81
C GLU G 414 -100.60 -47.79 32.52
N GLU G 415 -100.04 -48.98 32.24
CA GLU G 415 -98.65 -49.07 31.83
C GLU G 415 -98.45 -48.74 30.36
N GLY G 416 -99.51 -48.81 29.56
CA GLY G 416 -99.37 -48.57 28.14
C GLY G 416 -98.71 -47.23 27.83
N GLU G 417 -99.19 -46.16 28.47
CA GLU G 417 -98.67 -44.83 28.16
C GLU G 417 -97.18 -44.73 28.46
N PHE G 418 -96.68 -45.51 29.41
CA PHE G 418 -95.26 -45.49 29.71
C PHE G 418 -94.45 -46.09 28.56
N SER G 419 -94.92 -47.20 28.00
CA SER G 419 -94.26 -47.78 26.85
C SER G 419 -94.42 -46.91 25.62
N GLU G 420 -95.64 -46.40 25.38
CA GLU G 420 -95.87 -45.56 24.21
C GLU G 420 -94.92 -44.37 24.21
N ALA G 421 -94.99 -43.54 25.25
CA ALA G 421 -94.11 -42.37 25.32
C ALA G 421 -92.65 -42.76 25.24
N ARG G 422 -92.31 -43.97 25.69
CA ARG G 422 -90.93 -44.45 25.57
C ARG G 422 -90.57 -44.73 24.12
N GLU G 423 -91.48 -45.35 23.37
CA GLU G 423 -91.22 -45.62 21.96
C GLU G 423 -91.04 -44.32 21.19
N ASP G 424 -91.88 -43.34 21.46
CA ASP G 424 -91.85 -42.08 20.71
C ASP G 424 -90.54 -41.34 20.95
N LEU G 425 -90.06 -41.35 22.19
CA LEU G 425 -88.80 -40.70 22.51
C LEU G 425 -87.64 -41.42 21.87
N ALA G 426 -87.76 -42.74 21.73
CA ALA G 426 -86.81 -43.48 20.92
C ALA G 426 -86.86 -43.03 19.47
N ALA G 427 -88.07 -43.03 18.88
CA ALA G 427 -88.21 -42.63 17.49
C ALA G 427 -87.79 -41.18 17.28
N LEU G 428 -88.18 -40.29 18.20
CA LEU G 428 -87.70 -38.91 18.16
C LEU G 428 -86.18 -38.86 18.09
N GLU G 429 -85.53 -39.63 18.95
CA GLU G 429 -84.08 -39.59 19.02
C GLU G 429 -83.44 -40.08 17.73
N LYS G 430 -83.97 -41.17 17.17
CA LYS G 430 -83.46 -41.65 15.89
C LYS G 430 -83.66 -40.63 14.79
N ASP G 431 -84.75 -39.87 14.85
CA ASP G 431 -84.97 -38.80 13.87
C ASP G 431 -83.86 -37.76 13.94
N PHE G 432 -83.52 -37.33 15.16
CA PHE G 432 -82.46 -36.34 15.34
C PHE G 432 -81.13 -36.85 14.83
N GLU G 433 -80.93 -38.16 14.80
CA GLU G 433 -79.67 -38.70 14.33
C GLU G 433 -79.68 -38.93 12.82
N GLU G 434 -80.85 -39.16 12.24
CA GLU G 434 -80.94 -39.39 10.80
C GLU G 434 -80.45 -38.19 10.00
N VAL G 435 -80.59 -36.98 10.55
CA VAL G 435 -80.28 -35.77 9.80
C VAL G 435 -78.77 -35.61 9.64
N GLY G 436 -78.00 -36.56 10.17
CA GLY G 436 -76.56 -36.56 9.98
C GLY G 436 -76.15 -36.97 8.58
N SER H 2 32.18 76.86 -47.79
CA SER H 2 31.52 77.35 -48.98
C SER H 2 32.20 78.61 -49.48
N ARG H 3 32.25 78.78 -50.79
CA ARG H 3 32.90 79.91 -51.44
C ARG H 3 31.88 80.80 -52.11
N SER H 4 32.35 81.99 -52.52
CA SER H 4 31.52 82.96 -53.23
C SER H 4 32.19 83.24 -54.57
N TYR H 5 31.60 82.75 -55.65
CA TYR H 5 32.32 83.01 -56.89
C TYR H 5 31.87 84.32 -57.50
N PRO H 6 32.79 85.06 -58.11
CA PRO H 6 32.45 86.38 -58.65
C PRO H 6 31.37 86.30 -59.72
N GLY H 7 30.27 87.01 -59.49
CA GLY H 7 29.29 87.24 -60.54
C GLY H 7 29.57 88.58 -61.17
N GLU H 8 30.27 88.56 -62.32
CA GLU H 8 31.02 89.70 -62.82
C GLU H 8 30.18 90.96 -63.02
N GLN H 9 29.19 90.94 -63.91
CA GLN H 9 28.38 92.12 -64.15
C GLN H 9 27.50 92.47 -62.96
N VAL H 10 27.23 91.51 -62.08
CA VAL H 10 26.31 91.69 -60.97
C VAL H 10 27.11 91.62 -59.68
N GLU H 11 28.41 91.91 -59.75
CA GLU H 11 29.23 91.83 -58.56
C GLU H 11 29.03 93.02 -57.64
N HIS H 12 28.79 94.20 -58.21
CA HIS H 12 28.24 95.27 -57.41
C HIS H 12 26.91 94.81 -56.84
N ALA H 13 26.42 95.56 -55.85
CA ALA H 13 25.19 95.23 -55.15
C ALA H 13 25.24 93.84 -54.50
N PHE H 14 26.43 93.25 -54.36
CA PHE H 14 26.58 92.02 -53.62
C PHE H 14 27.69 92.12 -52.58
N ASN H 15 28.21 93.32 -52.32
CA ASN H 15 29.01 93.53 -51.12
C ASN H 15 28.13 93.35 -49.89
N SER H 16 28.76 93.22 -48.74
CA SER H 16 27.98 93.10 -47.50
C SER H 16 27.20 94.37 -47.23
N LYS H 17 27.80 95.53 -47.51
CA LYS H 17 27.17 96.81 -47.21
C LYS H 17 25.79 96.91 -47.83
N ARG H 18 25.72 96.82 -49.16
CA ARG H 18 24.45 96.95 -49.86
C ARG H 18 23.46 95.87 -49.48
N LEU H 19 23.92 94.78 -48.85
CA LEU H 19 23.04 93.77 -48.27
C LEU H 19 22.74 94.03 -46.81
N LYS H 20 22.93 95.27 -46.34
CA LYS H 20 22.66 95.67 -44.96
C LYS H 20 23.39 94.75 -43.98
N ASN H 21 24.71 94.68 -44.13
CA ASN H 21 25.56 93.91 -43.23
C ASN H 21 26.83 94.70 -42.99
N TRP H 22 26.94 95.30 -41.81
CA TRP H 22 28.09 96.11 -41.44
C TRP H 22 29.09 95.35 -40.58
N GLU H 23 28.99 94.03 -40.54
CA GLU H 23 29.69 93.21 -39.55
C GLU H 23 30.97 92.60 -40.09
N VAL H 24 31.89 93.43 -40.60
CA VAL H 24 33.23 93.00 -40.99
C VAL H 24 33.14 91.76 -41.88
N PRO H 25 32.81 91.94 -43.16
CA PRO H 25 32.39 90.80 -43.98
C PRO H 25 33.41 89.67 -43.99
N ALA H 26 32.90 88.44 -44.12
CA ALA H 26 33.75 87.26 -44.27
C ALA H 26 34.21 87.19 -45.72
N VAL H 27 35.50 87.48 -45.95
CA VAL H 27 36.02 87.56 -47.30
C VAL H 27 36.79 86.32 -47.72
N ASP H 28 37.16 85.45 -46.78
CA ASP H 28 37.93 84.27 -47.13
C ASP H 28 37.16 83.36 -48.09
N LYS H 29 35.83 83.35 -47.98
CA LYS H 29 35.01 82.59 -48.91
C LYS H 29 35.21 83.04 -50.34
N SER H 30 35.65 84.28 -50.54
CA SER H 30 35.96 84.78 -51.88
C SER H 30 37.45 84.76 -52.18
N GLN H 31 38.29 84.73 -51.14
CA GLN H 31 39.73 84.81 -51.35
C GLN H 31 40.38 83.45 -51.53
N ALA H 32 39.74 82.37 -51.06
CA ALA H 32 40.27 81.04 -51.32
C ALA H 32 40.35 80.77 -52.82
N ILE H 33 39.53 81.46 -53.61
CA ILE H 33 39.56 81.29 -55.05
C ILE H 33 40.79 81.98 -55.63
N SER H 34 41.13 81.59 -56.86
CA SER H 34 42.34 82.05 -57.55
C SER H 34 42.03 83.08 -58.63
N THR H 35 41.14 84.03 -58.36
CA THR H 35 40.77 85.01 -59.38
C THR H 35 41.98 85.77 -59.91
N SER H 36 41.80 86.37 -61.08
CA SER H 36 42.90 87.05 -61.76
C SER H 36 43.46 88.18 -60.90
N THR H 37 42.64 89.18 -60.59
CA THR H 37 43.09 90.30 -59.79
C THR H 37 43.14 89.99 -58.30
N GLY H 38 42.77 88.78 -57.89
CA GLY H 38 42.75 88.43 -56.48
C GLY H 38 41.60 89.02 -55.70
N THR H 39 40.69 89.75 -56.34
CA THR H 39 39.60 90.40 -55.64
C THR H 39 38.25 89.92 -56.17
N ARG H 40 37.17 90.58 -55.73
CA ARG H 40 35.83 90.13 -56.07
C ARG H 40 35.53 90.28 -57.55
N PHE H 41 36.24 91.15 -58.26
CA PHE H 41 35.89 91.48 -59.63
C PHE H 41 36.69 90.73 -60.68
N GLY H 42 37.71 89.99 -60.28
CA GLY H 42 38.53 89.27 -61.24
C GLY H 42 37.91 87.93 -61.62
N THR H 43 38.19 87.50 -62.84
CA THR H 43 37.78 86.18 -63.27
C THR H 43 38.79 85.13 -62.82
N LEU H 44 38.31 83.90 -62.66
CA LEU H 44 39.12 82.81 -62.15
C LEU H 44 39.84 82.10 -63.30
N GLN H 45 40.43 80.95 -63.02
CA GLN H 45 41.38 80.31 -63.92
C GLN H 45 40.86 78.95 -64.41
N PRO H 46 41.40 78.45 -65.54
CA PRO H 46 40.92 77.17 -66.07
C PRO H 46 41.63 75.96 -65.50
N ARG H 47 41.22 74.76 -65.88
CA ARG H 47 41.80 73.53 -65.39
C ARG H 47 41.84 72.49 -66.52
N SER H 48 42.55 71.39 -66.25
CA SER H 48 42.57 70.28 -67.19
C SER H 48 41.35 69.38 -67.02
N GLY H 49 40.98 69.08 -65.78
CA GLY H 49 39.72 68.42 -65.50
C GLY H 49 39.71 66.92 -65.65
N ARG H 50 40.65 66.22 -65.01
CA ARG H 50 40.54 64.79 -64.90
C ARG H 50 40.03 64.34 -63.54
N THR H 51 40.25 65.16 -62.51
CA THR H 51 39.52 65.08 -61.24
C THR H 51 39.68 63.73 -60.57
N GLN H 52 40.85 63.46 -60.01
CA GLN H 52 41.10 62.25 -59.24
C GLN H 52 40.23 62.21 -57.99
N PHE H 53 40.19 61.03 -57.38
CA PHE H 53 39.60 60.86 -56.06
C PHE H 53 40.70 60.86 -55.01
N ILE H 54 40.33 61.22 -53.78
CA ILE H 54 41.25 61.15 -52.65
C ILE H 54 40.56 60.43 -51.50
N VAL H 55 39.36 59.90 -51.75
CA VAL H 55 38.47 59.45 -50.70
C VAL H 55 37.68 58.24 -51.18
N ASP H 56 37.43 57.29 -50.28
CA ASP H 56 36.64 56.11 -50.60
C ASP H 56 35.16 56.44 -50.42
N ASP H 57 34.30 55.41 -50.40
CA ASP H 57 32.87 55.64 -50.56
C ASP H 57 32.28 56.42 -49.39
N ASN H 58 32.76 56.19 -48.17
CA ASN H 58 32.12 56.72 -46.96
C ASN H 58 32.86 57.91 -46.37
N GLY H 59 33.36 58.80 -47.22
CA GLY H 59 34.21 59.86 -46.69
C GLY H 59 35.53 59.27 -46.27
N HIS H 60 36.05 59.72 -45.12
CA HIS H 60 37.22 59.05 -44.54
C HIS H 60 38.40 59.05 -45.48
N LEU H 61 39.04 60.21 -45.68
CA LEU H 61 40.09 60.37 -46.67
C LEU H 61 40.99 59.14 -46.72
N LYS H 62 41.04 58.52 -47.90
CA LYS H 62 41.46 57.12 -47.96
C LYS H 62 42.96 56.98 -47.76
N SER H 63 43.75 57.85 -48.36
CA SER H 63 45.20 57.73 -48.32
C SER H 63 45.76 58.69 -47.28
N GLY H 64 47.09 58.80 -47.26
CA GLY H 64 47.74 59.79 -46.44
C GLY H 64 47.67 61.16 -47.07
N VAL H 65 46.45 61.68 -47.24
CA VAL H 65 46.23 63.00 -47.82
C VAL H 65 46.50 64.04 -46.73
N PRO H 66 47.27 65.08 -47.01
CA PRO H 66 47.55 66.09 -45.98
C PRO H 66 46.27 66.78 -45.55
N LYS H 67 45.86 66.52 -44.31
CA LYS H 67 44.58 66.99 -43.82
C LYS H 67 44.76 67.71 -42.50
N LEU H 68 43.87 68.64 -42.22
CA LEU H 68 43.85 69.36 -40.96
C LEU H 68 42.97 68.63 -39.96
N GLU H 69 43.56 68.27 -38.83
CA GLU H 69 42.85 67.52 -37.82
C GLU H 69 41.95 68.45 -37.02
N LYS H 70 40.87 67.87 -36.49
CA LYS H 70 39.92 68.57 -35.63
C LYS H 70 39.29 69.77 -36.32
N SER H 71 39.23 69.76 -37.64
CA SER H 71 38.36 70.67 -38.34
C SER H 71 36.93 70.12 -38.34
N ALA H 72 35.99 70.97 -38.74
CA ALA H 72 34.56 70.72 -38.63
C ALA H 72 34.09 70.71 -37.18
N PHE H 73 34.91 71.17 -36.25
CA PHE H 73 34.59 71.15 -34.83
C PHE H 73 34.64 72.52 -34.17
N ASN H 74 35.58 73.38 -34.55
CA ASN H 74 35.63 74.75 -34.04
C ASN H 74 35.76 74.77 -32.51
N PHE H 75 36.90 74.29 -32.03
CA PHE H 75 37.09 74.06 -30.60
C PHE H 75 37.01 75.34 -29.78
N THR H 76 36.65 75.18 -28.51
CA THR H 76 36.49 76.31 -27.61
C THR H 76 37.80 77.05 -27.38
N GLN H 77 38.91 76.32 -27.29
CA GLN H 77 40.19 76.96 -27.06
C GLN H 77 40.58 77.89 -28.21
N THR H 78 40.06 77.66 -29.42
CA THR H 78 40.25 78.58 -30.53
C THR H 78 38.88 78.86 -31.14
N THR H 79 38.16 79.79 -30.52
CA THR H 79 36.95 80.37 -31.09
C THR H 79 37.05 81.86 -30.80
N PRO H 80 37.53 82.66 -31.75
CA PRO H 80 37.59 84.11 -31.54
C PRO H 80 36.23 84.65 -31.14
N VAL H 81 36.22 85.81 -30.47
CA VAL H 81 34.99 86.38 -29.97
C VAL H 81 33.97 86.66 -31.07
N PHE H 82 34.38 86.59 -32.34
CA PHE H 82 33.42 86.50 -33.44
C PHE H 82 32.39 85.43 -33.14
N MET H 83 32.85 84.18 -33.01
CA MET H 83 31.98 83.09 -32.61
C MET H 83 31.69 83.16 -31.12
N ASP H 84 30.41 83.05 -30.76
CA ASP H 84 30.00 83.09 -29.37
C ASP H 84 28.58 82.56 -29.28
N SER H 85 28.25 81.97 -28.15
CA SER H 85 26.97 81.31 -27.95
C SER H 85 26.10 82.10 -26.98
N ALA H 86 24.79 82.00 -27.16
CA ALA H 86 23.84 82.58 -26.22
C ALA H 86 23.30 81.48 -25.32
N PRO H 87 23.45 81.59 -24.00
CA PRO H 87 23.01 80.51 -23.12
C PRO H 87 21.49 80.36 -23.15
N ARG H 88 21.02 79.13 -22.99
CA ARG H 88 19.60 78.84 -23.06
C ARG H 88 19.08 78.33 -21.73
N TRP H 89 17.76 78.15 -21.65
CA TRP H 89 17.05 78.12 -20.38
C TRP H 89 17.66 77.23 -19.30
N PRO H 90 17.95 75.95 -19.53
CA PRO H 90 18.36 75.10 -18.40
C PRO H 90 19.73 75.49 -17.87
N LYS H 91 19.83 76.74 -17.45
CA LYS H 91 21.09 77.40 -17.13
C LYS H 91 20.77 78.72 -16.45
N GLU H 92 21.52 79.06 -15.40
CA GLU H 92 21.21 80.26 -14.64
C GLU H 92 21.74 81.49 -15.36
N ASN H 93 20.97 82.57 -15.29
CA ASN H 93 21.31 83.80 -15.99
C ASN H 93 20.42 84.92 -15.48
N PRO H 94 20.91 86.16 -15.42
CA PRO H 94 20.12 87.24 -14.82
C PRO H 94 18.80 87.53 -15.52
N THR H 95 18.63 87.14 -16.78
CA THR H 95 17.42 87.51 -17.50
C THR H 95 16.22 86.67 -17.06
N TRP H 96 16.29 85.36 -17.25
CA TRP H 96 15.13 84.57 -16.84
C TRP H 96 15.21 84.23 -15.36
N PRO H 97 14.06 84.01 -14.73
CA PRO H 97 14.07 83.74 -13.29
C PRO H 97 14.54 82.33 -12.99
N LYS H 98 15.34 82.21 -11.93
CA LYS H 98 15.78 80.92 -11.42
C LYS H 98 14.75 80.48 -10.39
N ASN H 99 13.81 79.64 -10.81
CA ASN H 99 12.75 79.25 -9.90
C ASN H 99 13.30 78.40 -8.76
N MET H 100 12.43 78.11 -7.80
CA MET H 100 12.83 77.51 -6.53
C MET H 100 13.46 76.14 -6.73
N LYS H 101 14.28 75.74 -5.77
CA LYS H 101 14.97 74.46 -5.75
C LYS H 101 14.49 73.64 -4.54
N ALA H 102 15.10 72.47 -4.35
CA ALA H 102 14.66 71.56 -3.30
C ALA H 102 15.87 70.94 -2.61
N THR H 103 15.74 70.74 -1.30
CA THR H 103 16.75 70.08 -0.50
C THR H 103 16.06 69.13 0.47
N MET H 104 16.84 68.20 1.01
CA MET H 104 16.33 67.30 2.03
C MET H 104 16.61 67.86 3.41
N GLY H 105 15.58 67.92 4.24
CA GLY H 105 15.72 68.33 5.63
C GLY H 105 15.63 67.11 6.54
N TYR H 106 16.62 66.98 7.41
CA TYR H 106 16.89 65.74 8.11
C TYR H 106 15.75 65.41 9.10
N LYS H 107 15.82 64.20 9.64
CA LYS H 107 14.72 63.65 10.42
C LYS H 107 14.38 64.53 11.62
N GLY H 108 15.40 65.07 12.28
CA GLY H 108 15.29 65.75 13.55
C GLY H 108 16.39 65.28 14.47
N ILE H 109 16.31 65.69 15.73
CA ILE H 109 17.28 65.21 16.72
C ILE H 109 16.93 63.77 17.07
N GLN H 110 17.84 62.85 16.77
CA GLN H 110 17.59 61.44 17.02
C GLN H 110 17.50 61.18 18.52
N SER H 111 16.63 60.25 18.90
CA SER H 111 16.44 59.89 20.29
C SER H 111 16.06 58.41 20.35
N ASN H 112 15.62 57.97 21.52
CA ASN H 112 15.11 56.62 21.67
C ASN H 112 13.61 56.56 21.48
N TYR H 113 12.92 57.67 21.69
CA TYR H 113 11.53 57.80 21.25
C TYR H 113 11.55 58.50 19.90
N LEU H 114 10.38 58.92 19.43
CA LEU H 114 10.29 59.57 18.13
C LEU H 114 11.20 60.78 18.07
N PRO H 115 11.90 61.00 16.96
CA PRO H 115 12.81 62.15 16.87
C PRO H 115 12.06 63.46 16.83
N THR H 116 12.57 64.44 17.57
CA THR H 116 11.95 65.75 17.69
C THR H 116 12.93 66.84 17.28
N ASN H 117 12.38 68.02 16.97
CA ASN H 117 13.21 69.15 16.62
C ASN H 117 13.61 69.98 17.83
N THR H 118 12.84 69.90 18.91
CA THR H 118 13.00 70.77 20.07
C THR H 118 13.78 70.07 21.18
N VAL H 119 14.63 70.83 21.86
CA VAL H 119 15.39 70.35 23.02
C VAL H 119 14.62 70.69 24.28
N THR H 120 14.60 69.76 25.23
CA THR H 120 13.83 69.90 26.46
C THR H 120 14.75 69.75 27.67
N LEU H 121 14.22 70.16 28.82
CA LEU H 121 14.91 70.05 30.10
C LEU H 121 15.08 68.58 30.49
N LYS H 122 15.86 68.35 31.55
CA LYS H 122 16.11 67.00 32.03
C LYS H 122 16.13 67.04 33.55
N ALA H 123 15.45 66.08 34.18
CA ALA H 123 15.36 66.06 35.64
C ALA H 123 16.57 65.39 36.28
N VAL H 124 17.05 64.30 35.70
CA VAL H 124 18.17 63.54 36.23
C VAL H 124 19.38 63.85 35.36
N GLU H 125 20.26 64.74 35.83
CA GLU H 125 21.34 65.22 34.96
C GLU H 125 22.51 64.23 34.92
N VAL H 126 23.21 64.05 36.03
CA VAL H 126 24.12 62.94 36.26
C VAL H 126 25.00 62.67 35.04
N PRO H 127 26.03 63.47 34.78
CA PRO H 127 26.72 63.42 33.47
C PRO H 127 26.94 62.03 32.89
N GLY H 128 26.59 61.87 31.62
CA GLY H 128 26.78 60.61 30.92
C GLY H 128 25.76 59.54 31.23
N THR H 129 24.48 59.90 31.31
CA THR H 129 23.43 58.95 31.63
C THR H 129 22.24 59.19 30.72
N THR H 130 21.48 58.13 30.48
CA THR H 130 20.37 58.17 29.51
C THR H 130 19.05 58.07 30.26
N GLU H 131 18.51 59.22 30.68
CA GLU H 131 17.20 59.28 31.31
C GLU H 131 16.40 60.43 30.71
N ARG H 132 15.18 60.12 30.27
CA ARG H 132 14.29 61.11 29.68
C ARG H 132 12.89 60.84 30.20
N ASN H 133 11.97 61.74 29.87
CA ASN H 133 10.54 61.56 30.13
C ASN H 133 9.82 61.90 28.84
N PHE H 134 9.70 60.92 27.96
CA PHE H 134 9.15 61.18 26.64
C PHE H 134 7.65 61.43 26.69
N ASN H 135 6.97 60.85 27.67
CA ASN H 135 5.52 60.88 27.72
C ASN H 135 4.97 62.22 28.20
N PHE H 136 5.78 63.04 28.86
CA PHE H 136 5.35 64.30 29.44
C PHE H 136 4.22 64.11 30.45
N MET I 1 24.93 120.66 -81.91
CA MET I 1 26.38 120.68 -81.97
C MET I 1 26.95 121.36 -80.73
N ARG I 2 28.24 121.11 -80.46
CA ARG I 2 28.94 121.71 -79.34
C ARG I 2 28.30 121.36 -77.99
N GLU I 3 27.80 120.13 -77.87
CA GLU I 3 27.11 119.73 -76.65
C GLU I 3 28.02 119.84 -75.45
N ILE I 4 27.41 119.96 -74.28
CA ILE I 4 28.13 120.11 -73.02
C ILE I 4 27.45 119.26 -71.97
N VAL I 5 28.25 118.51 -71.22
CA VAL I 5 27.77 117.72 -70.09
C VAL I 5 28.21 118.43 -68.82
N HIS I 6 27.34 118.39 -67.81
CA HIS I 6 27.55 119.13 -66.57
C HIS I 6 27.63 118.15 -65.40
N ILE I 7 28.62 118.35 -64.55
CA ILE I 7 28.85 117.48 -63.40
C ILE I 7 28.82 118.34 -62.15
N GLN I 8 28.11 117.86 -61.13
CA GLN I 8 28.24 118.45 -59.80
C GLN I 8 28.47 117.34 -58.80
N GLY I 9 29.62 117.36 -58.15
CA GLY I 9 29.95 116.32 -57.21
C GLY I 9 30.24 116.86 -55.83
N GLY I 10 29.36 116.58 -54.88
CA GLY I 10 29.51 117.04 -53.52
C GLY I 10 28.26 117.74 -53.02
N GLN I 11 28.30 118.08 -51.73
CA GLN I 11 27.21 118.86 -51.14
C GLN I 11 27.13 120.23 -51.80
N CYS I 12 28.23 120.99 -51.73
CA CYS I 12 28.26 122.28 -52.38
C CYS I 12 28.04 122.14 -53.88
N GLY I 13 28.64 121.14 -54.49
CA GLY I 13 28.43 120.91 -55.91
C GLY I 13 26.96 120.73 -56.24
N ASN I 14 26.29 119.80 -55.56
CA ASN I 14 24.89 119.50 -55.85
C ASN I 14 23.97 120.68 -55.56
N GLN I 15 24.32 121.50 -54.57
CA GLN I 15 23.46 122.63 -54.23
C GLN I 15 23.61 123.78 -55.22
N ILE I 16 24.83 124.08 -55.67
CA ILE I 16 24.95 125.10 -56.71
C ILE I 16 24.49 124.57 -58.07
N GLY I 17 24.52 123.25 -58.25
CA GLY I 17 23.94 122.68 -59.46
C GLY I 17 22.45 122.94 -59.56
N ALA I 18 21.77 123.04 -58.42
CA ALA I 18 20.35 123.35 -58.46
C ALA I 18 20.12 124.75 -59.01
N LYS I 19 20.83 125.74 -58.47
CA LYS I 19 20.64 127.11 -58.92
C LYS I 19 21.06 127.28 -60.37
N PHE I 20 22.17 126.65 -60.76
CA PHE I 20 22.64 126.79 -62.14
C PHE I 20 21.60 126.30 -63.13
N TRP I 21 20.96 125.17 -62.84
CA TRP I 21 19.96 124.66 -63.76
C TRP I 21 18.66 125.44 -63.67
N GLU I 22 18.44 126.14 -62.56
CA GLU I 22 17.26 127.01 -62.49
C GLU I 22 17.48 128.28 -63.29
N VAL I 23 18.69 128.84 -63.25
CA VAL I 23 18.98 130.03 -64.03
C VAL I 23 18.87 129.73 -65.52
N VAL I 24 19.49 128.63 -65.96
CA VAL I 24 19.45 128.28 -67.38
C VAL I 24 18.02 127.97 -67.83
N SER I 25 17.26 127.26 -67.00
CA SER I 25 15.88 126.95 -67.38
C SER I 25 15.07 128.21 -67.58
N ASP I 26 15.25 129.21 -66.73
CA ASP I 26 14.53 130.47 -66.91
C ASP I 26 15.02 131.22 -68.14
N GLU I 27 16.28 131.00 -68.52
CA GLU I 27 16.81 131.62 -69.73
C GLU I 27 16.06 131.14 -70.96
N HIS I 28 15.88 129.84 -71.08
CA HIS I 28 15.23 129.25 -72.25
C HIS I 28 13.74 129.03 -72.06
N GLY I 29 13.16 129.53 -70.97
CA GLY I 29 11.72 129.54 -70.83
C GLY I 29 11.09 128.17 -70.72
N ILE I 30 11.55 127.36 -69.79
CA ILE I 30 11.01 126.03 -69.57
C ILE I 30 10.58 125.91 -68.10
N ASP I 31 9.40 125.35 -67.89
CA ASP I 31 8.82 125.16 -66.58
C ASP I 31 9.37 123.90 -65.94
N PRO I 32 9.32 123.81 -64.60
CA PRO I 32 9.82 122.61 -63.93
C PRO I 32 9.15 121.33 -64.38
N THR I 33 7.98 121.40 -65.00
CA THR I 33 7.42 120.22 -65.64
C THR I 33 8.26 119.75 -66.81
N GLY I 34 9.14 120.60 -67.33
CA GLY I 34 9.96 120.28 -68.47
C GLY I 34 9.46 120.84 -69.78
N THR I 35 8.19 121.21 -69.86
CA THR I 35 7.64 121.77 -71.09
C THR I 35 8.26 123.14 -71.36
N TYR I 36 8.11 123.58 -72.60
CA TYR I 36 8.65 124.87 -73.04
C TYR I 36 7.54 125.90 -73.10
N HIS I 37 7.84 127.11 -72.59
CA HIS I 37 6.84 128.16 -72.55
C HIS I 37 7.41 129.52 -72.95
N GLY I 38 8.56 129.55 -73.60
CA GLY I 38 9.13 130.79 -74.09
C GLY I 38 8.38 131.28 -75.33
N ASP I 39 8.91 132.34 -75.92
CA ASP I 39 8.28 132.97 -77.06
C ASP I 39 9.12 132.87 -78.33
N SER I 40 10.38 133.28 -78.28
CA SER I 40 11.20 133.35 -79.47
C SER I 40 11.62 131.95 -79.91
N ASP I 41 12.13 131.87 -81.14
CA ASP I 41 12.78 130.66 -81.61
C ASP I 41 14.23 130.59 -81.17
N LEU I 42 14.78 131.66 -80.63
CA LEU I 42 16.14 131.63 -80.10
C LEU I 42 16.24 130.69 -78.91
N GLN I 43 15.17 130.53 -78.14
CA GLN I 43 15.20 129.58 -77.04
C GLN I 43 15.30 128.15 -77.54
N LEU I 44 14.72 127.85 -78.69
CA LEU I 44 14.72 126.50 -79.21
C LEU I 44 15.86 126.21 -80.17
N GLU I 45 16.58 127.24 -80.61
CA GLU I 45 17.61 127.02 -81.63
C GLU I 45 18.81 126.28 -81.05
N ARG I 46 19.26 126.67 -79.87
CA ARG I 46 20.43 126.06 -79.25
C ARG I 46 20.13 125.53 -77.86
N ILE I 47 18.93 124.99 -77.67
CA ILE I 47 18.63 124.33 -76.42
C ILE I 47 19.42 123.04 -76.28
N ASN I 48 19.86 122.45 -77.39
CA ASN I 48 20.50 121.15 -77.38
C ASN I 48 21.90 121.17 -76.78
N VAL I 49 22.45 122.35 -76.49
CA VAL I 49 23.77 122.39 -75.86
C VAL I 49 23.71 121.88 -74.43
N TYR I 50 22.55 121.93 -73.80
CA TYR I 50 22.38 121.53 -72.41
C TYR I 50 21.31 120.48 -72.20
N PHE I 51 20.31 120.40 -73.06
CA PHE I 51 19.16 119.56 -72.81
C PHE I 51 19.04 118.49 -73.87
N ASN I 52 18.21 117.51 -73.57
CA ASN I 52 17.89 116.44 -74.50
C ASN I 52 16.39 116.40 -74.71
N GLU I 53 15.96 116.18 -75.95
CA GLU I 53 14.54 116.11 -76.23
C GLU I 53 13.93 114.87 -75.58
N ALA I 54 12.63 114.95 -75.34
CA ALA I 54 11.87 113.86 -74.76
C ALA I 54 10.57 113.68 -75.55
N THR I 55 9.89 112.57 -75.29
CA THR I 55 8.56 112.41 -75.84
C THR I 55 7.63 113.48 -75.29
N GLY I 56 6.66 113.88 -76.10
CA GLY I 56 5.78 114.95 -75.70
C GLY I 56 6.43 116.31 -75.64
N GLY I 57 7.69 116.42 -76.02
CA GLY I 57 8.34 117.72 -76.07
C GLY I 57 8.81 118.24 -74.73
N ARG I 58 9.55 117.43 -73.99
CA ARG I 58 10.21 117.87 -72.77
C ARG I 58 11.71 118.00 -73.01
N TYR I 59 12.36 118.81 -72.18
CA TYR I 59 13.79 119.04 -72.26
C TYR I 59 14.41 118.71 -70.91
N VAL I 60 15.19 117.64 -70.86
CA VAL I 60 15.81 117.17 -69.63
C VAL I 60 17.26 117.64 -69.61
N PRO I 61 17.76 118.14 -68.49
CA PRO I 61 19.15 118.61 -68.44
C PRO I 61 20.14 117.49 -68.67
N ARG I 62 21.28 117.85 -69.22
CA ARG I 62 22.39 116.92 -69.42
C ARG I 62 23.37 117.02 -68.25
N ALA I 63 22.86 116.68 -67.07
CA ALA I 63 23.59 116.84 -65.83
C ALA I 63 23.75 115.50 -65.12
N ILE I 64 24.76 115.43 -64.26
CA ILE I 64 25.00 114.27 -63.41
C ILE I 64 25.21 114.75 -61.99
N LEU I 65 24.50 114.14 -61.05
CA LEU I 65 24.68 114.41 -59.63
C LEU I 65 25.34 113.20 -59.00
N MET I 66 26.55 113.39 -58.47
CA MET I 66 27.29 112.35 -57.81
C MET I 66 27.68 112.82 -56.41
N ASP I 67 27.32 112.04 -55.40
CA ASP I 67 27.54 112.45 -54.03
C ASP I 67 27.22 111.30 -53.10
N LEU I 68 28.06 111.11 -52.09
CA LEU I 68 27.75 110.12 -51.07
C LEU I 68 26.72 110.67 -50.10
N GLU I 69 26.00 109.77 -49.43
CA GLU I 69 25.03 110.18 -48.43
C GLU I 69 23.97 111.08 -49.04
N PRO I 70 22.99 110.53 -49.74
CA PRO I 70 22.16 111.33 -50.66
C PRO I 70 21.26 112.35 -49.99
N GLY I 71 21.49 112.64 -48.70
CA GLY I 71 20.68 113.61 -48.01
C GLY I 71 20.47 114.89 -48.81
N THR I 72 21.56 115.50 -49.26
CA THR I 72 21.42 116.73 -50.04
C THR I 72 20.76 116.48 -51.38
N MET I 73 20.84 115.25 -51.90
CA MET I 73 20.10 114.92 -53.12
C MET I 73 18.62 114.83 -52.86
N ASP I 74 18.22 114.33 -51.68
CA ASP I 74 16.81 114.29 -51.33
C ASP I 74 16.24 115.70 -51.19
N SER I 75 17.09 116.65 -50.79
CA SER I 75 16.64 118.03 -50.69
C SER I 75 16.38 118.61 -52.08
N VAL I 76 17.37 118.52 -52.96
CA VAL I 76 17.24 119.11 -54.29
C VAL I 76 16.17 118.42 -55.12
N ARG I 77 15.82 117.18 -54.79
CA ARG I 77 14.67 116.56 -55.43
C ARG I 77 13.38 117.16 -54.90
N SER I 78 13.34 117.48 -53.60
CA SER I 78 12.16 118.11 -53.03
C SER I 78 12.07 119.58 -53.43
N GLY I 79 13.12 120.14 -54.01
CA GLY I 79 13.11 121.51 -54.44
C GLY I 79 12.10 121.76 -55.53
N PRO I 80 11.94 123.03 -55.93
CA PRO I 80 10.96 123.33 -56.99
C PRO I 80 11.33 122.73 -58.32
N TYR I 81 12.60 122.77 -58.70
CA TYR I 81 13.07 122.27 -59.99
C TYR I 81 13.70 120.89 -59.89
N GLY I 82 13.25 120.08 -58.94
CA GLY I 82 13.74 118.72 -58.83
C GLY I 82 13.05 117.74 -59.74
N GLN I 83 11.98 118.16 -60.41
CA GLN I 83 11.24 117.30 -61.31
C GLN I 83 11.88 117.18 -62.68
N ILE I 84 12.96 117.91 -62.94
CA ILE I 84 13.50 117.96 -64.29
C ILE I 84 14.61 116.93 -64.51
N PHE I 85 15.36 116.57 -63.48
CA PHE I 85 16.46 115.63 -63.65
C PHE I 85 15.94 114.22 -63.91
N ARG I 86 16.65 113.50 -64.76
CA ARG I 86 16.40 112.06 -64.87
C ARG I 86 16.75 111.41 -63.54
N PRO I 87 15.88 110.57 -62.98
CA PRO I 87 16.26 109.86 -61.76
C PRO I 87 17.46 108.95 -61.96
N ASP I 88 17.75 108.58 -63.21
CA ASP I 88 18.91 107.77 -63.51
C ASP I 88 20.20 108.51 -63.23
N ASN I 89 20.23 109.82 -63.51
CA ASN I 89 21.47 110.58 -63.34
C ASN I 89 21.67 110.99 -61.89
N PHE I 90 21.57 110.04 -60.98
CA PHE I 90 21.91 110.23 -59.58
C PHE I 90 22.82 109.09 -59.17
N VAL I 91 23.98 109.43 -58.61
CA VAL I 91 24.91 108.43 -58.11
C VAL I 91 25.19 108.73 -56.65
N PHE I 92 24.91 107.76 -55.79
CA PHE I 92 25.08 107.98 -54.37
C PHE I 92 25.47 106.67 -53.68
N GLY I 93 26.21 106.81 -52.61
CA GLY I 93 26.62 105.67 -51.80
C GLY I 93 26.08 105.81 -50.40
N GLN I 94 25.67 104.67 -49.82
CA GLN I 94 25.03 104.69 -48.50
C GLN I 94 25.97 105.12 -47.40
N THR I 95 27.27 105.14 -47.65
CA THR I 95 28.25 105.43 -46.63
C THR I 95 28.38 106.93 -46.39
N GLY I 96 29.26 107.29 -45.45
CA GLY I 96 29.54 108.67 -45.18
C GLY I 96 30.78 109.18 -45.90
N ALA I 97 30.91 110.50 -45.94
CA ALA I 97 31.99 111.16 -46.66
C ALA I 97 33.25 111.28 -45.81
N GLY I 98 33.11 111.69 -44.56
CA GLY I 98 34.23 111.86 -43.66
C GLY I 98 34.96 113.18 -43.76
N ASN I 99 34.55 114.06 -44.67
CA ASN I 99 35.33 115.28 -44.99
C ASN I 99 36.79 114.92 -45.14
N ASN I 100 37.03 113.90 -45.94
CA ASN I 100 38.31 113.21 -46.01
C ASN I 100 38.65 112.97 -47.47
N TRP I 101 39.84 113.36 -47.89
CA TRP I 101 40.21 113.19 -49.29
C TRP I 101 40.48 111.72 -49.62
N ALA I 102 41.02 110.96 -48.68
CA ALA I 102 41.42 109.59 -48.95
C ALA I 102 40.22 108.73 -49.33
N LYS I 103 39.28 108.54 -48.41
CA LYS I 103 38.17 107.64 -48.68
C LYS I 103 37.29 108.14 -49.81
N GLY I 104 37.36 109.42 -50.14
CA GLY I 104 36.66 109.93 -51.30
C GLY I 104 37.36 109.51 -52.58
N HIS I 105 38.69 109.44 -52.52
CA HIS I 105 39.48 109.14 -53.70
C HIS I 105 39.87 107.67 -53.82
N TYR I 106 39.84 106.91 -52.74
CA TYR I 106 40.36 105.56 -52.73
C TYR I 106 39.31 104.49 -52.46
N THR I 107 38.54 104.62 -51.39
CA THR I 107 37.67 103.52 -50.96
C THR I 107 36.32 103.59 -51.68
N GLU I 108 35.52 104.59 -51.36
CA GLU I 108 34.16 104.62 -51.87
C GLU I 108 34.06 105.24 -53.24
N GLY I 109 34.97 106.13 -53.59
CA GLY I 109 35.09 106.50 -54.97
C GLY I 109 35.24 105.28 -55.85
N ALA I 110 35.97 104.27 -55.38
CA ALA I 110 36.30 103.12 -56.20
C ALA I 110 35.05 102.36 -56.63
N GLU I 111 34.04 102.26 -55.76
CA GLU I 111 32.85 101.52 -56.15
C GLU I 111 31.85 102.37 -56.90
N LEU I 112 31.91 103.70 -56.77
CA LEU I 112 30.96 104.51 -57.50
C LEU I 112 31.42 104.77 -58.93
N ILE I 113 32.72 104.72 -59.18
CA ILE I 113 33.25 105.01 -60.51
C ILE I 113 32.66 104.06 -61.55
N ASP I 114 32.45 102.79 -61.18
CA ASP I 114 31.87 101.85 -62.11
C ASP I 114 30.56 102.37 -62.70
N SER I 115 29.72 102.97 -61.88
CA SER I 115 28.43 103.45 -62.33
C SER I 115 28.47 104.89 -62.81
N VAL I 116 29.36 105.73 -62.27
CA VAL I 116 29.45 107.10 -62.71
C VAL I 116 29.87 107.16 -64.18
N LEU I 117 30.83 106.32 -64.57
CA LEU I 117 31.35 106.37 -65.92
C LEU I 117 30.32 105.86 -66.93
N ASP I 118 29.65 104.76 -66.61
CA ASP I 118 28.59 104.27 -67.50
C ASP I 118 27.53 105.34 -67.72
N VAL I 119 27.22 106.11 -66.67
CA VAL I 119 26.32 107.25 -66.83
C VAL I 119 26.95 108.30 -67.74
N VAL I 120 28.25 108.56 -67.55
CA VAL I 120 28.93 109.56 -68.38
C VAL I 120 28.90 109.14 -69.85
N ARG I 121 29.26 107.89 -70.12
CA ARG I 121 29.30 107.44 -71.51
C ARG I 121 27.92 107.48 -72.15
N LYS I 122 26.91 106.91 -71.48
CA LYS I 122 25.59 106.78 -72.09
C LYS I 122 24.99 108.13 -72.46
N GLU I 123 25.42 109.21 -71.81
CA GLU I 123 24.97 110.54 -72.16
C GLU I 123 25.96 111.31 -73.01
N ALA I 124 27.24 110.92 -73.01
CA ALA I 124 28.19 111.53 -73.92
C ALA I 124 28.06 111.00 -75.34
N GLU I 125 27.40 109.84 -75.51
CA GLU I 125 27.10 109.37 -76.86
C GLU I 125 25.93 110.15 -77.47
N SER I 126 24.99 110.61 -76.63
CA SER I 126 23.88 111.41 -77.13
C SER I 126 24.34 112.68 -77.81
N CYS I 127 25.56 113.12 -77.50
CA CYS I 127 26.12 114.30 -78.14
C CYS I 127 26.55 113.96 -79.56
N ASP I 128 26.19 114.82 -80.51
CA ASP I 128 26.68 114.65 -81.87
C ASP I 128 28.07 115.24 -82.04
N CYS I 129 28.38 116.28 -81.27
CA CYS I 129 29.70 116.91 -81.30
C CYS I 129 30.00 117.40 -79.89
N LEU I 130 30.72 116.59 -79.13
CA LEU I 130 31.03 116.95 -77.74
C LEU I 130 32.01 118.12 -77.72
N GLN I 131 31.63 119.18 -77.00
CA GLN I 131 32.51 120.32 -76.81
C GLN I 131 33.45 120.09 -75.63
N GLY I 132 32.90 119.75 -74.48
CA GLY I 132 33.72 119.48 -73.32
C GLY I 132 32.89 119.11 -72.12
N PHE I 133 33.54 119.09 -70.97
CA PHE I 133 32.90 118.79 -69.71
C PHE I 133 33.05 119.99 -68.79
N GLN I 134 32.12 120.16 -67.87
CA GLN I 134 32.27 121.17 -66.82
C GLN I 134 31.81 120.57 -65.50
N VAL I 135 32.55 120.90 -64.44
CA VAL I 135 32.32 120.32 -63.12
C VAL I 135 32.18 121.45 -62.11
N CYS I 136 31.48 121.15 -61.01
CA CYS I 136 31.39 122.03 -59.87
C CYS I 136 31.93 121.30 -58.66
N HIS I 137 33.10 121.73 -58.20
CA HIS I 137 33.79 121.12 -57.08
C HIS I 137 33.70 122.01 -55.85
N SER I 138 34.26 121.52 -54.76
CA SER I 138 34.43 122.33 -53.55
C SER I 138 35.60 121.72 -52.79
N LEU I 139 36.76 122.37 -52.89
CA LEU I 139 38.00 121.72 -52.49
C LEU I 139 38.11 121.48 -51.00
N GLY I 140 37.22 122.07 -50.20
CA GLY I 140 37.24 121.79 -48.77
C GLY I 140 36.73 120.40 -48.44
N GLY I 141 35.56 120.04 -48.95
CA GLY I 141 34.90 118.79 -48.60
C GLY I 141 35.62 117.53 -48.99
N GLY I 142 35.01 116.39 -48.68
CA GLY I 142 35.60 115.09 -48.95
C GLY I 142 35.14 114.45 -50.24
N THR I 143 33.84 114.45 -50.49
CA THR I 143 33.29 113.92 -51.73
C THR I 143 33.85 114.68 -52.93
N GLY I 144 33.58 115.98 -52.98
CA GLY I 144 34.04 116.81 -54.07
C GLY I 144 35.52 116.69 -54.34
N SER I 145 36.33 116.87 -53.30
CA SER I 145 37.78 116.80 -53.48
C SER I 145 38.25 115.40 -53.82
N GLY I 146 37.54 114.37 -53.36
CA GLY I 146 37.98 113.01 -53.62
C GLY I 146 37.35 112.39 -54.84
N MET I 147 36.03 112.43 -54.93
CA MET I 147 35.36 111.87 -56.09
C MET I 147 35.63 112.72 -57.33
N GLY I 148 35.59 114.04 -57.17
CA GLY I 148 35.80 114.92 -58.32
C GLY I 148 37.10 114.68 -59.04
N THR I 149 38.20 114.61 -58.30
CA THR I 149 39.50 114.40 -58.95
C THR I 149 39.58 113.01 -59.56
N LEU I 150 39.09 111.99 -58.85
CA LEU I 150 39.07 110.65 -59.42
C LEU I 150 38.23 110.61 -60.68
N LEU I 151 37.12 111.34 -60.70
CA LEU I 151 36.32 111.42 -61.92
C LEU I 151 37.08 112.14 -63.02
N ILE I 152 37.76 113.23 -62.69
CA ILE I 152 38.45 114.00 -63.72
C ILE I 152 39.59 113.20 -64.32
N SER I 153 40.33 112.45 -63.50
CA SER I 153 41.37 111.58 -64.03
C SER I 153 40.80 110.60 -65.03
N LYS I 154 39.71 109.92 -64.66
CA LYS I 154 39.08 108.98 -65.59
C LYS I 154 38.57 109.69 -66.83
N ILE I 155 38.00 110.88 -66.65
CA ILE I 155 37.47 111.62 -67.80
C ILE I 155 38.61 112.00 -68.74
N ARG I 156 39.74 112.44 -68.19
CA ARG I 156 40.84 112.86 -69.04
C ARG I 156 41.43 111.71 -69.83
N GLU I 157 41.41 110.50 -69.28
CA GLU I 157 41.92 109.34 -70.01
C GLU I 157 40.96 108.94 -71.12
N GLU I 158 39.64 108.96 -70.83
CA GLU I 158 38.68 108.51 -71.83
C GLU I 158 38.42 109.56 -72.89
N TYR I 159 38.60 110.84 -72.58
CA TYR I 159 38.37 111.93 -73.53
C TYR I 159 39.43 113.01 -73.32
N PRO I 160 40.62 112.81 -73.86
CA PRO I 160 41.71 113.77 -73.60
C PRO I 160 41.64 115.02 -74.45
N ASP I 161 41.07 114.91 -75.64
CA ASP I 161 41.08 116.04 -76.57
C ASP I 161 40.14 117.14 -76.14
N ARG I 162 39.08 116.81 -75.42
CA ARG I 162 38.04 117.77 -75.10
C ARG I 162 38.52 118.72 -74.00
N MET I 163 37.61 119.60 -73.56
CA MET I 163 37.90 120.63 -72.58
C MET I 163 37.13 120.34 -71.30
N MET I 164 37.85 120.06 -70.21
CA MET I 164 37.22 119.92 -68.91
C MET I 164 37.45 121.20 -68.13
N LEU I 165 36.38 121.79 -67.64
CA LEU I 165 36.40 123.06 -66.94
C LEU I 165 35.96 122.83 -65.49
N THR I 166 36.44 123.68 -64.59
CA THR I 166 36.15 123.52 -63.18
C THR I 166 35.80 124.86 -62.55
N PHE I 167 34.70 124.89 -61.82
CA PHE I 167 34.40 125.99 -60.91
C PHE I 167 34.65 125.47 -59.49
N SER I 168 35.90 125.53 -59.06
CA SER I 168 36.29 124.99 -57.77
C SER I 168 36.16 126.07 -56.70
N VAL I 169 35.42 125.77 -55.63
CA VAL I 169 35.33 126.65 -54.48
C VAL I 169 36.48 126.31 -53.54
N VAL I 170 37.47 127.20 -53.46
CA VAL I 170 38.70 126.95 -52.71
C VAL I 170 38.48 127.30 -51.24
N PRO I 171 39.38 126.93 -50.34
CA PRO I 171 39.23 127.33 -48.93
C PRO I 171 39.35 128.83 -48.77
N SER I 172 38.83 129.31 -47.65
CA SER I 172 38.80 130.72 -47.28
C SER I 172 40.04 131.07 -46.46
N PRO I 173 40.53 132.31 -46.57
CA PRO I 173 41.81 132.64 -45.92
C PRO I 173 41.73 132.68 -44.41
N LYS I 174 40.70 133.30 -43.83
CA LYS I 174 40.62 133.45 -42.39
C LYS I 174 39.73 132.42 -41.72
N VAL I 175 38.53 132.21 -42.21
CA VAL I 175 37.64 131.20 -41.68
C VAL I 175 37.87 129.91 -42.45
N SER I 176 37.66 128.78 -41.79
CA SER I 176 37.91 127.47 -42.37
C SER I 176 36.68 126.61 -42.18
N ASP I 177 36.00 126.26 -43.27
CA ASP I 177 34.79 125.46 -43.15
C ASP I 177 35.07 124.11 -42.51
N THR I 178 36.22 123.51 -42.79
CA THR I 178 36.64 122.29 -42.11
C THR I 178 38.05 122.47 -41.57
N VAL I 179 38.57 121.43 -40.93
CA VAL I 179 39.84 121.53 -40.23
C VAL I 179 40.96 120.92 -41.06
N VAL I 180 40.63 119.93 -41.90
CA VAL I 180 41.64 119.27 -42.71
C VAL I 180 41.65 119.90 -44.10
N GLU I 181 41.15 121.13 -44.19
CA GLU I 181 41.17 121.87 -45.46
C GLU I 181 42.52 121.88 -46.17
N PRO I 182 43.66 122.12 -45.50
CA PRO I 182 44.92 122.09 -46.24
C PRO I 182 45.18 120.75 -46.92
N TYR I 183 45.01 119.64 -46.20
CA TYR I 183 45.23 118.33 -46.81
C TYR I 183 44.28 118.12 -47.99
N ASN I 184 43.02 118.51 -47.84
CA ASN I 184 42.08 118.38 -48.95
C ASN I 184 42.48 119.28 -50.10
N ALA I 185 43.07 120.44 -49.80
CA ALA I 185 43.45 121.37 -50.85
C ALA I 185 44.60 120.82 -51.69
N THR I 186 45.74 120.56 -51.07
CA THR I 186 46.93 120.17 -51.83
C THR I 186 46.71 118.87 -52.59
N LEU I 187 46.12 117.87 -51.92
CA LEU I 187 45.87 116.59 -52.57
C LEU I 187 44.92 116.73 -53.75
N SER I 188 44.14 117.81 -53.80
CA SER I 188 43.28 118.06 -54.95
C SER I 188 43.96 118.93 -55.98
N VAL I 189 44.67 119.98 -55.53
CA VAL I 189 45.41 120.80 -56.47
C VAL I 189 46.47 119.98 -57.19
N HIS I 190 47.13 119.06 -56.48
CA HIS I 190 48.07 118.16 -57.14
C HIS I 190 47.39 117.36 -58.24
N GLN I 191 46.11 117.08 -58.09
CA GLN I 191 45.39 116.40 -59.15
C GLN I 191 44.94 117.37 -60.23
N LEU I 192 44.66 118.61 -59.84
CA LEU I 192 44.13 119.57 -60.80
C LEU I 192 45.21 120.02 -61.77
N VAL I 193 46.46 120.03 -61.35
CA VAL I 193 47.51 120.63 -62.18
C VAL I 193 47.74 119.82 -63.45
N GLU I 194 47.54 118.51 -63.38
CA GLU I 194 47.74 117.65 -64.55
C GLU I 194 46.48 117.44 -65.35
N ASN I 195 45.31 117.49 -64.70
CA ASN I 195 44.08 116.99 -65.31
C ASN I 195 43.06 118.10 -65.54
N ALA I 196 43.46 119.36 -65.52
CA ALA I 196 42.52 120.44 -65.75
C ALA I 196 43.02 121.35 -66.86
N ASP I 197 42.09 121.80 -67.69
CA ASP I 197 42.38 122.76 -68.74
C ASP I 197 41.97 124.18 -68.38
N GLU I 198 40.89 124.35 -67.61
CA GLU I 198 40.50 125.65 -67.09
C GLU I 198 39.94 125.42 -65.70
N CYS I 199 40.35 126.25 -64.74
CA CYS I 199 39.90 126.10 -63.36
C CYS I 199 39.76 127.48 -62.75
N MET I 200 38.54 127.99 -62.70
CA MET I 200 38.24 129.26 -62.06
C MET I 200 38.07 129.01 -60.56
N VAL I 201 38.78 129.78 -59.74
CA VAL I 201 38.74 129.61 -58.30
C VAL I 201 37.78 130.62 -57.70
N LEU I 202 36.86 130.14 -56.87
CA LEU I 202 35.93 130.98 -56.15
C LEU I 202 36.13 130.77 -54.66
N ASP I 203 35.79 131.79 -53.87
CA ASP I 203 35.96 131.71 -52.43
C ASP I 203 34.74 132.32 -51.76
N ASN I 204 34.26 131.66 -50.71
CA ASN I 204 33.06 132.13 -50.05
C ASN I 204 33.27 133.48 -49.37
N GLU I 205 34.50 133.78 -48.96
CA GLU I 205 34.80 135.09 -48.37
C GLU I 205 34.49 136.21 -49.35
N ALA I 206 35.04 136.13 -50.56
CA ALA I 206 34.75 137.15 -51.56
C ALA I 206 33.26 137.23 -51.85
N LEU I 207 32.57 136.09 -51.87
CA LEU I 207 31.14 136.09 -52.12
C LEU I 207 30.38 136.82 -51.01
N TYR I 208 30.88 136.71 -49.78
CA TYR I 208 30.19 137.36 -48.67
C TYR I 208 30.30 138.87 -48.75
N ASP I 209 31.49 139.38 -49.08
CA ASP I 209 31.66 140.83 -49.15
C ASP I 209 30.85 141.44 -50.27
N ILE I 210 30.90 140.85 -51.45
CA ILE I 210 30.07 141.32 -52.56
C ILE I 210 28.61 141.34 -52.16
N CYS I 211 28.16 140.30 -51.45
CA CYS I 211 26.76 140.25 -51.01
C CYS I 211 26.48 141.23 -49.90
N PHE I 212 27.50 141.62 -49.14
CA PHE I 212 27.28 142.53 -48.02
C PHE I 212 27.38 143.98 -48.45
N ARG I 213 28.54 144.37 -48.99
CA ARG I 213 28.76 145.76 -49.35
C ARG I 213 27.99 146.15 -50.60
N THR I 214 28.31 145.49 -51.72
CA THR I 214 27.76 145.92 -53.01
C THR I 214 26.26 145.66 -53.08
N LEU I 215 25.86 144.40 -52.92
CA LEU I 215 24.44 144.07 -53.03
C LEU I 215 23.63 144.55 -51.85
N LYS I 216 24.28 145.04 -50.78
CA LYS I 216 23.61 145.59 -49.61
C LYS I 216 22.65 144.61 -48.96
N LEU I 217 22.80 143.32 -49.25
CA LEU I 217 21.91 142.32 -48.67
C LEU I 217 22.11 142.25 -47.17
N THR I 218 21.04 141.88 -46.46
CA THR I 218 21.09 141.78 -45.01
C THR I 218 21.21 140.34 -44.51
N THR I 219 20.55 139.38 -45.17
CA THR I 219 20.67 137.97 -44.84
C THR I 219 21.08 137.20 -46.09
N PRO I 220 22.35 137.28 -46.48
CA PRO I 220 22.80 136.56 -47.67
C PRO I 220 22.82 135.06 -47.41
N THR I 221 21.83 134.37 -47.94
CA THR I 221 21.80 132.91 -47.88
C THR I 221 22.65 132.33 -48.99
N PHE I 222 23.07 131.09 -48.79
CA PHE I 222 23.75 130.36 -49.86
C PHE I 222 22.92 130.33 -51.15
N GLY I 223 21.60 130.46 -51.04
CA GLY I 223 20.80 130.61 -52.24
C GLY I 223 21.20 131.81 -53.06
N ASP I 224 21.52 132.93 -52.39
CA ASP I 224 21.97 134.11 -53.12
C ASP I 224 23.38 133.93 -53.68
N LEU I 225 24.30 133.37 -52.89
CA LEU I 225 25.65 133.14 -53.38
C LEU I 225 25.63 132.31 -54.65
N ASN I 226 24.86 131.24 -54.63
CA ASN I 226 24.77 130.42 -55.81
C ASN I 226 24.04 131.12 -56.95
N HIS I 227 23.12 132.06 -56.64
CA HIS I 227 22.53 132.87 -57.70
C HIS I 227 23.57 133.76 -58.34
N LEU I 228 24.57 134.18 -57.57
CA LEU I 228 25.73 134.87 -58.14
C LEU I 228 26.55 133.93 -59.00
N ILE I 229 26.95 132.79 -58.43
CA ILE I 229 27.79 131.85 -59.17
C ILE I 229 27.06 131.35 -60.40
N SER I 230 25.76 131.05 -60.27
CA SER I 230 25.02 130.58 -61.42
C SER I 230 25.00 131.62 -62.52
N ALA I 231 24.99 132.90 -62.14
CA ALA I 231 25.01 133.97 -63.13
C ALA I 231 26.33 133.98 -63.90
N VAL I 232 27.44 133.83 -63.20
CA VAL I 232 28.74 133.93 -63.87
C VAL I 232 29.05 132.67 -64.64
N MET I 233 28.46 131.53 -64.26
CA MET I 233 28.65 130.32 -65.05
C MET I 233 27.88 130.39 -66.35
N SER I 234 26.64 130.89 -66.30
CA SER I 234 25.87 131.06 -67.53
C SER I 234 26.51 132.06 -68.46
N GLY I 235 27.18 133.07 -67.91
CA GLY I 235 27.78 134.13 -68.70
C GLY I 235 28.94 133.72 -69.57
N ILE I 236 29.34 132.45 -69.49
CA ILE I 236 30.47 131.95 -70.27
C ILE I 236 30.02 131.38 -71.60
N THR I 237 28.92 130.63 -71.59
CA THR I 237 28.44 129.92 -72.76
C THR I 237 27.42 130.71 -73.55
N CYS I 238 27.33 132.02 -73.32
CA CYS I 238 26.40 132.85 -74.10
C CYS I 238 26.75 132.82 -75.58
N CYS I 239 28.04 132.78 -75.91
CA CYS I 239 28.44 132.70 -77.31
C CYS I 239 28.02 131.38 -77.92
N LEU I 240 27.98 130.32 -77.11
CA LEU I 240 27.56 129.02 -77.61
C LEU I 240 26.05 128.98 -77.82
N ARG I 241 25.29 129.53 -76.88
CA ARG I 241 23.84 129.36 -76.91
C ARG I 241 23.17 130.37 -77.83
N PHE I 242 23.72 131.56 -77.95
CA PHE I 242 23.05 132.65 -78.64
C PHE I 242 23.98 133.28 -79.67
N PRO I 243 23.41 133.91 -80.70
CA PRO I 243 24.25 134.61 -81.68
C PRO I 243 25.04 135.73 -81.04
N GLY I 244 25.96 136.27 -81.82
CA GLY I 244 26.77 137.39 -81.37
C GLY I 244 27.55 137.99 -82.52
N GLN I 245 27.68 139.31 -82.55
CA GLN I 245 28.44 139.92 -83.63
C GLN I 245 29.93 139.67 -83.50
N LEU I 246 30.39 139.23 -82.32
CA LEU I 246 31.74 138.68 -82.15
C LEU I 246 31.62 137.55 -81.13
N ASN I 247 31.39 136.34 -81.62
CA ASN I 247 31.21 135.21 -80.72
C ASN I 247 32.54 134.60 -80.34
N ALA I 248 32.53 133.84 -79.24
CA ALA I 248 33.75 133.26 -78.68
C ALA I 248 33.42 131.89 -78.12
N ASP I 249 33.83 130.85 -78.85
CA ASP I 249 33.68 129.48 -78.37
C ASP I 249 34.45 129.29 -77.07
N LEU I 250 34.19 128.17 -76.39
CA LEU I 250 34.88 127.87 -75.15
C LEU I 250 36.35 127.55 -75.40
N ARG I 251 36.67 126.88 -76.50
CA ARG I 251 38.05 126.49 -76.77
C ARG I 251 38.93 127.71 -76.99
N LYS I 252 38.49 128.65 -77.82
CA LYS I 252 39.32 129.82 -78.10
C LYS I 252 39.51 130.68 -76.87
N LEU I 253 38.64 130.55 -75.86
CA LEU I 253 38.82 131.29 -74.63
C LEU I 253 40.06 130.82 -73.88
N ALA I 254 40.26 129.50 -73.78
CA ALA I 254 41.47 128.98 -73.15
C ALA I 254 42.70 129.32 -73.97
N VAL I 255 42.63 129.12 -75.28
CA VAL I 255 43.78 129.37 -76.16
C VAL I 255 44.34 130.76 -75.93
N ASN I 256 43.46 131.74 -75.77
CA ASN I 256 43.92 133.11 -75.55
C ASN I 256 44.38 133.34 -74.11
N LEU I 257 43.83 132.60 -73.15
CA LEU I 257 44.14 132.91 -71.76
C LEU I 257 45.44 132.28 -71.30
N ILE I 258 45.52 130.95 -71.31
CA ILE I 258 46.66 130.27 -70.69
C ILE I 258 47.84 130.24 -71.64
N PRO I 259 48.92 130.95 -71.33
CA PRO I 259 50.10 130.91 -72.20
C PRO I 259 50.89 129.63 -72.00
N PHE I 260 50.73 129.02 -70.83
CA PHE I 260 51.48 127.84 -70.46
C PHE I 260 50.55 126.77 -69.94
N PRO I 261 50.89 125.50 -70.13
CA PRO I 261 49.94 124.42 -69.82
C PRO I 261 49.59 124.30 -68.35
N ARG I 262 50.32 124.98 -67.46
CA ARG I 262 50.13 124.80 -66.03
C ARG I 262 49.53 126.01 -65.33
N LEU I 263 49.36 127.14 -66.03
CA LEU I 263 48.81 128.34 -65.41
C LEU I 263 47.34 128.49 -65.76
N HIS I 264 46.53 127.57 -65.24
CA HIS I 264 45.11 127.59 -65.56
C HIS I 264 44.25 127.80 -64.31
N PHE I 265 44.60 128.80 -63.51
CA PHE I 265 43.81 129.19 -62.34
C PHE I 265 43.40 130.64 -62.52
N PHE I 266 42.15 130.85 -62.92
CA PHE I 266 41.65 132.14 -63.36
C PHE I 266 41.01 132.90 -62.19
N MET I 267 40.25 133.94 -62.52
CA MET I 267 39.62 134.79 -61.52
C MET I 267 38.47 135.52 -62.18
N VAL I 268 37.29 135.47 -61.57
CA VAL I 268 36.09 135.92 -62.27
C VAL I 268 35.43 137.11 -61.59
N GLY I 269 34.35 137.59 -62.19
CA GLY I 269 33.57 138.69 -61.67
C GLY I 269 32.39 138.95 -62.58
N PHE I 270 31.29 139.46 -62.03
CA PHE I 270 30.08 139.69 -62.81
C PHE I 270 29.67 141.14 -62.67
N THR I 271 29.02 141.65 -63.72
CA THR I 271 28.54 143.03 -63.76
C THR I 271 27.22 143.06 -64.51
N PRO I 272 26.30 143.96 -64.13
CA PRO I 272 26.36 144.93 -63.04
C PRO I 272 25.78 144.40 -61.74
N LEU I 273 26.20 144.97 -60.62
CA LEU I 273 25.73 144.55 -59.30
C LEU I 273 25.41 145.80 -58.49
N THR I 274 24.12 146.06 -58.26
CA THR I 274 23.67 147.29 -57.61
C THR I 274 22.64 146.96 -56.55
N SER I 275 22.41 147.90 -55.64
CA SER I 275 21.35 147.76 -54.67
C SER I 275 20.01 148.19 -55.27
N ARG I 276 18.93 147.92 -54.52
CA ARG I 276 17.62 148.38 -54.97
C ARG I 276 17.50 149.89 -54.98
N GLY I 277 18.37 150.58 -54.24
CA GLY I 277 18.39 152.03 -54.26
C GLY I 277 19.11 152.59 -55.46
N SER I 278 20.31 152.09 -55.73
CA SER I 278 21.16 152.65 -56.79
C SER I 278 20.74 152.20 -58.18
N GLN I 279 19.84 151.22 -58.30
CA GLN I 279 19.30 150.89 -59.62
C GLN I 279 18.63 152.10 -60.25
N GLN I 280 18.19 153.06 -59.43
CA GLN I 280 17.56 154.26 -59.94
C GLN I 280 18.59 155.31 -60.37
N TYR I 281 19.79 155.27 -59.78
CA TYR I 281 20.75 156.36 -59.98
C TYR I 281 21.70 156.09 -61.15
N ARG I 282 22.47 155.02 -61.05
CA ARG I 282 23.51 154.73 -62.03
C ARG I 282 22.93 154.19 -63.33
N ALA I 283 23.58 154.55 -64.45
CA ALA I 283 23.14 154.14 -65.77
C ALA I 283 23.71 152.78 -66.16
N LEU I 284 23.31 152.30 -67.33
CA LEU I 284 23.79 151.04 -67.90
C LEU I 284 24.51 151.35 -69.21
N THR I 285 25.82 151.55 -69.12
CA THR I 285 26.65 151.78 -70.29
C THR I 285 27.89 150.90 -70.20
N VAL I 286 28.55 150.72 -71.34
CA VAL I 286 29.77 149.91 -71.41
C VAL I 286 30.85 150.48 -70.50
N PRO I 287 31.09 151.80 -70.46
CA PRO I 287 32.05 152.32 -69.47
C PRO I 287 31.69 151.96 -68.05
N GLU I 288 30.40 151.89 -67.73
CA GLU I 288 30.00 151.45 -66.40
C GLU I 288 30.35 149.99 -66.17
N LEU I 289 30.01 149.14 -67.13
CA LEU I 289 30.30 147.70 -67.01
C LEU I 289 31.78 147.46 -66.79
N THR I 290 32.63 148.12 -67.57
CA THR I 290 34.06 147.84 -67.49
C THR I 290 34.69 148.45 -66.24
N GLN I 291 34.11 149.53 -65.71
CA GLN I 291 34.67 150.14 -64.51
C GLN I 291 34.44 149.26 -63.29
N GLN I 292 33.28 148.63 -63.20
CA GLN I 292 32.98 147.75 -62.08
C GLN I 292 33.68 146.41 -62.24
N MET I 293 33.85 145.94 -63.47
CA MET I 293 34.42 144.60 -63.66
C MET I 293 35.91 144.58 -63.40
N TRP I 294 36.63 145.65 -63.71
CA TRP I 294 38.05 145.71 -63.45
C TRP I 294 38.38 145.99 -62.00
N ASP I 295 37.38 146.31 -61.18
CA ASP I 295 37.59 146.64 -59.79
C ASP I 295 38.16 145.45 -59.03
N ALA I 296 38.79 145.75 -57.90
CA ALA I 296 39.38 144.72 -57.05
C ALA I 296 38.38 144.16 -56.06
N LYS I 297 37.10 144.47 -56.21
CA LYS I 297 36.06 143.99 -55.30
C LYS I 297 35.15 142.96 -55.95
N ASN I 298 34.88 143.09 -57.25
CA ASN I 298 34.08 142.10 -57.94
C ASN I 298 34.81 140.78 -58.14
N MET I 299 36.08 140.70 -57.77
CA MET I 299 36.85 139.47 -57.93
C MET I 299 36.28 138.41 -56.99
N MET I 300 35.57 137.43 -57.56
CA MET I 300 34.86 136.44 -56.76
C MET I 300 35.81 135.53 -55.99
N CYS I 301 37.12 135.71 -56.14
CA CYS I 301 38.10 135.03 -55.32
C CYS I 301 38.88 136.05 -54.50
N ALA I 302 39.40 135.60 -53.35
CA ALA I 302 40.08 136.50 -52.41
C ALA I 302 41.56 136.66 -52.78
N ALA I 303 41.78 137.08 -54.03
CA ALA I 303 43.10 137.42 -54.51
C ALA I 303 43.12 138.88 -54.92
N ASP I 304 44.21 139.57 -54.61
CA ASP I 304 44.26 141.01 -54.79
C ASP I 304 45.03 141.36 -56.04
N PRO I 305 44.38 141.86 -57.09
CA PRO I 305 45.08 142.12 -58.36
C PRO I 305 46.19 143.15 -58.23
N ARG I 306 46.04 144.13 -57.35
CA ARG I 306 47.05 145.19 -57.22
C ARG I 306 48.38 144.68 -56.69
N HIS I 307 48.46 143.42 -56.27
CA HIS I 307 49.73 142.86 -55.82
C HIS I 307 50.44 142.05 -56.90
N GLY I 308 49.72 141.62 -57.94
CA GLY I 308 50.33 140.82 -58.98
C GLY I 308 50.21 141.44 -60.34
N ARG I 309 50.49 140.68 -61.39
CA ARG I 309 50.48 141.17 -62.75
C ARG I 309 49.55 140.32 -63.59
N TYR I 310 48.67 140.97 -64.34
CA TYR I 310 47.73 140.25 -65.19
C TYR I 310 48.45 139.67 -66.40
N LEU I 311 48.43 138.36 -66.54
CA LEU I 311 48.93 137.74 -67.76
C LEU I 311 47.97 137.99 -68.92
N THR I 312 46.72 137.57 -68.76
CA THR I 312 45.69 137.81 -69.75
C THR I 312 44.38 138.12 -69.04
N ALA I 313 43.41 138.59 -69.81
CA ALA I 313 42.07 138.82 -69.29
C ALA I 313 41.06 138.56 -70.40
N SER I 314 39.78 138.54 -70.02
CA SER I 314 38.72 138.34 -70.98
C SER I 314 37.46 139.01 -70.49
N ALA I 315 36.65 139.48 -71.43
CA ALA I 315 35.35 140.04 -71.13
C ALA I 315 34.32 139.46 -72.09
N LEU I 316 33.11 139.25 -71.58
CA LEU I 316 32.00 138.74 -72.38
C LEU I 316 30.79 139.61 -72.11
N PHE I 317 30.31 140.30 -73.15
CA PHE I 317 29.22 141.25 -72.98
C PHE I 317 27.95 140.68 -73.56
N ARG I 318 26.81 141.11 -73.02
CA ARG I 318 25.51 140.62 -73.46
C ARG I 318 24.56 141.81 -73.55
N GLY I 319 24.07 142.07 -74.77
CA GLY I 319 23.18 143.18 -75.00
C GLY I 319 23.55 143.93 -76.26
N ARG I 320 22.55 144.30 -77.07
CA ARG I 320 22.82 145.01 -78.31
C ARG I 320 23.58 146.29 -77.99
N MET I 321 24.84 146.36 -78.40
CA MET I 321 25.72 147.46 -78.00
C MET I 321 26.66 147.77 -79.16
N SER I 322 27.55 148.73 -78.92
CA SER I 322 28.50 149.19 -79.93
C SER I 322 29.87 148.60 -79.63
N THR I 323 30.43 147.89 -80.60
CA THR I 323 31.66 147.14 -80.38
C THR I 323 32.93 147.97 -80.50
N LYS I 324 32.82 149.25 -80.86
CA LYS I 324 33.99 150.11 -80.77
C LYS I 324 34.26 150.50 -79.32
N GLU I 325 33.20 150.77 -78.55
CA GLU I 325 33.37 151.25 -77.19
C GLU I 325 34.09 150.22 -76.33
N VAL I 326 33.74 148.94 -76.47
CA VAL I 326 34.40 147.91 -75.68
C VAL I 326 35.88 147.83 -76.01
N ASP I 327 36.24 147.86 -77.30
CA ASP I 327 37.64 147.81 -77.68
C ASP I 327 38.38 149.03 -77.16
N GLU I 328 37.73 150.19 -77.17
CA GLU I 328 38.35 151.40 -76.66
C GLU I 328 38.55 151.33 -75.16
N GLN I 329 37.54 150.87 -74.42
CA GLN I 329 37.65 150.81 -72.97
C GLN I 329 38.75 149.86 -72.54
N MET I 330 38.88 148.71 -73.19
CA MET I 330 39.90 147.74 -72.79
C MET I 330 41.30 148.22 -73.10
N LEU I 331 41.46 148.92 -74.23
CA LEU I 331 42.76 149.52 -74.53
C LEU I 331 43.08 150.64 -73.54
N ASN I 332 42.11 151.50 -73.28
CA ASN I 332 42.31 152.61 -72.35
C ASN I 332 42.76 152.11 -70.99
N VAL I 333 42.16 151.02 -70.51
CA VAL I 333 42.53 150.47 -69.22
C VAL I 333 43.98 150.02 -69.22
N GLN I 334 44.38 149.25 -70.23
CA GLN I 334 45.75 148.75 -70.28
C GLN I 334 46.76 149.89 -70.21
N ASN I 335 46.49 150.99 -70.91
CA ASN I 335 47.44 152.09 -70.93
C ASN I 335 47.48 152.82 -69.59
N LYS I 336 46.36 152.86 -68.87
CA LYS I 336 46.29 153.64 -67.65
C LYS I 336 47.07 152.98 -66.52
N ASN I 337 46.65 151.80 -66.08
CA ASN I 337 47.34 151.08 -65.02
C ASN I 337 48.26 150.02 -65.61
N SER I 338 49.21 150.48 -66.42
CA SER I 338 50.00 149.59 -67.25
C SER I 338 50.88 148.66 -66.43
N SER I 339 51.28 149.09 -65.22
CA SER I 339 52.20 148.28 -64.44
C SER I 339 51.60 146.94 -64.05
N TYR I 340 50.28 146.87 -63.87
CA TYR I 340 49.64 145.60 -63.51
C TYR I 340 49.62 144.59 -64.65
N PHE I 341 50.16 144.94 -65.81
CA PHE I 341 50.14 144.05 -66.96
C PHE I 341 51.55 143.70 -67.39
N VAL I 342 51.69 142.50 -67.93
CA VAL I 342 52.98 142.04 -68.42
C VAL I 342 53.31 142.75 -69.73
N GLU I 343 54.61 142.93 -69.98
CA GLU I 343 55.05 143.71 -71.13
C GLU I 343 55.30 142.86 -72.37
N TRP I 344 55.69 141.60 -72.22
CA TRP I 344 55.93 140.78 -73.40
C TRP I 344 54.64 140.22 -74.01
N ILE I 345 53.50 140.79 -73.65
CA ILE I 345 52.24 140.54 -74.34
C ILE I 345 51.68 141.89 -74.77
N PRO I 346 51.57 142.16 -76.06
CA PRO I 346 51.16 143.50 -76.51
C PRO I 346 49.75 143.87 -76.08
N ASN I 347 48.78 143.04 -76.45
CA ASN I 347 47.37 143.27 -76.11
C ASN I 347 46.87 141.99 -75.45
N ASN I 348 46.67 142.03 -74.14
CA ASN I 348 46.41 140.83 -73.36
C ASN I 348 44.97 140.76 -72.86
N VAL I 349 44.02 141.16 -73.69
CA VAL I 349 42.61 140.96 -73.40
C VAL I 349 41.93 140.43 -74.65
N LYS I 350 40.94 139.57 -74.45
CA LYS I 350 39.99 139.23 -75.49
C LYS I 350 38.61 139.73 -75.07
N SER I 351 37.76 140.00 -76.05
CA SER I 351 36.46 140.60 -75.77
C SER I 351 35.43 139.97 -76.71
N SER I 352 34.49 139.23 -76.13
CA SER I 352 33.35 138.73 -76.89
C SER I 352 32.18 139.70 -76.75
N VAL I 353 31.07 139.36 -77.38
CA VAL I 353 29.83 140.12 -77.25
C VAL I 353 28.68 139.28 -77.75
N CYS I 354 27.53 139.35 -77.07
CA CYS I 354 26.32 138.67 -77.48
C CYS I 354 25.17 139.65 -77.62
N ASP I 355 24.39 139.46 -78.67
CA ASP I 355 23.21 140.29 -78.91
C ASP I 355 22.05 139.95 -77.98
N ILE I 356 22.25 139.02 -77.05
CA ILE I 356 21.16 138.57 -76.19
C ILE I 356 21.54 138.79 -74.74
N PRO I 357 20.89 139.71 -74.04
CA PRO I 357 21.21 139.95 -72.64
C PRO I 357 20.54 138.91 -71.76
N PRO I 358 20.73 138.97 -70.45
CA PRO I 358 19.90 138.15 -69.55
C PRO I 358 18.42 138.49 -69.69
N LYS I 359 17.59 137.66 -69.07
CA LYS I 359 16.15 137.76 -69.29
C LYS I 359 15.62 139.15 -68.93
N GLY I 360 15.78 139.54 -67.68
CA GLY I 360 15.24 140.80 -67.23
C GLY I 360 16.09 142.03 -67.43
N LEU I 361 17.32 141.86 -67.94
CA LEU I 361 18.27 142.95 -68.04
C LEU I 361 18.38 143.43 -69.49
N LYS I 362 19.19 144.48 -69.67
CA LYS I 362 19.43 145.05 -70.98
C LYS I 362 20.89 145.08 -71.39
N MET I 363 21.81 145.24 -70.42
CA MET I 363 23.23 145.14 -70.70
C MET I 363 23.91 144.47 -69.52
N SER I 364 24.76 143.49 -69.81
CA SER I 364 25.50 142.77 -68.77
C SER I 364 26.88 142.47 -69.29
N ALA I 365 27.79 142.15 -68.37
CA ALA I 365 29.16 141.82 -68.75
C ALA I 365 29.75 140.89 -67.72
N THR I 366 30.60 139.98 -68.19
CA THR I 366 31.25 138.99 -67.35
C THR I 366 32.75 139.02 -67.60
N PHE I 367 33.53 138.78 -66.55
CA PHE I 367 34.96 138.98 -66.59
C PHE I 367 35.70 137.72 -66.18
N ILE I 368 36.81 137.45 -66.87
CA ILE I 368 37.74 136.39 -66.50
C ILE I 368 39.15 136.93 -66.66
N GLY I 369 40.01 136.61 -65.70
CA GLY I 369 41.37 137.11 -65.75
C GLY I 369 42.37 136.18 -65.11
N ASN I 370 43.54 136.05 -65.72
CA ASN I 370 44.58 135.13 -65.27
C ASN I 370 45.70 135.97 -64.69
N SER I 371 45.58 136.28 -63.39
CA SER I 371 46.54 137.13 -62.71
C SER I 371 47.62 136.30 -62.03
N THR I 372 48.70 136.97 -61.65
CA THR I 372 49.74 136.36 -60.84
C THR I 372 49.50 136.53 -59.35
N ALA I 373 48.48 137.29 -58.96
CA ALA I 373 48.08 137.35 -57.56
C ALA I 373 47.43 136.07 -57.09
N ILE I 374 47.20 135.11 -57.99
CA ILE I 374 46.60 133.85 -57.59
C ILE I 374 47.58 133.00 -56.79
N GLN I 375 48.87 133.25 -56.92
CA GLN I 375 49.86 132.47 -56.18
C GLN I 375 49.75 132.66 -54.67
N GLU I 376 49.10 133.75 -54.23
CA GLU I 376 49.00 133.99 -52.79
C GLU I 376 48.16 132.94 -52.10
N MET I 377 47.05 132.53 -52.72
CA MET I 377 46.24 131.46 -52.16
C MET I 377 47.06 130.20 -51.97
N PHE I 378 47.90 129.88 -52.95
CA PHE I 378 48.66 128.64 -52.88
C PHE I 378 49.79 128.75 -51.86
N LYS I 379 50.33 129.94 -51.66
CA LYS I 379 51.30 130.14 -50.59
C LYS I 379 50.65 129.95 -49.23
N ARG I 380 49.51 130.62 -49.01
CA ARG I 380 48.80 130.47 -47.75
C ARG I 380 48.42 129.01 -47.51
N VAL I 381 47.93 128.33 -48.54
CA VAL I 381 47.55 126.93 -48.40
C VAL I 381 48.77 126.07 -48.12
N SER I 382 49.83 126.24 -48.92
CA SER I 382 51.03 125.44 -48.75
C SER I 382 51.66 125.66 -47.39
N GLU I 383 51.51 126.87 -46.84
CA GLU I 383 52.06 127.15 -45.51
C GLU I 383 51.29 126.38 -44.45
N GLN I 384 49.96 126.38 -44.55
CA GLN I 384 49.16 125.65 -43.57
C GLN I 384 49.36 124.15 -43.70
N PHE I 385 49.56 123.66 -44.92
CA PHE I 385 49.76 122.23 -45.11
C PHE I 385 51.06 121.77 -44.46
N THR I 386 52.15 122.49 -44.68
CA THR I 386 53.43 122.07 -44.14
C THR I 386 53.49 122.24 -42.64
N ALA I 387 52.73 123.19 -42.10
CA ALA I 387 52.68 123.37 -40.65
C ALA I 387 52.06 122.15 -39.98
N MET I 388 50.95 121.65 -40.53
CA MET I 388 50.29 120.49 -39.93
C MET I 388 51.03 119.20 -40.28
N PHE I 389 51.53 119.09 -41.50
CA PHE I 389 52.22 117.86 -41.91
C PHE I 389 53.55 117.68 -41.21
N ARG I 390 54.19 118.77 -40.76
CA ARG I 390 55.43 118.64 -40.02
C ARG I 390 55.23 117.96 -38.68
N ARG I 391 54.01 118.02 -38.13
CA ARG I 391 53.67 117.35 -36.88
C ARG I 391 52.77 116.14 -37.06
N LYS I 392 52.22 115.96 -38.26
CA LYS I 392 51.39 114.79 -38.59
C LYS I 392 50.08 114.79 -37.81
N ALA I 393 49.46 115.97 -37.67
CA ALA I 393 48.13 116.04 -37.11
C ALA I 393 47.12 115.50 -38.14
N PHE I 394 46.09 114.82 -37.63
CA PHE I 394 45.03 114.25 -38.46
C PHE I 394 45.56 113.35 -39.57
N LEU I 395 46.80 112.85 -39.44
CA LEU I 395 47.38 112.06 -40.51
C LEU I 395 46.99 110.59 -40.44
N HIS I 396 46.74 110.06 -39.24
CA HIS I 396 46.31 108.66 -39.12
C HIS I 396 45.01 108.42 -39.86
N TRP I 397 44.20 109.46 -40.07
CA TRP I 397 42.97 109.31 -40.82
C TRP I 397 43.26 109.05 -42.29
N TYR I 398 44.26 109.72 -42.84
CA TYR I 398 44.57 109.53 -44.26
C TYR I 398 45.36 108.25 -44.50
N THR I 399 46.30 107.94 -43.62
CA THR I 399 47.09 106.73 -43.77
C THR I 399 46.29 105.48 -43.48
N GLY I 400 45.21 105.59 -42.70
CA GLY I 400 44.32 104.46 -42.55
C GLY I 400 43.67 104.01 -43.84
N GLU I 401 43.81 104.77 -44.92
CA GLU I 401 43.24 104.37 -46.21
C GLU I 401 44.29 103.92 -47.21
N GLY I 402 45.36 103.28 -46.76
CA GLY I 402 46.38 102.84 -47.70
C GLY I 402 47.15 103.97 -48.35
N MET I 403 46.99 105.20 -47.88
CA MET I 403 47.85 106.27 -48.35
C MET I 403 49.19 106.24 -47.61
N ASP I 404 50.20 106.77 -48.27
CA ASP I 404 51.52 106.92 -47.68
C ASP I 404 51.89 108.41 -47.69
N GLU I 405 53.12 108.69 -47.32
CA GLU I 405 53.56 110.07 -47.20
C GLU I 405 54.14 110.63 -48.49
N MET I 406 54.59 109.77 -49.40
CA MET I 406 55.05 110.26 -50.69
C MET I 406 53.90 110.93 -51.46
N GLU I 407 52.67 110.49 -51.24
CA GLU I 407 51.54 111.13 -51.89
C GLU I 407 51.28 112.52 -51.33
N PHE I 408 51.80 112.83 -50.15
CA PHE I 408 51.72 114.20 -49.64
C PHE I 408 52.89 115.03 -50.14
N THR I 409 54.10 114.47 -50.11
CA THR I 409 55.26 115.23 -50.56
C THR I 409 55.19 115.51 -52.05
N GLU I 410 54.74 114.53 -52.84
CA GLU I 410 54.51 114.79 -54.26
C GLU I 410 53.55 115.95 -54.45
N ALA I 411 52.43 115.95 -53.72
CA ALA I 411 51.47 117.03 -53.83
C ALA I 411 52.09 118.37 -53.45
N GLU I 412 52.90 118.39 -52.40
CA GLU I 412 53.45 119.66 -51.94
C GLU I 412 54.51 120.19 -52.89
N SER I 413 55.34 119.31 -53.43
CA SER I 413 56.31 119.74 -54.43
C SER I 413 55.61 120.29 -55.68
N ASN I 414 54.57 119.60 -56.13
CA ASN I 414 53.87 120.03 -57.34
C ASN I 414 53.19 121.39 -57.12
N MET I 415 52.73 121.65 -55.91
CA MET I 415 52.18 122.98 -55.63
C MET I 415 53.28 124.02 -55.51
N ASN I 416 54.47 123.60 -55.08
CA ASN I 416 55.59 124.54 -54.99
C ASN I 416 56.15 124.86 -56.37
N ASP I 417 56.13 123.89 -57.28
CA ASP I 417 56.49 124.19 -58.66
C ASP I 417 55.53 125.19 -59.27
N LEU I 418 54.23 125.05 -58.98
CA LEU I 418 53.24 125.95 -59.57
C LEU I 418 53.41 127.37 -59.05
N VAL I 419 53.71 127.53 -57.76
CA VAL I 419 53.79 128.88 -57.22
C VAL I 419 55.06 129.58 -57.69
N SER I 420 56.12 128.83 -57.99
CA SER I 420 57.31 129.44 -58.56
C SER I 420 57.08 129.85 -60.00
N GLU I 421 56.37 129.01 -60.77
CA GLU I 421 56.01 129.38 -62.13
C GLU I 421 55.27 130.72 -62.16
N TYR I 422 54.32 130.90 -61.25
CA TYR I 422 53.58 132.16 -61.19
C TYR I 422 54.49 133.31 -60.76
N GLN I 423 55.49 133.01 -59.94
CA GLN I 423 56.38 134.06 -59.46
C GLN I 423 57.32 134.53 -60.56
N GLN I 424 57.80 133.61 -61.40
CA GLN I 424 58.69 133.98 -62.49
C GLN I 424 58.10 135.09 -63.34
N TYR I 425 56.95 134.82 -63.96
CA TYR I 425 56.34 135.78 -64.85
C TYR I 425 55.78 136.99 -64.13
N GLN I 426 55.65 136.94 -62.80
CA GLN I 426 55.39 138.15 -62.04
C GLN I 426 56.73 138.86 -61.88
N ASP I 427 57.02 139.76 -62.82
CA ASP I 427 58.22 140.57 -62.76
C ASP I 427 58.01 141.82 -61.91
N ALA I 428 56.95 141.85 -61.11
CA ALA I 428 56.62 142.98 -60.24
C ALA I 428 56.50 144.29 -61.01
N MET J 1 -98.09 9.87 -26.17
CA MET J 1 -98.35 8.45 -26.34
C MET J 1 -97.26 7.63 -25.65
N ARG J 2 -97.24 6.32 -25.93
CA ARG J 2 -96.23 5.41 -25.38
C ARG J 2 -96.31 5.35 -23.85
N GLU J 3 -97.52 5.30 -23.31
CA GLU J 3 -97.68 5.25 -21.86
C GLU J 3 -97.12 3.95 -21.31
N ILE J 4 -96.74 4.00 -20.02
CA ILE J 4 -96.17 2.86 -19.31
C ILE J 4 -96.89 2.71 -17.98
N VAL J 5 -97.39 1.52 -17.70
CA VAL J 5 -97.99 1.18 -16.42
C VAL J 5 -96.95 0.46 -15.58
N HIS J 6 -96.95 0.73 -14.28
CA HIS J 6 -95.90 0.31 -13.38
C HIS J 6 -96.48 -0.46 -12.20
N ILE J 7 -95.97 -1.66 -11.96
CA ILE J 7 -96.42 -2.51 -10.86
C ILE J 7 -95.32 -2.51 -9.81
N GLN J 8 -95.71 -2.62 -8.54
CA GLN J 8 -94.76 -2.71 -7.42
C GLN J 8 -95.22 -3.87 -6.54
N GLY J 9 -94.52 -5.00 -6.65
CA GLY J 9 -94.89 -6.21 -5.93
C GLY J 9 -93.96 -6.46 -4.76
N GLY J 10 -94.47 -7.16 -3.76
CA GLY J 10 -93.67 -7.51 -2.60
C GLY J 10 -93.31 -6.31 -1.75
N GLN J 11 -92.54 -6.58 -0.70
CA GLN J 11 -92.06 -5.50 0.15
C GLN J 11 -90.99 -4.69 -0.55
N CYS J 12 -89.95 -5.35 -1.05
CA CYS J 12 -88.85 -4.66 -1.70
C CYS J 12 -89.33 -3.82 -2.87
N GLY J 13 -90.14 -4.41 -3.74
CA GLY J 13 -90.66 -3.67 -4.88
C GLY J 13 -91.48 -2.46 -4.47
N ASN J 14 -92.23 -2.57 -3.37
CA ASN J 14 -92.98 -1.43 -2.87
C ASN J 14 -92.08 -0.35 -2.34
N GLN J 15 -90.81 -0.69 -2.07
CA GLN J 15 -89.88 0.23 -1.42
C GLN J 15 -88.93 0.90 -2.41
N ILE J 16 -88.31 0.13 -3.30
CA ILE J 16 -87.53 0.74 -4.36
C ILE J 16 -88.43 1.59 -5.26
N GLY J 17 -89.68 1.16 -5.46
CA GLY J 17 -90.59 1.93 -6.27
C GLY J 17 -91.04 3.23 -5.60
N ALA J 18 -91.05 3.24 -4.27
CA ALA J 18 -91.38 4.48 -3.57
C ALA J 18 -90.33 5.55 -3.81
N LYS J 19 -89.08 5.14 -4.08
CA LYS J 19 -88.06 6.11 -4.44
C LYS J 19 -88.14 6.48 -5.92
N PHE J 20 -88.36 5.49 -6.79
CA PHE J 20 -88.54 5.74 -8.21
C PHE J 20 -89.54 6.86 -8.45
N TRP J 21 -90.73 6.73 -7.87
CA TRP J 21 -91.75 7.76 -8.02
C TRP J 21 -91.40 9.06 -7.31
N GLU J 22 -90.32 9.09 -6.54
CA GLU J 22 -89.86 10.33 -5.94
C GLU J 22 -88.79 11.00 -6.78
N VAL J 23 -87.93 10.21 -7.42
CA VAL J 23 -86.95 10.75 -8.34
C VAL J 23 -87.63 11.28 -9.60
N VAL J 24 -88.52 10.47 -10.17
CA VAL J 24 -89.21 10.86 -11.39
C VAL J 24 -90.01 12.14 -11.16
N SER J 25 -90.86 12.14 -10.13
CA SER J 25 -91.66 13.32 -9.83
C SER J 25 -90.79 14.55 -9.66
N ASP J 26 -89.59 14.39 -9.10
CA ASP J 26 -88.65 15.50 -9.01
C ASP J 26 -88.22 15.96 -10.40
N GLU J 27 -87.77 15.01 -11.23
CA GLU J 27 -87.26 15.37 -12.54
C GLU J 27 -88.31 16.11 -13.37
N HIS J 28 -89.54 15.61 -13.36
CA HIS J 28 -90.62 16.31 -14.05
C HIS J 28 -91.08 17.55 -13.29
N GLY J 29 -90.55 17.79 -12.10
CA GLY J 29 -90.83 19.04 -11.39
C GLY J 29 -92.22 19.16 -10.81
N ILE J 30 -92.83 18.06 -10.41
CA ILE J 30 -94.13 18.09 -9.76
C ILE J 30 -93.93 17.89 -8.27
N ASP J 31 -94.79 18.50 -7.47
CA ASP J 31 -94.66 18.50 -6.03
C ASP J 31 -95.41 17.32 -5.42
N PRO J 32 -95.14 16.99 -4.16
CA PRO J 32 -95.89 15.90 -3.51
C PRO J 32 -97.38 16.14 -3.43
N THR J 33 -97.85 17.33 -3.78
CA THR J 33 -99.27 17.60 -3.94
C THR J 33 -99.83 17.11 -5.27
N GLY J 34 -98.96 16.72 -6.21
CA GLY J 34 -99.37 16.39 -7.55
C GLY J 34 -99.43 17.57 -8.49
N THR J 35 -99.13 18.77 -8.01
CA THR J 35 -99.14 19.97 -8.84
C THR J 35 -97.76 20.25 -9.41
N TYR J 36 -97.74 20.67 -10.66
CA TYR J 36 -96.51 20.95 -11.38
C TYR J 36 -95.95 22.30 -10.97
N HIS J 37 -94.64 22.34 -10.76
CA HIS J 37 -93.97 23.59 -10.41
C HIS J 37 -92.65 23.77 -11.13
N GLY J 38 -92.46 23.12 -12.29
CA GLY J 38 -91.22 23.25 -13.03
C GLY J 38 -91.18 24.53 -13.83
N ASP J 39 -90.26 24.57 -14.80
CA ASP J 39 -90.02 25.76 -15.60
C ASP J 39 -90.32 25.57 -17.08
N SER J 40 -89.77 24.53 -17.71
CA SER J 40 -89.90 24.34 -19.14
C SER J 40 -91.12 23.49 -19.48
N ASP J 41 -91.47 23.50 -20.76
CA ASP J 41 -92.57 22.67 -21.23
C ASP J 41 -92.20 21.20 -21.33
N LEU J 42 -90.90 20.90 -21.49
CA LEU J 42 -90.46 19.52 -21.71
C LEU J 42 -90.97 18.58 -20.63
N GLN J 43 -91.06 19.05 -19.38
CA GLN J 43 -91.65 18.24 -18.33
C GLN J 43 -93.09 17.87 -18.64
N LEU J 44 -93.81 18.70 -19.39
CA LEU J 44 -95.20 18.44 -19.71
C LEU J 44 -95.42 17.77 -21.05
N GLU J 45 -94.44 17.84 -21.95
CA GLU J 45 -94.64 17.33 -23.30
C GLU J 45 -94.91 15.83 -23.29
N ARG J 46 -94.10 15.07 -22.57
CA ARG J 46 -94.26 13.63 -22.45
C ARG J 46 -94.44 13.22 -21.00
N ILE J 47 -95.23 14.00 -20.25
CA ILE J 47 -95.54 13.63 -18.88
C ILE J 47 -96.50 12.45 -18.84
N ASN J 48 -97.36 12.32 -19.84
CA ASN J 48 -98.43 11.33 -19.84
C ASN J 48 -97.93 9.90 -19.92
N VAL J 49 -96.62 9.67 -19.96
CA VAL J 49 -96.11 8.31 -19.97
C VAL J 49 -96.23 7.68 -18.60
N TYR J 50 -96.03 8.47 -17.55
CA TYR J 50 -95.99 7.96 -16.18
C TYR J 50 -97.17 8.37 -15.33
N PHE J 51 -97.98 9.33 -15.77
CA PHE J 51 -98.95 9.93 -14.88
C PHE J 51 -100.31 9.96 -15.54
N ASN J 52 -101.29 10.35 -14.75
CA ASN J 52 -102.64 10.61 -15.22
C ASN J 52 -103.07 11.96 -14.65
N GLU J 53 -103.54 12.85 -15.52
CA GLU J 53 -104.06 14.12 -15.06
C GLU J 53 -105.20 13.89 -14.08
N ALA J 54 -105.32 14.81 -13.11
CA ALA J 54 -106.40 14.75 -12.14
C ALA J 54 -107.08 16.10 -12.09
N THR J 55 -108.30 16.10 -11.55
CA THR J 55 -109.05 17.34 -11.42
C THR J 55 -108.30 18.28 -10.47
N GLY J 56 -108.19 19.54 -10.88
CA GLY J 56 -107.41 20.49 -10.12
C GLY J 56 -105.95 20.53 -10.46
N GLY J 57 -105.56 20.01 -11.62
CA GLY J 57 -104.16 20.05 -12.04
C GLY J 57 -103.22 19.24 -11.18
N ARG J 58 -103.70 18.16 -10.59
CA ARG J 58 -102.84 17.22 -9.88
C ARG J 58 -102.44 16.10 -10.82
N TYR J 59 -101.25 15.57 -10.61
CA TYR J 59 -100.74 14.47 -11.41
C TYR J 59 -100.53 13.27 -10.51
N VAL J 60 -101.22 12.17 -10.81
CA VAL J 60 -101.10 10.96 -10.01
C VAL J 60 -100.37 9.92 -10.84
N PRO J 61 -99.53 9.08 -10.23
CA PRO J 61 -98.78 8.10 -11.00
C PRO J 61 -99.68 7.00 -11.54
N ARG J 62 -99.18 6.34 -12.59
CA ARG J 62 -99.80 5.14 -13.14
C ARG J 62 -99.20 3.90 -12.50
N ALA J 63 -99.18 3.88 -11.17
CA ALA J 63 -98.50 2.84 -10.42
C ALA J 63 -99.47 1.99 -9.63
N ILE J 64 -99.16 0.71 -9.49
CA ILE J 64 -99.94 -0.25 -8.72
C ILE J 64 -99.05 -0.83 -7.64
N LEU J 65 -99.59 -0.93 -6.43
CA LEU J 65 -98.83 -1.38 -5.25
C LEU J 65 -99.53 -2.60 -4.69
N MET J 66 -98.99 -3.78 -4.96
CA MET J 66 -99.58 -5.03 -4.49
C MET J 66 -98.63 -5.68 -3.49
N ASP J 67 -99.15 -5.99 -2.31
CA ASP J 67 -98.40 -6.70 -1.28
C ASP J 67 -99.36 -7.08 -0.16
N LEU J 68 -99.25 -8.31 0.34
CA LEU J 68 -99.96 -8.71 1.54
C LEU J 68 -99.39 -7.96 2.74
N GLU J 69 -100.00 -8.14 3.92
CA GLU J 69 -99.51 -7.47 5.13
C GLU J 69 -99.41 -5.96 4.93
N PRO J 70 -100.52 -5.24 4.97
CA PRO J 70 -100.50 -3.83 4.54
C PRO J 70 -99.67 -2.92 5.44
N GLY J 71 -98.93 -3.50 6.38
CA GLY J 71 -98.07 -2.70 7.23
C GLY J 71 -97.09 -1.82 6.47
N THR J 72 -96.54 -2.34 5.37
CA THR J 72 -95.55 -1.58 4.62
C THR J 72 -96.20 -0.53 3.72
N MET J 73 -97.43 -0.77 3.25
CA MET J 73 -98.11 0.25 2.47
C MET J 73 -98.44 1.46 3.32
N ASP J 74 -98.64 1.27 4.62
CA ASP J 74 -98.80 2.40 5.52
C ASP J 74 -97.49 3.16 5.68
N SER J 75 -96.36 2.55 5.35
CA SER J 75 -95.10 3.28 5.39
C SER J 75 -94.98 4.21 4.19
N VAL J 76 -95.20 3.68 2.98
CA VAL J 76 -95.10 4.52 1.79
C VAL J 76 -96.20 5.57 1.77
N ARG J 77 -97.37 5.24 2.30
CA ARG J 77 -98.43 6.24 2.40
C ARG J 77 -98.03 7.36 3.35
N SER J 78 -97.35 7.02 4.44
CA SER J 78 -96.81 8.00 5.36
C SER J 78 -95.58 8.71 4.81
N GLY J 79 -94.99 8.20 3.73
CA GLY J 79 -93.81 8.79 3.15
C GLY J 79 -94.07 10.19 2.64
N PRO J 80 -93.00 10.87 2.19
CA PRO J 80 -93.18 12.24 1.68
C PRO J 80 -94.03 12.29 0.42
N TYR J 81 -93.90 11.31 -0.47
CA TYR J 81 -94.62 11.29 -1.73
C TYR J 81 -95.70 10.21 -1.77
N GLY J 82 -96.29 9.91 -0.63
CA GLY J 82 -97.32 8.90 -0.58
C GLY J 82 -98.69 9.47 -0.90
N GLN J 83 -98.78 10.80 -0.86
CA GLN J 83 -100.06 11.47 -1.06
C GLN J 83 -100.49 11.50 -2.53
N ILE J 84 -99.59 11.22 -3.45
CA ILE J 84 -99.91 11.32 -4.87
C ILE J 84 -100.60 10.08 -5.43
N PHE J 85 -100.39 8.92 -4.82
CA PHE J 85 -100.96 7.70 -5.38
C PHE J 85 -102.47 7.71 -5.27
N ARG J 86 -103.11 6.98 -6.17
CA ARG J 86 -104.54 6.76 -6.06
C ARG J 86 -104.80 5.76 -4.93
N PRO J 87 -105.44 6.18 -3.84
CA PRO J 87 -105.72 5.22 -2.75
C PRO J 87 -106.46 3.99 -3.22
N ASP J 88 -107.16 4.06 -4.35
CA ASP J 88 -107.71 2.86 -4.96
C ASP J 88 -106.62 1.93 -5.45
N ASN J 89 -105.46 2.47 -5.83
CA ASN J 89 -104.37 1.63 -6.31
C ASN J 89 -103.57 1.08 -5.14
N PHE J 90 -104.26 0.49 -4.18
CA PHE J 90 -103.63 -0.21 -3.07
C PHE J 90 -104.42 -1.50 -2.84
N VAL J 91 -103.81 -2.63 -3.13
CA VAL J 91 -104.44 -3.93 -2.92
C VAL J 91 -103.54 -4.74 -2.02
N PHE J 92 -104.09 -5.24 -0.91
CA PHE J 92 -103.32 -5.99 0.05
C PHE J 92 -104.17 -7.12 0.62
N GLY J 93 -103.51 -7.99 1.37
CA GLY J 93 -104.19 -9.06 2.07
C GLY J 93 -103.67 -9.14 3.48
N GLN J 94 -104.59 -9.39 4.41
CA GLN J 94 -104.24 -9.34 5.83
C GLN J 94 -103.35 -10.52 6.23
N THR J 95 -103.41 -11.62 5.48
CA THR J 95 -102.77 -12.86 5.89
C THR J 95 -101.26 -12.76 5.72
N GLY J 96 -100.57 -13.85 6.03
CA GLY J 96 -99.12 -13.88 5.92
C GLY J 96 -98.64 -14.23 4.52
N ALA J 97 -97.44 -13.72 4.20
CA ALA J 97 -96.83 -14.02 2.91
C ALA J 97 -96.25 -15.43 2.89
N GLY J 98 -95.56 -15.82 3.96
CA GLY J 98 -95.17 -17.20 4.15
C GLY J 98 -93.88 -17.63 3.46
N ASN J 99 -93.28 -16.77 2.63
CA ASN J 99 -92.05 -17.11 1.90
C ASN J 99 -92.23 -18.33 1.02
N ASN J 100 -93.45 -18.89 0.99
CA ASN J 100 -93.74 -20.05 0.18
C ASN J 100 -94.16 -19.56 -1.19
N TRP J 101 -93.24 -19.67 -2.16
CA TRP J 101 -93.61 -19.40 -3.55
C TRP J 101 -94.90 -20.12 -3.89
N ALA J 102 -95.14 -21.28 -3.28
CA ALA J 102 -96.41 -21.96 -3.39
C ALA J 102 -97.54 -21.03 -2.97
N LYS J 103 -97.57 -20.62 -1.70
CA LYS J 103 -98.72 -19.86 -1.24
C LYS J 103 -98.75 -18.45 -1.80
N GLY J 104 -97.57 -17.88 -2.10
CA GLY J 104 -97.57 -16.60 -2.79
C GLY J 104 -98.12 -16.68 -4.20
N HIS J 105 -98.02 -17.84 -4.84
CA HIS J 105 -98.47 -18.05 -6.20
C HIS J 105 -99.74 -18.89 -6.29
N TYR J 106 -99.89 -19.89 -5.43
CA TYR J 106 -101.02 -20.80 -5.61
C TYR J 106 -102.29 -20.29 -4.97
N THR J 107 -102.32 -20.15 -3.65
CA THR J 107 -103.58 -19.91 -2.97
C THR J 107 -103.85 -18.44 -2.72
N GLU J 108 -103.01 -17.78 -1.93
CA GLU J 108 -103.30 -16.41 -1.52
C GLU J 108 -103.16 -15.45 -2.69
N GLY J 109 -102.13 -15.64 -3.51
CA GLY J 109 -102.02 -14.84 -4.73
C GLY J 109 -103.28 -14.92 -5.56
N ALA J 110 -103.81 -16.14 -5.74
CA ALA J 110 -105.01 -16.32 -6.55
C ALA J 110 -106.19 -15.53 -6.03
N GLU J 111 -106.24 -15.28 -4.71
CA GLU J 111 -107.36 -14.57 -4.13
C GLU J 111 -107.25 -13.06 -4.27
N LEU J 112 -106.12 -12.54 -4.77
CA LEU J 112 -105.98 -11.11 -5.02
C LEU J 112 -105.88 -10.76 -6.50
N ILE J 113 -105.54 -11.73 -7.34
CA ILE J 113 -105.34 -11.43 -8.77
C ILE J 113 -106.60 -10.88 -9.39
N ASP J 114 -107.76 -11.47 -9.09
CA ASP J 114 -109.01 -10.97 -9.65
C ASP J 114 -109.21 -9.50 -9.32
N SER J 115 -108.81 -9.09 -8.12
CA SER J 115 -108.85 -7.67 -7.77
C SER J 115 -107.76 -6.89 -8.51
N VAL J 116 -106.54 -7.44 -8.54
CA VAL J 116 -105.42 -6.73 -9.15
C VAL J 116 -105.69 -6.49 -10.63
N LEU J 117 -106.05 -7.56 -11.35
CA LEU J 117 -106.31 -7.42 -12.78
C LEU J 117 -107.40 -6.39 -13.05
N ASP J 118 -108.45 -6.39 -12.22
CA ASP J 118 -109.51 -5.40 -12.39
C ASP J 118 -109.00 -3.98 -12.22
N VAL J 119 -107.84 -3.80 -11.60
CA VAL J 119 -107.24 -2.48 -11.47
C VAL J 119 -106.32 -2.17 -12.63
N VAL J 120 -105.44 -3.10 -12.98
CA VAL J 120 -104.54 -2.87 -14.11
C VAL J 120 -105.33 -2.70 -15.40
N ARG J 121 -106.49 -3.35 -15.50
CA ARG J 121 -107.37 -3.09 -16.64
C ARG J 121 -108.00 -1.72 -16.55
N LYS J 122 -108.28 -1.24 -15.33
CA LYS J 122 -108.98 0.03 -15.19
C LYS J 122 -108.17 1.17 -15.78
N GLU J 123 -106.84 1.08 -15.72
CA GLU J 123 -106.00 2.16 -16.22
C GLU J 123 -105.32 1.82 -17.53
N ALA J 124 -105.33 0.54 -17.95
CA ALA J 124 -104.85 0.23 -19.29
C ALA J 124 -105.69 0.93 -20.35
N GLU J 125 -106.98 1.15 -20.07
CA GLU J 125 -107.81 1.93 -20.97
C GLU J 125 -107.40 3.39 -20.99
N SER J 126 -106.93 3.92 -19.85
CA SER J 126 -106.54 5.33 -19.78
C SER J 126 -105.36 5.64 -20.69
N CYS J 127 -104.65 4.62 -21.15
CA CYS J 127 -103.53 4.79 -22.06
C CYS J 127 -104.02 4.68 -23.49
N ASP J 128 -103.69 5.66 -24.32
CA ASP J 128 -104.02 5.55 -25.74
C ASP J 128 -103.04 4.64 -26.46
N CYS J 129 -101.77 4.68 -26.07
CA CYS J 129 -100.70 3.89 -26.69
C CYS J 129 -99.95 3.19 -25.57
N LEU J 130 -100.49 2.05 -25.12
CA LEU J 130 -99.80 1.27 -24.10
C LEU J 130 -98.55 0.66 -24.70
N GLN J 131 -97.40 1.04 -24.18
CA GLN J 131 -96.13 0.53 -24.71
C GLN J 131 -95.76 -0.79 -24.04
N GLY J 132 -95.70 -0.81 -22.72
CA GLY J 132 -95.35 -2.04 -22.05
C GLY J 132 -95.54 -1.95 -20.55
N PHE J 133 -95.25 -3.06 -19.89
CA PHE J 133 -95.34 -3.18 -18.45
C PHE J 133 -93.94 -3.20 -17.85
N GLN J 134 -93.83 -2.76 -16.60
CA GLN J 134 -92.59 -2.87 -15.85
C GLN J 134 -92.92 -3.10 -14.39
N VAL J 135 -92.23 -4.05 -13.78
CA VAL J 135 -92.51 -4.45 -12.40
C VAL J 135 -91.25 -4.35 -11.57
N CYS J 136 -91.39 -4.57 -10.26
CA CYS J 136 -90.25 -4.58 -9.35
C CYS J 136 -90.41 -5.76 -8.41
N HIS J 137 -89.45 -6.68 -8.44
CA HIS J 137 -89.55 -7.93 -7.72
C HIS J 137 -88.45 -8.04 -6.67
N SER J 138 -88.52 -9.12 -5.91
CA SER J 138 -87.43 -9.55 -5.03
C SER J 138 -87.52 -11.07 -4.97
N LEU J 139 -86.71 -11.74 -5.77
CA LEU J 139 -86.88 -13.17 -6.01
C LEU J 139 -86.79 -14.01 -4.74
N GLY J 140 -86.33 -13.45 -3.63
CA GLY J 140 -86.20 -14.21 -2.40
C GLY J 140 -87.52 -14.48 -1.70
N GLY J 141 -88.25 -13.43 -1.36
CA GLY J 141 -89.45 -13.57 -0.58
C GLY J 141 -90.57 -14.23 -1.34
N GLY J 142 -91.69 -14.43 -0.62
CA GLY J 142 -92.85 -15.08 -1.18
C GLY J 142 -93.76 -14.16 -1.95
N THR J 143 -93.95 -12.93 -1.47
CA THR J 143 -94.85 -12.00 -2.15
C THR J 143 -94.30 -11.59 -3.50
N GLY J 144 -93.06 -11.07 -3.52
CA GLY J 144 -92.47 -10.65 -4.78
C GLY J 144 -92.41 -11.76 -5.80
N SER J 145 -91.94 -12.94 -5.39
CA SER J 145 -91.86 -14.07 -6.30
C SER J 145 -93.24 -14.65 -6.59
N GLY J 146 -93.93 -15.11 -5.55
CA GLY J 146 -95.19 -15.79 -5.72
C GLY J 146 -96.25 -15.00 -6.44
N MET J 147 -96.59 -13.81 -5.92
CA MET J 147 -97.64 -13.01 -6.54
C MET J 147 -97.19 -12.47 -7.90
N GLY J 148 -95.98 -11.92 -7.95
CA GLY J 148 -95.45 -11.34 -9.18
C GLY J 148 -95.55 -12.25 -10.37
N THR J 149 -94.91 -13.43 -10.29
CA THR J 149 -94.98 -14.39 -11.38
C THR J 149 -96.42 -14.77 -11.69
N LEU J 150 -97.23 -14.98 -10.65
CA LEU J 150 -98.65 -15.28 -10.88
C LEU J 150 -99.34 -14.13 -11.60
N LEU J 151 -99.03 -12.89 -11.20
CA LEU J 151 -99.56 -11.74 -11.92
C LEU J 151 -99.05 -11.72 -13.35
N ILE J 152 -97.76 -12.03 -13.54
CA ILE J 152 -97.14 -11.94 -14.85
C ILE J 152 -97.87 -12.83 -15.85
N SER J 153 -98.06 -14.10 -15.49
CA SER J 153 -98.71 -15.04 -16.40
C SER J 153 -100.09 -14.54 -16.81
N LYS J 154 -100.81 -13.89 -15.90
CA LYS J 154 -102.12 -13.35 -16.25
C LYS J 154 -102.00 -12.24 -17.28
N ILE J 155 -100.99 -11.39 -17.16
CA ILE J 155 -100.82 -10.30 -18.11
C ILE J 155 -100.37 -10.83 -19.46
N ARG J 156 -99.40 -11.77 -19.45
CA ARG J 156 -98.87 -12.28 -20.71
C ARG J 156 -99.96 -12.93 -21.57
N GLU J 157 -100.95 -13.55 -20.93
CA GLU J 157 -101.99 -14.23 -21.70
C GLU J 157 -103.10 -13.30 -22.15
N GLU J 158 -103.19 -12.08 -21.60
CA GLU J 158 -104.18 -11.12 -22.06
C GLU J 158 -103.57 -9.91 -22.74
N TYR J 159 -102.27 -9.67 -22.58
CA TYR J 159 -101.53 -8.66 -23.33
C TYR J 159 -100.32 -9.32 -23.96
N PRO J 160 -100.54 -10.24 -24.92
CA PRO J 160 -99.41 -10.99 -25.46
C PRO J 160 -98.51 -10.14 -26.35
N ASP J 161 -99.03 -9.05 -26.90
CA ASP J 161 -98.25 -8.25 -27.82
C ASP J 161 -97.32 -7.27 -27.10
N ARG J 162 -97.77 -6.73 -25.97
CA ARG J 162 -97.00 -5.71 -25.28
C ARG J 162 -95.73 -6.31 -24.67
N MET J 163 -94.92 -5.46 -24.06
CA MET J 163 -93.61 -5.82 -23.56
C MET J 163 -93.59 -5.78 -22.04
N MET J 164 -93.08 -6.85 -21.42
CA MET J 164 -93.02 -6.96 -19.97
C MET J 164 -91.57 -6.80 -19.52
N LEU J 165 -91.31 -5.76 -18.75
CA LEU J 165 -90.03 -5.55 -18.10
C LEU J 165 -90.07 -6.16 -16.69
N THR J 166 -88.90 -6.30 -16.08
CA THR J 166 -88.82 -6.84 -14.72
C THR J 166 -87.51 -6.39 -14.09
N PHE J 167 -87.59 -5.61 -13.02
CA PHE J 167 -86.41 -5.22 -12.26
C PHE J 167 -86.23 -6.15 -11.05
N SER J 168 -86.08 -7.43 -11.36
CA SER J 168 -86.00 -8.45 -10.32
C SER J 168 -84.68 -8.32 -9.56
N VAL J 169 -84.77 -8.15 -8.26
CA VAL J 169 -83.60 -8.20 -7.38
C VAL J 169 -83.32 -9.66 -7.06
N VAL J 170 -82.13 -10.13 -7.43
CA VAL J 170 -81.80 -11.55 -7.29
C VAL J 170 -81.26 -11.76 -5.88
N PRO J 171 -81.47 -12.94 -5.29
CA PRO J 171 -80.77 -13.24 -4.04
C PRO J 171 -79.25 -13.18 -4.22
N SER J 172 -78.59 -12.92 -3.12
CA SER J 172 -77.14 -12.77 -3.06
C SER J 172 -76.46 -14.12 -3.15
N PRO J 173 -75.28 -14.19 -3.76
CA PRO J 173 -74.55 -15.46 -3.80
C PRO J 173 -73.95 -15.82 -2.45
N LYS J 174 -73.44 -14.82 -1.73
CA LYS J 174 -72.80 -15.06 -0.44
C LYS J 174 -73.70 -14.76 0.74
N VAL J 175 -74.65 -13.84 0.59
CA VAL J 175 -75.50 -13.41 1.69
C VAL J 175 -76.86 -14.09 1.54
N SER J 176 -77.34 -14.70 2.63
CA SER J 176 -78.61 -15.41 2.64
C SER J 176 -79.50 -14.75 3.69
N ASP J 177 -80.27 -13.74 3.27
CA ASP J 177 -81.20 -13.09 4.18
C ASP J 177 -82.30 -14.05 4.62
N THR J 178 -82.76 -14.91 3.71
CA THR J 178 -83.80 -15.88 3.98
C THR J 178 -83.26 -17.28 3.74
N VAL J 179 -83.77 -18.24 4.51
CA VAL J 179 -83.26 -19.61 4.41
C VAL J 179 -83.94 -20.37 3.26
N VAL J 180 -85.09 -19.91 2.79
CA VAL J 180 -85.81 -20.62 1.75
C VAL J 180 -85.68 -19.87 0.43
N GLU J 181 -84.57 -19.16 0.26
CA GLU J 181 -84.33 -18.42 -0.98
C GLU J 181 -84.19 -19.33 -2.20
N PRO J 182 -83.25 -20.30 -2.22
CA PRO J 182 -83.04 -21.06 -3.47
C PRO J 182 -84.28 -21.77 -3.98
N TYR J 183 -85.20 -22.14 -3.08
CA TYR J 183 -86.48 -22.69 -3.53
C TYR J 183 -87.29 -21.64 -4.27
N ASN J 184 -87.37 -20.44 -3.70
CA ASN J 184 -88.21 -19.40 -4.29
C ASN J 184 -87.63 -18.88 -5.59
N ALA J 185 -86.30 -18.77 -5.66
CA ALA J 185 -85.66 -18.27 -6.88
C ALA J 185 -86.04 -19.10 -8.09
N THR J 186 -85.76 -20.40 -8.04
CA THR J 186 -85.98 -21.26 -9.21
C THR J 186 -87.46 -21.30 -9.59
N LEU J 187 -88.34 -21.44 -8.60
CA LEU J 187 -89.77 -21.52 -8.90
C LEU J 187 -90.28 -20.25 -9.56
N SER J 188 -89.57 -19.13 -9.42
CA SER J 188 -89.93 -17.92 -10.14
C SER J 188 -89.29 -17.88 -11.52
N VAL J 189 -88.03 -18.31 -11.63
CA VAL J 189 -87.34 -18.31 -12.92
C VAL J 189 -88.12 -19.14 -13.93
N HIS J 190 -88.58 -20.32 -13.52
CA HIS J 190 -89.41 -21.14 -14.40
C HIS J 190 -90.69 -20.44 -14.82
N GLN J 191 -90.98 -19.27 -14.26
CA GLN J 191 -92.10 -18.45 -14.71
C GLN J 191 -91.67 -17.25 -15.53
N LEU J 192 -90.41 -16.81 -15.40
CA LEU J 192 -89.95 -15.66 -16.16
C LEU J 192 -89.58 -16.05 -17.58
N VAL J 193 -88.80 -17.12 -17.73
CA VAL J 193 -88.28 -17.53 -19.04
C VAL J 193 -89.39 -17.64 -20.07
N GLU J 194 -90.59 -18.03 -19.65
CA GLU J 194 -91.70 -18.18 -20.57
C GLU J 194 -92.58 -16.93 -20.65
N ASN J 195 -92.56 -16.08 -19.63
CA ASN J 195 -93.48 -14.96 -19.53
C ASN J 195 -92.73 -13.68 -19.23
N ALA J 196 -91.63 -13.45 -19.94
CA ALA J 196 -90.90 -12.21 -19.82
C ALA J 196 -90.22 -11.90 -21.13
N ASP J 197 -89.88 -10.63 -21.32
CA ASP J 197 -89.15 -10.19 -22.49
C ASP J 197 -87.85 -9.46 -22.16
N GLU J 198 -87.78 -8.80 -21.01
CA GLU J 198 -86.57 -8.12 -20.57
C GLU J 198 -86.54 -8.19 -19.06
N CYS J 199 -85.47 -8.76 -18.50
CA CYS J 199 -85.35 -8.96 -17.06
C CYS J 199 -84.01 -8.43 -16.59
N MET J 200 -84.00 -7.22 -16.04
CA MET J 200 -82.80 -6.70 -15.40
C MET J 200 -82.59 -7.42 -14.08
N VAL J 201 -81.39 -7.92 -13.86
CA VAL J 201 -81.06 -8.61 -12.62
C VAL J 201 -80.24 -7.67 -11.75
N LEU J 202 -80.51 -7.70 -10.45
CA LEU J 202 -79.89 -6.78 -9.51
C LEU J 202 -79.64 -7.52 -8.20
N ASP J 203 -78.53 -7.19 -7.54
CA ASP J 203 -78.15 -7.85 -6.30
C ASP J 203 -77.71 -6.82 -5.28
N ASN J 204 -77.99 -7.11 -4.01
CA ASN J 204 -77.60 -6.20 -2.94
C ASN J 204 -76.10 -6.18 -2.73
N GLU J 205 -75.42 -7.29 -3.04
CA GLU J 205 -73.97 -7.35 -2.84
C GLU J 205 -73.25 -6.27 -3.63
N ALA J 206 -73.34 -6.34 -4.96
CA ALA J 206 -72.71 -5.32 -5.78
C ALA J 206 -73.22 -3.94 -5.44
N LEU J 207 -74.48 -3.83 -5.01
CA LEU J 207 -75.00 -2.53 -4.59
C LEU J 207 -74.28 -2.00 -3.36
N TYR J 208 -73.82 -2.88 -2.48
CA TYR J 208 -73.12 -2.41 -1.30
C TYR J 208 -71.71 -1.93 -1.64
N ASP J 209 -71.00 -2.66 -2.49
CA ASP J 209 -69.65 -2.27 -2.85
C ASP J 209 -69.65 -0.93 -3.59
N ILE J 210 -70.59 -0.74 -4.51
CA ILE J 210 -70.75 0.56 -5.16
C ILE J 210 -70.94 1.65 -4.13
N CYS J 211 -71.63 1.34 -3.03
CA CYS J 211 -71.79 2.31 -1.96
C CYS J 211 -70.56 2.42 -1.07
N PHE J 212 -69.61 1.50 -1.17
CA PHE J 212 -68.42 1.53 -0.31
C PHE J 212 -67.19 2.02 -1.04
N ARG J 213 -66.82 1.38 -2.15
CA ARG J 213 -65.64 1.81 -2.89
C ARG J 213 -65.89 3.12 -3.62
N THR J 214 -66.86 3.12 -4.52
CA THR J 214 -67.09 4.27 -5.39
C THR J 214 -67.70 5.44 -4.62
N LEU J 215 -68.87 5.21 -4.02
CA LEU J 215 -69.55 6.30 -3.34
C LEU J 215 -68.89 6.69 -2.03
N LYS J 216 -68.04 5.83 -1.48
CA LYS J 216 -67.33 6.07 -0.22
C LYS J 216 -68.28 6.34 0.93
N LEU J 217 -69.52 5.85 0.84
CA LEU J 217 -70.47 6.04 1.93
C LEU J 217 -70.10 5.16 3.12
N THR J 218 -70.22 5.74 4.32
CA THR J 218 -69.88 4.99 5.52
C THR J 218 -70.90 3.88 5.78
N THR J 219 -72.18 4.23 5.80
CA THR J 219 -73.25 3.29 6.12
C THR J 219 -74.34 3.35 5.06
N PRO J 220 -74.31 2.46 4.08
CA PRO J 220 -75.39 2.43 3.09
C PRO J 220 -76.68 1.87 3.65
N THR J 221 -77.65 2.74 3.90
CA THR J 221 -78.97 2.32 4.28
C THR J 221 -79.77 1.97 3.02
N PHE J 222 -80.82 1.17 3.19
CA PHE J 222 -81.66 0.79 2.07
C PHE J 222 -82.24 1.98 1.33
N GLY J 223 -82.23 3.17 1.93
CA GLY J 223 -82.59 4.35 1.18
C GLY J 223 -81.62 4.62 0.04
N ASP J 224 -80.35 4.27 0.24
CA ASP J 224 -79.35 4.55 -0.77
C ASP J 224 -79.32 3.48 -1.87
N LEU J 225 -79.48 2.22 -1.50
CA LEU J 225 -79.60 1.18 -2.51
C LEU J 225 -80.79 1.45 -3.42
N ASN J 226 -81.95 1.71 -2.83
CA ASN J 226 -83.11 2.09 -3.61
C ASN J 226 -82.91 3.43 -4.32
N HIS J 227 -81.93 4.23 -3.89
CA HIS J 227 -81.56 5.41 -4.66
C HIS J 227 -80.81 5.03 -5.92
N LEU J 228 -80.06 3.92 -5.88
CA LEU J 228 -79.36 3.46 -7.06
C LEU J 228 -80.32 2.83 -8.06
N ILE J 229 -81.20 1.95 -7.59
CA ILE J 229 -82.19 1.34 -8.47
C ILE J 229 -83.05 2.41 -9.13
N SER J 230 -83.33 3.49 -8.40
CA SER J 230 -84.12 4.58 -8.97
C SER J 230 -83.42 5.19 -10.17
N ALA J 231 -82.09 5.30 -10.11
CA ALA J 231 -81.35 5.96 -11.18
C ALA J 231 -81.47 5.21 -12.50
N VAL J 232 -81.16 3.91 -12.49
CA VAL J 232 -81.17 3.15 -13.74
C VAL J 232 -82.59 3.04 -14.29
N MET J 233 -83.58 2.88 -13.42
CA MET J 233 -84.96 2.82 -13.90
C MET J 233 -85.35 4.12 -14.59
N SER J 234 -84.96 5.26 -14.02
CA SER J 234 -85.19 6.54 -14.69
C SER J 234 -84.28 6.69 -15.89
N GLY J 235 -83.15 5.97 -15.92
CA GLY J 235 -82.21 6.09 -17.02
C GLY J 235 -82.61 5.32 -18.25
N ILE J 236 -83.53 4.36 -18.12
CA ILE J 236 -83.92 3.55 -19.27
C ILE J 236 -84.86 4.32 -20.18
N THR J 237 -85.86 4.95 -19.60
CA THR J 237 -86.97 5.51 -20.35
C THR J 237 -86.80 6.99 -20.67
N CYS J 238 -85.59 7.51 -20.59
CA CYS J 238 -85.38 8.91 -20.98
C CYS J 238 -85.74 9.14 -22.43
N CYS J 239 -85.52 8.15 -23.28
CA CYS J 239 -85.86 8.29 -24.70
C CYS J 239 -87.37 8.32 -24.92
N LEU J 240 -88.14 7.77 -23.99
CA LEU J 240 -89.59 7.82 -24.10
C LEU J 240 -90.17 9.13 -23.61
N ARG J 241 -89.43 9.90 -22.81
CA ARG J 241 -89.95 11.10 -22.18
C ARG J 241 -89.31 12.38 -22.67
N PHE J 242 -88.05 12.32 -23.07
CA PHE J 242 -87.32 13.52 -23.47
C PHE J 242 -86.86 13.42 -24.91
N PRO J 243 -86.54 14.55 -25.55
CA PRO J 243 -86.02 14.50 -26.91
C PRO J 243 -84.70 13.76 -26.99
N GLY J 244 -84.19 13.58 -28.21
CA GLY J 244 -82.95 12.85 -28.37
C GLY J 244 -82.46 12.85 -29.80
N GLN J 245 -81.16 13.06 -29.99
CA GLN J 245 -80.60 12.96 -31.33
C GLN J 245 -80.69 11.53 -31.86
N LEU J 246 -80.67 10.54 -30.96
CA LEU J 246 -80.81 9.13 -31.34
C LEU J 246 -81.69 8.46 -30.30
N ASN J 247 -82.99 8.45 -30.55
CA ASN J 247 -83.95 7.96 -29.58
C ASN J 247 -83.98 6.44 -29.54
N ALA J 248 -84.07 5.88 -28.34
CA ALA J 248 -84.06 4.44 -28.12
C ALA J 248 -85.33 4.04 -27.37
N ASP J 249 -86.37 3.70 -28.12
CA ASP J 249 -87.61 3.21 -27.53
C ASP J 249 -87.36 1.89 -26.80
N LEU J 250 -88.33 1.49 -25.97
CA LEU J 250 -88.21 0.26 -25.20
C LEU J 250 -88.08 -0.95 -26.11
N ARG J 251 -88.98 -1.09 -27.08
CA ARG J 251 -88.94 -2.26 -27.95
C ARG J 251 -87.63 -2.33 -28.74
N LYS J 252 -87.19 -1.19 -29.27
CA LYS J 252 -85.94 -1.18 -30.04
C LYS J 252 -84.73 -1.48 -29.19
N LEU J 253 -84.89 -1.54 -27.87
CA LEU J 253 -83.81 -2.04 -27.02
C LEU J 253 -83.85 -3.56 -26.94
N ALA J 254 -85.06 -4.12 -26.83
CA ALA J 254 -85.21 -5.58 -26.80
C ALA J 254 -84.67 -6.21 -28.07
N VAL J 255 -85.07 -5.69 -29.22
CA VAL J 255 -84.68 -6.31 -30.48
C VAL J 255 -83.19 -6.18 -30.71
N ASN J 256 -82.56 -5.16 -30.14
CA ASN J 256 -81.12 -4.98 -30.30
C ASN J 256 -80.30 -5.80 -29.32
N LEU J 257 -80.92 -6.41 -28.31
CA LEU J 257 -80.18 -7.03 -27.22
C LEU J 257 -80.35 -8.53 -27.05
N ILE J 258 -81.53 -9.09 -27.32
CA ILE J 258 -81.73 -10.51 -27.13
C ILE J 258 -81.75 -11.18 -28.51
N PRO J 259 -80.76 -12.01 -28.84
CA PRO J 259 -80.77 -12.71 -30.13
C PRO J 259 -81.67 -13.93 -30.12
N PHE J 260 -81.79 -14.58 -28.97
CA PHE J 260 -82.62 -15.77 -28.84
C PHE J 260 -83.66 -15.56 -27.75
N PRO J 261 -84.88 -16.07 -27.94
CA PRO J 261 -86.00 -15.67 -27.07
C PRO J 261 -85.82 -16.03 -25.61
N ARG J 262 -84.74 -16.70 -25.23
CA ARG J 262 -84.58 -17.16 -23.86
C ARG J 262 -83.42 -16.52 -23.12
N LEU J 263 -82.55 -15.79 -23.79
CA LEU J 263 -81.40 -15.15 -23.13
C LEU J 263 -81.71 -13.68 -22.85
N HIS J 264 -82.66 -13.45 -21.95
CA HIS J 264 -83.15 -12.10 -21.66
C HIS J 264 -82.87 -11.68 -20.23
N PHE J 265 -81.68 -11.99 -19.72
CA PHE J 265 -81.28 -11.63 -18.37
C PHE J 265 -80.12 -10.66 -18.46
N PHE J 266 -80.40 -9.37 -18.30
CA PHE J 266 -79.42 -8.34 -18.58
C PHE J 266 -78.58 -8.07 -17.33
N MET J 267 -77.77 -7.01 -17.38
CA MET J 267 -76.84 -6.68 -16.31
C MET J 267 -76.52 -5.20 -16.43
N VAL J 268 -76.91 -4.42 -15.42
CA VAL J 268 -76.97 -2.97 -15.57
C VAL J 268 -75.95 -2.26 -14.68
N GLY J 269 -75.89 -0.94 -14.82
CA GLY J 269 -75.00 -0.12 -14.03
C GLY J 269 -75.16 1.32 -14.43
N PHE J 270 -74.84 2.20 -13.48
CA PHE J 270 -75.03 3.64 -13.66
C PHE J 270 -73.68 4.35 -13.69
N THR J 271 -73.70 5.56 -14.24
CA THR J 271 -72.51 6.38 -14.43
C THR J 271 -72.95 7.82 -14.72
N PRO J 272 -72.36 8.83 -14.07
CA PRO J 272 -71.22 8.73 -13.16
C PRO J 272 -71.61 8.44 -11.73
N LEU J 273 -70.64 8.03 -10.94
CA LEU J 273 -70.81 7.82 -9.50
C LEU J 273 -69.53 8.24 -8.83
N THR J 274 -69.60 9.21 -7.92
CA THR J 274 -68.42 9.72 -7.26
C THR J 274 -68.80 10.26 -5.90
N SER J 275 -67.84 10.28 -4.99
CA SER J 275 -68.05 10.81 -3.65
C SER J 275 -68.08 12.33 -3.73
N ARG J 276 -68.15 12.98 -2.57
CA ARG J 276 -68.06 14.44 -2.55
C ARG J 276 -66.62 14.92 -2.59
N GLY J 277 -65.67 14.06 -2.23
CA GLY J 277 -64.27 14.44 -2.35
C GLY J 277 -63.81 14.52 -3.80
N SER J 278 -63.94 13.42 -4.52
CA SER J 278 -63.39 13.35 -5.88
C SER J 278 -64.19 14.16 -6.88
N GLN J 279 -65.48 14.39 -6.63
CA GLN J 279 -66.28 15.20 -7.53
C GLN J 279 -65.66 16.56 -7.79
N GLN J 280 -64.92 17.07 -6.81
CA GLN J 280 -64.21 18.33 -6.98
C GLN J 280 -63.11 18.23 -8.03
N TYR J 281 -62.59 17.04 -8.29
CA TYR J 281 -61.49 16.86 -9.23
C TYR J 281 -61.94 16.28 -10.55
N ARG J 282 -62.67 15.16 -10.53
CA ARG J 282 -63.06 14.47 -11.74
C ARG J 282 -63.78 15.41 -12.71
N ALA J 283 -63.35 15.39 -13.96
CA ALA J 283 -64.00 16.16 -15.01
C ALA J 283 -65.02 15.27 -15.71
N LEU J 284 -66.04 15.91 -16.27
CA LEU J 284 -67.14 15.19 -16.92
C LEU J 284 -66.96 15.27 -18.43
N THR J 285 -66.49 14.18 -19.03
CA THR J 285 -66.39 14.04 -20.47
C THR J 285 -66.96 12.68 -20.86
N VAL J 286 -67.31 12.53 -22.13
CA VAL J 286 -67.74 11.22 -22.62
C VAL J 286 -66.68 10.15 -22.39
N PRO J 287 -65.39 10.41 -22.58
CA PRO J 287 -64.38 9.42 -22.15
C PRO J 287 -64.54 8.96 -20.72
N GLU J 288 -64.87 9.86 -19.80
CA GLU J 288 -65.05 9.47 -18.40
C GLU J 288 -66.21 8.50 -18.25
N LEU J 289 -67.36 8.87 -18.81
CA LEU J 289 -68.55 8.04 -18.63
C LEU J 289 -68.36 6.66 -19.25
N THR J 290 -67.85 6.61 -20.48
CA THR J 290 -67.75 5.32 -21.16
C THR J 290 -66.68 4.43 -20.54
N GLN J 291 -65.68 5.04 -19.91
CA GLN J 291 -64.65 4.23 -19.26
C GLN J 291 -65.20 3.54 -18.02
N GLN J 292 -65.89 4.30 -17.17
CA GLN J 292 -66.41 3.74 -15.93
C GLN J 292 -67.54 2.76 -16.20
N MET J 293 -68.38 3.03 -17.19
CA MET J 293 -69.51 2.14 -17.45
C MET J 293 -69.04 0.76 -17.92
N TRP J 294 -67.99 0.72 -18.72
CA TRP J 294 -67.48 -0.55 -19.21
C TRP J 294 -66.67 -1.31 -18.15
N ASP J 295 -66.58 -0.76 -16.94
CA ASP J 295 -65.84 -1.42 -15.88
C ASP J 295 -66.63 -2.61 -15.35
N ALA J 296 -65.95 -3.47 -14.61
CA ALA J 296 -66.56 -4.66 -14.02
C ALA J 296 -67.10 -4.41 -12.61
N LYS J 297 -66.95 -3.19 -12.09
CA LYS J 297 -67.42 -2.89 -10.74
C LYS J 297 -68.85 -2.36 -10.73
N ASN J 298 -69.15 -1.38 -11.58
CA ASN J 298 -70.48 -0.78 -11.61
C ASN J 298 -71.59 -1.77 -11.94
N MET J 299 -71.25 -2.98 -12.37
CA MET J 299 -72.24 -3.99 -12.67
C MET J 299 -72.98 -4.33 -11.40
N MET J 300 -74.22 -3.89 -11.29
CA MET J 300 -74.97 -4.01 -10.05
C MET J 300 -75.37 -5.44 -9.72
N CYS J 301 -75.11 -6.40 -10.60
CA CYS J 301 -75.32 -7.80 -10.28
C CYS J 301 -73.98 -8.44 -9.97
N ALA J 302 -73.96 -9.36 -9.01
CA ALA J 302 -72.74 -10.03 -8.59
C ALA J 302 -72.34 -11.07 -9.65
N ALA J 303 -71.82 -10.56 -10.76
CA ALA J 303 -71.32 -11.39 -11.83
C ALA J 303 -70.21 -10.64 -12.55
N ASP J 304 -69.02 -11.21 -12.55
CA ASP J 304 -67.88 -10.56 -13.19
C ASP J 304 -67.95 -10.80 -14.69
N PRO J 305 -68.11 -9.74 -15.49
CA PRO J 305 -68.19 -9.93 -16.94
C PRO J 305 -66.91 -10.45 -17.56
N ARG J 306 -65.79 -10.38 -16.86
CA ARG J 306 -64.54 -10.91 -17.38
C ARG J 306 -64.53 -12.42 -17.49
N HIS J 307 -65.48 -13.10 -16.85
CA HIS J 307 -65.59 -14.55 -16.94
C HIS J 307 -66.49 -15.00 -18.08
N GLY J 308 -67.01 -14.07 -18.87
CA GLY J 308 -67.81 -14.42 -20.02
C GLY J 308 -67.57 -13.49 -21.18
N ARG J 309 -68.45 -13.50 -22.17
CA ARG J 309 -68.32 -12.64 -23.33
C ARG J 309 -69.64 -11.94 -23.58
N TYR J 310 -69.58 -10.63 -23.82
CA TYR J 310 -70.79 -9.86 -24.08
C TYR J 310 -71.41 -10.30 -25.40
N LEU J 311 -72.65 -10.77 -25.35
CA LEU J 311 -73.40 -10.99 -26.58
C LEU J 311 -73.78 -9.66 -27.22
N THR J 312 -74.58 -8.87 -26.50
CA THR J 312 -74.93 -7.51 -26.91
C THR J 312 -74.87 -6.62 -25.68
N ALA J 313 -74.37 -5.41 -25.85
CA ALA J 313 -74.38 -4.41 -24.80
C ALA J 313 -75.09 -3.16 -25.30
N SER J 314 -75.37 -2.24 -24.38
CA SER J 314 -76.10 -1.05 -24.74
C SER J 314 -75.87 0.02 -23.69
N ALA J 315 -75.78 1.27 -24.15
CA ALA J 315 -75.51 2.39 -23.27
C ALA J 315 -76.45 3.53 -23.64
N LEU J 316 -76.94 4.24 -22.62
CA LEU J 316 -77.89 5.33 -22.81
C LEU J 316 -77.32 6.58 -22.15
N PHE J 317 -76.93 7.55 -22.95
CA PHE J 317 -76.42 8.82 -22.45
C PHE J 317 -77.52 9.86 -22.40
N ARG J 318 -77.29 10.89 -21.59
CA ARG J 318 -78.18 12.03 -21.56
C ARG J 318 -77.40 13.27 -21.17
N GLY J 319 -77.41 14.26 -22.04
CA GLY J 319 -76.66 15.48 -21.87
C GLY J 319 -76.12 15.92 -23.22
N ARG J 320 -76.01 17.24 -23.39
CA ARG J 320 -75.50 17.78 -24.65
C ARG J 320 -74.06 17.36 -24.88
N MET J 321 -73.82 16.54 -25.89
CA MET J 321 -72.48 16.04 -26.17
C MET J 321 -72.34 15.78 -27.66
N SER J 322 -71.12 15.48 -28.07
CA SER J 322 -70.80 15.25 -29.49
C SER J 322 -70.96 13.76 -29.80
N THR J 323 -71.97 13.43 -30.60
CA THR J 323 -72.27 12.04 -30.90
C THR J 323 -71.19 11.35 -31.73
N LYS J 324 -70.13 12.05 -32.13
CA LYS J 324 -69.00 11.34 -32.73
C LYS J 324 -68.24 10.56 -31.67
N GLU J 325 -68.00 11.17 -30.51
CA GLU J 325 -67.24 10.51 -29.46
C GLU J 325 -67.89 9.19 -29.05
N VAL J 326 -69.17 9.24 -28.68
CA VAL J 326 -69.88 8.04 -28.26
C VAL J 326 -69.79 6.97 -29.33
N ASP J 327 -69.73 7.37 -30.60
CA ASP J 327 -69.65 6.39 -31.67
C ASP J 327 -68.28 5.74 -31.72
N GLU J 328 -67.22 6.53 -31.59
CA GLU J 328 -65.87 5.97 -31.63
C GLU J 328 -65.44 5.41 -30.29
N GLN J 329 -66.04 5.87 -29.19
CA GLN J 329 -65.73 5.30 -27.89
C GLN J 329 -66.11 3.83 -27.84
N MET J 330 -67.38 3.52 -28.09
CA MET J 330 -67.81 2.13 -28.13
C MET J 330 -67.05 1.33 -29.17
N LEU J 331 -66.67 1.99 -30.27
CA LEU J 331 -65.85 1.33 -31.28
C LEU J 331 -64.50 0.94 -30.71
N ASN J 332 -63.89 1.83 -29.92
CA ASN J 332 -62.57 1.52 -29.36
C ASN J 332 -62.64 0.37 -28.37
N VAL J 333 -63.67 0.34 -27.52
CA VAL J 333 -63.82 -0.76 -26.58
C VAL J 333 -63.93 -2.08 -27.32
N GLN J 334 -64.77 -2.12 -28.36
CA GLN J 334 -64.90 -3.33 -29.17
C GLN J 334 -63.59 -3.74 -29.82
N ASN J 335 -62.64 -2.81 -29.95
CA ASN J 335 -61.36 -3.14 -30.56
C ASN J 335 -60.34 -3.62 -29.55
N LYS J 336 -60.20 -2.92 -28.43
CA LYS J 336 -59.19 -3.27 -27.44
C LYS J 336 -59.49 -4.62 -26.81
N ASN J 337 -60.64 -4.74 -26.15
CA ASN J 337 -61.01 -5.97 -25.47
C ASN J 337 -61.88 -6.85 -26.37
N SER J 338 -61.31 -7.19 -27.53
CA SER J 338 -62.05 -7.96 -28.52
C SER J 338 -62.37 -9.38 -28.06
N SER J 339 -61.75 -9.85 -26.97
CA SER J 339 -62.01 -11.21 -26.49
C SER J 339 -63.38 -11.33 -25.84
N TYR J 340 -63.76 -10.33 -25.05
CA TYR J 340 -65.02 -10.34 -24.31
C TYR J 340 -66.22 -10.15 -25.20
N PHE J 341 -66.05 -10.15 -26.51
CA PHE J 341 -67.15 -9.95 -27.44
C PHE J 341 -67.17 -11.10 -28.44
N VAL J 342 -68.38 -11.54 -28.77
CA VAL J 342 -68.54 -12.64 -29.70
C VAL J 342 -68.18 -12.16 -31.11
N GLU J 343 -67.80 -13.11 -31.96
CA GLU J 343 -67.42 -12.77 -33.32
C GLU J 343 -68.60 -12.83 -34.27
N TRP J 344 -69.52 -13.76 -34.06
CA TRP J 344 -70.67 -13.90 -34.93
C TRP J 344 -71.64 -12.73 -34.84
N ILE J 345 -71.32 -11.72 -34.04
CA ILE J 345 -72.01 -10.44 -34.07
C ILE J 345 -70.96 -9.36 -34.36
N PRO J 346 -71.00 -8.72 -35.53
CA PRO J 346 -69.90 -7.81 -35.91
C PRO J 346 -69.76 -6.62 -34.98
N ASN J 347 -70.82 -5.83 -34.83
CA ASN J 347 -70.85 -4.70 -33.89
C ASN J 347 -71.95 -4.99 -32.89
N ASN J 348 -71.55 -5.23 -31.64
CA ASN J 348 -72.47 -5.74 -30.62
C ASN J 348 -72.78 -4.73 -29.53
N VAL J 349 -72.65 -3.45 -29.81
CA VAL J 349 -73.09 -2.42 -28.87
C VAL J 349 -74.06 -1.51 -29.59
N LYS J 350 -75.04 -1.01 -28.85
CA LYS J 350 -75.93 0.03 -29.33
C LYS J 350 -75.70 1.29 -28.53
N SER J 351 -75.53 2.40 -29.22
CA SER J 351 -75.28 3.70 -28.59
C SER J 351 -76.51 4.56 -28.81
N SER J 352 -77.15 4.94 -27.72
CA SER J 352 -78.23 5.92 -27.77
C SER J 352 -77.82 7.17 -27.00
N VAL J 353 -78.57 8.24 -27.18
CA VAL J 353 -78.24 9.51 -26.54
C VAL J 353 -79.49 10.35 -26.45
N CYS J 354 -79.66 11.02 -25.30
CA CYS J 354 -80.76 11.92 -25.04
C CYS J 354 -80.25 13.36 -24.96
N ASP J 355 -81.16 14.30 -25.13
CA ASP J 355 -80.80 15.71 -25.16
C ASP J 355 -80.97 16.40 -23.81
N ILE J 356 -81.59 15.76 -22.83
CA ILE J 356 -81.88 16.37 -21.55
C ILE J 356 -81.11 15.63 -20.47
N PRO J 357 -80.25 16.29 -19.72
CA PRO J 357 -79.44 15.60 -18.71
C PRO J 357 -80.27 15.28 -17.49
N PRO J 358 -79.67 14.69 -16.45
CA PRO J 358 -80.37 14.60 -15.16
C PRO J 358 -80.61 15.98 -14.59
N LYS J 359 -81.41 16.00 -13.51
CA LYS J 359 -81.85 17.28 -12.97
C LYS J 359 -80.68 18.10 -12.44
N GLY J 360 -79.68 17.44 -11.85
CA GLY J 360 -78.60 18.16 -11.22
C GLY J 360 -77.28 18.14 -11.96
N LEU J 361 -77.00 17.06 -12.68
CA LEU J 361 -75.73 16.90 -13.36
C LEU J 361 -75.76 17.58 -14.73
N LYS J 362 -74.71 17.36 -15.51
CA LYS J 362 -74.66 17.80 -16.90
C LYS J 362 -74.54 16.63 -17.88
N MET J 363 -73.90 15.54 -17.48
CA MET J 363 -73.84 14.34 -18.30
C MET J 363 -74.08 13.13 -17.39
N SER J 364 -74.56 12.06 -17.99
CA SER J 364 -74.80 10.82 -17.28
C SER J 364 -74.95 9.70 -18.28
N ALA J 365 -74.96 8.47 -17.79
CA ALA J 365 -75.04 7.32 -18.66
C ALA J 365 -75.62 6.14 -17.90
N THR J 366 -76.24 5.23 -18.63
CA THR J 366 -76.78 4.01 -18.07
C THR J 366 -76.34 2.85 -18.95
N PHE J 367 -75.83 1.79 -18.32
CA PHE J 367 -75.27 0.66 -19.03
C PHE J 367 -76.19 -0.54 -18.91
N ILE J 368 -76.28 -1.32 -19.99
CA ILE J 368 -77.04 -2.56 -20.00
C ILE J 368 -76.23 -3.58 -20.76
N GLY J 369 -75.99 -4.73 -20.16
CA GLY J 369 -75.20 -5.77 -20.78
C GLY J 369 -75.87 -7.12 -20.73
N ASN J 370 -75.93 -7.78 -21.89
CA ASN J 370 -76.40 -9.15 -21.99
C ASN J 370 -75.14 -10.01 -22.11
N SER J 371 -74.53 -10.28 -20.97
CA SER J 371 -73.26 -11.00 -20.90
C SER J 371 -73.48 -12.46 -20.59
N THR J 372 -72.56 -13.30 -21.07
CA THR J 372 -72.59 -14.71 -20.74
C THR J 372 -72.13 -14.98 -19.32
N ALA J 373 -71.55 -13.99 -18.64
CA ALA J 373 -71.13 -14.19 -17.26
C ALA J 373 -72.31 -14.33 -16.31
N ILE J 374 -73.51 -13.93 -16.73
CA ILE J 374 -74.68 -14.05 -15.87
C ILE J 374 -75.04 -15.50 -15.62
N GLN J 375 -74.50 -16.44 -16.41
CA GLN J 375 -74.74 -17.85 -16.15
C GLN J 375 -74.20 -18.29 -14.80
N GLU J 376 -73.26 -17.53 -14.24
CA GLU J 376 -72.69 -17.90 -12.95
C GLU J 376 -73.74 -17.86 -11.84
N MET J 377 -74.49 -16.76 -11.76
CA MET J 377 -75.51 -16.62 -10.72
C MET J 377 -76.46 -17.79 -10.71
N PHE J 378 -77.05 -18.10 -11.87
CA PHE J 378 -77.96 -19.24 -11.96
C PHE J 378 -77.27 -20.54 -11.54
N LYS J 379 -75.97 -20.64 -11.79
CA LYS J 379 -75.24 -21.84 -11.40
C LYS J 379 -75.09 -21.92 -9.88
N ARG J 380 -75.02 -20.76 -9.22
CA ARG J 380 -74.90 -20.74 -7.77
C ARG J 380 -76.22 -21.17 -7.11
N VAL J 381 -77.34 -20.63 -7.59
CA VAL J 381 -78.63 -20.98 -7.02
C VAL J 381 -78.96 -22.43 -7.30
N SER J 382 -78.62 -22.92 -8.49
CA SER J 382 -78.96 -24.29 -8.86
C SER J 382 -78.30 -25.30 -7.93
N GLU J 383 -77.15 -24.96 -7.36
CA GLU J 383 -76.51 -25.85 -6.39
C GLU J 383 -77.29 -25.86 -5.08
N GLN J 384 -77.58 -24.69 -4.53
CA GLN J 384 -78.29 -24.62 -3.27
C GLN J 384 -79.67 -25.25 -3.35
N PHE J 385 -80.31 -25.16 -4.52
CA PHE J 385 -81.60 -25.82 -4.68
C PHE J 385 -81.46 -27.33 -4.65
N THR J 386 -80.50 -27.86 -5.41
CA THR J 386 -80.36 -29.31 -5.48
C THR J 386 -79.84 -29.89 -4.17
N ALA J 387 -79.15 -29.10 -3.36
CA ALA J 387 -78.68 -29.58 -2.07
C ALA J 387 -79.85 -29.94 -1.17
N MET J 388 -80.70 -28.96 -0.86
CA MET J 388 -81.81 -29.22 0.05
C MET J 388 -82.90 -30.06 -0.60
N PHE J 389 -83.07 -29.96 -1.92
CA PHE J 389 -84.02 -30.86 -2.58
C PHE J 389 -83.52 -32.29 -2.63
N ARG J 390 -82.20 -32.48 -2.59
CA ARG J 390 -81.66 -33.83 -2.44
C ARG J 390 -82.10 -34.45 -1.12
N ARG J 391 -82.25 -33.63 -0.08
CA ARG J 391 -82.67 -34.09 1.23
C ARG J 391 -84.13 -33.77 1.54
N LYS J 392 -84.80 -33.02 0.67
CA LYS J 392 -86.20 -32.61 0.90
C LYS J 392 -86.33 -31.82 2.19
N ALA J 393 -85.40 -30.90 2.41
CA ALA J 393 -85.46 -30.02 3.57
C ALA J 393 -86.46 -28.90 3.32
N PHE J 394 -87.25 -28.59 4.34
CA PHE J 394 -88.27 -27.55 4.32
C PHE J 394 -89.37 -27.83 3.30
N LEU J 395 -89.30 -28.97 2.60
CA LEU J 395 -90.19 -29.22 1.49
C LEU J 395 -91.63 -29.49 1.93
N HIS J 396 -91.83 -29.83 3.21
CA HIS J 396 -93.18 -30.11 3.68
C HIS J 396 -94.06 -28.86 3.67
N TRP J 397 -93.46 -27.68 3.50
CA TRP J 397 -94.25 -26.45 3.41
C TRP J 397 -94.87 -26.30 2.02
N TYR J 398 -94.06 -26.50 0.98
CA TYR J 398 -94.57 -26.33 -0.38
C TYR J 398 -95.57 -27.42 -0.73
N THR J 399 -95.31 -28.66 -0.32
CA THR J 399 -96.33 -29.69 -0.44
C THR J 399 -97.56 -29.37 0.38
N GLY J 400 -97.41 -28.57 1.44
CA GLY J 400 -98.55 -28.12 2.19
C GLY J 400 -99.46 -27.16 1.46
N GLU J 401 -99.14 -26.81 0.22
CA GLU J 401 -99.97 -25.94 -0.61
C GLU J 401 -100.37 -26.64 -1.91
N GLY J 402 -100.56 -27.96 -1.86
CA GLY J 402 -100.94 -28.71 -3.03
C GLY J 402 -99.86 -28.88 -4.07
N MET J 403 -98.66 -28.35 -3.84
CA MET J 403 -97.60 -28.50 -4.82
C MET J 403 -97.05 -29.92 -4.80
N ASP J 404 -96.40 -30.29 -5.89
CA ASP J 404 -95.74 -31.57 -6.03
C ASP J 404 -94.25 -31.33 -6.27
N GLU J 405 -93.53 -32.40 -6.58
CA GLU J 405 -92.08 -32.32 -6.79
C GLU J 405 -91.70 -32.26 -8.26
N MET J 406 -92.52 -32.82 -9.14
CA MET J 406 -92.31 -32.66 -10.57
C MET J 406 -92.30 -31.19 -10.96
N GLU J 407 -92.99 -30.34 -10.19
CA GLU J 407 -92.86 -28.90 -10.40
C GLU J 407 -91.47 -28.42 -10.04
N PHE J 408 -90.88 -29.00 -8.99
CA PHE J 408 -89.53 -28.61 -8.60
C PHE J 408 -88.50 -29.11 -9.61
N THR J 409 -88.56 -30.39 -9.94
CA THR J 409 -87.56 -30.96 -10.84
C THR J 409 -87.62 -30.31 -12.21
N GLU J 410 -88.81 -29.99 -12.70
CA GLU J 410 -88.92 -29.31 -13.98
C GLU J 410 -88.32 -27.92 -13.92
N ALA J 411 -88.69 -27.14 -12.89
CA ALA J 411 -88.14 -25.80 -12.73
C ALA J 411 -86.62 -25.83 -12.71
N GLU J 412 -86.03 -26.81 -12.01
CA GLU J 412 -84.58 -26.96 -12.04
C GLU J 412 -84.11 -27.36 -13.43
N SER J 413 -84.78 -28.32 -14.05
CA SER J 413 -84.44 -28.68 -15.42
C SER J 413 -84.50 -27.46 -16.33
N ASN J 414 -85.55 -26.64 -16.19
CA ASN J 414 -85.63 -25.41 -16.97
C ASN J 414 -84.45 -24.50 -16.71
N MET J 415 -83.88 -24.54 -15.51
CA MET J 415 -82.73 -23.70 -15.20
C MET J 415 -81.48 -24.18 -15.90
N ASN J 416 -81.22 -25.50 -15.87
CA ASN J 416 -80.03 -26.03 -16.53
C ASN J 416 -80.12 -25.82 -18.04
N ASP J 417 -81.33 -25.89 -18.60
CA ASP J 417 -81.50 -25.56 -20.01
C ASP J 417 -81.16 -24.11 -20.28
N LEU J 418 -81.36 -23.23 -19.29
CA LEU J 418 -81.00 -21.83 -19.44
C LEU J 418 -79.50 -21.64 -19.36
N VAL J 419 -78.86 -22.24 -18.36
CA VAL J 419 -77.42 -22.08 -18.20
C VAL J 419 -76.65 -22.74 -19.33
N SER J 420 -77.23 -23.76 -19.97
CA SER J 420 -76.56 -24.39 -21.11
C SER J 420 -76.55 -23.44 -22.31
N GLU J 421 -77.65 -22.73 -22.53
CA GLU J 421 -77.70 -21.77 -23.63
C GLU J 421 -76.62 -20.71 -23.50
N TYR J 422 -76.33 -20.27 -22.28
CA TYR J 422 -75.23 -19.35 -22.05
C TYR J 422 -73.87 -20.01 -22.26
N GLN J 423 -73.82 -21.32 -22.33
CA GLN J 423 -72.56 -22.02 -22.53
C GLN J 423 -72.23 -22.22 -24.00
N GLN J 424 -73.22 -22.64 -24.80
CA GLN J 424 -73.01 -22.77 -26.24
C GLN J 424 -72.40 -21.50 -26.82
N TYR J 425 -73.10 -20.39 -26.66
CA TYR J 425 -72.70 -19.11 -27.19
C TYR J 425 -71.55 -18.49 -26.45
N GLN J 426 -70.94 -19.26 -25.55
CA GLN J 426 -69.70 -18.87 -24.91
C GLN J 426 -68.61 -19.77 -25.47
N ASP J 427 -67.81 -19.22 -26.38
CA ASP J 427 -66.66 -19.92 -26.93
C ASP J 427 -65.41 -19.70 -26.09
N ALA J 428 -65.59 -19.39 -24.80
CA ALA J 428 -64.50 -19.13 -23.86
C ALA J 428 -63.57 -18.01 -24.35
N MET K 1 1.80 56.80 69.98
CA MET K 1 3.19 57.22 69.83
C MET K 1 3.66 58.00 71.05
N ARG K 2 4.95 57.85 71.37
CA ARG K 2 5.57 58.55 72.49
C ARG K 2 4.89 58.19 73.81
N GLU K 3 4.46 56.94 73.94
CA GLU K 3 3.77 56.51 75.14
C GLU K 3 4.72 56.54 76.34
N ILE K 4 4.17 56.92 77.49
CA ILE K 4 4.88 56.87 78.76
C ILE K 4 4.31 55.70 79.55
N VAL K 5 4.96 55.38 80.66
CA VAL K 5 4.42 54.48 81.67
C VAL K 5 4.89 54.98 83.02
N HIS K 6 3.95 55.04 83.98
CA HIS K 6 4.18 55.72 85.25
C HIS K 6 4.25 54.70 86.38
N ILE K 7 5.28 54.83 87.21
CA ILE K 7 5.47 53.95 88.36
C ILE K 7 5.27 54.77 89.63
N GLN K 8 4.64 54.16 90.62
CA GLN K 8 4.44 54.79 91.93
C GLN K 8 4.84 53.78 92.99
N GLY K 9 6.08 53.89 93.46
CA GLY K 9 6.57 52.94 94.44
C GLY K 9 6.82 53.56 95.80
N GLY K 10 6.05 53.14 96.79
CA GLY K 10 6.23 53.59 98.15
C GLY K 10 4.99 54.27 98.70
N GLN K 11 5.10 54.73 99.94
CA GLN K 11 4.01 55.48 100.55
C GLN K 11 3.89 56.87 99.93
N CYS K 12 5.02 57.57 99.78
CA CYS K 12 5.01 58.84 99.08
C CYS K 12 4.58 58.66 97.64
N GLY K 13 5.20 57.71 96.94
CA GLY K 13 4.85 57.48 95.55
C GLY K 13 3.38 57.17 95.35
N ASN K 14 2.82 56.30 96.20
CA ASN K 14 1.41 55.97 96.08
C ASN K 14 0.50 57.13 96.43
N GLN K 15 0.98 58.08 97.20
CA GLN K 15 0.15 59.22 97.60
C GLN K 15 0.27 60.39 96.63
N ILE K 16 1.48 60.82 96.28
CA ILE K 16 1.61 61.86 95.26
C ILE K 16 1.18 61.32 93.90
N GLY K 17 1.25 60.00 93.72
CA GLY K 17 0.70 59.39 92.53
C GLY K 17 -0.80 59.57 92.42
N ALA K 18 -1.46 59.76 93.55
CA ALA K 18 -2.90 60.04 93.52
C ALA K 18 -3.16 61.43 92.97
N LYS K 19 -2.54 62.44 93.57
CA LYS K 19 -2.77 63.81 93.12
C LYS K 19 -2.33 64.00 91.68
N PHE K 20 -1.25 63.35 91.27
CA PHE K 20 -0.80 63.44 89.89
C PHE K 20 -1.90 63.02 88.93
N TRP K 21 -2.42 61.80 89.11
CA TRP K 21 -3.47 61.34 88.22
C TRP K 21 -4.77 62.11 88.45
N GLU K 22 -4.90 62.81 89.56
CA GLU K 22 -6.07 63.66 89.74
C GLU K 22 -5.99 64.88 88.84
N VAL K 23 -4.78 65.42 88.64
CA VAL K 23 -4.63 66.61 87.81
C VAL K 23 -4.80 66.25 86.34
N VAL K 24 -4.05 65.27 85.86
CA VAL K 24 -4.09 64.91 84.44
C VAL K 24 -5.50 64.49 84.04
N SER K 25 -6.20 63.75 84.90
CA SER K 25 -7.56 63.34 84.59
C SER K 25 -8.44 64.54 84.34
N ASP K 26 -8.25 65.62 85.10
CA ASP K 26 -9.00 66.84 84.84
C ASP K 26 -8.53 67.51 83.55
N GLU K 27 -7.20 67.57 83.37
CA GLU K 27 -6.64 68.26 82.22
C GLU K 27 -7.19 67.73 80.91
N HIS K 28 -7.50 66.43 80.85
CA HIS K 28 -8.10 65.84 79.67
C HIS K 28 -9.59 65.58 79.85
N GLY K 29 -10.24 66.28 80.76
CA GLY K 29 -11.68 66.29 80.85
C GLY K 29 -12.33 64.94 81.03
N ILE K 30 -11.72 64.06 81.81
CA ILE K 30 -12.30 62.76 82.09
C ILE K 30 -12.70 62.69 83.56
N ASP K 31 -13.82 62.02 83.81
CA ASP K 31 -14.39 61.90 85.14
C ASP K 31 -13.84 60.67 85.84
N PRO K 32 -13.88 60.64 87.18
CA PRO K 32 -13.42 59.44 87.90
C PRO K 32 -14.13 58.16 87.48
N THR K 33 -15.31 58.27 86.86
CA THR K 33 -15.91 57.09 86.24
C THR K 33 -15.00 56.51 85.16
N GLY K 34 -14.13 57.32 84.58
CA GLY K 34 -13.29 56.90 83.48
C GLY K 34 -13.79 57.33 82.12
N THR K 35 -14.92 58.03 82.06
CA THR K 35 -15.46 58.50 80.80
C THR K 35 -14.99 59.92 80.52
N TYR K 36 -14.92 60.25 79.24
CA TYR K 36 -14.49 61.58 78.82
C TYR K 36 -15.67 62.54 78.82
N HIS K 37 -15.45 63.74 79.34
CA HIS K 37 -16.51 64.74 79.42
C HIS K 37 -15.99 66.12 79.07
N GLY K 38 -14.94 66.19 78.27
CA GLY K 38 -14.38 67.46 77.85
C GLY K 38 -15.17 68.06 76.70
N ASP K 39 -14.63 69.14 76.15
CA ASP K 39 -15.29 69.89 75.09
C ASP K 39 -14.60 69.76 73.74
N SER K 40 -13.29 69.97 73.70
CA SER K 40 -12.55 70.02 72.45
C SER K 40 -12.18 68.62 71.99
N ASP K 41 -11.97 68.49 70.68
CA ASP K 41 -11.34 67.28 70.17
C ASP K 41 -9.87 67.23 70.56
N LEU K 42 -9.28 68.37 70.90
CA LEU K 42 -7.86 68.41 71.22
C LEU K 42 -7.52 67.56 72.43
N GLN K 43 -8.47 67.36 73.34
CA GLN K 43 -8.22 66.51 74.49
C GLN K 43 -7.94 65.07 74.06
N LEU K 44 -8.74 64.54 73.14
CA LEU K 44 -8.64 63.15 72.74
C LEU K 44 -7.51 62.88 71.76
N GLU K 45 -6.77 63.90 71.33
CA GLU K 45 -5.77 63.69 70.28
C GLU K 45 -4.56 62.94 70.82
N ARG K 46 -4.01 63.39 71.94
CA ARG K 46 -2.83 62.77 72.51
C ARG K 46 -3.12 62.20 73.90
N ILE K 47 -4.35 61.72 74.10
CA ILE K 47 -4.68 61.12 75.39
C ILE K 47 -3.94 59.80 75.57
N ASN K 48 -3.57 59.14 74.47
CA ASN K 48 -2.98 57.82 74.53
C ASN K 48 -1.55 57.81 75.07
N VAL K 49 -1.03 58.95 75.53
CA VAL K 49 0.29 58.96 76.13
C VAL K 49 0.23 58.47 77.57
N TYR K 50 -0.92 58.62 78.22
CA TYR K 50 -1.08 58.25 79.62
C TYR K 50 -2.19 57.24 79.86
N PHE K 51 -3.05 56.97 78.89
CA PHE K 51 -4.22 56.15 79.16
C PHE K 51 -4.36 55.01 78.17
N ASN K 52 -5.44 54.25 78.31
CA ASN K 52 -5.70 53.11 77.44
C ASN K 52 -7.19 53.06 77.16
N GLU K 53 -7.56 53.24 75.89
CA GLU K 53 -8.97 53.12 75.51
C GLU K 53 -9.51 51.76 75.95
N ALA K 54 -10.73 51.78 76.47
CA ALA K 54 -11.36 50.59 77.01
C ALA K 54 -12.67 50.35 76.29
N THR K 55 -13.39 49.32 76.71
CA THR K 55 -14.72 49.07 76.18
C THR K 55 -15.66 50.18 76.61
N GLY K 56 -16.62 50.49 75.73
CA GLY K 56 -17.57 51.55 76.05
C GLY K 56 -16.98 52.93 76.12
N GLY K 57 -15.76 53.11 75.63
CA GLY K 57 -15.15 54.43 75.59
C GLY K 57 -14.73 54.96 76.95
N ARG K 58 -13.90 54.20 77.65
CA ARG K 58 -13.29 54.63 78.90
C ARG K 58 -11.80 54.86 78.69
N TYR K 59 -11.20 55.60 79.62
CA TYR K 59 -9.77 55.88 79.59
C TYR K 59 -9.21 55.60 80.97
N VAL K 60 -8.46 54.51 81.11
CA VAL K 60 -7.89 54.13 82.40
C VAL K 60 -6.39 54.43 82.37
N PRO K 61 -5.78 54.80 83.49
CA PRO K 61 -4.36 55.13 83.49
C PRO K 61 -3.52 53.90 83.17
N ARG K 62 -2.24 54.15 82.93
CA ARG K 62 -1.25 53.10 82.76
C ARG K 62 -0.21 53.17 83.87
N ALA K 63 -0.67 53.43 85.09
CA ALA K 63 0.22 53.50 86.24
C ALA K 63 0.50 52.11 86.80
N ILE K 64 1.47 52.04 87.70
CA ILE K 64 1.80 50.81 88.39
C ILE K 64 2.02 51.16 89.85
N LEU K 65 1.12 50.73 90.71
CA LEU K 65 1.21 51.03 92.14
C LEU K 65 1.85 49.82 92.81
N MET K 66 3.04 50.00 93.35
CA MET K 66 3.78 48.94 94.01
C MET K 66 4.22 49.41 95.38
N ASP K 67 3.92 48.61 96.41
CA ASP K 67 4.17 49.02 97.78
C ASP K 67 3.93 47.85 98.70
N LEU K 68 4.78 47.69 99.71
CA LEU K 68 4.51 46.71 100.74
C LEU K 68 3.45 47.24 101.69
N GLU K 69 2.75 46.32 102.35
CA GLU K 69 1.76 46.71 103.34
C GLU K 69 0.67 47.58 102.71
N PRO K 70 -0.28 46.98 101.99
CA PRO K 70 -1.16 47.75 101.10
C PRO K 70 -2.04 48.78 101.78
N GLY K 71 -1.86 49.01 103.07
CA GLY K 71 -2.63 49.99 103.82
C GLY K 71 -2.85 51.30 103.09
N THR K 72 -1.76 51.98 102.71
CA THR K 72 -1.89 53.24 102.01
C THR K 72 -2.55 53.09 100.64
N MET K 73 -2.55 51.88 100.08
CA MET K 73 -3.28 51.66 98.85
C MET K 73 -4.78 51.52 99.09
N ASP K 74 -5.18 51.01 100.26
CA ASP K 74 -6.59 50.95 100.60
C ASP K 74 -7.19 52.34 100.68
N SER K 75 -6.37 53.37 100.89
CA SER K 75 -6.84 54.74 100.87
C SER K 75 -7.14 55.19 99.45
N VAL K 76 -6.14 55.10 98.57
CA VAL K 76 -6.34 55.53 97.20
C VAL K 76 -7.30 54.61 96.46
N ARG K 77 -7.46 53.37 96.92
CA ARG K 77 -8.54 52.54 96.44
C ARG K 77 -9.90 53.07 96.88
N SER K 78 -9.92 54.04 97.79
CA SER K 78 -11.16 54.60 98.32
C SER K 78 -11.25 56.11 98.16
N GLY K 79 -10.29 56.74 97.48
CA GLY K 79 -10.40 58.14 97.20
C GLY K 79 -11.43 58.42 96.12
N PRO K 80 -11.59 59.70 95.78
CA PRO K 80 -12.57 60.05 94.74
C PRO K 80 -12.17 59.53 93.37
N TYR K 81 -10.88 59.56 93.05
CA TYR K 81 -10.36 59.08 91.78
C TYR K 81 -9.80 57.66 91.89
N GLY K 82 -10.33 56.85 92.79
CA GLY K 82 -9.87 55.49 92.95
C GLY K 82 -10.54 54.48 92.05
N GLN K 83 -11.50 54.91 91.24
CA GLN K 83 -12.19 54.00 90.34
C GLN K 83 -11.50 53.86 89.00
N ILE K 84 -10.47 54.66 88.73
CA ILE K 84 -9.89 54.68 87.39
C ILE K 84 -8.84 53.60 87.21
N PHE K 85 -8.18 53.18 88.28
CA PHE K 85 -7.06 52.25 88.17
C PHE K 85 -7.55 50.85 87.83
N ARG K 86 -6.77 50.15 87.02
CA ARG K 86 -6.94 48.72 86.89
C ARG K 86 -6.59 48.08 88.22
N PRO K 87 -7.47 47.26 88.81
CA PRO K 87 -7.11 46.60 90.06
C PRO K 87 -5.94 45.66 89.91
N ASP K 88 -5.65 45.20 88.70
CA ASP K 88 -4.53 44.31 88.47
C ASP K 88 -3.21 45.05 88.65
N ASN K 89 -3.17 46.35 88.33
CA ASN K 89 -1.95 47.12 88.48
C ASN K 89 -1.77 47.56 89.93
N PHE K 90 -1.89 46.61 90.85
CA PHE K 90 -1.63 46.84 92.28
C PHE K 90 -0.73 45.72 92.74
N VAL K 91 0.48 46.08 93.17
CA VAL K 91 1.44 45.09 93.68
C VAL K 91 1.68 45.40 95.14
N PHE K 92 1.40 44.44 96.01
CA PHE K 92 1.56 44.66 97.44
C PHE K 92 1.99 43.37 98.11
N GLY K 93 2.75 43.52 99.17
CA GLY K 93 3.18 42.37 99.97
C GLY K 93 2.67 42.49 101.38
N GLN K 94 2.37 41.35 101.98
CA GLN K 94 1.72 41.31 103.29
C GLN K 94 2.65 41.69 104.43
N THR K 95 3.90 42.03 104.16
CA THR K 95 4.88 42.33 105.18
C THR K 95 5.23 43.81 105.19
N GLY K 96 5.58 44.32 106.36
CA GLY K 96 6.10 45.66 106.46
C GLY K 96 7.50 45.78 105.90
N ALA K 97 7.96 47.02 105.76
CA ALA K 97 9.28 47.30 105.22
C ALA K 97 10.26 47.85 106.23
N GLY K 98 9.78 48.48 107.29
CA GLY K 98 10.66 48.85 108.38
C GLY K 98 11.55 50.05 108.14
N ASN K 99 11.24 50.89 107.17
CA ASN K 99 12.10 52.01 106.79
C ASN K 99 13.55 51.55 106.69
N ASN K 100 13.74 50.47 105.97
CA ASN K 100 15.01 49.75 105.90
C ASN K 100 15.32 49.49 104.44
N TRP K 101 16.49 49.96 103.99
CA TRP K 101 16.84 49.80 102.58
C TRP K 101 17.06 48.34 102.22
N ALA K 102 17.57 47.53 103.15
CA ALA K 102 17.95 46.16 102.84
C ALA K 102 16.77 45.31 102.41
N LYS K 103 15.81 45.10 103.30
CA LYS K 103 14.73 44.18 103.00
C LYS K 103 13.86 44.69 101.85
N GLY K 104 13.75 46.01 101.70
CA GLY K 104 13.10 46.53 100.52
C GLY K 104 13.88 46.31 99.24
N HIS K 105 15.15 45.91 99.34
CA HIS K 105 15.99 45.69 98.18
C HIS K 105 16.46 44.26 98.02
N TYR K 106 16.45 43.46 99.09
CA TYR K 106 16.97 42.10 99.02
C TYR K 106 15.91 41.05 99.31
N THR K 107 15.23 41.12 100.44
CA THR K 107 14.35 40.03 100.84
C THR K 107 12.93 40.23 100.31
N GLU K 108 12.25 41.28 100.77
CA GLU K 108 10.87 41.47 100.38
C GLU K 108 10.76 41.91 98.93
N GLY K 109 11.71 42.72 98.47
CA GLY K 109 11.70 43.13 97.08
C GLY K 109 11.75 41.95 96.14
N ALA K 110 12.67 41.01 96.40
CA ALA K 110 12.86 39.88 95.50
C ALA K 110 11.64 38.97 95.41
N GLU K 111 10.68 39.08 96.32
CA GLU K 111 9.50 38.25 96.26
C GLU K 111 8.39 38.83 95.37
N LEU K 112 8.47 40.09 95.01
CA LEU K 112 7.44 40.72 94.20
C LEU K 112 7.92 41.10 92.80
N ILE K 113 9.22 41.06 92.55
CA ILE K 113 9.74 41.47 91.24
C ILE K 113 9.16 40.61 90.14
N ASP K 114 8.93 39.32 90.41
CA ASP K 114 8.31 38.46 89.42
C ASP K 114 6.97 39.01 88.97
N SER K 115 6.21 39.61 89.90
CA SER K 115 4.90 40.14 89.54
C SER K 115 5.02 41.50 88.86
N VAL K 116 5.85 42.38 89.41
CA VAL K 116 5.93 43.74 88.88
C VAL K 116 6.42 43.73 87.43
N LEU K 117 7.45 42.92 87.15
CA LEU K 117 7.94 42.84 85.78
C LEU K 117 6.88 42.22 84.87
N ASP K 118 6.18 41.20 85.34
CA ASP K 118 5.06 40.67 84.56
C ASP K 118 3.96 41.72 84.39
N VAL K 119 3.96 42.77 85.21
CA VAL K 119 2.95 43.81 85.09
C VAL K 119 3.40 44.88 84.11
N VAL K 120 4.66 45.31 84.22
CA VAL K 120 5.13 46.41 83.38
C VAL K 120 5.12 46.02 81.91
N ARG K 121 5.45 44.76 81.61
CA ARG K 121 5.51 44.32 80.23
C ARG K 121 4.14 44.12 79.61
N LYS K 122 3.10 43.96 80.43
CA LYS K 122 1.75 43.85 79.88
C LYS K 122 1.35 45.13 79.16
N GLU K 123 1.97 46.25 79.53
CA GLU K 123 1.67 47.54 78.93
C GLU K 123 2.83 48.16 78.16
N ALA K 124 4.07 47.76 78.46
CA ALA K 124 5.20 48.18 77.63
C ALA K 124 5.07 47.68 76.19
N GLU K 125 4.12 46.78 75.93
CA GLU K 125 3.77 46.40 74.58
C GLU K 125 2.48 47.03 74.10
N SER K 126 1.61 47.46 75.02
CA SER K 126 0.43 48.23 74.64
C SER K 126 0.80 49.58 74.01
N CYS K 127 2.07 49.96 74.08
CA CYS K 127 2.54 51.17 73.43
C CYS K 127 2.99 50.84 72.01
N ASP K 128 2.49 51.61 71.03
CA ASP K 128 2.95 51.41 69.67
C ASP K 128 4.43 51.76 69.55
N CYS K 129 4.88 52.78 70.28
CA CYS K 129 6.28 53.16 70.30
C CYS K 129 6.55 53.81 71.67
N LEU K 130 7.17 53.05 72.56
CA LEU K 130 7.36 53.51 73.93
C LEU K 130 8.36 54.66 73.98
N GLN K 131 7.99 55.74 74.67
CA GLN K 131 8.91 56.86 74.86
C GLN K 131 9.85 56.60 76.02
N GLY K 132 9.32 56.39 77.21
CA GLY K 132 10.17 56.13 78.36
C GLY K 132 9.37 56.04 79.63
N PHE K 133 10.05 55.64 80.69
CA PHE K 133 9.44 55.40 81.99
C PHE K 133 9.43 56.68 82.82
N GLN K 134 8.76 56.60 83.97
CA GLN K 134 8.61 57.75 84.86
C GLN K 134 8.18 57.26 86.22
N VAL K 135 8.96 57.59 87.26
CA VAL K 135 8.77 57.03 88.58
C VAL K 135 8.63 58.15 89.61
N CYS K 136 8.27 57.76 90.83
CA CYS K 136 8.18 58.65 91.98
C CYS K 136 8.70 57.91 93.20
N HIS K 137 9.51 58.59 94.00
CA HIS K 137 10.26 57.93 95.05
C HIS K 137 10.02 58.60 96.40
N SER K 138 10.63 58.00 97.42
CA SER K 138 10.77 58.59 98.76
C SER K 138 12.07 58.01 99.32
N LEU K 139 13.16 58.75 99.14
CA LEU K 139 14.48 58.20 99.39
C LEU K 139 14.70 57.81 100.85
N GLY K 140 13.96 58.39 101.78
CA GLY K 140 14.14 58.03 103.18
C GLY K 140 13.58 56.66 103.52
N GLY K 141 12.43 56.33 102.96
CA GLY K 141 11.73 55.11 103.32
C GLY K 141 12.44 53.87 102.83
N GLY K 142 11.75 52.74 103.00
CA GLY K 142 12.29 51.45 102.60
C GLY K 142 11.62 50.87 101.37
N THR K 143 10.30 51.06 101.25
CA THR K 143 9.60 50.61 100.05
C THR K 143 10.04 51.42 98.83
N GLY K 144 9.87 52.73 98.90
CA GLY K 144 10.20 53.57 97.76
C GLY K 144 11.68 53.57 97.43
N SER K 145 12.52 53.41 98.44
CA SER K 145 13.96 53.46 98.21
C SER K 145 14.57 52.09 97.97
N GLY K 146 13.97 51.03 98.49
CA GLY K 146 14.48 49.70 98.22
C GLY K 146 13.89 49.11 96.95
N MET K 147 12.57 49.01 96.90
CA MET K 147 11.91 48.49 95.71
C MET K 147 12.06 49.43 94.53
N GLY K 148 12.11 50.73 94.78
CA GLY K 148 12.30 51.72 93.74
C GLY K 148 13.55 51.47 92.91
N THR K 149 14.71 51.44 93.56
CA THR K 149 15.95 51.23 92.81
C THR K 149 16.06 49.80 92.32
N LEU K 150 15.57 48.84 93.10
CA LEU K 150 15.59 47.45 92.64
C LEU K 150 14.85 47.30 91.34
N LEU K 151 13.66 47.89 91.23
CA LEU K 151 12.94 47.88 89.97
C LEU K 151 13.70 48.59 88.87
N ILE K 152 14.39 49.68 89.23
CA ILE K 152 15.14 50.44 88.23
C ILE K 152 16.27 49.59 87.66
N SER K 153 17.05 48.94 88.53
CA SER K 153 18.10 48.05 88.06
C SER K 153 17.56 47.01 87.10
N LYS K 154 16.29 46.61 87.28
CA LYS K 154 15.69 45.74 86.29
C LYS K 154 15.27 46.51 85.05
N ILE K 155 14.63 47.68 85.23
CA ILE K 155 14.16 48.45 84.09
C ILE K 155 15.33 48.79 83.15
N ARG K 156 16.49 49.14 83.72
CA ARG K 156 17.59 49.60 82.88
C ARG K 156 18.14 48.51 81.97
N GLU K 157 17.94 47.24 82.30
CA GLU K 157 18.57 46.19 81.52
C GLU K 157 17.71 45.65 80.39
N GLU K 158 16.39 45.71 80.50
CA GLU K 158 15.51 45.30 79.43
C GLU K 158 15.13 46.46 78.50
N TYR K 159 15.27 47.69 78.96
CA TYR K 159 14.92 48.87 78.18
C TYR K 159 15.98 49.94 78.40
N PRO K 160 17.22 49.68 77.96
CA PRO K 160 18.27 50.68 78.17
C PRO K 160 18.15 51.87 77.25
N ASP K 161 17.69 51.64 76.01
CA ASP K 161 17.61 52.73 75.05
C ASP K 161 16.62 53.81 75.50
N ARG K 162 15.51 53.41 76.11
CA ARG K 162 14.49 54.35 76.52
C ARG K 162 14.98 55.17 77.70
N MET K 163 14.16 56.15 78.09
CA MET K 163 14.50 57.10 79.13
C MET K 163 13.65 56.85 80.37
N MET K 164 14.25 57.10 81.54
CA MET K 164 13.53 56.97 82.80
C MET K 164 13.75 58.22 83.64
N LEU K 165 12.68 58.94 83.90
CA LEU K 165 12.72 60.10 84.77
C LEU K 165 12.55 59.63 86.21
N THR K 166 12.84 60.52 87.14
CA THR K 166 12.72 60.19 88.57
C THR K 166 12.43 61.46 89.33
N PHE K 167 11.24 61.55 89.93
CA PHE K 167 10.92 62.64 90.83
C PHE K 167 11.19 62.25 92.28
N SER K 168 12.44 61.90 92.58
CA SER K 168 12.77 61.40 93.90
C SER K 168 12.66 62.51 94.94
N VAL K 169 12.02 62.20 96.06
CA VAL K 169 11.98 63.10 97.21
C VAL K 169 13.16 62.78 98.12
N VAL K 170 14.02 63.76 98.33
CA VAL K 170 15.27 63.54 99.05
C VAL K 170 15.08 63.84 100.53
N PRO K 171 16.00 63.44 101.40
CA PRO K 171 15.86 63.78 102.83
C PRO K 171 15.96 65.28 103.06
N SER K 172 15.35 65.71 104.14
CA SER K 172 15.34 67.13 104.50
C SER K 172 16.67 67.52 105.14
N PRO K 173 17.10 68.77 104.98
CA PRO K 173 18.41 69.15 105.53
C PRO K 173 18.41 69.31 107.03
N LYS K 174 17.36 69.90 107.61
CA LYS K 174 17.33 70.23 109.02
C LYS K 174 16.56 69.20 109.84
N VAL K 175 15.32 68.92 109.47
CA VAL K 175 14.53 67.89 110.11
C VAL K 175 14.79 66.57 109.39
N SER K 176 14.59 65.46 110.09
CA SER K 176 14.82 64.13 109.52
C SER K 176 13.58 63.29 109.78
N ASP K 177 12.76 63.09 108.75
CA ASP K 177 11.55 62.29 108.89
C ASP K 177 11.83 60.84 109.28
N THR K 178 13.09 60.41 109.24
CA THR K 178 13.47 59.06 109.63
C THR K 178 14.84 59.11 110.27
N VAL K 179 15.07 58.22 111.24
CA VAL K 179 16.37 58.18 111.91
C VAL K 179 17.42 57.49 111.08
N VAL K 180 17.02 56.70 110.08
CA VAL K 180 17.96 55.96 109.25
C VAL K 180 17.87 56.56 107.84
N GLU K 181 17.61 57.86 107.77
CA GLU K 181 17.61 58.55 106.48
C GLU K 181 18.94 58.44 105.73
N PRO K 182 20.12 58.58 106.36
CA PRO K 182 21.37 58.48 105.61
C PRO K 182 21.55 57.16 104.86
N TYR K 183 21.48 56.04 105.56
CA TYR K 183 21.72 54.75 104.91
C TYR K 183 20.77 54.55 103.74
N ASN K 184 19.51 54.90 103.91
CA ASN K 184 18.55 54.77 102.81
C ASN K 184 18.84 55.76 101.70
N ALA K 185 19.53 56.86 101.99
CA ALA K 185 19.85 57.84 100.95
C ALA K 185 21.00 57.36 100.07
N THR K 186 22.17 57.14 100.68
CA THR K 186 23.37 56.81 99.92
C THR K 186 23.19 55.51 99.15
N LEU K 187 22.74 54.46 99.83
CA LEU K 187 22.54 53.18 99.19
C LEU K 187 21.59 53.29 98.01
N SER K 188 20.71 54.29 98.02
CA SER K 188 19.83 54.55 96.89
C SER K 188 20.48 55.45 95.86
N VAL K 189 21.15 56.51 96.33
CA VAL K 189 21.84 57.41 95.41
C VAL K 189 22.85 56.65 94.57
N HIS K 190 23.64 55.79 95.22
CA HIS K 190 24.55 54.93 94.48
C HIS K 190 23.83 54.16 93.38
N GLN K 191 22.58 53.76 93.62
CA GLN K 191 21.82 53.12 92.57
C GLN K 191 21.37 54.12 91.51
N LEU K 192 21.18 55.38 91.88
CA LEU K 192 20.72 56.38 90.93
C LEU K 192 21.85 56.98 90.10
N VAL K 193 23.10 56.84 90.54
CA VAL K 193 24.20 57.35 89.74
C VAL K 193 24.44 56.46 88.53
N GLU K 194 24.11 55.17 88.63
CA GLU K 194 24.37 54.24 87.56
C GLU K 194 23.16 53.93 86.69
N ASN K 195 21.95 54.06 87.23
CA ASN K 195 20.75 53.58 86.55
C ASN K 195 19.71 54.68 86.45
N ALA K 196 20.12 55.87 86.02
CA ALA K 196 19.16 56.95 85.87
C ALA K 196 19.61 57.90 84.78
N ASP K 197 18.68 58.25 83.88
CA ASP K 197 18.95 59.24 82.85
C ASP K 197 18.71 60.65 83.35
N GLU K 198 17.61 60.86 84.06
CA GLU K 198 17.30 62.14 84.70
C GLU K 198 16.78 61.87 86.09
N CYS K 199 17.03 62.80 87.00
CA CYS K 199 16.57 62.64 88.38
C CYS K 199 16.41 64.02 89.01
N MET K 200 15.17 64.50 89.04
CA MET K 200 14.87 65.68 89.84
C MET K 200 15.05 65.36 91.32
N VAL K 201 15.27 66.39 92.12
CA VAL K 201 15.36 66.24 93.57
C VAL K 201 14.42 67.24 94.21
N LEU K 202 13.46 66.74 94.97
CA LEU K 202 12.46 67.57 95.63
C LEU K 202 12.55 67.33 97.12
N ASP K 203 12.43 68.39 97.91
CA ASP K 203 12.59 68.28 99.34
C ASP K 203 11.35 68.83 100.03
N ASN K 204 10.91 68.12 101.08
CA ASN K 204 9.71 68.53 101.79
C ASN K 204 9.88 69.87 102.49
N GLU K 205 11.12 70.29 102.76
CA GLU K 205 11.34 71.56 103.43
C GLU K 205 10.94 72.72 102.54
N ALA K 206 11.56 72.83 101.37
CA ALA K 206 11.25 73.94 100.48
C ALA K 206 9.77 73.97 100.10
N LEU K 207 9.12 72.80 100.07
CA LEU K 207 7.70 72.78 99.77
C LEU K 207 6.88 73.47 100.84
N TYR K 208 7.36 73.52 102.07
CA TYR K 208 6.61 74.16 103.13
C TYR K 208 6.66 75.69 103.00
N ASP K 209 7.86 76.23 102.86
CA ASP K 209 8.01 77.68 102.77
C ASP K 209 7.27 78.25 101.57
N ILE K 210 7.43 77.61 100.41
CA ILE K 210 6.66 78.00 99.24
C ILE K 210 5.17 77.98 99.55
N CYS K 211 4.73 76.98 100.33
CA CYS K 211 3.33 76.98 100.75
C CYS K 211 3.08 77.94 101.92
N PHE K 212 4.13 78.38 102.59
CA PHE K 212 3.94 79.36 103.67
C PHE K 212 4.15 80.79 103.16
N ARG K 213 5.34 81.09 102.64
CA ARG K 213 5.65 82.46 102.23
C ARG K 213 4.85 82.87 101.00
N THR K 214 5.07 82.18 99.88
CA THR K 214 4.49 82.62 98.62
C THR K 214 2.99 82.38 98.59
N LEU K 215 2.56 81.17 98.95
CA LEU K 215 1.15 80.83 98.86
C LEU K 215 0.34 81.28 100.05
N LYS K 216 0.99 81.76 101.12
CA LYS K 216 0.31 82.29 102.30
C LYS K 216 -0.68 81.30 102.91
N LEU K 217 -0.52 80.01 102.62
CA LEU K 217 -1.42 79.02 103.18
C LEU K 217 -1.23 78.93 104.69
N THR K 218 -2.32 78.66 105.39
CA THR K 218 -2.27 78.53 106.85
C THR K 218 -1.96 77.10 107.28
N THR K 219 -2.67 76.13 106.72
CA THR K 219 -2.53 74.72 107.09
C THR K 219 -2.21 73.93 105.84
N PRO K 220 -0.94 73.84 105.46
CA PRO K 220 -0.60 73.10 104.24
C PRO K 220 -0.64 71.60 104.43
N THR K 221 -1.73 70.97 104.01
CA THR K 221 -1.79 69.53 104.03
C THR K 221 -0.96 68.96 102.90
N PHE K 222 -0.52 67.72 103.08
CA PHE K 222 0.19 67.03 102.01
C PHE K 222 -0.61 66.99 100.71
N GLY K 223 -1.94 67.09 100.81
CA GLY K 223 -2.75 67.28 99.62
C GLY K 223 -2.46 68.56 98.88
N ASP K 224 -1.87 69.55 99.56
CA ASP K 224 -1.52 70.80 98.91
C ASP K 224 -0.13 70.75 98.29
N LEU K 225 0.84 70.13 98.97
CA LEU K 225 2.18 70.02 98.41
C LEU K 225 2.16 69.19 97.13
N ASN K 226 1.30 68.19 97.08
CA ASN K 226 1.22 67.38 95.88
C ASN K 226 0.41 68.04 94.77
N HIS K 227 -0.43 69.04 95.08
CA HIS K 227 -0.96 69.90 94.03
C HIS K 227 0.15 70.75 93.43
N LEU K 228 1.31 70.79 94.07
CA LEU K 228 2.50 71.42 93.49
C LEU K 228 3.32 70.43 92.68
N ILE K 229 3.66 69.29 93.29
CA ILE K 229 4.42 68.26 92.58
C ILE K 229 3.67 67.83 91.34
N SER K 230 2.35 67.70 91.45
CA SER K 230 1.55 67.34 90.27
C SER K 230 1.66 68.42 89.20
N ALA K 231 1.77 69.68 89.62
CA ALA K 231 1.80 70.77 88.66
C ALA K 231 3.02 70.70 87.77
N VAL K 232 4.18 70.39 88.35
CA VAL K 232 5.41 70.36 87.56
C VAL K 232 5.50 69.07 86.74
N MET K 233 5.10 67.94 87.32
CA MET K 233 5.12 66.69 86.56
C MET K 233 4.22 66.76 85.35
N SER K 234 3.10 67.48 85.44
CA SER K 234 2.28 67.70 84.27
C SER K 234 2.92 68.69 83.31
N GLY K 235 3.75 69.59 83.82
CA GLY K 235 4.35 70.63 83.01
C GLY K 235 5.45 70.17 82.09
N ILE K 236 5.86 68.90 82.19
CA ILE K 236 6.94 68.40 81.35
C ILE K 236 6.43 67.87 80.02
N THR K 237 5.24 67.28 80.01
CA THR K 237 4.72 66.59 78.85
C THR K 237 3.81 67.46 77.99
N CYS K 238 3.73 68.76 78.28
CA CYS K 238 2.84 69.63 77.52
C CYS K 238 3.23 69.66 76.05
N CYS K 239 4.51 69.47 75.74
CA CYS K 239 4.93 69.36 74.35
C CYS K 239 4.50 68.02 73.75
N LEU K 240 4.47 66.97 74.58
CA LEU K 240 4.02 65.67 74.11
C LEU K 240 2.52 65.65 73.87
N ARG K 241 1.75 66.10 74.88
CA ARG K 241 0.31 65.98 74.81
C ARG K 241 -0.33 67.10 73.99
N PHE K 242 0.27 68.28 73.96
CA PHE K 242 -0.37 69.40 73.32
C PHE K 242 0.54 70.01 72.25
N PRO K 243 -0.03 70.69 71.26
CA PRO K 243 0.81 71.36 70.25
C PRO K 243 1.65 72.46 70.86
N GLY K 244 2.53 73.04 70.07
CA GLY K 244 3.34 74.15 70.53
C GLY K 244 4.13 74.75 69.38
N GLN K 245 4.23 76.08 69.33
CA GLN K 245 4.98 76.70 68.25
C GLN K 245 6.47 76.38 68.33
N LEU K 246 6.95 75.94 69.49
CA LEU K 246 8.29 75.36 69.61
C LEU K 246 8.16 74.19 70.59
N ASN K 247 7.88 73.01 70.05
CA ASN K 247 7.72 71.83 70.90
C ASN K 247 9.07 71.37 71.41
N ALA K 248 9.04 70.53 72.45
CA ALA K 248 10.27 70.01 73.05
C ALA K 248 9.93 68.66 73.68
N ASP K 249 10.27 67.59 72.97
CA ASP K 249 10.01 66.23 73.46
C ASP K 249 10.82 65.94 74.71
N LEU K 250 10.61 64.75 75.29
CA LEU K 250 11.26 64.43 76.56
C LEU K 250 12.75 64.15 76.37
N ARG K 251 13.12 63.52 75.25
CA ARG K 251 14.51 63.16 75.05
C ARG K 251 15.38 64.39 74.80
N LYS K 252 14.91 65.31 73.95
CA LYS K 252 15.69 66.48 73.60
C LYS K 252 15.86 67.41 74.79
N LEU K 253 15.27 67.04 75.92
CA LEU K 253 15.42 67.81 77.15
C LEU K 253 16.65 67.37 77.94
N ALA K 254 16.97 66.08 77.93
CA ALA K 254 18.15 65.59 78.63
C ALA K 254 19.42 65.91 77.85
N VAL K 255 19.46 65.50 76.58
CA VAL K 255 20.56 65.79 75.66
C VAL K 255 20.99 67.24 75.84
N ASN K 256 20.01 68.12 75.94
CA ASN K 256 20.24 69.54 76.06
C ASN K 256 20.54 69.98 77.49
N LEU K 257 20.58 69.04 78.44
CA LEU K 257 20.69 69.40 79.84
C LEU K 257 21.93 68.83 80.52
N ILE K 258 22.19 67.53 80.41
CA ILE K 258 23.29 66.90 81.12
C ILE K 258 24.51 66.86 80.20
N PRO K 259 25.57 67.62 80.50
CA PRO K 259 26.78 67.51 79.67
C PRO K 259 27.52 66.21 79.87
N PHE K 260 27.42 65.60 81.05
CA PHE K 260 28.14 64.38 81.36
C PHE K 260 27.18 63.34 81.92
N PRO K 261 27.48 62.05 81.73
CA PRO K 261 26.49 61.01 82.03
C PRO K 261 26.12 60.91 83.50
N ARG K 262 26.82 61.61 84.39
CA ARG K 262 26.59 61.46 85.82
C ARG K 262 25.79 62.62 86.43
N LEU K 263 25.91 63.82 85.87
CA LEU K 263 25.31 65.01 86.49
C LEU K 263 23.84 65.14 86.09
N HIS K 264 23.04 64.18 86.53
CA HIS K 264 21.62 64.15 86.23
C HIS K 264 20.77 64.42 87.48
N PHE K 265 21.19 65.38 88.29
CA PHE K 265 20.45 65.81 89.47
C PHE K 265 20.04 67.26 89.27
N PHE K 266 18.76 67.50 89.05
CA PHE K 266 18.26 68.78 88.59
C PHE K 266 17.59 69.54 89.74
N MET K 267 16.88 70.61 89.38
CA MET K 267 16.22 71.46 90.36
C MET K 267 15.06 72.15 89.66
N VAL K 268 13.88 72.10 90.27
CA VAL K 268 12.65 72.46 89.56
C VAL K 268 11.98 73.63 90.27
N GLY K 269 10.94 74.15 89.62
CA GLY K 269 10.13 75.23 90.15
C GLY K 269 8.89 75.37 89.30
N PHE K 270 7.94 76.17 89.79
CA PHE K 270 6.69 76.37 89.08
C PHE K 270 6.24 77.82 89.27
N THR K 271 5.70 78.40 88.22
CA THR K 271 5.19 79.76 88.22
C THR K 271 3.94 79.82 87.36
N PRO K 272 3.00 80.73 87.67
CA PRO K 272 3.01 81.70 88.76
C PRO K 272 2.50 81.10 90.07
N LEU K 273 2.80 81.77 91.18
CA LEU K 273 2.37 81.32 92.50
C LEU K 273 2.04 82.55 93.33
N THR K 274 0.75 82.79 93.56
CA THR K 274 0.31 83.97 94.30
C THR K 274 -0.79 83.55 95.26
N SER K 275 -0.96 84.36 96.31
CA SER K 275 -2.08 84.18 97.22
C SER K 275 -3.39 84.50 96.49
N ARG K 276 -4.51 84.28 97.18
CA ARG K 276 -5.80 84.66 96.61
C ARG K 276 -5.91 86.18 96.46
N GLY K 277 -5.22 86.92 97.32
CA GLY K 277 -5.33 88.38 97.26
C GLY K 277 -4.50 88.97 96.14
N SER K 278 -3.22 88.59 96.06
CA SER K 278 -2.29 89.24 95.14
C SER K 278 -2.61 88.96 93.67
N GLN K 279 -3.52 88.02 93.37
CA GLN K 279 -3.92 87.80 91.99
C GLN K 279 -4.37 89.09 91.32
N GLN K 280 -5.00 89.99 92.08
CA GLN K 280 -5.54 91.22 91.54
C GLN K 280 -4.50 92.32 91.40
N TYR K 281 -3.24 92.08 91.79
CA TYR K 281 -2.22 93.12 91.77
C TYR K 281 -1.23 92.93 90.61
N ARG K 282 -0.65 91.74 90.50
CA ARG K 282 0.44 91.51 89.56
C ARG K 282 -0.09 90.97 88.24
N ALA K 283 0.43 91.53 87.15
CA ALA K 283 0.01 91.12 85.81
C ALA K 283 0.60 89.76 85.46
N LEU K 284 0.07 89.15 84.41
CA LEU K 284 0.55 87.87 83.92
C LEU K 284 1.20 88.10 82.56
N THR K 285 2.48 88.45 82.58
CA THR K 285 3.28 88.63 81.39
C THR K 285 4.52 87.76 81.48
N VAL K 286 5.11 87.48 80.31
CA VAL K 286 6.31 86.63 80.28
C VAL K 286 7.42 87.17 81.15
N PRO K 287 7.69 88.48 81.21
CA PRO K 287 8.69 88.97 82.17
C PRO K 287 8.34 88.68 83.63
N GLU K 288 7.06 88.48 83.95
CA GLU K 288 6.70 88.13 85.32
C GLU K 288 7.14 86.70 85.63
N LEU K 289 6.68 85.75 84.82
CA LEU K 289 7.02 84.34 85.04
C LEU K 289 8.51 84.13 85.17
N THR K 290 9.30 84.76 84.29
CA THR K 290 10.75 84.57 84.33
C THR K 290 11.38 85.26 85.52
N GLN K 291 10.69 86.21 86.15
CA GLN K 291 11.25 86.84 87.34
C GLN K 291 11.09 85.96 88.56
N GLN K 292 9.97 85.25 88.66
CA GLN K 292 9.73 84.37 89.79
C GLN K 292 10.36 83.00 89.59
N MET K 293 10.49 82.54 88.35
CA MET K 293 11.03 81.21 88.12
C MET K 293 12.54 81.17 88.37
N TRP K 294 13.24 82.25 88.07
CA TRP K 294 14.67 82.32 88.31
C TRP K 294 15.01 82.58 89.77
N ASP K 295 14.02 82.90 90.59
CA ASP K 295 14.24 83.24 91.98
C ASP K 295 14.79 82.02 92.74
N ALA K 296 15.31 82.29 93.93
CA ALA K 296 15.86 81.25 94.79
C ALA K 296 14.85 80.69 95.77
N LYS K 297 13.57 81.03 95.61
CA LYS K 297 12.50 80.47 96.43
C LYS K 297 11.77 79.34 95.73
N ASN K 298 11.37 79.55 94.48
CA ASN K 298 10.60 78.53 93.75
C ASN K 298 11.37 77.25 93.56
N MET K 299 12.66 77.20 93.89
CA MET K 299 13.41 75.96 93.81
C MET K 299 12.83 74.96 94.79
N MET K 300 12.13 73.95 94.27
CA MET K 300 11.51 72.95 95.15
C MET K 300 12.54 72.19 95.96
N CYS K 301 13.80 72.19 95.52
CA CYS K 301 14.88 71.62 96.31
C CYS K 301 15.51 72.70 97.19
N ALA K 302 16.17 72.26 98.25
CA ALA K 302 16.78 73.18 99.20
C ALA K 302 18.24 73.45 98.86
N ALA K 303 18.51 73.81 97.61
CA ALA K 303 19.85 74.15 97.15
C ALA K 303 19.83 75.57 96.60
N ASP K 304 20.81 76.36 97.01
CA ASP K 304 20.80 77.79 96.70
C ASP K 304 21.57 78.06 95.41
N PRO K 305 20.93 78.63 94.39
CA PRO K 305 21.67 78.93 93.15
C PRO K 305 22.82 79.88 93.34
N ARG K 306 22.70 80.83 94.26
CA ARG K 306 23.74 81.84 94.48
C ARG K 306 24.99 81.28 95.12
N HIS K 307 25.11 79.96 95.30
CA HIS K 307 26.34 79.36 95.78
C HIS K 307 27.12 78.65 94.69
N GLY K 308 26.45 78.11 93.68
CA GLY K 308 27.12 77.38 92.64
C GLY K 308 26.90 78.00 91.27
N ARG K 309 27.24 77.26 90.22
CA ARG K 309 27.16 77.76 88.86
C ARG K 309 26.20 76.89 88.06
N TYR K 310 25.26 77.53 87.37
CA TYR K 310 24.31 76.80 86.54
C TYR K 310 25.05 76.23 85.34
N LEU K 311 25.10 74.90 85.26
CA LEU K 311 25.64 74.28 84.05
C LEU K 311 24.69 74.50 82.87
N THR K 312 23.42 74.18 83.06
CA THR K 312 22.39 74.40 82.06
C THR K 312 21.11 74.80 82.77
N ALA K 313 20.03 74.97 82.00
CA ALA K 313 18.73 75.30 82.56
C ALA K 313 17.67 74.95 81.53
N SER K 314 16.42 75.24 81.87
CA SER K 314 15.31 74.95 80.97
C SER K 314 14.14 75.84 81.33
N ALA K 315 13.11 75.78 80.51
CA ALA K 315 11.86 76.48 80.76
C ALA K 315 10.79 75.97 79.82
N LEU K 316 9.63 75.61 80.35
CA LEU K 316 8.52 75.12 79.54
C LEU K 316 7.34 76.06 79.77
N PHE K 317 7.16 76.99 78.85
CA PHE K 317 6.05 77.92 78.96
C PHE K 317 4.79 77.34 78.32
N ARG K 318 3.65 77.83 78.76
CA ARG K 318 2.36 77.33 78.30
C ARG K 318 1.41 78.51 78.16
N GLY K 319 1.04 78.82 76.94
CA GLY K 319 0.11 79.90 76.68
C GLY K 319 0.42 80.56 75.36
N ARG K 320 -0.61 81.14 74.75
CA ARG K 320 -0.43 81.87 73.49
C ARG K 320 0.34 83.14 73.80
N MET K 321 1.66 83.11 73.58
CA MET K 321 2.55 84.18 73.98
C MET K 321 3.47 84.52 72.81
N SER K 322 4.43 85.41 73.05
CA SER K 322 5.30 85.92 72.01
C SER K 322 6.70 85.34 72.22
N THR K 323 7.12 84.45 71.32
CA THR K 323 8.36 83.73 71.48
C THR K 323 9.60 84.61 71.33
N LYS K 324 9.44 85.88 70.97
CA LYS K 324 10.56 86.80 71.09
C LYS K 324 10.83 87.11 72.56
N GLU K 325 9.76 87.30 73.34
CA GLU K 325 9.91 87.72 74.73
C GLU K 325 10.70 86.70 75.53
N VAL K 326 10.36 85.42 75.40
CA VAL K 326 11.05 84.38 76.15
C VAL K 326 12.52 84.33 75.79
N ASP K 327 12.86 84.52 74.52
CA ASP K 327 14.25 84.39 74.11
C ASP K 327 15.09 85.55 74.62
N GLU K 328 14.58 86.78 74.52
CA GLU K 328 15.35 87.92 75.00
C GLU K 328 15.40 87.96 76.51
N GLN K 329 14.38 87.43 77.20
CA GLN K 329 14.40 87.38 78.65
C GLN K 329 15.51 86.45 79.13
N MET K 330 15.45 85.18 78.73
CA MET K 330 16.47 84.22 79.15
C MET K 330 17.87 84.64 78.73
N LEU K 331 17.99 85.47 77.70
CA LEU K 331 19.29 86.01 77.34
C LEU K 331 19.73 87.08 78.34
N ASN K 332 18.81 87.96 78.72
CA ASN K 332 19.16 89.01 79.68
C ASN K 332 19.64 88.42 80.99
N VAL K 333 18.99 87.36 81.45
CA VAL K 333 19.37 86.76 82.74
C VAL K 333 20.83 86.36 82.74
N GLN K 334 21.23 85.54 81.76
CA GLN K 334 22.64 85.17 81.63
C GLN K 334 23.52 86.40 81.49
N ASN K 335 22.98 87.48 80.93
CA ASN K 335 23.78 88.66 80.69
C ASN K 335 24.07 89.43 81.97
N LYS K 336 23.04 89.68 82.78
CA LYS K 336 23.21 90.57 83.93
C LYS K 336 24.01 89.90 85.04
N ASN K 337 23.48 88.81 85.60
CA ASN K 337 24.16 88.10 86.68
C ASN K 337 25.04 86.99 86.10
N SER K 338 26.03 87.41 85.32
CA SER K 338 26.81 86.52 84.48
C SER K 338 27.90 85.78 85.23
N SER K 339 27.83 85.71 86.56
CA SER K 339 28.77 84.89 87.31
C SER K 339 28.19 83.57 87.77
N TYR K 340 26.86 83.45 87.83
CA TYR K 340 26.21 82.20 88.19
C TYR K 340 26.26 81.17 87.09
N PHE K 341 26.82 81.49 85.93
CA PHE K 341 26.83 80.58 84.80
C PHE K 341 28.25 80.28 84.37
N VAL K 342 28.49 79.05 83.95
CA VAL K 342 29.79 78.66 83.45
C VAL K 342 30.04 79.34 82.11
N GLU K 343 31.31 79.41 81.72
CA GLU K 343 31.71 80.18 80.55
C GLU K 343 32.04 79.31 79.34
N TRP K 344 32.33 78.03 79.51
CA TRP K 344 32.56 77.19 78.35
C TRP K 344 31.27 76.68 77.75
N ILE K 345 30.15 77.34 78.04
CA ILE K 345 28.89 77.12 77.35
C ILE K 345 28.36 78.49 76.96
N PRO K 346 28.21 78.79 75.69
CA PRO K 346 27.78 80.14 75.29
C PRO K 346 26.39 80.49 75.78
N ASN K 347 25.41 79.66 75.41
CA ASN K 347 24.03 79.82 75.84
C ASN K 347 23.59 78.52 76.48
N ASN K 348 23.20 78.58 77.75
CA ASN K 348 22.95 77.35 78.48
C ASN K 348 21.51 77.25 78.98
N VAL K 349 20.55 77.56 78.11
CA VAL K 349 19.14 77.37 78.42
C VAL K 349 18.43 76.82 77.20
N LYS K 350 17.35 76.09 77.43
CA LYS K 350 16.37 75.80 76.39
C LYS K 350 15.06 76.47 76.78
N SER K 351 14.20 76.69 75.80
CA SER K 351 12.96 77.40 76.03
C SER K 351 11.88 76.79 75.14
N SER K 352 11.07 75.91 75.71
CA SER K 352 9.91 75.40 75.00
C SER K 352 8.76 76.40 75.09
N VAL K 353 7.63 76.04 74.48
CA VAL K 353 6.42 76.85 74.53
C VAL K 353 5.27 75.99 74.00
N CYS K 354 4.07 76.19 74.52
CA CYS K 354 2.92 75.39 74.12
C CYS K 354 1.69 76.27 73.95
N ASP K 355 0.92 75.98 72.91
CA ASP K 355 -0.32 76.69 72.62
C ASP K 355 -1.37 76.50 73.71
N ILE K 356 -1.17 75.56 74.63
CA ILE K 356 -2.23 75.18 75.57
C ILE K 356 -1.79 75.40 77.01
N PRO K 357 -2.39 76.36 77.73
CA PRO K 357 -2.10 76.53 79.14
C PRO K 357 -2.87 75.52 79.97
N PRO K 358 -2.75 75.54 81.29
CA PRO K 358 -3.60 74.69 82.13
C PRO K 358 -5.07 75.03 81.96
N LYS K 359 -5.93 74.17 82.53
CA LYS K 359 -7.36 74.28 82.28
C LYS K 359 -7.96 75.54 82.87
N GLY K 360 -7.33 76.11 83.89
CA GLY K 360 -7.92 77.26 84.55
C GLY K 360 -7.20 78.57 84.30
N LEU K 361 -6.03 78.51 83.70
CA LEU K 361 -5.14 79.67 83.56
C LEU K 361 -5.07 80.12 82.11
N LYS K 362 -4.31 81.20 81.90
CA LYS K 362 -4.04 81.72 80.57
C LYS K 362 -2.56 81.75 80.22
N MET K 363 -1.67 81.82 81.22
CA MET K 363 -0.25 81.76 81.00
C MET K 363 0.42 81.11 82.20
N SER K 364 1.32 80.18 81.95
CA SER K 364 2.05 79.49 83.00
C SER K 364 3.45 79.21 82.53
N ALA K 365 4.29 78.73 83.44
CA ALA K 365 5.66 78.35 83.11
C ALA K 365 6.06 77.15 83.95
N THR K 366 7.27 76.67 83.72
CA THR K 366 7.82 75.54 84.47
C THR K 366 9.33 75.51 84.27
N PHE K 367 10.09 75.31 85.34
CA PHE K 367 11.53 75.49 85.31
C PHE K 367 12.23 74.19 85.68
N ILE K 368 13.36 73.93 85.02
CA ILE K 368 14.25 72.83 85.36
C ILE K 368 15.67 73.32 85.18
N GLY K 369 16.48 73.22 86.23
CA GLY K 369 17.84 73.71 86.17
C GLY K 369 18.84 72.77 86.80
N ASN K 370 19.98 72.59 86.13
CA ASN K 370 21.01 71.65 86.57
C ASN K 370 22.18 72.47 87.09
N SER K 371 22.12 72.83 88.37
CA SER K 371 23.11 73.68 88.99
C SER K 371 24.27 72.85 89.55
N THR K 372 25.27 73.54 90.09
CA THR K 372 26.35 72.90 90.81
C THR K 372 26.21 73.04 92.32
N ALA K 373 25.19 73.75 92.79
CA ALA K 373 24.90 73.78 94.22
C ALA K 373 24.23 72.50 94.69
N ILE K 374 23.81 71.64 93.77
CA ILE K 374 23.23 70.36 94.14
C ILE K 374 24.26 69.49 94.86
N GLN K 375 25.55 69.74 94.65
CA GLN K 375 26.58 69.03 95.38
C GLN K 375 26.46 69.23 96.88
N GLU K 376 25.73 70.25 97.32
CA GLU K 376 25.65 70.54 98.74
C GLU K 376 24.83 69.47 99.47
N MET K 377 23.71 69.04 98.89
CA MET K 377 22.91 68.01 99.53
C MET K 377 23.71 66.72 99.70
N PHE K 378 24.45 66.33 98.68
CA PHE K 378 25.28 65.13 98.79
C PHE K 378 26.45 65.33 99.73
N LYS K 379 26.79 66.59 100.05
CA LYS K 379 27.79 66.84 101.08
C LYS K 379 27.17 66.76 102.46
N ARG K 380 25.98 67.35 102.64
CA ARG K 380 25.31 67.29 103.93
C ARG K 380 24.97 65.86 104.32
N VAL K 381 24.64 65.02 103.33
CA VAL K 381 24.24 63.66 103.66
C VAL K 381 25.44 62.74 103.76
N SER K 382 26.47 62.95 102.93
CA SER K 382 27.67 62.14 103.05
C SER K 382 28.40 62.38 104.36
N GLU K 383 28.08 63.45 105.07
CA GLU K 383 28.65 63.66 106.39
C GLU K 383 27.86 62.89 107.45
N GLN K 384 26.53 62.92 107.36
CA GLN K 384 25.72 62.18 108.32
C GLN K 384 25.91 60.68 108.17
N PHE K 385 26.08 60.20 106.94
CA PHE K 385 26.32 58.78 106.73
C PHE K 385 27.61 58.34 107.39
N THR K 386 28.72 58.98 107.04
CA THR K 386 30.01 58.61 107.63
C THR K 386 30.09 58.92 109.10
N ALA K 387 29.15 59.69 109.65
CA ALA K 387 29.14 59.95 111.08
C ALA K 387 28.74 58.71 111.86
N MET K 388 27.62 58.09 111.48
CA MET K 388 27.11 56.96 112.23
C MET K 388 27.64 55.62 111.71
N PHE K 389 28.02 55.54 110.44
CA PHE K 389 28.65 54.32 109.96
C PHE K 389 30.03 54.13 110.57
N ARG K 390 30.66 55.21 111.01
CA ARG K 390 31.97 55.11 111.64
C ARG K 390 31.89 54.36 112.96
N ARG K 391 30.77 54.47 113.67
CA ARG K 391 30.56 53.75 114.91
C ARG K 391 29.62 52.57 114.75
N LYS K 392 29.07 52.35 113.55
CA LYS K 392 28.21 51.22 113.26
C LYS K 392 26.93 51.25 114.10
N ALA K 393 26.21 52.37 114.05
CA ALA K 393 24.92 52.47 114.71
C ALA K 393 23.82 52.06 113.74
N PHE K 394 22.88 51.26 114.23
CA PHE K 394 21.78 50.66 113.47
C PHE K 394 22.24 49.70 112.38
N LEU K 395 23.51 49.31 112.35
CA LEU K 395 23.96 48.43 111.27
C LEU K 395 23.52 46.99 111.44
N HIS K 396 23.35 46.51 112.67
CA HIS K 396 22.89 45.14 112.82
C HIS K 396 21.54 44.90 112.14
N TRP K 397 20.81 45.97 111.84
CA TRP K 397 19.58 45.83 111.07
C TRP K 397 19.86 45.58 109.61
N TYR K 398 20.83 46.29 109.04
CA TYR K 398 21.12 46.11 107.62
C TYR K 398 21.83 44.78 107.37
N THR K 399 22.86 44.50 108.17
CA THR K 399 23.63 43.26 107.98
C THR K 399 22.79 42.02 108.21
N GLY K 400 21.69 42.11 108.95
CA GLY K 400 20.81 40.97 109.14
C GLY K 400 20.13 40.50 107.89
N GLU K 401 20.16 41.29 106.81
CA GLU K 401 19.55 40.93 105.54
C GLU K 401 20.58 40.52 104.50
N GLY K 402 21.62 39.81 104.91
CA GLY K 402 22.62 39.36 103.97
C GLY K 402 23.46 40.45 103.36
N MET K 403 23.31 41.70 103.78
CA MET K 403 24.16 42.76 103.28
C MET K 403 25.58 42.59 103.81
N ASP K 404 26.44 43.51 103.41
CA ASP K 404 27.85 43.46 103.77
C ASP K 404 28.28 44.88 104.11
N GLU K 405 29.58 45.09 104.21
CA GLU K 405 30.11 46.44 104.41
C GLU K 405 30.69 47.02 103.14
N MET K 406 31.09 46.18 102.19
CA MET K 406 31.49 46.69 100.88
C MET K 406 30.33 47.35 100.17
N GLU K 407 29.12 46.81 100.33
CA GLU K 407 27.95 47.45 99.77
C GLU K 407 27.66 48.80 100.42
N PHE K 408 28.41 49.17 101.45
CA PHE K 408 28.34 50.50 102.04
C PHE K 408 29.42 51.42 101.49
N THR K 409 30.67 51.01 101.60
CA THR K 409 31.77 51.85 101.12
C THR K 409 31.66 52.12 99.63
N GLU K 410 31.29 51.10 98.85
CA GLU K 410 30.99 51.32 97.45
C GLU K 410 29.98 52.44 97.27
N ALA K 411 28.91 52.42 98.07
CA ALA K 411 27.89 53.45 97.95
C ALA K 411 28.45 54.83 98.31
N GLU K 412 29.35 54.89 99.28
CA GLU K 412 29.88 56.18 99.71
C GLU K 412 30.88 56.74 98.72
N SER K 413 31.85 55.92 98.30
CA SER K 413 32.85 56.39 97.33
C SER K 413 32.19 56.80 96.03
N ASN K 414 31.22 56.02 95.54
CA ASN K 414 30.51 56.39 94.33
C ASN K 414 29.76 57.70 94.48
N MET K 415 29.43 58.08 95.72
CA MET K 415 28.85 59.39 95.96
C MET K 415 29.93 60.47 96.03
N ASN K 416 31.06 60.17 96.67
CA ASN K 416 32.14 61.14 96.76
C ASN K 416 32.78 61.40 95.40
N ASP K 417 32.84 60.39 94.53
CA ASP K 417 33.25 60.64 93.17
C ASP K 417 32.28 61.55 92.44
N LEU K 418 31.03 61.62 92.89
CA LEU K 418 30.05 62.49 92.26
C LEU K 418 30.15 63.92 92.78
N VAL K 419 30.52 64.10 94.05
CA VAL K 419 30.60 65.45 94.59
C VAL K 419 31.78 66.19 94.01
N SER K 420 32.82 65.47 93.58
CA SER K 420 33.94 66.13 92.92
C SER K 420 33.57 66.56 91.51
N GLU K 421 32.78 65.74 90.81
CA GLU K 421 32.29 66.13 89.49
C GLU K 421 31.60 67.48 89.54
N TYR K 422 30.89 67.77 90.63
CA TYR K 422 30.20 69.04 90.76
C TYR K 422 31.08 70.14 91.30
N GLN K 423 32.36 69.87 91.55
CA GLN K 423 33.29 70.89 92.04
C GLN K 423 34.24 71.40 90.98
N GLN K 424 34.79 70.51 90.15
CA GLN K 424 35.64 70.94 89.05
C GLN K 424 34.93 71.99 88.21
N TYR K 425 33.73 71.66 87.74
CA TYR K 425 32.96 72.55 86.90
C TYR K 425 32.42 73.76 87.66
N GLN K 426 32.76 73.91 88.94
CA GLN K 426 32.49 75.13 89.69
C GLN K 426 33.81 75.89 89.79
N ASP K 427 34.08 76.73 88.78
CA ASP K 427 35.24 77.60 88.77
C ASP K 427 34.98 78.92 89.48
N ALA K 428 33.98 78.96 90.36
CA ALA K 428 33.63 80.18 91.10
C ALA K 428 33.33 81.34 90.16
N MET L 1 5.46 73.12 33.07
CA MET L 1 6.65 73.28 32.23
C MET L 1 7.81 73.84 33.05
N ARG L 2 7.58 75.00 33.67
CA ARG L 2 8.59 75.67 34.48
C ARG L 2 8.32 75.28 35.93
N GLU L 3 8.76 74.07 36.30
CA GLU L 3 8.30 73.42 37.51
C GLU L 3 9.46 73.15 38.47
N VAL L 4 9.20 73.39 39.76
CA VAL L 4 10.19 73.19 40.82
C VAL L 4 9.57 72.33 41.91
N ILE L 5 10.43 71.70 42.71
CA ILE L 5 10.02 70.78 43.77
C ILE L 5 10.45 71.38 45.10
N SER L 6 9.49 71.72 45.95
CA SER L 6 9.77 72.33 47.23
C SER L 6 9.82 71.28 48.33
N ILE L 7 10.81 71.40 49.22
CA ILE L 7 10.98 70.48 50.33
C ILE L 7 10.89 71.26 51.63
N HIS L 8 10.45 70.59 52.69
CA HIS L 8 10.44 71.17 54.03
C HIS L 8 10.91 70.12 55.01
N ILE L 9 11.93 70.46 55.80
CA ILE L 9 12.56 69.52 56.72
C ILE L 9 12.49 70.08 58.13
N GLY L 10 12.26 69.21 59.10
CA GLY L 10 12.23 69.65 60.48
C GLY L 10 10.98 70.47 60.78
N GLN L 11 10.99 71.07 61.97
CA GLN L 11 9.84 71.88 62.38
C GLN L 11 9.79 73.20 61.64
N ALA L 12 10.86 73.98 61.72
CA ALA L 12 10.88 75.27 61.04
C ALA L 12 10.67 75.10 59.54
N GLY L 13 11.11 73.97 58.98
CA GLY L 13 10.86 73.70 57.58
C GLY L 13 9.39 73.66 57.24
N ILE L 14 8.59 73.01 58.08
CA ILE L 14 7.16 72.94 57.81
C ILE L 14 6.42 74.13 58.40
N GLN L 15 7.00 74.78 59.40
CA GLN L 15 6.38 76.00 59.90
C GLN L 15 6.60 77.19 58.98
N VAL L 16 7.57 77.12 58.07
CA VAL L 16 7.56 78.08 56.96
C VAL L 16 6.71 77.52 55.82
N GLY L 17 6.68 76.19 55.65
CA GLY L 17 5.83 75.60 54.63
C GLY L 17 4.35 75.92 54.81
N ASN L 18 3.91 76.12 56.04
CA ASN L 18 2.54 76.56 56.27
C ASN L 18 2.34 78.02 55.93
N ALA L 19 3.42 78.78 55.75
CA ALA L 19 3.31 80.17 55.34
C ALA L 19 3.38 80.33 53.83
N CYS L 20 4.38 79.69 53.20
CA CYS L 20 4.47 79.75 51.75
C CYS L 20 3.23 79.15 51.10
N TRP L 21 2.78 78.00 51.59
CA TRP L 21 1.65 77.34 50.98
C TRP L 21 0.31 77.95 51.37
N GLU L 22 0.28 78.79 52.41
CA GLU L 22 -0.86 79.66 52.60
C GLU L 22 -0.83 80.83 51.62
N LEU L 23 0.34 81.18 51.11
CA LEU L 23 0.47 82.30 50.20
C LEU L 23 0.10 81.91 48.78
N TYR L 24 0.57 80.75 48.32
CA TYR L 24 0.32 80.37 46.93
C TYR L 24 -1.15 80.02 46.69
N CYS L 25 -1.74 79.25 47.60
CA CYS L 25 -3.18 78.99 47.51
C CYS L 25 -3.97 80.28 47.45
N LEU L 26 -3.42 81.36 48.00
CA LEU L 26 -4.03 82.67 47.97
C LEU L 26 -3.62 83.48 46.75
N GLU L 27 -2.39 83.29 46.29
CA GLU L 27 -1.89 84.05 45.15
C GLU L 27 -2.46 83.55 43.82
N HIS L 28 -3.12 82.40 43.81
CA HIS L 28 -3.75 81.88 42.59
C HIS L 28 -5.22 81.58 42.80
N GLY L 29 -5.83 82.12 43.85
CA GLY L 29 -7.24 81.87 44.10
C GLY L 29 -7.58 80.42 44.35
N ILE L 30 -6.65 79.65 44.90
CA ILE L 30 -6.88 78.24 45.18
C ILE L 30 -7.56 78.13 46.53
N GLN L 31 -8.83 77.73 46.53
CA GLN L 31 -9.54 77.50 47.78
C GLN L 31 -8.83 76.44 48.60
N PRO L 32 -9.01 76.44 49.92
CA PRO L 32 -8.38 75.39 50.74
C PRO L 32 -8.79 73.98 50.35
N ASP L 33 -9.94 73.81 49.71
CA ASP L 33 -10.36 72.51 49.21
C ASP L 33 -9.78 72.18 47.85
N GLY L 34 -8.50 72.45 47.62
CA GLY L 34 -7.86 72.07 46.39
C GLY L 34 -8.26 72.88 45.18
N GLN L 35 -9.57 72.96 44.91
CA GLN L 35 -10.08 73.52 43.68
C GLN L 35 -10.12 75.05 43.76
N MET L 36 -10.58 75.65 42.66
CA MET L 36 -10.71 77.09 42.50
C MET L 36 -11.99 77.38 41.75
N PRO L 37 -12.50 78.62 41.86
CA PRO L 37 -13.72 78.99 41.12
C PRO L 37 -13.57 78.85 39.60
N ASP L 46 -3.72 78.54 32.43
CA ASP L 46 -2.73 77.49 32.67
C ASP L 46 -1.35 78.08 32.90
N ASP L 47 -0.50 77.30 33.57
CA ASP L 47 0.90 77.64 33.84
C ASP L 47 1.02 78.80 34.82
N ALA L 48 -0.10 79.39 35.23
CA ALA L 48 -0.06 80.42 36.25
C ALA L 48 0.30 79.83 37.60
N PHE L 49 0.06 78.53 37.75
CA PHE L 49 0.33 77.76 38.95
C PHE L 49 1.14 76.51 38.69
N ASN L 50 1.20 76.06 37.44
CA ASN L 50 1.74 74.76 37.09
C ASN L 50 3.19 74.61 37.55
N THR L 51 3.75 75.69 38.06
CA THR L 51 5.04 75.63 38.75
C THR L 51 4.92 74.87 40.07
N PHE L 52 3.77 74.96 40.73
CA PHE L 52 3.64 74.45 42.09
C PHE L 52 2.55 73.40 42.29
N PHE L 53 1.72 73.11 41.30
CA PHE L 53 0.55 72.25 41.51
C PHE L 53 0.45 71.25 40.36
N SER L 54 -0.62 70.46 40.37
CA SER L 54 -0.86 69.46 39.33
C SER L 54 -2.34 69.11 39.38
N GLU L 55 -3.09 69.40 38.32
CA GLU L 55 -4.47 68.97 38.28
C GLU L 55 -4.59 67.44 38.33
N THR L 56 -5.57 66.96 39.08
CA THR L 56 -5.97 65.57 39.08
C THR L 56 -7.13 65.39 38.10
N GLY L 57 -7.66 64.18 38.00
CA GLY L 57 -8.82 64.00 37.14
C GLY L 57 -10.10 64.60 37.67
N ALA L 58 -10.09 65.08 38.92
CA ALA L 58 -11.29 65.61 39.57
C ALA L 58 -10.97 66.97 40.19
N GLY L 59 -10.92 68.00 39.34
CA GLY L 59 -11.03 69.36 39.83
C GLY L 59 -9.83 69.93 40.55
N LYS L 60 -9.26 69.14 41.46
CA LYS L 60 -8.35 69.66 42.47
C LYS L 60 -7.00 70.01 41.88
N HIS L 61 -6.29 70.89 42.59
CA HIS L 61 -4.90 71.24 42.34
C HIS L 61 -4.12 70.85 43.59
N VAL L 62 -3.21 69.88 43.46
CA VAL L 62 -2.44 69.41 44.60
C VAL L 62 -1.03 69.99 44.51
N PRO L 63 -0.46 70.47 45.61
CA PRO L 63 0.88 71.05 45.55
C PRO L 63 1.96 70.00 45.36
N ARG L 64 3.03 70.41 44.70
CA ARG L 64 4.18 69.54 44.48
C ARG L 64 5.30 69.85 45.48
N CYS L 65 4.99 69.62 46.75
CA CYS L 65 5.93 69.83 47.85
C CYS L 65 5.99 68.59 48.73
N ILE L 66 6.85 68.64 49.74
CA ILE L 66 7.07 67.51 50.65
C ILE L 66 7.33 68.05 52.04
N PHE L 67 6.46 67.70 52.98
CA PHE L 67 6.65 68.02 54.39
C PHE L 67 7.24 66.80 55.06
N LEU L 68 8.48 66.91 55.53
CA LEU L 68 9.19 65.77 56.09
C LEU L 68 9.68 66.13 57.48
N ASP L 69 9.51 65.20 58.42
CA ASP L 69 9.84 65.46 59.81
C ASP L 69 9.79 64.16 60.59
N LEU L 70 10.34 64.19 61.80
CA LEU L 70 10.31 63.07 62.73
C LEU L 70 9.38 63.31 63.90
N GLU L 71 8.55 64.34 63.85
CA GLU L 71 7.60 64.65 64.92
C GLU L 71 6.19 64.60 64.37
N PRO L 72 5.33 63.68 64.84
CA PRO L 72 3.93 63.71 64.40
C PRO L 72 3.18 64.92 64.90
N THR L 73 3.65 65.57 65.96
CA THR L 73 2.89 66.61 66.62
C THR L 73 2.77 67.89 65.81
N VAL L 74 3.58 68.03 64.76
CA VAL L 74 3.55 69.23 63.93
C VAL L 74 2.93 68.89 62.58
N VAL L 75 3.08 67.63 62.17
CA VAL L 75 2.49 67.22 60.90
C VAL L 75 0.99 66.99 61.04
N ASP L 76 0.54 66.51 62.20
CA ASP L 76 -0.89 66.26 62.36
C ASP L 76 -1.69 67.56 62.36
N GLU L 77 -1.09 68.66 62.81
CA GLU L 77 -1.75 69.95 62.73
C GLU L 77 -2.17 70.24 61.29
N VAL L 78 -1.26 70.01 60.34
CA VAL L 78 -1.61 70.16 58.94
C VAL L 78 -2.74 69.22 58.57
N ARG L 79 -2.74 68.02 59.17
CA ARG L 79 -3.78 67.04 58.87
C ARG L 79 -5.12 67.41 59.47
N THR L 80 -5.16 68.33 60.44
CA THR L 80 -6.42 68.74 61.05
C THR L 80 -6.84 70.15 60.67
N GLY L 81 -5.88 71.05 60.40
CA GLY L 81 -6.21 72.41 60.07
C GLY L 81 -7.03 72.55 58.80
N THR L 82 -7.32 73.79 58.40
CA THR L 82 -8.12 73.98 57.20
C THR L 82 -7.42 73.49 55.95
N TYR L 83 -6.09 73.41 55.96
CA TYR L 83 -5.34 72.95 54.80
C TYR L 83 -5.01 71.46 54.92
N ARG L 84 -6.06 70.65 55.04
CA ARG L 84 -5.92 69.21 55.10
C ARG L 84 -6.41 68.50 53.85
N GLN L 85 -7.42 69.05 53.18
CA GLN L 85 -7.84 68.49 51.90
C GLN L 85 -6.86 68.79 50.78
N LEU L 86 -5.84 69.62 51.03
CA LEU L 86 -4.91 69.99 49.96
C LEU L 86 -3.95 68.85 49.65
N PHE L 87 -3.10 68.50 50.61
CA PHE L 87 -1.95 67.67 50.33
C PHE L 87 -2.36 66.23 50.11
N HIS L 88 -1.73 65.60 49.15
CA HIS L 88 -1.80 64.15 49.06
C HIS L 88 -1.28 63.61 50.39
N PRO L 89 -2.05 62.78 51.10
CA PRO L 89 -1.62 62.34 52.44
C PRO L 89 -0.25 61.69 52.45
N GLU L 90 0.18 61.13 51.32
CA GLU L 90 1.45 60.43 51.29
C GLU L 90 2.64 61.39 51.32
N GLN L 91 2.46 62.61 50.83
CA GLN L 91 3.58 63.55 50.80
C GLN L 91 3.97 64.00 52.20
N LEU L 92 3.01 64.09 53.12
CA LEU L 92 3.27 64.52 54.49
C LEU L 92 3.90 63.37 55.25
N ILE L 93 5.22 63.26 55.16
CA ILE L 93 5.94 62.16 55.79
C ILE L 93 6.28 62.54 57.22
N SER L 94 6.02 61.62 58.15
CA SER L 94 6.32 61.85 59.56
C SER L 94 7.14 60.70 60.12
N GLY L 95 7.36 60.68 61.42
CA GLY L 95 8.15 59.65 62.05
C GLY L 95 7.64 59.35 63.44
N LYS L 96 7.92 58.13 63.91
CA LYS L 96 7.48 57.73 65.24
C LYS L 96 8.11 58.59 66.32
N GLU L 97 9.44 58.53 66.44
CA GLU L 97 10.18 59.34 67.40
C GLU L 97 10.98 60.41 66.66
N ASP L 98 11.46 61.39 67.41
CA ASP L 98 12.19 62.51 66.83
C ASP L 98 13.69 62.36 67.03
N ALA L 99 14.43 63.31 66.47
CA ALA L 99 15.89 63.29 66.54
C ALA L 99 16.43 63.81 67.86
N ALA L 100 15.62 64.57 68.60
CA ALA L 100 15.99 65.05 69.94
C ALA L 100 17.24 65.92 69.92
N ASN L 101 17.23 66.92 69.04
CA ASN L 101 18.30 67.91 68.90
C ASN L 101 19.68 67.26 68.98
N ASN L 102 19.89 66.31 68.09
CA ASN L 102 21.13 65.54 68.05
C ASN L 102 21.43 65.22 66.61
N PHE L 103 22.60 65.65 66.13
CA PHE L 103 22.94 65.43 64.73
C PHE L 103 23.07 63.95 64.41
N ALA L 104 23.47 63.14 65.38
CA ALA L 104 23.62 61.72 65.12
C ALA L 104 22.28 61.07 64.76
N ARG L 105 21.29 61.24 65.63
CA ARG L 105 19.99 60.60 65.40
C ARG L 105 19.41 60.97 64.05
N GLY L 106 19.59 62.23 63.64
CA GLY L 106 19.15 62.62 62.31
C GLY L 106 20.00 62.10 61.19
N HIS L 107 21.16 61.52 61.50
CA HIS L 107 22.11 61.12 60.48
C HIS L 107 22.44 59.65 60.48
N TYR L 108 22.38 58.97 61.62
CA TYR L 108 22.82 57.58 61.70
C TYR L 108 21.76 56.63 62.23
N THR L 109 20.89 57.08 63.12
CA THR L 109 19.96 56.16 63.78
C THR L 109 18.61 56.10 63.07
N ILE L 110 17.92 57.23 62.97
CA ILE L 110 16.55 57.26 62.48
C ILE L 110 16.48 57.62 61.00
N GLY L 111 17.28 58.59 60.56
CA GLY L 111 17.15 59.08 59.19
C GLY L 111 17.32 58.00 58.13
N LYS L 112 17.97 56.89 58.47
CA LYS L 112 18.33 55.92 57.45
C LYS L 112 17.16 55.08 56.97
N GLU L 113 16.09 54.94 57.76
CA GLU L 113 15.00 54.05 57.37
C GLU L 113 13.85 54.76 56.69
N ILE L 114 13.79 56.09 56.72
CA ILE L 114 12.69 56.80 56.10
C ILE L 114 13.04 57.42 54.76
N VAL L 115 14.33 57.64 54.47
CA VAL L 115 14.71 58.30 53.22
C VAL L 115 14.13 57.57 52.02
N ASP L 116 14.20 56.24 52.02
CA ASP L 116 13.64 55.47 50.91
C ASP L 116 12.16 55.79 50.71
N LEU L 117 11.43 55.99 51.81
CA LEU L 117 10.04 56.41 51.68
C LEU L 117 9.94 57.83 51.13
N ALA L 118 10.89 58.69 51.50
CA ALA L 118 10.90 60.04 50.95
C ALA L 118 11.28 60.02 49.47
N LEU L 119 12.35 59.30 49.12
CA LEU L 119 12.82 59.29 47.74
C LEU L 119 11.76 58.72 46.79
N ASP L 120 11.05 57.67 47.22
CA ASP L 120 9.99 57.15 46.37
C ASP L 120 8.90 58.18 46.13
N ARG L 121 8.78 59.16 47.01
CA ARG L 121 7.87 60.27 46.75
C ARG L 121 8.48 61.25 45.75
N ILE L 122 9.77 61.56 45.92
CA ILE L 122 10.44 62.49 45.01
C ILE L 122 10.43 61.93 43.59
N ARG L 123 10.74 60.65 43.44
CA ARG L 123 10.70 60.02 42.12
C ARG L 123 9.30 60.09 41.53
N LYS L 124 8.29 59.73 42.32
CA LYS L 124 6.90 59.89 41.88
C LYS L 124 6.57 61.36 41.63
N LEU L 125 7.35 62.27 42.19
CA LEU L 125 7.13 63.70 42.01
C LEU L 125 7.94 64.27 40.85
N ALA L 126 9.01 63.59 40.44
CA ALA L 126 9.82 64.07 39.33
C ALA L 126 9.15 63.81 37.99
N ASP L 127 8.61 62.61 37.79
CA ASP L 127 8.00 62.29 36.50
C ASP L 127 6.83 63.22 36.19
N ASN L 128 6.12 63.69 37.21
CA ASN L 128 4.92 64.49 36.97
C ASN L 128 5.24 65.92 36.55
N CYS L 129 6.51 66.30 36.47
CA CYS L 129 6.90 67.58 35.89
C CYS L 129 7.73 67.32 34.65
N THR L 130 7.37 67.99 33.55
CA THR L 130 8.04 67.75 32.28
C THR L 130 9.42 68.42 32.23
N GLY L 131 9.54 69.60 32.83
CA GLY L 131 10.83 70.26 32.91
C GLY L 131 11.11 70.75 34.31
N LEU L 132 12.14 70.20 34.95
CA LEU L 132 12.42 70.49 36.36
C LEU L 132 13.46 71.60 36.43
N GLN L 133 13.06 72.75 37.00
CA GLN L 133 14.00 73.85 37.13
C GLN L 133 15.01 73.59 38.24
N GLY L 134 14.56 73.11 39.39
CA GLY L 134 15.45 72.82 40.48
C GLY L 134 14.70 72.63 41.78
N PHE L 135 15.39 71.99 42.73
CA PHE L 135 14.82 71.74 44.04
C PHE L 135 14.93 72.97 44.94
N LEU L 136 13.95 73.15 45.82
CA LEU L 136 13.96 74.19 46.82
C LEU L 136 13.95 73.53 48.19
N VAL L 137 14.95 73.85 49.01
CA VAL L 137 15.11 73.24 50.33
C VAL L 137 14.90 74.32 51.39
N PHE L 138 13.98 74.07 52.32
CA PHE L 138 13.72 74.95 53.45
C PHE L 138 14.21 74.21 54.69
N ASN L 139 15.44 74.47 55.08
CA ASN L 139 16.09 73.77 56.16
C ASN L 139 16.08 74.61 57.43
N ALA L 140 16.39 73.97 58.55
CA ALA L 140 16.50 74.64 59.85
C ALA L 140 17.73 74.09 60.54
N VAL L 141 18.87 74.73 60.31
CA VAL L 141 20.14 74.26 60.85
C VAL L 141 20.20 74.60 62.33
N GLY L 142 20.35 73.57 63.16
CA GLY L 142 20.43 73.77 64.59
C GLY L 142 19.70 72.72 65.39
N GLY L 143 18.98 71.83 64.71
CA GLY L 143 18.29 70.76 65.38
C GLY L 143 18.76 69.41 64.91
N GLY L 144 18.03 68.35 65.24
CA GLY L 144 18.39 67.03 64.80
C GLY L 144 17.75 66.69 63.46
N THR L 145 16.45 66.96 63.35
CA THR L 145 15.76 66.70 62.09
C THR L 145 16.24 67.63 60.99
N GLY L 146 16.25 68.94 61.27
CA GLY L 146 16.67 69.89 60.25
C GLY L 146 18.08 69.66 59.78
N SER L 147 19.01 69.46 60.71
CA SER L 147 20.41 69.33 60.34
C SER L 147 20.80 67.90 60.00
N GLY L 148 20.39 66.94 60.84
CA GLY L 148 20.77 65.56 60.61
C GLY L 148 20.17 64.99 59.33
N LEU L 149 18.86 65.15 59.15
CA LEU L 149 18.22 64.63 57.96
C LEU L 149 18.57 65.47 56.73
N GLY L 150 18.54 66.79 56.88
CA GLY L 150 18.94 67.66 55.78
C GLY L 150 20.31 67.31 55.26
N SER L 151 21.23 66.98 56.16
CA SER L 151 22.52 66.44 55.74
C SER L 151 22.34 65.17 54.91
N LEU L 152 21.72 64.16 55.51
CA LEU L 152 21.59 62.87 54.84
C LEU L 152 20.76 62.96 53.57
N LEU L 153 19.73 63.81 53.57
CA LEU L 153 18.87 63.89 52.40
C LEU L 153 19.57 64.58 51.23
N LEU L 154 20.29 65.67 51.52
CA LEU L 154 20.93 66.42 50.44
C LEU L 154 21.94 65.58 49.69
N GLU L 155 22.67 64.71 50.40
CA GLU L 155 23.59 63.80 49.73
C GLU L 155 22.84 62.93 48.72
N ARG L 156 21.86 62.18 49.20
CA ARG L 156 21.12 61.27 48.33
C ARG L 156 20.52 62.00 47.14
N LEU L 157 20.17 63.27 47.30
CA LEU L 157 19.70 64.05 46.16
C LEU L 157 20.81 64.31 45.16
N SER L 158 22.06 64.35 45.62
CA SER L 158 23.17 64.55 44.69
C SER L 158 23.49 63.30 43.91
N VAL L 159 23.36 62.12 44.52
CA VAL L 159 23.64 60.89 43.81
C VAL L 159 22.58 60.63 42.75
N ASP L 160 21.31 60.83 43.11
CA ASP L 160 20.23 60.48 42.19
C ASP L 160 20.06 61.51 41.08
N TYR L 161 20.47 62.76 41.30
CA TYR L 161 20.24 63.82 40.33
C TYR L 161 21.51 64.54 39.89
N GLY L 162 22.54 64.58 40.72
CA GLY L 162 23.80 65.14 40.30
C GLY L 162 23.85 66.65 40.27
N LYS L 163 23.89 67.21 39.06
CA LYS L 163 24.11 68.64 38.87
C LYS L 163 22.83 69.46 38.96
N LYS L 164 21.68 68.83 39.22
CA LYS L 164 20.44 69.58 39.34
C LYS L 164 20.56 70.64 40.44
N SER L 165 19.90 71.77 40.23
CA SER L 165 20.04 72.91 41.11
C SER L 165 19.22 72.70 42.38
N LYS L 166 19.88 72.72 43.54
CA LYS L 166 19.21 72.66 44.83
C LYS L 166 19.50 73.95 45.58
N LEU L 167 18.48 74.78 45.76
CA LEU L 167 18.67 75.96 46.57
C LEU L 167 18.59 75.60 48.04
N GLY L 168 19.04 76.51 48.89
CA GLY L 168 18.95 76.29 50.32
C GLY L 168 18.57 77.54 51.07
N PHE L 169 17.44 77.49 51.77
CA PHE L 169 16.95 78.60 52.57
C PHE L 169 16.94 78.09 54.00
N THR L 170 18.09 78.19 54.65
CA THR L 170 18.35 77.51 55.92
C THR L 170 18.53 78.55 57.01
N VAL L 171 17.61 78.56 57.98
CA VAL L 171 17.75 79.45 59.12
C VAL L 171 18.97 79.03 59.92
N TYR L 172 19.78 79.99 60.30
CA TYR L 172 21.08 79.75 60.91
C TYR L 172 21.06 80.12 62.39
N PRO L 173 21.93 79.53 63.19
CA PRO L 173 22.02 79.92 64.61
C PRO L 173 22.39 81.38 64.76
N SER L 174 21.60 82.10 65.55
CA SER L 174 21.77 83.52 65.78
C SER L 174 22.81 83.77 66.87
N PRO L 175 23.50 84.92 66.87
CA PRO L 175 24.52 85.12 67.91
C PRO L 175 23.92 85.18 69.31
N GLN L 176 23.01 86.12 69.56
CA GLN L 176 22.46 86.30 70.91
C GLN L 176 21.28 85.37 71.16
N VAL L 177 20.22 85.54 70.38
CA VAL L 177 19.00 84.76 70.56
C VAL L 177 19.30 83.33 70.13
N SER L 178 19.15 82.40 71.07
CA SER L 178 19.45 80.99 70.80
C SER L 178 18.61 80.13 71.72
N THR L 179 17.69 79.36 71.14
CA THR L 179 16.78 78.52 71.89
C THR L 179 17.34 77.13 72.14
N ALA L 180 18.66 76.96 72.06
CA ALA L 180 19.27 75.66 72.26
C ALA L 180 20.66 75.86 72.86
N VAL L 181 21.26 74.76 73.31
CA VAL L 181 22.58 74.79 73.90
C VAL L 181 23.55 73.96 73.06
N VAL L 182 23.04 72.95 72.37
CA VAL L 182 23.86 72.06 71.58
C VAL L 182 23.83 72.44 70.10
N GLU L 183 23.08 73.49 69.74
CA GLU L 183 22.96 73.93 68.36
C GLU L 183 24.28 74.38 67.74
N PRO L 184 25.32 74.74 68.52
CA PRO L 184 26.64 74.86 67.89
C PRO L 184 27.08 73.61 67.14
N TYR L 185 26.97 72.44 67.77
CA TYR L 185 27.49 71.22 67.16
C TYR L 185 26.76 70.87 65.87
N ASN L 186 25.46 70.58 65.97
CA ASN L 186 24.72 70.11 64.80
C ASN L 186 24.66 71.14 63.69
N SER L 187 25.11 72.37 63.94
CA SER L 187 25.30 73.33 62.86
C SER L 187 26.60 73.06 62.11
N VAL L 188 27.69 72.85 62.84
CA VAL L 188 28.99 72.62 62.20
C VAL L 188 28.95 71.38 61.32
N LEU L 189 28.51 70.26 61.89
CA LEU L 189 28.43 69.01 61.13
C LEU L 189 27.62 69.18 59.84
N SER L 190 26.67 70.10 59.84
CA SER L 190 25.81 70.28 58.68
C SER L 190 26.53 70.93 57.52
N THR L 191 27.56 71.73 57.80
CA THR L 191 28.17 72.58 56.78
C THR L 191 28.70 71.76 55.61
N HIS L 192 29.57 70.79 55.90
CA HIS L 192 30.13 69.99 54.82
C HIS L 192 29.04 69.36 53.97
N SER L 193 27.98 68.87 54.61
CA SER L 193 26.92 68.20 53.86
C SER L 193 26.11 69.17 53.03
N LEU L 194 25.96 70.42 53.47
CA LEU L 194 25.32 71.40 52.62
C LEU L 194 26.31 71.94 51.58
N LEU L 195 27.51 72.30 52.02
CA LEU L 195 28.50 72.91 51.14
C LEU L 195 28.69 72.08 49.87
N GLU L 196 29.00 70.80 50.03
CA GLU L 196 29.27 69.96 48.87
C GLU L 196 28.02 69.47 48.16
N HIS L 197 26.82 69.83 48.64
CA HIS L 197 25.65 69.25 48.03
C HIS L 197 24.62 70.28 47.59
N THR L 198 24.53 71.42 48.28
CA THR L 198 23.59 72.44 47.86
C THR L 198 24.23 73.34 46.81
N ASP L 199 23.40 73.80 45.87
CA ASP L 199 23.92 74.64 44.80
C ASP L 199 24.06 76.08 45.25
N VAL L 200 23.00 76.65 45.81
CA VAL L 200 23.02 78.00 46.37
C VAL L 200 22.42 77.93 47.76
N ALA L 201 22.96 78.75 48.67
CA ALA L 201 22.56 78.73 50.07
C ALA L 201 22.26 80.15 50.54
N VAL L 202 20.98 80.50 50.57
CA VAL L 202 20.54 81.73 51.22
C VAL L 202 20.48 81.48 52.72
N MET L 203 20.79 82.50 53.50
CA MET L 203 20.78 82.37 54.95
C MET L 203 19.95 83.48 55.58
N LEU L 204 19.48 83.22 56.79
CA LEU L 204 18.63 84.14 57.52
C LEU L 204 18.52 83.65 58.95
N ASP L 205 18.48 84.58 59.90
CA ASP L 205 18.48 84.26 61.32
C ASP L 205 17.18 84.71 61.97
N ASN L 206 16.79 84.00 63.03
CA ASN L 206 15.56 84.34 63.72
C ASN L 206 15.64 85.68 64.41
N GLU L 207 16.85 86.11 64.79
CA GLU L 207 17.01 87.40 65.45
C GLU L 207 16.93 88.55 64.45
N ALA L 208 17.66 88.44 63.34
CA ALA L 208 17.68 89.51 62.37
C ALA L 208 16.29 89.91 61.93
N ILE L 209 15.39 88.94 61.81
CA ILE L 209 14.02 89.24 61.40
C ILE L 209 13.19 89.72 62.57
N TYR L 210 13.69 89.62 63.80
CA TYR L 210 12.97 90.17 64.94
C TYR L 210 12.99 91.69 64.91
N ASP L 211 14.18 92.28 64.75
CA ASP L 211 14.28 93.73 64.75
C ASP L 211 13.52 94.34 63.59
N ILE L 212 13.54 93.68 62.43
CA ILE L 212 12.75 94.15 61.30
C ILE L 212 11.27 94.14 61.67
N CYS L 213 10.84 93.17 62.48
CA CYS L 213 9.49 93.21 63.00
C CYS L 213 9.32 94.34 64.02
N ARG L 214 10.41 94.71 64.69
CA ARG L 214 10.32 95.77 65.70
C ARG L 214 10.18 97.14 65.06
N ARG L 215 11.17 97.54 64.27
CA ARG L 215 11.16 98.90 63.74
C ARG L 215 10.08 99.08 62.68
N SER L 216 10.07 98.21 61.66
CA SER L 216 9.25 98.46 60.49
C SER L 216 7.79 98.11 60.73
N LEU L 217 7.50 96.84 61.00
CA LEU L 217 6.11 96.43 61.20
C LEU L 217 5.57 96.91 62.53
N ASP L 218 6.43 97.22 63.48
CA ASP L 218 6.04 97.72 64.79
C ASP L 218 5.02 96.80 65.46
N ILE L 219 5.34 95.51 65.49
CA ILE L 219 4.55 94.53 66.21
C ILE L 219 5.39 94.08 67.39
N GLU L 220 5.11 94.65 68.56
CA GLU L 220 5.86 94.30 69.77
C GLU L 220 5.57 92.89 70.27
N ARG L 221 4.62 92.19 69.65
CA ARG L 221 4.33 90.80 69.96
C ARG L 221 4.66 89.94 68.74
N PRO L 222 5.95 89.76 68.43
CA PRO L 222 6.30 88.90 67.29
C PRO L 222 6.49 87.46 67.73
N THR L 223 5.94 86.55 66.92
CA THR L 223 6.15 85.13 67.13
C THR L 223 6.65 84.52 65.84
N TYR L 224 6.74 83.20 65.79
CA TYR L 224 7.18 82.56 64.56
C TYR L 224 6.15 82.70 63.44
N THR L 225 4.87 82.79 63.78
CA THR L 225 3.86 82.96 62.75
C THR L 225 4.03 84.27 62.00
N ASN L 226 4.81 85.21 62.55
CA ASN L 226 5.10 86.44 61.84
C ASN L 226 6.29 86.29 60.91
N LEU L 227 7.37 85.68 61.40
CA LEU L 227 8.58 85.55 60.59
C LEU L 227 8.30 84.72 59.35
N ASN L 228 7.59 83.60 59.51
CA ASN L 228 7.27 82.76 58.38
C ASN L 228 6.50 83.52 57.30
N ARG L 229 5.68 84.48 57.72
CA ARG L 229 4.94 85.30 56.77
C ARG L 229 5.87 86.21 55.97
N LEU L 230 7.11 86.42 56.43
CA LEU L 230 8.05 87.23 55.67
C LEU L 230 8.72 86.40 54.58
N ILE L 231 9.17 85.20 54.91
CA ILE L 231 9.85 84.37 53.93
C ILE L 231 8.94 84.06 52.75
N ALA L 232 7.65 83.91 53.01
CA ALA L 232 6.69 83.76 51.91
C ALA L 232 6.80 84.92 50.94
N GLN L 233 6.90 86.14 51.47
CA GLN L 233 7.01 87.31 50.61
C GLN L 233 8.33 87.37 49.87
N VAL L 234 9.33 86.60 50.31
CA VAL L 234 10.60 86.56 49.58
C VAL L 234 10.47 85.65 48.36
N ILE L 235 10.09 84.40 48.59
CA ILE L 235 10.07 83.41 47.50
C ILE L 235 9.03 83.77 46.46
N SER L 236 7.87 84.30 46.88
CA SER L 236 6.90 84.76 45.89
C SER L 236 7.49 85.84 45.02
N SER L 237 8.29 86.73 45.61
CA SER L 237 9.01 87.74 44.84
C SER L 237 10.16 87.14 44.07
N LEU L 238 10.60 85.95 44.42
CA LEU L 238 11.73 85.32 43.75
C LEU L 238 11.31 84.43 42.59
N THR L 239 10.20 83.70 42.74
CA THR L 239 9.73 82.81 41.70
C THR L 239 8.59 83.41 40.89
N ALA L 240 8.38 84.72 40.96
CA ALA L 240 7.36 85.35 40.14
C ALA L 240 7.68 85.16 38.66
N SER L 241 8.96 85.29 38.29
CA SER L 241 9.37 85.08 36.91
C SER L 241 9.18 83.63 36.46
N LEU L 242 8.93 82.71 37.38
CA LEU L 242 8.63 81.35 36.99
C LEU L 242 7.18 81.18 36.59
N ARG L 243 6.28 82.02 37.10
CA ARG L 243 4.86 81.85 36.83
C ARG L 243 4.11 83.14 36.54
N PHE L 244 4.78 84.27 36.43
CA PHE L 244 4.12 85.54 36.12
C PHE L 244 4.91 86.28 35.05
N ASP L 245 4.21 86.74 34.03
CA ASP L 245 4.85 87.45 32.93
C ASP L 245 5.44 88.76 33.43
N GLY L 246 6.60 89.11 32.89
CA GLY L 246 7.28 90.32 33.29
C GLY L 246 8.58 90.55 32.55
N ALA L 247 8.90 91.80 32.24
CA ALA L 247 10.13 92.12 31.54
C ALA L 247 11.34 91.59 32.32
N LEU L 248 12.39 91.26 31.58
CA LEU L 248 13.61 90.72 32.15
C LEU L 248 13.33 89.49 32.99
N ASN L 249 12.66 88.52 32.37
CA ASN L 249 12.39 87.25 33.03
C ASN L 249 13.70 86.61 33.48
N VAL L 250 13.70 86.06 34.69
CA VAL L 250 14.90 85.50 35.29
C VAL L 250 14.53 84.17 35.95
N ASP L 251 15.20 83.10 35.54
CA ASP L 251 14.95 81.77 36.06
C ASP L 251 16.06 81.39 37.04
N ILE L 252 16.00 80.15 37.51
CA ILE L 252 16.95 79.69 38.51
C ILE L 252 18.34 79.55 37.92
N THR L 253 18.44 78.97 36.73
CA THR L 253 19.74 78.81 36.09
C THR L 253 20.40 80.16 35.85
N GLU L 254 19.66 81.11 35.27
CA GLU L 254 20.17 82.46 35.10
C GLU L 254 20.54 83.09 36.43
N PHE L 255 19.92 82.63 37.51
CA PHE L 255 20.11 83.25 38.82
C PHE L 255 21.47 82.88 39.41
N GLN L 256 21.76 81.58 39.51
CA GLN L 256 23.03 81.17 40.08
C GLN L 256 24.21 81.41 39.13
N THR L 257 23.95 81.49 37.83
CA THR L 257 25.04 81.64 36.86
C THR L 257 25.84 82.90 37.14
N ASN L 258 25.17 84.05 37.17
CA ASN L 258 25.83 85.34 37.36
C ASN L 258 25.74 85.81 38.80
N LEU L 259 25.83 84.88 39.75
CA LEU L 259 25.85 85.23 41.17
C LEU L 259 26.87 84.46 41.99
N VAL L 260 27.34 83.31 41.51
CA VAL L 260 28.23 82.45 42.29
C VAL L 260 29.60 82.40 41.61
N PRO L 261 30.56 83.21 42.04
CA PRO L 261 31.84 83.30 41.31
C PRO L 261 32.63 82.01 41.33
N TYR L 262 32.63 81.28 42.45
CA TYR L 262 33.38 80.05 42.59
C TYR L 262 32.46 78.95 43.12
N PRO L 263 32.77 77.68 42.87
CA PRO L 263 31.91 76.61 43.37
C PRO L 263 31.76 76.63 44.88
N ARG L 264 32.74 77.15 45.60
CA ARG L 264 32.68 77.19 47.05
C ARG L 264 31.76 78.29 47.55
N ILE L 265 31.99 79.52 47.11
CA ILE L 265 31.28 80.66 47.65
C ILE L 265 29.85 80.67 47.11
N HIS L 266 28.92 80.13 47.88
CA HIS L 266 27.52 80.13 47.49
C HIS L 266 26.62 80.47 48.68
N PHE L 267 27.11 81.31 49.59
CA PHE L 267 26.32 81.83 50.69
C PHE L 267 26.01 83.30 50.41
N MET L 268 24.81 83.73 50.78
CA MET L 268 24.37 85.07 50.43
C MET L 268 23.25 85.49 51.35
N LEU L 269 23.02 86.80 51.40
CA LEU L 269 22.05 87.42 52.28
C LEU L 269 20.82 87.84 51.49
N SER L 270 19.81 88.32 52.22
CA SER L 270 18.55 88.70 51.60
C SER L 270 18.05 89.99 52.24
N SER L 271 17.26 90.74 51.47
CA SER L 271 16.70 91.98 51.96
C SER L 271 15.42 92.26 51.19
N TYR L 272 14.34 92.53 51.92
CA TYR L 272 13.08 92.90 51.30
C TYR L 272 12.79 94.36 51.57
N ALA L 273 12.03 94.97 50.68
CA ALA L 273 11.66 96.37 50.81
C ALA L 273 10.53 96.67 49.84
N PRO L 274 9.52 97.45 50.26
CA PRO L 274 9.45 98.07 51.58
C PRO L 274 8.78 97.17 52.60
N ILE L 275 9.00 97.46 53.87
CA ILE L 275 8.36 96.76 54.98
C ILE L 275 7.67 97.82 55.83
N ILE L 276 6.38 98.01 55.61
CA ILE L 276 5.65 99.16 56.16
C ILE L 276 4.26 98.71 56.61
N SER L 277 3.79 99.31 57.69
CA SER L 277 2.45 99.05 58.20
C SER L 277 1.40 99.62 57.25
N ALA L 278 0.14 99.30 57.54
CA ALA L 278 -0.95 99.72 56.67
C ALA L 278 -1.28 101.20 56.81
N GLU L 279 -0.63 101.92 57.71
CA GLU L 279 -0.93 103.33 57.94
C GLU L 279 0.18 104.26 57.49
N LYS L 280 1.45 103.88 57.69
CA LYS L 280 2.55 104.70 57.17
C LYS L 280 2.59 104.67 55.65
N ALA L 281 2.00 103.65 55.02
CA ALA L 281 1.84 103.65 53.57
C ALA L 281 1.04 104.85 53.09
N TYR L 282 0.33 105.53 54.00
CA TYR L 282 -0.33 106.78 53.65
C TYR L 282 0.58 107.98 53.90
N HIS L 283 1.58 107.85 54.76
CA HIS L 283 2.63 108.85 54.90
C HIS L 283 3.82 108.56 54.03
N GLU L 284 3.59 108.30 52.74
CA GLU L 284 4.69 107.74 51.95
C GLU L 284 4.35 107.77 50.47
N GLN L 285 5.40 107.62 49.64
CA GLN L 285 5.27 107.49 48.19
C GLN L 285 5.95 106.24 47.62
N LEU L 286 7.02 105.74 48.23
CA LEU L 286 7.63 104.45 47.89
C LEU L 286 8.12 104.43 46.44
N SER L 287 8.95 105.41 46.10
CA SER L 287 9.53 105.46 44.77
C SER L 287 10.54 104.33 44.59
N VAL L 288 10.77 103.96 43.33
CA VAL L 288 11.67 102.84 43.04
C VAL L 288 13.08 103.15 43.53
N ALA L 289 13.47 104.42 43.54
CA ALA L 289 14.80 104.78 44.02
C ALA L 289 14.86 104.72 45.54
N GLU L 290 13.79 105.12 46.22
CA GLU L 290 13.75 105.01 47.67
C GLU L 290 13.78 103.56 48.13
N ILE L 291 12.97 102.71 47.51
CA ILE L 291 12.91 101.31 47.93
C ILE L 291 14.27 100.65 47.80
N THR L 292 14.92 100.81 46.65
CA THR L 292 16.20 100.15 46.43
C THR L 292 17.30 100.69 47.33
N ASN L 293 17.13 101.89 47.88
CA ASN L 293 18.06 102.37 48.88
C ASN L 293 17.84 101.67 50.21
N ALA L 294 16.58 101.47 50.59
CA ALA L 294 16.28 100.70 51.78
C ALA L 294 16.55 99.22 51.61
N ALA L 295 16.70 98.74 50.38
CA ALA L 295 17.06 97.35 50.16
C ALA L 295 18.53 97.10 50.49
N PHE L 296 19.42 97.96 50.00
CA PHE L 296 20.84 97.88 50.33
C PHE L 296 21.13 98.36 51.75
N GLU L 297 20.12 98.84 52.47
CA GLU L 297 20.32 99.26 53.84
C GLU L 297 20.72 98.06 54.70
N PRO L 298 21.74 98.18 55.54
CA PRO L 298 22.12 97.04 56.39
C PRO L 298 21.05 96.64 57.38
N ALA L 299 20.27 97.61 57.87
CA ALA L 299 19.23 97.30 58.85
C ALA L 299 18.12 96.45 58.24
N SER L 300 17.95 96.52 56.91
CA SER L 300 16.95 95.70 56.23
C SER L 300 17.51 94.36 55.77
N MET L 301 18.63 93.93 56.31
CA MET L 301 19.15 92.60 56.00
C MET L 301 18.44 91.55 56.84
N MET L 302 18.30 90.35 56.28
CA MET L 302 17.69 89.25 56.99
C MET L 302 18.71 88.39 57.73
N VAL L 303 19.93 88.86 57.88
CA VAL L 303 20.97 88.18 58.64
C VAL L 303 21.66 89.22 59.52
N LYS L 304 22.06 88.81 60.73
CA LYS L 304 22.79 89.70 61.62
C LYS L 304 24.26 89.73 61.20
N CYS L 305 24.49 90.39 60.07
CA CYS L 305 25.82 90.61 59.54
C CYS L 305 25.92 92.06 59.10
N ASP L 306 27.15 92.51 58.87
CA ASP L 306 27.38 93.90 58.52
C ASP L 306 27.99 93.98 57.12
N PRO L 307 27.27 94.53 56.14
CA PRO L 307 27.84 94.62 54.79
C PRO L 307 28.97 95.63 54.66
N ARG L 308 29.06 96.59 55.57
CA ARG L 308 30.10 97.61 55.50
C ARG L 308 31.42 97.13 56.09
N HIS L 309 31.53 95.85 56.47
CA HIS L 309 32.80 95.26 56.84
C HIS L 309 33.42 94.46 55.71
N GLY L 310 32.65 94.14 54.67
CA GLY L 310 33.17 93.38 53.55
C GLY L 310 32.84 94.04 52.23
N LYS L 311 32.86 93.27 51.16
CA LYS L 311 32.70 93.79 49.81
C LYS L 311 31.68 92.98 49.05
N TYR L 312 30.91 93.64 48.20
CA TYR L 312 29.89 92.98 47.41
C TYR L 312 30.54 92.33 46.19
N MET L 313 30.36 91.02 46.05
CA MET L 313 30.88 90.32 44.89
C MET L 313 29.84 90.18 43.78
N ALA L 314 28.56 90.23 44.12
CA ALA L 314 27.47 90.16 43.17
C ALA L 314 26.17 90.44 43.90
N CYS L 315 25.20 90.98 43.17
CA CYS L 315 23.89 91.26 43.72
C CYS L 315 22.82 90.89 42.71
N CYS L 316 21.70 90.38 43.21
CA CYS L 316 20.54 90.12 42.38
C CYS L 316 19.40 91.00 42.88
N LEU L 317 18.44 91.24 42.01
CA LEU L 317 17.34 92.17 42.32
C LEU L 317 16.09 91.68 41.63
N MET L 318 15.06 91.38 42.41
CA MET L 318 13.75 91.01 41.89
C MET L 318 12.79 92.14 42.24
N TYR L 319 12.51 93.01 41.28
CA TYR L 319 11.51 94.03 41.53
C TYR L 319 10.12 93.48 41.22
N ARG L 320 9.11 94.22 41.65
CA ARG L 320 7.75 93.71 41.56
C ARG L 320 6.79 94.88 41.64
N GLY L 321 5.89 95.00 40.67
CA GLY L 321 4.90 96.06 40.69
C GLY L 321 5.04 97.01 39.52
N ASP L 322 4.48 98.21 39.66
CA ASP L 322 4.55 99.19 38.59
C ASP L 322 5.97 99.73 38.48
N VAL L 323 6.84 98.99 37.81
CA VAL L 323 8.26 99.33 37.68
C VAL L 323 8.64 99.22 36.22
N VAL L 324 9.48 100.14 35.76
CA VAL L 324 9.98 100.16 34.38
C VAL L 324 11.50 100.15 34.42
N PRO L 325 12.17 99.57 33.41
CA PRO L 325 13.63 99.44 33.48
C PRO L 325 14.37 100.76 33.54
N LYS L 326 13.85 101.82 32.90
CA LYS L 326 14.50 103.12 32.94
C LYS L 326 14.75 103.59 34.37
N ASP L 327 13.89 103.17 35.31
CA ASP L 327 14.03 103.59 36.69
C ASP L 327 15.00 102.68 37.44
N VAL L 328 15.06 101.40 37.08
CA VAL L 328 16.01 100.49 37.71
C VAL L 328 17.44 100.93 37.43
N ASN L 329 17.78 101.08 36.15
CA ASN L 329 19.13 101.47 35.77
C ASN L 329 19.52 102.84 36.31
N ALA L 330 18.53 103.69 36.63
CA ALA L 330 18.84 105.02 37.13
C ALA L 330 19.23 104.97 38.61
N SER L 331 18.43 104.29 39.42
CA SER L 331 18.73 104.22 40.85
C SER L 331 19.98 103.38 41.12
N VAL L 332 20.12 102.26 40.41
CA VAL L 332 21.33 101.46 40.53
C VAL L 332 22.56 102.29 40.19
N ALA L 333 22.43 103.21 39.24
CA ALA L 333 23.56 104.07 38.90
C ALA L 333 23.99 104.93 40.07
N THR L 334 23.06 105.36 40.92
CA THR L 334 23.43 106.15 42.08
C THR L 334 24.25 105.34 43.06
N ILE L 335 23.79 104.12 43.38
CA ILE L 335 24.47 103.29 44.37
C ILE L 335 25.89 102.99 43.92
N LYS L 336 26.09 102.76 42.63
CA LYS L 336 27.44 102.52 42.13
C LYS L 336 28.37 103.69 42.43
N THR L 337 27.82 104.90 42.54
CA THR L 337 28.62 106.05 42.91
C THR L 337 28.77 106.18 44.42
N LYS L 338 27.86 105.61 45.20
CA LYS L 338 27.92 105.71 46.65
C LYS L 338 29.20 105.07 47.16
N ARG L 339 29.89 105.79 48.06
CA ARG L 339 31.15 105.29 48.58
C ARG L 339 30.97 104.33 49.75
N THR L 340 29.88 104.50 50.52
CA THR L 340 29.60 103.58 51.61
C THR L 340 29.55 102.14 51.13
N ILE L 341 29.11 101.92 49.90
CA ILE L 341 28.97 100.58 49.33
C ILE L 341 30.23 100.28 48.53
N GLN L 342 30.95 99.25 48.94
CA GLN L 342 32.14 98.81 48.24
C GLN L 342 31.79 97.72 47.23
N PHE L 343 32.75 97.44 46.35
CA PHE L 343 32.65 96.33 45.43
C PHE L 343 34.05 95.80 45.20
N VAL L 344 34.21 94.47 45.24
CA VAL L 344 35.51 93.88 44.98
C VAL L 344 35.92 94.24 43.55
N ASP L 345 37.23 94.35 43.35
CA ASP L 345 37.75 94.98 42.13
C ASP L 345 37.28 94.26 40.88
N TRP L 346 37.19 92.93 40.92
CA TRP L 346 37.01 92.16 39.71
C TRP L 346 35.55 91.99 39.32
N CYS L 347 34.67 92.92 39.70
CA CYS L 347 33.32 92.95 39.16
C CYS L 347 32.93 94.40 38.91
N PRO L 348 33.27 94.93 37.74
CA PRO L 348 32.72 96.24 37.35
C PRO L 348 31.22 96.18 37.16
N THR L 349 30.73 95.04 36.69
CA THR L 349 29.31 94.71 36.73
C THR L 349 28.97 94.26 38.14
N GLY L 350 27.85 93.58 38.33
CA GLY L 350 27.50 93.20 39.68
C GLY L 350 26.02 93.26 39.98
N PHE L 351 25.20 93.47 38.96
CA PHE L 351 23.76 93.45 39.16
C PHE L 351 23.09 92.64 38.06
N LYS L 352 22.30 91.65 38.47
CA LYS L 352 21.36 90.98 37.58
C LYS L 352 19.97 91.34 38.09
N CYS L 353 19.24 92.15 37.32
CA CYS L 353 17.99 92.72 37.77
C CYS L 353 16.81 92.05 37.09
N GLY L 354 15.74 91.86 37.84
CA GLY L 354 14.54 91.23 37.31
C GLY L 354 13.32 92.07 37.63
N ILE L 355 12.33 91.98 36.75
CA ILE L 355 11.11 92.76 36.87
C ILE L 355 9.92 91.80 36.75
N ASN L 356 8.85 92.11 37.47
CA ASN L 356 7.62 91.34 37.37
C ASN L 356 6.43 92.27 37.50
N TYR L 357 5.55 92.24 36.50
CA TYR L 357 4.38 93.11 36.51
C TYR L 357 3.39 92.75 37.60
N GLN L 358 3.51 91.57 38.19
CA GLN L 358 2.54 91.13 39.19
C GLN L 358 3.00 91.60 40.56
N PRO L 359 2.33 92.56 41.19
CA PRO L 359 2.74 93.01 42.51
C PRO L 359 2.58 91.90 43.53
N PRO L 360 3.23 92.02 44.69
CA PRO L 360 3.01 91.02 45.75
C PRO L 360 1.59 91.09 46.26
N THR L 361 1.10 89.95 46.75
CA THR L 361 -0.23 89.85 47.31
C THR L 361 -0.17 89.86 48.82
N VAL L 362 -1.21 90.41 49.43
CA VAL L 362 -1.30 90.55 50.88
C VAL L 362 -2.26 89.50 51.41
N VAL L 363 -1.89 88.88 52.53
CA VAL L 363 -2.75 87.88 53.16
C VAL L 363 -3.73 88.59 54.08
N PRO L 364 -5.03 88.26 54.01
CA PRO L 364 -5.97 88.81 54.99
C PRO L 364 -5.53 88.49 56.40
N GLY L 365 -5.65 89.48 57.28
CA GLY L 365 -5.06 89.35 58.60
C GLY L 365 -3.55 89.44 58.63
N GLY L 366 -2.92 89.78 57.49
CA GLY L 366 -1.50 89.99 57.47
C GLY L 366 -1.11 91.35 57.98
N ASP L 367 0.21 91.54 58.11
CA ASP L 367 0.73 92.75 58.74
C ASP L 367 1.35 93.74 57.77
N LEU L 368 1.64 93.34 56.54
CA LEU L 368 2.19 94.27 55.57
C LEU L 368 1.07 95.12 54.98
N ALA L 369 1.43 96.00 54.05
CA ALA L 369 0.49 96.91 53.41
C ALA L 369 0.32 96.55 51.95
N LYS L 370 -0.89 96.77 51.43
CA LYS L 370 -1.11 96.57 49.99
C LYS L 370 -0.35 97.63 49.22
N VAL L 371 0.71 97.21 48.54
CA VAL L 371 1.60 98.11 47.82
C VAL L 371 1.73 97.65 46.39
N GLN L 372 1.92 98.61 45.48
CA GLN L 372 2.11 98.33 44.07
C GLN L 372 3.58 98.40 43.65
N ARG L 373 4.51 98.31 44.61
CA ARG L 373 5.93 98.30 44.33
C ARG L 373 6.65 97.61 45.46
N ALA L 374 7.64 96.78 45.12
CA ALA L 374 8.38 96.04 46.12
C ALA L 374 9.70 95.59 45.53
N VAL L 375 10.66 95.32 46.40
CA VAL L 375 12.01 94.94 46.00
C VAL L 375 12.50 93.85 46.93
N CYS L 376 13.03 92.77 46.37
CA CYS L 376 13.66 91.71 47.14
C CYS L 376 15.08 91.51 46.63
N MET L 377 16.05 91.89 47.45
CA MET L 377 17.44 91.85 47.06
C MET L 377 18.13 90.61 47.64
N ILE L 378 19.02 90.02 46.86
CA ILE L 378 19.86 88.93 47.32
C ILE L 378 21.27 89.20 46.83
N SER L 379 22.22 89.30 47.76
CA SER L 379 23.58 89.70 47.43
C SER L 379 24.57 88.68 47.98
N ASN L 380 25.52 88.29 47.14
CA ASN L 380 26.61 87.40 47.56
C ASN L 380 27.77 88.28 48.00
N SER L 381 27.85 88.56 49.29
CA SER L 381 28.89 89.41 49.84
C SER L 381 29.92 88.57 50.59
N THR L 382 31.12 89.13 50.73
CA THR L 382 32.17 88.49 51.48
C THR L 382 32.16 88.88 52.95
N ALA L 383 31.30 89.82 53.34
CA ALA L 383 31.16 90.15 54.75
C ALA L 383 30.53 89.01 55.54
N ILE L 384 29.88 88.06 54.87
CA ILE L 384 29.23 86.95 55.53
C ILE L 384 30.22 86.06 56.27
N GLY L 385 31.52 86.28 56.09
CA GLY L 385 32.51 85.55 56.87
C GLY L 385 32.50 85.85 58.34
N GLU L 386 31.68 86.82 58.77
CA GLU L 386 31.57 87.12 60.20
C GLU L 386 30.69 86.09 60.91
N ILE L 387 29.43 85.99 60.49
CA ILE L 387 28.47 85.09 61.11
C ILE L 387 28.99 83.67 61.03
N PHE L 388 29.95 83.44 60.15
CA PHE L 388 30.56 82.13 60.00
C PHE L 388 31.70 81.89 60.97
N SER L 389 32.14 82.92 61.70
CA SER L 389 33.24 82.78 62.64
C SER L 389 32.79 82.62 64.08
N ARG L 390 31.65 83.21 64.44
CA ARG L 390 31.14 83.02 65.79
C ARG L 390 30.92 81.54 66.08
N LEU L 391 30.40 80.80 65.09
CA LEU L 391 30.26 79.36 65.24
C LEU L 391 31.60 78.69 65.45
N ASP L 392 32.63 79.14 64.72
CA ASP L 392 33.97 78.62 64.92
C ASP L 392 34.45 78.85 66.36
N HIS L 393 33.99 79.92 66.99
CA HIS L 393 34.46 80.24 68.33
C HIS L 393 33.74 79.41 69.38
N LYS L 394 32.40 79.40 69.35
CA LYS L 394 31.64 78.67 70.36
C LYS L 394 31.88 77.18 70.29
N PHE L 395 31.97 76.63 69.07
CA PHE L 395 32.23 75.20 68.93
C PHE L 395 33.51 74.80 69.65
N ASP L 396 34.61 75.50 69.38
CA ASP L 396 35.85 75.19 70.04
C ASP L 396 35.79 75.50 71.53
N LEU L 397 34.94 76.44 71.93
CA LEU L 397 34.80 76.77 73.34
C LEU L 397 34.28 75.59 74.14
N MET L 398 33.34 74.84 73.57
CA MET L 398 32.79 73.68 74.26
C MET L 398 33.56 72.41 73.95
N TYR L 399 33.98 72.21 72.70
CA TYR L 399 34.63 70.97 72.32
C TYR L 399 35.96 70.75 73.01
N ALA L 400 36.54 71.79 73.61
CA ALA L 400 37.77 71.60 74.37
C ALA L 400 37.55 70.87 75.69
N LYS L 401 36.31 70.51 75.99
CA LYS L 401 35.99 69.79 77.22
C LYS L 401 35.25 68.49 76.97
N ARG L 402 35.00 68.13 75.71
CA ARG L 402 34.25 66.93 75.35
C ARG L 402 32.85 66.94 75.96
N ALA L 403 32.30 68.13 76.18
CA ALA L 403 30.96 68.23 76.73
C ALA L 403 29.93 67.79 75.70
N PHE L 404 28.88 67.14 76.17
CA PHE L 404 27.78 66.65 75.35
C PHE L 404 28.23 65.63 74.30
N VAL L 405 29.46 65.16 74.37
CA VAL L 405 29.96 64.28 73.33
C VAL L 405 29.37 62.89 73.46
N HIS L 406 29.25 62.38 74.69
CA HIS L 406 28.77 61.02 74.90
C HIS L 406 27.42 60.77 74.25
N TRP L 407 26.66 61.82 73.96
CA TRP L 407 25.43 61.66 73.19
C TRP L 407 25.73 61.36 71.74
N TYR L 408 26.57 62.18 71.11
CA TYR L 408 26.85 62.01 69.69
C TYR L 408 27.54 60.68 69.43
N VAL L 409 28.62 60.39 70.17
CA VAL L 409 29.33 59.13 69.96
C VAL L 409 28.48 57.96 70.40
N GLY L 410 27.58 58.16 71.36
CA GLY L 410 26.72 57.08 71.78
C GLY L 410 25.63 56.71 70.81
N GLU L 411 25.58 57.35 69.63
CA GLU L 411 24.54 57.08 68.65
C GLU L 411 25.15 56.84 67.28
N GLY L 412 26.20 56.01 67.22
CA GLY L 412 26.77 55.64 65.94
C GLY L 412 27.62 56.72 65.31
N MET L 413 28.50 57.32 66.10
CA MET L 413 29.48 58.26 65.59
C MET L 413 30.79 58.04 66.32
N GLU L 414 31.83 58.72 65.85
CA GLU L 414 33.12 58.74 66.51
C GLU L 414 33.56 60.20 66.65
N GLU L 415 34.82 60.39 67.03
CA GLU L 415 35.31 61.74 67.27
C GLU L 415 35.79 62.43 66.00
N GLY L 416 36.18 61.67 64.98
CA GLY L 416 36.72 62.28 63.79
C GLY L 416 35.74 63.22 63.10
N GLU L 417 34.46 62.90 63.17
CA GLU L 417 33.46 63.75 62.53
C GLU L 417 33.53 65.19 63.02
N PHE L 418 34.00 65.41 64.23
CA PHE L 418 34.11 66.77 64.73
C PHE L 418 35.26 67.51 64.06
N SER L 419 36.43 66.87 63.96
CA SER L 419 37.59 67.56 63.41
C SER L 419 37.43 67.84 61.91
N GLU L 420 36.94 66.87 61.15
CA GLU L 420 36.62 67.13 59.74
C GLU L 420 35.72 68.36 59.61
N ALA L 421 34.53 68.27 60.19
CA ALA L 421 33.58 69.37 60.08
C ALA L 421 34.10 70.64 60.71
N ARG L 422 35.08 70.53 61.61
CA ARG L 422 35.70 71.72 62.18
C ARG L 422 36.61 72.39 61.15
N GLU L 423 37.48 71.61 60.51
CA GLU L 423 38.40 72.18 59.54
C GLU L 423 37.66 72.71 58.32
N ASP L 424 36.60 72.01 57.89
CA ASP L 424 35.80 72.47 56.76
C ASP L 424 35.34 73.91 56.95
N LEU L 425 35.21 74.35 58.20
CA LEU L 425 34.93 75.76 58.46
C LEU L 425 36.20 76.59 58.38
N ALA L 426 37.31 76.06 58.90
CA ALA L 426 38.57 76.78 58.86
C ALA L 426 38.97 77.10 57.42
N ALA L 427 38.98 76.08 56.56
CA ALA L 427 39.29 76.31 55.16
C ALA L 427 38.31 77.29 54.53
N LEU L 428 37.03 77.15 54.84
CA LEU L 428 36.03 78.05 54.27
C LEU L 428 36.19 79.47 54.79
N GLU L 429 36.83 79.65 55.94
CA GLU L 429 37.06 81.00 56.44
C GLU L 429 38.02 81.77 55.55
N LYS L 430 39.18 81.18 55.25
CA LYS L 430 40.19 81.91 54.48
C LYS L 430 39.69 82.21 53.08
N ASP L 431 38.88 81.34 52.50
CA ASP L 431 38.30 81.62 51.19
C ASP L 431 37.56 82.95 51.20
N PHE L 432 36.92 83.29 52.30
CA PHE L 432 36.21 84.56 52.41
C PHE L 432 37.15 85.75 52.60
N GLU L 433 38.46 85.52 52.69
CA GLU L 433 39.46 86.57 52.56
C GLU L 433 40.32 86.41 51.33
N GLU L 434 40.48 85.17 50.84
CA GLU L 434 41.16 84.96 49.57
C GLU L 434 40.49 85.76 48.45
N VAL L 435 39.17 85.61 48.30
CA VAL L 435 38.44 86.30 47.25
C VAL L 435 38.50 87.81 47.42
N GLY L 436 38.78 88.29 48.62
CA GLY L 436 39.01 89.71 48.83
C GLY L 436 40.47 90.05 48.63
N ALA L 437 41.05 89.57 47.53
CA ALA L 437 42.48 89.72 47.31
C ALA L 437 42.86 91.18 47.11
N GLU L 438 42.25 91.83 46.13
CA GLU L 438 42.53 93.23 45.80
C GLU L 438 44.01 93.41 45.41
N SER L 439 44.38 92.76 44.32
CA SER L 439 45.71 92.95 43.73
C SER L 439 45.63 93.03 42.22
N MET M 1 17.27 106.16 -43.61
CA MET M 1 18.42 105.94 -44.48
C MET M 1 19.69 106.45 -43.81
N ARG M 2 19.55 107.57 -43.09
CA ARG M 2 20.65 108.14 -42.32
C ARG M 2 20.43 107.73 -40.87
N GLU M 3 20.84 106.51 -40.54
CA GLU M 3 20.42 105.82 -39.34
C GLU M 3 21.55 105.68 -38.33
N VAL M 4 21.19 105.69 -37.05
CA VAL M 4 22.12 105.52 -35.95
C VAL M 4 21.52 104.54 -34.95
N ILE M 5 22.34 104.13 -33.98
CA ILE M 5 21.92 103.18 -32.94
C ILE M 5 22.30 103.78 -31.60
N SER M 6 21.32 103.95 -30.72
CA SER M 6 21.51 104.62 -29.44
C SER M 6 21.51 103.59 -28.32
N ILE M 7 22.59 103.54 -27.56
CA ILE M 7 22.76 102.58 -26.47
C ILE M 7 22.78 103.33 -25.14
N HIS M 8 22.08 102.79 -24.15
CA HIS M 8 22.07 103.37 -22.81
C HIS M 8 22.48 102.31 -21.81
N ILE M 9 23.47 102.63 -20.99
CA ILE M 9 24.01 101.68 -20.01
C ILE M 9 23.91 102.30 -18.62
N GLY M 10 23.64 101.46 -17.64
CA GLY M 10 23.59 101.90 -16.26
C GLY M 10 22.38 102.78 -15.96
N GLN M 11 22.32 103.24 -14.72
CA GLN M 11 21.19 104.05 -14.30
C GLN M 11 21.21 105.42 -14.98
N ALA M 12 22.37 106.06 -15.04
CA ALA M 12 22.45 107.35 -15.72
C ALA M 12 22.06 107.20 -17.19
N GLY M 13 22.60 106.19 -17.86
CA GLY M 13 22.25 105.97 -19.24
C GLY M 13 20.74 105.84 -19.45
N ILE M 14 20.06 105.18 -18.52
CA ILE M 14 18.61 105.05 -18.64
C ILE M 14 17.92 106.32 -18.18
N GLN M 15 18.46 106.96 -17.14
CA GLN M 15 17.87 108.21 -16.69
C GLN M 15 18.00 109.33 -17.73
N VAL M 16 18.92 109.22 -18.68
CA VAL M 16 18.95 110.20 -19.77
C VAL M 16 18.15 109.64 -20.93
N GLY M 17 18.10 108.31 -21.06
CA GLY M 17 17.32 107.70 -22.12
C GLY M 17 15.86 108.07 -22.06
N ASN M 18 15.32 108.24 -20.85
CA ASN M 18 13.96 108.74 -20.71
C ASN M 18 13.86 110.18 -21.21
N ALA M 19 14.92 110.97 -21.03
CA ALA M 19 14.88 112.37 -21.43
C ALA M 19 14.93 112.50 -22.95
N CYS M 20 15.95 111.92 -23.57
CA CYS M 20 16.09 112.02 -25.02
C CYS M 20 14.88 111.42 -25.74
N TRP M 21 14.48 110.22 -25.34
CA TRP M 21 13.40 109.57 -26.04
C TRP M 21 12.03 110.17 -25.74
N GLU M 22 11.93 111.00 -24.70
CA GLU M 22 10.76 111.87 -24.58
C GLU M 22 10.85 113.04 -25.55
N LEU M 23 12.06 113.42 -25.94
CA LEU M 23 12.23 114.57 -26.82
C LEU M 23 11.91 114.20 -28.26
N TYR M 24 12.45 113.09 -28.74
CA TYR M 24 12.24 112.72 -30.14
C TYR M 24 10.79 112.38 -30.42
N CYS M 25 10.16 111.56 -29.56
CA CYS M 25 8.74 111.30 -29.69
C CYS M 25 7.95 112.59 -29.79
N LEU M 26 8.46 113.65 -29.16
CA LEU M 26 7.83 114.96 -29.27
C LEU M 26 8.28 115.70 -30.52
N GLU M 27 9.53 115.52 -30.92
CA GLU M 27 10.08 116.25 -32.05
C GLU M 27 9.55 115.75 -33.39
N HIS M 28 8.90 114.59 -33.43
CA HIS M 28 8.31 114.07 -34.66
C HIS M 28 6.83 113.76 -34.50
N GLY M 29 6.16 114.39 -33.53
CA GLY M 29 4.75 114.18 -33.34
C GLY M 29 4.36 112.76 -32.99
N ILE M 30 5.29 111.95 -32.52
CA ILE M 30 5.02 110.56 -32.19
C ILE M 30 4.30 110.51 -30.84
N GLN M 31 3.07 110.01 -30.85
CA GLN M 31 2.36 109.81 -29.61
C GLN M 31 3.08 108.76 -28.77
N PRO M 32 2.98 108.83 -27.44
CA PRO M 32 3.59 107.79 -26.59
C PRO M 32 3.08 106.39 -26.88
N ASP M 33 1.92 106.25 -27.50
CA ASP M 33 1.41 104.93 -27.89
C ASP M 33 1.91 104.53 -29.28
N GLY M 34 3.18 104.79 -29.55
CA GLY M 34 3.80 104.32 -30.77
C GLY M 34 3.44 105.11 -32.00
N GLN M 35 2.18 105.03 -32.43
CA GLN M 35 1.79 105.59 -33.70
C GLN M 35 1.58 107.10 -33.58
N MET M 36 1.34 107.75 -34.72
CA MET M 36 1.09 109.17 -34.82
C MET M 36 -0.24 109.40 -35.54
N PRO M 37 -0.93 110.52 -35.25
CA PRO M 37 -2.23 110.78 -35.87
C PRO M 37 -2.16 110.92 -37.39
N ASP M 46 8.25 110.73 -45.23
CA ASP M 46 9.10 109.79 -44.51
C ASP M 46 10.50 110.38 -44.36
N ASP M 47 11.50 109.50 -44.21
CA ASP M 47 12.91 109.86 -44.10
C ASP M 47 13.16 110.79 -42.91
N ALA M 48 12.14 111.03 -42.10
CA ALA M 48 12.26 111.90 -40.93
C ALA M 48 12.41 111.10 -39.65
N PHE M 49 11.43 110.24 -39.35
CA PHE M 49 11.53 109.37 -38.19
C PHE M 49 12.47 108.20 -38.42
N ASN M 50 12.78 107.90 -39.68
CA ASN M 50 13.54 106.71 -40.01
C ASN M 50 14.95 106.72 -39.45
N THR M 51 15.40 107.86 -38.90
CA THR M 51 16.71 107.89 -38.27
C THR M 51 16.70 107.15 -36.93
N PHE M 52 15.59 107.22 -36.19
CA PHE M 52 15.53 106.66 -34.85
C PHE M 52 14.43 105.61 -34.69
N PHE M 53 13.74 105.22 -35.76
CA PHE M 53 12.57 104.39 -35.59
C PHE M 53 12.53 103.35 -36.70
N SER M 54 11.45 102.57 -36.71
CA SER M 54 11.23 101.54 -37.72
C SER M 54 9.73 101.40 -37.92
N GLU M 55 9.20 102.10 -38.92
CA GLU M 55 7.77 102.03 -39.20
C GLU M 55 7.38 100.61 -39.56
N THR M 56 6.66 99.94 -38.67
CA THR M 56 6.22 98.59 -38.94
C THR M 56 5.17 98.62 -40.05
N GLY M 57 4.74 97.42 -40.47
CA GLY M 57 3.81 97.32 -41.57
C GLY M 57 2.51 98.06 -41.36
N ALA M 58 2.19 98.47 -40.13
CA ALA M 58 0.92 99.13 -39.87
C ALA M 58 1.09 100.07 -38.66
N GLY M 59 1.37 101.33 -38.96
CA GLY M 59 1.19 102.39 -37.98
C GLY M 59 2.31 102.66 -37.00
N LYS M 60 2.73 101.66 -36.23
CA LYS M 60 3.56 101.89 -35.06
C LYS M 60 5.02 102.16 -35.43
N HIS M 61 5.65 103.03 -34.66
CA HIS M 61 7.07 103.38 -34.82
C HIS M 61 7.82 102.92 -33.58
N VAL M 62 8.70 101.93 -33.74
CA VAL M 62 9.49 101.39 -32.64
C VAL M 62 10.84 102.10 -32.61
N PRO M 63 11.30 102.58 -31.45
CA PRO M 63 12.62 103.22 -31.40
C PRO M 63 13.73 102.21 -31.58
N ARG M 64 14.80 102.66 -32.22
CA ARG M 64 15.98 101.83 -32.40
C ARG M 64 17.03 102.16 -31.34
N CYS M 65 16.65 101.90 -30.09
CA CYS M 65 17.52 102.06 -28.94
C CYS M 65 17.53 100.78 -28.13
N ILE M 66 18.41 100.73 -27.14
CA ILE M 66 18.49 99.59 -26.25
C ILE M 66 18.90 100.04 -24.85
N PHE M 67 18.03 99.80 -23.88
CA PHE M 67 18.28 100.18 -22.49
C PHE M 67 18.85 98.96 -21.77
N LEU M 68 20.12 99.05 -21.41
CA LEU M 68 20.83 97.94 -20.79
C LEU M 68 21.20 98.31 -19.36
N ASP M 69 20.91 97.42 -18.42
CA ASP M 69 21.18 97.68 -17.01
C ASP M 69 21.05 96.36 -16.25
N LEU M 70 21.45 96.39 -14.99
CA LEU M 70 21.40 95.21 -14.13
C LEU M 70 20.36 95.31 -13.01
N GLU M 71 20.16 96.47 -12.42
CA GLU M 71 19.08 96.59 -11.43
C GLU M 71 17.73 96.57 -12.14
N PRO M 72 16.80 95.75 -11.68
CA PRO M 72 15.45 95.79 -12.29
C PRO M 72 14.67 97.02 -11.92
N THR M 73 15.12 97.81 -10.93
CA THR M 73 14.30 98.84 -10.35
C THR M 73 14.10 100.05 -11.23
N VAL M 74 14.85 100.19 -12.32
CA VAL M 74 14.67 101.31 -13.24
C VAL M 74 13.96 100.88 -14.51
N VAL M 75 14.30 99.71 -15.05
CA VAL M 75 13.71 99.27 -16.30
C VAL M 75 12.26 98.88 -16.11
N ASP M 76 11.86 98.49 -14.90
CA ASP M 76 10.46 98.17 -14.66
C ASP M 76 9.61 99.44 -14.63
N GLU M 77 10.17 100.53 -14.11
CA GLU M 77 9.46 101.81 -14.15
C GLU M 77 9.14 102.19 -15.59
N VAL M 78 10.10 102.03 -16.50
CA VAL M 78 9.83 102.26 -17.91
C VAL M 78 8.76 101.30 -18.41
N ARG M 79 8.75 100.07 -17.89
CA ARG M 79 7.73 99.11 -18.28
C ARG M 79 6.36 99.47 -17.71
N THR M 80 6.30 100.34 -16.70
CA THR M 80 5.03 100.82 -16.19
C THR M 80 4.77 102.29 -16.47
N GLY M 81 5.80 103.05 -16.85
CA GLY M 81 5.62 104.44 -17.19
C GLY M 81 4.76 104.63 -18.42
N THR M 82 4.51 105.88 -18.79
CA THR M 82 3.70 106.15 -19.97
C THR M 82 4.38 105.65 -21.24
N TYR M 83 5.71 105.58 -21.25
CA TYR M 83 6.45 105.14 -22.44
C TYR M 83 6.70 103.64 -22.39
N ARG M 84 5.63 102.88 -22.18
CA ARG M 84 5.71 101.43 -22.14
C ARG M 84 5.22 100.76 -23.42
N GLN M 85 4.24 101.35 -24.10
CA GLN M 85 3.85 100.83 -25.40
C GLN M 85 4.94 101.04 -26.44
N LEU M 86 5.84 101.99 -26.22
CA LEU M 86 6.88 102.31 -27.20
C LEU M 86 7.83 101.17 -27.46
N PHE M 87 8.59 100.80 -26.42
CA PHE M 87 9.75 99.95 -26.62
C PHE M 87 9.35 98.52 -26.90
N HIS M 88 10.01 97.92 -27.88
CA HIS M 88 9.96 96.48 -28.02
C HIS M 88 10.41 95.86 -26.70
N PRO M 89 9.59 95.00 -26.07
CA PRO M 89 9.93 94.54 -24.72
C PRO M 89 11.29 93.85 -24.63
N GLU M 90 11.77 93.25 -25.72
CA GLU M 90 13.05 92.56 -25.66
C GLU M 90 14.23 93.52 -25.69
N GLN M 91 14.03 94.76 -26.10
CA GLN M 91 15.13 95.71 -26.10
C GLN M 91 15.52 96.11 -24.69
N LEU M 92 14.53 96.36 -23.84
CA LEU M 92 14.79 96.73 -22.45
C LEU M 92 15.36 95.52 -21.71
N ILE M 93 16.67 95.54 -21.47
CA ILE M 93 17.37 94.42 -20.85
C ILE M 93 17.64 94.76 -19.39
N SER M 94 17.33 93.84 -18.50
CA SER M 94 17.54 94.04 -17.07
C SER M 94 17.88 92.69 -16.44
N GLY M 95 18.78 92.73 -15.47
CA GLY M 95 19.23 91.53 -14.78
C GLY M 95 18.54 91.35 -13.44
N LYS M 96 19.08 90.41 -12.66
CA LYS M 96 18.59 90.18 -11.31
C LYS M 96 19.20 91.16 -10.31
N GLU M 97 20.53 91.14 -10.22
CA GLU M 97 21.31 91.97 -9.30
C GLU M 97 22.30 92.81 -10.12
N ASP M 98 22.91 93.79 -9.47
CA ASP M 98 23.76 94.76 -10.15
C ASP M 98 25.22 94.57 -9.77
N ALA M 99 26.08 95.38 -10.41
CA ALA M 99 27.51 95.26 -10.20
C ALA M 99 27.94 95.86 -8.86
N ALA M 100 27.10 96.68 -8.24
CA ALA M 100 27.34 97.19 -6.90
C ALA M 100 28.60 98.04 -6.82
N ASN M 101 28.61 99.11 -7.61
CA ASN M 101 29.69 100.11 -7.64
C ASN M 101 31.06 99.44 -7.57
N ASN M 102 31.28 98.54 -8.51
CA ASN M 102 32.47 97.72 -8.53
C ASN M 102 32.79 97.40 -9.98
N PHE M 103 34.00 97.74 -10.42
CA PHE M 103 34.33 97.56 -11.82
C PHE M 103 34.43 96.08 -12.18
N ALA M 104 34.92 95.25 -11.26
CA ALA M 104 35.10 93.83 -11.56
C ALA M 104 33.77 93.16 -11.89
N ARG M 105 32.80 93.29 -10.99
CA ARG M 105 31.50 92.64 -11.19
C ARG M 105 30.89 93.02 -12.53
N GLY M 106 31.08 94.26 -12.97
CA GLY M 106 30.61 94.65 -14.28
C GLY M 106 31.48 94.19 -15.43
N HIS M 107 32.66 93.66 -15.13
CA HIS M 107 33.60 93.29 -16.17
C HIS M 107 33.95 91.82 -16.20
N TYR M 108 33.86 91.11 -15.08
CA TYR M 108 34.31 89.73 -15.03
C TYR M 108 33.25 88.77 -14.55
N THR M 109 32.41 89.17 -13.58
CA THR M 109 31.48 88.23 -12.98
C THR M 109 30.11 88.25 -13.66
N ILE M 110 29.44 89.41 -13.64
CA ILE M 110 28.06 89.47 -14.11
C ILE M 110 28.00 89.82 -15.59
N GLY M 111 28.84 90.75 -16.04
CA GLY M 111 28.75 91.22 -17.41
C GLY M 111 28.96 90.15 -18.45
N LYS M 112 29.65 89.07 -18.11
CA LYS M 112 30.06 88.10 -19.12
C LYS M 112 28.94 87.19 -19.59
N GLU M 113 27.83 87.12 -18.88
CA GLU M 113 26.72 86.26 -19.28
C GLU M 113 25.53 87.05 -19.79
N ILE M 114 25.68 88.35 -20.04
CA ILE M 114 24.60 89.11 -20.67
C ILE M 114 25.06 89.89 -21.90
N VAL M 115 26.36 89.99 -22.19
CA VAL M 115 26.79 90.74 -23.36
C VAL M 115 26.25 90.12 -24.63
N ASP M 116 26.48 88.82 -24.82
CA ASP M 116 25.97 88.15 -26.01
C ASP M 116 24.45 88.24 -26.10
N LEU M 117 23.77 88.30 -24.95
CA LEU M 117 22.33 88.52 -25.00
C LEU M 117 22.03 89.92 -25.51
N ALA M 118 22.86 90.90 -25.18
CA ALA M 118 22.70 92.23 -25.75
C ALA M 118 23.15 92.25 -27.21
N LEU M 119 24.21 91.52 -27.53
CA LEU M 119 24.71 91.51 -28.90
C LEU M 119 23.67 90.99 -29.88
N ASP M 120 22.97 89.91 -29.52
CA ASP M 120 21.90 89.41 -30.38
C ASP M 120 20.84 90.48 -30.62
N ARG M 121 20.58 91.33 -29.62
CA ARG M 121 19.66 92.43 -29.83
C ARG M 121 20.29 93.50 -30.73
N ILE M 122 21.58 93.78 -30.53
CA ILE M 122 22.26 94.76 -31.38
C ILE M 122 22.44 94.22 -32.78
N ARG M 123 22.75 92.93 -32.90
CA ARG M 123 22.87 92.30 -34.22
C ARG M 123 21.61 92.53 -35.05
N LYS M 124 20.46 92.11 -34.53
CA LYS M 124 19.20 92.29 -35.24
C LYS M 124 18.80 93.76 -35.32
N LEU M 125 19.43 94.63 -34.53
CA LEU M 125 19.15 96.06 -34.56
C LEU M 125 20.04 96.80 -35.54
N ALA M 126 21.07 96.15 -36.08
CA ALA M 126 21.91 96.76 -37.09
C ALA M 126 21.56 96.31 -38.50
N ASP M 127 20.86 95.18 -38.65
CA ASP M 127 20.53 94.70 -39.98
C ASP M 127 19.37 95.48 -40.59
N ASN M 128 18.39 95.87 -39.78
CA ASN M 128 17.26 96.62 -40.34
C ASN M 128 17.65 98.04 -40.73
N CYS M 129 18.88 98.46 -40.45
CA CYS M 129 19.36 99.74 -40.93
C CYS M 129 19.92 99.59 -42.34
N THR M 130 19.48 100.44 -43.25
CA THR M 130 19.95 100.38 -44.62
C THR M 130 21.18 101.26 -44.84
N GLY M 131 21.33 102.32 -44.06
CA GLY M 131 22.55 103.10 -44.05
C GLY M 131 22.88 103.51 -42.63
N LEU M 132 23.97 102.99 -42.09
CA LEU M 132 24.31 103.19 -40.69
C LEU M 132 25.40 104.25 -40.58
N GLN M 133 25.20 105.19 -39.65
CA GLN M 133 26.21 106.21 -39.39
C GLN M 133 27.15 105.79 -38.28
N GLY M 134 26.60 105.40 -37.13
CA GLY M 134 27.43 104.94 -36.03
C GLY M 134 26.60 104.80 -34.78
N PHE M 135 27.23 104.18 -33.78
CA PHE M 135 26.59 103.91 -32.50
C PHE M 135 26.74 105.11 -31.57
N LEU M 136 25.70 105.37 -30.79
CA LEU M 136 25.71 106.41 -29.75
C LEU M 136 25.69 105.71 -28.40
N VAL M 137 26.76 105.89 -27.62
CA VAL M 137 26.90 105.22 -26.34
C VAL M 137 26.70 106.23 -25.23
N PHE M 138 25.69 106.00 -24.39
CA PHE M 138 25.47 106.78 -23.19
C PHE M 138 25.97 105.96 -22.01
N ASN M 139 26.89 106.53 -21.25
CA ASN M 139 27.59 105.78 -20.22
C ASN M 139 27.55 106.55 -18.91
N ALA M 140 27.84 105.82 -17.83
CA ALA M 140 27.91 106.39 -16.48
C ALA M 140 29.23 105.93 -15.87
N VAL M 141 30.30 106.64 -16.16
CA VAL M 141 31.60 106.28 -15.61
C VAL M 141 31.63 106.62 -14.13
N GLY M 142 31.98 105.66 -13.31
CA GLY M 142 31.95 105.79 -11.87
C GLY M 142 31.14 104.73 -11.16
N GLY M 143 30.28 104.02 -11.88
CA GLY M 143 29.51 102.94 -11.32
C GLY M 143 30.02 101.59 -11.75
N GLY M 144 29.21 100.56 -11.51
CA GLY M 144 29.58 99.22 -11.89
C GLY M 144 29.07 98.82 -13.25
N THR M 145 27.77 99.05 -13.51
CA THR M 145 27.20 98.66 -14.78
C THR M 145 27.70 99.56 -15.90
N GLY M 146 27.67 100.87 -15.67
CA GLY M 146 28.13 101.80 -16.70
C GLY M 146 29.59 101.59 -17.05
N SER M 147 30.45 101.57 -16.03
CA SER M 147 31.88 101.46 -16.29
C SER M 147 32.31 100.02 -16.60
N GLY M 148 31.65 99.04 -16.02
CA GLY M 148 32.05 97.66 -16.23
C GLY M 148 31.46 97.05 -17.48
N LEU M 149 30.13 97.03 -17.58
CA LEU M 149 29.49 96.49 -18.77
C LEU M 149 29.84 97.31 -20.00
N GLY M 150 29.85 98.63 -19.88
CA GLY M 150 30.15 99.51 -20.98
C GLY M 150 31.46 99.17 -21.65
N SER M 151 32.54 99.16 -20.88
CA SER M 151 33.85 98.84 -21.43
C SER M 151 33.88 97.44 -22.02
N LEU M 152 33.26 96.48 -21.35
CA LEU M 152 33.19 95.13 -21.89
C LEU M 152 32.34 95.09 -23.15
N LEU M 153 31.34 95.95 -23.25
CA LEU M 153 30.48 95.95 -24.43
C LEU M 153 31.19 96.54 -25.63
N LEU M 154 32.01 97.57 -25.41
CA LEU M 154 32.67 98.24 -26.52
C LEU M 154 33.67 97.32 -27.21
N GLU M 155 34.46 96.58 -26.41
CA GLU M 155 35.42 95.66 -27.00
C GLU M 155 34.73 94.61 -27.85
N ARG M 156 33.57 94.13 -27.40
CA ARG M 156 32.79 93.21 -28.22
C ARG M 156 32.28 93.88 -29.48
N LEU M 157 32.08 95.20 -29.44
CA LEU M 157 31.72 95.92 -30.66
C LEU M 157 32.92 96.12 -31.57
N SER M 158 34.07 96.44 -31.00
CA SER M 158 35.25 96.74 -31.80
C SER M 158 35.71 95.54 -32.61
N VAL M 159 35.49 94.33 -32.10
CA VAL M 159 35.81 93.15 -32.87
C VAL M 159 34.70 92.81 -33.86
N ASP M 160 33.49 93.29 -33.63
CA ASP M 160 32.37 92.97 -34.49
C ASP M 160 32.16 94.00 -35.59
N TYR M 161 32.54 95.24 -35.36
CA TYR M 161 32.35 96.31 -36.35
C TYR M 161 33.65 97.02 -36.70
N GLY M 162 34.49 97.33 -35.72
CA GLY M 162 35.82 97.79 -35.99
C GLY M 162 35.93 99.22 -36.46
N LYS M 163 35.47 99.49 -37.69
CA LYS M 163 35.64 100.80 -38.29
C LYS M 163 34.48 101.75 -38.02
N LYS M 164 33.33 101.23 -37.61
CA LYS M 164 32.17 102.06 -37.37
C LYS M 164 32.46 103.10 -36.28
N SER M 165 31.69 104.18 -36.31
CA SER M 165 31.91 105.31 -35.42
C SER M 165 31.07 105.15 -34.16
N LYS M 166 31.74 105.05 -33.01
CA LYS M 166 31.07 104.91 -31.72
C LYS M 166 31.38 106.14 -30.89
N LEU M 167 30.36 106.96 -30.62
CA LEU M 167 30.52 108.13 -29.80
C LEU M 167 30.21 107.79 -28.35
N GLY M 168 30.79 108.55 -27.44
CA GLY M 168 30.53 108.32 -26.03
C GLY M 168 30.15 109.58 -25.29
N PHE M 169 28.91 109.65 -24.84
CA PHE M 169 28.45 110.76 -24.03
C PHE M 169 28.51 110.36 -22.56
N THR M 170 29.74 110.18 -22.09
CA THR M 170 30.02 109.56 -20.81
C THR M 170 30.05 110.62 -19.73
N VAL M 171 29.02 110.62 -18.88
CA VAL M 171 29.05 111.45 -17.68
C VAL M 171 30.25 111.02 -16.84
N TYR M 172 30.84 111.97 -16.13
CA TYR M 172 32.16 111.78 -15.54
C TYR M 172 32.17 112.20 -14.08
N PRO M 173 32.99 111.57 -13.25
CA PRO M 173 33.05 111.94 -11.83
C PRO M 173 33.44 113.40 -11.62
N SER M 174 32.57 114.14 -10.96
CA SER M 174 32.80 115.55 -10.72
C SER M 174 33.91 115.75 -9.68
N PRO M 175 34.59 116.90 -9.71
CA PRO M 175 35.67 117.14 -8.73
C PRO M 175 35.20 117.18 -7.30
N GLN M 176 34.25 118.07 -6.97
CA GLN M 176 33.81 118.22 -5.60
C GLN M 176 32.58 117.36 -5.30
N VAL M 177 31.49 117.61 -6.02
CA VAL M 177 30.26 116.82 -5.80
C VAL M 177 30.53 115.38 -6.22
N SER M 178 30.32 114.45 -5.28
CA SER M 178 30.59 113.05 -5.57
C SER M 178 29.71 112.18 -4.68
N THR M 179 29.00 111.24 -5.30
CA THR M 179 28.13 110.30 -4.60
C THR M 179 28.74 108.91 -4.54
N ALA M 180 30.07 108.84 -4.37
CA ALA M 180 30.75 107.56 -4.30
C ALA M 180 32.10 107.75 -3.64
N VAL M 181 32.63 106.66 -3.11
CA VAL M 181 33.96 106.65 -2.51
C VAL M 181 34.96 105.90 -3.37
N VAL M 182 34.51 104.90 -4.14
CA VAL M 182 35.39 104.07 -4.95
C VAL M 182 35.43 104.55 -6.40
N GLU M 183 34.71 105.62 -6.73
CA GLU M 183 34.58 106.08 -8.11
C GLU M 183 35.89 106.51 -8.75
N PRO M 184 36.92 106.93 -7.99
CA PRO M 184 38.25 107.07 -8.63
C PRO M 184 38.77 105.77 -9.21
N TYR M 185 38.45 104.64 -8.59
CA TYR M 185 38.96 103.36 -9.07
C TYR M 185 38.31 102.96 -10.39
N ASN M 186 36.99 102.79 -10.40
CA ASN M 186 36.34 102.30 -11.60
C ASN M 186 36.28 103.32 -12.71
N SER M 187 36.76 104.54 -12.49
CA SER M 187 36.91 105.49 -13.58
C SER M 187 38.20 105.24 -14.34
N VAL M 188 39.32 105.16 -13.62
CA VAL M 188 40.60 104.83 -14.24
C VAL M 188 40.49 103.57 -15.08
N LEU M 189 39.98 102.50 -14.47
CA LEU M 189 39.84 101.23 -15.20
C LEU M 189 38.94 101.38 -16.40
N SER M 190 37.99 102.32 -16.35
CA SER M 190 37.10 102.52 -17.48
C SER M 190 37.85 103.12 -18.66
N THR M 191 38.62 104.18 -18.41
CA THR M 191 39.29 104.89 -19.50
C THR M 191 40.24 103.97 -20.27
N HIS M 192 41.24 103.43 -19.59
CA HIS M 192 42.16 102.49 -20.21
C HIS M 192 41.44 101.38 -20.98
N SER M 193 40.21 101.06 -20.60
CA SER M 193 39.44 100.08 -21.36
C SER M 193 38.72 100.70 -22.56
N LEU M 194 38.19 101.90 -22.42
CA LEU M 194 37.51 102.55 -23.54
C LEU M 194 38.45 103.36 -24.41
N LEU M 195 39.62 103.75 -23.89
CA LEU M 195 40.54 104.61 -24.62
C LEU M 195 40.84 104.05 -26.01
N GLU M 196 41.16 102.76 -26.09
CA GLU M 196 41.50 102.14 -27.37
C GLU M 196 40.28 101.66 -28.14
N HIS M 197 39.07 101.90 -27.66
CA HIS M 197 37.90 101.31 -28.27
C HIS M 197 36.83 102.31 -28.67
N THR M 198 36.74 103.46 -28.02
CA THR M 198 35.82 104.47 -28.49
C THR M 198 36.48 105.35 -29.55
N ASP M 199 35.66 105.81 -30.50
CA ASP M 199 36.17 106.65 -31.56
C ASP M 199 36.34 108.09 -31.11
N VAL M 200 35.37 108.59 -30.35
CA VAL M 200 35.45 109.92 -29.75
C VAL M 200 34.55 109.92 -28.53
N ALA M 201 35.00 110.61 -27.47
CA ALA M 201 34.33 110.53 -26.18
C ALA M 201 34.11 111.94 -25.65
N VAL M 202 32.86 112.38 -25.62
CA VAL M 202 32.51 113.64 -24.99
C VAL M 202 32.51 113.45 -23.48
N MET M 203 32.80 114.53 -22.75
CA MET M 203 32.80 114.52 -21.30
C MET M 203 31.81 115.54 -20.78
N LEU M 204 31.33 115.30 -19.55
CA LEU M 204 30.39 116.19 -18.90
C LEU M 204 30.19 115.76 -17.45
N ASP M 205 30.17 116.73 -16.53
CA ASP M 205 30.09 116.47 -15.10
C ASP M 205 28.78 116.99 -14.54
N ASN M 206 28.30 116.33 -13.49
CA ASN M 206 27.02 116.71 -12.91
C ASN M 206 27.08 118.05 -12.22
N GLU M 207 28.25 118.44 -11.71
CA GLU M 207 28.36 119.74 -11.05
C GLU M 207 28.36 120.88 -12.06
N ALA M 208 29.14 120.74 -13.13
CA ALA M 208 29.19 121.79 -14.14
C ALA M 208 27.82 122.13 -14.69
N ILE M 209 26.93 121.13 -14.77
CA ILE M 209 25.58 121.38 -15.22
C ILE M 209 24.70 121.88 -14.08
N TYR M 210 25.14 121.72 -12.83
CA TYR M 210 24.39 122.27 -11.72
C TYR M 210 24.46 123.79 -11.70
N ASP M 211 25.63 124.36 -11.96
CA ASP M 211 25.77 125.81 -11.94
C ASP M 211 25.04 126.44 -13.10
N ILE M 212 25.10 125.81 -14.28
CA ILE M 212 24.24 126.20 -15.39
C ILE M 212 22.80 126.32 -14.93
N CYS M 213 22.33 125.34 -14.15
CA CYS M 213 20.98 125.43 -13.62
C CYS M 213 20.83 126.53 -12.58
N ARG M 214 21.93 126.99 -11.99
CA ARG M 214 21.85 128.03 -10.98
C ARG M 214 21.91 129.42 -11.61
N ARG M 215 22.94 129.70 -12.41
CA ARG M 215 23.08 131.02 -13.00
C ARG M 215 21.97 131.28 -14.02
N SER M 216 21.89 130.44 -15.05
CA SER M 216 21.07 130.76 -16.21
C SER M 216 19.60 130.42 -16.00
N LEU M 217 19.29 129.13 -15.81
CA LEU M 217 17.90 128.73 -15.71
C LEU M 217 17.25 129.17 -14.40
N ASP M 218 18.07 129.49 -13.39
CA ASP M 218 17.57 130.05 -12.13
C ASP M 218 16.56 129.12 -11.46
N ILE M 219 16.81 127.82 -11.55
CA ILE M 219 16.02 126.83 -10.81
C ILE M 219 16.81 126.46 -9.57
N GLU M 220 16.24 126.71 -8.40
CA GLU M 220 16.92 126.45 -7.13
C GLU M 220 16.57 125.10 -6.54
N ARG M 221 15.65 124.36 -7.15
CA ARG M 221 15.33 122.99 -6.77
C ARG M 221 15.68 122.06 -7.92
N PRO M 222 16.95 121.91 -8.26
CA PRO M 222 17.31 121.08 -9.41
C PRO M 222 17.41 119.62 -9.03
N THR M 223 17.03 118.77 -9.98
CA THR M 223 17.15 117.33 -9.82
C THR M 223 17.76 116.77 -11.09
N TYR M 224 17.94 115.46 -11.12
CA TYR M 224 18.52 114.84 -12.30
C TYR M 224 17.61 115.01 -13.52
N THR M 225 16.29 114.94 -13.32
CA THR M 225 15.38 115.20 -14.41
C THR M 225 15.43 116.65 -14.86
N ASN M 226 16.23 117.50 -14.22
CA ASN M 226 16.55 118.81 -14.73
C ASN M 226 17.88 118.84 -15.48
N LEU M 227 18.71 117.81 -15.33
CA LEU M 227 19.95 117.72 -16.08
C LEU M 227 19.77 116.92 -17.36
N ASN M 228 19.10 115.77 -17.27
CA ASN M 228 18.89 114.95 -18.46
C ASN M 228 18.15 115.72 -19.54
N ARG M 229 17.31 116.69 -19.14
CA ARG M 229 16.66 117.55 -20.12
C ARG M 229 17.63 118.50 -20.80
N LEU M 230 18.79 118.73 -20.20
CA LEU M 230 19.80 119.55 -20.85
C LEU M 230 20.68 118.75 -21.80
N ILE M 231 20.77 117.44 -21.60
CA ILE M 231 21.59 116.63 -22.51
C ILE M 231 20.85 116.34 -23.79
N ALA M 232 19.56 116.01 -23.69
CA ALA M 232 18.75 115.80 -24.88
C ALA M 232 18.78 117.01 -25.80
N GLN M 233 18.92 118.21 -25.23
CA GLN M 233 19.00 119.40 -26.06
C GLN M 233 20.30 119.43 -26.86
N VAL M 234 21.36 118.81 -26.36
CA VAL M 234 22.61 118.76 -27.10
C VAL M 234 22.48 117.88 -28.33
N ILE M 235 22.02 116.64 -28.13
CA ILE M 235 22.03 115.67 -29.21
C ILE M 235 20.97 116.01 -30.25
N SER M 236 19.80 116.48 -29.81
CA SER M 236 18.82 116.97 -30.76
C SER M 236 19.41 118.05 -31.64
N SER M 237 20.31 118.86 -31.08
CA SER M 237 21.05 119.87 -31.82
C SER M 237 22.25 119.30 -32.55
N LEU M 238 22.66 118.07 -32.24
CA LEU M 238 23.78 117.45 -32.93
C LEU M 238 23.36 116.56 -34.08
N THR M 239 22.18 115.95 -33.99
CA THR M 239 21.67 115.08 -35.04
C THR M 239 20.51 115.71 -35.79
N ALA M 240 20.50 117.04 -35.89
CA ALA M 240 19.50 117.69 -36.72
C ALA M 240 19.82 117.50 -38.20
N SER M 241 21.10 117.57 -38.56
CA SER M 241 21.50 117.37 -39.95
C SER M 241 21.23 115.95 -40.42
N LEU M 242 21.07 115.00 -39.51
CA LEU M 242 20.76 113.63 -39.91
C LEU M 242 19.31 113.49 -40.35
N ARG M 243 18.43 114.35 -39.85
CA ARG M 243 17.01 114.19 -40.10
C ARG M 243 16.30 115.47 -40.52
N PHE M 244 16.96 116.62 -40.49
CA PHE M 244 16.36 117.88 -40.89
C PHE M 244 17.21 118.53 -41.97
N ASP M 245 16.56 119.20 -42.90
CA ASP M 245 17.27 119.92 -43.94
C ASP M 245 17.97 121.13 -43.32
N GLY M 246 18.69 121.87 -44.14
CA GLY M 246 19.42 123.03 -43.68
C GLY M 246 20.81 123.07 -44.27
N ALA M 247 21.31 124.28 -44.50
CA ALA M 247 22.62 124.45 -45.12
C ALA M 247 23.71 123.83 -44.25
N LEU M 248 24.81 123.45 -44.90
CA LEU M 248 25.96 122.85 -44.23
C LEU M 248 25.56 121.59 -43.45
N ASN M 249 24.82 120.72 -44.11
CA ASN M 249 24.49 119.42 -43.53
C ASN M 249 25.77 118.68 -43.14
N VAL M 250 25.76 118.08 -41.97
CA VAL M 250 26.95 117.45 -41.41
C VAL M 250 26.56 116.17 -40.69
N ASP M 251 27.20 115.06 -41.05
CA ASP M 251 26.91 113.77 -40.46
C ASP M 251 27.99 113.41 -39.44
N ILE M 252 27.96 112.16 -38.97
CA ILE M 252 28.82 111.74 -37.88
C ILE M 252 30.20 111.33 -38.40
N THR M 253 30.26 110.73 -39.59
CA THR M 253 31.56 110.31 -40.12
C THR M 253 32.49 111.51 -40.27
N GLU M 254 31.98 112.61 -40.83
CA GLU M 254 32.75 113.84 -40.95
C GLU M 254 32.99 114.54 -39.62
N PHE M 255 32.57 113.93 -38.51
CA PHE M 255 32.63 114.57 -37.20
C PHE M 255 33.89 114.19 -36.43
N GLN M 256 34.27 112.92 -36.47
CA GLN M 256 35.47 112.46 -35.80
C GLN M 256 36.73 112.75 -36.59
N THR M 257 36.62 112.88 -37.91
CA THR M 257 37.80 113.05 -38.76
C THR M 257 38.52 114.35 -38.45
N ASN M 258 37.83 115.47 -38.60
CA ASN M 258 38.44 116.77 -38.44
C ASN M 258 38.40 117.23 -36.98
N LEU M 259 38.40 116.28 -36.05
CA LEU M 259 38.31 116.63 -34.63
C LEU M 259 39.28 115.88 -33.75
N VAL M 260 39.85 114.77 -34.18
CA VAL M 260 40.71 113.92 -33.37
C VAL M 260 42.09 113.90 -33.99
N PRO M 261 43.01 114.73 -33.50
CA PRO M 261 44.35 114.77 -34.12
C PRO M 261 45.10 113.46 -34.05
N TYR M 262 45.23 112.87 -32.87
CA TYR M 262 45.95 111.62 -32.67
C TYR M 262 44.99 110.55 -32.18
N PRO M 263 45.30 109.27 -32.41
CA PRO M 263 44.36 108.21 -31.99
C PRO M 263 44.07 108.20 -30.50
N ARG M 264 44.83 108.96 -29.70
CA ARG M 264 44.62 108.98 -28.25
C ARG M 264 43.68 110.10 -27.82
N ILE M 265 43.91 111.31 -28.32
CA ILE M 265 43.18 112.48 -27.86
C ILE M 265 41.78 112.50 -28.46
N HIS M 266 40.81 111.98 -27.72
CA HIS M 266 39.41 112.04 -28.15
C HIS M 266 38.50 112.37 -26.96
N PHE M 267 39.02 113.06 -25.97
CA PHE M 267 38.23 113.56 -24.85
C PHE M 267 37.97 115.03 -25.09
N MET M 268 36.70 115.40 -25.17
CA MET M 268 36.30 116.72 -25.65
C MET M 268 35.35 117.38 -24.68
N LEU M 269 35.15 118.67 -24.87
CA LEU M 269 34.27 119.48 -24.06
C LEU M 269 33.01 119.77 -24.85
N SER M 270 32.00 120.31 -24.15
CA SER M 270 30.73 120.62 -24.78
C SER M 270 30.21 121.93 -24.23
N SER M 271 29.25 122.51 -24.93
CA SER M 271 28.62 123.76 -24.50
C SER M 271 27.27 123.87 -25.18
N TYR M 272 26.55 124.92 -24.82
CA TYR M 272 25.28 125.21 -25.46
C TYR M 272 24.90 126.64 -25.13
N ALA M 273 24.25 127.29 -26.09
CA ALA M 273 23.78 128.65 -25.91
C ALA M 273 22.73 128.93 -26.96
N PRO M 274 21.64 129.64 -26.61
CA PRO M 274 21.41 130.22 -25.30
C PRO M 274 20.80 129.23 -24.31
N ILE M 275 20.88 129.57 -23.03
CA ILE M 275 20.26 128.82 -21.95
C ILE M 275 19.64 129.84 -20.99
N ILE M 276 18.35 130.10 -21.13
CA ILE M 276 17.69 131.22 -20.47
C ILE M 276 16.34 130.75 -19.95
N SER M 277 15.78 131.53 -19.02
CA SER M 277 14.46 131.27 -18.49
C SER M 277 13.39 131.70 -19.49
N ALA M 278 12.13 131.45 -19.13
CA ALA M 278 11.04 131.83 -20.03
C ALA M 278 10.90 133.34 -20.15
N GLU M 279 11.27 134.07 -19.12
CA GLU M 279 10.98 135.50 -19.09
C GLU M 279 12.11 136.36 -19.66
N LYS M 280 13.36 135.98 -19.42
CA LYS M 280 14.47 136.78 -19.95
C LYS M 280 14.52 136.72 -21.48
N ALA M 281 13.88 135.72 -22.09
CA ALA M 281 13.67 135.77 -23.54
C ALA M 281 12.93 137.04 -23.93
N TYR M 282 12.01 137.49 -23.08
CA TYR M 282 11.38 138.79 -23.24
C TYR M 282 12.25 139.92 -22.73
N HIS M 283 13.55 139.68 -22.54
CA HIS M 283 14.54 140.70 -22.18
C HIS M 283 15.76 140.63 -23.08
N GLU M 284 15.69 139.93 -24.20
CA GLU M 284 16.89 139.68 -25.01
C GLU M 284 16.53 139.69 -26.48
N GLN M 285 17.57 139.52 -27.30
CA GLN M 285 17.41 139.35 -28.74
C GLN M 285 18.22 138.19 -29.31
N LEU M 286 19.28 137.75 -28.63
CA LEU M 286 19.99 136.51 -28.96
C LEU M 286 20.53 136.54 -30.40
N SER M 287 21.31 137.57 -30.70
CA SER M 287 21.95 137.61 -32.00
C SER M 287 22.96 136.47 -32.12
N VAL M 288 23.23 136.07 -33.36
CA VAL M 288 24.12 134.94 -33.58
C VAL M 288 25.52 135.22 -33.07
N ALA M 289 25.97 136.48 -33.12
CA ALA M 289 27.29 136.80 -32.60
C ALA M 289 27.32 136.65 -31.08
N GLU M 290 26.25 137.07 -30.41
CA GLU M 290 26.17 136.93 -28.96
C GLU M 290 26.17 135.46 -28.54
N ILE M 291 25.53 134.60 -29.34
CA ILE M 291 25.45 133.18 -28.98
C ILE M 291 26.83 132.55 -28.99
N THR M 292 27.52 132.62 -30.12
CA THR M 292 28.84 132.00 -30.22
C THR M 292 29.84 132.62 -29.27
N ASN M 293 29.65 133.88 -28.86
CA ASN M 293 30.47 134.44 -27.80
C ASN M 293 30.24 133.69 -26.50
N ALA M 294 28.97 133.53 -26.11
CA ALA M 294 28.65 132.79 -24.90
C ALA M 294 28.91 131.30 -25.05
N ALA M 295 29.04 130.80 -26.29
CA ALA M 295 29.37 129.39 -26.47
C ALA M 295 30.81 129.12 -26.06
N PHE M 296 31.72 130.05 -26.32
CA PHE M 296 33.10 129.92 -25.90
C PHE M 296 33.32 130.37 -24.46
N GLU M 297 32.27 130.81 -23.78
CA GLU M 297 32.39 131.23 -22.40
C GLU M 297 32.65 130.02 -21.51
N PRO M 298 33.73 130.00 -20.73
CA PRO M 298 33.97 128.86 -19.84
C PRO M 298 32.81 128.58 -18.89
N ALA M 299 32.10 129.62 -18.47
CA ALA M 299 30.95 129.41 -17.60
C ALA M 299 29.86 128.60 -18.27
N SER M 300 29.82 128.58 -19.60
CA SER M 300 28.84 127.79 -20.33
C SER M 300 29.37 126.43 -20.74
N MET M 301 30.45 125.97 -20.12
CA MET M 301 30.97 124.64 -20.40
C MET M 301 30.26 123.60 -19.55
N MET M 302 30.01 122.45 -20.14
CA MET M 302 29.36 121.36 -19.43
C MET M 302 30.35 120.47 -18.69
N VAL M 303 31.60 120.89 -18.57
CA VAL M 303 32.60 120.20 -17.75
C VAL M 303 33.26 121.23 -16.85
N LYS M 304 33.67 120.79 -15.66
CA LYS M 304 34.38 121.68 -14.75
C LYS M 304 35.85 121.73 -15.10
N CYS M 305 36.14 122.01 -16.37
CA CYS M 305 37.49 122.24 -16.84
C CYS M 305 37.61 123.69 -17.30
N ASP M 306 38.81 124.23 -17.22
CA ASP M 306 39.03 125.63 -17.55
C ASP M 306 39.81 125.74 -18.86
N PRO M 307 39.18 126.19 -19.95
CA PRO M 307 39.92 126.28 -21.21
C PRO M 307 40.95 127.38 -21.21
N ARG M 308 40.79 128.41 -20.40
CA ARG M 308 41.73 129.53 -20.34
C ARG M 308 43.03 129.16 -19.68
N HIS M 309 43.21 127.88 -19.36
CA HIS M 309 44.50 127.35 -18.94
C HIS M 309 45.19 126.57 -20.03
N GLY M 310 44.52 126.32 -21.16
CA GLY M 310 45.11 125.56 -22.24
C GLY M 310 44.79 126.14 -23.60
N LYS M 311 44.99 125.33 -24.63
CA LYS M 311 44.83 125.76 -26.01
C LYS M 311 43.89 124.81 -26.73
N TYR M 312 43.32 125.29 -27.82
CA TYR M 312 42.32 124.56 -28.58
C TYR M 312 42.99 123.82 -29.74
N MET M 313 42.76 122.52 -29.82
CA MET M 313 43.27 121.73 -30.93
C MET M 313 42.27 121.61 -32.07
N ALA M 314 41.00 121.92 -31.81
CA ALA M 314 39.94 121.88 -32.82
C ALA M 314 38.67 122.42 -32.17
N CYS M 315 37.71 122.77 -33.01
CA CYS M 315 36.39 123.16 -32.53
C CYS M 315 35.34 122.67 -33.52
N CYS M 316 34.14 122.44 -33.01
CA CYS M 316 33.03 122.03 -33.85
C CYS M 316 31.79 122.79 -33.40
N LEU M 317 31.05 123.32 -34.37
CA LEU M 317 29.90 124.16 -34.10
C LEU M 317 28.68 123.60 -34.83
N MET M 318 27.56 123.57 -34.14
CA MET M 318 26.28 123.23 -34.73
C MET M 318 25.31 124.36 -34.41
N TYR M 319 25.01 125.18 -35.40
CA TYR M 319 24.03 126.24 -35.23
C TYR M 319 22.65 125.68 -35.53
N ARG M 320 21.63 126.47 -35.20
CA ARG M 320 20.28 125.96 -35.35
C ARG M 320 19.31 127.12 -35.33
N GLY M 321 18.30 127.05 -36.20
CA GLY M 321 17.30 128.09 -36.26
C GLY M 321 17.62 129.17 -37.28
N ASP M 322 17.23 130.40 -36.98
CA ASP M 322 17.40 131.51 -37.93
C ASP M 322 18.85 131.96 -37.89
N VAL M 323 19.69 131.26 -38.65
CA VAL M 323 21.10 131.61 -38.81
C VAL M 323 21.44 131.59 -40.29
N VAL M 324 22.18 132.59 -40.75
CA VAL M 324 22.65 132.61 -42.13
C VAL M 324 24.18 132.53 -42.10
N PRO M 325 24.82 131.99 -43.15
CA PRO M 325 26.22 131.61 -43.01
C PRO M 325 27.19 132.78 -42.92
N LYS M 326 26.82 133.96 -43.41
CA LYS M 326 27.78 135.07 -43.38
C LYS M 326 28.11 135.48 -41.95
N ASP M 327 27.14 135.41 -41.04
CA ASP M 327 27.39 135.84 -39.67
C ASP M 327 28.20 134.82 -38.89
N VAL M 328 28.02 133.53 -39.18
CA VAL M 328 28.89 132.51 -38.59
C VAL M 328 30.34 132.79 -38.94
N ASN M 329 30.59 133.09 -40.22
CA ASN M 329 31.94 133.42 -40.63
C ASN M 329 32.34 134.81 -40.14
N ALA M 330 31.38 135.71 -39.96
CA ALA M 330 31.73 137.03 -39.47
C ALA M 330 32.11 136.99 -37.99
N SER M 331 31.36 136.24 -37.18
CA SER M 331 31.60 136.27 -35.74
C SER M 331 32.75 135.37 -35.33
N VAL M 332 32.90 134.22 -35.99
CA VAL M 332 34.06 133.37 -35.73
C VAL M 332 35.34 134.13 -36.01
N ALA M 333 35.34 134.94 -37.07
CA ALA M 333 36.49 135.80 -37.35
C ALA M 333 36.81 136.68 -36.15
N THR M 334 35.77 137.20 -35.48
CA THR M 334 36.00 138.04 -34.30
C THR M 334 36.63 137.25 -33.17
N ILE M 335 36.16 136.03 -32.94
CA ILE M 335 36.70 135.21 -31.86
C ILE M 335 38.17 134.90 -32.12
N LYS M 336 38.53 134.70 -33.39
CA LYS M 336 39.94 134.54 -33.73
C LYS M 336 40.73 135.83 -33.61
N THR M 337 40.05 136.98 -33.49
CA THR M 337 40.76 138.22 -33.21
C THR M 337 40.96 138.43 -31.71
N LYS M 338 40.04 137.92 -30.90
CA LYS M 338 40.20 137.96 -29.46
C LYS M 338 41.45 137.18 -29.05
N ARG M 339 42.00 137.52 -27.88
CA ARG M 339 43.24 136.92 -27.42
C ARG M 339 43.08 136.03 -26.20
N THR M 340 41.95 136.11 -25.49
CA THR M 340 41.69 135.16 -24.42
C THR M 340 41.67 133.73 -24.92
N ILE M 341 41.41 133.53 -26.21
CA ILE M 341 41.32 132.20 -26.81
C ILE M 341 42.60 131.91 -27.56
N GLN M 342 43.19 130.74 -27.32
CA GLN M 342 44.43 130.34 -27.96
C GLN M 342 44.19 129.11 -28.83
N PHE M 343 45.13 128.89 -29.74
CA PHE M 343 45.12 127.72 -30.61
C PHE M 343 46.54 127.21 -30.75
N VAL M 344 46.72 125.91 -30.58
CA VAL M 344 48.04 125.32 -30.78
C VAL M 344 48.45 125.53 -32.24
N ASP M 345 49.75 125.68 -32.46
CA ASP M 345 50.24 126.23 -33.72
C ASP M 345 49.85 125.38 -34.92
N TRP M 346 49.92 124.06 -34.77
CA TRP M 346 49.81 123.19 -35.94
C TRP M 346 48.37 122.99 -36.40
N CYS M 347 47.45 123.85 -35.99
CA CYS M 347 46.09 123.87 -36.55
C CYS M 347 45.64 125.31 -36.73
N PRO M 348 46.07 125.97 -37.81
CA PRO M 348 45.54 127.30 -38.11
C PRO M 348 44.05 127.28 -38.41
N THR M 349 43.55 126.16 -38.91
CA THR M 349 42.11 125.93 -39.08
C THR M 349 41.52 125.55 -37.73
N GLY M 350 40.29 125.03 -37.74
CA GLY M 350 39.75 124.50 -36.51
C GLY M 350 38.28 124.70 -36.27
N PHE M 351 37.52 125.13 -37.26
CA PHE M 351 36.11 125.45 -37.04
C PHE M 351 35.22 124.75 -38.06
N LYS M 352 34.87 123.50 -37.78
CA LYS M 352 33.81 122.86 -38.54
C LYS M 352 32.47 123.45 -38.11
N CYS M 353 31.64 123.83 -39.07
CA CYS M 353 30.41 124.54 -38.80
C CYS M 353 29.21 123.79 -39.37
N GLY M 354 28.03 124.17 -38.91
CA GLY M 354 26.80 123.51 -39.33
C GLY M 354 25.61 124.38 -39.06
N ILE M 355 24.61 124.28 -39.94
CA ILE M 355 23.40 125.08 -39.86
C ILE M 355 22.21 124.13 -39.97
N ASN M 356 21.08 124.57 -39.42
CA ASN M 356 19.84 123.82 -39.56
C ASN M 356 18.67 124.78 -39.52
N TYR M 357 17.73 124.58 -40.44
CA TYR M 357 16.55 125.44 -40.53
C TYR M 357 15.46 125.01 -39.56
N GLN M 358 15.73 124.05 -38.68
CA GLN M 358 14.75 123.61 -37.70
C GLN M 358 15.18 124.07 -36.32
N PRO M 359 14.56 125.11 -35.76
CA PRO M 359 14.96 125.59 -34.44
C PRO M 359 14.75 124.52 -33.39
N PRO M 360 15.38 124.62 -32.23
CA PRO M 360 15.17 123.64 -31.18
C PRO M 360 13.73 123.64 -30.69
N THR M 361 13.28 122.48 -30.23
CA THR M 361 11.91 122.29 -29.79
C THR M 361 11.81 122.36 -28.27
N VAL M 362 10.66 122.85 -27.81
CA VAL M 362 10.41 123.03 -26.39
C VAL M 362 9.49 121.91 -25.91
N VAL M 363 9.69 121.49 -24.67
CA VAL M 363 8.91 120.39 -24.10
C VAL M 363 7.88 120.94 -23.12
N PRO M 364 6.63 120.47 -23.18
CA PRO M 364 5.62 120.91 -22.21
C PRO M 364 6.01 120.48 -20.81
N GLY M 365 6.10 121.46 -19.90
CA GLY M 365 6.59 121.21 -18.57
C GLY M 365 8.08 121.37 -18.41
N GLY M 366 8.81 121.62 -19.50
CA GLY M 366 10.24 121.84 -19.41
C GLY M 366 10.55 123.18 -18.78
N ASP M 367 11.83 123.55 -18.83
CA ASP M 367 12.29 124.79 -18.24
C ASP M 367 13.00 125.72 -19.21
N LEU M 368 13.31 125.27 -20.43
CA LEU M 368 13.90 126.16 -21.42
C LEU M 368 12.82 127.10 -21.96
N ALA M 369 13.23 127.96 -22.89
CA ALA M 369 12.34 128.95 -23.47
C ALA M 369 12.30 128.80 -24.98
N LYS M 370 11.14 129.11 -25.57
CA LYS M 370 11.00 129.07 -27.02
C LYS M 370 11.92 130.11 -27.66
N VAL M 371 12.85 129.63 -28.47
CA VAL M 371 13.87 130.49 -29.09
C VAL M 371 13.96 130.12 -30.56
N GLN M 372 14.78 130.89 -31.28
CA GLN M 372 14.96 130.68 -32.71
C GLN M 372 16.41 130.67 -33.14
N ARG M 373 17.35 130.84 -32.20
CA ARG M 373 18.76 130.65 -32.48
C ARG M 373 19.36 129.84 -31.35
N ALA M 374 20.33 128.99 -31.69
CA ALA M 374 20.98 128.14 -30.70
C ALA M 374 22.30 127.64 -31.28
N VAL M 375 23.22 127.26 -30.39
CA VAL M 375 24.53 126.77 -30.78
C VAL M 375 24.94 125.66 -29.83
N CYS M 376 25.41 124.55 -30.38
CA CYS M 376 25.95 123.44 -29.60
C CYS M 376 27.42 123.28 -29.98
N MET M 377 28.30 123.69 -29.08
CA MET M 377 29.73 123.69 -29.35
C MET M 377 30.36 122.42 -28.80
N ILE M 378 31.31 121.86 -29.56
CA ILE M 378 32.12 120.74 -29.11
C ILE M 378 33.56 121.03 -29.49
N SER M 379 34.45 121.05 -28.51
CA SER M 379 35.84 121.43 -28.72
C SER M 379 36.76 120.40 -28.10
N ASN M 380 37.94 120.28 -28.68
CA ASN M 380 38.99 119.39 -28.18
C ASN M 380 40.12 120.29 -27.67
N SER M 381 40.02 120.69 -26.41
CA SER M 381 41.00 121.55 -25.78
C SER M 381 42.07 120.71 -25.08
N THR M 382 43.29 121.24 -25.04
CA THR M 382 44.36 120.57 -24.31
C THR M 382 44.30 120.84 -22.82
N ALA M 383 43.43 121.76 -22.37
CA ALA M 383 43.23 121.98 -20.95
C ALA M 383 42.51 120.82 -20.28
N ILE M 384 42.06 119.82 -21.05
CA ILE M 384 41.34 118.68 -20.49
C ILE M 384 42.34 117.77 -19.80
N GLY M 385 43.61 118.16 -19.79
CA GLY M 385 44.60 117.47 -18.98
C GLY M 385 44.52 117.79 -17.50
N GLU M 386 43.72 118.79 -17.11
CA GLU M 386 43.60 119.11 -15.69
C GLU M 386 42.58 118.18 -15.01
N ILE M 387 41.36 118.09 -15.55
CA ILE M 387 40.38 117.17 -15.00
C ILE M 387 40.90 115.75 -15.08
N PHE M 388 41.81 115.49 -16.00
CA PHE M 388 42.38 114.17 -16.08
C PHE M 388 43.32 113.88 -14.92
N SER M 389 44.06 114.90 -14.47
CA SER M 389 45.12 114.67 -13.50
C SER M 389 44.59 114.33 -12.13
N ARG M 390 43.53 115.00 -11.69
CA ARG M 390 42.99 114.75 -10.35
C ARG M 390 42.62 113.28 -10.17
N LEU M 391 41.99 112.68 -11.19
CA LEU M 391 41.69 111.26 -11.13
C LEU M 391 42.94 110.43 -10.93
N ASP M 392 44.06 110.89 -11.46
CA ASP M 392 45.34 110.22 -11.27
C ASP M 392 45.92 110.49 -9.89
N HIS M 393 45.45 111.54 -9.22
CA HIS M 393 45.92 111.82 -7.86
C HIS M 393 45.13 111.01 -6.84
N LYS M 394 43.80 111.08 -6.91
CA LYS M 394 42.97 110.36 -5.95
C LYS M 394 43.14 108.86 -6.08
N PHE M 395 43.27 108.35 -7.32
CA PHE M 395 43.63 106.95 -7.50
C PHE M 395 44.95 106.64 -6.80
N ASP M 396 45.99 107.41 -7.13
CA ASP M 396 47.29 107.20 -6.50
C ASP M 396 47.23 107.46 -5.00
N LEU M 397 46.30 108.29 -4.54
CA LEU M 397 46.20 108.57 -3.12
C LEU M 397 45.70 107.36 -2.35
N MET M 398 44.62 106.74 -2.82
CA MET M 398 44.08 105.58 -2.13
C MET M 398 44.88 104.32 -2.42
N TYR M 399 45.42 104.19 -3.64
CA TYR M 399 46.15 102.99 -4.01
C TYR M 399 47.43 102.80 -3.21
N ALA M 400 47.88 103.80 -2.46
CA ALA M 400 49.12 103.65 -1.70
C ALA M 400 48.93 102.71 -0.52
N LYS M 401 47.73 102.70 0.07
CA LYS M 401 47.38 101.72 1.08
C LYS M 401 46.62 100.54 0.51
N ARG M 402 46.21 100.63 -0.76
CA ARG M 402 45.44 99.59 -1.43
C ARG M 402 44.12 99.35 -0.70
N ALA M 403 43.51 100.43 -0.25
CA ALA M 403 42.19 100.36 0.33
C ALA M 403 41.17 99.97 -0.74
N PHE M 404 40.11 99.29 -0.31
CA PHE M 404 39.00 98.87 -1.15
C PHE M 404 39.40 97.87 -2.22
N VAL M 405 40.67 97.48 -2.29
CA VAL M 405 41.09 96.62 -3.38
C VAL M 405 40.66 95.18 -3.14
N HIS M 406 40.54 94.75 -1.88
CA HIS M 406 40.11 93.40 -1.60
C HIS M 406 38.74 93.08 -2.16
N TRP M 407 38.02 94.08 -2.66
CA TRP M 407 36.78 93.88 -3.40
C TRP M 407 37.04 93.58 -4.86
N TYR M 408 37.92 94.38 -5.50
CA TYR M 408 38.25 94.14 -6.90
C TYR M 408 38.95 92.80 -7.07
N VAL M 409 39.96 92.52 -6.24
CA VAL M 409 40.66 91.24 -6.30
C VAL M 409 39.82 90.10 -5.73
N GLY M 410 38.59 90.39 -5.30
CA GLY M 410 37.71 89.34 -4.84
C GLY M 410 36.78 88.88 -5.96
N GLU M 411 36.70 89.67 -7.02
CA GLU M 411 35.79 89.36 -8.12
C GLU M 411 36.54 89.21 -9.45
N GLY M 412 37.64 88.47 -9.46
CA GLY M 412 38.25 88.09 -10.72
C GLY M 412 39.25 89.05 -11.30
N MET M 413 39.80 89.96 -10.51
CA MET M 413 40.86 90.85 -10.95
C MET M 413 42.11 90.61 -10.13
N GLU M 414 43.25 91.01 -10.69
CA GLU M 414 44.53 90.92 -10.01
C GLU M 414 45.19 92.28 -10.01
N GLU M 415 46.42 92.34 -9.49
CA GLU M 415 47.11 93.61 -9.33
C GLU M 415 47.55 94.20 -10.66
N GLY M 416 47.74 93.36 -11.68
CA GLY M 416 48.15 93.83 -12.98
C GLY M 416 47.24 94.92 -13.52
N GLU M 417 45.94 94.64 -13.59
CA GLU M 417 44.98 95.57 -14.16
C GLU M 417 44.95 96.91 -13.44
N PHE M 418 45.58 97.03 -12.28
CA PHE M 418 45.62 98.32 -11.60
C PHE M 418 46.81 99.14 -12.07
N SER M 419 48.01 98.59 -11.98
CA SER M 419 49.18 99.31 -12.50
C SER M 419 49.08 99.48 -14.01
N GLU M 420 48.62 98.45 -14.72
CA GLU M 420 48.36 98.57 -16.15
C GLU M 420 47.54 99.81 -16.46
N ALA M 421 46.39 99.93 -15.79
CA ALA M 421 45.50 101.06 -16.05
C ALA M 421 46.04 102.35 -15.48
N ARG M 422 47.00 102.30 -14.57
CA ARG M 422 47.51 103.53 -13.98
C ARG M 422 48.57 104.18 -14.86
N GLU M 423 49.37 103.38 -15.57
CA GLU M 423 50.44 103.94 -16.37
C GLU M 423 49.88 104.68 -17.57
N ASP M 424 48.83 104.13 -18.17
CA ASP M 424 48.24 104.70 -19.38
C ASP M 424 47.85 106.14 -19.14
N LEU M 425 47.33 106.46 -17.94
CA LEU M 425 47.03 107.84 -17.61
C LEU M 425 48.29 108.67 -17.61
N ALA M 426 49.36 108.18 -16.98
CA ALA M 426 50.65 108.85 -17.08
C ALA M 426 51.08 109.02 -18.53
N ALA M 427 50.94 107.96 -19.32
CA ALA M 427 51.27 108.08 -20.74
C ALA M 427 50.37 109.08 -21.44
N LEU M 428 49.10 109.13 -21.07
CA LEU M 428 48.20 110.10 -21.67
C LEU M 428 48.44 111.50 -21.15
N GLU M 429 48.87 111.64 -19.90
CA GLU M 429 49.17 112.95 -19.33
C GLU M 429 50.29 113.64 -20.11
N LYS M 430 51.38 112.92 -20.36
CA LYS M 430 52.47 113.49 -21.14
C LYS M 430 52.04 113.76 -22.57
N ASP M 431 51.12 112.94 -23.10
CA ASP M 431 50.57 113.18 -24.42
C ASP M 431 49.85 114.52 -24.48
N PHE M 432 49.20 114.92 -23.39
CA PHE M 432 48.55 116.22 -23.34
C PHE M 432 49.53 117.36 -23.20
N GLU M 433 50.81 117.06 -22.98
CA GLU M 433 51.86 118.07 -22.95
C GLU M 433 52.79 118.01 -24.15
N GLU M 434 53.00 116.81 -24.71
CA GLU M 434 53.78 116.70 -25.93
C GLU M 434 53.17 117.49 -27.08
N VAL M 435 51.86 117.74 -27.04
CA VAL M 435 51.21 118.53 -28.08
C VAL M 435 51.47 120.01 -27.91
N GLY M 436 52.06 120.43 -26.80
CA GLY M 436 52.37 121.83 -26.58
C GLY M 436 53.81 122.17 -26.96
N MET N 1 -31.92 -16.74 132.85
CA MET N 1 -30.69 -17.53 132.81
C MET N 1 -29.78 -17.16 133.98
N ARG N 2 -28.62 -17.81 134.04
CA ARG N 2 -27.63 -17.59 135.10
C ARG N 2 -28.22 -17.85 136.48
N GLU N 3 -28.94 -18.97 136.61
CA GLU N 3 -29.62 -19.26 137.85
C GLU N 3 -28.61 -19.47 138.98
N ILE N 4 -29.09 -19.32 140.22
CA ILE N 4 -28.27 -19.42 141.41
C ILE N 4 -29.02 -20.24 142.45
N VAL N 5 -28.31 -21.15 143.10
CA VAL N 5 -28.84 -21.93 144.21
C VAL N 5 -28.08 -21.55 145.47
N HIS N 6 -28.78 -21.50 146.59
CA HIS N 6 -28.28 -20.88 147.81
C HIS N 6 -28.45 -21.82 148.99
N ILE N 7 -27.35 -22.08 149.69
CA ILE N 7 -27.36 -22.95 150.87
C ILE N 7 -27.31 -22.07 152.11
N GLN N 8 -27.79 -22.62 153.22
CA GLN N 8 -27.73 -21.95 154.53
C GLN N 8 -27.38 -23.01 155.56
N GLY N 9 -26.09 -23.16 155.84
CA GLY N 9 -25.61 -24.17 156.75
C GLY N 9 -25.29 -23.60 158.11
N GLY N 10 -25.84 -24.22 159.15
CA GLY N 10 -25.62 -23.79 160.51
C GLY N 10 -26.67 -22.79 160.98
N GLN N 11 -26.75 -22.65 162.31
CA GLN N 11 -27.69 -21.70 162.89
C GLN N 11 -27.50 -20.31 162.30
N CYS N 12 -26.27 -19.80 162.36
CA CYS N 12 -25.94 -18.57 161.66
C CYS N 12 -26.40 -18.64 160.21
N GLY N 13 -26.07 -19.73 159.53
CA GLY N 13 -26.51 -19.90 158.15
C GLY N 13 -28.01 -19.77 158.00
N ASN N 14 -28.77 -20.42 158.88
CA ASN N 14 -30.22 -20.25 158.83
C ASN N 14 -30.63 -18.83 159.24
N GLN N 15 -29.85 -18.20 160.11
CA GLN N 15 -30.25 -16.91 160.64
C GLN N 15 -29.93 -15.75 159.69
N ILE N 16 -28.74 -15.74 159.10
CA ILE N 16 -28.45 -14.65 158.17
C ILE N 16 -29.25 -14.81 156.89
N GLY N 17 -29.59 -16.05 156.53
CA GLY N 17 -30.47 -16.28 155.39
C GLY N 17 -31.84 -15.68 155.57
N ALA N 18 -32.29 -15.50 156.81
CA ALA N 18 -33.57 -14.86 157.05
C ALA N 18 -33.55 -13.42 156.57
N LYS N 19 -32.49 -12.68 156.92
CA LYS N 19 -32.39 -11.29 156.46
C LYS N 19 -32.07 -11.22 154.97
N PHE N 20 -31.18 -12.09 154.49
CA PHE N 20 -30.86 -12.10 153.07
C PHE N 20 -32.11 -12.31 152.23
N TRP N 21 -32.93 -13.31 152.59
CA TRP N 21 -34.16 -13.53 151.87
C TRP N 21 -35.24 -12.53 152.23
N GLU N 22 -35.05 -11.75 153.29
CA GLU N 22 -35.90 -10.59 153.50
C GLU N 22 -35.48 -9.43 152.61
N VAL N 23 -34.17 -9.17 152.55
CA VAL N 23 -33.67 -8.01 151.80
C VAL N 23 -34.03 -8.13 150.32
N VAL N 24 -33.66 -9.26 149.71
CA VAL N 24 -33.95 -9.45 148.30
C VAL N 24 -35.45 -9.38 148.02
N SER N 25 -36.25 -9.97 148.91
CA SER N 25 -37.70 -9.94 148.73
C SER N 25 -38.23 -8.52 148.67
N ASP N 26 -37.73 -7.65 149.53
CA ASP N 26 -38.07 -6.23 149.43
C ASP N 26 -37.54 -5.65 148.12
N GLU N 27 -36.30 -5.99 147.76
CA GLU N 27 -35.72 -5.47 146.53
C GLU N 27 -36.56 -5.84 145.31
N HIS N 28 -37.05 -7.07 145.27
CA HIS N 28 -37.94 -7.53 144.20
C HIS N 28 -39.42 -7.37 144.57
N GLY N 29 -39.72 -6.62 145.62
CA GLY N 29 -41.07 -6.23 145.94
C GLY N 29 -42.08 -7.36 145.98
N ILE N 30 -41.72 -8.45 146.66
CA ILE N 30 -42.61 -9.59 146.80
C ILE N 30 -43.05 -9.67 148.27
N ASP N 31 -44.35 -9.86 148.47
CA ASP N 31 -44.88 -9.96 149.81
C ASP N 31 -44.42 -11.25 150.47
N PRO N 32 -44.51 -11.34 151.79
CA PRO N 32 -44.27 -12.63 152.47
C PRO N 32 -45.22 -13.73 152.02
N THR N 33 -46.26 -13.40 151.27
CA THR N 33 -47.07 -14.41 150.59
C THR N 33 -46.49 -14.80 149.23
N GLY N 34 -45.30 -14.29 148.89
CA GLY N 34 -44.67 -14.60 147.63
C GLY N 34 -45.27 -13.92 146.42
N THR N 35 -46.29 -13.09 146.60
CA THR N 35 -46.92 -12.40 145.49
C THR N 35 -46.17 -11.10 145.19
N TYR N 36 -45.95 -10.85 143.91
CA TYR N 36 -45.23 -9.64 143.49
C TYR N 36 -46.15 -8.43 143.59
N HIS N 37 -45.64 -7.35 144.15
CA HIS N 37 -46.41 -6.12 144.28
C HIS N 37 -45.56 -4.89 144.03
N GLY N 38 -44.50 -5.03 143.24
CA GLY N 38 -43.61 -3.93 142.95
C GLY N 38 -44.25 -2.92 142.01
N ASP N 39 -43.39 -2.06 141.46
CA ASP N 39 -43.81 -0.98 140.57
C ASP N 39 -43.30 -1.15 139.15
N SER N 40 -42.03 -1.49 138.99
CA SER N 40 -41.40 -1.58 137.69
C SER N 40 -41.45 -3.01 137.16
N ASP N 41 -41.18 -3.16 135.87
CA ASP N 41 -40.98 -4.47 135.29
C ASP N 41 -39.55 -4.95 135.45
N LEU N 42 -38.66 -4.10 135.94
CA LEU N 42 -37.30 -4.53 136.22
C LEU N 42 -37.23 -5.53 137.37
N GLN N 43 -38.30 -5.69 138.15
CA GLN N 43 -38.26 -6.71 139.19
C GLN N 43 -38.54 -8.10 138.63
N LEU N 44 -39.38 -8.20 137.61
CA LEU N 44 -39.74 -9.48 137.04
C LEU N 44 -38.79 -9.94 135.93
N GLU N 45 -37.88 -9.07 135.49
CA GLU N 45 -36.99 -9.42 134.39
C GLU N 45 -36.05 -10.57 134.79
N ARG N 46 -35.27 -10.37 135.84
CA ARG N 46 -34.31 -11.41 136.23
C ARG N 46 -34.65 -12.00 137.59
N ILE N 47 -35.93 -12.25 137.83
CA ILE N 47 -36.35 -12.81 139.11
C ILE N 47 -35.95 -14.28 139.21
N ASN N 48 -35.86 -14.98 138.10
CA ASN N 48 -35.61 -16.42 138.16
C ASN N 48 -34.20 -16.75 138.57
N VAL N 49 -33.39 -15.78 138.98
CA VAL N 49 -32.07 -16.09 139.51
C VAL N 49 -32.13 -16.55 140.96
N TYR N 50 -33.24 -16.28 141.65
CA TYR N 50 -33.39 -16.61 143.05
C TYR N 50 -34.65 -17.40 143.39
N PHE N 51 -35.69 -17.31 142.57
CA PHE N 51 -36.99 -17.86 142.93
C PHE N 51 -37.46 -18.83 141.85
N ASN N 52 -38.55 -19.50 142.16
CA ASN N 52 -39.23 -20.39 141.21
C ASN N 52 -40.71 -20.03 141.21
N GLU N 53 -41.24 -19.71 140.04
CA GLU N 53 -42.66 -19.45 139.92
C GLU N 53 -43.45 -20.66 140.40
N ALA N 54 -44.59 -20.40 141.03
CA ALA N 54 -45.47 -21.45 141.53
C ALA N 54 -46.88 -21.15 141.06
N THR N 55 -47.84 -21.92 141.55
CA THR N 55 -49.22 -21.71 141.18
C THR N 55 -49.75 -20.44 141.84
N GLY N 56 -50.55 -19.68 141.10
CA GLY N 56 -51.17 -18.49 141.65
C GLY N 56 -50.26 -17.30 141.80
N GLY N 57 -49.14 -17.27 141.10
CA GLY N 57 -48.26 -16.13 141.16
C GLY N 57 -47.28 -16.12 142.31
N ARG N 58 -47.06 -17.27 142.95
CA ARG N 58 -46.12 -17.33 144.06
C ARG N 58 -44.68 -17.39 143.55
N TYR N 59 -43.81 -16.63 144.19
CA TYR N 59 -42.37 -16.68 143.95
C TYR N 59 -41.71 -17.22 145.21
N VAL N 60 -41.14 -18.42 145.12
CA VAL N 60 -40.53 -19.05 146.29
C VAL N 60 -39.04 -19.26 146.05
N PRO N 61 -38.20 -19.10 147.07
CA PRO N 61 -36.75 -19.03 146.84
C PRO N 61 -36.13 -20.37 146.49
N ARG N 62 -34.98 -20.28 145.84
CA ARG N 62 -34.12 -21.44 145.61
C ARG N 62 -33.17 -21.66 146.78
N ALA N 63 -33.73 -21.71 147.98
CA ALA N 63 -32.93 -21.79 149.19
C ALA N 63 -32.90 -23.21 149.74
N ILE N 64 -31.90 -23.47 150.57
CA ILE N 64 -31.78 -24.74 151.28
C ILE N 64 -31.38 -24.44 152.72
N LEU N 65 -32.22 -24.85 153.67
CA LEU N 65 -31.95 -24.62 155.08
C LEU N 65 -31.64 -25.97 155.71
N MET N 66 -30.41 -26.12 156.20
CA MET N 66 -29.95 -27.38 156.78
C MET N 66 -29.36 -27.10 158.15
N ASP N 67 -29.80 -27.86 159.15
CA ASP N 67 -29.40 -27.61 160.53
C ASP N 67 -29.85 -28.71 161.48
N LEU N 68 -28.93 -29.24 162.28
CA LEU N 68 -29.31 -30.11 163.38
C LEU N 68 -30.07 -29.32 164.45
N GLU N 69 -30.73 -30.04 165.35
CA GLU N 69 -31.52 -29.41 166.42
C GLU N 69 -32.53 -28.43 165.84
N PRO N 70 -33.68 -28.91 165.35
CA PRO N 70 -34.60 -28.04 164.61
C PRO N 70 -35.12 -26.84 165.40
N GLY N 71 -34.66 -26.68 166.64
CA GLY N 71 -35.05 -25.58 167.49
C GLY N 71 -34.93 -24.21 166.87
N THR N 72 -34.19 -24.10 165.78
CA THR N 72 -34.13 -22.84 165.05
C THR N 72 -35.12 -22.77 163.90
N MET N 73 -35.45 -23.91 163.29
CA MET N 73 -36.25 -23.88 162.07
C MET N 73 -37.69 -23.45 162.33
N ASP N 74 -38.14 -23.44 163.59
CA ASP N 74 -39.41 -22.83 163.90
C ASP N 74 -39.31 -21.32 163.95
N SER N 75 -38.13 -20.79 164.28
CA SER N 75 -37.94 -19.33 164.27
C SER N 75 -38.11 -18.78 162.87
N VAL N 76 -37.40 -19.35 161.89
CA VAL N 76 -37.58 -18.91 160.52
C VAL N 76 -39.00 -19.18 160.04
N ARG N 77 -39.63 -20.25 160.52
CA ARG N 77 -41.04 -20.46 160.26
C ARG N 77 -41.93 -19.51 161.05
N SER N 78 -41.36 -18.70 161.93
CA SER N 78 -42.12 -17.73 162.70
C SER N 78 -41.98 -16.31 162.16
N GLY N 79 -40.83 -15.96 161.62
CA GLY N 79 -40.57 -14.62 161.13
C GLY N 79 -41.55 -14.19 160.05
N PRO N 80 -41.53 -12.91 159.69
CA PRO N 80 -42.50 -12.42 158.72
C PRO N 80 -42.39 -13.07 157.35
N TYR N 81 -41.15 -13.27 156.87
CA TYR N 81 -40.92 -13.88 155.57
C TYR N 81 -40.68 -15.38 155.67
N GLY N 82 -41.27 -16.05 156.64
CA GLY N 82 -41.07 -17.46 156.82
C GLY N 82 -42.02 -18.36 156.07
N GLN N 83 -43.07 -17.82 155.48
CA GLN N 83 -44.01 -18.64 154.74
C GLN N 83 -43.59 -18.87 153.29
N ILE N 84 -42.59 -18.15 152.79
CA ILE N 84 -42.23 -18.27 151.38
C ILE N 84 -41.46 -19.55 151.13
N PHE N 85 -40.80 -20.09 152.15
CA PHE N 85 -39.97 -21.25 151.94
C PHE N 85 -40.80 -22.49 151.64
N ARG N 86 -40.26 -23.37 150.83
CA ARG N 86 -40.81 -24.70 150.67
C ARG N 86 -40.48 -25.50 151.92
N PRO N 87 -41.46 -26.01 152.66
CA PRO N 87 -41.14 -26.83 153.84
C PRO N 87 -40.35 -28.07 153.50
N ASP N 88 -40.36 -28.53 152.24
CA ASP N 88 -39.51 -29.65 151.87
C ASP N 88 -38.04 -29.26 151.86
N ASN N 89 -37.73 -27.99 151.57
CA ASN N 89 -36.36 -27.50 151.66
C ASN N 89 -36.05 -27.11 153.09
N PHE N 90 -36.37 -28.01 154.03
CA PHE N 90 -36.11 -27.82 155.46
C PHE N 90 -35.59 -29.15 155.96
N VAL N 91 -34.29 -29.38 155.80
CA VAL N 91 -33.67 -30.62 156.25
C VAL N 91 -33.00 -30.37 157.58
N PHE N 92 -33.48 -31.04 158.62
CA PHE N 92 -33.00 -30.83 159.97
C PHE N 92 -32.79 -32.18 160.64
N GLY N 93 -32.07 -32.15 161.75
CA GLY N 93 -31.86 -33.34 162.55
C GLY N 93 -32.31 -33.10 163.97
N GLN N 94 -32.98 -34.11 164.56
CA GLN N 94 -33.53 -33.96 165.89
C GLN N 94 -32.45 -33.81 166.94
N THR N 95 -31.28 -34.42 166.74
CA THR N 95 -30.17 -34.27 167.65
C THR N 95 -29.37 -33.01 167.30
N GLY N 96 -28.29 -32.77 168.06
CA GLY N 96 -27.45 -31.62 167.84
C GLY N 96 -26.00 -32.05 167.60
N ALA N 97 -25.19 -31.07 167.21
CA ALA N 97 -23.77 -31.30 166.93
C ALA N 97 -22.86 -30.93 168.09
N GLY N 98 -23.42 -30.39 169.18
CA GLY N 98 -22.65 -30.12 170.38
C GLY N 98 -21.35 -29.38 170.19
N ASN N 99 -21.28 -28.54 169.16
CA ASN N 99 -20.08 -27.76 168.84
C ASN N 99 -18.87 -28.67 168.70
N ASN N 100 -18.99 -29.66 167.83
CA ASN N 100 -17.92 -30.62 167.56
C ASN N 100 -17.86 -30.83 166.05
N TRP N 101 -16.70 -30.52 165.47
CA TRP N 101 -16.55 -30.64 164.03
C TRP N 101 -16.69 -32.07 163.56
N ALA N 102 -16.27 -33.04 164.36
CA ALA N 102 -16.27 -34.43 163.93
C ALA N 102 -17.67 -34.92 163.62
N LYS N 103 -18.56 -34.91 164.61
CA LYS N 103 -19.92 -35.39 164.38
C LYS N 103 -20.63 -34.57 163.32
N GLY N 104 -20.39 -33.27 163.30
CA GLY N 104 -20.92 -32.47 162.22
C GLY N 104 -20.38 -32.84 160.87
N HIS N 105 -19.24 -33.52 160.82
CA HIS N 105 -18.63 -33.91 159.56
C HIS N 105 -18.53 -35.41 159.34
N TYR N 106 -18.69 -36.23 160.38
CA TYR N 106 -18.51 -37.67 160.24
C TYR N 106 -19.77 -38.46 160.52
N THR N 107 -20.36 -38.32 161.71
CA THR N 107 -21.48 -39.17 162.08
C THR N 107 -22.83 -38.61 161.61
N GLU N 108 -23.20 -37.44 162.11
CA GLU N 108 -24.52 -36.91 161.81
C GLU N 108 -24.59 -36.32 160.41
N GLY N 109 -23.52 -35.68 159.97
CA GLY N 109 -23.49 -35.18 158.61
C GLY N 109 -23.79 -36.25 157.58
N ALA N 110 -23.08 -37.38 157.69
CA ALA N 110 -23.22 -38.46 156.71
C ALA N 110 -24.61 -39.04 156.66
N GLU N 111 -25.51 -38.64 157.56
CA GLU N 111 -26.88 -39.17 157.56
C GLU N 111 -27.88 -38.22 156.91
N LEU N 112 -27.56 -36.93 156.81
CA LEU N 112 -28.46 -35.99 156.15
C LEU N 112 -28.07 -35.75 154.70
N ILE N 113 -26.79 -35.92 154.36
CA ILE N 113 -26.30 -35.56 153.03
C ILE N 113 -27.05 -36.33 151.96
N ASP N 114 -27.26 -37.63 152.17
CA ASP N 114 -28.02 -38.43 151.22
C ASP N 114 -29.33 -37.76 150.84
N SER N 115 -30.00 -37.15 151.83
CA SER N 115 -31.26 -36.45 151.56
C SER N 115 -31.01 -35.06 151.02
N VAL N 116 -30.08 -34.32 151.63
CA VAL N 116 -29.79 -32.95 151.22
C VAL N 116 -29.46 -32.90 149.73
N LEU N 117 -28.74 -33.90 149.24
CA LEU N 117 -28.35 -33.89 147.84
C LEU N 117 -29.55 -34.03 146.92
N ASP N 118 -30.55 -34.81 147.33
CA ASP N 118 -31.77 -34.88 146.55
C ASP N 118 -32.48 -33.54 146.51
N VAL N 119 -32.29 -32.72 147.54
CA VAL N 119 -32.84 -31.36 147.52
C VAL N 119 -32.10 -30.49 146.52
N VAL N 120 -30.78 -30.37 146.71
CA VAL N 120 -30.01 -29.44 145.87
C VAL N 120 -30.08 -29.83 144.41
N ARG N 121 -30.11 -31.13 144.10
CA ARG N 121 -30.25 -31.52 142.71
C ARG N 121 -31.64 -31.20 142.19
N LYS N 122 -32.67 -31.43 143.01
CA LYS N 122 -34.04 -31.17 142.56
C LYS N 122 -34.23 -29.75 142.10
N GLU N 123 -33.38 -28.83 142.54
CA GLU N 123 -33.39 -27.48 142.01
C GLU N 123 -32.19 -27.16 141.14
N ALA N 124 -31.22 -28.07 141.02
CA ALA N 124 -30.16 -27.88 140.05
C ALA N 124 -30.69 -28.05 138.64
N GLU N 125 -31.44 -29.13 138.40
CA GLU N 125 -32.05 -29.36 137.09
C GLU N 125 -33.19 -28.40 136.80
N SER N 126 -33.76 -27.75 137.81
CA SER N 126 -34.81 -26.78 137.58
C SER N 126 -34.32 -25.55 136.84
N CYS N 127 -33.03 -25.45 136.56
CA CYS N 127 -32.43 -24.29 135.93
C CYS N 127 -32.03 -24.64 134.50
N ASP N 128 -32.14 -23.66 133.61
CA ASP N 128 -31.65 -23.84 132.25
C ASP N 128 -30.13 -23.74 132.21
N CYS N 129 -29.56 -22.71 132.83
CA CYS N 129 -28.11 -22.50 132.88
C CYS N 129 -27.78 -22.04 134.29
N LEU N 130 -27.42 -23.00 135.15
CA LEU N 130 -27.03 -22.67 136.51
C LEU N 130 -25.71 -21.92 136.52
N GLN N 131 -25.67 -20.79 137.24
CA GLN N 131 -24.44 -20.02 137.31
C GLN N 131 -23.47 -20.61 138.32
N GLY N 132 -23.91 -20.78 139.56
CA GLY N 132 -23.05 -21.35 140.57
C GLY N 132 -23.76 -21.45 141.90
N PHE N 133 -23.03 -21.99 142.88
CA PHE N 133 -23.52 -22.16 144.23
C PHE N 133 -23.08 -21.00 145.11
N GLN N 134 -23.68 -20.93 146.29
CA GLN N 134 -23.26 -19.99 147.32
C GLN N 134 -23.78 -20.46 148.66
N VAL N 135 -22.92 -20.37 149.68
CA VAL N 135 -23.24 -20.86 151.01
C VAL N 135 -23.03 -19.75 152.02
N CYS N 136 -23.52 -19.97 153.23
CA CYS N 136 -23.29 -19.10 154.37
C CYS N 136 -22.95 -19.99 155.56
N HIS N 137 -21.91 -19.60 156.30
CA HIS N 137 -21.33 -20.52 157.28
C HIS N 137 -21.12 -19.80 158.60
N SER N 138 -20.64 -20.57 159.57
CA SER N 138 -20.13 -20.05 160.84
C SER N 138 -19.07 -21.05 161.28
N LEU N 139 -17.80 -20.70 161.06
CA LEU N 139 -16.73 -21.69 161.18
C LEU N 139 -16.49 -22.16 162.60
N GLY N 140 -17.09 -21.51 163.61
CA GLY N 140 -16.82 -21.90 164.98
C GLY N 140 -17.60 -23.11 165.43
N GLY N 141 -18.86 -23.23 165.01
CA GLY N 141 -19.72 -24.30 165.44
C GLY N 141 -19.44 -25.60 164.72
N GLY N 142 -20.30 -26.58 165.00
CA GLY N 142 -20.17 -27.89 164.40
C GLY N 142 -21.13 -28.11 163.24
N THR N 143 -22.37 -27.67 163.39
CA THR N 143 -23.35 -27.83 162.32
C THR N 143 -22.92 -27.06 161.08
N GLY N 144 -22.59 -25.77 161.25
CA GLY N 144 -22.22 -24.96 160.11
C GLY N 144 -20.94 -25.43 159.45
N SER N 145 -19.88 -25.56 160.24
CA SER N 145 -18.59 -25.95 159.69
C SER N 145 -18.62 -27.41 159.23
N GLY N 146 -18.90 -28.33 160.16
CA GLY N 146 -18.87 -29.74 159.85
C GLY N 146 -19.73 -30.16 158.68
N MET N 147 -21.04 -30.02 158.83
CA MET N 147 -21.94 -30.43 157.75
C MET N 147 -21.79 -29.56 156.52
N GLY N 148 -21.42 -28.30 156.71
CA GLY N 148 -21.19 -27.40 155.59
C GLY N 148 -20.08 -27.90 154.70
N THR N 149 -18.90 -28.13 155.27
CA THR N 149 -17.78 -28.65 154.48
C THR N 149 -18.12 -30.01 153.89
N LEU N 150 -18.75 -30.88 154.67
CA LEU N 150 -19.17 -32.18 154.14
C LEU N 150 -20.12 -32.01 152.98
N LEU N 151 -21.04 -31.05 153.08
CA LEU N 151 -21.92 -30.76 151.95
C LEU N 151 -21.14 -30.21 150.76
N ILE N 152 -20.11 -29.40 151.04
CA ILE N 152 -19.32 -28.81 149.97
C ILE N 152 -18.62 -29.90 149.17
N SER N 153 -17.87 -30.76 149.85
CA SER N 153 -17.06 -31.78 149.21
C SER N 153 -17.90 -32.77 148.43
N LYS N 154 -19.23 -32.69 148.58
CA LYS N 154 -20.12 -33.46 147.70
C LYS N 154 -20.45 -32.68 146.44
N ILE N 155 -20.64 -31.37 146.55
CA ILE N 155 -20.95 -30.55 145.39
C ILE N 155 -19.76 -30.48 144.45
N ARG N 156 -18.55 -30.46 144.99
CA ARG N 156 -17.36 -30.22 144.19
C ARG N 156 -17.17 -31.24 143.09
N GLU N 157 -17.72 -32.44 143.24
CA GLU N 157 -17.59 -33.48 142.23
C GLU N 157 -18.79 -33.58 141.31
N GLU N 158 -20.01 -33.46 141.86
CA GLU N 158 -21.19 -33.46 141.01
C GLU N 158 -21.20 -32.27 140.07
N TYR N 159 -20.59 -31.16 140.47
CA TYR N 159 -20.55 -29.94 139.68
C TYR N 159 -19.22 -29.23 139.89
N PRO N 160 -18.15 -29.71 139.27
CA PRO N 160 -16.85 -29.03 139.38
C PRO N 160 -16.76 -27.81 138.48
N ASP N 161 -17.39 -27.89 137.31
CA ASP N 161 -17.36 -26.79 136.36
C ASP N 161 -17.99 -25.54 136.95
N ARG N 162 -19.12 -25.69 137.62
CA ARG N 162 -19.81 -24.56 138.21
C ARG N 162 -18.97 -23.96 139.34
N MET N 163 -19.42 -22.80 139.82
CA MET N 163 -18.68 -22.01 140.80
C MET N 163 -19.35 -22.08 142.15
N MET N 164 -18.55 -22.03 143.21
CA MET N 164 -19.06 -22.09 144.58
C MET N 164 -18.53 -20.90 145.37
N LEU N 165 -19.45 -20.16 145.98
CA LEU N 165 -19.14 -19.04 146.84
C LEU N 165 -19.17 -19.46 148.30
N THR N 166 -18.61 -18.63 149.17
CA THR N 166 -18.59 -18.95 150.59
C THR N 166 -18.49 -17.66 151.41
N PHE N 167 -19.56 -17.34 152.13
CA PHE N 167 -19.55 -16.23 153.09
C PHE N 167 -19.26 -16.76 154.49
N SER N 168 -18.10 -17.40 154.64
CA SER N 168 -17.73 -17.97 155.92
C SER N 168 -17.57 -16.90 156.98
N VAL N 169 -18.02 -17.21 158.19
CA VAL N 169 -17.89 -16.32 159.34
C VAL N 169 -16.78 -16.89 160.20
N VAL N 170 -15.59 -16.31 160.11
CA VAL N 170 -14.43 -16.79 160.85
C VAL N 170 -14.65 -16.49 162.33
N PRO N 171 -14.20 -17.34 163.24
CA PRO N 171 -14.24 -17.01 164.67
C PRO N 171 -13.23 -15.92 164.99
N SER N 172 -13.22 -15.53 166.26
CA SER N 172 -12.41 -14.41 166.70
C SER N 172 -12.01 -14.61 168.15
N PRO N 173 -10.83 -14.15 168.56
CA PRO N 173 -10.40 -14.37 169.94
C PRO N 173 -11.02 -13.37 170.90
N LYS N 174 -11.36 -12.19 170.40
CA LYS N 174 -11.91 -11.16 171.26
C LYS N 174 -13.29 -11.56 171.78
N VAL N 175 -14.17 -12.00 170.88
CA VAL N 175 -15.47 -12.52 171.27
C VAL N 175 -15.32 -14.05 171.33
N SER N 176 -14.91 -14.53 172.50
CA SER N 176 -14.66 -15.95 172.71
C SER N 176 -15.93 -16.61 173.24
N ASP N 177 -16.91 -16.73 172.34
CA ASP N 177 -18.18 -17.36 172.70
C ASP N 177 -17.98 -18.81 173.11
N THR N 178 -16.99 -19.48 172.53
CA THR N 178 -16.77 -20.91 172.74
C THR N 178 -15.27 -21.12 172.94
N VAL N 179 -14.88 -22.35 173.25
CA VAL N 179 -13.51 -22.69 173.56
C VAL N 179 -12.88 -23.55 172.47
N VAL N 180 -13.66 -24.45 171.89
CA VAL N 180 -13.17 -25.48 170.98
C VAL N 180 -13.16 -24.91 169.57
N GLU N 181 -13.37 -23.60 169.45
CA GLU N 181 -13.40 -22.94 168.15
C GLU N 181 -12.20 -23.24 167.27
N PRO N 182 -10.94 -23.13 167.74
CA PRO N 182 -9.81 -23.36 166.83
C PRO N 182 -9.84 -24.71 166.13
N TYR N 183 -10.15 -25.78 166.87
CA TYR N 183 -10.30 -27.08 166.23
C TYR N 183 -11.34 -27.05 165.12
N ASN N 184 -12.50 -26.45 165.41
CA ASN N 184 -13.52 -26.31 164.39
C ASN N 184 -13.12 -25.32 163.30
N ALA N 185 -12.17 -24.42 163.58
CA ALA N 185 -11.76 -23.44 162.59
C ALA N 185 -10.83 -24.05 161.55
N THR N 186 -9.68 -24.56 162.00
CA THR N 186 -8.71 -25.12 161.05
C THR N 186 -9.28 -26.29 160.29
N LEU N 187 -9.94 -27.22 160.99
CA LEU N 187 -10.49 -28.39 160.33
C LEU N 187 -11.44 -28.01 159.20
N SER N 188 -12.15 -26.89 159.35
CA SER N 188 -12.98 -26.40 158.25
C SER N 188 -12.13 -25.75 157.18
N VAL N 189 -11.11 -24.99 157.57
CA VAL N 189 -10.22 -24.34 156.60
C VAL N 189 -9.61 -25.38 155.67
N HIS N 190 -9.09 -26.47 156.26
CA HIS N 190 -8.51 -27.54 155.47
C HIS N 190 -9.48 -28.07 154.41
N GLN N 191 -10.78 -27.87 154.59
CA GLN N 191 -11.75 -28.20 153.57
C GLN N 191 -11.99 -27.04 152.61
N LEU N 192 -11.75 -25.81 153.05
CA LEU N 192 -12.00 -24.65 152.22
C LEU N 192 -10.90 -24.41 151.20
N VAL N 193 -9.65 -24.73 151.55
CA VAL N 193 -8.53 -24.46 150.66
C VAL N 193 -8.69 -25.20 149.34
N GLU N 194 -9.18 -26.44 149.39
CA GLU N 194 -9.32 -27.26 148.20
C GLU N 194 -10.72 -27.21 147.60
N ASN N 195 -11.74 -26.94 148.39
CA ASN N 195 -13.10 -27.05 147.91
C ASN N 195 -13.85 -25.73 148.00
N ALA N 196 -13.21 -24.64 147.59
CA ALA N 196 -13.89 -23.35 147.54
C ALA N 196 -13.24 -22.50 146.46
N ASP N 197 -14.05 -22.10 145.48
CA ASP N 197 -13.55 -21.26 144.39
C ASP N 197 -13.28 -19.84 144.89
N GLU N 198 -14.26 -19.24 145.55
CA GLU N 198 -14.09 -17.99 146.28
C GLU N 198 -14.50 -18.21 147.72
N CYS N 199 -13.92 -17.41 148.62
CA CYS N 199 -14.25 -17.54 150.04
C CYS N 199 -14.03 -16.19 150.71
N MET N 200 -15.10 -15.44 150.91
CA MET N 200 -15.03 -14.22 151.69
C MET N 200 -15.04 -14.56 153.18
N VAL N 201 -14.21 -13.85 153.94
CA VAL N 201 -14.11 -14.06 155.38
C VAL N 201 -14.64 -12.81 156.08
N LEU N 202 -15.60 -13.00 156.97
CA LEU N 202 -16.16 -11.93 157.76
C LEU N 202 -16.00 -12.27 159.24
N ASP N 203 -15.83 -11.24 160.04
CA ASP N 203 -15.63 -11.43 161.48
C ASP N 203 -16.52 -10.44 162.23
N ASN N 204 -17.20 -10.94 163.26
CA ASN N 204 -18.11 -10.09 164.01
C ASN N 204 -17.39 -8.97 164.75
N GLU N 205 -16.06 -9.01 164.82
CA GLU N 205 -15.31 -7.91 165.41
C GLU N 205 -15.59 -6.62 164.67
N ALA N 206 -15.18 -6.55 163.41
CA ALA N 206 -15.49 -5.36 162.62
C ALA N 206 -16.99 -5.17 162.47
N LEU N 207 -17.75 -6.27 162.48
CA LEU N 207 -19.21 -6.14 162.49
C LEU N 207 -19.68 -5.39 163.72
N TYR N 208 -18.89 -5.39 164.79
CA TYR N 208 -19.26 -4.63 165.98
C TYR N 208 -18.79 -3.18 165.88
N ASP N 209 -17.59 -2.96 165.34
CA ASP N 209 -17.07 -1.60 165.26
C ASP N 209 -17.89 -0.73 164.32
N ILE N 210 -18.30 -1.28 163.18
CA ILE N 210 -19.18 -0.54 162.28
C ILE N 210 -20.45 -0.10 163.02
N CYS N 211 -20.94 -0.94 163.93
CA CYS N 211 -22.12 -0.56 164.69
C CYS N 211 -21.81 0.51 165.73
N PHE N 212 -20.65 0.41 166.39
CA PHE N 212 -20.36 1.34 167.47
C PHE N 212 -19.83 2.67 166.96
N ARG N 213 -19.01 2.64 165.91
CA ARG N 213 -18.33 3.84 165.43
C ARG N 213 -18.98 4.43 164.18
N THR N 214 -19.15 3.62 163.14
CA THR N 214 -19.80 4.12 161.93
C THR N 214 -21.29 4.29 162.14
N LEU N 215 -21.98 3.21 162.50
CA LEU N 215 -23.43 3.30 162.73
C LEU N 215 -23.78 3.95 164.05
N LYS N 216 -22.85 3.98 165.01
CA LYS N 216 -23.09 4.58 166.33
C LYS N 216 -24.29 3.95 167.03
N LEU N 217 -24.61 2.71 166.69
CA LEU N 217 -25.77 2.05 167.28
C LEU N 217 -25.57 1.85 168.78
N THR N 218 -26.67 1.92 169.52
CA THR N 218 -26.61 1.76 170.96
C THR N 218 -26.49 0.28 171.35
N THR N 219 -27.43 -0.54 170.88
CA THR N 219 -27.47 -1.96 171.22
C THR N 219 -27.38 -2.78 169.94
N PRO N 220 -26.17 -3.12 169.50
CA PRO N 220 -26.02 -3.94 168.30
C PRO N 220 -26.40 -5.38 168.58
N THR N 221 -27.55 -5.80 168.09
CA THR N 221 -27.98 -7.18 168.14
C THR N 221 -27.64 -7.85 166.82
N PHE N 222 -27.51 -9.18 166.86
CA PHE N 222 -27.28 -9.94 165.65
C PHE N 222 -28.28 -9.59 164.55
N GLY N 223 -29.52 -9.28 164.93
CA GLY N 223 -30.50 -8.81 163.97
C GLY N 223 -30.10 -7.55 163.24
N ASP N 224 -29.07 -6.85 163.72
CA ASP N 224 -28.51 -5.71 163.00
C ASP N 224 -27.30 -6.11 162.18
N LEU N 225 -26.45 -6.99 162.72
CA LEU N 225 -25.31 -7.49 161.95
C LEU N 225 -25.77 -8.18 160.68
N ASN N 226 -26.85 -8.97 160.76
CA ASN N 226 -27.32 -9.64 159.57
C ASN N 226 -27.78 -8.63 158.52
N HIS N 227 -28.25 -7.46 158.94
CA HIS N 227 -28.55 -6.40 157.99
C HIS N 227 -27.28 -5.85 157.35
N LEU N 228 -26.11 -6.19 157.89
CA LEU N 228 -24.85 -5.80 157.27
C LEU N 228 -24.34 -6.87 156.31
N ILE N 229 -24.40 -8.13 156.71
CA ILE N 229 -23.98 -9.20 155.83
C ILE N 229 -24.90 -9.29 154.63
N SER N 230 -26.21 -9.22 154.86
CA SER N 230 -27.17 -9.32 153.78
C SER N 230 -27.00 -8.20 152.77
N ALA N 231 -26.28 -7.14 153.13
CA ALA N 231 -26.04 -6.06 152.19
C ALA N 231 -25.09 -6.49 151.08
N VAL N 232 -23.93 -7.06 151.45
CA VAL N 232 -22.94 -7.40 150.45
C VAL N 232 -23.42 -8.54 149.56
N MET N 233 -24.14 -9.51 150.14
CA MET N 233 -24.62 -10.63 149.36
C MET N 233 -25.60 -10.18 148.28
N SER N 234 -26.39 -9.16 148.56
CA SER N 234 -27.18 -8.54 147.50
C SER N 234 -26.33 -7.62 146.65
N GLY N 235 -25.26 -7.05 147.22
CA GLY N 235 -24.37 -6.21 146.45
C GLY N 235 -23.54 -6.96 145.44
N ILE N 236 -23.47 -8.28 145.56
CA ILE N 236 -22.72 -9.07 144.58
C ILE N 236 -23.50 -9.23 143.29
N THR N 237 -24.75 -9.71 143.41
CA THR N 237 -25.52 -10.17 142.27
C THR N 237 -26.36 -9.07 141.64
N CYS N 238 -25.98 -7.81 141.84
CA CYS N 238 -26.66 -6.71 141.16
C CYS N 238 -26.54 -6.85 139.64
N CYS N 239 -25.33 -7.12 139.15
CA CYS N 239 -25.13 -7.28 137.71
C CYS N 239 -25.84 -8.51 137.19
N LEU N 240 -25.98 -9.55 138.01
CA LEU N 240 -26.72 -10.73 137.58
C LEU N 240 -28.20 -10.42 137.41
N ARG N 241 -28.75 -9.57 138.27
CA ARG N 241 -30.18 -9.29 138.26
C ARG N 241 -30.51 -8.00 137.53
N PHE N 242 -29.73 -6.95 137.74
CA PHE N 242 -30.09 -5.67 137.17
C PHE N 242 -29.17 -5.29 136.02
N PRO N 243 -29.69 -4.62 135.00
CA PRO N 243 -28.82 -4.10 133.94
C PRO N 243 -27.85 -3.08 134.48
N GLY N 244 -26.79 -2.85 133.72
CA GLY N 244 -25.77 -1.90 134.09
C GLY N 244 -24.86 -1.60 132.92
N GLN N 245 -24.39 -0.36 132.81
CA GLN N 245 -23.56 0.00 131.67
C GLN N 245 -22.27 -0.79 131.62
N LEU N 246 -21.78 -1.27 132.76
CA LEU N 246 -20.61 -2.14 132.82
C LEU N 246 -20.95 -3.28 133.78
N ASN N 247 -21.59 -4.33 133.24
CA ASN N 247 -21.98 -5.45 134.08
C ASN N 247 -20.75 -6.25 134.51
N ALA N 248 -20.97 -7.12 135.48
CA ALA N 248 -19.89 -8.00 135.98
C ALA N 248 -20.54 -9.27 136.51
N ASP N 249 -20.38 -10.35 135.76
CA ASP N 249 -20.90 -11.65 136.16
C ASP N 249 -20.18 -12.12 137.42
N LEU N 250 -20.62 -13.25 137.95
CA LEU N 250 -20.01 -13.80 139.16
C LEU N 250 -18.63 -14.38 138.86
N ARG N 251 -18.51 -15.11 137.77
CA ARG N 251 -17.24 -15.76 137.45
C ARG N 251 -16.15 -14.74 137.14
N LYS N 252 -16.45 -13.77 136.27
CA LYS N 252 -15.44 -12.78 135.91
C LYS N 252 -14.94 -11.98 137.10
N LEU N 253 -15.57 -12.12 138.26
CA LEU N 253 -15.08 -11.49 139.48
C LEU N 253 -14.06 -12.36 140.19
N ALA N 254 -13.99 -13.66 139.85
CA ALA N 254 -12.99 -14.56 140.40
C ALA N 254 -11.69 -14.49 139.62
N VAL N 255 -11.75 -14.82 138.32
CA VAL N 255 -10.57 -14.81 137.46
C VAL N 255 -9.83 -13.50 137.55
N ASN N 256 -10.54 -12.40 137.75
CA ASN N 256 -9.95 -11.08 137.79
C ASN N 256 -9.35 -10.74 139.15
N LEU N 257 -9.40 -11.64 140.13
CA LEU N 257 -8.94 -11.35 141.48
C LEU N 257 -8.00 -12.40 142.07
N ILE N 258 -8.13 -13.65 141.65
CA ILE N 258 -7.36 -14.74 142.25
C ILE N 258 -6.19 -15.11 141.34
N PRO N 259 -4.98 -14.63 141.60
CA PRO N 259 -3.85 -14.98 140.74
C PRO N 259 -3.46 -16.45 140.85
N PHE N 260 -3.31 -16.94 142.08
CA PHE N 260 -2.88 -18.30 142.32
C PHE N 260 -3.99 -19.08 142.99
N PRO N 261 -4.21 -20.35 142.61
CA PRO N 261 -5.48 -21.03 142.91
C PRO N 261 -5.79 -21.18 144.39
N ARG N 262 -4.87 -20.77 145.27
CA ARG N 262 -5.08 -20.92 146.70
C ARG N 262 -5.60 -19.66 147.37
N LEU N 263 -5.22 -18.49 146.88
CA LEU N 263 -5.47 -17.24 147.58
C LEU N 263 -6.89 -16.75 147.37
N HIS N 264 -7.87 -17.61 147.65
CA HIS N 264 -9.28 -17.28 147.44
C HIS N 264 -9.94 -16.73 148.70
N PHE N 265 -9.18 -16.08 149.57
CA PHE N 265 -9.73 -15.44 150.75
C PHE N 265 -9.74 -13.93 150.53
N PHE N 266 -10.90 -13.32 150.75
CA PHE N 266 -11.12 -11.92 150.40
C PHE N 266 -11.48 -11.12 151.64
N MET N 267 -11.89 -9.88 151.42
CA MET N 267 -12.21 -8.97 152.51
C MET N 267 -13.20 -7.95 151.98
N VAL N 268 -14.28 -7.72 152.72
CA VAL N 268 -15.44 -7.02 152.20
C VAL N 268 -15.71 -5.76 153.02
N GLY N 269 -16.67 -4.98 152.55
CA GLY N 269 -17.10 -3.76 153.21
C GLY N 269 -18.16 -3.06 152.38
N PHE N 270 -19.21 -2.55 153.01
CA PHE N 270 -20.33 -1.97 152.30
C PHE N 270 -20.38 -0.46 152.54
N THR N 271 -20.89 0.27 151.54
CA THR N 271 -20.93 1.72 151.56
C THR N 271 -22.18 2.17 150.82
N PRO N 272 -22.83 3.26 151.26
CA PRO N 272 -22.43 4.07 152.41
C PRO N 272 -23.07 3.60 153.70
N LEU N 273 -22.44 3.91 154.81
CA LEU N 273 -22.96 3.60 156.14
C LEU N 273 -22.85 4.86 156.98
N THR N 274 -24.00 5.39 157.40
CA THR N 274 -24.06 6.70 158.05
C THR N 274 -25.00 6.61 159.24
N SER N 275 -24.63 7.26 160.33
CA SER N 275 -25.53 7.37 161.46
C SER N 275 -26.76 8.18 161.08
N ARG N 276 -27.77 8.16 161.94
CA ARG N 276 -28.94 8.99 161.67
C ARG N 276 -28.67 10.47 161.95
N GLY N 277 -27.54 10.79 162.59
CA GLY N 277 -27.17 12.16 162.82
C GLY N 277 -26.39 12.78 161.67
N SER N 278 -25.56 11.97 161.01
CA SER N 278 -24.69 12.47 159.96
C SER N 278 -25.34 12.47 158.58
N GLN N 279 -26.55 11.93 158.43
CA GLN N 279 -27.25 12.08 157.16
C GLN N 279 -27.47 13.55 156.81
N GLN N 280 -27.24 14.45 157.76
CA GLN N 280 -27.38 15.89 157.54
C GLN N 280 -26.11 16.52 156.99
N TYR N 281 -24.95 15.89 157.19
CA TYR N 281 -23.67 16.44 156.81
C TYR N 281 -23.06 15.79 155.58
N ARG N 282 -23.66 14.72 155.07
CA ARG N 282 -23.05 13.92 154.02
C ARG N 282 -23.67 14.24 152.66
N ALA N 283 -22.84 14.14 151.62
CA ALA N 283 -23.29 14.27 150.24
C ALA N 283 -23.34 12.89 149.59
N LEU N 284 -24.29 12.72 148.67
CA LEU N 284 -24.45 11.46 147.94
C LEU N 284 -23.69 11.56 146.62
N THR N 285 -22.36 11.54 146.73
CA THR N 285 -21.50 11.62 145.56
C THR N 285 -20.60 10.39 145.52
N VAL N 286 -20.04 10.13 144.34
CA VAL N 286 -19.10 9.02 144.20
C VAL N 286 -17.84 9.22 145.02
N PRO N 287 -17.23 10.42 145.10
CA PRO N 287 -16.05 10.56 145.97
C PRO N 287 -16.31 10.20 147.42
N GLU N 288 -17.51 10.47 147.92
CA GLU N 288 -17.83 10.07 149.30
C GLU N 288 -17.77 8.56 149.45
N LEU N 289 -18.39 7.83 148.53
CA LEU N 289 -18.37 6.38 148.59
C LEU N 289 -16.95 5.83 148.51
N THR N 290 -16.21 6.23 147.47
CA THR N 290 -14.88 5.69 147.26
C THR N 290 -13.92 6.05 148.39
N GLN N 291 -14.22 7.10 149.15
CA GLN N 291 -13.40 7.45 150.29
C GLN N 291 -13.75 6.64 151.53
N GLN N 292 -14.93 6.04 151.56
CA GLN N 292 -15.33 5.18 152.66
C GLN N 292 -14.97 3.73 152.41
N MET N 293 -15.24 3.21 151.20
CA MET N 293 -14.98 1.80 150.93
C MET N 293 -13.49 1.48 150.99
N TRP N 294 -12.64 2.46 150.70
CA TRP N 294 -11.20 2.25 150.78
C TRP N 294 -10.66 2.45 152.19
N ASP N 295 -11.47 2.99 153.09
CA ASP N 295 -11.02 3.24 154.45
C ASP N 295 -10.85 1.92 155.19
N ALA N 296 -9.78 1.82 155.98
CA ALA N 296 -9.44 0.58 156.66
C ALA N 296 -10.37 0.26 157.81
N LYS N 297 -11.37 1.09 158.08
CA LYS N 297 -12.31 0.84 159.16
C LYS N 297 -13.48 -0.02 158.71
N ASN N 298 -13.97 0.18 157.49
CA ASN N 298 -15.14 -0.54 157.01
C ASN N 298 -14.88 -2.02 156.79
N MET N 299 -13.62 -2.44 156.70
CA MET N 299 -13.31 -3.83 156.36
C MET N 299 -13.98 -4.78 157.34
N MET N 300 -14.95 -5.56 156.87
CA MET N 300 -15.75 -6.40 157.74
C MET N 300 -14.92 -7.45 158.48
N CYS N 301 -13.68 -7.67 158.08
CA CYS N 301 -12.79 -8.56 158.79
C CYS N 301 -11.74 -7.77 159.57
N ALA N 302 -11.22 -8.38 160.62
CA ALA N 302 -10.26 -7.72 161.51
C ALA N 302 -8.83 -7.93 161.03
N ALA N 303 -8.59 -7.57 159.78
CA ALA N 303 -7.26 -7.56 159.19
C ALA N 303 -6.97 -6.17 158.66
N ASP N 304 -5.93 -5.54 159.17
CA ASP N 304 -5.62 -4.16 158.83
C ASP N 304 -4.85 -4.13 157.51
N PRO N 305 -5.42 -3.61 156.43
CA PRO N 305 -4.69 -3.59 155.15
C PRO N 305 -3.47 -2.70 155.17
N ARG N 306 -3.35 -1.77 156.11
CA ARG N 306 -2.20 -0.88 156.13
C ARG N 306 -0.89 -1.58 156.47
N HIS N 307 -0.93 -2.89 156.71
CA HIS N 307 0.28 -3.67 156.95
C HIS N 307 0.61 -4.60 155.79
N GLY N 308 -0.40 -5.07 155.06
CA GLY N 308 -0.20 -5.91 153.91
C GLY N 308 -0.06 -5.10 152.64
N ARG N 309 -0.25 -5.77 151.51
CA ARG N 309 -0.19 -5.12 150.21
C ARG N 309 -1.29 -5.70 149.34
N TYR N 310 -2.23 -4.86 148.92
CA TYR N 310 -3.37 -5.31 148.14
C TYR N 310 -2.94 -6.00 146.85
N LEU N 311 -3.21 -7.30 146.74
CA LEU N 311 -3.02 -7.96 145.46
C LEU N 311 -4.01 -7.40 144.43
N THR N 312 -5.30 -7.58 144.69
CA THR N 312 -6.35 -7.07 143.81
C THR N 312 -7.42 -6.42 144.68
N ALA N 313 -8.42 -5.85 144.02
CA ALA N 313 -9.58 -5.28 144.70
C ALA N 313 -10.70 -5.19 143.68
N SER N 314 -11.82 -4.62 144.12
CA SER N 314 -12.98 -4.46 143.23
C SER N 314 -13.90 -3.42 143.84
N ALA N 315 -14.99 -3.13 143.12
CA ALA N 315 -16.00 -2.20 143.58
C ALA N 315 -17.26 -2.34 142.74
N LEU N 316 -18.40 -2.55 143.38
CA LEU N 316 -19.67 -2.71 142.67
C LEU N 316 -20.56 -1.53 143.03
N PHE N 317 -20.54 -0.51 142.17
CA PHE N 317 -21.38 0.66 142.39
C PHE N 317 -22.78 0.40 141.87
N ARG N 318 -23.73 1.18 142.38
CA ARG N 318 -25.12 1.07 141.97
C ARG N 318 -25.70 2.47 141.85
N GLY N 319 -26.54 2.65 140.82
CA GLY N 319 -27.16 3.95 140.61
C GLY N 319 -26.75 4.53 139.28
N ARG N 320 -27.67 5.23 138.62
CA ARG N 320 -27.35 5.81 137.32
C ARG N 320 -26.38 6.96 137.54
N MET N 321 -25.09 6.66 137.46
CA MET N 321 -24.05 7.61 137.83
C MET N 321 -23.06 7.79 136.67
N SER N 322 -21.97 8.51 136.93
CA SER N 322 -20.95 8.76 135.92
C SER N 322 -19.85 7.73 136.06
N THR N 323 -19.46 7.13 134.94
CA THR N 323 -18.43 6.09 135.00
C THR N 323 -17.03 6.69 135.04
N LYS N 324 -16.81 7.83 134.37
CA LYS N 324 -15.47 8.43 134.39
C LYS N 324 -15.07 8.81 135.81
N GLU N 325 -16.01 9.40 136.56
CA GLU N 325 -15.78 9.71 137.95
C GLU N 325 -15.39 8.46 138.75
N VAL N 326 -15.79 7.29 138.29
CA VAL N 326 -15.38 6.05 138.94
C VAL N 326 -13.98 5.64 138.48
N ASP N 327 -13.75 5.61 137.17
CA ASP N 327 -12.47 5.13 136.66
C ASP N 327 -11.30 5.95 137.19
N GLU N 328 -11.52 7.24 137.45
CA GLU N 328 -10.41 8.09 137.88
C GLU N 328 -10.19 8.02 139.38
N GLN N 329 -11.20 7.61 140.15
CA GLN N 329 -11.01 7.46 141.60
C GLN N 329 -10.20 6.20 141.89
N MET N 330 -10.64 5.05 141.36
CA MET N 330 -9.88 3.82 141.52
C MET N 330 -8.46 3.95 140.99
N LEU N 331 -8.24 4.85 140.04
CA LEU N 331 -6.89 5.09 139.54
C LEU N 331 -6.14 6.05 140.44
N ASN N 332 -6.83 7.04 140.98
CA ASN N 332 -6.17 8.05 141.82
C ASN N 332 -5.60 7.44 143.09
N VAL N 333 -6.12 6.29 143.52
CA VAL N 333 -5.64 5.68 144.76
C VAL N 333 -4.28 5.05 144.56
N GLN N 334 -4.15 4.17 143.57
CA GLN N 334 -2.90 3.47 143.34
C GLN N 334 -1.75 4.43 143.09
N ASN N 335 -2.02 5.53 142.39
CA ASN N 335 -0.96 6.50 142.13
C ASN N 335 -0.41 7.08 143.42
N LYS N 336 -1.29 7.39 144.38
CA LYS N 336 -0.85 7.99 145.63
C LYS N 336 -0.26 6.95 146.57
N ASN N 337 -1.04 5.92 146.91
CA ASN N 337 -0.59 4.88 147.82
C ASN N 337 0.06 3.74 147.02
N SER N 338 1.22 4.06 146.44
CA SER N 338 1.90 3.09 145.58
C SER N 338 2.50 1.94 146.36
N SER N 339 2.70 2.10 147.67
CA SER N 339 3.37 1.06 148.45
C SER N 339 2.44 -0.08 148.82
N TYR N 340 1.14 0.21 148.98
CA TYR N 340 0.18 -0.79 149.43
C TYR N 340 -0.30 -1.71 148.33
N PHE N 341 0.34 -1.69 147.16
CA PHE N 341 -0.07 -2.54 146.05
C PHE N 341 1.15 -3.22 145.46
N VAL N 342 0.97 -4.48 145.07
CA VAL N 342 2.06 -5.21 144.42
C VAL N 342 2.42 -4.54 143.11
N GLU N 343 3.68 -4.71 142.72
CA GLU N 343 4.20 -4.02 141.54
C GLU N 343 4.07 -4.86 140.26
N TRP N 344 4.08 -6.18 140.38
CA TRP N 344 3.93 -7.01 139.20
C TRP N 344 2.49 -7.14 138.74
N ILE N 345 1.63 -6.24 139.20
CA ILE N 345 0.27 -6.10 138.68
C ILE N 345 0.03 -4.63 138.43
N PRO N 346 0.01 -4.18 137.17
CA PRO N 346 -0.03 -2.74 136.89
C PRO N 346 -1.28 -2.04 137.40
N ASN N 347 -2.45 -2.49 136.97
CA ASN N 347 -3.72 -1.94 137.42
C ASN N 347 -4.50 -3.08 138.06
N ASN N 348 -4.68 -3.02 139.37
CA ASN N 348 -5.16 -4.15 140.14
C ASN N 348 -6.54 -3.93 140.73
N VAL N 349 -7.42 -3.25 140.03
CA VAL N 349 -8.79 -3.05 140.50
C VAL N 349 -9.76 -3.32 139.36
N LYS N 350 -10.90 -3.92 139.70
CA LYS N 350 -12.02 -4.04 138.79
C LYS N 350 -13.14 -3.11 139.24
N SER N 351 -13.85 -2.54 138.28
CA SER N 351 -14.86 -1.53 138.56
C SER N 351 -16.12 -1.89 137.79
N SER N 352 -17.23 -2.07 138.52
CA SER N 352 -18.51 -2.40 137.93
C SER N 352 -19.58 -1.42 138.38
N VAL N 353 -20.58 -1.22 137.52
CA VAL N 353 -21.64 -0.26 137.80
C VAL N 353 -22.96 -0.88 137.38
N CYS N 354 -24.03 -0.51 138.09
CA CYS N 354 -25.38 -0.93 137.75
C CYS N 354 -26.31 0.28 137.71
N ASP N 355 -27.21 0.29 136.73
CA ASP N 355 -28.17 1.37 136.58
C ASP N 355 -29.24 1.38 137.66
N ILE N 356 -29.24 0.39 138.56
CA ILE N 356 -30.32 0.25 139.53
C ILE N 356 -29.75 0.24 140.95
N PRO N 357 -29.97 1.28 141.74
CA PRO N 357 -29.53 1.27 143.13
C PRO N 357 -30.50 0.47 143.99
N PRO N 358 -30.23 0.33 145.29
CA PRO N 358 -31.17 -0.39 146.15
C PRO N 358 -32.53 0.29 146.29
N LYS N 359 -33.42 -0.31 147.07
CA LYS N 359 -34.82 0.11 147.09
C LYS N 359 -35.01 1.49 147.70
N GLY N 360 -34.14 1.89 148.62
CA GLY N 360 -34.35 3.14 149.33
C GLY N 360 -33.41 4.26 148.96
N LEU N 361 -32.26 3.92 148.39
CA LEU N 361 -31.22 4.90 148.12
C LEU N 361 -31.18 5.28 146.64
N LYS N 362 -30.33 6.26 146.33
CA LYS N 362 -30.02 6.63 144.96
C LYS N 362 -28.62 6.23 144.54
N MET N 363 -27.72 5.99 145.51
CA MET N 363 -26.38 5.55 145.21
C MET N 363 -25.89 4.69 146.35
N SER N 364 -25.09 3.67 146.01
CA SER N 364 -24.57 2.71 146.97
C SER N 364 -23.44 1.95 146.30
N ALA N 365 -22.51 1.46 147.10
CA ALA N 365 -21.36 0.73 146.59
C ALA N 365 -21.05 -0.46 147.48
N THR N 366 -20.12 -1.28 147.03
CA THR N 366 -19.72 -2.50 147.73
C THR N 366 -18.27 -2.77 147.39
N PHE N 367 -17.54 -3.36 148.34
CA PHE N 367 -16.11 -3.55 148.19
C PHE N 367 -15.74 -5.01 148.42
N ILE N 368 -14.74 -5.47 147.68
CA ILE N 368 -14.09 -6.75 147.93
C ILE N 368 -12.60 -6.54 147.72
N GLY N 369 -11.80 -7.01 148.67
CA GLY N 369 -10.37 -6.81 148.57
C GLY N 369 -9.57 -8.02 148.96
N ASN N 370 -8.60 -8.39 148.14
CA ASN N 370 -7.74 -9.54 148.39
C ASN N 370 -6.37 -8.99 148.79
N SER N 371 -6.17 -8.79 150.08
CA SER N 371 -4.93 -8.27 150.63
C SER N 371 -4.12 -9.39 151.25
N THR N 372 -2.86 -9.10 151.53
CA THR N 372 -1.99 -10.03 152.25
C THR N 372 -2.06 -9.85 153.76
N ALA N 373 -2.88 -8.93 154.24
CA ALA N 373 -3.12 -8.80 155.67
C ALA N 373 -4.11 -9.82 156.19
N ILE N 374 -4.78 -10.55 155.29
CA ILE N 374 -5.68 -11.62 155.70
C ILE N 374 -4.94 -12.69 156.48
N GLN N 375 -3.61 -12.77 156.30
CA GLN N 375 -2.83 -13.77 157.01
C GLN N 375 -2.98 -13.66 158.52
N GLU N 376 -3.19 -12.45 159.04
CA GLU N 376 -3.30 -12.27 160.48
C GLU N 376 -4.49 -13.04 161.03
N MET N 377 -5.58 -13.10 160.28
CA MET N 377 -6.71 -13.94 160.68
C MET N 377 -6.27 -15.39 160.85
N PHE N 378 -5.68 -15.96 159.80
CA PHE N 378 -5.22 -17.34 159.89
C PHE N 378 -4.06 -17.48 160.86
N LYS N 379 -3.28 -16.43 161.05
CA LYS N 379 -2.15 -16.50 161.98
C LYS N 379 -2.64 -16.66 163.42
N ARG N 380 -3.60 -15.83 163.81
CA ARG N 380 -4.11 -15.88 165.18
C ARG N 380 -4.69 -17.25 165.51
N VAL N 381 -5.55 -17.78 164.64
CA VAL N 381 -6.16 -19.08 164.89
C VAL N 381 -5.10 -20.17 164.92
N SER N 382 -4.14 -20.11 164.00
CA SER N 382 -3.06 -21.09 163.96
C SER N 382 -2.21 -21.08 165.22
N GLU N 383 -2.34 -20.05 166.06
CA GLU N 383 -1.63 -20.03 167.33
C GLU N 383 -2.41 -20.78 168.40
N GLN N 384 -3.68 -20.44 168.57
CA GLN N 384 -4.49 -21.09 169.60
C GLN N 384 -4.61 -22.58 169.34
N PHE N 385 -4.68 -22.98 168.06
CA PHE N 385 -4.72 -24.40 167.74
C PHE N 385 -3.45 -25.11 168.22
N THR N 386 -2.29 -24.55 167.90
CA THR N 386 -1.04 -25.18 168.29
C THR N 386 -0.74 -25.03 169.77
N ALA N 387 -1.50 -24.21 170.49
CA ALA N 387 -1.28 -24.08 171.92
C ALA N 387 -1.89 -25.25 172.69
N MET N 388 -3.06 -25.72 172.27
CA MET N 388 -3.75 -26.81 172.97
C MET N 388 -3.51 -28.17 172.36
N PHE N 389 -3.50 -28.28 171.02
CA PHE N 389 -3.21 -29.57 170.40
C PHE N 389 -1.81 -30.05 170.75
N ARG N 390 -0.89 -29.13 171.04
CA ARG N 390 0.41 -29.53 171.58
C ARG N 390 0.25 -30.31 172.87
N ARG N 391 -0.80 -30.02 173.64
CA ARG N 391 -1.12 -30.76 174.85
C ARG N 391 -2.26 -31.73 174.66
N LYS N 392 -3.00 -31.63 173.55
CA LYS N 392 -4.09 -32.55 173.23
C LYS N 392 -5.23 -32.45 174.23
N ALA N 393 -5.58 -31.22 174.59
CA ALA N 393 -6.75 -30.99 175.42
C ALA N 393 -8.02 -31.10 174.58
N PHE N 394 -9.10 -31.55 175.22
CA PHE N 394 -10.41 -31.71 174.59
C PHE N 394 -10.35 -32.63 173.38
N LEU N 395 -9.27 -33.39 173.23
CA LEU N 395 -9.05 -34.14 171.99
C LEU N 395 -9.93 -35.38 171.90
N HIS N 396 -10.23 -36.02 173.02
CA HIS N 396 -11.05 -37.24 172.98
C HIS N 396 -12.44 -36.96 172.45
N TRP N 397 -12.88 -35.70 172.44
CA TRP N 397 -14.18 -35.37 171.88
C TRP N 397 -14.18 -35.44 170.37
N TYR N 398 -13.02 -35.33 169.73
CA TYR N 398 -12.92 -35.50 168.29
C TYR N 398 -12.58 -36.93 167.91
N THR N 399 -11.67 -37.56 168.66
CA THR N 399 -11.36 -38.97 168.40
C THR N 399 -12.53 -39.89 168.73
N GLY N 400 -13.46 -39.43 169.58
CA GLY N 400 -14.63 -40.24 169.87
C GLY N 400 -15.41 -40.63 168.63
N GLU N 401 -15.38 -39.79 167.60
CA GLU N 401 -15.99 -40.08 166.32
C GLU N 401 -15.07 -40.88 165.41
N GLY N 402 -14.02 -41.50 165.96
CA GLY N 402 -13.07 -42.23 165.17
C GLY N 402 -12.03 -41.40 164.47
N MET N 403 -12.12 -40.07 164.58
CA MET N 403 -11.13 -39.21 163.94
C MET N 403 -9.73 -39.53 164.44
N ASP N 404 -8.77 -39.49 163.54
CA ASP N 404 -7.39 -39.71 163.88
C ASP N 404 -6.75 -38.36 164.20
N GLU N 405 -5.43 -38.35 164.40
CA GLU N 405 -4.72 -37.12 164.69
C GLU N 405 -4.04 -36.52 163.48
N MET N 406 -3.60 -37.36 162.53
CA MET N 406 -2.96 -36.85 161.32
C MET N 406 -3.86 -35.88 160.56
N GLU N 407 -5.18 -35.91 160.80
CA GLU N 407 -6.04 -34.87 160.25
C GLU N 407 -5.70 -33.52 160.85
N PHE N 408 -5.19 -33.50 162.08
CA PHE N 408 -4.90 -32.23 162.75
C PHE N 408 -3.58 -31.63 162.30
N THR N 409 -2.64 -32.46 161.83
CA THR N 409 -1.41 -31.92 161.26
C THR N 409 -1.66 -31.43 159.84
N GLU N 410 -2.34 -32.22 159.03
CA GLU N 410 -2.68 -31.79 157.67
C GLU N 410 -3.53 -30.54 157.70
N ALA N 411 -4.52 -30.47 158.60
CA ALA N 411 -5.36 -29.29 158.69
C ALA N 411 -4.56 -28.06 159.09
N GLU N 412 -3.43 -28.25 159.77
CA GLU N 412 -2.61 -27.13 160.20
C GLU N 412 -1.52 -26.80 159.17
N SER N 413 -0.82 -27.82 158.68
CA SER N 413 0.21 -27.59 157.67
C SER N 413 -0.38 -26.93 156.43
N ASN N 414 -1.49 -27.46 155.93
CA ASN N 414 -2.17 -26.85 154.80
C ASN N 414 -2.54 -25.40 155.05
N MET N 415 -2.64 -24.99 156.33
CA MET N 415 -2.88 -23.59 156.64
C MET N 415 -1.56 -22.83 156.75
N ASN N 416 -0.58 -23.40 157.45
CA ASN N 416 0.70 -22.72 157.62
C ASN N 416 1.44 -22.57 156.30
N ASP N 417 1.19 -23.46 155.35
CA ASP N 417 1.68 -23.21 154.00
C ASP N 417 0.89 -22.10 153.34
N LEU N 418 -0.42 -22.02 153.62
CA LEU N 418 -1.24 -20.98 153.02
C LEU N 418 -0.92 -19.61 153.59
N VAL N 419 -0.44 -19.54 154.84
CA VAL N 419 -0.13 -18.24 155.41
C VAL N 419 1.19 -17.70 154.85
N SER N 420 2.08 -18.58 154.38
CA SER N 420 3.27 -18.10 153.68
C SER N 420 2.95 -17.67 152.26
N GLU N 421 1.99 -18.34 151.61
CA GLU N 421 1.53 -17.91 150.29
C GLU N 421 1.17 -16.43 150.29
N TYR N 422 0.67 -15.93 151.40
CA TYR N 422 0.34 -14.51 151.52
C TYR N 422 1.52 -13.66 151.97
N GLN N 423 2.74 -14.21 152.00
CA GLN N 423 3.90 -13.43 152.42
C GLN N 423 4.93 -13.23 151.32
N GLN N 424 5.23 -14.26 150.52
CA GLN N 424 6.15 -14.08 149.40
C GLN N 424 5.67 -12.95 148.50
N TYR N 425 4.36 -12.89 148.27
CA TYR N 425 3.76 -11.81 147.52
C TYR N 425 3.60 -10.54 148.33
N GLN N 426 4.00 -10.56 149.60
CA GLN N 426 4.08 -9.36 150.42
C GLN N 426 5.56 -8.99 150.54
N ASP N 427 6.03 -8.12 149.67
CA ASP N 427 7.40 -7.65 149.69
C ASP N 427 7.63 -6.59 150.76
N ALA N 428 6.69 -6.45 151.68
CA ALA N 428 6.76 -5.47 152.76
C ALA N 428 6.88 -4.06 152.21
N MET O 1 3.52 76.16 -93.46
CA MET O 1 4.92 76.36 -93.79
C MET O 1 5.69 76.88 -92.59
N ARG O 2 6.92 76.40 -92.43
CA ARG O 2 7.85 76.87 -91.39
C ARG O 2 7.32 76.59 -89.98
N GLU O 3 6.64 75.47 -89.79
CA GLU O 3 6.04 75.20 -88.49
C GLU O 3 7.12 74.98 -87.43
N ILE O 4 6.71 75.11 -86.16
CA ILE O 4 7.60 74.98 -85.01
C ILE O 4 6.88 74.17 -83.95
N VAL O 5 7.55 73.16 -83.40
CA VAL O 5 7.02 72.37 -82.30
C VAL O 5 7.82 72.70 -81.04
N HIS O 6 7.11 72.81 -79.92
CA HIS O 6 7.65 73.44 -78.71
C HIS O 6 7.54 72.49 -77.52
N ILE O 7 8.61 72.38 -76.75
CA ILE O 7 8.69 71.49 -75.60
C ILE O 7 8.87 72.32 -74.34
N GLN O 8 8.28 71.86 -73.24
CA GLN O 8 8.48 72.46 -71.93
C GLN O 8 8.69 71.32 -70.93
N GLY O 9 9.93 71.14 -70.49
CA GLY O 9 10.28 70.09 -69.56
C GLY O 9 10.59 70.68 -68.18
N GLY O 10 10.29 69.90 -67.15
CA GLY O 10 10.61 70.30 -65.79
C GLY O 10 9.64 71.31 -65.22
N GLN O 11 9.83 71.59 -63.93
CA GLN O 11 9.00 72.58 -63.26
C GLN O 11 9.23 73.97 -63.85
N CYS O 12 10.49 74.33 -64.07
CA CYS O 12 10.81 75.63 -64.64
C CYS O 12 10.22 75.78 -66.04
N GLY O 13 10.46 74.78 -66.89
CA GLY O 13 9.92 74.83 -68.25
C GLY O 13 8.41 74.89 -68.28
N ASN O 14 7.74 74.15 -67.39
CA ASN O 14 6.29 74.18 -67.35
C ASN O 14 5.75 75.50 -66.86
N GLN O 15 6.61 76.37 -66.34
CA GLN O 15 6.18 77.67 -65.83
C GLN O 15 6.64 78.82 -66.71
N ILE O 16 7.80 78.71 -67.37
CA ILE O 16 8.13 79.68 -68.41
C ILE O 16 7.14 79.54 -69.57
N GLY O 17 6.76 78.31 -69.91
CA GLY O 17 5.81 78.11 -70.99
C GLY O 17 4.45 78.70 -70.72
N ALA O 18 4.10 78.90 -69.45
CA ALA O 18 2.83 79.55 -69.12
C ALA O 18 2.80 80.97 -69.68
N LYS O 19 3.79 81.78 -69.35
CA LYS O 19 3.81 83.16 -69.82
C LYS O 19 4.06 83.24 -71.31
N PHE O 20 4.88 82.33 -71.84
CA PHE O 20 5.18 82.35 -73.27
C PHE O 20 3.90 82.28 -74.09
N TRP O 21 3.10 81.24 -73.88
CA TRP O 21 1.87 81.11 -74.64
C TRP O 21 0.85 82.17 -74.28
N GLU O 22 0.97 82.81 -73.12
CA GLU O 22 0.14 83.95 -72.84
C GLU O 22 0.59 85.16 -73.66
N VAL O 23 1.89 85.31 -73.87
CA VAL O 23 2.40 86.44 -74.63
C VAL O 23 2.06 86.28 -76.11
N VAL O 24 2.44 85.15 -76.69
CA VAL O 24 2.24 84.93 -78.12
C VAL O 24 0.76 84.98 -78.47
N SER O 25 -0.09 84.33 -77.65
CA SER O 25 -1.51 84.30 -77.95
C SER O 25 -2.10 85.71 -78.02
N ASP O 26 -1.77 86.55 -77.05
CA ASP O 26 -2.23 87.93 -77.09
C ASP O 26 -1.68 88.65 -78.32
N GLU O 27 -0.47 88.29 -78.75
CA GLU O 27 0.11 88.92 -79.93
C GLU O 27 -0.70 88.61 -81.17
N HIS O 28 -1.41 87.48 -81.20
CA HIS O 28 -2.29 87.14 -82.31
C HIS O 28 -3.75 87.32 -81.95
N GLY O 29 -4.04 87.94 -80.82
CA GLY O 29 -5.41 88.29 -80.48
C GLY O 29 -6.34 87.11 -80.35
N ILE O 30 -5.88 86.03 -79.72
CA ILE O 30 -6.72 84.88 -79.44
C ILE O 30 -6.96 84.81 -77.94
N ASP O 31 -8.14 84.38 -77.58
CA ASP O 31 -8.58 84.35 -76.19
C ASP O 31 -8.13 83.07 -75.51
N PRO O 32 -8.19 83.02 -74.17
CA PRO O 32 -8.06 81.72 -73.49
C PRO O 32 -9.08 80.71 -73.93
N THR O 33 -10.19 81.13 -74.52
CA THR O 33 -11.09 80.20 -75.16
C THR O 33 -10.55 79.67 -76.48
N GLY O 34 -9.38 80.13 -76.91
CA GLY O 34 -8.77 79.67 -78.13
C GLY O 34 -9.31 80.29 -79.39
N THR O 35 -10.36 81.11 -79.30
CA THR O 35 -10.96 81.72 -80.47
C THR O 35 -10.22 83.01 -80.84
N TYR O 36 -10.08 83.24 -82.13
CA TYR O 36 -9.39 84.44 -82.61
C TYR O 36 -10.31 85.65 -82.48
N HIS O 37 -9.78 86.72 -81.92
CA HIS O 37 -10.56 87.96 -81.80
C HIS O 37 -9.71 89.18 -82.13
N GLY O 38 -8.67 89.02 -82.91
CA GLY O 38 -7.86 90.15 -83.32
C GLY O 38 -8.59 90.99 -84.35
N ASP O 39 -7.82 91.90 -84.96
CA ASP O 39 -8.36 92.81 -85.96
C ASP O 39 -7.73 92.60 -87.33
N SER O 40 -6.41 92.68 -87.44
CA SER O 40 -5.77 92.65 -88.74
C SER O 40 -5.81 91.25 -89.35
N ASP O 41 -5.63 91.20 -90.66
CA ASP O 41 -5.42 89.92 -91.33
C ASP O 41 -3.98 89.47 -91.26
N LEU O 42 -3.11 90.25 -90.62
CA LEU O 42 -1.72 89.83 -90.46
C LEU O 42 -1.57 88.72 -89.44
N GLN O 43 -2.39 88.74 -88.38
CA GLN O 43 -2.30 87.70 -87.36
C GLN O 43 -2.64 86.32 -87.93
N LEU O 44 -3.58 86.26 -88.87
CA LEU O 44 -4.05 84.97 -89.37
C LEU O 44 -3.08 84.30 -90.33
N GLU O 45 -2.17 85.07 -90.94
CA GLU O 45 -1.36 84.49 -92.00
C GLU O 45 -0.39 83.45 -91.45
N ARG O 46 0.41 83.83 -90.46
CA ARG O 46 1.42 82.94 -89.90
C ARG O 46 1.04 82.44 -88.52
N ILE O 47 -0.27 82.33 -88.25
CA ILE O 47 -0.72 81.77 -86.99
C ILE O 47 -0.31 80.31 -86.89
N ASN O 48 -0.22 79.61 -88.02
CA ASN O 48 0.04 78.19 -88.06
C ASN O 48 1.46 77.83 -87.73
N VAL O 49 2.33 78.79 -87.40
CA VAL O 49 3.67 78.46 -86.97
C VAL O 49 3.67 77.92 -85.54
N TYR O 50 2.60 78.14 -84.80
CA TYR O 50 2.49 77.72 -83.42
C TYR O 50 1.21 76.98 -83.08
N PHE O 51 0.15 77.13 -83.86
CA PHE O 51 -1.15 76.63 -83.50
C PHE O 51 -1.69 75.74 -84.61
N ASN O 52 -2.79 75.06 -84.31
CA ASN O 52 -3.46 74.20 -85.26
C ASN O 52 -4.94 74.56 -85.26
N GLU O 53 -5.55 74.54 -86.44
CA GLU O 53 -6.97 74.79 -86.52
C GLU O 53 -7.73 73.71 -85.76
N ALA O 54 -8.91 74.06 -85.26
CA ALA O 54 -9.79 73.12 -84.59
C ALA O 54 -11.22 73.47 -84.93
N THR O 55 -12.12 72.52 -84.67
CA THR O 55 -13.53 72.74 -84.96
C THR O 55 -14.04 73.96 -84.21
N GLY O 56 -14.78 74.81 -84.92
CA GLY O 56 -15.30 76.01 -84.31
C GLY O 56 -14.35 77.18 -84.27
N GLY O 57 -13.23 77.11 -84.98
CA GLY O 57 -12.32 78.23 -85.04
C GLY O 57 -11.43 78.41 -83.83
N ARG O 58 -11.18 77.34 -83.09
CA ARG O 58 -10.24 77.38 -81.98
C ARG O 58 -8.82 77.12 -82.49
N TYR O 59 -7.85 77.63 -81.72
CA TYR O 59 -6.44 77.51 -82.09
C TYR O 59 -5.68 76.99 -80.88
N VAL O 60 -5.34 75.70 -80.90
CA VAL O 60 -4.60 75.08 -79.81
C VAL O 60 -3.11 75.18 -80.11
N PRO O 61 -2.25 75.37 -79.12
CA PRO O 61 -0.82 75.51 -79.40
C PRO O 61 -0.21 74.18 -79.79
N ARG O 62 0.94 74.28 -80.46
CA ARG O 62 1.73 73.09 -80.81
C ARG O 62 2.75 72.81 -79.73
N ALA O 63 2.30 72.73 -78.49
CA ALA O 63 3.17 72.57 -77.34
C ALA O 63 3.15 71.14 -76.84
N ILE O 64 4.13 70.81 -76.01
CA ILE O 64 4.20 69.54 -75.31
C ILE O 64 4.71 69.80 -73.90
N LEU O 65 3.88 69.54 -72.91
CA LEU O 65 4.23 69.73 -71.52
C LEU O 65 4.54 68.38 -70.91
N MET O 66 5.78 68.19 -70.48
CA MET O 66 6.22 66.94 -69.88
C MET O 66 6.90 67.24 -68.56
N ASP O 67 6.66 66.39 -67.57
CA ASP O 67 7.13 66.66 -66.22
C ASP O 67 6.84 65.44 -65.35
N LEU O 68 7.75 65.14 -64.43
CA LEU O 68 7.45 64.18 -63.39
C LEU O 68 6.70 64.87 -62.26
N GLU O 69 5.83 64.13 -61.57
CA GLU O 69 5.06 64.72 -60.49
C GLU O 69 4.22 65.88 -61.03
N PRO O 70 3.09 65.60 -61.66
CA PRO O 70 2.39 66.62 -62.46
C PRO O 70 1.80 67.75 -61.63
N GLY O 71 2.15 67.82 -60.35
CA GLY O 71 1.60 68.85 -59.49
C GLY O 71 1.68 70.25 -60.08
N THR O 72 2.81 70.59 -60.71
CA THR O 72 2.93 71.93 -61.28
C THR O 72 2.06 72.10 -62.51
N MET O 73 1.76 71.02 -63.23
CA MET O 73 0.83 71.13 -64.35
C MET O 73 -0.58 71.43 -63.87
N ASP O 74 -0.95 70.92 -62.69
CA ASP O 74 -2.25 71.24 -62.12
C ASP O 74 -2.43 72.74 -61.94
N SER O 75 -1.33 73.47 -61.74
CA SER O 75 -1.40 74.92 -61.67
C SER O 75 -1.77 75.52 -63.01
N VAL O 76 -0.96 75.26 -64.04
CA VAL O 76 -1.20 75.88 -65.34
C VAL O 76 -2.50 75.37 -65.96
N ARG O 77 -2.81 74.09 -65.77
CA ARG O 77 -4.09 73.56 -66.20
C ARG O 77 -5.26 74.28 -65.53
N SER O 78 -5.00 75.04 -64.47
CA SER O 78 -6.03 75.78 -63.77
C SER O 78 -5.91 77.30 -63.92
N GLY O 79 -4.85 77.79 -64.56
CA GLY O 79 -4.67 79.21 -64.74
C GLY O 79 -5.66 79.80 -65.71
N PRO O 80 -5.45 81.07 -66.09
CA PRO O 80 -6.37 81.71 -67.05
C PRO O 80 -6.24 81.14 -68.45
N TYR O 81 -5.00 80.97 -68.91
CA TYR O 81 -4.72 80.41 -70.23
C TYR O 81 -4.44 78.92 -70.18
N GLY O 82 -4.98 78.22 -69.20
CA GLY O 82 -4.80 76.78 -69.11
C GLY O 82 -5.81 75.96 -69.86
N GLN O 83 -6.83 76.59 -70.42
CA GLN O 83 -7.86 75.88 -71.15
C GLN O 83 -7.59 75.77 -72.64
N ILE O 84 -6.43 76.23 -73.11
CA ILE O 84 -6.15 76.17 -74.54
C ILE O 84 -5.48 74.87 -74.94
N PHE O 85 -4.76 74.23 -74.04
CA PHE O 85 -3.95 73.07 -74.41
C PHE O 85 -4.82 71.86 -74.69
N ARG O 86 -4.32 71.01 -75.60
CA ARG O 86 -4.89 69.68 -75.75
C ARG O 86 -4.53 68.83 -74.55
N PRO O 87 -5.47 68.05 -74.01
CA PRO O 87 -5.16 67.26 -72.82
C PRO O 87 -4.25 66.09 -73.10
N ASP O 88 -4.10 65.67 -74.35
CA ASP O 88 -3.17 64.59 -74.67
C ASP O 88 -1.72 65.06 -74.71
N ASN O 89 -1.49 66.36 -74.79
CA ASN O 89 -0.13 66.89 -74.67
C ASN O 89 0.19 67.24 -73.22
N PHE O 90 -0.07 66.30 -72.32
CA PHE O 90 0.23 66.44 -70.89
C PHE O 90 0.83 65.12 -70.45
N VAL O 91 2.14 64.97 -70.60
CA VAL O 91 2.83 63.74 -70.25
C VAL O 91 3.40 63.89 -68.86
N PHE O 92 3.16 62.90 -68.01
CA PHE O 92 3.63 62.99 -66.64
C PHE O 92 3.74 61.61 -66.03
N GLY O 93 4.58 61.49 -65.01
CA GLY O 93 4.76 60.25 -64.28
C GLY O 93 4.26 60.41 -62.86
N GLN O 94 3.68 59.34 -62.32
CA GLN O 94 3.07 59.41 -61.00
C GLN O 94 4.09 59.67 -59.90
N THR O 95 5.35 59.30 -60.13
CA THR O 95 6.39 59.44 -59.13
C THR O 95 7.05 60.81 -59.24
N GLY O 96 8.10 61.04 -58.44
CA GLY O 96 8.77 62.32 -58.39
C GLY O 96 10.19 62.22 -58.95
N ALA O 97 10.75 63.39 -59.23
CA ALA O 97 12.08 63.48 -59.84
C ALA O 97 13.19 63.45 -58.79
N GLY O 98 13.14 64.35 -57.83
CA GLY O 98 14.09 64.35 -56.74
C GLY O 98 15.34 65.15 -56.95
N ASN O 99 15.36 66.08 -57.92
CA ASN O 99 16.55 66.87 -58.23
C ASN O 99 17.76 65.97 -58.47
N ASN O 100 17.51 64.80 -59.06
CA ASN O 100 18.53 63.78 -59.26
C ASN O 100 18.64 63.54 -60.76
N TRP O 101 19.77 63.94 -61.35
CA TRP O 101 19.93 63.82 -62.79
C TRP O 101 19.81 62.37 -63.24
N ALA O 102 20.21 61.42 -62.41
CA ALA O 102 20.21 60.02 -62.79
C ALA O 102 18.80 59.53 -63.12
N LYS O 103 17.92 59.51 -62.12
CA LYS O 103 16.60 58.95 -62.33
C LYS O 103 15.76 59.81 -63.27
N GLY O 104 16.07 61.10 -63.35
CA GLY O 104 15.47 61.92 -64.39
C GLY O 104 15.98 61.63 -65.78
N HIS O 105 16.99 60.77 -65.90
CA HIS O 105 17.58 60.44 -67.19
C HIS O 105 17.56 58.95 -67.49
N TYR O 106 17.77 58.10 -66.47
CA TYR O 106 17.91 56.67 -66.70
C TYR O 106 16.66 55.89 -66.34
N THR O 107 16.21 55.98 -65.08
CA THR O 107 15.12 55.11 -64.64
C THR O 107 13.76 55.65 -65.07
N GLU O 108 13.39 56.83 -64.56
CA GLU O 108 12.03 57.30 -64.73
C GLU O 108 11.81 57.94 -66.10
N GLY O 109 12.79 58.70 -66.59
CA GLY O 109 12.67 59.27 -67.91
C GLY O 109 12.44 58.22 -68.97
N ALA O 110 13.16 57.09 -68.86
CA ALA O 110 13.03 56.04 -69.87
C ALA O 110 11.62 55.47 -69.92
N GLU O 111 10.92 55.44 -68.79
CA GLU O 111 9.56 54.93 -68.79
C GLU O 111 8.56 55.91 -69.37
N LEU O 112 8.98 57.12 -69.73
CA LEU O 112 8.07 58.08 -70.34
C LEU O 112 8.35 58.33 -71.81
N ILE O 113 9.56 58.01 -72.29
CA ILE O 113 9.92 58.30 -73.67
C ILE O 113 8.98 57.58 -74.63
N ASP O 114 8.62 56.33 -74.31
CA ASP O 114 7.71 55.58 -75.17
C ASP O 114 6.42 56.33 -75.42
N SER O 115 5.98 57.14 -74.46
CA SER O 115 4.78 57.93 -74.62
C SER O 115 5.06 59.30 -75.21
N VAL O 116 6.16 59.93 -74.79
CA VAL O 116 6.48 61.27 -75.27
C VAL O 116 6.73 61.26 -76.77
N LEU O 117 7.41 60.24 -77.27
CA LEU O 117 7.76 60.24 -78.69
C LEU O 117 6.53 60.07 -79.56
N ASP O 118 5.54 59.31 -79.10
CA ASP O 118 4.28 59.28 -79.84
C ASP O 118 3.62 60.65 -79.87
N VAL O 119 3.90 61.48 -78.87
CA VAL O 119 3.30 62.81 -78.82
C VAL O 119 4.00 63.75 -79.78
N VAL O 120 5.33 63.70 -79.83
CA VAL O 120 6.07 64.65 -80.65
C VAL O 120 5.88 64.35 -82.13
N ARG O 121 5.84 63.06 -82.50
CA ARG O 121 5.66 62.71 -83.91
C ARG O 121 4.27 63.09 -84.40
N LYS O 122 3.23 62.69 -83.67
CA LYS O 122 1.86 62.93 -84.13
C LYS O 122 1.60 64.40 -84.43
N GLU O 123 2.42 65.30 -83.87
CA GLU O 123 2.32 66.72 -84.20
C GLU O 123 3.59 67.26 -84.84
N ALA O 124 4.51 66.38 -85.25
CA ALA O 124 5.56 66.79 -86.17
C ALA O 124 5.18 66.50 -87.61
N GLU O 125 4.26 65.56 -87.83
CA GLU O 125 3.79 65.28 -89.18
C GLU O 125 2.67 66.22 -89.60
N SER O 126 1.86 66.70 -88.66
CA SER O 126 0.84 67.68 -88.98
C SER O 126 1.44 68.96 -89.55
N CYS O 127 2.76 69.11 -89.47
CA CYS O 127 3.46 70.26 -90.01
C CYS O 127 3.81 69.97 -91.47
N ASP O 128 3.29 70.77 -92.40
CA ASP O 128 3.57 70.51 -93.80
C ASP O 128 5.03 70.77 -94.13
N CYS O 129 5.69 71.65 -93.39
CA CYS O 129 7.11 71.96 -93.57
C CYS O 129 7.68 72.29 -92.20
N LEU O 130 8.29 71.32 -91.55
CA LEU O 130 8.82 71.52 -90.21
C LEU O 130 10.10 72.35 -90.27
N GLN O 131 10.19 73.35 -89.41
CA GLN O 131 11.39 74.18 -89.34
C GLN O 131 12.34 73.69 -88.25
N GLY O 132 11.87 73.58 -87.03
CA GLY O 132 12.74 73.10 -85.97
C GLY O 132 12.00 72.95 -84.66
N PHE O 133 12.76 72.52 -83.66
CA PHE O 133 12.27 72.34 -82.30
C PHE O 133 12.77 73.47 -81.41
N GLN O 134 12.09 73.66 -80.27
CA GLN O 134 12.58 74.56 -79.25
C GLN O 134 12.10 74.06 -77.90
N VAL O 135 12.99 74.11 -76.90
CA VAL O 135 12.70 73.60 -75.57
C VAL O 135 13.04 74.66 -74.55
N CYS O 136 12.52 74.49 -73.34
CA CYS O 136 12.79 75.37 -72.21
C CYS O 136 13.22 74.51 -71.04
N HIS O 137 14.39 74.82 -70.47
CA HIS O 137 15.01 73.91 -69.52
C HIS O 137 15.28 74.54 -68.16
N SER O 138 15.97 73.78 -67.32
CA SER O 138 16.54 74.29 -66.08
C SER O 138 17.62 73.30 -65.69
N LEU O 139 18.87 73.74 -65.69
CA LEU O 139 19.98 72.81 -65.49
C LEU O 139 20.16 72.42 -64.03
N GLY O 140 19.32 72.91 -63.13
CA GLY O 140 19.41 72.53 -61.74
C GLY O 140 18.76 71.20 -61.41
N GLY O 141 17.46 71.10 -61.62
CA GLY O 141 16.71 69.95 -61.18
C GLY O 141 16.97 68.72 -62.03
N GLY O 142 16.11 67.72 -61.83
CA GLY O 142 16.24 66.45 -62.52
C GLY O 142 15.35 66.33 -63.74
N THR O 143 14.08 66.74 -63.61
CA THR O 143 13.16 66.60 -64.73
C THR O 143 13.60 67.44 -65.92
N GLY O 144 13.78 68.74 -65.71
CA GLY O 144 14.17 69.61 -66.80
C GLY O 144 15.50 69.22 -67.41
N SER O 145 16.49 68.95 -66.56
CA SER O 145 17.81 68.61 -67.08
C SER O 145 17.86 67.18 -67.58
N GLY O 146 17.51 66.21 -66.72
CA GLY O 146 17.59 64.81 -67.09
C GLY O 146 16.68 64.42 -68.24
N MET O 147 15.36 64.49 -68.02
CA MET O 147 14.43 64.15 -69.09
C MET O 147 14.61 65.03 -70.31
N GLY O 148 15.03 66.29 -70.10
CA GLY O 148 15.26 67.19 -71.20
C GLY O 148 16.27 66.66 -72.19
N THR O 149 17.47 66.33 -71.72
CA THR O 149 18.51 65.85 -72.62
C THR O 149 18.15 64.50 -73.21
N LEU O 150 17.66 63.58 -72.38
CA LEU O 150 17.23 62.28 -72.90
C LEU O 150 16.20 62.44 -74.00
N LEU O 151 15.33 63.44 -73.89
CA LEU O 151 14.39 63.72 -74.97
C LEU O 151 15.13 64.21 -76.21
N ILE O 152 16.19 64.99 -76.02
CA ILE O 152 16.88 65.58 -77.16
C ILE O 152 17.55 64.51 -78.00
N SER O 153 18.34 63.64 -77.36
CA SER O 153 19.06 62.61 -78.10
C SER O 153 18.11 61.74 -78.91
N LYS O 154 16.89 61.53 -78.42
CA LYS O 154 15.90 60.86 -79.24
C LYS O 154 15.49 61.73 -80.42
N ILE O 155 15.38 63.04 -80.20
CA ILE O 155 14.98 63.95 -81.27
C ILE O 155 16.14 64.17 -82.24
N ARG O 156 17.36 64.26 -81.72
CA ARG O 156 18.51 64.54 -82.57
C ARG O 156 18.68 63.49 -83.64
N GLU O 157 18.38 62.23 -83.33
CA GLU O 157 18.53 61.15 -84.31
C GLU O 157 17.31 60.97 -85.18
N GLU O 158 16.12 61.19 -84.64
CA GLU O 158 14.91 61.05 -85.46
C GLU O 158 14.83 62.14 -86.52
N TYR O 159 15.13 63.38 -86.15
CA TYR O 159 15.09 64.51 -87.06
C TYR O 159 16.43 65.23 -87.01
N PRO O 160 17.42 64.74 -87.74
CA PRO O 160 18.77 65.33 -87.65
C PRO O 160 18.91 66.62 -88.44
N ASP O 161 18.13 66.77 -89.51
CA ASP O 161 18.28 67.96 -90.35
C ASP O 161 17.62 69.18 -89.73
N ARG O 162 16.53 68.99 -88.98
CA ARG O 162 15.84 70.11 -88.37
C ARG O 162 16.71 70.73 -87.26
N MET O 163 16.26 71.87 -86.76
CA MET O 163 17.03 72.68 -85.83
C MET O 163 16.44 72.59 -84.43
N MET O 164 17.31 72.54 -83.43
CA MET O 164 16.90 72.39 -82.03
C MET O 164 17.48 73.51 -81.19
N LEU O 165 16.61 74.35 -80.65
CA LEU O 165 17.00 75.41 -79.73
C LEU O 165 16.81 74.96 -78.28
N THR O 166 17.54 75.60 -77.38
CA THR O 166 17.39 75.35 -75.95
C THR O 166 17.54 76.67 -75.22
N PHE O 167 16.45 77.16 -74.65
CA PHE O 167 16.49 78.35 -73.81
C PHE O 167 16.81 77.99 -72.37
N SER O 168 17.88 77.22 -72.20
CA SER O 168 18.19 76.61 -70.92
C SER O 168 18.56 77.69 -69.90
N VAL O 169 17.89 77.66 -68.75
CA VAL O 169 18.25 78.51 -67.62
C VAL O 169 19.31 77.79 -66.81
N VAL O 170 20.48 78.41 -66.66
CA VAL O 170 21.63 77.75 -66.05
C VAL O 170 21.71 78.13 -64.57
N PRO O 171 22.53 77.47 -63.78
CA PRO O 171 22.68 77.86 -62.37
C PRO O 171 23.25 79.27 -62.23
N SER O 172 23.07 79.82 -61.04
CA SER O 172 23.49 81.13 -60.57
C SER O 172 24.82 81.04 -59.83
N PRO O 173 25.67 82.04 -59.96
CA PRO O 173 27.00 81.95 -59.34
C PRO O 173 27.00 82.05 -57.82
N LYS O 174 26.27 82.99 -57.25
CA LYS O 174 26.47 83.31 -55.83
C LYS O 174 25.46 82.65 -54.90
N VAL O 175 24.24 82.38 -55.35
CA VAL O 175 23.28 81.64 -54.54
C VAL O 175 22.73 80.49 -55.39
N SER O 176 22.85 79.27 -54.88
CA SER O 176 22.44 78.07 -55.59
C SER O 176 21.08 77.65 -55.06
N ASP O 177 20.12 77.48 -55.97
CA ASP O 177 18.79 77.05 -55.55
C ASP O 177 18.75 75.58 -55.15
N THR O 178 19.72 74.78 -55.60
CA THR O 178 19.87 73.41 -55.16
C THR O 178 21.31 73.20 -54.75
N VAL O 179 21.56 72.10 -54.04
CA VAL O 179 22.91 71.79 -53.59
C VAL O 179 23.64 70.89 -54.57
N VAL O 180 22.91 70.03 -55.28
CA VAL O 180 23.48 69.05 -56.18
C VAL O 180 23.64 69.70 -57.55
N GLU O 181 23.43 71.02 -57.60
CA GLU O 181 23.41 71.77 -58.85
C GLU O 181 24.61 71.52 -59.75
N PRO O 182 25.87 71.54 -59.29
CA PRO O 182 26.97 71.34 -60.22
C PRO O 182 26.98 69.98 -60.88
N TYR O 183 26.59 68.93 -60.17
CA TYR O 183 26.50 67.61 -60.79
C TYR O 183 25.47 67.63 -61.91
N ASN O 184 24.28 68.16 -61.64
CA ASN O 184 23.22 68.16 -62.64
C ASN O 184 23.58 69.05 -63.82
N ALA O 185 24.39 70.08 -63.61
CA ALA O 185 24.73 71.00 -64.68
C ALA O 185 25.61 70.32 -65.73
N THR O 186 26.79 69.84 -65.33
CA THR O 186 27.74 69.29 -66.29
C THR O 186 27.15 68.10 -67.03
N LEU O 187 26.56 67.16 -66.30
CA LEU O 187 25.97 65.99 -66.94
C LEU O 187 24.94 66.38 -67.99
N SER O 188 24.36 67.57 -67.86
CA SER O 188 23.48 68.07 -68.92
C SER O 188 24.28 68.78 -70.01
N VAL O 189 25.31 69.53 -69.62
CA VAL O 189 26.15 70.21 -70.60
C VAL O 189 26.78 69.20 -71.54
N HIS O 190 27.29 68.10 -70.99
CA HIS O 190 27.85 67.02 -71.79
C HIS O 190 26.86 66.49 -72.82
N GLN O 191 25.57 66.78 -72.68
CA GLN O 191 24.60 66.44 -73.69
C GLN O 191 24.39 67.57 -74.68
N LEU O 192 24.51 68.82 -74.23
CA LEU O 192 24.23 69.96 -75.10
C LEU O 192 25.40 70.30 -76.02
N VAL O 193 26.60 69.84 -75.69
CA VAL O 193 27.74 70.08 -76.58
C VAL O 193 27.56 69.30 -77.89
N GLU O 194 26.92 68.14 -77.83
CA GLU O 194 26.77 67.28 -78.99
C GLU O 194 25.37 67.23 -79.55
N ASN O 195 24.36 67.47 -78.73
CA ASN O 195 22.98 67.31 -79.17
C ASN O 195 22.23 68.64 -79.10
N ALA O 196 22.83 69.71 -79.59
CA ALA O 196 22.15 70.98 -79.63
C ALA O 196 22.75 71.83 -80.73
N ASP O 197 21.88 72.56 -81.42
CA ASP O 197 22.31 73.48 -82.47
C ASP O 197 22.49 74.91 -81.96
N GLU O 198 21.58 75.39 -81.13
CA GLU O 198 21.71 76.68 -80.48
C GLU O 198 21.29 76.52 -79.02
N CYS O 199 21.92 77.29 -78.14
CA CYS O 199 21.63 77.17 -76.72
C CYS O 199 21.81 78.53 -76.06
N MET O 200 20.70 79.25 -75.89
CA MET O 200 20.72 80.49 -75.15
C MET O 200 20.77 80.21 -73.66
N VAL O 201 21.71 80.84 -72.96
CA VAL O 201 21.89 80.62 -71.52
C VAL O 201 21.32 81.82 -70.78
N LEU O 202 20.64 81.54 -69.67
CA LEU O 202 20.04 82.57 -68.84
C LEU O 202 20.35 82.28 -67.39
N ASP O 203 20.32 83.32 -66.57
CA ASP O 203 20.59 83.18 -65.14
C ASP O 203 19.52 83.93 -64.37
N ASN O 204 18.93 83.26 -63.38
CA ASN O 204 17.91 83.90 -62.57
C ASN O 204 18.47 85.10 -61.83
N GLU O 205 19.78 85.12 -61.59
CA GLU O 205 20.37 86.22 -60.84
C GLU O 205 20.51 87.47 -61.70
N ALA O 206 21.12 87.34 -62.88
CA ALA O 206 21.21 88.49 -63.77
C ALA O 206 19.82 88.99 -64.16
N LEU O 207 18.83 88.10 -64.21
CA LEU O 207 17.46 88.54 -64.42
C LEU O 207 17.00 89.44 -63.28
N TYR O 208 17.44 89.17 -62.05
CA TYR O 208 17.09 90.05 -60.95
C TYR O 208 17.74 91.40 -61.11
N ASP O 209 18.97 91.45 -61.62
CA ASP O 209 19.65 92.71 -61.83
C ASP O 209 18.85 93.61 -62.75
N ILE O 210 18.64 93.17 -63.99
CA ILE O 210 17.79 93.89 -64.93
C ILE O 210 16.45 94.23 -64.31
N CYS O 211 15.97 93.41 -63.38
CA CYS O 211 14.63 93.57 -62.87
C CYS O 211 14.51 94.76 -61.92
N PHE O 212 15.54 95.06 -61.12
CA PHE O 212 15.47 96.24 -60.28
C PHE O 212 16.58 97.25 -60.50
N ARG O 213 17.52 96.99 -61.42
CA ARG O 213 18.47 98.02 -61.79
C ARG O 213 18.01 98.83 -62.99
N THR O 214 17.35 98.19 -63.96
CA THR O 214 16.78 98.88 -65.10
C THR O 214 15.28 99.10 -64.92
N LEU O 215 14.52 98.04 -64.70
CA LEU O 215 13.09 98.19 -64.47
C LEU O 215 12.78 98.86 -63.14
N LYS O 216 13.72 98.84 -62.20
CA LYS O 216 13.53 99.44 -60.88
C LYS O 216 12.27 98.90 -60.20
N LEU O 217 12.06 97.60 -60.31
CA LEU O 217 10.88 97.01 -59.71
C LEU O 217 11.00 96.97 -58.19
N THR O 218 9.90 96.60 -57.55
CA THR O 218 9.82 96.56 -56.09
C THR O 218 9.68 95.14 -55.56
N THR O 219 8.68 94.39 -56.02
CA THR O 219 8.45 93.01 -55.62
C THR O 219 8.45 92.14 -56.87
N PRO O 220 9.62 91.84 -57.41
CA PRO O 220 9.68 90.97 -58.59
C PRO O 220 9.24 89.56 -58.25
N THR O 221 8.37 89.01 -59.08
CA THR O 221 7.93 87.62 -58.96
C THR O 221 8.39 86.85 -60.19
N PHE O 222 8.46 85.53 -60.04
CA PHE O 222 8.78 84.69 -61.18
C PHE O 222 7.81 84.92 -62.34
N GLY O 223 6.58 85.34 -62.03
CA GLY O 223 5.65 85.72 -63.08
C GLY O 223 6.10 86.94 -63.87
N ASP O 224 6.96 87.76 -63.30
CA ASP O 224 7.49 88.92 -64.01
C ASP O 224 8.75 88.60 -64.78
N LEU O 225 9.62 87.75 -64.23
CA LEU O 225 10.80 87.31 -64.97
C LEU O 225 10.39 86.54 -66.22
N ASN O 226 9.40 85.67 -66.10
CA ASN O 226 8.92 84.97 -67.27
C ASN O 226 8.29 85.92 -68.28
N HIS O 227 7.79 87.08 -67.83
CA HIS O 227 7.38 88.12 -68.76
C HIS O 227 8.59 88.75 -69.46
N LEU O 228 9.81 88.43 -69.03
CA LEU O 228 11.03 88.84 -69.71
C LEU O 228 11.50 87.75 -70.67
N ILE O 229 11.65 86.52 -70.17
CA ILE O 229 12.09 85.41 -71.01
C ILE O 229 11.13 85.22 -72.18
N SER O 230 9.84 85.29 -71.92
CA SER O 230 8.87 85.17 -73.00
C SER O 230 8.97 86.32 -73.98
N ALA O 231 9.60 87.42 -73.60
CA ALA O 231 9.74 88.56 -74.50
C ALA O 231 10.85 88.34 -75.51
N VAL O 232 11.93 87.67 -75.10
CA VAL O 232 13.01 87.39 -76.03
C VAL O 232 12.68 86.16 -76.88
N MET O 233 12.05 85.14 -76.29
CA MET O 233 11.62 83.99 -77.06
C MET O 233 10.65 84.41 -78.16
N SER O 234 9.68 85.27 -77.83
CA SER O 234 8.80 85.80 -78.84
C SER O 234 9.54 86.69 -79.83
N GLY O 235 10.65 87.29 -79.39
CA GLY O 235 11.41 88.17 -80.25
C GLY O 235 12.20 87.47 -81.34
N ILE O 236 12.30 86.15 -81.28
CA ILE O 236 13.05 85.42 -82.30
C ILE O 236 12.19 85.15 -83.52
N THR O 237 11.01 84.57 -83.32
CA THR O 237 10.17 84.10 -84.40
C THR O 237 9.33 85.20 -85.04
N CYS O 238 9.68 86.47 -84.82
CA CYS O 238 8.98 87.55 -85.50
C CYS O 238 9.15 87.46 -87.01
N CYS O 239 10.38 87.20 -87.47
CA CYS O 239 10.62 87.07 -88.90
C CYS O 239 9.86 85.89 -89.50
N LEU O 240 9.61 84.86 -88.69
CA LEU O 240 8.77 83.76 -89.15
C LEU O 240 7.31 84.15 -89.20
N ARG O 241 6.87 84.98 -88.24
CA ARG O 241 5.46 85.30 -88.10
C ARG O 241 5.05 86.60 -88.77
N PHE O 242 5.94 87.57 -88.86
CA PHE O 242 5.56 88.85 -89.42
C PHE O 242 6.46 89.22 -90.58
N PRO O 243 5.93 89.87 -91.60
CA PRO O 243 6.76 90.34 -92.71
C PRO O 243 7.77 91.38 -92.23
N GLY O 244 8.76 91.63 -93.08
CA GLY O 244 9.79 92.60 -92.76
C GLY O 244 10.66 92.88 -93.96
N GLN O 245 11.21 94.08 -94.05
CA GLN O 245 12.01 94.44 -95.20
C GLN O 245 13.37 93.76 -95.20
N LEU O 246 13.80 93.19 -94.08
CA LEU O 246 14.98 92.33 -94.05
C LEU O 246 14.67 91.21 -93.06
N ASN O 247 14.09 90.12 -93.56
CA ASN O 247 13.71 89.02 -92.71
C ASN O 247 14.92 88.19 -92.31
N ALA O 248 14.74 87.33 -91.32
CA ALA O 248 15.82 86.47 -90.85
C ALA O 248 15.21 85.18 -90.31
N ASP O 249 15.26 84.13 -91.11
CA ASP O 249 14.79 82.82 -90.68
C ASP O 249 15.61 82.34 -89.49
N LEU O 250 15.09 81.32 -88.80
CA LEU O 250 15.78 80.78 -87.64
C LEU O 250 17.07 80.06 -88.03
N ARG O 251 17.09 79.40 -89.18
CA ARG O 251 18.29 78.68 -89.59
C ARG O 251 19.40 79.63 -89.98
N LYS O 252 19.09 80.68 -90.72
CA LYS O 252 20.11 81.64 -91.12
C LYS O 252 20.66 82.41 -89.93
N LEU O 253 19.98 82.37 -88.78
CA LEU O 253 20.49 83.04 -87.60
C LEU O 253 21.63 82.26 -86.98
N ALA O 254 21.68 80.96 -87.21
CA ALA O 254 22.75 80.13 -86.63
C ALA O 254 24.00 80.18 -87.50
N VAL O 255 23.86 79.99 -88.81
CA VAL O 255 25.01 79.97 -89.70
C VAL O 255 25.80 81.26 -89.60
N ASN O 256 25.12 82.39 -89.39
CA ASN O 256 25.81 83.64 -89.18
C ASN O 256 26.36 83.81 -87.77
N LEU O 257 26.18 82.81 -86.90
CA LEU O 257 26.48 83.02 -85.48
C LEU O 257 27.61 82.14 -85.00
N ILE O 258 27.52 80.83 -85.21
CA ILE O 258 28.50 79.89 -84.69
C ILE O 258 29.53 79.61 -85.78
N PRO O 259 30.79 80.00 -85.60
CA PRO O 259 31.82 79.64 -86.58
C PRO O 259 32.23 78.19 -86.49
N PHE O 260 32.19 77.59 -85.31
CA PHE O 260 32.61 76.21 -85.11
C PHE O 260 31.49 75.43 -84.43
N PRO O 261 31.38 74.13 -84.71
CA PRO O 261 30.18 73.40 -84.31
C PRO O 261 29.97 73.29 -82.81
N ARG O 262 30.93 73.68 -81.99
CA ARG O 262 30.83 73.49 -80.55
C ARG O 262 30.41 74.74 -79.80
N LEU O 263 30.63 75.92 -80.36
CA LEU O 263 30.41 77.17 -79.64
C LEU O 263 28.96 77.66 -79.80
N HIS O 264 28.01 76.80 -79.48
CA HIS O 264 26.59 77.10 -79.65
C HIS O 264 25.93 77.63 -78.39
N PHE O 265 26.69 78.29 -77.52
CA PHE O 265 26.14 78.94 -76.34
C PHE O 265 26.15 80.44 -76.58
N PHE O 266 25.02 81.08 -76.35
CA PHE O 266 24.87 82.51 -76.60
C PHE O 266 24.46 83.23 -75.33
N MET O 267 24.20 84.52 -75.48
CA MET O 267 23.69 85.35 -74.40
C MET O 267 22.75 86.37 -75.03
N VAL O 268 21.63 86.64 -74.37
CA VAL O 268 20.57 87.43 -74.98
C VAL O 268 20.28 88.64 -74.12
N GLY O 269 19.54 89.58 -74.70
CA GLY O 269 19.11 90.78 -74.00
C GLY O 269 18.00 91.44 -74.76
N PHE O 270 17.10 92.09 -74.03
CA PHE O 270 15.94 92.72 -74.64
C PHE O 270 16.01 94.23 -74.46
N THR O 271 15.34 94.94 -75.37
CA THR O 271 15.36 96.40 -75.42
C THR O 271 14.09 96.87 -76.10
N PRO O 272 13.43 97.92 -75.60
CA PRO O 272 13.76 98.80 -74.47
C PRO O 272 13.13 98.36 -73.16
N LEU O 273 13.77 98.73 -72.06
CA LEU O 273 13.24 98.46 -70.73
C LEU O 273 13.35 99.74 -69.91
N THR O 274 12.23 100.28 -69.48
CA THR O 274 12.20 101.50 -68.69
C THR O 274 11.23 101.31 -67.52
N SER O 275 11.39 102.16 -66.51
CA SER O 275 10.46 102.15 -65.38
C SER O 275 9.14 102.79 -65.78
N ARG O 276 8.24 102.92 -64.81
CA ARG O 276 7.02 103.68 -65.06
C ARG O 276 7.24 105.18 -64.97
N GLY O 277 8.39 105.60 -64.44
CA GLY O 277 8.71 107.02 -64.37
C GLY O 277 9.62 107.46 -65.49
N SER O 278 10.40 106.54 -66.05
CA SER O 278 11.39 106.90 -67.05
C SER O 278 10.77 107.11 -68.42
N GLN O 279 9.69 106.40 -68.74
CA GLN O 279 9.05 106.56 -70.04
C GLN O 279 8.63 108.00 -70.30
N GLN O 280 8.64 108.84 -69.27
CA GLN O 280 8.31 110.25 -69.39
C GLN O 280 9.47 111.06 -69.95
N TYR O 281 10.71 110.65 -69.68
CA TYR O 281 11.90 111.39 -70.09
C TYR O 281 12.53 110.81 -71.35
N ARG O 282 12.87 109.52 -71.31
CA ARG O 282 13.63 108.90 -72.39
C ARG O 282 12.81 108.84 -73.67
N ALA O 283 13.49 109.03 -74.80
CA ALA O 283 12.89 108.91 -76.12
C ALA O 283 13.18 107.55 -76.72
N LEU O 284 12.36 107.16 -77.69
CA LEU O 284 12.45 105.84 -78.31
C LEU O 284 12.93 106.00 -79.74
N THR O 285 14.24 105.93 -79.93
CA THR O 285 14.85 105.96 -81.25
C THR O 285 15.86 104.84 -81.38
N VAL O 286 16.35 104.62 -82.60
CA VAL O 286 17.32 103.56 -82.83
C VAL O 286 18.61 103.78 -82.04
N PRO O 287 19.17 104.98 -81.95
CA PRO O 287 20.38 105.14 -81.12
C PRO O 287 20.18 104.75 -79.66
N GLU O 288 18.95 104.82 -79.15
CA GLU O 288 18.70 104.36 -77.78
C GLU O 288 18.67 102.84 -77.72
N LEU O 289 17.96 102.21 -78.66
CA LEU O 289 17.90 100.76 -78.71
C LEU O 289 19.28 100.15 -78.84
N THR O 290 20.16 100.81 -79.60
CA THR O 290 21.47 100.23 -79.90
C THR O 290 22.49 100.43 -78.80
N GLN O 291 22.22 101.28 -77.82
CA GLN O 291 23.18 101.39 -76.73
C GLN O 291 22.73 100.59 -75.51
N GLN O 292 21.42 100.53 -75.25
CA GLN O 292 20.95 99.70 -74.15
C GLN O 292 21.16 98.23 -74.44
N MET O 293 21.09 97.83 -75.71
CA MET O 293 21.31 96.43 -76.05
C MET O 293 22.78 96.09 -76.05
N TRP O 294 23.64 97.00 -76.48
CA TRP O 294 25.07 96.74 -76.50
C TRP O 294 25.72 96.89 -75.15
N ASP O 295 25.03 97.47 -74.18
CA ASP O 295 25.58 97.62 -72.85
C ASP O 295 25.82 96.26 -72.21
N ALA O 296 26.61 96.25 -71.14
CA ALA O 296 26.94 95.02 -70.43
C ALA O 296 26.04 94.82 -69.21
N LYS O 297 24.80 95.24 -69.30
CA LYS O 297 23.81 95.03 -68.26
C LYS O 297 22.59 94.28 -68.73
N ASN O 298 22.12 94.56 -69.96
CA ASN O 298 20.98 93.83 -70.50
C ASN O 298 21.30 92.38 -70.80
N MET O 299 22.56 91.96 -70.69
CA MET O 299 22.91 90.57 -70.92
C MET O 299 22.22 89.73 -69.85
N MET O 300 21.17 89.02 -70.26
CA MET O 300 20.36 88.25 -69.31
C MET O 300 21.15 87.17 -68.61
N CYS O 301 22.33 86.83 -69.09
CA CYS O 301 23.19 85.88 -68.40
C CYS O 301 24.19 86.62 -67.52
N ALA O 302 24.68 85.94 -66.49
CA ALA O 302 25.62 86.54 -65.55
C ALA O 302 27.06 86.45 -66.05
N ALA O 303 27.29 86.93 -67.26
CA ALA O 303 28.61 86.92 -67.87
C ALA O 303 28.89 88.29 -68.48
N ASP O 304 29.98 88.91 -68.06
CA ASP O 304 30.33 90.25 -68.49
C ASP O 304 31.07 90.15 -69.81
N PRO O 305 30.50 90.62 -70.93
CA PRO O 305 31.19 90.51 -72.21
C PRO O 305 32.48 91.30 -72.27
N ARG O 306 32.70 92.22 -71.33
CA ARG O 306 33.94 92.99 -71.31
C ARG O 306 35.12 92.19 -70.82
N HIS O 307 34.91 91.01 -70.26
CA HIS O 307 36.00 90.11 -69.91
C HIS O 307 36.35 89.15 -71.04
N GLY O 308 35.85 89.41 -72.23
CA GLY O 308 36.11 88.56 -73.36
C GLY O 308 35.98 89.34 -74.63
N ARG O 309 35.73 88.63 -75.72
CA ARG O 309 35.59 89.26 -77.02
C ARG O 309 34.41 88.64 -77.75
N TYR O 310 33.73 89.47 -78.54
CA TYR O 310 32.60 88.98 -79.32
C TYR O 310 33.10 88.27 -80.57
N LEU O 311 32.64 87.04 -80.77
CA LEU O 311 32.89 86.39 -82.05
C LEU O 311 31.95 86.93 -83.11
N THR O 312 30.65 86.76 -82.91
CA THR O 312 29.64 87.35 -83.75
C THR O 312 28.56 87.94 -82.84
N ALA O 313 27.47 88.41 -83.43
CA ALA O 313 26.34 88.93 -82.68
C ALA O 313 25.13 88.94 -83.59
N SER O 314 24.04 89.52 -83.12
CA SER O 314 22.82 89.62 -83.90
C SER O 314 21.94 90.71 -83.31
N ALA O 315 20.83 90.97 -84.01
CA ALA O 315 19.85 91.95 -83.55
C ALA O 315 18.58 91.80 -84.36
N LEU O 316 17.43 91.75 -83.70
CA LEU O 316 16.15 91.57 -84.37
C LEU O 316 15.27 92.76 -84.02
N PHE O 317 15.40 93.83 -84.77
CA PHE O 317 14.60 95.02 -84.54
C PHE O 317 13.16 94.79 -84.99
N ARG O 318 12.24 95.52 -84.37
CA ARG O 318 10.82 95.37 -84.66
C ARG O 318 10.20 96.76 -84.72
N GLY O 319 9.50 97.05 -85.81
CA GLY O 319 8.85 98.34 -85.96
C GLY O 319 9.33 99.06 -87.19
N ARG O 320 8.43 99.74 -87.88
CA ARG O 320 8.80 100.49 -89.08
C ARG O 320 9.84 101.54 -88.73
N MET O 321 11.06 101.37 -89.22
CA MET O 321 12.17 102.25 -88.89
C MET O 321 13.06 102.39 -90.12
N SER O 322 14.06 103.24 -90.00
CA SER O 322 14.98 103.51 -91.11
C SER O 322 16.08 102.47 -91.10
N THR O 323 16.17 101.69 -92.18
CA THR O 323 17.13 100.60 -92.21
C THR O 323 18.55 101.06 -92.50
N LYS O 324 18.81 102.37 -92.53
CA LYS O 324 20.19 102.83 -92.57
C LYS O 324 20.76 102.97 -91.18
N GLU O 325 20.01 103.63 -90.28
CA GLU O 325 20.48 103.84 -88.92
C GLU O 325 20.92 102.54 -88.28
N VAL O 326 20.10 101.50 -88.41
CA VAL O 326 20.48 100.19 -87.91
C VAL O 326 21.80 99.72 -88.53
N ASP O 327 22.03 100.03 -89.80
CA ASP O 327 23.25 99.55 -90.46
C ASP O 327 24.46 100.32 -89.98
N GLU O 328 24.36 101.64 -89.89
CA GLU O 328 25.53 102.43 -89.51
C GLU O 328 25.76 102.39 -88.00
N GLN O 329 24.72 102.16 -87.20
CA GLN O 329 24.91 102.09 -85.76
C GLN O 329 25.72 100.85 -85.39
N MET O 330 25.22 99.66 -85.74
CA MET O 330 25.97 98.43 -85.49
C MET O 330 27.34 98.47 -86.13
N LEU O 331 27.55 99.32 -87.13
CA LEU O 331 28.90 99.53 -87.65
C LEU O 331 29.70 100.40 -86.71
N ASN O 332 29.11 101.48 -86.22
CA ASN O 332 29.86 102.43 -85.39
C ASN O 332 30.39 101.78 -84.13
N VAL O 333 29.64 100.84 -83.57
CA VAL O 333 30.06 100.19 -82.33
C VAL O 333 31.35 99.42 -82.55
N GLN O 334 31.37 98.54 -83.55
CA GLN O 334 32.54 97.71 -83.79
C GLN O 334 33.79 98.56 -84.03
N ASN O 335 33.63 99.79 -84.49
CA ASN O 335 34.78 100.64 -84.75
C ASN O 335 35.24 101.35 -83.48
N LYS O 336 34.31 101.80 -82.65
CA LYS O 336 34.69 102.60 -81.49
C LYS O 336 35.48 101.77 -80.49
N ASN O 337 34.86 100.76 -79.91
CA ASN O 337 35.51 99.90 -78.94
C ASN O 337 35.97 98.61 -79.60
N SER O 338 36.98 98.76 -80.45
CA SER O 338 37.48 97.65 -81.25
C SER O 338 38.17 96.57 -80.44
N SER O 339 38.41 96.83 -79.14
CA SER O 339 39.11 95.84 -78.33
C SER O 339 38.25 94.63 -78.00
N TYR O 340 36.93 94.73 -78.12
CA TYR O 340 36.05 93.65 -77.71
C TYR O 340 35.58 92.79 -78.88
N PHE O 341 36.05 93.06 -80.09
CA PHE O 341 35.63 92.30 -81.26
C PHE O 341 36.84 91.64 -81.91
N VAL O 342 36.65 90.41 -82.37
CA VAL O 342 37.73 89.66 -83.01
C VAL O 342 38.11 90.32 -84.33
N GLU O 343 39.29 89.99 -84.85
CA GLU O 343 39.80 90.60 -86.07
C GLU O 343 39.58 89.75 -87.30
N TRP O 344 39.71 88.43 -87.19
CA TRP O 344 39.56 87.64 -88.40
C TRP O 344 38.13 87.51 -88.85
N ILE O 345 37.24 88.30 -88.26
CA ILE O 345 35.87 88.46 -88.75
C ILE O 345 35.63 89.95 -88.92
N PRO O 346 35.64 90.48 -90.14
CA PRO O 346 35.56 91.92 -90.34
C PRO O 346 34.25 92.53 -89.83
N ASN O 347 33.12 92.05 -90.33
CA ASN O 347 31.81 92.55 -89.95
C ASN O 347 31.09 91.41 -89.22
N ASN O 348 31.07 91.48 -87.90
CA ASN O 348 30.60 90.39 -87.07
C ASN O 348 29.26 90.68 -86.40
N VAL O 349 28.34 91.32 -87.12
CA VAL O 349 26.97 91.47 -86.65
C VAL O 349 26.02 91.15 -87.80
N LYS O 350 24.87 90.61 -87.46
CA LYS O 350 23.77 90.44 -88.41
C LYS O 350 22.59 91.27 -87.91
N SER O 351 21.86 91.87 -88.83
CA SER O 351 20.80 92.80 -88.49
C SER O 351 19.56 92.47 -89.30
N SER O 352 18.48 92.12 -88.61
CA SER O 352 17.18 91.94 -89.22
C SER O 352 16.25 93.06 -88.76
N VAL O 353 15.03 93.05 -89.29
CA VAL O 353 14.04 94.07 -88.96
C VAL O 353 12.67 93.55 -89.35
N CYS O 354 11.67 93.86 -88.53
CA CYS O 354 10.29 93.48 -88.78
C CYS O 354 9.40 94.72 -88.72
N ASP O 355 8.44 94.78 -89.63
CA ASP O 355 7.53 95.91 -89.67
C ASP O 355 6.52 95.92 -88.53
N ILE O 356 6.47 94.87 -87.72
CA ILE O 356 5.45 94.70 -86.71
C ILE O 356 6.11 94.68 -85.33
N PRO O 357 6.03 95.77 -84.58
CA PRO O 357 6.63 95.82 -83.25
C PRO O 357 5.81 94.99 -82.27
N PRO O 358 6.18 94.98 -80.99
CA PRO O 358 5.31 94.34 -79.99
C PRO O 358 3.94 95.00 -79.94
N LYS O 359 3.00 94.29 -79.31
CA LYS O 359 1.60 94.70 -79.36
C LYS O 359 1.38 96.08 -78.77
N GLY O 360 2.24 96.51 -77.84
CA GLY O 360 2.00 97.76 -77.16
C GLY O 360 3.01 98.85 -77.42
N LEU O 361 4.03 98.57 -78.21
CA LEU O 361 5.14 99.49 -78.41
C LEU O 361 5.16 100.00 -79.85
N LYS O 362 6.15 100.84 -80.13
CA LYS O 362 6.37 101.38 -81.47
C LYS O 362 7.72 101.00 -82.04
N MET O 363 8.74 100.82 -81.20
CA MET O 363 10.01 100.26 -81.61
C MET O 363 10.51 99.34 -80.50
N SER O 364 11.25 98.31 -80.90
CA SER O 364 11.79 97.36 -79.95
C SER O 364 12.91 96.61 -80.64
N ALA O 365 13.69 95.89 -79.84
CA ALA O 365 14.80 95.13 -80.38
C ALA O 365 14.97 93.84 -79.58
N THR O 366 15.96 93.05 -79.97
CA THR O 366 16.29 91.81 -79.31
C THR O 366 17.71 91.45 -79.74
N PHE O 367 18.49 90.94 -78.81
CA PHE O 367 19.93 90.81 -79.02
C PHE O 367 20.36 89.38 -78.75
N ILE O 368 21.32 88.90 -79.55
CA ILE O 368 21.93 87.60 -79.35
C ILE O 368 23.43 87.76 -79.54
N GLY O 369 24.19 87.37 -78.54
CA GLY O 369 25.64 87.55 -78.58
C GLY O 369 26.36 86.23 -78.35
N ASN O 370 27.40 86.01 -79.15
CA ASN O 370 28.25 84.83 -79.04
C ASN O 370 29.63 85.33 -78.64
N SER O 371 29.84 85.49 -77.34
CA SER O 371 31.08 86.02 -76.81
C SER O 371 31.94 84.91 -76.23
N THR O 372 33.21 85.23 -75.98
CA THR O 372 34.11 84.30 -75.31
C THR O 372 34.11 84.48 -73.80
N ALA O 373 33.30 85.40 -73.28
CA ALA O 373 33.09 85.47 -71.84
C ALA O 373 32.17 84.38 -71.35
N ILE O 374 31.53 83.65 -72.24
CA ILE O 374 30.65 82.56 -71.84
C ILE O 374 31.43 81.47 -71.12
N GLN O 375 32.75 81.42 -71.31
CA GLN O 375 33.57 80.47 -70.58
C GLN O 375 33.52 80.70 -69.08
N GLU O 376 33.14 81.91 -68.64
CA GLU O 376 33.10 82.19 -67.21
C GLU O 376 32.05 81.33 -66.50
N MET O 377 30.94 81.05 -67.17
CA MET O 377 29.99 80.10 -66.63
C MET O 377 30.61 78.73 -66.45
N PHE O 378 31.55 78.38 -67.31
CA PHE O 378 32.12 77.04 -67.30
C PHE O 378 33.28 76.88 -66.33
N LYS O 379 34.04 77.96 -66.07
CA LYS O 379 35.04 77.89 -65.02
C LYS O 379 34.38 77.75 -63.66
N ARG O 380 33.39 78.60 -63.38
CA ARG O 380 32.73 78.59 -62.08
C ARG O 380 32.04 77.26 -61.82
N VAL O 381 31.46 76.66 -62.86
CA VAL O 381 30.81 75.36 -62.68
C VAL O 381 31.84 74.26 -62.56
N SER O 382 32.97 74.39 -63.26
CA SER O 382 33.97 73.32 -63.22
C SER O 382 34.54 73.13 -61.82
N GLU O 383 34.81 74.22 -61.10
CA GLU O 383 35.37 74.09 -59.77
C GLU O 383 34.35 73.54 -58.78
N GLN O 384 33.14 74.11 -58.77
CA GLN O 384 32.10 73.59 -57.90
C GLN O 384 31.84 72.12 -58.14
N PHE O 385 32.07 71.64 -59.36
CA PHE O 385 31.99 70.21 -59.61
C PHE O 385 33.16 69.48 -58.96
N THR O 386 34.38 69.93 -59.21
CA THR O 386 35.54 69.18 -58.75
C THR O 386 35.71 69.28 -57.23
N ALA O 387 35.21 70.35 -56.62
CA ALA O 387 35.38 70.51 -55.18
C ALA O 387 34.62 69.44 -54.41
N MET O 388 33.53 68.92 -54.98
CA MET O 388 32.75 67.89 -54.31
C MET O 388 32.80 66.54 -55.00
N PHE O 389 33.17 66.48 -56.27
CA PHE O 389 33.33 65.17 -56.91
C PHE O 389 34.63 64.50 -56.55
N ARG O 390 35.68 65.27 -56.22
CA ARG O 390 36.91 64.68 -55.74
C ARG O 390 36.77 64.12 -54.35
N ARG O 391 35.78 64.60 -53.59
CA ARG O 391 35.49 64.09 -52.26
C ARG O 391 34.43 63.00 -52.28
N LYS O 392 33.74 62.83 -53.40
CA LYS O 392 32.66 61.85 -53.53
C LYS O 392 31.53 62.16 -52.56
N ALA O 393 31.04 63.40 -52.66
CA ALA O 393 29.90 63.85 -51.86
C ALA O 393 28.63 63.78 -52.68
N PHE O 394 27.51 63.50 -52.00
CA PHE O 394 26.19 63.43 -52.63
C PHE O 394 26.16 62.48 -53.82
N LEU O 395 27.12 61.57 -53.90
CA LEU O 395 27.30 60.77 -55.10
C LEU O 395 26.59 59.43 -55.02
N HIS O 396 26.48 58.85 -53.83
CA HIS O 396 25.76 57.58 -53.69
C HIS O 396 24.33 57.67 -54.19
N TRP O 397 23.80 58.88 -54.35
CA TRP O 397 22.47 59.03 -54.94
C TRP O 397 22.51 58.81 -56.44
N TYR O 398 23.66 59.00 -57.08
CA TYR O 398 23.74 58.85 -58.52
C TYR O 398 24.05 57.41 -58.91
N THR O 399 24.98 56.77 -58.21
CA THR O 399 25.23 55.35 -58.45
C THR O 399 24.04 54.49 -58.07
N GLY O 400 23.09 55.02 -57.31
CA GLY O 400 21.89 54.26 -57.00
C GLY O 400 21.11 53.86 -58.23
N GLU O 401 21.21 54.65 -59.31
CA GLU O 401 20.57 54.33 -60.58
C GLU O 401 21.54 53.66 -61.55
N GLY O 402 22.54 52.94 -61.02
CA GLY O 402 23.46 52.22 -61.85
C GLY O 402 24.38 53.08 -62.69
N MET O 403 24.42 54.39 -62.46
CA MET O 403 25.30 55.24 -63.22
C MET O 403 26.76 54.88 -62.96
N ASP O 404 27.60 55.15 -63.95
CA ASP O 404 29.02 54.86 -63.85
C ASP O 404 29.73 56.05 -63.21
N GLU O 405 31.06 56.06 -63.25
CA GLU O 405 31.85 57.17 -62.76
C GLU O 405 32.51 57.97 -63.88
N MET O 406 32.99 57.30 -64.93
CA MET O 406 33.54 58.01 -66.07
C MET O 406 32.52 58.93 -66.71
N GLU O 407 31.23 58.61 -66.59
CA GLU O 407 30.18 59.51 -67.06
C GLU O 407 30.24 60.85 -66.36
N PHE O 408 30.92 60.94 -65.21
CA PHE O 408 31.15 62.24 -64.58
C PHE O 408 32.37 62.92 -65.15
N THR O 409 33.48 62.18 -65.28
CA THR O 409 34.72 62.80 -65.77
C THR O 409 34.61 63.15 -67.25
N GLU O 410 34.13 62.21 -68.06
CA GLU O 410 33.88 62.52 -69.47
C GLU O 410 33.01 63.75 -69.61
N ALA O 411 31.98 63.86 -68.77
CA ALA O 411 31.15 65.06 -68.77
C ALA O 411 31.96 66.27 -68.34
N GLU O 412 32.99 66.08 -67.53
CA GLU O 412 33.80 67.21 -67.08
C GLU O 412 34.90 67.54 -68.08
N SER O 413 35.63 66.52 -68.55
CA SER O 413 36.66 66.75 -69.55
C SER O 413 36.09 67.44 -70.78
N ASN O 414 34.92 66.99 -71.23
CA ASN O 414 34.23 67.66 -72.33
C ASN O 414 34.07 69.15 -72.07
N MET O 415 33.82 69.53 -70.82
CA MET O 415 33.74 70.94 -70.48
C MET O 415 35.12 71.60 -70.50
N ASN O 416 36.07 71.02 -69.78
CA ASN O 416 37.39 71.62 -69.70
C ASN O 416 38.13 71.63 -71.03
N ASP O 417 37.58 71.00 -72.05
CA ASP O 417 38.06 71.24 -73.41
C ASP O 417 37.30 72.39 -74.05
N LEU O 418 36.00 72.47 -73.79
CA LEU O 418 35.19 73.57 -74.30
C LEU O 418 35.64 74.90 -73.72
N VAL O 419 36.18 74.91 -72.50
CA VAL O 419 36.64 76.16 -71.91
C VAL O 419 37.93 76.63 -72.56
N SER O 420 38.64 75.74 -73.24
CA SER O 420 39.86 76.14 -73.93
C SER O 420 39.58 76.63 -75.34
N GLU O 421 38.60 76.04 -76.02
CA GLU O 421 38.19 76.55 -77.33
C GLU O 421 37.81 78.02 -77.24
N TYR O 422 37.10 78.40 -76.19
CA TYR O 422 36.73 79.79 -75.99
C TYR O 422 37.92 80.68 -75.69
N GLN O 423 39.11 80.11 -75.48
CA GLN O 423 40.27 80.92 -75.17
C GLN O 423 41.26 81.02 -76.33
N GLN O 424 41.41 79.97 -77.14
CA GLN O 424 42.21 80.10 -78.36
C GLN O 424 41.72 81.28 -79.18
N TYR O 425 40.43 81.32 -79.46
CA TYR O 425 39.83 82.37 -80.26
C TYR O 425 39.76 83.70 -79.51
N GLN O 426 40.14 83.74 -78.24
CA GLN O 426 40.26 84.99 -77.51
C GLN O 426 41.74 85.30 -77.41
N ASP O 427 42.26 86.00 -78.42
CA ASP O 427 43.63 86.49 -78.41
C ASP O 427 43.78 87.73 -77.53
N ALA O 428 42.77 88.04 -76.72
CA ALA O 428 42.76 89.22 -75.86
C ALA O 428 42.92 90.51 -76.67
N MET P 1 7.74 93.28 -130.48
CA MET P 1 8.92 92.87 -131.24
C MET P 1 10.18 93.06 -130.41
N ARG P 2 10.20 94.10 -129.59
CA ARG P 2 11.33 94.40 -128.72
C ARG P 2 10.99 93.96 -127.31
N GLU P 3 11.14 92.66 -127.05
CA GLU P 3 10.74 92.07 -125.78
C GLU P 3 11.97 91.68 -124.96
N VAL P 4 11.84 91.80 -123.64
CA VAL P 4 12.86 91.38 -122.69
C VAL P 4 12.17 90.62 -121.55
N ILE P 5 12.95 89.81 -120.83
CA ILE P 5 12.43 88.98 -119.76
C ILE P 5 13.07 89.41 -118.46
N SER P 6 12.26 89.93 -117.55
CA SER P 6 12.74 90.47 -116.29
C SER P 6 12.70 89.38 -115.22
N ILE P 7 13.85 89.09 -114.62
CA ILE P 7 13.99 88.04 -113.63
C ILE P 7 14.47 88.64 -112.32
N HIS P 8 13.74 88.37 -111.24
CA HIS P 8 14.09 88.84 -109.90
C HIS P 8 14.34 87.63 -109.00
N ILE P 9 15.46 87.65 -108.30
CA ILE P 9 15.93 86.50 -107.53
C ILE P 9 16.21 86.93 -106.10
N GLY P 10 15.78 86.11 -105.15
CA GLY P 10 16.03 86.40 -103.76
C GLY P 10 15.11 87.48 -103.24
N GLN P 11 15.49 88.06 -102.10
CA GLN P 11 14.67 89.14 -101.54
C GLN P 11 14.94 90.46 -102.25
N ALA P 12 16.19 90.89 -102.29
CA ALA P 12 16.50 92.15 -102.96
C ALA P 12 16.12 92.10 -104.43
N GLY P 13 16.08 90.91 -105.02
CA GLY P 13 15.56 90.79 -106.37
C GLY P 13 14.12 91.21 -106.47
N ILE P 14 13.27 90.69 -105.58
CA ILE P 14 11.87 91.10 -105.61
C ILE P 14 11.66 92.40 -104.86
N GLN P 15 12.58 92.77 -103.97
CA GLN P 15 12.50 94.10 -103.36
C GLN P 15 12.65 95.20 -104.41
N VAL P 16 13.43 94.96 -105.46
CA VAL P 16 13.46 95.94 -106.55
C VAL P 16 12.38 95.64 -107.58
N GLY P 17 11.94 94.40 -107.69
CA GLY P 17 10.86 94.08 -108.61
C GLY P 17 9.60 94.88 -108.35
N ASN P 18 9.32 95.20 -107.09
CA ASN P 18 8.17 96.03 -106.79
C ASN P 18 8.40 97.48 -107.21
N ALA P 19 9.64 97.93 -107.13
CA ALA P 19 9.93 99.31 -107.51
C ALA P 19 9.89 99.48 -109.02
N CYS P 20 10.41 98.51 -109.77
CA CYS P 20 10.43 98.64 -111.22
C CYS P 20 9.04 98.49 -111.81
N TRP P 21 8.27 97.51 -111.36
CA TRP P 21 6.97 97.27 -111.97
C TRP P 21 5.93 98.29 -111.52
N GLU P 22 6.10 98.86 -110.33
CA GLU P 22 5.31 100.04 -109.97
C GLU P 22 5.58 101.19 -110.93
N LEU P 23 6.81 101.28 -111.44
CA LEU P 23 7.17 102.37 -112.33
C LEU P 23 6.52 102.21 -113.70
N TYR P 24 6.66 101.02 -114.31
CA TYR P 24 6.14 100.83 -115.65
C TYR P 24 4.62 100.89 -115.66
N CYS P 25 3.97 100.28 -114.67
CA CYS P 25 2.51 100.35 -114.59
C CYS P 25 2.04 101.80 -114.55
N LEU P 26 2.78 102.66 -113.86
CA LEU P 26 2.46 104.09 -113.87
C LEU P 26 2.92 104.77 -115.15
N GLU P 27 4.04 104.32 -115.72
CA GLU P 27 4.60 105.01 -116.88
C GLU P 27 3.80 104.77 -118.15
N HIS P 28 2.97 103.73 -118.18
CA HIS P 28 2.15 103.44 -119.36
C HIS P 28 0.66 103.47 -119.04
N GLY P 29 0.27 104.13 -117.95
CA GLY P 29 -1.12 104.19 -117.58
C GLY P 29 -1.74 102.84 -117.28
N ILE P 30 -0.92 101.84 -116.99
CA ILE P 30 -1.43 100.51 -116.67
C ILE P 30 -1.94 100.52 -115.23
N GLN P 31 -3.26 100.38 -115.06
CA GLN P 31 -3.82 100.30 -113.73
C GLN P 31 -3.29 99.05 -113.03
N PRO P 32 -3.34 99.03 -111.69
CA PRO P 32 -2.96 97.79 -110.99
C PRO P 32 -3.79 96.59 -111.40
N ASP P 33 -5.03 96.79 -111.85
CA ASP P 33 -5.86 95.68 -112.31
C ASP P 33 -5.59 95.34 -113.77
N GLY P 34 -4.32 95.15 -114.11
CA GLY P 34 -3.95 94.72 -115.44
C GLY P 34 -4.22 95.73 -116.55
N GLN P 35 -5.47 96.12 -116.72
CA GLN P 35 -5.88 96.84 -117.92
C GLN P 35 -5.59 98.34 -117.79
N MET P 36 -5.87 99.07 -118.86
CA MET P 36 -5.68 100.51 -118.93
C MET P 36 -6.90 101.16 -119.54
N PRO P 37 -7.21 102.41 -119.16
CA PRO P 37 -8.37 103.13 -119.68
C PRO P 37 -8.32 103.35 -121.19
N ASP P 46 0.98 100.49 -129.97
CA ASP P 46 1.61 99.27 -129.49
C ASP P 46 3.12 99.49 -129.32
N ASP P 47 3.75 98.55 -128.63
CA ASP P 47 5.20 98.50 -128.43
C ASP P 47 5.67 99.64 -127.54
N ALA P 48 4.77 100.55 -127.18
CA ALA P 48 5.04 101.43 -126.06
C ALA P 48 4.97 100.67 -124.75
N PHE P 49 4.44 99.46 -124.77
CA PHE P 49 4.37 98.59 -123.61
C PHE P 49 4.77 97.16 -123.91
N ASN P 50 4.87 96.78 -125.18
CA ASN P 50 5.16 95.40 -125.53
C ASN P 50 6.53 94.95 -125.02
N THR P 51 7.39 95.88 -124.64
CA THR P 51 8.68 95.52 -124.09
C THR P 51 8.55 94.82 -122.74
N PHE P 52 7.47 95.09 -122.00
CA PHE P 52 7.31 94.55 -120.67
C PHE P 52 5.95 93.91 -120.44
N PHE P 53 5.09 93.83 -121.46
CA PHE P 53 3.75 93.32 -121.24
C PHE P 53 3.31 92.52 -122.45
N SER P 54 2.09 91.99 -122.37
CA SER P 54 1.55 91.15 -123.42
C SER P 54 0.03 91.17 -123.30
N GLU P 55 -0.62 91.77 -124.28
CA GLU P 55 -2.07 91.87 -124.23
C GLU P 55 -2.70 90.48 -124.35
N THR P 56 -3.62 90.18 -123.45
CA THR P 56 -4.31 88.90 -123.45
C THR P 56 -5.42 88.94 -124.50
N GLY P 57 -6.32 87.96 -124.45
CA GLY P 57 -7.43 87.94 -125.38
C GLY P 57 -8.32 89.16 -125.32
N ALA P 58 -8.35 89.85 -124.18
CA ALA P 58 -9.23 91.01 -124.03
C ALA P 58 -8.71 91.91 -122.92
N GLY P 59 -8.25 93.09 -123.28
CA GLY P 59 -7.97 94.15 -122.32
C GLY P 59 -6.77 94.05 -121.41
N LYS P 60 -6.56 92.90 -120.79
CA LYS P 60 -5.54 92.80 -119.75
C LYS P 60 -4.14 92.85 -120.34
N HIS P 61 -3.26 93.60 -119.67
CA HIS P 61 -1.85 93.71 -120.04
C HIS P 61 -1.03 93.10 -118.90
N VAL P 62 -0.68 91.82 -119.04
CA VAL P 62 0.06 91.11 -118.00
C VAL P 62 1.56 91.31 -118.23
N PRO P 63 2.34 91.54 -117.17
CA PRO P 63 3.79 91.72 -117.36
C PRO P 63 4.49 90.42 -117.69
N ARG P 64 5.62 90.55 -118.38
CA ARG P 64 6.48 89.42 -118.71
C ARG P 64 7.68 89.41 -117.77
N CYS P 65 7.43 88.98 -116.53
CA CYS P 65 8.45 88.90 -115.50
C CYS P 65 8.29 87.61 -114.72
N ILE P 66 9.27 87.34 -113.85
CA ILE P 66 9.27 86.15 -113.01
C ILE P 66 9.85 86.53 -111.66
N PHE P 67 9.01 86.48 -110.63
CA PHE P 67 9.44 86.66 -109.25
C PHE P 67 9.76 85.29 -108.67
N LEU P 68 11.00 85.10 -108.24
CA LEU P 68 11.46 83.79 -107.79
C LEU P 68 12.15 83.95 -106.44
N ASP P 69 11.80 83.10 -105.49
CA ASP P 69 12.37 83.18 -104.15
C ASP P 69 12.10 81.89 -103.42
N LEU P 70 12.74 81.74 -102.26
CA LEU P 70 12.57 80.58 -101.40
C LEU P 70 11.86 80.91 -100.09
N GLU P 71 11.63 82.18 -99.80
CA GLU P 71 10.94 82.59 -98.58
C GLU P 71 9.51 82.98 -98.93
N PRO P 72 8.50 82.25 -98.46
CA PRO P 72 7.11 82.64 -98.76
C PRO P 72 6.74 83.98 -98.17
N THR P 73 7.43 84.43 -97.13
CA THR P 73 7.00 85.61 -96.38
C THR P 73 6.97 86.87 -97.23
N VAL P 74 7.69 86.90 -98.34
CA VAL P 74 7.76 88.10 -99.19
C VAL P 74 6.89 87.98 -100.41
N VAL P 75 6.99 86.86 -101.15
CA VAL P 75 6.14 86.68 -102.32
C VAL P 75 4.68 86.62 -101.92
N ASP P 76 4.39 86.33 -100.65
CA ASP P 76 3.01 86.40 -100.18
C ASP P 76 2.56 87.84 -99.96
N GLU P 77 3.48 88.77 -99.77
CA GLU P 77 3.08 90.18 -99.74
C GLU P 77 2.54 90.61 -101.10
N VAL P 78 3.19 90.17 -102.17
CA VAL P 78 2.72 90.51 -103.51
C VAL P 78 1.33 89.91 -103.75
N ARG P 79 1.13 88.67 -103.32
CA ARG P 79 -0.15 88.01 -103.53
C ARG P 79 -1.29 88.72 -102.82
N THR P 80 -1.01 89.50 -101.78
CA THR P 80 -2.03 90.27 -101.09
C THR P 80 -1.91 91.77 -101.31
N GLY P 81 -0.81 92.24 -101.86
CA GLY P 81 -0.65 93.64 -102.17
C GLY P 81 -1.60 94.09 -103.25
N THR P 82 -1.50 95.38 -103.59
CA THR P 82 -2.39 95.93 -104.60
C THR P 82 -2.13 95.35 -105.99
N TYR P 83 -0.92 94.88 -106.26
CA TYR P 83 -0.60 94.28 -107.55
C TYR P 83 -0.77 92.77 -107.53
N ARG P 84 -1.94 92.30 -107.09
CA ARG P 84 -2.21 90.87 -107.10
C ARG P 84 -3.02 90.45 -108.31
N GLN P 85 -3.74 91.38 -108.95
CA GLN P 85 -4.41 91.09 -110.20
C GLN P 85 -3.49 91.16 -111.40
N LEU P 86 -2.25 91.62 -111.22
CA LEU P 86 -1.34 91.79 -112.33
C LEU P 86 -0.77 90.46 -112.80
N PHE P 87 -0.02 89.79 -111.94
CA PHE P 87 0.81 88.68 -112.37
C PHE P 87 0.00 87.41 -112.51
N HIS P 88 0.34 86.63 -113.54
CA HIS P 88 -0.13 85.26 -113.60
C HIS P 88 0.44 84.51 -112.39
N PRO P 89 -0.41 83.88 -111.57
CA PRO P 89 0.09 83.26 -110.33
C PRO P 89 1.20 82.25 -110.55
N GLU P 90 1.44 81.80 -111.78
CA GLU P 90 2.54 80.89 -112.04
C GLU P 90 3.88 81.62 -112.03
N GLN P 91 3.87 82.94 -112.30
CA GLN P 91 5.12 83.69 -112.32
C GLN P 91 5.69 83.87 -110.92
N LEU P 92 4.84 84.17 -109.95
CA LEU P 92 5.29 84.36 -108.57
C LEU P 92 5.66 83.01 -107.99
N ILE P 93 6.93 82.68 -108.03
CA ILE P 93 7.44 81.37 -107.61
C ILE P 93 7.98 81.48 -106.20
N SER P 94 7.66 80.50 -105.36
CA SER P 94 8.13 80.51 -103.98
C SER P 94 8.33 79.08 -103.50
N GLY P 95 9.20 78.92 -102.53
CA GLY P 95 9.51 77.62 -101.96
C GLY P 95 9.19 77.59 -100.48
N LYS P 96 8.96 76.39 -99.96
CA LYS P 96 8.57 76.23 -98.57
C LYS P 96 9.73 76.46 -97.59
N GLU P 97 10.96 76.62 -98.07
CA GLU P 97 12.10 76.79 -97.18
C GLU P 97 13.18 77.55 -97.93
N ASP P 98 13.93 78.35 -97.18
CA ASP P 98 14.90 79.27 -97.78
C ASP P 98 16.33 78.74 -97.65
N ALA P 99 17.24 79.39 -98.36
CA ALA P 99 18.63 78.96 -98.42
C ALA P 99 19.42 79.31 -97.16
N ALA P 100 18.88 80.21 -96.32
CA ALA P 100 19.49 80.54 -95.03
C ALA P 100 20.93 81.04 -95.20
N ASN P 101 21.11 81.97 -96.13
CA ASN P 101 22.40 82.63 -96.38
C ASN P 101 23.54 81.62 -96.43
N ASN P 102 23.29 80.55 -97.17
CA ASN P 102 24.25 79.47 -97.32
C ASN P 102 24.31 79.11 -98.80
N PHE P 103 25.44 79.40 -99.44
CA PHE P 103 25.58 79.16 -100.87
C PHE P 103 25.25 77.73 -101.24
N ALA P 104 25.62 76.76 -100.39
CA ALA P 104 25.38 75.37 -100.73
C ALA P 104 23.88 75.08 -100.81
N ARG P 105 23.13 75.53 -99.81
CA ARG P 105 21.70 75.22 -99.76
C ARG P 105 20.98 75.80 -100.96
N GLY P 106 21.40 76.98 -101.40
CA GLY P 106 20.78 77.59 -102.56
C GLY P 106 21.27 77.07 -103.89
N HIS P 107 22.36 76.30 -103.89
CA HIS P 107 22.95 75.81 -105.13
C HIS P 107 22.85 74.30 -105.28
N TYR P 108 23.01 73.54 -104.21
CA TYR P 108 23.12 72.09 -104.31
C TYR P 108 21.91 71.34 -103.80
N THR P 109 21.28 71.81 -102.73
CA THR P 109 20.24 71.06 -102.05
C THR P 109 18.83 71.53 -102.42
N ILE P 110 18.54 72.81 -102.19
CA ILE P 110 17.19 73.32 -102.39
C ILE P 110 17.00 73.81 -103.82
N GLY P 111 17.92 74.64 -104.31
CA GLY P 111 17.73 75.26 -105.61
C GLY P 111 17.59 74.27 -106.74
N LYS P 112 18.16 73.08 -106.59
CA LYS P 112 18.14 72.10 -107.68
C LYS P 112 16.75 71.55 -107.95
N GLU P 113 15.80 71.75 -107.05
CA GLU P 113 14.50 71.10 -107.15
C GLU P 113 13.39 72.03 -107.62
N ILE P 114 13.66 73.31 -107.81
CA ILE P 114 12.67 74.22 -108.38
C ILE P 114 13.14 74.88 -109.66
N VAL P 115 14.38 74.66 -110.08
CA VAL P 115 14.84 75.24 -111.35
C VAL P 115 14.05 74.64 -112.51
N ASP P 116 13.73 73.35 -112.42
CA ASP P 116 12.90 72.73 -113.45
C ASP P 116 11.57 73.47 -113.59
N LEU P 117 10.97 73.86 -112.47
CA LEU P 117 9.73 74.62 -112.52
C LEU P 117 9.95 75.98 -113.15
N ALA P 118 10.93 76.73 -112.66
CA ALA P 118 11.22 78.06 -113.18
C ALA P 118 11.48 78.01 -114.68
N LEU P 119 12.35 77.08 -115.11
CA LEU P 119 12.72 77.02 -116.51
C LEU P 119 11.52 76.72 -117.39
N ASP P 120 10.58 75.91 -116.90
CA ASP P 120 9.36 75.67 -117.64
C ASP P 120 8.61 76.98 -117.88
N ARG P 121 8.56 77.85 -116.87
CA ARG P 121 7.88 79.13 -117.02
C ARG P 121 8.52 79.97 -118.11
N ILE P 122 9.85 80.01 -118.14
CA ILE P 122 10.53 80.81 -119.16
C ILE P 122 10.19 80.31 -120.55
N ARG P 123 10.20 78.98 -120.74
CA ARG P 123 9.81 78.43 -122.03
C ARG P 123 8.38 78.83 -122.40
N LYS P 124 7.47 78.76 -121.43
CA LYS P 124 6.13 79.26 -121.67
C LYS P 124 6.05 80.78 -121.63
N LEU P 125 7.15 81.45 -121.32
CA LEU P 125 7.20 82.91 -121.32
C LEU P 125 7.93 83.46 -122.54
N ALA P 126 8.78 82.66 -123.17
CA ALA P 126 9.52 83.11 -124.35
C ALA P 126 8.86 82.70 -125.66
N ASP P 127 7.88 81.80 -125.62
CA ASP P 127 7.23 81.37 -126.86
C ASP P 127 6.47 82.52 -127.51
N ASN P 128 5.68 83.25 -126.72
CA ASN P 128 4.89 84.34 -127.28
C ASN P 128 5.75 85.49 -127.75
N CYS P 129 6.98 85.62 -127.24
CA CYS P 129 7.88 86.66 -127.70
C CYS P 129 8.35 86.34 -129.13
N THR P 130 8.21 87.32 -130.02
CA THR P 130 8.67 87.15 -131.39
C THR P 130 10.11 87.59 -131.57
N GLY P 131 10.52 88.66 -130.89
CA GLY P 131 11.90 89.08 -130.88
C GLY P 131 12.40 89.29 -129.47
N LEU P 132 13.32 88.45 -129.00
CA LEU P 132 13.79 88.49 -127.62
C LEU P 132 15.12 89.23 -127.59
N GLN P 133 15.14 90.38 -126.91
CA GLN P 133 16.38 91.15 -126.83
C GLN P 133 17.32 90.58 -125.79
N GLY P 134 16.81 90.11 -124.66
CA GLY P 134 17.66 89.49 -123.67
C GLY P 134 16.99 89.45 -122.32
N PHE P 135 17.55 88.59 -121.46
CA PHE P 135 17.05 88.45 -120.10
C PHE P 135 17.62 89.53 -119.20
N LEU P 136 16.84 89.90 -118.20
CA LEU P 136 17.24 90.91 -117.20
C LEU P 136 17.29 90.23 -115.85
N VAL P 137 18.47 90.14 -115.26
CA VAL P 137 18.69 89.40 -114.02
C VAL P 137 18.97 90.39 -112.91
N PHE P 138 17.97 90.65 -112.08
CA PHE P 138 18.14 91.47 -110.89
C PHE P 138 18.51 90.53 -109.74
N ASN P 139 19.77 90.60 -109.33
CA ASN P 139 20.32 89.65 -108.37
C ASN P 139 20.73 90.38 -107.11
N ALA P 140 21.10 89.60 -106.09
CA ALA P 140 21.59 90.14 -104.83
C ALA P 140 22.66 89.19 -104.32
N VAL P 141 23.92 89.56 -104.53
CA VAL P 141 25.03 88.72 -104.13
C VAL P 141 25.28 88.92 -102.63
N GLY P 142 25.46 87.81 -101.92
CA GLY P 142 25.69 87.88 -100.49
C GLY P 142 24.81 86.95 -99.69
N GLY P 143 23.71 86.48 -100.31
CA GLY P 143 22.82 85.55 -99.68
C GLY P 143 22.79 84.20 -100.40
N GLY P 144 22.05 83.27 -99.80
CA GLY P 144 21.93 81.95 -100.40
C GLY P 144 21.10 81.97 -101.67
N THR P 145 19.90 82.57 -101.60
CA THR P 145 19.01 82.54 -102.74
C THR P 145 19.56 83.38 -103.90
N GLY P 146 20.09 84.55 -103.59
CA GLY P 146 20.62 85.42 -104.63
C GLY P 146 21.87 84.88 -105.27
N SER P 147 22.89 84.62 -104.46
CA SER P 147 24.16 84.14 -105.01
C SER P 147 24.04 82.70 -105.47
N GLY P 148 23.58 81.81 -104.59
CA GLY P 148 23.52 80.39 -104.92
C GLY P 148 22.54 80.05 -106.01
N LEU P 149 21.25 80.25 -105.76
CA LEU P 149 20.24 79.88 -106.75
C LEU P 149 20.39 80.71 -108.02
N GLY P 150 20.75 81.98 -107.89
CA GLY P 150 21.01 82.78 -109.07
C GLY P 150 22.15 82.21 -109.91
N SER P 151 23.19 81.70 -109.25
CA SER P 151 24.29 81.08 -109.97
C SER P 151 23.83 79.82 -110.69
N LEU P 152 23.13 78.93 -109.97
CA LEU P 152 22.62 77.71 -110.60
C LEU P 152 21.68 78.03 -111.75
N LEU P 153 20.96 79.15 -111.68
CA LEU P 153 20.00 79.48 -112.73
C LEU P 153 20.70 79.90 -114.01
N LEU P 154 21.74 80.73 -113.88
CA LEU P 154 22.40 81.28 -115.07
C LEU P 154 23.00 80.18 -115.92
N GLU P 155 23.60 79.17 -115.29
CA GLU P 155 24.16 78.07 -116.06
C GLU P 155 23.07 77.35 -116.85
N ARG P 156 21.88 77.21 -116.27
CA ARG P 156 20.78 76.61 -117.01
C ARG P 156 20.35 77.49 -118.17
N LEU P 157 20.61 78.79 -118.10
CA LEU P 157 20.23 79.68 -119.18
C LEU P 157 21.29 79.72 -120.28
N SER P 158 22.56 79.69 -119.89
CA SER P 158 23.63 79.71 -120.88
C SER P 158 23.58 78.47 -121.77
N VAL P 159 23.25 77.32 -121.20
CA VAL P 159 23.25 76.08 -121.97
C VAL P 159 22.00 75.93 -122.82
N ASP P 160 20.95 76.72 -122.56
CA ASP P 160 19.74 76.64 -123.38
C ASP P 160 19.78 77.64 -124.52
N TYR P 161 19.92 78.92 -124.20
CA TYR P 161 19.87 79.97 -125.22
C TYR P 161 21.26 80.33 -125.71
N GLY P 162 22.12 80.82 -124.81
CA GLY P 162 23.50 81.06 -125.17
C GLY P 162 23.66 82.27 -126.08
N LYS P 163 22.97 82.24 -127.22
CA LYS P 163 22.99 83.37 -128.13
C LYS P 163 22.26 84.59 -127.56
N LYS P 164 21.32 84.38 -126.64
CA LYS P 164 20.60 85.48 -126.03
C LYS P 164 21.46 86.18 -125.01
N SER P 165 21.21 87.47 -124.82
CA SER P 165 22.06 88.34 -124.01
C SER P 165 21.51 88.42 -122.59
N LYS P 166 22.38 88.23 -121.61
CA LYS P 166 22.00 88.33 -120.21
C LYS P 166 22.64 89.57 -119.60
N LEU P 167 21.84 90.32 -118.85
CA LEU P 167 22.31 91.49 -118.12
C LEU P 167 22.15 91.25 -116.62
N GLY P 168 23.17 91.62 -115.86
CA GLY P 168 23.14 91.38 -114.43
C GLY P 168 23.27 92.64 -113.59
N PHE P 169 22.19 93.04 -112.94
CA PHE P 169 22.20 94.18 -112.03
C PHE P 169 22.29 93.63 -110.61
N THR P 170 23.49 93.17 -110.24
CA THR P 170 23.70 92.45 -109.00
C THR P 170 24.19 93.40 -107.93
N VAL P 171 23.37 93.58 -106.88
CA VAL P 171 23.84 94.32 -105.72
C VAL P 171 25.05 93.62 -105.13
N TYR P 172 26.03 94.41 -104.71
CA TYR P 172 27.33 93.91 -104.31
C TYR P 172 27.60 94.24 -102.85
N PRO P 173 28.29 93.37 -102.11
CA PRO P 173 28.58 93.65 -100.70
C PRO P 173 29.45 94.89 -100.55
N SER P 174 29.02 95.80 -99.68
CA SER P 174 29.69 97.06 -99.45
C SER P 174 30.84 96.90 -98.46
N PRO P 175 31.85 97.78 -98.53
CA PRO P 175 32.96 97.70 -97.56
C PRO P 175 32.51 97.82 -96.12
N GLN P 176 31.85 98.93 -95.76
CA GLN P 176 31.44 99.13 -94.38
C GLN P 176 30.10 98.44 -94.09
N VAL P 177 29.05 98.87 -94.78
CA VAL P 177 27.71 98.36 -94.52
C VAL P 177 27.63 96.90 -94.95
N SER P 178 27.29 96.03 -94.01
CA SER P 178 27.19 94.60 -94.29
C SER P 178 26.16 93.99 -93.36
N THR P 179 25.03 93.53 -93.92
CA THR P 179 23.96 92.96 -93.14
C THR P 179 24.16 91.47 -92.86
N ALA P 180 25.38 90.97 -92.96
CA ALA P 180 25.65 89.55 -92.73
C ALA P 180 27.12 89.40 -92.40
N VAL P 181 27.48 88.17 -92.01
CA VAL P 181 28.85 87.85 -91.65
C VAL P 181 29.51 86.89 -92.63
N VAL P 182 28.74 86.00 -93.27
CA VAL P 182 29.28 85.05 -94.22
C VAL P 182 29.10 85.51 -95.65
N GLU P 183 28.68 86.76 -95.86
CA GLU P 183 28.46 87.27 -97.20
C GLU P 183 29.74 87.38 -98.03
N PRO P 184 30.94 87.51 -97.44
CA PRO P 184 32.15 87.38 -98.27
C PRO P 184 32.26 86.02 -98.96
N TYR P 185 32.03 84.94 -98.22
CA TYR P 185 32.14 83.59 -98.78
C TYR P 185 31.21 83.40 -99.97
N ASN P 186 29.90 83.46 -99.74
CA ASN P 186 28.96 83.16 -100.81
C ASN P 186 28.97 84.19 -101.92
N SER P 187 29.67 85.32 -101.75
CA SER P 187 29.85 86.25 -102.85
C SER P 187 30.92 85.75 -103.81
N VAL P 188 32.08 85.37 -103.27
CA VAL P 188 33.16 84.84 -104.09
C VAL P 188 32.67 83.69 -104.96
N LEU P 189 31.91 82.76 -104.35
CA LEU P 189 31.40 81.63 -105.09
C LEU P 189 30.55 82.06 -106.29
N SER P 190 29.91 83.23 -106.20
CA SER P 190 29.04 83.67 -107.29
C SER P 190 29.85 84.03 -108.53
N THR P 191 31.01 84.67 -108.34
CA THR P 191 31.80 85.13 -109.47
C THR P 191 32.22 83.97 -110.36
N HIS P 192 32.77 82.92 -109.75
CA HIS P 192 33.24 81.75 -110.48
C HIS P 192 32.23 81.24 -111.49
N SER P 193 30.93 81.41 -111.22
CA SER P 193 29.91 80.87 -112.08
C SER P 193 29.07 81.92 -112.79
N LEU P 194 29.16 83.19 -112.39
CA LEU P 194 28.47 84.22 -113.16
C LEU P 194 29.30 84.66 -114.35
N LEU P 195 30.62 84.76 -114.16
CA LEU P 195 31.49 85.40 -115.14
C LEU P 195 31.36 84.74 -116.52
N GLU P 196 31.57 83.43 -116.57
CA GLU P 196 31.45 82.72 -117.84
C GLU P 196 30.01 82.58 -118.31
N HIS P 197 29.04 83.18 -117.64
CA HIS P 197 27.65 82.97 -118.00
C HIS P 197 26.88 84.24 -118.28
N THR P 198 27.17 85.34 -117.58
CA THR P 198 26.55 86.60 -117.92
C THR P 198 27.22 87.20 -119.15
N ASP P 199 26.44 87.98 -119.90
CA ASP P 199 27.00 88.73 -121.03
C ASP P 199 27.52 90.08 -120.60
N VAL P 200 26.95 90.65 -119.53
CA VAL P 200 27.43 91.90 -118.94
C VAL P 200 26.81 92.00 -117.56
N ALA P 201 27.56 92.61 -116.63
CA ALA P 201 27.13 92.67 -115.24
C ALA P 201 27.37 94.07 -114.70
N VAL P 202 26.31 94.72 -114.25
CA VAL P 202 26.38 96.01 -113.61
C VAL P 202 26.44 95.80 -112.10
N MET P 203 27.13 96.69 -111.40
CA MET P 203 27.30 96.58 -109.97
C MET P 203 26.82 97.85 -109.30
N LEU P 204 26.45 97.71 -108.02
CA LEU P 204 26.01 98.82 -107.19
C LEU P 204 25.95 98.33 -105.75
N ASP P 205 26.33 99.21 -104.82
CA ASP P 205 26.42 98.86 -103.40
C ASP P 205 25.37 99.64 -102.61
N ASN P 206 24.92 99.03 -101.52
CA ASN P 206 23.89 99.67 -100.72
C ASN P 206 24.42 100.88 -99.96
N GLU P 207 25.74 100.99 -99.78
CA GLU P 207 26.28 102.12 -99.05
C GLU P 207 26.41 103.35 -99.95
N ALA P 208 26.94 103.17 -101.15
CA ALA P 208 27.09 104.29 -102.06
C ALA P 208 25.76 104.99 -102.29
N ILE P 209 24.68 104.23 -102.37
CA ILE P 209 23.38 104.82 -102.59
C ILE P 209 22.83 105.44 -101.32
N TYR P 210 23.35 105.04 -100.16
CA TYR P 210 22.97 105.71 -98.92
C TYR P 210 23.45 107.14 -98.90
N ASP P 211 24.71 107.37 -99.27
CA ASP P 211 25.25 108.72 -99.25
C ASP P 211 24.53 109.63 -100.22
N ILE P 212 24.20 109.11 -101.41
CA ILE P 212 23.38 109.86 -102.35
C ILE P 212 22.11 110.36 -101.68
N CYS P 213 21.47 109.48 -100.91
CA CYS P 213 20.26 109.90 -100.19
C CYS P 213 20.56 110.95 -99.14
N ARG P 214 21.76 110.95 -98.57
CA ARG P 214 22.07 111.94 -97.56
C ARG P 214 22.43 113.29 -98.18
N ARG P 215 23.26 113.28 -99.21
CA ARG P 215 23.74 114.54 -99.79
C ARG P 215 22.75 115.10 -100.80
N SER P 216 22.30 114.27 -101.75
CA SER P 216 21.44 114.77 -102.82
C SER P 216 20.01 114.95 -102.34
N LEU P 217 19.36 113.86 -101.92
CA LEU P 217 17.97 113.93 -101.52
C LEU P 217 17.76 114.57 -100.16
N ASP P 218 18.79 114.60 -99.32
CA ASP P 218 18.67 115.11 -97.95
C ASP P 218 17.52 114.43 -97.21
N ILE P 219 17.37 113.14 -97.45
CA ILE P 219 16.41 112.31 -96.73
C ILE P 219 17.16 111.64 -95.58
N GLU P 220 16.59 111.70 -94.38
CA GLU P 220 17.31 111.30 -93.18
C GLU P 220 16.85 109.96 -92.61
N ARG P 221 15.74 109.41 -93.10
CA ARG P 221 15.31 108.06 -92.74
C ARG P 221 15.26 107.21 -94.00
N PRO P 222 16.41 106.95 -94.63
CA PRO P 222 16.42 106.17 -95.86
C PRO P 222 16.15 104.70 -95.58
N THR P 223 15.53 104.05 -96.54
CA THR P 223 15.07 102.69 -96.36
C THR P 223 15.23 101.96 -97.69
N TYR P 224 15.19 100.64 -97.64
CA TYR P 224 15.31 99.85 -98.85
C TYR P 224 14.27 100.24 -99.88
N THR P 225 13.08 100.62 -99.43
CA THR P 225 12.05 101.09 -100.34
C THR P 225 12.41 102.42 -100.99
N ASN P 226 13.40 103.14 -100.46
CA ASN P 226 13.84 104.37 -101.09
C ASN P 226 14.84 104.10 -102.21
N LEU P 227 15.84 103.27 -101.93
CA LEU P 227 16.89 103.02 -102.91
C LEU P 227 16.32 102.37 -104.15
N ASN P 228 15.44 101.38 -103.97
CA ASN P 228 14.87 100.69 -105.11
C ASN P 228 14.09 101.66 -106.00
N ARG P 229 13.60 102.76 -105.42
CA ARG P 229 13.00 103.82 -106.22
C ARG P 229 14.04 104.56 -107.04
N LEU P 230 15.33 104.36 -106.75
CA LEU P 230 16.39 104.92 -107.58
C LEU P 230 16.81 103.95 -108.67
N ILE P 231 16.92 102.66 -108.34
CA ILE P 231 17.32 101.67 -109.33
C ILE P 231 16.35 101.65 -110.49
N ALA P 232 15.05 101.64 -110.20
CA ALA P 232 14.06 101.66 -111.27
C ALA P 232 14.25 102.86 -112.19
N GLN P 233 14.75 103.98 -111.64
CA GLN P 233 15.02 105.14 -112.48
C GLN P 233 16.21 104.91 -113.40
N VAL P 234 17.02 103.89 -113.16
CA VAL P 234 18.08 103.54 -114.09
C VAL P 234 17.53 102.75 -115.25
N ILE P 235 16.87 101.62 -114.96
CA ILE P 235 16.38 100.74 -116.03
C ILE P 235 15.36 101.47 -116.89
N SER P 236 14.48 102.26 -116.27
CA SER P 236 13.53 103.05 -117.04
C SER P 236 14.26 103.92 -118.06
N SER P 237 15.37 104.53 -117.65
CA SER P 237 16.20 105.28 -118.58
C SER P 237 16.92 104.36 -119.54
N LEU P 238 17.34 103.18 -119.08
CA LEU P 238 18.19 102.33 -119.87
C LEU P 238 17.43 101.69 -121.02
N THR P 239 16.17 101.35 -120.81
CA THR P 239 15.37 100.67 -121.83
C THR P 239 14.33 101.59 -122.45
N ALA P 240 14.49 102.90 -122.30
CA ALA P 240 13.55 103.83 -122.93
C ALA P 240 13.57 103.68 -124.45
N SER P 241 14.76 103.56 -125.04
CA SER P 241 14.85 103.45 -126.49
C SER P 241 14.13 102.21 -127.00
N LEU P 242 13.97 101.18 -126.17
CA LEU P 242 13.24 100.00 -126.58
C LEU P 242 11.75 100.28 -126.74
N ARG P 243 11.22 101.30 -126.07
CA ARG P 243 9.80 101.58 -126.09
C ARG P 243 9.45 103.04 -126.30
N PHE P 244 10.41 103.95 -126.27
CA PHE P 244 10.16 105.37 -126.46
C PHE P 244 11.09 105.91 -127.53
N ASP P 245 10.52 106.48 -128.58
CA ASP P 245 11.31 106.96 -129.69
C ASP P 245 12.21 108.11 -129.24
N GLY P 246 13.14 108.47 -130.09
CA GLY P 246 14.09 109.52 -129.78
C GLY P 246 15.29 109.43 -130.71
N ALA P 247 16.02 110.54 -130.79
CA ALA P 247 17.23 110.56 -131.59
C ALA P 247 18.22 109.54 -131.05
N LEU P 248 18.77 108.73 -131.96
CA LEU P 248 19.76 107.71 -131.60
C LEU P 248 19.18 106.68 -130.62
N ASN P 249 18.13 105.99 -131.07
CA ASN P 249 17.62 104.88 -130.28
C ASN P 249 18.70 103.80 -130.18
N VAL P 250 18.98 103.38 -128.96
CA VAL P 250 20.09 102.46 -128.69
C VAL P 250 19.51 101.13 -128.23
N ASP P 251 19.63 100.11 -129.06
CA ASP P 251 19.16 98.78 -128.73
C ASP P 251 20.16 98.12 -127.78
N ILE P 252 19.88 96.88 -127.38
CA ILE P 252 20.71 96.23 -126.38
C ILE P 252 21.97 95.65 -127.01
N THR P 253 21.87 95.10 -128.21
CA THR P 253 23.00 94.44 -128.86
C THR P 253 24.11 95.44 -129.18
N GLU P 254 23.82 96.37 -130.10
CA GLU P 254 24.83 97.35 -130.50
C GLU P 254 25.26 98.24 -129.34
N PHE P 255 24.52 98.22 -128.23
CA PHE P 255 24.99 98.84 -127.00
C PHE P 255 26.04 97.99 -126.30
N GLN P 256 25.81 96.68 -126.28
CA GLN P 256 26.72 95.77 -125.60
C GLN P 256 28.08 95.75 -126.28
N THR P 257 28.10 95.86 -127.61
CA THR P 257 29.34 95.69 -128.36
C THR P 257 30.37 96.72 -127.97
N ASN P 258 30.03 98.00 -128.07
CA ASN P 258 31.02 99.06 -127.89
C ASN P 258 31.26 99.42 -126.43
N LEU P 259 30.96 98.53 -125.49
CA LEU P 259 31.32 98.72 -124.10
C LEU P 259 32.22 97.63 -123.53
N VAL P 260 32.02 96.38 -123.91
CA VAL P 260 32.84 95.29 -123.39
C VAL P 260 33.90 94.92 -124.43
N PRO P 261 35.15 95.37 -124.26
CA PRO P 261 36.17 95.10 -125.26
C PRO P 261 36.58 93.64 -125.31
N TYR P 262 36.81 93.05 -124.14
CA TYR P 262 37.27 91.68 -124.03
C TYR P 262 36.23 90.81 -123.35
N PRO P 263 36.16 89.53 -123.69
CA PRO P 263 35.12 88.66 -123.09
C PRO P 263 35.19 88.59 -121.58
N ARG P 264 36.25 89.09 -120.96
CA ARG P 264 36.38 89.01 -119.51
C ARG P 264 35.84 90.25 -118.81
N ILE P 265 36.21 91.44 -119.27
CA ILE P 265 35.86 92.67 -118.57
C ILE P 265 34.44 93.08 -118.93
N HIS P 266 33.47 92.66 -118.11
CA HIS P 266 32.09 93.07 -118.28
C HIS P 266 31.48 93.54 -116.96
N PHE P 267 32.31 94.04 -116.05
CA PHE P 267 31.83 94.61 -114.79
C PHE P 267 31.92 96.12 -114.88
N MET P 268 30.79 96.79 -114.79
CA MET P 268 30.70 98.21 -115.05
C MET P 268 30.04 98.93 -113.89
N LEU P 269 30.27 100.24 -113.84
CA LEU P 269 29.70 101.12 -112.85
C LEU P 269 28.59 101.94 -113.48
N SER P 270 27.78 102.58 -112.64
CA SER P 270 26.66 103.36 -113.12
C SER P 270 26.58 104.66 -112.33
N SER P 271 25.81 105.60 -112.88
CA SER P 271 25.57 106.88 -112.23
C SER P 271 24.23 107.40 -112.72
N TYR P 272 23.71 108.40 -112.02
CA TYR P 272 22.47 109.02 -112.44
C TYR P 272 22.52 110.50 -112.08
N ALA P 273 21.86 111.31 -112.91
CA ALA P 273 21.84 112.74 -112.70
C ALA P 273 20.69 113.31 -113.50
N PRO P 274 19.94 114.27 -112.96
CA PRO P 274 20.15 114.78 -111.60
C PRO P 274 19.34 114.03 -110.56
N ILE P 275 19.81 114.10 -109.31
CA ILE P 275 19.10 113.56 -108.17
C ILE P 275 18.97 114.72 -107.19
N ILE P 276 17.79 115.33 -107.11
CA ILE P 276 17.58 116.53 -106.32
C ILE P 276 16.21 116.48 -105.66
N SER P 277 16.09 117.25 -104.59
CA SER P 277 14.81 117.34 -103.90
C SER P 277 13.80 118.11 -104.76
N ALA P 278 12.54 118.03 -104.35
CA ALA P 278 11.48 118.72 -105.09
C ALA P 278 11.62 120.22 -105.01
N GLU P 279 12.45 120.74 -104.12
CA GLU P 279 12.56 122.18 -103.92
C GLU P 279 13.83 122.78 -104.49
N LYS P 280 14.95 122.07 -104.46
CA LYS P 280 16.19 122.64 -104.99
C LYS P 280 16.14 122.79 -106.49
N ALA P 281 15.26 122.05 -107.18
CA ALA P 281 15.00 122.37 -108.57
C ALA P 281 14.52 123.81 -108.72
N TYR P 282 13.73 124.29 -107.76
CA TYR P 282 13.33 125.69 -107.75
C TYR P 282 14.49 126.63 -107.46
N HIS P 283 15.69 126.10 -107.20
CA HIS P 283 16.91 126.88 -107.06
C HIS P 283 17.92 126.57 -108.16
N GLU P 284 17.45 126.07 -109.30
CA GLU P 284 18.38 125.46 -110.25
C GLU P 284 17.78 125.47 -111.65
N GLN P 285 18.64 125.22 -112.64
CA GLN P 285 18.27 125.20 -114.05
C GLN P 285 18.42 123.83 -114.71
N LEU P 286 19.36 122.99 -114.25
CA LEU P 286 19.63 121.67 -114.80
C LEU P 286 19.96 121.73 -116.29
N SER P 287 21.02 122.48 -116.61
CA SER P 287 21.46 122.50 -118.00
C SER P 287 22.03 121.15 -118.38
N VAL P 288 22.10 120.90 -119.69
CA VAL P 288 22.67 119.65 -120.15
C VAL P 288 24.12 119.52 -119.74
N ALA P 289 24.85 120.63 -119.71
CA ALA P 289 26.24 120.58 -119.26
C ALA P 289 26.33 120.16 -117.80
N GLU P 290 25.40 120.65 -116.97
CA GLU P 290 25.46 120.37 -115.55
C GLU P 290 25.31 118.88 -115.26
N ILE P 291 24.35 118.24 -115.90
CA ILE P 291 24.02 116.87 -115.58
C ILE P 291 25.10 115.91 -116.08
N THR P 292 25.85 116.28 -117.12
CA THR P 292 26.95 115.44 -117.57
C THR P 292 28.20 115.59 -116.73
N ASN P 293 28.40 116.74 -116.10
CA ASN P 293 29.54 116.87 -115.19
C ASN P 293 29.24 116.16 -113.87
N ALA P 294 28.00 116.26 -113.39
CA ALA P 294 27.63 115.60 -112.15
C ALA P 294 27.62 114.08 -112.31
N ALA P 295 27.40 113.58 -113.52
CA ALA P 295 27.40 112.13 -113.72
C ALA P 295 28.80 111.55 -113.58
N PHE P 296 29.82 112.30 -114.02
CA PHE P 296 31.20 111.86 -113.91
C PHE P 296 31.82 112.20 -112.56
N GLU P 297 31.02 112.67 -111.61
CA GLU P 297 31.53 112.94 -110.27
C GLU P 297 31.65 111.62 -109.50
N PRO P 298 32.78 111.37 -108.84
CA PRO P 298 32.90 110.13 -108.06
C PRO P 298 31.83 109.96 -107.00
N ALA P 299 31.28 111.06 -106.48
CA ALA P 299 30.21 110.95 -105.48
C ALA P 299 28.93 110.41 -106.09
N SER P 300 28.66 110.70 -107.36
CA SER P 300 27.44 110.27 -108.01
C SER P 300 27.48 108.83 -108.48
N MET P 301 28.48 108.06 -108.07
CA MET P 301 28.53 106.66 -108.43
C MET P 301 27.60 105.85 -107.54
N MET P 302 27.05 104.79 -108.12
CA MET P 302 26.26 103.84 -107.34
C MET P 302 27.13 102.79 -106.67
N VAL P 303 28.44 102.90 -106.80
CA VAL P 303 29.40 101.96 -106.22
C VAL P 303 30.41 102.76 -105.41
N LYS P 304 30.88 102.16 -104.31
CA LYS P 304 31.91 102.82 -103.52
C LYS P 304 33.27 102.59 -104.15
N CYS P 305 33.39 102.87 -105.44
CA CYS P 305 34.64 102.83 -106.17
C CYS P 305 35.06 104.26 -106.50
N ASP P 306 36.37 104.44 -106.68
CA ASP P 306 36.92 105.76 -106.98
C ASP P 306 37.49 105.73 -108.39
N PRO P 307 36.76 106.23 -109.40
CA PRO P 307 37.26 106.16 -110.78
C PRO P 307 38.50 107.00 -111.03
N ARG P 308 38.91 107.85 -110.09
CA ARG P 308 40.13 108.63 -110.28
C ARG P 308 41.38 107.79 -110.10
N HIS P 309 41.28 106.65 -109.42
CA HIS P 309 42.42 105.76 -109.26
C HIS P 309 42.62 104.83 -110.44
N GLY P 310 41.75 104.89 -111.43
CA GLY P 310 41.86 104.06 -112.62
C GLY P 310 41.70 104.90 -113.87
N LYS P 311 41.33 104.21 -114.94
CA LYS P 311 41.14 104.85 -116.24
C LYS P 311 39.88 104.28 -116.87
N TYR P 312 39.33 105.03 -117.83
CA TYR P 312 38.10 104.65 -118.49
C TYR P 312 38.43 103.91 -119.78
N MET P 313 37.77 102.76 -119.96
CA MET P 313 37.88 102.05 -121.23
C MET P 313 36.76 102.41 -122.18
N ALA P 314 35.60 102.80 -121.66
CA ALA P 314 34.45 103.20 -122.46
C ALA P 314 33.44 103.85 -121.54
N CYS P 315 32.49 104.55 -122.15
CA CYS P 315 31.40 105.15 -121.40
C CYS P 315 30.16 105.17 -122.29
N CYS P 316 29.00 105.19 -121.64
CA CYS P 316 27.74 105.31 -122.34
C CYS P 316 26.85 106.25 -121.56
N LEU P 317 25.96 106.94 -122.28
CA LEU P 317 25.06 107.89 -121.64
C LEU P 317 23.73 107.88 -122.35
N MET P 318 22.67 107.66 -121.60
CA MET P 318 21.30 107.70 -122.11
C MET P 318 20.64 108.94 -121.54
N TYR P 319 20.44 109.95 -122.37
CA TYR P 319 19.77 111.13 -121.87
C TYR P 319 18.26 110.98 -122.04
N ARG P 320 17.52 111.88 -121.41
CA ARG P 320 16.07 111.81 -121.45
C ARG P 320 15.51 113.22 -121.40
N GLY P 321 14.43 113.43 -122.14
CA GLY P 321 13.73 114.70 -122.10
C GLY P 321 14.28 115.74 -123.05
N ASP P 322 14.32 116.98 -122.59
CA ASP P 322 14.72 118.10 -123.44
C ASP P 322 16.22 118.05 -123.70
N VAL P 323 16.65 117.23 -124.67
CA VAL P 323 18.05 117.15 -125.04
C VAL P 323 18.14 117.09 -126.56
N VAL P 324 19.04 117.89 -127.13
CA VAL P 324 19.27 117.96 -128.57
C VAL P 324 20.74 117.68 -128.81
N PRO P 325 21.08 116.86 -129.81
CA PRO P 325 22.47 116.32 -129.90
C PRO P 325 23.57 117.37 -130.01
N LYS P 326 23.26 118.64 -130.28
CA LYS P 326 24.32 119.63 -130.40
C LYS P 326 25.04 119.84 -129.08
N ASP P 327 24.28 119.95 -127.99
CA ASP P 327 24.88 120.19 -126.69
C ASP P 327 25.57 118.93 -126.14
N VAL P 328 25.02 117.76 -126.43
CA VAL P 328 25.66 116.51 -126.02
C VAL P 328 27.09 116.46 -126.54
N ASN P 329 27.25 116.59 -127.85
CA ASN P 329 28.59 116.59 -128.44
C ASN P 329 29.44 117.72 -127.87
N ALA P 330 28.80 118.80 -127.43
CA ALA P 330 29.55 119.89 -126.80
C ALA P 330 30.02 119.51 -125.41
N SER P 331 29.11 118.97 -124.59
CA SER P 331 29.46 118.67 -123.20
C SER P 331 30.35 117.44 -123.09
N VAL P 332 30.23 116.51 -124.03
CA VAL P 332 31.13 115.36 -124.01
C VAL P 332 32.53 115.78 -124.44
N ALA P 333 32.61 116.71 -125.40
CA ALA P 333 33.92 117.17 -125.85
C ALA P 333 34.68 117.88 -124.74
N THR P 334 33.99 118.67 -123.92
CA THR P 334 34.66 119.41 -122.87
C THR P 334 35.07 118.55 -121.70
N ILE P 335 34.67 117.28 -121.66
CA ILE P 335 35.11 116.38 -120.60
C ILE P 335 36.42 115.71 -120.96
N LYS P 336 36.55 115.25 -122.21
CA LYS P 336 37.79 114.63 -122.64
C LYS P 336 38.97 115.59 -122.58
N THR P 337 38.71 116.90 -122.48
CA THR P 337 39.78 117.87 -122.31
C THR P 337 40.22 117.99 -120.86
N LYS P 338 39.39 117.57 -119.91
CA LYS P 338 39.77 117.64 -118.51
C LYS P 338 40.96 116.74 -118.24
N ARG P 339 41.57 116.92 -117.08
CA ARG P 339 42.77 116.18 -116.70
C ARG P 339 42.55 115.20 -115.56
N THR P 340 41.54 115.42 -114.72
CA THR P 340 41.22 114.44 -113.69
C THR P 340 40.77 113.12 -114.30
N ILE P 341 40.00 113.20 -115.38
CA ILE P 341 39.40 112.02 -116.00
C ILE P 341 40.38 111.44 -116.99
N GLN P 342 40.78 110.19 -116.77
CA GLN P 342 41.75 109.51 -117.61
C GLN P 342 41.04 108.51 -118.52
N PHE P 343 41.57 108.38 -119.73
CA PHE P 343 41.06 107.42 -120.68
C PHE P 343 42.20 106.53 -121.13
N VAL P 344 41.94 105.23 -121.20
CA VAL P 344 42.95 104.28 -121.61
C VAL P 344 43.34 104.56 -123.06
N ASP P 345 44.63 104.46 -123.37
CA ASP P 345 45.15 104.94 -124.64
C ASP P 345 44.51 104.23 -125.82
N TRP P 346 44.22 102.93 -125.68
CA TRP P 346 43.74 102.27 -126.88
C TRP P 346 42.31 102.60 -127.24
N CYS P 347 41.67 103.61 -126.64
CA CYS P 347 40.37 104.07 -127.09
C CYS P 347 40.37 105.60 -127.12
N PRO P 348 40.54 106.21 -128.29
CA PRO P 348 40.34 107.66 -128.38
C PRO P 348 38.88 108.03 -128.23
N THR P 349 37.99 107.20 -128.74
CA THR P 349 36.55 107.31 -128.52
C THR P 349 36.23 106.75 -127.15
N GLY P 350 34.96 106.42 -126.91
CA GLY P 350 34.60 105.92 -125.60
C GLY P 350 33.22 106.33 -125.13
N PHE P 351 32.48 107.04 -125.97
CA PHE P 351 31.14 107.49 -125.61
C PHE P 351 30.14 107.04 -126.66
N LYS P 352 29.22 106.16 -126.24
CA LYS P 352 28.02 105.87 -127.00
C LYS P 352 26.86 106.62 -126.34
N CYS P 353 26.26 107.55 -127.07
CA CYS P 353 25.26 108.44 -126.51
C CYS P 353 23.87 108.07 -126.98
N GLY P 354 22.88 108.35 -126.13
CA GLY P 354 21.50 108.03 -126.43
C GLY P 354 20.55 109.12 -125.99
N ILE P 355 19.54 109.40 -126.81
CA ILE P 355 18.59 110.47 -126.52
C ILE P 355 17.18 109.90 -126.59
N ASN P 356 16.34 110.31 -125.65
CA ASN P 356 14.94 109.92 -125.66
C ASN P 356 14.09 111.15 -125.36
N TYR P 357 13.19 111.48 -126.28
CA TYR P 357 12.31 112.62 -126.09
C TYR P 357 11.30 112.40 -124.96
N GLN P 358 11.16 111.17 -124.46
CA GLN P 358 10.25 110.88 -123.37
C GLN P 358 10.95 111.10 -122.04
N PRO P 359 10.66 112.18 -121.35
CA PRO P 359 11.41 112.53 -120.14
C PRO P 359 11.15 111.52 -119.04
N PRO P 360 11.93 111.55 -117.96
CA PRO P 360 11.67 110.63 -116.84
C PRO P 360 10.34 110.91 -116.18
N THR P 361 9.76 109.86 -115.63
CA THR P 361 8.47 109.95 -114.95
C THR P 361 8.69 109.96 -113.45
N VAL P 362 7.72 110.52 -112.73
CA VAL P 362 7.77 110.61 -111.29
C VAL P 362 6.60 109.81 -110.73
N VAL P 363 6.80 109.25 -109.54
CA VAL P 363 5.75 108.44 -108.91
C VAL P 363 5.07 109.26 -107.82
N PRO P 364 3.77 109.09 -107.62
CA PRO P 364 3.12 109.72 -106.46
C PRO P 364 3.70 109.18 -105.18
N GLY P 365 4.11 110.08 -104.29
CA GLY P 365 4.76 109.67 -103.07
C GLY P 365 6.23 109.34 -103.23
N GLY P 366 6.81 109.58 -104.40
CA GLY P 366 8.24 109.43 -104.59
C GLY P 366 9.01 110.62 -104.04
N ASP P 367 10.32 110.56 -104.21
CA ASP P 367 11.20 111.59 -103.66
C ASP P 367 11.86 112.46 -104.72
N LEU P 368 12.07 111.95 -105.93
CA LEU P 368 12.70 112.75 -106.97
C LEU P 368 11.79 113.92 -107.36
N ALA P 369 12.33 114.79 -108.20
CA ALA P 369 11.62 115.99 -108.64
C ALA P 369 11.33 115.90 -110.13
N LYS P 370 10.16 116.38 -110.54
CA LYS P 370 9.83 116.41 -111.96
C LYS P 370 10.83 117.29 -112.69
N VAL P 371 11.58 116.69 -113.62
CA VAL P 371 12.61 117.39 -114.37
C VAL P 371 12.37 117.16 -115.85
N GLN P 372 13.04 117.95 -116.68
CA GLN P 372 12.96 117.82 -118.11
C GLN P 372 14.28 117.37 -118.74
N ARG P 373 15.30 117.11 -117.92
CA ARG P 373 16.58 116.60 -118.39
C ARG P 373 17.12 115.66 -117.33
N ALA P 374 17.65 114.52 -117.77
CA ALA P 374 18.18 113.52 -116.85
C ALA P 374 19.20 112.67 -117.59
N VAL P 375 20.13 112.10 -116.83
CA VAL P 375 21.22 111.32 -117.38
C VAL P 375 21.37 110.05 -116.57
N CYS P 376 21.55 108.92 -117.27
CA CYS P 376 22.03 107.69 -116.66
C CYS P 376 23.28 107.27 -117.42
N MET P 377 24.42 107.33 -116.74
CA MET P 377 25.70 107.00 -117.33
C MET P 377 26.22 105.69 -116.78
N ILE P 378 26.72 104.84 -117.66
CA ILE P 378 27.30 103.55 -117.27
C ILE P 378 28.70 103.48 -117.85
N SER P 379 29.67 103.21 -117.00
CA SER P 379 31.08 103.35 -117.37
C SER P 379 31.82 102.04 -117.12
N ASN P 380 32.71 101.71 -118.05
CA ASN P 380 33.57 100.54 -117.93
C ASN P 380 34.96 101.04 -117.57
N SER P 381 35.32 100.97 -116.29
CA SER P 381 36.55 101.53 -115.78
C SER P 381 37.45 100.44 -115.21
N THR P 382 38.75 100.69 -115.25
CA THR P 382 39.72 99.80 -114.64
C THR P 382 39.92 100.07 -113.16
N ALA P 383 39.19 101.03 -112.60
CA ALA P 383 39.26 101.30 -111.18
C ALA P 383 38.38 100.37 -110.35
N ILE P 384 37.51 99.59 -110.99
CA ILE P 384 36.64 98.69 -110.25
C ILE P 384 37.41 97.57 -109.55
N GLY P 385 38.71 97.50 -109.74
CA GLY P 385 39.50 96.51 -109.03
C GLY P 385 39.55 96.72 -107.54
N GLU P 386 39.24 97.93 -107.07
CA GLU P 386 39.35 98.22 -105.64
C GLU P 386 38.29 97.48 -104.84
N ILE P 387 37.01 97.68 -105.19
CA ILE P 387 35.95 96.95 -104.52
C ILE P 387 36.14 95.46 -104.70
N PHE P 388 36.71 95.06 -105.84
CA PHE P 388 37.00 93.66 -106.07
C PHE P 388 38.22 93.20 -105.30
N SER P 389 39.07 94.13 -104.85
CA SER P 389 40.21 93.77 -104.03
C SER P 389 39.88 93.68 -102.55
N ARG P 390 38.75 94.24 -102.12
CA ARG P 390 38.38 94.16 -100.71
C ARG P 390 37.95 92.74 -100.34
N LEU P 391 37.11 92.11 -101.17
CA LEU P 391 36.74 90.73 -100.89
C LEU P 391 37.95 89.81 -100.88
N ASP P 392 38.98 90.12 -101.68
CA ASP P 392 40.20 89.32 -101.59
C ASP P 392 40.83 89.40 -100.22
N HIS P 393 40.55 90.46 -99.46
CA HIS P 393 41.08 90.57 -98.12
C HIS P 393 40.22 89.80 -97.12
N LYS P 394 38.92 90.07 -97.09
CA LYS P 394 38.06 89.46 -96.08
C LYS P 394 37.92 87.96 -96.30
N PHE P 395 37.76 87.52 -97.54
CA PHE P 395 37.68 86.09 -97.79
C PHE P 395 38.95 85.37 -97.37
N ASP P 396 40.11 86.00 -97.57
CA ASP P 396 41.35 85.38 -97.14
C ASP P 396 41.56 85.53 -95.63
N LEU P 397 40.99 86.57 -95.03
CA LEU P 397 41.11 86.75 -93.59
C LEU P 397 40.29 85.72 -92.83
N MET P 398 39.17 85.28 -93.39
CA MET P 398 38.28 84.32 -92.73
C MET P 398 38.57 82.88 -93.13
N TYR P 399 38.98 82.64 -94.37
CA TYR P 399 39.29 81.27 -94.79
C TYR P 399 40.54 80.75 -94.12
N ALA P 400 41.36 81.62 -93.52
CA ALA P 400 42.56 81.15 -92.84
C ALA P 400 42.22 80.29 -91.63
N LYS P 401 41.02 80.44 -91.08
CA LYS P 401 40.59 79.67 -89.92
C LYS P 401 39.49 78.67 -90.24
N ARG P 402 39.06 78.58 -91.50
CA ARG P 402 38.00 77.67 -91.91
C ARG P 402 36.70 77.95 -91.15
N ALA P 403 36.51 79.19 -90.73
CA ALA P 403 35.28 79.56 -90.05
C ALA P 403 34.07 79.35 -90.96
N PHE P 404 32.98 78.86 -90.39
CA PHE P 404 31.72 78.60 -91.08
C PHE P 404 31.84 77.58 -92.20
N VAL P 405 32.99 76.92 -92.33
CA VAL P 405 33.15 75.93 -93.39
C VAL P 405 32.28 74.71 -93.11
N HIS P 406 32.15 74.34 -91.85
CA HIS P 406 31.36 73.16 -91.50
C HIS P 406 29.90 73.29 -91.92
N TRP P 407 29.48 74.46 -92.39
CA TRP P 407 28.13 74.63 -92.94
C TRP P 407 28.09 74.29 -94.42
N TYR P 408 29.02 74.86 -95.21
CA TYR P 408 29.03 74.60 -96.64
C TYR P 408 29.41 73.16 -96.93
N VAL P 409 30.41 72.62 -96.22
CA VAL P 409 30.79 71.24 -96.45
C VAL P 409 29.69 70.28 -96.02
N GLY P 410 28.81 70.71 -95.13
CA GLY P 410 27.73 69.85 -94.67
C GLY P 410 26.60 69.68 -95.67
N GLU P 411 26.46 70.61 -96.60
CA GLU P 411 25.34 70.62 -97.54
C GLU P 411 25.76 70.22 -98.95
N GLY P 412 26.65 69.23 -99.07
CA GLY P 412 27.02 68.75 -100.39
C GLY P 412 27.96 69.68 -101.14
N MET P 413 28.98 70.18 -100.46
CA MET P 413 30.07 70.88 -101.11
C MET P 413 31.37 70.30 -100.58
N GLU P 414 32.48 70.92 -100.98
CA GLU P 414 33.80 70.42 -100.64
C GLU P 414 34.73 71.61 -100.41
N GLU P 415 35.90 71.34 -99.84
CA GLU P 415 36.87 72.39 -99.57
C GLU P 415 37.47 72.97 -100.85
N GLY P 416 37.53 72.16 -101.91
CA GLY P 416 38.10 72.65 -103.15
C GLY P 416 37.36 73.85 -103.72
N GLU P 417 36.03 73.83 -103.60
CA GLU P 417 35.22 74.90 -104.19
C GLU P 417 35.64 76.28 -103.68
N PHE P 418 36.28 76.34 -102.52
CA PHE P 418 36.76 77.62 -102.01
C PHE P 418 38.04 78.05 -102.73
N SER P 419 39.03 77.16 -102.80
CA SER P 419 40.28 77.51 -103.45
C SER P 419 40.08 77.73 -104.94
N GLU P 420 39.28 76.89 -105.60
CA GLU P 420 38.96 77.11 -107.00
C GLU P 420 38.40 78.51 -107.21
N ALA P 421 37.32 78.83 -106.50
CA ALA P 421 36.71 80.15 -106.62
C ALA P 421 37.62 81.26 -106.15
N ARG P 422 38.65 80.93 -105.37
CA ARG P 422 39.57 81.96 -104.90
C ARG P 422 40.56 82.35 -105.99
N GLU P 423 41.06 81.38 -106.75
CA GLU P 423 42.03 81.70 -107.80
C GLU P 423 41.41 82.57 -108.87
N ASP P 424 40.13 82.36 -109.18
CA ASP P 424 39.46 83.13 -110.21
C ASP P 424 39.53 84.62 -109.93
N LEU P 425 39.34 85.01 -108.66
CA LEU P 425 39.46 86.42 -108.29
C LEU P 425 40.85 86.96 -108.64
N ALA P 426 41.90 86.25 -108.23
CA ALA P 426 43.26 86.65 -108.59
C ALA P 426 43.42 86.72 -110.10
N ALA P 427 42.87 85.74 -110.83
CA ALA P 427 42.90 85.78 -112.28
C ALA P 427 42.22 87.05 -112.80
N LEU P 428 41.07 87.39 -112.23
CA LEU P 428 40.37 88.60 -112.67
C LEU P 428 41.13 89.86 -112.28
N GLU P 429 41.95 89.79 -111.23
CA GLU P 429 42.66 91.00 -110.79
C GLU P 429 43.77 91.38 -111.76
N LYS P 430 44.62 90.42 -112.14
CA LYS P 430 45.69 90.73 -113.07
C LYS P 430 45.15 91.18 -114.42
N ASP P 431 44.02 90.63 -114.84
CA ASP P 431 43.39 91.12 -116.07
C ASP P 431 43.07 92.60 -115.98
N PHE P 432 42.79 93.11 -114.78
CA PHE P 432 42.61 94.54 -114.59
C PHE P 432 43.94 95.28 -114.51
N GLU P 433 45.05 94.56 -114.33
CA GLU P 433 46.36 95.19 -114.39
C GLU P 433 46.99 95.07 -115.77
N GLU P 434 46.72 93.98 -116.48
CA GLU P 434 47.29 93.79 -117.81
C GLU P 434 46.88 94.92 -118.74
N VAL P 435 45.62 95.36 -118.65
CA VAL P 435 45.10 96.38 -119.56
C VAL P 435 45.70 97.75 -119.31
N GLY P 436 46.44 97.93 -118.23
CA GLY P 436 47.04 99.23 -117.94
C GLY P 436 48.33 99.47 -118.70
N MET Q 1 -10.59 26.18 144.74
CA MET Q 1 -9.16 26.38 144.63
C MET Q 1 -8.61 27.12 145.85
N ARG Q 2 -7.31 26.97 146.09
CA ARG Q 2 -6.64 27.58 147.25
C ARG Q 2 -7.24 27.09 148.56
N GLU Q 3 -7.59 25.81 148.62
CA GLU Q 3 -8.25 25.27 149.81
C GLU Q 3 -7.32 25.36 151.01
N ILE Q 4 -7.91 25.59 152.18
CA ILE Q 4 -7.19 25.76 153.43
C ILE Q 4 -7.88 24.96 154.51
N VAL Q 5 -7.13 24.10 155.18
CA VAL Q 5 -7.64 23.32 156.31
C VAL Q 5 -7.19 24.00 157.60
N HIS Q 6 -8.03 23.91 158.63
CA HIS Q 6 -7.83 24.63 159.87
C HIS Q 6 -7.81 23.66 161.04
N ILE Q 7 -6.72 23.67 161.80
CA ILE Q 7 -6.58 22.82 162.98
C ILE Q 7 -6.99 23.61 164.21
N GLN Q 8 -7.56 22.91 165.19
CA GLN Q 8 -7.91 23.51 166.47
C GLN Q 8 -7.39 22.58 167.56
N GLY Q 9 -6.20 22.87 168.07
CA GLY Q 9 -5.58 22.01 169.05
C GLY Q 9 -5.58 22.57 170.46
N GLY Q 10 -6.06 21.78 171.41
CA GLY Q 10 -6.05 22.17 172.81
C GLY Q 10 -7.36 22.82 173.24
N GLN Q 11 -7.39 23.17 174.52
CA GLN Q 11 -8.57 23.87 175.05
C GLN Q 11 -8.74 25.23 174.38
N CYS Q 12 -7.75 26.11 174.55
CA CYS Q 12 -7.79 27.41 173.90
C CYS Q 12 -7.93 27.25 172.38
N GLY Q 13 -7.14 26.36 171.79
CA GLY Q 13 -7.28 26.09 170.38
C GLY Q 13 -8.70 25.71 170.00
N ASN Q 14 -9.44 25.12 170.93
CA ASN Q 14 -10.86 24.86 170.73
C ASN Q 14 -11.73 26.03 171.18
N GLN Q 15 -11.24 26.85 172.11
CA GLN Q 15 -12.05 27.97 172.58
C GLN Q 15 -12.03 29.13 171.60
N ILE Q 16 -10.85 29.48 171.06
CA ILE Q 16 -10.82 30.54 170.08
C ILE Q 16 -11.38 30.07 168.74
N GLY Q 17 -11.34 28.75 168.50
CA GLY Q 17 -11.92 28.24 167.27
C GLY Q 17 -13.40 28.52 167.15
N ALA Q 18 -14.10 28.61 168.27
CA ALA Q 18 -15.51 28.97 168.23
C ALA Q 18 -15.70 30.37 167.67
N LYS Q 19 -14.83 31.31 168.07
CA LYS Q 19 -14.97 32.68 167.59
C LYS Q 19 -14.57 32.79 166.13
N PHE Q 20 -13.45 32.17 165.75
CA PHE Q 20 -13.02 32.21 164.35
C PHE Q 20 -14.12 31.69 163.43
N TRP Q 21 -14.69 30.54 163.77
CA TRP Q 21 -15.76 30.00 162.93
C TRP Q 21 -17.06 30.76 163.11
N GLU Q 22 -17.22 31.51 164.21
CA GLU Q 22 -18.35 32.42 164.30
C GLU Q 22 -18.19 33.57 163.32
N VAL Q 23 -16.97 34.11 163.21
CA VAL Q 23 -16.75 35.30 162.40
C VAL Q 23 -16.97 35.00 160.92
N VAL Q 24 -16.31 33.98 160.40
CA VAL Q 24 -16.42 33.69 158.97
C VAL Q 24 -17.83 33.24 158.63
N SER Q 25 -18.54 32.63 159.58
CA SER Q 25 -19.89 32.16 159.28
C SER Q 25 -20.83 33.30 158.93
N ASP Q 26 -20.76 34.40 159.70
CA ASP Q 26 -21.61 35.54 159.38
C ASP Q 26 -21.03 36.36 158.24
N GLU Q 27 -19.70 36.35 158.09
CA GLU Q 27 -19.09 37.05 156.96
C GLU Q 27 -19.56 36.43 155.65
N HIS Q 28 -19.54 35.11 155.56
CA HIS Q 28 -20.16 34.42 154.43
C HIS Q 28 -21.65 34.23 154.60
N GLY Q 29 -22.23 34.80 155.66
CA GLY Q 29 -23.67 34.86 155.83
C GLY Q 29 -24.37 33.52 155.91
N ILE Q 30 -23.84 32.59 156.71
CA ILE Q 30 -24.47 31.30 156.90
C ILE Q 30 -24.97 31.22 158.34
N ASP Q 31 -26.22 30.79 158.49
CA ASP Q 31 -26.88 30.68 159.78
C ASP Q 31 -26.18 29.64 160.65
N PRO Q 32 -26.44 29.60 161.96
CA PRO Q 32 -25.92 28.50 162.77
C PRO Q 32 -26.47 27.14 162.35
N THR Q 33 -27.58 27.10 161.63
CA THR Q 33 -28.06 25.85 161.07
C THR Q 33 -27.15 25.32 159.99
N GLY Q 34 -26.23 26.14 159.47
CA GLY Q 34 -25.37 25.79 158.39
C GLY Q 34 -25.83 26.33 157.04
N THR Q 35 -27.14 26.45 156.85
CA THR Q 35 -27.67 26.96 155.60
C THR Q 35 -27.15 28.36 155.31
N TYR Q 36 -26.86 28.63 154.04
CA TYR Q 36 -26.42 29.95 153.62
C TYR Q 36 -27.63 30.86 153.50
N HIS Q 37 -27.58 32.01 154.14
CA HIS Q 37 -28.65 33.00 154.07
C HIS Q 37 -28.07 34.39 153.89
N GLY Q 38 -27.07 34.50 153.02
CA GLY Q 38 -26.47 35.77 152.68
C GLY Q 38 -27.24 36.47 151.59
N ASP Q 39 -26.60 37.46 150.98
CA ASP Q 39 -27.25 38.28 149.96
C ASP Q 39 -26.63 38.10 148.59
N SER Q 40 -25.33 38.34 148.46
CA SER Q 40 -24.69 38.38 147.16
C SER Q 40 -24.23 36.98 146.73
N ASP Q 41 -23.88 36.87 145.45
CA ASP Q 41 -23.13 35.71 144.96
C ASP Q 41 -21.67 35.78 145.35
N LEU Q 42 -21.24 36.88 145.96
CA LEU Q 42 -19.84 37.04 146.31
C LEU Q 42 -19.45 36.17 147.51
N GLN Q 43 -20.43 35.80 148.34
CA GLN Q 43 -20.14 34.87 149.42
C GLN Q 43 -19.91 33.46 148.88
N LEU Q 44 -20.73 33.02 147.93
CA LEU Q 44 -20.62 31.68 147.37
C LEU Q 44 -19.42 31.53 146.44
N GLU Q 45 -18.78 32.62 146.05
CA GLU Q 45 -17.70 32.53 145.08
C GLU Q 45 -16.55 31.68 145.60
N ARG Q 46 -15.90 32.13 146.67
CA ARG Q 46 -14.76 31.44 147.25
C ARG Q 46 -15.08 30.87 148.62
N ILE Q 47 -16.31 30.41 148.80
CA ILE Q 47 -16.70 29.83 150.08
C ILE Q 47 -15.93 28.55 150.35
N ASN Q 48 -15.56 27.82 149.32
CA ASN Q 48 -14.95 26.49 149.43
C ASN Q 48 -13.56 26.53 150.00
N VAL Q 49 -13.05 27.67 150.45
CA VAL Q 49 -11.74 27.69 151.09
C VAL Q 49 -11.80 27.18 152.51
N TYR Q 50 -12.98 27.21 153.14
CA TYR Q 50 -13.13 26.84 154.54
C TYR Q 50 -14.19 25.78 154.78
N PHE Q 51 -15.00 25.45 153.77
CA PHE Q 51 -16.19 24.65 154.01
C PHE Q 51 -16.27 23.54 152.99
N ASN Q 52 -17.38 22.80 153.03
CA ASN Q 52 -17.66 21.71 152.11
C ASN Q 52 -19.17 21.69 151.88
N GLU Q 53 -19.57 21.56 150.63
CA GLU Q 53 -21.00 21.52 150.31
C GLU Q 53 -21.64 20.27 150.90
N ALA Q 54 -22.93 20.37 151.17
CA ALA Q 54 -23.75 19.25 151.59
C ALA Q 54 -25.13 19.40 150.98
N THR Q 55 -25.95 18.36 151.09
CA THR Q 55 -27.29 18.43 150.53
C THR Q 55 -28.07 19.56 151.19
N GLY Q 56 -28.97 20.17 150.44
CA GLY Q 56 -29.76 21.26 150.95
C GLY Q 56 -29.04 22.57 151.10
N GLY Q 57 -27.84 22.69 150.53
CA GLY Q 57 -27.11 23.94 150.57
C GLY Q 57 -26.63 24.30 151.95
N ARG Q 58 -25.97 23.37 152.62
CA ARG Q 58 -25.38 23.59 153.94
C ARG Q 58 -23.87 23.40 153.84
N TYR Q 59 -23.13 24.32 154.45
CA TYR Q 59 -21.68 24.32 154.37
C TYR Q 59 -21.12 24.05 155.75
N VAL Q 60 -20.35 22.98 155.88
CA VAL Q 60 -19.75 22.62 157.17
C VAL Q 60 -18.25 22.94 157.11
N PRO Q 61 -17.66 23.40 158.20
CA PRO Q 61 -16.25 23.78 158.16
C PRO Q 61 -15.35 22.58 157.99
N ARG Q 62 -14.21 22.81 157.34
CA ARG Q 62 -13.16 21.79 157.27
C ARG Q 62 -12.16 21.98 158.40
N ALA Q 63 -12.67 22.04 159.63
CA ALA Q 63 -11.86 22.22 160.82
C ALA Q 63 -11.64 20.88 161.52
N ILE Q 64 -10.60 20.84 162.35
CA ILE Q 64 -10.26 19.66 163.15
C ILE Q 64 -10.16 20.09 164.60
N LEU Q 65 -11.00 19.53 165.45
CA LEU Q 65 -11.05 19.87 166.87
C LEU Q 65 -10.44 18.71 167.65
N MET Q 66 -9.19 18.85 168.04
CA MET Q 66 -8.48 17.83 168.79
C MET Q 66 -8.09 18.39 170.15
N ASP Q 67 -8.39 17.62 171.20
CA ASP Q 67 -8.11 18.04 172.57
C ASP Q 67 -8.49 16.94 173.55
N LEU Q 68 -7.75 16.85 174.66
CA LEU Q 68 -8.13 15.96 175.74
C LEU Q 68 -9.29 16.57 176.52
N GLU Q 69 -9.70 15.89 177.60
CA GLU Q 69 -10.67 16.45 178.51
C GLU Q 69 -11.96 16.79 177.77
N PRO Q 70 -12.78 15.81 177.42
CA PRO Q 70 -13.97 16.08 176.61
C PRO Q 70 -14.90 17.14 177.20
N GLY Q 71 -14.58 17.63 178.39
CA GLY Q 71 -15.36 18.67 179.04
C GLY Q 71 -15.45 19.97 178.28
N THR Q 72 -14.67 20.14 177.22
CA THR Q 72 -14.79 21.33 176.38
C THR Q 72 -15.58 21.08 175.10
N MET Q 73 -15.53 19.86 174.57
CA MET Q 73 -16.17 19.59 173.29
C MET Q 73 -17.70 19.54 173.39
N ASP Q 74 -18.24 19.55 174.60
CA ASP Q 74 -19.67 19.79 174.75
C ASP Q 74 -19.99 21.29 174.71
N SER Q 75 -19.06 22.11 175.22
CA SER Q 75 -19.25 23.55 175.15
C SER Q 75 -19.35 24.02 173.71
N VAL Q 76 -18.42 23.60 172.86
CA VAL Q 76 -18.49 23.95 171.45
C VAL Q 76 -19.72 23.32 170.81
N ARG Q 77 -20.11 22.13 171.26
CA ARG Q 77 -21.31 21.48 170.74
C ARG Q 77 -22.58 22.13 171.27
N SER Q 78 -22.48 23.03 172.25
CA SER Q 78 -23.63 23.73 172.79
C SER Q 78 -23.64 25.22 172.49
N GLY Q 79 -22.53 25.78 172.00
CA GLY Q 79 -22.50 27.16 171.58
C GLY Q 79 -23.41 27.37 170.38
N PRO Q 80 -23.64 28.64 170.01
CA PRO Q 80 -24.59 28.91 168.92
C PRO Q 80 -24.17 28.31 167.59
N TYR Q 81 -22.90 28.42 167.24
CA TYR Q 81 -22.39 27.90 165.98
C TYR Q 81 -21.73 26.55 166.15
N GLY Q 82 -22.27 25.69 167.01
CA GLY Q 82 -21.68 24.40 167.26
C GLY Q 82 -22.21 23.28 166.38
N GLN Q 83 -23.45 23.41 165.93
CA GLN Q 83 -24.09 22.38 165.12
C GLN Q 83 -23.65 22.42 163.67
N ILE Q 84 -22.56 23.14 163.36
CA ILE Q 84 -22.07 23.20 161.99
C ILE Q 84 -20.91 22.24 161.75
N PHE Q 85 -20.20 21.83 162.79
CA PHE Q 85 -19.08 20.92 162.61
C PHE Q 85 -19.56 19.51 162.30
N ARG Q 86 -18.69 18.75 161.65
CA ARG Q 86 -18.93 17.32 161.52
C ARG Q 86 -18.65 16.65 162.86
N PRO Q 87 -19.55 15.79 163.35
CA PRO Q 87 -19.28 15.13 164.63
C PRO Q 87 -18.09 14.19 164.54
N ASP Q 88 -17.78 13.71 163.34
CA ASP Q 88 -16.55 12.96 163.12
C ASP Q 88 -15.33 13.80 163.46
N ASN Q 89 -15.33 15.07 163.03
CA ASN Q 89 -14.18 15.93 163.26
C ASN Q 89 -14.14 16.39 164.71
N PHE Q 90 -14.04 15.43 165.63
CA PHE Q 90 -13.95 15.72 167.05
C PHE Q 90 -13.10 14.61 167.66
N VAL Q 91 -11.81 14.88 167.81
CA VAL Q 91 -10.87 13.90 168.33
C VAL Q 91 -10.56 14.27 169.77
N PHE Q 92 -11.09 13.51 170.72
CA PHE Q 92 -10.87 13.77 172.13
C PHE Q 92 -10.51 12.49 172.84
N GLY Q 93 -9.89 12.64 174.01
CA GLY Q 93 -9.54 11.51 174.84
C GLY Q 93 -10.06 11.71 176.25
N GLN Q 94 -10.56 10.63 176.86
CA GLN Q 94 -11.12 10.73 178.20
C GLN Q 94 -10.09 11.12 179.24
N THR Q 95 -8.80 10.90 178.96
CA THR Q 95 -7.76 11.24 179.91
C THR Q 95 -7.44 12.72 179.86
N GLY Q 96 -6.76 13.19 180.91
CA GLY Q 96 -6.39 14.59 181.00
C GLY Q 96 -4.93 14.82 180.62
N ALA Q 97 -4.59 16.11 180.47
CA ALA Q 97 -3.25 16.51 180.07
C ALA Q 97 -2.38 16.97 181.23
N GLY Q 98 -2.99 17.37 182.35
CA GLY Q 98 -2.23 17.69 183.55
C GLY Q 98 -1.20 18.77 183.39
N ASN Q 99 -1.29 19.59 182.34
CA ASN Q 99 -0.32 20.65 182.06
C ASN Q 99 1.11 20.11 182.09
N ASN Q 100 1.37 19.16 181.19
CA ASN Q 100 2.66 18.49 181.12
C ASN Q 100 2.99 18.26 179.65
N TRP Q 101 4.10 18.83 179.19
CA TRP Q 101 4.47 18.73 177.79
C TRP Q 101 4.74 17.29 177.38
N ALA Q 102 5.16 16.45 178.32
CA ALA Q 102 5.55 15.08 177.99
C ALA Q 102 4.37 14.29 177.43
N LYS Q 103 3.32 14.12 178.25
CA LYS Q 103 2.20 13.26 177.84
C LYS Q 103 1.52 13.78 176.58
N GLY Q 104 1.41 15.09 176.45
CA GLY Q 104 0.93 15.64 175.19
C GLY Q 104 1.81 15.24 174.02
N HIS Q 105 3.09 14.98 174.28
CA HIS Q 105 4.04 14.70 173.21
C HIS Q 105 4.54 13.27 173.19
N TYR Q 106 4.41 12.53 174.28
CA TYR Q 106 4.98 11.18 174.35
C TYR Q 106 3.94 10.09 174.51
N THR Q 107 3.13 10.13 175.57
CA THR Q 107 2.29 8.97 175.89
C THR Q 107 0.91 9.07 175.26
N GLU Q 108 0.14 10.09 175.64
CA GLU Q 108 -1.23 10.16 175.17
C GLU Q 108 -1.32 10.75 173.77
N GLY Q 109 -0.44 11.70 173.44
CA GLY Q 109 -0.41 12.22 172.09
C GLY Q 109 -0.17 11.13 171.06
N ALA Q 110 0.78 10.24 171.34
CA ALA Q 110 1.19 9.23 170.37
C ALA Q 110 0.00 8.39 169.90
N GLU Q 111 -0.89 8.01 170.82
CA GLU Q 111 -2.02 7.19 170.45
C GLU Q 111 -3.07 7.98 169.68
N LEU Q 112 -3.21 9.27 169.97
CA LEU Q 112 -4.21 10.07 169.29
C LEU Q 112 -3.79 10.51 167.91
N ILE Q 113 -2.49 10.52 167.62
CA ILE Q 113 -2.00 11.06 166.35
C ILE Q 113 -2.61 10.32 165.17
N ASP Q 114 -2.47 9.00 165.14
CA ASP Q 114 -2.98 8.24 164.01
C ASP Q 114 -4.48 8.44 163.83
N SER Q 115 -5.22 8.56 164.94
CA SER Q 115 -6.64 8.88 164.83
C SER Q 115 -6.85 10.28 164.28
N VAL Q 116 -5.91 11.20 164.52
CA VAL Q 116 -6.02 12.53 163.95
C VAL Q 116 -5.58 12.54 162.49
N LEU Q 117 -4.50 11.83 162.18
CA LEU Q 117 -4.03 11.80 160.80
C LEU Q 117 -5.03 11.12 159.88
N ASP Q 118 -5.80 10.17 160.39
CA ASP Q 118 -6.89 9.61 159.61
C ASP Q 118 -7.95 10.65 159.30
N VAL Q 119 -8.05 11.69 160.13
CA VAL Q 119 -9.03 12.75 159.90
C VAL Q 119 -8.51 13.75 158.88
N VAL Q 120 -7.31 14.27 159.11
CA VAL Q 120 -6.77 15.33 158.25
C VAL Q 120 -6.68 14.88 156.79
N ARG Q 121 -6.42 13.60 156.57
CA ARG Q 121 -6.27 13.12 155.20
C ARG Q 121 -7.60 12.91 154.51
N LYS Q 122 -8.66 12.56 155.25
CA LYS Q 122 -9.97 12.47 154.63
C LYS Q 122 -10.42 13.81 154.06
N GLU Q 123 -9.82 14.91 154.51
CA GLU Q 123 -10.07 16.22 153.93
C GLU Q 123 -8.86 16.79 153.21
N ALA Q 124 -7.78 16.02 153.09
CA ALA Q 124 -6.72 16.39 152.14
C ALA Q 124 -7.18 16.10 150.72
N GLU Q 125 -7.67 14.89 150.46
CA GLU Q 125 -8.24 14.57 149.17
C GLU Q 125 -9.48 15.40 148.86
N SER Q 126 -10.13 15.97 149.88
CA SER Q 126 -11.27 16.83 149.62
C SER Q 126 -10.87 18.10 148.90
N CYS Q 127 -9.61 18.51 149.00
CA CYS Q 127 -9.13 19.74 148.39
C CYS Q 127 -8.73 19.52 146.95
N ASP Q 128 -9.22 20.38 146.07
CA ASP Q 128 -8.77 20.33 144.67
C ASP Q 128 -7.32 20.73 144.57
N CYS Q 129 -6.97 21.91 145.10
CA CYS Q 129 -5.59 22.37 145.13
C CYS Q 129 -5.33 22.94 146.54
N LEU Q 130 -4.82 22.08 147.43
CA LEU Q 130 -4.62 22.47 148.82
C LEU Q 130 -3.56 23.57 148.90
N GLN Q 131 -3.93 24.69 149.52
CA GLN Q 131 -2.99 25.79 149.67
C GLN Q 131 -2.05 25.56 150.84
N GLY Q 132 -2.58 25.16 151.98
CA GLY Q 132 -1.74 24.88 153.12
C GLY Q 132 -2.55 24.69 154.38
N PHE Q 133 -1.84 24.28 155.43
CA PHE Q 133 -2.42 24.07 156.75
C PHE Q 133 -2.42 25.36 157.54
N GLN Q 134 -3.12 25.34 158.67
CA GLN Q 134 -3.21 26.50 159.54
C GLN Q 134 -3.70 26.04 160.91
N VAL Q 135 -2.97 26.38 161.96
CA VAL Q 135 -3.25 25.88 163.29
C VAL Q 135 -3.51 27.02 164.26
N CYS Q 136 -3.83 26.68 165.50
CA CYS Q 136 -4.00 27.66 166.57
C CYS Q 136 -3.75 26.96 167.89
N HIS Q 137 -2.64 27.28 168.53
CA HIS Q 137 -2.15 26.58 169.71
C HIS Q 137 -2.30 27.44 170.95
N SER Q 138 -1.76 26.93 172.05
CA SER Q 138 -1.50 27.73 173.26
C SER Q 138 -0.38 27.03 174.00
N LEU Q 139 0.83 27.60 173.89
CA LEU Q 139 2.04 26.90 174.31
C LEU Q 139 2.11 26.63 175.80
N GLY Q 140 1.12 27.04 176.58
CA GLY Q 140 1.15 26.79 178.01
C GLY Q 140 0.80 25.37 178.39
N GLY Q 141 -0.39 24.92 178.00
CA GLY Q 141 -0.88 23.62 178.41
C GLY Q 141 -0.13 22.43 177.85
N GLY Q 142 -0.70 21.24 178.02
CA GLY Q 142 -0.07 20.01 177.54
C GLY Q 142 -0.66 19.53 176.23
N THR Q 143 -1.94 19.82 175.99
CA THR Q 143 -2.58 19.41 174.75
C THR Q 143 -2.12 20.27 173.58
N GLY Q 144 -2.23 21.59 173.72
CA GLY Q 144 -1.83 22.47 172.63
C GLY Q 144 -0.33 22.41 172.36
N SER Q 145 0.47 22.23 173.41
CA SER Q 145 1.92 22.19 173.23
C SER Q 145 2.38 20.79 172.83
N GLY Q 146 1.98 19.78 173.59
CA GLY Q 146 2.44 18.43 173.32
C GLY Q 146 1.91 17.87 172.01
N MET Q 147 0.60 17.66 171.93
CA MET Q 147 0.02 17.11 170.72
C MET Q 147 0.18 18.06 169.54
N GLY Q 148 0.10 19.37 169.79
CA GLY Q 148 0.23 20.35 168.73
C GLY Q 148 1.49 20.14 167.92
N THR Q 149 2.64 20.28 168.56
CA THR Q 149 3.90 20.11 167.86
C THR Q 149 4.08 18.69 167.37
N LEU Q 150 3.58 17.71 168.13
CA LEU Q 150 3.66 16.33 167.67
C LEU Q 150 2.89 16.14 166.37
N LEU Q 151 1.68 16.69 166.30
CA LEU Q 151 0.94 16.68 165.04
C LEU Q 151 1.71 17.41 163.96
N ILE Q 152 2.29 18.56 164.30
CA ILE Q 152 3.07 19.33 163.32
C ILE Q 152 4.20 18.46 162.77
N SER Q 153 4.96 17.83 163.66
CA SER Q 153 6.08 16.98 163.23
C SER Q 153 5.61 15.87 162.30
N LYS Q 154 4.36 15.43 162.43
CA LYS Q 154 3.81 14.47 161.48
C LYS Q 154 3.43 15.13 160.18
N ILE Q 155 2.78 16.30 160.27
CA ILE Q 155 2.30 16.97 159.07
C ILE Q 155 3.46 17.34 158.15
N ARG Q 156 4.65 17.55 158.71
CA ARG Q 156 5.72 18.18 157.93
C ARG Q 156 6.30 17.24 156.88
N GLU Q 157 6.39 15.95 157.17
CA GLU Q 157 6.92 15.01 156.19
C GLU Q 157 5.89 14.59 155.17
N GLU Q 158 4.61 14.62 155.53
CA GLU Q 158 3.57 14.26 154.58
C GLU Q 158 3.18 15.38 153.65
N TYR Q 159 3.41 16.63 154.03
CA TYR Q 159 3.10 17.78 153.19
C TYR Q 159 4.16 18.85 153.39
N PRO Q 160 5.37 18.62 152.90
CA PRO Q 160 6.44 19.63 153.06
C PRO Q 160 6.30 20.78 152.09
N ASP Q 161 5.84 20.50 150.88
CA ASP Q 161 5.65 21.56 149.89
C ASP Q 161 4.63 22.59 150.38
N ARG Q 162 3.55 22.13 151.00
CA ARG Q 162 2.50 23.02 151.45
C ARG Q 162 3.02 23.90 152.59
N MET Q 163 2.21 24.89 152.95
CA MET Q 163 2.55 25.89 153.95
C MET Q 163 1.69 25.69 155.19
N MET Q 164 2.30 25.85 156.36
CA MET Q 164 1.56 25.72 157.61
C MET Q 164 1.77 26.96 158.46
N LEU Q 165 0.66 27.57 158.87
CA LEU Q 165 0.69 28.76 159.70
C LEU Q 165 0.75 28.34 161.17
N THR Q 166 0.88 29.30 162.07
CA THR Q 166 0.88 28.98 163.50
C THR Q 166 0.45 30.22 164.28
N PHE Q 167 -0.76 30.18 164.83
CA PHE Q 167 -1.23 31.22 165.73
C PHE Q 167 -0.95 30.86 167.18
N SER Q 168 0.30 30.55 167.47
CA SER Q 168 0.67 30.07 168.81
C SER Q 168 0.47 31.17 169.84
N VAL Q 169 -0.22 30.83 170.93
CA VAL Q 169 -0.31 31.71 172.09
C VAL Q 169 0.83 31.35 173.03
N VAL Q 170 1.76 32.28 173.20
CA VAL Q 170 2.94 32.06 174.03
C VAL Q 170 2.53 32.29 175.49
N PRO Q 171 3.35 31.89 176.47
CA PRO Q 171 3.03 32.22 177.86
C PRO Q 171 3.16 33.72 178.11
N SER Q 172 2.95 34.12 179.35
CA SER Q 172 3.09 35.53 179.66
C SER Q 172 4.27 35.78 180.58
N PRO Q 173 5.01 36.87 180.35
CA PRO Q 173 6.13 37.19 181.25
C PRO Q 173 5.69 37.57 182.65
N LYS Q 174 4.68 38.43 182.78
CA LYS Q 174 4.23 38.86 184.09
C LYS Q 174 3.12 37.97 184.63
N VAL Q 175 2.09 37.73 183.84
CA VAL Q 175 0.99 36.86 184.21
C VAL Q 175 1.46 35.42 184.09
N SER Q 176 1.11 34.59 185.07
CA SER Q 176 1.52 33.19 185.10
C SER Q 176 0.30 32.35 185.45
N ASP Q 177 -0.39 31.84 184.45
CA ASP Q 177 -1.56 31.00 184.72
C ASP Q 177 -1.14 29.72 185.42
N THR Q 178 0.00 29.14 185.02
CA THR Q 178 0.52 27.92 185.62
C THR Q 178 1.93 28.17 186.13
N VAL Q 179 2.54 27.12 186.67
CA VAL Q 179 3.87 27.21 187.26
C VAL Q 179 4.91 26.51 186.39
N VAL Q 180 4.57 25.36 185.81
CA VAL Q 180 5.50 24.63 184.93
C VAL Q 180 5.59 25.24 183.55
N GLU Q 181 4.92 26.36 183.30
CA GLU Q 181 4.75 26.92 181.96
C GLU Q 181 6.04 27.22 181.19
N PRO Q 182 7.19 27.52 181.82
CA PRO Q 182 8.39 27.73 181.00
C PRO Q 182 8.80 26.48 180.23
N TYR Q 183 8.65 25.30 180.83
CA TYR Q 183 9.04 24.07 180.14
C TYR Q 183 8.21 23.85 178.88
N ASN Q 184 6.88 23.80 179.03
CA ASN Q 184 5.99 23.57 177.90
C ASN Q 184 6.21 24.55 176.76
N ALA Q 185 6.84 25.70 177.05
CA ALA Q 185 7.14 26.66 176.00
C ALA Q 185 8.38 26.25 175.21
N THR Q 186 9.53 26.13 175.90
CA THR Q 186 10.78 25.87 175.19
C THR Q 186 10.74 24.54 174.44
N LEU Q 187 10.33 23.48 175.13
CA LEU Q 187 10.23 22.17 174.48
C LEU Q 187 9.30 22.20 173.27
N SER Q 188 8.38 23.16 173.22
CA SER Q 188 7.58 23.36 172.03
C SER Q 188 8.31 24.23 171.01
N VAL Q 189 9.07 25.21 171.48
CA VAL Q 189 9.83 26.07 170.57
C VAL Q 189 10.79 25.25 169.73
N HIS Q 190 11.47 24.28 170.36
CA HIS Q 190 12.37 23.40 169.63
C HIS Q 190 11.68 22.61 168.52
N GLN Q 191 10.35 22.65 168.44
CA GLN Q 191 9.62 22.03 167.36
C GLN Q 191 9.22 23.03 166.28
N LEU Q 192 8.86 24.24 166.67
CA LEU Q 192 8.42 25.24 165.69
C LEU Q 192 9.55 25.64 164.76
N VAL Q 193 10.78 25.69 165.28
CA VAL Q 193 11.91 26.15 164.48
C VAL Q 193 12.12 25.27 163.27
N GLU Q 194 11.84 23.98 163.40
CA GLU Q 194 12.12 23.02 162.33
C GLU Q 194 10.89 22.64 161.52
N ASN Q 195 9.69 22.85 162.04
CA ASN Q 195 8.49 22.34 161.41
C ASN Q 195 7.43 23.42 161.25
N ALA Q 196 7.84 24.68 161.12
CA ALA Q 196 6.87 25.74 160.90
C ALA Q 196 7.40 26.68 159.82
N ASP Q 197 6.50 27.07 158.92
CA ASP Q 197 6.82 28.06 157.90
C ASP Q 197 6.61 29.48 158.39
N GLU Q 198 5.49 29.73 159.08
CA GLU Q 198 5.21 31.01 159.70
C GLU Q 198 4.70 30.74 161.11
N CYS Q 199 4.97 31.66 162.04
CA CYS Q 199 4.55 31.47 163.42
C CYS Q 199 4.39 32.83 164.08
N MET Q 200 3.14 33.31 164.18
CA MET Q 200 2.88 34.51 164.95
C MET Q 200 2.80 34.17 166.42
N VAL Q 201 3.16 35.15 167.25
CA VAL Q 201 3.13 35.00 168.69
C VAL Q 201 2.11 35.97 169.27
N LEU Q 202 1.21 35.46 170.10
CA LEU Q 202 0.16 36.25 170.73
C LEU Q 202 0.24 36.02 172.24
N ASP Q 203 0.18 37.09 173.01
CA ASP Q 203 0.22 37.01 174.45
C ASP Q 203 -0.94 37.77 175.06
N ASN Q 204 -1.43 37.26 176.20
CA ASN Q 204 -2.62 37.83 176.82
C ASN Q 204 -2.40 39.24 177.37
N GLU Q 205 -1.15 39.66 177.55
CA GLU Q 205 -0.90 40.97 178.14
C GLU Q 205 -1.38 42.09 177.24
N ALA Q 206 -0.81 42.19 176.04
CA ALA Q 206 -1.32 43.15 175.07
C ALA Q 206 -2.81 42.95 174.85
N LEU Q 207 -3.25 41.70 174.78
CA LEU Q 207 -4.67 41.42 174.67
C LEU Q 207 -5.45 42.07 175.81
N TYR Q 208 -4.84 42.19 176.99
CA TYR Q 208 -5.51 42.87 178.09
C TYR Q 208 -5.37 44.39 177.99
N ASP Q 209 -4.25 44.87 177.46
CA ASP Q 209 -4.09 46.31 177.30
C ASP Q 209 -5.02 46.85 176.23
N ILE Q 210 -5.03 46.20 175.06
CA ILE Q 210 -5.77 46.74 173.92
C ILE Q 210 -7.26 46.81 174.26
N CYS Q 211 -7.78 45.83 174.99
CA CYS Q 211 -9.17 45.92 175.40
C CYS Q 211 -9.37 46.93 176.52
N PHE Q 212 -8.32 47.20 177.30
CA PHE Q 212 -8.45 48.19 178.36
C PHE Q 212 -8.11 49.60 177.88
N ARG Q 213 -7.02 49.77 177.14
CA ARG Q 213 -6.61 51.10 176.71
C ARG Q 213 -7.47 51.59 175.54
N THR Q 214 -7.36 50.89 174.40
CA THR Q 214 -8.10 51.32 173.22
C THR Q 214 -9.59 51.03 173.37
N LEU Q 215 -9.94 49.76 173.54
CA LEU Q 215 -11.34 49.38 173.60
C LEU Q 215 -12.03 49.89 174.86
N LYS Q 216 -11.27 50.19 175.93
CA LYS Q 216 -11.81 50.72 177.17
C LYS Q 216 -12.85 49.79 177.80
N LEU Q 217 -12.73 48.48 177.56
CA LEU Q 217 -13.69 47.53 178.09
C LEU Q 217 -13.57 47.42 179.61
N THR Q 218 -14.72 47.48 180.29
CA THR Q 218 -14.75 47.37 181.74
C THR Q 218 -14.36 45.98 182.20
N THR Q 219 -15.05 44.95 181.69
CA THR Q 219 -14.79 43.57 182.09
C THR Q 219 -14.28 42.78 180.88
N PRO Q 220 -12.97 42.58 180.75
CA PRO Q 220 -12.45 41.77 179.65
C PRO Q 220 -12.62 40.28 179.91
N THR Q 221 -13.50 39.66 179.14
CA THR Q 221 -13.69 38.21 179.17
C THR Q 221 -12.88 37.57 178.06
N PHE Q 222 -12.48 36.32 178.27
CA PHE Q 222 -11.81 35.57 177.22
C PHE Q 222 -12.62 35.55 175.93
N GLY Q 223 -13.94 35.58 176.04
CA GLY Q 223 -14.79 35.74 174.87
C GLY Q 223 -14.61 37.06 174.15
N ASP Q 224 -13.92 38.02 174.77
CA ASP Q 224 -13.65 39.29 174.10
C ASP Q 224 -12.29 39.31 173.43
N LEU Q 225 -11.27 38.71 174.06
CA LEU Q 225 -9.95 38.64 173.44
C LEU Q 225 -10.01 37.84 172.15
N ASN Q 226 -10.72 36.72 172.16
CA ASN Q 226 -10.81 35.90 170.96
C ASN Q 226 -11.60 36.59 169.85
N HIS Q 227 -12.36 37.63 170.17
CA HIS Q 227 -12.92 38.47 169.12
C HIS Q 227 -11.81 39.24 168.40
N LEU Q 228 -10.67 39.42 169.07
CA LEU Q 228 -9.52 40.05 168.44
C LEU Q 228 -8.71 39.06 167.62
N ILE Q 229 -8.38 37.91 168.22
CA ILE Q 229 -7.62 36.90 167.50
C ILE Q 229 -8.36 36.44 166.27
N SER Q 230 -9.66 36.21 166.39
CA SER Q 230 -10.45 35.82 165.23
C SER Q 230 -10.56 36.95 164.22
N ALA Q 231 -10.26 38.18 164.62
CA ALA Q 231 -10.31 39.30 163.69
C ALA Q 231 -9.10 39.29 162.75
N VAL Q 232 -7.93 38.93 163.27
CA VAL Q 232 -6.74 38.93 162.42
C VAL Q 232 -6.69 37.68 161.56
N MET Q 233 -7.09 36.53 162.11
CA MET Q 233 -7.09 35.30 161.32
C MET Q 233 -8.00 35.43 160.11
N SER Q 234 -9.14 36.10 160.25
CA SER Q 234 -9.96 36.39 159.08
C SER Q 234 -9.35 37.48 158.22
N GLY Q 235 -8.52 38.34 158.81
CA GLY Q 235 -7.85 39.38 158.06
C GLY Q 235 -6.75 38.90 157.15
N ILE Q 236 -6.40 37.62 157.23
CA ILE Q 236 -5.36 37.07 156.36
C ILE Q 236 -5.93 36.65 155.02
N THR Q 237 -7.03 35.91 155.03
CA THR Q 237 -7.56 35.27 153.85
C THR Q 237 -8.47 36.17 153.03
N CYS Q 238 -8.50 37.46 153.35
CA CYS Q 238 -9.34 38.39 152.57
C CYS Q 238 -8.96 38.38 151.11
N CYS Q 239 -7.66 38.23 150.80
CA CYS Q 239 -7.25 38.10 149.41
C CYS Q 239 -7.62 36.75 148.84
N LEU Q 240 -7.65 35.71 149.68
CA LEU Q 240 -7.97 34.38 149.20
C LEU Q 240 -9.44 34.27 148.80
N ARG Q 241 -10.32 34.93 149.55
CA ARG Q 241 -11.75 34.72 149.39
C ARG Q 241 -12.45 35.84 148.64
N PHE Q 242 -11.81 36.98 148.46
CA PHE Q 242 -12.46 38.12 147.83
C PHE Q 242 -11.54 38.76 146.80
N PRO Q 243 -12.11 39.41 145.80
CA PRO Q 243 -11.29 40.20 144.87
C PRO Q 243 -10.58 41.32 145.60
N GLY Q 244 -9.58 41.88 144.93
CA GLY Q 244 -8.81 42.96 145.48
C GLY Q 244 -7.87 43.55 144.45
N GLN Q 245 -7.80 44.88 144.38
CA GLN Q 245 -7.02 45.52 143.33
C GLN Q 245 -5.54 45.24 143.45
N LEU Q 246 -5.08 44.68 144.57
CA LEU Q 246 -3.75 44.09 144.68
C LEU Q 246 -3.91 42.82 145.51
N ASN Q 247 -4.17 41.71 144.83
CA ASN Q 247 -4.34 40.45 145.53
C ASN Q 247 -3.00 39.97 146.04
N ALA Q 248 -3.02 39.34 147.22
CA ALA Q 248 -1.81 38.82 147.87
C ALA Q 248 -2.18 37.50 148.55
N ASP Q 249 -1.89 36.41 147.86
CA ASP Q 249 -2.08 35.07 148.42
C ASP Q 249 -1.19 34.88 149.66
N LEU Q 250 -1.43 33.79 150.38
CA LEU Q 250 -0.70 33.54 151.61
C LEU Q 250 0.75 33.16 151.34
N ARG Q 251 1.01 32.45 150.25
CA ARG Q 251 2.38 32.03 149.95
C ARG Q 251 3.27 33.23 149.64
N LYS Q 252 2.80 34.14 148.80
CA LYS Q 252 3.58 35.33 148.47
C LYS Q 252 3.77 36.23 149.68
N LEU Q 253 3.08 35.96 150.77
CA LEU Q 253 3.28 36.72 152.00
C LEU Q 253 4.42 36.16 152.83
N ALA Q 254 4.74 34.87 152.68
CA ALA Q 254 5.82 34.27 153.45
C ALA Q 254 7.18 34.66 152.92
N VAL Q 255 7.45 34.29 151.66
CA VAL Q 255 8.73 34.60 151.03
C VAL Q 255 9.07 36.08 151.16
N ASN Q 256 8.06 36.94 151.06
CA ASN Q 256 8.26 38.37 151.15
C ASN Q 256 8.49 38.85 152.57
N LEU Q 257 8.49 37.94 153.55
CA LEU Q 257 8.54 38.33 154.95
C LEU Q 257 9.75 37.76 155.67
N ILE Q 258 9.98 36.44 155.58
CA ILE Q 258 11.05 35.78 156.32
C ILE Q 258 12.28 35.72 155.42
N PRO Q 259 13.32 36.51 155.68
CA PRO Q 259 14.53 36.41 154.84
C PRO Q 259 15.23 35.08 154.97
N PHE Q 260 15.24 34.49 156.17
CA PHE Q 260 15.93 33.24 156.41
C PHE Q 260 14.94 32.20 156.96
N PRO Q 261 15.17 30.92 156.70
CA PRO Q 261 14.15 29.91 156.99
C PRO Q 261 13.81 29.77 158.47
N ARG Q 262 14.49 30.49 159.36
CA ARG Q 262 14.28 30.31 160.79
C ARG Q 262 13.51 31.45 161.43
N LEU Q 263 13.72 32.68 160.98
CA LEU Q 263 13.22 33.86 161.70
C LEU Q 263 11.75 34.10 161.36
N HIS Q 264 10.93 33.11 161.69
CA HIS Q 264 9.51 33.11 161.33
C HIS Q 264 8.62 33.43 162.52
N PHE Q 265 9.05 34.35 163.38
CA PHE Q 265 8.27 34.79 164.53
C PHE Q 265 7.82 36.22 164.31
N PHE Q 266 6.52 36.43 164.22
CA PHE Q 266 5.96 37.68 163.75
C PHE Q 266 5.25 38.41 164.89
N MET Q 267 4.53 39.46 164.54
CA MET Q 267 3.92 40.35 165.51
C MET Q 267 2.78 41.08 164.81
N VAL Q 268 1.57 40.98 165.35
CA VAL Q 268 0.37 41.37 164.63
C VAL Q 268 -0.33 42.51 165.36
N GLY Q 269 -1.26 43.13 164.65
CA GLY Q 269 -2.08 44.19 165.20
C GLY Q 269 -3.25 44.52 164.29
N PHE Q 270 -4.43 44.77 164.87
CA PHE Q 270 -5.63 45.03 164.11
C PHE Q 270 -6.01 46.49 164.22
N THR Q 271 -6.70 46.99 163.20
CA THR Q 271 -7.14 48.37 163.10
C THR Q 271 -8.42 48.42 162.28
N PRO Q 272 -9.35 49.32 162.59
CA PRO Q 272 -9.28 50.27 163.70
C PRO Q 272 -9.88 49.70 164.98
N LEU Q 273 -9.49 50.24 166.12
CA LEU Q 273 -10.01 49.80 167.41
C LEU Q 273 -10.39 51.04 168.21
N THR Q 274 -11.68 51.15 168.55
CA THR Q 274 -12.22 52.39 169.09
C THR Q 274 -13.34 52.06 170.06
N SER Q 275 -13.44 52.86 171.11
CA SER Q 275 -14.55 52.72 172.06
C SER Q 275 -15.83 53.21 171.42
N ARG Q 276 -16.94 53.10 172.15
CA ARG Q 276 -18.19 53.66 171.64
C ARG Q 276 -18.30 55.15 171.93
N GLY Q 277 -17.35 55.73 172.66
CA GLY Q 277 -17.30 57.16 172.83
C GLY Q 277 -16.60 57.85 171.68
N SER Q 278 -15.44 57.32 171.28
CA SER Q 278 -14.65 57.94 170.22
C SER Q 278 -15.20 57.68 168.83
N GLN Q 279 -16.24 56.85 168.69
CA GLN Q 279 -16.93 56.79 167.41
C GLN Q 279 -17.58 58.11 167.04
N GLN Q 280 -17.58 59.07 167.97
CA GLN Q 280 -18.07 60.41 167.73
C GLN Q 280 -16.99 61.37 167.24
N TYR Q 281 -15.72 61.07 167.54
CA TYR Q 281 -14.62 61.96 167.19
C TYR Q 281 -13.81 61.50 165.99
N ARG Q 282 -13.82 60.21 165.70
CA ARG Q 282 -12.89 59.63 164.75
C ARG Q 282 -13.38 59.75 163.32
N ALA Q 283 -12.43 59.72 162.39
CA ALA Q 283 -12.72 59.69 160.96
C ALA Q 283 -12.20 58.40 160.36
N LEU Q 284 -12.95 57.85 159.40
CA LEU Q 284 -12.59 56.58 158.77
C LEU Q 284 -11.75 56.87 157.53
N THR Q 285 -10.52 57.28 157.77
CA THR Q 285 -9.57 57.58 156.71
C THR Q 285 -8.35 56.68 156.83
N VAL Q 286 -7.66 56.49 155.70
CA VAL Q 286 -6.48 55.62 155.69
C VAL Q 286 -5.38 56.13 156.60
N PRO Q 287 -5.03 57.42 156.61
CA PRO Q 287 -4.00 57.88 157.55
C PRO Q 287 -4.31 57.58 159.01
N GLU Q 288 -5.59 57.41 159.35
CA GLU Q 288 -5.93 57.02 160.71
C GLU Q 288 -5.46 55.60 161.00
N LEU Q 289 -5.82 54.65 160.13
CA LEU Q 289 -5.44 53.25 160.35
C LEU Q 289 -3.93 53.09 160.43
N THR Q 290 -3.21 53.57 159.40
CA THR Q 290 -1.77 53.38 159.37
C THR Q 290 -1.06 54.07 160.52
N GLN Q 291 -1.64 55.11 161.10
CA GLN Q 291 -1.05 55.69 162.29
C GLN Q 291 -1.29 54.79 163.50
N GLN Q 292 -2.45 54.14 163.55
CA GLN Q 292 -2.77 53.27 164.68
C GLN Q 292 -2.03 51.95 164.58
N MET Q 293 -1.90 51.40 163.37
CA MET Q 293 -1.27 50.08 163.24
C MET Q 293 0.23 50.15 163.45
N TRP Q 294 0.87 51.24 163.02
CA TRP Q 294 2.30 51.39 163.23
C TRP Q 294 2.64 51.75 164.67
N ASP Q 295 1.65 51.99 165.51
CA ASP Q 295 1.89 52.28 166.90
C ASP Q 295 2.46 51.06 167.61
N ALA Q 296 3.13 51.30 168.73
CA ALA Q 296 3.66 50.24 169.57
C ALA Q 296 2.64 49.73 170.59
N LYS Q 297 1.35 49.92 170.32
CA LYS Q 297 0.29 49.42 171.18
C LYS Q 297 -0.40 48.21 170.57
N ASN Q 298 -0.88 48.34 169.33
CA ASN Q 298 -1.66 47.27 168.70
C ASN Q 298 -0.88 45.97 168.57
N MET Q 299 0.39 45.97 168.95
CA MET Q 299 1.20 44.75 168.86
C MET Q 299 0.64 43.74 169.85
N MET Q 300 -0.07 42.74 169.34
CA MET Q 300 -0.72 41.75 170.19
C MET Q 300 0.27 40.99 171.08
N CYS Q 301 1.56 41.07 170.79
CA CYS Q 301 2.58 40.47 171.64
C CYS Q 301 3.27 41.57 172.43
N ALA Q 302 3.66 41.23 173.67
CA ALA Q 302 4.20 42.21 174.61
C ALA Q 302 5.71 42.40 174.37
N ALA Q 303 6.01 42.87 173.15
CA ALA Q 303 7.37 43.22 172.78
C ALA Q 303 7.37 44.62 172.19
N ASP Q 304 8.33 45.44 172.62
CA ASP Q 304 8.39 46.82 172.17
C ASP Q 304 9.25 46.90 170.92
N PRO Q 305 8.68 47.19 169.75
CA PRO Q 305 9.50 47.26 168.53
C PRO Q 305 10.56 48.35 168.57
N ARG Q 306 10.43 49.32 169.46
CA ARG Q 306 11.43 50.38 169.56
C ARG Q 306 12.74 49.90 170.18
N HIS Q 307 12.86 48.63 170.51
CA HIS Q 307 14.13 48.06 170.96
C HIS Q 307 14.84 47.29 169.86
N GLY Q 308 14.18 47.03 168.74
CA GLY Q 308 14.80 46.29 167.66
C GLY Q 308 14.62 46.98 166.32
N ARG Q 309 14.85 46.25 165.24
CA ARG Q 309 14.70 46.79 163.90
C ARG Q 309 13.81 45.86 163.09
N TYR Q 310 12.77 46.42 162.50
CA TYR Q 310 11.90 45.65 161.63
C TYR Q 310 12.69 45.12 160.44
N LEU Q 311 12.78 43.80 160.34
CA LEU Q 311 13.33 43.19 159.14
C LEU Q 311 12.41 43.43 157.95
N THR Q 312 11.16 42.99 158.07
CA THR Q 312 10.13 43.22 157.07
C THR Q 312 8.83 43.56 157.78
N ALA Q 313 7.77 43.73 157.00
CA ALA Q 313 6.43 44.00 157.53
C ALA Q 313 5.41 43.77 156.43
N SER Q 314 4.15 44.03 156.74
CA SER Q 314 3.07 43.91 155.76
C SER Q 314 1.87 44.72 156.26
N ALA Q 315 0.82 44.73 155.44
CA ALA Q 315 -0.45 45.36 155.81
C ALA Q 315 -1.53 44.95 154.83
N LEU Q 316 -2.63 44.40 155.34
CA LEU Q 316 -3.71 43.87 154.50
C LEU Q 316 -4.96 44.69 154.74
N PHE Q 317 -5.26 45.60 153.82
CA PHE Q 317 -6.38 46.50 153.96
C PHE Q 317 -7.65 45.92 153.34
N ARG Q 318 -8.79 46.46 153.77
CA ARG Q 318 -10.08 46.08 153.20
C ARG Q 318 -10.93 47.33 153.10
N GLY Q 319 -11.63 47.47 151.98
CA GLY Q 319 -12.48 48.63 151.76
C GLY Q 319 -12.07 49.42 150.55
N ARG Q 320 -13.04 49.76 149.71
CA ARG Q 320 -12.78 50.52 148.50
C ARG Q 320 -12.05 51.82 148.86
N MET Q 321 -10.78 51.92 148.46
CA MET Q 321 -9.95 53.06 148.80
C MET Q 321 -9.01 53.34 147.63
N SER Q 322 -8.19 54.37 147.78
CA SER Q 322 -7.23 54.74 146.76
C SER Q 322 -5.91 54.04 147.06
N THR Q 323 -5.45 53.21 146.12
CA THR Q 323 -4.26 52.40 146.35
C THR Q 323 -2.98 53.22 146.40
N LYS Q 324 -2.94 54.38 145.76
CA LYS Q 324 -1.77 55.23 145.88
C LYS Q 324 -1.62 55.77 147.29
N GLU Q 325 -2.73 55.92 148.00
CA GLU Q 325 -2.69 56.46 149.36
C GLU Q 325 -1.82 55.59 150.26
N VAL Q 326 -2.10 54.28 150.30
CA VAL Q 326 -1.34 53.39 151.16
C VAL Q 326 0.12 53.30 150.73
N ASP Q 327 0.39 53.51 149.44
CA ASP Q 327 1.78 53.50 148.99
C ASP Q 327 2.59 54.58 149.68
N GLU Q 328 2.10 55.83 149.61
CA GLU Q 328 2.91 56.93 150.13
C GLU Q 328 2.93 56.95 151.66
N GLN Q 329 1.90 56.40 152.31
CA GLN Q 329 1.93 56.31 153.76
C GLN Q 329 3.08 55.41 154.23
N MET Q 330 3.10 54.16 153.76
CA MET Q 330 4.22 53.28 154.07
C MET Q 330 5.55 53.88 153.60
N LEU Q 331 5.52 54.67 152.53
CA LEU Q 331 6.73 55.33 152.07
C LEU Q 331 7.25 56.30 153.13
N ASN Q 332 6.34 56.99 153.81
CA ASN Q 332 6.76 57.96 154.81
C ASN Q 332 7.31 57.27 156.05
N VAL Q 333 6.67 56.20 156.50
CA VAL Q 333 7.08 55.55 157.74
C VAL Q 333 8.54 55.11 157.67
N GLN Q 334 8.87 54.31 156.65
CA GLN Q 334 10.26 53.89 156.46
C GLN Q 334 11.19 55.08 156.32
N ASN Q 335 10.66 56.22 155.87
CA ASN Q 335 11.48 57.39 155.61
C ASN Q 335 11.67 58.24 156.86
N LYS Q 336 10.60 58.55 157.58
CA LYS Q 336 10.72 59.37 158.78
C LYS Q 336 11.46 58.63 159.87
N ASN Q 337 10.92 57.51 160.33
CA ASN Q 337 11.55 56.71 161.39
C ASN Q 337 12.54 55.72 160.79
N SER Q 338 13.53 56.26 160.08
CA SER Q 338 14.47 55.44 159.34
C SER Q 338 15.44 54.66 160.23
N SER Q 339 15.31 54.74 161.54
CA SER Q 339 16.22 54.04 162.43
C SER Q 339 15.73 52.65 162.80
N TYR Q 340 14.42 52.45 162.90
CA TYR Q 340 13.86 51.18 163.31
C TYR Q 340 13.80 50.16 162.18
N PHE Q 341 14.45 50.43 161.05
CA PHE Q 341 14.52 49.49 159.95
C PHE Q 341 15.97 49.24 159.60
N VAL Q 342 16.24 48.01 159.16
CA VAL Q 342 17.60 47.63 158.81
C VAL Q 342 18.02 48.34 157.53
N GLU Q 343 19.31 48.30 157.24
CA GLU Q 343 19.84 48.98 156.07
C GLU Q 343 19.88 48.09 154.83
N TRP Q 344 20.15 46.80 155.00
CA TRP Q 344 20.32 45.93 153.84
C TRP Q 344 19.00 45.42 153.28
N ILE Q 345 17.89 46.07 153.58
CA ILE Q 345 16.61 45.78 152.94
C ILE Q 345 16.00 47.10 152.50
N PRO Q 346 16.10 47.46 151.22
CA PRO Q 346 15.68 48.81 150.80
C PRO Q 346 14.20 49.09 151.03
N ASN Q 347 13.32 48.23 150.51
CA ASN Q 347 11.89 48.35 150.75
C ASN Q 347 11.45 47.13 151.54
N ASN Q 348 11.03 47.34 152.79
CA ASN Q 348 10.74 46.25 153.71
C ASN Q 348 9.29 46.29 154.18
N VAL Q 349 8.36 46.49 153.24
CA VAL Q 349 6.93 46.38 153.51
C VAL Q 349 6.26 45.76 152.30
N LYS Q 350 5.09 45.18 152.54
CA LYS Q 350 4.17 44.81 151.47
C LYS Q 350 2.81 45.38 151.79
N SER Q 351 2.04 45.68 150.77
CA SER Q 351 0.77 46.39 150.94
C SER Q 351 -0.28 45.74 150.04
N SER Q 352 -1.22 45.04 150.65
CA SER Q 352 -2.33 44.43 149.94
C SER Q 352 -3.62 45.22 150.20
N VAL Q 353 -4.55 45.11 149.26
CA VAL Q 353 -5.84 45.78 149.39
C VAL Q 353 -6.91 44.80 148.94
N CYS Q 354 -8.13 44.98 149.45
CA CYS Q 354 -9.28 44.16 149.08
C CYS Q 354 -10.51 45.02 148.92
N ASP Q 355 -11.24 44.78 147.82
CA ASP Q 355 -12.48 45.50 147.52
C ASP Q 355 -13.58 45.24 148.55
N ILE Q 356 -13.38 44.30 149.46
CA ILE Q 356 -14.45 43.87 150.36
C ILE Q 356 -14.05 44.04 151.82
N PRO Q 357 -14.73 44.89 152.57
CA PRO Q 357 -14.39 45.12 153.97
C PRO Q 357 -15.05 44.08 154.86
N PRO Q 358 -14.96 44.21 156.20
CA PRO Q 358 -15.79 43.36 157.06
C PRO Q 358 -17.28 43.58 156.85
N LYS Q 359 -18.11 42.78 157.53
CA LYS Q 359 -19.55 42.85 157.29
C LYS Q 359 -20.13 44.16 157.80
N GLY Q 360 -19.81 44.52 159.04
CA GLY Q 360 -20.37 45.70 159.67
C GLY Q 360 -19.58 46.97 159.54
N LEU Q 361 -18.44 46.94 158.85
CA LEU Q 361 -17.58 48.11 158.68
C LEU Q 361 -17.65 48.61 157.26
N LYS Q 362 -16.89 49.68 157.00
CA LYS Q 362 -16.67 50.17 155.64
C LYS Q 362 -15.21 50.15 155.23
N MET Q 363 -14.30 50.18 156.20
CA MET Q 363 -12.87 50.12 155.90
C MET Q 363 -12.13 49.72 157.17
N SER Q 364 -11.20 48.78 157.03
CA SER Q 364 -10.39 48.31 158.14
C SER Q 364 -8.98 48.09 157.63
N ALA Q 365 -8.13 47.52 158.49
CA ALA Q 365 -6.78 47.18 158.10
C ALA Q 365 -6.23 46.17 159.10
N THR Q 366 -5.08 45.60 158.77
CA THR Q 366 -4.48 44.54 159.58
C THR Q 366 -2.98 44.56 159.34
N PHE Q 367 -2.21 44.30 160.39
CA PHE Q 367 -0.77 44.42 160.35
C PHE Q 367 -0.09 43.11 160.72
N ILE Q 368 1.05 42.85 160.09
CA ILE Q 368 1.98 41.80 160.48
C ILE Q 368 3.38 42.36 160.34
N GLY Q 369 4.26 42.01 161.27
CA GLY Q 369 5.61 42.52 161.23
C GLY Q 369 6.64 41.60 161.88
N ASN Q 370 7.71 41.31 161.15
CA ASN Q 370 8.77 40.42 161.63
C ASN Q 370 9.91 41.29 162.15
N SER Q 371 9.80 41.69 163.41
CA SER Q 371 10.76 42.57 164.04
C SER Q 371 11.81 41.76 164.80
N THR Q 372 12.89 42.43 165.16
CA THR Q 372 13.95 41.81 165.94
C THR Q 372 13.67 41.87 167.43
N ALA Q 373 12.89 42.86 167.88
CA ALA Q 373 12.54 42.98 169.29
C ALA Q 373 11.87 41.72 169.82
N ILE Q 374 11.43 40.82 168.94
CA ILE Q 374 10.81 39.57 169.36
C ILE Q 374 11.78 38.73 170.17
N GLN Q 375 13.08 38.98 170.06
CA GLN Q 375 14.05 38.21 170.83
C GLN Q 375 13.89 38.40 172.32
N GLU Q 376 13.33 39.54 172.75
CA GLU Q 376 13.11 39.77 174.18
C GLU Q 376 12.17 38.72 174.76
N MET Q 377 11.11 38.38 174.01
CA MET Q 377 10.18 37.36 174.46
C MET Q 377 10.90 36.06 174.78
N PHE Q 378 11.66 35.53 173.81
CA PHE Q 378 12.39 34.29 174.03
C PHE Q 378 13.48 34.43 175.07
N LYS Q 379 13.99 35.65 175.29
CA LYS Q 379 14.97 35.86 176.35
C LYS Q 379 14.33 35.65 177.71
N ARG Q 380 13.16 36.24 177.93
CA ARG Q 380 12.48 36.12 179.22
C ARG Q 380 12.24 34.66 179.59
N VAL Q 381 11.66 33.89 178.68
CA VAL Q 381 11.40 32.48 178.95
C VAL Q 381 12.70 31.75 179.27
N SER Q 382 13.76 32.08 178.54
CA SER Q 382 15.06 31.47 178.79
C SER Q 382 15.64 31.83 180.15
N GLU Q 383 15.07 32.81 180.85
CA GLU Q 383 15.51 33.12 182.20
C GLU Q 383 14.81 32.22 183.22
N GLN Q 384 13.48 32.18 183.18
CA GLN Q 384 12.74 31.35 184.14
C GLN Q 384 13.03 29.88 183.92
N PHE Q 385 13.23 29.45 182.68
CA PHE Q 385 13.54 28.06 182.41
C PHE Q 385 14.86 27.66 183.07
N THR Q 386 15.93 28.37 182.74
CA THR Q 386 17.24 28.02 183.26
C THR Q 386 17.34 28.25 184.76
N ALA Q 387 16.41 28.99 185.35
CA ALA Q 387 16.41 29.17 186.80
C ALA Q 387 15.90 27.92 187.50
N MET Q 388 14.73 27.42 187.07
CA MET Q 388 14.15 26.25 187.69
C MET Q 388 14.89 24.97 187.29
N PHE Q 389 15.19 24.82 186.00
CA PHE Q 389 15.89 23.63 185.53
C PHE Q 389 17.25 23.47 186.19
N ARG Q 390 17.84 24.56 186.69
CA ARG Q 390 19.13 24.47 187.34
C ARG Q 390 19.08 23.66 188.63
N ARG Q 391 17.94 23.62 189.29
CA ARG Q 391 17.80 22.85 190.53
C ARG Q 391 16.89 21.64 190.35
N LYS Q 392 16.50 21.34 189.12
CA LYS Q 392 15.68 20.15 188.84
C LYS Q 392 14.36 20.17 189.58
N ALA Q 393 13.78 21.35 189.78
CA ALA Q 393 12.45 21.43 190.36
C ALA Q 393 11.41 21.04 189.32
N PHE Q 394 10.49 20.14 189.70
CA PHE Q 394 9.43 19.64 188.84
C PHE Q 394 9.96 18.89 187.63
N LEU Q 395 11.05 18.13 187.77
CA LEU Q 395 11.55 17.35 186.64
C LEU Q 395 11.19 15.87 186.69
N HIS Q 396 10.85 15.31 187.85
CA HIS Q 396 10.43 13.92 187.87
C HIS Q 396 9.16 13.71 187.06
N TRP Q 397 8.34 14.76 186.91
CA TRP Q 397 7.14 14.66 186.10
C TRP Q 397 7.48 14.40 184.64
N TYR Q 398 8.31 15.28 184.06
CA TYR Q 398 8.66 15.14 182.65
C TYR Q 398 9.43 13.85 182.39
N THR Q 399 10.31 13.47 183.32
CA THR Q 399 11.11 12.27 183.12
C THR Q 399 10.33 11.00 183.36
N GLY Q 400 9.20 11.07 184.06
CA GLY Q 400 8.40 9.90 184.31
C GLY Q 400 7.76 9.31 183.07
N GLU Q 401 8.00 9.92 181.92
CA GLU Q 401 7.43 9.48 180.65
C GLU Q 401 8.51 9.24 179.61
N GLY Q 402 9.61 8.62 180.00
CA GLY Q 402 10.67 8.29 179.07
C GLY Q 402 11.50 9.48 178.60
N MET Q 403 11.16 10.70 179.02
CA MET Q 403 11.98 11.83 178.63
C MET Q 403 13.30 11.81 179.39
N ASP Q 404 14.25 12.60 178.89
CA ASP Q 404 15.57 12.70 179.52
C ASP Q 404 15.99 14.15 179.66
N GLU Q 405 17.24 14.38 180.00
CA GLU Q 405 17.73 15.72 180.30
C GLU Q 405 18.23 16.45 179.06
N MET Q 406 18.92 15.75 178.17
CA MET Q 406 19.38 16.39 176.93
C MET Q 406 18.22 16.98 176.15
N GLU Q 407 17.05 16.35 176.22
CA GLU Q 407 15.85 16.90 175.60
C GLU Q 407 15.57 18.33 176.07
N PHE Q 408 16.12 18.72 177.22
CA PHE Q 408 16.01 20.11 177.67
C PHE Q 408 17.09 20.98 177.02
N THR Q 409 18.36 20.58 177.19
CA THR Q 409 19.47 21.40 176.71
C THR Q 409 19.36 21.69 175.22
N GLU Q 410 19.09 20.66 174.42
CA GLU Q 410 18.86 20.86 172.99
C GLU Q 410 17.83 21.96 172.77
N ALA Q 411 16.65 21.82 173.40
CA ALA Q 411 15.62 22.83 173.26
C ALA Q 411 16.07 24.16 173.82
N GLU Q 412 16.95 24.15 174.82
CA GLU Q 412 17.44 25.40 175.38
C GLU Q 412 18.49 26.04 174.47
N SER Q 413 19.51 25.28 174.09
CA SER Q 413 20.53 25.83 173.20
C SER Q 413 19.94 26.23 171.86
N ASN Q 414 18.91 25.51 171.39
CA ASN Q 414 18.25 25.89 170.15
C ASN Q 414 17.61 27.27 170.26
N MET Q 415 17.28 27.70 171.48
CA MET Q 415 16.82 29.06 171.67
C MET Q 415 17.97 30.05 171.59
N ASN Q 416 19.15 29.66 172.08
CA ASN Q 416 20.29 30.56 172.09
C ASN Q 416 20.74 30.88 170.67
N ASP Q 417 21.08 29.85 169.88
CA ASP Q 417 21.42 30.10 168.49
C ASP Q 417 20.29 30.79 167.74
N LEU Q 418 19.06 30.66 168.22
CA LEU Q 418 17.97 31.43 167.63
C LEU Q 418 18.04 32.88 168.07
N VAL Q 419 18.25 33.13 169.36
CA VAL Q 419 18.18 34.50 169.86
C VAL Q 419 19.40 35.30 169.41
N SER Q 420 20.54 34.63 169.17
CA SER Q 420 21.71 35.36 168.66
C SER Q 420 21.53 35.72 167.19
N GLU Q 421 20.98 34.79 166.39
CA GLU Q 421 20.72 35.11 164.99
C GLU Q 421 19.86 36.34 164.83
N TYR Q 422 19.07 36.67 165.86
CA TYR Q 422 18.33 37.92 165.86
C TYR Q 422 19.24 39.11 166.11
N GLN Q 423 20.30 38.93 166.92
CA GLN Q 423 21.16 40.06 167.26
C GLN Q 423 22.21 40.31 166.18
N GLN Q 424 22.83 39.26 165.66
CA GLN Q 424 23.77 39.42 164.56
C GLN Q 424 23.12 40.16 163.40
N TYR Q 425 21.87 39.81 163.09
CA TYR Q 425 21.11 40.51 162.06
C TYR Q 425 20.57 41.85 162.54
N GLN Q 426 20.73 42.17 163.83
CA GLN Q 426 20.32 43.47 164.36
C GLN Q 426 21.58 44.30 164.56
N ASP Q 427 21.97 45.04 163.51
CA ASP Q 427 23.11 45.93 163.58
C ASP Q 427 22.73 47.37 163.92
N ALA Q 428 21.63 47.54 164.68
CA ALA Q 428 21.21 48.84 165.19
C ALA Q 428 20.97 49.86 164.08
N MET R 1 -20.25 12.45 58.29
CA MET R 1 -18.87 12.65 57.88
C MET R 1 -18.06 13.24 59.02
N ARG R 2 -16.86 12.69 59.25
CA ARG R 2 -15.92 13.22 60.22
C ARG R 2 -16.46 13.15 61.64
N GLU R 3 -16.99 11.99 62.02
CA GLU R 3 -17.57 11.83 63.34
C GLU R 3 -16.48 11.65 64.39
N ILE R 4 -16.88 11.74 65.66
CA ILE R 4 -15.97 11.60 66.80
C ILE R 4 -16.70 10.84 67.89
N VAL R 5 -16.02 9.84 68.48
CA VAL R 5 -16.55 9.06 69.58
C VAL R 5 -15.73 9.37 70.82
N HIS R 6 -16.40 9.47 71.96
CA HIS R 6 -15.83 10.07 73.17
C HIS R 6 -15.96 9.13 74.35
N ILE R 7 -14.87 8.99 75.10
CA ILE R 7 -14.82 8.10 76.26
C ILE R 7 -14.62 8.93 77.51
N GLN R 8 -15.25 8.51 78.61
CA GLN R 8 -15.07 9.13 79.92
C GLN R 8 -14.75 8.01 80.91
N GLY R 9 -13.50 7.93 81.34
CA GLY R 9 -13.06 6.89 82.27
C GLY R 9 -12.82 7.43 83.66
N GLY R 10 -13.23 6.66 84.65
CA GLY R 10 -12.93 6.99 86.03
C GLY R 10 -13.88 8.01 86.61
N GLN R 11 -13.64 8.34 87.89
CA GLN R 11 -14.46 9.34 88.57
C GLN R 11 -14.25 10.72 87.96
N CYS R 12 -13.00 11.11 87.75
CA CYS R 12 -12.72 12.40 87.13
C CYS R 12 -13.32 12.48 85.74
N GLY R 13 -13.12 11.44 84.92
CA GLY R 13 -13.68 11.44 83.59
C GLY R 13 -15.19 11.49 83.57
N ASN R 14 -15.84 10.78 84.49
CA ASN R 14 -17.29 10.82 84.58
C ASN R 14 -17.81 12.12 85.18
N GLN R 15 -16.92 13.08 85.42
CA GLN R 15 -17.27 14.38 85.98
C GLN R 15 -16.84 15.54 85.11
N ILE R 16 -15.68 15.46 84.46
CA ILE R 16 -15.36 16.41 83.40
C ILE R 16 -16.36 16.25 82.26
N GLY R 17 -16.70 15.01 81.92
CA GLY R 17 -17.69 14.75 80.89
C GLY R 17 -19.05 15.32 81.19
N ALA R 18 -19.38 15.50 82.47
CA ALA R 18 -20.65 16.14 82.82
C ALA R 18 -20.70 17.57 82.31
N LYS R 19 -19.62 18.33 82.51
CA LYS R 19 -19.61 19.71 82.06
C LYS R 19 -19.36 19.80 80.56
N PHE R 20 -18.52 18.91 80.03
CA PHE R 20 -18.24 18.93 78.60
C PHE R 20 -19.53 18.81 77.80
N TRP R 21 -20.32 17.78 78.09
CA TRP R 21 -21.56 17.58 77.35
C TRP R 21 -22.61 18.63 77.69
N GLU R 22 -22.46 19.32 78.82
CA GLU R 22 -23.33 20.47 79.08
C GLU R 22 -22.91 21.66 78.24
N VAL R 23 -21.61 21.88 78.09
CA VAL R 23 -21.12 23.02 77.32
C VAL R 23 -21.44 22.84 75.84
N VAL R 24 -21.05 21.69 75.28
CA VAL R 24 -21.26 21.46 73.85
C VAL R 24 -22.74 21.49 73.50
N SER R 25 -23.58 20.94 74.38
CA SER R 25 -25.02 20.90 74.12
C SER R 25 -25.58 22.30 73.93
N ASP R 26 -25.30 23.19 74.89
CA ASP R 26 -25.76 24.57 74.77
C ASP R 26 -25.25 25.20 73.49
N GLU R 27 -23.97 24.99 73.18
CA GLU R 27 -23.39 25.61 71.99
C GLU R 27 -24.14 25.20 70.73
N HIS R 28 -24.68 23.98 70.71
CA HIS R 28 -25.51 23.54 69.61
C HIS R 28 -27.00 23.68 69.91
N GLY R 29 -27.34 24.44 70.95
CA GLY R 29 -28.72 24.81 71.21
C GLY R 29 -29.67 23.64 71.39
N ILE R 30 -29.24 22.60 72.08
CA ILE R 30 -30.11 21.47 72.36
C ILE R 30 -30.44 21.47 73.85
N ASP R 31 -31.65 21.06 74.15
CA ASP R 31 -32.21 21.06 75.49
C ASP R 31 -31.70 19.85 76.26
N PRO R 32 -31.73 19.90 77.60
CA PRO R 32 -31.51 18.67 78.37
C PRO R 32 -32.51 17.56 78.06
N THR R 33 -33.60 17.85 77.36
CA THR R 33 -34.43 16.82 76.79
C THR R 33 -33.83 16.21 75.53
N GLY R 34 -32.86 16.90 74.92
CA GLY R 34 -32.24 16.43 73.69
C GLY R 34 -32.84 16.98 72.42
N THR R 35 -33.80 17.89 72.52
CA THR R 35 -34.42 18.48 71.34
C THR R 35 -33.67 19.74 70.94
N TYR R 36 -33.41 19.88 69.65
CA TYR R 36 -32.72 21.07 69.15
C TYR R 36 -33.65 22.27 69.24
N HIS R 37 -33.21 23.32 69.92
CA HIS R 37 -33.99 24.54 70.06
C HIS R 37 -33.18 25.77 69.65
N GLY R 38 -32.17 25.59 68.80
CA GLY R 38 -31.34 26.71 68.40
C GLY R 38 -32.04 27.64 67.45
N ASP R 39 -31.28 28.51 66.79
CA ASP R 39 -31.83 29.48 65.85
C ASP R 39 -31.28 29.32 64.45
N SER R 40 -29.96 29.24 64.29
CA SER R 40 -29.34 29.24 62.99
C SER R 40 -29.35 27.85 62.37
N ASP R 41 -29.14 27.81 61.06
CA ASP R 41 -28.84 26.56 60.37
C ASP R 41 -27.39 26.15 60.55
N LEU R 42 -26.60 26.95 61.27
CA LEU R 42 -25.20 26.63 61.50
C LEU R 42 -25.01 25.57 62.57
N GLN R 43 -25.98 25.40 63.46
CA GLN R 43 -25.85 24.37 64.49
C GLN R 43 -26.07 22.98 63.89
N LEU R 44 -27.01 22.86 62.96
CA LEU R 44 -27.41 21.54 62.46
C LEU R 44 -26.41 20.93 61.49
N GLU R 45 -25.67 21.75 60.76
CA GLU R 45 -24.91 21.21 59.64
C GLU R 45 -23.79 20.28 60.10
N ARG R 46 -23.21 20.54 61.27
CA ARG R 46 -22.16 19.69 61.81
C ARG R 46 -22.52 19.19 63.21
N ILE R 47 -23.78 18.84 63.41
CA ILE R 47 -24.20 18.32 64.71
C ILE R 47 -23.79 16.87 64.87
N ASN R 48 -23.70 16.12 63.78
CA ASN R 48 -23.46 14.68 63.84
C ASN R 48 -22.02 14.33 64.16
N VAL R 49 -21.20 15.29 64.57
CA VAL R 49 -19.85 14.99 65.01
C VAL R 49 -19.84 14.49 66.45
N TYR R 50 -20.91 14.74 67.20
CA TYR R 50 -21.01 14.33 68.59
C TYR R 50 -22.28 13.59 68.93
N PHE R 51 -23.33 13.70 68.13
CA PHE R 51 -24.63 13.20 68.51
C PHE R 51 -25.16 12.26 67.44
N ASN R 52 -26.37 11.75 67.68
CA ASN R 52 -27.06 10.90 66.72
C ASN R 52 -28.53 11.29 66.70
N GLU R 53 -29.11 11.29 65.51
CA GLU R 53 -30.54 11.50 65.41
C GLU R 53 -31.29 10.37 66.09
N ALA R 54 -32.49 10.65 66.56
CA ALA R 54 -33.35 9.64 67.15
C ALA R 54 -34.79 10.01 66.90
N THR R 55 -35.67 9.04 67.04
CA THR R 55 -37.09 9.27 66.81
C THR R 55 -37.62 10.33 67.76
N GLY R 56 -38.24 11.36 67.20
CA GLY R 56 -38.74 12.47 67.99
C GLY R 56 -37.88 13.70 68.01
N GLY R 57 -36.87 13.78 67.15
CA GLY R 57 -36.01 14.95 67.12
C GLY R 57 -34.99 15.02 68.23
N ARG R 58 -34.73 13.92 68.93
CA ARG R 58 -33.72 13.92 69.96
C ARG R 58 -32.32 13.88 69.34
N TYR R 59 -31.34 14.30 70.12
CA TYR R 59 -29.93 14.23 69.74
C TYR R 59 -29.17 13.69 70.94
N VAL R 60 -28.85 12.41 70.90
CA VAL R 60 -28.21 11.70 72.00
C VAL R 60 -26.69 11.73 71.78
N PRO R 61 -25.89 12.04 72.79
CA PRO R 61 -24.44 12.12 72.58
C PRO R 61 -23.84 10.80 72.18
N ARG R 62 -22.62 10.87 71.66
CA ARG R 62 -21.84 9.69 71.27
C ARG R 62 -20.80 9.37 72.32
N ALA R 63 -21.13 9.55 73.58
CA ALA R 63 -20.19 9.31 74.68
C ALA R 63 -20.33 7.90 75.21
N ILE R 64 -19.30 7.47 75.93
CA ILE R 64 -19.30 6.19 76.62
C ILE R 64 -18.80 6.43 78.03
N LEU R 65 -19.69 6.23 79.00
CA LEU R 65 -19.34 6.40 80.41
C LEU R 65 -19.00 5.05 80.98
N MET R 66 -17.73 4.87 81.37
CA MET R 66 -17.27 3.63 81.97
C MET R 66 -16.66 3.94 83.34
N ASP R 67 -16.92 3.07 84.30
CA ASP R 67 -16.48 3.32 85.66
C ASP R 67 -16.77 2.09 86.52
N LEU R 68 -15.88 1.82 87.47
CA LEU R 68 -16.21 0.90 88.54
C LEU R 68 -16.84 1.69 89.68
N GLU R 69 -17.66 1.02 90.49
CA GLU R 69 -18.41 1.71 91.53
C GLU R 69 -19.29 2.77 90.90
N PRO R 70 -20.40 2.39 90.30
CA PRO R 70 -21.22 3.34 89.53
C PRO R 70 -21.78 4.50 90.34
N GLY R 71 -21.39 4.59 91.62
CA GLY R 71 -21.89 5.65 92.47
C GLY R 71 -21.79 7.03 91.85
N THR R 72 -20.63 7.36 91.28
CA THR R 72 -20.48 8.68 90.67
C THR R 72 -21.34 8.83 89.42
N MET R 73 -21.62 7.73 88.71
CA MET R 73 -22.54 7.81 87.58
C MET R 73 -23.95 8.17 88.03
N ASP R 74 -24.35 7.69 89.21
CA ASP R 74 -25.68 8.02 89.72
C ASP R 74 -25.85 9.51 89.93
N SER R 75 -24.75 10.23 90.15
CA SER R 75 -24.82 11.68 90.24
C SER R 75 -25.19 12.28 88.88
N VAL R 76 -24.41 11.95 87.84
CA VAL R 76 -24.66 12.53 86.54
C VAL R 76 -25.93 11.96 85.92
N ARG R 77 -26.25 10.70 86.20
CA ARG R 77 -27.52 10.13 85.78
C ARG R 77 -28.70 10.88 86.41
N SER R 78 -28.45 11.71 87.42
CA SER R 78 -29.50 12.45 88.10
C SER R 78 -29.43 13.96 87.86
N GLY R 79 -28.29 14.47 87.37
CA GLY R 79 -28.12 15.89 87.18
C GLY R 79 -29.05 16.48 86.14
N PRO R 80 -28.87 17.76 85.82
CA PRO R 80 -29.77 18.41 84.85
C PRO R 80 -29.61 17.86 83.45
N TYR R 81 -28.37 17.61 83.02
CA TYR R 81 -28.11 17.05 81.69
C TYR R 81 -27.88 15.55 81.73
N GLY R 82 -28.53 14.85 82.66
CA GLY R 82 -28.37 13.42 82.77
C GLY R 82 -29.40 12.63 82.02
N GLN R 83 -30.43 13.31 81.53
CA GLN R 83 -31.50 12.65 80.78
C GLN R 83 -31.18 12.47 79.31
N ILE R 84 -30.01 12.91 78.85
CA ILE R 84 -29.71 12.84 77.43
C ILE R 84 -29.02 11.54 77.05
N PHE R 85 -28.29 10.91 77.97
CA PHE R 85 -27.46 9.77 77.62
C PHE R 85 -28.29 8.53 77.32
N ARG R 86 -27.80 7.73 76.40
CA ARG R 86 -28.34 6.39 76.22
C ARG R 86 -28.02 5.55 77.45
N PRO R 87 -28.97 4.78 77.98
CA PRO R 87 -28.67 3.98 79.18
C PRO R 87 -27.79 2.78 78.87
N ASP R 88 -27.77 2.28 77.64
CA ASP R 88 -26.91 1.16 77.30
C ASP R 88 -25.45 1.58 77.16
N ASN R 89 -25.16 2.88 77.11
CA ASN R 89 -23.79 3.35 77.09
C ASN R 89 -23.18 3.46 78.46
N PHE R 90 -23.97 3.26 79.52
CA PHE R 90 -23.44 3.19 80.88
C PHE R 90 -22.95 1.77 81.12
N VAL R 91 -21.63 1.59 81.15
CA VAL R 91 -21.02 0.31 81.48
C VAL R 91 -20.27 0.47 82.80
N PHE R 92 -20.55 -0.41 83.75
CA PHE R 92 -20.03 -0.25 85.10
C PHE R 92 -19.83 -1.62 85.74
N GLY R 93 -19.02 -1.63 86.77
CA GLY R 93 -18.76 -2.85 87.54
C GLY R 93 -19.21 -2.68 88.97
N GLN R 94 -19.71 -3.77 89.56
CA GLN R 94 -20.30 -3.71 90.89
C GLN R 94 -19.29 -3.56 92.00
N THR R 95 -18.00 -3.73 91.72
CA THR R 95 -16.95 -3.69 92.73
C THR R 95 -16.13 -2.41 92.59
N GLY R 96 -15.10 -2.29 93.44
CA GLY R 96 -14.30 -1.09 93.48
C GLY R 96 -12.88 -1.29 93.00
N ALA R 97 -12.23 -0.20 92.58
CA ALA R 97 -10.86 -0.27 92.09
C ALA R 97 -9.82 0.06 93.15
N GLY R 98 -10.21 0.79 94.19
CA GLY R 98 -9.31 1.00 95.31
C GLY R 98 -8.08 1.81 95.03
N ASN R 99 -8.14 2.74 94.07
CA ASN R 99 -7.00 3.58 93.72
C ASN R 99 -5.76 2.73 93.44
N ASN R 100 -5.98 1.60 92.78
CA ASN R 100 -4.95 0.59 92.58
C ASN R 100 -4.84 0.34 91.08
N TRP R 101 -3.75 0.80 90.48
CA TRP R 101 -3.60 0.68 89.03
C TRP R 101 -3.68 -0.76 88.58
N ALA R 102 -3.22 -1.70 89.41
CA ALA R 102 -3.19 -3.10 89.03
C ALA R 102 -4.57 -3.65 88.76
N LYS R 103 -5.42 -3.69 89.79
CA LYS R 103 -6.74 -4.28 89.61
C LYS R 103 -7.62 -3.46 88.69
N GLY R 104 -7.36 -2.16 88.56
CA GLY R 104 -8.02 -1.39 87.53
C GLY R 104 -7.55 -1.68 86.12
N HIS R 105 -6.52 -2.52 85.98
CA HIS R 105 -5.97 -2.86 84.67
C HIS R 105 -5.83 -4.35 84.45
N TYR R 106 -5.89 -5.17 85.49
CA TYR R 106 -5.59 -6.60 85.36
C TYR R 106 -6.76 -7.49 85.73
N THR R 107 -7.36 -7.29 86.91
CA THR R 107 -8.43 -8.18 87.37
C THR R 107 -9.80 -7.69 86.94
N GLU R 108 -10.17 -6.50 87.39
CA GLU R 108 -11.52 -6.00 87.18
C GLU R 108 -11.70 -5.40 85.80
N GLY R 109 -10.78 -4.54 85.39
CA GLY R 109 -10.85 -3.98 84.05
C GLY R 109 -10.95 -5.06 82.98
N ALA R 110 -10.22 -6.16 83.16
CA ALA R 110 -10.25 -7.25 82.21
C ALA R 110 -11.61 -7.93 82.14
N GLU R 111 -12.47 -7.70 83.14
CA GLU R 111 -13.81 -8.29 83.14
C GLU R 111 -14.84 -7.42 82.44
N LEU R 112 -14.49 -6.19 82.06
CA LEU R 112 -15.44 -5.31 81.41
C LEU R 112 -15.16 -5.07 79.93
N ILE R 113 -13.93 -5.33 79.47
CA ILE R 113 -13.57 -5.02 78.09
C ILE R 113 -14.46 -5.78 77.12
N ASP R 114 -14.78 -7.03 77.45
CA ASP R 114 -15.65 -7.83 76.59
C ASP R 114 -16.98 -7.12 76.32
N SER R 115 -17.46 -6.36 77.30
CA SER R 115 -18.71 -5.61 77.13
C SER R 115 -18.47 -4.20 76.61
N VAL R 116 -17.38 -3.57 77.05
CA VAL R 116 -17.09 -2.22 76.59
C VAL R 116 -16.86 -2.20 75.09
N LEU R 117 -16.18 -3.21 74.56
CA LEU R 117 -15.88 -3.21 73.14
C LEU R 117 -17.12 -3.41 72.29
N ASP R 118 -18.12 -4.13 72.79
CA ASP R 118 -19.39 -4.18 72.07
C ASP R 118 -20.06 -2.81 72.06
N VAL R 119 -19.73 -1.97 73.04
CA VAL R 119 -20.30 -0.63 73.09
C VAL R 119 -19.59 0.29 72.11
N VAL R 120 -18.25 0.29 72.13
CA VAL R 120 -17.51 1.23 71.33
C VAL R 120 -17.69 0.95 69.84
N ARG R 121 -17.77 -0.33 69.46
CA ARG R 121 -17.95 -0.64 68.05
C ARG R 121 -19.37 -0.34 67.60
N LYS R 122 -20.36 -0.56 68.46
CA LYS R 122 -21.75 -0.31 68.08
C LYS R 122 -21.94 1.12 67.60
N GLU R 123 -21.16 2.06 68.14
CA GLU R 123 -21.27 3.46 67.73
C GLU R 123 -20.04 3.95 67.00
N ALA R 124 -19.05 3.10 66.77
CA ALA R 124 -17.97 3.45 65.85
C ALA R 124 -18.34 3.16 64.40
N GLU R 125 -19.18 2.15 64.16
CA GLU R 125 -19.57 1.81 62.80
C GLU R 125 -20.73 2.66 62.30
N SER R 126 -21.55 3.19 63.20
CA SER R 126 -22.60 4.10 62.78
C SER R 126 -22.02 5.37 62.16
N CYS R 127 -20.73 5.61 62.36
CA CYS R 127 -20.04 6.76 61.79
C CYS R 127 -19.72 6.47 60.33
N ASP R 128 -20.31 7.25 59.42
CA ASP R 128 -20.03 7.04 58.00
C ASP R 128 -18.56 7.32 57.69
N CYS R 129 -17.92 8.17 58.49
CA CYS R 129 -16.50 8.46 58.32
C CYS R 129 -15.96 8.85 59.69
N LEU R 130 -15.32 7.90 60.37
CA LEU R 130 -14.79 8.14 61.70
C LEU R 130 -13.53 8.99 61.62
N GLN R 131 -13.42 9.98 62.50
CA GLN R 131 -12.24 10.82 62.55
C GLN R 131 -11.26 10.39 63.63
N GLY R 132 -11.75 10.11 64.83
CA GLY R 132 -10.87 9.63 65.88
C GLY R 132 -11.59 9.50 67.21
N PHE R 133 -10.85 8.97 68.17
CA PHE R 133 -11.30 8.82 69.54
C PHE R 133 -10.77 9.97 70.39
N GLN R 134 -11.42 10.18 71.53
CA GLN R 134 -10.92 11.12 72.53
C GLN R 134 -11.38 10.66 73.90
N VAL R 135 -10.47 10.66 74.86
CA VAL R 135 -10.71 10.15 76.19
C VAL R 135 -10.39 11.23 77.21
N CYS R 136 -10.86 11.03 78.43
CA CYS R 136 -10.64 11.96 79.53
C CYS R 136 -10.32 11.15 80.78
N HIS R 137 -9.07 11.23 81.22
CA HIS R 137 -8.54 10.32 82.22
C HIS R 137 -8.24 11.03 83.53
N SER R 138 -7.62 10.30 84.44
CA SER R 138 -7.09 10.86 85.67
C SER R 138 -5.95 9.95 86.09
N LEU R 139 -4.71 10.44 85.97
CA LEU R 139 -3.54 9.60 86.17
C LEU R 139 -3.23 9.35 87.63
N GLY R 140 -4.13 9.69 88.55
CA GLY R 140 -3.92 9.41 89.95
C GLY R 140 -4.55 8.10 90.42
N GLY R 141 -5.83 7.93 90.14
CA GLY R 141 -6.58 6.80 90.64
C GLY R 141 -6.36 5.53 89.83
N GLY R 142 -7.20 4.55 90.11
CA GLY R 142 -7.09 3.26 89.46
C GLY R 142 -8.04 3.08 88.29
N THR R 143 -9.31 3.44 88.47
CA THR R 143 -10.29 3.23 87.41
C THR R 143 -9.93 4.03 86.17
N GLY R 144 -9.71 5.34 86.34
CA GLY R 144 -9.40 6.18 85.19
C GLY R 144 -8.11 5.76 84.51
N SER R 145 -7.04 5.62 85.29
CA SER R 145 -5.75 5.25 84.73
C SER R 145 -5.75 3.82 84.22
N GLY R 146 -6.03 2.87 85.11
CA GLY R 146 -5.98 1.46 84.77
C GLY R 146 -6.89 1.07 83.62
N MET R 147 -8.21 1.17 83.82
CA MET R 147 -9.14 0.83 82.76
C MET R 147 -8.94 1.71 81.53
N GLY R 148 -8.55 2.98 81.74
CA GLY R 148 -8.30 3.85 80.61
C GLY R 148 -7.27 3.29 79.64
N THR R 149 -6.10 2.92 80.17
CA THR R 149 -5.05 2.41 79.31
C THR R 149 -5.42 1.06 78.70
N LEU R 150 -5.98 0.16 79.51
CA LEU R 150 -6.41 -1.12 78.96
C LEU R 150 -7.42 -0.93 77.84
N LEU R 151 -8.29 0.06 77.97
CA LEU R 151 -9.20 0.38 76.89
C LEU R 151 -8.44 0.88 75.67
N ILE R 152 -7.32 1.57 75.88
CA ILE R 152 -6.58 2.15 74.77
C ILE R 152 -5.90 1.05 73.95
N SER R 153 -5.18 0.15 74.62
CA SER R 153 -4.47 -0.91 73.91
C SER R 153 -5.41 -1.77 73.07
N LYS R 154 -6.64 -1.93 73.52
CA LYS R 154 -7.64 -2.58 72.68
C LYS R 154 -8.03 -1.69 71.52
N ILE R 155 -8.11 -0.38 71.76
CA ILE R 155 -8.48 0.56 70.71
C ILE R 155 -7.35 0.73 69.71
N ARG R 156 -6.11 0.81 70.20
CA ARG R 156 -4.98 1.09 69.31
C ARG R 156 -4.85 0.03 68.22
N GLU R 157 -5.18 -1.22 68.52
CA GLU R 157 -5.04 -2.28 67.54
C GLU R 157 -6.27 -2.42 66.65
N GLU R 158 -7.46 -2.22 67.19
CA GLU R 158 -8.67 -2.35 66.38
C GLU R 158 -8.79 -1.21 65.39
N TYR R 159 -8.38 -0.01 65.77
CA TYR R 159 -8.46 1.17 64.90
C TYR R 159 -7.12 1.90 64.93
N PRO R 160 -6.13 1.41 64.18
CA PRO R 160 -4.82 2.07 64.15
C PRO R 160 -4.79 3.26 63.20
N ASP R 161 -5.66 3.24 62.19
CA ASP R 161 -5.72 4.37 61.26
C ASP R 161 -6.21 5.62 61.99
N ARG R 162 -7.35 5.52 62.66
CA ARG R 162 -7.92 6.65 63.35
C ARG R 162 -6.99 7.08 64.49
N MET R 163 -7.31 8.22 65.09
CA MET R 163 -6.44 8.87 66.06
C MET R 163 -7.14 9.00 67.40
N MET R 164 -6.41 8.69 68.47
CA MET R 164 -6.97 8.77 69.83
C MET R 164 -6.33 9.96 70.54
N LEU R 165 -7.17 10.78 71.15
CA LEU R 165 -6.70 11.91 71.92
C LEU R 165 -6.71 11.53 73.40
N THR R 166 -6.18 12.41 74.25
CA THR R 166 -6.16 12.11 75.69
C THR R 166 -6.03 13.41 76.46
N PHE R 167 -7.08 13.78 77.18
CA PHE R 167 -7.02 14.91 78.10
C PHE R 167 -6.67 14.45 79.51
N SER R 168 -5.57 13.71 79.64
CA SER R 168 -5.21 13.12 80.92
C SER R 168 -4.88 14.20 81.93
N VAL R 169 -5.55 14.15 83.08
CA VAL R 169 -5.21 14.99 84.22
C VAL R 169 -4.11 14.30 85.01
N VAL R 170 -2.98 14.98 85.19
CA VAL R 170 -1.82 14.36 85.83
C VAL R 170 -1.76 14.81 87.28
N PRO R 171 -0.91 14.19 88.12
CA PRO R 171 -0.79 14.63 89.51
C PRO R 171 -0.31 16.07 89.63
N SER R 172 -0.44 16.61 90.84
CA SER R 172 -0.09 17.94 91.31
C SER R 172 1.24 17.90 92.06
N PRO R 173 2.09 18.92 91.88
CA PRO R 173 3.45 18.84 92.46
C PRO R 173 3.50 19.06 93.96
N LYS R 174 2.78 20.06 94.46
CA LYS R 174 2.96 20.49 95.85
C LYS R 174 2.12 19.70 96.83
N VAL R 175 1.00 19.14 96.39
CA VAL R 175 0.11 18.34 97.22
C VAL R 175 -0.18 17.02 96.52
N SER R 176 -0.40 15.98 97.30
CA SER R 176 -0.66 14.64 96.80
C SER R 176 -2.15 14.36 96.95
N ASP R 177 -2.84 14.14 95.82
CA ASP R 177 -4.25 13.82 95.89
C ASP R 177 -4.47 12.41 96.45
N THR R 178 -3.57 11.48 96.14
CA THR R 178 -3.58 10.15 96.73
C THR R 178 -2.16 9.84 97.19
N VAL R 179 -2.00 8.70 97.85
CA VAL R 179 -0.71 8.32 98.39
C VAL R 179 0.08 7.46 97.42
N VAL R 180 -0.61 6.61 96.65
CA VAL R 180 0.04 5.70 95.73
C VAL R 180 0.09 6.34 94.35
N GLU R 181 -0.02 7.66 94.31
CA GLU R 181 -0.09 8.39 93.05
C GLU R 181 1.09 8.11 92.11
N PRO R 182 2.36 8.13 92.55
CA PRO R 182 3.45 7.90 91.59
C PRO R 182 3.43 6.54 90.94
N TYR R 183 2.95 5.50 91.63
CA TYR R 183 2.87 4.19 91.00
C TYR R 183 1.85 4.19 89.87
N ASN R 184 0.67 4.73 90.13
CA ASN R 184 -0.35 4.79 89.09
C ASN R 184 0.06 5.71 87.95
N ALA R 185 0.85 6.74 88.25
CA ALA R 185 1.28 7.67 87.22
C ALA R 185 2.17 6.97 86.17
N THR R 186 3.32 6.47 86.60
CA THR R 186 4.28 5.90 85.65
C THR R 186 3.67 4.71 84.91
N LEU R 187 3.03 3.80 85.65
CA LEU R 187 2.45 2.63 85.00
C LEU R 187 1.43 3.03 83.94
N SER R 188 0.85 4.22 84.06
CA SER R 188 -0.03 4.72 83.02
C SER R 188 0.76 5.42 81.92
N VAL R 189 1.79 6.19 82.30
CA VAL R 189 2.65 6.83 81.31
C VAL R 189 3.25 5.80 80.37
N HIS R 190 3.77 4.71 80.94
CA HIS R 190 4.33 3.63 80.12
C HIS R 190 3.32 3.09 79.12
N GLN R 191 2.03 3.35 79.30
CA GLN R 191 1.04 2.99 78.31
C GLN R 191 0.77 4.10 77.31
N LEU R 192 1.00 5.35 77.70
CA LEU R 192 0.66 6.48 76.84
C LEU R 192 1.76 6.77 75.82
N VAL R 193 3.01 6.53 76.19
CA VAL R 193 4.12 6.79 75.27
C VAL R 193 3.98 5.96 74.00
N GLU R 194 3.38 4.77 74.12
CA GLU R 194 3.28 3.85 72.98
C GLU R 194 1.91 3.83 72.34
N ASN R 195 0.86 4.16 73.09
CA ASN R 195 -0.49 3.96 72.60
C ASN R 195 -1.29 5.26 72.64
N ALA R 196 -0.70 6.35 72.15
CA ALA R 196 -1.43 7.60 72.06
C ALA R 196 -0.82 8.46 70.98
N ASP R 197 -1.67 9.01 70.11
CA ASP R 197 -1.20 9.95 69.11
C ASP R 197 -0.89 11.31 69.73
N GLU R 198 -1.85 11.86 70.48
CA GLU R 198 -1.65 13.10 71.20
C GLU R 198 -2.16 12.93 72.62
N CYS R 199 -1.64 13.73 73.53
CA CYS R 199 -2.03 13.63 74.93
C CYS R 199 -1.75 14.97 75.61
N MET R 200 -2.81 15.70 75.95
CA MET R 200 -2.67 16.91 76.74
C MET R 200 -2.55 16.56 78.21
N VAL R 201 -1.82 17.39 78.95
CA VAL R 201 -1.66 17.22 80.38
C VAL R 201 -2.27 18.43 81.08
N LEU R 202 -2.95 18.18 82.19
CA LEU R 202 -3.54 19.23 83.00
C LEU R 202 -3.17 18.98 84.45
N ASP R 203 -3.32 20.00 85.28
CA ASP R 203 -3.00 19.86 86.68
C ASP R 203 -4.00 20.66 87.49
N ASN R 204 -4.51 20.06 88.56
CA ASN R 204 -5.44 20.76 89.42
C ASN R 204 -4.79 21.96 90.10
N GLU R 205 -3.46 21.96 90.20
CA GLU R 205 -2.77 23.11 90.77
C GLU R 205 -2.88 24.32 89.85
N ALA R 206 -2.37 24.21 88.62
CA ALA R 206 -2.48 25.31 87.69
C ALA R 206 -3.93 25.72 87.47
N LEU R 207 -4.85 24.75 87.54
CA LEU R 207 -6.27 25.07 87.48
C LEU R 207 -6.75 25.86 88.68
N TYR R 208 -5.93 26.02 89.71
CA TYR R 208 -6.31 26.87 90.84
C TYR R 208 -5.78 28.28 90.68
N ASP R 209 -4.56 28.45 90.17
CA ASP R 209 -4.02 29.79 89.96
C ASP R 209 -4.89 30.59 89.02
N ILE R 210 -5.25 29.99 87.87
CA ILE R 210 -6.10 30.66 86.90
C ILE R 210 -7.39 31.13 87.53
N CYS R 211 -7.90 30.42 88.54
CA CYS R 211 -9.06 30.88 89.27
C CYS R 211 -8.68 31.77 90.45
N PHE R 212 -7.46 31.64 90.98
CA PHE R 212 -7.02 32.47 92.09
C PHE R 212 -6.34 33.75 91.60
N ARG R 213 -5.58 33.68 90.51
CA ARG R 213 -4.94 34.87 89.95
C ARG R 213 -5.78 35.52 88.86
N THR R 214 -6.04 34.80 87.79
CA THR R 214 -6.67 35.40 86.62
C THR R 214 -8.15 35.64 86.87
N LEU R 215 -8.91 34.59 87.15
CA LEU R 215 -10.35 34.74 87.36
C LEU R 215 -10.67 35.43 88.67
N LYS R 216 -9.73 35.49 89.60
CA LYS R 216 -9.93 36.14 90.90
C LYS R 216 -11.17 35.60 91.60
N LEU R 217 -11.37 34.29 91.49
CA LEU R 217 -12.53 33.67 92.11
C LEU R 217 -12.40 33.66 93.62
N THR R 218 -13.46 33.22 94.29
CA THR R 218 -13.51 33.15 95.74
C THR R 218 -13.63 31.72 96.25
N THR R 219 -14.59 30.95 95.73
CA THR R 219 -14.79 29.55 96.12
C THR R 219 -14.77 28.69 94.86
N PRO R 220 -13.61 28.50 94.25
CA PRO R 220 -13.54 27.70 93.03
C PRO R 220 -13.80 26.23 93.27
N THR R 221 -14.97 25.75 92.85
CA THR R 221 -15.35 24.36 93.00
C THR R 221 -15.04 23.61 91.71
N PHE R 222 -14.89 22.30 91.83
CA PHE R 222 -14.68 21.46 90.66
C PHE R 222 -15.71 21.74 89.56
N GLY R 223 -16.93 22.12 89.94
CA GLY R 223 -17.91 22.54 88.96
C GLY R 223 -17.47 23.73 88.12
N ASP R 224 -16.48 24.48 88.60
CA ASP R 224 -15.92 25.59 87.83
C ASP R 224 -14.68 25.19 87.05
N LEU R 225 -13.81 24.38 87.64
CA LEU R 225 -12.64 23.90 86.92
C LEU R 225 -13.06 23.10 85.70
N ASN R 226 -14.06 22.24 85.84
CA ASN R 226 -14.57 21.51 84.69
C ASN R 226 -15.18 22.44 83.65
N HIS R 227 -15.65 23.62 84.07
CA HIS R 227 -16.05 24.62 83.09
C HIS R 227 -14.85 25.25 82.42
N LEU R 228 -13.64 25.03 82.95
CA LEU R 228 -12.44 25.47 82.27
C LEU R 228 -11.96 24.41 81.28
N ILE R 229 -11.85 23.17 81.74
CA ILE R 229 -11.41 22.08 80.86
C ILE R 229 -12.37 21.92 79.69
N SER R 230 -13.67 22.03 79.96
CA SER R 230 -14.64 21.94 78.87
C SER R 230 -14.48 23.07 77.87
N ALA R 231 -13.81 24.15 78.25
CA ALA R 231 -13.62 25.26 77.32
C ALA R 231 -12.51 24.98 76.32
N VAL R 232 -11.56 24.11 76.67
CA VAL R 232 -10.54 23.76 75.70
C VAL R 232 -10.97 22.57 74.85
N MET R 233 -11.66 21.59 75.45
CA MET R 233 -12.16 20.47 74.68
C MET R 233 -13.19 20.92 73.66
N SER R 234 -13.91 22.00 73.95
CA SER R 234 -14.76 22.61 72.94
C SER R 234 -13.96 23.45 71.97
N GLY R 235 -12.83 23.99 72.42
CA GLY R 235 -12.00 24.82 71.57
C GLY R 235 -11.19 24.06 70.54
N ILE R 236 -11.11 22.75 70.66
CA ILE R 236 -10.33 21.95 69.71
C ILE R 236 -11.14 21.61 68.47
N THR R 237 -12.40 21.23 68.65
CA THR R 237 -13.23 20.73 67.56
C THR R 237 -14.09 21.81 66.92
N CYS R 238 -13.78 23.09 67.17
CA CYS R 238 -14.51 24.16 66.51
C CYS R 238 -14.37 24.07 64.99
N CYS R 239 -13.14 23.89 64.51
CA CYS R 239 -12.93 23.78 63.07
C CYS R 239 -13.65 22.58 62.48
N LEU R 240 -13.85 21.52 63.28
CA LEU R 240 -14.62 20.40 62.80
C LEU R 240 -16.10 20.73 62.71
N ARG R 241 -16.60 21.58 63.60
CA ARG R 241 -18.02 21.89 63.66
C ARG R 241 -18.37 23.19 62.96
N PHE R 242 -17.55 24.21 63.09
CA PHE R 242 -17.93 25.48 62.49
C PHE R 242 -16.99 25.84 61.36
N PRO R 243 -17.50 26.47 60.31
CA PRO R 243 -16.62 26.92 59.22
C PRO R 243 -15.71 28.04 59.68
N GLY R 244 -14.65 28.25 58.92
CA GLY R 244 -13.70 29.30 59.20
C GLY R 244 -12.80 29.55 58.02
N GLN R 245 -12.25 30.76 57.90
CA GLN R 245 -11.43 31.08 56.75
C GLN R 245 -10.07 30.41 56.78
N LEU R 246 -9.73 29.71 57.86
CA LEU R 246 -8.56 28.81 57.86
C LEU R 246 -8.90 27.67 58.81
N ASN R 247 -9.48 26.61 58.27
CA ASN R 247 -9.88 25.50 59.10
C ASN R 247 -8.67 24.66 59.51
N ALA R 248 -8.85 23.86 60.56
CA ALA R 248 -7.79 22.98 61.05
C ALA R 248 -8.44 21.72 61.61
N ASP R 249 -8.41 20.65 60.81
CA ASP R 249 -8.89 19.36 61.26
C ASP R 249 -8.07 18.87 62.46
N LEU R 250 -8.56 17.80 63.09
CA LEU R 250 -7.88 17.27 64.26
C LEU R 250 -6.55 16.62 63.90
N ARG R 251 -6.42 16.10 62.68
CA ARG R 251 -5.21 15.39 62.30
C ARG R 251 -4.09 16.35 61.92
N LYS R 252 -4.42 17.38 61.16
CA LYS R 252 -3.41 18.35 60.74
C LYS R 252 -2.88 19.14 61.92
N LEU R 253 -3.46 18.92 63.09
CA LEU R 253 -2.98 19.56 64.31
C LEU R 253 -1.86 18.79 64.97
N ALA R 254 -1.69 17.51 64.64
CA ALA R 254 -0.58 16.73 65.17
C ALA R 254 0.64 16.79 64.27
N VAL R 255 0.44 16.61 62.96
CA VAL R 255 1.56 16.63 62.03
C VAL R 255 2.30 17.95 62.06
N ASN R 256 1.63 19.03 62.47
CA ASN R 256 2.28 20.32 62.64
C ASN R 256 2.84 20.51 64.04
N LEU R 257 2.74 19.52 64.90
CA LEU R 257 3.04 19.72 66.32
C LEU R 257 4.05 18.73 66.87
N ILE R 258 4.02 17.48 66.42
CA ILE R 258 4.84 16.41 66.99
C ILE R 258 5.97 16.12 66.02
N PRO R 259 7.20 16.56 66.28
CA PRO R 259 8.30 16.24 65.37
C PRO R 259 8.68 14.76 65.43
N PHE R 260 8.76 14.20 66.63
CA PHE R 260 9.20 12.83 66.81
C PHE R 260 8.14 12.02 67.54
N PRO R 261 7.99 10.74 67.21
CA PRO R 261 6.76 10.01 67.57
C PRO R 261 6.53 9.85 69.07
N ARG R 262 7.46 10.29 69.92
CA ARG R 262 7.33 10.07 71.35
C ARG R 262 7.07 11.33 72.16
N LEU R 263 7.20 12.50 71.55
CA LEU R 263 7.00 13.76 72.28
C LEU R 263 5.58 14.27 72.13
N HIS R 264 4.60 13.42 72.43
CA HIS R 264 3.20 13.76 72.22
C HIS R 264 2.50 14.23 73.49
N PHE R 265 3.23 14.90 74.37
CA PHE R 265 2.65 15.55 75.54
C PHE R 265 2.63 17.05 75.32
N PHE R 266 1.51 17.68 75.63
CA PHE R 266 1.28 19.07 75.28
C PHE R 266 0.95 19.88 76.52
N MET R 267 0.53 21.11 76.31
CA MET R 267 0.30 22.06 77.40
C MET R 267 -0.67 23.12 76.88
N VAL R 268 -1.76 23.34 77.60
CA VAL R 268 -2.90 24.04 77.06
C VAL R 268 -3.17 25.30 77.87
N GLY R 269 -3.98 26.18 77.30
CA GLY R 269 -4.42 27.41 77.93
C GLY R 269 -5.70 27.86 77.27
N PHE R 270 -6.25 28.96 77.76
CA PHE R 270 -7.47 29.49 77.18
C PHE R 270 -7.52 31.00 77.38
N THR R 271 -8.17 31.69 76.45
CA THR R 271 -8.20 33.14 76.43
C THR R 271 -9.46 33.59 75.70
N PRO R 272 -10.15 34.64 76.19
CA PRO R 272 -9.83 35.51 77.32
C PRO R 272 -10.39 35.04 78.64
N LEU R 273 -9.67 35.33 79.71
CA LEU R 273 -10.12 35.04 81.07
C LEU R 273 -9.92 36.30 81.89
N THR R 274 -11.03 36.93 82.29
CA THR R 274 -11.00 38.14 83.08
C THR R 274 -11.96 38.00 84.25
N SER R 275 -11.79 38.87 85.24
CA SER R 275 -12.69 38.89 86.38
C SER R 275 -14.05 39.46 85.96
N ARG R 276 -14.99 39.46 86.89
CA ARG R 276 -16.25 40.17 86.63
C ARG R 276 -16.13 41.65 86.91
N GLY R 277 -14.98 42.11 87.41
CA GLY R 277 -14.73 43.53 87.57
C GLY R 277 -13.86 44.08 86.47
N SER R 278 -12.86 43.30 86.03
CA SER R 278 -11.92 43.77 85.04
C SER R 278 -12.50 43.80 83.63
N GLN R 279 -13.58 43.06 83.36
CA GLN R 279 -14.18 43.09 82.04
C GLN R 279 -14.63 44.50 81.64
N GLN R 280 -14.61 45.44 82.58
CA GLN R 280 -14.95 46.82 82.32
C GLN R 280 -13.77 47.61 81.77
N TYR R 281 -12.54 47.23 82.15
CA TYR R 281 -11.34 47.94 81.73
C TYR R 281 -10.69 47.32 80.50
N ARG R 282 -10.31 46.06 80.58
CA ARG R 282 -9.57 45.42 79.51
C ARG R 282 -10.41 45.30 78.25
N ALA R 283 -9.77 45.51 77.09
CA ALA R 283 -10.43 45.43 75.80
C ALA R 283 -10.21 44.05 75.18
N LEU R 284 -10.96 43.79 74.12
CA LEU R 284 -10.92 42.50 73.43
C LEU R 284 -10.39 42.72 72.02
N THR R 285 -9.07 42.65 71.88
CA THR R 285 -8.41 42.73 70.59
C THR R 285 -7.40 41.60 70.48
N VAL R 286 -7.10 41.22 69.24
CA VAL R 286 -6.16 40.14 68.96
C VAL R 286 -4.83 40.35 69.68
N PRO R 287 -4.32 41.58 69.82
CA PRO R 287 -3.14 41.76 70.67
C PRO R 287 -3.34 41.37 72.12
N GLU R 288 -4.58 41.35 72.61
CA GLU R 288 -4.80 40.91 73.99
C GLU R 288 -4.82 39.39 74.09
N LEU R 289 -5.62 38.75 73.25
CA LEU R 289 -5.65 37.29 73.21
C LEU R 289 -4.27 36.72 73.02
N THR R 290 -3.44 37.37 72.21
CA THR R 290 -2.16 36.79 71.83
C THR R 290 -1.15 36.85 72.95
N GLN R 291 -1.24 37.86 73.83
CA GLN R 291 -0.29 37.93 74.92
C GLN R 291 -0.70 37.07 76.10
N GLN R 292 -2.00 37.02 76.41
CA GLN R 292 -2.44 36.20 77.53
C GLN R 292 -2.28 34.73 77.24
N MET R 293 -2.48 34.31 75.99
CA MET R 293 -2.30 32.91 75.67
C MET R 293 -0.83 32.52 75.71
N TRP R 294 0.07 33.45 75.37
CA TRP R 294 1.49 33.14 75.33
C TRP R 294 2.13 33.21 76.70
N ASP R 295 1.47 33.84 77.66
CA ASP R 295 2.06 34.05 78.97
C ASP R 295 2.34 32.70 79.64
N ALA R 296 3.14 32.75 80.71
CA ALA R 296 3.47 31.57 81.49
C ALA R 296 2.54 31.40 82.68
N LYS R 297 1.31 31.88 82.57
CA LYS R 297 0.32 31.74 83.62
C LYS R 297 -0.91 30.99 83.17
N ASN R 298 -1.37 31.21 81.95
CA ASN R 298 -2.51 30.46 81.45
C ASN R 298 -2.18 29.03 81.09
N MET R 299 -0.93 28.61 81.21
CA MET R 299 -0.59 27.23 80.96
C MET R 299 -1.27 26.36 82.00
N MET R 300 -2.29 25.61 81.58
CA MET R 300 -3.12 24.87 82.50
C MET R 300 -2.39 23.71 83.17
N CYS R 301 -1.12 23.52 82.83
CA CYS R 301 -0.27 22.55 83.50
C CYS R 301 0.76 23.27 84.37
N ALA R 302 1.22 22.58 85.41
CA ALA R 302 2.14 23.18 86.37
C ALA R 302 3.60 22.98 85.94
N ALA R 303 3.91 23.48 84.75
CA ALA R 303 5.25 23.40 84.20
C ALA R 303 5.57 24.73 83.54
N ASP R 304 6.54 25.45 84.08
CA ASP R 304 6.87 26.78 83.58
C ASP R 304 7.56 26.66 82.23
N PRO R 305 6.98 27.17 81.16
CA PRO R 305 7.63 27.05 79.84
C PRO R 305 8.93 27.81 79.74
N ARG R 306 9.18 28.76 80.62
CA ARG R 306 10.41 29.55 80.59
C ARG R 306 11.59 28.79 81.16
N HIS R 307 11.47 27.49 81.36
CA HIS R 307 12.60 26.65 81.75
C HIS R 307 13.11 25.81 80.59
N GLY R 308 12.51 25.93 79.42
CA GLY R 308 12.91 25.13 78.27
C GLY R 308 12.64 25.89 77.00
N ARG R 309 12.46 25.15 75.91
CA ARG R 309 12.23 25.75 74.61
C ARG R 309 10.91 25.23 74.06
N TYR R 310 10.27 26.06 73.24
CA TYR R 310 9.07 25.64 72.53
C TYR R 310 9.49 24.93 71.24
N LEU R 311 9.14 23.65 71.14
CA LEU R 311 9.35 22.96 69.87
C LEU R 311 8.39 23.51 68.84
N THR R 312 7.10 23.36 69.09
CA THR R 312 6.06 23.91 68.23
C THR R 312 5.00 24.53 69.13
N ALA R 313 3.90 24.97 68.52
CA ALA R 313 2.78 25.53 69.26
C ALA R 313 1.57 25.56 68.34
N SER R 314 0.48 26.14 68.82
CA SER R 314 -0.73 26.27 68.03
C SER R 314 -1.57 27.39 68.59
N ALA R 315 -2.68 27.67 67.91
CA ALA R 315 -3.64 28.66 68.35
C ALA R 315 -4.91 28.49 67.55
N LEU R 316 -6.05 28.41 68.23
CA LEU R 316 -7.34 28.23 67.56
C LEU R 316 -8.22 29.41 67.91
N PHE R 317 -8.07 30.49 67.15
CA PHE R 317 -8.87 31.68 67.38
C PHE R 317 -10.31 31.44 66.95
N ARG R 318 -11.22 32.20 67.57
CA ARG R 318 -12.65 32.08 67.26
C ARG R 318 -13.26 33.47 67.20
N GLY R 319 -14.03 33.73 66.16
CA GLY R 319 -14.67 35.01 66.01
C GLY R 319 -14.22 35.72 64.75
N ARG R 320 -15.14 36.36 64.03
CA ARG R 320 -14.79 37.06 62.82
C ARG R 320 -13.77 38.14 63.13
N MET R 321 -12.53 37.96 62.65
CA MET R 321 -11.45 38.88 62.93
C MET R 321 -10.62 39.04 61.67
N SER R 322 -9.43 39.64 61.81
CA SER R 322 -8.55 39.90 60.69
C SER R 322 -7.44 38.87 60.70
N THR R 323 -7.38 38.05 59.64
CA THR R 323 -6.39 36.97 59.56
C THR R 323 -4.97 37.51 59.47
N LYS R 324 -4.78 38.81 59.24
CA LYS R 324 -3.43 39.35 59.19
C LYS R 324 -2.91 39.65 60.59
N GLU R 325 -3.74 40.28 61.43
CA GLU R 325 -3.31 40.60 62.79
C GLU R 325 -2.88 39.33 63.52
N VAL R 326 -3.57 38.22 63.28
CA VAL R 326 -3.17 36.96 63.89
C VAL R 326 -1.79 36.54 63.42
N ASP R 327 -1.56 36.61 62.10
CA ASP R 327 -0.30 36.10 61.55
C ASP R 327 0.88 36.97 61.96
N GLU R 328 0.70 38.28 62.00
CA GLU R 328 1.83 39.14 62.37
C GLU R 328 2.13 39.07 63.85
N GLN R 329 1.12 38.80 64.68
CA GLN R 329 1.34 38.73 66.12
C GLN R 329 2.12 37.48 66.49
N MET R 330 1.59 36.30 66.14
CA MET R 330 2.29 35.06 66.43
C MET R 330 3.69 35.06 65.86
N LEU R 331 3.90 35.70 64.72
CA LEU R 331 5.25 35.91 64.22
C LEU R 331 6.02 36.87 65.10
N ASN R 332 5.39 37.98 65.51
CA ASN R 332 6.10 39.00 66.26
C ASN R 332 6.71 38.45 67.53
N VAL R 333 6.11 37.43 68.12
CA VAL R 333 6.62 36.90 69.38
C VAL R 333 7.90 36.10 69.15
N GLN R 334 7.87 35.16 68.20
CA GLN R 334 9.01 34.27 67.97
C GLN R 334 10.31 35.06 67.83
N ASN R 335 10.35 36.00 66.90
CA ASN R 335 11.54 36.81 66.73
C ASN R 335 11.67 37.90 67.78
N LYS R 336 10.68 38.08 68.65
CA LYS R 336 10.81 39.05 69.73
C LYS R 336 11.61 38.49 70.89
N ASN R 337 11.12 37.42 71.51
CA ASN R 337 11.84 36.73 72.56
C ASN R 337 12.42 35.43 72.03
N SER R 338 13.46 35.56 71.22
CA SER R 338 13.96 34.42 70.47
C SER R 338 14.74 33.43 71.30
N SER R 339 14.76 33.49 72.63
CA SER R 339 15.53 32.54 73.41
C SER R 339 14.73 31.33 73.85
N TYR R 340 13.41 31.33 73.68
CA TYR R 340 12.57 30.23 74.11
C TYR R 340 12.08 29.37 72.95
N PHE R 341 12.46 29.69 71.72
CA PHE R 341 12.04 28.92 70.56
C PHE R 341 13.25 28.29 69.89
N VAL R 342 13.10 27.02 69.49
CA VAL R 342 14.20 26.32 68.86
C VAL R 342 14.56 26.97 67.53
N GLU R 343 15.78 26.70 67.08
CA GLU R 343 16.33 27.33 65.88
C GLU R 343 16.21 26.47 64.65
N TRP R 344 16.29 25.15 64.77
CA TRP R 344 16.17 24.28 63.61
C TRP R 344 14.73 24.09 63.18
N ILE R 345 13.83 24.93 63.66
CA ILE R 345 12.48 25.04 63.14
C ILE R 345 12.21 26.52 62.90
N PRO R 346 12.18 26.99 61.65
CA PRO R 346 12.09 28.43 61.40
C PRO R 346 10.81 29.06 61.93
N ASN R 347 9.66 28.56 61.52
CA ASN R 347 8.37 29.04 62.00
C ASN R 347 7.67 27.88 62.66
N ASN R 348 7.44 27.98 63.96
CA ASN R 348 6.95 26.86 64.74
C ASN R 348 5.62 27.17 65.43
N VAL R 349 4.70 27.79 64.71
CA VAL R 349 3.34 27.97 65.18
C VAL R 349 2.38 27.70 64.03
N LYS R 350 1.25 27.10 64.33
CA LYS R 350 0.13 27.03 63.41
C LYS R 350 -0.98 27.90 63.94
N SER R 351 -1.78 28.44 63.03
CA SER R 351 -2.79 29.44 63.40
C SER R 351 -4.09 29.11 62.68
N SER R 352 -5.16 28.93 63.44
CA SER R 352 -6.48 28.66 62.90
C SER R 352 -7.44 29.78 63.28
N VAL R 353 -8.56 29.83 62.56
CA VAL R 353 -9.58 30.84 62.82
C VAL R 353 -10.95 30.19 62.64
N CYS R 354 -11.96 30.79 63.26
CA CYS R 354 -13.33 30.33 63.10
C CYS R 354 -14.27 31.52 63.01
N ASP R 355 -15.22 31.43 62.10
CA ASP R 355 -16.28 32.44 61.96
C ASP R 355 -17.23 32.45 63.14
N ILE R 356 -17.09 31.52 64.09
CA ILE R 356 -18.07 31.34 65.15
C ILE R 356 -17.39 31.35 66.51
N PRO R 357 -17.52 32.40 67.30
CA PRO R 357 -16.93 32.43 68.63
C PRO R 357 -17.76 31.60 69.59
N PRO R 358 -17.42 31.58 70.88
CA PRO R 358 -18.30 30.93 71.86
C PRO R 358 -19.69 31.56 71.88
N LYS R 359 -20.60 30.90 72.61
CA LYS R 359 -22.00 31.29 72.58
C LYS R 359 -22.22 32.69 73.11
N GLY R 360 -21.38 33.16 74.03
CA GLY R 360 -21.61 34.45 74.64
C GLY R 360 -20.48 35.45 74.50
N LEU R 361 -19.63 35.30 73.49
CA LEU R 361 -18.46 36.15 73.34
C LEU R 361 -18.36 36.63 71.90
N LYS R 362 -17.32 37.43 71.65
CA LYS R 362 -17.03 37.98 70.32
C LYS R 362 -15.68 37.55 69.80
N MET R 363 -14.69 37.38 70.66
CA MET R 363 -13.39 36.86 70.29
C MET R 363 -12.90 35.93 71.40
N SER R 364 -12.26 34.84 70.99
CA SER R 364 -11.73 33.87 71.94
C SER R 364 -10.64 33.09 71.24
N ALA R 365 -9.82 32.42 72.03
CA ALA R 365 -8.71 31.64 71.50
C ALA R 365 -8.51 30.39 72.34
N THR R 366 -7.50 29.61 71.97
CA THR R 366 -7.16 28.37 72.64
C THR R 366 -5.76 27.98 72.21
N PHE R 367 -4.93 27.59 73.17
CA PHE R 367 -3.51 27.43 72.93
C PHE R 367 -3.08 26.00 73.22
N ILE R 368 -2.11 25.52 72.44
CA ILE R 368 -1.55 24.19 72.60
C ILE R 368 -0.04 24.30 72.45
N GLY R 369 0.69 23.99 73.50
CA GLY R 369 2.13 24.14 73.46
C GLY R 369 2.87 22.83 73.65
N ASN R 370 3.88 22.59 72.82
CA ASN R 370 4.73 21.42 72.93
C ASN R 370 6.12 21.91 73.35
N SER R 371 6.30 22.08 74.65
CA SER R 371 7.53 22.63 75.21
C SER R 371 8.39 21.53 75.79
N THR R 372 9.69 21.78 75.81
CA THR R 372 10.64 20.88 76.45
C THR R 372 10.76 21.13 77.94
N ALA R 373 9.81 21.86 78.52
CA ALA R 373 9.67 21.95 79.96
C ALA R 373 8.72 20.90 80.52
N ILE R 374 7.99 20.20 79.65
CA ILE R 374 7.11 19.14 80.07
C ILE R 374 7.90 18.01 80.73
N GLN R 375 9.21 17.95 80.47
CA GLN R 375 10.05 16.99 81.18
C GLN R 375 10.03 17.20 82.68
N GLU R 376 9.69 18.41 83.15
CA GLU R 376 9.70 18.68 84.58
C GLU R 376 8.60 17.95 85.31
N MET R 377 7.48 17.68 84.63
CA MET R 377 6.47 16.81 85.21
C MET R 377 7.02 15.40 85.42
N PHE R 378 7.97 15.00 84.60
CA PHE R 378 8.47 13.63 84.67
C PHE R 378 9.56 13.46 85.71
N LYS R 379 10.46 14.43 85.85
CA LYS R 379 11.45 14.37 86.91
C LYS R 379 10.77 14.27 88.27
N ARG R 380 9.94 15.27 88.60
CA ARG R 380 9.25 15.30 89.87
C ARG R 380 8.46 14.02 90.13
N VAL R 381 8.01 13.35 89.08
CA VAL R 381 7.34 12.07 89.25
C VAL R 381 8.34 10.94 89.33
N SER R 382 9.43 11.02 88.57
CA SER R 382 10.42 9.95 88.57
C SER R 382 11.14 9.83 89.90
N GLU R 383 11.17 10.88 90.71
CA GLU R 383 11.83 10.81 92.00
C GLU R 383 10.91 10.26 93.08
N GLN R 384 9.68 10.77 93.16
CA GLN R 384 8.73 10.24 94.12
C GLN R 384 8.47 8.76 93.89
N PHE R 385 8.63 8.29 92.65
CA PHE R 385 8.51 6.86 92.40
C PHE R 385 9.72 6.11 92.91
N THR R 386 10.92 6.64 92.72
CA THR R 386 12.12 5.93 93.13
C THR R 386 12.42 6.08 94.61
N ALA R 387 11.73 6.97 95.32
CA ALA R 387 11.91 7.06 96.75
C ALA R 387 11.19 5.93 97.48
N MET R 388 10.10 5.44 96.91
CA MET R 388 9.31 4.41 97.57
C MET R 388 9.41 3.04 96.91
N PHE R 389 9.59 2.97 95.59
CA PHE R 389 9.90 1.67 94.99
C PHE R 389 11.26 1.17 95.44
N ARG R 390 12.10 2.07 95.96
CA ARG R 390 13.40 1.67 96.49
C ARG R 390 13.27 0.79 97.72
N ARG R 391 12.25 1.02 98.53
CA ARG R 391 12.03 0.26 99.76
C ARG R 391 10.86 -0.70 99.64
N LYS R 392 10.23 -0.80 98.48
CA LYS R 392 9.12 -1.72 98.25
C LYS R 392 7.98 -1.44 99.22
N ALA R 393 7.59 -0.17 99.30
CA ALA R 393 6.45 0.24 100.09
C ALA R 393 5.18 0.14 99.25
N PHE R 394 4.07 -0.18 99.90
CA PHE R 394 2.77 -0.28 99.26
C PHE R 394 2.74 -1.23 98.07
N LEU R 395 3.75 -2.08 97.88
CA LEU R 395 3.78 -2.97 96.72
C LEU R 395 2.96 -4.23 96.88
N HIS R 396 2.76 -4.72 98.10
CA HIS R 396 2.00 -5.97 98.24
C HIS R 396 0.59 -5.84 97.69
N TRP R 397 0.12 -4.62 97.46
CA TRP R 397 -1.17 -4.41 96.80
C TRP R 397 -1.04 -4.61 95.29
N TYR R 398 0.07 -4.20 94.70
CA TYR R 398 0.23 -4.35 93.26
C TYR R 398 0.65 -5.76 92.89
N THR R 399 1.57 -6.36 93.66
CA THR R 399 1.95 -7.74 93.40
C THR R 399 0.84 -8.70 93.78
N GLY R 400 -0.04 -8.31 94.71
CA GLY R 400 -1.18 -9.13 95.06
C GLY R 400 -2.13 -9.38 93.91
N GLU R 401 -2.03 -8.62 92.83
CA GLU R 401 -2.80 -8.85 91.62
C GLU R 401 -2.01 -9.63 90.58
N GLY R 402 -0.92 -10.27 91.00
CA GLY R 402 -0.09 -11.04 90.09
C GLY R 402 0.89 -10.23 89.28
N MET R 403 0.97 -8.92 89.50
CA MET R 403 1.91 -8.09 88.75
C MET R 403 3.34 -8.53 89.00
N ASP R 404 4.19 -8.28 88.02
CA ASP R 404 5.63 -8.48 88.17
C ASP R 404 6.23 -7.23 88.80
N GLU R 405 7.56 -7.14 88.79
CA GLU R 405 8.25 -5.93 89.21
C GLU R 405 9.00 -5.25 88.09
N MET R 406 9.39 -5.99 87.05
CA MET R 406 10.00 -5.36 85.89
C MET R 406 9.02 -4.45 85.17
N GLU R 407 7.71 -4.69 85.31
CA GLU R 407 6.75 -3.73 84.78
C GLU R 407 6.84 -2.40 85.51
N PHE R 408 7.44 -2.37 86.70
CA PHE R 408 7.71 -1.10 87.36
C PHE R 408 8.96 -0.45 86.82
N THR R 409 10.03 -1.24 86.63
CA THR R 409 11.27 -0.66 86.14
C THR R 409 11.18 -0.28 84.68
N GLU R 410 10.57 -1.14 83.86
CA GLU R 410 10.31 -0.77 82.47
C GLU R 410 9.54 0.52 82.38
N ALA R 411 8.62 0.74 83.32
CA ALA R 411 7.92 2.02 83.39
C ALA R 411 8.84 3.17 83.77
N GLU R 412 9.99 2.86 84.36
CA GLU R 412 10.93 3.91 84.76
C GLU R 412 11.99 4.17 83.70
N SER R 413 12.49 3.13 83.04
CA SER R 413 13.40 3.34 81.93
C SER R 413 12.72 4.08 80.80
N ASN R 414 11.52 3.63 80.43
CA ASN R 414 10.75 4.32 79.40
C ASN R 414 10.56 5.79 79.73
N MET R 415 10.37 6.11 81.02
CA MET R 415 10.27 7.50 81.43
C MET R 415 11.63 8.19 81.40
N ASN R 416 12.63 7.57 82.03
CA ASN R 416 13.94 8.22 82.12
C ASN R 416 14.67 8.28 80.80
N ASP R 417 14.10 7.72 79.73
CA ASP R 417 14.53 8.09 78.39
C ASP R 417 13.75 9.28 77.88
N LEU R 418 12.43 9.27 78.09
CA LEU R 418 11.59 10.39 77.68
C LEU R 418 12.03 11.69 78.30
N VAL R 419 12.73 11.64 79.45
CA VAL R 419 13.26 12.86 80.04
C VAL R 419 14.53 13.31 79.35
N SER R 420 15.19 12.42 78.59
CA SER R 420 16.37 12.80 77.82
C SER R 420 16.02 13.24 76.41
N GLU R 421 15.02 12.60 75.79
CA GLU R 421 14.52 13.08 74.51
C GLU R 421 14.19 14.56 74.59
N TYR R 422 13.66 15.00 75.72
CA TYR R 422 13.37 16.40 75.94
C TYR R 422 14.60 17.21 76.33
N GLN R 423 15.81 16.69 76.14
CA GLN R 423 17.00 17.46 76.43
C GLN R 423 17.99 17.55 75.28
N GLN R 424 18.14 16.50 74.46
CA GLN R 424 18.86 16.66 73.22
C GLN R 424 18.25 17.79 72.40
N TYR R 425 16.93 17.77 72.26
CA TYR R 425 16.20 18.77 71.52
C TYR R 425 16.10 20.09 72.27
N GLN R 426 16.59 20.16 73.50
CA GLN R 426 16.68 21.42 74.24
C GLN R 426 18.17 21.71 74.42
N ASP R 427 18.76 22.36 73.42
CA ASP R 427 20.13 22.84 73.51
C ASP R 427 20.25 24.11 74.33
N ALA R 428 19.21 24.43 75.11
CA ALA R 428 19.16 25.64 75.93
C ALA R 428 19.32 26.91 75.09
N MET S 1 -6.14 42.88 108.12
CA MET S 1 -4.97 42.65 107.29
C MET S 1 -3.72 43.15 108.00
N ARG S 2 -3.87 44.28 108.70
CA ARG S 2 -2.79 44.86 109.49
C ARG S 2 -3.04 44.46 110.94
N GLU S 3 -2.66 43.24 111.28
CA GLU S 3 -3.12 42.58 112.49
C GLU S 3 -1.97 42.31 113.45
N VAL S 4 -2.28 42.36 114.75
CA VAL S 4 -1.31 42.12 115.81
C VAL S 4 -1.92 41.13 116.79
N ILE S 5 -1.12 40.73 117.79
CA ILE S 5 -1.53 39.79 118.82
C ILE S 5 -1.09 40.37 120.16
N SER S 6 -2.05 40.62 121.04
CA SER S 6 -1.79 41.29 122.31
C SER S 6 -1.85 40.28 123.44
N ILE S 7 -0.75 40.17 124.20
CA ILE S 7 -0.64 39.22 125.31
C ILE S 7 -0.62 40.00 126.61
N HIS S 8 -1.35 39.50 127.60
CA HIS S 8 -1.38 40.10 128.93
C HIS S 8 -1.00 39.04 129.95
N ILE S 9 0.02 39.34 130.77
CA ILE S 9 0.55 38.40 131.74
C ILE S 9 0.54 39.05 133.12
N GLY S 10 0.31 38.24 134.15
CA GLY S 10 0.31 38.73 135.51
C GLY S 10 -0.94 39.55 135.81
N GLN S 11 -1.01 40.03 137.06
CA GLN S 11 -2.16 40.81 137.47
C GLN S 11 -2.16 42.17 136.80
N ALA S 12 -1.00 42.80 136.66
CA ALA S 12 -0.95 44.08 135.97
C ALA S 12 -1.34 43.93 134.51
N GLY S 13 -0.80 42.90 133.84
CA GLY S 13 -1.20 42.65 132.47
C GLY S 13 -2.69 42.46 132.31
N ILE S 14 -3.34 41.81 133.28
CA ILE S 14 -4.78 41.69 133.22
C ILE S 14 -5.44 43.00 133.58
N GLN S 15 -4.90 43.70 134.58
CA GLN S 15 -5.49 44.98 134.97
C GLN S 15 -5.36 46.02 133.88
N VAL S 16 -4.31 45.96 133.05
CA VAL S 16 -4.30 46.84 131.89
C VAL S 16 -5.15 46.25 130.78
N GLY S 17 -5.24 44.91 130.72
CA GLY S 17 -6.06 44.27 129.71
C GLY S 17 -7.51 44.71 129.72
N ASN S 18 -8.07 44.93 130.91
CA ASN S 18 -9.41 45.49 130.99
C ASN S 18 -9.46 46.89 130.40
N ALA S 19 -8.47 47.73 130.75
CA ALA S 19 -8.48 49.12 130.30
C ALA S 19 -8.37 49.19 128.79
N CYS S 20 -7.34 48.57 128.21
CA CYS S 20 -7.19 48.58 126.77
C CYS S 20 -8.43 48.00 126.09
N TRP S 21 -8.85 46.81 126.49
CA TRP S 21 -9.98 46.18 125.85
C TRP S 21 -11.31 46.79 126.25
N GLU S 22 -11.32 47.73 127.18
CA GLU S 22 -12.46 48.62 127.31
C GLU S 22 -12.38 49.73 126.27
N LEU S 23 -11.18 50.15 125.93
CA LEU S 23 -11.01 51.27 125.01
C LEU S 23 -11.36 50.88 123.58
N TYR S 24 -10.88 49.72 123.13
CA TYR S 24 -11.06 49.34 121.73
C TYR S 24 -12.52 49.07 121.41
N CYS S 25 -13.17 48.20 122.19
CA CYS S 25 -14.59 47.93 121.95
C CYS S 25 -15.38 49.23 121.95
N LEU S 26 -14.93 50.21 122.72
CA LEU S 26 -15.50 51.54 122.65
C LEU S 26 -15.11 52.25 121.38
N GLU S 27 -13.83 52.16 121.00
CA GLU S 27 -13.31 52.92 119.87
C GLU S 27 -13.91 52.49 118.54
N HIS S 28 -14.45 51.28 118.45
CA HIS S 28 -15.02 50.76 117.22
C HIS S 28 -16.51 50.49 117.34
N GLY S 29 -17.16 51.03 118.36
CA GLY S 29 -18.59 50.82 118.54
C GLY S 29 -18.98 49.39 118.84
N ILE S 30 -18.03 48.58 119.30
CA ILE S 30 -18.30 47.18 119.63
C ILE S 30 -19.05 47.14 120.95
N GLN S 31 -20.30 46.68 120.93
CA GLN S 31 -21.03 46.48 122.16
C GLN S 31 -20.30 45.45 123.02
N PRO S 32 -20.45 45.53 124.35
CA PRO S 32 -19.81 44.52 125.21
C PRO S 32 -20.25 43.11 124.91
N ASP S 33 -21.42 42.92 124.31
CA ASP S 33 -21.88 41.59 123.90
C ASP S 33 -21.44 41.24 122.50
N GLY S 34 -20.17 41.48 122.17
CA GLY S 34 -19.63 41.05 120.89
C GLY S 34 -20.04 41.86 119.70
N GLN S 35 -21.32 41.84 119.35
CA GLN S 35 -21.79 42.44 118.12
C GLN S 35 -21.79 43.96 118.21
N MET S 36 -22.18 44.59 117.11
CA MET S 36 -22.34 46.03 116.98
C MET S 36 -23.65 46.29 116.25
N PRO S 37 -24.26 47.47 116.45
CA PRO S 37 -25.54 47.76 115.80
C PRO S 37 -25.44 47.82 114.28
N ASP S 46 -15.02 47.60 106.47
CA ASP S 46 -14.20 46.64 107.20
C ASP S 46 -12.78 47.18 107.34
N ASP S 47 -11.82 46.26 107.50
CA ASP S 47 -10.40 46.58 107.63
C ASP S 47 -10.15 47.41 108.89
N ALA S 48 -11.20 47.70 109.67
CA ALA S 48 -11.09 48.55 110.84
C ALA S 48 -10.93 47.74 112.12
N PHE S 49 -11.92 46.89 112.43
CA PHE S 49 -11.83 46.06 113.61
C PHE S 49 -10.93 44.85 113.40
N ASN S 50 -10.68 44.46 112.15
CA ASN S 50 -9.92 43.27 111.84
C ASN S 50 -8.49 43.32 112.35
N THR S 51 -8.07 44.44 112.92
CA THR S 51 -6.75 44.50 113.54
C THR S 51 -6.75 43.82 114.90
N PHE S 52 -7.86 43.87 115.61
CA PHE S 52 -7.93 43.38 116.99
C PHE S 52 -8.99 42.32 117.20
N PHE S 53 -9.72 41.92 116.18
CA PHE S 53 -10.89 41.07 116.39
C PHE S 53 -10.95 40.02 115.30
N SER S 54 -12.09 39.32 115.24
CA SER S 54 -12.33 38.31 114.21
C SER S 54 -13.84 38.22 114.02
N GLU S 55 -14.34 38.89 112.99
CA GLU S 55 -15.75 38.78 112.66
C GLU S 55 -16.08 37.34 112.29
N THR S 56 -16.79 36.63 113.16
CA THR S 56 -17.15 35.26 112.89
C THR S 56 -18.20 35.22 111.79
N GLY S 57 -18.63 34.00 111.45
CA GLY S 57 -19.57 33.81 110.35
C GLY S 57 -20.87 34.57 110.50
N ALA S 58 -21.21 35.04 111.71
CA ALA S 58 -22.48 35.72 111.91
C ALA S 58 -22.35 36.66 113.11
N GLY S 59 -22.08 37.92 112.84
CA GLY S 59 -22.25 38.98 113.83
C GLY S 59 -21.17 39.29 114.83
N LYS S 60 -20.66 38.28 115.54
CA LYS S 60 -19.86 38.51 116.73
C LYS S 60 -18.40 38.79 116.39
N HIS S 61 -17.81 39.71 117.16
CA HIS S 61 -16.40 40.11 117.02
C HIS S 61 -15.67 39.71 118.30
N VAL S 62 -14.90 38.63 118.23
CA VAL S 62 -14.14 38.14 119.38
C VAL S 62 -12.74 38.76 119.33
N PRO S 63 -12.13 39.11 120.44
CA PRO S 63 -10.80 39.74 120.39
C PRO S 63 -9.71 38.71 120.14
N ARG S 64 -8.64 39.18 119.51
CA ARG S 64 -7.43 38.37 119.33
C ARG S 64 -6.40 38.71 120.39
N CYS S 65 -6.79 38.47 121.64
CA CYS S 65 -5.94 38.67 122.80
C CYS S 65 -5.92 37.41 123.64
N ILE S 66 -5.02 37.38 124.62
CA ILE S 66 -4.94 36.24 125.52
C ILE S 66 -4.52 36.70 126.92
N PHE S 67 -5.39 36.48 127.89
CA PHE S 67 -5.14 36.88 129.27
C PHE S 67 -4.57 35.68 130.01
N LEU S 68 -3.27 35.70 130.26
CA LEU S 68 -2.58 34.59 130.91
C LEU S 68 -2.21 34.98 132.33
N ASP S 69 -2.42 34.06 133.26
CA ASP S 69 -2.20 34.34 134.67
C ASP S 69 -2.35 33.06 135.48
N LEU S 70 -1.92 33.12 136.74
CA LEU S 70 -2.00 31.97 137.64
C LEU S 70 -3.04 32.13 138.73
N GLU S 71 -3.28 33.33 139.22
CA GLU S 71 -4.31 33.55 140.21
C GLU S 71 -5.68 33.44 139.55
N PRO S 72 -6.59 32.61 140.06
CA PRO S 72 -7.95 32.59 139.50
C PRO S 72 -8.75 33.83 139.87
N THR S 73 -8.31 34.60 140.86
CA THR S 73 -9.13 35.64 141.47
C THR S 73 -9.41 36.82 140.55
N VAL S 74 -8.68 36.97 139.45
CA VAL S 74 -8.92 38.05 138.51
C VAL S 74 -9.63 37.57 137.26
N VAL S 75 -9.24 36.41 136.75
CA VAL S 75 -9.83 35.93 135.50
C VAL S 75 -11.30 35.57 135.70
N ASP S 76 -11.68 35.17 136.92
CA ASP S 76 -13.08 34.90 137.19
C ASP S 76 -13.90 36.18 137.17
N GLU S 77 -13.32 37.30 137.63
CA GLU S 77 -14.01 38.57 137.55
C GLU S 77 -14.31 38.92 136.10
N VAL S 78 -13.31 38.75 135.22
CA VAL S 78 -13.55 38.94 133.80
C VAL S 78 -14.62 37.96 133.31
N ARG S 79 -14.72 36.80 133.96
CA ARG S 79 -15.77 35.85 133.60
C ARG S 79 -17.12 36.24 134.16
N THR S 80 -17.18 37.12 135.16
CA THR S 80 -18.46 37.63 135.64
C THR S 80 -18.67 39.11 135.35
N GLY S 81 -17.61 39.86 135.06
CA GLY S 81 -17.77 41.25 134.67
C GLY S 81 -18.58 41.38 133.41
N THR S 82 -18.92 42.64 133.09
CA THR S 82 -19.71 42.89 131.89
C THR S 82 -18.99 42.45 130.62
N TYR S 83 -17.67 42.33 130.66
CA TYR S 83 -16.90 41.88 129.50
C TYR S 83 -16.62 40.38 129.62
N ARG S 84 -17.70 39.61 129.71
CA ARG S 84 -17.62 38.16 129.74
C ARG S 84 -18.13 37.51 128.47
N GLN S 85 -19.16 38.09 127.83
CA GLN S 85 -19.58 37.61 126.53
C GLN S 85 -18.55 37.92 125.46
N LEU S 86 -17.58 38.80 125.75
CA LEU S 86 -16.64 39.23 124.74
C LEU S 86 -15.59 38.15 124.46
N PHE S 87 -14.89 37.70 125.49
CA PHE S 87 -13.73 36.84 125.31
C PHE S 87 -14.13 35.42 124.97
N HIS S 88 -13.40 34.83 124.04
CA HIS S 88 -13.47 33.38 123.87
C HIS S 88 -13.03 32.73 125.18
N PRO S 89 -13.81 31.82 125.73
CA PRO S 89 -13.48 31.30 127.08
C PRO S 89 -12.15 30.59 127.15
N GLU S 90 -11.70 29.97 126.05
CA GLU S 90 -10.44 29.24 126.08
C GLU S 90 -9.23 30.17 126.09
N GLN S 91 -9.40 31.42 125.68
CA GLN S 91 -8.28 32.36 125.70
C GLN S 91 -7.91 32.74 127.12
N LEU S 92 -8.90 32.97 127.98
CA LEU S 92 -8.65 33.34 129.36
C LEU S 92 -8.06 32.15 130.10
N ILE S 93 -6.77 32.19 130.37
CA ILE S 93 -6.05 31.08 131.00
C ILE S 93 -5.77 31.47 132.44
N SER S 94 -6.02 30.54 133.36
CA SER S 94 -5.80 30.79 134.78
C SER S 94 -5.51 29.48 135.47
N GLY S 95 -4.44 29.45 136.25
CA GLY S 95 -4.05 28.28 137.00
C GLY S 95 -4.84 28.12 138.28
N LYS S 96 -4.31 27.29 139.17
CA LYS S 96 -4.91 27.07 140.49
C LYS S 96 -4.20 27.89 141.56
N GLU S 97 -2.89 27.74 141.70
CA GLU S 97 -2.09 28.57 142.57
C GLU S 97 -1.43 29.68 141.74
N ASP S 98 -0.55 30.44 142.38
CA ASP S 98 0.23 31.46 141.70
C ASP S 98 1.71 31.30 142.03
N ALA S 99 2.53 32.08 141.33
CA ALA S 99 3.98 32.00 141.51
C ALA S 99 4.43 32.60 142.83
N ALA S 100 3.61 33.44 143.46
CA ALA S 100 3.85 33.92 144.81
C ALA S 100 5.13 34.75 144.91
N ASN S 101 5.22 35.79 144.09
CA ASN S 101 6.31 36.75 144.12
C ASN S 101 7.68 36.06 144.19
N ASN S 102 7.94 35.28 143.14
CA ASN S 102 9.12 34.44 143.10
C ASN S 102 9.43 34.16 141.63
N PHE S 103 10.68 34.40 141.22
CA PHE S 103 11.01 34.18 139.82
C PHE S 103 11.12 32.71 139.49
N ALA S 104 11.55 31.87 140.45
CA ALA S 104 11.71 30.45 140.17
C ALA S 104 10.39 29.80 139.80
N ARG S 105 9.37 29.97 140.63
CA ARG S 105 8.08 29.36 140.37
C ARG S 105 7.54 29.78 139.01
N GLY S 106 7.69 31.06 138.66
CA GLY S 106 7.26 31.52 137.35
C GLY S 106 8.10 31.00 136.22
N HIS S 107 9.30 30.48 136.51
CA HIS S 107 10.23 30.08 135.48
C HIS S 107 10.57 28.61 135.47
N TYR S 108 10.48 27.92 136.61
CA TYR S 108 10.92 26.54 136.69
C TYR S 108 9.81 25.59 137.11
N THR S 109 9.06 25.91 138.15
CA THR S 109 8.12 24.94 138.72
C THR S 109 6.77 24.96 138.00
N ILE S 110 6.08 26.10 138.02
CA ILE S 110 4.71 26.16 137.52
C ILE S 110 4.65 26.59 136.07
N GLY S 111 5.48 27.54 135.67
CA GLY S 111 5.42 28.03 134.30
C GLY S 111 5.64 26.95 133.27
N LYS S 112 6.44 25.94 133.61
CA LYS S 112 6.83 24.92 132.64
C LYS S 112 5.66 24.05 132.20
N GLU S 113 4.59 23.97 132.99
CA GLU S 113 3.52 23.04 132.70
C GLU S 113 2.30 23.70 132.07
N ILE S 114 2.35 25.00 131.79
CA ILE S 114 1.23 25.68 131.16
C ILE S 114 1.61 26.39 129.87
N VAL S 115 2.90 26.59 129.59
CA VAL S 115 3.30 27.32 128.39
C VAL S 115 2.77 26.62 127.14
N ASP S 116 2.94 25.31 127.06
CA ASP S 116 2.47 24.60 125.87
C ASP S 116 0.97 24.73 125.71
N LEU S 117 0.23 24.90 126.81
CA LEU S 117 -1.19 25.20 126.69
C LEU S 117 -1.40 26.57 126.08
N ALA S 118 -0.61 27.55 126.52
CA ALA S 118 -0.68 28.88 125.92
C ALA S 118 -0.22 28.85 124.46
N LEU S 119 0.88 28.13 124.20
CA LEU S 119 1.39 28.08 122.83
C LEU S 119 0.37 27.51 121.87
N ASP S 120 -0.40 26.52 122.30
CA ASP S 120 -1.49 26.01 121.46
C ASP S 120 -2.48 27.12 121.14
N ARG S 121 -2.86 27.91 122.16
CA ARG S 121 -3.73 29.05 121.93
C ARG S 121 -3.07 30.05 120.99
N ILE S 122 -1.79 30.38 121.25
CA ILE S 122 -1.11 31.36 120.42
C ILE S 122 -0.98 30.84 118.99
N ARG S 123 -0.61 29.57 118.84
CA ARG S 123 -0.60 28.95 117.52
C ARG S 123 -1.95 29.10 116.83
N LYS S 124 -3.03 28.71 117.51
CA LYS S 124 -4.36 28.89 116.96
C LYS S 124 -4.75 30.35 116.80
N LEU S 125 -3.96 31.26 117.38
CA LEU S 125 -4.26 32.68 117.30
C LEU S 125 -3.46 33.39 116.21
N ALA S 126 -2.43 32.74 115.67
CA ALA S 126 -1.66 33.33 114.59
C ALA S 126 -2.13 32.89 113.22
N ASP S 127 -2.83 31.76 113.12
CA ASP S 127 -3.18 31.23 111.81
C ASP S 127 -4.31 32.02 111.16
N ASN S 128 -5.27 32.51 111.93
CA ASN S 128 -6.32 33.31 111.32
C ASN S 128 -5.80 34.65 110.81
N CYS S 129 -4.56 35.01 111.12
CA CYS S 129 -3.99 36.26 110.68
C CYS S 129 -3.49 36.15 109.24
N THR S 130 -3.98 37.05 108.39
CA THR S 130 -3.48 37.12 107.01
C THR S 130 -2.16 37.89 106.95
N GLY S 131 -2.10 39.02 107.64
CA GLY S 131 -0.86 39.77 107.76
C GLY S 131 -0.60 40.13 109.20
N LEU S 132 0.46 39.58 109.79
CA LEU S 132 0.77 39.78 111.19
C LEU S 132 1.89 40.79 111.31
N GLN S 133 1.69 41.80 112.17
CA GLN S 133 2.68 42.83 112.38
C GLN S 133 3.67 42.46 113.47
N GLY S 134 3.16 42.04 114.63
CA GLY S 134 4.04 41.62 115.70
C GLY S 134 3.31 41.46 117.03
N PHE S 135 3.88 40.66 117.93
CA PHE S 135 3.27 40.45 119.23
C PHE S 135 3.41 41.68 120.10
N LEU S 136 2.47 41.83 121.03
CA LEU S 136 2.43 42.97 121.95
C LEU S 136 2.30 42.43 123.36
N VAL S 137 3.37 42.50 124.13
CA VAL S 137 3.44 41.89 125.46
C VAL S 137 3.21 42.95 126.53
N PHE S 138 2.21 42.72 127.37
CA PHE S 138 1.96 43.54 128.54
C PHE S 138 2.42 42.74 129.75
N ASN S 139 3.51 43.18 130.37
CA ASN S 139 4.15 42.42 131.43
C ASN S 139 4.10 43.18 132.74
N ALA S 140 4.39 42.46 133.83
CA ALA S 140 4.45 43.03 135.17
C ALA S 140 5.75 42.55 135.81
N VAL S 141 6.83 43.29 135.58
CA VAL S 141 8.13 42.91 136.14
C VAL S 141 8.13 43.23 137.63
N GLY S 142 8.48 42.24 138.45
CA GLY S 142 8.50 42.44 139.88
C GLY S 142 7.81 41.32 140.64
N GLY S 143 6.79 40.74 140.03
CA GLY S 143 6.06 39.64 140.65
C GLY S 143 6.62 38.29 140.25
N GLY S 144 5.81 37.26 140.46
CA GLY S 144 6.23 35.92 140.11
C GLY S 144 5.80 35.51 138.72
N THR S 145 4.51 35.69 138.41
CA THR S 145 3.99 35.27 137.12
C THR S 145 4.56 36.14 136.01
N GLY S 146 4.37 37.45 136.11
CA GLY S 146 4.83 38.33 135.05
C GLY S 146 6.32 38.24 134.79
N SER S 147 7.11 38.13 135.85
CA SER S 147 8.55 38.07 135.66
C SER S 147 9.00 36.69 135.23
N GLY S 148 8.39 35.64 135.76
CA GLY S 148 8.78 34.29 135.42
C GLY S 148 8.13 33.76 134.17
N LEU S 149 6.80 33.73 134.14
CA LEU S 149 6.09 33.23 132.96
C LEU S 149 6.43 34.04 131.73
N GLY S 150 6.34 35.37 131.82
CA GLY S 150 6.65 36.22 130.68
C GLY S 150 8.00 35.91 130.09
N SER S 151 9.02 35.81 130.96
CA SER S 151 10.35 35.43 130.50
C SER S 151 10.34 34.04 129.87
N LEU S 152 9.58 33.11 130.43
CA LEU S 152 9.53 31.77 129.87
C LEU S 152 8.77 31.74 128.55
N LEU S 153 7.72 32.56 128.43
CA LEU S 153 6.98 32.65 127.18
C LEU S 153 7.87 33.18 126.07
N LEU S 154 8.65 34.22 126.35
CA LEU S 154 9.39 34.90 125.30
C LEU S 154 10.39 33.97 124.62
N GLU S 155 11.14 33.19 125.41
CA GLU S 155 12.09 32.26 124.81
C GLU S 155 11.37 31.19 123.99
N ARG S 156 10.20 30.74 124.47
CA ARG S 156 9.40 29.82 123.67
C ARG S 156 8.86 30.51 122.42
N LEU S 157 8.70 31.84 122.47
CA LEU S 157 8.29 32.56 121.27
C LEU S 157 9.45 32.74 120.31
N SER S 158 10.63 33.10 120.83
CA SER S 158 11.77 33.39 119.96
C SER S 158 12.19 32.17 119.16
N VAL S 159 12.06 30.97 119.72
CA VAL S 159 12.41 29.78 118.96
C VAL S 159 11.31 29.41 117.97
N ASP S 160 10.09 29.90 118.16
CA ASP S 160 9.02 29.61 117.22
C ASP S 160 8.93 30.66 116.11
N TYR S 161 9.23 31.91 116.41
CA TYR S 161 9.06 32.98 115.44
C TYR S 161 10.37 33.68 115.10
N GLY S 162 11.12 34.14 116.10
CA GLY S 162 12.45 34.66 115.84
C GLY S 162 12.48 36.01 115.17
N LYS S 163 12.03 36.06 113.92
CA LYS S 163 12.08 37.31 113.16
C LYS S 163 11.03 38.30 113.64
N LYS S 164 9.87 37.81 114.07
CA LYS S 164 8.73 38.68 114.34
C LYS S 164 9.05 39.68 115.44
N SER S 165 8.25 40.74 115.50
CA SER S 165 8.48 41.86 116.40
C SER S 165 7.70 41.65 117.69
N LYS S 166 8.41 41.64 118.81
CA LYS S 166 7.81 41.48 120.14
C LYS S 166 8.07 42.76 120.94
N LEU S 167 7.05 43.59 121.08
CA LEU S 167 7.14 44.77 121.93
C LEU S 167 6.83 44.40 123.37
N GLY S 168 7.41 45.16 124.29
CA GLY S 168 7.16 44.92 125.69
C GLY S 168 6.79 46.17 126.45
N PHE S 169 5.52 46.27 126.86
CA PHE S 169 5.07 47.38 127.66
C PHE S 169 5.08 46.97 129.13
N THR S 170 6.29 46.77 129.63
CA THR S 170 6.53 46.14 130.91
C THR S 170 6.59 47.20 132.00
N VAL S 171 5.57 47.22 132.87
CA VAL S 171 5.65 48.04 134.06
C VAL S 171 6.83 47.59 134.90
N TYR S 172 7.47 48.54 135.57
CA TYR S 172 8.77 48.34 136.20
C TYR S 172 8.71 48.79 137.65
N PRO S 173 9.56 48.23 138.52
CA PRO S 173 9.58 48.67 139.92
C PRO S 173 10.00 50.12 140.05
N SER S 174 9.18 50.89 140.77
CA SER S 174 9.49 52.29 141.03
C SER S 174 10.58 52.41 142.09
N PRO S 175 11.38 53.48 142.04
CA PRO S 175 12.43 53.65 143.06
C PRO S 175 11.90 53.74 144.47
N GLN S 176 10.95 54.64 144.73
CA GLN S 176 10.47 54.87 146.09
C GLN S 176 9.23 54.05 146.41
N VAL S 177 8.14 54.27 145.68
CA VAL S 177 6.91 53.53 145.91
C VAL S 177 7.13 52.08 145.52
N SER S 178 7.04 51.17 146.50
CA SER S 178 7.30 49.77 146.24
C SER S 178 6.35 48.91 147.08
N THR S 179 5.61 48.02 146.41
CA THR S 179 4.70 47.10 147.06
C THR S 179 5.28 45.70 147.15
N ALA S 180 6.59 45.58 147.34
CA ALA S 180 7.24 44.28 147.44
C ALA S 180 8.58 44.48 148.15
N VAL S 181 9.22 43.36 148.46
CA VAL S 181 10.52 43.38 149.13
C VAL S 181 11.53 42.62 148.29
N VAL S 182 11.05 41.67 147.49
CA VAL S 182 11.89 40.79 146.71
C VAL S 182 11.85 41.14 145.23
N GLU S 183 11.24 42.27 144.87
CA GLU S 183 11.19 42.69 143.47
C GLU S 183 12.57 43.02 142.88
N PRO S 184 13.57 43.44 143.65
CA PRO S 184 14.91 43.58 143.05
C PRO S 184 15.44 42.29 142.46
N TYR S 185 15.08 41.14 143.03
CA TYR S 185 15.57 39.87 142.52
C TYR S 185 14.91 39.50 141.21
N ASN S 186 13.59 39.34 141.22
CA ASN S 186 12.90 38.90 140.01
C ASN S 186 12.88 39.96 138.92
N SER S 187 13.31 41.19 139.21
CA SER S 187 13.49 42.19 138.16
C SER S 187 14.78 41.94 137.39
N VAL S 188 15.89 41.77 138.13
CA VAL S 188 17.17 41.47 137.50
C VAL S 188 17.06 40.23 136.63
N LEU S 189 16.56 39.13 137.22
CA LEU S 189 16.40 37.89 136.46
C LEU S 189 15.51 38.09 135.24
N SER S 190 14.50 38.95 135.35
CA SER S 190 13.64 39.22 134.21
C SER S 190 14.43 39.85 133.07
N THR S 191 15.17 40.92 133.36
CA THR S 191 15.91 41.62 132.32
C THR S 191 16.86 40.68 131.58
N HIS S 192 17.79 40.08 132.33
CA HIS S 192 18.76 39.19 131.72
C HIS S 192 18.10 38.12 130.86
N SER S 193 16.85 37.77 131.18
CA SER S 193 16.10 36.80 130.42
C SER S 193 15.40 37.41 129.21
N LEU S 194 14.75 38.57 129.38
CA LEU S 194 14.11 39.22 128.24
C LEU S 194 15.10 39.94 127.35
N LEU S 195 16.27 40.31 127.89
CA LEU S 195 17.22 41.14 127.18
C LEU S 195 17.47 40.64 125.75
N GLU S 196 17.87 39.39 125.61
CA GLU S 196 18.18 38.83 124.31
C GLU S 196 16.96 38.35 123.55
N HIS S 197 15.76 38.52 124.08
CA HIS S 197 14.57 37.98 123.45
C HIS S 197 13.58 39.02 122.98
N THR S 198 13.34 40.07 123.77
CA THR S 198 12.45 41.13 123.31
C THR S 198 13.15 42.00 122.28
N ASP S 199 12.36 42.58 121.39
CA ASP S 199 12.91 43.46 120.36
C ASP S 199 12.96 44.90 120.83
N VAL S 200 11.86 45.40 121.41
CA VAL S 200 11.82 46.72 122.01
C VAL S 200 11.07 46.63 123.32
N ALA S 201 11.62 47.25 124.36
CA ALA S 201 11.05 47.17 125.70
C ALA S 201 10.80 48.57 126.22
N VAL S 202 9.54 48.94 126.34
CA VAL S 202 9.16 50.21 126.92
C VAL S 202 9.14 50.05 128.44
N MET S 203 9.55 51.09 129.15
CA MET S 203 9.54 51.10 130.61
C MET S 203 8.55 52.13 131.10
N LEU S 204 8.03 51.91 132.31
CA LEU S 204 7.13 52.85 132.95
C LEU S 204 6.87 52.39 134.37
N ASP S 205 6.87 53.34 135.30
CA ASP S 205 6.72 53.05 136.73
C ASP S 205 5.42 53.63 137.25
N ASN S 206 4.89 53.02 138.31
CA ASN S 206 3.62 53.46 138.85
C ASN S 206 3.72 54.85 139.46
N GLU S 207 4.84 55.15 140.13
CA GLU S 207 4.99 56.44 140.79
C GLU S 207 5.01 57.58 139.78
N ALA S 208 5.80 57.44 138.72
CA ALA S 208 5.86 58.47 137.69
C ALA S 208 4.48 58.78 137.13
N ILE S 209 3.60 57.79 137.09
CA ILE S 209 2.23 58.04 136.63
C ILE S 209 1.36 58.60 137.75
N TYR S 210 1.79 58.48 139.00
CA TYR S 210 1.03 59.06 140.09
C TYR S 210 1.13 60.59 140.08
N ASP S 211 2.34 61.12 139.89
CA ASP S 211 2.50 62.57 139.84
C ASP S 211 1.72 63.17 138.68
N ILE S 212 1.71 62.47 137.54
CA ILE S 212 0.87 62.86 136.42
C ILE S 212 -0.57 63.02 136.86
N CYS S 213 -1.08 62.07 137.65
CA CYS S 213 -2.42 62.20 138.18
C CYS S 213 -2.55 63.38 139.13
N ARG S 214 -1.46 63.73 139.81
CA ARG S 214 -1.51 64.82 140.79
C ARG S 214 -1.48 66.17 140.10
N ARG S 215 -0.43 66.46 139.33
CA ARG S 215 -0.32 67.75 138.65
C ARG S 215 -1.45 67.96 137.66
N SER S 216 -1.51 67.11 136.64
CA SER S 216 -2.32 67.41 135.46
C SER S 216 -3.79 67.09 135.68
N LEU S 217 -4.12 65.81 135.92
CA LEU S 217 -5.51 65.42 136.02
C LEU S 217 -6.15 65.87 137.32
N ASP S 218 -5.35 66.27 138.30
CA ASP S 218 -5.85 66.81 139.57
C ASP S 218 -6.83 65.85 140.24
N ILE S 219 -6.55 64.56 140.12
CA ILE S 219 -7.36 63.52 140.74
C ILE S 219 -6.62 63.07 141.99
N GLU S 220 -7.16 63.43 143.15
CA GLU S 220 -6.47 63.20 144.43
C GLU S 220 -6.76 61.83 145.02
N ARG S 221 -7.65 61.05 144.40
CA ARG S 221 -7.95 59.69 144.84
C ARG S 221 -7.55 58.74 143.72
N PRO S 222 -6.25 58.60 143.43
CA PRO S 222 -5.83 57.78 142.31
C PRO S 222 -5.88 56.30 142.65
N THR S 223 -6.07 55.50 141.61
CA THR S 223 -6.21 54.06 141.75
C THR S 223 -5.72 53.44 140.46
N TYR S 224 -5.38 52.15 140.54
CA TYR S 224 -4.89 51.44 139.36
C TYR S 224 -5.84 51.58 138.18
N THR S 225 -7.14 51.61 138.45
CA THR S 225 -8.11 51.87 137.38
C THR S 225 -8.03 53.30 136.86
N ASN S 226 -7.14 54.13 137.39
CA ASN S 226 -6.83 55.41 136.77
C ASN S 226 -5.54 55.36 135.97
N LEU S 227 -4.58 54.55 136.39
CA LEU S 227 -3.34 54.41 135.63
C LEU S 227 -3.57 53.58 134.37
N ASN S 228 -4.25 52.45 134.52
CA ASN S 228 -4.50 51.61 133.37
C ASN S 228 -5.25 52.37 132.28
N ARG S 229 -6.10 53.32 132.67
CA ARG S 229 -6.78 54.16 131.69
C ARG S 229 -5.82 55.06 130.94
N LEU S 230 -4.63 55.32 131.50
CA LEU S 230 -3.66 56.16 130.81
C LEU S 230 -2.86 55.35 129.80
N ILE S 231 -2.59 54.08 130.11
CA ILE S 231 -1.80 53.26 129.20
C ILE S 231 -2.58 52.95 127.94
N ALA S 232 -3.85 52.60 128.08
CA ALA S 232 -4.68 52.36 126.90
C ALA S 232 -4.68 53.56 125.98
N GLN S 233 -4.59 54.78 126.53
CA GLN S 233 -4.52 55.96 125.69
C GLN S 233 -3.20 56.02 124.92
N VAL S 234 -2.16 55.34 125.41
CA VAL S 234 -0.90 55.30 124.68
C VAL S 234 -1.04 54.40 123.45
N ILE S 235 -1.42 53.14 123.66
CA ILE S 235 -1.46 52.18 122.55
C ILE S 235 -2.46 52.62 121.50
N SER S 236 -3.63 53.12 121.93
CA SER S 236 -4.59 53.63 120.96
C SER S 236 -3.97 54.75 120.13
N SER S 237 -3.15 55.58 120.75
CA SER S 237 -2.40 56.60 120.05
C SER S 237 -1.23 56.00 119.27
N LEU S 238 -0.80 54.80 119.62
CA LEU S 238 0.32 54.17 118.95
C LEU S 238 -0.10 53.30 117.78
N THR S 239 -1.30 52.73 117.84
CA THR S 239 -1.77 51.81 116.80
C THR S 239 -2.91 52.40 115.97
N ALA S 240 -3.02 53.73 115.93
CA ALA S 240 -4.01 54.32 115.04
C ALA S 240 -3.61 54.09 113.59
N SER S 241 -2.31 54.16 113.30
CA SER S 241 -1.82 53.94 111.95
C SER S 241 -2.10 52.53 111.44
N LEU S 242 -2.33 51.57 112.34
CA LEU S 242 -2.66 50.23 111.93
C LEU S 242 -4.10 50.11 111.44
N ARG S 243 -4.96 51.04 111.84
CA ARG S 243 -6.38 50.93 111.59
C ARG S 243 -7.02 52.20 111.05
N PHE S 244 -6.45 53.37 111.27
CA PHE S 244 -7.05 54.63 110.86
C PHE S 244 -6.21 55.27 109.77
N ASP S 245 -6.89 55.95 108.84
CA ASP S 245 -6.20 56.71 107.81
C ASP S 245 -5.44 57.86 108.45
N GLY S 246 -4.65 58.57 107.65
CA GLY S 246 -3.89 59.68 108.18
C GLY S 246 -2.51 59.78 107.56
N ALA S 247 -2.02 61.00 107.39
CA ALA S 247 -0.71 61.21 106.80
C ALA S 247 0.38 60.52 107.64
N LEU S 248 1.43 60.08 106.96
CA LEU S 248 2.57 59.44 107.59
C LEU S 248 2.16 58.19 108.37
N ASN S 249 1.45 57.29 107.68
CA ASN S 249 1.13 55.98 108.24
C ASN S 249 2.42 55.29 108.68
N VAL S 250 2.38 54.63 109.84
CA VAL S 250 3.56 53.99 110.40
C VAL S 250 3.16 52.69 111.08
N ASP S 251 3.75 51.58 110.63
CA ASP S 251 3.50 50.27 111.22
C ASP S 251 4.58 49.95 112.23
N ILE S 252 4.49 48.75 112.82
CA ILE S 252 5.39 48.38 113.91
C ILE S 252 6.77 48.02 113.38
N THR S 253 6.85 47.48 112.17
CA THR S 253 8.16 47.11 111.63
C THR S 253 9.07 48.34 111.50
N GLU S 254 8.50 49.46 111.03
CA GLU S 254 9.25 50.71 110.94
C GLU S 254 9.57 51.30 112.30
N PHE S 255 9.15 50.65 113.39
CA PHE S 255 9.24 51.25 114.71
C PHE S 255 10.53 50.86 115.43
N GLN S 256 10.91 49.58 115.35
CA GLN S 256 12.13 49.13 116.01
C GLN S 256 13.37 49.44 115.20
N THR S 257 13.25 49.48 113.88
CA THR S 257 14.42 49.62 113.02
C THR S 257 15.15 50.93 113.29
N ASN S 258 14.44 52.05 113.16
CA ASN S 258 15.04 53.37 113.34
C ASN S 258 15.02 53.82 114.80
N LEU S 259 15.02 52.88 115.73
CA LEU S 259 14.94 53.20 117.15
C LEU S 259 15.95 52.47 118.02
N VAL S 260 16.46 51.33 117.60
CA VAL S 260 17.33 50.50 118.44
C VAL S 260 18.72 50.45 117.84
N PRO S 261 19.66 51.28 118.32
CA PRO S 261 20.99 51.30 117.70
C PRO S 261 21.72 49.97 117.76
N TYR S 262 21.86 49.39 118.94
CA TYR S 262 22.56 48.12 119.13
C TYR S 262 21.60 47.07 119.64
N PRO S 263 21.90 45.78 119.42
CA PRO S 263 20.96 44.72 119.83
C PRO S 263 20.70 44.68 121.33
N ARG S 264 21.38 45.51 122.12
CA ARG S 264 21.16 45.56 123.56
C ARG S 264 20.24 46.71 123.95
N ILE S 265 20.57 47.93 123.52
CA ILE S 265 19.87 49.12 123.99
C ILE S 265 18.48 49.16 123.38
N HIS S 266 17.49 48.65 124.10
CA HIS S 266 16.11 48.74 123.65
C HIS S 266 15.16 49.08 124.79
N PHE S 267 15.64 49.77 125.82
CA PHE S 267 14.80 50.24 126.91
C PHE S 267 14.52 51.71 126.69
N MET S 268 13.25 52.08 126.68
CA MET S 268 12.85 53.39 126.22
C MET S 268 11.85 54.02 127.18
N LEU S 269 11.66 55.32 127.00
CA LEU S 269 10.75 56.11 127.81
C LEU S 269 9.48 56.37 127.03
N SER S 270 8.53 57.04 127.66
CA SER S 270 7.26 57.35 127.01
C SER S 270 6.69 58.62 127.62
N SER S 271 5.83 59.28 126.86
CA SER S 271 5.17 60.49 127.32
C SER S 271 3.89 60.68 126.54
N TYR S 272 3.03 61.54 127.07
CA TYR S 272 1.77 61.84 126.40
C TYR S 272 1.41 63.28 126.69
N ALA S 273 0.77 63.92 125.72
CA ALA S 273 0.33 65.30 125.86
C ALA S 273 -0.72 65.58 124.80
N PRO S 274 -1.82 66.25 125.15
CA PRO S 274 -2.05 66.83 126.48
C PRO S 274 -2.64 65.85 127.46
N ILE S 275 -2.57 66.20 128.74
CA ILE S 275 -3.19 65.44 129.83
C ILE S 275 -3.78 66.46 130.80
N ILE S 276 -5.10 66.65 130.74
CA ILE S 276 -5.77 67.79 131.35
C ILE S 276 -7.12 67.32 131.86
N SER S 277 -7.73 68.13 132.75
CA SER S 277 -9.08 67.90 133.21
C SER S 277 -10.08 68.43 132.20
N ALA S 278 -11.37 68.27 132.51
CA ALA S 278 -12.40 68.67 131.56
C ALA S 278 -12.55 70.18 131.49
N GLU S 279 -12.09 70.90 132.53
CA GLU S 279 -12.35 72.34 132.60
C GLU S 279 -11.23 73.17 131.98
N LYS S 280 -9.96 72.78 132.21
CA LYS S 280 -8.86 73.53 131.61
C LYS S 280 -8.82 73.37 130.11
N ALA S 281 -9.46 72.33 129.56
CA ALA S 281 -9.66 72.25 128.12
C ALA S 281 -10.33 73.51 127.58
N TYR S 282 -11.12 74.19 128.43
CA TYR S 282 -11.70 75.46 128.08
C TYR S 282 -10.82 76.63 128.51
N HIS S 283 -9.83 76.39 129.37
CA HIS S 283 -8.77 77.37 129.66
C HIS S 283 -7.53 77.11 128.80
N GLU S 284 -7.68 76.91 127.50
CA GLU S 284 -6.56 76.44 126.71
C GLU S 284 -6.92 76.46 125.23
N GLN S 285 -5.89 76.54 124.39
CA GLN S 285 -6.04 76.48 122.94
C GLN S 285 -5.30 75.32 122.28
N LEU S 286 -4.33 74.70 122.95
CA LEU S 286 -3.78 73.40 122.58
C LEU S 286 -3.19 73.40 121.16
N SER S 287 -2.13 74.19 120.99
CA SER S 287 -1.45 74.20 119.71
C SER S 287 -0.48 73.03 119.60
N VAL S 288 -0.11 72.70 118.37
CA VAL S 288 0.80 71.58 118.14
C VAL S 288 2.18 71.90 118.71
N ALA S 289 2.52 73.17 118.83
CA ALA S 289 3.85 73.54 119.30
C ALA S 289 3.98 73.33 120.79
N GLU S 290 3.03 73.85 121.57
CA GLU S 290 3.13 73.72 123.02
C GLU S 290 2.97 72.27 123.47
N ILE S 291 2.33 71.42 122.66
CA ILE S 291 2.20 70.02 123.02
C ILE S 291 3.56 69.34 122.95
N THR S 292 4.20 69.38 121.78
CA THR S 292 5.49 68.72 121.62
C THR S 292 6.54 69.29 122.55
N ASN S 293 6.38 70.53 122.99
CA ASN S 293 7.23 71.05 124.06
C ASN S 293 6.97 70.29 125.35
N ALA S 294 5.70 70.18 125.74
CA ALA S 294 5.36 69.44 126.94
C ALA S 294 5.59 67.94 126.78
N ALA S 295 5.74 67.45 125.54
CA ALA S 295 6.07 66.05 125.35
C ALA S 295 7.50 65.76 125.78
N PHE S 296 8.43 66.64 125.41
CA PHE S 296 9.81 66.53 125.86
C PHE S 296 10.00 66.99 127.29
N GLU S 297 8.96 67.47 127.94
CA GLU S 297 9.05 67.91 129.32
C GLU S 297 9.32 66.71 130.22
N PRO S 298 10.38 66.72 131.02
CA PRO S 298 10.63 65.58 131.92
C PRO S 298 9.49 65.29 132.87
N ALA S 299 8.71 66.30 133.25
CA ALA S 299 7.58 66.07 134.14
C ALA S 299 6.50 65.21 133.49
N SER S 300 6.43 65.19 132.16
CA SER S 300 5.45 64.37 131.46
C SER S 300 5.96 62.98 131.13
N MET S 301 7.09 62.58 131.70
CA MET S 301 7.63 61.26 131.46
C MET S 301 6.89 60.21 132.28
N MET S 302 6.64 59.06 131.66
CA MET S 302 6.00 57.95 132.35
C MET S 302 6.98 57.14 133.18
N VAL S 303 8.24 57.55 133.26
CA VAL S 303 9.26 56.86 134.03
C VAL S 303 9.91 57.88 134.97
N LYS S 304 10.34 57.40 136.14
CA LYS S 304 11.05 58.26 137.09
C LYS S 304 12.53 58.34 136.76
N CYS S 305 12.82 58.70 135.50
CA CYS S 305 14.17 58.97 135.06
C CYS S 305 14.27 60.43 134.64
N ASP S 306 15.50 60.92 134.55
CA ASP S 306 15.72 62.31 134.18
C ASP S 306 16.46 62.38 132.87
N PRO S 307 15.81 62.79 131.77
CA PRO S 307 16.52 62.84 130.49
C PRO S 307 17.54 63.96 130.42
N ARG S 308 17.44 64.98 131.28
CA ARG S 308 18.37 66.08 131.30
C ARG S 308 19.69 65.72 131.97
N HIS S 309 19.93 64.43 132.21
CA HIS S 309 21.22 63.94 132.65
C HIS S 309 21.92 63.11 131.59
N GLY S 310 21.30 62.93 130.42
CA GLY S 310 21.91 62.18 129.36
C GLY S 310 21.56 62.74 127.99
N LYS S 311 21.71 61.92 126.95
CA LYS S 311 21.49 62.35 125.58
C LYS S 311 20.50 61.41 124.93
N TYR S 312 19.90 61.87 123.84
CA TYR S 312 18.85 61.13 123.15
C TYR S 312 19.48 60.37 121.99
N MET S 313 19.39 59.05 122.04
CA MET S 313 19.89 58.24 120.93
C MET S 313 18.90 58.16 119.78
N ALA S 314 17.62 58.41 120.04
CA ALA S 314 16.57 58.43 119.03
C ALA S 314 15.30 58.91 119.69
N CYS S 315 14.33 59.32 118.86
CA CYS S 315 13.02 59.71 119.34
C CYS S 315 11.98 59.30 118.33
N CYS S 316 10.77 59.05 118.83
CA CYS S 316 9.61 58.79 117.98
C CYS S 316 8.45 59.63 118.45
N LEU S 317 7.60 60.00 117.51
CA LEU S 317 6.48 60.89 117.77
C LEU S 317 5.27 60.39 116.99
N MET S 318 4.17 60.17 117.70
CA MET S 318 2.89 59.82 117.07
C MET S 318 1.90 60.91 117.42
N TYR S 319 1.44 61.63 116.42
CA TYR S 319 0.50 62.71 116.66
C TYR S 319 -0.91 62.23 116.36
N ARG S 320 -1.89 63.08 116.70
CA ARG S 320 -3.27 62.65 116.58
C ARG S 320 -4.16 63.88 116.55
N GLY S 321 -5.19 63.82 115.73
CA GLY S 321 -6.16 64.90 115.66
C GLY S 321 -5.88 65.88 114.55
N ASP S 322 -6.26 67.14 114.75
CA ASP S 322 -6.09 68.17 113.74
C ASP S 322 -4.65 68.65 113.80
N VAL S 323 -3.77 67.93 113.10
CA VAL S 323 -2.36 68.27 113.03
C VAL S 323 -1.94 68.31 111.57
N VAL S 324 -1.07 69.26 111.24
CA VAL S 324 -0.58 69.47 109.88
C VAL S 324 0.90 69.13 109.88
N PRO S 325 1.45 68.54 108.82
CA PRO S 325 2.86 68.14 108.86
C PRO S 325 3.82 69.32 108.92
N LYS S 326 3.44 70.50 108.44
CA LYS S 326 4.36 71.63 108.48
C LYS S 326 4.71 72.02 109.91
N ASP S 327 3.71 72.12 110.78
CA ASP S 327 3.97 72.54 112.15
C ASP S 327 4.82 71.52 112.89
N VAL S 328 4.63 70.24 112.59
CA VAL S 328 5.52 69.21 113.13
C VAL S 328 6.96 69.57 112.85
N ASN S 329 7.31 69.67 111.57
CA ASN S 329 8.68 70.01 111.18
C ASN S 329 9.05 71.43 111.60
N ALA S 330 8.06 72.26 111.94
CA ALA S 330 8.37 73.59 112.43
C ALA S 330 8.73 73.57 113.91
N SER S 331 8.01 72.78 114.71
CA SER S 331 8.24 72.78 116.16
C SER S 331 9.47 71.97 116.53
N VAL S 332 9.59 70.77 115.94
CA VAL S 332 10.79 69.97 116.17
C VAL S 332 12.04 70.76 115.84
N ALA S 333 11.99 71.55 114.77
CA ALA S 333 13.08 72.45 114.45
C ALA S 333 13.42 73.35 115.62
N THR S 334 12.40 73.91 116.28
CA THR S 334 12.65 74.78 117.42
C THR S 334 13.27 74.01 118.58
N ILE S 335 12.82 72.78 118.82
CA ILE S 335 13.38 71.99 119.90
C ILE S 335 14.84 71.68 119.63
N LYS S 336 15.17 71.36 118.38
CA LYS S 336 16.57 71.15 118.03
C LYS S 336 17.38 72.43 118.15
N THR S 337 16.73 73.59 118.18
CA THR S 337 17.45 74.83 118.47
C THR S 337 17.64 75.05 119.97
N LYS S 338 16.75 74.49 120.79
CA LYS S 338 16.93 74.54 122.23
C LYS S 338 18.19 73.78 122.63
N ARG S 339 18.72 74.12 123.80
CA ARG S 339 19.98 73.55 124.27
C ARG S 339 19.84 72.68 125.50
N THR S 340 18.70 72.75 126.21
CA THR S 340 18.48 71.82 127.31
C THR S 340 18.47 70.38 126.82
N ILE S 341 18.06 70.16 125.58
CA ILE S 341 17.96 68.82 124.99
C ILE S 341 19.24 68.54 124.24
N GLN S 342 19.83 67.36 124.48
CA GLN S 342 21.07 66.96 123.86
C GLN S 342 20.87 65.73 123.00
N PHE S 343 21.82 65.50 122.10
CA PHE S 343 21.80 64.34 121.22
C PHE S 343 23.21 63.84 121.06
N VAL S 344 23.39 62.53 121.23
CA VAL S 344 24.70 61.93 121.00
C VAL S 344 25.09 62.13 119.53
N ASP S 345 26.39 62.35 119.30
CA ASP S 345 26.84 62.91 118.03
C ASP S 345 26.45 62.04 116.85
N TRP S 346 26.50 60.72 117.00
CA TRP S 346 26.38 59.85 115.85
C TRP S 346 24.94 59.64 115.40
N CYS S 347 24.02 60.51 115.78
CA CYS S 347 22.66 60.50 115.24
C CYS S 347 22.20 61.93 114.98
N PRO S 348 22.68 62.54 113.89
CA PRO S 348 22.15 63.85 113.49
C PRO S 348 20.67 63.79 113.16
N THR S 349 20.17 62.64 112.77
CA THR S 349 18.74 62.37 112.62
C THR S 349 18.14 62.12 113.99
N GLY S 350 16.97 61.47 114.05
CA GLY S 350 16.45 61.12 115.36
C GLY S 350 14.98 61.40 115.62
N PHE S 351 14.18 61.62 114.59
CA PHE S 351 12.78 61.91 114.81
C PHE S 351 11.91 61.19 113.77
N LYS S 352 11.40 60.02 114.15
CA LYS S 352 10.31 59.41 113.41
C LYS S 352 9.00 60.07 113.81
N CYS S 353 8.18 60.42 112.83
CA CYS S 353 6.96 61.16 113.09
C CYS S 353 5.76 60.41 112.52
N GLY S 354 4.59 60.72 113.05
CA GLY S 354 3.36 60.09 112.61
C GLY S 354 2.18 60.99 112.85
N ILE S 355 1.20 60.90 111.95
CA ILE S 355 0.00 61.72 112.01
C ILE S 355 -1.20 60.79 111.89
N ASN S 356 -2.35 61.25 112.40
CA ASN S 356 -3.59 60.51 112.25
C ASN S 356 -4.76 61.46 112.21
N TYR S 357 -5.64 61.27 111.24
CA TYR S 357 -6.84 62.08 111.12
C TYR S 357 -7.96 61.60 112.05
N GLN S 358 -7.63 60.79 113.05
CA GLN S 358 -8.62 60.30 114.01
C GLN S 358 -8.20 60.73 115.40
N PRO S 359 -8.84 61.72 116.01
CA PRO S 359 -8.40 62.21 117.31
C PRO S 359 -8.57 61.14 118.38
N PRO S 360 -7.90 61.28 119.51
CA PRO S 360 -8.08 60.30 120.60
C PRO S 360 -9.51 60.30 121.10
N THR S 361 -9.96 59.13 121.54
CA THR S 361 -11.32 58.95 121.99
C THR S 361 -11.39 59.03 123.51
N VAL S 362 -12.53 59.47 124.01
CA VAL S 362 -12.77 59.62 125.44
C VAL S 362 -13.75 58.55 125.88
N VAL S 363 -13.60 58.10 127.13
CA VAL S 363 -14.43 57.02 127.66
C VAL S 363 -15.47 57.58 128.61
N PRO S 364 -16.72 57.15 128.54
CA PRO S 364 -17.73 57.58 129.52
C PRO S 364 -17.31 57.19 130.92
N GLY S 365 -17.32 58.18 131.82
CA GLY S 365 -16.83 57.97 133.17
C GLY S 365 -15.34 58.09 133.31
N GLY S 366 -14.62 58.34 132.23
CA GLY S 366 -13.18 58.53 132.31
C GLY S 366 -12.82 59.84 132.95
N ASP S 367 -11.54 60.21 132.81
CA ASP S 367 -11.04 61.42 133.43
C ASP S 367 -10.46 62.43 132.44
N LEU S 368 -10.03 62.00 131.26
CA LEU S 368 -9.46 62.92 130.30
C LEU S 368 -10.54 63.83 129.72
N ALA S 369 -10.13 64.73 128.85
CA ALA S 369 -11.02 65.72 128.25
C ALA S 369 -11.03 65.58 126.74
N LYS S 370 -12.18 65.84 126.13
CA LYS S 370 -12.28 65.80 124.68
C LYS S 370 -11.30 66.80 124.07
N VAL S 371 -10.47 66.32 123.15
CA VAL S 371 -9.43 67.12 122.53
C VAL S 371 -9.36 66.79 121.05
N GLN S 372 -8.76 67.70 120.29
CA GLN S 372 -8.53 67.48 118.87
C GLN S 372 -7.07 67.52 118.50
N ARG S 373 -6.17 67.50 119.49
CA ARG S 373 -4.74 67.34 119.27
C ARG S 373 -4.15 66.55 120.41
N ALA S 374 -3.20 65.69 120.10
CA ALA S 374 -2.57 64.84 121.10
C ALA S 374 -1.28 64.28 120.54
N VAL S 375 -0.35 63.98 121.43
CA VAL S 375 0.98 63.51 121.03
C VAL S 375 1.41 62.41 121.98
N CYS S 376 1.86 61.30 121.42
CA CYS S 376 2.45 60.20 122.19
C CYS S 376 3.90 60.04 121.76
N MET S 377 4.82 60.23 122.70
CA MET S 377 6.24 60.23 122.41
C MET S 377 6.89 58.99 123.00
N ILE S 378 7.86 58.44 122.26
CA ILE S 378 8.69 57.34 122.73
C ILE S 378 10.12 57.63 122.30
N SER S 379 11.04 57.62 123.25
CA SER S 379 12.43 57.98 122.99
C SER S 379 13.36 57.04 123.72
N ASN S 380 14.53 56.84 123.13
CA ASN S 380 15.57 56.00 123.71
C ASN S 380 16.70 56.91 124.15
N SER S 381 16.74 57.25 125.43
CA SER S 381 17.72 58.17 125.99
C SER S 381 18.75 57.39 126.79
N THR S 382 20.00 57.83 126.72
CA THR S 382 21.06 57.16 127.46
C THR S 382 21.00 57.46 128.95
N ALA S 383 20.18 58.40 129.38
CA ALA S 383 19.95 58.62 130.80
C ALA S 383 19.22 57.46 131.45
N ILE S 384 18.64 56.56 130.66
CA ILE S 384 17.94 55.40 131.19
C ILE S 384 18.87 54.49 131.99
N GLY S 385 20.18 54.73 131.94
CA GLY S 385 21.09 54.02 132.80
C GLY S 385 20.99 54.40 134.26
N GLU S 386 20.26 55.46 134.59
CA GLU S 386 20.08 55.83 135.99
C GLU S 386 19.19 54.85 136.71
N ILE S 387 17.93 54.73 136.27
CA ILE S 387 17.00 53.79 136.89
C ILE S 387 17.51 52.37 136.76
N PHE S 388 18.50 52.15 135.91
CA PHE S 388 19.08 50.83 135.79
C PHE S 388 20.10 50.56 136.88
N SER S 389 20.73 51.61 137.40
CA SER S 389 21.80 51.40 138.37
C SER S 389 21.27 51.11 139.76
N ARG S 390 20.13 51.69 140.14
CA ARG S 390 19.55 51.38 141.45
C ARG S 390 19.31 49.89 141.60
N LEU S 391 18.68 49.27 140.61
CA LEU S 391 18.45 47.83 140.67
C LEU S 391 19.76 47.06 140.80
N ASP S 392 20.84 47.56 140.19
CA ASP S 392 22.13 46.93 140.40
C ASP S 392 22.64 47.13 141.82
N HIS S 393 22.14 48.15 142.52
CA HIS S 393 22.58 48.42 143.87
C HIS S 393 21.79 47.63 144.91
N LYS S 394 20.46 47.73 144.87
CA LYS S 394 19.64 47.02 145.84
C LYS S 394 19.82 45.51 145.73
N PHE S 395 19.92 45.00 144.50
CA PHE S 395 20.23 43.59 144.31
C PHE S 395 21.55 43.24 144.98
N ASP S 396 22.61 43.98 144.63
CA ASP S 396 23.91 43.77 145.26
C ASP S 396 23.87 44.01 146.76
N LEU S 397 22.95 44.86 147.23
CA LEU S 397 22.88 45.14 148.66
C LEU S 397 22.37 43.94 149.45
N MET S 398 21.33 43.29 148.95
CA MET S 398 20.75 42.15 149.65
C MET S 398 21.51 40.86 149.36
N TYR S 399 21.99 40.69 148.12
CA TYR S 399 22.70 39.47 147.77
C TYR S 399 24.00 39.29 148.54
N ALA S 400 24.49 40.32 149.21
CA ALA S 400 25.72 40.18 149.99
C ALA S 400 25.53 39.22 151.16
N LYS S 401 24.36 39.26 151.80
CA LYS S 401 24.02 38.31 152.85
C LYS S 401 23.23 37.13 152.33
N ARG S 402 22.82 37.16 151.06
CA ARG S 402 22.05 36.09 150.44
C ARG S 402 20.72 35.88 151.17
N ALA S 403 20.12 36.98 151.60
CA ALA S 403 18.78 36.91 152.17
C ALA S 403 17.78 36.52 151.10
N PHE S 404 16.70 35.87 151.53
CA PHE S 404 15.62 35.40 150.67
C PHE S 404 16.09 34.45 149.59
N VAL S 405 17.33 33.96 149.67
CA VAL S 405 17.85 33.11 148.60
C VAL S 405 17.35 31.68 148.77
N HIS S 406 17.19 31.23 150.01
CA HIS S 406 16.73 29.87 150.26
C HIS S 406 15.40 29.58 149.59
N TRP S 407 14.65 30.62 149.20
CA TRP S 407 13.42 30.43 148.45
C TRP S 407 13.72 30.11 147.00
N TYR S 408 14.50 30.98 146.33
CA TYR S 408 14.83 30.75 144.92
C TYR S 408 15.54 29.42 144.74
N VAL S 409 16.59 29.18 145.53
CA VAL S 409 17.34 27.94 145.38
C VAL S 409 16.50 26.74 145.79
N GLY S 410 15.42 26.96 146.53
CA GLY S 410 14.56 25.86 146.90
C GLY S 410 13.56 25.45 145.87
N GLU S 411 13.50 26.14 144.73
CA GLU S 411 12.51 25.88 143.68
C GLU S 411 13.20 25.66 142.35
N GLY S 412 14.21 24.79 142.34
CA GLY S 412 14.80 24.36 141.10
C GLY S 412 15.82 25.30 140.50
N MET S 413 16.24 26.32 141.23
CA MET S 413 17.29 27.22 140.78
C MET S 413 18.56 26.96 141.59
N GLU S 414 19.67 27.55 141.12
CA GLU S 414 20.92 27.49 141.82
C GLU S 414 21.56 28.87 141.78
N GLU S 415 22.77 28.98 142.31
CA GLU S 415 23.40 30.29 142.46
C GLU S 415 23.89 30.87 141.14
N GLY S 416 24.20 30.02 140.16
CA GLY S 416 24.69 30.52 138.89
C GLY S 416 23.77 31.57 138.28
N GLU S 417 22.46 31.30 138.29
CA GLU S 417 21.50 32.21 137.69
C GLU S 417 21.48 33.58 138.35
N PHE S 418 22.13 33.74 139.50
CA PHE S 418 22.24 35.06 140.11
C PHE S 418 23.38 35.87 139.50
N SER S 419 24.60 35.37 139.63
CA SER S 419 25.74 36.08 139.07
C SER S 419 25.65 36.17 137.55
N GLU S 420 25.11 35.14 136.91
CA GLU S 420 24.81 35.22 135.48
C GLU S 420 23.99 36.47 135.18
N ALA S 421 22.81 36.57 135.79
CA ALA S 421 21.95 37.73 135.59
C ALA S 421 22.56 38.99 136.19
N ARG S 422 23.51 38.85 137.12
CA ARG S 422 24.12 40.03 137.70
C ARG S 422 25.14 40.66 136.76
N GLU S 423 25.94 39.84 136.09
CA GLU S 423 26.96 40.40 135.20
C GLU S 423 26.33 41.07 133.99
N ASP S 424 25.25 40.50 133.46
CA ASP S 424 24.60 41.10 132.30
C ASP S 424 24.22 42.54 132.54
N LEU S 425 23.93 42.89 133.79
CA LEU S 425 23.66 44.29 134.12
C LEU S 425 24.94 45.11 134.08
N ALA S 426 26.03 44.56 134.60
CA ALA S 426 27.32 45.24 134.51
C ALA S 426 27.71 45.48 133.06
N ALA S 427 27.72 44.41 132.25
CA ALA S 427 27.99 44.57 130.83
C ALA S 427 26.99 45.51 130.16
N LEU S 428 25.73 45.49 130.61
CA LEU S 428 24.76 46.43 130.05
C LEU S 428 25.07 47.85 130.48
N GLU S 429 25.51 48.03 131.72
CA GLU S 429 25.74 49.37 132.22
C GLU S 429 26.88 50.04 131.47
N LYS S 430 28.04 49.38 131.39
CA LYS S 430 29.16 49.95 130.65
C LYS S 430 28.77 50.26 129.21
N ASP S 431 27.87 49.48 128.62
CA ASP S 431 27.34 49.80 127.31
C ASP S 431 26.68 51.17 127.30
N PHE S 432 26.06 51.57 128.43
CA PHE S 432 25.39 52.86 128.45
C PHE S 432 26.35 54.04 128.60
N GLU S 433 27.65 53.81 128.71
CA GLU S 433 28.62 54.90 128.68
C GLU S 433 29.46 54.93 127.43
N GLU S 434 29.80 53.77 126.86
CA GLU S 434 30.52 53.75 125.59
C GLU S 434 29.74 54.44 124.49
N VAL S 435 28.40 54.45 124.57
CA VAL S 435 27.61 55.18 123.59
C VAL S 435 27.95 56.66 123.62
N GLY S 436 28.41 57.16 124.77
CA GLY S 436 28.83 58.55 124.89
C GLY S 436 30.34 58.71 124.89
N MET T 1 13.04 89.26 -6.96
CA MET T 1 14.44 89.64 -7.14
C MET T 1 14.95 90.38 -5.92
N ARG T 2 16.24 90.18 -5.61
CA ARG T 2 16.88 90.79 -4.44
C ARG T 2 16.23 90.35 -3.14
N GLU T 3 15.88 89.07 -3.06
CA GLU T 3 15.22 88.57 -1.87
C GLU T 3 16.15 88.61 -0.66
N ILE T 4 15.60 88.98 0.48
CA ILE T 4 16.29 88.91 1.76
C ILE T 4 15.72 87.73 2.53
N VAL T 5 16.33 87.42 3.66
CA VAL T 5 15.74 86.54 4.66
C VAL T 5 16.22 87.01 6.02
N HIS T 6 15.31 87.06 6.99
CA HIS T 6 15.51 87.81 8.22
C HIS T 6 15.55 86.85 9.40
N ILE T 7 16.62 86.91 10.18
CA ILE T 7 16.80 86.10 11.37
C ILE T 7 16.42 86.92 12.59
N GLN T 8 16.00 86.23 13.66
CA GLN T 8 15.68 86.87 14.93
C GLN T 8 16.14 85.93 16.02
N GLY T 9 17.34 86.15 16.54
CA GLY T 9 17.91 85.25 17.50
C GLY T 9 17.95 85.79 18.92
N GLY T 10 17.17 85.20 19.81
CA GLY T 10 17.20 85.55 21.22
C GLY T 10 15.98 86.36 21.62
N GLN T 11 15.89 86.59 22.93
CA GLN T 11 14.77 87.35 23.47
C GLN T 11 14.68 88.73 22.84
N CYS T 12 15.79 89.48 22.87
CA CYS T 12 15.84 90.76 22.18
C CYS T 12 15.51 90.58 20.71
N GLY T 13 16.22 89.69 20.03
CA GLY T 13 15.96 89.44 18.63
C GLY T 13 14.52 89.07 18.35
N ASN T 14 13.88 88.36 19.28
CA ASN T 14 12.48 88.01 19.15
C ASN T 14 11.54 89.08 19.66
N GLN T 15 12.06 90.09 20.34
CA GLN T 15 11.26 91.22 20.79
C GLN T 15 11.38 92.45 19.90
N ILE T 16 12.56 92.72 19.33
CA ILE T 16 12.64 93.81 18.35
C ILE T 16 12.22 93.34 16.98
N GLY T 17 12.26 92.04 16.72
CA GLY T 17 11.72 91.52 15.49
C GLY T 17 10.22 91.69 15.42
N ALA T 18 9.56 91.75 16.57
CA ALA T 18 8.15 92.08 16.57
C ALA T 18 7.94 93.48 16.00
N LYS T 19 8.72 94.46 16.47
CA LYS T 19 8.54 95.83 16.03
C LYS T 19 8.91 96.01 14.58
N PHE T 20 10.00 95.37 14.15
CA PHE T 20 10.42 95.50 12.75
C PHE T 20 9.31 95.08 11.81
N TRP T 21 8.64 93.96 12.10
CA TRP T 21 7.59 93.51 11.22
C TRP T 21 6.29 94.29 11.41
N GLU T 22 6.13 94.98 12.54
CA GLU T 22 5.02 95.91 12.69
C GLU T 22 5.24 97.22 11.97
N VAL T 23 6.48 97.49 11.54
CA VAL T 23 6.77 98.68 10.76
C VAL T 23 6.63 98.40 9.27
N VAL T 24 7.21 97.30 8.80
CA VAL T 24 7.14 96.95 7.38
C VAL T 24 5.70 96.62 6.99
N SER T 25 5.03 95.78 7.79
CA SER T 25 3.66 95.42 7.48
C SER T 25 2.78 96.65 7.32
N ASP T 26 3.02 97.68 8.12
CA ASP T 26 2.30 98.93 7.95
C ASP T 26 2.77 99.65 6.70
N GLU T 27 4.07 99.57 6.39
CA GLU T 27 4.59 100.28 5.23
C GLU T 27 4.03 99.70 3.93
N HIS T 28 3.81 98.39 3.88
CA HIS T 28 3.17 97.77 2.74
C HIS T 28 1.69 97.54 2.95
N GLY T 29 1.11 98.14 3.99
CA GLY T 29 -0.32 98.16 4.19
C GLY T 29 -1.01 96.81 4.24
N ILE T 30 -0.48 95.87 5.01
CA ILE T 30 -1.09 94.56 5.18
C ILE T 30 -1.64 94.47 6.60
N ASP T 31 -2.89 94.06 6.72
CA ASP T 31 -3.55 93.96 8.01
C ASP T 31 -2.88 92.90 8.87
N PRO T 32 -3.10 92.93 10.18
CA PRO T 32 -2.63 91.82 11.03
C PRO T 32 -3.17 90.47 10.60
N THR T 33 -4.30 90.44 9.89
CA THR T 33 -4.76 89.18 9.32
C THR T 33 -3.78 88.65 8.28
N GLY T 34 -2.89 89.49 7.78
CA GLY T 34 -1.96 89.07 6.75
C GLY T 34 -2.36 89.56 5.38
N THR T 35 -3.67 89.59 5.12
CA THR T 35 -4.18 90.05 3.84
C THR T 35 -3.69 91.47 3.56
N TYR T 36 -3.50 91.78 2.29
CA TYR T 36 -3.08 93.10 1.87
C TYR T 36 -4.29 94.01 1.72
N HIS T 37 -4.25 95.16 2.38
CA HIS T 37 -5.32 96.15 2.29
C HIS T 37 -4.73 97.54 2.14
N GLY T 38 -3.74 97.67 1.26
CA GLY T 38 -3.12 98.93 0.98
C GLY T 38 -3.87 99.71 -0.07
N ASP T 39 -3.21 100.73 -0.62
CA ASP T 39 -3.84 101.63 -1.58
C ASP T 39 -3.22 101.54 -2.97
N SER T 40 -1.92 101.76 -3.10
CA SER T 40 -1.30 101.86 -4.41
C SER T 40 -0.90 100.49 -4.93
N ASP T 41 -0.29 100.49 -6.11
CA ASP T 41 0.38 99.31 -6.65
C ASP T 41 1.86 99.30 -6.29
N LEU T 42 2.36 100.36 -5.67
CA LEU T 42 3.77 100.40 -5.28
C LEU T 42 4.06 99.43 -4.14
N GLN T 43 3.06 99.12 -3.32
CA GLN T 43 3.26 98.11 -2.28
C GLN T 43 3.50 96.74 -2.90
N LEU T 44 2.57 96.29 -3.74
CA LEU T 44 2.66 94.97 -4.34
C LEU T 44 3.80 94.83 -5.34
N GLU T 45 4.52 95.91 -5.66
CA GLU T 45 5.56 95.82 -6.65
C GLU T 45 6.75 95.02 -6.13
N ARG T 46 7.34 95.45 -5.03
CA ARG T 46 8.52 94.81 -4.47
C ARG T 46 8.22 94.17 -3.11
N ILE T 47 7.03 93.60 -2.96
CA ILE T 47 6.69 92.93 -1.72
C ILE T 47 7.54 91.69 -1.53
N ASN T 48 7.97 91.06 -2.63
CA ASN T 48 8.65 89.77 -2.56
C ASN T 48 10.04 89.85 -1.96
N VAL T 49 10.49 91.04 -1.54
CA VAL T 49 11.76 91.11 -0.84
C VAL T 49 11.64 90.61 0.58
N TYR T 50 10.43 90.57 1.13
CA TYR T 50 10.22 90.25 2.53
C TYR T 50 9.12 89.24 2.78
N PHE T 51 8.39 88.81 1.76
CA PHE T 51 7.18 88.04 2.00
C PHE T 51 7.07 86.91 0.99
N ASN T 52 6.03 86.11 1.17
CA ASN T 52 5.73 85.02 0.25
C ASN T 52 4.23 85.02 0.03
N GLU T 53 3.82 84.92 -1.22
CA GLU T 53 2.39 84.82 -1.53
C GLU T 53 1.79 83.59 -0.84
N ALA T 54 0.50 83.69 -0.51
CA ALA T 54 -0.27 82.56 -0.05
C ALA T 54 -1.68 82.70 -0.59
N THR T 55 -2.45 81.62 -0.47
CA THR T 55 -3.76 81.59 -1.09
C THR T 55 -4.63 82.73 -0.57
N GLY T 56 -5.47 83.25 -1.46
CA GLY T 56 -6.32 84.35 -1.09
C GLY T 56 -5.60 85.66 -0.92
N GLY T 57 -4.43 85.81 -1.52
CA GLY T 57 -3.72 87.07 -1.48
C GLY T 57 -3.29 87.49 -0.10
N ARG T 58 -2.52 86.63 0.57
CA ARG T 58 -2.01 86.89 1.89
C ARG T 58 -0.51 86.68 1.90
N TYR T 59 0.21 87.60 2.53
CA TYR T 59 1.66 87.62 2.52
C TYR T 59 2.16 87.31 3.94
N VAL T 60 3.05 86.34 4.04
CA VAL T 60 3.65 85.97 5.33
C VAL T 60 5.13 86.35 5.27
N PRO T 61 5.73 86.73 6.39
CA PRO T 61 7.14 87.15 6.35
C PRO T 61 8.06 85.98 6.13
N ARG T 62 9.21 86.25 5.54
CA ARG T 62 10.29 85.28 5.44
C ARG T 62 11.25 85.43 6.62
N ALA T 63 10.71 85.44 7.82
CA ALA T 63 11.49 85.58 9.04
C ALA T 63 11.78 84.22 9.65
N ILE T 64 12.74 84.20 10.57
CA ILE T 64 13.14 82.99 11.27
C ILE T 64 13.36 83.35 12.73
N LEU T 65 12.53 82.80 13.60
CA LEU T 65 12.54 83.14 15.02
C LEU T 65 13.14 81.96 15.78
N MET T 66 14.38 82.14 16.25
CA MET T 66 15.06 81.14 17.06
C MET T 66 15.33 81.74 18.44
N ASP T 67 15.01 80.99 19.47
CA ASP T 67 15.19 81.45 20.84
C ASP T 67 14.93 80.27 21.77
N LEU T 68 15.72 80.15 22.82
CA LEU T 68 15.36 79.24 23.90
C LEU T 68 14.24 79.89 24.72
N GLU T 69 13.77 79.17 25.75
CA GLU T 69 12.79 79.70 26.67
C GLU T 69 11.51 80.07 25.93
N PRO T 70 10.67 79.09 25.55
CA PRO T 70 9.50 79.37 24.72
C PRO T 70 8.57 80.42 25.30
N GLY T 71 8.84 80.86 26.53
CA GLY T 71 8.05 81.89 27.18
C GLY T 71 8.03 83.23 26.46
N THR T 72 8.80 83.37 25.38
CA THR T 72 8.70 84.54 24.54
C THR T 72 7.87 84.31 23.29
N MET T 73 7.87 83.08 22.76
CA MET T 73 7.15 82.78 21.54
C MET T 73 5.66 82.62 21.77
N ASP T 74 5.19 82.80 23.00
CA ASP T 74 3.77 83.04 23.22
C ASP T 74 3.45 84.51 23.11
N SER T 75 4.41 85.38 23.45
CA SER T 75 4.18 86.81 23.36
C SER T 75 4.05 87.24 21.90
N VAL T 76 5.00 86.83 21.05
CA VAL T 76 4.93 87.17 19.64
C VAL T 76 3.69 86.54 19.01
N ARG T 77 3.33 85.34 19.44
CA ARG T 77 2.12 84.71 18.93
C ARG T 77 0.87 85.41 19.42
N SER T 78 0.97 86.23 20.47
CA SER T 78 -0.17 86.96 21.00
C SER T 78 -0.11 88.45 20.73
N GLY T 79 1.01 88.95 20.21
CA GLY T 79 1.09 90.34 19.79
C GLY T 79 0.13 90.62 18.66
N PRO T 80 -0.07 91.90 18.35
CA PRO T 80 -1.05 92.23 17.29
C PRO T 80 -0.67 91.66 15.93
N TYR T 81 0.59 91.77 15.55
CA TYR T 81 1.07 91.27 14.25
C TYR T 81 1.74 89.93 14.39
N GLY T 82 1.24 89.07 15.26
CA GLY T 82 1.87 87.79 15.48
C GLY T 82 1.29 86.67 14.65
N GLN T 83 0.03 86.82 14.25
CA GLN T 83 -0.64 85.79 13.46
C GLN T 83 -0.21 85.77 12.01
N ILE T 84 0.87 86.45 11.66
CA ILE T 84 1.32 86.49 10.28
C ILE T 84 2.49 85.55 10.01
N PHE T 85 3.26 85.18 11.03
CA PHE T 85 4.40 84.31 10.82
C PHE T 85 3.95 82.89 10.49
N ARG T 86 4.82 82.16 9.83
CA ARG T 86 4.51 80.74 9.68
C ARG T 86 4.73 80.04 11.00
N PRO T 87 3.84 79.13 11.40
CA PRO T 87 4.06 78.39 12.64
C PRO T 87 5.28 77.51 12.60
N ASP T 88 5.75 77.16 11.40
CA ASP T 88 6.97 76.37 11.26
C ASP T 88 8.20 77.19 11.67
N ASN T 89 8.25 78.46 11.27
CA ASN T 89 9.41 79.30 11.54
C ASN T 89 9.40 79.78 13.00
N PHE T 90 9.36 78.80 13.90
CA PHE T 90 9.39 79.06 15.33
C PHE T 90 10.25 77.94 15.94
N VAL T 91 11.55 78.18 16.04
CA VAL T 91 12.48 77.19 16.55
C VAL T 91 12.83 77.59 17.97
N PHE T 92 12.27 76.89 18.94
CA PHE T 92 12.51 77.18 20.34
C PHE T 92 13.09 75.96 21.04
N GLY T 93 13.39 76.13 22.32
CA GLY T 93 13.88 75.06 23.14
C GLY T 93 13.34 75.18 24.56
N GLN T 94 12.82 74.08 25.10
CA GLN T 94 12.21 74.12 26.42
C GLN T 94 13.22 74.42 27.51
N THR T 95 14.52 74.35 27.20
CA THR T 95 15.56 74.64 28.17
C THR T 95 15.92 76.12 28.10
N GLY T 96 16.37 76.65 29.23
CA GLY T 96 16.88 78.01 29.27
C GLY T 96 18.35 78.09 28.89
N ALA T 97 18.81 79.30 28.65
CA ALA T 97 20.20 79.53 28.25
C ALA T 97 21.08 80.01 29.38
N GLY T 98 20.51 80.53 30.46
CA GLY T 98 21.29 80.83 31.64
C GLY T 98 22.30 81.95 31.51
N ASN T 99 22.14 82.83 30.51
CA ASN T 99 23.09 83.91 30.27
C ASN T 99 24.52 83.40 30.26
N ASN T 100 24.73 82.33 29.49
CA ASN T 100 26.01 81.65 29.44
C ASN T 100 26.38 81.43 27.98
N TRP T 101 27.43 82.10 27.52
CA TRP T 101 27.83 81.98 26.13
C TRP T 101 28.19 80.54 25.78
N ALA T 102 28.73 79.79 26.74
CA ALA T 102 29.19 78.44 26.45
C ALA T 102 28.03 77.54 26.01
N LYS T 103 27.05 77.33 26.89
CA LYS T 103 25.98 76.40 26.57
C LYS T 103 25.15 76.88 25.38
N GLY T 104 25.02 78.19 25.22
CA GLY T 104 24.39 78.71 24.02
C GLY T 104 25.18 78.47 22.76
N HIS T 105 26.49 78.28 22.90
CA HIS T 105 27.36 78.05 21.75
C HIS T 105 27.93 76.64 21.69
N TYR T 106 27.85 75.87 22.76
CA TYR T 106 28.48 74.55 22.78
C TYR T 106 27.48 73.42 22.93
N THR T 107 26.67 73.38 23.98
CA THR T 107 25.74 72.28 24.12
C THR T 107 24.38 72.60 23.50
N GLU T 108 23.63 73.52 24.09
CA GLU T 108 22.25 73.68 23.65
C GLU T 108 22.14 74.32 22.28
N GLY T 109 23.15 75.07 21.90
CA GLY T 109 23.19 75.52 20.52
C GLY T 109 23.28 74.35 19.56
N ALA T 110 24.20 73.43 19.85
CA ALA T 110 24.65 72.48 18.85
C ALA T 110 23.55 71.54 18.37
N GLU T 111 22.48 71.36 19.14
CA GLU T 111 21.40 70.51 18.65
C GLU T 111 20.30 71.31 17.97
N LEU T 112 20.16 72.59 18.31
CA LEU T 112 19.18 73.40 17.63
C LEU T 112 19.67 73.88 16.27
N ILE T 113 20.99 73.92 16.05
CA ILE T 113 21.52 74.51 14.82
C ILE T 113 20.93 73.84 13.60
N ASP T 114 21.11 72.53 13.47
CA ASP T 114 20.58 71.85 12.30
C ASP T 114 19.07 72.02 12.19
N SER T 115 18.38 72.08 13.32
CA SER T 115 16.94 72.35 13.29
C SER T 115 16.63 73.76 12.85
N VAL T 116 17.61 74.66 12.87
CA VAL T 116 17.42 75.98 12.28
C VAL T 116 17.87 76.00 10.84
N LEU T 117 18.97 75.31 10.54
CA LEU T 117 19.46 75.27 9.16
C LEU T 117 18.50 74.53 8.25
N ASP T 118 17.78 73.54 8.76
CA ASP T 118 16.69 72.94 7.99
C ASP T 118 15.65 73.98 7.62
N VAL T 119 15.49 75.00 8.46
CA VAL T 119 14.50 76.05 8.19
C VAL T 119 15.06 77.08 7.23
N VAL T 120 16.30 77.53 7.45
CA VAL T 120 16.83 78.63 6.66
C VAL T 120 16.96 78.24 5.20
N ARG T 121 17.26 76.96 4.93
CA ARG T 121 17.33 76.51 3.55
C ARG T 121 15.95 76.33 2.95
N LYS T 122 14.96 75.97 3.75
CA LYS T 122 13.59 75.94 3.25
C LYS T 122 13.14 77.31 2.78
N GLU T 123 13.79 78.38 3.25
CA GLU T 123 13.57 79.71 2.69
C GLU T 123 14.87 80.38 2.27
N ALA T 124 15.88 79.60 1.91
CA ALA T 124 16.95 80.07 1.04
C ALA T 124 16.77 79.60 -0.39
N GLU T 125 15.90 78.61 -0.60
CA GLU T 125 15.51 78.17 -1.93
C GLU T 125 14.25 78.88 -2.43
N SER T 126 13.43 79.39 -1.50
CA SER T 126 12.22 80.12 -1.89
C SER T 126 12.55 81.42 -2.62
N CYS T 127 13.81 81.81 -2.65
CA CYS T 127 14.22 83.07 -3.23
C CYS T 127 14.51 82.90 -4.72
N ASP T 128 14.23 83.93 -5.50
CA ASP T 128 14.60 83.91 -6.91
C ASP T 128 16.09 84.18 -7.06
N CYS T 129 16.55 85.34 -6.58
CA CYS T 129 17.96 85.67 -6.51
C CYS T 129 18.21 86.25 -5.12
N LEU T 130 18.76 85.43 -4.22
CA LEU T 130 18.94 85.84 -2.84
C LEU T 130 19.91 87.00 -2.75
N GLN T 131 19.52 88.03 -2.01
CA GLN T 131 20.43 89.15 -1.76
C GLN T 131 21.36 88.85 -0.60
N GLY T 132 20.80 88.48 0.54
CA GLY T 132 21.61 88.12 1.68
C GLY T 132 20.79 88.09 2.95
N PHE T 133 21.43 87.60 4.00
CA PHE T 133 20.81 87.43 5.30
C PHE T 133 20.95 88.70 6.13
N GLN T 134 20.21 88.75 7.23
CA GLN T 134 20.38 89.81 8.22
C GLN T 134 19.87 89.30 9.56
N VAL T 135 20.55 89.69 10.64
CA VAL T 135 20.30 89.15 11.96
C VAL T 135 20.08 90.29 12.94
N CYS T 136 19.37 89.97 14.02
CA CYS T 136 19.14 90.90 15.13
C CYS T 136 19.57 90.22 16.41
N HIS T 137 20.75 90.56 16.91
CA HIS T 137 21.35 89.90 18.05
C HIS T 137 21.20 90.74 19.30
N SER T 138 21.79 90.24 20.38
CA SER T 138 21.95 91.02 21.61
C SER T 138 23.15 90.40 22.32
N LEU T 139 24.27 91.11 22.28
CA LEU T 139 25.54 90.49 22.67
C LEU T 139 25.68 90.26 24.16
N GLY T 140 24.62 90.45 24.95
CA GLY T 140 24.69 90.16 26.37
C GLY T 140 24.31 88.74 26.73
N GLY T 141 23.15 88.29 26.28
CA GLY T 141 22.61 87.00 26.68
C GLY T 141 23.34 85.83 26.02
N GLY T 142 22.76 84.66 26.20
CA GLY T 142 23.34 83.43 25.68
C GLY T 142 22.68 82.93 24.42
N THR T 143 21.38 83.15 24.27
CA THR T 143 20.69 82.76 23.05
C THR T 143 21.16 83.57 21.87
N GLY T 144 21.19 84.90 22.01
CA GLY T 144 21.58 85.76 20.91
C GLY T 144 23.06 85.69 20.60
N SER T 145 23.88 85.45 21.62
CA SER T 145 25.33 85.41 21.41
C SER T 145 25.84 84.00 21.18
N GLY T 146 25.29 83.01 21.86
CA GLY T 146 25.74 81.65 21.66
C GLY T 146 25.20 81.05 20.39
N MET T 147 23.87 80.89 20.32
CA MET T 147 23.26 80.37 19.10
C MET T 147 23.36 81.36 17.95
N GLY T 148 23.48 82.65 18.24
CA GLY T 148 23.57 83.65 17.20
C GLY T 148 24.80 83.47 16.33
N THR T 149 25.97 83.65 16.91
CA THR T 149 27.20 83.52 16.13
C THR T 149 27.41 82.10 15.63
N LEU T 150 26.96 81.11 16.41
CA LEU T 150 27.07 79.73 15.94
C LEU T 150 26.24 79.52 14.68
N LEU T 151 25.07 80.17 14.59
CA LEU T 151 24.31 80.10 13.35
C LEU T 151 25.05 80.80 12.22
N ILE T 152 25.76 81.88 12.53
CA ILE T 152 26.49 82.62 11.50
C ILE T 152 27.63 81.77 10.95
N SER T 153 28.43 81.19 11.85
CA SER T 153 29.56 80.37 11.45
C SER T 153 29.14 79.12 10.69
N LYS T 154 27.83 78.90 10.55
CA LYS T 154 27.28 77.89 9.67
C LYS T 154 26.77 78.47 8.36
N ILE T 155 26.10 79.62 8.43
CA ILE T 155 25.62 80.31 7.23
C ILE T 155 26.79 80.67 6.32
N ARG T 156 27.96 80.92 6.91
CA ARG T 156 29.08 81.45 6.14
C ARG T 156 29.66 80.43 5.17
N GLU T 157 29.55 79.14 5.49
CA GLU T 157 30.12 78.10 4.65
C GLU T 157 29.16 77.59 3.59
N GLU T 158 27.86 77.80 3.77
CA GLU T 158 26.88 77.41 2.78
C GLU T 158 26.49 78.55 1.85
N TYR T 159 26.73 79.79 2.25
CA TYR T 159 26.44 80.96 1.43
C TYR T 159 27.50 82.01 1.68
N PRO T 160 28.71 81.82 1.16
CA PRO T 160 29.77 82.81 1.37
C PRO T 160 29.69 83.95 0.38
N ASP T 161 29.13 83.70 -0.79
CA ASP T 161 28.96 84.76 -1.78
C ASP T 161 28.02 85.84 -1.28
N ARG T 162 26.94 85.44 -0.61
CA ARG T 162 25.90 86.37 -0.20
C ARG T 162 26.39 87.26 0.93
N MET T 163 25.48 88.10 1.43
CA MET T 163 25.82 89.26 2.24
C MET T 163 24.97 89.27 3.50
N MET T 164 25.60 89.16 4.67
CA MET T 164 24.87 89.08 5.91
C MET T 164 25.19 90.28 6.80
N LEU T 165 24.14 90.93 7.28
CA LEU T 165 24.23 92.08 8.16
C LEU T 165 24.33 91.62 9.61
N THR T 166 24.37 92.59 10.52
CA THR T 166 24.30 92.27 11.94
C THR T 166 23.85 93.53 12.69
N PHE T 167 22.64 93.51 13.21
CA PHE T 167 22.16 94.60 14.05
C PHE T 167 22.39 94.28 15.52
N SER T 168 23.64 93.98 15.84
CA SER T 168 24.00 93.51 17.17
C SER T 168 23.82 94.61 18.20
N VAL T 169 23.02 94.35 19.21
CA VAL T 169 22.97 95.20 20.40
C VAL T 169 24.13 94.80 21.30
N VAL T 170 24.97 95.78 21.66
CA VAL T 170 26.19 95.49 22.40
C VAL T 170 25.96 95.72 23.89
N PRO T 171 26.84 95.26 24.76
CA PRO T 171 26.73 95.61 26.18
C PRO T 171 26.90 97.11 26.40
N SER T 172 26.51 97.55 27.58
CA SER T 172 26.59 98.95 27.90
C SER T 172 27.70 99.22 28.91
N PRO T 173 28.42 100.34 28.77
CA PRO T 173 29.50 100.63 29.73
C PRO T 173 28.99 100.97 31.11
N LYS T 174 27.96 101.82 31.20
CA LYS T 174 27.45 102.22 32.51
C LYS T 174 26.28 101.35 32.98
N VAL T 175 25.40 100.96 32.08
CA VAL T 175 24.28 100.09 32.43
C VAL T 175 24.71 98.64 32.28
N SER T 176 24.46 97.83 33.30
CA SER T 176 24.86 96.43 33.30
C SER T 176 23.66 95.59 33.69
N ASP T 177 22.97 95.06 32.69
CA ASP T 177 21.82 94.19 32.96
C ASP T 177 22.24 92.95 33.72
N THR T 178 23.36 92.34 33.32
CA THR T 178 23.86 91.15 33.97
C THR T 178 25.32 91.37 34.39
N VAL T 179 25.88 90.34 35.01
CA VAL T 179 27.21 90.42 35.59
C VAL T 179 28.27 89.78 34.69
N VAL T 180 27.92 88.64 34.08
CA VAL T 180 28.83 87.92 33.20
C VAL T 180 29.00 88.60 31.86
N GLU T 181 28.21 89.65 31.59
CA GLU T 181 28.07 90.35 30.32
C GLU T 181 29.38 90.56 29.54
N PRO T 182 30.50 90.91 30.18
CA PRO T 182 31.74 91.05 29.41
C PRO T 182 32.17 89.80 28.68
N TYR T 183 32.05 88.63 29.31
CA TYR T 183 32.47 87.39 28.63
C TYR T 183 31.65 87.14 27.38
N ASN T 184 30.32 87.14 27.52
CA ASN T 184 29.44 86.88 26.38
C ASN T 184 29.69 87.86 25.24
N ALA T 185 30.33 89.00 25.51
CA ALA T 185 30.62 89.96 24.46
C ALA T 185 31.87 89.56 23.67
N THR T 186 33.01 89.45 24.35
CA THR T 186 34.28 89.23 23.65
C THR T 186 34.25 87.93 22.86
N LEU T 187 33.84 86.84 23.51
CA LEU T 187 33.76 85.57 22.80
C LEU T 187 32.83 85.61 21.61
N SER T 188 31.91 86.58 21.57
CA SER T 188 31.04 86.76 20.43
C SER T 188 31.64 87.68 19.39
N VAL T 189 32.37 88.71 19.83
CA VAL T 189 33.06 89.58 18.88
C VAL T 189 34.04 88.78 18.04
N HIS T 190 34.80 87.91 18.69
CA HIS T 190 35.74 87.04 17.98
C HIS T 190 35.08 86.21 16.88
N GLN T 191 33.76 86.11 16.87
CA GLN T 191 33.06 85.45 15.77
C GLN T 191 32.65 86.41 14.67
N LEU T 192 32.29 87.65 15.03
CA LEU T 192 31.82 88.59 14.04
C LEU T 192 32.92 89.05 13.10
N VAL T 193 34.17 89.04 13.57
CA VAL T 193 35.26 89.57 12.77
C VAL T 193 35.49 88.73 11.53
N GLU T 194 35.20 87.43 11.61
CA GLU T 194 35.50 86.51 10.52
C GLU T 194 34.29 86.06 9.73
N ASN T 195 33.07 86.24 10.26
CA ASN T 195 31.90 85.68 9.62
C ASN T 195 30.81 86.73 9.46
N ALA T 196 31.18 88.01 9.43
CA ALA T 196 30.21 89.07 9.21
C ALA T 196 30.79 90.10 8.25
N ASP T 197 29.99 90.47 7.26
CA ASP T 197 30.40 91.48 6.29
C ASP T 197 30.11 92.88 6.79
N GLU T 198 28.97 93.06 7.46
CA GLU T 198 28.61 94.33 8.06
C GLU T 198 28.06 94.07 9.44
N CYS T 199 28.28 95.03 10.35
CA CYS T 199 27.79 94.87 11.72
C CYS T 199 27.62 96.27 12.31
N MET T 200 26.37 96.73 12.38
CA MET T 200 26.07 97.95 13.11
C MET T 200 26.02 97.64 14.61
N VAL T 201 26.49 98.57 15.42
CA VAL T 201 26.53 98.41 16.87
C VAL T 201 25.56 99.38 17.50
N LEU T 202 24.68 98.86 18.35
CA LEU T 202 23.66 99.65 19.00
C LEU T 202 23.77 99.44 20.50
N ASP T 203 23.60 100.50 21.26
CA ASP T 203 23.63 100.40 22.71
C ASP T 203 22.37 101.02 23.30
N ASN T 204 21.87 100.42 24.37
CA ASN T 204 20.66 100.92 25.01
C ASN T 204 20.85 102.30 25.61
N GLU T 205 22.09 102.78 25.71
CA GLU T 205 22.34 104.05 26.38
C GLU T 205 22.03 105.23 25.46
N ALA T 206 22.69 105.29 24.31
CA ALA T 206 22.31 106.28 23.31
C ALA T 206 20.84 106.15 22.97
N LEU T 207 20.31 104.92 23.01
CA LEU T 207 18.87 104.74 22.86
C LEU T 207 18.10 105.40 24.01
N TYR T 208 18.71 105.47 25.20
CA TYR T 208 18.02 106.12 26.30
C TYR T 208 18.13 107.64 26.23
N ASP T 209 19.25 108.17 25.76
CA ASP T 209 19.40 109.62 25.67
C ASP T 209 18.48 110.20 24.61
N ILE T 210 18.61 109.72 23.37
CA ILE T 210 17.72 110.13 22.30
C ILE T 210 16.27 110.01 22.72
N CYS T 211 15.95 109.02 23.55
CA CYS T 211 14.60 108.91 24.09
C CYS T 211 14.32 109.97 25.15
N PHE T 212 15.35 110.51 25.79
CA PHE T 212 15.11 111.53 26.81
C PHE T 212 15.40 112.94 26.33
N ARG T 213 16.44 113.14 25.52
CA ARG T 213 16.78 114.49 25.07
C ARG T 213 15.94 114.93 23.88
N THR T 214 16.07 114.24 22.76
CA THR T 214 15.33 114.63 21.56
C THR T 214 13.84 114.34 21.72
N LEU T 215 13.50 113.07 21.93
CA LEU T 215 12.11 112.68 22.00
C LEU T 215 11.43 113.19 23.26
N LYS T 216 12.21 113.56 24.28
CA LYS T 216 11.67 114.11 25.53
C LYS T 216 10.64 113.19 26.16
N LEU T 217 10.81 111.89 25.95
CA LEU T 217 9.82 110.93 26.42
C LEU T 217 9.86 110.82 27.94
N THR T 218 8.68 110.67 28.54
CA THR T 218 8.60 110.57 29.99
C THR T 218 8.95 109.17 30.46
N THR T 219 8.35 108.15 29.86
CA THR T 219 8.61 106.75 30.22
C THR T 219 9.06 106.00 28.98
N PRO T 220 10.35 105.94 28.71
CA PRO T 220 10.83 105.11 27.60
C PRO T 220 10.73 103.63 27.92
N THR T 221 9.76 102.95 27.31
CA THR T 221 9.64 101.52 27.45
C THR T 221 10.49 100.83 26.40
N PHE T 222 10.76 99.53 26.63
CA PHE T 222 11.51 98.77 25.64
C PHE T 222 10.79 98.72 24.31
N GLY T 223 9.46 98.66 24.34
CA GLY T 223 8.68 98.77 23.12
C GLY T 223 8.81 100.10 22.41
N ASP T 224 9.49 101.07 23.02
CA ASP T 224 9.71 102.36 22.39
C ASP T 224 11.10 102.47 21.76
N LEU T 225 12.12 101.92 22.40
CA LEU T 225 13.45 101.87 21.79
C LEU T 225 13.41 101.09 20.49
N ASN T 226 12.79 99.92 20.51
CA ASN T 226 12.74 99.11 19.32
C ASN T 226 11.98 99.79 18.18
N HIS T 227 11.19 100.83 18.48
CA HIS T 227 10.64 101.68 17.42
C HIS T 227 11.72 102.50 16.75
N LEU T 228 12.87 102.67 17.41
CA LEU T 228 14.00 103.33 16.78
C LEU T 228 14.81 102.35 15.94
N ILE T 229 15.15 101.19 16.52
CA ILE T 229 15.91 100.19 15.79
C ILE T 229 15.14 99.73 14.56
N SER T 230 13.86 99.44 14.74
CA SER T 230 13.03 99.03 13.61
C SER T 230 12.84 100.14 12.60
N ALA T 231 13.14 101.38 12.99
CA ALA T 231 13.05 102.50 12.06
C ALA T 231 14.25 102.55 11.12
N VAL T 232 15.42 102.15 11.59
CA VAL T 232 16.61 102.20 10.74
C VAL T 232 16.76 100.93 9.91
N MET T 233 16.37 99.77 10.46
CA MET T 233 16.42 98.54 9.68
C MET T 233 15.52 98.64 8.45
N SER T 234 14.35 99.28 8.59
CA SER T 234 13.52 99.53 7.43
C SER T 234 14.11 100.60 6.53
N GLY T 235 14.98 101.45 7.07
CA GLY T 235 15.57 102.54 6.31
C GLY T 235 16.71 102.12 5.40
N ILE T 236 17.22 100.90 5.56
CA ILE T 236 18.31 100.44 4.70
C ILE T 236 17.78 100.03 3.33
N THR T 237 16.70 99.27 3.31
CA THR T 237 16.21 98.59 2.12
C THR T 237 15.19 99.42 1.35
N CYS T 238 15.07 100.71 1.65
CA CYS T 238 14.19 101.58 0.88
C CYS T 238 14.51 101.56 -0.60
N CYS T 239 15.80 101.44 -0.95
CA CYS T 239 16.17 101.34 -2.35
C CYS T 239 15.78 100.00 -2.94
N LEU T 240 15.83 98.94 -2.12
CA LEU T 240 15.45 97.62 -2.60
C LEU T 240 13.96 97.56 -2.92
N ARG T 241 13.15 98.28 -2.16
CA ARG T 241 11.70 98.12 -2.24
C ARG T 241 11.00 99.20 -3.04
N PHE T 242 11.62 100.37 -3.20
CA PHE T 242 10.94 101.46 -3.87
C PHE T 242 11.84 102.10 -4.91
N PRO T 243 11.25 102.71 -5.94
CA PRO T 243 12.06 103.47 -6.90
C PRO T 243 12.72 104.66 -6.24
N GLY T 244 13.70 105.21 -6.94
CA GLY T 244 14.42 106.36 -6.44
C GLY T 244 15.35 106.94 -7.49
N GLN T 245 15.45 108.27 -7.54
CA GLN T 245 16.28 108.90 -8.55
C GLN T 245 17.76 108.59 -8.38
N LEU T 246 18.17 108.00 -7.25
CA LEU T 246 19.50 107.41 -7.10
C LEU T 246 19.34 106.24 -6.15
N ASN T 247 19.12 105.06 -6.73
CA ASN T 247 18.91 103.86 -5.92
C ASN T 247 20.24 103.21 -5.57
N ALA T 248 20.25 102.51 -4.44
CA ALA T 248 21.47 101.87 -3.95
C ALA T 248 21.11 100.54 -3.32
N ASP T 249 21.44 99.46 -4.02
CA ASP T 249 21.29 98.12 -3.46
C ASP T 249 22.14 98.00 -2.19
N LEU T 250 21.91 96.91 -1.46
CA LEU T 250 22.60 96.70 -0.19
C LEU T 250 24.07 96.37 -0.40
N ARG T 251 24.40 95.67 -1.48
CA ARG T 251 25.78 95.29 -1.72
C ARG T 251 26.66 96.51 -2.00
N LYS T 252 26.20 97.40 -2.89
CA LYS T 252 27.00 98.58 -3.20
C LYS T 252 27.16 99.51 -2.01
N LEU T 253 26.39 99.30 -0.95
CA LEU T 253 26.56 100.12 0.24
C LEU T 253 27.69 99.61 1.11
N ALA T 254 28.03 98.32 1.01
CA ALA T 254 29.10 97.77 1.82
C ALA T 254 30.48 98.07 1.24
N VAL T 255 30.63 97.84 -0.06
CA VAL T 255 31.93 98.08 -0.71
C VAL T 255 32.33 99.54 -0.57
N ASN T 256 31.38 100.47 -0.69
CA ASN T 256 31.69 101.87 -0.50
C ASN T 256 31.95 102.24 0.94
N LEU T 257 31.96 101.28 1.85
CA LEU T 257 31.97 101.57 3.28
C LEU T 257 33.17 100.95 4.00
N ILE T 258 33.42 99.66 3.86
CA ILE T 258 34.50 98.98 4.57
C ILE T 258 35.72 98.94 3.66
N PRO T 259 36.79 99.67 3.98
CA PRO T 259 38.00 99.59 3.16
C PRO T 259 38.70 98.24 3.26
N PHE T 260 38.70 97.62 4.43
CA PHE T 260 39.37 96.36 4.66
C PHE T 260 38.42 95.39 5.35
N PRO T 261 38.56 94.10 5.09
CA PRO T 261 37.48 93.16 5.44
C PRO T 261 37.14 93.08 6.92
N ARG T 262 37.85 93.82 7.79
CA ARG T 262 37.64 93.70 9.22
C ARG T 262 36.93 94.88 9.84
N LEU T 263 37.03 96.06 9.25
CA LEU T 263 36.50 97.27 9.86
C LEU T 263 35.03 97.46 9.49
N HIS T 264 34.22 96.46 9.85
CA HIS T 264 32.80 96.46 9.54
C HIS T 264 31.94 96.76 10.75
N PHE T 265 32.39 97.67 11.61
CA PHE T 265 31.61 98.11 12.77
C PHE T 265 31.17 99.54 12.51
N PHE T 266 29.87 99.74 12.36
CA PHE T 266 29.32 100.98 11.86
C PHE T 266 28.64 101.75 12.98
N MET T 267 27.94 102.81 12.61
CA MET T 267 27.31 103.70 13.58
C MET T 267 26.14 104.39 12.88
N VAL T 268 24.96 104.33 13.49
CA VAL T 268 23.73 104.70 12.79
C VAL T 268 23.10 105.90 13.50
N GLY T 269 22.12 106.49 12.82
CA GLY T 269 21.37 107.60 13.35
C GLY T 269 20.21 107.96 12.45
N PHE T 270 19.02 108.13 13.02
CA PHE T 270 17.82 108.38 12.26
C PHE T 270 17.38 109.82 12.44
N THR T 271 16.75 110.37 11.41
CA THR T 271 16.24 111.73 11.42
C THR T 271 14.95 111.75 10.61
N PRO T 272 14.01 112.64 10.93
CA PRO T 272 14.07 113.59 12.04
C PRO T 272 13.38 113.04 13.29
N LEU T 273 13.85 113.47 14.46
CA LEU T 273 13.27 113.07 15.74
C LEU T 273 12.94 114.32 16.53
N THR T 274 11.69 114.43 16.96
CA THR T 274 11.18 115.67 17.51
C THR T 274 10.03 115.37 18.45
N SER T 275 9.95 116.10 19.55
CA SER T 275 8.85 115.97 20.49
C SER T 275 7.53 116.41 19.84
N ARG T 276 6.44 116.21 20.57
CA ARG T 276 5.16 116.75 20.13
C ARG T 276 5.03 118.23 20.47
N GLY T 277 6.08 118.83 21.04
CA GLY T 277 6.11 120.27 21.25
C GLY T 277 6.79 120.99 20.11
N SER T 278 7.95 120.49 19.70
CA SER T 278 8.73 121.15 18.67
C SER T 278 8.23 120.86 17.25
N GLN T 279 7.23 119.99 17.09
CA GLN T 279 6.57 119.90 15.79
C GLN T 279 5.95 121.23 15.38
N GLN T 280 5.85 122.19 16.30
CA GLN T 280 5.37 123.53 16.01
C GLN T 280 6.46 124.46 15.54
N TYR T 281 7.72 124.21 15.91
CA TYR T 281 8.81 125.13 15.59
C TYR T 281 9.69 124.66 14.46
N ARG T 282 9.50 123.44 13.97
CA ARG T 282 10.42 122.81 13.05
C ARG T 282 9.97 123.01 11.61
N ALA T 283 10.94 123.11 10.71
CA ALA T 283 10.70 123.17 9.28
C ALA T 283 11.18 121.88 8.63
N LEU T 284 10.40 121.38 7.66
CA LEU T 284 10.75 120.12 7.00
C LEU T 284 11.57 120.44 5.75
N THR T 285 12.85 120.72 5.98
CA THR T 285 13.79 121.01 4.90
C THR T 285 14.98 120.07 5.02
N VAL T 286 15.72 119.95 3.91
CA VAL T 286 16.89 119.07 3.89
C VAL T 286 18.00 119.55 4.82
N PRO T 287 18.33 120.84 4.89
CA PRO T 287 19.35 121.26 5.87
C PRO T 287 18.99 120.97 7.31
N GLU T 288 17.71 120.80 7.63
CA GLU T 288 17.34 120.36 8.98
C GLU T 288 17.79 118.92 9.21
N LEU T 289 17.55 118.05 8.23
CA LEU T 289 17.92 116.64 8.37
C LEU T 289 19.42 116.48 8.51
N THR T 290 20.18 116.98 7.52
CA THR T 290 21.62 116.77 7.51
C THR T 290 22.31 117.43 8.68
N GLN T 291 21.69 118.41 9.31
CA GLN T 291 22.27 118.97 10.52
C GLN T 291 22.05 118.04 11.71
N GLN T 292 20.89 117.40 11.77
CA GLN T 292 20.57 116.57 12.92
C GLN T 292 21.28 115.23 12.84
N MET T 293 21.49 114.70 11.64
CA MET T 293 22.11 113.39 11.53
C MET T 293 23.61 113.45 11.78
N TRP T 294 24.29 114.50 11.30
CA TRP T 294 25.71 114.64 11.56
C TRP T 294 26.01 115.01 13.00
N ASP T 295 24.99 115.30 13.80
CA ASP T 295 25.18 115.60 15.21
C ASP T 295 25.72 114.38 15.94
N ALA T 296 26.39 114.62 17.06
CA ALA T 296 26.91 113.56 17.90
C ALA T 296 25.89 113.05 18.90
N LYS T 297 24.60 113.26 18.63
CA LYS T 297 23.52 112.78 19.48
C LYS T 297 22.71 111.67 18.85
N ASN T 298 22.47 111.74 17.55
CA ASN T 298 21.76 110.66 16.87
C ASN T 298 22.55 109.37 16.82
N MET T 299 23.81 109.38 17.24
CA MET T 299 24.64 108.18 17.16
C MET T 299 24.08 107.17 18.14
N MET T 300 23.29 106.23 17.62
CA MET T 300 22.64 105.23 18.46
C MET T 300 23.60 104.36 19.22
N CYS T 301 24.90 104.46 18.95
CA CYS T 301 25.92 103.85 19.80
C CYS T 301 26.57 104.95 20.65
N ALA T 302 26.86 104.62 21.90
CA ALA T 302 27.35 105.62 22.84
C ALA T 302 28.85 105.84 22.70
N ALA T 303 29.31 106.10 21.48
CA ALA T 303 30.68 106.51 21.22
C ALA T 303 30.65 107.90 20.60
N ASP T 304 31.63 108.73 20.95
CA ASP T 304 31.64 110.11 20.48
C ASP T 304 32.54 110.24 19.27
N PRO T 305 31.99 110.42 18.07
CA PRO T 305 32.84 110.47 16.86
C PRO T 305 33.83 111.63 16.87
N ARG T 306 33.67 112.60 17.75
CA ARG T 306 34.65 113.68 17.83
C ARG T 306 35.95 113.25 18.49
N HIS T 307 36.04 112.00 18.93
CA HIS T 307 37.29 111.45 19.44
C HIS T 307 38.08 110.69 18.38
N GLY T 308 37.46 110.39 17.24
CA GLY T 308 38.07 109.56 16.23
C GLY T 308 38.13 110.29 14.91
N ARG T 309 37.87 109.54 13.84
CA ARG T 309 38.06 110.08 12.50
C ARG T 309 37.28 109.21 11.53
N TYR T 310 36.27 109.80 10.88
CA TYR T 310 35.42 109.03 9.99
C TYR T 310 36.22 108.48 8.82
N LEU T 311 36.19 107.15 8.66
CA LEU T 311 36.76 106.57 7.46
C LEU T 311 35.87 106.85 6.26
N THR T 312 34.61 106.44 6.33
CA THR T 312 33.61 106.70 5.30
C THR T 312 32.30 107.07 6.00
N ALA T 313 31.24 107.20 5.23
CA ALA T 313 29.93 107.51 5.77
C ALA T 313 28.86 107.16 4.74
N SER T 314 27.62 107.50 5.05
CA SER T 314 26.52 107.23 4.13
C SER T 314 25.35 108.14 4.47
N ALA T 315 24.31 108.05 3.65
CA ALA T 315 23.05 108.74 3.89
C ALA T 315 21.98 108.17 2.97
N LEU T 316 20.86 107.75 3.53
CA LEU T 316 19.77 107.16 2.75
C LEU T 316 18.52 108.02 2.98
N PHE T 317 18.24 108.90 2.03
CA PHE T 317 17.16 109.85 2.15
C PHE T 317 15.88 109.29 1.53
N ARG T 318 14.74 109.77 2.01
CA ARG T 318 13.46 109.36 1.47
C ARG T 318 12.53 110.55 1.42
N GLY T 319 11.84 110.70 0.30
CA GLY T 319 10.95 111.83 0.11
C GLY T 319 11.36 112.64 -1.10
N ARG T 320 10.40 112.99 -1.95
CA ARG T 320 10.69 113.74 -3.16
C ARG T 320 11.43 115.02 -2.79
N MET T 321 12.70 115.10 -3.18
CA MET T 321 13.55 116.21 -2.77
C MET T 321 14.55 116.50 -3.89
N SER T 322 15.35 117.55 -3.69
CA SER T 322 16.31 117.97 -4.70
C SER T 322 17.60 117.19 -4.51
N THR T 323 18.10 116.59 -5.60
CA THR T 323 19.29 115.78 -5.53
C THR T 323 20.57 116.59 -5.55
N LYS T 324 20.50 117.89 -5.80
CA LYS T 324 21.69 118.73 -5.65
C LYS T 324 21.88 119.18 -4.22
N GLU T 325 20.79 119.61 -3.58
CA GLU T 325 20.87 120.08 -2.21
C GLU T 325 21.47 119.04 -1.28
N VAL T 326 21.17 117.76 -1.54
CA VAL T 326 21.69 116.70 -0.69
C VAL T 326 23.16 116.43 -0.98
N ASP T 327 23.67 116.90 -2.11
CA ASP T 327 25.06 116.72 -2.47
C ASP T 327 25.92 117.87 -2.00
N GLU T 328 25.44 119.11 -2.12
CA GLU T 328 26.20 120.25 -1.65
C GLU T 328 26.24 120.29 -0.13
N GLN T 329 25.21 119.79 0.54
CA GLN T 329 25.22 119.72 2.00
C GLN T 329 26.32 118.79 2.48
N MET T 330 26.27 117.53 2.06
CA MET T 330 27.33 116.57 2.41
C MET T 330 28.69 117.04 1.92
N LEU T 331 28.74 117.87 0.89
CA LEU T 331 30.00 118.43 0.44
C LEU T 331 30.53 119.44 1.46
N ASN T 332 29.65 120.25 2.03
CA ASN T 332 30.09 121.25 2.99
C ASN T 332 30.69 120.61 4.23
N VAL T 333 30.07 119.51 4.70
CA VAL T 333 30.51 118.87 5.94
C VAL T 333 31.99 118.52 5.89
N GLN T 334 32.40 117.82 4.83
CA GLN T 334 33.80 117.44 4.70
C GLN T 334 34.73 118.65 4.63
N ASN T 335 34.22 119.82 4.24
CA ASN T 335 35.07 120.98 4.05
C ASN T 335 35.16 121.84 5.30
N LYS T 336 34.04 122.04 6.01
CA LYS T 336 34.09 122.81 7.25
C LYS T 336 34.83 122.05 8.34
N ASN T 337 34.30 120.90 8.73
CA ASN T 337 34.86 120.11 9.82
C ASN T 337 35.85 119.08 9.27
N SER T 338 36.86 119.59 8.57
CA SER T 338 37.74 118.75 7.78
C SER T 338 38.78 118.00 8.59
N SER T 339 38.68 118.00 9.92
CA SER T 339 39.65 117.26 10.72
C SER T 339 39.17 115.86 11.08
N TYR T 340 37.86 115.68 11.27
CA TYR T 340 37.30 114.39 11.62
C TYR T 340 37.25 113.44 10.43
N PHE T 341 37.84 113.80 9.31
CA PHE T 341 37.86 112.94 8.13
C PHE T 341 39.30 112.63 7.75
N VAL T 342 39.51 111.41 7.26
CA VAL T 342 40.84 110.89 6.95
C VAL T 342 41.34 111.64 5.72
N GLU T 343 42.66 111.58 5.47
CA GLU T 343 43.24 112.23 4.30
C GLU T 343 43.35 111.32 3.10
N TRP T 344 43.63 110.03 3.27
CA TRP T 344 43.82 109.16 2.13
C TRP T 344 42.51 108.67 1.54
N ILE T 345 41.40 109.32 1.86
CA ILE T 345 40.12 109.05 1.21
C ILE T 345 39.55 110.40 0.77
N PRO T 346 39.64 110.74 -0.51
CA PRO T 346 39.24 112.09 -0.93
C PRO T 346 37.77 112.39 -0.68
N ASN T 347 36.89 111.54 -1.16
CA ASN T 347 35.44 111.70 -0.99
C ASN T 347 34.93 110.52 -0.19
N ASN T 348 34.57 110.76 1.07
CA ASN T 348 34.24 109.64 1.95
C ASN T 348 32.80 109.69 2.42
N VAL T 349 31.87 109.99 1.51
CA VAL T 349 30.45 109.87 1.77
C VAL T 349 29.80 109.23 0.55
N LYS T 350 28.65 108.61 0.79
CA LYS T 350 27.77 108.17 -0.30
C LYS T 350 26.36 108.62 0.04
N SER T 351 25.61 108.97 -0.99
CA SER T 351 24.31 109.60 -0.80
C SER T 351 23.30 108.94 -1.74
N SER T 352 22.27 108.34 -1.17
CA SER T 352 21.17 107.79 -1.93
C SER T 352 19.89 108.56 -1.64
N VAL T 353 18.82 108.20 -2.33
CA VAL T 353 17.54 108.87 -2.16
C VAL T 353 16.45 108.00 -2.78
N CYS T 354 15.28 108.01 -2.15
CA CYS T 354 14.13 107.26 -2.63
C CYS T 354 12.92 108.19 -2.70
N ASP T 355 12.09 107.97 -3.71
CA ASP T 355 10.92 108.81 -3.91
C ASP T 355 9.81 108.55 -2.89
N ILE T 356 9.90 107.49 -2.11
CA ILE T 356 8.80 107.08 -1.24
C ILE T 356 9.24 107.27 0.21
N PRO T 357 8.65 108.21 0.94
CA PRO T 357 9.00 108.40 2.34
C PRO T 357 8.34 107.34 3.20
N PRO T 358 8.53 107.38 4.52
CA PRO T 358 7.72 106.54 5.41
C PRO T 358 6.25 106.88 5.29
N LYS T 359 5.41 105.99 5.84
CA LYS T 359 3.97 106.09 5.61
C LYS T 359 3.39 107.38 6.16
N GLY T 360 3.80 107.76 7.38
CA GLY T 360 3.24 108.91 8.05
C GLY T 360 3.98 110.21 7.89
N LEU T 361 5.10 110.23 7.19
CA LEU T 361 5.92 111.44 7.04
C LEU T 361 5.84 111.95 5.61
N LYS T 362 6.61 113.00 5.34
CA LYS T 362 6.84 113.49 3.99
C LYS T 362 8.31 113.48 3.60
N MET T 363 9.22 113.68 4.56
CA MET T 363 10.64 113.61 4.32
C MET T 363 11.31 112.98 5.53
N SER T 364 12.33 112.16 5.26
CA SER T 364 13.09 111.52 6.32
C SER T 364 14.52 111.36 5.84
N ALA T 365 15.35 110.76 6.68
CA ALA T 365 16.72 110.45 6.31
C ALA T 365 17.21 109.35 7.23
N THR T 366 18.44 108.90 6.98
CA THR T 366 19.04 107.81 7.72
C THR T 366 20.55 107.87 7.51
N PHE T 367 21.29 107.52 8.54
CA PHE T 367 22.74 107.72 8.55
C PHE T 367 23.46 106.43 8.89
N ILE T 368 24.57 106.19 8.20
CA ILE T 368 25.52 105.14 8.56
C ILE T 368 26.92 105.70 8.38
N GLY T 369 27.76 105.52 9.40
CA GLY T 369 29.11 106.04 9.34
C GLY T 369 30.11 105.15 10.02
N ASN T 370 31.17 104.78 9.31
CA ASN T 370 32.19 103.87 9.83
C ASN T 370 33.32 104.71 10.41
N SER T 371 33.19 105.05 11.69
CA SER T 371 34.15 105.90 12.36
C SER T 371 35.28 105.08 12.98
N THR T 372 36.25 105.78 13.53
CA THR T 372 37.31 105.16 14.33
C THR T 372 37.12 105.39 15.82
N ALA T 373 36.16 106.22 16.22
CA ALA T 373 35.78 106.31 17.61
C ALA T 373 35.15 105.02 18.11
N ILE T 374 34.81 104.09 17.23
CA ILE T 374 34.19 102.84 17.63
C ILE T 374 35.14 102.00 18.46
N GLN T 375 36.43 102.31 18.44
CA GLN T 375 37.37 101.56 19.26
C GLN T 375 37.20 101.86 20.74
N GLU T 376 36.52 102.95 21.10
CA GLU T 376 36.27 103.25 22.51
C GLU T 376 35.36 102.19 23.11
N MET T 377 34.41 101.67 22.34
CA MET T 377 33.58 100.57 22.80
C MET T 377 34.44 99.36 23.11
N PHE T 378 35.20 98.89 22.13
CA PHE T 378 35.99 97.68 22.30
C PHE T 378 37.10 97.85 23.33
N LYS T 379 37.42 99.08 23.71
CA LYS T 379 38.31 99.30 24.84
C LYS T 379 37.59 99.03 26.15
N ARG T 380 36.37 99.56 26.29
CA ARG T 380 35.61 99.42 27.53
C ARG T 380 35.37 97.94 27.86
N VAL T 381 34.86 97.17 26.90
CA VAL T 381 34.59 95.77 27.20
C VAL T 381 35.89 95.02 27.47
N SER T 382 37.00 95.49 26.91
CA SER T 382 38.28 94.82 27.12
C SER T 382 38.96 95.24 28.40
N GLU T 383 38.39 96.16 29.18
CA GLU T 383 38.90 96.43 30.51
C GLU T 383 38.19 95.56 31.54
N GLN T 384 36.87 95.42 31.42
CA GLN T 384 36.10 94.62 32.35
C GLN T 384 36.36 93.13 32.15
N PHE T 385 36.59 92.72 30.91
CA PHE T 385 36.95 91.33 30.65
C PHE T 385 38.26 90.98 31.34
N THR T 386 39.33 91.67 30.98
CA THR T 386 40.63 91.39 31.57
C THR T 386 40.68 91.68 33.06
N ALA T 387 39.66 92.34 33.61
CA ALA T 387 39.61 92.54 35.05
C ALA T 387 39.19 91.26 35.77
N MET T 388 38.02 90.74 35.44
CA MET T 388 37.51 89.57 36.13
C MET T 388 38.05 88.27 35.54
N PHE T 389 38.51 88.27 34.30
CA PHE T 389 39.16 87.07 33.77
C PHE T 389 40.51 86.82 34.42
N ARG T 390 41.16 87.87 34.91
CA ARG T 390 42.48 87.72 35.52
C ARG T 390 42.43 86.83 36.76
N ARG T 391 41.29 86.80 37.45
CA ARG T 391 41.13 86.00 38.64
C ARG T 391 40.20 84.80 38.43
N LYS T 392 39.85 84.50 37.18
CA LYS T 392 38.98 83.39 36.85
C LYS T 392 37.61 83.50 37.53
N ALA T 393 37.15 84.73 37.76
CA ALA T 393 35.83 84.92 38.32
C ALA T 393 34.77 84.42 37.34
N PHE T 394 33.80 83.67 37.86
CA PHE T 394 32.70 83.13 37.06
C PHE T 394 33.21 82.28 35.90
N LEU T 395 34.33 81.59 36.08
CA LEU T 395 34.90 80.83 34.98
C LEU T 395 34.46 79.38 34.99
N HIS T 396 34.18 78.81 36.16
CA HIS T 396 33.75 77.41 36.22
C HIS T 396 32.45 77.18 35.47
N TRP T 397 31.68 78.23 35.20
CA TRP T 397 30.48 78.09 34.40
C TRP T 397 30.81 77.83 32.94
N TYR T 398 31.82 78.53 32.42
CA TYR T 398 32.16 78.40 31.02
C TYR T 398 32.90 77.10 30.74
N THR T 399 33.81 76.72 31.63
CA THR T 399 34.60 75.52 31.42
C THR T 399 33.85 74.24 31.69
N GLY T 400 32.70 74.30 32.37
CA GLY T 400 31.89 73.12 32.54
C GLY T 400 31.26 72.62 31.25
N GLU T 401 31.15 73.49 30.24
CA GLU T 401 30.54 73.12 28.97
C GLU T 401 31.56 72.57 27.97
N GLY T 402 32.75 72.19 28.43
CA GLY T 402 33.78 71.72 27.54
C GLY T 402 34.72 72.80 27.03
N MET T 403 34.47 74.06 27.36
CA MET T 403 35.37 75.12 26.94
C MET T 403 36.69 75.03 27.69
N ASP T 404 37.68 75.78 27.20
CA ASP T 404 38.99 75.85 27.83
C ASP T 404 39.38 77.29 28.05
N GLU T 405 40.63 77.53 28.41
CA GLU T 405 41.09 78.88 28.71
C GLU T 405 41.65 79.59 27.50
N MET T 406 42.27 78.86 26.56
CA MET T 406 42.75 79.48 25.34
C MET T 406 41.61 80.13 24.57
N GLU T 407 40.41 79.51 24.60
CA GLU T 407 39.24 80.11 23.98
C GLU T 407 38.98 81.52 24.47
N PHE T 408 39.59 81.92 25.59
CA PHE T 408 39.47 83.28 26.09
C PHE T 408 40.59 84.17 25.56
N THR T 409 41.83 83.69 25.62
CA THR T 409 42.96 84.50 25.15
C THR T 409 42.84 84.80 23.66
N GLU T 410 42.58 83.78 22.85
CA GLU T 410 42.31 84.01 21.43
C GLU T 410 41.28 85.10 21.24
N ALA T 411 40.13 84.95 21.91
CA ALA T 411 39.07 85.94 21.77
C ALA T 411 39.48 87.30 22.31
N GLU T 412 40.46 87.33 23.20
CA GLU T 412 40.91 88.61 23.75
C GLU T 412 41.92 89.27 22.84
N SER T 413 42.95 88.54 22.45
CA SER T 413 43.94 89.10 21.53
C SER T 413 43.30 89.49 20.20
N ASN T 414 42.37 88.66 19.71
CA ASN T 414 41.65 89.00 18.49
C ASN T 414 40.86 90.29 18.64
N MET T 415 40.68 90.78 19.87
CA MET T 415 40.17 92.13 20.06
C MET T 415 41.27 93.16 20.13
N ASN T 416 42.51 92.74 20.42
CA ASN T 416 43.59 93.69 20.54
C ASN T 416 44.16 94.08 19.18
N ASP T 417 44.39 93.11 18.31
CA ASP T 417 44.76 93.44 16.95
C ASP T 417 43.67 94.23 16.26
N LEU T 418 42.41 93.99 16.64
CA LEU T 418 41.32 94.73 16.05
C LEU T 418 41.30 96.16 16.56
N VAL T 419 41.61 96.37 17.84
CA VAL T 419 41.53 97.72 18.39
C VAL T 419 42.72 98.57 17.95
N SER T 420 43.74 97.95 17.35
CA SER T 420 44.84 98.72 16.80
C SER T 420 44.69 98.98 15.31
N GLU T 421 44.03 98.09 14.56
CA GLU T 421 43.70 98.40 13.17
C GLU T 421 42.95 99.71 13.09
N TYR T 422 41.98 99.91 13.98
CA TYR T 422 41.25 101.18 14.02
C TYR T 422 42.13 102.32 14.50
N GLN T 423 43.26 102.03 15.13
CA GLN T 423 44.12 103.09 15.63
C GLN T 423 45.17 103.51 14.63
N GLN T 424 45.92 102.54 14.09
CA GLN T 424 46.94 102.87 13.10
C GLN T 424 46.32 103.52 11.86
N TYR T 425 45.12 103.09 11.49
CA TYR T 425 44.40 103.75 10.41
C TYR T 425 43.91 105.13 10.82
N GLN T 426 43.85 105.43 12.12
CA GLN T 426 43.49 106.75 12.60
C GLN T 426 44.77 107.51 12.89
N ASP T 427 45.29 108.19 11.86
CA ASP T 427 46.42 109.10 12.01
C ASP T 427 46.00 110.49 12.45
N ALA T 428 45.28 110.59 13.57
CA ALA T 428 44.73 111.86 14.07
C ALA T 428 43.95 112.60 12.99
N MET U 1 -8.36 46.64 -18.86
CA MET U 1 -7.18 45.79 -18.88
C MET U 1 -6.26 46.11 -17.71
N ARG U 2 -5.13 45.39 -17.63
CA ARG U 2 -4.16 45.54 -16.56
C ARG U 2 -4.80 45.34 -15.18
N GLU U 3 -5.58 44.28 -15.06
CA GLU U 3 -6.24 44.01 -13.78
C GLU U 3 -5.20 43.77 -12.68
N ILE U 4 -5.63 43.94 -11.44
CA ILE U 4 -4.76 43.82 -10.28
C ILE U 4 -5.52 43.08 -9.18
N VAL U 5 -4.87 42.10 -8.57
CA VAL U 5 -5.42 41.34 -7.45
C VAL U 5 -4.61 41.67 -6.21
N HIS U 6 -5.29 41.78 -5.07
CA HIS U 6 -4.74 42.42 -3.88
C HIS U 6 -4.93 41.53 -2.67
N ILE U 7 -3.83 41.23 -1.97
CA ILE U 7 -3.82 40.34 -0.82
C ILE U 7 -3.70 41.18 0.45
N GLN U 8 -4.34 40.73 1.52
CA GLN U 8 -4.25 41.37 2.83
C GLN U 8 -4.02 40.28 3.87
N GLY U 9 -2.75 40.03 4.22
CA GLY U 9 -2.41 38.97 5.14
C GLY U 9 -2.07 39.52 6.52
N GLY U 10 -2.66 38.92 7.54
CA GLY U 10 -2.41 39.32 8.91
C GLY U 10 -3.37 40.38 9.40
N GLN U 11 -3.29 40.64 10.70
CA GLN U 11 -4.15 41.66 11.31
C GLN U 11 -3.92 43.02 10.68
N CYS U 12 -2.66 43.46 10.67
CA CYS U 12 -2.32 44.71 10.00
C CYS U 12 -2.81 44.68 8.55
N GLY U 13 -2.46 43.62 7.82
CA GLY U 13 -2.94 43.49 6.45
C GLY U 13 -4.45 43.61 6.35
N ASN U 14 -5.17 42.90 7.24
CA ASN U 14 -6.63 43.01 7.26
C ASN U 14 -7.09 44.36 7.74
N GLN U 15 -6.22 45.15 8.36
CA GLN U 15 -6.63 46.44 8.90
C GLN U 15 -6.30 47.61 7.99
N ILE U 16 -5.18 47.59 7.28
CA ILE U 16 -4.94 48.69 6.34
C ILE U 16 -5.74 48.47 5.07
N GLY U 17 -6.09 47.23 4.75
CA GLY U 17 -7.00 46.96 3.65
C GLY U 17 -8.39 47.53 3.86
N ALA U 18 -8.77 47.76 5.12
CA ALA U 18 -10.06 48.38 5.37
C ALA U 18 -10.05 49.85 4.98
N LYS U 19 -8.92 50.53 5.18
CA LYS U 19 -8.82 51.92 4.76
C LYS U 19 -8.59 52.02 3.26
N PHE U 20 -7.71 51.19 2.73
CA PHE U 20 -7.40 51.21 1.31
C PHE U 20 -8.66 51.06 0.46
N TRP U 21 -9.49 50.08 0.79
CA TRP U 21 -10.72 49.87 0.05
C TRP U 21 -11.80 50.88 0.41
N GLU U 22 -11.60 51.66 1.47
CA GLU U 22 -12.48 52.79 1.74
C GLU U 22 -12.00 54.04 1.02
N VAL U 23 -10.69 54.20 0.89
CA VAL U 23 -10.14 55.32 0.14
C VAL U 23 -10.50 55.19 -1.34
N VAL U 24 -10.17 54.05 -1.95
CA VAL U 24 -10.39 53.86 -3.37
C VAL U 24 -11.88 53.91 -3.69
N SER U 25 -12.71 53.30 -2.84
CA SER U 25 -14.15 53.28 -3.10
C SER U 25 -14.71 54.69 -3.21
N ASP U 26 -14.32 55.57 -2.28
CA ASP U 26 -14.74 56.97 -2.38
C ASP U 26 -14.20 57.60 -3.66
N GLU U 27 -12.97 57.23 -4.05
CA GLU U 27 -12.37 57.83 -5.22
C GLU U 27 -13.14 57.46 -6.49
N HIS U 28 -13.71 56.25 -6.54
CA HIS U 28 -14.54 55.82 -7.65
C HIS U 28 -16.03 55.92 -7.33
N GLY U 29 -16.39 56.68 -6.30
CA GLY U 29 -17.77 57.01 -6.01
C GLY U 29 -18.71 55.83 -5.95
N ILE U 30 -18.36 54.81 -5.19
CA ILE U 30 -19.20 53.65 -5.01
C ILE U 30 -19.63 53.59 -3.55
N ASP U 31 -20.92 53.41 -3.32
CA ASP U 31 -21.43 53.31 -1.97
C ASP U 31 -20.96 52.01 -1.32
N PRO U 32 -21.06 51.91 0.00
CA PRO U 32 -20.84 50.60 0.65
C PRO U 32 -21.82 49.53 0.19
N THR U 33 -22.86 49.89 -0.54
CA THR U 33 -23.69 48.90 -1.22
C THR U 33 -23.13 48.47 -2.56
N GLY U 34 -21.95 48.97 -2.93
CA GLY U 34 -21.30 48.60 -4.17
C GLY U 34 -21.83 49.29 -5.41
N THR U 35 -22.88 50.08 -5.30
CA THR U 35 -23.42 50.77 -6.46
C THR U 35 -22.66 52.06 -6.72
N TYR U 36 -22.42 52.35 -7.99
CA TYR U 36 -21.71 53.56 -8.38
C TYR U 36 -22.65 54.75 -8.27
N HIS U 37 -22.15 55.84 -7.68
CA HIS U 37 -22.96 57.04 -7.50
C HIS U 37 -22.15 58.30 -7.74
N GLY U 38 -21.12 58.23 -8.58
CA GLY U 38 -20.28 59.37 -8.84
C GLY U 38 -20.91 60.36 -9.79
N ASP U 39 -20.09 61.23 -10.34
CA ASP U 39 -20.52 62.28 -11.25
C ASP U 39 -19.98 62.11 -12.66
N SER U 40 -18.66 61.99 -12.81
CA SER U 40 -18.03 61.88 -14.11
C SER U 40 -18.02 60.44 -14.58
N ASP U 41 -17.64 60.25 -15.84
CA ASP U 41 -17.47 58.91 -16.39
C ASP U 41 -16.06 58.39 -16.25
N LEU U 42 -15.13 59.22 -15.82
CA LEU U 42 -13.79 58.74 -15.55
C LEU U 42 -13.74 57.78 -14.37
N GLN U 43 -14.82 57.63 -13.62
CA GLN U 43 -14.82 56.61 -12.57
C GLN U 43 -15.16 55.23 -13.12
N LEU U 44 -15.80 55.15 -14.28
CA LEU U 44 -16.23 53.89 -14.84
C LEU U 44 -15.26 53.33 -15.87
N GLU U 45 -14.34 54.15 -16.38
CA GLU U 45 -13.53 53.71 -17.51
C GLU U 45 -12.57 52.59 -17.11
N ARG U 46 -11.87 52.74 -15.99
CA ARG U 46 -10.88 51.77 -15.55
C ARG U 46 -11.22 51.22 -14.18
N ILE U 47 -12.52 51.03 -13.92
CA ILE U 47 -12.92 50.47 -12.64
C ILE U 47 -12.52 49.00 -12.57
N ASN U 48 -12.42 48.33 -13.71
CA ASN U 48 -12.12 46.90 -13.72
C ASN U 48 -10.70 46.60 -13.37
N VAL U 49 -9.91 47.57 -12.91
CA VAL U 49 -8.58 47.25 -12.39
C VAL U 49 -8.65 46.73 -10.96
N TYR U 50 -9.74 47.02 -10.25
CA TYR U 50 -9.90 46.65 -8.85
C TYR U 50 -11.17 45.87 -8.56
N PHE U 51 -12.22 46.05 -9.36
CA PHE U 51 -13.53 45.52 -9.01
C PHE U 51 -14.02 44.58 -10.09
N ASN U 52 -15.09 43.87 -9.76
CA ASN U 52 -15.78 42.99 -10.69
C ASN U 52 -17.26 43.37 -10.69
N GLU U 53 -17.82 43.57 -11.87
CA GLU U 53 -19.25 43.81 -11.97
C GLU U 53 -20.01 42.59 -11.48
N ALA U 54 -21.10 42.83 -10.75
CA ALA U 54 -21.98 41.77 -10.29
C ALA U 54 -23.40 42.11 -10.71
N THR U 55 -24.33 41.24 -10.34
CA THR U 55 -25.73 41.49 -10.65
C THR U 55 -26.22 42.74 -9.94
N GLY U 56 -27.09 43.49 -10.62
CA GLY U 56 -27.62 44.71 -10.05
C GLY U 56 -26.67 45.88 -10.05
N GLY U 57 -25.51 45.77 -10.69
CA GLY U 57 -24.57 46.87 -10.74
C GLY U 57 -23.66 46.99 -9.54
N ARG U 58 -23.49 45.91 -8.77
CA ARG U 58 -22.54 45.92 -7.67
C ARG U 58 -21.13 45.78 -8.20
N TYR U 59 -20.20 46.53 -7.62
CA TYR U 59 -18.77 46.39 -7.89
C TYR U 59 -18.12 45.83 -6.64
N VAL U 60 -17.63 44.61 -6.73
CA VAL U 60 -17.01 43.91 -5.61
C VAL U 60 -15.50 43.89 -5.83
N PRO U 61 -14.70 44.24 -4.82
CA PRO U 61 -13.25 44.35 -5.03
C PRO U 61 -12.61 43.00 -5.36
N ARG U 62 -11.41 43.08 -5.93
CA ARG U 62 -10.57 41.89 -6.13
C ARG U 62 -9.67 41.65 -4.93
N ALA U 63 -10.25 41.61 -3.74
CA ALA U 63 -9.47 41.49 -2.53
C ALA U 63 -9.47 40.05 -2.04
N ILE U 64 -8.47 39.74 -1.22
CA ILE U 64 -8.36 38.44 -0.55
C ILE U 64 -7.87 38.69 0.87
N LEU U 65 -8.66 38.30 1.85
CA LEU U 65 -8.35 38.53 3.26
C LEU U 65 -8.04 37.19 3.89
N MET U 66 -6.80 36.97 4.27
CA MET U 66 -6.36 35.74 4.89
C MET U 66 -5.79 36.06 6.27
N ASP U 67 -6.16 35.26 7.26
CA ASP U 67 -5.68 35.46 8.61
C ASP U 67 -6.13 34.30 9.48
N LEU U 68 -5.35 34.01 10.51
CA LEU U 68 -5.81 33.12 11.56
C LEU U 68 -6.55 33.93 12.62
N GLU U 69 -7.19 33.22 13.56
CA GLU U 69 -7.91 33.88 14.64
C GLU U 69 -8.99 34.79 14.07
N PRO U 70 -10.13 34.23 13.62
CA PRO U 70 -11.12 35.03 12.87
C PRO U 70 -11.66 36.23 13.62
N GLY U 71 -11.24 36.42 14.87
CA GLY U 71 -11.67 37.55 15.67
C GLY U 71 -11.45 38.90 15.03
N THR U 72 -10.68 38.97 13.96
CA THR U 72 -10.49 40.23 13.25
C THR U 72 -11.50 40.40 12.12
N MET U 73 -12.00 39.30 11.55
CA MET U 73 -12.85 39.42 10.38
C MET U 73 -14.27 39.86 10.72
N ASP U 74 -14.68 39.73 11.98
CA ASP U 74 -15.93 40.36 12.38
C ASP U 74 -15.78 41.86 12.57
N SER U 75 -14.56 42.38 12.51
CA SER U 75 -14.37 43.83 12.51
C SER U 75 -14.57 44.40 11.12
N VAL U 76 -13.89 43.82 10.12
CA VAL U 76 -14.07 44.29 8.75
C VAL U 76 -15.51 44.04 8.30
N ARG U 77 -16.12 42.94 8.73
CA ARG U 77 -17.54 42.74 8.47
C ARG U 77 -18.42 43.72 9.22
N SER U 78 -17.85 44.52 10.12
CA SER U 78 -18.61 45.49 10.90
C SER U 78 -18.43 46.92 10.42
N GLY U 79 -17.30 47.23 9.81
CA GLY U 79 -17.04 48.57 9.33
C GLY U 79 -18.07 49.03 8.30
N PRO U 80 -18.01 50.31 7.92
CA PRO U 80 -19.01 50.81 6.96
C PRO U 80 -18.89 50.16 5.60
N TYR U 81 -17.69 49.97 5.10
CA TYR U 81 -17.45 49.35 3.80
C TYR U 81 -17.20 47.86 3.90
N GLY U 82 -17.76 47.20 4.91
CA GLY U 82 -17.49 45.79 5.11
C GLY U 82 -18.43 44.88 4.38
N GLN U 83 -19.50 45.44 3.81
CA GLN U 83 -20.46 44.63 3.07
C GLN U 83 -20.07 44.41 1.63
N ILE U 84 -19.03 45.07 1.13
CA ILE U 84 -18.72 44.98 -0.29
C ILE U 84 -17.94 43.72 -0.61
N PHE U 85 -17.18 43.18 0.34
CA PHE U 85 -16.34 42.03 0.06
C PHE U 85 -17.17 40.79 -0.19
N ARG U 86 -16.75 39.99 -1.16
CA ARG U 86 -17.32 38.66 -1.32
C ARG U 86 -17.03 37.84 -0.08
N PRO U 87 -18.05 37.35 0.63
CA PRO U 87 -17.78 36.57 1.85
C PRO U 87 -16.96 35.32 1.61
N ASP U 88 -16.88 34.83 0.37
CA ASP U 88 -16.04 33.66 0.11
C ASP U 88 -14.57 34.01 -0.06
N ASN U 89 -14.24 35.28 -0.26
CA ASN U 89 -12.85 35.71 -0.21
C ASN U 89 -12.49 36.11 1.21
N PHE U 90 -12.80 35.23 2.17
CA PHE U 90 -12.54 35.49 3.58
C PHE U 90 -11.95 34.20 4.15
N VAL U 91 -10.63 34.05 4.03
CA VAL U 91 -9.97 32.84 4.49
C VAL U 91 -9.49 33.09 5.92
N PHE U 92 -10.18 32.50 6.89
CA PHE U 92 -9.79 32.60 8.28
C PHE U 92 -9.57 31.21 8.85
N GLY U 93 -8.76 31.15 9.89
CA GLY U 93 -8.50 29.91 10.60
C GLY U 93 -8.91 30.04 12.05
N GLN U 94 -9.55 28.98 12.56
CA GLN U 94 -10.12 29.05 13.90
C GLN U 94 -9.06 29.26 14.97
N THR U 95 -7.88 28.66 14.80
CA THR U 95 -6.80 28.83 15.75
C THR U 95 -5.90 29.99 15.35
N GLY U 96 -4.84 30.22 16.12
CA GLY U 96 -3.98 31.37 15.93
C GLY U 96 -2.53 30.98 15.63
N ALA U 97 -1.71 32.01 15.43
CA ALA U 97 -0.29 31.83 15.15
C ALA U 97 0.62 32.24 16.30
N GLY U 98 0.08 32.81 17.37
CA GLY U 98 0.84 33.08 18.58
C GLY U 98 2.13 33.86 18.40
N ASN U 99 2.16 34.77 17.43
CA ASN U 99 3.34 35.59 17.15
C ASN U 99 4.57 34.71 16.95
N ASN U 100 4.43 33.73 16.08
CA ASN U 100 5.48 32.75 15.82
C ASN U 100 5.59 32.57 14.31
N TRP U 101 6.75 32.90 13.75
CA TRP U 101 6.93 32.80 12.31
C TRP U 101 6.78 31.37 11.81
N ALA U 102 7.22 30.40 12.61
CA ALA U 102 7.25 29.02 12.14
C ALA U 102 5.85 28.50 11.86
N LYS U 103 4.98 28.51 12.86
CA LYS U 103 3.66 27.92 12.69
C LYS U 103 2.83 28.69 11.66
N GLY U 104 3.04 30.00 11.55
CA GLY U 104 2.43 30.73 10.46
C GLY U 104 3.01 30.42 9.10
N HIS U 105 4.11 29.67 9.05
CA HIS U 105 4.77 29.32 7.82
C HIS U 105 4.90 27.83 7.59
N TYR U 106 4.84 27.01 8.64
CA TYR U 106 5.01 25.57 8.50
C TYR U 106 3.75 24.78 8.84
N THR U 107 3.22 24.96 10.04
CA THR U 107 2.12 24.11 10.52
C THR U 107 0.77 24.62 10.01
N GLU U 108 0.40 25.83 10.41
CA GLU U 108 -0.94 26.31 10.11
C GLU U 108 -1.04 26.90 8.71
N GLY U 109 0.01 27.59 8.27
CA GLY U 109 0.01 28.10 6.90
C GLY U 109 -0.25 27.01 5.88
N ALA U 110 0.47 25.89 6.00
CA ALA U 110 0.34 24.81 5.04
C ALA U 110 -1.06 24.19 5.01
N GLU U 111 -1.95 24.59 5.93
CA GLU U 111 -3.31 24.06 5.94
C GLU U 111 -4.32 24.99 5.30
N LEU U 112 -3.99 26.28 5.14
CA LEU U 112 -4.88 27.19 4.44
C LEU U 112 -4.48 27.42 3.00
N ILE U 113 -3.19 27.24 2.68
CA ILE U 113 -2.69 27.59 1.36
C ILE U 113 -3.41 26.80 0.27
N ASP U 114 -3.69 25.52 0.52
CA ASP U 114 -4.44 24.73 -0.43
C ASP U 114 -5.77 25.39 -0.77
N SER U 115 -6.37 26.10 0.19
CA SER U 115 -7.62 26.80 -0.06
C SER U 115 -7.40 28.22 -0.57
N VAL U 116 -6.48 28.95 0.04
CA VAL U 116 -6.21 30.33 -0.38
C VAL U 116 -5.88 30.40 -1.86
N LEU U 117 -5.08 29.44 -2.34
CA LEU U 117 -4.69 29.46 -3.73
C LEU U 117 -5.87 29.22 -4.67
N ASP U 118 -6.87 28.46 -4.23
CA ASP U 118 -8.06 28.33 -5.05
C ASP U 118 -8.85 29.63 -5.09
N VAL U 119 -8.67 30.49 -4.09
CA VAL U 119 -9.30 31.81 -4.11
C VAL U 119 -8.58 32.71 -5.09
N VAL U 120 -7.25 32.73 -5.04
CA VAL U 120 -6.49 33.66 -5.86
C VAL U 120 -6.59 33.30 -7.33
N ARG U 121 -6.79 32.03 -7.66
CA ARG U 121 -6.92 31.65 -9.06
C ARG U 121 -8.32 31.95 -9.57
N LYS U 122 -9.33 31.83 -8.71
CA LYS U 122 -10.68 32.17 -9.13
C LYS U 122 -10.76 33.60 -9.64
N GLU U 123 -9.87 34.47 -9.17
CA GLU U 123 -9.85 35.85 -9.62
C GLU U 123 -8.53 36.23 -10.29
N ALA U 124 -7.74 35.24 -10.70
CA ALA U 124 -6.64 35.51 -11.61
C ALA U 124 -7.04 35.25 -13.05
N GLU U 125 -7.99 34.35 -13.27
CA GLU U 125 -8.55 34.09 -14.58
C GLU U 125 -9.75 34.96 -14.90
N SER U 126 -10.32 35.64 -13.91
CA SER U 126 -11.36 36.63 -14.19
C SER U 126 -10.80 37.85 -14.89
N CYS U 127 -9.50 37.89 -15.12
CA CYS U 127 -8.81 39.00 -15.75
C CYS U 127 -8.43 38.63 -17.18
N ASP U 128 -8.58 39.59 -18.10
CA ASP U 128 -8.12 39.34 -19.46
C ASP U 128 -6.60 39.44 -19.55
N CYS U 129 -6.04 40.50 -18.97
CA CYS U 129 -4.60 40.73 -18.96
C CYS U 129 -4.20 41.15 -17.56
N LEU U 130 -3.77 40.18 -16.74
CA LEU U 130 -3.41 40.47 -15.37
C LEU U 130 -2.12 41.27 -15.31
N GLN U 131 -2.13 42.37 -14.55
CA GLN U 131 -0.94 43.20 -14.42
C GLN U 131 0.02 42.62 -13.39
N GLY U 132 -0.47 42.35 -12.19
CA GLY U 132 0.38 41.78 -11.17
C GLY U 132 -0.34 41.72 -9.84
N PHE U 133 0.40 41.23 -8.85
CA PHE U 133 -0.09 41.05 -7.48
C PHE U 133 0.43 42.18 -6.59
N GLN U 134 -0.29 42.40 -5.49
CA GLN U 134 0.18 43.32 -4.47
C GLN U 134 -0.33 42.84 -3.12
N VAL U 135 0.53 42.93 -2.10
CA VAL U 135 0.23 42.42 -0.78
C VAL U 135 0.49 43.50 0.26
N CYS U 136 -0.05 43.29 1.44
CA CYS U 136 0.20 44.14 2.59
C CYS U 136 0.55 43.24 3.77
N HIS U 137 1.58 43.63 4.54
CA HIS U 137 2.15 42.74 5.53
C HIS U 137 2.36 43.48 6.83
N SER U 138 2.93 42.75 7.78
CA SER U 138 3.49 43.32 9.01
C SER U 138 4.55 42.32 9.47
N LEU U 139 5.82 42.65 9.22
CA LEU U 139 6.88 41.67 9.36
C LEU U 139 7.12 41.21 10.79
N GLY U 140 6.35 41.71 11.76
CA GLY U 140 6.56 41.33 13.14
C GLY U 140 5.78 40.09 13.57
N GLY U 141 4.52 39.99 13.17
CA GLY U 141 3.67 38.92 13.64
C GLY U 141 3.99 37.60 12.97
N GLY U 142 3.12 36.63 13.24
CA GLY U 142 3.26 35.31 12.64
C GLY U 142 2.28 35.09 11.51
N THR U 143 1.04 35.57 11.68
CA THR U 143 0.07 35.44 10.61
C THR U 143 0.48 36.27 9.40
N GLY U 144 0.77 37.55 9.63
CA GLY U 144 1.09 38.43 8.51
C GLY U 144 2.41 38.06 7.85
N SER U 145 3.43 37.78 8.66
CA SER U 145 4.73 37.44 8.12
C SER U 145 4.76 36.01 7.58
N GLY U 146 4.46 35.03 8.44
CA GLY U 146 4.51 33.63 8.07
C GLY U 146 3.66 33.27 6.87
N MET U 147 2.33 33.35 7.01
CA MET U 147 1.46 33.06 5.88
C MET U 147 1.65 34.05 4.75
N GLY U 148 2.19 35.23 5.04
CA GLY U 148 2.46 36.21 4.02
C GLY U 148 3.50 35.69 3.05
N THR U 149 4.63 35.23 3.57
CA THR U 149 5.70 34.74 2.72
C THR U 149 5.34 33.39 2.11
N LEU U 150 4.71 32.51 2.89
CA LEU U 150 4.31 31.21 2.36
C LEU U 150 3.36 31.36 1.19
N LEU U 151 2.47 32.35 1.25
CA LEU U 151 1.61 32.62 0.11
C LEU U 151 2.40 33.14 -1.08
N ILE U 152 3.43 33.93 -0.81
CA ILE U 152 4.21 34.53 -1.89
C ILE U 152 4.97 33.45 -2.66
N SER U 153 5.71 32.62 -1.95
CA SER U 153 6.50 31.58 -2.59
C SER U 153 5.65 30.59 -3.37
N LYS U 154 4.34 30.61 -3.21
CA LYS U 154 3.46 29.84 -4.07
C LYS U 154 3.06 30.61 -5.32
N ILE U 155 2.95 31.93 -5.20
CA ILE U 155 2.61 32.75 -6.37
C ILE U 155 3.78 32.83 -7.33
N ARG U 156 5.01 32.77 -6.82
CA ARG U 156 6.18 33.02 -7.64
C ARG U 156 6.37 31.96 -8.72
N GLU U 157 5.74 30.79 -8.58
CA GLU U 157 5.84 29.74 -9.59
C GLU U 157 4.64 29.68 -10.50
N GLU U 158 3.43 29.84 -9.96
CA GLU U 158 2.26 29.84 -10.82
C GLU U 158 2.22 31.07 -11.72
N TYR U 159 2.89 32.14 -11.31
CA TYR U 159 2.92 33.39 -12.08
C TYR U 159 4.27 34.05 -11.89
N PRO U 160 5.31 33.56 -12.55
CA PRO U 160 6.63 34.19 -12.43
C PRO U 160 6.77 35.41 -13.32
N ASP U 161 6.04 35.43 -14.44
CA ASP U 161 6.15 36.54 -15.37
C ASP U 161 5.52 37.81 -14.80
N ARG U 162 4.38 37.68 -14.12
CA ARG U 162 3.70 38.83 -13.55
C ARG U 162 4.54 39.46 -12.45
N MET U 163 4.04 40.56 -11.91
CA MET U 163 4.80 41.38 -10.97
C MET U 163 4.13 41.39 -9.61
N MET U 164 4.94 41.28 -8.56
CA MET U 164 4.45 41.23 -7.19
C MET U 164 4.96 42.42 -6.40
N LEU U 165 4.05 43.14 -5.78
CA LEU U 165 4.38 44.27 -4.93
C LEU U 165 4.28 43.85 -3.46
N THR U 166 4.88 44.66 -2.59
CA THR U 166 4.89 44.32 -1.16
C THR U 166 4.99 45.61 -0.35
N PHE U 167 3.94 45.91 0.41
CA PHE U 167 3.97 47.03 1.35
C PHE U 167 4.25 46.53 2.77
N SER U 168 5.44 45.98 2.95
CA SER U 168 5.80 45.41 4.24
C SER U 168 5.98 46.51 5.28
N VAL U 169 5.39 46.31 6.45
CA VAL U 169 5.60 47.20 7.59
C VAL U 169 6.68 46.56 8.45
N VAL U 170 7.91 47.04 8.29
CA VAL U 170 9.06 46.49 9.01
C VAL U 170 8.89 46.81 10.49
N PRO U 171 9.30 45.94 11.40
CA PRO U 171 9.24 46.29 12.82
C PRO U 171 10.27 47.34 13.17
N SER U 172 10.25 47.81 14.42
CA SER U 172 11.17 48.85 14.82
C SER U 172 11.51 48.72 16.29
N PRO U 173 12.75 49.00 16.68
CA PRO U 173 13.09 48.91 18.11
C PRO U 173 12.43 49.96 18.98
N LYS U 174 12.05 51.11 18.41
CA LYS U 174 11.47 52.16 19.25
C LYS U 174 10.05 51.79 19.68
N VAL U 175 9.27 51.17 18.81
CA VAL U 175 7.97 50.64 19.20
C VAL U 175 8.07 49.12 19.28
N SER U 176 8.41 48.62 20.47
CA SER U 176 8.60 47.19 20.69
C SER U 176 7.28 46.57 21.16
N ASP U 177 6.37 46.44 20.20
CA ASP U 177 5.07 45.87 20.51
C ASP U 177 5.19 44.45 21.05
N THR U 178 6.23 43.73 20.63
CA THR U 178 6.45 42.36 21.10
C THR U 178 7.96 42.13 21.21
N VAL U 179 8.34 40.87 21.44
CA VAL U 179 9.69 40.52 21.82
C VAL U 179 10.39 39.69 20.74
N VAL U 180 9.65 38.83 20.06
CA VAL U 180 10.25 37.87 19.13
C VAL U 180 10.28 38.45 17.73
N GLU U 181 10.11 39.77 17.64
CA GLU U 181 10.16 40.47 16.36
C GLU U 181 11.41 40.15 15.53
N PRO U 182 12.64 40.27 16.06
CA PRO U 182 13.81 40.06 15.19
C PRO U 182 13.85 38.69 14.54
N TYR U 183 13.46 37.65 15.25
CA TYR U 183 13.34 36.34 14.62
C TYR U 183 12.31 36.37 13.49
N ASN U 184 11.14 36.95 13.77
CA ASN U 184 10.09 37.02 12.77
C ASN U 184 10.43 37.99 11.65
N ALA U 185 11.43 38.85 11.82
CA ALA U 185 11.78 39.80 10.77
C ALA U 185 12.70 39.17 9.74
N THR U 186 13.88 38.72 10.16
CA THR U 186 14.85 38.17 9.22
C THR U 186 14.28 36.96 8.49
N LEU U 187 13.65 36.04 9.22
CA LEU U 187 13.08 34.86 8.60
C LEU U 187 12.09 35.24 7.50
N SER U 188 11.47 36.41 7.60
CA SER U 188 10.60 36.88 6.53
C SER U 188 11.40 37.56 5.43
N VAL U 189 12.42 38.35 5.81
CA VAL U 189 13.24 39.04 4.82
C VAL U 189 13.91 38.04 3.89
N HIS U 190 14.47 36.98 4.46
CA HIS U 190 15.06 35.92 3.65
C HIS U 190 14.08 35.37 2.63
N GLN U 191 12.78 35.57 2.84
CA GLN U 191 11.79 35.20 1.83
C GLN U 191 11.49 36.34 0.88
N LEU U 192 11.81 37.58 1.26
CA LEU U 192 11.51 38.73 0.40
C LEU U 192 12.62 39.02 -0.60
N VAL U 193 13.86 38.64 -0.29
CA VAL U 193 14.97 38.94 -1.19
C VAL U 193 14.83 38.14 -2.49
N GLU U 194 14.31 36.93 -2.40
CA GLU U 194 14.20 36.07 -3.57
C GLU U 194 12.84 36.11 -4.24
N ASN U 195 11.77 36.28 -3.48
CA ASN U 195 10.43 36.10 -4.02
C ASN U 195 9.64 37.40 -4.02
N ALA U 196 10.27 38.50 -4.44
CA ALA U 196 9.55 39.76 -4.50
C ALA U 196 10.22 40.67 -5.51
N ASP U 197 9.42 41.34 -6.34
CA ASP U 197 9.96 42.22 -7.35
C ASP U 197 10.23 43.61 -6.79
N GLU U 198 9.34 44.13 -5.96
CA GLU U 198 9.54 45.38 -5.25
C GLU U 198 9.06 45.21 -3.81
N CYS U 199 9.65 46.00 -2.90
CA CYS U 199 9.29 45.92 -1.49
C CYS U 199 9.45 47.30 -0.88
N MET U 200 8.34 48.01 -0.71
CA MET U 200 8.37 49.23 0.06
C MET U 200 8.42 48.91 1.54
N VAL U 201 9.37 49.51 2.24
CA VAL U 201 9.54 49.29 3.67
C VAL U 201 9.02 50.51 4.40
N LEU U 202 8.03 50.29 5.26
CA LEU U 202 7.39 51.35 6.02
C LEU U 202 7.57 51.04 7.50
N ASP U 203 7.65 52.08 8.31
CA ASP U 203 7.90 51.91 9.74
C ASP U 203 6.91 52.72 10.55
N ASN U 204 6.55 52.17 11.71
CA ASN U 204 5.64 52.88 12.61
C ASN U 204 6.29 54.13 13.20
N GLU U 205 7.62 54.21 13.20
CA GLU U 205 8.29 55.41 13.69
C GLU U 205 7.93 56.61 12.85
N ALA U 206 8.37 56.62 11.60
CA ALA U 206 8.09 57.74 10.72
C ALA U 206 6.60 57.89 10.48
N LEU U 207 5.83 56.82 10.66
CA LEU U 207 4.38 56.97 10.61
C LEU U 207 3.84 57.74 11.82
N TYR U 208 4.61 57.83 12.90
CA TYR U 208 4.18 58.59 14.06
C TYR U 208 4.63 60.04 14.01
N ASP U 209 5.85 60.29 13.49
CA ASP U 209 6.35 61.66 13.42
C ASP U 209 5.45 62.55 12.59
N ILE U 210 5.18 62.13 11.36
CA ILE U 210 4.30 62.88 10.47
C ILE U 210 3.00 63.24 11.16
N CYS U 211 2.50 62.38 12.05
CA CYS U 211 1.31 62.72 12.80
C CYS U 211 1.60 63.70 13.92
N PHE U 212 2.80 63.63 14.50
CA PHE U 212 3.09 64.51 15.63
C PHE U 212 3.67 65.84 15.19
N ARG U 213 4.50 65.85 14.15
CA ARG U 213 5.15 67.08 13.70
C ARG U 213 4.46 67.68 12.48
N THR U 214 4.33 66.91 11.40
CA THR U 214 3.71 67.43 10.19
C THR U 214 2.20 67.60 10.40
N LEU U 215 1.50 66.52 10.68
CA LEU U 215 0.05 66.60 10.85
C LEU U 215 -0.36 67.17 12.20
N LYS U 216 0.56 67.24 13.16
CA LYS U 216 0.30 67.82 14.47
C LYS U 216 -0.91 67.18 15.16
N LEU U 217 -1.18 65.91 14.85
CA LEU U 217 -2.33 65.24 15.44
C LEU U 217 -2.17 65.13 16.95
N THR U 218 -3.31 65.11 17.64
CA THR U 218 -3.30 64.97 19.09
C THR U 218 -3.16 63.52 19.50
N THR U 219 -4.04 62.66 19.01
CA THR U 219 -4.10 61.25 19.41
C THR U 219 -4.05 60.38 18.15
N PRO U 220 -2.85 60.16 17.61
CA PRO U 220 -2.74 59.32 16.41
C PRO U 220 -3.04 57.86 16.70
N THR U 221 -4.18 57.40 16.24
CA THR U 221 -4.56 56.00 16.33
C THR U 221 -4.19 55.29 15.04
N PHE U 222 -4.06 53.96 15.12
CA PHE U 222 -3.80 53.18 13.92
C PHE U 222 -4.81 53.48 12.82
N GLY U 223 -6.03 53.87 13.18
CA GLY U 223 -6.99 54.31 12.18
C GLY U 223 -6.58 55.56 11.43
N ASP U 224 -5.53 56.24 11.88
CA ASP U 224 -5.00 57.40 11.17
C ASP U 224 -3.72 57.09 10.40
N LEU U 225 -2.90 56.17 10.90
CA LEU U 225 -1.74 55.74 10.12
C LEU U 225 -2.17 55.02 8.85
N ASN U 226 -3.19 54.18 8.96
CA ASN U 226 -3.70 53.51 7.76
C ASN U 226 -4.21 54.52 6.74
N HIS U 227 -4.66 55.69 7.18
CA HIS U 227 -5.02 56.75 6.25
C HIS U 227 -3.79 57.35 5.59
N LEU U 228 -2.60 57.06 6.09
CA LEU U 228 -1.37 57.49 5.45
C LEU U 228 -0.84 56.42 4.50
N ILE U 229 -0.85 55.16 4.93
CA ILE U 229 -0.40 54.07 4.07
C ILE U 229 -1.30 53.97 2.85
N SER U 230 -2.61 54.02 3.06
CA SER U 230 -3.56 53.89 1.97
C SER U 230 -3.40 55.00 0.95
N ALA U 231 -2.79 56.11 1.33
CA ALA U 231 -2.58 57.21 0.40
C ALA U 231 -1.61 56.82 -0.70
N VAL U 232 -0.48 56.21 -0.33
CA VAL U 232 0.55 55.91 -1.32
C VAL U 232 0.09 54.76 -2.22
N MET U 233 -0.61 53.77 -1.67
CA MET U 233 -1.10 52.67 -2.48
C MET U 233 -2.10 53.15 -3.52
N SER U 234 -2.85 54.20 -3.20
CA SER U 234 -3.67 54.83 -4.22
C SER U 234 -2.84 55.77 -5.09
N GLY U 235 -1.74 56.29 -4.56
CA GLY U 235 -0.88 57.15 -5.35
C GLY U 235 -0.04 56.41 -6.37
N ILE U 236 0.07 55.08 -6.24
CA ILE U 236 0.84 54.30 -7.18
C ILE U 236 0.07 54.10 -8.48
N THR U 237 -1.14 53.55 -8.37
CA THR U 237 -1.88 53.06 -9.52
C THR U 237 -2.74 54.13 -10.19
N CYS U 238 -2.38 55.40 -10.03
CA CYS U 238 -3.08 56.45 -10.74
C CYS U 238 -2.99 56.26 -12.25
N CYS U 239 -1.78 56.09 -12.77
CA CYS U 239 -1.60 55.94 -14.22
C CYS U 239 -2.29 54.70 -14.74
N LEU U 240 -2.51 53.69 -13.89
CA LEU U 240 -3.25 52.52 -14.32
C LEU U 240 -4.74 52.83 -14.45
N ARG U 241 -5.27 53.65 -13.54
CA ARG U 241 -6.70 53.91 -13.51
C ARG U 241 -7.09 55.17 -14.26
N PHE U 242 -6.31 56.22 -14.15
CA PHE U 242 -6.67 57.50 -14.71
C PHE U 242 -5.75 57.90 -15.85
N PRO U 243 -6.21 58.73 -16.78
CA PRO U 243 -5.34 59.21 -17.84
C PRO U 243 -4.28 60.15 -17.29
N GLY U 244 -3.30 60.45 -18.13
CA GLY U 244 -2.24 61.35 -17.75
C GLY U 244 -1.37 61.69 -18.93
N GLN U 245 -0.85 62.92 -18.97
CA GLN U 245 -0.05 63.32 -20.12
C GLN U 245 1.27 62.59 -20.17
N LEU U 246 1.71 62.00 -19.07
CA LEU U 246 2.88 61.11 -19.06
C LEU U 246 2.57 59.96 -18.11
N ASN U 247 1.98 58.90 -18.67
CA ASN U 247 1.59 57.77 -17.83
C ASN U 247 2.82 56.96 -17.43
N ALA U 248 2.62 56.09 -16.43
CA ALA U 248 3.67 55.20 -15.97
C ALA U 248 3.00 54.00 -15.30
N ASP U 249 2.99 52.86 -15.99
CA ASP U 249 2.37 51.65 -15.46
C ASP U 249 3.25 51.08 -14.36
N LEU U 250 2.85 49.93 -13.83
CA LEU U 250 3.53 49.38 -12.65
C LEU U 250 4.90 48.82 -12.99
N ARG U 251 5.09 48.31 -14.20
CA ARG U 251 6.36 47.65 -14.51
C ARG U 251 7.47 48.64 -14.80
N LYS U 252 7.19 49.68 -15.60
CA LYS U 252 8.22 50.64 -15.93
C LYS U 252 8.70 51.41 -14.71
N LEU U 253 7.94 51.39 -13.63
CA LEU U 253 8.42 52.00 -12.38
C LEU U 253 9.48 51.15 -11.72
N ALA U 254 9.53 49.85 -12.01
CA ALA U 254 10.54 48.98 -11.44
C ALA U 254 11.85 49.09 -12.20
N VAL U 255 11.81 48.82 -13.51
CA VAL U 255 13.02 48.87 -14.33
C VAL U 255 13.74 50.20 -14.18
N ASN U 256 12.99 51.30 -14.04
CA ASN U 256 13.61 52.60 -13.86
C ASN U 256 14.22 52.79 -12.47
N LEU U 257 14.10 51.83 -11.55
CA LEU U 257 14.51 52.07 -10.18
C LEU U 257 15.51 51.05 -9.63
N ILE U 258 15.34 49.77 -9.94
CA ILE U 258 16.16 48.70 -9.37
C ILE U 258 17.24 48.26 -10.34
N PRO U 259 18.48 48.73 -10.18
CA PRO U 259 19.53 48.34 -11.12
C PRO U 259 19.96 46.89 -10.97
N PHE U 260 20.09 46.42 -9.74
CA PHE U 260 20.54 45.06 -9.51
C PHE U 260 19.44 44.24 -8.82
N PRO U 261 19.29 42.97 -9.18
CA PRO U 261 18.05 42.25 -8.86
C PRO U 261 17.73 42.13 -7.38
N ARG U 262 18.64 42.57 -6.51
CA ARG U 262 18.44 42.43 -5.08
C ARG U 262 17.83 43.67 -4.43
N LEU U 263 18.16 44.85 -4.94
CA LEU U 263 17.89 46.10 -4.23
C LEU U 263 16.45 46.59 -4.47
N HIS U 264 15.51 45.71 -4.16
CA HIS U 264 14.09 46.02 -4.31
C HIS U 264 13.46 46.59 -3.05
N PHE U 265 14.24 47.20 -2.18
CA PHE U 265 13.73 47.85 -0.99
C PHE U 265 13.72 49.35 -1.22
N PHE U 266 12.54 49.94 -1.12
CA PHE U 266 12.33 51.33 -1.49
C PHE U 266 11.94 52.14 -0.25
N MET U 267 11.56 53.39 -0.48
CA MET U 267 11.25 54.31 0.61
C MET U 267 10.25 55.32 0.08
N VAL U 268 9.17 55.53 0.83
CA VAL U 268 8.03 56.27 0.30
C VAL U 268 7.82 57.58 1.04
N GLY U 269 6.81 58.33 0.59
CA GLY U 269 6.43 59.58 1.21
C GLY U 269 5.34 60.24 0.40
N PHE U 270 4.33 60.77 1.05
CA PHE U 270 3.19 61.36 0.37
C PHE U 270 3.15 62.86 0.66
N THR U 271 2.65 63.62 -0.31
CA THR U 271 2.56 65.07 -0.23
C THR U 271 1.32 65.51 -0.97
N PRO U 272 0.66 66.60 -0.55
CA PRO U 272 1.05 67.42 0.60
C PRO U 272 0.33 67.02 1.88
N LEU U 273 0.98 67.24 3.02
CA LEU U 273 0.39 66.96 4.32
C LEU U 273 0.55 68.21 5.18
N THR U 274 -0.57 68.80 5.58
CA THR U 274 -0.56 70.02 6.37
C THR U 274 -1.43 69.83 7.61
N SER U 275 -1.17 70.67 8.61
CA SER U 275 -2.07 70.75 9.73
C SER U 275 -3.36 71.47 9.31
N ARG U 276 -4.36 71.43 10.19
CA ARG U 276 -5.51 72.28 9.96
C ARG U 276 -5.21 73.74 10.26
N GLY U 277 -4.04 74.03 10.83
CA GLY U 277 -3.64 75.39 11.12
C GLY U 277 -2.82 76.02 10.02
N SER U 278 -2.15 75.21 9.22
CA SER U 278 -1.27 75.71 8.18
C SER U 278 -1.92 75.75 6.80
N GLN U 279 -3.15 75.24 6.65
CA GLN U 279 -3.88 75.40 5.40
C GLN U 279 -4.05 76.87 5.03
N GLN U 280 -3.71 77.76 5.95
CA GLN U 280 -3.86 79.20 5.80
C GLN U 280 -2.60 79.84 5.25
N TYR U 281 -1.43 79.24 5.49
CA TYR U 281 -0.15 79.77 5.06
C TYR U 281 0.44 79.02 3.87
N ARG U 282 -0.31 78.13 3.25
CA ARG U 282 0.22 77.24 2.22
C ARG U 282 -0.30 77.63 0.85
N ALA U 283 0.57 77.54 -0.15
CA ALA U 283 0.19 77.71 -1.54
C ALA U 283 0.10 76.36 -2.23
N LEU U 284 -0.84 76.24 -3.17
CA LEU U 284 -1.05 75.00 -3.92
C LEU U 284 -0.31 75.11 -5.24
N THR U 285 1.00 74.88 -5.18
CA THR U 285 1.86 74.92 -6.36
C THR U 285 2.71 73.66 -6.39
N VAL U 286 3.34 73.43 -7.55
CA VAL U 286 4.26 72.30 -7.67
C VAL U 286 5.50 72.48 -6.81
N PRO U 287 6.17 73.64 -6.78
CA PRO U 287 7.37 73.75 -5.94
C PRO U 287 7.12 73.46 -4.47
N GLU U 288 5.90 73.69 -3.97
CA GLU U 288 5.59 73.29 -2.61
C GLU U 288 5.64 71.76 -2.47
N LEU U 289 5.03 71.06 -3.43
CA LEU U 289 5.06 69.60 -3.41
C LEU U 289 6.48 69.08 -3.49
N THR U 290 7.26 69.60 -4.44
CA THR U 290 8.58 69.05 -4.69
C THR U 290 9.56 69.33 -3.57
N GLN U 291 9.23 70.23 -2.65
CA GLN U 291 10.07 70.43 -1.48
C GLN U 291 9.69 69.48 -0.35
N GLN U 292 8.40 69.31 -0.10
CA GLN U 292 7.98 68.43 0.98
C GLN U 292 8.30 66.98 0.67
N MET U 293 8.23 66.59 -0.61
CA MET U 293 8.48 65.18 -0.93
C MET U 293 9.95 64.84 -0.80
N TRP U 294 10.85 65.78 -1.07
CA TRP U 294 12.27 65.52 -0.91
C TRP U 294 12.73 65.70 0.53
N ASP U 295 11.90 66.28 1.38
CA ASP U 295 12.29 66.51 2.77
C ASP U 295 12.40 65.18 3.49
N ALA U 296 13.55 64.95 4.14
CA ALA U 296 13.82 63.66 4.75
C ALA U 296 12.92 63.38 5.95
N LYS U 297 12.11 64.35 6.37
CA LYS U 297 11.17 64.10 7.45
C LYS U 297 9.97 63.29 6.97
N ASN U 298 9.61 63.41 5.70
CA ASN U 298 8.43 62.75 5.19
C ASN U 298 8.62 61.27 4.93
N MET U 299 9.86 60.82 4.75
CA MET U 299 10.13 59.42 4.41
C MET U 299 9.47 58.50 5.43
N MET U 300 8.47 57.73 5.00
CA MET U 300 7.71 56.90 5.91
C MET U 300 8.53 55.79 6.55
N CYS U 301 9.80 55.64 6.18
CA CYS U 301 10.71 54.75 6.87
C CYS U 301 11.71 55.55 7.68
N ALA U 302 12.18 54.95 8.78
CA ALA U 302 13.09 55.64 9.69
C ALA U 302 14.55 55.43 9.26
N ALA U 303 14.82 55.75 8.00
CA ALA U 303 16.16 55.74 7.45
C ALA U 303 16.48 57.11 6.88
N ASP U 304 17.55 57.72 7.37
CA ASP U 304 17.83 59.12 7.05
C ASP U 304 18.56 59.22 5.73
N PRO U 305 17.97 59.84 4.70
CA PRO U 305 18.67 59.96 3.42
C PRO U 305 19.95 60.76 3.49
N ARG U 306 20.10 61.66 4.46
CA ARG U 306 21.30 62.48 4.52
C ARG U 306 22.56 61.71 4.86
N HIS U 307 22.46 60.40 5.06
CA HIS U 307 23.64 59.58 5.30
C HIS U 307 24.01 58.72 4.10
N GLY U 308 23.05 58.37 3.26
CA GLY U 308 23.28 57.57 2.09
C GLY U 308 23.38 58.39 0.83
N ARG U 309 23.22 57.71 -0.31
CA ARG U 309 23.26 58.37 -1.62
C ARG U 309 22.18 57.75 -2.48
N TYR U 310 21.24 58.57 -2.92
CA TYR U 310 20.11 58.06 -3.70
C TYR U 310 20.60 57.38 -4.97
N LEU U 311 20.24 56.11 -5.11
CA LEU U 311 20.47 55.43 -6.39
C LEU U 311 19.51 55.97 -7.44
N THR U 312 18.21 55.79 -7.20
CA THR U 312 17.17 56.31 -8.09
C THR U 312 16.07 56.91 -7.22
N ALA U 313 15.09 57.52 -7.88
CA ALA U 313 13.94 58.10 -7.19
C ALA U 313 12.78 58.15 -8.16
N SER U 314 11.65 58.69 -7.70
CA SER U 314 10.46 58.78 -8.53
C SER U 314 9.58 59.90 -8.01
N ALA U 315 8.51 60.16 -8.75
CA ALA U 315 7.49 61.11 -8.34
C ALA U 315 6.25 60.92 -9.18
N LEU U 316 5.10 60.71 -8.55
CA LEU U 316 3.84 60.52 -9.26
C LEU U 316 2.92 61.67 -8.90
N PHE U 317 2.97 62.72 -9.69
CA PHE U 317 2.11 63.87 -9.46
C PHE U 317 0.70 63.58 -9.94
N ARG U 318 -0.25 64.35 -9.42
CA ARG U 318 -1.64 64.25 -9.83
C ARG U 318 -2.21 65.65 -9.96
N GLY U 319 -3.15 65.82 -10.88
CA GLY U 319 -3.78 67.10 -11.05
C GLY U 319 -3.34 67.78 -12.34
N ARG U 320 -4.21 68.60 -12.91
CA ARG U 320 -3.86 69.27 -14.17
C ARG U 320 -2.81 70.32 -13.90
N MET U 321 -1.53 69.93 -14.02
CA MET U 321 -0.42 70.83 -13.73
C MET U 321 0.45 71.01 -14.96
N SER U 322 1.55 71.73 -14.83
CA SER U 322 2.48 71.99 -15.91
C SER U 322 3.63 71.02 -15.82
N THR U 323 3.98 70.38 -16.93
CA THR U 323 5.05 69.40 -16.92
C THR U 323 6.44 70.03 -16.93
N LYS U 324 6.58 71.28 -17.40
CA LYS U 324 7.91 71.87 -17.35
C LYS U 324 8.32 72.14 -15.91
N GLU U 325 7.38 72.60 -15.08
CA GLU U 325 7.68 72.89 -13.69
C GLU U 325 8.09 71.64 -12.92
N VAL U 326 7.77 70.44 -13.41
CA VAL U 326 8.17 69.23 -12.70
C VAL U 326 9.42 68.65 -13.35
N ASP U 327 9.63 68.93 -14.63
CA ASP U 327 10.81 68.38 -15.30
C ASP U 327 12.08 69.08 -14.86
N GLU U 328 11.97 70.31 -14.35
CA GLU U 328 13.15 71.04 -13.93
C GLU U 328 13.37 71.02 -12.42
N GLN U 329 12.31 70.85 -11.64
CA GLN U 329 12.49 70.69 -10.20
C GLN U 329 13.29 69.44 -9.90
N MET U 330 12.84 68.29 -10.43
CA MET U 330 13.61 67.07 -10.32
C MET U 330 15.00 67.19 -10.93
N LEU U 331 15.21 68.20 -11.77
CA LEU U 331 16.54 68.49 -12.31
C LEU U 331 17.35 69.38 -11.39
N ASN U 332 16.74 70.44 -10.85
CA ASN U 332 17.46 71.35 -9.97
C ASN U 332 17.97 70.65 -8.72
N VAL U 333 17.34 69.56 -8.30
CA VAL U 333 17.75 68.86 -7.09
C VAL U 333 19.14 68.28 -7.25
N GLN U 334 19.31 67.40 -8.24
CA GLN U 334 20.59 66.73 -8.43
C GLN U 334 21.73 67.71 -8.67
N ASN U 335 21.44 68.85 -9.31
CA ASN U 335 22.49 69.83 -9.56
C ASN U 335 23.01 70.43 -8.27
N LYS U 336 22.11 70.70 -7.32
CA LYS U 336 22.53 71.29 -6.05
C LYS U 336 23.14 70.25 -5.13
N ASN U 337 22.35 69.26 -4.72
CA ASN U 337 22.81 68.19 -3.85
C ASN U 337 23.43 67.08 -4.70
N SER U 338 24.62 67.37 -5.24
CA SER U 338 25.27 66.45 -6.15
C SER U 338 25.89 65.26 -5.44
N SER U 339 26.20 65.37 -4.15
CA SER U 339 26.87 64.28 -3.44
C SER U 339 25.90 63.16 -3.10
N TYR U 340 24.64 63.48 -2.82
CA TYR U 340 23.66 62.49 -2.39
C TYR U 340 23.13 61.66 -3.53
N PHE U 341 23.73 61.71 -4.71
CA PHE U 341 23.32 60.89 -5.84
C PHE U 341 24.54 60.20 -6.43
N VAL U 342 24.39 58.90 -6.72
CA VAL U 342 25.48 58.17 -7.33
C VAL U 342 25.84 58.76 -8.68
N GLU U 343 27.09 58.59 -9.07
CA GLU U 343 27.61 59.24 -10.27
C GLU U 343 27.52 58.37 -11.52
N TRP U 344 27.51 57.06 -11.38
CA TRP U 344 27.39 56.22 -12.57
C TRP U 344 25.95 56.11 -13.06
N ILE U 345 25.07 56.99 -12.60
CA ILE U 345 23.73 57.14 -13.15
C ILE U 345 23.50 58.63 -13.39
N PRO U 346 23.50 59.09 -14.63
CA PRO U 346 23.47 60.55 -14.87
C PRO U 346 22.22 61.24 -14.37
N ASN U 347 21.04 60.81 -14.82
CA ASN U 347 19.77 61.40 -14.43
C ASN U 347 18.95 60.28 -13.81
N ASN U 348 18.82 60.29 -12.48
CA ASN U 348 18.32 59.15 -11.75
C ASN U 348 16.96 59.36 -11.13
N VAL U 349 16.11 60.18 -11.74
CA VAL U 349 14.74 60.37 -11.28
C VAL U 349 13.79 60.12 -12.45
N LYS U 350 12.69 59.43 -12.17
CA LYS U 350 11.61 59.27 -13.12
C LYS U 350 10.42 60.08 -12.65
N SER U 351 9.74 60.71 -13.60
CA SER U 351 8.67 61.65 -13.29
C SER U 351 7.41 61.24 -14.03
N SER U 352 6.33 61.03 -13.29
CA SER U 352 5.02 60.75 -13.84
C SER U 352 4.09 61.92 -13.57
N VAL U 353 2.88 61.86 -14.14
CA VAL U 353 1.87 62.89 -13.89
C VAL U 353 0.52 62.39 -14.36
N CYS U 354 -0.53 62.74 -13.62
CA CYS U 354 -1.90 62.39 -13.98
C CYS U 354 -2.79 63.62 -13.89
N ASP U 355 -3.80 63.66 -14.75
CA ASP U 355 -4.71 64.79 -14.82
C ASP U 355 -5.83 64.71 -13.79
N ILE U 356 -5.86 63.67 -12.97
CA ILE U 356 -6.97 63.42 -12.05
C ILE U 356 -6.42 63.43 -10.64
N PRO U 357 -6.57 64.53 -9.91
CA PRO U 357 -6.15 64.56 -8.51
C PRO U 357 -7.08 63.72 -7.65
N PRO U 358 -6.79 63.54 -6.37
CA PRO U 358 -7.70 62.82 -5.48
C PRO U 358 -9.06 63.50 -5.40
N LYS U 359 -10.00 62.80 -4.76
CA LYS U 359 -11.40 63.23 -4.77
C LYS U 359 -11.60 64.60 -4.14
N GLY U 360 -10.71 65.02 -3.24
CA GLY U 360 -10.91 66.25 -2.52
C GLY U 360 -9.95 67.37 -2.87
N LEU U 361 -8.77 67.02 -3.36
CA LEU U 361 -7.73 67.99 -3.59
C LEU U 361 -7.73 68.46 -5.05
N LYS U 362 -6.83 69.39 -5.36
CA LYS U 362 -6.58 69.80 -6.73
C LYS U 362 -5.20 69.40 -7.22
N MET U 363 -4.26 69.15 -6.31
CA MET U 363 -2.92 68.74 -6.68
C MET U 363 -2.35 67.90 -5.55
N SER U 364 -1.61 66.87 -5.92
CA SER U 364 -1.05 65.94 -4.95
C SER U 364 0.12 65.22 -5.61
N ALA U 365 1.04 64.71 -4.79
CA ALA U 365 2.20 64.02 -5.28
C ALA U 365 2.53 62.83 -4.40
N THR U 366 3.41 61.97 -4.90
CA THR U 366 3.79 60.75 -4.22
C THR U 366 5.23 60.41 -4.59
N PHE U 367 5.99 59.95 -3.62
CA PHE U 367 7.43 59.79 -3.78
C PHE U 367 7.85 58.35 -3.51
N ILE U 368 8.82 57.89 -4.28
CA ILE U 368 9.47 56.60 -4.07
C ILE U 368 10.95 56.77 -4.28
N GLY U 369 11.76 56.38 -3.30
CA GLY U 369 13.18 56.57 -3.40
C GLY U 369 13.97 55.34 -3.02
N ASN U 370 14.99 55.01 -3.80
CA ASN U 370 15.85 53.86 -3.54
C ASN U 370 17.20 54.40 -3.09
N SER U 371 17.36 54.54 -1.78
CA SER U 371 18.56 55.07 -1.18
C SER U 371 19.40 53.96 -0.59
N THR U 372 20.65 54.29 -0.26
CA THR U 372 21.54 53.37 0.43
C THR U 372 21.48 53.54 1.93
N ALA U 373 20.56 54.36 2.44
CA ALA U 373 20.31 54.43 3.86
C ALA U 373 19.34 53.36 4.34
N ILE U 374 18.70 52.65 3.41
CA ILE U 374 17.77 51.60 3.78
C ILE U 374 18.47 50.47 4.52
N GLN U 375 19.80 50.41 4.43
CA GLN U 375 20.55 49.43 5.20
C GLN U 375 20.34 49.63 6.70
N GLU U 376 20.10 50.87 7.13
CA GLU U 376 19.94 51.14 8.56
C GLU U 376 18.75 50.39 9.14
N MET U 377 17.69 50.23 8.35
CA MET U 377 16.58 49.38 8.77
C MET U 377 17.06 47.95 9.00
N PHE U 378 17.98 47.48 8.17
CA PHE U 378 18.45 46.11 8.28
C PHE U 378 19.61 45.97 9.27
N LYS U 379 20.33 47.05 9.55
CA LYS U 379 21.38 46.99 10.55
C LYS U 379 20.82 46.76 11.94
N ARG U 380 19.76 47.50 12.29
CA ARG U 380 19.18 47.38 13.62
C ARG U 380 18.59 46.00 13.85
N VAL U 381 17.83 45.50 12.87
CA VAL U 381 17.22 44.19 13.02
C VAL U 381 18.29 43.10 13.11
N SER U 382 19.27 43.14 12.22
CA SER U 382 20.35 42.17 12.24
C SER U 382 21.21 42.28 13.49
N GLU U 383 21.02 43.32 14.29
CA GLU U 383 21.73 43.41 15.56
C GLU U 383 20.96 42.67 16.66
N GLN U 384 19.68 42.97 16.80
CA GLN U 384 18.88 42.30 17.82
C GLN U 384 18.78 40.80 17.54
N PHE U 385 18.82 40.40 16.26
CA PHE U 385 18.80 38.98 15.95
C PHE U 385 20.08 38.29 16.43
N THR U 386 21.23 38.86 16.11
CA THR U 386 22.49 38.25 16.52
C THR U 386 22.77 38.43 18.00
N ALA U 387 22.01 39.26 18.70
CA ALA U 387 22.19 39.39 20.13
C ALA U 387 21.54 38.22 20.87
N MET U 388 20.35 37.80 20.43
CA MET U 388 19.66 36.72 21.12
C MET U 388 19.95 35.36 20.50
N PHE U 389 20.02 35.26 19.18
CA PHE U 389 20.31 33.95 18.58
C PHE U 389 21.70 33.47 18.95
N ARG U 390 22.63 34.38 19.25
CA ARG U 390 23.92 33.98 19.78
C ARG U 390 23.76 33.16 21.05
N ARG U 391 22.74 33.45 21.84
CA ARG U 391 22.43 32.69 23.04
C ARG U 391 21.32 31.68 22.83
N LYS U 392 20.61 31.74 21.70
CA LYS U 392 19.55 30.80 21.37
C LYS U 392 18.37 30.92 22.33
N ALA U 393 17.98 32.16 22.62
CA ALA U 393 16.81 32.41 23.42
C ALA U 393 15.55 32.25 22.59
N PHE U 394 14.46 31.84 23.24
CA PHE U 394 13.14 31.69 22.63
C PHE U 394 13.13 30.74 21.45
N LEU U 395 14.21 29.98 21.23
CA LEU U 395 14.31 29.19 20.00
C LEU U 395 13.40 27.97 20.03
N HIS U 396 13.22 27.35 21.20
CA HIS U 396 12.41 26.14 21.25
C HIS U 396 10.97 26.38 20.80
N TRP U 397 10.57 27.64 20.61
CA TRP U 397 9.28 27.93 20.03
C TRP U 397 9.29 27.82 18.51
N TYR U 398 10.46 27.83 17.90
CA TYR U 398 10.57 27.68 16.46
C TYR U 398 10.94 26.26 16.07
N THR U 399 11.90 25.67 16.79
CA THR U 399 12.29 24.30 16.50
C THR U 399 11.15 23.32 16.79
N GLY U 400 10.33 23.61 17.80
CA GLY U 400 9.19 22.76 18.10
C GLY U 400 8.23 22.60 16.95
N GLU U 401 8.26 23.50 15.97
CA GLU U 401 7.45 23.40 14.77
C GLU U 401 8.16 22.64 13.65
N GLY U 402 9.15 21.83 13.99
CA GLY U 402 9.93 21.11 13.01
C GLY U 402 11.10 21.89 12.43
N MET U 403 11.13 23.21 12.60
CA MET U 403 12.20 24.01 12.04
C MET U 403 13.57 23.52 12.52
N ASP U 404 14.56 23.74 11.67
CA ASP U 404 15.94 23.45 12.01
C ASP U 404 16.63 24.74 12.44
N GLU U 405 17.94 24.68 12.64
CA GLU U 405 18.70 25.86 13.00
C GLU U 405 19.38 26.52 11.81
N MET U 406 19.76 25.74 10.80
CA MET U 406 20.46 26.32 9.66
C MET U 406 19.62 27.36 8.94
N GLU U 407 18.29 27.29 9.05
CA GLU U 407 17.46 28.34 8.48
C GLU U 407 17.65 29.66 9.22
N PHE U 408 18.26 29.64 10.39
CA PHE U 408 18.53 30.88 11.11
C PHE U 408 19.87 31.50 10.74
N THR U 409 20.76 30.75 10.10
CA THR U 409 21.99 31.33 9.59
C THR U 409 21.84 31.80 8.16
N GLU U 410 21.18 31.01 7.31
CA GLU U 410 20.89 31.46 5.96
C GLU U 410 20.04 32.73 5.98
N ALA U 411 19.06 32.80 6.87
CA ALA U 411 18.22 33.98 6.95
C ALA U 411 18.99 35.21 7.40
N GLU U 412 20.12 35.02 8.09
CA GLU U 412 20.91 36.16 8.52
C GLU U 412 22.03 36.49 7.54
N SER U 413 22.71 35.47 7.02
CA SER U 413 23.74 35.73 6.02
C SER U 413 23.16 36.41 4.79
N ASN U 414 22.05 35.87 4.28
CA ASN U 414 21.38 36.49 3.14
C ASN U 414 21.03 37.94 3.41
N MET U 415 20.86 38.30 4.68
CA MET U 415 20.68 39.72 5.02
C MET U 415 22.01 40.46 4.99
N ASN U 416 22.99 39.99 5.75
CA ASN U 416 24.26 40.69 5.83
C ASN U 416 24.95 40.80 4.47
N ASP U 417 24.64 39.91 3.53
CA ASP U 417 25.04 40.16 2.15
C ASP U 417 24.27 41.33 1.57
N LEU U 418 22.93 41.31 1.74
CA LEU U 418 22.11 42.39 1.22
C LEU U 418 22.48 43.73 1.84
N VAL U 419 22.94 43.73 3.09
CA VAL U 419 23.35 44.98 3.72
C VAL U 419 24.65 45.50 3.13
N SER U 420 25.49 44.64 2.57
CA SER U 420 26.71 45.10 1.93
C SER U 420 26.50 45.53 0.49
N GLU U 421 25.51 44.94 -0.19
CA GLU U 421 25.15 45.43 -1.52
C GLU U 421 24.86 46.92 -1.48
N TYR U 422 24.19 47.38 -0.44
CA TYR U 422 23.83 48.79 -0.32
C TYR U 422 24.98 49.66 0.14
N GLN U 423 26.16 49.11 0.38
CA GLN U 423 27.31 49.93 0.77
C GLN U 423 28.37 50.03 -0.32
N GLN U 424 28.56 49.00 -1.13
CA GLN U 424 29.43 49.12 -2.30
C GLN U 424 29.05 50.34 -3.12
N TYR U 425 27.76 50.47 -3.40
CA TYR U 425 27.23 51.58 -4.19
C TYR U 425 27.05 52.84 -3.37
N GLN U 426 27.47 52.85 -2.11
CA GLN U 426 27.57 54.06 -1.31
C GLN U 426 29.05 54.38 -1.19
N ASP U 427 29.54 55.25 -2.07
CA ASP U 427 30.93 55.67 -2.06
C ASP U 427 31.19 56.79 -1.08
N ALA U 428 30.31 56.96 -0.09
CA ALA U 428 30.42 57.99 0.94
C ALA U 428 30.45 59.38 0.33
N MET V 1 38.18 -97.53 89.23
CA MET V 1 38.46 -98.81 88.59
C MET V 1 39.63 -99.48 89.29
N ARG V 2 39.92 -100.72 88.92
CA ARG V 2 40.98 -101.51 89.54
C ARG V 2 40.79 -101.62 91.04
N GLU V 3 39.53 -101.72 91.46
CA GLU V 3 39.22 -101.76 92.88
C GLU V 3 39.64 -103.08 93.50
N ILE V 4 40.19 -103.00 94.72
CA ILE V 4 40.74 -104.14 95.42
C ILE V 4 40.03 -104.30 96.75
N VAL V 5 39.54 -105.51 97.02
CA VAL V 5 38.95 -105.87 98.31
C VAL V 5 39.99 -106.61 99.13
N HIS V 6 39.96 -106.41 100.44
CA HIS V 6 40.96 -106.94 101.35
C HIS V 6 40.31 -107.77 102.44
N ILE V 7 40.99 -108.84 102.85
CA ILE V 7 40.51 -109.72 103.92
C ILE V 7 41.58 -109.76 105.00
N GLN V 8 41.17 -110.12 106.22
CA GLN V 8 42.08 -110.28 107.35
C GLN V 8 41.59 -111.44 108.19
N GLY V 9 42.16 -112.61 107.98
CA GLY V 9 41.79 -113.82 108.72
C GLY V 9 42.80 -114.11 109.81
N GLY V 10 42.32 -114.72 110.90
CA GLY V 10 43.18 -115.08 112.01
C GLY V 10 43.65 -113.86 112.79
N GLN V 11 44.32 -114.15 113.91
CA GLN V 11 44.83 -113.07 114.77
C GLN V 11 45.88 -112.24 114.04
N CYS V 12 46.96 -112.89 113.62
CA CYS V 12 48.02 -112.20 112.90
C CYS V 12 47.46 -111.44 111.70
N GLY V 13 46.63 -112.10 110.91
CA GLY V 13 46.01 -111.44 109.78
C GLY V 13 45.18 -110.23 110.18
N ASN V 14 44.60 -110.26 111.37
CA ASN V 14 43.92 -109.08 111.89
C ASN V 14 44.91 -108.02 112.34
N GLN V 15 46.11 -108.43 112.77
CA GLN V 15 47.06 -107.50 113.39
C GLN V 15 47.96 -106.81 112.36
N ILE V 16 48.51 -107.57 111.40
CA ILE V 16 49.22 -106.92 110.31
C ILE V 16 48.30 -105.95 109.60
N GLY V 17 47.06 -106.36 109.35
CA GLY V 17 46.11 -105.48 108.69
C GLY V 17 45.89 -104.17 109.41
N ALA V 18 46.08 -104.17 110.74
CA ALA V 18 46.06 -102.91 111.47
C ALA V 18 47.19 -102.00 111.00
N LYS V 19 48.34 -102.59 110.69
CA LYS V 19 49.45 -101.80 110.18
C LYS V 19 49.27 -101.47 108.70
N PHE V 20 49.00 -102.49 107.88
CA PHE V 20 48.71 -102.27 106.48
C PHE V 20 47.72 -101.13 106.29
N TRP V 21 46.62 -101.15 107.06
CA TRP V 21 45.65 -100.08 106.98
C TRP V 21 46.06 -98.84 107.75
N GLU V 22 47.20 -98.86 108.43
CA GLU V 22 47.69 -97.63 109.05
C GLU V 22 48.66 -96.90 108.14
N VAL V 23 49.62 -97.62 107.56
CA VAL V 23 50.59 -97.00 106.66
C VAL V 23 49.87 -96.38 105.46
N VAL V 24 49.09 -97.19 104.74
CA VAL V 24 48.39 -96.68 103.57
C VAL V 24 47.48 -95.52 103.94
N SER V 25 46.96 -95.51 105.17
CA SER V 25 46.13 -94.40 105.60
C SER V 25 46.93 -93.11 105.66
N ASP V 26 48.21 -93.20 105.99
CA ASP V 26 49.05 -92.02 105.95
C ASP V 26 49.54 -91.73 104.54
N GLU V 27 49.81 -92.78 103.76
CA GLU V 27 50.29 -92.58 102.39
C GLU V 27 49.34 -91.71 101.59
N HIS V 28 48.03 -91.97 101.73
CA HIS V 28 47.03 -91.14 101.08
C HIS V 28 46.59 -89.96 101.95
N GLY V 29 47.23 -89.76 103.09
CA GLY V 29 47.01 -88.56 103.88
C GLY V 29 45.62 -88.40 104.45
N ILE V 30 45.00 -89.49 104.88
CA ILE V 30 43.70 -89.43 105.54
C ILE V 30 43.90 -89.57 107.03
N ASP V 31 42.99 -89.00 107.79
CA ASP V 31 43.08 -89.03 109.23
C ASP V 31 42.26 -90.18 109.79
N PRO V 32 42.53 -90.60 111.03
CA PRO V 32 41.71 -91.65 111.65
C PRO V 32 40.24 -91.31 111.77
N THR V 33 39.84 -90.10 111.40
CA THR V 33 38.42 -89.77 111.28
C THR V 33 37.82 -90.25 109.97
N GLY V 34 38.64 -90.76 109.05
CA GLY V 34 38.19 -91.04 107.70
C GLY V 34 38.27 -89.86 106.75
N THR V 35 38.67 -88.69 107.25
CA THR V 35 38.75 -87.49 106.44
C THR V 35 40.15 -87.31 105.87
N TYR V 36 40.22 -86.94 104.60
CA TYR V 36 41.49 -86.74 103.92
C TYR V 36 42.06 -85.39 104.28
N HIS V 37 43.38 -85.36 104.52
CA HIS V 37 44.05 -84.10 104.80
C HIS V 37 45.43 -84.03 104.15
N GLY V 38 45.60 -84.67 103.00
CA GLY V 38 46.85 -84.61 102.28
C GLY V 38 47.05 -83.29 101.55
N ASP V 39 47.79 -83.32 100.46
CA ASP V 39 48.10 -82.08 99.74
C ASP V 39 47.77 -82.14 98.26
N SER V 40 48.01 -83.27 97.60
CA SER V 40 47.91 -83.36 96.16
C SER V 40 46.60 -84.02 95.74
N ASP V 41 46.22 -83.79 94.49
CA ASP V 41 45.13 -84.53 93.89
C ASP V 41 45.49 -85.98 93.64
N LEU V 42 46.78 -86.31 93.67
CA LEU V 42 47.23 -87.67 93.40
C LEU V 42 46.73 -88.65 94.46
N GLN V 43 46.66 -88.21 95.72
CA GLN V 43 46.10 -89.07 96.75
C GLN V 43 44.64 -89.40 96.52
N LEU V 44 43.94 -88.60 95.71
CA LEU V 44 42.54 -88.83 95.42
C LEU V 44 42.30 -89.50 94.07
N GLU V 45 43.28 -89.47 93.16
CA GLU V 45 43.08 -90.02 91.84
C GLU V 45 42.72 -91.50 91.92
N ARG V 46 43.54 -92.29 92.61
CA ARG V 46 43.32 -93.72 92.77
C ARG V 46 43.15 -94.09 94.24
N ILE V 47 42.42 -93.26 94.99
CA ILE V 47 42.12 -93.57 96.38
C ILE V 47 41.05 -94.65 96.47
N ASN V 48 40.23 -94.79 95.43
CA ASN V 48 39.11 -95.72 95.45
C ASN V 48 39.53 -97.14 95.38
N VAL V 49 40.83 -97.45 95.47
CA VAL V 49 41.28 -98.82 95.42
C VAL V 49 41.29 -99.49 96.79
N TYR V 50 41.41 -98.71 97.86
CA TYR V 50 41.50 -99.25 99.21
C TYR V 50 40.41 -98.73 100.14
N PHE V 51 39.47 -97.94 99.64
CA PHE V 51 38.53 -97.28 100.53
C PHE V 51 37.17 -97.17 99.86
N ASN V 52 36.22 -96.62 100.60
CA ASN V 52 34.90 -96.32 100.09
C ASN V 52 34.56 -94.88 100.45
N GLU V 53 33.89 -94.20 99.52
CA GLU V 53 33.35 -92.90 99.81
C GLU V 53 32.37 -93.00 100.97
N ALA V 54 32.35 -91.97 101.82
CA ALA V 54 31.44 -91.98 102.96
C ALA V 54 30.89 -90.58 103.16
N THR V 55 29.80 -90.52 103.93
CA THR V 55 29.15 -89.25 104.22
C THR V 55 30.11 -88.29 104.92
N GLY V 56 29.97 -87.02 104.61
CA GLY V 56 30.81 -86.01 105.22
C GLY V 56 32.25 -86.04 104.77
N GLY V 57 32.51 -86.50 103.54
CA GLY V 57 33.86 -86.56 103.04
C GLY V 57 34.76 -87.50 103.82
N ARG V 58 34.22 -88.63 104.25
CA ARG V 58 34.99 -89.62 104.99
C ARG V 58 35.33 -90.79 104.08
N TYR V 59 36.40 -91.50 104.44
CA TYR V 59 36.86 -92.66 103.70
C TYR V 59 37.06 -93.82 104.65
N VAL V 60 36.47 -94.96 104.33
CA VAL V 60 36.52 -96.14 105.19
C VAL V 60 37.23 -97.26 104.45
N PRO V 61 38.11 -98.00 105.12
CA PRO V 61 38.86 -99.05 104.43
C PRO V 61 37.98 -100.20 103.99
N ARG V 62 38.24 -100.70 102.79
CA ARG V 62 37.53 -101.87 102.27
C ARG V 62 38.17 -103.15 102.78
N ALA V 63 38.03 -103.37 104.08
CA ALA V 63 38.60 -104.52 104.74
C ALA V 63 37.50 -105.41 105.33
N ILE V 64 37.85 -106.67 105.52
CA ILE V 64 37.01 -107.63 106.25
C ILE V 64 37.89 -108.25 107.33
N LEU V 65 37.36 -108.33 108.55
CA LEU V 65 38.11 -108.85 109.70
C LEU V 65 37.37 -110.06 110.23
N MET V 66 37.85 -111.25 109.90
CA MET V 66 37.24 -112.52 110.28
C MET V 66 38.15 -113.25 111.25
N ASP V 67 37.63 -113.53 112.44
CA ASP V 67 38.41 -114.21 113.47
C ASP V 67 37.53 -114.59 114.64
N LEU V 68 37.59 -115.85 115.08
CA LEU V 68 36.87 -116.26 116.26
C LEU V 68 37.44 -115.56 117.50
N GLU V 69 36.68 -115.58 118.59
CA GLU V 69 37.10 -114.92 119.83
C GLU V 69 37.30 -113.43 119.58
N PRO V 70 36.21 -112.66 119.53
CA PRO V 70 36.32 -111.25 119.14
C PRO V 70 37.21 -110.40 120.02
N GLY V 71 37.84 -111.00 121.03
CA GLY V 71 38.68 -110.23 121.94
C GLY V 71 39.76 -109.43 121.23
N THR V 72 40.37 -110.01 120.19
CA THR V 72 41.43 -109.29 119.49
C THR V 72 40.88 -108.12 118.68
N MET V 73 39.70 -108.27 118.08
CA MET V 73 39.13 -107.17 117.32
C MET V 73 38.89 -105.93 118.16
N ASP V 74 38.71 -106.10 119.48
CA ASP V 74 38.56 -104.94 120.35
C ASP V 74 39.86 -104.16 120.43
N SER V 75 41.00 -104.86 120.38
CA SER V 75 42.29 -104.19 120.44
C SER V 75 42.47 -103.23 119.27
N VAL V 76 42.32 -103.74 118.05
CA VAL V 76 42.46 -102.87 116.88
C VAL V 76 41.40 -101.77 116.92
N ARG V 77 40.18 -102.10 117.36
CA ARG V 77 39.16 -101.07 117.50
C ARG V 77 39.57 -100.02 118.50
N SER V 78 40.36 -100.40 119.50
CA SER V 78 40.97 -99.44 120.41
C SER V 78 42.24 -98.83 119.84
N GLY V 79 42.78 -99.39 118.77
CA GLY V 79 43.97 -98.87 118.15
C GLY V 79 43.77 -97.49 117.57
N PRO V 80 44.86 -96.81 117.24
CA PRO V 80 44.74 -95.43 116.74
C PRO V 80 43.98 -95.32 115.43
N TYR V 81 44.08 -96.32 114.58
CA TYR V 81 43.36 -96.36 113.32
C TYR V 81 42.31 -97.47 113.32
N GLY V 82 41.63 -97.65 114.44
CA GLY V 82 40.63 -98.68 114.56
C GLY V 82 39.22 -98.15 114.39
N GLN V 83 39.06 -96.84 114.59
CA GLN V 83 37.73 -96.24 114.43
C GLN V 83 37.33 -96.14 112.96
N ILE V 84 38.30 -96.22 112.04
CA ILE V 84 37.99 -96.07 110.63
C ILE V 84 37.26 -97.27 110.07
N PHE V 85 37.31 -98.41 110.76
CA PHE V 85 36.67 -99.61 110.24
C PHE V 85 35.16 -99.55 110.43
N ARG V 86 34.45 -100.04 109.43
CA ARG V 86 33.01 -100.20 109.51
C ARG V 86 32.68 -101.31 110.49
N PRO V 87 32.08 -101.03 111.65
CA PRO V 87 31.82 -102.11 112.61
C PRO V 87 30.96 -103.23 112.05
N ASP V 88 30.26 -103.02 110.94
CA ASP V 88 29.62 -104.13 110.27
C ASP V 88 30.61 -104.97 109.48
N ASN V 89 31.85 -104.50 109.30
CA ASN V 89 32.93 -105.34 108.79
C ASN V 89 33.69 -105.99 109.93
N PHE V 90 32.95 -106.64 110.83
CA PHE V 90 33.54 -107.39 111.95
C PHE V 90 32.73 -108.67 112.10
N VAL V 91 33.31 -109.79 111.71
CA VAL V 91 32.67 -111.09 111.83
C VAL V 91 33.47 -111.92 112.82
N PHE V 92 32.79 -112.47 113.82
CA PHE V 92 33.49 -113.23 114.86
C PHE V 92 32.53 -114.22 115.50
N GLY V 93 33.12 -115.20 116.18
CA GLY V 93 32.39 -116.17 116.96
C GLY V 93 33.09 -116.40 118.28
N GLN V 94 32.32 -116.54 119.36
CA GLN V 94 32.93 -116.54 120.69
C GLN V 94 33.76 -117.79 120.94
N THR V 95 33.39 -118.92 120.34
CA THR V 95 34.16 -120.14 120.51
C THR V 95 35.55 -119.98 119.90
N GLY V 96 36.56 -120.46 120.61
CA GLY V 96 37.91 -120.41 120.09
C GLY V 96 38.21 -121.54 119.11
N ALA V 97 39.19 -121.29 118.25
CA ALA V 97 39.57 -122.30 117.27
C ALA V 97 40.45 -123.38 117.86
N GLY V 98 41.24 -123.05 118.89
CA GLY V 98 42.06 -124.05 119.55
C GLY V 98 43.10 -124.70 118.67
N ASN V 99 43.59 -123.99 117.64
CA ASN V 99 44.65 -124.49 116.77
C ASN V 99 44.27 -125.78 116.07
N ASN V 100 42.98 -126.00 115.84
CA ASN V 100 42.51 -127.13 115.06
C ASN V 100 42.14 -126.62 113.67
N TRP V 101 42.73 -127.23 112.64
CA TRP V 101 42.36 -126.87 111.28
C TRP V 101 40.93 -127.28 110.97
N ALA V 102 40.48 -128.43 111.49
CA ALA V 102 39.18 -128.96 111.13
C ALA V 102 38.06 -128.01 111.50
N LYS V 103 37.88 -127.74 112.80
CA LYS V 103 36.82 -126.84 113.21
C LYS V 103 37.00 -125.46 112.58
N GLY V 104 38.25 -125.02 112.41
CA GLY V 104 38.50 -123.82 111.64
C GLY V 104 38.09 -123.93 110.18
N HIS V 105 37.91 -125.16 109.67
CA HIS V 105 37.53 -125.39 108.30
C HIS V 105 36.26 -126.22 108.13
N TYR V 106 35.91 -127.07 109.09
CA TYR V 106 34.79 -127.98 108.95
C TYR V 106 33.58 -127.54 109.78
N THR V 107 33.75 -127.40 111.08
CA THR V 107 32.61 -127.11 111.94
C THR V 107 32.43 -125.61 112.11
N GLU V 108 33.41 -124.94 112.71
CA GLU V 108 33.20 -123.56 113.14
C GLU V 108 33.35 -122.56 111.99
N GLY V 109 34.08 -122.93 110.94
CA GLY V 109 34.01 -122.13 109.74
C GLY V 109 32.60 -121.99 109.22
N ALA V 110 31.82 -123.09 109.31
CA ALA V 110 30.57 -123.22 108.57
C ALA V 110 29.49 -122.24 109.01
N GLU V 111 29.42 -121.88 110.29
CA GLU V 111 28.39 -120.96 110.73
C GLU V 111 28.70 -119.52 110.34
N LEU V 112 29.96 -119.19 110.05
CA LEU V 112 30.35 -117.83 109.75
C LEU V 112 30.54 -117.56 108.26
N ILE V 113 30.75 -118.60 107.45
CA ILE V 113 30.94 -118.41 106.02
C ILE V 113 29.78 -117.61 105.43
N ASP V 114 28.57 -118.12 105.58
CA ASP V 114 27.38 -117.46 105.04
C ASP V 114 27.34 -115.99 105.45
N SER V 115 27.67 -115.71 106.70
CA SER V 115 27.74 -114.33 107.17
C SER V 115 28.77 -113.54 106.38
N VAL V 116 29.99 -114.06 106.27
CA VAL V 116 31.04 -113.34 105.56
C VAL V 116 30.73 -113.22 104.08
N LEU V 117 30.17 -114.28 103.49
CA LEU V 117 29.75 -114.18 102.09
C LEU V 117 28.72 -113.09 101.92
N ASP V 118 27.89 -112.84 102.94
CA ASP V 118 27.01 -111.68 102.88
C ASP V 118 27.79 -110.39 102.99
N VAL V 119 28.99 -110.43 103.57
CA VAL V 119 29.79 -109.22 103.70
C VAL V 119 30.59 -108.97 102.42
N VAL V 120 31.34 -109.99 101.97
CA VAL V 120 32.19 -109.80 100.81
C VAL V 120 31.36 -109.44 99.57
N ARG V 121 30.20 -110.07 99.42
CA ARG V 121 29.32 -109.69 98.32
C ARG V 121 28.83 -108.26 98.46
N LYS V 122 28.70 -107.78 99.70
CA LYS V 122 28.12 -106.45 99.91
C LYS V 122 29.00 -105.36 99.31
N GLU V 123 30.31 -105.51 99.42
CA GLU V 123 31.23 -104.52 98.88
C GLU V 123 31.88 -104.95 97.57
N ALA V 124 31.77 -106.22 97.19
CA ALA V 124 32.23 -106.63 95.86
C ALA V 124 31.47 -105.86 94.78
N GLU V 125 30.17 -105.66 94.97
CA GLU V 125 29.39 -104.86 94.03
C GLU V 125 29.73 -103.37 94.13
N SER V 126 30.28 -102.94 95.26
CA SER V 126 30.72 -101.56 95.41
C SER V 126 31.92 -101.22 94.55
N CYS V 127 32.37 -102.16 93.72
CA CYS V 127 33.53 -101.98 92.86
C CYS V 127 33.07 -101.95 91.41
N ASP V 128 33.41 -100.87 90.70
CA ASP V 128 33.04 -100.80 89.30
C ASP V 128 33.83 -101.80 88.47
N CYS V 129 35.11 -101.97 88.78
CA CYS V 129 35.98 -102.96 88.12
C CYS V 129 36.82 -103.62 89.21
N LEU V 130 36.30 -104.71 89.77
CA LEU V 130 37.02 -105.41 90.83
C LEU V 130 38.28 -106.03 90.25
N GLN V 131 39.43 -105.64 90.79
CA GLN V 131 40.70 -106.16 90.28
C GLN V 131 40.96 -107.56 90.81
N GLY V 132 41.03 -107.70 92.12
CA GLY V 132 41.26 -109.02 92.69
C GLY V 132 41.12 -108.99 94.20
N PHE V 133 41.28 -110.17 94.78
CA PHE V 133 41.22 -110.35 96.23
C PHE V 133 42.63 -110.38 96.80
N GLN V 134 42.72 -110.11 98.10
CA GLN V 134 43.97 -110.27 98.81
C GLN V 134 43.67 -110.51 100.28
N VAL V 135 44.48 -111.35 100.91
CA VAL V 135 44.21 -111.84 102.25
C VAL V 135 45.51 -111.76 103.04
N CYS V 136 45.40 -111.98 104.34
CA CYS V 136 46.59 -112.05 105.20
C CYS V 136 46.37 -113.19 106.19
N HIS V 137 47.07 -114.30 105.99
CA HIS V 137 46.85 -115.54 106.70
C HIS V 137 47.78 -115.65 107.91
N SER V 138 47.62 -116.76 108.64
CA SER V 138 48.53 -117.16 109.70
C SER V 138 48.52 -118.68 109.70
N LEU V 139 49.59 -119.28 109.18
CA LEU V 139 49.50 -120.68 108.78
C LEU V 139 49.55 -121.64 109.96
N GLY V 140 50.16 -121.25 111.08
CA GLY V 140 50.24 -122.15 112.21
C GLY V 140 48.89 -122.34 112.89
N GLY V 141 48.15 -121.27 113.11
CA GLY V 141 46.90 -121.34 113.83
C GLY V 141 45.79 -122.00 113.03
N GLY V 142 44.61 -122.07 113.65
CA GLY V 142 43.47 -122.72 113.06
C GLY V 142 42.50 -121.78 112.37
N THR V 143 42.38 -120.55 112.90
CA THR V 143 41.42 -119.59 112.36
C THR V 143 41.72 -119.28 110.91
N GLY V 144 42.87 -118.66 110.64
CA GLY V 144 43.18 -118.26 109.28
C GLY V 144 43.34 -119.44 108.35
N SER V 145 43.96 -120.51 108.82
CA SER V 145 44.18 -121.69 107.99
C SER V 145 42.88 -122.25 107.46
N GLY V 146 42.01 -122.69 108.37
CA GLY V 146 40.75 -123.28 107.97
C GLY V 146 39.81 -122.31 107.30
N MET V 147 39.44 -121.25 108.02
CA MET V 147 38.44 -120.31 107.53
C MET V 147 38.85 -119.72 106.19
N GLY V 148 40.03 -119.11 106.13
CA GLY V 148 40.49 -118.48 104.89
C GLY V 148 40.44 -119.44 103.72
N THR V 149 41.07 -120.61 103.87
CA THR V 149 41.02 -121.62 102.82
C THR V 149 39.58 -121.99 102.48
N LEU V 150 38.74 -122.18 103.50
CA LEU V 150 37.32 -122.39 103.24
C LEU V 150 36.71 -121.16 102.55
N LEU V 151 37.05 -119.97 103.04
CA LEU V 151 36.63 -118.76 102.37
C LEU V 151 37.24 -118.67 100.98
N ILE V 152 38.51 -119.03 100.85
CA ILE V 152 39.17 -119.03 99.54
C ILE V 152 38.39 -119.89 98.56
N SER V 153 38.03 -121.10 98.97
CA SER V 153 37.29 -122.00 98.09
C SER V 153 35.96 -121.38 97.69
N LYS V 154 35.26 -120.78 98.64
CA LYS V 154 33.98 -120.14 98.33
C LYS V 154 34.16 -119.02 97.32
N ILE V 155 35.16 -118.17 97.51
CA ILE V 155 35.41 -117.10 96.55
C ILE V 155 35.72 -117.67 95.18
N ARG V 156 36.55 -118.72 95.14
CA ARG V 156 36.97 -119.28 93.86
C ARG V 156 35.78 -119.79 93.06
N GLU V 157 34.79 -120.40 93.72
CA GLU V 157 33.60 -120.83 93.01
C GLU V 157 32.64 -119.69 92.72
N GLU V 158 32.83 -118.52 93.33
CA GLU V 158 32.03 -117.33 93.05
C GLU V 158 32.77 -116.35 92.14
N TYR V 159 34.06 -116.14 92.39
CA TYR V 159 34.90 -115.24 91.60
C TYR V 159 36.05 -116.06 91.01
N PRO V 160 35.77 -116.88 90.00
CA PRO V 160 36.85 -117.69 89.43
C PRO V 160 37.80 -116.87 88.57
N ASP V 161 37.27 -115.94 87.77
CA ASP V 161 38.11 -115.21 86.84
C ASP V 161 39.10 -114.28 87.56
N ARG V 162 38.69 -113.72 88.69
CA ARG V 162 39.56 -112.81 89.42
C ARG V 162 40.75 -113.57 90.00
N MET V 163 41.71 -112.81 90.54
CA MET V 163 42.91 -113.37 91.11
C MET V 163 42.86 -113.28 92.63
N MET V 164 43.45 -114.27 93.29
CA MET V 164 43.51 -114.33 94.74
C MET V 164 44.96 -114.22 95.19
N LEU V 165 45.27 -113.15 95.91
CA LEU V 165 46.57 -113.04 96.55
C LEU V 165 46.56 -113.85 97.84
N THR V 166 47.73 -113.99 98.45
CA THR V 166 47.84 -114.60 99.77
C THR V 166 49.15 -114.19 100.43
N PHE V 167 49.07 -113.32 101.43
CA PHE V 167 50.25 -112.92 102.19
C PHE V 167 50.44 -113.81 103.41
N SER V 168 50.43 -115.12 103.19
CA SER V 168 50.49 -116.07 104.29
C SER V 168 51.85 -116.01 104.98
N VAL V 169 51.83 -115.91 106.30
CA VAL V 169 53.03 -116.07 107.11
C VAL V 169 53.19 -117.55 107.43
N VAL V 170 54.30 -118.13 107.00
CA VAL V 170 54.50 -119.57 107.10
C VAL V 170 55.17 -119.92 108.43
N PRO V 171 55.06 -121.16 108.88
CA PRO V 171 55.77 -121.59 110.09
C PRO V 171 57.28 -121.43 109.96
N SER V 172 57.96 -121.62 111.08
CA SER V 172 59.42 -121.51 111.08
C SER V 172 60.06 -122.89 111.02
N PRO V 173 61.16 -123.03 110.26
CA PRO V 173 61.87 -124.31 110.26
C PRO V 173 62.52 -124.62 111.60
N LYS V 174 63.02 -123.60 112.30
CA LYS V 174 63.70 -123.81 113.56
C LYS V 174 62.74 -123.78 114.74
N VAL V 175 62.03 -122.67 114.92
CA VAL V 175 61.11 -122.49 116.04
C VAL V 175 59.74 -123.02 115.64
N SER V 176 59.01 -123.56 116.62
CA SER V 176 57.61 -123.96 116.44
C SER V 176 56.82 -123.34 117.58
N ASP V 177 56.26 -122.15 117.33
CA ASP V 177 55.49 -121.45 118.35
C ASP V 177 54.32 -122.29 118.86
N THR V 178 53.77 -123.13 118.00
CA THR V 178 52.77 -124.12 118.38
C THR V 178 53.33 -125.51 118.09
N VAL V 179 52.50 -126.53 118.26
CA VAL V 179 52.92 -127.93 118.14
C VAL V 179 52.34 -128.58 116.89
N VAL V 180 51.06 -128.39 116.65
CA VAL V 180 50.33 -129.09 115.59
C VAL V 180 50.59 -128.33 114.28
N GLU V 181 51.51 -127.37 114.34
CA GLU V 181 51.86 -126.51 113.21
C GLU V 181 51.97 -127.23 111.87
N PRO V 182 52.72 -128.33 111.73
CA PRO V 182 52.79 -128.97 110.40
C PRO V 182 51.47 -129.47 109.89
N TYR V 183 50.54 -129.85 110.78
CA TYR V 183 49.23 -130.29 110.33
C TYR V 183 48.48 -129.15 109.62
N ASN V 184 48.21 -128.07 110.34
CA ASN V 184 47.51 -126.93 109.74
C ASN V 184 48.27 -126.37 108.55
N ALA V 185 49.58 -126.59 108.49
CA ALA V 185 50.35 -126.15 107.33
C ALA V 185 50.00 -126.97 106.09
N THR V 186 50.06 -128.29 106.20
CA THR V 186 49.85 -129.15 105.03
C THR V 186 48.41 -129.08 104.54
N LEU V 187 47.44 -129.22 105.46
CA LEU V 187 46.04 -129.29 105.07
C LEU V 187 45.60 -128.05 104.32
N SER V 188 46.20 -126.91 104.60
CA SER V 188 45.93 -125.69 103.83
C SER V 188 46.67 -125.70 102.51
N VAL V 189 47.90 -126.21 102.50
CA VAL V 189 48.65 -126.35 101.25
C VAL V 189 47.85 -127.17 100.25
N HIS V 190 47.18 -128.21 100.73
CA HIS V 190 46.30 -129.00 99.87
C HIS V 190 45.16 -128.16 99.30
N GLN V 191 44.88 -126.99 99.87
CA GLN V 191 43.83 -126.11 99.39
C GLN V 191 44.36 -124.92 98.59
N LEU V 192 45.49 -124.35 99.01
CA LEU V 192 46.01 -123.17 98.31
C LEU V 192 46.37 -123.49 96.88
N VAL V 193 46.96 -124.66 96.64
CA VAL V 193 47.49 -124.99 95.32
C VAL V 193 46.41 -124.94 94.26
N GLU V 194 45.16 -125.20 94.63
CA GLU V 194 44.07 -125.29 93.66
C GLU V 194 43.27 -124.01 93.53
N ASN V 195 43.05 -123.30 94.63
CA ASN V 195 42.16 -122.14 94.63
C ASN V 195 42.94 -120.85 94.87
N ALA V 196 44.16 -120.78 94.36
CA ALA V 196 44.94 -119.56 94.46
C ALA V 196 45.75 -119.37 93.19
N ASP V 197 46.04 -118.10 92.89
CA ASP V 197 46.90 -117.74 91.77
C ASP V 197 48.28 -117.29 92.20
N GLU V 198 48.39 -116.59 93.31
CA GLU V 198 49.66 -116.17 93.87
C GLU V 198 49.61 -116.36 95.37
N CYS V 199 50.73 -116.78 95.96
CA CYS V 199 50.80 -117.02 97.40
C CYS V 199 52.21 -116.71 97.88
N MET V 200 52.40 -115.49 98.37
CA MET V 200 53.67 -115.15 99.00
C MET V 200 53.83 -115.94 100.29
N VAL V 201 55.08 -116.31 100.61
CA VAL V 201 55.39 -117.02 101.84
C VAL V 201 56.45 -116.23 102.59
N LEU V 202 56.19 -115.99 103.87
CA LEU V 202 57.06 -115.18 104.72
C LEU V 202 57.08 -115.80 106.10
N ASP V 203 58.24 -115.80 106.75
CA ASP V 203 58.36 -116.36 108.09
C ASP V 203 59.06 -115.36 109.00
N ASN V 204 58.71 -115.41 110.28
CA ASN V 204 59.23 -114.44 111.24
C ASN V 204 60.72 -114.56 111.44
N GLU V 205 61.32 -115.72 111.13
CA GLU V 205 62.75 -115.90 111.35
C GLU V 205 63.57 -114.90 110.54
N ALA V 206 63.44 -114.95 109.22
CA ALA V 206 64.12 -113.95 108.39
C ALA V 206 63.68 -112.54 108.79
N LEU V 207 62.41 -112.37 109.14
CA LEU V 207 61.95 -111.10 109.71
C LEU V 207 62.73 -110.74 110.96
N TYR V 208 63.20 -111.75 111.71
CA TYR V 208 63.99 -111.45 112.90
C TYR V 208 65.41 -111.03 112.54
N ASP V 209 66.00 -111.68 111.53
CA ASP V 209 67.32 -111.28 111.08
C ASP V 209 67.29 -109.86 110.50
N ILE V 210 66.33 -109.60 109.62
CA ILE V 210 66.22 -108.31 108.95
C ILE V 210 66.11 -107.18 109.98
N CYS V 211 65.42 -107.42 111.09
CA CYS V 211 65.39 -106.42 112.15
C CYS V 211 66.72 -106.34 112.88
N PHE V 212 67.44 -107.46 113.01
CA PHE V 212 68.62 -107.47 113.85
C PHE V 212 69.82 -106.82 113.15
N ARG V 213 70.27 -107.41 112.04
CA ARG V 213 71.49 -106.93 111.40
C ARG V 213 71.27 -105.59 110.71
N THR V 214 70.38 -105.55 109.70
CA THR V 214 70.28 -104.39 108.84
C THR V 214 69.77 -103.17 109.59
N LEU V 215 68.58 -103.29 110.19
CA LEU V 215 67.99 -102.15 110.88
C LEU V 215 68.66 -101.86 112.22
N LYS V 216 69.58 -102.72 112.67
CA LYS V 216 70.23 -102.58 113.97
C LYS V 216 69.21 -102.43 115.10
N LEU V 217 68.02 -102.99 114.91
CA LEU V 217 66.97 -102.87 115.91
C LEU V 217 67.30 -103.75 117.10
N THR V 218 67.12 -103.20 118.30
CA THR V 218 67.45 -103.95 119.52
C THR V 218 66.36 -104.94 119.87
N THR V 219 65.12 -104.47 119.96
CA THR V 219 63.99 -105.28 120.43
C THR V 219 62.91 -105.31 119.36
N PRO V 220 62.90 -106.33 118.50
CA PRO V 220 61.89 -106.40 117.43
C PRO V 220 60.56 -106.91 117.97
N THR V 221 59.57 -106.02 117.99
CA THR V 221 58.22 -106.41 118.34
C THR V 221 57.46 -106.84 117.10
N PHE V 222 56.22 -107.27 117.30
CA PHE V 222 55.42 -107.75 116.19
C PHE V 222 55.05 -106.64 115.22
N GLY V 223 54.67 -105.47 115.75
CA GLY V 223 54.34 -104.35 114.89
C GLY V 223 55.47 -103.98 113.96
N ASP V 224 56.71 -104.12 114.43
CA ASP V 224 57.88 -103.85 113.58
C ASP V 224 57.89 -104.78 112.37
N LEU V 225 57.76 -106.09 112.62
CA LEU V 225 57.56 -107.01 111.51
C LEU V 225 56.38 -106.58 110.66
N ASN V 226 55.24 -106.34 111.31
CA ASN V 226 54.07 -105.86 110.59
C ASN V 226 54.32 -104.50 109.95
N HIS V 227 55.21 -103.69 110.54
CA HIS V 227 55.64 -102.47 109.87
C HIS V 227 56.34 -102.79 108.56
N LEU V 228 57.20 -103.82 108.58
CA LEU V 228 57.85 -104.26 107.35
C LEU V 228 56.85 -104.86 106.38
N ILE V 229 55.96 -105.72 106.88
CA ILE V 229 54.99 -106.35 106.00
C ILE V 229 54.05 -105.31 105.40
N SER V 230 53.66 -104.31 106.21
CA SER V 230 52.89 -103.20 105.66
C SER V 230 53.63 -102.52 104.53
N ALA V 231 54.96 -102.43 104.63
CA ALA V 231 55.75 -101.78 103.60
C ALA V 231 55.67 -102.55 102.28
N VAL V 232 55.99 -103.84 102.31
CA VAL V 232 55.96 -104.62 101.08
C VAL V 232 54.54 -104.71 100.54
N MET V 233 53.54 -104.82 101.42
CA MET V 233 52.15 -104.82 100.97
C MET V 233 51.76 -103.48 100.37
N SER V 234 52.47 -102.41 100.72
CA SER V 234 52.25 -101.13 100.04
C SER V 234 53.02 -101.08 98.72
N GLY V 235 54.21 -101.67 98.68
CA GLY V 235 55.02 -101.62 97.48
C GLY V 235 54.46 -102.39 96.32
N ILE V 236 53.58 -103.36 96.57
CA ILE V 236 53.09 -104.20 95.48
C ILE V 236 52.20 -103.42 94.53
N THR V 237 51.36 -102.55 95.06
CA THR V 237 50.28 -101.94 94.30
C THR V 237 50.52 -100.47 93.97
N CYS V 238 51.77 -100.01 94.06
CA CYS V 238 52.04 -98.62 93.73
C CYS V 238 51.73 -98.32 92.27
N CYS V 239 51.70 -99.34 91.41
CA CYS V 239 51.27 -99.14 90.03
C CYS V 239 49.76 -98.92 89.96
N LEU V 240 49.00 -99.73 90.70
CA LEU V 240 47.55 -99.59 90.69
C LEU V 240 47.10 -98.26 91.29
N ARG V 241 47.96 -97.63 92.09
CA ARG V 241 47.57 -96.43 92.82
C ARG V 241 48.21 -95.16 92.29
N PHE V 242 49.36 -95.24 91.65
CA PHE V 242 50.14 -94.06 91.29
C PHE V 242 50.60 -94.14 89.85
N PRO V 243 50.99 -93.01 89.27
CA PRO V 243 51.58 -93.03 87.93
C PRO V 243 52.94 -93.71 87.95
N GLY V 244 53.38 -94.10 86.77
CA GLY V 244 54.66 -94.77 86.63
C GLY V 244 55.03 -94.98 85.18
N GLN V 245 56.29 -94.74 84.85
CA GLN V 245 56.72 -94.87 83.46
C GLN V 245 56.52 -96.28 82.93
N LEU V 246 56.59 -97.28 83.80
CA LEU V 246 56.27 -98.66 83.43
C LEU V 246 55.41 -99.25 84.54
N ASN V 247 54.10 -99.07 84.42
CA ASN V 247 53.18 -99.56 85.43
C ASN V 247 53.04 -101.07 85.33
N ALA V 248 52.60 -101.69 86.42
CA ALA V 248 52.54 -103.14 86.53
C ALA V 248 51.29 -103.55 87.31
N ASP V 249 50.26 -103.96 86.58
CA ASP V 249 49.09 -104.58 87.20
C ASP V 249 49.51 -105.89 87.88
N LEU V 250 48.68 -106.35 88.79
CA LEU V 250 48.97 -107.60 89.49
C LEU V 250 48.80 -108.80 88.57
N ARG V 251 47.82 -108.76 87.68
CA ARG V 251 47.61 -109.87 86.76
C ARG V 251 48.81 -110.05 85.83
N LYS V 252 49.42 -108.94 85.40
CA LYS V 252 50.64 -109.07 84.60
C LYS V 252 51.83 -109.45 85.45
N LEU V 253 51.78 -109.21 86.76
CA LEU V 253 52.83 -109.74 87.64
C LEU V 253 52.74 -111.25 87.75
N ALA V 254 51.52 -111.81 87.64
CA ALA V 254 51.35 -113.24 87.81
C ALA V 254 51.72 -114.00 86.55
N VAL V 255 51.12 -113.62 85.41
CA VAL V 255 51.42 -114.28 84.15
C VAL V 255 52.92 -114.28 83.86
N ASN V 256 53.59 -113.19 84.21
CA ASN V 256 55.02 -113.05 83.98
C ASN V 256 55.85 -113.83 84.98
N LEU V 257 55.25 -114.40 86.02
CA LEU V 257 56.01 -115.01 87.11
C LEU V 257 55.70 -116.46 87.34
N ILE V 258 54.53 -116.95 86.98
CA ILE V 258 54.24 -118.37 87.14
C ILE V 258 54.10 -119.01 85.75
N PRO V 259 55.12 -119.71 85.28
CA PRO V 259 55.02 -120.39 83.99
C PRO V 259 54.04 -121.55 84.00
N PHE V 260 53.74 -122.11 85.17
CA PHE V 260 52.84 -123.23 85.30
C PHE V 260 51.83 -122.94 86.40
N PRO V 261 50.61 -123.47 86.28
CA PRO V 261 49.54 -123.09 87.22
C PRO V 261 49.83 -123.46 88.66
N ARG V 262 50.86 -124.26 88.93
CA ARG V 262 51.09 -124.77 90.27
C ARG V 262 52.32 -124.20 90.96
N LEU V 263 53.19 -123.52 90.23
CA LEU V 263 54.46 -123.04 90.80
C LEU V 263 54.31 -121.60 91.29
N HIS V 264 53.36 -121.42 92.21
CA HIS V 264 52.89 -120.08 92.56
C HIS V 264 53.17 -119.70 93.99
N PHE V 265 54.38 -119.95 94.48
CA PHE V 265 54.79 -119.59 95.83
C PHE V 265 56.00 -118.67 95.73
N PHE V 266 55.88 -117.47 96.28
CA PHE V 266 56.86 -116.41 96.04
C PHE V 266 57.71 -116.19 97.28
N MET V 267 58.58 -115.17 97.20
CA MET V 267 59.49 -114.83 98.29
C MET V 267 59.85 -113.35 98.13
N VAL V 268 59.78 -112.59 99.22
CA VAL V 268 59.71 -111.13 99.11
C VAL V 268 60.88 -110.47 99.84
N GLY V 269 60.96 -109.16 99.68
CA GLY V 269 61.95 -108.35 100.39
C GLY V 269 61.82 -106.90 99.98
N PHE V 270 62.23 -106.02 100.89
CA PHE V 270 62.09 -104.58 100.72
C PHE V 270 63.45 -103.90 100.76
N THR V 271 63.54 -102.75 100.07
CA THR V 271 64.70 -101.86 100.02
C THR V 271 64.18 -100.43 99.91
N PRO V 272 64.88 -99.45 100.49
CA PRO V 272 66.12 -99.63 101.22
C PRO V 272 65.87 -99.91 102.70
N LEU V 273 66.75 -100.69 103.33
CA LEU V 273 66.70 -100.93 104.76
C LEU V 273 68.00 -100.43 105.37
N THR V 274 67.89 -99.43 106.24
CA THR V 274 69.07 -98.86 106.85
C THR V 274 68.70 -98.26 108.20
N SER V 275 69.66 -98.31 109.12
CA SER V 275 69.51 -97.65 110.40
C SER V 275 69.64 -96.14 110.23
N ARG V 276 69.60 -95.42 111.35
CA ARG V 276 69.77 -93.98 111.28
C ARG V 276 71.22 -93.60 111.00
N GLY V 277 72.17 -94.43 111.42
CA GLY V 277 73.57 -94.11 111.20
C GLY V 277 73.98 -94.26 109.74
N SER V 278 73.70 -95.44 109.16
CA SER V 278 74.06 -95.67 107.76
C SER V 278 73.27 -94.79 106.82
N GLN V 279 72.08 -94.34 107.23
CA GLN V 279 71.32 -93.39 106.43
C GLN V 279 72.14 -92.15 106.14
N GLN V 280 72.89 -91.66 107.13
CA GLN V 280 73.68 -90.45 106.95
C GLN V 280 74.89 -90.68 106.06
N TYR V 281 75.33 -91.92 105.88
CA TYR V 281 76.49 -92.23 105.06
C TYR V 281 76.13 -92.84 103.72
N ARG V 282 75.11 -93.70 103.67
CA ARG V 282 74.73 -94.35 102.44
C ARG V 282 74.24 -93.32 101.41
N ALA V 283 74.40 -93.65 100.14
CA ALA V 283 73.84 -92.88 99.05
C ALA V 283 72.59 -93.58 98.54
N LEU V 284 71.64 -92.79 98.04
CA LEU V 284 70.40 -93.32 97.50
C LEU V 284 70.53 -93.39 95.98
N THR V 285 71.01 -94.52 95.47
CA THR V 285 71.15 -94.73 94.04
C THR V 285 70.54 -96.06 93.65
N VAL V 286 70.16 -96.16 92.38
CA VAL V 286 69.61 -97.39 91.81
C VAL V 286 70.57 -98.56 92.03
N PRO V 287 71.90 -98.39 91.94
CA PRO V 287 72.78 -99.50 92.33
C PRO V 287 72.56 -100.00 93.75
N GLU V 288 72.47 -99.09 94.72
CA GLU V 288 72.29 -99.47 96.12
C GLU V 288 71.11 -100.42 96.30
N LEU V 289 69.93 -99.96 95.91
CA LEU V 289 68.71 -100.74 96.14
C LEU V 289 68.76 -102.07 95.41
N THR V 290 69.37 -102.09 94.22
CA THR V 290 69.29 -103.29 93.38
C THR V 290 70.12 -104.44 93.93
N GLN V 291 71.27 -104.17 94.51
CA GLN V 291 72.06 -105.25 95.10
C GLN V 291 71.47 -105.69 96.43
N GLN V 292 70.95 -104.75 97.21
CA GLN V 292 70.36 -105.09 98.49
C GLN V 292 69.16 -106.00 98.33
N MET V 293 68.28 -105.69 97.37
CA MET V 293 67.15 -106.57 97.11
C MET V 293 67.60 -107.90 96.51
N TRP V 294 68.71 -107.90 95.77
CA TRP V 294 69.20 -109.12 95.16
C TRP V 294 69.99 -109.98 96.14
N ASP V 295 70.29 -109.48 97.32
CA ASP V 295 70.99 -110.27 98.32
C ASP V 295 70.11 -111.42 98.80
N ALA V 296 70.75 -112.44 99.37
CA ALA V 296 70.07 -113.60 99.91
C ALA V 296 69.69 -113.43 101.38
N LYS V 297 69.65 -112.19 101.87
CA LYS V 297 69.18 -111.88 103.22
C LYS V 297 67.80 -111.22 103.20
N ASN V 298 67.58 -110.27 102.30
CA ASN V 298 66.31 -109.57 102.22
C ASN V 298 65.16 -110.51 101.87
N MET V 299 65.48 -111.75 101.54
CA MET V 299 64.46 -112.76 101.32
C MET V 299 63.78 -113.04 102.66
N MET V 300 62.58 -112.50 102.84
CA MET V 300 61.92 -112.63 104.14
C MET V 300 61.47 -114.05 104.41
N CYS V 301 61.46 -114.91 103.40
CA CYS V 301 61.19 -116.33 103.61
C CYS V 301 62.49 -117.08 103.83
N ALA V 302 62.45 -118.10 104.69
CA ALA V 302 63.67 -118.78 105.12
C ALA V 302 64.05 -119.92 104.16
N ALA V 303 64.41 -119.52 102.94
CA ALA V 303 64.94 -120.45 101.95
C ALA V 303 66.03 -119.75 101.15
N ASP V 304 67.22 -120.34 101.13
CA ASP V 304 68.37 -119.72 100.49
C ASP V 304 68.29 -119.88 98.98
N PRO V 305 68.10 -118.79 98.23
CA PRO V 305 67.98 -118.92 96.77
C PRO V 305 69.24 -119.42 96.09
N ARG V 306 70.40 -119.31 96.76
CA ARG V 306 71.61 -119.89 96.22
C ARG V 306 71.47 -121.38 95.97
N HIS V 307 70.70 -122.06 96.80
CA HIS V 307 70.52 -123.50 96.71
C HIS V 307 69.49 -123.89 95.65
N GLY V 308 68.97 -122.92 94.91
CA GLY V 308 68.03 -123.19 93.84
C GLY V 308 68.24 -122.22 92.70
N ARG V 309 67.31 -122.21 91.74
CA ARG V 309 67.40 -121.33 90.58
C ARG V 309 66.12 -120.54 90.46
N TYR V 310 66.24 -119.21 90.42
CA TYR V 310 65.09 -118.34 90.19
C TYR V 310 64.44 -118.69 88.87
N LEU V 311 63.23 -119.24 88.90
CA LEU V 311 62.46 -119.36 87.66
C LEU V 311 62.20 -117.99 87.06
N THR V 312 61.49 -117.14 87.81
CA THR V 312 61.22 -115.76 87.44
C THR V 312 61.62 -114.86 88.60
N ALA V 313 61.41 -113.56 88.42
CA ALA V 313 61.67 -112.57 89.46
C ALA V 313 60.96 -111.28 89.08
N SER V 314 61.04 -110.29 89.97
CA SER V 314 60.43 -108.99 89.70
C SER V 314 61.09 -107.93 90.56
N ALA V 315 60.76 -106.68 90.25
CA ALA V 315 61.25 -105.52 91.00
C ALA V 315 60.34 -104.34 90.72
N LEU V 316 59.84 -103.72 91.78
CA LEU V 316 59.12 -102.46 91.66
C LEU V 316 59.95 -101.38 92.31
N PHE V 317 60.11 -100.26 91.63
CA PHE V 317 60.85 -99.12 92.15
C PHE V 317 59.91 -97.92 92.25
N ARG V 318 60.12 -97.10 93.27
CA ARG V 318 59.32 -95.89 93.44
C ARG V 318 60.22 -94.73 93.79
N GLY V 319 60.29 -93.75 92.89
CA GLY V 319 61.18 -92.61 93.02
C GLY V 319 61.66 -92.15 91.67
N ARG V 320 61.82 -90.84 91.49
CA ARG V 320 62.25 -90.31 90.20
C ARG V 320 63.69 -90.72 89.93
N MET V 321 63.88 -91.60 88.95
CA MET V 321 65.19 -92.16 88.64
C MET V 321 65.34 -92.23 87.12
N SER V 322 66.35 -92.96 86.67
CA SER V 322 66.59 -93.20 85.25
C SER V 322 66.28 -94.66 84.96
N THR V 323 65.25 -94.90 84.15
CA THR V 323 64.83 -96.27 83.88
C THR V 323 65.89 -97.09 83.17
N LYS V 324 66.87 -96.45 82.54
CA LYS V 324 67.94 -97.20 81.90
C LYS V 324 68.80 -97.91 82.94
N GLU V 325 69.07 -97.24 84.06
CA GLU V 325 69.87 -97.87 85.12
C GLU V 325 69.24 -99.17 85.57
N VAL V 326 67.94 -99.14 85.87
CA VAL V 326 67.22 -100.37 86.23
C VAL V 326 67.34 -101.40 85.11
N ASP V 327 67.32 -100.94 83.86
CA ASP V 327 67.41 -101.85 82.73
C ASP V 327 68.75 -102.58 82.72
N GLU V 328 69.84 -101.86 83.00
CA GLU V 328 71.15 -102.47 82.91
C GLU V 328 71.52 -103.25 84.17
N GLN V 329 71.10 -102.78 85.34
CA GLN V 329 71.41 -103.50 86.58
C GLN V 329 70.86 -104.92 86.53
N MET V 330 69.57 -105.07 86.19
CA MET V 330 68.98 -106.39 86.10
C MET V 330 69.62 -107.22 84.99
N LEU V 331 70.03 -106.56 83.90
CA LEU V 331 70.82 -107.26 82.89
C LEU V 331 72.15 -107.71 83.47
N ASN V 332 72.78 -106.85 84.27
CA ASN V 332 74.08 -107.18 84.85
C ASN V 332 73.99 -108.40 85.74
N VAL V 333 73.13 -108.35 86.76
CA VAL V 333 73.05 -109.46 87.72
C VAL V 333 72.63 -110.75 87.03
N GLN V 334 71.67 -110.66 86.10
CA GLN V 334 71.29 -111.85 85.35
C GLN V 334 72.48 -112.44 84.60
N ASN V 335 73.48 -111.61 84.31
CA ASN V 335 74.67 -112.10 83.60
C ASN V 335 75.67 -112.74 84.57
N LYS V 336 75.93 -112.10 85.71
CA LYS V 336 77.03 -112.54 86.57
C LYS V 336 76.74 -113.90 87.18
N ASN V 337 75.69 -113.99 87.99
CA ASN V 337 75.34 -115.25 88.66
C ASN V 337 74.35 -116.04 87.81
N SER V 338 74.80 -116.36 86.59
CA SER V 338 73.92 -116.97 85.60
C SER V 338 73.57 -118.41 85.90
N SER V 339 74.11 -118.99 86.98
CA SER V 339 73.72 -120.34 87.36
C SER V 339 72.49 -120.37 88.26
N TYR V 340 72.17 -119.24 88.91
CA TYR V 340 71.03 -119.16 89.80
C TYR V 340 69.72 -118.92 89.05
N PHE V 341 69.72 -119.02 87.73
CA PHE V 341 68.54 -118.79 86.91
C PHE V 341 68.31 -120.00 86.02
N VAL V 342 67.36 -119.89 85.11
CA VAL V 342 67.11 -120.97 84.15
C VAL V 342 67.47 -120.49 82.75
N GLU V 343 67.68 -121.47 81.87
CA GLU V 343 68.18 -121.23 80.52
C GLU V 343 67.07 -121.11 79.49
N TRP V 344 66.05 -121.97 79.57
CA TRP V 344 64.94 -121.94 78.62
C TRP V 344 64.14 -120.64 78.71
N ILE V 345 64.47 -119.76 79.64
CA ILE V 345 63.91 -118.41 79.69
C ILE V 345 65.05 -117.42 79.48
N PRO V 346 65.09 -116.72 78.36
CA PRO V 346 66.21 -115.81 78.09
C PRO V 346 66.31 -114.68 79.11
N ASN V 347 65.25 -113.91 79.26
CA ASN V 347 65.15 -112.89 80.29
C ASN V 347 64.04 -113.29 81.25
N ASN V 348 64.37 -113.34 82.54
CA ASN V 348 63.47 -113.88 83.54
C ASN V 348 63.19 -112.88 84.68
N VAL V 349 63.17 -111.59 84.38
CA VAL V 349 62.91 -110.55 85.36
C VAL V 349 62.01 -109.49 84.76
N LYS V 350 61.28 -108.79 85.64
CA LYS V 350 60.51 -107.61 85.28
C LYS V 350 61.04 -106.41 86.03
N SER V 351 61.21 -105.30 85.31
CA SER V 351 61.73 -104.07 85.86
C SER V 351 60.63 -103.03 85.79
N SER V 352 59.78 -103.01 86.81
CA SER V 352 58.72 -102.02 86.89
C SER V 352 59.19 -100.82 87.69
N VAL V 353 58.44 -99.73 87.60
CA VAL V 353 58.85 -98.47 88.18
C VAL V 353 57.61 -97.62 88.41
N CYS V 354 57.69 -96.72 89.40
CA CYS V 354 56.60 -95.81 89.72
C CYS V 354 57.12 -94.39 89.86
N ASP V 355 56.33 -93.45 89.35
CA ASP V 355 56.71 -92.04 89.38
C ASP V 355 56.62 -91.45 90.79
N ILE V 356 55.82 -92.03 91.66
CA ILE V 356 55.55 -91.47 92.98
C ILE V 356 56.32 -92.27 94.01
N PRO V 357 57.10 -91.62 94.88
CA PRO V 357 57.93 -92.33 95.84
C PRO V 357 57.16 -92.58 97.13
N PRO V 358 57.79 -93.24 98.11
CA PRO V 358 57.20 -93.30 99.45
C PRO V 358 57.09 -91.93 100.10
N LYS V 359 56.53 -91.88 101.31
CA LYS V 359 56.18 -90.61 101.93
C LYS V 359 57.43 -89.85 102.38
N GLY V 360 58.17 -90.40 103.33
CA GLY V 360 59.28 -89.68 103.92
C GLY V 360 60.56 -89.83 103.13
N LEU V 361 60.70 -90.94 102.43
CA LEU V 361 61.87 -91.17 101.61
C LEU V 361 61.71 -90.50 100.25
N LYS V 362 62.66 -90.76 99.36
CA LYS V 362 62.54 -90.38 97.97
C LYS V 362 62.71 -91.56 97.01
N MET V 363 63.34 -92.63 97.46
CA MET V 363 63.56 -93.83 96.64
C MET V 363 63.27 -95.06 97.49
N SER V 364 62.86 -96.13 96.82
CA SER V 364 62.60 -97.43 97.46
C SER V 364 62.35 -98.46 96.38
N ALA V 365 62.42 -99.73 96.77
CA ALA V 365 62.16 -100.82 95.85
C ALA V 365 61.71 -102.05 96.63
N THR V 366 61.27 -103.06 95.90
CA THR V 366 60.75 -104.29 96.48
C THR V 366 61.05 -105.44 95.54
N PHE V 367 61.33 -106.61 96.09
CA PHE V 367 61.63 -107.80 95.30
C PHE V 367 60.59 -108.88 95.51
N ILE V 368 60.22 -109.55 94.42
CA ILE V 368 59.45 -110.78 94.46
C ILE V 368 60.26 -111.82 93.71
N GLY V 369 60.24 -113.04 94.22
CA GLY V 369 60.97 -114.10 93.57
C GLY V 369 60.32 -115.46 93.64
N ASN V 370 60.12 -116.11 92.50
CA ASN V 370 59.61 -117.48 92.45
C ASN V 370 60.81 -118.37 92.19
N SER V 371 61.58 -118.62 93.24
CA SER V 371 62.79 -119.42 93.17
C SER V 371 62.50 -120.81 93.72
N THR V 372 63.11 -121.84 93.11
CA THR V 372 62.85 -123.19 93.54
C THR V 372 63.45 -123.51 94.90
N ALA V 373 64.25 -122.61 95.46
CA ALA V 373 64.74 -122.80 96.82
C ALA V 373 63.60 -122.92 97.82
N ILE V 374 62.40 -122.43 97.48
CA ILE V 374 61.25 -122.56 98.35
C ILE V 374 60.87 -124.00 98.58
N GLN V 375 61.23 -124.90 97.65
CA GLN V 375 60.91 -126.32 97.82
C GLN V 375 61.58 -126.91 99.05
N GLU V 376 62.62 -126.26 99.57
CA GLU V 376 63.19 -126.66 100.85
C GLU V 376 62.15 -126.57 101.96
N MET V 377 61.42 -125.45 102.01
CA MET V 377 60.43 -125.23 103.06
C MET V 377 59.41 -126.34 103.11
N PHE V 378 58.94 -126.79 101.94
CA PHE V 378 57.92 -127.83 101.89
C PHE V 378 58.46 -129.20 102.27
N LYS V 379 59.75 -129.31 102.56
CA LYS V 379 60.31 -130.59 102.97
C LYS V 379 60.40 -130.71 104.49
N ARG V 380 60.94 -129.68 105.14
CA ARG V 380 60.89 -129.63 106.60
C ARG V 380 59.47 -129.82 107.12
N VAL V 381 58.50 -129.21 106.44
CA VAL V 381 57.11 -129.33 106.86
C VAL V 381 56.60 -130.75 106.65
N SER V 382 56.81 -131.31 105.45
CA SER V 382 56.35 -132.66 105.17
C SER V 382 57.04 -133.67 106.08
N GLU V 383 58.28 -133.40 106.48
CA GLU V 383 58.97 -134.29 107.40
C GLU V 383 58.30 -134.29 108.76
N GLN V 384 58.05 -133.10 109.32
CA GLN V 384 57.39 -133.01 110.61
C GLN V 384 56.00 -133.63 110.57
N PHE V 385 55.30 -133.50 109.45
CA PHE V 385 53.98 -134.12 109.34
C PHE V 385 54.08 -135.63 109.33
N THR V 386 54.98 -136.19 108.51
CA THR V 386 55.02 -137.64 108.37
C THR V 386 55.55 -138.31 109.64
N ALA V 387 56.36 -137.60 110.43
CA ALA V 387 56.88 -138.17 111.65
C ALA V 387 55.77 -138.38 112.68
N MET V 388 54.97 -137.35 112.93
CA MET V 388 53.90 -137.47 113.92
C MET V 388 52.73 -138.29 113.38
N PHE V 389 52.43 -138.16 112.08
CA PHE V 389 51.40 -139.02 111.50
C PHE V 389 51.82 -140.48 111.50
N ARG V 390 53.12 -140.74 111.45
CA ARG V 390 53.62 -142.08 111.68
C ARG V 390 53.25 -142.57 113.07
N ARG V 391 53.15 -141.65 114.03
CA ARG V 391 52.74 -141.98 115.39
C ARG V 391 51.28 -141.65 115.67
N LYS V 392 50.61 -140.95 114.76
CA LYS V 392 49.22 -140.52 114.95
C LYS V 392 49.05 -139.69 116.21
N ALA V 393 50.09 -138.95 116.59
CA ALA V 393 50.01 -138.09 117.75
C ALA V 393 49.09 -136.92 117.49
N PHE V 394 48.35 -136.51 118.52
CA PHE V 394 47.40 -135.40 118.45
C PHE V 394 46.35 -135.61 117.37
N LEU V 395 46.14 -136.85 116.92
CA LEU V 395 45.29 -137.07 115.76
C LEU V 395 43.82 -137.16 116.12
N HIS V 396 43.51 -137.53 117.37
CA HIS V 396 42.11 -137.67 117.77
C HIS V 396 41.34 -136.36 117.62
N TRP V 397 42.02 -135.22 117.82
CA TRP V 397 41.36 -133.93 117.66
C TRP V 397 40.77 -133.78 116.27
N TYR V 398 41.55 -134.09 115.24
CA TYR V 398 41.09 -133.87 113.87
C TYR V 398 40.01 -134.87 113.47
N THR V 399 40.13 -136.12 113.92
CA THR V 399 39.05 -137.07 113.73
C THR V 399 37.80 -136.69 114.50
N GLY V 400 37.95 -135.87 115.54
CA GLY V 400 36.82 -135.42 116.33
C GLY V 400 35.92 -134.43 115.64
N GLU V 401 36.25 -134.02 114.41
CA GLU V 401 35.44 -133.06 113.66
C GLU V 401 34.97 -133.66 112.33
N GLY V 402 34.71 -134.97 112.31
CA GLY V 402 34.23 -135.63 111.12
C GLY V 402 35.29 -135.92 110.07
N MET V 403 36.54 -135.53 110.31
CA MET V 403 37.58 -135.74 109.32
C MET V 403 37.93 -137.22 109.22
N ASP V 404 38.91 -137.51 108.36
CA ASP V 404 39.42 -138.85 108.15
C ASP V 404 40.95 -138.75 108.07
N GLU V 405 41.59 -139.84 107.67
CA GLU V 405 43.04 -139.85 107.51
C GLU V 405 43.51 -139.76 106.07
N MET V 406 42.67 -140.15 105.11
CA MET V 406 43.04 -139.97 103.70
C MET V 406 43.35 -138.52 103.40
N GLU V 407 42.63 -137.58 104.02
CA GLU V 407 42.93 -136.17 103.82
C GLU V 407 44.35 -135.84 104.25
N PHE V 408 44.81 -136.44 105.34
CA PHE V 408 46.21 -136.26 105.73
C PHE V 408 47.15 -136.86 104.69
N THR V 409 46.77 -138.00 104.12
CA THR V 409 47.59 -138.61 103.08
C THR V 409 47.59 -137.76 101.81
N GLU V 410 46.41 -137.32 101.37
CA GLU V 410 46.32 -136.54 100.14
C GLU V 410 47.08 -135.23 100.25
N ALA V 411 47.01 -134.57 101.41
CA ALA V 411 47.69 -133.30 101.58
C ALA V 411 49.21 -133.48 101.50
N GLU V 412 49.71 -134.61 102.01
CA GLU V 412 51.15 -134.86 101.92
C GLU V 412 51.55 -135.22 100.50
N SER V 413 50.77 -136.07 99.83
CA SER V 413 51.02 -136.36 98.42
C SER V 413 51.06 -135.08 97.60
N ASN V 414 50.08 -134.19 97.83
CA ASN V 414 50.05 -132.92 97.11
C ASN V 414 51.34 -132.14 97.34
N MET V 415 51.90 -132.23 98.55
CA MET V 415 53.17 -131.56 98.81
C MET V 415 54.33 -132.31 98.15
N ASN V 416 54.30 -133.64 98.20
CA ASN V 416 55.36 -134.41 97.55
C ASN V 416 55.33 -134.21 96.04
N ASP V 417 54.13 -134.21 95.45
CA ASP V 417 54.01 -133.93 94.03
C ASP V 417 54.50 -132.52 93.72
N LEU V 418 54.02 -131.53 94.49
CA LEU V 418 54.40 -130.14 94.23
C LEU V 418 55.90 -129.95 94.31
N VAL V 419 56.53 -130.42 95.39
CA VAL V 419 57.97 -130.23 95.52
C VAL V 419 58.72 -130.98 94.41
N SER V 420 58.13 -132.04 93.87
CA SER V 420 58.74 -132.73 92.74
C SER V 420 58.78 -131.84 91.52
N GLU V 421 57.72 -131.06 91.30
CA GLU V 421 57.71 -130.11 90.20
C GLU V 421 58.85 -129.10 90.35
N TYR V 422 59.11 -128.63 91.57
CA TYR V 422 60.15 -127.65 91.79
C TYR V 422 61.55 -128.22 91.63
N GLN V 423 61.68 -129.54 91.52
CA GLN V 423 62.97 -130.16 91.26
C GLN V 423 63.21 -130.43 89.78
N GLN V 424 62.15 -130.74 89.04
CA GLN V 424 62.26 -130.91 87.59
C GLN V 424 62.96 -129.71 86.96
N TYR V 425 62.40 -128.52 87.19
CA TYR V 425 62.97 -127.30 86.66
C TYR V 425 64.18 -126.81 87.45
N GLN V 426 64.54 -127.50 88.52
CA GLN V 426 65.81 -127.25 89.20
C GLN V 426 66.81 -128.26 88.65
N ASP V 427 67.48 -127.88 87.57
CA ASP V 427 68.47 -128.73 86.92
C ASP V 427 69.88 -128.53 87.48
N ALA V 428 70.00 -128.02 88.71
CA ALA V 428 71.28 -127.75 89.33
C ALA V 428 72.15 -126.84 88.47
N MET W 1 -2.75 -46.82 10.59
CA MET W 1 -3.10 -48.23 10.65
C MET W 1 -4.13 -48.49 11.74
N ASP W 2 -3.95 -47.83 12.88
CA ASP W 2 -4.84 -47.94 14.02
C ASP W 2 -4.93 -46.59 14.69
N LEU W 3 -5.82 -46.49 15.68
CA LEU W 3 -6.05 -45.21 16.36
C LEU W 3 -4.77 -44.66 16.99
N LYS W 4 -4.05 -45.51 17.73
CA LYS W 4 -2.86 -45.03 18.42
C LYS W 4 -1.81 -44.55 17.43
N GLN W 5 -1.60 -45.30 16.35
CA GLN W 5 -0.59 -44.90 15.39
C GLN W 5 -1.02 -43.70 14.57
N GLN W 6 -2.33 -43.50 14.36
CA GLN W 6 -2.78 -42.31 13.66
C GLN W 6 -2.59 -41.06 14.50
N VAL W 7 -2.88 -41.15 15.80
CA VAL W 7 -2.56 -40.05 16.70
C VAL W 7 -1.06 -39.78 16.70
N LYS W 8 -0.27 -40.86 16.71
CA LYS W 8 1.19 -40.73 16.63
C LYS W 8 1.62 -39.99 15.38
N ASN W 9 1.04 -40.36 14.24
CA ASN W 9 1.44 -39.76 12.98
C ASN W 9 1.03 -38.30 12.90
N TYR W 10 -0.14 -37.96 13.46
CA TYR W 10 -0.55 -36.56 13.46
C TYR W 10 0.40 -35.71 14.30
N THR W 11 0.80 -36.22 15.46
CA THR W 11 1.76 -35.47 16.27
C THR W 11 3.10 -35.32 15.55
N MET W 12 3.54 -36.38 14.86
CA MET W 12 4.79 -36.29 14.14
C MET W 12 4.68 -35.32 12.96
N THR W 13 3.53 -35.31 12.30
CA THR W 13 3.31 -34.34 11.23
C THR W 13 3.39 -32.91 11.76
N ILE W 14 2.84 -32.67 12.95
CA ILE W 14 2.96 -31.36 13.57
C ILE W 14 4.41 -31.03 13.86
N ARG W 15 5.17 -32.01 14.37
CA ARG W 15 6.59 -31.79 14.65
C ARG W 15 7.36 -31.42 13.39
N ASN W 16 6.99 -32.00 12.26
CA ASN W 16 7.72 -31.72 11.02
C ASN W 16 7.30 -30.38 10.42
N THR W 17 6.01 -30.04 10.50
CA THR W 17 5.57 -28.73 10.05
C THR W 17 6.23 -27.62 10.84
N ARG W 18 6.30 -27.76 12.16
CA ARG W 18 6.97 -26.76 12.97
C ARG W 18 8.48 -26.83 12.73
N PRO W 19 9.16 -25.69 12.73
CA PRO W 19 10.61 -25.71 12.67
C PRO W 19 11.20 -26.03 14.04
N PRO W 20 12.12 -26.99 14.10
CA PRO W 20 12.73 -27.32 15.41
C PRO W 20 13.66 -26.25 15.93
N THR W 21 14.06 -25.28 15.09
CA THR W 21 14.91 -24.16 15.47
C THR W 21 16.13 -24.61 16.29
N MET W 22 16.65 -25.79 15.95
CA MET W 22 17.82 -26.38 16.61
C MET W 22 17.75 -26.21 18.14
N ILE W 23 16.55 -26.32 18.70
CA ILE W 23 16.33 -25.99 20.11
C ILE W 23 17.08 -26.90 21.07
N LYS W 24 17.27 -26.40 22.29
CA LYS W 24 18.08 -27.02 23.32
C LYS W 24 17.24 -27.72 24.38
N GLU W 25 15.91 -27.72 24.26
CA GLU W 25 15.05 -28.59 25.04
C GLU W 25 15.10 -28.28 26.54
N GLN W 26 15.77 -27.18 26.90
CA GLN W 26 15.79 -26.69 28.28
C GLN W 26 16.32 -25.26 28.28
N ASP W 27 15.60 -24.36 28.94
CA ASP W 27 15.99 -22.96 29.00
C ASP W 27 16.16 -22.55 30.46
N LYS W 28 17.37 -22.12 30.81
CA LYS W 28 17.68 -21.62 32.13
C LYS W 28 17.66 -20.10 32.12
N SER W 29 18.08 -19.51 33.23
CA SER W 29 17.98 -18.07 33.41
C SER W 29 18.96 -17.32 32.53
N GLU W 30 18.54 -16.96 31.31
CA GLU W 30 19.46 -16.36 30.36
C GLU W 30 19.86 -14.96 30.78
N PHE W 31 18.89 -14.05 30.89
CA PHE W 31 19.22 -12.68 31.23
C PHE W 31 19.63 -12.56 32.69
N SER W 32 19.11 -13.43 33.56
CA SER W 32 19.57 -13.43 34.94
C SER W 32 21.04 -13.83 35.02
N HIS W 33 21.45 -14.81 34.20
CA HIS W 33 22.86 -15.18 34.15
C HIS W 33 23.72 -14.05 33.62
N PHE W 34 23.25 -13.38 32.56
CA PHE W 34 23.98 -12.24 32.02
C PHE W 34 24.10 -11.12 33.05
N ARG W 35 23.00 -10.81 33.74
CA ARG W 35 23.01 -9.76 34.75
C ARG W 35 23.92 -10.11 35.92
N ALA W 36 23.89 -11.37 36.36
CA ALA W 36 24.77 -11.79 37.44
C ALA W 36 26.23 -11.70 37.05
N LEU W 37 26.55 -12.07 35.81
CA LEU W 37 27.93 -11.95 35.34
C LEU W 37 28.38 -10.49 35.29
N GLN W 38 27.49 -9.59 34.83
CA GLN W 38 27.84 -8.17 34.86
C GLN W 38 28.01 -7.67 36.29
N VAL W 39 27.21 -8.18 37.22
CA VAL W 39 27.38 -7.80 38.62
C VAL W 39 28.71 -8.31 39.15
N LEU W 40 29.15 -9.48 38.70
CA LEU W 40 30.44 -10.00 39.11
C LEU W 40 31.59 -9.18 38.53
N ALA W 41 31.42 -8.70 37.30
CA ALA W 41 32.50 -7.98 36.63
C ALA W 41 32.96 -6.76 37.42
N ASN W 42 32.02 -6.07 38.08
CA ASN W 42 32.36 -4.85 38.82
C ASN W 42 32.06 -4.98 40.31
N GLY W 43 30.84 -5.34 40.69
CA GLY W 43 30.49 -5.38 42.11
C GLY W 43 31.26 -6.43 42.89
N ASP W 44 31.67 -7.51 42.23
CA ASP W 44 32.53 -8.53 42.82
C ASP W 44 31.87 -9.22 44.01
N GLU W 45 30.55 -9.42 43.92
CA GLU W 45 29.85 -10.23 44.93
C GLU W 45 28.55 -10.74 44.30
N VAL W 46 28.56 -12.00 43.86
CA VAL W 46 27.40 -12.63 43.25
C VAL W 46 27.27 -14.05 43.81
N PRO W 47 26.06 -14.55 44.04
CA PRO W 47 25.91 -15.97 44.39
C PRO W 47 26.41 -16.88 43.28
N TYR W 48 26.90 -18.06 43.69
CA TYR W 48 27.51 -18.98 42.76
C TYR W 48 26.51 -19.50 41.76
N GLU W 49 25.33 -19.92 42.24
CA GLU W 49 24.29 -20.41 41.34
C GLU W 49 23.75 -19.31 40.46
N ALA W 50 23.76 -18.06 40.94
CA ALA W 50 23.38 -16.94 40.10
C ALA W 50 24.36 -16.75 38.94
N THR W 51 25.65 -16.91 39.22
CA THR W 51 26.65 -16.87 38.14
C THR W 51 26.46 -18.02 37.17
N LEU W 52 26.13 -19.20 37.69
CA LEU W 52 25.99 -20.37 36.85
C LEU W 52 24.87 -20.22 35.83
N ARG W 53 25.06 -20.89 34.70
CA ARG W 53 24.00 -21.15 33.74
C ARG W 53 24.14 -22.60 33.26
N ASN W 54 23.01 -23.24 33.00
CA ASN W 54 23.00 -24.64 32.58
C ASN W 54 22.24 -24.77 31.26
N VAL W 55 22.85 -25.48 30.31
CA VAL W 55 22.21 -25.79 29.05
C VAL W 55 22.39 -27.27 28.76
N ILE W 56 21.31 -27.90 28.29
CA ILE W 56 21.29 -29.32 27.99
C ILE W 56 20.95 -29.45 26.51
N HIS W 57 21.31 -30.60 25.94
CA HIS W 57 20.88 -30.96 24.60
C HIS W 57 20.41 -32.41 24.61
N ASP W 58 19.98 -32.88 23.45
CA ASP W 58 19.51 -34.26 23.35
C ASP W 58 20.68 -35.24 23.42
N GLY W 59 21.80 -34.89 22.81
CA GLY W 59 22.89 -35.83 22.72
C GLY W 59 22.46 -37.06 21.95
N ALA W 60 22.26 -38.15 22.66
CA ALA W 60 21.72 -39.34 22.03
C ALA W 60 21.22 -40.27 23.12
N ARG W 61 20.52 -41.31 22.69
CA ARG W 61 20.17 -42.44 23.53
C ARG W 61 21.42 -43.30 23.61
N GLN W 62 21.28 -44.60 23.85
CA GLN W 62 22.40 -45.52 23.70
C GLN W 62 23.60 -45.14 24.56
N PRO W 63 23.52 -45.32 25.90
CA PRO W 63 24.43 -44.64 26.83
C PRO W 63 25.89 -45.10 26.85
N LYS W 64 26.64 -44.75 25.81
CA LYS W 64 28.08 -44.94 25.73
C LYS W 64 28.49 -46.35 26.14
N LEU W 65 28.11 -47.30 25.29
CA LEU W 65 28.76 -48.60 25.34
C LEU W 65 30.21 -48.46 24.90
N PRO W 66 31.12 -49.23 25.48
CA PRO W 66 32.54 -49.12 25.10
C PRO W 66 32.76 -49.59 23.67
N PRO W 67 33.85 -49.17 23.03
CA PRO W 67 34.08 -49.55 21.64
C PRO W 67 34.38 -51.04 21.49
N ARG W 68 34.00 -51.57 20.33
CA ARG W 68 34.25 -52.97 19.98
C ARG W 68 35.64 -53.19 19.41
N GLN W 69 36.34 -52.13 19.01
CA GLN W 69 37.67 -52.08 18.42
C GLN W 69 37.69 -52.56 16.98
N THR W 70 36.63 -53.19 16.48
CA THR W 70 36.44 -53.46 15.05
C THR W 70 37.61 -54.15 14.37
N GLN W 71 38.61 -54.57 15.16
CA GLN W 71 39.87 -55.00 14.55
C GLN W 71 40.71 -55.70 15.60
N LYS W 72 41.37 -56.79 15.16
CA LYS W 72 42.27 -57.56 16.02
C LYS W 72 43.65 -56.91 16.03
N HIS W 73 44.62 -57.63 16.57
CA HIS W 73 46.02 -57.21 16.50
C HIS W 73 46.63 -57.70 15.19
N PRO W 74 47.39 -56.85 14.50
CA PRO W 74 47.89 -57.23 13.17
C PRO W 74 49.04 -58.22 13.22
N GLY W 75 48.93 -59.22 14.09
CA GLY W 75 49.89 -60.29 14.16
C GLY W 75 49.19 -61.63 14.18
N TYR W 76 47.87 -61.61 14.33
CA TYR W 76 47.04 -62.81 14.41
C TYR W 76 46.35 -63.13 13.09
N ILE W 77 45.64 -62.16 12.51
CA ILE W 77 44.82 -62.38 11.34
C ILE W 77 45.47 -61.69 10.14
N ARG W 78 45.36 -62.31 8.97
CA ARG W 78 45.86 -61.74 7.73
C ARG W 78 44.80 -61.91 6.64
N ASN W 79 44.90 -61.07 5.61
CA ASN W 79 43.79 -60.78 4.73
C ASN W 79 43.26 -61.98 3.94
N GLU W 80 44.01 -62.41 2.93
CA GLU W 80 43.73 -63.65 2.22
C GLU W 80 45.05 -64.32 1.87
N SER W 81 46.10 -63.50 1.89
CA SER W 81 47.36 -63.80 1.22
C SER W 81 48.54 -63.22 1.97
N GLY W 82 48.35 -62.79 3.21
CA GLY W 82 49.38 -62.03 3.88
C GLY W 82 49.11 -60.58 3.57
N GLY W 83 48.69 -59.82 4.57
CA GLY W 83 48.33 -58.44 4.35
C GLY W 83 47.42 -57.95 5.45
N PHE W 84 47.66 -56.72 5.90
CA PHE W 84 46.93 -56.20 7.04
C PHE W 84 45.50 -55.89 6.65
N PHE W 85 44.68 -55.63 7.67
CA PHE W 85 43.30 -55.21 7.49
C PHE W 85 43.20 -53.72 7.80
N THR W 86 42.25 -53.05 7.16
CA THR W 86 42.17 -51.60 7.24
C THR W 86 40.75 -51.12 7.49
N MET X 1 7.47 -37.28 -15.69
CA MET X 1 8.51 -37.42 -16.71
C MET X 1 9.15 -38.79 -16.63
N ARG X 2 10.22 -38.90 -15.85
CA ARG X 2 10.93 -40.16 -15.63
C ARG X 2 11.08 -40.33 -14.13
N GLU X 3 10.13 -41.02 -13.51
CA GLU X 3 10.12 -41.20 -12.06
C GLU X 3 9.82 -42.66 -11.75
N VAL X 4 10.25 -43.08 -10.57
CA VAL X 4 10.09 -44.47 -10.13
C VAL X 4 9.55 -44.50 -8.71
N ILE X 5 8.68 -45.47 -8.46
CA ILE X 5 8.09 -45.68 -7.14
C ILE X 5 8.86 -46.82 -6.50
N SER X 6 9.59 -46.52 -5.43
CA SER X 6 10.50 -47.48 -4.81
C SER X 6 9.86 -48.01 -3.53
N ILE X 7 9.49 -49.29 -3.54
CA ILE X 7 8.86 -49.95 -2.40
C ILE X 7 9.92 -50.67 -1.59
N HIS X 8 9.63 -50.92 -0.32
CA HIS X 8 10.55 -51.62 0.56
C HIS X 8 9.73 -52.48 1.53
N ILE X 9 9.63 -53.76 1.24
CA ILE X 9 8.89 -54.69 2.06
C ILE X 9 9.89 -55.48 2.90
N GLY X 10 9.43 -55.98 4.04
CA GLY X 10 10.29 -56.73 4.93
C GLY X 10 11.25 -55.83 5.68
N GLN X 11 12.14 -56.47 6.45
CA GLN X 11 13.13 -55.71 7.21
C GLN X 11 14.36 -55.40 6.36
N ALA X 12 14.90 -56.42 5.68
CA ALA X 12 16.04 -56.18 4.81
C ALA X 12 15.69 -55.17 3.73
N GLY X 13 14.46 -55.23 3.21
CA GLY X 13 14.04 -54.23 2.23
C GLY X 13 14.18 -52.82 2.74
N ILE X 14 13.63 -52.55 3.92
CA ILE X 14 13.72 -51.20 4.47
C ILE X 14 15.09 -50.93 5.08
N GLN X 15 15.85 -51.97 5.39
CA GLN X 15 17.24 -51.77 5.80
C GLN X 15 18.05 -51.20 4.65
N VAL X 16 18.09 -51.91 3.53
CA VAL X 16 18.75 -51.40 2.33
C VAL X 16 18.21 -50.03 1.96
N GLY X 17 16.89 -49.84 2.06
CA GLY X 17 16.30 -48.55 1.75
C GLY X 17 16.84 -47.43 2.59
N ASN X 18 17.25 -47.73 3.82
CA ASN X 18 17.90 -46.72 4.65
C ASN X 18 19.24 -46.30 4.07
N ALA X 19 19.83 -47.11 3.19
CA ALA X 19 21.08 -46.77 2.52
C ALA X 19 20.87 -46.15 1.14
N CYS X 20 19.95 -46.70 0.34
CA CYS X 20 19.65 -46.08 -0.94
C CYS X 20 19.18 -44.64 -0.75
N TRP X 21 18.21 -44.43 0.14
CA TRP X 21 17.75 -43.09 0.44
C TRP X 21 18.75 -42.30 1.25
N GLU X 22 19.91 -42.88 1.55
CA GLU X 22 21.07 -42.12 2.04
C GLU X 22 21.89 -41.61 0.87
N LEU X 23 22.24 -42.49 -0.06
CA LEU X 23 23.04 -42.12 -1.22
C LEU X 23 22.35 -41.08 -2.09
N TYR X 24 21.03 -41.20 -2.25
CA TYR X 24 20.29 -40.30 -3.14
C TYR X 24 20.30 -38.88 -2.61
N CYS X 25 19.94 -38.69 -1.34
CA CYS X 25 19.93 -37.34 -0.80
C CYS X 25 21.33 -36.76 -0.77
N LEU X 26 22.35 -37.60 -0.77
CA LEU X 26 23.72 -37.11 -0.89
C LEU X 26 24.09 -36.87 -2.35
N GLU X 27 23.66 -37.76 -3.24
CA GLU X 27 24.00 -37.63 -4.64
C GLU X 27 23.47 -36.33 -5.23
N HIS X 28 22.29 -35.90 -4.80
CA HIS X 28 21.64 -34.71 -5.35
C HIS X 28 21.73 -33.51 -4.42
N GLY X 29 22.41 -33.63 -3.29
CA GLY X 29 22.59 -32.52 -2.40
C GLY X 29 21.47 -32.31 -1.39
N ILE X 30 20.43 -33.13 -1.41
CA ILE X 30 19.31 -32.95 -0.50
C ILE X 30 19.78 -33.16 0.93
N GLN X 31 19.65 -32.11 1.75
CA GLN X 31 19.96 -32.23 3.17
C GLN X 31 19.06 -33.27 3.81
N PRO X 32 19.41 -33.75 5.01
CA PRO X 32 18.48 -34.63 5.73
C PRO X 32 17.15 -33.98 6.05
N ASP X 33 17.07 -32.66 6.07
CA ASP X 33 15.82 -31.97 6.34
C ASP X 33 15.09 -31.57 5.05
N GLY X 34 14.96 -32.51 4.13
CA GLY X 34 14.03 -32.35 3.04
C GLY X 34 14.40 -31.37 1.95
N GLN X 35 15.26 -30.40 2.24
CA GLN X 35 15.52 -29.31 1.32
C GLN X 35 17.01 -29.09 1.14
N MET X 36 17.39 -28.82 -0.09
CA MET X 36 18.72 -28.46 -0.54
C MET X 36 18.90 -26.95 -0.47
N PRO X 37 20.12 -26.47 -0.24
CA PRO X 37 20.38 -25.02 -0.19
C PRO X 37 20.25 -24.36 -1.57
N ASP X 46 16.03 -28.78 -13.13
CA ASP X 46 15.21 -29.86 -12.62
C ASP X 46 15.55 -31.18 -13.29
N ASP X 47 14.73 -32.19 -13.05
CA ASP X 47 14.88 -33.57 -13.52
C ASP X 47 16.09 -34.26 -12.88
N ALA X 48 16.85 -33.56 -12.04
CA ALA X 48 17.97 -34.17 -11.35
C ALA X 48 17.54 -34.93 -10.10
N PHE X 49 16.38 -34.60 -9.55
CA PHE X 49 15.87 -35.27 -8.36
C PHE X 49 14.41 -35.69 -8.48
N ASN X 50 13.63 -35.10 -9.39
CA ASN X 50 12.21 -35.43 -9.50
C ASN X 50 12.00 -36.93 -9.69
N THR X 51 12.99 -37.61 -10.27
CA THR X 51 12.90 -39.06 -10.41
C THR X 51 12.85 -39.74 -9.06
N PHE X 52 13.44 -39.13 -8.02
CA PHE X 52 13.48 -39.72 -6.70
C PHE X 52 12.91 -38.81 -5.64
N PHE X 53 12.26 -37.71 -6.03
CA PHE X 53 11.72 -36.78 -5.06
C PHE X 53 10.47 -36.13 -5.64
N SER X 54 9.85 -35.28 -4.83
CA SER X 54 8.66 -34.54 -5.24
C SER X 54 8.72 -33.22 -4.48
N GLU X 55 9.20 -32.17 -5.15
CA GLU X 55 9.25 -30.86 -4.52
C GLU X 55 7.86 -30.47 -4.03
N THR X 56 7.78 -30.10 -2.75
CA THR X 56 6.51 -29.76 -2.15
C THR X 56 6.07 -28.37 -2.59
N GLY X 57 5.02 -27.85 -1.95
CA GLY X 57 4.59 -26.49 -2.26
C GLY X 57 5.69 -25.47 -2.06
N ALA X 58 6.62 -25.74 -1.14
CA ALA X 58 7.72 -24.81 -0.89
C ALA X 58 8.83 -25.55 -0.16
N GLY X 59 9.99 -25.65 -0.80
CA GLY X 59 11.20 -26.08 -0.11
C GLY X 59 11.47 -27.58 -0.04
N LYS X 60 10.71 -28.29 0.78
CA LYS X 60 11.03 -29.67 1.09
C LYS X 60 10.96 -30.56 -0.15
N HIS X 61 11.73 -31.64 -0.10
CA HIS X 61 11.68 -32.71 -1.10
C HIS X 61 11.35 -34.00 -0.38
N VAL X 62 10.17 -34.54 -0.66
CA VAL X 62 9.78 -35.81 -0.04
C VAL X 62 10.23 -36.95 -0.95
N PRO X 63 10.79 -38.02 -0.39
CA PRO X 63 11.19 -39.17 -1.22
C PRO X 63 9.97 -39.98 -1.63
N ARG X 64 9.87 -40.24 -2.94
CA ARG X 64 8.75 -40.99 -3.50
C ARG X 64 8.97 -42.49 -3.29
N CYS X 65 8.88 -42.90 -2.01
CA CYS X 65 9.05 -44.29 -1.64
C CYS X 65 7.99 -44.69 -0.61
N ILE X 66 8.00 -45.98 -0.26
CA ILE X 66 7.10 -46.54 0.73
C ILE X 66 7.88 -47.55 1.56
N PHE X 67 7.87 -47.38 2.87
CA PHE X 67 8.51 -48.31 3.79
C PHE X 67 7.40 -49.11 4.47
N LEU X 68 7.27 -50.37 4.08
CA LEU X 68 6.20 -51.24 4.54
C LEU X 68 6.80 -52.37 5.36
N ASP X 69 6.12 -52.72 6.44
CA ASP X 69 6.57 -53.81 7.30
C ASP X 69 5.49 -54.11 8.34
N LEU X 70 5.52 -55.33 8.85
CA LEU X 70 4.63 -55.76 9.92
C LEU X 70 5.30 -55.72 11.29
N GLU X 71 6.62 -55.79 11.34
CA GLU X 71 7.35 -55.70 12.60
C GLU X 71 7.50 -54.22 12.94
N PRO X 72 6.85 -53.72 13.99
CA PRO X 72 6.96 -52.29 14.29
C PRO X 72 8.33 -51.87 14.74
N THR X 73 9.19 -52.81 15.12
CA THR X 73 10.42 -52.51 15.84
C THR X 73 11.52 -51.91 14.97
N VAL X 74 11.35 -51.89 13.65
CA VAL X 74 12.38 -51.39 12.74
C VAL X 74 11.92 -50.16 11.98
N VAL X 75 10.66 -50.10 11.59
CA VAL X 75 10.16 -48.88 10.96
C VAL X 75 10.20 -47.73 11.94
N ASP X 76 9.97 -48.01 13.23
CA ASP X 76 10.03 -46.95 14.23
C ASP X 76 11.44 -46.43 14.45
N GLU X 77 12.44 -47.06 13.82
CA GLU X 77 13.80 -46.54 13.89
C GLU X 77 13.97 -45.38 12.93
N VAL X 78 13.52 -45.54 11.69
CA VAL X 78 13.48 -44.40 10.77
C VAL X 78 12.58 -43.32 11.34
N ARG X 79 11.51 -43.71 12.02
CA ARG X 79 10.61 -42.75 12.66
C ARG X 79 11.32 -41.93 13.73
N THR X 80 12.49 -42.38 14.19
CA THR X 80 13.26 -41.63 15.16
C THR X 80 14.69 -41.34 14.73
N GLY X 81 15.20 -42.02 13.71
CA GLY X 81 16.53 -41.73 13.21
C GLY X 81 16.63 -40.35 12.63
N THR X 82 17.85 -40.00 12.19
CA THR X 82 18.07 -38.70 11.59
C THR X 82 17.24 -38.52 10.32
N TYR X 83 16.71 -39.59 9.75
CA TYR X 83 15.91 -39.49 8.53
C TYR X 83 14.43 -39.64 8.85
N ARG X 84 13.92 -38.68 9.59
CA ARG X 84 12.50 -38.48 9.77
C ARG X 84 12.00 -37.20 9.11
N GLN X 85 12.83 -36.15 9.08
CA GLN X 85 12.47 -34.93 8.37
C GLN X 85 12.27 -35.16 6.89
N LEU X 86 12.89 -36.19 6.32
CA LEU X 86 12.66 -36.51 4.93
C LEU X 86 11.28 -37.12 4.73
N PHE X 87 10.95 -38.12 5.55
CA PHE X 87 9.79 -38.97 5.30
C PHE X 87 8.55 -38.37 5.96
N HIS X 88 7.50 -38.22 5.17
CA HIS X 88 6.19 -37.92 5.75
C HIS X 88 5.68 -39.19 6.43
N PRO X 89 5.27 -39.12 7.69
CA PRO X 89 4.97 -40.35 8.44
C PRO X 89 3.92 -41.23 7.79
N GLU X 90 3.09 -40.69 6.90
CA GLU X 90 2.10 -41.54 6.24
C GLU X 90 2.76 -42.57 5.33
N GLN X 91 3.99 -42.33 4.88
CA GLN X 91 4.71 -43.31 4.08
C GLN X 91 4.96 -44.58 4.88
N LEU X 92 5.55 -44.43 6.06
CA LEU X 92 6.06 -45.54 6.86
C LEU X 92 4.89 -46.32 7.44
N ILE X 93 4.52 -47.41 6.78
CA ILE X 93 3.44 -48.27 7.24
C ILE X 93 4.01 -49.29 8.21
N SER X 94 3.21 -49.67 9.20
CA SER X 94 3.62 -50.60 10.23
C SER X 94 2.49 -51.60 10.45
N GLY X 95 2.62 -52.39 11.51
CA GLY X 95 1.61 -53.38 11.84
C GLY X 95 1.82 -53.92 13.24
N LYS X 96 0.74 -54.31 13.91
CA LYS X 96 0.88 -54.75 15.30
C LYS X 96 1.70 -56.04 15.41
N GLU X 97 1.43 -57.01 14.55
CA GLU X 97 2.08 -58.32 14.62
C GLU X 97 2.77 -58.60 13.29
N ASP X 98 3.75 -59.50 13.34
CA ASP X 98 4.55 -59.84 12.18
C ASP X 98 4.15 -61.21 11.63
N ALA X 99 4.83 -61.61 10.56
CA ALA X 99 4.52 -62.89 9.93
C ALA X 99 5.27 -64.05 10.59
N ALA X 100 6.40 -63.75 11.23
CA ALA X 100 7.16 -64.76 11.98
C ALA X 100 7.63 -65.89 11.09
N ASN X 101 8.18 -65.53 9.93
CA ASN X 101 8.80 -66.47 9.00
C ASN X 101 7.82 -67.50 8.47
N ASN X 102 6.55 -67.16 8.42
CA ASN X 102 5.54 -68.02 7.81
C ASN X 102 5.02 -67.32 6.56
N PHE X 103 5.07 -68.03 5.43
CA PHE X 103 4.54 -67.45 4.20
C PHE X 103 3.05 -67.22 4.30
N ALA X 104 2.32 -68.18 4.88
CA ALA X 104 0.87 -68.05 4.98
C ALA X 104 0.47 -66.84 5.81
N ARG X 105 1.14 -66.63 6.95
CA ARG X 105 0.82 -65.47 7.78
C ARG X 105 1.10 -64.17 7.04
N GLY X 106 2.14 -64.17 6.20
CA GLY X 106 2.41 -62.99 5.41
C GLY X 106 1.50 -62.84 4.21
N HIS X 107 0.93 -63.94 3.72
CA HIS X 107 0.17 -63.92 2.47
C HIS X 107 -1.32 -64.18 2.65
N TYR X 108 -1.71 -64.98 3.62
CA TYR X 108 -3.10 -65.39 3.75
C TYR X 108 -3.84 -64.78 4.92
N THR X 109 -3.16 -64.61 6.06
CA THR X 109 -3.85 -64.18 7.29
C THR X 109 -3.73 -62.68 7.54
N ILE X 110 -2.51 -62.15 7.58
CA ILE X 110 -2.27 -60.78 8.02
C ILE X 110 -2.13 -59.84 6.84
N GLY X 111 -1.35 -60.21 5.82
CA GLY X 111 -1.14 -59.35 4.68
C GLY X 111 -2.42 -58.95 3.97
N LYS X 112 -3.47 -59.77 4.05
CA LYS X 112 -4.70 -59.48 3.33
C LYS X 112 -5.40 -58.24 3.86
N GLU X 113 -5.04 -57.77 5.05
CA GLU X 113 -5.77 -56.68 5.69
C GLU X 113 -5.08 -55.33 5.58
N ILE X 114 -3.82 -55.28 5.13
CA ILE X 114 -3.11 -54.02 5.00
C ILE X 114 -2.70 -53.69 3.58
N VAL X 115 -2.94 -54.59 2.62
CA VAL X 115 -2.65 -54.26 1.23
C VAL X 115 -3.50 -53.08 0.77
N ASP X 116 -4.79 -53.12 1.09
CA ASP X 116 -5.69 -52.06 0.64
C ASP X 116 -5.28 -50.71 1.19
N LEU X 117 -4.62 -50.70 2.35
CA LEU X 117 -4.03 -49.47 2.83
C LEU X 117 -2.86 -49.03 1.96
N ALA X 118 -1.85 -49.88 1.83
CA ALA X 118 -0.70 -49.53 1.00
C ALA X 118 -1.11 -49.26 -0.44
N LEU X 119 -2.00 -50.08 -0.98
CA LEU X 119 -2.54 -49.83 -2.33
C LEU X 119 -3.11 -48.41 -2.45
N ASP X 120 -3.58 -47.84 -1.35
CA ASP X 120 -4.02 -46.45 -1.41
C ASP X 120 -2.86 -45.49 -1.38
N ARG X 121 -1.78 -45.84 -0.69
CA ARG X 121 -0.61 -44.97 -0.66
C ARG X 121 0.06 -44.90 -2.03
N ILE X 122 0.21 -46.05 -2.68
CA ILE X 122 0.70 -46.07 -4.06
C ILE X 122 -0.24 -45.24 -4.95
N ARG X 123 -1.54 -45.50 -4.84
CA ARG X 123 -2.51 -44.71 -5.60
C ARG X 123 -2.37 -43.24 -5.29
N LYS X 124 -2.12 -42.88 -4.03
CA LYS X 124 -1.83 -41.49 -3.69
C LYS X 124 -0.45 -41.05 -4.15
N LEU X 125 0.36 -41.96 -4.68
CA LEU X 125 1.72 -41.65 -5.09
C LEU X 125 1.94 -41.81 -6.60
N ALA X 126 1.27 -42.78 -7.22
CA ALA X 126 1.37 -42.91 -8.67
C ALA X 126 0.78 -41.69 -9.37
N ASP X 127 -0.21 -41.06 -8.76
CA ASP X 127 -0.88 -39.94 -9.42
C ASP X 127 0.03 -38.72 -9.55
N ASN X 128 0.90 -38.48 -8.57
CA ASN X 128 1.78 -37.32 -8.65
C ASN X 128 2.81 -37.45 -9.75
N CYS X 129 3.11 -38.66 -10.20
CA CYS X 129 4.09 -38.87 -11.25
C CYS X 129 3.42 -38.83 -12.60
N THR X 130 3.93 -37.98 -13.49
CA THR X 130 3.34 -37.85 -14.82
C THR X 130 3.72 -39.05 -15.69
N GLY X 131 5.01 -39.24 -15.93
CA GLY X 131 5.47 -40.39 -16.66
C GLY X 131 6.12 -41.41 -15.75
N LEU X 132 5.40 -42.49 -15.45
CA LEU X 132 5.89 -43.51 -14.53
C LEU X 132 6.70 -44.52 -15.32
N GLN X 133 8.00 -44.59 -15.04
CA GLN X 133 8.84 -45.58 -15.68
C GLN X 133 8.48 -46.98 -15.20
N GLY X 134 8.51 -47.19 -13.89
CA GLY X 134 8.15 -48.48 -13.34
C GLY X 134 8.38 -48.50 -11.85
N PHE X 135 7.83 -49.55 -11.22
CA PHE X 135 8.03 -49.77 -9.81
C PHE X 135 9.40 -50.37 -9.55
N LEU X 136 9.83 -50.30 -8.29
CA LEU X 136 11.15 -50.79 -7.90
C LEU X 136 11.00 -51.47 -6.54
N VAL X 137 10.78 -52.77 -6.56
CA VAL X 137 10.55 -53.54 -5.34
C VAL X 137 11.88 -53.88 -4.69
N PHE X 138 11.89 -53.91 -3.37
CA PHE X 138 13.04 -54.41 -2.60
C PHE X 138 12.51 -55.50 -1.69
N ASN X 139 12.36 -56.69 -2.24
CA ASN X 139 11.93 -57.83 -1.46
C ASN X 139 13.13 -58.49 -0.79
N ALA X 140 12.85 -59.29 0.23
CA ALA X 140 13.87 -60.08 0.91
C ALA X 140 13.29 -61.48 1.11
N VAL X 141 13.44 -62.33 0.10
CA VAL X 141 12.92 -63.68 0.20
C VAL X 141 13.66 -64.43 1.30
N GLY X 142 12.92 -65.17 2.10
CA GLY X 142 13.47 -65.81 3.28
C GLY X 142 12.81 -65.38 4.58
N GLY X 143 11.84 -64.47 4.53
CA GLY X 143 11.07 -64.11 5.71
C GLY X 143 9.59 -64.26 5.44
N GLY X 144 8.75 -63.83 6.38
CA GLY X 144 7.33 -63.93 6.18
C GLY X 144 6.77 -62.69 5.51
N THR X 145 7.28 -61.52 5.89
CA THR X 145 6.84 -60.29 5.26
C THR X 145 7.27 -60.23 3.81
N GLY X 146 8.58 -60.30 3.56
CA GLY X 146 9.08 -60.18 2.21
C GLY X 146 8.46 -61.19 1.25
N SER X 147 8.26 -62.42 1.71
CA SER X 147 7.73 -63.46 0.85
C SER X 147 6.20 -63.44 0.83
N GLY X 148 5.58 -63.60 1.99
CA GLY X 148 4.13 -63.70 2.03
C GLY X 148 3.45 -62.43 1.56
N LEU X 149 3.92 -61.28 2.04
CA LEU X 149 3.27 -60.03 1.70
C LEU X 149 3.65 -59.56 0.30
N GLY X 150 4.94 -59.44 0.02
CA GLY X 150 5.39 -59.03 -1.30
C GLY X 150 4.71 -59.80 -2.41
N SER X 151 4.66 -61.12 -2.28
CA SER X 151 3.95 -61.94 -3.26
C SER X 151 2.48 -61.54 -3.33
N LEU X 152 1.84 -61.33 -2.18
CA LEU X 152 0.45 -60.92 -2.18
C LEU X 152 0.28 -59.54 -2.81
N LEU X 153 1.28 -58.67 -2.66
CA LEU X 153 1.16 -57.32 -3.17
C LEU X 153 1.26 -57.28 -4.68
N LEU X 154 2.24 -57.99 -5.25
CA LEU X 154 2.43 -57.96 -6.70
C LEU X 154 1.21 -58.49 -7.44
N GLU X 155 0.49 -59.44 -6.86
CA GLU X 155 -0.80 -59.82 -7.43
C GLU X 155 -1.73 -58.62 -7.50
N ARG X 156 -1.80 -57.83 -6.43
CA ARG X 156 -2.64 -56.65 -6.42
C ARG X 156 -2.15 -55.58 -7.38
N LEU X 157 -0.90 -55.65 -7.82
CA LEU X 157 -0.38 -54.64 -8.74
C LEU X 157 -0.68 -55.01 -10.19
N SER X 158 -0.33 -56.23 -10.59
CA SER X 158 -0.52 -56.63 -11.97
C SER X 158 -2.00 -56.63 -12.38
N VAL X 159 -2.91 -56.80 -11.42
CA VAL X 159 -4.33 -56.69 -11.75
C VAL X 159 -4.73 -55.25 -11.97
N ASP X 160 -3.95 -54.29 -11.51
CA ASP X 160 -4.21 -52.89 -11.79
C ASP X 160 -3.49 -52.45 -13.06
N TYR X 161 -2.18 -52.65 -13.11
CA TYR X 161 -1.35 -52.17 -14.21
C TYR X 161 -1.12 -53.23 -15.28
N GLY X 162 -0.53 -54.36 -14.90
CA GLY X 162 -0.27 -55.41 -15.86
C GLY X 162 0.74 -55.02 -16.91
N LYS X 163 0.38 -54.07 -17.77
CA LYS X 163 1.29 -53.62 -18.81
C LYS X 163 2.51 -52.92 -18.23
N LYS X 164 2.34 -52.22 -17.11
CA LYS X 164 3.45 -51.54 -16.48
C LYS X 164 4.48 -52.57 -16.00
N SER X 165 5.73 -52.14 -15.91
CA SER X 165 6.83 -53.03 -15.57
C SER X 165 7.06 -53.04 -14.07
N LYS X 166 7.25 -54.25 -13.53
CA LYS X 166 7.55 -54.45 -12.11
C LYS X 166 8.95 -55.04 -12.00
N LEU X 167 9.90 -54.25 -11.51
CA LEU X 167 11.25 -54.76 -11.29
C LEU X 167 11.32 -55.52 -9.99
N GLY X 168 12.54 -55.80 -9.52
CA GLY X 168 12.71 -56.42 -8.23
C GLY X 168 14.16 -56.69 -7.87
N PHE X 169 14.56 -56.32 -6.66
CA PHE X 169 15.89 -56.60 -6.13
C PHE X 169 15.67 -57.48 -4.91
N THR X 170 15.58 -58.78 -5.13
CA THR X 170 15.19 -59.73 -4.10
C THR X 170 16.41 -60.52 -3.68
N VAL X 171 16.86 -60.33 -2.44
CA VAL X 171 17.91 -61.18 -1.91
C VAL X 171 17.38 -62.61 -1.84
N TYR X 172 18.29 -63.57 -1.81
CA TYR X 172 17.87 -64.95 -1.94
C TYR X 172 18.47 -65.79 -0.82
N PRO X 173 17.77 -66.84 -0.39
CA PRO X 173 18.33 -67.72 0.65
C PRO X 173 19.63 -68.36 0.18
N SER X 174 20.70 -68.06 0.90
CA SER X 174 22.02 -68.52 0.51
C SER X 174 22.13 -70.03 0.66
N PRO X 175 22.96 -70.67 -0.16
CA PRO X 175 23.19 -72.12 -0.02
C PRO X 175 23.82 -72.48 1.31
N GLN X 176 24.97 -71.90 1.62
CA GLN X 176 25.71 -72.27 2.82
C GLN X 176 25.21 -71.52 4.05
N VAL X 177 25.36 -70.20 4.06
CA VAL X 177 24.98 -69.40 5.22
C VAL X 177 23.48 -69.18 5.20
N SER X 178 22.79 -69.68 6.24
CA SER X 178 21.35 -69.51 6.33
C SER X 178 20.97 -69.25 7.78
N THR X 179 20.24 -68.15 8.00
CA THR X 179 19.84 -67.73 9.33
C THR X 179 18.39 -68.08 9.64
N ALA X 180 17.81 -69.01 8.89
CA ALA X 180 16.48 -69.51 9.19
C ALA X 180 16.48 -70.99 8.89
N VAL X 181 15.40 -71.66 9.30
CA VAL X 181 15.29 -73.10 9.12
C VAL X 181 14.19 -73.49 8.14
N VAL X 182 13.22 -72.61 7.87
CA VAL X 182 12.13 -72.92 6.96
C VAL X 182 12.20 -72.12 5.68
N GLU X 183 13.23 -71.31 5.48
CA GLU X 183 13.27 -70.48 4.29
C GLU X 183 13.28 -71.27 2.98
N PRO X 184 13.74 -72.52 2.92
CA PRO X 184 13.42 -73.34 1.75
C PRO X 184 11.94 -73.44 1.45
N TYR X 185 11.08 -73.36 2.47
CA TYR X 185 9.65 -73.48 2.24
C TYR X 185 9.09 -72.23 1.58
N ASN X 186 9.29 -71.07 2.21
CA ASN X 186 8.64 -69.86 1.71
C ASN X 186 9.22 -69.42 0.38
N SER X 187 10.55 -69.52 0.23
CA SER X 187 11.19 -69.12 -1.02
C SER X 187 10.55 -69.79 -2.22
N VAL X 188 10.36 -71.10 -2.15
CA VAL X 188 9.66 -71.81 -3.21
C VAL X 188 8.30 -71.21 -3.45
N LEU X 189 7.55 -70.96 -2.37
CA LEU X 189 6.18 -70.48 -2.52
C LEU X 189 6.14 -69.07 -3.11
N SER X 190 7.15 -68.25 -2.82
CA SER X 190 7.16 -66.90 -3.35
C SER X 190 7.34 -66.91 -4.87
N THR X 191 8.32 -67.69 -5.35
CA THR X 191 8.61 -67.69 -6.78
C THR X 191 7.42 -68.20 -7.59
N HIS X 192 6.75 -69.26 -7.10
CA HIS X 192 5.57 -69.77 -7.78
C HIS X 192 4.53 -68.68 -8.02
N SER X 193 4.55 -67.61 -7.22
CA SER X 193 3.59 -66.53 -7.33
C SER X 193 4.13 -65.31 -8.06
N LEU X 194 5.36 -64.88 -7.75
CA LEU X 194 5.90 -63.70 -8.40
C LEU X 194 6.16 -63.95 -9.89
N LEU X 195 6.49 -65.19 -10.26
CA LEU X 195 6.94 -65.48 -11.61
C LEU X 195 5.96 -64.98 -12.66
N GLU X 196 4.71 -65.44 -12.58
CA GLU X 196 3.72 -65.00 -13.56
C GLU X 196 3.28 -63.56 -13.36
N HIS X 197 3.84 -62.84 -12.38
CA HIS X 197 3.44 -61.47 -12.12
C HIS X 197 4.56 -60.47 -12.45
N THR X 198 5.73 -60.61 -11.83
CA THR X 198 6.82 -59.73 -12.20
C THR X 198 7.29 -60.08 -13.60
N ASP X 199 8.02 -59.15 -14.21
CA ASP X 199 8.54 -59.36 -15.54
C ASP X 199 10.06 -59.38 -15.59
N VAL X 200 10.73 -58.79 -14.60
CA VAL X 200 12.18 -58.91 -14.43
C VAL X 200 12.45 -59.02 -12.94
N ALA X 201 13.48 -59.77 -12.59
CA ALA X 201 13.72 -60.07 -11.17
C ALA X 201 15.21 -60.28 -10.97
N VAL X 202 15.89 -59.25 -10.46
CA VAL X 202 17.28 -59.39 -10.07
C VAL X 202 17.37 -60.32 -8.87
N MET X 203 18.44 -61.11 -8.81
CA MET X 203 18.76 -61.92 -7.66
C MET X 203 20.12 -61.48 -7.10
N LEU X 204 20.27 -61.58 -5.79
CA LEU X 204 21.58 -61.39 -5.17
C LEU X 204 21.56 -62.08 -3.82
N ASP X 205 22.72 -62.08 -3.15
CA ASP X 205 22.88 -62.94 -1.99
C ASP X 205 23.88 -62.32 -1.03
N ASN X 206 23.81 -62.75 0.23
CA ASN X 206 24.62 -62.14 1.29
C ASN X 206 26.07 -62.61 1.23
N GLU X 207 26.29 -63.92 1.36
CA GLU X 207 27.65 -64.43 1.47
C GLU X 207 28.50 -64.04 0.27
N ALA X 208 27.90 -64.00 -0.93
CA ALA X 208 28.64 -63.55 -2.09
C ALA X 208 29.10 -62.10 -1.92
N ILE X 209 28.35 -61.31 -1.17
CA ILE X 209 28.76 -59.94 -0.86
C ILE X 209 29.65 -59.88 0.37
N TYR X 210 29.52 -60.83 1.30
CA TYR X 210 30.46 -60.91 2.40
C TYR X 210 31.89 -61.08 1.89
N ASP X 211 32.09 -62.01 0.95
CA ASP X 211 33.42 -62.24 0.39
C ASP X 211 33.95 -60.99 -0.28
N ILE X 212 33.09 -60.28 -1.01
CA ILE X 212 33.54 -59.09 -1.74
C ILE X 212 34.14 -58.07 -0.79
N CYS X 213 33.51 -57.87 0.37
CA CYS X 213 34.07 -56.97 1.37
C CYS X 213 35.34 -57.54 1.99
N ARG X 214 35.51 -58.86 1.95
CA ARG X 214 36.73 -59.49 2.44
C ARG X 214 37.82 -59.53 1.37
N ARG X 215 37.46 -59.92 0.15
CA ARG X 215 38.45 -60.00 -0.92
C ARG X 215 38.92 -58.61 -1.34
N SER X 216 38.01 -57.67 -1.51
CA SER X 216 38.34 -56.43 -2.20
C SER X 216 38.72 -55.30 -1.24
N LEU X 217 37.80 -54.89 -0.37
CA LEU X 217 38.07 -53.78 0.52
C LEU X 217 38.80 -54.23 1.77
N ASP X 218 38.77 -55.52 2.08
CA ASP X 218 39.50 -56.11 3.19
C ASP X 218 39.08 -55.47 4.52
N ILE X 219 37.80 -55.61 4.83
CA ILE X 219 37.26 -55.27 6.13
C ILE X 219 36.88 -56.57 6.81
N GLU X 220 37.49 -56.85 7.95
CA GLU X 220 37.26 -58.10 8.65
C GLU X 220 35.99 -58.10 9.48
N ARG X 221 35.31 -56.97 9.59
CA ARG X 221 34.06 -56.87 10.33
C ARG X 221 32.96 -56.33 9.43
N PRO X 222 32.53 -57.10 8.44
CA PRO X 222 31.37 -56.70 7.65
C PRO X 222 30.11 -56.82 8.48
N THR X 223 29.19 -55.89 8.26
CA THR X 223 27.95 -55.86 9.00
C THR X 223 26.84 -55.52 8.01
N TYR X 224 25.61 -55.90 8.35
CA TYR X 224 24.48 -55.61 7.47
C TYR X 224 24.47 -54.15 7.01
N THR X 225 25.10 -53.25 7.76
CA THR X 225 25.22 -51.87 7.32
C THR X 225 26.28 -51.72 6.23
N ASN X 226 27.15 -52.70 6.06
CA ASN X 226 28.15 -52.62 5.00
C ASN X 226 27.57 -53.11 3.67
N LEU X 227 26.93 -54.27 3.69
CA LEU X 227 26.31 -54.80 2.48
C LEU X 227 25.34 -53.79 1.88
N ASN X 228 24.58 -53.09 2.74
CA ASN X 228 23.55 -52.19 2.25
C ASN X 228 24.15 -51.04 1.44
N ARG X 229 25.38 -50.63 1.76
CA ARG X 229 26.00 -49.58 0.97
C ARG X 229 26.34 -50.05 -0.43
N LEU X 230 26.59 -51.35 -0.61
CA LEU X 230 26.90 -51.87 -1.93
C LEU X 230 25.64 -52.02 -2.77
N ILE X 231 24.55 -52.52 -2.18
CA ILE X 231 23.28 -52.53 -2.89
C ILE X 231 22.87 -51.11 -3.24
N ALA X 232 23.22 -50.14 -2.40
CA ALA X 232 22.95 -48.75 -2.73
C ALA X 232 23.71 -48.33 -3.99
N GLN X 233 24.98 -48.71 -4.09
CA GLN X 233 25.79 -48.30 -5.23
C GLN X 233 25.29 -48.92 -6.52
N VAL X 234 24.84 -50.18 -6.46
CA VAL X 234 24.37 -50.87 -7.66
C VAL X 234 23.26 -50.09 -8.33
N ILE X 235 22.32 -49.58 -7.55
CA ILE X 235 21.13 -48.97 -8.13
C ILE X 235 21.45 -47.60 -8.70
N SER X 236 22.30 -46.83 -8.02
CA SER X 236 22.65 -45.50 -8.49
C SER X 236 23.20 -45.56 -9.91
N SER X 237 24.15 -46.46 -10.15
CA SER X 237 24.67 -46.65 -11.49
C SER X 237 23.61 -47.16 -12.46
N LEU X 238 22.57 -47.81 -11.95
CA LEU X 238 21.51 -48.29 -12.82
C LEU X 238 20.59 -47.15 -13.25
N THR X 239 20.16 -46.33 -12.29
CA THR X 239 19.19 -45.28 -12.55
C THR X 239 19.82 -43.97 -13.00
N ALA X 240 21.11 -43.98 -13.35
CA ALA X 240 21.77 -42.74 -13.71
C ALA X 240 21.13 -42.12 -14.95
N SER X 241 21.01 -42.91 -16.03
CA SER X 241 20.41 -42.40 -17.26
C SER X 241 18.97 -41.93 -17.04
N LEU X 242 18.29 -42.50 -16.04
CA LEU X 242 16.96 -42.02 -15.70
C LEU X 242 16.99 -40.60 -15.17
N ARG X 243 18.13 -40.15 -14.64
CA ARG X 243 18.22 -38.84 -14.02
C ARG X 243 19.47 -38.08 -14.41
N PHE X 244 20.24 -38.57 -15.36
CA PHE X 244 21.40 -37.85 -15.83
C PHE X 244 21.48 -37.94 -17.34
N ASP X 245 22.49 -37.29 -17.88
CA ASP X 245 22.74 -37.29 -19.30
C ASP X 245 23.95 -38.17 -19.56
N GLY X 246 24.43 -38.11 -20.79
CA GLY X 246 25.50 -39.00 -21.18
C GLY X 246 25.10 -39.88 -22.33
N ALA X 247 26.10 -40.41 -23.01
CA ALA X 247 25.86 -41.25 -24.17
C ALA X 247 25.09 -42.51 -23.81
N LEU X 248 24.29 -42.98 -24.75
CA LEU X 248 23.58 -44.26 -24.63
C LEU X 248 22.77 -44.32 -23.34
N ASN X 249 21.92 -43.32 -23.15
CA ASN X 249 20.96 -43.36 -22.06
C ASN X 249 20.13 -44.62 -22.15
N VAL X 250 19.92 -45.27 -21.01
CA VAL X 250 19.17 -46.52 -20.94
C VAL X 250 17.97 -46.32 -20.02
N ASP X 251 16.80 -46.70 -20.51
CA ASP X 251 15.56 -46.59 -19.76
C ASP X 251 15.01 -47.99 -19.48
N ILE X 252 14.09 -48.06 -18.53
CA ILE X 252 13.61 -49.36 -18.06
C ILE X 252 12.95 -50.14 -19.20
N THR X 253 12.13 -49.47 -20.00
CA THR X 253 11.61 -50.11 -21.20
C THR X 253 12.76 -50.56 -22.10
N GLU X 254 13.74 -49.67 -22.32
CA GLU X 254 14.92 -50.02 -23.09
C GLU X 254 15.83 -50.99 -22.36
N PHE X 255 15.54 -51.28 -21.10
CA PHE X 255 16.38 -52.15 -20.29
C PHE X 255 15.90 -53.60 -20.27
N GLN X 256 14.62 -53.85 -20.56
CA GLN X 256 14.06 -55.16 -20.35
C GLN X 256 13.62 -55.87 -21.62
N THR X 257 13.27 -55.13 -22.68
CA THR X 257 12.94 -55.81 -23.93
C THR X 257 14.11 -56.62 -24.45
N ASN X 258 15.33 -56.12 -24.26
CA ASN X 258 16.53 -56.79 -24.75
C ASN X 258 17.25 -57.57 -23.66
N LEU X 259 16.53 -58.14 -22.70
CA LEU X 259 17.20 -58.85 -21.61
C LEU X 259 16.42 -60.07 -21.16
N VAL X 260 15.14 -60.14 -21.52
CA VAL X 260 14.28 -61.26 -21.16
C VAL X 260 13.82 -61.94 -22.44
N PRO X 261 14.62 -62.83 -23.03
CA PRO X 261 14.19 -63.48 -24.29
C PRO X 261 12.89 -64.22 -24.18
N TYR X 262 12.72 -65.02 -23.16
CA TYR X 262 11.48 -65.75 -23.00
C TYR X 262 10.73 -65.27 -21.76
N PRO X 263 9.40 -65.32 -21.78
CA PRO X 263 8.64 -64.75 -20.66
C PRO X 263 9.01 -65.35 -19.31
N ARG X 264 9.34 -66.64 -19.28
CA ARG X 264 9.68 -67.29 -18.02
C ARG X 264 11.08 -66.88 -17.54
N ILE X 265 12.07 -66.98 -18.41
CA ILE X 265 13.45 -66.73 -18.02
C ILE X 265 13.66 -65.23 -17.83
N HIS X 266 13.63 -64.77 -16.58
CA HIS X 266 13.97 -63.38 -16.30
C HIS X 266 14.82 -63.19 -15.05
N PHE X 267 15.21 -64.26 -14.37
CA PHE X 267 16.16 -64.13 -13.27
C PHE X 267 17.55 -63.88 -13.82
N MET X 268 18.28 -62.98 -13.18
CA MET X 268 19.56 -62.55 -13.72
C MET X 268 20.52 -62.24 -12.59
N LEU X 269 21.81 -62.37 -12.88
CA LEU X 269 22.86 -62.12 -11.91
C LEU X 269 23.11 -60.63 -11.80
N SER X 270 24.18 -60.25 -11.12
CA SER X 270 24.57 -58.86 -10.99
C SER X 270 26.08 -58.81 -10.78
N SER X 271 26.62 -57.59 -10.73
CA SER X 271 28.04 -57.39 -10.51
C SER X 271 28.29 -55.89 -10.34
N TYR X 272 29.54 -55.55 -10.07
CA TYR X 272 29.95 -54.17 -9.90
C TYR X 272 31.48 -54.12 -9.84
N ALA X 273 32.03 -53.02 -10.32
CA ALA X 273 33.46 -52.77 -10.34
C ALA X 273 33.70 -51.31 -10.71
N PRO X 274 34.74 -50.66 -10.18
CA PRO X 274 35.75 -51.20 -9.27
C PRO X 274 35.28 -51.20 -7.83
N ILE X 275 35.72 -52.19 -7.07
CA ILE X 275 35.36 -52.33 -5.66
C ILE X 275 36.67 -52.39 -4.89
N ILE X 276 37.18 -51.23 -4.45
CA ILE X 276 38.46 -51.16 -3.77
C ILE X 276 38.41 -50.08 -2.70
N SER X 277 39.36 -50.14 -1.78
CA SER X 277 39.45 -49.20 -0.68
C SER X 277 40.19 -47.94 -1.14
N ALA X 278 40.62 -47.10 -0.20
CA ALA X 278 41.27 -45.85 -0.55
C ALA X 278 42.70 -46.07 -1.03
N GLU X 279 43.48 -46.86 -0.28
CA GLU X 279 44.88 -47.05 -0.63
C GLU X 279 45.05 -47.77 -1.95
N LYS X 280 44.30 -48.84 -2.17
CA LYS X 280 44.41 -49.59 -3.43
C LYS X 280 43.91 -48.78 -4.62
N ALA X 281 43.42 -47.57 -4.41
CA ALA X 281 43.12 -46.67 -5.52
C ALA X 281 44.31 -45.82 -5.93
N TYR X 282 45.28 -45.63 -5.04
CA TYR X 282 46.41 -44.78 -5.35
C TYR X 282 47.55 -45.53 -6.05
N HIS X 283 47.49 -46.86 -6.06
CA HIS X 283 48.42 -47.67 -6.84
C HIS X 283 47.75 -48.25 -8.08
N GLU X 284 46.85 -47.50 -8.70
CA GLU X 284 46.09 -48.02 -9.82
C GLU X 284 45.79 -46.91 -10.81
N GLN X 285 45.38 -47.32 -12.01
CA GLN X 285 44.87 -46.40 -13.01
C GLN X 285 43.45 -46.70 -13.44
N LEU X 286 43.01 -47.95 -13.32
CA LEU X 286 41.63 -48.35 -13.56
C LEU X 286 41.19 -47.98 -14.99
N SER X 287 41.85 -48.61 -15.96
CA SER X 287 41.44 -48.38 -17.34
C SER X 287 40.06 -48.96 -17.56
N VAL X 288 39.40 -48.49 -18.62
CA VAL X 288 38.12 -49.04 -19.00
C VAL X 288 38.25 -50.54 -19.27
N ALA X 289 39.45 -51.01 -19.61
CA ALA X 289 39.66 -52.44 -19.81
C ALA X 289 39.79 -53.19 -18.50
N GLU X 290 40.32 -52.56 -17.45
CA GLU X 290 40.39 -53.22 -16.15
C GLU X 290 39.00 -53.46 -15.60
N ILE X 291 38.18 -52.42 -15.57
CA ILE X 291 36.86 -52.52 -14.96
C ILE X 291 36.02 -53.55 -15.68
N THR X 292 36.02 -53.52 -17.03
CA THR X 292 35.21 -54.48 -17.77
C THR X 292 35.74 -55.90 -17.63
N ASN X 293 36.98 -56.06 -17.17
CA ASN X 293 37.50 -57.40 -16.92
C ASN X 293 37.02 -57.93 -15.58
N ALA X 294 37.23 -57.17 -14.51
CA ALA X 294 36.76 -57.58 -13.20
C ALA X 294 35.25 -57.73 -13.17
N ALA X 295 34.53 -56.92 -13.96
CA ALA X 295 33.08 -57.01 -14.01
C ALA X 295 32.64 -58.40 -14.46
N PHE X 296 33.34 -58.97 -15.45
CA PHE X 296 32.98 -60.29 -15.95
C PHE X 296 33.60 -61.42 -15.14
N GLU X 297 34.32 -61.11 -14.07
CA GLU X 297 34.93 -62.15 -13.27
C GLU X 297 33.87 -62.83 -12.41
N PRO X 298 33.70 -64.14 -12.48
CA PRO X 298 32.72 -64.82 -11.62
C PRO X 298 32.93 -64.61 -10.13
N ALA X 299 34.09 -64.12 -9.71
CA ALA X 299 34.28 -63.81 -8.29
C ALA X 299 33.65 -62.48 -7.90
N SER X 300 33.48 -61.57 -8.86
CA SER X 300 32.89 -60.27 -8.56
C SER X 300 31.37 -60.27 -8.58
N MET X 301 30.75 -61.41 -8.81
CA MET X 301 29.30 -61.48 -8.76
C MET X 301 28.82 -61.28 -7.33
N MET X 302 27.51 -61.03 -7.19
CA MET X 302 26.88 -60.97 -5.88
C MET X 302 25.91 -62.12 -5.67
N VAL X 303 25.97 -63.14 -6.50
CA VAL X 303 25.22 -64.37 -6.34
C VAL X 303 26.23 -65.52 -6.31
N LYS X 304 25.88 -66.60 -5.61
CA LYS X 304 26.74 -67.77 -5.56
C LYS X 304 26.42 -68.74 -6.69
N CYS X 305 26.63 -68.25 -7.91
CA CYS X 305 26.46 -69.03 -9.13
C CYS X 305 27.77 -69.07 -9.91
N ASP X 306 27.93 -70.13 -10.69
CA ASP X 306 29.10 -70.29 -11.54
C ASP X 306 28.69 -70.01 -12.97
N PRO X 307 28.97 -68.83 -13.52
CA PRO X 307 28.57 -68.55 -14.91
C PRO X 307 29.24 -69.47 -15.91
N ARG X 308 30.42 -69.99 -15.58
CA ARG X 308 31.14 -70.90 -16.47
C ARG X 308 30.53 -72.28 -16.52
N HIS X 309 29.42 -72.51 -15.82
CA HIS X 309 28.63 -73.72 -15.98
C HIS X 309 27.54 -73.56 -17.02
N GLY X 310 27.34 -72.36 -17.54
CA GLY X 310 26.40 -72.12 -18.61
C GLY X 310 26.90 -71.01 -19.53
N LYS X 311 26.02 -70.49 -20.36
CA LYS X 311 26.35 -69.40 -21.26
C LYS X 311 25.52 -68.18 -20.87
N TYR X 312 25.64 -67.12 -21.67
CA TYR X 312 24.94 -65.88 -21.41
C TYR X 312 23.85 -65.71 -22.46
N MET X 313 22.60 -65.85 -22.04
CA MET X 313 21.48 -65.60 -22.95
C MET X 313 21.42 -64.14 -23.36
N ALA X 314 21.97 -63.24 -22.54
CA ALA X 314 22.05 -61.81 -22.80
C ALA X 314 22.87 -61.20 -21.68
N CYS X 315 23.34 -59.99 -21.91
CA CYS X 315 24.10 -59.27 -20.89
C CYS X 315 23.84 -57.78 -21.05
N CYS X 316 24.38 -57.00 -20.12
CA CYS X 316 24.18 -55.56 -20.16
C CYS X 316 25.21 -54.90 -19.26
N LEU X 317 25.60 -53.68 -19.64
CA LEU X 317 26.61 -52.92 -18.90
C LEU X 317 26.11 -51.49 -18.74
N MET X 318 26.34 -50.92 -17.57
CA MET X 318 26.01 -49.51 -17.31
C MET X 318 27.26 -48.86 -16.76
N TYR X 319 28.06 -48.27 -17.65
CA TYR X 319 29.28 -47.59 -17.24
C TYR X 319 28.91 -46.31 -16.49
N ARG X 320 29.93 -45.56 -16.11
CA ARG X 320 29.73 -44.37 -15.28
C ARG X 320 31.03 -43.60 -15.23
N GLY X 321 30.93 -42.28 -15.08
CA GLY X 321 32.10 -41.44 -15.01
C GLY X 321 32.65 -41.09 -16.38
N ASP X 322 33.97 -40.89 -16.49
CA ASP X 322 34.59 -40.49 -17.75
C ASP X 322 34.91 -41.74 -18.57
N VAL X 323 34.15 -41.97 -19.63
CA VAL X 323 34.35 -43.11 -20.54
C VAL X 323 34.17 -42.59 -21.96
N VAL X 324 34.96 -43.13 -22.89
CA VAL X 324 34.69 -42.87 -24.30
C VAL X 324 34.22 -44.17 -24.93
N PRO X 325 33.30 -44.15 -25.89
CA PRO X 325 32.59 -45.39 -26.24
C PRO X 325 33.40 -46.34 -27.10
N LYS X 326 34.60 -45.95 -27.52
CA LYS X 326 35.40 -46.82 -28.38
C LYS X 326 36.06 -47.95 -27.58
N ASP X 327 36.55 -47.64 -26.38
CA ASP X 327 37.14 -48.68 -25.56
C ASP X 327 36.11 -49.70 -25.13
N VAL X 328 34.91 -49.24 -24.76
CA VAL X 328 33.79 -50.16 -24.56
C VAL X 328 33.52 -50.93 -25.83
N ASN X 329 33.49 -50.23 -26.96
CA ASN X 329 33.39 -50.89 -28.25
C ASN X 329 34.55 -51.86 -28.45
N ALA X 330 35.71 -51.54 -27.87
CA ALA X 330 36.89 -52.38 -28.01
C ALA X 330 36.98 -53.43 -26.92
N SER X 331 36.73 -53.06 -25.66
CA SER X 331 36.90 -54.01 -24.57
C SER X 331 35.88 -55.13 -24.63
N VAL X 332 34.63 -54.82 -25.01
CA VAL X 332 33.64 -55.86 -25.22
C VAL X 332 34.06 -56.81 -26.33
N ALA X 333 34.75 -56.29 -27.35
CA ALA X 333 35.28 -57.18 -28.40
C ALA X 333 36.29 -58.16 -27.81
N THR X 334 37.19 -57.66 -26.96
CA THR X 334 38.19 -58.52 -26.34
C THR X 334 37.54 -59.64 -25.55
N ILE X 335 36.46 -59.35 -24.84
CA ILE X 335 35.75 -60.38 -24.10
C ILE X 335 35.11 -61.37 -25.07
N LYS X 336 34.57 -60.87 -26.18
CA LYS X 336 34.02 -61.76 -27.19
C LYS X 336 35.09 -62.60 -27.89
N THR X 337 36.36 -62.45 -27.50
CA THR X 337 37.42 -63.31 -28.02
C THR X 337 37.72 -64.48 -27.10
N LYS X 338 37.65 -64.28 -25.78
CA LYS X 338 37.98 -65.33 -24.84
C LYS X 338 37.02 -66.51 -24.98
N ARG X 339 37.53 -67.69 -24.63
CA ARG X 339 36.76 -68.93 -24.73
C ARG X 339 36.13 -69.35 -23.41
N THR X 340 36.63 -68.85 -22.28
CA THR X 340 36.01 -69.15 -20.99
C THR X 340 34.56 -68.74 -20.98
N ILE X 341 34.26 -67.55 -21.50
CA ILE X 341 32.91 -67.03 -21.53
C ILE X 341 32.19 -67.57 -22.76
N GLN X 342 30.96 -68.03 -22.56
CA GLN X 342 30.18 -68.64 -23.63
C GLN X 342 28.94 -67.81 -23.89
N PHE X 343 28.31 -68.10 -25.03
CA PHE X 343 27.05 -67.48 -25.42
C PHE X 343 26.27 -68.51 -26.22
N VAL X 344 24.95 -68.52 -26.04
CA VAL X 344 24.13 -69.47 -26.76
C VAL X 344 24.15 -69.13 -28.24
N ASP X 345 23.92 -70.14 -29.09
CA ASP X 345 23.99 -69.95 -30.53
C ASP X 345 23.04 -68.87 -31.00
N TRP X 346 21.77 -68.95 -30.58
CA TRP X 346 20.75 -68.06 -31.14
C TRP X 346 20.91 -66.61 -30.69
N CYS X 347 21.95 -66.27 -29.96
CA CYS X 347 22.20 -64.89 -29.54
C CYS X 347 23.61 -64.50 -29.96
N PRO X 348 23.78 -64.02 -31.19
CA PRO X 348 25.08 -63.47 -31.60
C PRO X 348 25.25 -62.04 -31.18
N THR X 349 24.15 -61.37 -30.88
CA THR X 349 24.09 -60.03 -30.32
C THR X 349 24.30 -60.17 -28.82
N GLY X 350 24.05 -59.12 -28.03
CA GLY X 350 24.04 -59.38 -26.60
C GLY X 350 24.86 -58.51 -25.66
N PHE X 351 25.17 -57.27 -26.04
CA PHE X 351 25.80 -56.34 -25.11
C PHE X 351 25.11 -54.98 -25.16
N LYS X 352 24.04 -54.84 -24.39
CA LYS X 352 23.38 -53.55 -24.25
C LYS X 352 24.21 -52.69 -23.31
N CYS X 353 24.87 -51.67 -23.86
CA CYS X 353 25.78 -50.83 -23.11
C CYS X 353 25.10 -49.52 -22.71
N GLY X 354 25.85 -48.72 -21.95
CA GLY X 354 25.34 -47.45 -21.48
C GLY X 354 26.39 -46.63 -20.78
N ILE X 355 26.37 -45.31 -20.97
CA ILE X 355 27.35 -44.42 -20.39
C ILE X 355 26.61 -43.33 -19.63
N ASN X 356 27.27 -42.77 -18.62
CA ASN X 356 26.77 -41.58 -17.93
C ASN X 356 27.98 -40.73 -17.54
N TYR X 357 27.92 -39.43 -17.87
CA TYR X 357 29.04 -38.56 -17.54
C TYR X 357 29.09 -38.22 -16.06
N GLN X 358 28.13 -38.70 -15.27
CA GLN X 358 28.10 -38.38 -13.85
C GLN X 358 28.86 -39.45 -13.08
N PRO X 359 29.93 -39.10 -12.38
CA PRO X 359 30.74 -40.12 -11.69
C PRO X 359 29.96 -40.75 -10.56
N PRO X 360 30.50 -41.81 -9.94
CA PRO X 360 29.87 -42.33 -8.72
C PRO X 360 30.30 -41.52 -7.52
N THR X 361 29.31 -41.18 -6.69
CA THR X 361 29.53 -40.36 -5.52
C THR X 361 29.75 -41.25 -4.30
N VAL X 362 30.73 -40.87 -3.48
CA VAL X 362 31.08 -41.63 -2.29
C VAL X 362 30.37 -41.06 -1.08
N VAL X 363 29.86 -41.93 -0.24
CA VAL X 363 29.20 -41.51 1.00
C VAL X 363 30.26 -41.41 2.10
N PRO X 364 30.30 -40.30 2.85
CA PRO X 364 31.21 -40.23 3.99
C PRO X 364 30.91 -41.31 5.00
N GLY X 365 31.95 -41.76 5.69
CA GLY X 365 31.83 -42.93 6.53
C GLY X 365 31.67 -44.21 5.77
N GLY X 366 31.80 -44.18 4.44
CA GLY X 366 31.68 -45.38 3.65
C GLY X 366 33.00 -46.09 3.44
N ASP X 367 32.90 -47.30 2.91
CA ASP X 367 34.07 -48.15 2.74
C ASP X 367 34.70 -48.03 1.36
N LEU X 368 33.90 -47.80 0.32
CA LEU X 368 34.44 -47.55 -1.01
C LEU X 368 35.21 -46.23 -1.02
N ALA X 369 35.99 -46.04 -2.08
CA ALA X 369 36.75 -44.81 -2.28
C ALA X 369 36.25 -44.10 -3.52
N LYS X 370 36.74 -42.89 -3.73
CA LYS X 370 36.31 -42.10 -4.89
C LYS X 370 37.00 -42.60 -6.14
N VAL X 371 36.23 -42.70 -7.22
CA VAL X 371 36.72 -43.15 -8.51
C VAL X 371 36.06 -42.33 -9.60
N GLN X 372 36.66 -42.34 -10.78
CA GLN X 372 36.11 -41.67 -11.94
C GLN X 372 35.44 -42.63 -12.90
N ARG X 373 35.45 -43.92 -12.61
CA ARG X 373 34.82 -44.92 -13.46
C ARG X 373 34.13 -45.95 -12.59
N ALA X 374 33.14 -46.62 -13.17
CA ALA X 374 32.40 -47.66 -12.48
C ALA X 374 31.58 -48.41 -13.50
N VAL X 375 31.41 -49.70 -13.28
CA VAL X 375 30.67 -50.56 -14.20
C VAL X 375 29.76 -51.46 -13.40
N CYS X 376 28.45 -51.37 -13.66
CA CYS X 376 27.49 -52.30 -13.12
C CYS X 376 27.07 -53.23 -14.25
N MET X 377 27.28 -54.51 -14.06
CA MET X 377 26.96 -55.52 -15.06
C MET X 377 25.71 -56.28 -14.62
N ILE X 378 24.82 -56.54 -15.58
CA ILE X 378 23.63 -57.34 -15.34
C ILE X 378 23.50 -58.32 -16.48
N SER X 379 23.35 -59.59 -16.16
CA SER X 379 23.41 -60.64 -17.18
C SER X 379 22.38 -61.72 -16.88
N ASN X 380 21.60 -62.09 -17.89
CA ASN X 380 20.67 -63.19 -17.79
C ASN X 380 21.37 -64.43 -18.34
N SER X 381 22.04 -65.17 -17.47
CA SER X 381 22.82 -66.33 -17.88
C SER X 381 22.12 -67.61 -17.46
N THR X 382 22.15 -68.60 -18.35
CA THR X 382 21.48 -69.87 -18.07
C THR X 382 22.19 -70.69 -17.01
N ALA X 383 23.30 -70.21 -16.47
CA ALA X 383 23.98 -70.93 -15.40
C ALA X 383 23.25 -70.80 -14.08
N ILE X 384 22.34 -69.83 -13.95
CA ILE X 384 21.67 -69.59 -12.68
C ILE X 384 20.74 -70.72 -12.28
N GLY X 385 20.48 -71.67 -13.15
CA GLY X 385 19.60 -72.78 -12.84
C GLY X 385 20.16 -73.75 -11.83
N GLU X 386 21.28 -73.41 -11.20
CA GLU X 386 21.86 -74.25 -10.16
C GLU X 386 21.43 -73.80 -8.77
N ILE X 387 21.56 -72.51 -8.47
CA ILE X 387 21.04 -71.99 -7.21
C ILE X 387 19.53 -72.16 -7.18
N PHE X 388 18.90 -72.15 -8.36
CA PHE X 388 17.51 -72.56 -8.48
C PHE X 388 17.32 -74.01 -8.08
N SER X 389 18.32 -74.85 -8.35
CA SER X 389 18.18 -76.29 -8.16
C SER X 389 18.46 -76.73 -6.72
N ARG X 390 19.22 -75.94 -5.96
CA ARG X 390 19.43 -76.27 -4.55
C ARG X 390 18.11 -76.24 -3.80
N LEU X 391 17.43 -75.10 -3.83
CA LEU X 391 16.12 -74.98 -3.22
C LEU X 391 15.14 -76.00 -3.79
N ASP X 392 15.34 -76.44 -5.04
CA ASP X 392 14.55 -77.58 -5.51
C ASP X 392 14.80 -78.81 -4.66
N HIS X 393 15.98 -78.91 -4.06
CA HIS X 393 16.39 -80.11 -3.35
C HIS X 393 15.98 -80.08 -1.88
N LYS X 394 16.32 -79.00 -1.17
CA LYS X 394 16.03 -78.95 0.26
C LYS X 394 14.53 -79.00 0.54
N PHE X 395 13.72 -78.40 -0.33
CA PHE X 395 12.27 -78.43 -0.16
C PHE X 395 11.78 -79.87 -0.09
N ASP X 396 12.05 -80.66 -1.13
CA ASP X 396 11.64 -82.06 -1.09
C ASP X 396 12.40 -82.85 -0.03
N LEU X 397 13.56 -82.36 0.39
CA LEU X 397 14.29 -83.04 1.47
C LEU X 397 13.53 -82.97 2.78
N MET X 398 12.75 -81.92 2.99
CA MET X 398 11.95 -81.77 4.20
C MET X 398 10.48 -82.11 4.00
N TYR X 399 9.88 -81.67 2.89
CA TYR X 399 8.48 -81.98 2.62
C TYR X 399 8.20 -83.47 2.62
N ALA X 400 9.23 -84.30 2.44
CA ALA X 400 9.07 -85.73 2.63
C ALA X 400 8.67 -86.05 4.06
N LYS X 401 9.21 -85.30 5.02
CA LYS X 401 8.85 -85.47 6.43
C LYS X 401 7.61 -84.70 6.82
N ARG X 402 7.03 -83.91 5.91
CA ARG X 402 5.92 -83.02 6.23
C ARG X 402 6.26 -82.12 7.41
N ALA X 403 7.54 -81.83 7.58
CA ALA X 403 7.98 -81.02 8.71
C ALA X 403 7.52 -79.58 8.55
N PHE X 404 7.18 -78.97 9.69
CA PHE X 404 6.75 -77.58 9.76
C PHE X 404 5.45 -77.33 8.99
N VAL X 405 4.87 -78.38 8.43
CA VAL X 405 3.70 -78.20 7.58
C VAL X 405 2.48 -77.82 8.42
N HIS X 406 2.46 -78.18 9.69
CA HIS X 406 1.29 -77.89 10.52
C HIS X 406 1.05 -76.40 10.65
N TRP X 407 2.11 -75.58 10.66
CA TRP X 407 1.93 -74.13 10.65
C TRP X 407 1.18 -73.69 9.39
N TYR X 408 1.63 -74.18 8.23
CA TYR X 408 1.10 -73.67 6.97
C TYR X 408 -0.35 -74.09 6.75
N VAL X 409 -0.68 -75.35 7.03
CA VAL X 409 -2.07 -75.77 6.91
C VAL X 409 -2.93 -75.13 7.98
N GLY X 410 -2.33 -74.67 9.08
CA GLY X 410 -3.09 -74.00 10.11
C GLY X 410 -3.34 -72.54 9.85
N GLU X 411 -2.61 -71.94 8.91
CA GLU X 411 -2.68 -70.51 8.64
C GLU X 411 -3.28 -70.20 7.27
N GLY X 412 -4.31 -70.95 6.88
CA GLY X 412 -4.97 -70.67 5.63
C GLY X 412 -4.23 -71.14 4.40
N MET X 413 -3.52 -72.26 4.49
CA MET X 413 -2.92 -72.92 3.35
C MET X 413 -3.29 -74.40 3.41
N GLU X 414 -2.81 -75.16 2.42
CA GLU X 414 -3.00 -76.60 2.42
C GLU X 414 -1.84 -77.23 1.65
N GLU X 415 -1.91 -78.55 1.50
CA GLU X 415 -0.86 -79.26 0.77
C GLU X 415 -0.90 -78.95 -0.71
N GLY X 416 -2.05 -78.57 -1.25
CA GLY X 416 -2.14 -78.27 -2.67
C GLY X 416 -1.10 -77.28 -3.13
N GLU X 417 -0.89 -76.21 -2.37
CA GLU X 417 0.08 -75.20 -2.77
C GLU X 417 1.49 -75.75 -2.83
N PHE X 418 1.84 -76.63 -1.89
CA PHE X 418 3.19 -77.21 -1.90
C PHE X 418 3.43 -78.01 -3.16
N SER X 419 2.49 -78.89 -3.51
CA SER X 419 2.63 -79.69 -4.73
C SER X 419 2.68 -78.79 -5.96
N GLU X 420 1.76 -77.83 -6.05
CA GLU X 420 1.75 -76.96 -7.22
C GLU X 420 2.96 -76.04 -7.24
N ALA X 421 3.48 -75.64 -6.07
CA ALA X 421 4.72 -74.88 -6.06
C ALA X 421 5.90 -75.74 -6.49
N ARG X 422 5.82 -77.05 -6.25
CA ARG X 422 6.90 -77.95 -6.64
C ARG X 422 7.00 -78.06 -8.15
N GLU X 423 5.90 -78.40 -8.82
CA GLU X 423 5.93 -78.65 -10.26
C GLU X 423 6.52 -77.47 -11.02
N ASP X 424 6.17 -76.25 -10.60
CA ASP X 424 6.61 -75.08 -11.36
C ASP X 424 8.12 -74.94 -11.38
N LEU X 425 8.79 -75.29 -10.28
CA LEU X 425 10.25 -75.23 -10.27
C LEU X 425 10.83 -76.28 -11.21
N ALA X 426 10.26 -77.49 -11.19
CA ALA X 426 10.66 -78.51 -12.16
C ALA X 426 10.44 -78.02 -13.58
N ALA X 427 9.22 -77.52 -13.86
CA ALA X 427 8.94 -77.00 -15.20
C ALA X 427 9.85 -75.84 -15.56
N LEU X 428 10.26 -75.05 -14.58
CA LEU X 428 11.20 -73.97 -14.87
C LEU X 428 12.62 -74.50 -15.01
N GLU X 429 12.92 -75.64 -14.40
CA GLU X 429 14.27 -76.17 -14.52
C GLU X 429 14.49 -76.86 -15.86
N LYS X 430 13.45 -77.47 -16.43
CA LYS X 430 13.57 -77.93 -17.81
C LYS X 430 13.72 -76.77 -18.76
N ASP X 431 13.16 -75.61 -18.42
CA ASP X 431 13.24 -74.44 -19.29
C ASP X 431 14.68 -73.98 -19.44
N PHE X 432 15.44 -73.95 -18.34
CA PHE X 432 16.85 -73.60 -18.42
C PHE X 432 17.67 -74.63 -19.17
N GLU X 433 17.11 -75.81 -19.45
CA GLU X 433 17.76 -76.78 -20.31
C GLU X 433 17.25 -76.74 -21.74
N GLU X 434 15.99 -76.34 -21.95
CA GLU X 434 15.47 -76.20 -23.31
C GLU X 434 16.21 -75.13 -24.10
N VAL X 435 16.96 -74.25 -23.43
CA VAL X 435 17.71 -73.23 -24.13
C VAL X 435 19.03 -73.75 -24.68
N GLY X 436 19.51 -74.89 -24.18
CA GLY X 436 20.74 -75.47 -24.66
C GLY X 436 20.55 -76.30 -25.91
N MET Y 1 55.97 -49.65 -23.59
CA MET Y 1 56.29 -50.33 -24.83
C MET Y 1 57.27 -51.47 -24.60
N ARG Y 2 58.33 -51.19 -23.86
CA ARG Y 2 59.33 -52.20 -23.53
C ARG Y 2 59.25 -52.45 -22.03
N GLU Y 3 58.40 -53.39 -21.62
CA GLU Y 3 58.11 -53.60 -20.22
C GLU Y 3 58.37 -55.05 -19.82
N VAL Y 4 58.93 -55.22 -18.63
CA VAL Y 4 59.32 -56.52 -18.09
C VAL Y 4 58.62 -56.69 -16.74
N ILE Y 5 58.27 -57.94 -16.43
CA ILE Y 5 57.65 -58.29 -15.16
C ILE Y 5 58.69 -59.08 -14.37
N SER Y 6 59.07 -58.56 -13.21
CA SER Y 6 60.10 -59.18 -12.38
C SER Y 6 59.46 -59.89 -11.20
N ILE Y 7 59.73 -61.19 -11.09
CA ILE Y 7 59.20 -62.03 -10.03
C ILE Y 7 60.33 -62.37 -9.07
N HIS Y 8 60.00 -62.49 -7.78
CA HIS Y 8 61.00 -62.77 -6.75
C HIS Y 8 60.43 -63.83 -5.81
N ILE Y 9 60.85 -65.08 -6.00
CA ILE Y 9 60.33 -66.20 -5.24
C ILE Y 9 61.33 -66.55 -4.15
N GLY Y 10 60.85 -67.25 -3.12
CA GLY Y 10 61.73 -67.66 -2.05
C GLY Y 10 62.28 -66.49 -1.27
N GLN Y 11 63.21 -66.79 -0.36
CA GLN Y 11 63.78 -65.74 0.46
C GLN Y 11 64.82 -64.94 -0.31
N ALA Y 12 65.76 -65.63 -0.95
CA ALA Y 12 66.83 -64.93 -1.65
C ALA Y 12 66.29 -64.05 -2.78
N GLY Y 13 65.30 -64.56 -3.51
CA GLY Y 13 64.73 -63.78 -4.61
C GLY Y 13 64.19 -62.44 -4.14
N ILE Y 14 63.43 -62.44 -3.05
CA ILE Y 14 62.91 -61.18 -2.52
C ILE Y 14 63.95 -60.43 -1.72
N GLN Y 15 65.10 -61.04 -1.43
CA GLN Y 15 66.18 -60.32 -0.79
C GLN Y 15 66.90 -59.42 -1.79
N VAL Y 16 67.36 -60.00 -2.90
CA VAL Y 16 67.94 -59.18 -3.97
C VAL Y 16 66.91 -58.23 -4.54
N GLY Y 17 65.64 -58.64 -4.55
CA GLY Y 17 64.58 -57.76 -5.01
C GLY Y 17 64.52 -56.47 -4.23
N ASN Y 18 64.94 -56.49 -2.96
CA ASN Y 18 65.02 -55.26 -2.20
C ASN Y 18 66.15 -54.38 -2.72
N ALA Y 19 67.26 -54.98 -3.13
CA ALA Y 19 68.37 -54.20 -3.66
C ALA Y 19 68.04 -53.65 -5.05
N CYS Y 20 67.62 -54.52 -5.97
CA CYS Y 20 67.26 -54.07 -7.31
C CYS Y 20 66.23 -52.95 -7.26
N TRP Y 21 65.15 -53.17 -6.52
CA TRP Y 21 64.11 -52.15 -6.39
C TRP Y 21 64.52 -51.02 -5.46
N GLU Y 22 65.73 -51.05 -4.91
CA GLU Y 22 66.32 -49.85 -4.34
C GLU Y 22 67.13 -49.11 -5.39
N LEU Y 23 67.89 -49.85 -6.20
CA LEU Y 23 68.70 -49.22 -7.24
C LEU Y 23 67.82 -48.49 -8.25
N TYR Y 24 66.80 -49.16 -8.77
CA TYR Y 24 65.97 -48.57 -9.82
C TYR Y 24 65.32 -47.28 -9.34
N CYS Y 25 64.62 -47.33 -8.21
CA CYS Y 25 63.97 -46.11 -7.73
C CYS Y 25 64.99 -45.01 -7.45
N LEU Y 26 66.25 -45.38 -7.29
CA LEU Y 26 67.31 -44.39 -7.15
C LEU Y 26 67.80 -43.91 -8.51
N GLU Y 27 67.94 -44.83 -9.47
CA GLU Y 27 68.47 -44.50 -10.78
C GLU Y 27 67.56 -43.56 -11.54
N HIS Y 28 66.25 -43.66 -11.34
CA HIS Y 28 65.28 -42.86 -12.08
C HIS Y 28 64.71 -41.72 -11.27
N GLY Y 29 65.24 -41.47 -10.07
CA GLY Y 29 64.72 -40.42 -9.23
C GLY Y 29 63.40 -40.73 -8.57
N ILE Y 30 62.95 -41.98 -8.60
CA ILE Y 30 61.68 -42.35 -7.99
C ILE Y 30 61.80 -42.25 -6.47
N GLN Y 31 60.93 -41.50 -5.86
CA GLN Y 31 60.99 -41.47 -4.41
C GLN Y 31 60.27 -42.68 -3.84
N PRO Y 32 60.62 -43.09 -2.61
CA PRO Y 32 59.90 -44.19 -1.96
C PRO Y 32 58.40 -43.98 -1.87
N ASP Y 33 57.91 -42.75 -1.97
CA ASP Y 33 56.47 -42.52 -2.00
C ASP Y 33 55.92 -42.49 -3.42
N GLY Y 34 56.29 -43.48 -4.22
CA GLY Y 34 55.70 -43.64 -5.54
C GLY Y 34 56.12 -42.63 -6.58
N GLN Y 35 56.16 -41.35 -6.22
CA GLN Y 35 56.26 -40.27 -7.18
C GLN Y 35 57.67 -39.71 -7.25
N MET Y 36 57.98 -39.11 -8.40
CA MET Y 36 59.24 -38.44 -8.68
C MET Y 36 59.03 -36.94 -8.71
N PRO Y 37 59.90 -36.15 -8.07
CA PRO Y 37 59.75 -34.69 -8.05
C PRO Y 37 59.83 -34.07 -9.44
N ASP Y 46 60.32 -40.00 -20.03
CA ASP Y 46 59.53 -40.66 -21.06
C ASP Y 46 60.11 -42.01 -21.42
N ASP Y 47 59.38 -43.08 -21.05
CA ASP Y 47 59.79 -44.46 -21.28
C ASP Y 47 61.04 -44.79 -20.47
N ALA Y 48 61.53 -43.80 -19.72
CA ALA Y 48 62.70 -44.01 -18.89
C ALA Y 48 62.43 -44.99 -17.76
N PHE Y 49 61.17 -45.10 -17.34
CA PHE Y 49 60.78 -46.01 -16.28
C PHE Y 49 59.70 -47.00 -16.68
N ASN Y 50 59.09 -46.82 -17.86
CA ASN Y 50 57.99 -47.67 -18.26
C ASN Y 50 58.35 -49.15 -18.19
N THR Y 51 59.63 -49.48 -18.36
CA THR Y 51 60.05 -50.86 -18.27
C THR Y 51 59.89 -51.43 -16.87
N PHE Y 52 59.93 -50.56 -15.86
CA PHE Y 52 59.93 -51.01 -14.48
C PHE Y 52 58.82 -50.41 -13.63
N PHE Y 53 57.95 -49.59 -14.20
CA PHE Y 53 56.95 -48.90 -13.41
C PHE Y 53 55.69 -48.72 -14.22
N SER Y 54 54.66 -48.22 -13.54
CA SER Y 54 53.38 -47.89 -14.17
C SER Y 54 52.87 -46.64 -13.49
N GLU Y 55 53.09 -45.49 -14.12
CA GLU Y 55 52.54 -44.25 -13.58
C GLU Y 55 51.03 -44.37 -13.42
N THR Y 56 50.55 -44.00 -12.24
CA THR Y 56 49.14 -44.16 -11.91
C THR Y 56 48.35 -43.03 -12.59
N GLY Y 57 47.10 -42.86 -12.17
CA GLY Y 57 46.29 -41.77 -12.69
C GLY Y 57 46.99 -40.43 -12.55
N ALA Y 58 47.76 -40.23 -11.50
CA ALA Y 58 48.48 -38.98 -11.30
C ALA Y 58 49.58 -39.19 -10.27
N GLY Y 59 50.82 -38.90 -10.66
CA GLY Y 59 51.91 -38.81 -9.70
C GLY Y 59 52.69 -40.08 -9.44
N LYS Y 60 52.08 -41.04 -8.75
CA LYS Y 60 52.81 -42.19 -8.24
C LYS Y 60 53.29 -43.10 -9.37
N HIS Y 61 54.43 -43.73 -9.13
CA HIS Y 61 54.98 -44.76 -10.03
C HIS Y 61 55.05 -46.05 -9.23
N VAL Y 62 54.25 -47.03 -9.63
CA VAL Y 62 54.21 -48.33 -8.96
C VAL Y 62 55.14 -49.30 -9.67
N PRO Y 63 56.04 -49.96 -8.96
CA PRO Y 63 56.94 -50.92 -9.64
C PRO Y 63 56.19 -52.16 -10.07
N ARG Y 64 56.49 -52.62 -11.29
CA ARG Y 64 55.86 -53.81 -11.84
C ARG Y 64 56.68 -55.05 -11.47
N CYS Y 65 56.55 -55.44 -10.21
CA CYS Y 65 57.19 -56.63 -9.68
C CYS Y 65 56.18 -57.46 -8.91
N ILE Y 66 56.61 -58.64 -8.46
CA ILE Y 66 55.76 -59.53 -7.68
C ILE Y 66 56.64 -60.21 -6.64
N PHE Y 67 56.33 -59.98 -5.36
CA PHE Y 67 57.03 -60.64 -4.26
C PHE Y 67 56.18 -61.79 -3.77
N LEU Y 68 56.70 -63.00 -3.87
CA LEU Y 68 56.00 -64.20 -3.44
C LEU Y 68 56.83 -64.91 -2.38
N ASP Y 69 56.14 -65.51 -1.41
CA ASP Y 69 56.78 -66.31 -0.38
C ASP Y 69 55.73 -67.08 0.38
N LEU Y 70 56.17 -68.13 1.07
CA LEU Y 70 55.36 -68.82 2.06
C LEU Y 70 55.76 -68.45 3.48
N GLU Y 71 57.03 -68.14 3.73
CA GLU Y 71 57.44 -67.61 5.03
C GLU Y 71 56.91 -66.20 5.18
N PRO Y 72 56.04 -65.93 6.17
CA PRO Y 72 55.46 -64.59 6.28
C PRO Y 72 56.45 -63.55 6.78
N THR Y 73 57.58 -63.95 7.34
CA THR Y 73 58.41 -63.00 8.09
C THR Y 73 59.04 -61.95 7.20
N VAL Y 74 59.55 -62.35 6.03
CA VAL Y 74 60.32 -61.43 5.21
C VAL Y 74 59.44 -60.48 4.42
N VAL Y 75 58.38 -61.01 3.79
CA VAL Y 75 57.46 -60.11 3.10
C VAL Y 75 56.81 -59.13 4.06
N ASP Y 76 56.70 -59.50 5.33
CA ASP Y 76 56.24 -58.57 6.35
C ASP Y 76 57.30 -57.53 6.70
N GLU Y 77 58.54 -57.70 6.24
CA GLU Y 77 59.55 -56.68 6.48
C GLU Y 77 59.41 -55.52 5.50
N VAL Y 78 59.26 -55.84 4.21
CA VAL Y 78 59.00 -54.77 3.25
C VAL Y 78 57.63 -54.15 3.47
N ARG Y 79 56.70 -54.87 4.10
CA ARG Y 79 55.44 -54.26 4.49
C ARG Y 79 55.64 -53.17 5.53
N THR Y 80 56.64 -53.30 6.39
CA THR Y 80 56.94 -52.27 7.37
C THR Y 80 58.19 -51.48 7.04
N GLY Y 81 59.02 -51.95 6.11
CA GLY Y 81 60.17 -51.19 5.68
C GLY Y 81 59.77 -49.87 5.07
N THR Y 82 60.77 -49.04 4.80
CA THR Y 82 60.52 -47.74 4.19
C THR Y 82 59.85 -47.88 2.82
N TYR Y 83 60.09 -48.98 2.12
CA TYR Y 83 59.48 -49.18 0.81
C TYR Y 83 58.21 -50.02 0.92
N ARG Y 84 57.27 -49.50 1.70
CA ARG Y 84 55.90 -49.99 1.69
C ARG Y 84 54.98 -49.09 0.88
N GLN Y 85 55.37 -47.83 0.68
CA GLN Y 85 54.61 -46.91 -0.14
C GLN Y 85 54.78 -47.15 -1.63
N LEU Y 86 55.64 -48.10 -2.04
CA LEU Y 86 55.82 -48.38 -3.46
C LEU Y 86 54.88 -49.47 -3.95
N PHE Y 87 54.90 -50.62 -3.30
CA PHE Y 87 54.26 -51.81 -3.83
C PHE Y 87 52.79 -51.84 -3.46
N HIS Y 88 51.96 -52.05 -4.45
CA HIS Y 88 50.55 -52.30 -4.18
C HIS Y 88 50.43 -53.60 -3.40
N PRO Y 89 49.75 -53.61 -2.25
CA PRO Y 89 49.62 -54.84 -1.48
C PRO Y 89 49.06 -56.03 -2.25
N GLU Y 90 48.56 -55.81 -3.46
CA GLU Y 90 48.25 -56.95 -4.32
C GLU Y 90 49.51 -57.65 -4.79
N GLN Y 91 50.65 -56.95 -4.81
CA GLN Y 91 51.89 -57.58 -5.25
C GLN Y 91 52.46 -58.46 -4.17
N LEU Y 92 52.58 -57.95 -2.95
CA LEU Y 92 53.12 -58.73 -1.84
C LEU Y 92 52.21 -59.90 -1.54
N ILE Y 93 52.71 -61.12 -1.75
CA ILE Y 93 51.95 -62.33 -1.46
C ILE Y 93 52.70 -63.11 -0.40
N SER Y 94 51.94 -63.73 0.50
CA SER Y 94 52.51 -64.49 1.60
C SER Y 94 51.69 -65.77 1.75
N GLY Y 95 51.91 -66.46 2.86
CA GLY Y 95 51.22 -67.70 3.12
C GLY Y 95 51.35 -68.06 4.58
N LYS Y 96 50.37 -68.82 5.08
CA LYS Y 96 50.34 -69.14 6.51
C LYS Y 96 51.59 -69.91 6.91
N GLU Y 97 51.76 -71.11 6.37
CA GLU Y 97 52.93 -71.93 6.66
C GLU Y 97 54.00 -71.71 5.60
N ASP Y 98 55.12 -72.41 5.75
CA ASP Y 98 56.21 -72.35 4.79
C ASP Y 98 56.43 -73.72 4.18
N ALA Y 99 57.46 -73.82 3.35
CA ALA Y 99 57.74 -75.06 2.65
C ALA Y 99 58.75 -75.93 3.39
N ALA Y 100 59.68 -75.32 4.12
CA ALA Y 100 60.59 -76.05 5.00
C ALA Y 100 61.45 -77.05 4.25
N ASN Y 101 62.01 -76.62 3.13
CA ASN Y 101 63.02 -77.37 2.38
C ASN Y 101 62.50 -78.69 1.84
N ASN Y 102 61.20 -78.86 1.73
CA ASN Y 102 60.62 -80.00 1.04
C ASN Y 102 60.13 -79.54 -0.33
N PHE Y 103 60.44 -80.32 -1.36
CA PHE Y 103 59.94 -80.02 -2.68
C PHE Y 103 58.43 -80.17 -2.76
N ALA Y 104 57.90 -81.30 -2.28
CA ALA Y 104 56.46 -81.55 -2.38
C ALA Y 104 55.67 -80.45 -1.68
N ARG Y 105 56.18 -79.97 -0.55
CA ARG Y 105 55.47 -78.96 0.21
C ARG Y 105 55.31 -77.70 -0.63
N GLY Y 106 56.38 -77.29 -1.29
CA GLY Y 106 56.28 -76.16 -2.20
C GLY Y 106 55.60 -76.50 -3.50
N HIS Y 107 55.77 -77.73 -3.97
CA HIS Y 107 55.32 -78.12 -5.31
C HIS Y 107 53.95 -78.80 -5.30
N TYR Y 108 53.79 -79.86 -4.52
CA TYR Y 108 52.58 -80.65 -4.64
C TYR Y 108 51.45 -80.11 -3.77
N THR Y 109 51.70 -79.87 -2.49
CA THR Y 109 50.62 -79.63 -1.54
C THR Y 109 50.26 -78.15 -1.38
N ILE Y 110 51.22 -77.33 -0.95
CA ILE Y 110 50.90 -75.96 -0.60
C ILE Y 110 50.81 -75.07 -1.84
N GLY Y 111 51.64 -75.33 -2.84
CA GLY Y 111 51.69 -74.46 -4.00
C GLY Y 111 50.37 -74.35 -4.73
N LYS Y 112 49.64 -75.46 -4.84
CA LYS Y 112 48.49 -75.49 -5.74
C LYS Y 112 47.35 -74.58 -5.29
N GLU Y 113 47.29 -74.21 -4.02
CA GLU Y 113 46.19 -73.35 -3.56
C GLU Y 113 46.45 -71.87 -3.80
N ILE Y 114 47.70 -71.48 -4.00
CA ILE Y 114 48.04 -70.07 -4.13
C ILE Y 114 48.44 -69.69 -5.55
N VAL Y 115 48.74 -70.64 -6.42
CA VAL Y 115 49.09 -70.31 -7.79
C VAL Y 115 47.94 -69.60 -8.48
N ASP Y 116 46.71 -70.05 -8.23
CA ASP Y 116 45.55 -69.38 -8.79
C ASP Y 116 45.48 -67.92 -8.36
N LEU Y 117 46.13 -67.58 -7.25
CA LEU Y 117 46.20 -66.19 -6.81
C LEU Y 117 47.31 -65.44 -7.53
N ALA Y 118 48.53 -65.99 -7.51
CA ALA Y 118 49.65 -65.33 -8.17
C ALA Y 118 49.39 -65.16 -9.66
N LEU Y 119 48.90 -66.22 -10.32
CA LEU Y 119 48.54 -66.10 -11.73
C LEU Y 119 47.43 -65.08 -11.94
N ASP Y 120 46.56 -64.89 -10.95
CA ASP Y 120 45.51 -63.88 -11.09
C ASP Y 120 46.10 -62.47 -10.98
N ARG Y 121 47.28 -62.33 -10.38
CA ARG Y 121 47.94 -61.04 -10.34
C ARG Y 121 48.68 -60.75 -11.64
N ILE Y 122 49.27 -61.80 -12.24
CA ILE Y 122 50.01 -61.60 -13.49
C ILE Y 122 49.06 -61.24 -14.63
N ARG Y 123 47.96 -61.99 -14.76
CA ARG Y 123 46.93 -61.62 -15.73
C ARG Y 123 46.44 -60.20 -15.48
N LYS Y 124 46.51 -59.74 -14.22
CA LYS Y 124 46.25 -58.34 -13.91
C LYS Y 124 47.48 -57.47 -14.06
N LEU Y 125 48.66 -58.07 -14.24
CA LEU Y 125 49.89 -57.30 -14.45
C LEU Y 125 50.42 -57.41 -15.87
N ALA Y 126 49.99 -58.42 -16.62
CA ALA Y 126 50.40 -58.53 -18.02
C ALA Y 126 49.52 -57.66 -18.91
N ASP Y 127 48.22 -57.64 -18.66
CA ASP Y 127 47.33 -56.86 -19.52
C ASP Y 127 47.63 -55.38 -19.46
N ASN Y 128 48.28 -54.92 -18.40
CA ASN Y 128 48.69 -53.52 -18.34
C ASN Y 128 49.77 -53.21 -19.36
N CYS Y 129 50.51 -54.22 -19.80
CA CYS Y 129 51.54 -54.03 -20.81
C CYS Y 129 50.98 -54.32 -22.19
N THR Y 130 51.37 -53.49 -23.16
CA THR Y 130 51.13 -53.81 -24.55
C THR Y 130 52.34 -54.45 -25.22
N GLY Y 131 53.54 -54.02 -24.87
CA GLY Y 131 54.75 -54.70 -25.30
C GLY Y 131 55.45 -55.36 -24.14
N LEU Y 132 55.26 -56.67 -23.98
CA LEU Y 132 55.86 -57.43 -22.90
C LEU Y 132 57.12 -58.11 -23.44
N GLN Y 133 58.28 -57.67 -22.94
CA GLN Y 133 59.54 -58.28 -23.39
C GLN Y 133 59.63 -59.74 -22.94
N GLY Y 134 59.58 -59.97 -21.64
CA GLY Y 134 59.64 -61.31 -21.12
C GLY Y 134 59.69 -61.29 -19.62
N PHE Y 135 59.29 -62.42 -19.02
CA PHE Y 135 59.32 -62.54 -17.58
C PHE Y 135 60.75 -62.53 -17.06
N LEU Y 136 60.90 -62.21 -15.78
CA LEU Y 136 62.21 -62.08 -15.14
C LEU Y 136 62.12 -62.68 -13.75
N VAL Y 137 62.47 -63.96 -13.64
CA VAL Y 137 62.29 -64.74 -12.41
C VAL Y 137 63.55 -64.63 -11.57
N PHE Y 138 63.37 -64.54 -10.25
CA PHE Y 138 64.47 -64.55 -9.29
C PHE Y 138 64.26 -65.72 -8.35
N ASN Y 139 64.99 -66.79 -8.58
CA ASN Y 139 64.81 -68.02 -7.82
C ASN Y 139 65.94 -68.17 -6.81
N ALA Y 140 65.82 -69.23 -6.01
CA ALA Y 140 66.88 -69.65 -5.08
C ALA Y 140 66.72 -71.15 -4.93
N VAL Y 141 67.42 -71.91 -5.75
CA VAL Y 141 67.26 -73.35 -5.75
C VAL Y 141 68.04 -73.94 -4.58
N GLY Y 142 67.48 -75.00 -4.00
CA GLY Y 142 67.99 -75.59 -2.76
C GLY Y 142 67.00 -75.57 -1.64
N GLY Y 143 65.89 -74.84 -1.76
CA GLY Y 143 64.90 -74.78 -0.71
C GLY Y 143 63.56 -75.32 -1.14
N GLY Y 144 62.53 -75.09 -0.33
CA GLY Y 144 61.22 -75.63 -0.62
C GLY Y 144 60.38 -74.70 -1.49
N THR Y 145 60.32 -73.43 -1.12
CA THR Y 145 59.55 -72.47 -1.91
C THR Y 145 60.20 -72.24 -3.27
N GLY Y 146 61.45 -71.79 -3.26
CA GLY Y 146 62.17 -71.49 -4.49
C GLY Y 146 62.10 -72.60 -5.52
N SER Y 147 62.55 -73.80 -5.14
CA SER Y 147 62.54 -74.92 -6.09
C SER Y 147 61.12 -75.43 -6.30
N GLY Y 148 60.45 -75.84 -5.22
CA GLY Y 148 59.14 -76.45 -5.31
C GLY Y 148 58.10 -75.57 -5.96
N LEU Y 149 57.92 -74.36 -5.42
CA LEU Y 149 56.90 -73.47 -5.95
C LEU Y 149 57.30 -72.90 -7.31
N GLY Y 150 58.50 -72.35 -7.40
CA GLY Y 150 58.94 -71.73 -8.64
C GLY Y 150 58.76 -72.63 -9.83
N SER Y 151 59.13 -73.91 -9.69
CA SER Y 151 58.89 -74.87 -10.75
C SER Y 151 57.40 -74.99 -11.06
N LEU Y 152 56.56 -74.97 -10.02
CA LEU Y 152 55.13 -75.07 -10.24
C LEU Y 152 54.59 -73.88 -11.01
N LEU Y 153 55.22 -72.72 -10.88
CA LEU Y 153 54.78 -71.55 -11.64
C LEU Y 153 55.10 -71.70 -13.13
N LEU Y 154 56.37 -71.91 -13.46
CA LEU Y 154 56.79 -71.91 -14.86
C LEU Y 154 55.92 -72.82 -15.72
N GLU Y 155 55.48 -73.93 -15.14
CA GLU Y 155 54.53 -74.78 -15.84
C GLU Y 155 53.22 -74.05 -16.11
N ARG Y 156 52.69 -73.36 -15.10
CA ARG Y 156 51.48 -72.57 -15.30
C ARG Y 156 51.73 -71.41 -16.26
N LEU Y 157 52.97 -70.93 -16.33
CA LEU Y 157 53.29 -69.85 -17.25
C LEU Y 157 53.36 -70.35 -18.69
N SER Y 158 54.15 -71.39 -18.93
CA SER Y 158 54.37 -71.87 -20.29
C SER Y 158 53.09 -72.42 -20.92
N VAL Y 159 52.19 -72.99 -20.11
CA VAL Y 159 50.91 -73.39 -20.67
C VAL Y 159 50.08 -72.17 -21.04
N ASP Y 160 50.34 -71.03 -20.39
CA ASP Y 160 49.59 -69.82 -20.70
C ASP Y 160 50.14 -69.13 -21.93
N TYR Y 161 51.40 -68.71 -21.89
CA TYR Y 161 51.99 -67.96 -22.99
C TYR Y 161 52.75 -68.87 -23.95
N GLY Y 162 53.80 -69.53 -23.47
CA GLY Y 162 54.65 -70.32 -24.33
C GLY Y 162 55.44 -69.45 -25.28
N LYS Y 163 54.74 -68.66 -26.09
CA LYS Y 163 55.40 -67.78 -27.06
C LYS Y 163 56.26 -66.74 -26.37
N LYS Y 164 55.96 -66.40 -25.12
CA LYS Y 164 56.77 -65.46 -24.39
C LYS Y 164 58.06 -66.11 -23.93
N SER Y 165 59.07 -65.27 -23.67
CA SER Y 165 60.37 -65.75 -23.21
C SER Y 165 60.42 -65.79 -21.70
N LYS Y 166 61.06 -66.82 -21.16
CA LYS Y 166 61.23 -66.99 -19.73
C LYS Y 166 62.71 -66.91 -19.40
N LEU Y 167 63.09 -65.90 -18.62
CA LEU Y 167 64.45 -65.71 -18.17
C LEU Y 167 64.52 -65.91 -16.67
N GLY Y 168 65.63 -66.49 -16.21
CA GLY Y 168 65.75 -66.79 -14.79
C GLY Y 168 67.12 -66.54 -14.20
N PHE Y 169 67.17 -65.83 -13.07
CA PHE Y 169 68.40 -65.63 -12.31
C PHE Y 169 68.31 -66.49 -11.06
N THR Y 170 68.81 -67.72 -11.15
CA THR Y 170 68.77 -68.64 -10.02
C THR Y 170 70.15 -68.76 -9.41
N VAL Y 171 70.25 -68.44 -8.12
CA VAL Y 171 71.44 -68.79 -7.36
C VAL Y 171 71.50 -70.31 -7.26
N TYR Y 172 72.71 -70.85 -7.12
CA TYR Y 172 72.86 -72.28 -7.20
C TYR Y 172 73.53 -72.83 -5.94
N PRO Y 173 73.17 -74.05 -5.50
CA PRO Y 173 73.83 -74.61 -4.31
C PRO Y 173 75.33 -74.72 -4.53
N SER Y 174 76.10 -73.97 -3.77
CA SER Y 174 77.54 -74.00 -3.91
C SER Y 174 78.04 -75.41 -3.69
N PRO Y 175 79.14 -75.80 -4.33
CA PRO Y 175 79.74 -77.11 -4.01
C PRO Y 175 80.23 -77.21 -2.59
N GLN Y 176 81.01 -76.23 -2.13
CA GLN Y 176 81.59 -76.29 -0.78
C GLN Y 176 80.62 -75.78 0.28
N VAL Y 177 80.29 -74.49 0.22
CA VAL Y 177 79.47 -73.90 1.28
C VAL Y 177 78.01 -74.27 1.07
N SER Y 178 77.39 -74.81 2.12
CA SER Y 178 76.00 -75.26 2.02
C SER Y 178 75.32 -75.04 3.35
N THR Y 179 74.34 -74.15 3.38
CA THR Y 179 73.56 -73.90 4.59
C THR Y 179 72.48 -74.94 4.83
N ALA Y 180 72.12 -75.74 3.82
CA ALA Y 180 71.13 -76.78 3.94
C ALA Y 180 71.83 -78.14 3.98
N VAL Y 181 71.04 -79.20 4.09
CA VAL Y 181 71.60 -80.55 4.05
C VAL Y 181 70.90 -81.35 2.96
N VAL Y 182 69.68 -80.97 2.62
CA VAL Y 182 68.83 -81.74 1.71
C VAL Y 182 68.76 -81.11 0.33
N GLU Y 183 69.45 -79.99 0.12
CA GLU Y 183 69.28 -79.24 -1.13
C GLU Y 183 69.59 -80.03 -2.41
N PRO Y 184 70.50 -81.03 -2.43
CA PRO Y 184 70.66 -81.80 -3.68
C PRO Y 184 69.36 -82.38 -4.22
N TYR Y 185 68.46 -82.81 -3.34
CA TYR Y 185 67.21 -83.41 -3.78
C TYR Y 185 66.34 -82.41 -4.54
N ASN Y 186 65.89 -81.36 -3.85
CA ASN Y 186 64.97 -80.42 -4.49
C ASN Y 186 65.65 -79.65 -5.61
N SER Y 187 66.96 -79.47 -5.54
CA SER Y 187 67.69 -78.84 -6.64
C SER Y 187 67.58 -79.68 -7.91
N VAL Y 188 67.90 -80.97 -7.80
CA VAL Y 188 67.75 -81.87 -8.93
C VAL Y 188 66.30 -81.91 -9.41
N LEU Y 189 65.37 -82.02 -8.46
CA LEU Y 189 63.96 -82.01 -8.82
C LEU Y 189 63.54 -80.69 -9.44
N SER Y 190 64.21 -79.59 -9.07
CA SER Y 190 63.94 -78.32 -9.71
C SER Y 190 64.39 -78.32 -11.16
N THR Y 191 65.66 -78.71 -11.40
CA THR Y 191 66.24 -78.61 -12.73
C THR Y 191 65.41 -79.36 -13.76
N HIS Y 192 64.94 -80.56 -13.41
CA HIS Y 192 64.11 -81.33 -14.34
C HIS Y 192 62.90 -80.55 -14.80
N SER Y 193 62.05 -80.14 -13.87
CA SER Y 193 60.79 -79.53 -14.26
C SER Y 193 60.92 -78.11 -14.77
N LEU Y 194 62.06 -77.45 -14.57
CA LEU Y 194 62.24 -76.12 -15.12
C LEU Y 194 62.72 -76.15 -16.56
N LEU Y 195 63.51 -77.16 -16.92
CA LEU Y 195 64.24 -77.17 -18.18
C LEU Y 195 63.30 -76.99 -19.38
N GLU Y 196 62.32 -77.88 -19.53
CA GLU Y 196 61.39 -77.81 -20.64
C GLU Y 196 60.50 -76.59 -20.60
N HIS Y 197 60.63 -75.73 -19.60
CA HIS Y 197 59.81 -74.54 -19.48
C HIS Y 197 60.62 -73.25 -19.56
N THR Y 198 61.74 -73.16 -18.85
CA THR Y 198 62.57 -71.97 -18.96
C THR Y 198 63.22 -71.92 -20.33
N ASP Y 199 63.29 -70.72 -20.90
CA ASP Y 199 63.94 -70.52 -22.18
C ASP Y 199 65.43 -70.29 -22.05
N VAL Y 200 65.83 -69.50 -21.05
CA VAL Y 200 67.23 -69.29 -20.72
C VAL Y 200 67.34 -69.31 -19.21
N ALA Y 201 68.49 -69.76 -18.71
CA ALA Y 201 68.70 -69.91 -17.28
C ALA Y 201 70.10 -69.44 -16.92
N VAL Y 202 70.19 -68.27 -16.31
CA VAL Y 202 71.44 -67.79 -15.73
C VAL Y 202 71.67 -68.54 -14.44
N MET Y 203 72.92 -68.63 -14.00
CA MET Y 203 73.22 -69.23 -12.71
C MET Y 203 74.31 -68.45 -12.00
N LEU Y 204 74.20 -68.39 -10.68
CA LEU Y 204 75.19 -67.72 -9.86
C LEU Y 204 75.31 -68.48 -8.54
N ASP Y 205 76.20 -68.01 -7.68
CA ASP Y 205 76.41 -68.64 -6.39
C ASP Y 205 77.02 -67.63 -5.42
N ASN Y 206 76.73 -67.82 -4.13
CA ASN Y 206 77.19 -66.87 -3.12
C ASN Y 206 78.69 -66.93 -2.92
N GLU Y 207 79.25 -68.14 -2.83
CA GLU Y 207 80.66 -68.30 -2.51
C GLU Y 207 81.55 -67.52 -3.47
N ALA Y 208 81.24 -67.58 -4.77
CA ALA Y 208 82.03 -66.82 -5.73
C ALA Y 208 81.97 -65.33 -5.44
N ILE Y 209 80.76 -64.80 -5.25
CA ILE Y 209 80.61 -63.38 -4.98
C ILE Y 209 81.20 -63.03 -3.62
N TYR Y 210 81.30 -64.02 -2.73
CA TYR Y 210 82.04 -63.83 -1.49
C TYR Y 210 83.49 -63.52 -1.76
N ASP Y 211 84.14 -64.35 -2.59
CA ASP Y 211 85.51 -64.06 -3.00
C ASP Y 211 85.59 -62.72 -3.72
N ILE Y 212 84.65 -62.48 -4.63
CA ILE Y 212 84.59 -61.20 -5.33
C ILE Y 212 84.57 -60.03 -4.35
N CYS Y 213 83.85 -60.19 -3.23
CA CYS Y 213 83.90 -59.17 -2.20
C CYS Y 213 85.29 -59.08 -1.57
N ARG Y 214 86.04 -60.19 -1.57
CA ARG Y 214 87.31 -60.20 -0.86
C ARG Y 214 88.45 -59.66 -1.72
N ARG Y 215 88.62 -60.20 -2.93
CA ARG Y 215 89.78 -59.86 -3.74
C ARG Y 215 89.77 -58.39 -4.13
N SER Y 216 88.66 -57.91 -4.66
CA SER Y 216 88.58 -56.58 -5.25
C SER Y 216 87.99 -55.53 -4.31
N LEU Y 217 86.74 -55.73 -3.86
CA LEU Y 217 86.13 -54.76 -2.97
C LEU Y 217 86.83 -54.71 -1.62
N ASP Y 218 87.48 -55.80 -1.23
CA ASP Y 218 88.30 -55.85 -0.01
C ASP Y 218 87.45 -55.52 1.22
N ILE Y 219 86.45 -56.36 1.46
CA ILE Y 219 85.63 -56.26 2.66
C ILE Y 219 85.66 -57.62 3.34
N GLU Y 220 85.92 -57.62 4.64
CA GLU Y 220 85.96 -58.84 5.42
C GLU Y 220 84.64 -59.15 6.11
N ARG Y 221 83.61 -58.33 5.89
CA ARG Y 221 82.30 -58.52 6.50
C ARG Y 221 81.24 -58.58 5.41
N PRO Y 222 81.23 -59.64 4.60
CA PRO Y 222 80.18 -59.75 3.59
C PRO Y 222 78.90 -60.37 4.14
N THR Y 223 77.81 -59.61 4.06
CA THR Y 223 76.50 -60.09 4.44
C THR Y 223 75.62 -60.15 3.20
N TYR Y 224 74.44 -60.73 3.36
CA TYR Y 224 73.57 -60.96 2.21
C TYR Y 224 73.22 -59.67 1.49
N THR Y 225 73.29 -58.53 2.17
CA THR Y 225 72.95 -57.27 1.51
C THR Y 225 73.97 -56.93 0.41
N ASN Y 226 75.25 -57.24 0.64
CA ASN Y 226 76.27 -56.91 -0.35
C ASN Y 226 76.08 -57.70 -1.63
N LEU Y 227 75.95 -59.02 -1.51
CA LEU Y 227 75.72 -59.85 -2.68
C LEU Y 227 74.51 -59.34 -3.45
N ASN Y 228 73.42 -59.06 -2.73
CA ASN Y 228 72.22 -58.52 -3.37
C ASN Y 228 72.49 -57.20 -4.07
N ARG Y 229 73.41 -56.40 -3.55
CA ARG Y 229 73.77 -55.16 -4.24
C ARG Y 229 74.38 -55.46 -5.61
N LEU Y 230 75.28 -56.45 -5.67
CA LEU Y 230 75.97 -56.72 -6.93
C LEU Y 230 74.99 -57.21 -7.99
N ILE Y 231 74.05 -58.06 -7.60
CA ILE Y 231 73.04 -58.52 -8.55
C ILE Y 231 72.20 -57.37 -9.05
N ALA Y 232 72.00 -56.34 -8.20
CA ALA Y 232 71.33 -55.13 -8.66
C ALA Y 232 72.12 -54.45 -9.75
N GLN Y 233 73.45 -54.39 -9.59
CA GLN Y 233 74.28 -53.73 -10.59
C GLN Y 233 74.26 -54.49 -11.91
N VAL Y 234 74.43 -55.82 -11.85
CA VAL Y 234 74.43 -56.63 -13.06
C VAL Y 234 73.16 -56.42 -13.86
N ILE Y 235 72.01 -56.56 -13.19
CA ILE Y 235 70.73 -56.47 -13.90
C ILE Y 235 70.46 -55.04 -14.34
N SER Y 236 70.88 -54.06 -13.55
CA SER Y 236 70.78 -52.68 -14.00
C SER Y 236 71.55 -52.47 -15.30
N SER Y 237 72.65 -53.22 -15.47
CA SER Y 237 73.40 -53.12 -16.72
C SER Y 237 72.67 -53.79 -17.87
N LEU Y 238 72.09 -54.98 -17.63
CA LEU Y 238 71.44 -55.72 -18.71
C LEU Y 238 70.26 -54.94 -19.28
N THR Y 239 69.49 -54.29 -18.42
CA THR Y 239 68.27 -53.63 -18.86
C THR Y 239 68.51 -52.24 -19.42
N ALA Y 240 69.73 -51.72 -19.32
CA ALA Y 240 70.00 -50.37 -19.83
C ALA Y 240 69.60 -50.24 -21.30
N SER Y 241 69.91 -51.26 -22.10
CA SER Y 241 69.53 -51.22 -23.51
C SER Y 241 68.01 -51.27 -23.68
N LEU Y 242 67.29 -51.77 -22.68
CA LEU Y 242 65.84 -51.76 -22.72
C LEU Y 242 65.26 -50.42 -22.30
N ARG Y 243 66.00 -49.65 -21.50
CA ARG Y 243 65.47 -48.41 -20.94
C ARG Y 243 66.40 -47.22 -21.13
N PHE Y 244 67.38 -47.32 -22.02
CA PHE Y 244 68.26 -46.19 -22.29
C PHE Y 244 68.73 -46.26 -23.74
N ASP Y 245 69.38 -45.19 -24.16
CA ASP Y 245 69.94 -45.06 -25.50
C ASP Y 245 71.34 -45.69 -25.52
N GLY Y 246 72.10 -45.42 -26.56
CA GLY Y 246 73.47 -45.92 -26.65
C GLY Y 246 73.70 -46.69 -27.93
N ALA Y 247 74.95 -46.84 -28.32
CA ALA Y 247 75.26 -47.62 -29.51
C ALA Y 247 74.97 -49.10 -29.26
N LEU Y 248 74.49 -49.77 -30.31
CA LEU Y 248 74.26 -51.22 -30.30
C LEU Y 248 73.30 -51.62 -29.18
N ASN Y 249 72.07 -51.13 -29.31
CA ASN Y 249 71.03 -51.48 -28.35
C ASN Y 249 70.69 -52.96 -28.47
N VAL Y 250 70.31 -53.55 -27.34
CA VAL Y 250 69.96 -54.97 -27.25
C VAL Y 250 68.61 -55.10 -26.56
N ASP Y 251 67.82 -56.08 -26.99
CA ASP Y 251 66.60 -56.46 -26.30
C ASP Y 251 66.65 -57.96 -26.01
N ILE Y 252 65.62 -58.44 -25.31
CA ILE Y 252 65.61 -59.83 -24.89
C ILE Y 252 65.53 -60.76 -26.09
N THR Y 253 64.73 -60.41 -27.10
CA THR Y 253 64.58 -61.26 -28.27
C THR Y 253 65.94 -61.53 -28.93
N GLU Y 254 66.68 -60.47 -29.24
CA GLU Y 254 68.02 -60.63 -29.78
C GLU Y 254 68.89 -61.43 -28.81
N PHE Y 255 68.72 -61.17 -27.51
CA PHE Y 255 69.60 -61.75 -26.51
C PHE Y 255 69.53 -63.28 -26.49
N GLN Y 256 68.33 -63.83 -26.62
CA GLN Y 256 68.13 -65.25 -26.37
C GLN Y 256 68.41 -66.11 -27.61
N THR Y 257 68.26 -65.54 -28.80
CA THR Y 257 68.42 -66.33 -30.01
C THR Y 257 69.89 -66.56 -30.35
N ASN Y 258 70.74 -65.55 -30.14
CA ASN Y 258 72.16 -65.69 -30.41
C ASN Y 258 72.95 -66.17 -29.20
N LEU Y 259 72.27 -66.78 -28.23
CA LEU Y 259 72.94 -67.30 -27.05
C LEU Y 259 72.54 -68.72 -26.68
N VAL Y 260 71.44 -69.23 -27.21
CA VAL Y 260 70.99 -70.60 -26.92
C VAL Y 260 71.01 -71.39 -28.23
N PRO Y 261 72.09 -72.11 -28.52
CA PRO Y 261 72.14 -72.90 -29.75
C PRO Y 261 71.12 -74.03 -29.79
N TYR Y 262 71.11 -74.84 -28.74
CA TYR Y 262 70.21 -75.98 -28.67
C TYR Y 262 69.17 -75.78 -27.58
N PRO Y 263 67.99 -76.38 -27.71
CA PRO Y 263 66.93 -76.13 -26.71
C PRO Y 263 67.35 -76.43 -25.29
N ARG Y 264 68.28 -77.38 -25.10
CA ARG Y 264 68.66 -77.79 -23.76
C ARG Y 264 69.76 -76.90 -23.19
N ILE Y 265 70.81 -76.65 -23.96
CA ILE Y 265 71.94 -75.90 -23.44
C ILE Y 265 71.55 -74.43 -23.36
N HIS Y 266 71.12 -74.02 -22.16
CA HIS Y 266 70.81 -72.62 -21.91
C HIS Y 266 71.36 -72.17 -20.56
N PHE Y 267 71.98 -73.05 -19.80
CA PHE Y 267 72.52 -72.70 -18.50
C PHE Y 267 73.80 -71.88 -18.68
N MET Y 268 73.83 -70.68 -18.09
CA MET Y 268 74.88 -69.72 -18.41
C MET Y 268 75.47 -69.13 -17.13
N LEU Y 269 76.65 -68.56 -17.28
CA LEU Y 269 77.43 -67.97 -16.21
C LEU Y 269 77.32 -66.44 -16.29
N SER Y 270 78.12 -65.75 -15.48
CA SER Y 270 78.10 -64.30 -15.46
C SER Y 270 79.43 -63.77 -14.94
N SER Y 271 79.55 -62.43 -14.95
CA SER Y 271 80.73 -61.72 -14.50
C SER Y 271 80.45 -60.23 -14.52
N TYR Y 272 81.21 -59.46 -13.74
CA TYR Y 272 81.08 -58.02 -13.71
C TYR Y 272 82.43 -57.38 -13.47
N ALA Y 273 82.61 -56.18 -14.01
CA ALA Y 273 83.83 -55.39 -13.88
C ALA Y 273 83.56 -53.97 -14.35
N PRO Y 274 84.15 -52.95 -13.71
CA PRO Y 274 85.02 -53.07 -12.54
C PRO Y 274 84.25 -53.23 -11.25
N ILE Y 275 84.89 -53.83 -10.25
CA ILE Y 275 84.32 -54.02 -8.92
C ILE Y 275 85.32 -53.42 -7.93
N ILE Y 276 85.20 -52.11 -7.68
CA ILE Y 276 86.28 -51.33 -7.08
C ILE Y 276 85.70 -50.35 -6.07
N SER Y 277 86.40 -50.19 -4.95
CA SER Y 277 85.99 -49.25 -3.92
C SER Y 277 86.36 -47.84 -4.35
N ALA Y 278 86.27 -46.89 -3.41
CA ALA Y 278 86.48 -45.49 -3.75
C ALA Y 278 87.94 -45.15 -4.00
N GLU Y 279 88.86 -45.86 -3.34
CA GLU Y 279 90.26 -45.45 -3.34
C GLU Y 279 91.00 -45.93 -4.59
N LYS Y 280 91.02 -47.25 -4.82
CA LYS Y 280 91.71 -47.79 -5.99
C LYS Y 280 91.15 -47.21 -7.28
N ALA Y 281 89.87 -46.79 -7.27
CA ALA Y 281 89.32 -46.08 -8.41
C ALA Y 281 90.05 -44.77 -8.65
N TYR Y 282 90.51 -44.11 -7.58
CA TYR Y 282 91.26 -42.87 -7.75
C TYR Y 282 92.64 -43.15 -8.34
N HIS Y 283 93.21 -44.32 -8.07
CA HIS Y 283 94.44 -44.74 -8.74
C HIS Y 283 94.13 -45.67 -9.91
N GLU Y 284 93.33 -45.17 -10.86
CA GLU Y 284 92.96 -45.98 -12.01
C GLU Y 284 92.33 -45.10 -13.08
N GLN Y 285 92.56 -45.48 -14.34
CA GLN Y 285 91.97 -44.81 -15.49
C GLN Y 285 90.91 -45.65 -16.19
N LEU Y 286 90.86 -46.95 -15.93
CA LEU Y 286 89.79 -47.84 -16.41
C LEU Y 286 89.72 -47.86 -17.93
N SER Y 287 90.78 -48.34 -18.56
CA SER Y 287 90.75 -48.54 -20.00
C SER Y 287 89.76 -49.65 -20.33
N VAL Y 288 89.10 -49.50 -21.48
CA VAL Y 288 88.11 -50.49 -21.90
C VAL Y 288 88.73 -51.88 -22.00
N ALA Y 289 90.05 -51.96 -22.26
CA ALA Y 289 90.70 -53.25 -22.39
C ALA Y 289 90.85 -53.94 -21.04
N GLU Y 290 91.30 -53.21 -20.03
CA GLU Y 290 91.40 -53.77 -18.68
C GLU Y 290 90.06 -54.31 -18.22
N ILE Y 291 88.98 -53.56 -18.46
CA ILE Y 291 87.67 -53.97 -17.97
C ILE Y 291 87.21 -55.23 -18.68
N THR Y 292 87.40 -55.32 -20.00
CA THR Y 292 87.01 -56.52 -20.71
C THR Y 292 87.96 -57.67 -20.48
N ASN Y 293 89.15 -57.40 -19.93
CA ASN Y 293 90.05 -58.49 -19.57
C ASN Y 293 89.59 -59.15 -18.27
N ALA Y 294 89.38 -58.35 -17.22
CA ALA Y 294 88.88 -58.88 -15.97
C ALA Y 294 87.52 -59.56 -16.17
N ALA Y 295 86.71 -59.04 -17.09
CA ALA Y 295 85.40 -59.61 -17.32
C ALA Y 295 85.48 -61.05 -17.81
N PHE Y 296 86.58 -61.42 -18.47
CA PHE Y 296 86.79 -62.78 -18.91
C PHE Y 296 87.70 -63.58 -17.98
N GLU Y 297 88.17 -62.96 -16.91
CA GLU Y 297 88.91 -63.69 -15.90
C GLU Y 297 87.99 -64.69 -15.21
N PRO Y 298 88.38 -65.97 -15.13
CA PRO Y 298 87.52 -66.95 -14.44
C PRO Y 298 87.32 -66.67 -12.96
N ALA Y 299 88.21 -65.91 -12.32
CA ALA Y 299 88.02 -65.60 -10.91
C ALA Y 299 86.93 -64.56 -10.71
N SER Y 300 86.83 -63.58 -11.62
CA SER Y 300 85.80 -62.55 -11.51
C SER Y 300 84.40 -63.07 -11.78
N MET Y 301 84.26 -64.35 -12.13
CA MET Y 301 82.95 -64.92 -12.36
C MET Y 301 82.16 -65.00 -11.07
N MET Y 302 80.84 -65.13 -11.21
CA MET Y 302 79.93 -65.26 -10.08
C MET Y 302 79.55 -66.70 -9.81
N VAL Y 303 80.17 -67.66 -10.49
CA VAL Y 303 79.96 -69.08 -10.25
C VAL Y 303 81.32 -69.72 -10.01
N LYS Y 304 81.34 -70.75 -9.16
CA LYS Y 304 82.55 -71.53 -8.95
C LYS Y 304 82.68 -72.60 -10.03
N CYS Y 305 82.75 -72.12 -11.26
CA CYS Y 305 82.97 -72.96 -12.44
C CYS Y 305 84.19 -72.44 -13.18
N ASP Y 306 85.00 -73.35 -13.71
CA ASP Y 306 86.19 -72.95 -14.44
C ASP Y 306 85.92 -73.02 -15.93
N PRO Y 307 85.83 -71.87 -16.62
CA PRO Y 307 85.60 -71.91 -18.07
C PRO Y 307 86.81 -72.37 -18.85
N ARG Y 308 88.00 -72.38 -18.25
CA ARG Y 308 89.22 -72.83 -18.91
C ARG Y 308 89.31 -74.32 -19.04
N HIS Y 309 88.23 -75.03 -18.74
CA HIS Y 309 88.13 -76.46 -19.01
C HIS Y 309 87.12 -76.76 -20.10
N GLY Y 310 86.58 -75.73 -20.75
CA GLY Y 310 85.64 -75.91 -21.83
C GLY Y 310 85.79 -74.82 -22.88
N LYS Y 311 84.78 -74.68 -23.74
CA LYS Y 311 84.83 -73.72 -24.84
C LYS Y 311 83.58 -72.86 -24.82
N TYR Y 312 83.75 -71.58 -25.05
CA TYR Y 312 82.64 -70.63 -25.04
C TYR Y 312 81.79 -70.86 -26.28
N MET Y 313 80.60 -71.44 -26.10
CA MET Y 313 79.69 -71.56 -27.23
C MET Y 313 79.19 -70.18 -27.68
N ALA Y 314 79.21 -69.20 -26.79
CA ALA Y 314 78.82 -67.83 -27.11
C ALA Y 314 79.14 -66.94 -25.92
N CYS Y 315 79.14 -65.63 -26.17
CA CYS Y 315 79.33 -64.63 -25.13
C CYS Y 315 78.47 -63.41 -25.44
N CYS Y 316 78.13 -62.65 -24.42
CA CYS Y 316 77.35 -61.41 -24.59
C CYS Y 316 77.88 -60.38 -23.60
N LEU Y 317 78.46 -59.33 -24.13
CA LEU Y 317 79.08 -58.28 -23.33
C LEU Y 317 78.23 -57.02 -23.39
N MET Y 318 77.83 -56.53 -22.23
CA MET Y 318 77.10 -55.27 -22.09
C MET Y 318 77.99 -54.28 -21.38
N TYR Y 319 78.44 -53.27 -22.10
CA TYR Y 319 79.28 -52.24 -21.51
C TYR Y 319 78.39 -51.16 -20.89
N ARG Y 320 79.01 -50.08 -20.46
CA ARG Y 320 78.28 -49.01 -19.80
C ARG Y 320 79.16 -47.78 -19.74
N GLY Y 321 78.53 -46.62 -19.67
CA GLY Y 321 79.28 -45.39 -19.51
C GLY Y 321 79.95 -44.91 -20.77
N ASP Y 322 81.18 -44.41 -20.64
CA ASP Y 322 81.90 -43.80 -21.77
C ASP Y 322 82.70 -44.87 -22.49
N VAL Y 323 82.17 -45.33 -23.63
CA VAL Y 323 82.83 -46.32 -24.48
C VAL Y 323 82.59 -45.93 -25.93
N VAL Y 324 83.58 -46.14 -26.78
CA VAL Y 324 83.42 -45.95 -28.22
C VAL Y 324 83.63 -47.29 -28.90
N PRO Y 325 82.82 -47.62 -29.92
CA PRO Y 325 82.71 -49.02 -30.35
C PRO Y 325 83.95 -49.60 -31.03
N LYS Y 326 84.90 -48.77 -31.45
CA LYS Y 326 86.13 -49.32 -32.02
C LYS Y 326 86.95 -49.99 -30.94
N ASP Y 327 86.95 -49.43 -29.73
CA ASP Y 327 87.68 -50.02 -28.62
C ASP Y 327 87.14 -51.41 -28.29
N VAL Y 328 85.82 -51.56 -28.31
CA VAL Y 328 85.23 -52.89 -28.18
C VAL Y 328 85.72 -53.79 -29.30
N ASN Y 329 85.63 -53.31 -30.54
CA ASN Y 329 86.20 -54.03 -31.67
C ASN Y 329 87.68 -54.28 -31.47
N ALA Y 330 88.37 -53.36 -30.78
CA ALA Y 330 89.79 -53.55 -30.53
C ALA Y 330 90.02 -54.58 -29.43
N SER Y 331 89.29 -54.45 -28.32
CA SER Y 331 89.54 -55.30 -27.16
C SER Y 331 89.12 -56.74 -27.42
N VAL Y 332 87.91 -56.95 -27.94
CA VAL Y 332 87.46 -58.29 -28.28
C VAL Y 332 88.39 -58.94 -29.28
N ALA Y 333 88.99 -58.16 -30.18
CA ALA Y 333 90.00 -58.70 -31.07
C ALA Y 333 91.20 -59.23 -30.29
N THR Y 334 91.68 -58.46 -29.32
CA THR Y 334 92.81 -58.88 -28.51
C THR Y 334 92.52 -60.18 -27.76
N ILE Y 335 91.24 -60.42 -27.43
CA ILE Y 335 90.89 -61.62 -26.69
C ILE Y 335 90.76 -62.82 -27.60
N LYS Y 336 90.07 -62.66 -28.73
CA LYS Y 336 89.95 -63.75 -29.69
C LYS Y 336 91.30 -64.24 -30.19
N THR Y 337 92.36 -63.48 -29.96
CA THR Y 337 93.71 -63.87 -30.36
C THR Y 337 94.40 -64.74 -29.32
N LYS Y 338 94.05 -64.59 -28.04
CA LYS Y 338 94.73 -65.34 -26.99
C LYS Y 338 94.44 -66.83 -27.12
N ARG Y 339 95.12 -67.61 -26.26
CA ARG Y 339 95.07 -69.06 -26.32
C ARG Y 339 94.33 -69.71 -25.18
N THR Y 340 94.34 -69.11 -23.99
CA THR Y 340 93.62 -69.68 -22.85
C THR Y 340 92.13 -69.72 -23.11
N ILE Y 341 91.61 -68.83 -23.94
CA ILE Y 341 90.19 -68.74 -24.23
C ILE Y 341 89.88 -69.66 -25.41
N GLN Y 342 89.05 -70.67 -25.16
CA GLN Y 342 88.70 -71.66 -26.17
C GLN Y 342 87.29 -71.41 -26.69
N PHE Y 343 87.06 -71.88 -27.91
CA PHE Y 343 85.75 -71.82 -28.54
C PHE Y 343 85.49 -73.14 -29.25
N VAL Y 344 84.22 -73.41 -29.51
CA VAL Y 344 83.85 -74.59 -30.28
C VAL Y 344 83.93 -74.26 -31.76
N ASP Y 345 84.13 -75.29 -32.59
CA ASP Y 345 84.51 -75.06 -33.97
C ASP Y 345 83.41 -74.37 -34.77
N TRP Y 346 82.17 -74.82 -34.64
CA TRP Y 346 81.14 -74.40 -35.59
C TRP Y 346 80.70 -72.95 -35.40
N CYS Y 347 81.31 -72.19 -34.49
CA CYS Y 347 81.01 -70.77 -34.35
C CYS Y 347 82.32 -69.97 -34.34
N PRO Y 348 82.81 -69.60 -35.52
CA PRO Y 348 83.88 -68.59 -35.57
C PRO Y 348 83.41 -67.25 -35.02
N THR Y 349 82.11 -67.00 -35.12
CA THR Y 349 81.44 -65.89 -34.45
C THR Y 349 81.22 -66.22 -32.99
N GLY Y 350 80.37 -65.46 -32.31
CA GLY Y 350 80.06 -65.77 -30.94
C GLY Y 350 79.98 -64.61 -29.98
N PHE Y 351 79.99 -63.38 -30.47
CA PHE Y 351 79.94 -62.20 -29.62
C PHE Y 351 78.74 -61.34 -29.96
N LYS Y 352 78.01 -60.89 -28.93
CA LYS Y 352 76.97 -59.89 -29.06
C LYS Y 352 77.29 -58.77 -28.09
N CYS Y 353 77.91 -57.70 -28.58
CA CYS Y 353 78.34 -56.60 -27.74
C CYS Y 353 77.31 -55.49 -27.74
N GLY Y 354 77.22 -54.77 -26.63
CA GLY Y 354 76.30 -53.66 -26.51
C GLY Y 354 76.92 -52.55 -25.70
N ILE Y 355 76.47 -51.32 -25.99
CA ILE Y 355 76.96 -50.14 -25.31
C ILE Y 355 75.74 -49.36 -24.80
N ASN Y 356 75.97 -48.56 -23.77
CA ASN Y 356 74.96 -47.60 -23.30
C ASN Y 356 75.67 -46.33 -22.87
N TYR Y 357 75.05 -45.20 -23.18
CA TYR Y 357 75.61 -43.92 -22.77
C TYR Y 357 75.36 -43.61 -21.30
N GLN Y 358 74.46 -44.33 -20.66
CA GLN Y 358 74.11 -44.05 -19.27
C GLN Y 358 75.09 -44.75 -18.34
N PRO Y 359 75.86 -44.01 -17.55
CA PRO Y 359 76.85 -44.61 -16.66
C PRO Y 359 76.17 -45.43 -15.57
N PRO Y 360 76.93 -46.23 -14.83
CA PRO Y 360 76.34 -46.93 -13.68
C PRO Y 360 76.19 -45.99 -12.49
N THR Y 361 75.06 -46.13 -11.80
CA THR Y 361 74.82 -45.33 -10.62
C THR Y 361 75.33 -46.07 -9.39
N VAL Y 362 75.59 -45.31 -8.33
CA VAL Y 362 76.01 -45.87 -7.06
C VAL Y 362 74.97 -45.53 -6.01
N VAL Y 363 74.82 -46.40 -5.04
CA VAL Y 363 73.82 -46.23 -3.98
C VAL Y 363 74.48 -45.59 -2.76
N PRO Y 364 73.93 -44.49 -2.25
CA PRO Y 364 74.47 -43.89 -1.03
C PRO Y 364 74.47 -44.89 0.12
N GLY Y 365 75.57 -44.89 0.88
CA GLY Y 365 75.78 -45.93 1.87
C GLY Y 365 76.15 -47.27 1.29
N GLY Y 366 76.31 -47.37 -0.03
CA GLY Y 366 76.70 -48.61 -0.67
C GLY Y 366 78.18 -48.88 -0.56
N ASP Y 367 78.61 -49.89 -1.29
CA ASP Y 367 79.98 -50.40 -1.20
C ASP Y 367 80.83 -50.04 -2.40
N LEU Y 368 80.24 -49.93 -3.59
CA LEU Y 368 81.00 -49.59 -4.78
C LEU Y 368 81.26 -48.09 -4.83
N ALA Y 369 81.95 -47.66 -5.90
CA ALA Y 369 82.34 -46.28 -6.09
C ALA Y 369 81.64 -45.69 -7.30
N LYS Y 370 81.96 -44.43 -7.60
CA LYS Y 370 81.47 -43.76 -8.80
C LYS Y 370 82.48 -43.94 -9.92
N VAL Y 371 82.12 -44.73 -10.92
CA VAL Y 371 82.98 -45.00 -12.06
C VAL Y 371 82.24 -44.61 -13.33
N GLN Y 372 83.01 -44.23 -14.35
CA GLN Y 372 82.42 -43.85 -15.62
C GLN Y 372 82.32 -45.01 -16.59
N ARG Y 373 82.89 -46.17 -16.27
CA ARG Y 373 82.85 -47.33 -17.14
C ARG Y 373 82.48 -48.56 -16.33
N ALA Y 374 81.87 -49.53 -17.01
CA ALA Y 374 81.41 -50.75 -16.37
C ALA Y 374 81.07 -51.77 -17.45
N VAL Y 375 81.36 -53.03 -17.17
CA VAL Y 375 81.16 -54.10 -18.13
C VAL Y 375 80.60 -55.32 -17.41
N CYS Y 376 79.60 -55.95 -18.02
CA CYS Y 376 79.06 -57.21 -17.55
C CYS Y 376 79.14 -58.20 -18.70
N MET Y 377 79.33 -59.48 -18.37
CA MET Y 377 79.50 -60.51 -19.38
C MET Y 377 78.66 -61.72 -18.99
N ILE Y 378 78.06 -62.35 -19.99
CA ILE Y 378 77.28 -63.57 -19.81
C ILE Y 378 77.70 -64.55 -20.89
N SER Y 379 78.30 -65.67 -20.49
CA SER Y 379 78.82 -66.67 -21.41
C SER Y 379 78.11 -67.99 -21.21
N ASN Y 380 77.81 -68.67 -22.32
CA ASN Y 380 77.29 -70.04 -22.29
C ASN Y 380 78.44 -70.96 -22.68
N SER Y 381 79.15 -71.47 -21.68
CA SER Y 381 80.30 -72.33 -21.89
C SER Y 381 79.94 -73.77 -21.51
N THR Y 382 80.37 -74.72 -22.34
CA THR Y 382 80.09 -76.12 -22.05
C THR Y 382 80.86 -76.64 -20.84
N ALA Y 383 81.84 -75.89 -20.35
CA ALA Y 383 82.49 -76.22 -19.09
C ALA Y 383 81.53 -76.20 -17.91
N ILE Y 384 80.33 -75.65 -18.09
CA ILE Y 384 79.35 -75.59 -17.01
C ILE Y 384 78.85 -76.97 -16.60
N GLY Y 385 79.12 -77.99 -17.40
CA GLY Y 385 78.69 -79.34 -17.04
C GLY Y 385 79.37 -79.91 -15.82
N GLU Y 386 80.39 -79.24 -15.29
CA GLU Y 386 81.14 -79.80 -14.16
C GLU Y 386 80.37 -79.67 -12.85
N ILE Y 387 79.92 -78.46 -12.52
CA ILE Y 387 79.15 -78.27 -11.29
C ILE Y 387 77.86 -79.05 -11.33
N PHE Y 388 77.35 -79.36 -12.53
CA PHE Y 388 76.19 -80.22 -12.64
C PHE Y 388 76.52 -81.67 -12.33
N SER Y 389 77.81 -82.02 -12.28
CA SER Y 389 78.21 -83.39 -11.97
C SER Y 389 78.31 -83.64 -10.47
N ARG Y 390 78.78 -82.64 -9.71
CA ARG Y 390 78.81 -82.76 -8.25
C ARG Y 390 77.43 -83.11 -7.71
N LEU Y 391 76.42 -82.32 -8.11
CA LEU Y 391 75.05 -82.59 -7.71
C LEU Y 391 74.56 -83.90 -8.27
N ASP Y 392 75.07 -84.30 -9.43
CA ASP Y 392 74.77 -85.64 -9.93
C ASP Y 392 75.30 -86.71 -8.98
N HIS Y 393 76.40 -86.42 -8.29
CA HIS Y 393 77.02 -87.40 -7.42
C HIS Y 393 76.37 -87.41 -6.03
N LYS Y 394 76.03 -86.23 -5.50
CA LYS Y 394 75.48 -86.17 -4.15
C LYS Y 394 74.12 -86.85 -4.07
N PHE Y 395 73.34 -86.77 -5.14
CA PHE Y 395 72.03 -87.43 -5.16
C PHE Y 395 72.18 -88.93 -4.92
N ASP Y 396 72.93 -89.61 -5.79
CA ASP Y 396 73.08 -91.05 -5.65
C ASP Y 396 73.77 -91.43 -4.36
N LEU Y 397 74.72 -90.62 -3.90
CA LEU Y 397 75.39 -90.88 -2.63
C LEU Y 397 74.40 -90.91 -1.48
N MET Y 398 73.26 -90.24 -1.62
CA MET Y 398 72.25 -90.21 -0.58
C MET Y 398 70.98 -90.96 -0.94
N TYR Y 399 70.62 -91.02 -2.23
CA TYR Y 399 69.42 -91.73 -2.61
C TYR Y 399 69.55 -93.24 -2.44
N ALA Y 400 70.78 -93.77 -2.44
CA ALA Y 400 70.97 -95.17 -2.11
C ALA Y 400 70.45 -95.46 -0.70
N LYS Y 401 70.90 -94.68 0.28
CA LYS Y 401 70.42 -94.82 1.65
C LYS Y 401 68.95 -94.45 1.79
N ARG Y 402 68.35 -93.84 0.78
CA ARG Y 402 66.95 -93.40 0.81
C ARG Y 402 66.69 -92.48 2.00
N ALA Y 403 67.72 -91.75 2.41
CA ALA Y 403 67.58 -90.84 3.54
C ALA Y 403 66.62 -89.69 3.19
N PHE Y 404 65.92 -89.21 4.21
CA PHE Y 404 65.02 -88.07 4.10
C PHE Y 404 63.88 -88.32 3.12
N VAL Y 405 63.79 -89.53 2.58
CA VAL Y 405 62.82 -89.79 1.52
C VAL Y 405 61.41 -89.81 2.08
N HIS Y 406 61.24 -90.30 3.32
CA HIS Y 406 59.92 -90.38 3.93
C HIS Y 406 59.20 -89.03 3.91
N TRP Y 407 59.95 -87.94 4.04
CA TRP Y 407 59.36 -86.62 3.89
C TRP Y 407 58.65 -86.47 2.55
N TYR Y 408 59.35 -86.81 1.46
CA TYR Y 408 58.82 -86.57 0.13
C TYR Y 408 57.62 -87.46 -0.15
N VAL Y 409 57.78 -88.76 0.02
CA VAL Y 409 56.65 -89.67 -0.14
C VAL Y 409 55.58 -89.42 0.90
N GLY Y 410 55.92 -88.72 1.98
CA GLY Y 410 54.94 -88.35 2.99
C GLY Y 410 54.19 -87.07 2.69
N GLU Y 411 54.62 -86.31 1.69
CA GLU Y 411 53.98 -85.06 1.30
C GLU Y 411 53.45 -85.13 -0.13
N GLY Y 412 53.02 -86.30 -0.57
CA GLY Y 412 52.42 -86.43 -1.88
C GLY Y 412 53.40 -86.61 -3.02
N MET Y 413 54.51 -87.31 -2.77
CA MET Y 413 55.45 -87.65 -3.84
C MET Y 413 55.66 -89.15 -3.88
N GLU Y 414 56.66 -89.59 -4.65
CA GLU Y 414 56.94 -91.00 -4.81
C GLU Y 414 58.41 -91.15 -5.16
N GLU Y 415 58.85 -92.39 -5.39
CA GLU Y 415 60.22 -92.65 -5.77
C GLU Y 415 60.47 -92.39 -7.25
N GLY Y 416 59.42 -92.46 -8.07
CA GLY Y 416 59.60 -92.28 -9.50
C GLY Y 416 60.35 -91.00 -9.83
N GLU Y 417 59.81 -89.85 -9.42
CA GLU Y 417 60.42 -88.57 -9.75
C GLU Y 417 61.87 -88.50 -9.28
N PHE Y 418 62.24 -89.27 -8.25
CA PHE Y 418 63.65 -89.40 -7.92
C PHE Y 418 64.41 -90.02 -9.08
N SER Y 419 63.88 -91.13 -9.62
CA SER Y 419 64.47 -91.75 -10.80
C SER Y 419 64.30 -90.86 -12.02
N GLU Y 420 63.08 -90.36 -12.27
CA GLU Y 420 62.81 -89.56 -13.45
C GLU Y 420 63.78 -88.39 -13.56
N ALA Y 421 63.78 -87.53 -12.54
CA ALA Y 421 64.70 -86.40 -12.55
C ALA Y 421 66.16 -86.84 -12.61
N ARG Y 422 66.47 -88.08 -12.21
CA ARG Y 422 67.86 -88.51 -12.17
C ARG Y 422 68.43 -88.67 -13.57
N GLU Y 423 67.66 -89.29 -14.47
CA GLU Y 423 68.16 -89.58 -15.80
C GLU Y 423 68.37 -88.29 -16.60
N ASP Y 424 67.40 -87.37 -16.53
CA ASP Y 424 67.54 -86.09 -17.23
C ASP Y 424 68.80 -85.36 -16.82
N LEU Y 425 69.25 -85.56 -15.57
CA LEU Y 425 70.54 -85.01 -15.16
C LEU Y 425 71.70 -85.82 -15.73
N ALA Y 426 71.43 -87.05 -16.15
CA ALA Y 426 72.38 -87.77 -16.98
C ALA Y 426 72.15 -87.46 -18.45
N ALA Y 427 70.89 -87.34 -18.87
CA ALA Y 427 70.60 -87.01 -20.26
C ALA Y 427 71.11 -85.63 -20.62
N LEU Y 428 70.97 -84.67 -19.69
CA LEU Y 428 71.56 -83.36 -19.90
C LEU Y 428 73.08 -83.43 -19.95
N GLU Y 429 73.67 -84.24 -19.07
CA GLU Y 429 75.12 -84.23 -18.94
C GLU Y 429 75.81 -84.78 -20.17
N LYS Y 430 75.28 -85.87 -20.74
CA LYS Y 430 75.84 -86.39 -21.97
C LYS Y 430 75.75 -85.37 -23.10
N ASP Y 431 74.66 -84.60 -23.13
CA ASP Y 431 74.51 -83.55 -24.13
C ASP Y 431 75.58 -82.49 -23.98
N PHE Y 432 76.05 -82.24 -22.76
CA PHE Y 432 77.10 -81.23 -22.56
C PHE Y 432 78.43 -81.69 -23.09
N GLU Y 433 78.57 -82.95 -23.49
CA GLU Y 433 79.80 -83.44 -24.09
C GLU Y 433 79.65 -83.81 -25.56
N GLU Y 434 78.41 -83.93 -26.05
CA GLU Y 434 78.20 -84.17 -27.47
C GLU Y 434 78.62 -82.97 -28.30
N VAL Y 435 78.66 -81.79 -27.70
CA VAL Y 435 79.06 -80.58 -28.41
C VAL Y 435 80.56 -80.49 -28.64
N GLY Y 436 81.34 -81.35 -28.00
CA GLY Y 436 82.78 -81.35 -28.16
C GLY Y 436 83.24 -81.71 -29.56
N MET Z 1 -3.50 -68.52 61.76
CA MET Z 1 -3.26 -68.94 60.38
C MET Z 1 -2.72 -70.36 60.32
N ARG Z 2 -1.51 -70.54 60.83
CA ARG Z 2 -0.84 -71.83 60.87
C ARG Z 2 -0.68 -72.18 62.34
N GLU Z 3 -1.72 -72.77 62.93
CA GLU Z 3 -1.79 -73.00 64.36
C GLU Z 3 -2.05 -74.48 64.61
N VAL Z 4 -1.74 -74.91 65.85
CA VAL Z 4 -1.88 -76.32 66.22
C VAL Z 4 -2.57 -76.41 67.57
N ILE Z 5 -3.34 -77.48 67.74
CA ILE Z 5 -4.02 -77.78 68.99
C ILE Z 5 -3.23 -78.88 69.67
N SER Z 6 -2.50 -78.51 70.72
CA SER Z 6 -1.56 -79.42 71.39
C SER Z 6 -2.22 -79.97 72.65
N ILE Z 7 -2.58 -81.24 72.62
CA ILE Z 7 -3.24 -81.91 73.73
C ILE Z 7 -2.19 -82.71 74.51
N HIS Z 8 -2.35 -82.75 75.82
CA HIS Z 8 -1.51 -83.57 76.69
C HIS Z 8 -2.39 -84.41 77.60
N ILE Z 9 -2.14 -85.72 77.62
CA ILE Z 9 -2.95 -86.67 78.38
C ILE Z 9 -2.04 -87.45 79.29
N GLY Z 10 -2.60 -87.95 80.39
CA GLY Z 10 -1.83 -88.74 81.32
C GLY Z 10 -0.85 -87.90 82.11
N GLN Z 11 0.05 -88.60 82.81
CA GLN Z 11 1.09 -87.92 83.57
C GLN Z 11 2.32 -87.63 82.72
N ALA Z 12 2.79 -88.62 81.97
CA ALA Z 12 3.94 -88.39 81.10
C ALA Z 12 3.63 -87.33 80.05
N GLY Z 13 2.44 -87.41 79.44
CA GLY Z 13 2.07 -86.41 78.46
C GLY Z 13 2.15 -85.00 79.00
N ILE Z 14 1.59 -84.78 80.20
CA ILE Z 14 1.64 -83.44 80.76
C ILE Z 14 3.01 -83.16 81.36
N GLN Z 15 3.80 -84.20 81.64
CA GLN Z 15 5.17 -83.96 82.08
C GLN Z 15 6.04 -83.46 80.95
N VAL Z 16 5.89 -84.06 79.75
CA VAL Z 16 6.60 -83.55 78.59
C VAL Z 16 6.09 -82.17 78.21
N GLY Z 17 4.78 -81.95 78.34
CA GLY Z 17 4.22 -80.65 78.04
C GLY Z 17 4.79 -79.54 78.89
N ASN Z 18 5.26 -79.88 80.09
CA ASN Z 18 5.93 -78.89 80.92
C ASN Z 18 7.13 -78.28 80.21
N ALA Z 19 8.01 -79.13 79.70
CA ALA Z 19 9.18 -78.62 78.97
C ALA Z 19 8.77 -77.98 77.66
N CYS Z 20 7.88 -78.63 76.90
CA CYS Z 20 7.42 -78.08 75.63
C CYS Z 20 6.94 -76.65 75.80
N TRP Z 21 6.03 -76.43 76.73
CA TRP Z 21 5.48 -75.10 76.94
C TRP Z 21 6.41 -74.19 77.72
N GLU Z 22 7.53 -74.72 78.22
CA GLU Z 22 8.57 -73.83 78.75
C GLU Z 22 9.54 -73.42 77.64
N LEU Z 23 9.93 -74.39 76.81
CA LEU Z 23 10.79 -74.08 75.67
C LEU Z 23 10.12 -73.09 74.72
N TYR Z 24 8.82 -73.26 74.49
CA TYR Z 24 8.10 -72.38 73.59
C TYR Z 24 8.13 -70.94 74.08
N CYS Z 25 7.65 -70.71 75.31
CA CYS Z 25 7.65 -69.37 75.86
C CYS Z 25 9.05 -68.77 75.88
N LEU Z 26 10.09 -69.61 75.83
CA LEU Z 26 11.44 -69.10 75.82
C LEU Z 26 11.88 -68.66 74.43
N GLU Z 27 11.73 -69.54 73.44
CA GLU Z 27 12.19 -69.22 72.09
C GLU Z 27 11.41 -68.07 71.46
N HIS Z 28 10.24 -67.74 71.99
CA HIS Z 28 9.46 -66.62 71.52
C HIS Z 28 9.51 -65.43 72.46
N GLY Z 29 10.31 -65.51 73.52
CA GLY Z 29 10.44 -64.40 74.43
C GLY Z 29 9.29 -64.19 75.39
N ILE Z 30 8.29 -65.07 75.38
CA ILE Z 30 7.16 -64.93 76.29
C ILE Z 30 7.63 -65.13 77.72
N GLN Z 31 7.19 -64.24 78.61
CA GLN Z 31 7.48 -64.40 80.02
C GLN Z 31 6.54 -65.42 80.63
N PRO Z 32 6.84 -65.92 81.83
CA PRO Z 32 5.89 -66.82 82.50
C PRO Z 32 4.56 -66.18 82.80
N ASP Z 33 4.49 -64.85 82.87
CA ASP Z 33 3.24 -64.16 83.17
C ASP Z 33 2.51 -63.74 81.90
N GLY Z 34 2.40 -64.65 80.94
CA GLY Z 34 1.48 -64.46 79.84
C GLY Z 34 1.93 -63.51 78.75
N GLN Z 35 2.74 -62.51 79.10
CA GLN Z 35 3.04 -61.43 78.17
C GLN Z 35 4.54 -61.21 78.05
N MET Z 36 4.98 -60.93 76.84
CA MET Z 36 6.35 -60.52 76.58
C MET Z 36 6.48 -59.01 76.79
N PRO Z 37 7.69 -58.53 77.07
CA PRO Z 37 7.88 -57.08 77.23
C PRO Z 37 7.61 -56.32 75.94
N SER Z 38 7.66 -55.00 76.01
CA SER Z 38 7.54 -54.20 74.81
C SER Z 38 8.79 -54.24 73.94
N ASP Z 39 9.90 -54.72 74.48
CA ASP Z 39 11.13 -54.81 73.71
C ASP Z 39 10.98 -55.78 72.54
N LYS Z 40 10.69 -57.04 72.85
CA LYS Z 40 10.73 -58.12 71.87
C LYS Z 40 9.84 -57.89 70.66
N THR Z 41 8.97 -56.87 70.69
CA THR Z 41 8.22 -56.52 69.50
C THR Z 41 9.16 -55.99 68.43
N ILE Z 42 8.85 -56.31 67.18
CA ILE Z 42 9.60 -55.82 66.03
C ILE Z 42 8.59 -55.12 65.12
N GLY Z 43 8.47 -53.80 65.27
CA GLY Z 43 7.50 -53.05 64.49
C GLY Z 43 6.12 -53.68 64.59
N GLY Z 44 5.64 -54.23 63.48
CA GLY Z 44 4.46 -55.07 63.51
C GLY Z 44 4.78 -56.46 63.00
N GLY Z 45 4.72 -57.46 63.88
CA GLY Z 45 5.07 -58.80 63.49
C GLY Z 45 4.24 -59.86 64.18
N ASP Z 46 3.63 -60.74 63.39
CA ASP Z 46 2.78 -61.80 63.93
C ASP Z 46 3.22 -63.15 63.38
N ASP Z 47 2.42 -64.19 63.65
CA ASP Z 47 2.63 -65.55 63.15
C ASP Z 47 3.86 -66.16 63.80
N ALA Z 48 4.60 -65.37 64.56
CA ALA Z 48 5.75 -65.90 65.29
C ALA Z 48 5.29 -66.75 66.46
N PHE Z 49 4.13 -66.46 67.03
CA PHE Z 49 3.57 -67.25 68.11
C PHE Z 49 2.16 -67.75 67.84
N ASN Z 50 1.45 -67.17 66.86
CA ASN Z 50 0.09 -67.57 66.56
C ASN Z 50 -0.05 -69.08 66.40
N THR Z 51 1.04 -69.77 66.05
CA THR Z 51 1.01 -71.22 65.99
C THR Z 51 0.83 -71.84 67.37
N PHE Z 52 1.34 -71.20 68.42
CA PHE Z 52 1.36 -71.77 69.75
C PHE Z 52 0.69 -70.90 70.80
N PHE Z 53 0.04 -69.81 70.39
CA PHE Z 53 -0.56 -68.91 71.36
C PHE Z 53 -1.75 -68.21 70.73
N SER Z 54 -2.52 -67.56 71.57
CA SER Z 54 -3.54 -66.62 71.16
C SER Z 54 -3.31 -65.34 71.92
N GLU Z 55 -3.26 -64.22 71.20
CA GLU Z 55 -3.11 -62.93 71.85
C GLU Z 55 -4.43 -62.52 72.47
N THR Z 56 -4.41 -62.17 73.75
CA THR Z 56 -5.60 -61.74 74.44
C THR Z 56 -5.99 -60.34 73.97
N GLY Z 57 -7.02 -59.77 74.59
CA GLY Z 57 -7.41 -58.41 74.25
C GLY Z 57 -6.33 -57.40 74.55
N ALA Z 58 -5.49 -57.67 75.54
CA ALA Z 58 -4.45 -56.72 75.93
C ALA Z 58 -3.34 -57.47 76.65
N GLY Z 59 -2.21 -57.65 75.98
CA GLY Z 59 -0.99 -58.11 76.62
C GLY Z 59 -0.72 -59.59 76.62
N LYS Z 60 -1.55 -60.36 77.31
CA LYS Z 60 -1.23 -61.75 77.61
C LYS Z 60 -1.24 -62.62 76.36
N HIS Z 61 -0.39 -63.64 76.36
CA HIS Z 61 -0.39 -64.70 75.37
C HIS Z 61 -0.81 -65.99 76.06
N VAL Z 62 -1.93 -66.54 75.65
CA VAL Z 62 -2.49 -67.75 76.25
C VAL Z 62 -2.10 -68.94 75.38
N PRO Z 63 -1.50 -69.99 75.94
CA PRO Z 63 -1.08 -71.13 75.12
C PRO Z 63 -2.29 -71.93 74.66
N ARG Z 64 -2.36 -72.17 73.35
CA ARG Z 64 -3.43 -72.97 72.77
C ARG Z 64 -3.15 -74.45 73.01
N CYS Z 65 -3.30 -74.85 74.26
CA CYS Z 65 -3.07 -76.24 74.67
C CYS Z 65 -4.17 -76.70 75.61
N ILE Z 66 -4.10 -77.98 75.96
CA ILE Z 66 -4.99 -78.60 76.94
C ILE Z 66 -4.18 -79.62 77.71
N PHE Z 67 -4.34 -79.63 79.03
CA PHE Z 67 -3.69 -80.59 79.92
C PHE Z 67 -4.79 -81.41 80.57
N LEU Z 68 -5.11 -82.56 80.01
CA LEU Z 68 -6.10 -83.46 80.59
C LEU Z 68 -5.39 -84.45 81.49
N ASP Z 69 -6.07 -84.83 82.58
CA ASP Z 69 -5.53 -85.79 83.53
C ASP Z 69 -6.61 -86.16 84.52
N LEU Z 70 -6.49 -87.37 85.09
CA LEU Z 70 -7.36 -87.84 86.14
C LEU Z 70 -6.73 -87.82 87.51
N GLU Z 71 -5.42 -88.04 87.60
CA GLU Z 71 -4.66 -87.94 88.83
C GLU Z 71 -4.54 -86.46 89.20
N PRO Z 72 -5.18 -86.02 90.28
CA PRO Z 72 -5.19 -84.59 90.58
C PRO Z 72 -3.82 -84.01 90.89
N THR Z 73 -2.82 -84.85 91.15
CA THR Z 73 -1.60 -84.39 91.80
C THR Z 73 -0.75 -83.52 90.87
N VAL Z 74 -0.60 -83.92 89.61
CA VAL Z 74 0.30 -83.17 88.74
C VAL Z 74 -0.34 -81.90 88.24
N VAL Z 75 -1.63 -81.95 87.87
CA VAL Z 75 -2.28 -80.77 87.34
C VAL Z 75 -2.34 -79.66 88.39
N ASP Z 76 -2.47 -80.02 89.66
CA ASP Z 76 -2.45 -78.98 90.68
C ASP Z 76 -1.02 -78.50 90.94
N GLU Z 77 -0.03 -79.34 90.65
CA GLU Z 77 1.35 -78.89 90.76
C GLU Z 77 1.65 -77.81 89.73
N VAL Z 78 1.23 -78.03 88.48
CA VAL Z 78 1.35 -76.98 87.47
C VAL Z 78 0.56 -75.76 87.88
N ARG Z 79 -0.62 -75.96 88.46
CA ARG Z 79 -1.38 -74.86 89.03
C ARG Z 79 -0.55 -74.10 90.07
N THR Z 80 0.36 -74.80 90.73
CA THR Z 80 1.22 -74.18 91.74
C THR Z 80 2.53 -73.69 91.15
N GLY Z 81 3.04 -74.37 90.13
CA GLY Z 81 4.33 -74.03 89.54
C GLY Z 81 4.35 -72.62 88.96
N THR Z 82 5.57 -72.20 88.61
CA THR Z 82 5.76 -70.84 88.12
C THR Z 82 4.99 -70.58 86.83
N TYR Z 83 4.75 -71.63 86.05
CA TYR Z 83 3.98 -71.50 84.80
C TYR Z 83 2.50 -71.74 85.06
N ARG Z 84 1.92 -70.85 85.85
CA ARG Z 84 0.48 -70.86 86.12
C ARG Z 84 -0.23 -69.65 85.54
N GLN Z 85 0.44 -68.50 85.49
CA GLN Z 85 -0.15 -67.32 84.85
C GLN Z 85 -0.30 -67.52 83.34
N LEU Z 86 0.36 -68.53 82.78
CA LEU Z 86 0.19 -68.81 81.36
C LEU Z 86 -1.16 -69.46 81.11
N PHE Z 87 -1.47 -70.52 81.85
CA PHE Z 87 -2.66 -71.32 81.58
C PHE Z 87 -3.88 -70.70 82.24
N HIS Z 88 -4.94 -70.54 81.47
CA HIS Z 88 -6.22 -70.19 82.06
C HIS Z 88 -6.72 -71.39 82.86
N PRO Z 89 -7.07 -71.20 84.13
CA PRO Z 89 -7.36 -72.34 85.01
C PRO Z 89 -8.32 -73.37 84.43
N GLU Z 90 -9.13 -72.98 83.47
CA GLU Z 90 -10.03 -73.94 82.83
C GLU Z 90 -9.34 -74.81 81.79
N GLN Z 91 -8.09 -74.49 81.42
CA GLN Z 91 -7.33 -75.40 80.57
C GLN Z 91 -6.97 -76.67 81.31
N LEU Z 92 -6.45 -76.51 82.53
CA LEU Z 92 -5.96 -77.64 83.32
C LEU Z 92 -7.14 -78.44 83.84
N ILE Z 93 -7.58 -79.41 83.07
CA ILE Z 93 -8.66 -80.29 83.49
C ILE Z 93 -8.10 -81.29 84.50
N SER Z 94 -8.97 -81.82 85.35
CA SER Z 94 -8.58 -82.79 86.34
C SER Z 94 -9.77 -83.68 86.65
N GLY Z 95 -9.59 -84.52 87.68
CA GLY Z 95 -10.65 -85.41 88.11
C GLY Z 95 -10.36 -85.91 89.49
N LYS Z 96 -11.42 -86.27 90.21
CA LYS Z 96 -11.26 -86.74 91.58
C LYS Z 96 -10.46 -88.04 91.64
N GLU Z 97 -10.59 -88.89 90.63
CA GLU Z 97 -10.09 -90.26 90.69
C GLU Z 97 -9.32 -90.57 89.41
N ASP Z 98 -8.33 -91.46 89.54
CA ASP Z 98 -7.49 -91.86 88.43
C ASP Z 98 -7.91 -93.24 87.92
N ALA Z 99 -7.30 -93.62 86.79
CA ALA Z 99 -7.62 -94.91 86.18
C ALA Z 99 -6.88 -96.07 86.82
N ALA Z 100 -5.73 -95.80 87.42
CA ALA Z 100 -4.97 -96.81 88.17
C ALA Z 100 -4.52 -97.96 87.28
N ASN Z 101 -3.92 -97.61 86.13
CA ASN Z 101 -3.33 -98.58 85.21
C ASN Z 101 -4.33 -99.65 84.78
N ASN Z 102 -5.53 -99.22 84.42
CA ASN Z 102 -6.55 -100.11 83.88
C ASN Z 102 -7.16 -99.45 82.65
N PHE Z 103 -7.01 -100.11 81.50
CA PHE Z 103 -7.60 -99.57 80.28
C PHE Z 103 -9.11 -99.45 80.40
N ALA Z 104 -9.75 -100.38 81.11
CA ALA Z 104 -11.20 -100.32 81.26
C ALA Z 104 -11.62 -99.06 82.00
N ARG Z 105 -10.95 -98.76 83.11
CA ARG Z 105 -11.26 -97.53 83.84
C ARG Z 105 -10.90 -96.29 83.03
N GLY Z 106 -9.92 -96.41 82.13
CA GLY Z 106 -9.60 -95.28 81.28
C GLY Z 106 -10.56 -95.12 80.11
N HIS Z 107 -11.15 -96.21 79.66
CA HIS Z 107 -11.99 -96.19 78.47
C HIS Z 107 -13.47 -96.31 78.77
N TYR Z 108 -13.87 -97.28 79.60
CA TYR Z 108 -15.28 -97.58 79.73
C TYR Z 108 -15.95 -96.87 80.90
N THR Z 109 -15.24 -96.70 82.02
CA THR Z 109 -15.88 -96.26 83.26
C THR Z 109 -15.76 -94.75 83.48
N ILE Z 110 -14.54 -94.23 83.60
CA ILE Z 110 -14.35 -92.88 84.10
C ILE Z 110 -14.14 -91.91 82.95
N GLY Z 111 -13.55 -92.39 81.86
CA GLY Z 111 -13.35 -91.52 80.71
C GLY Z 111 -14.64 -91.04 80.09
N LYS Z 112 -15.68 -91.88 80.12
CA LYS Z 112 -16.92 -91.57 79.43
C LYS Z 112 -17.58 -90.29 79.95
N GLU Z 113 -17.24 -89.85 81.15
CA GLU Z 113 -17.94 -88.73 81.77
C GLU Z 113 -17.18 -87.41 81.69
N ILE Z 114 -15.94 -87.41 81.21
CA ILE Z 114 -15.19 -86.18 81.05
C ILE Z 114 -14.87 -85.86 79.60
N VAL Z 115 -15.14 -86.77 78.67
CA VAL Z 115 -14.91 -86.46 77.26
C VAL Z 115 -15.82 -85.33 76.82
N ASP Z 116 -17.04 -85.27 77.37
CA ASP Z 116 -18.01 -84.27 76.96
C ASP Z 116 -17.47 -82.88 77.18
N LEU Z 117 -16.87 -82.64 78.35
CA LEU Z 117 -16.32 -81.31 78.61
C LEU Z 117 -15.02 -81.09 77.86
N ALA Z 118 -14.18 -82.12 77.76
CA ALA Z 118 -12.95 -81.98 76.98
C ALA Z 118 -13.26 -81.68 75.52
N LEU Z 119 -14.25 -82.35 74.95
CA LEU Z 119 -14.69 -82.01 73.60
C LEU Z 119 -15.24 -80.59 73.54
N ASP Z 120 -15.87 -80.12 74.62
CA ASP Z 120 -16.33 -78.74 74.62
C ASP Z 120 -15.15 -77.79 74.72
N ARG Z 121 -14.13 -78.14 75.50
CA ARG Z 121 -12.94 -77.31 75.58
C ARG Z 121 -12.23 -77.26 74.24
N ILE Z 122 -12.14 -78.39 73.55
CA ILE Z 122 -11.56 -78.39 72.21
C ILE Z 122 -12.39 -77.53 71.27
N ARG Z 123 -13.71 -77.67 71.33
CA ARG Z 123 -14.59 -76.87 70.49
C ARG Z 123 -14.33 -75.38 70.71
N LYS Z 124 -14.21 -74.97 71.97
CA LYS Z 124 -13.92 -73.57 72.25
C LYS Z 124 -12.49 -73.21 71.84
N LEU Z 125 -11.66 -74.21 71.58
CA LEU Z 125 -10.28 -73.94 71.21
C LEU Z 125 -10.06 -74.03 69.71
N ALA Z 126 -10.67 -75.03 69.06
CA ALA Z 126 -10.54 -75.16 67.62
C ALA Z 126 -11.18 -73.99 66.89
N ASP Z 127 -12.27 -73.45 67.44
CA ASP Z 127 -12.99 -72.38 66.75
C ASP Z 127 -12.14 -71.12 66.63
N ASN Z 128 -11.26 -70.87 67.60
CA ASN Z 128 -10.42 -69.68 67.53
C ASN Z 128 -9.36 -69.79 66.45
N CYS Z 129 -9.14 -70.99 65.91
CA CYS Z 129 -8.10 -71.22 64.92
C CYS Z 129 -8.68 -71.04 63.52
N THR Z 130 -8.20 -70.02 62.81
CA THR Z 130 -8.64 -69.84 61.42
C THR Z 130 -8.24 -71.04 60.58
N GLY Z 131 -6.93 -71.26 60.44
CA GLY Z 131 -6.45 -72.46 59.78
C GLY Z 131 -5.80 -73.39 60.77
N LEU Z 132 -6.45 -74.51 61.07
CA LEU Z 132 -5.95 -75.47 62.03
C LEU Z 132 -5.11 -76.50 61.30
N GLN Z 133 -3.80 -76.48 61.55
CA GLN Z 133 -2.92 -77.42 60.87
C GLN Z 133 -3.21 -78.87 61.28
N GLY Z 134 -3.38 -79.10 62.57
CA GLY Z 134 -3.73 -80.43 63.03
C GLY Z 134 -3.63 -80.52 64.53
N PHE Z 135 -4.19 -81.61 65.05
CA PHE Z 135 -4.10 -81.92 66.47
C PHE Z 135 -2.75 -82.57 66.75
N LEU Z 136 -2.18 -82.24 67.89
CA LEU Z 136 -0.87 -82.74 68.29
C LEU Z 136 -1.00 -83.39 69.66
N VAL Z 137 -1.17 -84.70 69.67
CA VAL Z 137 -1.48 -85.45 70.88
C VAL Z 137 -0.18 -85.88 71.55
N PHE Z 138 -0.16 -85.82 72.88
CA PHE Z 138 0.93 -86.35 73.68
C PHE Z 138 0.33 -87.45 74.55
N ASN Z 139 0.23 -88.65 73.99
CA ASN Z 139 -0.22 -89.78 74.78
C ASN Z 139 0.95 -90.35 75.58
N ALA Z 140 0.64 -91.34 76.41
CA ALA Z 140 1.67 -92.12 77.09
C ALA Z 140 1.10 -93.53 77.27
N VAL Z 141 1.35 -94.37 76.27
CA VAL Z 141 0.81 -95.72 76.30
C VAL Z 141 1.44 -96.47 77.47
N GLY Z 142 0.66 -97.37 78.05
CA GLY Z 142 1.10 -98.13 79.21
C GLY Z 142 0.50 -97.70 80.52
N GLY Z 143 -0.36 -96.68 80.52
CA GLY Z 143 -1.03 -96.26 81.73
C GLY Z 143 -2.53 -96.28 81.58
N GLY Z 144 -3.24 -96.29 82.71
CA GLY Z 144 -4.70 -96.33 82.64
C GLY Z 144 -5.28 -95.12 81.94
N THR Z 145 -4.84 -93.92 82.33
CA THR Z 145 -5.32 -92.70 81.70
C THR Z 145 -4.90 -92.66 80.24
N GLY Z 146 -3.58 -92.71 79.99
CA GLY Z 146 -3.05 -92.60 78.64
C GLY Z 146 -3.73 -93.48 77.62
N SER Z 147 -3.79 -94.79 77.89
CA SER Z 147 -4.41 -95.72 76.97
C SER Z 147 -5.92 -95.48 76.84
N GLY Z 148 -6.62 -95.50 77.97
CA GLY Z 148 -8.07 -95.43 77.92
C GLY Z 148 -8.60 -94.11 77.42
N LEU Z 149 -8.02 -93.01 77.89
CA LEU Z 149 -8.51 -91.69 77.49
C LEU Z 149 -8.07 -91.35 76.07
N GLY Z 150 -6.78 -91.52 75.78
CA GLY Z 150 -6.32 -91.37 74.41
C GLY Z 150 -7.17 -92.14 73.42
N SER Z 151 -7.50 -93.39 73.75
CA SER Z 151 -8.41 -94.15 72.90
C SER Z 151 -9.78 -93.50 72.83
N LEU Z 152 -10.41 -93.27 73.98
CA LEU Z 152 -11.75 -92.69 74.00
C LEU Z 152 -11.78 -91.34 73.32
N LEU Z 153 -10.74 -90.54 73.49
CA LEU Z 153 -10.71 -89.23 72.84
C LEU Z 153 -10.59 -89.38 71.33
N LEU Z 154 -9.65 -90.19 70.85
CA LEU Z 154 -9.40 -90.29 69.42
C LEU Z 154 -10.62 -90.81 68.67
N GLU Z 155 -11.49 -91.56 69.34
CA GLU Z 155 -12.76 -91.94 68.72
C GLU Z 155 -13.67 -90.73 68.59
N ARG Z 156 -13.74 -89.91 69.65
CA ARG Z 156 -14.60 -88.73 69.61
C ARG Z 156 -14.11 -87.74 68.55
N LEU Z 157 -12.80 -87.55 68.46
CA LEU Z 157 -12.26 -86.67 67.43
C LEU Z 157 -12.58 -87.19 66.04
N SER Z 158 -12.24 -88.44 65.76
CA SER Z 158 -12.39 -88.98 64.41
C SER Z 158 -13.85 -89.04 63.99
N VAL Z 159 -14.77 -89.21 64.94
CA VAL Z 159 -16.18 -89.17 64.55
C VAL Z 159 -16.63 -87.73 64.37
N ASP Z 160 -15.89 -86.78 64.93
CA ASP Z 160 -16.19 -85.37 64.70
C ASP Z 160 -15.64 -84.90 63.36
N TYR Z 161 -14.31 -84.96 63.21
CA TYR Z 161 -13.67 -84.45 62.00
C TYR Z 161 -13.45 -85.56 60.96
N GLY Z 162 -12.70 -86.59 61.32
CA GLY Z 162 -12.37 -87.64 60.37
C GLY Z 162 -11.27 -87.21 59.42
N LYS Z 163 -11.53 -86.16 58.65
CA LYS Z 163 -10.53 -85.68 57.70
C LYS Z 163 -9.31 -85.12 58.43
N LYS Z 164 -9.54 -84.35 59.49
CA LYS Z 164 -8.46 -83.61 60.12
C LYS Z 164 -7.37 -84.55 60.63
N SER Z 165 -6.13 -84.10 60.50
CA SER Z 165 -4.97 -84.93 60.79
C SER Z 165 -4.68 -84.97 62.29
N LYS Z 166 -4.45 -86.18 62.80
CA LYS Z 166 -4.08 -86.40 64.20
C LYS Z 166 -2.66 -86.94 64.23
N LEU Z 167 -1.75 -86.16 64.78
CA LEU Z 167 -0.35 -86.51 64.89
C LEU Z 167 0.01 -86.68 66.35
N GLY Z 168 0.40 -87.89 66.73
CA GLY Z 168 0.63 -88.23 68.13
C GLY Z 168 2.09 -88.53 68.40
N PHE Z 169 2.50 -88.34 69.65
CA PHE Z 169 3.86 -88.63 70.13
C PHE Z 169 3.72 -89.52 71.35
N THR Z 170 3.68 -90.83 71.14
CA THR Z 170 3.42 -91.78 72.21
C THR Z 170 4.72 -92.41 72.69
N VAL Z 171 4.92 -92.41 74.00
CA VAL Z 171 5.98 -93.22 74.60
C VAL Z 171 5.47 -94.66 74.65
N TYR Z 172 6.36 -95.60 74.40
CA TYR Z 172 5.94 -96.97 74.29
C TYR Z 172 6.67 -97.81 75.34
N PRO Z 173 6.06 -98.88 75.84
CA PRO Z 173 6.73 -99.71 76.85
C PRO Z 173 8.02 -100.29 76.33
N SER Z 174 9.14 -99.87 76.93
CA SER Z 174 10.43 -100.37 76.50
C SER Z 174 10.52 -101.86 76.80
N PRO Z 175 11.17 -102.65 75.94
CA PRO Z 175 11.21 -104.10 76.17
C PRO Z 175 11.91 -104.47 77.47
N GLN Z 176 13.06 -103.86 77.76
CA GLN Z 176 13.79 -104.20 78.97
C GLN Z 176 13.24 -103.45 80.18
N VAL Z 177 13.36 -102.13 80.17
CA VAL Z 177 12.89 -101.33 81.31
C VAL Z 177 11.39 -101.20 81.25
N SER Z 178 10.72 -101.58 82.35
CA SER Z 178 9.27 -101.50 82.43
C SER Z 178 8.89 -101.24 83.87
N THR Z 179 8.05 -100.23 84.09
CA THR Z 179 7.65 -99.82 85.42
C THR Z 179 6.23 -100.25 85.78
N ALA Z 180 5.63 -101.12 84.96
CA ALA Z 180 4.32 -101.67 85.26
C ALA Z 180 4.41 -103.18 85.08
N VAL Z 181 3.30 -103.87 85.32
CA VAL Z 181 3.27 -105.32 85.25
C VAL Z 181 2.22 -105.76 84.25
N VAL Z 182 1.20 -104.93 84.06
CA VAL Z 182 0.07 -105.27 83.20
C VAL Z 182 0.08 -104.47 81.91
N GLU Z 183 1.07 -103.59 81.72
CA GLU Z 183 1.04 -102.67 80.60
C GLU Z 183 0.98 -103.33 79.22
N PRO Z 184 1.45 -104.56 78.99
CA PRO Z 184 1.13 -105.21 77.71
C PRO Z 184 -0.35 -105.25 77.40
N TYR Z 185 -1.19 -105.34 78.43
CA TYR Z 185 -2.63 -105.39 78.23
C TYR Z 185 -3.14 -104.08 77.64
N ASN Z 186 -2.97 -102.98 78.35
CA ASN Z 186 -3.48 -101.70 77.87
C ASN Z 186 -2.79 -101.26 76.59
N SER Z 187 -1.55 -101.67 76.38
CA SER Z 187 -0.86 -101.35 75.14
C SER Z 187 -1.61 -101.89 73.93
N VAL Z 188 -1.81 -103.21 73.88
CA VAL Z 188 -2.45 -103.81 72.72
C VAL Z 188 -3.88 -103.30 72.56
N LEU Z 189 -4.52 -102.94 73.68
CA LEU Z 189 -5.87 -102.41 73.59
C LEU Z 189 -5.88 -100.99 73.08
N SER Z 190 -4.79 -100.25 73.29
CA SER Z 190 -4.70 -98.90 72.74
C SER Z 190 -4.44 -98.93 71.25
N THR Z 191 -3.57 -99.84 70.80
CA THR Z 191 -3.18 -99.89 69.39
C THR Z 191 -4.39 -100.16 68.50
N HIS Z 192 -5.21 -101.15 68.85
CA HIS Z 192 -6.35 -101.51 68.02
C HIS Z 192 -7.25 -100.30 67.76
N SER Z 193 -7.38 -99.42 68.75
CA SER Z 193 -8.23 -98.26 68.58
C SER Z 193 -7.55 -97.11 67.86
N LEU Z 194 -6.25 -96.90 68.11
CA LEU Z 194 -5.59 -95.72 67.55
C LEU Z 194 -5.31 -95.88 66.06
N LEU Z 195 -4.98 -97.09 65.60
CA LEU Z 195 -4.68 -97.31 64.18
C LEU Z 195 -5.78 -96.74 63.29
N GLU Z 196 -7.01 -97.21 63.49
CA GLU Z 196 -8.12 -96.75 62.66
C GLU Z 196 -8.45 -95.28 62.86
N HIS Z 197 -7.86 -94.63 63.87
CA HIS Z 197 -8.27 -93.29 64.24
C HIS Z 197 -7.17 -92.24 64.05
N THR Z 198 -5.97 -92.48 64.58
CA THR Z 198 -4.89 -91.54 64.33
C THR Z 198 -4.47 -91.61 62.86
N ASP Z 199 -3.84 -90.54 62.40
CA ASP Z 199 -3.41 -90.47 61.00
C ASP Z 199 -1.91 -90.68 60.82
N VAL Z 200 -1.11 -90.35 61.84
CA VAL Z 200 0.33 -90.63 61.84
C VAL Z 200 0.81 -90.62 63.28
N ALA Z 201 1.66 -91.59 63.62
CA ALA Z 201 1.96 -91.88 65.03
C ALA Z 201 3.44 -92.14 65.21
N VAL Z 202 4.17 -91.14 65.66
CA VAL Z 202 5.55 -91.32 66.06
C VAL Z 202 5.61 -92.09 67.36
N MET Z 203 6.57 -92.98 67.50
CA MET Z 203 6.80 -93.71 68.73
C MET Z 203 8.18 -93.40 69.27
N LEU Z 204 8.35 -93.60 70.58
CA LEU Z 204 9.65 -93.45 71.22
C LEU Z 204 9.59 -94.13 72.58
N ASP Z 205 10.77 -94.46 73.11
CA ASP Z 205 10.89 -95.22 74.36
C ASP Z 205 11.85 -94.52 75.31
N ASN Z 206 11.64 -94.76 76.60
CA ASN Z 206 12.53 -94.17 77.60
C ASN Z 206 13.93 -94.75 77.53
N GLU Z 207 14.05 -96.03 77.18
CA GLU Z 207 15.35 -96.70 77.21
C GLU Z 207 16.33 -96.05 76.24
N ALA Z 208 15.92 -95.85 74.99
CA ALA Z 208 16.85 -95.35 74.00
C ALA Z 208 17.32 -93.94 74.34
N ILE Z 209 16.44 -93.12 74.90
CA ILE Z 209 16.82 -91.76 75.24
C ILE Z 209 17.71 -91.75 76.48
N TYR Z 210 17.56 -92.74 77.35
CA TYR Z 210 18.51 -92.92 78.45
C TYR Z 210 19.91 -93.16 77.90
N ASP Z 211 20.02 -94.07 76.93
CA ASP Z 211 21.32 -94.33 76.30
C ASP Z 211 21.84 -93.09 75.59
N ILE Z 212 20.96 -92.39 74.87
CA ILE Z 212 21.37 -91.17 74.16
C ILE Z 212 22.00 -90.18 75.12
N CYS Z 213 21.36 -89.97 76.26
CA CYS Z 213 21.93 -89.11 77.29
C CYS Z 213 23.22 -89.68 77.83
N ARG Z 214 23.36 -91.01 77.83
CA ARG Z 214 24.56 -91.63 78.36
C ARG Z 214 25.71 -91.54 77.36
N ARG Z 215 25.49 -91.98 76.13
CA ARG Z 215 26.54 -91.94 75.12
C ARG Z 215 27.00 -90.52 74.86
N SER Z 216 26.10 -89.70 74.30
CA SER Z 216 26.51 -88.39 73.79
C SER Z 216 26.61 -87.36 74.91
N LEU Z 217 25.49 -87.08 75.58
CA LEU Z 217 25.49 -86.06 76.62
C LEU Z 217 26.36 -86.46 77.80
N ASP Z 218 26.52 -87.76 78.03
CA ASP Z 218 27.37 -88.31 79.09
C ASP Z 218 26.97 -87.73 80.46
N ILE Z 219 25.74 -88.05 80.86
CA ILE Z 219 25.23 -87.68 82.16
C ILE Z 219 24.85 -88.96 82.88
N GLU Z 220 25.54 -89.26 83.98
CA GLU Z 220 25.28 -90.46 84.76
C GLU Z 220 24.02 -90.36 85.61
N ARG Z 221 23.40 -89.19 85.68
CA ARG Z 221 22.24 -88.95 86.54
C ARG Z 221 21.07 -88.42 85.72
N PRO Z 222 20.51 -89.23 84.84
CA PRO Z 222 19.34 -88.79 84.07
C PRO Z 222 18.05 -88.95 84.85
N THR Z 223 17.11 -88.05 84.56
CA THR Z 223 15.81 -88.07 85.19
C THR Z 223 14.77 -87.70 84.13
N TYR Z 224 13.51 -87.77 84.52
CA TYR Z 224 12.43 -87.54 83.56
C TYR Z 224 12.49 -86.14 82.97
N THR Z 225 13.07 -85.18 83.69
CA THR Z 225 13.17 -83.84 83.12
C THR Z 225 14.06 -83.82 81.89
N ASN Z 226 15.09 -84.66 81.86
CA ASN Z 226 15.99 -84.68 80.72
C ASN Z 226 15.32 -85.25 79.49
N LEU Z 227 14.61 -86.37 79.65
CA LEU Z 227 13.86 -86.92 78.53
C LEU Z 227 12.90 -85.86 77.97
N ASN Z 228 12.21 -85.15 78.86
CA ASN Z 228 11.23 -84.17 78.43
C ASN Z 228 11.88 -83.04 77.63
N ARG Z 229 13.10 -82.64 78.02
CA ARG Z 229 13.78 -81.58 77.30
C ARG Z 229 14.07 -81.97 75.86
N LEU Z 230 14.52 -83.21 75.64
CA LEU Z 230 14.82 -83.65 74.28
C LEU Z 230 13.57 -83.73 73.43
N ILE Z 231 12.48 -84.28 73.98
CA ILE Z 231 11.21 -84.29 73.25
C ILE Z 231 10.79 -82.87 72.93
N ALA Z 232 11.02 -81.94 73.85
CA ALA Z 232 10.78 -80.53 73.56
C ALA Z 232 11.62 -80.06 72.39
N GLN Z 233 12.90 -80.47 72.35
CA GLN Z 233 13.77 -80.05 71.26
C GLN Z 233 13.33 -80.67 69.94
N VAL Z 234 12.86 -81.91 69.97
CA VAL Z 234 12.37 -82.55 68.75
C VAL Z 234 11.23 -81.75 68.14
N ILE Z 235 10.23 -81.42 68.95
CA ILE Z 235 9.03 -80.80 68.41
C ILE Z 235 9.31 -79.35 67.99
N SER Z 236 10.22 -78.67 68.68
CA SER Z 236 10.63 -77.34 68.23
C SER Z 236 11.22 -77.41 66.83
N SER Z 237 11.96 -78.47 66.52
CA SER Z 237 12.56 -78.60 65.20
C SER Z 237 11.50 -78.87 64.14
N LEU Z 238 10.51 -79.70 64.47
CA LEU Z 238 9.46 -80.01 63.51
C LEU Z 238 8.66 -78.76 63.13
N THR Z 239 8.12 -78.09 64.14
CA THR Z 239 7.12 -77.05 63.94
C THR Z 239 7.71 -75.70 63.60
N ALA Z 240 9.05 -75.56 63.60
CA ALA Z 240 9.66 -74.29 63.22
C ALA Z 240 9.42 -73.97 61.76
N SER Z 241 9.22 -74.99 60.91
CA SER Z 241 8.82 -74.72 59.54
C SER Z 241 7.43 -74.09 59.50
N LEU Z 242 6.58 -74.45 60.46
CA LEU Z 242 5.26 -73.85 60.56
C LEU Z 242 5.35 -72.37 60.94
N ARG Z 243 6.29 -72.02 61.82
CA ARG Z 243 6.31 -70.67 62.40
C ARG Z 243 7.60 -69.92 62.11
N PHE Z 244 8.32 -70.26 61.05
CA PHE Z 244 9.53 -69.51 60.73
C PHE Z 244 9.73 -69.56 59.22
N ASP Z 245 10.81 -68.95 58.77
CA ASP Z 245 11.16 -68.91 57.37
C ASP Z 245 12.42 -69.73 57.12
N GLY Z 246 12.64 -70.04 55.85
CA GLY Z 246 13.76 -70.87 55.44
C GLY Z 246 13.37 -71.59 54.16
N ALA Z 247 14.37 -71.89 53.35
CA ALA Z 247 14.11 -72.60 52.11
C ALA Z 247 13.51 -73.97 52.41
N LEU Z 248 12.61 -74.41 51.52
CA LEU Z 248 11.92 -75.68 51.65
C LEU Z 248 11.14 -75.76 52.97
N ASN Z 249 10.14 -74.88 53.06
CA ASN Z 249 9.24 -74.91 54.20
C ASN Z 249 8.43 -76.20 54.19
N VAL Z 250 7.86 -76.53 55.35
CA VAL Z 250 7.20 -77.80 55.58
C VAL Z 250 5.89 -77.58 56.32
N ASP Z 251 4.80 -78.16 55.82
CA ASP Z 251 3.53 -78.18 56.52
C ASP Z 251 3.06 -79.61 56.69
N ILE Z 252 2.24 -79.82 57.72
CA ILE Z 252 1.83 -81.17 58.10
C ILE Z 252 1.13 -81.88 56.96
N THR Z 253 0.37 -81.14 56.14
CA THR Z 253 -0.35 -81.77 55.03
C THR Z 253 0.59 -82.56 54.14
N GLU Z 254 1.54 -81.88 53.50
CA GLU Z 254 2.50 -82.59 52.67
C GLU Z 254 3.33 -83.56 53.49
N PHE Z 255 3.70 -83.16 54.71
CA PHE Z 255 4.54 -84.01 55.54
C PHE Z 255 3.93 -85.40 55.71
N GLN Z 256 2.62 -85.46 55.78
CA GLN Z 256 1.93 -86.74 55.91
C GLN Z 256 1.73 -87.42 54.58
N THR Z 257 1.63 -86.66 53.49
CA THR Z 257 1.46 -87.26 52.18
C THR Z 257 2.68 -88.08 51.77
N ASN Z 258 3.86 -87.45 51.80
CA ASN Z 258 5.07 -88.09 51.30
C ASN Z 258 5.85 -88.84 52.37
N LEU Z 259 5.18 -89.28 53.44
CA LEU Z 259 5.79 -90.16 54.43
C LEU Z 259 4.97 -91.38 54.78
N VAL Z 260 3.66 -91.38 54.51
CA VAL Z 260 2.83 -92.51 54.86
C VAL Z 260 2.33 -93.15 53.56
N PRO Z 261 3.11 -94.04 52.94
CA PRO Z 261 2.69 -94.59 51.64
C PRO Z 261 1.41 -95.38 51.72
N TYR Z 262 1.24 -96.17 52.76
CA TYR Z 262 0.03 -96.96 52.86
C TYR Z 262 -0.79 -96.54 54.08
N PRO Z 263 -2.11 -96.69 54.02
CA PRO Z 263 -2.94 -96.20 55.14
C PRO Z 263 -2.54 -96.78 56.48
N ARG Z 264 -2.31 -98.10 56.55
CA ARG Z 264 -1.99 -98.73 57.82
C ARG Z 264 -0.62 -98.30 58.32
N ILE Z 265 0.40 -98.42 57.47
CA ILE Z 265 1.79 -98.25 57.89
C ILE Z 265 2.05 -96.75 58.03
N HIS Z 266 1.93 -96.24 59.26
CA HIS Z 266 2.25 -94.85 59.53
C HIS Z 266 3.15 -94.64 60.72
N PHE Z 267 3.42 -95.68 61.52
CA PHE Z 267 4.38 -95.56 62.59
C PHE Z 267 5.75 -95.21 62.04
N MET Z 268 6.57 -94.58 62.87
CA MET Z 268 7.86 -94.10 62.39
C MET Z 268 8.79 -93.88 63.58
N LEU Z 269 10.08 -93.87 63.27
CA LEU Z 269 11.12 -93.63 64.26
C LEU Z 269 11.55 -92.17 64.24
N SER Z 270 12.29 -91.77 65.26
CA SER Z 270 12.78 -90.41 65.36
C SER Z 270 14.25 -90.43 65.76
N SER Z 271 14.92 -89.31 65.53
CA SER Z 271 16.33 -89.17 65.84
C SER Z 271 16.67 -87.69 65.83
N TYR Z 272 17.57 -87.30 66.72
CA TYR Z 272 17.95 -85.90 66.85
C TYR Z 272 19.46 -85.80 66.94
N ALA Z 273 19.99 -84.73 66.36
CA ALA Z 273 21.43 -84.49 66.35
C ALA Z 273 21.69 -83.05 65.97
N PRO Z 274 22.72 -82.40 66.54
CA PRO Z 274 23.63 -82.97 67.53
C PRO Z 274 23.09 -82.85 68.95
N ILE Z 275 23.48 -83.80 69.81
CA ILE Z 275 23.07 -83.81 71.21
C ILE Z 275 24.36 -83.83 72.03
N ILE Z 276 24.86 -82.65 72.39
CA ILE Z 276 26.18 -82.53 72.97
C ILE Z 276 26.19 -81.41 74.00
N SER Z 277 27.17 -81.46 74.89
CA SER Z 277 27.35 -80.45 75.93
C SER Z 277 28.18 -79.29 75.40
N ALA Z 278 28.64 -78.43 76.30
CA ALA Z 278 29.38 -77.23 75.89
C ALA Z 278 30.76 -77.59 75.35
N GLU Z 279 31.53 -78.36 76.12
CA GLU Z 279 32.90 -78.65 75.71
C GLU Z 279 32.94 -79.42 74.41
N LYS Z 280 32.00 -80.33 74.20
CA LYS Z 280 31.86 -81.00 72.90
C LYS Z 280 31.80 -79.97 71.78
N ALA Z 281 30.80 -79.08 71.84
CA ALA Z 281 30.66 -78.05 70.81
C ALA Z 281 31.93 -77.25 70.62
N TYR Z 282 32.78 -77.19 71.65
CA TYR Z 282 34.01 -76.42 71.53
C TYR Z 282 35.05 -77.16 70.70
N HIS Z 283 35.07 -78.49 70.79
CA HIS Z 283 35.96 -79.29 69.94
C HIS Z 283 35.24 -79.87 68.73
N GLU Z 284 34.48 -79.08 67.97
CA GLU Z 284 33.79 -79.58 66.79
C GLU Z 284 33.65 -78.46 65.76
N GLN Z 285 33.06 -78.81 64.62
CA GLN Z 285 32.72 -77.84 63.58
C GLN Z 285 31.26 -78.04 63.19
N LEU Z 286 30.77 -79.27 63.34
CA LEU Z 286 29.38 -79.63 63.08
C LEU Z 286 28.99 -79.33 61.62
N SER Z 287 29.65 -80.03 60.71
CA SER Z 287 29.22 -79.98 59.33
C SER Z 287 27.84 -80.64 59.20
N VAL Z 288 27.10 -80.21 58.18
CA VAL Z 288 25.78 -80.76 57.93
C VAL Z 288 25.86 -82.26 57.64
N ALA Z 289 26.96 -82.70 57.03
CA ALA Z 289 27.14 -84.12 56.77
C ALA Z 289 27.44 -84.87 58.05
N GLU Z 290 28.26 -84.27 58.92
CA GLU Z 290 28.49 -84.83 60.25
C GLU Z 290 27.17 -85.08 60.98
N ILE Z 291 26.30 -84.06 61.00
CA ILE Z 291 25.05 -84.20 61.74
C ILE Z 291 24.14 -85.21 61.05
N THR Z 292 24.22 -85.29 59.72
CA THR Z 292 23.37 -86.24 59.01
C THR Z 292 23.78 -87.68 59.33
N ASN Z 293 25.09 -87.92 59.45
CA ASN Z 293 25.57 -89.25 59.86
C ASN Z 293 25.10 -89.59 61.26
N ALA Z 294 25.24 -88.64 62.19
CA ALA Z 294 24.74 -88.86 63.55
C ALA Z 294 23.24 -89.14 63.54
N ALA Z 295 22.49 -88.37 62.75
CA ALA Z 295 21.04 -88.57 62.67
C ALA Z 295 20.71 -89.95 62.13
N PHE Z 296 21.33 -90.34 61.02
CA PHE Z 296 21.05 -91.63 60.42
C PHE Z 296 21.63 -92.79 61.20
N GLU Z 297 22.43 -92.53 62.23
CA GLU Z 297 22.98 -93.60 63.04
C GLU Z 297 21.86 -94.32 63.78
N PRO Z 298 21.75 -95.65 63.66
CA PRO Z 298 20.71 -96.38 64.41
C PRO Z 298 20.88 -96.34 65.92
N ALA Z 299 22.02 -95.89 66.43
CA ALA Z 299 22.17 -95.76 67.87
C ALA Z 299 21.55 -94.48 68.40
N SER Z 300 21.51 -93.43 67.59
CA SER Z 300 20.90 -92.16 67.98
C SER Z 300 19.39 -92.18 67.88
N MET Z 301 18.79 -93.31 67.54
CA MET Z 301 17.34 -93.41 67.52
C MET Z 301 16.78 -93.31 68.93
N MET Z 302 15.50 -92.93 69.01
CA MET Z 302 14.80 -92.85 70.29
C MET Z 302 13.88 -94.03 70.51
N VAL Z 303 13.94 -95.04 69.65
CA VAL Z 303 13.24 -96.30 69.83
C VAL Z 303 14.29 -97.40 69.82
N LYS Z 304 14.07 -98.44 70.62
CA LYS Z 304 14.96 -99.60 70.61
C LYS Z 304 14.65 -100.50 69.42
N CYS Z 305 14.86 -99.94 68.23
CA CYS Z 305 14.66 -100.63 66.98
C CYS Z 305 15.91 -100.53 66.13
N ASP Z 306 16.23 -101.61 65.42
CA ASP Z 306 17.36 -101.62 64.52
C ASP Z 306 16.85 -101.48 63.10
N PRO Z 307 17.04 -100.33 62.44
CA PRO Z 307 16.53 -100.19 61.06
C PRO Z 307 17.24 -101.07 60.06
N ARG Z 308 18.48 -101.49 60.35
CA ARG Z 308 19.23 -102.34 59.43
C ARG Z 308 18.64 -103.73 59.31
N HIS Z 309 17.68 -104.09 60.17
CA HIS Z 309 16.90 -105.30 59.99
C HIS Z 309 15.70 -105.09 59.10
N GLY Z 310 15.55 -103.88 58.54
CA GLY Z 310 14.51 -103.59 57.58
C GLY Z 310 15.02 -102.61 56.55
N LYS Z 311 14.11 -101.90 55.89
CA LYS Z 311 14.48 -100.87 54.93
C LYS Z 311 13.76 -99.58 55.31
N TYR Z 312 13.90 -98.57 54.47
CA TYR Z 312 13.26 -97.28 54.69
C TYR Z 312 12.22 -97.08 53.60
N MET Z 313 10.94 -97.27 53.95
CA MET Z 313 9.88 -96.97 53.01
C MET Z 313 9.82 -95.48 52.67
N ALA Z 314 10.33 -94.63 53.57
CA ALA Z 314 10.46 -93.19 53.39
C ALA Z 314 11.17 -92.64 54.61
N CYS Z 315 11.66 -91.42 54.50
CA CYS Z 315 12.26 -90.74 55.63
C CYS Z 315 11.98 -89.25 55.49
N CYS Z 316 12.57 -88.46 56.39
CA CYS Z 316 12.35 -87.01 56.38
C CYS Z 316 13.37 -86.32 57.27
N LEU Z 317 13.91 -85.20 56.80
CA LEU Z 317 14.94 -84.46 57.51
C LEU Z 317 14.49 -83.02 57.72
N MET Z 318 14.68 -82.52 58.94
CA MET Z 318 14.25 -81.19 59.32
C MET Z 318 15.45 -80.46 59.91
N TYR Z 319 16.18 -79.73 59.09
CA TYR Z 319 17.41 -79.09 59.54
C TYR Z 319 17.04 -77.81 60.28
N ARG Z 320 18.06 -77.06 60.71
CA ARG Z 320 17.82 -75.90 61.54
C ARG Z 320 19.11 -75.10 61.66
N GLY Z 321 18.99 -73.78 61.59
CA GLY Z 321 20.15 -72.92 61.75
C GLY Z 321 20.79 -72.54 60.44
N ASP Z 322 22.11 -72.69 60.35
CA ASP Z 322 22.85 -72.35 59.14
C ASP Z 322 22.98 -73.59 58.27
N VAL Z 323 22.16 -73.67 57.23
CA VAL Z 323 22.16 -74.79 56.30
C VAL Z 323 21.88 -74.25 54.91
N VAL Z 324 22.46 -74.88 53.90
CA VAL Z 324 22.20 -74.51 52.50
C VAL Z 324 21.81 -75.76 51.72
N PRO Z 325 20.88 -75.65 50.78
CA PRO Z 325 20.31 -76.86 50.16
C PRO Z 325 21.33 -77.67 49.36
N LYS Z 326 22.43 -77.07 48.94
CA LYS Z 326 23.48 -77.83 48.27
C LYS Z 326 24.04 -78.91 49.19
N ASP Z 327 24.44 -78.50 50.40
CA ASP Z 327 25.03 -79.43 51.34
C ASP Z 327 24.06 -80.55 51.71
N VAL Z 328 22.78 -80.21 51.84
CA VAL Z 328 21.76 -81.24 52.02
C VAL Z 328 21.78 -82.21 50.85
N ASN Z 329 21.75 -81.67 49.63
CA ASN Z 329 21.76 -82.52 48.44
C ASN Z 329 23.03 -83.34 48.35
N ALA Z 330 24.14 -82.81 48.89
CA ALA Z 330 25.37 -83.59 48.94
C ALA Z 330 25.27 -84.72 49.95
N SER Z 331 24.76 -84.42 51.15
CA SER Z 331 24.74 -85.42 52.21
C SER Z 331 23.75 -86.53 51.92
N VAL Z 332 22.55 -86.20 51.41
CA VAL Z 332 21.61 -87.24 51.03
C VAL Z 332 22.22 -88.13 49.95
N ALA Z 333 23.02 -87.55 49.05
CA ALA Z 333 23.69 -88.35 48.05
C ALA Z 333 24.69 -89.32 48.68
N THR Z 334 25.61 -88.80 49.50
CA THR Z 334 26.64 -89.63 50.10
C THR Z 334 26.04 -90.76 50.93
N ILE Z 335 24.84 -90.56 51.45
CA ILE Z 335 24.19 -91.59 52.25
C ILE Z 335 23.48 -92.60 51.34
N LYS Z 336 22.81 -92.11 50.29
CA LYS Z 336 22.12 -93.02 49.38
C LYS Z 336 23.12 -93.94 48.66
N THR Z 337 24.39 -93.54 48.60
CA THR Z 337 25.41 -94.43 48.05
C THR Z 337 25.71 -95.60 48.98
N LYS Z 338 25.55 -95.41 50.29
CA LYS Z 338 26.00 -96.41 51.26
C LYS Z 338 25.31 -97.76 51.05
N ARG Z 339 25.86 -98.77 51.71
CA ARG Z 339 25.35 -100.13 51.62
C ARG Z 339 24.65 -100.59 52.89
N THR Z 340 24.99 -100.04 54.04
CA THR Z 340 24.35 -100.46 55.29
C THR Z 340 22.89 -100.07 55.33
N ILE Z 341 22.52 -98.96 54.68
CA ILE Z 341 21.15 -98.48 54.69
C ILE Z 341 20.41 -99.05 53.49
N GLN Z 342 19.24 -99.61 53.73
CA GLN Z 342 18.43 -100.20 52.69
C GLN Z 342 17.20 -99.35 52.42
N PHE Z 343 16.68 -99.48 51.20
CA PHE Z 343 15.43 -98.84 50.81
C PHE Z 343 14.64 -99.83 49.99
N VAL Z 344 13.33 -99.89 50.25
CA VAL Z 344 12.48 -100.76 49.46
C VAL Z 344 12.57 -100.33 48.00
N ASP Z 345 12.37 -101.29 47.10
CA ASP Z 345 12.57 -101.02 45.68
C ASP Z 345 11.68 -99.89 45.20
N TRP Z 346 10.41 -99.89 45.60
CA TRP Z 346 9.41 -99.08 44.91
C TRP Z 346 9.44 -97.61 45.33
N CYS Z 347 10.49 -97.14 45.99
CA CYS Z 347 10.70 -95.71 46.18
C CYS Z 347 12.14 -95.39 45.79
N PRO Z 348 12.37 -95.03 44.53
CA PRO Z 348 13.72 -94.61 44.13
C PRO Z 348 14.14 -93.34 44.85
N THR Z 349 13.21 -92.42 44.99
CA THR Z 349 13.33 -91.29 45.90
C THR Z 349 13.02 -91.78 47.31
N GLY Z 350 12.78 -90.86 48.23
CA GLY Z 350 12.52 -91.27 49.60
C GLY Z 350 13.00 -90.29 50.65
N PHE Z 351 13.51 -89.14 50.23
CA PHE Z 351 13.97 -88.11 51.14
C PHE Z 351 13.14 -86.86 50.98
N LYS Z 352 12.48 -86.44 52.07
CA LYS Z 352 11.92 -85.11 52.18
C LYS Z 352 12.78 -84.31 53.14
N CYS Z 353 13.22 -83.14 52.70
CA CYS Z 353 14.18 -82.35 53.46
C CYS Z 353 13.67 -80.93 53.60
N GLY Z 354 13.76 -80.39 54.81
CA GLY Z 354 13.31 -79.04 55.08
C GLY Z 354 14.34 -78.27 55.85
N ILE Z 355 14.48 -77.00 55.49
CA ILE Z 355 15.47 -76.12 56.08
C ILE Z 355 14.75 -74.92 56.68
N ASN Z 356 15.41 -74.27 57.63
CA ASN Z 356 14.97 -72.97 58.12
C ASN Z 356 16.15 -72.26 58.76
N TYR Z 357 16.10 -70.94 58.76
CA TYR Z 357 17.22 -70.13 59.20
C TYR Z 357 17.15 -69.78 60.68
N GLN Z 358 16.11 -70.23 61.39
CA GLN Z 358 16.00 -69.95 62.81
C GLN Z 358 16.79 -70.98 63.59
N PRO Z 359 17.90 -70.59 64.21
CA PRO Z 359 18.74 -71.55 64.93
C PRO Z 359 18.00 -72.14 66.11
N PRO Z 360 18.48 -73.26 66.66
CA PRO Z 360 17.85 -73.80 67.87
C PRO Z 360 18.31 -73.05 69.11
N THR Z 361 17.39 -72.94 70.06
CA THR Z 361 17.64 -72.22 71.29
C THR Z 361 17.91 -73.20 72.42
N VAL Z 362 18.64 -72.73 73.42
CA VAL Z 362 18.99 -73.53 74.58
C VAL Z 362 18.19 -73.01 75.77
N VAL Z 363 17.69 -73.93 76.59
CA VAL Z 363 16.98 -73.57 77.81
C VAL Z 363 17.98 -73.35 78.93
N PRO Z 364 17.93 -72.21 79.62
CA PRO Z 364 18.86 -71.98 80.73
C PRO Z 364 18.63 -72.99 81.84
N GLY Z 365 19.73 -73.49 82.41
CA GLY Z 365 19.66 -74.59 83.34
C GLY Z 365 19.48 -75.93 82.69
N GLY Z 366 19.28 -75.99 81.38
CA GLY Z 366 19.17 -77.25 80.68
C GLY Z 366 20.49 -77.96 80.56
N ASP Z 367 20.62 -78.88 79.60
CA ASP Z 367 21.82 -79.67 79.46
C ASP Z 367 22.46 -79.59 78.08
N LEU Z 368 21.70 -79.24 77.05
CA LEU Z 368 22.29 -79.03 75.74
C LEU Z 368 23.12 -77.75 75.73
N ALA Z 369 23.88 -77.55 74.66
CA ALA Z 369 24.66 -76.36 74.47
C ALA Z 369 24.18 -75.62 73.23
N LYS Z 370 24.67 -74.40 73.06
CA LYS Z 370 24.25 -73.59 71.92
C LYS Z 370 24.97 -74.06 70.66
N VAL Z 371 24.23 -74.05 69.55
CA VAL Z 371 24.74 -74.45 68.25
C VAL Z 371 24.08 -73.58 67.20
N GLN Z 372 24.64 -73.60 66.00
CA GLN Z 372 24.02 -72.96 64.85
C GLN Z 372 23.46 -73.98 63.87
N ARG Z 373 23.43 -75.26 64.24
CA ARG Z 373 22.92 -76.31 63.38
C ARG Z 373 22.26 -77.37 64.21
N ALA Z 374 21.21 -77.97 63.65
CA ALA Z 374 20.51 -79.08 64.31
C ALA Z 374 19.72 -79.83 63.26
N VAL Z 375 19.52 -81.12 63.52
CA VAL Z 375 18.84 -82.01 62.57
C VAL Z 375 17.95 -82.96 63.35
N CYS Z 376 16.72 -83.11 62.90
CA CYS Z 376 15.81 -84.13 63.40
C CYS Z 376 15.41 -85.01 62.24
N MET Z 377 15.43 -86.32 62.46
CA MET Z 377 15.16 -87.30 61.42
C MET Z 377 13.94 -88.12 61.78
N ILE Z 378 13.03 -88.27 60.82
CA ILE Z 378 11.84 -89.10 60.97
C ILE Z 378 11.78 -90.04 59.78
N SER Z 379 11.52 -91.32 60.05
CA SER Z 379 11.61 -92.33 59.00
C SER Z 379 10.54 -93.39 59.20
N ASN Z 380 9.81 -93.68 58.12
CA ASN Z 380 8.79 -94.72 58.15
C ASN Z 380 9.42 -96.03 57.68
N SER Z 381 10.21 -96.63 58.57
CA SER Z 381 10.97 -97.83 58.27
C SER Z 381 10.19 -99.07 58.70
N THR Z 382 10.29 -100.12 57.88
CA THR Z 382 9.58 -101.36 58.13
C THR Z 382 10.26 -102.24 59.15
N ALA Z 383 11.30 -101.75 59.81
CA ALA Z 383 11.97 -102.54 60.84
C ALA Z 383 11.18 -102.59 62.13
N ILE Z 384 10.36 -101.57 62.39
CA ILE Z 384 9.70 -101.41 63.69
C ILE Z 384 8.81 -102.58 64.07
N GLY Z 385 8.49 -103.46 63.11
CA GLY Z 385 7.72 -104.64 63.45
C GLY Z 385 8.38 -105.51 64.50
N GLU Z 386 9.68 -105.31 64.74
CA GLU Z 386 10.38 -106.10 65.74
C GLU Z 386 9.94 -105.74 67.15
N ILE Z 387 9.69 -104.46 67.41
CA ILE Z 387 9.25 -104.07 68.74
C ILE Z 387 7.75 -104.28 68.92
N PHE Z 388 7.01 -104.49 67.83
CA PHE Z 388 5.63 -104.90 67.98
C PHE Z 388 5.53 -106.36 68.42
N SER Z 389 6.33 -107.23 67.80
CA SER Z 389 6.26 -108.65 68.09
C SER Z 389 6.53 -108.95 69.56
N ARG Z 390 7.39 -108.16 70.21
CA ARG Z 390 7.67 -108.37 71.62
C ARG Z 390 6.40 -108.28 72.45
N LEU Z 391 5.69 -107.16 72.32
CA LEU Z 391 4.40 -107.01 73.00
C LEU Z 391 3.38 -108.00 72.45
N ASP Z 392 3.44 -108.29 71.14
CA ASP Z 392 2.59 -109.36 70.60
C ASP Z 392 2.86 -110.68 71.33
N HIS Z 393 4.10 -110.87 71.77
CA HIS Z 393 4.46 -112.11 72.44
C HIS Z 393 4.00 -112.11 73.89
N LYS Z 394 4.33 -111.05 74.63
CA LYS Z 394 4.05 -111.02 76.07
C LYS Z 394 2.56 -111.12 76.36
N PHE Z 395 1.73 -110.50 75.52
CA PHE Z 395 0.30 -110.52 75.77
C PHE Z 395 -0.24 -111.93 75.87
N ASP Z 396 0.00 -112.75 74.84
CA ASP Z 396 -0.47 -114.13 74.89
C ASP Z 396 0.24 -114.91 75.99
N LEU Z 397 1.45 -114.48 76.36
CA LEU Z 397 2.17 -115.16 77.44
C LEU Z 397 1.45 -115.00 78.77
N MET Z 398 0.88 -113.82 79.04
CA MET Z 398 0.11 -113.64 80.26
C MET Z 398 -1.35 -114.03 80.07
N TYR Z 399 -1.94 -113.63 78.93
CA TYR Z 399 -3.35 -113.93 78.68
C TYR Z 399 -3.63 -115.43 78.70
N ALA Z 400 -2.64 -116.26 78.38
CA ALA Z 400 -2.83 -117.70 78.48
C ALA Z 400 -3.16 -118.13 79.90
N LYS Z 401 -2.78 -117.33 80.90
CA LYS Z 401 -3.09 -117.62 82.29
C LYS Z 401 -4.34 -116.90 82.77
N ARG Z 402 -4.94 -116.05 81.94
CA ARG Z 402 -6.10 -115.26 82.33
C ARG Z 402 -5.81 -114.48 83.61
N ALA Z 403 -4.59 -113.95 83.70
CA ALA Z 403 -4.19 -113.16 84.84
C ALA Z 403 -4.65 -111.72 84.69
N PHE Z 404 -5.05 -111.12 85.82
CA PHE Z 404 -5.46 -109.73 85.91
C PHE Z 404 -6.75 -109.45 85.15
N VAL Z 405 -7.28 -110.44 84.44
CA VAL Z 405 -8.45 -110.18 83.60
C VAL Z 405 -9.71 -110.01 84.42
N HIS Z 406 -9.67 -110.27 85.73
CA HIS Z 406 -10.86 -110.08 86.55
C HIS Z 406 -11.15 -108.60 86.77
N TRP Z 407 -10.10 -107.78 86.89
CA TRP Z 407 -10.30 -106.33 86.89
C TRP Z 407 -11.02 -105.88 85.62
N TYR Z 408 -10.53 -106.34 84.47
CA TYR Z 408 -11.04 -105.86 83.20
C TYR Z 408 -12.45 -106.34 82.95
N VAL Z 409 -12.77 -107.59 83.30
CA VAL Z 409 -14.14 -108.05 83.13
C VAL Z 409 -15.05 -107.43 84.17
N GLY Z 410 -14.50 -106.97 85.29
CA GLY Z 410 -15.31 -106.35 86.33
C GLY Z 410 -15.55 -104.89 86.07
N GLU Z 411 -14.66 -104.25 85.30
CA GLU Z 411 -14.73 -102.81 85.05
C GLU Z 411 -15.30 -102.49 83.68
N GLY Z 412 -16.27 -103.25 83.19
CA GLY Z 412 -16.91 -102.92 81.94
C GLY Z 412 -16.10 -103.29 80.71
N MET Z 413 -15.60 -104.52 80.68
CA MET Z 413 -14.97 -105.05 79.48
C MET Z 413 -15.26 -106.54 79.42
N GLU Z 414 -14.92 -107.15 78.29
CA GLU Z 414 -15.07 -108.59 78.14
C GLU Z 414 -13.80 -109.20 77.58
N GLU Z 415 -13.84 -110.49 77.28
CA GLU Z 415 -12.66 -111.15 76.72
C GLU Z 415 -12.52 -110.91 75.23
N GLY Z 416 -13.64 -110.77 74.52
CA GLY Z 416 -13.58 -110.62 73.07
C GLY Z 416 -12.65 -109.53 72.62
N GLU Z 417 -12.56 -108.44 73.38
CA GLU Z 417 -11.67 -107.35 73.02
C GLU Z 417 -10.22 -107.80 72.95
N PHE Z 418 -9.80 -108.67 73.89
CA PHE Z 418 -8.45 -109.21 73.83
C PHE Z 418 -8.21 -109.91 72.50
N SER Z 419 -9.11 -110.81 72.11
CA SER Z 419 -8.95 -111.53 70.86
C SER Z 419 -8.96 -110.58 69.66
N GLU Z 420 -9.83 -109.56 69.70
CA GLU Z 420 -9.87 -108.61 68.58
C GLU Z 420 -8.61 -107.78 68.53
N ALA Z 421 -8.07 -107.40 69.69
CA ALA Z 421 -6.76 -106.75 69.70
C ALA Z 421 -5.68 -107.68 69.19
N ARG Z 422 -5.75 -108.96 69.59
CA ARG Z 422 -4.76 -109.93 69.17
C ARG Z 422 -4.75 -110.08 67.65
N GLU Z 423 -5.92 -110.32 67.05
CA GLU Z 423 -5.99 -110.46 65.61
C GLU Z 423 -5.54 -109.19 64.90
N ASP Z 424 -5.88 -108.03 65.46
CA ASP Z 424 -5.46 -106.76 64.87
C ASP Z 424 -3.94 -106.68 64.80
N LEU Z 425 -3.25 -106.99 65.90
CA LEU Z 425 -1.79 -106.92 65.90
C LEU Z 425 -1.18 -107.94 64.96
N ALA Z 426 -1.78 -109.13 64.87
CA ALA Z 426 -1.29 -110.13 63.92
C ALA Z 426 -1.42 -109.62 62.50
N ALA Z 427 -2.61 -109.15 62.12
CA ALA Z 427 -2.81 -108.58 60.79
C ALA Z 427 -1.87 -107.42 60.54
N LEU Z 428 -1.55 -106.66 61.60
CA LEU Z 428 -0.62 -105.54 61.42
C LEU Z 428 0.79 -106.04 61.09
N GLU Z 429 1.23 -107.10 61.77
CA GLU Z 429 2.54 -107.67 61.47
C GLU Z 429 2.57 -108.29 60.09
N LYS Z 430 1.48 -108.94 59.68
CA LYS Z 430 1.42 -109.50 58.33
C LYS Z 430 1.56 -108.41 57.29
N ASP Z 431 0.85 -107.30 57.46
CA ASP Z 431 0.97 -106.18 56.54
C ASP Z 431 2.39 -105.65 56.50
N PHE Z 432 3.07 -105.64 57.65
CA PHE Z 432 4.46 -105.19 57.68
C PHE Z 432 5.37 -106.10 56.86
N GLU Z 433 5.00 -107.37 56.74
CA GLU Z 433 5.81 -108.29 55.95
C GLU Z 433 5.50 -108.15 54.46
N GLU Z 434 4.26 -107.84 54.11
CA GLU Z 434 3.86 -107.78 52.72
C GLU Z 434 4.68 -106.78 51.92
N VAL Z 435 5.27 -105.78 52.58
CA VAL Z 435 6.01 -104.74 51.87
C VAL Z 435 7.41 -105.18 51.48
N GLY Z 436 7.78 -106.43 51.72
CA GLY Z 436 9.09 -106.94 51.36
C GLY Z 436 9.32 -107.03 49.87
N MET AA 1 -122.29 -53.62 125.87
CA MET AA 1 -122.09 -54.99 125.38
C MET AA 1 -120.95 -55.67 126.12
N ARG AA 2 -120.71 -56.94 125.79
CA ARG AA 2 -119.64 -57.73 126.40
C ARG AA 2 -119.80 -57.82 127.91
N GLU AA 3 -121.03 -57.75 128.41
CA GLU AA 3 -121.23 -57.76 129.85
C GLU AA 3 -120.78 -59.09 130.46
N ILE AA 4 -120.31 -59.02 131.70
CA ILE AA 4 -119.73 -60.15 132.42
C ILE AA 4 -120.45 -60.32 133.74
N VAL AA 5 -121.02 -61.50 133.97
CA VAL AA 5 -121.65 -61.84 135.23
C VAL AA 5 -120.64 -62.54 136.12
N HIS AA 6 -120.65 -62.22 137.41
CA HIS AA 6 -119.65 -62.66 138.35
C HIS AA 6 -120.27 -63.51 139.45
N ILE AA 7 -119.53 -64.53 139.89
CA ILE AA 7 -119.96 -65.41 140.97
C ILE AA 7 -118.86 -65.44 142.02
N GLN AA 8 -119.27 -65.57 143.29
CA GLN AA 8 -118.35 -65.66 144.41
C GLN AA 8 -118.78 -66.83 145.29
N GLY AA 9 -118.22 -68.00 145.04
CA GLY AA 9 -118.58 -69.21 145.77
C GLY AA 9 -117.57 -69.51 146.86
N GLY AA 10 -118.07 -69.99 148.00
CA GLY AA 10 -117.23 -70.35 149.12
C GLY AA 10 -116.81 -69.15 149.94
N GLN AA 11 -116.25 -69.45 151.11
CA GLN AA 11 -115.77 -68.39 152.00
C GLN AA 11 -114.66 -67.59 151.33
N CYS AA 12 -113.65 -68.29 150.81
CA CYS AA 12 -112.58 -67.62 150.07
C CYS AA 12 -113.13 -66.81 148.91
N GLY AA 13 -113.87 -67.47 148.01
CA GLY AA 13 -114.37 -66.80 146.83
C GLY AA 13 -115.24 -65.59 147.16
N ASN AA 14 -115.91 -65.61 148.30
CA ASN AA 14 -116.66 -64.44 148.73
C ASN AA 14 -115.74 -63.37 149.28
N GLN AA 15 -114.62 -63.78 149.87
CA GLN AA 15 -113.72 -62.81 150.50
C GLN AA 15 -112.83 -62.12 149.48
N ILE AA 16 -112.20 -62.88 148.57
CA ILE AA 16 -111.39 -62.26 147.55
C ILE AA 16 -112.24 -61.36 146.65
N GLY AA 17 -113.50 -61.75 146.41
CA GLY AA 17 -114.40 -60.93 145.63
C GLY AA 17 -114.77 -59.63 146.30
N ALA AA 18 -114.72 -59.60 147.64
CA ALA AA 18 -114.93 -58.34 148.34
C ALA AA 18 -113.86 -57.32 147.97
N LYS AA 19 -112.65 -57.79 147.69
CA LYS AA 19 -111.60 -56.89 147.23
C LYS AA 19 -111.73 -56.59 145.75
N PHE AA 20 -112.04 -57.61 144.93
CA PHE AA 20 -112.25 -57.39 143.51
C PHE AA 20 -113.27 -56.29 143.28
N TRP AA 21 -114.43 -56.39 143.92
CA TRP AA 21 -115.45 -55.36 143.80
C TRP AA 21 -115.06 -54.08 144.53
N GLU AA 22 -114.07 -54.14 145.43
CA GLU AA 22 -113.57 -52.91 146.03
C GLU AA 22 -112.64 -52.19 145.08
N VAL AA 23 -111.74 -52.93 144.42
CA VAL AA 23 -110.77 -52.31 143.53
C VAL AA 23 -111.47 -51.72 142.31
N VAL AA 24 -112.28 -52.53 141.63
CA VAL AA 24 -112.93 -52.06 140.41
C VAL AA 24 -113.83 -50.87 140.68
N SER AA 25 -114.41 -50.80 141.88
CA SER AA 25 -115.19 -49.63 142.25
C SER AA 25 -114.30 -48.39 142.32
N ASP AA 26 -113.08 -48.56 142.81
CA ASP AA 26 -112.14 -47.44 142.84
C ASP AA 26 -111.72 -47.04 141.44
N GLU AA 27 -111.28 -48.01 140.64
CA GLU AA 27 -110.85 -47.72 139.27
C GLU AA 27 -111.90 -46.90 138.52
N HIS AA 28 -113.13 -47.39 138.50
CA HIS AA 28 -114.21 -46.66 137.85
C HIS AA 28 -114.68 -45.46 138.65
N GLY AA 29 -114.07 -45.20 139.81
CA GLY AA 29 -114.34 -43.98 140.54
C GLY AA 29 -115.72 -43.86 141.14
N ILE AA 30 -116.34 -44.98 141.51
CA ILE AA 30 -117.63 -44.94 142.17
C ILE AA 30 -117.41 -45.13 143.66
N ASP AA 31 -118.23 -44.47 144.45
CA ASP AA 31 -118.12 -44.49 145.90
C ASP AA 31 -118.92 -45.65 146.46
N PRO AA 32 -118.69 -46.03 147.73
CA PRO AA 32 -119.46 -47.12 148.34
C PRO AA 32 -120.96 -46.88 148.38
N THR AA 33 -121.43 -45.70 147.98
CA THR AA 33 -122.84 -45.43 147.83
C THR AA 33 -123.38 -45.87 146.47
N GLY AA 34 -122.56 -46.52 145.65
CA GLY AA 34 -122.95 -46.85 144.30
C GLY AA 34 -122.96 -45.68 143.35
N THR AA 35 -122.62 -44.49 143.82
CA THR AA 35 -122.66 -43.28 143.01
C THR AA 35 -121.29 -42.98 142.41
N TYR AA 36 -121.29 -42.53 141.16
CA TYR AA 36 -120.07 -42.28 140.42
C TYR AA 36 -119.48 -40.93 140.80
N HIS AA 37 -118.16 -40.91 141.02
CA HIS AA 37 -117.46 -39.66 141.32
C HIS AA 37 -116.11 -39.60 140.64
N GLY AA 38 -115.97 -40.21 139.47
CA GLY AA 38 -114.76 -40.12 138.70
C GLY AA 38 -114.67 -38.81 137.93
N ASP AA 39 -113.67 -38.74 137.06
CA ASP AA 39 -113.40 -37.54 136.28
C ASP AA 39 -113.70 -37.70 134.80
N SER AA 40 -113.12 -38.71 134.15
CA SER AA 40 -113.32 -38.92 132.73
C SER AA 40 -114.62 -39.67 132.47
N ASP AA 41 -115.10 -39.55 131.24
CA ASP AA 41 -116.23 -40.36 130.79
C ASP AA 41 -115.85 -41.81 130.56
N LEU AA 42 -114.56 -42.13 130.60
CA LEU AA 42 -114.11 -43.49 130.37
C LEU AA 42 -114.57 -44.44 131.47
N GLN AA 43 -114.67 -43.94 132.70
CA GLN AA 43 -115.26 -44.74 133.78
C GLN AA 43 -116.71 -45.12 133.50
N LEU AA 44 -117.31 -44.56 132.45
CA LEU AA 44 -118.72 -44.76 132.16
C LEU AA 44 -119.00 -45.35 130.80
N GLU AA 45 -118.05 -45.31 129.87
CA GLU AA 45 -118.31 -45.82 128.53
C GLU AA 45 -118.61 -47.32 128.56
N ARG AA 46 -117.78 -48.08 129.27
CA ARG AA 46 -117.94 -49.53 129.38
C ARG AA 46 -118.11 -49.93 130.84
N ILE AA 47 -118.86 -49.15 131.60
CA ILE AA 47 -119.13 -49.49 132.99
C ILE AA 47 -120.13 -50.63 133.07
N ASN AA 48 -120.99 -50.77 132.05
CA ASN AA 48 -122.06 -51.76 132.06
C ASN AA 48 -121.56 -53.19 132.01
N VAL AA 49 -120.25 -53.42 131.98
CA VAL AA 49 -119.75 -54.79 131.98
C VAL AA 49 -119.76 -55.36 133.39
N TYR AA 50 -119.65 -54.52 134.41
CA TYR AA 50 -119.52 -54.98 135.79
C TYR AA 50 -120.66 -54.53 136.69
N PHE AA 51 -121.60 -53.73 136.20
CA PHE AA 51 -122.61 -53.16 137.08
C PHE AA 51 -123.95 -53.14 136.37
N ASN AA 52 -124.98 -52.77 137.12
CA ASN AA 52 -126.31 -52.50 136.60
C ASN AA 52 -126.75 -51.15 137.13
N GLU AA 53 -127.38 -50.36 136.26
CA GLU AA 53 -127.88 -49.06 136.68
C GLU AA 53 -128.94 -49.22 137.75
N ALA AA 54 -128.92 -48.31 138.72
CA ALA AA 54 -129.91 -48.31 139.80
C ALA AA 54 -130.54 -46.94 139.89
N THR AA 55 -131.79 -46.90 140.31
CA THR AA 55 -132.51 -45.64 140.43
C THR AA 55 -131.77 -44.68 141.34
N GLY AA 56 -131.66 -43.43 140.90
CA GLY AA 56 -130.93 -42.43 141.65
C GLY AA 56 -129.47 -42.33 141.33
N GLY AA 57 -129.04 -42.80 140.17
CA GLY AA 57 -127.63 -42.74 139.80
C GLY AA 57 -126.74 -43.61 140.64
N ARG AA 58 -127.19 -44.79 141.02
CA ARG AA 58 -126.40 -45.75 141.77
C ARG AA 58 -126.02 -46.91 140.87
N TYR AA 59 -124.88 -47.52 141.17
CA TYR AA 59 -124.36 -48.64 140.38
C TYR AA 59 -124.19 -49.84 141.29
N VAL AA 60 -124.85 -50.93 140.94
CA VAL AA 60 -124.86 -52.17 141.72
C VAL AA 60 -124.05 -53.22 140.96
N PRO AA 61 -123.18 -53.96 141.63
CA PRO AA 61 -122.38 -54.98 140.92
C PRO AA 61 -123.25 -56.09 140.36
N ARG AA 62 -122.78 -56.67 139.27
CA ARG AA 62 -123.41 -57.84 138.67
C ARG AA 62 -122.79 -59.12 139.24
N ALA AA 63 -122.81 -59.19 140.57
CA ALA AA 63 -122.16 -60.26 141.31
C ALA AA 63 -123.18 -61.14 142.02
N ILE AA 64 -122.77 -62.35 142.32
CA ILE AA 64 -123.58 -63.30 143.09
C ILE AA 64 -122.70 -63.89 144.19
N LEU AA 65 -123.19 -63.81 145.43
CA LEU AA 65 -122.45 -64.29 146.59
C LEU AA 65 -123.16 -65.54 147.10
N MET AA 66 -122.56 -66.70 146.88
CA MET AA 66 -123.17 -67.97 147.24
C MET AA 66 -122.28 -68.70 148.23
N ASP AA 67 -122.81 -68.95 149.43
CA ASP AA 67 -122.14 -69.76 150.44
C ASP AA 67 -123.10 -70.07 151.57
N LEU AA 68 -123.15 -71.33 151.99
CA LEU AA 68 -123.82 -71.67 153.23
C LEU AA 68 -123.12 -70.96 154.40
N GLU AA 69 -123.73 -71.08 155.59
CA GLU AA 69 -123.15 -70.49 156.80
C GLU AA 69 -122.97 -68.98 156.59
N PRO AA 70 -124.05 -68.22 156.57
CA PRO AA 70 -123.96 -66.83 156.07
C PRO AA 70 -123.20 -65.88 156.98
N GLY AA 71 -122.51 -66.41 157.99
CA GLY AA 71 -121.73 -65.55 158.88
C GLY AA 71 -120.74 -64.67 158.15
N THR AA 72 -120.05 -65.23 157.16
CA THR AA 72 -119.09 -64.44 156.40
C THR AA 72 -119.78 -63.39 155.54
N MET AA 73 -120.96 -63.71 155.01
CA MET AA 73 -121.72 -62.72 154.25
C MET AA 73 -122.12 -61.54 155.10
N ASP AA 74 -122.28 -61.75 156.41
CA ASP AA 74 -122.49 -60.62 157.31
C ASP AA 74 -121.23 -59.79 157.46
N SER AA 75 -120.06 -60.43 157.32
CA SER AA 75 -118.80 -59.69 157.40
C SER AA 75 -118.60 -58.83 156.16
N VAL AA 76 -118.88 -59.38 154.98
CA VAL AA 76 -118.66 -58.62 153.75
C VAL AA 76 -119.66 -57.48 153.64
N ARG AA 77 -120.89 -57.67 154.14
CA ARG AA 77 -121.85 -56.57 154.15
C ARG AA 77 -121.47 -55.52 155.20
N SER AA 78 -120.85 -55.95 156.29
CA SER AA 78 -120.32 -54.99 157.26
C SER AA 78 -119.09 -54.27 156.71
N GLY AA 79 -118.52 -54.77 155.62
CA GLY AA 79 -117.35 -54.16 155.03
C GLY AA 79 -117.63 -52.77 154.50
N PRO AA 80 -116.58 -52.08 154.05
CA PRO AA 80 -116.78 -50.72 153.54
C PRO AA 80 -117.56 -50.68 152.25
N TYR AA 81 -117.47 -51.71 151.41
CA TYR AA 81 -118.12 -51.74 150.11
C TYR AA 81 -119.21 -52.80 150.04
N GLY AA 82 -119.79 -53.16 151.18
CA GLY AA 82 -120.84 -54.17 151.21
C GLY AA 82 -122.20 -53.59 150.89
N GLN AA 83 -122.33 -52.27 151.06
CA GLN AA 83 -123.61 -51.62 150.81
C GLN AA 83 -123.97 -51.57 149.34
N ILE AA 84 -122.99 -51.70 148.45
CA ILE AA 84 -123.27 -51.60 147.02
C ILE AA 84 -123.95 -52.86 146.49
N PHE AA 85 -123.89 -53.97 147.22
CA PHE AA 85 -124.48 -55.20 146.73
C PHE AA 85 -126.00 -55.14 146.82
N ARG AA 86 -126.66 -55.80 145.89
CA ARG AA 86 -128.10 -56.01 145.97
C ARG AA 86 -128.39 -57.06 147.02
N PRO AA 87 -129.07 -56.74 148.11
CA PRO AA 87 -129.29 -57.75 149.17
C PRO AA 87 -130.04 -58.98 148.70
N ASP AA 88 -130.81 -58.89 147.62
CA ASP AA 88 -131.44 -60.08 147.05
C ASP AA 88 -130.46 -60.92 146.25
N ASN AA 89 -129.27 -60.39 145.95
CA ASN AA 89 -128.20 -61.19 145.39
C ASN AA 89 -127.39 -61.80 146.52
N PHE AA 90 -128.08 -62.46 147.45
CA PHE AA 90 -127.47 -63.13 148.60
C PHE AA 90 -128.21 -64.43 148.82
N VAL AA 91 -127.54 -65.54 148.52
CA VAL AA 91 -128.07 -66.87 148.81
C VAL AA 91 -127.12 -67.55 149.78
N PHE AA 92 -127.70 -68.30 150.72
CA PHE AA 92 -126.90 -69.00 151.71
C PHE AA 92 -127.70 -70.17 152.26
N GLY AA 93 -127.05 -70.95 153.11
CA GLY AA 93 -127.72 -72.01 153.83
C GLY AA 93 -127.32 -71.97 155.29
N GLN AA 94 -128.30 -72.19 156.16
CA GLN AA 94 -128.03 -72.14 157.59
C GLN AA 94 -127.08 -73.27 158.01
N THR AA 95 -127.19 -74.43 157.37
CA THR AA 95 -126.36 -75.56 157.72
C THR AA 95 -124.89 -75.26 157.42
N GLY AA 96 -124.02 -76.12 157.96
CA GLY AA 96 -122.60 -76.00 157.76
C GLY AA 96 -122.09 -76.88 156.62
N ALA AA 97 -120.82 -76.70 156.29
CA ALA AA 97 -120.19 -77.43 155.20
C ALA AA 97 -119.35 -78.60 155.71
N GLY AA 98 -118.58 -78.40 156.76
CA GLY AA 98 -117.73 -79.46 157.27
C GLY AA 98 -116.68 -79.96 156.31
N ASN AA 99 -116.48 -79.28 155.19
CA ASN AA 99 -115.49 -79.65 154.18
C ASN AA 99 -115.73 -81.07 153.67
N ASN AA 100 -116.88 -81.25 153.04
CA ASN AA 100 -117.26 -82.50 152.40
C ASN AA 100 -117.74 -82.18 151.00
N TRP AA 101 -116.95 -82.55 149.99
CA TRP AA 101 -117.32 -82.26 148.61
C TRP AA 101 -118.69 -82.81 148.26
N ALA AA 102 -119.04 -83.98 148.80
CA ALA AA 102 -120.30 -84.62 148.44
C ALA AA 102 -121.49 -83.73 148.82
N LYS AA 103 -121.65 -83.44 150.11
CA LYS AA 103 -122.78 -82.63 150.54
C LYS AA 103 -122.79 -81.27 149.85
N GLY AA 104 -121.62 -80.65 149.72
CA GLY AA 104 -121.53 -79.42 148.96
C GLY AA 104 -121.92 -79.57 147.50
N HIS AA 105 -121.91 -80.79 146.99
CA HIS AA 105 -122.30 -81.06 145.61
C HIS AA 105 -123.57 -81.90 145.52
N TYR AA 106 -123.73 -82.90 146.38
CA TYR AA 106 -124.86 -83.80 146.26
C TYR AA 106 -126.11 -83.24 146.95
N THR AA 107 -126.06 -83.07 148.27
CA THR AA 107 -127.26 -82.79 149.03
C THR AA 107 -127.48 -81.31 149.26
N GLU AA 108 -126.54 -80.66 149.96
CA GLU AA 108 -126.74 -79.27 150.35
C GLU AA 108 -126.54 -78.30 149.20
N GLY AA 109 -125.79 -78.69 148.17
CA GLY AA 109 -125.74 -77.88 146.97
C GLY AA 109 -127.07 -77.85 146.24
N ALA AA 110 -127.62 -79.03 145.95
CA ALA AA 110 -128.81 -79.13 145.11
C ALA AA 110 -129.97 -78.32 145.66
N GLU AA 111 -130.14 -78.29 146.97
CA GLU AA 111 -131.23 -77.55 147.57
C GLU AA 111 -131.10 -76.05 147.39
N LEU AA 112 -129.91 -75.55 147.04
CA LEU AA 112 -129.68 -74.13 146.85
C LEU AA 112 -129.51 -73.73 145.40
N ILE AA 113 -129.05 -74.65 144.55
CA ILE AA 113 -128.76 -74.31 143.16
C ILE AA 113 -129.98 -73.69 142.48
N ASP AA 114 -131.17 -74.22 142.78
CA ASP AA 114 -132.39 -73.75 142.14
C ASP AA 114 -132.53 -72.24 142.28
N SER AA 115 -132.53 -71.74 143.51
CA SER AA 115 -132.59 -70.30 143.73
C SER AA 115 -131.41 -69.61 143.06
N VAL AA 116 -130.22 -70.19 143.16
CA VAL AA 116 -129.05 -69.63 142.47
C VAL AA 116 -129.33 -69.52 140.98
N LEU AA 117 -129.87 -70.58 140.38
CA LEU AA 117 -130.18 -70.53 138.95
C LEU AA 117 -131.18 -69.43 138.64
N ASP AA 118 -132.17 -69.21 139.51
CA ASP AA 118 -133.11 -68.13 139.26
C ASP AA 118 -132.42 -66.77 139.34
N VAL AA 119 -131.39 -66.63 140.17
CA VAL AA 119 -130.72 -65.35 140.31
C VAL AA 119 -129.83 -65.09 139.10
N VAL AA 120 -129.03 -66.08 138.70
CA VAL AA 120 -128.16 -65.90 137.54
C VAL AA 120 -128.99 -65.54 136.32
N ARG AA 121 -130.11 -66.23 136.11
CA ARG AA 121 -131.01 -65.85 135.02
C ARG AA 121 -131.61 -64.47 135.25
N LYS AA 122 -131.86 -64.11 136.51
CA LYS AA 122 -132.51 -62.83 136.79
C LYS AA 122 -131.68 -61.66 136.31
N GLU AA 123 -130.35 -61.80 136.29
CA GLU AA 123 -129.48 -60.75 135.79
C GLU AA 123 -128.83 -61.08 134.46
N ALA AA 124 -128.88 -62.33 134.01
CA ALA AA 124 -128.42 -62.64 132.67
C ALA AA 124 -129.26 -61.92 131.62
N GLU AA 125 -130.52 -61.60 131.95
CA GLU AA 125 -131.34 -60.83 131.03
C GLU AA 125 -130.87 -59.39 130.95
N SER AA 126 -130.25 -58.87 132.02
CA SER AA 126 -129.79 -57.49 132.03
C SER AA 126 -128.60 -57.24 131.12
N CYS AA 127 -128.03 -58.28 130.54
CA CYS AA 127 -126.87 -58.16 129.66
C CYS AA 127 -127.33 -58.31 128.22
N ASP AA 128 -127.25 -57.22 127.45
CA ASP AA 128 -127.61 -57.31 126.03
C ASP AA 128 -126.61 -58.13 125.26
N CYS AA 129 -125.37 -58.20 125.74
CA CYS AA 129 -124.33 -59.04 125.13
C CYS AA 129 -123.57 -59.69 126.28
N LEU AA 130 -124.07 -60.82 126.75
CA LEU AA 130 -123.36 -61.57 127.78
C LEU AA 130 -122.13 -62.21 127.16
N GLN AA 131 -120.96 -61.89 127.70
CA GLN AA 131 -119.73 -62.44 127.16
C GLN AA 131 -119.39 -63.78 127.80
N GLY AA 132 -119.31 -63.82 129.12
CA GLY AA 132 -118.98 -65.07 129.78
C GLY AA 132 -119.15 -64.97 131.27
N PHE AA 133 -118.88 -66.10 131.93
CA PHE AA 133 -118.99 -66.22 133.38
C PHE AA 133 -117.60 -66.22 133.99
N GLN AA 134 -117.47 -65.60 135.16
CA GLN AA 134 -116.25 -65.68 135.94
C GLN AA 134 -116.61 -65.95 137.39
N VAL AA 135 -115.83 -66.81 138.04
CA VAL AA 135 -116.14 -67.32 139.36
C VAL AA 135 -114.89 -67.24 140.21
N CYS AA 136 -115.06 -67.45 141.52
CA CYS AA 136 -113.96 -67.47 142.47
C CYS AA 136 -114.13 -68.69 143.35
N HIS AA 137 -113.12 -69.56 143.36
CA HIS AA 137 -113.22 -70.85 144.03
C HIS AA 137 -112.16 -70.96 145.14
N SER AA 138 -112.21 -72.09 145.84
CA SER AA 138 -111.17 -72.50 146.78
C SER AA 138 -111.20 -74.02 146.80
N LEU AA 139 -110.32 -74.65 146.02
CA LEU AA 139 -110.40 -76.08 145.78
C LEU AA 139 -110.17 -76.91 147.04
N GLY AA 140 -109.87 -76.29 148.17
CA GLY AA 140 -109.68 -77.03 149.40
C GLY AA 140 -110.98 -77.40 150.09
N GLY AA 141 -111.80 -76.40 150.40
CA GLY AA 141 -113.03 -76.64 151.12
C GLY AA 141 -114.09 -77.30 150.28
N GLY AA 142 -115.19 -77.65 150.94
CA GLY AA 142 -116.29 -78.30 150.26
C GLY AA 142 -117.25 -77.35 149.58
N THR AA 143 -117.50 -76.19 150.20
CA THR AA 143 -118.46 -75.24 149.64
C THR AA 143 -118.05 -74.78 148.25
N GLY AA 144 -116.87 -74.18 148.14
CA GLY AA 144 -116.40 -73.72 146.84
C GLY AA 144 -116.32 -74.83 145.82
N SER AA 145 -115.75 -75.97 146.23
CA SER AA 145 -115.58 -77.08 145.29
C SER AA 145 -116.93 -77.69 144.90
N GLY AA 146 -117.66 -78.22 145.88
CA GLY AA 146 -118.90 -78.92 145.61
C GLY AA 146 -119.98 -78.06 144.98
N MET AA 147 -120.29 -76.93 145.60
CA MET AA 147 -121.38 -76.09 145.11
C MET AA 147 -121.03 -75.47 143.76
N GLY AA 148 -119.79 -75.03 143.59
CA GLY AA 148 -119.38 -74.42 142.35
C GLY AA 148 -119.49 -75.36 141.17
N THR AA 149 -118.82 -76.51 141.27
CA THR AA 149 -118.85 -77.49 140.17
C THR AA 149 -120.26 -77.83 139.76
N LEU AA 150 -121.18 -77.97 140.74
CA LEU AA 150 -122.57 -78.25 140.39
C LEU AA 150 -123.18 -77.06 139.66
N LEU AA 151 -122.99 -75.85 140.18
CA LEU AA 151 -123.37 -74.66 139.46
C LEU AA 151 -122.72 -74.63 138.09
N ILE AA 152 -121.45 -74.98 138.02
CA ILE AA 152 -120.72 -74.99 136.76
C ILE AA 152 -121.41 -75.92 135.76
N SER AA 153 -121.63 -77.17 136.16
CA SER AA 153 -122.27 -78.13 135.26
C SER AA 153 -123.64 -77.63 134.81
N LYS AA 154 -124.32 -76.84 135.63
CA LYS AA 154 -125.63 -76.34 135.25
C LYS AA 154 -125.52 -75.27 134.17
N ILE AA 155 -124.65 -74.27 134.38
CA ILE AA 155 -124.51 -73.22 133.38
C ILE AA 155 -123.90 -73.75 132.08
N ARG AA 156 -123.26 -74.92 132.13
CA ARG AA 156 -122.70 -75.49 130.91
C ARG AA 156 -123.80 -75.95 129.96
N GLU AA 157 -124.82 -76.62 130.50
CA GLU AA 157 -125.89 -77.15 129.66
C GLU AA 157 -126.89 -76.08 129.22
N GLU AA 158 -127.00 -74.98 129.96
CA GLU AA 158 -127.89 -73.90 129.57
C GLU AA 158 -127.18 -72.77 128.85
N TYR AA 159 -125.90 -72.53 129.15
CA TYR AA 159 -125.07 -71.55 128.45
C TYR AA 159 -123.84 -72.26 127.90
N PRO AA 160 -124.00 -73.09 126.87
CA PRO AA 160 -122.83 -73.77 126.30
C PRO AA 160 -121.98 -72.85 125.45
N ASP AA 161 -122.60 -71.86 124.80
CA ASP AA 161 -121.84 -70.97 123.90
C ASP AA 161 -120.94 -70.02 124.68
N ARG AA 162 -121.37 -69.57 125.85
CA ARG AA 162 -120.61 -68.61 126.63
C ARG AA 162 -119.30 -69.22 127.14
N MET AA 163 -118.45 -68.40 127.75
CA MET AA 163 -117.13 -68.82 128.20
C MET AA 163 -117.08 -68.74 129.72
N MET AA 164 -116.62 -69.81 130.35
CA MET AA 164 -116.66 -69.95 131.80
C MET AA 164 -115.25 -69.83 132.35
N LEU AA 165 -115.01 -68.81 133.16
CA LEU AA 165 -113.73 -68.56 133.79
C LEU AA 165 -113.75 -69.05 135.23
N THR AA 166 -112.57 -69.34 135.77
CA THR AA 166 -112.46 -69.91 137.11
C THR AA 166 -111.14 -69.47 137.73
N PHE AA 167 -111.22 -68.66 138.78
CA PHE AA 167 -110.04 -68.27 139.54
C PHE AA 167 -109.85 -69.20 140.74
N SER AA 168 -109.70 -70.48 140.43
CA SER AA 168 -109.63 -71.50 141.46
C SER AA 168 -108.30 -71.43 142.20
N VAL AA 169 -108.37 -71.13 143.50
CA VAL AA 169 -107.21 -71.24 144.37
C VAL AA 169 -106.98 -72.71 144.65
N VAL AA 170 -105.76 -73.18 144.37
CA VAL AA 170 -105.47 -74.60 144.51
C VAL AA 170 -104.89 -74.86 145.89
N PRO AA 171 -104.88 -76.10 146.36
CA PRO AA 171 -104.19 -76.42 147.61
C PRO AA 171 -102.71 -76.11 147.53
N SER AA 172 -102.09 -76.11 148.71
CA SER AA 172 -100.65 -75.95 148.84
C SER AA 172 -99.94 -77.28 148.63
N PRO AA 173 -98.81 -77.28 147.93
CA PRO AA 173 -98.03 -78.53 147.85
C PRO AA 173 -97.43 -78.94 149.18
N LYS AA 174 -96.88 -77.97 149.92
CA LYS AA 174 -96.24 -78.29 151.19
C LYS AA 174 -97.18 -78.17 152.38
N VAL AA 175 -98.19 -77.31 152.29
CA VAL AA 175 -99.10 -77.04 153.42
C VAL AA 175 -100.42 -77.75 153.17
N SER AA 176 -100.96 -78.36 154.23
CA SER AA 176 -102.26 -79.02 154.19
C SER AA 176 -103.15 -78.30 155.19
N ASP AA 177 -103.82 -77.24 154.73
CA ASP AA 177 -104.69 -76.48 155.62
C ASP AA 177 -105.86 -77.33 156.10
N THR AA 178 -106.45 -78.12 155.21
CA THR AA 178 -107.45 -79.12 155.57
C THR AA 178 -106.94 -80.49 155.16
N VAL AA 179 -107.28 -81.50 155.96
CA VAL AA 179 -106.73 -82.83 155.73
C VAL AA 179 -107.41 -83.51 154.55
N VAL AA 180 -108.68 -83.22 154.30
CA VAL AA 180 -109.44 -83.88 153.24
C VAL AA 180 -109.21 -83.16 151.91
N GLU AA 181 -108.22 -82.27 151.89
CA GLU AA 181 -107.93 -81.47 150.70
C GLU AA 181 -107.71 -82.28 149.43
N PRO AA 182 -106.88 -83.33 149.40
CA PRO AA 182 -106.67 -84.04 148.13
C PRO AA 182 -107.93 -84.66 147.57
N TYR AA 183 -108.87 -85.04 148.43
CA TYR AA 183 -110.14 -85.59 147.95
C TYR AA 183 -110.92 -84.55 147.16
N ASN AA 184 -111.24 -83.42 147.79
CA ASN AA 184 -112.12 -82.44 147.17
C ASN AA 184 -111.55 -81.89 145.88
N ALA AA 185 -110.23 -81.76 145.79
CA ALA AA 185 -109.60 -81.30 144.56
C ALA AA 185 -109.92 -82.23 143.39
N THR AA 186 -109.58 -83.50 143.53
CA THR AA 186 -109.78 -84.46 142.45
C THR AA 186 -111.25 -84.57 142.07
N LEU AA 187 -112.13 -84.50 143.06
CA LEU AA 187 -113.56 -84.57 142.77
C LEU AA 187 -114.05 -83.32 142.04
N SER AA 188 -113.34 -82.20 142.19
CA SER AA 188 -113.72 -80.99 141.46
C SER AA 188 -113.14 -80.98 140.06
N VAL AA 189 -111.84 -81.29 139.93
CA VAL AA 189 -111.20 -81.25 138.62
C VAL AA 189 -111.85 -82.23 137.66
N HIS AA 190 -112.39 -83.34 138.18
CA HIS AA 190 -113.14 -84.25 137.32
C HIS AA 190 -114.37 -83.59 136.74
N GLN AA 191 -114.80 -82.45 137.28
CA GLN AA 191 -115.85 -81.63 136.69
C GLN AA 191 -115.27 -80.47 135.88
N LEU AA 192 -114.12 -79.94 136.28
CA LEU AA 192 -113.57 -78.77 135.60
C LEU AA 192 -113.02 -79.11 134.22
N VAL AA 193 -112.53 -80.34 134.04
CA VAL AA 193 -111.91 -80.71 132.77
C VAL AA 193 -112.91 -80.58 131.62
N GLU AA 194 -114.13 -81.06 131.82
CA GLU AA 194 -115.15 -81.03 130.78
C GLU AA 194 -116.10 -79.86 130.90
N ASN AA 195 -116.06 -79.11 132.00
CA ASN AA 195 -116.97 -78.01 132.24
C ASN AA 195 -116.22 -76.73 132.57
N ALA AA 196 -115.21 -76.42 131.75
CA ALA AA 196 -114.50 -75.15 131.89
C ALA AA 196 -113.80 -74.85 130.58
N ASP AA 197 -113.60 -73.57 130.33
CA ASP AA 197 -112.83 -73.10 129.18
C ASP AA 197 -111.56 -72.37 129.57
N GLU AA 198 -111.58 -71.62 130.67
CA GLU AA 198 -110.37 -71.05 131.25
C GLU AA 198 -110.40 -71.30 132.73
N CYS AA 199 -109.34 -71.92 133.26
CA CYS AA 199 -109.23 -72.25 134.68
C CYS AA 199 -107.88 -71.77 135.19
N MET AA 200 -107.88 -70.63 135.87
CA MET AA 200 -106.67 -70.13 136.50
C MET AA 200 -106.42 -70.89 137.78
N VAL AA 201 -105.19 -71.37 137.95
CA VAL AA 201 -104.77 -72.06 139.18
C VAL AA 201 -103.86 -71.12 139.95
N LEU AA 202 -104.12 -70.97 141.24
CA LEU AA 202 -103.38 -70.05 142.09
C LEU AA 202 -103.16 -70.69 143.45
N ASP AA 203 -102.02 -70.40 144.05
CA ASP AA 203 -101.66 -70.95 145.35
C ASP AA 203 -101.33 -69.81 146.31
N ASN AA 204 -101.60 -70.05 147.59
CA ASN AA 204 -101.26 -69.08 148.63
C ASN AA 204 -99.77 -69.09 148.96
N GLU AA 205 -99.08 -70.19 148.66
CA GLU AA 205 -97.66 -70.29 149.00
C GLU AA 205 -96.84 -69.25 148.26
N ALA AA 206 -96.90 -69.27 146.93
CA ALA AA 206 -96.22 -68.25 146.14
C ALA AA 206 -96.69 -66.86 146.52
N LEU AA 207 -97.96 -66.74 146.94
CA LEU AA 207 -98.45 -65.45 147.40
C LEU AA 207 -97.64 -64.95 148.59
N TYR AA 208 -97.30 -65.84 149.52
CA TYR AA 208 -96.48 -65.43 150.65
C TYR AA 208 -95.07 -65.08 150.21
N ASP AA 209 -94.50 -65.86 149.31
CA ASP AA 209 -93.18 -65.54 148.77
C ASP AA 209 -93.21 -64.20 148.06
N ILE AA 210 -94.14 -64.03 147.12
CA ILE AA 210 -94.32 -62.74 146.46
C ILE AA 210 -94.52 -61.64 147.50
N CYS AA 211 -95.27 -61.94 148.55
CA CYS AA 211 -95.49 -60.94 149.60
C CYS AA 211 -94.24 -60.71 150.43
N PHE AA 212 -93.35 -61.70 150.50
CA PHE AA 212 -92.23 -61.60 151.43
C PHE AA 212 -90.98 -61.02 150.76
N ARG AA 213 -90.44 -61.71 149.75
CA ARG AA 213 -89.25 -61.22 149.08
C ARG AA 213 -89.53 -59.91 148.35
N THR AA 214 -90.42 -59.96 147.37
CA THR AA 214 -90.64 -58.81 146.49
C THR AA 214 -91.23 -57.64 147.26
N LEU AA 215 -92.36 -57.85 147.92
CA LEU AA 215 -93.09 -56.75 148.54
C LEU AA 215 -92.48 -56.27 149.85
N LYS AA 216 -91.46 -56.95 150.37
CA LYS AA 216 -90.82 -56.60 151.65
C LYS AA 216 -91.83 -56.58 152.79
N LEU AA 217 -92.99 -57.19 152.60
CA LEU AA 217 -94.06 -57.12 153.59
C LEU AA 217 -93.69 -57.97 154.79
N THR AA 218 -93.80 -57.38 155.98
CA THR AA 218 -93.39 -58.09 157.19
C THR AA 218 -94.40 -59.16 157.59
N THR AA 219 -95.70 -58.86 157.50
CA THR AA 219 -96.77 -59.79 157.89
C THR AA 219 -97.89 -59.73 156.87
N PRO AA 220 -97.90 -60.64 155.89
CA PRO AA 220 -98.92 -60.60 154.84
C PRO AA 220 -100.25 -61.14 155.35
N THR AA 221 -101.30 -60.35 155.19
CA THR AA 221 -102.65 -60.79 155.51
C THR AA 221 -103.38 -61.17 154.23
N PHE AA 222 -104.55 -61.80 154.42
CA PHE AA 222 -105.34 -62.24 153.27
C PHE AA 222 -105.86 -61.06 152.46
N GLY AA 223 -106.18 -59.94 153.13
CA GLY AA 223 -106.57 -58.75 152.39
C GLY AA 223 -105.52 -58.34 151.37
N ASP AA 224 -104.24 -58.49 151.73
CA ASP AA 224 -103.18 -58.24 150.75
C ASP AA 224 -103.14 -59.32 149.69
N LEU AA 225 -103.30 -60.58 150.09
CA LEU AA 225 -103.36 -61.65 149.10
C LEU AA 225 -104.53 -61.43 148.14
N ASN AA 226 -105.72 -61.17 148.69
CA ASN AA 226 -106.86 -60.83 147.85
C ASN AA 226 -106.62 -59.53 147.10
N HIS AA 227 -105.81 -58.63 147.65
CA HIS AA 227 -105.36 -57.45 146.90
C HIS AA 227 -104.61 -57.88 145.64
N LEU AA 228 -103.73 -58.89 145.77
CA LEU AA 228 -103.05 -59.42 144.60
C LEU AA 228 -104.02 -60.06 143.61
N ILE AA 229 -104.95 -60.87 144.12
CA ILE AA 229 -105.91 -61.52 143.23
C ILE AA 229 -106.76 -60.48 142.53
N SER AA 230 -107.13 -59.42 143.23
CA SER AA 230 -107.90 -58.35 142.61
C SER AA 230 -107.14 -57.73 141.45
N ALA AA 231 -105.81 -57.61 141.60
CA ALA AA 231 -104.99 -56.99 140.57
C ALA AA 231 -105.10 -57.75 139.24
N VAL AA 232 -104.81 -59.04 139.27
CA VAL AA 232 -104.82 -59.82 138.03
C VAL AA 232 -106.23 -59.89 137.45
N MET AA 233 -107.24 -60.04 138.31
CA MET AA 233 -108.61 -60.15 137.83
C MET AA 233 -109.03 -58.89 137.10
N SER AA 234 -108.75 -57.72 137.66
CA SER AA 234 -109.04 -56.47 136.96
C SER AA 234 -108.13 -56.29 135.76
N GLY AA 235 -106.91 -56.84 135.81
CA GLY AA 235 -105.99 -56.72 134.70
C GLY AA 235 -106.42 -57.44 133.44
N ILE AA 236 -107.26 -58.47 133.58
CA ILE AA 236 -107.68 -59.23 132.41
C ILE AA 236 -108.63 -58.41 131.55
N THR AA 237 -109.51 -57.63 132.18
CA THR AA 237 -110.67 -57.07 131.50
C THR AA 237 -110.44 -55.64 131.02
N CYS AA 238 -109.21 -55.12 131.07
CA CYS AA 238 -108.97 -53.79 130.58
C CYS AA 238 -109.25 -53.67 129.08
N CYS AA 239 -109.16 -54.77 128.34
CA CYS AA 239 -109.53 -54.73 126.93
C CYS AA 239 -111.04 -54.61 126.77
N LEU AA 240 -111.81 -55.19 127.69
CA LEU AA 240 -113.26 -55.09 127.61
C LEU AA 240 -113.76 -53.72 128.07
N ARG AA 241 -113.05 -53.07 128.99
CA ARG AA 241 -113.51 -51.82 129.57
C ARG AA 241 -112.85 -50.60 128.95
N PHE AA 242 -111.53 -50.62 128.82
CA PHE AA 242 -110.78 -49.45 128.40
C PHE AA 242 -110.27 -49.61 126.98
N PRO AA 243 -109.95 -48.50 126.29
CA PRO AA 243 -109.41 -48.60 124.93
C PRO AA 243 -108.08 -49.30 124.92
N GLY AA 244 -107.66 -49.69 123.72
CA GLY AA 244 -106.38 -50.33 123.53
C GLY AA 244 -106.00 -50.35 122.08
N GLN AA 245 -104.75 -49.99 121.79
CA GLN AA 245 -104.28 -50.07 120.41
C GLN AA 245 -104.32 -51.51 119.92
N LEU AA 246 -104.21 -52.49 120.81
CA LEU AA 246 -104.38 -53.89 120.47
C LEU AA 246 -105.21 -54.52 121.58
N ASN AA 247 -106.52 -54.62 121.34
CA ASN AA 247 -107.44 -55.11 122.36
C ASN AA 247 -107.48 -56.64 122.33
N ALA AA 248 -107.68 -57.22 123.51
CA ALA AA 248 -107.70 -58.67 123.69
C ALA AA 248 -108.95 -59.07 124.45
N ASP AA 249 -110.02 -59.34 123.71
CA ASP AA 249 -111.26 -59.88 124.27
C ASP AA 249 -110.99 -61.21 124.98
N LEU AA 250 -111.96 -61.64 125.79
CA LEU AA 250 -111.80 -62.89 126.53
C LEU AA 250 -111.72 -64.08 125.60
N ARG AA 251 -112.61 -64.15 124.61
CA ARG AA 251 -112.63 -65.31 123.72
C ARG AA 251 -111.38 -65.38 122.86
N LYS AA 252 -110.96 -64.24 122.28
CA LYS AA 252 -109.72 -64.23 121.50
C LYS AA 252 -108.51 -64.50 122.37
N LEU AA 253 -108.65 -64.42 123.69
CA LEU AA 253 -107.58 -64.87 124.57
C LEU AA 253 -107.58 -66.39 124.67
N ALA AA 254 -108.76 -66.98 124.90
CA ALA AA 254 -108.89 -68.42 125.06
C ALA AA 254 -108.41 -69.15 123.82
N VAL AA 255 -108.92 -68.78 122.65
CA VAL AA 255 -108.55 -69.48 121.43
C VAL AA 255 -107.07 -69.33 121.15
N ASN AA 256 -106.45 -68.28 121.67
CA ASN AA 256 -105.04 -68.04 121.45
C ASN AA 256 -104.14 -68.74 122.48
N LEU AA 257 -104.70 -69.44 123.47
CA LEU AA 257 -103.92 -70.06 124.53
C LEU AA 257 -104.10 -71.56 124.69
N ILE AA 258 -105.26 -72.12 124.42
CA ILE AA 258 -105.45 -73.56 124.57
C ILE AA 258 -105.50 -74.18 123.18
N PRO AA 259 -104.50 -74.98 122.79
CA PRO AA 259 -104.57 -75.68 121.50
C PRO AA 259 -105.47 -76.89 121.54
N PHE AA 260 -105.65 -77.51 122.70
CA PHE AA 260 -106.48 -78.69 122.86
C PHE AA 260 -107.45 -78.46 124.01
N PRO AA 261 -108.67 -79.00 123.91
CA PRO AA 261 -109.75 -78.58 124.83
C PRO AA 261 -109.51 -78.91 126.29
N ARG AA 262 -108.46 -79.67 126.62
CA ARG AA 262 -108.27 -80.12 127.99
C ARG AA 262 -107.15 -79.39 128.72
N LEU AA 263 -106.28 -78.68 128.00
CA LEU AA 263 -105.08 -78.09 128.59
C LEU AA 263 -105.32 -76.64 128.99
N HIS AA 264 -106.31 -76.43 129.85
CA HIS AA 264 -106.81 -75.10 130.17
C HIS AA 264 -106.57 -74.72 131.62
N PHE AA 265 -105.37 -75.00 132.14
CA PHE AA 265 -105.00 -74.68 133.51
C PHE AA 265 -103.81 -73.73 133.46
N PHE AA 266 -104.09 -72.44 133.52
CA PHE AA 266 -103.10 -71.41 133.22
C PHE AA 266 -102.26 -71.08 134.45
N MET AA 267 -101.48 -70.01 134.36
CA MET AA 267 -100.53 -69.63 135.39
C MET AA 267 -100.31 -68.13 135.31
N VAL AA 268 -100.43 -67.43 136.44
CA VAL AA 268 -100.64 -66.00 136.43
C VAL AA 268 -99.59 -65.28 137.26
N GLY AA 269 -99.31 -64.03 136.89
CA GLY AA 269 -98.42 -63.17 137.63
C GLY AA 269 -98.68 -61.71 137.33
N PHE AA 270 -98.29 -60.85 138.25
CA PHE AA 270 -98.55 -59.42 138.14
C PHE AA 270 -97.23 -58.64 138.22
N THR AA 271 -97.27 -57.41 137.69
CA THR AA 271 -96.12 -56.51 137.59
C THR AA 271 -96.62 -55.12 137.23
N PRO AA 272 -96.11 -54.05 137.85
CA PRO AA 272 -95.01 -53.97 138.82
C PRO AA 272 -95.38 -54.45 140.20
N LEU AA 273 -94.37 -54.95 140.91
CA LEU AA 273 -94.53 -55.33 142.32
C LEU AA 273 -93.22 -54.95 143.01
N THR AA 274 -93.31 -54.05 143.98
CA THR AA 274 -92.12 -53.55 144.64
C THR AA 274 -92.50 -52.91 145.96
N SER AA 275 -91.50 -52.72 146.81
CA SER AA 275 -91.69 -52.06 148.09
C SER AA 275 -91.71 -50.54 147.88
N ARG AA 276 -91.64 -49.79 148.98
CA ARG AA 276 -91.54 -48.34 148.88
C ARG AA 276 -90.09 -47.90 148.72
N GLY AA 277 -89.17 -48.58 149.39
CA GLY AA 277 -87.75 -48.26 149.21
C GLY AA 277 -87.30 -48.44 147.78
N SER AA 278 -87.59 -49.62 147.20
CA SER AA 278 -87.17 -49.87 145.83
C SER AA 278 -87.99 -49.08 144.82
N GLN AA 279 -89.22 -48.69 145.17
CA GLN AA 279 -89.98 -47.82 144.28
C GLN AA 279 -89.25 -46.51 144.06
N GLN AA 280 -88.51 -46.04 145.06
CA GLN AA 280 -87.72 -44.82 144.92
C GLN AA 280 -86.62 -44.97 143.89
N TYR AA 281 -86.14 -46.20 143.68
CA TYR AA 281 -85.03 -46.46 142.76
C TYR AA 281 -85.49 -47.01 141.42
N ARG AA 282 -86.22 -48.12 141.42
CA ARG AA 282 -86.58 -48.80 140.18
C ARG AA 282 -87.33 -47.85 139.25
N ALA AA 283 -86.91 -47.86 137.98
CA ALA AA 283 -87.60 -47.10 136.94
C ALA AA 283 -88.61 -48.01 136.23
N LEU AA 284 -89.59 -47.37 135.61
CA LEU AA 284 -90.72 -48.09 135.00
C LEU AA 284 -90.57 -48.00 133.48
N THR AA 285 -90.12 -49.08 132.87
CA THR AA 285 -90.03 -49.18 131.43
C THR AA 285 -90.49 -50.57 131.00
N VAL AA 286 -90.88 -50.70 129.73
CA VAL AA 286 -91.32 -52.00 129.22
C VAL AA 286 -90.27 -53.08 129.43
N PRO AA 287 -88.98 -52.87 129.15
CA PRO AA 287 -88.00 -53.90 129.51
C PRO AA 287 -88.03 -54.27 130.98
N GLU AA 288 -88.29 -53.30 131.86
CA GLU AA 288 -88.35 -53.62 133.28
C GLU AA 288 -89.56 -54.48 133.61
N LEU AA 289 -90.71 -54.18 133.01
CA LEU AA 289 -91.90 -55.00 133.22
C LEU AA 289 -91.71 -56.39 132.62
N THR AA 290 -91.48 -56.45 131.30
CA THR AA 290 -91.43 -57.74 130.61
C THR AA 290 -90.41 -58.69 131.24
N GLN AA 291 -89.41 -58.15 131.94
CA GLN AA 291 -88.47 -59.00 132.64
C GLN AA 291 -89.11 -59.69 133.82
N GLN AA 292 -89.80 -58.92 134.66
CA GLN AA 292 -90.42 -59.47 135.85
C GLN AA 292 -91.55 -60.43 135.50
N MET AA 293 -92.22 -60.18 134.39
CA MET AA 293 -93.28 -61.08 133.93
C MET AA 293 -92.73 -62.48 133.67
N TRP AA 294 -91.69 -62.55 132.83
CA TRP AA 294 -91.04 -63.80 132.43
C TRP AA 294 -90.19 -64.39 133.54
N ASP AA 295 -90.23 -63.82 134.73
CA ASP AA 295 -89.53 -64.40 135.86
C ASP AA 295 -90.28 -65.64 136.35
N ALA AA 296 -89.59 -66.43 137.18
CA ALA AA 296 -90.16 -67.66 137.71
C ALA AA 296 -90.76 -67.48 139.10
N LYS AA 297 -90.71 -66.27 139.66
CA LYS AA 297 -91.20 -66.04 141.01
C LYS AA 297 -92.62 -65.46 141.03
N ASN AA 298 -92.92 -64.53 140.12
CA ASN AA 298 -94.22 -63.89 140.09
C ASN AA 298 -95.34 -64.89 139.80
N MET AA 299 -94.99 -66.11 139.41
CA MET AA 299 -95.98 -67.15 139.15
C MET AA 299 -96.64 -67.51 140.48
N MET AA 300 -97.92 -67.16 140.62
CA MET AA 300 -98.59 -67.37 141.89
C MET AA 300 -98.93 -68.82 142.16
N CYS AA 301 -98.88 -69.68 141.14
CA CYS AA 301 -99.07 -71.11 141.36
C CYS AA 301 -97.74 -71.74 141.70
N ALA AA 302 -97.77 -72.70 142.64
CA ALA AA 302 -96.54 -73.31 143.15
C ALA AA 302 -96.01 -74.33 142.14
N ALA AA 303 -95.45 -73.79 141.06
CA ALA AA 303 -94.84 -74.60 140.02
C ALA AA 303 -93.69 -73.84 139.38
N ASP AA 304 -92.53 -74.47 139.29
CA ASP AA 304 -91.38 -73.85 138.65
C ASP AA 304 -91.50 -74.03 137.15
N PRO AA 305 -91.66 -72.95 136.38
CA PRO AA 305 -91.78 -73.09 134.93
C PRO AA 305 -90.52 -73.62 134.27
N ARG AA 306 -89.38 -73.52 134.93
CA ARG AA 306 -88.14 -74.06 134.37
C ARG AA 306 -88.23 -75.56 134.16
N HIS AA 307 -88.98 -76.25 135.02
CA HIS AA 307 -89.19 -77.69 134.85
C HIS AA 307 -90.23 -78.00 133.79
N GLY AA 308 -90.79 -77.00 133.14
CA GLY AA 308 -91.75 -77.22 132.08
C GLY AA 308 -91.40 -76.46 130.82
N ARG AA 309 -92.30 -76.46 129.86
CA ARG AA 309 -92.08 -75.76 128.59
C ARG AA 309 -93.37 -75.02 128.24
N TYR AA 310 -93.25 -73.71 128.01
CA TYR AA 310 -94.41 -72.88 127.78
C TYR AA 310 -95.07 -73.27 126.46
N LEU AA 311 -96.27 -73.88 126.55
CA LEU AA 311 -97.06 -74.10 125.36
C LEU AA 311 -97.47 -72.76 124.74
N THR AA 312 -98.28 -71.99 125.45
CA THR AA 312 -98.66 -70.65 125.06
C THR AA 312 -98.52 -69.72 126.26
N ALA AA 313 -98.20 -68.47 125.99
CA ALA AA 313 -98.13 -67.44 127.01
C ALA AA 313 -98.76 -66.17 126.48
N SER AA 314 -99.06 -65.24 127.39
CA SER AA 314 -99.69 -63.99 127.00
C SER AA 314 -99.51 -62.97 128.11
N ALA AA 315 -99.26 -61.74 127.73
CA ALA AA 315 -99.11 -60.64 128.67
C ALA AA 315 -99.97 -59.47 128.22
N LEU AA 316 -100.60 -58.80 129.17
CA LEU AA 316 -101.51 -57.70 128.90
C LEU AA 316 -100.97 -56.45 129.57
N PHE AA 317 -100.65 -55.43 128.77
CA PHE AA 317 -100.07 -54.20 129.26
C PHE AA 317 -101.10 -53.09 129.27
N ARG AA 318 -101.00 -52.22 130.27
CA ARG AA 318 -101.86 -51.05 130.35
C ARG AA 318 -101.03 -49.85 130.72
N GLY AA 319 -101.10 -48.80 129.90
CA GLY AA 319 -100.31 -47.60 130.06
C GLY AA 319 -99.76 -47.22 128.71
N ARG AA 320 -99.59 -45.93 128.49
CA ARG AA 320 -99.08 -45.44 127.20
C ARG AA 320 -97.63 -45.84 127.04
N MET AA 321 -97.31 -46.50 125.94
CA MET AA 321 -95.96 -46.99 125.69
C MET AA 321 -95.84 -47.29 124.20
N SER AA 322 -94.59 -47.47 123.75
CA SER AA 322 -94.33 -47.83 122.36
C SER AA 322 -94.56 -49.32 122.21
N THR AA 323 -95.56 -49.70 121.41
CA THR AA 323 -95.86 -51.10 121.21
C THR AA 323 -94.70 -51.84 120.58
N LYS AA 324 -93.88 -51.14 119.80
CA LYS AA 324 -92.74 -51.79 119.15
C LYS AA 324 -91.79 -52.39 120.17
N GLU AA 325 -91.58 -51.68 121.29
CA GLU AA 325 -90.75 -52.23 122.35
C GLU AA 325 -91.33 -53.54 122.86
N VAL AA 326 -92.62 -53.56 123.15
CA VAL AA 326 -93.26 -54.78 123.63
C VAL AA 326 -93.08 -55.90 122.63
N ASP AA 327 -93.22 -55.60 121.33
CA ASP AA 327 -93.05 -56.63 120.32
C ASP AA 327 -91.66 -57.24 120.38
N GLU AA 328 -90.62 -56.39 120.29
CA GLU AA 328 -89.26 -56.91 120.26
C GLU AA 328 -88.85 -57.51 121.61
N GLN AA 329 -89.58 -57.20 122.68
CA GLN AA 329 -89.27 -57.81 123.97
C GLN AA 329 -89.62 -59.29 123.96
N MET AA 330 -90.91 -59.60 123.74
CA MET AA 330 -91.33 -61.00 123.70
C MET AA 330 -90.57 -61.79 122.65
N LEU AA 331 -90.31 -61.18 121.49
CA LEU AA 331 -89.48 -61.81 120.48
C LEU AA 331 -88.11 -62.15 121.06
N ASN AA 332 -87.55 -61.24 121.85
CA ASN AA 332 -86.23 -61.48 122.42
C ASN AA 332 -86.27 -62.59 123.45
N VAL AA 333 -87.34 -62.67 124.25
CA VAL AA 333 -87.44 -63.73 125.24
C VAL AA 333 -87.62 -65.07 124.57
N GLN AA 334 -88.57 -65.17 123.64
CA GLN AA 334 -88.75 -66.40 122.87
C GLN AA 334 -87.45 -66.88 122.25
N ASN AA 335 -86.56 -65.95 121.91
CA ASN AA 335 -85.31 -66.29 121.25
C ASN AA 335 -84.22 -66.70 122.22
N LYS AA 336 -84.15 -66.05 123.38
CA LYS AA 336 -83.03 -66.28 124.29
C LYS AA 336 -83.09 -67.66 124.92
N ASN AA 337 -84.13 -67.93 125.71
CA ASN AA 337 -84.30 -69.24 126.33
C ASN AA 337 -85.24 -70.12 125.51
N SER AA 338 -84.76 -70.44 124.30
CA SER AA 338 -85.55 -71.17 123.32
C SER AA 338 -85.87 -72.60 123.75
N SER AA 339 -85.38 -73.06 124.90
CA SER AA 339 -85.70 -74.41 125.35
C SER AA 339 -87.07 -74.49 126.01
N TYR AA 340 -87.48 -73.44 126.71
CA TYR AA 340 -88.74 -73.44 127.45
C TYR AA 340 -89.96 -73.27 126.58
N PHE AA 341 -89.79 -73.30 125.26
CA PHE AA 341 -90.89 -73.05 124.35
C PHE AA 341 -90.97 -74.18 123.33
N VAL AA 342 -92.21 -74.55 122.97
CA VAL AA 342 -92.41 -75.63 122.03
C VAL AA 342 -91.97 -75.20 120.63
N GLU AA 343 -91.73 -76.19 119.77
CA GLU AA 343 -91.24 -75.91 118.43
C GLU AA 343 -92.35 -75.88 117.40
N TRP AA 344 -93.36 -76.76 117.55
CA TRP AA 344 -94.44 -76.79 116.57
C TRP AA 344 -95.23 -75.49 116.55
N ILE AA 345 -95.16 -74.71 117.61
CA ILE AA 345 -95.75 -73.36 117.64
C ILE AA 345 -94.62 -72.36 117.44
N PRO AA 346 -94.52 -71.71 116.28
CA PRO AA 346 -93.40 -70.79 116.04
C PRO AA 346 -93.40 -69.60 116.98
N ASN AA 347 -94.50 -68.85 116.98
CA ASN AA 347 -94.68 -67.71 117.87
C ASN AA 347 -95.78 -68.08 118.85
N ASN AA 348 -95.41 -68.31 120.11
CA ASN AA 348 -96.33 -68.86 121.09
C ASN AA 348 -96.77 -67.86 122.15
N VAL AA 349 -96.33 -66.61 122.06
CA VAL AA 349 -96.73 -65.60 123.03
C VAL AA 349 -97.71 -64.65 122.36
N LYS AA 350 -98.66 -64.14 123.15
CA LYS AA 350 -99.58 -63.10 122.70
C LYS AA 350 -99.27 -61.80 123.43
N SER AA 351 -99.25 -60.71 122.67
CA SER AA 351 -98.96 -59.39 123.20
C SER AA 351 -100.19 -58.52 123.05
N SER AA 352 -100.73 -58.04 124.16
CA SER AA 352 -101.87 -57.14 124.16
C SER AA 352 -101.56 -55.91 125.00
N VAL AA 353 -101.97 -54.74 124.49
CA VAL AA 353 -101.67 -53.46 125.13
C VAL AA 353 -102.97 -52.69 125.28
N CYS AA 354 -103.17 -52.12 126.47
CA CYS AA 354 -104.30 -51.24 126.75
C CYS AA 354 -103.82 -49.80 126.86
N ASP AA 355 -104.74 -48.87 126.62
CA ASP AA 355 -104.39 -47.46 126.60
C ASP AA 355 -104.53 -46.77 127.94
N ILE AA 356 -105.03 -47.44 128.97
CA ILE AA 356 -105.26 -46.77 130.25
C ILE AA 356 -104.54 -47.50 131.37
N PRO AA 357 -103.70 -46.81 132.13
CA PRO AA 357 -102.93 -47.46 133.19
C PRO AA 357 -103.81 -47.68 134.41
N PRO AA 358 -103.27 -48.29 135.48
CA PRO AA 358 -104.03 -48.40 136.72
C PRO AA 358 -104.35 -47.03 137.31
N LYS AA 359 -105.14 -47.00 138.39
CA LYS AA 359 -105.59 -45.72 138.93
C LYS AA 359 -104.44 -44.90 139.49
N GLY AA 360 -103.36 -45.55 139.92
CA GLY AA 360 -102.28 -44.82 140.55
C GLY AA 360 -100.99 -44.78 139.75
N LEU AA 361 -100.72 -45.85 139.00
CA LEU AA 361 -99.45 -45.98 138.32
C LEU AA 361 -99.52 -45.42 136.90
N LYS AA 362 -98.43 -45.58 136.16
CA LYS AA 362 -98.34 -45.18 134.77
C LYS AA 362 -98.29 -46.36 133.81
N MET AA 363 -97.79 -47.52 134.25
CA MET AA 363 -97.76 -48.70 133.42
C MET AA 363 -97.79 -49.94 134.31
N SER AA 364 -98.40 -50.99 133.80
CA SER AA 364 -98.52 -52.26 134.52
C SER AA 364 -98.85 -53.34 133.53
N ALA AA 365 -98.70 -54.59 133.98
CA ALA AA 365 -98.89 -55.72 133.10
C ALA AA 365 -99.21 -56.97 133.91
N THR AA 366 -99.81 -57.94 133.22
CA THR AA 366 -100.24 -59.18 133.85
C THR AA 366 -99.87 -60.35 132.98
N PHE AA 367 -99.48 -61.44 133.60
CA PHE AA 367 -98.90 -62.55 132.85
C PHE AA 367 -99.80 -63.77 132.96
N ILE AA 368 -100.14 -64.39 131.81
CA ILE AA 368 -100.85 -65.66 131.75
C ILE AA 368 -100.00 -66.65 130.99
N GLY AA 369 -99.66 -67.76 131.62
CA GLY AA 369 -98.84 -68.77 130.98
C GLY AA 369 -99.44 -70.15 131.10
N ASN AA 370 -99.46 -70.86 129.99
CA ASN AA 370 -99.89 -72.26 129.95
C ASN AA 370 -98.64 -73.10 129.71
N SER AA 371 -97.96 -73.46 130.80
CA SER AA 371 -96.72 -74.20 130.73
C SER AA 371 -96.91 -75.61 131.27
N THR AA 372 -96.19 -76.56 130.67
CA THR AA 372 -96.23 -77.94 131.13
C THR AA 372 -95.74 -78.12 132.56
N ALA AA 373 -95.12 -77.10 133.15
CA ALA AA 373 -94.68 -77.20 134.53
C ALA AA 373 -95.84 -77.36 135.49
N ILE AA 374 -97.05 -76.97 135.09
CA ILE AA 374 -98.19 -77.07 135.98
C ILE AA 374 -98.56 -78.53 136.23
N GLN AA 375 -98.12 -79.45 135.39
CA GLN AA 375 -98.40 -80.87 135.61
C GLN AA 375 -97.77 -81.37 136.90
N GLU AA 376 -96.82 -80.62 137.48
CA GLU AA 376 -96.27 -81.00 138.76
C GLU AA 376 -97.33 -80.94 139.85
N MET AA 377 -98.06 -79.82 139.92
CA MET AA 377 -99.07 -79.64 140.95
C MET AA 377 -100.04 -80.81 140.99
N PHE AA 378 -100.60 -81.18 139.83
CA PHE AA 378 -101.52 -82.31 139.78
C PHE AA 378 -100.83 -83.60 140.21
N LYS AA 379 -99.53 -83.75 139.92
CA LYS AA 379 -98.82 -84.94 140.35
C LYS AA 379 -98.77 -85.03 141.86
N ARG AA 380 -98.70 -83.88 142.54
CA ARG AA 380 -98.59 -83.88 144.00
C ARG AA 380 -99.91 -84.30 144.65
N VAL AA 381 -101.02 -83.74 144.18
CA VAL AA 381 -102.30 -84.07 144.79
C VAL AA 381 -102.68 -85.52 144.49
N SER AA 382 -102.36 -86.01 143.30
CA SER AA 382 -102.67 -87.40 142.96
C SER AA 382 -102.01 -88.36 143.93
N GLU AA 383 -100.80 -88.03 144.39
CA GLU AA 383 -100.12 -88.88 145.35
C GLU AA 383 -100.87 -88.92 146.68
N GLN AA 384 -101.17 -87.75 147.24
CA GLN AA 384 -101.88 -87.71 148.51
C GLN AA 384 -103.27 -88.33 148.39
N PHE AA 385 -103.89 -88.22 147.22
CA PHE AA 385 -105.19 -88.85 147.03
C PHE AA 385 -105.08 -90.36 147.09
N THR AA 386 -104.13 -90.94 146.36
CA THR AA 386 -103.98 -92.39 146.36
C THR AA 386 -103.43 -92.90 147.69
N ALA AA 387 -102.84 -92.04 148.50
CA ALA AA 387 -102.34 -92.46 149.81
C ALA AA 387 -103.49 -92.85 150.73
N MET AA 388 -104.43 -91.94 150.94
CA MET AA 388 -105.55 -92.21 151.84
C MET AA 388 -106.53 -93.19 151.22
N PHE AA 389 -106.77 -93.08 149.91
CA PHE AA 389 -107.66 -94.04 149.26
C PHE AA 389 -107.09 -95.45 149.33
N ARG AA 390 -105.77 -95.58 149.44
CA ARG AA 390 -105.19 -96.89 149.67
C ARG AA 390 -105.57 -97.44 151.05
N ARG AA 391 -105.79 -96.55 152.01
CA ARG AA 391 -106.21 -96.94 153.35
C ARG AA 391 -107.69 -96.68 153.60
N LYS AA 392 -108.36 -96.00 152.66
CA LYS AA 392 -109.78 -95.66 152.81
C LYS AA 392 -110.03 -94.86 154.08
N ALA AA 393 -109.07 -94.01 154.43
CA ALA AA 393 -109.22 -93.15 155.59
C ALA AA 393 -110.20 -92.02 155.29
N PHE AA 394 -111.04 -91.70 156.28
CA PHE AA 394 -112.04 -90.64 156.20
C PHE AA 394 -113.09 -90.90 155.14
N LEU AA 395 -113.04 -92.05 154.47
CA LEU AA 395 -113.88 -92.31 153.32
C LEU AA 395 -115.34 -92.53 153.70
N HIS AA 396 -115.61 -92.88 154.96
CA HIS AA 396 -116.99 -93.12 155.38
C HIS AA 396 -117.86 -91.88 155.22
N TRP AA 397 -117.25 -90.69 155.26
CA TRP AA 397 -118.02 -89.45 155.13
C TRP AA 397 -118.63 -89.32 153.75
N TYR AA 398 -117.80 -89.40 152.70
CA TYR AA 398 -118.29 -89.23 151.34
C TYR AA 398 -119.25 -90.34 150.95
N THR AA 399 -118.99 -91.57 151.41
CA THR AA 399 -119.97 -92.63 151.25
C THR AA 399 -121.24 -92.37 152.05
N GLY AA 400 -121.15 -91.55 153.10
CA GLY AA 400 -122.32 -91.16 153.87
C GLY AA 400 -123.25 -90.21 153.14
N GLU AA 401 -122.89 -89.78 151.93
CA GLU AA 401 -123.75 -88.93 151.11
C GLU AA 401 -124.20 -89.64 149.83
N GLY AA 402 -124.12 -90.97 149.80
CA GLY AA 402 -124.55 -91.73 148.65
C GLY AA 402 -123.47 -92.02 147.63
N MET AA 403 -122.29 -91.43 147.76
CA MET AA 403 -121.24 -91.64 146.78
C MET AA 403 -120.64 -93.04 146.90
N ASP AA 404 -119.93 -93.45 145.86
CA ASP AA 404 -119.23 -94.73 145.86
C ASP AA 404 -117.76 -94.51 145.54
N GLU AA 405 -117.03 -95.60 145.30
CA GLU AA 405 -115.60 -95.51 145.06
C GLU AA 405 -115.26 -95.34 143.58
N MET AA 406 -116.12 -95.81 142.70
CA MET AA 406 -115.88 -95.65 141.27
C MET AA 406 -115.72 -94.18 140.89
N GLU AA 407 -116.52 -93.30 141.49
CA GLU AA 407 -116.41 -91.88 141.20
C GLU AA 407 -115.02 -91.36 141.56
N PHE AA 408 -114.42 -91.88 142.63
CA PHE AA 408 -113.07 -91.48 142.99
C PHE AA 408 -112.06 -91.97 141.97
N THR AA 409 -112.14 -93.26 141.61
CA THR AA 409 -111.19 -93.82 140.66
C THR AA 409 -111.27 -93.14 139.30
N GLU AA 410 -112.47 -92.73 138.89
CA GLU AA 410 -112.60 -92.00 137.62
C GLU AA 410 -111.93 -90.63 137.70
N ALA AA 411 -112.19 -89.90 138.78
CA ALA AA 411 -111.54 -88.61 138.97
C ALA AA 411 -110.02 -88.75 138.91
N GLU AA 412 -109.48 -89.72 139.65
CA GLU AA 412 -108.04 -89.97 139.60
C GLU AA 412 -107.62 -90.41 138.20
N SER AA 413 -108.40 -91.28 137.57
CA SER AA 413 -108.10 -91.68 136.19
C SER AA 413 -108.17 -90.48 135.26
N ASN AA 414 -109.20 -89.63 135.43
CA ASN AA 414 -109.26 -88.39 134.66
C ASN AA 414 -108.07 -87.49 134.96
N MET AA 415 -107.54 -87.57 136.18
CA MET AA 415 -106.36 -86.78 136.51
C MET AA 415 -105.12 -87.27 135.76
N ASN AA 416 -104.89 -88.58 135.75
CA ASN AA 416 -103.71 -89.10 135.08
C ASN AA 416 -103.77 -88.92 133.57
N ASP AA 417 -104.98 -88.97 133.00
CA ASP AA 417 -105.12 -88.62 131.59
C ASP AA 417 -104.68 -87.18 131.34
N LEU AA 418 -104.92 -86.29 132.31
CA LEU AA 418 -104.53 -84.90 132.16
C LEU AA 418 -103.02 -84.73 132.28
N VAL AA 419 -102.42 -85.29 133.33
CA VAL AA 419 -100.99 -85.13 133.54
C VAL AA 419 -100.20 -85.77 132.41
N SER AA 420 -100.77 -86.78 131.75
CA SER AA 420 -100.10 -87.37 130.60
C SER AA 420 -100.15 -86.43 129.39
N GLU AA 421 -101.27 -85.74 129.20
CA GLU AA 421 -101.36 -84.78 128.11
C GLU AA 421 -100.28 -83.72 128.22
N TYR AA 422 -99.91 -83.35 129.45
CA TYR AA 422 -98.83 -82.41 129.65
C TYR AA 422 -97.46 -83.06 129.44
N GLN AA 423 -97.37 -84.38 129.49
CA GLN AA 423 -96.10 -85.06 129.28
C GLN AA 423 -95.81 -85.25 127.79
N GLN AA 424 -96.83 -85.66 127.02
CA GLN AA 424 -96.67 -85.83 125.58
C GLN AA 424 -96.07 -84.57 124.95
N TYR AA 425 -96.75 -83.46 125.12
CA TYR AA 425 -96.33 -82.18 124.58
C TYR AA 425 -95.13 -81.61 125.28
N GLN AA 426 -94.52 -82.38 126.18
CA GLN AA 426 -93.27 -82.00 126.83
C GLN AA 426 -92.16 -82.86 126.25
N ASP AA 427 -91.31 -82.27 125.42
CA ASP AA 427 -90.17 -82.94 124.83
C ASP AA 427 -88.89 -82.66 125.62
N ALA AA 428 -89.03 -82.49 126.94
CA ALA AA 428 -87.92 -82.20 127.84
C ALA AA 428 -87.17 -80.94 127.42
N MET BA 1 51.59 -65.48 12.05
CA MET BA 1 51.06 -66.80 12.36
C MET BA 1 52.10 -67.65 13.08
N ARG BA 2 52.11 -68.95 12.78
CA ARG BA 2 53.05 -69.90 13.39
C ARG BA 2 52.91 -69.94 14.91
N GLU BA 3 51.69 -69.82 15.40
CA GLU BA 3 51.46 -69.84 16.84
C GLU BA 3 51.91 -71.16 17.43
N ILE BA 4 52.41 -71.10 18.66
CA ILE BA 4 52.94 -72.27 19.37
C ILE BA 4 52.17 -72.45 20.66
N VAL BA 5 51.65 -73.65 20.88
CA VAL BA 5 50.99 -74.03 22.12
C VAL BA 5 52.00 -74.78 22.98
N HIS BA 6 51.91 -74.59 24.29
CA HIS BA 6 52.93 -75.06 25.22
C HIS BA 6 52.30 -75.93 26.30
N ILE BA 7 53.04 -76.95 26.72
CA ILE BA 7 52.62 -77.85 27.80
C ILE BA 7 53.74 -77.85 28.84
N GLN BA 8 53.37 -78.17 30.08
CA GLN BA 8 54.34 -78.24 31.18
C GLN BA 8 53.95 -79.43 32.06
N GLY BA 9 54.63 -80.55 31.88
CA GLY BA 9 54.31 -81.78 32.58
C GLY BA 9 55.22 -82.03 33.77
N GLY BA 10 54.63 -82.55 34.85
CA GLY BA 10 55.39 -82.88 36.03
C GLY BA 10 55.91 -81.66 36.76
N GLN BA 11 56.53 -81.91 37.92
CA GLN BA 11 57.05 -80.82 38.74
C GLN BA 11 58.10 -80.02 37.99
N CYS BA 12 59.15 -80.69 37.51
CA CYS BA 12 60.22 -80.01 36.78
C CYS BA 12 59.67 -79.27 35.57
N GLY BA 13 58.88 -79.96 34.74
CA GLY BA 13 58.29 -79.30 33.59
C GLY BA 13 57.42 -78.12 33.98
N ASN BA 14 56.70 -78.25 35.09
CA ASN BA 14 55.99 -77.08 35.63
C ASN BA 14 56.97 -76.01 36.07
N GLN BA 15 58.15 -76.40 36.52
CA GLN BA 15 59.08 -75.45 37.14
C GLN BA 15 59.95 -74.74 36.12
N ILE BA 16 60.53 -75.47 35.16
CA ILE BA 16 61.32 -74.80 34.13
C ILE BA 16 60.43 -73.89 33.29
N GLY BA 17 59.14 -74.23 33.17
CA GLY BA 17 58.21 -73.36 32.50
C GLY BA 17 57.98 -72.04 33.20
N ALA BA 18 58.24 -71.99 34.51
CA ALA BA 18 58.15 -70.72 35.22
C ALA BA 18 59.23 -69.76 34.76
N LYS BA 19 60.41 -70.28 34.43
CA LYS BA 19 61.48 -69.42 33.92
C LYS BA 19 61.27 -69.11 32.45
N PHE BA 20 61.08 -70.14 31.62
CA PHE BA 20 60.87 -69.93 30.20
C PHE BA 20 59.75 -68.94 29.93
N TRP BA 21 58.71 -68.97 30.77
CA TRP BA 21 57.66 -67.98 30.66
C TRP BA 21 57.99 -66.68 31.39
N GLU BA 22 59.12 -66.63 32.09
CA GLU BA 22 59.56 -65.38 32.68
C GLU BA 22 60.61 -64.70 31.83
N VAL BA 23 61.47 -65.48 31.17
CA VAL BA 23 62.45 -64.91 30.25
C VAL BA 23 61.74 -64.29 29.05
N VAL BA 24 60.94 -65.09 28.35
CA VAL BA 24 60.25 -64.61 27.15
C VAL BA 24 59.36 -63.42 27.48
N SER BA 25 58.72 -63.44 28.65
CA SER BA 25 57.88 -62.32 29.04
C SER BA 25 58.67 -61.01 29.09
N ASP BA 26 59.97 -61.10 29.34
CA ASP BA 26 60.82 -59.91 29.34
C ASP BA 26 61.40 -59.61 27.97
N GLU BA 27 61.81 -60.65 27.24
CA GLU BA 27 62.33 -60.45 25.89
C GLU BA 27 61.34 -59.68 25.03
N HIS BA 28 60.06 -59.98 25.17
CA HIS BA 28 59.02 -59.22 24.48
C HIS BA 28 58.56 -57.99 25.25
N GLY BA 29 59.12 -57.75 26.43
CA GLY BA 29 58.88 -56.50 27.13
C GLY BA 29 57.48 -56.30 27.67
N ILE BA 30 56.87 -57.35 28.22
CA ILE BA 30 55.58 -57.21 28.90
C ILE BA 30 55.81 -57.32 30.40
N ASP BA 31 54.84 -56.84 31.14
CA ASP BA 31 54.86 -56.78 32.59
C ASP BA 31 54.13 -57.99 33.17
N PRO BA 32 54.43 -58.39 34.40
CA PRO BA 32 53.61 -59.42 35.05
C PRO BA 32 52.15 -59.05 35.16
N THR BA 33 51.81 -57.78 35.02
CA THR BA 33 50.42 -57.37 34.84
C THR BA 33 49.86 -57.84 33.51
N GLY BA 34 50.71 -58.29 32.58
CA GLY BA 34 50.26 -58.70 31.27
C GLY BA 34 50.21 -57.59 30.25
N THR BA 35 50.59 -56.38 30.62
CA THR BA 35 50.56 -55.24 29.72
C THR BA 35 51.95 -54.99 29.14
N TYR BA 36 52.01 -54.82 27.83
CA TYR BA 36 53.28 -54.65 27.14
C TYR BA 36 53.87 -53.29 27.45
N HIS BA 37 55.17 -53.26 27.79
CA HIS BA 37 55.86 -52.00 28.04
C HIS BA 37 57.26 -52.01 27.46
N GLY BA 38 57.46 -52.69 26.32
CA GLY BA 38 58.71 -52.61 25.60
C GLY BA 38 58.82 -51.31 24.84
N ASP BA 39 59.60 -51.33 23.78
CA ASP BA 39 59.79 -50.09 23.04
C ASP BA 39 59.52 -50.22 21.54
N SER BA 40 59.87 -51.36 20.93
CA SER BA 40 59.82 -51.46 19.49
C SER BA 40 58.53 -52.10 19.00
N ASP BA 41 58.34 -52.05 17.68
CA ASP BA 41 57.27 -52.77 17.03
C ASP BA 41 57.60 -54.25 16.87
N LEU BA 42 58.89 -54.60 16.89
CA LEU BA 42 59.29 -55.98 16.65
C LEU BA 42 58.85 -56.90 17.78
N GLN BA 43 58.74 -56.38 19.00
CA GLN BA 43 58.18 -57.18 20.08
C GLN BA 43 56.72 -57.53 19.84
N LEU BA 44 56.03 -56.73 19.05
CA LEU BA 44 54.60 -56.91 18.84
C LEU BA 44 54.27 -57.58 17.52
N GLU BA 45 55.23 -57.68 16.59
CA GLU BA 45 54.88 -58.20 15.26
C GLU BA 45 54.58 -59.69 15.32
N ARG BA 46 55.36 -60.45 16.07
CA ARG BA 46 55.18 -61.88 16.20
C ARG BA 46 54.96 -62.28 17.65
N ILE BA 47 54.35 -61.39 18.43
CA ILE BA 47 53.99 -61.71 19.81
C ILE BA 47 52.97 -62.82 19.86
N ASN BA 48 52.22 -63.03 18.79
CA ASN BA 48 51.16 -64.03 18.76
C ASN BA 48 51.66 -65.45 18.92
N VAL BA 49 52.97 -65.67 18.80
CA VAL BA 49 53.49 -67.03 18.83
C VAL BA 49 53.37 -67.63 20.23
N TYR BA 50 53.46 -66.80 21.27
CA TYR BA 50 53.48 -67.29 22.64
C TYR BA 50 52.36 -66.74 23.50
N PHE BA 51 51.46 -65.94 22.96
CA PHE BA 51 50.49 -65.24 23.79
C PHE BA 51 49.15 -65.19 23.09
N ASN BA 52 48.16 -64.69 23.82
CA ASN BA 52 46.86 -64.39 23.28
C ASN BA 52 46.50 -62.95 23.62
N GLU BA 53 45.67 -62.35 22.80
CA GLU BA 53 45.09 -61.07 23.16
C GLU BA 53 44.30 -61.20 24.45
N ALA BA 54 44.10 -60.06 25.13
CA ALA BA 54 43.23 -60.02 26.29
C ALA BA 54 42.64 -58.62 26.39
N THR BA 55 41.54 -58.52 27.13
CA THR BA 55 40.91 -57.23 27.34
C THR BA 55 41.85 -56.28 28.05
N GLY BA 56 41.88 -55.04 27.59
CA GLY BA 56 42.75 -54.04 28.19
C GLY BA 56 44.18 -54.11 27.73
N GLY BA 57 44.42 -54.45 26.46
CA GLY BA 57 45.78 -54.52 25.94
C GLY BA 57 46.68 -55.45 26.72
N ARG BA 58 46.15 -56.61 27.13
CA ARG BA 58 46.89 -57.56 27.95
C ARG BA 58 47.22 -58.80 27.11
N TYR BA 59 48.34 -59.43 27.44
CA TYR BA 59 48.77 -60.66 26.78
C TYR BA 59 49.00 -61.74 27.82
N VAL BA 60 48.36 -62.89 27.64
CA VAL BA 60 48.51 -64.01 28.56
C VAL BA 60 49.20 -65.14 27.82
N PRO BA 61 50.05 -65.91 28.48
CA PRO BA 61 50.79 -66.97 27.78
C PRO BA 61 49.90 -68.11 27.36
N ARG BA 62 50.19 -68.67 26.19
CA ARG BA 62 49.49 -69.85 25.68
C ARG BA 62 50.13 -71.11 26.25
N ALA BA 63 50.07 -71.22 27.57
CA ALA BA 63 50.67 -72.34 28.29
C ALA BA 63 49.60 -73.17 28.99
N ILE BA 64 49.91 -74.45 29.17
CA ILE BA 64 49.03 -75.40 29.86
C ILE BA 64 49.86 -76.12 30.91
N LEU BA 65 49.41 -76.05 32.16
CA LEU BA 65 50.15 -76.61 33.28
C LEU BA 65 49.38 -77.81 33.81
N MET BA 66 49.98 -79.00 33.70
CA MET BA 66 49.37 -80.23 34.18
C MET BA 66 50.27 -80.84 35.24
N ASP BA 67 49.66 -81.25 36.36
CA ASP BA 67 50.40 -81.92 37.42
C ASP BA 67 49.46 -82.53 38.45
N LEU BA 68 49.65 -83.79 38.79
CA LEU BA 68 48.98 -84.31 39.96
C LEU BA 68 49.59 -83.68 41.22
N GLU BA 69 48.81 -83.65 42.30
CA GLU BA 69 49.25 -83.00 43.53
C GLU BA 69 49.51 -81.51 43.31
N PRO BA 70 48.48 -80.69 43.28
CA PRO BA 70 48.63 -79.29 42.86
C PRO BA 70 49.41 -78.42 43.83
N GLY BA 71 50.08 -79.05 44.80
CA GLY BA 71 50.89 -78.28 45.75
C GLY BA 71 51.84 -77.30 45.06
N THR BA 72 52.61 -77.79 44.09
CA THR BA 72 53.60 -76.91 43.45
C THR BA 72 52.96 -75.85 42.58
N MET BA 73 51.78 -76.12 42.01
CA MET BA 73 51.11 -75.12 41.18
C MET BA 73 50.75 -73.89 41.97
N ASP BA 74 50.75 -73.98 43.30
CA ASP BA 74 50.62 -72.78 44.11
C ASP BA 74 51.90 -71.96 44.07
N SER BA 75 53.06 -72.64 44.03
CA SER BA 75 54.34 -71.94 44.00
C SER BA 75 54.45 -71.03 42.79
N VAL BA 76 54.26 -71.60 41.59
CA VAL BA 76 54.32 -70.78 40.38
C VAL BA 76 53.25 -69.70 40.40
N ARG BA 77 52.07 -70.00 40.96
CA ARG BA 77 51.05 -68.97 41.09
C ARG BA 77 51.48 -67.89 42.06
N SER BA 78 52.33 -68.23 43.03
CA SER BA 78 52.87 -67.25 43.95
C SER BA 78 54.18 -66.64 43.45
N GLY BA 79 54.77 -67.20 42.41
CA GLY BA 79 55.96 -66.62 41.81
C GLY BA 79 55.69 -65.23 41.28
N PRO BA 80 56.74 -64.50 40.92
CA PRO BA 80 56.55 -63.13 40.45
C PRO BA 80 55.72 -63.03 39.19
N TYR BA 81 55.79 -64.03 38.32
CA TYR BA 81 55.05 -64.03 37.06
C TYR BA 81 54.02 -65.15 37.01
N GLY BA 82 53.34 -65.38 38.13
CA GLY BA 82 52.27 -66.35 38.16
C GLY BA 82 50.94 -65.70 37.84
N GLN BA 83 50.93 -64.37 37.86
CA GLN BA 83 49.69 -63.63 37.63
C GLN BA 83 49.27 -63.63 36.17
N ILE BA 84 50.17 -63.97 35.26
CA ILE BA 84 49.85 -63.90 33.83
C ILE BA 84 49.10 -65.14 33.33
N PHE BA 85 49.23 -66.27 34.01
CA PHE BA 85 48.60 -67.49 33.53
C PHE BA 85 47.09 -67.43 33.69
N ARG BA 86 46.40 -68.10 32.79
CA ARG BA 86 44.95 -68.24 32.88
C ARG BA 86 44.63 -69.29 33.93
N PRO BA 87 44.04 -68.92 35.08
CA PRO BA 87 43.80 -69.91 36.14
C PRO BA 87 42.89 -71.05 35.73
N ASP BA 88 42.27 -70.99 34.55
CA ASP BA 88 41.63 -72.18 34.02
C ASP BA 88 42.62 -73.08 33.28
N ASN BA 89 43.82 -72.57 33.01
CA ASN BA 89 44.92 -73.41 32.51
C ASN BA 89 45.75 -73.94 33.67
N PHE BA 90 45.08 -74.51 34.65
CA PHE BA 90 45.73 -75.18 35.78
C PHE BA 90 44.97 -76.47 36.03
N VAL BA 91 45.39 -77.54 35.36
CA VAL BA 91 44.76 -78.84 35.49
C VAL BA 91 45.58 -79.67 36.47
N PHE BA 92 44.91 -80.21 37.48
CA PHE BA 92 45.63 -80.97 38.49
C PHE BA 92 44.71 -81.98 39.15
N GLY BA 93 45.34 -82.97 39.78
CA GLY BA 93 44.62 -83.94 40.58
C GLY BA 93 45.26 -84.07 41.94
N GLN BA 94 44.44 -84.32 42.95
CA GLN BA 94 44.92 -84.23 44.32
C GLN BA 94 45.79 -85.42 44.70
N THR BA 95 45.42 -86.63 44.26
CA THR BA 95 46.20 -87.80 44.57
C THR BA 95 47.59 -87.71 43.94
N GLY BA 96 48.60 -88.15 44.68
CA GLY BA 96 49.97 -88.08 44.22
C GLY BA 96 50.24 -89.01 43.05
N ALA BA 97 51.48 -88.98 42.59
CA ALA BA 97 51.89 -89.80 41.46
C ALA BA 97 52.52 -91.13 41.88
N GLY BA 98 53.24 -91.15 42.99
CA GLY BA 98 53.89 -92.36 43.44
C GLY BA 98 55.09 -92.79 42.63
N ASN BA 99 55.53 -91.98 41.67
CA ASN BA 99 56.59 -92.35 40.73
C ASN BA 99 56.27 -93.65 40.01
N ASN BA 100 54.99 -93.95 39.84
CA ASN BA 100 54.56 -95.11 39.08
C ASN BA 100 54.14 -94.64 37.70
N TRP BA 101 54.82 -95.15 36.68
CA TRP BA 101 54.42 -94.84 35.31
C TRP BA 101 53.00 -95.31 35.03
N ALA BA 102 52.60 -96.44 35.61
CA ALA BA 102 51.30 -97.02 35.28
C ALA BA 102 50.16 -96.08 35.65
N LYS BA 103 50.00 -95.79 36.95
CA LYS BA 103 48.91 -94.92 37.36
C LYS BA 103 49.03 -93.54 36.74
N GLY BA 104 50.26 -93.05 36.54
CA GLY BA 104 50.45 -91.83 35.78
C GLY BA 104 50.06 -91.96 34.33
N HIS BA 105 49.91 -93.19 33.82
CA HIS BA 105 49.58 -93.43 32.44
C HIS BA 105 48.39 -94.36 32.24
N TYR BA 106 47.89 -95.00 33.28
CA TYR BA 106 46.74 -95.90 33.15
C TYR BA 106 45.53 -95.44 33.95
N THR BA 107 45.67 -95.19 35.25
CA THR BA 107 44.54 -94.84 36.09
C THR BA 107 44.36 -93.34 36.25
N GLU BA 108 45.35 -92.65 36.82
CA GLU BA 108 45.18 -91.24 37.13
C GLU BA 108 45.35 -90.38 35.88
N GLY BA 109 46.23 -90.78 34.97
CA GLY BA 109 46.31 -90.09 33.70
C GLY BA 109 44.97 -90.05 33.00
N ALA BA 110 44.31 -91.21 32.89
CA ALA BA 110 43.08 -91.32 32.14
C ALA BA 110 42.00 -90.38 32.66
N GLU BA 111 41.98 -90.12 33.97
CA GLU BA 111 40.91 -89.30 34.52
C GLU BA 111 41.12 -87.81 34.28
N LEU BA 112 42.32 -87.40 33.86
CA LEU BA 112 42.57 -85.99 33.58
C LEU BA 112 42.69 -85.67 32.11
N ILE BA 113 42.91 -86.67 31.26
CA ILE BA 113 43.07 -86.44 29.83
C ILE BA 113 41.84 -85.74 29.27
N ASP BA 114 40.65 -86.16 29.69
CA ASP BA 114 39.42 -85.54 29.18
C ASP BA 114 39.39 -84.06 29.49
N SER BA 115 39.82 -83.67 30.68
CA SER BA 115 39.89 -82.26 31.03
C SER BA 115 40.99 -81.56 30.23
N VAL BA 116 42.19 -82.15 30.20
CA VAL BA 116 43.30 -81.55 29.48
C VAL BA 116 42.98 -81.42 28.00
N LEU BA 117 42.54 -82.51 27.38
CA LEU BA 117 42.24 -82.47 25.95
C LEU BA 117 41.13 -81.47 25.65
N ASP BA 118 40.24 -81.22 26.61
CA ASP BA 118 39.30 -80.13 26.45
C ASP BA 118 40.01 -78.78 26.50
N VAL BA 119 41.07 -78.67 27.31
CA VAL BA 119 41.81 -77.42 27.39
C VAL BA 119 42.62 -77.20 26.12
N VAL BA 120 43.37 -78.22 25.70
CA VAL BA 120 44.21 -78.09 24.51
C VAL BA 120 43.38 -77.65 23.31
N ARG BA 121 42.21 -78.29 23.11
CA ARG BA 121 41.35 -77.89 22.01
C ARG BA 121 40.84 -76.48 22.19
N LYS BA 122 40.62 -76.05 23.44
CA LYS BA 122 40.08 -74.71 23.66
C LYS BA 122 41.01 -73.64 23.13
N GLU BA 123 42.29 -73.96 22.93
CA GLU BA 123 43.24 -73.02 22.35
C GLU BA 123 43.94 -73.57 21.11
N ALA BA 124 43.41 -74.60 20.48
CA ALA BA 124 43.94 -75.05 19.20
C ALA BA 124 43.29 -74.33 18.03
N GLU BA 125 42.00 -74.01 18.14
CA GLU BA 125 41.35 -73.18 17.14
C GLU BA 125 41.68 -71.70 17.31
N SER BA 126 42.09 -71.27 18.50
CA SER BA 126 42.50 -69.88 18.68
C SER BA 126 43.72 -69.54 17.83
N CYS BA 127 44.43 -70.55 17.34
CA CYS BA 127 45.60 -70.34 16.49
C CYS BA 127 45.15 -70.27 15.04
N ASP BA 128 45.40 -69.14 14.39
CA ASP BA 128 45.09 -69.02 12.97
C ASP BA 128 45.95 -69.96 12.14
N CYS BA 129 47.17 -70.24 12.58
CA CYS BA 129 48.03 -71.23 11.95
C CYS BA 129 48.87 -71.89 13.03
N LEU BA 130 48.40 -73.03 13.54
CA LEU BA 130 49.14 -73.73 14.58
C LEU BA 130 50.37 -74.39 13.97
N GLN BA 131 51.55 -73.98 14.43
CA GLN BA 131 52.79 -74.56 13.93
C GLN BA 131 53.03 -75.93 14.54
N GLY BA 132 53.16 -76.00 15.85
CA GLY BA 132 53.36 -77.28 16.49
C GLY BA 132 53.29 -77.17 18.00
N PHE BA 133 53.40 -78.32 18.65
CA PHE BA 133 53.37 -78.43 20.10
C PHE BA 133 54.79 -78.41 20.66
N GLN BA 134 54.89 -78.23 21.97
CA GLN BA 134 56.15 -78.35 22.65
C GLN BA 134 55.88 -78.62 24.13
N VAL BA 135 56.65 -79.53 24.72
CA VAL BA 135 56.38 -80.06 26.04
C VAL BA 135 57.68 -80.01 26.85
N CYS BA 136 57.53 -80.08 28.17
CA CYS BA 136 58.66 -80.11 29.09
C CYS BA 136 58.47 -81.31 30.02
N HIS BA 137 59.38 -82.28 29.95
CA HIS BA 137 59.20 -83.55 30.63
C HIS BA 137 60.22 -83.74 31.74
N SER BA 138 60.14 -84.91 32.37
CA SER BA 138 61.19 -85.47 33.20
C SER BA 138 60.88 -86.95 33.30
N LEU BA 139 61.74 -87.79 32.71
CA LEU BA 139 61.39 -89.19 32.51
C LEU BA 139 61.44 -90.00 33.80
N GLY BA 140 62.03 -89.47 34.87
CA GLY BA 140 62.12 -90.23 36.11
C GLY BA 140 60.80 -90.28 36.85
N GLY BA 141 60.16 -89.13 37.01
CA GLY BA 141 58.94 -89.04 37.80
C GLY BA 141 57.77 -89.79 37.19
N GLY BA 142 56.65 -89.74 37.91
CA GLY BA 142 55.46 -90.47 37.51
C GLY BA 142 54.53 -89.70 36.61
N THR BA 143 54.29 -88.42 36.93
CA THR BA 143 53.39 -87.62 36.12
C THR BA 143 54.00 -87.36 34.74
N GLY BA 144 55.20 -86.80 34.72
CA GLY BA 144 55.87 -86.44 33.48
C GLY BA 144 55.90 -87.56 32.47
N SER BA 145 56.49 -88.70 32.85
CA SER BA 145 56.49 -89.86 31.96
C SER BA 145 55.07 -90.33 31.67
N GLY BA 146 54.33 -90.69 32.71
CA GLY BA 146 53.00 -91.23 32.56
C GLY BA 146 52.04 -90.33 31.83
N MET BA 147 51.75 -89.15 32.39
CA MET BA 147 50.75 -88.28 31.80
C MET BA 147 51.21 -87.75 30.45
N GLY BA 148 52.45 -87.27 30.37
CA GLY BA 148 52.92 -86.65 29.14
C GLY BA 148 52.77 -87.55 27.93
N THR BA 149 53.33 -88.76 28.02
CA THR BA 149 53.23 -89.70 26.90
C THR BA 149 51.78 -90.06 26.61
N LEU BA 150 50.98 -90.30 27.64
CA LEU BA 150 49.56 -90.51 27.44
C LEU BA 150 48.91 -89.29 26.78
N LEU BA 151 49.28 -88.10 27.25
CA LEU BA 151 48.86 -86.88 26.57
C LEU BA 151 49.42 -86.82 25.16
N ILE BA 152 50.65 -87.29 24.97
CA ILE BA 152 51.29 -87.24 23.65
C ILE BA 152 50.54 -88.13 22.66
N SER BA 153 50.20 -89.35 23.09
CA SER BA 153 49.46 -90.24 22.21
C SER BA 153 48.14 -89.62 21.77
N LYS BA 154 47.45 -88.95 22.69
CA LYS BA 154 46.18 -88.31 22.35
C LYS BA 154 46.37 -87.21 21.32
N ILE BA 155 47.46 -86.43 21.46
CA ILE BA 155 47.72 -85.35 20.51
C ILE BA 155 47.96 -85.90 19.11
N ARG BA 156 48.73 -87.00 19.01
CA ARG BA 156 49.10 -87.51 17.71
C ARG BA 156 47.89 -88.00 16.93
N GLU BA 157 46.93 -88.64 17.61
CA GLU BA 157 45.79 -89.19 16.90
C GLU BA 157 44.81 -88.12 16.44
N GLU BA 158 44.93 -86.89 16.94
CA GLU BA 158 44.08 -85.80 16.50
C GLU BA 158 44.83 -84.69 15.78
N TYR BA 159 46.14 -84.53 16.04
CA TYR BA 159 46.99 -83.59 15.32
C TYR BA 159 48.18 -84.35 14.75
N PRO BA 160 47.96 -85.20 13.75
CA PRO BA 160 49.07 -85.97 13.21
C PRO BA 160 50.00 -85.14 12.35
N ASP BA 161 49.45 -84.25 11.53
CA ASP BA 161 50.27 -83.48 10.59
C ASP BA 161 51.22 -82.52 11.31
N ARG BA 162 50.78 -81.95 12.43
CA ARG BA 162 51.62 -81.04 13.19
C ARG BA 162 52.81 -81.80 13.77
N MET BA 163 53.71 -81.06 14.40
CA MET BA 163 54.95 -81.60 14.93
C MET BA 163 54.95 -81.52 16.46
N MET BA 164 55.40 -82.58 17.11
CA MET BA 164 55.42 -82.67 18.56
C MET BA 164 56.87 -82.54 19.04
N LEU BA 165 57.23 -81.36 19.52
CA LEU BA 165 58.53 -81.19 20.13
C LEU BA 165 58.53 -81.79 21.53
N THR BA 166 59.72 -81.91 22.12
CA THR BA 166 59.82 -82.46 23.47
C THR BA 166 61.13 -81.98 24.09
N PHE BA 167 61.03 -81.11 25.10
CA PHE BA 167 62.20 -80.69 25.86
C PHE BA 167 62.43 -81.62 27.04
N SER BA 168 62.49 -82.93 26.78
CA SER BA 168 62.58 -83.91 27.86
C SER BA 168 63.92 -83.85 28.55
N VAL BA 169 63.89 -83.86 29.89
CA VAL BA 169 65.08 -83.97 30.71
C VAL BA 169 65.19 -85.40 31.21
N VAL BA 170 66.26 -86.09 30.82
CA VAL BA 170 66.39 -87.53 31.04
C VAL BA 170 66.92 -87.79 32.44
N PRO BA 171 66.81 -89.02 32.95
CA PRO BA 171 67.49 -89.38 34.19
C PRO BA 171 69.00 -89.27 34.06
N SER BA 172 69.67 -89.38 35.20
CA SER BA 172 71.12 -89.28 35.09
C SER BA 172 71.75 -90.67 35.14
N PRO BA 173 72.87 -90.87 34.44
CA PRO BA 173 73.54 -92.18 34.51
C PRO BA 173 74.07 -92.48 35.90
N LYS BA 174 74.85 -91.57 36.47
CA LYS BA 174 75.48 -91.83 37.76
C LYS BA 174 74.56 -91.52 38.92
N VAL BA 175 73.72 -90.49 38.80
CA VAL BA 175 72.85 -90.07 39.88
C VAL BA 175 71.46 -90.64 39.67
N SER BA 176 70.75 -90.88 40.78
CA SER BA 176 69.37 -91.36 40.75
C SER BA 176 68.64 -90.75 41.95
N ASP BA 177 67.93 -89.64 41.70
CA ASP BA 177 67.17 -89.00 42.77
C ASP BA 177 66.05 -89.91 43.28
N THR BA 178 65.57 -90.81 42.43
CA THR BA 178 64.62 -91.84 42.82
C THR BA 178 65.25 -93.22 42.57
N VAL BA 179 64.45 -94.27 42.73
CA VAL BA 179 64.94 -95.63 42.68
C VAL BA 179 64.37 -96.40 41.50
N VAL BA 180 63.09 -96.22 41.21
CA VAL BA 180 62.42 -96.97 40.15
C VAL BA 180 62.68 -96.27 38.82
N GLU BA 181 63.57 -95.29 38.84
CA GLU BA 181 63.81 -94.39 37.71
C GLU BA 181 63.88 -95.07 36.35
N PRO BA 182 64.74 -96.08 36.12
CA PRO BA 182 64.86 -96.63 34.76
C PRO BA 182 63.55 -97.15 34.20
N TYR BA 183 62.64 -97.62 35.06
CA TYR BA 183 61.36 -98.12 34.59
C TYR BA 183 60.61 -97.03 33.82
N ASN BA 184 60.25 -95.95 34.51
CA ASN BA 184 59.53 -94.86 33.87
C ASN BA 184 60.29 -94.28 32.68
N ALA BA 185 61.61 -94.45 32.65
CA ALA BA 185 62.39 -94.02 31.50
C ALA BA 185 62.07 -94.87 30.27
N THR BA 186 62.25 -96.19 30.38
CA THR BA 186 62.03 -97.08 29.25
C THR BA 186 60.56 -97.06 28.82
N LEU BA 187 59.65 -97.13 29.78
CA LEU BA 187 58.22 -97.16 29.45
C LEU BA 187 57.81 -95.92 28.69
N SER BA 188 58.49 -94.79 28.93
CA SER BA 188 58.23 -93.59 28.13
C SER BA 188 58.90 -93.69 26.77
N VAL BA 189 60.10 -94.28 26.71
CA VAL BA 189 60.82 -94.39 25.45
C VAL BA 189 60.00 -95.20 24.45
N HIS BA 190 59.31 -96.24 24.92
CA HIS BA 190 58.39 -96.97 24.04
C HIS BA 190 57.25 -96.10 23.55
N GLN BA 191 57.04 -94.93 24.14
CA GLN BA 191 56.00 -94.00 23.70
C GLN BA 191 56.55 -92.83 22.91
N LEU BA 192 57.72 -92.32 23.27
CA LEU BA 192 58.30 -91.21 22.53
C LEU BA 192 58.61 -91.59 21.09
N VAL BA 193 59.16 -92.79 20.88
CA VAL BA 193 59.69 -93.17 19.57
C VAL BA 193 58.61 -93.11 18.50
N GLU BA 194 57.38 -93.47 18.87
CA GLU BA 194 56.32 -93.63 17.87
C GLU BA 194 55.39 -92.43 17.78
N ASN BA 195 55.39 -91.54 18.75
CA ASN BA 195 54.49 -90.40 18.77
C ASN BA 195 55.25 -89.11 18.99
N ALA BA 196 56.39 -88.96 18.33
CA ALA BA 196 57.14 -87.73 18.45
C ALA BA 196 57.93 -87.51 17.18
N ASP BA 197 58.26 -86.25 16.92
CA ASP BA 197 59.06 -85.89 15.76
C ASP BA 197 60.46 -85.43 16.14
N GLU BA 198 60.61 -84.65 17.19
CA GLU BA 198 61.91 -84.24 17.69
C GLU BA 198 61.90 -84.33 19.20
N CYS BA 199 63.02 -84.77 19.79
CA CYS BA 199 63.11 -85.01 21.23
C CYS BA 199 64.52 -84.67 21.71
N MET BA 200 64.70 -83.47 22.23
CA MET BA 200 65.96 -83.13 22.87
C MET BA 200 66.07 -83.84 24.20
N VAL BA 201 67.26 -84.37 24.50
CA VAL BA 201 67.53 -85.01 25.77
C VAL BA 201 68.55 -84.16 26.51
N LEU BA 202 68.26 -83.86 27.78
CA LEU BA 202 69.14 -83.05 28.60
C LEU BA 202 69.21 -83.68 29.99
N ASP BA 203 70.31 -83.44 30.68
CA ASP BA 203 70.56 -84.13 31.93
C ASP BA 203 71.19 -83.20 32.95
N ASN BA 204 70.79 -83.38 34.22
CA ASN BA 204 71.23 -82.47 35.29
C ASN BA 204 72.73 -82.49 35.46
N GLU BA 205 73.39 -83.58 35.11
CA GLU BA 205 74.83 -83.69 35.34
C GLU BA 205 75.61 -82.62 34.59
N ALA BA 206 75.59 -82.67 33.26
CA ALA BA 206 76.29 -81.64 32.49
C ALA BA 206 75.76 -80.26 32.87
N LEU BA 207 74.48 -80.17 33.20
CA LEU BA 207 73.93 -78.91 33.71
C LEU BA 207 74.64 -78.45 34.97
N TYR BA 208 75.25 -79.37 35.72
CA TYR BA 208 76.00 -78.96 36.89
C TYR BA 208 77.41 -78.51 36.51
N ASP BA 209 78.04 -79.20 35.56
CA ASP BA 209 79.37 -78.79 35.11
C ASP BA 209 79.31 -77.43 34.41
N ILE BA 210 78.44 -77.32 33.41
CA ILE BA 210 78.26 -76.06 32.69
C ILE BA 210 78.01 -74.91 33.66
N CYS BA 211 77.23 -75.16 34.71
CA CYS BA 211 77.11 -74.17 35.77
C CYS BA 211 78.42 -73.99 36.53
N PHE BA 212 79.17 -75.07 36.71
CA PHE BA 212 80.31 -75.02 37.63
C PHE BA 212 81.54 -74.37 36.99
N ARG BA 213 82.05 -74.98 35.92
CA ARG BA 213 83.31 -74.51 35.32
C ARG BA 213 83.13 -73.17 34.62
N THR BA 214 82.26 -73.14 33.61
CA THR BA 214 82.22 -72.00 32.70
C THR BA 214 81.69 -70.75 33.41
N LEU BA 215 80.49 -70.84 33.97
CA LEU BA 215 79.92 -69.69 34.66
C LEU BA 215 80.59 -69.41 36.00
N LYS BA 216 81.44 -70.33 36.48
CA LYS BA 216 82.11 -70.19 37.78
C LYS BA 216 81.11 -70.06 38.92
N LEU BA 217 79.98 -70.75 38.81
CA LEU BA 217 78.97 -70.70 39.86
C LEU BA 217 79.44 -71.49 41.08
N THR BA 218 79.11 -70.98 42.26
CA THR BA 218 79.39 -71.68 43.51
C THR BA 218 78.23 -72.58 43.91
N THR BA 219 77.03 -72.01 44.01
CA THR BA 219 75.84 -72.73 44.47
C THR BA 219 74.80 -72.78 43.35
N PRO BA 220 74.85 -73.79 42.50
CA PRO BA 220 73.80 -73.93 41.48
C PRO BA 220 72.47 -74.37 42.06
N THR BA 221 71.51 -73.46 42.08
CA THR BA 221 70.15 -73.79 42.47
C THR BA 221 69.40 -74.39 41.28
N PHE BA 222 68.13 -74.72 41.48
CA PHE BA 222 67.36 -75.23 40.35
C PHE BA 222 66.99 -74.15 39.36
N GLY BA 223 66.66 -72.95 39.84
CA GLY BA 223 66.29 -71.88 38.93
C GLY BA 223 67.35 -71.60 37.89
N ASP BA 224 68.62 -71.70 38.29
CA ASP BA 224 69.73 -71.45 37.37
C ASP BA 224 69.77 -72.49 36.25
N LEU BA 225 69.68 -73.77 36.61
CA LEU BA 225 69.57 -74.79 35.58
C LEU BA 225 68.42 -74.49 34.64
N ASN BA 226 67.24 -74.21 35.20
CA ASN BA 226 66.11 -73.79 34.38
C ASN BA 226 66.39 -72.46 33.70
N HIS BA 227 67.15 -71.56 34.36
CA HIS BA 227 67.54 -70.33 33.71
C HIS BA 227 68.35 -70.61 32.44
N LEU BA 228 69.15 -71.67 32.46
CA LEU BA 228 69.86 -72.07 31.24
C LEU BA 228 68.88 -72.65 30.22
N ILE BA 229 68.04 -73.59 30.64
CA ILE BA 229 67.11 -74.21 29.69
C ILE BA 229 66.14 -73.18 29.15
N SER BA 230 65.77 -72.19 29.96
CA SER BA 230 64.96 -71.09 29.44
C SER BA 230 65.65 -70.40 28.28
N ALA BA 231 66.98 -70.27 28.35
CA ALA BA 231 67.72 -69.62 27.27
C ALA BA 231 67.64 -70.43 25.99
N VAL BA 232 68.00 -71.71 26.05
CA VAL BA 232 67.99 -72.53 24.85
C VAL BA 232 66.56 -72.74 24.35
N MET BA 233 65.57 -72.67 25.24
CA MET BA 233 64.19 -72.73 24.80
C MET BA 233 63.80 -71.46 24.05
N SER BA 234 64.39 -70.32 24.40
CA SER BA 234 64.13 -69.09 23.66
C SER BA 234 65.00 -69.00 22.42
N GLY BA 235 66.18 -69.62 22.42
CA GLY BA 235 67.03 -69.60 21.26
C GLY BA 235 66.47 -70.29 20.04
N ILE BA 236 65.50 -71.18 20.24
CA ILE BA 236 64.98 -71.96 19.12
C ILE BA 236 64.07 -71.11 18.23
N THR BA 237 63.17 -70.35 18.85
CA THR BA 237 62.08 -69.71 18.13
C THR BA 237 62.40 -68.28 17.72
N CYS BA 238 63.68 -67.90 17.74
CA CYS BA 238 64.03 -66.57 17.25
C CYS BA 238 63.67 -66.39 15.78
N CYS BA 239 63.74 -67.46 14.99
CA CYS BA 239 63.33 -67.37 13.60
C CYS BA 239 61.83 -67.16 13.47
N LEU BA 240 61.04 -67.81 14.32
CA LEU BA 240 59.60 -67.61 14.30
C LEU BA 240 59.21 -66.28 14.89
N ARG BA 241 60.04 -65.73 15.77
CA ARG BA 241 59.68 -64.50 16.47
C ARG BA 241 60.31 -63.26 15.84
N PHE BA 242 61.57 -63.34 15.46
CA PHE BA 242 62.34 -62.19 15.03
C PHE BA 242 62.76 -62.31 13.57
N PRO BA 243 63.15 -61.19 12.95
CA PRO BA 243 63.70 -61.27 11.59
C PRO BA 243 65.00 -62.05 11.57
N GLY BA 244 65.39 -62.43 10.36
CA GLY BA 244 66.64 -63.12 10.17
C GLY BA 244 66.99 -63.25 8.70
N GLN BA 245 68.24 -62.94 8.35
CA GLN BA 245 68.64 -63.07 6.96
C GLN BA 245 68.59 -64.51 6.48
N LEU BA 246 68.59 -65.47 7.41
CA LEU BA 246 68.37 -66.87 7.08
C LEU BA 246 67.49 -67.45 8.19
N ASN BA 247 66.18 -67.38 7.99
CA ASN BA 247 65.25 -67.86 8.99
C ASN BA 247 65.17 -69.38 8.94
N ALA BA 248 64.67 -69.96 10.04
CA ALA BA 248 64.62 -71.42 10.17
C ALA BA 248 63.41 -71.80 11.02
N ASP BA 249 62.32 -72.18 10.37
CA ASP BA 249 61.20 -72.78 11.05
C ASP BA 249 61.63 -74.12 11.67
N LEU BA 250 60.82 -74.62 12.60
CA LEU BA 250 61.11 -75.92 13.18
C LEU BA 250 60.98 -77.03 12.14
N ARG BA 251 59.92 -76.99 11.34
CA ARG BA 251 59.67 -78.07 10.38
C ARG BA 251 60.83 -78.24 9.41
N LYS BA 252 61.55 -77.15 9.10
CA LYS BA 252 62.74 -77.29 8.28
C LYS BA 252 63.95 -77.72 9.09
N LEU BA 253 63.93 -77.52 10.41
CA LEU BA 253 64.97 -78.11 11.24
C LEU BA 253 64.82 -79.63 11.30
N ALA BA 254 63.58 -80.11 11.41
CA ALA BA 254 63.36 -81.55 11.49
C ALA BA 254 63.79 -82.25 10.21
N VAL BA 255 63.35 -81.75 9.05
CA VAL BA 255 63.71 -82.37 7.78
C VAL BA 255 65.21 -82.25 7.54
N ASN BA 256 65.86 -81.30 8.18
CA ASN BA 256 67.31 -81.13 8.03
C ASN BA 256 68.11 -81.91 9.06
N LEU BA 257 67.46 -82.60 9.99
CA LEU BA 257 68.19 -83.23 11.08
C LEU BA 257 67.88 -84.70 11.29
N ILE BA 258 66.75 -85.20 10.78
CA ILE BA 258 66.39 -86.59 11.00
C ILE BA 258 66.25 -87.26 9.63
N PRO BA 259 67.20 -88.10 9.22
CA PRO BA 259 67.09 -88.77 7.92
C PRO BA 259 66.09 -89.91 7.92
N PHE BA 260 65.88 -90.50 9.09
CA PHE BA 260 65.04 -91.67 9.23
C PHE BA 260 64.00 -91.43 10.33
N PRO BA 261 62.83 -92.06 10.22
CA PRO BA 261 61.71 -91.68 11.08
C PRO BA 261 61.93 -91.94 12.56
N ARG BA 262 63.04 -92.58 12.95
CA ARG BA 262 63.23 -92.98 14.34
C ARG BA 262 64.54 -92.49 14.95
N LEU BA 263 65.35 -91.73 14.23
CA LEU BA 263 66.59 -91.20 14.77
C LEU BA 263 66.41 -89.77 15.28
N HIS BA 264 65.43 -89.55 16.16
CA HIS BA 264 64.99 -88.21 16.48
C HIS BA 264 65.27 -87.82 17.93
N PHE BA 265 66.45 -88.10 18.43
CA PHE BA 265 66.85 -87.73 19.78
C PHE BA 265 68.06 -86.80 19.65
N PHE BA 266 67.96 -85.61 20.20
CA PHE BA 266 68.90 -84.53 19.90
C PHE BA 266 69.79 -84.22 21.11
N MET BA 267 70.55 -83.15 21.00
CA MET BA 267 71.47 -82.70 22.04
C MET BA 267 71.71 -81.21 21.86
N VAL BA 268 71.84 -80.47 22.96
CA VAL BA 268 71.79 -79.01 22.92
C VAL BA 268 72.95 -78.44 23.75
N GLY BA 269 73.20 -77.14 23.54
CA GLY BA 269 74.16 -76.37 24.32
C GLY BA 269 74.09 -74.89 23.98
N PHE BA 270 74.45 -74.03 24.92
CA PHE BA 270 74.30 -72.59 24.77
C PHE BA 270 75.66 -71.92 24.62
N THR BA 271 75.63 -70.72 24.02
CA THR BA 271 76.80 -69.88 23.78
C THR BA 271 76.32 -68.46 23.50
N PRO BA 272 76.93 -67.42 24.09
CA PRO BA 272 78.10 -67.44 24.94
C PRO BA 272 77.79 -67.72 26.38
N LEU BA 273 78.82 -68.11 27.14
CA LEU BA 273 78.66 -68.41 28.55
C LEU BA 273 79.96 -68.05 29.23
N THR BA 274 79.91 -67.08 30.14
CA THR BA 274 81.12 -66.58 30.78
C THR BA 274 80.75 -65.92 32.09
N SER BA 275 81.70 -65.95 33.04
CA SER BA 275 81.51 -65.29 34.31
C SER BA 275 81.64 -63.78 34.14
N ARG BA 276 81.51 -63.05 35.24
CA ARG BA 276 81.68 -61.59 35.18
C ARG BA 276 83.14 -61.19 34.99
N GLY BA 277 84.08 -62.10 35.25
CA GLY BA 277 85.48 -61.82 35.02
C GLY BA 277 85.87 -61.77 33.55
N SER BA 278 85.79 -62.92 32.88
CA SER BA 278 86.27 -63.03 31.51
C SER BA 278 85.44 -62.22 30.53
N GLN BA 279 84.18 -61.92 30.86
CA GLN BA 279 83.39 -61.07 29.97
C GLN BA 279 83.99 -59.69 29.82
N GLN BA 280 84.79 -59.25 30.80
CA GLN BA 280 85.53 -58.01 30.67
C GLN BA 280 86.80 -58.17 29.85
N TYR BA 281 87.19 -59.41 29.52
CA TYR BA 281 88.34 -59.69 28.67
C TYR BA 281 87.93 -60.28 27.33
N ARG BA 282 87.10 -61.31 27.35
CA ARG BA 282 86.64 -61.96 26.12
C ARG BA 282 85.89 -60.97 25.24
N ALA BA 283 86.03 -61.15 23.93
CA ALA BA 283 85.31 -60.36 22.95
C ALA BA 283 84.30 -61.23 22.23
N LEU BA 284 83.20 -60.62 21.80
CA LEU BA 284 82.14 -61.34 21.10
C LEU BA 284 82.47 -61.34 19.62
N THR BA 285 82.96 -62.47 19.12
CA THR BA 285 83.19 -62.64 17.69
C THR BA 285 82.64 -63.99 17.26
N VAL BA 286 82.22 -64.07 16.00
CA VAL BA 286 81.73 -65.31 15.40
C VAL BA 286 82.68 -66.47 15.69
N PRO BA 287 84.00 -66.30 15.61
CA PRO BA 287 84.88 -67.40 16.02
C PRO BA 287 84.67 -67.86 17.46
N GLU BA 288 84.47 -66.92 18.39
CA GLU BA 288 84.26 -67.30 19.79
C GLU BA 288 83.08 -68.24 19.93
N LEU BA 289 81.94 -67.87 19.38
CA LEU BA 289 80.71 -68.60 19.62
C LEU BA 289 80.77 -70.01 19.05
N THR BA 290 81.43 -70.18 17.91
CA THR BA 290 81.37 -71.47 17.22
C THR BA 290 82.28 -72.52 17.84
N GLN BA 291 83.43 -72.12 18.39
CA GLN BA 291 84.31 -73.09 19.02
C GLN BA 291 83.72 -73.58 20.34
N GLN BA 292 83.07 -72.68 21.08
CA GLN BA 292 82.50 -73.06 22.37
C GLN BA 292 81.35 -74.04 22.20
N MET BA 293 80.41 -73.72 21.29
CA MET BA 293 79.27 -74.61 21.08
C MET BA 293 79.72 -75.94 20.50
N TRP BA 294 80.74 -75.93 19.63
CA TRP BA 294 81.18 -77.18 19.02
C TRP BA 294 81.88 -78.09 20.01
N ASP BA 295 82.33 -77.57 21.14
CA ASP BA 295 83.03 -78.36 22.13
C ASP BA 295 82.12 -79.46 22.69
N ALA BA 296 82.75 -80.45 23.33
CA ALA BA 296 82.02 -81.54 23.95
C ALA BA 296 81.68 -81.28 25.41
N LYS BA 297 81.97 -80.08 25.91
CA LYS BA 297 81.55 -79.69 27.26
C LYS BA 297 80.12 -79.18 27.27
N ASN BA 298 79.84 -78.14 26.47
CA ASN BA 298 78.56 -77.46 26.51
C ASN BA 298 77.38 -78.36 26.19
N MET BA 299 77.63 -79.60 25.78
CA MET BA 299 76.55 -80.54 25.48
C MET BA 299 75.85 -80.89 26.78
N MET BA 300 74.68 -80.29 27.00
CA MET BA 300 73.94 -80.49 28.23
C MET BA 300 73.53 -81.93 28.43
N CYS BA 301 73.42 -82.70 27.34
CA CYS BA 301 73.23 -84.14 27.47
C CYS BA 301 74.50 -84.77 27.98
N ALA BA 302 74.34 -85.77 28.86
CA ALA BA 302 75.50 -86.43 29.47
C ALA BA 302 76.10 -87.47 28.54
N ALA BA 303 76.52 -87.00 27.36
CA ALA BA 303 77.09 -87.86 26.35
C ALA BA 303 78.35 -87.21 25.79
N ASP BA 304 79.23 -88.06 25.25
CA ASP BA 304 80.48 -87.59 24.66
C ASP BA 304 80.39 -87.71 23.15
N PRO BA 305 80.32 -86.61 22.41
CA PRO BA 305 80.22 -86.70 20.94
C PRO BA 305 81.44 -87.35 20.29
N ARG BA 306 82.59 -87.33 20.95
CA ARG BA 306 83.78 -87.93 20.35
C ARG BA 306 83.63 -89.43 20.17
N HIS BA 307 82.88 -90.09 21.06
CA HIS BA 307 82.66 -91.53 20.90
C HIS BA 307 81.66 -91.85 19.81
N GLY BA 308 81.02 -90.84 19.23
CA GLY BA 308 80.02 -91.06 18.21
C GLY BA 308 80.35 -90.34 16.93
N ARG BA 309 79.34 -90.09 16.10
CA ARG BA 309 79.53 -89.48 14.80
C ARG BA 309 78.31 -88.63 14.47
N TYR BA 310 78.52 -87.33 14.27
CA TYR BA 310 77.40 -86.43 14.00
C TYR BA 310 76.71 -86.81 12.70
N LEU BA 311 75.53 -87.39 12.79
CA LEU BA 311 74.71 -87.54 11.59
C LEU BA 311 74.36 -86.17 11.02
N THR BA 312 73.76 -85.31 11.84
CA THR BA 312 73.42 -83.94 11.47
C THR BA 312 73.89 -82.99 12.57
N ALA BA 313 73.67 -81.71 12.34
CA ALA BA 313 73.95 -80.67 13.33
C ALA BA 313 73.23 -79.39 12.90
N SER BA 314 73.33 -78.37 13.75
CA SER BA 314 72.75 -77.07 13.45
C SER BA 314 73.32 -76.03 14.41
N ALA BA 315 73.10 -74.77 14.06
CA ALA BA 315 73.54 -73.64 14.86
C ALA BA 315 72.55 -72.50 14.70
N LEU BA 316 72.19 -71.86 15.81
CA LEU BA 316 71.25 -70.74 15.80
C LEU BA 316 71.92 -69.55 16.47
N PHE BA 317 72.41 -68.61 15.68
CA PHE BA 317 73.02 -67.40 16.20
C PHE BA 317 71.97 -66.31 16.31
N ARG BA 318 72.35 -65.19 16.93
CA ARG BA 318 71.49 -64.02 16.95
C ARG BA 318 72.33 -62.80 17.26
N GLY BA 319 72.25 -61.79 16.40
CA GLY BA 319 73.04 -60.59 16.51
C GLY BA 319 73.54 -60.24 15.11
N ARG BA 320 73.79 -58.95 14.89
CA ARG BA 320 74.26 -58.49 13.59
C ARG BA 320 75.68 -59.01 13.36
N MET BA 321 75.83 -59.92 12.40
CA MET BA 321 77.13 -60.51 12.11
C MET BA 321 77.24 -60.71 10.61
N SER BA 322 78.47 -60.95 10.15
CA SER BA 322 78.71 -61.28 8.75
C SER BA 322 78.44 -62.77 8.57
N THR BA 323 77.38 -63.09 7.83
CA THR BA 323 76.99 -64.48 7.64
C THR BA 323 78.07 -65.30 6.93
N LYS BA 324 78.99 -64.66 6.21
CA LYS BA 324 80.05 -65.42 5.56
C LYS BA 324 80.98 -66.03 6.59
N GLU BA 325 81.29 -65.31 7.67
CA GLU BA 325 82.06 -65.88 8.76
C GLU BA 325 81.47 -67.21 9.17
N VAL BA 326 80.21 -67.19 9.58
CA VAL BA 326 79.52 -68.40 10.01
C VAL BA 326 79.49 -69.43 8.90
N ASP BA 327 79.51 -68.99 7.63
CA ASP BA 327 79.52 -69.94 6.52
C ASP BA 327 80.81 -70.74 6.50
N GLU BA 328 81.94 -70.06 6.68
CA GLU BA 328 83.23 -70.75 6.60
C GLU BA 328 83.57 -71.46 7.90
N GLN BA 329 83.13 -70.93 9.04
CA GLN BA 329 83.38 -71.59 10.32
C GLN BA 329 82.89 -73.03 10.30
N MET BA 330 81.62 -73.21 9.94
CA MET BA 330 81.08 -74.56 9.84
C MET BA 330 81.77 -75.35 8.75
N LEU BA 331 82.37 -74.67 7.77
CA LEU BA 331 83.12 -75.37 6.73
C LEU BA 331 84.51 -75.74 7.20
N ASN BA 332 85.11 -74.92 8.07
CA ASN BA 332 86.38 -75.29 8.69
C ASN BA 332 86.21 -76.55 9.53
N VAL BA 333 85.25 -76.54 10.45
CA VAL BA 333 85.09 -77.65 11.37
C VAL BA 333 84.73 -78.92 10.62
N GLN BA 334 83.85 -78.81 9.61
CA GLN BA 334 83.48 -79.99 8.82
C GLN BA 334 84.69 -80.64 8.15
N ASN BA 335 85.81 -79.91 8.04
CA ASN BA 335 87.02 -80.44 7.43
C ASN BA 335 88.00 -80.98 8.47
N LYS BA 336 88.15 -80.30 9.61
CA LYS BA 336 89.21 -80.66 10.55
C LYS BA 336 88.93 -82.01 11.20
N ASN BA 337 87.85 -82.10 11.97
CA ASN BA 337 87.50 -83.35 12.64
C ASN BA 337 86.57 -84.19 11.76
N SER BA 338 87.07 -84.49 10.55
CA SER BA 338 86.27 -85.18 9.55
C SER BA 338 85.86 -86.58 9.98
N SER BA 339 86.42 -87.11 11.06
CA SER BA 339 86.03 -88.43 11.54
C SER BA 339 84.72 -88.41 12.32
N TYR BA 340 84.39 -87.29 12.96
CA TYR BA 340 83.17 -87.19 13.76
C TYR BA 340 81.93 -86.99 12.91
N PHE BA 341 82.07 -86.81 11.61
CA PHE BA 341 80.96 -86.63 10.70
C PHE BA 341 80.81 -87.86 9.80
N VAL BA 342 79.74 -87.89 9.03
CA VAL BA 342 79.43 -89.01 8.17
C VAL BA 342 79.88 -88.67 6.75
N GLU BA 343 80.01 -89.70 5.92
CA GLU BA 343 80.45 -89.53 4.54
C GLU BA 343 79.28 -89.35 3.57
N TRP BA 344 78.27 -90.23 3.64
CA TRP BA 344 77.16 -90.14 2.68
C TRP BA 344 76.30 -88.91 2.88
N ILE BA 345 76.67 -88.00 3.77
CA ILE BA 345 76.02 -86.69 3.88
C ILE BA 345 77.08 -85.63 3.63
N PRO BA 346 77.08 -84.98 2.47
CA PRO BA 346 78.18 -84.07 2.12
C PRO BA 346 78.32 -82.89 3.06
N ASN BA 347 77.26 -82.10 3.20
CA ASN BA 347 77.22 -80.99 4.13
C ASN BA 347 76.14 -81.30 5.15
N ASN BA 348 76.55 -81.65 6.37
CA ASN BA 348 75.65 -82.12 7.40
C ASN BA 348 75.41 -81.11 8.51
N VAL BA 349 75.42 -79.82 8.17
CA VAL BA 349 75.09 -78.75 9.11
C VAL BA 349 74.08 -77.81 8.46
N LYS BA 350 73.28 -77.18 9.31
CA LYS BA 350 72.42 -76.07 8.90
C LYS BA 350 72.81 -74.85 9.71
N SER BA 351 73.08 -73.75 9.03
CA SER BA 351 73.66 -72.55 9.64
C SER BA 351 72.63 -71.43 9.57
N SER BA 352 71.84 -71.29 10.64
CA SER BA 352 70.85 -70.24 10.71
C SER BA 352 71.39 -69.03 11.47
N VAL BA 353 70.66 -67.92 11.38
CA VAL BA 353 71.06 -66.68 12.04
C VAL BA 353 69.82 -65.79 12.11
N CYS BA 354 69.75 -64.97 13.15
CA CYS BA 354 68.67 -64.02 13.32
C CYS BA 354 69.24 -62.63 13.46
N ASP BA 355 68.43 -61.64 13.13
CA ASP BA 355 68.87 -60.25 13.12
C ASP BA 355 68.65 -59.55 14.46
N ILE BA 356 67.95 -60.17 15.39
CA ILE BA 356 67.65 -59.58 16.69
C ILE BA 356 68.48 -60.30 17.74
N PRO BA 357 69.22 -59.59 18.59
CA PRO BA 357 70.05 -60.25 19.59
C PRO BA 357 69.26 -60.53 20.85
N PRO BA 358 69.90 -61.14 21.86
CA PRO BA 358 69.26 -61.21 23.18
C PRO BA 358 69.08 -59.83 23.80
N LYS BA 359 68.49 -59.79 24.99
CA LYS BA 359 68.12 -58.50 25.58
C LYS BA 359 69.36 -57.70 25.96
N GLY BA 360 70.19 -58.24 26.83
CA GLY BA 360 71.32 -57.48 27.34
C GLY BA 360 72.60 -57.67 26.57
N LEU BA 361 72.75 -58.82 25.94
CA LEU BA 361 73.95 -59.12 25.16
C LEU BA 361 73.85 -58.41 23.82
N LYS BA 362 74.75 -58.76 22.91
CA LYS BA 362 74.62 -58.38 21.50
C LYS BA 362 74.78 -59.55 20.56
N MET BA 363 75.41 -60.64 20.97
CA MET BA 363 75.51 -61.84 20.15
C MET BA 363 75.32 -63.06 21.04
N SER BA 364 74.91 -64.15 20.42
CA SER BA 364 74.65 -65.40 21.13
C SER BA 364 74.51 -66.51 20.10
N ALA BA 365 74.43 -67.74 20.60
CA ALA BA 365 74.34 -68.91 19.74
C ALA BA 365 73.64 -70.03 20.49
N THR BA 366 73.40 -71.12 19.77
CA THR BA 366 72.81 -72.31 20.34
C THR BA 366 73.14 -73.49 19.44
N PHE BA 367 73.52 -74.60 20.04
CA PHE BA 367 73.92 -75.78 19.28
C PHE BA 367 72.85 -76.85 19.36
N ILE BA 368 72.68 -77.58 18.27
CA ILE BA 368 71.87 -78.79 18.23
C ILE BA 368 72.71 -79.87 17.56
N GLY BA 369 72.53 -81.11 17.98
CA GLY BA 369 73.27 -82.19 17.36
C GLY BA 369 72.59 -83.54 17.47
N ASN BA 370 72.43 -84.22 16.33
CA ASN BA 370 71.91 -85.58 16.29
C ASN BA 370 73.08 -86.51 16.02
N SER BA 371 73.80 -86.84 17.08
CA SER BA 371 74.92 -87.76 17.02
C SER BA 371 74.47 -89.16 17.41
N THR BA 372 75.31 -90.14 17.09
CA THR BA 372 75.04 -91.50 17.56
C THR BA 372 75.63 -91.77 18.93
N ALA BA 373 76.31 -90.79 19.53
CA ALA BA 373 76.79 -90.94 20.90
C ALA BA 373 75.64 -90.88 21.90
N ILE BA 374 74.49 -90.36 21.50
CA ILE BA 374 73.32 -90.33 22.36
C ILE BA 374 72.82 -91.72 22.67
N GLN BA 375 73.17 -92.72 21.86
CA GLN BA 375 72.80 -94.09 22.15
C GLN BA 375 73.47 -94.60 23.42
N GLU BA 376 74.52 -93.89 23.89
CA GLU BA 376 75.18 -94.29 25.12
C GLU BA 376 74.24 -94.20 26.31
N MET BA 377 73.41 -93.16 26.35
CA MET BA 377 72.44 -93.04 27.42
C MET BA 377 71.47 -94.20 27.42
N PHE BA 378 71.03 -94.63 26.24
CA PHE BA 378 70.09 -95.74 26.14
C PHE BA 378 70.73 -97.06 26.53
N LYS BA 379 72.07 -97.15 26.44
CA LYS BA 379 72.75 -98.35 26.92
C LYS BA 379 72.70 -98.44 28.44
N ARG BA 380 73.03 -97.35 29.12
CA ARG BA 380 72.97 -97.32 30.59
C ARG BA 380 71.58 -97.72 31.08
N VAL BA 381 70.54 -97.06 30.56
CA VAL BA 381 69.19 -97.30 31.05
C VAL BA 381 68.76 -98.73 30.75
N SER BA 382 69.09 -99.23 29.58
CA SER BA 382 68.74 -100.61 29.23
C SER BA 382 69.43 -101.62 30.15
N GLU BA 383 70.53 -101.24 30.78
CA GLU BA 383 71.16 -102.12 31.75
C GLU BA 383 70.39 -102.14 33.06
N GLN BA 384 70.13 -100.97 33.63
CA GLN BA 384 69.45 -100.90 34.92
C GLN BA 384 68.07 -101.55 34.85
N PHE BA 385 67.35 -101.33 33.74
CA PHE BA 385 66.03 -101.94 33.62
C PHE BA 385 66.13 -103.46 33.62
N THR BA 386 67.02 -104.01 32.79
CA THR BA 386 67.13 -105.46 32.70
C THR BA 386 67.74 -106.07 33.95
N ALA BA 387 68.42 -105.28 34.78
CA ALA BA 387 68.96 -105.80 36.03
C ALA BA 387 67.85 -106.06 37.04
N MET BA 388 66.94 -105.09 37.21
CA MET BA 388 65.86 -105.26 38.17
C MET BA 388 64.72 -106.09 37.59
N PHE BA 389 64.43 -105.96 36.29
CA PHE BA 389 63.44 -106.85 35.69
C PHE BA 389 63.92 -108.29 35.66
N ARG BA 390 65.24 -108.49 35.65
CA ARG BA 390 65.79 -109.81 35.89
C ARG BA 390 65.35 -110.36 37.24
N ARG BA 391 65.10 -109.48 38.21
CA ARG BA 391 64.64 -109.87 39.53
C ARG BA 391 63.22 -109.42 39.83
N LYS BA 392 62.55 -108.75 38.90
CA LYS BA 392 61.17 -108.29 39.08
C LYS BA 392 61.05 -107.42 40.32
N ALA BA 393 62.08 -106.63 40.59
CA ALA BA 393 62.05 -105.73 41.74
C ALA BA 393 61.01 -104.64 41.55
N PHE BA 394 60.38 -104.26 42.66
CA PHE BA 394 59.40 -103.17 42.69
C PHE BA 394 58.25 -103.39 41.72
N LEU BA 395 58.05 -104.63 41.27
CA LEU BA 395 57.16 -104.87 40.15
C LEU BA 395 55.70 -104.98 40.55
N HIS BA 396 55.41 -105.37 41.79
CA HIS BA 396 54.03 -105.48 42.24
C HIS BA 396 53.30 -104.14 42.14
N TRP BA 397 54.03 -103.03 42.26
CA TRP BA 397 53.45 -101.73 42.03
C TRP BA 397 52.90 -101.61 40.60
N TYR BA 398 53.67 -102.09 39.62
CA TYR BA 398 53.31 -101.85 38.24
C TYR BA 398 52.17 -102.74 37.78
N THR BA 399 52.22 -104.02 38.12
CA THR BA 399 51.07 -104.86 37.86
C THR BA 399 49.86 -104.48 38.71
N GLY BA 400 50.07 -103.65 39.74
CA GLY BA 400 48.98 -103.15 40.55
C GLY BA 400 48.10 -102.12 39.88
N GLU BA 401 48.35 -101.81 38.61
CA GLU BA 401 47.52 -100.90 37.84
C GLU BA 401 47.07 -101.53 36.53
N GLY BA 402 46.79 -102.83 36.54
CA GLY BA 402 46.37 -103.54 35.36
C GLY BA 402 47.47 -103.81 34.35
N MET BA 403 48.69 -103.36 34.62
CA MET BA 403 49.78 -103.55 33.66
C MET BA 403 50.19 -105.02 33.61
N ASP BA 404 51.08 -105.32 32.66
CA ASP BA 404 51.57 -106.66 32.44
C ASP BA 404 53.09 -106.63 32.36
N GLU BA 405 53.71 -107.74 31.95
CA GLU BA 405 55.15 -107.78 31.78
C GLU BA 405 55.60 -107.71 30.33
N MET BA 406 54.75 -108.15 29.40
CA MET BA 406 55.06 -108.02 27.98
C MET BA 406 55.42 -106.58 27.64
N GLU BA 407 54.71 -105.62 28.24
CA GLU BA 407 55.04 -104.22 28.02
C GLU BA 407 56.47 -103.92 28.45
N PHE BA 408 56.93 -104.54 29.54
CA PHE BA 408 58.32 -104.35 29.95
C PHE BA 408 59.27 -105.04 28.99
N THR BA 409 58.84 -106.13 28.37
CA THR BA 409 59.66 -106.75 27.31
C THR BA 409 59.65 -105.89 26.06
N GLU BA 410 58.46 -105.43 25.65
CA GLU BA 410 58.35 -104.64 24.43
C GLU BA 410 59.19 -103.37 24.51
N ALA BA 411 59.00 -102.59 25.58
CA ALA BA 411 59.73 -101.32 25.71
C ALA BA 411 61.23 -101.54 25.68
N GLU BA 412 61.70 -102.66 26.24
CA GLU BA 412 63.13 -102.93 26.21
C GLU BA 412 63.58 -103.33 24.81
N SER BA 413 62.81 -104.17 24.13
CA SER BA 413 63.14 -104.56 22.77
C SER BA 413 63.25 -103.33 21.86
N ASN BA 414 62.32 -102.39 21.99
CA ASN BA 414 62.40 -101.17 21.20
C ASN BA 414 63.64 -100.36 21.55
N MET BA 415 64.02 -100.34 22.82
CA MET BA 415 65.25 -99.64 23.20
C MET BA 415 66.46 -100.32 22.58
N ASN BA 416 66.45 -101.65 22.50
CA ASN BA 416 67.55 -102.35 21.86
C ASN BA 416 67.55 -102.11 20.35
N ASP BA 417 66.38 -102.19 19.72
CA ASP BA 417 66.28 -101.89 18.31
C ASP BA 417 66.76 -100.47 18.02
N LEU BA 418 66.40 -99.53 18.89
CA LEU BA 418 66.81 -98.13 18.68
C LEU BA 418 68.33 -98.00 18.73
N VAL BA 419 68.93 -98.38 19.87
CA VAL BA 419 70.37 -98.21 20.04
C VAL BA 419 71.13 -98.97 18.96
N SER BA 420 70.56 -100.07 18.45
CA SER BA 420 71.17 -100.76 17.33
C SER BA 420 71.21 -99.87 16.09
N GLU BA 421 70.13 -99.14 15.83
CA GLU BA 421 70.07 -98.29 14.65
C GLU BA 421 71.14 -97.21 14.69
N TYR BA 422 71.38 -96.64 15.88
CA TYR BA 422 72.45 -95.65 16.01
C TYR BA 422 73.83 -96.27 15.89
N GLN BA 423 73.93 -97.59 15.80
CA GLN BA 423 75.22 -98.25 15.58
C GLN BA 423 75.48 -98.52 14.10
N GLN BA 424 74.43 -98.82 13.34
CA GLN BA 424 74.59 -99.02 11.90
C GLN BA 424 75.29 -97.84 11.25
N TYR BA 425 74.75 -96.65 11.43
CA TYR BA 425 75.34 -95.42 10.91
C TYR BA 425 76.52 -94.95 11.72
N GLN BA 426 77.00 -95.82 12.62
CA GLN BA 426 78.22 -95.59 13.38
C GLN BA 426 79.21 -96.67 12.95
N ASP BA 427 79.96 -96.38 11.89
CA ASP BA 427 81.01 -97.27 11.41
C ASP BA 427 82.36 -96.92 12.00
N ALA BA 428 82.39 -96.35 13.21
CA ALA BA 428 83.61 -95.94 13.88
C ALA BA 428 84.39 -94.94 13.04
N MET CA 1 -18.97 -65.78 88.68
CA MET CA 1 -18.87 -67.07 89.34
C MET CA 1 -19.78 -68.09 88.67
N PHE CA 2 -19.25 -69.28 88.43
CA PHE CA 2 -19.85 -70.34 87.62
C PHE CA 2 -19.94 -69.93 86.17
N LYS CA 3 -19.52 -68.71 85.83
CA LYS CA 3 -19.28 -68.33 84.46
C LYS CA 3 -18.12 -69.16 83.92
N ASN CA 4 -18.06 -69.27 82.59
CA ASN CA 4 -16.97 -69.96 81.87
C ASN CA 4 -16.66 -71.32 82.50
N ALA CA 5 -17.65 -71.93 83.12
CA ALA CA 5 -17.60 -73.30 83.57
C ALA CA 5 -18.37 -74.17 82.59
N PHE CA 6 -18.57 -75.43 82.95
CA PHE CA 6 -19.24 -76.37 82.07
C PHE CA 6 -20.47 -76.94 82.76
N GLN CA 7 -21.65 -76.58 82.25
CA GLN CA 7 -22.91 -77.11 82.75
C GLN CA 7 -23.64 -77.75 81.57
N SER CA 8 -23.71 -79.06 81.56
CA SER CA 8 -24.39 -79.70 80.44
C SER CA 8 -25.52 -80.63 80.87
N GLY CA 9 -25.33 -81.44 81.89
CA GLY CA 9 -26.36 -82.35 82.31
C GLY CA 9 -26.85 -82.13 83.72
N PHE CA 10 -25.95 -81.71 84.60
CA PHE CA 10 -26.29 -81.44 85.98
C PHE CA 10 -25.33 -80.40 86.53
N LEU CA 11 -25.73 -79.80 87.65
CA LEU CA 11 -24.85 -78.87 88.33
C LEU CA 11 -25.28 -78.84 89.79
N SER CA 12 -24.50 -79.47 90.65
CA SER CA 12 -24.82 -79.59 92.07
C SER CA 12 -24.17 -78.43 92.81
N VAL CA 13 -24.99 -77.63 93.49
CA VAL CA 13 -24.50 -76.44 94.18
C VAL CA 13 -24.27 -76.75 95.65
N LEU CA 14 -25.07 -77.68 96.19
CA LEU CA 14 -24.97 -78.03 97.60
C LEU CA 14 -25.14 -79.52 97.77
N TYR CA 15 -24.30 -80.12 98.61
CA TYR CA 15 -24.37 -81.54 98.90
C TYR CA 15 -23.99 -81.74 100.36
N SER CA 16 -24.86 -82.39 101.12
CA SER CA 16 -24.59 -82.60 102.54
C SER CA 16 -23.34 -83.43 102.76
N ILE CA 17 -23.03 -84.32 101.84
CA ILE CA 17 -21.88 -85.22 101.96
C ILE CA 17 -20.66 -84.52 101.36
N GLY CA 18 -19.69 -84.21 102.20
CA GLY CA 18 -18.49 -83.55 101.74
C GLY CA 18 -17.70 -83.00 102.89
N SER CA 19 -16.44 -82.66 102.61
CA SER CA 19 -15.57 -82.10 103.63
C SER CA 19 -16.06 -80.74 104.13
N LYS CA 20 -16.67 -79.95 103.25
CA LYS CA 20 -17.22 -78.66 103.63
C LYS CA 20 -18.29 -78.25 102.63
N PRO CA 21 -19.56 -78.51 102.92
CA PRO CA 21 -20.62 -78.26 101.92
C PRO CA 21 -20.90 -76.78 101.69
N LEU CA 22 -20.83 -75.97 102.73
CA LEU CA 22 -21.06 -74.53 102.60
C LEU CA 22 -19.77 -73.82 102.20
N GLU CA 23 -19.17 -74.30 101.11
CA GLU CA 23 -18.04 -73.61 100.53
C GLU CA 23 -18.43 -72.22 100.04
N ILE CA 24 -19.42 -72.16 99.17
CA ILE CA 24 -19.81 -70.91 98.54
C ILE CA 24 -20.95 -70.21 99.25
N TRP CA 25 -21.68 -70.90 100.11
CA TRP CA 25 -22.86 -70.34 100.74
C TRP CA 25 -22.48 -69.45 101.92
N ASP CA 26 -23.19 -68.34 102.05
CA ASP CA 26 -23.15 -67.52 103.26
C ASP CA 26 -24.29 -67.95 104.16
N LYS CA 27 -24.03 -68.00 105.45
CA LYS CA 27 -25.04 -68.44 106.42
C LYS CA 27 -25.26 -67.35 107.45
N GLN CA 28 -26.52 -67.02 107.69
CA GLN CA 28 -26.90 -66.01 108.67
C GLN CA 28 -27.97 -66.58 109.57
N VAL CA 29 -27.67 -66.66 110.87
CA VAL CA 29 -28.59 -67.18 111.87
C VAL CA 29 -28.78 -66.13 112.95
N SER CA 30 -30.01 -65.96 113.38
CA SER CA 30 -30.35 -65.01 114.44
C SER CA 30 -30.93 -65.68 115.67
N ASN CA 31 -31.93 -66.54 115.50
CA ASN CA 31 -32.48 -67.32 116.60
C ASN CA 31 -32.62 -68.77 116.18
N GLY CA 32 -31.58 -69.30 115.52
CA GLY CA 32 -31.63 -70.64 115.01
C GLY CA 32 -30.31 -71.37 115.06
N HIS CA 33 -30.14 -72.35 114.19
CA HIS CA 33 -28.96 -73.20 114.23
C HIS CA 33 -28.86 -74.00 112.95
N ILE CA 34 -27.62 -74.21 112.50
CA ILE CA 34 -27.32 -75.03 111.35
C ILE CA 34 -26.35 -76.12 111.78
N LYS CA 35 -26.55 -77.33 111.28
CA LYS CA 35 -25.69 -78.45 111.60
C LYS CA 35 -25.87 -79.53 110.54
N ARG CA 36 -25.09 -80.60 110.66
CA ARG CA 36 -25.19 -81.76 109.80
C ARG CA 36 -25.45 -82.98 110.67
N ILE CA 37 -26.59 -83.63 110.48
CA ILE CA 37 -26.95 -84.78 111.27
C ILE CA 37 -27.29 -85.93 110.35
N THR CA 38 -27.27 -87.14 110.88
CA THR CA 38 -27.65 -88.31 110.11
C THR CA 38 -29.16 -88.51 110.17
N ASP CA 39 -29.82 -88.38 109.03
CA ASP CA 39 -31.25 -88.62 108.95
C ASP CA 39 -31.54 -90.10 109.18
N ALA CA 40 -32.79 -90.38 109.56
CA ALA CA 40 -33.25 -91.74 109.82
C ALA CA 40 -33.84 -92.41 108.59
N ASP CA 41 -34.75 -91.73 107.89
CA ASP CA 41 -35.36 -92.30 106.69
C ASP CA 41 -34.31 -92.57 105.63
N ILE CA 42 -33.69 -91.51 105.11
CA ILE CA 42 -32.55 -91.65 104.21
C ILE CA 42 -31.30 -91.72 105.09
N GLN CA 43 -30.84 -92.93 105.35
CA GLN CA 43 -29.81 -93.13 106.38
C GLN CA 43 -28.47 -92.59 105.92
N SER CA 44 -28.36 -91.26 105.87
CA SER CA 44 -27.13 -90.58 105.51
C SER CA 44 -27.16 -89.21 106.18
N SER CA 45 -26.17 -88.38 105.86
CA SER CA 45 -26.11 -87.04 106.45
C SER CA 45 -27.00 -86.09 105.67
N VAL CA 46 -27.68 -85.22 106.42
CA VAL CA 46 -28.44 -84.12 105.85
C VAL CA 46 -28.08 -82.87 106.63
N LEU CA 47 -27.90 -81.77 105.90
CA LEU CA 47 -27.61 -80.49 106.52
C LEU CA 47 -28.92 -79.84 106.90
N GLU CA 48 -29.16 -79.69 108.20
CA GLU CA 48 -30.40 -79.11 108.67
C GLU CA 48 -30.18 -77.69 109.16
N ILE CA 49 -31.15 -76.83 108.87
CA ILE CA 49 -31.21 -75.47 109.36
C ILE CA 49 -32.59 -75.26 109.96
N MET CA 50 -32.64 -74.70 111.16
CA MET CA 50 -33.89 -74.47 111.84
C MET CA 50 -33.76 -73.22 112.66
N GLY CA 51 -34.87 -72.81 113.27
CA GLY CA 51 -34.91 -71.64 114.11
C GLY CA 51 -36.21 -70.90 113.91
N GLN CA 52 -36.54 -70.05 114.89
CA GLN CA 52 -37.70 -69.21 114.77
C GLN CA 52 -37.46 -68.11 113.74
N ASN CA 53 -38.53 -67.39 113.41
CA ASN CA 53 -38.45 -66.20 112.56
C ASN CA 53 -37.82 -66.55 111.20
N VAL CA 54 -38.58 -67.31 110.42
CA VAL CA 54 -38.16 -67.85 109.14
C VAL CA 54 -37.43 -66.82 108.29
N SER CA 55 -37.98 -65.60 108.24
CA SER CA 55 -37.43 -64.58 107.35
C SER CA 55 -36.02 -64.14 107.73
N THR CA 56 -35.48 -64.60 108.88
CA THR CA 56 -34.16 -64.18 109.32
C THR CA 56 -33.10 -65.29 109.27
N THR CA 57 -33.48 -66.56 109.37
CA THR CA 57 -32.53 -67.66 109.31
C THR CA 57 -32.52 -68.23 107.90
N TYR CA 58 -31.42 -68.04 107.17
CA TYR CA 58 -31.34 -68.48 105.78
C TYR CA 58 -29.89 -68.65 105.39
N ILE CA 59 -29.68 -69.06 104.13
CA ILE CA 59 -28.36 -69.19 103.53
C ILE CA 59 -28.44 -68.72 102.08
N THR CA 60 -27.54 -67.83 101.69
CA THR CA 60 -27.49 -67.30 100.33
C THR CA 60 -26.43 -68.05 99.53
N CYS CA 61 -26.71 -68.26 98.25
CA CYS CA 61 -25.83 -69.13 97.49
C CYS CA 61 -24.50 -68.45 97.16
N PRO CA 62 -24.47 -67.25 96.57
CA PRO CA 62 -23.19 -66.56 96.42
C PRO CA 62 -22.69 -66.06 97.76
N ALA CA 63 -21.39 -66.22 97.99
CA ALA CA 63 -20.81 -65.94 99.30
C ALA CA 63 -21.11 -64.53 99.77
N ASP CA 64 -21.22 -63.59 98.86
CA ASP CA 64 -21.41 -62.19 99.23
C ASP CA 64 -22.23 -61.52 98.16
N PRO CA 65 -22.90 -60.41 98.47
CA PRO CA 65 -23.57 -59.63 97.43
C PRO CA 65 -22.56 -59.06 96.44
N ASN CA 66 -23.10 -58.47 95.38
CA ASN CA 66 -22.33 -57.97 94.24
C ASN CA 66 -21.58 -59.07 93.52
N LYS CA 67 -21.93 -60.33 93.77
CA LYS CA 67 -21.34 -61.46 93.07
C LYS CA 67 -22.46 -62.40 92.67
N THR CA 68 -22.60 -62.65 91.37
CA THR CA 68 -23.72 -63.42 90.87
C THR CA 68 -23.33 -64.87 90.62
N LEU CA 69 -24.34 -65.74 90.67
CA LEU CA 69 -24.16 -67.17 90.40
C LEU CA 69 -24.61 -67.45 88.97
N GLY CA 70 -23.75 -67.12 88.01
CA GLY CA 70 -24.12 -67.32 86.63
C GLY CA 70 -24.35 -68.77 86.27
N ILE CA 71 -25.62 -69.17 86.12
CA ILE CA 71 -25.98 -70.55 85.81
C ILE CA 71 -27.17 -70.52 84.85
N LYS CA 72 -27.06 -71.23 83.74
CA LYS CA 72 -28.04 -71.15 82.67
C LYS CA 72 -28.88 -72.42 82.54
N LEU CA 73 -28.90 -73.25 83.56
CA LEU CA 73 -29.69 -74.47 83.38
C LEU CA 73 -31.14 -74.23 83.79
N PRO CA 74 -32.11 -74.58 82.95
CA PRO CA 74 -33.51 -74.29 83.26
C PRO CA 74 -34.03 -74.88 84.55
N PHE CA 75 -33.98 -76.20 84.68
CA PHE CA 75 -34.63 -76.87 85.79
C PHE CA 75 -33.78 -76.80 87.05
N LEU CA 76 -34.44 -76.57 88.17
CA LEU CA 76 -33.80 -76.51 89.48
C LEU CA 76 -34.52 -77.45 90.43
N VAL CA 77 -33.77 -78.33 91.09
CA VAL CA 77 -34.36 -79.40 91.90
C VAL CA 77 -33.74 -79.37 93.29
N LEU CA 78 -34.58 -79.42 94.31
CA LEU CA 78 -34.14 -79.53 95.69
C LEU CA 78 -34.66 -80.83 96.28
N ILE CA 79 -33.92 -81.37 97.24
CA ILE CA 79 -34.31 -82.57 97.97
C ILE CA 79 -34.43 -82.18 99.43
N ILE CA 80 -35.67 -82.10 99.93
CA ILE CA 80 -35.93 -81.54 101.24
C ILE CA 80 -36.85 -82.47 102.02
N LYS CA 81 -36.66 -82.49 103.34
CA LYS CA 81 -37.60 -83.13 104.23
C LYS CA 81 -38.62 -82.10 104.71
N ASN CA 82 -39.86 -82.54 104.89
CA ASN CA 82 -40.96 -81.67 105.29
C ASN CA 82 -41.17 -81.85 106.80
N LEU CA 83 -40.74 -80.86 107.57
CA LEU CA 83 -40.84 -80.91 109.03
C LEU CA 83 -42.17 -80.37 109.55
N ASN CA 84 -43.13 -80.10 108.66
CA ASN CA 84 -44.43 -79.55 109.03
C ASN CA 84 -44.27 -78.22 109.78
N LYS CA 85 -43.44 -77.35 109.21
CA LYS CA 85 -43.22 -76.02 109.76
C LYS CA 85 -43.19 -75.01 108.63
N TYR CA 86 -42.93 -73.76 108.98
CA TYR CA 86 -42.86 -72.69 107.99
C TYR CA 86 -41.55 -72.81 107.22
N PHE CA 87 -41.63 -73.10 105.92
CA PHE CA 87 -40.46 -73.20 105.08
C PHE CA 87 -40.67 -72.42 103.80
N SER CA 88 -39.63 -71.69 103.39
CA SER CA 88 -39.70 -70.87 102.19
C SER CA 88 -38.34 -70.79 101.54
N PHE CA 89 -38.32 -70.56 100.23
CA PHE CA 89 -37.06 -70.35 99.54
C PHE CA 89 -37.28 -69.46 98.33
N GLU CA 90 -36.23 -68.76 97.95
CA GLU CA 90 -36.28 -67.72 96.93
C GLU CA 90 -35.17 -67.94 95.92
N VAL CA 91 -35.46 -67.62 94.66
CA VAL CA 91 -34.50 -67.73 93.58
C VAL CA 91 -34.63 -66.51 92.68
N GLN CA 92 -33.52 -65.80 92.49
CA GLN CA 92 -33.50 -64.62 91.64
C GLN CA 92 -33.08 -65.01 90.23
N VAL CA 93 -33.68 -64.35 89.24
CA VAL CA 93 -33.56 -64.74 87.85
C VAL CA 93 -33.29 -63.49 87.02
N LEU CA 94 -32.45 -63.63 86.00
CA LEU CA 94 -32.21 -62.56 85.04
C LEU CA 94 -33.02 -62.88 83.79
N ASP CA 95 -33.84 -61.93 83.35
CA ASP CA 95 -34.64 -62.17 82.15
C ASP CA 95 -33.81 -61.86 80.92
N ASP CA 96 -34.43 -62.02 79.74
CA ASP CA 96 -33.75 -61.67 78.50
C ASP CA 96 -33.47 -60.18 78.44
N LYS CA 97 -34.43 -59.36 78.88
CA LYS CA 97 -34.19 -57.97 79.21
C LYS CA 97 -33.44 -57.88 80.54
N ASN CA 98 -32.60 -56.86 80.66
CA ASN CA 98 -31.75 -56.72 81.84
C ASN CA 98 -32.61 -56.27 83.03
N VAL CA 99 -33.38 -57.22 83.55
CA VAL CA 99 -34.21 -57.01 84.73
C VAL CA 99 -34.15 -58.27 85.58
N ARG CA 100 -33.86 -58.10 86.87
CA ARG CA 100 -33.68 -59.22 87.80
C ARG CA 100 -34.99 -59.49 88.50
N ARG CA 101 -35.74 -60.45 87.98
CA ARG CA 101 -36.93 -60.91 88.69
C ARG CA 101 -36.52 -61.78 89.86
N ARG CA 102 -37.49 -62.13 90.68
CA ARG CA 102 -37.23 -63.13 91.72
C ARG CA 102 -38.52 -63.81 92.11
N PHE CA 103 -38.51 -65.13 92.17
CA PHE CA 103 -39.66 -65.91 92.56
C PHE CA 103 -39.37 -66.55 93.90
N ARG CA 104 -40.39 -66.62 94.75
CA ARG CA 104 -40.22 -67.34 96.01
C ARG CA 104 -41.43 -68.23 96.24
N ALA CA 105 -41.19 -69.32 96.95
CA ALA CA 105 -42.22 -70.30 97.25
C ALA CA 105 -42.25 -70.51 98.76
N SER CA 106 -43.44 -70.39 99.33
CA SER CA 106 -43.62 -70.48 100.77
C SER CA 106 -44.69 -71.52 101.08
N ASN CA 107 -44.53 -72.21 102.20
CA ASN CA 107 -45.55 -73.16 102.61
C ASN CA 107 -46.57 -72.56 103.56
N TYR CA 108 -46.36 -71.33 104.01
CA TYR CA 108 -47.31 -70.61 104.84
C TYR CA 108 -48.08 -69.56 104.05
N GLN CA 109 -48.13 -69.70 102.72
CA GLN CA 109 -48.84 -68.77 101.87
C GLN CA 109 -49.90 -69.53 101.07
N SER CA 110 -50.95 -68.81 100.67
CA SER CA 110 -52.09 -69.44 100.02
C SER CA 110 -52.50 -68.79 98.70
N THR CA 111 -51.87 -67.69 98.30
CA THR CA 111 -52.24 -67.05 97.04
C THR CA 111 -50.99 -66.56 96.33
N THR CA 112 -51.02 -66.65 95.00
CA THR CA 112 -49.95 -66.16 94.17
C THR CA 112 -50.30 -64.77 93.65
N ARG CA 113 -49.33 -63.86 93.67
CA ARG CA 113 -49.54 -62.47 93.30
C ARG CA 113 -48.32 -61.98 92.55
N VAL CA 114 -48.47 -61.84 91.22
CA VAL CA 114 -47.36 -61.36 90.41
C VAL CA 114 -47.15 -59.88 90.67
N LYS CA 115 -45.89 -59.48 90.76
CA LYS CA 115 -45.49 -58.12 91.05
C LYS CA 115 -44.33 -57.76 90.11
N PRO CA 116 -43.95 -56.47 89.98
CA PRO CA 116 -42.91 -56.12 89.01
C PRO CA 116 -41.59 -56.83 89.23
N PHE CA 117 -41.14 -56.96 90.48
CA PHE CA 117 -39.88 -57.61 90.75
C PHE CA 117 -40.01 -58.91 91.52
N ILE CA 118 -41.20 -59.25 92.03
CA ILE CA 118 -41.35 -60.42 92.89
C ILE CA 118 -42.50 -61.26 92.40
N CYS CA 119 -42.45 -62.56 92.66
CA CYS CA 119 -43.61 -63.43 92.45
C CYS CA 119 -43.64 -64.43 93.60
N THR CA 120 -44.51 -64.19 94.60
CA THR CA 120 -44.71 -65.15 95.70
C THR CA 120 -45.74 -66.17 95.27
N MET CA 121 -45.49 -67.40 95.67
CA MET CA 121 -46.37 -68.48 95.30
C MET CA 121 -46.38 -69.54 96.38
N PRO CA 122 -47.51 -70.19 96.60
CA PRO CA 122 -47.57 -71.24 97.62
C PRO CA 122 -46.88 -72.50 97.15
N MET CA 123 -46.48 -73.31 98.12
CA MET CA 123 -45.93 -74.63 97.83
C MET CA 123 -46.65 -75.67 98.66
N ARG CA 124 -47.10 -76.73 97.99
CA ARG CA 124 -47.86 -77.79 98.62
C ARG CA 124 -46.89 -78.96 98.81
N LEU CA 125 -46.18 -78.91 99.92
CA LEU CA 125 -45.20 -79.93 100.25
C LEU CA 125 -45.89 -81.22 100.64
N ASP CA 126 -45.23 -82.34 100.38
CA ASP CA 126 -45.72 -83.64 100.78
C ASP CA 126 -45.26 -83.93 102.20
N SER CA 127 -45.41 -85.17 102.65
CA SER CA 127 -45.01 -85.57 103.99
C SER CA 127 -43.64 -86.23 103.93
N GLY CA 128 -42.74 -85.81 104.81
CA GLY CA 128 -41.44 -86.43 104.89
C GLY CA 128 -40.52 -85.95 103.79
N TRP CA 129 -39.82 -86.90 103.17
CA TRP CA 129 -38.85 -86.57 102.13
C TRP CA 129 -39.53 -86.40 100.79
N ASN CA 130 -39.08 -85.41 100.03
CA ASN CA 130 -39.58 -85.21 98.68
C ASN CA 130 -38.63 -84.31 97.92
N GLN CA 131 -38.54 -84.54 96.62
CA GLN CA 131 -37.80 -83.67 95.73
C GLN CA 131 -38.77 -82.77 94.99
N ILE CA 132 -38.43 -81.49 94.91
CA ILE CA 132 -39.25 -80.50 94.23
C ILE CA 132 -38.45 -79.96 93.04
N GLN CA 133 -39.10 -79.90 91.89
CA GLN CA 133 -38.47 -79.44 90.66
C GLN CA 133 -39.18 -78.19 90.17
N PHE CA 134 -38.39 -77.17 89.83
CA PHE CA 134 -38.89 -75.92 89.28
C PHE CA 134 -38.49 -75.84 87.83
N ASN CA 135 -39.45 -75.54 86.95
CA ASN CA 135 -39.12 -75.31 85.56
C ASN CA 135 -38.24 -74.09 85.40
N LEU CA 136 -38.62 -72.99 86.06
CA LEU CA 136 -37.78 -71.80 86.20
C LEU CA 136 -37.59 -71.10 84.86
N SER CA 137 -38.08 -71.70 83.80
CA SER CA 137 -38.16 -71.08 82.49
C SER CA 137 -39.59 -70.99 81.98
N ASP CA 138 -40.44 -71.94 82.35
CA ASP CA 138 -41.88 -71.75 82.18
C ASP CA 138 -42.40 -70.69 83.12
N PHE CA 139 -41.80 -70.57 84.30
CA PHE CA 139 -42.28 -69.62 85.30
C PHE CA 139 -42.10 -68.19 84.82
N THR CA 140 -40.92 -67.86 84.29
CA THR CA 140 -40.70 -66.50 83.79
C THR CA 140 -41.63 -66.19 82.63
N ARG CA 141 -41.82 -67.17 81.73
CA ARG CA 141 -42.72 -66.96 80.60
C ARG CA 141 -44.16 -66.81 81.06
N ARG CA 142 -44.58 -67.58 82.06
CA ARG CA 142 -45.95 -67.51 82.52
C ARG CA 142 -46.21 -66.26 83.35
N ALA CA 143 -45.20 -65.75 84.05
CA ALA CA 143 -45.42 -64.58 84.88
C ALA CA 143 -45.26 -63.28 84.08
N TYR CA 144 -44.10 -63.07 83.48
CA TYR CA 144 -43.80 -61.81 82.82
C TYR CA 144 -43.77 -61.92 81.31
N GLY CA 145 -44.03 -63.10 80.74
CA GLY CA 145 -44.04 -63.24 79.30
C GLY CA 145 -42.68 -63.03 78.66
N THR CA 146 -41.60 -63.31 79.38
CA THR CA 146 -40.25 -63.14 78.86
C THR CA 146 -39.53 -64.48 78.86
N ASN CA 147 -38.23 -64.44 78.58
CA ASN CA 147 -37.41 -65.63 78.49
C ASN CA 147 -36.42 -65.70 79.64
N TYR CA 148 -36.09 -66.93 80.02
CA TYR CA 148 -35.10 -67.17 81.07
C TYR CA 148 -33.69 -67.07 80.48
N ILE CA 149 -32.79 -66.43 81.20
CA ILE CA 149 -31.40 -66.37 80.78
C ILE CA 149 -30.51 -67.17 81.73
N GLU CA 150 -30.43 -66.74 82.98
CA GLU CA 150 -29.53 -67.38 83.92
C GLU CA 150 -29.88 -66.96 85.34
N THR CA 151 -29.85 -67.94 86.25
CA THR CA 151 -30.06 -67.65 87.67
C THR CA 151 -28.95 -66.74 88.19
N LEU CA 152 -29.27 -65.99 89.24
CA LEU CA 152 -28.28 -65.12 89.87
C LEU CA 152 -28.02 -65.49 91.32
N ARG CA 153 -29.06 -65.68 92.13
CA ARG CA 153 -28.89 -66.02 93.53
C ARG CA 153 -29.95 -67.02 93.95
N VAL CA 154 -29.60 -67.85 94.93
CA VAL CA 154 -30.52 -68.80 95.53
C VAL CA 154 -30.46 -68.59 97.03
N GLN CA 155 -31.59 -68.80 97.71
CA GLN CA 155 -31.68 -68.54 99.14
C GLN CA 155 -32.73 -69.45 99.74
N VAL CA 156 -32.40 -70.09 100.85
CA VAL CA 156 -33.27 -71.08 101.49
C VAL CA 156 -33.41 -70.71 102.96
N HIS CA 157 -34.64 -70.52 103.42
CA HIS CA 157 -34.89 -70.08 104.78
C HIS CA 157 -35.04 -71.28 105.70
N ALA CA 158 -35.49 -71.03 106.94
CA ALA CA 158 -35.32 -71.98 108.02
C ALA CA 158 -36.35 -73.09 107.97
N ASN CA 159 -36.22 -74.01 108.94
CA ASN CA 159 -37.15 -75.13 109.14
C ASN CA 159 -37.19 -76.06 107.92
N CYS CA 160 -36.02 -76.60 107.58
CA CYS CA 160 -35.93 -77.60 106.53
C CYS CA 160 -34.63 -78.37 106.69
N ARG CA 161 -34.56 -79.52 106.02
CA ARG CA 161 -33.39 -80.38 106.03
C ARG CA 161 -32.96 -80.65 104.60
N ILE CA 162 -31.85 -80.06 104.20
CA ILE CA 162 -31.41 -80.10 102.81
C ILE CA 162 -30.51 -81.31 102.60
N ARG CA 163 -30.62 -81.92 101.44
CA ARG CA 163 -29.75 -83.00 101.01
C ARG CA 163 -29.09 -82.75 99.66
N ARG CA 164 -29.82 -82.13 98.74
CA ARG CA 164 -29.33 -81.92 97.38
C ARG CA 164 -29.95 -80.66 96.83
N ILE CA 165 -29.13 -79.85 96.17
CA ILE CA 165 -29.59 -78.71 95.38
C ILE CA 165 -28.84 -78.76 94.06
N TYR CA 166 -29.58 -78.94 92.96
CA TYR CA 166 -28.89 -79.09 91.69
C TYR CA 166 -29.75 -78.61 90.54
N PHE CA 167 -29.11 -77.99 89.57
CA PHE CA 167 -29.75 -77.63 88.31
C PHE CA 167 -29.66 -78.82 87.36
N SER CA 168 -30.70 -79.02 86.57
CA SER CA 168 -30.88 -80.25 85.82
C SER CA 168 -30.83 -80.08 84.31
N ASP CA 169 -31.15 -78.89 83.79
CA ASP CA 169 -31.09 -78.57 82.38
C ASP CA 169 -32.20 -79.27 81.60
N ARG CA 170 -32.95 -80.15 82.25
CA ARG CA 170 -34.12 -80.80 81.68
C ARG CA 170 -34.71 -81.71 82.75
N LEU CA 171 -35.97 -82.08 82.55
CA LEU CA 171 -36.67 -82.94 83.51
C LEU CA 171 -36.23 -84.37 83.26
N TYR CA 172 -35.24 -84.83 84.03
CA TYR CA 172 -34.84 -86.23 83.97
C TYR CA 172 -35.79 -87.09 84.78
N SER CA 173 -35.91 -88.35 84.36
CA SER CA 173 -36.77 -89.31 85.05
C SER CA 173 -36.01 -90.02 86.17
N GLU CA 174 -36.77 -90.73 87.00
CA GLU CA 174 -36.16 -91.48 88.08
C GLU CA 174 -35.16 -92.50 87.55
N GLU CA 175 -35.36 -93.01 86.35
CA GLU CA 175 -34.38 -93.93 85.78
C GLU CA 175 -33.12 -93.19 85.34
N GLU CA 176 -33.27 -92.12 84.55
CA GLU CA 176 -32.12 -91.47 83.96
C GLU CA 176 -31.21 -90.81 84.98
N LEU CA 177 -31.73 -90.49 86.16
CA LEU CA 177 -30.90 -89.86 87.18
C LEU CA 177 -29.79 -90.81 87.61
N PRO CA 178 -28.58 -90.30 87.87
CA PRO CA 178 -27.53 -91.15 88.44
C PRO CA 178 -27.85 -91.52 89.88
N ALA CA 179 -26.98 -92.27 90.52
CA ALA CA 179 -27.28 -92.78 91.86
C ALA CA 179 -27.30 -91.64 92.87
N GLU CA 180 -26.33 -90.73 92.79
CA GLU CA 180 -26.26 -89.60 93.71
C GLU CA 180 -27.40 -88.61 93.52
N PHE CA 181 -27.90 -88.46 92.30
CA PHE CA 181 -28.96 -87.49 92.05
C PHE CA 181 -30.34 -88.16 92.08
N LYS CA 182 -30.61 -88.88 93.17
CA LYS CA 182 -31.95 -89.45 93.31
C LYS CA 182 -32.23 -89.74 94.78
N LEU CA 183 -33.51 -90.04 95.05
CA LEU CA 183 -33.99 -90.42 96.38
C LEU CA 183 -34.08 -91.94 96.46
N PHE CA 184 -33.13 -92.54 97.15
CA PHE CA 184 -33.18 -93.96 97.47
C PHE CA 184 -33.47 -94.07 98.95
N LEU CA 185 -34.75 -94.18 99.29
CA LEU CA 185 -35.14 -94.35 100.68
C LEU CA 185 -35.04 -95.83 101.08
N PRO CA 186 -34.13 -96.19 101.97
CA PRO CA 186 -34.02 -97.60 102.37
C PRO CA 186 -35.17 -98.03 103.27
N ILE CA 187 -35.13 -99.27 103.73
CA ILE CA 187 -36.18 -99.79 104.61
C ILE CA 187 -36.07 -99.17 106.00
N ASN DA 2 -37.81 -95.40 121.18
CA ASN DA 2 -36.57 -94.88 120.63
C ASN DA 2 -35.37 -95.60 121.27
N GLY DA 3 -34.24 -94.91 121.34
CA GLY DA 3 -33.06 -95.51 121.94
C GLY DA 3 -33.20 -95.67 123.44
N ASP DA 4 -32.50 -96.67 123.98
CA ASP DA 4 -32.53 -96.93 125.41
C ASP DA 4 -31.73 -95.89 126.16
N VAL DA 5 -32.00 -95.79 127.45
CA VAL DA 5 -31.32 -94.85 128.32
C VAL DA 5 -30.38 -95.54 129.31
N ALA DA 6 -30.48 -96.86 129.44
CA ALA DA 6 -29.68 -97.56 130.46
C ALA DA 6 -28.21 -97.60 130.08
N GLY DA 7 -27.90 -98.04 128.86
CA GLY DA 7 -26.53 -98.22 128.45
C GLY DA 7 -25.76 -96.92 128.28
N SER DA 8 -26.38 -95.96 127.58
CA SER DA 8 -25.71 -94.73 127.19
C SER DA 8 -25.06 -93.98 128.35
N LEU DA 9 -25.63 -94.11 129.56
CA LEU DA 9 -25.27 -93.21 130.65
C LEU DA 9 -23.86 -93.45 131.16
N PHE DA 10 -23.49 -94.72 131.37
CA PHE DA 10 -22.16 -95.00 131.91
C PHE DA 10 -21.08 -94.60 130.92
N THR DA 11 -21.23 -95.00 129.66
CA THR DA 11 -20.24 -94.65 128.65
C THR DA 11 -20.13 -93.14 128.50
N SER DA 12 -21.26 -92.43 128.58
CA SER DA 12 -21.21 -90.97 128.51
C SER DA 12 -20.43 -90.39 129.67
N THR DA 13 -20.70 -90.86 130.87
CA THR DA 13 -20.04 -90.28 132.03
C THR DA 13 -18.55 -90.53 131.97
N TYR DA 14 -18.14 -91.71 131.51
CA TYR DA 14 -16.73 -92.01 131.38
C TYR DA 14 -16.08 -91.16 130.29
N ARG DA 15 -16.72 -91.05 129.14
CA ARG DA 15 -16.18 -90.22 128.07
C ARG DA 15 -16.03 -88.77 128.51
N ASN DA 16 -16.96 -88.28 129.34
CA ASN DA 16 -16.90 -86.88 129.76
C ASN DA 16 -15.82 -86.65 130.80
N VAL DA 17 -15.74 -87.53 131.80
CA VAL DA 17 -14.88 -87.27 132.95
C VAL DA 17 -13.43 -87.68 132.65
N LYS DA 18 -13.23 -88.86 132.07
CA LYS DA 18 -11.88 -89.32 131.77
C LYS DA 18 -11.33 -88.64 130.52
N LEU DA 19 -11.98 -88.89 129.38
CA LEU DA 19 -11.43 -88.48 128.09
C LEU DA 19 -11.23 -86.98 128.01
N ALA DA 20 -12.31 -86.22 128.13
CA ALA DA 20 -12.15 -84.78 128.25
C ALA DA 20 -11.77 -84.42 129.69
N GLY DA 21 -11.29 -83.19 129.86
CA GLY DA 21 -11.04 -82.66 131.18
C GLY DA 21 -12.28 -82.14 131.87
N LYS DA 22 -13.45 -82.58 131.43
CA LYS DA 22 -14.70 -82.07 131.97
C LYS DA 22 -14.94 -82.59 133.38
N ALA DA 23 -15.81 -81.88 134.10
CA ALA DA 23 -16.09 -82.06 135.51
C ALA DA 23 -17.26 -83.01 135.71
N PRO DA 24 -17.46 -83.50 136.94
CA PRO DA 24 -18.56 -84.42 137.20
C PRO DA 24 -19.93 -83.77 137.01
N PRO DA 25 -20.14 -82.51 137.44
CA PRO DA 25 -19.43 -81.57 138.31
C PRO DA 25 -19.99 -81.49 139.75
N ALA DA 26 -19.15 -81.88 140.72
CA ALA DA 26 -19.40 -81.65 142.15
C ALA DA 26 -20.79 -82.10 142.58
N ALA DA 27 -21.01 -83.40 142.51
CA ALA DA 27 -22.24 -84.03 143.00
C ALA DA 27 -22.13 -84.19 144.51
N ASN DA 28 -22.95 -83.44 145.25
CA ASN DA 28 -22.95 -83.49 146.71
C ASN DA 28 -23.36 -84.86 147.21
N LEU DA 29 -22.55 -85.44 148.09
CA LEU DA 29 -22.76 -86.76 148.65
C LEU DA 29 -22.76 -86.71 150.17
N SER DA 30 -23.33 -85.63 150.71
CA SER DA 30 -23.42 -85.49 152.16
C SER DA 30 -24.35 -86.55 152.75
N GLY DA 31 -24.08 -86.93 153.99
CA GLY DA 31 -24.89 -87.91 154.68
C GLY DA 31 -24.75 -89.33 154.19
N THR DA 32 -24.21 -89.54 153.00
CA THR DA 32 -24.05 -90.88 152.43
C THR DA 32 -22.63 -91.35 152.68
N GLY DA 33 -22.48 -92.46 153.41
CA GLY DA 33 -21.18 -93.01 153.70
C GLY DA 33 -20.84 -94.20 152.81
N SER DA 34 -20.64 -95.36 153.41
CA SER DA 34 -20.32 -96.56 152.66
C SER DA 34 -21.58 -97.06 151.95
N CYS DA 35 -21.47 -98.20 151.29
CA CYS DA 35 -22.64 -98.83 150.69
C CYS DA 35 -23.51 -99.54 151.72
N PHE DA 36 -23.03 -99.67 152.95
CA PHE DA 36 -23.76 -100.41 153.99
C PHE DA 36 -24.60 -99.48 154.86
N ASP DA 37 -24.02 -98.38 155.33
CA ASP DA 37 -24.75 -97.48 156.21
C ASP DA 37 -25.81 -96.71 155.43
N THR DA 38 -27.04 -96.75 155.93
CA THR DA 38 -28.11 -95.96 155.35
C THR DA 38 -27.85 -94.48 155.55
N THR DA 39 -28.14 -93.71 154.52
CA THR DA 39 -27.94 -92.27 154.56
C THR DA 39 -28.96 -91.60 155.47
N SER DA 40 -28.63 -90.38 155.89
CA SER DA 40 -29.51 -89.53 156.68
C SER DA 40 -30.15 -88.53 155.72
N LEU DA 41 -31.44 -88.73 155.45
CA LEU DA 41 -32.14 -87.96 154.43
C LEU DA 41 -32.31 -86.52 154.90
N SER DA 42 -31.82 -85.56 154.11
CA SER DA 42 -31.96 -84.17 154.48
C SER DA 42 -33.39 -83.68 154.26
N PRO DA 43 -33.82 -82.70 155.05
CA PRO DA 43 -35.20 -82.20 154.91
C PRO DA 43 -35.42 -81.30 153.71
N ALA DA 44 -34.35 -80.86 153.05
CA ALA DA 44 -34.48 -79.97 151.91
C ALA DA 44 -35.23 -80.65 150.77
N ARG DA 45 -35.66 -79.86 149.81
CA ARG DA 45 -36.37 -80.32 148.63
C ARG DA 45 -35.66 -79.81 147.38
N ALA DA 46 -35.72 -80.60 146.32
CA ALA DA 46 -34.96 -80.32 145.11
C ALA DA 46 -35.78 -79.49 144.13
N GLY DA 47 -35.06 -78.72 143.31
CA GLY DA 47 -35.73 -77.80 142.40
C GLY DA 47 -36.45 -76.69 143.13
N ALA DA 48 -35.90 -76.25 144.26
CA ALA DA 48 -36.53 -75.23 145.08
C ALA DA 48 -35.96 -73.86 144.71
N HIS DA 49 -36.86 -72.91 144.47
CA HIS DA 49 -36.43 -71.56 144.16
C HIS DA 49 -35.79 -70.92 145.38
N LYS DA 50 -34.60 -70.37 145.19
CA LYS DA 50 -33.82 -69.79 146.27
C LYS DA 50 -34.15 -68.30 146.42
N ALA DA 51 -34.13 -67.83 147.66
CA ALA DA 51 -34.41 -66.44 147.93
C ALA DA 51 -33.30 -65.55 147.36
N LEU DA 52 -33.59 -64.26 147.29
CA LEU DA 52 -32.64 -63.28 146.78
C LEU DA 52 -31.62 -62.94 147.87
N ASP DA 53 -30.34 -63.05 147.51
CA ASP DA 53 -29.26 -62.88 148.48
C ASP DA 53 -28.63 -61.49 148.43
N VAL DA 54 -28.98 -60.68 147.43
CA VAL DA 54 -28.42 -59.34 147.29
C VAL DA 54 -28.57 -58.53 148.57
N GLN DA 55 -27.51 -57.81 148.93
CA GLN DA 55 -27.42 -57.03 150.16
C GLN DA 55 -28.53 -55.98 150.24
N LYS DA 56 -28.57 -55.27 151.37
CA LYS DA 56 -29.40 -54.10 151.57
C LYS DA 56 -29.00 -52.94 150.67
N ASP DA 57 -27.75 -52.52 150.82
CA ASP DA 57 -27.28 -51.26 150.29
C ASP DA 57 -26.90 -51.35 148.83
N GLU DA 58 -26.44 -52.51 148.38
CA GLU DA 58 -26.05 -52.66 146.99
C GLU DA 58 -27.19 -52.29 146.04
N LEU DA 59 -28.43 -52.38 146.49
CA LEU DA 59 -29.56 -51.86 145.74
C LEU DA 59 -29.37 -50.37 145.49
N PRO DA 60 -29.28 -49.93 144.23
CA PRO DA 60 -29.11 -48.51 143.96
C PRO DA 60 -30.37 -47.73 144.34
N VAL DA 61 -30.18 -46.45 144.63
CA VAL DA 61 -31.30 -45.59 144.98
C VAL DA 61 -31.69 -44.79 143.76
N TRP DA 62 -32.96 -44.40 143.70
CA TRP DA 62 -33.50 -43.71 142.54
C TRP DA 62 -33.39 -42.20 142.75
N SER DA 63 -32.62 -41.53 141.88
CA SER DA 63 -32.44 -40.10 141.99
C SER DA 63 -33.62 -39.38 141.34
N LYS DA 64 -34.38 -38.66 142.14
CA LYS DA 64 -35.56 -37.94 141.64
C LYS DA 64 -35.19 -36.91 140.58
N SER DA 65 -33.93 -36.50 140.52
CA SER DA 65 -33.50 -35.42 139.63
C SER DA 65 -32.99 -35.90 138.28
N THR DA 66 -32.47 -37.12 138.20
CA THR DA 66 -31.88 -37.62 136.97
C THR DA 66 -32.68 -38.77 136.37
N LEU DA 67 -33.68 -39.28 137.09
CA LEU DA 67 -34.50 -40.41 136.62
C LEU DA 67 -33.63 -41.65 136.40
N SER DA 68 -32.71 -41.90 137.33
CA SER DA 68 -31.77 -43.00 137.17
C SER DA 68 -31.49 -43.65 138.52
N TYR DA 69 -31.29 -44.96 138.48
CA TYR DA 69 -30.85 -45.72 139.65
C TYR DA 69 -29.34 -45.59 139.76
N LYS DA 70 -28.86 -44.89 140.77
CA LYS DA 70 -27.44 -44.70 140.98
C LYS DA 70 -27.05 -45.26 142.35
N TYR DA 71 -25.80 -45.69 142.46
CA TYR DA 71 -25.34 -46.26 143.71
C TYR DA 71 -25.11 -45.14 144.73
N PRO DA 72 -25.35 -45.42 146.01
CA PRO DA 72 -25.19 -44.38 147.03
C PRO DA 72 -23.73 -43.95 147.16
N ALA DA 73 -23.53 -42.72 147.60
CA ALA DA 73 -22.20 -42.17 147.77
C ALA DA 73 -21.49 -42.88 148.93
N GLY DA 74 -20.21 -42.57 149.10
CA GLY DA 74 -19.39 -43.21 150.10
C GLY DA 74 -19.36 -42.42 151.40
N ARG DA 75 -19.72 -43.10 152.49
CA ARG DA 75 -19.57 -42.49 153.80
C ARG DA 75 -18.10 -42.18 154.07
N PRO DA 76 -17.80 -41.03 154.66
CA PRO DA 76 -16.41 -40.70 154.98
C PRO DA 76 -15.78 -41.72 155.92
N ASN DA 77 -14.46 -41.62 156.04
CA ASN DA 77 -13.69 -42.51 156.88
C ASN DA 77 -12.47 -41.72 157.36
N PRO DA 78 -12.17 -41.75 158.65
CA PRO DA 78 -11.06 -40.93 159.17
C PRO DA 78 -9.72 -41.31 158.58
N THR DA 79 -9.51 -42.58 158.25
CA THR DA 79 -8.22 -42.99 157.67
C THR DA 79 -8.01 -42.34 156.31
N GLY DA 80 -9.09 -42.21 155.53
CA GLY DA 80 -9.00 -41.60 154.22
C GLY DA 80 -9.28 -40.11 154.23
N PHE DA 81 -8.45 -39.34 154.91
CA PHE DA 81 -8.59 -37.90 154.95
C PHE DA 81 -7.76 -37.25 153.85
N LEU DA 82 -8.18 -36.06 153.43
CA LEU DA 82 -7.48 -35.34 152.38
C LEU DA 82 -6.20 -34.72 152.94
N LYS DA 83 -5.23 -34.52 152.06
CA LYS DA 83 -3.96 -33.93 152.43
C LYS DA 83 -3.65 -32.73 151.55
N LYS DA 84 -2.41 -32.25 151.63
CA LYS DA 84 -1.99 -31.03 150.98
C LYS DA 84 -2.42 -30.93 149.52
N GLY DA 85 -2.15 -31.97 148.74
CA GLY DA 85 -2.40 -31.89 147.32
C GLY DA 85 -3.80 -32.23 146.87
N ASP DA 86 -4.49 -31.27 146.25
CA ASP DA 86 -5.75 -31.57 145.58
C ASP DA 86 -5.94 -30.57 144.43
N GLY DA 87 -5.52 -30.99 143.24
CA GLY DA 87 -5.70 -30.19 142.05
C GLY DA 87 -6.77 -30.67 141.10
N GLU DA 88 -7.28 -31.87 141.33
CA GLU DA 88 -8.33 -32.43 140.49
C GLU DA 88 -9.65 -31.70 140.71
N PRO DA 102 -25.50 -50.21 136.87
CA PRO DA 102 -26.44 -50.58 137.92
C PRO DA 102 -27.51 -51.57 137.45
N SER DA 103 -27.07 -52.71 136.94
CA SER DA 103 -27.99 -53.74 136.49
C SER DA 103 -28.72 -54.35 137.69
N PRO DA 104 -29.91 -54.91 137.46
CA PRO DA 104 -30.62 -55.57 138.55
C PRO DA 104 -30.01 -56.93 138.84
N PRO DA 105 -30.20 -57.46 140.06
CA PRO DA 105 -29.69 -58.79 140.36
C PRO DA 105 -30.43 -59.84 139.54
N GLN DA 106 -29.69 -60.55 138.69
CA GLN DA 106 -30.31 -61.53 137.82
C GLN DA 106 -30.88 -62.69 138.61
N ALA DA 107 -31.97 -63.25 138.11
CA ALA DA 107 -32.63 -64.37 138.76
C ALA DA 107 -32.05 -65.67 138.22
N GLY DA 108 -31.97 -66.67 139.10
CA GLY DA 108 -31.42 -67.95 138.71
C GLY DA 108 -32.34 -68.73 137.80
N ALA DA 109 -32.55 -68.22 136.59
CA ALA DA 109 -33.39 -68.93 135.64
C ALA DA 109 -32.73 -70.21 135.16
N TYR DA 110 -31.45 -70.13 134.77
CA TYR DA 110 -30.73 -71.28 134.24
C TYR DA 110 -29.70 -71.81 135.21
N LYS DA 111 -29.85 -71.50 136.48
CA LYS DA 111 -28.89 -71.95 137.45
C LYS DA 111 -29.36 -73.28 138.01
N ARG DA 112 -28.45 -74.25 138.01
CA ARG DA 112 -28.76 -75.61 138.45
C ARG DA 112 -29.17 -75.58 139.91
N ARG DA 113 -30.39 -76.01 140.19
CA ARG DA 113 -30.83 -76.05 141.57
C ARG DA 113 -30.04 -77.11 142.31
N GLU DA 114 -30.13 -77.10 143.63
CA GLU DA 114 -29.42 -78.06 144.44
C GLU DA 114 -30.26 -79.33 144.49
N ASN DA 115 -29.64 -80.47 144.17
CA ASN DA 115 -30.31 -81.75 144.12
C ASN DA 115 -29.79 -82.63 145.25
N PRO DA 116 -30.42 -82.62 146.42
CA PRO DA 116 -29.95 -83.47 147.52
C PRO DA 116 -30.29 -84.92 147.27
N PRO DA 117 -29.59 -85.84 147.91
CA PRO DA 117 -29.86 -87.27 147.68
C PRO DA 117 -31.04 -87.79 148.46
N ASN DA 118 -31.89 -86.89 148.96
CA ASN DA 118 -33.00 -87.28 149.84
C ASN DA 118 -34.23 -87.69 149.04
N THR DA 119 -34.06 -88.58 148.07
CA THR DA 119 -35.21 -89.10 147.35
C THR DA 119 -35.84 -90.24 148.14
N ALA DA 120 -36.94 -90.77 147.59
CA ALA DA 120 -37.60 -91.91 148.23
C ALA DA 120 -37.10 -93.24 147.69
N PHE DA 121 -36.66 -93.28 146.44
CA PHE DA 121 -36.12 -94.51 145.89
C PHE DA 121 -34.87 -94.95 146.62
N ARG DA 122 -33.97 -94.02 146.92
CA ARG DA 122 -32.76 -94.37 147.66
C ARG DA 122 -33.10 -94.95 149.01
N ARG DA 123 -34.02 -94.33 149.72
CA ARG DA 123 -34.46 -94.80 151.04
C ARG DA 123 -35.09 -96.19 150.96
N PHE DA 124 -35.92 -96.45 149.95
CA PHE DA 124 -36.52 -97.77 149.84
C PHE DA 124 -35.48 -98.81 149.48
N TYR DA 125 -34.58 -98.49 148.55
CA TYR DA 125 -33.52 -99.42 148.18
C TYR DA 125 -32.59 -99.69 149.35
N GLU DA 126 -32.30 -98.67 150.15
CA GLU DA 126 -31.49 -98.87 151.36
C GLU DA 126 -32.15 -99.88 152.29
N ARG DA 127 -33.44 -99.69 152.59
CA ARG DA 127 -34.15 -100.66 153.40
C ARG DA 127 -34.28 -102.01 152.71
N GLY DA 128 -33.98 -102.09 151.43
CA GLY DA 128 -33.93 -103.36 150.74
C GLY DA 128 -35.28 -103.92 150.35
N ASP DA 129 -36.30 -103.08 150.22
CA ASP DA 129 -37.63 -103.55 149.87
C ASP DA 129 -37.83 -103.71 148.37
N LEU DA 130 -36.80 -103.51 147.57
CA LEU DA 130 -37.08 -103.57 146.14
C LEU DA 130 -36.65 -104.93 145.57
N PRO DA 131 -37.43 -105.47 144.65
CA PRO DA 131 -37.11 -106.78 144.08
C PRO DA 131 -36.11 -106.73 142.94
N ILE DA 132 -35.35 -105.64 142.82
CA ILE DA 132 -34.44 -105.47 141.71
C ILE DA 132 -33.03 -105.85 142.15
N ALA DA 133 -32.18 -106.12 141.16
CA ALA DA 133 -30.75 -106.29 141.37
C ALA DA 133 -30.06 -106.08 140.03
N VAL DA 134 -28.76 -105.82 140.09
CA VAL DA 134 -27.99 -105.67 138.87
C VAL DA 134 -27.61 -107.05 138.35
N ASP DA 135 -27.65 -107.21 137.02
CA ASP DA 135 -27.42 -108.50 136.38
C ASP DA 135 -26.13 -108.41 135.59
N HIS DA 136 -25.01 -108.68 136.26
CA HIS DA 136 -23.72 -108.57 135.60
C HIS DA 136 -23.46 -109.72 134.64
N ARG DA 137 -24.21 -110.82 134.77
CA ARG DA 137 -23.99 -111.98 133.89
C ARG DA 137 -24.35 -111.68 132.44
N GLY DA 138 -25.13 -110.64 132.19
CA GLY DA 138 -25.41 -110.23 130.83
C GLY DA 138 -24.19 -109.61 130.17
N SER DA 139 -24.31 -109.43 128.84
CA SER DA 139 -23.24 -108.81 128.07
C SER DA 139 -22.99 -107.37 128.45
N LYS DA 140 -23.84 -106.78 129.28
CA LYS DA 140 -23.68 -105.41 129.77
C LYS DA 140 -24.44 -105.31 131.09
N ASN DA 141 -24.61 -104.09 131.60
CA ASN DA 141 -25.44 -103.89 132.77
C ASN DA 141 -26.91 -104.11 132.41
N MET DA 142 -27.54 -105.08 133.04
CA MET DA 142 -28.96 -105.35 132.85
C MET DA 142 -29.62 -105.43 134.22
N ILE DA 143 -30.94 -105.51 134.22
CA ILE DA 143 -31.69 -105.62 135.45
C ILE DA 143 -32.00 -107.09 135.70
N ALA DA 144 -32.18 -107.44 136.97
CA ALA DA 144 -32.50 -108.81 137.36
C ALA DA 144 -33.61 -108.73 138.40
N TRP DA 145 -34.77 -109.31 138.08
CA TRP DA 145 -35.93 -109.22 138.94
C TRP DA 145 -36.05 -110.44 139.82
N LYS DA 146 -36.28 -110.22 141.11
CA LYS DA 146 -36.52 -111.30 142.05
C LYS DA 146 -37.86 -111.96 141.83
N VAL DA 147 -38.79 -111.26 141.18
CA VAL DA 147 -40.13 -111.75 140.91
C VAL DA 147 -40.47 -111.41 139.46
N ASP DA 148 -41.75 -111.58 139.12
CA ASP DA 148 -42.23 -111.35 137.77
C ASP DA 148 -42.78 -109.93 137.65
N ILE DA 149 -42.32 -109.19 136.65
CA ILE DA 149 -42.69 -107.79 136.53
C ILE DA 149 -44.18 -107.61 136.30
N GLU DA 150 -44.78 -108.41 135.40
CA GLU DA 150 -46.14 -108.11 134.97
C GLU DA 150 -47.18 -108.38 136.05
N LYS DA 151 -46.79 -108.83 137.23
CA LYS DA 151 -47.71 -109.07 138.32
C LYS DA 151 -47.45 -108.17 139.51
N LEU DA 152 -46.55 -107.19 139.38
CA LEU DA 152 -46.27 -106.27 140.46
C LEU DA 152 -47.44 -105.33 140.69
N ASP DA 153 -47.38 -104.61 141.80
CA ASP DA 153 -48.33 -103.55 142.11
C ASP DA 153 -47.73 -102.25 141.58
N TYR DA 154 -48.20 -101.81 140.41
CA TYR DA 154 -47.66 -100.59 139.82
C TYR DA 154 -47.93 -99.38 140.71
N HIS DA 155 -49.12 -99.33 141.32
CA HIS DA 155 -49.48 -98.20 142.17
C HIS DA 155 -48.44 -97.95 143.24
N HIS DA 156 -47.84 -99.01 143.79
CA HIS DA 156 -46.84 -98.83 144.83
C HIS DA 156 -45.43 -98.65 144.26
N TYR DA 157 -45.10 -99.35 143.18
CA TYR DA 157 -43.70 -99.36 142.76
C TYR DA 157 -43.37 -98.28 141.72
N LEU DA 158 -44.25 -98.07 140.74
CA LEU DA 158 -43.90 -97.19 139.61
C LEU DA 158 -43.57 -95.76 140.07
N PRO DA 159 -44.33 -95.13 140.95
CA PRO DA 159 -43.90 -93.79 141.43
C PRO DA 159 -42.55 -93.83 142.12
N ILE DA 160 -42.27 -94.88 142.90
CA ILE DA 160 -40.98 -94.99 143.56
C ILE DA 160 -39.86 -94.98 142.53
N PHE DA 161 -40.04 -95.72 141.43
CA PHE DA 161 -38.98 -95.78 140.42
C PHE DA 161 -38.80 -94.45 139.70
N PHE DA 162 -39.90 -93.76 139.40
CA PHE DA 162 -39.75 -92.42 138.84
C PHE DA 162 -39.05 -91.46 139.78
N ASP DA 163 -39.23 -91.63 141.09
CA ASP DA 163 -38.62 -90.69 142.03
C ASP DA 163 -37.11 -90.88 142.14
N GLY DA 164 -36.54 -91.88 141.48
CA GLY DA 164 -35.11 -92.09 141.53
C GLY DA 164 -34.39 -91.57 140.32
N ILE DA 165 -35.16 -91.05 139.36
CA ILE DA 165 -34.56 -90.49 138.15
C ILE DA 165 -33.68 -89.30 138.51
N ARG DA 166 -34.10 -88.50 139.48
CA ARG DA 166 -33.35 -87.33 139.92
C ARG DA 166 -31.98 -87.69 140.48
N GLU DA 167 -31.72 -88.97 140.74
CA GLU DA 167 -30.48 -89.35 141.39
C GLU DA 167 -29.30 -89.24 140.43
N THR DA 168 -28.11 -89.03 141.00
CA THR DA 168 -26.88 -89.01 140.24
C THR DA 168 -25.82 -89.98 140.73
N GLN DA 169 -25.92 -90.44 141.98
CA GLN DA 169 -24.96 -91.38 142.53
C GLN DA 169 -25.24 -92.78 142.02
N GLU DA 170 -24.19 -93.45 141.55
CA GLU DA 170 -24.33 -94.83 141.13
C GLU DA 170 -24.45 -95.74 142.35
N PRO DA 171 -25.16 -96.86 142.23
CA PRO DA 171 -25.88 -97.35 141.06
C PRO DA 171 -27.35 -96.97 141.09
N TYR DA 172 -27.70 -95.99 141.92
CA TYR DA 172 -29.11 -95.67 142.12
C TYR DA 172 -29.74 -95.18 140.83
N ARG DA 173 -29.08 -94.27 140.13
CA ARG DA 173 -29.69 -93.69 138.93
C ARG DA 173 -29.79 -94.71 137.82
N PHE DA 174 -28.78 -95.58 137.68
CA PHE DA 174 -28.88 -96.66 136.70
C PHE DA 174 -30.06 -97.57 137.03
N LEU DA 175 -30.16 -97.98 138.30
CA LEU DA 175 -31.26 -98.87 138.68
C LEU DA 175 -32.61 -98.22 138.44
N ALA DA 176 -32.74 -96.94 138.77
CA ALA DA 176 -34.02 -96.27 138.65
C ALA DA 176 -34.44 -96.13 137.19
N VAL DA 177 -33.52 -95.67 136.34
CA VAL DA 177 -33.83 -95.54 134.93
C VAL DA 177 -34.17 -96.90 134.32
N LYS DA 178 -33.39 -97.93 134.65
CA LYS DA 178 -33.66 -99.24 134.09
C LYS DA 178 -34.95 -99.82 134.64
N GLY DA 179 -35.31 -99.48 135.87
CA GLY DA 179 -36.56 -99.93 136.43
C GLY DA 179 -37.75 -99.42 135.64
N VAL DA 180 -37.81 -98.10 135.42
CA VAL DA 180 -38.96 -97.57 134.67
C VAL DA 180 -38.92 -98.06 133.23
N GLU DA 181 -37.73 -98.17 132.64
CA GLU DA 181 -37.60 -98.61 131.25
C GLU DA 181 -38.19 -100.01 131.06
N ASP DA 182 -37.96 -100.91 132.01
CA ASP DA 182 -38.48 -102.27 131.90
C ASP DA 182 -39.93 -102.38 132.33
N MET DA 183 -40.39 -101.55 133.27
CA MET DA 183 -41.79 -101.67 133.69
C MET DA 183 -42.73 -101.09 132.65
N LEU DA 184 -42.31 -100.06 131.92
CA LEU DA 184 -43.17 -99.48 130.89
C LEU DA 184 -43.40 -100.41 129.72
N ARG DA 185 -42.48 -101.35 129.47
CA ARG DA 185 -42.67 -102.26 128.34
C ARG DA 185 -43.78 -103.26 128.61
N VAL DA 186 -43.78 -103.87 129.80
CA VAL DA 186 -44.77 -104.90 130.13
C VAL DA 186 -45.99 -104.33 130.83
N GLY DA 187 -46.01 -103.03 131.10
CA GLY DA 187 -47.15 -102.45 131.79
C GLY DA 187 -48.48 -102.65 131.09
N GLY DA 188 -48.65 -102.00 129.94
CA GLY DA 188 -49.93 -102.08 129.26
C GLY DA 188 -50.97 -101.25 129.98
N SER DA 189 -52.14 -101.86 130.19
CA SER DA 189 -53.28 -101.18 130.80
C SER DA 189 -53.06 -100.85 132.27
N LYS DA 190 -52.16 -101.58 132.94
CA LYS DA 190 -51.89 -101.33 134.35
C LYS DA 190 -51.27 -99.96 134.62
N ILE DA 191 -50.88 -99.24 133.58
CA ILE DA 191 -50.15 -97.99 133.73
C ILE DA 191 -51.09 -96.79 133.78
N LEU DA 192 -52.14 -96.81 132.97
CA LEU DA 192 -53.04 -95.67 132.84
C LEU DA 192 -53.56 -95.12 134.16
N PRO DA 193 -54.08 -95.92 135.10
CA PRO DA 193 -54.59 -95.33 136.35
C PRO DA 193 -53.51 -94.77 137.26
N VAL DA 194 -52.23 -94.98 136.94
CA VAL DA 194 -51.15 -94.51 137.81
C VAL DA 194 -50.69 -93.11 137.45
N ILE DA 195 -51.17 -92.56 136.32
CA ILE DA 195 -50.68 -91.27 135.85
C ILE DA 195 -50.78 -90.15 136.90
N PRO DA 196 -51.91 -90.00 137.59
CA PRO DA 196 -51.98 -88.88 138.58
C PRO DA 196 -50.90 -88.91 139.63
N GLN DA 197 -50.22 -90.04 139.84
CA GLN DA 197 -49.19 -90.14 140.86
C GLN DA 197 -47.78 -89.94 140.31
N LEU DA 198 -47.63 -89.82 138.99
CA LEU DA 198 -46.33 -89.68 138.36
C LEU DA 198 -45.94 -88.23 138.09
N ILE DA 199 -46.86 -87.29 138.26
CA ILE DA 199 -46.63 -85.90 137.87
C ILE DA 199 -45.65 -85.23 138.81
N ILE DA 200 -45.77 -85.49 140.12
CA ILE DA 200 -44.89 -84.83 141.08
C ILE DA 200 -43.44 -85.19 140.90
N PRO DA 201 -43.06 -86.48 140.79
CA PRO DA 201 -41.64 -86.79 140.59
C PRO DA 201 -41.12 -86.31 139.24
N ILE DA 202 -41.93 -86.38 138.19
CA ILE DA 202 -41.51 -85.87 136.89
C ILE DA 202 -41.22 -84.38 136.97
N LYS DA 203 -42.13 -83.63 137.57
CA LYS DA 203 -41.93 -82.19 137.71
C LYS DA 203 -40.73 -81.88 138.58
N THR DA 204 -40.51 -82.67 139.64
CA THR DA 204 -39.38 -82.45 140.51
C THR DA 204 -38.07 -82.75 139.81
N ALA DA 205 -38.04 -83.78 138.96
CA ALA DA 205 -36.84 -84.09 138.21
C ALA DA 205 -36.52 -82.99 137.19
N LEU DA 206 -37.55 -82.45 136.54
CA LEU DA 206 -37.32 -81.37 135.58
C LEU DA 206 -36.89 -80.08 136.27
N ASN DA 207 -37.43 -79.80 137.46
CA ASN DA 207 -37.13 -78.58 138.16
C ASN DA 207 -35.68 -78.46 138.63
N THR DA 208 -34.85 -79.49 138.41
CA THR DA 208 -33.47 -79.44 138.89
C THR DA 208 -32.54 -78.65 137.98
N ARG DA 209 -32.94 -78.36 136.75
CA ARG DA 209 -32.15 -77.60 135.79
C ARG DA 209 -30.88 -78.33 135.38
N ASP DA 210 -30.66 -79.54 135.86
CA ASP DA 210 -29.44 -80.27 135.56
C ASP DA 210 -29.60 -81.05 134.25
N HIS DA 211 -28.58 -80.93 133.39
CA HIS DA 211 -28.69 -81.46 132.05
C HIS DA 211 -28.84 -82.97 132.06
N SER DA 212 -28.08 -83.66 132.92
CA SER DA 212 -28.11 -85.12 132.91
C SER DA 212 -29.51 -85.65 133.21
N VAL DA 213 -30.11 -85.18 134.31
CA VAL DA 213 -31.43 -85.67 134.69
C VAL DA 213 -32.48 -85.23 133.67
N MET DA 214 -32.32 -84.04 133.07
CA MET DA 214 -33.32 -83.56 132.12
C MET DA 214 -33.30 -84.39 130.84
N CYS DA 215 -32.11 -84.63 130.29
CA CYS DA 215 -32.02 -85.44 129.08
C CYS DA 215 -32.48 -86.87 129.32
N ILE DA 216 -32.41 -87.35 130.56
CA ILE DA 216 -32.90 -88.70 130.85
C ILE DA 216 -34.42 -88.70 130.93
N THR DA 217 -34.99 -87.76 131.68
CA THR DA 217 -36.44 -87.77 131.89
C THR DA 217 -37.20 -87.48 130.61
N LEU DA 218 -36.62 -86.73 129.68
CA LEU DA 218 -37.32 -86.47 128.43
C LEU DA 218 -37.44 -87.73 127.60
N GLN DA 219 -36.39 -88.55 127.54
CA GLN DA 219 -36.51 -89.82 126.84
C GLN DA 219 -37.47 -90.77 127.55
N LEU DA 220 -37.48 -90.74 128.88
CA LEU DA 220 -38.45 -91.55 129.61
C LEU DA 220 -39.88 -91.07 129.36
N LEU DA 221 -40.08 -89.76 129.23
CA LEU DA 221 -41.40 -89.24 128.93
C LEU DA 221 -41.89 -89.68 127.56
N GLN DA 222 -40.98 -89.69 126.57
CA GLN DA 222 -41.32 -90.25 125.27
C GLN DA 222 -41.76 -91.70 125.40
N LYS DA 223 -40.94 -92.51 126.08
CA LYS DA 223 -41.29 -93.90 126.31
C LYS DA 223 -42.62 -94.03 127.04
N LEU DA 224 -42.93 -93.06 127.91
CA LEU DA 224 -44.16 -93.12 128.68
C LEU DA 224 -45.39 -92.95 127.80
N VAL DA 225 -45.40 -91.94 126.93
CA VAL DA 225 -46.56 -91.76 126.04
C VAL DA 225 -46.66 -92.92 125.05
N LEU DA 226 -45.55 -93.56 124.73
CA LEU DA 226 -45.60 -94.67 123.77
C LEU DA 226 -45.93 -96.00 124.42
N SER DA 227 -45.76 -96.12 125.74
CA SER DA 227 -45.87 -97.42 126.39
C SER DA 227 -47.25 -98.04 126.21
N ALA DA 228 -48.31 -97.23 126.13
CA ALA DA 228 -49.64 -97.78 125.99
C ALA DA 228 -50.48 -96.84 125.14
N ASP DA 229 -51.74 -97.19 124.97
CA ASP DA 229 -52.71 -96.33 124.31
C ASP DA 229 -53.49 -95.55 125.35
N LEU DA 230 -54.18 -94.50 124.89
CA LEU DA 230 -55.02 -93.63 125.72
C LEU DA 230 -54.24 -92.93 126.81
N VAL DA 231 -52.92 -93.07 126.83
CA VAL DA 231 -52.11 -92.36 127.82
C VAL DA 231 -52.00 -90.89 127.44
N GLY DA 232 -52.05 -90.57 126.15
CA GLY DA 232 -51.94 -89.20 125.71
C GLY DA 232 -53.04 -88.29 126.21
N GLU DA 233 -54.30 -88.65 125.94
CA GLU DA 233 -55.42 -87.84 126.41
C GLU DA 233 -55.39 -87.71 127.93
N ALA DA 234 -55.07 -88.81 128.61
CA ALA DA 234 -55.04 -88.80 130.06
C ALA DA 234 -53.94 -87.88 130.58
N LEU DA 235 -52.86 -87.70 129.83
CA LEU DA 235 -51.79 -86.81 130.28
C LEU DA 235 -52.10 -85.36 129.99
N VAL DA 236 -52.86 -85.09 128.93
CA VAL DA 236 -53.15 -83.74 128.45
C VAL DA 236 -53.52 -82.77 129.57
N PRO DA 237 -54.41 -83.11 130.51
CA PRO DA 237 -54.74 -82.14 131.58
C PRO DA 237 -53.55 -81.73 132.42
N TYR DA 238 -52.44 -82.48 132.40
CA TYR DA 238 -51.31 -82.20 133.26
C TYR DA 238 -50.19 -81.45 132.54
N TYR DA 239 -50.49 -80.79 131.43
CA TYR DA 239 -49.45 -80.04 130.72
C TYR DA 239 -49.02 -78.82 131.51
N ARG DA 240 -49.93 -78.18 132.23
CA ARG DA 240 -49.62 -76.95 132.96
C ARG DA 240 -48.58 -77.15 134.04
N GLN DA 241 -48.19 -78.39 134.35
CA GLN DA 241 -47.24 -78.67 135.40
C GLN DA 241 -45.96 -79.32 134.89
N ILE DA 242 -45.87 -79.61 133.60
CA ILE DA 242 -44.67 -80.24 133.05
C ILE DA 242 -44.08 -79.48 131.88
N LEU DA 243 -44.84 -78.65 131.17
CA LEU DA 243 -44.32 -77.83 130.08
C LEU DA 243 -43.53 -76.59 130.51
N PRO DA 244 -43.83 -75.96 131.65
CA PRO DA 244 -43.07 -74.75 132.03
C PRO DA 244 -41.56 -74.86 131.92
N ILE DA 245 -40.99 -76.05 132.08
CA ILE DA 245 -39.55 -76.19 131.89
C ILE DA 245 -39.21 -76.35 130.42
N PHE DA 246 -40.08 -77.03 129.66
CA PHE DA 246 -39.87 -77.14 128.22
C PHE DA 246 -39.65 -75.78 127.58
N ASN DA 247 -40.38 -74.77 128.07
CA ASN DA 247 -40.31 -73.45 127.48
C ASN DA 247 -38.93 -72.82 127.65
N LEU DA 248 -38.17 -73.24 128.67
CA LEU DA 248 -36.84 -72.68 128.86
C LEU DA 248 -35.86 -73.22 127.83
N TYR DA 249 -35.63 -74.53 127.84
CA TYR DA 249 -34.58 -75.13 127.03
C TYR DA 249 -35.04 -75.48 125.63
N LYS DA 250 -36.20 -74.99 125.19
CA LYS DA 250 -36.64 -75.28 123.84
C LYS DA 250 -35.68 -74.76 122.79
N ASN DA 251 -34.96 -73.68 123.08
CA ASN DA 251 -34.04 -73.08 122.13
C ASN DA 251 -32.59 -73.16 122.59
N LYS DA 252 -32.22 -74.27 123.25
CA LYS DA 252 -30.83 -74.55 123.56
C LYS DA 252 -30.32 -75.56 122.53
N ASN DA 253 -29.76 -75.05 121.45
CA ASN DA 253 -29.23 -75.88 120.38
C ASN DA 253 -27.79 -75.49 120.08
N LYS DA 254 -27.15 -76.29 119.25
CA LYS DA 254 -25.77 -76.05 118.84
C LYS DA 254 -25.75 -75.57 117.40
N ASN DA 255 -25.07 -74.45 117.17
CA ASN DA 255 -24.97 -73.84 115.85
C ASN DA 255 -23.57 -74.16 115.31
N LEU DA 256 -23.45 -75.30 114.65
CA LEU DA 256 -22.16 -75.76 114.16
C LEU DA 256 -21.87 -75.33 112.73
N GLY DA 257 -22.89 -74.94 111.98
CA GLY DA 257 -22.68 -74.60 110.58
C GLY DA 257 -22.35 -75.81 109.74
N ASP DA 258 -21.09 -75.92 109.33
CA ASP DA 258 -20.63 -77.05 108.54
C ASP DA 258 -20.13 -78.21 109.39
N GLY DA 259 -19.97 -78.02 110.70
CA GLY DA 259 -19.46 -79.07 111.53
C GLY DA 259 -20.49 -80.17 111.75
N ILE DA 260 -20.23 -81.36 111.23
CA ILE DA 260 -21.13 -82.48 111.45
C ILE DA 260 -21.13 -82.84 112.93
N ASP DA 261 -22.31 -83.15 113.46
CA ASP DA 261 -22.48 -83.37 114.90
C ASP DA 261 -22.28 -84.85 115.19
N TYR DA 262 -21.03 -85.21 115.51
CA TYR DA 262 -20.76 -86.58 115.91
C TYR DA 262 -21.51 -86.95 117.18
N GLY DA 263 -21.69 -85.99 118.09
CA GLY DA 263 -22.45 -86.23 119.29
C GLY DA 263 -23.86 -86.72 119.05
N GLN DA 264 -24.38 -86.55 117.84
CA GLN DA 264 -25.71 -87.06 117.52
C GLN DA 264 -25.83 -88.56 117.80
N ARG DA 265 -24.70 -89.26 117.92
CA ARG DA 265 -24.75 -90.68 118.24
C ARG DA 265 -25.56 -90.94 119.50
N ASN DA 266 -25.38 -90.11 120.51
CA ASN DA 266 -26.20 -90.16 121.71
C ASN DA 266 -27.09 -88.92 121.77
N TYR DA 267 -28.03 -88.93 122.70
CA TYR DA 267 -29.03 -87.86 122.81
C TYR DA 267 -28.58 -86.92 123.92
N ASP DA 268 -28.10 -85.74 123.52
CA ASP DA 268 -27.67 -84.73 124.46
C ASP DA 268 -28.25 -83.35 124.20
N CYS DA 269 -28.69 -83.06 122.98
CA CYS DA 269 -29.15 -81.72 122.63
C CYS DA 269 -30.59 -81.53 123.05
N LEU DA 270 -30.79 -80.71 124.08
CA LEU DA 270 -32.14 -80.45 124.58
C LEU DA 270 -32.99 -79.76 123.53
N GLY DA 271 -32.40 -78.85 122.76
CA GLY DA 271 -33.19 -78.05 121.83
C GLY DA 271 -34.03 -78.87 120.88
N GLU DA 272 -33.60 -80.10 120.60
CA GLU DA 272 -34.39 -81.02 119.78
C GLU DA 272 -34.93 -82.22 120.54
N LEU DA 273 -34.32 -82.59 121.67
CA LEU DA 273 -34.96 -83.57 122.54
C LEU DA 273 -36.29 -83.07 123.05
N ILE DA 274 -36.45 -81.75 123.12
CA ILE DA 274 -37.74 -81.17 123.48
C ILE DA 274 -38.66 -81.10 122.28
N ALA DA 275 -38.12 -80.80 121.10
CA ALA DA 275 -38.95 -80.73 119.91
C ALA DA 275 -39.56 -82.09 119.57
N ASP DA 276 -38.76 -83.16 119.65
CA ASP DA 276 -39.29 -84.50 119.41
C ASP DA 276 -40.38 -84.84 120.42
N THR DA 277 -40.19 -84.48 121.68
CA THR DA 277 -41.18 -84.84 122.71
C THR DA 277 -42.47 -84.06 122.54
N LEU DA 278 -42.39 -82.79 122.13
CA LEU DA 278 -43.60 -82.01 121.91
C LEU DA 278 -44.36 -82.51 120.69
N ALA DA 279 -43.63 -82.87 119.63
CA ALA DA 279 -44.28 -83.51 118.49
C ALA DA 279 -45.01 -84.77 118.92
N LEU DA 280 -44.38 -85.58 119.78
CA LEU DA 280 -45.01 -86.81 120.24
C LEU DA 280 -46.25 -86.53 121.08
N PHE DA 281 -46.18 -85.51 121.95
CA PHE DA 281 -47.34 -85.13 122.73
C PHE DA 281 -48.50 -84.74 121.84
N GLU DA 282 -48.24 -83.89 120.84
CA GLU DA 282 -49.31 -83.52 119.91
C GLU DA 282 -49.80 -84.73 119.11
N GLN DA 283 -48.89 -85.68 118.84
CA GLN DA 283 -49.27 -86.89 118.13
C GLN DA 283 -50.31 -87.69 118.91
N LYS DA 284 -50.09 -87.85 120.21
CA LYS DA 284 -50.92 -88.75 121.01
C LYS DA 284 -52.05 -88.07 121.75
N GLY DA 285 -51.99 -86.76 121.96
CA GLY DA 285 -52.96 -86.11 122.82
C GLY DA 285 -54.36 -86.04 122.26
N GLY DA 286 -54.52 -86.17 120.94
CA GLY DA 286 -55.82 -86.14 120.34
C GLY DA 286 -56.06 -84.89 119.52
N ASP DA 287 -57.26 -84.32 119.64
CA ASP DA 287 -57.68 -83.19 118.83
C ASP DA 287 -57.59 -81.86 119.56
N ASP DA 288 -57.03 -81.86 120.77
CA ASP DA 288 -56.99 -80.66 121.59
C ASP DA 288 -55.66 -80.46 122.29
N ALA DA 289 -54.72 -81.39 122.14
CA ALA DA 289 -53.41 -81.25 122.78
C ALA DA 289 -52.65 -80.04 122.25
N PHE DA 290 -52.90 -79.63 121.01
CA PHE DA 290 -52.11 -78.55 120.43
C PHE DA 290 -52.35 -77.24 121.17
N ILE DA 291 -53.61 -76.94 121.50
CA ILE DA 291 -53.88 -75.68 122.17
C ILE DA 291 -53.37 -75.70 123.60
N ASN DA 292 -53.46 -76.84 124.28
CA ASN DA 292 -52.92 -76.93 125.63
C ASN DA 292 -51.40 -76.81 125.62
N ILE DA 293 -50.76 -77.20 124.54
CA ILE DA 293 -49.32 -76.99 124.41
C ILE DA 293 -49.03 -75.52 124.12
N LYS DA 294 -49.63 -74.98 123.06
CA LYS DA 294 -49.46 -73.58 122.67
C LYS DA 294 -49.73 -72.62 123.81
N TYR DA 295 -50.56 -73.01 124.77
CA TYR DA 295 -50.83 -72.13 125.91
C TYR DA 295 -49.62 -72.02 126.82
N MET DA 296 -48.90 -73.12 127.02
CA MET DA 296 -47.75 -73.12 127.92
C MET DA 296 -46.48 -72.67 127.20
N VAL DA 297 -46.13 -73.34 126.11
CA VAL DA 297 -45.00 -72.93 125.27
C VAL DA 297 -45.56 -72.19 124.06
N PRO DA 298 -45.43 -70.86 123.99
CA PRO DA 298 -46.06 -70.12 122.91
C PRO DA 298 -45.36 -70.26 121.57
N THR DA 299 -44.07 -70.55 121.57
CA THR DA 299 -43.31 -70.67 120.33
C THR DA 299 -43.68 -71.92 119.54
N TYR DA 300 -44.46 -72.83 120.11
CA TYR DA 300 -44.71 -74.11 119.48
C TYR DA 300 -45.52 -73.93 118.20
N GLU DA 301 -45.34 -74.88 117.29
CA GLU DA 301 -45.98 -74.86 115.98
C GLU DA 301 -46.63 -76.22 115.73
N SER DA 302 -47.87 -76.19 115.25
CA SER DA 302 -48.60 -77.43 115.01
C SER DA 302 -47.85 -78.31 114.01
N SER DA 303 -47.69 -79.58 114.37
CA SER DA 303 -46.97 -80.56 113.56
C SER DA 303 -47.91 -81.54 112.87
N VAL DA 304 -49.05 -81.07 112.40
CA VAL DA 304 -49.97 -81.93 111.69
C VAL DA 304 -50.39 -81.28 110.37
N MET EA 1 43.70 -81.60 53.32
CA MET EA 1 44.08 -81.91 51.96
C MET EA 1 45.11 -83.03 51.93
N ARG EA 2 46.19 -82.86 52.69
CA ARG EA 2 47.21 -83.88 52.86
C ARG EA 2 47.28 -84.16 54.35
N GLU EA 3 46.44 -85.07 54.82
CA GLU EA 3 46.22 -85.28 56.24
C GLU EA 3 46.43 -86.74 56.59
N VAL EA 4 46.98 -86.98 57.78
CA VAL EA 4 47.24 -88.33 58.26
C VAL EA 4 46.56 -88.52 59.61
N ILE EA 5 46.49 -89.77 60.04
CA ILE EA 5 45.79 -90.16 61.26
C ILE EA 5 46.81 -90.90 62.12
N SER EA 6 47.23 -90.27 63.20
CA SER EA 6 48.26 -90.82 64.09
C SER EA 6 47.58 -91.59 65.22
N ILE EA 7 47.67 -92.90 65.18
CA ILE EA 7 47.11 -93.77 66.21
C ILE EA 7 48.19 -94.12 67.22
N HIS EA 8 47.84 -94.16 68.49
CA HIS EA 8 48.79 -94.49 69.56
C HIS EA 8 48.17 -95.57 70.44
N ILE EA 9 48.70 -96.78 70.33
CA ILE EA 9 48.18 -97.92 71.08
C ILE EA 9 49.20 -98.30 72.15
N GLY EA 10 48.77 -99.12 73.10
CA GLY EA 10 49.66 -99.51 74.16
C GLY EA 10 50.03 -98.32 75.04
N GLN EA 11 51.07 -98.53 75.85
CA GLN EA 11 51.55 -97.46 76.71
C GLN EA 11 52.64 -96.63 76.03
N ALA EA 12 53.63 -97.28 75.43
CA ALA EA 12 54.68 -96.55 74.74
C ALA EA 12 54.11 -95.72 73.60
N GLY EA 13 53.15 -96.28 72.86
CA GLY EA 13 52.51 -95.53 71.80
C GLY EA 13 51.93 -94.22 72.28
N ILE EA 14 51.24 -94.26 73.42
CA ILE EA 14 50.72 -93.02 73.98
C ILE EA 14 51.77 -92.28 74.79
N GLN EA 15 52.98 -92.84 74.92
CA GLN EA 15 54.09 -92.08 75.47
C GLN EA 15 54.74 -91.20 74.41
N VAL EA 16 55.14 -91.80 73.28
CA VAL EA 16 55.61 -91.01 72.17
C VAL EA 16 54.51 -90.10 71.66
N GLY EA 17 53.25 -90.52 71.81
CA GLY EA 17 52.14 -89.65 71.47
C GLY EA 17 52.15 -88.36 72.25
N ASN EA 18 52.79 -88.36 73.42
CA ASN EA 18 52.95 -87.12 74.15
C ASN EA 18 54.02 -86.25 73.52
N ALA EA 19 55.19 -86.84 73.21
CA ALA EA 19 56.31 -86.07 72.69
C ALA EA 19 55.99 -85.47 71.32
N CYS EA 20 55.56 -86.31 70.37
CA CYS EA 20 55.19 -85.81 69.05
C CYS EA 20 54.15 -84.71 69.16
N TRP EA 21 53.08 -84.97 69.90
CA TRP EA 21 52.05 -83.95 70.10
C TRP EA 21 52.49 -82.87 71.07
N GLU EA 22 53.70 -82.97 71.61
CA GLU EA 22 54.35 -81.79 72.18
C GLU EA 22 55.16 -81.05 71.12
N LEU EA 23 55.80 -81.80 70.21
CA LEU EA 23 56.58 -81.18 69.16
C LEU EA 23 55.68 -80.41 68.19
N TYR EA 24 54.68 -81.10 67.62
CA TYR EA 24 53.85 -80.51 66.58
C TYR EA 24 53.24 -79.18 67.04
N CYS EA 25 52.64 -79.16 68.23
CA CYS EA 25 51.99 -77.95 68.69
C CYS EA 25 52.99 -76.82 68.89
N LEU EA 26 54.28 -77.14 68.95
CA LEU EA 26 55.29 -76.09 69.12
C LEU EA 26 55.76 -75.56 67.78
N GLU EA 27 56.00 -76.45 66.80
CA GLU EA 27 56.44 -76.02 65.49
C GLU EA 27 55.44 -75.09 64.83
N HIS EA 28 54.15 -75.27 65.13
CA HIS EA 28 53.09 -74.52 64.47
C HIS EA 28 52.56 -73.38 65.33
N GLY EA 29 53.16 -73.15 66.50
CA GLY EA 29 52.64 -72.14 67.41
C GLY EA 29 51.35 -72.51 68.10
N ILE EA 30 50.88 -73.75 67.92
CA ILE EA 30 49.63 -74.17 68.54
C ILE EA 30 49.78 -74.13 70.06
N GLN EA 31 49.02 -73.27 70.70
CA GLN EA 31 49.02 -73.25 72.15
C GLN EA 31 48.31 -74.49 72.69
N PRO EA 32 48.58 -74.88 73.94
CA PRO EA 32 47.87 -76.03 74.51
C PRO EA 32 46.36 -75.87 74.53
N ASP EA 33 45.85 -74.65 74.45
CA ASP EA 33 44.39 -74.45 74.41
C ASP EA 33 43.86 -74.39 72.98
N GLY EA 34 44.24 -75.35 72.15
CA GLY EA 34 43.62 -75.47 70.84
C GLY EA 34 44.05 -74.41 69.84
N GLN EA 35 44.11 -73.17 70.28
CA GLN EA 35 44.30 -72.02 69.41
C GLN EA 35 45.76 -71.58 69.37
N MET EA 36 46.02 -70.61 68.52
CA MET EA 36 47.33 -69.98 68.38
C MET EA 36 47.12 -68.52 68.07
N PRO EA 37 48.12 -67.68 68.28
CA PRO EA 37 47.98 -66.26 67.91
C PRO EA 37 47.90 -66.10 66.40
N SER EA 38 47.17 -65.06 65.99
CA SER EA 38 46.97 -64.75 64.57
C SER EA 38 46.39 -65.95 63.83
N ASP EA 39 45.32 -66.51 64.40
CA ASP EA 39 44.77 -67.76 63.88
C ASP EA 39 43.97 -67.54 62.60
N LYS EA 40 43.21 -66.45 62.54
CA LYS EA 40 42.26 -66.24 61.46
C LYS EA 40 43.01 -65.75 60.22
N THR EA 41 42.26 -65.23 59.24
CA THR EA 41 42.88 -64.67 58.04
C THR EA 41 43.88 -63.57 58.34
N ILE EA 42 43.86 -63.04 59.56
CA ILE EA 42 44.87 -62.05 59.96
C ILE EA 42 46.27 -62.64 59.87
N GLY EA 43 46.41 -63.94 60.09
CA GLY EA 43 47.71 -64.57 60.00
C GLY EA 43 48.17 -64.83 58.58
N GLY EA 44 47.24 -65.13 57.68
CA GLY EA 44 47.61 -65.42 56.30
C GLY EA 44 48.42 -66.68 56.15
N GLY EA 45 48.17 -67.68 56.99
CA GLY EA 45 48.88 -68.94 56.91
C GLY EA 45 47.95 -70.13 56.98
N ASP EA 46 47.93 -70.93 55.93
CA ASP EA 46 47.06 -72.10 55.85
C ASP EA 46 47.87 -73.31 55.44
N ASP EA 47 47.26 -74.49 55.56
CA ASP EA 47 47.80 -75.73 55.04
C ASP EA 47 49.06 -76.16 55.80
N ALA EA 48 49.52 -75.29 56.71
CA ALA EA 48 50.73 -75.58 57.45
C ALA EA 48 50.51 -76.64 58.52
N PHE EA 49 49.26 -76.87 58.91
CA PHE EA 49 48.95 -77.78 60.01
C PHE EA 49 47.84 -78.77 59.69
N ASN EA 50 47.08 -78.57 58.62
CA ASN EA 50 45.93 -79.44 58.32
C ASN EA 50 46.31 -80.90 58.34
N THR EA 51 47.58 -81.22 58.05
CA THR EA 51 48.04 -82.60 58.12
C THR EA 51 47.86 -83.19 59.51
N PHE EA 52 47.83 -82.34 60.54
CA PHE EA 52 47.80 -82.80 61.91
C PHE EA 52 46.70 -82.18 62.76
N PHE EA 53 45.83 -81.34 62.18
CA PHE EA 53 44.86 -80.65 63.01
C PHE EA 53 43.59 -80.42 62.21
N SER EA 54 42.57 -79.95 62.92
CA SER EA 54 41.28 -79.62 62.33
C SER EA 54 40.78 -78.34 63.00
N GLU EA 55 40.95 -77.21 62.32
CA GLU EA 55 40.46 -75.95 62.84
C GLU EA 55 38.96 -76.02 63.09
N THR EA 56 38.54 -75.60 64.27
CA THR EA 56 37.13 -75.66 64.63
C THR EA 56 36.35 -74.62 63.83
N GLY EA 57 35.06 -74.50 64.16
CA GLY EA 57 34.24 -73.44 63.59
C GLY EA 57 34.87 -72.08 63.76
N ALA EA 58 35.71 -71.95 64.80
CA ALA EA 58 36.49 -70.74 65.01
C ALA EA 58 37.62 -70.98 66.01
N GLY EA 59 38.85 -70.67 65.62
CA GLY EA 59 39.94 -70.56 66.56
C GLY EA 59 40.70 -71.83 66.90
N LYS EA 60 40.07 -72.75 67.63
CA LYS EA 60 40.80 -73.88 68.20
C LYS EA 60 41.21 -74.87 67.13
N HIS EA 61 42.30 -75.58 67.40
CA HIS EA 61 42.82 -76.63 66.53
C HIS EA 61 42.89 -77.92 67.34
N VAL EA 62 42.05 -78.89 66.99
CA VAL EA 62 42.08 -80.19 67.64
C VAL EA 62 43.01 -81.09 66.87
N PRO EA 63 43.99 -81.72 67.51
CA PRO EA 63 44.89 -82.63 66.80
C PRO EA 63 44.14 -83.87 66.33
N ARG EA 64 44.42 -84.28 65.09
CA ARG EA 64 43.81 -85.49 64.54
C ARG EA 64 44.68 -86.69 64.93
N CYS EA 65 44.36 -87.24 66.10
CA CYS EA 65 45.04 -88.41 66.62
C CYS EA 65 44.04 -89.28 67.36
N ILE EA 66 44.53 -90.39 67.90
CA ILE EA 66 43.72 -91.28 68.72
C ILE EA 66 44.61 -91.91 69.78
N PHE EA 67 44.27 -91.70 71.04
CA PHE EA 67 44.97 -92.35 72.15
C PHE EA 67 44.14 -93.54 72.61
N LEU EA 68 44.69 -94.74 72.45
CA LEU EA 68 44.00 -95.96 72.83
C LEU EA 68 44.86 -96.70 73.84
N ASP EA 69 44.21 -97.23 74.88
CA ASP EA 69 44.91 -97.95 75.93
C ASP EA 69 43.88 -98.61 76.82
N LEU EA 70 44.24 -99.78 77.35
CA LEU EA 70 43.41 -100.48 78.31
C LEU EA 70 43.73 -100.09 79.75
N GLU EA 71 44.96 -99.68 80.03
CA GLU EA 71 45.32 -99.22 81.36
C GLU EA 71 44.81 -97.81 81.56
N PRO EA 72 43.88 -97.57 82.49
CA PRO EA 72 43.30 -96.22 82.62
C PRO EA 72 44.26 -95.20 83.19
N THR EA 73 45.41 -95.60 83.73
CA THR EA 73 46.18 -94.67 84.55
C THR EA 73 46.90 -93.62 83.71
N VAL EA 74 47.38 -93.98 82.51
CA VAL EA 74 48.14 -93.02 81.71
C VAL EA 74 47.21 -92.11 80.94
N VAL EA 75 46.20 -92.69 80.26
CA VAL EA 75 45.24 -91.87 79.55
C VAL EA 75 44.57 -90.89 80.50
N ASP EA 76 44.34 -91.29 81.75
CA ASP EA 76 43.80 -90.37 82.73
C ASP EA 76 44.81 -89.33 83.14
N GLU EA 77 46.10 -89.60 82.93
CA GLU EA 77 47.11 -88.59 83.25
C GLU EA 77 47.08 -87.44 82.27
N VAL EA 78 47.01 -87.75 80.96
CA VAL EA 78 46.91 -86.70 79.96
C VAL EA 78 45.62 -85.91 80.15
N ARG EA 79 44.54 -86.59 80.53
CA ARG EA 79 43.30 -85.90 80.89
C ARG EA 79 43.53 -84.90 82.00
N THR EA 80 44.56 -85.11 82.82
CA THR EA 80 44.88 -84.19 83.90
C THR EA 80 46.06 -83.29 83.59
N GLY EA 81 46.94 -83.69 82.68
CA GLY EA 81 48.11 -82.90 82.37
C GLY EA 81 47.81 -81.58 81.70
N THR EA 82 48.86 -80.87 81.28
CA THR EA 82 48.65 -79.58 80.64
C THR EA 82 47.92 -79.72 79.31
N TYR EA 83 48.14 -80.80 78.59
CA TYR EA 83 47.56 -80.97 77.26
C TYR EA 83 46.27 -81.79 77.33
N ARG EA 84 45.30 -81.21 78.03
CA ARG EA 84 43.93 -81.71 78.04
C ARG EA 84 42.99 -80.87 77.22
N GLN EA 85 43.22 -79.55 77.19
CA GLN EA 85 42.40 -78.67 76.35
C GLN EA 85 42.59 -78.95 74.87
N LEU EA 86 43.64 -79.68 74.51
CA LEU EA 86 43.82 -80.06 73.11
C LEU EA 86 42.82 -81.12 72.70
N PHE EA 87 42.84 -82.26 73.39
CA PHE EA 87 42.17 -83.46 72.89
C PHE EA 87 40.68 -83.42 73.18
N HIS EA 88 39.89 -83.69 72.15
CA HIS EA 88 38.48 -84.01 72.35
C HIS EA 88 38.39 -85.36 73.04
N PRO EA 89 37.70 -85.46 74.18
CA PRO EA 89 37.64 -86.75 74.89
C PRO EA 89 37.05 -87.90 74.08
N GLU EA 90 36.51 -87.66 72.89
CA GLU EA 90 36.16 -88.78 72.03
C GLU EA 90 37.40 -89.48 71.50
N GLN EA 91 38.54 -88.80 71.48
CA GLN EA 91 39.78 -89.43 71.04
C GLN EA 91 40.37 -90.31 72.14
N LEU EA 92 40.45 -89.79 73.35
CA LEU EA 92 41.09 -90.50 74.45
C LEU EA 92 40.22 -91.67 74.87
N ILE EA 93 40.64 -92.88 74.53
CA ILE EA 93 39.89 -94.09 74.81
C ILE EA 93 40.61 -94.84 75.93
N SER EA 94 39.82 -95.50 76.77
CA SER EA 94 40.36 -96.28 77.87
C SER EA 94 39.50 -97.52 78.08
N GLY EA 95 39.84 -98.28 79.10
CA GLY EA 95 39.08 -99.47 79.45
C GLY EA 95 39.27 -99.78 80.92
N LYS EA 96 38.29 -100.48 81.50
CA LYS EA 96 38.36 -100.78 82.92
C LYS EA 96 39.57 -101.65 83.24
N GLU EA 97 39.85 -102.64 82.40
CA GLU EA 97 40.87 -103.64 82.66
C GLU EA 97 41.92 -103.62 81.54
N ASP EA 98 43.14 -104.02 81.88
CA ASP EA 98 44.25 -104.04 80.94
C ASP EA 98 44.42 -105.43 80.35
N ALA EA 99 45.43 -105.58 79.50
CA ALA EA 99 45.71 -106.87 78.87
C ALA EA 99 46.71 -107.71 79.66
N ALA EA 100 47.52 -107.07 80.50
CA ALA EA 100 48.39 -107.77 81.44
C ALA EA 100 49.36 -108.70 80.75
N ASN EA 101 49.88 -108.28 79.59
CA ASN EA 101 50.90 -109.00 78.85
C ASN EA 101 50.42 -110.36 78.37
N ASN EA 102 49.15 -110.44 77.98
CA ASN EA 102 48.61 -111.61 77.29
C ASN EA 102 48.15 -111.17 75.92
N PHE EA 103 48.43 -112.00 74.91
CA PHE EA 103 47.97 -111.68 73.56
C PHE EA 103 46.46 -111.83 73.44
N ALA EA 104 45.91 -112.95 73.90
CA ALA EA 104 44.47 -113.16 73.80
C ALA EA 104 43.70 -112.07 74.51
N ARG EA 105 44.18 -111.66 75.68
CA ARG EA 105 43.50 -110.62 76.44
C ARG EA 105 43.45 -109.32 75.64
N GLY EA 106 44.46 -109.10 74.80
CA GLY EA 106 44.45 -107.95 73.93
C GLY EA 106 43.80 -108.25 72.59
N HIS EA 107 43.72 -109.52 72.21
CA HIS EA 107 43.26 -109.90 70.89
C HIS EA 107 41.93 -110.63 70.88
N TYR EA 108 41.68 -111.50 71.86
CA TYR EA 108 40.54 -112.40 71.79
C TYR EA 108 39.39 -112.03 72.72
N THR EA 109 39.67 -111.52 73.91
CA THR EA 109 38.64 -111.32 74.93
C THR EA 109 38.23 -109.86 75.08
N ILE EA 110 39.17 -108.98 75.40
CA ILE EA 110 38.83 -107.59 75.66
C ILE EA 110 38.78 -106.80 74.36
N GLY EA 111 39.79 -106.98 73.51
CA GLY EA 111 39.90 -106.16 72.30
C GLY EA 111 38.63 -106.12 71.48
N LYS EA 112 37.89 -107.23 71.44
CA LYS EA 112 36.72 -107.28 70.56
C LYS EA 112 35.62 -106.32 71.00
N GLU EA 113 35.66 -105.83 72.23
CA GLU EA 113 34.57 -104.99 72.72
C GLU EA 113 34.78 -103.51 72.49
N ILE EA 114 36.02 -103.06 72.33
CA ILE EA 114 36.30 -101.64 72.17
C ILE EA 114 36.74 -101.27 70.77
N VAL EA 115 37.14 -102.23 69.94
CA VAL EA 115 37.55 -101.91 68.57
C VAL EA 115 36.42 -101.20 67.84
N ASP EA 116 35.19 -101.69 67.99
CA ASP EA 116 34.04 -101.05 67.37
C ASP EA 116 33.97 -99.57 67.74
N LEU EA 117 34.22 -99.26 69.01
CA LEU EA 117 34.31 -97.87 69.42
C LEU EA 117 35.44 -97.16 68.68
N ALA EA 118 36.61 -97.80 68.61
CA ALA EA 118 37.74 -97.20 67.92
C ALA EA 118 37.42 -96.94 66.46
N LEU EA 119 36.91 -97.96 65.76
CA LEU EA 119 36.54 -97.78 64.36
C LEU EA 119 35.52 -96.67 64.19
N ASP EA 120 34.61 -96.52 65.16
CA ASP EA 120 33.59 -95.47 65.05
C ASP EA 120 34.22 -94.09 65.15
N ARG EA 121 35.27 -93.94 65.96
CA ARG EA 121 35.95 -92.65 66.01
C ARG EA 121 36.78 -92.42 64.77
N ILE EA 122 37.43 -93.47 64.26
CA ILE EA 122 38.18 -93.35 63.01
C ILE EA 122 37.25 -92.95 61.88
N ARG EA 123 36.11 -93.65 61.75
CA ARG EA 123 35.14 -93.27 60.74
C ARG EA 123 34.61 -91.86 60.98
N LYS EA 124 34.53 -91.45 62.25
CA LYS EA 124 34.23 -90.05 62.52
C LYS EA 124 35.40 -89.15 62.14
N LEU EA 125 36.61 -89.69 62.15
CA LEU EA 125 37.80 -88.92 61.81
C LEU EA 125 38.17 -89.04 60.34
N ALA EA 126 37.92 -90.20 59.72
CA ALA EA 126 38.26 -90.36 58.31
C ALA EA 126 37.41 -89.46 57.42
N ASP EA 127 36.13 -89.28 57.76
CA ASP EA 127 35.25 -88.46 56.94
C ASP EA 127 35.59 -86.99 57.02
N ASN EA 128 36.34 -86.57 58.04
CA ASN EA 128 36.70 -85.16 58.13
C ASN EA 128 37.82 -84.79 57.16
N CYS EA 129 38.59 -85.78 56.72
CA CYS EA 129 39.71 -85.52 55.81
C CYS EA 129 39.23 -85.54 54.36
N THR EA 130 39.73 -84.59 53.57
CA THR EA 130 39.49 -84.63 52.13
C THR EA 130 40.44 -85.60 51.46
N GLY EA 131 41.75 -85.35 51.60
CA GLY EA 131 42.75 -86.27 51.11
C GLY EA 131 43.51 -86.92 52.24
N LEU EA 132 43.29 -88.22 52.45
CA LEU EA 132 43.94 -88.96 53.52
C LEU EA 132 45.19 -89.61 52.97
N GLN EA 133 46.35 -89.20 53.50
CA GLN EA 133 47.62 -89.72 53.00
C GLN EA 133 47.84 -91.15 53.46
N GLY EA 134 47.62 -91.42 54.74
CA GLY EA 134 47.79 -92.77 55.24
C GLY EA 134 47.73 -92.88 56.75
N PHE EA 135 47.42 -94.08 57.24
CA PHE EA 135 47.40 -94.33 58.68
C PHE EA 135 48.82 -94.31 59.23
N LEU EA 136 48.97 -93.85 60.46
CA LEU EA 136 50.27 -93.74 61.12
C LEU EA 136 50.13 -94.34 62.51
N VAL EA 137 50.56 -95.58 62.66
CA VAL EA 137 50.37 -96.35 63.88
C VAL EA 137 51.61 -96.24 64.75
N PHE EA 138 51.41 -96.22 66.06
CA PHE EA 138 52.50 -96.21 67.03
C PHE EA 138 52.28 -97.35 67.99
N ASN EA 139 52.98 -98.46 67.77
CA ASN EA 139 52.81 -99.68 68.53
C ASN EA 139 54.04 -99.91 69.40
N ALA EA 140 53.91 -100.84 70.35
CA ALA EA 140 55.01 -101.24 71.23
C ALA EA 140 54.92 -102.75 71.39
N VAL EA 141 55.60 -103.48 70.51
CA VAL EA 141 55.58 -104.93 70.58
C VAL EA 141 56.26 -105.39 71.85
N GLY EA 142 55.63 -106.34 72.55
CA GLY EA 142 56.16 -106.84 73.79
C GLY EA 142 55.16 -106.73 74.93
N GLY EA 143 53.93 -106.32 74.61
CA GLY EA 143 52.90 -106.21 75.62
C GLY EA 143 51.58 -106.81 75.19
N GLY EA 144 50.58 -106.72 76.05
CA GLY EA 144 49.28 -107.29 75.74
C GLY EA 144 48.45 -106.41 74.82
N THR EA 145 48.37 -105.12 75.13
CA THR EA 145 47.60 -104.19 74.31
C THR EA 145 48.20 -104.08 72.91
N GLY EA 146 49.46 -103.69 72.84
CA GLY EA 146 50.13 -103.45 71.57
C GLY EA 146 50.02 -104.62 70.61
N SER EA 147 50.54 -105.79 71.03
CA SER EA 147 50.42 -106.97 70.18
C SER EA 147 48.97 -107.36 69.97
N GLY EA 148 48.19 -107.36 71.04
CA GLY EA 148 46.81 -107.80 70.96
C GLY EA 148 45.88 -106.87 70.20
N LEU EA 149 45.85 -105.60 70.60
CA LEU EA 149 44.87 -104.68 70.02
C LEU EA 149 45.33 -104.18 68.65
N GLY EA 150 46.58 -103.77 68.54
CA GLY EA 150 47.09 -103.29 67.26
C GLY EA 150 46.84 -104.28 66.13
N SER EA 151 47.27 -105.53 66.34
CA SER EA 151 47.05 -106.58 65.35
C SER EA 151 45.58 -106.69 64.98
N LEU EA 152 44.71 -106.75 65.99
CA LEU EA 152 43.28 -106.85 65.72
C LEU EA 152 42.78 -105.65 64.92
N LEU EA 153 43.30 -104.46 65.23
CA LEU EA 153 42.88 -103.26 64.50
C LEU EA 153 43.25 -103.36 63.02
N LEU EA 154 44.53 -103.59 62.73
CA LEU EA 154 45.00 -103.61 61.35
C LEU EA 154 44.17 -104.53 60.48
N GLU EA 155 43.73 -105.65 61.04
CA GLU EA 155 42.81 -106.51 60.31
C GLU EA 155 41.51 -105.77 60.00
N ARG EA 156 40.96 -105.07 61.00
CA ARG EA 156 39.72 -104.33 60.78
C ARG EA 156 39.92 -103.21 59.77
N LEU EA 157 41.08 -102.53 59.82
CA LEU EA 157 41.34 -101.46 58.88
C LEU EA 157 41.43 -101.98 57.46
N SER EA 158 42.22 -103.04 57.25
CA SER EA 158 42.43 -103.56 55.90
C SER EA 158 41.12 -103.97 55.24
N VAL EA 159 40.28 -104.71 55.98
CA VAL EA 159 39.00 -105.11 55.42
C VAL EA 159 38.07 -103.91 55.25
N ASP EA 160 38.34 -102.80 55.95
CA ASP EA 160 37.59 -101.58 55.71
C ASP EA 160 38.11 -100.86 54.47
N TYR EA 161 39.39 -100.48 54.48
CA TYR EA 161 39.95 -99.67 53.41
C TYR EA 161 40.65 -100.51 52.34
N GLY EA 162 41.69 -101.25 52.73
CA GLY EA 162 42.49 -101.96 51.76
C GLY EA 162 43.28 -101.03 50.87
N LYS EA 163 42.56 -100.14 50.16
CA LYS EA 163 43.22 -99.22 49.24
C LYS EA 163 44.11 -98.23 49.96
N LYS EA 164 43.83 -97.95 51.23
CA LYS EA 164 44.64 -97.02 51.99
C LYS EA 164 45.95 -97.66 52.42
N SER EA 165 46.99 -96.85 52.51
CA SER EA 165 48.30 -97.31 52.95
C SER EA 165 48.34 -97.38 54.47
N LYS EA 166 49.08 -98.34 54.99
CA LYS EA 166 49.29 -98.50 56.42
C LYS EA 166 50.77 -98.30 56.73
N LEU EA 167 51.06 -97.56 57.78
CA LEU EA 167 52.43 -97.29 58.20
C LEU EA 167 52.48 -97.35 59.72
N GLY EA 168 53.55 -97.95 60.24
CA GLY EA 168 53.66 -98.11 61.68
C GLY EA 168 55.06 -98.04 62.24
N PHE EA 169 55.23 -97.22 63.26
CA PHE EA 169 56.47 -97.15 64.04
C PHE EA 169 56.27 -97.99 65.29
N THR EA 170 56.91 -99.15 65.33
CA THR EA 170 56.74 -100.09 66.42
C THR EA 170 58.07 -100.39 67.09
N VAL EA 171 58.10 -100.27 68.41
CA VAL EA 171 59.29 -100.58 69.19
C VAL EA 171 59.34 -102.09 69.43
N TYR EA 172 60.46 -102.68 69.09
CA TYR EA 172 60.62 -104.13 69.12
C TYR EA 172 61.32 -104.57 70.40
N PRO EA 173 61.07 -105.80 70.85
CA PRO EA 173 61.82 -106.31 72.01
C PRO EA 173 63.31 -106.40 71.72
N SER EA 174 64.10 -105.67 72.51
CA SER EA 174 65.53 -105.64 72.33
C SER EA 174 66.13 -107.02 72.60
N PRO EA 175 67.29 -107.32 72.02
CA PRO EA 175 67.96 -108.59 72.35
C PRO EA 175 68.41 -108.67 73.80
N GLN EA 176 69.14 -107.66 74.27
CA GLN EA 176 69.73 -107.73 75.61
C GLN EA 176 68.78 -107.23 76.69
N VAL EA 177 68.37 -105.96 76.62
CA VAL EA 177 67.50 -105.39 77.62
C VAL EA 177 66.07 -105.89 77.39
N SER EA 178 65.45 -106.41 78.45
CA SER EA 178 64.09 -106.93 78.35
C SER EA 178 63.36 -106.65 79.65
N THR EA 179 62.35 -105.78 79.58
CA THR EA 179 61.55 -105.47 80.76
C THR EA 179 60.49 -106.52 81.05
N ALA EA 180 60.04 -107.24 80.04
CA ALA EA 180 59.06 -108.31 80.19
C ALA EA 180 59.78 -109.65 80.12
N VAL EA 181 59.01 -110.73 80.25
CA VAL EA 181 59.58 -112.07 80.21
C VAL EA 181 58.89 -112.93 79.15
N VAL EA 182 57.63 -112.64 78.87
CA VAL EA 182 56.85 -113.44 77.93
C VAL EA 182 56.68 -112.71 76.60
N GLU EA 183 57.34 -111.57 76.43
CA GLU EA 183 57.23 -110.82 75.19
C GLU EA 183 57.57 -111.61 73.92
N PRO EA 184 58.43 -112.64 73.93
CA PRO EA 184 58.60 -113.44 72.71
C PRO EA 184 57.30 -113.93 72.10
N TYR EA 185 56.37 -114.42 72.91
CA TYR EA 185 55.13 -114.98 72.40
C TYR EA 185 54.32 -113.94 71.65
N ASN EA 186 53.83 -112.94 72.36
CA ASN EA 186 52.98 -111.93 71.74
C ASN EA 186 53.69 -111.25 70.58
N SER EA 187 55.01 -111.07 70.67
CA SER EA 187 55.77 -110.52 69.55
C SER EA 187 55.62 -111.38 68.31
N VAL EA 188 55.88 -112.69 68.46
CA VAL EA 188 55.60 -113.64 67.38
C VAL EA 188 54.18 -113.45 66.88
N LEU EA 189 53.21 -113.50 67.81
CA LEU EA 189 51.81 -113.41 67.41
C LEU EA 189 51.48 -112.06 66.79
N SER EA 190 52.21 -111.01 67.17
CA SER EA 190 51.98 -109.71 66.54
C SER EA 190 52.57 -109.67 65.13
N THR EA 191 53.80 -110.15 64.98
CA THR EA 191 54.50 -110.04 63.70
C THR EA 191 53.69 -110.61 62.56
N HIS EA 192 53.02 -111.74 62.77
CA HIS EA 192 52.25 -112.35 61.70
C HIS EA 192 51.10 -111.47 61.28
N SER EA 193 50.12 -111.28 62.16
CA SER EA 193 48.87 -110.63 61.78
C SER EA 193 49.07 -109.19 61.35
N LEU EA 194 50.19 -108.58 61.70
CA LEU EA 194 50.49 -107.26 61.14
C LEU EA 194 50.98 -107.40 59.70
N LEU EA 195 51.76 -108.43 59.42
CA LEU EA 195 52.50 -108.50 58.15
C LEU EA 195 51.56 -108.49 56.95
N GLU EA 196 50.61 -109.41 56.90
CA GLU EA 196 49.66 -109.45 55.80
C GLU EA 196 48.65 -108.33 55.85
N HIS EA 197 48.77 -107.39 56.78
CA HIS EA 197 47.87 -106.26 56.88
C HIS EA 197 48.58 -104.92 56.92
N THR EA 198 49.74 -104.84 57.54
CA THR EA 198 50.54 -103.63 57.39
C THR EA 198 51.19 -103.62 56.01
N ASP EA 199 51.41 -102.42 55.49
CA ASP EA 199 52.04 -102.26 54.19
C ASP EA 199 53.52 -101.94 54.29
N VAL EA 200 53.90 -101.13 55.28
CA VAL EA 200 55.30 -100.83 55.58
C VAL EA 200 55.43 -100.91 57.09
N ALA EA 201 56.66 -101.13 57.56
CA ALA EA 201 56.89 -101.31 58.99
C ALA EA 201 58.31 -100.87 59.33
N VAL EA 202 58.42 -99.82 60.12
CA VAL EA 202 59.71 -99.38 60.64
C VAL EA 202 59.92 -100.02 62.00
N MET EA 203 61.17 -100.34 62.32
CA MET EA 203 61.52 -101.00 63.56
C MET EA 203 62.64 -100.24 64.26
N LEU EA 204 62.60 -100.25 65.60
CA LEU EA 204 63.63 -99.61 66.40
C LEU EA 204 63.42 -99.97 67.86
N ASP EA 205 64.51 -99.93 68.63
CA ASP EA 205 64.51 -100.39 70.02
C ASP EA 205 65.14 -99.36 70.93
N ASN EA 206 64.77 -99.44 72.22
CA ASN EA 206 65.23 -98.47 73.19
C ASN EA 206 66.72 -98.61 73.47
N GLU EA 207 67.23 -99.85 73.48
CA GLU EA 207 68.63 -100.08 73.81
C GLU EA 207 69.56 -99.36 72.84
N ALA EA 208 69.22 -99.37 71.55
CA ALA EA 208 70.00 -98.61 70.58
C ALA EA 208 69.95 -97.12 70.89
N ILE EA 209 68.74 -96.57 71.05
CA ILE EA 209 68.61 -95.17 71.41
C ILE EA 209 69.18 -94.87 72.78
N TYR EA 210 69.35 -95.90 73.62
CA TYR EA 210 70.05 -95.70 74.89
C TYR EA 210 71.51 -95.35 74.65
N ASP EA 211 72.13 -95.94 73.62
CA ASP EA 211 73.50 -95.59 73.29
C ASP EA 211 73.57 -94.23 72.62
N ILE EA 212 72.57 -93.91 71.80
CA ILE EA 212 72.56 -92.65 71.06
C ILE EA 212 72.64 -91.46 72.02
N CYS EA 213 71.77 -91.45 73.03
CA CYS EA 213 71.84 -90.39 74.03
C CYS EA 213 73.10 -90.46 74.86
N ARG EA 214 73.82 -91.58 74.82
CA ARG EA 214 75.07 -91.72 75.56
C ARG EA 214 76.27 -91.24 74.76
N ARG EA 215 76.49 -91.79 73.57
CA ARG EA 215 77.66 -91.43 72.78
C ARG EA 215 77.61 -89.97 72.34
N SER EA 216 76.45 -89.53 71.84
CA SER EA 216 76.36 -88.23 71.17
C SER EA 216 75.93 -87.12 72.13
N LEU EA 217 74.75 -87.25 72.73
CA LEU EA 217 74.24 -86.19 73.61
C LEU EA 217 75.02 -86.15 74.91
N ASP EA 218 75.62 -87.28 75.30
CA ASP EA 218 76.42 -87.37 76.52
C ASP EA 218 75.58 -87.08 77.75
N ILE EA 219 74.44 -87.75 77.84
CA ILE EA 219 73.58 -87.70 79.02
C ILE EA 219 73.62 -89.07 79.69
N GLU EA 220 73.75 -89.07 81.01
CA GLU EA 220 73.87 -90.29 81.80
C GLU EA 220 72.57 -90.69 82.47
N ARG EA 221 71.51 -89.90 82.31
CA ARG EA 221 70.22 -90.16 82.94
C ARG EA 221 69.14 -90.25 81.86
N PRO EA 222 69.15 -91.31 81.07
CA PRO EA 222 68.10 -91.46 80.05
C PRO EA 222 66.84 -92.09 80.60
N THR EA 223 65.72 -91.47 80.28
CA THR EA 223 64.40 -91.99 80.66
C THR EA 223 63.54 -92.04 79.42
N TYR EA 224 62.30 -92.50 79.61
CA TYR EA 224 61.43 -92.73 78.47
C TYR EA 224 61.09 -91.46 77.72
N THR EA 225 61.18 -90.30 78.38
CA THR EA 225 60.84 -89.06 77.69
C THR EA 225 61.86 -88.71 76.62
N ASN EA 226 63.15 -88.98 76.89
CA ASN EA 226 64.20 -88.63 75.93
C ASN EA 226 64.07 -89.43 74.65
N LEU EA 227 63.96 -90.75 74.77
CA LEU EA 227 63.75 -91.59 73.60
C LEU EA 227 62.55 -91.10 72.80
N ASN EA 228 61.44 -90.86 73.49
CA ASN EA 228 60.26 -90.32 72.82
C ASN EA 228 60.54 -88.93 72.24
N ARG EA 229 61.37 -88.12 72.90
CA ARG EA 229 61.76 -86.84 72.32
C ARG EA 229 62.43 -87.02 70.98
N LEU EA 230 63.21 -88.09 70.82
CA LEU EA 230 63.89 -88.33 69.55
C LEU EA 230 62.91 -88.80 68.49
N ILE EA 231 62.03 -89.73 68.84
CA ILE EA 231 61.04 -90.21 67.87
C ILE EA 231 60.20 -89.06 67.35
N ALA EA 232 59.93 -88.07 68.21
CA ALA EA 232 59.30 -86.85 67.74
C ALA EA 232 60.13 -86.21 66.64
N GLN EA 233 61.45 -86.10 66.85
CA GLN EA 233 62.31 -85.47 65.85
C GLN EA 233 62.33 -86.26 64.56
N VAL EA 234 62.25 -87.59 64.66
CA VAL EA 234 62.30 -88.44 63.47
C VAL EA 234 61.08 -88.16 62.59
N ILE EA 235 59.89 -88.31 63.16
CA ILE EA 235 58.67 -88.22 62.35
C ILE EA 235 58.44 -86.81 61.85
N SER EA 236 58.79 -85.80 62.66
CA SER EA 236 58.69 -84.43 62.17
C SER EA 236 59.55 -84.23 60.92
N SER EA 237 60.66 -84.96 60.84
CA SER EA 237 61.49 -84.90 59.64
C SER EA 237 60.82 -85.58 58.46
N LEU EA 238 60.02 -86.61 58.71
CA LEU EA 238 59.37 -87.33 57.62
C LEU EA 238 58.20 -86.54 57.07
N THR EA 239 57.24 -86.19 57.93
CA THR EA 239 56.04 -85.50 57.51
C THR EA 239 56.30 -84.11 56.98
N ALA EA 240 57.52 -83.58 57.16
CA ALA EA 240 57.82 -82.21 56.76
C ALA EA 240 57.45 -81.95 55.30
N SER EA 241 57.75 -82.90 54.42
CA SER EA 241 57.40 -82.74 53.01
C SER EA 241 55.88 -82.66 52.84
N LEU EA 242 55.14 -83.44 53.62
CA LEU EA 242 53.69 -83.37 53.58
C LEU EA 242 53.17 -82.01 54.01
N ARG EA 243 53.90 -81.32 54.89
CA ARG EA 243 53.41 -80.11 55.52
C ARG EA 243 54.32 -78.91 55.34
N PHE EA 244 55.28 -78.96 54.41
CA PHE EA 244 56.14 -77.82 54.15
C PHE EA 244 56.65 -77.90 52.72
N ASP EA 245 57.54 -76.99 52.37
CA ASP EA 245 58.10 -76.90 51.03
C ASP EA 245 59.59 -77.21 51.07
N GLY EA 246 60.24 -77.04 49.94
CA GLY EA 246 61.64 -77.42 49.79
C GLY EA 246 61.81 -78.30 48.58
N ALA EA 247 63.01 -78.35 48.04
CA ALA EA 247 63.27 -79.15 46.85
C ALA EA 247 62.95 -80.61 47.11
N LEU EA 248 62.40 -81.27 46.08
CA LEU EA 248 62.16 -82.71 46.09
C LEU EA 248 61.24 -83.13 47.24
N ASN EA 249 60.01 -82.63 47.19
CA ASN EA 249 58.99 -83.05 48.14
C ASN EA 249 58.66 -84.52 47.95
N VAL EA 250 58.31 -85.18 49.06
CA VAL EA 250 58.02 -86.60 49.07
C VAL EA 250 56.70 -86.83 49.81
N ASP EA 251 55.85 -87.68 49.24
CA ASP EA 251 54.65 -88.14 49.93
C ASP EA 251 54.78 -89.63 50.17
N ILE EA 252 53.83 -90.18 50.93
CA ILE EA 252 53.91 -91.57 51.34
C ILE EA 252 53.89 -92.50 50.14
N THR EA 253 52.99 -92.26 49.19
CA THR EA 253 52.95 -93.08 47.99
C THR EA 253 54.30 -93.08 47.28
N GLU EA 254 54.83 -91.89 47.00
CA GLU EA 254 56.16 -91.77 46.42
C GLU EA 254 57.20 -92.50 47.27
N PHE EA 255 57.17 -92.23 48.58
CA PHE EA 255 58.14 -92.81 49.49
C PHE EA 255 58.02 -94.33 49.53
N GLN EA 256 56.80 -94.85 49.44
CA GLN EA 256 56.58 -96.28 49.62
C GLN EA 256 56.85 -97.08 48.35
N THR EA 257 56.54 -96.52 47.18
CA THR EA 257 56.77 -97.24 45.92
C THR EA 257 58.25 -97.56 45.75
N ASN EA 258 59.12 -96.59 45.99
CA ASN EA 258 60.55 -96.77 45.77
C ASN EA 258 61.29 -97.21 47.02
N LEU EA 259 60.62 -97.92 47.93
CA LEU EA 259 61.29 -98.51 49.08
C LEU EA 259 60.89 -99.95 49.37
N VAL EA 260 59.81 -100.45 48.81
CA VAL EA 260 59.35 -101.82 49.03
C VAL EA 260 59.42 -102.57 47.72
N PRO EA 261 60.49 -103.33 47.49
CA PRO EA 261 60.60 -104.09 46.23
C PRO EA 261 59.62 -105.24 46.15
N TYR EA 262 59.45 -105.97 47.25
CA TYR EA 262 58.61 -107.14 47.26
C TYR EA 262 57.52 -107.04 48.31
N PRO EA 263 56.37 -107.67 48.07
CA PRO EA 263 55.23 -107.50 49.01
C PRO EA 263 55.57 -107.80 50.46
N ARG EA 264 56.43 -108.79 50.71
CA ARG EA 264 56.73 -109.16 52.08
C ARG EA 264 57.82 -108.28 52.68
N ILE EA 265 58.88 -107.99 51.92
CA ILE EA 265 60.01 -107.27 52.46
C ILE EA 265 59.65 -105.79 52.61
N HIS EA 266 59.30 -105.40 53.83
CA HIS EA 266 59.02 -104.00 54.12
C HIS EA 266 59.56 -103.56 55.47
N PHE EA 267 60.25 -104.43 56.20
CA PHE EA 267 60.78 -104.07 57.51
C PHE EA 267 62.01 -103.21 57.33
N MET EA 268 62.07 -102.09 58.04
CA MET EA 268 63.07 -101.08 57.77
C MET EA 268 63.66 -100.56 59.08
N LEU EA 269 64.75 -99.82 58.94
CA LEU EA 269 65.51 -99.28 60.05
C LEU EA 269 65.43 -97.75 60.01
N SER EA 270 66.17 -97.10 60.89
CA SER EA 270 66.15 -95.64 60.95
C SER EA 270 67.44 -95.13 61.57
N SER EA 271 67.64 -93.82 61.47
CA SER EA 271 68.82 -93.14 61.99
C SER EA 271 68.61 -91.63 61.86
N TYR EA 272 69.17 -90.89 62.80
CA TYR EA 272 69.05 -89.43 62.82
C TYR EA 272 70.42 -88.81 63.02
N ALA EA 273 70.57 -87.59 62.52
CA ALA EA 273 71.82 -86.83 62.63
C ALA EA 273 71.57 -85.39 62.20
N PRO EA 274 72.20 -84.40 62.85
CA PRO EA 274 73.14 -84.59 63.96
C PRO EA 274 72.44 -84.74 65.30
N ILE EA 275 73.13 -85.33 66.26
CA ILE EA 275 72.62 -85.52 67.61
C ILE EA 275 73.66 -84.90 68.53
N ILE EA 276 73.46 -83.64 68.93
CA ILE EA 276 74.48 -82.88 69.65
C ILE EA 276 73.82 -81.97 70.65
N SER EA 277 74.62 -81.49 71.60
CA SER EA 277 74.17 -80.54 72.61
C SER EA 277 74.44 -79.12 72.11
N ALA EA 278 74.31 -78.15 73.01
CA ALA EA 278 74.46 -76.75 72.61
C ALA EA 278 75.92 -76.40 72.34
N GLU EA 279 76.84 -76.96 73.13
CA GLU EA 279 78.22 -76.54 73.02
C GLU EA 279 78.92 -77.13 71.80
N LYS EA 280 78.66 -78.40 71.49
CA LYS EA 280 79.26 -78.97 70.27
C LYS EA 280 78.81 -78.20 69.04
N ALA EA 281 77.55 -77.75 69.02
CA ALA EA 281 77.09 -76.92 67.91
C ALA EA 281 77.91 -75.65 67.78
N TYR EA 282 78.50 -75.18 68.87
CA TYR EA 282 79.38 -74.02 68.80
C TYR EA 282 80.73 -74.40 68.21
N HIS EA 283 81.23 -75.59 68.54
CA HIS EA 283 82.45 -76.12 67.92
C HIS EA 283 82.11 -77.10 66.80
N GLU EA 284 81.41 -76.60 65.78
CA GLU EA 284 81.02 -77.44 64.66
C GLU EA 284 80.42 -76.56 63.56
N GLN EA 285 80.68 -76.97 62.31
CA GLN EA 285 80.16 -76.28 61.14
C GLN EA 285 78.96 -76.97 60.49
N LEU EA 286 78.81 -78.28 60.70
CA LEU EA 286 77.64 -79.04 60.25
C LEU EA 286 77.48 -78.95 58.72
N SER EA 287 78.54 -79.32 58.02
CA SER EA 287 78.47 -79.44 56.58
C SER EA 287 77.61 -80.64 56.21
N VAL EA 288 76.94 -80.54 55.06
CA VAL EA 288 76.08 -81.63 54.60
C VAL EA 288 76.82 -82.96 54.46
N ALA EA 289 78.14 -82.92 54.39
CA ALA EA 289 78.92 -84.15 54.18
C ALA EA 289 78.99 -84.99 55.45
N GLU EA 290 79.37 -84.38 56.56
CA GLU EA 290 79.44 -85.11 57.83
C GLU EA 290 78.07 -85.60 58.27
N ILE EA 291 77.04 -84.77 58.11
CA ILE EA 291 75.70 -85.17 58.57
C ILE EA 291 75.23 -86.40 57.82
N THR EA 292 75.50 -86.46 56.50
CA THR EA 292 75.11 -87.66 55.76
C THR EA 292 76.07 -88.81 56.02
N ASN EA 293 77.22 -88.55 56.63
CA ASN EA 293 78.11 -89.63 57.03
C ASN EA 293 77.64 -90.28 58.32
N ALA EA 294 77.34 -89.46 59.33
CA ALA EA 294 76.79 -89.99 60.58
C ALA EA 294 75.45 -90.68 60.37
N ALA EA 295 74.75 -90.35 59.28
CA ALA EA 295 73.47 -90.97 59.01
C ALA EA 295 73.63 -92.45 58.69
N PHE EA 296 74.51 -92.78 57.74
CA PHE EA 296 74.71 -94.17 57.35
C PHE EA 296 75.54 -94.96 58.34
N GLU EA 297 76.03 -94.31 59.40
CA GLU EA 297 76.82 -95.00 60.40
C GLU EA 297 75.98 -96.06 61.12
N PRO EA 298 76.44 -97.30 61.21
CA PRO EA 298 75.67 -98.32 61.94
C PRO EA 298 75.59 -98.08 63.44
N ALA EA 299 76.44 -97.23 64.02
CA ALA EA 299 76.26 -96.87 65.42
C ALA EA 299 75.02 -96.02 65.62
N SER EA 300 74.85 -94.98 64.80
CA SER EA 300 73.72 -94.07 64.96
C SER EA 300 72.40 -94.69 64.54
N MET EA 301 72.32 -95.97 64.22
CA MET EA 301 71.02 -96.59 63.97
C MET EA 301 70.19 -96.59 65.24
N MET EA 302 68.87 -96.66 65.06
CA MET EA 302 67.93 -96.67 66.17
C MET EA 302 67.49 -98.07 66.54
N VAL EA 303 68.10 -99.09 65.96
CA VAL EA 303 67.84 -100.47 66.31
C VAL EA 303 69.18 -101.19 66.38
N LYS EA 304 69.26 -102.22 67.22
CA LYS EA 304 70.49 -102.98 67.39
C LYS EA 304 70.65 -104.01 66.28
N CYS EA 305 70.76 -103.50 65.06
CA CYS EA 305 70.94 -104.32 63.87
C CYS EA 305 72.14 -103.80 63.10
N ASP EA 306 73.01 -104.71 62.67
CA ASP EA 306 74.23 -104.33 61.98
C ASP EA 306 74.00 -104.47 60.48
N PRO EA 307 73.93 -103.37 59.72
CA PRO EA 307 73.71 -103.49 58.27
C PRO EA 307 74.94 -103.92 57.49
N ARG EA 308 76.12 -103.86 58.09
CA ARG EA 308 77.35 -104.28 57.42
C ARG EA 308 77.42 -105.79 57.23
N HIS EA 309 76.39 -106.52 57.65
CA HIS EA 309 76.24 -107.94 57.37
C HIS EA 309 75.15 -108.21 56.35
N GLY EA 310 74.71 -107.17 55.64
CA GLY EA 310 73.70 -107.31 54.61
C GLY EA 310 73.85 -106.24 53.55
N LYS EA 311 72.88 -106.16 52.64
CA LYS EA 311 72.92 -105.22 51.53
C LYS EA 311 71.69 -104.33 51.55
N TYR EA 312 71.90 -103.04 51.28
CA TYR EA 312 70.80 -102.09 51.23
C TYR EA 312 69.99 -102.33 49.97
N MET EA 313 68.76 -102.82 50.13
CA MET EA 313 67.89 -102.93 48.96
C MET EA 313 67.53 -101.55 48.43
N ALA EA 314 67.42 -100.56 49.31
CA ALA EA 314 67.16 -99.18 48.94
C ALA EA 314 67.42 -98.31 50.17
N CYS EA 315 67.30 -96.99 49.97
CA CYS EA 315 67.48 -96.04 51.05
C CYS EA 315 66.61 -94.82 50.81
N CYS EA 316 66.32 -94.08 51.88
CA CYS EA 316 65.61 -92.82 51.81
C CYS EA 316 66.19 -91.87 52.85
N LEU EA 317 66.57 -90.68 52.41
CA LEU EA 317 67.18 -89.68 53.27
C LEU EA 317 66.36 -88.40 53.21
N MET EA 318 65.96 -87.92 54.38
CA MET EA 318 65.17 -86.70 54.49
C MET EA 318 66.00 -85.67 55.24
N TYR EA 319 66.61 -84.75 54.51
CA TYR EA 319 67.39 -83.70 55.14
C TYR EA 319 66.45 -82.64 55.71
N ARG EA 320 67.01 -81.53 56.16
CA ARG EA 320 66.18 -80.49 56.75
C ARG EA 320 66.98 -79.20 56.81
N GLY EA 321 66.28 -78.08 56.72
CA GLY EA 321 66.92 -76.79 56.86
C GLY EA 321 67.62 -76.38 55.59
N ASP EA 322 68.87 -75.91 55.73
CA ASP EA 322 69.63 -75.35 54.62
C ASP EA 322 70.43 -76.46 53.96
N VAL EA 323 69.92 -76.99 52.84
CA VAL EA 323 70.65 -77.92 51.99
C VAL EA 323 70.38 -77.54 50.53
N VAL EA 324 71.39 -77.71 49.68
CA VAL EA 324 71.20 -77.56 48.24
C VAL EA 324 71.49 -78.91 47.60
N PRO EA 325 70.80 -79.26 46.50
CA PRO EA 325 70.81 -80.66 46.07
C PRO EA 325 72.10 -81.10 45.39
N LYS EA 326 72.94 -80.17 44.92
CA LYS EA 326 74.26 -80.57 44.45
C LYS EA 326 75.02 -81.26 45.55
N ASP EA 327 74.90 -80.74 46.77
CA ASP EA 327 75.57 -81.33 47.93
C ASP EA 327 75.08 -82.74 48.19
N VAL EA 328 73.77 -82.96 48.15
CA VAL EA 328 73.24 -84.31 48.23
C VAL EA 328 73.82 -85.18 47.12
N ASN EA 329 73.72 -84.71 45.88
CA ASN EA 329 74.36 -85.39 44.76
C ASN EA 329 75.85 -85.58 45.01
N ALA EA 330 76.49 -84.58 45.63
CA ALA EA 330 77.92 -84.69 45.93
C ALA EA 330 78.18 -85.79 46.95
N SER EA 331 77.48 -85.72 48.09
CA SER EA 331 77.81 -86.60 49.21
C SER EA 331 77.29 -88.02 48.96
N VAL EA 332 76.10 -88.16 48.38
CA VAL EA 332 75.58 -89.48 48.07
C VAL EA 332 76.51 -90.21 47.11
N ALA EA 333 77.18 -89.47 46.22
CA ALA EA 333 78.21 -90.07 45.39
C ALA EA 333 79.34 -90.63 46.26
N THR EA 334 79.83 -89.82 47.21
CA THR EA 334 80.94 -90.24 48.06
C THR EA 334 80.64 -91.57 48.74
N ILE EA 335 79.43 -91.73 49.26
CA ILE EA 335 79.06 -92.98 49.90
C ILE EA 335 79.11 -94.13 48.90
N LYS EA 336 78.50 -93.94 47.73
CA LYS EA 336 78.51 -94.98 46.71
C LYS EA 336 79.93 -95.30 46.23
N THR EA 337 80.92 -94.47 46.56
CA THR EA 337 82.31 -94.84 46.33
C THR EA 337 82.83 -95.79 47.40
N LYS EA 338 82.29 -95.72 48.61
CA LYS EA 338 82.84 -96.49 49.71
C LYS EA 338 82.62 -97.98 49.50
N ARG EA 339 83.20 -98.78 50.40
CA ARG EA 339 83.26 -100.23 50.27
C ARG EA 339 82.47 -100.96 51.34
N THR EA 340 82.49 -100.48 52.58
CA THR EA 340 81.74 -101.13 53.66
C THR EA 340 80.24 -101.13 53.43
N ILE EA 341 79.75 -100.35 52.46
CA ILE EA 341 78.33 -100.20 52.22
C ILE EA 341 77.96 -101.00 50.99
N GLN EA 342 77.15 -102.04 51.18
CA GLN EA 342 76.82 -102.98 50.13
C GLN EA 342 75.40 -102.76 49.62
N PHE EA 343 75.17 -103.19 48.38
CA PHE EA 343 73.87 -103.15 47.76
C PHE EA 343 73.66 -104.44 47.00
N VAL EA 344 72.41 -104.91 46.97
CA VAL EA 344 72.08 -106.08 46.16
C VAL EA 344 72.14 -105.68 44.69
N ASP EA 345 72.42 -106.66 43.83
CA ASP EA 345 72.81 -106.36 42.46
C ASP EA 345 71.69 -105.67 41.69
N TRP EA 346 70.47 -106.20 41.74
CA TRP EA 346 69.44 -105.80 40.79
C TRP EA 346 69.01 -104.35 40.93
N CYS EA 347 69.47 -103.61 41.93
CA CYS EA 347 69.15 -102.19 42.08
C CYS EA 347 70.42 -101.37 41.96
N PRO EA 348 70.74 -100.87 40.76
CA PRO EA 348 71.82 -99.88 40.66
C PRO EA 348 71.43 -98.57 41.31
N THR EA 349 70.14 -98.26 41.36
CA THR EA 349 69.61 -97.11 42.07
C THR EA 349 69.52 -97.45 43.56
N GLY EA 350 68.80 -96.64 44.33
CA GLY EA 350 68.66 -96.92 45.75
C GLY EA 350 68.55 -95.71 46.65
N PHE EA 351 68.52 -94.51 46.08
CA PHE EA 351 68.45 -93.28 46.87
C PHE EA 351 67.26 -92.44 46.44
N LYS EA 352 66.26 -92.36 47.30
CA LYS EA 352 65.15 -91.43 47.16
C LYS EA 352 65.32 -90.38 48.25
N CYS EA 353 65.92 -89.26 47.90
CA CYS EA 353 66.25 -88.23 48.88
C CYS EA 353 65.23 -87.10 48.85
N GLY EA 354 65.42 -86.14 49.76
CA GLY EA 354 64.48 -85.04 49.87
C GLY EA 354 65.02 -83.95 50.78
N ILE EA 355 64.60 -82.72 50.52
CA ILE EA 355 65.03 -81.56 51.27
C ILE EA 355 63.78 -80.82 51.74
N ASN EA 356 63.94 -80.02 52.79
CA ASN EA 356 62.88 -79.13 53.25
C ASN EA 356 63.51 -77.89 53.84
N TYR EA 357 63.10 -76.72 53.36
CA TYR EA 357 63.70 -75.47 53.79
C TYR EA 357 63.39 -75.12 55.24
N GLN EA 358 62.27 -75.60 55.76
CA GLN EA 358 61.90 -75.30 57.13
C GLN EA 358 62.90 -75.96 58.08
N PRO EA 359 63.41 -75.24 59.07
CA PRO EA 359 64.47 -75.79 59.93
C PRO EA 359 63.89 -76.77 60.93
N PRO EA 360 64.74 -77.55 61.58
CA PRO EA 360 64.28 -78.36 62.72
C PRO EA 360 64.09 -77.49 63.95
N THR EA 361 62.95 -77.68 64.62
CA THR EA 361 62.58 -76.86 65.76
C THR EA 361 62.89 -77.61 67.05
N VAL EA 362 63.49 -76.91 68.00
CA VAL EA 362 63.86 -77.48 69.29
C VAL EA 362 62.76 -77.15 70.30
N VAL EA 363 62.65 -78.01 71.31
CA VAL EA 363 61.67 -77.85 72.38
C VAL EA 363 62.35 -77.14 73.56
N PRO EA 364 61.70 -76.15 74.17
CA PRO EA 364 62.29 -75.51 75.36
C PRO EA 364 62.48 -76.52 76.47
N GLY EA 365 63.54 -76.33 77.25
CA GLY EA 365 63.94 -77.30 78.24
C GLY EA 365 64.40 -78.62 77.69
N GLY EA 366 64.35 -78.80 76.37
CA GLY EA 366 64.78 -80.03 75.77
C GLY EA 366 66.28 -80.22 75.85
N ASP EA 367 66.76 -81.21 75.11
CA ASP EA 367 68.17 -81.60 75.14
C ASP EA 367 68.91 -81.28 73.86
N LEU EA 368 68.28 -81.47 72.70
CA LEU EA 368 68.94 -81.17 71.43
C LEU EA 368 69.22 -79.68 71.33
N ALA EA 369 70.02 -79.32 70.32
CA ALA EA 369 70.44 -77.95 70.10
C ALA EA 369 69.67 -77.32 68.94
N LYS EA 370 69.90 -76.03 68.72
CA LYS EA 370 69.34 -75.32 67.58
C LYS EA 370 70.31 -75.44 66.41
N VAL EA 371 69.84 -76.03 65.31
CA VAL EA 371 70.67 -76.27 64.14
C VAL EA 371 69.90 -75.83 62.91
N GLN EA 372 70.63 -75.47 61.85
CA GLN EA 372 70.04 -75.17 60.56
C GLN EA 372 69.96 -76.40 59.66
N ARG EA 373 70.47 -77.55 60.11
CA ARG EA 373 70.49 -78.76 59.30
C ARG EA 373 70.18 -79.97 60.16
N ALA EA 374 69.82 -81.06 59.48
CA ALA EA 374 69.57 -82.36 60.09
C ALA EA 374 69.30 -83.35 58.99
N VAL EA 375 69.42 -84.64 59.32
CA VAL EA 375 69.12 -85.72 58.40
C VAL EA 375 68.42 -86.83 59.16
N CYS EA 376 67.49 -87.50 58.50
CA CYS EA 376 66.92 -88.74 58.99
C CYS EA 376 66.91 -89.74 57.85
N MET EA 377 67.36 -90.96 58.12
CA MET EA 377 67.54 -91.97 57.10
C MET EA 377 66.65 -93.17 57.40
N ILE EA 378 66.18 -93.83 56.36
CA ILE EA 378 65.38 -95.05 56.48
C ILE EA 378 65.84 -95.99 55.38
N SER EA 379 66.43 -97.12 55.76
CA SER EA 379 66.98 -98.09 54.81
C SER EA 379 66.31 -99.44 55.00
N ASN EA 380 65.81 -100.01 53.90
CA ASN EA 380 65.28 -101.37 53.91
C ASN EA 380 66.42 -102.30 53.53
N SER EA 381 67.11 -102.83 54.53
CA SER EA 381 68.25 -103.71 54.33
C SER EA 381 67.88 -105.15 54.69
N THR EA 382 68.52 -106.10 54.01
CA THR EA 382 68.30 -107.51 54.31
C THR EA 382 69.00 -107.96 55.57
N ALA EA 383 69.90 -107.13 56.12
CA ALA EA 383 70.56 -107.46 57.37
C ALA EA 383 69.62 -107.42 58.57
N ILE EA 384 68.37 -107.00 58.37
CA ILE EA 384 67.40 -106.93 59.46
C ILE EA 384 66.97 -108.30 59.95
N GLY EA 385 67.26 -109.36 59.19
CA GLY EA 385 66.84 -110.70 59.58
C GLY EA 385 67.48 -111.20 60.86
N GLU EA 386 68.62 -110.65 61.26
CA GLU EA 386 69.33 -111.17 62.43
C GLU EA 386 68.50 -111.02 63.69
N ILE EA 387 68.07 -109.80 64.01
CA ILE EA 387 67.22 -109.60 65.18
C ILE EA 387 65.89 -110.30 65.01
N PHE EA 388 65.46 -110.53 63.78
CA PHE EA 388 64.27 -111.35 63.54
C PHE EA 388 64.54 -112.81 63.89
N SER EA 389 65.80 -113.23 63.85
CA SER EA 389 66.17 -114.60 64.13
C SER EA 389 66.41 -114.89 65.61
N ARG EA 390 66.90 -113.90 66.36
CA ARG EA 390 67.05 -114.09 67.80
C ARG EA 390 65.73 -114.49 68.43
N LEU EA 391 64.67 -113.76 68.11
CA LEU EA 391 63.34 -114.10 68.62
C LEU EA 391 62.91 -115.47 68.12
N ASP EA 392 63.29 -115.82 66.89
CA ASP EA 392 63.05 -117.18 66.40
C ASP EA 392 63.68 -118.22 67.31
N HIS EA 393 64.75 -117.84 68.03
CA HIS EA 393 65.42 -118.77 68.92
C HIS EA 393 64.82 -118.78 70.32
N LYS EA 394 64.27 -117.64 70.77
CA LYS EA 394 63.70 -117.61 72.11
C LYS EA 394 62.34 -118.29 72.17
N PHE EA 395 61.62 -118.35 71.06
CA PHE EA 395 60.30 -118.98 71.07
C PHE EA 395 60.40 -120.47 71.34
N ASP EA 396 61.10 -121.19 70.47
CA ASP EA 396 61.22 -122.65 70.66
C ASP EA 396 61.94 -122.99 71.95
N LEU EA 397 62.77 -122.08 72.46
CA LEU EA 397 63.45 -122.30 73.72
C LEU EA 397 62.45 -122.38 74.88
N MET EA 398 61.32 -121.70 74.76
CA MET EA 398 60.26 -121.77 75.77
C MET EA 398 59.10 -122.64 75.34
N TYR EA 399 58.64 -122.50 74.09
CA TYR EA 399 57.49 -123.28 73.62
C TYR EA 399 57.73 -124.77 73.75
N ALA EA 400 58.98 -125.23 73.67
CA ALA EA 400 59.30 -126.61 73.99
C ALA EA 400 58.87 -126.94 75.41
N LYS EA 401 59.25 -126.10 76.38
CA LYS EA 401 58.83 -126.29 77.76
C LYS EA 401 57.34 -126.05 77.95
N ARG EA 402 56.66 -125.48 76.96
CA ARG EA 402 55.24 -125.13 77.06
C ARG EA 402 54.98 -124.21 78.25
N ALA EA 403 56.00 -123.47 78.66
CA ALA EA 403 55.85 -122.56 79.79
C ALA EA 403 54.93 -121.40 79.43
N PHE EA 404 54.15 -120.97 80.42
CA PHE EA 404 53.23 -119.84 80.35
C PHE EA 404 52.12 -120.00 79.32
N VAL EA 405 52.02 -121.16 78.67
CA VAL EA 405 51.05 -121.28 77.59
C VAL EA 405 49.63 -121.45 78.09
N HIS EA 406 49.45 -121.90 79.34
CA HIS EA 406 48.10 -122.11 79.85
C HIS EA 406 47.31 -120.81 79.89
N TRP EA 407 47.98 -119.69 80.14
CA TRP EA 407 47.34 -118.39 80.03
C TRP EA 407 46.67 -118.23 78.67
N TYR EA 408 47.40 -118.55 77.60
CA TYR EA 408 46.91 -118.27 76.26
C TYR EA 408 45.77 -119.20 75.88
N VAL EA 409 45.96 -120.51 76.05
CA VAL EA 409 44.88 -121.44 75.76
C VAL EA 409 43.72 -121.26 76.72
N GLY EA 410 43.99 -120.73 77.92
CA GLY EA 410 42.91 -120.44 78.85
C GLY EA 410 42.12 -119.21 78.48
N GLU EA 411 42.73 -118.29 77.73
CA GLU EA 411 42.09 -117.02 77.37
C GLU EA 411 41.52 -117.05 75.94
N GLY EA 412 41.05 -118.21 75.50
CA GLY EA 412 40.43 -118.31 74.19
C GLY EA 412 41.42 -118.37 73.04
N MET EA 413 42.37 -119.29 73.13
CA MET EA 413 43.34 -119.53 72.07
C MET EA 413 43.57 -121.04 71.96
N GLU EA 414 44.64 -121.41 71.28
CA GLU EA 414 45.03 -122.80 71.12
C GLU EA 414 46.52 -122.83 70.82
N GLU EA 415 47.07 -124.04 70.68
CA GLU EA 415 48.48 -124.17 70.34
C GLU EA 415 48.74 -123.89 68.86
N GLY EA 416 47.70 -123.98 68.03
CA GLY EA 416 47.90 -123.76 66.60
C GLY EA 416 48.53 -122.42 66.29
N GLU EA 417 48.03 -121.35 66.92
CA GLU EA 417 48.53 -120.01 66.63
C GLU EA 417 50.02 -119.89 66.92
N PHE EA 418 50.56 -120.73 67.80
CA PHE EA 418 51.99 -120.74 68.01
C PHE EA 418 52.71 -121.34 66.81
N SER EA 419 52.33 -122.56 66.42
CA SER EA 419 52.95 -123.19 65.26
C SER EA 419 52.66 -122.40 63.99
N GLU EA 420 51.41 -121.97 63.79
CA GLU EA 420 51.06 -121.21 62.59
C GLU EA 420 51.94 -119.98 62.46
N ALA EA 421 52.04 -119.18 63.52
CA ALA EA 421 52.91 -118.02 63.48
C ALA EA 421 54.39 -118.42 63.49
N ARG EA 422 54.70 -119.62 63.96
CA ARG EA 422 56.09 -120.08 63.95
C ARG EA 422 56.58 -120.25 62.52
N GLU EA 423 55.76 -120.83 61.65
CA GLU EA 423 56.18 -121.08 60.28
C GLU EA 423 56.35 -119.78 59.51
N ASP EA 424 55.48 -118.80 59.76
CA ASP EA 424 55.63 -117.50 59.10
C ASP EA 424 56.95 -116.84 59.46
N LEU EA 425 57.45 -117.07 60.67
CA LEU EA 425 58.75 -116.56 61.05
C LEU EA 425 59.85 -117.13 60.17
N ALA EA 426 59.87 -118.45 60.02
CA ALA EA 426 60.86 -119.07 59.15
C ALA EA 426 60.63 -118.70 57.70
N ALA EA 427 59.38 -118.73 57.24
CA ALA EA 427 59.07 -118.40 55.86
C ALA EA 427 59.57 -117.01 55.51
N LEU EA 428 59.33 -116.03 56.39
CA LEU EA 428 59.86 -114.69 56.18
C LEU EA 428 61.38 -114.72 56.08
N GLU EA 429 62.03 -115.45 56.98
CA GLU EA 429 63.48 -115.40 57.08
C GLU EA 429 64.16 -115.88 55.81
N LYS EA 430 63.63 -116.95 55.22
CA LYS EA 430 64.23 -117.46 53.99
C LYS EA 430 64.09 -116.44 52.86
N ASP EA 431 62.98 -115.70 52.84
CA ASP EA 431 62.83 -114.63 51.85
C ASP EA 431 63.93 -113.60 51.99
N PHE EA 432 64.43 -113.37 53.21
CA PHE EA 432 65.57 -112.48 53.39
C PHE EA 432 66.85 -113.08 52.85
N GLU EA 433 66.87 -114.39 52.57
CA GLU EA 433 68.02 -115.04 51.96
C GLU EA 433 67.82 -115.31 50.48
N GLU EA 434 66.57 -115.38 50.01
CA GLU EA 434 66.33 -115.56 48.59
C GLU EA 434 66.84 -114.37 47.78
N VAL EA 435 66.89 -113.19 48.40
CA VAL EA 435 67.29 -111.97 47.70
C VAL EA 435 68.79 -111.89 47.44
N GLY EA 436 69.58 -112.78 48.04
CA GLY EA 436 71.02 -112.75 47.86
C GLY EA 436 71.47 -113.06 46.45
N MET FA 1 -26.20 -0.91 95.60
CA MET FA 1 -24.97 -1.43 95.01
C MET FA 1 -23.76 -1.09 95.89
N ARG FA 2 -23.91 -0.06 96.72
CA ARG FA 2 -22.88 0.36 97.66
C ARG FA 2 -23.28 -0.05 99.07
N GLU FA 3 -23.08 -1.33 99.38
CA GLU FA 3 -23.55 -1.89 100.64
C GLU FA 3 -22.40 -2.42 101.48
N VAL FA 4 -22.58 -2.36 102.80
CA VAL FA 4 -21.63 -2.89 103.77
C VAL FA 4 -22.40 -3.71 104.80
N ILE FA 5 -21.66 -4.41 105.66
CA ILE FA 5 -22.22 -5.23 106.72
C ILE FA 5 -21.51 -4.88 108.02
N SER FA 6 -22.28 -4.61 109.06
CA SER FA 6 -21.74 -4.15 110.34
C SER FA 6 -21.88 -5.23 111.39
N ILE FA 7 -20.81 -5.45 112.15
CA ILE FA 7 -20.76 -6.48 113.20
C ILE FA 7 -20.38 -5.82 114.51
N HIS FA 8 -21.12 -6.15 115.57
CA HIS FA 8 -20.85 -5.63 116.90
C HIS FA 8 -20.67 -6.80 117.84
N ILE FA 9 -19.48 -6.92 118.43
CA ILE FA 9 -19.13 -8.06 119.26
C ILE FA 9 -18.83 -7.57 120.67
N GLY FA 10 -19.14 -8.39 121.66
CA GLY FA 10 -18.91 -8.02 123.03
C GLY FA 10 -19.90 -6.97 123.51
N GLN FA 11 -19.66 -6.48 124.73
CA GLN FA 11 -20.53 -5.46 125.28
C GLN FA 11 -20.32 -4.12 124.60
N ALA FA 12 -19.11 -3.59 124.66
CA ALA FA 12 -18.84 -2.30 124.04
C ALA FA 12 -19.14 -2.32 122.54
N GLY FA 13 -19.05 -3.50 121.92
CA GLY FA 13 -19.43 -3.60 120.53
C GLY FA 13 -20.88 -3.22 120.29
N ILE FA 14 -21.77 -3.71 121.14
CA ILE FA 14 -23.16 -3.31 121.03
C ILE FA 14 -23.45 -2.04 121.83
N GLN FA 15 -22.59 -1.69 122.78
CA GLN FA 15 -22.70 -0.38 123.43
C GLN FA 15 -22.51 0.75 122.43
N VAL FA 16 -21.66 0.56 121.42
CA VAL FA 16 -21.60 1.53 120.35
C VAL FA 16 -22.64 1.25 119.27
N GLY FA 17 -23.09 0.00 119.16
CA GLY FA 17 -24.05 -0.35 118.13
C GLY FA 17 -25.35 0.43 118.24
N ASN FA 18 -25.88 0.57 119.46
CA ASN FA 18 -27.12 1.33 119.61
C ASN FA 18 -26.87 2.83 119.39
N ALA FA 19 -25.64 3.29 119.59
CA ALA FA 19 -25.32 4.68 119.32
C ALA FA 19 -25.32 4.96 117.81
N CYS FA 20 -24.54 4.18 117.06
CA CYS FA 20 -24.51 4.35 115.61
C CYS FA 20 -25.90 4.20 115.01
N TRP FA 21 -26.64 3.19 115.44
CA TRP FA 21 -27.96 2.96 114.87
C TRP FA 21 -29.00 3.95 115.37
N GLU FA 22 -28.74 4.64 116.49
CA GLU FA 22 -29.53 5.81 116.81
C GLU FA 22 -29.21 6.97 115.88
N LEU FA 23 -28.02 6.95 115.27
CA LEU FA 23 -27.62 8.03 114.39
C LEU FA 23 -28.18 7.82 112.99
N TYR FA 24 -28.01 6.62 112.43
CA TYR FA 24 -28.41 6.38 111.06
C TYR FA 24 -29.92 6.50 110.88
N CYS FA 25 -30.69 5.79 111.71
CA CYS FA 25 -32.14 5.92 111.65
C CYS FA 25 -32.57 7.38 111.73
N LEU FA 26 -31.85 8.18 112.50
CA LEU FA 26 -32.12 9.61 112.52
C LEU FA 26 -31.61 10.29 111.26
N GLU FA 27 -30.50 9.83 110.71
CA GLU FA 27 -29.89 10.52 109.57
C GLU FA 27 -30.69 10.32 108.29
N HIS FA 28 -31.38 9.19 108.16
CA HIS FA 28 -32.15 8.91 106.94
C HIS FA 28 -33.65 9.00 107.19
N GLY FA 29 -34.06 9.64 108.28
CA GLY FA 29 -35.48 9.77 108.57
C GLY FA 29 -36.18 8.47 108.85
N ILE FA 30 -35.46 7.47 109.34
CA ILE FA 30 -36.03 6.17 109.65
C ILE FA 30 -36.58 6.20 111.06
N GLN FA 31 -37.90 6.05 111.19
CA GLN FA 31 -38.51 5.99 112.50
C GLN FA 31 -38.00 4.77 113.25
N PRO FA 32 -38.05 4.78 114.59
CA PRO FA 32 -37.71 3.58 115.35
C PRO FA 32 -38.59 2.38 115.05
N ASP FA 33 -39.71 2.56 114.35
CA ASP FA 33 -40.55 1.45 113.93
C ASP FA 33 -40.16 0.92 112.55
N GLY FA 34 -38.91 1.09 112.16
CA GLY FA 34 -38.44 0.57 110.89
C GLY FA 34 -38.73 1.40 109.66
N GLN FA 35 -39.99 1.79 109.46
CA GLN FA 35 -40.35 2.49 108.24
C GLN FA 35 -40.31 3.99 108.44
N MET FA 36 -40.16 4.71 107.33
CA MET FA 36 -40.10 6.15 107.26
C MET FA 36 -41.40 6.72 106.70
N PRO FA 37 -41.74 7.98 107.04
CA PRO FA 37 -42.94 8.61 106.49
C PRO FA 37 -42.92 8.71 104.97
N ASP FA 46 -34.33 6.45 97.43
CA ASP FA 46 -33.61 5.17 97.34
C ASP FA 46 -32.11 5.44 97.33
N ASP FA 47 -31.34 4.35 97.46
CA ASP FA 47 -29.88 4.38 97.35
C ASP FA 47 -29.25 5.18 98.48
N ALA FA 48 -30.08 5.76 99.35
CA ALA FA 48 -29.59 6.53 100.48
C ALA FA 48 -29.66 5.77 101.78
N PHE FA 49 -30.60 4.84 101.90
CA PHE FA 49 -30.68 3.95 103.04
C PHE FA 49 -30.19 2.55 102.72
N ASN FA 50 -30.06 2.21 101.44
CA ASN FA 50 -29.71 0.85 101.05
C ASN FA 50 -28.33 0.45 101.54
N THR FA 51 -27.51 1.41 101.97
CA THR FA 51 -26.20 1.07 102.50
C THR FA 51 -26.31 0.38 103.85
N PHE FA 52 -27.37 0.65 104.60
CA PHE FA 52 -27.49 0.16 105.97
C PHE FA 52 -28.80 -0.54 106.25
N PHE FA 53 -29.66 -0.75 105.26
CA PHE FA 53 -31.00 -1.24 105.55
C PHE FA 53 -31.44 -2.18 104.44
N SER FA 54 -32.69 -2.62 104.50
CA SER FA 54 -33.24 -3.56 103.54
C SER FA 54 -34.74 -3.33 103.47
N GLU FA 55 -35.20 -2.78 102.35
CA GLU FA 55 -36.63 -2.57 102.16
C GLU FA 55 -37.34 -3.91 101.99
N THR FA 56 -38.31 -4.18 102.84
CA THR FA 56 -39.16 -5.36 102.68
C THR FA 56 -40.25 -5.06 101.67
N GLY FA 57 -41.25 -5.93 101.60
CA GLY FA 57 -42.32 -5.74 100.65
C GLY FA 57 -43.11 -4.47 100.83
N ALA FA 58 -43.15 -3.92 102.04
CA ALA FA 58 -43.96 -2.73 102.30
C ALA FA 58 -43.29 -1.88 103.36
N GLY FA 59 -42.49 -0.91 102.92
CA GLY FA 59 -42.12 0.21 103.77
C GLY FA 59 -41.06 -0.06 104.81
N LYS FA 60 -40.95 -1.29 105.28
CA LYS FA 60 -40.11 -1.59 106.43
C LYS FA 60 -38.63 -1.65 106.05
N HIS FA 61 -37.82 -0.90 106.78
CA HIS FA 61 -36.37 -0.84 106.58
C HIS FA 61 -35.69 -1.49 107.78
N VAL FA 62 -35.31 -2.75 107.64
CA VAL FA 62 -34.59 -3.47 108.69
C VAL FA 62 -33.10 -3.29 108.46
N PRO FA 63 -32.31 -3.02 109.49
CA PRO FA 63 -30.88 -2.78 109.29
C PRO FA 63 -30.12 -4.06 108.97
N ARG FA 64 -29.06 -3.88 108.20
CA ARG FA 64 -28.15 -4.99 107.87
C ARG FA 64 -26.94 -4.94 108.81
N CYS FA 65 -27.21 -5.26 110.07
CA CYS FA 65 -26.19 -5.39 111.08
C CYS FA 65 -26.41 -6.70 111.81
N ILE FA 66 -25.55 -6.97 112.79
CA ILE FA 66 -25.68 -8.16 113.63
C ILE FA 66 -25.14 -7.84 115.02
N PHE FA 67 -25.98 -8.01 116.03
CA PHE FA 67 -25.60 -7.78 117.42
C PHE FA 67 -25.23 -9.11 118.04
N LEU FA 68 -23.94 -9.34 118.22
CA LEU FA 68 -23.43 -10.60 118.75
C LEU FA 68 -22.93 -10.39 120.17
N ASP FA 69 -23.26 -11.33 121.05
CA ASP FA 69 -22.79 -11.23 122.43
C ASP FA 69 -23.14 -12.52 123.16
N LEU FA 70 -22.62 -12.61 124.39
CA LEU FA 70 -22.86 -13.74 125.28
C LEU FA 70 -23.69 -13.41 126.51
N GLU FA 71 -23.83 -12.14 126.86
CA GLU FA 71 -24.65 -11.78 128.00
C GLU FA 71 -26.07 -11.47 127.54
N PRO FA 72 -27.08 -12.18 128.03
CA PRO FA 72 -28.46 -11.80 127.67
C PRO FA 72 -28.86 -10.44 128.19
N THR FA 73 -28.21 -9.94 129.26
CA THR FA 73 -28.64 -8.73 129.93
C THR FA 73 -28.51 -7.47 129.09
N VAL FA 74 -27.77 -7.52 127.98
CA VAL FA 74 -27.56 -6.33 127.18
C VAL FA 74 -28.40 -6.38 125.90
N VAL FA 75 -28.49 -7.57 125.29
CA VAL FA 75 -29.29 -7.71 124.09
C VAL FA 75 -30.79 -7.74 124.39
N ASP FA 76 -31.17 -8.05 125.64
CA ASP FA 76 -32.58 -8.03 125.97
C ASP FA 76 -33.10 -6.61 126.14
N GLU FA 77 -32.25 -5.70 126.63
CA GLU FA 77 -32.62 -4.29 126.64
C GLU FA 77 -33.05 -3.84 125.25
N VAL FA 78 -32.23 -4.14 124.24
CA VAL FA 78 -32.58 -3.82 122.87
C VAL FA 78 -33.89 -4.49 122.49
N ARG FA 79 -34.10 -5.71 123.00
CA ARG FA 79 -35.37 -6.39 122.75
C ARG FA 79 -36.54 -5.73 123.46
N THR FA 80 -36.26 -4.89 124.47
CA THR FA 80 -37.31 -4.21 125.20
C THR FA 80 -37.37 -2.72 124.92
N GLY FA 81 -36.27 -2.10 124.53
CA GLY FA 81 -36.25 -0.69 124.26
C GLY FA 81 -37.09 -0.31 123.05
N THR FA 82 -37.15 0.98 122.74
CA THR FA 82 -37.91 1.42 121.58
C THR FA 82 -37.32 0.89 120.28
N TYR FA 83 -36.05 0.48 120.28
CA TYR FA 83 -35.41 -0.05 119.09
C TYR FA 83 -35.50 -1.58 119.05
N ARG FA 84 -36.74 -2.07 119.20
CA ARG FA 84 -36.99 -3.50 119.11
C ARG FA 84 -37.78 -3.88 117.87
N GLN FA 85 -38.53 -2.95 117.28
CA GLN FA 85 -39.18 -3.22 116.01
C GLN FA 85 -38.22 -3.15 114.83
N LEU FA 86 -36.98 -2.69 115.06
CA LEU FA 86 -36.02 -2.58 113.96
C LEU FA 86 -35.51 -3.95 113.55
N PHE FA 87 -34.95 -4.69 114.49
CA PHE FA 87 -34.09 -5.82 114.19
C PHE FA 87 -34.88 -7.09 113.97
N HIS FA 88 -34.52 -7.83 112.93
CA HIS FA 88 -34.92 -9.21 112.82
C HIS FA 88 -34.35 -9.95 114.02
N PRO FA 89 -35.18 -10.50 114.91
CA PRO FA 89 -34.67 -11.10 116.15
C PRO FA 89 -33.60 -12.15 115.92
N GLU FA 90 -33.50 -12.69 114.71
CA GLU FA 90 -32.40 -13.59 114.38
C GLU FA 90 -31.06 -12.87 114.42
N GLN FA 91 -31.05 -11.56 114.14
CA GLN FA 91 -29.79 -10.83 114.13
C GLN FA 91 -29.23 -10.65 115.54
N LEU FA 92 -30.11 -10.39 116.51
CA LEU FA 92 -29.68 -10.17 117.89
C LEU FA 92 -29.26 -11.51 118.49
N ILE FA 93 -27.99 -11.86 118.31
CA ILE FA 93 -27.46 -13.15 118.74
C ILE FA 93 -26.99 -13.03 120.17
N SER FA 94 -27.46 -13.92 121.03
CA SER FA 94 -27.10 -13.94 122.44
C SER FA 94 -26.67 -15.33 122.86
N GLY FA 95 -26.05 -15.41 124.02
CA GLY FA 95 -25.62 -16.67 124.58
C GLY FA 95 -26.13 -16.83 126.00
N LYS FA 96 -26.22 -18.10 126.43
CA LYS FA 96 -26.69 -18.37 127.77
C LYS FA 96 -25.68 -17.91 128.83
N GLU FA 97 -24.39 -18.08 128.55
CA GLU FA 97 -23.34 -17.76 129.50
C GLU FA 97 -22.24 -16.96 128.82
N ASP FA 98 -21.56 -16.13 129.60
CA ASP FA 98 -20.56 -15.21 129.08
C ASP FA 98 -19.16 -15.80 129.19
N ALA FA 99 -18.17 -15.03 128.74
CA ALA FA 99 -16.78 -15.47 128.67
C ALA FA 99 -15.98 -15.13 129.91
N ALA FA 100 -16.49 -14.24 130.77
CA ALA FA 100 -15.89 -13.96 132.07
C ALA FA 100 -14.47 -13.41 131.96
N ASN FA 101 -14.25 -12.52 131.00
CA ASN FA 101 -12.97 -11.86 130.79
C ASN FA 101 -11.82 -12.86 130.74
N ASN FA 102 -11.94 -13.79 129.79
CA ASN FA 102 -10.98 -14.88 129.68
C ASN FA 102 -10.88 -15.27 128.21
N PHE FA 103 -9.71 -15.03 127.62
CA PHE FA 103 -9.55 -15.24 126.18
C PHE FA 103 -9.85 -16.68 125.79
N ALA FA 104 -9.51 -17.63 126.64
CA ALA FA 104 -9.77 -19.03 126.30
C ALA FA 104 -11.26 -19.30 126.18
N ARG FA 105 -12.05 -18.81 127.13
CA ARG FA 105 -13.50 -18.99 127.06
C ARG FA 105 -14.07 -18.37 125.79
N GLY FA 106 -13.64 -17.16 125.46
CA GLY FA 106 -14.13 -16.53 124.25
C GLY FA 106 -13.62 -17.15 122.97
N HIS FA 107 -12.63 -18.03 123.07
CA HIS FA 107 -12.01 -18.63 121.88
C HIS FA 107 -12.19 -20.13 121.81
N TYR FA 108 -12.10 -20.84 122.93
CA TYR FA 108 -12.02 -22.30 122.88
C TYR FA 108 -13.25 -23.01 123.41
N THR FA 109 -13.81 -22.59 124.54
CA THR FA 109 -14.90 -23.35 125.15
C THR FA 109 -16.26 -22.92 124.60
N ILE FA 110 -16.59 -21.65 124.72
CA ILE FA 110 -17.94 -21.16 124.46
C ILE FA 110 -18.11 -20.69 123.02
N GLY FA 111 -17.08 -20.05 122.47
CA GLY FA 111 -17.22 -19.41 121.18
C GLY FA 111 -17.53 -20.35 120.03
N LYS FA 112 -16.98 -21.57 120.08
CA LYS FA 112 -17.10 -22.47 118.95
C LYS FA 112 -18.48 -23.08 118.81
N GLU FA 113 -19.45 -22.68 119.65
CA GLU FA 113 -20.80 -23.18 119.56
C GLU FA 113 -21.73 -22.32 118.73
N ILE FA 114 -21.47 -21.01 118.64
CA ILE FA 114 -22.40 -20.09 117.99
C ILE FA 114 -21.85 -19.51 116.70
N VAL FA 115 -20.59 -19.76 116.36
CA VAL FA 115 -20.06 -19.27 115.09
C VAL FA 115 -20.89 -19.81 113.93
N ASP FA 116 -21.28 -21.08 114.01
CA ASP FA 116 -22.16 -21.64 112.98
C ASP FA 116 -23.47 -20.87 112.88
N LEU FA 117 -24.03 -20.48 114.02
CA LEU FA 117 -25.24 -19.68 114.02
C LEU FA 117 -24.97 -18.29 113.45
N ALA FA 118 -23.87 -17.66 113.88
CA ALA FA 118 -23.49 -16.37 113.32
C ALA FA 118 -23.22 -16.47 111.83
N LEU FA 119 -22.36 -17.44 111.44
CA LEU FA 119 -22.01 -17.58 110.03
C LEU FA 119 -23.24 -17.85 109.18
N ASP FA 120 -24.20 -18.58 109.71
CA ASP FA 120 -25.47 -18.74 109.02
C ASP FA 120 -26.11 -17.38 108.76
N ARG FA 121 -26.19 -16.54 109.80
CA ARG FA 121 -26.78 -15.21 109.64
C ARG FA 121 -26.04 -14.41 108.57
N ILE FA 122 -24.72 -14.39 108.63
CA ILE FA 122 -23.93 -13.59 107.70
C ILE FA 122 -24.21 -13.99 106.26
N ARG FA 123 -24.27 -15.29 106.00
CA ARG FA 123 -24.58 -15.75 104.65
C ARG FA 123 -25.96 -15.29 104.22
N LYS FA 124 -26.97 -15.47 105.08
CA LYS FA 124 -28.29 -14.96 104.79
C LYS FA 124 -28.35 -13.44 104.87
N LEU FA 125 -27.29 -12.80 105.35
CA LEU FA 125 -27.23 -11.34 105.37
C LEU FA 125 -26.47 -10.77 104.20
N ALA FA 126 -25.53 -11.53 103.62
CA ALA FA 126 -24.77 -11.08 102.47
C ALA FA 126 -25.42 -11.46 101.15
N ASP FA 127 -26.31 -12.44 101.14
CA ASP FA 127 -26.92 -12.85 99.88
C ASP FA 127 -27.78 -11.75 99.27
N ASN FA 128 -28.45 -10.95 100.11
CA ASN FA 128 -29.30 -9.90 99.57
C ASN FA 128 -28.47 -8.75 99.02
N CYS FA 129 -27.23 -8.59 99.49
CA CYS FA 129 -26.40 -7.50 99.03
C CYS FA 129 -25.96 -7.73 97.59
N THR FA 130 -26.25 -6.76 96.73
CA THR FA 130 -25.82 -6.83 95.33
C THR FA 130 -24.32 -6.59 95.22
N GLY FA 131 -23.88 -5.41 95.65
CA GLY FA 131 -22.46 -5.11 95.72
C GLY FA 131 -22.03 -4.85 97.14
N LEU FA 132 -21.25 -5.76 97.71
CA LEU FA 132 -20.81 -5.63 99.10
C LEU FA 132 -19.45 -4.99 99.15
N GLN FA 133 -19.33 -3.93 99.95
CA GLN FA 133 -18.07 -3.18 100.02
C GLN FA 133 -17.10 -3.81 101.02
N GLY FA 134 -17.59 -4.15 102.20
CA GLY FA 134 -16.72 -4.75 103.20
C GLY FA 134 -17.40 -4.78 104.55
N PHE FA 135 -16.76 -5.52 105.45
CA PHE FA 135 -17.29 -5.73 106.79
C PHE FA 135 -16.84 -4.63 107.74
N LEU FA 136 -17.74 -4.25 108.64
CA LEU FA 136 -17.45 -3.30 109.72
C LEU FA 136 -17.48 -4.10 111.02
N VAL FA 137 -16.33 -4.21 111.67
CA VAL FA 137 -16.20 -5.02 112.88
C VAL FA 137 -15.91 -4.09 114.05
N PHE FA 138 -16.92 -3.86 114.88
CA PHE FA 138 -16.76 -3.07 116.10
C PHE FA 138 -16.42 -4.04 117.22
N ASN FA 139 -15.16 -4.04 117.63
CA ASN FA 139 -14.69 -4.92 118.69
C ASN FA 139 -14.28 -4.11 119.90
N ALA FA 140 -14.13 -4.80 121.03
CA ALA FA 140 -13.68 -4.20 122.28
C ALA FA 140 -12.62 -5.10 122.89
N VAL FA 141 -11.36 -4.85 122.53
CA VAL FA 141 -10.26 -5.65 123.06
C VAL FA 141 -10.13 -5.41 124.55
N GLY FA 142 -9.98 -6.49 125.31
CA GLY FA 142 -9.82 -6.37 126.76
C GLY FA 142 -10.69 -7.32 127.53
N GLY FA 143 -11.71 -7.90 126.88
CA GLY FA 143 -12.57 -8.85 127.53
C GLY FA 143 -12.51 -10.22 126.89
N GLY FA 144 -13.39 -11.12 127.31
CA GLY FA 144 -13.43 -12.45 126.75
C GLY FA 144 -14.20 -12.51 125.45
N THR FA 145 -15.43 -11.99 125.44
CA THR FA 145 -16.22 -12.03 124.22
C THR FA 145 -15.57 -11.22 123.10
N GLY FA 146 -15.23 -9.96 123.38
CA GLY FA 146 -14.71 -9.11 122.33
C GLY FA 146 -13.43 -9.65 121.71
N SER FA 147 -12.46 -10.02 122.56
CA SER FA 147 -11.18 -10.49 122.05
C SER FA 147 -11.25 -11.92 121.56
N GLY FA 148 -11.74 -12.83 122.40
CA GLY FA 148 -11.81 -14.23 122.04
C GLY FA 148 -12.69 -14.46 120.83
N LEU FA 149 -13.97 -14.11 120.93
CA LEU FA 149 -14.84 -14.30 119.78
C LEU FA 149 -14.45 -13.42 118.61
N GLY FA 150 -14.02 -12.18 118.87
CA GLY FA 150 -13.62 -11.33 117.77
C GLY FA 150 -12.61 -12.03 116.90
N SER FA 151 -11.55 -12.55 117.53
CA SER FA 151 -10.51 -13.26 116.81
C SER FA 151 -11.05 -14.49 116.11
N LEU FA 152 -11.80 -15.34 116.85
CA LEU FA 152 -12.32 -16.56 116.27
C LEU FA 152 -13.26 -16.28 115.11
N LEU FA 153 -14.00 -15.16 115.15
CA LEU FA 153 -14.93 -14.86 114.08
C LEU FA 153 -14.20 -14.55 112.79
N LEU FA 154 -13.17 -13.71 112.85
CA LEU FA 154 -12.50 -13.26 111.64
C LEU FA 154 -11.88 -14.42 110.86
N GLU FA 155 -11.26 -15.37 111.57
CA GLU FA 155 -10.67 -16.51 110.90
C GLU FA 155 -11.70 -17.29 110.10
N ARG FA 156 -12.94 -17.33 110.56
CA ARG FA 156 -14.01 -17.93 109.78
C ARG FA 156 -14.47 -17.02 108.64
N LEU FA 157 -14.20 -15.73 108.74
CA LEU FA 157 -14.55 -14.82 107.64
C LEU FA 157 -13.49 -14.84 106.54
N SER FA 158 -12.22 -14.88 106.94
CA SER FA 158 -11.14 -14.87 105.95
C SER FA 158 -11.23 -16.07 105.02
N VAL FA 159 -11.55 -17.24 105.56
CA VAL FA 159 -11.62 -18.44 104.73
C VAL FA 159 -12.86 -18.43 103.85
N ASP FA 160 -13.90 -17.68 104.22
CA ASP FA 160 -15.09 -17.61 103.37
C ASP FA 160 -14.92 -16.57 102.26
N TYR FA 161 -14.66 -15.32 102.65
CA TYR FA 161 -14.59 -14.23 101.69
C TYR FA 161 -13.16 -13.94 101.26
N GLY FA 162 -12.30 -13.56 102.20
CA GLY FA 162 -10.90 -13.36 101.89
C GLY FA 162 -10.65 -12.13 101.05
N LYS FA 163 -11.27 -12.08 99.87
CA LYS FA 163 -11.15 -10.90 99.01
C LYS FA 163 -11.90 -9.70 99.58
N LYS FA 164 -12.89 -9.93 100.43
CA LYS FA 164 -13.65 -8.83 101.01
C LYS FA 164 -12.78 -8.08 102.02
N SER FA 165 -13.18 -6.85 102.30
CA SER FA 165 -12.38 -5.93 103.11
C SER FA 165 -12.98 -5.83 104.51
N LYS FA 166 -12.23 -6.27 105.51
CA LYS FA 166 -12.68 -6.23 106.90
C LYS FA 166 -12.01 -5.05 107.61
N LEU FA 167 -12.82 -4.12 108.10
CA LEU FA 167 -12.32 -3.02 108.91
C LEU FA 167 -12.52 -3.34 110.38
N GLY FA 168 -11.63 -2.79 111.21
CA GLY FA 168 -11.73 -3.02 112.63
C GLY FA 168 -11.58 -1.78 113.46
N PHE FA 169 -12.65 -1.39 114.15
CA PHE FA 169 -12.63 -0.26 115.07
C PHE FA 169 -12.61 -0.85 116.48
N THR FA 170 -11.43 -1.19 116.95
CA THR FA 170 -11.28 -1.96 118.17
C THR FA 170 -10.97 -1.02 119.32
N VAL FA 171 -11.94 -0.83 120.21
CA VAL FA 171 -11.66 -0.17 121.47
C VAL FA 171 -10.56 -0.92 122.19
N TYR FA 172 -9.65 -0.18 122.81
CA TYR FA 172 -8.36 -0.72 123.16
C TYR FA 172 -8.02 -0.39 124.60
N PRO FA 173 -7.37 -1.30 125.32
CA PRO FA 173 -7.08 -1.06 126.75
C PRO FA 173 -6.20 0.17 126.93
N SER FA 174 -6.75 1.16 127.64
CA SER FA 174 -6.02 2.38 127.90
C SER FA 174 -4.81 2.12 128.80
N PRO FA 175 -3.79 2.97 128.71
CA PRO FA 175 -2.63 2.79 129.61
C PRO FA 175 -2.98 2.88 131.08
N GLN FA 176 -3.60 3.98 131.51
CA GLN FA 176 -3.87 4.20 132.93
C GLN FA 176 -5.28 3.76 133.32
N VAL FA 177 -6.30 4.34 132.71
CA VAL FA 177 -7.67 3.99 133.05
C VAL FA 177 -7.98 2.60 132.50
N SER FA 178 -8.26 1.66 133.40
CA SER FA 178 -8.59 0.30 132.99
C SER FA 178 -9.60 -0.29 133.96
N THR FA 179 -10.67 -0.87 133.41
CA THR FA 179 -11.71 -1.50 134.22
C THR FA 179 -11.49 -2.99 134.40
N ALA FA 180 -10.25 -3.45 134.33
CA ALA FA 180 -9.93 -4.86 134.48
C ALA FA 180 -8.48 -4.98 134.93
N VAL FA 181 -8.06 -6.21 135.19
CA VAL FA 181 -6.71 -6.47 135.68
C VAL FA 181 -6.00 -7.44 134.75
N VAL FA 182 -6.76 -8.28 134.06
CA VAL FA 182 -6.19 -9.33 133.22
C VAL FA 182 -6.05 -8.90 131.77
N GLU FA 183 -6.60 -7.74 131.40
CA GLU FA 183 -6.64 -7.33 130.01
C GLU FA 183 -5.28 -7.27 129.31
N PRO FA 184 -4.15 -7.08 130.02
CA PRO FA 184 -2.87 -7.25 129.33
C PRO FA 184 -2.70 -8.60 128.65
N TYR FA 185 -3.41 -9.63 129.12
CA TYR FA 185 -3.28 -10.95 128.52
C TYR FA 185 -4.10 -11.06 127.24
N ASN FA 186 -5.41 -10.91 127.34
CA ASN FA 186 -6.23 -11.07 126.15
C ASN FA 186 -6.08 -9.94 125.15
N SER FA 187 -5.42 -8.84 125.54
CA SER FA 187 -5.08 -7.82 124.55
C SER FA 187 -3.92 -8.26 123.68
N VAL FA 188 -3.05 -9.13 124.20
CA VAL FA 188 -1.98 -9.70 123.38
C VAL FA 188 -2.52 -10.84 122.53
N LEU FA 189 -3.32 -11.72 123.12
CA LEU FA 189 -3.84 -12.86 122.37
C LEU FA 189 -4.74 -12.39 121.24
N SER FA 190 -5.40 -11.24 121.38
CA SER FA 190 -6.23 -10.73 120.31
C SER FA 190 -5.38 -10.36 119.09
N THR FA 191 -4.36 -9.53 119.30
CA THR FA 191 -3.55 -9.04 118.19
C THR FA 191 -2.96 -10.19 117.38
N HIS FA 192 -2.26 -11.10 118.06
CA HIS FA 192 -1.60 -12.20 117.38
C HIS FA 192 -2.57 -13.04 116.54
N SER FA 193 -3.86 -13.01 116.85
CA SER FA 193 -4.83 -13.81 116.13
C SER FA 193 -5.49 -13.07 114.98
N LEU FA 194 -5.82 -11.79 115.16
CA LEU FA 194 -6.47 -11.03 114.10
C LEU FA 194 -5.49 -10.46 113.10
N LEU FA 195 -4.23 -10.29 113.49
CA LEU FA 195 -3.25 -9.57 112.68
C LEU FA 195 -3.22 -10.08 111.25
N GLU FA 196 -3.28 -11.40 111.09
CA GLU FA 196 -3.21 -12.01 109.76
C GLU FA 196 -4.50 -11.87 108.97
N HIS FA 197 -5.59 -11.41 109.59
CA HIS FA 197 -6.91 -11.52 108.98
C HIS FA 197 -7.58 -10.18 108.72
N THR FA 198 -7.56 -9.26 109.67
CA THR FA 198 -8.12 -7.95 109.42
C THR FA 198 -7.25 -7.19 108.41
N ASP FA 199 -7.92 -6.51 107.49
CA ASP FA 199 -7.22 -5.78 106.45
C ASP FA 199 -6.72 -4.44 106.93
N VAL FA 200 -7.42 -3.84 107.89
CA VAL FA 200 -7.00 -2.56 108.47
C VAL FA 200 -7.70 -2.42 109.81
N ALA FA 201 -6.98 -1.90 110.80
CA ALA FA 201 -7.47 -1.84 112.17
C ALA FA 201 -7.28 -0.45 112.73
N VAL FA 202 -8.38 0.18 113.12
CA VAL FA 202 -8.37 1.50 113.73
C VAL FA 202 -8.32 1.31 115.24
N MET FA 203 -7.65 2.22 115.93
CA MET FA 203 -7.53 2.17 117.38
C MET FA 203 -8.20 3.37 118.01
N LEU FA 204 -8.69 3.15 119.24
CA LEU FA 204 -9.18 4.23 120.09
C LEU FA 204 -9.38 3.70 121.50
N ASP FA 205 -8.87 4.41 122.50
CA ASP FA 205 -9.03 4.02 123.89
C ASP FA 205 -9.89 5.05 124.62
N ASN FA 206 -10.72 4.56 125.52
CA ASN FA 206 -11.74 5.41 126.14
C ASN FA 206 -11.12 6.56 126.92
N GLU FA 207 -9.92 6.39 127.45
CA GLU FA 207 -9.30 7.45 128.24
C GLU FA 207 -9.04 8.69 127.40
N ALA FA 208 -8.46 8.51 126.21
CA ALA FA 208 -8.23 9.64 125.34
C ALA FA 208 -9.53 10.34 124.97
N ILE FA 209 -10.63 9.59 124.91
CA ILE FA 209 -11.92 10.21 124.68
C ILE FA 209 -12.46 10.86 125.95
N TYR FA 210 -12.03 10.42 127.13
CA TYR FA 210 -12.37 11.12 128.36
C TYR FA 210 -11.77 12.52 128.37
N ASP FA 211 -10.57 12.65 127.83
CA ASP FA 211 -9.91 13.95 127.79
C ASP FA 211 -10.59 14.89 126.80
N ILE FA 212 -10.80 14.42 125.57
CA ILE FA 212 -11.52 15.21 124.58
C ILE FA 212 -12.86 15.65 125.10
N CYS FA 213 -13.58 14.75 125.78
CA CYS FA 213 -14.87 15.11 126.35
C CYS FA 213 -14.71 16.18 127.42
N ARG FA 214 -13.55 16.27 128.04
CA ARG FA 214 -13.36 17.25 129.10
C ARG FA 214 -13.02 18.62 128.53
N ARG FA 215 -11.98 18.69 127.70
CA ARG FA 215 -11.47 20.00 127.26
C ARG FA 215 -12.39 20.66 126.25
N SER FA 216 -13.09 19.88 125.42
CA SER FA 216 -13.88 20.43 124.33
C SER FA 216 -15.37 20.52 124.67
N LEU FA 217 -15.99 19.39 124.98
CA LEU FA 217 -17.43 19.38 125.18
C LEU FA 217 -17.85 19.95 126.53
N ASP FA 218 -16.90 20.27 127.40
CA ASP FA 218 -17.15 20.81 128.74
C ASP FA 218 -17.89 19.84 129.63
N ILE FA 219 -18.18 18.63 129.17
CA ILE FA 219 -18.83 17.63 129.99
C ILE FA 219 -17.76 16.94 130.82
N GLU FA 220 -18.03 16.80 132.11
CA GLU FA 220 -17.05 16.23 133.03
C GLU FA 220 -17.42 14.85 133.53
N ARG FA 221 -18.60 14.34 133.18
CA ARG FA 221 -19.09 13.08 133.72
C ARG FA 221 -19.77 12.29 132.60
N PRO FA 222 -18.99 11.74 131.67
CA PRO FA 222 -19.58 10.97 130.58
C PRO FA 222 -19.77 9.50 130.94
N THR FA 223 -20.99 8.99 130.79
CA THR FA 223 -21.34 7.65 131.23
C THR FA 223 -21.33 6.64 130.08
N TYR FA 224 -20.20 6.57 129.38
CA TYR FA 224 -19.97 5.60 128.31
C TYR FA 224 -20.88 5.82 127.11
N THR FA 225 -21.82 6.75 127.23
CA THR FA 225 -22.70 7.07 126.12
C THR FA 225 -22.25 8.30 125.36
N ASN FA 226 -21.69 9.29 126.05
CA ASN FA 226 -21.14 10.45 125.37
C ASN FA 226 -19.99 10.05 124.45
N LEU FA 227 -19.19 9.07 124.85
CA LEU FA 227 -18.18 8.54 123.95
C LEU FA 227 -18.83 7.88 122.74
N ASN FA 228 -19.78 6.98 122.99
CA ASN FA 228 -20.44 6.30 121.89
C ASN FA 228 -21.13 7.29 120.95
N ARG FA 229 -21.55 8.44 121.48
CA ARG FA 229 -22.09 9.49 120.63
C ARG FA 229 -21.00 10.13 119.78
N LEU FA 230 -19.73 9.88 120.07
CA LEU FA 230 -18.63 10.39 119.26
C LEU FA 230 -18.25 9.42 118.15
N ILE FA 231 -18.09 8.14 118.50
CA ILE FA 231 -17.73 7.13 117.51
C ILE FA 231 -18.74 7.13 116.36
N ALA FA 232 -20.02 7.30 116.69
CA ALA FA 232 -21.03 7.45 115.66
C ALA FA 232 -20.70 8.60 114.74
N GLN FA 233 -20.21 9.71 115.29
CA GLN FA 233 -19.86 10.85 114.46
C GLN FA 233 -18.66 10.55 113.57
N VAL FA 234 -17.87 9.52 113.91
CA VAL FA 234 -16.75 9.16 113.06
C VAL FA 234 -17.23 8.38 111.84
N ILE FA 235 -17.96 7.29 112.06
CA ILE FA 235 -18.35 6.43 110.94
C ILE FA 235 -19.27 7.18 109.99
N SER FA 236 -20.21 7.97 110.52
CA SER FA 236 -21.08 8.74 109.65
C SER FA 236 -20.27 9.64 108.75
N SER FA 237 -19.13 10.12 109.24
CA SER FA 237 -18.20 10.87 108.39
C SER FA 237 -17.42 9.94 107.48
N LEU FA 238 -17.12 8.74 107.97
CA LEU FA 238 -16.26 7.83 107.22
C LEU FA 238 -17.00 7.11 106.10
N THR FA 239 -18.30 6.92 106.23
CA THR FA 239 -19.11 6.28 105.20
C THR FA 239 -20.08 7.25 104.53
N ALA FA 240 -19.82 8.55 104.63
CA ALA FA 240 -20.67 9.52 103.97
C ALA FA 240 -20.59 9.38 102.46
N SER FA 241 -19.38 9.20 101.93
CA SER FA 241 -19.22 9.03 100.49
C SER FA 241 -19.84 7.74 99.99
N LEU FA 242 -20.21 6.83 100.89
CA LEU FA 242 -20.94 5.63 100.48
C LEU FA 242 -22.40 5.93 100.16
N ARG FA 243 -22.98 6.93 100.82
CA ARG FA 243 -24.40 7.21 100.67
C ARG FA 243 -24.72 8.68 100.48
N PHE FA 244 -23.71 9.54 100.32
CA PHE FA 244 -23.95 10.96 100.10
C PHE FA 244 -23.05 11.44 98.98
N ASP FA 245 -23.57 12.36 98.18
CA ASP FA 245 -22.85 12.86 97.02
C ASP FA 245 -21.73 13.78 97.50
N GLY FA 246 -21.08 14.44 96.56
CA GLY FA 246 -20.00 15.35 96.91
C GLY FA 246 -18.72 15.03 96.19
N ALA FA 247 -17.89 16.05 95.95
CA ALA FA 247 -16.64 15.86 95.24
C ALA FA 247 -15.72 14.90 95.99
N LEU FA 248 -14.88 14.20 95.23
CA LEU FA 248 -13.90 13.27 95.78
C LEU FA 248 -14.57 12.14 96.56
N ASN FA 249 -15.46 11.43 95.88
CA ASN FA 249 -16.05 10.22 96.44
C ASN FA 249 -14.95 9.24 96.82
N VAL FA 250 -15.12 8.58 97.96
CA VAL FA 250 -14.12 7.66 98.49
C VAL FA 250 -14.84 6.47 99.11
N ASP FA 251 -14.44 5.26 98.71
CA ASP FA 251 -15.03 4.04 99.22
C ASP FA 251 -14.02 3.32 100.11
N ILE FA 252 -14.39 2.11 100.54
CA ILE FA 252 -13.58 1.38 101.50
C ILE FA 252 -12.33 0.78 100.84
N THR FA 253 -12.42 0.39 99.57
CA THR FA 253 -11.26 -0.23 98.94
C THR FA 253 -10.16 0.79 98.69
N GLU FA 254 -10.54 2.02 98.32
CA GLU FA 254 -9.61 3.12 98.13
C GLU FA 254 -9.00 3.56 99.46
N PHE FA 255 -9.41 2.91 100.54
CA PHE FA 255 -9.11 3.38 101.88
C PHE FA 255 -7.97 2.64 102.54
N GLN FA 256 -7.84 1.33 102.31
CA GLN FA 256 -6.76 0.57 102.90
C GLN FA 256 -5.53 0.50 102.00
N THR FA 257 -5.72 0.69 100.70
CA THR FA 257 -4.61 0.58 99.76
C THR FA 257 -3.55 1.65 100.02
N ASN FA 258 -3.96 2.91 100.00
CA ASN FA 258 -3.04 4.03 100.12
C ASN FA 258 -2.81 4.43 101.58
N LEU FA 259 -2.95 3.49 102.51
CA LEU FA 259 -2.75 3.78 103.93
C LEU FA 259 -2.04 2.68 104.70
N VAL FA 260 -2.01 1.45 104.22
CA VAL FA 260 -1.33 0.32 104.87
C VAL FA 260 -0.07 -0.02 104.06
N PRO FA 261 1.10 0.50 104.45
CA PRO FA 261 2.28 0.33 103.58
C PRO FA 261 2.81 -1.09 103.54
N TYR FA 262 2.76 -1.81 104.66
CA TYR FA 262 3.32 -3.14 104.77
C TYR FA 262 2.28 -4.08 105.37
N PRO FA 263 2.37 -5.38 105.09
CA PRO FA 263 1.33 -6.31 105.56
C PRO FA 263 1.15 -6.32 107.06
N ARG FA 264 2.17 -5.94 107.83
CA ARG FA 264 2.06 -5.95 109.28
C ARG FA 264 1.43 -4.66 109.80
N ILE FA 265 1.92 -3.52 109.34
CA ILE FA 265 1.49 -2.24 109.87
C ILE FA 265 0.10 -1.90 109.35
N HIS FA 266 -0.92 -2.17 110.16
CA HIS FA 266 -2.28 -1.76 109.82
C HIS FA 266 -3.01 -1.20 111.04
N PHE FA 267 -2.27 -0.60 111.97
CA PHE FA 267 -2.84 0.10 113.10
C PHE FA 267 -2.68 1.60 112.89
N MET FA 268 -3.69 2.36 113.28
CA MET FA 268 -3.72 3.77 112.93
C MET FA 268 -4.54 4.53 113.95
N LEU FA 269 -4.26 5.83 114.02
CA LEU FA 269 -4.89 6.72 114.99
C LEU FA 269 -6.17 7.27 114.39
N SER FA 270 -6.77 8.25 115.07
CA SER FA 270 -8.01 8.84 114.60
C SER FA 270 -8.18 10.19 115.28
N SER FA 271 -9.00 11.04 114.67
CA SER FA 271 -9.26 12.36 115.22
C SER FA 271 -10.57 12.87 114.63
N TYR FA 272 -11.08 13.94 115.22
CA TYR FA 272 -12.29 14.58 114.73
C TYR FA 272 -12.26 16.03 115.12
N ALA FA 273 -12.78 16.87 114.23
CA ALA FA 273 -12.83 18.30 114.46
C ALA FA 273 -13.82 18.93 113.49
N PRO FA 274 -14.57 19.95 113.92
CA PRO FA 274 -14.52 20.48 115.28
C PRO FA 274 -15.39 19.68 116.23
N ILE FA 275 -14.98 19.65 117.49
CA ILE FA 275 -15.75 19.05 118.57
C ILE FA 275 -15.92 20.16 119.60
N ILE FA 276 -17.11 20.74 119.67
CA ILE FA 276 -17.32 22.00 120.35
C ILE FA 276 -18.68 22.00 121.03
N SER FA 277 -18.75 22.62 122.21
CA SER FA 277 -20.00 22.78 122.91
C SER FA 277 -20.98 23.63 122.12
N ALA FA 278 -22.23 23.69 122.59
CA ALA FA 278 -23.27 24.36 121.85
C ALA FA 278 -23.10 25.87 121.81
N GLU FA 279 -22.26 26.43 122.67
CA GLU FA 279 -22.12 27.88 122.77
C GLU FA 279 -20.83 28.40 122.15
N LYS FA 280 -19.71 27.67 122.30
CA LYS FA 280 -18.47 28.16 121.71
C LYS FA 280 -18.53 28.16 120.19
N ALA FA 281 -19.22 27.18 119.60
CA ALA FA 281 -19.49 27.25 118.17
C ALA FA 281 -20.26 28.51 117.84
N TYR FA 282 -21.17 28.92 118.71
CA TYR FA 282 -21.86 30.19 118.57
C TYR FA 282 -20.94 31.38 118.86
N HIS FA 283 -19.65 31.15 119.11
CA HIS FA 283 -18.67 32.22 119.30
C HIS FA 283 -17.37 31.87 118.60
N GLU FA 284 -17.48 31.35 117.38
CA GLU FA 284 -16.33 30.92 116.59
C GLU FA 284 -16.80 30.68 115.15
N GLN FA 285 -15.85 30.73 114.22
CA GLN FA 285 -16.17 30.59 112.80
C GLN FA 285 -15.76 29.26 112.19
N LEU FA 286 -14.76 28.57 112.77
CA LEU FA 286 -14.42 27.21 112.38
C LEU FA 286 -14.11 27.09 110.89
N SER FA 287 -13.21 27.95 110.41
CA SER FA 287 -12.83 27.87 109.02
C SER FA 287 -12.13 26.55 108.75
N VAL FA 288 -12.19 26.11 107.48
CA VAL FA 288 -11.63 24.82 107.09
C VAL FA 288 -10.15 24.72 107.40
N ALA FA 289 -9.45 25.85 107.55
CA ALA FA 289 -8.05 25.79 107.95
C ALA FA 289 -7.89 25.54 109.44
N GLU FA 290 -8.72 26.19 110.27
CA GLU FA 290 -8.66 25.97 111.71
C GLU FA 290 -8.95 24.52 112.06
N ILE FA 291 -9.94 23.92 111.38
CA ILE FA 291 -10.32 22.54 111.67
C ILE FA 291 -9.14 21.60 111.45
N THR FA 292 -8.61 21.58 110.23
CA THR FA 292 -7.54 20.65 109.88
C THR FA 292 -6.24 20.96 110.62
N ASN FA 293 -6.09 22.15 111.19
CA ASN FA 293 -4.97 22.37 112.10
C ASN FA 293 -5.22 21.71 113.43
N ALA FA 294 -6.48 21.58 113.84
CA ALA FA 294 -6.84 20.91 115.07
C ALA FA 294 -6.94 19.40 114.91
N ALA FA 295 -7.10 18.91 113.68
CA ALA FA 295 -7.10 17.47 113.46
C ALA FA 295 -5.71 16.89 113.70
N PHE FA 296 -4.69 17.48 113.08
CA PHE FA 296 -3.32 17.05 113.31
C PHE FA 296 -2.79 17.47 114.66
N GLU FA 297 -3.58 18.20 115.45
CA GLU FA 297 -3.18 18.51 116.80
C GLU FA 297 -3.16 17.24 117.64
N PRO FA 298 -2.06 16.93 118.33
CA PRO FA 298 -2.02 15.67 119.10
C PRO FA 298 -3.10 15.56 120.16
N ALA FA 299 -3.46 16.66 120.81
CA ALA FA 299 -4.47 16.61 121.87
C ALA FA 299 -5.86 16.26 121.34
N SER FA 300 -6.04 16.13 120.04
CA SER FA 300 -7.31 15.73 119.47
C SER FA 300 -7.35 14.25 119.11
N MET FA 301 -6.27 13.51 119.33
CA MET FA 301 -6.23 12.10 118.95
C MET FA 301 -7.13 11.28 119.86
N MET FA 302 -7.85 10.34 119.27
CA MET FA 302 -8.71 9.43 120.02
C MET FA 302 -7.91 8.32 120.70
N VAL FA 303 -6.59 8.32 120.57
CA VAL FA 303 -5.74 7.33 121.21
C VAL FA 303 -4.74 8.05 122.09
N LYS FA 304 -4.28 7.38 123.15
CA LYS FA 304 -3.29 8.00 124.02
C LYS FA 304 -1.90 7.85 123.41
N CYS FA 305 -1.76 8.25 122.16
CA CYS FA 305 -0.49 8.30 121.46
C CYS FA 305 -0.10 9.75 121.21
N ASP FA 306 1.20 10.02 121.31
CA ASP FA 306 1.71 11.33 120.95
C ASP FA 306 2.44 11.21 119.63
N PRO FA 307 1.89 11.72 118.52
CA PRO FA 307 2.57 11.58 117.23
C PRO FA 307 3.89 12.33 117.17
N ARG FA 308 4.19 13.22 118.11
CA ARG FA 308 5.45 13.93 118.09
C ARG FA 308 6.62 13.07 118.53
N HIS FA 309 6.39 11.80 118.84
CA HIS FA 309 7.48 10.86 119.09
C HIS FA 309 7.76 9.98 117.89
N GLY FA 310 6.96 10.11 116.84
CA GLY FA 310 7.14 9.29 115.66
C GLY FA 310 7.05 10.10 114.39
N LYS FA 311 6.74 9.44 113.27
CA LYS FA 311 6.68 10.07 111.97
C LYS FA 311 5.50 9.50 111.21
N TYR FA 312 4.73 10.37 110.56
CA TYR FA 312 3.57 9.92 109.81
C TYR FA 312 4.01 9.16 108.58
N MET FA 313 3.29 8.08 108.27
CA MET FA 313 3.55 7.33 107.06
C MET FA 313 2.47 7.53 106.00
N ALA FA 314 1.26 7.89 106.43
CA ALA FA 314 0.16 8.22 105.53
C ALA FA 314 -0.94 8.87 106.36
N CYS FA 315 -1.72 9.72 105.70
CA CYS FA 315 -2.85 10.36 106.35
C CYS FA 315 -4.05 10.32 105.42
N CYS FA 316 -5.24 10.40 106.02
CA CYS FA 316 -6.47 10.39 105.26
C CYS FA 316 -7.48 11.29 105.97
N LEU FA 317 -8.12 12.17 105.21
CA LEU FA 317 -9.00 13.17 105.78
C LEU FA 317 -10.31 13.21 104.99
N MET FA 318 -11.41 13.02 105.69
CA MET FA 318 -12.74 13.13 105.10
C MET FA 318 -13.37 14.42 105.61
N TYR FA 319 -13.46 15.41 104.74
CA TYR FA 319 -14.13 16.65 105.09
C TYR FA 319 -15.62 16.53 104.78
N ARG FA 320 -16.42 17.33 105.47
CA ARG FA 320 -17.85 17.35 105.23
C ARG FA 320 -18.36 18.77 105.26
N GLY FA 321 -19.48 19.00 104.58
CA GLY FA 321 -20.13 20.28 104.62
C GLY FA 321 -19.60 21.28 103.60
N ASP FA 322 -19.66 22.56 103.93
CA ASP FA 322 -19.28 23.64 103.02
C ASP FA 322 -17.77 23.72 102.96
N VAL FA 323 -17.16 22.88 102.12
CA VAL FA 323 -15.72 22.86 101.95
C VAL FA 323 -15.41 22.90 100.46
N VAL FA 324 -14.44 23.72 100.08
CA VAL FA 324 -14.04 23.92 98.69
C VAL FA 324 -12.72 23.19 98.49
N PRO FA 325 -12.49 22.58 97.31
CA PRO FA 325 -11.27 21.77 97.15
C PRO FA 325 -9.98 22.56 97.26
N LYS FA 326 -9.97 23.85 96.91
CA LYS FA 326 -8.72 24.61 97.04
C LYS FA 326 -8.30 24.73 98.49
N ASP FA 327 -9.24 25.05 99.39
CA ASP FA 327 -8.91 25.24 100.79
C ASP FA 327 -8.39 23.96 101.42
N VAL FA 328 -8.78 22.80 100.89
CA VAL FA 328 -8.16 21.54 101.30
C VAL FA 328 -6.71 21.51 100.82
N ASN FA 329 -6.52 21.64 99.50
CA ASN FA 329 -5.19 21.67 98.94
C ASN FA 329 -4.35 22.82 99.50
N ALA FA 330 -4.98 23.90 99.94
CA ALA FA 330 -4.22 25.01 100.48
C ALA FA 330 -3.73 24.70 101.87
N SER FA 331 -4.63 24.31 102.76
CA SER FA 331 -4.25 24.17 104.16
C SER FA 331 -3.47 22.88 104.41
N VAL FA 332 -3.69 21.84 103.61
CA VAL FA 332 -2.84 20.66 103.73
C VAL FA 332 -1.40 21.01 103.36
N ALA FA 333 -1.23 21.87 102.36
CA ALA FA 333 0.10 22.35 102.01
C ALA FA 333 0.72 23.16 103.13
N THR FA 334 -0.10 23.84 103.93
CA THR FA 334 0.43 24.60 105.05
C THR FA 334 1.11 23.69 106.08
N ILE FA 335 0.52 22.52 106.33
CA ILE FA 335 1.06 21.62 107.34
C ILE FA 335 2.42 21.09 106.90
N LYS FA 336 2.57 20.75 105.61
CA LYS FA 336 3.86 20.34 105.10
C LYS FA 336 4.94 21.36 105.41
N THR FA 337 4.60 22.64 105.45
CA THR FA 337 5.58 23.67 105.75
C THR FA 337 5.97 23.70 107.22
N LYS FA 338 5.11 23.24 108.11
CA LYS FA 338 5.39 23.35 109.53
C LYS FA 338 6.61 22.51 109.91
N ARG FA 339 7.08 22.73 111.14
CA ARG FA 339 8.27 22.07 111.63
C ARG FA 339 7.99 21.02 112.69
N THR FA 340 6.76 20.94 113.18
CA THR FA 340 6.39 19.95 114.19
C THR FA 340 5.77 18.70 113.62
N ILE FA 341 5.38 18.72 112.34
CA ILE FA 341 4.85 17.54 111.68
C ILE FA 341 5.97 16.86 110.93
N GLN FA 342 6.20 15.59 111.23
CA GLN FA 342 7.26 14.81 110.61
C GLN FA 342 6.67 13.76 109.69
N PHE FA 343 7.46 13.33 108.71
CA PHE FA 343 7.05 12.31 107.78
C PHE FA 343 8.23 11.42 107.47
N VAL FA 344 8.02 10.10 107.55
CA VAL FA 344 9.06 9.17 107.17
C VAL FA 344 9.43 9.40 105.71
N ASP FA 345 10.72 9.35 105.41
CA ASP FA 345 11.23 9.93 104.17
C ASP FA 345 10.59 9.29 102.94
N TRP FA 346 10.35 7.99 102.96
CA TRP FA 346 9.95 7.35 101.71
C TRP FA 346 8.51 7.62 101.34
N CYS FA 347 7.79 8.55 101.93
CA CYS FA 347 6.46 8.94 101.47
C CYS FA 347 6.45 10.44 101.20
N PRO FA 348 6.90 10.86 100.02
CA PRO FA 348 6.68 12.25 99.62
C PRO FA 348 5.22 12.57 99.38
N THR FA 349 4.39 11.56 99.15
CA THR FA 349 2.94 11.68 99.15
C THR FA 349 2.45 11.63 100.60
N GLY FA 350 1.18 11.29 100.82
CA GLY FA 350 0.75 11.14 102.19
C GLY FA 350 -0.64 11.64 102.56
N PHE FA 351 -1.44 12.04 101.58
CA PHE FA 351 -2.76 12.57 101.91
C PHE FA 351 -3.78 12.10 100.87
N LYS FA 352 -4.67 11.21 101.29
CA LYS FA 352 -5.88 10.89 100.54
C LYS FA 352 -7.03 11.69 101.17
N CYS FA 353 -7.55 12.66 100.43
CA CYS FA 353 -8.56 13.57 100.96
C CYS FA 353 -9.94 13.22 100.42
N GLY FA 354 -10.96 13.79 101.06
CA GLY FA 354 -12.33 13.53 100.66
C GLY FA 354 -13.25 14.66 101.06
N ILE FA 355 -14.29 14.86 100.26
CA ILE FA 355 -15.27 15.92 100.50
C ILE FA 355 -16.66 15.30 100.43
N ASN FA 356 -17.60 15.89 101.16
CA ASN FA 356 -18.99 15.45 101.14
C ASN FA 356 -19.89 16.65 101.30
N TYR FA 357 -20.85 16.79 100.39
CA TYR FA 357 -21.77 17.91 100.46
C TYR FA 357 -22.78 17.78 101.60
N GLN FA 358 -22.64 16.75 102.44
CA GLN FA 358 -23.58 16.55 103.54
C GLN FA 358 -22.92 16.94 104.85
N PRO FA 359 -23.38 17.98 105.52
CA PRO FA 359 -22.83 18.32 106.83
C PRO FA 359 -23.09 17.21 107.83
N PRO FA 360 -22.32 17.14 108.91
CA PRO FA 360 -22.57 16.10 109.91
C PRO FA 360 -23.90 16.34 110.62
N THR FA 361 -24.62 15.26 110.88
CA THR FA 361 -25.93 15.34 111.51
C THR FA 361 -25.78 15.40 113.02
N VAL FA 362 -26.69 16.13 113.67
CA VAL FA 362 -26.73 16.24 115.12
C VAL FA 362 -27.94 15.46 115.62
N VAL FA 363 -27.87 15.05 116.88
CA VAL FA 363 -28.93 14.23 117.46
C VAL FA 363 -29.73 15.05 118.46
N PRO FA 364 -31.03 14.82 118.57
CA PRO FA 364 -31.80 15.51 119.61
C PRO FA 364 -31.31 15.10 120.99
N GLY FA 365 -31.21 16.08 121.89
CA GLY FA 365 -30.65 15.80 123.19
C GLY FA 365 -29.19 15.43 123.18
N GLY FA 366 -28.48 15.69 122.08
CA GLY FA 366 -27.07 15.39 121.98
C GLY FA 366 -26.23 16.39 122.74
N ASP FA 367 -24.95 16.47 122.35
CA ASP FA 367 -24.01 17.33 123.05
C ASP FA 367 -23.22 18.22 122.10
N LEU FA 368 -22.95 17.73 120.89
CA LEU FA 368 -22.20 18.53 119.92
C LEU FA 368 -23.02 19.73 119.46
N ALA FA 369 -22.39 20.57 118.65
CA ALA FA 369 -23.02 21.78 118.16
C ALA FA 369 -23.23 21.69 116.65
N LYS FA 370 -24.34 22.25 116.18
CA LYS FA 370 -24.62 22.25 114.75
C LYS FA 370 -23.53 23.02 114.02
N VAL FA 371 -22.86 22.34 113.10
CA VAL FA 371 -21.78 22.92 112.32
C VAL FA 371 -22.05 22.64 110.86
N GLN FA 372 -21.30 23.34 110.00
CA GLN FA 372 -21.37 23.13 108.57
C GLN FA 372 -20.05 22.67 107.99
N ARG FA 373 -19.02 22.48 108.82
CA ARG FA 373 -17.75 21.93 108.38
C ARG FA 373 -17.25 20.98 109.46
N ALA FA 374 -16.61 19.89 109.04
CA ALA FA 374 -16.10 18.91 109.98
C ALA FA 374 -15.05 18.07 109.28
N VAL FA 375 -14.09 17.58 110.05
CA VAL FA 375 -12.97 16.81 109.52
C VAL FA 375 -12.78 15.58 110.38
N CYS FA 376 -12.66 14.42 109.73
CA CYS FA 376 -12.32 13.16 110.39
C CYS FA 376 -10.99 12.70 109.84
N MET FA 377 -9.95 12.80 110.66
CA MET FA 377 -8.59 12.49 110.24
C MET FA 377 -8.22 11.09 110.70
N ILE FA 378 -7.55 10.36 109.82
CA ILE FA 378 -7.06 9.02 110.11
C ILE FA 378 -5.64 8.91 109.56
N SER FA 379 -4.68 8.61 110.42
CA SER FA 379 -3.29 8.60 110.03
C SER FA 379 -2.59 7.37 110.58
N ASN FA 380 -1.61 6.89 109.84
CA ASN FA 380 -0.82 5.71 110.21
C ASN FA 380 0.59 6.20 110.53
N SER FA 381 0.85 6.41 111.81
CA SER FA 381 2.14 6.92 112.27
C SER FA 381 3.02 5.79 112.76
N THR FA 382 4.29 6.11 113.01
CA THR FA 382 5.21 5.14 113.58
C THR FA 382 5.39 5.32 115.08
N ALA FA 383 4.71 6.29 115.70
CA ALA FA 383 4.68 6.40 117.14
C ALA FA 383 3.69 5.44 117.78
N ILE FA 384 2.87 4.77 116.97
CA ILE FA 384 1.96 3.76 117.48
C ILE FA 384 2.71 2.59 118.10
N GLY FA 385 4.02 2.50 117.88
CA GLY FA 385 4.78 1.42 118.48
C GLY FA 385 4.90 1.53 119.98
N GLU FA 386 4.83 2.74 120.53
CA GLU FA 386 4.99 2.90 121.97
C GLU FA 386 3.79 2.36 122.73
N ILE FA 387 2.59 2.40 122.14
CA ILE FA 387 1.46 1.72 122.75
C ILE FA 387 1.74 0.24 122.88
N PHE FA 388 2.34 -0.37 121.85
CA PHE FA 388 2.70 -1.78 121.94
C PHE FA 388 3.84 -1.99 122.92
N SER FA 389 4.71 -0.98 123.06
CA SER FA 389 5.78 -1.07 124.04
C SER FA 389 5.24 -1.07 125.47
N ARG FA 390 4.00 -0.63 125.67
CA ARG FA 390 3.40 -0.68 126.99
C ARG FA 390 2.88 -2.07 127.30
N LEU FA 391 2.05 -2.63 126.41
CA LEU FA 391 1.57 -4.00 126.59
C LEU FA 391 2.72 -4.95 126.86
N ASP FA 392 3.69 -4.99 125.95
CA ASP FA 392 4.81 -5.90 126.08
C ASP FA 392 5.57 -5.70 127.38
N HIS FA 393 5.43 -4.53 128.01
CA HIS FA 393 5.98 -4.36 129.35
C HIS FA 393 5.09 -5.04 130.39
N LYS FA 394 3.78 -4.75 130.36
CA LYS FA 394 2.88 -5.29 131.36
C LYS FA 394 2.72 -6.80 131.22
N PHE FA 395 2.66 -7.30 129.99
CA PHE FA 395 2.61 -8.75 129.79
C PHE FA 395 3.86 -9.40 130.36
N ASP FA 396 5.04 -8.89 129.98
CA ASP FA 396 6.28 -9.41 130.53
C ASP FA 396 6.42 -9.13 132.01
N LEU FA 397 5.58 -8.24 132.57
CA LEU FA 397 5.63 -7.98 134.00
C LEU FA 397 4.91 -9.05 134.80
N MET FA 398 3.83 -9.62 134.25
CA MET FA 398 3.03 -10.61 134.95
C MET FA 398 3.34 -12.04 134.53
N TYR FA 399 3.53 -12.29 133.23
CA TYR FA 399 3.82 -13.65 132.79
C TYR FA 399 5.14 -14.17 133.31
N ALA FA 400 6.00 -13.30 133.83
CA ALA FA 400 7.21 -13.76 134.50
C ALA FA 400 6.87 -14.58 135.74
N LYS FA 401 5.71 -14.31 136.36
CA LYS FA 401 5.25 -15.04 137.53
C LYS FA 401 4.17 -16.06 137.20
N ARG FA 402 3.70 -16.11 135.96
CA ARG FA 402 2.62 -17.01 135.55
C ARG FA 402 1.36 -16.77 136.37
N ALA FA 403 1.10 -15.50 136.68
CA ALA FA 403 -0.11 -15.15 137.41
C ALA FA 403 -1.33 -15.30 136.51
N PHE FA 404 -2.44 -15.71 137.13
CA PHE FA 404 -3.73 -15.91 136.47
C PHE FA 404 -3.69 -16.94 135.36
N VAL FA 405 -2.58 -17.67 135.20
CA VAL FA 405 -2.44 -18.56 134.06
C VAL FA 405 -3.37 -19.75 134.19
N HIS FA 406 -3.56 -20.26 135.40
CA HIS FA 406 -4.36 -21.46 135.59
C HIS FA 406 -5.79 -21.28 135.07
N TRP FA 407 -6.26 -20.04 134.93
CA TRP FA 407 -7.54 -19.81 134.28
C TRP FA 407 -7.43 -20.04 132.78
N TYR FA 408 -6.38 -19.48 132.16
CA TYR FA 408 -6.25 -19.57 130.71
C TYR FA 408 -5.94 -20.99 130.27
N VAL FA 409 -5.15 -21.73 131.05
CA VAL FA 409 -4.83 -23.10 130.68
C VAL FA 409 -6.00 -24.03 130.97
N GLY FA 410 -6.87 -23.67 131.91
CA GLY FA 410 -7.95 -24.56 132.30
C GLY FA 410 -9.10 -24.63 131.31
N GLU FA 411 -9.07 -23.84 130.24
CA GLU FA 411 -10.19 -23.75 129.33
C GLU FA 411 -9.81 -24.15 127.90
N GLY FA 412 -8.85 -25.06 127.76
CA GLY FA 412 -8.46 -25.54 126.47
C GLY FA 412 -7.29 -24.82 125.82
N MET FA 413 -6.47 -24.13 126.59
CA MET FA 413 -5.28 -23.48 126.08
C MET FA 413 -4.05 -24.13 126.68
N GLU FA 414 -2.88 -23.71 126.20
CA GLU FA 414 -1.61 -24.18 126.71
C GLU FA 414 -0.64 -23.01 126.74
N GLU FA 415 0.59 -23.28 127.20
CA GLU FA 415 1.55 -22.21 127.43
C GLU FA 415 2.15 -21.69 126.13
N GLY FA 416 2.19 -22.50 125.09
CA GLY FA 416 2.76 -22.05 123.83
C GLY FA 416 2.09 -20.80 123.31
N GLU FA 417 0.77 -20.71 123.47
CA GLU FA 417 0.02 -19.57 122.95
C GLU FA 417 0.43 -18.25 123.60
N PHE FA 418 1.23 -18.28 124.67
CA PHE FA 418 1.70 -17.04 125.28
C PHE FA 418 2.97 -16.55 124.60
N SER FA 419 4.01 -17.39 124.57
CA SER FA 419 5.26 -16.98 123.94
C SER FA 419 5.06 -16.67 122.46
N GLU FA 420 4.33 -17.55 121.75
CA GLU FA 420 4.01 -17.29 120.34
C GLU FA 420 3.37 -15.93 120.18
N ALA FA 421 2.35 -15.62 120.99
CA ALA FA 421 1.74 -14.30 120.94
C ALA FA 421 2.68 -13.23 121.43
N ARG FA 422 3.65 -13.59 122.28
CA ARG FA 422 4.60 -12.59 122.77
C ARG FA 422 5.65 -12.29 121.71
N GLU FA 423 6.22 -13.32 121.09
CA GLU FA 423 7.26 -13.11 120.09
C GLU FA 423 6.73 -12.37 118.88
N ASP FA 424 5.44 -12.52 118.57
CA ASP FA 424 4.86 -11.74 117.48
C ASP FA 424 4.96 -10.25 117.77
N LEU FA 425 4.70 -9.85 119.02
CA LEU FA 425 4.75 -8.43 119.36
C LEU FA 425 6.17 -7.92 119.40
N ALA FA 426 7.10 -8.72 119.94
CA ALA FA 426 8.51 -8.35 119.89
C ALA FA 426 8.95 -8.10 118.45
N ALA FA 427 8.47 -8.91 117.51
CA ALA FA 427 8.72 -8.63 116.10
C ALA FA 427 7.92 -7.42 115.64
N LEU FA 428 6.73 -7.23 116.18
CA LEU FA 428 5.86 -6.14 115.71
C LEU FA 428 6.44 -4.78 116.05
N GLU FA 429 6.95 -4.61 117.27
CA GLU FA 429 7.51 -3.31 117.63
C GLU FA 429 8.85 -3.08 116.97
N LYS FA 430 9.60 -4.15 116.67
CA LYS FA 430 10.78 -3.99 115.85
C LYS FA 430 10.41 -3.59 114.43
N ASP FA 431 9.30 -4.12 113.92
CA ASP FA 431 8.81 -3.69 112.61
C ASP FA 431 8.52 -2.20 112.61
N PHE FA 432 7.84 -1.71 113.64
CA PHE FA 432 7.57 -0.28 113.73
C PHE FA 432 8.83 0.55 113.94
N GLU FA 433 9.98 -0.09 114.15
CA GLU FA 433 11.26 0.60 114.26
C GLU FA 433 12.06 0.53 112.97
N GLU FA 434 12.02 -0.59 112.26
CA GLU FA 434 12.78 -0.73 111.03
C GLU FA 434 12.22 0.17 109.94
N VAL FA 435 10.93 0.03 109.65
CA VAL FA 435 10.33 0.75 108.54
C VAL FA 435 10.42 2.26 108.73
N GLY FA 436 10.67 2.71 109.96
CA GLY FA 436 10.84 4.13 110.18
C GLY FA 436 12.26 4.61 109.96
N ALA FA 437 13.25 3.77 110.26
CA ALA FA 437 14.64 4.15 110.09
C ALA FA 437 14.92 4.45 108.63
N GLU FA 438 15.92 5.31 108.40
CA GLU FA 438 16.25 5.75 107.06
C GLU FA 438 17.75 5.69 106.83
N SER FA 439 18.13 5.42 105.58
CA SER FA 439 19.53 5.30 105.19
C SER FA 439 20.29 6.59 105.41
N MET GA 1 -6.83 -33.29 12.73
CA MET GA 1 -6.74 -34.59 13.37
C MET GA 1 -7.63 -35.59 12.68
N PHE GA 2 -7.10 -36.78 12.41
CA PHE GA 2 -7.70 -37.82 11.58
C PHE GA 2 -7.78 -37.38 10.13
N LYS GA 3 -7.36 -36.16 9.82
CA LYS GA 3 -7.12 -35.77 8.46
C LYS GA 3 -5.94 -36.58 7.91
N ASN GA 4 -5.87 -36.66 6.57
CA ASN GA 4 -4.79 -37.34 5.86
C ASN GA 4 -4.47 -38.71 6.46
N ALA GA 5 -5.47 -39.33 7.07
CA ALA GA 5 -5.41 -40.72 7.49
C ALA GA 5 -6.17 -41.56 6.49
N PHE GA 6 -6.39 -42.83 6.83
CA PHE GA 6 -7.04 -43.76 5.91
C PHE GA 6 -8.28 -44.33 6.61
N GLN GA 7 -9.45 -43.98 6.09
CA GLN GA 7 -10.73 -44.51 6.57
C GLN GA 7 -11.44 -45.13 5.38
N SER GA 8 -11.51 -46.44 5.34
CA SER GA 8 -12.18 -47.06 4.20
C SER GA 8 -13.31 -47.99 4.61
N GLY GA 9 -13.12 -48.82 5.62
CA GLY GA 9 -14.17 -49.75 6.01
C GLY GA 9 -14.67 -49.54 7.42
N PHE GA 10 -13.76 -49.15 8.31
CA PHE GA 10 -14.12 -48.91 9.70
C PHE GA 10 -13.16 -47.87 10.27
N LEU GA 11 -13.57 -47.30 11.39
CA LEU GA 11 -12.70 -46.37 12.10
C LEU GA 11 -13.14 -46.38 13.56
N SER GA 12 -12.35 -47.01 14.42
CA SER GA 12 -12.68 -47.16 15.83
C SER GA 12 -12.04 -46.00 16.59
N VAL GA 13 -12.87 -45.23 17.29
CA VAL GA 13 -12.38 -44.05 18.00
C VAL GA 13 -12.17 -44.40 19.46
N LEU GA 14 -12.97 -45.32 19.98
CA LEU GA 14 -12.88 -45.70 21.38
C LEU GA 14 -13.05 -47.20 21.52
N TYR GA 15 -12.22 -47.81 22.36
CA TYR GA 15 -12.29 -49.24 22.63
C TYR GA 15 -11.91 -49.46 24.09
N SER GA 16 -12.79 -50.13 24.82
CA SER GA 16 -12.53 -50.35 26.24
C SER GA 16 -11.28 -51.19 26.46
N ILE GA 17 -10.96 -52.07 25.52
CA ILE GA 17 -9.81 -52.97 25.63
C ILE GA 17 -8.60 -52.25 25.05
N GLY GA 18 -7.63 -51.96 25.90
CA GLY GA 18 -6.41 -51.29 25.47
C GLY GA 18 -5.64 -50.75 26.64
N SER GA 19 -4.38 -50.41 26.37
CA SER GA 19 -3.52 -49.87 27.41
C SER GA 19 -4.01 -48.53 27.92
N LYS GA 20 -4.62 -47.71 27.07
CA LYS GA 20 -5.17 -46.42 27.46
C LYS GA 20 -6.24 -46.00 26.45
N PRO GA 21 -7.51 -46.28 26.73
CA PRO GA 21 -8.56 -46.00 25.73
C PRO GA 21 -8.84 -44.53 25.52
N LEU GA 22 -8.78 -43.73 26.59
CA LEU GA 22 -9.01 -42.29 26.47
C LEU GA 22 -7.71 -41.57 26.09
N GLU GA 23 -7.11 -42.03 25.00
CA GLU GA 23 -5.96 -41.33 24.44
C GLU GA 23 -6.35 -39.93 23.97
N ILE GA 24 -7.35 -39.85 23.10
CA ILE GA 24 -7.73 -38.59 22.49
C ILE GA 24 -8.88 -37.91 23.20
N TRP GA 25 -9.62 -38.62 24.05
CA TRP GA 25 -10.80 -38.07 24.68
C TRP GA 25 -10.43 -37.20 25.87
N ASP GA 26 -11.14 -36.09 26.02
CA ASP GA 26 -11.11 -35.30 27.24
C ASP GA 26 -12.26 -35.74 28.12
N LYS GA 27 -12.01 -35.82 29.42
CA LYS GA 27 -13.01 -36.27 30.37
C LYS GA 27 -13.24 -35.20 31.43
N GLN GA 28 -14.51 -34.88 31.66
CA GLN GA 28 -14.89 -33.89 32.66
C GLN GA 28 -15.98 -34.48 33.55
N VAL GA 29 -15.68 -34.58 34.83
CA VAL GA 29 -16.61 -35.12 35.82
C VAL GA 29 -16.80 -34.08 36.92
N SER GA 30 -18.05 -33.92 37.35
CA SER GA 30 -18.39 -32.99 38.42
C SER GA 30 -18.97 -33.69 39.64
N ASN GA 31 -19.97 -34.54 39.43
CA ASN GA 31 -20.53 -35.34 40.52
C ASN GA 31 -20.66 -36.78 40.08
N GLY GA 32 -19.62 -37.30 39.42
CA GLY GA 32 -19.67 -38.64 38.88
C GLY GA 32 -18.34 -39.36 38.93
N HIS GA 33 -18.17 -40.34 38.04
CA HIS GA 33 -16.99 -41.18 38.08
C HIS GA 33 -16.88 -41.96 36.78
N ILE GA 34 -15.64 -42.15 36.33
CA ILE GA 34 -15.32 -42.96 35.16
C ILE GA 34 -14.35 -44.04 35.58
N LYS GA 35 -14.56 -45.25 35.06
CA LYS GA 35 -13.70 -46.38 35.38
C LYS GA 35 -13.87 -47.44 34.30
N ARG GA 36 -13.09 -48.50 34.40
CA ARG GA 36 -13.19 -49.66 33.51
C ARG GA 36 -13.44 -50.89 34.36
N ILE GA 37 -14.59 -51.52 34.15
CA ILE GA 37 -14.96 -52.70 34.92
C ILE GA 37 -15.28 -53.83 33.96
N THR GA 38 -15.28 -55.05 34.48
CA THR GA 38 -15.63 -56.21 33.68
C THR GA 38 -17.14 -56.41 33.73
N ASP GA 39 -17.80 -56.26 32.58
CA ASP GA 39 -19.23 -56.50 32.50
C ASP GA 39 -19.52 -57.98 32.70
N ALA GA 40 -20.77 -58.27 33.06
CA ALA GA 40 -21.22 -59.64 33.29
C ALA GA 40 -21.82 -60.29 32.05
N ASP GA 41 -22.72 -59.59 31.35
CA ASP GA 41 -23.32 -60.14 30.15
C ASP GA 41 -22.26 -60.39 29.09
N ILE GA 42 -21.64 -59.33 28.59
CA ILE GA 42 -20.49 -59.44 27.69
C ILE GA 42 -19.25 -59.52 28.58
N GLN GA 43 -18.78 -60.74 28.83
CA GLN GA 43 -17.76 -60.96 29.85
C GLN GA 43 -16.42 -60.40 29.41
N SER GA 44 -16.32 -59.09 29.38
CA SER GA 44 -15.09 -58.39 29.05
C SER GA 44 -15.12 -57.03 29.74
N SER GA 45 -14.13 -56.20 29.45
CA SER GA 45 -14.07 -54.88 30.05
C SER GA 45 -14.96 -53.91 29.30
N VAL GA 46 -15.65 -53.05 30.05
CA VAL GA 46 -16.41 -51.95 29.50
C VAL GA 46 -16.05 -50.71 30.30
N LEU GA 47 -15.87 -49.60 29.60
CA LEU GA 47 -15.57 -48.32 30.24
C LEU GA 47 -16.89 -47.68 30.62
N GLU GA 48 -17.14 -47.56 31.91
CA GLU GA 48 -18.39 -46.98 32.39
C GLU GA 48 -18.17 -45.58 32.91
N ILE GA 49 -19.14 -44.71 32.62
CA ILE GA 49 -19.20 -43.36 33.16
C ILE GA 49 -20.59 -43.16 33.73
N MET GA 50 -20.64 -42.63 34.95
CA MET GA 50 -21.90 -42.41 35.62
C MET GA 50 -21.78 -41.16 36.47
N GLY GA 51 -22.89 -40.78 37.07
CA GLY GA 51 -22.93 -39.62 37.94
C GLY GA 51 -24.24 -38.88 37.75
N GLN GA 52 -24.58 -38.04 38.74
CA GLN GA 52 -25.74 -37.20 38.62
C GLN GA 52 -25.49 -36.09 37.62
N ASN GA 53 -26.56 -35.36 37.29
CA ASN GA 53 -26.47 -34.17 36.46
C ASN GA 53 -25.84 -34.48 35.11
N VAL GA 54 -26.59 -35.23 34.31
CA VAL GA 54 -26.15 -35.75 33.01
C VAL GA 54 -25.43 -34.70 32.19
N SER GA 55 -25.97 -33.48 32.16
CA SER GA 55 -25.41 -32.44 31.30
C SER GA 55 -24.01 -32.01 31.70
N THR GA 56 -23.48 -32.48 32.84
CA THR GA 56 -22.16 -32.08 33.30
C THR GA 56 -21.10 -33.18 33.22
N THR GA 57 -21.49 -34.45 33.29
CA THR GA 57 -20.52 -35.55 33.23
C THR GA 57 -20.51 -36.10 31.80
N TYR GA 58 -19.41 -35.89 31.09
CA TYR GA 58 -19.32 -36.30 29.70
C TYR GA 58 -17.85 -36.46 29.30
N ILE GA 59 -17.65 -36.85 28.04
CA ILE GA 59 -16.32 -36.96 27.45
C ILE GA 59 -16.39 -36.48 26.01
N THR GA 60 -15.49 -35.57 25.64
CA THR GA 60 -15.43 -35.03 24.29
C THR GA 60 -14.37 -35.76 23.49
N CYS GA 61 -14.64 -35.95 22.21
CA CYS GA 61 -13.75 -36.80 21.43
C CYS GA 61 -12.41 -36.11 21.13
N PRO GA 62 -12.39 -34.91 20.55
CA PRO GA 62 -11.11 -34.21 20.42
C PRO GA 62 -10.61 -33.74 21.78
N ALA GA 63 -9.31 -33.91 22.01
CA ALA GA 63 -8.75 -33.65 23.33
C ALA GA 63 -9.04 -32.25 23.82
N ASP GA 64 -9.15 -31.28 22.93
CA ASP GA 64 -9.34 -29.89 23.32
C ASP GA 64 -10.16 -29.20 22.25
N PRO GA 65 -10.83 -28.10 22.59
CA PRO GA 65 -11.50 -27.30 21.56
C PRO GA 65 -10.48 -26.71 20.59
N ASN GA 66 -11.01 -26.11 19.52
CA ASN GA 66 -10.23 -25.58 18.42
C ASN GA 66 -9.48 -26.67 17.67
N LYS GA 67 -9.84 -27.93 17.90
CA LYS GA 67 -9.24 -29.05 17.18
C LYS GA 67 -10.35 -29.98 16.75
N THR GA 68 -10.47 -30.21 15.45
CA THR GA 68 -11.60 -30.97 14.92
C THR GA 68 -11.21 -32.42 14.66
N LEU GA 69 -12.21 -33.28 14.68
CA LEU GA 69 -12.03 -34.71 14.39
C LEU GA 69 -12.47 -34.96 12.95
N GLY GA 70 -11.60 -34.62 12.00
CA GLY GA 70 -11.97 -34.79 10.61
C GLY GA 70 -12.20 -36.24 10.22
N ILE GA 71 -13.46 -36.63 10.07
CA ILE GA 71 -13.82 -38.01 9.73
C ILE GA 71 -15.00 -37.96 8.76
N LYS GA 72 -14.88 -38.65 7.63
CA LYS GA 72 -15.86 -38.55 6.56
C LYS GA 72 -16.70 -39.82 6.40
N LEU GA 73 -16.73 -40.67 7.41
CA LEU GA 73 -17.50 -41.89 7.21
C LEU GA 73 -18.95 -41.66 7.61
N PRO GA 74 -19.92 -42.00 6.75
CA PRO GA 74 -21.33 -41.70 7.05
C PRO GA 74 -21.85 -42.33 8.34
N PHE GA 75 -21.80 -43.65 8.44
CA PHE GA 75 -22.46 -44.34 9.54
C PHE GA 75 -21.62 -44.28 10.80
N LEU GA 76 -22.29 -44.07 11.92
CA LEU GA 76 -21.65 -44.05 13.23
C LEU GA 76 -22.37 -45.00 14.16
N VAL GA 77 -21.64 -45.89 14.81
CA VAL GA 77 -22.23 -46.97 15.60
C VAL GA 77 -21.61 -46.98 16.99
N LEU GA 78 -22.47 -47.04 18.00
CA LEU GA 78 -22.03 -47.17 19.38
C LEU GA 78 -22.56 -48.49 19.96
N ILE GA 79 -21.82 -49.05 20.90
CA ILE GA 79 -22.22 -50.25 21.61
C ILE GA 79 -22.36 -49.89 23.08
N ILE GA 80 -23.59 -49.82 23.57
CA ILE GA 80 -23.86 -49.29 24.89
C ILE GA 80 -24.78 -50.23 25.65
N LYS GA 81 -24.62 -50.27 26.96
CA LYS GA 81 -25.55 -50.93 27.84
C LYS GA 81 -26.58 -49.91 28.34
N ASN GA 82 -27.81 -50.36 28.49
CA ASN GA 82 -28.92 -49.50 28.90
C ASN GA 82 -29.14 -49.70 30.39
N LEU GA 83 -28.71 -48.72 31.20
CA LEU GA 83 -28.83 -48.79 32.65
C LEU GA 83 -30.16 -48.26 33.16
N ASN GA 84 -31.11 -47.99 32.28
CA ASN GA 84 -32.42 -47.44 32.65
C ASN GA 84 -32.26 -46.13 33.42
N LYS GA 85 -31.43 -45.24 32.88
CA LYS GA 85 -31.21 -43.94 33.46
C LYS GA 85 -31.18 -42.90 32.35
N TYR GA 86 -30.92 -41.65 32.71
CA TYR GA 86 -30.85 -40.56 31.74
C TYR GA 86 -29.52 -40.67 30.98
N PHE GA 87 -29.60 -40.93 29.68
CA PHE GA 87 -28.43 -41.03 28.84
C PHE GA 87 -28.62 -40.22 27.57
N SER GA 88 -27.58 -39.49 27.18
CA SER GA 88 -27.66 -38.64 26.00
C SER GA 88 -26.28 -38.55 25.36
N PHE GA 89 -26.26 -38.29 24.06
CA PHE GA 89 -24.99 -38.07 23.38
C PHE GA 89 -25.20 -37.16 22.19
N GLU GA 90 -24.14 -36.45 21.83
CA GLU GA 90 -24.19 -35.40 20.82
C GLU GA 90 -23.07 -35.58 19.82
N VAL GA 91 -23.35 -35.25 18.56
CA VAL GA 91 -22.38 -35.34 17.49
C VAL GA 91 -22.51 -34.10 16.62
N GLN GA 92 -21.41 -33.39 16.44
CA GLN GA 92 -21.37 -32.19 15.61
C GLN GA 92 -20.95 -32.56 14.19
N VAL GA 93 -21.55 -31.88 13.22
CA VAL GA 93 -21.42 -32.24 11.82
C VAL GA 93 -21.14 -30.98 11.02
N LEU GA 94 -20.30 -31.10 10.00
CA LEU GA 94 -20.05 -30.02 9.06
C LEU GA 94 -20.85 -30.30 7.79
N ASP GA 95 -21.68 -29.35 7.36
CA ASP GA 95 -22.46 -29.57 6.17
C ASP GA 95 -21.62 -29.24 4.93
N ASP GA 96 -22.23 -29.38 3.75
CA ASP GA 96 -21.54 -29.00 2.52
C ASP GA 96 -21.27 -27.51 2.49
N LYS GA 97 -22.22 -26.71 2.95
CA LYS GA 97 -22.00 -25.31 3.29
C LYS GA 97 -21.26 -25.25 4.63
N ASN GA 98 -20.41 -24.24 4.77
CA ASN GA 98 -19.58 -24.12 5.97
C ASN GA 98 -20.43 -23.69 7.15
N VAL GA 99 -21.22 -24.65 7.65
CA VAL GA 99 -22.06 -24.46 8.83
C VAL GA 99 -22.00 -25.73 9.66
N ARG GA 100 -21.72 -25.58 10.95
CA ARG GA 100 -21.53 -26.71 11.86
C ARG GA 100 -22.85 -27.01 12.56
N ARG GA 101 -23.60 -27.96 12.01
CA ARG GA 101 -24.79 -28.43 12.70
C ARG GA 101 -24.39 -29.33 13.86
N ARG GA 102 -25.37 -29.69 14.68
CA ARG GA 102 -25.10 -30.71 15.69
C ARG GA 102 -26.41 -31.39 16.06
N PHE GA 103 -26.38 -32.72 16.10
CA PHE GA 103 -27.55 -33.50 16.46
C PHE GA 103 -27.26 -34.17 17.80
N ARG GA 104 -28.29 -34.25 18.64
CA ARG GA 104 -28.13 -35.00 19.87
C ARG GA 104 -29.33 -35.88 20.09
N ALA GA 105 -29.09 -36.99 20.79
CA ALA GA 105 -30.13 -37.98 21.06
C ALA GA 105 -30.17 -38.21 22.55
N SER GA 106 -31.37 -38.10 23.13
CA SER GA 106 -31.56 -38.22 24.56
C SER GA 106 -32.63 -39.26 24.84
N ASN GA 107 -32.48 -39.98 25.96
CA ASN GA 107 -33.50 -40.94 26.34
C ASN GA 107 -34.53 -40.36 27.29
N TYR GA 108 -34.31 -39.14 27.77
CA TYR GA 108 -35.27 -38.43 28.61
C TYR GA 108 -36.05 -37.37 27.83
N GLN GA 109 -36.08 -37.48 26.51
CA GLN GA 109 -36.79 -36.54 25.65
C GLN GA 109 -37.85 -37.29 24.84
N SER GA 110 -38.89 -36.57 24.44
CA SER GA 110 -40.02 -37.17 23.77
C SER GA 110 -40.43 -36.51 22.46
N THR GA 111 -39.81 -35.40 22.09
CA THR GA 111 -40.15 -34.73 20.85
C THR GA 111 -38.90 -34.23 20.14
N THR GA 112 -38.93 -34.30 18.82
CA THR GA 112 -37.84 -33.79 17.99
C THR GA 112 -38.20 -32.39 17.50
N ARG GA 113 -37.22 -31.49 17.55
CA ARG GA 113 -37.44 -30.09 17.20
C ARG GA 113 -36.22 -29.58 16.46
N VAL GA 114 -36.34 -29.42 15.14
CA VAL GA 114 -35.24 -28.93 14.35
C VAL GA 114 -35.03 -27.44 14.63
N LYS GA 115 -33.76 -27.04 14.74
CA LYS GA 115 -33.37 -25.69 15.05
C LYS GA 115 -32.21 -25.30 14.13
N PRO GA 116 -31.83 -24.03 14.03
CA PRO GA 116 -30.79 -23.65 13.07
C PRO GA 116 -29.46 -24.37 13.28
N PHE GA 117 -29.03 -24.52 14.52
CA PHE GA 117 -27.75 -25.18 14.81
C PHE GA 117 -27.90 -26.48 15.56
N ILE GA 118 -29.09 -26.84 16.04
CA ILE GA 118 -29.24 -28.02 16.88
C ILE GA 118 -30.40 -28.86 16.37
N CYS GA 119 -30.34 -30.16 16.60
CA CYS GA 119 -31.49 -31.02 16.37
C CYS GA 119 -31.53 -32.04 17.51
N THR GA 120 -32.42 -31.82 18.50
CA THR GA 120 -32.62 -32.79 19.58
C THR GA 120 -33.64 -33.82 19.14
N MET GA 121 -33.39 -35.06 19.51
CA MET GA 121 -34.27 -36.13 19.10
C MET GA 121 -34.28 -37.20 20.17
N PRO GA 122 -35.42 -37.87 20.38
CA PRO GA 122 -35.49 -38.93 21.38
C PRO GA 122 -34.78 -40.18 20.88
N MET GA 123 -34.40 -41.00 21.84
CA MET GA 123 -33.84 -42.32 21.54
C MET GA 123 -34.57 -43.38 22.34
N ARG GA 124 -35.01 -44.42 21.64
CA ARG GA 124 -35.78 -45.50 22.25
C ARG GA 124 -34.81 -46.67 22.42
N LEU GA 125 -34.10 -46.63 23.54
CA LEU GA 125 -33.12 -47.67 23.86
C LEU GA 125 -33.82 -48.96 24.23
N ASP GA 126 -33.15 -50.08 23.94
CA ASP GA 126 -33.65 -51.38 24.32
C ASP GA 126 -33.20 -51.70 25.75
N SER GA 127 -33.36 -52.95 26.16
CA SER GA 127 -32.95 -53.38 27.50
C SER GA 127 -31.59 -54.03 27.43
N GLY GA 128 -30.70 -53.63 28.32
CA GLY GA 128 -29.38 -54.25 28.41
C GLY GA 128 -28.47 -53.76 27.32
N TRP GA 129 -27.75 -54.69 26.69
CA TRP GA 129 -26.79 -54.34 25.67
C TRP GA 129 -27.46 -54.14 24.33
N ASN GA 130 -27.00 -53.13 23.58
CA ASN GA 130 -27.50 -52.91 22.23
C ASN GA 130 -26.53 -52.00 21.50
N GLN GA 131 -26.43 -52.21 20.20
CA GLN GA 131 -25.69 -51.33 19.32
C GLN GA 131 -26.66 -50.41 18.59
N ILE GA 132 -26.32 -49.13 18.53
CA ILE GA 132 -27.13 -48.12 17.87
C ILE GA 132 -26.33 -47.56 16.70
N GLN GA 133 -26.97 -47.48 15.55
CA GLN GA 133 -26.33 -47.00 14.32
C GLN GA 133 -27.03 -45.73 13.86
N PHE GA 134 -26.25 -44.71 13.54
CA PHE GA 134 -26.75 -43.45 13.01
C PHE GA 134 -26.33 -43.35 11.56
N ASN GA 135 -27.29 -43.02 10.69
CA ASN GA 135 -26.95 -42.78 9.30
C ASN GA 135 -26.07 -41.54 9.17
N LEU GA 136 -26.46 -40.46 9.84
CA LEU GA 136 -25.61 -39.27 10.02
C LEU GA 136 -25.41 -38.55 8.69
N SER GA 137 -25.91 -39.14 7.61
CA SER GA 137 -25.97 -38.48 6.32
C SER GA 137 -27.40 -38.39 5.79
N ASP GA 138 -28.25 -39.35 6.14
CA ASP GA 138 -29.69 -39.16 5.96
C ASP GA 138 -30.21 -38.11 6.92
N PHE GA 139 -29.62 -38.02 8.11
CA PHE GA 139 -30.11 -37.08 9.12
C PHE GA 139 -29.94 -35.64 8.67
N THR GA 140 -28.75 -35.30 8.15
CA THR GA 140 -28.53 -33.94 7.68
C THR GA 140 -29.45 -33.61 6.52
N ARG GA 141 -29.64 -34.56 5.61
CA ARG GA 141 -30.53 -34.34 4.47
C ARG GA 141 -31.97 -34.20 4.92
N ARG GA 142 -32.39 -34.99 5.90
CA ARG GA 142 -33.77 -34.92 6.36
C ARG GA 142 -34.03 -33.69 7.20
N ALA GA 143 -33.04 -33.19 7.92
CA ALA GA 143 -33.24 -32.04 8.78
C ALA GA 143 -33.10 -30.73 8.00
N TYR GA 144 -31.92 -30.50 7.42
CA TYR GA 144 -31.62 -29.23 6.77
C TYR GA 144 -31.58 -29.31 5.26
N GLY GA 145 -31.84 -30.47 4.67
CA GLY GA 145 -31.83 -30.60 3.23
C GLY GA 145 -30.48 -30.38 2.59
N THR GA 146 -29.41 -30.67 3.31
CA THR GA 146 -28.05 -30.49 2.82
C THR GA 146 -27.32 -31.83 2.79
N ASN GA 147 -26.02 -31.78 2.52
CA ASN GA 147 -25.20 -32.97 2.41
C ASN GA 147 -24.22 -33.06 3.56
N TYR GA 148 -23.88 -34.29 3.94
CA TYR GA 148 -22.91 -34.55 4.98
C TYR GA 148 -21.50 -34.45 4.40
N ILE GA 149 -20.60 -33.81 5.14
CA ILE GA 149 -19.20 -33.75 4.73
C ILE GA 149 -18.33 -34.56 5.67
N GLU GA 150 -18.25 -34.15 6.94
CA GLU GA 150 -17.35 -34.81 7.87
C GLU GA 150 -17.72 -34.42 9.30
N THR GA 151 -17.69 -35.40 10.19
CA THR GA 151 -17.91 -35.15 11.61
C THR GA 151 -16.81 -34.26 12.15
N LEU GA 152 -17.13 -33.52 13.22
CA LEU GA 152 -16.15 -32.66 13.87
C LEU GA 152 -15.90 -33.05 15.32
N ARG GA 153 -16.95 -33.26 16.10
CA ARG GA 153 -16.78 -33.62 17.51
C ARG GA 153 -17.85 -34.63 17.90
N VAL GA 154 -17.50 -35.47 18.87
CA VAL GA 154 -18.42 -36.44 19.45
C VAL GA 154 -18.37 -36.27 20.95
N GLN GA 155 -19.51 -36.48 21.62
CA GLN GA 155 -19.61 -36.24 23.05
C GLN GA 155 -20.66 -37.17 23.62
N VAL GA 156 -20.35 -37.83 24.73
CA VAL GA 156 -21.21 -38.82 25.34
C VAL GA 156 -21.36 -38.49 26.82
N HIS GA 157 -22.59 -38.31 27.28
CA HIS GA 157 -22.86 -37.89 28.64
C HIS GA 157 -23.01 -39.11 29.55
N ALA GA 158 -23.46 -38.88 30.77
CA ALA GA 158 -23.31 -39.84 31.85
C ALA GA 158 -24.34 -40.97 31.76
N ASN GA 159 -24.21 -41.89 32.71
CA ASN GA 159 -25.13 -43.02 32.89
C ASN GA 159 -25.17 -43.92 31.66
N CYS GA 160 -24.00 -44.46 31.32
CA CYS GA 160 -23.90 -45.44 30.24
C CYS GA 160 -22.60 -46.22 30.41
N ARG GA 161 -22.52 -47.35 29.71
CA ARG GA 161 -21.35 -48.22 29.72
C ARG GA 161 -20.92 -48.45 28.28
N ILE GA 162 -19.79 -47.86 27.89
CA ILE GA 162 -19.35 -47.87 26.51
C ILE GA 162 -18.45 -49.08 26.30
N ARG GA 163 -18.55 -49.67 25.11
CA ARG GA 163 -17.67 -50.74 24.67
C ARG GA 163 -17.02 -50.45 23.34
N ARG GA 164 -17.74 -49.83 22.41
CA ARG GA 164 -17.23 -49.59 21.07
C ARG GA 164 -17.86 -48.31 20.53
N ILE GA 165 -17.03 -47.50 19.89
CA ILE GA 165 -17.49 -46.35 19.12
C ILE GA 165 -16.73 -46.37 17.80
N TYR GA 166 -17.45 -46.53 16.70
CA TYR GA 166 -16.76 -46.66 15.43
C TYR GA 166 -17.62 -46.16 14.29
N PHE GA 167 -16.97 -45.52 13.33
CA PHE GA 167 -17.60 -45.14 12.08
C PHE GA 167 -17.50 -46.31 11.10
N SER GA 168 -18.53 -46.49 10.30
CA SER GA 168 -18.71 -47.71 9.52
C SER GA 168 -18.64 -47.51 8.01
N ASP GA 169 -18.96 -46.31 7.53
CA ASP GA 169 -18.90 -45.97 6.11
C ASP GA 169 -20.00 -46.65 5.31
N ARG GA 170 -20.76 -47.54 5.94
CA ARG GA 170 -21.92 -48.19 5.35
C ARG GA 170 -22.51 -49.12 6.40
N LEU GA 171 -23.78 -49.49 6.19
CA LEU GA 171 -24.48 -50.36 7.12
C LEU GA 171 -24.03 -51.79 6.85
N TYR GA 172 -23.06 -52.27 7.62
CA TYR GA 172 -22.65 -53.65 7.54
C TYR GA 172 -23.60 -54.54 8.32
N SER GA 173 -23.72 -55.79 7.89
CA SER GA 173 -24.58 -56.76 8.55
C SER GA 173 -23.83 -57.49 9.65
N GLU GA 174 -24.59 -58.21 10.48
CA GLU GA 174 -23.99 -58.98 11.55
C GLU GA 174 -22.99 -60.00 11.01
N GLU GA 175 -23.18 -60.49 9.78
CA GLU GA 175 -22.19 -61.39 9.21
C GLU GA 175 -20.93 -60.64 8.80
N GLU GA 176 -21.08 -59.56 8.02
CA GLU GA 176 -19.92 -58.90 7.45
C GLU GA 176 -19.02 -58.26 8.49
N LEU GA 177 -19.54 -57.96 9.67
CA LEU GA 177 -18.73 -57.35 10.71
C LEU GA 177 -17.62 -58.30 11.13
N PRO GA 178 -16.41 -57.79 11.41
CA PRO GA 178 -15.36 -58.66 11.97
C PRO GA 178 -15.70 -59.05 13.40
N ALA GA 179 -14.82 -59.82 14.04
CA ALA GA 179 -15.13 -60.35 15.37
C ALA GA 179 -15.17 -59.23 16.40
N GLU GA 180 -14.20 -58.31 16.34
CA GLU GA 180 -14.13 -57.21 17.27
C GLU GA 180 -15.27 -56.21 17.10
N PHE GA 181 -15.76 -56.04 15.88
CA PHE GA 181 -16.83 -55.06 15.63
C PHE GA 181 -18.20 -55.73 15.65
N LYS GA 182 -18.48 -56.47 16.72
CA LYS GA 182 -19.82 -57.04 16.84
C LYS GA 182 -20.11 -57.37 18.31
N LEU GA 183 -21.38 -57.67 18.56
CA LEU GA 183 -21.89 -58.07 19.87
C LEU GA 183 -21.98 -59.58 19.92
N PHE GA 184 -21.03 -60.21 20.61
CA PHE GA 184 -21.07 -61.63 20.91
C PHE GA 184 -21.38 -61.76 22.39
N LEU GA 185 -22.66 -61.89 22.73
CA LEU GA 185 -23.06 -62.09 24.10
C LEU GA 185 -22.95 -63.56 24.47
N PRO GA 186 -22.05 -63.95 25.37
CA PRO GA 186 -21.95 -65.37 25.73
C PRO GA 186 -23.10 -65.81 26.61
N ILE GA 187 -23.07 -67.06 27.07
CA ILE GA 187 -24.11 -67.60 27.92
C ILE GA 187 -24.02 -67.00 29.32
N MET HA 1 -81.88 56.77 -137.99
CA MET HA 1 -81.47 56.06 -139.20
C MET HA 1 -80.49 54.95 -138.88
N ARG HA 2 -79.38 55.31 -138.24
CA ARG HA 2 -78.33 54.36 -137.88
C ARG HA 2 -78.38 54.19 -136.37
N GLU HA 3 -79.03 53.12 -135.92
CA GLU HA 3 -79.23 52.89 -134.50
C GLU HA 3 -78.85 51.46 -134.15
N VAL HA 4 -78.50 51.25 -132.88
CA VAL HA 4 -78.14 49.92 -132.38
C VAL HA 4 -78.84 49.68 -131.06
N ILE HA 5 -79.08 48.41 -130.77
CA ILE HA 5 -79.74 47.97 -129.56
C ILE HA 5 -78.68 47.32 -128.68
N SER HA 6 -78.41 47.92 -127.53
CA SER HA 6 -77.35 47.46 -126.63
C SER HA 6 -77.97 46.71 -125.46
N ILE HA 7 -77.72 45.40 -125.41
CA ILE HA 7 -78.23 44.55 -124.35
C ILE HA 7 -77.12 44.33 -123.33
N HIS HA 8 -77.51 44.18 -122.07
CA HIS HA 8 -76.55 43.94 -120.99
C HIS HA 8 -77.12 42.82 -120.12
N ILE HA 9 -76.44 41.68 -120.12
CA ILE HA 9 -76.91 40.48 -119.44
C ILE HA 9 -75.99 40.19 -118.26
N GLY HA 10 -76.56 39.62 -117.21
CA GLY HA 10 -75.76 39.25 -116.06
C GLY HA 10 -75.30 40.47 -115.27
N GLN HA 11 -74.27 40.25 -114.46
CA GLN HA 11 -73.73 41.34 -113.65
C GLN HA 11 -72.64 42.11 -114.38
N ALA HA 12 -71.65 41.41 -114.94
CA ALA HA 12 -70.57 42.10 -115.63
C ALA HA 12 -71.09 42.87 -116.84
N GLY HA 13 -72.05 42.29 -117.57
CA GLY HA 13 -72.62 42.99 -118.70
C GLY HA 13 -73.23 44.32 -118.32
N ILE HA 14 -74.08 44.33 -117.28
CA ILE HA 14 -74.69 45.57 -116.83
C ILE HA 14 -73.79 46.37 -115.93
N GLN HA 15 -72.61 45.85 -115.59
CA GLN HA 15 -71.62 46.66 -114.88
C GLN HA 15 -70.94 47.62 -115.84
N VAL HA 16 -70.45 47.10 -116.97
CA VAL HA 16 -69.86 47.99 -117.98
C VAL HA 16 -70.93 48.85 -118.61
N GLY HA 17 -72.18 48.38 -118.65
CA GLY HA 17 -73.28 49.22 -119.09
C GLY HA 17 -73.37 50.50 -118.28
N ASN HA 18 -73.04 50.44 -116.99
CA ASN HA 18 -72.94 51.65 -116.20
C ASN HA 18 -71.83 52.55 -116.72
N ALA HA 19 -70.82 51.98 -117.38
CA ALA HA 19 -69.70 52.77 -117.85
C ALA HA 19 -69.95 53.32 -119.26
N CYS HA 20 -70.45 52.47 -120.16
CA CYS HA 20 -70.73 52.93 -121.52
C CYS HA 20 -71.76 54.04 -121.53
N TRP HA 21 -72.88 53.84 -120.83
CA TRP HA 21 -73.92 54.85 -120.77
C TRP HA 21 -73.53 56.02 -119.89
N GLU HA 22 -72.45 55.90 -119.12
CA GLU HA 22 -71.84 57.08 -118.53
C GLU HA 22 -71.07 57.87 -119.59
N LEU HA 23 -70.32 57.16 -120.44
CA LEU HA 23 -69.50 57.83 -121.44
C LEU HA 23 -70.37 58.50 -122.50
N TYR HA 24 -71.35 57.79 -123.04
CA TYR HA 24 -72.19 58.33 -124.09
C TYR HA 24 -72.86 59.62 -123.66
N CYS HA 25 -73.62 59.57 -122.56
CA CYS HA 25 -74.32 60.75 -122.08
C CYS HA 25 -73.35 61.91 -121.86
N LEU HA 26 -72.11 61.60 -121.49
CA LEU HA 26 -71.10 62.63 -121.39
C LEU HA 26 -70.57 63.05 -122.76
N GLU HA 27 -70.56 62.12 -123.71
CA GLU HA 27 -69.99 62.39 -125.03
C GLU HA 27 -70.86 63.32 -125.86
N HIS HA 28 -72.12 63.52 -125.49
CA HIS HA 28 -73.03 64.39 -126.22
C HIS HA 28 -73.62 65.49 -125.36
N GLY HA 29 -73.06 65.73 -124.17
CA GLY HA 29 -73.59 66.74 -123.28
C GLY HA 29 -74.88 66.36 -122.58
N ILE HA 30 -75.41 65.16 -122.83
CA ILE HA 30 -76.64 64.74 -122.17
C ILE HA 30 -76.44 64.75 -120.66
N GLN HA 31 -77.38 65.34 -119.96
CA GLN HA 31 -77.36 65.33 -118.51
C GLN HA 31 -77.91 64.01 -118.00
N PRO HA 32 -77.62 63.65 -116.74
CA PRO HA 32 -78.24 62.44 -116.17
C PRO HA 32 -79.76 62.52 -116.11
N ASP HA 33 -80.34 63.71 -116.23
CA ASP HA 33 -81.80 63.84 -116.22
C ASP HA 33 -82.38 63.76 -117.63
N GLY HA 34 -81.94 62.77 -118.39
CA GLY HA 34 -82.53 62.52 -119.69
C GLY HA 34 -82.21 63.54 -120.75
N GLN HA 35 -82.30 64.82 -120.42
CA GLN HA 35 -82.27 65.89 -121.40
C GLN HA 35 -81.00 66.72 -121.25
N MET HA 36 -80.47 67.15 -122.39
CA MET HA 36 -79.28 67.97 -122.53
C MET HA 36 -79.63 69.45 -122.44
N PRO HA 37 -78.62 70.31 -122.24
CA PRO HA 37 -78.88 71.75 -122.35
C PRO HA 37 -79.16 72.19 -123.77
N ASP HA 46 -79.21 66.60 -135.49
CA ASP HA 46 -79.57 65.28 -134.99
C ASP HA 46 -78.55 64.25 -135.46
N ASP HA 47 -78.83 62.99 -135.17
CA ASP HA 47 -78.02 61.82 -135.50
C ASP HA 47 -76.71 61.77 -134.74
N ALA HA 48 -76.40 62.81 -133.94
CA ALA HA 48 -75.27 62.70 -133.03
C ALA HA 48 -75.59 61.75 -131.88
N PHE HA 49 -76.87 61.59 -131.57
CA PHE HA 49 -77.31 60.69 -130.52
C PHE HA 49 -78.29 59.65 -130.98
N ASN HA 50 -78.95 59.83 -132.12
CA ASN HA 50 -79.95 58.88 -132.59
C ASN HA 50 -79.41 57.46 -132.68
N THR HA 51 -78.09 57.31 -132.80
CA THR HA 51 -77.50 55.98 -132.73
C THR HA 51 -77.71 55.35 -131.36
N PHE HA 52 -77.77 56.18 -130.32
CA PHE HA 52 -77.83 55.66 -128.95
C PHE HA 52 -79.02 56.19 -128.16
N PHE HA 53 -79.92 56.95 -128.77
CA PHE HA 53 -80.98 57.58 -128.00
C PHE HA 53 -82.24 57.71 -128.84
N SER HA 54 -83.34 57.97 -128.14
CA SER HA 54 -84.61 58.30 -128.76
C SER HA 54 -85.17 59.51 -128.04
N GLU HA 55 -85.47 60.56 -128.79
CA GLU HA 55 -86.02 61.77 -128.20
C GLU HA 55 -87.52 61.57 -127.96
N THR HA 56 -87.96 61.89 -126.75
CA THR HA 56 -89.36 61.70 -126.38
C THR HA 56 -90.21 62.79 -127.03
N GLY HA 57 -91.48 62.87 -126.62
CA GLY HA 57 -92.34 63.93 -127.13
C GLY HA 57 -91.77 65.31 -126.90
N ALA HA 58 -91.00 65.49 -125.83
CA ALA HA 58 -90.35 66.78 -125.58
C ALA HA 58 -89.20 66.57 -124.61
N GLY HA 59 -87.98 66.84 -125.07
CA GLY HA 59 -86.85 67.02 -124.17
C GLY HA 59 -86.01 65.82 -123.80
N LYS HA 60 -86.56 64.92 -122.99
CA LYS HA 60 -85.78 63.80 -122.46
C LYS HA 60 -85.21 62.95 -123.59
N HIS HA 61 -83.99 62.47 -123.39
CA HIS HA 61 -83.36 61.52 -124.28
C HIS HA 61 -83.28 60.18 -123.56
N VAL HA 62 -83.97 59.18 -124.09
CA VAL HA 62 -83.96 57.85 -123.48
C VAL HA 62 -82.92 57.01 -124.22
N PRO HA 63 -82.09 56.25 -123.51
CA PRO HA 63 -81.16 55.35 -124.20
C PRO HA 63 -81.87 54.13 -124.76
N ARG HA 64 -81.37 53.65 -125.90
CA ARG HA 64 -81.94 52.46 -126.53
C ARG HA 64 -81.17 51.22 -126.09
N CYS HA 65 -81.21 50.97 -124.77
CA CYS HA 65 -80.54 49.83 -124.18
C CYS HA 65 -81.54 49.00 -123.38
N ILE HA 66 -81.09 47.83 -122.92
CA ILE HA 66 -81.89 46.94 -122.10
C ILE HA 66 -81.00 46.36 -121.01
N PHE HA 67 -81.45 46.45 -119.76
CA PHE HA 67 -80.74 45.90 -118.62
C PHE HA 67 -81.48 44.65 -118.15
N LEU HA 68 -80.81 43.51 -118.24
CA LEU HA 68 -81.40 42.22 -117.91
C LEU HA 68 -80.56 41.54 -116.84
N ASP HA 69 -81.24 40.96 -115.85
CA ASP HA 69 -80.55 40.21 -114.81
C ASP HA 69 -81.59 39.40 -114.02
N LEU HA 70 -81.10 38.35 -113.36
CA LEU HA 70 -81.91 37.58 -112.42
C LEU HA 70 -81.68 37.97 -110.97
N GLU HA 71 -80.50 38.50 -110.65
CA GLU HA 71 -80.23 39.00 -109.32
C GLU HA 71 -80.85 40.38 -109.16
N PRO HA 72 -81.63 40.63 -108.12
CA PRO HA 72 -82.24 41.96 -107.97
C PRO HA 72 -81.26 43.02 -107.51
N THR HA 73 -80.15 42.63 -106.87
CA THR HA 73 -79.36 43.59 -106.09
C THR HA 73 -78.77 44.69 -106.95
N VAL HA 74 -78.32 44.36 -108.16
CA VAL HA 74 -77.55 45.32 -108.94
C VAL HA 74 -78.46 46.15 -109.86
N VAL HA 75 -79.50 45.57 -110.43
CA VAL HA 75 -80.44 46.39 -111.18
C VAL HA 75 -81.17 47.35 -110.26
N ASP HA 76 -81.41 46.94 -109.01
CA ASP HA 76 -81.93 47.87 -108.02
C ASP HA 76 -80.87 48.86 -107.56
N GLU HA 77 -79.60 48.57 -107.81
CA GLU HA 77 -78.57 49.56 -107.54
C GLU HA 77 -78.61 50.69 -108.56
N VAL HA 78 -78.90 50.37 -109.81
CA VAL HA 78 -79.07 51.41 -110.82
C VAL HA 78 -80.35 52.20 -110.54
N ARG HA 79 -81.42 51.50 -110.13
CA ARG HA 79 -82.68 52.17 -109.86
C ARG HA 79 -82.54 53.26 -108.79
N THR HA 80 -81.57 53.11 -107.89
CA THR HA 80 -81.26 54.16 -106.92
C THR HA 80 -80.04 54.96 -107.31
N GLY HA 81 -79.22 54.48 -108.23
CA GLY HA 81 -78.08 55.24 -108.70
C GLY HA 81 -78.51 56.53 -109.38
N THR HA 82 -77.54 57.41 -109.57
CA THR HA 82 -77.84 58.72 -110.14
C THR HA 82 -78.35 58.64 -111.57
N TYR HA 83 -78.13 57.52 -112.26
CA TYR HA 83 -78.62 57.35 -113.63
C TYR HA 83 -79.94 56.58 -113.62
N ARG HA 84 -80.89 57.08 -112.84
CA ARG HA 84 -82.22 56.50 -112.79
C ARG HA 84 -83.23 57.27 -113.62
N GLN HA 85 -83.02 58.57 -113.82
CA GLN HA 85 -83.92 59.37 -114.64
C GLN HA 85 -83.81 59.01 -116.11
N LEU HA 86 -82.67 58.48 -116.54
CA LEU HA 86 -82.48 58.13 -117.94
C LEU HA 86 -83.44 57.02 -118.35
N PHE HA 87 -83.29 55.85 -117.75
CA PHE HA 87 -83.97 54.66 -118.23
C PHE HA 87 -85.41 54.62 -117.76
N HIS HA 88 -86.33 54.46 -118.68
CA HIS HA 88 -87.71 54.18 -118.31
C HIS HA 88 -87.75 52.81 -117.63
N PRO HA 89 -88.34 52.70 -116.44
CA PRO HA 89 -88.30 51.42 -115.70
C PRO HA 89 -88.76 50.21 -116.50
N GLU HA 90 -89.44 50.43 -117.61
CA GLU HA 90 -89.81 49.32 -118.47
C GLU HA 90 -88.58 48.61 -119.05
N GLN HA 91 -87.46 49.29 -119.16
CA GLN HA 91 -86.25 48.69 -119.71
C GLN HA 91 -85.52 47.85 -118.69
N LEU HA 92 -85.44 48.32 -117.44
CA LEU HA 92 -84.74 47.60 -116.39
C LEU HA 92 -85.54 46.36 -116.00
N ILE HA 93 -84.92 45.20 -116.14
CA ILE HA 93 -85.58 43.93 -115.84
C ILE HA 93 -84.84 43.28 -114.67
N SER HA 94 -85.57 42.45 -113.93
CA SER HA 94 -85.00 41.78 -112.77
C SER HA 94 -85.72 40.46 -112.55
N GLY HA 95 -85.16 39.66 -111.66
CA GLY HA 95 -85.80 38.43 -111.25
C GLY HA 95 -85.76 38.29 -109.75
N LYS HA 96 -86.68 37.49 -109.21
CA LYS HA 96 -86.68 37.23 -107.78
C LYS HA 96 -85.49 36.38 -107.38
N GLU HA 97 -85.13 35.40 -108.20
CA GLU HA 97 -84.05 34.47 -107.92
C GLU HA 97 -83.01 34.54 -109.02
N ASP HA 98 -81.78 34.16 -108.69
CA ASP HA 98 -80.65 34.20 -109.61
C ASP HA 98 -80.49 32.85 -110.30
N ALA HA 99 -79.42 32.74 -111.10
CA ALA HA 99 -79.06 31.48 -111.73
C ALA HA 99 -78.01 30.71 -110.95
N ALA HA 100 -77.28 31.38 -110.06
CA ALA HA 100 -76.35 30.73 -109.13
C ALA HA 100 -75.27 29.95 -109.86
N ASN HA 101 -74.73 30.53 -110.93
CA ASN HA 101 -73.62 29.96 -111.69
C ASN HA 101 -73.95 28.61 -112.31
N ASN HA 102 -75.23 28.26 -112.39
CA ASN HA 102 -75.66 27.00 -112.99
C ASN HA 102 -76.21 27.31 -114.37
N PHE HA 103 -75.60 26.72 -115.40
CA PHE HA 103 -76.05 26.94 -116.77
C PHE HA 103 -77.52 26.56 -116.92
N ALA HA 104 -77.89 25.37 -116.46
CA ALA HA 104 -79.26 24.90 -116.63
C ALA HA 104 -80.26 25.80 -115.93
N ARG HA 105 -79.87 26.38 -114.79
CA ARG HA 105 -80.78 27.27 -114.08
C ARG HA 105 -81.10 28.50 -114.92
N GLY HA 106 -80.08 29.15 -115.47
CA GLY HA 106 -80.32 30.30 -116.32
C GLY HA 106 -80.85 29.95 -117.69
N HIS HA 107 -80.54 28.76 -118.20
CA HIS HA 107 -80.95 28.36 -119.53
C HIS HA 107 -82.25 27.58 -119.53
N TYR HA 108 -82.33 26.50 -118.74
CA TYR HA 108 -83.46 25.60 -118.80
C TYR HA 108 -84.57 25.96 -117.82
N THR HA 109 -84.22 26.33 -116.59
CA THR HA 109 -85.23 26.46 -115.54
C THR HA 109 -85.82 27.86 -115.47
N ILE HA 110 -84.98 28.87 -115.27
CA ILE HA 110 -85.48 30.22 -115.01
C ILE HA 110 -85.49 31.10 -116.25
N GLY HA 111 -84.65 30.81 -117.24
CA GLY HA 111 -84.63 31.63 -118.44
C GLY HA 111 -85.94 31.61 -119.20
N LYS HA 112 -86.65 30.47 -119.15
CA LYS HA 112 -87.80 30.27 -120.01
C LYS HA 112 -88.95 31.22 -119.71
N GLU HA 113 -88.99 31.82 -118.52
CA GLU HA 113 -90.16 32.58 -118.09
C GLU HA 113 -89.97 34.09 -118.17
N ILE HA 114 -88.83 34.58 -118.63
CA ILE HA 114 -88.62 36.02 -118.77
C ILE HA 114 -88.18 36.42 -120.17
N VAL HA 115 -87.78 35.48 -121.03
CA VAL HA 115 -87.43 35.86 -122.39
C VAL HA 115 -88.63 36.43 -123.12
N ASP HA 116 -89.83 35.93 -122.82
CA ASP HA 116 -91.03 36.48 -123.44
C ASP HA 116 -91.21 37.95 -123.05
N LEU HA 117 -90.84 38.30 -121.82
CA LEU HA 117 -90.86 39.70 -121.42
C LEU HA 117 -89.73 40.47 -122.09
N ALA HA 118 -88.50 39.95 -121.99
CA ALA HA 118 -87.37 40.66 -122.57
C ALA HA 118 -87.54 40.84 -124.08
N LEU HA 119 -88.06 39.82 -124.77
CA LEU HA 119 -88.30 39.97 -126.20
C LEU HA 119 -89.35 41.02 -126.49
N ASP HA 120 -90.38 41.13 -125.64
CA ASP HA 120 -91.41 42.12 -125.87
C ASP HA 120 -90.83 43.53 -125.83
N ARG HA 121 -89.90 43.78 -124.90
CA ARG HA 121 -89.26 45.08 -124.85
C ARG HA 121 -88.41 45.32 -126.10
N ILE HA 122 -87.72 44.28 -126.57
CA ILE HA 122 -86.94 44.41 -127.80
C ILE HA 122 -87.86 44.65 -128.98
N ARG HA 123 -88.93 43.87 -129.08
CA ARG HA 123 -89.92 44.11 -130.13
C ARG HA 123 -90.47 45.52 -130.03
N LYS HA 124 -90.82 45.95 -128.82
CA LYS HA 124 -91.26 47.32 -128.61
C LYS HA 124 -90.14 48.32 -128.89
N LEU HA 125 -88.89 47.90 -128.79
CA LEU HA 125 -87.77 48.79 -129.06
C LEU HA 125 -87.31 48.73 -130.51
N ALA HA 126 -87.62 47.65 -131.23
CA ALA HA 126 -87.18 47.54 -132.61
C ALA HA 126 -88.01 48.41 -133.54
N ASP HA 127 -89.33 48.45 -133.31
CA ASP HA 127 -90.19 49.18 -134.24
C ASP HA 127 -89.89 50.67 -134.23
N ASN HA 128 -89.49 51.22 -133.09
CA ASN HA 128 -89.15 52.63 -133.02
C ASN HA 128 -87.93 52.98 -133.87
N CYS HA 129 -87.12 51.99 -134.22
CA CYS HA 129 -85.92 52.21 -135.01
C CYS HA 129 -86.24 52.10 -136.50
N THR HA 130 -85.76 53.06 -137.28
CA THR HA 130 -85.96 53.01 -138.72
C THR HA 130 -85.01 52.01 -139.37
N GLY HA 131 -83.70 52.25 -139.25
CA GLY HA 131 -82.70 51.32 -139.75
C GLY HA 131 -81.90 50.70 -138.63
N LEU HA 132 -82.12 49.41 -138.39
CA LEU HA 132 -81.47 48.71 -137.29
C LEU HA 132 -80.18 48.08 -137.80
N GLN HA 133 -79.04 48.62 -137.37
CA GLN HA 133 -77.76 48.12 -137.83
C GLN HA 133 -77.44 46.76 -137.23
N GLY HA 134 -77.87 46.53 -136.00
CA GLY HA 134 -77.57 45.28 -135.32
C GLY HA 134 -77.52 45.48 -133.82
N PHE HA 135 -77.43 44.36 -133.11
CA PHE HA 135 -77.43 44.39 -131.66
C PHE HA 135 -76.01 44.49 -131.12
N LEU HA 136 -75.91 44.80 -129.83
CA LEU HA 136 -74.65 44.86 -129.10
C LEU HA 136 -74.85 44.13 -127.78
N VAL HA 137 -74.60 42.82 -127.79
CA VAL HA 137 -74.81 41.99 -126.61
C VAL HA 137 -73.59 42.09 -125.71
N PHE HA 138 -73.82 42.35 -124.43
CA PHE HA 138 -72.75 42.41 -123.45
C PHE HA 138 -72.91 41.22 -122.51
N ASN HA 139 -72.22 40.13 -122.85
CA ASN HA 139 -72.35 38.89 -122.11
C ASN HA 139 -71.18 38.75 -121.13
N ALA HA 140 -71.39 37.90 -120.12
CA ALA HA 140 -70.39 37.61 -119.11
C ALA HA 140 -70.29 36.10 -118.99
N VAL HA 141 -69.45 35.50 -119.84
CA VAL HA 141 -69.34 34.05 -119.87
C VAL HA 141 -68.66 33.56 -118.61
N GLY HA 142 -69.26 32.56 -117.97
CA GLY HA 142 -68.71 32.01 -116.74
C GLY HA 142 -69.74 31.99 -115.62
N GLY HA 143 -70.92 32.54 -115.88
CA GLY HA 143 -71.98 32.58 -114.90
C GLY HA 143 -73.25 31.96 -115.45
N GLY HA 144 -74.20 31.73 -114.55
CA GLY HA 144 -75.47 31.16 -114.93
C GLY HA 144 -76.33 32.11 -115.73
N THR HA 145 -76.39 33.37 -115.29
CA THR HA 145 -77.19 34.35 -116.00
C THR HA 145 -76.56 34.70 -117.35
N GLY HA 146 -75.29 35.02 -117.36
CA GLY HA 146 -74.62 35.39 -118.60
C GLY HA 146 -74.66 34.30 -119.65
N SER HA 147 -74.03 33.16 -119.36
CA SER HA 147 -73.94 32.09 -120.34
C SER HA 147 -75.30 31.46 -120.61
N GLY HA 148 -75.92 30.89 -119.58
CA GLY HA 148 -77.17 30.16 -119.74
C GLY HA 148 -78.29 30.98 -120.35
N LEU HA 149 -78.61 32.11 -119.73
CA LEU HA 149 -79.71 32.93 -120.24
C LEU HA 149 -79.35 33.57 -121.57
N GLY HA 150 -78.12 34.08 -121.70
CA GLY HA 150 -77.73 34.77 -122.91
C GLY HA 150 -77.82 33.88 -124.14
N SER HA 151 -77.35 32.65 -124.03
CA SER HA 151 -77.41 31.73 -125.17
C SER HA 151 -78.85 31.48 -125.59
N LEU HA 152 -79.71 31.15 -124.62
CA LEU HA 152 -81.12 30.95 -124.93
C LEU HA 152 -81.72 32.17 -125.61
N LEU HA 153 -81.29 33.37 -125.19
CA LEU HA 153 -81.82 34.59 -125.80
C LEU HA 153 -81.42 34.71 -127.26
N LEU HA 154 -80.16 34.39 -127.58
CA LEU HA 154 -79.70 34.55 -128.95
C LEU HA 154 -80.48 33.67 -129.92
N GLU HA 155 -80.81 32.45 -129.50
CA GLU HA 155 -81.58 31.58 -130.36
C GLU HA 155 -82.95 32.20 -130.67
N ARG HA 156 -83.53 32.89 -129.69
CA ARG HA 156 -84.78 33.60 -129.94
C ARG HA 156 -84.60 34.74 -130.93
N LEU HA 157 -83.43 35.37 -130.93
CA LEU HA 157 -83.16 36.43 -131.89
C LEU HA 157 -82.86 35.87 -133.27
N SER HA 158 -82.14 34.75 -133.34
CA SER HA 158 -81.82 34.15 -134.63
C SER HA 158 -83.08 33.64 -135.32
N VAL HA 159 -83.97 32.97 -134.58
CA VAL HA 159 -85.17 32.44 -135.21
C VAL HA 159 -86.08 33.57 -135.67
N ASP HA 160 -86.08 34.69 -134.95
CA ASP HA 160 -86.96 35.79 -135.32
C ASP HA 160 -86.38 36.61 -136.46
N TYR HA 161 -85.16 37.11 -136.30
CA TYR HA 161 -84.57 38.03 -137.28
C TYR HA 161 -83.78 37.24 -138.33
N GLY HA 162 -82.70 36.59 -137.92
CA GLY HA 162 -81.89 35.84 -138.85
C GLY HA 162 -81.08 36.75 -139.73
N LYS HA 163 -81.76 37.64 -140.46
CA LYS HA 163 -81.07 38.60 -141.30
C LYS HA 163 -80.33 39.64 -140.48
N LYS HA 164 -80.83 39.97 -139.30
CA LYS HA 164 -80.21 40.99 -138.47
C LYS HA 164 -78.88 40.49 -137.92
N SER HA 165 -77.97 41.43 -137.69
CA SER HA 165 -76.63 41.12 -137.23
C SER HA 165 -76.59 41.15 -135.71
N LYS HA 166 -75.98 40.11 -135.13
CA LYS HA 166 -75.72 40.06 -133.70
C LYS HA 166 -74.24 40.31 -133.45
N LEU HA 167 -73.94 40.97 -132.33
CA LEU HA 167 -72.57 41.26 -131.96
C LEU HA 167 -72.45 41.17 -130.45
N GLY HA 168 -71.39 40.52 -129.97
CA GLY HA 168 -71.24 40.31 -128.55
C GLY HA 168 -69.84 40.53 -128.02
N PHE HA 169 -69.72 41.29 -126.94
CA PHE HA 169 -68.45 41.50 -126.25
C PHE HA 169 -68.48 40.65 -124.99
N THR HA 170 -67.97 39.42 -125.12
CA THR HA 170 -68.04 38.43 -124.06
C THR HA 170 -66.69 38.35 -123.37
N VAL HA 171 -66.67 38.65 -122.06
CA VAL HA 171 -65.47 38.38 -121.28
C VAL HA 171 -65.18 36.89 -121.32
N TYR HA 172 -63.92 36.55 -121.22
CA TYR HA 172 -63.61 35.15 -121.24
C TYR HA 172 -62.96 34.73 -119.92
N PRO HA 173 -63.24 33.51 -119.46
CA PRO HA 173 -62.58 33.02 -118.24
C PRO HA 173 -61.06 33.07 -118.37
N SER HA 174 -60.44 33.88 -117.52
CA SER HA 174 -59.00 34.03 -117.56
C SER HA 174 -58.31 32.69 -117.33
N PRO HA 175 -57.14 32.48 -117.94
CA PRO HA 175 -56.42 31.22 -117.69
C PRO HA 175 -56.01 31.04 -116.25
N GLN HA 176 -55.37 32.05 -115.65
CA GLN HA 176 -54.86 31.93 -114.29
C GLN HA 176 -55.89 32.43 -113.27
N VAL HA 177 -56.29 33.69 -113.38
CA VAL HA 177 -57.30 34.24 -112.49
C VAL HA 177 -58.65 33.60 -112.80
N SER HA 178 -59.39 33.26 -111.76
CA SER HA 178 -60.76 32.77 -111.92
C SER HA 178 -61.50 32.98 -110.63
N THR HA 179 -62.69 33.55 -110.71
CA THR HA 179 -63.50 33.84 -109.53
C THR HA 179 -64.55 32.78 -109.26
N ALA HA 180 -64.61 31.74 -110.08
CA ALA HA 180 -65.58 30.67 -109.91
C ALA HA 180 -64.88 29.33 -110.06
N VAL HA 181 -65.62 28.26 -109.77
CA VAL HA 181 -65.11 26.91 -109.91
C VAL HA 181 -65.81 26.16 -111.05
N VAL HA 182 -67.03 26.52 -111.39
CA VAL HA 182 -67.78 25.83 -112.41
C VAL HA 182 -67.82 26.62 -113.72
N GLU HA 183 -66.85 27.51 -113.92
CA GLU HA 183 -66.87 28.27 -115.16
C GLU HA 183 -66.41 27.47 -116.39
N PRO HA 184 -65.46 26.53 -116.27
CA PRO HA 184 -65.17 25.70 -117.45
C PRO HA 184 -66.39 24.96 -117.97
N TYR HA 185 -67.28 24.55 -117.07
CA TYR HA 185 -68.48 23.83 -117.47
C TYR HA 185 -69.42 24.75 -118.26
N ASN HA 186 -69.87 25.83 -117.62
CA ASN HA 186 -70.90 26.66 -118.25
C ASN HA 186 -70.35 27.48 -119.41
N SER HA 187 -69.04 27.73 -119.45
CA SER HA 187 -68.47 28.39 -120.62
C SER HA 187 -68.61 27.53 -121.85
N VAL HA 188 -68.19 26.25 -121.76
CA VAL HA 188 -68.31 25.33 -122.89
C VAL HA 188 -69.73 25.32 -123.42
N LEU HA 189 -70.71 25.14 -122.53
CA LEU HA 189 -72.10 25.09 -122.96
C LEU HA 189 -72.54 26.36 -123.64
N SER HA 190 -71.83 27.47 -123.43
CA SER HA 190 -72.19 28.71 -124.11
C SER HA 190 -71.64 28.76 -125.53
N THR HA 191 -70.40 28.30 -125.71
CA THR HA 191 -69.74 28.42 -127.00
C THR HA 191 -70.56 27.80 -128.12
N HIS HA 192 -70.96 26.54 -127.94
CA HIS HA 192 -71.80 25.87 -128.93
C HIS HA 192 -73.08 26.65 -129.20
N SER HA 193 -73.83 26.93 -128.14
CA SER HA 193 -75.14 27.57 -128.28
C SER HA 193 -75.06 28.98 -128.83
N LEU HA 194 -73.88 29.61 -128.80
CA LEU HA 194 -73.75 30.95 -129.37
C LEU HA 194 -73.26 30.93 -130.82
N LEU HA 195 -72.39 29.97 -131.16
CA LEU HA 195 -71.66 30.05 -132.42
C LEU HA 195 -72.60 30.10 -133.62
N GLU HA 196 -73.60 29.22 -133.64
CA GLU HA 196 -74.55 29.20 -134.75
C GLU HA 196 -75.54 30.35 -134.69
N HIS HA 197 -75.44 31.25 -133.72
CA HIS HA 197 -76.40 32.32 -133.56
C HIS HA 197 -75.78 33.71 -133.59
N THR HA 198 -74.61 33.90 -132.97
CA THR HA 198 -73.90 35.14 -133.14
C THR HA 198 -73.28 35.21 -134.53
N ASP HA 199 -73.00 36.43 -134.97
CA ASP HA 199 -72.35 36.66 -136.26
C ASP HA 199 -70.90 37.07 -136.11
N VAL HA 200 -70.61 37.98 -135.19
CA VAL HA 200 -69.26 38.38 -134.84
C VAL HA 200 -69.19 38.47 -133.32
N ALA HA 201 -68.09 37.98 -132.75
CA ALA HA 201 -67.94 37.95 -131.29
C ALA HA 201 -66.52 38.36 -130.94
N VAL HA 202 -66.39 39.39 -130.12
CA VAL HA 202 -65.11 39.82 -129.59
C VAL HA 202 -64.93 39.20 -128.23
N MET HA 203 -63.73 38.73 -127.95
CA MET HA 203 -63.37 38.22 -126.63
C MET HA 203 -62.39 39.17 -125.95
N LEU HA 204 -62.44 39.18 -124.63
CA LEU HA 204 -61.53 39.97 -123.83
C LEU HA 204 -61.48 39.35 -122.45
N ASP HA 205 -60.36 39.52 -121.76
CA ASP HA 205 -60.12 38.84 -120.49
C ASP HA 205 -59.97 39.86 -119.38
N ASN HA 206 -60.40 39.46 -118.17
CA ASN HA 206 -60.14 40.28 -117.00
C ASN HA 206 -58.65 40.45 -116.76
N GLU HA 207 -57.89 39.36 -116.91
CA GLU HA 207 -56.48 39.38 -116.54
C GLU HA 207 -55.69 40.33 -117.43
N ALA HA 208 -55.79 40.17 -118.75
CA ALA HA 208 -54.99 40.99 -119.65
C ALA HA 208 -55.27 42.47 -119.46
N ILE HA 209 -56.51 42.81 -119.09
CA ILE HA 209 -56.81 44.21 -118.85
C ILE HA 209 -56.20 44.68 -117.53
N TYR HA 210 -56.06 43.77 -116.57
CA TYR HA 210 -55.42 44.11 -115.31
C TYR HA 210 -53.99 44.60 -115.55
N ASP HA 211 -53.23 43.87 -116.37
CA ASP HA 211 -51.85 44.24 -116.62
C ASP HA 211 -51.75 45.59 -117.32
N ILE HA 212 -52.68 45.88 -118.24
CA ILE HA 212 -52.66 47.18 -118.92
C ILE HA 212 -52.82 48.31 -117.91
N CYS HA 213 -53.68 48.12 -116.90
CA CYS HA 213 -53.77 49.10 -115.82
C CYS HA 213 -52.50 49.16 -115.00
N ARG HA 214 -51.65 48.14 -115.07
CA ARG HA 214 -50.41 48.15 -114.30
C ARG HA 214 -49.28 48.83 -115.05
N ARG HA 215 -48.96 48.34 -116.25
CA ARG HA 215 -47.85 48.92 -117.01
C ARG HA 215 -48.13 50.37 -117.36
N SER HA 216 -49.18 50.61 -118.13
CA SER HA 216 -49.37 51.93 -118.73
C SER HA 216 -49.96 52.91 -117.73
N LEU HA 217 -51.17 52.64 -117.24
CA LEU HA 217 -51.84 53.59 -116.36
C LEU HA 217 -51.16 53.70 -115.00
N ASP HA 218 -50.38 52.69 -114.61
CA ASP HA 218 -49.68 52.68 -113.34
C ASP HA 218 -50.66 52.89 -112.18
N ILE HA 219 -51.58 51.95 -112.05
CA ILE HA 219 -52.56 51.94 -110.97
C ILE HA 219 -52.36 50.64 -110.20
N GLU HA 220 -51.89 50.76 -108.97
CA GLU HA 220 -51.66 49.57 -108.16
C GLU HA 220 -52.94 49.03 -107.53
N ARG HA 221 -54.03 49.80 -107.55
CA ARG HA 221 -55.31 49.36 -107.03
C ARG HA 221 -56.34 49.37 -108.15
N PRO HA 222 -56.23 48.46 -109.12
CA PRO HA 222 -57.26 48.37 -110.15
C PRO HA 222 -58.41 47.50 -109.69
N THR HA 223 -59.62 48.00 -109.91
CA THR HA 223 -60.83 47.27 -109.55
C THR HA 223 -61.75 47.23 -110.76
N TYR HA 224 -62.90 46.58 -110.58
CA TYR HA 224 -63.77 46.32 -111.71
C TYR HA 224 -64.20 47.60 -112.43
N THR HA 225 -64.28 48.72 -111.71
CA THR HA 225 -64.74 49.94 -112.36
C THR HA 225 -63.72 50.44 -113.37
N ASN HA 226 -62.44 50.13 -113.19
CA ASN HA 226 -61.43 50.60 -114.14
C ASN HA 226 -61.56 49.91 -115.48
N LEU HA 227 -61.60 48.57 -115.47
CA LEU HA 227 -61.72 47.83 -116.71
C LEU HA 227 -62.98 48.24 -117.46
N ASN HA 228 -64.08 48.42 -116.73
CA ASN HA 228 -65.34 48.83 -117.35
C ASN HA 228 -65.19 50.16 -118.07
N ARG HA 229 -64.35 51.05 -117.56
CA ARG HA 229 -64.08 52.30 -118.28
C ARG HA 229 -63.38 52.02 -119.60
N LEU HA 230 -62.41 51.10 -119.59
CA LEU HA 230 -61.67 50.80 -120.81
C LEU HA 230 -62.59 50.25 -121.89
N ILE HA 231 -63.44 49.28 -121.53
CA ILE HA 231 -64.38 48.73 -122.49
C ILE HA 231 -65.23 49.85 -123.07
N ALA HA 232 -65.66 50.79 -122.24
CA ALA HA 232 -66.45 51.92 -122.71
C ALA HA 232 -65.67 52.71 -123.76
N GLN HA 233 -64.37 52.90 -123.55
CA GLN HA 233 -63.58 53.64 -124.51
C GLN HA 233 -63.46 52.89 -125.83
N VAL HA 234 -63.40 51.56 -125.78
CA VAL HA 234 -63.25 50.77 -126.99
C VAL HA 234 -64.50 50.85 -127.85
N ILE HA 235 -65.66 50.59 -127.25
CA ILE HA 235 -66.91 50.62 -128.00
C ILE HA 235 -67.18 52.01 -128.57
N SER HA 236 -66.92 53.04 -127.77
CA SER HA 236 -67.07 54.40 -128.26
C SER HA 236 -66.21 54.64 -129.48
N SER HA 237 -64.98 54.11 -129.46
CA SER HA 237 -64.12 54.22 -130.64
C SER HA 237 -64.67 53.40 -131.81
N LEU HA 238 -65.39 52.32 -131.52
CA LEU HA 238 -65.90 51.48 -132.59
C LEU HA 238 -67.07 52.14 -133.31
N THR HA 239 -68.01 52.69 -132.55
CA THR HA 239 -69.25 53.20 -133.12
C THR HA 239 -69.14 54.63 -133.64
N ALA HA 240 -67.99 55.28 -133.47
CA ALA HA 240 -67.88 56.69 -133.86
C ALA HA 240 -68.23 56.88 -135.33
N SER HA 241 -67.86 55.93 -136.19
CA SER HA 241 -68.21 56.06 -137.60
C SER HA 241 -69.72 55.98 -137.81
N LEU HA 242 -70.44 55.35 -136.89
CA LEU HA 242 -71.90 55.32 -137.01
C LEU HA 242 -72.53 56.64 -136.60
N ARG HA 243 -71.92 57.35 -135.64
CA ARG HA 243 -72.54 58.53 -135.04
C ARG HA 243 -71.67 59.78 -135.18
N PHE HA 244 -70.70 59.78 -136.08
CA PHE HA 244 -69.88 60.96 -136.30
C PHE HA 244 -69.44 60.98 -137.75
N ASP HA 245 -68.57 61.94 -138.07
CA ASP HA 245 -68.07 62.14 -139.41
C ASP HA 245 -66.62 61.70 -139.52
N GLY HA 246 -66.00 61.98 -140.65
CA GLY HA 246 -64.61 61.61 -140.86
C GLY HA 246 -64.39 60.89 -142.16
N ALA HA 247 -63.18 60.96 -142.70
CA ALA HA 247 -62.87 60.21 -143.90
C ALA HA 247 -62.77 58.73 -143.58
N LEU HA 248 -63.17 57.89 -144.53
CA LEU HA 248 -63.16 56.44 -144.40
C LEU HA 248 -64.01 56.00 -143.20
N ASN HA 249 -65.31 56.29 -143.29
CA ASN HA 249 -66.23 55.80 -142.29
C ASN HA 249 -66.36 54.28 -142.39
N VAL HA 250 -66.98 53.68 -141.38
CA VAL HA 250 -67.13 52.24 -141.29
C VAL HA 250 -68.52 51.91 -140.74
N ASP HA 251 -69.26 51.06 -141.45
CA ASP HA 251 -70.57 50.59 -141.01
C ASP HA 251 -70.48 49.12 -140.68
N ILE HA 252 -71.35 48.68 -139.77
CA ILE HA 252 -71.34 47.30 -139.28
C ILE HA 252 -71.40 46.32 -140.45
N THR HA 253 -72.20 46.63 -141.48
CA THR HA 253 -72.34 45.74 -142.61
C THR HA 253 -70.99 45.47 -143.26
N GLU HA 254 -70.40 46.50 -143.87
CA GLU HA 254 -69.12 46.31 -144.54
C GLU HA 254 -68.00 46.01 -143.54
N PHE HA 255 -68.16 46.44 -142.30
CA PHE HA 255 -67.20 46.04 -141.26
C PHE HA 255 -67.22 44.52 -141.07
N GLN HA 256 -68.39 43.90 -141.19
CA GLN HA 256 -68.52 42.47 -140.98
C GLN HA 256 -67.99 41.69 -142.18
N THR HA 257 -68.24 42.19 -143.39
CA THR HA 257 -67.86 41.44 -144.60
C THR HA 257 -66.36 41.19 -144.64
N ASN HA 258 -65.56 42.26 -144.58
CA ASN HA 258 -64.13 42.15 -144.79
C ASN HA 258 -63.36 41.81 -143.52
N LEU HA 259 -64.01 41.16 -142.55
CA LEU HA 259 -63.33 40.62 -141.37
C LEU HA 259 -63.64 39.17 -141.07
N VAL HA 260 -64.78 38.64 -141.52
CA VAL HA 260 -65.14 37.26 -141.22
C VAL HA 260 -65.07 36.43 -142.49
N PRO HA 261 -63.91 35.87 -142.83
CA PRO HA 261 -63.81 35.12 -144.10
C PRO HA 261 -64.68 33.89 -144.13
N TYR HA 262 -64.57 33.02 -143.14
CA TYR HA 262 -65.38 31.83 -143.11
C TYR HA 262 -66.46 31.95 -142.05
N PRO HA 263 -67.67 31.44 -142.33
CA PRO HA 263 -68.78 31.61 -141.37
C PRO HA 263 -68.47 31.16 -139.96
N ARG HA 264 -67.45 30.31 -139.79
CA ARG HA 264 -67.10 29.83 -138.46
C ARG HA 264 -66.20 30.81 -137.73
N ILE HA 265 -65.08 31.20 -138.35
CA ILE HA 265 -64.06 32.00 -137.68
C ILE HA 265 -64.60 33.43 -137.55
N HIS HA 266 -65.11 33.76 -136.36
CA HIS HA 266 -65.55 35.12 -136.10
C HIS HA 266 -65.15 35.60 -134.71
N PHE HA 267 -64.28 34.88 -134.00
CA PHE HA 267 -63.82 35.29 -132.69
C PHE HA 267 -62.51 36.07 -132.85
N MET HA 268 -62.52 37.33 -132.44
CA MET HA 268 -61.44 38.24 -132.74
C MET HA 268 -60.92 38.90 -131.46
N LEU HA 269 -59.71 39.42 -131.54
CA LEU HA 269 -59.04 40.07 -130.44
C LEU HA 269 -59.23 41.58 -130.51
N SER HA 270 -58.80 42.26 -129.45
CA SER HA 270 -58.94 43.71 -129.35
C SER HA 270 -57.68 44.32 -128.76
N SER HA 271 -57.56 45.63 -128.93
CA SER HA 271 -56.45 46.42 -128.39
C SER HA 271 -56.77 47.88 -128.58
N TYR HA 272 -56.32 48.69 -127.62
CA TYR HA 272 -56.58 50.13 -127.66
C TYR HA 272 -55.33 50.89 -127.27
N ALA HA 273 -55.11 52.02 -127.93
CA ALA HA 273 -53.93 52.85 -127.68
C ALA HA 273 -54.21 54.25 -128.17
N PRO HA 274 -53.66 55.28 -127.51
CA PRO HA 274 -52.81 55.16 -126.33
C PRO HA 274 -53.62 55.12 -125.05
N ILE HA 275 -53.00 54.62 -124.00
CA ILE HA 275 -53.64 54.53 -122.70
C ILE HA 275 -52.62 54.91 -121.63
N ILE HA 276 -52.68 56.16 -121.16
CA ILE HA 276 -51.66 56.72 -120.30
C ILE HA 276 -52.32 57.65 -119.28
N SER HA 277 -51.53 58.06 -118.29
CA SER HA 277 -51.98 59.02 -117.29
C SER HA 277 -51.79 60.42 -117.86
N ALA HA 278 -52.01 61.43 -117.02
CA ALA HA 278 -51.91 62.81 -117.49
C ALA HA 278 -50.46 63.25 -117.63
N GLU HA 279 -49.58 62.84 -116.71
CA GLU HA 279 -48.21 63.31 -116.76
C GLU HA 279 -47.46 62.73 -117.95
N LYS HA 280 -47.60 61.42 -118.20
CA LYS HA 280 -46.93 60.83 -119.35
C LYS HA 280 -47.36 61.50 -120.65
N ALA HA 281 -48.62 61.93 -120.73
CA ALA HA 281 -49.09 62.68 -121.89
C ALA HA 281 -48.27 63.94 -122.14
N TYR HA 282 -47.46 64.36 -121.16
CA TYR HA 282 -46.66 65.56 -121.34
C TYR HA 282 -45.28 65.25 -121.93
N HIS HA 283 -44.70 64.10 -121.60
CA HIS HA 283 -43.46 63.69 -122.25
C HIS HA 283 -43.71 62.81 -123.47
N GLU HA 284 -44.62 63.22 -124.35
CA GLU HA 284 -44.94 62.43 -125.54
C GLU HA 284 -45.50 63.36 -126.59
N GLN HA 285 -45.35 62.96 -127.86
CA GLN HA 285 -46.00 63.62 -128.97
C GLN HA 285 -47.11 62.79 -129.58
N LEU HA 286 -47.06 61.46 -129.42
CA LEU HA 286 -48.12 60.55 -129.83
C LEU HA 286 -48.43 60.70 -131.32
N SER HA 287 -47.39 60.59 -132.13
CA SER HA 287 -47.59 60.50 -133.57
C SER HA 287 -48.44 59.28 -133.89
N VAL HA 288 -49.13 59.34 -135.01
CA VAL HA 288 -49.97 58.22 -135.43
C VAL HA 288 -49.14 56.95 -135.55
N ALA HA 289 -47.86 57.09 -135.90
CA ALA HA 289 -47.00 55.91 -136.04
C ALA HA 289 -46.82 55.20 -134.72
N GLU HA 290 -46.54 55.94 -133.65
CA GLU HA 290 -46.30 55.31 -132.36
C GLU HA 290 -47.55 54.63 -131.83
N ILE HA 291 -48.72 55.20 -132.08
CA ILE HA 291 -49.95 54.60 -131.59
C ILE HA 291 -50.18 53.24 -132.24
N THR HA 292 -49.96 53.15 -133.55
CA THR HA 292 -50.19 51.89 -134.25
C THR HA 292 -49.26 50.79 -133.77
N ASN HA 293 -48.03 51.15 -133.39
CA ASN HA 293 -47.11 50.14 -132.88
C ASN HA 293 -47.58 49.62 -131.53
N ALA HA 294 -48.01 50.53 -130.65
CA ALA HA 294 -48.55 50.10 -129.37
C ALA HA 294 -49.80 49.26 -129.55
N ALA HA 295 -50.61 49.56 -130.57
CA ALA HA 295 -51.82 48.79 -130.81
C ALA HA 295 -51.49 47.37 -131.25
N PHE HA 296 -50.47 47.20 -132.08
CA PHE HA 296 -50.07 45.90 -132.56
C PHE HA 296 -49.17 45.15 -131.59
N GLU HA 297 -48.83 45.76 -130.46
CA GLU HA 297 -48.03 45.07 -129.47
C GLU HA 297 -48.89 44.01 -128.78
N PRO HA 298 -48.41 42.77 -128.68
CA PRO HA 298 -49.18 41.75 -127.95
C PRO HA 298 -49.46 42.11 -126.50
N ALA HA 299 -48.59 42.89 -125.86
CA ALA HA 299 -48.82 43.25 -124.45
C ALA HA 299 -50.03 44.14 -124.29
N SER HA 300 -50.37 44.92 -125.31
CA SER HA 300 -51.53 45.82 -125.23
C SER HA 300 -52.84 45.14 -125.58
N MET HA 301 -52.82 43.84 -125.88
CA MET HA 301 -54.05 43.11 -126.15
C MET HA 301 -54.90 43.03 -124.89
N MET HA 302 -56.20 42.87 -125.09
CA MET HA 302 -57.14 42.72 -123.99
C MET HA 302 -57.41 41.26 -123.66
N VAL HA 303 -56.72 40.33 -124.31
CA VAL HA 303 -56.89 38.91 -124.06
C VAL HA 303 -55.55 38.31 -123.72
N LYS HA 304 -55.57 37.24 -122.92
CA LYS HA 304 -54.34 36.52 -122.61
C LYS HA 304 -54.01 35.54 -123.72
N CYS HA 305 -53.96 36.02 -124.96
CA CYS HA 305 -53.58 35.23 -126.11
C CYS HA 305 -52.40 35.88 -126.79
N ASP HA 306 -51.41 35.06 -127.16
CA ASP HA 306 -50.21 35.57 -127.82
C ASP HA 306 -50.40 35.51 -129.32
N PRO HA 307 -50.42 36.65 -130.03
CA PRO HA 307 -50.60 36.61 -131.48
C PRO HA 307 -49.40 36.04 -132.22
N ARG HA 308 -48.19 36.16 -131.66
CA ARG HA 308 -47.00 35.69 -132.35
C ARG HA 308 -46.92 34.17 -132.44
N HIS HA 309 -47.94 33.45 -131.97
CA HIS HA 309 -48.04 32.02 -132.17
C HIS HA 309 -48.94 31.65 -133.34
N GLY HA 310 -49.51 32.64 -134.02
CA GLY HA 310 -50.35 32.39 -135.17
C GLY HA 310 -50.16 33.40 -136.27
N LYS HA 311 -51.20 33.61 -137.07
CA LYS HA 311 -51.16 34.54 -138.18
C LYS HA 311 -52.33 35.50 -138.08
N TYR HA 312 -52.26 36.58 -138.84
CA TYR HA 312 -53.31 37.60 -138.86
C TYR HA 312 -54.17 37.38 -140.09
N MET HA 313 -55.34 36.77 -139.89
CA MET HA 313 -56.25 36.54 -141.01
C MET HA 313 -56.85 37.85 -141.51
N ALA HA 314 -57.03 38.82 -140.63
CA ALA HA 314 -57.58 40.12 -140.99
C ALA HA 314 -57.43 41.07 -139.81
N CYS HA 315 -57.35 42.36 -140.12
CA CYS HA 315 -57.25 43.40 -139.12
C CYS HA 315 -58.13 44.57 -139.53
N CYS HA 316 -58.65 45.29 -138.54
CA CYS HA 316 -59.39 46.53 -138.79
C CYS HA 316 -59.00 47.54 -137.73
N LEU HA 317 -58.59 48.71 -138.17
CA LEU HA 317 -58.06 49.74 -137.29
C LEU HA 317 -58.95 50.96 -137.34
N MET HA 318 -59.52 51.34 -136.19
CA MET HA 318 -60.35 52.53 -136.08
C MET HA 318 -59.52 53.62 -135.42
N TYR HA 319 -59.22 54.67 -136.16
CA TYR HA 319 -58.50 55.79 -135.58
C TYR HA 319 -59.51 56.79 -135.03
N ARG HA 320 -59.01 57.84 -134.38
CA ARG HA 320 -59.89 58.78 -133.71
C ARG HA 320 -59.12 60.07 -133.46
N GLY HA 321 -59.74 61.20 -133.79
CA GLY HA 321 -59.10 62.47 -133.55
C GLY HA 321 -58.41 63.05 -134.77
N ASP HA 322 -57.23 63.62 -134.57
CA ASP HA 322 -56.51 64.34 -135.62
C ASP HA 322 -55.59 63.36 -136.34
N VAL HA 323 -56.11 62.73 -137.39
CA VAL HA 323 -55.33 61.82 -138.20
C VAL HA 323 -55.63 62.11 -139.67
N VAL HA 324 -54.61 62.05 -140.52
CA VAL HA 324 -54.79 62.22 -141.95
C VAL HA 324 -54.54 60.87 -142.63
N PRO HA 325 -55.21 60.58 -143.74
CA PRO HA 325 -55.08 59.24 -144.34
C PRO HA 325 -53.67 58.90 -144.79
N LYS HA 326 -52.87 59.89 -145.19
CA LYS HA 326 -51.52 59.60 -145.65
C LYS HA 326 -50.69 58.95 -144.57
N ASP HA 327 -50.85 59.41 -143.31
CA ASP HA 327 -50.07 58.85 -142.23
C ASP HA 327 -50.55 57.46 -141.85
N VAL HA 328 -51.85 57.21 -141.95
CA VAL HA 328 -52.35 55.84 -141.82
C VAL HA 328 -51.63 54.94 -142.82
N ASN HA 329 -51.65 55.35 -144.10
CA ASN HA 329 -50.98 54.57 -145.13
C ASN HA 329 -49.50 54.44 -144.85
N ALA HA 330 -48.88 55.46 -144.28
CA ALA HA 330 -47.45 55.39 -143.96
C ALA HA 330 -47.20 54.41 -142.84
N SER HA 331 -48.04 54.42 -141.80
CA SER HA 331 -47.84 53.51 -140.68
C SER HA 331 -48.06 52.06 -141.08
N VAL HA 332 -49.23 51.76 -141.66
CA VAL HA 332 -49.52 50.38 -142.06
C VAL HA 332 -48.45 49.87 -143.02
N ALA HA 333 -47.83 50.78 -143.78
CA ALA HA 333 -46.71 50.39 -144.64
C ALA HA 333 -45.59 49.78 -143.82
N THR HA 334 -45.08 50.52 -142.84
CA THR HA 334 -43.98 50.04 -142.02
C THR HA 334 -44.33 48.73 -141.33
N ILE HA 335 -45.57 48.61 -140.85
CA ILE HA 335 -45.97 47.42 -140.11
C ILE HA 335 -45.90 46.18 -141.00
N LYS HA 336 -46.38 46.29 -142.24
CA LYS HA 336 -46.29 45.17 -143.16
C LYS HA 336 -44.86 44.83 -143.55
N THR HA 337 -43.89 45.64 -143.15
CA THR HA 337 -42.48 45.32 -143.37
C THR HA 337 -41.86 44.53 -142.24
N LYS HA 338 -42.45 44.57 -141.04
CA LYS HA 338 -41.89 43.85 -139.91
C LYS HA 338 -41.93 42.34 -140.16
N ARG HA 339 -41.31 41.59 -139.24
CA ARG HA 339 -41.24 40.15 -139.33
C ARG HA 339 -41.99 39.42 -138.22
N THR HA 340 -42.19 40.06 -137.06
CA THR HA 340 -42.97 39.41 -136.01
C THR HA 340 -44.41 39.21 -136.45
N ILE HA 341 -44.89 40.03 -137.37
CA ILE HA 341 -46.30 40.08 -137.73
C ILE HA 341 -46.50 39.15 -138.93
N GLN HA 342 -47.24 38.07 -138.72
CA GLN HA 342 -47.44 37.05 -139.73
C GLN HA 342 -48.87 37.09 -140.26
N PHE HA 343 -48.99 36.95 -141.58
CA PHE HA 343 -50.27 36.91 -142.25
C PHE HA 343 -50.38 35.61 -143.04
N VAL HA 344 -51.61 35.16 -143.25
CA VAL HA 344 -51.81 33.96 -144.04
C VAL HA 344 -51.72 34.32 -145.52
N ASP HA 345 -51.32 33.34 -146.34
CA ASP HA 345 -51.07 33.61 -147.75
C ASP HA 345 -52.30 34.16 -148.46
N TRP HA 346 -53.46 33.58 -148.20
CA TRP HA 346 -54.61 33.93 -149.03
C TRP HA 346 -55.12 35.34 -148.79
N CYS HA 347 -54.48 36.17 -147.98
CA CYS HA 347 -54.90 37.56 -147.80
C CYS HA 347 -53.71 38.49 -148.04
N PRO HA 348 -53.58 39.05 -149.23
CA PRO HA 348 -52.54 40.07 -149.46
C PRO HA 348 -52.81 41.33 -148.68
N THR HA 349 -54.06 41.79 -148.74
CA THR HA 349 -54.54 42.88 -147.91
C THR HA 349 -54.88 42.36 -146.53
N GLY HA 350 -55.68 43.11 -145.77
CA GLY HA 350 -55.94 42.72 -144.40
C GLY HA 350 -56.10 43.89 -143.45
N PHE HA 351 -56.01 45.11 -143.96
CA PHE HA 351 -56.21 46.31 -143.16
C PHE HA 351 -57.40 47.08 -143.70
N LYS HA 352 -58.45 47.18 -142.90
CA LYS HA 352 -59.59 48.05 -143.20
C LYS HA 352 -59.57 49.16 -142.16
N CYS HA 353 -59.01 50.30 -142.54
CA CYS HA 353 -58.78 51.41 -141.64
C CYS HA 353 -59.91 52.43 -141.74
N GLY HA 354 -60.16 53.11 -140.62
CA GLY HA 354 -61.22 54.11 -140.59
C GLY HA 354 -60.82 55.27 -139.71
N ILE HA 355 -61.27 56.46 -140.08
CA ILE HA 355 -60.92 57.69 -139.38
C ILE HA 355 -62.18 58.42 -138.96
N ASN HA 356 -62.10 59.09 -137.82
CA ASN HA 356 -63.12 60.01 -137.36
C ASN HA 356 -62.44 61.23 -136.78
N TYR HA 357 -63.06 62.39 -136.97
CA TYR HA 357 -62.47 63.63 -136.49
C TYR HA 357 -62.86 63.94 -135.05
N GLN HA 358 -63.80 63.21 -134.47
CA GLN HA 358 -64.22 63.46 -133.10
C GLN HA 358 -63.25 62.78 -132.16
N PRO HA 359 -62.46 63.52 -131.39
CA PRO HA 359 -61.43 62.91 -130.55
C PRO HA 359 -62.04 62.06 -129.45
N PRO HA 360 -61.22 61.34 -128.69
CA PRO HA 360 -61.74 60.64 -127.51
C PRO HA 360 -62.12 61.63 -126.42
N THR HA 361 -63.08 61.22 -125.59
CA THR HA 361 -63.62 62.06 -124.53
C THR HA 361 -63.29 61.44 -123.18
N VAL HA 362 -62.71 62.24 -122.31
CA VAL HA 362 -62.30 61.79 -120.98
C VAL HA 362 -63.46 61.99 -120.01
N VAL HA 363 -63.68 61.00 -119.15
CA VAL HA 363 -64.68 61.12 -118.10
C VAL HA 363 -64.02 61.75 -116.88
N PRO HA 364 -64.62 62.77 -116.27
CA PRO HA 364 -64.05 63.32 -115.03
C PRO HA 364 -63.99 62.26 -113.94
N GLY HA 365 -62.99 62.38 -113.07
CA GLY HA 365 -62.73 61.37 -112.07
C GLY HA 365 -62.14 60.09 -112.60
N GLY HA 366 -62.13 59.90 -113.92
CA GLY HA 366 -61.56 58.71 -114.52
C GLY HA 366 -60.05 58.69 -114.42
N ASP HA 367 -59.50 57.62 -114.99
CA ASP HA 367 -58.07 57.33 -114.99
C ASP HA 367 -57.35 57.82 -116.24
N LEU HA 368 -57.93 57.63 -117.42
CA LEU HA 368 -57.29 58.05 -118.65
C LEU HA 368 -57.06 59.56 -118.67
N ALA HA 369 -56.30 59.99 -119.66
CA ALA HA 369 -55.94 61.39 -119.86
C ALA HA 369 -56.62 61.91 -121.13
N LYS HA 370 -56.40 63.19 -121.40
CA LYS HA 370 -56.98 63.84 -122.57
C LYS HA 370 -55.96 63.79 -123.71
N VAL HA 371 -56.34 63.15 -124.81
CA VAL HA 371 -55.48 63.00 -125.98
C VAL HA 371 -56.27 63.39 -127.22
N GLN HA 372 -55.56 63.86 -128.24
CA GLN HA 372 -56.16 64.21 -129.52
C GLN HA 372 -56.08 63.08 -130.52
N ARG HA 373 -55.45 61.96 -130.17
CA ARG HA 373 -55.37 60.81 -131.05
C ARG HA 373 -55.67 59.55 -130.25
N ALA HA 374 -56.09 58.51 -130.96
CA ALA HA 374 -56.38 57.22 -130.35
C ALA HA 374 -56.58 56.21 -131.45
N VAL HA 375 -56.24 54.96 -131.17
CA VAL HA 375 -56.36 53.87 -132.12
C VAL HA 375 -56.89 52.65 -131.40
N CYS HA 376 -57.94 52.04 -131.96
CA CYS HA 376 -58.49 50.79 -131.44
C CYS HA 376 -58.31 49.72 -132.50
N MET HA 377 -57.49 48.72 -132.19
CA MET HA 377 -57.15 47.67 -133.13
C MET HA 377 -58.00 46.44 -132.84
N ILE HA 378 -58.74 45.98 -133.85
CA ILE HA 378 -59.52 44.75 -133.79
C ILE HA 378 -59.02 43.85 -134.90
N SER HA 379 -58.57 42.65 -134.54
CA SER HA 379 -57.96 41.74 -135.49
C SER HA 379 -58.56 40.35 -135.38
N ASN HA 380 -58.71 39.70 -136.52
CA ASN HA 380 -59.16 38.30 -136.58
C ASN HA 380 -57.92 37.45 -136.84
N SER HA 381 -57.36 36.89 -135.78
CA SER HA 381 -56.11 36.14 -135.85
C SER HA 381 -56.34 34.68 -135.48
N THR HA 382 -55.64 33.80 -136.18
CA THR HA 382 -55.75 32.37 -135.92
C THR HA 382 -55.00 31.93 -134.68
N ALA HA 383 -54.40 32.87 -133.93
CA ALA HA 383 -53.72 32.53 -132.69
C ALA HA 383 -54.70 32.27 -131.55
N ILE HA 384 -55.93 32.77 -131.65
CA ILE HA 384 -56.88 32.69 -130.55
C ILE HA 384 -57.29 31.27 -130.21
N GLY HA 385 -56.90 30.28 -131.02
CA GLY HA 385 -57.24 28.91 -130.71
C GLY HA 385 -56.60 28.38 -129.44
N GLU HA 386 -55.54 29.04 -128.96
CA GLU HA 386 -54.84 28.54 -127.79
C GLU HA 386 -55.66 28.74 -126.52
N ILE HA 387 -56.23 29.94 -126.34
CA ILE HA 387 -57.10 30.16 -125.18
C ILE HA 387 -58.34 29.28 -125.28
N PHE HA 388 -58.72 28.87 -126.48
CA PHE HA 388 -59.83 27.94 -126.63
C PHE HA 388 -59.46 26.55 -126.12
N SER HA 389 -58.16 26.22 -126.13
CA SER HA 389 -57.74 24.88 -125.73
C SER HA 389 -57.70 24.71 -124.22
N ARG HA 390 -57.39 25.77 -123.48
CA ARG HA 390 -57.37 25.68 -122.02
C ARG HA 390 -58.69 25.15 -121.49
N LEU HA 391 -59.79 25.78 -121.91
CA LEU HA 391 -61.11 25.31 -121.50
C LEU HA 391 -61.32 23.86 -121.91
N ASP HA 392 -60.81 23.48 -123.08
CA ASP HA 392 -60.94 22.09 -123.53
C ASP HA 392 -60.32 21.15 -122.52
N HIS HA 393 -59.18 21.53 -121.95
CA HIS HA 393 -58.48 20.64 -121.02
C HIS HA 393 -59.20 20.57 -119.68
N LYS HA 394 -59.56 21.73 -119.12
CA LYS HA 394 -60.18 21.75 -117.80
C LYS HA 394 -61.51 21.02 -117.80
N PHE HA 395 -62.27 21.12 -118.89
CA PHE HA 395 -63.59 20.50 -118.94
C PHE HA 395 -63.49 18.99 -118.74
N ASP HA 396 -62.65 18.33 -119.54
CA ASP HA 396 -62.50 16.89 -119.39
C ASP HA 396 -61.87 16.53 -118.05
N LEU HA 397 -60.88 17.32 -117.62
CA LEU HA 397 -60.20 17.07 -116.36
C LEU HA 397 -61.15 17.03 -115.17
N MET HA 398 -62.31 17.68 -115.29
CA MET HA 398 -63.36 17.60 -114.28
C MET HA 398 -64.52 16.73 -114.70
N TYR HA 399 -64.83 16.66 -116.00
CA TYR HA 399 -65.89 15.78 -116.47
C TYR HA 399 -65.52 14.32 -116.32
N ALA HA 400 -64.23 14.00 -116.21
CA ALA HA 400 -63.82 12.62 -115.97
C ALA HA 400 -64.39 12.10 -114.67
N LYS HA 401 -64.44 12.94 -113.64
CA LYS HA 401 -65.05 12.58 -112.36
C LYS HA 401 -66.53 12.90 -112.30
N ARG HA 402 -67.06 13.59 -113.30
CA ARG HA 402 -68.46 14.00 -113.33
C ARG HA 402 -68.83 14.77 -112.07
N ALA HA 403 -67.94 15.66 -111.65
CA ALA HA 403 -68.20 16.51 -110.50
C ALA HA 403 -69.11 17.66 -110.88
N PHE HA 404 -69.95 18.06 -109.93
CA PHE HA 404 -70.94 19.12 -110.06
C PHE HA 404 -72.02 18.79 -111.08
N VAL HA 405 -71.94 17.64 -111.76
CA VAL HA 405 -72.88 17.34 -112.81
C VAL HA 405 -74.24 16.99 -112.23
N HIS HA 406 -74.28 16.53 -110.97
CA HIS HA 406 -75.57 16.27 -110.34
C HIS HA 406 -76.42 17.52 -110.25
N TRP HA 407 -75.79 18.70 -110.27
CA TRP HA 407 -76.55 19.94 -110.37
C TRP HA 407 -77.25 20.05 -111.72
N TYR HA 408 -76.48 19.97 -112.80
CA TYR HA 408 -77.03 20.17 -114.13
C TYR HA 408 -78.07 19.11 -114.47
N VAL HA 409 -77.75 17.85 -114.19
CA VAL HA 409 -78.71 16.78 -114.46
C VAL HA 409 -79.91 16.85 -113.53
N GLY HA 410 -79.79 17.57 -112.42
CA GLY HA 410 -80.91 17.74 -111.52
C GLY HA 410 -81.77 18.94 -111.88
N GLU HA 411 -81.22 19.84 -112.68
CA GLU HA 411 -81.91 21.07 -113.07
C GLU HA 411 -82.37 21.02 -114.52
N GLY HA 412 -82.83 19.85 -114.96
CA GLY HA 412 -83.39 19.74 -116.30
C GLY HA 412 -82.37 19.64 -117.40
N MET HA 413 -81.30 18.88 -117.20
CA MET HA 413 -80.34 18.59 -118.25
C MET HA 413 -79.93 17.13 -118.14
N GLU HA 414 -79.02 16.71 -119.02
CA GLU HA 414 -78.51 15.35 -118.98
C GLU HA 414 -77.06 15.38 -119.43
N GLU HA 415 -76.45 14.20 -119.54
CA GLU HA 415 -75.04 14.10 -119.91
C GLU HA 415 -74.77 14.42 -121.36
N GLY HA 416 -75.81 14.37 -122.21
CA GLY HA 416 -75.60 14.60 -123.63
C GLY HA 416 -74.93 15.93 -123.92
N GLU HA 417 -75.49 17.02 -123.40
CA GLU HA 417 -74.97 18.35 -123.69
C GLU HA 417 -73.50 18.48 -123.31
N PHE HA 418 -73.03 17.68 -122.35
CA PHE HA 418 -71.62 17.72 -122.00
C PHE HA 418 -70.77 17.11 -123.11
N SER HA 419 -71.29 16.11 -123.81
CA SER HA 419 -70.57 15.52 -124.94
C SER HA 419 -70.85 16.27 -126.24
N GLU HA 420 -72.09 16.70 -126.45
CA GLU HA 420 -72.42 17.44 -127.66
C GLU HA 420 -71.59 18.71 -127.77
N ALA HA 421 -71.67 19.56 -126.74
CA ALA HA 421 -70.83 20.76 -126.72
C ALA HA 421 -69.35 20.40 -126.79
N ARG HA 422 -68.96 19.27 -126.22
CA ARG HA 422 -67.55 18.89 -126.19
C ARG HA 422 -66.99 18.73 -127.59
N GLU HA 423 -67.75 18.10 -128.47
CA GLU HA 423 -67.22 17.83 -129.82
C GLU HA 423 -67.12 19.12 -130.63
N ASP HA 424 -68.07 20.06 -130.46
CA ASP HA 424 -68.00 21.29 -131.21
C ASP HA 424 -66.76 22.09 -130.86
N LEU HA 425 -66.25 21.93 -129.64
CA LEU HA 425 -64.98 22.55 -129.27
C LEU HA 425 -63.83 21.95 -130.07
N ALA HA 426 -63.78 20.63 -130.15
CA ALA HA 426 -62.80 19.97 -131.01
C ALA HA 426 -63.04 20.30 -132.48
N ALA HA 427 -64.31 20.33 -132.91
CA ALA HA 427 -64.60 20.69 -134.29
C ALA HA 427 -64.11 22.09 -134.60
N LEU HA 428 -64.39 23.04 -133.71
CA LEU HA 428 -63.90 24.39 -133.90
C LEU HA 428 -62.39 24.44 -133.92
N GLU HA 429 -61.74 23.68 -133.01
CA GLU HA 429 -60.30 23.72 -132.91
C GLU HA 429 -59.64 23.34 -134.23
N LYS HA 430 -60.15 22.31 -134.90
CA LYS HA 430 -59.54 21.87 -136.15
C LYS HA 430 -59.88 22.78 -137.32
N ASP HA 431 -60.97 23.53 -137.23
CA ASP HA 431 -61.23 24.55 -138.23
C ASP HA 431 -60.21 25.67 -138.13
N PHE HA 432 -59.62 25.87 -136.95
CA PHE HA 432 -58.57 26.87 -136.81
C PHE HA 432 -57.26 26.37 -137.39
N GLU HA 433 -56.97 25.08 -137.25
CA GLU HA 433 -55.73 24.54 -137.78
C GLU HA 433 -55.79 24.30 -139.28
N GLU HA 434 -56.98 24.27 -139.87
CA GLU HA 434 -57.09 24.04 -141.30
C GLU HA 434 -56.56 25.23 -142.09
N VAL HA 435 -56.71 26.45 -141.57
CA VAL HA 435 -56.34 27.65 -142.30
C VAL HA 435 -54.83 27.84 -142.29
N GLY HA 436 -54.11 26.86 -141.73
CA GLY HA 436 -52.67 26.87 -141.76
C GLY HA 436 -52.10 26.62 -143.15
N MET IA 1 2.83 -52.40 21.72
CA MET IA 1 2.54 -53.56 20.88
C MET IA 1 3.41 -54.71 21.34
N ARG IA 2 3.04 -55.95 21.00
CA ARG IA 2 3.75 -57.15 21.41
C ARG IA 2 3.80 -57.32 22.92
N GLU IA 3 2.86 -56.71 23.63
CA GLU IA 3 2.84 -56.81 25.09
C GLU IA 3 2.74 -58.26 25.54
N ILE IA 4 3.30 -58.56 26.70
CA ILE IA 4 3.30 -59.90 27.26
C ILE IA 4 2.90 -59.85 28.72
N VAL IA 5 2.00 -60.74 29.11
CA VAL IA 5 1.56 -60.85 30.50
C VAL IA 5 2.26 -62.07 31.10
N HIS IA 6 2.46 -62.03 32.41
CA HIS IA 6 3.35 -62.97 33.10
C HIS IA 6 2.66 -63.57 34.30
N ILE IA 7 2.76 -64.89 34.43
CA ILE IA 7 2.19 -65.62 35.56
C ILE IA 7 3.33 -66.20 36.39
N GLN IA 8 3.04 -66.48 37.65
CA GLN IA 8 4.02 -67.06 38.59
C GLN IA 8 3.30 -68.05 39.47
N GLY IA 9 3.32 -69.32 39.10
CA GLY IA 9 2.74 -70.38 39.90
C GLY IA 9 3.75 -70.98 40.86
N GLY IA 10 3.24 -71.55 41.95
CA GLY IA 10 4.10 -72.21 42.91
C GLY IA 10 4.89 -71.23 43.76
N GLN IA 11 5.74 -71.79 44.62
CA GLN IA 11 6.63 -70.98 45.44
C GLN IA 11 7.90 -70.61 44.68
N CYS IA 12 8.58 -71.61 44.12
CA CYS IA 12 9.77 -71.35 43.30
C CYS IA 12 9.44 -70.38 42.18
N GLY IA 13 8.44 -70.71 41.36
CA GLY IA 13 8.02 -69.79 40.32
C GLY IA 13 7.67 -68.41 40.85
N ASN IA 14 7.17 -68.35 42.09
CA ASN IA 14 6.94 -67.07 42.73
C ASN IA 14 8.23 -66.43 43.20
N GLN IA 15 9.29 -67.22 43.37
CA GLN IA 15 10.55 -66.73 43.92
C GLN IA 15 11.53 -66.32 42.83
N ILE IA 16 11.67 -67.14 41.78
CA ILE IA 16 12.39 -66.69 40.59
C ILE IA 16 11.74 -65.44 40.02
N GLY IA 17 10.40 -65.44 39.96
CA GLY IA 17 9.70 -64.26 39.49
C GLY IA 17 10.05 -63.01 40.26
N ALA IA 18 10.50 -63.16 41.51
CA ALA IA 18 11.00 -62.00 42.25
C ALA IA 18 12.30 -61.49 41.65
N LYS IA 19 13.09 -62.38 41.05
CA LYS IA 19 14.33 -61.96 40.42
C LYS IA 19 14.11 -61.48 39.00
N PHE IA 20 13.37 -62.26 38.20
CA PHE IA 20 13.04 -61.83 36.84
C PHE IA 20 12.45 -60.43 36.84
N TRP IA 21 11.57 -60.14 37.80
CA TRP IA 21 11.03 -58.79 37.92
C TRP IA 21 12.00 -57.83 38.58
N GLU IA 22 13.10 -58.32 39.13
CA GLU IA 22 14.10 -57.41 39.65
C GLU IA 22 15.17 -57.10 38.62
N VAL IA 23 15.58 -58.10 37.83
CA VAL IA 23 16.58 -57.89 36.80
C VAL IA 23 16.07 -56.92 35.74
N VAL IA 24 14.87 -57.20 35.21
CA VAL IA 24 14.31 -56.36 34.17
C VAL IA 24 14.11 -54.93 34.68
N SER IA 25 13.56 -54.79 35.88
CA SER IA 25 13.33 -53.46 36.42
C SER IA 25 14.61 -52.65 36.55
N ASP IA 26 15.76 -53.29 36.51
CA ASP IA 26 17.02 -52.55 36.45
C ASP IA 26 17.48 -52.33 35.01
N GLU IA 27 17.27 -53.32 34.14
CA GLU IA 27 17.60 -53.16 32.73
C GLU IA 27 16.96 -51.90 32.17
N HIS IA 28 15.63 -51.80 32.28
CA HIS IA 28 14.93 -50.60 31.87
C HIS IA 28 15.13 -49.44 32.84
N GLY IA 29 15.85 -49.65 33.93
CA GLY IA 29 16.24 -48.56 34.80
C GLY IA 29 15.14 -47.92 35.60
N ILE IA 30 14.23 -48.72 36.16
CA ILE IA 30 13.20 -48.19 37.02
C ILE IA 30 13.54 -48.56 38.46
N ASP IA 31 12.87 -47.89 39.40
CA ASP IA 31 13.19 -47.93 40.81
C ASP IA 31 12.33 -48.94 41.54
N PRO IA 32 12.71 -49.32 42.76
CA PRO IA 32 11.78 -50.09 43.61
C PRO IA 32 10.50 -49.34 43.92
N THR IA 33 10.49 -48.02 43.83
CA THR IA 33 9.25 -47.27 43.93
C THR IA 33 8.40 -47.36 42.67
N GLY IA 34 8.92 -47.98 41.61
CA GLY IA 34 8.22 -48.04 40.35
C GLY IA 34 8.45 -46.85 39.43
N THR IA 35 9.32 -45.93 39.82
CA THR IA 35 9.59 -44.73 39.03
C THR IA 35 10.82 -44.95 38.14
N TYR IA 36 10.79 -44.35 36.97
CA TYR IA 36 11.86 -44.49 36.00
C TYR IA 36 12.98 -43.50 36.30
N HIS IA 37 14.22 -43.99 36.24
CA HIS IA 37 15.37 -43.11 36.46
C HIS IA 37 16.53 -43.44 35.54
N GLY IA 38 16.26 -43.97 34.35
CA GLY IA 38 17.30 -44.27 33.39
C GLY IA 38 17.82 -43.03 32.70
N ASP IA 39 18.39 -43.21 31.52
CA ASP IA 39 18.92 -42.08 30.77
C ASP IA 39 18.45 -42.02 29.32
N SER IA 40 18.31 -43.16 28.66
CA SER IA 40 18.05 -43.19 27.23
C SER IA 40 16.56 -43.36 26.93
N ASP IA 41 16.21 -43.04 25.69
CA ASP IA 41 14.85 -43.31 25.23
C ASP IA 41 14.62 -44.79 24.96
N LEU IA 42 15.69 -45.58 24.84
CA LEU IA 42 15.54 -47.00 24.61
C LEU IA 42 14.94 -47.72 25.80
N GLN IA 43 15.05 -47.15 27.00
CA GLN IA 43 14.37 -47.69 28.16
C GLN IA 43 12.86 -47.50 28.10
N LEU IA 44 12.36 -46.68 27.16
CA LEU IA 44 10.96 -46.32 27.14
C LEU IA 44 10.23 -46.72 25.86
N GLU IA 45 10.93 -46.95 24.75
CA GLU IA 45 10.24 -47.17 23.48
C GLU IA 45 9.38 -48.42 23.53
N ARG IA 46 9.82 -49.45 24.25
CA ARG IA 46 9.10 -50.71 24.36
C ARG IA 46 8.98 -51.15 25.81
N ILE IA 47 8.81 -50.18 26.70
CA ILE IA 47 8.63 -50.51 28.11
C ILE IA 47 7.30 -51.20 28.35
N ASN IA 48 6.28 -50.88 27.54
CA ASN IA 48 4.93 -51.37 27.75
C ASN IA 48 4.81 -52.88 27.57
N VAL IA 49 5.88 -53.57 27.20
CA VAL IA 49 5.77 -55.01 27.01
C VAL IA 49 5.69 -55.74 28.35
N TYR IA 50 6.36 -55.22 29.38
CA TYR IA 50 6.40 -55.84 30.69
C TYR IA 50 5.60 -55.09 31.75
N PHE IA 51 5.21 -53.85 31.50
CA PHE IA 51 4.65 -53.01 32.54
C PHE IA 51 3.35 -52.38 32.06
N ASN IA 52 2.61 -51.87 33.03
CA ASN IA 52 1.44 -51.04 32.80
C ASN IA 52 1.74 -49.64 33.31
N GLU IA 53 1.20 -48.64 32.63
CA GLU IA 53 1.32 -47.28 33.12
C GLU IA 53 0.62 -47.15 34.47
N ALA IA 54 1.09 -46.23 35.29
CA ALA IA 54 0.47 -45.97 36.58
C ALA IA 54 0.45 -44.48 36.83
N THR IA 55 -0.46 -44.06 37.69
CA THR IA 55 -0.55 -42.65 38.06
C THR IA 55 0.74 -42.20 38.74
N GLY IA 56 1.08 -40.93 38.53
CA GLY IA 56 2.29 -40.40 39.11
C GLY IA 56 3.57 -40.81 38.41
N GLY IA 57 3.49 -41.27 37.17
CA GLY IA 57 4.67 -41.69 36.45
C GLY IA 57 5.37 -42.90 37.05
N ARG IA 58 4.61 -43.83 37.62
CA ARG IA 58 5.15 -45.07 38.12
C ARG IA 58 4.87 -46.19 37.13
N TYR IA 59 5.61 -47.28 37.28
CA TYR IA 59 5.45 -48.45 36.43
C TYR IA 59 5.23 -49.67 37.30
N VAL IA 60 4.25 -50.49 36.93
CA VAL IA 60 3.87 -51.65 37.71
C VAL IA 60 3.86 -52.87 36.80
N PRO IA 61 4.46 -53.98 37.20
CA PRO IA 61 4.59 -55.13 36.30
C PRO IA 61 3.24 -55.74 35.94
N ARG IA 62 3.18 -56.25 34.72
CA ARG IA 62 2.01 -56.98 34.23
C ARG IA 62 2.12 -58.45 34.66
N ALA IA 63 2.25 -58.64 35.97
CA ALA IA 63 2.48 -59.95 36.54
C ALA IA 63 1.28 -60.41 37.37
N ILE IA 64 1.15 -61.72 37.50
CA ILE IA 64 0.17 -62.34 38.38
C ILE IA 64 0.91 -63.26 39.33
N LEU IA 65 0.54 -63.23 40.60
CA LEU IA 65 1.15 -64.09 41.61
C LEU IA 65 0.04 -64.99 42.15
N MET IA 66 0.08 -66.27 41.77
CA MET IA 66 -0.89 -67.24 42.25
C MET IA 66 -0.16 -68.29 43.08
N ASP IA 67 -0.64 -68.49 44.31
CA ASP IA 67 -0.07 -69.49 45.21
C ASP IA 67 -0.94 -69.70 46.43
N LEU IA 68 -1.26 -70.96 46.73
CA LEU IA 68 -1.88 -71.27 48.01
C LEU IA 68 -0.90 -70.97 49.15
N GLU IA 69 -1.40 -71.03 50.38
CA GLU IA 69 -0.56 -70.81 51.55
C GLU IA 69 0.11 -69.44 51.50
N PRO IA 70 -0.61 -68.36 51.82
CA PRO IA 70 -0.13 -67.02 51.49
C PRO IA 70 1.18 -66.62 52.16
N GLY IA 71 1.81 -67.54 52.90
CA GLY IA 71 3.07 -67.22 53.53
C GLY IA 71 4.13 -66.71 52.55
N THR IA 72 4.21 -67.34 51.38
CA THR IA 72 5.20 -66.91 50.40
C THR IA 72 4.90 -65.50 49.91
N MET IA 73 3.64 -65.19 49.65
CA MET IA 73 3.28 -63.89 49.09
C MET IA 73 3.64 -62.74 50.01
N ASP IA 74 3.88 -63.02 51.28
CA ASP IA 74 4.37 -61.98 52.18
C ASP IA 74 5.86 -61.74 51.95
N SER IA 75 6.61 -62.81 51.69
CA SER IA 75 8.06 -62.68 51.50
C SER IA 75 8.37 -61.78 50.30
N VAL IA 76 7.81 -62.10 49.14
CA VAL IA 76 8.08 -61.31 47.94
C VAL IA 76 7.64 -59.86 48.14
N ARG IA 77 6.59 -59.63 48.93
CA ARG IA 77 6.22 -58.27 49.27
C ARG IA 77 7.26 -57.61 50.16
N SER IA 78 8.04 -58.40 50.92
CA SER IA 78 9.04 -57.84 51.80
C SER IA 78 10.36 -57.58 51.10
N GLY IA 79 10.73 -58.41 50.13
CA GLY IA 79 11.97 -58.24 49.40
C GLY IA 79 12.08 -56.86 48.78
N PRO IA 80 13.30 -56.42 48.51
CA PRO IA 80 13.50 -55.02 48.08
C PRO IA 80 12.77 -54.65 46.82
N TYR IA 81 12.22 -55.62 46.09
CA TYR IA 81 11.45 -55.32 44.89
C TYR IA 81 10.06 -55.90 45.00
N GLY IA 82 9.40 -55.70 46.13
CA GLY IA 82 8.05 -56.16 46.31
C GLY IA 82 7.03 -55.04 46.12
N GLN IA 83 7.46 -53.81 46.39
CA GLN IA 83 6.54 -52.69 46.36
C GLN IA 83 6.03 -52.36 44.97
N ILE IA 84 6.69 -52.86 43.93
CA ILE IA 84 6.24 -52.57 42.57
C ILE IA 84 5.03 -53.39 42.20
N PHE IA 85 4.72 -54.45 42.93
CA PHE IA 85 3.59 -55.30 42.59
C PHE IA 85 2.30 -54.69 43.11
N ARG IA 86 1.26 -54.76 42.29
CA ARG IA 86 -0.04 -54.25 42.71
C ARG IA 86 -0.65 -55.21 43.73
N PRO IA 87 -0.98 -54.75 44.94
CA PRO IA 87 -1.45 -55.67 45.98
C PRO IA 87 -2.71 -56.43 45.63
N ASP IA 88 -3.34 -56.17 44.49
CA ASP IA 88 -4.41 -57.04 44.01
C ASP IA 88 -3.94 -57.97 42.91
N ASN IA 89 -2.67 -57.94 42.56
CA ASN IA 89 -2.08 -59.00 41.75
C ASN IA 89 -1.59 -60.13 42.64
N PHE IA 90 -2.46 -60.56 43.56
CA PHE IA 90 -2.15 -61.59 44.54
C PHE IA 90 -3.38 -62.46 44.69
N VAL IA 91 -3.28 -63.70 44.25
CA VAL IA 91 -4.35 -64.67 44.41
C VAL IA 91 -3.82 -65.78 45.31
N PHE IA 92 -4.47 -66.00 46.45
CA PHE IA 92 -3.96 -66.99 47.38
C PHE IA 92 -5.10 -67.59 48.18
N GLY IA 93 -4.79 -68.72 48.80
CA GLY IA 93 -5.70 -69.37 49.73
C GLY IA 93 -4.93 -69.89 50.92
N GLN IA 94 -5.64 -70.09 52.02
CA GLN IA 94 -4.96 -70.40 53.28
C GLN IA 94 -4.51 -71.85 53.34
N THR IA 95 -5.09 -72.73 52.53
CA THR IA 95 -4.79 -74.15 52.61
C THR IA 95 -3.53 -74.50 51.83
N GLY IA 96 -2.87 -75.58 52.27
CA GLY IA 96 -1.63 -75.99 51.65
C GLY IA 96 -1.81 -76.82 50.41
N ALA IA 97 -0.79 -76.78 49.55
CA ALA IA 97 -0.79 -77.62 48.36
C ALA IA 97 -0.47 -79.07 48.71
N GLY IA 98 0.43 -79.29 49.67
CA GLY IA 98 0.70 -80.62 50.14
C GLY IA 98 1.35 -81.56 49.15
N ASN IA 99 1.90 -81.02 48.06
CA ASN IA 99 2.57 -81.81 47.02
C ASN IA 99 1.65 -82.84 46.40
N ASN IA 100 0.33 -82.67 46.54
CA ASN IA 100 -0.64 -83.58 45.96
C ASN IA 100 -1.17 -82.90 44.70
N TRP IA 101 -0.60 -83.29 43.55
CA TRP IA 101 -1.00 -82.71 42.27
C TRP IA 101 -2.51 -82.70 42.11
N ALA IA 102 -3.20 -83.68 42.68
CA ALA IA 102 -4.65 -83.76 42.53
C ALA IA 102 -5.32 -82.52 43.10
N LYS IA 103 -5.13 -82.25 44.39
CA LYS IA 103 -5.86 -81.15 45.01
C LYS IA 103 -5.52 -79.82 44.36
N GLY IA 104 -4.25 -79.58 44.06
CA GLY IA 104 -3.90 -78.39 43.32
C GLY IA 104 -4.52 -78.33 41.93
N HIS IA 105 -4.96 -79.48 41.40
CA HIS IA 105 -5.54 -79.54 40.08
C HIS IA 105 -6.97 -80.05 40.06
N TYR IA 106 -7.49 -80.56 41.17
CA TYR IA 106 -8.85 -81.07 41.19
C TYR IA 106 -9.74 -80.33 42.17
N THR IA 107 -9.36 -80.23 43.44
CA THR IA 107 -10.25 -79.63 44.45
C THR IA 107 -9.94 -78.15 44.66
N GLU IA 108 -8.76 -77.85 45.17
CA GLU IA 108 -8.43 -76.47 45.52
C GLU IA 108 -8.02 -75.65 44.30
N GLY IA 109 -7.59 -76.30 43.22
CA GLY IA 109 -7.40 -75.57 41.99
C GLY IA 109 -8.70 -75.00 41.46
N ALA IA 110 -9.77 -75.79 41.53
CA ALA IA 110 -11.06 -75.34 41.03
C ALA IA 110 -11.61 -74.16 41.82
N GLU IA 111 -11.10 -73.91 43.02
CA GLU IA 111 -11.63 -72.82 43.84
C GLU IA 111 -10.99 -71.48 43.52
N LEU IA 112 -9.81 -71.46 42.90
CA LEU IA 112 -9.13 -70.20 42.63
C LEU IA 112 -9.18 -69.78 41.16
N ILE IA 113 -9.42 -70.72 40.25
CA ILE IA 113 -9.31 -70.41 38.83
C ILE IA 113 -10.27 -69.30 38.44
N ASP IA 114 -11.50 -69.33 38.97
CA ASP IA 114 -12.45 -68.27 38.67
C ASP IA 114 -11.88 -66.90 39.04
N SER IA 115 -11.20 -66.83 40.18
CA SER IA 115 -10.57 -65.58 40.58
C SER IA 115 -9.39 -65.25 39.68
N VAL IA 116 -8.48 -66.21 39.47
CA VAL IA 116 -7.32 -65.97 38.63
C VAL IA 116 -7.75 -65.61 37.21
N LEU IA 117 -8.63 -66.42 36.62
CA LEU IA 117 -9.12 -66.11 35.29
C LEU IA 117 -9.72 -64.71 35.22
N ASP IA 118 -10.30 -64.23 36.32
CA ASP IA 118 -10.79 -62.86 36.32
C ASP IA 118 -9.65 -61.86 36.36
N VAL IA 119 -8.51 -62.23 36.93
CA VAL IA 119 -7.39 -61.30 37.00
C VAL IA 119 -6.61 -61.28 35.69
N VAL IA 120 -6.36 -62.46 35.12
CA VAL IA 120 -5.65 -62.50 33.84
C VAL IA 120 -6.51 -61.88 32.75
N ARG IA 121 -7.82 -62.10 32.79
CA ARG IA 121 -8.71 -61.40 31.87
C ARG IA 121 -8.66 -59.90 32.07
N LYS IA 122 -8.24 -59.43 33.24
CA LYS IA 122 -8.24 -58.00 33.48
C LYS IA 122 -7.04 -57.31 32.86
N GLU IA 123 -5.89 -57.97 32.81
CA GLU IA 123 -4.73 -57.37 32.17
C GLU IA 123 -4.38 -58.00 30.83
N ALA IA 124 -5.06 -59.06 30.42
CA ALA IA 124 -5.05 -59.41 29.01
C ALA IA 124 -5.72 -58.33 28.17
N GLU IA 125 -6.67 -57.61 28.77
CA GLU IA 125 -7.32 -56.48 28.15
C GLU IA 125 -6.62 -55.17 28.48
N SER IA 126 -5.49 -55.22 29.17
CA SER IA 126 -4.63 -54.06 29.35
C SER IA 126 -3.54 -53.98 28.29
N CYS IA 127 -3.60 -54.84 27.27
CA CYS IA 127 -2.59 -54.91 26.23
C CYS IA 127 -3.23 -54.56 24.90
N ASP IA 128 -2.58 -53.65 24.16
CA ASP IA 128 -3.08 -53.30 22.83
C ASP IA 128 -2.92 -54.47 21.86
N CYS IA 129 -1.70 -55.01 21.76
CA CYS IA 129 -1.42 -56.20 20.94
C CYS IA 129 -0.73 -57.21 21.82
N LEU IA 130 -1.51 -58.05 22.49
CA LEU IA 130 -0.96 -59.06 23.38
C LEU IA 130 -0.27 -60.16 22.57
N GLN IA 131 0.99 -60.42 22.88
CA GLN IA 131 1.71 -61.48 22.18
C GLN IA 131 1.40 -62.85 22.77
N GLY IA 132 1.71 -63.05 24.04
CA GLY IA 132 1.47 -64.33 24.65
C GLY IA 132 1.69 -64.29 26.15
N PHE IA 133 1.64 -65.46 26.75
CA PHE IA 133 1.82 -65.64 28.19
C PHE IA 133 3.19 -66.24 28.46
N GLN IA 134 3.51 -66.37 29.74
CA GLN IA 134 4.69 -67.11 30.19
C GLN IA 134 4.59 -67.39 31.68
N VAL IA 135 4.81 -68.63 32.09
CA VAL IA 135 4.61 -69.02 33.47
C VAL IA 135 5.94 -69.46 34.07
N CYS IA 136 5.93 -69.78 35.37
CA CYS IA 136 7.12 -70.28 36.06
C CYS IA 136 6.68 -71.44 36.94
N HIS IA 137 6.81 -72.65 36.43
CA HIS IA 137 6.35 -73.84 37.12
C HIS IA 137 7.39 -74.35 38.09
N SER IA 138 7.07 -75.47 38.73
CA SER IA 138 8.05 -76.31 39.43
C SER IA 138 7.42 -77.69 39.47
N LEU IA 139 7.86 -78.58 38.58
CA LEU IA 139 7.17 -79.85 38.39
C LEU IA 139 7.20 -80.73 39.63
N GLY IA 140 7.93 -80.34 40.68
CA GLY IA 140 7.94 -81.09 41.91
C GLY IA 140 6.71 -80.87 42.77
N GLY IA 141 6.47 -79.61 43.13
CA GLY IA 141 5.40 -79.31 44.06
C GLY IA 141 4.02 -79.40 43.45
N GLY IA 142 3.01 -79.23 44.31
CA GLY IA 142 1.63 -79.34 43.91
C GLY IA 142 1.01 -78.05 43.42
N THR IA 143 1.51 -76.91 43.90
CA THR IA 143 1.02 -75.63 43.40
C THR IA 143 1.41 -75.44 41.96
N GLY IA 144 2.71 -75.42 41.68
CA GLY IA 144 3.17 -75.21 40.32
C GLY IA 144 2.62 -76.23 39.34
N SER IA 145 2.66 -77.50 39.71
CA SER IA 145 2.20 -78.55 38.82
C SER IA 145 0.68 -78.62 38.78
N GLY IA 146 0.06 -78.81 39.95
CA GLY IA 146 -1.38 -78.98 39.99
C GLY IA 146 -2.13 -77.74 39.52
N MET IA 147 -1.81 -76.58 40.10
CA MET IA 147 -2.52 -75.37 39.72
C MET IA 147 -2.11 -74.89 38.34
N GLY IA 148 -0.80 -74.90 38.05
CA GLY IA 148 -0.33 -74.39 36.77
C GLY IA 148 -0.99 -75.06 35.58
N THR IA 149 -1.02 -76.38 35.58
CA THR IA 149 -1.62 -77.11 34.46
C THR IA 149 -3.11 -76.81 34.33
N LEU IA 150 -3.81 -76.69 35.46
CA LEU IA 150 -5.23 -76.35 35.40
C LEU IA 150 -5.43 -74.96 34.82
N LEU IA 151 -4.57 -74.01 35.22
CA LEU IA 151 -4.64 -72.67 34.64
C LEU IA 151 -4.40 -72.71 33.14
N ILE IA 152 -3.43 -73.50 32.70
CA ILE IA 152 -3.04 -73.52 31.30
C ILE IA 152 -4.18 -74.04 30.44
N SER IA 153 -4.79 -75.16 30.85
CA SER IA 153 -5.92 -75.69 30.11
C SER IA 153 -7.05 -74.68 30.00
N LYS IA 154 -7.15 -73.79 30.97
CA LYS IA 154 -8.17 -72.73 30.91
C LYS IA 154 -7.80 -71.67 29.89
N ILE IA 155 -6.55 -71.23 29.90
CA ILE IA 155 -6.12 -70.19 28.97
C ILE IA 155 -6.19 -70.68 27.54
N ARG IA 156 -5.69 -71.90 27.30
CA ARG IA 156 -5.65 -72.44 25.94
C ARG IA 156 -7.02 -72.44 25.28
N GLU IA 157 -8.08 -72.66 26.05
CA GLU IA 157 -9.42 -72.72 25.48
C GLU IA 157 -10.09 -71.36 25.36
N GLU IA 158 -9.40 -70.27 25.71
CA GLU IA 158 -9.91 -68.94 25.47
C GLU IA 158 -8.94 -68.02 24.76
N TYR IA 159 -7.66 -68.35 24.71
CA TYR IA 159 -6.68 -67.67 23.88
C TYR IA 159 -6.01 -68.71 22.98
N PRO IA 160 -6.76 -69.32 22.07
CA PRO IA 160 -6.18 -70.42 21.28
C PRO IA 160 -5.03 -69.97 20.40
N ASP IA 161 -5.20 -68.85 19.70
CA ASP IA 161 -4.18 -68.42 18.75
C ASP IA 161 -2.91 -67.96 19.45
N ARG IA 162 -3.02 -67.43 20.66
CA ARG IA 162 -1.86 -66.94 21.37
C ARG IA 162 -0.92 -68.09 21.74
N MET IA 163 0.31 -67.75 22.08
CA MET IA 163 1.35 -68.73 22.38
C MET IA 163 1.61 -68.76 23.88
N MET IA 164 1.71 -69.97 24.43
CA MET IA 164 1.98 -70.18 25.85
C MET IA 164 3.40 -70.69 26.00
N LEU IA 165 4.21 -69.96 26.77
CA LEU IA 165 5.53 -70.43 27.15
C LEU IA 165 5.44 -71.19 28.47
N THR IA 166 6.58 -71.71 28.92
CA THR IA 166 6.66 -72.37 30.22
C THR IA 166 8.11 -72.49 30.66
N PHE IA 167 8.47 -71.83 31.75
CA PHE IA 167 9.81 -71.98 32.33
C PHE IA 167 9.83 -73.04 33.41
N SER IA 168 9.36 -74.24 33.06
CA SER IA 168 9.21 -75.31 34.03
C SER IA 168 10.56 -75.79 34.52
N VAL IA 169 10.72 -75.83 35.85
CA VAL IA 169 11.87 -76.45 36.47
C VAL IA 169 11.55 -77.91 36.73
N VAL IA 170 12.29 -78.80 36.08
CA VAL IA 170 12.00 -80.24 36.17
C VAL IA 170 12.55 -80.80 37.48
N PRO IA 171 12.11 -81.98 37.90
CA PRO IA 171 12.76 -82.62 39.05
C PRO IA 171 14.19 -83.01 38.73
N SER IA 172 14.86 -83.65 39.69
CA SER IA 172 16.23 -84.08 39.41
C SER IA 172 16.28 -85.57 39.13
N PRO IA 173 17.19 -85.99 38.24
CA PRO IA 173 17.38 -87.44 38.07
C PRO IA 173 18.00 -88.10 39.28
N LYS IA 174 19.01 -87.47 39.87
CA LYS IA 174 19.68 -88.04 41.04
C LYS IA 174 19.01 -87.61 42.35
N VAL IA 175 18.78 -86.32 42.51
CA VAL IA 175 18.25 -85.77 43.75
C VAL IA 175 16.72 -85.73 43.68
N SER IA 176 16.08 -85.77 44.84
CA SER IA 176 14.64 -85.67 44.94
C SER IA 176 14.32 -85.07 46.32
N ASP IA 177 14.01 -83.77 46.34
CA ASP IA 177 13.71 -83.13 47.62
C ASP IA 177 12.38 -83.60 48.19
N THR IA 178 11.44 -83.95 47.34
CA THR IA 178 10.19 -84.59 47.75
C THR IA 178 10.28 -86.08 47.44
N VAL IA 179 9.19 -86.80 47.68
CA VAL IA 179 9.12 -88.23 47.43
C VAL IA 179 8.05 -88.58 46.42
N VAL IA 180 7.01 -87.77 46.30
CA VAL IA 180 5.92 -88.08 45.39
C VAL IA 180 6.21 -87.36 44.08
N GLU IA 181 7.42 -86.81 43.97
CA GLU IA 181 7.81 -86.01 42.81
C GLU IA 181 7.56 -86.68 41.47
N PRO IA 182 7.97 -87.94 41.23
CA PRO IA 182 7.68 -88.56 39.92
C PRO IA 182 6.19 -88.57 39.59
N TYR IA 183 5.32 -88.70 40.58
CA TYR IA 183 3.90 -88.58 40.33
C TYR IA 183 3.54 -87.21 39.79
N ASN IA 184 4.07 -86.17 40.41
CA ASN IA 184 3.78 -84.80 39.97
C ASN IA 184 4.35 -84.55 38.59
N ALA IA 185 5.52 -85.12 38.29
CA ALA IA 185 6.12 -84.92 36.98
C ALA IA 185 5.25 -85.51 35.88
N THR IA 186 5.01 -86.82 35.93
CA THR IA 186 4.26 -87.48 34.86
C THR IA 186 2.86 -86.90 34.72
N LEU IA 187 2.20 -86.61 35.83
CA LEU IA 187 0.84 -86.06 35.77
C LEU IA 187 0.82 -84.69 35.11
N SER IA 188 1.90 -83.93 35.22
CA SER IA 188 1.96 -82.64 34.53
C SER IA 188 2.15 -82.83 33.03
N VAL IA 189 3.06 -83.73 32.64
CA VAL IA 189 3.41 -83.87 31.23
C VAL IA 189 2.21 -84.29 30.41
N HIS IA 190 1.33 -85.11 30.99
CA HIS IA 190 0.09 -85.47 30.30
C HIS IA 190 -0.78 -84.26 29.98
N GLN IA 191 -0.48 -83.10 30.56
CA GLN IA 191 -1.21 -81.86 30.29
C GLN IA 191 -0.47 -80.94 29.35
N LEU IA 192 0.84 -80.76 29.55
CA LEU IA 192 1.58 -79.74 28.79
C LEU IA 192 1.62 -80.06 27.30
N VAL IA 193 1.87 -81.33 26.96
CA VAL IA 193 2.11 -81.71 25.57
C VAL IA 193 0.98 -81.23 24.67
N GLU IA 194 -0.26 -81.28 25.15
CA GLU IA 194 -1.40 -80.80 24.39
C GLU IA 194 -1.74 -79.35 24.67
N ASN IA 195 -1.11 -78.73 25.66
CA ASN IA 195 -1.50 -77.41 26.12
C ASN IA 195 -0.28 -76.51 26.29
N ALA IA 196 0.58 -76.49 25.28
CA ALA IA 196 1.71 -75.55 25.27
C ALA IA 196 2.20 -75.41 23.85
N ASP IA 197 3.10 -74.45 23.65
CA ASP IA 197 3.74 -74.26 22.35
C ASP IA 197 5.26 -74.25 22.52
N GLU IA 198 5.73 -73.72 23.64
CA GLU IA 198 7.16 -73.70 23.97
C GLU IA 198 7.32 -74.00 25.44
N CYS IA 199 7.94 -75.15 25.75
CA CYS IA 199 8.08 -75.59 27.13
C CYS IA 199 9.55 -75.84 27.41
N MET IA 200 10.23 -74.82 27.91
CA MET IA 200 11.61 -75.00 28.37
C MET IA 200 11.63 -75.88 29.60
N VAL IA 201 12.69 -76.68 29.73
CA VAL IA 201 12.91 -77.50 30.91
C VAL IA 201 14.24 -77.12 31.52
N LEU IA 202 14.28 -77.05 32.85
CA LEU IA 202 15.46 -76.62 33.58
C LEU IA 202 15.56 -77.43 34.86
N ASP IA 203 16.79 -77.62 35.34
CA ASP IA 203 17.06 -78.42 36.52
C ASP IA 203 18.08 -77.74 37.41
N ASN IA 204 18.05 -78.08 38.70
CA ASN IA 204 18.97 -77.49 39.66
C ASN IA 204 20.36 -78.09 39.58
N GLU IA 205 20.45 -79.36 39.19
CA GLU IA 205 21.73 -80.06 39.19
C GLU IA 205 22.72 -79.43 38.22
N ALA IA 206 22.39 -79.44 36.93
CA ALA IA 206 23.17 -78.67 35.98
C ALA IA 206 23.37 -77.25 36.49
N LEU IA 207 22.29 -76.65 37.02
CA LEU IA 207 22.39 -75.31 37.57
C LEU IA 207 23.37 -75.23 38.73
N TYR IA 208 23.52 -76.32 39.49
CA TYR IA 208 24.51 -76.31 40.57
C TYR IA 208 25.92 -76.40 40.01
N ASP IA 209 26.12 -77.26 39.01
CA ASP IA 209 27.43 -77.40 38.39
C ASP IA 209 27.85 -76.10 37.71
N ILE IA 210 26.93 -75.45 37.00
CA ILE IA 210 27.24 -74.17 36.36
C ILE IA 210 27.84 -73.22 37.36
N CYS IA 211 27.21 -73.08 38.53
CA CYS IA 211 27.73 -72.18 39.55
C CYS IA 211 29.06 -72.66 40.11
N PHE IA 212 29.26 -73.96 40.20
CA PHE IA 212 30.46 -74.47 40.86
C PHE IA 212 31.67 -74.41 39.94
N ARG IA 213 31.64 -75.16 38.84
CA ARG IA 213 32.78 -75.19 37.93
C ARG IA 213 33.01 -73.82 37.30
N THR IA 214 32.05 -73.34 36.51
CA THR IA 214 32.27 -72.16 35.69
C THR IA 214 32.37 -70.90 36.55
N LEU IA 215 31.29 -70.59 37.28
CA LEU IA 215 31.25 -69.36 38.05
C LEU IA 215 32.14 -69.41 39.28
N LYS IA 216 32.65 -70.59 39.65
CA LYS IA 216 33.51 -70.75 40.82
C LYS IA 216 32.79 -70.32 42.09
N LEU IA 217 31.47 -70.43 42.09
CA LEU IA 217 30.69 -70.11 43.28
C LEU IA 217 30.97 -71.14 44.37
N THR IA 218 31.39 -70.65 45.54
CA THR IA 218 31.63 -71.54 46.66
C THR IA 218 30.32 -72.09 47.22
N THR IA 219 29.36 -71.21 47.51
CA THR IA 219 28.08 -71.61 48.12
C THR IA 219 26.94 -71.10 47.24
N PRO IA 220 26.49 -71.90 46.27
CA PRO IA 220 25.30 -71.51 45.52
C PRO IA 220 24.04 -71.53 46.36
N THR IA 221 23.50 -70.35 46.65
CA THR IA 221 22.19 -70.26 47.26
C THR IA 221 21.13 -70.34 46.17
N PHE IA 222 19.87 -70.40 46.57
CA PHE IA 222 18.81 -70.37 45.59
C PHE IA 222 18.77 -69.03 44.86
N GLY IA 223 19.22 -67.97 45.52
CA GLY IA 223 19.33 -66.68 44.84
C GLY IA 223 20.18 -66.75 43.59
N ASP IA 224 21.29 -67.49 43.65
CA ASP IA 224 22.15 -67.63 42.49
C ASP IA 224 21.47 -68.41 41.38
N LEU IA 225 20.85 -69.54 41.72
CA LEU IA 225 20.11 -70.27 40.71
C LEU IA 225 19.01 -69.40 40.12
N ASN IA 226 18.28 -68.69 40.99
CA ASN IA 226 17.29 -67.73 40.50
C ASN IA 226 17.95 -66.62 39.69
N HIS IA 227 19.17 -66.22 40.08
CA HIS IA 227 19.88 -65.18 39.33
C HIS IA 227 20.18 -65.65 37.92
N LEU IA 228 20.41 -66.95 37.73
CA LEU IA 228 20.69 -67.46 36.39
C LEU IA 228 19.41 -67.59 35.57
N ILE IA 229 18.34 -68.11 36.17
CA ILE IA 229 17.08 -68.21 35.45
C ILE IA 229 16.61 -66.84 35.01
N SER IA 230 16.85 -65.83 35.84
CA SER IA 230 16.51 -64.46 35.47
C SER IA 230 17.26 -64.03 34.21
N ALA IA 231 18.52 -64.45 34.08
CA ALA IA 231 19.33 -64.03 32.94
C ALA IA 231 18.74 -64.52 31.63
N VAL IA 232 18.44 -65.82 31.52
CA VAL IA 232 17.93 -66.34 30.27
C VAL IA 232 16.52 -65.80 30.00
N MET IA 233 15.72 -65.60 31.05
CA MET IA 233 14.38 -65.07 30.84
C MET IA 233 14.40 -63.66 30.27
N SER IA 234 15.48 -62.91 30.49
CA SER IA 234 15.62 -61.62 29.83
C SER IA 234 16.23 -61.78 28.44
N GLY IA 235 17.12 -62.76 28.26
CA GLY IA 235 17.73 -62.97 26.97
C GLY IA 235 16.77 -63.44 25.89
N ILE IA 236 15.57 -63.88 26.27
CA ILE IA 236 14.61 -64.34 25.28
C ILE IA 236 13.97 -63.16 24.57
N THR IA 237 13.68 -62.09 25.30
CA THR IA 237 12.77 -61.05 24.83
C THR IA 237 13.49 -59.79 24.36
N CYS IA 238 14.83 -59.82 24.25
CA CYS IA 238 15.55 -58.61 23.85
C CYS IA 238 15.04 -58.06 22.53
N CYS IA 239 14.67 -58.93 21.59
CA CYS IA 239 14.17 -58.47 20.30
C CYS IA 239 12.90 -57.66 20.46
N LEU IA 240 11.98 -58.12 21.31
CA LEU IA 240 10.73 -57.41 21.51
C LEU IA 240 10.94 -56.09 22.22
N ARG IA 241 12.05 -55.95 22.94
CA ARG IA 241 12.27 -54.77 23.76
C ARG IA 241 13.28 -53.80 23.17
N PHE IA 242 14.16 -54.25 22.30
CA PHE IA 242 15.26 -53.44 21.83
C PHE IA 242 15.41 -53.55 20.32
N PRO IA 243 16.09 -52.58 19.70
CA PRO IA 243 16.40 -52.71 18.27
C PRO IA 243 17.28 -53.91 18.00
N GLY IA 244 17.27 -54.36 16.75
CA GLY IA 244 18.02 -55.54 16.39
C GLY IA 244 18.30 -55.61 14.90
N GLN IA 245 19.53 -55.98 14.54
CA GLN IA 245 19.83 -56.20 13.13
C GLN IA 245 19.05 -57.38 12.58
N LEU IA 246 18.71 -58.34 13.44
CA LEU IA 246 17.85 -59.45 13.03
C LEU IA 246 16.96 -59.79 14.23
N ASN IA 247 15.80 -59.16 14.29
CA ASN IA 247 14.90 -59.33 15.43
C ASN IA 247 14.23 -60.69 15.39
N ALA IA 248 13.83 -61.16 16.57
CA ALA IA 248 13.28 -62.50 16.73
C ALA IA 248 12.04 -62.45 17.63
N ASP IA 249 10.87 -62.33 17.02
CA ASP IA 249 9.63 -62.57 17.75
C ASP IA 249 9.56 -64.03 18.19
N LEU IA 250 8.83 -64.27 19.28
CA LEU IA 250 8.76 -65.63 19.80
C LEU IA 250 8.03 -66.56 18.85
N ARG IA 251 6.97 -66.07 18.20
CA ARG IA 251 6.26 -66.91 17.25
C ARG IA 251 7.17 -67.34 16.10
N LYS IA 252 8.19 -66.52 15.80
CA LYS IA 252 9.19 -66.94 14.82
C LYS IA 252 10.27 -67.81 15.45
N LEU IA 253 10.32 -67.88 16.78
CA LEU IA 253 11.18 -68.86 17.42
C LEU IA 253 10.49 -70.22 17.51
N ALA IA 254 9.16 -70.22 17.59
CA ALA IA 254 8.40 -71.46 17.58
C ALA IA 254 8.54 -72.17 16.25
N VAL IA 255 8.13 -71.51 15.16
CA VAL IA 255 8.11 -72.15 13.85
C VAL IA 255 9.51 -72.59 13.44
N ASN IA 256 10.53 -71.89 13.92
CA ASN IA 256 11.89 -72.26 13.59
C ASN IA 256 12.48 -73.32 14.50
N LEU IA 257 11.73 -73.84 15.47
CA LEU IA 257 12.29 -74.81 16.41
C LEU IA 257 11.47 -76.08 16.59
N ILE IA 258 10.16 -76.02 16.37
CA ILE IA 258 9.35 -77.21 16.59
C ILE IA 258 8.79 -77.72 15.27
N PRO IA 259 9.52 -78.59 14.57
CA PRO IA 259 9.01 -79.10 13.29
C PRO IA 259 7.74 -79.90 13.42
N PHE IA 260 7.57 -80.62 14.52
CA PHE IA 260 6.37 -81.39 14.77
C PHE IA 260 5.69 -80.83 16.02
N PRO IA 261 4.36 -80.91 16.10
CA PRO IA 261 3.64 -80.18 17.16
C PRO IA 261 4.04 -80.57 18.56
N ARG IA 262 4.65 -81.74 18.77
CA ARG IA 262 4.84 -82.28 20.10
C ARG IA 262 6.28 -82.22 20.60
N LEU IA 263 7.25 -81.93 19.73
CA LEU IA 263 8.66 -81.94 20.13
C LEU IA 263 9.07 -80.54 20.58
N HIS IA 264 8.37 -80.04 21.59
CA HIS IA 264 8.50 -78.65 22.02
C HIS IA 264 9.11 -78.52 23.42
N PHE IA 265 10.05 -79.39 23.75
CA PHE IA 265 10.75 -79.33 25.03
C PHE IA 265 12.18 -78.91 24.76
N PHE IA 266 12.55 -77.73 25.22
CA PHE IA 266 13.79 -77.08 24.81
C PHE IA 266 14.86 -77.26 25.87
N MET IA 267 16.00 -76.61 25.65
CA MET IA 267 17.16 -76.72 26.53
C MET IA 267 17.95 -75.43 26.42
N VAL IA 268 18.21 -74.78 27.55
CA VAL IA 268 18.63 -73.39 27.55
C VAL IA 268 20.02 -73.27 28.15
N GLY IA 269 20.75 -72.27 27.68
CA GLY IA 269 22.06 -71.97 28.25
C GLY IA 269 22.39 -70.51 28.04
N PHE IA 270 23.09 -69.93 29.03
CA PHE IA 270 23.46 -68.53 29.00
C PHE IA 270 24.97 -68.40 28.79
N THR IA 271 25.38 -67.25 28.24
CA THR IA 271 26.76 -67.01 27.87
C THR IA 271 26.94 -65.50 27.74
N PRO IA 272 28.00 -64.91 28.31
CA PRO IA 272 29.13 -65.54 28.99
C PRO IA 272 28.87 -65.88 30.43
N LEU IA 273 29.70 -66.78 30.97
CA LEU IA 273 29.65 -67.15 32.39
C LEU IA 273 31.08 -67.36 32.84
N THR IA 274 31.52 -66.55 33.81
CA THR IA 274 32.91 -66.56 34.23
C THR IA 274 32.98 -65.93 35.62
N SER IA 275 34.00 -66.32 36.38
CA SER IA 275 34.19 -65.81 37.73
C SER IA 275 34.78 -64.40 37.65
N ARG IA 276 35.23 -63.88 38.78
CA ARG IA 276 35.87 -62.57 38.79
C ARG IA 276 37.31 -62.64 38.33
N GLY IA 277 37.98 -63.77 38.54
CA GLY IA 277 39.35 -63.92 38.11
C GLY IA 277 39.51 -63.94 36.61
N SER IA 278 39.02 -65.00 35.97
CA SER IA 278 39.19 -65.15 34.53
C SER IA 278 38.46 -64.07 33.73
N GLN IA 279 37.61 -63.27 34.38
CA GLN IA 279 37.05 -62.10 33.71
C GLN IA 279 38.15 -61.14 33.30
N GLN IA 280 39.23 -61.08 34.07
CA GLN IA 280 40.33 -60.19 33.75
C GLN IA 280 41.10 -60.65 32.51
N TYR IA 281 41.05 -61.94 32.18
CA TYR IA 281 41.84 -62.49 31.10
C TYR IA 281 41.03 -62.81 29.85
N ARG IA 282 39.84 -63.38 30.00
CA ARG IA 282 39.03 -63.73 28.85
C ARG IA 282 38.69 -62.48 28.04
N ALA IA 283 38.69 -62.63 26.73
CA ALA IA 283 38.26 -61.59 25.81
C ALA IA 283 36.91 -61.93 25.24
N LEU IA 284 36.09 -60.91 24.99
CA LEU IA 284 34.70 -61.10 24.58
C LEU IA 284 34.63 -60.96 23.06
N THR IA 285 34.63 -62.09 22.37
CA THR IA 285 34.43 -62.14 20.94
C THR IA 285 33.38 -63.20 20.62
N VAL IA 286 32.72 -63.04 19.49
CA VAL IA 286 31.74 -64.00 19.00
C VAL IA 286 32.30 -65.42 19.05
N PRO IA 287 33.56 -65.66 18.64
CA PRO IA 287 34.12 -67.01 18.82
C PRO IA 287 34.04 -67.53 20.24
N GLU IA 288 34.33 -66.70 21.23
CA GLU IA 288 34.24 -67.14 22.62
C GLU IA 288 32.82 -67.57 22.98
N LEU IA 289 31.87 -66.65 22.79
CA LEU IA 289 30.51 -66.87 23.26
C LEU IA 289 29.83 -68.03 22.56
N THR IA 290 30.34 -68.46 21.41
CA THR IA 290 29.65 -69.51 20.67
C THR IA 290 30.15 -70.91 21.01
N GLN IA 291 31.43 -71.08 21.31
CA GLN IA 291 31.90 -72.39 21.72
C GLN IA 291 31.40 -72.72 23.13
N GLN IA 292 31.36 -71.71 24.00
CA GLN IA 292 30.83 -71.92 25.34
C GLN IA 292 29.35 -72.25 25.31
N MET IA 293 28.58 -71.54 24.48
CA MET IA 293 27.17 -71.85 24.36
C MET IA 293 26.96 -73.23 23.72
N TRP IA 294 27.83 -73.59 22.78
CA TRP IA 294 27.72 -74.89 22.12
C TRP IA 294 28.33 -76.01 22.95
N ASP IA 295 28.84 -75.71 24.14
CA ASP IA 295 29.36 -76.74 25.01
C ASP IA 295 28.22 -77.50 25.66
N ALA IA 296 28.46 -78.78 25.96
CA ALA IA 296 27.45 -79.63 26.57
C ALA IA 296 27.27 -79.37 28.05
N LYS IA 297 27.95 -78.38 28.60
CA LYS IA 297 27.90 -78.10 30.03
C LYS IA 297 26.91 -76.98 30.34
N ASN IA 298 26.97 -75.87 29.59
CA ASN IA 298 26.10 -74.73 29.84
C ASN IA 298 24.62 -75.10 29.76
N MET IA 299 24.29 -76.26 29.21
CA MET IA 299 22.89 -76.67 29.16
C MET IA 299 22.37 -76.89 30.57
N MET IA 300 21.50 -75.98 31.03
CA MET IA 300 20.98 -76.07 32.38
C MET IA 300 20.02 -77.24 32.56
N CYS IA 301 19.65 -77.92 31.48
CA CYS IA 301 18.94 -79.19 31.61
C CYS IA 301 19.92 -80.29 32.02
N ALA IA 302 19.38 -81.36 32.59
CA ALA IA 302 20.20 -82.47 33.06
C ALA IA 302 20.28 -83.58 32.00
N ALA IA 303 20.74 -83.17 30.81
CA ALA IA 303 20.82 -84.09 29.69
C ALA IA 303 22.14 -83.88 28.96
N ASP IA 304 22.68 -84.97 28.42
CA ASP IA 304 23.89 -84.91 27.62
C ASP IA 304 23.50 -84.71 26.17
N PRO IA 305 23.83 -83.58 25.55
CA PRO IA 305 23.55 -83.42 24.11
C PRO IA 305 24.16 -84.50 23.26
N ARG IA 306 25.34 -85.02 23.64
CA ARG IA 306 26.05 -85.97 22.80
C ARG IA 306 25.34 -87.30 22.68
N HIS IA 307 24.38 -87.59 23.56
CA HIS IA 307 23.54 -88.77 23.39
C HIS IA 307 22.36 -88.52 22.45
N GLY IA 308 22.37 -87.38 21.76
CA GLY IA 308 21.34 -87.05 20.81
C GLY IA 308 21.89 -86.13 19.75
N ARG IA 309 21.04 -85.79 18.80
CA ARG IA 309 21.39 -84.87 17.73
C ARG IA 309 20.40 -83.73 17.73
N TYR IA 310 20.90 -82.51 17.57
CA TYR IA 310 20.03 -81.34 17.60
C TYR IA 310 19.07 -81.34 16.43
N LEU IA 311 17.78 -81.57 16.70
CA LEU IA 311 16.78 -81.32 15.68
C LEU IA 311 16.86 -79.88 15.20
N THR IA 312 16.91 -78.94 16.14
CA THR IA 312 17.09 -77.54 15.81
C THR IA 312 17.67 -76.84 17.02
N ALA IA 313 18.30 -75.70 16.79
CA ALA IA 313 18.84 -74.89 17.86
C ALA IA 313 18.55 -73.43 17.54
N SER IA 314 19.07 -72.54 18.38
CA SER IA 314 18.93 -71.12 18.19
C SER IA 314 19.87 -70.39 19.14
N ALA IA 315 20.33 -69.22 18.73
CA ALA IA 315 21.27 -68.45 19.51
C ALA IA 315 20.92 -66.98 19.40
N LEU IA 316 20.76 -66.32 20.55
CA LEU IA 316 20.35 -64.93 20.60
C LEU IA 316 21.50 -64.10 21.15
N PHE IA 317 22.21 -63.40 20.28
CA PHE IA 317 23.28 -62.53 20.70
C PHE IA 317 22.74 -61.14 21.03
N ARG IA 318 23.50 -60.40 21.81
CA ARG IA 318 23.18 -59.01 22.08
C ARG IA 318 24.45 -58.27 22.40
N GLY IA 319 24.67 -57.15 21.72
CA GLY IA 319 25.90 -56.40 21.83
C GLY IA 319 26.44 -56.08 20.45
N ARG IA 320 26.93 -54.86 20.27
CA ARG IA 320 27.41 -54.43 18.96
C ARG IA 320 28.51 -55.37 18.46
N MET IA 321 28.27 -56.00 17.32
CA MET IA 321 29.15 -57.02 16.77
C MET IA 321 29.01 -57.03 15.25
N SER IA 322 29.73 -57.95 14.61
CA SER IA 322 29.66 -58.16 13.17
C SER IA 322 28.79 -59.37 12.90
N THR IA 323 27.69 -59.17 12.17
CA THR IA 323 26.79 -60.29 11.87
C THR IA 323 27.46 -61.35 11.02
N LYS IA 324 28.56 -61.02 10.36
CA LYS IA 324 29.26 -62.02 9.55
C LYS IA 324 29.74 -63.18 10.41
N GLU IA 325 30.38 -62.86 11.53
CA GLU IA 325 30.96 -63.90 12.37
C GLU IA 325 29.91 -64.87 12.86
N VAL IA 326 28.85 -64.35 13.49
CA VAL IA 326 27.76 -65.21 13.92
C VAL IA 326 27.13 -65.95 12.75
N ASP IA 327 27.35 -65.47 11.52
CA ASP IA 327 26.81 -66.14 10.35
C ASP IA 327 27.65 -67.34 9.95
N GLU IA 328 28.97 -67.23 10.09
CA GLU IA 328 29.85 -68.34 9.72
C GLU IA 328 30.17 -69.24 10.90
N GLN IA 329 30.14 -68.71 12.13
CA GLN IA 329 30.39 -69.55 13.29
C GLN IA 329 29.41 -70.71 13.34
N MET IA 330 28.11 -70.43 13.20
CA MET IA 330 27.13 -71.50 13.12
C MET IA 330 27.30 -72.34 11.86
N LEU IA 331 27.97 -71.82 10.84
CA LEU IA 331 28.25 -72.63 9.66
C LEU IA 331 29.31 -73.67 9.98
N ASN IA 332 30.43 -73.25 10.55
CA ASN IA 332 31.47 -74.21 10.93
C ASN IA 332 30.93 -75.25 11.89
N VAL IA 333 30.23 -74.81 12.94
CA VAL IA 333 29.69 -75.74 13.93
C VAL IA 333 28.78 -76.75 13.27
N GLN IA 334 27.93 -76.30 12.34
CA GLN IA 334 27.09 -77.24 11.61
C GLN IA 334 27.89 -78.17 10.72
N ASN IA 335 29.16 -77.82 10.45
CA ASN IA 335 29.99 -78.61 9.54
C ASN IA 335 30.84 -79.64 10.28
N LYS IA 336 31.48 -79.24 11.37
CA LYS IA 336 32.45 -80.11 12.03
C LYS IA 336 31.78 -81.36 12.59
N ASN IA 337 30.88 -81.18 13.54
CA ASN IA 337 30.25 -82.30 14.23
C ASN IA 337 28.92 -82.67 13.56
N SER IA 338 29.02 -83.02 12.28
CA SER IA 338 27.84 -83.29 11.48
C SER IA 338 27.00 -84.45 12.00
N SER IA 339 27.48 -85.18 13.01
CA SER IA 339 26.67 -86.22 13.62
C SER IA 339 25.71 -85.66 14.66
N TYR IA 340 26.00 -84.49 15.22
CA TYR IA 340 25.18 -83.89 16.26
C TYR IA 340 23.94 -83.18 15.71
N PHE IA 341 23.68 -83.30 14.42
CA PHE IA 341 22.47 -82.74 13.84
C PHE IA 341 21.81 -83.79 12.98
N VAL IA 342 20.70 -83.44 12.31
CA VAL IA 342 19.99 -84.37 11.46
C VAL IA 342 20.28 -84.03 10.01
N GLU IA 343 19.86 -84.92 9.11
CA GLU IA 343 20.12 -84.73 7.69
C GLU IA 343 18.97 -84.01 7.00
N TRP IA 344 17.73 -84.43 7.26
CA TRP IA 344 16.57 -83.90 6.57
C TRP IA 344 16.33 -82.42 6.90
N ILE IA 345 17.11 -81.87 7.82
CA ILE IA 345 17.09 -80.44 8.09
C ILE IA 345 18.40 -79.84 7.60
N PRO IA 346 18.41 -79.16 6.45
CA PRO IA 346 19.67 -78.69 5.86
C PRO IA 346 20.44 -77.76 6.78
N ASN IA 347 19.81 -76.67 7.18
CA ASN IA 347 20.40 -75.71 8.12
C ASN IA 347 19.53 -75.73 9.37
N ASN IA 348 20.13 -76.08 10.51
CA ASN IA 348 19.38 -76.30 11.74
C ASN IA 348 19.89 -75.42 12.87
N VAL IA 349 20.18 -74.16 12.58
CA VAL IA 349 20.39 -73.15 13.61
C VAL IA 349 19.77 -71.85 13.12
N LYS IA 350 19.28 -71.04 14.06
CA LYS IA 350 18.88 -69.68 13.79
C LYS IA 350 19.72 -68.75 14.65
N SER IA 351 20.34 -67.76 14.01
CA SER IA 351 21.26 -66.86 14.69
C SER IA 351 20.64 -65.47 14.69
N SER IA 352 19.81 -65.20 15.69
CA SER IA 352 19.33 -63.84 15.90
C SER IA 352 20.45 -62.97 16.43
N VAL IA 353 20.17 -61.67 16.48
CA VAL IA 353 21.14 -60.70 16.99
C VAL IA 353 20.38 -59.45 17.42
N CYS IA 354 20.73 -58.94 18.59
CA CYS IA 354 20.13 -57.72 19.11
C CYS IA 354 21.18 -56.61 19.10
N ASP IA 355 20.70 -55.37 19.16
CA ASP IA 355 21.59 -54.22 19.07
C ASP IA 355 22.04 -53.70 20.43
N ILE IA 356 21.35 -54.06 21.51
CA ILE IA 356 21.61 -53.53 22.83
C ILE IA 356 22.00 -54.68 23.75
N PRO IA 357 23.15 -54.63 24.41
CA PRO IA 357 23.58 -55.72 25.26
C PRO IA 357 23.02 -55.58 26.66
N PRO IA 358 23.38 -56.47 27.60
CA PRO IA 358 22.96 -56.28 29.00
C PRO IA 358 23.55 -55.05 29.64
N LYS IA 359 23.23 -54.84 30.91
CA LYS IA 359 23.50 -53.57 31.58
C LYS IA 359 24.99 -53.30 31.68
N GLY IA 360 25.72 -54.16 32.38
CA GLY IA 360 27.12 -53.89 32.65
C GLY IA 360 28.09 -54.57 31.71
N LEU IA 361 27.60 -55.54 30.94
CA LEU IA 361 28.45 -56.26 30.01
C LEU IA 361 28.57 -55.49 28.70
N LYS IA 362 29.28 -56.09 27.74
CA LYS IA 362 29.36 -55.55 26.39
C LYS IA 362 28.95 -56.54 25.32
N MET IA 363 29.06 -57.84 25.56
CA MET IA 363 28.54 -58.86 24.67
C MET IA 363 27.91 -59.96 25.52
N SER IA 364 26.88 -60.60 24.97
CA SER IA 364 26.23 -61.70 25.66
C SER IA 364 25.50 -62.55 24.65
N ALA IA 365 24.93 -63.65 25.13
CA ALA IA 365 24.28 -64.61 24.26
C ALA IA 365 23.31 -65.44 25.08
N THR IA 366 22.65 -66.37 24.40
CA THR IA 366 21.70 -67.27 25.05
C THR IA 366 21.43 -68.42 24.10
N PHE IA 367 21.59 -69.64 24.59
CA PHE IA 367 21.45 -70.82 23.76
C PHE IA 367 20.09 -71.48 24.01
N ILE IA 368 19.44 -71.86 22.92
CA ILE IA 368 18.21 -72.64 22.96
C ILE IA 368 18.41 -73.86 22.09
N GLY IA 369 18.00 -75.02 22.58
CA GLY IA 369 18.20 -76.22 21.80
C GLY IA 369 17.09 -77.24 21.93
N ASN IA 370 16.50 -77.61 20.80
CA ASN IA 370 15.51 -78.68 20.74
C ASN IA 370 16.23 -79.94 20.28
N SER IA 371 17.10 -80.46 21.13
CA SER IA 371 17.80 -81.69 20.84
C SER IA 371 16.98 -82.89 21.29
N THR IA 372 17.26 -84.05 20.71
CA THR IA 372 16.65 -85.28 21.16
C THR IA 372 17.38 -85.88 22.34
N ALA IA 373 18.26 -85.10 22.98
CA ALA IA 373 18.93 -85.59 24.18
C ALA IA 373 17.98 -85.62 25.37
N ILE IA 374 17.09 -84.62 25.46
CA ILE IA 374 16.18 -84.50 26.59
C ILE IA 374 15.36 -85.77 26.79
N GLN IA 375 15.17 -86.57 25.73
CA GLN IA 375 14.41 -87.81 25.84
C GLN IA 375 14.87 -88.69 26.98
N GLU IA 376 16.13 -88.55 27.42
CA GLU IA 376 16.58 -89.28 28.60
C GLU IA 376 15.79 -88.89 29.83
N MET IA 377 15.47 -87.59 29.96
CA MET IA 377 14.80 -87.10 31.16
C MET IA 377 13.47 -87.81 31.36
N PHE IA 378 12.64 -87.85 30.32
CA PHE IA 378 11.36 -88.51 30.45
C PHE IA 378 11.51 -90.00 30.65
N LYS IA 379 12.56 -90.60 30.09
CA LYS IA 379 12.86 -92.00 30.36
C LYS IA 379 13.00 -92.24 31.84
N ARG IA 380 13.87 -91.47 32.50
CA ARG IA 380 14.17 -91.68 33.91
C ARG IA 380 12.92 -91.58 34.77
N VAL IA 381 12.18 -90.48 34.63
CA VAL IA 381 10.97 -90.29 35.44
C VAL IA 381 9.98 -91.41 35.19
N SER IA 382 9.78 -91.78 33.93
CA SER IA 382 8.81 -92.82 33.60
C SER IA 382 9.17 -94.17 34.19
N GLU IA 383 10.35 -94.30 34.79
CA GLU IA 383 10.69 -95.48 35.59
C GLU IA 383 10.26 -95.32 37.04
N GLN IA 384 10.69 -94.23 37.68
CA GLN IA 384 10.30 -93.99 39.06
C GLN IA 384 8.79 -94.04 39.23
N PHE IA 385 8.04 -93.46 38.31
CA PHE IA 385 6.60 -93.55 38.37
C PHE IA 385 6.15 -95.00 38.27
N THR IA 386 6.54 -95.69 37.20
CA THR IA 386 6.15 -97.08 37.04
C THR IA 386 6.80 -97.99 38.07
N ALA IA 387 7.81 -97.50 38.79
CA ALA IA 387 8.35 -98.26 39.92
C ALA IA 387 7.32 -98.33 41.05
N MET IA 388 6.85 -97.18 41.52
CA MET IA 388 5.93 -97.18 42.67
C MET IA 388 4.50 -97.43 42.24
N PHE IA 389 4.08 -96.93 41.07
CA PHE IA 389 2.73 -97.24 40.62
C PHE IA 389 2.54 -98.73 40.43
N ARG IA 390 3.62 -99.46 40.16
CA ARG IA 390 3.56 -100.92 40.19
C ARG IA 390 3.16 -101.40 41.58
N ARG IA 391 3.54 -100.66 42.62
CA ARG IA 391 3.24 -101.01 43.99
C ARG IA 391 2.11 -100.18 44.59
N LYS IA 392 1.61 -99.19 43.85
CA LYS IA 392 0.49 -98.35 44.29
C LYS IA 392 0.83 -97.63 45.60
N ALA IA 393 2.08 -97.25 45.76
CA ALA IA 393 2.50 -96.49 46.92
C ALA IA 393 2.01 -95.06 46.81
N PHE IA 394 1.57 -94.51 47.94
CA PHE IA 394 1.08 -93.13 48.05
C PHE IA 394 -0.16 -92.87 47.21
N LEU IA 395 -0.69 -93.89 46.53
CA LEU IA 395 -1.79 -93.66 45.61
C LEU IA 395 -3.11 -93.42 46.33
N HIS IA 396 -3.20 -93.74 47.62
CA HIS IA 396 -4.45 -93.52 48.35
C HIS IA 396 -4.74 -92.03 48.49
N TRP IA 397 -3.71 -91.20 48.61
CA TRP IA 397 -3.91 -89.75 48.54
C TRP IA 397 -4.59 -89.37 47.24
N TYR IA 398 -4.03 -89.82 46.12
CA TYR IA 398 -4.52 -89.36 44.83
C TYR IA 398 -5.94 -89.83 44.56
N THR IA 399 -6.27 -91.05 44.96
CA THR IA 399 -7.67 -91.46 44.88
C THR IA 399 -8.54 -90.71 45.88
N GLY IA 400 -7.93 -90.07 46.88
CA GLY IA 400 -8.67 -89.29 47.85
C GLY IA 400 -9.24 -87.99 47.30
N GLU IA 401 -8.97 -87.67 46.03
CA GLU IA 401 -9.50 -86.46 45.40
C GLU IA 401 -10.38 -86.81 44.20
N GLY IA 402 -11.13 -87.90 44.29
CA GLY IA 402 -11.98 -88.33 43.21
C GLY IA 402 -11.27 -88.82 41.97
N MET IA 403 -9.94 -88.96 42.02
CA MET IA 403 -9.19 -89.42 40.86
C MET IA 403 -9.44 -90.91 40.63
N ASP IA 404 -8.70 -91.45 39.67
CA ASP IA 404 -8.75 -92.88 39.38
C ASP IA 404 -7.37 -93.31 38.90
N GLU IA 405 -7.27 -94.56 38.47
CA GLU IA 405 -6.02 -95.10 37.93
C GLU IA 405 -5.93 -94.92 36.43
N MET IA 406 -7.08 -94.90 35.74
CA MET IA 406 -7.10 -94.58 34.32
C MET IA 406 -6.35 -93.29 34.04
N GLU IA 407 -6.41 -92.33 34.96
CA GLU IA 407 -5.67 -91.10 34.79
C GLU IA 407 -4.16 -91.36 34.70
N PHE IA 408 -3.65 -92.22 35.56
CA PHE IA 408 -2.21 -92.50 35.58
C PHE IA 408 -1.78 -93.24 34.33
N THR IA 409 -2.41 -94.39 34.04
CA THR IA 409 -2.00 -95.21 32.92
C THR IA 409 -2.01 -94.42 31.61
N GLU IA 410 -3.04 -93.59 31.40
CA GLU IA 410 -3.02 -92.71 30.24
C GLU IA 410 -1.85 -91.74 30.31
N ALA IA 411 -1.59 -91.19 31.49
CA ALA IA 411 -0.53 -90.19 31.63
C ALA IA 411 0.84 -90.81 31.35
N GLU IA 412 1.11 -91.98 31.92
CA GLU IA 412 2.34 -92.69 31.61
C GLU IA 412 2.46 -92.97 30.12
N SER IA 413 1.38 -93.48 29.52
CA SER IA 413 1.38 -93.75 28.09
C SER IA 413 1.75 -92.51 27.29
N ASN IA 414 1.37 -91.33 27.77
CA ASN IA 414 1.61 -90.11 27.01
C ASN IA 414 3.10 -89.78 26.93
N MET IA 415 3.89 -90.19 27.93
CA MET IA 415 5.33 -89.94 27.86
C MET IA 415 6.03 -90.99 27.01
N ASN IA 416 5.63 -92.26 27.15
CA ASN IA 416 6.19 -93.30 26.30
C ASN IA 416 5.94 -93.00 24.84
N ASP IA 417 4.71 -92.64 24.49
CA ASP IA 417 4.43 -92.16 23.14
C ASP IA 417 5.30 -90.96 22.80
N LEU IA 418 5.55 -90.10 23.78
CA LEU IA 418 6.36 -88.91 23.52
C LEU IA 418 7.82 -89.27 23.35
N VAL IA 419 8.38 -90.05 24.28
CA VAL IA 419 9.80 -90.37 24.20
C VAL IA 419 10.09 -91.31 23.03
N SER IA 420 9.10 -92.08 22.59
CA SER IA 420 9.26 -92.83 21.35
C SER IA 420 9.43 -91.88 20.17
N GLU IA 421 8.68 -90.78 20.16
CA GLU IA 421 8.78 -89.82 19.06
C GLU IA 421 10.13 -89.11 19.06
N TYR IA 422 10.79 -89.04 20.21
CA TYR IA 422 12.13 -88.47 20.24
C TYR IA 422 13.18 -89.44 19.73
N GLN IA 423 12.85 -90.72 19.59
CA GLN IA 423 13.82 -91.71 19.13
C GLN IA 423 13.80 -91.83 17.62
N GLN IA 424 12.60 -91.89 17.02
CA GLN IA 424 12.46 -91.98 15.57
C GLN IA 424 13.39 -91.01 14.86
N TYR IA 425 13.39 -89.76 15.29
CA TYR IA 425 14.21 -88.72 14.72
C TYR IA 425 15.60 -88.66 15.31
N GLN IA 426 16.01 -89.74 15.97
CA GLN IA 426 17.40 -89.98 16.36
C GLN IA 426 17.77 -91.32 15.74
N ASP IA 427 18.27 -91.27 14.51
CA ASP IA 427 18.75 -92.46 13.81
C ASP IA 427 20.16 -92.83 14.21
N ALA IA 428 20.64 -92.32 15.33
CA ALA IA 428 22.00 -92.57 15.83
C ALA IA 428 23.05 -92.11 14.83
N MET JA 1 -8.90 -84.12 96.94
CA MET JA 1 -9.59 -85.39 97.00
C MET JA 1 -8.72 -86.44 97.69
N ARG JA 2 -9.01 -87.71 97.40
CA ARG JA 2 -8.17 -88.84 97.80
C ARG JA 2 -8.06 -88.99 99.31
N GLU JA 3 -9.03 -88.50 100.07
CA GLU JA 3 -8.99 -88.67 101.52
C GLU JA 3 -9.12 -90.15 101.87
N ILE JA 4 -8.69 -90.48 103.09
CA ILE JA 4 -8.72 -91.86 103.57
C ILE JA 4 -9.13 -91.87 105.04
N VAL JA 5 -10.08 -92.73 105.38
CA VAL JA 5 -10.51 -92.93 106.75
C VAL JA 5 -9.70 -94.07 107.33
N HIS JA 6 -9.36 -93.98 108.62
CA HIS JA 6 -8.48 -94.93 109.27
C HIS JA 6 -9.17 -95.54 110.49
N ILE JA 7 -9.13 -96.86 110.57
CA ILE JA 7 -9.74 -97.61 111.68
C ILE JA 7 -8.62 -98.22 112.51
N GLN JA 8 -8.91 -98.43 113.80
CA GLN JA 8 -7.95 -99.04 114.73
C GLN JA 8 -8.72 -100.03 115.60
N GLY JA 9 -8.67 -101.31 115.24
CA GLY JA 9 -9.35 -102.34 115.97
C GLY JA 9 -8.43 -103.03 116.97
N GLY JA 10 -8.98 -103.34 118.13
CA GLY JA 10 -8.25 -104.09 119.15
C GLY JA 10 -7.17 -103.28 119.82
N GLN JA 11 -6.65 -103.85 120.92
CA GLN JA 11 -5.60 -103.19 121.69
C GLN JA 11 -4.36 -102.95 120.83
N CYS JA 12 -3.92 -103.98 120.12
CA CYS JA 12 -2.81 -103.87 119.18
C CYS JA 12 -3.06 -102.72 118.22
N GLY JA 13 -4.13 -102.81 117.43
CA GLY JA 13 -4.43 -101.76 116.47
C GLY JA 13 -4.57 -100.39 117.10
N ASN JA 14 -5.05 -100.33 118.35
CA ASN JA 14 -5.12 -99.05 119.05
C ASN JA 14 -3.73 -98.49 119.32
N GLN JA 15 -2.72 -99.36 119.42
CA GLN JA 15 -1.41 -98.92 119.86
C GLN JA 15 -0.49 -98.58 118.69
N ILE JA 16 -0.51 -99.37 117.61
CA ILE JA 16 0.19 -98.95 116.40
C ILE JA 16 -0.38 -97.64 115.89
N GLY JA 17 -1.71 -97.54 115.84
CA GLY JA 17 -2.35 -96.31 115.43
C GLY JA 17 -1.92 -95.10 116.24
N ALA JA 18 -1.50 -95.33 117.49
CA ALA JA 18 -0.97 -94.23 118.28
C ALA JA 18 0.28 -93.65 117.64
N LYS JA 19 1.25 -94.51 117.32
CA LYS JA 19 2.44 -94.05 116.62
C LYS JA 19 2.10 -93.58 115.21
N PHE JA 20 1.33 -94.39 114.48
CA PHE JA 20 0.96 -94.03 113.10
C PHE JA 20 0.36 -92.63 113.04
N TRP JA 21 -0.49 -92.29 114.01
CA TRP JA 21 -1.00 -90.94 114.06
C TRP JA 21 -0.02 -89.97 114.69
N GLU JA 22 1.02 -90.47 115.35
CA GLU JA 22 2.05 -89.59 115.90
C GLU JA 22 3.07 -89.22 114.83
N VAL JA 23 3.55 -90.21 114.08
CA VAL JA 23 4.55 -89.96 113.05
C VAL JA 23 4.01 -89.03 111.99
N VAL JA 24 2.86 -89.38 111.39
CA VAL JA 24 2.27 -88.54 110.35
C VAL JA 24 1.90 -87.17 110.89
N SER JA 25 1.73 -87.04 112.20
CA SER JA 25 1.53 -85.72 112.79
C SER JA 25 2.80 -84.88 112.70
N ASP JA 26 3.95 -85.52 112.60
CA ASP JA 26 5.22 -84.81 112.49
C ASP JA 26 5.68 -84.67 111.05
N GLU JA 27 5.36 -85.64 110.19
CA GLU JA 27 5.61 -85.49 108.76
C GLU JA 27 5.01 -84.19 108.24
N HIS JA 28 3.70 -84.04 108.38
CA HIS JA 28 3.04 -82.79 108.04
C HIS JA 28 3.30 -81.70 109.07
N GLY JA 29 3.99 -82.02 110.16
CA GLY JA 29 4.41 -81.03 111.11
C GLY JA 29 3.29 -80.33 111.85
N ILE JA 30 2.39 -81.09 112.45
CA ILE JA 30 1.37 -80.53 113.31
C ILE JA 30 1.71 -80.87 114.76
N ASP JA 31 1.22 -80.03 115.66
CA ASP JA 31 1.53 -80.12 117.08
C ASP JA 31 0.50 -80.97 117.81
N PRO JA 32 0.82 -81.45 119.01
CA PRO JA 32 -0.18 -82.20 119.79
C PRO JA 32 -1.46 -81.42 120.06
N THR JA 33 -1.43 -80.09 119.95
CA THR JA 33 -2.65 -79.31 120.01
C THR JA 33 -3.50 -79.47 118.75
N GLY JA 34 -2.93 -80.04 117.69
CA GLY JA 34 -3.59 -80.07 116.41
C GLY JA 34 -3.31 -78.88 115.53
N THR JA 35 -2.45 -77.97 115.97
CA THR JA 35 -2.13 -76.75 115.23
C THR JA 35 -0.87 -76.95 114.41
N TYR JA 36 -0.88 -76.42 113.19
CA TYR JA 36 0.21 -76.62 112.26
C TYR JA 36 1.35 -75.66 112.57
N HIS JA 37 2.57 -76.20 112.59
CA HIS JA 37 3.75 -75.38 112.81
C HIS JA 37 4.91 -75.80 111.91
N GLY JA 38 4.62 -76.29 110.72
CA GLY JA 38 5.64 -76.56 109.73
C GLY JA 38 6.05 -75.29 109.01
N ASP JA 39 6.61 -75.48 107.81
CA ASP JA 39 7.05 -74.31 107.04
C ASP JA 39 6.53 -74.29 105.62
N SER JA 40 6.48 -75.43 104.93
CA SER JA 40 6.19 -75.44 103.52
C SER JA 40 4.69 -75.54 103.26
N ASP JA 41 4.31 -75.32 102.01
CA ASP JA 41 2.95 -75.59 101.58
C ASP JA 41 2.73 -77.08 101.35
N LEU JA 42 3.80 -77.83 101.11
CA LEU JA 42 3.67 -79.26 100.89
C LEU JA 42 3.17 -80.00 102.12
N GLN JA 43 3.22 -79.36 103.29
CA GLN JA 43 2.57 -79.89 104.47
C GLN JA 43 1.07 -79.69 104.46
N LEU JA 44 0.53 -78.95 103.49
CA LEU JA 44 -0.89 -78.61 103.48
C LEU JA 44 -1.62 -78.97 102.20
N GLU JA 45 -0.93 -79.06 101.06
CA GLU JA 45 -1.62 -79.25 99.79
C GLU JA 45 -2.46 -80.51 99.80
N ARG JA 46 -2.00 -81.55 100.50
CA ARG JA 46 -2.74 -82.80 100.63
C ARG JA 46 -2.77 -83.23 102.09
N ILE JA 47 -3.07 -82.29 102.99
CA ILE JA 47 -3.24 -82.65 104.39
C ILE JA 47 -4.60 -83.29 104.62
N ASN JA 48 -5.59 -82.95 103.80
CA ASN JA 48 -6.96 -83.38 104.00
C ASN JA 48 -7.12 -84.89 103.82
N VAL JA 49 -6.02 -85.58 103.52
CA VAL JA 49 -6.10 -87.02 103.31
C VAL JA 49 -6.23 -87.76 104.64
N TYR JA 50 -5.51 -87.30 105.66
CA TYR JA 50 -5.48 -87.95 106.97
C TYR JA 50 -6.30 -87.23 108.02
N PHE JA 51 -6.80 -86.04 107.74
CA PHE JA 51 -7.34 -85.22 108.82
C PHE JA 51 -8.68 -84.62 108.41
N ASN JA 52 -9.36 -84.09 109.41
CA ASN JA 52 -10.55 -83.28 109.22
C ASN JA 52 -10.24 -81.89 109.77
N GLU JA 53 -10.57 -80.87 108.99
CA GLU JA 53 -10.38 -79.50 109.44
C GLU JA 53 -11.18 -79.26 110.70
N ALA JA 54 -10.63 -78.43 111.59
CA ALA JA 54 -11.30 -78.10 112.83
C ALA JA 54 -11.23 -76.60 113.05
N THR JA 55 -12.11 -76.10 113.92
CA THR JA 55 -12.13 -74.69 114.23
C THR JA 55 -10.83 -74.28 114.92
N GLY JA 56 -10.50 -73.00 114.82
CA GLY JA 56 -9.26 -72.52 115.38
C GLY JA 56 -8.02 -72.93 114.63
N GLY JA 57 -8.18 -73.41 113.39
CA GLY JA 57 -7.03 -73.87 112.62
C GLY JA 57 -6.37 -75.11 113.18
N ARG JA 58 -7.13 -75.96 113.83
CA ARG JA 58 -6.61 -77.23 114.33
C ARG JA 58 -6.95 -78.35 113.36
N TYR JA 59 -6.15 -79.40 113.40
CA TYR JA 59 -6.35 -80.57 112.56
C TYR JA 59 -6.58 -81.78 113.44
N VAL JA 60 -7.55 -82.61 113.07
CA VAL JA 60 -8.00 -83.74 113.89
C VAL JA 60 -8.00 -84.99 113.02
N PRO JA 61 -7.48 -86.11 113.52
CA PRO JA 61 -7.39 -87.30 112.68
C PRO JA 61 -8.76 -87.83 112.27
N ARG JA 62 -8.84 -88.30 111.04
CA ARG JA 62 -10.03 -89.01 110.55
C ARG JA 62 -9.95 -90.47 110.95
N ALA JA 63 -9.78 -90.69 112.25
CA ALA JA 63 -9.54 -92.02 112.79
C ALA JA 63 -10.78 -92.55 113.49
N ILE JA 64 -10.75 -93.84 113.79
CA ILE JA 64 -11.76 -94.50 114.60
C ILE JA 64 -11.04 -95.44 115.55
N LEU JA 65 -11.51 -95.48 116.80
CA LEU JA 65 -10.91 -96.33 117.82
C LEU JA 65 -12.02 -97.21 118.39
N MET JA 66 -12.10 -98.44 117.93
CA MET JA 66 -13.07 -99.42 118.40
C MET JA 66 -12.34 -100.50 119.19
N ASP JA 67 -12.73 -100.66 120.45
CA ASP JA 67 -12.11 -101.67 121.31
C ASP JA 67 -12.95 -101.91 122.55
N LEU JA 68 -13.33 -103.17 122.80
CA LEU JA 68 -13.95 -103.52 124.07
C LEU JA 68 -12.95 -103.28 125.19
N GLU JA 69 -13.47 -103.18 126.42
CA GLU JA 69 -12.62 -102.93 127.58
C GLU JA 69 -11.85 -101.63 127.39
N PRO JA 70 -12.49 -100.48 127.58
CA PRO JA 70 -11.87 -99.21 127.19
C PRO JA 70 -10.67 -98.80 128.03
N GLY JA 71 -10.20 -99.70 128.90
CA GLY JA 71 -9.02 -99.39 129.70
C GLY JA 71 -7.86 -98.86 128.87
N THR JA 72 -7.51 -99.57 127.79
CA THR JA 72 -6.39 -99.14 126.96
C THR JA 72 -6.66 -97.83 126.25
N MET JA 73 -7.93 -97.50 126.00
CA MET JA 73 -8.24 -96.24 125.35
C MET JA 73 -7.86 -95.04 126.20
N ASP JA 74 -7.75 -95.22 127.51
CA ASP JA 74 -7.26 -94.14 128.35
C ASP JA 74 -5.78 -93.90 128.12
N SER JA 75 -5.02 -94.97 127.89
CA SER JA 75 -3.58 -94.83 127.65
C SER JA 75 -3.31 -93.95 126.43
N VAL JA 76 -3.97 -94.23 125.32
CA VAL JA 76 -3.76 -93.44 124.12
C VAL JA 76 -4.18 -91.99 124.35
N ARG JA 77 -5.20 -91.78 125.19
CA ARG JA 77 -5.59 -90.42 125.55
C ARG JA 77 -4.57 -89.78 126.47
N SER JA 78 -3.77 -90.59 127.17
CA SER JA 78 -2.75 -90.08 128.07
C SER JA 78 -1.43 -89.81 127.36
N GLY JA 79 -1.22 -90.40 126.18
CA GLY JA 79 0.02 -90.24 125.47
C GLY JA 79 0.23 -88.82 124.99
N PRO JA 80 1.39 -88.58 124.37
CA PRO JA 80 1.70 -87.22 123.90
C PRO JA 80 0.81 -86.75 122.76
N TYR JA 81 0.28 -87.68 121.96
CA TYR JA 81 -0.58 -87.34 120.83
C TYR JA 81 -1.95 -87.97 120.97
N GLY JA 82 -2.53 -87.87 122.16
CA GLY JA 82 -3.87 -88.38 122.38
C GLY JA 82 -4.92 -87.30 122.33
N GLN JA 83 -4.50 -86.05 122.58
CA GLN JA 83 -5.45 -84.94 122.61
C GLN JA 83 -6.04 -84.64 121.24
N ILE JA 84 -5.37 -85.05 120.16
CA ILE JA 84 -5.85 -84.69 118.83
C ILE JA 84 -7.12 -85.44 118.46
N PHE JA 85 -7.40 -86.56 119.12
CA PHE JA 85 -8.56 -87.35 118.77
C PHE JA 85 -9.84 -86.68 119.26
N ARG JA 86 -10.87 -86.70 118.42
CA ARG JA 86 -12.20 -86.33 118.88
C ARG JA 86 -12.64 -87.33 119.93
N PRO JA 87 -12.90 -86.91 121.17
CA PRO JA 87 -13.31 -87.87 122.20
C PRO JA 87 -14.58 -88.63 121.86
N ASP JA 88 -15.30 -88.23 120.81
CA ASP JA 88 -16.41 -89.05 120.33
C ASP JA 88 -15.96 -90.15 119.39
N ASN JA 89 -14.73 -90.11 118.90
CA ASN JA 89 -14.22 -91.20 118.08
C ASN JA 89 -13.74 -92.32 119.00
N PHE JA 90 -14.59 -92.76 119.91
CA PHE JA 90 -14.23 -93.76 120.91
C PHE JA 90 -15.45 -94.66 121.13
N VAL JA 91 -15.48 -95.79 120.46
CA VAL JA 91 -16.53 -96.79 120.64
C VAL JA 91 -15.95 -97.92 121.47
N PHE JA 92 -16.62 -98.24 122.58
CA PHE JA 92 -16.08 -99.26 123.47
C PHE JA 92 -17.19 -99.87 124.30
N GLY JA 93 -16.84 -101.00 124.91
CA GLY JA 93 -17.72 -101.67 125.85
C GLY JA 93 -16.89 -102.26 126.97
N GLN JA 94 -17.58 -102.64 128.04
CA GLN JA 94 -16.89 -103.02 129.28
C GLN JA 94 -16.29 -104.42 129.17
N THR JA 95 -17.11 -105.40 128.81
CA THR JA 95 -16.66 -106.79 128.79
C THR JA 95 -15.50 -106.97 127.82
N GLY JA 96 -14.40 -107.52 128.33
CA GLY JA 96 -13.28 -107.82 127.48
C GLY JA 96 -13.58 -108.94 126.49
N ALA JA 97 -12.74 -109.03 125.47
CA ALA JA 97 -12.95 -110.05 124.44
C ALA JA 97 -12.63 -111.44 124.96
N GLY JA 98 -11.67 -111.57 125.88
CA GLY JA 98 -11.28 -112.87 126.37
C GLY JA 98 -10.68 -113.76 125.32
N ASN JA 99 -10.21 -113.19 124.21
CA ASN JA 99 -9.56 -113.92 123.13
C ASN JA 99 -10.48 -114.99 122.54
N ASN JA 100 -11.77 -114.66 122.44
CA ASN JA 100 -12.75 -115.52 121.81
C ASN JA 100 -13.24 -114.84 120.54
N TRP JA 101 -12.94 -115.45 119.39
CA TRP JA 101 -13.39 -114.89 118.12
C TRP JA 101 -14.91 -114.77 118.07
N ALA JA 102 -15.61 -115.72 118.70
CA ALA JA 102 -17.06 -115.78 118.58
C ALA JA 102 -17.71 -114.52 119.14
N LYS JA 103 -17.52 -114.25 120.43
CA LYS JA 103 -18.17 -113.10 121.04
C LYS JA 103 -17.74 -111.81 120.37
N GLY JA 104 -16.45 -111.70 120.02
CA GLY JA 104 -16.01 -110.56 119.23
C GLY JA 104 -16.62 -110.51 117.84
N HIS JA 105 -17.25 -111.58 117.39
CA HIS JA 105 -17.86 -111.62 116.07
C HIS JA 105 -19.30 -112.10 116.07
N TYR JA 106 -19.82 -112.58 117.19
CA TYR JA 106 -21.22 -113.04 117.23
C TYR JA 106 -22.08 -112.25 118.21
N THR JA 107 -21.68 -112.14 119.48
CA THR JA 107 -22.54 -111.50 120.48
C THR JA 107 -22.18 -110.03 120.68
N GLU JA 108 -20.96 -109.77 121.16
CA GLU JA 108 -20.62 -108.41 121.57
C GLU JA 108 -20.25 -107.52 120.40
N GLY JA 109 -19.62 -108.09 119.36
CA GLY JA 109 -19.43 -107.33 118.14
C GLY JA 109 -20.75 -106.80 117.59
N ALA JA 110 -21.77 -107.67 117.55
CA ALA JA 110 -23.07 -107.26 117.04
C ALA JA 110 -23.69 -106.13 117.87
N GLU JA 111 -23.22 -105.92 119.10
CA GLU JA 111 -23.76 -104.84 119.92
C GLU JA 111 -23.20 -103.48 119.51
N LEU JA 112 -21.92 -103.44 119.12
CA LEU JA 112 -21.26 -102.17 118.85
C LEU JA 112 -21.27 -101.76 117.39
N ILE JA 113 -21.55 -102.69 116.47
CA ILE JA 113 -21.49 -102.36 115.05
C ILE JA 113 -22.50 -101.27 114.70
N ASP JA 114 -23.71 -101.37 115.26
CA ASP JA 114 -24.72 -100.34 115.00
C ASP JA 114 -24.21 -98.96 115.38
N SER JA 115 -23.40 -98.89 116.43
CA SER JA 115 -22.79 -97.62 116.82
C SER JA 115 -21.64 -97.26 115.88
N VAL JA 116 -20.70 -98.18 115.69
CA VAL JA 116 -19.52 -97.90 114.87
C VAL JA 116 -19.93 -97.49 113.47
N LEU JA 117 -20.87 -98.23 112.87
CA LEU JA 117 -21.36 -97.87 111.56
C LEU JA 117 -21.89 -96.45 111.52
N ASP JA 118 -22.52 -96.00 112.60
CA ASP JA 118 -22.93 -94.60 112.66
C ASP JA 118 -21.73 -93.67 112.73
N VAL JA 119 -20.62 -94.12 113.32
CA VAL JA 119 -19.44 -93.29 113.40
C VAL JA 119 -18.69 -93.27 112.09
N VAL JA 120 -18.48 -94.45 111.49
CA VAL JA 120 -17.74 -94.51 110.24
C VAL JA 120 -18.50 -93.82 109.13
N ARG JA 121 -19.84 -93.91 109.15
CA ARG JA 121 -20.63 -93.16 108.17
C ARG JA 121 -20.48 -91.67 108.36
N LYS JA 122 -20.14 -91.23 109.57
CA LYS JA 122 -20.11 -89.80 109.85
C LYS JA 122 -18.87 -89.15 109.26
N GLU JA 123 -17.76 -89.87 109.15
CA GLU JA 123 -16.58 -89.31 108.53
C GLU JA 123 -16.33 -89.83 107.12
N ALA JA 124 -16.93 -90.95 106.74
CA ALA JA 124 -16.98 -91.29 105.32
C ALA JA 124 -17.71 -90.20 104.53
N GLU JA 125 -18.57 -89.45 105.20
CA GLU JA 125 -19.26 -88.30 104.65
C GLU JA 125 -18.48 -87.01 104.83
N SER JA 126 -17.33 -87.05 105.49
CA SER JA 126 -16.45 -85.90 105.62
C SER JA 126 -15.36 -85.87 104.56
N CYS JA 127 -15.53 -86.64 103.48
CA CYS JA 127 -14.52 -86.80 102.45
C CYS JA 127 -15.11 -86.41 101.11
N ASP JA 128 -14.40 -85.60 100.34
CA ASP JA 128 -14.88 -85.23 99.02
C ASP JA 128 -14.81 -86.41 98.05
N CYS JA 129 -13.69 -87.12 98.06
CA CYS JA 129 -13.55 -88.38 97.32
C CYS JA 129 -12.76 -89.33 98.21
N LEU JA 130 -13.47 -90.13 99.00
CA LEU JA 130 -12.83 -91.11 99.85
C LEU JA 130 -12.20 -92.19 98.99
N GLN JA 131 -10.89 -92.39 99.15
CA GLN JA 131 -10.22 -93.43 98.37
C GLN JA 131 -10.56 -94.81 98.90
N GLY JA 132 -10.26 -95.06 100.18
CA GLY JA 132 -10.58 -96.35 100.76
C GLY JA 132 -10.33 -96.34 102.25
N PHE JA 133 -10.70 -97.44 102.88
CA PHE JA 133 -10.49 -97.64 104.29
C PHE JA 133 -9.11 -98.23 104.55
N GLN JA 134 -8.73 -98.27 105.81
CA GLN JA 134 -7.55 -99.02 106.23
C GLN JA 134 -7.68 -99.30 107.72
N VAL JA 135 -7.47 -100.57 108.09
CA VAL JA 135 -7.69 -101.00 109.46
C VAL JA 135 -6.36 -101.46 110.03
N CYS JA 136 -6.34 -101.80 111.32
CA CYS JA 136 -5.14 -102.31 111.94
C CYS JA 136 -5.55 -103.36 112.95
N HIS JA 137 -5.18 -104.61 112.69
CA HIS JA 137 -5.73 -105.77 113.37
C HIS JA 137 -4.70 -106.42 114.27
N SER JA 138 -5.10 -107.55 114.85
CA SER JA 138 -4.17 -108.52 115.43
C SER JA 138 -4.93 -109.85 115.45
N LEU JA 139 -4.55 -110.76 114.56
CA LEU JA 139 -5.29 -112.01 114.40
C LEU JA 139 -5.30 -112.85 115.66
N GLY JA 140 -4.44 -112.57 116.63
CA GLY JA 140 -4.41 -113.33 117.86
C GLY JA 140 -5.62 -113.11 118.74
N GLY JA 141 -5.79 -111.89 119.24
CA GLY JA 141 -6.88 -111.60 120.15
C GLY JA 141 -8.23 -111.63 119.48
N GLY JA 142 -9.26 -111.58 120.31
CA GLY JA 142 -10.63 -111.68 119.82
C GLY JA 142 -11.19 -110.38 119.30
N THR JA 143 -10.75 -109.26 119.87
CA THR JA 143 -11.24 -107.95 119.44
C THR JA 143 -10.89 -107.70 117.98
N GLY JA 144 -9.59 -107.70 117.67
CA GLY JA 144 -9.15 -107.39 116.32
C GLY JA 144 -9.75 -108.33 115.29
N SER JA 145 -9.63 -109.64 115.52
CA SER JA 145 -10.12 -110.61 114.54
C SER JA 145 -11.63 -110.52 114.39
N GLY JA 146 -12.36 -110.82 115.45
CA GLY JA 146 -13.82 -110.90 115.40
C GLY JA 146 -14.50 -109.62 114.98
N MET JA 147 -14.37 -108.57 115.79
CA MET JA 147 -14.97 -107.29 115.44
C MET JA 147 -14.53 -106.83 114.06
N GLY JA 148 -13.23 -106.89 113.81
CA GLY JA 148 -12.68 -106.45 112.54
C GLY JA 148 -13.35 -107.11 111.35
N THR JA 149 -13.31 -108.43 111.30
CA THR JA 149 -14.00 -109.15 110.22
C THR JA 149 -15.48 -108.82 110.20
N LEU JA 150 -16.10 -108.71 111.38
CA LEU JA 150 -17.50 -108.31 111.43
C LEU JA 150 -17.69 -106.92 110.85
N LEU JA 151 -16.92 -105.95 111.34
CA LEU JA 151 -16.95 -104.61 110.76
C LEU JA 151 -16.66 -104.65 109.26
N ILE JA 152 -15.67 -105.44 108.86
CA ILE JA 152 -15.25 -105.44 107.46
C ILE JA 152 -16.37 -105.91 106.55
N SER JA 153 -17.01 -107.03 106.90
CA SER JA 153 -18.12 -107.52 106.09
C SER JA 153 -19.22 -106.48 105.99
N LYS JA 154 -19.41 -105.67 107.03
CA LYS JA 154 -20.39 -104.59 106.97
C LYS JA 154 -19.95 -103.51 106.00
N ILE JA 155 -18.69 -103.10 106.09
CA ILE JA 155 -18.17 -102.07 105.19
C ILE JA 155 -18.25 -102.53 103.75
N ARG JA 156 -17.80 -103.76 103.48
CA ARG JA 156 -17.74 -104.26 102.11
C ARG JA 156 -19.11 -104.22 101.45
N GLU JA 157 -20.16 -104.62 102.16
CA GLU JA 157 -21.49 -104.59 101.57
C GLU JA 157 -22.09 -103.19 101.55
N GLU JA 158 -21.40 -102.19 102.09
CA GLU JA 158 -21.85 -100.81 102.01
C GLU JA 158 -20.95 -99.92 101.16
N TYR JA 159 -19.66 -100.24 101.07
CA TYR JA 159 -18.73 -99.54 100.19
C TYR JA 159 -18.05 -100.57 99.29
N PRO JA 160 -18.81 -101.23 98.41
CA PRO JA 160 -18.18 -102.27 97.58
C PRO JA 160 -17.09 -101.74 96.68
N ASP JA 161 -17.34 -100.61 96.01
CA ASP JA 161 -16.39 -100.10 95.03
C ASP JA 161 -15.10 -99.62 95.65
N ARG JA 162 -15.11 -99.27 96.94
CA ARG JA 162 -13.89 -98.79 97.58
C ARG JA 162 -12.94 -99.96 97.85
N MET JA 163 -11.75 -99.61 98.32
CA MET JA 163 -10.72 -100.60 98.64
C MET JA 163 -10.49 -100.64 100.14
N MET JA 164 -10.21 -101.83 100.65
CA MET JA 164 -10.03 -102.05 102.09
C MET JA 164 -8.66 -102.67 102.32
N LEU JA 165 -7.79 -101.93 103.00
CA LEU JA 165 -6.51 -102.47 103.44
C LEU JA 165 -6.69 -103.24 104.74
N THR JA 166 -5.61 -103.89 105.18
CA THR JA 166 -5.59 -104.52 106.49
C THR JA 166 -4.14 -104.70 106.90
N PHE JA 167 -3.68 -103.90 107.86
CA PHE JA 167 -2.33 -104.04 108.40
C PHE JA 167 -2.30 -105.02 109.56
N SER JA 168 -2.84 -106.21 109.33
CA SER JA 168 -3.00 -107.19 110.39
C SER JA 168 -1.66 -107.72 110.87
N VAL JA 169 -1.55 -107.96 112.16
CA VAL JA 169 -0.34 -108.51 112.77
C VAL JA 169 -0.57 -109.99 113.00
N VAL JA 170 0.10 -110.83 112.20
CA VAL JA 170 -0.15 -112.27 112.19
C VAL JA 170 0.38 -112.92 113.46
N PRO JA 171 -0.05 -114.14 113.78
CA PRO JA 171 0.57 -114.87 114.89
C PRO JA 171 2.01 -115.23 114.57
N SER JA 172 2.66 -115.92 115.49
CA SER JA 172 4.03 -116.36 115.26
C SER JA 172 4.08 -117.83 114.90
N PRO JA 173 5.01 -118.24 114.04
CA PRO JA 173 5.14 -119.67 113.75
C PRO JA 173 5.78 -120.45 114.87
N LYS JA 174 6.61 -119.80 115.69
CA LYS JA 174 7.34 -120.46 116.76
C LYS JA 174 6.77 -120.16 118.14
N VAL JA 175 6.42 -118.91 118.42
CA VAL JA 175 5.88 -118.51 119.72
C VAL JA 175 4.37 -118.40 119.59
N SER JA 176 3.67 -118.69 120.69
CA SER JA 176 2.21 -118.56 120.76
C SER JA 176 1.90 -117.75 122.02
N ASP JA 177 1.72 -116.44 121.86
CA ASP JA 177 1.47 -115.58 123.01
C ASP JA 177 0.08 -115.83 123.60
N THR JA 178 -0.85 -116.31 122.80
CA THR JA 178 -2.10 -116.86 123.29
C THR JA 178 -2.07 -118.37 123.07
N VAL JA 179 -3.19 -119.03 123.36
CA VAL JA 179 -3.29 -120.47 123.24
C VAL JA 179 -4.26 -120.90 122.15
N VAL JA 180 -5.38 -120.18 122.02
CA VAL JA 180 -6.42 -120.54 121.07
C VAL JA 180 -6.10 -119.85 119.74
N GLU JA 181 -4.91 -119.22 119.70
CA GLU JA 181 -4.38 -118.44 118.58
C GLU JA 181 -4.69 -119.02 117.21
N PRO JA 182 -4.54 -120.33 116.96
CA PRO JA 182 -4.93 -120.85 115.64
C PRO JA 182 -6.39 -120.62 115.32
N TYR JA 183 -7.28 -120.74 116.31
CA TYR JA 183 -8.71 -120.56 116.05
C TYR JA 183 -9.01 -119.14 115.61
N ASN JA 184 -8.49 -118.16 116.34
CA ASN JA 184 -8.74 -116.76 115.97
C ASN JA 184 -8.15 -116.46 114.60
N ALA JA 185 -7.04 -117.09 114.24
CA ALA JA 185 -6.45 -116.89 112.93
C ALA JA 185 -7.36 -117.41 111.83
N THR JA 186 -7.63 -118.72 111.83
CA THR JA 186 -8.36 -119.32 110.72
C THR JA 186 -9.75 -118.73 110.57
N LEU JA 187 -10.46 -118.54 111.69
CA LEU JA 187 -11.81 -118.00 111.60
C LEU JA 187 -11.80 -116.58 111.05
N SER JA 188 -10.75 -115.81 111.32
CA SER JA 188 -10.60 -114.51 110.70
C SER JA 188 -10.29 -114.65 109.22
N VAL JA 189 -9.30 -115.48 108.88
CA VAL JA 189 -8.89 -115.65 107.49
C VAL JA 189 -10.07 -116.05 106.61
N HIS JA 190 -10.93 -116.94 107.12
CA HIS JA 190 -12.11 -117.36 106.37
C HIS JA 190 -12.98 -116.18 105.97
N GLN JA 191 -12.80 -115.02 106.58
CA GLN JA 191 -13.52 -113.81 106.20
C GLN JA 191 -12.73 -112.90 105.28
N LEU JA 192 -11.41 -112.83 105.47
CA LEU JA 192 -10.63 -111.82 104.76
C LEU JA 192 -10.51 -112.12 103.27
N VAL JA 193 -10.46 -113.41 102.90
CA VAL JA 193 -10.27 -113.77 101.51
C VAL JA 193 -11.39 -113.22 100.64
N GLU JA 194 -12.61 -113.20 101.17
CA GLU JA 194 -13.76 -112.68 100.43
C GLU JA 194 -14.05 -111.22 100.74
N ASN JA 195 -13.54 -110.71 101.85
CA ASN JA 195 -13.88 -109.37 102.33
C ASN JA 195 -12.62 -108.56 102.55
N ALA JA 196 -11.74 -108.57 101.55
CA ALA JA 196 -10.60 -107.66 101.52
C ALA JA 196 -10.11 -107.59 100.09
N ASP JA 197 -9.29 -106.58 99.82
CA ASP JA 197 -8.70 -106.44 98.51
C ASP JA 197 -7.19 -106.41 98.63
N GLU JA 198 -6.69 -105.81 99.71
CA GLU JA 198 -5.26 -105.78 99.99
C GLU JA 198 -5.09 -106.09 101.46
N CYS JA 199 -4.34 -107.14 101.78
CA CYS JA 199 -4.20 -107.59 103.17
C CYS JA 199 -2.73 -107.88 103.45
N MET JA 200 -2.04 -106.87 103.98
CA MET JA 200 -0.68 -107.09 104.46
C MET JA 200 -0.69 -108.10 105.60
N VAL JA 201 0.43 -108.79 105.78
CA VAL JA 201 0.62 -109.69 106.91
C VAL JA 201 1.99 -109.37 107.52
N LEU JA 202 2.00 -109.14 108.83
CA LEU JA 202 3.20 -108.66 109.50
C LEU JA 202 3.35 -109.40 110.83
N ASP JA 203 4.54 -109.91 111.09
CA ASP JA 203 4.80 -110.69 112.29
C ASP JA 203 5.81 -109.97 113.17
N ASN JA 204 5.68 -110.18 114.47
CA ASN JA 204 6.62 -109.58 115.41
C ASN JA 204 7.96 -110.30 115.42
N GLU JA 205 7.99 -111.55 115.01
CA GLU JA 205 9.23 -112.34 115.00
C GLU JA 205 10.29 -111.67 114.13
N ALA JA 206 10.05 -111.63 112.83
CA ALA JA 206 11.01 -110.98 111.93
C ALA JA 206 11.17 -109.52 112.30
N LEU JA 207 10.17 -108.95 112.98
CA LEU JA 207 10.30 -107.60 113.49
C LEU JA 207 11.25 -107.55 114.68
N TYR JA 208 11.32 -108.64 115.45
CA TYR JA 208 12.29 -108.71 116.54
C TYR JA 208 13.71 -108.81 116.01
N ASP JA 209 13.92 -109.67 115.01
CA ASP JA 209 15.26 -109.83 114.45
C ASP JA 209 15.71 -108.57 113.72
N ILE JA 210 14.78 -107.92 113.00
CA ILE JA 210 15.11 -106.68 112.31
C ILE JA 210 15.64 -105.64 113.29
N CYS JA 211 14.98 -105.49 114.44
CA CYS JA 211 15.49 -104.57 115.44
C CYS JA 211 16.82 -105.06 116.02
N PHE JA 212 17.01 -106.37 116.11
CA PHE JA 212 18.17 -106.89 116.83
C PHE JA 212 19.43 -106.83 115.99
N ARG JA 213 19.45 -107.53 114.85
CA ARG JA 213 20.62 -107.54 114.00
C ARG JA 213 20.88 -106.16 113.41
N THR JA 214 19.94 -105.66 112.60
CA THR JA 214 20.21 -104.49 111.77
C THR JA 214 20.26 -103.23 112.62
N LEU JA 215 19.16 -102.89 113.28
CA LEU JA 215 19.11 -101.67 114.08
C LEU JA 215 20.03 -101.71 115.28
N LYS JA 216 20.58 -102.88 115.61
CA LYS JA 216 21.49 -103.04 116.75
C LYS JA 216 20.80 -102.69 118.06
N LEU JA 217 19.49 -102.88 118.11
CA LEU JA 217 18.73 -102.52 119.30
C LEU JA 217 19.00 -103.49 120.43
N THR JA 218 19.15 -102.95 121.64
CA THR JA 218 19.38 -103.77 122.81
C THR JA 218 18.07 -104.34 123.35
N THR JA 219 17.12 -103.47 123.69
CA THR JA 219 15.85 -103.85 124.28
C THR JA 219 14.72 -103.33 123.38
N PRO JA 220 14.28 -104.11 122.41
CA PRO JA 220 13.19 -103.65 121.54
C PRO JA 220 11.86 -103.62 122.26
N THR JA 221 11.37 -102.43 122.58
CA THR JA 221 10.05 -102.27 123.17
C THR JA 221 8.99 -102.36 122.07
N PHE JA 222 7.73 -102.43 122.50
CA PHE JA 222 6.65 -102.45 121.53
C PHE JA 222 6.50 -101.13 120.79
N GLY JA 223 6.95 -100.03 121.40
CA GLY JA 223 7.00 -98.77 120.66
C GLY JA 223 7.85 -98.88 119.42
N ASP JA 224 9.05 -99.45 119.56
CA ASP JA 224 9.96 -99.58 118.43
C ASP JA 224 9.35 -100.44 117.33
N LEU JA 225 8.71 -101.55 117.71
CA LEU JA 225 8.02 -102.37 116.72
C LEU JA 225 6.95 -101.54 116.02
N ASN JA 226 6.06 -100.92 116.80
CA ASN JA 226 5.06 -100.03 116.24
C ASN JA 226 5.70 -98.86 115.52
N HIS JA 227 6.87 -98.41 115.98
CA HIS JA 227 7.59 -97.36 115.26
C HIS JA 227 7.92 -97.80 113.84
N LEU JA 228 8.27 -99.07 113.66
CA LEU JA 228 8.55 -99.57 112.33
C LEU JA 228 7.26 -99.70 111.52
N ILE JA 229 6.21 -100.23 112.14
CA ILE JA 229 4.93 -100.34 111.45
C ILE JA 229 4.42 -98.95 111.08
N SER JA 230 4.65 -97.97 111.95
CA SER JA 230 4.27 -96.59 111.64
C SER JA 230 4.99 -96.09 110.39
N ALA JA 231 6.31 -96.33 110.32
CA ALA JA 231 7.08 -95.84 109.18
C ALA JA 231 6.55 -96.39 107.88
N VAL JA 232 6.32 -97.71 107.82
CA VAL JA 232 5.87 -98.30 106.59
C VAL JA 232 4.44 -97.88 106.25
N MET JA 233 3.59 -97.74 107.27
CA MET JA 233 2.22 -97.30 106.99
C MET JA 233 2.20 -95.91 106.40
N SER JA 234 3.12 -95.05 106.83
CA SER JA 234 3.28 -93.76 106.16
C SER JA 234 3.88 -93.93 104.77
N GLY JA 235 4.76 -94.91 104.61
CA GLY JA 235 5.43 -95.09 103.34
C GLY JA 235 4.49 -95.42 102.19
N ILE JA 236 3.37 -96.08 102.49
CA ILE JA 236 2.46 -96.51 101.44
C ILE JA 236 1.87 -95.32 100.70
N THR JA 237 1.50 -94.28 101.44
CA THR JA 237 0.67 -93.20 100.91
C THR JA 237 1.45 -91.93 100.62
N CYS JA 238 2.77 -92.03 100.43
CA CYS JA 238 3.54 -90.85 100.05
C CYS JA 238 3.06 -90.29 98.71
N CYS JA 239 2.66 -91.17 97.79
CA CYS JA 239 2.12 -90.69 96.51
C CYS JA 239 0.80 -89.98 96.71
N LEU JA 240 -0.06 -90.50 97.58
CA LEU JA 240 -1.35 -89.86 97.86
C LEU JA 240 -1.18 -88.53 98.57
N ARG JA 241 0.00 -88.25 99.11
CA ARG JA 241 0.24 -87.03 99.86
C ARG JA 241 1.21 -86.07 99.18
N PHE JA 242 2.29 -86.59 98.61
CA PHE JA 242 3.36 -85.77 98.09
C PHE JA 242 3.47 -85.92 96.58
N PRO JA 243 4.10 -84.97 95.90
CA PRO JA 243 4.36 -85.13 94.47
C PRO JA 243 5.34 -86.26 94.23
N GLY JA 244 5.52 -86.59 92.95
CA GLY JA 244 6.44 -87.65 92.60
C GLY JA 244 6.58 -87.81 91.09
N GLN JA 245 7.79 -88.12 90.63
CA GLN JA 245 7.99 -88.33 89.21
C GLN JA 245 7.14 -89.47 88.67
N LEU JA 246 6.91 -90.49 89.50
CA LEU JA 246 6.01 -91.59 89.16
C LEU JA 246 5.21 -91.92 90.41
N ASN JA 247 4.05 -91.28 90.56
CA ASN JA 247 3.21 -91.50 91.72
C ASN JA 247 2.56 -92.87 91.66
N ALA JA 248 1.96 -93.28 92.78
CA ALA JA 248 1.37 -94.61 92.87
C ALA JA 248 0.15 -94.54 93.81
N ASP JA 249 -1.03 -94.46 93.21
CA ASP JA 249 -2.27 -94.63 93.96
C ASP JA 249 -2.32 -96.04 94.55
N LEU JA 250 -3.11 -96.20 95.60
CA LEU JA 250 -3.31 -97.54 96.14
C LEU JA 250 -4.09 -98.42 95.18
N ARG JA 251 -5.10 -97.86 94.51
CA ARG JA 251 -5.88 -98.64 93.57
C ARG JA 251 -5.00 -99.20 92.46
N LYS JA 252 -3.97 -98.46 92.05
CA LYS JA 252 -3.05 -98.99 91.05
C LYS JA 252 -2.02 -99.92 91.66
N LEU JA 253 -1.83 -99.87 92.98
CA LEU JA 253 -0.94 -100.83 93.62
C LEU JA 253 -1.55 -102.23 93.64
N ALA JA 254 -2.86 -102.32 93.90
CA ALA JA 254 -3.49 -103.63 93.92
C ALA JA 254 -3.55 -104.24 92.54
N VAL JA 255 -3.97 -103.46 91.53
CA VAL JA 255 -4.12 -104.03 90.20
C VAL JA 255 -2.78 -104.52 89.65
N ASN JA 256 -1.68 -103.92 90.09
CA ASN JA 256 -0.37 -104.40 89.62
C ASN JA 256 0.18 -105.55 90.45
N LEU JA 257 -0.56 -106.06 91.43
CA LEU JA 257 0.00 -107.05 92.33
C LEU JA 257 -0.85 -108.28 92.54
N ILE JA 258 -2.12 -108.27 92.14
CA ILE JA 258 -3.03 -109.35 92.50
C ILE JA 258 -3.63 -109.93 91.22
N PRO JA 259 -2.89 -110.76 90.49
CA PRO JA 259 -3.44 -111.29 89.24
C PRO JA 259 -4.67 -112.15 89.44
N PHE JA 260 -4.81 -112.78 90.60
CA PHE JA 260 -5.97 -113.58 90.90
C PHE JA 260 -6.62 -113.10 92.19
N PRO JA 261 -7.95 -113.03 92.23
CA PRO JA 261 -8.62 -112.27 93.29
C PRO JA 261 -8.31 -112.72 94.71
N ARG JA 262 -7.64 -113.85 94.90
CA ARG JA 262 -7.43 -114.41 96.22
C ARG JA 262 -6.00 -114.31 96.71
N LEU JA 263 -5.04 -114.04 95.83
CA LEU JA 263 -3.63 -114.06 96.20
C LEU JA 263 -3.20 -112.72 96.78
N HIS JA 264 -3.92 -112.25 97.79
CA HIS JA 264 -3.80 -110.87 98.25
C HIS JA 264 -3.23 -110.77 99.66
N PHE JA 265 -2.20 -111.56 99.94
CA PHE JA 265 -1.49 -111.50 101.22
C PHE JA 265 -0.05 -111.09 100.92
N PHE JA 266 0.28 -109.84 101.23
CA PHE JA 266 1.54 -109.26 100.80
C PHE JA 266 2.63 -109.50 101.84
N MET JA 267 3.80 -108.92 101.59
CA MET JA 267 4.97 -109.07 102.45
C MET JA 267 5.75 -107.77 102.37
N VAL JA 268 6.19 -107.24 103.52
CA VAL JA 268 6.57 -105.85 103.58
C VAL JA 268 7.92 -105.68 104.27
N GLY JA 269 8.62 -104.60 103.90
CA GLY JA 269 9.89 -104.25 104.51
C GLY JA 269 10.20 -102.78 104.32
N PHE JA 270 11.09 -102.27 105.17
CA PHE JA 270 11.45 -100.86 105.18
C PHE JA 270 12.95 -100.69 104.96
N THR JA 271 13.32 -99.53 104.42
CA THR JA 271 14.69 -99.23 104.02
C THR JA 271 14.83 -97.72 103.83
N PRO JA 272 15.91 -97.09 104.32
CA PRO JA 272 17.09 -97.65 104.95
C PRO JA 272 16.87 -98.01 106.39
N LEU JA 273 17.79 -98.81 106.95
CA LEU JA 273 17.66 -99.25 108.33
C LEU JA 273 19.07 -99.58 108.83
N THR JA 274 19.63 -98.67 109.61
CA THR JA 274 20.97 -98.84 110.15
C THR JA 274 20.98 -98.39 111.60
N SER JA 275 22.01 -98.79 112.34
CA SER JA 275 22.23 -98.29 113.68
C SER JA 275 22.89 -96.91 113.58
N ARG JA 276 23.40 -96.41 114.70
CA ARG JA 276 24.07 -95.11 114.67
C ARG JA 276 25.51 -95.23 114.18
N GLY JA 277 26.19 -96.31 114.56
CA GLY JA 277 27.53 -96.56 114.05
C GLY JA 277 27.52 -96.73 112.54
N SER JA 278 26.71 -97.67 112.06
CA SER JA 278 26.60 -97.90 110.62
C SER JA 278 26.16 -96.65 109.87
N GLN JA 279 25.36 -95.80 110.50
CA GLN JA 279 24.95 -94.55 109.87
C GLN JA 279 26.14 -93.65 109.58
N GLN JA 280 27.16 -93.70 110.45
CA GLN JA 280 28.32 -92.84 110.29
C GLN JA 280 29.12 -93.19 109.04
N TYR JA 281 28.97 -94.39 108.51
CA TYR JA 281 29.81 -94.85 107.40
C TYR JA 281 29.02 -95.17 106.15
N ARG JA 282 27.86 -95.81 106.27
CA ARG JA 282 27.08 -96.16 105.08
C ARG JA 282 26.64 -94.89 104.36
N ALA JA 283 26.57 -95.00 103.03
CA ALA JA 283 26.10 -93.91 102.18
C ALA JA 283 24.73 -94.24 101.63
N LEU JA 284 24.03 -93.20 101.17
CA LEU JA 284 22.65 -93.33 100.70
C LEU JA 284 22.64 -93.25 99.18
N THR JA 285 22.59 -94.41 98.53
CA THR JA 285 22.39 -94.49 97.10
C THR JA 285 21.30 -95.51 96.81
N VAL JA 286 20.61 -95.32 95.69
CA VAL JA 286 19.59 -96.25 95.24
C VAL JA 286 20.11 -97.68 95.24
N PRO JA 287 21.36 -97.95 94.82
CA PRO JA 287 21.89 -99.31 94.98
C PRO JA 287 21.83 -99.84 96.40
N GLU JA 288 22.26 -99.04 97.39
CA GLU JA 288 22.18 -99.49 98.78
C GLU JA 288 20.76 -99.85 99.17
N LEU JA 289 19.81 -98.97 98.82
CA LEU JA 289 18.43 -99.19 99.24
C LEU JA 289 17.83 -100.41 98.54
N THR JA 290 18.16 -100.62 97.27
CA THR JA 290 17.50 -101.70 96.54
C THR JA 290 18.04 -103.07 96.91
N GLN JA 291 19.31 -103.14 97.33
CA GLN JA 291 19.84 -104.44 97.77
C GLN JA 291 19.34 -104.77 99.17
N GLN JA 292 19.23 -103.77 100.04
CA GLN JA 292 18.74 -104.02 101.38
C GLN JA 292 17.25 -104.33 101.38
N MET JA 293 16.50 -103.71 100.48
CA MET JA 293 15.07 -104.02 100.38
C MET JA 293 14.86 -105.41 99.79
N TRP JA 294 15.65 -105.77 98.78
CA TRP JA 294 15.49 -107.07 98.15
C TRP JA 294 16.08 -108.20 98.98
N ASP JA 295 16.71 -107.88 100.10
CA ASP JA 295 17.17 -108.89 101.03
C ASP JA 295 15.98 -109.69 101.57
N ALA JA 296 16.29 -110.87 102.10
CA ALA JA 296 15.27 -111.74 102.69
C ALA JA 296 15.09 -111.50 104.18
N LYS JA 297 15.75 -110.50 104.75
CA LYS JA 297 15.65 -110.23 106.17
C LYS JA 297 14.59 -109.18 106.49
N ASN JA 298 14.59 -108.07 105.75
CA ASN JA 298 13.67 -106.97 106.05
C ASN JA 298 12.21 -107.37 105.90
N MET JA 299 11.91 -108.56 105.41
CA MET JA 299 10.53 -109.03 105.31
C MET JA 299 9.99 -109.28 106.72
N MET JA 300 9.16 -108.35 107.20
CA MET JA 300 8.72 -108.40 108.58
C MET JA 300 7.80 -109.58 108.85
N CYS JA 301 7.18 -110.16 107.82
CA CYS JA 301 6.45 -111.39 108.05
C CYS JA 301 7.43 -112.54 108.10
N ALA JA 302 7.01 -113.64 108.74
CA ALA JA 302 7.94 -114.73 109.07
C ALA JA 302 7.92 -115.79 107.95
N ALA JA 303 8.49 -115.41 106.82
CA ALA JA 303 8.60 -116.31 105.68
C ALA JA 303 9.91 -116.09 104.97
N ASP JA 304 10.51 -117.17 104.48
CA ASP JA 304 11.71 -117.09 103.67
C ASP JA 304 11.28 -116.90 102.21
N PRO JA 305 11.60 -115.77 101.58
CA PRO JA 305 11.26 -115.61 100.16
C PRO JA 305 11.85 -116.69 99.27
N ARG JA 306 13.00 -117.26 99.64
CA ARG JA 306 13.67 -118.23 98.78
C ARG JA 306 12.82 -119.46 98.53
N HIS JA 307 12.00 -119.86 99.50
CA HIS JA 307 11.15 -121.03 99.33
C HIS JA 307 10.00 -120.78 98.38
N GLY JA 308 9.91 -119.60 97.79
CA GLY JA 308 8.89 -119.31 96.81
C GLY JA 308 9.43 -118.35 95.78
N ARG JA 309 8.58 -117.99 94.82
CA ARG JA 309 8.93 -117.03 93.79
C ARG JA 309 7.97 -115.86 93.87
N TYR JA 310 8.50 -114.66 93.72
CA TYR JA 310 7.68 -113.46 93.79
C TYR JA 310 6.72 -113.45 92.60
N LEU JA 311 5.44 -113.71 92.85
CA LEU JA 311 4.43 -113.46 91.84
C LEU JA 311 4.54 -112.02 91.35
N THR JA 312 4.53 -111.07 92.28
CA THR JA 312 4.77 -109.67 91.96
C THR JA 312 5.29 -108.98 93.22
N ALA JA 313 6.13 -107.98 93.02
CA ALA JA 313 6.66 -107.20 94.13
C ALA JA 313 6.54 -105.72 93.76
N SER JA 314 6.94 -104.87 94.70
CA SER JA 314 6.88 -103.42 94.47
C SER JA 314 7.90 -102.74 95.35
N ALA JA 315 8.15 -101.47 95.03
CA ALA JA 315 9.09 -100.67 95.80
C ALA JA 315 8.72 -99.20 95.65
N LEU JA 316 8.66 -98.49 96.77
CA LEU JA 316 8.37 -97.07 96.77
C LEU JA 316 9.58 -96.35 97.33
N PHE JA 317 10.08 -95.36 96.60
CA PHE JA 317 11.19 -94.54 97.03
C PHE JA 317 10.72 -93.13 97.33
N ARG JA 318 11.48 -92.43 98.15
CA ARG JA 318 11.20 -91.02 98.40
C ARG JA 318 12.51 -90.30 98.69
N GLY JA 319 12.78 -89.25 97.92
CA GLY JA 319 14.05 -88.56 97.98
C GLY JA 319 14.54 -88.27 96.58
N ARG JA 320 15.23 -87.14 96.40
CA ARG JA 320 15.71 -86.76 95.07
C ARG JA 320 16.76 -87.74 94.59
N MET JA 321 16.54 -88.31 93.40
CA MET JA 321 17.42 -89.35 92.87
C MET JA 321 17.28 -89.38 91.36
N SER JA 322 17.92 -90.35 90.72
CA SER JA 322 17.82 -90.55 89.27
C SER JA 322 16.92 -91.74 89.02
N THR JA 323 15.76 -91.48 88.41
CA THR JA 323 14.81 -92.54 88.12
C THR JA 323 15.39 -93.62 87.21
N LYS JA 324 16.45 -93.30 86.47
CA LYS JA 324 17.07 -94.31 85.62
C LYS JA 324 17.65 -95.45 86.44
N GLU JA 325 18.36 -95.12 87.52
CA GLU JA 325 18.94 -96.14 88.38
C GLU JA 325 17.88 -97.10 88.91
N VAL JA 326 16.80 -96.54 89.46
CA VAL JA 326 15.69 -97.36 89.96
C VAL JA 326 15.16 -98.28 88.86
N ASP JA 327 15.14 -97.78 87.62
CA ASP JA 327 14.61 -98.56 86.52
C ASP JA 327 15.45 -99.80 86.25
N GLU JA 328 16.78 -99.65 86.29
CA GLU JA 328 17.67 -100.75 85.94
C GLU JA 328 18.00 -101.63 87.13
N GLN JA 329 18.05 -101.05 88.34
CA GLN JA 329 18.33 -101.86 89.53
C GLN JA 329 17.32 -102.99 89.66
N MET JA 330 16.03 -102.65 89.67
CA MET JA 330 14.99 -103.66 89.67
C MET JA 330 15.02 -104.51 88.40
N LEU JA 331 15.71 -104.05 87.36
CA LEU JA 331 15.85 -104.85 86.15
C LEU JA 331 17.01 -105.83 86.26
N ASN JA 332 18.10 -105.43 86.92
CA ASN JA 332 19.19 -106.36 87.17
C ASN JA 332 18.74 -107.47 88.10
N VAL JA 333 18.21 -107.11 89.26
CA VAL JA 333 17.79 -108.11 90.24
C VAL JA 333 16.80 -109.08 89.62
N GLN JA 334 15.81 -108.56 88.89
CA GLN JA 334 14.86 -109.43 88.20
C GLN JA 334 15.54 -110.34 87.18
N ASN JA 335 16.72 -109.96 86.71
CA ASN JA 335 17.47 -110.77 85.75
C ASN JA 335 18.38 -111.78 86.42
N LYS JA 336 19.10 -111.37 87.48
CA LYS JA 336 20.05 -112.27 88.11
C LYS JA 336 19.35 -113.49 88.70
N ASN JA 337 18.50 -113.27 89.68
CA ASN JA 337 17.82 -114.36 90.39
C ASN JA 337 16.51 -114.73 89.72
N SER JA 338 16.58 -115.03 88.42
CA SER JA 338 15.39 -115.37 87.64
C SER JA 338 14.66 -116.58 88.20
N SER JA 339 15.22 -117.27 89.17
CA SER JA 339 14.52 -118.37 89.82
C SER JA 339 13.46 -117.87 90.80
N TYR JA 340 13.67 -116.69 91.38
CA TYR JA 340 12.79 -116.16 92.41
C TYR JA 340 11.57 -115.46 91.85
N PHE JA 341 11.22 -115.72 90.59
CA PHE JA 341 10.05 -115.10 89.97
C PHE JA 341 9.39 -116.17 89.11
N VAL JA 342 8.38 -115.77 88.34
CA VAL JA 342 7.72 -116.72 87.45
C VAL JA 342 8.02 -116.36 86.01
N GLU JA 343 7.57 -117.22 85.09
CA GLU JA 343 7.83 -117.01 83.67
C GLU JA 343 6.74 -116.16 83.01
N TRP JA 344 5.47 -116.50 83.27
CA TRP JA 344 4.34 -115.89 82.59
C TRP JA 344 4.12 -114.43 82.98
N ILE JA 345 4.99 -113.85 83.79
CA ILE JA 345 4.96 -112.43 84.11
C ILE JA 345 6.27 -111.82 83.64
N PRO JA 346 6.27 -111.11 82.52
CA PRO JA 346 7.52 -110.60 81.95
C PRO JA 346 8.28 -109.69 82.90
N ASN JA 347 7.63 -108.61 83.34
CA ASN JA 347 8.19 -107.72 84.35
C ASN JA 347 7.29 -107.79 85.58
N ASN JA 348 7.85 -108.20 86.70
CA ASN JA 348 7.09 -108.46 87.91
C ASN JA 348 7.50 -107.56 89.08
N VAL JA 349 7.77 -106.29 88.79
CA VAL JA 349 7.98 -105.28 89.82
C VAL JA 349 7.34 -103.98 89.36
N LYS JA 350 7.17 -103.06 90.30
CA LYS JA 350 6.71 -101.70 90.01
C LYS JA 350 7.61 -100.73 90.73
N SER JA 351 8.18 -99.79 89.99
CA SER JA 351 9.13 -98.82 90.53
C SER JA 351 8.42 -97.48 90.64
N SER JA 352 7.79 -97.24 91.79
CA SER JA 352 7.27 -95.93 92.09
C SER JA 352 8.33 -95.09 92.77
N VAL JA 353 8.14 -93.77 92.74
CA VAL JA 353 9.09 -92.86 93.36
C VAL JA 353 8.37 -91.55 93.64
N CYS JA 354 8.63 -90.99 94.82
CA CYS JA 354 8.08 -89.71 95.23
C CYS JA 354 9.19 -88.68 95.24
N ASP JA 355 8.79 -87.41 95.32
CA ASP JA 355 9.74 -86.32 95.21
C ASP JA 355 10.21 -85.79 96.56
N ILE JA 356 9.46 -86.03 97.63
CA ILE JA 356 9.73 -85.44 98.93
C ILE JA 356 10.24 -86.53 99.86
N PRO JA 357 11.39 -86.34 100.50
CA PRO JA 357 11.93 -87.37 101.38
C PRO JA 357 11.25 -87.34 102.73
N PRO JA 358 11.64 -88.21 103.68
CA PRO JA 358 11.09 -88.12 105.03
C PRO JA 358 11.58 -86.89 105.77
N LYS JA 359 11.22 -86.77 107.04
CA LYS JA 359 11.47 -85.55 107.79
C LYS JA 359 12.96 -85.32 107.99
N GLY JA 360 13.66 -86.29 108.56
CA GLY JA 360 15.06 -86.10 108.91
C GLY JA 360 16.04 -86.79 107.99
N LEU JA 361 15.59 -87.75 107.22
CA LEU JA 361 16.45 -88.47 106.29
C LEU JA 361 16.61 -87.68 105.01
N LYS JA 362 17.22 -88.30 104.00
CA LYS JA 362 17.24 -87.74 102.66
C LYS JA 362 16.92 -88.74 101.57
N MET JA 363 16.93 -90.04 101.87
CA MET JA 363 16.44 -91.07 100.96
C MET JA 363 15.77 -92.14 101.80
N SER JA 364 14.83 -92.87 101.20
CA SER JA 364 14.16 -93.96 101.87
C SER JA 364 13.48 -94.85 100.86
N ALA JA 365 12.84 -95.90 101.36
CA ALA JA 365 12.24 -96.92 100.51
C ALA JA 365 11.22 -97.70 101.30
N THR JA 366 10.50 -98.57 100.60
CA THR JA 366 9.51 -99.46 101.22
C THR JA 366 9.25 -100.60 100.26
N PHE JA 367 9.41 -101.82 100.74
CA PHE JA 367 9.29 -103.01 99.90
C PHE JA 367 7.95 -103.70 100.16
N ILE JA 368 7.34 -104.17 99.09
CA ILE JA 368 6.09 -104.93 99.16
C ILE JA 368 6.16 -106.04 98.13
N GLY JA 369 5.85 -107.26 98.54
CA GLY JA 369 5.92 -108.38 97.62
C GLY JA 369 4.92 -109.48 97.88
N ASN JA 370 4.14 -109.83 96.86
CA ASN JA 370 3.21 -110.95 96.94
C ASN JA 370 3.95 -112.20 96.48
N SER JA 371 4.85 -112.68 97.33
CA SER JA 371 5.62 -113.87 97.03
C SER JA 371 4.87 -115.09 97.52
N THR JA 372 4.95 -116.17 96.75
CA THR JA 372 4.28 -117.41 97.14
C THR JA 372 4.98 -118.11 98.28
N ALA JA 373 6.00 -117.49 98.88
CA ALA JA 373 6.63 -118.07 100.06
C ALA JA 373 5.69 -118.04 101.25
N ILE JA 374 4.85 -117.02 101.36
CA ILE JA 374 3.95 -116.85 102.50
C ILE JA 374 3.13 -118.10 102.74
N GLN JA 375 2.89 -118.91 101.70
CA GLN JA 375 2.10 -120.13 101.83
C GLN JA 375 2.61 -121.02 102.96
N GLU JA 376 3.87 -120.89 103.36
CA GLU JA 376 4.37 -121.61 104.53
C GLU JA 376 3.59 -121.21 105.77
N MET JA 377 3.32 -119.92 105.92
CA MET JA 377 2.65 -119.43 107.12
C MET JA 377 1.30 -120.10 107.32
N PHE JA 378 0.49 -120.09 106.27
CA PHE JA 378 -0.83 -120.70 106.36
C PHE JA 378 -0.74 -122.21 106.49
N LYS JA 379 0.32 -122.81 105.96
CA LYS JA 379 0.55 -124.24 106.20
C LYS JA 379 0.69 -124.52 107.68
N ARG JA 380 1.36 -123.63 108.41
CA ARG JA 380 1.59 -123.83 109.84
C ARG JA 380 0.30 -123.79 110.62
N VAL JA 381 -0.46 -122.70 110.51
CA VAL JA 381 -1.67 -122.54 111.30
C VAL JA 381 -2.65 -123.67 111.00
N SER JA 382 -2.67 -124.17 109.76
CA SER JA 382 -3.60 -125.25 109.41
C SER JA 382 -3.26 -126.54 110.14
N GLU JA 383 -2.06 -126.65 110.73
CA GLU JA 383 -1.73 -127.82 111.53
C GLU JA 383 -2.19 -127.66 112.97
N GLN JA 384 -1.80 -126.57 113.62
CA GLN JA 384 -2.21 -126.33 114.99
C GLN JA 384 -3.72 -126.37 115.13
N PHE JA 385 -4.42 -125.78 114.17
CA PHE JA 385 -5.88 -125.85 114.19
C PHE JA 385 -6.35 -127.29 114.05
N THR JA 386 -5.87 -128.01 113.03
CA THR JA 386 -6.33 -129.37 112.83
C THR JA 386 -5.82 -130.31 113.92
N ALA JA 387 -4.80 -129.90 114.68
CA ALA JA 387 -4.35 -130.69 115.82
C ALA JA 387 -5.40 -130.69 116.92
N MET JA 388 -5.73 -129.50 117.44
CA MET JA 388 -6.65 -129.41 118.57
C MET JA 388 -8.10 -129.61 118.15
N PHE JA 389 -8.48 -129.21 116.94
CA PHE JA 389 -9.84 -129.49 116.47
C PHE JA 389 -10.05 -130.98 116.31
N ARG JA 390 -8.99 -131.73 116.02
CA ARG JA 390 -9.06 -133.18 116.07
C ARG JA 390 -9.29 -133.68 117.49
N ARG JA 391 -8.91 -132.89 118.49
CA ARG JA 391 -9.15 -133.22 119.89
C ARG JA 391 -10.30 -132.44 120.50
N LYS JA 392 -10.77 -131.39 119.81
CA LYS JA 392 -11.89 -130.55 120.29
C LYS JA 392 -11.53 -129.87 121.61
N ALA JA 393 -10.29 -129.42 121.74
CA ALA JA 393 -9.87 -128.66 122.89
C ALA JA 393 -10.37 -127.23 122.78
N PHE JA 394 -10.81 -126.66 123.91
CA PHE JA 394 -11.31 -125.31 124.00
C PHE JA 394 -12.57 -125.07 123.15
N LEU JA 395 -13.12 -126.10 122.55
CA LEU JA 395 -14.24 -125.92 121.63
C LEU JA 395 -15.56 -125.64 122.35
N HIS JA 396 -15.62 -125.84 123.66
CA HIS JA 396 -16.86 -125.52 124.37
C HIS JA 396 -17.09 -124.02 124.44
N TRP JA 397 -16.01 -123.24 124.52
CA TRP JA 397 -16.15 -121.79 124.46
C TRP JA 397 -16.85 -121.36 123.17
N TYR JA 398 -16.43 -121.91 122.04
CA TYR JA 398 -16.89 -121.40 120.77
C TYR JA 398 -18.31 -121.85 120.46
N THR JA 399 -18.67 -123.08 120.83
CA THR JA 399 -20.07 -123.47 120.72
C THR JA 399 -20.93 -122.83 121.79
N GLY JA 400 -20.31 -122.22 122.81
CA GLY JA 400 -21.05 -121.45 123.79
C GLY JA 400 -21.61 -120.14 123.28
N GLU JA 401 -21.34 -119.79 122.02
CA GLU JA 401 -21.85 -118.57 121.40
C GLU JA 401 -22.71 -118.88 120.19
N GLY JA 402 -23.41 -120.01 120.22
CA GLY JA 402 -24.26 -120.42 119.13
C GLY JA 402 -23.52 -120.92 117.90
N MET JA 403 -22.19 -120.97 117.94
CA MET JA 403 -21.45 -121.44 116.79
C MET JA 403 -21.62 -122.95 116.61
N ASP JA 404 -21.27 -123.43 115.42
CA ASP JA 404 -21.22 -124.85 115.15
C ASP JA 404 -19.83 -125.23 114.68
N GLU JA 405 -19.65 -126.48 114.28
CA GLU JA 405 -18.33 -126.95 113.86
C GLU JA 405 -18.11 -126.85 112.36
N MET JA 406 -19.19 -126.83 111.57
CA MET JA 406 -19.04 -126.60 110.14
C MET JA 406 -18.38 -125.26 109.84
N GLU JA 407 -18.48 -124.30 110.76
CA GLU JA 407 -17.78 -123.03 110.59
C GLU JA 407 -16.27 -123.24 110.59
N PHE JA 408 -15.78 -124.10 111.49
CA PHE JA 408 -14.35 -124.39 111.50
C PHE JA 408 -13.93 -125.17 110.27
N THR JA 409 -14.70 -126.20 109.90
CA THR JA 409 -14.35 -127.04 108.76
C THR JA 409 -14.25 -126.21 107.48
N GLU JA 410 -15.26 -125.39 107.22
CA GLU JA 410 -15.23 -124.57 106.01
C GLU JA 410 -14.10 -123.54 106.06
N ALA JA 411 -13.82 -123.00 107.25
CA ALA JA 411 -12.68 -122.10 107.41
C ALA JA 411 -11.38 -122.82 107.06
N GLU JA 412 -11.19 -124.02 107.63
CA GLU JA 412 -10.00 -124.80 107.32
C GLU JA 412 -9.94 -125.15 105.84
N SER JA 413 -11.06 -125.58 105.27
CA SER JA 413 -11.09 -125.86 103.84
C SER JA 413 -10.72 -124.64 103.04
N ASN JA 414 -11.16 -123.46 103.48
CA ASN JA 414 -10.83 -122.23 102.77
C ASN JA 414 -9.32 -122.01 102.72
N MET JA 415 -8.64 -122.26 103.83
CA MET JA 415 -7.19 -122.08 103.86
C MET JA 415 -6.50 -123.05 102.91
N ASN JA 416 -6.88 -124.32 102.95
CA ASN JA 416 -6.25 -125.31 102.10
C ASN JA 416 -6.44 -124.98 100.62
N ASP JA 417 -7.64 -124.57 100.24
CA ASP JA 417 -7.84 -124.06 98.89
C ASP JA 417 -6.93 -122.88 98.62
N LEU JA 418 -6.83 -121.96 99.59
CA LEU JA 418 -5.96 -120.81 99.43
C LEU JA 418 -4.49 -121.23 99.27
N VAL JA 419 -4.02 -122.13 100.15
CA VAL JA 419 -2.62 -122.50 100.09
C VAL JA 419 -2.33 -123.37 98.88
N SER JA 420 -3.34 -124.10 98.39
CA SER JA 420 -3.17 -124.83 97.14
C SER JA 420 -2.97 -123.86 95.98
N GLU JA 421 -3.71 -122.75 95.98
CA GLU JA 421 -3.53 -121.74 94.94
C GLU JA 421 -2.09 -121.22 94.92
N TYR JA 422 -1.48 -121.05 96.09
CA TYR JA 422 -0.11 -120.59 96.15
C TYR JA 422 0.88 -121.61 95.64
N GLN JA 423 0.46 -122.87 95.49
CA GLN JA 423 1.35 -123.90 94.95
C GLN JA 423 1.24 -123.99 93.43
N GLN JA 424 0.01 -123.92 92.91
CA GLN JA 424 -0.19 -123.97 91.47
C GLN JA 424 0.74 -123.01 90.75
N TYR JA 425 0.76 -121.77 91.19
CA TYR JA 425 1.64 -120.75 90.62
C TYR JA 425 3.00 -120.72 91.28
N GLN JA 426 3.35 -121.78 92.00
CA GLN JA 426 4.73 -122.05 92.41
C GLN JA 426 5.13 -123.35 91.73
N ASP JA 427 5.73 -123.23 90.54
CA ASP JA 427 6.22 -124.37 89.79
C ASP JA 427 7.65 -124.73 90.17
N ALA JA 428 8.05 -124.42 91.39
CA ALA JA 428 9.40 -124.68 91.90
C ALA JA 428 10.44 -123.95 91.07
N MET KA 1 -2.77 62.14 -56.23
CA MET KA 1 -1.50 61.72 -56.81
C MET KA 1 -0.34 62.05 -55.88
N ARG KA 2 -0.52 63.09 -55.06
CA ARG KA 2 0.50 63.53 -54.12
C ARG KA 2 0.07 63.13 -52.71
N GLU KA 3 0.40 61.90 -52.33
CA GLU KA 3 -0.12 61.25 -51.14
C GLU KA 3 0.99 60.71 -50.27
N VAL KA 4 0.85 60.87 -48.95
CA VAL KA 4 1.82 60.39 -47.98
C VAL KA 4 1.09 59.62 -46.89
N ILE KA 5 1.85 58.81 -46.15
CA ILE KA 5 1.31 57.99 -45.07
C ILE KA 5 2.02 58.38 -43.78
N SER KA 6 1.25 58.54 -42.71
CA SER KA 6 1.76 59.00 -41.43
C SER KA 6 1.61 57.93 -40.36
N ILE KA 7 2.64 57.76 -39.54
CA ILE KA 7 2.70 56.72 -38.53
C ILE KA 7 3.11 57.36 -37.21
N HIS KA 8 2.27 57.21 -36.18
CA HIS KA 8 2.55 57.77 -34.86
C HIS KA 8 2.69 56.63 -33.88
N ILE KA 9 3.92 56.33 -33.48
CA ILE KA 9 4.24 55.21 -32.60
C ILE KA 9 4.55 55.75 -31.21
N GLY KA 10 4.35 54.90 -30.21
CA GLY KA 10 4.63 55.29 -28.84
C GLY KA 10 3.62 56.30 -28.34
N GLN KA 11 3.88 56.80 -27.13
CA GLN KA 11 2.96 57.77 -26.57
C GLN KA 11 3.12 59.14 -27.23
N ALA KA 12 4.35 59.67 -27.23
CA ALA KA 12 4.58 60.97 -27.83
C ALA KA 12 4.23 61.00 -29.30
N GLY KA 13 4.35 59.87 -29.99
CA GLY KA 13 3.91 59.81 -31.38
C GLY KA 13 2.46 60.26 -31.53
N ILE KA 14 1.56 59.62 -30.79
CA ILE KA 14 0.17 60.02 -30.92
C ILE KA 14 -0.09 61.35 -30.22
N GLN KA 15 0.70 61.70 -29.20
CA GLN KA 15 0.54 62.99 -28.57
C GLN KA 15 0.77 64.12 -29.55
N VAL KA 16 1.70 63.95 -30.47
CA VAL KA 16 1.92 64.96 -31.49
C VAL KA 16 1.05 64.73 -32.73
N GLY KA 17 0.61 63.50 -32.97
CA GLY KA 17 -0.33 63.27 -34.05
C GLY KA 17 -1.65 63.95 -33.80
N ASN KA 18 -2.09 63.98 -32.54
CA ASN KA 18 -3.31 64.70 -32.20
C ASN KA 18 -3.21 66.16 -32.61
N ALA KA 19 -2.09 66.79 -32.29
CA ALA KA 19 -1.91 68.20 -32.67
C ALA KA 19 -1.85 68.35 -34.19
N CYS KA 20 -1.10 67.48 -34.87
CA CYS KA 20 -1.00 67.57 -36.31
C CYS KA 20 -2.36 67.43 -36.97
N TRP KA 21 -3.22 66.56 -36.45
CA TRP KA 21 -4.50 66.34 -37.11
C TRP KA 21 -5.52 67.41 -36.74
N GLU KA 22 -5.49 67.93 -35.51
CA GLU KA 22 -6.29 69.11 -35.21
C GLU KA 22 -5.85 70.29 -36.07
N LEU KA 23 -4.57 70.30 -36.48
CA LEU KA 23 -4.13 71.34 -37.39
C LEU KA 23 -4.67 71.12 -38.79
N TYR KA 24 -4.54 69.89 -39.30
CA TYR KA 24 -4.91 69.63 -40.69
C TYR KA 24 -6.41 69.77 -40.92
N CYS KA 25 -7.23 69.24 -40.01
CA CYS KA 25 -8.67 69.38 -40.18
C CYS KA 25 -9.06 70.85 -40.22
N LEU KA 26 -8.51 71.65 -39.32
CA LEU KA 26 -8.81 73.08 -39.30
C LEU KA 26 -8.29 73.77 -40.55
N GLU KA 27 -7.13 73.35 -41.05
CA GLU KA 27 -6.53 74.00 -42.20
C GLU KA 27 -7.31 73.72 -43.47
N HIS KA 28 -7.87 72.54 -43.60
CA HIS KA 28 -8.62 72.17 -44.79
C HIS KA 28 -10.13 72.26 -44.60
N GLY KA 29 -10.59 72.79 -43.47
CA GLY KA 29 -12.02 72.96 -43.31
C GLY KA 29 -12.75 71.70 -42.96
N ILE KA 30 -12.03 70.66 -42.55
CA ILE KA 30 -12.65 69.39 -42.19
C ILE KA 30 -13.17 69.48 -40.76
N GLN KA 31 -14.47 69.31 -40.59
CA GLN KA 31 -15.03 69.25 -39.25
C GLN KA 31 -14.48 68.03 -38.52
N PRO KA 32 -14.55 68.01 -37.19
CA PRO KA 32 -14.16 66.80 -36.46
C PRO KA 32 -14.96 65.57 -36.86
N ASP KA 33 -16.18 65.72 -37.33
CA ASP KA 33 -16.97 64.57 -37.79
C ASP KA 33 -16.68 64.24 -39.25
N GLY KA 34 -15.41 64.13 -39.59
CA GLY KA 34 -15.02 63.62 -40.89
C GLY KA 34 -15.25 64.53 -42.06
N GLN KA 35 -16.49 64.99 -42.25
CA GLN KA 35 -16.85 65.69 -43.48
C GLN KA 35 -16.77 67.20 -43.30
N MET KA 36 -16.72 67.90 -44.43
CA MET KA 36 -16.65 69.36 -44.49
C MET KA 36 -17.95 69.93 -45.04
N PRO KA 37 -18.27 71.19 -44.72
CA PRO KA 37 -19.50 71.82 -45.22
C PRO KA 37 -19.54 71.91 -46.74
N ASP KA 46 -10.88 69.63 -54.40
CA ASP KA 46 -10.11 68.40 -54.50
C ASP KA 46 -8.62 68.71 -54.55
N ASP KA 47 -7.81 67.67 -54.47
CA ASP KA 47 -6.35 67.75 -54.61
C ASP KA 47 -5.74 68.56 -53.47
N ALA KA 48 -6.56 69.07 -52.57
CA ALA KA 48 -6.09 69.82 -51.41
C ALA KA 48 -6.12 68.99 -50.14
N PHE KA 49 -7.11 68.11 -50.00
CA PHE KA 49 -7.16 67.17 -48.89
C PHE KA 49 -6.63 65.80 -49.25
N ASN KA 50 -6.51 65.50 -50.56
CA ASN KA 50 -6.14 64.16 -51.00
C ASN KA 50 -4.74 63.78 -50.55
N THR KA 51 -3.94 64.74 -50.11
CA THR KA 51 -2.61 64.41 -49.58
C THR KA 51 -2.70 63.69 -48.25
N PHE KA 52 -3.70 64.02 -47.43
CA PHE KA 52 -3.82 63.46 -46.09
C PHE KA 52 -5.10 62.67 -45.88
N PHE KA 53 -6.05 62.70 -46.82
CA PHE KA 53 -7.35 62.13 -46.54
C PHE KA 53 -7.81 61.25 -47.69
N SER KA 54 -8.96 60.62 -47.47
CA SER KA 54 -9.62 59.80 -48.48
C SER KA 54 -11.12 60.02 -48.38
N GLU KA 55 -11.76 60.25 -49.52
CA GLU KA 55 -13.18 60.50 -49.58
C GLU KA 55 -13.94 59.18 -49.76
N THR KA 56 -14.94 58.96 -48.92
CA THR KA 56 -15.80 57.80 -49.07
C THR KA 56 -16.91 58.13 -50.06
N GLY KA 57 -17.94 57.29 -50.11
CA GLY KA 57 -19.00 57.47 -51.09
C GLY KA 57 -19.68 58.83 -51.00
N ALA KA 58 -19.70 59.45 -49.83
CA ALA KA 58 -20.42 60.70 -49.67
C ALA KA 58 -19.78 61.53 -48.55
N GLY KA 59 -18.94 62.48 -48.94
CA GLY KA 59 -18.56 63.57 -48.06
C GLY KA 59 -17.53 63.26 -46.99
N LYS KA 60 -17.48 62.02 -46.53
CA LYS KA 60 -16.63 61.67 -45.39
C LYS KA 60 -15.18 61.65 -45.81
N HIS KA 61 -14.34 62.39 -45.09
CA HIS KA 61 -12.90 62.47 -45.35
C HIS KA 61 -12.18 61.78 -44.19
N VAL KA 62 -11.82 60.52 -44.40
CA VAL KA 62 -11.10 59.78 -43.36
C VAL KA 62 -9.61 59.99 -43.55
N PRO KA 63 -8.85 60.27 -42.49
CA PRO KA 63 -7.41 60.53 -42.66
C PRO KA 63 -6.64 59.26 -42.92
N ARG KA 64 -5.55 59.41 -43.67
CA ARG KA 64 -4.66 58.30 -43.97
C ARG KA 64 -3.46 58.34 -43.02
N CYS KA 65 -3.76 58.07 -41.76
CA CYS KA 65 -2.75 57.97 -40.70
C CYS KA 65 -2.93 56.65 -39.98
N ILE KA 66 -1.96 56.35 -39.12
CA ILE KA 66 -2.07 55.20 -38.24
C ILE KA 66 -1.50 55.60 -36.88
N PHE KA 67 -2.26 55.30 -35.82
CA PHE KA 67 -1.88 55.55 -34.44
C PHE KA 67 -1.57 54.20 -33.80
N LEU KA 68 -0.30 53.93 -33.52
CA LEU KA 68 0.12 52.64 -32.99
C LEU KA 68 0.66 52.82 -31.59
N ASP KA 69 0.25 51.93 -30.69
CA ASP KA 69 0.71 52.02 -29.30
C ASP KA 69 0.43 50.70 -28.61
N LEU KA 70 0.95 50.58 -27.38
CA LEU KA 70 0.75 49.42 -26.55
C LEU KA 70 -0.04 49.70 -25.27
N GLU KA 71 -0.26 50.96 -24.93
CA GLU KA 71 -1.10 51.29 -23.78
C GLU KA 71 -2.48 51.66 -24.27
N PRO KA 72 -3.55 50.99 -23.82
CA PRO KA 72 -4.89 51.42 -24.19
C PRO KA 72 -5.26 52.79 -23.64
N THR KA 73 -4.54 53.27 -22.62
CA THR KA 73 -4.98 54.43 -21.85
C THR KA 73 -4.99 55.72 -22.66
N VAL KA 74 -4.37 55.74 -23.84
CA VAL KA 74 -4.32 56.93 -24.67
C VAL KA 74 -5.13 56.75 -25.95
N VAL KA 75 -5.08 55.56 -26.55
CA VAL KA 75 -5.95 55.29 -27.68
C VAL KA 75 -7.40 55.36 -27.26
N ASP KA 76 -7.72 55.06 -26.00
CA ASP KA 76 -9.12 55.18 -25.58
C ASP KA 76 -9.53 56.61 -25.33
N GLU KA 77 -8.63 57.46 -24.82
CA GLU KA 77 -8.93 58.88 -24.80
C GLU KA 77 -9.24 59.37 -26.21
N VAL KA 78 -8.44 58.94 -27.19
CA VAL KA 78 -8.70 59.35 -28.57
C VAL KA 78 -10.05 58.83 -29.05
N ARG KA 79 -10.35 57.56 -28.77
CA ARG KA 79 -11.61 56.96 -29.20
C ARG KA 79 -12.82 57.64 -28.57
N THR KA 80 -12.67 58.18 -27.37
CA THR KA 80 -13.79 58.84 -26.71
C THR KA 80 -13.86 60.33 -26.99
N GLY KA 81 -12.78 60.95 -27.44
CA GLY KA 81 -12.77 62.37 -27.68
C GLY KA 81 -13.67 62.78 -28.83
N THR KA 82 -13.61 64.08 -29.14
CA THR KA 82 -14.39 64.59 -30.26
C THR KA 82 -13.87 64.09 -31.60
N TYR KA 83 -12.58 63.75 -31.66
CA TYR KA 83 -11.99 63.23 -32.89
C TYR KA 83 -12.14 61.72 -32.96
N ARG KA 84 -13.37 61.26 -32.78
CA ARG KA 84 -13.66 59.83 -32.84
C ARG KA 84 -14.40 59.42 -34.10
N GLN KA 85 -15.09 60.35 -34.75
CA GLN KA 85 -15.72 60.05 -36.03
C GLN KA 85 -14.74 60.11 -37.18
N LEU KA 86 -13.52 60.60 -36.96
CA LEU KA 86 -12.54 60.69 -38.03
C LEU KA 86 -12.03 59.32 -38.43
N PHE KA 87 -11.39 58.63 -37.50
CA PHE KA 87 -10.53 57.52 -37.85
C PHE KA 87 -11.31 56.23 -38.04
N HIS KA 88 -10.93 55.48 -39.05
CA HIS KA 88 -11.34 54.10 -39.14
C HIS KA 88 -10.81 53.37 -37.91
N PRO KA 89 -11.68 52.85 -37.05
CA PRO KA 89 -11.21 52.30 -35.77
C PRO KA 89 -10.11 51.25 -35.91
N GLU KA 90 -10.01 50.62 -37.08
CA GLU KA 90 -8.92 49.68 -37.33
C GLU KA 90 -7.57 50.37 -37.48
N GLN KA 91 -7.55 51.69 -37.63
CA GLN KA 91 -6.29 52.41 -37.69
C GLN KA 91 -5.71 52.60 -36.29
N LEU KA 92 -6.55 52.93 -35.32
CA LEU KA 92 -6.14 53.09 -33.94
C LEU KA 92 -5.78 51.73 -33.38
N ILE KA 93 -4.49 51.44 -33.28
CA ILE KA 93 -3.99 50.12 -32.89
C ILE KA 93 -3.44 50.22 -31.49
N SER KA 94 -3.90 49.37 -30.59
CA SER KA 94 -3.45 49.35 -29.21
C SER KA 94 -3.20 47.91 -28.78
N GLY KA 95 -2.47 47.77 -27.66
CA GLY KA 95 -2.15 46.47 -27.13
C GLY KA 95 -2.59 46.35 -25.70
N LYS KA 96 -2.65 45.10 -25.22
CA LYS KA 96 -3.10 44.86 -23.86
C LYS KA 96 -2.05 45.32 -22.85
N GLU KA 97 -0.79 45.01 -23.08
CA GLU KA 97 0.28 45.36 -22.16
C GLU KA 97 1.31 46.24 -22.88
N ASP KA 98 2.04 47.02 -22.09
CA ASP KA 98 2.99 48.00 -22.62
C ASP KA 98 4.42 47.47 -22.53
N ALA KA 99 5.33 48.22 -23.15
CA ALA KA 99 6.73 47.85 -23.19
C ALA KA 99 7.50 48.23 -21.92
N ALA KA 100 6.94 49.10 -21.08
CA ALA KA 100 7.51 49.43 -19.77
C ALA KA 100 8.93 49.94 -19.89
N ASN KA 101 9.16 50.87 -20.83
CA ASN KA 101 10.46 51.51 -21.04
C ASN KA 101 11.57 50.47 -21.12
N ASN KA 102 11.44 49.59 -22.09
CA ASN KA 102 12.36 48.45 -22.23
C ASN KA 102 12.48 48.11 -23.71
N PHE KA 103 13.66 48.35 -24.27
CA PHE KA 103 13.88 48.07 -25.68
C PHE KA 103 13.63 46.61 -25.99
N ALA KA 104 14.06 45.72 -25.11
CA ALA KA 104 13.85 44.29 -25.35
C ALA KA 104 12.38 43.96 -25.40
N ARG KA 105 11.58 44.49 -24.46
CA ARG KA 105 10.15 44.26 -24.50
C ARG KA 105 9.54 44.81 -25.78
N GLY KA 106 9.97 46.00 -26.21
CA GLY KA 106 9.38 46.60 -27.39
C GLY KA 106 9.76 45.90 -28.67
N HIS KA 107 10.93 45.28 -28.71
CA HIS KA 107 11.45 44.69 -29.94
C HIS KA 107 11.21 43.19 -30.06
N TYR KA 108 11.55 42.42 -29.02
CA TYR KA 108 11.55 40.96 -29.11
C TYR KA 108 10.31 40.31 -28.56
N THR KA 109 9.65 40.91 -27.57
CA THR KA 109 8.62 40.22 -26.81
C THR KA 109 7.21 40.60 -27.22
N ILE KA 110 6.92 41.89 -27.36
CA ILE KA 110 5.55 42.38 -27.46
C ILE KA 110 5.22 42.85 -28.88
N GLY KA 111 6.10 43.65 -29.48
CA GLY KA 111 5.79 44.23 -30.77
C GLY KA 111 5.68 43.24 -31.91
N LYS KA 112 6.26 42.05 -31.74
CA LYS KA 112 6.24 41.05 -32.80
C LYS KA 112 4.92 40.30 -32.89
N GLU KA 113 3.97 40.58 -32.01
CA GLU KA 113 2.62 40.03 -32.16
C GLU KA 113 1.71 40.94 -32.96
N ILE KA 114 1.96 42.25 -32.95
CA ILE KA 114 1.10 43.19 -33.65
C ILE KA 114 1.74 43.79 -34.89
N VAL KA 115 3.02 43.50 -35.16
CA VAL KA 115 3.58 43.90 -36.45
C VAL KA 115 2.76 43.35 -37.60
N ASP KA 116 2.22 42.14 -37.46
CA ASP KA 116 1.48 41.55 -38.57
C ASP KA 116 0.26 42.41 -38.92
N LEU KA 117 -0.51 42.82 -37.91
CA LEU KA 117 -1.69 43.60 -38.20
C LEU KA 117 -1.33 45.04 -38.57
N ALA KA 118 -0.26 45.59 -37.99
CA ALA KA 118 0.18 46.91 -38.41
C ALA KA 118 0.59 46.91 -39.88
N LEU KA 119 1.30 45.87 -40.32
CA LEU KA 119 1.73 45.81 -41.72
C LEU KA 119 0.55 45.58 -42.65
N ASP KA 120 -0.39 44.72 -42.29
CA ASP KA 120 -1.50 44.54 -43.22
C ASP KA 120 -2.39 45.78 -43.26
N ARG KA 121 -2.48 46.53 -42.16
CA ARG KA 121 -3.19 47.80 -42.21
C ARG KA 121 -2.45 48.81 -43.08
N ILE KA 122 -1.13 48.84 -43.00
CA ILE KA 122 -0.36 49.73 -43.87
C ILE KA 122 -0.54 49.34 -45.33
N ARG KA 123 -0.61 48.03 -45.59
CA ARG KA 123 -0.88 47.56 -46.95
C ARG KA 123 -2.24 48.07 -47.44
N LYS KA 124 -3.28 47.89 -46.63
CA LYS KA 124 -4.61 48.34 -47.03
C LYS KA 124 -4.67 49.86 -47.16
N LEU KA 125 -3.84 50.58 -46.41
CA LEU KA 125 -3.83 52.03 -46.48
C LEU KA 125 -3.08 52.54 -47.69
N ALA KA 126 -2.03 51.83 -48.11
CA ALA KA 126 -1.28 52.21 -49.30
C ALA KA 126 -1.92 51.70 -50.58
N ASP KA 127 -2.82 50.72 -50.50
CA ASP KA 127 -3.51 50.26 -51.71
C ASP KA 127 -4.27 51.40 -52.37
N ASN KA 128 -5.11 52.11 -51.61
CA ASN KA 128 -5.92 53.15 -52.21
C ASN KA 128 -5.09 54.30 -52.76
N CYS KA 129 -3.84 54.41 -52.32
CA CYS KA 129 -2.98 55.47 -52.82
C CYS KA 129 -2.62 55.23 -54.28
N THR KA 130 -2.63 56.31 -55.07
CA THR KA 130 -2.23 56.25 -56.47
C THR KA 130 -0.75 56.55 -56.61
N GLY KA 131 -0.34 57.75 -56.20
CA GLY KA 131 1.07 58.08 -56.14
C GLY KA 131 1.51 58.33 -54.72
N LEU KA 132 2.31 57.43 -54.16
CA LEU KA 132 2.73 57.50 -52.77
C LEU KA 132 4.07 58.23 -52.71
N GLN KA 133 4.15 59.25 -51.86
CA GLN KA 133 5.37 60.04 -51.77
C GLN KA 133 6.35 59.49 -50.74
N GLY KA 134 5.87 59.18 -49.54
CA GLY KA 134 6.78 58.66 -48.53
C GLY KA 134 6.08 58.46 -47.21
N PHE KA 135 6.84 57.90 -46.28
CA PHE KA 135 6.36 57.57 -44.93
C PHE KA 135 6.93 58.56 -43.93
N LEU KA 136 6.04 59.28 -43.24
CA LEU KA 136 6.41 60.09 -42.09
C LEU KA 136 6.29 59.22 -40.84
N VAL KA 137 7.34 59.19 -40.02
CA VAL KA 137 7.35 58.39 -38.81
C VAL KA 137 7.63 59.32 -37.63
N PHE KA 138 6.61 59.60 -36.85
CA PHE KA 138 6.75 60.41 -35.65
C PHE KA 138 7.07 59.49 -34.48
N ASN KA 139 8.31 59.53 -34.00
CA ASN KA 139 8.75 58.61 -32.98
C ASN KA 139 9.32 59.38 -31.80
N ALA KA 140 9.40 58.71 -30.66
CA ALA KA 140 9.98 59.30 -29.44
C ALA KA 140 11.03 58.33 -28.91
N VAL KA 141 12.29 58.60 -29.18
CA VAL KA 141 13.35 57.70 -28.75
C VAL KA 141 13.58 57.88 -27.26
N GLY KA 142 13.57 56.77 -26.52
CA GLY KA 142 13.77 56.84 -25.09
C GLY KA 142 12.78 55.98 -24.32
N GLY KA 143 11.67 55.64 -24.94
CA GLY KA 143 10.68 54.77 -24.33
C GLY KA 143 10.57 53.47 -25.11
N GLY KA 144 10.43 52.36 -24.37
CA GLY KA 144 10.53 51.05 -24.97
C GLY KA 144 9.65 50.87 -26.19
N THR KA 145 8.36 51.17 -26.05
CA THR KA 145 7.45 51.04 -27.19
C THR KA 145 8.00 51.81 -28.38
N GLY KA 146 8.08 53.13 -28.25
CA GLY KA 146 8.57 53.97 -29.33
C GLY KA 146 9.79 53.38 -29.98
N SER KA 147 10.88 53.26 -29.22
CA SER KA 147 12.15 52.82 -29.77
C SER KA 147 12.09 51.45 -30.43
N GLY KA 148 11.80 50.40 -29.65
CA GLY KA 148 11.89 49.06 -30.20
C GLY KA 148 10.88 48.81 -31.30
N LEU KA 149 9.62 49.19 -31.07
CA LEU KA 149 8.60 48.96 -32.07
C LEU KA 149 8.83 49.78 -33.33
N GLY KA 150 9.41 50.98 -33.26
CA GLY KA 150 9.72 51.70 -34.47
C GLY KA 150 10.87 51.06 -35.23
N SER KA 151 11.86 50.55 -34.50
CA SER KA 151 12.94 49.82 -35.16
C SER KA 151 12.38 48.61 -35.93
N LEU KA 152 11.51 47.85 -35.27
CA LEU KA 152 10.93 46.67 -35.91
C LEU KA 152 10.07 47.06 -37.11
N LEU KA 153 9.24 48.09 -36.96
CA LEU KA 153 8.40 48.56 -38.05
C LEU KA 153 9.23 49.04 -39.22
N LEU KA 154 10.33 49.76 -38.95
CA LEU KA 154 11.14 50.30 -40.03
C LEU KA 154 11.86 49.19 -40.77
N GLU KA 155 12.34 48.16 -40.05
CA GLU KA 155 12.94 47.03 -40.75
C GLU KA 155 11.93 46.34 -41.66
N ARG KA 156 10.72 46.13 -41.16
CA ARG KA 156 9.69 45.51 -42.00
C ARG KA 156 9.33 46.40 -43.18
N LEU KA 157 9.25 47.71 -42.97
CA LEU KA 157 8.91 48.62 -44.06
C LEU KA 157 10.00 48.66 -45.11
N SER KA 158 11.26 48.60 -44.68
CA SER KA 158 12.36 48.62 -45.64
C SER KA 158 12.39 47.35 -46.46
N VAL KA 159 12.10 46.20 -45.84
CA VAL KA 159 12.08 44.98 -46.64
C VAL KA 159 10.86 44.92 -47.54
N ASP KA 160 9.77 45.60 -47.17
CA ASP KA 160 8.59 45.58 -48.03
C ASP KA 160 8.72 46.54 -49.21
N TYR KA 161 8.95 47.83 -48.93
CA TYR KA 161 8.93 48.85 -49.97
C TYR KA 161 10.32 49.15 -50.51
N GLY KA 162 11.25 49.56 -49.64
CA GLY KA 162 12.61 49.79 -50.05
C GLY KA 162 12.82 51.03 -50.88
N LYS KA 163 12.10 51.13 -52.00
CA LYS KA 163 12.24 52.29 -52.88
C LYS KA 163 11.60 53.54 -52.30
N LYS KA 164 10.66 53.39 -51.36
CA LYS KA 164 9.97 54.53 -50.79
C LYS KA 164 10.91 55.29 -49.84
N SER KA 165 10.51 56.51 -49.49
CA SER KA 165 11.34 57.41 -48.72
C SER KA 165 10.77 57.56 -47.32
N LYS KA 166 11.59 57.32 -46.31
CA LYS KA 166 11.17 57.36 -44.91
C LYS KA 166 11.80 58.55 -44.20
N LEU KA 167 10.96 59.51 -43.82
CA LEU KA 167 11.38 60.56 -42.93
C LEU KA 167 10.99 60.17 -41.52
N GLY KA 168 11.90 60.38 -40.58
CA GLY KA 168 11.60 60.09 -39.20
C GLY KA 168 11.84 61.29 -38.31
N PHE KA 169 10.78 61.82 -37.72
CA PHE KA 169 10.90 62.93 -36.79
C PHE KA 169 10.96 62.31 -35.40
N THR KA 170 12.16 62.32 -34.81
CA THR KA 170 12.40 61.56 -33.59
C THR KA 170 12.66 62.51 -32.44
N VAL KA 171 11.69 62.60 -31.52
CA VAL KA 171 11.91 63.30 -30.27
C VAL KA 171 13.04 62.60 -29.54
N TYR KA 172 14.13 63.28 -29.40
CA TYR KA 172 15.36 62.65 -28.99
C TYR KA 172 15.56 62.75 -27.48
N PRO KA 173 16.15 61.74 -26.85
CA PRO KA 173 16.44 61.83 -25.42
C PRO KA 173 17.31 63.04 -25.13
N SER KA 174 16.91 63.78 -24.13
CA SER KA 174 17.41 65.12 -23.88
C SER KA 174 18.64 65.09 -22.99
N PRO KA 175 19.48 66.16 -23.02
CA PRO KA 175 20.67 66.19 -22.17
C PRO KA 175 20.39 66.05 -20.68
N GLN KA 176 19.62 66.97 -20.11
CA GLN KA 176 19.39 67.00 -18.67
C GLN KA 176 17.94 66.73 -18.30
N VAL KA 177 17.00 67.50 -18.84
CA VAL KA 177 15.58 67.23 -18.56
C VAL KA 177 15.23 65.88 -19.14
N SER KA 178 14.96 64.91 -18.26
CA SER KA 178 14.66 63.56 -18.70
C SER KA 178 13.70 62.93 -17.71
N THR KA 179 12.65 62.33 -18.24
CA THR KA 179 11.66 61.63 -17.43
C THR KA 179 11.94 60.14 -17.32
N ALA KA 180 13.21 59.75 -17.41
CA ALA KA 180 13.56 58.34 -17.39
C ALA KA 180 15.00 58.19 -16.93
N VAL KA 181 15.36 56.95 -16.63
CA VAL KA 181 16.72 56.63 -16.20
C VAL KA 181 17.41 55.63 -17.10
N VAL KA 182 16.67 54.74 -17.77
CA VAL KA 182 17.25 53.73 -18.65
C VAL KA 182 17.39 54.21 -20.09
N GLU KA 183 16.90 55.40 -20.41
CA GLU KA 183 16.81 55.81 -21.81
C GLU KA 183 18.16 55.91 -22.54
N PRO KA 184 19.30 56.14 -21.86
CA PRO KA 184 20.57 56.07 -22.59
C PRO KA 184 20.86 54.70 -23.20
N TYR KA 185 20.15 53.65 -22.80
CA TYR KA 185 20.34 52.36 -23.42
C TYR KA 185 19.49 52.22 -24.67
N ASN KA 186 18.19 52.48 -24.54
CA ASN KA 186 17.33 52.28 -25.68
C ASN KA 186 17.55 53.33 -26.74
N SER KA 187 18.12 54.49 -26.42
CA SER KA 187 18.44 55.45 -27.47
C SER KA 187 19.53 54.91 -28.38
N VAL KA 188 20.60 54.38 -27.79
CA VAL KA 188 21.67 53.79 -28.59
C VAL KA 188 21.16 52.59 -29.36
N LEU KA 189 20.32 51.76 -28.72
CA LEU KA 189 19.80 50.59 -29.41
C LEU KA 189 18.92 50.98 -30.60
N SER KA 190 18.05 51.97 -30.41
CA SER KA 190 17.20 52.42 -31.50
C SER KA 190 18.01 53.00 -32.64
N THR KA 191 19.04 53.78 -32.33
CA THR KA 191 19.88 54.33 -33.38
C THR KA 191 20.55 53.21 -34.17
N HIS KA 192 21.24 52.31 -33.48
CA HIS KA 192 21.90 51.21 -34.16
C HIS KA 192 20.92 50.38 -34.97
N SER KA 193 19.66 50.32 -34.56
CA SER KA 193 18.70 49.53 -35.31
C SER KA 193 18.17 50.26 -36.54
N LEU KA 194 17.80 51.53 -36.41
CA LEU KA 194 17.11 52.22 -37.49
C LEU KA 194 18.07 52.89 -38.47
N LEU KA 195 19.31 53.13 -38.08
CA LEU KA 195 20.25 53.87 -38.92
C LEU KA 195 20.28 53.34 -40.35
N GLU KA 196 20.32 52.02 -40.51
CA GLU KA 196 20.41 51.44 -41.84
C GLU KA 196 19.12 51.51 -42.62
N HIS KA 197 18.01 51.90 -42.01
CA HIS KA 197 16.71 51.77 -42.63
C HIS KA 197 15.99 53.08 -42.88
N THR KA 198 16.09 54.04 -41.97
CA THR KA 198 15.49 55.34 -42.23
C THR KA 198 16.24 56.05 -43.35
N ASP KA 199 15.50 56.84 -44.12
CA ASP KA 199 16.11 57.59 -45.21
C ASP KA 199 16.57 58.97 -44.77
N VAL KA 200 15.86 59.59 -43.83
CA VAL KA 200 16.35 60.81 -43.20
C VAL KA 200 15.72 60.92 -41.82
N ALA KA 201 16.42 61.57 -40.89
CA ALA KA 201 15.94 61.72 -39.52
C ALA KA 201 16.08 63.17 -39.09
N VAL KA 202 15.01 63.70 -38.51
CA VAL KA 202 14.97 65.06 -37.98
C VAL KA 202 14.96 64.95 -36.47
N MET KA 203 15.98 65.51 -35.83
CA MET KA 203 16.08 65.47 -34.38
C MET KA 203 15.46 66.72 -33.77
N LEU KA 204 14.88 66.55 -32.58
CA LEU KA 204 14.30 67.67 -31.86
C LEU KA 204 14.14 67.28 -30.39
N ASP KA 205 14.30 68.26 -29.52
CA ASP KA 205 14.52 68.02 -28.11
C ASP KA 205 13.58 68.85 -27.24
N ASN KA 206 13.03 68.20 -26.22
CA ASN KA 206 12.08 68.86 -25.34
C ASN KA 206 12.71 70.05 -24.62
N GLU KA 207 13.99 69.98 -24.26
CA GLU KA 207 14.63 71.11 -23.61
C GLU KA 207 14.72 72.30 -24.54
N ALA KA 208 15.12 72.07 -25.79
CA ALA KA 208 15.24 73.18 -26.72
C ALA KA 208 13.89 73.82 -26.98
N ILE KA 209 12.84 73.01 -27.10
CA ILE KA 209 11.56 73.62 -27.37
C ILE KA 209 11.00 74.29 -26.11
N TYR KA 210 11.33 73.77 -24.92
CA TYR KA 210 10.99 74.46 -23.68
C TYR KA 210 11.64 75.84 -23.64
N ASP KA 211 12.92 75.91 -23.97
CA ASP KA 211 13.61 77.20 -24.01
C ASP KA 211 12.98 78.15 -25.02
N ILE KA 212 12.58 77.62 -26.18
CA ILE KA 212 11.93 78.45 -27.18
C ILE KA 212 10.61 79.00 -26.65
N CYS KA 213 9.76 78.13 -26.11
CA CYS KA 213 8.50 78.56 -25.52
C CYS KA 213 8.73 79.59 -24.42
N ARG KA 214 9.81 79.45 -23.67
CA ARG KA 214 10.10 80.42 -22.62
C ARG KA 214 10.45 81.77 -23.22
N ARG KA 215 11.42 81.80 -24.14
CA ARG KA 215 11.99 83.07 -24.56
C ARG KA 215 11.12 83.80 -25.56
N SER KA 216 10.37 83.10 -26.40
CA SER KA 216 9.60 83.74 -27.46
C SER KA 216 8.13 83.89 -27.10
N LEU KA 217 7.44 82.78 -26.80
CA LEU KA 217 6.01 82.82 -26.59
C LEU KA 217 5.63 83.39 -25.24
N ASP KA 218 6.59 83.66 -24.37
CA ASP KA 218 6.34 84.20 -23.03
C ASP KA 218 5.52 83.26 -22.17
N ILE KA 219 5.32 82.03 -22.60
CA ILE KA 219 4.65 81.02 -21.79
C ILE KA 219 5.68 80.39 -20.88
N GLU KA 220 5.29 80.16 -19.63
CA GLU KA 220 6.22 79.69 -18.61
C GLU KA 220 5.89 78.29 -18.11
N ARG KA 221 4.78 77.72 -18.54
CA ARG KA 221 4.31 76.43 -18.02
C ARG KA 221 3.69 75.62 -19.14
N PRO KA 222 4.49 75.17 -20.11
CA PRO KA 222 3.93 74.42 -21.24
C PRO KA 222 3.71 72.95 -20.94
N THR KA 223 2.47 72.49 -21.08
CA THR KA 223 2.10 71.13 -20.69
C THR KA 223 2.10 70.18 -21.88
N TYR KA 224 3.25 70.06 -22.53
CA TYR KA 224 3.44 69.06 -23.59
C TYR KA 224 2.56 69.28 -24.79
N THR KA 225 1.66 70.26 -24.73
CA THR KA 225 0.79 70.55 -25.86
C THR KA 225 1.27 71.73 -26.68
N ASN KA 226 1.93 72.69 -26.07
CA ASN KA 226 2.56 73.75 -26.84
C ASN KA 226 3.67 73.20 -27.72
N LEU KA 227 4.43 72.25 -27.21
CA LEU KA 227 5.47 71.64 -28.02
C LEU KA 227 4.84 70.96 -29.23
N ASN KA 228 3.70 70.27 -29.02
CA ASN KA 228 3.02 69.60 -30.11
C ASN KA 228 2.45 70.60 -31.12
N ARG KA 229 1.92 71.73 -30.65
CA ARG KA 229 1.49 72.79 -31.56
C ARG KA 229 2.64 73.24 -32.43
N LEU KA 230 3.83 73.40 -31.84
CA LEU KA 230 5.00 73.83 -32.61
C LEU KA 230 5.40 72.78 -33.65
N ILE KA 231 5.38 71.51 -33.26
CA ILE KA 231 5.72 70.45 -34.20
C ILE KA 231 4.69 70.39 -35.34
N ALA KA 232 3.42 70.61 -35.02
CA ALA KA 232 2.41 70.61 -36.07
C ALA KA 232 2.67 71.75 -37.05
N GLN KA 233 3.00 72.93 -36.54
CA GLN KA 233 3.36 74.04 -37.41
C GLN KA 233 4.52 73.66 -38.31
N VAL KA 234 5.52 72.99 -37.75
CA VAL KA 234 6.70 72.63 -38.54
C VAL KA 234 6.33 71.68 -39.68
N ILE KA 235 5.56 70.64 -39.38
CA ILE KA 235 5.20 69.70 -40.44
C ILE KA 235 4.29 70.35 -41.48
N SER KA 236 3.38 71.22 -41.04
CA SER KA 236 2.54 71.90 -42.01
C SER KA 236 3.39 72.70 -42.98
N SER KA 237 4.35 73.46 -42.43
CA SER KA 237 5.27 74.20 -43.28
C SER KA 237 6.05 73.28 -44.21
N LEU KA 238 6.47 72.12 -43.69
CA LEU KA 238 7.32 71.24 -44.48
C LEU KA 238 6.57 70.58 -45.62
N THR KA 239 5.29 70.27 -45.43
CA THR KA 239 4.52 69.55 -46.44
C THR KA 239 3.54 70.44 -47.19
N ALA KA 240 3.56 71.76 -46.95
CA ALA KA 240 2.79 72.67 -47.79
C ALA KA 240 2.93 72.39 -49.28
N SER KA 241 4.16 72.37 -49.79
CA SER KA 241 4.36 72.25 -51.23
C SER KA 241 3.72 71.01 -51.84
N LEU KA 242 3.20 70.10 -51.02
CA LEU KA 242 2.48 68.93 -51.52
C LEU KA 242 1.03 69.26 -51.84
N ARG KA 243 0.41 70.19 -51.11
CA ARG KA 243 -1.01 70.45 -51.24
C ARG KA 243 -1.34 71.91 -51.45
N PHE KA 244 -0.36 72.77 -51.62
CA PHE KA 244 -0.58 74.19 -51.85
C PHE KA 244 0.30 74.67 -52.99
N ASP KA 245 -0.18 75.67 -53.70
CA ASP KA 245 0.52 76.18 -54.87
C ASP KA 245 1.71 77.02 -54.40
N GLY KA 246 2.34 77.71 -55.33
CA GLY KA 246 3.46 78.56 -55.00
C GLY KA 246 4.71 78.25 -55.80
N ALA KA 247 5.56 79.26 -55.99
CA ALA KA 247 6.79 79.05 -56.74
C ALA KA 247 7.76 78.17 -55.96
N LEU KA 248 8.58 77.43 -56.70
CA LEU KA 248 9.59 76.55 -56.12
C LEU KA 248 8.96 75.48 -55.23
N ASN KA 249 8.12 74.65 -55.86
CA ASN KA 249 7.58 73.49 -55.16
C ASN KA 249 8.70 72.50 -54.87
N VAL KA 250 8.59 71.83 -53.72
CA VAL KA 250 9.62 70.89 -53.27
C VAL KA 250 8.93 69.69 -52.63
N ASP KA 251 9.32 68.50 -53.04
CA ASP KA 251 8.71 67.29 -52.50
C ASP KA 251 9.78 66.47 -51.76
N ILE KA 252 9.40 65.26 -51.37
CA ILE KA 252 10.16 64.49 -50.40
C ILE KA 252 11.51 64.04 -50.97
N THR KA 253 11.51 63.60 -52.22
CA THR KA 253 12.74 63.08 -52.80
C THR KA 253 13.74 64.20 -53.04
N GLU KA 254 13.28 65.33 -53.59
CA GLU KA 254 14.12 66.51 -53.70
C GLU KA 254 14.63 66.94 -52.33
N PHE KA 255 13.80 66.76 -51.31
CA PHE KA 255 14.16 67.17 -49.96
C PHE KA 255 15.32 66.35 -49.44
N GLN KA 256 15.27 65.04 -49.64
CA GLN KA 256 16.28 64.16 -49.06
C GLN KA 256 17.57 64.07 -49.89
N THR KA 257 17.48 64.19 -51.22
CA THR KA 257 18.63 63.99 -52.07
C THR KA 257 19.72 65.01 -51.81
N ASN KA 258 19.37 66.29 -51.94
CA ASN KA 258 20.36 67.35 -51.79
C ASN KA 258 20.64 67.69 -50.35
N LEU KA 259 20.36 66.77 -49.43
CA LEU KA 259 20.53 67.05 -48.01
C LEU KA 259 21.30 65.93 -47.32
N VAL KA 260 21.19 64.71 -47.81
CA VAL KA 260 21.92 63.61 -47.18
C VAL KA 260 23.18 63.28 -47.98
N PRO KA 261 24.35 63.75 -47.56
CA PRO KA 261 25.56 63.59 -48.40
C PRO KA 261 26.10 62.17 -48.42
N TYR KA 262 26.13 61.50 -47.27
CA TYR KA 262 26.67 60.15 -47.15
C TYR KA 262 25.63 59.23 -46.54
N PRO KA 263 25.74 57.92 -46.77
CA PRO KA 263 24.71 57.01 -46.24
C PRO KA 263 24.58 57.07 -44.73
N ARG KA 264 25.63 57.45 -44.02
CA ARG KA 264 25.57 57.50 -42.56
C ARG KA 264 24.95 58.80 -42.08
N ILE KA 265 25.45 59.93 -42.56
CA ILE KA 265 25.01 61.23 -42.08
C ILE KA 265 23.63 61.53 -42.63
N HIS KA 266 22.59 61.26 -41.84
CA HIS KA 266 21.24 61.62 -42.24
C HIS KA 266 20.42 62.21 -41.11
N PHE KA 267 21.05 62.56 -39.98
CA PHE KA 267 20.39 63.24 -38.88
C PHE KA 267 20.56 64.74 -39.03
N MET KA 268 19.49 65.47 -38.81
CA MET KA 268 19.56 66.91 -39.05
C MET KA 268 18.71 67.70 -38.08
N LEU KA 269 19.10 68.96 -37.89
CA LEU KA 269 18.47 69.87 -36.96
C LEU KA 269 17.19 70.43 -37.57
N SER KA 270 16.64 71.44 -36.92
CA SER KA 270 15.42 72.08 -37.39
C SER KA 270 15.27 73.42 -36.68
N SER KA 271 14.52 74.32 -37.30
CA SER KA 271 14.26 75.63 -36.71
C SER KA 271 12.96 76.16 -37.29
N TYR KA 272 12.51 77.28 -36.73
CA TYR KA 272 11.29 77.91 -37.22
C TYR KA 272 11.32 79.38 -36.84
N ALA KA 273 10.80 80.20 -37.73
CA ALA KA 273 10.76 81.64 -37.52
C ALA KA 273 9.77 82.26 -38.48
N PRO KA 274 9.00 83.28 -38.05
CA PRO KA 274 9.04 83.80 -36.69
C PRO KA 274 8.18 82.97 -35.76
N ILE KA 275 8.45 83.08 -34.47
CA ILE KA 275 7.68 82.41 -33.44
C ILE KA 275 7.55 83.40 -32.29
N ILE KA 276 6.39 84.03 -32.18
CA ILE KA 276 6.22 85.21 -31.34
C ILE KA 276 4.85 85.17 -30.67
N SER KA 277 4.58 86.18 -29.85
CA SER KA 277 3.33 86.31 -29.14
C SER KA 277 2.44 87.36 -29.79
N ALA KA 278 1.13 87.20 -29.59
CA ALA KA 278 0.12 88.00 -30.27
C ALA KA 278 0.31 89.50 -30.09
N GLU KA 279 1.19 89.93 -29.19
CA GLU KA 279 1.49 91.35 -29.04
C GLU KA 279 2.81 91.74 -29.68
N LYS KA 280 3.84 90.90 -29.59
CA LYS KA 280 5.08 91.24 -30.31
C LYS KA 280 4.88 91.16 -31.80
N ALA KA 281 3.98 90.30 -32.28
CA ALA KA 281 3.56 90.37 -33.67
C ALA KA 281 3.01 91.77 -33.99
N TYR KA 282 1.99 92.19 -33.24
CA TYR KA 282 1.35 93.48 -33.47
C TYR KA 282 2.31 94.65 -33.28
N HIS KA 283 3.44 94.42 -32.60
CA HIS KA 283 4.43 95.48 -32.40
C HIS KA 283 5.77 95.17 -33.05
N GLU KA 284 5.79 94.32 -34.07
CA GLU KA 284 6.97 94.08 -34.89
C GLU KA 284 6.56 94.01 -36.37
N GLN KA 285 7.55 93.94 -37.26
CA GLN KA 285 7.28 93.94 -38.70
C GLN KA 285 7.67 92.66 -39.44
N LEU KA 286 8.67 91.92 -38.97
CA LEU KA 286 8.95 90.56 -39.45
C LEU KA 286 9.23 90.51 -40.96
N SER KA 287 10.24 91.25 -41.38
CA SER KA 287 10.62 91.15 -42.78
C SER KA 287 11.37 89.84 -43.01
N VAL KA 288 11.53 89.49 -44.28
CA VAL KA 288 12.10 88.19 -44.64
C VAL KA 288 13.56 88.08 -44.20
N ALA KA 289 14.29 89.20 -44.20
CA ALA KA 289 15.67 89.16 -43.72
C ALA KA 289 15.72 88.86 -42.24
N GLU KA 290 14.86 89.51 -41.45
CA GLU KA 290 14.79 89.21 -40.02
C GLU KA 290 14.40 87.75 -39.80
N ILE KA 291 13.48 87.24 -40.63
CA ILE KA 291 13.01 85.87 -40.46
C ILE KA 291 14.15 84.90 -40.70
N THR KA 292 14.92 85.11 -41.78
CA THR KA 292 16.01 84.18 -42.07
C THR KA 292 17.14 84.31 -41.05
N ASN KA 293 17.40 85.51 -40.54
CA ASN KA 293 18.41 85.65 -39.50
C ASN KA 293 17.98 84.95 -38.23
N ALA KA 294 16.70 85.04 -37.87
CA ALA KA 294 16.20 84.33 -36.70
C ALA KA 294 16.21 82.83 -36.90
N ALA KA 295 15.96 82.37 -38.13
CA ALA KA 295 16.02 80.94 -38.41
C ALA KA 295 17.43 80.41 -38.23
N PHE KA 296 18.41 81.12 -38.78
CA PHE KA 296 19.80 80.67 -38.66
C PHE KA 296 20.41 81.01 -37.30
N GLU KA 297 19.72 81.77 -36.48
CA GLU KA 297 20.17 81.99 -35.11
C GLU KA 297 20.21 80.67 -34.36
N PRO KA 298 21.29 80.38 -33.62
CA PRO KA 298 21.34 79.12 -32.86
C PRO KA 298 20.26 79.00 -31.80
N ALA KA 299 19.89 80.10 -31.15
CA ALA KA 299 18.89 80.05 -30.09
C ALA KA 299 17.50 79.73 -30.58
N SER KA 300 17.31 79.49 -31.87
CA SER KA 300 16.04 79.05 -32.42
C SER KA 300 16.03 77.57 -32.77
N MET KA 301 17.13 76.87 -32.57
CA MET KA 301 17.22 75.46 -32.94
C MET KA 301 16.31 74.63 -32.05
N MET KA 302 15.50 73.77 -32.66
CA MET KA 302 14.60 72.91 -31.92
C MET KA 302 15.32 71.76 -31.23
N VAL KA 303 16.64 71.67 -31.36
CA VAL KA 303 17.42 70.63 -30.69
C VAL KA 303 18.50 71.32 -29.88
N LYS KA 304 19.02 70.60 -28.88
CA LYS KA 304 19.99 71.19 -27.97
C LYS KA 304 21.40 71.09 -28.52
N CYS KA 305 21.59 71.57 -29.74
CA CYS KA 305 22.89 71.56 -30.40
C CYS KA 305 23.27 72.99 -30.76
N ASP KA 306 24.55 73.32 -30.57
CA ASP KA 306 25.04 74.65 -30.90
C ASP KA 306 25.77 74.58 -32.24
N PRO KA 307 25.22 75.13 -33.31
CA PRO KA 307 25.86 75.00 -34.63
C PRO KA 307 27.20 75.71 -34.73
N ARG KA 308 27.53 76.60 -33.79
CA ARG KA 308 28.82 77.26 -33.86
C ARG KA 308 29.97 76.37 -33.41
N HIS KA 309 29.68 75.14 -33.00
CA HIS KA 309 30.71 74.14 -32.72
C HIS KA 309 30.88 73.19 -33.89
N GLY KA 310 30.61 73.65 -35.09
CA GLY KA 310 30.71 72.80 -36.26
C GLY KA 310 30.62 73.62 -37.53
N LYS KA 311 30.29 72.93 -38.61
CA LYS KA 311 30.22 73.55 -39.92
C LYS KA 311 29.06 72.95 -40.69
N TYR KA 312 28.25 73.81 -41.31
CA TYR KA 312 27.09 73.32 -42.04
C TYR KA 312 27.53 72.53 -43.26
N MET KA 313 26.70 71.58 -43.67
CA MET KA 313 26.93 70.81 -44.87
C MET KA 313 25.85 70.99 -45.91
N ALA KA 314 24.67 71.45 -45.51
CA ALA KA 314 23.57 71.82 -46.40
C ALA KA 314 22.45 72.38 -45.54
N CYS KA 315 21.56 73.15 -46.16
CA CYS KA 315 20.40 73.69 -45.48
C CYS KA 315 19.22 73.66 -46.44
N CYS KA 316 18.03 73.48 -45.88
CA CYS KA 316 16.80 73.53 -46.64
C CYS KA 316 15.87 74.53 -45.97
N LEU KA 317 15.24 75.36 -46.79
CA LEU KA 317 14.37 76.43 -46.29
C LEU KA 317 13.05 76.39 -47.03
N MET KA 318 11.96 76.56 -46.29
CA MET KA 318 10.62 76.60 -46.85
C MET KA 318 9.94 77.87 -46.40
N TYR KA 319 9.96 78.90 -47.24
CA TYR KA 319 9.31 80.15 -46.94
C TYR KA 319 7.82 80.04 -47.26
N ARG KA 320 7.00 80.72 -46.46
CA ARG KA 320 5.57 80.71 -46.66
C ARG KA 320 5.02 82.13 -46.62
N GLY KA 321 3.98 82.36 -47.40
CA GLY KA 321 3.29 83.63 -47.37
C GLY KA 321 3.81 84.66 -48.33
N ASP KA 322 3.88 85.91 -47.88
CA ASP KA 322 4.29 87.04 -48.73
C ASP KA 322 5.81 87.07 -48.78
N VAL KA 323 6.38 86.23 -49.65
CA VAL KA 323 7.82 86.15 -49.82
C VAL KA 323 8.14 86.25 -51.31
N VAL KA 324 9.24 86.91 -51.64
CA VAL KA 324 9.65 87.05 -53.03
C VAL KA 324 11.03 86.45 -53.24
N PRO KA 325 11.29 85.85 -54.41
CA PRO KA 325 12.54 85.12 -54.59
C PRO KA 325 13.76 86.01 -54.54
N LYS KA 326 13.67 87.26 -54.99
CA LYS KA 326 14.82 88.14 -54.86
C LYS KA 326 15.18 88.38 -53.41
N ASP KA 327 14.18 88.54 -52.55
CA ASP KA 327 14.45 88.72 -51.13
C ASP KA 327 15.07 87.47 -50.53
N VAL KA 328 14.55 86.30 -50.90
CA VAL KA 328 15.16 85.04 -50.44
C VAL KA 328 16.63 84.99 -50.84
N ASN KA 329 16.92 85.32 -52.11
CA ASN KA 329 18.29 85.27 -52.61
C ASN KA 329 19.18 86.27 -51.87
N ALA KA 330 18.70 87.49 -51.67
CA ALA KA 330 19.51 88.49 -51.00
C ALA KA 330 19.81 88.09 -49.57
N SER KA 331 18.81 87.51 -48.88
CA SER KA 331 19.04 87.10 -47.50
C SER KA 331 20.01 85.93 -47.41
N VAL KA 332 19.93 84.99 -48.35
CA VAL KA 332 20.88 83.89 -48.35
C VAL KA 332 22.29 84.41 -48.65
N ALA KA 333 22.40 85.40 -49.54
CA ALA KA 333 23.71 85.96 -49.83
C ALA KA 333 24.28 86.70 -48.62
N THR KA 334 23.42 87.39 -47.88
CA THR KA 334 23.87 88.06 -46.66
C THR KA 334 24.35 87.05 -45.63
N ILE KA 335 23.62 85.95 -45.47
CA ILE KA 335 24.04 84.89 -44.56
C ILE KA 335 25.40 84.35 -44.96
N LYS KA 336 25.60 84.14 -46.26
CA LYS KA 336 26.90 83.66 -46.73
C LYS KA 336 28.01 84.65 -46.40
N THR KA 337 27.77 85.94 -46.65
CA THR KA 337 28.79 86.95 -46.36
C THR KA 337 29.11 87.02 -44.88
N LYS KA 338 28.13 86.74 -44.02
CA LYS KA 338 28.37 86.79 -42.58
C LYS KA 338 29.54 85.89 -42.19
N ARG KA 339 30.16 86.21 -41.05
CA ARG KA 339 31.37 85.55 -40.61
C ARG KA 339 31.14 84.45 -39.57
N THR KA 340 30.05 84.51 -38.81
CA THR KA 340 29.79 83.51 -37.79
C THR KA 340 29.16 82.24 -38.33
N ILE KA 341 28.89 82.16 -39.63
CA ILE KA 341 28.37 80.95 -40.25
C ILE KA 341 29.50 80.28 -41.01
N GLN KA 342 29.78 79.03 -40.68
CA GLN KA 342 30.81 78.25 -41.34
C GLN KA 342 30.18 77.19 -42.22
N PHE KA 343 30.94 76.75 -43.22
CA PHE KA 343 30.49 75.72 -44.13
C PHE KA 343 31.66 74.80 -44.45
N VAL KA 344 31.42 73.49 -44.37
CA VAL KA 344 32.47 72.55 -44.73
C VAL KA 344 32.86 72.78 -46.19
N ASP KA 345 34.16 72.67 -46.47
CA ASP KA 345 34.71 73.23 -47.70
C ASP KA 345 34.09 72.60 -48.94
N TRP KA 346 33.81 71.31 -48.90
CA TRP KA 346 33.42 70.67 -50.15
C TRP KA 346 32.00 70.97 -50.56
N CYS KA 347 31.29 71.95 -49.99
CA CYS KA 347 30.00 72.37 -50.51
C CYS KA 347 30.04 73.87 -50.75
N PRO KA 348 30.45 74.29 -51.95
CA PRO KA 348 30.31 75.71 -52.32
C PRO KA 348 28.87 76.13 -52.46
N THR KA 349 28.00 75.20 -52.86
CA THR KA 349 26.55 75.36 -52.82
C THR KA 349 26.09 75.13 -51.39
N GLY KA 350 24.81 74.86 -51.19
CA GLY KA 350 24.40 74.55 -49.84
C GLY KA 350 23.01 74.94 -49.40
N PHE KA 351 22.19 75.51 -50.28
CA PHE KA 351 20.86 75.94 -49.90
C PHE KA 351 19.83 75.43 -50.89
N LYS KA 352 18.85 74.68 -50.39
CA LYS KA 352 17.68 74.29 -51.18
C LYS KA 352 16.49 75.08 -50.65
N CYS KA 353 16.03 76.05 -51.43
CA CYS KA 353 14.96 76.95 -51.01
C CYS KA 353 13.67 76.63 -51.74
N GLY KA 354 12.55 76.81 -51.04
CA GLY KA 354 11.25 76.65 -51.64
C GLY KA 354 10.30 77.70 -51.09
N ILE KA 355 9.28 78.01 -51.88
CA ILE KA 355 8.32 79.05 -51.52
C ILE KA 355 6.91 78.47 -51.59
N ASN KA 356 6.04 78.99 -50.75
CA ASN KA 356 4.62 78.66 -50.81
C ASN KA 356 3.79 79.92 -50.61
N TYR KA 357 2.70 80.02 -51.35
CA TYR KA 357 1.85 81.19 -51.22
C TYR KA 357 0.92 81.12 -50.01
N GLN KA 358 0.81 79.95 -49.38
CA GLN KA 358 -0.13 79.77 -48.28
C GLN KA 358 0.55 80.15 -46.98
N PRO KA 359 0.14 81.22 -46.31
CA PRO KA 359 0.72 81.57 -45.03
C PRO KA 359 0.42 80.49 -44.00
N PRO KA 360 1.18 80.43 -42.91
CA PRO KA 360 0.89 79.44 -41.88
C PRO KA 360 -0.44 79.71 -41.21
N THR KA 361 -1.18 78.64 -40.95
CA THR KA 361 -2.49 78.75 -40.33
C THR KA 361 -2.36 78.81 -38.82
N VAL KA 362 -3.35 79.43 -38.17
CA VAL KA 362 -3.38 79.57 -36.73
C VAL KA 362 -4.60 78.82 -36.21
N VAL KA 363 -4.50 78.35 -34.97
CA VAL KA 363 -5.56 77.51 -34.39
C VAL KA 363 -6.36 78.33 -33.40
N PRO KA 364 -7.67 78.10 -33.28
CA PRO KA 364 -8.44 78.75 -32.22
C PRO KA 364 -7.92 78.34 -30.86
N GLY KA 365 -7.86 79.30 -29.96
CA GLY KA 365 -7.35 79.02 -28.63
C GLY KA 365 -5.88 78.66 -28.60
N GLY KA 366 -5.14 78.96 -29.66
CA GLY KA 366 -3.73 78.69 -29.72
C GLY KA 366 -2.92 79.72 -28.96
N ASP KA 367 -1.64 79.78 -29.31
CA ASP KA 367 -0.71 80.71 -28.68
C ASP KA 367 0.20 81.46 -29.64
N LEU KA 368 0.42 80.98 -30.85
CA LEU KA 368 1.15 81.75 -31.84
C LEU KA 368 0.33 82.94 -32.30
N ALA KA 369 0.90 83.74 -33.18
CA ALA KA 369 0.27 84.95 -33.69
C ALA KA 369 0.13 84.89 -35.19
N LYS KA 370 -0.93 85.49 -35.71
CA LYS KA 370 -1.13 85.52 -37.15
C LYS KA 370 -0.03 86.31 -37.83
N VAL KA 371 0.71 85.64 -38.71
CA VAL KA 371 1.79 86.25 -39.46
C VAL KA 371 1.54 86.02 -40.94
N GLN KA 372 2.37 86.67 -41.76
CA GLN KA 372 2.29 86.52 -43.20
C GLN KA 372 3.56 85.98 -43.82
N ARG KA 373 4.65 85.90 -43.05
CA ARG KA 373 5.87 85.27 -43.50
C ARG KA 373 6.34 84.30 -42.42
N ALA KA 374 6.96 83.21 -42.86
CA ALA KA 374 7.47 82.20 -41.94
C ALA KA 374 8.51 81.36 -42.66
N VAL KA 375 9.43 80.79 -41.89
CA VAL KA 375 10.51 79.98 -42.42
C VAL KA 375 10.71 78.77 -41.53
N CYS KA 376 10.86 77.61 -42.16
CA CYS KA 376 11.22 76.37 -41.47
C CYS KA 376 12.56 75.93 -42.04
N MET KA 377 13.64 76.21 -41.32
CA MET KA 377 14.97 75.88 -41.79
C MET KA 377 15.36 74.50 -41.28
N ILE KA 378 15.97 73.72 -42.16
CA ILE KA 378 16.43 72.37 -41.82
C ILE KA 378 17.83 72.19 -42.37
N SER KA 379 18.80 72.05 -41.48
CA SER KA 379 20.20 72.01 -41.87
C SER KA 379 20.85 70.72 -41.37
N ASN KA 380 21.87 70.28 -42.09
CA ASN KA 380 22.64 69.11 -41.73
C ASN KA 380 24.04 69.60 -41.37
N SER KA 381 24.29 69.78 -40.08
CA SER KA 381 25.55 70.29 -39.59
C SER KA 381 26.36 69.17 -38.95
N THR KA 382 27.67 69.39 -38.88
CA THR KA 382 28.57 68.43 -38.25
C THR KA 382 28.77 68.71 -36.76
N ALA KA 383 27.78 69.30 -36.12
CA ALA KA 383 27.83 69.57 -34.69
C ALA KA 383 27.05 68.56 -33.87
N ILE KA 384 26.25 67.70 -34.49
CA ILE KA 384 25.49 66.70 -33.75
C ILE KA 384 26.42 65.60 -33.28
N GLY KA 385 27.68 65.69 -33.69
CA GLY KA 385 28.71 64.93 -33.02
C GLY KA 385 28.68 65.13 -31.52
N GLU KA 386 28.32 66.34 -31.07
CA GLU KA 386 28.31 66.61 -29.63
C GLU KA 386 27.17 65.85 -28.93
N ILE KA 387 25.99 65.79 -29.54
CA ILE KA 387 24.92 65.05 -28.88
C ILE KA 387 25.18 63.55 -28.96
N PHE KA 388 25.80 63.08 -30.04
CA PHE KA 388 26.16 61.68 -30.08
C PHE KA 388 27.22 61.34 -29.03
N SER KA 389 28.17 62.26 -28.81
CA SER KA 389 29.17 62.06 -27.77
C SER KA 389 28.54 62.05 -26.39
N ARG KA 390 27.59 62.96 -26.14
CA ARG KA 390 26.86 62.96 -24.87
C ARG KA 390 26.18 61.61 -24.64
N LEU KA 391 25.41 61.16 -25.61
CA LEU KA 391 24.68 59.91 -25.45
C LEU KA 391 25.63 58.74 -25.26
N ASP KA 392 26.73 58.71 -26.00
CA ASP KA 392 27.66 57.60 -25.87
C ASP KA 392 28.36 57.63 -24.52
N HIS KA 393 28.72 58.81 -24.02
CA HIS KA 393 29.34 58.90 -22.71
C HIS KA 393 28.39 58.45 -21.62
N LYS KA 394 27.10 58.75 -21.75
CA LYS KA 394 26.15 58.31 -20.73
C LYS KA 394 25.94 56.80 -20.78
N PHE KA 395 25.76 56.25 -21.98
CA PHE KA 395 25.70 54.80 -22.13
C PHE KA 395 26.95 54.15 -21.54
N ASP KA 396 28.11 54.76 -21.75
CA ASP KA 396 29.37 54.24 -21.23
C ASP KA 396 29.37 54.22 -19.72
N LEU KA 397 29.13 55.38 -19.12
CA LEU KA 397 29.08 55.50 -17.67
C LEU KA 397 28.17 54.47 -17.05
N MET KA 398 27.05 54.17 -17.70
CA MET KA 398 26.14 53.20 -17.09
C MET KA 398 26.57 51.76 -17.36
N TYR KA 399 26.83 51.38 -18.62
CA TYR KA 399 27.18 50.02 -18.97
C TYR KA 399 28.55 49.60 -18.46
N ALA KA 400 29.32 50.52 -17.88
CA ALA KA 400 30.57 50.11 -17.26
C ALA KA 400 30.33 49.17 -16.09
N LYS KA 401 29.14 49.25 -15.48
CA LYS KA 401 28.81 48.48 -14.28
C LYS KA 401 27.76 47.41 -14.53
N ARG KA 402 27.28 47.27 -15.76
CA ARG KA 402 26.17 46.36 -16.07
C ARG KA 402 24.92 46.73 -15.30
N ALA KA 403 24.61 48.02 -15.25
CA ALA KA 403 23.41 48.47 -14.57
C ALA KA 403 22.19 48.22 -15.45
N PHE KA 404 21.11 47.74 -14.82
CA PHE KA 404 19.82 47.50 -15.46
C PHE KA 404 19.88 46.42 -16.54
N VAL KA 405 21.03 45.78 -16.73
CA VAL KA 405 21.19 44.86 -17.86
C VAL KA 405 20.38 43.60 -17.67
N HIS KA 406 20.00 43.25 -16.44
CA HIS KA 406 19.25 42.01 -16.26
C HIS KA 406 17.87 42.10 -16.88
N TRP KA 407 17.26 43.29 -16.90
CA TRP KA 407 15.97 43.45 -17.55
C TRP KA 407 16.09 43.15 -19.04
N TYR KA 408 17.06 43.76 -19.71
CA TYR KA 408 17.22 43.56 -21.14
C TYR KA 408 17.62 42.13 -21.46
N VAL KA 409 18.36 41.46 -20.58
CA VAL KA 409 18.76 40.10 -20.90
C VAL KA 409 17.63 39.12 -20.61
N GLY KA 410 16.75 39.44 -19.66
CA GLY KA 410 15.62 38.57 -19.41
C GLY KA 410 14.52 38.71 -20.45
N GLU KA 411 14.36 39.91 -21.01
CA GLU KA 411 13.28 40.13 -21.96
C GLU KA 411 13.63 39.74 -23.39
N GLY KA 412 14.63 38.88 -23.58
CA GLY KA 412 14.88 38.28 -24.87
C GLY KA 412 16.07 38.79 -25.64
N MET KA 413 17.00 39.47 -24.99
CA MET KA 413 18.22 39.93 -25.63
C MET KA 413 19.40 39.21 -25.02
N GLU KA 414 20.59 39.52 -25.53
CA GLU KA 414 21.84 39.09 -24.93
C GLU KA 414 22.79 40.28 -24.90
N GLU KA 415 24.04 40.02 -24.53
CA GLU KA 415 24.98 41.10 -24.26
C GLU KA 415 25.52 41.72 -25.54
N GLY KA 416 25.77 40.90 -26.57
CA GLY KA 416 26.42 41.40 -27.78
C GLY KA 416 25.71 42.56 -28.42
N GLU KA 417 24.41 42.71 -28.20
CA GLU KA 417 23.69 43.84 -28.75
C GLU KA 417 24.13 45.17 -28.17
N PHE KA 418 24.66 45.19 -26.94
CA PHE KA 418 25.19 46.42 -26.40
C PHE KA 418 26.52 46.78 -27.06
N SER KA 419 27.38 45.79 -27.29
CA SER KA 419 28.67 46.06 -27.91
C SER KA 419 28.51 46.46 -29.38
N GLU KA 420 27.63 45.78 -30.12
CA GLU KA 420 27.39 46.19 -31.50
C GLU KA 420 26.95 47.63 -31.57
N ALA KA 421 25.99 48.01 -30.73
CA ALA KA 421 25.46 49.37 -30.76
C ALA KA 421 26.50 50.38 -30.36
N ARG KA 422 27.32 50.08 -29.34
CA ARG KA 422 28.32 51.03 -28.91
C ARG KA 422 29.41 51.20 -29.97
N GLU KA 423 29.80 50.12 -30.65
CA GLU KA 423 30.80 50.26 -31.70
C GLU KA 423 30.23 51.00 -32.90
N ASP KA 424 28.95 50.76 -33.22
CA ASP KA 424 28.33 51.52 -34.29
C ASP KA 424 28.28 53.01 -33.96
N LEU KA 425 28.00 53.36 -32.71
CA LEU KA 425 27.95 54.77 -32.34
C LEU KA 425 29.34 55.40 -32.34
N ALA KA 426 30.35 54.64 -31.91
CA ALA KA 426 31.71 55.14 -32.00
C ALA KA 426 32.10 55.39 -33.46
N ALA KA 427 31.76 54.46 -34.35
CA ALA KA 427 32.02 54.66 -35.77
C ALA KA 427 31.26 55.85 -36.31
N LEU KA 428 30.03 56.06 -35.84
CA LEU KA 428 29.24 57.18 -36.32
C LEU KA 428 29.86 58.51 -35.91
N GLU KA 429 30.33 58.62 -34.68
CA GLU KA 429 30.96 59.87 -34.27
C GLU KA 429 32.31 60.06 -34.96
N LYS KA 430 33.03 58.97 -35.23
CA LYS KA 430 34.26 59.12 -36.02
C LYS KA 430 33.94 59.57 -37.45
N ASP KA 431 32.83 59.08 -38.02
CA ASP KA 431 32.38 59.58 -39.31
C ASP KA 431 32.15 61.08 -39.25
N PHE KA 432 31.28 61.51 -38.33
CA PHE KA 432 30.97 62.93 -38.20
C PHE KA 432 32.21 63.77 -37.99
N GLU KA 433 33.26 63.20 -37.41
CA GLU KA 433 34.54 63.89 -37.34
C GLU KA 433 35.24 63.95 -38.70
N GLU KA 434 35.39 62.79 -39.35
CA GLU KA 434 36.26 62.70 -40.53
C GLU KA 434 35.65 63.40 -41.72
N VAL KA 435 34.40 63.08 -42.07
CA VAL KA 435 33.78 63.64 -43.26
C VAL KA 435 33.74 65.15 -43.24
N GLY KA 436 33.96 65.75 -42.07
CA GLY KA 436 34.03 67.20 -41.98
C GLY KA 436 35.45 67.72 -42.09
N ALA KA 437 36.43 66.88 -41.73
CA ALA KA 437 37.82 67.30 -41.80
C ALA KA 437 38.19 67.67 -43.23
N GLU KA 438 39.01 68.71 -43.36
CA GLU KA 438 39.37 69.26 -44.66
C GLU KA 438 40.86 69.08 -44.92
N SER KA 439 41.21 68.97 -46.19
CA SER KA 439 42.59 68.75 -46.60
C SER KA 439 43.40 70.05 -46.53
N ASN LA 2 -25.75 -63.86 44.92
CA ASN LA 2 -24.50 -63.33 44.39
C ASN LA 2 -23.31 -64.06 45.03
N GLY LA 3 -22.17 -63.37 45.13
CA GLY LA 3 -21.01 -63.98 45.72
C GLY LA 3 -21.16 -64.17 47.22
N ASP LA 4 -20.47 -65.17 47.75
CA ASP LA 4 -20.52 -65.45 49.18
C ASP LA 4 -19.72 -64.42 49.96
N VAL LA 5 -20.01 -64.34 51.25
CA VAL LA 5 -19.33 -63.41 52.15
C VAL LA 5 -18.41 -64.12 53.13
N ALA LA 6 -18.51 -65.44 53.25
CA ALA LA 6 -17.72 -66.15 54.25
C ALA LA 6 -16.24 -66.19 53.89
N GLY LA 7 -15.93 -66.62 52.66
CA GLY LA 7 -14.54 -66.79 52.27
C GLY LA 7 -13.78 -65.49 52.14
N SER LA 8 -14.38 -64.53 51.43
CA SER LA 8 -13.71 -63.28 51.07
C SER LA 8 -13.08 -62.55 52.25
N LEU LA 9 -13.66 -62.70 53.44
CA LEU LA 9 -13.31 -61.82 54.55
C LEU LA 9 -11.89 -62.08 55.08
N PHE LA 10 -11.54 -63.35 55.28
CA PHE LA 10 -10.22 -63.63 55.83
C PHE LA 10 -9.12 -63.22 54.85
N THR LA 11 -9.26 -63.61 53.58
CA THR LA 11 -8.26 -63.24 52.60
C THR LA 11 -8.14 -61.73 52.46
N SER LA 12 -9.27 -61.01 52.55
CA SER LA 12 -9.22 -59.56 52.49
C SER LA 12 -8.46 -58.98 53.66
N THR LA 13 -8.73 -59.49 54.87
CA THR LA 13 -8.09 -58.93 56.04
C THR LA 13 -6.60 -59.17 55.99
N TYR LA 14 -6.19 -60.35 55.52
CA TYR LA 14 -4.77 -60.65 55.39
C TYR LA 14 -4.10 -59.78 54.33
N ARG LA 15 -4.74 -59.65 53.16
CA ARG LA 15 -4.19 -58.81 52.11
C ARG LA 15 -4.05 -57.36 52.58
N ASN LA 16 -4.97 -56.89 53.41
CA ASN LA 16 -4.92 -55.50 53.85
C ASN LA 16 -3.85 -55.28 54.90
N VAL LA 17 -3.78 -56.17 55.90
CA VAL LA 17 -2.93 -55.93 57.06
C VAL LA 17 -1.49 -56.34 56.77
N LYS LA 18 -1.27 -57.52 56.17
CA LYS LA 18 0.08 -57.97 55.88
C LYS LA 18 0.64 -57.28 54.64
N LEU LA 19 0.00 -57.50 53.49
CA LEU LA 19 0.57 -57.08 52.22
C LEU LA 19 0.77 -55.57 52.17
N ALA LA 20 -0.31 -54.81 52.28
CA ALA LA 20 -0.14 -53.38 52.43
C ALA LA 20 0.21 -53.04 53.86
N GLY LA 21 0.69 -51.81 54.07
CA GLY LA 21 0.93 -51.30 55.40
C GLY LA 21 -0.31 -50.80 56.07
N LYS LA 22 -1.48 -51.23 55.62
CA LYS LA 22 -2.74 -50.73 56.15
C LYS LA 22 -3.00 -51.25 57.55
N ALA LA 23 -3.87 -50.55 58.26
CA ALA LA 23 -4.16 -50.76 59.67
C ALA LA 23 -5.33 -51.71 59.85
N PRO LA 24 -5.54 -52.21 61.07
CA PRO LA 24 -6.66 -53.14 61.31
C PRO LA 24 -8.02 -52.48 61.11
N PRO LA 25 -8.24 -51.23 61.56
CA PRO LA 25 -7.54 -50.30 62.45
C PRO LA 25 -8.10 -50.24 63.88
N ALA LA 26 -7.28 -50.65 64.86
CA ALA LA 26 -7.54 -50.44 66.29
C ALA LA 26 -8.95 -50.89 66.70
N ALA LA 27 -9.16 -52.20 66.60
CA ALA LA 27 -10.39 -52.81 67.07
C ALA LA 27 -10.30 -53.01 68.58
N ASN LA 28 -11.13 -52.27 69.32
CA ASN LA 28 -11.14 -52.34 70.77
C ASN LA 28 -11.58 -53.71 71.26
N LEU LA 29 -10.76 -54.31 72.13
CA LEU LA 29 -10.99 -55.64 72.67
C LEU LA 29 -11.01 -55.60 74.20
N SER LA 30 -11.58 -54.53 74.75
CA SER LA 30 -11.69 -54.42 76.19
C SER LA 30 -12.62 -55.48 76.75
N GLY LA 31 -12.36 -55.88 77.99
CA GLY LA 31 -13.18 -56.86 78.66
C GLY LA 31 -13.04 -58.27 78.16
N THR LA 32 -12.49 -58.48 76.97
CA THR LA 32 -12.32 -59.80 76.39
C THR LA 32 -10.90 -60.29 76.64
N GLY LA 33 -10.78 -61.40 77.35
CA GLY LA 33 -9.47 -61.97 77.65
C GLY LA 33 -9.13 -63.13 76.74
N SER LA 34 -8.93 -64.31 77.33
CA SER LA 34 -8.60 -65.49 76.56
C SER LA 34 -9.86 -65.98 75.84
N CYS LA 35 -9.74 -67.12 75.16
CA CYS LA 35 -10.91 -67.73 74.54
C CYS LA 35 -11.78 -68.45 75.54
N PHE LA 36 -11.32 -68.61 76.78
CA PHE LA 36 -12.05 -69.36 77.79
C PHE LA 36 -12.91 -68.45 78.68
N ASP LA 37 -12.34 -67.35 79.17
CA ASP LA 37 -13.08 -66.46 80.06
C ASP LA 37 -14.13 -65.68 79.27
N THR LA 38 -15.36 -65.72 79.77
CA THR LA 38 -16.43 -64.92 79.18
C THR LA 38 -16.16 -63.44 79.40
N THR LA 39 -16.44 -62.66 78.38
CA THR LA 39 -16.24 -61.22 78.44
C THR LA 39 -17.27 -60.56 79.35
N SER LA 40 -16.93 -59.35 79.79
CA SER LA 40 -17.83 -58.51 80.59
C SER LA 40 -18.46 -57.50 79.64
N LEU LA 41 -19.74 -57.70 79.35
CA LEU LA 41 -20.43 -56.91 78.34
C LEU LA 41 -20.60 -55.47 78.83
N SER LA 42 -20.12 -54.51 78.05
CA SER LA 42 -20.24 -53.11 78.43
C SER LA 42 -21.67 -52.61 78.21
N PRO LA 43 -22.11 -51.65 79.01
CA PRO LA 43 -23.48 -51.14 78.87
C PRO LA 43 -23.69 -50.23 77.67
N ALA LA 44 -22.61 -49.78 77.03
CA ALA LA 44 -22.73 -48.88 75.90
C ALA LA 44 -23.47 -49.54 74.75
N ARG LA 45 -23.88 -48.72 73.79
CA ARG LA 45 -24.58 -49.17 72.60
C ARG LA 45 -23.86 -48.65 71.37
N ALA LA 46 -23.90 -49.42 70.30
CA ALA LA 46 -23.14 -49.12 69.09
C ALA LA 46 -23.94 -48.28 68.12
N GLY LA 47 -23.22 -47.50 67.32
CA GLY LA 47 -23.87 -46.56 66.42
C GLY LA 47 -24.60 -45.45 67.16
N ALA LA 48 -24.06 -45.04 68.29
CA ALA LA 48 -24.70 -44.03 69.12
C ALA LA 48 -24.13 -42.66 68.78
N HIS LA 49 -25.02 -41.70 68.54
CA HIS LA 49 -24.58 -40.35 68.25
C HIS LA 49 -23.95 -39.74 69.49
N LYS LA 50 -22.76 -39.17 69.32
CA LYS LA 50 -21.99 -38.61 70.42
C LYS LA 50 -22.32 -37.13 70.58
N ALA LA 51 -22.32 -36.67 71.83
CA ALA LA 51 -22.59 -35.29 72.12
C ALA LA 51 -21.48 -34.39 71.58
N LEU LA 52 -21.77 -33.10 71.51
CA LEU LA 52 -20.80 -32.11 71.04
C LEU LA 52 -19.80 -31.79 72.14
N ASP LA 53 -18.52 -31.89 71.79
CA ASP LA 53 -17.45 -31.74 72.78
C ASP LA 53 -16.82 -30.35 72.75
N VAL LA 54 -17.16 -29.53 71.77
CA VAL LA 54 -16.57 -28.19 71.64
C VAL LA 54 -16.75 -27.40 72.94
N GLN LA 55 -15.70 -26.68 73.32
CA GLN LA 55 -15.61 -25.92 74.56
C GLN LA 55 -16.73 -24.88 74.65
N LYS LA 56 -16.77 -24.19 75.78
CA LYS LA 56 -17.61 -23.01 76.00
C LYS LA 56 -17.20 -21.84 75.11
N ASP LA 57 -15.94 -21.43 75.28
CA ASP LA 57 -15.47 -20.15 74.77
C ASP LA 57 -15.07 -20.22 73.31
N GLU LA 58 -14.61 -21.39 72.85
CA GLU LA 58 -14.21 -21.51 71.46
C GLU LA 58 -15.33 -21.12 70.51
N LEU LA 59 -16.58 -21.21 70.95
CA LEU LA 59 -17.70 -20.68 70.19
C LEU LA 59 -17.50 -19.20 69.96
N PRO LA 60 -17.39 -18.73 68.72
CA PRO LA 60 -17.23 -17.30 68.48
C PRO LA 60 -18.47 -16.53 68.85
N VAL LA 61 -18.30 -15.26 69.16
CA VAL LA 61 -19.42 -14.40 69.51
C VAL LA 61 -19.80 -13.57 68.29
N TRP LA 62 -21.06 -13.19 68.21
CA TRP LA 62 -21.58 -12.48 67.07
C TRP LA 62 -21.47 -10.98 67.30
N SER LA 63 -20.70 -10.29 66.45
CA SER LA 63 -20.52 -8.86 66.59
C SER LA 63 -21.68 -8.13 65.93
N LYS LA 64 -22.46 -7.42 66.73
CA LYS LA 64 -23.63 -6.70 66.23
C LYS LA 64 -23.25 -5.65 65.19
N SER LA 65 -21.99 -5.24 65.15
CA SER LA 65 -21.55 -4.15 64.28
C SER LA 65 -21.02 -4.61 62.93
N THR LA 66 -20.50 -5.83 62.83
CA THR LA 66 -19.91 -6.32 61.60
C THR LA 66 -20.69 -7.47 60.98
N LEU LA 67 -21.70 -7.98 61.67
CA LEU LA 67 -22.50 -9.10 61.19
C LEU LA 67 -21.64 -10.33 60.96
N SER LA 68 -20.74 -10.60 61.89
CA SER LA 68 -19.79 -11.70 61.74
C SER LA 68 -19.53 -12.37 63.07
N TYR LA 69 -19.34 -13.68 63.02
CA TYR LA 69 -18.91 -14.44 64.18
C TYR LA 69 -17.40 -14.34 64.30
N LYS LA 70 -16.94 -13.64 65.34
CA LYS LA 70 -15.52 -13.47 65.57
C LYS LA 70 -15.14 -14.04 66.93
N TYR LA 71 -13.89 -14.47 67.05
CA TYR LA 71 -13.44 -15.06 68.29
C TYR LA 71 -13.22 -13.97 69.33
N PRO LA 72 -13.48 -14.26 70.60
CA PRO LA 72 -13.32 -13.24 71.65
C PRO LA 72 -11.87 -12.81 71.79
N ALA LA 73 -11.67 -11.58 72.25
CA ALA LA 73 -10.34 -11.05 72.45
C ALA LA 73 -9.65 -11.77 73.60
N GLY LA 74 -8.37 -11.46 73.78
CA GLY LA 74 -7.56 -12.13 74.80
C GLY LA 74 -7.55 -11.35 76.10
N ARG LA 75 -7.92 -12.04 77.18
CA ARG LA 75 -7.78 -11.46 78.50
C ARG LA 75 -6.31 -11.15 78.79
N PRO LA 76 -6.02 -10.00 79.40
CA PRO LA 76 -4.63 -9.68 79.74
C PRO LA 76 -4.02 -10.72 80.67
N ASN LA 77 -2.70 -10.63 80.81
CA ASN LA 77 -1.94 -11.52 81.64
C ASN LA 77 -0.72 -10.75 82.14
N PRO LA 78 -0.44 -10.79 83.44
CA PRO LA 78 0.67 -9.98 83.97
C PRO LA 78 2.02 -10.35 83.39
N THR LA 79 2.24 -11.62 83.05
CA THR LA 79 3.52 -12.03 82.48
C THR LA 79 3.75 -11.36 81.14
N GLY LA 80 2.69 -11.21 80.35
CA GLY LA 80 2.79 -10.58 79.05
C GLY LA 80 2.51 -9.10 79.07
N PHE LA 81 3.34 -8.35 79.78
CA PHE LA 81 3.20 -6.89 79.84
C PHE LA 81 4.04 -6.23 78.76
N LEU LA 82 3.62 -5.04 78.35
CA LEU LA 82 4.34 -4.31 77.32
C LEU LA 82 5.61 -3.70 77.90
N LYS LA 83 6.58 -3.48 77.03
CA LYS LA 83 7.86 -2.90 77.42
C LYS LA 83 8.18 -1.68 76.55
N LYS LA 84 9.41 -1.21 76.66
CA LYS LA 84 9.86 0.03 76.04
C LYS LA 84 9.43 0.14 74.57
N GLY LA 85 9.71 -0.89 73.78
CA GLY LA 85 9.48 -0.79 72.35
C GLY LA 85 8.08 -1.12 71.89
N ASP LA 86 7.40 -0.15 71.28
CA ASP LA 86 6.14 -0.44 70.59
C ASP LA 86 5.97 0.58 69.45
N GLY LA 87 6.40 0.19 68.26
CA GLY LA 87 6.24 1.00 67.08
C GLY LA 87 5.18 0.53 66.12
N GLU LA 88 4.66 -0.68 66.32
CA GLU LA 88 3.62 -1.22 65.45
C GLU LA 88 2.29 -0.49 65.67
N PRO LA 102 -13.54 -18.92 61.39
CA PRO LA 102 -14.50 -19.30 62.43
C PRO LA 102 -15.55 -20.28 61.93
N SER LA 103 -15.11 -21.42 61.41
CA SER LA 103 -16.03 -22.42 60.93
C SER LA 103 -16.77 -23.05 62.11
N PRO LA 104 -17.96 -23.61 61.88
CA PRO LA 104 -18.69 -24.29 62.94
C PRO LA 104 -18.08 -25.65 63.22
N PRO LA 105 -18.28 -26.19 64.42
CA PRO LA 105 -17.78 -27.55 64.72
C PRO LA 105 -18.52 -28.57 63.87
N GLN LA 106 -17.77 -29.27 63.02
CA GLN LA 106 -18.37 -30.24 62.12
C GLN LA 106 -18.96 -31.41 62.90
N ALA LA 107 -20.04 -31.95 62.38
CA ALA LA 107 -20.70 -33.08 63.00
C ALA LA 107 -20.13 -34.38 62.45
N GLY LA 108 -20.07 -35.40 63.31
CA GLY LA 108 -19.50 -36.67 62.91
C GLY LA 108 -20.42 -37.43 61.98
N ALA LA 109 -20.61 -36.90 60.77
CA ALA LA 109 -21.44 -37.59 59.80
C ALA LA 109 -20.77 -38.87 59.31
N TYR LA 110 -19.49 -38.79 58.94
CA TYR LA 110 -18.77 -39.93 58.41
C TYR LA 110 -17.76 -40.48 59.38
N LYS LA 111 -17.91 -40.19 60.64
CA LYS LA 111 -16.97 -40.66 61.63
C LYS LA 111 -17.45 -41.99 62.16
N ARG LA 112 -16.54 -42.97 62.15
CA ARG LA 112 -16.86 -44.31 62.57
C ARG LA 112 -17.29 -44.32 64.03
N ARG LA 113 -18.51 -44.76 64.28
CA ARG LA 113 -18.97 -44.80 65.65
C ARG LA 113 -18.18 -45.89 66.39
N GLU LA 114 -18.29 -45.88 67.71
CA GLU LA 114 -17.59 -46.87 68.52
C GLU LA 114 -18.43 -48.14 68.53
N ASN LA 115 -17.80 -49.27 68.21
CA ASN LA 115 -18.48 -50.56 68.14
C ASN LA 115 -17.97 -51.44 69.26
N PRO LA 116 -18.61 -51.46 70.41
CA PRO LA 116 -18.15 -52.31 71.52
C PRO LA 116 -18.50 -53.76 71.24
N PRO LA 117 -17.80 -54.70 71.88
CA PRO LA 117 -18.08 -56.12 71.61
C PRO LA 117 -19.28 -56.65 72.38
N ASN LA 118 -20.12 -55.75 72.89
CA ASN LA 118 -21.24 -56.16 73.74
C ASN LA 118 -22.46 -56.55 72.93
N THR LA 119 -22.28 -57.43 71.94
CA THR LA 119 -23.42 -57.94 71.21
C THR LA 119 -24.07 -59.08 71.96
N ALA LA 120 -25.16 -59.61 71.40
CA ALA LA 120 -25.83 -60.75 72.02
C ALA LA 120 -25.32 -62.08 71.47
N PHE LA 121 -24.87 -62.10 70.22
CA PHE LA 121 -24.33 -63.32 69.65
C PHE LA 121 -23.09 -63.78 70.40
N ARG LA 122 -22.19 -62.84 70.71
CA ARG LA 122 -20.98 -63.20 71.46
C ARG LA 122 -21.33 -63.82 72.81
N ARG LA 123 -22.27 -63.20 73.52
CA ARG LA 123 -22.72 -63.69 74.81
C ARG LA 123 -23.35 -65.08 74.71
N PHE LA 124 -24.17 -65.32 73.69
CA PHE LA 124 -24.78 -66.64 73.55
C PHE LA 124 -23.73 -67.68 73.18
N TYR LA 125 -22.82 -67.34 72.28
CA TYR LA 125 -21.76 -68.27 71.90
C TYR LA 125 -20.85 -68.56 73.08
N GLU LA 126 -20.57 -67.55 73.91
CA GLU LA 126 -19.77 -67.76 75.11
C GLU LA 126 -20.43 -68.79 76.02
N ARG LA 127 -21.72 -68.60 76.31
CA ARG LA 127 -22.45 -69.58 77.10
C ARG LA 127 -22.57 -70.92 76.39
N GLY LA 128 -22.26 -70.98 75.10
CA GLY LA 128 -22.21 -72.25 74.40
C GLY LA 128 -23.56 -72.80 73.99
N ASP LA 129 -24.56 -71.96 73.86
CA ASP LA 129 -25.89 -72.41 73.49
C ASP LA 129 -26.08 -72.56 71.99
N LEU LA 130 -25.03 -72.34 71.20
CA LEU LA 130 -25.30 -72.39 69.76
C LEU LA 130 -24.87 -73.73 69.18
N PRO LA 131 -25.64 -74.26 68.24
CA PRO LA 131 -25.32 -75.56 67.65
C PRO LA 131 -24.30 -75.49 66.52
N ILE LA 132 -23.55 -74.40 66.43
CA ILE LA 132 -22.61 -74.22 65.34
C ILE LA 132 -21.22 -74.61 65.79
N ALA LA 133 -20.36 -74.87 64.80
CA ALA LA 133 -18.93 -75.05 65.02
C ALA LA 133 -18.22 -74.82 63.70
N VAL LA 134 -16.93 -74.56 63.77
CA VAL LA 134 -16.14 -74.39 62.55
C VAL LA 134 -15.75 -75.76 62.02
N ASP LA 135 -15.78 -75.92 60.71
CA ASP LA 135 -15.55 -77.19 60.04
C ASP LA 135 -14.24 -77.08 59.27
N HIS LA 136 -13.13 -77.36 59.94
CA HIS LA 136 -11.83 -77.26 59.30
C HIS LA 136 -11.57 -78.39 58.32
N ARG LA 137 -12.32 -79.49 58.42
CA ARG LA 137 -12.09 -80.63 57.54
C ARG LA 137 -12.43 -80.32 56.09
N GLY LA 138 -13.22 -79.27 55.84
CA GLY LA 138 -13.47 -78.85 54.48
C GLY LA 138 -12.26 -78.21 53.85
N SER LA 139 -12.35 -78.01 52.52
CA SER LA 139 -11.27 -77.39 51.78
C SER LA 139 -11.02 -75.95 52.18
N LYS LA 140 -11.88 -75.37 53.00
CA LYS LA 140 -11.73 -74.01 53.52
C LYS LA 140 -12.51 -73.93 54.83
N ASN LA 141 -12.68 -72.72 55.35
CA ASN LA 141 -13.52 -72.54 56.52
C ASN LA 141 -14.98 -72.74 56.13
N MET LA 142 -15.62 -73.72 56.74
CA MET LA 142 -17.03 -73.99 56.54
C MET LA 142 -17.70 -74.08 57.90
N ILE LA 143 -19.03 -74.16 57.89
CA ILE LA 143 -19.79 -74.29 59.11
C ILE LA 143 -20.11 -75.76 59.33
N ALA LA 144 -20.32 -76.13 60.59
CA ALA LA 144 -20.64 -77.51 60.96
C ALA LA 144 -21.77 -77.44 61.99
N TRP LA 145 -22.91 -78.00 61.65
CA TRP LA 145 -24.08 -77.93 62.50
C TRP LA 145 -24.22 -79.17 63.36
N LYS LA 146 -24.46 -78.96 64.65
CA LYS LA 146 -24.70 -80.06 65.57
C LYS LA 146 -26.04 -80.71 65.32
N VAL LA 147 -26.97 -80.00 64.68
CA VAL LA 147 -28.31 -80.48 64.38
C VAL LA 147 -28.64 -80.12 62.94
N ASP LA 148 -29.90 -80.28 62.57
CA ASP LA 148 -30.37 -80.02 61.22
C ASP LA 148 -30.93 -78.60 61.12
N ILE LA 149 -30.45 -77.85 60.13
CA ILE LA 149 -30.82 -76.45 60.04
C ILE LA 149 -32.31 -76.26 59.78
N GLU LA 150 -32.89 -77.05 58.87
CA GLU LA 150 -34.25 -76.74 58.44
C GLU LA 150 -35.30 -77.03 59.49
N LYS LA 151 -34.91 -77.49 60.67
CA LYS LA 151 -35.87 -77.75 61.74
C LYS LA 151 -35.60 -76.86 62.97
N LEU LA 152 -34.70 -75.90 62.85
CA LEU LA 152 -34.43 -74.99 63.95
C LEU LA 152 -35.61 -74.05 64.18
N ASP LA 153 -35.55 -73.34 65.30
CA ASP LA 153 -36.50 -72.28 65.61
C ASP LA 153 -35.91 -70.97 65.11
N TYR LA 154 -36.35 -70.52 63.94
CA TYR LA 154 -35.81 -69.29 63.38
C TYR LA 154 -36.09 -68.10 64.27
N HIS LA 155 -37.28 -68.05 64.88
CA HIS LA 155 -37.65 -66.94 65.74
C HIS LA 155 -36.62 -66.70 66.84
N HIS LA 156 -36.03 -67.77 67.36
CA HIS LA 156 -35.04 -67.60 68.41
C HIS LA 156 -33.63 -67.41 67.87
N TYR LA 157 -33.28 -68.11 66.78
CA TYR LA 157 -31.87 -68.11 66.38
C TYR LA 157 -31.53 -67.02 65.35
N LEU LA 158 -32.40 -66.79 64.37
CA LEU LA 158 -32.05 -65.90 63.26
C LEU LA 158 -31.71 -64.48 63.73
N PRO LA 159 -32.49 -63.85 64.62
CA PRO LA 159 -32.05 -62.53 65.11
C PRO LA 159 -30.71 -62.57 65.83
N ILE LA 160 -30.45 -63.64 66.59
CA ILE LA 160 -29.16 -63.76 67.27
C ILE LA 160 -28.02 -63.74 66.25
N PHE LA 161 -28.19 -64.46 65.14
CA PHE LA 161 -27.13 -64.51 64.14
C PHE LA 161 -26.94 -63.17 63.44
N PHE LA 162 -28.03 -62.47 63.14
CA PHE LA 162 -27.88 -61.11 62.59
C PHE LA 162 -27.19 -60.18 63.57
N ASP LA 163 -27.38 -60.36 64.86
CA ASP LA 163 -26.77 -59.45 65.82
C ASP LA 163 -25.27 -59.63 65.95
N GLY LA 164 -24.70 -60.63 65.29
CA GLY LA 164 -23.26 -60.84 65.35
C GLY LA 164 -22.54 -60.31 64.14
N ILE LA 165 -23.29 -59.77 63.19
CA ILE LA 165 -22.67 -59.19 61.99
C ILE LA 165 -21.80 -58.01 62.38
N ARG LA 166 -22.23 -57.23 63.35
CA ARG LA 166 -21.48 -56.07 63.82
C ARG LA 166 -20.13 -56.43 64.40
N GLU LA 167 -19.86 -57.72 64.64
CA GLU LA 167 -18.62 -58.11 65.29
C GLU LA 167 -17.44 -57.98 64.35
N THR LA 168 -16.26 -57.79 64.93
CA THR LA 168 -15.01 -57.74 64.18
C THR LA 168 -13.97 -58.73 64.68
N GLN LA 169 -14.08 -59.21 65.91
CA GLN LA 169 -13.12 -60.15 66.46
C GLN LA 169 -13.40 -61.55 65.93
N GLU LA 170 -12.35 -62.22 65.46
CA GLU LA 170 -12.48 -63.59 65.02
C GLU LA 170 -12.62 -64.51 66.23
N PRO LA 171 -13.33 -65.64 66.09
CA PRO LA 171 -14.04 -66.11 64.90
C PRO LA 171 -15.50 -65.73 64.91
N TYR LA 172 -15.87 -64.77 65.76
CA TYR LA 172 -17.28 -64.43 65.94
C TYR LA 172 -17.90 -63.93 64.66
N ARG LA 173 -17.22 -63.00 63.97
CA ARG LA 173 -17.81 -62.41 62.79
C ARG LA 173 -17.91 -63.43 61.65
N PHE LA 174 -16.90 -64.28 61.51
CA PHE LA 174 -16.99 -65.36 60.52
C PHE LA 174 -18.18 -66.26 60.82
N LEU LA 175 -18.30 -66.70 62.07
CA LEU LA 175 -19.39 -67.58 62.44
C LEU LA 175 -20.74 -66.93 62.19
N ALA LA 176 -20.87 -65.65 62.54
CA ALA LA 176 -22.16 -64.98 62.42
C ALA LA 176 -22.55 -64.81 60.95
N VAL LA 177 -21.63 -64.35 60.12
CA VAL LA 177 -21.92 -64.20 58.70
C VAL LA 177 -22.26 -65.54 58.08
N LYS LA 178 -21.48 -66.58 58.39
CA LYS LA 178 -21.74 -67.89 57.81
C LYS LA 178 -23.05 -68.47 58.34
N GLY LA 179 -23.41 -68.15 59.58
CA GLY LA 179 -24.68 -68.60 60.12
C GLY LA 179 -25.86 -68.07 59.32
N VAL LA 180 -25.91 -66.76 59.12
CA VAL LA 180 -27.04 -66.21 58.37
C VAL LA 180 -26.99 -66.68 56.92
N GLU LA 181 -25.79 -66.79 56.34
CA GLU LA 181 -25.66 -67.20 54.95
C GLU LA 181 -26.24 -68.60 54.73
N ASP LA 182 -26.02 -69.51 55.67
CA ASP LA 182 -26.54 -70.87 55.53
C ASP LA 182 -28.00 -70.99 55.94
N MET LA 183 -28.47 -70.17 56.88
CA MET LA 183 -29.86 -70.29 57.29
C MET LA 183 -30.80 -69.70 56.25
N LEU LA 184 -30.36 -68.66 55.54
CA LEU LA 184 -31.22 -68.06 54.52
C LEU LA 184 -31.43 -68.98 53.33
N ARG LA 185 -30.51 -69.91 53.06
CA ARG LA 185 -30.68 -70.81 51.92
C ARG LA 185 -31.81 -71.81 52.17
N VAL LA 186 -31.83 -72.43 53.35
CA VAL LA 186 -32.82 -73.47 53.65
C VAL LA 186 -34.04 -72.91 54.34
N GLY LA 187 -34.07 -71.61 54.64
CA GLY LA 187 -35.21 -71.04 55.32
C GLY LA 187 -36.53 -71.22 54.59
N GLY LA 188 -36.69 -70.56 53.46
CA GLY LA 188 -37.96 -70.62 52.77
C GLY LA 188 -39.02 -69.81 53.49
N SER LA 189 -40.19 -70.42 53.68
CA SER LA 189 -41.33 -69.75 54.28
C SER LA 189 -41.12 -69.44 55.76
N LYS LA 190 -40.23 -70.17 56.44
CA LYS LA 190 -39.97 -69.95 57.85
C LYS LA 190 -39.36 -68.59 58.14
N ILE LA 191 -38.95 -67.85 57.11
CA ILE LA 191 -38.23 -66.60 57.30
C ILE LA 191 -39.17 -65.40 57.35
N LEU LA 192 -40.21 -65.41 56.52
CA LEU LA 192 -41.11 -64.26 56.40
C LEU LA 192 -41.63 -63.73 57.73
N PRO LA 193 -42.16 -64.55 58.65
CA PRO LA 193 -42.69 -63.98 59.90
C PRO LA 193 -41.62 -63.44 60.83
N VAL LA 194 -40.34 -63.63 60.53
CA VAL LA 194 -39.27 -63.18 61.41
C VAL LA 194 -38.81 -61.77 61.08
N ILE LA 195 -39.26 -61.21 59.95
CA ILE LA 195 -38.76 -59.91 59.51
C ILE LA 195 -38.87 -58.81 60.57
N PRO LA 196 -40.02 -58.66 61.26
CA PRO LA 196 -40.10 -57.57 62.25
C PRO LA 196 -39.02 -57.61 63.31
N GLN LA 197 -38.36 -58.73 63.51
CA GLN LA 197 -37.34 -58.85 64.55
C GLN LA 197 -35.92 -58.66 64.01
N LEU LA 198 -35.75 -58.51 62.70
CA LEU LA 198 -34.44 -58.36 62.09
C LEU LA 198 -34.05 -56.92 61.84
N ILE LA 199 -34.97 -55.97 62.02
CA ILE LA 199 -34.73 -54.59 61.65
C ILE LA 199 -33.76 -53.92 62.61
N ILE LA 200 -33.90 -54.20 63.91
CA ILE LA 200 -33.03 -53.56 64.90
C ILE LA 200 -31.58 -53.93 64.72
N PRO LA 201 -31.20 -55.21 64.59
CA PRO LA 201 -29.78 -55.52 64.40
C PRO LA 201 -29.23 -55.03 63.07
N ILE LA 202 -30.04 -55.06 62.01
CA ILE LA 202 -29.60 -54.54 60.72
C ILE LA 202 -29.31 -53.05 60.83
N LYS LA 203 -30.23 -52.30 61.43
CA LYS LA 203 -30.03 -50.87 61.58
C LYS LA 203 -28.83 -50.58 62.48
N THR LA 204 -28.64 -51.38 63.53
CA THR LA 204 -27.50 -51.18 64.42
C THR LA 204 -26.19 -51.47 63.72
N ALA LA 205 -26.16 -52.49 62.86
CA ALA LA 205 -24.94 -52.79 62.11
C ALA LA 205 -24.61 -51.68 61.13
N LEU LA 206 -25.63 -51.12 60.46
CA LEU LA 206 -25.39 -50.03 59.52
C LEU LA 206 -24.98 -48.76 60.23
N ASN LA 207 -25.52 -48.49 61.42
CA ASN LA 207 -25.22 -47.28 62.15
C ASN LA 207 -23.78 -47.18 62.62
N THR LA 208 -22.95 -48.19 62.41
CA THR LA 208 -21.58 -48.15 62.90
C THR LA 208 -20.63 -47.36 62.02
N ARG LA 209 -21.02 -47.04 60.79
CA ARG LA 209 -20.22 -46.27 59.84
C ARG LA 209 -18.94 -46.99 59.44
N ASP LA 210 -18.73 -48.21 59.91
CA ASP LA 210 -17.50 -48.95 59.61
C ASP LA 210 -17.66 -49.69 58.29
N HIS LA 211 -16.63 -49.57 57.43
CA HIS LA 211 -16.73 -50.09 56.08
C HIS LA 211 -16.87 -51.61 56.07
N SER LA 212 -16.13 -52.30 56.93
CA SER LA 212 -16.16 -53.76 56.90
C SER LA 212 -17.57 -54.29 57.19
N VAL LA 213 -18.17 -53.84 58.28
CA VAL LA 213 -19.50 -54.33 58.64
C VAL LA 213 -20.54 -53.87 57.61
N MET LA 214 -20.37 -52.67 57.04
CA MET LA 214 -21.37 -52.19 56.08
C MET LA 214 -21.33 -52.99 54.79
N CYS LA 215 -20.13 -53.23 54.25
CA CYS LA 215 -20.02 -54.01 53.02
C CYS LA 215 -20.50 -55.44 53.24
N ILE LA 216 -20.43 -55.95 54.48
CA ILE LA 216 -20.93 -57.30 54.74
C ILE LA 216 -22.46 -57.30 54.80
N THR LA 217 -23.03 -56.37 55.56
CA THR LA 217 -24.48 -56.39 55.76
C THR LA 217 -25.23 -56.06 54.48
N LEU LA 218 -24.63 -55.30 53.55
CA LEU LA 218 -25.32 -55.03 52.30
C LEU LA 218 -25.43 -56.27 51.45
N GLN LA 219 -24.39 -57.09 51.39
CA GLN LA 219 -24.49 -58.35 50.67
C GLN LA 219 -25.47 -59.30 51.36
N LEU LA 220 -25.49 -59.30 52.70
CA LEU LA 220 -26.47 -60.12 53.40
C LEU LA 220 -27.89 -59.64 53.15
N LEU LA 221 -28.09 -58.33 53.02
CA LEU LA 221 -29.42 -57.79 52.72
C LEU LA 221 -29.88 -58.21 51.33
N GLN LA 222 -28.97 -58.22 50.36
CA GLN LA 222 -29.29 -58.76 49.04
C GLN LA 222 -29.73 -60.21 49.15
N LYS LA 223 -28.92 -61.02 49.83
CA LYS LA 223 -29.28 -62.43 50.03
C LYS LA 223 -30.62 -62.55 50.75
N LEU LA 224 -30.93 -61.60 51.62
CA LEU LA 224 -32.18 -61.67 52.39
C LEU LA 224 -33.39 -61.49 51.49
N VAL LA 225 -33.40 -60.46 50.63
CA VAL LA 225 -34.54 -60.28 49.74
C VAL LA 225 -34.63 -61.40 48.73
N LEU LA 226 -33.52 -62.06 48.40
CA LEU LA 226 -33.57 -63.14 47.43
C LEU LA 226 -33.90 -64.48 48.05
N SER LA 227 -33.75 -64.62 49.37
CA SER LA 227 -33.88 -65.92 50.01
C SER LA 227 -35.25 -66.55 49.81
N ALA LA 228 -36.30 -65.74 49.73
CA ALA LA 228 -37.64 -66.28 49.56
C ALA LA 228 -38.46 -65.32 48.72
N ASP LA 229 -39.72 -65.68 48.53
CA ASP LA 229 -40.68 -64.80 47.87
C ASP LA 229 -41.48 -64.03 48.92
N LEU LA 230 -42.15 -62.98 48.46
CA LEU LA 230 -43.01 -62.12 49.28
C LEU LA 230 -42.23 -61.43 50.40
N VAL LA 231 -40.91 -61.58 50.44
CA VAL LA 231 -40.11 -60.88 51.44
C VAL LA 231 -40.00 -59.41 51.08
N GLY LA 232 -40.04 -59.06 49.80
CA GLY LA 232 -39.92 -57.68 49.38
C GLY LA 232 -41.02 -56.78 49.89
N GLU LA 233 -42.27 -57.14 49.60
CA GLU LA 233 -43.40 -56.33 50.07
C GLU LA 233 -43.39 -56.23 51.59
N ALA LA 234 -43.09 -57.34 52.25
CA ALA LA 234 -43.06 -57.35 53.71
C ALA LA 234 -41.97 -56.44 54.25
N LEU LA 235 -40.88 -56.25 53.51
CA LEU LA 235 -39.82 -55.37 53.98
C LEU LA 235 -40.12 -53.91 53.71
N VAL LA 236 -40.87 -53.63 52.64
CA VAL LA 236 -41.15 -52.27 52.18
C VAL LA 236 -41.52 -51.31 53.32
N PRO LA 237 -42.43 -51.66 54.25
CA PRO LA 237 -42.77 -50.72 55.32
C PRO LA 237 -41.60 -50.32 56.19
N TYR LA 238 -40.48 -51.06 56.16
CA TYR LA 238 -39.36 -50.81 57.04
C TYR LA 238 -38.23 -50.04 56.35
N TYR LA 239 -38.52 -49.36 55.23
CA TYR LA 239 -37.47 -48.61 54.56
C TYR LA 239 -37.03 -47.40 55.36
N ARG LA 240 -37.97 -46.77 56.09
CA ARG LA 240 -37.66 -45.56 56.84
C ARG LA 240 -36.63 -45.77 57.93
N GLN LA 241 -36.24 -47.01 58.22
CA GLN LA 241 -35.30 -47.31 59.28
C GLN LA 241 -34.02 -47.96 58.78
N ILE LA 242 -33.92 -48.23 57.48
CA ILE LA 242 -32.72 -48.85 56.93
C ILE LA 242 -32.11 -48.07 55.78
N LEU LA 243 -32.86 -47.23 55.08
CA LEU LA 243 -32.32 -46.39 54.00
C LEU LA 243 -31.54 -45.17 54.45
N PRO LA 244 -31.85 -44.55 55.61
CA PRO LA 244 -31.09 -43.35 56.02
C PRO LA 244 -29.58 -43.46 55.92
N ILE LA 245 -29.02 -44.66 56.06
CA ILE LA 245 -27.58 -44.80 55.89
C ILE LA 245 -27.21 -44.94 54.41
N PHE LA 246 -28.07 -45.60 53.64
CA PHE LA 246 -27.85 -45.70 52.19
C PHE LA 246 -27.63 -44.32 51.59
N ASN LA 247 -28.37 -43.32 52.08
CA ASN LA 247 -28.28 -41.98 51.51
C ASN LA 247 -26.90 -41.36 51.70
N LEU LA 248 -26.16 -41.80 52.72
CA LEU LA 248 -24.82 -41.24 52.94
C LEU LA 248 -23.83 -41.76 51.91
N TYR LA 249 -23.60 -43.08 51.90
CA TYR LA 249 -22.55 -43.67 51.10
C TYR LA 249 -22.99 -44.01 49.68
N LYS LA 250 -24.15 -43.51 49.24
CA LYS LA 250 -24.58 -43.78 47.88
C LYS LA 250 -23.60 -43.25 46.84
N ASN LA 251 -22.89 -42.16 47.16
CA ASN LA 251 -21.95 -41.55 46.22
C ASN LA 251 -20.51 -41.65 46.72
N LYS LA 252 -20.15 -42.77 47.35
CA LYS LA 252 -18.75 -43.05 47.68
C LYS LA 252 -18.24 -44.05 46.64
N ASN LA 253 -17.66 -43.52 45.57
CA ASN LA 253 -17.13 -44.34 44.50
C ASN LA 253 -15.69 -43.94 44.23
N LYS LA 254 -15.04 -44.74 43.38
CA LYS LA 254 -13.65 -44.50 42.99
C LYS LA 254 -13.61 -43.99 41.56
N ASN LA 255 -12.93 -42.87 41.36
CA ASN LA 255 -12.81 -42.24 40.04
C ASN LA 255 -11.42 -42.54 39.51
N LEU LA 256 -11.28 -43.68 38.85
CA LEU LA 256 -9.98 -44.14 38.35
C LEU LA 256 -9.68 -43.68 36.94
N GLY LA 257 -10.69 -43.29 36.17
CA GLY LA 257 -10.47 -42.92 34.79
C GLY LA 257 -10.12 -44.13 33.94
N ASP LA 258 -8.86 -44.23 33.53
CA ASP LA 258 -8.40 -45.36 32.73
C ASP LA 258 -7.92 -46.53 33.57
N GLY LA 259 -7.77 -46.36 34.88
CA GLY LA 259 -7.27 -47.42 35.71
C GLY LA 259 -8.30 -48.51 35.90
N ILE LA 260 -8.04 -49.70 35.36
CA ILE LA 260 -8.94 -50.82 35.56
C ILE LA 260 -8.96 -51.21 37.03
N ASP LA 261 -10.14 -51.52 37.55
CA ASP LA 261 -10.33 -51.77 38.98
C ASP LA 261 -10.13 -53.24 39.26
N TYR LA 262 -8.89 -53.61 39.58
CA TYR LA 262 -8.62 -55.00 39.96
C TYR LA 262 -9.40 -55.37 41.22
N GLY LA 263 -9.58 -54.43 42.14
CA GLY LA 263 -10.36 -54.68 43.34
C GLY LA 263 -11.76 -55.17 43.07
N GLN LA 264 -12.27 -54.98 41.85
CA GLN LA 264 -13.60 -55.49 41.51
C GLN LA 264 -13.72 -56.98 41.77
N ARG LA 265 -12.60 -57.69 41.89
CA ARG LA 265 -12.65 -59.12 42.18
C ARG LA 265 -13.47 -59.39 43.43
N ASN LA 266 -13.30 -58.57 44.47
CA ASN LA 266 -14.13 -58.64 45.65
C ASN LA 266 -15.02 -57.39 45.71
N TYR LA 267 -15.97 -57.42 46.63
CA TYR LA 267 -16.97 -56.36 46.75
C TYR LA 267 -16.54 -55.43 47.87
N ASP LA 268 -16.06 -54.24 47.50
CA ASP LA 268 -15.62 -53.25 48.47
C ASP LA 268 -16.20 -51.86 48.22
N CYS LA 269 -16.63 -51.55 47.00
CA CYS LA 269 -17.07 -50.21 46.65
C CYS LA 269 -18.52 -50.03 47.07
N LEU LA 270 -18.74 -49.22 48.11
CA LEU LA 270 -20.08 -48.97 48.60
C LEU LA 270 -20.93 -48.26 47.55
N GLY LA 271 -20.33 -47.32 46.80
CA GLY LA 271 -21.10 -46.52 45.88
C GLY LA 271 -21.93 -47.32 44.90
N GLU LA 272 -21.51 -48.56 44.61
CA GLU LA 272 -22.29 -49.45 43.77
C GLU LA 272 -22.83 -50.66 44.50
N LEU LA 273 -22.23 -51.05 45.63
CA LEU LA 273 -22.88 -52.05 46.47
C LEU LA 273 -24.23 -51.55 46.99
N ILE LA 274 -24.39 -50.23 47.06
CA ILE LA 274 -25.68 -49.66 47.43
C ILE LA 274 -26.59 -49.56 46.22
N ALA LA 275 -26.03 -49.25 45.04
CA ALA LA 275 -26.85 -49.16 43.84
C ALA LA 275 -27.46 -50.52 43.48
N ASP LA 276 -26.65 -51.58 43.55
CA ASP LA 276 -27.19 -52.92 43.29
C ASP LA 276 -28.30 -53.28 44.28
N THR LA 277 -28.11 -52.94 45.55
CA THR LA 277 -29.11 -53.30 46.57
C THR LA 277 -30.40 -52.53 46.39
N LEU LA 278 -30.31 -51.25 46.00
CA LEU LA 278 -31.52 -50.47 45.77
C LEU LA 278 -32.26 -50.94 44.54
N ALA LA 279 -31.53 -51.30 43.49
CA ALA LA 279 -32.17 -51.92 42.33
C ALA LA 279 -32.91 -53.18 42.74
N LEU LA 280 -32.28 -54.00 43.59
CA LEU LA 280 -32.92 -55.24 44.02
C LEU LA 280 -34.17 -54.96 44.86
N PHE LA 281 -34.10 -53.96 45.74
CA PHE LA 281 -35.28 -53.59 46.51
C PHE LA 281 -36.43 -53.18 45.62
N GLU LA 282 -36.16 -52.32 44.63
CA GLU LA 282 -37.21 -51.94 43.69
C GLU LA 282 -37.68 -53.14 42.87
N GLN LA 283 -36.79 -54.08 42.60
CA GLN LA 283 -37.17 -55.28 41.86
C GLN LA 283 -38.20 -56.09 42.63
N LYS LA 284 -38.01 -56.27 43.93
CA LYS LA 284 -38.83 -57.18 44.70
C LYS LA 284 -39.99 -56.51 45.45
N GLY LA 285 -39.91 -55.20 45.68
CA GLY LA 285 -40.91 -54.56 46.53
C GLY LA 285 -42.29 -54.48 45.95
N GLY LA 286 -42.43 -54.59 44.64
CA GLY LA 286 -43.74 -54.55 44.02
C GLY LA 286 -43.97 -53.29 43.21
N ASP LA 287 -45.17 -52.72 43.33
CA ASP LA 287 -45.57 -51.57 42.53
C ASP LA 287 -45.49 -50.26 43.29
N ASP LA 288 -44.94 -50.27 44.49
CA ASP LA 288 -44.90 -49.08 45.33
C ASP LA 288 -43.58 -48.90 46.05
N ALA LA 289 -42.64 -49.82 45.89
CA ALA LA 289 -41.34 -49.69 46.55
C ALA LA 289 -40.57 -48.49 46.05
N PHE LA 290 -40.80 -48.06 44.81
CA PHE LA 290 -40.01 -46.97 44.26
C PHE LA 290 -40.26 -45.66 45.02
N ILE LA 291 -41.51 -45.37 45.34
CA ILE LA 291 -41.80 -44.11 46.02
C ILE LA 291 -41.29 -44.16 47.45
N ASN LA 292 -41.41 -45.32 48.11
CA ASN LA 292 -40.87 -45.43 49.47
C ASN LA 292 -39.36 -45.30 49.49
N ILE LA 293 -38.70 -45.68 48.40
CA ILE LA 293 -37.26 -45.47 48.29
C ILE LA 293 -36.96 -44.00 48.02
N LYS LA 294 -37.56 -43.45 46.96
CA LYS LA 294 -37.38 -42.04 46.60
C LYS LA 294 -37.65 -41.10 47.75
N TYR LA 295 -38.50 -41.49 48.70
CA TYR LA 295 -38.77 -40.63 49.84
C TYR LA 295 -37.57 -40.53 50.76
N MET LA 296 -36.86 -41.64 50.96
CA MET LA 296 -35.71 -41.66 51.87
C MET LA 296 -34.44 -41.19 51.18
N VAL LA 297 -34.08 -41.85 50.08
CA VAL LA 297 -32.95 -41.44 49.26
C VAL LA 297 -33.49 -40.67 48.05
N PRO LA 298 -33.35 -39.35 48.01
CA PRO LA 298 -33.98 -38.59 46.92
C PRO LA 298 -33.26 -38.71 45.60
N THR LA 299 -31.97 -39.00 45.60
CA THR LA 299 -31.21 -39.11 44.37
C THR LA 299 -31.56 -40.34 43.56
N TYR LA 300 -32.35 -41.26 44.12
CA TYR LA 300 -32.60 -42.53 43.45
C TYR LA 300 -33.40 -42.33 42.16
N GLU LA 301 -33.20 -43.25 41.24
CA GLU LA 301 -33.83 -43.23 39.92
C GLU LA 301 -34.47 -44.58 39.65
N SER LA 302 -35.71 -44.54 39.15
CA SER LA 302 -36.44 -45.78 38.89
C SER LA 302 -35.67 -46.64 37.90
N SER LA 303 -35.52 -47.92 38.22
CA SER LA 303 -34.79 -48.88 37.42
C SER LA 303 -35.73 -49.85 36.70
N VAL LA 304 -36.87 -49.37 36.22
CA VAL LA 304 -37.78 -50.23 35.48
C VAL LA 304 -38.19 -49.56 34.17
N MET MA 1 -56.17 1.01 14.32
CA MET MA 1 -55.35 0.64 13.17
C MET MA 1 -54.01 0.07 13.62
N ARG MA 2 -53.44 0.67 14.66
CA ARG MA 2 -52.18 0.21 15.24
C ARG MA 2 -52.39 -0.03 16.73
N GLU MA 3 -52.85 -1.22 17.08
CA GLU MA 3 -53.14 -1.58 18.46
C GLU MA 3 -52.20 -2.68 18.93
N VAL MA 4 -51.97 -2.72 20.24
CA VAL MA 4 -51.22 -3.78 20.88
C VAL MA 4 -51.94 -4.20 22.16
N ILE MA 5 -51.98 -5.50 22.40
CA ILE MA 5 -52.65 -6.07 23.56
C ILE MA 5 -51.59 -6.32 24.63
N SER MA 6 -51.69 -5.60 25.73
CA SER MA 6 -50.69 -5.63 26.78
C SER MA 6 -51.15 -6.58 27.89
N ILE MA 7 -50.33 -7.58 28.18
CA ILE MA 7 -50.62 -8.57 29.20
C ILE MA 7 -49.63 -8.41 30.35
N HIS MA 8 -50.12 -8.48 31.58
CA HIS MA 8 -49.29 -8.41 32.76
C HIS MA 8 -49.56 -9.65 33.62
N ILE MA 9 -48.57 -10.52 33.72
CA ILE MA 9 -48.69 -11.77 34.46
C ILE MA 9 -47.90 -11.65 35.75
N GLY MA 10 -48.38 -12.30 36.80
CA GLY MA 10 -47.67 -12.33 38.05
C GLY MA 10 -47.75 -11.02 38.81
N GLN MA 11 -47.01 -10.97 39.91
CA GLN MA 11 -47.00 -9.75 40.72
C GLN MA 11 -46.23 -8.64 40.04
N ALA MA 12 -44.94 -8.86 39.78
CA ALA MA 12 -44.13 -7.82 39.14
C ALA MA 12 -44.67 -7.44 37.77
N GLY MA 13 -45.40 -8.36 37.13
CA GLY MA 13 -46.01 -8.02 35.86
C GLY MA 13 -47.05 -6.92 35.99
N ILE MA 14 -47.88 -7.00 37.04
CA ILE MA 14 -48.87 -5.95 37.25
C ILE MA 14 -48.33 -4.82 38.11
N GLN MA 15 -47.23 -5.04 38.82
CA GLN MA 15 -46.55 -3.92 39.46
C GLN MA 15 -46.03 -2.93 38.42
N VAL MA 16 -45.46 -3.42 37.33
CA VAL MA 16 -45.09 -2.48 36.28
C VAL MA 16 -46.33 -2.02 35.53
N GLY MA 17 -47.38 -2.86 35.49
CA GLY MA 17 -48.61 -2.46 34.86
C GLY MA 17 -49.23 -1.24 35.50
N ASN MA 18 -49.02 -1.06 36.80
CA ASN MA 18 -49.51 0.15 37.46
C ASN MA 18 -48.64 1.34 37.15
N ALA MA 19 -47.45 1.13 36.58
CA ALA MA 19 -46.59 2.23 36.20
C ALA MA 19 -46.79 2.63 34.74
N CYS MA 20 -46.82 1.66 33.84
CA CYS MA 20 -47.08 1.97 32.44
C CYS MA 20 -48.45 2.60 32.26
N TRP MA 21 -49.48 1.98 32.81
CA TRP MA 21 -50.83 2.52 32.68
C TRP MA 21 -51.04 3.78 33.50
N GLU MA 22 -50.10 4.12 34.38
CA GLU MA 22 -50.06 5.46 34.94
C GLU MA 22 -49.41 6.45 34.00
N LEU MA 23 -48.64 5.95 33.02
CA LEU MA 23 -47.92 6.81 32.10
C LEU MA 23 -48.71 7.08 30.82
N TYR MA 24 -49.26 6.02 30.21
CA TYR MA 24 -50.02 6.20 28.99
C TYR MA 24 -51.20 7.15 29.21
N CYS MA 25 -51.96 6.93 30.28
CA CYS MA 25 -53.06 7.83 30.59
C CYS MA 25 -52.55 9.25 30.76
N LEU MA 26 -51.32 9.41 31.25
CA LEU MA 26 -50.76 10.73 31.44
C LEU MA 26 -50.23 11.31 30.15
N GLU MA 27 -49.75 10.47 29.23
CA GLU MA 27 -49.25 10.98 27.97
C GLU MA 27 -50.38 11.52 27.10
N HIS MA 28 -51.58 10.95 27.21
CA HIS MA 28 -52.68 11.27 26.34
C HIS MA 28 -53.76 12.09 27.04
N GLY MA 29 -53.41 12.76 28.13
CA GLY MA 29 -54.35 13.57 28.86
C GLY MA 29 -55.46 12.82 29.57
N ILE MA 30 -55.48 11.50 29.49
CA ILE MA 30 -56.51 10.72 30.17
C ILE MA 30 -56.33 10.86 31.67
N GLN MA 31 -57.39 11.25 32.35
CA GLN MA 31 -57.32 11.19 33.80
C GLN MA 31 -58.04 9.94 34.30
N PRO MA 32 -57.71 9.45 35.52
CA PRO MA 32 -58.12 8.10 35.93
C PRO MA 32 -59.58 7.73 35.71
N ASP MA 33 -60.45 8.70 35.45
CA ASP MA 33 -61.84 8.38 35.15
C ASP MA 33 -62.03 7.81 33.75
N GLY MA 34 -61.00 7.80 32.93
CA GLY MA 34 -61.12 7.34 31.56
C GLY MA 34 -61.67 8.36 30.60
N GLN MA 35 -61.98 9.57 31.07
CA GLN MA 35 -62.46 10.64 30.20
C GLN MA 35 -61.31 11.56 29.85
N MET MA 36 -61.46 12.24 28.73
CA MET MA 36 -60.58 13.36 28.47
C MET MA 36 -61.21 14.63 29.01
N PRO MA 37 -60.40 15.61 29.43
CA PRO MA 37 -60.97 16.81 30.04
C PRO MA 37 -61.95 17.54 29.15
N SER MA 38 -61.78 17.44 27.83
CA SER MA 38 -62.71 17.96 26.82
C SER MA 38 -62.85 19.48 26.87
N ASP MA 39 -62.07 20.17 27.69
CA ASP MA 39 -62.04 21.62 27.70
C ASP MA 39 -60.64 22.21 27.66
N LYS MA 40 -59.60 21.40 27.77
CA LYS MA 40 -58.23 21.85 27.64
C LYS MA 40 -57.42 20.85 26.83
N THR MA 41 -58.00 20.36 25.73
CA THR MA 41 -57.37 19.35 24.89
C THR MA 41 -55.95 19.75 24.51
N ILE MA 42 -55.01 18.85 24.72
CA ILE MA 42 -53.60 19.11 24.46
C ILE MA 42 -53.06 18.33 23.27
N GLY MA 43 -53.75 17.28 22.83
CA GLY MA 43 -53.19 16.42 21.81
C GLY MA 43 -52.96 17.17 20.50
N GLY MA 44 -51.86 16.80 19.83
CA GLY MA 44 -51.56 17.39 18.54
C GLY MA 44 -52.42 16.88 17.41
N GLY MA 45 -53.06 15.73 17.60
CA GLY MA 45 -53.92 15.15 16.58
C GLY MA 45 -55.09 14.43 17.19
N ASP MA 46 -55.34 13.21 16.72
CA ASP MA 46 -56.43 12.39 17.22
C ASP MA 46 -56.15 10.96 16.79
N ASP MA 47 -56.97 10.04 17.31
CA ASP MA 47 -56.86 8.61 17.02
C ASP MA 47 -55.46 8.07 17.36
N ALA MA 48 -54.71 8.79 18.19
CA ALA MA 48 -53.41 8.33 18.63
C ALA MA 48 -53.51 7.44 19.86
N PHE MA 49 -54.42 7.77 20.77
CA PHE MA 49 -54.70 6.91 21.91
C PHE MA 49 -55.12 5.52 21.49
N ASN MA 50 -55.62 5.37 20.26
CA ASN MA 50 -56.17 4.09 19.81
C ASN MA 50 -55.16 2.95 19.90
N THR MA 51 -53.88 3.25 20.09
CA THR MA 51 -52.89 2.19 20.24
C THR MA 51 -53.09 1.45 21.55
N PHE MA 52 -53.50 2.15 22.60
CA PHE MA 52 -53.63 1.55 23.92
C PHE MA 52 -55.05 1.57 24.46
N PHE MA 53 -56.00 2.15 23.74
CA PHE MA 53 -57.33 2.36 24.29
C PHE MA 53 -58.39 2.04 23.25
N SER MA 54 -59.63 2.00 23.71
CA SER MA 54 -60.79 1.72 22.87
C SER MA 54 -61.87 2.71 23.24
N GLU MA 55 -62.01 3.76 22.44
CA GLU MA 55 -63.04 4.76 22.69
C GLU MA 55 -64.41 4.11 22.68
N THR MA 56 -65.08 4.12 23.83
CA THR MA 56 -66.42 3.56 23.93
C THR MA 56 -67.39 4.38 23.09
N GLY MA 57 -68.63 3.91 23.04
CA GLY MA 57 -69.64 4.60 22.25
C GLY MA 57 -69.91 6.02 22.71
N ALA MA 58 -69.49 6.38 23.92
CA ALA MA 58 -69.76 7.72 24.44
C ALA MA 58 -68.61 8.14 25.36
N GLY MA 59 -67.64 8.85 24.79
CA GLY MA 59 -66.64 9.56 25.56
C GLY MA 59 -65.47 8.83 26.20
N LYS MA 60 -65.72 7.71 26.85
CA LYS MA 60 -64.73 7.11 27.74
C LYS MA 60 -63.71 6.29 26.96
N HIS MA 61 -62.49 6.22 27.49
CA HIS MA 61 -61.42 5.43 26.93
C HIS MA 61 -61.04 4.33 27.91
N VAL MA 62 -61.18 3.09 27.50
CA VAL MA 62 -60.84 1.93 28.34
C VAL MA 62 -59.54 1.34 27.81
N PRO MA 63 -58.57 1.06 28.68
CA PRO MA 63 -57.30 0.50 28.20
C PRO MA 63 -57.47 -0.93 27.73
N ARG MA 64 -56.66 -1.30 26.73
CA ARG MA 64 -56.70 -2.66 26.18
C ARG MA 64 -55.57 -3.49 26.79
N CYS MA 65 -55.73 -3.78 28.08
CA CYS MA 65 -54.78 -4.59 28.82
C CYS MA 65 -55.53 -5.69 29.58
N ILE MA 66 -54.77 -6.63 30.13
CA ILE MA 66 -55.31 -7.76 30.87
C ILE MA 66 -54.40 -8.00 32.07
N PHE MA 67 -54.89 -7.69 33.26
CA PHE MA 67 -54.12 -7.86 34.50
C PHE MA 67 -54.44 -9.25 35.04
N LEU MA 68 -53.67 -10.23 34.59
CA LEU MA 68 -53.86 -11.61 35.03
C LEU MA 68 -52.96 -11.90 36.22
N ASP MA 69 -53.47 -12.73 37.13
CA ASP MA 69 -52.73 -13.11 38.33
C ASP MA 69 -53.52 -14.18 39.08
N LEU MA 70 -52.84 -14.83 40.01
CA LEU MA 70 -53.46 -15.84 40.88
C LEU MA 70 -53.73 -15.33 42.28
N GLU MA 71 -52.82 -14.55 42.85
CA GLU MA 71 -53.03 -14.01 44.18
C GLU MA 71 -54.13 -12.96 44.13
N PRO MA 72 -55.12 -13.03 45.01
CA PRO MA 72 -56.13 -11.96 45.05
C PRO MA 72 -55.57 -10.65 45.56
N THR MA 73 -54.51 -10.68 46.37
CA THR MA 73 -54.13 -9.53 47.17
C THR MA 73 -53.55 -8.38 46.36
N VAL MA 74 -53.13 -8.62 45.12
CA VAL MA 74 -52.51 -7.55 44.35
C VAL MA 74 -53.50 -6.96 43.36
N VAL MA 75 -54.36 -7.82 42.78
CA VAL MA 75 -55.30 -7.30 41.80
C VAL MA 75 -56.47 -6.60 42.49
N ASP MA 76 -56.90 -7.08 43.66
CA ASP MA 76 -57.95 -6.36 44.38
C ASP MA 76 -57.46 -5.02 44.89
N GLU MA 77 -56.14 -4.88 45.05
CA GLU MA 77 -55.58 -3.56 45.31
C GLU MA 77 -55.87 -2.61 44.15
N VAL MA 78 -55.69 -3.10 42.92
CA VAL MA 78 -56.04 -2.30 41.74
C VAL MA 78 -57.52 -1.98 41.74
N ARG MA 79 -58.35 -2.94 42.16
CA ARG MA 79 -59.79 -2.72 42.19
C ARG MA 79 -60.21 -1.64 43.17
N THR MA 80 -59.32 -1.27 44.10
CA THR MA 80 -59.59 -0.18 45.03
C THR MA 80 -58.65 1.00 44.85
N GLY MA 81 -57.56 0.83 44.10
CA GLY MA 81 -56.66 1.93 43.85
C GLY MA 81 -57.32 3.04 43.05
N THR MA 82 -56.59 4.13 42.82
CA THR MA 82 -57.18 5.24 42.08
C THR MA 82 -57.51 4.86 40.65
N TYR MA 83 -56.84 3.85 40.10
CA TYR MA 83 -57.08 3.43 38.73
C TYR MA 83 -58.08 2.27 38.67
N ARG MA 84 -59.22 2.49 39.31
CA ARG MA 84 -60.30 1.51 39.28
C ARG MA 84 -61.43 1.89 38.35
N GLN MA 85 -61.49 3.14 37.91
CA GLN MA 85 -62.48 3.54 36.92
C GLN MA 85 -62.02 3.29 35.50
N LEU MA 86 -60.74 2.94 35.29
CA LEU MA 86 -60.27 2.66 33.94
C LEU MA 86 -60.70 1.27 33.48
N PHE MA 87 -60.25 0.24 34.19
CA PHE MA 87 -60.31 -1.11 33.66
C PHE MA 87 -61.71 -1.68 33.71
N HIS MA 88 -62.12 -2.31 32.63
CA HIS MA 88 -63.30 -3.15 32.65
C HIS MA 88 -63.04 -4.29 33.64
N PRO MA 89 -63.89 -4.47 34.65
CA PRO MA 89 -63.65 -5.55 35.63
C PRO MA 89 -63.47 -6.92 35.01
N GLU MA 90 -63.94 -7.14 33.78
CA GLU MA 90 -63.67 -8.40 33.10
C GLU MA 90 -62.18 -8.62 32.87
N GLN MA 91 -61.42 -7.53 32.72
CA GLN MA 91 -60.00 -7.67 32.43
C GLN MA 91 -59.22 -8.13 33.65
N LEU MA 92 -59.53 -7.57 34.82
CA LEU MA 92 -58.80 -7.89 36.04
C LEU MA 92 -59.16 -9.30 36.49
N ILE MA 93 -58.28 -10.26 36.21
CA ILE MA 93 -58.53 -11.67 36.48
C ILE MA 93 -57.77 -12.06 37.74
N SER MA 94 -58.41 -12.85 38.59
CA SER MA 94 -57.82 -13.27 39.85
C SER MA 94 -58.08 -14.75 40.07
N GLY MA 95 -57.45 -15.30 41.09
CA GLY MA 95 -57.61 -16.69 41.44
C GLY MA 95 -57.72 -16.86 42.95
N LYS MA 96 -58.19 -18.05 43.34
CA LYS MA 96 -58.37 -18.32 44.76
C LYS MA 96 -57.04 -18.58 45.44
N GLU MA 97 -56.22 -19.46 44.88
CA GLU MA 97 -54.96 -19.87 45.48
C GLU MA 97 -53.80 -19.41 44.59
N ASP MA 98 -52.60 -19.40 45.17
CA ASP MA 98 -51.41 -18.92 44.52
C ASP MA 98 -50.55 -20.08 44.04
N ALA MA 99 -49.74 -19.81 43.01
CA ALA MA 99 -48.81 -20.81 42.51
C ALA MA 99 -47.69 -21.09 43.52
N ALA MA 100 -47.35 -20.10 44.33
CA ALA MA 100 -46.44 -20.26 45.47
C ALA MA 100 -45.04 -20.69 45.02
N ASN MA 101 -44.42 -19.81 44.22
CA ASN MA 101 -43.02 -19.98 43.80
C ASN MA 101 -42.75 -21.38 43.26
N ASN MA 102 -43.71 -21.91 42.51
CA ASN MA 102 -43.66 -23.30 42.09
C ASN MA 102 -44.10 -23.36 40.64
N PHE MA 103 -43.14 -23.51 39.73
CA PHE MA 103 -43.45 -23.61 38.31
C PHE MA 103 -44.51 -24.68 38.05
N ALA MA 104 -44.39 -25.83 38.70
CA ALA MA 104 -45.34 -26.92 38.45
C ALA MA 104 -46.76 -26.49 38.73
N ARG MA 105 -46.98 -25.75 39.82
CA ARG MA 105 -48.32 -25.30 40.13
C ARG MA 105 -48.80 -24.26 39.14
N GLY MA 106 -47.96 -23.28 38.82
CA GLY MA 106 -48.34 -22.27 37.86
C GLY MA 106 -48.48 -22.79 36.46
N HIS MA 107 -48.01 -24.00 36.18
CA HIS MA 107 -48.02 -24.55 34.83
C HIS MA 107 -48.92 -25.75 34.66
N TYR MA 108 -48.95 -26.66 35.64
CA TYR MA 108 -49.69 -27.90 35.49
C TYR MA 108 -50.98 -27.94 36.28
N THR MA 109 -50.92 -27.64 37.58
CA THR MA 109 -52.07 -27.87 38.44
C THR MA 109 -53.10 -26.75 38.32
N ILE MA 110 -52.69 -25.52 38.61
CA ILE MA 110 -53.64 -24.42 38.73
C ILE MA 110 -53.92 -23.80 37.38
N GLY MA 111 -52.89 -23.25 36.74
CA GLY MA 111 -53.07 -22.44 35.54
C GLY MA 111 -53.90 -23.10 34.45
N LYS MA 112 -53.97 -24.42 34.44
CA LYS MA 112 -54.66 -25.12 33.36
C LYS MA 112 -56.17 -24.93 33.39
N GLU MA 113 -56.72 -24.30 34.43
CA GLU MA 113 -58.16 -24.17 34.55
C GLU MA 113 -58.68 -22.79 34.19
N ILE MA 114 -57.84 -21.75 34.24
CA ILE MA 114 -58.29 -20.39 33.97
C ILE MA 114 -57.81 -19.86 32.62
N VAL MA 115 -56.91 -20.57 31.94
CA VAL MA 115 -56.43 -20.09 30.66
C VAL MA 115 -57.57 -19.96 29.66
N ASP MA 116 -58.53 -20.89 29.72
CA ASP MA 116 -59.72 -20.76 28.88
C ASP MA 116 -60.44 -19.44 29.15
N LEU MA 117 -60.46 -19.01 30.42
CA LEU MA 117 -61.04 -17.72 30.76
C LEU MA 117 -60.21 -16.58 30.18
N ALA MA 118 -58.91 -16.58 30.45
CA ALA MA 118 -58.03 -15.53 29.92
C ALA MA 118 -58.04 -15.53 28.39
N LEU MA 119 -58.14 -16.71 27.78
CA LEU MA 119 -58.19 -16.77 26.33
C LEU MA 119 -59.52 -16.27 25.79
N ASP MA 120 -60.58 -16.25 26.60
CA ASP MA 120 -61.83 -15.67 26.15
C ASP MA 120 -61.78 -14.16 26.17
N ARG MA 121 -61.11 -13.58 27.18
CA ARG MA 121 -60.90 -12.14 27.19
C ARG MA 121 -60.08 -11.71 25.98
N ILE MA 122 -58.97 -12.41 25.73
CA ILE MA 122 -58.12 -12.09 24.59
C ILE MA 122 -58.91 -12.16 23.30
N ARG MA 123 -59.61 -13.27 23.06
CA ARG MA 123 -60.46 -13.37 21.87
C ARG MA 123 -61.44 -12.22 21.82
N LYS MA 124 -62.04 -11.87 22.95
CA LYS MA 124 -62.95 -10.74 23.02
C LYS MA 124 -62.23 -9.41 23.14
N LEU MA 125 -60.90 -9.41 23.11
CA LEU MA 125 -60.15 -8.16 23.14
C LEU MA 125 -59.38 -7.90 21.85
N ALA MA 126 -59.10 -8.94 21.07
CA ALA MA 126 -58.47 -8.77 19.77
C ALA MA 126 -59.48 -8.54 18.66
N ASP MA 127 -60.65 -9.19 18.74
CA ASP MA 127 -61.68 -9.01 17.73
C ASP MA 127 -62.17 -7.58 17.67
N ASN MA 128 -61.98 -6.82 18.75
CA ASN MA 128 -62.25 -5.39 18.69
C ASN MA 128 -61.22 -4.67 17.83
N CYS MA 129 -59.98 -5.16 17.83
CA CYS MA 129 -58.91 -4.52 17.10
C CYS MA 129 -59.02 -4.80 15.60
N THR MA 130 -58.66 -3.79 14.81
CA THR MA 130 -58.64 -3.93 13.36
C THR MA 130 -57.26 -4.38 12.87
N GLY MA 131 -56.24 -3.55 13.07
CA GLY MA 131 -54.89 -3.95 12.75
C GLY MA 131 -54.06 -4.21 13.99
N LEU MA 132 -53.88 -5.48 14.33
CA LEU MA 132 -53.18 -5.84 15.55
C LEU MA 132 -51.68 -5.95 15.27
N GLN MA 133 -50.91 -5.07 15.92
CA GLN MA 133 -49.47 -5.12 15.75
C GLN MA 133 -48.88 -6.37 16.42
N GLY MA 134 -49.11 -6.51 17.71
CA GLY MA 134 -48.63 -7.68 18.42
C GLY MA 134 -48.80 -7.57 19.93
N PHE MA 135 -48.83 -8.71 20.61
CA PHE MA 135 -49.00 -8.72 22.04
C PHE MA 135 -47.75 -8.20 22.74
N LEU MA 136 -47.92 -7.75 23.98
CA LEU MA 136 -46.87 -7.10 24.75
C LEU MA 136 -46.88 -7.72 26.15
N VAL MA 137 -46.14 -8.81 26.32
CA VAL MA 137 -46.21 -9.62 27.53
C VAL MA 137 -45.22 -9.09 28.56
N PHE MA 138 -45.68 -8.88 29.78
CA PHE MA 138 -44.85 -8.45 30.90
C PHE MA 138 -44.79 -9.60 31.89
N ASN MA 139 -43.69 -10.32 31.90
CA ASN MA 139 -43.51 -11.45 32.79
C ASN MA 139 -42.52 -11.08 33.89
N ALA MA 140 -42.38 -11.99 34.85
CA ALA MA 140 -41.40 -11.85 35.93
C ALA MA 140 -40.82 -13.23 36.19
N VAL MA 141 -39.72 -13.54 35.51
CA VAL MA 141 -39.13 -14.87 35.60
C VAL MA 141 -38.58 -15.08 36.99
N GLY MA 142 -39.08 -16.09 37.69
CA GLY MA 142 -38.63 -16.37 39.03
C GLY MA 142 -39.75 -16.68 40.00
N GLY MA 143 -40.98 -16.77 39.51
CA GLY MA 143 -42.11 -17.09 40.34
C GLY MA 143 -43.00 -18.12 39.69
N GLY MA 144 -43.96 -18.63 40.47
CA GLY MA 144 -44.86 -19.63 39.94
C GLY MA 144 -45.82 -19.08 38.90
N THR MA 145 -46.40 -17.92 39.17
CA THR MA 145 -47.34 -17.33 38.21
C THR MA 145 -46.62 -16.79 36.99
N GLY MA 146 -45.56 -16.01 37.21
CA GLY MA 146 -44.86 -15.41 36.09
C GLY MA 146 -44.29 -16.43 35.13
N SER MA 147 -43.48 -17.34 35.64
CA SER MA 147 -42.87 -18.36 34.79
C SER MA 147 -43.89 -19.42 34.39
N GLY MA 148 -44.49 -20.08 35.38
CA GLY MA 148 -45.42 -21.16 35.11
C GLY MA 148 -46.60 -20.78 34.25
N LEU MA 149 -47.45 -19.88 34.75
CA LEU MA 149 -48.63 -19.51 33.98
C LEU MA 149 -48.24 -18.69 32.76
N GLY MA 150 -47.23 -17.84 32.87
CA GLY MA 150 -46.73 -17.14 31.71
C GLY MA 150 -46.38 -18.08 30.58
N SER MA 151 -45.76 -19.21 30.91
CA SER MA 151 -45.50 -20.22 29.89
C SER MA 151 -46.80 -20.79 29.33
N LEU MA 152 -47.71 -21.18 30.22
CA LEU MA 152 -48.95 -21.83 29.79
C LEU MA 152 -49.80 -20.92 28.91
N LEU MA 153 -49.58 -19.61 28.96
CA LEU MA 153 -50.27 -18.72 28.04
C LEU MA 153 -49.66 -18.79 26.66
N LEU MA 154 -48.36 -18.47 26.56
CA LEU MA 154 -47.71 -18.28 25.27
C LEU MA 154 -47.93 -19.46 24.33
N GLU MA 155 -47.94 -20.68 24.88
CA GLU MA 155 -48.27 -21.84 24.05
C GLU MA 155 -49.67 -21.70 23.47
N ARG MA 156 -50.65 -21.41 24.33
CA ARG MA 156 -52.01 -21.21 23.84
C ARG MA 156 -52.09 -20.01 22.91
N LEU MA 157 -51.23 -19.01 23.10
CA LEU MA 157 -51.23 -17.86 22.20
C LEU MA 157 -50.66 -18.23 20.84
N SER MA 158 -49.61 -19.05 20.81
CA SER MA 158 -48.98 -19.38 19.55
C SER MA 158 -49.84 -20.31 18.71
N VAL MA 159 -50.56 -21.23 19.34
CA VAL MA 159 -51.33 -22.21 18.59
C VAL MA 159 -52.52 -21.56 17.87
N ASP MA 160 -52.99 -20.42 18.35
CA ASP MA 160 -54.08 -19.75 17.67
C ASP MA 160 -53.56 -18.80 16.59
N TYR MA 161 -52.72 -17.85 16.98
CA TYR MA 161 -52.32 -16.78 16.07
C TYR MA 161 -51.15 -17.19 15.18
N GLY MA 162 -50.01 -17.50 15.78
CA GLY MA 162 -48.88 -17.96 15.00
C GLY MA 162 -48.26 -16.86 14.15
N LYS MA 163 -49.08 -16.26 13.29
CA LYS MA 163 -48.62 -15.13 12.48
C LYS MA 163 -48.43 -13.88 13.32
N LYS MA 164 -49.03 -13.81 14.51
CA LYS MA 164 -48.88 -12.65 15.36
C LYS MA 164 -47.55 -12.70 16.09
N SER MA 165 -47.09 -11.52 16.53
CA SER MA 165 -45.80 -11.37 17.17
C SER MA 165 -45.99 -11.12 18.66
N LYS MA 166 -45.23 -11.83 19.48
CA LYS MA 166 -45.30 -11.71 20.93
C LYS MA 166 -43.99 -11.14 21.45
N LEU MA 167 -44.08 -10.09 22.27
CA LEU MA 167 -42.91 -9.48 22.87
C LEU MA 167 -42.92 -9.72 24.38
N GLY MA 168 -41.75 -9.88 24.96
CA GLY MA 168 -41.67 -10.16 26.38
C GLY MA 168 -40.64 -9.34 27.12
N PHE MA 169 -41.10 -8.48 28.03
CA PHE MA 169 -40.20 -7.68 28.85
C PHE MA 169 -40.03 -8.33 30.22
N THR MA 170 -39.46 -9.53 30.19
CA THR MA 170 -39.33 -10.34 31.39
C THR MA 170 -38.18 -9.84 32.25
N VAL MA 171 -38.47 -9.49 33.50
CA VAL MA 171 -37.42 -9.19 34.45
C VAL MA 171 -36.73 -10.49 34.86
N TYR MA 172 -35.43 -10.43 35.03
CA TYR MA 172 -34.64 -11.64 35.18
C TYR MA 172 -34.06 -11.74 36.58
N PRO MA 173 -33.79 -12.95 37.08
CA PRO MA 173 -33.18 -13.09 38.40
C PRO MA 173 -31.75 -12.57 38.40
N SER MA 174 -31.44 -11.71 39.38
CA SER MA 174 -30.14 -11.10 39.47
C SER MA 174 -29.08 -12.12 39.90
N PRO MA 175 -27.82 -11.91 39.51
CA PRO MA 175 -26.77 -12.81 39.99
C PRO MA 175 -26.55 -12.72 41.49
N GLN MA 176 -26.47 -11.52 42.04
CA GLN MA 176 -26.16 -11.34 43.47
C GLN MA 176 -27.44 -11.19 44.30
N VAL MA 177 -28.22 -10.14 44.03
CA VAL MA 177 -29.43 -9.91 44.80
C VAL MA 177 -30.47 -10.96 44.45
N SER MA 178 -31.13 -11.51 45.45
CA SER MA 178 -32.15 -12.52 45.21
C SER MA 178 -33.14 -12.54 46.37
N THR MA 179 -34.42 -12.67 46.04
CA THR MA 179 -35.49 -12.72 47.03
C THR MA 179 -36.13 -14.09 47.12
N ALA MA 180 -35.56 -15.09 46.46
CA ALA MA 180 -36.10 -16.44 46.50
C ALA MA 180 -34.94 -17.42 46.66
N VAL MA 181 -35.26 -18.70 46.77
CA VAL MA 181 -34.24 -19.73 46.91
C VAL MA 181 -34.34 -20.68 45.72
N VAL MA 182 -35.54 -20.81 45.16
CA VAL MA 182 -35.78 -21.74 44.06
C VAL MA 182 -35.88 -21.04 42.72
N GLU MA 183 -35.50 -19.76 42.64
CA GLU MA 183 -35.58 -19.09 41.36
C GLU MA 183 -34.58 -19.61 40.33
N PRO MA 184 -33.45 -20.24 40.72
CA PRO MA 184 -32.68 -20.96 39.71
C PRO MA 184 -33.46 -22.06 39.01
N TYR MA 185 -34.46 -22.64 39.68
CA TYR MA 185 -35.22 -23.72 39.06
C TYR MA 185 -36.23 -23.16 38.05
N ASN MA 186 -37.19 -22.38 38.54
CA ASN MA 186 -38.30 -21.97 37.69
C ASN MA 186 -37.88 -21.01 36.59
N SER MA 187 -36.71 -20.38 36.72
CA SER MA 187 -36.19 -19.58 35.62
C SER MA 187 -35.86 -20.45 34.42
N VAL MA 188 -35.06 -21.49 34.64
CA VAL MA 188 -34.74 -22.43 33.56
C VAL MA 188 -36.00 -23.03 32.98
N LEU MA 189 -36.89 -23.53 33.84
CA LEU MA 189 -38.14 -24.12 33.38
C LEU MA 189 -38.96 -23.16 32.54
N SER MA 190 -38.74 -21.85 32.69
CA SER MA 190 -39.50 -20.88 31.90
C SER MA 190 -38.89 -20.68 30.53
N THR MA 191 -37.57 -20.59 30.46
CA THR MA 191 -36.89 -20.29 29.18
C THR MA 191 -37.25 -21.31 28.11
N HIS MA 192 -37.05 -22.59 28.40
CA HIS MA 192 -37.31 -23.64 27.42
C HIS MA 192 -38.68 -23.50 26.78
N SER MA 193 -39.67 -23.03 27.53
CA SER MA 193 -41.01 -22.91 27.02
C SER MA 193 -41.26 -21.58 26.30
N LEU MA 194 -40.66 -20.49 26.77
CA LEU MA 194 -40.85 -19.22 26.08
C LEU MA 194 -40.07 -19.19 24.78
N LEU MA 195 -38.89 -19.81 24.76
CA LEU MA 195 -37.98 -19.70 23.62
C LEU MA 195 -38.67 -20.07 22.31
N GLU MA 196 -39.26 -21.26 22.26
CA GLU MA 196 -39.96 -21.66 21.04
C GLU MA 196 -41.25 -20.89 20.81
N HIS MA 197 -41.65 -20.01 21.72
CA HIS MA 197 -42.96 -19.36 21.63
C HIS MA 197 -42.88 -17.85 21.50
N THR MA 198 -41.96 -17.19 22.20
CA THR MA 198 -41.82 -15.75 22.04
C THR MA 198 -41.07 -15.43 20.76
N ASP MA 199 -41.31 -14.24 20.23
CA ASP MA 199 -40.65 -13.78 19.01
C ASP MA 199 -39.48 -12.86 19.28
N VAL MA 200 -39.55 -12.05 20.33
CA VAL MA 200 -38.42 -11.25 20.77
C VAL MA 200 -38.65 -10.91 22.24
N ALA MA 201 -37.58 -10.98 23.03
CA ALA MA 201 -37.72 -10.96 24.49
C ALA MA 201 -36.66 -10.05 25.08
N VAL MA 202 -37.01 -8.79 25.29
CA VAL MA 202 -36.13 -7.87 26.00
C VAL MA 202 -35.89 -8.39 27.41
N MET MA 203 -34.67 -8.23 27.89
CA MET MA 203 -34.26 -8.76 29.17
C MET MA 203 -33.73 -7.64 30.05
N LEU MA 204 -34.08 -7.67 31.33
CA LEU MA 204 -33.60 -6.67 32.27
C LEU MA 204 -33.55 -7.27 33.66
N ASP MA 205 -32.84 -6.60 34.55
CA ASP MA 205 -32.46 -7.16 35.84
C ASP MA 205 -32.79 -6.16 36.95
N ASN MA 206 -33.18 -6.70 38.11
CA ASN MA 206 -33.57 -5.83 39.22
C ASN MA 206 -32.37 -5.12 39.83
N GLU MA 207 -31.22 -5.78 39.85
CA GLU MA 207 -30.06 -5.22 40.53
C GLU MA 207 -29.39 -4.12 39.69
N ALA MA 208 -29.27 -4.34 38.39
CA ALA MA 208 -28.65 -3.34 37.54
C ALA MA 208 -29.40 -2.02 37.58
N ILE MA 209 -30.72 -2.08 37.76
CA ILE MA 209 -31.50 -0.85 37.85
C ILE MA 209 -31.31 -0.17 39.19
N TYR MA 210 -30.92 -0.90 40.24
CA TYR MA 210 -30.68 -0.26 41.53
C TYR MA 210 -29.54 0.75 41.43
N ASP MA 211 -28.43 0.35 40.80
CA ASP MA 211 -27.28 1.26 40.73
C ASP MA 211 -27.57 2.46 39.85
N ILE MA 212 -28.35 2.28 38.79
CA ILE MA 212 -28.77 3.41 37.98
C ILE MA 212 -29.53 4.42 38.84
N CYS MA 213 -30.35 3.91 39.77
CA CYS MA 213 -31.07 4.80 40.68
C CYS MA 213 -30.14 5.50 41.66
N ARG MA 214 -28.95 4.95 41.89
CA ARG MA 214 -28.03 5.51 42.88
C ARG MA 214 -26.98 6.43 42.25
N ARG MA 215 -26.36 6.01 41.16
CA ARG MA 215 -25.41 6.88 40.46
C ARG MA 215 -26.10 8.14 39.98
N SER MA 216 -27.07 7.98 39.09
CA SER MA 216 -27.65 9.11 38.38
C SER MA 216 -28.77 9.76 39.18
N LEU MA 217 -29.81 9.00 39.51
CA LEU MA 217 -30.99 9.59 40.13
C LEU MA 217 -30.75 10.05 41.55
N ASP MA 218 -29.67 9.61 42.17
CA ASP MA 218 -29.33 9.97 43.55
C ASP MA 218 -30.50 9.63 44.49
N ILE MA 219 -30.95 8.39 44.40
CA ILE MA 219 -32.08 7.89 45.18
C ILE MA 219 -31.53 6.78 46.06
N GLU MA 220 -31.13 7.12 47.28
CA GLU MA 220 -30.55 6.14 48.20
C GLU MA 220 -31.61 5.26 48.87
N ARG MA 221 -32.89 5.52 48.63
CA ARG MA 221 -33.97 4.69 49.14
C ARG MA 221 -34.76 4.08 47.99
N PRO MA 222 -34.13 3.25 47.16
CA PRO MA 222 -34.84 2.69 46.01
C PRO MA 222 -35.79 1.58 46.44
N THR MA 223 -36.85 1.44 45.67
CA THR MA 223 -37.91 0.50 46.00
C THR MA 223 -38.60 0.13 44.70
N TYR MA 224 -39.24 -1.05 44.69
CA TYR MA 224 -39.86 -1.56 43.47
C TYR MA 224 -40.72 -0.52 42.77
N THR MA 225 -41.23 0.47 43.52
CA THR MA 225 -41.97 1.55 42.87
C THR MA 225 -41.06 2.47 42.06
N ASN MA 226 -39.75 2.45 42.30
CA ASN MA 226 -38.85 3.32 41.57
C ASN MA 226 -38.41 2.70 40.25
N LEU MA 227 -37.98 1.44 40.30
CA LEU MA 227 -37.58 0.74 39.08
C LEU MA 227 -38.71 0.73 38.06
N ASN MA 228 -39.92 0.40 38.51
CA ASN MA 228 -41.04 0.28 37.60
C ASN MA 228 -41.35 1.59 36.90
N ARG MA 229 -40.95 2.72 37.47
CA ARG MA 229 -41.07 3.99 36.76
C ARG MA 229 -40.15 4.04 35.56
N LEU MA 230 -39.01 3.37 35.62
CA LEU MA 230 -38.08 3.38 34.49
C LEU MA 230 -38.61 2.55 33.34
N ILE MA 231 -39.13 1.36 33.63
CA ILE MA 231 -39.68 0.51 32.58
C ILE MA 231 -40.77 1.24 31.82
N ALA MA 232 -41.55 2.07 32.51
CA ALA MA 232 -42.54 2.89 31.82
C ALA MA 232 -41.87 3.82 30.82
N GLN MA 233 -40.70 4.35 31.17
CA GLN MA 233 -40.02 5.27 30.27
C GLN MA 233 -39.42 4.55 29.07
N VAL MA 234 -39.11 3.26 29.21
CA VAL MA 234 -38.61 2.51 28.08
C VAL MA 234 -39.71 2.28 27.06
N ILE MA 235 -40.82 1.70 27.50
CA ILE MA 235 -41.89 1.31 26.57
C ILE MA 235 -42.48 2.53 25.89
N SER MA 236 -42.63 3.63 26.61
CA SER MA 236 -43.14 4.85 25.99
C SER MA 236 -42.21 5.29 24.86
N SER MA 237 -40.91 5.11 25.05
CA SER MA 237 -39.96 5.42 23.99
C SER MA 237 -40.05 4.43 22.84
N LEU MA 238 -40.34 3.17 23.14
CA LEU MA 238 -40.43 2.15 22.10
C LEU MA 238 -41.66 2.35 21.23
N THR MA 239 -42.84 2.34 21.85
CA THR MA 239 -44.10 2.39 21.12
C THR MA 239 -44.44 3.79 20.61
N ALA MA 240 -43.55 4.76 20.75
CA ALA MA 240 -43.83 6.11 20.28
C ALA MA 240 -44.16 6.11 18.79
N SER MA 241 -43.32 5.48 17.99
CA SER MA 241 -43.54 5.43 16.54
C SER MA 241 -44.87 4.77 16.19
N LEU MA 242 -45.39 3.91 17.06
CA LEU MA 242 -46.71 3.33 16.82
C LEU MA 242 -47.81 4.37 16.90
N ARG MA 243 -47.64 5.37 17.76
CA ARG MA 243 -48.72 6.30 18.09
C ARG MA 243 -48.31 7.76 18.02
N PHE MA 244 -47.14 8.07 17.46
CA PHE MA 244 -46.70 9.45 17.34
C PHE MA 244 -45.96 9.62 16.02
N ASP MA 245 -46.12 10.79 15.40
CA ASP MA 245 -45.43 11.03 14.15
C ASP MA 245 -43.97 11.38 14.42
N GLY MA 246 -43.20 11.41 13.35
CA GLY MA 246 -41.78 11.69 13.44
C GLY MA 246 -41.04 11.00 12.31
N ALA MA 247 -39.91 11.57 11.93
CA ALA MA 247 -39.09 10.97 10.89
C ALA MA 247 -38.61 9.59 11.32
N LEU MA 248 -38.43 8.71 10.35
CA LEU MA 248 -37.92 7.35 10.57
C LEU MA 248 -38.84 6.57 11.51
N ASN MA 249 -40.06 6.32 11.04
CA ASN MA 249 -41.01 5.51 11.77
C ASN MA 249 -40.48 4.09 11.94
N VAL MA 250 -40.99 3.40 12.96
CA VAL MA 250 -40.61 2.03 13.26
C VAL MA 250 -41.83 1.28 13.80
N ASP MA 251 -42.20 0.19 13.14
CA ASP MA 251 -43.21 -0.72 13.66
C ASP MA 251 -42.53 -1.99 14.15
N ILE MA 252 -43.34 -2.92 14.63
CA ILE MA 252 -42.78 -4.15 15.21
C ILE MA 252 -42.16 -5.02 14.13
N THR MA 253 -42.78 -5.09 12.96
CA THR MA 253 -42.20 -5.85 11.86
C THR MA 253 -40.84 -5.31 11.48
N GLU MA 254 -40.76 -4.01 11.18
CA GLU MA 254 -39.48 -3.37 10.89
C GLU MA 254 -38.49 -3.51 12.04
N PHE MA 255 -38.99 -3.75 13.25
CA PHE MA 255 -38.13 -3.79 14.42
C PHE MA 255 -37.41 -5.14 14.52
N GLN MA 256 -38.16 -6.22 14.60
CA GLN MA 256 -37.56 -7.54 14.76
C GLN MA 256 -36.80 -7.97 13.51
N THR MA 257 -37.23 -7.50 12.34
CA THR MA 257 -36.63 -7.98 11.09
C THR MA 257 -35.15 -7.66 11.02
N ASN MA 258 -34.78 -6.42 11.38
CA ASN MA 258 -33.38 -6.01 11.32
C ASN MA 258 -32.73 -6.01 12.69
N LEU MA 259 -33.13 -6.92 13.57
CA LEU MA 259 -32.49 -7.04 14.88
C LEU MA 259 -32.22 -8.47 15.31
N VAL MA 260 -32.93 -9.46 14.79
CA VAL MA 260 -32.78 -10.85 15.21
C VAL MA 260 -32.23 -11.66 14.03
N PRO MA 261 -30.94 -11.98 14.02
CA PRO MA 261 -30.35 -12.64 12.85
C PRO MA 261 -30.69 -14.12 12.75
N TYR MA 262 -30.77 -14.80 13.88
CA TYR MA 262 -31.04 -16.23 13.88
C TYR MA 262 -32.29 -16.54 14.69
N PRO MA 263 -32.98 -17.65 14.39
CA PRO MA 263 -34.32 -17.86 14.98
C PRO MA 263 -34.37 -17.78 16.49
N ARG MA 264 -33.32 -18.21 17.19
CA ARG MA 264 -33.39 -18.33 18.64
C ARG MA 264 -32.54 -17.33 19.39
N ILE MA 265 -31.71 -16.55 18.71
CA ILE MA 265 -30.92 -15.51 19.38
C ILE MA 265 -31.73 -14.22 19.39
N HIS MA 266 -32.56 -14.06 20.43
CA HIS MA 266 -33.39 -12.86 20.54
C HIS MA 266 -33.46 -12.35 21.98
N PHE MA 267 -32.47 -12.66 22.81
CA PHE MA 267 -32.40 -12.13 24.18
C PHE MA 267 -31.51 -10.90 24.14
N MET MA 268 -32.13 -9.73 24.16
CA MET MA 268 -31.43 -8.48 23.94
C MET MA 268 -31.45 -7.62 25.18
N LEU MA 269 -30.41 -6.78 25.31
CA LEU MA 269 -30.26 -5.89 26.45
C LEU MA 269 -31.18 -4.69 26.27
N SER MA 270 -30.99 -3.69 27.12
CA SER MA 270 -31.75 -2.45 27.02
C SER MA 270 -31.02 -1.38 27.81
N SER MA 271 -31.32 -0.12 27.47
CA SER MA 271 -30.67 1.01 28.12
C SER MA 271 -31.43 2.28 27.77
N TYR MA 272 -31.36 3.25 28.66
CA TYR MA 272 -32.06 4.51 28.49
C TYR MA 272 -31.16 5.65 28.93
N ALA MA 273 -31.32 6.80 28.28
CA ALA MA 273 -30.54 7.99 28.61
C ALA MA 273 -31.22 9.20 27.98
N PRO MA 274 -31.18 10.36 28.63
CA PRO MA 274 -30.51 10.62 29.90
C PRO MA 274 -31.37 10.27 31.10
N ILE MA 275 -30.72 9.95 32.22
CA ILE MA 275 -31.40 9.65 33.48
C ILE MA 275 -30.82 10.58 34.52
N ILE MA 276 -31.60 11.56 34.96
CA ILE MA 276 -31.10 12.68 35.75
C ILE MA 276 -32.21 13.18 36.67
N SER MA 277 -31.83 14.01 37.63
CA SER MA 277 -32.80 14.57 38.57
C SER MA 277 -33.34 15.89 38.01
N ALA MA 278 -34.03 16.67 38.85
CA ALA MA 278 -34.62 17.92 38.38
C ALA MA 278 -33.58 19.02 38.24
N GLU MA 279 -32.68 19.14 39.22
CA GLU MA 279 -31.74 20.26 39.22
C GLU MA 279 -30.62 20.06 38.20
N LYS MA 280 -30.02 18.87 38.19
CA LYS MA 280 -29.01 18.57 37.18
C LYS MA 280 -29.58 18.58 35.78
N ALA MA 281 -30.90 18.51 35.64
CA ALA MA 281 -31.48 18.51 34.30
C ALA MA 281 -31.26 19.84 33.60
N TYR MA 282 -31.26 20.94 34.35
CA TYR MA 282 -31.26 22.26 33.74
C TYR MA 282 -29.89 22.91 33.80
N HIS MA 283 -28.86 22.17 34.20
CA HIS MA 283 -27.48 22.63 34.05
C HIS MA 283 -26.78 21.94 32.89
N GLU MA 284 -27.53 21.46 31.90
CA GLU MA 284 -26.95 20.64 30.85
C GLU MA 284 -27.57 20.99 29.51
N GLN MA 285 -26.90 20.56 28.45
CA GLN MA 285 -27.40 20.67 27.09
C GLN MA 285 -27.95 19.37 26.56
N LEU MA 286 -27.42 18.24 27.03
CA LEU MA 286 -27.88 16.91 26.61
C LEU MA 286 -27.81 16.76 25.09
N SER MA 287 -26.63 17.08 24.55
CA SER MA 287 -26.44 17.02 23.10
C SER MA 287 -26.74 15.62 22.59
N VAL MA 288 -27.22 15.54 21.35
CA VAL MA 288 -27.48 14.25 20.71
C VAL MA 288 -26.24 13.38 20.73
N ALA MA 289 -25.05 14.00 20.77
CA ALA MA 289 -23.82 13.25 20.84
C ALA MA 289 -23.50 12.80 22.26
N GLU MA 290 -23.86 13.61 23.26
CA GLU MA 290 -23.59 13.22 24.63
C GLU MA 290 -24.53 12.10 25.07
N ILE MA 291 -25.82 12.22 24.74
CA ILE MA 291 -26.79 11.21 25.16
C ILE MA 291 -26.42 9.86 24.58
N THR MA 292 -26.05 9.82 23.31
CA THR MA 292 -25.84 8.54 22.64
C THR MA 292 -24.58 7.84 23.11
N ASN MA 293 -23.71 8.52 23.85
CA ASN MA 293 -22.57 7.83 24.46
C ASN MA 293 -22.99 7.18 25.77
N ALA MA 294 -23.83 7.85 26.54
CA ALA MA 294 -24.31 7.27 27.80
C ALA MA 294 -25.13 6.01 27.56
N ALA MA 295 -25.81 5.92 26.41
CA ALA MA 295 -26.55 4.71 26.10
C ALA MA 295 -25.62 3.51 25.96
N PHE MA 296 -24.59 3.65 25.13
CA PHE MA 296 -23.62 2.59 24.91
C PHE MA 296 -22.63 2.45 26.05
N GLU MA 297 -22.87 3.11 27.17
CA GLU MA 297 -22.01 2.97 28.32
C GLU MA 297 -22.42 1.75 29.13
N PRO MA 298 -21.49 0.86 29.47
CA PRO MA 298 -21.87 -0.36 30.22
C PRO MA 298 -22.58 -0.09 31.53
N ALA MA 299 -22.29 1.04 32.18
CA ALA MA 299 -22.92 1.34 33.46
C ALA MA 299 -24.41 1.59 33.29
N SER MA 300 -24.84 2.12 32.15
CA SER MA 300 -26.23 2.46 31.92
C SER MA 300 -27.04 1.32 31.34
N MET MA 301 -26.58 0.08 31.48
CA MET MA 301 -27.39 -1.05 31.09
C MET MA 301 -28.34 -1.44 32.22
N MET MA 302 -29.47 -2.02 31.85
CA MET MA 302 -30.43 -2.52 32.82
C MET MA 302 -30.25 -4.00 33.10
N VAL MA 303 -29.14 -4.58 32.66
CA VAL MA 303 -28.81 -5.98 32.93
C VAL MA 303 -27.43 -6.02 33.57
N LYS MA 304 -27.18 -7.07 34.34
CA LYS MA 304 -25.85 -7.26 34.93
C LYS MA 304 -24.94 -8.04 34.00
N CYS MA 305 -24.79 -7.55 32.78
CA CYS MA 305 -23.91 -8.14 31.79
C CYS MA 305 -23.00 -7.05 31.24
N ASP MA 306 -21.70 -7.35 31.19
CA ASP MA 306 -20.73 -6.40 30.67
C ASP MA 306 -20.65 -6.57 29.17
N PRO MA 307 -21.06 -5.57 28.37
CA PRO MA 307 -21.06 -5.75 26.91
C PRO MA 307 -19.69 -5.75 26.29
N ARG MA 308 -18.65 -5.37 27.03
CA ARG MA 308 -17.30 -5.34 26.51
C ARG MA 308 -16.58 -6.67 26.61
N HIS MA 309 -17.31 -7.75 26.87
CA HIS MA 309 -16.77 -9.09 26.81
C HIS MA 309 -17.29 -9.86 25.60
N GLY MA 310 -18.06 -9.21 24.75
CA GLY MA 310 -18.55 -9.83 23.54
C GLY MA 310 -18.57 -8.83 22.40
N LYS MA 311 -19.51 -8.99 21.48
CA LYS MA 311 -19.64 -8.11 20.34
C LYS MA 311 -21.10 -7.77 20.16
N TYR MA 312 -21.39 -6.83 19.26
CA TYR MA 312 -22.74 -6.37 19.01
C TYR MA 312 -23.20 -6.94 17.68
N MET MA 313 -24.18 -7.85 17.74
CA MET MA 313 -24.74 -8.38 16.49
C MET MA 313 -25.59 -7.32 15.80
N ALA MA 314 -26.29 -6.49 16.57
CA ALA MA 314 -27.10 -5.41 16.02
C ALA MA 314 -27.52 -4.51 17.18
N CYS MA 315 -27.93 -3.29 16.84
CA CYS MA 315 -28.41 -2.34 17.82
C CYS MA 315 -29.66 -1.67 17.26
N CYS MA 316 -30.32 -0.90 18.11
CA CYS MA 316 -31.51 -0.16 17.69
C CYS MA 316 -31.64 1.05 18.60
N LEU MA 317 -31.68 2.24 18.01
CA LEU MA 317 -31.62 3.49 18.75
C LEU MA 317 -32.91 4.26 18.54
N MET MA 318 -33.78 4.26 19.54
CA MET MA 318 -35.02 5.03 19.48
C MET MA 318 -34.76 6.37 20.15
N TYR MA 319 -34.50 7.39 19.34
CA TYR MA 319 -34.37 8.73 19.87
C TYR MA 319 -35.75 9.32 20.13
N ARG MA 320 -35.77 10.45 20.83
CA ARG MA 320 -37.03 11.06 21.21
C ARG MA 320 -36.83 12.50 21.64
N GLY MA 321 -37.58 13.42 21.04
CA GLY MA 321 -37.43 14.82 21.35
C GLY MA 321 -36.95 15.62 20.16
N ASP MA 322 -36.40 16.81 20.40
CA ASP MA 322 -35.93 17.66 19.32
C ASP MA 322 -34.58 17.13 18.86
N VAL MA 323 -34.61 16.28 17.83
CA VAL MA 323 -33.43 15.67 17.26
C VAL MA 323 -33.54 15.72 15.74
N VAL MA 324 -32.45 16.10 15.08
CA VAL MA 324 -32.36 16.16 13.63
C VAL MA 324 -31.61 14.92 13.17
N PRO MA 325 -32.01 14.26 12.06
CA PRO MA 325 -31.33 13.02 11.68
C PRO MA 325 -29.88 13.21 11.29
N LYS MA 326 -29.45 14.43 10.96
CA LYS MA 326 -28.06 14.63 10.58
C LYS MA 326 -27.11 14.35 11.74
N ASP MA 327 -27.56 14.55 12.98
CA ASP MA 327 -26.67 14.39 14.12
C ASP MA 327 -26.63 12.95 14.60
N VAL MA 328 -27.75 12.24 14.49
CA VAL MA 328 -27.75 10.79 14.71
C VAL MA 328 -26.68 10.14 13.82
N ASN MA 329 -26.75 10.43 12.52
CA ASN MA 329 -25.74 9.93 11.60
C ASN MA 329 -24.34 10.41 11.94
N ALA MA 330 -24.22 11.53 12.66
CA ALA MA 330 -22.93 12.06 13.02
C ALA MA 330 -22.42 11.52 14.34
N SER MA 331 -23.30 11.02 15.19
CA SER MA 331 -22.92 10.45 16.48
C SER MA 331 -22.75 8.95 16.40
N VAL MA 332 -23.66 8.26 15.69
CA VAL MA 332 -23.49 6.84 15.43
C VAL MA 332 -22.17 6.58 14.72
N ALA MA 333 -21.78 7.49 13.84
CA ALA MA 333 -20.48 7.35 13.19
C ALA MA 333 -19.33 7.43 14.18
N THR MA 334 -19.51 8.23 15.23
CA THR MA 334 -18.44 8.37 16.22
C THR MA 334 -18.24 7.08 17.00
N ILE MA 335 -19.32 6.39 17.34
CA ILE MA 335 -19.21 5.13 18.07
C ILE MA 335 -18.49 4.08 17.23
N LYS MA 336 -18.78 4.06 15.93
CA LYS MA 336 -18.07 3.16 15.03
C LYS MA 336 -16.56 3.44 15.00
N THR MA 337 -16.12 4.61 15.45
CA THR MA 337 -14.70 4.90 15.49
C THR MA 337 -14.03 4.34 16.75
N LYS MA 338 -14.80 4.14 17.83
CA LYS MA 338 -14.20 3.60 19.04
C LYS MA 338 -13.72 2.17 18.81
N ARG MA 339 -12.91 1.69 19.74
CA ARG MA 339 -12.40 0.33 19.68
C ARG MA 339 -12.99 -0.59 20.74
N THR MA 340 -13.41 -0.04 21.87
CA THR MA 340 -14.03 -0.85 22.91
C THR MA 340 -15.35 -1.46 22.48
N ILE MA 341 -16.02 -0.85 21.51
CA ILE MA 341 -17.33 -1.30 21.06
C ILE MA 341 -17.11 -2.17 19.83
N GLN MA 342 -17.21 -3.49 20.00
CA GLN MA 342 -16.90 -4.44 18.95
C GLN MA 342 -18.18 -4.90 18.26
N PHE MA 343 -18.10 -5.07 16.95
CA PHE MA 343 -19.18 -5.60 16.16
C PHE MA 343 -18.69 -6.82 15.41
N VAL MA 344 -19.51 -7.87 15.40
CA VAL MA 344 -19.16 -9.06 14.66
C VAL MA 344 -18.93 -8.72 13.19
N ASP MA 345 -18.01 -9.44 12.55
CA ASP MA 345 -17.61 -9.10 11.19
C ASP MA 345 -18.75 -9.25 10.20
N TRP MA 346 -19.67 -10.16 10.45
CA TRP MA 346 -20.72 -10.42 9.48
C TRP MA 346 -21.84 -9.40 9.50
N CYS MA 347 -21.62 -8.24 10.11
CA CYS MA 347 -22.55 -7.11 9.99
C CYS MA 347 -21.74 -5.82 9.84
N PRO MA 348 -21.45 -5.41 8.60
CA PRO MA 348 -20.87 -4.08 8.39
C PRO MA 348 -21.84 -2.97 8.74
N THR MA 349 -23.13 -3.25 8.65
CA THR MA 349 -24.20 -2.41 9.17
C THR MA 349 -24.29 -2.65 10.67
N GLY MA 350 -25.42 -2.32 11.30
CA GLY MA 350 -25.51 -2.56 12.72
C GLY MA 350 -26.28 -1.54 13.52
N PHE MA 351 -26.98 -0.63 12.86
CA PHE MA 351 -27.84 0.31 13.58
C PHE MA 351 -29.16 0.49 12.85
N LYS MA 352 -30.24 0.49 13.60
CA LYS MA 352 -31.57 0.86 13.12
C LYS MA 352 -32.04 2.01 14.00
N CYS MA 353 -31.90 3.24 13.51
CA CYS MA 353 -32.22 4.42 14.29
C CYS MA 353 -33.64 4.88 14.01
N GLY MA 354 -34.20 5.60 14.98
CA GLY MA 354 -35.56 6.11 14.86
C GLY MA 354 -35.70 7.41 15.62
N ILE MA 355 -36.53 8.30 15.09
CA ILE MA 355 -36.75 9.61 15.68
C ILE MA 355 -38.23 9.78 15.95
N ASN MA 356 -38.55 10.50 17.03
CA ASN MA 356 -39.92 10.91 17.31
C ASN MA 356 -39.91 12.32 17.85
N TYR MA 357 -40.73 13.19 17.27
CA TYR MA 357 -40.78 14.57 17.71
C TYR MA 357 -41.51 14.75 19.03
N GLN MA 358 -42.19 13.72 19.51
CA GLN MA 358 -42.93 13.83 20.76
C GLN MA 358 -41.98 13.61 21.93
N PRO MA 359 -41.68 14.65 22.70
CA PRO MA 359 -40.68 14.54 23.76
C PRO MA 359 -41.15 13.59 24.85
N PRO MA 360 -40.25 13.08 25.68
CA PRO MA 360 -40.67 12.22 26.79
C PRO MA 360 -41.49 13.01 27.79
N THR MA 361 -42.27 12.28 28.57
CA THR MA 361 -43.14 12.87 29.58
C THR MA 361 -42.57 12.62 30.97
N VAL MA 362 -43.11 13.36 31.95
CA VAL MA 362 -42.67 13.30 33.32
C VAL MA 362 -43.88 13.04 34.20
N VAL MA 363 -43.71 12.19 35.21
CA VAL MA 363 -44.80 11.83 36.11
C VAL MA 363 -44.76 12.72 37.34
N PRO MA 364 -45.89 13.22 37.82
CA PRO MA 364 -45.88 14.03 39.04
C PRO MA 364 -45.46 13.21 40.23
N GLY MA 365 -44.69 13.83 41.13
CA GLY MA 365 -44.12 13.14 42.26
C GLY MA 365 -43.05 12.13 41.91
N GLY MA 366 -42.73 11.97 40.63
CA GLY MA 366 -41.74 10.99 40.20
C GLY MA 366 -40.32 11.41 40.50
N ASP MA 367 -39.37 10.85 39.75
CA ASP MA 367 -37.96 11.08 40.00
C ASP MA 367 -37.17 11.52 38.78
N LEU MA 368 -37.67 11.30 37.57
CA LEU MA 368 -37.04 11.82 36.37
C LEU MA 368 -37.34 13.30 36.26
N ALA MA 369 -36.95 13.92 35.16
CA ALA MA 369 -37.20 15.33 34.93
C ALA MA 369 -37.67 15.55 33.51
N LYS MA 370 -38.19 16.74 33.25
CA LYS MA 370 -38.57 17.12 31.90
C LYS MA 370 -37.32 17.43 31.10
N VAL MA 371 -37.15 16.75 29.97
CA VAL MA 371 -36.00 16.95 29.09
C VAL MA 371 -36.49 16.99 27.66
N GLN MA 372 -35.66 17.58 26.79
CA GLN MA 372 -36.02 17.71 25.39
C GLN MA 372 -35.40 16.63 24.52
N ARG MA 373 -34.60 15.73 25.08
CA ARG MA 373 -34.00 14.66 24.33
C ARG MA 373 -33.94 13.40 25.19
N ALA MA 374 -34.00 12.25 24.54
CA ALA MA 374 -33.95 10.98 25.23
C ALA MA 374 -33.60 9.89 24.24
N VAL MA 375 -32.90 8.87 24.71
CA VAL MA 375 -32.45 7.78 23.86
C VAL MA 375 -32.70 6.47 24.60
N CYS MA 376 -33.46 5.58 23.97
CA CYS MA 376 -33.61 4.21 24.43
C CYS MA 376 -32.85 3.30 23.49
N MET MA 377 -31.90 2.55 24.04
CA MET MA 377 -31.05 1.67 23.27
C MET MA 377 -31.43 0.23 23.56
N ILE MA 378 -31.52 -0.59 22.52
CA ILE MA 378 -31.86 -2.00 22.64
C ILE MA 378 -30.92 -2.76 21.71
N SER MA 379 -30.02 -3.54 22.27
CA SER MA 379 -28.95 -4.17 21.52
C SER MA 379 -28.96 -5.68 21.69
N ASN MA 380 -28.70 -6.38 20.60
CA ASN MA 380 -28.56 -7.84 20.60
C ASN MA 380 -27.07 -8.14 20.59
N SER MA 381 -26.50 -8.38 21.76
CA SER MA 381 -25.07 -8.56 21.94
C SER MA 381 -24.76 -10.01 22.29
N THR MA 382 -23.63 -10.51 21.78
CA THR MA 382 -23.19 -11.86 22.13
C THR MA 382 -22.75 -11.97 23.57
N ALA MA 383 -22.52 -10.84 24.24
CA ALA MA 383 -22.10 -10.88 25.65
C ALA MA 383 -23.20 -11.39 26.56
N ILE MA 384 -24.46 -11.30 26.15
CA ILE MA 384 -25.56 -11.70 27.01
C ILE MA 384 -25.49 -13.17 27.40
N GLY MA 385 -24.65 -13.95 26.73
CA GLY MA 385 -24.47 -15.34 27.11
C GLY MA 385 -23.82 -15.54 28.46
N GLU MA 386 -23.23 -14.49 29.04
CA GLU MA 386 -22.65 -14.63 30.37
C GLU MA 386 -23.72 -14.94 31.41
N ILE MA 387 -24.76 -14.10 31.47
CA ILE MA 387 -25.78 -14.26 32.50
C ILE MA 387 -26.56 -15.55 32.31
N PHE MA 388 -26.57 -16.12 31.11
CA PHE MA 388 -27.17 -17.43 30.94
C PHE MA 388 -26.26 -18.55 31.42
N SER MA 389 -24.99 -18.25 31.70
CA SER MA 389 -24.06 -19.26 32.15
C SER MA 389 -24.00 -19.39 33.66
N ARG MA 390 -24.39 -18.34 34.39
CA ARG MA 390 -24.50 -18.46 35.83
C ARG MA 390 -25.67 -19.37 36.21
N LEU MA 391 -26.82 -19.16 35.58
CA LEU MA 391 -27.96 -20.01 35.88
C LEU MA 391 -27.74 -21.44 35.44
N ASP MA 392 -26.91 -21.66 34.41
CA ASP MA 392 -26.53 -23.04 34.10
C ASP MA 392 -25.78 -23.66 35.26
N HIS MA 393 -25.17 -22.84 36.10
CA HIS MA 393 -24.35 -23.34 37.19
C HIS MA 393 -25.19 -23.62 38.44
N LYS MA 394 -25.94 -22.62 38.91
CA LYS MA 394 -26.71 -22.80 40.13
C LYS MA 394 -27.73 -23.93 40.01
N PHE MA 395 -28.42 -24.01 38.87
CA PHE MA 395 -29.28 -25.15 38.63
C PHE MA 395 -28.50 -26.45 38.76
N ASP MA 396 -27.31 -26.50 38.15
CA ASP MA 396 -26.46 -27.66 38.26
C ASP MA 396 -25.92 -27.86 39.67
N LEU MA 397 -26.03 -26.84 40.53
CA LEU MA 397 -25.48 -26.92 41.87
C LEU MA 397 -26.46 -27.51 42.88
N MET MA 398 -27.76 -27.34 42.64
CA MET MA 398 -28.78 -27.90 43.52
C MET MA 398 -29.44 -29.15 42.96
N TYR MA 399 -29.58 -29.25 41.63
CA TYR MA 399 -30.10 -30.46 41.04
C TYR MA 399 -29.20 -31.67 41.24
N ALA MA 400 -27.97 -31.45 41.72
CA ALA MA 400 -27.10 -32.57 42.05
C ALA MA 400 -27.67 -33.38 43.21
N LYS MA 401 -28.13 -32.69 44.25
CA LYS MA 401 -28.75 -33.34 45.40
C LYS MA 401 -30.25 -33.53 45.24
N ARG MA 402 -30.83 -33.02 44.16
CA ARG MA 402 -32.28 -33.03 43.96
C ARG MA 402 -33.00 -32.32 45.11
N ALA MA 403 -32.53 -31.11 45.42
CA ALA MA 403 -33.19 -30.30 46.41
C ALA MA 403 -34.45 -29.67 45.83
N PHE MA 404 -35.48 -29.55 46.65
CA PHE MA 404 -36.77 -28.95 46.30
C PHE MA 404 -37.47 -29.67 45.16
N VAL MA 405 -36.98 -30.84 44.75
CA VAL MA 405 -37.59 -31.50 43.60
C VAL MA 405 -38.88 -32.20 44.01
N HIS MA 406 -39.00 -32.60 45.28
CA HIS MA 406 -40.21 -33.29 45.71
C HIS MA 406 -41.44 -32.41 45.54
N TRP MA 407 -41.26 -31.10 45.56
CA TRP MA 407 -42.39 -30.21 45.28
C TRP MA 407 -42.84 -30.33 43.83
N TYR MA 408 -41.90 -30.15 42.90
CA TYR MA 408 -42.26 -30.13 41.49
C TYR MA 408 -42.81 -31.47 41.03
N VAL MA 409 -42.21 -32.57 41.48
CA VAL MA 409 -42.74 -33.88 41.11
C VAL MA 409 -44.02 -34.17 41.88
N GLY MA 410 -44.29 -33.43 42.95
CA GLY MA 410 -45.54 -33.60 43.66
C GLY MA 410 -46.70 -32.90 42.98
N GLU MA 411 -46.43 -32.00 42.04
CA GLU MA 411 -47.46 -31.24 41.34
C GLU MA 411 -47.55 -31.63 39.87
N GLY MA 412 -47.46 -32.92 39.57
CA GLY MA 412 -47.69 -33.38 38.22
C GLY MA 412 -46.58 -33.10 37.23
N MET MA 413 -45.33 -33.27 37.65
CA MET MA 413 -44.18 -33.22 36.74
C MET MA 413 -43.40 -34.51 36.88
N GLU MA 414 -42.27 -34.57 36.17
CA GLU MA 414 -41.31 -35.64 36.34
C GLU MA 414 -39.92 -35.05 36.07
N GLU MA 415 -38.89 -35.74 36.58
CA GLU MA 415 -37.53 -35.23 36.48
C GLU MA 415 -37.09 -35.02 35.04
N GLY MA 416 -37.78 -35.63 34.07
CA GLY MA 416 -37.46 -35.39 32.68
C GLY MA 416 -37.48 -33.92 32.32
N GLU MA 417 -38.53 -33.21 32.77
CA GLU MA 417 -38.66 -31.80 32.43
C GLU MA 417 -37.56 -30.94 33.06
N PHE MA 418 -36.76 -31.49 33.98
CA PHE MA 418 -35.61 -30.75 34.47
C PHE MA 418 -34.45 -30.84 33.50
N SER MA 419 -34.13 -32.05 33.05
CA SER MA 419 -33.08 -32.22 32.06
C SER MA 419 -33.52 -31.77 30.68
N GLU MA 420 -34.80 -31.96 30.34
CA GLU MA 420 -35.32 -31.43 29.09
C GLU MA 420 -35.03 -29.95 28.97
N ALA MA 421 -35.21 -29.20 30.06
CA ALA MA 421 -34.92 -27.78 30.05
C ALA MA 421 -33.44 -27.51 30.21
N ARG MA 422 -32.70 -28.41 30.85
CA ARG MA 422 -31.29 -28.16 31.10
C ARG MA 422 -30.48 -28.26 29.82
N GLU MA 423 -30.73 -29.29 29.01
CA GLU MA 423 -30.03 -29.41 27.74
C GLU MA 423 -30.32 -28.24 26.82
N ASP MA 424 -31.46 -27.57 27.01
CA ASP MA 424 -31.83 -26.47 26.14
C ASP MA 424 -30.95 -25.26 26.36
N LEU MA 425 -30.47 -25.05 27.58
CA LEU MA 425 -29.62 -23.90 27.85
C LEU MA 425 -28.20 -24.12 27.34
N ALA MA 426 -27.60 -25.26 27.66
CA ALA MA 426 -26.30 -25.60 27.11
C ALA MA 426 -26.33 -25.52 25.58
N ALA MA 427 -27.44 -25.90 24.98
CA ALA MA 427 -27.63 -25.67 23.56
C ALA MA 427 -27.67 -24.18 23.25
N LEU MA 428 -28.38 -23.41 24.08
CA LEU MA 428 -28.48 -21.97 23.83
C LEU MA 428 -27.14 -21.28 24.03
N GLU MA 429 -26.35 -21.72 25.00
CA GLU MA 429 -25.08 -21.05 25.27
C GLU MA 429 -24.15 -21.14 24.07
N LYS MA 430 -23.92 -22.36 23.57
CA LYS MA 430 -23.05 -22.52 22.40
C LYS MA 430 -23.53 -21.71 21.21
N ASP MA 431 -24.85 -21.60 21.04
CA ASP MA 431 -25.39 -20.79 19.94
C ASP MA 431 -24.85 -19.37 19.99
N PHE MA 432 -24.50 -18.89 21.18
CA PHE MA 432 -23.84 -17.60 21.30
C PHE MA 432 -22.36 -17.67 20.97
N GLU MA 433 -21.83 -18.86 20.67
CA GLU MA 433 -20.43 -19.00 20.30
C GLU MA 433 -20.23 -19.50 18.89
N GLU MA 434 -21.24 -20.10 18.26
CA GLU MA 434 -21.17 -20.33 16.82
C GLU MA 434 -21.22 -19.02 16.05
N VAL MA 435 -21.54 -17.92 16.72
CA VAL MA 435 -21.60 -16.61 16.10
C VAL MA 435 -20.30 -15.88 16.37
N GLY MA 436 -19.29 -16.61 16.81
CA GLY MA 436 -17.97 -16.02 17.06
C GLY MA 436 -16.87 -16.60 16.19
N ASN NA 2 -2.08 -0.44 -107.17
CA ASN NA 2 -0.83 0.09 -107.69
C ASN NA 2 0.35 -0.63 -107.06
N GLY NA 3 1.49 0.06 -106.95
CA GLY NA 3 2.65 -0.55 -106.35
C GLY NA 3 2.50 -0.74 -104.85
N ASP NA 4 3.19 -1.75 -104.33
CA ASP NA 4 3.14 -2.02 -102.91
C ASP NA 4 3.96 -0.99 -102.12
N VAL NA 5 3.65 -0.92 -100.83
CA VAL NA 5 4.33 0.01 -99.94
C VAL NA 5 5.25 -0.70 -98.95
N ALA NA 6 5.16 -2.03 -98.84
CA ALA NA 6 5.94 -2.73 -97.84
C ALA NA 6 7.42 -2.77 -98.20
N GLY NA 7 7.74 -3.19 -99.42
CA GLY NA 7 9.13 -3.36 -99.81
C GLY NA 7 9.89 -2.06 -99.96
N SER NA 8 9.29 -1.10 -100.64
CA SER NA 8 9.96 0.14 -101.01
C SER NA 8 10.59 0.88 -99.84
N LEU NA 9 10.00 0.73 -98.64
CA LEU NA 9 10.36 1.61 -97.53
C LEU NA 9 11.76 1.36 -97.01
N PHE NA 10 12.13 0.08 -96.81
CA PHE NA 10 13.45 -0.19 -96.25
C PHE NA 10 14.55 0.22 -97.23
N THR NA 11 14.40 -0.17 -98.50
CA THR NA 11 15.41 0.20 -99.48
C THR NA 11 15.52 1.71 -99.61
N SER NA 12 14.39 2.42 -99.54
CA SER NA 12 14.44 3.88 -99.60
C SER NA 12 15.20 4.45 -98.41
N THR NA 13 14.92 3.95 -97.22
CA THR NA 13 15.57 4.51 -96.04
C THR NA 13 17.07 4.26 -96.08
N TYR NA 14 17.47 3.09 -96.56
CA TYR NA 14 18.89 2.78 -96.68
C TYR NA 14 19.56 3.66 -97.75
N ARG NA 15 18.92 3.79 -98.92
CA ARG NA 15 19.47 4.63 -99.97
C ARG NA 15 19.61 6.08 -99.49
N ASN NA 16 18.69 6.55 -98.67
CA ASN NA 16 18.74 7.94 -98.23
C ASN NA 16 19.80 8.16 -97.17
N VAL NA 17 19.87 7.27 -96.18
CA VAL NA 17 20.73 7.51 -95.02
C VAL NA 17 22.17 7.10 -95.31
N LYS NA 18 22.38 5.93 -95.90
CA LYS NA 18 23.74 5.48 -96.19
C LYS NA 18 24.30 6.17 -97.43
N LEU NA 19 23.66 5.95 -98.59
CA LEU NA 19 24.22 6.37 -99.86
C LEU NA 19 24.42 7.88 -99.91
N ALA NA 20 23.34 8.64 -99.79
CA ALA NA 20 23.50 10.08 -99.65
C ALA NA 20 23.86 10.41 -98.21
N GLY NA 21 24.34 11.64 -98.00
CA GLY NA 21 24.58 12.15 -96.67
C GLY NA 21 23.33 12.66 -96.00
N LYS NA 22 22.16 12.21 -96.45
CA LYS NA 22 20.90 12.71 -95.91
C LYS NA 22 20.65 12.18 -94.51
N ALA NA 23 19.78 12.88 -93.80
CA ALA NA 23 19.49 12.68 -92.40
C ALA NA 23 18.31 11.72 -92.21
N PRO NA 24 18.10 11.22 -90.99
CA PRO NA 24 16.99 10.29 -90.76
C PRO NA 24 15.63 10.95 -90.97
N PRO NA 25 15.41 12.20 -90.51
CA PRO NA 25 16.11 13.12 -89.61
C PRO NA 25 15.54 13.19 -88.19
N ALA NA 26 16.36 12.78 -87.21
CA ALA NA 26 16.10 12.99 -85.78
C ALA NA 26 14.70 12.54 -85.37
N ALA NA 27 14.49 11.22 -85.47
CA ALA NA 27 13.26 10.60 -85.00
C ALA NA 27 13.35 10.41 -83.49
N ASN NA 28 12.51 11.14 -82.75
CA ASN NA 28 12.50 11.07 -81.29
C ASN NA 28 12.08 9.69 -80.82
N LEU NA 29 12.89 9.10 -79.93
CA LEU NA 29 12.67 7.77 -79.40
C LEU NA 29 12.65 7.80 -77.88
N SER NA 30 12.07 8.87 -77.32
CA SER NA 30 11.97 8.98 -75.88
C SER NA 30 11.04 7.92 -75.32
N GLY NA 31 11.30 7.52 -74.07
CA GLY NA 31 10.48 6.54 -73.41
C GLY NA 31 10.62 5.12 -73.92
N THR NA 32 11.18 4.92 -75.10
CA THR NA 32 11.35 3.60 -75.69
C THR NA 32 12.76 3.12 -75.45
N GLY NA 33 12.89 2.00 -74.74
CA GLY NA 33 14.20 1.44 -74.43
C GLY NA 33 14.54 0.29 -75.34
N SER NA 34 14.74 -0.89 -74.75
CA SER NA 34 15.07 -2.09 -75.52
C SER NA 34 13.82 -2.57 -76.24
N CYS NA 35 13.93 -3.70 -76.93
CA CYS NA 35 12.77 -4.31 -77.55
C CYS NA 35 11.90 -5.05 -76.54
N PHE NA 36 12.36 -5.21 -75.30
CA PHE NA 36 11.62 -5.96 -74.29
C PHE NA 36 10.77 -5.04 -73.40
N ASP NA 37 11.34 -3.95 -72.91
CA ASP NA 37 10.60 -3.07 -72.03
C ASP NA 37 9.55 -2.29 -72.80
N THR NA 38 8.31 -2.33 -72.31
CA THR NA 38 7.25 -1.53 -72.91
C THR NA 38 7.50 -0.05 -72.67
N THR NA 39 7.22 0.73 -73.70
CA THR NA 39 7.42 2.17 -73.64
C THR NA 39 6.40 2.83 -72.72
N SER NA 40 6.73 4.04 -72.28
CA SER NA 40 5.84 4.88 -71.49
C SER NA 40 5.20 5.89 -72.44
N LEU NA 41 3.92 5.69 -72.73
CA LEU NA 41 3.23 6.49 -73.74
C LEU NA 41 3.06 7.91 -73.25
N SER NA 42 3.54 8.88 -74.02
CA SER NA 42 3.41 10.28 -73.63
C SER NA 42 1.99 10.77 -73.86
N PRO NA 43 1.54 11.73 -73.06
CA PRO NA 43 0.17 12.24 -73.20
C PRO NA 43 -0.04 13.15 -74.39
N ALA NA 44 1.02 13.61 -75.03
CA ALA NA 44 0.91 14.52 -76.16
C ALA NA 44 0.17 13.84 -77.32
N ARG NA 45 -0.23 14.66 -78.27
CA ARG NA 45 -0.93 14.21 -79.47
C ARG NA 45 -0.21 14.74 -80.69
N ALA NA 46 -0.26 13.97 -81.77
CA ALA NA 46 0.51 14.27 -82.97
C ALA NA 46 -0.30 15.11 -83.94
N GLY NA 47 0.42 15.90 -84.74
CA GLY NA 47 -0.24 16.83 -85.64
C GLY NA 47 -0.96 17.94 -84.90
N ALA NA 48 -0.43 18.35 -83.77
CA ALA NA 48 -1.06 19.36 -82.94
C ALA NA 48 -0.50 20.73 -83.27
N HIS NA 49 -1.39 21.69 -83.51
CA HIS NA 49 -0.95 23.05 -83.80
C HIS NA 49 -0.31 23.66 -82.55
N LYS NA 50 0.87 24.22 -82.73
CA LYS NA 50 1.63 24.79 -81.64
C LYS NA 50 1.30 26.26 -81.46
N ALA NA 51 1.31 26.72 -80.22
CA ALA NA 51 1.03 28.10 -79.92
C ALA NA 51 2.14 29.01 -80.47
N LEU NA 52 1.85 30.30 -80.53
CA LEU NA 52 2.81 31.28 -81.00
C LEU NA 52 3.82 31.60 -79.90
N ASP NA 53 5.10 31.51 -80.24
CA ASP NA 53 6.17 31.67 -79.27
C ASP NA 53 6.81 33.05 -79.29
N VAL NA 54 6.46 33.87 -80.27
CA VAL NA 54 7.03 35.21 -80.39
C VAL NA 54 6.86 35.99 -79.09
N GLN NA 55 7.91 36.72 -78.72
CA GLN NA 55 7.99 37.47 -77.48
C GLN NA 55 6.88 38.53 -77.39
N LYS NA 56 6.83 39.21 -76.25
CA LYS NA 56 5.99 40.39 -76.03
C LYS NA 56 6.41 41.55 -76.92
N ASP NA 57 7.65 41.98 -76.75
CA ASP NA 57 8.13 43.25 -77.25
C ASP NA 57 8.53 43.18 -78.71
N GLU NA 58 8.99 42.02 -79.18
CA GLU NA 58 9.39 41.90 -80.57
C GLU NA 58 8.27 42.28 -81.52
N LEU NA 59 7.02 42.19 -81.08
CA LEU NA 59 5.90 42.72 -81.83
C LEU NA 59 6.10 44.21 -82.07
N PRO NA 60 6.20 44.67 -83.31
CA PRO NA 60 6.36 46.11 -83.55
C PRO NA 60 5.11 46.86 -83.17
N VAL NA 61 5.29 48.14 -82.86
CA VAL NA 61 4.17 49.01 -82.51
C VAL NA 61 3.79 49.82 -83.73
N TRP NA 62 2.53 50.21 -83.80
CA TRP NA 62 1.99 50.92 -84.96
C TRP NA 62 2.10 52.42 -84.72
N SER NA 63 2.88 53.10 -85.56
CA SER NA 63 3.06 54.55 -85.43
C SER NA 63 1.90 55.27 -86.08
N LYS NA 64 1.11 55.97 -85.28
CA LYS NA 64 -0.05 56.70 -85.78
C LYS NA 64 0.33 57.75 -86.82
N SER NA 65 1.58 58.15 -86.87
CA SER NA 65 2.02 59.25 -87.72
C SER NA 65 2.55 58.79 -89.07
N THR NA 66 3.08 57.57 -89.18
CA THR NA 66 3.67 57.09 -90.41
C THR NA 66 2.89 55.95 -91.03
N LEU NA 67 1.87 55.43 -90.34
CA LEU NA 67 1.07 54.31 -90.83
C LEU NA 67 1.94 53.08 -91.05
N SER NA 68 2.84 52.80 -90.12
CA SER NA 68 3.79 51.71 -90.28
C SER NA 68 4.05 51.04 -88.94
N TYR NA 69 4.25 49.73 -89.00
CA TYR NA 69 4.67 48.96 -87.84
C TYR NA 69 6.18 49.08 -87.72
N LYS NA 70 6.65 49.76 -86.68
CA LYS NA 70 8.07 49.94 -86.45
C LYS NA 70 8.44 49.38 -85.10
N TYR NA 71 9.69 48.93 -84.97
CA TYR NA 71 10.14 48.35 -83.73
C TYR NA 71 10.37 49.45 -82.68
N PRO NA 72 10.10 49.15 -81.41
CA PRO NA 72 10.26 50.18 -80.38
C PRO NA 72 11.72 50.60 -80.23
N ALA NA 73 11.91 51.83 -79.77
CA ALA NA 73 13.24 52.36 -79.56
C ALA NA 73 13.94 51.65 -78.41
N GLY NA 74 15.22 51.95 -78.23
CA GLY NA 74 16.02 51.29 -77.23
C GLY NA 74 16.04 52.06 -75.92
N ARG NA 75 15.67 51.37 -74.84
CA ARG NA 75 15.80 51.95 -73.51
C ARG NA 75 17.27 52.26 -73.23
N PRO NA 76 17.57 53.40 -72.62
CA PRO NA 76 18.96 53.73 -72.28
C PRO NA 76 19.57 52.70 -71.34
N ASN NA 77 20.88 52.78 -71.21
CA ASN NA 77 21.65 51.90 -70.37
C ASN NA 77 22.86 52.67 -69.87
N PRO NA 78 23.14 52.62 -68.57
CA PRO NA 78 24.26 53.43 -68.04
C PRO NA 78 25.61 53.06 -68.63
N THR NA 79 25.82 51.80 -68.96
CA THR NA 79 27.11 51.39 -69.53
C THR NA 79 27.33 52.07 -70.89
N GLY NA 80 26.27 52.22 -71.67
CA GLY NA 80 26.36 52.84 -72.96
C GLY NA 80 26.08 54.33 -72.94
N PHE NA 81 26.92 55.09 -72.24
CA PHE NA 81 26.77 56.53 -72.18
C PHE NA 81 27.61 57.19 -73.26
N LEU NA 82 27.20 58.39 -73.66
CA LEU NA 82 27.91 59.12 -74.69
C LEU NA 82 29.18 59.73 -74.11
N LYS NA 83 30.15 59.96 -74.98
CA LYS NA 83 31.43 60.54 -74.59
C LYS NA 83 31.74 61.75 -75.45
N LYS NA 84 32.99 62.22 -75.33
CA LYS NA 84 33.42 63.46 -75.96
C LYS NA 84 33.00 63.58 -77.42
N GLY NA 85 33.28 62.55 -78.23
CA GLY NA 85 33.05 62.65 -79.65
C GLY NA 85 31.64 62.32 -80.10
N ASP NA 86 30.96 63.29 -80.72
CA ASP NA 86 29.70 63.01 -81.42
C ASP NA 86 29.53 64.02 -82.55
N GLY NA 87 29.96 63.63 -83.75
CA GLY NA 87 29.80 64.45 -84.93
C GLY NA 87 28.75 63.97 -85.89
N GLU NA 88 28.23 62.76 -85.69
CA GLU NA 88 27.18 62.22 -86.55
C GLU NA 88 25.87 62.95 -86.34
N PRO NA 102 10.05 44.50 -90.63
CA PRO NA 102 9.10 44.11 -89.59
C PRO NA 102 8.04 43.14 -90.10
N SER NA 103 8.48 42.00 -90.62
CA SER NA 103 7.57 40.98 -91.09
C SER NA 103 6.82 40.36 -89.92
N PRO NA 104 5.64 39.80 -90.16
CA PRO NA 104 4.91 39.12 -89.09
C PRO NA 104 5.52 37.76 -88.81
N PRO NA 105 5.32 37.22 -87.61
CA PRO NA 105 5.82 35.86 -87.32
C PRO NA 105 5.10 34.83 -88.17
N GLN NA 106 5.84 34.14 -89.01
CA GLN NA 106 5.24 33.17 -89.91
C GLN NA 106 4.66 31.99 -89.14
N ALA NA 107 3.57 31.45 -89.66
CA ALA NA 107 2.91 30.32 -89.04
C ALA NA 107 3.49 29.02 -89.59
N GLY NA 108 3.56 28.00 -88.73
CA GLY NA 108 4.12 26.74 -89.14
C GLY NA 108 3.20 25.97 -90.07
N ALA NA 109 3.01 26.50 -91.27
CA ALA NA 109 2.17 25.81 -92.25
C ALA NA 109 2.85 24.53 -92.74
N TYR NA 110 4.13 24.62 -93.11
CA TYR NA 110 4.86 23.48 -93.64
C TYR NA 110 5.87 22.94 -92.67
N LYS NA 111 5.71 23.22 -91.40
CA LYS NA 111 6.66 22.76 -90.42
C LYS NA 111 6.19 21.42 -89.90
N ARG NA 112 7.09 20.45 -89.91
CA ARG NA 112 6.78 19.09 -89.49
C ARG NA 112 6.35 19.10 -88.03
N ARG NA 113 5.13 18.65 -87.77
CA ARG NA 113 4.67 18.60 -86.40
C ARG NA 113 5.46 17.52 -85.66
N GLU NA 114 5.36 17.52 -84.35
CA GLU NA 114 6.05 16.54 -83.54
C GLU NA 114 5.21 15.27 -83.53
N ASN NA 115 5.83 14.14 -83.85
CA ASN NA 115 5.16 12.85 -83.93
C ASN NA 115 5.68 11.95 -82.81
N PRO NA 116 5.04 11.95 -81.65
CA PRO NA 116 5.49 11.09 -80.55
C PRO NA 116 5.15 9.64 -80.83
N PRO NA 117 5.85 8.70 -80.20
CA PRO NA 117 5.58 7.28 -80.46
C PRO NA 117 4.39 6.75 -79.69
N ASN NA 118 3.54 7.64 -79.18
CA ASN NA 118 2.42 7.23 -78.33
C ASN NA 118 1.19 6.85 -79.15
N THR NA 119 1.37 5.96 -80.13
CA THR NA 119 0.24 5.45 -80.87
C THR NA 119 -0.41 4.30 -80.11
N ALA NA 120 -1.50 3.78 -80.66
CA ALA NA 120 -2.16 2.63 -80.06
C ALA NA 120 -1.66 1.32 -80.61
N PHE NA 121 -1.20 1.29 -81.86
CA PHE NA 121 -0.66 0.07 -82.43
C PHE NA 121 0.58 -0.39 -81.68
N ARG NA 122 1.48 0.55 -81.36
CA ARG NA 122 2.68 0.19 -80.62
C ARG NA 122 2.33 -0.42 -79.28
N ARG NA 123 1.39 0.19 -78.56
CA ARG NA 123 0.95 -0.30 -77.27
C ARG NA 123 0.32 -1.69 -77.37
N PHE NA 124 -0.50 -1.93 -78.39
CA PHE NA 124 -1.10 -3.25 -78.53
C PHE NA 124 -0.05 -4.30 -78.90
N TYR NA 125 0.85 -3.95 -79.81
CA TYR NA 125 1.91 -4.88 -80.18
C TYR NA 125 2.83 -5.17 -79.01
N GLU NA 126 3.11 -4.16 -78.18
CA GLU NA 126 3.90 -4.37 -76.98
C GLU NA 126 3.25 -5.40 -76.07
N ARG NA 127 1.95 -5.20 -75.78
CA ARG NA 127 1.23 -6.20 -74.99
C ARG NA 127 1.10 -7.53 -75.70
N GLY NA 128 1.42 -7.58 -76.99
CA GLY NA 128 1.47 -8.86 -77.69
C GLY NA 128 0.13 -9.41 -78.10
N ASP NA 129 -0.88 -8.57 -78.23
CA ASP NA 129 -2.21 -9.03 -78.60
C ASP NA 129 -2.39 -9.18 -80.11
N LEU NA 130 -1.35 -8.96 -80.90
CA LEU NA 130 -1.61 -9.00 -82.32
C LEU NA 130 -1.19 -10.34 -82.91
N PRO NA 131 -1.96 -10.87 -83.85
CA PRO NA 131 -1.63 -12.17 -84.44
C PRO NA 131 -0.61 -12.09 -85.57
N ILE NA 132 0.13 -11.01 -85.66
CA ILE NA 132 1.07 -10.82 -86.76
C ILE NA 132 2.47 -11.21 -86.30
N ALA NA 133 3.33 -11.45 -87.29
CA ALA NA 133 4.76 -11.64 -87.07
C ALA NA 133 5.46 -11.41 -88.40
N VAL NA 134 6.76 -11.15 -88.32
CA VAL NA 134 7.55 -10.98 -89.54
C VAL NA 134 7.93 -12.34 -90.07
N ASP NA 135 7.90 -12.50 -91.39
CA ASP NA 135 8.14 -13.78 -92.06
C ASP NA 135 9.45 -13.66 -92.84
N HIS NA 136 10.56 -13.94 -92.15
CA HIS NA 136 11.86 -13.83 -92.80
C HIS NA 136 12.11 -14.97 -93.77
N ARG NA 137 11.37 -16.07 -93.67
CA ARG NA 137 11.60 -17.21 -94.56
C ARG NA 137 11.26 -16.89 -96.01
N GLY NA 138 10.48 -15.84 -96.26
CA GLY NA 138 10.22 -15.42 -97.61
C GLY NA 138 11.43 -14.78 -98.26
N SER NA 139 11.34 -14.58 -99.57
CA SER NA 139 12.42 -13.96 -100.33
C SER NA 139 12.66 -12.50 -99.92
N LYS NA 140 11.80 -11.93 -99.09
CA LYS NA 140 11.96 -10.58 -98.57
C LYS NA 140 11.18 -10.50 -97.27
N ASN NA 141 11.01 -9.29 -96.74
CA ASN NA 141 10.17 -9.11 -95.57
C ASN NA 141 8.71 -9.32 -95.96
N MET NA 142 8.06 -10.30 -95.35
CA MET NA 142 6.65 -10.57 -95.54
C MET NA 142 5.98 -10.67 -94.19
N ILE NA 143 4.65 -10.75 -94.20
CA ILE NA 143 3.89 -10.88 -92.98
C ILE NA 143 3.57 -12.36 -92.77
N ALA NA 144 3.37 -12.72 -91.51
CA ALA NA 144 3.05 -14.09 -91.14
C ALA NA 144 1.93 -14.03 -90.11
N TRP NA 145 0.78 -14.60 -90.45
CA TRP NA 145 -0.40 -14.52 -89.59
C TRP NA 145 -0.52 -15.77 -88.74
N LYS NA 146 -0.77 -15.57 -87.45
CA LYS NA 146 -1.01 -16.65 -86.53
C LYS NA 146 -2.35 -17.32 -86.78
N VAL NA 147 -3.27 -16.61 -87.43
CA VAL NA 147 -4.62 -17.08 -87.72
C VAL NA 147 -4.95 -16.73 -89.16
N ASP NA 148 -6.21 -16.89 -89.52
CA ASP NA 148 -6.68 -16.63 -90.87
C ASP NA 148 -7.23 -15.21 -90.97
N ILE NA 149 -6.75 -14.46 -91.97
CA ILE NA 149 -7.13 -13.06 -92.06
C ILE NA 149 -8.61 -12.87 -92.31
N GLU NA 150 -9.20 -13.66 -93.22
CA GLU NA 150 -10.56 -13.35 -93.66
C GLU NA 150 -11.62 -13.65 -92.61
N LYS NA 151 -11.23 -14.12 -91.42
CA LYS NA 151 -12.17 -14.36 -90.34
C LYS NA 151 -11.92 -13.48 -89.13
N LEU NA 152 -11.02 -12.50 -89.25
CA LEU NA 152 -10.75 -11.59 -88.15
C LEU NA 152 -11.92 -10.66 -87.91
N ASP NA 153 -11.87 -9.96 -86.79
CA ASP NA 153 -12.83 -8.90 -86.48
C ASP NA 153 -12.23 -7.59 -86.97
N TYR NA 154 -12.68 -7.14 -88.15
CA TYR NA 154 -12.13 -5.91 -88.71
C TYR NA 154 -12.41 -4.72 -87.81
N HIS NA 155 -13.61 -4.68 -87.21
CA HIS NA 155 -13.98 -3.56 -86.34
C HIS NA 155 -12.94 -3.33 -85.25
N HIS NA 156 -12.36 -4.39 -84.72
CA HIS NA 156 -11.37 -4.22 -83.67
C HIS NA 156 -9.95 -4.04 -84.21
N TYR NA 157 -9.60 -4.73 -85.30
CA TYR NA 157 -8.20 -4.73 -85.71
C TYR NA 157 -7.86 -3.64 -86.73
N LEU NA 158 -8.74 -3.40 -87.71
CA LEU NA 158 -8.38 -2.51 -88.82
C LEU NA 158 -8.05 -1.09 -88.36
N PRO NA 159 -8.82 -0.46 -87.45
CA PRO NA 159 -8.38 0.86 -86.97
C PRO NA 159 -7.04 0.81 -86.25
N ILE NA 160 -6.78 -0.25 -85.49
CA ILE NA 160 -5.49 -0.37 -84.81
C ILE NA 160 -4.36 -0.35 -85.83
N PHE NA 161 -4.53 -1.06 -86.95
CA PHE NA 161 -3.46 -1.11 -87.94
C PHE NA 161 -3.28 0.22 -88.64
N PHE NA 162 -4.37 0.93 -88.94
CA PHE NA 162 -4.22 2.27 -89.48
C PHE NA 162 -3.52 3.21 -88.51
N ASP NA 163 -3.72 3.03 -87.21
CA ASP NA 163 -3.12 3.95 -86.26
C ASP NA 163 -1.61 3.76 -86.13
N GLY NA 164 -1.04 2.76 -86.79
CA GLY NA 164 0.40 2.55 -86.73
C GLY NA 164 1.13 3.09 -87.94
N ILE NA 165 0.38 3.64 -88.89
CA ILE NA 165 0.98 4.22 -90.08
C ILE NA 165 1.86 5.40 -89.70
N ARG NA 166 1.42 6.18 -88.72
CA ARG NA 166 2.18 7.34 -88.25
C ARG NA 166 3.53 6.97 -87.68
N GLU NA 167 3.80 5.70 -87.43
CA GLU NA 167 5.03 5.29 -86.79
C GLU NA 167 6.22 5.43 -87.73
N THR NA 168 7.40 5.63 -87.15
CA THR NA 168 8.65 5.66 -87.90
C THR NA 168 9.69 4.68 -87.39
N GLN NA 169 9.59 4.21 -86.16
CA GLN NA 169 10.55 3.26 -85.62
C GLN NA 169 10.26 1.86 -86.15
N GLU NA 170 11.32 1.19 -86.62
CA GLU NA 170 11.18 -0.17 -87.06
C GLU NA 170 11.05 -1.10 -85.85
N PRO NA 171 10.34 -2.23 -86.00
CA PRO NA 171 9.64 -2.70 -87.18
C PRO NA 171 8.17 -2.32 -87.17
N TYR NA 172 7.80 -1.35 -86.32
CA TYR NA 172 6.39 -1.03 -86.14
C TYR NA 172 5.77 -0.52 -87.43
N ARG NA 173 6.44 0.41 -88.11
CA ARG NA 173 5.84 1.00 -89.30
C ARG NA 173 5.76 -0.01 -90.43
N PHE NA 174 6.77 -0.87 -90.57
CA PHE NA 174 6.68 -1.93 -91.56
C PHE NA 174 5.49 -2.85 -91.26
N LEU NA 175 5.37 -3.29 -90.01
CA LEU NA 175 4.28 -4.18 -89.65
C LEU NA 175 2.93 -3.52 -89.89
N ALA NA 176 2.80 -2.24 -89.54
CA ALA NA 176 1.51 -1.57 -89.66
C ALA NA 176 1.11 -1.41 -91.12
N VAL NA 177 2.04 -0.94 -91.96
CA VAL NA 177 1.76 -0.79 -93.38
C VAL NA 177 1.41 -2.13 -94.00
N LYS NA 178 2.19 -3.17 -93.69
CA LYS NA 178 1.93 -4.48 -94.28
C LYS NA 178 0.63 -5.05 -93.75
N GLY NA 179 0.27 -4.74 -92.50
CA GLY NA 179 -1.00 -5.20 -91.98
C GLY NA 179 -2.18 -4.67 -92.77
N VAL NA 180 -2.24 -3.36 -92.97
CA VAL NA 180 -3.36 -2.81 -93.72
C VAL NA 180 -3.32 -3.28 -95.17
N GLU NA 181 -2.11 -3.38 -95.74
CA GLU NA 181 -1.99 -3.80 -97.13
C GLU NA 181 -2.56 -5.18 -97.36
N ASP NA 182 -2.35 -6.11 -96.43
CA ASP NA 182 -2.86 -7.47 -96.56
C ASP NA 182 -4.32 -7.59 -96.14
N MET NA 183 -4.79 -6.77 -95.20
CA MET NA 183 -6.19 -6.89 -94.80
C MET NA 183 -7.13 -6.30 -95.84
N LEU NA 184 -6.69 -5.26 -96.55
CA LEU NA 184 -7.55 -4.66 -97.57
C LEU NA 184 -7.76 -5.59 -98.76
N ARG NA 185 -6.84 -6.51 -99.02
CA ARG NA 185 -7.01 -7.41 -100.16
C ARG NA 185 -8.13 -8.41 -99.92
N VAL NA 186 -8.15 -9.03 -98.75
CA VAL NA 186 -9.13 -10.07 -98.44
C VAL NA 186 -10.36 -9.52 -97.75
N GLY NA 187 -10.39 -8.21 -97.46
CA GLY NA 187 -11.54 -7.65 -96.77
C GLY NA 187 -12.85 -7.84 -97.50
N GLY NA 188 -13.01 -7.17 -98.63
CA GLY NA 188 -14.28 -7.23 -99.32
C GLY NA 188 -15.35 -6.42 -98.59
N SER NA 189 -16.52 -7.03 -98.41
CA SER NA 189 -17.66 -6.36 -97.81
C SER NA 189 -17.44 -6.05 -96.33
N LYS NA 190 -16.56 -6.79 -95.65
CA LYS NA 190 -16.31 -6.57 -94.23
C LYS NA 190 -15.69 -5.20 -93.95
N ILE NA 191 -15.28 -4.47 -94.97
CA ILE NA 191 -14.55 -3.22 -94.79
C ILE NA 191 -15.50 -2.02 -94.73
N LEU NA 192 -16.55 -2.03 -95.56
CA LEU NA 192 -17.44 -0.88 -95.68
C LEU NA 192 -17.97 -0.36 -94.35
N PRO NA 193 -18.49 -1.17 -93.43
CA PRO NA 193 -19.02 -0.60 -92.18
C PRO NA 193 -17.96 -0.06 -91.24
N VAL NA 194 -16.66 -0.25 -91.55
CA VAL NA 194 -15.60 0.19 -90.66
C VAL NA 194 -15.14 1.61 -91.01
N ILE NA 195 -15.60 2.17 -92.12
CA ILE NA 195 -15.10 3.47 -92.57
C ILE NA 195 -15.21 4.57 -91.50
N PRO NA 196 -16.36 4.71 -90.81
CA PRO NA 196 -16.44 5.81 -89.82
C PRO NA 196 -15.37 5.77 -88.75
N GLN NA 197 -14.69 4.64 -88.56
CA GLN NA 197 -13.68 4.53 -87.53
C GLN NA 197 -12.26 4.72 -88.06
N LEU NA 198 -12.10 4.87 -89.38
CA LEU NA 198 -10.78 5.02 -89.98
C LEU NA 198 -10.40 6.47 -90.23
N ILE NA 199 -11.33 7.41 -90.05
CA ILE NA 199 -11.08 8.80 -90.42
C ILE NA 199 -10.11 9.46 -89.45
N ILE NA 200 -10.24 9.18 -88.15
CA ILE NA 200 -9.38 9.83 -87.17
C ILE NA 200 -7.92 9.46 -87.35
N PRO NA 201 -7.55 8.18 -87.48
CA PRO NA 201 -6.13 7.87 -87.67
C PRO NA 201 -5.58 8.37 -89.00
N ILE NA 202 -6.39 8.33 -90.06
CA ILE NA 202 -5.95 8.85 -91.35
C ILE NA 202 -5.66 10.34 -91.24
N LYS NA 203 -6.58 11.09 -90.63
CA LYS NA 203 -6.38 12.52 -90.48
C LYS NA 203 -5.18 12.81 -89.59
N THR NA 204 -4.98 12.01 -88.54
CA THR NA 204 -3.85 12.22 -87.64
C THR NA 204 -2.54 11.92 -88.35
N ALA NA 205 -2.51 10.91 -89.21
CA ALA NA 205 -1.29 10.62 -89.95
C ALA NA 205 -0.96 11.72 -90.94
N LEU NA 206 -1.99 12.28 -91.60
CA LEU NA 206 -1.75 13.37 -92.53
C LEU NA 206 -1.33 14.64 -91.82
N ASN NA 207 -1.88 14.91 -90.64
CA ASN NA 207 -1.59 16.12 -89.91
C ASN NA 207 -0.15 16.23 -89.44
N THR NA 208 0.69 15.21 -89.65
CA THR NA 208 2.06 15.25 -89.15
C THR NA 208 3.01 16.05 -90.04
N ARG NA 209 2.62 16.36 -91.27
CA ARG NA 209 3.41 17.13 -92.22
C ARG NA 209 4.70 16.42 -92.62
N ASP NA 210 4.91 15.19 -92.15
CA ASP NA 210 6.13 14.47 -92.45
C ASP NA 210 5.99 13.72 -93.77
N HIS NA 211 7.00 13.85 -94.63
CA HIS NA 211 6.92 13.33 -95.98
C HIS NA 211 6.78 11.81 -96.00
N SER NA 212 7.52 11.12 -95.14
CA SER NA 212 7.49 9.66 -95.17
C SER NA 212 6.08 9.13 -94.88
N VAL NA 213 5.48 9.59 -93.79
CA VAL NA 213 4.15 9.08 -93.43
C VAL NA 213 3.12 9.54 -94.46
N MET NA 214 3.28 10.74 -95.03
CA MET NA 214 2.28 11.23 -95.99
C MET NA 214 2.32 10.43 -97.28
N CYS NA 215 3.52 10.19 -97.82
CA CYS NA 215 3.63 9.41 -99.05
C CYS NA 215 3.15 7.97 -98.83
N ILE NA 216 3.22 7.47 -97.60
CA ILE NA 216 2.72 6.11 -97.34
C ILE NA 216 1.20 6.12 -97.28
N THR NA 217 0.62 7.04 -96.52
CA THR NA 217 -0.82 7.03 -96.31
C THR NA 217 -1.58 7.34 -97.60
N LEU NA 218 -0.97 8.11 -98.51
CA LEU NA 218 -1.67 8.39 -99.77
C LEU NA 218 -1.79 7.13 -100.63
N GLN NA 219 -0.73 6.32 -100.68
CA GLN NA 219 -0.83 5.06 -101.40
C GLN NA 219 -1.81 4.11 -100.72
N LEU NA 220 -1.83 4.11 -99.39
CA LEU NA 220 -2.81 3.29 -98.67
C LEU NA 220 -4.23 3.77 -98.94
N LEU NA 221 -4.43 5.08 -99.05
CA LEU NA 221 -5.76 5.61 -99.36
C LEU NA 221 -6.22 5.19 -100.74
N GLN NA 222 -5.31 5.19 -101.72
CA GLN NA 222 -5.64 4.65 -103.04
C GLN NA 222 -6.08 3.20 -102.92
N LYS NA 223 -5.27 2.38 -102.25
CA LYS NA 223 -5.62 0.98 -102.05
C LYS NA 223 -6.96 0.86 -101.34
N LEU NA 224 -7.28 1.80 -100.46
CA LEU NA 224 -8.52 1.73 -99.69
C LEU NA 224 -9.74 1.91 -100.59
N VAL NA 225 -9.73 2.94 -101.45
CA VAL NA 225 -10.88 3.12 -102.33
C VAL NA 225 -10.97 1.99 -103.35
N LEU NA 226 -9.86 1.35 -103.67
CA LEU NA 226 -9.91 0.26 -104.65
C LEU NA 226 -10.24 -1.08 -104.02
N SER NA 227 -10.09 -1.22 -102.71
CA SER NA 227 -10.20 -2.53 -102.07
C SER NA 227 -11.57 -3.15 -102.28
N ALA NA 228 -12.63 -2.34 -102.35
CA ALA NA 228 -13.97 -2.89 -102.52
C ALA NA 228 -14.79 -1.93 -103.35
N ASP NA 229 -16.05 -2.28 -103.55
CA ASP NA 229 -17.01 -1.41 -104.20
C ASP NA 229 -17.82 -0.64 -103.16
N LEU NA 230 -18.49 0.41 -103.62
CA LEU NA 230 -19.34 1.27 -102.79
C LEU NA 230 -18.58 1.95 -101.67
N VAL NA 231 -17.25 1.82 -101.64
CA VAL NA 231 -16.46 2.50 -100.64
C VAL NA 231 -16.34 3.98 -100.99
N GLY NA 232 -16.38 4.32 -102.27
CA GLY NA 232 -16.26 5.70 -102.69
C GLY NA 232 -17.37 6.60 -102.19
N GLU NA 233 -18.63 6.25 -102.47
CA GLU NA 233 -19.75 7.05 -102.00
C GLU NA 233 -19.73 7.15 -100.49
N ALA NA 234 -19.43 6.04 -99.81
CA ALA NA 234 -19.40 6.04 -98.36
C ALA NA 234 -18.31 6.95 -97.82
N LEU NA 235 -17.22 7.12 -98.55
CA LEU NA 235 -16.17 8.01 -98.08
C LEU NA 235 -16.47 9.47 -98.35
N VAL NA 236 -17.21 9.76 -99.42
CA VAL NA 236 -17.50 11.12 -99.88
C VAL NA 236 -17.89 12.07 -98.74
N PRO NA 237 -18.78 11.72 -97.81
CA PRO NA 237 -19.12 12.66 -96.75
C PRO NA 237 -17.95 13.06 -95.88
N TYR NA 238 -16.84 12.32 -95.91
CA TYR NA 238 -15.71 12.57 -95.02
C TYR NA 238 -14.58 13.34 -95.71
N TYR NA 239 -14.88 14.03 -96.83
CA TYR NA 239 -13.83 14.77 -97.51
C TYR NA 239 -13.39 15.99 -96.70
N ARG NA 240 -14.32 16.61 -95.97
CA ARG NA 240 -14.02 17.83 -95.22
C ARG NA 240 -12.99 17.62 -94.13
N GLN NA 241 -12.60 16.38 -93.84
CA GLN NA 241 -11.66 16.08 -92.78
C GLN NA 241 -10.38 15.43 -93.28
N ILE NA 242 -10.28 15.16 -94.58
CA ILE NA 242 -9.07 14.54 -95.13
C ILE NA 242 -8.47 15.33 -96.28
N LEU NA 243 -9.22 16.16 -96.98
CA LEU NA 243 -8.69 17.00 -98.06
C LEU NA 243 -7.90 18.23 -97.61
N PRO NA 244 -8.22 18.85 -96.45
CA PRO NA 244 -7.46 20.05 -96.04
C PRO NA 244 -5.95 19.94 -96.15
N ILE NA 245 -5.37 18.74 -96.00
CA ILE NA 245 -3.93 18.60 -96.17
C ILE NA 245 -3.58 18.47 -97.64
N PHE NA 246 -4.44 17.81 -98.42
CA PHE NA 246 -4.21 17.72 -99.86
C PHE NA 246 -4.00 19.09 -100.46
N ASN NA 247 -4.73 20.09 -99.97
CA ASN NA 247 -4.65 21.42 -100.55
C ASN NA 247 -3.28 22.04 -100.34
N LEU NA 248 -2.52 21.61 -99.33
CA LEU NA 248 -1.20 22.17 -99.11
C LEU NA 248 -0.20 21.65 -100.14
N TYR NA 249 0.03 20.34 -100.16
CA TYR NA 249 1.09 19.74 -100.96
C TYR NA 249 0.64 19.40 -102.37
N LYS NA 250 -0.52 19.90 -102.81
CA LYS NA 250 -0.94 19.64 -104.18
C LYS NA 250 0.03 20.18 -105.20
N ASN NA 251 0.74 21.26 -104.90
CA ASN NA 251 1.68 21.86 -105.83
C ASN NA 251 3.11 21.77 -105.34
N LYS NA 252 3.48 20.66 -104.70
CA LYS NA 252 4.88 20.38 -104.38
C LYS NA 252 5.40 19.39 -105.41
N ASN NA 253 5.96 19.91 -106.49
CA ASN NA 253 6.51 19.10 -107.56
C ASN NA 253 7.95 19.49 -107.83
N LYS NA 254 8.60 18.71 -108.68
CA LYS NA 254 9.98 18.95 -109.07
C LYS NA 254 10.02 19.46 -110.50
N ASN NA 255 10.70 20.58 -110.70
CA ASN NA 255 10.82 21.21 -112.02
C ASN NA 255 12.22 20.91 -112.55
N LEU NA 256 12.35 19.77 -113.21
CA LEU NA 256 13.65 19.31 -113.70
C LEU NA 256 13.95 19.77 -115.12
N GLY NA 257 12.94 20.16 -115.88
CA GLY NA 257 13.16 20.53 -117.27
C GLY NA 257 13.50 19.33 -118.12
N ASP NA 258 14.76 19.23 -118.53
CA ASP NA 258 15.23 18.10 -119.32
C ASP NA 258 15.72 16.94 -118.49
N GLY NA 259 15.87 17.11 -117.18
CA GLY NA 259 16.38 16.03 -116.34
C GLY NA 259 15.34 14.95 -116.17
N ILE NA 260 15.60 13.77 -116.70
CA ILE NA 260 14.69 12.64 -116.51
C ILE NA 260 14.69 12.25 -115.03
N ASP NA 261 13.50 11.94 -114.52
CA ASP NA 261 13.32 11.69 -113.09
C ASP NA 261 13.52 10.21 -112.81
N TYR NA 262 14.76 9.84 -112.48
CA TYR NA 262 15.03 8.45 -112.11
C TYR NA 262 14.26 8.08 -110.85
N GLY NA 263 14.08 9.02 -109.93
CA GLY NA 263 13.30 8.78 -108.74
C GLY NA 263 11.90 8.28 -109.01
N GLN NA 264 11.38 8.47 -110.22
CA GLN NA 264 10.06 7.97 -110.56
C GLN NA 264 9.93 6.47 -110.31
N ARG NA 265 11.06 5.76 -110.18
CA ARG NA 265 11.01 4.33 -109.89
C ARG NA 265 10.18 4.05 -108.64
N ASN NA 266 10.36 4.87 -107.61
CA ASN NA 266 9.52 4.80 -106.42
C ASN NA 266 8.64 6.05 -106.36
N TYR NA 267 7.68 6.01 -105.44
CA TYR NA 267 6.68 7.07 -105.32
C TYR NA 267 7.12 8.01 -104.19
N ASP NA 268 7.60 9.19 -104.56
CA ASP NA 268 8.03 10.19 -103.60
C ASP NA 268 7.45 11.57 -103.85
N CYS NA 269 7.02 11.88 -105.08
CA CYS NA 269 6.57 13.22 -105.40
C CYS NA 269 5.13 13.41 -104.99
N LEU NA 270 4.91 14.21 -103.95
CA LEU NA 270 3.56 14.46 -103.46
C LEU NA 270 2.72 15.16 -104.51
N GLY NA 271 3.31 16.09 -105.26
CA GLY NA 271 2.53 16.91 -106.18
C GLY NA 271 1.70 16.10 -107.17
N GLU NA 272 2.13 14.87 -107.46
CA GLU NA 272 1.36 13.98 -108.30
C GLU NA 272 0.81 12.76 -107.55
N LEU NA 273 1.41 12.37 -106.44
CA LEU NA 273 0.76 11.38 -105.59
C LEU NA 273 -0.58 11.87 -105.08
N ILE NA 274 -0.75 13.18 -105.00
CA ILE NA 274 -2.04 13.76 -104.64
C ILE NA 274 -2.94 13.86 -105.85
N ALA NA 275 -2.39 14.16 -107.02
CA ALA NA 275 -3.21 14.25 -108.22
C ALA NA 275 -3.81 12.90 -108.57
N ASP NA 276 -3.01 11.83 -108.51
CA ASP NA 276 -3.54 10.50 -108.78
C ASP NA 276 -4.64 10.14 -107.79
N THR NA 277 -4.48 10.47 -106.51
CA THR NA 277 -5.46 10.10 -105.51
C THR NA 277 -6.75 10.89 -105.68
N LEU NA 278 -6.67 12.16 -106.07
CA LEU NA 278 -7.88 12.95 -106.29
C LEU NA 278 -8.62 12.46 -107.52
N ALA NA 279 -7.89 12.12 -108.57
CA ALA NA 279 -8.53 11.50 -109.73
C ALA NA 279 -9.26 10.23 -109.33
N LEU NA 280 -8.64 9.41 -108.48
CA LEU NA 280 -9.27 8.18 -108.04
C LEU NA 280 -10.51 8.44 -107.21
N PHE NA 281 -10.46 9.44 -106.33
CA PHE NA 281 -11.63 9.81 -105.55
C PHE NA 281 -12.78 10.21 -106.45
N GLU NA 282 -12.52 11.09 -107.44
CA GLU NA 282 -13.57 11.47 -108.38
C GLU NA 282 -14.04 10.28 -109.19
N GLN NA 283 -13.14 9.32 -109.46
CA GLN NA 283 -13.51 8.12 -110.20
C GLN NA 283 -14.56 7.32 -109.45
N LYS NA 284 -14.35 7.13 -108.15
CA LYS NA 284 -15.18 6.22 -107.38
C LYS NA 284 -16.33 6.89 -106.63
N GLY NA 285 -16.26 8.20 -106.39
CA GLY NA 285 -17.25 8.84 -105.54
C GLY NA 285 -18.64 8.92 -106.12
N GLY NA 286 -18.78 8.80 -107.43
CA GLY NA 286 -20.08 8.84 -108.05
C GLY NA 286 -20.32 10.11 -108.86
N ASP NA 287 -21.52 10.67 -108.74
CA ASP NA 287 -21.92 11.81 -109.53
C ASP NA 287 -21.84 13.13 -108.78
N ASP NA 288 -21.30 13.12 -107.57
CA ASP NA 288 -21.26 14.30 -106.74
C ASP NA 288 -19.94 14.50 -106.01
N ALA NA 289 -19.00 13.57 -106.17
CA ALA NA 289 -17.70 13.70 -105.51
C ALA NA 289 -16.93 14.90 -106.01
N PHE NA 290 -17.16 15.34 -107.25
CA PHE NA 290 -16.38 16.44 -107.80
C PHE NA 290 -16.62 17.73 -107.04
N ILE NA 291 -17.88 18.02 -106.72
CA ILE NA 291 -18.16 19.28 -106.03
C ILE NA 291 -17.66 19.23 -104.60
N ASN NA 292 -17.77 18.07 -103.94
CA ASN NA 292 -17.24 17.96 -102.59
C ASN NA 292 -15.73 18.09 -102.57
N ILE NA 293 -15.07 17.71 -103.66
CA ILE NA 293 -13.63 17.93 -103.77
C ILE NA 293 -13.33 19.40 -104.03
N LYS NA 294 -13.92 19.95 -105.09
CA LYS NA 294 -13.75 21.36 -105.46
C LYS NA 294 -14.03 22.30 -104.30
N TYR NA 295 -14.87 21.90 -103.35
CA TYR NA 295 -15.16 22.76 -102.20
C TYR NA 295 -13.95 22.86 -101.29
N MET NA 296 -13.23 21.75 -101.09
CA MET NA 296 -12.08 21.73 -100.18
C MET NA 296 -10.81 22.20 -100.88
N VAL NA 297 -10.45 21.56 -101.98
CA VAL NA 297 -9.32 21.97 -102.79
C VAL NA 297 -9.87 22.73 -104.00
N PRO NA 298 -9.73 24.06 -104.05
CA PRO NA 298 -10.36 24.82 -105.13
C PRO NA 298 -9.64 24.69 -106.45
N THR NA 299 -8.34 24.40 -106.44
CA THR NA 299 -7.58 24.31 -107.68
C THR NA 299 -7.94 23.07 -108.50
N TYR NA 300 -8.72 22.15 -107.94
CA TYR NA 300 -8.97 20.88 -108.61
C TYR NA 300 -9.77 21.09 -109.89
N GLU NA 301 -9.56 20.15 -110.82
CA GLU NA 301 -10.19 20.18 -112.13
C GLU NA 301 -10.85 18.83 -112.41
N SER NA 302 -12.08 18.87 -112.90
CA SER NA 302 -12.80 17.63 -113.16
C SER NA 302 -12.04 16.77 -114.17
N SER NA 303 -11.89 15.49 -113.84
CA SER NA 303 -11.15 14.53 -114.64
C SER NA 303 -12.08 13.57 -115.36
N VAL NA 304 -13.23 14.04 -115.84
CA VAL NA 304 -14.14 13.19 -116.58
C VAL NA 304 -14.55 13.86 -117.89
N MET OA 1 -67.95 -30.87 89.50
CA MET OA 1 -67.25 -31.31 88.30
C MET OA 1 -65.89 -31.89 88.65
N ARG OA 2 -65.17 -31.22 89.54
CA ARG OA 2 -63.88 -31.68 90.05
C ARG OA 2 -64.03 -31.90 91.54
N GLU OA 3 -64.48 -33.10 91.91
CA GLU OA 3 -64.86 -33.39 93.28
C GLU OA 3 -64.04 -34.56 93.81
N VAL OA 4 -63.81 -34.56 95.13
CA VAL OA 4 -63.10 -35.63 95.81
C VAL OA 4 -63.92 -36.04 97.03
N ILE OA 5 -63.59 -37.21 97.56
CA ILE OA 5 -64.25 -37.77 98.73
C ILE OA 5 -63.20 -37.99 99.81
N SER OA 6 -63.40 -37.39 100.97
CA SER OA 6 -62.39 -37.34 102.02
C SER OA 6 -62.85 -38.22 103.16
N ILE OA 7 -62.14 -39.33 103.37
CA ILE OA 7 -62.48 -40.32 104.39
C ILE OA 7 -61.48 -40.20 105.53
N HIS OA 8 -61.99 -40.16 106.76
CA HIS OA 8 -61.15 -40.09 107.95
C HIS OA 8 -61.46 -41.29 108.83
N ILE OA 9 -60.44 -42.08 109.14
CA ILE OA 9 -60.59 -43.34 109.85
C ILE OA 9 -59.81 -43.27 111.15
N GLY OA 10 -60.37 -43.84 112.21
CA GLY OA 10 -59.67 -43.91 113.46
C GLY OA 10 -59.74 -42.60 114.24
N GLN OA 11 -58.77 -42.42 115.13
CA GLN OA 11 -58.71 -41.22 115.95
C GLN OA 11 -57.93 -40.12 115.25
N ALA OA 12 -56.66 -40.36 114.95
CA ALA OA 12 -55.89 -39.34 114.25
C ALA OA 12 -56.48 -39.00 112.90
N GLY OA 13 -57.22 -39.93 112.30
CA GLY OA 13 -57.92 -39.61 111.06
C GLY OA 13 -58.96 -38.53 111.25
N ILE OA 14 -59.79 -38.66 112.28
CA ILE OA 14 -60.81 -37.64 112.52
C ILE OA 14 -60.28 -36.47 113.32
N GLN OA 15 -59.14 -36.63 113.98
CA GLN OA 15 -58.50 -35.48 114.64
C GLN OA 15 -58.05 -34.45 113.60
N VAL OA 16 -57.34 -34.91 112.57
CA VAL OA 16 -56.98 -33.99 111.50
C VAL OA 16 -58.21 -33.60 110.69
N GLY OA 17 -59.24 -34.46 110.68
CA GLY OA 17 -60.52 -34.06 110.12
C GLY OA 17 -61.05 -32.80 110.78
N ASN OA 18 -60.78 -32.61 112.07
CA ASN OA 18 -61.11 -31.35 112.72
C ASN OA 18 -60.22 -30.22 112.26
N ALA OA 19 -59.05 -30.53 111.70
CA ALA OA 19 -58.14 -29.49 111.24
C ALA OA 19 -58.37 -29.12 109.77
N CYS OA 20 -58.51 -30.11 108.90
CA CYS OA 20 -58.75 -29.82 107.49
C CYS OA 20 -60.07 -29.08 107.32
N TRP OA 21 -61.14 -29.59 107.92
CA TRP OA 21 -62.46 -28.99 107.73
C TRP OA 21 -62.61 -27.69 108.52
N GLU OA 22 -61.77 -27.45 109.52
CA GLU OA 22 -61.66 -26.11 110.05
C GLU OA 22 -61.06 -25.16 109.01
N LEU OA 23 -60.11 -25.65 108.23
CA LEU OA 23 -59.43 -24.79 107.28
C LEU OA 23 -60.28 -24.52 106.05
N TYR OA 24 -60.84 -25.57 105.45
CA TYR OA 24 -61.58 -25.39 104.20
C TYR OA 24 -62.77 -24.48 104.39
N CYS OA 25 -63.57 -24.73 105.43
CA CYS OA 25 -64.68 -23.84 105.74
C CYS OA 25 -64.19 -22.42 105.96
N LEU OA 26 -62.97 -22.27 106.49
CA LEU OA 26 -62.40 -20.95 106.64
C LEU OA 26 -61.85 -20.43 105.32
N GLU OA 27 -61.36 -21.32 104.45
CA GLU OA 27 -60.84 -20.89 103.16
C GLU OA 27 -61.94 -20.30 102.29
N HIS OA 28 -63.11 -20.95 102.26
CA HIS OA 28 -64.21 -20.54 101.40
C HIS OA 28 -65.21 -19.67 102.14
N GLY OA 29 -64.83 -19.10 103.27
CA GLY OA 29 -65.71 -18.24 104.03
C GLY OA 29 -66.91 -18.92 104.64
N ILE OA 30 -67.03 -20.24 104.51
CA ILE OA 30 -68.15 -20.95 105.11
C ILE OA 30 -68.08 -20.81 106.62
N GLN OA 31 -69.16 -20.34 107.22
CA GLN OA 31 -69.17 -20.35 108.67
C GLN OA 31 -69.65 -21.70 109.17
N PRO OA 32 -69.31 -22.07 110.42
CA PRO OA 32 -69.66 -23.41 110.93
C PRO OA 32 -71.14 -23.77 110.81
N ASP OA 33 -72.00 -22.78 110.56
CA ASP OA 33 -73.40 -23.07 110.29
C ASP OA 33 -73.62 -23.69 108.92
N GLY OA 34 -72.56 -23.88 108.14
CA GLY OA 34 -72.70 -24.41 106.80
C GLY OA 34 -73.26 -23.42 105.79
N GLN OA 35 -73.55 -22.20 106.21
CA GLN OA 35 -74.09 -21.19 105.33
C GLN OA 35 -72.98 -20.23 104.90
N MET OA 36 -73.28 -19.43 103.95
CA MET OA 36 -72.39 -18.33 103.70
C MET OA 36 -72.95 -17.05 104.33
N PRO OA 37 -72.09 -16.13 104.78
CA PRO OA 37 -72.61 -14.92 105.43
C PRO OA 37 -73.51 -14.09 104.53
N SER OA 38 -73.41 -14.27 103.21
CA SER OA 38 -74.36 -13.73 102.25
C SER OA 38 -74.40 -12.21 102.24
N ASP OA 39 -73.54 -11.56 103.02
CA ASP OA 39 -73.46 -10.12 103.05
C ASP OA 39 -72.05 -9.58 102.84
N LYS OA 40 -71.02 -10.39 103.05
CA LYS OA 40 -69.62 -10.01 102.84
C LYS OA 40 -68.89 -11.08 102.04
N THR OA 41 -69.50 -11.49 100.93
CA THR OA 41 -68.94 -12.52 100.06
C THR OA 41 -67.51 -12.18 99.66
N ILE OA 42 -66.57 -13.06 100.01
CA ILE OA 42 -65.16 -12.84 99.73
C ILE OA 42 -64.65 -13.71 98.58
N GLY OA 43 -65.37 -14.77 98.21
CA GLY OA 43 -64.87 -15.67 97.19
C GLY OA 43 -64.86 -15.07 95.82
N GLY OA 44 -63.67 -14.76 95.30
CA GLY OA 44 -63.54 -14.17 93.98
C GLY OA 44 -64.12 -15.01 92.87
N GLY OA 45 -64.32 -16.30 93.11
CA GLY OA 45 -64.94 -17.17 92.13
C GLY OA 45 -66.01 -18.02 92.78
N ASP OA 46 -66.95 -18.45 91.95
CA ASP OA 46 -68.06 -19.28 92.36
C ASP OA 46 -67.78 -20.73 91.98
N ASP OA 47 -68.50 -21.65 92.65
CA ASP OA 47 -68.45 -23.07 92.36
C ASP OA 47 -67.06 -23.67 92.59
N ALA OA 48 -66.28 -23.05 93.48
CA ALA OA 48 -65.03 -23.65 93.91
C ALA OA 48 -65.22 -24.53 95.13
N PHE OA 49 -66.24 -24.23 95.94
CA PHE OA 49 -66.54 -25.05 97.11
C PHE OA 49 -66.99 -26.45 96.75
N ASN OA 50 -67.47 -26.66 95.52
CA ASN OA 50 -68.01 -27.97 95.15
C ASN OA 50 -66.96 -29.06 95.20
N THR OA 51 -65.68 -28.71 95.20
CA THR OA 51 -64.64 -29.71 95.40
C THR OA 51 -64.79 -30.40 96.74
N PHE OA 52 -65.26 -29.69 97.75
CA PHE OA 52 -65.36 -30.23 99.09
C PHE OA 52 -66.76 -30.15 99.69
N PHE OA 53 -67.74 -29.61 98.97
CA PHE OA 53 -69.03 -29.35 99.56
C PHE OA 53 -70.13 -29.71 98.58
N SER OA 54 -71.37 -29.64 99.07
CA SER OA 54 -72.54 -29.98 98.28
C SER OA 54 -73.65 -29.00 98.66
N GLU OA 55 -73.81 -27.95 97.88
CA GLU OA 55 -74.88 -26.98 98.13
C GLU OA 55 -76.22 -27.69 98.14
N THR OA 56 -77.02 -27.43 99.18
CA THR OA 56 -78.32 -28.06 99.31
C THR OA 56 -79.32 -27.35 98.41
N GLY OA 57 -80.61 -27.62 98.61
CA GLY OA 57 -81.64 -26.93 97.86
C GLY OA 57 -81.67 -25.43 98.09
N ALA OA 58 -81.17 -24.97 99.25
CA ALA OA 58 -81.23 -23.53 99.56
C ALA OA 58 -80.15 -23.21 100.59
N GLY OA 59 -79.07 -22.59 100.13
CA GLY OA 59 -78.13 -21.89 101.00
C GLY OA 59 -77.02 -22.64 101.71
N LYS OA 60 -77.27 -23.88 102.12
CA LYS OA 60 -76.35 -24.59 102.99
C LYS OA 60 -75.31 -25.37 102.20
N HIS OA 61 -74.10 -25.45 102.75
CA HIS OA 61 -72.99 -26.18 102.14
C HIS OA 61 -72.55 -27.28 103.10
N VAL OA 62 -72.70 -28.52 102.69
CA VAL OA 62 -72.40 -29.68 103.53
C VAL OA 62 -71.12 -30.32 103.00
N PRO OA 63 -70.14 -30.62 103.87
CA PRO OA 63 -68.89 -31.20 103.38
C PRO OA 63 -69.08 -32.63 102.92
N ARG OA 64 -68.42 -32.96 101.81
CA ARG OA 64 -68.50 -34.31 101.24
C ARG OA 64 -67.38 -35.18 101.82
N CYS OA 65 -67.38 -35.29 103.15
CA CYS OA 65 -66.44 -36.12 103.87
C CYS OA 65 -67.19 -37.18 104.66
N ILE OA 66 -66.42 -38.09 105.26
CA ILE OA 66 -67.00 -39.17 106.06
C ILE OA 66 -66.07 -39.44 107.25
N PHE OA 67 -66.57 -39.19 108.45
CA PHE OA 67 -65.83 -39.51 109.68
C PHE OA 67 -66.23 -40.91 110.10
N LEU OA 68 -65.25 -41.81 110.19
CA LEU OA 68 -65.48 -43.21 110.53
C LEU OA 68 -64.64 -43.59 111.74
N ASP OA 69 -65.22 -44.38 112.63
CA ASP OA 69 -64.53 -44.77 113.85
C ASP OA 69 -65.34 -45.85 114.55
N LEU OA 70 -64.64 -46.61 115.39
CA LEU OA 70 -65.28 -47.55 116.30
C LEU OA 70 -65.42 -46.99 117.71
N GLU OA 71 -64.67 -45.95 118.05
CA GLU OA 71 -64.79 -45.30 119.35
C GLU OA 71 -65.85 -44.22 119.28
N PRO OA 72 -66.89 -44.27 120.10
CA PRO OA 72 -67.85 -43.16 120.09
C PRO OA 72 -67.33 -41.92 120.79
N THR OA 73 -66.39 -42.08 121.72
CA THR OA 73 -65.97 -40.99 122.59
C THR OA 73 -65.38 -39.81 121.83
N VAL OA 74 -65.00 -39.99 120.57
CA VAL OA 74 -64.47 -38.89 119.76
C VAL OA 74 -65.49 -38.42 118.74
N VAL OA 75 -66.22 -39.36 118.12
CA VAL OA 75 -67.21 -38.95 117.13
C VAL OA 75 -68.33 -38.18 117.77
N ASP OA 76 -68.62 -38.43 119.06
CA ASP OA 76 -69.64 -37.63 119.72
C ASP OA 76 -69.15 -36.22 119.97
N GLU OA 77 -67.85 -36.04 120.20
CA GLU OA 77 -67.30 -34.70 120.40
C GLU OA 77 -67.64 -33.81 119.21
N VAL OA 78 -67.46 -34.31 117.99
CA VAL OA 78 -67.87 -33.58 116.81
C VAL OA 78 -69.35 -33.25 116.88
N ARG OA 79 -70.16 -34.17 117.38
CA ARG OA 79 -71.59 -33.93 117.51
C ARG OA 79 -71.90 -32.88 118.57
N THR OA 80 -70.93 -32.54 119.42
CA THR OA 80 -71.11 -31.47 120.40
C THR OA 80 -70.31 -30.22 120.07
N GLY OA 81 -69.19 -30.35 119.38
CA GLY OA 81 -68.40 -29.20 119.00
C GLY OA 81 -69.16 -28.26 118.10
N THR OA 82 -68.56 -27.09 117.88
CA THR OA 82 -69.21 -26.08 117.05
C THR OA 82 -69.49 -26.59 115.65
N TYR OA 83 -68.68 -27.52 115.16
CA TYR OA 83 -68.85 -28.06 113.82
C TYR OA 83 -69.80 -29.26 113.83
N ARG OA 84 -70.99 -29.02 114.37
CA ARG OA 84 -72.05 -30.02 114.34
C ARG OA 84 -73.15 -29.69 113.36
N GLN OA 85 -73.38 -28.40 113.08
CA GLN OA 85 -74.31 -28.03 112.02
C GLN OA 85 -73.80 -28.42 110.65
N LEU OA 86 -72.49 -28.63 110.51
CA LEU OA 86 -71.91 -28.91 109.20
C LEU OA 86 -72.30 -30.28 108.69
N PHE OA 87 -71.93 -31.33 109.40
CA PHE OA 87 -72.04 -32.68 108.88
C PHE OA 87 -73.48 -33.18 108.98
N HIS OA 88 -73.94 -33.80 107.91
CA HIS OA 88 -75.14 -34.60 108.00
C HIS OA 88 -74.88 -35.76 108.95
N PRO OA 89 -75.70 -35.96 109.97
CA PRO OA 89 -75.42 -37.04 110.95
C PRO OA 89 -75.28 -38.41 110.32
N GLU OA 90 -75.80 -38.62 109.11
CA GLU OA 90 -75.56 -39.88 108.42
C GLU OA 90 -74.09 -40.08 108.11
N GLN OA 91 -73.33 -38.99 108.01
CA GLN OA 91 -71.92 -39.10 107.66
C GLN OA 91 -71.09 -39.53 108.87
N LEU OA 92 -71.34 -38.94 110.03
CA LEU OA 92 -70.62 -39.33 111.23
C LEU OA 92 -70.99 -40.75 111.63
N ILE OA 93 -70.03 -41.65 111.58
CA ILE OA 93 -70.24 -43.07 111.87
C ILE OA 93 -69.49 -43.41 113.15
N SER OA 94 -70.07 -44.32 113.93
CA SER OA 94 -69.44 -44.72 115.18
C SER OA 94 -69.91 -46.12 115.56
N GLY OA 95 -69.14 -46.75 116.44
CA GLY OA 95 -69.47 -48.07 116.92
C GLY OA 95 -69.49 -48.10 118.44
N LYS OA 96 -70.14 -49.12 118.97
CA LYS OA 96 -70.25 -49.26 120.42
C LYS OA 96 -68.96 -49.78 121.05
N GLU OA 97 -68.19 -50.57 120.32
CA GLU OA 97 -66.97 -51.18 120.82
C GLU OA 97 -65.78 -50.72 120.00
N ASP OA 98 -64.59 -50.80 120.60
CA ASP OA 98 -63.36 -50.34 119.98
C ASP OA 98 -62.50 -51.53 119.55
N ALA OA 99 -61.68 -51.31 118.52
CA ALA OA 99 -60.74 -52.34 118.08
C ALA OA 99 -59.65 -52.58 119.11
N ALA OA 100 -59.34 -51.57 119.93
CA ALA OA 100 -58.45 -51.71 121.08
C ALA OA 100 -57.04 -52.15 120.65
N ASN OA 101 -56.46 -51.39 119.72
CA ASN OA 101 -55.10 -51.60 119.24
C ASN OA 101 -54.86 -53.06 118.87
N ASN OA 102 -55.63 -53.52 117.89
CA ASN OA 102 -55.57 -54.90 117.45
C ASN OA 102 -56.02 -54.96 116.00
N PHE OA 103 -55.10 -55.34 115.11
CA PHE OA 103 -55.43 -55.39 113.70
C PHE OA 103 -56.58 -56.37 113.44
N ALA OA 104 -56.59 -57.50 114.14
CA ALA OA 104 -57.61 -58.52 113.88
C ALA OA 104 -59.01 -57.97 114.19
N ARG OA 105 -59.17 -57.29 115.31
CA ARG OA 105 -60.47 -56.72 115.64
C ARG OA 105 -60.88 -55.67 114.63
N GLY OA 106 -59.94 -54.82 114.22
CA GLY OA 106 -60.25 -53.82 113.21
C GLY OA 106 -60.45 -54.40 111.83
N HIS OA 107 -59.95 -55.61 111.58
CA HIS OA 107 -60.01 -56.23 110.27
C HIS OA 107 -61.00 -57.37 110.20
N TYR OA 108 -60.93 -58.32 111.14
CA TYR OA 108 -61.72 -59.54 111.06
C TYR OA 108 -62.97 -59.50 111.93
N THR OA 109 -62.83 -59.10 113.19
CA THR OA 109 -63.91 -59.28 114.16
C THR OA 109 -65.01 -58.24 113.97
N ILE OA 110 -64.68 -56.96 114.10
CA ILE OA 110 -65.70 -55.92 114.21
C ILE OA 110 -65.98 -55.25 112.87
N GLY OA 111 -64.93 -54.91 112.12
CA GLY OA 111 -65.11 -54.07 110.94
C GLY OA 111 -66.07 -54.62 109.92
N LYS OA 112 -66.11 -55.95 109.77
CA LYS OA 112 -66.89 -56.57 108.71
C LYS OA 112 -68.39 -56.37 108.85
N GLU OA 113 -68.85 -55.77 109.95
CA GLU OA 113 -70.27 -55.58 110.17
C GLU OA 113 -70.74 -54.15 109.89
N ILE OA 114 -69.83 -53.19 109.79
CA ILE OA 114 -70.21 -51.81 109.50
C ILE OA 114 -69.66 -51.31 108.17
N VAL OA 115 -68.84 -52.10 107.47
CA VAL OA 115 -68.38 -51.67 106.16
C VAL OA 115 -69.55 -51.47 105.21
N ASP OA 116 -70.54 -52.38 105.25
CA ASP OA 116 -71.74 -52.20 104.46
C ASP OA 116 -72.37 -50.85 104.72
N LEU OA 117 -72.40 -50.43 105.99
CA LEU OA 117 -72.92 -49.11 106.32
C LEU OA 117 -72.09 -48.03 105.64
N ALA OA 118 -70.78 -48.02 105.90
CA ALA OA 118 -69.93 -46.99 105.33
C ALA OA 118 -69.96 -47.01 103.80
N LEU OA 119 -69.93 -48.21 103.21
CA LEU OA 119 -69.93 -48.30 101.75
C LEU OA 119 -71.22 -47.74 101.16
N ASP OA 120 -72.36 -48.00 101.80
CA ASP OA 120 -73.62 -47.43 101.32
C ASP OA 120 -73.58 -45.92 101.35
N ARG OA 121 -72.99 -45.34 102.40
CA ARG OA 121 -72.80 -43.90 102.45
C ARG OA 121 -71.98 -43.42 101.26
N ILE OA 122 -70.85 -44.08 101.01
CA ILE OA 122 -69.97 -43.66 99.93
C ILE OA 122 -70.68 -43.74 98.59
N ARG OA 123 -71.48 -44.78 98.38
CA ARG OA 123 -72.32 -44.83 97.18
C ARG OA 123 -73.18 -43.59 97.08
N LYS OA 124 -73.97 -43.31 98.13
CA LYS OA 124 -74.79 -42.11 98.15
C LYS OA 124 -73.94 -40.85 98.08
N LEU OA 125 -72.70 -40.93 98.52
CA LEU OA 125 -71.83 -39.75 98.51
C LEU OA 125 -71.13 -39.56 97.17
N ALA OA 126 -71.01 -40.62 96.38
CA ALA OA 126 -70.42 -40.51 95.05
C ALA OA 126 -71.46 -40.28 93.96
N ASP OA 127 -72.71 -40.70 94.19
CA ASP OA 127 -73.74 -40.54 93.17
C ASP OA 127 -74.04 -39.08 92.89
N ASN OA 128 -73.93 -38.21 93.88
CA ASN OA 128 -74.16 -36.79 93.63
C ASN OA 128 -72.99 -36.16 92.88
N CYS OA 129 -71.86 -36.85 92.76
CA CYS OA 129 -70.75 -36.33 92.00
C CYS OA 129 -70.95 -36.59 90.51
N THR OA 130 -70.48 -35.65 89.69
CA THR OA 130 -70.46 -35.83 88.24
C THR OA 130 -69.07 -36.17 87.72
N GLY OA 131 -68.03 -35.55 88.25
CA GLY OA 131 -66.67 -35.96 87.96
C GLY OA 131 -65.89 -36.16 89.24
N LEU OA 132 -65.60 -37.40 89.60
CA LEU OA 132 -64.93 -37.72 90.85
C LEU OA 132 -63.45 -37.93 90.57
N GLN OA 133 -62.61 -37.05 91.12
CA GLN OA 133 -61.17 -37.17 90.91
C GLN OA 133 -60.60 -38.37 91.66
N GLY OA 134 -60.97 -38.52 92.92
CA GLY OA 134 -60.49 -39.65 93.69
C GLY OA 134 -60.67 -39.42 95.17
N PHE OA 135 -60.52 -40.51 95.92
CA PHE OA 135 -60.68 -40.47 97.36
C PHE OA 135 -59.42 -39.92 98.03
N LEU OA 136 -59.56 -39.57 99.30
CA LEU OA 136 -58.48 -38.94 100.07
C LEU OA 136 -58.54 -39.50 101.49
N VAL OA 137 -57.82 -40.59 101.73
CA VAL OA 137 -57.96 -41.36 102.95
C VAL OA 137 -56.96 -40.89 103.99
N PHE OA 138 -57.46 -40.55 105.17
CA PHE OA 138 -56.65 -40.19 106.32
C PHE OA 138 -56.63 -41.36 107.27
N ASN OA 139 -55.44 -41.82 107.65
CA ASN OA 139 -55.30 -42.99 108.49
C ASN OA 139 -54.19 -42.77 109.51
N ALA OA 140 -54.18 -43.61 110.54
CA ALA OA 140 -53.18 -43.59 111.60
C ALA OA 140 -52.63 -44.99 111.75
N VAL OA 141 -51.62 -45.32 110.95
CA VAL OA 141 -51.04 -46.65 111.00
C VAL OA 141 -50.41 -46.89 112.36
N GLY OA 142 -50.97 -47.82 113.12
CA GLY OA 142 -50.47 -48.07 114.46
C GLY OA 142 -51.57 -48.42 115.44
N GLY OA 143 -52.83 -48.20 115.06
CA GLY OA 143 -53.95 -48.55 115.88
C GLY OA 143 -54.79 -49.66 115.28
N GLY OA 144 -55.79 -50.09 116.04
CA GLY OA 144 -56.66 -51.14 115.58
C GLY OA 144 -57.67 -50.64 114.57
N THR OA 145 -58.24 -49.47 114.83
CA THR OA 145 -59.22 -48.91 113.92
C THR OA 145 -58.57 -48.43 112.63
N GLY OA 146 -57.51 -47.64 112.75
CA GLY OA 146 -56.90 -47.07 111.56
C GLY OA 146 -56.32 -48.12 110.63
N SER OA 147 -55.61 -49.10 111.19
CA SER OA 147 -54.99 -50.12 110.36
C SER OA 147 -55.99 -51.21 109.98
N GLY OA 148 -56.70 -51.74 110.97
CA GLY OA 148 -57.65 -52.82 110.72
C GLY OA 148 -58.73 -52.42 109.75
N LEU OA 149 -59.42 -51.32 110.03
CA LEU OA 149 -60.49 -50.88 109.15
C LEU OA 149 -59.95 -50.31 107.85
N GLY OA 150 -58.99 -49.39 107.94
CA GLY OA 150 -58.44 -48.76 106.75
C GLY OA 150 -58.01 -49.77 105.70
N SER OA 151 -57.38 -50.85 106.15
CA SER OA 151 -57.10 -51.96 105.24
C SER OA 151 -58.40 -52.55 104.69
N LEU OA 152 -59.34 -52.86 105.58
CA LEU OA 152 -60.56 -53.51 105.15
C LEU OA 152 -61.39 -52.64 104.21
N LEU OA 153 -61.35 -51.32 104.38
CA LEU OA 153 -62.09 -50.45 103.48
C LEU OA 153 -61.47 -50.43 102.09
N LEU OA 154 -60.17 -50.19 102.02
CA LEU OA 154 -59.53 -49.95 100.72
C LEU OA 154 -59.75 -51.13 99.78
N GLU OA 155 -59.75 -52.36 100.31
CA GLU OA 155 -60.09 -53.50 99.48
C GLU OA 155 -61.50 -53.36 98.91
N ARG OA 156 -62.46 -53.05 99.77
CA ARG OA 156 -63.84 -52.86 99.33
C ARG OA 156 -63.95 -51.73 98.33
N LEU OA 157 -63.11 -50.71 98.44
CA LEU OA 157 -63.13 -49.63 97.47
C LEU OA 157 -62.52 -50.05 96.15
N SER OA 158 -61.42 -50.80 96.20
CA SER OA 158 -60.74 -51.20 94.96
C SER OA 158 -61.62 -52.10 94.11
N VAL OA 159 -62.28 -53.08 94.73
CA VAL OA 159 -63.13 -53.98 93.96
C VAL OA 159 -64.31 -53.22 93.37
N ASP OA 160 -64.72 -52.11 93.98
CA ASP OA 160 -65.85 -51.36 93.45
C ASP OA 160 -65.42 -50.44 92.33
N TYR OA 161 -64.45 -49.57 92.59
CA TYR OA 161 -63.99 -48.62 91.59
C TYR OA 161 -62.74 -49.10 90.85
N GLY OA 162 -61.64 -49.30 91.56
CA GLY OA 162 -60.43 -49.79 90.93
C GLY OA 162 -59.81 -48.78 90.00
N LYS OA 163 -60.57 -48.36 88.98
CA LYS OA 163 -60.11 -47.32 88.08
C LYS OA 163 -60.02 -45.97 88.76
N LYS OA 164 -60.64 -45.81 89.91
CA LYS OA 164 -60.56 -44.57 90.65
C LYS OA 164 -59.23 -44.49 91.41
N SER OA 165 -58.76 -43.26 91.61
CA SER OA 165 -57.51 -43.02 92.31
C SER OA 165 -57.75 -42.87 93.80
N LYS OA 166 -56.89 -43.49 94.60
CA LYS OA 166 -56.99 -43.45 96.05
C LYS OA 166 -55.66 -42.97 96.62
N LEU OA 167 -55.71 -42.00 97.53
CA LEU OA 167 -54.54 -41.47 98.18
C LEU OA 167 -54.61 -41.74 99.68
N GLY OA 168 -53.44 -41.85 100.31
CA GLY OA 168 -53.41 -42.10 101.73
C GLY OA 168 -52.39 -41.24 102.46
N PHE OA 169 -52.87 -40.36 103.33
CA PHE OA 169 -52.01 -39.52 104.15
C PHE OA 169 -51.81 -40.14 105.53
N THR OA 170 -51.33 -41.37 105.54
CA THR OA 170 -51.24 -42.15 106.77
C THR OA 170 -50.07 -41.66 107.61
N VAL OA 171 -50.36 -41.23 108.83
CA VAL OA 171 -49.28 -41.01 109.80
C VAL OA 171 -48.67 -42.36 110.12
N TYR OA 172 -47.41 -42.33 110.56
CA TYR OA 172 -46.58 -43.51 110.59
C TYR OA 172 -45.88 -43.61 111.94
N PRO OA 173 -45.59 -44.83 112.42
CA PRO OA 173 -44.94 -44.97 113.73
C PRO OA 173 -43.53 -44.38 113.72
N SER OA 174 -43.26 -43.55 114.73
CA SER OA 174 -41.97 -42.89 114.84
C SER OA 174 -40.89 -43.88 115.29
N PRO OA 175 -39.63 -43.65 114.91
CA PRO OA 175 -38.55 -44.52 115.37
C PRO OA 175 -38.40 -44.52 116.87
N GLN OA 176 -38.25 -43.33 117.44
CA GLN OA 176 -38.00 -43.19 118.87
C GLN OA 176 -39.30 -43.04 119.66
N VAL OA 177 -40.06 -41.99 119.39
CA VAL OA 177 -41.29 -41.73 120.12
C VAL OA 177 -42.36 -42.72 119.70
N SER OA 178 -42.99 -43.36 120.68
CA SER OA 178 -44.06 -44.31 120.37
C SER OA 178 -45.09 -44.28 121.49
N THR OA 179 -46.32 -43.96 121.15
CA THR OA 179 -47.42 -43.94 122.12
C THR OA 179 -48.07 -45.29 122.28
N ALA OA 180 -47.52 -46.34 121.66
CA ALA OA 180 -48.03 -47.69 121.80
C ALA OA 180 -46.86 -48.64 121.96
N VAL OA 181 -47.17 -49.91 122.12
CA VAL OA 181 -46.14 -50.93 122.28
C VAL OA 181 -46.32 -52.01 121.23
N VAL OA 182 -47.55 -52.16 120.72
CA VAL OA 182 -47.85 -53.19 119.73
C VAL OA 182 -47.99 -52.59 118.34
N GLU OA 183 -47.53 -51.35 118.13
CA GLU OA 183 -47.67 -50.75 116.81
C GLU OA 183 -46.77 -51.37 115.74
N PRO OA 184 -45.64 -52.01 116.08
CA PRO OA 184 -44.92 -52.74 115.02
C PRO OA 184 -45.78 -53.77 114.31
N TYR OA 185 -46.63 -54.49 115.03
CA TYR OA 185 -47.42 -55.54 114.40
C TYR OA 185 -48.43 -54.98 113.41
N ASN OA 186 -49.38 -54.19 113.90
CA ASN OA 186 -50.48 -53.76 113.06
C ASN OA 186 -50.00 -52.84 111.94
N SER OA 187 -48.86 -52.18 112.11
CA SER OA 187 -48.26 -51.43 111.02
C SER OA 187 -47.91 -52.35 109.86
N VAL OA 188 -47.09 -53.37 110.14
CA VAL OA 188 -46.75 -54.37 109.12
C VAL OA 188 -48.02 -54.96 108.53
N LEU OA 189 -48.95 -55.36 109.38
CA LEU OA 189 -50.20 -55.95 108.91
C LEU OA 189 -50.98 -54.98 108.04
N SER OA 190 -50.78 -53.67 108.23
CA SER OA 190 -51.51 -52.70 107.44
C SER OA 190 -50.89 -52.53 106.05
N THR OA 191 -49.57 -52.36 106.00
CA THR OA 191 -48.89 -52.09 104.73
C THR OA 191 -49.18 -53.18 103.72
N HIS OA 192 -48.96 -54.45 104.10
CA HIS OA 192 -49.22 -55.56 103.20
C HIS OA 192 -50.63 -55.53 102.63
N SER OA 193 -51.56 -54.89 103.32
CA SER OA 193 -52.95 -54.82 102.92
C SER OA 193 -53.27 -53.60 102.07
N LEU OA 194 -52.78 -52.42 102.45
CA LEU OA 194 -53.07 -51.23 101.67
C LEU OA 194 -52.33 -51.23 100.34
N LEU OA 195 -51.18 -51.90 100.27
CA LEU OA 195 -50.26 -51.73 99.16
C LEU OA 195 -50.94 -52.01 97.82
N GLU OA 196 -51.58 -53.16 97.68
CA GLU OA 196 -52.22 -53.51 96.43
C GLU OA 196 -53.47 -52.69 96.16
N HIS OA 197 -53.88 -51.83 97.08
CA HIS OA 197 -55.15 -51.13 96.97
C HIS OA 197 -55.02 -49.62 96.93
N THR OA 198 -53.99 -49.05 97.53
CA THR OA 198 -53.74 -47.62 97.38
C THR OA 198 -52.93 -47.36 96.11
N ASP OA 199 -53.19 -46.21 95.51
CA ASP OA 199 -52.44 -45.79 94.33
C ASP OA 199 -51.25 -44.91 94.69
N VAL OA 200 -51.45 -43.97 95.61
CA VAL OA 200 -50.38 -43.15 96.15
C VAL OA 200 -50.56 -43.11 97.66
N ALA OA 201 -49.46 -43.01 98.39
CA ALA OA 201 -49.51 -43.03 99.85
C ALA OA 201 -48.45 -42.09 100.40
N VAL OA 202 -48.88 -40.87 100.73
CA VAL OA 202 -48.00 -39.92 101.41
C VAL OA 202 -47.77 -40.41 102.83
N MET OA 203 -46.57 -40.18 103.34
CA MET OA 203 -46.18 -40.68 104.65
C MET OA 203 -45.56 -39.56 105.47
N LEU OA 204 -45.99 -39.44 106.72
CA LEU OA 204 -45.44 -38.43 107.61
C LEU OA 204 -45.50 -38.97 109.03
N ASP OA 205 -44.68 -38.39 109.90
CA ASP OA 205 -44.47 -38.90 111.24
C ASP OA 205 -44.71 -37.84 112.29
N ASN OA 206 -45.16 -38.28 113.48
CA ASN OA 206 -45.41 -37.36 114.57
C ASN OA 206 -44.13 -36.69 115.03
N GLU OA 207 -43.08 -37.48 115.26
CA GLU OA 207 -41.86 -36.95 115.89
C GLU OA 207 -41.20 -35.88 115.03
N ALA OA 208 -41.11 -36.10 113.72
CA ALA OA 208 -40.47 -35.12 112.85
C ALA OA 208 -41.20 -33.79 112.89
N ILE OA 209 -42.53 -33.81 113.01
CA ILE OA 209 -43.29 -32.58 113.10
C ILE OA 209 -43.09 -31.89 114.43
N TYR OA 210 -42.68 -32.63 115.47
CA TYR OA 210 -42.36 -32.00 116.74
C TYR OA 210 -41.15 -31.09 116.61
N ASP OA 211 -40.15 -31.51 115.83
CA ASP OA 211 -38.94 -30.71 115.70
C ASP OA 211 -39.16 -29.51 114.80
N ILE OA 212 -39.86 -29.70 113.67
CA ILE OA 212 -40.27 -28.57 112.86
C ILE OA 212 -40.99 -27.55 113.73
N CYS OA 213 -41.80 -28.03 114.67
CA CYS OA 213 -42.44 -27.14 115.64
C CYS OA 213 -41.43 -26.53 116.59
N ARG OA 214 -40.32 -27.23 116.86
CA ARG OA 214 -39.32 -26.73 117.81
C ARG OA 214 -38.41 -25.70 117.17
N ARG OA 215 -37.73 -26.07 116.08
CA ARG OA 215 -36.75 -25.17 115.49
C ARG OA 215 -37.42 -23.94 114.89
N SER OA 216 -38.40 -24.16 114.01
CA SER OA 216 -38.94 -23.06 113.22
C SER OA 216 -39.97 -22.26 114.01
N LEU OA 217 -41.08 -22.90 114.39
CA LEU OA 217 -42.13 -22.17 115.09
C LEU OA 217 -41.75 -21.81 116.51
N ASP OA 218 -40.73 -22.46 117.06
CA ASP OA 218 -40.20 -22.15 118.40
C ASP OA 218 -41.28 -22.26 119.46
N ILE OA 219 -42.00 -23.37 119.43
CA ILE OA 219 -43.06 -23.67 120.40
C ILE OA 219 -42.51 -24.68 121.39
N GLU OA 220 -42.65 -24.37 122.67
CA GLU OA 220 -42.19 -25.26 123.72
C GLU OA 220 -43.25 -26.24 124.18
N ARG OA 221 -44.51 -26.07 123.77
CA ARG OA 221 -45.62 -26.87 124.25
C ARG OA 221 -46.42 -27.44 123.08
N PRO OA 222 -45.81 -28.26 122.24
CA PRO OA 222 -46.54 -28.82 121.11
C PRO OA 222 -47.54 -29.87 121.55
N THR OA 223 -48.62 -29.96 120.78
CA THR OA 223 -49.70 -30.90 121.06
C THR OA 223 -50.29 -31.30 119.71
N TYR OA 224 -51.03 -32.41 119.70
CA TYR OA 224 -51.63 -32.88 118.46
C TYR OA 224 -52.37 -31.77 117.73
N THR OA 225 -52.99 -30.85 118.47
CA THR OA 225 -53.66 -29.72 117.84
C THR OA 225 -52.68 -28.86 117.05
N ASN OA 226 -51.42 -28.79 117.49
CA ASN OA 226 -50.43 -28.00 116.76
C ASN OA 226 -50.01 -28.70 115.48
N LEU OA 227 -49.89 -30.02 115.51
CA LEU OA 227 -49.46 -30.76 114.32
C LEU OA 227 -50.55 -30.78 113.26
N ASN OA 228 -51.78 -31.13 113.67
CA ASN OA 228 -52.87 -31.25 112.71
C ASN OA 228 -53.06 -29.97 111.90
N ARG OA 229 -52.70 -28.82 112.46
CA ARG OA 229 -52.74 -27.59 111.69
C ARG OA 229 -51.80 -27.64 110.50
N LEU OA 230 -50.68 -28.37 110.63
CA LEU OA 230 -49.73 -28.44 109.54
C LEU OA 230 -50.23 -29.33 108.40
N ILE OA 231 -50.81 -30.48 108.75
CA ILE OA 231 -51.38 -31.36 107.73
C ILE OA 231 -52.42 -30.62 106.92
N ALA OA 232 -53.26 -29.82 107.59
CA ALA OA 232 -54.22 -29.00 106.86
C ALA OA 232 -53.51 -28.01 105.94
N GLN OA 233 -52.35 -27.51 106.36
CA GLN OA 233 -51.60 -26.58 105.53
C GLN OA 233 -51.06 -27.29 104.28
N VAL OA 234 -50.70 -28.56 104.40
CA VAL OA 234 -50.20 -29.30 103.25
C VAL OA 234 -51.30 -29.51 102.22
N ILE OA 235 -52.38 -30.15 102.64
CA ILE OA 235 -53.44 -30.54 101.71
C ILE OA 235 -54.13 -29.34 101.11
N SER OA 236 -54.22 -28.24 101.85
CA SER OA 236 -54.69 -26.99 101.24
C SER OA 236 -53.78 -26.59 100.11
N SER OA 237 -52.46 -26.69 100.32
CA SER OA 237 -51.51 -26.41 99.25
C SER OA 237 -51.58 -27.47 98.15
N LEU OA 238 -51.90 -28.70 98.51
CA LEU OA 238 -51.89 -29.79 97.54
C LEU OA 238 -53.11 -29.75 96.63
N THR OA 239 -54.28 -29.48 97.18
CA THR OA 239 -55.52 -29.49 96.45
C THR OA 239 -55.91 -28.11 95.89
N ALA OA 240 -55.03 -27.12 96.04
CA ALA OA 240 -55.34 -25.78 95.54
C ALA OA 240 -55.61 -25.79 94.05
N SER OA 241 -54.79 -26.52 93.28
CA SER OA 241 -55.00 -26.59 91.84
C SER OA 241 -56.33 -27.22 91.47
N LEU OA 242 -56.95 -27.97 92.39
CA LEU OA 242 -58.27 -28.51 92.14
C LEU OA 242 -59.33 -27.43 92.19
N ARG OA 243 -59.19 -26.47 93.11
CA ARG OA 243 -60.25 -25.51 93.41
C ARG OA 243 -59.77 -24.07 93.34
N PHE OA 244 -58.72 -23.79 92.58
CA PHE OA 244 -58.23 -22.43 92.41
C PHE OA 244 -57.55 -22.31 91.06
N ASP OA 245 -57.49 -21.08 90.56
CA ASP OA 245 -56.79 -20.85 89.31
C ASP OA 245 -55.30 -20.69 89.57
N GLY OA 246 -54.55 -20.56 88.48
CA GLY OA 246 -53.12 -20.39 88.56
C GLY OA 246 -52.46 -21.11 87.40
N ALA OA 247 -51.31 -20.61 86.99
CA ALA OA 247 -50.55 -21.25 85.94
C ALA OA 247 -50.04 -22.61 86.41
N LEU OA 248 -49.92 -23.54 85.47
CA LEU OA 248 -49.46 -24.89 85.74
C LEU OA 248 -50.35 -25.59 86.77
N ASN OA 249 -51.61 -25.79 86.38
CA ASN OA 249 -52.52 -26.58 87.19
C ASN OA 249 -52.01 -28.01 87.33
N VAL OA 250 -52.37 -28.66 88.42
CA VAL OA 250 -51.98 -30.04 88.68
C VAL OA 250 -53.17 -30.79 89.28
N ASP OA 251 -53.68 -31.76 88.54
CA ASP OA 251 -54.75 -32.62 89.03
C ASP OA 251 -54.14 -33.81 89.76
N ILE OA 252 -55.00 -34.67 90.31
CA ILE OA 252 -54.51 -35.86 90.99
C ILE OA 252 -53.89 -36.83 89.99
N THR OA 253 -54.60 -37.11 88.89
CA THR OA 253 -54.07 -37.99 87.85
C THR OA 253 -52.72 -37.50 87.36
N GLU OA 254 -52.65 -36.24 86.94
CA GLU OA 254 -51.38 -35.65 86.50
C GLU OA 254 -50.31 -35.72 87.59
N PHE OA 255 -50.72 -35.93 88.84
CA PHE OA 255 -49.80 -35.92 89.97
C PHE OA 255 -49.26 -37.30 90.30
N GLN OA 256 -50.03 -38.36 90.00
CA GLN OA 256 -49.62 -39.70 90.39
C GLN OA 256 -48.83 -40.41 89.29
N THR OA 257 -49.06 -40.06 88.02
CA THR OA 257 -48.35 -40.74 86.94
C THR OA 257 -46.86 -40.44 86.99
N ASN OA 258 -46.50 -39.17 87.15
CA ASN OA 258 -45.10 -38.75 87.10
C ASN OA 258 -44.43 -38.76 88.47
N LEU OA 259 -44.85 -39.65 89.37
CA LEU OA 259 -44.25 -39.72 90.69
C LEU OA 259 -44.14 -41.14 91.22
N VAL OA 260 -44.78 -42.12 90.59
CA VAL OA 260 -44.66 -43.53 90.94
C VAL OA 260 -43.97 -44.26 89.80
N PRO OA 261 -42.68 -44.53 89.88
CA PRO OA 261 -42.00 -45.22 88.76
C PRO OA 261 -42.41 -46.67 88.59
N TYR OA 262 -42.49 -47.41 89.69
CA TYR OA 262 -42.85 -48.82 89.65
C TYR OA 262 -44.11 -49.09 90.48
N PRO OA 263 -44.89 -50.11 90.12
CA PRO OA 263 -46.25 -50.23 90.68
C PRO OA 263 -46.33 -50.31 92.20
N ARG OA 264 -45.20 -50.39 92.90
CA ARG OA 264 -45.24 -50.50 94.35
C ARG OA 264 -44.49 -49.41 95.09
N ILE OA 265 -43.49 -48.78 94.47
CA ILE OA 265 -42.79 -47.68 95.12
C ILE OA 265 -43.67 -46.44 95.05
N HIS OA 266 -44.41 -46.16 96.13
CA HIS OA 266 -45.22 -44.96 96.18
C HIS OA 266 -45.17 -44.26 97.53
N PHE OA 267 -44.40 -44.76 98.49
CA PHE OA 267 -44.27 -44.10 99.79
C PHE OA 267 -43.43 -42.85 99.63
N MET OA 268 -44.05 -41.69 99.82
CA MET OA 268 -43.43 -40.43 99.49
C MET OA 268 -43.31 -39.55 100.73
N LEU OA 269 -42.30 -38.69 100.73
CA LEU OA 269 -42.03 -37.81 101.85
C LEU OA 269 -42.87 -36.54 101.70
N SER OA 270 -42.58 -35.55 102.54
CA SER OA 270 -43.29 -34.28 102.47
C SER OA 270 -42.45 -33.23 103.17
N SER OA 271 -42.72 -31.97 102.84
CA SER OA 271 -42.03 -30.85 103.46
C SER OA 271 -42.75 -29.57 103.07
N TYR OA 272 -42.83 -28.66 104.04
CA TYR OA 272 -43.53 -27.40 103.86
C TYR OA 272 -42.59 -26.25 104.20
N ALA OA 273 -42.76 -25.15 103.48
CA ALA OA 273 -41.92 -23.97 103.69
C ALA OA 273 -42.58 -22.77 103.01
N PRO OA 274 -42.54 -21.59 103.63
CA PRO OA 274 -41.92 -21.33 104.92
C PRO OA 274 -42.83 -21.68 106.07
N ILE OA 275 -42.26 -21.85 107.25
CA ILE OA 275 -43.01 -22.15 108.46
C ILE OA 275 -42.40 -21.31 109.58
N ILE OA 276 -43.04 -20.19 109.89
CA ILE OA 276 -42.47 -19.17 110.78
C ILE OA 276 -43.59 -18.52 111.57
N SER OA 277 -43.21 -17.69 112.54
CA SER OA 277 -44.16 -16.98 113.38
C SER OA 277 -44.40 -15.58 112.81
N ALA OA 278 -45.12 -14.75 113.57
CA ALA OA 278 -45.53 -13.45 113.05
C ALA OA 278 -44.35 -12.49 112.94
N GLU OA 279 -43.55 -12.38 113.99
CA GLU OA 279 -42.49 -11.37 114.04
C GLU OA 279 -41.43 -11.60 112.97
N LYS OA 280 -41.03 -12.86 112.76
CA LYS OA 280 -40.08 -13.15 111.70
C LYS OA 280 -40.67 -12.90 110.33
N ALA OA 281 -42.00 -13.03 110.20
CA ALA OA 281 -42.61 -13.00 108.88
C ALA OA 281 -42.42 -11.66 108.18
N TYR OA 282 -42.28 -10.58 108.95
CA TYR OA 282 -42.32 -9.25 108.36
C TYR OA 282 -40.97 -8.57 108.30
N HIS OA 283 -39.94 -9.17 108.89
CA HIS OA 283 -38.54 -8.79 108.62
C HIS OA 283 -37.94 -9.69 107.54
N GLU OA 284 -38.62 -9.84 106.40
CA GLU OA 284 -38.20 -10.86 105.46
C GLU OA 284 -38.90 -10.64 104.12
N GLN OA 285 -38.23 -11.06 103.05
CA GLN OA 285 -38.81 -11.00 101.70
C GLN OA 285 -39.44 -12.31 101.27
N LEU OA 286 -38.95 -13.44 101.79
CA LEU OA 286 -39.45 -14.76 101.43
C LEU OA 286 -39.32 -15.00 99.92
N SER OA 287 -38.10 -14.79 99.42
CA SER OA 287 -37.86 -14.99 98.00
C SER OA 287 -38.12 -16.44 97.62
N VAL OA 288 -38.60 -16.64 96.39
CA VAL OA 288 -38.85 -17.98 95.89
C VAL OA 288 -37.61 -18.84 95.98
N ALA OA 289 -36.43 -18.21 95.93
CA ALA OA 289 -35.18 -18.96 95.94
C ALA OA 289 -34.88 -19.51 97.34
N GLU OA 290 -35.09 -18.70 98.38
CA GLU OA 290 -34.78 -19.17 99.73
C GLU OA 290 -35.84 -20.13 100.26
N ILE OA 291 -37.05 -20.13 99.69
CA ILE OA 291 -38.06 -21.09 100.13
C ILE OA 291 -37.72 -22.48 99.60
N THR OA 292 -37.52 -22.60 98.29
CA THR OA 292 -37.20 -23.90 97.71
C THR OA 292 -35.89 -24.47 98.23
N ASN OA 293 -35.11 -23.68 98.97
CA ASN OA 293 -33.96 -24.24 99.67
C ASN OA 293 -34.39 -24.90 100.97
N ALA OA 294 -35.28 -24.27 101.72
CA ALA OA 294 -35.78 -24.87 102.94
C ALA OA 294 -36.62 -26.10 102.66
N ALA OA 295 -37.25 -26.17 101.49
CA ALA OA 295 -38.01 -27.36 101.13
C ALA OA 295 -37.10 -28.58 101.03
N PHE OA 296 -36.03 -28.47 100.25
CA PHE OA 296 -35.07 -29.55 100.12
C PHE OA 296 -34.09 -29.61 101.28
N GLU OA 297 -34.37 -28.91 102.37
CA GLU OA 297 -33.59 -29.06 103.57
C GLU OA 297 -33.97 -30.36 104.27
N PRO OA 298 -33.00 -31.13 104.76
CA PRO OA 298 -33.35 -32.39 105.43
C PRO OA 298 -34.12 -32.19 106.71
N ALA OA 299 -33.89 -31.08 107.42
CA ALA OA 299 -34.61 -30.86 108.68
C ALA OA 299 -36.10 -30.61 108.44
N SER OA 300 -36.45 -29.99 107.33
CA SER OA 300 -37.85 -29.64 107.06
C SER OA 300 -38.69 -30.83 106.62
N MET OA 301 -38.14 -32.04 106.63
CA MET OA 301 -38.95 -33.20 106.30
C MET OA 301 -39.90 -33.52 107.43
N MET OA 302 -41.05 -34.12 107.06
CA MET OA 302 -42.05 -34.50 108.03
C MET OA 302 -41.97 -35.98 108.39
N VAL OA 303 -40.82 -36.61 108.15
CA VAL OA 303 -40.60 -38.00 108.52
C VAL OA 303 -39.14 -38.15 108.91
N LYS OA 304 -38.87 -39.09 109.80
CA LYS OA 304 -37.52 -39.29 110.32
C LYS OA 304 -36.67 -40.13 109.38
N CYS OA 305 -36.60 -39.71 108.12
CA CYS OA 305 -35.70 -40.30 107.13
C CYS OA 305 -34.73 -39.22 106.66
N ASP OA 306 -33.48 -39.60 106.49
CA ASP OA 306 -32.48 -38.68 105.99
C ASP OA 306 -32.33 -38.90 104.49
N PRO OA 307 -32.85 -38.03 103.64
CA PRO OA 307 -32.76 -38.26 102.19
C PRO OA 307 -31.35 -38.17 101.65
N ARG OA 308 -30.39 -37.66 102.41
CA ARG OA 308 -29.02 -37.59 101.96
C ARG OA 308 -28.31 -38.94 101.97
N HIS OA 309 -28.95 -39.98 102.52
CA HIS OA 309 -28.45 -41.33 102.40
C HIS OA 309 -28.99 -42.06 101.19
N GLY OA 310 -29.84 -41.41 100.40
CA GLY OA 310 -30.36 -42.00 99.20
C GLY OA 310 -30.37 -41.02 98.05
N LYS OA 311 -31.16 -41.32 97.03
CA LYS OA 311 -31.25 -40.47 95.85
C LYS OA 311 -32.72 -40.22 95.55
N TYR OA 312 -32.98 -39.14 94.85
CA TYR OA 312 -34.34 -38.69 94.58
C TYR OA 312 -34.82 -39.29 93.26
N MET OA 313 -35.93 -40.02 93.32
CA MET OA 313 -36.50 -40.57 92.11
C MET OA 313 -37.40 -39.57 91.41
N ALA OA 314 -37.96 -38.62 92.15
CA ALA OA 314 -38.81 -37.57 91.59
C ALA OA 314 -39.12 -36.57 92.69
N CYS OA 315 -39.58 -35.39 92.29
CA CYS OA 315 -39.96 -34.34 93.22
C CYS OA 315 -41.10 -33.54 92.62
N CYS OA 316 -42.10 -33.26 93.45
CA CYS OA 316 -43.23 -32.43 93.04
C CYS OA 316 -43.25 -31.19 93.91
N LEU OA 317 -43.43 -30.03 93.29
CA LEU OA 317 -43.35 -28.75 93.97
C LEU OA 317 -44.65 -27.98 93.72
N MET OA 318 -45.48 -27.88 94.74
CA MET OA 318 -46.69 -27.07 94.68
C MET OA 318 -46.39 -25.72 95.31
N TYR OA 319 -46.22 -24.71 94.46
CA TYR OA 319 -45.99 -23.36 94.97
C TYR OA 319 -47.33 -22.66 95.14
N ARG OA 320 -47.34 -21.68 96.03
CA ARG OA 320 -48.60 -21.06 96.41
C ARG OA 320 -48.36 -19.61 96.80
N GLY OA 321 -49.10 -18.71 96.16
CA GLY OA 321 -49.00 -17.29 96.45
C GLY OA 321 -48.46 -16.52 95.25
N ASP OA 322 -47.69 -15.48 95.55
CA ASP OA 322 -47.11 -14.62 94.52
C ASP OA 322 -45.82 -15.26 94.04
N VAL OA 323 -45.90 -16.04 92.96
CA VAL OA 323 -44.74 -16.71 92.37
C VAL OA 323 -44.83 -16.56 90.87
N VAL OA 324 -43.71 -16.21 90.24
CA VAL OA 324 -43.62 -16.12 88.79
C VAL OA 324 -42.88 -17.35 88.28
N PRO OA 325 -43.29 -17.91 87.14
CA PRO OA 325 -42.66 -19.17 86.67
C PRO OA 325 -41.18 -19.05 86.38
N LYS OA 326 -40.65 -17.85 86.12
CA LYS OA 326 -39.22 -17.74 85.85
C LYS OA 326 -38.40 -18.07 87.08
N ASP OA 327 -38.89 -17.74 88.27
CA ASP OA 327 -38.09 -17.93 89.47
C ASP OA 327 -38.02 -19.40 89.85
N VAL OA 328 -39.10 -20.14 89.66
CA VAL OA 328 -39.07 -21.58 89.88
C VAL OA 328 -38.01 -22.20 88.98
N ASN OA 329 -38.07 -21.88 87.69
CA ASN OA 329 -37.11 -22.40 86.72
C ASN OA 329 -35.68 -22.03 87.09
N ALA OA 330 -35.49 -20.85 87.68
CA ALA OA 330 -34.15 -20.39 88.04
C ALA OA 330 -33.70 -20.90 89.40
N SER OA 331 -34.62 -21.31 90.26
CA SER OA 331 -34.27 -21.81 91.58
C SER OA 331 -34.16 -23.33 91.59
N VAL OA 332 -35.04 -24.03 90.88
CA VAL OA 332 -34.89 -25.46 90.72
C VAL OA 332 -33.57 -25.78 90.03
N ALA OA 333 -33.21 -24.97 89.03
CA ALA OA 333 -31.93 -25.16 88.36
C ALA OA 333 -30.75 -24.96 89.31
N THR OA 334 -30.93 -24.15 90.34
CA THR OA 334 -29.86 -23.96 91.32
C THR OA 334 -29.57 -25.25 92.07
N ILE OA 335 -30.61 -26.00 92.42
CA ILE OA 335 -30.42 -27.19 93.24
C ILE OA 335 -29.85 -28.35 92.43
N LYS OA 336 -30.21 -28.46 91.15
CA LYS OA 336 -29.60 -29.49 90.31
C LYS OA 336 -28.08 -29.34 90.28
N THR OA 337 -27.58 -28.11 90.34
CA THR OA 337 -26.14 -27.91 90.42
C THR OA 337 -25.58 -28.24 91.79
N LYS OA 338 -26.42 -28.30 92.82
CA LYS OA 338 -25.95 -28.66 94.15
C LYS OA 338 -25.50 -30.11 94.14
N ARG OA 339 -24.55 -30.42 95.02
CA ARG OA 339 -23.93 -31.74 95.07
C ARG OA 339 -24.62 -32.68 96.04
N THR OA 340 -25.10 -32.16 97.18
CA THR OA 340 -25.71 -33.00 98.19
C THR OA 340 -26.99 -33.67 97.68
N ILE OA 341 -27.69 -33.03 96.75
CA ILE OA 341 -28.96 -33.54 96.25
C ILE OA 341 -28.66 -34.48 95.10
N GLN OA 342 -28.79 -35.78 95.34
CA GLN OA 342 -28.51 -36.80 94.36
C GLN OA 342 -29.79 -37.21 93.64
N PHE OA 343 -29.64 -37.62 92.39
CA PHE OA 343 -30.74 -38.15 91.61
C PHE OA 343 -30.29 -39.42 90.92
N VAL OA 344 -31.07 -40.49 91.04
CA VAL OA 344 -30.75 -41.72 90.34
C VAL OA 344 -30.58 -41.43 88.86
N ASP OA 345 -29.62 -42.11 88.24
CA ASP OA 345 -29.25 -41.81 86.85
C ASP OA 345 -30.45 -41.91 85.92
N TRP OA 346 -31.36 -42.82 86.19
CA TRP OA 346 -32.44 -43.03 85.25
C TRP OA 346 -33.49 -41.94 85.30
N CYS OA 347 -33.28 -40.79 85.93
CA CYS OA 347 -34.18 -39.66 85.79
C CYS OA 347 -33.36 -38.39 85.61
N PRO OA 348 -33.04 -38.02 84.37
CA PRO OA 348 -32.47 -36.68 84.14
C PRO OA 348 -33.45 -35.58 84.48
N THR OA 349 -34.74 -35.86 84.33
CA THR OA 349 -35.82 -35.01 84.81
C THR OA 349 -35.98 -35.25 86.31
N GLY OA 350 -37.10 -34.86 86.88
CA GLY OA 350 -37.26 -35.05 88.31
C GLY OA 350 -38.08 -34.00 89.02
N PHE OA 351 -38.63 -33.03 88.30
CA PHE OA 351 -39.41 -31.97 88.92
C PHE OA 351 -40.72 -31.78 88.18
N LYS OA 352 -41.82 -31.91 88.91
CA LYS OA 352 -43.15 -31.51 88.44
C LYS OA 352 -43.57 -30.33 89.30
N CYS OA 353 -43.53 -29.13 88.72
CA CYS OA 353 -43.81 -27.91 89.47
C CYS OA 353 -45.27 -27.49 89.28
N GLY OA 354 -45.79 -26.80 90.28
CA GLY OA 354 -47.14 -26.27 90.23
C GLY OA 354 -47.25 -24.93 90.92
N ILE OA 355 -47.97 -23.99 90.32
CA ILE OA 355 -48.11 -22.64 90.87
C ILE OA 355 -49.59 -22.33 91.06
N ASN OA 356 -49.90 -21.60 92.12
CA ASN OA 356 -51.26 -21.18 92.40
C ASN OA 356 -51.25 -19.71 92.80
N TYR OA 357 -52.20 -18.96 92.26
CA TYR OA 357 -52.31 -17.55 92.61
C TYR OA 357 -53.00 -17.34 93.94
N GLN OA 358 -53.53 -18.39 94.55
CA GLN OA 358 -54.27 -18.26 95.79
C GLN OA 358 -53.34 -18.45 96.98
N PRO OA 359 -52.98 -17.39 97.68
CA PRO OA 359 -52.02 -17.51 98.78
C PRO OA 359 -52.56 -18.41 99.88
N PRO OA 360 -51.70 -18.94 100.74
CA PRO OA 360 -52.17 -19.80 101.83
C PRO OA 360 -52.96 -18.98 102.84
N THR OA 361 -53.86 -19.67 103.52
CA THR OA 361 -54.68 -19.05 104.55
C THR OA 361 -54.12 -19.37 105.92
N VAL OA 362 -54.41 -18.50 106.89
CA VAL OA 362 -54.00 -18.69 108.27
C VAL OA 362 -55.25 -18.76 109.14
N VAL OA 363 -55.20 -19.61 110.15
CA VAL OA 363 -56.30 -19.74 111.11
C VAL OA 363 -56.11 -18.69 112.19
N PRO OA 364 -57.07 -17.80 112.41
CA PRO OA 364 -56.96 -16.85 113.52
C PRO OA 364 -56.78 -17.59 114.84
N GLY OA 365 -55.80 -17.16 115.61
CA GLY OA 365 -55.41 -17.88 116.81
C GLY OA 365 -54.53 -19.07 116.57
N GLY OA 366 -54.02 -19.25 115.36
CA GLY OA 366 -53.12 -20.34 115.06
C GLY OA 366 -51.70 -20.04 115.52
N ASP OA 367 -50.75 -20.67 114.84
CA ASP OA 367 -49.34 -20.48 115.13
C ASP OA 367 -48.53 -20.02 113.92
N LEU OA 368 -48.99 -20.29 112.71
CA LEU OA 368 -48.33 -19.79 111.53
C LEU OA 368 -48.62 -18.30 111.34
N ALA OA 369 -47.94 -17.71 110.37
CA ALA OA 369 -48.15 -16.32 110.03
C ALA OA 369 -48.63 -16.21 108.58
N LYS OA 370 -49.22 -15.07 108.25
CA LYS OA 370 -49.68 -14.85 106.90
C LYS OA 370 -48.50 -14.48 106.00
N VAL OA 371 -48.45 -15.12 104.83
CA VAL OA 371 -47.36 -14.93 103.88
C VAL OA 371 -47.95 -14.83 102.49
N GLN OA 372 -47.12 -14.44 101.53
CA GLN OA 372 -47.51 -14.38 100.14
C GLN OA 372 -46.80 -15.44 99.31
N ARG OA 373 -46.05 -16.33 99.95
CA ARG OA 373 -45.36 -17.41 99.25
C ARG OA 373 -45.29 -18.62 100.16
N ALA OA 374 -45.51 -19.80 99.59
CA ALA OA 374 -45.44 -21.03 100.36
C ALA OA 374 -45.17 -22.18 99.41
N VAL OA 375 -44.35 -23.12 99.83
CA VAL OA 375 -43.94 -24.25 99.01
C VAL OA 375 -44.15 -25.53 99.78
N CYS OA 376 -44.96 -26.43 99.24
CA CYS OA 376 -45.13 -27.77 99.77
C CYS OA 376 -44.53 -28.76 98.79
N MET OA 377 -43.61 -29.58 99.26
CA MET OA 377 -42.87 -30.49 98.41
C MET OA 377 -43.23 -31.93 98.73
N ILE OA 378 -43.47 -32.71 97.68
CA ILE OA 378 -43.65 -34.15 97.80
C ILE OA 378 -42.57 -34.81 96.95
N SER OA 379 -41.73 -35.62 97.58
CA SER OA 379 -40.62 -36.26 96.90
C SER OA 379 -40.66 -37.75 97.14
N ASN OA 380 -40.23 -38.50 96.14
CA ASN OA 380 -40.14 -39.95 96.21
C ASN OA 380 -38.66 -40.30 96.22
N SER OA 381 -38.10 -40.45 97.41
CA SER OA 381 -36.68 -40.72 97.58
C SER OA 381 -36.47 -42.20 97.88
N THR OA 382 -35.34 -42.72 97.40
CA THR OA 382 -35.02 -44.12 97.65
C THR OA 382 -34.46 -44.37 99.04
N ALA OA 383 -34.14 -43.31 99.78
CA ALA OA 383 -33.69 -43.48 101.15
C ALA OA 383 -34.83 -43.81 102.10
N ILE OA 384 -36.08 -43.64 101.67
CA ILE OA 384 -37.24 -43.92 102.51
C ILE OA 384 -37.27 -45.36 102.99
N GLY OA 385 -36.52 -46.26 102.34
CA GLY OA 385 -36.51 -47.64 102.76
C GLY OA 385 -35.86 -47.90 104.10
N GLU OA 386 -35.14 -46.91 104.64
CA GLU OA 386 -34.52 -47.10 105.94
C GLU OA 386 -35.56 -47.13 107.06
N ILE OA 387 -36.55 -46.24 107.01
CA ILE OA 387 -37.61 -46.28 108.00
C ILE OA 387 -38.46 -47.53 107.83
N PHE OA 388 -38.47 -48.11 106.64
CA PHE OA 388 -39.15 -49.39 106.46
C PHE OA 388 -38.33 -50.55 106.99
N SER OA 389 -37.07 -50.31 107.36
CA SER OA 389 -36.23 -51.34 107.93
C SER OA 389 -36.30 -51.38 109.44
N ARG OA 390 -36.57 -50.25 110.09
CA ARG OA 390 -36.75 -50.25 111.54
C ARG OA 390 -37.85 -51.21 111.95
N LEU OA 391 -38.98 -51.17 111.25
CA LEU OA 391 -40.07 -52.09 111.56
C LEU OA 391 -39.68 -53.52 111.26
N ASP OA 392 -38.92 -53.74 110.17
CA ASP OA 392 -38.44 -55.08 109.86
C ASP OA 392 -37.61 -55.64 110.99
N HIS OA 393 -37.04 -54.78 111.83
CA HIS OA 393 -36.26 -55.22 112.98
C HIS OA 393 -37.12 -55.40 114.22
N LYS OA 394 -37.92 -54.38 114.55
CA LYS OA 394 -38.76 -54.47 115.76
C LYS OA 394 -39.76 -55.60 115.66
N PHE OA 395 -40.42 -55.75 114.50
CA PHE OA 395 -41.32 -56.87 114.31
C PHE OA 395 -40.59 -58.18 114.51
N ASP OA 396 -39.42 -58.33 113.88
CA ASP OA 396 -38.64 -59.54 114.05
C ASP OA 396 -38.15 -59.70 115.48
N LEU OA 397 -38.02 -58.60 116.22
CA LEU OA 397 -37.48 -58.69 117.57
C LEU OA 397 -38.47 -59.38 118.51
N MET OA 398 -39.74 -59.01 118.46
CA MET OA 398 -40.75 -59.57 119.34
C MET OA 398 -41.41 -60.81 118.79
N TYR OA 399 -41.48 -60.95 117.46
CA TYR OA 399 -42.10 -62.13 116.86
C TYR OA 399 -41.32 -63.40 117.14
N ALA OA 400 -40.07 -63.29 117.61
CA ALA OA 400 -39.32 -64.49 117.98
C ALA OA 400 -40.02 -65.24 119.11
N LYS OA 401 -40.17 -64.60 120.26
CA LYS OA 401 -40.89 -65.21 121.37
C LYS OA 401 -42.40 -65.20 121.15
N ARG OA 402 -42.88 -64.56 120.09
CA ARG OA 402 -44.30 -64.48 119.78
C ARG OA 402 -45.08 -63.86 120.94
N ALA OA 403 -44.68 -62.65 121.30
CA ALA OA 403 -45.40 -61.89 122.31
C ALA OA 403 -46.64 -61.25 121.69
N PHE OA 404 -47.70 -61.14 122.50
CA PHE OA 404 -48.97 -60.54 122.12
C PHE OA 404 -49.66 -61.27 120.98
N VAL OA 405 -49.14 -62.41 120.53
CA VAL OA 405 -49.73 -63.06 119.38
C VAL OA 405 -51.05 -63.73 119.74
N HIS OA 406 -51.19 -64.19 120.99
CA HIS OA 406 -52.43 -64.86 121.38
C HIS OA 406 -53.65 -63.96 121.19
N TRP OA 407 -53.46 -62.64 121.20
CA TRP OA 407 -54.55 -61.74 120.86
C TRP OA 407 -54.97 -61.90 119.41
N TYR OA 408 -54.02 -61.67 118.49
CA TYR OA 408 -54.34 -61.66 117.07
C TYR OA 408 -54.92 -63.00 116.63
N VAL OA 409 -54.30 -64.10 117.06
CA VAL OA 409 -54.83 -65.41 116.70
C VAL OA 409 -56.15 -65.67 117.42
N GLY OA 410 -56.36 -65.03 118.58
CA GLY OA 410 -57.61 -65.20 119.29
C GLY OA 410 -58.79 -64.49 118.67
N GLU OA 411 -58.54 -63.53 117.77
CA GLU OA 411 -59.59 -62.73 117.16
C GLU OA 411 -59.70 -63.01 115.66
N GLY OA 412 -59.66 -64.28 115.27
CA GLY OA 412 -59.89 -64.65 113.89
C GLY OA 412 -58.73 -64.39 112.96
N MET OA 413 -57.50 -64.62 113.41
CA MET OA 413 -56.34 -64.55 112.55
C MET OA 413 -55.52 -65.81 112.77
N GLU OA 414 -54.57 -66.05 111.87
CA GLU OA 414 -53.67 -67.19 111.98
C GLU OA 414 -52.24 -66.68 111.90
N GLU OA 415 -51.31 -67.51 112.38
CA GLU OA 415 -49.91 -67.12 112.35
C GLU OA 415 -49.41 -66.92 110.93
N GLY OA 416 -50.04 -67.58 109.96
CA GLY OA 416 -49.65 -67.39 108.58
C GLY OA 416 -49.67 -65.93 108.17
N GLU OA 417 -50.73 -65.21 108.55
CA GLU OA 417 -50.86 -63.81 108.18
C GLU OA 417 -49.72 -62.96 108.71
N PHE OA 418 -48.95 -63.45 109.68
CA PHE OA 418 -47.80 -62.70 110.16
C PHE OA 418 -46.64 -62.79 109.16
N SER OA 419 -46.18 -64.01 108.88
CA SER OA 419 -45.05 -64.15 107.97
C SER OA 419 -45.44 -63.82 106.54
N GLU OA 420 -46.71 -64.00 106.17
CA GLU OA 420 -47.19 -63.50 104.90
C GLU OA 420 -46.87 -62.02 104.75
N ALA OA 421 -47.25 -61.22 105.74
CA ALA OA 421 -46.98 -59.79 105.70
C ALA OA 421 -45.49 -59.50 105.81
N ARG OA 422 -44.74 -60.38 106.48
CA ARG OA 422 -43.32 -60.14 106.66
C ARG OA 422 -42.57 -60.18 105.33
N GLU OA 423 -42.92 -61.11 104.45
CA GLU OA 423 -42.27 -61.17 103.15
C GLU OA 423 -42.40 -59.84 102.41
N ASP OA 424 -43.62 -59.31 102.34
CA ASP OA 424 -43.89 -58.11 101.55
C ASP OA 424 -43.03 -56.93 101.97
N LEU OA 425 -42.53 -56.92 103.19
CA LEU OA 425 -41.58 -55.88 103.59
C LEU OA 425 -40.18 -56.19 103.08
N ALA OA 426 -39.66 -57.38 103.42
CA ALA OA 426 -38.37 -57.79 102.92
C ALA OA 426 -38.35 -57.82 101.40
N ALA OA 427 -39.47 -58.19 100.77
CA ALA OA 427 -39.57 -58.06 99.32
C ALA OA 427 -39.54 -56.59 98.91
N LEU OA 428 -40.15 -55.72 99.71
CA LEU OA 428 -40.14 -54.31 99.38
C LEU OA 428 -38.75 -53.70 99.59
N GLU OA 429 -38.02 -54.16 100.61
CA GLU OA 429 -36.72 -53.57 100.90
C GLU OA 429 -35.79 -53.69 99.69
N LYS OA 430 -35.62 -54.91 99.19
CA LYS OA 430 -34.76 -55.08 98.02
C LYS OA 430 -35.31 -54.33 96.80
N ASP OA 431 -36.63 -54.17 96.72
CA ASP OA 431 -37.19 -53.33 95.66
C ASP OA 431 -36.64 -51.91 95.77
N PHE OA 432 -36.46 -51.41 96.98
CA PHE OA 432 -35.81 -50.12 97.16
C PHE OA 432 -34.32 -50.21 96.87
N GLU OA 433 -33.74 -51.40 96.88
CA GLU OA 433 -32.34 -51.57 96.57
C GLU OA 433 -32.09 -51.90 95.10
N GLU OA 434 -33.02 -52.61 94.45
CA GLU OA 434 -32.83 -52.89 93.03
C GLU OA 434 -32.73 -51.62 92.21
N VAL OA 435 -33.44 -50.57 92.62
CA VAL OA 435 -33.41 -49.30 91.89
C VAL OA 435 -32.11 -48.55 92.06
N GLY OA 436 -31.23 -49.01 92.94
CA GLY OA 436 -29.94 -48.36 93.12
C GLY OA 436 -28.96 -48.67 92.01
N MET PA 1 -49.84 15.80 -26.06
CA MET PA 1 -48.69 15.01 -26.47
C MET PA 1 -47.65 15.00 -25.37
N ARG PA 2 -46.83 13.95 -25.32
CA ARG PA 2 -45.69 13.87 -24.40
C ARG PA 2 -46.12 13.84 -22.94
N GLU PA 3 -47.27 13.25 -22.62
CA GLU PA 3 -47.68 13.16 -21.24
C GLU PA 3 -46.70 12.31 -20.44
N ILE PA 4 -46.66 12.56 -19.12
CA ILE PA 4 -45.79 11.84 -18.21
C ILE PA 4 -46.59 11.48 -16.97
N VAL PA 5 -46.62 10.20 -16.64
CA VAL PA 5 -47.27 9.70 -15.43
C VAL PA 5 -46.19 9.37 -14.41
N HIS PA 6 -46.48 9.66 -13.14
CA HIS PA 6 -45.49 9.65 -12.09
C HIS PA 6 -45.90 8.71 -10.97
N ILE PA 7 -44.93 7.96 -10.44
CA ILE PA 7 -45.16 7.04 -9.35
C ILE PA 7 -44.24 7.40 -8.20
N GLN PA 8 -44.72 7.18 -6.98
CA GLN PA 8 -43.98 7.49 -5.76
C GLN PA 8 -44.06 6.27 -4.84
N GLY PA 9 -43.15 5.33 -5.01
CA GLY PA 9 -43.15 4.12 -4.21
C GLY PA 9 -42.29 4.24 -2.96
N GLY PA 10 -42.66 3.48 -1.95
CA GLY PA 10 -41.96 3.50 -0.68
C GLY PA 10 -42.15 4.81 0.05
N GLN PA 11 -41.71 4.82 1.31
CA GLN PA 11 -41.88 6.00 2.14
C GLN PA 11 -41.08 7.18 1.58
N CYS PA 12 -39.79 6.97 1.35
CA CYS PA 12 -38.96 8.03 0.78
C CYS PA 12 -39.54 8.54 -0.52
N GLY PA 13 -39.92 7.62 -1.40
CA GLY PA 13 -40.58 8.03 -2.64
C GLY PA 13 -41.85 8.81 -2.40
N ASN PA 14 -42.63 8.43 -1.38
CA ASN PA 14 -43.80 9.22 -1.04
C ASN PA 14 -43.45 10.54 -0.36
N GLN PA 15 -42.18 10.79 -0.11
CA GLN PA 15 -41.79 12.05 0.52
C GLN PA 15 -41.12 13.00 -0.44
N ILE PA 16 -40.12 12.52 -1.21
CA ILE PA 16 -39.54 13.38 -2.21
C ILE PA 16 -40.51 13.64 -3.35
N GLY PA 17 -41.53 12.79 -3.48
CA GLY PA 17 -42.62 13.11 -4.40
C GLY PA 17 -43.42 14.31 -3.94
N ALA PA 18 -43.47 14.55 -2.63
CA ALA PA 18 -44.18 15.71 -2.13
C ALA PA 18 -43.43 17.00 -2.48
N LYS PA 19 -42.10 16.99 -2.32
CA LYS PA 19 -41.33 18.18 -2.66
C LYS PA 19 -41.33 18.43 -4.16
N PHE PA 20 -41.09 17.38 -4.95
CA PHE PA 20 -41.09 17.52 -6.40
C PHE PA 20 -42.41 18.13 -6.88
N TRP PA 21 -43.53 17.61 -6.40
CA TRP PA 21 -44.82 18.15 -6.80
C TRP PA 21 -45.07 19.52 -6.21
N GLU PA 22 -44.39 19.87 -5.13
CA GLU PA 22 -44.43 21.24 -4.65
C GLU PA 22 -43.64 22.16 -5.58
N VAL PA 23 -42.53 21.66 -6.12
CA VAL PA 23 -41.66 22.50 -6.94
C VAL PA 23 -42.28 22.75 -8.30
N VAL PA 24 -42.76 21.70 -8.96
CA VAL PA 24 -43.35 21.87 -10.29
C VAL PA 24 -44.57 22.78 -10.22
N SER PA 25 -45.45 22.53 -9.25
CA SER PA 25 -46.66 23.32 -9.12
C SER PA 25 -46.33 24.81 -9.00
N ASP PA 26 -45.31 25.14 -8.21
CA ASP PA 26 -44.87 26.54 -8.17
C ASP PA 26 -44.29 26.96 -9.50
N GLU PA 27 -43.50 26.10 -10.14
CA GLU PA 27 -42.88 26.48 -11.41
C GLU PA 27 -43.94 26.87 -12.44
N HIS PA 28 -45.08 26.20 -12.43
CA HIS PA 28 -46.20 26.59 -13.25
C HIS PA 28 -47.19 27.48 -12.52
N GLY PA 29 -46.85 27.93 -11.31
CA GLY PA 29 -47.61 28.96 -10.64
C GLY PA 29 -49.04 28.62 -10.28
N ILE PA 30 -49.29 27.41 -9.82
CA ILE PA 30 -50.61 27.04 -9.32
C ILE PA 30 -50.55 26.97 -7.80
N ASP PA 31 -51.67 27.26 -7.17
CA ASP PA 31 -51.75 27.30 -5.72
C ASP PA 31 -52.11 25.94 -5.15
N PRO PA 32 -51.87 25.72 -3.86
CA PRO PA 32 -52.32 24.47 -3.24
C PRO PA 32 -53.81 24.20 -3.39
N THR PA 33 -54.60 25.22 -3.72
CA THR PA 33 -55.99 25.01 -4.09
C THR PA 33 -56.12 24.32 -5.45
N GLY PA 34 -55.06 24.28 -6.23
CA GLY PA 34 -55.10 23.71 -7.57
C GLY PA 34 -55.50 24.69 -8.65
N THR PA 35 -55.53 25.98 -8.36
CA THR PA 35 -55.91 26.99 -9.32
C THR PA 35 -54.69 27.74 -9.84
N TYR PA 36 -54.66 27.96 -11.15
CA TYR PA 36 -53.53 28.65 -11.76
C TYR PA 36 -53.57 30.13 -11.42
N HIS PA 37 -52.44 30.64 -10.92
CA HIS PA 37 -52.33 32.05 -10.59
C HIS PA 37 -51.02 32.64 -11.11
N GLY PA 38 -50.53 32.13 -12.24
CA GLY PA 38 -49.34 32.67 -12.84
C GLY PA 38 -49.63 33.92 -13.64
N ASP PA 39 -48.73 34.23 -14.57
CA ASP PA 39 -48.85 35.42 -15.40
C ASP PA 39 -48.97 35.09 -16.88
N SER PA 40 -48.08 34.26 -17.40
CA SER PA 40 -47.98 34.01 -18.83
C SER PA 40 -48.70 32.73 -19.21
N ASP PA 41 -48.85 32.53 -20.52
CA ASP PA 41 -49.32 31.27 -21.06
C ASP PA 41 -48.19 30.25 -21.19
N LEU PA 42 -46.95 30.64 -20.87
CA LEU PA 42 -45.86 29.67 -20.88
C LEU PA 42 -46.05 28.61 -19.80
N GLN PA 43 -46.65 28.99 -18.66
CA GLN PA 43 -47.04 28.00 -17.68
C GLN PA 43 -48.24 27.18 -18.12
N LEU PA 44 -48.89 27.55 -19.21
CA LEU PA 44 -50.11 26.89 -19.64
C LEU PA 44 -49.97 26.12 -20.95
N GLU PA 45 -48.94 26.40 -21.75
CA GLU PA 45 -48.83 25.73 -23.04
C GLU PA 45 -48.55 24.25 -22.88
N ARG PA 46 -47.57 23.90 -22.05
CA ARG PA 46 -47.18 22.51 -21.85
C ARG PA 46 -47.41 22.09 -20.40
N ILE PA 47 -48.53 22.52 -19.83
CA ILE PA 47 -48.87 22.11 -18.48
C ILE PA 47 -49.34 20.66 -18.47
N ASN PA 48 -49.97 20.20 -19.55
CA ASN PA 48 -50.56 18.87 -19.61
C ASN PA 48 -49.53 17.75 -19.56
N VAL PA 49 -48.24 18.08 -19.48
CA VAL PA 49 -47.22 17.04 -19.37
C VAL PA 49 -47.27 16.39 -17.99
N TYR PA 50 -47.81 17.09 -16.99
CA TYR PA 50 -47.85 16.60 -15.62
C TYR PA 50 -49.23 16.59 -15.00
N PHE PA 51 -50.16 17.37 -15.51
CA PHE PA 51 -51.42 17.59 -14.83
C PHE PA 51 -52.59 17.15 -15.70
N ASN PA 52 -53.76 17.11 -15.07
CA ASN PA 52 -55.02 16.88 -15.76
C ASN PA 52 -55.96 18.01 -15.42
N GLU PA 53 -56.57 18.59 -16.44
CA GLU PA 53 -57.53 19.67 -16.20
C GLU PA 53 -58.73 19.13 -15.42
N ALA PA 54 -59.06 19.82 -14.34
CA ALA PA 54 -60.23 19.49 -13.54
C ALA PA 54 -61.31 20.54 -13.76
N THR PA 55 -62.54 20.17 -13.45
CA THR PA 55 -63.65 21.12 -13.60
C THR PA 55 -63.40 22.34 -12.73
N GLY PA 56 -63.98 23.47 -13.15
CA GLY PA 56 -63.74 24.71 -12.45
C GLY PA 56 -62.36 25.27 -12.64
N GLY PA 57 -61.63 24.81 -13.65
CA GLY PA 57 -60.31 25.33 -13.93
C GLY PA 57 -59.29 25.02 -12.86
N ARG PA 58 -59.17 23.74 -12.50
CA ARG PA 58 -58.17 23.29 -11.55
C ARG PA 58 -57.31 22.21 -12.19
N TYR PA 59 -56.07 22.10 -11.69
CA TYR PA 59 -55.12 21.14 -12.20
C TYR PA 59 -54.71 20.20 -11.07
N VAL PA 60 -54.64 18.91 -11.38
CA VAL PA 60 -54.23 17.91 -10.40
C VAL PA 60 -53.05 17.14 -10.97
N PRO PA 61 -52.08 16.74 -10.15
CA PRO PA 61 -50.93 16.01 -10.68
C PRO PA 61 -51.33 14.65 -11.22
N ARG PA 62 -50.62 14.23 -12.25
CA ARG PA 62 -50.79 12.88 -12.81
C ARG PA 62 -49.92 11.88 -12.07
N ALA PA 63 -50.03 11.88 -10.74
CA ALA PA 63 -49.18 11.08 -9.89
C ALA PA 63 -49.97 9.92 -9.30
N ILE PA 64 -49.23 8.89 -8.87
CA ILE PA 64 -49.79 7.73 -8.22
C ILE PA 64 -48.91 7.40 -7.02
N LEU PA 65 -49.51 7.30 -5.85
CA LEU PA 65 -48.79 7.10 -4.61
C LEU PA 65 -49.09 5.70 -4.09
N MET PA 66 -48.04 4.89 -3.92
CA MET PA 66 -48.19 3.54 -3.41
C MET PA 66 -47.33 3.38 -2.16
N ASP PA 67 -47.91 2.76 -1.13
CA ASP PA 67 -47.16 2.50 0.10
C ASP PA 67 -47.94 1.58 1.03
N LEU PA 68 -47.32 0.51 1.49
CA LEU PA 68 -47.86 -0.20 2.64
C LEU PA 68 -47.75 0.68 3.87
N GLU PA 69 -48.48 0.31 4.94
CA GLU PA 69 -48.45 1.11 6.16
C GLU PA 69 -48.96 2.51 5.88
N PRO PA 70 -50.27 2.68 5.76
CA PRO PA 70 -50.83 3.96 5.28
C PRO PA 70 -50.50 5.17 6.14
N GLY PA 71 -49.71 4.97 7.19
CA GLY PA 71 -49.38 6.07 8.09
C GLY PA 71 -48.77 7.28 7.39
N THR PA 72 -48.00 7.04 6.32
CA THR PA 72 -47.36 8.18 5.65
C THR PA 72 -48.32 8.86 4.68
N MET PA 73 -49.31 8.15 4.16
CA MET PA 73 -50.26 8.79 3.27
C MET PA 73 -51.18 9.75 4.01
N ASP PA 74 -51.24 9.64 5.34
CA ASP PA 74 -51.85 10.68 6.15
C ASP PA 74 -50.95 11.88 6.34
N SER PA 75 -49.68 11.77 5.96
CA SER PA 75 -48.75 12.89 6.05
C SER PA 75 -48.79 13.75 4.79
N VAL PA 76 -48.61 13.12 3.63
CA VAL PA 76 -48.68 13.87 2.38
C VAL PA 76 -50.05 14.50 2.21
N ARG PA 77 -51.11 13.79 2.60
CA ARG PA 77 -52.45 14.35 2.61
C ARG PA 77 -52.57 15.50 3.59
N SER PA 78 -51.63 15.62 4.53
CA SER PA 78 -51.69 16.67 5.55
C SER PA 78 -50.77 17.84 5.27
N GLY PA 79 -49.77 17.67 4.42
CA GLY PA 79 -48.83 18.73 4.12
C GLY PA 79 -49.50 19.92 3.44
N PRO PA 80 -48.71 20.93 3.09
CA PRO PA 80 -49.29 22.11 2.43
C PRO PA 80 -49.90 21.80 1.08
N TYR PA 81 -49.20 21.05 0.24
CA TYR PA 81 -49.67 20.72 -1.10
C TYR PA 81 -50.29 19.33 -1.16
N GLY PA 82 -50.98 18.92 -0.10
CA GLY PA 82 -51.61 17.62 -0.08
C GLY PA 82 -52.99 17.61 -0.70
N GLN PA 83 -53.62 18.76 -0.76
CA GLN PA 83 -54.99 18.85 -1.25
C GLN PA 83 -55.08 18.93 -2.76
N ILE PA 84 -54.00 18.65 -3.48
CA ILE PA 84 -54.05 18.69 -4.94
C ILE PA 84 -54.13 17.30 -5.56
N PHE PA 85 -53.87 16.25 -4.80
CA PHE PA 85 -53.89 14.90 -5.34
C PHE PA 85 -55.32 14.35 -5.38
N ARG PA 86 -55.60 13.56 -6.40
CA ARG PA 86 -56.84 12.80 -6.41
C ARG PA 86 -56.79 11.75 -5.31
N PRO PA 87 -57.72 11.74 -4.36
CA PRO PA 87 -57.71 10.69 -3.34
C PRO PA 87 -57.91 9.30 -3.91
N ASP PA 88 -58.41 9.20 -5.15
CA ASP PA 88 -58.46 7.90 -5.81
C ASP PA 88 -57.06 7.35 -6.05
N ASN PA 89 -56.09 8.23 -6.31
CA ASN PA 89 -54.71 7.81 -6.55
C ASN PA 89 -53.92 7.73 -5.25
N PHE PA 90 -54.47 7.01 -4.28
CA PHE PA 90 -53.82 6.75 -3.00
C PHE PA 90 -53.99 5.25 -2.73
N VAL PA 91 -52.96 4.48 -3.03
CA VAL PA 91 -53.03 3.02 -2.91
C VAL PA 91 -52.13 2.62 -1.75
N PHE PA 92 -52.75 2.15 -0.67
CA PHE PA 92 -52.01 1.72 0.51
C PHE PA 92 -52.51 0.37 0.98
N GLY PA 93 -51.66 -0.31 1.73
CA GLY PA 93 -52.03 -1.54 2.40
C GLY PA 93 -51.94 -1.37 3.90
N GLN PA 94 -52.83 -2.05 4.62
CA GLN PA 94 -52.92 -1.87 6.06
C GLN PA 94 -51.73 -2.45 6.78
N THR PA 95 -51.22 -3.59 6.31
CA THR PA 95 -50.04 -4.18 6.92
C THR PA 95 -48.80 -3.37 6.58
N GLY PA 96 -47.65 -3.83 7.07
CA GLY PA 96 -46.39 -3.17 6.83
C GLY PA 96 -45.41 -4.06 6.07
N ALA PA 97 -44.37 -3.44 5.54
CA ALA PA 97 -43.37 -4.16 4.77
C ALA PA 97 -42.24 -4.70 5.63
N GLY PA 98 -42.06 -4.18 6.83
CA GLY PA 98 -41.06 -4.71 7.74
C GLY PA 98 -39.64 -4.62 7.26
N ASN PA 99 -39.35 -3.76 6.28
CA ASN PA 99 -38.01 -3.64 5.71
C ASN PA 99 -37.51 -4.98 5.19
N ASN PA 100 -38.32 -5.60 4.34
CA ASN PA 100 -38.08 -6.98 3.91
C ASN PA 100 -38.42 -7.08 2.44
N TRP PA 101 -37.39 -7.08 1.59
CA TRP PA 101 -37.59 -7.14 0.14
C TRP PA 101 -38.53 -8.27 -0.24
N ALA PA 102 -38.43 -9.41 0.44
CA ALA PA 102 -39.21 -10.57 0.06
C ALA PA 102 -40.70 -10.27 0.12
N LYS PA 103 -41.20 -9.89 1.29
CA LYS PA 103 -42.63 -9.66 1.41
C LYS PA 103 -43.07 -8.42 0.64
N GLY PA 104 -42.19 -7.43 0.53
CA GLY PA 104 -42.49 -6.32 -0.35
C GLY PA 104 -42.53 -6.68 -1.82
N HIS PA 105 -42.02 -7.85 -2.18
CA HIS PA 105 -41.97 -8.28 -3.57
C HIS PA 105 -42.69 -9.59 -3.83
N TYR PA 106 -42.90 -10.40 -2.80
CA TYR PA 106 -43.51 -11.72 -2.98
C TYR PA 106 -44.86 -11.86 -2.30
N THR PA 107 -44.94 -11.58 -1.00
CA THR PA 107 -46.18 -11.81 -0.28
C THR PA 107 -47.14 -10.64 -0.43
N GLU PA 108 -46.76 -9.47 0.06
CA GLU PA 108 -47.69 -8.35 0.14
C GLU PA 108 -47.69 -7.47 -1.10
N GLY PA 109 -46.68 -7.57 -1.95
CA GLY PA 109 -46.76 -6.90 -3.24
C GLY PA 109 -47.90 -7.42 -4.08
N ALA PA 110 -48.19 -8.71 -3.98
CA ALA PA 110 -49.13 -9.35 -4.89
C ALA PA 110 -50.57 -8.92 -4.66
N GLU PA 111 -50.88 -8.37 -3.48
CA GLU PA 111 -52.24 -7.95 -3.18
C GLU PA 111 -52.54 -6.54 -3.64
N LEU PA 112 -51.50 -5.74 -3.94
CA LEU PA 112 -51.72 -4.38 -4.38
C LEU PA 112 -51.49 -4.18 -5.87
N ILE PA 113 -50.74 -5.07 -6.53
CA ILE PA 113 -50.44 -4.88 -7.94
C ILE PA 113 -51.70 -4.92 -8.78
N ASP PA 114 -52.65 -5.78 -8.42
CA ASP PA 114 -53.94 -5.77 -9.11
C ASP PA 114 -54.60 -4.40 -9.01
N SER PA 115 -54.48 -3.76 -7.85
CA SER PA 115 -55.11 -2.46 -7.65
C SER PA 115 -54.32 -1.35 -8.35
N VAL PA 116 -53.01 -1.33 -8.14
CA VAL PA 116 -52.19 -0.26 -8.71
C VAL PA 116 -52.30 -0.27 -10.22
N LEU PA 117 -52.20 -1.45 -10.83
CA LEU PA 117 -52.24 -1.52 -12.29
C LEU PA 117 -53.59 -1.09 -12.85
N ASP PA 118 -54.66 -1.22 -12.07
CA ASP PA 118 -55.92 -0.65 -12.52
C ASP PA 118 -55.90 0.87 -12.45
N VAL PA 119 -55.09 1.43 -11.55
CA VAL PA 119 -54.94 2.87 -11.50
C VAL PA 119 -54.00 3.34 -12.60
N VAL PA 120 -52.83 2.73 -12.71
CA VAL PA 120 -51.83 3.20 -13.67
C VAL PA 120 -52.38 3.15 -15.09
N ARG PA 121 -53.18 2.13 -15.41
CA ARG PA 121 -53.84 2.11 -16.70
C ARG PA 121 -54.85 3.23 -16.82
N LYS PA 122 -55.68 3.42 -15.79
CA LYS PA 122 -56.82 4.34 -15.85
C LYS PA 122 -56.42 5.71 -16.38
N GLU PA 123 -55.21 6.15 -16.09
CA GLU PA 123 -54.75 7.44 -16.58
C GLU PA 123 -53.75 7.34 -17.72
N ALA PA 124 -53.35 6.14 -18.12
CA ALA PA 124 -52.51 6.01 -19.30
C ALA PA 124 -53.30 6.31 -20.57
N GLU PA 125 -54.58 5.95 -20.58
CA GLU PA 125 -55.45 6.33 -21.69
C GLU PA 125 -55.79 7.81 -21.65
N SER PA 126 -55.81 8.41 -20.46
CA SER PA 126 -56.08 9.83 -20.34
C SER PA 126 -55.05 10.68 -21.07
N CYS PA 127 -53.99 10.08 -21.59
CA CYS PA 127 -52.99 10.76 -22.37
C CYS PA 127 -53.29 10.63 -23.86
N ASP PA 128 -52.88 11.65 -24.62
CA ASP PA 128 -52.94 11.56 -26.07
C ASP PA 128 -51.72 10.85 -26.63
N CYS PA 129 -50.54 11.17 -26.10
CA CYS PA 129 -49.29 10.55 -26.52
C CYS PA 129 -48.40 10.43 -25.28
N LEU PA 130 -48.40 9.25 -24.68
CA LEU PA 130 -47.63 9.02 -23.47
C LEU PA 130 -46.14 8.94 -23.79
N GLN PA 131 -45.35 9.81 -23.19
CA GLN PA 131 -43.90 9.74 -23.37
C GLN PA 131 -43.31 8.59 -22.56
N GLY PA 132 -43.49 8.62 -21.24
CA GLY PA 132 -42.96 7.56 -20.43
C GLY PA 132 -43.35 7.73 -18.98
N PHE PA 133 -42.89 6.78 -18.17
CA PHE PA 133 -43.13 6.77 -16.73
C PHE PA 133 -41.93 7.36 -16.01
N GLN PA 134 -42.08 7.52 -14.69
CA GLN PA 134 -40.95 7.86 -13.84
C GLN PA 134 -41.33 7.56 -12.41
N VAL PA 135 -40.41 6.96 -11.66
CA VAL PA 135 -40.67 6.49 -10.31
C VAL PA 135 -39.62 7.05 -9.37
N CYS PA 136 -39.91 6.98 -8.08
CA CYS PA 136 -38.97 7.36 -7.03
C CYS PA 136 -38.85 6.20 -6.05
N HIS PA 137 -37.63 5.78 -5.78
CA HIS PA 137 -37.37 4.59 -4.99
C HIS PA 137 -36.60 4.95 -3.73
N SER PA 138 -36.39 3.93 -2.91
CA SER PA 138 -35.41 3.98 -1.83
C SER PA 138 -34.92 2.54 -1.67
N LEU PA 139 -33.80 2.21 -2.30
CA LEU PA 139 -33.37 0.83 -2.47
C LEU PA 139 -33.07 0.13 -1.14
N GLY PA 140 -33.20 0.83 -0.02
CA GLY PA 140 -32.97 0.21 1.26
C GLY PA 140 -34.19 -0.50 1.82
N GLY PA 141 -35.36 0.14 1.74
CA GLY PA 141 -36.56 -0.38 2.35
C GLY PA 141 -37.15 -1.54 1.58
N GLY PA 142 -38.28 -2.04 2.11
CA GLY PA 142 -38.97 -3.15 1.50
C GLY PA 142 -40.03 -2.70 0.52
N THR PA 143 -40.71 -1.60 0.82
CA THR PA 143 -41.72 -1.08 -0.09
C THR PA 143 -41.06 -0.41 -1.29
N GLY PA 144 -40.01 0.38 -1.04
CA GLY PA 144 -39.34 1.07 -2.13
C GLY PA 144 -38.71 0.12 -3.13
N SER PA 145 -38.03 -0.92 -2.63
CA SER PA 145 -37.40 -1.88 -3.51
C SER PA 145 -38.38 -2.97 -3.96
N GLY PA 146 -38.92 -3.72 -3.01
CA GLY PA 146 -39.78 -4.85 -3.32
C GLY PA 146 -40.95 -4.52 -4.21
N MET PA 147 -41.88 -3.69 -3.73
CA MET PA 147 -43.00 -3.30 -4.57
C MET PA 147 -42.55 -2.46 -5.74
N GLY PA 148 -41.46 -1.70 -5.58
CA GLY PA 148 -40.93 -0.90 -6.66
C GLY PA 148 -40.60 -1.72 -7.88
N THR PA 149 -39.69 -2.69 -7.72
CA THR PA 149 -39.31 -3.53 -8.84
C THR PA 149 -40.47 -4.39 -9.33
N LEU PA 150 -41.26 -4.93 -8.40
CA LEU PA 150 -42.44 -5.70 -8.82
C LEU PA 150 -43.39 -4.84 -9.62
N LEU PA 151 -43.49 -3.56 -9.29
CA LEU PA 151 -44.30 -2.66 -10.10
C LEU PA 151 -43.71 -2.48 -11.49
N ILE PA 152 -42.39 -2.32 -11.56
CA ILE PA 152 -41.73 -2.07 -12.85
C ILE PA 152 -41.93 -3.23 -13.80
N SER PA 153 -41.58 -4.44 -13.35
CA SER PA 153 -41.74 -5.62 -14.18
C SER PA 153 -43.16 -5.76 -14.72
N LYS PA 154 -44.15 -5.30 -13.95
CA LYS PA 154 -45.51 -5.28 -14.45
C LYS PA 154 -45.69 -4.23 -15.52
N ILE PA 155 -45.02 -3.09 -15.38
CA ILE PA 155 -45.17 -2.02 -16.36
C ILE PA 155 -44.37 -2.32 -17.62
N ARG PA 156 -43.15 -2.82 -17.47
CA ARG PA 156 -42.28 -3.04 -18.62
C ARG PA 156 -42.85 -4.02 -19.62
N GLU PA 157 -43.83 -4.83 -19.22
CA GLU PA 157 -44.46 -5.75 -20.16
C GLU PA 157 -45.70 -5.17 -20.80
N GLU PA 158 -46.42 -4.29 -20.10
CA GLU PA 158 -47.61 -3.69 -20.68
C GLU PA 158 -47.28 -2.50 -21.56
N TYR PA 159 -46.19 -1.79 -21.26
CA TYR PA 159 -45.77 -0.61 -22.03
C TYR PA 159 -44.30 -0.74 -22.37
N PRO PA 160 -43.94 -1.65 -23.26
CA PRO PA 160 -42.52 -1.81 -23.60
C PRO PA 160 -42.00 -0.69 -24.46
N ASP PA 161 -42.78 -0.23 -25.44
CA ASP PA 161 -42.32 0.82 -26.34
C ASP PA 161 -42.03 2.11 -25.58
N ARG PA 162 -42.79 2.39 -24.54
CA ARG PA 162 -42.52 3.56 -23.70
C ARG PA 162 -41.21 3.37 -22.96
N MET PA 163 -40.78 4.42 -22.27
CA MET PA 163 -39.51 4.42 -21.56
C MET PA 163 -39.73 4.78 -20.11
N MET PA 164 -38.89 4.22 -19.24
CA MET PA 164 -39.05 4.36 -17.80
C MET PA 164 -37.79 4.96 -17.18
N LEU PA 165 -37.98 5.87 -16.24
CA LEU PA 165 -36.90 6.40 -15.43
C LEU PA 165 -36.95 5.82 -14.03
N THR PA 166 -35.92 6.13 -13.25
CA THR PA 166 -35.88 5.68 -11.86
C THR PA 166 -34.93 6.60 -11.11
N PHE PA 167 -35.48 7.41 -10.21
CA PHE PA 167 -34.66 8.26 -9.35
C PHE PA 167 -34.37 7.58 -8.02
N SER PA 168 -33.84 6.36 -8.11
CA SER PA 168 -33.66 5.52 -6.94
C SER PA 168 -32.55 6.06 -6.04
N VAL PA 169 -32.83 6.12 -4.75
CA VAL PA 169 -31.85 6.49 -3.74
C VAL PA 169 -31.15 5.22 -3.27
N VAL PA 170 -29.82 5.21 -3.36
CA VAL PA 170 -29.04 4.01 -3.11
C VAL PA 170 -28.58 3.97 -1.66
N PRO PA 171 -28.14 2.83 -1.14
CA PRO PA 171 -27.57 2.78 0.21
C PRO PA 171 -26.30 3.62 0.29
N SER PA 172 -26.01 4.07 1.50
CA SER PA 172 -24.84 4.90 1.75
C SER PA 172 -23.62 4.03 2.05
N PRO PA 173 -22.43 4.48 1.65
CA PRO PA 173 -21.25 3.63 1.87
C PRO PA 173 -20.82 3.54 3.32
N LYS PA 174 -20.89 4.61 4.09
CA LYS PA 174 -20.47 4.58 5.49
C LYS PA 174 -21.63 4.57 6.47
N VAL PA 175 -22.80 5.07 6.08
CA VAL PA 175 -23.92 5.24 6.98
C VAL PA 175 -24.92 4.11 6.75
N SER PA 176 -25.40 3.52 7.84
CA SER PA 176 -26.35 2.42 7.79
C SER PA 176 -27.52 2.76 8.70
N ASP PA 177 -28.58 3.33 8.13
CA ASP PA 177 -29.82 3.51 8.86
C ASP PA 177 -30.46 2.18 9.21
N THR PA 178 -30.27 1.17 8.36
CA THR PA 178 -30.82 -0.15 8.59
C THR PA 178 -29.70 -1.19 8.51
N VAL PA 179 -30.00 -2.39 8.99
CA VAL PA 179 -29.02 -3.46 9.02
C VAL PA 179 -29.23 -4.47 7.91
N VAL PA 180 -30.42 -4.57 7.36
CA VAL PA 180 -30.70 -5.44 6.22
C VAL PA 180 -30.64 -4.65 4.91
N GLU PA 181 -29.95 -3.50 4.92
CA GLU PA 181 -29.83 -2.69 3.71
C GLU PA 181 -29.13 -3.42 2.58
N PRO PA 182 -27.98 -4.06 2.77
CA PRO PA 182 -27.31 -4.71 1.63
C PRO PA 182 -28.13 -5.81 0.98
N TYR PA 183 -29.00 -6.48 1.72
CA TYR PA 183 -29.85 -7.50 1.13
C TYR PA 183 -30.88 -6.86 0.20
N ASN PA 184 -31.56 -5.82 0.66
CA ASN PA 184 -32.59 -5.19 -0.15
C ASN PA 184 -32.02 -4.45 -1.34
N ALA PA 185 -30.73 -4.12 -1.31
CA ALA PA 185 -30.12 -3.43 -2.44
C ALA PA 185 -29.90 -4.38 -3.61
N THR PA 186 -29.09 -5.42 -3.39
CA THR PA 186 -28.70 -6.31 -4.47
C THR PA 186 -29.90 -7.01 -5.07
N LEU PA 187 -30.86 -7.41 -4.24
CA LEU PA 187 -32.05 -8.09 -4.74
C LEU PA 187 -32.84 -7.20 -5.68
N SER PA 188 -32.67 -5.89 -5.61
CA SER PA 188 -33.36 -4.99 -6.52
C SER PA 188 -32.56 -4.74 -7.80
N VAL PA 189 -31.25 -4.54 -7.66
CA VAL PA 189 -30.41 -4.21 -8.80
C VAL PA 189 -30.57 -5.24 -9.92
N HIS PA 190 -30.71 -6.51 -9.55
CA HIS PA 190 -30.99 -7.53 -10.56
C HIS PA 190 -32.27 -7.25 -11.33
N GLN PA 191 -33.19 -6.47 -10.77
CA GLN PA 191 -34.44 -6.18 -11.45
C GLN PA 191 -34.40 -4.93 -12.30
N LEU PA 192 -33.42 -4.05 -12.08
CA LEU PA 192 -33.38 -2.80 -12.82
C LEU PA 192 -32.71 -2.96 -14.17
N VAL PA 193 -31.62 -3.72 -14.22
CA VAL PA 193 -30.84 -3.84 -15.45
C VAL PA 193 -31.70 -4.31 -16.60
N GLU PA 194 -32.65 -5.20 -16.33
CA GLU PA 194 -33.51 -5.72 -17.38
C GLU PA 194 -34.76 -4.89 -17.62
N ASN PA 195 -35.20 -4.12 -16.61
CA ASN PA 195 -36.54 -3.55 -16.66
C ASN PA 195 -36.53 -2.03 -16.55
N ALA PA 196 -35.39 -1.39 -16.72
CA ALA PA 196 -35.33 0.07 -16.72
C ALA PA 196 -34.54 0.53 -17.92
N ASP PA 197 -34.80 1.77 -18.33
CA ASP PA 197 -34.11 2.38 -19.46
C ASP PA 197 -33.15 3.47 -19.03
N GLU PA 198 -33.51 4.27 -18.04
CA GLU PA 198 -32.60 5.19 -17.38
C GLU PA 198 -32.78 5.03 -15.88
N CYS PA 199 -31.70 5.27 -15.13
CA CYS PA 199 -31.76 5.09 -13.69
C CYS PA 199 -30.71 5.98 -13.04
N MET PA 200 -31.15 7.11 -12.50
CA MET PA 200 -30.28 7.92 -11.67
C MET PA 200 -30.05 7.25 -10.33
N VAL PA 201 -28.89 7.47 -9.75
CA VAL PA 201 -28.56 6.93 -8.43
C VAL PA 201 -28.09 8.08 -7.55
N LEU PA 202 -28.81 8.30 -6.45
CA LEU PA 202 -28.57 9.41 -5.55
C LEU PA 202 -28.39 8.86 -4.14
N ASP PA 203 -27.51 9.47 -3.37
CA ASP PA 203 -27.14 8.90 -2.09
C ASP PA 203 -27.08 9.95 -1.00
N ASN PA 204 -27.71 9.65 0.13
CA ASN PA 204 -27.91 10.62 1.21
C ASN PA 204 -26.60 11.19 1.74
N GLU PA 205 -25.49 10.49 1.56
CA GLU PA 205 -24.22 11.00 2.08
C GLU PA 205 -23.73 12.18 1.27
N ALA PA 206 -23.52 11.99 -0.04
CA ALA PA 206 -23.11 13.11 -0.88
C ALA PA 206 -24.12 14.24 -0.80
N LEU PA 207 -25.39 13.93 -0.59
CA LEU PA 207 -26.39 14.96 -0.33
C LEU PA 207 -26.02 15.77 0.90
N TYR PA 208 -25.52 15.13 1.94
CA TYR PA 208 -25.21 15.85 3.18
C TYR PA 208 -24.03 16.79 3.00
N ASP PA 209 -23.01 16.36 2.27
CA ASP PA 209 -21.82 17.19 2.13
C ASP PA 209 -22.10 18.39 1.22
N ILE PA 210 -22.80 18.16 0.11
CA ILE PA 210 -23.27 19.27 -0.71
C ILE PA 210 -24.03 20.28 0.14
N CYS PA 211 -24.94 19.78 0.98
CA CYS PA 211 -25.67 20.66 1.89
C CYS PA 211 -24.77 21.32 2.91
N PHE PA 212 -23.58 20.78 3.16
CA PHE PA 212 -22.73 21.28 4.23
C PHE PA 212 -21.64 22.21 3.72
N ARG PA 213 -20.86 21.79 2.73
CA ARG PA 213 -19.78 22.63 2.23
C ARG PA 213 -20.32 23.77 1.38
N THR PA 214 -20.98 23.44 0.28
CA THR PA 214 -21.43 24.47 -0.66
C THR PA 214 -22.55 25.31 -0.07
N LEU PA 215 -23.67 24.66 0.26
CA LEU PA 215 -24.81 25.40 0.79
C LEU PA 215 -24.58 25.97 2.17
N LYS PA 216 -23.53 25.52 2.88
CA LYS PA 216 -23.18 26.01 4.20
C LYS PA 216 -24.32 25.87 5.20
N LEU PA 217 -25.25 24.95 4.96
CA LEU PA 217 -26.36 24.77 5.88
C LEU PA 217 -25.86 24.28 7.23
N THR PA 218 -26.53 24.74 8.29
CA THR PA 218 -26.17 24.34 9.65
C THR PA 218 -26.81 23.01 10.03
N THR PA 219 -28.11 22.85 9.75
CA THR PA 219 -28.85 21.63 10.07
C THR PA 219 -29.65 21.21 8.84
N PRO PA 220 -29.03 20.47 7.93
CA PRO PA 220 -29.77 19.94 6.78
C PRO PA 220 -30.76 18.88 7.24
N THR PA 221 -32.04 19.19 7.10
CA THR PA 221 -33.09 18.22 7.39
C THR PA 221 -33.48 17.49 6.10
N PHE PA 222 -34.34 16.48 6.26
CA PHE PA 222 -34.80 15.74 5.09
C PHE PA 222 -35.52 16.64 4.12
N GLY PA 223 -36.22 17.65 4.62
CA GLY PA 223 -36.84 18.64 3.75
C GLY PA 223 -35.85 19.40 2.90
N ASP PA 224 -34.57 19.39 3.28
CA ASP PA 224 -33.54 20.06 2.51
C ASP PA 224 -32.92 19.16 1.46
N LEU PA 225 -32.66 17.90 1.79
CA LEU PA 225 -32.21 16.94 0.78
C LEU PA 225 -33.26 16.79 -0.31
N ASN PA 226 -34.51 16.56 0.07
CA ASN PA 226 -35.58 16.45 -0.90
C ASN PA 226 -35.73 17.71 -1.74
N HIS PA 227 -35.30 18.86 -1.22
CA HIS PA 227 -35.29 20.06 -2.02
C HIS PA 227 -34.29 19.93 -3.18
N LEU PA 228 -33.16 19.28 -2.93
CA LEU PA 228 -32.17 19.10 -3.98
C LEU PA 228 -32.66 18.11 -5.04
N ILE PA 229 -33.21 16.99 -4.60
CA ILE PA 229 -33.70 15.97 -5.52
C ILE PA 229 -34.77 16.54 -6.42
N SER PA 230 -35.67 17.35 -5.85
CA SER PA 230 -36.71 18.00 -6.64
C SER PA 230 -36.13 18.88 -7.74
N ALA PA 231 -34.97 19.48 -7.50
CA ALA PA 231 -34.38 20.38 -8.48
C ALA PA 231 -34.04 19.63 -9.77
N VAL PA 232 -33.24 18.57 -9.66
CA VAL PA 232 -32.81 17.84 -10.85
C VAL PA 232 -33.98 17.13 -11.51
N MET PA 233 -34.93 16.64 -10.71
CA MET PA 233 -36.12 16.03 -11.29
C MET PA 233 -36.92 17.03 -12.10
N SER PA 234 -36.85 18.31 -11.75
CA SER PA 234 -37.44 19.35 -12.58
C SER PA 234 -36.47 19.80 -13.66
N GLY PA 235 -35.19 19.51 -13.52
CA GLY PA 235 -34.21 19.90 -14.51
C GLY PA 235 -34.14 18.99 -15.71
N ILE PA 236 -34.85 17.87 -15.69
CA ILE PA 236 -34.81 16.93 -16.80
C ILE PA 236 -35.83 17.28 -17.87
N THR PA 237 -37.01 17.72 -17.46
CA THR PA 237 -38.14 17.88 -18.37
C THR PA 237 -38.33 19.31 -18.83
N CYS PA 238 -37.36 20.20 -18.59
CA CYS PA 238 -37.47 21.57 -19.06
C CYS PA 238 -37.64 21.64 -20.57
N CYS PA 239 -37.09 20.65 -21.30
CA CYS PA 239 -37.27 20.62 -22.75
C CYS PA 239 -38.68 20.15 -23.11
N LEU PA 240 -39.24 19.24 -22.32
CA LEU PA 240 -40.61 18.80 -22.58
C LEU PA 240 -41.60 19.90 -22.31
N ARG PA 241 -41.30 20.77 -21.34
CA ARG PA 241 -42.24 21.81 -20.94
C ARG PA 241 -41.93 23.15 -21.60
N PHE PA 242 -40.75 23.63 -21.43
CA PHE PA 242 -40.56 24.98 -21.92
C PHE PA 242 -39.83 24.97 -23.25
N PRO PA 243 -40.03 26.00 -24.08
CA PRO PA 243 -39.32 26.07 -25.36
C PRO PA 243 -37.83 26.21 -25.14
N GLY PA 244 -37.08 25.88 -26.18
CA GLY PA 244 -35.65 25.96 -26.13
C GLY PA 244 -35.04 26.01 -27.51
N GLN PA 245 -33.92 26.71 -27.66
CA GLN PA 245 -33.29 26.80 -28.97
C GLN PA 245 -32.62 25.49 -29.35
N LEU PA 246 -32.28 24.66 -28.38
CA LEU PA 246 -31.75 23.32 -28.63
C LEU PA 246 -32.46 22.38 -27.67
N ASN PA 247 -33.61 21.85 -28.11
CA ASN PA 247 -34.43 21.04 -27.24
C ASN PA 247 -33.81 19.65 -27.06
N ALA PA 248 -34.20 18.99 -25.96
CA ALA PA 248 -33.72 17.65 -25.64
C ALA PA 248 -34.88 16.85 -25.05
N ASP PA 249 -35.60 16.13 -25.92
CA ASP PA 249 -36.66 15.25 -25.48
C ASP PA 249 -36.11 14.24 -24.46
N LEU PA 250 -37.02 13.69 -23.66
CA LEU PA 250 -36.62 12.71 -22.66
C LEU PA 250 -35.97 11.49 -23.31
N ARG PA 251 -36.41 11.11 -24.50
CA ARG PA 251 -35.87 9.92 -25.14
C ARG PA 251 -34.50 10.19 -25.74
N LYS PA 252 -34.32 11.35 -26.38
CA LYS PA 252 -33.06 11.62 -27.05
C LYS PA 252 -31.91 11.81 -26.06
N LEU PA 253 -32.19 11.91 -24.77
CA LEU PA 253 -31.13 11.85 -23.78
C LEU PA 253 -30.68 10.43 -23.49
N ALA PA 254 -31.51 9.44 -23.80
CA ALA PA 254 -31.12 8.05 -23.60
C ALA PA 254 -30.21 7.57 -24.73
N VAL PA 255 -30.63 7.77 -25.98
CA VAL PA 255 -29.83 7.31 -27.12
C VAL PA 255 -28.46 7.98 -27.13
N ASN PA 256 -28.33 9.14 -26.50
CA ASN PA 256 -27.07 9.86 -26.46
C ASN PA 256 -26.24 9.55 -25.23
N LEU PA 257 -26.69 8.65 -24.37
CA LEU PA 257 -26.02 8.47 -23.10
C LEU PA 257 -25.64 7.03 -22.79
N ILE PA 258 -26.49 6.06 -23.12
CA ILE PA 258 -26.20 4.66 -22.87
C ILE PA 258 -25.71 4.02 -24.18
N PRO PA 259 -24.45 3.63 -24.27
CA PRO PA 259 -23.98 2.94 -25.49
C PRO PA 259 -24.44 1.48 -25.54
N PHE PA 260 -24.51 0.82 -24.39
CA PHE PA 260 -24.90 -0.58 -24.34
C PHE PA 260 -26.07 -0.76 -23.39
N PRO PA 261 -26.95 -1.73 -23.65
CA PRO PA 261 -28.24 -1.77 -22.95
C PRO PA 261 -28.13 -1.96 -21.43
N ARG PA 262 -26.95 -2.14 -20.88
CA ARG PA 262 -26.82 -2.42 -19.46
C ARG PA 262 -26.22 -1.28 -18.64
N LEU PA 263 -25.61 -0.29 -19.28
CA LEU PA 263 -24.92 0.78 -18.57
C LEU PA 263 -25.81 2.02 -18.44
N HIS PA 264 -26.91 1.87 -17.70
CA HIS PA 264 -27.89 2.94 -17.52
C HIS PA 264 -27.97 3.41 -16.08
N PHE PA 265 -26.84 3.51 -15.41
CA PHE PA 265 -26.78 3.98 -14.02
C PHE PA 265 -26.06 5.33 -14.02
N PHE PA 266 -26.84 6.40 -14.17
CA PHE PA 266 -26.27 7.72 -14.39
C PHE PA 266 -25.87 8.34 -13.06
N MET PA 267 -25.53 9.62 -13.07
CA MET PA 267 -24.96 10.29 -11.91
C MET PA 267 -25.13 11.78 -12.10
N VAL PA 268 -25.89 12.44 -11.25
CA VAL PA 268 -26.38 13.78 -11.55
C VAL PA 268 -25.72 14.80 -10.63
N GLY PA 269 -26.04 16.06 -10.90
CA GLY PA 269 -25.58 17.19 -10.11
C GLY PA 269 -26.33 18.42 -10.57
N PHE PA 270 -26.26 19.47 -9.77
CA PHE PA 270 -27.03 20.67 -10.06
C PHE PA 270 -26.13 21.90 -9.89
N THR PA 271 -26.50 22.96 -10.61
CA THR PA 271 -25.76 24.21 -10.63
C THR PA 271 -26.73 25.33 -10.94
N PRO PA 272 -26.64 26.47 -10.24
CA PRO PA 272 -25.67 26.83 -9.21
C PRO PA 272 -26.10 26.42 -7.81
N LEU PA 273 -25.12 26.15 -6.96
CA LEU PA 273 -25.35 25.85 -5.55
C LEU PA 273 -24.45 26.78 -4.75
N THR PA 274 -25.04 27.67 -3.98
CA THR PA 274 -24.28 28.62 -3.18
C THR PA 274 -25.13 29.06 -2.01
N SER PA 275 -24.48 29.65 -1.02
CA SER PA 275 -25.18 30.12 0.17
C SER PA 275 -25.88 31.44 -0.13
N ARG PA 276 -26.54 31.99 0.89
CA ARG PA 276 -27.24 33.25 0.70
C ARG PA 276 -26.28 34.42 0.60
N GLY PA 277 -25.12 34.33 1.27
CA GLY PA 277 -24.16 35.40 1.25
C GLY PA 277 -23.57 35.69 -0.12
N SER PA 278 -22.80 34.73 -0.65
CA SER PA 278 -22.08 34.92 -1.90
C SER PA 278 -22.99 35.04 -3.12
N GLN PA 279 -24.31 35.02 -2.94
CA GLN PA 279 -25.19 35.09 -4.11
C GLN PA 279 -25.26 36.50 -4.67
N GLN PA 280 -25.20 37.52 -3.82
CA GLN PA 280 -25.32 38.90 -4.29
C GLN PA 280 -24.12 39.34 -5.11
N TYR PA 281 -23.00 38.63 -5.02
CA TYR PA 281 -21.76 39.07 -5.62
C TYR PA 281 -21.23 38.14 -6.70
N ARG PA 282 -21.56 36.86 -6.65
CA ARG PA 282 -21.14 35.93 -7.69
C ARG PA 282 -21.94 36.19 -8.96
N ALA PA 283 -21.23 36.50 -10.05
CA ALA PA 283 -21.89 36.65 -11.33
C ALA PA 283 -22.28 35.29 -11.89
N LEU PA 284 -23.38 35.26 -12.63
CA LEU PA 284 -23.92 34.03 -13.19
C LEU PA 284 -23.63 34.01 -14.68
N THR PA 285 -22.58 33.29 -15.06
CA THR PA 285 -22.21 33.14 -16.46
C THR PA 285 -21.99 31.66 -16.76
N VAL PA 286 -22.10 31.33 -18.04
CA VAL PA 286 -21.92 29.96 -18.52
C VAL PA 286 -20.61 29.36 -18.01
N PRO PA 287 -19.49 30.10 -17.98
CA PRO PA 287 -18.29 29.55 -17.31
C PRO PA 287 -18.54 29.13 -15.88
N GLU PA 288 -19.17 29.99 -15.06
CA GLU PA 288 -19.43 29.64 -13.67
C GLU PA 288 -20.15 28.31 -13.55
N LEU PA 289 -21.20 28.14 -14.35
CA LEU PA 289 -21.98 26.91 -14.27
C LEU PA 289 -21.15 25.70 -14.70
N THR PA 290 -20.33 25.86 -15.72
CA THR PA 290 -19.65 24.70 -16.29
C THR PA 290 -18.39 24.31 -15.53
N GLN PA 291 -17.94 25.13 -14.59
CA GLN PA 291 -16.85 24.71 -13.72
C GLN PA 291 -17.34 24.20 -12.38
N GLN PA 292 -18.58 24.46 -12.02
CA GLN PA 292 -19.11 23.85 -10.81
C GLN PA 292 -19.74 22.50 -11.08
N MET PA 293 -20.34 22.33 -12.26
CA MET PA 293 -21.00 21.06 -12.55
C MET PA 293 -19.96 19.96 -12.77
N TRP PA 294 -18.83 20.28 -13.37
CA TRP PA 294 -17.84 19.26 -13.68
C TRP PA 294 -17.06 18.81 -12.46
N ASP PA 295 -17.24 19.46 -11.32
CA ASP PA 295 -16.55 19.08 -10.10
C ASP PA 295 -16.91 17.65 -9.70
N ALA PA 296 -16.02 17.04 -8.93
CA ALA PA 296 -16.27 15.73 -8.35
C ALA PA 296 -17.05 15.84 -7.03
N LYS PA 297 -17.47 17.03 -6.65
CA LYS PA 297 -18.22 17.22 -5.41
C LYS PA 297 -19.71 17.35 -5.66
N ASN PA 298 -20.11 18.08 -6.69
CA ASN PA 298 -21.53 18.26 -6.97
C ASN PA 298 -22.22 16.98 -7.39
N MET PA 299 -21.48 15.89 -7.60
CA MET PA 299 -22.11 14.61 -7.87
C MET PA 299 -22.90 14.16 -6.65
N MET PA 300 -24.23 14.14 -6.77
CA MET PA 300 -25.06 13.71 -5.67
C MET PA 300 -24.89 12.24 -5.34
N CYS PA 301 -24.25 11.48 -6.22
CA CYS PA 301 -23.91 10.09 -5.93
C CYS PA 301 -22.50 10.03 -5.35
N ALA PA 302 -22.28 9.06 -4.46
CA ALA PA 302 -20.99 8.96 -3.78
C ALA PA 302 -20.02 8.07 -4.54
N ALA PA 303 -19.83 8.37 -5.82
CA ALA PA 303 -18.83 7.71 -6.66
C ALA PA 303 -17.93 8.79 -7.25
N ASP PA 304 -16.63 8.66 -7.02
CA ASP PA 304 -15.69 9.71 -7.39
C ASP PA 304 -15.27 9.54 -8.85
N PRO PA 305 -15.51 10.53 -9.70
CA PRO PA 305 -15.12 10.40 -11.11
C PRO PA 305 -13.63 10.19 -11.32
N ARG PA 306 -12.81 10.49 -10.31
CA ARG PA 306 -11.37 10.34 -10.46
C ARG PA 306 -10.94 8.89 -10.58
N HIS PA 307 -11.78 7.95 -10.17
CA HIS PA 307 -11.46 6.53 -10.28
C HIS PA 307 -11.92 5.92 -11.59
N GLY PA 308 -12.49 6.71 -12.48
CA GLY PA 308 -12.98 6.16 -13.73
C GLY PA 308 -12.93 7.16 -14.87
N ARG PA 309 -13.58 6.82 -15.97
CA ARG PA 309 -13.58 7.67 -17.15
C ARG PA 309 -15.01 7.82 -17.64
N TYR PA 310 -15.38 9.05 -17.99
CA TYR PA 310 -16.73 9.33 -18.46
C TYR PA 310 -16.95 8.64 -19.80
N LEU PA 311 -17.82 7.65 -19.83
CA LEU PA 311 -18.28 7.13 -21.12
C LEU PA 311 -18.91 8.26 -21.93
N THR PA 312 -19.97 8.85 -21.41
CA THR PA 312 -20.62 10.00 -21.99
C THR PA 312 -21.05 10.94 -20.85
N ALA PA 313 -21.57 12.10 -21.21
CA ALA PA 313 -22.02 13.06 -20.23
C ALA PA 313 -23.16 13.88 -20.83
N SER PA 314 -23.66 14.84 -20.06
CA SER PA 314 -24.74 15.71 -20.52
C SER PA 314 -24.73 16.98 -19.70
N ALA PA 315 -25.49 17.97 -20.16
CA ALA PA 315 -25.67 19.21 -19.43
C ALA PA 315 -26.91 19.90 -19.97
N LEU PA 316 -27.90 20.13 -19.12
CA LEU PA 316 -29.13 20.79 -19.52
C LEU PA 316 -29.13 22.19 -18.92
N PHE PA 317 -28.72 23.17 -19.71
CA PHE PA 317 -28.78 24.55 -19.27
C PHE PA 317 -30.19 25.10 -19.43
N ARG PA 318 -30.49 26.14 -18.68
CA ARG PA 318 -31.74 26.86 -18.87
C ARG PA 318 -31.52 28.33 -18.54
N GLY PA 319 -31.86 29.19 -19.49
CA GLY PA 319 -31.67 30.61 -19.35
C GLY PA 319 -31.26 31.14 -20.71
N ARG PA 320 -31.66 32.37 -21.01
CA ARG PA 320 -31.27 33.02 -22.26
C ARG PA 320 -29.76 33.24 -22.23
N MET PA 321 -29.02 32.45 -23.01
CA MET PA 321 -27.57 32.44 -22.94
C MET PA 321 -26.99 32.18 -24.32
N SER PA 322 -25.68 32.38 -24.43
CA SER PA 322 -24.98 32.24 -25.71
C SER PA 322 -24.69 30.77 -25.97
N THR PA 323 -25.28 30.23 -27.03
CA THR PA 323 -25.12 28.81 -27.35
C THR PA 323 -23.75 28.49 -27.93
N LYS PA 324 -22.85 29.47 -28.08
CA LYS PA 324 -21.47 29.14 -28.42
C LYS PA 324 -20.69 28.73 -27.18
N GLU PA 325 -20.83 29.50 -26.10
CA GLU PA 325 -20.05 29.24 -24.90
C GLU PA 325 -20.25 27.81 -24.41
N VAL PA 326 -21.51 27.39 -24.26
CA VAL PA 326 -21.78 26.02 -23.83
C VAL PA 326 -21.17 25.03 -24.79
N ASP PA 327 -20.93 25.43 -26.03
CA ASP PA 327 -20.35 24.51 -27.00
C ASP PA 327 -18.83 24.47 -26.89
N GLU PA 328 -18.20 25.60 -26.57
CA GLU PA 328 -16.75 25.63 -26.42
C GLU PA 328 -16.31 25.37 -24.98
N GLN PA 329 -17.20 25.52 -24.01
CA GLN PA 329 -16.85 25.17 -22.64
C GLN PA 329 -16.77 23.66 -22.47
N MET PA 330 -17.82 22.94 -22.91
CA MET PA 330 -17.78 21.49 -22.89
C MET PA 330 -16.75 20.92 -23.86
N LEU PA 331 -16.09 21.78 -24.63
CA LEU PA 331 -15.03 21.33 -25.53
C LEU PA 331 -13.65 21.54 -24.92
N ASN PA 332 -13.47 22.59 -24.12
CA ASN PA 332 -12.20 22.75 -23.41
C ASN PA 332 -11.98 21.60 -22.46
N VAL PA 333 -13.00 21.25 -21.68
CA VAL PA 333 -12.89 20.16 -20.71
C VAL PA 333 -12.41 18.90 -21.39
N GLN PA 334 -13.12 18.46 -22.44
CA GLN PA 334 -12.73 17.26 -23.16
C GLN PA 334 -11.31 17.33 -23.69
N ASN PA 335 -10.71 18.51 -23.72
CA ASN PA 335 -9.34 18.67 -24.18
C ASN PA 335 -8.33 18.75 -23.04
N LYS PA 336 -8.66 19.44 -21.95
CA LYS PA 336 -7.70 19.59 -20.87
C LYS PA 336 -7.44 18.24 -20.20
N ASN PA 337 -8.45 17.67 -19.57
CA ASN PA 337 -8.31 16.37 -18.91
C ASN PA 337 -8.89 15.27 -19.80
N SER PA 338 -8.20 15.03 -20.91
CA SER PA 338 -8.66 14.04 -21.88
C SER PA 338 -8.49 12.62 -21.39
N SER PA 339 -7.68 12.39 -20.36
CA SER PA 339 -7.46 11.04 -19.86
C SER PA 339 -8.70 10.46 -19.19
N TYR PA 340 -9.64 11.31 -18.76
CA TYR PA 340 -10.83 10.86 -18.08
C TYR PA 340 -12.01 10.66 -19.01
N PHE PA 341 -11.77 10.58 -20.31
CA PHE PA 341 -12.81 10.30 -21.28
C PHE PA 341 -12.34 9.20 -22.20
N VAL PA 342 -13.20 8.22 -22.46
CA VAL PA 342 -12.82 7.11 -23.30
C VAL PA 342 -12.45 7.62 -24.69
N GLU PA 343 -11.55 6.89 -25.35
CA GLU PA 343 -11.05 7.31 -26.65
C GLU PA 343 -11.88 6.80 -27.81
N TRP PA 344 -12.61 5.72 -27.65
CA TRP PA 344 -13.43 5.21 -28.73
C TRP PA 344 -14.75 5.95 -28.86
N ILE PA 345 -14.85 7.13 -28.25
CA ILE PA 345 -15.96 8.05 -28.47
C ILE PA 345 -15.35 9.42 -28.74
N PRO PA 346 -15.43 9.93 -29.96
CA PRO PA 346 -14.70 11.16 -30.29
C PRO PA 346 -15.09 12.34 -29.43
N ASN PA 347 -16.37 12.70 -29.46
CA ASN PA 347 -16.93 13.71 -28.56
C ASN PA 347 -18.03 13.04 -27.76
N ASN PA 348 -18.04 13.26 -26.46
CA ASN PA 348 -18.90 12.48 -25.58
C ASN PA 348 -19.76 13.31 -24.65
N VAL PA 349 -19.91 14.61 -24.89
CA VAL PA 349 -20.84 15.43 -24.13
C VAL PA 349 -21.91 15.95 -25.07
N LYS PA 350 -23.14 15.97 -24.58
CA LYS PA 350 -24.26 16.58 -25.28
C LYS PA 350 -24.70 17.82 -24.52
N SER PA 351 -25.00 18.88 -25.25
CA SER PA 351 -25.32 20.17 -24.65
C SER PA 351 -26.69 20.63 -25.15
N SER PA 352 -27.68 20.56 -24.28
CA SER PA 352 -28.97 21.16 -24.52
C SER PA 352 -29.05 22.50 -23.82
N VAL PA 353 -30.08 23.27 -24.16
CA VAL PA 353 -30.29 24.58 -23.53
C VAL PA 353 -31.75 24.97 -23.73
N CYS PA 354 -32.35 25.51 -22.67
CA CYS PA 354 -33.74 25.94 -22.69
C CYS PA 354 -33.81 27.43 -22.36
N ASP PA 355 -34.87 28.07 -22.86
CA ASP PA 355 -34.98 29.51 -22.77
C ASP PA 355 -35.64 30.00 -21.49
N ILE PA 356 -36.17 29.10 -20.66
CA ILE PA 356 -36.90 29.52 -19.47
C ILE PA 356 -36.11 29.12 -18.23
N PRO PA 357 -35.45 30.07 -17.57
CA PRO PA 357 -34.68 29.73 -16.35
C PRO PA 357 -35.62 29.36 -15.23
N PRO PA 358 -35.09 28.89 -14.10
CA PRO PA 358 -35.93 28.66 -12.92
C PRO PA 358 -36.62 29.93 -12.46
N LYS PA 359 -37.54 29.77 -11.51
CA LYS PA 359 -38.43 30.86 -11.15
C LYS PA 359 -37.66 32.02 -10.51
N GLY PA 360 -36.60 31.72 -9.77
CA GLY PA 360 -35.93 32.76 -9.02
C GLY PA 360 -34.51 33.04 -9.45
N LEU PA 361 -34.04 32.35 -10.48
CA LEU PA 361 -32.67 32.49 -10.97
C LEU PA 361 -32.69 33.08 -12.37
N LYS PA 362 -31.48 33.34 -12.91
CA LYS PA 362 -31.33 33.74 -14.29
C LYS PA 362 -30.67 32.68 -15.15
N MET PA 363 -29.87 31.80 -14.55
CA MET PA 363 -29.25 30.70 -15.25
C MET PA 363 -29.16 29.51 -14.31
N SER PA 364 -29.18 28.31 -14.89
CA SER PA 364 -29.05 27.09 -14.12
C SER PA 364 -28.62 25.98 -15.07
N ALA PA 365 -28.06 24.93 -14.51
CA ALA PA 365 -27.55 23.84 -15.34
C ALA PA 365 -27.55 22.55 -14.54
N THR PA 366 -28.27 21.55 -15.07
CA THR PA 366 -28.32 20.23 -14.47
C THR PA 366 -27.37 19.31 -15.20
N PHE PA 367 -26.66 18.46 -14.47
CA PHE PA 367 -25.62 17.62 -15.03
C PHE PA 367 -26.02 16.16 -14.94
N ILE PA 368 -25.64 15.39 -15.97
CA ILE PA 368 -25.80 13.94 -15.97
C ILE PA 368 -24.53 13.33 -16.52
N GLY PA 369 -23.97 12.38 -15.81
CA GLY PA 369 -22.73 11.77 -16.24
C GLY PA 369 -22.72 10.27 -16.10
N ASN PA 370 -22.48 9.56 -17.20
CA ASN PA 370 -22.45 8.10 -17.20
C ASN PA 370 -21.00 7.65 -17.10
N SER PA 371 -20.45 7.78 -15.90
CA SER PA 371 -19.05 7.48 -15.64
C SER PA 371 -18.85 6.02 -15.30
N THR PA 372 -17.64 5.54 -15.51
CA THR PA 372 -17.27 4.18 -15.14
C THR PA 372 -16.84 4.06 -13.69
N ALA PA 373 -16.90 5.15 -12.93
CA ALA PA 373 -16.63 5.08 -11.50
C ALA PA 373 -17.81 4.55 -10.72
N ILE PA 374 -18.99 4.48 -11.33
CA ILE PA 374 -20.17 3.96 -10.65
C ILE PA 374 -20.01 2.49 -10.28
N GLN PA 375 -18.99 1.82 -10.84
CA GLN PA 375 -18.72 0.44 -10.46
C GLN PA 375 -18.31 0.32 -9.00
N GLU PA 376 -17.82 1.40 -8.39
CA GLU PA 376 -17.43 1.32 -6.98
C GLU PA 376 -18.63 1.18 -6.06
N MET PA 377 -19.76 1.82 -6.41
CA MET PA 377 -20.99 1.60 -5.67
C MET PA 377 -21.33 0.11 -5.60
N PHE PA 378 -21.17 -0.60 -6.71
CA PHE PA 378 -21.51 -2.01 -6.75
C PHE PA 378 -20.43 -2.89 -6.13
N LYS PA 379 -19.20 -2.39 -6.04
CA LYS PA 379 -18.18 -3.11 -5.28
C LYS PA 379 -18.52 -3.10 -3.79
N ARG PA 380 -18.76 -1.90 -3.25
CA ARG PA 380 -19.02 -1.76 -1.81
C ARG PA 380 -20.23 -2.60 -1.39
N VAL PA 381 -21.30 -2.55 -2.18
CA VAL PA 381 -22.51 -3.27 -1.81
C VAL PA 381 -22.30 -4.78 -1.97
N SER PA 382 -21.57 -5.19 -3.00
CA SER PA 382 -21.36 -6.62 -3.22
C SER PA 382 -20.57 -7.25 -2.09
N GLU PA 383 -19.74 -6.46 -1.41
CA GLU PA 383 -18.98 -6.99 -0.28
C GLU PA 383 -19.85 -7.14 0.95
N GLN PA 384 -20.57 -6.07 1.32
CA GLN PA 384 -21.47 -6.16 2.47
C GLN PA 384 -22.48 -7.29 2.30
N PHE PA 385 -22.96 -7.50 1.07
CA PHE PA 385 -23.85 -8.63 0.84
C PHE PA 385 -23.12 -9.95 1.06
N THR PA 386 -21.91 -10.09 0.53
CA THR PA 386 -21.19 -11.33 0.70
C THR PA 386 -20.47 -11.42 2.04
N ALA PA 387 -20.53 -10.36 2.85
CA ALA PA 387 -19.97 -10.44 4.19
C ALA PA 387 -20.90 -11.15 5.14
N MET PA 388 -22.21 -10.96 4.98
CA MET PA 388 -23.19 -11.59 5.86
C MET PA 388 -23.87 -12.79 5.24
N PHE PA 389 -24.17 -12.77 3.94
CA PHE PA 389 -24.74 -13.96 3.32
C PHE PA 389 -23.79 -15.14 3.42
N ARG PA 390 -22.50 -14.88 3.48
CA ARG PA 390 -21.54 -15.94 3.75
C ARG PA 390 -21.85 -16.66 5.05
N ARG PA 391 -22.33 -15.92 6.05
CA ARG PA 391 -22.76 -16.50 7.31
C ARG PA 391 -24.25 -16.77 7.37
N LYS PA 392 -25.01 -16.25 6.41
CA LYS PA 392 -26.46 -16.44 6.37
C LYS PA 392 -27.13 -15.82 7.60
N ALA PA 393 -26.83 -14.56 7.83
CA ALA PA 393 -27.48 -13.80 8.90
C ALA PA 393 -28.68 -13.05 8.35
N PHE PA 394 -29.70 -12.91 9.20
CA PHE PA 394 -30.95 -12.24 8.83
C PHE PA 394 -31.64 -12.90 7.64
N LEU PA 395 -31.37 -14.17 7.41
CA LEU PA 395 -31.87 -14.84 6.22
C LEU PA 395 -33.17 -15.58 6.45
N HIS PA 396 -33.45 -16.04 7.67
CA HIS PA 396 -34.68 -16.77 7.92
C HIS PA 396 -35.91 -15.91 7.73
N TRP PA 397 -35.76 -14.59 7.64
CA TRP PA 397 -36.89 -13.75 7.26
C TRP PA 397 -37.23 -13.94 5.80
N TYR PA 398 -36.21 -13.96 4.93
CA TYR PA 398 -36.45 -14.03 3.50
C TYR PA 398 -36.99 -15.39 3.09
N THR PA 399 -36.40 -16.46 3.59
CA THR PA 399 -36.93 -17.79 3.32
C THR PA 399 -38.32 -17.98 3.90
N GLY PA 400 -38.66 -17.23 4.95
CA GLY PA 400 -40.02 -17.29 5.47
C GLY PA 400 -41.06 -16.92 4.44
N GLU PA 401 -40.71 -16.05 3.50
CA GLU PA 401 -41.63 -15.60 2.47
C GLU PA 401 -41.58 -16.45 1.21
N GLY PA 402 -41.20 -17.72 1.33
CA GLY PA 402 -41.15 -18.60 0.19
C GLY PA 402 -39.97 -18.39 -0.73
N MET PA 403 -39.11 -17.41 -0.45
CA MET PA 403 -37.90 -17.26 -1.24
C MET PA 403 -36.95 -18.41 -0.94
N ASP PA 404 -36.01 -18.62 -1.87
CA ASP PA 404 -34.95 -19.60 -1.68
C ASP PA 404 -33.61 -18.86 -1.69
N GLU PA 405 -32.53 -19.64 -1.69
CA GLU PA 405 -31.20 -19.05 -1.64
C GLU PA 405 -30.61 -18.81 -3.02
N MET PA 406 -30.94 -19.65 -4.00
CA MET PA 406 -30.48 -19.41 -5.36
C MET PA 406 -30.92 -18.04 -5.88
N GLU PA 407 -31.98 -17.48 -5.31
CA GLU PA 407 -32.34 -16.10 -5.64
C GLU PA 407 -31.36 -15.09 -5.07
N PHE PA 408 -30.41 -15.53 -4.25
CA PHE PA 408 -29.38 -14.62 -3.74
C PHE PA 408 -28.11 -14.69 -4.59
N THR PA 409 -27.58 -15.90 -4.80
CA THR PA 409 -26.37 -16.04 -5.61
C THR PA 409 -26.60 -15.54 -7.02
N GLU PA 410 -27.73 -15.90 -7.62
CA GLU PA 410 -28.06 -15.34 -8.94
C GLU PA 410 -28.13 -13.82 -8.88
N ALA PA 411 -28.61 -13.27 -7.77
CA ALA PA 411 -28.71 -11.84 -7.64
C ALA PA 411 -27.33 -11.20 -7.53
N GLU PA 412 -26.44 -11.81 -6.75
CA GLU PA 412 -25.11 -11.25 -6.58
C GLU PA 412 -24.25 -11.46 -7.82
N SER PA 413 -24.30 -12.67 -8.40
CA SER PA 413 -23.56 -12.91 -9.64
C SER PA 413 -23.98 -11.93 -10.72
N ASN PA 414 -25.29 -11.67 -10.85
CA ASN PA 414 -25.76 -10.69 -11.82
C ASN PA 414 -25.27 -9.29 -11.51
N MET PA 415 -24.65 -9.07 -10.35
CA MET PA 415 -24.00 -7.80 -10.08
C MET PA 415 -22.57 -7.79 -10.59
N ASN PA 416 -21.80 -8.83 -10.28
CA ASN PA 416 -20.42 -8.88 -10.74
C ASN PA 416 -20.32 -8.99 -12.25
N ASP PA 417 -21.37 -9.45 -12.93
CA ASP PA 417 -21.41 -9.30 -14.37
C ASP PA 417 -21.51 -7.84 -14.76
N LEU PA 418 -22.20 -7.03 -13.94
CA LEU PA 418 -22.35 -5.62 -14.26
C LEU PA 418 -21.08 -4.84 -13.96
N VAL PA 419 -20.37 -5.20 -12.89
CA VAL PA 419 -19.16 -4.46 -12.56
C VAL PA 419 -18.04 -4.79 -13.55
N SER PA 420 -18.08 -5.95 -14.19
CA SER PA 420 -17.09 -6.25 -15.21
C SER PA 420 -17.30 -5.40 -16.45
N GLU PA 421 -18.56 -5.30 -16.92
CA GLU PA 421 -18.87 -4.46 -18.06
C GLU PA 421 -18.33 -3.05 -17.89
N TYR PA 422 -18.32 -2.55 -16.65
CA TYR PA 422 -17.75 -1.24 -16.40
C TYR PA 422 -16.23 -1.28 -16.48
N GLN PA 423 -15.62 -2.38 -16.04
CA GLN PA 423 -14.17 -2.46 -16.05
C GLN PA 423 -13.64 -2.65 -17.47
N GLN PA 424 -14.30 -3.50 -18.27
CA GLN PA 424 -13.86 -3.72 -19.63
C GLN PA 424 -13.82 -2.42 -20.41
N TYR PA 425 -14.95 -1.72 -20.49
CA TYR PA 425 -15.02 -0.48 -21.24
C TYR PA 425 -14.26 0.66 -20.57
N GLN PA 426 -13.78 0.47 -19.35
CA GLN PA 426 -13.02 1.53 -18.69
C GLN PA 426 -11.60 1.63 -19.22
N ASP PA 427 -11.09 0.56 -19.85
CA ASP PA 427 -9.74 0.60 -20.38
C ASP PA 427 -9.62 -0.02 -21.78
N ALA PA 428 -10.73 -0.37 -22.41
CA ALA PA 428 -10.69 -0.88 -23.77
C ALA PA 428 -10.34 0.27 -24.72
N SER PA 429 -9.15 0.21 -25.31
CA SER PA 429 -8.73 1.24 -26.24
C SER PA 429 -9.32 0.99 -27.62
N ALA PA 430 -9.26 2.02 -28.47
CA ALA PA 430 -9.86 1.90 -29.80
C ALA PA 430 -9.15 0.87 -30.66
N GLU PA 431 -7.85 0.66 -30.42
CA GLU PA 431 -7.08 -0.36 -31.12
C GLU PA 431 -6.99 -1.60 -30.25
N GLU PA 432 -7.21 -2.77 -30.85
CA GLU PA 432 -7.22 -4.02 -30.12
C GLU PA 432 -5.83 -4.45 -29.66
N GLU PA 433 -4.77 -3.73 -30.03
CA GLU PA 433 -3.42 -4.17 -29.73
C GLU PA 433 -3.03 -3.89 -28.30
N GLY PA 434 -3.50 -2.77 -27.73
CA GLY PA 434 -3.02 -2.33 -26.44
C GLY PA 434 -3.55 -3.09 -25.25
N GLU PA 435 -4.62 -3.86 -25.43
CA GLU PA 435 -5.22 -4.55 -24.28
C GLU PA 435 -4.62 -5.94 -24.05
N PHE PA 436 -4.16 -6.61 -25.10
CA PHE PA 436 -3.72 -7.99 -25.01
C PHE PA 436 -2.25 -8.08 -25.42
N GLU PA 437 -1.37 -8.19 -24.43
CA GLU PA 437 0.05 -8.43 -24.71
C GLU PA 437 0.59 -9.53 -23.81
N MET QA 1 -61.58 -16.00 50.51
CA MET QA 1 -60.48 -16.86 50.08
C MET QA 1 -59.34 -16.82 51.09
N ARG QA 2 -58.47 -17.83 51.04
CA ARG QA 2 -57.30 -17.92 51.91
C ARG QA 2 -57.72 -17.96 53.38
N GLU QA 3 -58.55 -18.95 53.71
CA GLU QA 3 -59.07 -19.09 55.06
C GLU QA 3 -58.13 -19.94 55.91
N ILE QA 4 -57.94 -19.54 57.15
CA ILE QA 4 -57.14 -20.26 58.13
C ILE QA 4 -58.04 -20.64 59.30
N VAL QA 5 -57.95 -21.90 59.73
CA VAL QA 5 -58.66 -22.40 60.89
C VAL QA 5 -57.65 -22.71 61.97
N HIS QA 6 -57.95 -22.32 63.21
CA HIS QA 6 -57.02 -22.37 64.32
C HIS QA 6 -57.45 -23.45 65.31
N ILE QA 7 -56.48 -24.21 65.81
CA ILE QA 7 -56.73 -25.27 66.79
C ILE QA 7 -55.85 -25.01 68.00
N GLN QA 8 -56.44 -25.13 69.19
CA GLN QA 8 -55.72 -24.94 70.44
C GLN QA 8 -55.86 -26.20 71.27
N GLY QA 9 -54.80 -26.99 71.34
CA GLY QA 9 -54.76 -28.18 72.16
C GLY QA 9 -54.00 -27.96 73.45
N GLY QA 10 -54.43 -28.65 74.49
CA GLY QA 10 -53.74 -28.62 75.77
C GLY QA 10 -53.96 -27.36 76.57
N GLN QA 11 -53.44 -27.33 77.80
CA GLN QA 11 -53.48 -26.11 78.60
C GLN QA 11 -52.57 -25.04 78.00
N CYS QA 12 -51.32 -25.40 77.72
CA CYS QA 12 -50.38 -24.44 77.14
C CYS QA 12 -50.91 -23.86 75.84
N GLY QA 13 -51.50 -24.71 74.99
CA GLY QA 13 -52.05 -24.21 73.74
C GLY QA 13 -53.21 -23.26 73.96
N ASN QA 14 -54.04 -23.53 74.97
CA ASN QA 14 -55.19 -22.69 75.23
C ASN QA 14 -54.78 -21.30 75.70
N GLN QA 15 -53.67 -21.20 76.42
CA GLN QA 15 -53.24 -19.91 76.94
C GLN QA 15 -52.62 -19.05 75.85
N ILE QA 16 -51.64 -19.60 75.12
CA ILE QA 16 -51.08 -18.86 74.01
C ILE QA 16 -52.14 -18.63 72.95
N GLY QA 17 -53.12 -19.52 72.84
CA GLY QA 17 -54.24 -19.28 71.95
C GLY QA 17 -55.10 -18.11 72.41
N ALA QA 18 -55.30 -17.99 73.73
CA ALA QA 18 -56.02 -16.84 74.26
C ALA QA 18 -55.29 -15.55 73.94
N LYS QA 19 -53.96 -15.56 74.07
CA LYS QA 19 -53.19 -14.35 73.80
C LYS QA 19 -53.13 -14.05 72.30
N PHE QA 20 -52.92 -15.07 71.48
CA PHE QA 20 -52.87 -14.85 70.03
C PHE QA 20 -54.15 -14.23 69.53
N TRP QA 21 -55.31 -14.68 70.04
CA TRP QA 21 -56.57 -14.15 69.56
C TRP QA 21 -56.81 -12.75 70.11
N GLU QA 22 -56.16 -12.39 71.21
CA GLU QA 22 -56.22 -11.01 71.68
C GLU QA 22 -55.38 -10.10 70.79
N VAL QA 23 -54.21 -10.57 70.38
CA VAL QA 23 -53.32 -9.75 69.56
C VAL QA 23 -53.91 -9.51 68.19
N VAL QA 24 -54.44 -10.56 67.57
CA VAL QA 24 -55.07 -10.40 66.26
C VAL QA 24 -56.28 -9.48 66.35
N SER QA 25 -57.14 -9.69 67.36
CA SER QA 25 -58.33 -8.86 67.50
C SER QA 25 -57.96 -7.40 67.64
N ASP QA 26 -56.92 -7.11 68.43
CA ASP QA 26 -56.44 -5.74 68.51
C ASP QA 26 -55.87 -5.26 67.19
N GLU QA 27 -55.14 -6.15 66.49
CA GLU QA 27 -54.52 -5.75 65.23
C GLU QA 27 -55.57 -5.38 64.19
N HIS QA 28 -56.71 -6.08 64.18
CA HIS QA 28 -57.80 -5.75 63.28
C HIS QA 28 -58.81 -4.79 63.89
N GLY QA 29 -58.57 -4.33 65.12
CA GLY QA 29 -59.37 -3.26 65.66
C GLY QA 29 -60.73 -3.63 66.18
N ILE QA 30 -60.95 -4.87 66.57
CA ILE QA 30 -62.24 -5.26 67.13
C ILE QA 30 -62.13 -5.32 68.64
N ASP QA 31 -63.24 -5.09 69.29
CA ASP QA 31 -63.67 -4.96 70.67
C ASP QA 31 -63.92 -6.34 71.28
N PRO QA 32 -63.66 -6.51 72.59
CA PRO QA 32 -64.01 -7.79 73.24
C PRO QA 32 -65.47 -8.16 73.10
N THR QA 33 -66.31 -7.21 72.69
CA THR QA 33 -67.68 -7.52 72.32
C THR QA 33 -67.76 -8.21 70.95
N GLY QA 34 -66.68 -8.23 70.20
CA GLY QA 34 -66.70 -8.75 68.85
C GLY QA 34 -67.12 -7.75 67.80
N THR QA 35 -67.31 -6.48 68.17
CA THR QA 35 -67.73 -5.46 67.24
C THR QA 35 -66.49 -4.73 66.69
N TYR QA 36 -66.44 -4.59 65.38
CA TYR QA 36 -65.33 -3.87 64.76
C TYR QA 36 -65.44 -2.38 65.09
N HIS QA 37 -64.32 -1.80 65.52
CA HIS QA 37 -64.29 -0.37 65.82
C HIS QA 37 -62.98 0.26 65.36
N GLY QA 38 -62.36 -0.31 64.33
CA GLY QA 38 -61.13 0.24 63.80
C GLY QA 38 -61.39 1.42 62.89
N ASP QA 39 -60.37 1.78 62.12
CA ASP QA 39 -60.43 2.97 61.29
C ASP QA 39 -60.40 2.66 59.80
N SER QA 40 -59.38 1.94 59.33
CA SER QA 40 -59.18 1.77 57.90
C SER QA 40 -60.16 0.75 57.34
N ASP QA 41 -60.18 0.65 56.01
CA ASP QA 41 -60.81 -0.48 55.36
C ASP QA 41 -59.87 -1.66 55.26
N LEU QA 42 -58.58 -1.47 55.55
CA LEU QA 42 -57.63 -2.57 55.51
C LEU QA 42 -57.92 -3.58 56.61
N GLN QA 43 -58.55 -3.14 57.70
CA GLN QA 43 -58.94 -4.07 58.75
C GLN QA 43 -60.04 -5.02 58.27
N LEU QA 44 -60.85 -4.57 57.32
CA LEU QA 44 -61.98 -5.35 56.84
C LEU QA 44 -61.69 -6.14 55.58
N GLU QA 45 -60.72 -5.70 54.77
CA GLU QA 45 -60.55 -6.30 53.46
C GLU QA 45 -60.20 -7.78 53.57
N ARG QA 46 -59.43 -8.16 54.59
CA ARG QA 46 -58.99 -9.53 54.79
C ARG QA 46 -59.22 -9.96 56.23
N ILE QA 47 -60.42 -9.67 56.74
CA ILE QA 47 -60.79 -10.17 58.06
C ILE QA 47 -61.27 -11.61 57.99
N ASN QA 48 -61.72 -12.06 56.82
CA ASN QA 48 -62.26 -13.40 56.67
C ASN QA 48 -61.20 -14.50 56.84
N VAL QA 49 -59.91 -14.14 56.85
CA VAL QA 49 -58.88 -15.14 57.02
C VAL QA 49 -58.95 -15.76 58.40
N TYR QA 50 -59.43 -15.00 59.39
CA TYR QA 50 -59.47 -15.46 60.77
C TYR QA 50 -60.87 -15.51 61.37
N PHE QA 51 -61.81 -14.71 60.89
CA PHE QA 51 -63.06 -14.52 61.57
C PHE QA 51 -64.22 -14.88 60.65
N ASN QA 52 -65.38 -15.07 61.28
CA ASN QA 52 -66.65 -15.26 60.58
C ASN QA 52 -67.53 -14.07 60.92
N GLU QA 53 -68.07 -13.42 59.89
CA GLU QA 53 -69.07 -12.39 60.12
C GLU QA 53 -70.30 -13.01 60.77
N ALA QA 54 -70.85 -12.32 61.77
CA ALA QA 54 -72.01 -12.77 62.50
C ALA QA 54 -73.09 -11.71 62.41
N THR QA 55 -74.26 -12.01 62.96
CA THR QA 55 -75.35 -11.04 62.97
C THR QA 55 -74.92 -9.76 63.68
N GLY QA 56 -75.57 -8.66 63.31
CA GLY QA 56 -75.31 -7.39 63.96
C GLY QA 56 -73.91 -6.85 63.77
N GLY QA 57 -73.20 -7.29 62.75
CA GLY QA 57 -71.87 -6.80 62.49
C GLY QA 57 -70.86 -7.18 63.55
N ARG QA 58 -70.78 -8.47 63.85
CA ARG QA 58 -69.81 -8.99 64.81
C ARG QA 58 -68.96 -10.07 64.14
N TYR QA 59 -67.75 -10.23 64.66
CA TYR QA 59 -66.77 -11.14 64.08
C TYR QA 59 -66.28 -12.09 65.17
N VAL QA 60 -66.51 -13.37 64.97
CA VAL QA 60 -66.10 -14.39 65.92
C VAL QA 60 -64.94 -15.17 65.34
N PRO QA 61 -63.98 -15.62 66.15
CA PRO QA 61 -62.81 -16.30 65.60
C PRO QA 61 -63.15 -17.65 65.04
N ARG QA 62 -62.35 -18.08 64.07
CA ARG QA 62 -62.44 -19.44 63.52
C ARG QA 62 -61.52 -20.38 64.30
N ALA QA 63 -61.67 -20.38 65.62
CA ALA QA 63 -60.79 -21.12 66.51
C ALA QA 63 -61.54 -22.25 67.19
N ILE QA 64 -60.86 -23.37 67.36
CA ILE QA 64 -61.39 -24.53 68.08
C ILE QA 64 -60.51 -24.77 69.30
N LEU QA 65 -61.14 -25.04 70.43
CA LEU QA 65 -60.43 -25.21 71.70
C LEU QA 65 -60.70 -26.62 72.21
N MET QA 66 -59.72 -27.50 72.07
CA MET QA 66 -59.86 -28.89 72.48
C MET QA 66 -58.94 -29.13 73.67
N ASP QA 67 -59.53 -29.61 74.77
CA ASP QA 67 -58.77 -29.90 75.98
C ASP QA 67 -59.58 -30.66 77.01
N LEU QA 68 -58.98 -31.67 77.64
CA LEU QA 68 -59.62 -32.31 78.78
C LEU QA 68 -59.47 -31.43 80.01
N GLU QA 69 -60.18 -31.79 81.09
CA GLU QA 69 -60.17 -31.00 82.31
C GLU QA 69 -60.66 -29.60 82.00
N PRO QA 70 -61.97 -29.41 81.82
CA PRO QA 70 -62.49 -28.14 81.28
C PRO QA 70 -62.17 -26.91 82.11
N GLY QA 71 -61.41 -27.07 83.19
CA GLY QA 71 -61.08 -25.94 84.05
C GLY QA 71 -60.44 -24.79 83.30
N THR QA 72 -59.51 -25.11 82.39
CA THR QA 72 -58.82 -24.04 81.68
C THR QA 72 -59.72 -23.34 80.67
N MET QA 73 -60.69 -24.06 80.10
CA MET QA 73 -61.63 -23.41 79.19
C MET QA 73 -62.57 -22.49 79.96
N ASP QA 74 -62.85 -22.82 81.23
CA ASP QA 74 -63.53 -21.88 82.09
C ASP QA 74 -62.67 -20.65 82.32
N SER QA 75 -61.34 -20.81 82.27
CA SER QA 75 -60.46 -19.67 82.49
C SER QA 75 -60.45 -18.75 81.28
N VAL QA 76 -60.24 -19.30 80.08
CA VAL QA 76 -60.21 -18.46 78.89
C VAL QA 76 -61.58 -17.85 78.63
N ARG QA 77 -62.66 -18.57 78.95
CA ARG QA 77 -63.99 -17.99 78.88
C ARG QA 77 -64.12 -16.82 79.83
N SER QA 78 -63.42 -16.86 80.96
CA SER QA 78 -63.51 -15.80 81.95
C SER QA 78 -62.62 -14.61 81.58
N GLY QA 79 -61.58 -14.84 80.79
CA GLY QA 79 -60.64 -13.81 80.44
C GLY QA 79 -61.27 -12.62 79.76
N PRO QA 80 -60.50 -11.55 79.55
CA PRO QA 80 -61.07 -10.34 78.93
C PRO QA 80 -61.66 -10.60 77.56
N TYR QA 81 -60.92 -11.28 76.68
CA TYR QA 81 -61.40 -11.57 75.34
C TYR QA 81 -62.12 -12.91 75.24
N GLY QA 82 -62.72 -13.37 76.33
CA GLY QA 82 -63.34 -14.69 76.31
C GLY QA 82 -64.69 -14.73 75.63
N GLN QA 83 -65.42 -13.63 75.63
CA GLN QA 83 -66.79 -13.65 75.14
C GLN QA 83 -66.90 -13.66 73.62
N ILE QA 84 -65.78 -13.72 72.90
CA ILE QA 84 -65.84 -13.68 71.44
C ILE QA 84 -65.93 -15.05 70.81
N PHE QA 85 -65.64 -16.12 71.55
CA PHE QA 85 -65.65 -17.46 70.99
C PHE QA 85 -67.06 -18.02 70.90
N ARG QA 86 -67.31 -18.80 69.87
CA ARG QA 86 -68.52 -19.60 69.83
C ARG QA 86 -68.43 -20.68 70.90
N PRO QA 87 -69.33 -20.70 71.89
CA PRO QA 87 -69.26 -21.76 72.90
C PRO QA 87 -69.47 -23.15 72.34
N ASP QA 88 -70.00 -23.27 71.12
CA ASP QA 88 -70.07 -24.58 70.48
C ASP QA 88 -68.68 -25.14 70.21
N ASN QA 89 -67.69 -24.27 70.00
CA ASN QA 89 -66.32 -24.70 69.74
C ASN QA 89 -65.53 -24.79 71.04
N PHE QA 90 -66.12 -25.49 72.00
CA PHE QA 90 -65.49 -25.78 73.29
C PHE QA 90 -65.69 -27.27 73.55
N VAL QA 91 -64.79 -28.10 73.04
CA VAL QA 91 -64.89 -29.54 73.21
C VAL QA 91 -63.97 -29.95 74.34
N PHE QA 92 -64.54 -30.57 75.37
CA PHE QA 92 -63.75 -30.99 76.52
C PHE QA 92 -64.27 -32.31 77.05
N GLY QA 93 -63.42 -32.98 77.82
CA GLY QA 93 -63.81 -34.18 78.53
C GLY QA 93 -63.77 -33.93 80.03
N GLN QA 94 -64.62 -34.65 80.75
CA GLN QA 94 -64.68 -34.46 82.20
C GLN QA 94 -63.45 -35.02 82.89
N THR QA 95 -62.87 -36.08 82.36
CA THR QA 95 -61.70 -36.71 82.96
C THR QA 95 -60.46 -35.84 82.75
N GLY QA 96 -59.32 -36.36 83.20
CA GLY QA 96 -58.05 -35.68 83.03
C GLY QA 96 -57.08 -36.46 82.18
N ALA QA 97 -56.13 -35.78 81.55
CA ALA QA 97 -55.16 -36.43 80.69
C ALA QA 97 -53.98 -37.01 81.46
N GLY QA 98 -53.67 -36.47 82.64
CA GLY QA 98 -52.68 -37.09 83.50
C GLY QA 98 -51.26 -37.05 83.00
N ASN QA 99 -50.93 -36.18 82.06
CA ASN QA 99 -49.60 -36.10 81.47
C ASN QA 99 -49.15 -37.48 80.97
N ASN QA 100 -50.01 -38.11 80.19
CA ASN QA 100 -49.83 -39.50 79.79
C ASN QA 100 -50.18 -39.61 78.31
N TRP QA 101 -49.16 -39.53 77.46
CA TRP QA 101 -49.36 -39.65 76.02
C TRP QA 101 -50.22 -40.86 75.68
N ALA QA 102 -50.04 -41.96 76.40
CA ALA QA 102 -50.72 -43.19 76.08
C ALA QA 102 -52.23 -43.01 76.09
N LYS QA 103 -52.77 -42.41 77.15
CA LYS QA 103 -54.21 -42.22 77.21
C LYS QA 103 -54.67 -41.04 76.36
N GLY QA 104 -53.86 -40.00 76.26
CA GLY QA 104 -54.23 -38.89 75.40
C GLY QA 104 -54.26 -39.24 73.93
N HIS QA 105 -53.61 -40.35 73.55
CA HIS QA 105 -53.57 -40.76 72.16
C HIS QA 105 -54.39 -42.01 71.87
N TYR QA 106 -54.70 -42.82 72.88
CA TYR QA 106 -55.37 -44.08 72.67
C TYR QA 106 -56.77 -44.11 73.29
N THR QA 107 -56.88 -43.78 74.58
CA THR QA 107 -58.12 -44.01 75.31
C THR QA 107 -59.08 -42.82 75.21
N GLU QA 108 -58.66 -41.67 75.72
CA GLU QA 108 -59.56 -40.53 75.83
C GLU QA 108 -59.53 -39.64 74.60
N GLY QA 109 -58.48 -39.70 73.80
CA GLY QA 109 -58.50 -39.03 72.53
C GLY QA 109 -59.65 -39.55 71.71
N ALA QA 110 -59.67 -40.86 71.48
CA ALA QA 110 -60.67 -41.49 70.63
C ALA QA 110 -62.09 -41.26 71.13
N GLU QA 111 -62.28 -40.71 72.32
CA GLU QA 111 -63.61 -40.39 72.81
C GLU QA 111 -64.05 -38.98 72.45
N LEU QA 112 -63.13 -38.11 72.08
CA LEU QA 112 -63.48 -36.77 71.61
C LEU QA 112 -63.30 -36.60 70.11
N ILE QA 113 -62.46 -37.43 69.48
CA ILE QA 113 -62.04 -37.18 68.11
C ILE QA 113 -63.24 -37.09 67.17
N ASP QA 114 -64.25 -37.92 67.38
CA ASP QA 114 -65.44 -37.83 66.54
C ASP QA 114 -66.07 -36.45 66.64
N SER QA 115 -66.31 -35.99 67.87
CA SER QA 115 -66.93 -34.68 68.06
C SER QA 115 -66.06 -33.56 67.50
N VAL QA 116 -64.76 -33.62 67.76
CA VAL QA 116 -63.87 -32.56 67.28
C VAL QA 116 -63.86 -32.52 65.77
N LEU QA 117 -63.81 -33.69 65.12
CA LEU QA 117 -63.84 -33.71 63.68
C LEU QA 117 -65.15 -33.14 63.14
N ASP QA 118 -66.26 -33.36 63.84
CA ASP QA 118 -67.50 -32.72 63.43
C ASP QA 118 -67.39 -31.21 63.50
N VAL QA 119 -66.62 -30.70 64.46
CA VAL QA 119 -66.45 -29.26 64.57
C VAL QA 119 -65.56 -28.73 63.46
N VAL QA 120 -64.44 -29.41 63.19
CA VAL QA 120 -63.56 -28.91 62.14
C VAL QA 120 -64.23 -28.98 60.78
N ARG QA 121 -65.11 -29.98 60.57
CA ARG QA 121 -65.79 -30.08 59.29
C ARG QA 121 -66.82 -28.98 59.14
N LYS QA 122 -67.67 -28.78 60.16
CA LYS QA 122 -68.73 -27.79 60.04
C LYS QA 122 -68.18 -26.39 59.84
N GLU QA 123 -66.94 -26.15 60.25
CA GLU QA 123 -66.32 -24.84 60.05
C GLU QA 123 -65.18 -24.88 59.03
N ALA QA 124 -64.93 -26.03 58.40
CA ALA QA 124 -64.18 -26.03 57.16
C ALA QA 124 -65.09 -25.85 55.96
N GLU QA 125 -66.33 -26.31 56.06
CA GLU QA 125 -67.31 -26.07 55.01
C GLU QA 125 -67.72 -24.61 54.92
N SER QA 126 -67.56 -23.85 56.01
CA SER QA 126 -67.85 -22.43 55.98
C SER QA 126 -66.85 -21.66 55.12
N CYS QA 127 -65.79 -22.30 54.67
CA CYS QA 127 -64.75 -21.66 53.89
C CYS QA 127 -65.03 -21.80 52.40
N ASP QA 128 -64.50 -20.87 51.61
CA ASP QA 128 -64.56 -20.99 50.16
C ASP QA 128 -63.26 -21.48 49.57
N CYS QA 129 -62.13 -21.00 50.08
CA CYS QA 129 -60.79 -21.45 49.65
C CYS QA 129 -59.96 -21.60 50.91
N LEU QA 130 -59.98 -22.81 51.48
CA LEU QA 130 -59.25 -23.06 52.72
C LEU QA 130 -57.75 -23.01 52.46
N GLN QA 131 -57.05 -22.17 53.21
CA GLN QA 131 -55.60 -22.08 53.06
C GLN QA 131 -54.88 -23.16 53.85
N GLY QA 132 -55.17 -23.26 55.14
CA GLY QA 132 -54.54 -24.31 55.93
C GLY QA 132 -54.93 -24.24 57.39
N PHE QA 133 -54.51 -25.27 58.11
CA PHE QA 133 -54.75 -25.39 59.54
C PHE QA 133 -53.51 -24.94 60.30
N GLN QA 134 -53.70 -24.42 61.50
CA GLN QA 134 -52.58 -24.18 62.40
C GLN QA 134 -52.97 -24.60 63.80
N VAL QA 135 -52.13 -25.41 64.42
CA VAL QA 135 -52.42 -25.99 65.72
C VAL QA 135 -51.32 -25.62 66.70
N CYS QA 136 -51.72 -25.29 67.93
CA CYS QA 136 -50.79 -24.94 68.99
C CYS QA 136 -50.60 -26.16 69.89
N HIS QA 137 -49.37 -26.38 70.33
CA HIS QA 137 -49.01 -27.60 71.03
C HIS QA 137 -48.16 -27.29 72.24
N SER QA 138 -47.98 -28.32 73.06
CA SER QA 138 -46.94 -28.38 74.08
C SER QA 138 -46.50 -29.82 74.18
N LEU QA 139 -45.27 -30.10 73.75
CA LEU QA 139 -44.84 -31.49 73.62
C LEU QA 139 -44.64 -32.19 74.95
N GLY QA 140 -44.74 -31.48 76.07
CA GLY QA 140 -44.53 -32.10 77.36
C GLY QA 140 -45.71 -32.88 77.89
N GLY QA 141 -46.85 -32.22 78.05
CA GLY QA 141 -48.01 -32.84 78.64
C GLY QA 141 -48.61 -33.92 77.77
N GLY QA 142 -49.71 -34.48 78.26
CA GLY QA 142 -50.43 -35.51 77.55
C GLY QA 142 -51.42 -34.98 76.54
N THR QA 143 -52.14 -33.90 76.88
CA THR QA 143 -53.14 -33.38 75.97
C THR QA 143 -52.50 -32.85 74.69
N GLY QA 144 -51.54 -31.94 74.84
CA GLY QA 144 -50.90 -31.35 73.69
C GLY QA 144 -50.22 -32.37 72.80
N SER QA 145 -49.66 -33.42 73.40
CA SER QA 145 -48.97 -34.45 72.63
C SER QA 145 -49.92 -35.52 72.14
N GLY QA 146 -50.66 -36.15 73.06
CA GLY QA 146 -51.54 -37.24 72.71
C GLY QA 146 -52.63 -36.86 71.71
N MET QA 147 -53.59 -36.04 72.13
CA MET QA 147 -54.66 -35.68 71.23
C MET QA 147 -54.19 -34.74 70.14
N GLY QA 148 -53.12 -33.99 70.38
CA GLY QA 148 -52.55 -33.15 69.35
C GLY QA 148 -52.19 -33.94 68.12
N THR QA 149 -51.33 -34.95 68.28
CA THR QA 149 -50.98 -35.80 67.15
C THR QA 149 -52.16 -36.65 66.69
N LEU QA 150 -53.14 -36.89 67.55
CA LEU QA 150 -54.30 -37.65 67.14
C LEU QA 150 -55.13 -36.87 66.12
N LEU QA 151 -55.41 -35.60 66.41
CA LEU QA 151 -56.17 -34.81 65.44
C LEU QA 151 -55.33 -34.45 64.23
N ILE QA 152 -54.02 -34.23 64.43
CA ILE QA 152 -53.13 -33.97 63.30
C ILE QA 152 -53.23 -35.10 62.29
N SER QA 153 -53.22 -36.35 62.76
CA SER QA 153 -53.44 -37.48 61.86
C SER QA 153 -54.76 -37.35 61.12
N LYS QA 154 -55.86 -37.24 61.87
CA LYS QA 154 -57.19 -37.21 61.29
C LYS QA 154 -57.29 -36.14 60.23
N ILE QA 155 -56.72 -34.97 60.52
CA ILE QA 155 -56.76 -33.87 59.56
C ILE QA 155 -56.00 -34.23 58.30
N ARG QA 156 -54.90 -34.98 58.42
CA ARG QA 156 -54.05 -35.21 57.26
C ARG QA 156 -54.71 -36.13 56.24
N GLU QA 157 -55.53 -37.08 56.69
CA GLU QA 157 -56.22 -37.96 55.77
C GLU QA 157 -57.48 -37.32 55.20
N GLU QA 158 -58.19 -36.51 56.00
CA GLU QA 158 -59.36 -35.81 55.52
C GLU QA 158 -59.02 -34.64 54.61
N TYR QA 159 -57.83 -34.03 54.77
CA TYR QA 159 -57.42 -32.89 53.95
C TYR QA 159 -55.94 -33.02 53.61
N PRO QA 160 -55.61 -33.86 52.63
CA PRO QA 160 -54.19 -34.01 52.27
C PRO QA 160 -53.63 -32.78 51.58
N ASP QA 161 -54.42 -32.15 50.69
CA ASP QA 161 -53.91 -31.03 49.90
C ASP QA 161 -53.52 -29.85 50.79
N ARG QA 162 -54.32 -29.57 51.80
CA ARG QA 162 -54.13 -28.37 52.60
C ARG QA 162 -52.83 -28.44 53.40
N MET QA 163 -52.52 -27.34 54.05
CA MET QA 163 -51.21 -27.12 54.65
C MET QA 163 -51.36 -26.89 56.14
N MET QA 164 -50.50 -27.53 56.92
CA MET QA 164 -50.69 -27.57 58.38
C MET QA 164 -49.44 -27.07 59.08
N LEU QA 165 -49.59 -26.00 59.85
CA LEU QA 165 -48.55 -25.50 60.73
C LEU QA 165 -48.74 -26.07 62.12
N THR QA 166 -47.72 -25.96 62.96
CA THR QA 166 -47.84 -26.25 64.37
C THR QA 166 -46.79 -25.47 65.16
N PHE QA 167 -47.25 -24.66 66.10
CA PHE QA 167 -46.36 -23.84 66.92
C PHE QA 167 -46.06 -24.53 68.24
N SER QA 168 -45.43 -25.70 68.14
CA SER QA 168 -45.27 -26.57 69.30
C SER QA 168 -44.20 -26.06 70.24
N VAL QA 169 -44.56 -25.88 71.51
CA VAL QA 169 -43.56 -25.67 72.54
C VAL QA 169 -42.91 -27.00 72.88
N VAL QA 170 -41.60 -27.01 73.00
CA VAL QA 170 -40.84 -28.24 73.24
C VAL QA 170 -40.33 -28.22 74.66
N PRO QA 171 -39.90 -29.36 75.21
CA PRO QA 171 -39.27 -29.34 76.54
C PRO QA 171 -38.02 -28.49 76.57
N SER QA 172 -37.66 -28.08 77.79
CA SER QA 172 -36.48 -27.31 78.14
C SER QA 172 -35.25 -28.20 78.17
N PRO QA 173 -34.07 -27.67 77.81
CA PRO QA 173 -32.87 -28.50 77.88
C PRO QA 173 -32.40 -28.74 79.30
N LYS QA 174 -32.47 -27.72 80.14
CA LYS QA 174 -31.92 -27.79 81.49
C LYS QA 174 -32.94 -28.19 82.53
N VAL QA 175 -34.15 -27.62 82.49
CA VAL QA 175 -35.16 -27.89 83.50
C VAL QA 175 -36.30 -28.67 82.85
N SER QA 176 -37.04 -29.40 83.67
CA SER QA 176 -38.16 -30.20 83.19
C SER QA 176 -39.40 -29.83 83.98
N ASP QA 177 -40.44 -29.37 83.28
CA ASP QA 177 -41.71 -29.12 83.95
C ASP QA 177 -42.42 -30.40 84.34
N THR QA 178 -42.08 -31.52 83.69
CA THR QA 178 -42.68 -32.81 83.96
C THR QA 178 -41.58 -33.84 84.06
N VAL QA 179 -41.87 -34.96 84.72
CA VAL QA 179 -40.89 -36.02 84.85
C VAL QA 179 -40.91 -37.00 83.68
N VAL QA 180 -42.03 -37.11 82.97
CA VAL QA 180 -42.14 -38.04 81.86
C VAL QA 180 -42.03 -37.30 80.54
N GLU QA 181 -41.37 -36.13 80.56
CA GLU QA 181 -41.25 -35.33 79.35
C GLU QA 181 -40.65 -36.09 78.17
N PRO QA 182 -39.51 -36.78 78.30
CA PRO QA 182 -38.94 -37.43 77.11
C PRO QA 182 -39.88 -38.41 76.44
N TYR QA 183 -40.71 -39.12 77.20
CA TYR QA 183 -41.63 -40.07 76.59
C TYR QA 183 -42.62 -39.36 75.68
N ASN QA 184 -43.21 -38.26 76.16
CA ASN QA 184 -44.17 -37.53 75.35
C ASN QA 184 -43.49 -36.84 74.18
N ALA QA 185 -42.25 -36.38 74.39
CA ALA QA 185 -41.53 -35.69 73.32
C ALA QA 185 -41.28 -36.60 72.14
N THR QA 186 -40.73 -37.79 72.39
CA THR QA 186 -40.41 -38.70 71.30
C THR QA 186 -41.67 -39.24 70.64
N LEU QA 187 -42.62 -39.74 71.43
CA LEU QA 187 -43.82 -40.32 70.86
C LEU QA 187 -44.63 -39.32 70.06
N SER QA 188 -44.39 -38.03 70.22
CA SER QA 188 -45.01 -37.02 69.37
C SER QA 188 -44.20 -36.78 68.10
N VAL QA 189 -42.87 -36.73 68.23
CA VAL QA 189 -42.03 -36.44 67.07
C VAL QA 189 -42.25 -37.46 65.97
N HIS QA 190 -42.35 -38.74 66.32
CA HIS QA 190 -42.64 -39.75 65.33
C HIS QA 190 -43.97 -39.49 64.61
N GLN QA 191 -44.82 -38.63 65.16
CA GLN QA 191 -46.07 -38.28 64.50
C GLN QA 191 -45.99 -36.97 63.74
N LEU QA 192 -45.11 -36.06 64.15
CA LEU QA 192 -44.99 -34.78 63.47
C LEU QA 192 -44.18 -34.90 62.18
N VAL QA 193 -43.31 -35.90 62.08
CA VAL QA 193 -42.47 -36.02 60.90
C VAL QA 193 -43.31 -36.34 59.66
N GLU QA 194 -44.30 -37.22 59.81
CA GLU QA 194 -45.11 -37.64 58.67
C GLU QA 194 -46.28 -36.72 58.40
N ASN QA 195 -46.90 -36.18 59.44
CA ASN QA 195 -48.23 -35.58 59.31
C ASN QA 195 -48.23 -34.07 59.49
N ALA QA 196 -47.06 -33.44 59.56
CA ALA QA 196 -46.99 -31.99 59.63
C ALA QA 196 -46.26 -31.46 58.41
N ASP QA 197 -46.61 -30.24 58.01
CA ASP QA 197 -45.97 -29.58 56.89
C ASP QA 197 -45.02 -28.48 57.30
N GLU QA 198 -45.30 -27.76 58.38
CA GLU QA 198 -44.38 -26.81 58.97
C GLU QA 198 -44.49 -26.91 60.47
N CYS QA 199 -43.35 -26.83 61.15
CA CYS QA 199 -43.31 -27.03 62.60
C CYS QA 199 -42.31 -26.06 63.22
N MET QA 200 -42.81 -25.05 63.89
CA MET QA 200 -41.98 -24.16 64.67
C MET QA 200 -41.81 -24.69 66.08
N VAL QA 201 -40.57 -24.80 66.53
CA VAL QA 201 -40.27 -25.30 67.86
C VAL QA 201 -39.83 -24.12 68.73
N LEU QA 202 -40.51 -23.96 69.87
CA LEU QA 202 -40.28 -22.85 70.77
C LEU QA 202 -40.03 -23.42 72.17
N ASP QA 203 -39.14 -22.80 72.91
CA ASP QA 203 -38.69 -23.36 74.18
C ASP QA 203 -38.70 -22.30 75.27
N ASN QA 204 -39.15 -22.71 76.46
CA ASN QA 204 -39.42 -21.75 77.54
C ASN QA 204 -38.15 -21.07 78.04
N GLU QA 205 -36.99 -21.73 77.93
CA GLU QA 205 -35.77 -21.11 78.42
C GLU QA 205 -35.40 -19.87 77.63
N ALA QA 206 -35.17 -20.04 76.32
CA ALA QA 206 -34.82 -18.89 75.49
C ALA QA 206 -35.87 -17.79 75.59
N LEU QA 207 -37.12 -18.16 75.87
CA LEU QA 207 -38.14 -17.16 76.16
C LEU QA 207 -37.79 -16.37 77.42
N TYR QA 208 -37.27 -17.05 78.44
CA TYR QA 208 -36.91 -16.35 79.67
C TYR QA 208 -35.73 -15.42 79.43
N ASP QA 209 -34.67 -15.92 78.80
CA ASP QA 209 -33.47 -15.11 78.62
C ASP QA 209 -33.74 -13.90 77.75
N ILE QA 210 -34.53 -14.07 76.69
CA ILE QA 210 -34.96 -12.93 75.89
C ILE QA 210 -35.63 -11.89 76.78
N CYS QA 211 -36.63 -12.33 77.56
CA CYS QA 211 -37.31 -11.42 78.47
C CYS QA 211 -36.37 -10.89 79.54
N PHE QA 212 -35.25 -11.57 79.79
CA PHE QA 212 -34.38 -11.17 80.89
C PHE QA 212 -33.31 -10.18 80.42
N ARG QA 213 -32.55 -10.55 79.38
CA ARG QA 213 -31.49 -9.67 78.90
C ARG QA 213 -32.03 -8.59 77.99
N THR QA 214 -32.59 -8.97 76.84
CA THR QA 214 -33.00 -8.00 75.83
C THR QA 214 -34.09 -7.08 76.37
N LEU QA 215 -35.25 -7.65 76.70
CA LEU QA 215 -36.34 -6.86 77.22
C LEU QA 215 -36.03 -6.24 78.58
N LYS QA 216 -34.94 -6.64 79.22
CA LYS QA 216 -34.54 -6.16 80.53
C LYS QA 216 -35.63 -6.34 81.57
N LEU QA 217 -36.64 -7.14 81.28
CA LEU QA 217 -37.74 -7.34 82.22
C LEU QA 217 -37.25 -8.04 83.46
N THR QA 218 -37.90 -7.73 84.59
CA THR QA 218 -37.50 -8.32 85.86
C THR QA 218 -38.26 -9.61 86.16
N THR QA 219 -39.58 -9.58 85.98
CA THR QA 219 -40.45 -10.70 86.32
C THR QA 219 -41.34 -11.05 85.13
N PRO QA 220 -40.79 -11.70 84.11
CA PRO QA 220 -41.64 -12.21 83.04
C PRO QA 220 -42.54 -13.31 83.54
N THR QA 221 -43.81 -13.23 83.19
CA THR QA 221 -44.80 -14.23 83.53
C THR QA 221 -45.32 -14.86 82.23
N PHE QA 222 -46.19 -15.87 82.38
CA PHE QA 222 -46.72 -16.53 81.20
C PHE QA 222 -47.50 -15.55 80.34
N GLY QA 223 -48.00 -14.46 80.91
CA GLY QA 223 -48.61 -13.43 80.10
C GLY QA 223 -47.64 -12.82 79.10
N ASP QA 224 -46.37 -12.70 79.50
CA ASP QA 224 -45.38 -12.07 78.63
C ASP QA 224 -44.80 -13.06 77.63
N LEU QA 225 -44.48 -14.28 78.07
CA LEU QA 225 -44.04 -15.30 77.12
C LEU QA 225 -45.09 -15.51 76.03
N ASN QA 226 -46.34 -15.74 76.42
CA ASN QA 226 -47.40 -15.89 75.44
C ASN QA 226 -47.61 -14.61 74.64
N HIS QA 227 -47.19 -13.45 75.16
CA HIS QA 227 -47.20 -12.24 74.36
C HIS QA 227 -46.18 -12.34 73.23
N LEU QA 228 -44.99 -12.87 73.54
CA LEU QA 228 -43.98 -13.05 72.51
C LEU QA 228 -44.43 -14.07 71.46
N ILE QA 229 -44.93 -15.22 71.92
CA ILE QA 229 -45.36 -16.25 70.99
C ILE QA 229 -46.47 -15.72 70.10
N SER QA 230 -47.41 -14.98 70.67
CA SER QA 230 -48.48 -14.39 69.87
C SER QA 230 -47.93 -13.38 68.87
N ALA QA 231 -46.83 -12.70 69.23
CA ALA QA 231 -46.24 -11.73 68.31
C ALA QA 231 -45.77 -12.42 67.03
N VAL QA 232 -44.94 -13.45 67.17
CA VAL QA 232 -44.42 -14.13 65.98
C VAL QA 232 -45.52 -14.87 65.24
N MET QA 233 -46.52 -15.39 65.98
CA MET QA 233 -47.61 -16.09 65.32
C MET QA 233 -48.40 -15.18 64.41
N SER QA 234 -48.57 -13.91 64.79
CA SER QA 234 -49.23 -12.96 63.91
C SER QA 234 -48.29 -12.49 62.81
N GLY QA 235 -47.01 -12.35 63.12
CA GLY QA 235 -46.04 -11.91 62.13
C GLY QA 235 -45.89 -12.85 60.95
N ILE QA 236 -46.34 -14.09 61.08
CA ILE QA 236 -46.23 -15.04 59.97
C ILE QA 236 -47.20 -14.66 58.85
N THR QA 237 -48.46 -14.48 59.19
CA THR QA 237 -49.53 -14.34 58.21
C THR QA 237 -49.81 -12.89 57.84
N CYS QA 238 -48.85 -12.00 58.06
CA CYS QA 238 -49.02 -10.61 57.63
C CYS QA 238 -49.29 -10.51 56.15
N CYS QA 239 -48.66 -11.38 55.35
CA CYS QA 239 -48.84 -11.31 53.90
C CYS QA 239 -50.24 -11.71 53.49
N LEU QA 240 -50.85 -12.65 54.22
CA LEU QA 240 -52.20 -13.09 53.89
C LEU QA 240 -53.22 -12.01 54.20
N ARG QA 241 -52.97 -11.22 55.24
CA ARG QA 241 -53.96 -10.26 55.72
C ARG QA 241 -53.78 -8.88 55.11
N PHE QA 242 -52.54 -8.41 55.01
CA PHE QA 242 -52.29 -7.05 54.60
C PHE QA 242 -51.56 -6.99 53.26
N PRO QA 243 -51.66 -5.88 52.54
CA PRO QA 243 -50.92 -5.76 51.28
C PRO QA 243 -49.42 -5.77 51.54
N GLY QA 244 -48.68 -5.97 50.46
CA GLY QA 244 -47.24 -5.96 50.53
C GLY QA 244 -46.62 -5.83 49.16
N GLN QA 245 -45.43 -5.23 49.09
CA GLN QA 245 -44.77 -5.14 47.80
C GLN QA 245 -44.04 -6.42 47.43
N LEU QA 246 -43.91 -7.36 48.37
CA LEU QA 246 -43.42 -8.71 48.08
C LEU QA 246 -44.15 -9.66 49.04
N ASN QA 247 -45.26 -10.23 48.58
CA ASN QA 247 -46.09 -11.05 49.44
C ASN QA 247 -45.45 -12.40 49.68
N ALA QA 248 -45.94 -13.10 50.71
CA ALA QA 248 -45.45 -14.44 51.04
C ALA QA 248 -46.60 -15.24 51.63
N ASP QA 249 -47.29 -16.00 50.78
CA ASP QA 249 -48.26 -16.98 51.24
C ASP QA 249 -47.54 -18.07 52.04
N LEU QA 250 -48.31 -18.76 52.90
CA LEU QA 250 -47.74 -19.86 53.67
C LEU QA 250 -47.14 -20.92 52.77
N ARG QA 251 -47.83 -21.28 51.68
CA ARG QA 251 -47.34 -22.34 50.83
C ARG QA 251 -46.02 -21.95 50.16
N LYS QA 252 -45.91 -20.73 49.66
CA LYS QA 252 -44.65 -20.30 49.09
C LYS QA 252 -43.59 -20.13 50.16
N LEU QA 253 -44.01 -19.93 51.41
CA LEU QA 253 -43.05 -19.85 52.50
C LEU QA 253 -42.49 -21.22 52.86
N ALA QA 254 -43.29 -22.26 52.67
CA ALA QA 254 -42.83 -23.63 52.87
C ALA QA 254 -41.94 -24.08 51.72
N VAL QA 255 -42.34 -23.77 50.49
CA VAL QA 255 -41.60 -24.21 49.32
C VAL QA 255 -40.16 -23.73 49.40
N ASN QA 256 -39.96 -22.46 49.75
CA ASN QA 256 -38.64 -21.87 49.76
C ASN QA 256 -37.80 -22.24 50.98
N LEU QA 257 -38.31 -23.08 51.89
CA LEU QA 257 -37.59 -23.34 53.13
C LEU QA 257 -37.26 -24.79 53.43
N ILE QA 258 -38.13 -25.74 53.07
CA ILE QA 258 -37.87 -27.15 53.36
C ILE QA 258 -37.42 -27.83 52.06
N PRO QA 259 -36.13 -28.08 51.88
CA PRO QA 259 -35.66 -28.75 50.65
C PRO QA 259 -36.01 -30.22 50.62
N PHE QA 260 -35.98 -30.89 51.77
CA PHE QA 260 -36.27 -32.31 51.84
C PHE QA 260 -37.47 -32.54 52.74
N PRO QA 261 -38.32 -33.52 52.41
CA PRO QA 261 -39.64 -33.59 53.05
C PRO QA 261 -39.62 -33.80 54.55
N ARG QA 262 -38.46 -34.01 55.16
CA ARG QA 262 -38.39 -34.34 56.57
C ARG QA 262 -37.79 -33.26 57.45
N LEU QA 263 -37.12 -32.28 56.87
CA LEU QA 263 -36.44 -31.24 57.65
C LEU QA 263 -37.33 -30.00 57.79
N HIS QA 264 -38.48 -30.20 58.44
CA HIS QA 264 -39.46 -29.13 58.62
C HIS QA 264 -39.58 -28.69 60.07
N PHE QA 265 -38.46 -28.60 60.77
CA PHE QA 265 -38.42 -28.11 62.15
C PHE QA 265 -37.64 -26.81 62.17
N PHE QA 266 -38.35 -25.69 62.29
CA PHE QA 266 -37.76 -24.37 62.17
C PHE QA 266 -37.44 -23.79 63.53
N MET QA 267 -36.81 -22.62 63.53
CA MET QA 267 -36.58 -21.84 64.73
C MET QA 267 -36.90 -20.39 64.41
N VAL QA 268 -37.48 -19.68 65.37
CA VAL QA 268 -38.05 -18.37 65.09
C VAL QA 268 -37.42 -17.32 66.00
N GLY QA 269 -37.61 -16.07 65.60
CA GLY QA 269 -37.19 -14.93 66.39
C GLY QA 269 -37.92 -13.70 65.94
N PHE QA 270 -38.03 -12.73 66.85
CA PHE QA 270 -38.78 -11.51 66.59
C PHE QA 270 -37.90 -10.29 66.80
N THR QA 271 -38.19 -9.25 66.04
CA THR QA 271 -37.48 -7.97 66.11
C THR QA 271 -38.46 -6.86 65.85
N PRO QA 272 -38.28 -5.68 66.47
CA PRO QA 272 -37.21 -5.40 67.43
C PRO QA 272 -37.63 -5.72 68.86
N LEU QA 273 -36.65 -5.93 69.74
CA LEU QA 273 -36.93 -6.24 71.14
C LEU QA 273 -36.06 -5.32 72.00
N THR QA 274 -36.67 -4.28 72.54
CA THR QA 274 -35.98 -3.32 73.39
C THR QA 274 -36.84 -3.04 74.61
N SER QA 275 -36.27 -2.30 75.54
CA SER QA 275 -36.97 -1.87 76.74
C SER QA 275 -37.58 -0.47 76.52
N ARG QA 276 -38.22 0.06 77.55
CA ARG QA 276 -38.78 1.40 77.45
C ARG QA 276 -37.71 2.47 77.56
N GLY QA 277 -36.63 2.19 78.29
CA GLY QA 277 -35.51 3.12 78.31
C GLY QA 277 -34.85 3.26 76.95
N SER QA 278 -34.67 2.13 76.26
CA SER QA 278 -33.91 2.13 75.01
C SER QA 278 -34.71 2.72 73.86
N GLN QA 279 -36.01 2.38 73.76
CA GLN QA 279 -36.86 2.90 72.68
C GLN QA 279 -36.80 4.41 72.59
N GLN QA 280 -36.57 5.08 73.72
CA GLN QA 280 -36.46 6.53 73.73
C GLN QA 280 -35.36 7.04 72.80
N TYR QA 281 -34.41 6.18 72.45
CA TYR QA 281 -33.24 6.58 71.68
C TYR QA 281 -32.99 5.77 70.43
N ARG QA 282 -33.49 4.54 70.34
CA ARG QA 282 -33.22 3.70 69.18
C ARG QA 282 -33.80 4.31 67.91
N ALA QA 283 -33.04 4.22 66.83
CA ALA QA 283 -33.56 4.51 65.50
C ALA QA 283 -33.89 3.20 64.82
N LEU QA 284 -35.14 3.05 64.37
CA LEU QA 284 -35.60 1.82 63.74
C LEU QA 284 -35.28 1.89 62.25
N THR QA 285 -34.28 1.14 61.82
CA THR QA 285 -33.91 1.05 60.43
C THR QA 285 -33.71 -0.42 60.08
N VAL QA 286 -33.78 -0.70 58.77
CA VAL QA 286 -33.52 -2.06 58.30
C VAL QA 286 -32.18 -2.58 58.80
N PRO QA 287 -31.10 -1.79 58.85
CA PRO QA 287 -29.88 -2.29 59.49
C PRO QA 287 -30.08 -2.79 60.92
N GLU QA 288 -30.78 -2.03 61.75
CA GLU QA 288 -31.00 -2.48 63.13
C GLU QA 288 -31.73 -3.81 63.19
N LEU QA 289 -32.81 -3.93 62.42
CA LEU QA 289 -33.59 -5.16 62.43
C LEU QA 289 -32.75 -6.35 61.99
N THR QA 290 -31.90 -6.17 60.99
CA THR QA 290 -31.16 -7.31 60.46
C THR QA 290 -29.92 -7.63 61.28
N GLN QA 291 -29.46 -6.71 62.13
CA GLN QA 291 -28.40 -7.06 63.07
C GLN QA 291 -28.97 -7.83 64.25
N GLN QA 292 -30.17 -7.48 64.68
CA GLN QA 292 -30.76 -8.15 65.84
C GLN QA 292 -31.29 -9.52 65.48
N MET QA 293 -31.95 -9.66 64.32
CA MET QA 293 -32.58 -10.93 63.99
C MET QA 293 -31.56 -12.03 63.75
N TRP QA 294 -30.47 -11.71 63.06
CA TRP QA 294 -29.47 -12.72 62.74
C TRP QA 294 -28.66 -13.15 63.95
N ASP QA 295 -28.92 -12.58 65.12
CA ASP QA 295 -28.19 -12.91 66.33
C ASP QA 295 -28.49 -14.35 66.74
N ALA QA 296 -27.68 -14.86 67.67
CA ALA QA 296 -27.85 -16.20 68.19
C ALA QA 296 -28.70 -16.24 69.45
N LYS QA 297 -29.09 -15.09 69.98
CA LYS QA 297 -29.92 -15.06 71.20
C LYS QA 297 -31.40 -14.90 70.89
N ASN QA 298 -31.74 -14.09 69.88
CA ASN QA 298 -33.13 -13.89 69.53
C ASN QA 298 -33.85 -15.19 69.19
N MET QA 299 -33.12 -16.26 68.91
CA MET QA 299 -33.74 -17.53 68.58
C MET QA 299 -34.52 -18.04 69.77
N MET QA 300 -35.85 -17.99 69.69
CA MET QA 300 -36.68 -18.43 70.80
C MET QA 300 -36.53 -19.92 71.10
N CYS QA 301 -35.89 -20.67 70.23
CA CYS QA 301 -35.55 -22.06 70.52
C CYS QA 301 -34.17 -22.14 71.14
N ALA QA 302 -33.95 -23.15 71.96
CA ALA QA 302 -32.67 -23.31 72.64
C ALA QA 302 -31.68 -24.10 71.78
N ALA QA 303 -31.48 -23.65 70.55
CA ALA QA 303 -30.55 -24.28 69.62
C ALA QA 303 -29.59 -23.23 69.10
N ASP QA 304 -28.30 -23.42 69.38
CA ASP QA 304 -27.30 -22.42 69.03
C ASP QA 304 -26.92 -22.57 67.56
N PRO QA 305 -27.15 -21.55 66.73
CA PRO QA 305 -26.74 -21.64 65.31
C PRO QA 305 -25.26 -21.85 65.12
N ARG QA 306 -24.44 -21.66 66.15
CA ARG QA 306 -23.01 -21.86 66.01
C ARG QA 306 -22.63 -23.33 65.89
N HIS QA 307 -23.49 -24.23 66.33
CA HIS QA 307 -23.22 -25.66 66.24
C HIS QA 307 -23.64 -26.25 64.91
N GLY QA 308 -24.12 -25.43 63.97
CA GLY QA 308 -24.63 -25.97 62.74
C GLY QA 308 -24.42 -25.06 61.56
N ARG QA 309 -25.23 -25.26 60.52
CA ARG QA 309 -25.10 -24.51 59.28
C ARG QA 309 -26.49 -24.29 58.71
N TYR QA 310 -26.80 -23.05 58.36
CA TYR QA 310 -28.14 -22.69 57.93
C TYR QA 310 -28.45 -23.32 56.58
N LEU QA 311 -29.47 -24.18 56.53
CA LEU QA 311 -29.96 -24.66 55.25
C LEU QA 311 -30.68 -23.54 54.51
N THR QA 312 -31.76 -23.02 55.09
CA THR QA 312 -32.46 -21.87 54.54
C THR QA 312 -32.81 -20.94 55.69
N ALA QA 313 -33.24 -19.73 55.33
CA ALA QA 313 -33.73 -18.76 56.29
C ALA QA 313 -34.79 -17.90 55.62
N SER QA 314 -35.51 -17.14 56.42
CA SER QA 314 -36.54 -16.27 55.90
C SER QA 314 -36.79 -15.12 56.87
N ALA QA 315 -37.01 -13.93 56.32
CA ALA QA 315 -37.24 -12.74 57.11
C ALA QA 315 -38.47 -12.02 56.57
N LEU QA 316 -39.49 -11.88 57.42
CA LEU QA 316 -40.73 -11.22 57.04
C LEU QA 316 -40.74 -9.84 57.67
N PHE QA 317 -40.41 -8.82 56.89
CA PHE QA 317 -40.43 -7.44 57.36
C PHE QA 317 -41.84 -6.87 57.24
N ARG QA 318 -42.10 -5.83 58.02
CA ARG QA 318 -43.35 -5.08 57.90
C ARG QA 318 -43.08 -3.61 58.14
N GLY QA 319 -43.72 -2.78 57.33
CA GLY QA 319 -43.56 -1.33 57.41
C GLY QA 319 -43.09 -0.80 56.07
N ARG QA 320 -43.43 0.45 55.79
CA ARG QA 320 -42.97 1.09 54.57
C ARG QA 320 -41.45 1.24 54.63
N MET QA 321 -40.75 0.51 53.78
CA MET QA 321 -39.29 0.49 53.80
C MET QA 321 -38.78 0.32 52.37
N SER QA 322 -37.46 0.33 52.23
CA SER QA 322 -36.82 0.24 50.93
C SER QA 322 -36.38 -1.20 50.70
N THR QA 323 -36.83 -1.79 49.59
CA THR QA 323 -36.59 -3.21 49.37
C THR QA 323 -35.16 -3.51 48.95
N LYS QA 324 -34.44 -2.52 48.41
CA LYS QA 324 -33.02 -2.73 48.15
C LYS QA 324 -32.27 -2.99 49.43
N GLU QA 325 -32.60 -2.25 50.48
CA GLU QA 325 -31.85 -2.36 51.73
C GLU QA 325 -31.94 -3.77 52.30
N VAL QA 326 -33.14 -4.35 52.36
CA VAL QA 326 -33.27 -5.69 52.92
C VAL QA 326 -32.59 -6.70 52.01
N ASP QA 327 -32.57 -6.45 50.70
CA ASP QA 327 -31.99 -7.40 49.77
C ASP QA 327 -30.47 -7.45 49.92
N GLU QA 328 -29.84 -6.28 50.08
CA GLU QA 328 -28.39 -6.26 50.21
C GLU QA 328 -27.93 -6.70 51.60
N GLN QA 329 -28.75 -6.48 52.62
CA GLN QA 329 -28.38 -6.93 53.96
C GLN QA 329 -28.28 -8.44 54.02
N MET QA 330 -29.31 -9.14 53.54
CA MET QA 330 -29.24 -10.60 53.49
C MET QA 330 -28.08 -11.06 52.65
N LEU QA 331 -27.84 -10.39 51.52
CA LEU QA 331 -26.67 -10.69 50.71
C LEU QA 331 -25.39 -10.40 51.48
N ASN QA 332 -25.41 -9.38 52.34
CA ASN QA 332 -24.22 -8.99 53.08
C ASN QA 332 -23.82 -10.07 54.08
N VAL QA 333 -24.78 -10.56 54.85
CA VAL QA 333 -24.48 -11.57 55.86
C VAL QA 333 -23.99 -12.86 55.21
N GLN QA 334 -24.68 -13.32 54.17
CA GLN QA 334 -24.32 -14.57 53.52
C GLN QA 334 -22.87 -14.55 53.05
N ASN QA 335 -22.48 -13.50 52.31
CA ASN QA 335 -21.11 -13.41 51.82
C ASN QA 335 -20.11 -13.34 52.95
N LYS QA 336 -20.51 -12.77 54.09
CA LYS QA 336 -19.56 -12.54 55.17
C LYS QA 336 -19.34 -13.81 55.99
N ASN QA 337 -20.39 -14.31 56.62
CA ASN QA 337 -20.31 -15.56 57.39
C ASN QA 337 -20.61 -16.76 56.48
N SER QA 338 -19.83 -16.85 55.41
CA SER QA 338 -20.06 -17.89 54.41
C SER QA 338 -19.90 -19.29 54.96
N SER QA 339 -19.18 -19.45 56.07
CA SER QA 339 -18.91 -20.78 56.59
C SER QA 339 -20.16 -21.40 57.22
N TYR QA 340 -21.07 -20.58 57.72
CA TYR QA 340 -22.28 -21.07 58.38
C TYR QA 340 -23.44 -21.25 57.43
N PHE QA 341 -23.20 -21.27 56.14
CA PHE QA 341 -24.26 -21.45 55.15
C PHE QA 341 -23.84 -22.53 54.17
N VAL QA 342 -24.71 -23.52 53.98
CA VAL QA 342 -24.42 -24.58 53.02
C VAL QA 342 -24.16 -23.96 51.65
N GLU QA 343 -23.22 -24.53 50.92
CA GLU QA 343 -22.84 -23.99 49.63
C GLU QA 343 -23.48 -24.72 48.46
N TRP QA 344 -24.15 -25.84 48.70
CA TRP QA 344 -24.96 -26.44 47.65
C TRP QA 344 -26.29 -25.73 47.48
N ILE QA 345 -26.42 -24.55 48.06
CA ILE QA 345 -27.54 -23.65 47.82
C ILE QA 345 -26.94 -22.27 47.58
N PRO QA 346 -27.10 -21.69 46.40
CA PRO QA 346 -26.40 -20.43 46.10
C PRO QA 346 -26.83 -19.28 47.00
N ASN QA 347 -28.12 -18.99 47.02
CA ASN QA 347 -28.70 -18.03 47.94
C ASN QA 347 -29.78 -18.73 48.73
N ASN QA 348 -29.74 -18.59 50.06
CA ASN QA 348 -30.60 -19.39 50.92
C ASN QA 348 -31.43 -18.55 51.88
N VAL QA 349 -31.78 -17.32 51.52
CA VAL QA 349 -32.69 -16.50 52.31
C VAL QA 349 -33.78 -15.97 51.40
N LYS QA 350 -35.03 -16.08 51.85
CA LYS QA 350 -36.14 -15.42 51.19
C LYS QA 350 -36.58 -14.23 52.04
N SER QA 351 -36.82 -13.10 51.38
CA SER QA 351 -37.14 -11.86 52.07
C SER QA 351 -38.45 -11.32 51.52
N SER QA 352 -39.44 -11.15 52.39
CA SER QA 352 -40.73 -10.61 52.02
C SER QA 352 -41.02 -9.38 52.85
N VAL QA 353 -41.78 -8.45 52.28
CA VAL QA 353 -42.05 -7.16 52.91
C VAL QA 353 -43.55 -6.89 52.84
N CYS QA 354 -44.14 -6.53 53.97
CA CYS QA 354 -45.53 -6.11 54.03
C CYS QA 354 -45.63 -4.61 54.25
N ASP QA 355 -46.61 -3.99 53.60
CA ASP QA 355 -46.77 -2.54 53.66
C ASP QA 355 -47.36 -2.04 54.96
N ILE QA 356 -47.86 -2.92 55.82
CA ILE QA 356 -48.58 -2.54 57.02
C ILE QA 356 -47.75 -2.93 58.24
N PRO QA 357 -47.25 -1.98 59.02
CA PRO QA 357 -46.47 -2.30 60.20
C PRO QA 357 -47.36 -2.83 61.30
N PRO QA 358 -46.80 -3.22 62.45
CA PRO QA 358 -47.65 -3.57 63.59
C PRO QA 358 -48.43 -2.38 64.11
N LYS QA 359 -49.27 -2.60 65.12
CA LYS QA 359 -50.22 -1.58 65.52
C LYS QA 359 -49.52 -0.38 66.15
N GLY QA 360 -48.41 -0.62 66.85
CA GLY QA 360 -47.79 0.46 67.62
C GLY QA 360 -46.39 0.83 67.21
N LEU QA 361 -45.79 0.06 66.31
CA LEU QA 361 -44.42 0.28 65.87
C LEU QA 361 -44.42 1.02 64.54
N LYS QA 362 -43.22 1.16 63.96
CA LYS QA 362 -43.10 1.66 62.60
C LYS QA 362 -42.41 0.68 61.67
N MET QA 363 -41.51 -0.16 62.18
CA MET QA 363 -40.90 -1.24 61.43
C MET QA 363 -40.72 -2.44 62.33
N SER QA 364 -41.00 -3.63 61.81
CA SER QA 364 -40.82 -4.85 62.56
C SER QA 364 -40.42 -5.95 61.60
N ALA QA 365 -39.84 -7.02 62.14
CA ALA QA 365 -39.38 -8.12 61.32
C ALA QA 365 -39.44 -9.41 62.11
N THR QA 366 -39.71 -10.51 61.40
CA THR QA 366 -39.83 -11.83 61.98
C THR QA 366 -38.90 -12.76 61.22
N PHE QA 367 -38.16 -13.58 61.96
CA PHE QA 367 -37.09 -14.39 61.39
C PHE QA 367 -37.43 -15.87 61.54
N ILE QA 368 -37.30 -16.61 60.44
CA ILE QA 368 -37.43 -18.06 60.44
C ILE QA 368 -36.15 -18.65 59.88
N GLY QA 369 -35.64 -19.69 60.52
CA GLY QA 369 -34.45 -20.34 60.03
C GLY QA 369 -34.52 -21.84 60.16
N ASN QA 370 -34.06 -22.56 59.14
CA ASN QA 370 -34.05 -24.02 59.13
C ASN QA 370 -32.59 -24.43 59.25
N SER QA 371 -32.10 -24.51 60.49
CA SER QA 371 -30.70 -24.73 60.77
C SER QA 371 -30.44 -26.19 61.07
N THR QA 372 -29.21 -26.62 60.79
CA THR QA 372 -28.78 -27.97 61.13
C THR QA 372 -28.39 -28.10 62.59
N ALA QA 373 -28.44 -27.02 63.36
CA ALA QA 373 -28.16 -27.08 64.79
C ALA QA 373 -29.35 -27.54 65.60
N ILE QA 374 -30.55 -27.59 65.00
CA ILE QA 374 -31.71 -28.13 65.70
C ILE QA 374 -31.54 -29.58 66.04
N GLN QA 375 -30.54 -30.25 65.48
CA GLN QA 375 -30.29 -31.66 65.80
C GLN QA 375 -29.92 -31.87 67.25
N GLU QA 376 -29.40 -30.84 67.93
CA GLU QA 376 -28.97 -31.02 69.31
C GLU QA 376 -30.15 -31.28 70.24
N MET QA 377 -31.30 -30.64 69.99
CA MET QA 377 -32.48 -30.91 70.80
C MET QA 377 -32.93 -32.36 70.66
N PHE QA 378 -32.79 -32.93 69.45
CA PHE QA 378 -33.16 -34.33 69.27
C PHE QA 378 -32.13 -35.25 69.90
N LYS QA 379 -30.87 -34.82 69.96
CA LYS QA 379 -29.86 -35.56 70.71
C LYS QA 379 -30.23 -35.61 72.18
N ARG QA 380 -30.42 -34.44 72.78
CA ARG QA 380 -30.71 -34.36 74.21
C ARG QA 380 -31.99 -35.14 74.55
N VAL QA 381 -33.04 -34.96 73.75
CA VAL QA 381 -34.30 -35.64 74.02
C VAL QA 381 -34.11 -37.15 73.93
N SER QA 382 -33.53 -37.63 72.82
CA SER QA 382 -33.36 -39.06 72.65
C SER QA 382 -32.44 -39.64 73.71
N GLU QA 383 -31.52 -38.83 74.23
CA GLU QA 383 -30.63 -39.31 75.28
C GLU QA 383 -31.40 -39.56 76.57
N GLN QA 384 -32.14 -38.56 77.04
CA GLN QA 384 -32.92 -38.73 78.25
C GLN QA 384 -33.93 -39.86 78.11
N PHE QA 385 -34.51 -40.01 76.92
CA PHE QA 385 -35.47 -41.08 76.70
C PHE QA 385 -34.83 -42.44 76.92
N THR QA 386 -33.60 -42.62 76.44
CA THR QA 386 -32.97 -43.93 76.56
C THR QA 386 -32.34 -44.13 77.93
N ALA QA 387 -32.17 -43.05 78.70
CA ALA QA 387 -31.62 -43.20 80.05
C ALA QA 387 -32.63 -43.81 81.01
N MET QA 388 -33.92 -43.71 80.71
CA MET QA 388 -34.95 -44.28 81.58
C MET QA 388 -35.77 -45.38 80.93
N PHE QA 389 -35.80 -45.46 79.60
CA PHE QA 389 -36.39 -46.62 78.97
C PHE QA 389 -35.50 -47.84 79.07
N ARG QA 390 -34.19 -47.63 79.20
CA ARG QA 390 -33.29 -48.76 79.43
C ARG QA 390 -33.58 -49.43 80.76
N ARG QA 391 -34.01 -48.67 81.75
CA ARG QA 391 -34.39 -49.20 83.05
C ARG QA 391 -35.88 -49.48 83.16
N LYS QA 392 -36.67 -49.01 82.19
CA LYS QA 392 -38.11 -49.20 82.19
C LYS QA 392 -38.76 -48.57 83.42
N ALA QA 393 -38.50 -47.28 83.59
CA ALA QA 393 -39.13 -46.50 84.63
C ALA QA 393 -40.36 -45.80 84.05
N PHE QA 394 -41.40 -45.68 84.88
CA PHE QA 394 -42.65 -45.03 84.50
C PHE QA 394 -43.35 -45.70 83.32
N LEU QA 395 -43.00 -46.95 82.97
CA LEU QA 395 -43.63 -47.55 81.80
C LEU QA 395 -44.95 -48.24 82.09
N HIS QA 396 -45.20 -48.67 83.33
CA HIS QA 396 -46.44 -49.40 83.58
C HIS QA 396 -47.66 -48.52 83.35
N TRP QA 397 -47.48 -47.21 83.35
CA TRP QA 397 -48.57 -46.31 82.96
C TRP QA 397 -48.85 -46.42 81.47
N TYR QA 398 -47.79 -46.38 80.64
CA TYR QA 398 -47.99 -46.42 79.21
C TYR QA 398 -48.44 -47.79 78.73
N THR QA 399 -48.03 -48.85 79.42
CA THR QA 399 -48.52 -50.19 79.07
C THR QA 399 -49.98 -50.35 79.46
N GLY QA 400 -50.40 -49.66 80.52
CA GLY QA 400 -51.78 -49.77 81.00
C GLY QA 400 -52.82 -49.34 80.00
N GLU QA 401 -52.39 -48.79 78.85
CA GLU QA 401 -53.31 -48.34 77.81
C GLU QA 401 -53.19 -49.19 76.55
N GLY QA 402 -52.72 -50.42 76.67
CA GLY QA 402 -52.63 -51.30 75.52
C GLY QA 402 -51.45 -51.01 74.62
N MET QA 403 -50.46 -50.26 75.08
CA MET QA 403 -49.26 -50.04 74.29
C MET QA 403 -48.27 -51.17 74.52
N ASP QA 404 -47.19 -51.13 73.75
CA ASP QA 404 -46.12 -52.13 73.84
C ASP QA 404 -44.80 -51.37 73.79
N GLU QA 405 -43.71 -52.11 73.59
CA GLU QA 405 -42.38 -51.53 73.57
C GLU QA 405 -41.87 -51.25 72.17
N MET QA 406 -42.36 -51.97 71.16
CA MET QA 406 -42.02 -51.63 69.79
C MET QA 406 -42.41 -50.20 69.46
N GLU QA 407 -43.51 -49.70 70.03
CA GLU QA 407 -43.90 -48.31 69.82
C GLU QA 407 -42.97 -47.34 70.51
N PHE QA 408 -42.04 -47.83 71.35
CA PHE QA 408 -40.99 -46.97 71.88
C PHE QA 408 -39.72 -47.06 71.04
N THR QA 409 -39.30 -48.27 70.69
CA THR QA 409 -38.12 -48.41 69.84
C THR QA 409 -38.35 -47.77 68.48
N GLU QA 410 -39.53 -47.98 67.88
CA GLU QA 410 -39.86 -47.27 66.65
C GLU QA 410 -39.65 -45.77 66.81
N ALA QA 411 -40.15 -45.21 67.91
CA ALA QA 411 -40.09 -43.76 68.09
C ALA QA 411 -38.67 -43.26 68.16
N GLU QA 412 -37.81 -43.95 68.92
CA GLU QA 412 -36.43 -43.51 69.05
C GLU QA 412 -35.65 -43.76 67.76
N SER QA 413 -35.98 -44.84 67.05
CA SER QA 413 -35.39 -45.04 65.73
C SER QA 413 -35.67 -43.85 64.83
N ASN QA 414 -36.93 -43.40 64.79
CA ASN QA 414 -37.29 -42.30 63.90
C ASN QA 414 -36.56 -41.01 64.29
N MET QA 415 -36.22 -40.85 65.57
CA MET QA 415 -35.45 -39.68 65.96
C MET QA 415 -34.00 -39.80 65.49
N ASN QA 416 -33.42 -40.99 65.57
CA ASN QA 416 -32.05 -41.17 65.13
C ASN QA 416 -31.94 -41.11 63.61
N ASP QA 417 -32.95 -41.60 62.90
CA ASP QA 417 -33.01 -41.36 61.46
C ASP QA 417 -33.05 -39.87 61.17
N LEU QA 418 -33.84 -39.13 61.94
CA LEU QA 418 -34.00 -37.70 61.68
C LEU QA 418 -32.71 -36.95 62.00
N VAL QA 419 -32.04 -37.29 63.09
CA VAL QA 419 -30.82 -36.57 63.44
C VAL QA 419 -29.69 -36.96 62.50
N SER QA 420 -29.74 -38.15 61.92
CA SER QA 420 -28.70 -38.55 60.96
C SER QA 420 -28.83 -37.76 59.67
N GLU QA 421 -30.06 -37.50 59.23
CA GLU QA 421 -30.26 -36.72 58.02
C GLU QA 421 -29.78 -35.30 58.18
N TYR QA 422 -29.91 -34.74 59.38
CA TYR QA 422 -29.38 -33.41 59.65
C TYR QA 422 -27.86 -33.40 59.49
N GLN QA 423 -27.19 -34.41 60.04
CA GLN QA 423 -25.74 -34.43 59.98
C GLN QA 423 -25.23 -34.61 58.55
N GLN QA 424 -25.91 -35.44 57.76
CA GLN QA 424 -25.48 -35.64 56.39
C GLN QA 424 -25.56 -34.36 55.59
N TYR QA 425 -26.70 -33.68 55.64
CA TYR QA 425 -26.86 -32.45 54.88
C TYR QA 425 -26.15 -31.27 55.53
N GLN QA 426 -25.73 -31.42 56.78
CA GLN QA 426 -24.89 -30.40 57.39
C GLN QA 426 -23.46 -30.47 56.88
N ASP QA 427 -23.00 -31.65 56.47
CA ASP QA 427 -21.61 -31.85 56.12
C ASP QA 427 -21.45 -32.50 54.74
N ALA QA 428 -22.42 -32.30 53.87
CA ALA QA 428 -22.25 -32.65 52.46
C ALA QA 428 -21.82 -31.40 51.70
N SER QA 429 -20.78 -31.54 50.89
CA SER QA 429 -20.24 -30.44 50.13
C SER QA 429 -20.79 -30.46 48.70
N ALA QA 430 -20.45 -29.42 47.94
CA ALA QA 430 -20.98 -29.29 46.58
C ALA QA 430 -20.54 -30.46 45.70
N GLU QA 431 -19.27 -30.85 45.79
CA GLU QA 431 -18.77 -32.00 45.05
C GLU QA 431 -18.82 -33.24 45.94
N GLU QA 432 -19.12 -34.38 45.33
CA GLU QA 432 -19.21 -35.62 46.07
C GLU QA 432 -17.85 -36.21 46.40
N GLU QA 433 -16.78 -35.45 46.22
CA GLU QA 433 -15.43 -35.97 46.40
C GLU QA 433 -14.86 -35.69 47.78
N GLY QA 434 -15.11 -34.49 48.31
CA GLY QA 434 -14.44 -34.07 49.54
C GLY QA 434 -14.82 -34.88 50.77
N GLU QA 435 -16.05 -35.39 50.81
CA GLU QA 435 -16.52 -36.07 52.01
C GLU QA 435 -15.72 -37.35 52.28
N PHE QA 436 -15.59 -38.21 51.27
CA PHE QA 436 -14.97 -39.52 51.42
C PHE QA 436 -13.51 -39.40 50.97
N GLU QA 437 -12.68 -38.78 51.80
CA GLU QA 437 -11.26 -38.67 51.54
C GLU QA 437 -10.46 -38.77 52.83
N MET RA 1 -38.07 47.58 -100.97
CA MET RA 1 -37.11 46.66 -101.55
C MET RA 1 -35.87 46.60 -100.68
N ARG RA 2 -35.08 45.53 -100.82
CA ARG RA 2 -33.87 45.33 -100.02
C ARG RA 2 -34.21 45.21 -98.54
N GLU RA 3 -35.28 44.50 -98.23
CA GLU RA 3 -35.68 44.35 -96.85
C GLU RA 3 -34.67 43.50 -96.08
N ILE RA 4 -34.64 43.69 -94.76
CA ILE RA 4 -33.77 42.95 -93.87
C ILE RA 4 -34.57 42.55 -92.65
N VAL RA 5 -34.67 41.26 -92.39
CA VAL RA 5 -35.31 40.74 -91.20
C VAL RA 5 -34.24 40.44 -90.16
N HIS RA 6 -34.54 40.75 -88.91
CA HIS RA 6 -33.56 40.74 -87.82
C HIS RA 6 -33.98 39.74 -86.76
N ILE RA 7 -33.00 38.98 -86.28
CA ILE RA 7 -33.22 38.02 -85.20
C ILE RA 7 -32.37 38.43 -84.02
N GLN RA 8 -32.82 38.07 -82.81
CA GLN RA 8 -32.09 38.39 -81.58
C GLN RA 8 -32.07 37.15 -80.71
N GLY RA 9 -30.91 36.54 -80.56
CA GLY RA 9 -30.76 35.28 -79.86
C GLY RA 9 -30.19 35.44 -78.47
N GLY RA 10 -30.51 34.49 -77.61
CA GLY RA 10 -29.93 34.45 -76.28
C GLY RA 10 -30.31 35.67 -75.45
N GLN RA 11 -29.68 35.76 -74.28
CA GLN RA 11 -29.83 36.94 -73.44
C GLN RA 11 -29.00 38.10 -73.98
N CYS RA 12 -27.78 37.81 -74.41
CA CYS RA 12 -26.91 38.86 -74.94
C CYS RA 12 -27.51 39.50 -76.18
N GLY RA 13 -27.69 38.72 -77.24
CA GLY RA 13 -28.25 39.27 -78.47
C GLY RA 13 -29.59 39.94 -78.25
N ASN RA 14 -30.36 39.44 -77.29
CA ASN RA 14 -31.62 40.09 -76.94
C ASN RA 14 -31.37 41.41 -76.21
N GLN RA 15 -30.17 41.61 -75.68
CA GLN RA 15 -29.88 42.83 -74.95
C GLN RA 15 -29.18 43.87 -75.81
N ILE RA 16 -28.23 43.46 -76.66
CA ILE RA 16 -27.67 44.41 -77.63
C ILE RA 16 -28.69 44.69 -78.71
N GLY RA 17 -29.60 43.76 -78.98
CA GLY RA 17 -30.68 44.03 -79.91
C GLY RA 17 -31.58 45.16 -79.43
N ALA RA 18 -31.74 45.28 -78.11
CA ALA RA 18 -32.47 46.42 -77.58
C ALA RA 18 -31.73 47.72 -77.83
N LYS RA 19 -30.40 47.68 -77.90
CA LYS RA 19 -29.64 48.89 -78.15
C LYS RA 19 -29.58 49.22 -79.63
N PHE RA 20 -29.40 48.21 -80.48
CA PHE RA 20 -29.36 48.47 -81.92
C PHE RA 20 -30.62 49.19 -82.38
N TRP RA 21 -31.79 48.64 -82.03
CA TRP RA 21 -33.05 49.27 -82.40
C TRP RA 21 -33.25 50.62 -81.74
N GLU RA 22 -32.43 50.96 -80.76
CA GLU RA 22 -32.47 52.31 -80.20
C GLU RA 22 -31.62 53.27 -81.03
N VAL RA 23 -30.67 52.75 -81.79
CA VAL RA 23 -29.81 53.60 -82.60
C VAL RA 23 -30.45 53.90 -83.95
N VAL RA 24 -30.88 52.86 -84.66
CA VAL RA 24 -31.47 53.06 -85.98
C VAL RA 24 -32.76 53.86 -85.87
N SER RA 25 -33.56 53.59 -84.84
CA SER RA 25 -34.80 54.33 -84.66
C SER RA 25 -34.53 55.81 -84.49
N ASP RA 26 -33.52 56.16 -83.69
CA ASP RA 26 -33.13 57.55 -83.56
C ASP RA 26 -32.40 58.06 -84.78
N GLU RA 27 -31.76 57.17 -85.55
CA GLU RA 27 -31.14 57.60 -86.79
C GLU RA 27 -32.18 58.03 -87.81
N HIS RA 28 -33.32 57.33 -87.86
CA HIS RA 28 -34.43 57.71 -88.70
C HIS RA 28 -35.44 58.60 -87.98
N GLY RA 29 -35.11 59.07 -86.78
CA GLY RA 29 -35.89 60.09 -86.12
C GLY RA 29 -37.28 59.68 -85.70
N ILE RA 30 -37.50 58.42 -85.37
CA ILE RA 30 -38.79 57.98 -84.85
C ILE RA 30 -38.68 57.88 -83.33
N ASP RA 31 -39.82 58.07 -82.67
CA ASP RA 31 -39.87 58.15 -81.22
C ASP RA 31 -40.17 56.79 -80.59
N PRO RA 32 -39.94 56.63 -79.29
CA PRO RA 32 -40.33 55.39 -78.61
C PRO RA 32 -41.79 55.02 -78.76
N THR RA 33 -42.65 55.94 -79.20
CA THR RA 33 -44.01 55.58 -79.55
C THR RA 33 -44.11 54.96 -80.93
N GLY RA 34 -43.10 55.13 -81.77
CA GLY RA 34 -43.09 54.55 -83.09
C GLY RA 34 -43.57 55.46 -84.20
N THR RA 35 -43.88 56.73 -83.90
CA THR RA 35 -44.32 57.67 -84.91
C THR RA 35 -43.14 58.51 -85.38
N TYR RA 36 -43.06 58.72 -86.69
CA TYR RA 36 -41.91 59.43 -87.26
C TYR RA 36 -41.99 60.91 -86.93
N HIS RA 37 -40.88 61.45 -86.43
CA HIS RA 37 -40.79 62.87 -86.14
C HIS RA 37 -39.45 63.45 -86.53
N GLY RA 38 -38.81 62.87 -87.54
CA GLY RA 38 -37.56 63.38 -88.05
C GLY RA 38 -37.79 64.61 -88.91
N ASP RA 39 -36.77 64.95 -89.69
CA ASP RA 39 -36.81 66.15 -90.50
C ASP RA 39 -36.82 65.86 -92.00
N SER RA 40 -35.83 65.13 -92.50
CA SER RA 40 -35.67 65.00 -93.95
C SER RA 40 -36.63 63.97 -94.51
N ASP RA 41 -36.76 63.98 -95.84
CA ASP RA 41 -37.43 62.89 -96.53
C ASP RA 41 -36.53 61.68 -96.64
N LEU RA 42 -35.22 61.84 -96.44
CA LEU RA 42 -34.31 60.72 -96.51
C LEU RA 42 -34.62 59.67 -95.45
N GLN RA 43 -35.07 60.10 -94.28
CA GLN RA 43 -35.47 59.16 -93.25
C GLN RA 43 -36.57 58.24 -93.73
N LEU RA 44 -37.44 58.73 -94.61
CA LEU RA 44 -38.54 57.93 -95.14
C LEU RA 44 -38.19 57.21 -96.42
N GLU RA 45 -37.12 57.62 -97.10
CA GLU RA 45 -36.81 57.03 -98.40
C GLU RA 45 -36.61 55.52 -98.28
N ARG RA 46 -35.79 55.10 -97.33
CA ARG RA 46 -35.43 53.70 -97.16
C ARG RA 46 -35.70 53.26 -95.74
N ILE RA 47 -36.91 53.57 -95.24
CA ILE RA 47 -37.31 53.08 -93.93
C ILE RA 47 -37.79 51.64 -93.99
N ASN RA 48 -38.21 51.17 -95.16
CA ASN RA 48 -38.73 49.81 -95.29
C ASN RA 48 -37.65 48.75 -95.13
N VAL RA 49 -36.38 49.14 -95.11
CA VAL RA 49 -35.31 48.17 -94.94
C VAL RA 49 -35.35 47.55 -93.55
N TYR RA 50 -35.90 48.27 -92.58
CA TYR RA 50 -35.96 47.79 -91.20
C TYR RA 50 -37.36 47.75 -90.63
N PHE RA 51 -38.26 48.62 -91.08
CA PHE RA 51 -39.55 48.80 -90.43
C PHE RA 51 -40.69 48.46 -91.37
N ASN RA 52 -41.84 48.20 -90.78
CA ASN RA 52 -43.09 48.05 -91.49
C ASN RA 52 -43.98 49.23 -91.15
N GLU RA 53 -44.50 49.90 -92.16
CA GLU RA 53 -45.48 50.94 -91.92
C GLU RA 53 -46.72 50.35 -91.27
N ALA RA 54 -47.25 51.04 -90.26
CA ALA RA 54 -48.42 50.59 -89.53
C ALA RA 54 -49.52 51.64 -89.68
N THR RA 55 -50.71 51.30 -89.16
CA THR RA 55 -51.79 52.26 -89.13
C THR RA 55 -51.38 53.48 -88.31
N GLY RA 56 -52.03 54.60 -88.62
CA GLY RA 56 -51.75 55.83 -87.91
C GLY RA 56 -50.37 56.40 -88.14
N GLY RA 57 -49.67 55.95 -89.18
CA GLY RA 57 -48.35 56.46 -89.46
C GLY RA 57 -47.33 56.12 -88.41
N ARG RA 58 -47.25 54.84 -88.05
CA ARG RA 58 -46.25 54.35 -87.11
C ARG RA 58 -45.41 53.28 -87.79
N TYR RA 59 -44.18 53.13 -87.29
CA TYR RA 59 -43.20 52.23 -87.90
C TYR RA 59 -42.75 51.23 -86.86
N VAL RA 60 -43.09 49.97 -87.09
CA VAL RA 60 -42.77 48.86 -86.20
C VAL RA 60 -41.58 48.11 -86.77
N PRO RA 61 -40.57 47.79 -85.96
CA PRO RA 61 -39.38 47.13 -86.50
C PRO RA 61 -39.69 45.73 -87.01
N ARG RA 62 -38.90 45.30 -87.99
CA ARG RA 62 -38.98 43.94 -88.52
C ARG RA 62 -37.99 43.04 -87.79
N ALA RA 63 -38.18 42.94 -86.49
CA ALA RA 63 -37.30 42.17 -85.62
C ALA RA 63 -38.03 40.95 -85.08
N ILE RA 64 -37.24 39.99 -84.60
CA ILE RA 64 -37.77 38.80 -83.95
C ILE RA 64 -36.94 38.56 -82.70
N LEU RA 65 -37.63 38.26 -81.60
CA LEU RA 65 -36.97 38.05 -80.31
C LEU RA 65 -37.27 36.63 -79.87
N MET RA 66 -36.22 35.82 -79.76
CA MET RA 66 -36.36 34.43 -79.34
C MET RA 66 -35.46 34.18 -78.14
N ASP RA 67 -36.04 33.60 -77.08
CA ASP RA 67 -35.30 33.33 -75.86
C ASP RA 67 -36.11 32.48 -74.89
N LEU RA 68 -35.54 31.38 -74.41
CA LEU RA 68 -36.10 30.69 -73.27
C LEU RA 68 -35.96 31.57 -72.02
N GLU RA 69 -36.69 31.24 -70.95
CA GLU RA 69 -36.67 32.06 -69.74
C GLU RA 69 -37.17 33.46 -70.09
N PRO RA 70 -38.48 33.62 -70.27
CA PRO RA 70 -39.01 34.88 -70.81
C PRO RA 70 -38.78 36.12 -69.95
N GLY RA 71 -38.12 35.95 -68.80
CA GLY RA 71 -37.90 37.08 -67.91
C GLY RA 71 -37.14 38.21 -68.56
N THR RA 72 -36.22 37.89 -69.46
CA THR RA 72 -35.43 38.94 -70.11
C THR RA 72 -36.26 39.69 -71.14
N MET RA 73 -37.20 39.02 -71.80
CA MET RA 73 -38.11 39.72 -72.68
C MET RA 73 -39.04 40.65 -71.91
N ASP RA 74 -39.25 40.39 -70.63
CA ASP RA 74 -39.93 41.34 -69.79
C ASP RA 74 -39.08 42.58 -69.51
N SER RA 75 -37.78 42.52 -69.80
CA SER RA 75 -36.93 43.68 -69.63
C SER RA 75 -36.99 44.61 -70.84
N VAL RA 76 -36.71 44.07 -72.03
CA VAL RA 76 -36.77 44.88 -73.24
C VAL RA 76 -38.18 45.43 -73.44
N ARG RA 77 -39.20 44.68 -73.03
CA ARG RA 77 -40.56 45.21 -73.02
C ARG RA 77 -40.69 46.41 -72.11
N SER RA 78 -39.81 46.55 -71.12
CA SER RA 78 -39.87 47.64 -70.16
C SER RA 78 -38.90 48.77 -70.46
N GLY RA 79 -37.95 48.56 -71.37
CA GLY RA 79 -37.01 49.61 -71.73
C GLY RA 79 -37.70 50.80 -72.37
N PRO RA 80 -36.95 51.87 -72.59
CA PRO RA 80 -37.57 53.06 -73.22
C PRO RA 80 -38.12 52.78 -74.60
N TYR RA 81 -37.41 52.04 -75.43
CA TYR RA 81 -37.84 51.71 -76.78
C TYR RA 81 -38.52 50.35 -76.85
N GLY RA 82 -39.18 49.93 -75.78
CA GLY RA 82 -39.78 48.61 -75.76
C GLY RA 82 -41.14 48.54 -76.41
N GLN RA 83 -41.87 49.66 -76.42
CA GLN RA 83 -43.24 49.64 -76.89
C GLN RA 83 -43.36 49.59 -78.40
N ILE RA 84 -42.25 49.57 -79.13
CA ILE RA 84 -42.34 49.58 -80.59
C ILE RA 84 -42.38 48.18 -81.19
N PHE RA 85 -42.00 47.15 -80.43
CA PHE RA 85 -41.98 45.80 -80.96
C PHE RA 85 -43.39 45.22 -81.00
N ARG RA 86 -43.70 44.53 -82.10
CA ARG RA 86 -44.94 43.76 -82.16
C ARG RA 86 -44.88 42.66 -81.11
N PRO RA 87 -45.79 42.64 -80.13
CA PRO RA 87 -45.73 41.60 -79.10
C PRO RA 87 -45.93 40.19 -79.61
N ASP RA 88 -46.53 40.02 -80.79
CA ASP RA 88 -46.60 38.68 -81.37
C ASP RA 88 -45.25 38.21 -81.88
N ASN RA 89 -44.28 39.12 -82.00
CA ASN RA 89 -42.89 38.76 -82.29
C ASN RA 89 -42.11 38.58 -80.99
N PHE RA 90 -42.66 37.80 -80.07
CA PHE RA 90 -42.02 37.49 -78.79
C PHE RA 90 -42.22 36.00 -78.55
N VAL RA 91 -41.30 35.19 -79.06
CA VAL RA 91 -41.36 33.75 -78.88
C VAL RA 91 -40.44 33.36 -77.73
N PHE RA 92 -41.02 32.87 -76.65
CA PHE RA 92 -40.25 32.50 -75.48
C PHE RA 92 -40.76 31.18 -74.93
N GLY RA 93 -39.91 30.51 -74.17
CA GLY RA 93 -40.27 29.26 -73.50
C GLY RA 93 -40.15 29.43 -72.00
N GLN RA 94 -41.08 28.81 -71.27
CA GLN RA 94 -41.11 29.01 -69.83
C GLN RA 94 -39.92 28.37 -69.14
N THR RA 95 -39.36 27.31 -69.72
CA THR RA 95 -38.20 26.65 -69.12
C THR RA 95 -36.95 27.49 -69.33
N GLY RA 96 -35.82 26.94 -68.91
CA GLY RA 96 -34.54 27.62 -69.05
C GLY RA 96 -33.54 26.84 -69.89
N ALA RA 97 -32.60 27.55 -70.52
CA ALA RA 97 -31.63 26.87 -71.37
C ALA RA 97 -30.52 26.23 -70.55
N GLY RA 98 -30.10 26.84 -69.45
CA GLY RA 98 -29.13 26.23 -68.57
C GLY RA 98 -27.70 26.29 -69.03
N ASN RA 99 -27.37 27.15 -69.99
CA ASN RA 99 -26.03 27.22 -70.56
C ASN RA 99 -25.58 25.84 -71.05
N ASN RA 100 -26.51 25.12 -71.68
CA ASN RA 100 -26.30 23.75 -72.11
C ASN RA 100 -26.64 23.68 -73.59
N TRP RA 101 -25.61 23.63 -74.43
CA TRP RA 101 -25.81 23.61 -75.88
C TRP RA 101 -26.79 22.52 -76.30
N ALA RA 102 -26.68 21.34 -75.68
CA ALA RA 102 -27.47 20.20 -76.12
C ALA RA 102 -28.97 20.53 -76.06
N LYS RA 103 -29.48 20.85 -74.88
CA LYS RA 103 -30.90 21.11 -74.76
C LYS RA 103 -31.29 22.39 -75.50
N GLY RA 104 -30.40 23.37 -75.58
CA GLY RA 104 -30.67 24.52 -76.42
C GLY RA 104 -30.67 24.22 -77.90
N HIS RA 105 -30.24 23.03 -78.29
CA HIS RA 105 -30.16 22.66 -79.69
C HIS RA 105 -30.89 21.36 -80.02
N TYR RA 106 -31.21 20.53 -79.02
CA TYR RA 106 -31.85 19.24 -79.26
C TYR RA 106 -33.24 19.13 -78.65
N THR RA 107 -33.38 19.45 -77.36
CA THR RA 107 -34.64 19.19 -76.65
C THR RA 107 -35.53 20.42 -76.63
N GLU RA 108 -35.07 21.48 -75.97
CA GLU RA 108 -35.89 22.67 -75.84
C GLU RA 108 -35.84 23.51 -77.10
N GLY RA 109 -34.77 23.37 -77.88
CA GLY RA 109 -34.73 24.01 -79.18
C GLY RA 109 -35.84 23.53 -80.09
N ALA RA 110 -35.96 22.21 -80.25
CA ALA RA 110 -36.92 21.63 -81.16
C ALA RA 110 -38.36 21.93 -80.79
N GLU RA 111 -38.62 22.41 -79.58
CA GLU RA 111 -39.98 22.74 -79.17
C GLU RA 111 -40.42 24.13 -79.59
N LEU RA 112 -39.49 25.00 -79.96
CA LEU RA 112 -39.86 26.34 -80.41
C LEU RA 112 -39.73 26.55 -81.90
N ILE RA 113 -38.90 25.77 -82.58
CA ILE RA 113 -38.61 26.02 -83.99
C ILE RA 113 -39.88 25.96 -84.84
N ASP RA 114 -40.82 25.09 -84.48
CA ASP RA 114 -42.09 25.08 -85.21
C ASP RA 114 -42.83 26.40 -85.05
N SER RA 115 -42.62 27.08 -83.93
CA SER RA 115 -43.28 28.37 -83.73
C SER RA 115 -42.50 29.51 -84.36
N VAL RA 116 -41.18 29.52 -84.21
CA VAL RA 116 -40.38 30.63 -84.69
C VAL RA 116 -40.42 30.71 -86.21
N LEU RA 117 -40.28 29.57 -86.89
CA LEU RA 117 -40.32 29.58 -88.35
C LEU RA 117 -41.65 30.13 -88.85
N ASP RA 118 -42.74 29.82 -88.15
CA ASP RA 118 -44.03 30.41 -88.52
C ASP RA 118 -44.02 31.93 -88.36
N VAL RA 119 -43.14 32.47 -87.53
CA VAL RA 119 -43.01 33.92 -87.42
C VAL RA 119 -42.11 34.45 -88.52
N VAL RA 120 -40.95 33.81 -88.72
CA VAL RA 120 -39.99 34.30 -89.71
C VAL RA 120 -40.61 34.36 -91.09
N ARG RA 121 -41.36 33.31 -91.47
CA ARG RA 121 -42.05 33.34 -92.75
C ARG RA 121 -43.10 34.43 -92.78
N LYS RA 122 -43.82 34.63 -91.67
CA LYS RA 122 -44.89 35.62 -91.64
C LYS RA 122 -44.42 36.98 -92.11
N GLU RA 123 -43.17 37.33 -91.82
CA GLU RA 123 -42.60 38.59 -92.27
C GLU RA 123 -41.53 38.42 -93.34
N ALA RA 124 -41.42 37.23 -93.92
CA ALA RA 124 -40.63 37.10 -95.14
C ALA RA 124 -41.46 37.43 -96.37
N GLU RA 125 -42.75 37.09 -96.34
CA GLU RA 125 -43.65 37.50 -97.41
C GLU RA 125 -43.97 38.99 -97.35
N SER RA 126 -43.93 39.59 -96.16
CA SER RA 126 -44.15 41.03 -96.06
C SER RA 126 -43.10 41.81 -96.84
N CYS RA 127 -41.98 41.18 -97.16
CA CYS RA 127 -40.94 41.81 -97.97
C CYS RA 127 -41.16 41.47 -99.43
N ASP RA 128 -40.94 42.46 -100.29
CA ASP RA 128 -41.05 42.23 -101.73
C ASP RA 128 -39.74 41.73 -102.32
N CYS RA 129 -38.61 42.23 -101.82
CA CYS RA 129 -37.28 41.82 -102.29
C CYS RA 129 -36.40 41.68 -101.05
N LEU RA 130 -36.35 40.47 -100.51
CA LEU RA 130 -35.57 40.23 -99.29
C LEU RA 130 -34.09 40.29 -99.60
N GLN RA 131 -33.37 41.16 -98.88
CA GLN RA 131 -31.93 41.24 -99.05
C GLN RA 131 -31.22 40.11 -98.30
N GLY RA 132 -31.44 40.03 -97.00
CA GLY RA 132 -30.83 38.96 -96.23
C GLY RA 132 -31.31 38.99 -94.80
N PHE RA 133 -30.78 38.06 -94.02
CA PHE RA 133 -31.06 37.96 -92.60
C PHE RA 133 -29.89 38.53 -91.81
N GLN RA 134 -30.08 38.63 -90.50
CA GLN RA 134 -28.97 38.93 -89.61
C GLN RA 134 -29.38 38.53 -88.20
N VAL RA 135 -28.45 37.92 -87.47
CA VAL RA 135 -28.72 37.43 -86.14
C VAL RA 135 -27.68 38.01 -85.19
N CYS RA 136 -28.02 37.98 -83.90
CA CYS RA 136 -27.09 38.34 -82.84
C CYS RA 136 -26.92 37.14 -81.93
N HIS RA 137 -25.68 36.85 -81.56
CA HIS RA 137 -25.37 35.64 -80.84
C HIS RA 137 -24.61 35.97 -79.57
N SER RA 138 -24.35 34.91 -78.81
CA SER RA 138 -23.32 34.93 -77.78
C SER RA 138 -22.87 33.47 -77.66
N LEU RA 139 -21.74 33.15 -78.26
CA LEU RA 139 -21.32 31.76 -78.37
C LEU RA 139 -21.16 31.06 -77.01
N GLY RA 140 -21.36 31.78 -75.91
CA GLY RA 140 -21.24 31.21 -74.59
C GLY RA 140 -22.42 30.40 -74.10
N GLY RA 141 -23.58 31.04 -73.94
CA GLY RA 141 -24.71 30.38 -73.33
C GLY RA 141 -25.31 29.31 -74.24
N GLY RA 142 -26.38 28.71 -73.75
CA GLY RA 142 -27.06 27.67 -74.48
C GLY RA 142 -28.01 28.23 -75.53
N THR RA 143 -28.69 29.31 -75.19
CA THR RA 143 -29.66 29.88 -76.13
C THR RA 143 -28.97 30.52 -77.32
N GLY RA 144 -27.96 31.36 -77.06
CA GLY RA 144 -27.27 32.02 -78.14
C GLY RA 144 -26.59 31.04 -79.08
N SER RA 145 -26.09 29.93 -78.54
CA SER RA 145 -25.40 28.93 -79.34
C SER RA 145 -26.34 27.85 -79.86
N GLY RA 146 -27.02 27.15 -78.96
CA GLY RA 146 -27.91 26.08 -79.35
C GLY RA 146 -29.04 26.52 -80.25
N MET RA 147 -29.93 27.36 -79.72
CA MET RA 147 -31.08 27.79 -80.50
C MET RA 147 -30.66 28.59 -81.73
N GLY RA 148 -29.58 29.35 -81.62
CA GLY RA 148 -29.10 30.15 -82.73
C GLY RA 148 -28.73 29.33 -83.94
N THR RA 149 -27.78 28.42 -83.78
CA THR RA 149 -27.35 27.58 -84.90
C THR RA 149 -28.49 26.67 -85.37
N LEU RA 150 -29.32 26.20 -84.44
CA LEU RA 150 -30.48 25.41 -84.84
C LEU RA 150 -31.42 26.24 -85.70
N LEU RA 151 -31.50 27.53 -85.43
CA LEU RA 151 -32.35 28.40 -86.25
C LEU RA 151 -31.73 28.62 -87.62
N ILE RA 152 -30.43 28.90 -87.68
CA ILE RA 152 -29.77 29.18 -88.94
C ILE RA 152 -29.98 28.05 -89.93
N SER RA 153 -29.74 26.81 -89.48
CA SER RA 153 -29.91 25.65 -90.35
C SER RA 153 -31.32 25.59 -90.90
N LYS RA 154 -32.31 25.96 -90.10
CA LYS RA 154 -33.69 26.00 -90.59
C LYS RA 154 -33.84 27.08 -91.65
N ILE RA 155 -33.12 28.19 -91.52
CA ILE RA 155 -33.25 29.27 -92.49
C ILE RA 155 -32.47 28.95 -93.76
N ARG RA 156 -31.29 28.34 -93.62
CA ARG RA 156 -30.44 28.09 -94.77
C ARG RA 156 -31.10 27.18 -95.79
N GLU RA 157 -31.89 26.20 -95.35
CA GLU RA 157 -32.54 25.31 -96.28
C GLU RA 157 -33.83 25.87 -96.84
N GLU RA 158 -34.44 26.85 -96.18
CA GLU RA 158 -35.67 27.46 -96.68
C GLU RA 158 -35.43 28.78 -97.41
N TYR RA 159 -34.26 29.38 -97.24
CA TYR RA 159 -33.86 30.57 -98.01
C TYR RA 159 -32.39 30.44 -98.37
N PRO RA 160 -32.07 29.52 -99.28
CA PRO RA 160 -30.65 29.31 -99.62
C PRO RA 160 -30.03 30.50 -100.34
N ASP RA 161 -30.81 31.16 -101.21
CA ASP RA 161 -30.26 32.24 -102.02
C ASP RA 161 -29.83 33.41 -101.15
N ARG RA 162 -30.69 33.82 -100.22
CA ARG RA 162 -30.43 35.00 -99.41
C ARG RA 162 -29.20 34.79 -98.52
N MET RA 163 -28.75 35.87 -97.90
CA MET RA 163 -27.51 35.88 -97.14
C MET RA 163 -27.80 36.02 -95.66
N MET RA 164 -26.96 35.40 -94.83
CA MET RA 164 -27.09 35.43 -93.38
C MET RA 164 -25.86 36.09 -92.79
N LEU RA 165 -26.05 37.17 -92.05
CA LEU RA 165 -24.99 37.74 -91.25
C LEU RA 165 -24.92 37.04 -89.91
N THR RA 166 -23.95 37.44 -89.09
CA THR RA 166 -23.84 36.96 -87.72
C THR RA 166 -22.95 37.88 -86.89
N PHE RA 167 -23.52 38.57 -85.91
CA PHE RA 167 -22.75 39.39 -84.98
C PHE RA 167 -22.45 38.64 -83.70
N SER RA 168 -21.87 37.45 -83.82
CA SER RA 168 -21.66 36.58 -82.68
C SER RA 168 -20.59 37.14 -81.76
N VAL RA 169 -20.92 37.27 -80.48
CA VAL RA 169 -19.92 37.54 -79.45
C VAL RA 169 -19.22 36.24 -79.10
N VAL RA 170 -17.88 36.26 -79.09
CA VAL RA 170 -17.10 35.05 -78.87
C VAL RA 170 -16.61 35.03 -77.42
N PRO RA 171 -16.12 33.90 -76.91
CA PRO RA 171 -15.58 33.88 -75.55
C PRO RA 171 -14.42 34.85 -75.41
N SER RA 172 -14.04 35.06 -74.21
CA SER RA 172 -12.93 35.91 -73.89
C SER RA 172 -11.67 35.08 -73.70
N PRO RA 173 -10.50 35.61 -74.08
CA PRO RA 173 -9.28 34.79 -73.99
C PRO RA 173 -8.84 34.52 -72.57
N LYS RA 174 -8.95 35.52 -71.69
CA LYS RA 174 -8.41 35.40 -70.34
C LYS RA 174 -9.46 35.11 -69.28
N VAL RA 175 -10.66 35.68 -69.42
CA VAL RA 175 -11.72 35.49 -68.46
C VAL RA 175 -12.81 34.62 -69.10
N SER RA 176 -13.51 33.87 -68.25
CA SER RA 176 -14.62 33.04 -68.69
C SER RA 176 -15.86 33.43 -67.90
N ASP RA 177 -16.92 33.84 -68.60
CA ASP RA 177 -18.17 34.13 -67.92
C ASP RA 177 -18.91 32.86 -67.53
N THR RA 178 -18.70 31.77 -68.26
CA THR RA 178 -19.25 30.46 -67.93
C THR RA 178 -18.11 29.47 -67.76
N VAL RA 179 -18.45 28.28 -67.28
CA VAL RA 179 -17.45 27.26 -67.07
C VAL RA 179 -17.44 26.23 -68.19
N VAL RA 180 -18.57 26.03 -68.86
CA VAL RA 180 -18.65 25.08 -69.96
C VAL RA 180 -18.44 25.84 -71.26
N GLU RA 181 -17.78 26.99 -71.15
CA GLU RA 181 -17.61 27.87 -72.31
C GLU RA 181 -16.96 27.19 -73.51
N PRO RA 182 -15.79 26.55 -73.39
CA PRO RA 182 -15.18 25.94 -74.57
C PRO RA 182 -15.98 24.78 -75.15
N TYR RA 183 -16.98 24.27 -74.44
CA TYR RA 183 -17.86 23.28 -75.03
C TYR RA 183 -18.86 23.91 -75.98
N ASN RA 184 -19.50 24.99 -75.52
CA ASN RA 184 -20.51 25.66 -76.35
C ASN RA 184 -19.89 26.37 -77.53
N ALA RA 185 -18.63 26.80 -77.42
CA ALA RA 185 -18.01 27.56 -78.50
C ALA RA 185 -17.74 26.67 -79.71
N THR RA 186 -17.12 25.51 -79.49
CA THR RA 186 -16.76 24.65 -80.62
C THR RA 186 -18.00 24.05 -81.29
N LEU RA 187 -18.93 23.53 -80.48
CA LEU RA 187 -20.11 22.88 -81.03
C LEU RA 187 -20.91 23.81 -81.94
N SER RA 188 -20.73 25.13 -81.80
CA SER RA 188 -21.42 26.07 -82.67
C SER RA 188 -20.64 26.32 -83.96
N VAL RA 189 -19.32 26.39 -83.88
CA VAL RA 189 -18.51 26.69 -85.06
C VAL RA 189 -18.75 25.65 -86.16
N HIS RA 190 -18.88 24.39 -85.78
CA HIS RA 190 -19.25 23.34 -86.73
C HIS RA 190 -20.57 23.64 -87.43
N GLN RA 191 -21.34 24.61 -86.95
CA GLN RA 191 -22.59 25.00 -87.59
C GLN RA 191 -22.52 26.33 -88.31
N LEU RA 192 -21.57 27.20 -87.96
CA LEU RA 192 -21.47 28.50 -88.61
C LEU RA 192 -20.69 28.43 -89.92
N VAL RA 193 -19.80 27.46 -90.06
CA VAL RA 193 -18.97 27.39 -91.26
C VAL RA 193 -19.81 27.03 -92.48
N GLU RA 194 -20.78 26.14 -92.29
CA GLU RA 194 -21.60 25.68 -93.42
C GLU RA 194 -22.76 26.63 -93.70
N ASN RA 195 -23.42 27.13 -92.67
CA ASN RA 195 -24.73 27.75 -92.81
C ASN RA 195 -24.70 29.26 -92.66
N ALA RA 196 -23.53 29.87 -92.58
CA ALA RA 196 -23.43 31.32 -92.52
C ALA RA 196 -22.65 31.84 -93.71
N ASP RA 197 -22.98 33.06 -94.13
CA ASP RA 197 -22.30 33.71 -95.25
C ASP RA 197 -21.34 34.80 -94.80
N GLU RA 198 -21.62 35.45 -93.67
CA GLU RA 198 -20.68 36.35 -93.02
C GLU RA 198 -20.85 36.18 -91.52
N CYS RA 199 -19.78 36.41 -90.78
CA CYS RA 199 -19.84 36.24 -89.32
C CYS RA 199 -18.78 37.16 -88.69
N MET RA 200 -19.23 38.28 -88.17
CA MET RA 200 -18.35 39.18 -87.44
C MET RA 200 -18.17 38.69 -86.01
N VAL RA 201 -16.92 38.54 -85.59
CA VAL RA 201 -16.61 38.06 -84.24
C VAL RA 201 -16.24 39.25 -83.37
N LEU RA 202 -16.82 39.28 -82.17
CA LEU RA 202 -16.60 40.38 -81.24
C LEU RA 202 -16.40 39.80 -79.85
N ASP RA 203 -15.63 40.50 -79.03
CA ASP RA 203 -15.25 39.99 -77.72
C ASP RA 203 -15.44 41.08 -76.67
N ASN RA 204 -15.85 40.65 -75.47
CA ASN RA 204 -16.08 41.61 -74.40
C ASN RA 204 -14.79 42.24 -73.90
N GLU RA 205 -13.67 41.52 -74.00
CA GLU RA 205 -12.40 42.05 -73.49
C GLU RA 205 -11.97 43.28 -74.28
N ALA RA 206 -11.74 43.12 -75.58
CA ALA RA 206 -11.26 44.24 -76.39
C ALA RA 206 -12.20 45.43 -76.31
N LEU RA 207 -13.47 45.21 -75.97
CA LEU RA 207 -14.37 46.32 -75.74
C LEU RA 207 -14.01 47.05 -74.46
N TYR RA 208 -13.58 46.32 -73.43
CA TYR RA 208 -13.25 46.97 -72.17
C TYR RA 208 -12.06 47.89 -72.31
N ASP RA 209 -11.11 47.54 -73.20
CA ASP RA 209 -9.94 48.40 -73.38
C ASP RA 209 -10.29 49.63 -74.22
N ILE RA 210 -10.98 49.42 -75.33
CA ILE RA 210 -11.47 50.54 -76.13
C ILE RA 210 -12.21 51.53 -75.25
N CYS RA 211 -13.07 51.03 -74.37
CA CYS RA 211 -13.74 51.91 -73.42
C CYS RA 211 -12.80 52.44 -72.35
N PHE RA 212 -11.64 51.82 -72.16
CA PHE RA 212 -10.74 52.23 -71.09
C PHE RA 212 -9.67 53.20 -71.57
N ARG RA 213 -8.91 52.82 -72.60
CA ARG RA 213 -7.85 53.68 -73.11
C ARG RA 213 -8.42 54.76 -74.02
N THR RA 214 -9.08 54.35 -75.10
CA THR RA 214 -9.54 55.29 -76.11
C THR RA 214 -10.63 56.20 -75.57
N LEU RA 215 -11.75 55.62 -75.18
CA LEU RA 215 -12.87 56.42 -74.67
C LEU RA 215 -12.59 57.03 -73.31
N LYS RA 216 -11.49 56.63 -72.65
CA LYS RA 216 -11.12 57.14 -71.34
C LYS RA 216 -12.21 56.94 -70.29
N LEU RA 217 -13.19 56.08 -70.57
CA LEU RA 217 -14.25 55.83 -69.60
C LEU RA 217 -13.67 55.18 -68.35
N THR RA 218 -14.37 55.40 -67.23
CA THR RA 218 -14.00 54.81 -65.96
C THR RA 218 -14.76 53.53 -65.67
N THR RA 219 -16.09 53.55 -65.79
CA THR RA 219 -16.94 52.41 -65.49
C THR RA 219 -17.83 52.12 -66.69
N PRO RA 220 -17.30 51.53 -67.75
CA PRO RA 220 -18.15 51.07 -68.84
C PRO RA 220 -19.14 50.01 -68.36
N THR RA 221 -20.41 50.25 -68.63
CA THR RA 221 -21.47 49.28 -68.37
C THR RA 221 -21.84 48.60 -69.68
N PHE RA 222 -22.63 47.53 -69.56
CA PHE RA 222 -23.13 46.86 -70.74
C PHE RA 222 -23.95 47.81 -71.61
N GLY RA 223 -24.57 48.82 -70.99
CA GLY RA 223 -25.22 49.86 -71.77
C GLY RA 223 -24.26 50.67 -72.62
N ASP RA 224 -22.96 50.52 -72.40
CA ASP RA 224 -21.93 51.21 -73.19
C ASP RA 224 -21.29 50.30 -74.23
N LEU RA 225 -20.86 49.10 -73.82
CA LEU RA 225 -20.37 48.13 -74.80
C LEU RA 225 -21.41 47.90 -75.89
N ASN RA 226 -22.64 47.57 -75.50
CA ASN RA 226 -23.70 47.38 -76.47
C ASN RA 226 -23.98 48.63 -77.28
N HIS RA 227 -23.59 49.79 -76.77
CA HIS RA 227 -23.67 51.01 -77.57
C HIS RA 227 -22.63 50.99 -78.68
N LEU RA 228 -21.45 50.41 -78.42
CA LEU RA 228 -20.45 50.27 -79.46
C LEU RA 228 -20.90 49.27 -80.53
N ILE RA 229 -21.30 48.08 -80.11
CA ILE RA 229 -21.71 47.04 -81.05
C ILE RA 229 -22.84 47.54 -81.92
N SER RA 230 -23.81 48.23 -81.32
CA SER RA 230 -24.92 48.76 -82.10
C SER RA 230 -24.46 49.76 -83.14
N ALA RA 231 -23.36 50.47 -82.86
CA ALA RA 231 -22.84 51.44 -83.83
C ALA RA 231 -22.43 50.76 -85.12
N VAL RA 232 -21.48 49.82 -85.04
CA VAL RA 232 -20.97 49.18 -86.25
C VAL RA 232 -22.07 48.39 -86.95
N MET RA 233 -23.00 47.82 -86.18
CA MET RA 233 -24.13 47.12 -86.79
C MET RA 233 -24.92 48.05 -87.69
N SER RA 234 -25.00 49.33 -87.33
CA SER RA 234 -25.60 50.32 -88.21
C SER RA 234 -24.63 50.76 -89.30
N GLY RA 235 -23.33 50.76 -88.99
CA GLY RA 235 -22.35 51.21 -89.94
C GLY RA 235 -22.24 50.36 -91.19
N ILE RA 236 -22.81 49.16 -91.17
CA ILE RA 236 -22.70 48.28 -92.32
C ILE RA 236 -23.73 48.64 -93.39
N THR RA 237 -24.98 48.80 -92.97
CA THR RA 237 -26.10 48.93 -93.90
C THR RA 237 -26.33 50.38 -94.35
N CYS RA 238 -25.40 51.29 -94.09
CA CYS RA 238 -25.62 52.68 -94.45
C CYS RA 238 -25.84 52.87 -95.94
N CYS RA 239 -25.25 52.00 -96.76
CA CYS RA 239 -25.45 52.11 -98.20
C CYS RA 239 -26.86 51.68 -98.58
N LEU RA 240 -27.40 50.66 -97.91
CA LEU RA 240 -28.76 50.24 -98.18
C LEU RA 240 -29.76 51.31 -97.81
N ARG RA 241 -29.49 52.06 -96.75
CA ARG RA 241 -30.47 53.01 -96.21
C ARG RA 241 -30.30 54.40 -96.80
N PHE RA 242 -29.06 54.87 -96.92
CA PHE RA 242 -28.80 56.22 -97.36
C PHE RA 242 -28.07 56.23 -98.70
N PRO RA 243 -28.15 57.33 -99.45
CA PRO RA 243 -27.42 57.41 -100.71
C PRO RA 243 -25.92 57.39 -100.47
N GLY RA 244 -25.18 57.28 -101.56
CA GLY RA 244 -23.74 57.33 -101.50
C GLY RA 244 -23.14 57.46 -102.88
N GLN RA 245 -22.00 58.14 -102.99
CA GLN RA 245 -21.33 58.23 -104.28
C GLN RA 245 -20.56 56.97 -104.61
N LEU RA 246 -20.43 56.04 -103.67
CA LEU RA 246 -19.90 54.70 -103.94
C LEU RA 246 -20.62 53.74 -102.99
N ASN RA 247 -21.72 53.17 -103.46
CA ASN RA 247 -22.57 52.35 -102.61
C ASN RA 247 -21.96 50.97 -102.39
N ALA RA 248 -22.43 50.30 -101.34
CA ALA RA 248 -21.91 48.98 -100.99
C ALA RA 248 -23.04 48.16 -100.36
N ASP RA 249 -23.66 47.30 -101.15
CA ASP RA 249 -24.67 46.39 -100.64
C ASP RA 249 -24.01 45.37 -99.71
N LEU RA 250 -24.85 44.52 -99.12
CA LEU RA 250 -24.32 43.45 -98.27
C LEU RA 250 -23.65 42.38 -99.12
N ARG RA 251 -24.22 42.06 -100.28
CA ARG RA 251 -23.63 41.03 -101.12
C ARG RA 251 -22.30 41.48 -101.71
N LYS RA 252 -22.23 42.73 -102.16
CA LYS RA 252 -20.97 43.23 -102.72
C LYS RA 252 -19.91 43.48 -101.67
N LEU RA 253 -20.27 43.43 -100.38
CA LEU RA 253 -19.26 43.43 -99.34
C LEU RA 253 -18.74 42.03 -99.06
N ALA RA 254 -19.50 41.00 -99.41
CA ALA RA 254 -19.08 39.63 -99.19
C ALA RA 254 -18.19 39.13 -100.32
N VAL RA 255 -18.60 39.35 -101.57
CA VAL RA 255 -17.80 38.89 -102.71
C VAL RA 255 -16.42 39.52 -102.68
N ASN RA 256 -16.31 40.77 -102.24
CA ASN RA 256 -15.01 41.42 -102.14
C ASN RA 256 -14.29 41.09 -100.84
N LEU RA 257 -14.78 40.14 -100.06
CA LEU RA 257 -14.15 39.90 -98.78
C LEU RA 257 -13.73 38.45 -98.57
N ILE RA 258 -14.53 37.49 -99.01
CA ILE RA 258 -14.22 36.09 -98.76
C ILE RA 258 -13.79 35.40 -100.04
N PRO RA 259 -12.49 35.23 -100.26
CA PRO RA 259 -12.04 34.52 -101.46
C PRO RA 259 -12.36 33.04 -101.44
N PHE RA 260 -12.49 32.44 -100.27
CA PHE RA 260 -12.79 31.02 -100.19
C PHE RA 260 -13.98 30.79 -99.26
N PRO RA 261 -14.84 29.81 -99.57
CA PRO RA 261 -16.14 29.72 -98.88
C PRO RA 261 -16.04 29.47 -97.38
N ARG RA 262 -14.86 29.17 -96.85
CA ARG RA 262 -14.74 28.82 -95.45
C ARG RA 262 -14.19 29.97 -94.59
N LEU RA 263 -13.58 30.97 -95.20
CA LEU RA 263 -12.94 32.05 -94.46
C LEU RA 263 -13.86 33.25 -94.31
N HIS RA 264 -15.03 33.03 -93.70
CA HIS RA 264 -16.02 34.07 -93.52
C HIS RA 264 -16.13 34.52 -92.08
N PHE RA 265 -15.00 34.60 -91.38
CA PHE RA 265 -14.93 35.15 -90.04
C PHE RA 265 -14.16 36.47 -90.12
N PHE RA 266 -14.85 37.56 -89.82
CA PHE RA 266 -14.28 38.90 -90.00
C PHE RA 266 -13.86 39.48 -88.65
N MET RA 267 -13.47 40.74 -88.68
CA MET RA 267 -12.97 41.44 -87.50
C MET RA 267 -13.21 42.93 -87.71
N VAL RA 268 -13.94 43.55 -86.79
CA VAL RA 268 -14.51 44.89 -87.02
C VAL RA 268 -13.83 45.90 -86.11
N GLY RA 269 -14.13 47.17 -86.39
CA GLY RA 269 -13.63 48.30 -85.63
C GLY RA 269 -14.29 49.58 -86.08
N PHE RA 270 -14.54 50.50 -85.15
CA PHE RA 270 -15.26 51.73 -85.44
C PHE RA 270 -14.35 52.93 -85.26
N THR RA 271 -14.64 53.99 -86.00
CA THR RA 271 -13.94 55.27 -85.92
C THR RA 271 -14.93 56.37 -86.21
N PRO RA 272 -14.74 57.57 -85.65
CA PRO RA 272 -13.70 57.92 -84.68
C PRO RA 272 -14.10 57.54 -83.27
N LEU RA 273 -13.14 57.54 -82.36
CA LEU RA 273 -13.39 57.22 -80.96
C LEU RA 273 -12.54 58.14 -80.11
N THR RA 274 -13.17 59.09 -79.43
CA THR RA 274 -12.49 60.04 -78.59
C THR RA 274 -13.33 60.32 -77.35
N SER RA 275 -12.72 60.98 -76.38
CA SER RA 275 -13.42 61.34 -75.16
C SER RA 275 -14.12 62.68 -75.35
N ARG RA 276 -14.87 63.10 -74.33
CA ARG RA 276 -15.50 64.41 -74.38
C ARG RA 276 -14.47 65.53 -74.33
N GLY RA 277 -13.33 65.28 -73.68
CA GLY RA 277 -12.32 66.32 -73.56
C GLY RA 277 -11.62 66.60 -74.88
N SER RA 278 -11.04 65.57 -75.48
CA SER RA 278 -10.27 65.77 -76.71
C SER RA 278 -11.15 66.12 -77.89
N GLN RA 279 -12.45 65.83 -77.81
CA GLN RA 279 -13.36 66.14 -78.91
C GLN RA 279 -13.38 67.64 -79.20
N GLN RA 280 -13.08 68.46 -78.20
CA GLN RA 280 -13.05 69.91 -78.40
C GLN RA 280 -12.01 70.31 -79.43
N TYR RA 281 -10.96 69.51 -79.59
CA TYR RA 281 -9.79 69.93 -80.34
C TYR RA 281 -9.54 69.12 -81.61
N ARG RA 282 -9.99 67.87 -81.67
CA ARG RA 282 -9.65 67.03 -82.82
C ARG RA 282 -10.37 67.52 -84.07
N ALA RA 283 -9.61 67.79 -85.11
CA ALA RA 283 -10.18 68.03 -86.43
C ALA RA 283 -10.45 66.69 -87.11
N LEU RA 284 -11.64 66.56 -87.70
CA LEU RA 284 -12.06 65.31 -88.30
C LEU RA 284 -11.74 65.34 -89.79
N THR RA 285 -10.72 64.60 -90.19
CA THR RA 285 -10.35 64.44 -91.59
C THR RA 285 -10.14 62.97 -91.89
N VAL RA 286 -10.20 62.64 -93.17
CA VAL RA 286 -9.96 61.28 -93.65
C VAL RA 286 -8.64 60.75 -93.10
N PRO RA 287 -7.57 61.55 -93.04
CA PRO RA 287 -6.36 61.05 -92.37
C PRO RA 287 -6.58 60.56 -90.95
N GLU RA 288 -7.26 61.35 -90.11
CA GLU RA 288 -7.49 60.93 -88.73
C GLU RA 288 -8.30 59.64 -88.67
N LEU RA 289 -9.28 59.51 -89.57
CA LEU RA 289 -10.09 58.30 -89.58
C LEU RA 289 -9.30 57.09 -90.07
N THR RA 290 -8.34 57.29 -90.97
CA THR RA 290 -7.65 56.15 -91.56
C THR RA 290 -6.43 55.71 -90.77
N GLN RA 291 -5.94 56.53 -89.84
CA GLN RA 291 -4.90 56.06 -88.93
C GLN RA 291 -5.51 55.26 -87.79
N GLN RA 292 -6.56 55.80 -87.17
CA GLN RA 292 -7.19 55.13 -86.04
C GLN RA 292 -7.72 53.75 -86.44
N MET RA 293 -8.34 53.64 -87.61
CA MET RA 293 -8.99 52.39 -87.98
C MET RA 293 -7.97 51.27 -88.17
N TRP RA 294 -6.85 51.56 -88.82
CA TRP RA 294 -5.88 50.53 -89.12
C TRP RA 294 -5.08 50.10 -87.91
N ASP RA 295 -5.28 50.74 -86.76
CA ASP RA 295 -4.54 50.40 -85.57
C ASP RA 295 -4.95 49.02 -85.06
N ALA RA 296 -4.05 48.40 -84.30
CA ALA RA 296 -4.30 47.07 -83.76
C ALA RA 296 -5.21 47.08 -82.55
N LYS RA 297 -5.44 48.23 -81.94
CA LYS RA 297 -6.28 48.28 -80.74
C LYS RA 297 -7.77 48.35 -81.09
N ASN RA 298 -8.13 49.15 -82.10
CA ASN RA 298 -9.54 49.35 -82.43
C ASN RA 298 -10.25 48.06 -82.81
N MET RA 299 -9.53 46.99 -83.12
CA MET RA 299 -10.16 45.73 -83.47
C MET RA 299 -10.92 45.23 -82.26
N MET RA 300 -12.26 45.32 -82.33
CA MET RA 300 -13.09 44.87 -81.22
C MET RA 300 -12.93 43.39 -80.93
N CYS RA 301 -12.34 42.63 -81.84
CA CYS RA 301 -12.01 41.25 -81.59
C CYS RA 301 -10.64 41.15 -80.93
N ALA RA 302 -10.45 40.11 -80.12
CA ALA RA 302 -9.20 39.93 -79.40
C ALA RA 302 -8.19 39.13 -80.22
N ALA RA 303 -7.92 39.64 -81.42
CA ALA RA 303 -6.98 39.02 -82.33
C ALA RA 303 -6.03 40.09 -82.85
N ASP RA 304 -4.74 39.89 -82.63
CA ASP RA 304 -3.74 40.91 -82.94
C ASP RA 304 -3.32 40.80 -84.40
N PRO RA 305 -3.53 41.83 -85.21
CA PRO RA 305 -3.13 41.74 -86.62
C PRO RA 305 -1.65 41.52 -86.83
N ARG RA 306 -0.82 41.78 -85.82
CA ARG RA 306 0.61 41.56 -85.97
C ARG RA 306 0.98 40.09 -86.08
N HIS RA 307 0.11 39.19 -85.62
CA HIS RA 307 0.38 37.77 -85.70
C HIS RA 307 -0.06 37.15 -87.00
N GLY RA 308 -0.44 37.94 -87.98
CA GLY RA 308 -0.99 37.40 -89.21
C GLY RA 308 -0.74 38.29 -90.39
N ARG RA 309 -1.66 38.23 -91.35
CA ARG RA 309 -1.51 38.97 -92.59
C ARG RA 309 -2.90 39.16 -93.19
N TYR RA 310 -3.22 40.40 -93.53
CA TYR RA 310 -4.56 40.74 -94.01
C TYR RA 310 -4.80 40.11 -95.37
N LEU RA 311 -5.75 39.17 -95.44
CA LEU RA 311 -6.21 38.69 -96.73
C LEU RA 311 -6.85 39.86 -97.48
N THR RA 312 -7.96 40.37 -96.94
CA THR RA 312 -8.63 41.54 -97.48
C THR RA 312 -9.04 42.43 -96.32
N ALA RA 313 -9.53 43.62 -96.66
CA ALA RA 313 -10.05 44.55 -95.68
C ALA RA 313 -11.16 45.36 -96.32
N SER RA 314 -11.74 46.27 -95.55
CA SER RA 314 -12.81 47.11 -96.06
C SER RA 314 -12.84 48.40 -95.25
N ALA RA 315 -13.61 49.36 -95.73
CA ALA RA 315 -13.74 50.64 -95.05
C ALA RA 315 -15.03 51.28 -95.50
N LEU RA 316 -15.94 51.51 -94.57
CA LEU RA 316 -17.25 52.11 -94.88
C LEU RA 316 -17.28 53.51 -94.27
N PHE RA 317 -16.77 54.47 -95.03
CA PHE RA 317 -16.85 55.86 -94.60
C PHE RA 317 -18.29 56.37 -94.74
N ARG RA 318 -18.54 57.52 -94.12
CA ARG RA 318 -19.82 58.19 -94.34
C ARG RA 318 -19.68 59.66 -93.96
N GLY RA 319 -20.24 60.53 -94.78
CA GLY RA 319 -20.09 61.96 -94.65
C GLY RA 319 -19.62 62.52 -95.98
N ARG RA 320 -19.92 63.79 -96.21
CA ARG RA 320 -19.47 64.46 -97.43
C ARG RA 320 -17.96 64.62 -97.38
N MET RA 321 -17.24 63.85 -98.18
CA MET RA 321 -15.79 63.84 -98.17
C MET RA 321 -15.27 63.74 -99.59
N SER RA 322 -13.95 63.70 -99.73
CA SER RA 322 -13.30 63.64 -101.03
C SER RA 322 -12.92 62.19 -101.31
N THR RA 323 -13.46 61.63 -102.40
CA THR RA 323 -13.27 60.22 -102.67
C THR RA 323 -11.88 59.89 -103.19
N LYS RA 324 -11.06 60.89 -103.50
CA LYS RA 324 -9.66 60.56 -103.81
C LYS RA 324 -8.88 60.25 -102.55
N GLU RA 325 -9.04 61.08 -101.51
CA GLU RA 325 -8.27 60.93 -100.29
C GLU RA 325 -8.39 59.52 -99.73
N VAL RA 326 -9.60 58.99 -99.65
CA VAL RA 326 -9.77 57.64 -99.13
C VAL RA 326 -9.11 56.62 -100.05
N ASP RA 327 -9.02 56.93 -101.34
CA ASP RA 327 -8.48 55.96 -102.29
C ASP RA 327 -6.97 55.87 -102.20
N GLU RA 328 -6.29 57.00 -102.05
CA GLU RA 328 -4.83 56.98 -101.91
C GLU RA 328 -4.39 56.66 -100.50
N GLN RA 329 -5.22 56.93 -99.49
CA GLN RA 329 -4.86 56.59 -98.13
C GLN RA 329 -4.70 55.09 -97.98
N MET RA 330 -5.74 54.32 -98.30
CA MET RA 330 -5.65 52.87 -98.27
C MET RA 330 -4.54 52.35 -99.19
N LEU RA 331 -4.11 53.14 -100.16
CA LEU RA 331 -3.00 52.73 -101.01
C LEU RA 331 -1.67 52.89 -100.30
N ASN RA 332 -1.54 53.90 -99.44
CA ASN RA 332 -0.30 54.07 -98.69
C ASN RA 332 -0.06 52.92 -97.74
N VAL RA 333 -1.05 52.63 -96.90
CA VAL RA 333 -0.92 51.55 -95.91
C VAL RA 333 -0.52 50.25 -96.60
N GLN RA 334 -1.15 49.93 -97.73
CA GLN RA 334 -0.77 48.74 -98.49
C GLN RA 334 0.67 48.78 -98.95
N ASN RA 335 1.27 49.98 -99.03
CA ASN RA 335 2.64 50.12 -99.51
C ASN RA 335 3.65 50.23 -98.39
N LYS RA 336 3.33 50.94 -97.31
CA LYS RA 336 4.24 50.97 -96.16
C LYS RA 336 4.35 49.59 -95.53
N ASN RA 337 3.24 49.06 -95.05
CA ASN RA 337 3.20 47.76 -94.40
C ASN RA 337 2.86 46.65 -95.38
N SER RA 338 3.59 46.57 -96.48
CA SER RA 338 3.28 45.59 -97.52
C SER RA 338 3.50 44.17 -97.02
N SER RA 339 4.30 44.00 -95.98
CA SER RA 339 4.59 42.65 -95.50
C SER RA 339 3.39 42.00 -94.83
N TYR RA 340 2.51 42.80 -94.24
CA TYR RA 340 1.33 42.29 -93.56
C TYR RA 340 0.14 42.11 -94.51
N PHE RA 341 0.35 42.19 -95.81
CA PHE RA 341 -0.70 41.99 -96.79
C PHE RA 341 -0.26 40.91 -97.76
N VAL RA 342 -1.15 39.96 -98.03
CA VAL RA 342 -0.81 38.90 -98.96
C VAL RA 342 -0.46 39.50 -100.32
N GLU RA 343 0.38 38.77 -101.06
CA GLU RA 343 0.85 39.23 -102.36
C GLU RA 343 0.16 38.56 -103.53
N TRP RA 344 -0.53 37.44 -103.30
CA TRP RA 344 -1.33 36.86 -104.37
C TRP RA 344 -2.66 37.58 -104.54
N ILE RA 345 -2.79 38.77 -103.96
CA ILE RA 345 -3.93 39.65 -104.21
C ILE RA 345 -3.34 41.04 -104.46
N PRO RA 346 -3.54 41.63 -105.63
CA PRO RA 346 -2.89 42.91 -105.95
C PRO RA 346 -3.31 44.05 -105.04
N ASN RA 347 -4.61 44.32 -104.99
CA ASN RA 347 -5.18 45.28 -104.06
C ASN RA 347 -6.19 44.55 -103.20
N ASN RA 348 -6.19 44.83 -101.89
CA ASN RA 348 -7.01 44.06 -100.97
C ASN RA 348 -7.77 44.96 -100.01
N VAL RA 349 -8.26 46.10 -100.47
CA VAL RA 349 -9.15 46.96 -99.70
C VAL RA 349 -10.24 47.47 -100.62
N LYS RA 350 -11.48 47.40 -100.16
CA LYS RA 350 -12.60 48.01 -100.86
C LYS RA 350 -13.08 49.22 -100.07
N SER RA 351 -13.16 50.36 -100.73
CA SER RA 351 -13.49 51.63 -100.10
C SER RA 351 -14.88 52.06 -100.54
N SER RA 352 -15.81 52.12 -99.61
CA SER RA 352 -17.14 52.63 -99.84
C SER RA 352 -17.31 53.94 -99.09
N VAL RA 353 -18.40 54.64 -99.37
CA VAL RA 353 -18.67 55.92 -98.73
C VAL RA 353 -20.15 56.24 -98.90
N CYS RA 354 -20.73 56.86 -97.86
CA CYS RA 354 -22.11 57.29 -97.88
C CYS RA 354 -22.18 58.80 -97.69
N ASP RA 355 -23.22 59.40 -98.28
CA ASP RA 355 -23.38 60.84 -98.22
C ASP RA 355 -23.96 61.32 -96.89
N ILE RA 356 -24.40 60.42 -96.04
CA ILE RA 356 -25.07 60.78 -94.79
C ILE RA 356 -24.19 60.33 -93.63
N PRO RA 357 -23.63 61.26 -92.85
CA PRO RA 357 -22.84 60.87 -91.68
C PRO RA 357 -23.77 60.47 -90.54
N PRO RA 358 -23.22 60.03 -89.42
CA PRO RA 358 -24.07 59.74 -88.26
C PRO RA 358 -24.78 60.98 -87.76
N LYS RA 359 -25.70 60.76 -86.81
CA LYS RA 359 -26.62 61.83 -86.44
C LYS RA 359 -25.91 63.00 -85.78
N GLY RA 360 -24.80 62.76 -85.09
CA GLY RA 360 -24.18 63.83 -84.32
C GLY RA 360 -22.78 64.20 -84.73
N LEU RA 361 -22.19 63.46 -85.66
CA LEU RA 361 -20.82 63.68 -86.09
C LEU RA 361 -20.81 64.41 -87.42
N LYS RA 362 -19.63 64.55 -88.01
CA LYS RA 362 -19.48 65.05 -89.36
C LYS RA 362 -18.85 64.06 -90.31
N MET RA 363 -18.03 63.14 -89.81
CA MET RA 363 -17.46 62.06 -90.59
C MET RA 363 -17.31 60.84 -89.70
N SER RA 364 -17.42 59.66 -90.30
CA SER RA 364 -17.28 58.43 -89.53
C SER RA 364 -16.94 57.30 -90.47
N ALA RA 365 -16.18 56.34 -89.96
CA ALA RA 365 -15.72 55.22 -90.76
C ALA RA 365 -15.86 53.94 -89.97
N THR RA 366 -16.12 52.84 -90.69
CA THR RA 366 -16.26 51.52 -90.09
C THR RA 366 -15.39 50.55 -90.86
N PHE RA 367 -14.71 49.68 -90.13
CA PHE RA 367 -13.65 48.84 -90.67
C PHE RA 367 -14.01 47.37 -90.54
N ILE RA 368 -13.78 46.61 -91.60
CA ILE RA 368 -13.90 45.16 -91.59
C ILE RA 368 -12.61 44.58 -92.15
N GLY RA 369 -12.00 43.68 -91.41
CA GLY RA 369 -10.77 43.06 -91.86
C GLY RA 369 -10.81 41.55 -91.78
N ASN RA 370 -10.46 40.88 -92.87
CA ASN RA 370 -10.43 39.43 -92.93
C ASN RA 370 -8.97 39.01 -92.80
N SER RA 371 -8.50 38.92 -91.56
CA SER RA 371 -7.11 38.67 -91.26
C SER RA 371 -6.86 37.19 -91.04
N THR RA 372 -5.59 36.80 -91.15
CA THR RA 372 -5.17 35.45 -90.83
C THR RA 372 -4.76 35.29 -89.38
N ALA RA 373 -4.84 36.36 -88.59
CA ALA RA 373 -4.57 36.28 -87.17
C ALA RA 373 -5.75 35.77 -86.37
N ILE RA 374 -6.92 35.65 -86.99
CA ILE RA 374 -8.10 35.14 -86.31
C ILE RA 374 -7.87 33.71 -85.82
N GLN RA 375 -6.98 32.97 -86.50
CA GLN RA 375 -6.68 31.60 -86.08
C GLN RA 375 -6.24 31.51 -84.63
N GLU RA 376 -5.76 32.62 -84.04
CA GLU RA 376 -5.42 32.61 -82.62
C GLU RA 376 -6.64 32.32 -81.77
N MET RA 377 -7.79 32.88 -82.13
CA MET RA 377 -9.01 32.61 -81.39
C MET RA 377 -9.32 31.12 -81.39
N PHE RA 378 -9.22 30.48 -82.56
CA PHE RA 378 -9.58 29.07 -82.66
C PHE RA 378 -8.52 28.17 -82.03
N LYS RA 379 -7.27 28.60 -81.96
CA LYS RA 379 -6.28 27.85 -81.19
C LYS RA 379 -6.66 27.80 -79.71
N ARG RA 380 -6.83 28.98 -79.11
CA ARG RA 380 -7.12 29.05 -77.69
C ARG RA 380 -8.36 28.24 -77.33
N VAL RA 381 -9.44 28.42 -78.09
CA VAL RA 381 -10.67 27.68 -77.83
C VAL RA 381 -10.42 26.18 -77.97
N SER RA 382 -9.82 25.77 -79.09
CA SER RA 382 -9.55 24.35 -79.31
C SER RA 382 -8.60 23.80 -78.26
N GLU RA 383 -7.84 24.65 -77.58
CA GLU RA 383 -6.97 24.17 -76.51
C GLU RA 383 -7.75 23.84 -75.25
N GLN RA 384 -8.59 24.78 -74.80
CA GLN RA 384 -9.39 24.53 -73.61
C GLN RA 384 -10.36 23.38 -73.84
N PHE RA 385 -10.91 23.26 -75.04
CA PHE RA 385 -11.85 22.18 -75.32
C PHE RA 385 -11.17 20.82 -75.14
N THR RA 386 -9.91 20.71 -75.55
CA THR RA 386 -9.22 19.44 -75.42
C THR RA 386 -8.53 19.29 -74.08
N ALA RA 387 -8.60 20.28 -73.21
CA ALA RA 387 -8.09 20.12 -71.85
C ALA RA 387 -9.12 19.48 -70.93
N MET RA 388 -10.40 19.69 -71.20
CA MET RA 388 -11.45 19.10 -70.38
C MET RA 388 -12.16 17.94 -71.04
N PHE RA 389 -12.28 17.92 -72.37
CA PHE RA 389 -12.83 16.73 -73.01
C PHE RA 389 -11.90 15.54 -72.88
N ARG RA 390 -10.59 15.78 -72.74
CA ARG RA 390 -9.67 14.68 -72.49
C ARG RA 390 -10.00 13.98 -71.18
N ARG RA 391 -10.47 14.73 -70.18
CA ARG RA 391 -10.90 14.17 -68.92
C ARG RA 391 -12.40 13.93 -68.87
N LYS RA 392 -13.15 14.41 -69.85
CA LYS RA 392 -14.60 14.25 -69.91
C LYS RA 392 -15.26 14.91 -68.70
N ALA RA 393 -14.90 16.16 -68.46
CA ALA RA 393 -15.53 16.96 -67.41
C ALA RA 393 -16.73 17.70 -67.98
N PHE RA 394 -17.76 17.85 -67.14
CA PHE RA 394 -19.00 18.54 -67.53
C PHE RA 394 -19.66 17.88 -68.73
N LEU RA 395 -19.35 16.61 -68.99
CA LEU RA 395 -19.88 15.95 -70.17
C LEU RA 395 -21.15 15.17 -69.90
N HIS RA 396 -21.34 14.70 -68.67
CA HIS RA 396 -22.53 13.92 -68.35
C HIS RA 396 -23.81 14.72 -68.52
N TRP RA 397 -23.71 16.04 -68.68
CA TRP RA 397 -24.88 16.82 -69.03
C TRP RA 397 -25.24 16.64 -70.50
N TYR RA 398 -24.25 16.83 -71.39
CA TYR RA 398 -24.54 16.84 -72.82
C TYR RA 398 -25.04 15.49 -73.29
N THR RA 399 -24.50 14.40 -72.75
CA THR RA 399 -25.06 13.09 -73.07
C THR RA 399 -26.47 12.94 -72.54
N GLY RA 400 -26.87 13.73 -71.55
CA GLY RA 400 -28.21 13.67 -71.02
C GLY RA 400 -29.30 14.01 -72.02
N GLU RA 401 -28.95 14.68 -73.11
CA GLU RA 401 -29.91 15.04 -74.16
C GLU RA 401 -29.72 14.22 -75.42
N GLY RA 402 -29.23 12.99 -75.27
CA GLY RA 402 -29.13 12.10 -76.40
C GLY RA 402 -27.96 12.35 -77.33
N MET RA 403 -27.03 13.21 -76.95
CA MET RA 403 -25.79 13.35 -77.71
C MET RA 403 -24.92 12.12 -77.49
N ASP RA 404 -23.78 12.09 -78.18
CA ASP RA 404 -22.80 11.03 -77.99
C ASP RA 404 -21.41 11.64 -78.12
N GLU RA 405 -20.40 10.79 -78.27
CA GLU RA 405 -19.02 11.26 -78.19
C GLU RA 405 -18.48 11.73 -79.53
N MET RA 406 -18.79 11.04 -80.62
CA MET RA 406 -18.27 11.46 -81.92
C MET RA 406 -18.62 12.91 -82.21
N GLU RA 407 -19.85 13.33 -81.89
CA GLU RA 407 -20.29 14.69 -82.14
C GLU RA 407 -19.47 15.73 -81.38
N PHE RA 408 -18.53 15.29 -80.54
CA PHE RA 408 -17.56 16.21 -79.97
C PHE RA 408 -16.27 16.24 -80.78
N THR RA 409 -15.73 15.07 -81.11
CA THR RA 409 -14.49 15.02 -81.89
C THR RA 409 -14.68 15.66 -83.26
N GLU RA 410 -15.82 15.42 -83.90
CA GLU RA 410 -16.10 16.11 -85.17
C GLU RA 410 -16.04 17.61 -84.98
N ALA RA 411 -16.59 18.10 -83.87
CA ALA RA 411 -16.63 19.54 -83.63
C ALA RA 411 -15.22 20.11 -83.52
N GLU RA 412 -14.30 19.35 -82.95
CA GLU RA 412 -12.93 19.86 -82.82
C GLU RA 412 -12.14 19.66 -84.10
N SER RA 413 -12.29 18.50 -84.75
CA SER RA 413 -11.65 18.29 -86.03
C SER RA 413 -12.08 19.35 -87.03
N ASN RA 414 -13.36 19.68 -87.05
CA ASN RA 414 -13.86 20.73 -87.94
C ASN RA 414 -13.30 22.10 -87.59
N MET RA 415 -12.59 22.24 -86.47
CA MET RA 415 -11.87 23.46 -86.17
C MET RA 415 -10.42 23.39 -86.63
N ASN RA 416 -9.74 22.28 -86.34
CA ASN RA 416 -8.37 22.13 -86.79
C ASN RA 416 -8.27 22.06 -88.30
N ASP RA 417 -9.32 21.62 -88.98
CA ASP RA 417 -9.39 21.81 -90.42
C ASP RA 417 -9.45 23.30 -90.76
N LEU RA 418 -10.24 24.06 -90.01
CA LEU RA 418 -10.41 25.47 -90.31
C LEU RA 418 -9.13 26.24 -90.03
N VAL RA 419 -8.47 25.93 -88.92
CA VAL RA 419 -7.28 26.70 -88.55
C VAL RA 419 -6.10 26.38 -89.46
N SER RA 420 -6.17 25.29 -90.21
CA SER RA 420 -5.15 25.01 -91.21
C SER RA 420 -5.35 25.88 -92.45
N GLU RA 421 -6.61 26.08 -92.84
CA GLU RA 421 -6.91 26.96 -93.97
C GLU RA 421 -6.28 28.32 -93.78
N TYR RA 422 -6.32 28.85 -92.56
CA TYR RA 422 -5.71 30.14 -92.30
C TYR RA 422 -4.20 30.06 -92.40
N GLN RA 423 -3.61 28.96 -91.92
CA GLN RA 423 -2.16 28.85 -91.92
C GLN RA 423 -1.62 28.67 -93.33
N GLN RA 424 -2.36 27.97 -94.19
CA GLN RA 424 -1.89 27.75 -95.55
C GLN RA 424 -1.82 29.05 -96.33
N TYR RA 425 -2.93 29.79 -96.36
CA TYR RA 425 -2.98 31.01 -97.16
C TYR RA 425 -2.22 32.15 -96.52
N GLN RA 426 -1.86 32.03 -95.25
CA GLN RA 426 -1.03 33.05 -94.61
C GLN RA 426 0.43 32.92 -95.00
N ASP RA 427 0.84 31.77 -95.55
CA ASP RA 427 2.23 31.51 -95.90
C ASP RA 427 2.32 30.86 -97.27
N ALA RA 428 1.51 31.32 -98.22
CA ALA RA 428 1.57 30.85 -99.59
C ALA RA 428 1.85 32.03 -100.50
N SER RA 429 3.00 32.01 -101.15
CA SER RA 429 3.42 33.10 -102.03
C SER RA 429 2.78 32.95 -103.41
N ALA RA 430 2.94 33.98 -104.23
CA ALA RA 430 2.39 33.94 -105.58
C ALA RA 430 3.00 32.81 -106.39
N GLU RA 431 4.26 32.47 -106.13
CA GLU RA 431 4.92 31.36 -106.78
C GLU RA 431 4.74 30.09 -105.97
N GLU RA 432 4.57 28.96 -106.67
CA GLU RA 432 4.40 27.67 -106.03
C GLU RA 432 5.72 27.01 -105.68
N GLU RA 433 6.81 27.77 -105.63
CA GLU RA 433 8.15 27.22 -105.44
C GLU RA 433 8.78 27.59 -104.11
N GLY RA 434 8.58 28.81 -103.62
CA GLY RA 434 9.24 29.25 -102.40
C GLY RA 434 8.78 28.53 -101.15
N GLU RA 435 7.56 28.00 -101.15
CA GLU RA 435 7.03 27.35 -99.95
C GLU RA 435 7.80 26.06 -99.65
N PHE RA 436 7.98 25.21 -100.66
CA PHE RA 436 8.64 23.91 -100.49
C PHE RA 436 10.08 24.04 -100.94
N GLU RA 437 10.93 24.56 -100.06
CA GLU RA 437 12.35 24.66 -100.34
C GLU RA 437 13.17 24.48 -99.07
N MET SA 1 -117.47 -37.77 89.15
CA MET SA 1 -117.02 -38.40 87.91
C MET SA 1 -116.06 -39.54 88.21
N ARG SA 2 -115.06 -39.26 89.03
CA ARG SA 2 -114.07 -40.24 89.44
C ARG SA 2 -114.22 -40.43 90.95
N GLU SA 3 -114.72 -41.60 91.36
CA GLU SA 3 -114.96 -41.88 92.76
C GLU SA 3 -114.48 -43.29 93.10
N VAL SA 4 -114.05 -43.46 94.35
CA VAL SA 4 -113.64 -44.75 94.86
C VAL SA 4 -114.28 -44.97 96.23
N ILE SA 5 -114.47 -46.25 96.57
CA ILE SA 5 -115.05 -46.65 97.84
C ILE SA 5 -113.95 -47.26 98.69
N SER SA 6 -113.72 -46.69 99.87
CA SER SA 6 -112.66 -47.13 100.77
C SER SA 6 -113.28 -47.90 101.93
N ILE SA 7 -113.05 -49.20 101.98
CA ILE SA 7 -113.58 -50.07 103.01
C ILE SA 7 -112.49 -50.36 104.02
N HIS SA 8 -112.82 -50.18 105.31
CA HIS SA 8 -111.88 -50.47 106.39
C HIS SA 8 -112.48 -51.57 107.25
N ILE SA 9 -111.86 -52.74 107.23
CA ILE SA 9 -112.36 -53.92 107.93
C ILE SA 9 -111.39 -54.27 109.05
N GLY SA 10 -111.92 -54.88 110.11
CA GLY SA 10 -111.10 -55.25 111.24
C GLY SA 10 -110.73 -54.03 112.06
N GLN SA 11 -109.76 -54.24 112.96
CA GLN SA 11 -109.27 -53.15 113.79
C GLN SA 11 -108.17 -52.35 113.10
N ALA SA 12 -107.14 -53.04 112.62
CA ALA SA 12 -106.05 -52.34 111.94
C ALA SA 12 -106.54 -51.61 110.70
N GLY SA 13 -107.50 -52.20 109.98
CA GLY SA 13 -108.05 -51.52 108.81
C GLY SA 13 -108.64 -50.18 109.15
N ILE SA 14 -109.48 -50.12 110.19
CA ILE SA 14 -110.10 -48.86 110.58
C ILE SA 14 -109.15 -47.96 111.35
N GLN SA 15 -108.04 -48.51 111.85
CA GLN SA 15 -107.03 -47.66 112.49
C GLN SA 15 -106.32 -46.80 111.46
N VAL SA 16 -105.86 -47.42 110.37
CA VAL SA 16 -105.26 -46.65 109.29
C VAL SA 16 -106.27 -45.70 108.68
N GLY SA 17 -107.53 -46.15 108.58
CA GLY SA 17 -108.58 -45.26 108.10
C GLY SA 17 -108.73 -44.01 108.95
N ASN SA 18 -108.33 -44.09 110.22
CA ASN SA 18 -108.28 -42.89 111.04
C ASN SA 18 -107.18 -41.95 110.58
N ALA SA 19 -106.12 -42.49 109.96
CA ALA SA 19 -105.05 -41.65 109.43
C ALA SA 19 -105.35 -41.19 108.02
N CYS SA 20 -105.91 -42.07 107.19
CA CYS SA 20 -106.25 -41.70 105.82
C CYS SA 20 -107.22 -40.51 105.80
N TRP SA 21 -108.35 -40.64 106.49
CA TRP SA 21 -109.32 -39.56 106.51
C TRP SA 21 -108.83 -38.36 107.31
N GLU SA 22 -107.85 -38.55 108.19
CA GLU SA 22 -107.16 -37.40 108.75
C GLU SA 22 -106.34 -36.68 107.69
N LEU SA 23 -105.63 -37.45 106.85
CA LEU SA 23 -104.83 -36.82 105.80
C LEU SA 23 -105.71 -36.16 104.75
N TYR SA 24 -106.78 -36.84 104.35
CA TYR SA 24 -107.59 -36.33 103.25
C TYR SA 24 -108.32 -35.05 103.63
N CYS SA 25 -108.89 -35.02 104.84
CA CYS SA 25 -109.56 -33.80 105.27
C CYS SA 25 -108.57 -32.64 105.38
N LEU SA 26 -107.32 -32.93 105.73
CA LEU SA 26 -106.32 -31.89 105.83
C LEU SA 26 -105.82 -31.46 104.45
N GLU SA 27 -105.67 -32.39 103.53
CA GLU SA 27 -105.14 -32.04 102.21
C GLU SA 27 -106.09 -31.14 101.44
N HIS SA 28 -107.39 -31.27 101.65
CA HIS SA 28 -108.38 -30.52 100.90
C HIS SA 28 -109.01 -29.40 101.73
N GLY SA 29 -108.44 -29.06 102.86
CA GLY SA 29 -109.02 -28.04 103.72
C GLY SA 29 -110.32 -28.43 104.37
N ILE SA 30 -110.77 -29.68 104.22
CA ILE SA 30 -112.03 -30.11 104.82
C ILE SA 30 -111.85 -30.18 106.33
N GLN SA 31 -112.60 -29.36 107.04
CA GLN SA 31 -112.53 -29.37 108.49
C GLN SA 31 -113.28 -30.57 109.06
N PRO SA 32 -112.94 -30.99 110.28
CA PRO SA 32 -113.65 -32.12 110.89
C PRO SA 32 -115.15 -31.95 110.98
N ASP SA 33 -115.68 -30.76 110.76
CA ASP SA 33 -117.13 -30.57 110.69
C ASP SA 33 -117.65 -30.62 109.25
N GLY SA 34 -117.26 -31.65 108.51
CA GLY SA 34 -117.82 -31.87 107.19
C GLY SA 34 -117.46 -30.83 106.15
N GLN SA 35 -117.57 -29.55 106.52
CA GLN SA 35 -117.48 -28.44 105.59
C GLN SA 35 -116.15 -27.70 105.74
N MET SA 36 -115.74 -27.07 104.65
CA MET SA 36 -114.55 -26.26 104.55
C MET SA 36 -114.92 -24.78 104.64
N PRO SA 37 -113.94 -23.90 104.92
CA PRO SA 37 -114.21 -22.46 104.93
C PRO SA 37 -114.75 -21.93 103.60
N ASP SA 46 -114.45 -28.27 91.52
CA ASP SA 46 -114.82 -29.56 92.07
C ASP SA 46 -113.76 -30.58 91.71
N ASP SA 47 -114.08 -31.86 91.94
CA ASP SA 47 -113.24 -33.01 91.62
C ASP SA 47 -111.90 -32.99 92.35
N ALA SA 48 -111.73 -32.07 93.29
CA ALA SA 48 -110.61 -32.08 94.21
C ALA SA 48 -110.88 -32.95 95.42
N PHE SA 49 -112.15 -33.16 95.76
CA PHE SA 49 -112.55 -34.04 96.84
C PHE SA 49 -113.60 -35.06 96.43
N ASN SA 50 -114.33 -34.83 95.33
CA ASN SA 50 -115.39 -35.74 94.90
C ASN SA 50 -114.91 -37.17 94.80
N THR SA 51 -113.61 -37.39 94.58
CA THR SA 51 -113.09 -38.74 94.60
C THR SA 51 -113.20 -39.37 95.97
N PHE SA 52 -113.16 -38.56 97.03
CA PHE SA 52 -113.20 -39.05 98.39
C PHE SA 52 -114.35 -38.52 99.21
N PHE SA 53 -115.22 -37.68 98.64
CA PHE SA 53 -116.24 -37.04 99.46
C PHE SA 53 -117.51 -36.83 98.64
N SER SA 54 -118.60 -36.61 99.36
CA SER SA 54 -119.88 -36.24 98.77
C SER SA 54 -120.36 -34.99 99.48
N GLU SA 55 -120.27 -33.85 98.80
CA GLU SA 55 -120.85 -32.63 99.35
C GLU SA 55 -122.35 -32.79 99.47
N THR SA 56 -122.90 -32.46 100.63
CA THR SA 56 -124.32 -32.63 100.88
C THR SA 56 -125.11 -31.57 100.12
N GLY SA 57 -126.41 -31.49 100.38
CA GLY SA 57 -127.23 -30.46 99.79
C GLY SA 57 -126.69 -29.07 100.04
N ALA SA 58 -125.94 -28.91 101.13
CA ALA SA 58 -125.31 -27.64 101.45
C ALA SA 58 -124.24 -27.87 102.51
N GLY SA 59 -123.03 -27.38 102.25
CA GLY SA 59 -122.00 -27.29 103.28
C GLY SA 59 -121.17 -28.52 103.53
N LYS SA 60 -121.73 -29.52 104.18
CA LYS SA 60 -120.93 -30.64 104.68
C LYS SA 60 -120.46 -31.54 103.55
N HIS SA 61 -119.24 -32.05 103.71
CA HIS SA 61 -118.68 -33.08 102.83
C HIS SA 61 -118.57 -34.36 103.64
N VAL SA 62 -119.21 -35.41 103.16
CA VAL SA 62 -119.19 -36.69 103.86
C VAL SA 62 -118.19 -37.61 103.16
N PRO SA 63 -117.36 -38.33 103.91
CA PRO SA 63 -116.38 -39.23 103.26
C PRO SA 63 -117.05 -40.47 102.72
N ARG SA 64 -116.88 -40.71 101.41
CA ARG SA 64 -117.46 -41.89 100.76
C ARG SA 64 -116.64 -43.12 101.16
N CYS SA 65 -116.76 -43.47 102.44
CA CYS SA 65 -116.06 -44.60 103.03
C CYS SA 65 -117.05 -45.46 103.77
N ILE SA 66 -116.52 -46.48 104.47
CA ILE SA 66 -117.32 -47.31 105.35
C ILE SA 66 -116.41 -47.93 106.41
N PHE SA 67 -116.82 -47.84 107.66
CA PHE SA 67 -116.08 -48.44 108.77
C PHE SA 67 -116.86 -49.66 109.25
N LEU SA 68 -116.27 -50.84 109.10
CA LEU SA 68 -116.92 -52.09 109.44
C LEU SA 68 -116.06 -52.86 110.43
N ASP SA 69 -116.67 -53.29 111.54
CA ASP SA 69 -115.95 -54.07 112.54
C ASP SA 69 -116.95 -54.64 113.52
N LEU SA 70 -116.58 -55.78 114.11
CA LEU SA 70 -117.38 -56.41 115.15
C LEU SA 70 -117.00 -55.95 116.55
N GLU SA 71 -115.77 -55.48 116.73
CA GLU SA 71 -115.32 -55.03 118.05
C GLU SA 71 -115.93 -53.66 118.35
N PRO SA 72 -116.78 -53.52 119.36
CA PRO SA 72 -117.50 -52.26 119.55
C PRO SA 72 -116.66 -51.13 120.10
N THR SA 73 -115.51 -51.42 120.71
CA THR SA 73 -114.78 -50.38 121.43
C THR SA 73 -114.14 -49.37 120.48
N VAL SA 74 -113.69 -49.82 119.32
CA VAL SA 74 -112.94 -48.94 118.42
C VAL SA 74 -113.89 -48.11 117.56
N VAL SA 75 -114.96 -48.71 117.05
CA VAL SA 75 -115.92 -47.95 116.27
C VAL SA 75 -116.60 -46.90 117.14
N ASP SA 76 -116.82 -47.21 118.42
CA ASP SA 76 -117.30 -46.21 119.35
C ASP SA 76 -116.25 -45.14 119.60
N GLU SA 77 -114.97 -45.52 119.59
CA GLU SA 77 -113.92 -44.54 119.78
C GLU SA 77 -113.93 -43.48 118.68
N VAL SA 78 -114.21 -43.90 117.45
CA VAL SA 78 -114.40 -42.92 116.39
C VAL SA 78 -115.68 -42.12 116.63
N ARG SA 79 -116.73 -42.78 117.11
CA ARG SA 79 -117.99 -42.10 117.38
C ARG SA 79 -117.81 -40.99 118.41
N THR SA 80 -116.86 -41.15 119.34
CA THR SA 80 -116.59 -40.10 120.31
C THR SA 80 -115.38 -39.25 119.95
N GLY SA 81 -114.54 -39.71 119.04
CA GLY SA 81 -113.40 -38.93 118.62
C GLY SA 81 -113.82 -37.66 117.90
N THR SA 82 -112.84 -36.77 117.70
CA THR SA 82 -113.13 -35.50 117.05
C THR SA 82 -113.68 -35.68 115.65
N TYR SA 83 -113.31 -36.77 114.98
CA TYR SA 83 -113.76 -37.01 113.62
C TYR SA 83 -115.04 -37.85 113.62
N ARG SA 84 -116.05 -37.29 114.28
CA ARG SA 84 -117.39 -37.86 114.30
C ARG SA 84 -118.37 -37.12 113.41
N GLN SA 85 -118.21 -35.80 113.28
CA GLN SA 85 -119.15 -35.01 112.49
C GLN SA 85 -119.14 -35.42 111.02
N LEU SA 86 -118.01 -35.96 110.54
CA LEU SA 86 -117.94 -36.39 109.15
C LEU SA 86 -118.89 -37.56 108.89
N PHE SA 87 -118.71 -38.65 109.61
CA PHE SA 87 -119.34 -39.91 109.24
C PHE SA 87 -120.81 -39.90 109.62
N HIS SA 88 -121.67 -40.11 108.63
CA HIS SA 88 -123.06 -40.41 108.92
C HIS SA 88 -123.09 -41.76 109.62
N PRO SA 89 -123.63 -41.85 110.83
CA PRO SA 89 -123.58 -43.12 111.58
C PRO SA 89 -124.11 -44.32 110.82
N GLU SA 90 -124.78 -44.10 109.69
CA GLU SA 90 -125.16 -45.21 108.83
C GLU SA 90 -123.94 -45.93 108.28
N GLN SA 91 -122.81 -45.21 108.11
CA GLN SA 91 -121.59 -45.84 107.63
C GLN SA 91 -120.92 -46.66 108.72
N LEU SA 92 -120.72 -46.05 109.89
CA LEU SA 92 -120.09 -46.75 111.00
C LEU SA 92 -120.94 -47.94 111.42
N ILE SA 93 -120.37 -49.13 111.34
CA ILE SA 93 -121.07 -50.37 111.65
C ILE SA 93 -120.33 -51.06 112.78
N SER SA 94 -121.07 -51.59 113.75
CA SER SA 94 -120.51 -52.32 114.86
C SER SA 94 -121.18 -53.68 114.98
N GLY SA 95 -120.74 -54.44 115.96
CA GLY SA 95 -121.35 -55.73 116.26
C GLY SA 95 -121.24 -56.00 117.74
N LYS SA 96 -122.13 -56.86 118.23
CA LYS SA 96 -122.14 -57.14 119.67
C LYS SA 96 -120.95 -57.99 120.08
N GLU SA 97 -120.41 -58.79 119.16
CA GLU SA 97 -119.36 -59.74 119.50
C GLU SA 97 -118.35 -59.82 118.35
N ASP SA 98 -117.09 -59.95 118.71
CA ASP SA 98 -116.01 -60.05 117.74
C ASP SA 98 -115.75 -61.51 117.36
N ALA SA 99 -115.05 -61.69 116.24
CA ALA SA 99 -114.73 -63.04 115.78
C ALA SA 99 -113.68 -63.72 116.63
N ALA SA 100 -112.94 -62.96 117.44
CA ALA SA 100 -112.01 -63.51 118.41
C ALA SA 100 -110.91 -64.33 117.73
N ASN SA 101 -110.37 -63.81 116.63
CA ASN SA 101 -109.24 -64.43 115.93
C ASN SA 101 -109.55 -65.83 115.43
N ASN SA 102 -110.82 -66.08 115.12
CA ASN SA 102 -111.25 -67.32 114.49
C ASN SA 102 -111.71 -66.99 113.08
N PHE SA 103 -111.13 -67.66 112.09
CA PHE SA 103 -111.56 -67.45 110.71
C PHE SA 103 -113.03 -67.83 110.53
N ALA SA 104 -113.40 -69.02 111.03
CA ALA SA 104 -114.77 -69.49 110.86
C ALA SA 104 -115.76 -68.60 111.60
N ARG SA 105 -115.36 -68.06 112.74
CA ARG SA 105 -116.25 -67.16 113.47
C ARG SA 105 -116.53 -65.89 112.66
N GLY SA 106 -115.50 -65.36 111.99
CA GLY SA 106 -115.70 -64.19 111.16
C GLY SA 106 -116.27 -64.48 109.79
N HIS SA 107 -115.98 -65.67 109.25
CA HIS SA 107 -116.42 -66.02 107.91
C HIS SA 107 -117.70 -66.85 107.89
N TYR SA 108 -117.86 -67.77 108.83
CA TYR SA 108 -119.00 -68.67 108.83
C TYR SA 108 -120.07 -68.29 109.84
N THR SA 109 -119.66 -67.95 111.07
CA THR SA 109 -120.61 -67.79 112.16
C THR SA 109 -121.29 -66.42 112.17
N ILE SA 110 -120.50 -65.35 112.26
CA ILE SA 110 -121.02 -64.04 112.60
C ILE SA 110 -121.08 -63.13 111.38
N GLY SA 111 -120.12 -63.29 110.47
CA GLY SA 111 -120.05 -62.41 109.33
C GLY SA 111 -121.29 -62.44 108.46
N LYS SA 112 -121.91 -63.62 108.33
CA LYS SA 112 -123.01 -63.80 107.41
C LYS SA 112 -124.23 -62.97 107.77
N GLU SA 113 -124.36 -62.57 109.04
CA GLU SA 113 -125.56 -61.89 109.50
C GLU SA 113 -125.51 -60.39 109.35
N ILE SA 114 -124.35 -59.82 109.02
CA ILE SA 114 -124.22 -58.38 108.85
C ILE SA 114 -123.81 -57.99 107.43
N VAL SA 115 -123.37 -58.94 106.61
CA VAL SA 115 -122.95 -58.61 105.24
C VAL SA 115 -124.09 -57.94 104.49
N ASP SA 116 -125.30 -58.51 104.58
CA ASP SA 116 -126.44 -57.94 103.88
C ASP SA 116 -126.63 -56.46 104.24
N LEU SA 117 -126.34 -56.09 105.49
CA LEU SA 117 -126.33 -54.68 105.86
C LEU SA 117 -125.19 -53.95 105.15
N ALA SA 118 -123.99 -54.54 105.15
CA ALA SA 118 -122.85 -53.90 104.52
C ALA SA 118 -123.10 -53.68 103.03
N LEU SA 119 -123.58 -54.70 102.32
CA LEU SA 119 -123.85 -54.55 100.90
C LEU SA 119 -124.88 -53.46 100.65
N ASP SA 120 -125.92 -53.39 101.49
CA ASP SA 120 -126.94 -52.36 101.29
C ASP SA 120 -126.34 -50.97 101.45
N ARG SA 121 -125.43 -50.80 102.41
CA ARG SA 121 -124.68 -49.55 102.48
C ARG SA 121 -123.83 -49.37 101.22
N ILE SA 122 -123.19 -50.44 100.77
CA ILE SA 122 -122.40 -50.38 99.55
C ILE SA 122 -123.30 -50.00 98.37
N ARG SA 123 -124.44 -50.66 98.23
CA ARG SA 123 -125.38 -50.30 97.17
C ARG SA 123 -125.84 -48.86 97.32
N LYS SA 124 -126.22 -48.46 98.54
CA LYS SA 124 -126.61 -47.08 98.79
C LYS SA 124 -125.46 -46.11 98.56
N LEU SA 125 -124.21 -46.59 98.63
CA LEU SA 125 -123.08 -45.72 98.42
C LEU SA 125 -122.61 -45.70 96.98
N ALA SA 126 -122.78 -46.81 96.26
CA ALA SA 126 -122.33 -46.86 94.87
C ALA SA 126 -123.26 -46.12 93.94
N ASP SA 127 -124.57 -46.10 94.22
CA ASP SA 127 -125.51 -45.45 93.31
C ASP SA 127 -125.28 -43.95 93.23
N ASN SA 128 -124.63 -43.36 94.23
CA ASN SA 128 -124.30 -41.94 94.16
C ASN SA 128 -123.10 -41.69 93.27
N CYS SA 129 -122.13 -42.60 93.25
CA CYS SA 129 -120.95 -42.42 92.42
C CYS SA 129 -121.31 -42.61 90.95
N THR SA 130 -120.90 -41.64 90.13
CA THR SA 130 -121.19 -41.74 88.70
C THR SA 130 -120.26 -42.75 88.03
N GLY SA 131 -118.96 -42.49 88.07
CA GLY SA 131 -117.99 -43.44 87.54
C GLY SA 131 -117.15 -44.08 88.62
N LEU SA 132 -117.49 -45.30 89.01
CA LEU SA 132 -116.78 -45.97 90.09
C LEU SA 132 -115.46 -46.53 89.56
N GLN SA 133 -114.35 -46.05 90.14
CA GLN SA 133 -113.04 -46.52 89.70
C GLN SA 133 -112.69 -47.87 90.31
N GLY SA 134 -113.08 -48.10 91.56
CA GLY SA 134 -112.78 -49.35 92.22
C GLY SA 134 -112.90 -49.22 93.71
N PHE SA 135 -112.81 -50.37 94.38
CA PHE SA 135 -112.90 -50.45 95.82
C PHE SA 135 -111.52 -50.48 96.44
N LEU SA 136 -111.41 -49.92 97.65
CA LEU SA 136 -110.13 -49.75 98.35
C LEU SA 136 -110.27 -50.40 99.72
N VAL SA 137 -109.86 -51.66 99.82
CA VAL SA 137 -110.10 -52.48 101.00
C VAL SA 137 -108.88 -52.44 101.90
N PHE SA 138 -109.09 -52.19 103.18
CA PHE SA 138 -108.03 -52.12 104.19
C PHE SA 138 -108.20 -53.31 105.12
N ASN SA 139 -107.51 -54.41 104.80
CA ASN SA 139 -107.64 -55.64 105.55
C ASN SA 139 -106.39 -55.86 106.40
N ALA SA 140 -106.54 -56.68 107.44
CA ALA SA 140 -105.45 -57.03 108.34
C ALA SA 140 -105.41 -58.54 108.44
N VAL SA 141 -104.70 -59.17 107.52
CA VAL SA 141 -104.61 -60.63 107.48
C VAL SA 141 -103.85 -61.13 108.70
N GLY SA 142 -104.49 -61.99 109.48
CA GLY SA 142 -103.88 -62.52 110.67
C GLY SA 142 -104.80 -62.54 111.88
N GLY SA 143 -106.07 -62.19 111.66
CA GLY SA 143 -107.05 -62.18 112.73
C GLY SA 143 -108.38 -62.72 112.26
N GLY SA 144 -109.36 -62.67 113.16
CA GLY SA 144 -110.68 -63.20 112.87
C GLY SA 144 -111.50 -62.31 111.95
N THR SA 145 -111.73 -61.07 112.39
CA THR SA 145 -112.54 -60.15 111.59
C THR SA 145 -111.92 -59.92 110.21
N GLY SA 146 -110.65 -59.56 110.18
CA GLY SA 146 -109.96 -59.27 108.94
C GLY SA 146 -109.99 -60.39 107.93
N SER SA 147 -109.49 -61.57 108.31
CA SER SA 147 -109.43 -62.69 107.37
C SER SA 147 -110.81 -63.25 107.07
N GLY SA 148 -111.66 -63.33 108.08
CA GLY SA 148 -112.98 -63.91 107.89
C GLY SA 148 -113.93 -63.04 107.10
N LEU SA 149 -114.20 -61.84 107.62
CA LEU SA 149 -115.22 -60.98 107.02
C LEU SA 149 -114.80 -60.50 105.64
N GLY SA 150 -113.59 -59.94 105.54
CA GLY SA 150 -113.14 -59.38 104.27
C GLY SA 150 -113.25 -60.37 103.13
N SER SA 151 -112.72 -61.58 103.32
CA SER SA 151 -112.85 -62.63 102.33
C SER SA 151 -114.31 -62.84 101.95
N LEU SA 152 -115.16 -63.00 102.96
CA LEU SA 152 -116.59 -63.18 102.72
C LEU SA 152 -117.15 -62.02 101.90
N LEU SA 153 -116.72 -60.79 102.17
CA LEU SA 153 -117.21 -59.65 101.42
C LEU SA 153 -116.79 -59.73 99.96
N LEU SA 154 -115.50 -59.95 99.71
CA LEU SA 154 -115.00 -59.98 98.34
C LEU SA 154 -115.75 -61.02 97.50
N GLU SA 155 -116.12 -62.14 98.11
CA GLU SA 155 -116.94 -63.12 97.40
C GLU SA 155 -118.29 -62.51 97.00
N ARG SA 156 -118.95 -61.84 97.95
CA ARG SA 156 -120.18 -61.14 97.63
C ARG SA 156 -119.94 -60.03 96.62
N LEU SA 157 -118.81 -59.34 96.74
CA LEU SA 157 -118.53 -58.23 95.84
C LEU SA 157 -118.25 -58.73 94.43
N SER SA 158 -117.62 -59.89 94.30
CA SER SA 158 -117.31 -60.42 92.98
C SER SA 158 -118.57 -60.87 92.25
N VAL SA 159 -119.51 -61.50 92.96
CA VAL SA 159 -120.73 -61.95 92.32
C VAL SA 159 -121.69 -60.79 92.05
N ASP SA 160 -121.46 -59.63 92.66
CA ASP SA 160 -122.29 -58.47 92.39
C ASP SA 160 -121.84 -57.74 91.13
N TYR SA 161 -120.59 -57.25 91.13
CA TYR SA 161 -120.07 -56.47 90.03
C TYR SA 161 -119.21 -57.31 89.08
N GLY SA 162 -118.13 -57.89 89.59
CA GLY SA 162 -117.25 -58.68 88.76
C GLY SA 162 -116.42 -57.81 87.83
N LYS SA 163 -117.10 -57.02 87.00
CA LYS SA 163 -116.42 -56.10 86.10
C LYS SA 163 -115.60 -55.08 86.87
N LYS SA 164 -116.02 -54.74 88.09
CA LYS SA 164 -115.30 -53.76 88.88
C LYS SA 164 -114.03 -54.38 89.48
N SER SA 165 -113.02 -53.54 89.66
CA SER SA 165 -111.74 -53.98 90.18
C SER SA 165 -111.68 -53.73 91.69
N LYS SA 166 -111.29 -54.75 92.43
CA LYS SA 166 -111.15 -54.66 93.88
C LYS SA 166 -109.67 -54.55 94.23
N LEU SA 167 -109.34 -53.60 95.09
CA LEU SA 167 -107.96 -53.30 95.45
C LEU SA 167 -107.80 -53.38 96.95
N GLY SA 168 -106.77 -54.09 97.40
CA GLY SA 168 -106.63 -54.36 98.82
C GLY SA 168 -105.27 -54.10 99.40
N PHE SA 169 -105.25 -53.33 100.49
CA PHE SA 169 -104.03 -53.07 101.26
C PHE SA 169 -104.10 -53.90 102.53
N THR SA 170 -103.50 -55.09 102.50
CA THR SA 170 -103.64 -56.07 103.55
C THR SA 170 -102.32 -56.21 104.28
N VAL SA 171 -102.32 -55.92 105.59
CA VAL SA 171 -101.15 -56.16 106.41
C VAL SA 171 -100.89 -57.67 106.48
N TYR SA 172 -99.67 -58.05 106.34
CA TYR SA 172 -99.35 -59.46 106.39
C TYR SA 172 -98.72 -59.82 107.73
N PRO SA 173 -98.85 -61.07 108.17
CA PRO SA 173 -98.16 -61.51 109.40
C PRO SA 173 -96.65 -61.52 109.19
N SER SA 174 -95.95 -60.85 110.09
CA SER SA 174 -94.50 -60.75 110.00
C SER SA 174 -93.85 -62.11 110.29
N PRO SA 175 -92.68 -62.36 109.71
CA PRO SA 175 -91.96 -63.60 110.02
C PRO SA 175 -91.58 -63.70 111.49
N GLN SA 176 -90.86 -62.70 112.00
CA GLN SA 176 -90.32 -62.77 113.36
C GLN SA 176 -91.30 -62.22 114.39
N VAL SA 177 -91.68 -60.95 114.26
CA VAL SA 177 -92.64 -60.38 115.19
C VAL SA 177 -94.03 -60.90 114.88
N SER SA 178 -94.78 -61.22 115.93
CA SER SA 178 -96.15 -61.70 115.76
C SER SA 178 -96.91 -61.48 117.05
N THR SA 179 -98.07 -60.83 116.95
CA THR SA 179 -98.93 -60.60 118.09
C THR SA 179 -99.95 -61.70 118.30
N ALA SA 180 -100.06 -62.62 117.35
CA ALA SA 180 -101.00 -63.72 117.43
C ALA SA 180 -100.26 -65.05 117.37
N VAL SA 181 -100.95 -66.10 117.81
CA VAL SA 181 -100.43 -67.45 117.73
C VAL SA 181 -101.12 -68.27 116.65
N VAL SA 182 -102.41 -68.04 116.42
CA VAL SA 182 -103.19 -68.82 115.46
C VAL SA 182 -103.21 -68.16 114.08
N GLU SA 183 -102.47 -67.07 113.90
CA GLU SA 183 -102.50 -66.30 112.67
C GLU SA 183 -101.99 -67.06 111.44
N PRO SA 184 -101.10 -68.05 111.56
CA PRO SA 184 -100.80 -68.87 110.37
C PRO SA 184 -102.03 -69.55 109.80
N TYR SA 185 -102.93 -70.01 110.65
CA TYR SA 185 -104.12 -70.73 110.18
C TYR SA 185 -105.01 -69.82 109.35
N ASN SA 186 -105.53 -68.75 109.97
CA ASN SA 186 -106.51 -67.91 109.28
C ASN SA 186 -105.92 -67.23 108.06
N SER SA 187 -104.66 -66.83 108.15
CA SER SA 187 -104.01 -66.19 107.00
C SER SA 187 -104.09 -67.07 105.77
N VAL SA 188 -103.72 -68.34 105.90
CA VAL SA 188 -103.83 -69.28 104.79
C VAL SA 188 -105.25 -69.30 104.25
N LEU SA 189 -106.23 -69.34 105.16
CA LEU SA 189 -107.62 -69.40 104.74
C LEU SA 189 -108.05 -68.13 104.02
N SER SA 190 -107.48 -66.98 104.40
CA SER SA 190 -107.82 -65.74 103.70
C SER SA 190 -107.22 -65.72 102.30
N THR SA 191 -105.92 -66.02 102.20
CA THR SA 191 -105.21 -65.96 100.93
C THR SA 191 -105.96 -66.68 99.82
N HIS SA 192 -106.35 -67.93 100.08
CA HIS SA 192 -107.12 -68.68 99.09
C HIS SA 192 -108.44 -67.98 98.78
N SER SA 193 -109.24 -67.72 99.81
CA SER SA 193 -110.58 -67.17 99.60
C SER SA 193 -110.54 -65.80 98.92
N LEU SA 194 -109.44 -65.06 99.04
CA LEU SA 194 -109.34 -63.76 98.40
C LEU SA 194 -108.73 -63.83 97.00
N LEU SA 195 -107.95 -64.87 96.72
CA LEU SA 195 -107.14 -64.90 95.51
C LEU SA 195 -108.00 -64.76 94.26
N GLU SA 196 -109.00 -65.62 94.10
CA GLU SA 196 -109.83 -65.59 92.91
C GLU SA 196 -110.80 -64.41 92.89
N HIS SA 197 -110.83 -63.59 93.93
CA HIS SA 197 -111.78 -62.49 94.02
C HIS SA 197 -111.15 -61.13 93.80
N THR SA 198 -110.09 -60.81 94.54
CA THR SA 198 -109.40 -59.55 94.30
C THR SA 198 -108.76 -59.56 92.93
N ASP SA 199 -108.63 -58.37 92.35
CA ASP SA 199 -107.93 -58.23 91.08
C ASP SA 199 -106.47 -57.86 91.30
N VAL SA 200 -106.21 -57.05 92.31
CA VAL SA 200 -104.85 -56.66 92.71
C VAL SA 200 -104.79 -56.72 94.23
N ALA SA 201 -103.63 -57.13 94.75
CA ALA SA 201 -103.46 -57.24 96.20
C ALA SA 201 -102.12 -56.64 96.58
N VAL SA 202 -102.15 -55.51 97.29
CA VAL SA 202 -100.95 -54.88 97.81
C VAL SA 202 -100.78 -55.31 99.26
N MET SA 203 -99.62 -55.87 99.58
CA MET SA 203 -99.34 -56.34 100.92
C MET SA 203 -98.20 -55.54 101.53
N LEU SA 204 -98.19 -55.47 102.85
CA LEU SA 204 -97.11 -54.83 103.59
C LEU SA 204 -97.11 -55.40 104.99
N ASP SA 205 -95.99 -55.21 105.68
CA ASP SA 205 -95.85 -55.70 107.04
C ASP SA 205 -95.48 -54.56 107.96
N ASN SA 206 -95.74 -54.75 109.26
CA ASN SA 206 -95.43 -53.73 110.25
C ASN SA 206 -93.97 -53.75 110.65
N GLU SA 207 -93.38 -54.94 110.78
CA GLU SA 207 -91.99 -55.04 111.23
C GLU SA 207 -91.05 -54.29 110.30
N ALA SA 208 -91.24 -54.43 108.98
CA ALA SA 208 -90.43 -53.68 108.04
C ALA SA 208 -90.53 -52.18 108.29
N ILE SA 209 -91.73 -51.70 108.60
CA ILE SA 209 -91.95 -50.28 108.80
C ILE SA 209 -91.42 -49.83 110.15
N TYR SA 210 -91.23 -50.77 111.08
CA TYR SA 210 -90.55 -50.43 112.32
C TYR SA 210 -89.11 -50.04 112.07
N ASP SA 211 -88.45 -50.73 111.14
CA ASP SA 211 -87.08 -50.38 110.79
C ASP SA 211 -87.03 -49.05 110.04
N ILE SA 212 -87.98 -48.85 109.11
CA ILE SA 212 -88.06 -47.57 108.41
C ILE SA 212 -88.22 -46.45 109.43
N CYS SA 213 -88.88 -46.73 110.55
CA CYS SA 213 -89.03 -45.73 111.59
C CYS SA 213 -87.76 -45.59 112.42
N ARG SA 214 -86.81 -46.52 112.28
CA ARG SA 214 -85.57 -46.48 113.04
C ARG SA 214 -84.43 -45.82 112.25
N ARG SA 215 -84.11 -46.37 111.09
CA ARG SA 215 -82.99 -45.84 110.31
C ARG SA 215 -83.24 -44.41 109.86
N SER SA 216 -84.38 -44.17 109.20
CA SER SA 216 -84.61 -42.89 108.56
C SER SA 216 -85.21 -41.87 109.55
N LEU SA 217 -86.39 -42.18 110.08
CA LEU SA 217 -87.07 -41.24 110.97
C LEU SA 217 -86.45 -41.19 112.36
N ASP SA 218 -85.45 -42.02 112.63
CA ASP SA 218 -84.73 -42.10 113.90
C ASP SA 218 -85.64 -42.00 115.12
N ILE SA 219 -86.85 -42.54 115.03
CA ILE SA 219 -87.78 -42.55 116.16
C ILE SA 219 -87.55 -43.82 116.95
N GLU SA 220 -87.17 -43.67 118.22
CA GLU SA 220 -86.97 -44.79 119.11
C GLU SA 220 -88.26 -45.26 119.77
N ARG SA 221 -89.34 -44.50 119.64
CA ARG SA 221 -90.64 -44.85 120.21
C ARG SA 221 -91.68 -44.94 119.10
N PRO SA 222 -91.63 -45.98 118.29
CA PRO SA 222 -92.64 -46.17 117.25
C PRO SA 222 -93.82 -46.97 117.76
N THR SA 223 -95.01 -46.53 117.35
CA THR SA 223 -96.24 -47.20 117.75
C THR SA 223 -97.17 -47.28 116.55
N TYR SA 224 -98.38 -47.77 116.79
CA TYR SA 224 -99.27 -48.12 115.69
C TYR SA 224 -99.70 -46.90 114.89
N THR SA 225 -99.83 -45.74 115.54
CA THR SA 225 -100.28 -44.56 114.82
C THR SA 225 -99.26 -44.15 113.76
N ASN SA 226 -97.97 -44.25 114.08
CA ASN SA 226 -96.94 -43.83 113.12
C ASN SA 226 -97.00 -44.66 111.86
N LEU SA 227 -97.11 -45.99 112.01
CA LEU SA 227 -97.23 -46.84 110.83
C LEU SA 227 -98.41 -46.41 109.98
N ASN SA 228 -99.54 -46.13 110.63
CA ASN SA 228 -100.75 -45.74 109.90
C ASN SA 228 -100.53 -44.44 109.13
N ARG SA 229 -99.72 -43.53 109.67
CA ARG SA 229 -99.38 -42.32 108.93
C ARG SA 229 -98.68 -42.65 107.63
N LEU SA 230 -97.74 -43.60 107.67
CA LEU SA 230 -96.99 -43.93 106.46
C LEU SA 230 -97.88 -44.58 105.42
N ILE SA 231 -98.80 -45.45 105.85
CA ILE SA 231 -99.74 -46.04 104.90
C ILE SA 231 -100.57 -44.96 104.23
N ALA SA 232 -101.06 -44.00 105.01
CA ALA SA 232 -101.86 -42.93 104.44
C ALA SA 232 -101.05 -42.09 103.46
N GLN SA 233 -99.77 -41.85 103.77
CA GLN SA 233 -98.91 -41.13 102.85
C GLN SA 233 -98.79 -41.87 101.53
N VAL SA 234 -98.71 -43.20 101.58
CA VAL SA 234 -98.63 -44.00 100.36
C VAL SA 234 -99.84 -43.77 99.48
N ILE SA 235 -101.03 -43.92 100.06
CA ILE SA 235 -102.26 -43.93 99.27
C ILE SA 235 -102.56 -42.54 98.72
N SER SA 236 -102.20 -41.49 99.46
CA SER SA 236 -102.29 -40.15 98.92
C SER SA 236 -101.42 -40.03 97.67
N SER SA 237 -100.23 -40.61 97.70
CA SER SA 237 -99.39 -40.64 96.51
C SER SA 237 -99.97 -41.53 95.42
N LEU SA 238 -100.85 -42.46 95.75
CA LEU SA 238 -101.48 -43.28 94.74
C LEU SA 238 -102.64 -42.54 94.08
N THR SA 239 -103.58 -42.07 94.90
CA THR SA 239 -104.79 -41.46 94.40
C THR SA 239 -104.59 -40.04 93.88
N ALA SA 240 -103.40 -39.47 94.03
CA ALA SA 240 -103.18 -38.10 93.58
C ALA SA 240 -103.50 -37.95 92.09
N SER SA 241 -103.12 -38.93 91.28
CA SER SA 241 -103.42 -38.87 89.86
C SER SA 241 -104.92 -38.96 89.59
N LEU SA 242 -105.69 -39.52 90.52
CA LEU SA 242 -107.14 -39.54 90.37
C LEU SA 242 -107.74 -38.18 90.69
N ARG SA 243 -107.18 -37.48 91.69
CA ARG SA 243 -107.80 -36.28 92.22
C ARG SA 243 -106.90 -35.06 92.11
N PHE SA 244 -105.96 -35.06 91.18
CA PHE SA 244 -105.14 -33.88 90.93
C PHE SA 244 -104.71 -33.89 89.47
N ASP SA 245 -103.78 -33.01 89.12
CA ASP SA 245 -103.29 -32.88 87.76
C ASP SA 245 -101.79 -33.15 87.73
N GLY SA 246 -101.18 -32.90 86.58
CA GLY SA 246 -99.78 -33.16 86.36
C GLY SA 246 -99.55 -34.07 85.17
N ALA SA 247 -98.29 -34.10 84.75
CA ALA SA 247 -97.94 -34.94 83.63
C ALA SA 247 -98.02 -36.41 84.02
N LEU SA 248 -98.44 -37.24 83.06
CA LEU SA 248 -98.52 -38.69 83.23
C LEU SA 248 -99.47 -39.06 84.37
N ASN SA 249 -100.73 -38.70 84.20
CA ASN SA 249 -101.76 -39.14 85.13
C ASN SA 249 -101.96 -40.65 85.00
N VAL SA 250 -102.39 -41.27 86.09
CA VAL SA 250 -102.58 -42.72 86.13
C VAL SA 250 -103.87 -43.03 86.90
N ASP SA 251 -104.71 -43.88 86.30
CA ASP SA 251 -105.90 -44.38 86.96
C ASP SA 251 -105.77 -45.88 87.15
N ILE SA 252 -106.68 -46.44 87.94
CA ILE SA 252 -106.63 -47.88 88.24
C ILE SA 252 -106.68 -48.70 86.97
N THR SA 253 -107.55 -48.31 86.04
CA THR SA 253 -107.67 -49.05 84.78
C THR SA 253 -106.35 -49.05 84.03
N GLU SA 254 -105.67 -47.90 83.98
CA GLU SA 254 -104.33 -47.83 83.40
C GLU SA 254 -103.27 -48.35 84.36
N PHE SA 255 -103.60 -48.45 85.65
CA PHE SA 255 -102.65 -48.96 86.63
C PHE SA 255 -102.55 -50.47 86.58
N GLN SA 256 -103.68 -51.14 86.74
CA GLN SA 256 -103.67 -52.58 86.97
C GLN SA 256 -103.14 -53.36 85.77
N THR SA 257 -103.61 -53.03 84.57
CA THR SA 257 -103.28 -53.84 83.40
C THR SA 257 -101.78 -53.91 83.17
N ASN SA 258 -101.08 -52.79 83.36
CA ASN SA 258 -99.64 -52.77 83.15
C ASN SA 258 -98.85 -53.20 84.38
N LEU SA 259 -99.47 -53.93 85.32
CA LEU SA 259 -98.75 -54.40 86.49
C LEU SA 259 -98.99 -55.86 86.84
N VAL SA 260 -100.09 -56.48 86.41
CA VAL SA 260 -100.38 -57.86 86.76
C VAL SA 260 -100.27 -58.73 85.52
N PRO SA 261 -99.14 -59.41 85.31
CA PRO SA 261 -98.96 -60.20 84.09
C PRO SA 261 -99.91 -61.36 83.96
N TYR SA 262 -99.94 -62.22 84.96
CA TYR SA 262 -100.82 -63.38 84.96
C TYR SA 262 -101.93 -63.20 85.98
N PRO SA 263 -103.13 -63.72 85.70
CA PRO SA 263 -104.27 -63.48 86.60
C PRO SA 263 -104.04 -63.86 88.05
N ARG SA 264 -103.04 -64.70 88.30
CA ARG SA 264 -102.79 -65.18 89.66
C ARG SA 264 -101.80 -64.30 90.40
N ILE SA 265 -100.65 -64.01 89.78
CA ILE SA 265 -99.60 -63.23 90.46
C ILE SA 265 -100.04 -61.78 90.56
N HIS SA 266 -100.57 -61.40 91.73
CA HIS SA 266 -101.00 -60.02 91.92
C HIS SA 266 -100.65 -59.48 93.30
N PHE SA 267 -99.64 -60.02 93.97
CA PHE SA 267 -99.20 -59.52 95.26
C PHE SA 267 -97.94 -58.68 95.06
N MET SA 268 -98.01 -57.40 95.42
CA MET SA 268 -96.93 -56.46 95.16
C MET SA 268 -96.35 -55.91 96.46
N LEU SA 269 -95.07 -55.57 96.40
CA LEU SA 269 -94.39 -54.89 97.49
C LEU SA 269 -94.71 -53.39 97.45
N SER SA 270 -94.15 -52.65 98.40
CA SER SA 270 -94.41 -51.23 98.50
C SER SA 270 -93.22 -50.54 99.15
N SER SA 271 -93.07 -49.25 98.84
CA SER SA 271 -91.99 -48.45 99.39
C SER SA 271 -92.29 -46.98 99.15
N TYR SA 272 -91.75 -46.13 100.01
CA TYR SA 272 -91.99 -44.69 99.93
C TYR SA 272 -90.70 -43.96 100.23
N ALA SA 273 -90.50 -42.84 99.54
CA ALA SA 273 -89.27 -42.06 99.70
C ALA SA 273 -89.54 -40.65 99.20
N PRO SA 274 -88.92 -39.63 99.81
CA PRO SA 274 -88.03 -39.76 100.95
C PRO SA 274 -88.83 -39.85 102.24
N ILE SA 275 -88.16 -40.24 103.32
CA ILE SA 275 -88.78 -40.31 104.63
C ILE SA 275 -87.74 -39.85 105.64
N ILE SA 276 -87.91 -38.65 106.18
CA ILE SA 276 -86.91 -38.01 107.02
C ILE SA 276 -87.60 -37.15 108.06
N SER SA 277 -86.83 -36.73 109.06
CA SER SA 277 -87.28 -35.74 110.01
C SER SA 277 -87.14 -34.36 109.39
N ALA SA 278 -87.29 -33.31 110.20
CA ALA SA 278 -87.17 -31.96 109.67
C ALA SA 278 -85.71 -31.57 109.45
N GLU SA 279 -84.84 -31.88 110.40
CA GLU SA 279 -83.46 -31.41 110.31
C GLU SA 279 -82.72 -32.05 109.14
N LYS SA 280 -82.94 -33.34 108.88
CA LYS SA 280 -82.28 -33.96 107.74
C LYS SA 280 -82.72 -33.33 106.42
N ALA SA 281 -83.92 -32.79 106.37
CA ALA SA 281 -84.32 -32.03 105.18
C ALA SA 281 -83.47 -30.78 105.01
N TYR SA 282 -82.83 -30.33 106.09
CA TYR SA 282 -81.99 -29.14 105.99
C TYR SA 282 -80.60 -29.48 105.47
N HIS SA 283 -80.10 -30.68 105.74
CA HIS SA 283 -78.85 -31.15 105.12
C HIS SA 283 -79.12 -32.00 103.90
N GLU SA 284 -79.98 -31.54 102.99
CA GLU SA 284 -80.31 -32.34 101.81
C GLU SA 284 -80.79 -31.44 100.69
N GLN SA 285 -80.64 -31.94 99.47
CA GLN SA 285 -81.24 -31.34 98.28
C GLN SA 285 -82.33 -32.20 97.67
N LEU SA 286 -82.26 -33.51 97.86
CA LEU SA 286 -83.32 -34.43 97.48
C LEU SA 286 -83.63 -34.35 95.99
N SER SA 287 -82.57 -34.46 95.19
CA SER SA 287 -82.78 -34.60 93.76
C SER SA 287 -83.64 -35.83 93.50
N VAL SA 288 -84.40 -35.80 92.40
CA VAL SA 288 -85.17 -36.97 92.02
C VAL SA 288 -84.25 -38.18 91.90
N ALA SA 289 -83.08 -37.99 91.30
CA ALA SA 289 -82.11 -39.06 91.13
C ALA SA 289 -81.66 -39.60 92.48
N GLU SA 290 -81.77 -38.78 93.53
CA GLU SA 290 -81.47 -39.24 94.87
C GLU SA 290 -82.63 -40.01 95.49
N ILE SA 291 -83.87 -39.66 95.15
CA ILE SA 291 -85.00 -40.35 95.74
C ILE SA 291 -85.22 -41.70 95.07
N THR SA 292 -85.07 -41.77 93.73
CA THR SA 292 -85.27 -43.05 93.05
C THR SA 292 -84.39 -44.14 93.62
N ASN SA 293 -83.15 -43.80 93.99
CA ASN SA 293 -82.27 -44.78 94.60
C ASN SA 293 -82.83 -45.28 95.93
N ALA SA 294 -83.30 -44.36 96.77
CA ALA SA 294 -83.92 -44.75 98.02
C ALA SA 294 -85.20 -45.54 97.79
N ALA SA 295 -85.87 -45.32 96.66
CA ALA SA 295 -87.07 -46.08 96.35
C ALA SA 295 -86.73 -47.53 96.05
N PHE SA 296 -85.86 -47.77 95.07
CA PHE SA 296 -85.46 -49.11 94.69
C PHE SA 296 -84.48 -49.74 95.68
N GLU SA 297 -84.25 -49.10 96.81
CA GLU SA 297 -83.47 -49.73 97.86
C GLU SA 297 -84.30 -50.83 98.52
N PRO SA 298 -83.78 -52.05 98.63
CA PRO SA 298 -84.53 -53.12 99.32
C PRO SA 298 -84.79 -52.83 100.80
N ALA SA 299 -83.95 -52.03 101.46
CA ALA SA 299 -84.21 -51.73 102.87
C ALA SA 299 -85.40 -50.81 103.05
N SER SA 300 -85.78 -50.04 102.02
CA SER SA 300 -86.91 -49.13 102.13
C SER SA 300 -88.25 -49.80 101.89
N MET SA 301 -88.28 -51.11 101.64
CA MET SA 301 -89.54 -51.79 101.38
C MET SA 301 -90.41 -51.79 102.64
N MET SA 302 -91.71 -51.92 102.43
CA MET SA 302 -92.66 -52.07 103.52
C MET SA 302 -92.90 -53.52 103.88
N VAL SA 303 -92.15 -54.44 103.28
CA VAL SA 303 -92.31 -55.88 103.51
C VAL SA 303 -90.94 -56.45 103.84
N LYS SA 304 -90.92 -57.51 104.62
CA LYS SA 304 -89.67 -58.20 104.92
C LYS SA 304 -89.33 -59.24 103.85
N CYS SA 305 -89.35 -58.80 102.60
CA CYS SA 305 -88.96 -59.61 101.46
C CYS SA 305 -87.78 -58.97 100.76
N ASP SA 306 -86.78 -59.77 100.40
CA ASP SA 306 -85.61 -59.24 99.73
C ASP SA 306 -85.79 -59.36 98.23
N PRO SA 307 -85.98 -58.26 97.51
CA PRO SA 307 -86.15 -58.38 96.05
C PRO SA 307 -84.90 -58.80 95.33
N ARG SA 308 -83.72 -58.65 95.93
CA ARG SA 308 -82.48 -59.09 95.31
C ARG SA 308 -82.36 -60.59 95.24
N HIS SA 309 -83.38 -61.33 95.65
CA HIS SA 309 -83.45 -62.77 95.45
C HIS SA 309 -84.45 -63.15 94.37
N GLY SA 310 -84.94 -62.17 93.60
CA GLY SA 310 -85.83 -62.45 92.50
C GLY SA 310 -85.65 -61.47 91.36
N LYS SA 311 -86.60 -61.45 90.43
CA LYS SA 311 -86.60 -60.51 89.33
C LYS SA 311 -87.73 -59.52 89.52
N TYR SA 312 -87.70 -58.46 88.73
CA TYR SA 312 -88.73 -57.44 88.74
C TYR SA 312 -89.62 -57.65 87.51
N MET SA 313 -90.81 -58.19 87.72
CA MET SA 313 -91.73 -58.35 86.59
C MET SA 313 -92.25 -57.01 86.12
N ALA SA 314 -92.40 -56.04 87.03
CA ALA SA 314 -92.83 -54.69 86.67
C ALA SA 314 -92.71 -53.81 87.90
N CYS SA 315 -92.61 -52.51 87.65
CA CYS SA 315 -92.56 -51.51 88.71
C CYS SA 315 -93.31 -50.27 88.24
N CYS SA 316 -94.14 -49.72 89.12
CA CYS SA 316 -94.89 -48.50 88.82
C CYS SA 316 -94.47 -47.42 89.80
N LEU SA 317 -93.89 -46.34 89.26
CA LEU SA 317 -93.35 -45.25 90.06
C LEU SA 317 -94.28 -44.06 89.98
N MET SA 318 -94.58 -43.46 91.13
CA MET SA 318 -95.44 -42.29 91.21
C MET SA 318 -94.69 -41.22 91.99
N TYR SA 319 -94.19 -40.22 91.29
CA TYR SA 319 -93.52 -39.15 92.00
C TYR SA 319 -94.54 -38.10 92.39
N ARG SA 320 -94.09 -37.09 93.13
CA ARG SA 320 -95.01 -36.14 93.69
C ARG SA 320 -94.27 -34.85 93.98
N GLY SA 321 -94.87 -33.73 93.63
CA GLY SA 321 -94.24 -32.44 93.85
C GLY SA 321 -93.54 -31.91 92.62
N ASP SA 322 -92.37 -31.31 92.81
CA ASP SA 322 -91.61 -30.70 91.72
C ASP SA 322 -90.74 -31.76 91.08
N VAL SA 323 -91.23 -32.35 89.98
CA VAL SA 323 -90.47 -33.32 89.20
C VAL SA 323 -90.77 -33.08 87.73
N VAL SA 324 -89.73 -33.07 86.90
CA VAL SA 324 -89.91 -32.91 85.46
C VAL SA 324 -89.65 -34.25 84.78
N PRO SA 325 -90.33 -34.56 83.68
CA PRO SA 325 -90.24 -35.91 83.12
C PRO SA 325 -88.86 -36.30 82.63
N LYS SA 326 -88.03 -35.33 82.23
CA LYS SA 326 -86.69 -35.68 81.77
C LYS SA 326 -85.87 -36.36 82.87
N ASP SA 327 -85.91 -35.80 84.08
CA ASP SA 327 -85.13 -36.39 85.16
C ASP SA 327 -85.64 -37.78 85.51
N VAL SA 328 -86.92 -38.04 85.28
CA VAL SA 328 -87.45 -39.40 85.42
C VAL SA 328 -86.82 -40.31 84.37
N ASN SA 329 -86.95 -39.93 83.10
CA ASN SA 329 -86.30 -40.69 82.02
C ASN SA 329 -84.81 -40.83 82.26
N ALA SA 330 -84.21 -39.89 82.99
CA ALA SA 330 -82.79 -39.98 83.31
C ALA SA 330 -82.53 -40.93 84.46
N SER SA 331 -83.31 -40.82 85.54
CA SER SA 331 -83.05 -41.63 86.73
C SER SA 331 -83.37 -43.09 86.48
N VAL SA 332 -84.57 -43.38 85.99
CA VAL SA 332 -84.97 -44.77 85.69
C VAL SA 332 -83.97 -45.41 84.75
N ALA SA 333 -83.41 -44.64 83.83
CA ALA SA 333 -82.35 -45.14 82.96
C ALA SA 333 -81.20 -45.71 83.78
N THR SA 334 -80.72 -44.93 84.76
CA THR SA 334 -79.58 -45.35 85.56
C THR SA 334 -79.86 -46.61 86.37
N ILE SA 335 -81.13 -46.95 86.58
CA ILE SA 335 -81.44 -48.15 87.35
C ILE SA 335 -81.40 -49.39 86.47
N LYS SA 336 -81.95 -49.31 85.26
CA LYS SA 336 -81.86 -50.44 84.34
C LYS SA 336 -80.42 -50.75 83.98
N THR SA 337 -79.54 -49.74 83.98
CA THR SA 337 -78.11 -50.00 83.83
C THR SA 337 -77.56 -50.80 84.99
N LYS SA 338 -78.12 -50.62 86.18
CA LYS SA 338 -77.62 -51.31 87.36
C LYS SA 338 -77.81 -52.82 87.21
N ARG SA 339 -76.89 -53.58 87.79
CA ARG SA 339 -76.87 -55.03 87.66
C ARG SA 339 -77.50 -55.74 88.86
N THR SA 340 -77.52 -55.11 90.03
CA THR SA 340 -78.19 -55.71 91.18
C THR SA 340 -79.67 -55.94 90.90
N ILE SA 341 -80.30 -55.03 90.18
CA ILE SA 341 -81.75 -55.08 89.95
C ILE SA 341 -82.00 -55.92 88.70
N GLN SA 342 -82.63 -57.07 88.87
CA GLN SA 342 -82.87 -58.00 87.79
C GLN SA 342 -84.32 -57.94 87.33
N PHE SA 343 -84.52 -58.29 86.07
CA PHE SA 343 -85.84 -58.37 85.47
C PHE SA 343 -86.00 -59.73 84.81
N VAL SA 344 -87.23 -60.09 84.54
CA VAL SA 344 -87.51 -61.30 83.78
C VAL SA 344 -87.39 -60.98 82.30
N ASP SA 345 -87.00 -61.99 81.52
CA ASP SA 345 -86.64 -61.75 80.12
C ASP SA 345 -87.82 -61.21 79.33
N TRP SA 346 -89.03 -61.71 79.58
CA TRP SA 346 -90.14 -61.37 78.71
C TRP SA 346 -90.69 -59.96 78.97
N CYS SA 347 -90.02 -59.14 79.77
CA CYS SA 347 -90.35 -57.72 79.89
C CYS SA 347 -89.06 -56.90 79.83
N PRO SA 348 -88.59 -56.57 78.63
CA PRO SA 348 -87.54 -55.55 78.51
C PRO SA 348 -88.04 -54.17 78.92
N THR SA 349 -89.35 -53.97 78.89
CA THR SA 349 -90.04 -52.86 79.53
C THR SA 349 -90.17 -53.15 81.02
N GLY SA 350 -91.07 -52.46 81.71
CA GLY SA 350 -91.23 -52.72 83.12
C GLY SA 350 -91.37 -51.52 84.02
N PHE SA 351 -91.62 -50.34 83.46
CA PHE SA 351 -91.83 -49.15 84.27
C PHE SA 351 -93.07 -48.42 83.80
N LYS SA 352 -93.92 -48.07 84.75
CA LYS SA 352 -95.07 -47.19 84.54
C LYS SA 352 -94.91 -46.02 85.49
N CYS SA 353 -94.37 -44.90 84.99
CA CYS SA 353 -94.05 -43.75 85.81
C CYS SA 353 -95.17 -42.75 85.80
N GLY SA 354 -95.35 -42.04 86.93
CA GLY SA 354 -96.38 -41.04 87.04
C GLY SA 354 -95.89 -39.85 87.83
N ILE SA 355 -96.38 -38.67 87.44
CA ILE SA 355 -95.97 -37.41 88.06
C ILE SA 355 -97.22 -36.68 88.51
N ASN SA 356 -97.07 -35.87 89.57
CA ASN SA 356 -98.11 -34.95 89.98
C ASN SA 356 -97.48 -33.65 90.42
N TYR SA 357 -98.14 -32.53 90.09
CA TYR SA 357 -97.67 -31.23 90.51
C TYR SA 357 -98.11 -30.91 91.94
N GLN SA 358 -98.82 -31.82 92.60
CA GLN SA 358 -99.37 -31.54 93.91
C GLN SA 358 -98.41 -32.05 94.97
N PRO SA 359 -97.68 -31.17 95.67
CA PRO SA 359 -96.66 -31.63 96.63
C PRO SA 359 -97.29 -32.45 97.73
N PRO SA 360 -96.52 -33.31 98.38
CA PRO SA 360 -97.05 -34.07 99.52
C PRO SA 360 -97.40 -33.13 100.66
N THR SA 361 -98.35 -33.56 101.49
CA THR SA 361 -98.85 -32.75 102.58
C THR SA 361 -98.48 -33.38 103.91
N VAL SA 362 -97.91 -32.59 104.79
CA VAL SA 362 -97.53 -33.03 106.12
C VAL SA 362 -98.70 -32.77 107.07
N VAL SA 363 -98.87 -33.63 108.06
CA VAL SA 363 -99.89 -33.41 109.08
C VAL SA 363 -99.24 -32.72 110.27
N PRO SA 364 -99.95 -31.85 110.98
CA PRO SA 364 -99.39 -31.25 112.19
C PRO SA 364 -99.16 -32.32 113.25
N GLY SA 365 -98.08 -32.16 114.01
CA GLY SA 365 -97.72 -33.10 115.03
C GLY SA 365 -97.23 -34.44 114.55
N GLY SA 366 -97.22 -34.67 113.24
CA GLY SA 366 -96.77 -35.94 112.69
C GLY SA 366 -95.29 -36.18 112.83
N ASP SA 367 -94.74 -37.07 112.00
CA ASP SA 367 -93.33 -37.44 112.08
C ASP SA 367 -92.52 -36.96 110.89
N LEU SA 368 -93.11 -36.92 109.70
CA LEU SA 368 -92.39 -36.52 108.50
C LEU SA 368 -92.14 -35.00 108.52
N ALA SA 369 -91.55 -34.52 107.44
CA ALA SA 369 -91.29 -33.09 107.25
C ALA SA 369 -91.92 -32.64 105.94
N LYS SA 370 -91.66 -31.39 105.57
CA LYS SA 370 -92.18 -30.82 104.34
C LYS SA 370 -91.14 -30.95 103.24
N VAL SA 371 -91.51 -31.62 102.16
CA VAL SA 371 -90.64 -31.78 101.00
C VAL SA 371 -91.45 -31.48 99.75
N GLN SA 372 -90.81 -30.82 98.79
CA GLN SA 372 -91.44 -30.59 97.50
C GLN SA 372 -91.28 -31.77 96.55
N ARG SA 373 -90.79 -32.90 97.06
CA ARG SA 373 -90.65 -34.11 96.26
C ARG SA 373 -90.95 -35.31 97.13
N ALA SA 374 -91.47 -36.37 96.52
CA ALA SA 374 -91.81 -37.59 97.21
C ALA SA 374 -92.08 -38.67 96.19
N VAL SA 375 -91.72 -39.90 96.54
CA VAL SA 375 -91.79 -41.02 95.62
C VAL SA 375 -92.39 -42.22 96.34
N CYS SA 376 -93.39 -42.84 95.72
CA CYS SA 376 -93.94 -44.11 96.18
C CYS SA 376 -93.74 -45.14 95.08
N MET SA 377 -93.20 -46.30 95.44
CA MET SA 377 -92.85 -47.33 94.48
C MET SA 377 -93.66 -48.58 94.76
N ILE SA 378 -94.22 -49.18 93.70
CA ILE SA 378 -94.93 -50.44 93.78
C ILE SA 378 -94.32 -51.38 92.74
N SER SA 379 -94.04 -52.62 93.15
CA SER SA 379 -93.33 -53.56 92.30
C SER SA 379 -93.92 -54.95 92.41
N ASN SA 380 -94.05 -55.62 91.28
CA ASN SA 380 -94.45 -57.02 91.22
C ASN SA 380 -93.19 -57.84 90.96
N SER SA 381 -92.66 -58.48 92.01
CA SER SA 381 -91.40 -59.19 91.93
C SER SA 381 -91.61 -60.66 92.28
N THR SA 382 -90.87 -61.53 91.59
CA THR SA 382 -90.93 -62.97 91.84
C THR SA 382 -90.30 -63.36 93.16
N ALA SA 383 -89.65 -62.43 93.86
CA ALA SA 383 -89.04 -62.73 95.14
C ALA SA 383 -90.05 -62.76 96.27
N ILE SA 384 -91.26 -62.24 96.05
CA ILE SA 384 -92.25 -62.14 97.11
C ILE SA 384 -92.69 -63.51 97.61
N GLY SA 385 -92.47 -64.57 96.83
CA GLY SA 385 -92.87 -65.89 97.24
C GLY SA 385 -92.10 -66.44 98.43
N GLU SA 386 -90.98 -65.81 98.77
CA GLU SA 386 -90.16 -66.31 99.88
C GLU SA 386 -90.88 -66.17 101.21
N ILE SA 387 -91.39 -64.96 101.50
CA ILE SA 387 -92.23 -64.77 102.68
C ILE SA 387 -93.51 -65.57 102.57
N PHE SA 388 -93.95 -65.86 101.34
CA PHE SA 388 -95.12 -66.70 101.14
C PHE SA 388 -94.82 -68.15 101.54
N SER SA 389 -93.54 -68.52 101.57
CA SER SA 389 -93.15 -69.88 101.92
C SER SA 389 -93.05 -70.08 103.43
N ARG SA 390 -92.79 -69.00 104.17
CA ARG SA 390 -92.74 -69.11 105.63
C ARG SA 390 -94.10 -69.55 106.18
N LEU SA 391 -95.17 -68.92 105.70
CA LEU SA 391 -96.50 -69.31 106.12
C LEU SA 391 -96.81 -70.74 105.72
N ASP SA 392 -96.26 -71.20 104.60
CA ASP SA 392 -96.37 -72.61 104.25
C ASP SA 392 -95.78 -73.49 105.35
N HIS SA 393 -94.63 -73.09 105.89
CA HIS SA 393 -93.92 -73.93 106.85
C HIS SA 393 -94.64 -73.95 108.20
N LYS SA 394 -95.09 -72.78 108.67
CA LYS SA 394 -95.72 -72.73 109.98
C LYS SA 394 -97.06 -73.47 109.99
N PHE SA 395 -97.82 -73.36 108.90
CA PHE SA 395 -99.12 -74.02 108.83
C PHE SA 395 -98.98 -75.52 109.02
N ASP SA 396 -98.16 -76.17 108.18
CA ASP SA 396 -97.99 -77.61 108.31
C ASP SA 396 -97.37 -77.99 109.64
N LEU SA 397 -96.50 -77.13 110.18
CA LEU SA 397 -95.85 -77.43 111.45
C LEU SA 397 -96.87 -77.57 112.57
N MET SA 398 -97.96 -76.81 112.51
CA MET SA 398 -99.02 -76.89 113.51
C MET SA 398 -100.16 -77.78 113.08
N TYR SA 399 -100.52 -77.78 111.79
CA TYR SA 399 -101.59 -78.64 111.32
C TYR SA 399 -101.25 -80.11 111.50
N ALA SA 400 -99.97 -80.46 111.57
CA ALA SA 400 -99.59 -81.83 111.86
C ALA SA 400 -100.14 -82.29 113.21
N LYS SA 401 -100.09 -81.42 114.21
CA LYS SA 401 -100.53 -81.74 115.55
C LYS SA 401 -102.02 -81.50 115.76
N ARG SA 402 -102.74 -81.07 114.73
CA ARG SA 402 -104.16 -80.73 114.84
C ARG SA 402 -104.40 -79.78 116.02
N ALA SA 403 -103.48 -78.84 116.20
CA ALA SA 403 -103.63 -77.86 117.26
C ALA SA 403 -104.63 -76.79 116.86
N PHE SA 404 -105.47 -76.39 117.81
CA PHE SA 404 -106.42 -75.29 117.64
C PHE SA 404 -107.51 -75.60 116.63
N VAL SA 405 -107.46 -76.78 116.01
CA VAL SA 405 -108.41 -77.06 114.93
C VAL SA 405 -109.79 -77.34 115.46
N HIS SA 406 -109.91 -77.75 116.73
CA HIS SA 406 -111.22 -78.04 117.30
C HIS SA 406 -112.10 -76.80 117.33
N TRP SA 407 -111.48 -75.61 117.42
CA TRP SA 407 -112.25 -74.38 117.29
C TRP SA 407 -112.90 -74.27 115.92
N TYR SA 408 -112.10 -74.38 114.86
CA TYR SA 408 -112.62 -74.20 113.51
C TYR SA 408 -113.68 -75.26 113.19
N VAL SA 409 -113.32 -76.54 113.37
CA VAL SA 409 -114.31 -77.60 113.18
C VAL SA 409 -115.42 -77.51 114.21
N GLY SA 410 -115.21 -76.75 115.29
CA GLY SA 410 -116.26 -76.50 116.26
C GLY SA 410 -117.11 -75.29 115.96
N GLU SA 411 -116.62 -74.39 115.12
CA GLU SA 411 -117.33 -73.14 114.81
C GLU SA 411 -117.78 -73.08 113.36
N GLY SA 412 -118.18 -74.21 112.79
CA GLY SA 412 -118.73 -74.22 111.46
C GLY SA 412 -117.69 -74.39 110.36
N MET SA 413 -116.78 -75.34 110.53
CA MET SA 413 -115.81 -75.69 109.50
C MET SA 413 -115.48 -77.17 109.63
N GLU SA 414 -114.62 -77.64 108.74
CA GLU SA 414 -114.16 -79.03 108.77
C GLU SA 414 -112.68 -79.04 108.38
N GLU SA 415 -112.16 -80.22 108.07
CA GLU SA 415 -110.74 -80.39 107.81
C GLU SA 415 -110.38 -80.22 106.34
N GLY SA 416 -111.35 -80.30 105.44
CA GLY SA 416 -111.04 -80.18 104.03
C GLY SA 416 -110.37 -78.86 103.68
N GLU SA 417 -110.97 -77.75 104.12
CA GLU SA 417 -110.51 -76.42 103.73
C GLU SA 417 -109.02 -76.24 103.99
N PHE SA 418 -108.52 -76.81 105.10
CA PHE SA 418 -107.09 -76.77 105.36
C PHE SA 418 -106.29 -77.34 104.19
N SER SA 419 -106.58 -78.60 103.84
CA SER SA 419 -105.97 -79.19 102.65
C SER SA 419 -106.37 -78.44 101.39
N GLU SA 420 -107.61 -77.92 101.35
CA GLU SA 420 -108.06 -77.17 100.18
C GLU SA 420 -107.22 -75.91 100.00
N ALA SA 421 -107.06 -75.12 101.06
CA ALA SA 421 -106.20 -73.95 100.98
C ALA SA 421 -104.74 -74.35 100.89
N ARG SA 422 -104.37 -75.50 101.45
CA ARG SA 422 -102.98 -75.94 101.43
C ARG SA 422 -102.48 -76.12 100.01
N GLU SA 423 -103.26 -76.80 99.17
CA GLU SA 423 -102.85 -77.01 97.80
C GLU SA 423 -102.76 -75.69 97.03
N ASP SA 424 -103.59 -74.71 97.37
CA ASP SA 424 -103.58 -73.45 96.65
C ASP SA 424 -102.25 -72.73 96.83
N LEU SA 425 -101.70 -72.74 98.05
CA LEU SA 425 -100.42 -72.09 98.29
C LEU SA 425 -99.31 -72.79 97.51
N ALA SA 426 -99.20 -74.12 97.66
CA ALA SA 426 -98.20 -74.87 96.93
C ALA SA 426 -98.37 -74.68 95.43
N ALA SA 427 -99.61 -74.68 94.95
CA ALA SA 427 -99.86 -74.35 93.55
C ALA SA 427 -99.35 -72.96 93.22
N LEU SA 428 -99.68 -71.99 94.07
CA LEU SA 428 -99.21 -70.62 93.85
C LEU SA 428 -97.70 -70.54 93.90
N GLU SA 429 -97.05 -71.38 94.70
CA GLU SA 429 -95.60 -71.33 94.80
C GLU SA 429 -94.94 -71.80 93.51
N LYS SA 430 -95.45 -72.88 92.92
CA LYS SA 430 -94.95 -73.32 91.63
C LYS SA 430 -95.14 -72.23 90.57
N ASP SA 431 -96.26 -71.51 90.63
CA ASP SA 431 -96.48 -70.42 89.70
C ASP SA 431 -95.40 -69.35 89.84
N PHE SA 432 -94.91 -69.12 91.06
CA PHE SA 432 -93.81 -68.18 91.24
C PHE SA 432 -92.49 -68.72 90.73
N GLU SA 433 -92.45 -69.95 90.23
CA GLU SA 433 -91.23 -70.53 89.70
C GLU SA 433 -91.30 -70.75 88.19
N GLU SA 434 -92.48 -71.04 87.65
CA GLU SA 434 -92.62 -71.21 86.21
C GLU SA 434 -92.26 -69.96 85.44
N VAL SA 435 -92.26 -68.79 86.11
CA VAL SA 435 -91.92 -67.54 85.46
C VAL SA 435 -90.42 -67.33 85.32
N GLY SA 436 -89.61 -68.20 85.92
CA GLY SA 436 -88.17 -68.07 85.85
C GLY SA 436 -87.59 -68.39 84.48
N MET TA 1 -73.33 -47.42 125.43
CA MET TA 1 -72.23 -48.31 125.11
C MET TA 1 -71.14 -48.21 126.17
N ARG TA 2 -70.26 -49.22 126.20
CA ARG TA 2 -69.11 -49.26 127.11
C ARG TA 2 -69.54 -49.29 128.57
N GLU TA 3 -70.64 -49.96 128.87
CA GLU TA 3 -71.10 -50.03 130.25
C GLU TA 3 -70.16 -50.90 131.08
N ILE TA 4 -70.18 -50.67 132.39
CA ILE TA 4 -69.32 -51.38 133.34
C ILE TA 4 -70.13 -51.70 134.58
N VAL TA 5 -70.03 -52.93 135.07
CA VAL TA 5 -70.66 -53.36 136.30
C VAL TA 5 -69.58 -53.62 137.34
N HIS TA 6 -69.90 -53.36 138.60
CA HIS TA 6 -68.93 -53.41 139.68
C HIS TA 6 -69.37 -54.38 140.75
N ILE TA 7 -68.41 -55.10 141.33
CA ILE TA 7 -68.68 -56.00 142.43
C ILE TA 7 -67.76 -55.59 143.59
N GLN TA 8 -68.25 -55.83 144.80
CA GLN TA 8 -67.42 -55.68 146.01
C GLN TA 8 -67.66 -56.92 146.84
N GLY TA 9 -66.66 -57.81 146.94
CA GLY TA 9 -66.78 -59.02 147.71
C GLY TA 9 -65.92 -58.94 148.96
N GLY TA 10 -66.36 -59.62 150.01
CA GLY TA 10 -65.62 -59.62 151.25
C GLY TA 10 -65.70 -58.30 151.99
N GLN TA 11 -65.31 -58.30 153.26
CA GLN TA 11 -65.38 -57.10 154.08
C GLN TA 11 -64.55 -55.98 153.47
N CYS TA 12 -63.29 -56.27 153.16
CA CYS TA 12 -62.41 -55.27 152.58
C CYS TA 12 -62.98 -54.69 151.30
N GLY TA 13 -63.44 -55.54 150.40
CA GLY TA 13 -64.00 -55.06 149.15
C GLY TA 13 -65.25 -54.24 149.34
N ASN TA 14 -66.14 -54.67 150.24
CA ASN TA 14 -67.36 -53.90 150.50
C ASN TA 14 -67.05 -52.57 151.16
N GLN TA 15 -65.96 -52.49 151.91
CA GLN TA 15 -65.59 -51.22 152.52
C GLN TA 15 -64.92 -50.29 151.51
N ILE TA 16 -64.08 -50.83 150.64
CA ILE TA 16 -63.37 -49.95 149.72
C ILE TA 16 -64.26 -49.52 148.56
N GLY TA 17 -65.27 -50.32 148.23
CA GLY TA 17 -66.24 -49.87 147.26
C GLY TA 17 -67.03 -48.67 147.73
N ALA TA 18 -67.22 -48.54 149.04
CA ALA TA 18 -67.83 -47.34 149.59
C ALA TA 18 -67.05 -46.10 149.15
N LYS TA 19 -65.74 -46.09 149.39
CA LYS TA 19 -64.92 -44.94 149.02
C LYS TA 19 -64.87 -44.77 147.51
N PHE TA 20 -64.74 -45.87 146.77
CA PHE TA 20 -64.73 -45.80 145.31
C PHE TA 20 -65.99 -45.10 144.80
N TRP TA 21 -67.15 -45.52 145.29
CA TRP TA 21 -68.40 -44.94 144.84
C TRP TA 21 -68.59 -43.53 145.36
N GLU TA 22 -68.05 -43.22 146.54
CA GLU TA 22 -68.10 -41.84 147.01
C GLU TA 22 -67.30 -40.95 146.07
N VAL TA 23 -66.13 -41.40 145.66
CA VAL TA 23 -65.27 -40.57 144.81
C VAL TA 23 -65.89 -40.41 143.44
N VAL TA 24 -66.48 -41.47 142.90
CA VAL TA 24 -67.13 -41.37 141.59
C VAL TA 24 -68.34 -40.44 141.64
N SER TA 25 -69.15 -40.56 142.70
CA SER TA 25 -70.29 -39.67 142.84
C SER TA 25 -69.84 -38.23 142.96
N ASP TA 26 -68.74 -37.99 143.67
CA ASP TA 26 -68.22 -36.63 143.75
C ASP TA 26 -67.73 -36.14 142.40
N GLU TA 27 -66.97 -36.97 141.69
CA GLU TA 27 -66.51 -36.63 140.34
C GLU TA 27 -67.66 -36.16 139.49
N HIS TA 28 -68.70 -36.98 139.39
CA HIS TA 28 -69.85 -36.62 138.55
C HIS TA 28 -70.82 -35.68 139.24
N GLY TA 29 -70.53 -35.24 140.45
CA GLY TA 29 -71.25 -34.13 141.05
C GLY TA 29 -72.63 -34.47 141.57
N ILE TA 30 -72.82 -35.65 142.12
CA ILE TA 30 -74.14 -36.06 142.58
C ILE TA 30 -74.16 -36.18 144.09
N ASP TA 31 -75.28 -35.83 144.66
CA ASP TA 31 -75.59 -35.77 146.07
C ASP TA 31 -75.83 -37.19 146.56
N PRO TA 32 -75.51 -37.51 147.82
CA PRO TA 32 -75.93 -38.80 148.38
C PRO TA 32 -77.44 -39.02 148.37
N THR TA 33 -78.20 -38.01 147.91
CA THR TA 33 -79.59 -38.22 147.54
C THR TA 33 -79.73 -38.89 146.18
N GLY TA 34 -78.66 -38.90 145.38
CA GLY TA 34 -78.72 -39.42 144.04
C GLY TA 34 -79.01 -38.37 142.98
N THR TA 35 -79.17 -37.12 143.37
CA THR TA 35 -79.49 -36.05 142.45
C THR TA 35 -78.22 -35.37 141.96
N TYR TA 36 -78.15 -35.15 140.65
CA TYR TA 36 -76.99 -34.49 140.06
C TYR TA 36 -77.01 -33.00 140.39
N HIS TA 37 -75.89 -32.48 140.86
CA HIS TA 37 -75.78 -31.08 141.21
C HIS TA 37 -74.50 -30.46 140.66
N GLY TA 38 -74.00 -30.98 139.54
CA GLY TA 38 -72.81 -30.45 138.91
C GLY TA 38 -73.12 -29.22 138.08
N ASP TA 39 -72.21 -28.93 137.17
CA ASP TA 39 -72.32 -27.76 136.30
C ASP TA 39 -72.38 -28.11 134.83
N SER TA 40 -71.49 -28.98 134.36
CA SER TA 40 -71.33 -29.25 132.95
C SER TA 40 -72.07 -30.53 132.55
N ASP TA 41 -72.38 -30.62 131.26
CA ASP TA 41 -72.90 -31.86 130.70
C ASP TA 41 -71.81 -32.91 130.52
N LEU TA 42 -70.57 -32.57 130.87
CA LEU TA 42 -69.50 -33.57 130.85
C LEU TA 42 -69.65 -34.57 132.00
N GLN TA 43 -70.37 -34.21 133.05
CA GLN TA 43 -70.67 -35.16 134.11
C GLN TA 43 -71.82 -36.08 133.75
N LEU TA 44 -72.51 -35.83 132.64
CA LEU TA 44 -73.66 -36.62 132.25
C LEU TA 44 -73.51 -37.29 130.90
N GLU TA 45 -72.57 -36.85 130.06
CA GLU TA 45 -72.38 -37.49 128.76
C GLU TA 45 -72.10 -38.98 128.91
N ARG TA 46 -71.18 -39.35 129.79
CA ARG TA 46 -70.78 -40.74 129.97
C ARG TA 46 -70.96 -41.18 131.41
N ILE TA 47 -72.04 -40.71 132.04
CA ILE TA 47 -72.35 -41.15 133.40
C ILE TA 47 -72.85 -42.58 133.39
N ASN TA 48 -73.49 -43.00 132.29
CA ASN TA 48 -74.14 -44.31 132.22
C ASN TA 48 -73.13 -45.46 132.26
N VAL TA 49 -71.84 -45.13 132.36
CA VAL TA 49 -70.84 -46.19 132.47
C VAL TA 49 -70.87 -46.82 133.86
N TYR TA 50 -71.30 -46.05 134.87
CA TYR TA 50 -71.30 -46.52 136.25
C TYR TA 50 -72.67 -46.49 136.91
N PHE TA 51 -73.65 -45.84 136.31
CA PHE TA 51 -74.91 -45.62 137.00
C PHE TA 51 -76.09 -46.07 136.16
N ASN TA 52 -77.24 -46.14 136.82
CA ASN TA 52 -78.53 -46.35 136.20
C ASN TA 52 -79.40 -45.15 136.55
N GLU TA 53 -80.08 -44.60 135.55
CA GLU TA 53 -81.02 -43.52 135.78
C GLU TA 53 -82.30 -44.08 136.40
N ALA TA 54 -82.84 -43.37 137.39
CA ALA TA 54 -84.05 -43.75 138.07
C ALA TA 54 -85.14 -42.71 137.81
N THR TA 55 -86.33 -42.99 138.31
CA THR TA 55 -87.37 -41.98 138.31
C THR TA 55 -86.96 -40.81 139.19
N GLY TA 56 -87.56 -39.66 138.92
CA GLY TA 56 -87.24 -38.47 139.68
C GLY TA 56 -85.85 -37.91 139.44
N GLY TA 57 -85.21 -38.29 138.34
CA GLY TA 57 -83.90 -37.76 138.00
C GLY TA 57 -82.83 -38.07 139.01
N ARG TA 58 -82.64 -39.35 139.34
CA ARG TA 58 -81.60 -39.77 140.26
C ARG TA 58 -80.74 -40.84 139.62
N TYR TA 59 -79.57 -41.07 140.21
CA TYR TA 59 -78.57 -41.98 139.67
C TYR TA 59 -78.20 -43.00 140.74
N VAL TA 60 -78.22 -44.27 140.37
CA VAL TA 60 -77.94 -45.36 141.30
C VAL TA 60 -76.78 -46.19 140.77
N PRO TA 61 -75.79 -46.52 141.58
CA PRO TA 61 -74.62 -47.26 141.08
C PRO TA 61 -74.99 -48.60 140.49
N ARG TA 62 -74.19 -49.06 139.53
CA ARG TA 62 -74.31 -50.41 138.98
C ARG TA 62 -73.37 -51.37 139.71
N ALA TA 63 -73.51 -51.38 141.03
CA ALA TA 63 -72.64 -52.14 141.91
C ALA TA 63 -73.43 -53.24 142.60
N ILE TA 64 -72.72 -54.31 142.93
CA ILE TA 64 -73.27 -55.44 143.68
C ILE TA 64 -72.36 -55.71 144.87
N LEU TA 65 -72.91 -55.54 146.06
CA LEU TA 65 -72.21 -55.83 147.31
C LEU TA 65 -72.58 -57.24 147.73
N MET TA 66 -71.56 -58.08 147.95
CA MET TA 66 -71.77 -59.46 148.37
C MET TA 66 -70.84 -59.73 149.54
N ASP TA 67 -71.43 -60.17 150.65
CA ASP TA 67 -70.66 -60.40 151.87
C ASP TA 67 -71.44 -61.15 152.94
N LEU TA 68 -70.85 -62.21 153.49
CA LEU TA 68 -71.41 -62.87 154.67
C LEU TA 68 -71.31 -61.94 155.88
N GLU TA 69 -72.00 -62.30 156.97
CA GLU TA 69 -71.93 -61.52 158.20
C GLU TA 69 -72.38 -60.08 157.93
N PRO TA 70 -73.69 -59.85 157.81
CA PRO TA 70 -74.18 -58.60 157.23
C PRO TA 70 -73.93 -57.36 158.09
N GLY TA 71 -73.09 -57.49 159.12
CA GLY TA 71 -72.65 -56.32 159.85
C GLY TA 71 -72.01 -55.28 158.95
N THR TA 72 -71.19 -55.73 158.01
CA THR TA 72 -70.59 -54.80 157.06
C THR TA 72 -71.64 -54.18 156.13
N MET TA 73 -72.67 -54.94 155.75
CA MET TA 73 -73.72 -54.37 154.92
C MET TA 73 -74.51 -53.31 155.66
N ASP TA 74 -74.77 -53.51 156.94
CA ASP TA 74 -75.41 -52.46 157.72
C ASP TA 74 -74.50 -51.26 157.93
N SER TA 75 -73.19 -51.50 158.01
CA SER TA 75 -72.25 -50.38 158.10
C SER TA 75 -72.28 -49.53 156.85
N VAL TA 76 -72.24 -50.17 155.67
CA VAL TA 76 -72.22 -49.41 154.43
C VAL TA 76 -73.58 -48.75 154.18
N ARG TA 77 -74.67 -49.35 154.67
CA ARG TA 77 -75.95 -48.67 154.60
C ARG TA 77 -76.01 -47.46 155.52
N SER TA 78 -75.36 -47.52 156.68
CA SER TA 78 -75.32 -46.38 157.58
C SER TA 78 -74.41 -45.27 157.09
N GLY TA 79 -73.33 -45.63 156.40
CA GLY TA 79 -72.39 -44.68 155.87
C GLY TA 79 -73.04 -43.58 155.05
N PRO TA 80 -72.33 -42.47 154.84
CA PRO TA 80 -72.97 -41.28 154.24
C PRO TA 80 -73.52 -41.53 152.84
N TYR TA 81 -72.75 -42.20 151.98
CA TYR TA 81 -73.20 -42.49 150.62
C TYR TA 81 -73.82 -43.88 150.51
N GLY TA 82 -74.45 -44.36 151.57
CA GLY TA 82 -75.07 -45.66 151.56
C GLY TA 82 -76.48 -45.65 151.00
N GLN TA 83 -77.18 -44.53 151.17
CA GLN TA 83 -78.56 -44.44 150.72
C GLN TA 83 -78.71 -44.51 149.21
N ILE TA 84 -77.61 -44.50 148.46
CA ILE TA 84 -77.71 -44.51 147.00
C ILE TA 84 -77.81 -45.91 146.43
N PHE TA 85 -77.54 -46.94 147.22
CA PHE TA 85 -77.57 -48.31 146.72
C PHE TA 85 -78.98 -48.83 146.63
N ARG TA 86 -79.25 -49.57 145.56
CA ARG TA 86 -80.47 -50.38 145.51
C ARG TA 86 -80.38 -51.45 146.60
N PRO TA 87 -81.33 -51.52 147.52
CA PRO TA 87 -81.30 -52.59 148.52
C PRO TA 87 -81.40 -53.97 147.92
N ASP TA 88 -81.95 -54.09 146.70
CA ASP TA 88 -81.94 -55.36 145.99
C ASP TA 88 -80.51 -55.82 145.71
N ASN TA 89 -79.60 -54.87 145.46
CA ASN TA 89 -78.21 -55.20 145.20
C ASN TA 89 -77.44 -55.33 146.51
N PHE TA 90 -77.85 -56.28 147.35
CA PHE TA 90 -77.26 -56.52 148.66
C PHE TA 90 -77.40 -58.01 148.94
N VAL TA 91 -76.34 -58.79 148.75
CA VAL TA 91 -76.42 -60.23 148.97
C VAL TA 91 -75.52 -60.58 150.15
N PHE TA 92 -76.14 -60.98 151.25
CA PHE TA 92 -75.41 -61.35 152.45
C PHE TA 92 -75.85 -62.72 152.91
N GLY TA 93 -74.99 -63.36 153.70
CA GLY TA 93 -75.33 -64.58 154.38
C GLY TA 93 -75.40 -64.32 155.88
N GLN TA 94 -76.23 -65.11 156.57
CA GLN TA 94 -76.39 -64.91 158.01
C GLN TA 94 -75.24 -65.53 158.79
N THR TA 95 -74.72 -66.66 158.32
CA THR TA 95 -73.57 -67.28 158.96
C THR TA 95 -72.30 -66.52 158.58
N GLY TA 96 -71.16 -66.97 159.12
CA GLY TA 96 -69.88 -66.37 158.84
C GLY TA 96 -68.97 -67.35 158.10
N ALA TA 97 -67.81 -66.84 157.69
CA ALA TA 97 -66.83 -67.67 156.98
C ALA TA 97 -65.64 -68.05 157.84
N GLY TA 98 -65.39 -67.35 158.94
CA GLY TA 98 -64.30 -67.70 159.81
C GLY TA 98 -62.93 -67.68 159.17
N ASN TA 99 -62.76 -66.93 158.08
CA ASN TA 99 -61.50 -66.87 157.35
C ASN TA 99 -61.09 -68.27 156.90
N ASN TA 100 -61.92 -68.86 156.04
CA ASN TA 100 -61.71 -70.23 155.61
C ASN TA 100 -62.06 -70.33 154.13
N TRP TA 101 -61.02 -70.40 153.29
CA TRP TA 101 -61.24 -70.49 151.85
C TRP TA 101 -62.10 -71.67 151.47
N ALA TA 102 -61.99 -72.78 152.21
CA ALA TA 102 -62.73 -73.99 151.85
C ALA TA 102 -64.23 -73.74 151.90
N LYS TA 103 -64.73 -73.22 153.02
CA LYS TA 103 -66.16 -72.96 153.11
C LYS TA 103 -66.57 -71.74 152.31
N GLY TA 104 -65.66 -70.79 152.10
CA GLY TA 104 -66.00 -69.69 151.21
C GLY TA 104 -66.13 -70.08 149.75
N HIS TA 105 -65.44 -71.14 149.34
CA HIS TA 105 -65.47 -71.58 147.96
C HIS TA 105 -66.38 -72.79 147.72
N TYR TA 106 -66.68 -73.58 148.74
CA TYR TA 106 -67.34 -74.86 148.55
C TYR TA 106 -68.72 -74.94 149.16
N THR TA 107 -68.85 -74.63 150.45
CA THR TA 107 -70.09 -74.91 151.16
C THR TA 107 -71.04 -73.71 151.13
N GLU TA 108 -70.60 -72.59 151.69
CA GLU TA 108 -71.46 -71.42 151.77
C GLU TA 108 -71.47 -70.63 150.48
N GLY TA 109 -70.51 -70.85 149.60
CA GLY TA 109 -70.55 -70.21 148.30
C GLY TA 109 -71.73 -70.68 147.47
N ALA TA 110 -71.86 -72.00 147.29
CA ALA TA 110 -72.87 -72.56 146.41
C ALA TA 110 -74.30 -72.19 146.82
N GLU TA 111 -74.47 -71.61 148.00
CA GLU TA 111 -75.80 -71.21 148.45
C GLU TA 111 -76.14 -69.78 148.05
N LEU TA 112 -75.15 -68.94 147.77
CA LEU TA 112 -75.37 -67.55 147.37
C LEU TA 112 -75.07 -67.28 145.91
N ILE TA 113 -74.48 -68.25 145.21
CA ILE TA 113 -74.11 -68.04 143.82
C ILE TA 113 -75.34 -67.86 142.96
N ASP TA 114 -76.40 -68.61 143.24
CA ASP TA 114 -77.62 -68.47 142.43
C ASP TA 114 -78.17 -67.05 142.53
N SER TA 115 -78.20 -66.49 143.73
CA SER TA 115 -78.73 -65.14 143.90
C SER TA 115 -77.82 -64.10 143.26
N VAL TA 116 -76.51 -64.21 143.47
CA VAL TA 116 -75.63 -63.20 142.89
C VAL TA 116 -75.68 -63.28 141.37
N LEU TA 117 -75.82 -64.49 140.81
CA LEU TA 117 -75.87 -64.63 139.36
C LEU TA 117 -77.17 -64.10 138.80
N ASP TA 118 -78.30 -64.34 139.47
CA ASP TA 118 -79.53 -63.71 139.01
C ASP TA 118 -79.40 -62.19 139.04
N VAL TA 119 -78.75 -61.64 140.06
CA VAL TA 119 -78.63 -60.18 140.14
C VAL TA 119 -77.74 -59.66 139.02
N VAL TA 120 -76.60 -60.31 138.81
CA VAL TA 120 -75.68 -59.84 137.77
C VAL TA 120 -76.34 -59.93 136.41
N ARG TA 121 -77.15 -60.96 136.16
CA ARG TA 121 -77.80 -61.05 134.86
C ARG TA 121 -78.89 -60.02 134.70
N LYS TA 122 -79.71 -59.82 135.74
CA LYS TA 122 -80.76 -58.81 135.68
C LYS TA 122 -80.19 -57.45 135.33
N GLU TA 123 -79.00 -57.14 135.83
CA GLU TA 123 -78.45 -55.83 135.51
C GLU TA 123 -77.48 -55.84 134.33
N ALA TA 124 -77.01 -57.00 133.88
CA ALA TA 124 -76.23 -57.04 132.65
C ALA TA 124 -77.12 -56.91 131.44
N GLU TA 125 -78.39 -57.34 131.55
CA GLU TA 125 -79.33 -57.04 130.48
C GLU TA 125 -79.47 -55.54 130.28
N SER TA 126 -79.43 -54.76 131.37
CA SER TA 126 -79.67 -53.33 131.29
C SER TA 126 -78.62 -52.60 130.47
N CYS TA 127 -77.48 -53.22 130.20
CA CYS TA 127 -76.41 -52.56 129.48
C CYS TA 127 -76.64 -52.64 127.97
N ASP TA 128 -76.35 -51.54 127.27
CA ASP TA 128 -76.39 -51.56 125.82
C ASP TA 128 -75.21 -52.33 125.25
N CYS TA 129 -73.99 -51.93 125.63
CA CYS TA 129 -72.76 -52.59 125.18
C CYS TA 129 -71.87 -52.74 126.42
N LEU TA 130 -72.00 -53.86 127.11
CA LEU TA 130 -71.21 -54.10 128.31
C LEU TA 130 -69.73 -54.23 127.94
N GLN TA 131 -68.90 -53.37 128.53
CA GLN TA 131 -67.47 -53.47 128.34
C GLN TA 131 -66.88 -54.62 129.16
N GLY TA 132 -67.05 -54.57 130.47
CA GLY TA 132 -66.49 -55.62 131.29
C GLY TA 132 -66.93 -55.52 132.74
N PHE TA 133 -66.41 -56.44 133.53
CA PHE TA 133 -66.69 -56.53 134.95
C PHE TA 133 -65.49 -56.03 135.75
N GLN TA 134 -65.75 -55.46 136.91
CA GLN TA 134 -64.64 -55.14 137.79
C GLN TA 134 -65.03 -55.50 139.22
N VAL TA 135 -64.08 -55.97 140.01
CA VAL TA 135 -64.35 -56.52 141.32
C VAL TA 135 -63.24 -56.12 142.28
N CYS TA 136 -63.56 -56.13 143.57
CA CYS TA 136 -62.59 -55.82 144.63
C CYS TA 136 -62.70 -56.87 145.73
N HIS TA 137 -61.56 -57.48 146.05
CA HIS TA 137 -61.41 -58.64 146.92
C HIS TA 137 -60.54 -58.27 148.12
N SER TA 138 -60.15 -59.32 148.86
CA SER TA 138 -59.05 -59.25 149.82
C SER TA 138 -58.55 -60.69 149.98
N LEU TA 139 -57.36 -60.97 149.46
CA LEU TA 139 -56.89 -62.35 149.38
C LEU TA 139 -56.60 -62.97 150.74
N GLY TA 140 -56.72 -62.23 151.82
CA GLY TA 140 -56.39 -62.80 153.12
C GLY TA 140 -57.54 -63.58 153.74
N GLY TA 141 -58.76 -63.03 153.66
CA GLY TA 141 -59.90 -63.63 154.32
C GLY TA 141 -60.56 -64.72 153.49
N GLY TA 142 -61.56 -65.33 154.10
CA GLY TA 142 -62.28 -66.42 153.46
C GLY TA 142 -63.35 -65.94 152.51
N THR TA 143 -64.25 -65.07 152.97
CA THR TA 143 -65.35 -64.61 152.12
C THR TA 143 -64.81 -64.11 150.80
N GLY TA 144 -63.94 -63.10 150.85
CA GLY TA 144 -63.43 -62.53 149.63
C GLY TA 144 -62.77 -63.56 148.75
N SER TA 145 -61.74 -64.23 149.25
CA SER TA 145 -60.99 -65.14 148.41
C SER TA 145 -61.91 -66.18 147.78
N GLY TA 146 -62.57 -67.00 148.60
CA GLY TA 146 -63.41 -68.04 148.06
C GLY TA 146 -64.54 -67.55 147.19
N MET TA 147 -65.42 -66.66 147.67
CA MET TA 147 -66.56 -66.27 146.86
C MET TA 147 -66.17 -65.45 145.64
N GLY TA 148 -65.16 -64.57 145.73
CA GLY TA 148 -64.69 -63.94 144.53
C GLY TA 148 -64.21 -64.95 143.52
N THR TA 149 -63.44 -65.98 143.89
CA THR TA 149 -62.99 -66.94 142.89
C THR TA 149 -64.17 -67.71 142.31
N LEU TA 150 -65.13 -68.07 143.17
CA LEU TA 150 -66.31 -68.79 142.68
C LEU TA 150 -67.11 -67.93 141.69
N LEU TA 151 -67.28 -66.65 141.99
CA LEU TA 151 -68.04 -65.80 141.09
C LEU TA 151 -67.23 -65.52 139.83
N ILE TA 152 -65.90 -65.45 139.93
CA ILE TA 152 -65.08 -65.25 138.75
C ILE TA 152 -65.21 -66.45 137.82
N SER TA 153 -65.20 -67.65 138.39
CA SER TA 153 -65.36 -68.85 137.56
C SER TA 153 -66.72 -68.86 136.89
N LYS TA 154 -67.76 -68.45 137.62
CA LYS TA 154 -69.08 -68.37 137.02
C LYS TA 154 -69.14 -67.32 135.90
N ILE TA 155 -68.58 -66.14 136.17
CA ILE TA 155 -68.64 -65.04 135.22
C ILE TA 155 -67.82 -65.37 133.97
N ARG TA 156 -66.71 -66.08 134.13
CA ARG TA 156 -65.85 -66.36 132.99
C ARG TA 156 -66.54 -67.27 131.98
N GLU TA 157 -67.34 -68.21 132.44
CA GLU TA 157 -68.08 -69.07 131.52
C GLU TA 157 -69.35 -68.42 131.02
N GLU TA 158 -69.96 -67.51 131.80
CA GLU TA 158 -71.18 -66.86 131.34
C GLU TA 158 -70.91 -65.71 130.38
N TYR TA 159 -69.75 -65.07 130.48
CA TYR TA 159 -69.37 -63.94 129.64
C TYR TA 159 -67.89 -64.07 129.34
N PRO TA 160 -67.51 -64.97 128.43
CA PRO TA 160 -66.07 -65.16 128.15
C PRO TA 160 -65.50 -64.03 127.32
N ASP TA 161 -66.29 -63.54 126.35
CA ASP TA 161 -65.79 -62.47 125.49
C ASP TA 161 -65.58 -61.19 126.26
N ARG TA 162 -66.35 -60.96 127.32
CA ARG TA 162 -66.13 -59.80 128.16
C ARG TA 162 -64.82 -59.94 128.92
N MET TA 163 -64.38 -58.83 129.53
CA MET TA 163 -63.10 -58.77 130.21
C MET TA 163 -63.32 -58.41 131.67
N MET TA 164 -62.41 -58.89 132.53
CA MET TA 164 -62.59 -58.80 133.96
C MET TA 164 -61.36 -58.22 134.63
N LEU TA 165 -61.60 -57.27 135.54
CA LEU TA 165 -60.57 -56.71 136.40
C LEU TA 165 -60.72 -57.24 137.81
N THR TA 166 -59.62 -57.16 138.55
CA THR TA 166 -59.65 -57.52 139.97
C THR TA 166 -58.66 -56.63 140.70
N PHE TA 167 -59.15 -55.76 141.56
CA PHE TA 167 -58.29 -54.88 142.35
C PHE TA 167 -57.95 -55.53 143.69
N SER TA 168 -57.21 -56.63 143.66
CA SER TA 168 -57.08 -57.45 144.86
C SER TA 168 -56.04 -56.87 145.80
N VAL TA 169 -56.36 -56.89 147.09
CA VAL TA 169 -55.39 -56.61 148.14
C VAL TA 169 -54.72 -57.92 148.51
N VAL TA 170 -53.40 -57.93 148.54
CA VAL TA 170 -52.65 -59.18 148.69
C VAL TA 170 -52.20 -59.36 150.13
N PRO TA 171 -51.76 -60.55 150.54
CA PRO TA 171 -51.17 -60.67 151.88
C PRO TA 171 -49.97 -59.75 152.04
N SER TA 172 -49.64 -59.50 153.28
CA SER TA 172 -48.51 -58.65 153.61
C SER TA 172 -47.28 -59.49 153.90
N PRO TA 173 -46.11 -59.08 153.40
CA PRO TA 173 -44.91 -59.90 153.61
C PRO TA 173 -44.39 -59.87 155.03
N LYS TA 174 -44.54 -58.76 155.75
CA LYS TA 174 -44.04 -58.70 157.12
C LYS TA 174 -45.16 -58.75 158.15
N VAL TA 175 -46.34 -58.25 157.84
CA VAL TA 175 -47.48 -58.30 158.74
C VAL TA 175 -48.28 -59.56 158.46
N SER TA 176 -48.68 -60.26 159.52
CA SER TA 176 -49.58 -61.40 159.41
C SER TA 176 -50.78 -61.09 160.30
N ASP TA 177 -51.76 -60.37 159.73
CA ASP TA 177 -52.98 -60.09 160.45
C ASP TA 177 -53.73 -61.37 160.79
N THR TA 178 -53.89 -62.24 159.80
CA THR TA 178 -54.52 -63.54 159.97
C THR TA 178 -53.45 -64.62 159.82
N VAL TA 179 -53.72 -65.79 160.40
CA VAL TA 179 -52.70 -66.85 160.41
C VAL TA 179 -52.89 -67.82 159.25
N VAL TA 180 -54.05 -67.84 158.62
CA VAL TA 180 -54.33 -68.75 157.51
C VAL TA 180 -54.23 -67.97 156.20
N GLU TA 181 -53.56 -66.83 156.29
CA GLU TA 181 -53.40 -65.91 155.17
C GLU TA 181 -52.72 -66.56 153.97
N PRO TA 182 -51.63 -67.33 154.11
CA PRO TA 182 -51.01 -67.95 152.93
C PRO TA 182 -51.88 -69.00 152.27
N TYR TA 183 -52.57 -69.83 153.06
CA TYR TA 183 -53.51 -70.78 152.47
C TYR TA 183 -54.53 -70.05 151.61
N ASN TA 184 -55.14 -69.02 152.20
CA ASN TA 184 -56.19 -68.28 151.51
C ASN TA 184 -55.69 -67.58 150.26
N ALA TA 185 -54.41 -67.18 150.26
CA ALA TA 185 -53.84 -66.53 149.07
C ALA TA 185 -53.58 -67.53 147.96
N THR TA 186 -53.00 -68.68 148.29
CA THR TA 186 -52.61 -69.62 147.26
C THR TA 186 -53.83 -70.27 146.61
N LEU TA 187 -54.81 -70.67 147.43
CA LEU TA 187 -56.00 -71.31 146.88
C LEU TA 187 -56.79 -70.37 145.98
N SER TA 188 -56.48 -69.08 146.03
CA SER TA 188 -57.16 -68.11 145.18
C SER TA 188 -56.32 -67.68 143.99
N VAL TA 189 -54.99 -67.62 144.13
CA VAL TA 189 -54.17 -67.31 142.96
C VAL TA 189 -54.30 -68.41 141.93
N HIS TA 190 -54.44 -69.66 142.39
CA HIS TA 190 -54.66 -70.73 141.42
C HIS TA 190 -55.91 -70.50 140.59
N GLN TA 191 -56.96 -69.93 141.16
CA GLN TA 191 -58.16 -69.65 140.40
C GLN TA 191 -58.04 -68.38 139.57
N LEU TA 192 -57.34 -67.37 140.09
CA LEU TA 192 -57.18 -66.12 139.36
C LEU TA 192 -56.50 -66.35 138.02
N VAL TA 193 -55.44 -67.18 138.01
CA VAL TA 193 -54.59 -67.30 136.82
C VAL TA 193 -55.40 -67.58 135.56
N GLU TA 194 -56.45 -68.41 135.65
CA GLU TA 194 -57.17 -68.83 134.46
C GLU TA 194 -58.41 -68.02 134.16
N ASN TA 195 -58.95 -67.29 135.13
CA ASN TA 195 -60.26 -66.68 134.95
C ASN TA 195 -60.23 -65.16 135.12
N ALA TA 196 -59.05 -64.57 135.32
CA ALA TA 196 -58.96 -63.13 135.36
C ALA TA 196 -58.28 -62.63 134.10
N ASP TA 197 -58.55 -61.38 133.75
CA ASP TA 197 -57.88 -60.72 132.64
C ASP TA 197 -56.90 -59.65 133.10
N GLU TA 198 -57.26 -58.85 134.11
CA GLU TA 198 -56.32 -57.91 134.70
C GLU TA 198 -56.43 -58.03 136.21
N CYS TA 199 -55.28 -58.06 136.87
CA CYS TA 199 -55.28 -58.26 138.32
C CYS TA 199 -54.29 -57.29 138.93
N MET TA 200 -54.80 -56.16 139.45
CA MET TA 200 -53.96 -55.25 140.20
C MET TA 200 -53.78 -55.79 141.60
N VAL TA 201 -52.56 -55.66 142.13
CA VAL TA 201 -52.23 -56.19 143.45
C VAL TA 201 -51.78 -55.04 144.34
N LEU TA 202 -52.39 -54.96 145.51
CA LEU TA 202 -52.19 -53.85 146.44
C LEU TA 202 -51.84 -54.41 147.81
N ASP TA 203 -51.06 -53.66 148.58
CA ASP TA 203 -50.58 -54.14 149.87
C ASP TA 203 -50.62 -53.04 150.91
N ASN TA 204 -51.06 -53.43 152.12
CA ASN TA 204 -51.25 -52.47 153.19
C ASN TA 204 -49.92 -51.87 153.66
N GLU TA 205 -48.83 -52.64 153.60
CA GLU TA 205 -47.55 -52.09 154.03
C GLU TA 205 -47.10 -50.94 153.13
N ALA TA 206 -47.11 -51.15 151.83
CA ALA TA 206 -46.73 -50.07 150.93
C ALA TA 206 -47.71 -48.91 151.04
N LEU TA 207 -49.00 -49.21 151.25
CA LEU TA 207 -49.98 -48.14 151.48
C LEU TA 207 -49.58 -47.29 152.68
N TYR TA 208 -49.27 -47.94 153.80
CA TYR TA 208 -48.83 -47.25 155.00
C TYR TA 208 -47.57 -46.45 154.73
N ASP TA 209 -46.62 -47.04 154.00
CA ASP TA 209 -45.33 -46.38 153.80
C ASP TA 209 -45.48 -45.14 152.94
N ILE TA 210 -46.27 -45.24 151.86
CA ILE TA 210 -46.63 -44.05 151.09
C ILE TA 210 -47.24 -43.01 152.00
N CYS TA 211 -48.33 -43.36 152.69
CA CYS TA 211 -49.04 -42.36 153.49
C CYS TA 211 -48.13 -41.72 154.54
N PHE TA 212 -47.17 -42.48 155.06
CA PHE TA 212 -46.31 -41.95 156.12
C PHE TA 212 -45.22 -41.04 155.57
N ARG TA 213 -44.46 -41.51 154.57
CA ARG TA 213 -43.39 -40.71 154.01
C ARG TA 213 -43.92 -39.55 153.18
N THR TA 214 -44.62 -39.88 152.08
CA THR TA 214 -45.03 -38.86 151.14
C THR TA 214 -46.11 -37.97 151.73
N LEU TA 215 -47.25 -38.56 152.09
CA LEU TA 215 -48.39 -37.77 152.58
C LEU TA 215 -48.15 -37.20 153.96
N LYS TA 216 -47.10 -37.63 154.65
CA LYS TA 216 -46.72 -37.13 155.97
C LYS TA 216 -47.84 -37.31 157.00
N LEU TA 217 -48.81 -38.19 156.72
CA LEU TA 217 -49.88 -38.44 157.66
C LEU TA 217 -49.31 -38.93 158.99
N THR TA 218 -49.98 -38.58 160.08
CA THR TA 218 -49.54 -38.99 161.41
C THR TA 218 -50.21 -40.25 161.89
N THR TA 219 -51.47 -40.49 161.53
CA THR TA 219 -52.18 -41.70 161.92
C THR TA 219 -53.02 -42.15 160.74
N PRO TA 220 -52.45 -42.93 159.84
CA PRO TA 220 -53.21 -43.42 158.69
C PRO TA 220 -54.36 -44.31 159.14
N THR TA 221 -55.50 -44.16 158.48
CA THR TA 221 -56.64 -45.01 158.71
C THR TA 221 -56.99 -45.76 157.43
N PHE TA 222 -57.72 -46.87 157.60
CA PHE TA 222 -58.27 -47.57 156.46
C PHE TA 222 -59.05 -46.61 155.56
N GLY TA 223 -59.59 -45.53 156.12
CA GLY TA 223 -60.20 -44.51 155.29
C GLY TA 223 -59.26 -43.94 154.27
N ASP TA 224 -58.05 -43.53 154.69
CA ASP TA 224 -57.09 -42.98 153.76
C ASP TA 224 -56.55 -44.04 152.81
N LEU TA 225 -56.39 -45.27 153.33
CA LEU TA 225 -55.98 -46.37 152.46
C LEU TA 225 -56.97 -46.56 151.31
N ASN TA 226 -58.26 -46.61 151.63
CA ASN TA 226 -59.27 -46.73 150.60
C ASN TA 226 -59.38 -45.48 149.75
N HIS TA 227 -59.07 -44.30 150.31
CA HIS TA 227 -58.97 -43.09 149.51
C HIS TA 227 -57.96 -43.25 148.38
N LEU TA 228 -56.78 -43.77 148.72
CA LEU TA 228 -55.75 -44.05 147.71
C LEU TA 228 -56.23 -45.08 146.69
N ILE TA 229 -56.83 -46.16 147.20
CA ILE TA 229 -57.32 -47.21 146.31
C ILE TA 229 -58.36 -46.65 145.33
N SER TA 230 -59.27 -45.82 145.83
CA SER TA 230 -60.31 -45.25 144.99
C SER TA 230 -59.75 -44.28 143.98
N ALA TA 231 -58.74 -43.49 144.37
CA ALA TA 231 -58.09 -42.62 143.41
C ALA TA 231 -57.59 -43.41 142.21
N VAL TA 232 -56.93 -44.53 142.49
CA VAL TA 232 -56.40 -45.33 141.39
C VAL TA 232 -57.52 -45.97 140.57
N MET TA 233 -58.52 -46.51 141.26
CA MET TA 233 -59.63 -47.17 140.59
C MET TA 233 -60.40 -46.21 139.70
N SER TA 234 -60.44 -44.93 140.07
CA SER TA 234 -61.07 -43.92 139.25
C SER TA 234 -60.20 -43.53 138.07
N GLY TA 235 -58.92 -43.23 138.31
CA GLY TA 235 -58.01 -42.88 137.22
C GLY TA 235 -57.94 -43.92 136.13
N ILE TA 236 -58.29 -45.16 136.46
CA ILE TA 236 -58.36 -46.20 135.42
C ILE TA 236 -59.31 -45.81 134.29
N THR TA 237 -60.54 -45.39 134.60
CA THR TA 237 -61.60 -45.33 133.61
C THR TA 237 -61.85 -43.91 133.09
N CYS TA 238 -60.85 -43.02 133.19
CA CYS TA 238 -61.01 -41.67 132.68
C CYS TA 238 -61.21 -41.65 131.18
N CYS TA 239 -60.59 -42.57 130.45
CA CYS TA 239 -60.75 -42.54 129.01
C CYS TA 239 -62.15 -42.97 128.59
N LEU TA 240 -62.76 -43.90 129.32
CA LEU TA 240 -64.14 -44.27 129.03
C LEU TA 240 -65.08 -43.14 129.40
N ARG TA 241 -64.82 -42.46 130.51
CA ARG TA 241 -65.77 -41.44 130.96
C ARG TA 241 -65.58 -40.11 130.24
N PHE TA 242 -64.45 -39.50 130.39
CA PHE TA 242 -64.23 -38.17 129.86
C PHE TA 242 -63.45 -38.24 128.56
N PRO TA 243 -63.54 -37.21 127.71
CA PRO TA 243 -62.75 -37.20 126.48
C PRO TA 243 -61.27 -37.07 126.79
N GLY TA 244 -60.47 -37.38 125.78
CA GLY TA 244 -59.04 -37.28 125.88
C GLY TA 244 -58.45 -37.29 124.48
N GLN TA 245 -57.42 -36.48 124.25
CA GLN TA 245 -56.85 -36.40 122.92
C GLN TA 245 -56.20 -37.72 122.51
N LEU TA 246 -55.80 -38.53 123.49
CA LEU TA 246 -55.26 -39.88 123.23
C LEU TA 246 -55.96 -40.82 124.21
N ASN TA 247 -57.12 -41.34 123.80
CA ASN TA 247 -57.92 -42.19 124.67
C ASN TA 247 -57.25 -43.55 124.89
N ALA TA 248 -57.67 -44.22 125.95
CA ALA TA 248 -57.17 -45.56 126.27
C ALA TA 248 -58.32 -46.38 126.85
N ASP TA 249 -58.98 -47.13 125.98
CA ASP TA 249 -60.00 -48.06 126.43
C ASP TA 249 -59.39 -49.11 127.35
N LEU TA 250 -60.24 -49.66 128.22
CA LEU TA 250 -59.80 -50.69 129.16
C LEU TA 250 -59.24 -51.90 128.43
N ARG TA 251 -59.75 -52.21 127.23
CA ARG TA 251 -59.31 -53.38 126.50
C ARG TA 251 -57.96 -53.16 125.83
N LYS TA 252 -57.77 -51.99 125.24
CA LYS TA 252 -56.45 -51.64 124.72
C LYS TA 252 -55.45 -51.38 125.82
N LEU TA 253 -55.90 -51.27 127.07
CA LEU TA 253 -54.96 -51.16 128.19
C LEU TA 253 -54.46 -52.52 128.69
N ALA TA 254 -55.14 -53.62 128.33
CA ALA TA 254 -54.67 -54.96 128.61
C ALA TA 254 -53.90 -55.53 127.42
N VAL TA 255 -54.39 -55.26 126.20
CA VAL TA 255 -53.72 -55.75 125.00
C VAL TA 255 -52.28 -55.24 124.95
N ASN TA 256 -52.09 -53.97 125.30
CA ASN TA 256 -50.77 -53.36 125.27
C ASN TA 256 -49.91 -53.69 126.49
N LEU TA 257 -50.40 -54.49 127.42
CA LEU TA 257 -49.64 -54.73 128.65
C LEU TA 257 -49.32 -56.19 128.93
N ILE TA 258 -50.22 -57.13 128.68
CA ILE TA 258 -49.94 -58.53 128.97
C ILE TA 258 -49.46 -59.19 127.68
N PRO TA 259 -48.19 -59.59 127.59
CA PRO TA 259 -47.70 -60.26 126.37
C PRO TA 259 -48.11 -61.72 126.32
N PHE TA 260 -48.10 -62.39 127.47
CA PHE TA 260 -48.46 -63.79 127.56
C PHE TA 260 -49.66 -63.96 128.50
N PRO TA 261 -50.54 -64.92 128.22
CA PRO TA 261 -51.83 -64.95 128.94
C PRO TA 261 -51.72 -65.13 130.43
N ARG TA 262 -50.55 -65.43 130.97
CA ARG TA 262 -50.43 -65.74 132.39
C ARG TA 262 -49.85 -64.60 133.21
N LEU TA 263 -49.29 -63.58 132.58
CA LEU TA 263 -48.56 -62.54 133.30
C LEU TA 263 -49.45 -61.31 133.46
N HIS TA 264 -50.54 -61.49 134.22
CA HIS TA 264 -51.54 -60.44 134.40
C HIS TA 264 -51.62 -59.98 135.85
N PHE TA 265 -50.47 -59.81 136.50
CA PHE TA 265 -50.39 -59.30 137.86
C PHE TA 265 -49.65 -57.97 137.81
N PHE TA 266 -50.39 -56.88 137.86
CA PHE TA 266 -49.85 -55.55 137.61
C PHE TA 266 -49.38 -54.92 138.91
N MET TA 267 -49.05 -53.63 138.85
CA MET TA 267 -48.44 -52.93 139.95
C MET TA 267 -48.61 -51.44 139.74
N VAL TA 268 -49.28 -50.74 140.66
CA VAL TA 268 -49.78 -49.41 140.38
C VAL TA 268 -49.25 -48.40 141.38
N GLY TA 269 -49.47 -47.13 141.05
CA GLY TA 269 -49.14 -46.00 141.91
C GLY TA 269 -49.90 -44.80 141.40
N PHE TA 270 -49.91 -43.75 142.22
CA PHE TA 270 -50.68 -42.55 141.90
C PHE TA 270 -49.80 -41.31 142.02
N THR TA 271 -50.10 -40.31 141.19
CA THR TA 271 -49.41 -39.02 141.16
C THR TA 271 -50.42 -37.96 140.79
N PRO TA 272 -50.33 -36.76 141.39
CA PRO TA 272 -49.31 -36.42 142.38
C PRO TA 272 -49.71 -36.87 143.78
N LEU TA 273 -48.73 -36.94 144.67
CA LEU TA 273 -48.97 -37.25 146.07
C LEU TA 273 -48.04 -36.36 146.89
N THR TA 274 -48.62 -35.56 147.79
CA THR TA 274 -47.83 -34.60 148.52
C THR TA 274 -48.63 -34.12 149.71
N SER TA 275 -47.94 -33.42 150.62
CA SER TA 275 -48.60 -32.89 151.80
C SER TA 275 -49.05 -31.45 151.56
N ARG TA 276 -49.90 -30.97 152.47
CA ARG TA 276 -50.49 -29.64 152.33
C ARG TA 276 -49.43 -28.55 152.27
N GLY TA 277 -48.31 -28.75 152.96
CA GLY TA 277 -47.23 -27.80 152.93
C GLY TA 277 -46.70 -27.56 151.53
N SER TA 278 -46.10 -28.59 150.93
CA SER TA 278 -45.49 -28.42 149.61
C SER TA 278 -46.52 -28.35 148.49
N GLN TA 279 -47.82 -28.56 148.78
CA GLN TA 279 -48.81 -28.30 147.73
C GLN TA 279 -48.76 -26.84 147.27
N GLN TA 280 -48.57 -25.92 148.22
CA GLN TA 280 -48.61 -24.50 147.89
C GLN TA 280 -47.52 -24.09 146.91
N TYR TA 281 -46.42 -24.81 146.86
CA TYR TA 281 -45.25 -24.35 146.12
C TYR TA 281 -44.82 -25.25 144.99
N ARG TA 282 -45.10 -26.55 145.05
CA ARG TA 282 -44.72 -27.43 143.96
C ARG TA 282 -45.51 -27.10 142.70
N ALA TA 283 -44.79 -26.73 141.64
CA ALA TA 283 -45.43 -26.59 140.35
C ALA TA 283 -45.85 -27.97 139.83
N LEU TA 284 -46.96 -28.01 139.12
CA LEU TA 284 -47.55 -29.26 138.64
C LEU TA 284 -47.26 -29.38 137.15
N THR TA 285 -46.22 -30.14 136.81
CA THR TA 285 -45.81 -30.33 135.43
C THR TA 285 -45.68 -31.81 135.12
N VAL TA 286 -45.74 -32.12 133.83
CA VAL TA 286 -45.54 -33.48 133.33
C VAL TA 286 -44.20 -34.04 133.81
N PRO TA 287 -43.11 -33.25 133.80
CA PRO TA 287 -41.87 -33.77 134.38
C PRO TA 287 -42.01 -34.20 135.82
N GLU TA 288 -42.65 -33.38 136.67
CA GLU TA 288 -42.83 -33.77 138.07
C GLU TA 288 -43.64 -35.05 138.18
N LEU TA 289 -44.72 -35.15 137.41
CA LEU TA 289 -45.56 -36.34 137.49
C LEU TA 289 -44.78 -37.58 137.08
N THR TA 290 -44.01 -37.50 136.01
CA THR TA 290 -43.31 -38.68 135.50
C THR TA 290 -42.04 -38.99 136.28
N GLN TA 291 -41.52 -38.05 137.06
CA GLN TA 291 -40.42 -38.39 137.94
C GLN TA 291 -40.92 -38.90 139.29
N GLN TA 292 -42.15 -38.61 139.66
CA GLN TA 292 -42.68 -39.22 140.88
C GLN TA 292 -43.24 -40.61 140.62
N MET TA 293 -43.89 -40.82 139.47
CA MET TA 293 -44.52 -42.12 139.23
C MET TA 293 -43.48 -43.22 139.03
N TRP TA 294 -42.34 -42.90 138.41
CA TRP TA 294 -41.37 -43.94 138.11
C TRP TA 294 -40.57 -44.37 139.33
N ASP TA 295 -40.78 -43.75 140.48
CA ASP TA 295 -40.11 -44.16 141.70
C ASP TA 295 -40.49 -45.61 142.06
N ALA TA 296 -39.66 -46.22 142.89
CA ALA TA 296 -39.94 -47.54 143.43
C ALA TA 296 -40.75 -47.48 144.71
N LYS TA 297 -41.19 -46.28 145.11
CA LYS TA 297 -41.97 -46.12 146.33
C LYS TA 297 -43.47 -46.06 146.05
N ASN TA 298 -43.88 -45.30 145.02
CA ASN TA 298 -45.30 -45.15 144.73
C ASN TA 298 -45.98 -46.46 144.40
N MET TA 299 -45.22 -47.54 144.18
CA MET TA 299 -45.82 -48.84 143.95
C MET TA 299 -46.65 -49.24 145.17
N MET TA 300 -47.96 -49.35 144.99
CA MET TA 300 -48.85 -49.63 146.12
C MET TA 300 -48.63 -51.02 146.71
N CYS TA 301 -47.99 -51.93 145.96
CA CYS TA 301 -47.68 -53.25 146.49
C CYS TA 301 -46.22 -53.30 146.91
N ALA TA 302 -45.87 -54.35 147.66
CA ALA TA 302 -44.54 -54.47 148.27
C ALA TA 302 -43.58 -55.30 147.42
N ALA TA 303 -43.37 -54.91 146.17
CA ALA TA 303 -42.40 -55.54 145.28
C ALA TA 303 -41.51 -54.46 144.70
N ASP TA 304 -40.21 -54.53 145.03
CA ASP TA 304 -39.26 -53.52 144.58
C ASP TA 304 -38.89 -53.76 143.12
N PRO TA 305 -39.19 -52.82 142.21
CA PRO TA 305 -38.83 -53.03 140.80
C PRO TA 305 -37.34 -53.16 140.55
N ARG TA 306 -36.50 -52.85 141.54
CA ARG TA 306 -35.06 -52.97 141.36
C ARG TA 306 -34.62 -54.40 141.15
N HIS TA 307 -35.44 -55.37 141.57
CA HIS TA 307 -35.10 -56.78 141.48
C HIS TA 307 -35.51 -57.41 140.16
N GLY TA 308 -36.06 -56.64 139.23
CA GLY TA 308 -36.52 -57.21 137.98
C GLY TA 308 -36.42 -56.25 136.82
N ARG TA 309 -37.21 -56.51 135.78
CA ARG TA 309 -37.20 -55.68 134.59
C ARG TA 309 -38.63 -55.49 134.12
N TYR TA 310 -38.99 -54.26 133.78
CA TYR TA 310 -40.35 -53.95 133.35
C TYR TA 310 -40.63 -54.62 132.02
N LEU TA 311 -41.54 -55.59 132.02
CA LEU TA 311 -42.05 -56.09 130.74
C LEU TA 311 -42.75 -54.98 129.99
N THR TA 312 -43.80 -54.42 130.57
CA THR TA 312 -44.51 -53.29 130.01
C THR TA 312 -44.89 -52.33 131.12
N ALA TA 313 -45.21 -51.10 130.73
CA ALA TA 313 -45.67 -50.10 131.68
C ALA TA 313 -46.66 -49.19 130.99
N SER TA 314 -47.43 -48.46 131.79
CA SER TA 314 -48.45 -47.58 131.23
C SER TA 314 -48.65 -46.41 132.18
N ALA TA 315 -48.91 -45.25 131.58
CA ALA TA 315 -49.10 -44.03 132.35
C ALA TA 315 -50.31 -43.31 131.78
N LEU TA 316 -51.34 -43.15 132.59
CA LEU TA 316 -52.55 -42.42 132.19
C LEU TA 316 -52.52 -41.07 132.89
N PHE TA 317 -52.33 -40.00 132.12
CA PHE TA 317 -52.37 -38.65 132.63
C PHE TA 317 -53.74 -38.06 132.38
N ARG TA 318 -54.11 -37.10 133.22
CA ARG TA 318 -55.32 -36.33 133.01
C ARG TA 318 -55.03 -34.88 133.34
N GLY TA 319 -55.41 -34.00 132.42
CA GLY TA 319 -55.15 -32.58 132.52
C GLY TA 319 -54.67 -32.06 131.18
N ARG TA 320 -55.01 -30.81 130.87
CA ARG TA 320 -54.60 -30.20 129.62
C ARG TA 320 -53.09 -30.00 129.63
N MET TA 321 -52.36 -30.81 128.86
CA MET TA 321 -50.91 -30.82 128.91
C MET TA 321 -50.36 -31.12 127.52
N SER TA 322 -49.07 -30.88 127.36
CA SER TA 322 -48.41 -31.12 126.08
C SER TA 322 -48.00 -32.59 125.98
N THR TA 323 -48.52 -33.28 124.95
CA THR TA 323 -48.26 -34.71 124.78
C THR TA 323 -46.83 -34.99 124.36
N LYS TA 324 -46.14 -34.03 123.74
CA LYS TA 324 -44.75 -34.27 123.38
C LYS TA 324 -43.92 -34.49 124.64
N GLU TA 325 -44.21 -33.72 125.68
CA GLU TA 325 -43.52 -33.88 126.96
C GLU TA 325 -43.68 -35.28 127.50
N VAL TA 326 -44.93 -35.75 127.58
CA VAL TA 326 -45.20 -37.11 128.05
C VAL TA 326 -44.41 -38.13 127.24
N ASP TA 327 -44.52 -38.03 125.92
CA ASP TA 327 -43.87 -38.99 125.04
C ASP TA 327 -42.37 -39.01 125.28
N GLU TA 328 -41.74 -37.84 125.32
CA GLU TA 328 -40.30 -37.78 125.46
C GLU TA 328 -39.85 -38.09 126.88
N GLN TA 329 -40.67 -37.86 127.91
CA GLN TA 329 -40.27 -38.25 129.25
C GLN TA 329 -40.23 -39.77 129.37
N MET TA 330 -41.28 -40.43 128.88
CA MET TA 330 -41.25 -41.89 128.86
C MET TA 330 -40.08 -42.41 128.04
N LEU TA 331 -39.82 -41.81 126.88
CA LEU TA 331 -38.70 -42.24 126.06
C LEU TA 331 -37.37 -42.02 126.76
N ASN TA 332 -37.20 -40.89 127.45
CA ASN TA 332 -35.93 -40.60 128.08
C ASN TA 332 -35.70 -41.51 129.27
N VAL TA 333 -36.75 -41.88 130.00
CA VAL TA 333 -36.61 -42.85 131.08
C VAL TA 333 -36.19 -44.20 130.54
N GLN TA 334 -36.87 -44.67 129.48
CA GLN TA 334 -36.48 -45.92 128.84
C GLN TA 334 -35.04 -45.89 128.38
N ASN TA 335 -34.59 -44.75 127.87
CA ASN TA 335 -33.23 -44.60 127.39
C ASN TA 335 -32.23 -44.61 128.53
N LYS TA 336 -32.50 -43.85 129.59
CA LYS TA 336 -31.60 -43.76 130.72
C LYS TA 336 -31.44 -45.11 131.41
N ASN TA 337 -32.54 -45.63 131.96
CA ASN TA 337 -32.48 -46.88 132.72
C ASN TA 337 -32.77 -48.08 131.83
N SER TA 338 -32.03 -48.21 130.73
CA SER TA 338 -32.35 -49.22 129.73
C SER TA 338 -32.17 -50.64 130.24
N SER TA 339 -31.36 -50.85 131.28
CA SER TA 339 -31.10 -52.19 131.76
C SER TA 339 -32.31 -52.79 132.48
N TYR TA 340 -33.18 -51.96 133.04
CA TYR TA 340 -34.36 -52.43 133.76
C TYR TA 340 -35.55 -52.65 132.86
N PHE TA 341 -35.34 -52.80 131.56
CA PHE TA 341 -36.40 -53.07 130.61
C PHE TA 341 -35.94 -54.18 129.67
N VAL TA 342 -36.82 -55.14 129.40
CA VAL TA 342 -36.44 -56.24 128.56
C VAL TA 342 -36.04 -55.74 127.17
N GLU TA 343 -35.24 -56.53 126.48
CA GLU TA 343 -34.68 -56.13 125.19
C GLU TA 343 -35.57 -56.50 124.03
N TRP TA 344 -36.32 -57.59 124.13
CA TRP TA 344 -37.17 -58.03 123.04
C TRP TA 344 -38.45 -57.23 122.93
N ILE TA 345 -38.50 -56.07 123.59
CA ILE TA 345 -39.55 -55.10 123.39
C ILE TA 345 -38.88 -53.76 123.09
N PRO TA 346 -39.01 -53.22 121.88
CA PRO TA 346 -38.29 -51.98 121.54
C PRO TA 346 -38.69 -50.81 122.42
N ASN TA 347 -39.96 -50.46 122.40
CA ASN TA 347 -40.54 -49.49 123.33
C ASN TA 347 -41.59 -50.23 124.13
N ASN TA 348 -41.57 -50.07 125.45
CA ASN TA 348 -42.40 -50.86 126.33
C ASN TA 348 -43.24 -50.02 127.28
N VAL TA 349 -43.55 -48.78 126.93
CA VAL TA 349 -44.45 -47.98 127.74
C VAL TA 349 -45.56 -47.44 126.86
N LYS TA 350 -46.75 -47.39 127.44
CA LYS TA 350 -47.91 -46.75 126.83
C LYS TA 350 -48.20 -45.46 127.57
N SER TA 351 -48.61 -44.44 126.83
CA SER TA 351 -48.91 -43.14 127.41
C SER TA 351 -50.28 -42.71 126.91
N SER TA 352 -51.21 -42.49 127.84
CA SER TA 352 -52.55 -42.05 127.51
C SER TA 352 -52.83 -40.73 128.23
N VAL TA 353 -53.64 -39.88 127.60
CA VAL TA 353 -53.91 -38.55 128.12
C VAL TA 353 -55.40 -38.24 128.00
N CYS TA 354 -55.98 -37.78 129.11
CA CYS TA 354 -57.37 -37.34 129.15
C CYS TA 354 -57.43 -35.84 129.40
N ASP TA 355 -58.44 -35.19 128.81
CA ASP TA 355 -58.53 -33.74 128.90
C ASP TA 355 -59.03 -33.25 130.24
N ILE TA 356 -59.71 -34.11 131.01
CA ILE TA 356 -60.43 -33.67 132.20
C ILE TA 356 -59.56 -33.99 133.41
N PRO TA 357 -59.03 -32.99 134.11
CA PRO TA 357 -58.25 -33.25 135.30
C PRO TA 357 -59.15 -33.62 136.46
N PRO TA 358 -58.59 -34.02 137.59
CA PRO TA 358 -59.42 -34.30 138.76
C PRO TA 358 -60.15 -33.04 139.22
N LYS TA 359 -61.07 -33.24 140.18
CA LYS TA 359 -61.92 -32.14 140.59
C LYS TA 359 -61.10 -31.04 141.26
N GLY TA 360 -60.18 -31.41 142.14
CA GLY TA 360 -59.40 -30.45 142.87
C GLY TA 360 -57.99 -30.22 142.38
N LEU TA 361 -57.60 -30.82 141.26
CA LEU TA 361 -56.24 -30.70 140.74
C LEU TA 361 -56.26 -30.17 139.32
N LYS TA 362 -55.08 -29.77 138.84
CA LYS TA 362 -54.93 -29.35 137.47
C LYS TA 362 -54.32 -30.43 136.59
N MET TA 363 -53.50 -31.30 137.15
CA MET TA 363 -52.99 -32.44 136.40
C MET TA 363 -52.70 -33.58 137.38
N SER TA 364 -52.93 -34.80 136.90
CA SER TA 364 -52.67 -35.99 137.70
C SER TA 364 -52.27 -37.11 136.77
N ALA TA 365 -51.70 -38.17 137.34
CA ALA TA 365 -51.26 -39.30 136.54
C ALA TA 365 -51.26 -40.58 137.36
N THR TA 366 -51.78 -41.64 136.76
CA THR TA 366 -51.81 -42.96 137.35
C THR TA 366 -50.86 -43.89 136.60
N PHE TA 367 -50.21 -44.78 137.33
CA PHE TA 367 -49.14 -45.61 136.80
C PHE TA 367 -49.52 -47.08 136.94
N ILE TA 368 -49.11 -47.88 135.95
CA ILE TA 368 -49.23 -49.34 136.01
C ILE TA 368 -47.94 -49.92 135.45
N GLY TA 369 -47.42 -50.97 136.08
CA GLY TA 369 -46.23 -51.60 135.55
C GLY TA 369 -46.20 -53.10 135.76
N ASN TA 370 -46.07 -53.87 134.67
CA ASN TA 370 -46.07 -55.32 134.76
C ASN TA 370 -44.62 -55.77 134.87
N SER TA 371 -44.04 -55.54 136.05
CA SER TA 371 -42.64 -55.80 136.30
C SER TA 371 -42.40 -57.25 136.65
N THR TA 372 -41.20 -57.74 136.32
CA THR TA 372 -40.81 -59.10 136.67
C THR TA 372 -40.39 -59.24 138.12
N ALA TA 373 -40.38 -58.15 138.88
CA ALA TA 373 -40.06 -58.22 140.30
C ALA TA 373 -41.21 -58.72 141.14
N ILE TA 374 -42.41 -58.83 140.56
CA ILE TA 374 -43.57 -59.28 141.31
C ILE TA 374 -43.42 -60.73 141.75
N GLN TA 375 -42.51 -61.47 141.13
CA GLN TA 375 -42.33 -62.88 141.46
C GLN TA 375 -41.92 -63.08 142.92
N GLU TA 376 -41.33 -62.07 143.55
CA GLU TA 376 -40.89 -62.24 144.94
C GLU TA 376 -42.05 -62.36 145.90
N MET TA 377 -43.16 -61.69 145.65
CA MET TA 377 -44.33 -61.85 146.50
C MET TA 377 -44.84 -63.30 146.46
N PHE TA 378 -44.98 -63.88 145.26
CA PHE TA 378 -45.39 -65.27 145.17
C PHE TA 378 -44.35 -66.20 145.77
N LYS TA 379 -43.07 -65.87 145.65
CA LYS TA 379 -42.04 -66.67 146.29
C LYS TA 379 -42.20 -66.67 147.81
N ARG TA 380 -42.37 -65.49 148.40
CA ARG TA 380 -42.58 -65.39 149.84
C ARG TA 380 -43.85 -66.11 150.27
N VAL TA 381 -44.93 -65.94 149.51
CA VAL TA 381 -46.20 -66.57 149.86
C VAL TA 381 -46.05 -68.09 149.83
N SER TA 382 -45.43 -68.63 148.78
CA SER TA 382 -45.23 -70.06 148.69
C SER TA 382 -44.29 -70.57 149.77
N GLU TA 383 -43.27 -69.79 150.15
CA GLU TA 383 -42.40 -70.19 151.23
C GLU TA 383 -43.19 -70.36 152.52
N GLN TA 384 -44.00 -69.36 152.86
CA GLN TA 384 -44.84 -69.46 154.05
C GLN TA 384 -45.81 -70.63 153.96
N PHE TA 385 -46.44 -70.79 152.80
CA PHE TA 385 -47.40 -71.87 152.62
C PHE TA 385 -46.75 -73.22 152.85
N THR TA 386 -45.55 -73.41 152.31
CA THR TA 386 -44.89 -74.71 152.42
C THR TA 386 -44.13 -74.88 153.73
N ALA TA 387 -43.86 -73.80 154.45
CA ALA TA 387 -43.38 -73.96 155.82
C ALA TA 387 -44.50 -74.41 156.73
N MET TA 388 -45.72 -74.00 156.43
CA MET TA 388 -46.83 -74.41 157.29
C MET TA 388 -47.51 -75.71 156.87
N PHE TA 389 -47.68 -75.95 155.57
CA PHE TA 389 -48.35 -77.16 155.11
C PHE TA 389 -47.46 -78.37 155.26
N ARG TA 390 -46.15 -78.15 155.36
CA ARG TA 390 -45.23 -79.27 155.61
C ARG TA 390 -45.54 -79.95 156.93
N ARG TA 391 -45.98 -79.20 157.92
CA ARG TA 391 -46.32 -79.76 159.22
C ARG TA 391 -47.78 -80.13 159.34
N LYS TA 392 -48.60 -79.76 158.35
CA LYS TA 392 -50.05 -79.99 158.38
C LYS TA 392 -50.68 -79.34 159.61
N ALA TA 393 -50.53 -78.02 159.68
CA ALA TA 393 -51.18 -77.22 160.70
C ALA TA 393 -52.41 -76.55 160.10
N PHE TA 394 -53.48 -76.48 160.91
CA PHE TA 394 -54.73 -75.85 160.52
C PHE TA 394 -55.35 -76.48 159.27
N LEU TA 395 -55.10 -77.77 159.03
CA LEU TA 395 -55.67 -78.41 157.86
C LEU TA 395 -56.98 -79.14 158.12
N HIS TA 396 -57.27 -79.50 159.37
CA HIS TA 396 -58.53 -80.18 159.63
C HIS TA 396 -59.72 -79.29 159.28
N TRP TA 397 -59.57 -77.98 159.44
CA TRP TA 397 -60.60 -77.06 159.00
C TRP TA 397 -60.87 -77.23 157.51
N TYR TA 398 -59.84 -77.04 156.68
CA TYR TA 398 -60.04 -77.09 155.23
C TYR TA 398 -60.50 -78.47 154.77
N THR TA 399 -60.10 -79.52 155.48
CA THR TA 399 -60.60 -80.85 155.13
C THR TA 399 -62.06 -81.02 155.52
N GLY TA 400 -62.52 -80.30 156.54
CA GLY TA 400 -63.91 -80.41 156.96
C GLY TA 400 -64.91 -80.05 155.89
N GLU TA 401 -64.54 -79.18 154.95
CA GLU TA 401 -65.42 -78.81 153.86
C GLU TA 401 -65.26 -79.73 152.65
N GLY TA 402 -64.83 -80.97 152.87
CA GLY TA 402 -64.66 -81.92 151.79
C GLY TA 402 -63.41 -81.72 150.95
N MET TA 403 -62.55 -80.77 151.31
CA MET TA 403 -61.33 -80.58 150.54
C MET TA 403 -60.30 -81.65 150.88
N ASP TA 404 -59.33 -81.83 149.99
CA ASP TA 404 -58.19 -82.68 150.23
C ASP TA 404 -56.91 -81.92 149.90
N GLU TA 405 -55.78 -82.61 149.96
CA GLU TA 405 -54.47 -81.96 149.95
C GLU TA 405 -53.86 -81.89 148.56
N MET TA 406 -54.36 -82.69 147.62
CA MET TA 406 -53.95 -82.51 146.23
C MET TA 406 -54.29 -81.11 145.73
N GLU TA 407 -55.34 -80.48 146.26
CA GLU TA 407 -55.66 -79.11 145.88
C GLU TA 407 -54.57 -78.14 146.34
N PHE TA 408 -54.08 -78.30 147.58
CA PHE TA 408 -52.96 -77.50 148.05
C PHE TA 408 -51.74 -77.69 147.15
N THR TA 409 -51.42 -78.95 146.86
CA THR TA 409 -50.22 -79.24 146.07
C THR TA 409 -50.34 -78.66 144.66
N GLU TA 410 -51.51 -78.83 144.02
CA GLU TA 410 -51.76 -78.24 142.71
C GLU TA 410 -51.60 -76.72 142.74
N ALA TA 411 -52.15 -76.07 143.78
CA ALA TA 411 -52.04 -74.62 143.86
C ALA TA 411 -50.58 -74.20 144.01
N GLU TA 412 -49.84 -74.89 144.85
CA GLU TA 412 -48.43 -74.56 145.04
C GLU TA 412 -47.64 -74.77 143.74
N SER TA 413 -47.92 -75.86 143.03
CA SER TA 413 -47.22 -76.13 141.79
C SER TA 413 -47.52 -75.06 140.75
N ASN TA 414 -48.77 -74.61 140.67
CA ASN TA 414 -49.10 -73.57 139.71
C ASN TA 414 -48.43 -72.24 140.08
N MET TA 415 -48.32 -71.94 141.37
CA MET TA 415 -47.58 -70.75 141.78
C MET TA 415 -46.12 -70.85 141.33
N ASN TA 416 -45.53 -72.03 141.48
CA ASN TA 416 -44.14 -72.18 141.09
C ASN TA 416 -43.97 -72.13 139.57
N ASP TA 417 -44.94 -72.65 138.82
CA ASP TA 417 -44.87 -72.53 137.36
C ASP TA 417 -44.96 -71.06 136.94
N LEU TA 418 -45.75 -70.27 137.65
CA LEU TA 418 -45.87 -68.85 137.31
C LEU TA 418 -44.62 -68.05 137.69
N VAL TA 419 -44.02 -68.34 138.84
CA VAL TA 419 -42.77 -67.67 139.16
C VAL TA 419 -41.66 -68.11 138.18
N SER TA 420 -41.71 -69.34 137.66
CA SER TA 420 -40.74 -69.74 136.66
C SER TA 420 -40.95 -68.99 135.35
N GLU TA 421 -42.20 -68.84 134.93
CA GLU TA 421 -42.52 -67.97 133.79
C GLU TA 421 -41.83 -66.62 133.95
N TYR TA 422 -42.07 -65.98 135.11
CA TYR TA 422 -41.50 -64.67 135.36
C TYR TA 422 -39.98 -64.69 135.27
N GLN TA 423 -39.35 -65.70 135.89
CA GLN TA 423 -37.89 -65.75 135.89
C GLN TA 423 -37.34 -65.93 134.48
N GLN TA 424 -37.91 -66.86 133.71
CA GLN TA 424 -37.45 -67.07 132.34
C GLN TA 424 -37.52 -65.78 131.55
N TYR TA 425 -38.67 -65.12 131.57
CA TYR TA 425 -38.81 -63.90 130.80
C TYR TA 425 -37.99 -62.74 131.37
N GLN TA 426 -37.57 -62.83 132.62
CA GLN TA 426 -36.72 -61.78 133.17
C GLN TA 426 -35.34 -61.73 132.52
N ASP TA 427 -34.89 -62.80 131.87
CA ASP TA 427 -33.54 -62.79 131.31
C ASP TA 427 -33.44 -63.41 129.93
N ALA TA 428 -34.54 -63.83 129.31
CA ALA TA 428 -34.46 -64.28 127.92
C ALA TA 428 -34.09 -63.09 127.03
N SER TA 429 -32.89 -63.10 126.48
CA SER TA 429 -32.50 -62.01 125.58
C SER TA 429 -33.09 -62.24 124.19
N ALA TA 430 -33.00 -61.20 123.36
CA ALA TA 430 -33.54 -61.28 122.02
C ALA TA 430 -32.79 -62.29 121.16
N GLU TA 431 -31.49 -62.47 121.43
CA GLU TA 431 -30.65 -63.41 120.71
C GLU TA 431 -30.37 -64.61 121.60
N GLU TA 432 -30.68 -65.81 121.10
CA GLU TA 432 -30.73 -67.00 121.94
C GLU TA 432 -29.36 -67.45 122.45
N GLU TA 433 -28.27 -67.06 121.80
CA GLU TA 433 -26.97 -67.65 122.12
C GLU TA 433 -26.51 -67.28 123.52
N GLY TA 434 -26.92 -66.12 124.05
CA GLY TA 434 -26.43 -65.70 125.35
C GLY TA 434 -27.06 -66.42 126.53
N GLU TA 435 -28.16 -67.15 126.30
CA GLU TA 435 -28.85 -67.80 127.40
C GLU TA 435 -28.25 -69.16 127.74
N PHE TA 436 -27.90 -69.93 126.73
CA PHE TA 436 -27.47 -71.32 126.90
C PHE TA 436 -26.02 -71.44 126.46
N GLU TA 437 -25.14 -71.66 127.42
CA GLU TA 437 -23.71 -71.76 127.15
C GLU TA 437 -23.03 -72.61 128.22
N MET UA 1 14.28 -20.90 -54.09
CA MET UA 1 13.83 -22.24 -54.47
C MET UA 1 14.82 -23.29 -54.02
N ARG UA 2 14.55 -24.54 -54.39
CA ARG UA 2 15.39 -25.69 -54.05
C ARG UA 2 15.51 -25.91 -52.55
N GLU UA 3 14.64 -25.29 -51.76
CA GLU UA 3 14.69 -25.45 -50.32
C GLU UA 3 14.53 -26.91 -49.93
N ILE UA 4 15.06 -27.26 -48.76
CA ILE UA 4 15.04 -28.63 -48.28
C ILE UA 4 14.61 -28.61 -46.81
N VAL UA 5 13.67 -29.48 -46.48
CA VAL UA 5 13.17 -29.60 -45.11
C VAL UA 5 13.87 -30.80 -44.47
N HIS UA 6 14.23 -30.64 -43.20
CA HIS UA 6 15.10 -31.57 -42.50
C HIS UA 6 14.36 -32.21 -41.33
N ILE UA 7 14.49 -33.51 -41.19
CA ILE UA 7 13.84 -34.27 -40.13
C ILE UA 7 14.90 -35.00 -39.32
N GLN UA 8 14.70 -35.09 -38.01
CA GLN UA 8 15.67 -35.68 -37.10
C GLN UA 8 14.95 -36.66 -36.18
N GLY UA 9 14.92 -37.93 -36.57
CA GLY UA 9 14.31 -38.98 -35.79
C GLY UA 9 15.28 -39.65 -34.84
N GLY UA 10 14.74 -40.28 -33.81
CA GLY UA 10 15.55 -41.03 -32.87
C GLY UA 10 16.38 -40.13 -31.98
N GLN UA 11 17.20 -40.77 -31.15
CA GLN UA 11 18.12 -40.05 -30.28
C GLN UA 11 19.38 -39.65 -31.03
N CYS UA 12 20.05 -40.62 -31.63
CA CYS UA 12 21.25 -40.34 -32.43
C CYS UA 12 20.95 -39.34 -33.53
N GLY UA 13 19.92 -39.64 -34.34
CA GLY UA 13 19.52 -38.70 -35.37
C GLY UA 13 19.22 -37.33 -34.82
N ASN UA 14 18.71 -37.27 -33.59
CA ASN UA 14 18.53 -35.99 -32.93
C ASN UA 14 19.87 -35.41 -32.48
N GLN UA 15 20.86 -36.26 -32.28
CA GLN UA 15 22.13 -35.80 -31.74
C GLN UA 15 23.14 -35.45 -32.84
N ILE UA 16 23.22 -36.25 -33.89
CA ILE UA 16 24.04 -35.86 -35.03
C ILE UA 16 23.43 -34.64 -35.71
N GLY UA 17 22.10 -34.54 -35.69
CA GLY UA 17 21.45 -33.37 -36.25
C GLY UA 17 21.78 -32.10 -35.52
N ALA UA 18 22.16 -32.21 -34.25
CA ALA UA 18 22.60 -31.03 -33.51
C ALA UA 18 23.86 -30.45 -34.12
N LYS UA 19 24.80 -31.31 -34.52
CA LYS UA 19 26.03 -30.82 -35.14
C LYS UA 19 25.76 -30.31 -36.55
N PHE UA 20 25.00 -31.07 -37.34
CA PHE UA 20 24.70 -30.66 -38.70
C PHE UA 20 24.13 -29.25 -38.74
N TRP UA 21 23.29 -28.91 -37.77
CA TRP UA 21 22.78 -27.55 -37.68
C TRP UA 21 23.76 -26.61 -36.99
N GLU UA 22 24.83 -27.14 -36.41
CA GLU UA 22 25.86 -26.29 -35.84
C GLU UA 22 26.94 -25.97 -36.86
N VAL UA 23 27.22 -26.90 -37.78
CA VAL UA 23 28.20 -26.64 -38.83
C VAL UA 23 27.66 -25.66 -39.85
N VAL UA 24 26.51 -25.98 -40.45
CA VAL UA 24 25.97 -25.15 -41.51
C VAL UA 24 25.59 -23.77 -40.99
N SER UA 25 25.26 -23.67 -39.71
CA SER UA 25 25.04 -22.36 -39.12
C SER UA 25 26.32 -21.55 -39.10
N ASP UA 26 27.47 -22.21 -39.15
CA ASP UA 26 28.75 -21.51 -39.18
C ASP UA 26 29.26 -21.33 -40.61
N GLU UA 27 28.96 -22.29 -41.48
CA GLU UA 27 29.30 -22.13 -42.89
C GLU UA 27 28.70 -20.85 -43.46
N HIS UA 28 27.40 -20.66 -43.25
CA HIS UA 28 26.72 -19.43 -43.65
C HIS UA 28 26.89 -18.32 -42.61
N GLY UA 29 27.67 -18.55 -41.57
CA GLY UA 29 28.07 -17.49 -40.67
C GLY UA 29 26.94 -16.81 -39.91
N ILE UA 30 26.00 -17.58 -39.39
CA ILE UA 30 24.99 -17.04 -38.51
C ILE UA 30 25.32 -17.42 -37.08
N ASP UA 31 24.83 -16.63 -36.15
CA ASP UA 31 25.17 -16.73 -34.74
C ASP UA 31 24.17 -17.58 -33.99
N PRO UA 32 24.51 -18.05 -32.79
CA PRO UA 32 23.54 -18.81 -31.99
C PRO UA 32 22.28 -18.02 -31.68
N THR UA 33 22.30 -16.70 -31.81
CA THR UA 33 21.09 -15.89 -31.71
C THR UA 33 20.22 -15.98 -32.95
N GLY UA 34 20.65 -16.72 -33.97
CA GLY UA 34 19.94 -16.76 -35.23
C GLY UA 34 20.17 -15.55 -36.12
N THR UA 35 21.06 -14.64 -35.73
CA THR UA 35 21.35 -13.44 -36.50
C THR UA 35 22.57 -13.66 -37.37
N TYR UA 36 22.53 -13.13 -38.58
CA TYR UA 36 23.61 -13.29 -39.53
C TYR UA 36 24.75 -12.34 -39.20
N HIS UA 37 25.98 -12.85 -39.19
CA HIS UA 37 27.14 -12.01 -38.97
C HIS UA 37 28.30 -12.41 -39.87
N GLY UA 38 28.00 -12.93 -41.06
CA GLY UA 38 29.02 -13.21 -42.05
C GLY UA 38 29.50 -11.95 -42.72
N ASP UA 39 30.15 -12.12 -43.86
CA ASP UA 39 30.69 -10.96 -44.56
C ASP UA 39 30.24 -10.85 -46.01
N SER UA 40 30.18 -11.95 -46.74
CA SER UA 40 29.88 -11.91 -48.17
C SER UA 40 28.38 -12.00 -48.41
N ASP UA 41 28.00 -11.97 -49.68
CA ASP UA 41 26.61 -12.23 -50.07
C ASP UA 41 26.38 -13.69 -50.40
N LEU UA 42 27.43 -14.43 -50.75
CA LEU UA 42 27.28 -15.87 -50.99
C LEU UA 42 26.76 -16.60 -49.76
N GLN UA 43 26.91 -16.02 -48.58
CA GLN UA 43 26.27 -16.54 -47.38
C GLN UA 43 24.76 -16.31 -47.39
N LEU UA 44 24.24 -15.58 -48.38
CA LEU UA 44 22.84 -15.17 -48.37
C LEU UA 44 22.08 -15.51 -49.64
N GLU UA 45 22.75 -15.70 -50.78
CA GLU UA 45 22.04 -15.93 -52.02
C GLU UA 45 21.20 -17.20 -51.95
N ARG UA 46 21.72 -18.23 -51.30
CA ARG UA 46 21.02 -19.50 -51.15
C ARG UA 46 20.94 -19.92 -49.69
N ILE UA 47 20.67 -18.95 -48.81
CA ILE UA 47 20.46 -19.30 -47.41
C ILE UA 47 19.08 -19.93 -47.23
N ASN UA 48 18.12 -19.57 -48.06
CA ASN UA 48 16.73 -20.02 -47.91
C ASN UA 48 16.56 -21.51 -48.08
N VAL UA 49 17.62 -22.25 -48.41
CA VAL UA 49 17.46 -23.69 -48.61
C VAL UA 49 17.38 -24.41 -47.27
N TYR UA 50 18.10 -23.93 -46.27
CA TYR UA 50 18.15 -24.57 -44.96
C TYR UA 50 17.33 -23.85 -43.90
N PHE UA 51 16.85 -22.64 -44.16
CA PHE UA 51 16.31 -21.83 -43.10
C PHE UA 51 14.97 -21.23 -43.49
N ASN UA 52 14.31 -20.69 -42.48
CA ASN UA 52 13.15 -19.84 -42.66
C ASN UA 52 13.46 -18.49 -42.06
N GLU UA 53 12.99 -17.43 -42.71
CA GLU UA 53 13.16 -16.10 -42.17
C GLU UA 53 12.44 -15.96 -40.84
N ALA UA 54 12.79 -14.90 -40.12
CA ALA UA 54 12.09 -14.58 -38.88
C ALA UA 54 12.09 -13.07 -38.71
N THR UA 55 11.25 -12.59 -37.80
CA THR UA 55 11.22 -11.17 -37.49
C THR UA 55 12.53 -10.76 -36.85
N GLY UA 56 12.93 -9.51 -37.11
CA GLY UA 56 14.18 -9.01 -36.57
C GLY UA 56 15.41 -9.48 -37.32
N GLY UA 57 15.25 -10.00 -38.52
CA GLY UA 57 16.39 -10.50 -39.30
C GLY UA 57 17.04 -11.73 -38.72
N ARG UA 58 16.26 -12.60 -38.07
CA ARG UA 58 16.78 -13.85 -37.52
C ARG UA 58 16.46 -15.00 -38.46
N TYR UA 59 17.29 -16.04 -38.40
CA TYR UA 59 17.11 -17.24 -39.20
C TYR UA 59 16.93 -18.43 -38.28
N VAL UA 60 15.92 -19.25 -38.55
CA VAL UA 60 15.69 -20.46 -37.79
C VAL UA 60 15.70 -21.63 -38.75
N PRO UA 61 16.23 -22.79 -38.36
CA PRO UA 61 16.33 -23.90 -39.30
C PRO UA 61 14.97 -24.52 -39.60
N ARG UA 62 14.80 -24.93 -40.85
CA ARG UA 62 13.61 -25.66 -41.28
C ARG UA 62 13.73 -27.13 -40.87
N ALA UA 63 13.92 -27.33 -39.57
CA ALA UA 63 14.16 -28.64 -39.02
C ALA UA 63 12.96 -29.14 -38.24
N ILE UA 64 12.85 -30.46 -38.14
CA ILE UA 64 11.87 -31.12 -37.30
C ILE UA 64 12.61 -32.03 -36.35
N LEU UA 65 12.18 -32.07 -35.10
CA LEU UA 65 12.79 -32.91 -34.07
C LEU UA 65 11.69 -33.78 -33.49
N MET UA 66 11.63 -35.03 -33.92
CA MET UA 66 10.64 -35.99 -33.44
C MET UA 66 11.34 -37.09 -32.65
N ASP UA 67 10.87 -37.33 -31.44
CA ASP UA 67 11.39 -38.42 -30.61
C ASP UA 67 10.51 -38.63 -29.39
N LEU UA 68 10.25 -39.89 -29.05
CA LEU UA 68 9.64 -40.18 -27.76
C LEU UA 68 10.61 -39.80 -26.64
N GLU UA 69 10.16 -39.97 -25.39
CA GLU UA 69 10.96 -39.69 -24.19
C GLU UA 69 11.68 -38.36 -24.34
N PRO UA 70 11.00 -37.25 -24.05
CA PRO UA 70 11.52 -35.92 -24.40
C PRO UA 70 12.76 -35.52 -23.61
N GLY UA 71 13.31 -36.44 -22.83
CA GLY UA 71 14.53 -36.14 -22.09
C GLY UA 71 15.65 -35.62 -22.97
N THR UA 72 15.96 -36.34 -24.05
CA THR UA 72 17.11 -35.95 -24.86
C THR UA 72 16.89 -34.63 -25.57
N MET UA 73 15.65 -34.28 -25.89
CA MET UA 73 15.38 -33.02 -26.57
C MET UA 73 15.74 -31.83 -25.71
N ASP UA 74 15.86 -32.02 -24.39
CA ASP UA 74 16.31 -30.93 -23.54
C ASP UA 74 17.81 -30.71 -23.67
N SER UA 75 18.56 -31.76 -23.97
CA SER UA 75 20.00 -31.63 -24.15
C SER UA 75 20.32 -30.70 -25.31
N VAL UA 76 19.77 -30.99 -26.49
CA VAL UA 76 20.06 -30.16 -27.66
C VAL UA 76 19.60 -28.73 -27.45
N ARG UA 77 18.52 -28.54 -26.69
CA ARG UA 77 18.12 -27.18 -26.34
C ARG UA 77 19.08 -26.55 -25.35
N SER UA 78 19.84 -27.37 -24.60
CA SER UA 78 20.79 -26.84 -23.66
C SER UA 78 22.14 -26.52 -24.32
N GLY UA 79 22.47 -27.22 -25.39
CA GLY UA 79 23.73 -27.03 -26.08
C GLY UA 79 23.89 -25.63 -26.63
N PRO UA 80 25.03 -25.35 -27.27
CA PRO UA 80 25.27 -24.00 -27.78
C PRO UA 80 24.31 -23.58 -28.88
N TYR UA 81 23.85 -24.52 -29.70
CA TYR UA 81 23.00 -24.17 -30.83
C TYR UA 81 21.63 -24.79 -30.71
N GLY UA 82 21.03 -24.69 -29.52
CA GLY UA 82 19.67 -25.13 -29.33
C GLY UA 82 18.69 -23.99 -29.46
N GLN UA 83 19.13 -22.78 -29.12
CA GLN UA 83 18.25 -21.62 -29.10
C GLN UA 83 17.79 -21.18 -30.47
N ILE UA 84 18.21 -21.85 -31.54
CA ILE UA 84 17.80 -21.42 -32.88
C ILE UA 84 16.58 -22.16 -33.41
N PHE UA 85 16.14 -23.21 -32.73
CA PHE UA 85 15.00 -23.97 -33.20
C PHE UA 85 13.70 -23.36 -32.69
N ARG UA 86 12.68 -23.37 -33.53
CA ARG UA 86 11.34 -23.03 -33.07
C ARG UA 86 10.89 -24.09 -32.07
N PRO UA 87 10.60 -23.72 -30.83
CA PRO UA 87 10.13 -24.74 -29.87
C PRO UA 87 8.88 -25.47 -30.32
N ASP UA 88 8.16 -24.94 -31.31
CA ASP UA 88 7.07 -25.70 -31.92
C ASP UA 88 7.59 -26.86 -32.76
N ASN UA 89 8.83 -26.80 -33.23
CA ASN UA 89 9.40 -27.91 -33.97
C ASN UA 89 9.93 -28.95 -33.01
N PHE UA 90 9.09 -29.38 -32.07
CA PHE UA 90 9.45 -30.40 -31.10
C PHE UA 90 8.23 -31.28 -30.88
N VAL UA 91 8.31 -32.53 -31.33
CA VAL UA 91 7.27 -33.51 -31.09
C VAL UA 91 7.84 -34.57 -30.16
N PHE UA 92 7.10 -34.89 -29.11
CA PHE UA 92 7.59 -35.92 -28.20
C PHE UA 92 6.43 -36.50 -27.40
N GLY UA 93 6.69 -37.67 -26.84
CA GLY UA 93 5.79 -38.29 -25.89
C GLY UA 93 6.60 -38.84 -24.73
N GLN UA 94 5.92 -38.99 -23.59
CA GLN UA 94 6.64 -39.35 -22.37
C GLN UA 94 7.18 -40.77 -22.42
N THR UA 95 6.39 -41.72 -22.94
CA THR UA 95 6.79 -43.12 -22.92
C THR UA 95 8.02 -43.34 -23.78
N GLY UA 96 8.90 -44.22 -23.29
CA GLY UA 96 10.11 -44.54 -24.03
C GLY UA 96 9.85 -45.46 -25.21
N ALA UA 97 10.92 -45.71 -25.98
CA ALA UA 97 10.78 -46.50 -27.18
C ALA UA 97 10.91 -47.99 -26.92
N GLY UA 98 11.75 -48.38 -25.97
CA GLY UA 98 11.91 -49.78 -25.62
C GLY UA 98 12.61 -50.62 -26.67
N ASN UA 99 13.23 -50.02 -27.68
CA ASN UA 99 13.88 -50.73 -28.78
C ASN UA 99 12.94 -51.68 -29.50
N ASN UA 100 11.65 -51.59 -29.25
CA ASN UA 100 10.66 -52.47 -29.85
C ASN UA 100 10.14 -51.77 -31.10
N TRP UA 101 10.67 -52.18 -32.26
CA TRP UA 101 10.25 -51.60 -33.52
C TRP UA 101 8.73 -51.57 -33.66
N ALA UA 102 8.05 -52.56 -33.10
CA ALA UA 102 6.60 -52.61 -33.18
C ALA UA 102 5.98 -51.36 -32.59
N LYS UA 103 6.16 -51.16 -31.28
CA LYS UA 103 5.53 -50.01 -30.64
C LYS UA 103 6.03 -48.69 -31.22
N GLY UA 104 7.30 -48.65 -31.65
CA GLY UA 104 7.77 -47.49 -32.38
C GLY UA 104 7.13 -47.31 -33.74
N HIS UA 105 6.54 -48.37 -34.29
CA HIS UA 105 5.95 -48.32 -35.62
C HIS UA 105 4.50 -48.78 -35.65
N TYR UA 106 3.96 -49.33 -34.56
CA TYR UA 106 2.57 -49.77 -34.54
C TYR UA 106 1.73 -48.99 -33.54
N THR UA 107 2.14 -48.93 -32.27
CA THR UA 107 1.29 -48.30 -31.26
C THR UA 107 1.64 -46.83 -31.05
N GLU UA 108 2.85 -46.55 -30.60
CA GLU UA 108 3.19 -45.19 -30.22
C GLU UA 108 3.56 -44.34 -31.41
N GLY UA 109 4.08 -44.94 -32.48
CA GLY UA 109 4.27 -44.21 -33.72
C GLY UA 109 2.95 -43.66 -34.24
N ALA UA 110 1.89 -44.48 -34.18
CA ALA UA 110 0.58 -44.06 -34.67
C ALA UA 110 0.00 -42.89 -33.87
N GLU UA 111 0.56 -42.58 -32.70
CA GLU UA 111 0.02 -41.52 -31.86
C GLU UA 111 0.65 -40.17 -32.10
N LEU UA 112 1.82 -40.12 -32.73
CA LEU UA 112 2.50 -38.86 -32.99
C LEU UA 112 2.52 -38.45 -34.44
N ILE UA 113 2.32 -39.39 -35.37
CA ILE UA 113 2.40 -39.06 -36.78
C ILE UA 113 1.35 -38.03 -37.16
N ASP UA 114 0.14 -38.15 -36.59
CA ASP UA 114 -0.89 -37.16 -36.85
C ASP UA 114 -0.43 -35.77 -36.44
N SER UA 115 0.44 -35.68 -35.43
CA SER UA 115 0.99 -34.40 -35.02
C SER UA 115 2.16 -33.98 -35.90
N VAL UA 116 3.12 -34.90 -36.10
CA VAL UA 116 4.28 -34.58 -36.93
C VAL UA 116 3.85 -34.16 -38.33
N LEU UA 117 2.93 -34.92 -38.93
CA LEU UA 117 2.41 -34.54 -40.24
C LEU UA 117 1.84 -33.12 -40.23
N ASP UA 118 1.24 -32.70 -39.12
CA ASP UA 118 0.80 -31.32 -39.01
C ASP UA 118 1.96 -30.35 -38.96
N VAL UA 119 3.15 -30.81 -38.59
CA VAL UA 119 4.31 -29.92 -38.52
C VAL UA 119 5.10 -29.94 -39.82
N VAL UA 120 5.31 -31.13 -40.40
CA VAL UA 120 6.03 -31.18 -41.67
C VAL UA 120 5.23 -30.47 -42.75
N ARG UA 121 3.90 -30.58 -42.73
CA ARG UA 121 3.09 -29.82 -43.67
C ARG UA 121 3.25 -28.32 -43.45
N LYS UA 122 3.49 -27.90 -42.21
CA LYS UA 122 3.49 -26.48 -41.93
C LYS UA 122 4.72 -25.79 -42.50
N GLU UA 123 5.81 -26.51 -42.73
CA GLU UA 123 6.96 -25.93 -43.39
C GLU UA 123 7.26 -26.51 -44.76
N ALA UA 124 6.67 -27.66 -45.11
CA ALA UA 124 6.62 -28.01 -46.53
C ALA UA 124 5.83 -26.97 -47.30
N GLU UA 125 4.95 -26.26 -46.62
CA GLU UA 125 4.24 -25.11 -47.15
C GLU UA 125 4.98 -23.80 -46.93
N SER UA 126 6.19 -23.86 -46.38
CA SER UA 126 7.04 -22.69 -46.22
C SER UA 126 8.13 -22.61 -47.28
N CYS UA 127 8.05 -23.43 -48.33
CA CYS UA 127 9.09 -23.52 -49.34
C CYS UA 127 8.51 -23.11 -50.69
N ASP UA 128 9.22 -22.24 -51.41
CA ASP UA 128 8.74 -21.84 -52.72
C ASP UA 128 8.86 -22.99 -53.72
N CYS UA 129 9.97 -23.73 -53.67
CA CYS UA 129 10.12 -24.96 -54.45
C CYS UA 129 10.88 -25.95 -53.57
N LEU UA 130 10.14 -26.78 -52.85
CA LEU UA 130 10.74 -27.77 -51.97
C LEU UA 130 11.45 -28.82 -52.81
N GLN UA 131 12.76 -28.96 -52.61
CA GLN UA 131 13.51 -29.95 -53.37
C GLN UA 131 13.22 -31.35 -52.85
N GLY UA 132 13.51 -31.60 -51.58
CA GLY UA 132 13.26 -32.92 -51.02
C GLY UA 132 13.42 -32.90 -49.52
N PHE UA 133 13.25 -34.08 -48.94
CA PHE UA 133 13.42 -34.29 -47.51
C PHE UA 133 14.78 -34.91 -47.24
N GLN UA 134 15.13 -34.97 -45.95
CA GLN UA 134 16.29 -35.73 -45.52
C GLN UA 134 16.18 -36.00 -44.03
N VAL UA 135 16.36 -37.26 -43.64
CA VAL UA 135 16.16 -37.69 -42.27
C VAL UA 135 17.48 -38.21 -41.72
N CYS UA 136 17.48 -38.49 -40.41
CA CYS UA 136 18.65 -39.03 -39.72
C CYS UA 136 18.17 -40.15 -38.82
N HIS UA 137 18.34 -41.39 -39.27
CA HIS UA 137 17.83 -42.55 -38.58
C HIS UA 137 18.86 -43.13 -37.61
N SER UA 138 18.52 -44.27 -37.03
CA SER UA 138 19.47 -45.13 -36.34
C SER UA 138 18.84 -46.51 -36.35
N LEU UA 139 19.28 -47.35 -37.30
CA LEU UA 139 18.59 -48.61 -37.57
C LEU UA 139 18.57 -49.55 -36.37
N GLY UA 140 19.27 -49.22 -35.28
CA GLY UA 140 19.27 -50.07 -34.10
C GLY UA 140 18.12 -49.79 -33.16
N GLY UA 141 17.99 -48.55 -32.73
CA GLY UA 141 16.97 -48.19 -31.75
C GLY UA 141 15.56 -48.32 -32.30
N GLY UA 142 14.60 -48.16 -31.39
CA GLY UA 142 13.21 -48.29 -31.74
C GLY UA 142 12.63 -47.03 -32.34
N THR UA 143 13.03 -45.86 -31.82
CA THR UA 143 12.52 -44.61 -32.36
C THR UA 143 12.94 -44.42 -33.80
N GLY UA 144 14.25 -44.35 -34.04
CA GLY UA 144 14.75 -44.10 -35.38
C GLY UA 144 14.20 -45.06 -36.41
N SER UA 145 14.28 -46.35 -36.12
CA SER UA 145 13.78 -47.34 -37.07
C SER UA 145 12.25 -47.36 -37.08
N GLY UA 146 11.63 -47.58 -35.93
CA GLY UA 146 10.19 -47.70 -35.84
C GLY UA 146 9.43 -46.48 -36.29
N MET UA 147 9.66 -45.34 -35.63
CA MET UA 147 8.94 -44.12 -36.01
C MET UA 147 9.39 -43.62 -37.38
N GLY UA 148 10.69 -43.68 -37.65
CA GLY UA 148 11.23 -43.20 -38.90
C GLY UA 148 10.57 -43.78 -40.13
N THR UA 149 10.51 -45.11 -40.23
CA THR UA 149 9.88 -45.73 -41.39
C THR UA 149 8.40 -45.41 -41.45
N LEU UA 150 7.73 -45.33 -40.30
CA LEU UA 150 6.32 -45.00 -40.30
C LEU UA 150 6.09 -43.60 -40.85
N LEU UA 151 6.93 -42.64 -40.45
CA LEU UA 151 6.84 -41.30 -41.01
C LEU UA 151 7.11 -41.31 -42.51
N ILE UA 152 8.05 -42.15 -42.95
CA ILE UA 152 8.46 -42.15 -44.34
C ILE UA 152 7.33 -42.61 -45.25
N SER UA 153 6.71 -43.75 -44.93
CA SER UA 153 5.59 -44.22 -45.73
C SER UA 153 4.47 -43.21 -45.78
N LYS UA 154 4.36 -42.36 -44.75
CA LYS UA 154 3.36 -41.30 -44.76
C LYS UA 154 3.73 -40.22 -45.76
N ILE UA 155 4.99 -39.78 -45.77
CA ILE UA 155 5.41 -38.74 -46.69
C ILE UA 155 5.32 -39.23 -48.12
N ARG UA 156 5.84 -40.44 -48.39
CA ARG UA 156 5.90 -40.94 -49.75
C ARG UA 156 4.54 -40.95 -50.42
N GLU UA 157 3.49 -41.33 -49.68
CA GLU UA 157 2.17 -41.31 -50.27
C GLU UA 157 1.55 -39.92 -50.31
N GLU UA 158 2.24 -38.91 -49.79
CA GLU UA 158 1.76 -37.53 -49.84
C GLU UA 158 2.62 -36.62 -50.71
N TYR UA 159 3.91 -36.92 -50.86
CA TYR UA 159 4.80 -36.18 -51.75
C TYR UA 159 5.51 -37.19 -52.65
N PRO UA 160 4.77 -37.85 -53.54
CA PRO UA 160 5.40 -38.93 -54.33
C PRO UA 160 6.52 -38.46 -55.22
N ASP UA 161 6.34 -37.34 -55.90
CA ASP UA 161 7.33 -36.92 -56.88
C ASP UA 161 8.63 -36.43 -56.25
N ARG UA 162 8.58 -35.99 -55.00
CA ARG UA 162 9.79 -35.50 -54.34
C ARG UA 162 10.73 -36.67 -54.04
N MET UA 163 11.88 -36.34 -53.46
CA MET UA 163 12.92 -37.32 -53.16
C MET UA 163 13.16 -37.37 -51.67
N MET UA 164 13.37 -38.59 -51.15
CA MET UA 164 13.57 -38.82 -49.72
C MET UA 164 14.94 -39.44 -49.52
N LEU UA 165 15.84 -38.69 -48.90
CA LEU UA 165 17.13 -39.23 -48.47
C LEU UA 165 16.95 -40.00 -47.17
N THR UA 166 18.05 -40.60 -46.71
CA THR UA 166 18.07 -41.24 -45.40
C THR UA 166 19.53 -41.41 -44.99
N PHE UA 167 19.95 -40.69 -43.96
CA PHE UA 167 21.31 -40.81 -43.44
C PHE UA 167 21.36 -41.82 -42.30
N SER UA 168 20.87 -43.03 -42.57
CA SER UA 168 20.72 -44.03 -41.53
C SER UA 168 22.09 -44.51 -41.04
N VAL UA 169 22.20 -44.67 -39.72
CA VAL UA 169 23.37 -45.25 -39.09
C VAL UA 169 23.07 -46.72 -38.85
N VAL UA 170 23.72 -47.59 -39.62
CA VAL UA 170 23.40 -49.01 -39.62
C VAL UA 170 23.93 -49.65 -38.34
N PRO UA 171 23.46 -50.83 -37.97
CA PRO UA 171 24.10 -51.56 -36.86
C PRO UA 171 25.52 -51.97 -37.22
N SER UA 172 26.23 -52.56 -36.28
CA SER UA 172 27.57 -53.03 -36.54
C SER UA 172 27.58 -54.52 -36.83
N PRO UA 173 28.48 -55.00 -37.69
CA PRO UA 173 28.62 -56.44 -37.87
C PRO UA 173 29.33 -57.11 -36.71
N LYS UA 174 30.28 -56.43 -36.07
CA LYS UA 174 31.03 -57.02 -34.97
C LYS UA 174 30.42 -56.72 -33.61
N VAL UA 175 30.33 -55.43 -33.27
CA VAL UA 175 29.86 -55.00 -31.96
C VAL UA 175 28.35 -54.82 -32.02
N SER UA 176 27.71 -54.90 -30.86
CA SER UA 176 26.24 -54.94 -30.79
C SER UA 176 25.80 -54.17 -29.54
N ASP UA 177 25.46 -52.89 -29.74
CA ASP UA 177 25.12 -52.01 -28.62
C ASP UA 177 23.71 -52.20 -28.10
N THR UA 178 22.86 -52.89 -28.85
CA THR UA 178 21.59 -53.40 -28.34
C THR UA 178 21.65 -54.92 -28.42
N VAL UA 179 20.51 -55.58 -28.22
CA VAL UA 179 20.41 -57.02 -28.31
C VAL UA 179 19.45 -57.45 -29.40
N VAL UA 180 18.37 -56.70 -29.60
CA VAL UA 180 17.32 -57.08 -30.54
C VAL UA 180 17.66 -56.45 -31.89
N GLU UA 181 18.88 -55.90 -31.99
CA GLU UA 181 19.34 -55.13 -33.15
C GLU UA 181 19.01 -55.74 -34.51
N PRO UA 182 19.24 -57.03 -34.77
CA PRO UA 182 18.84 -57.57 -36.08
C PRO UA 182 17.35 -57.43 -36.38
N TYR UA 183 16.51 -57.51 -35.36
CA TYR UA 183 15.08 -57.34 -35.58
C TYR UA 183 14.77 -55.91 -36.03
N ASN UA 184 15.40 -54.92 -35.42
CA ASN UA 184 15.15 -53.54 -35.81
C ASN UA 184 15.75 -53.24 -37.18
N ALA UA 185 16.83 -53.92 -37.56
CA ALA UA 185 17.39 -53.75 -38.89
C ALA UA 185 16.43 -54.24 -39.95
N THR UA 186 16.13 -55.55 -39.94
CA THR UA 186 15.38 -56.15 -41.03
C THR UA 186 13.99 -55.54 -41.16
N LEU UA 187 13.36 -55.21 -40.03
CA LEU UA 187 12.01 -54.68 -40.10
C LEU UA 187 12.00 -53.27 -40.66
N SER UA 188 13.10 -52.53 -40.52
CA SER UA 188 13.18 -51.20 -41.11
C SER UA 188 13.48 -51.27 -42.61
N VAL UA 189 14.44 -52.12 -42.99
CA VAL UA 189 14.83 -52.23 -44.39
C VAL UA 189 13.63 -52.60 -45.26
N HIS UA 190 12.81 -53.54 -44.78
CA HIS UA 190 11.60 -53.93 -45.49
C HIS UA 190 10.68 -52.74 -45.76
N GLN UA 191 10.90 -51.61 -45.10
CA GLN UA 191 10.19 -50.38 -45.39
C GLN UA 191 10.98 -49.41 -46.25
N LEU UA 192 12.31 -49.52 -46.25
CA LEU UA 192 13.12 -48.55 -46.98
C LEU UA 192 13.19 -48.84 -48.46
N VAL UA 193 13.22 -50.12 -48.84
CA VAL UA 193 13.38 -50.48 -50.25
C VAL UA 193 12.26 -49.88 -51.10
N GLU UA 194 11.03 -49.92 -50.59
CA GLU UA 194 9.88 -49.43 -51.35
C GLU UA 194 9.59 -47.96 -51.12
N ASN UA 195 10.11 -47.37 -50.05
CA ASN UA 195 9.74 -46.03 -49.63
C ASN UA 195 10.98 -45.17 -49.44
N ALA UA 196 11.88 -45.18 -50.41
CA ALA UA 196 13.01 -44.28 -50.39
C ALA UA 196 13.54 -44.15 -51.81
N ASP UA 197 14.38 -43.14 -52.02
CA ASP UA 197 15.02 -42.94 -53.31
C ASP UA 197 16.53 -42.93 -53.22
N GLU UA 198 17.11 -42.42 -52.14
CA GLU UA 198 18.55 -42.52 -51.89
C GLU UA 198 18.74 -42.81 -50.42
N CYS UA 199 19.46 -43.88 -50.09
CA CYS UA 199 19.60 -44.33 -48.70
C CYS UA 199 21.07 -44.67 -48.46
N MET UA 200 21.81 -43.71 -47.91
CA MET UA 200 23.18 -43.98 -47.49
C MET UA 200 23.19 -44.82 -46.24
N VAL UA 201 24.22 -45.65 -46.10
CA VAL UA 201 24.41 -46.47 -44.90
C VAL UA 201 25.75 -46.08 -44.28
N LEU UA 202 25.76 -45.96 -42.95
CA LEU UA 202 26.92 -45.48 -42.22
C LEU UA 202 27.00 -46.22 -40.90
N ASP UA 203 28.22 -46.60 -40.49
CA ASP UA 203 28.40 -47.41 -39.30
C ASP UA 203 29.37 -46.72 -38.34
N ASN UA 204 29.25 -47.08 -37.06
CA ASN UA 204 30.14 -46.51 -36.05
C ASN UA 204 31.54 -47.09 -36.14
N GLU UA 205 31.65 -48.39 -36.46
CA GLU UA 205 32.93 -49.07 -36.49
C GLU UA 205 33.91 -48.40 -37.43
N ALA UA 206 33.60 -48.41 -38.73
CA ALA UA 206 34.47 -47.78 -39.70
C ALA UA 206 34.74 -46.32 -39.34
N LEU UA 207 33.80 -45.69 -38.66
CA LEU UA 207 34.01 -44.31 -38.22
C LEU UA 207 34.95 -44.24 -37.04
N TYR UA 208 35.14 -45.33 -36.30
CA TYR UA 208 36.13 -45.34 -35.23
C TYR UA 208 37.54 -45.50 -35.79
N ASP UA 209 37.71 -46.39 -36.76
CA ASP UA 209 39.01 -46.54 -37.42
C ASP UA 209 39.42 -45.25 -38.11
N ILE UA 210 38.49 -44.65 -38.85
CA ILE UA 210 38.76 -43.39 -39.54
C ILE UA 210 39.20 -42.32 -38.55
N CYS UA 211 38.60 -42.32 -37.36
CA CYS UA 211 39.02 -41.37 -36.34
C CYS UA 211 40.34 -41.77 -35.69
N PHE UA 212 40.68 -43.05 -35.71
CA PHE UA 212 41.87 -43.53 -35.01
C PHE UA 212 43.11 -43.47 -35.88
N ARG UA 213 43.10 -44.17 -37.02
CA ARG UA 213 44.28 -44.22 -37.88
C ARG UA 213 44.59 -42.85 -38.45
N THR UA 214 43.66 -42.28 -39.23
CA THR UA 214 43.95 -41.08 -40.00
C THR UA 214 44.07 -39.86 -39.09
N LEU UA 215 43.00 -39.53 -38.38
CA LEU UA 215 42.99 -38.33 -37.54
C LEU UA 215 43.92 -38.44 -36.34
N LYS UA 216 44.39 -39.63 -36.01
CA LYS UA 216 45.24 -39.86 -34.84
C LYS UA 216 44.56 -39.43 -33.54
N LEU UA 217 43.23 -39.44 -33.54
CA LEU UA 217 42.49 -39.08 -32.34
C LEU UA 217 42.67 -40.15 -31.27
N THR UA 218 42.89 -39.70 -30.03
CA THR UA 218 42.98 -40.63 -28.92
C THR UA 218 41.59 -41.13 -28.53
N THR UA 219 40.72 -40.22 -28.09
CA THR UA 219 39.39 -40.56 -27.60
C THR UA 219 38.34 -39.89 -28.47
N PRO UA 220 37.92 -40.52 -29.56
CA PRO UA 220 36.77 -40.02 -30.30
C PRO UA 220 35.48 -40.11 -29.49
N THR UA 221 35.04 -38.96 -28.99
CA THR UA 221 33.74 -38.86 -28.36
C THR UA 221 32.67 -38.98 -29.44
N PHE UA 222 31.40 -39.08 -29.03
CA PHE UA 222 30.38 -39.11 -30.06
C PHE UA 222 30.31 -37.80 -30.82
N GLY UA 223 30.72 -36.69 -30.22
CA GLY UA 223 30.74 -35.44 -30.96
C GLY UA 223 31.55 -35.56 -32.24
N ASP UA 224 32.73 -36.17 -32.15
CA ASP UA 224 33.60 -36.29 -33.33
C ASP UA 224 33.01 -37.21 -34.37
N LEU UA 225 32.42 -38.34 -33.95
CA LEU UA 225 31.66 -39.14 -34.89
C LEU UA 225 30.55 -38.33 -35.54
N ASN UA 226 29.74 -37.68 -34.72
CA ASN UA 226 28.70 -36.80 -35.25
C ASN UA 226 29.30 -35.65 -36.03
N HIS UA 227 30.53 -35.26 -35.70
CA HIS UA 227 31.19 -34.17 -36.41
C HIS UA 227 31.46 -34.57 -37.86
N LEU UA 228 31.93 -35.79 -38.09
CA LEU UA 228 32.21 -36.22 -39.45
C LEU UA 228 30.93 -36.35 -40.26
N ILE UA 229 29.89 -36.92 -39.65
CA ILE UA 229 28.61 -37.05 -40.33
C ILE UA 229 28.10 -35.67 -40.74
N SER UA 230 28.28 -34.68 -39.87
CA SER UA 230 27.91 -33.31 -40.21
C SER UA 230 28.65 -32.84 -41.46
N ALA UA 231 29.94 -33.16 -41.58
CA ALA UA 231 30.72 -32.72 -42.72
C ALA UA 231 30.17 -33.31 -44.01
N VAL UA 232 29.98 -34.63 -44.05
CA VAL UA 232 29.43 -35.27 -45.23
C VAL UA 232 28.05 -34.71 -45.57
N MET UA 233 27.17 -34.62 -44.56
CA MET UA 233 25.82 -34.15 -44.81
C MET UA 233 25.81 -32.76 -45.43
N SER UA 234 26.79 -31.93 -45.09
CA SER UA 234 26.91 -30.64 -45.75
C SER UA 234 27.46 -30.79 -47.16
N GLY UA 235 28.40 -31.73 -47.35
CA GLY UA 235 29.05 -31.88 -48.64
C GLY UA 235 28.12 -32.22 -49.78
N ILE UA 236 26.97 -32.83 -49.49
CA ILE UA 236 26.07 -33.25 -50.56
C ILE UA 236 25.44 -32.03 -51.23
N THR UA 237 25.17 -30.97 -50.45
CA THR UA 237 24.39 -29.85 -50.93
C THR UA 237 25.22 -28.60 -51.17
N CYS UA 238 26.50 -28.76 -51.51
CA CYS UA 238 27.29 -27.60 -51.91
C CYS UA 238 26.77 -26.99 -53.20
N CYS UA 239 26.26 -27.82 -54.11
CA CYS UA 239 25.77 -27.30 -55.38
C CYS UA 239 24.44 -26.60 -55.22
N LEU UA 240 23.58 -27.11 -54.33
CA LEU UA 240 22.30 -26.46 -54.07
C LEU UA 240 22.47 -25.11 -53.41
N ARG UA 241 23.61 -24.89 -52.73
CA ARG UA 241 23.85 -23.65 -52.00
C ARG UA 241 24.81 -22.72 -52.72
N PHE UA 242 25.98 -23.21 -53.08
CA PHE UA 242 27.01 -22.37 -53.65
C PHE UA 242 27.11 -22.56 -55.15
N PRO UA 243 27.70 -21.61 -55.87
CA PRO UA 243 27.85 -21.78 -57.32
C PRO UA 243 28.82 -22.91 -57.65
N GLY UA 244 29.02 -23.16 -58.93
CA GLY UA 244 29.94 -24.20 -59.34
C GLY UA 244 30.03 -24.33 -60.85
N GLN UA 245 31.24 -24.47 -61.38
CA GLN UA 245 31.38 -24.63 -62.83
C GLN UA 245 30.68 -25.88 -63.32
N LEU UA 246 30.39 -26.83 -62.43
CA LEU UA 246 29.60 -28.02 -62.78
C LEU UA 246 28.78 -28.37 -61.54
N ASN UA 247 27.53 -27.94 -61.52
CA ASN UA 247 26.69 -28.12 -60.36
C ASN UA 247 25.99 -29.47 -60.38
N ALA UA 248 25.53 -29.90 -59.21
CA ALA UA 248 24.98 -31.24 -59.02
C ALA UA 248 23.77 -31.16 -58.10
N ASP UA 249 22.58 -31.13 -58.68
CA ASP UA 249 21.37 -31.28 -57.89
C ASP UA 249 21.22 -32.74 -57.46
N LEU UA 250 20.53 -32.94 -56.33
CA LEU UA 250 20.36 -34.29 -55.82
C LEU UA 250 19.60 -35.16 -56.80
N ARG UA 251 18.59 -34.60 -57.47
CA ARG UA 251 17.81 -35.39 -58.42
C ARG UA 251 18.69 -35.93 -59.54
N LYS UA 252 19.79 -35.25 -59.85
CA LYS UA 252 20.70 -35.78 -60.85
C LYS UA 252 21.71 -36.75 -60.26
N LEU UA 253 21.97 -36.68 -58.96
CA LEU UA 253 22.83 -37.68 -58.34
C LEU UA 253 22.14 -39.04 -58.30
N ALA UA 254 20.84 -39.06 -58.01
CA ALA UA 254 20.11 -40.32 -57.98
C ALA UA 254 20.09 -40.99 -59.36
N VAL UA 255 19.85 -40.21 -60.42
CA VAL UA 255 19.77 -40.80 -61.74
C VAL UA 255 21.14 -41.20 -62.26
N ASN UA 256 22.19 -40.61 -61.73
CA ASN UA 256 23.56 -40.98 -62.11
C ASN UA 256 24.10 -42.13 -61.28
N LEU UA 257 23.31 -42.68 -60.35
CA LEU UA 257 23.82 -43.68 -59.42
C LEU UA 257 22.92 -44.89 -59.27
N ILE UA 258 21.68 -44.85 -59.71
CA ILE UA 258 20.73 -45.91 -59.38
C ILE UA 258 20.16 -46.49 -60.66
N PRO UA 259 20.87 -47.42 -61.32
CA PRO UA 259 20.34 -48.00 -62.56
C PRO UA 259 19.08 -48.80 -62.35
N PHE UA 260 18.88 -49.36 -61.17
CA PHE UA 260 17.70 -50.16 -60.88
C PHE UA 260 17.07 -49.67 -59.58
N PRO UA 261 15.74 -49.60 -59.52
CA PRO UA 261 15.08 -48.86 -58.44
C PRO UA 261 15.42 -49.35 -57.04
N ARG UA 262 15.98 -50.55 -56.90
CA ARG UA 262 16.18 -51.14 -55.59
C ARG UA 262 17.61 -51.03 -55.08
N LEU UA 263 18.56 -50.66 -55.92
CA LEU UA 263 19.98 -50.67 -55.51
C LEU UA 263 20.41 -49.30 -54.99
N HIS UA 264 19.65 -48.76 -54.04
CA HIS UA 264 19.85 -47.39 -53.60
C HIS UA 264 20.47 -47.31 -52.21
N PHE UA 265 21.39 -48.23 -51.92
CA PHE UA 265 22.16 -48.21 -50.67
C PHE UA 265 23.57 -47.79 -51.02
N PHE UA 266 23.99 -46.64 -50.52
CA PHE UA 266 25.23 -46.02 -50.97
C PHE UA 266 26.33 -46.24 -49.93
N MET UA 267 27.46 -45.58 -50.15
CA MET UA 267 28.65 -45.75 -49.32
C MET UA 267 29.48 -44.48 -49.45
N VAL UA 268 29.83 -43.86 -48.33
CA VAL UA 268 30.27 -42.47 -48.36
C VAL UA 268 31.63 -42.33 -47.69
N GLY UA 269 32.30 -41.22 -47.98
CA GLY UA 269 33.59 -40.90 -47.40
C GLY UA 269 33.94 -39.46 -47.63
N PHE UA 270 34.73 -38.90 -46.72
CA PHE UA 270 35.09 -37.49 -46.72
C PHE UA 270 36.60 -37.31 -46.88
N THR UA 271 36.98 -36.18 -47.49
CA THR UA 271 38.36 -35.89 -47.86
C THR UA 271 38.48 -34.39 -47.99
N PRO UA 272 39.56 -33.76 -47.49
CA PRO UA 272 40.76 -34.32 -46.86
C PRO UA 272 40.55 -34.70 -45.41
N LEU UA 273 41.46 -35.50 -44.88
CA LEU UA 273 41.36 -35.94 -43.50
C LEU UA 273 42.77 -36.24 -43.00
N THR UA 274 43.18 -35.55 -41.95
CA THR UA 274 44.54 -35.67 -41.46
C THR UA 274 44.63 -35.10 -40.06
N SER UA 275 45.70 -35.46 -39.36
CA SER UA 275 45.93 -35.02 -37.99
C SER UA 275 46.49 -33.60 -37.99
N ARG UA 276 46.96 -33.15 -36.83
CA ARG UA 276 47.59 -31.84 -36.76
C ARG UA 276 49.07 -31.89 -37.12
N GLY UA 277 49.71 -33.04 -36.93
CA GLY UA 277 51.07 -33.20 -37.37
C GLY UA 277 51.16 -33.24 -38.89
N SER UA 278 50.51 -34.24 -39.49
CA SER UA 278 50.59 -34.42 -40.93
C SER UA 278 50.02 -33.24 -41.71
N GLN UA 279 49.12 -32.47 -41.10
CA GLN UA 279 48.61 -31.28 -41.77
C GLN UA 279 49.73 -30.29 -42.07
N GLN UA 280 50.78 -30.30 -41.25
CA GLN UA 280 51.93 -29.44 -41.48
C GLN UA 280 52.72 -29.83 -42.72
N TYR UA 281 52.56 -31.06 -43.19
CA TYR UA 281 53.38 -31.57 -44.29
C TYR UA 281 52.59 -31.88 -45.55
N ARG UA 282 51.38 -32.43 -45.41
CA ARG UA 282 50.60 -32.79 -46.58
C ARG UA 282 50.23 -31.54 -47.37
N ALA UA 283 50.28 -31.66 -48.69
CA ALA UA 283 49.91 -30.58 -49.59
C ALA UA 283 48.56 -30.88 -50.22
N LEU UA 284 47.78 -29.84 -50.44
CA LEU UA 284 46.41 -29.99 -50.92
C LEU UA 284 46.40 -29.85 -52.44
N THR UA 285 46.25 -30.99 -53.12
CA THR UA 285 46.06 -31.03 -54.56
C THR UA 285 44.92 -31.99 -54.87
N VAL UA 286 44.41 -31.90 -56.09
CA VAL UA 286 43.41 -32.87 -56.55
C VAL UA 286 43.92 -34.30 -56.45
N PRO UA 287 45.17 -34.61 -56.82
CA PRO UA 287 45.65 -35.99 -56.61
C PRO UA 287 45.48 -36.52 -55.20
N GLU UA 288 45.90 -35.77 -54.18
CA GLU UA 288 45.72 -36.22 -52.80
C GLU UA 288 44.26 -36.57 -52.53
N LEU UA 289 43.36 -35.66 -52.91
CA LEU UA 289 41.96 -35.84 -52.55
C LEU UA 289 41.33 -37.01 -53.31
N THR UA 290 41.82 -37.31 -54.51
CA THR UA 290 41.19 -38.39 -55.27
C THR UA 290 41.76 -39.75 -54.90
N GLN UA 291 43.01 -39.81 -54.43
CA GLN UA 291 43.55 -41.09 -53.98
C GLN UA 291 43.04 -41.44 -52.58
N GLN UA 292 42.85 -40.43 -51.74
CA GLN UA 292 42.33 -40.68 -50.40
C GLN UA 292 40.86 -41.01 -50.43
N MET UA 293 40.10 -40.40 -51.34
CA MET UA 293 38.68 -40.71 -51.43
C MET UA 293 38.47 -42.11 -52.02
N TRP UA 294 39.25 -42.48 -53.03
CA TRP UA 294 39.10 -43.79 -53.65
C TRP UA 294 39.65 -44.91 -52.80
N ASP UA 295 40.30 -44.58 -51.69
CA ASP UA 295 40.78 -45.60 -50.77
C ASP UA 295 39.62 -46.40 -50.20
N ALA UA 296 39.93 -47.60 -49.73
CA ALA UA 296 38.92 -48.50 -49.20
C ALA UA 296 38.68 -48.32 -47.71
N LYS UA 297 39.42 -47.43 -47.06
CA LYS UA 297 39.22 -47.18 -45.63
C LYS UA 297 38.19 -46.08 -45.39
N ASN UA 298 38.24 -44.99 -46.18
CA ASN UA 298 37.35 -43.86 -45.96
C ASN UA 298 35.87 -44.21 -46.07
N MET UA 299 35.54 -45.40 -46.57
CA MET UA 299 34.14 -45.82 -46.67
C MET UA 299 33.59 -45.99 -45.26
N MET UA 300 32.79 -45.02 -44.82
CA MET UA 300 32.39 -44.94 -43.41
C MET UA 300 31.49 -46.10 -43.00
N CYS UA 301 30.94 -46.86 -43.93
CA CYS UA 301 30.21 -48.07 -43.57
C CYS UA 301 31.15 -49.24 -43.65
N ALA UA 302 30.95 -50.22 -42.77
CA ALA UA 302 31.90 -51.34 -42.61
C ALA UA 302 31.70 -52.37 -43.73
N ALA UA 303 32.28 -52.07 -44.89
CA ALA UA 303 32.26 -52.97 -46.02
C ALA UA 303 33.57 -52.83 -46.79
N ASP UA 304 34.00 -53.92 -47.42
CA ASP UA 304 35.21 -53.92 -48.22
C ASP UA 304 34.85 -53.68 -49.68
N PRO UA 305 35.21 -52.53 -50.26
CA PRO UA 305 34.91 -52.31 -51.69
C PRO UA 305 35.51 -53.38 -52.58
N ARG UA 306 36.67 -53.93 -52.21
CA ARG UA 306 37.35 -54.89 -53.07
C ARG UA 306 36.51 -56.14 -53.30
N HIS UA 307 35.73 -56.56 -52.30
CA HIS UA 307 34.88 -57.73 -52.49
C HIS UA 307 33.68 -57.44 -53.38
N GLY UA 308 33.58 -56.24 -53.93
CA GLY UA 308 32.55 -55.90 -54.90
C GLY UA 308 33.14 -55.04 -56.00
N ARG UA 309 32.29 -54.70 -56.95
CA ARG UA 309 32.66 -53.81 -58.04
C ARG UA 309 31.71 -52.62 -58.03
N TYR UA 310 32.27 -51.42 -58.09
CA TYR UA 310 31.45 -50.22 -58.09
C TYR UA 310 30.53 -50.21 -59.31
N LEU UA 311 29.23 -50.38 -59.08
CA LEU UA 311 28.28 -50.16 -60.16
C LEU UA 311 28.43 -48.76 -60.72
N THR UA 312 28.21 -47.76 -59.88
CA THR UA 312 28.52 -46.37 -60.17
C THR UA 312 29.21 -45.77 -58.96
N ALA UA 313 29.59 -44.50 -59.10
CA ALA UA 313 30.19 -43.77 -58.00
C ALA UA 313 29.96 -42.29 -58.26
N SER UA 314 30.50 -41.45 -57.38
CA SER UA 314 30.35 -40.02 -57.54
C SER UA 314 31.34 -39.32 -56.63
N ALA UA 315 31.74 -38.11 -57.01
CA ALA UA 315 32.69 -37.33 -56.25
C ALA UA 315 32.29 -35.86 -56.33
N LEU UA 316 32.35 -35.17 -55.19
CA LEU UA 316 31.91 -33.77 -55.09
C LEU UA 316 33.06 -32.96 -54.52
N PHE UA 317 33.66 -32.12 -55.34
CA PHE UA 317 34.73 -31.24 -54.91
C PHE UA 317 34.18 -29.86 -54.54
N ARG UA 318 34.99 -29.10 -53.83
CA ARG UA 318 34.64 -27.71 -53.52
C ARG UA 318 35.91 -26.96 -53.16
N GLY UA 319 36.21 -25.93 -53.93
CA GLY UA 319 37.42 -25.15 -53.78
C GLY UA 319 37.91 -24.83 -55.18
N ARG UA 320 38.67 -23.75 -55.30
CA ARG UA 320 39.20 -23.35 -56.59
C ARG UA 320 40.22 -24.38 -57.08
N MET UA 321 40.07 -24.83 -58.32
CA MET UA 321 40.95 -25.85 -58.87
C MET UA 321 40.88 -25.78 -60.39
N SER UA 322 41.49 -26.76 -61.05
CA SER UA 322 41.47 -26.89 -62.50
C SER UA 322 40.65 -28.11 -62.85
N THR UA 323 39.50 -27.89 -63.50
CA THR UA 323 38.56 -28.97 -63.76
C THR UA 323 39.10 -30.05 -64.68
N LYS UA 324 40.24 -29.83 -65.33
CA LYS UA 324 40.79 -30.89 -66.17
C LYS UA 324 41.30 -32.04 -65.33
N GLU UA 325 42.02 -31.74 -64.26
CA GLU UA 325 42.60 -32.79 -63.42
C GLU UA 325 41.51 -33.72 -62.89
N VAL UA 326 40.44 -33.16 -62.35
CA VAL UA 326 39.36 -34.01 -61.84
C VAL UA 326 38.75 -34.84 -62.96
N ASP UA 327 38.87 -34.38 -64.21
CA ASP UA 327 38.33 -35.15 -65.32
C ASP UA 327 39.18 -36.38 -65.59
N GLU UA 328 40.49 -36.25 -65.53
CA GLU UA 328 41.39 -37.34 -65.87
C GLU UA 328 41.71 -38.24 -64.69
N GLN UA 329 41.68 -37.71 -63.47
CA GLN UA 329 41.93 -38.54 -62.29
C GLN UA 329 40.95 -39.70 -62.25
N MET UA 330 39.65 -39.39 -62.27
CA MET UA 330 38.64 -40.44 -62.34
C MET UA 330 38.69 -41.20 -63.65
N LEU UA 331 39.45 -40.72 -64.63
CA LEU UA 331 39.66 -41.49 -65.84
C LEU UA 331 40.77 -42.51 -65.66
N ASN UA 332 41.81 -42.13 -64.91
CA ASN UA 332 42.88 -43.08 -64.59
C ASN UA 332 42.38 -44.17 -63.66
N VAL UA 333 41.76 -43.78 -62.55
CA VAL UA 333 41.27 -44.75 -61.57
C VAL UA 333 40.34 -45.76 -62.23
N GLN UA 334 39.48 -45.29 -63.14
CA GLN UA 334 38.62 -46.20 -63.88
C GLN UA 334 39.42 -47.11 -64.81
N ASN UA 335 40.66 -46.73 -65.14
CA ASN UA 335 41.49 -47.48 -66.07
C ASN UA 335 42.46 -48.44 -65.38
N LYS UA 336 43.02 -48.04 -64.24
CA LYS UA 336 43.94 -48.93 -63.54
C LYS UA 336 43.19 -50.13 -62.96
N ASN UA 337 42.25 -49.86 -62.06
CA ASN UA 337 41.51 -50.92 -61.37
C ASN UA 337 40.25 -51.30 -62.13
N SER UA 338 40.42 -51.65 -63.40
CA SER UA 338 39.28 -51.99 -64.26
C SER UA 338 38.52 -53.21 -63.77
N SER UA 339 39.02 -53.90 -62.73
CA SER UA 339 38.28 -55.01 -62.15
C SER UA 339 37.25 -54.53 -61.15
N TYR UA 340 37.47 -53.36 -60.55
CA TYR UA 340 36.60 -52.84 -59.50
C TYR UA 340 35.35 -52.17 -60.03
N PHE UA 341 35.03 -52.34 -61.30
CA PHE UA 341 33.85 -51.73 -61.88
C PHE UA 341 33.18 -52.74 -62.81
N VAL UA 342 32.10 -52.32 -63.46
CA VAL UA 342 31.36 -53.19 -64.36
C VAL UA 342 31.69 -52.79 -65.80
N GLU UA 343 31.27 -53.63 -66.74
CA GLU UA 343 31.57 -53.40 -68.14
C GLU UA 343 30.42 -52.73 -68.87
N TRP UA 344 29.18 -53.12 -68.56
CA TRP UA 344 28.01 -52.56 -69.21
C TRP UA 344 27.79 -51.09 -68.87
N ILE UA 345 28.69 -50.49 -68.11
CA ILE UA 345 28.66 -49.06 -67.84
C ILE UA 345 30.00 -48.49 -68.30
N PRO UA 346 30.03 -47.71 -69.39
CA PRO UA 346 31.31 -47.27 -69.94
C PRO UA 346 32.10 -46.37 -68.99
N ASN UA 347 31.49 -45.28 -68.55
CA ASN UA 347 32.07 -44.37 -67.57
C ASN UA 347 31.15 -44.35 -66.37
N ASN UA 348 31.65 -44.82 -65.23
CA ASN UA 348 30.82 -45.02 -64.04
C ASN UA 348 31.26 -44.15 -62.87
N VAL UA 349 31.60 -42.88 -63.14
CA VAL UA 349 31.77 -41.88 -62.11
C VAL UA 349 31.20 -40.57 -62.61
N LYS UA 350 30.73 -39.74 -61.68
CA LYS UA 350 30.35 -38.37 -61.95
C LYS UA 350 31.26 -37.46 -61.15
N SER UA 351 31.72 -36.39 -61.78
CA SER UA 351 32.68 -35.47 -61.16
C SER UA 351 32.04 -34.10 -61.03
N SER UA 352 31.29 -33.90 -59.96
CA SER UA 352 30.80 -32.56 -59.67
C SER UA 352 31.93 -31.71 -59.12
N VAL UA 353 31.70 -30.40 -59.07
CA VAL UA 353 32.67 -29.47 -58.49
C VAL UA 353 31.95 -28.19 -58.13
N CYS UA 354 32.31 -27.65 -56.97
CA CYS UA 354 31.74 -26.42 -56.44
C CYS UA 354 32.80 -25.33 -56.48
N ASP UA 355 32.34 -24.08 -56.39
CA ASP UA 355 33.23 -22.94 -56.52
C ASP UA 355 33.68 -22.35 -55.19
N ILE UA 356 33.01 -22.70 -54.09
CA ILE UA 356 33.30 -22.11 -52.78
C ILE UA 356 33.79 -23.22 -51.87
N PRO UA 357 34.96 -23.07 -51.25
CA PRO UA 357 35.47 -24.12 -50.37
C PRO UA 357 34.76 -24.09 -49.02
N PRO UA 358 35.12 -24.99 -48.11
CA PRO UA 358 34.60 -24.90 -46.75
C PRO UA 358 35.14 -23.69 -45.99
N LYS UA 359 34.78 -23.58 -44.71
CA LYS UA 359 35.05 -22.37 -43.95
C LYS UA 359 36.54 -22.09 -43.86
N GLY UA 360 37.29 -22.98 -43.23
CA GLY UA 360 38.69 -22.73 -42.97
C GLY UA 360 39.65 -23.40 -43.93
N LEU UA 361 39.18 -24.42 -44.63
CA LEU UA 361 40.02 -25.16 -45.57
C LEU UA 361 40.14 -24.37 -46.87
N LYS UA 362 40.71 -25.01 -47.90
CA LYS UA 362 40.77 -24.39 -49.22
C LYS UA 362 40.29 -25.36 -50.28
N MET UA 363 40.42 -26.66 -50.02
CA MET UA 363 39.92 -27.69 -50.92
C MET UA 363 39.30 -28.79 -50.08
N SER UA 364 38.38 -29.53 -50.67
CA SER UA 364 37.71 -30.63 -49.99
C SER UA 364 37.05 -31.52 -51.03
N ALA UA 365 36.45 -32.60 -50.54
CA ALA UA 365 35.84 -33.59 -51.42
C ALA UA 365 34.77 -34.34 -50.65
N THR UA 366 34.07 -35.22 -51.36
CA THR UA 366 33.09 -36.11 -50.75
C THR UA 366 32.83 -37.24 -51.72
N PHE UA 367 32.91 -38.47 -51.23
CA PHE UA 367 32.83 -39.66 -52.07
C PHE UA 367 31.51 -40.38 -51.80
N ILE UA 368 30.90 -40.88 -52.87
CA ILE UA 368 29.66 -41.65 -52.78
C ILE UA 368 29.73 -42.77 -53.81
N GLY UA 369 29.50 -43.99 -53.36
CA GLY UA 369 29.60 -45.11 -54.29
C GLY UA 369 28.58 -46.21 -54.08
N ASN UA 370 27.81 -46.51 -55.12
CA ASN UA 370 26.86 -47.61 -55.10
C ASN UA 370 27.61 -48.87 -55.50
N SER UA 371 28.48 -49.34 -54.61
CA SER UA 371 29.28 -50.51 -54.87
C SER UA 371 28.54 -51.77 -54.43
N THR UA 372 28.84 -52.88 -55.11
CA THR UA 372 28.25 -54.15 -54.70
C THR UA 372 28.84 -54.68 -53.41
N ALA UA 373 29.74 -53.93 -52.76
CA ALA UA 373 30.32 -54.39 -51.51
C ALA UA 373 29.28 -54.48 -50.40
N ILE UA 374 28.35 -53.52 -50.36
CA ILE UA 374 27.41 -53.40 -49.24
C ILE UA 374 26.64 -54.70 -49.01
N GLN UA 375 26.49 -55.51 -50.06
CA GLN UA 375 25.78 -56.77 -49.93
C GLN UA 375 26.30 -57.62 -48.79
N GLU UA 376 27.55 -57.42 -48.37
CA GLU UA 376 28.07 -58.13 -47.20
C GLU UA 376 27.27 -57.75 -45.96
N MET UA 377 26.98 -56.46 -45.79
CA MET UA 377 26.31 -55.99 -44.58
C MET UA 377 24.96 -56.67 -44.41
N PHE UA 378 24.17 -56.69 -45.47
CA PHE UA 378 22.86 -57.32 -45.39
C PHE UA 378 22.97 -58.83 -45.24
N LYS UA 379 24.05 -59.42 -45.77
CA LYS UA 379 24.31 -60.83 -45.53
C LYS UA 379 24.45 -61.10 -44.04
N ARG UA 380 25.20 -60.24 -43.35
CA ARG UA 380 25.44 -60.44 -41.92
C ARG UA 380 24.13 -60.38 -41.14
N VAL UA 381 23.36 -59.31 -41.31
CA VAL UA 381 22.14 -59.12 -40.54
C VAL UA 381 21.15 -60.26 -40.81
N SER UA 382 21.06 -60.70 -42.06
CA SER UA 382 20.13 -61.77 -42.40
C SER UA 382 20.52 -63.10 -41.77
N GLU UA 383 21.71 -63.19 -41.15
CA GLU UA 383 22.06 -64.37 -40.38
C GLU UA 383 21.60 -64.23 -38.93
N GLN UA 384 22.00 -63.14 -38.28
CA GLN UA 384 21.60 -62.90 -36.90
C GLN UA 384 20.08 -62.93 -36.75
N PHE UA 385 19.37 -62.37 -37.73
CA PHE UA 385 17.91 -62.48 -37.72
C PHE UA 385 17.47 -63.92 -37.80
N THR UA 386 17.97 -64.66 -38.79
CA THR UA 386 17.53 -66.04 -38.96
C THR UA 386 18.08 -66.94 -37.87
N ALA UA 387 19.07 -66.47 -37.10
CA ALA UA 387 19.54 -67.24 -35.95
C ALA UA 387 18.48 -67.26 -34.86
N MET UA 388 18.11 -66.08 -34.34
CA MET UA 388 17.17 -66.03 -33.22
C MET UA 388 15.74 -66.30 -33.66
N PHE UA 389 15.35 -65.84 -34.85
CA PHE UA 389 14.02 -66.18 -35.34
C PHE UA 389 13.86 -67.67 -35.54
N ARG UA 390 14.96 -68.40 -35.72
CA ARG UA 390 14.89 -69.86 -35.70
C ARG UA 390 14.58 -70.38 -34.31
N ARG UA 391 14.83 -69.57 -33.28
CA ARG UA 391 14.55 -69.94 -31.90
C ARG UA 391 13.46 -69.08 -31.27
N LYS UA 392 12.94 -68.09 -32.00
CA LYS UA 392 11.84 -67.24 -31.54
C LYS UA 392 12.21 -66.51 -30.24
N ALA UA 393 13.47 -66.15 -30.11
CA ALA UA 393 13.92 -65.39 -28.96
C ALA UA 393 13.44 -63.94 -29.08
N PHE UA 394 13.03 -63.37 -27.95
CA PHE UA 394 12.59 -61.98 -27.87
C PHE UA 394 11.34 -61.71 -28.67
N LEU UA 395 10.81 -62.74 -29.34
CA LEU UA 395 9.67 -62.53 -30.22
C LEU UA 395 8.39 -62.24 -29.47
N HIS UA 396 8.35 -62.49 -28.16
CA HIS UA 396 7.13 -62.23 -27.40
C HIS UA 396 6.87 -60.74 -27.25
N TRP UA 397 7.92 -59.92 -27.23
CA TRP UA 397 7.72 -58.48 -27.25
C TRP UA 397 6.97 -58.06 -28.50
N TYR UA 398 7.43 -58.51 -29.66
CA TYR UA 398 6.86 -58.05 -30.92
C TYR UA 398 5.45 -58.57 -31.13
N THR UA 399 5.16 -59.79 -30.70
CA THR UA 399 3.78 -60.25 -30.71
C THR UA 399 2.93 -59.58 -29.64
N GLY UA 400 3.53 -58.80 -28.75
CA GLY UA 400 2.77 -58.02 -27.79
C GLY UA 400 2.10 -56.80 -28.38
N GLU UA 401 2.47 -56.40 -29.59
CA GLU UA 401 1.91 -55.23 -30.25
C GLU UA 401 1.13 -55.62 -31.50
N GLY UA 402 0.39 -56.71 -31.43
CA GLY UA 402 -0.42 -57.16 -32.54
C GLY UA 402 0.34 -57.59 -33.77
N MET UA 403 1.66 -57.56 -33.75
CA MET UA 403 2.43 -58.03 -34.90
C MET UA 403 2.23 -59.53 -35.08
N ASP UA 404 2.65 -60.01 -36.24
CA ASP UA 404 2.59 -61.43 -36.55
C ASP UA 404 3.98 -61.94 -36.89
N GLU UA 405 4.07 -63.19 -37.33
CA GLU UA 405 5.34 -63.78 -37.73
C GLU UA 405 5.59 -63.67 -39.22
N MET UA 406 4.53 -63.71 -40.03
CA MET UA 406 4.70 -63.48 -41.46
C MET UA 406 5.41 -62.16 -41.72
N GLU UA 407 5.08 -61.12 -40.96
CA GLU UA 407 5.72 -59.83 -41.11
C GLU UA 407 7.24 -59.94 -41.04
N PHE UA 408 7.74 -60.83 -40.19
CA PHE UA 408 9.17 -61.09 -40.16
C PHE UA 408 9.62 -61.83 -41.40
N THR UA 409 8.93 -62.94 -41.73
CA THR UA 409 9.31 -63.73 -42.89
C THR UA 409 9.29 -62.90 -44.17
N GLU UA 410 8.26 -62.07 -44.35
CA GLU UA 410 8.22 -61.19 -45.51
C GLU UA 410 9.38 -60.22 -45.49
N ALA UA 411 9.72 -59.69 -44.32
CA ALA UA 411 10.85 -58.77 -44.22
C ALA UA 411 12.15 -59.47 -44.55
N GLU UA 412 12.30 -60.72 -44.11
CA GLU UA 412 13.51 -61.47 -44.41
C GLU UA 412 13.60 -61.80 -45.89
N SER UA 413 12.50 -62.29 -46.46
CA SER UA 413 12.46 -62.55 -47.90
C SER UA 413 12.81 -61.31 -48.71
N ASN UA 414 12.56 -60.13 -48.14
CA ASN UA 414 12.84 -58.90 -48.86
C ASN UA 414 14.34 -58.63 -48.94
N MET UA 415 15.07 -58.96 -47.89
CA MET UA 415 16.51 -58.69 -47.89
C MET UA 415 17.27 -59.67 -48.78
N ASN UA 416 16.89 -60.95 -48.74
CA ASN UA 416 17.53 -61.93 -49.61
C ASN UA 416 17.30 -61.57 -51.08
N ASP UA 417 16.06 -61.23 -51.42
CA ASP UA 417 15.78 -60.74 -52.77
C ASP UA 417 16.60 -59.50 -53.09
N LEU UA 418 17.00 -58.75 -52.07
CA LEU UA 418 17.84 -57.58 -52.30
C LEU UA 418 19.30 -57.97 -52.48
N VAL UA 419 19.81 -58.84 -51.62
CA VAL UA 419 21.22 -59.23 -51.74
C VAL UA 419 21.44 -60.08 -52.98
N SER UA 420 20.40 -60.77 -53.45
CA SER UA 420 20.50 -61.45 -54.74
C SER UA 420 20.67 -60.46 -55.87
N GLU UA 421 20.12 -59.26 -55.73
CA GLU UA 421 20.26 -58.25 -56.77
C GLU UA 421 21.70 -57.74 -56.84
N TYR UA 422 22.37 -57.60 -55.70
CA TYR UA 422 23.75 -57.14 -55.70
C TYR UA 422 24.71 -58.19 -56.24
N GLN UA 423 24.26 -59.44 -56.37
CA GLN UA 423 25.12 -60.49 -56.89
C GLN UA 423 25.03 -60.61 -58.40
N GLN UA 424 23.83 -60.49 -58.96
CA GLN UA 424 23.65 -60.53 -60.40
C GLN UA 424 24.63 -59.59 -61.10
N TYR UA 425 24.61 -58.32 -60.71
CA TYR UA 425 25.50 -57.32 -61.28
C TYR UA 425 26.87 -57.34 -60.65
N GLN UA 426 27.19 -58.39 -59.88
CA GLN UA 426 28.54 -58.68 -59.42
C GLN UA 426 28.92 -59.99 -60.09
N ASP UA 427 29.51 -59.90 -61.29
CA ASP UA 427 29.91 -61.06 -62.06
C ASP UA 427 31.33 -61.51 -61.75
N ALA UA 428 31.80 -61.25 -60.52
CA ALA UA 428 33.14 -61.60 -60.08
C ALA UA 428 34.18 -60.87 -60.92
N MET VA 1 62.04 -33.72 -62.42
CA MET VA 1 62.18 -35.06 -62.97
C MET VA 1 63.31 -35.81 -62.26
N ARG VA 2 63.44 -37.10 -62.56
CA ARG VA 2 64.47 -37.95 -61.97
C ARG VA 2 64.32 -38.06 -60.46
N GLU VA 3 63.09 -38.11 -59.97
CA GLU VA 3 62.86 -38.21 -58.54
C GLU VA 3 63.38 -39.54 -58.01
N ILE VA 4 63.84 -39.52 -56.76
CA ILE VA 4 64.39 -40.69 -56.09
C ILE VA 4 63.66 -40.89 -54.78
N VAL VA 5 63.16 -42.11 -54.56
CA VAL VA 5 62.53 -42.50 -53.30
C VAL VA 5 63.54 -43.32 -52.51
N HIS VA 6 63.54 -43.13 -51.19
CA HIS VA 6 64.57 -43.67 -50.32
C HIS VA 6 63.96 -44.48 -49.19
N ILE VA 7 64.63 -45.59 -48.84
CA ILE VA 7 64.18 -46.49 -47.79
C ILE VA 7 65.27 -46.56 -46.72
N GLN VA 8 64.86 -46.82 -45.48
CA GLN VA 8 65.79 -47.02 -44.37
C GLN VA 8 65.27 -48.14 -43.50
N GLY VA 9 65.83 -49.33 -43.65
CA GLY VA 9 65.48 -50.47 -42.85
C GLY VA 9 66.53 -50.75 -41.78
N GLY VA 10 66.09 -51.39 -40.70
CA GLY VA 10 67.00 -51.76 -39.62
C GLY VA 10 67.43 -50.56 -38.79
N GLN VA 11 68.11 -50.87 -37.69
CA GLN VA 11 68.63 -49.83 -36.81
C GLN VA 11 69.64 -48.95 -37.53
N CYS VA 12 70.72 -49.57 -38.03
CA CYS VA 12 71.76 -48.81 -38.72
C CYS VA 12 71.19 -48.05 -39.91
N GLY VA 13 70.34 -48.69 -40.70
CA GLY VA 13 69.71 -48.00 -41.81
C GLY VA 13 68.89 -46.80 -41.35
N ASN VA 14 68.24 -46.93 -40.20
CA ASN VA 14 67.58 -45.77 -39.59
C ASN VA 14 68.57 -44.76 -39.07
N GLN VA 15 69.84 -45.13 -38.93
CA GLN VA 15 70.83 -44.25 -38.34
C GLN VA 15 71.72 -43.56 -39.37
N ILE VA 16 72.24 -44.28 -40.35
CA ILE VA 16 73.03 -43.63 -41.39
C ILE VA 16 72.17 -42.65 -42.17
N GLY VA 17 70.90 -42.98 -42.38
CA GLY VA 17 70.00 -42.06 -43.06
C GLY VA 17 69.79 -40.77 -42.31
N ALA VA 18 69.88 -40.81 -40.98
CA ALA VA 18 69.82 -39.58 -40.21
C ALA VA 18 70.92 -38.62 -40.62
N LYS VA 19 72.09 -39.16 -41.01
CA LYS VA 19 73.16 -38.33 -41.52
C LYS VA 19 72.96 -38.00 -43.00
N PHE VA 20 72.68 -39.01 -43.82
CA PHE VA 20 72.46 -38.79 -45.24
C PHE VA 20 71.39 -37.73 -45.48
N TRP VA 21 70.34 -37.74 -44.67
CA TRP VA 21 69.33 -36.70 -44.75
C TRP VA 21 69.72 -35.45 -43.98
N GLU VA 22 70.86 -35.46 -43.28
CA GLU VA 22 71.37 -34.26 -42.65
C GLU VA 22 72.40 -33.56 -43.51
N VAL VA 23 73.28 -34.33 -44.16
CA VAL VA 23 74.24 -33.74 -45.08
C VAL VA 23 73.53 -33.08 -46.26
N VAL VA 24 72.72 -33.87 -46.98
CA VAL VA 24 71.97 -33.36 -48.12
C VAL VA 24 71.18 -32.12 -47.72
N SER VA 25 70.47 -32.19 -46.59
CA SER VA 25 69.63 -31.09 -46.16
C SER VA 25 70.40 -29.78 -46.08
N ASP VA 26 71.69 -29.83 -45.76
CA ASP VA 26 72.47 -28.60 -45.71
C ASP VA 26 73.08 -28.25 -47.06
N GLU VA 27 73.32 -29.25 -47.91
CA GLU VA 27 73.83 -28.96 -49.25
C GLU VA 27 72.84 -28.09 -50.02
N HIS VA 28 71.58 -28.48 -50.03
CA HIS VA 28 70.56 -27.67 -50.68
C HIS VA 28 70.08 -26.53 -49.80
N GLY VA 29 70.72 -26.30 -48.67
CA GLY VA 29 70.46 -25.12 -47.87
C GLY VA 29 69.08 -24.99 -47.27
N ILE VA 30 68.51 -26.10 -46.80
CA ILE VA 30 67.24 -26.07 -46.09
C ILE VA 30 67.50 -26.27 -44.61
N ASP VA 31 66.63 -25.72 -43.80
CA ASP VA 31 66.76 -25.77 -42.35
C ASP VA 31 65.94 -26.91 -41.78
N PRO VA 32 66.24 -27.36 -40.55
CA PRO VA 32 65.44 -28.41 -39.92
C PRO VA 32 63.96 -28.06 -39.83
N THR VA 33 63.61 -26.81 -40.06
CA THR VA 33 62.20 -26.44 -40.20
C THR VA 33 61.61 -26.96 -41.50
N GLY VA 34 62.46 -27.31 -42.47
CA GLY VA 34 62.00 -27.65 -43.80
C GLY VA 34 61.98 -26.48 -44.77
N THR VA 35 62.33 -25.29 -44.31
CA THR VA 35 62.36 -24.11 -45.16
C THR VA 35 63.74 -23.92 -45.76
N TYR VA 36 63.78 -23.57 -47.04
CA TYR VA 36 65.04 -23.34 -47.73
C TYR VA 36 65.65 -22.02 -47.32
N HIS VA 37 66.95 -22.03 -47.05
CA HIS VA 37 67.64 -20.80 -46.69
C HIS VA 37 69.02 -20.72 -47.30
N GLY VA 38 69.22 -21.31 -48.49
CA GLY VA 38 70.48 -21.24 -49.18
C GLY VA 38 70.64 -19.93 -49.92
N ASP VA 39 71.44 -19.97 -50.98
CA ASP VA 39 71.76 -18.76 -51.74
C ASP VA 39 71.47 -18.88 -53.23
N SER VA 40 71.77 -20.02 -53.84
CA SER VA 40 71.75 -20.14 -55.29
C SER VA 40 70.45 -20.79 -55.76
N ASP VA 41 70.05 -20.44 -56.98
CA ASP VA 41 68.92 -21.12 -57.60
C ASP VA 41 69.25 -22.56 -57.93
N LEU VA 42 70.54 -22.93 -57.94
CA LEU VA 42 70.92 -24.28 -58.29
C LEU VA 42 70.43 -25.29 -57.25
N GLN VA 43 70.41 -24.91 -55.98
CA GLN VA 43 69.81 -25.78 -54.97
C GLN VA 43 68.34 -26.05 -55.25
N LEU VA 44 67.66 -25.15 -55.96
CA LEU VA 44 66.23 -25.26 -56.19
C LEU VA 44 65.88 -25.98 -57.47
N GLU VA 45 66.80 -26.06 -58.43
CA GLU VA 45 66.45 -26.65 -59.72
C GLU VA 45 66.17 -28.14 -59.59
N ARG VA 46 67.14 -28.90 -59.09
CA ARG VA 46 66.99 -30.34 -58.93
C ARG VA 46 66.81 -30.72 -57.47
N ILE VA 47 66.09 -29.89 -56.72
CA ILE VA 47 65.76 -30.22 -55.34
C ILE VA 47 64.71 -31.32 -55.28
N ASN VA 48 63.86 -31.42 -56.29
CA ASN VA 48 62.75 -32.36 -56.28
C ASN VA 48 63.17 -33.82 -56.35
N VAL VA 49 64.47 -34.11 -56.36
CA VAL VA 49 64.92 -35.49 -56.43
C VAL VA 49 64.84 -36.16 -55.06
N TYR VA 50 65.05 -35.39 -53.99
CA TYR VA 50 65.10 -35.94 -52.65
C TYR VA 50 64.00 -35.43 -51.73
N PHE VA 51 63.15 -34.52 -52.19
CA PHE VA 51 62.21 -33.86 -51.30
C PHE VA 51 60.87 -33.72 -51.99
N ASN VA 52 59.89 -33.27 -51.21
CA ASN VA 52 58.56 -32.96 -51.72
C ASN VA 52 58.17 -31.57 -51.28
N GLU VA 53 57.44 -30.88 -52.14
CA GLU VA 53 56.93 -29.57 -51.77
C GLU VA 53 55.97 -29.69 -50.59
N ALA VA 54 56.00 -28.71 -49.71
CA ALA VA 54 55.10 -28.67 -48.57
C ALA VA 54 54.48 -27.29 -48.46
N THR VA 55 53.34 -27.24 -47.77
CA THR VA 55 52.65 -25.97 -47.56
C THR VA 55 53.57 -24.97 -46.88
N GLY VA 56 53.44 -23.70 -47.25
CA GLY VA 56 54.30 -22.68 -46.71
C GLY VA 56 55.72 -22.71 -47.22
N GLY VA 57 55.95 -23.34 -48.37
CA GLY VA 57 57.28 -23.40 -48.94
C GLY VA 57 58.27 -24.23 -48.14
N ARG VA 58 57.85 -25.39 -47.65
CA ARG VA 58 58.70 -26.29 -46.90
C ARG VA 58 59.02 -27.52 -47.74
N TYR VA 59 60.10 -28.21 -47.36
CA TYR VA 59 60.55 -29.40 -48.07
C TYR VA 59 60.73 -30.52 -47.06
N VAL VA 60 60.11 -31.65 -47.32
CA VAL VA 60 60.27 -32.83 -46.48
C VAL VA 60 60.96 -33.92 -47.29
N PRO VA 61 61.83 -34.72 -46.68
CA PRO VA 61 62.55 -35.73 -47.46
C PRO VA 61 61.65 -36.86 -47.90
N ARG VA 62 61.84 -37.28 -49.16
CA ARG VA 62 61.12 -38.43 -49.70
C ARG VA 62 61.78 -39.70 -49.19
N ALA VA 63 61.65 -39.93 -47.89
CA ALA VA 63 62.26 -41.07 -47.22
C ALA VA 63 61.20 -41.91 -46.52
N ILE VA 64 61.55 -43.17 -46.28
CA ILE VA 64 60.70 -44.09 -45.53
C ILE VA 64 61.57 -44.79 -44.49
N LEU VA 65 61.11 -44.77 -43.24
CA LEU VA 65 61.88 -45.31 -42.12
C LEU VA 65 61.11 -46.47 -41.52
N MET VA 66 61.50 -47.68 -41.86
CA MET VA 66 60.85 -48.89 -41.38
C MET VA 66 61.78 -49.61 -40.41
N ASP VA 67 61.25 -49.95 -39.25
CA ASP VA 67 62.00 -50.70 -38.24
C ASP VA 67 61.05 -51.17 -37.16
N LEU VA 68 61.06 -52.48 -36.87
CA LEU VA 68 60.37 -52.94 -35.69
C LEU VA 68 60.99 -52.29 -34.46
N GLU VA 69 60.30 -52.41 -33.34
CA GLU VA 69 60.83 -51.82 -32.10
C GLU VA 69 61.04 -50.32 -32.25
N PRO VA 70 59.98 -49.55 -32.22
CA PRO VA 70 60.08 -48.13 -32.58
C PRO VA 70 60.95 -47.29 -31.66
N GLY VA 71 61.59 -47.92 -30.67
CA GLY VA 71 62.40 -47.17 -29.73
C GLY VA 71 63.45 -46.30 -30.39
N THR VA 72 64.03 -46.79 -31.48
CA THR VA 72 65.09 -46.02 -32.14
C THR VA 72 64.55 -44.81 -32.88
N MET VA 73 63.38 -44.94 -33.52
CA MET VA 73 62.83 -43.82 -34.27
C MET VA 73 62.49 -42.64 -33.38
N ASP VA 74 62.35 -42.85 -32.07
CA ASP VA 74 62.21 -41.70 -31.17
C ASP VA 74 63.51 -40.89 -31.15
N SER VA 75 64.65 -41.56 -31.26
CA SER VA 75 65.93 -40.86 -31.24
C SER VA 75 66.04 -39.89 -32.41
N VAL VA 76 65.88 -40.39 -33.63
CA VAL VA 76 66.04 -39.54 -34.80
C VAL VA 76 65.04 -38.38 -34.76
N ARG VA 77 63.81 -38.66 -34.33
CA ARG VA 77 62.83 -37.57 -34.20
C ARG VA 77 63.28 -36.54 -33.19
N SER VA 78 63.93 -36.98 -32.11
CA SER VA 78 64.54 -36.05 -31.17
C SER VA 78 65.87 -35.50 -31.69
N GLY VA 79 66.41 -36.07 -32.77
CA GLY VA 79 67.61 -35.58 -33.37
C GLY VA 79 67.42 -34.18 -33.93
N PRO VA 80 68.52 -33.55 -34.36
CA PRO VA 80 68.42 -32.17 -34.84
C PRO VA 80 67.66 -32.04 -36.14
N TYR VA 81 67.64 -33.07 -36.97
CA TYR VA 81 66.91 -33.06 -38.23
C TYR VA 81 65.78 -34.08 -38.24
N GLY VA 82 65.22 -34.37 -37.07
CA GLY VA 82 64.09 -35.26 -36.99
C GLY VA 82 62.74 -34.60 -37.16
N GLN VA 83 62.71 -33.27 -37.20
CA GLN VA 83 61.46 -32.56 -37.38
C GLN VA 83 61.06 -32.43 -38.84
N ILE VA 84 61.90 -32.88 -39.77
CA ILE VA 84 61.57 -32.76 -41.18
C ILE VA 84 60.81 -33.97 -41.71
N PHE VA 85 60.87 -35.10 -41.02
CA PHE VA 85 60.23 -36.31 -41.52
C PHE VA 85 58.74 -36.28 -41.31
N ARG VA 86 58.00 -36.76 -42.30
CA ARG VA 86 56.57 -36.91 -42.16
C ARG VA 86 56.27 -38.01 -41.15
N PRO VA 87 55.60 -37.70 -40.03
CA PRO VA 87 55.34 -38.74 -39.03
C PRO VA 87 54.54 -39.91 -39.57
N ASP VA 88 53.79 -39.73 -40.66
CA ASP VA 88 53.18 -40.88 -41.31
C ASP VA 88 54.17 -41.66 -42.15
N ASN VA 89 55.38 -41.13 -42.35
CA ASN VA 89 56.47 -41.91 -42.94
C ASN VA 89 57.29 -42.60 -41.85
N PHE VA 90 56.58 -43.29 -40.95
CA PHE VA 90 57.19 -44.10 -39.92
C PHE VA 90 56.32 -45.34 -39.76
N VAL VA 91 56.90 -46.52 -39.95
CA VAL VA 91 56.18 -47.77 -39.72
C VAL VA 91 57.00 -48.60 -38.74
N PHE VA 92 56.32 -49.22 -37.79
CA PHE VA 92 57.02 -50.00 -36.77
C PHE VA 92 56.05 -50.99 -36.13
N GLY VA 93 56.64 -52.00 -35.50
CA GLY VA 93 55.90 -52.97 -34.72
C GLY VA 93 56.53 -53.14 -33.36
N GLN VA 94 55.71 -53.30 -32.32
CA GLN VA 94 56.23 -53.30 -30.96
C GLN VA 94 57.15 -54.47 -30.70
N THR VA 95 56.85 -55.62 -31.29
CA THR VA 95 57.69 -56.80 -31.08
C THR VA 95 59.10 -56.55 -31.58
N GLY VA 96 60.08 -57.10 -30.86
CA GLY VA 96 61.45 -56.96 -31.27
C GLY VA 96 61.74 -57.75 -32.53
N ALA VA 97 62.84 -57.37 -33.21
CA ALA VA 97 63.19 -58.03 -34.45
C ALA VA 97 63.57 -59.48 -34.22
N GLY VA 98 64.31 -59.76 -33.15
CA GLY VA 98 64.77 -61.11 -32.86
C GLY VA 98 65.86 -61.62 -33.77
N ASN VA 99 66.12 -60.95 -34.90
CA ASN VA 99 67.15 -61.24 -35.88
C ASN VA 99 67.04 -62.65 -36.46
N ASN VA 100 66.01 -63.39 -36.06
CA ASN VA 100 65.63 -64.59 -36.76
C ASN VA 100 65.16 -64.14 -38.13
N TRP VA 101 65.97 -64.38 -39.16
CA TRP VA 101 65.65 -63.88 -40.49
C TRP VA 101 64.25 -64.28 -40.92
N ALA VA 102 63.78 -65.44 -40.47
CA ALA VA 102 62.43 -65.88 -40.78
C ALA VA 102 61.41 -64.87 -40.26
N LYS VA 103 61.33 -64.70 -38.94
CA LYS VA 103 60.34 -63.77 -38.39
C LYS VA 103 60.52 -62.37 -38.96
N GLY VA 104 61.77 -61.98 -39.24
CA GLY VA 104 62.00 -60.74 -39.96
C GLY VA 104 61.51 -60.76 -41.39
N HIS VA 105 61.34 -61.96 -41.96
CA HIS VA 105 60.97 -62.11 -43.36
C HIS VA 105 59.74 -62.98 -43.57
N TYR VA 106 59.27 -63.70 -42.55
CA TYR VA 106 58.14 -64.62 -42.69
C TYR VA 106 56.95 -64.18 -41.87
N THR VA 107 57.10 -64.02 -40.55
CA THR VA 107 55.99 -63.71 -39.67
C THR VA 107 55.83 -62.21 -39.42
N GLU VA 108 56.84 -61.58 -38.82
CA GLU VA 108 56.73 -60.18 -38.49
C GLU VA 108 56.88 -59.29 -39.72
N GLY VA 109 57.69 -59.70 -40.69
CA GLY VA 109 57.71 -58.99 -41.95
C GLY VA 109 56.33 -58.93 -42.58
N ALA VA 110 55.66 -60.07 -42.67
CA ALA VA 110 54.36 -60.14 -43.32
C ALA VA 110 53.34 -59.19 -42.71
N GLU VA 111 53.48 -58.87 -41.43
CA GLU VA 111 52.52 -57.98 -40.79
C GLU VA 111 52.64 -56.55 -41.27
N LEU VA 112 53.86 -56.09 -41.58
CA LEU VA 112 54.08 -54.69 -41.90
C LEU VA 112 54.16 -54.40 -43.38
N ILE VA 113 54.40 -55.40 -44.22
CA ILE VA 113 54.59 -55.17 -45.65
C ILE VA 113 53.40 -54.42 -46.23
N ASP VA 114 52.18 -54.94 -45.99
CA ASP VA 114 50.98 -54.30 -46.50
C ASP VA 114 50.93 -52.83 -46.11
N SER VA 115 51.43 -52.50 -44.92
CA SER VA 115 51.50 -51.10 -44.52
C SER VA 115 52.57 -50.37 -45.30
N VAL VA 116 53.74 -50.98 -45.46
CA VAL VA 116 54.85 -50.33 -46.15
C VAL VA 116 54.49 -50.07 -47.61
N LEU VA 117 53.98 -51.09 -48.30
CA LEU VA 117 53.57 -50.93 -49.68
C LEU VA 117 52.59 -49.78 -49.83
N ASP VA 118 51.71 -49.58 -48.85
CA ASP VA 118 50.82 -48.43 -48.89
C ASP VA 118 51.59 -47.12 -48.79
N VAL VA 119 52.75 -47.14 -48.15
CA VAL VA 119 53.53 -45.92 -48.00
C VAL VA 119 54.36 -45.65 -49.24
N VAL VA 120 54.99 -46.69 -49.80
CA VAL VA 120 55.79 -46.51 -51.01
C VAL VA 120 54.92 -46.04 -52.15
N ARG VA 121 53.84 -46.76 -52.43
CA ARG VA 121 52.92 -46.35 -53.48
C ARG VA 121 52.36 -44.95 -53.23
N LYS VA 122 52.17 -44.59 -51.96
CA LYS VA 122 51.67 -43.27 -51.64
C LYS VA 122 52.60 -42.19 -52.18
N GLU VA 123 53.90 -42.45 -52.18
CA GLU VA 123 54.87 -41.50 -52.69
C GLU VA 123 55.57 -41.96 -53.95
N ALA VA 124 55.28 -43.16 -54.43
CA ALA VA 124 55.74 -43.53 -55.77
C ALA VA 124 55.01 -42.71 -56.82
N GLU VA 125 53.72 -42.47 -56.63
CA GLU VA 125 52.97 -41.63 -57.55
C GLU VA 125 53.28 -40.15 -57.36
N SER VA 126 53.94 -39.77 -56.26
CA SER VA 126 54.36 -38.38 -56.08
C SER VA 126 55.50 -37.99 -56.99
N CYS VA 127 55.96 -38.88 -57.86
CA CYS VA 127 57.09 -38.63 -58.75
C CYS VA 127 56.58 -38.49 -60.18
N ASP VA 128 57.10 -37.50 -60.89
CA ASP VA 128 56.79 -37.36 -62.31
C ASP VA 128 57.54 -38.40 -63.13
N CYS VA 129 58.84 -38.53 -62.90
CA CYS VA 129 59.67 -39.55 -63.54
C CYS VA 129 60.52 -40.18 -62.44
N LEU VA 130 59.97 -41.21 -61.80
CA LEU VA 130 60.71 -41.90 -60.74
C LEU VA 130 61.93 -42.58 -61.32
N GLN VA 131 63.11 -42.22 -60.81
CA GLN VA 131 64.34 -42.78 -61.35
C GLN VA 131 64.59 -44.19 -60.81
N GLY VA 132 64.65 -44.33 -59.49
CA GLY VA 132 64.90 -45.64 -58.92
C GLY VA 132 64.81 -45.60 -57.41
N PHE VA 133 65.08 -46.75 -56.81
CA PHE VA 133 65.04 -46.94 -55.37
C PHE VA 133 66.44 -47.02 -54.80
N GLN VA 134 66.53 -46.84 -53.48
CA GLN VA 134 67.78 -47.04 -52.76
C GLN VA 134 67.46 -47.28 -51.29
N VAL VA 135 68.18 -48.22 -50.69
CA VAL VA 135 67.88 -48.67 -49.34
C VAL VA 135 69.10 -48.53 -48.45
N CYS VA 136 68.96 -48.92 -47.18
CA CYS VA 136 70.08 -48.90 -46.23
C CYS VA 136 69.91 -50.14 -45.35
N HIS VA 137 70.67 -51.18 -45.64
CA HIS VA 137 70.46 -52.48 -45.03
C HIS VA 137 71.43 -52.72 -43.88
N SER VA 138 71.32 -53.92 -43.30
CA SER VA 138 72.27 -54.41 -42.32
C SER VA 138 72.10 -55.92 -42.30
N LEU VA 139 73.10 -56.65 -42.79
CA LEU VA 139 72.90 -58.07 -43.04
C LEU VA 139 72.90 -58.89 -41.75
N GLY VA 140 73.61 -58.42 -40.72
CA GLY VA 140 73.63 -59.15 -39.46
C GLY VA 140 72.29 -59.12 -38.75
N GLY VA 141 71.75 -57.92 -38.55
CA GLY VA 141 70.46 -57.80 -37.90
C GLY VA 141 69.35 -58.43 -38.73
N GLY VA 142 68.20 -58.59 -38.08
CA GLY VA 142 67.07 -59.24 -38.72
C GLY VA 142 66.07 -58.28 -39.33
N THR VA 143 66.07 -57.02 -38.88
CA THR VA 143 65.14 -56.05 -39.46
C THR VA 143 65.48 -55.78 -40.93
N GLY VA 144 66.68 -55.27 -41.18
CA GLY VA 144 67.06 -54.97 -42.55
C GLY VA 144 67.11 -56.21 -43.41
N SER VA 145 67.77 -57.26 -42.90
CA SER VA 145 67.88 -58.51 -43.65
C SER VA 145 66.51 -59.10 -43.95
N GLY VA 146 65.72 -59.34 -42.91
CA GLY VA 146 64.41 -59.91 -43.08
C GLY VA 146 63.46 -59.02 -43.85
N MET VA 147 63.07 -57.89 -43.26
CA MET VA 147 62.04 -57.06 -43.87
C MET VA 147 62.52 -56.42 -45.17
N GLY VA 148 63.73 -55.86 -45.16
CA GLY VA 148 64.21 -55.16 -46.34
C GLY VA 148 64.17 -56.03 -47.59
N THR VA 149 64.76 -57.21 -47.50
CA THR VA 149 64.70 -58.15 -48.63
C THR VA 149 63.26 -58.56 -48.91
N LEU VA 150 62.45 -58.73 -47.85
CA LEU VA 150 61.03 -59.00 -48.06
C LEU VA 150 60.36 -57.85 -48.80
N LEU VA 151 60.69 -56.63 -48.42
CA LEU VA 151 60.19 -55.47 -49.14
C LEU VA 151 60.75 -55.44 -50.56
N ILE VA 152 62.05 -55.71 -50.71
CA ILE VA 152 62.68 -55.70 -52.03
C ILE VA 152 61.94 -56.61 -52.99
N SER VA 153 61.66 -57.84 -52.57
CA SER VA 153 60.92 -58.76 -53.41
C SER VA 153 59.56 -58.20 -53.78
N LYS VA 154 58.93 -57.47 -52.87
CA LYS VA 154 57.64 -56.87 -53.16
C LYS VA 154 57.78 -55.70 -54.14
N ILE VA 155 58.82 -54.89 -53.95
CA ILE VA 155 59.07 -53.77 -54.86
C ILE VA 155 59.29 -54.30 -56.28
N ARG VA 156 60.21 -55.26 -56.43
CA ARG VA 156 60.59 -55.73 -57.76
C ARG VA 156 59.39 -56.26 -58.52
N GLU VA 157 58.50 -57.01 -57.85
CA GLU VA 157 57.36 -57.55 -58.57
C GLU VA 157 56.31 -56.49 -58.92
N GLU VA 158 56.46 -55.27 -58.40
CA GLU VA 158 55.59 -54.17 -58.80
C GLU VA 158 56.33 -52.99 -59.41
N TYR VA 159 57.66 -53.01 -59.41
CA TYR VA 159 58.45 -52.02 -60.15
C TYR VA 159 59.63 -52.74 -60.80
N PRO VA 160 59.36 -53.63 -61.77
CA PRO VA 160 60.45 -54.41 -62.35
C PRO VA 160 61.42 -53.58 -63.17
N ASP VA 161 60.94 -52.54 -63.84
CA ASP VA 161 61.81 -51.78 -64.74
C ASP VA 161 62.77 -50.86 -64.00
N ARG VA 162 62.34 -50.26 -62.90
CA ARG VA 162 63.20 -49.37 -62.15
C ARG VA 162 64.36 -50.14 -61.53
N MET VA 163 65.35 -49.40 -61.05
CA MET VA 163 66.60 -49.96 -60.56
C MET VA 163 66.66 -49.87 -59.05
N MET VA 164 67.04 -50.98 -58.41
CA MET VA 164 67.14 -51.06 -56.96
C MET VA 164 68.61 -50.99 -56.55
N LEU VA 165 69.00 -49.86 -56.00
CA LEU VA 165 70.30 -49.74 -55.35
C LEU VA 165 70.26 -50.46 -54.00
N THR VA 166 71.42 -50.52 -53.34
CA THR VA 166 71.50 -51.10 -51.99
C THR VA 166 72.79 -50.64 -51.35
N PHE VA 167 72.68 -49.85 -50.28
CA PHE VA 167 73.84 -49.49 -49.46
C PHE VA 167 73.98 -50.43 -48.27
N SER VA 168 73.98 -51.73 -48.52
CA SER VA 168 74.03 -52.70 -47.43
C SER VA 168 75.40 -52.69 -46.76
N VAL VA 169 75.40 -52.69 -45.44
CA VAL VA 169 76.63 -52.82 -44.66
C VAL VA 169 76.84 -54.31 -44.37
N VAL VA 170 78.02 -54.80 -44.69
CA VAL VA 170 78.28 -56.24 -44.70
C VAL VA 170 78.87 -56.63 -43.34
N PRO VA 171 78.56 -57.83 -42.83
CA PRO VA 171 79.24 -58.32 -41.63
C PRO VA 171 80.75 -58.32 -41.78
N SER VA 172 81.45 -58.35 -40.68
CA SER VA 172 82.89 -58.27 -40.72
C SER VA 172 83.51 -59.66 -40.81
N PRO VA 173 84.67 -59.78 -41.46
CA PRO VA 173 85.36 -61.08 -41.45
C PRO VA 173 86.01 -61.41 -40.12
N LYS VA 174 86.49 -60.40 -39.39
CA LYS VA 174 87.18 -60.65 -38.13
C LYS VA 174 86.26 -60.56 -36.91
N VAL VA 175 85.64 -59.40 -36.70
CA VAL VA 175 84.74 -59.20 -35.57
C VAL VA 175 83.33 -59.64 -35.96
N SER VA 176 82.60 -60.14 -34.97
CA SER VA 176 81.20 -60.51 -35.13
C SER VA 176 80.40 -59.86 -34.00
N ASP VA 177 79.72 -58.75 -34.30
CA ASP VA 177 78.93 -58.07 -33.29
C ASP VA 177 77.65 -58.82 -32.94
N THR VA 178 77.30 -59.85 -33.69
CA THR VA 178 76.27 -60.80 -33.28
C THR VA 178 76.79 -62.21 -33.52
N VAL VA 179 75.93 -63.21 -33.36
CA VAL VA 179 76.33 -64.61 -33.48
C VAL VA 179 75.71 -65.27 -34.70
N VAL VA 180 74.44 -65.00 -34.97
CA VAL VA 180 73.73 -65.68 -36.04
C VAL VA 180 74.00 -64.93 -37.35
N GLU VA 181 74.98 -64.03 -37.31
CA GLU VA 181 75.33 -63.19 -38.46
C GLU VA 181 75.43 -63.95 -39.78
N PRO VA 182 76.22 -65.02 -39.91
CA PRO VA 182 76.35 -65.65 -41.23
C PRO VA 182 75.02 -66.20 -41.75
N TYR VA 183 74.14 -66.67 -40.86
CA TYR VA 183 72.86 -67.19 -41.31
C TYR VA 183 72.07 -66.11 -42.06
N ASN VA 184 71.72 -65.02 -41.37
CA ASN VA 184 70.97 -63.95 -42.02
C ASN VA 184 71.77 -63.29 -43.12
N ALA VA 185 73.10 -63.40 -43.08
CA ALA VA 185 73.91 -62.92 -44.20
C ALA VA 185 73.57 -63.67 -45.47
N THR VA 186 73.59 -65.01 -45.42
CA THR VA 186 73.35 -65.81 -46.61
C THR VA 186 71.91 -65.70 -47.06
N LEU VA 187 70.96 -65.87 -46.15
CA LEU VA 187 69.56 -65.87 -46.54
C LEU VA 187 69.16 -64.54 -47.18
N SER VA 188 69.85 -63.46 -46.84
CA SER VA 188 69.66 -62.21 -47.57
C SER VA 188 70.36 -62.24 -48.92
N VAL VA 189 71.58 -62.76 -48.97
CA VAL VA 189 72.30 -62.90 -50.23
C VAL VA 189 71.51 -63.75 -51.21
N HIS VA 190 70.84 -64.80 -50.72
CA HIS VA 190 70.00 -65.59 -51.60
C HIS VA 190 68.81 -64.81 -52.15
N GLN VA 191 68.50 -63.65 -51.57
CA GLN VA 191 67.42 -62.81 -52.08
C GLN VA 191 67.92 -61.61 -52.86
N LEU VA 192 69.10 -61.09 -52.51
CA LEU VA 192 69.63 -59.93 -53.23
C LEU VA 192 69.91 -60.26 -54.68
N VAL VA 193 70.49 -61.43 -54.95
CA VAL VA 193 71.02 -61.74 -56.28
C VAL VA 193 69.93 -61.62 -57.33
N GLU VA 194 68.74 -62.13 -57.05
CA GLU VA 194 67.66 -62.15 -58.03
C GLU VA 194 66.85 -60.87 -58.07
N ASN VA 195 66.91 -60.05 -57.01
CA ASN VA 195 66.03 -58.89 -56.91
C ASN VA 195 66.80 -57.62 -56.61
N ALA VA 196 68.06 -57.54 -57.03
CA ALA VA 196 68.82 -56.32 -56.93
C ALA VA 196 69.51 -56.05 -58.26
N ASP VA 197 69.93 -54.81 -58.44
CA ASP VA 197 70.65 -54.42 -59.64
C ASP VA 197 72.03 -53.85 -59.35
N GLU VA 198 72.17 -53.07 -58.28
CA GLU VA 198 73.47 -52.56 -57.86
C GLU VA 198 73.50 -52.63 -56.35
N CYS VA 199 74.50 -53.33 -55.80
CA CYS VA 199 74.56 -53.58 -54.37
C CYS VA 199 75.98 -53.29 -53.88
N MET VA 200 76.17 -52.08 -53.35
CA MET VA 200 77.42 -51.79 -52.67
C MET VA 200 77.52 -52.64 -51.42
N VAL VA 201 78.75 -52.95 -51.02
CA VAL VA 201 79.01 -53.64 -49.76
C VAL VA 201 80.09 -52.85 -49.02
N LEU VA 202 79.76 -52.45 -47.79
CA LEU VA 202 80.65 -51.67 -46.95
C LEU VA 202 80.67 -52.28 -45.56
N ASP VA 203 81.81 -52.13 -44.87
CA ASP VA 203 82.04 -52.82 -43.62
C ASP VA 203 82.70 -51.91 -42.61
N ASN VA 204 82.27 -52.00 -41.35
CA ASN VA 204 82.72 -51.09 -40.31
C ASN VA 204 84.22 -51.18 -40.07
N GLU VA 205 84.83 -52.33 -40.35
CA GLU VA 205 86.25 -52.49 -40.10
C GLU VA 205 87.08 -51.51 -40.93
N ALA VA 206 86.97 -51.60 -42.25
CA ALA VA 206 87.65 -50.64 -43.11
C ALA VA 206 87.21 -49.22 -42.79
N LEU VA 207 85.97 -49.04 -42.36
CA LEU VA 207 85.54 -47.74 -41.88
C LEU VA 207 86.35 -47.30 -40.66
N TYR VA 208 86.70 -48.25 -39.79
CA TYR VA 208 87.53 -47.90 -38.66
C TYR VA 208 88.94 -47.52 -39.10
N ASP VA 209 89.46 -48.17 -40.12
CA ASP VA 209 90.79 -47.85 -40.62
C ASP VA 209 90.82 -46.45 -41.22
N ILE VA 210 89.95 -46.20 -42.21
CA ILE VA 210 89.85 -44.90 -42.84
C ILE VA 210 89.72 -43.80 -41.79
N CYS VA 211 88.95 -44.07 -40.72
CA CYS VA 211 88.85 -43.11 -39.64
C CYS VA 211 90.12 -43.08 -38.78
N PHE VA 212 90.83 -44.19 -38.67
CA PHE VA 212 91.98 -44.25 -37.77
C PHE VA 212 93.23 -43.65 -38.40
N ARG VA 213 93.70 -44.25 -39.51
CA ARG VA 213 94.96 -43.83 -40.10
C ARG VA 213 94.85 -42.48 -40.78
N THR VA 214 93.98 -42.37 -41.78
CA THR VA 214 93.98 -41.21 -42.67
C THR VA 214 93.48 -39.96 -41.94
N LEU VA 215 92.24 -40.00 -41.45
CA LEU VA 215 91.68 -38.82 -40.82
C LEU VA 215 92.28 -38.55 -39.45
N LYS VA 216 93.06 -39.48 -38.90
CA LYS VA 216 93.71 -39.32 -37.60
C LYS VA 216 92.70 -39.04 -36.49
N LEU VA 217 91.52 -39.65 -36.58
CA LEU VA 217 90.54 -39.51 -35.50
C LEU VA 217 90.98 -40.28 -34.27
N THR VA 218 90.78 -39.68 -33.11
CA THR VA 218 91.09 -40.36 -31.86
C THR VA 218 89.97 -41.32 -31.47
N THR VA 219 88.71 -40.92 -31.64
CA THR VA 219 87.56 -41.70 -31.20
C THR VA 219 86.48 -41.70 -32.27
N PRO VA 220 86.65 -42.49 -33.33
CA PRO VA 220 85.53 -42.71 -34.25
C PRO VA 220 84.29 -43.24 -33.55
N THR VA 221 83.25 -42.41 -33.52
CA THR VA 221 81.94 -42.82 -33.03
C THR VA 221 81.10 -43.30 -34.21
N PHE VA 222 79.88 -43.74 -33.93
CA PHE VA 222 79.02 -44.20 -35.01
C PHE VA 222 78.59 -43.06 -35.92
N GLY VA 223 78.53 -41.83 -35.41
CA GLY VA 223 78.24 -40.70 -36.27
C GLY VA 223 79.27 -40.52 -37.36
N ASP VA 224 80.55 -40.63 -37.01
CA ASP VA 224 81.63 -40.41 -37.97
C ASP VA 224 81.59 -41.43 -39.09
N LEU VA 225 81.52 -42.71 -38.74
CA LEU VA 225 81.34 -43.73 -39.77
C LEU VA 225 80.12 -43.44 -40.60
N ASN VA 226 79.00 -43.09 -39.96
CA ASN VA 226 77.83 -42.68 -40.70
C ASN VA 226 78.05 -41.35 -41.41
N HIS VA 227 78.89 -40.48 -40.85
CA HIS VA 227 79.27 -39.26 -41.55
C HIS VA 227 80.01 -39.58 -42.85
N LEU VA 228 80.78 -40.66 -42.85
CA LEU VA 228 81.46 -41.09 -44.07
C LEU VA 228 80.46 -41.63 -45.08
N ILE VA 229 79.62 -42.57 -44.65
CA ILE VA 229 78.65 -43.16 -45.57
C ILE VA 229 77.74 -42.09 -46.13
N SER VA 230 77.40 -41.08 -45.32
CA SER VA 230 76.63 -39.95 -45.82
C SER VA 230 77.34 -39.27 -46.98
N ALA VA 231 78.66 -39.11 -46.88
CA ALA VA 231 79.41 -38.41 -47.91
C ALA VA 231 79.35 -39.16 -49.24
N VAL VA 232 79.68 -40.45 -49.22
CA VAL VA 232 79.64 -41.25 -50.43
C VAL VA 232 78.25 -41.26 -51.04
N MET VA 233 77.24 -41.58 -50.22
CA MET VA 233 75.87 -41.59 -50.70
C MET VA 233 75.47 -40.24 -51.31
N SER VA 234 76.03 -39.15 -50.80
CA SER VA 234 75.79 -37.85 -51.39
C SER VA 234 76.58 -37.66 -52.69
N GLY VA 235 77.75 -38.29 -52.79
CA GLY VA 235 78.55 -38.13 -53.98
C GLY VA 235 78.01 -38.87 -55.19
N ILE VA 236 77.29 -39.97 -54.95
CA ILE VA 236 76.85 -40.83 -56.04
C ILE VA 236 75.94 -40.07 -57.00
N THR VA 237 74.96 -39.34 -56.47
CA THR VA 237 73.92 -38.73 -57.27
C THR VA 237 74.21 -37.26 -57.57
N CYS VA 238 75.46 -36.83 -57.49
CA CYS VA 238 75.78 -35.44 -57.76
C CYS VA 238 75.46 -35.05 -59.20
N CYS VA 239 75.42 -36.03 -60.11
CA CYS VA 239 75.05 -35.74 -61.49
C CYS VA 239 73.55 -35.52 -61.61
N LEU VA 240 72.75 -36.36 -60.93
CA LEU VA 240 71.30 -36.20 -60.98
C LEU VA 240 70.83 -34.90 -60.34
N ARG VA 241 71.68 -34.25 -59.55
CA ARG VA 241 71.29 -33.06 -58.82
C ARG VA 241 71.93 -31.78 -59.32
N PHE VA 242 73.12 -31.87 -59.90
CA PHE VA 242 73.89 -30.69 -60.25
C PHE VA 242 74.35 -30.76 -61.69
N PRO VA 243 74.75 -29.62 -62.28
CA PRO VA 243 75.29 -29.65 -63.64
C PRO VA 243 76.56 -30.49 -63.70
N GLY VA 244 76.96 -30.82 -64.93
CA GLY VA 244 78.16 -31.59 -65.13
C GLY VA 244 78.54 -31.68 -66.59
N GLN VA 245 79.80 -31.40 -66.92
CA GLN VA 245 80.23 -31.50 -68.31
C GLN VA 245 80.22 -32.95 -68.80
N LEU VA 246 80.25 -33.92 -67.89
CA LEU VA 246 79.97 -35.31 -68.24
C LEU VA 246 79.07 -35.87 -67.14
N ASN VA 247 77.75 -35.70 -67.30
CA ASN VA 247 76.81 -36.15 -66.29
C ASN VA 247 76.72 -37.67 -66.29
N ALA VA 248 76.11 -38.21 -65.22
CA ALA VA 248 76.05 -39.66 -65.03
C ALA VA 248 74.81 -40.01 -64.23
N ASP VA 249 73.77 -40.46 -64.92
CA ASP VA 249 72.64 -41.09 -64.28
C ASP VA 249 73.07 -42.41 -63.64
N LEU VA 250 72.21 -42.96 -62.79
CA LEU VA 250 72.52 -44.26 -62.19
C LEU VA 250 72.44 -45.38 -63.21
N ARG VA 251 71.44 -45.34 -64.10
CA ARG VA 251 71.26 -46.44 -65.05
C ARG VA 251 72.44 -46.54 -66.01
N LYS VA 252 73.13 -45.45 -66.29
CA LYS VA 252 74.33 -45.56 -67.11
C LYS VA 252 75.51 -46.05 -66.29
N LEU VA 253 75.49 -45.86 -64.98
CA LEU VA 253 76.47 -46.54 -64.14
C LEU VA 253 76.24 -48.04 -64.15
N ALA VA 254 74.97 -48.46 -64.20
CA ALA VA 254 74.63 -49.88 -64.15
C ALA VA 254 75.22 -50.63 -65.33
N VAL VA 255 74.85 -50.22 -66.55
CA VAL VA 255 75.29 -50.95 -67.73
C VAL VA 255 76.81 -50.87 -67.88
N ASN VA 256 77.41 -49.77 -67.45
CA ASN VA 256 78.85 -49.61 -67.59
C ASN VA 256 79.65 -50.32 -66.50
N LEU VA 257 79.01 -51.00 -65.56
CA LEU VA 257 79.70 -51.64 -64.44
C LEU VA 257 79.39 -53.11 -64.25
N ILE VA 258 78.21 -53.60 -64.61
CA ILE VA 258 77.94 -55.02 -64.49
C ILE VA 258 77.87 -55.61 -65.90
N PRO VA 259 78.82 -56.44 -66.29
CA PRO VA 259 78.69 -57.16 -67.58
C PRO VA 259 77.65 -58.26 -67.52
N PHE VA 260 77.48 -58.90 -66.37
CA PHE VA 260 76.57 -60.01 -66.20
C PHE VA 260 75.55 -59.70 -65.13
N PRO VA 261 74.31 -60.16 -65.28
CA PRO VA 261 73.24 -59.73 -64.36
C PRO VA 261 73.41 -60.23 -62.94
N ARG VA 262 74.53 -60.90 -62.64
CA ARG VA 262 74.76 -61.49 -61.34
C ARG VA 262 76.02 -61.01 -60.64
N LEU VA 263 76.92 -60.32 -61.33
CA LEU VA 263 78.15 -59.83 -60.72
C LEU VA 263 77.97 -58.39 -60.27
N HIS VA 264 76.98 -58.17 -59.41
CA HIS VA 264 76.53 -56.82 -59.10
C HIS VA 264 76.79 -56.44 -57.64
N PHE VA 265 77.96 -56.76 -57.12
CA PHE VA 265 78.36 -56.35 -55.78
C PHE VA 265 79.58 -55.46 -55.92
N PHE VA 266 79.50 -54.24 -55.39
CA PHE VA 266 80.47 -53.21 -55.71
C PHE VA 266 81.37 -52.94 -54.50
N MET VA 267 82.23 -51.93 -54.63
CA MET VA 267 83.16 -51.56 -53.57
C MET VA 267 83.52 -50.09 -53.75
N VAL VA 268 83.50 -49.34 -52.65
CA VAL VA 268 83.45 -47.89 -52.73
C VAL VA 268 84.61 -47.24 -51.98
N GLY VA 269 84.70 -45.90 -52.05
CA GLY VA 269 85.68 -45.11 -51.33
C GLY VA 269 85.56 -43.63 -51.64
N PHE VA 270 85.88 -42.78 -50.67
CA PHE VA 270 85.74 -41.34 -50.82
C PHE VA 270 87.11 -40.67 -50.83
N THR VA 271 87.15 -39.45 -51.38
CA THR VA 271 88.37 -38.68 -51.58
C THR VA 271 87.97 -37.24 -51.80
N PRO VA 272 88.65 -36.26 -51.18
CA PRO VA 272 89.83 -36.39 -50.33
C PRO VA 272 89.51 -36.67 -48.88
N LEU VA 273 90.44 -37.31 -48.17
CA LEU VA 273 90.34 -37.56 -46.74
C LEU VA 273 91.62 -37.04 -46.11
N THR VA 274 91.53 -35.92 -45.40
CA THR VA 274 92.69 -35.34 -44.77
C THR VA 274 92.32 -34.84 -43.38
N SER VA 275 93.21 -35.07 -42.42
CA SER VA 275 93.07 -34.48 -41.11
C SER VA 275 93.18 -32.97 -41.23
N ARG VA 276 93.05 -32.28 -40.10
CA ARG VA 276 93.16 -30.83 -40.14
C ARG VA 276 94.59 -30.38 -40.46
N GLY VA 277 95.58 -31.06 -39.88
CA GLY VA 277 96.96 -30.63 -40.04
C GLY VA 277 97.46 -30.77 -41.47
N SER VA 278 97.30 -31.96 -42.04
CA SER VA 278 97.76 -32.19 -43.40
C SER VA 278 97.02 -31.33 -44.42
N GLN VA 279 95.83 -30.82 -44.06
CA GLN VA 279 95.04 -30.02 -45.00
C GLN VA 279 95.76 -28.72 -45.36
N GLN VA 280 96.58 -28.19 -44.44
CA GLN VA 280 97.32 -26.97 -44.70
C GLN VA 280 98.64 -27.22 -45.42
N TYR VA 281 99.02 -28.47 -45.64
CA TYR VA 281 100.16 -28.81 -46.47
C TYR VA 281 99.76 -29.38 -47.82
N ARG VA 282 98.77 -30.28 -47.85
CA ARG VA 282 98.31 -30.85 -49.11
C ARG VA 282 97.76 -29.77 -50.02
N ALA VA 283 97.87 -30.00 -51.32
CA ALA VA 283 97.31 -29.13 -52.33
C ALA VA 283 96.28 -29.90 -53.15
N LEU VA 284 95.20 -29.22 -53.52
CA LEU VA 284 94.08 -29.87 -54.19
C LEU VA 284 94.35 -29.91 -55.69
N THR VA 285 94.77 -31.06 -56.19
CA THR VA 285 94.94 -31.29 -57.62
C THR VA 285 94.33 -32.63 -57.98
N VAL VA 286 93.88 -32.71 -59.24
CA VAL VA 286 93.32 -33.95 -59.80
C VAL VA 286 94.24 -35.14 -59.57
N PRO VA 287 95.56 -35.03 -59.75
CA PRO VA 287 96.42 -36.18 -59.42
C PRO VA 287 96.29 -36.66 -57.99
N GLU VA 288 96.11 -35.74 -57.03
CA GLU VA 288 95.95 -36.16 -55.64
C GLU VA 288 94.75 -37.08 -55.48
N LEU VA 289 93.58 -36.65 -55.94
CA LEU VA 289 92.35 -37.34 -55.63
C LEU VA 289 92.27 -38.71 -56.28
N THR VA 290 93.01 -38.94 -57.37
CA THR VA 290 92.88 -40.19 -58.10
C THR VA 290 93.77 -41.30 -57.57
N GLN VA 291 95.00 -40.99 -57.13
CA GLN VA 291 95.82 -42.02 -56.52
C GLN VA 291 95.24 -42.45 -55.18
N GLN VA 292 94.69 -41.50 -54.43
CA GLN VA 292 94.06 -41.83 -53.15
C GLN VA 292 92.81 -42.68 -53.37
N MET VA 293 91.96 -42.29 -54.33
CA MET VA 293 90.80 -43.12 -54.65
C MET VA 293 91.21 -44.48 -55.20
N TRP VA 294 92.44 -44.59 -55.71
CA TRP VA 294 92.89 -45.84 -56.30
C TRP VA 294 93.70 -46.70 -55.33
N ASP VA 295 94.02 -46.18 -54.16
CA ASP VA 295 94.71 -46.98 -53.17
C ASP VA 295 93.79 -48.08 -52.64
N ALA VA 296 94.40 -49.16 -52.16
CA ALA VA 296 93.66 -50.30 -51.63
C ALA VA 296 93.24 -50.12 -50.18
N LYS VA 297 93.38 -48.91 -49.63
CA LYS VA 297 92.94 -48.60 -48.28
C LYS VA 297 91.56 -47.96 -48.24
N ASN VA 298 91.31 -46.99 -49.12
CA ASN VA 298 90.02 -46.30 -49.14
C ASN VA 298 88.86 -47.24 -49.41
N MET VA 299 89.12 -48.48 -49.83
CA MET VA 299 88.07 -49.45 -50.09
C MET VA 299 87.40 -49.80 -48.76
N MET VA 300 86.19 -49.27 -48.55
CA MET VA 300 85.47 -49.50 -47.31
C MET VA 300 85.02 -50.95 -47.18
N CYS VA 301 85.08 -51.72 -48.26
CA CYS VA 301 84.88 -53.16 -48.16
C CYS VA 301 86.13 -53.84 -47.62
N ALA VA 302 85.93 -54.90 -46.85
CA ALA VA 302 87.04 -55.62 -46.23
C ALA VA 302 87.64 -56.63 -47.20
N ALA VA 303 88.07 -56.13 -48.35
CA ALA VA 303 88.67 -56.96 -49.38
C ALA VA 303 89.89 -56.24 -49.95
N ASP VA 304 90.83 -57.02 -50.46
CA ASP VA 304 92.05 -56.46 -51.03
C ASP VA 304 91.96 -56.51 -52.54
N PRO VA 305 91.97 -55.36 -53.23
CA PRO VA 305 91.89 -55.39 -54.70
C PRO VA 305 93.10 -56.02 -55.35
N ARG VA 306 94.25 -56.03 -54.69
CA ARG VA 306 95.45 -56.66 -55.27
C ARG VA 306 95.29 -58.16 -55.41
N HIS VA 307 94.31 -58.76 -54.73
CA HIS VA 307 94.09 -60.19 -54.81
C HIS VA 307 93.06 -60.56 -55.86
N GLY VA 308 92.39 -59.58 -56.45
CA GLY VA 308 91.36 -59.84 -57.44
C GLY VA 308 91.66 -59.09 -58.73
N ARG VA 309 90.63 -58.76 -59.49
CA ARG VA 309 90.81 -58.11 -60.78
C ARG VA 309 89.61 -57.23 -61.06
N TYR VA 310 89.85 -55.94 -61.26
CA TYR VA 310 88.77 -55.01 -61.56
C TYR VA 310 88.14 -55.35 -62.90
N LEU VA 311 86.93 -55.89 -62.89
CA LEU VA 311 86.18 -56.00 -64.14
C LEU VA 311 85.90 -54.61 -64.71
N THR VA 312 85.17 -53.79 -63.96
CA THR VA 312 84.92 -52.40 -64.30
C THR VA 312 85.26 -51.53 -63.11
N ALA VA 313 85.15 -50.22 -63.31
CA ALA VA 313 85.35 -49.25 -62.25
C ALA VA 313 84.74 -47.93 -62.70
N SER VA 314 84.73 -46.97 -61.79
CA SER VA 314 84.18 -45.66 -62.10
C SER VA 314 84.67 -44.65 -61.08
N ALA VA 315 84.61 -43.37 -61.45
CA ALA VA 315 85.02 -42.28 -60.58
C ALA VA 315 84.10 -41.10 -60.83
N LEU VA 316 83.69 -40.44 -59.77
CA LEU VA 316 82.84 -39.25 -59.86
C LEU VA 316 83.58 -38.11 -59.19
N PHE VA 317 83.95 -37.10 -59.97
CA PHE VA 317 84.60 -35.91 -59.45
C PHE VA 317 83.60 -34.79 -59.35
N ARG VA 318 83.82 -33.89 -58.40
CA ARG VA 318 82.98 -32.70 -58.25
C ARG VA 318 83.87 -31.53 -57.87
N GLY VA 319 83.81 -30.47 -58.67
CA GLY VA 319 84.69 -29.34 -58.50
C GLY VA 319 85.25 -28.90 -59.85
N ARG VA 320 85.38 -27.60 -60.06
CA ARG VA 320 85.83 -27.09 -61.35
C ARG VA 320 87.27 -27.51 -61.60
N MET VA 321 87.50 -28.21 -62.71
CA MET VA 321 88.81 -28.79 -63.01
C MET VA 321 88.99 -28.81 -64.52
N SER VA 322 89.97 -29.58 -64.98
CA SER VA 322 90.23 -29.77 -66.40
C SER VA 322 89.99 -31.24 -66.73
N THR VA 323 89.04 -31.49 -67.64
CA THR VA 323 88.63 -32.86 -67.92
C THR VA 323 89.70 -33.68 -68.63
N LYS VA 324 90.75 -33.07 -69.16
CA LYS VA 324 91.81 -33.86 -69.76
C LYS VA 324 92.60 -34.61 -68.70
N GLU VA 325 92.93 -33.94 -67.59
CA GLU VA 325 93.64 -34.58 -66.51
C GLU VA 325 92.95 -35.88 -66.09
N VAL VA 326 91.67 -35.81 -65.75
CA VAL VA 326 90.95 -37.00 -65.34
C VAL VA 326 90.92 -38.02 -66.48
N ASP VA 327 91.02 -37.56 -67.72
CA ASP VA 327 91.01 -38.50 -68.84
C ASP VA 327 92.30 -39.29 -68.90
N GLU VA 328 93.44 -38.63 -68.69
CA GLU VA 328 94.73 -39.33 -68.81
C GLU VA 328 95.09 -40.08 -67.54
N GLN VA 329 94.67 -39.59 -66.37
CA GLN VA 329 94.98 -40.28 -65.12
C GLN VA 329 94.47 -41.71 -65.15
N MET VA 330 93.16 -41.87 -65.38
CA MET VA 330 92.58 -43.20 -65.48
C MET VA 330 93.21 -44.00 -66.61
N LEU VA 331 93.79 -43.34 -67.61
CA LEU VA 331 94.51 -44.06 -68.64
C LEU VA 331 95.89 -44.48 -68.15
N ASN VA 332 96.53 -43.65 -67.33
CA ASN VA 332 97.82 -44.03 -66.76
C ASN VA 332 97.67 -45.26 -65.87
N VAL VA 333 96.81 -45.19 -64.87
CA VAL VA 333 96.64 -46.30 -63.93
C VAL VA 333 96.18 -47.55 -64.66
N GLN VA 334 95.30 -47.41 -65.65
CA GLN VA 334 94.89 -48.57 -66.42
C GLN VA 334 96.07 -49.22 -67.13
N ASN VA 335 97.13 -48.45 -67.39
CA ASN VA 335 98.32 -49.00 -68.01
C ASN VA 335 99.25 -49.63 -66.97
N LYS VA 336 99.52 -48.92 -65.88
CA LYS VA 336 100.60 -49.30 -64.97
C LYS VA 336 100.36 -50.67 -64.35
N ASN VA 337 99.33 -50.81 -63.53
CA ASN VA 337 99.03 -52.10 -62.90
C ASN VA 337 98.05 -52.90 -63.76
N SER VA 338 98.45 -53.10 -65.01
CA SER VA 338 97.63 -53.79 -66.00
C SER VA 338 97.40 -55.26 -65.65
N SER VA 339 97.93 -55.73 -64.53
CA SER VA 339 97.62 -57.07 -64.05
C SER VA 339 96.38 -57.11 -63.18
N TYR VA 340 95.99 -55.98 -62.58
CA TYR VA 340 94.78 -55.93 -61.77
C TYR VA 340 93.53 -55.75 -62.62
N PHE VA 341 93.66 -55.56 -63.92
CA PHE VA 341 92.52 -55.33 -64.79
C PHE VA 341 92.35 -56.51 -65.74
N VAL VA 342 91.16 -56.58 -66.34
CA VAL VA 342 90.84 -57.64 -67.29
C VAL VA 342 91.28 -57.23 -68.68
N GLU VA 343 91.38 -58.22 -69.56
CA GLU VA 343 91.80 -58.00 -70.94
C GLU VA 343 90.63 -57.77 -71.87
N TRP VA 344 89.64 -58.68 -71.85
CA TRP VA 344 88.56 -58.69 -72.81
C TRP VA 344 87.68 -57.44 -72.74
N ILE VA 345 87.93 -56.54 -71.80
CA ILE VA 345 87.41 -55.18 -71.83
C ILE VA 345 88.57 -54.25 -72.13
N PRO VA 346 88.58 -53.55 -73.26
CA PRO VA 346 89.70 -52.67 -73.58
C PRO VA 346 89.86 -51.53 -72.60
N ASN VA 347 88.80 -50.75 -72.39
CA ASN VA 347 88.77 -49.69 -71.40
C ASN VA 347 87.68 -50.01 -70.40
N ASN VA 348 88.04 -50.12 -69.13
CA ASN VA 348 87.14 -50.60 -68.10
C ASN VA 348 86.88 -49.55 -67.01
N VAL VA 349 86.94 -48.28 -67.36
CA VAL VA 349 86.69 -47.19 -66.42
C VAL VA 349 85.74 -46.19 -67.06
N LYS VA 350 84.95 -45.53 -66.21
CA LYS VA 350 84.09 -44.42 -66.63
C LYS VA 350 84.37 -43.24 -65.71
N SER VA 351 84.86 -42.16 -66.29
CA SER VA 351 85.25 -40.97 -65.52
C SER VA 351 84.17 -39.91 -65.72
N SER VA 352 83.21 -39.86 -64.80
CA SER VA 352 82.25 -38.79 -64.78
C SER VA 352 82.83 -37.58 -64.06
N VAL VA 353 82.10 -36.47 -64.08
CA VAL VA 353 82.54 -35.26 -63.42
C VAL VA 353 81.36 -34.30 -63.25
N CYS VA 354 81.36 -33.56 -62.15
CA CYS VA 354 80.32 -32.59 -61.85
C CYS VA 354 80.91 -31.18 -61.83
N ASP VA 355 80.05 -30.20 -62.05
CA ASP VA 355 80.46 -28.81 -62.02
C ASP VA 355 80.33 -28.18 -60.63
N ILE VA 356 79.50 -28.75 -59.76
CA ILE VA 356 79.25 -28.20 -58.44
C ILE VA 356 80.08 -28.99 -57.42
N PRO VA 357 80.87 -28.33 -56.58
CA PRO VA 357 81.69 -29.05 -55.61
C PRO VA 357 80.90 -29.37 -54.36
N PRO VA 358 81.53 -29.95 -53.34
CA PRO VA 358 80.88 -30.03 -52.03
C PRO VA 358 80.67 -28.66 -51.41
N LYS VA 359 80.07 -28.66 -50.22
CA LYS VA 359 79.67 -27.40 -49.60
C LYS VA 359 80.89 -26.56 -49.23
N GLY VA 360 81.73 -27.09 -48.33
CA GLY VA 360 82.85 -26.33 -47.83
C GLY VA 360 84.12 -26.50 -48.63
N LEU VA 361 84.24 -27.63 -49.33
CA LEU VA 361 85.40 -27.86 -50.16
C LEU VA 361 85.26 -27.18 -51.51
N LYS VA 362 86.23 -27.41 -52.38
CA LYS VA 362 86.16 -27.01 -53.77
C LYS VA 362 86.39 -28.15 -54.74
N MET VA 363 87.04 -29.23 -54.30
CA MET VA 363 87.23 -30.42 -55.11
C MET VA 363 86.94 -31.63 -54.25
N SER VA 364 86.62 -32.74 -54.91
CA SER VA 364 86.33 -34.00 -54.22
C SER VA 364 86.25 -35.10 -55.27
N ALA VA 365 86.12 -36.33 -54.80
CA ALA VA 365 86.05 -37.48 -55.67
C ALA VA 365 85.33 -38.62 -54.95
N THR VA 366 85.09 -39.69 -55.69
CA THR VA 366 84.42 -40.87 -55.16
C THR VA 366 84.66 -42.02 -56.12
N PHE VA 367 85.00 -43.18 -55.58
CA PHE VA 367 85.32 -44.35 -56.40
C PHE VA 367 84.26 -45.43 -56.22
N ILE VA 368 83.95 -46.12 -57.31
CA ILE VA 368 83.15 -47.33 -57.30
C ILE VA 368 83.98 -48.41 -57.99
N GLY VA 369 83.91 -49.63 -57.47
CA GLY VA 369 84.65 -50.72 -58.07
C GLY VA 369 83.92 -52.05 -58.01
N ASN VA 370 83.85 -52.76 -59.13
CA ASN VA 370 83.31 -54.11 -59.20
C ASN VA 370 84.48 -55.04 -59.51
N SER VA 371 85.21 -55.41 -58.46
CA SER VA 371 86.35 -56.31 -58.59
C SER VA 371 85.98 -57.68 -58.06
N THR VA 372 86.59 -58.72 -58.64
CA THR VA 372 86.31 -60.07 -58.16
C THR VA 372 86.91 -60.32 -56.79
N ALA VA 373 87.77 -59.43 -56.30
CA ALA VA 373 88.33 -59.59 -54.96
C ALA VA 373 87.24 -59.74 -53.91
N ILE VA 374 86.05 -59.19 -54.15
CA ILE VA 374 84.96 -59.28 -53.20
C ILE VA 374 84.49 -60.72 -53.00
N GLN VA 375 84.86 -61.64 -53.90
CA GLN VA 375 84.49 -63.03 -53.70
C GLN VA 375 85.14 -63.61 -52.45
N GLU VA 376 86.16 -62.94 -51.90
CA GLU VA 376 86.71 -63.36 -50.62
C GLU VA 376 85.72 -63.12 -49.50
N MET VA 377 84.88 -62.11 -49.65
CA MET VA 377 83.89 -61.84 -48.61
C MET VA 377 82.92 -63.02 -48.49
N PHE VA 378 82.38 -63.47 -49.61
CA PHE VA 378 81.36 -64.50 -49.58
C PHE VA 378 81.95 -65.87 -49.24
N LYS VA 379 83.24 -66.09 -49.49
CA LYS VA 379 83.84 -67.35 -49.08
C LYS VA 379 83.97 -67.43 -47.57
N ARG VA 380 84.36 -66.31 -46.93
CA ARG VA 380 84.44 -66.29 -45.48
C ARG VA 380 83.08 -66.56 -44.85
N VAL VA 381 82.03 -65.94 -45.39
CA VAL VA 381 80.68 -66.18 -44.87
C VAL VA 381 80.30 -67.64 -45.04
N SER VA 382 80.76 -68.29 -46.11
CA SER VA 382 80.40 -69.67 -46.36
C SER VA 382 80.93 -70.58 -45.26
N GLU VA 383 82.22 -70.45 -44.94
CA GLU VA 383 82.82 -71.33 -43.93
C GLU VA 383 82.12 -71.18 -42.58
N GLN VA 384 81.63 -69.98 -42.27
CA GLN VA 384 80.91 -69.79 -41.02
C GLN VA 384 79.51 -70.36 -41.12
N PHE VA 385 78.88 -70.28 -42.30
CA PHE VA 385 77.55 -70.87 -42.45
C PHE VA 385 77.61 -72.39 -42.42
N THR VA 386 78.54 -72.98 -43.17
CA THR VA 386 78.56 -74.44 -43.27
C THR VA 386 78.97 -75.09 -41.96
N ALA VA 387 79.85 -74.45 -41.19
CA ALA VA 387 80.31 -75.03 -39.94
C ALA VA 387 79.17 -75.20 -38.96
N MET VA 388 78.42 -74.13 -38.70
CA MET VA 388 77.30 -74.23 -37.77
C MET VA 388 76.15 -75.04 -38.36
N PHE VA 389 75.93 -74.95 -39.68
CA PHE VA 389 74.93 -75.81 -40.30
C PHE VA 389 75.35 -77.26 -40.28
N ARG VA 390 76.66 -77.52 -40.35
CA ARG VA 390 77.17 -78.87 -40.12
C ARG VA 390 76.76 -79.38 -38.74
N ARG VA 391 76.52 -78.47 -37.79
CA ARG VA 391 76.09 -78.83 -36.45
C ARG VA 391 74.66 -78.43 -36.15
N LYS VA 392 74.00 -77.68 -37.04
CA LYS VA 392 72.61 -77.25 -36.86
C LYS VA 392 72.43 -76.43 -35.59
N ALA VA 393 73.47 -75.72 -35.18
CA ALA VA 393 73.37 -74.85 -34.01
C ALA VA 393 72.46 -73.67 -34.31
N PHE VA 394 71.83 -73.16 -33.25
CA PHE VA 394 70.93 -72.02 -33.31
C PHE VA 394 69.78 -72.21 -34.30
N LEU VA 395 69.56 -73.44 -34.76
CA LEU VA 395 68.70 -73.66 -35.90
C LEU VA 395 67.23 -73.79 -35.53
N HIS VA 396 66.93 -74.24 -34.32
CA HIS VA 396 65.54 -74.37 -33.89
C HIS VA 396 64.80 -73.04 -33.96
N TRP VA 397 65.52 -71.94 -33.76
CA TRP VA 397 64.93 -70.62 -33.96
C TRP VA 397 64.34 -70.49 -35.37
N TYR VA 398 65.14 -70.84 -36.38
CA TYR VA 398 64.72 -70.61 -37.76
C TYR VA 398 63.59 -71.54 -38.17
N THR VA 399 63.73 -72.84 -37.88
CA THR VA 399 62.61 -73.76 -38.08
C THR VA 399 61.43 -73.40 -37.19
N GLY VA 400 61.67 -72.62 -36.14
CA GLY VA 400 60.59 -72.15 -35.29
C GLY VA 400 59.64 -71.18 -35.95
N GLU VA 401 59.88 -70.81 -37.20
CA GLU VA 401 58.99 -69.92 -37.95
C GLU VA 401 58.57 -70.57 -39.27
N GLY VA 402 58.33 -71.88 -39.24
CA GLY VA 402 57.87 -72.60 -40.41
C GLY VA 402 58.91 -72.85 -41.48
N MET VA 403 60.13 -72.37 -41.30
CA MET VA 403 61.17 -72.61 -42.28
C MET VA 403 61.53 -74.09 -42.35
N ASP VA 404 62.30 -74.44 -43.37
CA ASP VA 404 62.80 -75.81 -43.54
C ASP VA 404 64.31 -75.73 -43.64
N GLU VA 405 64.94 -76.84 -44.01
CA GLU VA 405 66.37 -76.88 -44.19
C GLU VA 405 66.80 -76.67 -45.64
N MET VA 406 65.88 -76.80 -46.60
CA MET VA 406 66.25 -76.57 -47.99
C MET VA 406 66.69 -75.14 -48.21
N GLU VA 407 65.99 -74.16 -47.60
CA GLU VA 407 66.34 -72.76 -47.79
C GLU VA 407 67.78 -72.48 -47.36
N PHE VA 408 68.27 -73.20 -46.35
CA PHE VA 408 69.68 -73.05 -45.99
C PHE VA 408 70.59 -73.68 -47.02
N THR VA 409 70.20 -74.84 -47.56
CA THR VA 409 71.00 -75.49 -48.59
C THR VA 409 71.07 -74.64 -49.85
N GLU VA 410 69.91 -74.18 -50.33
CA GLU VA 410 69.88 -73.39 -51.56
C GLU VA 410 70.69 -72.11 -51.42
N ALA VA 411 70.46 -71.37 -50.33
CA ALA VA 411 71.19 -70.12 -50.11
C ALA VA 411 72.69 -70.36 -50.08
N GLU VA 412 73.12 -71.49 -49.54
CA GLU VA 412 74.53 -71.84 -49.60
C GLU VA 412 74.98 -72.06 -51.03
N SER VA 413 74.26 -72.90 -51.78
CA SER VA 413 74.64 -73.19 -53.16
C SER VA 413 74.67 -71.92 -54.00
N ASN VA 414 73.65 -71.06 -53.87
CA ASN VA 414 73.58 -69.86 -54.69
C ASN VA 414 74.79 -68.97 -54.48
N MET VA 415 75.21 -68.81 -53.23
CA MET VA 415 76.45 -68.07 -52.97
C MET VA 415 77.66 -68.83 -53.49
N ASN VA 416 77.64 -70.16 -53.38
CA ASN VA 416 78.71 -70.96 -53.96
C ASN VA 416 78.80 -70.76 -55.47
N ASP VA 417 77.65 -70.81 -56.15
CA ASP VA 417 77.63 -70.51 -57.57
C ASP VA 417 78.14 -69.10 -57.84
N LEU VA 418 77.80 -68.15 -56.95
CA LEU VA 418 78.19 -66.77 -57.17
C LEU VA 418 79.70 -66.59 -57.08
N VAL VA 419 80.32 -67.15 -56.04
CA VAL VA 419 81.76 -67.00 -55.89
C VAL VA 419 82.48 -67.71 -57.02
N SER VA 420 81.87 -68.77 -57.58
CA SER VA 420 82.46 -69.42 -58.74
C SER VA 420 82.49 -68.48 -59.94
N GLU VA 421 81.40 -67.72 -60.15
CA GLU VA 421 81.38 -66.75 -61.24
C GLU VA 421 82.55 -65.80 -61.15
N TYR VA 422 82.76 -65.21 -59.97
CA TYR VA 422 83.85 -64.27 -59.78
C TYR VA 422 85.22 -64.90 -59.94
N GLN VA 423 85.30 -66.22 -60.11
CA GLN VA 423 86.57 -66.90 -60.33
C GLN VA 423 86.87 -67.11 -61.81
N GLN VA 424 85.85 -67.47 -62.61
CA GLN VA 424 86.05 -67.67 -64.05
C GLN VA 424 86.77 -66.47 -64.66
N TYR VA 425 86.14 -65.30 -64.58
CA TYR VA 425 86.73 -64.07 -65.10
C TYR VA 425 87.94 -63.63 -64.30
N GLN VA 426 88.20 -64.25 -63.15
CA GLN VA 426 89.43 -64.02 -62.40
C GLN VA 426 90.43 -65.06 -62.90
N ASP VA 427 91.07 -64.77 -64.02
CA ASP VA 427 92.10 -65.65 -64.58
C ASP VA 427 93.47 -65.35 -64.02
N ALA VA 428 93.54 -64.76 -62.83
CA ALA VA 428 94.79 -64.45 -62.15
C ALA VA 428 95.67 -63.51 -62.98
N MET WA 1 26.99 11.24 -130.51
CA MET WA 1 26.41 10.01 -131.01
C MET WA 1 27.20 8.80 -130.52
N ARG WA 2 26.72 7.61 -130.85
CA ARG WA 2 27.35 6.34 -130.46
C ARG WA 2 27.39 6.14 -128.95
N GLU WA 3 26.50 6.80 -128.21
CA GLU WA 3 26.51 6.68 -126.76
C GLU WA 3 26.32 5.23 -126.33
N ILE WA 4 26.89 4.89 -125.17
CA ILE WA 4 26.89 3.53 -124.66
C ILE WA 4 26.52 3.55 -123.19
N VAL WA 5 25.65 2.65 -122.79
CA VAL WA 5 25.24 2.50 -121.40
C VAL WA 5 25.99 1.33 -120.80
N HIS WA 6 26.28 1.43 -119.51
CA HIS WA 6 27.19 0.51 -118.83
C HIS WA 6 26.53 -0.09 -117.61
N ILE WA 7 26.63 -1.41 -117.47
CA ILE WA 7 26.00 -2.13 -116.36
C ILE WA 7 27.07 -2.85 -115.57
N GLN WA 8 26.83 -3.02 -114.27
CA GLN WA 8 27.76 -3.71 -113.38
C GLN WA 8 26.95 -4.63 -112.47
N GLY WA 9 27.14 -5.93 -112.64
CA GLY WA 9 26.47 -6.93 -111.83
C GLY WA 9 27.46 -7.65 -110.94
N GLY WA 10 27.00 -8.05 -109.75
CA GLY WA 10 27.85 -8.75 -108.81
C GLY WA 10 28.77 -7.83 -108.06
N GLN WA 11 29.46 -8.40 -107.07
CA GLN WA 11 30.40 -7.63 -106.26
C GLN WA 11 31.62 -7.24 -107.08
N CYS WA 12 32.27 -8.21 -107.70
CA CYS WA 12 33.42 -7.93 -108.55
C CYS WA 12 33.07 -6.95 -109.66
N GLY WA 13 31.99 -7.24 -110.39
CA GLY WA 13 31.57 -6.34 -111.46
C GLY WA 13 31.33 -4.93 -110.96
N ASN WA 14 30.80 -4.80 -109.74
CA ASN WA 14 30.64 -3.47 -109.16
C ASN WA 14 31.98 -2.88 -108.73
N GLN WA 15 32.98 -3.73 -108.53
CA GLN WA 15 34.27 -3.24 -108.05
C GLN WA 15 35.16 -2.79 -109.21
N ILE WA 16 35.31 -3.64 -110.23
CA ILE WA 16 36.05 -3.22 -111.41
C ILE WA 16 35.38 -2.03 -112.06
N GLY WA 17 34.05 -1.95 -111.98
CA GLY WA 17 33.35 -0.79 -112.48
C GLY WA 17 33.73 0.47 -111.73
N ALA WA 18 34.11 0.35 -110.47
CA ALA WA 18 34.59 1.51 -109.73
C ALA WA 18 35.92 2.01 -110.28
N LYS WA 19 36.72 1.11 -110.88
CA LYS WA 19 37.97 1.54 -111.49
C LYS WA 19 37.76 2.03 -112.92
N PHE WA 20 37.04 1.24 -113.72
CA PHE WA 20 36.72 1.65 -115.09
C PHE WA 20 36.16 3.06 -115.11
N TRP WA 21 35.29 3.38 -114.16
CA TRP WA 21 34.76 4.73 -114.07
C TRP WA 21 35.76 5.70 -113.46
N GLU WA 22 36.76 5.20 -112.74
CA GLU WA 22 37.77 6.09 -112.21
C GLU WA 22 38.87 6.36 -113.22
N VAL WA 23 39.20 5.36 -114.04
CA VAL WA 23 40.21 5.55 -115.07
C VAL WA 23 39.69 6.50 -116.15
N VAL WA 24 38.47 6.26 -116.63
CA VAL WA 24 37.91 7.07 -117.69
C VAL WA 24 37.67 8.49 -117.21
N SER WA 25 37.17 8.65 -115.98
CA SER WA 25 36.94 9.98 -115.44
C SER WA 25 38.21 10.81 -115.44
N ASP WA 26 39.36 10.16 -115.34
CA ASP WA 26 40.62 10.89 -115.42
C ASP WA 26 41.07 11.09 -116.86
N GLU WA 27 40.76 10.14 -117.74
CA GLU WA 27 41.11 10.28 -119.15
C GLU WA 27 40.52 11.56 -119.72
N HIS WA 28 39.19 11.70 -119.65
CA HIS WA 28 38.54 12.91 -120.09
C HIS WA 28 38.69 14.06 -119.10
N GLY WA 29 39.41 13.84 -118.01
CA GLY WA 29 39.77 14.91 -117.11
C GLY WA 29 38.64 15.55 -116.34
N ILE WA 30 37.82 14.74 -115.68
CA ILE WA 30 36.79 15.24 -114.79
C ILE WA 30 37.17 14.88 -113.36
N ASP WA 31 36.50 15.52 -112.41
CA ASP WA 31 36.82 15.44 -111.01
C ASP WA 31 35.92 14.44 -110.29
N PRO WA 32 36.33 13.99 -109.11
CA PRO WA 32 35.40 13.23 -108.25
C PRO WA 32 34.16 14.02 -107.90
N THR WA 33 34.21 15.34 -107.96
CA THR WA 33 33.00 16.16 -107.81
C THR WA 33 32.12 16.11 -109.05
N GLY WA 34 32.60 15.52 -110.15
CA GLY WA 34 31.85 15.48 -111.38
C GLY WA 34 32.06 16.66 -112.30
N THR WA 35 32.93 17.60 -111.94
CA THR WA 35 33.20 18.77 -112.75
C THR WA 35 34.40 18.51 -113.65
N TYR WA 36 34.40 19.16 -114.81
CA TYR WA 36 35.45 18.99 -115.79
C TYR WA 36 36.58 19.98 -115.53
N HIS WA 37 37.82 19.50 -115.55
CA HIS WA 37 38.97 20.36 -115.34
C HIS WA 37 40.12 19.99 -116.25
N GLY WA 38 39.83 19.48 -117.45
CA GLY WA 38 40.86 19.19 -118.42
C GLY WA 38 41.34 20.44 -119.12
N ASP WA 39 41.98 20.25 -120.27
CA ASP WA 39 42.52 21.38 -120.99
C ASP WA 39 42.14 21.43 -122.46
N SER WA 40 42.06 20.29 -123.14
CA SER WA 40 41.84 20.28 -124.58
C SER WA 40 40.35 20.22 -124.89
N ASP WA 41 40.04 20.18 -126.18
CA ASP WA 41 38.66 20.02 -126.62
C ASP WA 41 38.30 18.58 -126.91
N LEU WA 42 39.30 17.72 -127.14
CA LEU WA 42 39.05 16.30 -127.31
C LEU WA 42 38.52 15.65 -126.05
N GLN WA 43 38.70 16.30 -124.89
CA GLN WA 43 38.06 15.85 -123.67
C GLN WA 43 36.54 16.01 -123.73
N LEU WA 44 36.03 16.83 -124.65
CA LEU WA 44 34.61 17.17 -124.66
C LEU WA 44 33.88 16.75 -125.93
N GLU WA 45 34.59 16.40 -127.00
CA GLU WA 45 33.91 16.18 -128.27
C GLU WA 45 33.00 14.96 -128.20
N ARG WA 46 33.50 13.86 -127.63
CA ARG WA 46 32.72 12.63 -127.54
C ARG WA 46 32.55 12.18 -126.09
N ILE WA 47 32.52 13.13 -125.16
CA ILE WA 47 32.29 12.80 -123.77
C ILE WA 47 30.92 12.17 -123.57
N ASN WA 48 29.95 12.52 -124.42
CA ASN WA 48 28.59 12.03 -124.24
C ASN WA 48 28.46 10.52 -124.40
N VAL WA 49 29.50 9.84 -124.89
CA VAL WA 49 29.42 8.39 -125.01
C VAL WA 49 29.41 7.74 -123.64
N TYR WA 50 29.99 8.38 -122.64
CA TYR WA 50 30.11 7.81 -121.31
C TYR WA 50 29.38 8.56 -120.22
N PHE WA 51 28.84 9.72 -120.50
CA PHE WA 51 28.24 10.53 -119.44
C PHE WA 51 26.96 11.17 -119.93
N ASN WA 52 26.16 11.60 -118.97
CA ASN WA 52 25.03 12.48 -119.22
C ASN WA 52 25.35 13.82 -118.57
N GLU WA 53 24.87 14.89 -119.19
CA GLU WA 53 25.06 16.20 -118.59
C GLU WA 53 24.31 16.29 -117.26
N ALA WA 54 24.74 17.22 -116.42
CA ALA WA 54 24.06 17.48 -115.17
C ALA WA 54 23.99 18.98 -114.96
N THR WA 55 23.10 19.39 -114.05
CA THR WA 55 22.96 20.81 -113.74
C THR WA 55 24.25 21.33 -113.11
N GLY WA 56 24.62 22.54 -113.48
CA GLY WA 56 25.82 23.13 -112.92
C GLY WA 56 27.11 22.62 -113.52
N GLY WA 57 27.08 22.13 -114.76
CA GLY WA 57 28.28 21.68 -115.41
C GLY WA 57 28.92 20.45 -114.81
N ARG WA 58 28.12 19.54 -114.28
CA ARG WA 58 28.62 18.27 -113.77
C ARG WA 58 28.40 17.17 -114.79
N TYR WA 59 29.18 16.11 -114.68
CA TYR WA 59 29.08 14.94 -115.54
C TYR WA 59 28.92 13.72 -114.66
N VAL WA 60 27.88 12.93 -114.93
CA VAL WA 60 27.64 11.71 -114.16
C VAL WA 60 27.69 10.53 -115.13
N PRO WA 61 28.16 9.37 -114.69
CA PRO WA 61 28.31 8.24 -115.62
C PRO WA 61 26.98 7.60 -115.96
N ARG WA 62 26.90 7.13 -117.20
CA ARG WA 62 25.75 6.36 -117.67
C ARG WA 62 25.90 4.91 -117.21
N ALA WA 63 25.90 4.74 -115.90
CA ALA WA 63 26.14 3.44 -115.27
C ALA WA 63 24.92 2.96 -114.51
N ILE WA 64 24.82 1.65 -114.36
CA ILE WA 64 23.81 1.00 -113.54
C ILE WA 64 24.54 0.05 -112.60
N LEU WA 65 24.16 0.07 -111.33
CA LEU WA 65 24.82 -0.75 -110.31
C LEU WA 65 23.79 -1.68 -109.71
N MET WA 66 23.79 -2.93 -110.15
CA MET WA 66 22.85 -3.93 -109.66
C MET WA 66 23.60 -4.96 -108.82
N ASP WA 67 23.13 -5.16 -107.59
CA ASP WA 67 23.63 -6.22 -106.73
C ASP WA 67 22.75 -6.35 -105.50
N LEU WA 68 22.43 -7.57 -105.13
CA LEU WA 68 21.79 -7.82 -103.85
C LEU WA 68 22.77 -7.51 -102.72
N GLU WA 69 22.27 -7.52 -101.48
CA GLU WA 69 23.10 -7.26 -100.32
C GLU WA 69 23.77 -5.89 -100.43
N PRO WA 70 23.04 -4.81 -100.20
CA PRO WA 70 23.54 -3.46 -100.51
C PRO WA 70 24.81 -3.07 -99.77
N GLY WA 71 25.36 -3.96 -98.95
CA GLY WA 71 26.60 -3.66 -98.26
C GLY WA 71 27.72 -3.26 -99.20
N THR WA 72 27.79 -3.90 -100.37
CA THR WA 72 28.82 -3.53 -101.33
C THR WA 72 28.60 -2.13 -101.89
N MET WA 73 27.34 -1.71 -102.05
CA MET WA 73 27.07 -0.42 -102.65
C MET WA 73 27.40 0.74 -101.71
N ASP WA 74 27.56 0.47 -100.42
CA ASP WA 74 28.10 1.49 -99.54
C ASP WA 74 29.59 1.67 -99.78
N SER WA 75 30.30 0.59 -100.11
CA SER WA 75 31.73 0.67 -100.37
C SER WA 75 32.02 1.58 -101.56
N VAL WA 76 31.47 1.25 -102.73
CA VAL WA 76 31.72 2.04 -103.93
C VAL WA 76 31.27 3.48 -103.74
N ARG WA 77 30.21 3.69 -102.96
CA ARG WA 77 29.81 5.05 -102.65
C ARG WA 77 30.86 5.76 -101.80
N SER WA 78 31.56 5.01 -100.95
CA SER WA 78 32.53 5.60 -100.05
C SER WA 78 33.91 5.74 -100.67
N GLY WA 79 34.17 5.07 -101.79
CA GLY WA 79 35.42 5.23 -102.48
C GLY WA 79 35.62 6.66 -102.93
N PRO WA 80 36.85 7.01 -103.33
CA PRO WA 80 37.11 8.39 -103.73
C PRO WA 80 36.36 8.82 -104.98
N TYR WA 81 35.74 7.88 -105.69
CA TYR WA 81 34.97 8.19 -106.89
C TYR WA 81 33.57 7.60 -106.79
N GLY WA 82 32.93 7.77 -105.64
CA GLY WA 82 31.56 7.33 -105.46
C GLY WA 82 30.59 8.48 -105.61
N GLN WA 83 31.11 9.70 -105.47
CA GLN WA 83 30.26 10.88 -105.47
C GLN WA 83 29.77 11.27 -106.85
N ILE WA 84 30.19 10.56 -107.90
CA ILE WA 84 29.74 10.89 -109.25
C ILE WA 84 28.52 10.07 -109.68
N PHE WA 85 28.18 9.03 -108.96
CA PHE WA 85 27.05 8.20 -109.33
C PHE WA 85 25.75 8.79 -108.79
N ARG WA 86 24.70 8.73 -109.60
CA ARG WA 86 23.40 9.19 -109.16
C ARG WA 86 22.84 8.19 -108.15
N PRO WA 87 22.62 8.59 -106.90
CA PRO WA 87 22.29 7.61 -105.85
C PRO WA 87 20.99 6.86 -106.07
N ASP WA 88 20.30 7.16 -107.17
CA ASP WA 88 19.14 6.40 -107.58
C ASP WA 88 19.46 5.44 -108.72
N ASN WA 89 20.69 5.45 -109.22
CA ASN WA 89 21.21 4.38 -110.06
C ASN WA 89 21.80 3.27 -109.20
N PHE WA 90 21.02 2.83 -108.22
CA PHE WA 90 21.44 1.81 -107.27
C PHE WA 90 20.22 0.93 -107.01
N VAL WA 91 20.21 -0.25 -107.59
CA VAL WA 91 19.16 -1.23 -107.33
C VAL WA 91 19.75 -2.36 -106.49
N PHE WA 92 19.07 -2.73 -105.42
CA PHE WA 92 19.63 -3.72 -104.52
C PHE WA 92 18.50 -4.37 -103.73
N GLY WA 93 18.87 -5.41 -102.99
CA GLY WA 93 17.96 -6.08 -102.08
C GLY WA 93 18.71 -6.56 -100.86
N GLN WA 94 17.99 -6.67 -99.76
CA GLN WA 94 18.62 -7.02 -98.49
C GLN WA 94 19.05 -8.49 -98.47
N THR WA 95 18.39 -9.34 -99.24
CA THR WA 95 18.69 -10.77 -99.20
C THR WA 95 19.95 -11.09 -100.00
N GLY WA 96 20.58 -12.21 -99.64
CA GLY WA 96 21.84 -12.57 -100.26
C GLY WA 96 21.70 -13.41 -101.50
N ALA WA 97 22.77 -13.41 -102.30
CA ALA WA 97 22.80 -14.26 -103.48
C ALA WA 97 23.12 -15.70 -103.11
N GLY WA 98 24.04 -15.90 -102.17
CA GLY WA 98 24.37 -17.24 -101.72
C GLY WA 98 25.06 -18.11 -102.74
N ASN WA 99 25.53 -17.54 -103.85
CA ASN WA 99 26.19 -18.27 -104.92
C ASN WA 99 25.29 -19.33 -105.55
N ASN WA 100 23.99 -19.27 -105.30
CA ASN WA 100 23.03 -20.18 -105.89
C ASN WA 100 22.51 -19.51 -107.17
N TRP WA 101 23.03 -19.96 -108.32
CA TRP WA 101 22.61 -19.42 -109.60
C TRP WA 101 21.10 -19.39 -109.73
N ALA WA 102 20.41 -20.39 -109.16
CA ALA WA 102 18.96 -20.47 -109.28
C ALA WA 102 18.29 -19.23 -108.70
N LYS WA 103 18.48 -18.98 -107.41
CA LYS WA 103 17.80 -17.85 -106.79
C LYS WA 103 18.24 -16.53 -107.41
N GLY WA 104 19.52 -16.42 -107.78
CA GLY WA 104 19.97 -15.25 -108.50
C GLY WA 104 19.34 -15.13 -109.88
N HIS WA 105 18.81 -16.23 -110.43
CA HIS WA 105 18.23 -16.22 -111.75
C HIS WA 105 16.76 -16.62 -111.77
N TYR WA 106 16.22 -17.12 -110.66
CA TYR WA 106 14.82 -17.52 -110.63
C TYR WA 106 13.99 -16.72 -109.62
N THR WA 107 14.39 -16.69 -108.35
CA THR WA 107 13.53 -16.09 -107.34
C THR WA 107 13.86 -14.63 -107.09
N GLU WA 108 15.07 -14.36 -106.60
CA GLU WA 108 15.43 -13.00 -106.22
C GLU WA 108 15.89 -12.17 -107.40
N GLY WA 109 16.14 -12.80 -108.55
CA GLY WA 109 16.36 -12.03 -109.76
C GLY WA 109 15.08 -11.48 -110.34
N ALA WA 110 14.03 -12.31 -110.37
CA ALA WA 110 12.75 -11.87 -110.91
C ALA WA 110 12.14 -10.74 -110.10
N GLU WA 111 12.57 -10.55 -108.86
CA GLU WA 111 12.03 -9.48 -108.04
C GLU WA 111 12.63 -8.12 -108.37
N LEU WA 112 13.79 -8.07 -109.02
CA LEU WA 112 14.49 -6.82 -109.28
C LEU WA 112 14.49 -6.39 -110.73
N ILE WA 113 14.42 -7.35 -111.67
CA ILE WA 113 14.56 -7.01 -113.08
C ILE WA 113 13.51 -5.98 -113.50
N ASP WA 114 12.29 -6.11 -112.97
CA ASP WA 114 11.26 -5.13 -113.27
C ASP WA 114 11.66 -3.73 -112.84
N SER WA 115 12.48 -3.62 -111.80
CA SER WA 115 13.00 -2.32 -111.40
C SER WA 115 14.21 -1.93 -112.24
N VAL WA 116 15.13 -2.87 -112.47
CA VAL WA 116 16.30 -2.57 -113.28
C VAL WA 116 15.90 -2.17 -114.69
N LEU WA 117 15.08 -2.99 -115.35
CA LEU WA 117 14.58 -2.64 -116.67
C LEU WA 117 13.96 -1.25 -116.69
N ASP WA 118 13.33 -0.85 -115.59
CA ASP WA 118 12.84 0.52 -115.49
C ASP WA 118 13.99 1.52 -115.52
N VAL WA 119 15.13 1.16 -114.93
CA VAL WA 119 16.25 2.10 -114.89
C VAL WA 119 17.01 2.10 -116.20
N VAL WA 120 17.23 0.93 -116.79
CA VAL WA 120 17.98 0.89 -118.04
C VAL WA 120 17.17 1.52 -119.17
N ARG WA 121 15.84 1.33 -119.17
CA ARG WA 121 15.01 1.99 -120.15
C ARG WA 121 15.10 3.51 -120.02
N LYS WA 122 15.21 4.00 -118.78
CA LYS WA 122 15.22 5.43 -118.56
C LYS WA 122 16.42 6.09 -119.21
N GLU WA 123 17.59 5.46 -119.12
CA GLU WA 123 18.79 6.03 -119.72
C GLU WA 123 19.20 5.33 -121.01
N ALA WA 124 18.48 4.30 -121.43
CA ALA WA 124 18.56 3.92 -122.84
C ALA WA 124 17.99 5.02 -123.72
N GLU WA 125 16.95 5.69 -123.23
CA GLU WA 125 16.31 6.82 -123.90
C GLU WA 125 17.02 8.13 -123.64
N SER WA 126 18.06 8.13 -122.80
CA SER WA 126 18.88 9.31 -122.60
C SER WA 126 19.99 9.44 -123.64
N CYS WA 127 20.03 8.55 -124.63
CA CYS WA 127 21.07 8.53 -125.64
C CYS WA 127 20.47 8.86 -126.99
N ASP WA 128 21.14 9.74 -127.74
CA ASP WA 128 20.66 10.10 -129.07
C ASP WA 128 20.74 8.89 -130.00
N CYS WA 129 21.91 8.27 -130.10
CA CYS WA 129 22.09 7.05 -130.89
C CYS WA 129 22.82 6.05 -130.00
N LEU WA 130 22.05 5.29 -129.24
CA LEU WA 130 22.62 4.28 -128.35
C LEU WA 130 23.38 3.24 -129.16
N GLN WA 131 24.69 3.12 -128.90
CA GLN WA 131 25.49 2.15 -129.63
C GLN WA 131 25.22 0.73 -129.15
N GLY WA 132 25.44 0.49 -127.86
CA GLY WA 132 25.21 -0.84 -127.33
C GLY WA 132 25.33 -0.85 -125.82
N PHE WA 133 25.36 -2.05 -125.27
CA PHE WA 133 25.48 -2.29 -123.84
C PHE WA 133 26.86 -2.87 -123.54
N GLN WA 134 27.15 -3.01 -122.25
CA GLN WA 134 28.32 -3.75 -121.79
C GLN WA 134 28.16 -3.99 -120.29
N VAL WA 135 28.53 -5.19 -119.85
CA VAL WA 135 28.32 -5.60 -118.47
C VAL WA 135 29.64 -5.99 -117.83
N CYS WA 136 29.58 -6.39 -116.56
CA CYS WA 136 30.76 -6.88 -115.84
C CYS WA 136 30.32 -8.02 -114.95
N HIS WA 137 30.56 -9.25 -115.39
CA HIS WA 137 30.09 -10.44 -114.71
C HIS WA 137 31.13 -11.00 -113.76
N SER WA 138 30.77 -12.10 -113.11
CA SER WA 138 31.72 -12.96 -112.42
C SER WA 138 31.06 -14.33 -112.38
N LEU WA 139 31.47 -15.21 -113.30
CA LEU WA 139 30.75 -16.45 -113.55
C LEU WA 139 30.76 -17.40 -112.34
N GLY WA 140 31.44 -17.02 -111.27
CA GLY WA 140 31.43 -17.81 -110.06
C GLY WA 140 30.24 -17.50 -109.17
N GLY WA 141 30.08 -16.23 -108.81
CA GLY WA 141 29.04 -15.85 -107.89
C GLY WA 141 27.64 -15.97 -108.48
N GLY WA 142 26.65 -15.86 -107.60
CA GLY WA 142 25.26 -16.00 -107.98
C GLY WA 142 24.65 -14.72 -108.51
N THR WA 143 25.13 -13.58 -108.02
CA THR WA 143 24.63 -12.31 -108.52
C THR WA 143 25.04 -12.11 -109.98
N GLY WA 144 26.34 -12.10 -110.24
CA GLY WA 144 26.86 -11.92 -111.57
C GLY WA 144 26.26 -12.88 -112.59
N SER WA 145 26.40 -14.17 -112.35
CA SER WA 145 25.88 -15.16 -113.29
C SER WA 145 24.36 -15.14 -113.32
N GLY WA 146 23.72 -15.36 -112.17
CA GLY WA 146 22.28 -15.49 -112.11
C GLY WA 146 21.52 -14.25 -112.57
N MET WA 147 21.83 -13.10 -111.97
CA MET WA 147 21.13 -11.88 -112.35
C MET WA 147 21.57 -11.39 -113.73
N GLY WA 148 22.87 -11.47 -114.01
CA GLY WA 148 23.37 -10.96 -115.29
C GLY WA 148 22.69 -11.59 -116.48
N THR WA 149 22.66 -12.92 -116.53
CA THR WA 149 22.06 -13.60 -117.68
C THR WA 149 20.56 -13.27 -117.77
N LEU WA 150 19.84 -13.34 -116.65
CA LEU WA 150 18.43 -13.01 -116.67
C LEU WA 150 18.20 -11.59 -117.19
N LEU WA 151 19.04 -10.65 -116.77
CA LEU WA 151 18.97 -9.30 -117.32
C LEU WA 151 19.24 -9.31 -118.82
N ILE WA 152 20.31 -10.00 -119.23
CA ILE WA 152 20.71 -9.99 -120.63
C ILE WA 152 19.60 -10.52 -121.52
N SER WA 153 19.04 -11.67 -121.14
CA SER WA 153 17.93 -12.23 -121.90
C SER WA 153 16.80 -11.23 -122.07
N LYS WA 154 16.55 -10.43 -121.03
CA LYS WA 154 15.51 -9.41 -121.12
C LYS WA 154 15.89 -8.32 -122.12
N ILE WA 155 17.14 -7.88 -122.09
CA ILE WA 155 17.57 -6.83 -123.02
C ILE WA 155 17.48 -7.32 -124.46
N ARG WA 156 17.94 -8.56 -124.70
CA ARG WA 156 17.98 -9.09 -126.05
C ARG WA 156 16.61 -9.07 -126.70
N GLU WA 157 15.59 -9.52 -125.97
CA GLU WA 157 14.24 -9.52 -126.52
C GLU WA 157 13.62 -8.13 -126.56
N GLU WA 158 14.32 -7.11 -126.08
CA GLU WA 158 13.85 -5.72 -126.15
C GLU WA 158 14.63 -4.86 -127.11
N TYR WA 159 15.95 -5.06 -127.19
CA TYR WA 159 16.82 -4.33 -128.11
C TYR WA 159 17.57 -5.34 -128.96
N PRO WA 160 16.88 -6.03 -129.87
CA PRO WA 160 17.57 -7.07 -130.66
C PRO WA 160 18.67 -6.53 -131.53
N ASP WA 161 18.43 -5.39 -132.20
CA ASP WA 161 19.42 -4.86 -133.14
C ASP WA 161 20.70 -4.44 -132.44
N ARG WA 162 20.62 -3.97 -131.20
CA ARG WA 162 21.79 -3.48 -130.51
C ARG WA 162 22.72 -4.64 -130.17
N MET WA 163 23.88 -4.30 -129.63
CA MET WA 163 24.93 -5.27 -129.35
C MET WA 163 25.21 -5.32 -127.86
N MET WA 164 25.44 -6.52 -127.34
CA MET WA 164 25.70 -6.75 -125.93
C MET WA 164 27.12 -7.27 -125.76
N LEU WA 165 27.93 -6.54 -125.01
CA LEU WA 165 29.24 -7.03 -124.61
C LEU WA 165 29.12 -7.79 -123.30
N THR WA 166 30.23 -8.37 -122.87
CA THR WA 166 30.29 -9.06 -121.57
C THR WA 166 31.75 -9.23 -121.21
N PHE WA 167 32.19 -8.54 -120.17
CA PHE WA 167 33.53 -8.73 -119.62
C PHE WA 167 33.51 -9.73 -118.47
N SER WA 168 32.96 -10.91 -118.73
CA SER WA 168 32.78 -11.91 -117.70
C SER WA 168 34.12 -12.48 -117.24
N VAL WA 169 34.35 -12.45 -115.93
CA VAL WA 169 35.51 -13.12 -115.34
C VAL WA 169 35.15 -14.57 -115.14
N VAL WA 170 35.92 -15.46 -115.76
CA VAL WA 170 35.65 -16.89 -115.69
C VAL WA 170 36.23 -17.45 -114.39
N PRO WA 171 35.79 -18.62 -113.94
CA PRO WA 171 36.40 -19.22 -112.75
C PRO WA 171 37.83 -19.65 -113.06
N SER WA 172 38.55 -19.99 -112.00
CA SER WA 172 39.90 -20.40 -112.36
C SER WA 172 39.97 -21.91 -112.55
N PRO WA 173 40.77 -22.39 -113.49
CA PRO WA 173 40.90 -23.85 -113.63
C PRO WA 173 41.56 -24.50 -112.43
N LYS WA 174 42.62 -23.89 -111.90
CA LYS WA 174 43.30 -24.42 -110.73
C LYS WA 174 42.67 -23.94 -109.43
N VAL WA 175 42.29 -22.66 -109.37
CA VAL WA 175 41.77 -22.04 -108.16
C VAL WA 175 40.26 -22.09 -108.21
N SER WA 176 39.63 -22.40 -107.06
CA SER WA 176 38.17 -22.39 -106.93
C SER WA 176 37.84 -21.78 -105.57
N ASP WA 177 37.62 -20.46 -105.57
CA ASP WA 177 37.31 -19.77 -104.32
C ASP WA 177 35.98 -20.23 -103.74
N THR WA 178 35.05 -20.63 -104.59
CA THR WA 178 33.82 -21.27 -104.16
C THR WA 178 33.88 -22.75 -104.48
N VAL WA 179 32.80 -23.46 -104.18
CA VAL WA 179 32.73 -24.90 -104.38
C VAL WA 179 31.68 -25.29 -105.41
N VAL WA 180 30.64 -24.48 -105.57
CA VAL WA 180 29.57 -24.79 -106.50
C VAL WA 180 29.87 -24.06 -107.80
N GLU WA 181 31.08 -23.53 -107.90
CA GLU WA 181 31.48 -22.68 -109.03
C GLU WA 181 31.20 -23.30 -110.41
N PRO WA 182 31.58 -24.55 -110.70
CA PRO WA 182 31.24 -25.09 -112.03
C PRO WA 182 29.76 -25.10 -112.32
N TYR WA 183 28.91 -25.26 -111.30
CA TYR WA 183 27.47 -25.17 -111.51
C TYR WA 183 27.08 -23.78 -111.99
N ASN WA 184 27.70 -22.75 -111.43
CA ASN WA 184 27.38 -21.38 -111.85
C ASN WA 184 27.95 -21.08 -113.23
N ALA WA 185 29.08 -21.69 -113.59
CA ALA WA 185 29.67 -21.45 -114.89
C ALA WA 185 28.83 -22.04 -116.00
N THR WA 186 28.61 -23.36 -115.97
CA THR WA 186 27.90 -24.02 -117.07
C THR WA 186 26.51 -23.46 -117.26
N LEU WA 187 25.79 -23.21 -116.17
CA LEU WA 187 24.42 -22.72 -116.27
C LEU WA 187 24.38 -21.35 -116.93
N SER WA 188 25.38 -20.50 -116.65
CA SER WA 188 25.43 -19.20 -117.29
C SER WA 188 25.74 -19.31 -118.77
N VAL WA 189 26.66 -20.20 -119.14
CA VAL WA 189 27.04 -20.35 -120.54
C VAL WA 189 25.85 -20.76 -121.39
N HIS WA 190 24.98 -21.62 -120.84
CA HIS WA 190 23.76 -22.00 -121.55
C HIS WA 190 22.90 -20.79 -121.90
N GLN WA 191 23.15 -19.65 -121.28
CA GLN WA 191 22.44 -18.41 -121.56
C GLN WA 191 23.21 -17.48 -122.49
N LEU WA 192 24.54 -17.37 -122.31
CA LEU WA 192 25.30 -16.37 -123.04
C LEU WA 192 25.35 -16.66 -124.53
N VAL WA 193 25.57 -17.93 -124.90
CA VAL WA 193 25.85 -18.29 -126.29
C VAL WA 193 24.77 -17.75 -127.21
N GLU WA 194 23.50 -17.94 -126.85
CA GLU WA 194 22.40 -17.47 -127.67
C GLU WA 194 22.01 -16.02 -127.39
N ASN WA 195 22.53 -15.43 -126.32
CA ASN WA 195 22.08 -14.12 -125.87
C ASN WA 195 23.27 -13.19 -125.67
N ALA WA 196 24.14 -13.12 -126.66
CA ALA WA 196 25.23 -12.16 -126.65
C ALA WA 196 25.80 -12.05 -128.06
N ASP WA 197 26.67 -11.07 -128.25
CA ASP WA 197 27.36 -10.90 -129.52
C ASP WA 197 28.87 -10.93 -129.38
N GLU WA 198 29.41 -10.45 -128.27
CA GLU WA 198 30.83 -10.55 -127.98
C GLU WA 198 30.97 -10.83 -126.49
N CYS WA 199 31.86 -11.76 -126.14
CA CYS WA 199 32.01 -12.18 -124.75
C CYS WA 199 33.49 -12.37 -124.47
N MET WA 200 34.13 -11.33 -123.96
CA MET WA 200 35.48 -11.48 -123.44
C MET WA 200 35.45 -12.42 -122.25
N VAL WA 201 36.47 -13.26 -122.14
CA VAL WA 201 36.64 -14.15 -120.99
C VAL WA 201 37.98 -13.82 -120.34
N LEU WA 202 37.98 -13.66 -119.03
CA LEU WA 202 39.15 -13.24 -118.29
C LEU WA 202 39.25 -14.06 -117.01
N ASP WA 203 40.48 -14.39 -116.60
CA ASP WA 203 40.71 -15.20 -115.42
C ASP WA 203 41.72 -14.51 -114.53
N ASN WA 204 41.45 -14.47 -113.23
CA ASN WA 204 42.33 -13.79 -112.30
C ASN WA 204 43.70 -14.46 -112.19
N GLU WA 205 43.77 -15.78 -112.43
CA GLU WA 205 45.05 -16.48 -112.34
C GLU WA 205 46.06 -15.90 -113.31
N ALA WA 206 45.65 -15.73 -114.57
CA ALA WA 206 46.54 -15.09 -115.53
C ALA WA 206 46.81 -13.64 -115.15
N LEU WA 207 45.86 -12.98 -114.49
CA LEU WA 207 46.09 -11.62 -114.02
C LEU WA 207 47.13 -11.60 -112.90
N TYR WA 208 47.25 -12.68 -112.13
CA TYR WA 208 48.28 -12.72 -111.10
C TYR WA 208 49.65 -12.89 -111.70
N ASP WA 209 49.78 -13.76 -112.70
CA ASP WA 209 51.07 -13.95 -113.37
C ASP WA 209 51.54 -12.66 -114.02
N ILE WA 210 50.66 -12.02 -114.78
CA ILE WA 210 51.01 -10.77 -115.46
C ILE WA 210 51.49 -9.74 -114.45
N CYS WA 211 50.83 -9.65 -113.30
CA CYS WA 211 51.30 -8.76 -112.24
C CYS WA 211 52.56 -9.27 -111.57
N PHE WA 212 52.85 -10.57 -111.67
CA PHE WA 212 54.00 -11.14 -110.98
C PHE WA 212 55.25 -11.10 -111.85
N ARG WA 213 55.20 -11.72 -113.03
CA ARG WA 213 56.37 -11.72 -113.90
C ARG WA 213 56.63 -10.35 -114.49
N THR WA 214 55.67 -9.83 -115.25
CA THR WA 214 55.92 -8.60 -116.02
C THR WA 214 56.00 -7.39 -115.12
N LEU WA 215 54.90 -7.07 -114.43
CA LEU WA 215 54.86 -5.89 -113.58
C LEU WA 215 55.77 -6.00 -112.37
N LYS WA 216 56.27 -7.21 -112.06
CA LYS WA 216 57.14 -7.43 -110.91
C LYS WA 216 56.51 -6.98 -109.60
N LEU WA 217 55.19 -7.04 -109.53
CA LEU WA 217 54.50 -6.67 -108.30
C LEU WA 217 54.71 -7.76 -107.25
N THR WA 218 55.00 -7.33 -106.02
CA THR WA 218 55.14 -8.27 -104.92
C THR WA 218 53.79 -8.79 -104.48
N THR WA 219 52.88 -7.88 -104.11
CA THR WA 219 51.57 -8.21 -103.56
C THR WA 219 50.50 -7.62 -104.46
N PRO WA 220 50.09 -8.32 -105.52
CA PRO WA 220 48.95 -7.85 -106.31
C PRO WA 220 47.64 -8.00 -105.55
N THR WA 221 47.09 -6.88 -105.09
CA THR WA 221 45.76 -6.91 -104.50
C THR WA 221 44.73 -6.96 -105.62
N PHE WA 222 43.46 -7.11 -105.24
CA PHE WA 222 42.41 -7.11 -106.24
C PHE WA 222 42.32 -5.78 -106.98
N GLY WA 223 42.79 -4.69 -106.37
CA GLY WA 223 42.79 -3.42 -107.08
C GLY WA 223 43.64 -3.46 -108.34
N ASP WA 224 44.84 -4.01 -108.24
CA ASP WA 224 45.73 -4.09 -109.40
C ASP WA 224 45.10 -4.93 -110.51
N LEU WA 225 44.57 -6.09 -110.15
CA LEU WA 225 43.82 -6.87 -111.13
C LEU WA 225 42.72 -6.03 -111.75
N ASN WA 226 41.91 -5.38 -110.91
CA ASN WA 226 40.89 -4.48 -111.43
C ASN WA 226 41.51 -3.33 -112.20
N HIS WA 227 42.72 -2.90 -111.82
CA HIS WA 227 43.39 -1.84 -112.55
C HIS WA 227 43.75 -2.27 -113.96
N LEU WA 228 43.92 -3.57 -114.17
CA LEU WA 228 44.21 -4.06 -115.52
C LEU WA 228 42.94 -4.22 -116.33
N ILE WA 229 41.90 -4.81 -115.74
CA ILE WA 229 40.62 -4.90 -116.43
C ILE WA 229 40.13 -3.51 -116.84
N SER WA 230 40.36 -2.52 -115.99
CA SER WA 230 40.01 -1.15 -116.34
C SER WA 230 40.79 -0.68 -117.56
N ALA WA 231 42.08 -1.01 -117.61
CA ALA WA 231 42.93 -0.53 -118.70
C ALA WA 231 42.40 -1.00 -120.05
N VAL WA 232 42.16 -2.30 -120.18
CA VAL WA 232 41.71 -2.83 -121.46
C VAL WA 232 40.32 -2.32 -121.79
N MET WA 233 39.42 -2.29 -120.80
CA MET WA 233 38.04 -1.90 -121.07
C MET WA 233 37.97 -0.51 -121.66
N SER WA 234 38.93 0.36 -121.31
CA SER WA 234 39.02 1.65 -121.96
C SER WA 234 39.60 1.56 -123.36
N GLY WA 235 40.55 0.64 -123.57
CA GLY WA 235 41.20 0.52 -124.87
C GLY WA 235 40.27 0.08 -125.98
N ILE WA 236 39.14 -0.56 -125.65
CA ILE WA 236 38.27 -1.08 -126.69
C ILE WA 236 37.59 0.06 -127.44
N THR WA 237 37.37 1.20 -126.79
CA THR WA 237 36.44 2.19 -127.28
C THR WA 237 37.07 3.51 -127.70
N CYS WA 238 38.40 3.64 -127.62
CA CYS WA 238 39.02 4.93 -127.93
C CYS WA 238 38.67 5.42 -129.32
N CYS WA 239 38.36 4.50 -130.24
CA CYS WA 239 37.83 4.89 -131.54
C CYS WA 239 36.56 5.71 -131.39
N LEU WA 240 35.62 5.20 -130.60
CA LEU WA 240 34.34 5.90 -130.40
C LEU WA 240 34.55 7.24 -129.72
N ARG WA 241 35.63 7.40 -128.97
CA ARG WA 241 35.88 8.60 -128.19
C ARG WA 241 36.83 9.58 -128.86
N PHE WA 242 37.88 9.08 -129.49
CA PHE WA 242 38.96 9.92 -129.96
C PHE WA 242 39.14 9.80 -131.46
N PRO WA 243 39.78 10.78 -132.11
CA PRO WA 243 40.02 10.66 -133.56
C PRO WA 243 41.00 9.53 -133.84
N GLY WA 244 40.91 8.99 -135.04
CA GLY WA 244 41.72 7.85 -135.41
C GLY WA 244 41.88 7.70 -136.89
N GLN WA 245 43.11 7.49 -137.35
CA GLN WA 245 43.35 7.34 -138.78
C GLN WA 245 42.64 6.13 -139.36
N LEU WA 246 42.34 5.13 -138.54
CA LEU WA 246 41.49 4.02 -138.95
C LEU WA 246 40.65 3.63 -137.73
N ASN WA 247 39.48 4.27 -137.62
CA ASN WA 247 38.62 4.06 -136.47
C ASN WA 247 37.90 2.73 -136.57
N ALA WA 248 37.59 2.16 -135.40
CA ALA WA 248 36.96 0.85 -135.32
C ALA WA 248 35.80 0.93 -134.33
N ASP WA 249 34.58 1.04 -134.86
CA ASP WA 249 33.40 0.90 -134.04
C ASP WA 249 33.30 -0.54 -133.54
N LEU WA 250 32.44 -0.74 -132.55
CA LEU WA 250 32.31 -2.08 -131.98
C LEU WA 250 31.61 -3.03 -132.93
N ARG WA 251 30.68 -2.52 -133.75
CA ARG WA 251 30.00 -3.40 -134.69
C ARG WA 251 30.92 -3.87 -135.80
N LYS WA 252 31.93 -3.07 -136.17
CA LYS WA 252 32.86 -3.54 -137.19
C LYS WA 252 33.94 -4.45 -136.59
N LEU WA 253 34.20 -4.36 -135.29
CA LEU WA 253 35.02 -5.37 -134.65
C LEU WA 253 34.30 -6.70 -134.62
N ALA WA 254 32.99 -6.68 -134.35
CA ALA WA 254 32.22 -7.92 -134.33
C ALA WA 254 32.34 -8.66 -135.66
N VAL WA 255 31.91 -8.01 -136.75
CA VAL WA 255 31.84 -8.69 -138.04
C VAL WA 255 33.21 -9.16 -138.50
N ASN WA 256 34.27 -8.50 -138.06
CA ASN WA 256 35.62 -8.91 -138.42
C ASN WA 256 36.18 -10.01 -137.52
N LEU WA 257 35.43 -10.47 -136.51
CA LEU WA 257 35.97 -11.44 -135.56
C LEU WA 257 35.11 -12.68 -135.36
N ILE WA 258 33.80 -12.59 -135.59
CA ILE WA 258 32.97 -13.77 -135.37
C ILE WA 258 32.39 -14.25 -136.68
N PRO WA 259 33.10 -15.09 -137.43
CA PRO WA 259 32.55 -15.57 -138.70
C PRO WA 259 31.31 -16.42 -138.53
N PHE WA 260 31.14 -17.04 -137.36
CA PHE WA 260 29.97 -17.84 -137.07
C PHE WA 260 29.31 -17.34 -135.80
N PRO WA 261 27.98 -17.41 -135.70
CA PRO WA 261 27.28 -16.74 -134.61
C PRO WA 261 27.70 -17.20 -133.23
N ARG WA 262 28.25 -18.40 -133.09
CA ARG WA 262 28.49 -18.99 -131.78
C ARG WA 262 29.90 -18.82 -131.28
N LEU WA 263 30.85 -18.48 -132.15
CA LEU WA 263 32.25 -18.44 -131.79
C LEU WA 263 32.66 -17.07 -131.29
N HIS WA 264 31.90 -16.55 -130.32
CA HIS WA 264 32.03 -15.18 -129.85
C HIS WA 264 32.59 -15.11 -128.44
N PHE WA 265 33.55 -15.97 -128.12
CA PHE WA 265 34.29 -15.92 -126.87
C PHE WA 265 35.72 -15.53 -127.20
N PHE WA 266 36.15 -14.38 -126.72
CA PHE WA 266 37.39 -13.77 -127.20
C PHE WA 266 38.51 -14.01 -126.20
N MET WA 267 39.67 -13.40 -126.48
CA MET WA 267 40.85 -13.55 -125.64
C MET WA 267 41.65 -12.26 -125.74
N VAL WA 268 41.90 -11.64 -124.60
CA VAL WA 268 42.29 -10.24 -124.57
C VAL WA 268 43.68 -10.08 -123.97
N GLY WA 269 44.36 -9.01 -124.36
CA GLY WA 269 45.68 -8.69 -123.85
C GLY WA 269 46.04 -7.24 -124.04
N PHE WA 270 46.84 -6.69 -123.12
CA PHE WA 270 47.20 -5.28 -123.12
C PHE WA 270 48.71 -5.13 -123.20
N THR WA 271 49.15 -3.97 -123.72
CA THR WA 271 50.56 -3.66 -123.88
C THR WA 271 50.68 -2.17 -124.11
N PRO WA 272 51.77 -1.53 -123.64
CA PRO WA 272 52.95 -2.07 -122.98
C PRO WA 272 52.75 -2.35 -121.51
N LEU WA 273 53.45 -3.36 -121.01
CA LEU WA 273 53.42 -3.71 -119.59
C LEU WA 273 54.87 -3.91 -119.15
N THR WA 274 55.36 -3.02 -118.30
CA THR WA 274 56.71 -3.12 -117.75
C THR WA 274 56.67 -2.70 -116.29
N SER WA 275 57.76 -3.00 -115.59
CA SER WA 275 57.94 -2.55 -114.22
C SER WA 275 58.43 -1.10 -114.24
N ARG WA 276 58.89 -0.60 -113.09
CA ARG WA 276 59.46 0.74 -113.06
C ARG WA 276 60.91 0.74 -113.53
N GLY WA 277 61.63 -0.35 -113.32
CA GLY WA 277 63.00 -0.46 -113.80
C GLY WA 277 63.08 -0.61 -115.30
N SER WA 278 62.38 -1.60 -115.85
CA SER WA 278 62.40 -1.84 -117.28
C SER WA 278 61.87 -0.65 -118.06
N GLN WA 279 61.02 0.17 -117.45
CA GLN WA 279 60.52 1.36 -118.13
C GLN WA 279 61.64 2.29 -118.55
N GLN WA 280 62.76 2.27 -117.83
CA GLN WA 280 63.87 3.15 -118.14
C GLN WA 280 64.63 2.71 -119.38
N TYR WA 281 64.69 1.40 -119.65
CA TYR WA 281 65.53 0.88 -120.70
C TYR WA 281 64.76 0.56 -121.98
N ARG WA 282 63.59 -0.03 -121.87
CA ARG WA 282 62.78 -0.35 -123.04
C ARG WA 282 62.40 0.91 -123.79
N ALA WA 283 62.39 0.82 -125.11
CA ALA WA 283 61.96 1.90 -125.98
C ALA WA 283 60.60 1.57 -126.58
N LEU WA 284 59.78 2.59 -126.75
CA LEU WA 284 58.39 2.41 -127.17
C LEU WA 284 58.31 2.55 -128.68
N THR WA 285 58.28 1.40 -129.36
CA THR WA 285 58.08 1.35 -130.79
C THR WA 285 57.03 0.29 -131.11
N VAL WA 286 56.47 0.38 -132.30
CA VAL WA 286 55.50 -0.60 -132.80
C VAL WA 286 56.04 -2.02 -132.66
N PRO WA 287 57.30 -2.32 -133.00
CA PRO WA 287 57.81 -3.69 -132.77
C PRO WA 287 57.62 -4.21 -131.36
N GLU WA 288 58.03 -3.44 -130.35
CA GLU WA 288 57.86 -3.88 -128.97
C GLU WA 288 56.40 -4.20 -128.66
N LEU WA 289 55.51 -3.31 -129.08
CA LEU WA 289 54.11 -3.44 -128.70
C LEU WA 289 53.45 -4.63 -129.39
N THR WA 290 53.95 -5.04 -130.56
CA THR WA 290 53.30 -6.15 -131.25
C THR WA 290 53.87 -7.51 -130.87
N GLN WA 291 55.16 -7.59 -130.54
CA GLN WA 291 55.68 -8.86 -130.05
C GLN WA 291 55.15 -9.16 -128.66
N GLN WA 292 55.03 -8.13 -127.82
CA GLN WA 292 54.50 -8.32 -126.48
C GLN WA 292 53.03 -8.75 -126.53
N MET WA 293 52.25 -8.13 -127.41
CA MET WA 293 50.84 -8.48 -127.51
C MET WA 293 50.67 -9.88 -128.11
N TRP WA 294 51.50 -10.24 -129.07
CA TRP WA 294 51.39 -11.55 -129.69
C TRP WA 294 51.99 -12.67 -128.85
N ASP WA 295 52.45 -12.35 -127.64
CA ASP WA 295 52.99 -13.35 -126.74
C ASP WA 295 51.86 -14.11 -126.05
N ALA WA 296 52.14 -15.35 -125.69
CA ALA WA 296 51.15 -16.20 -125.04
C ALA WA 296 50.96 -15.88 -123.57
N LYS WA 297 51.75 -14.96 -123.02
CA LYS WA 297 51.63 -14.62 -121.61
C LYS WA 297 50.62 -13.50 -121.37
N ASN WA 298 50.62 -12.47 -122.23
CA ASN WA 298 49.72 -11.34 -122.03
C ASN WA 298 48.26 -11.74 -122.07
N MET WA 299 47.95 -12.94 -122.56
CA MET WA 299 46.57 -13.40 -122.61
C MET WA 299 46.02 -13.56 -121.19
N MET WA 300 45.12 -12.66 -120.80
CA MET WA 300 44.57 -12.66 -119.45
C MET WA 300 43.65 -13.84 -119.17
N CYS WA 301 43.39 -14.70 -120.16
CA CYS WA 301 42.60 -15.89 -119.94
C CYS WA 301 43.52 -17.08 -119.69
N ALA WA 302 43.00 -18.07 -118.96
CA ALA WA 302 43.75 -19.28 -118.67
C ALA WA 302 43.68 -20.26 -119.83
N ALA WA 303 44.23 -19.83 -120.97
CA ALA WA 303 44.26 -20.63 -122.18
C ALA WA 303 45.60 -20.44 -122.87
N ASP WA 304 46.10 -21.51 -123.48
CA ASP WA 304 47.37 -21.47 -124.17
C ASP WA 304 47.13 -21.31 -125.67
N PRO WA 305 47.55 -20.19 -126.27
CA PRO WA 305 47.33 -20.04 -127.72
C PRO WA 305 47.98 -21.11 -128.54
N ARG WA 306 49.19 -21.55 -128.16
CA ARG WA 306 49.93 -22.52 -128.95
C ARG WA 306 49.21 -23.86 -129.08
N HIS WA 307 48.21 -24.11 -128.25
CA HIS WA 307 47.37 -25.29 -128.42
C HIS WA 307 46.22 -25.04 -129.40
N GLY WA 308 46.24 -23.92 -130.11
CA GLY WA 308 45.20 -23.62 -131.07
C GLY WA 308 45.71 -22.64 -132.10
N ARG WA 309 44.82 -22.30 -133.02
CA ARG WA 309 45.13 -21.36 -134.09
C ARG WA 309 44.12 -20.23 -134.04
N TYR WA 310 44.59 -19.02 -134.34
CA TYR WA 310 43.70 -17.85 -134.33
C TYR WA 310 42.78 -17.92 -135.55
N LEU WA 311 41.50 -18.18 -135.31
CA LEU WA 311 40.50 -17.97 -136.34
C LEU WA 311 40.56 -16.54 -136.85
N THR WA 312 40.58 -15.58 -135.93
CA THR WA 312 40.78 -14.19 -136.26
C THR WA 312 41.30 -13.49 -135.02
N ALA WA 313 41.99 -12.38 -135.24
CA ALA WA 313 42.48 -11.55 -134.15
C ALA WA 313 42.30 -10.10 -134.54
N SER WA 314 42.66 -9.20 -133.64
CA SER WA 314 42.59 -7.78 -133.92
C SER WA 314 43.42 -7.03 -132.89
N ALA WA 315 44.17 -6.04 -133.37
CA ALA WA 315 45.01 -5.20 -132.53
C ALA WA 315 44.54 -3.77 -132.67
N LEU WA 316 44.52 -3.06 -131.54
CA LEU WA 316 44.11 -1.67 -131.51
C LEU WA 316 45.27 -0.85 -130.95
N PHE WA 317 45.76 0.08 -131.74
CA PHE WA 317 46.84 0.97 -131.31
C PHE WA 317 46.28 2.33 -130.97
N ARG WA 318 46.91 2.99 -130.00
CA ARG WA 318 46.61 4.39 -129.70
C ARG WA 318 47.92 5.07 -129.36
N GLY WA 319 48.21 6.16 -130.06
CA GLY WA 319 49.48 6.83 -129.95
C GLY WA 319 49.99 7.21 -131.31
N ARG WA 320 50.54 8.43 -131.43
CA ARG WA 320 50.98 8.93 -132.73
C ARG WA 320 52.08 8.06 -133.31
N MET WA 321 51.77 7.34 -134.38
CA MET WA 321 52.69 6.35 -134.95
C MET WA 321 52.55 6.36 -136.46
N SER WA 322 53.19 5.40 -137.11
CA SER WA 322 53.13 5.23 -138.56
C SER WA 322 52.28 4.01 -138.89
N THR WA 323 51.31 4.20 -139.77
CA THR WA 323 50.42 3.10 -140.13
C THR WA 323 51.10 2.03 -140.96
N LYS WA 324 52.21 2.35 -141.65
CA LYS WA 324 52.87 1.33 -142.45
C LYS WA 324 53.45 0.24 -141.56
N GLU WA 325 54.13 0.64 -140.49
CA GLU WA 325 54.75 -0.33 -139.59
C GLU WA 325 53.72 -1.34 -139.07
N VAL WA 326 52.63 -0.84 -138.49
CA VAL WA 326 51.59 -1.74 -137.99
C VAL WA 326 50.98 -2.55 -139.12
N ASP WA 327 51.09 -2.08 -140.37
CA ASP WA 327 50.53 -2.84 -141.48
C ASP WA 327 51.41 -4.04 -141.83
N GLU WA 328 52.73 -3.87 -141.74
CA GLU WA 328 53.62 -4.98 -142.07
C GLU WA 328 53.85 -5.89 -140.87
N GLN WA 329 53.77 -5.37 -139.66
CA GLN WA 329 53.96 -6.20 -138.48
C GLN WA 329 52.95 -7.32 -138.43
N MET WA 330 51.66 -6.98 -138.56
CA MET WA 330 50.62 -8.01 -138.64
C MET WA 330 50.78 -8.89 -139.88
N LEU WA 331 51.53 -8.44 -140.88
CA LEU WA 331 51.82 -9.29 -142.02
C LEU WA 331 52.87 -10.34 -141.68
N ASN WA 332 54.02 -9.89 -141.16
CA ASN WA 332 55.08 -10.82 -140.80
C ASN WA 332 54.59 -11.89 -139.83
N VAL WA 333 53.91 -11.46 -138.76
CA VAL WA 333 53.36 -12.41 -137.79
C VAL WA 333 52.45 -13.41 -138.50
N GLN WA 334 51.66 -12.94 -139.46
CA GLN WA 334 50.80 -13.84 -140.21
C GLN WA 334 51.59 -14.80 -141.09
N ASN WA 335 52.83 -14.45 -141.43
CA ASN WA 335 53.65 -15.29 -142.30
C ASN WA 335 54.41 -16.36 -141.51
N LYS WA 336 55.11 -15.96 -140.46
CA LYS WA 336 55.99 -16.88 -139.75
C LYS WA 336 55.20 -17.98 -139.05
N ASN WA 337 54.31 -17.60 -138.14
CA ASN WA 337 53.53 -18.58 -137.40
C ASN WA 337 52.31 -19.03 -138.21
N SER WA 338 52.56 -19.48 -139.43
CA SER WA 338 51.46 -19.89 -140.32
C SER WA 338 50.67 -21.06 -139.76
N SER WA 339 51.24 -21.81 -138.81
CA SER WA 339 50.49 -22.86 -138.15
C SER WA 339 49.52 -22.31 -137.10
N TYR WA 340 49.76 -21.10 -136.61
CA TYR WA 340 48.93 -20.49 -135.59
C TYR WA 340 47.74 -19.74 -136.17
N PHE WA 341 47.46 -19.91 -137.46
CA PHE WA 341 46.28 -19.32 -138.05
C PHE WA 341 45.58 -20.36 -138.92
N VAL WA 342 44.57 -19.94 -139.67
CA VAL WA 342 43.83 -20.86 -140.52
C VAL WA 342 44.15 -20.55 -141.98
N GLU WA 343 43.67 -21.42 -142.87
CA GLU WA 343 43.92 -21.31 -144.29
C GLU WA 343 42.75 -20.67 -145.04
N TRP WA 344 41.52 -21.07 -144.74
CA TRP WA 344 40.35 -20.52 -145.41
C TRP WA 344 40.10 -19.06 -145.07
N ILE WA 345 40.91 -18.45 -144.23
CA ILE WA 345 40.83 -17.03 -143.93
C ILE WA 345 42.15 -16.38 -144.37
N PRO WA 346 42.16 -15.67 -145.50
CA PRO WA 346 43.42 -15.15 -146.05
C PRO WA 346 44.14 -14.22 -145.10
N ASN WA 347 43.50 -13.13 -144.70
CA ASN WA 347 44.05 -12.18 -143.75
C ASN WA 347 43.14 -12.17 -142.52
N ASN WA 348 43.67 -12.61 -141.38
CA ASN WA 348 42.87 -12.80 -140.18
C ASN WA 348 43.33 -11.92 -139.02
N VAL WA 349 43.77 -10.71 -139.31
CA VAL WA 349 43.98 -9.68 -138.29
C VAL WA 349 43.45 -8.37 -138.83
N LYS WA 350 42.90 -7.55 -137.94
CA LYS WA 350 42.53 -6.18 -138.24
C LYS WA 350 43.32 -5.26 -137.34
N SER WA 351 43.94 -4.25 -137.93
CA SER WA 351 44.83 -3.34 -137.20
C SER WA 351 44.21 -1.95 -137.21
N SER WA 352 43.34 -1.70 -136.24
CA SER WA 352 42.84 -0.35 -136.04
C SER WA 352 43.95 0.53 -135.47
N VAL WA 353 43.68 1.83 -135.42
CA VAL WA 353 44.65 2.78 -134.87
C VAL WA 353 43.91 4.05 -134.49
N CYS WA 354 44.29 4.60 -133.34
CA CYS WA 354 43.74 5.83 -132.81
C CYS WA 354 44.82 6.91 -132.81
N ASP WA 355 44.40 8.16 -132.63
CA ASP WA 355 45.34 9.27 -132.70
C ASP WA 355 45.78 9.78 -131.34
N ILE WA 356 45.04 9.49 -130.28
CA ILE WA 356 45.33 10.00 -128.95
C ILE WA 356 45.73 8.84 -128.05
N PRO WA 357 46.88 8.89 -127.40
CA PRO WA 357 47.33 7.78 -126.57
C PRO WA 357 46.76 7.88 -125.17
N PRO WA 358 47.12 6.96 -124.26
CA PRO WA 358 46.70 7.09 -122.86
C PRO WA 358 47.26 8.32 -122.18
N LYS WA 359 46.88 8.51 -120.92
CA LYS WA 359 47.11 9.77 -120.22
C LYS WA 359 48.59 10.10 -120.12
N GLY WA 360 49.35 9.26 -119.43
CA GLY WA 360 50.75 9.55 -119.18
C GLY WA 360 51.70 8.87 -120.13
N LEU WA 361 51.20 7.89 -120.88
CA LEU WA 361 52.02 7.17 -121.83
C LEU WA 361 52.07 7.91 -123.16
N LYS WA 362 52.81 7.34 -124.11
CA LYS WA 362 52.88 7.90 -125.45
C LYS WA 362 52.54 6.91 -126.56
N MET WA 363 52.69 5.61 -126.32
CA MET WA 363 52.23 4.58 -127.24
C MET WA 363 51.64 3.45 -126.42
N SER WA 364 50.57 2.86 -126.94
CA SER WA 364 49.92 1.74 -126.26
C SER WA 364 49.13 0.95 -127.29
N ALA WA 365 48.65 -0.21 -126.85
CA ALA WA 365 47.94 -1.10 -127.75
C ALA WA 365 47.11 -2.08 -126.93
N THR WA 366 46.25 -2.82 -127.62
CA THR WA 366 45.38 -3.81 -126.99
C THR WA 366 45.17 -4.95 -127.96
N PHE WA 367 45.25 -6.17 -127.45
CA PHE WA 367 45.15 -7.37 -128.26
C PHE WA 367 43.83 -8.07 -127.97
N ILE WA 368 43.13 -8.44 -129.04
CA ILE WA 368 41.89 -9.22 -128.94
C ILE WA 368 41.98 -10.36 -129.94
N GLY WA 369 41.76 -11.58 -129.47
CA GLY WA 369 41.90 -12.72 -130.34
C GLY WA 369 40.85 -13.79 -130.16
N ASN WA 370 40.23 -14.21 -131.25
CA ASN WA 370 39.26 -15.29 -131.25
C ASN WA 370 39.97 -16.56 -131.69
N SER WA 371 40.70 -17.17 -130.76
CA SER WA 371 41.41 -18.41 -131.01
C SER WA 371 40.57 -19.60 -130.57
N THR WA 372 40.92 -20.77 -131.10
CA THR WA 372 40.31 -22.00 -130.64
C THR WA 372 40.98 -22.54 -129.40
N ALA WA 373 41.89 -21.77 -128.80
CA ALA WA 373 42.51 -22.20 -127.55
C ALA WA 373 41.53 -22.15 -126.39
N ILE WA 374 40.54 -21.25 -126.46
CA ILE WA 374 39.59 -21.09 -125.38
C ILE WA 374 38.80 -22.38 -125.14
N GLN WA 375 38.66 -23.22 -126.17
CA GLN WA 375 37.94 -24.48 -126.00
C GLN WA 375 38.48 -25.31 -124.85
N GLU WA 376 39.75 -25.08 -124.46
CA GLU WA 376 40.29 -25.73 -123.28
C GLU WA 376 39.50 -25.36 -122.04
N MET WA 377 39.26 -24.06 -121.85
CA MET WA 377 38.56 -23.57 -120.66
C MET WA 377 37.24 -24.30 -120.45
N PHE WA 378 36.41 -24.37 -121.49
CA PHE WA 378 35.11 -25.01 -121.37
C PHE WA 378 35.26 -26.52 -121.17
N LYS WA 379 36.28 -27.13 -121.77
CA LYS WA 379 36.55 -28.54 -121.53
C LYS WA 379 36.74 -28.81 -120.04
N ARG WA 380 37.55 -27.99 -119.38
CA ARG WA 380 37.85 -28.18 -117.97
C ARG WA 380 36.57 -28.15 -117.13
N VAL WA 381 35.81 -27.06 -117.24
CA VAL WA 381 34.59 -26.91 -116.45
C VAL WA 381 33.65 -28.08 -116.70
N SER WA 382 33.49 -28.47 -117.97
CA SER WA 382 32.58 -29.56 -118.32
C SER WA 382 32.94 -30.87 -117.63
N GLU WA 383 34.12 -30.96 -117.02
CA GLU WA 383 34.46 -32.12 -116.20
C GLU WA 383 34.03 -31.91 -114.76
N GLN WA 384 34.44 -30.80 -114.15
CA GLN WA 384 34.04 -30.52 -112.78
C GLN WA 384 32.53 -30.51 -112.63
N PHE WA 385 31.81 -30.05 -113.64
CA PHE WA 385 30.36 -30.16 -113.62
C PHE WA 385 29.93 -31.62 -113.65
N THR WA 386 30.35 -32.35 -114.68
CA THR WA 386 29.94 -33.74 -114.80
C THR WA 386 30.55 -34.62 -113.72
N ALA WA 387 31.54 -34.12 -112.98
CA ALA WA 387 32.05 -34.86 -111.83
C ALA WA 387 31.01 -34.90 -110.72
N MET WA 388 30.55 -33.74 -110.28
CA MET WA 388 29.61 -33.69 -109.16
C MET WA 388 28.19 -33.99 -109.60
N PHE WA 389 27.80 -33.56 -110.80
CA PHE WA 389 26.46 -33.90 -111.27
C PHE WA 389 26.28 -35.40 -111.41
N ARG WA 390 27.37 -36.12 -111.70
CA ARG WA 390 27.32 -37.58 -111.64
C ARG WA 390 27.00 -38.07 -110.24
N ARG WA 391 27.33 -37.28 -109.22
CA ARG WA 391 27.05 -37.62 -107.84
C ARG WA 391 25.91 -36.79 -107.25
N LYS WA 392 25.37 -35.84 -108.02
CA LYS WA 392 24.26 -35.00 -107.56
C LYS WA 392 24.63 -34.24 -106.29
N ALA WA 393 25.90 -33.85 -106.19
CA ALA WA 393 26.36 -33.08 -105.05
C ALA WA 393 25.85 -31.65 -105.15
N PHE WA 394 25.44 -31.10 -104.02
CA PHE WA 394 24.97 -29.72 -103.89
C PHE WA 394 23.74 -29.43 -104.74
N LEU WA 395 23.18 -30.44 -105.39
CA LEU WA 395 22.09 -30.18 -106.33
C LEU WA 395 20.78 -29.86 -105.63
N HIS WA 396 20.63 -30.26 -104.36
CA HIS WA 396 19.36 -30.04 -103.67
C HIS WA 396 19.06 -28.55 -103.51
N TRP WA 397 20.09 -27.72 -103.36
CA TRP WA 397 19.89 -26.28 -103.36
C TRP WA 397 19.20 -25.84 -104.65
N TYR WA 398 19.58 -26.42 -105.78
CA TYR WA 398 19.07 -25.96 -107.05
C TYR WA 398 17.66 -26.46 -107.31
N THR WA 399 17.33 -27.67 -106.85
CA THR WA 399 15.94 -28.09 -106.89
C THR WA 399 15.07 -27.26 -105.95
N GLY WA 400 15.67 -26.62 -104.95
CA GLY WA 400 14.94 -25.79 -104.01
C GLY WA 400 14.35 -24.53 -104.60
N GLU WA 401 14.62 -24.24 -105.87
CA GLU WA 401 14.09 -23.05 -106.54
C GLU WA 401 13.27 -23.42 -107.76
N GLY WA 402 12.53 -24.52 -107.69
CA GLY WA 402 11.67 -24.91 -108.78
C GLY WA 402 12.38 -25.40 -110.02
N MET WA 403 13.70 -25.56 -109.96
CA MET WA 403 14.46 -26.05 -111.11
C MET WA 403 14.21 -27.54 -111.31
N ASP WA 404 14.94 -28.12 -112.25
CA ASP WA 404 14.88 -29.54 -112.51
C ASP WA 404 16.27 -30.00 -112.93
N GLU WA 405 16.38 -31.26 -113.33
CA GLU WA 405 17.64 -31.81 -113.81
C GLU WA 405 17.83 -31.59 -115.30
N MET WA 406 16.73 -31.57 -116.06
CA MET WA 406 16.82 -31.30 -117.48
C MET WA 406 17.58 -30.01 -117.76
N GLU WA 407 17.44 -29.01 -116.89
CA GLU WA 407 18.12 -27.74 -117.10
C GLU WA 407 19.63 -27.92 -117.13
N PHE WA 408 20.17 -28.79 -116.28
CA PHE WA 408 21.61 -29.05 -116.29
C PHE WA 408 22.02 -29.84 -117.53
N THR WA 409 21.35 -30.97 -117.77
CA THR WA 409 21.70 -31.81 -118.91
C THR WA 409 21.67 -31.02 -120.21
N GLU WA 410 20.65 -30.18 -120.40
CA GLU WA 410 20.62 -29.32 -121.58
C GLU WA 410 21.79 -28.35 -121.55
N ALA WA 411 22.11 -27.80 -120.38
CA ALA WA 411 23.18 -26.82 -120.28
C ALA WA 411 24.53 -27.42 -120.62
N GLU WA 412 24.86 -28.56 -120.01
CA GLU WA 412 26.12 -29.23 -120.30
C GLU WA 412 26.24 -29.55 -121.78
N SER WA 413 25.21 -30.17 -122.35
CA SER WA 413 25.25 -30.51 -123.77
C SER WA 413 25.49 -29.30 -124.64
N ASN WA 414 25.04 -28.12 -124.20
CA ASN WA 414 25.27 -26.91 -124.97
C ASN WA 414 26.75 -26.59 -125.08
N MET WA 415 27.50 -26.81 -124.00
CA MET WA 415 28.95 -26.59 -124.06
C MET WA 415 29.64 -27.64 -124.90
N ASN WA 416 29.30 -28.92 -124.69
CA ASN WA 416 29.89 -29.99 -125.49
C ASN WA 416 29.62 -29.77 -126.97
N ASP WA 417 28.43 -29.29 -127.31
CA ASP WA 417 28.18 -28.85 -128.67
C ASP WA 417 29.09 -27.69 -129.06
N LEU WA 418 29.26 -26.74 -128.15
CA LEU WA 418 30.07 -25.56 -128.44
C LEU WA 418 31.53 -25.93 -128.65
N VAL WA 419 32.15 -26.58 -127.66
CA VAL WA 419 33.56 -26.94 -127.76
C VAL WA 419 33.80 -27.86 -128.94
N SER WA 420 32.78 -28.63 -129.34
CA SER WA 420 32.89 -29.41 -130.56
C SER WA 420 33.13 -28.51 -131.77
N GLU WA 421 32.46 -27.35 -131.80
CA GLU WA 421 32.64 -26.44 -132.92
C GLU WA 421 34.01 -25.80 -132.93
N TYR WA 422 34.62 -25.62 -131.76
CA TYR WA 422 35.98 -25.10 -131.70
C TYR WA 422 37.00 -26.11 -132.19
N GLN WA 423 36.65 -27.39 -132.20
CA GLN WA 423 37.55 -28.42 -132.71
C GLN WA 423 37.45 -28.53 -134.22
N GLN WA 424 36.24 -28.48 -134.77
CA GLN WA 424 36.04 -28.57 -136.21
C GLN WA 424 36.96 -27.61 -136.95
N TYR WA 425 36.99 -26.35 -136.51
CA TYR WA 425 37.83 -25.36 -137.16
C TYR WA 425 39.27 -25.38 -136.67
N GLN WA 426 39.61 -26.27 -135.75
CA GLN WA 426 41.00 -26.51 -135.39
C GLN WA 426 41.37 -27.85 -136.00
N ASP WA 427 41.96 -27.80 -137.19
CA ASP WA 427 42.42 -28.99 -137.89
C ASP WA 427 43.82 -29.40 -137.43
N ALA WA 428 44.23 -28.94 -136.26
CA ALA WA 428 45.51 -29.26 -135.64
C ALA WA 428 46.69 -28.85 -136.54
N MET XA 1 21.19 16.48 -141.51
CA MET XA 1 20.85 15.07 -141.43
C MET XA 1 19.81 14.82 -140.35
N ASP XA 2 20.00 15.48 -139.21
CA ASP XA 2 19.09 15.37 -138.08
C ASP XA 2 19.00 16.72 -137.40
N LEU XA 3 18.11 16.83 -136.42
CA LEU XA 3 17.87 18.10 -135.75
C LEU XA 3 19.14 18.64 -135.11
N LYS XA 4 19.87 17.81 -134.36
CA LYS XA 4 21.05 18.30 -133.67
C LYS XA 4 22.11 18.78 -134.66
N GLN XA 5 22.33 18.03 -135.74
CA GLN XA 5 23.33 18.42 -136.70
C GLN XA 5 22.90 19.63 -137.53
N GLN XA 6 21.59 19.82 -137.73
CA GLN XA 6 21.13 21.00 -138.44
C GLN XA 6 21.32 22.26 -137.60
N VAL XA 7 21.02 22.17 -136.30
CA VAL XA 7 21.33 23.28 -135.41
C VAL XA 7 22.83 23.55 -135.40
N LYS XA 8 23.64 22.47 -135.39
CA LYS XA 8 25.09 22.61 -135.45
C LYS XA 8 25.52 23.35 -136.71
N ASN XA 9 24.95 22.97 -137.86
CA ASN XA 9 25.35 23.57 -139.11
C ASN XA 9 24.93 25.04 -139.20
N TYR XA 10 23.76 25.36 -138.64
CA TYR XA 10 23.34 26.77 -138.64
C TYR XA 10 24.28 27.62 -137.80
N THR XA 11 24.68 27.13 -136.64
CA THR XA 11 25.63 27.88 -135.83
C THR XA 11 26.98 28.02 -136.54
N MET XA 12 27.43 26.96 -137.22
CA MET XA 12 28.69 27.06 -137.96
C MET XA 12 28.57 28.03 -139.14
N THR XA 13 27.41 28.03 -139.80
CA THR XA 13 27.20 29.00 -140.87
C THR XA 13 27.28 30.43 -140.34
N ILE XA 14 26.72 30.67 -139.16
CA ILE XA 14 26.82 31.99 -138.55
C ILE XA 14 28.28 32.32 -138.24
N ARG XA 15 29.04 31.35 -137.73
CA ARG XA 15 30.45 31.56 -137.44
C ARG XA 15 31.23 31.93 -138.69
N ASN XA 16 30.87 31.35 -139.84
CA ASN XA 16 31.59 31.64 -141.07
C ASN XA 16 31.17 32.97 -141.67
N THR XA 17 29.88 33.31 -141.60
CA THR XA 17 29.43 34.62 -142.05
C THR XA 17 30.09 35.73 -141.26
N ARG XA 18 30.15 35.59 -139.94
CA ARG XA 18 30.82 36.60 -139.13
C ARG XA 18 32.33 36.53 -139.37
N PRO XA 19 33.01 37.68 -139.37
CA PRO XA 19 34.46 37.66 -139.42
C PRO XA 19 35.04 37.34 -138.05
N PRO XA 20 35.97 36.39 -137.98
CA PRO XA 20 36.57 36.07 -136.68
C PRO XA 20 37.50 37.15 -136.15
N THR XA 21 37.89 38.11 -136.99
CA THR XA 21 38.75 39.24 -136.61
C THR XA 21 39.95 38.79 -135.79
N MET XA 22 40.49 37.61 -136.13
CA MET XA 22 41.66 37.03 -135.46
C MET XA 22 41.59 37.20 -133.94
N ILE XA 23 40.38 37.09 -133.38
CA ILE XA 23 40.16 37.42 -131.97
C ILE XA 23 40.90 36.51 -131.01
N LYS XA 24 41.09 37.02 -129.78
CA LYS XA 24 41.89 36.40 -128.75
C LYS XA 24 41.07 35.70 -127.70
N GLU XA 25 39.74 35.70 -127.82
CA GLU XA 25 38.88 34.82 -127.03
C GLU XA 25 38.93 35.15 -125.53
N GLN XA 26 39.58 36.25 -125.17
CA GLN XA 26 39.60 36.74 -123.80
C GLN XA 26 40.13 38.17 -123.79
N ASP XA 27 39.39 39.06 -123.14
CA ASP XA 27 39.78 40.47 -123.08
C ASP XA 27 39.95 40.89 -121.63
N LYS XA 28 41.15 41.31 -121.28
CA LYS XA 28 41.46 41.82 -119.96
C LYS XA 28 41.42 43.34 -119.97
N SER XA 29 41.85 43.93 -118.86
CA SER XA 29 41.73 45.37 -118.68
C SER XA 29 42.71 46.12 -119.56
N GLU XA 30 42.29 46.48 -120.78
CA GLU XA 30 43.22 47.08 -121.74
C GLU XA 30 43.61 48.49 -121.31
N PHE XA 31 42.63 49.39 -121.21
CA PHE XA 31 42.96 50.76 -120.87
C PHE XA 31 43.37 50.90 -119.41
N SER XA 32 42.85 50.02 -118.54
CA SER XA 32 43.31 50.02 -117.16
C SER XA 32 44.78 49.63 -117.08
N HIS XA 33 45.19 48.65 -117.89
CA HIS XA 33 46.60 48.28 -117.94
C HIS XA 33 47.46 49.42 -118.47
N PHE XA 34 46.98 50.08 -119.52
CA PHE XA 34 47.71 51.23 -120.07
C PHE XA 34 47.83 52.36 -119.04
N ARG XA 35 46.73 52.66 -118.35
CA ARG XA 35 46.73 53.71 -117.35
C ARG XA 35 47.63 53.37 -116.18
N ALA XA 36 47.62 52.11 -115.73
CA ALA XA 36 48.49 51.69 -114.64
C ALA XA 36 49.95 51.79 -115.03
N LEU XA 37 50.28 51.41 -116.28
CA LEU XA 37 51.66 51.55 -116.74
C LEU XA 37 52.09 53.01 -116.79
N GLN XA 38 51.21 53.90 -117.25
CA GLN XA 38 51.55 55.32 -117.22
C GLN XA 38 51.71 55.83 -115.80
N VAL XA 39 50.91 55.31 -114.86
CA VAL XA 39 51.08 55.69 -113.47
C VAL XA 39 52.42 55.20 -112.93
N LEU XA 40 52.85 54.01 -113.38
CA LEU XA 40 54.15 53.51 -112.96
C LEU XA 40 55.30 54.33 -113.54
N ALA XA 41 55.13 54.82 -114.78
CA ALA XA 41 56.21 55.53 -115.44
C ALA XA 41 56.66 56.76 -114.65
N ASN XA 42 55.72 57.45 -114.00
CA ASN XA 42 56.04 58.66 -113.26
C ASN XA 42 55.75 58.53 -111.77
N GLY XA 43 54.52 58.17 -111.39
CA GLY XA 43 54.17 58.13 -109.98
C GLY XA 43 54.94 57.09 -109.19
N ASP XA 44 55.36 56.01 -109.85
CA ASP XA 44 56.22 54.99 -109.25
C ASP XA 44 55.56 54.30 -108.06
N GLU XA 45 54.24 54.09 -108.14
CA GLU XA 45 53.54 53.29 -107.15
C GLU XA 45 52.25 52.77 -107.78
N VAL XA 46 52.27 51.52 -108.22
CA VAL XA 46 51.11 50.87 -108.83
C VAL XA 46 50.98 49.45 -108.26
N PRO XA 47 49.77 48.95 -108.04
CA PRO XA 47 49.63 47.54 -107.69
C PRO XA 47 50.13 46.62 -108.79
N TYR XA 48 50.63 45.45 -108.37
CA TYR XA 48 51.25 44.52 -109.30
C TYR XA 48 50.24 44.00 -110.31
N GLU XA 49 49.06 43.58 -109.83
CA GLU XA 49 48.04 43.07 -110.72
C GLU XA 49 47.49 44.18 -111.62
N ALA XA 50 47.49 45.43 -111.13
CA ALA XA 50 47.11 46.55 -111.99
C ALA XA 50 48.09 46.73 -113.13
N THR XA 51 49.39 46.58 -112.86
CA THR XA 51 50.38 46.63 -113.92
C THR XA 51 50.21 45.47 -114.90
N LEU XA 52 49.88 44.29 -114.38
CA LEU XA 52 49.75 43.11 -115.22
C LEU XA 52 48.63 43.26 -116.24
N ARG XA 53 48.82 42.59 -117.37
CA ARG XA 53 47.76 42.32 -118.34
C ARG XA 53 47.92 40.87 -118.80
N ASN XA 54 46.78 40.23 -119.07
CA ASN XA 54 46.79 38.83 -119.48
C ASN XA 54 46.04 38.69 -120.80
N VAL XA 55 46.64 37.98 -121.74
CA VAL XA 55 46.02 37.66 -123.02
C VAL XA 55 46.19 36.18 -123.30
N ILE XA 56 45.12 35.55 -123.78
CA ILE XA 56 45.10 34.13 -124.07
C ILE XA 56 44.77 33.98 -125.55
N HIS XA 57 45.14 32.84 -126.12
CA HIS XA 57 44.72 32.48 -127.46
C HIS XA 57 44.25 31.03 -127.45
N ASP XA 58 43.82 30.55 -128.61
CA ASP XA 58 43.37 29.17 -128.70
C ASP XA 58 44.53 28.20 -128.63
N GLY XA 59 45.66 28.55 -129.24
CA GLY XA 59 46.75 27.62 -129.31
C GLY XA 59 46.33 26.39 -130.09
N ALA XA 60 46.13 25.28 -129.38
CA ALA XA 60 45.60 24.09 -130.00
C ALA XA 60 45.10 23.17 -128.91
N ARG XA 61 44.40 22.12 -129.35
CA ARG XA 61 44.06 20.99 -128.50
C ARG XA 61 45.32 20.14 -128.42
N GLN XA 62 45.17 18.84 -128.18
CA GLN XA 62 46.31 17.92 -128.33
C GLN XA 62 47.50 18.31 -127.46
N PRO XA 63 47.41 18.13 -126.12
CA PRO XA 63 48.32 18.82 -125.19
C PRO XA 63 49.77 18.36 -125.16
N LYS XA 64 50.52 18.72 -126.20
CA LYS XA 64 51.97 18.53 -126.27
C LYS XA 64 52.38 17.11 -125.87
N LEU XA 65 52.02 16.17 -126.71
CA LEU XA 65 52.66 14.87 -126.65
C LEU XA 65 54.12 15.02 -127.10
N PRO XA 66 55.03 14.25 -126.51
CA PRO XA 66 56.45 14.37 -126.89
C PRO XA 66 56.68 13.90 -128.31
N PRO XA 67 57.77 14.32 -128.95
CA PRO XA 67 58.00 13.94 -130.34
C PRO XA 67 58.31 12.46 -130.49
N ARG XA 68 57.93 11.91 -131.65
CA ARG XA 68 58.19 10.53 -131.99
C ARG XA 68 59.59 10.30 -132.56
N GLN XA 69 60.27 11.36 -132.95
CA GLN XA 69 61.61 11.42 -133.53
C GLN XA 69 61.64 10.94 -134.99
N THR XA 70 60.59 10.29 -135.49
CA THR XA 70 60.39 10.03 -136.91
C THR XA 70 61.58 9.34 -137.59
N GLN XA 71 62.57 8.92 -136.80
CA GLN XA 71 63.83 8.50 -137.39
C GLN XA 71 64.68 7.79 -136.35
N LYS XA 72 65.34 6.72 -136.77
CA LYS XA 72 66.23 5.95 -135.92
C LYS XA 72 67.61 6.60 -135.91
N HIS XA 73 68.59 5.89 -135.36
CA HIS XA 73 69.98 6.32 -135.43
C HIS XA 73 70.61 5.83 -136.74
N PRO XA 74 71.36 6.68 -137.43
CA PRO XA 74 71.87 6.29 -138.75
C PRO XA 74 73.01 5.31 -138.70
N GLY XA 75 72.90 4.32 -137.83
CA GLY XA 75 73.88 3.25 -137.76
C GLY XA 75 73.19 1.91 -137.73
N TYR XA 76 71.86 1.93 -137.58
CA TYR XA 76 71.04 0.73 -137.50
C TYR XA 76 70.35 0.39 -138.83
N ILE XA 77 69.64 1.35 -139.41
CA ILE XA 77 68.83 1.13 -140.59
C ILE XA 77 69.48 1.82 -141.78
N ARG XA 78 69.37 1.20 -142.95
CA ARG XA 78 69.87 1.76 -144.20
C ARG XA 78 68.82 1.60 -145.28
N ASN XA 79 68.93 2.43 -146.31
CA ASN XA 79 67.80 2.71 -147.19
C ASN XA 79 67.30 1.51 -147.98
N GLU XA 80 68.04 1.09 -149.00
CA GLU XA 80 67.76 -0.15 -149.71
C GLU XA 80 69.08 -0.81 -150.05
N SER XA 81 70.14 0.00 -150.02
CA SER XA 81 71.39 -0.30 -150.69
C SER XA 81 72.58 0.27 -149.94
N GLY XA 82 72.39 0.72 -148.70
CA GLY XA 82 73.40 1.48 -148.03
C GLY XA 82 73.14 2.93 -148.35
N GLY XA 83 72.70 3.69 -147.35
CA GLY XA 83 72.34 5.07 -147.57
C GLY XA 83 71.43 5.56 -146.47
N PHE XA 84 71.66 6.78 -146.02
CA PHE XA 84 70.93 7.31 -144.89
C PHE XA 84 69.49 7.61 -145.28
N PHE XA 85 68.67 7.88 -144.27
CA PHE XA 85 67.30 8.30 -144.45
C PHE XA 85 67.19 9.78 -144.15
N THR XA 86 66.23 10.44 -144.79
CA THR XA 86 66.14 11.89 -144.71
C THR XA 86 64.72 12.36 -144.46
N MET YA 1 -44.35 32.16 -62.22
CA MET YA 1 -43.58 31.92 -63.44
C MET YA 1 -42.24 31.29 -63.11
N ARG YA 2 -41.49 31.91 -62.20
CA ARG YA 2 -40.20 31.41 -61.74
C ARG YA 2 -40.35 31.16 -60.25
N GLU YA 3 -40.81 29.98 -59.90
CA GLU YA 3 -41.22 29.66 -58.54
C GLU YA 3 -40.40 28.49 -58.00
N VAL YA 4 -40.12 28.54 -56.70
CA VAL YA 4 -39.42 27.48 -56.00
C VAL YA 4 -40.23 27.07 -54.79
N ILE YA 5 -40.00 25.85 -54.31
CA ILE YA 5 -40.67 25.33 -53.13
C ILE YA 5 -39.63 25.13 -52.05
N SER YA 6 -39.81 25.79 -50.93
CA SER YA 6 -38.82 25.81 -49.85
C SER YA 6 -39.30 24.86 -48.75
N ILE YA 7 -38.49 23.86 -48.44
CA ILE YA 7 -38.82 22.85 -47.45
C ILE YA 7 -37.83 22.97 -46.30
N HIS YA 8 -38.36 23.00 -45.07
CA HIS YA 8 -37.54 23.06 -43.87
C HIS YA 8 -37.87 21.85 -43.01
N ILE YA 9 -36.85 21.05 -42.69
CA ILE YA 9 -37.03 19.80 -41.96
C ILE YA 9 -36.22 19.86 -40.69
N GLY YA 10 -36.71 19.21 -39.64
CA GLY YA 10 -36.00 19.20 -38.38
C GLY YA 10 -36.15 20.52 -37.64
N GLN YA 11 -35.21 20.76 -36.73
CA GLN YA 11 -35.24 22.00 -35.95
C GLN YA 11 -34.45 23.11 -36.64
N ALA YA 12 -33.16 22.89 -36.88
CA ALA YA 12 -32.35 23.90 -37.54
C ALA YA 12 -32.89 24.23 -38.92
N GLY YA 13 -33.60 23.28 -39.55
CA GLY YA 13 -34.26 23.60 -40.80
C GLY YA 13 -35.30 24.69 -40.64
N ILE YA 14 -36.15 24.56 -39.63
CA ILE YA 14 -37.18 25.57 -39.39
C ILE YA 14 -36.70 26.66 -38.44
N GLN YA 15 -35.50 26.55 -37.88
CA GLN YA 15 -34.92 27.69 -37.20
C GLN YA 15 -34.48 28.75 -38.20
N VAL YA 16 -33.77 28.34 -39.26
CA VAL YA 16 -33.41 29.27 -40.32
C VAL YA 16 -34.63 29.61 -41.16
N GLY YA 17 -35.65 28.75 -41.18
CA GLY YA 17 -36.91 29.13 -41.78
C GLY YA 17 -37.47 30.40 -41.17
N ASN YA 18 -37.26 30.58 -39.87
CA ASN YA 18 -37.63 31.83 -39.22
C ASN YA 18 -36.72 32.98 -39.60
N ALA YA 19 -35.57 32.70 -40.21
CA ALA YA 19 -34.63 33.73 -40.62
C ALA YA 19 -34.80 34.13 -42.07
N CYS YA 20 -34.92 33.14 -42.97
CA CYS YA 20 -35.14 33.44 -44.37
C CYS YA 20 -36.46 34.16 -44.58
N TRP YA 21 -37.53 33.63 -44.00
CA TRP YA 21 -38.84 34.22 -44.18
C TRP YA 21 -39.02 35.51 -43.41
N GLU YA 22 -38.17 35.77 -42.42
CA GLU YA 22 -38.07 37.12 -41.89
C GLU YA 22 -37.51 38.07 -42.93
N LEU YA 23 -36.57 37.60 -43.75
CA LEU YA 23 -35.92 38.47 -44.74
C LEU YA 23 -36.85 38.75 -45.91
N TYR YA 24 -37.38 37.69 -46.55
CA TYR YA 24 -38.16 37.88 -47.76
C TYR YA 24 -39.36 38.77 -47.50
N CYS YA 25 -40.10 38.50 -46.42
CA CYS YA 25 -41.21 39.37 -46.06
C CYS YA 25 -40.72 40.80 -45.86
N LEU YA 26 -39.54 40.97 -45.26
CA LEU YA 26 -38.99 42.30 -45.08
C LEU YA 26 -38.44 42.86 -46.38
N GLU YA 27 -37.86 42.02 -47.23
CA GLU YA 27 -37.23 42.52 -48.45
C GLU YA 27 -38.27 42.98 -49.47
N HIS YA 28 -39.46 42.40 -49.46
CA HIS YA 28 -40.52 42.79 -50.38
C HIS YA 28 -41.55 43.68 -49.73
N GLY YA 29 -41.30 44.16 -48.52
CA GLY YA 29 -42.22 45.04 -47.83
C GLY YA 29 -43.40 44.35 -47.17
N ILE YA 30 -43.54 43.04 -47.33
CA ILE YA 30 -44.66 42.33 -46.71
C ILE YA 30 -44.53 42.40 -45.20
N GLN YA 31 -45.55 42.95 -44.55
CA GLN YA 31 -45.56 42.92 -43.10
C GLN YA 31 -46.05 41.55 -42.62
N PRO YA 32 -45.74 41.17 -41.38
CA PRO YA 32 -46.08 39.82 -40.89
C PRO YA 32 -47.55 39.44 -41.02
N ASP YA 33 -48.42 40.41 -41.32
CA ASP YA 33 -49.81 40.10 -41.60
C ASP YA 33 -50.02 39.39 -42.92
N GLY YA 34 -48.98 39.28 -43.74
CA GLY YA 34 -49.14 38.78 -45.09
C GLY YA 34 -49.72 39.78 -46.06
N GLN YA 35 -50.07 40.97 -45.60
CA GLN YA 35 -50.56 42.03 -46.45
C GLN YA 35 -49.43 42.95 -46.85
N MET YA 36 -49.66 43.72 -47.88
CA MET YA 36 -48.78 44.85 -48.13
C MET YA 36 -49.36 46.09 -47.46
N PRO YA 37 -48.52 47.05 -47.09
CA PRO YA 37 -49.06 48.25 -46.43
C PRO YA 37 -50.06 49.00 -47.28
N SER YA 38 -49.95 48.91 -48.61
CA SER YA 38 -50.90 49.47 -49.56
C SER YA 38 -50.97 50.99 -49.51
N ASP YA 39 -50.08 51.64 -48.77
CA ASP YA 39 -50.03 53.09 -48.76
C ASP YA 39 -48.64 53.67 -48.97
N LYS YA 40 -47.58 52.91 -48.70
CA LYS YA 40 -46.20 53.34 -48.94
C LYS YA 40 -45.45 52.29 -49.74
N THR YA 41 -46.08 51.84 -50.83
CA THR YA 41 -45.51 50.81 -51.70
C THR YA 41 -44.09 51.13 -52.10
N ILE YA 42 -43.16 50.24 -51.77
CA ILE YA 42 -41.75 50.39 -52.13
C ILE YA 42 -41.31 49.41 -53.21
N GLY YA 43 -42.09 48.38 -53.49
CA GLY YA 43 -41.66 47.36 -54.43
C GLY YA 43 -41.50 47.89 -55.83
N GLY YA 44 -40.25 48.02 -56.28
CA GLY YA 44 -39.98 48.56 -57.60
C GLY YA 44 -40.57 47.73 -58.73
N GLY YA 45 -40.85 46.45 -58.48
CA GLY YA 45 -41.42 45.59 -59.48
C GLY YA 45 -42.64 44.86 -58.94
N ASP YA 46 -43.48 44.43 -59.86
CA ASP YA 46 -44.67 43.64 -59.55
C ASP YA 46 -44.43 42.20 -59.97
N ASP YA 47 -45.18 41.29 -59.34
CA ASP YA 47 -45.04 39.85 -59.56
C ASP YA 47 -43.64 39.34 -59.25
N ALA YA 48 -42.85 40.13 -58.52
CA ALA YA 48 -41.56 39.64 -58.04
C ALA YA 48 -41.72 38.79 -56.79
N PHE YA 49 -42.67 39.14 -55.93
CA PHE YA 49 -43.02 38.29 -54.80
C PHE YA 49 -43.47 36.91 -55.23
N ASN YA 50 -43.84 36.75 -56.50
CA ASN YA 50 -44.35 35.47 -56.98
C ASN YA 50 -43.34 34.34 -56.85
N THR YA 51 -42.05 34.67 -56.75
CA THR YA 51 -41.04 33.64 -56.58
C THR YA 51 -41.22 32.89 -55.26
N PHE YA 52 -41.77 33.55 -54.25
CA PHE YA 52 -41.86 32.97 -52.92
C PHE YA 52 -43.25 33.00 -52.33
N PHE YA 53 -44.23 33.59 -53.02
CA PHE YA 53 -45.52 33.84 -52.40
C PHE YA 53 -46.63 33.43 -53.37
N SER YA 54 -47.87 33.62 -52.92
CA SER YA 54 -49.03 33.33 -53.76
C SER YA 54 -50.13 34.28 -53.33
N GLU YA 55 -50.31 35.37 -54.08
CA GLU YA 55 -51.38 36.31 -53.79
C GLU YA 55 -52.72 35.59 -53.81
N THR YA 56 -53.49 35.76 -52.74
CA THR YA 56 -54.78 35.10 -52.61
C THR YA 56 -55.81 35.83 -53.47
N GLY YA 57 -57.09 35.53 -53.24
CA GLY YA 57 -58.14 36.21 -53.97
C GLY YA 57 -58.16 37.71 -53.75
N ALA YA 58 -57.67 38.19 -52.62
CA ALA YA 58 -57.69 39.62 -52.34
C ALA YA 58 -56.65 39.96 -51.28
N GLY YA 59 -55.58 40.63 -51.68
CA GLY YA 59 -54.70 41.34 -50.77
C GLY YA 59 -53.56 40.61 -50.08
N LYS YA 60 -53.78 39.37 -49.67
CA LYS YA 60 -52.83 38.67 -48.81
C LYS YA 60 -51.84 37.86 -49.62
N HIS YA 61 -50.62 37.72 -49.09
CA HIS YA 61 -49.54 36.98 -49.72
C HIS YA 61 -49.10 35.85 -48.79
N VAL YA 62 -49.30 34.62 -49.22
CA VAL YA 62 -48.95 33.44 -48.42
C VAL YA 62 -47.63 32.88 -48.97
N PRO YA 63 -46.64 32.62 -48.11
CA PRO YA 63 -45.38 32.08 -48.61
C PRO YA 63 -45.51 30.63 -49.02
N ARG YA 64 -44.76 30.26 -50.05
CA ARG YA 64 -44.80 28.90 -50.58
C ARG YA 64 -43.66 28.07 -49.97
N CYS YA 65 -43.77 27.88 -48.65
CA CYS YA 65 -42.84 27.04 -47.91
C CYS YA 65 -43.62 25.99 -47.13
N ILE YA 66 -42.89 25.03 -46.59
CA ILE YA 66 -43.48 23.91 -45.84
C ILE YA 66 -42.59 23.64 -44.64
N PHE YA 67 -43.08 23.98 -43.45
CA PHE YA 67 -42.37 23.68 -42.21
C PHE YA 67 -42.77 22.28 -41.76
N LEU YA 68 -41.79 21.41 -41.64
CA LEU YA 68 -42.02 20.01 -41.31
C LEU YA 68 -41.16 19.62 -40.13
N ASP YA 69 -41.75 18.91 -39.17
CA ASP YA 69 -41.01 18.47 -37.99
C ASP YA 69 -41.84 17.45 -37.25
N LEU YA 70 -41.15 16.68 -36.40
CA LEU YA 70 -41.77 15.72 -35.51
C LEU YA 70 -41.98 16.25 -34.10
N GLU YA 71 -41.07 17.09 -33.62
CA GLU YA 71 -41.25 17.73 -32.32
C GLU YA 71 -42.30 18.82 -32.43
N PRO YA 72 -43.37 18.77 -31.64
CA PRO YA 72 -44.33 19.89 -31.66
C PRO YA 72 -43.77 21.17 -31.08
N THR YA 73 -42.81 21.07 -30.16
CA THR YA 73 -42.47 22.19 -29.30
C THR YA 73 -41.90 23.39 -30.03
N VAL YA 74 -41.48 23.23 -31.29
CA VAL YA 74 -40.88 24.31 -32.05
C VAL YA 74 -41.80 24.82 -33.15
N VAL YA 75 -42.56 23.94 -33.81
CA VAL YA 75 -43.58 24.45 -34.72
C VAL YA 75 -44.73 25.03 -33.92
N ASP YA 76 -44.93 24.61 -32.67
CA ASP YA 76 -45.90 25.28 -31.82
C ASP YA 76 -45.46 26.69 -31.48
N GLU YA 77 -44.16 26.98 -31.62
CA GLU YA 77 -43.70 28.34 -31.42
C GLU YA 77 -44.13 29.23 -32.59
N VAL YA 78 -43.92 28.75 -33.81
CA VAL YA 78 -44.30 29.53 -35.00
C VAL YA 78 -45.78 29.90 -34.93
N ARG YA 79 -46.63 28.97 -34.53
CA ARG YA 79 -48.05 29.24 -34.43
C ARG YA 79 -48.39 30.28 -33.37
N THR YA 80 -47.42 30.68 -32.54
CA THR YA 80 -47.65 31.72 -31.55
C THR YA 80 -46.81 32.98 -31.78
N GLY YA 81 -45.70 32.87 -32.50
CA GLY YA 81 -44.90 34.04 -32.79
C GLY YA 81 -45.64 35.04 -33.66
N THR YA 82 -44.99 36.16 -33.97
CA THR YA 82 -45.64 37.17 -34.80
C THR YA 82 -45.93 36.65 -36.20
N TYR YA 83 -45.18 35.64 -36.65
CA TYR YA 83 -45.37 35.12 -38.00
C TYR YA 83 -46.34 33.95 -38.00
N ARG YA 84 -47.52 34.19 -37.45
CA ARG YA 84 -48.58 33.22 -37.45
C ARG YA 84 -49.72 33.56 -38.41
N GLN YA 85 -49.84 34.82 -38.81
CA GLN YA 85 -50.81 35.17 -39.84
C GLN YA 85 -50.33 34.80 -41.23
N LEU YA 86 -49.02 34.59 -41.42
CA LEU YA 86 -48.50 34.31 -42.75
C LEU YA 86 -48.92 32.93 -43.23
N PHE YA 87 -48.47 31.89 -42.54
CA PHE YA 87 -48.52 30.54 -43.09
C PHE YA 87 -49.94 30.00 -43.05
N HIS YA 88 -50.31 29.31 -44.11
CA HIS YA 88 -51.52 28.50 -44.05
C HIS YA 88 -51.30 27.39 -43.04
N PRO YA 89 -52.18 27.23 -42.06
CA PRO YA 89 -51.95 26.21 -41.02
C PRO YA 89 -51.72 24.82 -41.58
N GLU YA 90 -52.25 24.53 -42.77
CA GLU YA 90 -51.99 23.24 -43.40
C GLU YA 90 -50.54 23.05 -43.79
N GLN YA 91 -49.79 24.15 -43.94
CA GLN YA 91 -48.38 24.05 -44.29
C GLN YA 91 -47.56 23.57 -43.10
N LEU YA 92 -47.75 24.19 -41.94
CA LEU YA 92 -47.03 23.78 -40.75
C LEU YA 92 -47.44 22.37 -40.34
N ILE YA 93 -46.46 21.48 -40.22
CA ILE YA 93 -46.71 20.07 -39.98
C ILE YA 93 -45.99 19.67 -38.69
N SER YA 94 -46.62 18.80 -37.91
CA SER YA 94 -46.04 18.37 -36.65
C SER YA 94 -46.46 16.93 -36.36
N GLY YA 95 -45.68 16.28 -35.50
CA GLY YA 95 -46.00 14.94 -35.08
C GLY YA 95 -46.07 14.86 -33.56
N LYS YA 96 -46.66 13.76 -33.08
CA LYS YA 96 -46.82 13.60 -31.64
C LYS YA 96 -45.50 13.20 -30.99
N GLU YA 97 -44.74 12.31 -31.61
CA GLU YA 97 -43.49 11.81 -31.06
C GLU YA 97 -42.32 12.28 -31.90
N ASP YA 98 -41.12 12.20 -31.32
CA ASP YA 98 -39.90 12.73 -31.93
C ASP YA 98 -38.99 11.58 -32.37
N ALA YA 99 -38.16 11.86 -33.37
CA ALA YA 99 -37.19 10.87 -33.82
C ALA YA 99 -36.10 10.64 -32.78
N ALA YA 100 -35.78 11.66 -31.99
CA ALA YA 100 -34.87 11.55 -30.85
C ALA YA 100 -33.47 11.11 -31.29
N ASN YA 101 -32.88 11.93 -32.16
CA ASN YA 101 -31.50 11.74 -32.62
C ASN YA 101 -31.24 10.29 -33.03
N ASN YA 102 -32.10 9.77 -33.89
CA ASN YA 102 -32.00 8.37 -34.30
C ASN YA 102 -32.46 8.29 -35.75
N PHE YA 103 -31.53 8.01 -36.65
CA PHE YA 103 -31.87 7.91 -38.06
C PHE YA 103 -32.94 6.86 -38.30
N ALA YA 104 -32.91 5.76 -37.54
CA ALA YA 104 -33.87 4.69 -37.75
C ALA YA 104 -35.29 5.17 -37.48
N ARG YA 105 -35.49 5.95 -36.42
CA ARG YA 105 -36.82 6.47 -36.13
C ARG YA 105 -37.25 7.50 -37.16
N GLY YA 106 -36.35 8.40 -37.55
CA GLY YA 106 -36.69 9.40 -38.53
C GLY YA 106 -36.93 8.83 -39.91
N HIS YA 107 -36.33 7.68 -40.21
CA HIS YA 107 -36.39 7.09 -41.55
C HIS YA 107 -37.36 5.92 -41.64
N TYR YA 108 -37.32 5.01 -40.68
CA TYR YA 108 -38.07 3.76 -40.78
C TYR YA 108 -39.38 3.78 -40.00
N THR YA 109 -39.32 4.06 -38.70
CA THR YA 109 -40.48 3.85 -37.84
C THR YA 109 -41.50 4.99 -37.98
N ILE YA 110 -41.09 6.22 -37.67
CA ILE YA 110 -42.03 7.32 -37.58
C ILE YA 110 -42.23 8.02 -38.92
N GLY YA 111 -41.16 8.22 -39.68
CA GLY YA 111 -41.27 8.99 -40.91
C GLY YA 111 -42.25 8.43 -41.91
N LYS YA 112 -42.43 7.11 -41.91
CA LYS YA 112 -43.21 6.48 -42.97
C LYS YA 112 -44.69 6.77 -42.89
N GLU YA 113 -45.17 7.41 -41.82
CA GLU YA 113 -46.60 7.61 -41.65
C GLU YA 113 -47.02 9.07 -41.81
N ILE YA 114 -46.09 9.99 -42.03
CA ILE YA 114 -46.44 11.38 -42.29
C ILE YA 114 -45.91 11.89 -43.62
N VAL YA 115 -45.11 11.11 -44.34
CA VAL YA 115 -44.68 11.54 -45.66
C VAL YA 115 -45.87 11.70 -46.58
N ASP YA 116 -46.81 10.76 -46.53
CA ASP YA 116 -48.02 10.87 -47.33
C ASP YA 116 -48.72 12.20 -47.10
N LEU YA 117 -48.74 12.66 -45.85
CA LEU YA 117 -49.31 13.96 -45.54
C LEU YA 117 -48.50 15.08 -46.17
N ALA YA 118 -47.18 15.07 -45.96
CA ALA YA 118 -46.33 16.12 -46.51
C ALA YA 118 -46.33 16.10 -48.03
N LEU YA 119 -46.28 14.91 -48.63
CA LEU YA 119 -46.26 14.83 -50.09
C LEU YA 119 -47.53 15.41 -50.69
N ASP YA 120 -48.69 15.14 -50.10
CA ASP YA 120 -49.91 15.73 -50.63
C ASP YA 120 -49.92 17.24 -50.47
N ARG YA 121 -49.23 17.75 -49.44
CA ARG YA 121 -49.10 19.19 -49.30
C ARG YA 121 -48.24 19.78 -50.41
N ILE YA 122 -47.16 19.09 -50.77
CA ILE YA 122 -46.32 19.56 -51.87
C ILE YA 122 -47.09 19.50 -53.18
N ARG YA 123 -47.86 18.42 -53.39
CA ARG YA 123 -48.61 18.29 -54.62
C ARG YA 123 -49.53 19.48 -54.83
N LYS YA 124 -50.35 19.80 -53.82
CA LYS YA 124 -51.24 20.95 -53.93
C LYS YA 124 -50.45 22.27 -53.97
N LEU YA 125 -49.22 22.28 -53.48
CA LEU YA 125 -48.42 23.49 -53.49
C LEU YA 125 -47.66 23.67 -54.79
N ALA YA 126 -47.55 22.62 -55.61
CA ALA YA 126 -46.95 22.73 -56.92
C ALA YA 126 -47.97 22.83 -58.05
N ASP YA 127 -49.23 22.46 -57.79
CA ASP YA 127 -50.26 22.62 -58.81
C ASP YA 127 -50.48 24.09 -59.15
N ASN YA 128 -50.53 24.95 -58.14
CA ASN YA 128 -50.76 26.36 -58.38
C ASN YA 128 -49.59 27.03 -59.07
N CYS YA 129 -48.46 26.34 -59.16
CA CYS YA 129 -47.31 26.88 -59.89
C CYS YA 129 -47.52 26.67 -61.38
N THR YA 130 -46.96 27.61 -62.17
CA THR YA 130 -46.89 27.47 -63.62
C THR YA 130 -45.51 27.02 -64.07
N GLY YA 131 -44.47 27.72 -63.65
CA GLY YA 131 -43.11 27.28 -63.89
C GLY YA 131 -42.35 27.10 -62.60
N LEU YA 132 -42.05 25.84 -62.26
CA LEU YA 132 -41.37 25.51 -61.01
C LEU YA 132 -39.89 25.29 -61.31
N GLN YA 133 -39.04 26.20 -60.81
CA GLN YA 133 -37.61 26.04 -61.03
C GLN YA 133 -37.07 24.81 -60.32
N GLY YA 134 -37.34 24.69 -59.03
CA GLY YA 134 -36.90 23.54 -58.29
C GLY YA 134 -37.08 23.76 -56.81
N PHE YA 135 -36.95 22.66 -56.07
CA PHE YA 135 -37.14 22.71 -54.63
C PHE YA 135 -35.90 23.27 -53.96
N LEU YA 136 -36.03 23.51 -52.65
CA LEU YA 136 -34.97 24.14 -51.85
C LEU YA 136 -35.04 23.53 -50.46
N VAL YA 137 -34.26 22.49 -50.22
CA VAL YA 137 -34.38 21.70 -49.00
C VAL YA 137 -33.40 22.22 -47.96
N PHE YA 138 -33.92 22.56 -46.79
CA PHE YA 138 -33.12 22.99 -45.65
C PHE YA 138 -33.07 21.86 -44.64
N ASN YA 139 -31.87 21.43 -44.29
CA ASN YA 139 -31.67 20.29 -43.43
C ASN YA 139 -30.59 20.60 -42.41
N ALA YA 140 -30.48 19.73 -41.41
CA ALA YA 140 -29.43 19.80 -40.40
C ALA YA 140 -28.95 18.37 -40.17
N VAL YA 141 -27.93 17.97 -40.93
CA VAL YA 141 -27.44 16.61 -40.88
C VAL YA 141 -26.86 16.34 -39.50
N GLY YA 142 -27.43 15.37 -38.79
CA GLY YA 142 -26.98 15.09 -37.45
C GLY YA 142 -28.09 14.73 -36.49
N GLY YA 143 -29.33 15.05 -36.84
CA GLY YA 143 -30.49 14.70 -36.06
C GLY YA 143 -31.29 13.58 -36.69
N GLY YA 144 -32.30 13.13 -35.95
CA GLY YA 144 -33.16 12.08 -36.44
C GLY YA 144 -34.16 12.62 -37.44
N THR YA 145 -34.76 13.76 -37.13
CA THR YA 145 -35.74 14.34 -38.04
C THR YA 145 -35.07 14.87 -39.29
N GLY YA 146 -33.93 15.57 -39.12
CA GLY YA 146 -33.29 16.18 -40.27
C GLY YA 146 -32.75 15.15 -41.25
N SER YA 147 -32.06 14.14 -40.74
CA SER YA 147 -31.45 13.14 -41.61
C SER YA 147 -32.41 11.98 -41.92
N GLY YA 148 -33.06 11.45 -40.91
CA GLY YA 148 -33.96 10.33 -41.11
C GLY YA 148 -35.12 10.67 -42.03
N LEU YA 149 -35.90 11.68 -41.65
CA LEU YA 149 -37.04 12.05 -42.48
C LEU YA 149 -36.60 12.82 -43.71
N GLY YA 150 -35.57 13.66 -43.58
CA GLY YA 150 -35.09 14.42 -44.72
C GLY YA 150 -34.68 13.52 -45.88
N SER YA 151 -33.97 12.44 -45.58
CA SER YA 151 -33.59 11.49 -46.62
C SER YA 151 -34.80 10.76 -47.17
N LEU YA 152 -35.68 10.29 -46.29
CA LEU YA 152 -36.90 9.61 -46.73
C LEU YA 152 -37.75 10.50 -47.61
N LEU YA 153 -37.65 11.81 -47.43
CA LEU YA 153 -38.44 12.72 -48.26
C LEU YA 153 -37.90 12.78 -49.68
N LEU YA 154 -36.59 12.97 -49.82
CA LEU YA 154 -36.01 13.20 -51.15
C LEU YA 154 -36.26 12.01 -52.08
N GLU YA 155 -36.19 10.78 -51.56
CA GLU YA 155 -36.54 9.63 -52.38
C GLU YA 155 -37.95 9.75 -52.90
N ARG YA 156 -38.89 10.15 -52.05
CA ARG YA 156 -40.27 10.33 -52.49
C ARG YA 156 -40.40 11.50 -53.46
N LEU YA 157 -39.49 12.46 -53.41
CA LEU YA 157 -39.50 13.55 -54.38
C LEU YA 157 -38.91 13.10 -55.71
N SER YA 158 -37.86 12.27 -55.67
CA SER YA 158 -37.20 11.89 -56.92
C SER YA 158 -38.08 10.98 -57.76
N VAL YA 159 -38.75 10.01 -57.14
CA VAL YA 159 -39.60 9.10 -57.90
C VAL YA 159 -40.82 9.82 -58.47
N ASP YA 160 -41.18 10.97 -57.92
CA ASP YA 160 -42.33 11.72 -58.42
C ASP YA 160 -41.92 12.68 -59.53
N TYR YA 161 -40.95 13.55 -59.27
CA TYR YA 161 -40.55 14.55 -60.25
C TYR YA 161 -39.34 14.09 -61.05
N GLY YA 162 -38.22 13.85 -60.38
CA GLY YA 162 -37.03 13.35 -61.06
C GLY YA 162 -36.38 14.40 -61.95
N LYS YA 163 -37.13 14.90 -62.93
CA LYS YA 163 -36.61 15.93 -63.82
C LYS YA 163 -36.45 17.27 -63.11
N LYS YA 164 -37.14 17.45 -61.99
CA LYS YA 164 -37.01 18.69 -61.24
C LYS YA 164 -35.66 18.72 -60.54
N SER YA 165 -35.23 19.93 -60.20
CA SER YA 165 -33.94 20.15 -59.54
C SER YA 165 -34.15 20.34 -58.04
N LYS YA 166 -33.32 19.67 -57.25
CA LYS YA 166 -33.35 19.79 -55.80
C LYS YA 166 -32.04 20.36 -55.29
N LEU YA 167 -32.13 21.21 -54.29
CA LEU YA 167 -30.96 21.81 -53.66
C LEU YA 167 -30.97 21.53 -52.17
N GLY YA 168 -29.78 21.38 -51.60
CA GLY YA 168 -29.67 21.12 -50.18
C GLY YA 168 -28.68 22.02 -49.48
N PHE YA 169 -29.17 22.88 -48.60
CA PHE YA 169 -28.32 23.73 -47.77
C PHE YA 169 -28.11 23.10 -46.40
N THR YA 170 -27.60 21.87 -46.42
CA THR YA 170 -27.54 21.05 -45.22
C THR YA 170 -26.41 21.52 -44.32
N VAL YA 171 -26.76 21.87 -43.07
CA VAL YA 171 -25.75 22.14 -42.06
C VAL YA 171 -25.02 20.84 -41.74
N TYR YA 172 -23.72 20.95 -41.53
CA TYR YA 172 -22.88 19.77 -41.45
C TYR YA 172 -22.23 19.67 -40.07
N PRO YA 173 -22.01 18.46 -39.55
CA PRO YA 173 -21.41 18.31 -38.22
C PRO YA 173 -20.00 18.87 -38.19
N SER YA 174 -19.71 19.66 -37.16
CA SER YA 174 -18.44 20.34 -37.01
C SER YA 174 -17.38 19.39 -36.45
N PRO YA 175 -16.11 19.60 -36.83
CA PRO YA 175 -15.04 18.72 -36.33
C PRO YA 175 -14.88 18.78 -34.82
N GLN YA 176 -14.67 19.98 -34.28
CA GLN YA 176 -14.45 20.13 -32.84
C GLN YA 176 -15.75 20.28 -32.08
N VAL YA 177 -16.52 21.33 -32.39
CA VAL YA 177 -17.77 21.59 -31.70
C VAL YA 177 -18.82 20.59 -32.15
N SER YA 178 -19.54 20.02 -31.19
CA SER YA 178 -20.60 19.06 -31.53
C SER YA 178 -21.61 19.04 -30.40
N THR YA 179 -22.86 19.35 -30.72
CA THR YA 179 -23.94 19.36 -29.75
C THR YA 179 -24.61 18.00 -29.61
N ALA YA 180 -23.93 16.94 -30.01
CA ALA YA 180 -24.47 15.59 -29.90
C ALA YA 180 -23.30 14.62 -29.80
N VAL YA 181 -23.62 13.34 -29.67
CA VAL YA 181 -22.60 12.30 -29.57
C VAL YA 181 -22.75 11.24 -30.63
N VAL YA 182 -23.94 11.01 -31.17
CA VAL YA 182 -24.17 9.99 -32.17
C VAL YA 182 -24.29 10.59 -33.57
N GLU YA 183 -23.93 11.86 -33.73
CA GLU YA 183 -24.08 12.47 -35.05
C GLU YA 183 -23.14 11.90 -36.10
N PRO YA 184 -21.96 11.36 -35.76
CA PRO YA 184 -21.20 10.63 -36.79
C PRO YA 184 -22.00 9.53 -37.46
N TYR YA 185 -22.80 8.79 -36.71
CA TYR YA 185 -23.63 7.75 -37.32
C TYR YA 185 -24.66 8.33 -38.27
N ASN YA 186 -25.62 9.08 -37.74
CA ASN YA 186 -26.77 9.49 -38.55
C ASN YA 186 -26.39 10.50 -39.62
N SER YA 187 -25.20 11.09 -39.56
CA SER YA 187 -24.72 11.89 -40.67
C SER YA 187 -24.37 11.00 -41.86
N VAL YA 188 -23.49 10.03 -41.64
CA VAL YA 188 -23.14 9.06 -42.67
C VAL YA 188 -24.40 8.42 -43.24
N LEU YA 189 -25.32 8.01 -42.37
CA LEU YA 189 -26.56 7.41 -42.82
C LEU YA 189 -27.37 8.33 -43.71
N SER YA 190 -27.16 9.64 -43.60
CA SER YA 190 -27.92 10.58 -44.42
C SER YA 190 -27.34 10.68 -45.82
N THR YA 191 -26.02 10.89 -45.92
CA THR YA 191 -25.38 11.13 -47.21
C THR YA 191 -25.68 10.02 -48.20
N HIS YA 192 -25.40 8.77 -47.80
CA HIS YA 192 -25.63 7.62 -48.68
C HIS YA 192 -27.04 7.61 -49.24
N SER YA 193 -28.00 8.21 -48.51
CA SER YA 193 -29.38 8.26 -48.95
C SER YA 193 -29.69 9.50 -49.78
N LEU YA 194 -29.18 10.67 -49.39
CA LEU YA 194 -29.47 11.88 -50.15
C LEU YA 194 -28.69 11.93 -51.46
N LEU YA 195 -27.51 11.31 -51.50
CA LEU YA 195 -26.58 11.51 -52.60
C LEU YA 195 -27.22 11.23 -53.95
N GLU YA 196 -27.82 10.05 -54.11
CA GLU YA 196 -28.44 9.72 -55.38
C GLU YA 196 -29.70 10.51 -55.65
N HIS YA 197 -30.13 11.35 -54.73
CA HIS YA 197 -31.41 12.05 -54.86
C HIS YA 197 -31.29 13.55 -54.96
N THR YA 198 -30.39 14.17 -54.21
CA THR YA 198 -30.19 15.60 -54.35
C THR YA 198 -29.37 15.90 -55.60
N ASP YA 199 -29.65 17.05 -56.21
CA ASP YA 199 -28.96 17.44 -57.43
C ASP YA 199 -27.79 18.38 -57.20
N VAL YA 200 -27.78 19.08 -56.07
CA VAL YA 200 -26.62 19.86 -55.65
C VAL YA 200 -26.80 20.17 -54.18
N ALA YA 201 -25.69 20.15 -53.44
CA ALA YA 201 -25.74 20.24 -51.98
C ALA YA 201 -24.70 21.22 -51.49
N VAL YA 202 -25.15 22.38 -51.05
CA VAL YA 202 -24.29 23.36 -50.40
C VAL YA 202 -24.14 22.96 -48.95
N MET YA 203 -22.91 22.96 -48.46
CA MET YA 203 -22.64 22.59 -47.08
C MET YA 203 -22.09 23.78 -46.31
N LEU YA 204 -22.36 23.79 -45.02
CA LEU YA 204 -21.90 24.87 -44.16
C LEU YA 204 -21.93 24.38 -42.73
N ASP YA 205 -21.10 24.98 -41.89
CA ASP YA 205 -20.78 24.43 -40.58
C ASP YA 205 -21.16 25.43 -39.48
N ASN YA 206 -21.54 24.90 -38.31
CA ASN YA 206 -21.85 25.77 -37.20
C ASN YA 206 -20.60 26.41 -36.62
N GLU YA 207 -19.44 25.76 -36.77
CA GLU YA 207 -18.23 26.27 -36.16
C GLU YA 207 -17.58 27.38 -36.98
N ALA YA 208 -17.50 27.19 -38.30
CA ALA YA 208 -16.87 28.20 -39.14
C ALA YA 208 -17.65 29.51 -39.12
N ILE YA 209 -18.96 29.45 -38.93
CA ILE YA 209 -19.73 30.69 -38.82
C ILE YA 209 -19.52 31.37 -37.48
N TYR YA 210 -19.12 30.61 -36.45
CA TYR YA 210 -18.81 31.24 -35.17
C TYR YA 210 -17.62 32.17 -35.30
N ASP YA 211 -16.62 31.77 -36.07
CA ASP YA 211 -15.40 32.58 -36.19
C ASP YA 211 -15.65 33.82 -37.05
N ILE YA 212 -16.34 33.65 -38.17
CA ILE YA 212 -16.77 34.81 -38.96
C ILE YA 212 -17.51 35.79 -38.06
N CYS YA 213 -18.32 35.27 -37.14
CA CYS YA 213 -18.97 36.12 -36.16
C CYS YA 213 -17.97 36.70 -35.16
N ARG YA 214 -16.86 36.02 -34.93
CA ARG YA 214 -15.88 36.47 -33.95
C ARG YA 214 -14.89 37.46 -34.54
N ARG YA 215 -14.34 37.18 -35.72
CA ARG YA 215 -13.34 38.07 -36.31
C ARG YA 215 -13.98 39.31 -36.90
N SER YA 216 -14.88 39.13 -37.86
CA SER YA 216 -15.39 40.26 -38.62
C SER YA 216 -16.42 41.06 -37.84
N LEU YA 217 -17.54 40.43 -37.49
CA LEU YA 217 -18.59 41.14 -36.76
C LEU YA 217 -18.17 41.44 -35.33
N ASP YA 218 -17.17 40.73 -34.80
CA ASP YA 218 -16.62 40.97 -33.48
C ASP YA 218 -17.70 40.86 -32.41
N ILE YA 219 -18.45 39.76 -32.44
CA ILE YA 219 -19.50 39.49 -31.47
C ILE YA 219 -18.96 38.48 -30.48
N GLU YA 220 -19.11 38.78 -29.19
CA GLU YA 220 -18.66 37.93 -28.11
C GLU YA 220 -19.72 36.95 -27.64
N ARG YA 221 -20.98 37.16 -28.01
CA ARG YA 221 -22.09 36.33 -27.56
C ARG YA 221 -22.89 35.85 -28.76
N PRO YA 222 -22.30 35.02 -29.62
CA PRO YA 222 -23.07 34.50 -30.75
C PRO YA 222 -24.08 33.45 -30.29
N THR YA 223 -25.10 33.28 -31.12
CA THR YA 223 -26.19 32.37 -30.83
C THR YA 223 -26.73 31.88 -32.17
N TYR YA 224 -27.49 30.79 -32.14
CA TYR YA 224 -28.09 30.28 -33.37
C TYR YA 224 -28.87 31.36 -34.10
N THR YA 225 -29.44 32.32 -33.37
CA THR YA 225 -30.14 33.42 -34.01
C THR YA 225 -29.18 34.39 -34.68
N ASN YA 226 -27.88 34.31 -34.39
CA ASN YA 226 -26.92 35.14 -35.11
C ASN YA 226 -26.41 34.45 -36.35
N LEU YA 227 -26.26 33.13 -36.30
CA LEU YA 227 -25.86 32.39 -37.49
C LEU YA 227 -26.97 32.34 -38.51
N ASN YA 228 -28.19 32.04 -38.07
CA ASN YA 228 -29.32 31.92 -38.99
C ASN YA 228 -29.52 33.19 -39.81
N ARG YA 229 -29.10 34.35 -39.29
CA ARG YA 229 -29.18 35.56 -40.08
C ARG YA 229 -28.26 35.53 -41.28
N LEU YA 230 -27.11 34.88 -41.16
CA LEU YA 230 -26.16 34.84 -42.27
C LEU YA 230 -26.69 34.00 -43.42
N ILE YA 231 -27.26 32.84 -43.10
CA ILE YA 231 -27.79 31.97 -44.14
C ILE YA 231 -28.90 32.68 -44.92
N ALA YA 232 -29.68 33.52 -44.23
CA ALA YA 232 -30.64 34.36 -44.93
C ALA YA 232 -29.95 35.25 -45.95
N GLN YA 233 -28.77 35.76 -45.61
CA GLN YA 233 -28.07 36.66 -46.53
C GLN YA 233 -27.57 35.93 -47.75
N VAL YA 234 -27.14 34.67 -47.59
CA VAL YA 234 -26.65 33.91 -48.73
C VAL YA 234 -27.77 33.64 -49.72
N ILE YA 235 -28.84 32.99 -49.24
CA ILE YA 235 -29.93 32.59 -50.14
C ILE YA 235 -30.63 33.80 -50.72
N SER YA 236 -30.63 34.93 -50.01
CA SER YA 236 -31.13 36.16 -50.61
C SER YA 236 -30.28 36.54 -51.81
N SER YA 237 -28.95 36.50 -51.64
CA SER YA 237 -28.05 36.80 -52.75
C SER YA 237 -28.08 35.74 -53.83
N LEU YA 238 -28.45 34.51 -53.49
CA LEU YA 238 -28.43 33.43 -54.47
C LEU YA 238 -29.63 33.50 -55.40
N THR YA 239 -30.82 33.63 -54.82
CA THR YA 239 -32.05 33.67 -55.60
C THR YA 239 -32.40 35.07 -56.10
N ALA YA 240 -31.50 36.04 -55.93
CA ALA YA 240 -31.79 37.40 -56.38
C ALA YA 240 -32.05 37.45 -57.87
N SER YA 241 -31.26 36.71 -58.65
CA SER YA 241 -31.47 36.68 -60.10
C SER YA 241 -32.79 36.06 -60.50
N LEU YA 242 -33.45 35.35 -59.58
CA LEU YA 242 -34.77 34.81 -59.86
C LEU YA 242 -35.85 35.89 -59.73
N ARG YA 243 -35.71 36.77 -58.74
CA ARG YA 243 -36.76 37.72 -58.39
C ARG YA 243 -36.31 39.16 -58.54
N PHE YA 244 -35.26 39.42 -59.33
CA PHE YA 244 -34.78 40.77 -59.53
C PHE YA 244 -34.12 40.87 -60.89
N ASP YA 245 -33.91 42.09 -61.34
CA ASP YA 245 -33.27 42.33 -62.62
C ASP YA 245 -31.78 42.62 -62.42
N GLY YA 246 -31.04 42.57 -63.50
CA GLY YA 246 -29.62 42.83 -63.48
C GLY YA 246 -28.94 42.06 -64.60
N ALA YA 247 -27.81 42.59 -65.05
CA ALA YA 247 -27.03 41.93 -66.07
C ALA YA 247 -26.52 40.58 -65.55
N LEU YA 248 -26.35 39.63 -66.47
CA LEU YA 248 -25.86 38.30 -66.15
C LEU YA 248 -26.77 37.60 -65.14
N ASN YA 249 -28.02 37.42 -65.53
CA ASN YA 249 -28.95 36.63 -64.73
C ASN YA 249 -28.45 35.20 -64.61
N VAL YA 250 -28.82 34.54 -63.51
CA VAL YA 250 -28.41 33.17 -63.26
C VAL YA 250 -29.59 32.40 -62.70
N ASP YA 251 -30.07 31.40 -63.44
CA ASP YA 251 -31.14 30.54 -63.00
C ASP YA 251 -30.55 29.32 -62.30
N ILE YA 252 -31.41 28.58 -61.59
CA ILE YA 252 -30.97 27.37 -60.90
C ILE YA 252 -30.37 26.39 -61.89
N THR YA 253 -31.07 26.15 -63.00
CA THR YA 253 -30.57 25.23 -64.02
C THR YA 253 -29.21 25.65 -64.54
N GLU YA 254 -29.09 26.91 -64.97
CA GLU YA 254 -27.81 27.43 -65.42
C GLU YA 254 -26.77 27.35 -64.30
N PHE YA 255 -27.22 27.35 -63.06
CA PHE YA 255 -26.31 27.31 -61.91
C PHE YA 255 -25.79 25.91 -61.65
N GLN YA 256 -26.51 24.90 -62.11
CA GLN YA 256 -26.23 23.51 -61.76
C GLN YA 256 -25.40 22.79 -62.82
N THR YA 257 -25.57 23.14 -64.09
CA THR YA 257 -24.84 22.44 -65.14
C THR YA 257 -23.35 22.77 -65.08
N ASN YA 258 -23.00 24.06 -64.97
CA ASN YA 258 -21.61 24.48 -65.02
C ASN YA 258 -20.97 24.58 -63.65
N LEU YA 259 -21.43 23.79 -62.69
CA LEU YA 259 -20.79 23.75 -61.37
C LEU YA 259 -20.58 22.34 -60.85
N VAL YA 260 -21.20 21.33 -61.45
CA VAL YA 260 -21.08 19.94 -61.00
C VAL YA 260 -20.48 19.13 -62.15
N PRO YA 261 -19.17 18.89 -62.16
CA PRO YA 261 -18.57 18.19 -63.31
C PRO YA 261 -18.94 16.72 -63.40
N TYR YA 262 -18.96 16.00 -62.30
CA TYR YA 262 -19.29 14.58 -62.31
C TYR YA 262 -20.53 14.32 -61.48
N PRO YA 263 -21.29 13.27 -61.78
CA PRO YA 263 -22.62 13.11 -61.19
C PRO YA 263 -22.64 13.09 -59.67
N ARG YA 264 -21.53 12.78 -59.01
CA ARG YA 264 -21.53 12.65 -57.56
C ARG YA 264 -20.77 13.76 -56.85
N ILE YA 265 -19.86 14.46 -57.52
CA ILE YA 265 -19.15 15.56 -56.90
C ILE YA 265 -20.05 16.80 -57.00
N HIS YA 266 -20.81 17.06 -55.94
CA HIS YA 266 -21.63 18.26 -55.90
C HIS YA 266 -21.55 18.94 -54.54
N PHE YA 267 -20.71 18.46 -53.62
CA PHE YA 267 -20.58 19.06 -52.29
C PHE YA 267 -19.70 20.28 -52.40
N MET YA 268 -20.31 21.46 -52.31
CA MET YA 268 -19.64 22.72 -52.56
C MET YA 268 -19.66 23.61 -51.33
N LEU YA 269 -18.63 24.45 -51.23
CA LEU YA 269 -18.45 25.36 -50.11
C LEU YA 269 -19.29 26.62 -50.33
N SER YA 270 -19.04 27.63 -49.50
CA SER YA 270 -19.75 28.91 -49.61
C SER YA 270 -18.91 29.98 -48.94
N SER YA 271 -19.29 31.23 -49.16
CA SER YA 271 -18.61 32.37 -48.57
C SER YA 271 -19.42 33.62 -48.85
N TYR YA 272 -19.24 34.64 -48.02
CA TYR YA 272 -19.96 35.90 -48.17
C TYR YA 272 -19.05 37.04 -47.76
N ALA YA 273 -19.24 38.19 -48.40
CA ALA YA 273 -18.46 39.37 -48.12
C ALA YA 273 -19.14 40.57 -48.76
N PRO YA 274 -19.10 41.75 -48.13
CA PRO YA 274 -18.43 42.00 -46.86
C PRO YA 274 -19.30 41.66 -45.67
N ILE YA 275 -18.67 41.34 -44.54
CA ILE YA 275 -19.36 41.07 -43.29
C ILE YA 275 -18.76 42.01 -42.27
N ILE YA 276 -19.44 43.11 -41.97
CA ILE YA 276 -18.91 44.19 -41.16
C ILE YA 276 -20.05 44.78 -40.33
N SER YA 277 -19.68 45.61 -39.36
CA SER YA 277 -20.65 46.26 -38.49
C SER YA 277 -20.92 47.67 -39.00
N ALA YA 278 -21.72 48.43 -38.26
CA ALA YA 278 -22.09 49.76 -38.72
C ALA YA 278 -20.95 50.75 -38.59
N GLU YA 279 -19.94 50.43 -37.77
CA GLU YA 279 -18.87 51.38 -37.51
C GLU YA 279 -17.83 51.37 -38.62
N LYS YA 280 -17.31 50.19 -38.95
CA LYS YA 280 -16.35 50.11 -40.06
C LYS YA 280 -17.02 50.44 -41.39
N ALA YA 281 -18.32 50.19 -41.50
CA ALA YA 281 -18.98 50.21 -42.81
C ALA YA 281 -18.75 51.53 -43.54
N TYR YA 282 -18.77 52.64 -42.82
CA TYR YA 282 -18.85 53.94 -43.48
C TYR YA 282 -17.52 54.67 -43.57
N HIS YA 283 -16.47 54.16 -42.94
CA HIS YA 283 -15.12 54.68 -43.21
C HIS YA 283 -14.43 53.85 -44.29
N GLU YA 284 -15.16 53.52 -45.35
CA GLU YA 284 -14.66 52.61 -46.37
C GLU YA 284 -15.35 52.92 -47.68
N GLN YA 285 -14.91 52.23 -48.73
CA GLN YA 285 -15.52 52.33 -50.04
C GLN YA 285 -15.99 50.99 -50.57
N LEU YA 286 -15.43 49.89 -50.09
CA LEU YA 286 -15.81 48.53 -50.48
C LEU YA 286 -15.76 48.37 -52.00
N SER YA 287 -14.55 48.53 -52.53
CA SER YA 287 -14.36 48.34 -53.96
C SER YA 287 -14.72 46.92 -54.36
N VAL YA 288 -15.08 46.75 -55.62
CA VAL YA 288 -15.34 45.40 -56.15
C VAL YA 288 -14.10 44.53 -56.00
N ALA YA 289 -12.92 45.15 -55.99
CA ALA YA 289 -11.67 44.40 -55.91
C ALA YA 289 -11.45 43.83 -54.51
N GLU YA 290 -11.62 44.65 -53.47
CA GLU YA 290 -11.36 44.17 -52.13
C GLU YA 290 -12.43 43.20 -51.64
N ILE YA 291 -13.65 43.29 -52.16
CA ILE YA 291 -14.69 42.34 -51.77
C ILE YA 291 -14.37 40.95 -52.29
N THR YA 292 -14.00 40.85 -53.57
CA THR YA 292 -13.72 39.55 -54.14
C THR YA 292 -12.39 38.97 -53.66
N ASN YA 293 -11.63 39.71 -52.86
CA ASN YA 293 -10.46 39.12 -52.22
C ASN YA 293 -10.85 38.41 -50.93
N ALA YA 294 -11.67 39.07 -50.10
CA ALA YA 294 -12.18 38.42 -48.89
C ALA YA 294 -13.03 37.21 -49.23
N ALA YA 295 -13.70 37.22 -50.39
CA ALA YA 295 -14.50 36.07 -50.80
C ALA YA 295 -13.64 34.82 -50.93
N PHE YA 296 -12.46 34.97 -51.52
CA PHE YA 296 -11.53 33.85 -51.70
C PHE YA 296 -10.55 33.72 -50.55
N GLU YA 297 -10.89 34.16 -49.41
CA GLU YA 297 -9.99 33.91 -48.31
C GLU YA 297 -10.39 32.62 -47.60
N PRO YA 298 -9.44 31.91 -46.99
CA PRO YA 298 -9.80 30.69 -46.26
C PRO YA 298 -10.57 30.96 -44.98
N ALA YA 299 -10.47 32.18 -44.43
CA ALA YA 299 -11.20 32.50 -43.22
C ALA YA 299 -12.67 32.76 -43.49
N SER YA 300 -13.00 33.32 -44.65
CA SER YA 300 -14.38 33.65 -44.97
C SER YA 300 -15.19 32.44 -45.43
N MET YA 301 -14.64 31.24 -45.34
CA MET YA 301 -15.42 30.06 -45.65
C MET YA 301 -16.39 29.78 -44.50
N MET YA 302 -17.49 29.10 -44.84
CA MET YA 302 -18.48 28.71 -43.85
C MET YA 302 -18.39 27.23 -43.50
N VAL YA 303 -17.38 26.53 -44.00
CA VAL YA 303 -17.11 25.15 -43.63
C VAL YA 303 -15.69 25.10 -43.08
N LYS YA 304 -15.47 24.23 -42.09
CA LYS YA 304 -14.12 24.07 -41.55
C LYS YA 304 -13.27 23.21 -42.47
N CYS YA 305 -13.16 23.62 -43.73
CA CYS YA 305 -12.25 23.00 -44.69
C CYS YA 305 -11.25 24.04 -45.16
N ASP YA 306 -10.00 23.63 -45.34
CA ASP YA 306 -8.98 24.53 -45.82
C ASP YA 306 -8.85 24.36 -47.32
N PRO YA 307 -9.26 25.35 -48.12
CA PRO YA 307 -9.16 25.19 -49.58
C PRO YA 307 -7.73 25.21 -50.10
N ARG YA 308 -6.77 25.66 -49.29
CA ARG YA 308 -5.40 25.73 -49.77
C ARG YA 308 -4.72 24.36 -49.84
N HIS YA 309 -5.34 23.32 -49.29
CA HIS YA 309 -4.83 21.96 -49.44
C HIS YA 309 -5.37 21.27 -50.67
N GLY YA 310 -6.25 21.93 -51.42
CA GLY YA 310 -6.79 21.35 -52.64
C GLY YA 310 -6.79 22.36 -53.76
N LYS YA 311 -7.55 22.06 -54.81
CA LYS YA 311 -7.64 22.92 -55.97
C LYS YA 311 -9.10 23.16 -56.29
N TYR YA 312 -9.37 24.26 -57.00
CA TYR YA 312 -10.73 24.68 -57.29
C TYR YA 312 -11.16 24.07 -58.61
N MET YA 313 -12.30 23.39 -58.60
CA MET YA 313 -12.84 22.85 -59.83
C MET YA 313 -13.76 23.83 -60.53
N ALA YA 314 -14.33 24.79 -59.80
CA ALA YA 314 -15.16 25.85 -60.38
C ALA YA 314 -15.50 26.83 -59.27
N CYS YA 315 -15.98 28.01 -59.68
CA CYS YA 315 -16.39 29.05 -58.75
C CYS YA 315 -17.55 29.81 -59.36
N CYS YA 316 -18.47 30.24 -58.50
CA CYS YA 316 -19.62 31.02 -58.93
C CYS YA 316 -19.71 32.24 -58.04
N LEU YA 317 -19.82 33.42 -58.64
CA LEU YA 317 -19.75 34.69 -57.91
C LEU YA 317 -21.02 35.48 -58.19
N MET YA 318 -21.95 35.48 -57.24
CA MET YA 318 -23.14 36.31 -57.32
C MET YA 318 -22.82 37.65 -56.69
N TYR YA 319 -22.58 38.66 -57.52
CA TYR YA 319 -22.43 40.01 -57.02
C TYR YA 319 -23.81 40.60 -56.73
N ARG YA 320 -23.82 41.71 -56.02
CA ARG YA 320 -25.10 42.29 -55.60
C ARG YA 320 -24.87 43.75 -55.22
N GLY YA 321 -25.76 44.62 -55.70
CA GLY YA 321 -25.63 46.04 -55.49
C GLY YA 321 -25.28 46.75 -56.78
N ASP YA 322 -24.44 47.78 -56.65
CA ASP YA 322 -23.96 48.51 -57.82
C ASP YA 322 -22.58 47.97 -58.18
N VAL YA 323 -22.54 47.08 -59.16
CA VAL YA 323 -21.30 46.53 -59.68
C VAL YA 323 -21.34 46.63 -61.19
N VAL YA 324 -20.22 47.03 -61.78
CA VAL YA 324 -20.11 47.12 -63.23
C VAL YA 324 -19.32 45.91 -63.72
N PRO YA 325 -19.66 45.34 -64.88
CA PRO YA 325 -19.03 44.08 -65.30
C PRO YA 325 -17.55 44.18 -65.51
N LYS YA 326 -16.99 45.38 -65.67
CA LYS YA 326 -15.55 45.47 -65.92
C LYS YA 326 -14.75 45.12 -64.67
N ASP YA 327 -15.26 45.47 -63.50
CA ASP YA 327 -14.50 45.24 -62.28
C ASP YA 327 -14.47 43.77 -61.93
N VAL YA 328 -15.60 43.07 -62.10
CA VAL YA 328 -15.60 41.63 -61.98
C VAL YA 328 -14.64 41.01 -62.98
N ASN YA 329 -14.66 41.50 -64.21
CA ASN YA 329 -13.76 41.01 -65.23
C ASN YA 329 -12.30 41.35 -64.94
N ALA YA 330 -12.05 42.40 -64.16
CA ALA YA 330 -10.68 42.81 -63.86
C ALA YA 330 -10.19 42.28 -62.53
N SER YA 331 -11.10 42.01 -61.59
CA SER YA 331 -10.69 41.49 -60.29
C SER YA 331 -10.59 39.98 -60.27
N VAL YA 332 -11.43 39.28 -61.04
CA VAL YA 332 -11.27 37.84 -61.19
C VAL YA 332 -9.94 37.53 -61.86
N ALA YA 333 -9.56 38.32 -62.86
CA ALA YA 333 -8.27 38.12 -63.52
C ALA YA 333 -7.11 38.37 -62.57
N THR YA 334 -7.33 39.19 -61.53
CA THR YA 334 -6.29 39.37 -60.52
C THR YA 334 -6.07 38.08 -59.74
N ILE YA 335 -7.13 37.30 -59.53
CA ILE YA 335 -7.05 36.13 -58.67
C ILE YA 335 -6.38 34.97 -59.41
N LYS YA 336 -6.79 34.73 -60.67
CA LYS YA 336 -6.13 33.71 -61.47
C LYS YA 336 -4.62 33.91 -61.53
N THR YA 337 -4.16 35.13 -61.32
CA THR YA 337 -2.73 35.43 -61.31
C THR YA 337 -2.08 35.06 -59.97
N LYS YA 338 -2.85 34.98 -58.90
CA LYS YA 338 -2.28 34.58 -57.62
C LYS YA 338 -1.78 33.14 -57.69
N ARG YA 339 -0.92 32.78 -56.72
CA ARG YA 339 -0.33 31.46 -56.66
C ARG YA 339 -0.93 30.57 -55.59
N THR YA 340 -1.55 31.15 -54.56
CA THR YA 340 -2.20 30.36 -53.53
C THR YA 340 -3.44 29.65 -54.06
N ILE YA 341 -4.08 30.21 -55.08
CA ILE YA 341 -5.37 29.76 -55.55
C ILE YA 341 -5.14 28.88 -56.78
N GLN YA 342 -5.22 27.57 -56.57
CA GLN YA 342 -4.94 26.60 -57.62
C GLN YA 342 -6.21 26.18 -58.33
N PHE YA 343 -6.05 25.73 -59.57
CA PHE YA 343 -7.17 25.23 -60.35
C PHE YA 343 -6.73 23.95 -61.05
N VAL YA 344 -7.54 22.90 -60.92
CA VAL YA 344 -7.23 21.66 -61.61
C VAL YA 344 -7.09 21.92 -63.10
N ASP YA 345 -6.16 21.19 -63.73
CA ASP YA 345 -5.80 21.47 -65.12
C ASP YA 345 -7.01 21.34 -66.04
N TRP YA 346 -7.89 20.42 -65.75
CA TRP YA 346 -8.98 20.19 -66.70
C TRP YA 346 -10.02 21.29 -66.68
N CYS YA 347 -9.83 22.42 -66.02
CA CYS YA 347 -10.73 23.56 -66.16
C CYS YA 347 -9.92 24.84 -66.33
N PRO YA 348 -9.61 25.22 -67.57
CA PRO YA 348 -9.01 26.54 -67.80
C PRO YA 348 -9.99 27.66 -67.49
N THR YA 349 -11.28 27.39 -67.60
CA THR YA 349 -12.33 28.27 -67.10
C THR YA 349 -12.46 28.05 -65.60
N GLY YA 350 -13.58 28.46 -65.01
CA GLY YA 350 -13.72 28.27 -63.58
C GLY YA 350 -14.52 29.34 -62.87
N PHE YA 351 -15.05 30.31 -63.60
CA PHE YA 351 -15.84 31.36 -62.99
C PHE YA 351 -17.16 31.51 -63.75
N LYS YA 352 -18.26 31.41 -63.02
CA LYS YA 352 -19.59 31.71 -63.54
C LYS YA 352 -20.08 32.93 -62.76
N CYS YA 353 -19.84 34.11 -63.32
CA CYS YA 353 -20.14 35.34 -62.60
C CYS YA 353 -21.62 35.68 -62.69
N GLY YA 354 -22.04 36.59 -61.82
CA GLY YA 354 -23.42 37.05 -61.80
C GLY YA 354 -23.51 38.40 -61.16
N ILE YA 355 -24.40 39.24 -61.69
CA ILE YA 355 -24.58 40.60 -61.20
C ILE YA 355 -26.07 40.83 -60.95
N ASN YA 356 -26.37 41.62 -59.93
CA ASN YA 356 -27.73 42.05 -59.66
C ASN YA 356 -27.72 43.52 -59.26
N TYR YA 357 -28.77 44.23 -59.65
CA TYR YA 357 -28.88 45.63 -59.31
C TYR YA 357 -29.52 45.86 -57.95
N GLN YA 358 -30.07 44.83 -57.33
CA GLN YA 358 -30.78 44.99 -56.07
C GLN YA 358 -29.86 44.75 -54.90
N PRO YA 359 -29.44 45.80 -54.19
CA PRO YA 359 -28.49 45.62 -53.10
C PRO YA 359 -29.05 44.75 -51.99
N PRO YA 360 -28.21 44.23 -51.11
CA PRO YA 360 -28.71 43.37 -50.04
C PRO YA 360 -29.47 44.18 -48.99
N THR YA 361 -30.50 43.56 -48.43
CA THR YA 361 -31.30 44.19 -47.40
C THR YA 361 -30.73 43.88 -46.02
N VAL YA 362 -31.06 44.74 -45.06
CA VAL YA 362 -30.60 44.61 -43.69
C VAL YA 362 -31.80 44.54 -42.78
N VAL YA 363 -31.74 43.65 -41.78
CA VAL YA 363 -32.81 43.53 -40.81
C VAL YA 363 -32.62 44.59 -39.72
N PRO YA 364 -33.61 45.42 -39.45
CA PRO YA 364 -33.48 46.36 -38.33
C PRO YA 364 -33.29 45.61 -37.03
N GLY YA 365 -32.39 46.15 -36.20
CA GLY YA 365 -31.99 45.40 -35.02
C GLY YA 365 -31.10 44.23 -35.32
N GLY YA 366 -30.50 44.19 -36.51
CA GLY YA 366 -29.62 43.12 -36.90
C GLY YA 366 -28.21 43.33 -36.40
N ASP YA 367 -27.26 42.69 -37.07
CA ASP YA 367 -25.86 42.77 -36.70
C ASP YA 367 -25.01 43.22 -37.88
N LEU YA 368 -25.46 42.88 -39.09
CA LEU YA 368 -24.82 43.38 -40.29
C LEU YA 368 -25.16 44.85 -40.48
N ALA YA 369 -24.42 45.49 -41.37
CA ALA YA 369 -24.65 46.89 -41.71
C ALA YA 369 -25.10 47.01 -43.16
N LYS YA 370 -25.74 48.12 -43.48
CA LYS YA 370 -26.19 48.34 -44.84
C LYS YA 370 -25.01 48.72 -45.71
N VAL YA 371 -24.94 48.11 -46.89
CA VAL YA 371 -23.86 48.30 -47.84
C VAL YA 371 -24.46 48.54 -49.22
N GLN YA 372 -23.58 48.68 -50.21
CA GLN YA 372 -24.01 48.77 -51.60
C GLN YA 372 -23.35 47.71 -52.48
N ARG YA 373 -22.43 46.92 -51.95
CA ARG YA 373 -21.79 45.84 -52.68
C ARG YA 373 -21.72 44.62 -51.79
N ALA YA 374 -21.88 43.44 -52.39
CA ALA YA 374 -21.82 42.20 -51.65
C ALA YA 374 -21.55 41.06 -52.63
N VAL YA 375 -20.78 40.08 -52.16
CA VAL YA 375 -20.38 38.95 -52.99
C VAL YA 375 -20.62 37.67 -52.21
N CYS YA 376 -21.40 36.76 -52.79
CA CYS YA 376 -21.59 35.43 -52.24
C CYS YA 376 -20.94 34.44 -53.19
N MET YA 377 -19.81 33.87 -52.78
CA MET YA 377 -19.06 32.93 -53.59
C MET YA 377 -19.52 31.52 -53.27
N ILE YA 378 -19.64 30.70 -54.31
CA ILE YA 378 -20.00 29.29 -54.18
C ILE YA 378 -19.03 28.50 -55.04
N SER YA 379 -18.10 27.81 -54.39
CA SER YA 379 -17.03 27.11 -55.08
C SER YA 379 -17.13 25.61 -54.87
N ASN YA 380 -16.63 24.87 -55.84
CA ASN YA 380 -16.57 23.41 -55.79
C ASN YA 380 -15.09 23.03 -55.79
N SER YA 381 -14.53 22.87 -54.59
CA SER YA 381 -13.12 22.56 -54.42
C SER YA 381 -12.94 21.08 -54.10
N THR YA 382 -11.79 20.54 -54.49
CA THR YA 382 -11.49 19.14 -54.20
C THR YA 382 -10.96 18.94 -52.79
N ALA YA 383 -10.60 20.00 -52.08
CA ALA YA 383 -10.16 19.88 -50.70
C ALA YA 383 -11.31 19.54 -49.76
N ILE YA 384 -12.55 19.66 -50.22
CA ILE YA 384 -13.70 19.35 -49.40
C ILE YA 384 -13.73 17.88 -48.98
N GLY YA 385 -12.95 17.03 -49.64
CA GLY YA 385 -12.87 15.63 -49.26
C GLY YA 385 -12.20 15.37 -47.92
N GLU YA 386 -11.66 16.39 -47.27
CA GLU YA 386 -11.05 16.21 -45.97
C GLU YA 386 -12.11 16.10 -44.88
N ILE YA 387 -13.09 17.02 -44.87
CA ILE YA 387 -14.14 16.95 -43.88
C ILE YA 387 -14.96 15.68 -44.05
N PHE YA 388 -14.97 15.12 -45.26
CA PHE YA 388 -15.61 13.83 -45.47
C PHE YA 388 -14.77 12.69 -44.91
N SER YA 389 -13.52 12.97 -44.56
CA SER YA 389 -12.64 11.94 -44.02
C SER YA 389 -12.67 11.88 -42.50
N ARG YA 390 -12.90 13.01 -41.83
CA ARG YA 390 -13.07 12.99 -40.38
C ARG YA 390 -14.20 12.07 -39.98
N LEU YA 391 -15.35 12.19 -40.66
CA LEU YA 391 -16.48 11.32 -40.33
C LEU YA 391 -16.19 9.88 -40.70
N ASP YA 392 -15.40 9.65 -41.75
CA ASP YA 392 -14.95 8.30 -42.04
C ASP YA 392 -14.12 7.75 -40.89
N HIS YA 393 -13.49 8.63 -40.12
CA HIS YA 393 -12.69 8.18 -38.97
C HIS YA 393 -13.58 7.94 -37.76
N LYS YA 394 -14.39 8.92 -37.37
CA LYS YA 394 -15.19 8.80 -36.17
C LYS YA 394 -16.20 7.65 -36.28
N PHE YA 395 -16.79 7.49 -37.46
CA PHE YA 395 -17.67 6.34 -37.67
C PHE YA 395 -16.90 5.05 -37.47
N ASP YA 396 -15.69 4.97 -38.01
CA ASP YA 396 -14.87 3.78 -37.83
C ASP YA 396 -14.39 3.63 -36.40
N LEU YA 397 -14.33 4.73 -35.65
CA LEU YA 397 -13.84 4.66 -34.28
C LEU YA 397 -14.85 4.01 -33.35
N MET YA 398 -16.14 4.27 -33.54
CA MET YA 398 -17.17 3.73 -32.67
C MET YA 398 -17.82 2.48 -33.22
N TYR YA 399 -17.90 2.33 -34.55
CA TYR YA 399 -18.48 1.13 -35.13
C TYR YA 399 -17.66 -0.11 -34.83
N ALA YA 400 -16.40 0.06 -34.41
CA ALA YA 400 -15.61 -1.10 -34.00
C ALA YA 400 -16.22 -1.77 -32.77
N LYS YA 401 -16.49 -0.98 -31.73
CA LYS YA 401 -17.16 -1.50 -30.55
C LYS YA 401 -18.64 -1.73 -30.78
N ARG YA 402 -19.20 -1.21 -31.87
CA ARG YA 402 -20.64 -1.21 -32.12
C ARG YA 402 -21.39 -0.56 -30.95
N ALA YA 403 -21.04 0.70 -30.70
CA ALA YA 403 -21.71 1.49 -29.70
C ALA YA 403 -22.96 2.14 -30.30
N PHE YA 404 -23.98 2.30 -29.46
CA PHE YA 404 -25.25 2.92 -29.83
C PHE YA 404 -25.97 2.18 -30.95
N VAL YA 405 -25.49 1.00 -31.35
CA VAL YA 405 -26.10 0.34 -32.50
C VAL YA 405 -27.43 -0.31 -32.12
N HIS YA 406 -27.57 -0.76 -30.87
CA HIS YA 406 -28.80 -1.43 -30.46
C HIS YA 406 -30.02 -0.53 -30.61
N TRP YA 407 -29.82 0.79 -30.67
CA TRP YA 407 -30.93 1.68 -30.98
C TRP YA 407 -31.38 1.53 -32.42
N TYR YA 408 -30.43 1.64 -33.35
CA TYR YA 408 -30.77 1.58 -34.77
C TYR YA 408 -31.35 0.23 -35.14
N VAL YA 409 -30.67 -0.86 -34.77
CA VAL YA 409 -31.20 -2.18 -35.08
C VAL YA 409 -32.45 -2.47 -34.27
N GLY YA 410 -32.68 -1.74 -33.18
CA GLY YA 410 -33.91 -1.90 -32.43
C GLY YA 410 -35.10 -1.22 -33.04
N GLU YA 411 -34.89 -0.34 -34.02
CA GLU YA 411 -35.96 0.43 -34.64
C GLU YA 411 -36.09 0.12 -36.13
N GLY YA 412 -36.03 -1.17 -36.49
CA GLY YA 412 -36.28 -1.57 -37.85
C GLY YA 412 -35.14 -1.33 -38.82
N MET YA 413 -33.91 -1.53 -38.39
CA MET YA 413 -32.75 -1.48 -39.27
C MET YA 413 -32.04 -2.82 -39.26
N GLU YA 414 -30.97 -2.92 -40.03
CA GLU YA 414 -30.08 -4.06 -39.98
C GLU YA 414 -28.65 -3.55 -40.01
N GLU YA 415 -27.74 -4.34 -39.43
CA GLU YA 415 -26.33 -3.97 -39.42
C GLU YA 415 -25.77 -3.77 -40.82
N GLY YA 416 -26.39 -4.41 -41.83
CA GLY YA 416 -25.93 -4.21 -43.20
C GLY YA 416 -25.91 -2.74 -43.60
N GLU YA 417 -26.99 -2.02 -43.28
CA GLU YA 417 -27.10 -0.62 -43.67
C GLU YA 417 -26.02 0.25 -43.04
N PHE YA 418 -25.21 -0.29 -42.13
CA PHE YA 418 -24.10 0.49 -41.59
C PHE YA 418 -22.87 0.39 -42.46
N SER YA 419 -22.52 -0.82 -42.90
CA SER YA 419 -21.43 -0.96 -43.86
C SER YA 419 -21.87 -0.60 -45.27
N GLU YA 420 -23.18 -0.65 -45.54
CA GLU YA 420 -23.70 -0.06 -46.76
C GLU YA 420 -23.26 1.37 -46.91
N ALA YA 421 -23.68 2.24 -45.99
CA ALA YA 421 -23.35 3.65 -46.08
C ALA YA 421 -21.85 3.89 -46.02
N ARG YA 422 -21.11 3.00 -45.37
CA ARG YA 422 -19.66 3.18 -45.27
C ARG YA 422 -18.99 2.99 -46.62
N GLU YA 423 -19.48 2.05 -47.43
CA GLU YA 423 -18.97 1.89 -48.79
C GLU YA 423 -19.00 3.21 -49.54
N ASP YA 424 -20.16 3.87 -49.54
CA ASP YA 424 -20.36 5.05 -50.38
C ASP YA 424 -19.39 6.17 -50.02
N LEU YA 425 -18.91 6.22 -48.78
CA LEU YA 425 -17.99 7.28 -48.39
C LEU YA 425 -16.57 6.97 -48.88
N ALA YA 426 -16.02 5.83 -48.47
CA ALA YA 426 -14.70 5.44 -48.97
C ALA YA 426 -14.70 5.38 -50.49
N ALA YA 427 -15.82 5.06 -51.11
CA ALA YA 427 -15.94 5.21 -52.56
C ALA YA 427 -15.93 6.67 -52.96
N LEU YA 428 -16.65 7.52 -52.21
CA LEU YA 428 -16.68 8.93 -52.55
C LEU YA 428 -15.34 9.59 -52.33
N GLU YA 429 -14.65 9.22 -51.26
CA GLU YA 429 -13.37 9.85 -50.94
C GLU YA 429 -12.38 9.67 -52.10
N LYS YA 430 -12.28 8.45 -52.61
CA LYS YA 430 -11.38 8.22 -53.74
C LYS YA 430 -11.82 8.97 -54.98
N ASP YA 431 -13.13 9.22 -55.12
CA ASP YA 431 -13.59 10.06 -56.22
C ASP YA 431 -13.00 11.46 -56.15
N PHE YA 432 -12.84 11.98 -54.93
CA PHE YA 432 -12.12 13.23 -54.77
C PHE YA 432 -10.64 13.06 -55.02
N GLU YA 433 -10.13 11.84 -55.02
CA GLU YA 433 -8.73 11.61 -55.36
C GLU YA 433 -8.56 11.42 -56.86
N GLU YA 434 -9.52 10.78 -57.52
CA GLU YA 434 -9.41 10.55 -58.96
C GLU YA 434 -9.28 11.84 -59.73
N VAL YA 435 -9.95 12.90 -59.28
CA VAL YA 435 -9.91 14.18 -59.98
C VAL YA 435 -8.62 14.94 -59.75
N GLY YA 436 -7.71 14.42 -58.94
CA GLY YA 436 -6.43 15.07 -58.70
C GLY YA 436 -5.34 14.53 -59.61
N MET ZA 1 16.94 30.19 -139.24
CA MET ZA 1 17.03 28.89 -138.59
C MET ZA 1 16.13 27.88 -139.31
N PHE ZA 2 16.68 26.70 -139.57
CA PHE ZA 2 16.09 25.65 -140.40
C PHE ZA 2 16.01 26.09 -141.85
N LYS ZA 3 16.43 27.32 -142.15
CA LYS ZA 3 16.68 27.72 -143.52
C LYS ZA 3 17.85 26.90 -144.07
N ASN ZA 4 17.93 26.83 -145.40
CA ASN ZA 4 19.02 26.16 -146.11
C ASN ZA 4 19.33 24.78 -145.51
N ALA ZA 5 18.33 24.16 -144.91
CA ALA ZA 5 18.38 22.77 -144.48
C ALA ZA 5 17.64 21.93 -145.50
N PHE ZA 6 17.43 20.66 -145.16
CA PHE ZA 6 16.77 19.73 -146.07
C PHE ZA 6 15.54 19.15 -145.39
N GLN ZA 7 14.36 19.51 -145.91
CA GLN ZA 7 13.09 18.97 -145.44
C GLN ZA 7 12.37 18.36 -146.64
N SER ZA 8 12.30 17.05 -146.67
CA SER ZA 8 11.64 16.42 -147.81
C SER ZA 8 10.51 15.49 -147.42
N GLY ZA 9 10.70 14.66 -146.39
CA GLY ZA 9 9.65 13.73 -146.02
C GLY ZA 9 9.15 13.93 -144.61
N PHE ZA 10 10.05 14.33 -143.72
CA PHE ZA 10 9.69 14.57 -142.33
C PHE ZA 10 10.63 15.60 -141.75
N LEU ZA 11 10.23 16.18 -140.63
CA LEU ZA 11 11.09 17.10 -139.91
C LEU ZA 11 10.65 17.09 -138.46
N SER ZA 12 11.44 16.45 -137.60
CA SER ZA 12 11.11 16.30 -136.19
C SER ZA 12 11.74 17.45 -135.42
N VAL ZA 13 10.91 18.23 -134.72
CA VAL ZA 13 11.39 19.40 -134.02
C VAL ZA 13 11.59 19.06 -132.54
N LEU ZA 14 10.80 18.13 -132.04
CA LEU ZA 14 10.89 17.75 -130.63
C LEU ZA 14 10.71 16.24 -130.50
N TYR ZA 15 11.54 15.64 -129.66
CA TYR ZA 15 11.48 14.21 -129.39
C TYR ZA 15 11.85 13.99 -127.93
N SER ZA 16 10.97 13.32 -127.20
CA SER ZA 16 11.22 13.08 -125.78
C SER ZA 16 12.47 12.24 -125.56
N ILE ZA 17 12.80 11.37 -126.50
CA ILE ZA 17 13.95 10.49 -126.38
C ILE ZA 17 15.16 11.19 -126.96
N GLY ZA 18 16.13 11.49 -126.10
CA GLY ZA 18 17.34 12.16 -126.54
C GLY ZA 18 18.12 12.69 -125.35
N SER ZA 19 19.38 13.03 -125.63
CA SER ZA 19 20.23 13.58 -124.58
C SER ZA 19 19.73 14.92 -124.07
N LYS ZA 20 19.13 15.73 -124.92
CA LYS ZA 20 18.57 17.02 -124.53
C LYS ZA 20 17.51 17.45 -125.54
N PRO ZA 21 16.24 17.17 -125.27
CA PRO ZA 21 15.19 17.44 -126.27
C PRO ZA 21 14.91 18.92 -126.48
N LEU ZA 22 14.97 19.72 -125.41
CA LEU ZA 22 14.73 21.15 -125.52
C LEU ZA 22 16.03 21.88 -125.90
N GLU ZA 23 16.63 21.41 -126.99
CA GLU ZA 23 17.78 22.13 -127.54
C GLU ZA 23 17.39 23.51 -128.01
N ILE ZA 24 16.40 23.60 -128.89
CA ILE ZA 24 16.01 24.86 -129.50
C ILE ZA 24 14.86 25.55 -128.78
N TRP ZA 25 14.12 24.83 -127.94
CA TRP ZA 25 12.94 25.38 -127.31
C TRP ZA 25 13.30 26.24 -126.12
N ASP ZA 26 12.58 27.35 -125.97
CA ASP ZA 26 12.61 28.14 -124.75
C ASP ZA 26 11.46 27.69 -123.86
N LYS ZA 27 11.71 27.62 -122.56
CA LYS ZA 27 10.70 27.15 -121.62
C LYS ZA 27 10.47 28.23 -120.57
N GLN ZA 28 9.20 28.55 -120.34
CA GLN ZA 28 8.80 29.54 -119.35
C GLN ZA 28 7.73 28.94 -118.46
N VAL ZA 29 8.01 28.85 -117.16
CA VAL ZA 29 7.10 28.30 -116.18
C VAL ZA 29 6.89 29.33 -115.09
N SER ZA 30 5.64 29.49 -114.67
CA SER ZA 30 5.30 30.41 -113.59
C SER ZA 30 4.70 29.72 -112.38
N ASN ZA 31 3.71 28.86 -112.58
CA ASN ZA 31 3.15 28.05 -111.50
C ASN ZA 31 3.03 26.61 -111.95
N GLY ZA 32 4.06 26.11 -112.60
CA GLY ZA 32 4.02 24.76 -113.15
C GLY ZA 32 5.35 24.04 -113.10
N HIS ZA 33 5.53 23.07 -113.98
CA HIS ZA 33 6.71 22.23 -113.94
C HIS ZA 33 6.83 21.46 -115.24
N ILE ZA 34 8.07 21.26 -115.68
CA ILE ZA 34 8.39 20.47 -116.86
C ILE ZA 34 9.35 19.37 -116.44
N LYS ZA 35 9.16 18.16 -116.96
CA LYS ZA 35 10.02 17.04 -116.65
C LYS ZA 35 9.86 15.99 -117.73
N ARG ZA 36 10.64 14.92 -117.62
CA ARG ZA 36 10.54 13.77 -118.52
C ARG ZA 36 10.29 12.54 -117.67
N ILE ZA 37 9.15 11.89 -117.89
CA ILE ZA 37 8.77 10.72 -117.11
C ILE ZA 37 8.45 9.59 -118.07
N THR ZA 38 8.46 8.36 -117.56
CA THR ZA 38 8.10 7.21 -118.37
C THR ZA 38 6.59 7.00 -118.32
N ASP ZA 39 5.94 7.16 -119.47
CA ASP ZA 39 4.51 6.91 -119.56
C ASP ZA 39 4.22 5.43 -119.36
N ALA ZA 40 2.97 5.13 -119.01
CA ALA ZA 40 2.52 3.77 -118.78
C ALA ZA 40 1.93 3.13 -120.02
N ASP ZA 41 1.04 3.82 -120.73
CA ASP ZA 41 0.43 3.27 -121.93
C ASP ZA 41 1.50 3.02 -122.99
N ILE ZA 42 2.12 4.10 -123.49
CA ILE ZA 42 3.27 3.98 -124.37
C ILE ZA 42 4.51 3.90 -123.48
N GLN ZA 43 4.98 2.68 -123.24
CA GLN ZA 43 5.98 2.46 -122.21
C GLN ZA 43 7.34 3.02 -122.64
N SER ZA 44 7.44 4.34 -122.67
CA SER ZA 44 8.67 5.03 -123.01
C SER ZA 44 8.64 6.39 -122.31
N SER ZA 45 9.62 7.23 -122.59
CA SER ZA 45 9.68 8.55 -121.98
C SER ZA 45 8.79 9.51 -122.74
N VAL ZA 46 8.10 10.37 -121.99
CA VAL ZA 46 7.34 11.47 -122.54
C VAL ZA 46 7.70 12.71 -121.74
N LEU ZA 47 7.87 13.83 -122.44
CA LEU ZA 47 8.16 15.10 -121.79
C LEU ZA 47 6.85 15.74 -121.41
N GLU ZA 48 6.58 15.87 -120.11
CA GLU ZA 48 5.34 16.44 -119.64
C GLU ZA 48 5.55 17.84 -119.13
N ILE ZA 49 4.58 18.70 -119.41
CA ILE ZA 49 4.52 20.05 -118.88
C ILE ZA 49 3.12 20.25 -118.30
N MET ZA 50 3.07 20.79 -117.09
CA MET ZA 50 1.81 21.00 -116.42
C MET ZA 50 1.92 22.23 -115.57
N GLY ZA 51 0.81 22.62 -114.97
CA GLY ZA 51 0.75 23.78 -114.10
C GLY ZA 51 -0.55 24.53 -114.30
N GLN ZA 52 -0.88 25.34 -113.30
CA GLN ZA 52 -2.05 26.19 -113.42
C GLN ZA 52 -1.80 27.31 -114.42
N ASN ZA 53 -2.87 28.03 -114.75
CA ASN ZA 53 -2.79 29.23 -115.58
C ASN ZA 53 -2.14 28.92 -116.93
N VAL ZA 54 -2.89 28.18 -117.74
CA VAL ZA 54 -2.45 27.65 -119.03
C VAL ZA 54 -1.72 28.71 -119.84
N SER ZA 55 -2.26 29.93 -119.89
CA SER ZA 55 -1.71 30.97 -120.73
C SER ZA 55 -0.30 31.40 -120.33
N THR ZA 56 0.22 30.93 -119.19
CA THR ZA 56 1.54 31.33 -118.73
C THR ZA 56 2.60 30.24 -118.79
N THR ZA 57 2.22 28.96 -118.73
CA THR ZA 57 3.18 27.86 -118.79
C THR ZA 57 3.20 27.31 -120.22
N TYR ZA 58 4.31 27.53 -120.92
CA TYR ZA 58 4.40 27.12 -122.32
C TYR ZA 58 5.86 26.96 -122.71
N ILE ZA 59 6.08 26.57 -123.97
CA ILE ZA 59 7.41 26.46 -124.56
C ILE ZA 59 7.34 26.95 -126.00
N THR ZA 60 8.25 27.86 -126.36
CA THR ZA 60 8.30 28.41 -127.70
C THR ZA 60 9.37 27.68 -128.51
N CYS ZA 61 9.11 27.49 -129.79
CA CYS ZA 61 10.00 26.65 -130.57
C CYS ZA 61 11.34 27.34 -130.87
N PRO ZA 62 11.36 28.55 -131.43
CA PRO ZA 62 12.64 29.25 -131.56
C PRO ZA 62 13.12 29.70 -130.20
N ALA ZA 63 14.43 29.55 -129.97
CA ALA ZA 63 14.99 29.80 -128.64
C ALA ZA 63 14.68 31.21 -128.14
N ASP ZA 64 14.58 32.18 -129.04
CA ASP ZA 64 14.38 33.56 -128.65
C ASP ZA 64 13.57 34.25 -129.73
N PRO ZA 65 12.90 35.35 -129.38
CA PRO ZA 65 12.24 36.15 -130.41
C PRO ZA 65 13.26 36.74 -131.38
N ASN ZA 66 12.72 37.35 -132.44
CA ASN ZA 66 13.50 37.89 -133.55
C ASN ZA 66 14.26 36.79 -134.29
N LYS ZA 67 13.91 35.53 -134.08
CA LYS ZA 67 14.52 34.42 -134.79
C LYS ZA 67 13.40 33.48 -135.22
N THR ZA 68 13.28 33.25 -136.53
CA THR ZA 68 12.16 32.49 -137.06
C THR ZA 68 12.56 31.04 -137.32
N LEU ZA 69 11.55 30.17 -137.30
CA LEU ZA 69 11.73 28.75 -137.60
C LEU ZA 69 11.30 28.50 -139.05
N GLY ZA 70 12.18 28.85 -139.99
CA GLY ZA 70 11.81 28.68 -141.37
C GLY ZA 70 11.59 27.23 -141.77
N ILE ZA 71 10.33 26.84 -141.93
CA ILE ZA 71 9.97 25.47 -142.28
C ILE ZA 71 8.80 25.51 -143.24
N LYS ZA 72 8.93 24.83 -144.38
CA LYS ZA 72 7.94 24.92 -145.45
C LYS ZA 72 7.11 23.65 -145.61
N LEU ZA 73 7.08 22.80 -144.62
CA LEU ZA 73 6.30 21.59 -144.82
C LEU ZA 73 4.85 21.81 -144.42
N PRO ZA 74 3.88 21.47 -145.28
CA PRO ZA 74 2.48 21.76 -144.98
C PRO ZA 74 1.95 21.13 -143.70
N PHE ZA 75 2.00 19.81 -143.60
CA PHE ZA 75 1.34 19.12 -142.51
C PHE ZA 75 2.18 19.17 -141.24
N LEU ZA 76 1.50 19.39 -140.12
CA LEU ZA 76 2.13 19.41 -138.81
C LEU ZA 76 1.40 18.45 -137.88
N VAL ZA 77 2.15 17.55 -137.24
CA VAL ZA 77 1.56 16.48 -136.45
C VAL ZA 77 2.16 16.46 -135.06
N LEU ZA 78 1.31 16.40 -134.05
CA LEU ZA 78 1.73 16.26 -132.66
C LEU ZA 78 1.21 14.95 -132.10
N ILE ZA 79 1.95 14.38 -131.15
CA ILE ZA 79 1.56 13.18 -130.45
C ILE ZA 79 1.42 13.54 -128.98
N ILE ZA 80 0.17 13.61 -128.49
CA ILE ZA 80 -0.11 14.14 -127.17
C ILE ZA 80 -1.03 13.20 -126.42
N LYS ZA 81 -0.86 13.15 -125.11
CA LYS ZA 81 -1.81 12.48 -124.23
C LYS ZA 81 -2.83 13.50 -123.74
N ASN ZA 82 -4.07 13.05 -123.60
CA ASN ZA 82 -5.17 13.91 -123.18
C ASN ZA 82 -5.41 13.70 -121.68
N LEU ZA 83 -4.98 14.68 -120.88
CA LEU ZA 83 -5.10 14.61 -119.43
C LEU ZA 83 -6.43 15.13 -118.92
N ASN ZA 84 -7.38 15.40 -119.81
CA ASN ZA 84 -8.69 15.94 -119.43
C ASN ZA 84 -8.54 17.27 -118.67
N LYS ZA 85 -7.71 18.15 -119.20
CA LYS ZA 85 -7.49 19.47 -118.61
C LYS ZA 85 -7.46 20.50 -119.73
N TYR ZA 86 -7.20 21.75 -119.35
CA TYR ZA 86 -7.12 22.83 -120.33
C TYR ZA 86 -5.81 22.73 -121.08
N PHE ZA 87 -5.89 22.47 -122.38
CA PHE ZA 87 -4.69 22.39 -123.22
C PHE ZA 87 -4.89 23.20 -124.49
N SER ZA 88 -3.84 23.93 -124.87
CA SER ZA 88 -3.92 24.78 -126.05
C SER ZA 88 -2.54 24.87 -126.68
N PHE ZA 89 -2.52 25.13 -127.99
CA PHE ZA 89 -1.24 25.35 -128.66
C PHE ZA 89 -1.46 26.27 -129.85
N GLU ZA 90 -0.40 26.99 -130.21
CA GLU ZA 90 -0.45 28.04 -131.21
C GLU ZA 90 0.68 27.85 -132.22
N VAL ZA 91 0.40 28.19 -133.46
CA VAL ZA 91 1.37 28.10 -134.54
C VAL ZA 91 1.25 29.35 -135.41
N GLN ZA 92 2.36 30.05 -135.59
CA GLN ZA 92 2.39 31.25 -136.40
C GLN ZA 92 2.82 30.89 -137.82
N VAL ZA 93 2.22 31.57 -138.80
CA VAL ZA 93 2.36 31.21 -140.20
C VAL ZA 93 2.63 32.48 -141.00
N LEU ZA 94 3.49 32.35 -142.01
CA LEU ZA 94 3.73 33.45 -142.95
C LEU ZA 94 2.94 33.16 -144.22
N ASP ZA 95 2.11 34.11 -144.65
CA ASP ZA 95 1.33 33.90 -145.85
C ASP ZA 95 2.17 34.23 -147.07
N ASP ZA 96 1.57 34.09 -148.25
CA ASP ZA 96 2.26 34.47 -149.49
C ASP ZA 96 2.54 35.97 -149.51
N LYS ZA 97 1.57 36.77 -149.07
CA LYS ZA 97 1.80 38.15 -148.71
C LYS ZA 97 2.53 38.22 -147.37
N ASN ZA 98 3.37 39.23 -147.22
CA ASN ZA 98 4.20 39.35 -146.02
C ASN ZA 98 3.34 39.78 -144.83
N VAL ZA 99 2.56 38.82 -144.35
CA VAL ZA 99 1.71 39.00 -143.17
C VAL ZA 99 1.78 37.73 -142.35
N ARG ZA 100 2.05 37.87 -141.05
CA ARG ZA 100 2.23 36.74 -140.14
C ARG ZA 100 0.91 36.45 -139.46
N ARG ZA 101 0.16 35.49 -140.00
CA ARG ZA 101 -1.03 35.01 -139.32
C ARG ZA 101 -0.62 34.12 -138.15
N ARG ZA 102 -1.61 33.75 -137.36
CA ARG ZA 102 -1.35 32.73 -136.34
C ARG ZA 102 -2.65 32.05 -135.97
N PHE ZA 103 -2.63 30.72 -135.93
CA PHE ZA 103 -3.79 29.93 -135.57
C PHE ZA 103 -3.51 29.26 -134.25
N ARG ZA 104 -4.53 29.17 -133.41
CA ARG ZA 104 -4.38 28.43 -132.18
C ARG ZA 104 -5.59 27.54 -131.97
N ALA ZA 105 -5.35 26.43 -131.27
CA ALA ZA 105 -6.38 25.45 -131.00
C ALA ZA 105 -6.43 25.21 -129.50
N SER ZA 106 -7.62 25.31 -128.94
CA SER ZA 106 -7.83 25.19 -127.49
C SER ZA 106 -8.88 24.15 -127.23
N ASN ZA 107 -8.75 23.43 -126.12
CA ASN ZA 107 -9.77 22.46 -125.74
C ASN ZA 107 -10.80 23.04 -124.78
N TYR ZA 108 -10.58 24.26 -124.30
CA TYR ZA 108 -11.55 24.97 -123.47
C TYR ZA 108 -12.32 26.03 -124.25
N GLN ZA 109 -12.35 25.92 -125.58
CA GLN ZA 109 -13.06 26.86 -126.43
C GLN ZA 109 -14.11 26.11 -127.24
N SER ZA 110 -15.15 26.83 -127.65
CA SER ZA 110 -16.29 26.22 -128.32
C SER ZA 110 -16.68 26.89 -129.63
N THR ZA 111 -16.05 28.00 -130.01
CA THR ZA 111 -16.41 28.68 -131.24
C THR ZA 111 -15.15 29.17 -131.94
N THR ZA 112 -15.17 29.11 -133.26
CA THR ZA 112 -14.08 29.63 -134.09
C THR ZA 112 -14.45 31.02 -134.57
N ARG ZA 113 -13.47 31.93 -134.53
CA ARG ZA 113 -13.68 33.33 -134.86
C ARG ZA 113 -12.46 33.83 -135.60
N VAL ZA 114 -12.58 34.00 -136.92
CA VAL ZA 114 -11.48 34.50 -137.71
C VAL ZA 114 -11.27 35.98 -137.42
N LYS ZA 115 -10.00 36.38 -137.31
CA LYS ZA 115 -9.61 37.75 -136.99
C LYS ZA 115 -8.45 38.12 -137.91
N PRO ZA 116 -8.08 39.40 -138.00
CA PRO ZA 116 -7.03 39.79 -138.97
C PRO ZA 116 -5.71 39.07 -138.75
N PHE ZA 117 -5.27 38.92 -137.50
CA PHE ZA 117 -4.01 38.26 -137.21
C PHE ZA 117 -4.15 36.94 -136.47
N ILE ZA 118 -5.33 36.60 -135.98
CA ILE ZA 118 -5.49 35.41 -135.15
C ILE ZA 118 -6.64 34.58 -135.67
N CYS ZA 119 -6.59 33.27 -135.44
CA CYS ZA 119 -7.74 32.41 -135.68
C CYS ZA 119 -7.78 31.39 -134.54
N THR ZA 120 -8.66 31.59 -133.55
CA THR ZA 120 -8.87 30.63 -132.48
C THR ZA 120 -9.89 29.61 -132.93
N MET ZA 121 -9.64 28.36 -132.56
CA MET ZA 121 -10.52 27.29 -132.97
C MET ZA 121 -10.53 26.21 -131.90
N PRO ZA 122 -11.66 25.55 -131.70
CA PRO ZA 122 -11.73 24.49 -130.70
C PRO ZA 122 -11.03 23.24 -131.20
N MET ZA 123 -10.65 22.40 -130.24
CA MET ZA 123 -10.08 21.10 -130.55
C MET ZA 123 -10.82 20.03 -129.75
N ARG ZA 124 -11.26 18.99 -130.45
CA ARG ZA 124 -12.02 17.91 -129.85
C ARG ZA 124 -11.05 16.74 -129.68
N LEU ZA 125 -10.34 16.77 -128.55
CA LEU ZA 125 -9.36 15.75 -128.23
C LEU ZA 125 -10.07 14.45 -127.86
N ASP ZA 126 -9.39 13.34 -128.15
CA ASP ZA 126 -9.88 12.03 -127.78
C ASP ZA 126 -9.43 11.71 -126.35
N SER ZA 127 -9.59 10.46 -125.93
CA SER ZA 127 -9.20 10.03 -124.61
C SER ZA 127 -7.82 9.38 -124.66
N GLY ZA 128 -6.94 9.78 -123.77
CA GLY ZA 128 -5.63 9.16 -123.68
C GLY ZA 128 -4.71 9.66 -124.76
N TRP ZA 129 -4.00 8.73 -125.40
CA TRP ZA 129 -3.03 9.09 -126.41
C TRP ZA 129 -3.69 9.28 -127.76
N ASN ZA 130 -3.23 10.29 -128.49
CA ASN ZA 130 -3.73 10.51 -129.84
C ASN ZA 130 -2.76 11.43 -130.58
N GLN ZA 131 -2.66 11.22 -131.88
CA GLN ZA 131 -1.90 12.11 -132.75
C GLN ZA 131 -2.88 13.02 -133.49
N ILE ZA 132 -2.53 14.31 -133.53
CA ILE ZA 132 -3.35 15.31 -134.20
C ILE ZA 132 -2.54 15.87 -135.36
N GLN ZA 133 -3.18 15.96 -136.53
CA GLN ZA 133 -2.54 16.44 -137.74
C GLN ZA 133 -3.24 17.71 -138.20
N PHE ZA 134 -2.46 18.73 -138.52
CA PHE ZA 134 -2.97 19.98 -139.04
C PHE ZA 134 -2.54 20.09 -140.50
N ASN ZA 135 -3.49 20.43 -141.37
CA ASN ZA 135 -3.15 20.67 -142.76
C ASN ZA 135 -2.28 21.91 -142.89
N LEU ZA 136 -2.66 22.99 -142.20
CA LEU ZA 136 -1.82 24.17 -142.03
C LEU ZA 136 -1.62 24.90 -143.36
N SER ZA 137 -2.11 24.32 -144.44
CA SER ZA 137 -2.18 24.97 -145.73
C SER ZA 137 -3.59 25.06 -146.26
N ASP ZA 138 -4.44 24.11 -145.91
CA ASP ZA 138 -5.88 24.29 -146.10
C ASP ZA 138 -6.41 25.33 -145.13
N PHE ZA 139 -5.83 25.43 -143.94
CA PHE ZA 139 -6.33 26.36 -142.94
C PHE ZA 139 -6.15 27.81 -143.38
N THR ZA 140 -4.96 28.15 -143.90
CA THR ZA 140 -4.74 29.51 -144.37
C THR ZA 140 -5.65 29.84 -145.54
N ARG ZA 141 -5.84 28.89 -146.45
CA ARG ZA 141 -6.72 29.12 -147.58
C ARG ZA 141 -8.16 29.26 -147.14
N ARG ZA 142 -8.59 28.46 -146.15
CA ARG ZA 142 -9.97 28.51 -145.70
C ARG ZA 142 -10.24 29.75 -144.86
N ALA ZA 143 -9.25 30.25 -144.15
CA ALA ZA 143 -9.46 31.41 -143.29
C ALA ZA 143 -9.31 32.71 -144.05
N TYR ZA 144 -8.14 32.95 -144.63
CA TYR ZA 144 -7.84 34.22 -145.27
C TYR ZA 144 -7.78 34.14 -146.79
N GLY ZA 145 -8.05 32.97 -147.38
CA GLY ZA 145 -8.03 32.86 -148.82
C GLY ZA 145 -6.67 33.08 -149.44
N THR ZA 146 -5.60 32.79 -148.73
CA THR ZA 146 -4.25 32.98 -149.22
C THR ZA 146 -3.52 31.64 -149.25
N ASN ZA 147 -2.22 31.69 -149.51
CA ASN ZA 147 -1.39 30.50 -149.62
C ASN ZA 147 -0.41 30.41 -148.46
N TYR ZA 148 -0.09 29.18 -148.09
CA TYR ZA 148 0.89 28.91 -147.04
C TYR ZA 148 2.30 29.03 -147.62
N ILE ZA 149 3.20 29.66 -146.88
CA ILE ZA 149 4.60 29.72 -147.28
C ILE ZA 149 5.47 28.91 -146.34
N GLU ZA 150 5.54 29.31 -145.07
CA GLU ZA 150 6.44 28.67 -144.14
C GLU ZA 150 6.07 29.04 -142.71
N THR ZA 151 6.10 28.06 -141.82
CA THR ZA 151 5.87 28.31 -140.41
C THR ZA 151 6.97 29.21 -139.85
N LEU ZA 152 6.64 29.94 -138.79
CA LEU ZA 152 7.61 30.80 -138.13
C LEU ZA 152 7.86 30.41 -136.68
N ARG ZA 153 6.81 30.19 -135.89
CA ARG ZA 153 6.98 29.83 -134.50
C ARG ZA 153 5.91 28.81 -134.11
N VAL ZA 154 6.25 27.97 -133.15
CA VAL ZA 154 5.33 27.01 -132.57
C VAL ZA 154 5.37 27.18 -131.06
N GLN ZA 155 4.24 26.96 -130.40
CA GLN ZA 155 4.14 27.20 -128.97
C GLN ZA 155 3.08 26.26 -128.40
N VAL ZA 156 3.40 25.60 -127.30
CA VAL ZA 156 2.52 24.60 -126.69
C VAL ZA 156 2.37 24.94 -125.21
N HIS ZA 157 1.14 25.11 -124.76
CA HIS ZA 157 0.87 25.53 -123.40
C HIS ZA 157 0.70 24.31 -122.49
N ALA ZA 158 0.25 24.54 -121.27
CA ALA ZA 158 0.41 23.57 -120.19
C ALA ZA 158 -0.62 22.44 -120.28
N ASN ZA 159 -0.49 21.51 -119.34
CA ASN ZA 159 -1.41 20.38 -119.16
C ASN ZA 159 -1.44 19.48 -120.39
N CYS ZA 160 -0.27 18.95 -120.73
CA CYS ZA 160 -0.16 17.97 -121.81
C CYS ZA 160 1.13 17.20 -121.64
N ARG ZA 161 1.21 16.06 -122.33
CA ARG ZA 161 2.39 15.20 -122.33
C ARG ZA 161 2.83 14.97 -123.78
N ILE ZA 162 3.94 15.56 -124.15
CA ILE ZA 162 4.40 15.55 -125.53
C ILE ZA 162 5.30 14.36 -125.75
N ARG ZA 163 5.21 13.77 -126.93
CA ARG ZA 163 6.08 12.69 -127.37
C ARG ZA 163 6.75 12.99 -128.70
N ARG ZA 164 6.02 13.61 -129.62
CA ARG ZA 164 6.53 13.85 -130.97
C ARG ZA 164 5.91 15.13 -131.50
N ILE ZA 165 6.74 15.95 -132.14
CA ILE ZA 165 6.29 17.10 -132.92
C ILE ZA 165 7.05 17.07 -134.23
N TYR ZA 166 6.33 16.92 -135.33
CA TYR ZA 166 7.02 16.80 -136.60
C TYR ZA 166 6.16 17.29 -137.75
N PHE ZA 167 6.82 17.94 -138.70
CA PHE ZA 167 6.20 18.31 -139.96
C PHE ZA 167 6.31 17.16 -140.93
N SER ZA 168 5.27 16.97 -141.74
CA SER ZA 168 5.09 15.76 -142.52
C SER ZA 168 5.17 15.96 -144.02
N ASP ZA 169 4.85 17.15 -144.51
CA ASP ZA 169 4.93 17.51 -145.92
C ASP ZA 169 3.82 16.81 -146.73
N ARG ZA 170 3.06 15.92 -146.10
CA ARG ZA 170 1.91 15.28 -146.70
C ARG ZA 170 1.30 14.34 -145.65
N LEU ZA 171 0.05 13.97 -145.86
CA LEU ZA 171 -0.66 13.10 -144.94
C LEU ZA 171 -0.22 11.67 -145.21
N TYR ZA 172 0.76 11.20 -144.45
CA TYR ZA 172 1.18 9.80 -144.52
C TYR ZA 172 0.22 8.92 -143.74
N SER ZA 173 0.11 7.67 -144.17
CA SER ZA 173 -0.75 6.70 -143.53
C SER ZA 173 -0.01 5.97 -142.42
N GLU ZA 174 -0.77 5.24 -141.61
CA GLU ZA 174 -0.17 4.47 -140.53
C GLU ZA 174 0.84 3.46 -141.07
N GLU ZA 175 0.64 2.97 -142.29
CA GLU ZA 175 1.63 2.07 -142.87
C GLU ZA 175 2.90 2.81 -143.28
N GLU ZA 176 2.76 3.90 -144.04
CA GLU ZA 176 3.91 4.58 -144.62
C GLU ZA 176 4.81 5.20 -143.57
N LEU ZA 177 4.27 5.50 -142.39
CA LEU ZA 177 5.09 6.12 -141.35
C LEU ZA 177 6.21 5.16 -140.93
N PRO ZA 178 7.41 5.67 -140.64
CA PRO ZA 178 8.44 4.80 -140.07
C PRO ZA 178 8.12 4.41 -138.65
N ALA ZA 179 8.98 3.64 -138.02
CA ALA ZA 179 8.68 3.11 -136.69
C ALA ZA 179 8.64 4.23 -135.66
N GLU ZA 180 9.60 5.14 -135.71
CA GLU ZA 180 9.66 6.25 -134.77
C GLU ZA 180 8.53 7.25 -134.95
N PHE ZA 181 8.03 7.42 -136.17
CA PHE ZA 181 6.98 8.39 -136.41
C PHE ZA 181 5.60 7.73 -136.41
N LYS ZA 182 5.32 6.97 -135.34
CA LYS ZA 182 3.98 6.40 -135.21
C LYS ZA 182 3.68 6.07 -133.76
N LEU ZA 183 2.40 5.76 -133.52
CA LEU ZA 183 1.91 5.37 -132.20
C LEU ZA 183 1.82 3.85 -132.15
N PHE ZA 184 2.76 3.23 -131.46
CA PHE ZA 184 2.72 1.80 -131.17
C PHE ZA 184 2.40 1.66 -129.69
N LEU ZA 185 1.13 1.54 -129.36
CA LEU ZA 185 0.72 1.34 -127.98
C LEU ZA 185 0.83 -0.14 -127.63
N PRO ZA 186 1.73 -0.52 -126.72
CA PRO ZA 186 1.84 -1.94 -126.36
C PRO ZA 186 0.68 -2.38 -125.48
N ILE ZA 187 0.71 -3.64 -125.04
CA ILE ZA 187 -0.34 -4.18 -124.18
C ILE ZA 187 -0.25 -3.58 -122.77
N MET AB 1 -32.70 63.82 -137.45
CA MET AB 1 -31.86 63.60 -138.61
C MET AB 1 -30.47 63.13 -138.19
N ARG AB 2 -29.87 63.85 -137.25
CA ARG AB 2 -28.57 63.50 -136.69
C ARG AB 2 -28.78 63.24 -135.20
N GLU AB 3 -29.15 62.02 -134.86
CA GLU AB 3 -29.50 61.67 -133.49
C GLU AB 3 -28.62 60.54 -132.98
N VAL AB 4 -28.44 60.51 -131.66
CA VAL AB 4 -27.67 59.47 -131.00
C VAL AB 4 -28.40 59.05 -129.74
N ILE AB 5 -28.37 57.76 -129.44
CA ILE AB 5 -29.08 57.18 -128.32
C ILE AB 5 -28.05 56.91 -127.22
N SER AB 6 -28.04 57.75 -126.19
CA SER AB 6 -27.01 57.71 -125.18
C SER AB 6 -27.46 56.81 -124.03
N ILE AB 7 -26.71 55.74 -123.80
CA ILE AB 7 -27.01 54.77 -122.74
C ILE AB 7 -26.02 54.96 -121.60
N HIS AB 8 -26.49 54.79 -120.38
CA HIS AB 8 -25.64 54.86 -119.20
C HIS AB 8 -25.92 53.65 -118.32
N ILE AB 9 -24.98 52.73 -118.29
CA ILE AB 9 -25.12 51.50 -117.51
C ILE AB 9 -24.28 51.62 -116.25
N GLY AB 10 -24.74 50.96 -115.19
CA GLY AB 10 -24.00 50.94 -113.94
C GLY AB 10 -24.04 52.27 -113.22
N GLN AB 11 -23.42 52.29 -112.05
CA GLN AB 11 -23.40 53.51 -111.25
C GLN AB 11 -22.64 54.63 -111.94
N ALA AB 12 -21.34 54.41 -112.20
CA ALA AB 12 -20.53 55.46 -112.80
C ALA AB 12 -21.05 55.87 -114.17
N GLY AB 13 -21.75 54.98 -114.87
CA GLY AB 13 -22.38 55.36 -116.12
C GLY AB 13 -23.40 56.46 -115.92
N ILE AB 14 -24.36 56.24 -115.03
CA ILE AB 14 -25.36 57.26 -114.77
C ILE AB 14 -24.82 58.39 -113.91
N GLN AB 15 -23.66 58.21 -113.27
CA GLN AB 15 -23.03 59.31 -112.56
C GLN AB 15 -22.59 60.40 -113.54
N VAL AB 16 -21.91 60.00 -114.61
CA VAL AB 16 -21.54 60.98 -115.62
C VAL AB 16 -22.76 61.36 -116.46
N GLY AB 17 -23.76 60.48 -116.54
CA GLY AB 17 -25.00 60.86 -117.18
C GLY AB 17 -25.65 62.06 -116.54
N ASN AB 18 -25.44 62.24 -115.23
CA ASN AB 18 -25.92 63.43 -114.55
C ASN AB 18 -25.06 64.66 -114.86
N ALA AB 19 -23.94 64.47 -115.55
CA ALA AB 19 -23.10 65.59 -115.97
C ALA AB 19 -23.32 65.95 -117.43
N CYS AB 20 -23.35 64.96 -118.32
CA CYS AB 20 -23.60 65.24 -119.73
C CYS AB 20 -24.96 65.88 -119.92
N TRP AB 21 -26.00 65.28 -119.34
CA TRP AB 21 -27.34 65.83 -119.48
C TRP AB 21 -27.53 67.09 -118.65
N GLU AB 22 -26.63 67.35 -117.69
CA GLU AB 22 -26.55 68.67 -117.11
C GLU AB 22 -25.88 69.66 -118.03
N LEU AB 23 -25.05 69.18 -118.95
CA LEU AB 23 -24.32 70.06 -119.85
C LEU AB 23 -25.14 70.42 -121.08
N TYR AB 24 -25.62 69.42 -121.81
CA TYR AB 24 -26.39 69.68 -123.03
C TYR AB 24 -27.57 70.61 -122.75
N CYS AB 25 -28.39 70.26 -121.75
CA CYS AB 25 -29.51 71.11 -121.40
C CYS AB 25 -29.05 72.53 -121.14
N LEU AB 26 -27.93 72.68 -120.43
CA LEU AB 26 -27.34 73.98 -120.19
C LEU AB 26 -26.77 74.58 -121.47
N GLU AB 27 -26.36 73.75 -122.42
CA GLU AB 27 -25.72 74.28 -123.61
C GLU AB 27 -26.71 74.85 -124.61
N HIS AB 28 -27.96 74.39 -124.57
CA HIS AB 28 -28.98 74.83 -125.50
C HIS AB 28 -30.06 75.67 -124.83
N GLY AB 29 -29.81 76.14 -123.61
CA GLY AB 29 -30.79 76.92 -122.89
C GLY AB 29 -31.91 76.12 -122.26
N ILE AB 30 -31.90 74.79 -122.38
CA ILE AB 30 -32.93 73.96 -121.77
C ILE AB 30 -32.77 74.04 -120.25
N GLN AB 31 -33.81 74.47 -119.56
CA GLN AB 31 -33.77 74.37 -118.12
C GLN AB 31 -34.43 73.07 -117.67
N PRO AB 32 -34.14 72.60 -116.44
CA PRO AB 32 -34.60 71.26 -116.02
C PRO AB 32 -36.09 70.99 -116.18
N ASP AB 33 -36.88 72.03 -116.46
CA ASP AB 33 -38.30 71.83 -116.70
C ASP AB 33 -38.57 71.27 -118.08
N GLY AB 34 -37.54 71.08 -118.92
CA GLY AB 34 -37.72 70.57 -120.24
C GLY AB 34 -38.18 71.57 -121.27
N GLN AB 35 -38.52 72.78 -120.86
CA GLN AB 35 -38.95 73.84 -121.76
C GLN AB 35 -37.80 74.76 -122.09
N MET AB 36 -37.98 75.56 -123.10
CA MET AB 36 -37.07 76.65 -123.38
C MET AB 36 -37.61 77.94 -122.80
N PRO AB 37 -36.75 78.94 -122.56
CA PRO AB 37 -37.26 80.19 -121.97
C PRO AB 37 -38.32 80.87 -122.83
N SER AB 38 -38.17 80.83 -124.15
CA SER AB 38 -39.12 81.39 -125.12
C SER AB 38 -39.29 82.89 -125.00
N ASP AB 39 -38.48 83.56 -124.17
CA ASP AB 39 -38.48 85.00 -124.09
C ASP AB 39 -37.09 85.61 -124.18
N LYS AB 40 -36.04 84.81 -124.08
CA LYS AB 40 -34.66 85.27 -124.23
C LYS AB 40 -33.87 84.28 -125.07
N THR AB 41 -34.46 83.83 -126.18
CA THR AB 41 -33.87 82.80 -127.02
C THR AB 41 -32.43 83.14 -127.39
N ILE AB 42 -31.53 82.18 -127.17
CA ILE AB 42 -30.10 82.40 -127.39
C ILE AB 42 -29.57 81.63 -128.60
N GLY AB 43 -30.23 80.57 -129.03
CA GLY AB 43 -29.64 79.70 -130.03
C GLY AB 43 -29.40 80.41 -131.34
N GLY AB 44 -28.32 80.04 -132.02
CA GLY AB 44 -28.02 80.62 -133.31
C GLY AB 44 -28.86 80.06 -134.45
N GLY AB 45 -29.48 78.91 -134.25
CA GLY AB 45 -30.29 78.27 -135.28
C GLY AB 45 -31.45 77.54 -134.69
N ASP AB 46 -31.74 76.36 -135.24
CA ASP AB 46 -32.88 75.57 -134.81
C ASP AB 46 -32.63 74.12 -135.18
N ASP AB 47 -33.36 73.23 -134.50
CA ASP AB 47 -33.22 71.78 -134.67
C ASP AB 47 -31.81 71.29 -134.39
N ALA AB 48 -30.99 72.10 -133.72
CA ALA AB 48 -29.71 71.60 -133.23
C ALA AB 48 -29.90 70.68 -132.04
N PHE AB 49 -30.83 71.05 -131.15
CA PHE AB 49 -31.20 70.19 -130.03
C PHE AB 49 -31.69 68.83 -130.49
N ASN AB 50 -32.11 68.71 -131.76
CA ASN AB 50 -32.63 67.46 -132.28
C ASN AB 50 -31.63 66.32 -132.16
N THR AB 51 -30.36 66.63 -131.97
CA THR AB 51 -29.36 65.58 -131.77
C THR AB 51 -29.59 64.83 -130.47
N PHE AB 52 -29.88 65.56 -129.40
CA PHE AB 52 -30.02 64.98 -128.07
C PHE AB 52 -31.44 64.98 -127.55
N PHE AB 53 -32.40 65.56 -128.28
CA PHE AB 53 -33.71 65.82 -127.70
C PHE AB 53 -34.80 65.55 -128.71
N SER AB 54 -35.98 65.25 -128.18
CA SER AB 54 -37.19 65.04 -128.96
C SER AB 54 -38.17 66.13 -128.57
N GLU AB 55 -38.47 67.03 -129.49
CA GLU AB 55 -39.49 68.04 -129.25
C GLU AB 55 -40.86 67.38 -129.19
N THR AB 56 -41.54 67.50 -128.06
CA THR AB 56 -42.86 66.93 -127.91
C THR AB 56 -43.85 67.68 -128.78
N GLY AB 57 -45.12 67.25 -128.70
CA GLY AB 57 -46.17 67.91 -129.47
C GLY AB 57 -46.33 69.38 -129.15
N ALA AB 58 -45.88 69.82 -127.98
CA ALA AB 58 -46.05 71.22 -127.59
C ALA AB 58 -44.94 71.58 -126.60
N GLY AB 59 -43.88 72.20 -127.11
CA GLY AB 59 -42.89 72.87 -126.26
C GLY AB 59 -41.79 72.09 -125.58
N LYS AB 60 -42.14 71.04 -124.85
CA LYS AB 60 -41.18 70.38 -123.98
C LYS AB 60 -40.18 69.55 -124.79
N HIS AB 61 -38.93 69.57 -124.34
CA HIS AB 61 -37.86 68.79 -124.96
C HIS AB 61 -37.46 67.67 -124.01
N VAL AB 62 -37.66 66.43 -124.45
CA VAL AB 62 -37.29 65.25 -123.68
C VAL AB 62 -35.96 64.73 -124.22
N PRO AB 63 -34.98 64.45 -123.37
CA PRO AB 63 -33.71 63.92 -123.87
C PRO AB 63 -33.84 62.47 -124.29
N ARG AB 64 -33.05 62.10 -125.31
CA ARG AB 64 -33.05 60.73 -125.83
C ARG AB 64 -31.90 59.98 -125.18
N CYS AB 65 -32.14 59.49 -123.96
CA CYS AB 65 -31.16 58.70 -123.24
C CYS AB 65 -31.88 57.58 -122.52
N ILE AB 66 -31.09 56.71 -121.89
CA ILE AB 66 -31.60 55.58 -121.12
C ILE AB 66 -30.69 55.39 -119.92
N PHE AB 67 -31.25 55.55 -118.72
CA PHE AB 67 -30.49 55.42 -117.48
C PHE AB 67 -30.78 54.04 -116.91
N LEU AB 68 -29.98 53.05 -117.31
CA LEU AB 68 -30.17 51.68 -116.88
C LEU AB 68 -29.27 51.38 -115.69
N ASP AB 69 -29.78 50.56 -114.78
CA ASP AB 69 -29.06 50.19 -113.56
C ASP AB 69 -29.86 49.12 -112.84
N LEU AB 70 -29.20 48.47 -111.88
CA LEU AB 70 -29.84 47.47 -111.04
C LEU AB 70 -30.09 47.92 -109.61
N GLU AB 71 -29.31 48.87 -109.12
CA GLU AB 71 -29.51 49.38 -107.77
C GLU AB 71 -30.61 50.42 -107.77
N PRO AB 72 -31.59 50.33 -106.86
CA PRO AB 72 -32.60 51.39 -106.78
C PRO AB 72 -32.04 52.69 -106.26
N THR AB 73 -30.95 52.66 -105.48
CA THR AB 73 -30.53 53.84 -104.73
C THR AB 73 -30.15 54.99 -105.66
N VAL AB 74 -29.38 54.72 -106.71
CA VAL AB 74 -28.87 55.79 -107.54
C VAL AB 74 -29.95 56.35 -108.46
N VAL AB 75 -30.75 55.47 -109.08
CA VAL AB 75 -31.78 55.97 -109.99
C VAL AB 75 -32.88 56.68 -109.22
N ASP AB 76 -33.30 56.11 -108.08
CA ASP AB 76 -34.32 56.78 -107.29
C ASP AB 76 -33.82 58.07 -106.66
N GLU AB 77 -32.56 58.43 -106.86
CA GLU AB 77 -32.11 59.77 -106.54
C GLU AB 77 -32.41 60.72 -107.69
N VAL AB 78 -32.16 60.27 -108.92
CA VAL AB 78 -32.48 61.09 -110.09
C VAL AB 78 -33.98 61.38 -110.13
N ARG AB 79 -34.80 60.39 -109.79
CA ARG AB 79 -36.24 60.59 -109.78
C ARG AB 79 -36.69 61.66 -108.79
N THR AB 80 -35.84 62.00 -107.81
CA THR AB 80 -36.11 63.11 -106.92
C THR AB 80 -35.13 64.26 -107.06
N GLY AB 81 -34.09 64.11 -107.87
CA GLY AB 81 -33.19 65.19 -108.14
C GLY AB 81 -33.87 66.29 -108.93
N THR AB 82 -33.09 67.34 -109.23
CA THR AB 82 -33.63 68.45 -109.98
C THR AB 82 -34.00 68.05 -111.40
N TYR AB 83 -33.33 67.06 -111.98
CA TYR AB 83 -33.62 66.66 -113.34
C TYR AB 83 -34.63 65.51 -113.36
N ARG AB 84 -35.77 65.74 -112.71
CA ARG AB 84 -36.85 64.78 -112.71
C ARG AB 84 -37.98 65.15 -113.64
N GLN AB 85 -38.05 66.40 -114.10
CA GLN AB 85 -39.03 66.79 -115.11
C GLN AB 85 -38.57 66.48 -116.52
N LEU AB 86 -37.28 66.20 -116.73
CA LEU AB 86 -36.79 65.95 -118.08
C LEU AB 86 -37.18 64.57 -118.57
N PHE AB 87 -36.71 63.53 -117.89
CA PHE AB 87 -36.74 62.20 -118.45
C PHE AB 87 -38.13 61.58 -118.36
N HIS AB 88 -38.51 60.90 -119.43
CA HIS AB 88 -39.70 60.08 -119.37
C HIS AB 88 -39.45 58.96 -118.34
N PRO AB 89 -40.31 58.82 -117.33
CA PRO AB 89 -40.08 57.77 -116.32
C PRO AB 89 -39.97 56.38 -116.90
N GLU AB 90 -40.33 56.18 -118.17
CA GLU AB 90 -40.12 54.88 -118.80
C GLU AB 90 -38.65 54.62 -119.08
N GLN AB 91 -37.84 55.67 -119.22
CA GLN AB 91 -36.44 55.49 -119.52
C GLN AB 91 -35.64 55.04 -118.30
N LEU AB 92 -35.95 55.60 -117.14
CA LEU AB 92 -35.21 55.27 -115.93
C LEU AB 92 -35.58 53.87 -115.46
N ILE AB 93 -34.69 52.92 -115.73
CA ILE AB 93 -34.92 51.51 -115.44
C ILE AB 93 -34.13 51.13 -114.20
N SER AB 94 -34.77 50.43 -113.27
CA SER AB 94 -34.16 50.04 -112.01
C SER AB 94 -34.35 48.54 -111.80
N GLY AB 95 -33.74 48.04 -110.74
CA GLY AB 95 -33.80 46.63 -110.42
C GLY AB 95 -33.99 46.41 -108.93
N LYS AB 96 -34.57 45.27 -108.59
CA LYS AB 96 -34.78 44.93 -107.19
C LYS AB 96 -33.46 44.60 -106.51
N GLU AB 97 -32.73 43.64 -107.04
CA GLU AB 97 -31.45 43.20 -106.51
C GLU AB 97 -30.33 43.73 -107.39
N ASP AB 98 -29.14 43.82 -106.81
CA ASP AB 98 -27.97 44.35 -107.50
C ASP AB 98 -27.08 43.21 -107.99
N ALA AB 99 -26.17 43.55 -108.92
CA ALA AB 99 -25.21 42.57 -109.41
C ALA AB 99 -24.11 42.32 -108.39
N ALA AB 100 -23.74 43.34 -107.62
CA ALA AB 100 -22.81 43.19 -106.49
C ALA AB 100 -21.43 42.74 -106.95
N ASN AB 101 -20.83 43.51 -107.85
CA ASN AB 101 -19.44 43.33 -108.26
C ASN AB 101 -19.17 41.91 -108.76
N ASN AB 102 -20.18 41.29 -109.36
CA ASN AB 102 -20.09 39.91 -109.80
C ASN AB 102 -20.53 39.87 -111.25
N PHE AB 103 -19.57 39.67 -112.15
CA PHE AB 103 -19.87 39.62 -113.57
C PHE AB 103 -20.98 38.63 -113.87
N ALA AB 104 -20.91 37.45 -113.26
CA ALA AB 104 -21.89 36.40 -113.58
C ALA AB 104 -23.30 36.88 -113.29
N ARG AB 105 -23.50 37.55 -112.16
CA ARG AB 105 -24.83 38.04 -111.82
C ARG AB 105 -25.31 39.07 -112.84
N GLY AB 106 -24.46 40.05 -113.13
CA GLY AB 106 -24.84 41.07 -114.10
C GLY AB 106 -24.96 40.55 -115.51
N HIS AB 107 -24.49 39.33 -115.77
CA HIS AB 107 -24.47 38.79 -117.12
C HIS AB 107 -25.41 37.60 -117.29
N TYR AB 108 -25.39 36.64 -116.37
CA TYR AB 108 -26.13 35.41 -116.52
C TYR AB 108 -27.44 35.39 -115.75
N THR AB 109 -27.39 35.66 -114.45
CA THR AB 109 -28.56 35.44 -113.61
C THR AB 109 -29.56 36.60 -113.68
N ILE AB 110 -29.11 37.81 -113.40
CA ILE AB 110 -30.03 38.93 -113.26
C ILE AB 110 -30.25 39.65 -114.59
N GLY AB 111 -29.17 40.05 -115.25
CA GLY AB 111 -29.29 40.85 -116.46
C GLY AB 111 -30.14 40.23 -117.54
N LYS AB 112 -30.31 38.91 -117.52
CA LYS AB 112 -31.02 38.24 -118.60
C LYS AB 112 -32.51 38.51 -118.61
N GLU AB 113 -33.06 39.10 -117.54
CA GLU AB 113 -34.51 39.23 -117.42
C GLU AB 113 -35.00 40.64 -117.69
N ILE AB 114 -34.14 41.65 -117.67
CA ILE AB 114 -34.56 43.02 -117.91
C ILE AB 114 -34.08 43.58 -119.24
N VAL AB 115 -33.25 42.84 -119.97
CA VAL AB 115 -32.81 43.32 -121.28
C VAL AB 115 -34.00 43.46 -122.23
N ASP AB 116 -34.93 42.51 -122.18
CA ASP AB 116 -36.15 42.62 -122.98
C ASP AB 116 -36.88 43.91 -122.66
N LEU AB 117 -36.87 44.33 -121.40
CA LEU AB 117 -37.41 45.63 -121.04
C LEU AB 117 -36.57 46.74 -121.63
N ALA AB 118 -35.25 46.69 -121.43
CA ALA AB 118 -34.37 47.70 -121.96
C ALA AB 118 -34.45 47.76 -123.49
N LEU AB 119 -34.46 46.61 -124.14
CA LEU AB 119 -34.52 46.58 -125.60
C LEU AB 119 -35.88 47.05 -126.13
N ASP AB 120 -36.91 47.07 -125.28
CA ASP AB 120 -38.18 47.61 -125.74
C ASP AB 120 -38.15 49.13 -125.76
N ARG AB 121 -37.48 49.75 -124.78
CA ARG AB 121 -37.30 51.20 -124.82
C ARG AB 121 -36.48 51.61 -126.03
N ILE AB 122 -35.39 50.90 -126.30
CA ILE AB 122 -34.51 51.24 -127.42
C ILE AB 122 -35.31 51.22 -128.72
N ARG AB 123 -35.99 50.11 -128.99
CA ARG AB 123 -36.86 50.04 -130.16
C ARG AB 123 -37.81 51.23 -130.20
N LYS AB 124 -38.50 51.48 -129.09
CA LYS AB 124 -39.39 52.63 -128.99
C LYS AB 124 -38.65 53.94 -128.96
N LEU AB 125 -37.33 53.93 -128.83
CA LEU AB 125 -36.55 55.16 -128.83
C LEU AB 125 -35.85 55.40 -130.16
N ALA AB 126 -35.60 54.35 -130.95
CA ALA AB 126 -34.99 54.52 -132.26
C ALA AB 126 -36.03 54.73 -133.36
N ASP AB 127 -37.20 54.09 -133.28
CA ASP AB 127 -38.21 54.31 -134.29
C ASP AB 127 -38.66 55.76 -134.34
N ASN AB 128 -38.47 56.51 -133.25
CA ASN AB 128 -38.70 57.95 -133.30
C ASN AB 128 -37.69 58.63 -134.21
N CYS AB 129 -36.47 58.13 -134.24
CA CYS AB 129 -35.42 58.75 -135.03
C CYS AB 129 -35.64 58.53 -136.52
N THR AB 130 -35.18 59.49 -137.31
CA THR AB 130 -35.15 59.36 -138.76
C THR AB 130 -33.80 58.82 -139.23
N GLY AB 131 -32.73 59.55 -138.94
CA GLY AB 131 -31.39 59.09 -139.25
C GLY AB 131 -30.57 58.87 -137.99
N LEU AB 132 -30.36 57.62 -137.62
CA LEU AB 132 -29.65 57.30 -136.40
C LEU AB 132 -28.15 57.24 -136.68
N GLN AB 133 -27.39 58.10 -136.02
CA GLN AB 133 -25.94 58.09 -136.20
C GLN AB 133 -25.32 56.88 -135.52
N GLY AB 134 -25.46 56.78 -134.20
CA GLY AB 134 -24.88 55.68 -133.47
C GLY AB 134 -25.15 55.83 -131.99
N PHE AB 135 -24.95 54.74 -131.27
CA PHE AB 135 -25.20 54.73 -129.83
C PHE AB 135 -23.97 55.24 -129.08
N LEU AB 136 -24.22 55.74 -127.87
CA LEU AB 136 -23.19 56.30 -127.01
C LEU AB 136 -23.25 55.56 -125.68
N VAL AB 137 -22.53 54.46 -125.56
CA VAL AB 137 -22.55 53.64 -124.35
C VAL AB 137 -21.56 54.22 -123.35
N PHE AB 138 -22.01 54.38 -122.11
CA PHE AB 138 -21.18 54.89 -121.03
C PHE AB 138 -21.09 53.80 -119.96
N ASN AB 139 -20.10 52.93 -120.10
CA ASN AB 139 -19.92 51.82 -119.19
C ASN AB 139 -18.87 52.15 -118.15
N ALA AB 140 -18.79 51.30 -117.13
CA ALA AB 140 -17.81 51.45 -116.05
C ALA AB 140 -17.22 50.08 -115.77
N VAL AB 141 -16.11 49.76 -116.43
CA VAL AB 141 -15.50 48.45 -116.29
C VAL AB 141 -15.01 48.26 -114.87
N GLY AB 142 -15.55 47.26 -114.17
CA GLY AB 142 -15.13 47.01 -112.80
C GLY AB 142 -16.26 46.60 -111.88
N GLY AB 143 -17.49 46.55 -112.40
CA GLY AB 143 -18.63 46.16 -111.61
C GLY AB 143 -19.49 45.13 -112.32
N GLY AB 144 -20.37 44.51 -111.54
CA GLY AB 144 -21.26 43.52 -112.12
C GLY AB 144 -22.20 44.11 -113.15
N THR AB 145 -22.80 45.26 -112.84
CA THR AB 145 -23.73 45.89 -113.78
C THR AB 145 -22.99 46.41 -115.00
N GLY AB 146 -21.91 47.16 -114.79
CA GLY AB 146 -21.20 47.75 -115.90
C GLY AB 146 -20.63 46.70 -116.85
N SER AB 147 -19.89 45.74 -116.31
CA SER AB 147 -19.29 44.72 -117.15
C SER AB 147 -20.32 43.69 -117.61
N GLY AB 148 -20.98 43.04 -116.65
CA GLY AB 148 -21.93 41.98 -116.97
C GLY AB 148 -23.08 42.42 -117.83
N LEU AB 149 -23.88 43.37 -117.35
CA LEU AB 149 -25.04 43.79 -118.13
C LEU AB 149 -24.63 44.63 -119.34
N GLY AB 150 -23.52 45.35 -119.24
CA GLY AB 150 -23.02 46.09 -120.39
C GLY AB 150 -22.76 45.17 -121.56
N SER AB 151 -21.95 44.13 -121.33
CA SER AB 151 -21.64 43.19 -122.40
C SER AB 151 -22.90 42.46 -122.87
N LEU AB 152 -23.70 41.98 -121.92
CA LEU AB 152 -24.94 41.30 -122.28
C LEU AB 152 -25.84 42.20 -123.12
N LEU AB 153 -25.77 43.51 -122.91
CA LEU AB 153 -26.53 44.43 -123.75
C LEU AB 153 -25.96 44.48 -125.15
N LEU AB 154 -24.68 44.85 -125.29
CA LEU AB 154 -24.08 45.06 -126.60
C LEU AB 154 -24.18 43.83 -127.48
N GLU AB 155 -24.18 42.63 -126.89
CA GLU AB 155 -24.47 41.44 -127.67
C GLU AB 155 -25.84 41.54 -128.33
N ARG AB 156 -26.85 41.90 -127.55
CA ARG AB 156 -28.19 42.04 -128.10
C ARG AB 156 -28.27 43.20 -129.08
N LEU AB 157 -27.51 44.27 -128.85
CA LEU AB 157 -27.57 45.42 -129.74
C LEU AB 157 -27.04 45.08 -131.13
N SER AB 158 -25.95 44.32 -131.20
CA SER AB 158 -25.36 44.00 -132.50
C SER AB 158 -26.29 43.10 -133.30
N VAL AB 159 -26.87 42.07 -132.66
CA VAL AB 159 -27.69 41.13 -133.40
C VAL AB 159 -28.96 41.78 -133.94
N ASP AB 160 -29.29 42.98 -133.51
CA ASP AB 160 -30.44 43.69 -134.07
C ASP AB 160 -30.01 44.59 -135.22
N TYR AB 161 -29.09 45.51 -134.96
CA TYR AB 161 -28.70 46.50 -135.96
C TYR AB 161 -27.48 46.03 -136.76
N GLY AB 162 -26.34 45.85 -136.10
CA GLY AB 162 -25.15 45.40 -136.78
C GLY AB 162 -24.56 46.50 -137.66
N LYS AB 163 -25.37 47.01 -138.58
CA LYS AB 163 -24.94 48.13 -139.42
C LYS AB 163 -24.72 49.39 -138.60
N LYS AB 164 -25.29 49.47 -137.41
CA LYS AB 164 -25.15 50.67 -136.59
C LYS AB 164 -23.83 50.65 -135.83
N SER AB 165 -23.33 51.83 -135.53
CA SER AB 165 -22.04 51.99 -134.89
C SER AB 165 -22.23 52.26 -133.40
N LYS AB 166 -21.55 51.48 -132.57
CA LYS AB 166 -21.59 51.62 -131.12
C LYS AB 166 -20.28 52.22 -130.63
N LEU AB 167 -20.37 53.12 -129.65
CA LEU AB 167 -19.21 53.74 -129.05
C LEU AB 167 -19.25 53.56 -127.55
N GLY AB 168 -18.08 53.39 -126.95
CA GLY AB 168 -18.02 53.15 -125.52
C GLY AB 168 -16.98 53.98 -124.80
N PHE AB 169 -17.43 54.83 -123.89
CA PHE AB 169 -16.53 55.64 -123.07
C PHE AB 169 -16.32 54.97 -121.71
N THR AB 170 -15.75 53.78 -121.75
CA THR AB 170 -15.65 52.94 -120.56
C THR AB 170 -14.48 53.37 -119.70
N VAL AB 171 -14.77 53.85 -118.49
CA VAL AB 171 -13.71 54.10 -117.53
C VAL AB 171 -13.02 52.78 -117.21
N TYR AB 172 -11.74 52.86 -116.88
CA TYR AB 172 -10.93 51.65 -116.79
C TYR AB 172 -10.30 51.53 -115.40
N PRO AB 173 -10.09 50.29 -114.93
CA PRO AB 173 -9.49 50.10 -113.59
C PRO AB 173 -8.08 50.65 -113.53
N SER AB 174 -7.83 51.52 -112.56
CA SER AB 174 -6.55 52.18 -112.41
C SER AB 174 -5.46 51.20 -111.99
N PRO AB 175 -4.20 51.51 -112.33
CA PRO AB 175 -3.09 50.70 -111.81
C PRO AB 175 -2.97 50.74 -110.30
N GLN AB 176 -2.90 51.93 -109.71
CA GLN AB 176 -2.71 52.06 -108.27
C GLN AB 176 -4.03 52.21 -107.53
N VAL AB 177 -4.78 53.26 -107.84
CA VAL AB 177 -6.06 53.50 -107.17
C VAL AB 177 -7.04 52.41 -107.56
N SER AB 178 -7.70 51.82 -106.57
CA SER AB 178 -8.66 50.76 -106.84
C SER AB 178 -9.67 50.69 -105.71
N THR AB 179 -10.96 50.64 -106.07
CA THR AB 179 -12.04 50.55 -105.11
C THR AB 179 -12.64 49.15 -105.04
N ALA AB 180 -12.05 48.18 -105.72
CA ALA AB 180 -12.53 46.80 -105.69
C ALA AB 180 -11.36 45.87 -105.44
N VAL AB 181 -11.67 44.60 -105.25
CA VAL AB 181 -10.65 43.58 -105.05
C VAL AB 181 -10.71 42.60 -106.22
N VAL AB 182 -11.90 42.42 -106.78
CA VAL AB 182 -12.12 41.49 -107.87
C VAL AB 182 -12.20 42.17 -109.21
N GLU AB 183 -11.91 43.47 -109.27
CA GLU AB 183 -12.06 44.18 -110.53
C GLU AB 183 -11.08 43.74 -111.62
N PRO AB 184 -9.91 43.16 -111.30
CA PRO AB 184 -9.14 42.52 -112.39
C PRO AB 184 -9.93 41.42 -113.08
N TYR AB 185 -10.73 40.65 -112.35
CA TYR AB 185 -11.51 39.58 -112.94
C TYR AB 185 -12.53 40.13 -113.92
N ASN AB 186 -13.53 40.85 -113.42
CA ASN AB 186 -14.65 41.26 -114.25
C ASN AB 186 -14.25 42.26 -115.32
N SER AB 187 -13.07 42.86 -115.20
CA SER AB 187 -12.57 43.71 -116.28
C SER AB 187 -12.27 42.88 -117.51
N VAL AB 188 -11.42 41.86 -117.36
CA VAL AB 188 -11.08 40.99 -118.47
C VAL AB 188 -12.33 40.35 -119.06
N LEU AB 189 -13.23 39.87 -118.19
CA LEU AB 189 -14.47 39.27 -118.67
C LEU AB 189 -15.26 40.22 -119.55
N SER AB 190 -15.16 41.53 -119.30
CA SER AB 190 -15.88 42.49 -120.11
C SER AB 190 -15.22 42.69 -121.46
N THR AB 191 -13.89 42.77 -121.48
CA THR AB 191 -13.17 43.07 -122.71
C THR AB 191 -13.49 42.08 -123.82
N HIS AB 192 -13.22 40.80 -123.57
CA HIS AB 192 -13.56 39.76 -124.53
C HIS AB 192 -15.00 39.86 -125.00
N SER AB 193 -15.91 40.23 -124.11
CA SER AB 193 -17.31 40.30 -124.50
C SER AB 193 -17.66 41.58 -125.23
N LEU AB 194 -16.90 42.66 -125.01
CA LEU AB 194 -17.15 43.89 -125.74
C LEU AB 194 -16.42 43.95 -127.07
N LEU AB 195 -15.25 43.33 -127.16
CA LEU AB 195 -14.38 43.54 -128.31
C LEU AB 195 -15.05 43.14 -129.62
N GLU AB 196 -15.62 41.94 -129.67
CA GLU AB 196 -16.31 41.53 -130.88
C GLU AB 196 -17.62 42.27 -131.11
N HIS AB 197 -18.02 43.17 -130.21
CA HIS AB 197 -19.29 43.86 -130.31
C HIS AB 197 -19.15 45.35 -130.57
N THR AB 198 -18.42 46.06 -129.73
CA THR AB 198 -18.27 47.49 -129.91
C THR AB 198 -17.45 47.79 -131.16
N ASP AB 199 -17.59 49.02 -131.64
CA ASP AB 199 -16.89 49.48 -132.85
C ASP AB 199 -15.76 50.43 -132.55
N VAL AB 200 -15.93 51.32 -131.58
CA VAL AB 200 -14.87 52.22 -131.11
C VAL AB 200 -14.99 52.33 -129.60
N ALA AB 201 -13.86 52.30 -128.89
CA ALA AB 201 -13.88 52.32 -127.44
C ALA AB 201 -12.83 53.31 -126.94
N VAL AB 202 -13.29 54.41 -126.36
CA VAL AB 202 -12.41 55.40 -125.76
C VAL AB 202 -12.16 54.99 -124.32
N MET AB 203 -10.88 54.96 -123.94
CA MET AB 203 -10.48 54.49 -122.62
C MET AB 203 -9.97 55.65 -121.77
N LEU AB 204 -10.32 55.63 -120.50
CA LEU AB 204 -9.86 56.66 -119.58
C LEU AB 204 -9.83 56.09 -118.17
N ASP AB 205 -9.10 56.76 -117.30
CA ASP AB 205 -8.78 56.23 -115.97
C ASP AB 205 -9.14 57.25 -114.90
N ASN AB 206 -9.65 56.76 -113.76
CA ASN AB 206 -9.99 57.66 -112.66
C ASN AB 206 -8.76 58.30 -112.04
N GLU AB 207 -7.61 57.64 -112.15
CA GLU AB 207 -6.41 58.14 -111.47
C GLU AB 207 -5.76 59.27 -112.26
N ALA AB 208 -5.61 59.11 -113.57
CA ALA AB 208 -4.99 60.16 -114.37
C ALA AB 208 -5.79 61.45 -114.34
N ILE AB 209 -7.10 61.34 -114.17
CA ILE AB 209 -7.92 62.55 -114.06
C ILE AB 209 -7.76 63.20 -112.70
N TYR AB 210 -7.50 62.39 -111.66
CA TYR AB 210 -7.19 62.96 -110.35
C TYR AB 210 -5.99 63.89 -110.44
N ASP AB 211 -4.97 63.49 -111.19
CA ASP AB 211 -3.77 64.31 -111.31
C ASP AB 211 -4.08 65.62 -112.01
N ILE AB 212 -4.78 65.57 -113.13
CA ILE AB 212 -5.10 66.78 -113.88
C ILE AB 212 -5.89 67.75 -113.02
N CYS AB 213 -6.80 67.23 -112.19
CA CYS AB 213 -7.54 68.09 -111.28
C CYS AB 213 -6.65 68.74 -110.24
N ARG AB 214 -5.43 68.24 -110.05
CA ARG AB 214 -4.52 68.79 -109.05
C ARG AB 214 -3.48 69.72 -109.63
N ARG AB 215 -2.88 69.38 -110.77
CA ARG AB 215 -1.92 70.28 -111.41
C ARG AB 215 -2.62 71.52 -111.95
N SER AB 216 -3.61 71.32 -112.82
CA SER AB 216 -4.21 72.43 -113.55
C SER AB 216 -5.25 73.16 -112.71
N LEU AB 217 -6.30 72.45 -112.30
CA LEU AB 217 -7.40 73.09 -111.61
C LEU AB 217 -7.08 73.46 -110.17
N ASP AB 218 -6.00 72.92 -109.61
CA ASP AB 218 -5.61 73.17 -108.23
C ASP AB 218 -6.74 72.80 -107.26
N ILE AB 219 -7.23 71.58 -107.39
CA ILE AB 219 -8.35 71.08 -106.61
C ILE AB 219 -7.79 69.99 -105.71
N GLU AB 220 -7.47 70.33 -104.47
CA GLU AB 220 -6.98 69.34 -103.52
C GLU AB 220 -8.09 68.55 -102.87
N ARG AB 221 -9.34 68.83 -103.20
CA ARG AB 221 -10.49 68.05 -102.76
C ARG AB 221 -11.22 67.47 -103.97
N PRO AB 222 -10.57 66.62 -104.75
CA PRO AB 222 -11.22 66.07 -105.94
C PRO AB 222 -12.19 64.97 -105.55
N THR AB 223 -13.27 64.86 -106.32
CA THR AB 223 -14.32 63.93 -106.02
C THR AB 223 -14.93 63.48 -107.34
N TYR AB 224 -15.62 62.34 -107.31
CA TYR AB 224 -16.25 61.82 -108.51
C TYR AB 224 -17.09 62.87 -109.21
N THR AB 225 -17.64 63.83 -108.46
CA THR AB 225 -18.39 64.91 -109.07
C THR AB 225 -17.50 65.89 -109.81
N ASN AB 226 -16.18 65.84 -109.60
CA ASN AB 226 -15.27 66.72 -110.32
C ASN AB 226 -14.81 66.10 -111.63
N LEU AB 227 -14.44 64.82 -111.61
CA LEU AB 227 -14.02 64.13 -112.83
C LEU AB 227 -15.15 64.11 -113.85
N ASN AB 228 -16.34 63.66 -113.44
CA ASN AB 228 -17.47 63.54 -114.35
C ASN AB 228 -17.79 64.86 -115.04
N ARG AB 229 -17.42 65.99 -114.44
CA ARG AB 229 -17.52 67.26 -115.15
C ARG AB 229 -16.60 67.30 -116.35
N LEU AB 230 -15.42 66.69 -116.26
CA LEU AB 230 -14.47 66.76 -117.37
C LEU AB 230 -14.94 65.94 -118.55
N ILE AB 231 -15.44 64.72 -118.28
CA ILE AB 231 -15.92 63.87 -119.36
C ILE AB 231 -17.01 64.57 -120.16
N ALA AB 232 -17.90 65.28 -119.48
CA ALA AB 232 -18.94 66.03 -120.16
C ALA AB 232 -18.33 67.04 -121.14
N GLN AB 233 -17.20 67.63 -120.78
CA GLN AB 233 -16.54 68.56 -121.67
C GLN AB 233 -15.97 67.86 -122.90
N VAL AB 234 -15.58 66.60 -122.76
CA VAL AB 234 -15.03 65.86 -123.90
C VAL AB 234 -16.12 65.55 -124.91
N ILE AB 235 -17.23 64.97 -124.45
CA ILE AB 235 -18.31 64.56 -125.35
C ILE AB 235 -18.87 65.76 -126.09
N SER AB 236 -19.08 66.88 -125.39
CA SER AB 236 -19.60 68.07 -126.04
C SER AB 236 -18.65 68.52 -127.14
N SER AB 237 -17.34 68.47 -126.88
CA SER AB 237 -16.36 68.79 -127.91
C SER AB 237 -16.45 67.84 -129.09
N LEU AB 238 -16.78 66.58 -128.84
CA LEU AB 238 -16.82 65.60 -129.91
C LEU AB 238 -18.05 65.79 -130.78
N THR AB 239 -19.23 65.70 -130.20
CA THR AB 239 -20.49 65.77 -130.93
C THR AB 239 -20.82 67.15 -131.44
N ALA AB 240 -19.93 68.13 -131.31
CA ALA AB 240 -20.23 69.48 -131.78
C ALA AB 240 -20.57 69.49 -133.26
N SER AB 241 -19.73 68.83 -134.07
CA SER AB 241 -19.99 68.80 -135.52
C SER AB 241 -21.32 68.16 -135.86
N LEU AB 242 -21.84 67.30 -134.98
CA LEU AB 242 -23.15 66.72 -135.21
C LEU AB 242 -24.25 67.77 -135.05
N ARG AB 243 -24.08 68.69 -134.11
CA ARG AB 243 -25.15 69.61 -133.73
C ARG AB 243 -24.71 71.07 -133.81
N PHE AB 244 -23.62 71.37 -134.49
CA PHE AB 244 -23.19 72.75 -134.69
C PHE AB 244 -22.49 72.85 -136.03
N ASP AB 245 -22.42 74.07 -136.55
CA ASP AB 245 -21.75 74.29 -137.82
C ASP AB 245 -20.27 74.52 -137.59
N GLY AB 246 -19.56 74.98 -138.62
CA GLY AB 246 -18.13 75.18 -138.53
C GLY AB 246 -17.40 74.45 -139.65
N ALA AB 247 -16.21 74.91 -139.98
CA ALA AB 247 -15.44 74.27 -141.03
C ALA AB 247 -15.01 72.88 -140.61
N LEU AB 248 -14.82 72.00 -141.61
CA LEU AB 248 -14.32 70.65 -141.40
C LEU AB 248 -15.24 69.85 -140.46
N ASN AB 249 -16.45 69.61 -140.95
CA ASN AB 249 -17.39 68.77 -140.24
C ASN AB 249 -16.83 67.37 -140.06
N VAL AB 250 -17.32 66.68 -139.03
CA VAL AB 250 -16.92 65.31 -138.72
C VAL AB 250 -18.12 64.55 -138.20
N ASP AB 251 -18.50 63.47 -138.89
CA ASP AB 251 -19.54 62.58 -138.42
C ASP AB 251 -18.90 61.27 -137.95
N ILE AB 252 -19.72 60.41 -137.37
CA ILE AB 252 -19.19 59.20 -136.74
C ILE AB 252 -18.59 58.27 -137.79
N THR AB 253 -19.18 58.20 -138.97
CA THR AB 253 -18.65 57.34 -140.03
C THR AB 253 -17.24 57.76 -140.40
N GLU AB 254 -17.09 58.99 -140.92
CA GLU AB 254 -15.78 59.46 -141.33
C GLU AB 254 -14.84 59.69 -140.15
N PHE AB 255 -15.32 59.51 -138.92
CA PHE AB 255 -14.44 59.58 -137.76
C PHE AB 255 -13.78 58.23 -137.48
N GLN AB 256 -14.54 57.15 -137.56
CA GLN AB 256 -13.99 55.83 -137.33
C GLN AB 256 -13.21 55.29 -138.52
N THR AB 257 -13.47 55.79 -139.73
CA THR AB 257 -12.84 55.19 -140.90
C THR AB 257 -11.37 55.55 -141.01
N ASN AB 258 -10.96 56.69 -140.47
CA ASN AB 258 -9.57 57.10 -140.47
C ASN AB 258 -8.97 57.13 -139.06
N LEU AB 259 -9.42 56.22 -138.20
CA LEU AB 259 -8.85 56.09 -136.88
C LEU AB 259 -8.59 54.62 -136.55
N VAL AB 260 -9.35 53.72 -137.17
CA VAL AB 260 -9.25 52.30 -136.87
C VAL AB 260 -8.72 51.57 -138.10
N PRO AB 261 -7.43 51.30 -138.19
CA PRO AB 261 -6.90 50.57 -139.35
C PRO AB 261 -7.29 49.11 -139.36
N TYR AB 262 -7.18 48.44 -138.21
CA TYR AB 262 -7.48 47.02 -138.17
C TYR AB 262 -8.70 46.77 -137.27
N PRO AB 263 -9.49 45.74 -137.58
CA PRO AB 263 -10.80 45.59 -136.93
C PRO AB 263 -10.77 45.61 -135.41
N ARG AB 264 -9.72 45.08 -134.79
CA ARG AB 264 -9.72 44.92 -133.34
C ARG AB 264 -8.88 45.95 -132.61
N ILE AB 265 -8.13 46.79 -133.31
CA ILE AB 265 -7.33 47.83 -132.67
C ILE AB 265 -8.19 49.10 -132.66
N HIS AB 266 -8.99 49.24 -131.61
CA HIS AB 266 -9.85 50.42 -131.49
C HIS AB 266 -9.91 50.95 -130.06
N PHE AB 267 -8.93 50.61 -129.23
CA PHE AB 267 -8.84 51.12 -127.87
C PHE AB 267 -7.98 52.38 -127.89
N MET AB 268 -8.62 53.54 -127.78
CA MET AB 268 -7.96 54.82 -128.01
C MET AB 268 -7.85 55.61 -126.72
N LEU AB 269 -6.87 56.51 -126.71
CA LEU AB 269 -6.64 57.40 -125.59
C LEU AB 269 -7.54 58.62 -125.73
N SER AB 270 -7.30 59.64 -124.92
CA SER AB 270 -8.09 60.87 -124.96
C SER AB 270 -7.34 61.96 -124.22
N SER AB 271 -7.63 63.21 -124.59
CA SER AB 271 -6.97 64.35 -123.97
C SER AB 271 -7.72 65.61 -124.34
N TYR AB 272 -7.66 66.59 -123.44
CA TYR AB 272 -8.39 67.84 -123.61
C TYR AB 272 -7.53 68.99 -123.11
N ALA AB 273 -7.65 70.14 -123.78
CA ALA AB 273 -6.88 71.32 -123.44
C ALA AB 273 -7.54 72.52 -124.08
N PRO AB 274 -7.52 73.70 -123.44
CA PRO AB 274 -6.89 73.94 -122.15
C PRO AB 274 -7.81 73.59 -120.99
N ILE AB 275 -7.24 73.38 -119.82
CA ILE AB 275 -8.00 73.08 -118.62
C ILE AB 275 -7.43 73.92 -117.49
N ILE AB 276 -8.20 74.89 -117.03
CA ILE AB 276 -7.69 75.98 -116.20
C ILE AB 276 -8.81 76.47 -115.29
N SER AB 277 -8.44 77.23 -114.28
CA SER AB 277 -9.40 77.85 -113.37
C SER AB 277 -9.76 79.24 -113.91
N ALA AB 278 -10.47 80.03 -113.11
CA ALA AB 278 -10.97 81.32 -113.61
C ALA AB 278 -9.88 82.38 -113.64
N GLU AB 279 -9.04 82.42 -112.60
CA GLU AB 279 -8.10 83.53 -112.45
C GLU AB 279 -6.91 83.38 -113.38
N LYS AB 280 -6.40 82.17 -113.54
CA LYS AB 280 -5.34 81.94 -114.52
C LYS AB 280 -5.87 81.98 -115.94
N ALA AB 281 -7.20 81.94 -116.12
CA ALA AB 281 -7.74 81.92 -117.47
C ALA AB 281 -7.48 83.24 -118.19
N TYR AB 282 -7.62 84.35 -117.49
CA TYR AB 282 -7.61 85.63 -118.17
C TYR AB 282 -6.24 86.31 -118.18
N HIS AB 283 -5.24 85.72 -117.54
CA HIS AB 283 -3.86 86.15 -117.75
C HIS AB 283 -3.20 85.27 -118.81
N GLU AB 284 -3.87 85.07 -119.95
CA GLU AB 284 -3.39 84.11 -120.92
C GLU AB 284 -3.88 84.49 -122.30
N GLN AB 285 -3.30 83.83 -123.30
CA GLN AB 285 -3.71 83.98 -124.69
C GLN AB 285 -4.26 82.71 -125.29
N LEU AB 286 -3.75 81.55 -124.88
CA LEU AB 286 -4.24 80.25 -125.31
C LEU AB 286 -4.28 80.17 -126.84
N SER AB 287 -3.17 80.57 -127.46
CA SER AB 287 -3.08 80.50 -128.91
C SER AB 287 -3.21 79.06 -129.38
N VAL AB 288 -3.55 78.92 -130.66
CA VAL AB 288 -3.77 77.58 -131.22
C VAL AB 288 -2.53 76.72 -131.06
N ALA AB 289 -1.35 77.35 -130.98
CA ALA AB 289 -0.12 76.59 -130.81
C ALA AB 289 0.04 76.07 -129.40
N GLU AB 290 -0.18 76.92 -128.39
CA GLU AB 290 -0.07 76.48 -127.01
C GLU AB 290 -1.11 75.43 -126.68
N ILE AB 291 -2.31 75.54 -127.24
CA ILE AB 291 -3.37 74.58 -126.95
C ILE AB 291 -2.99 73.21 -127.47
N THR AB 292 -2.54 73.13 -128.72
CA THR AB 292 -2.26 71.83 -129.32
C THR AB 292 -1.01 71.18 -128.75
N ASN AB 293 -0.20 71.90 -127.99
CA ASN AB 293 0.95 71.28 -127.34
C ASN AB 293 0.54 70.59 -126.05
N ALA AB 294 -0.33 71.23 -125.27
CA ALA AB 294 -0.81 70.61 -124.04
C ALA AB 294 -1.58 69.32 -124.34
N ALA AB 295 -2.25 69.26 -125.49
CA ALA AB 295 -2.96 68.04 -125.86
C ALA AB 295 -2.00 66.87 -126.00
N PHE AB 296 -0.91 67.07 -126.74
CA PHE AB 296 0.06 66.01 -126.97
C PHE AB 296 1.04 65.84 -125.82
N GLU AB 297 0.73 66.37 -124.66
CA GLU AB 297 1.59 66.19 -123.50
C GLU AB 297 1.15 64.98 -122.71
N PRO AB 298 2.07 64.07 -122.36
CA PRO AB 298 1.68 62.88 -121.59
C PRO AB 298 0.96 63.17 -120.30
N ALA AB 299 1.22 64.32 -119.67
CA ALA AB 299 0.52 64.65 -118.43
C ALA AB 299 -0.97 64.85 -118.65
N SER AB 300 -1.35 65.44 -119.78
CA SER AB 300 -2.75 65.77 -120.04
C SER AB 300 -3.54 64.61 -120.62
N MET AB 301 -3.07 63.38 -120.48
CA MET AB 301 -3.87 62.24 -120.89
C MET AB 301 -4.90 61.92 -119.81
N MET AB 302 -5.95 61.22 -120.22
CA MET AB 302 -6.98 60.77 -119.29
C MET AB 302 -6.78 59.32 -118.87
N VAL AB 303 -5.73 58.67 -119.34
CA VAL AB 303 -5.43 57.30 -118.98
C VAL AB 303 -3.99 57.25 -118.50
N LYS AB 304 -3.71 56.29 -117.61
CA LYS AB 304 -2.38 56.19 -117.00
C LYS AB 304 -1.43 55.40 -117.88
N CYS AB 305 -1.26 55.84 -119.12
CA CYS AB 305 -0.33 55.23 -120.06
C CYS AB 305 0.57 56.31 -120.63
N ASP AB 306 1.87 56.01 -120.71
CA ASP AB 306 2.83 56.94 -121.26
C ASP AB 306 2.90 56.77 -122.77
N PRO AB 307 2.57 57.80 -123.56
CA PRO AB 307 2.57 57.62 -125.02
C PRO AB 307 3.95 57.60 -125.65
N ARG AB 308 4.98 58.00 -124.92
CA ARG AB 308 6.33 58.05 -125.45
C ARG AB 308 7.04 56.70 -125.38
N HIS AB 309 6.36 55.65 -124.93
CA HIS AB 309 6.88 54.31 -124.98
C HIS AB 309 6.31 53.52 -126.15
N GLY AB 310 5.56 54.18 -127.01
CA GLY AB 310 5.05 53.56 -128.21
C GLY AB 310 5.07 54.53 -129.36
N LYS AB 311 4.14 54.38 -130.31
CA LYS AB 311 4.05 55.26 -131.45
C LYS AB 311 2.59 55.64 -131.63
N TYR AB 312 2.33 56.51 -132.60
CA TYR AB 312 0.99 56.99 -132.88
C TYR AB 312 0.54 56.41 -134.21
N MET AB 313 -0.51 55.59 -134.18
CA MET AB 313 -1.05 55.05 -135.42
C MET AB 313 -1.92 56.10 -136.13
N ALA AB 314 -2.62 56.93 -135.35
CA ALA AB 314 -3.42 58.02 -135.90
C ALA AB 314 -3.87 58.90 -134.75
N CYS AB 315 -4.30 60.11 -135.09
CA CYS AB 315 -4.81 61.07 -134.12
C CYS AB 315 -6.03 61.76 -134.71
N CYS AB 316 -6.74 62.47 -133.85
CA CYS AB 316 -7.92 63.21 -134.30
C CYS AB 316 -8.05 64.44 -133.42
N LEU AB 317 -8.12 65.61 -134.04
CA LEU AB 317 -8.04 66.89 -133.34
C LEU AB 317 -9.32 67.67 -133.57
N MET AB 318 -10.23 67.61 -132.59
CA MET AB 318 -11.43 68.43 -132.62
C MET AB 318 -11.12 69.74 -131.93
N TYR AB 319 -11.01 70.81 -132.70
CA TYR AB 319 -10.88 72.14 -132.12
C TYR AB 319 -12.27 72.70 -131.83
N ARG AB 320 -12.27 73.82 -131.12
CA ARG AB 320 -13.54 74.41 -130.70
C ARG AB 320 -13.29 75.84 -130.27
N GLY AB 321 -14.03 76.78 -130.86
CA GLY AB 321 -13.85 78.18 -130.55
C GLY AB 321 -13.36 78.97 -131.74
N ASP AB 322 -12.84 80.17 -131.51
CA ASP AB 322 -12.34 81.02 -132.58
C ASP AB 322 -11.01 80.48 -133.06
N VAL AB 323 -11.04 79.65 -134.11
CA VAL AB 323 -9.86 79.04 -134.68
C VAL AB 323 -9.98 79.07 -136.19
N VAL AB 324 -8.92 79.49 -136.87
CA VAL AB 324 -8.86 79.45 -138.32
C VAL AB 324 -8.11 78.20 -138.74
N PRO AB 325 -8.36 77.65 -139.93
CA PRO AB 325 -7.69 76.40 -140.30
C PRO AB 325 -6.20 76.55 -140.53
N LYS AB 326 -5.73 77.74 -140.92
CA LYS AB 326 -4.32 77.89 -141.23
C LYS AB 326 -3.45 77.71 -140.01
N ASP AB 327 -3.97 78.03 -138.82
CA ASP AB 327 -3.19 77.82 -137.60
C ASP AB 327 -3.12 76.34 -137.24
N VAL AB 328 -4.19 75.58 -137.51
CA VAL AB 328 -4.15 74.14 -137.27
C VAL AB 328 -3.10 73.51 -138.16
N ASN AB 329 -3.13 73.81 -139.45
CA ASN AB 329 -2.11 73.29 -140.37
C ASN AB 329 -0.73 73.76 -139.98
N ALA AB 330 -0.63 74.91 -139.29
CA ALA AB 330 0.68 75.41 -138.89
C ALA AB 330 1.17 74.74 -137.61
N SER AB 331 0.26 74.43 -136.69
CA SER AB 331 0.67 73.84 -135.42
C SER AB 331 0.87 72.34 -135.52
N VAL AB 332 0.02 71.66 -136.29
CA VAL AB 332 0.21 70.23 -136.52
C VAL AB 332 1.52 69.98 -137.24
N ALA AB 333 1.94 70.90 -138.10
CA ALA AB 333 3.24 70.77 -138.74
C ALA AB 333 4.36 70.84 -137.70
N THR AB 334 4.18 71.64 -136.66
CA THR AB 334 5.19 71.74 -135.62
C THR AB 334 5.31 70.43 -134.84
N ILE AB 335 4.19 69.76 -134.60
CA ILE AB 335 4.23 68.47 -133.91
C ILE AB 335 5.00 67.45 -134.73
N LYS AB 336 4.78 67.43 -136.04
CA LYS AB 336 5.52 66.52 -136.91
C LYS AB 336 7.01 66.79 -136.90
N THR AB 337 7.44 67.94 -136.37
CA THR AB 337 8.86 68.26 -136.31
C THR AB 337 9.52 67.82 -135.02
N LYS AB 338 8.75 67.47 -134.00
CA LYS AB 338 9.34 66.97 -132.77
C LYS AB 338 9.82 65.53 -132.96
N ARG AB 339 10.71 65.10 -132.08
CA ARG AB 339 11.26 63.75 -132.12
C ARG AB 339 10.73 62.85 -131.03
N THR AB 340 10.20 63.42 -129.95
CA THR AB 340 9.61 62.62 -128.88
C THR AB 340 8.30 61.98 -129.30
N ILE AB 341 7.68 62.49 -130.36
CA ILE AB 341 6.38 62.01 -130.82
C ILE AB 341 6.61 61.13 -132.04
N GLN AB 342 6.47 59.82 -131.86
CA GLN AB 342 6.77 58.86 -132.90
C GLN AB 342 5.50 58.40 -133.60
N PHE AB 343 5.57 58.31 -134.92
CA PHE AB 343 4.48 57.81 -135.74
C PHE AB 343 4.96 56.57 -136.49
N VAL AB 344 4.12 55.53 -136.49
CA VAL AB 344 4.46 54.33 -137.24
C VAL AB 344 4.67 54.67 -138.71
N ASP AB 345 5.48 53.86 -139.39
CA ASP AB 345 5.90 54.19 -140.74
C ASP AB 345 4.77 54.00 -141.74
N TRP AB 346 3.85 53.09 -141.49
CA TRP AB 346 2.84 52.83 -142.51
C TRP AB 346 1.78 53.91 -142.58
N CYS AB 347 1.92 55.05 -141.92
CA CYS AB 347 0.99 56.17 -142.09
C CYS AB 347 1.77 57.46 -142.23
N PRO AB 348 1.77 58.08 -143.41
CA PRO AB 348 2.37 59.41 -143.55
C PRO AB 348 1.46 60.47 -142.97
N THR AB 349 0.16 60.26 -143.12
CA THR AB 349 -0.86 61.09 -142.50
C THR AB 349 -1.01 60.66 -141.05
N GLY AB 350 -2.12 61.01 -140.41
CA GLY AB 350 -2.28 60.71 -139.01
C GLY AB 350 -3.06 61.74 -138.23
N PHE AB 351 -3.55 62.77 -138.92
CA PHE AB 351 -4.33 63.82 -138.26
C PHE AB 351 -5.62 64.06 -139.02
N LYS AB 352 -6.73 63.74 -138.38
CA LYS AB 352 -8.06 64.13 -138.85
C LYS AB 352 -8.50 65.27 -137.95
N CYS AB 353 -8.29 66.51 -138.41
CA CYS AB 353 -8.61 67.68 -137.62
C CYS AB 353 -10.03 68.14 -137.88
N GLY AB 354 -10.57 68.90 -136.93
CA GLY AB 354 -11.92 69.41 -137.04
C GLY AB 354 -12.11 70.70 -136.29
N ILE AB 355 -12.91 71.61 -136.83
CA ILE AB 355 -13.13 72.91 -136.24
C ILE AB 355 -14.62 73.11 -135.98
N ASN AB 356 -14.93 73.88 -134.94
CA ASN AB 356 -16.28 74.30 -134.66
C ASN AB 356 -16.25 75.73 -134.15
N TYR AB 357 -17.20 76.54 -134.59
CA TYR AB 357 -17.25 77.92 -134.15
C TYR AB 357 -17.95 78.09 -132.81
N GLN AB 358 -18.66 77.07 -132.34
CA GLN AB 358 -19.37 77.15 -131.08
C GLN AB 358 -18.41 76.89 -129.93
N PRO AB 359 -18.02 77.91 -129.17
CA PRO AB 359 -17.03 77.74 -128.12
C PRO AB 359 -17.56 76.83 -127.02
N PRO AB 360 -16.70 76.32 -126.15
CA PRO AB 360 -17.18 75.50 -125.05
C PRO AB 360 -17.99 76.33 -124.06
N THR AB 361 -18.86 75.65 -123.33
CA THR AB 361 -19.69 76.29 -122.32
C THR AB 361 -19.21 75.90 -120.93
N VAL AB 362 -19.53 76.76 -119.97
CA VAL AB 362 -19.09 76.60 -118.59
C VAL AB 362 -20.31 76.37 -117.71
N VAL AB 363 -20.16 75.50 -116.72
CA VAL AB 363 -21.26 75.16 -115.82
C VAL AB 363 -21.23 76.08 -114.61
N PRO AB 364 -22.36 76.63 -114.18
CA PRO AB 364 -22.37 77.43 -112.95
C PRO AB 364 -22.01 76.57 -111.76
N GLY AB 365 -21.30 77.18 -110.81
CA GLY AB 365 -20.73 76.44 -109.70
C GLY AB 365 -19.70 75.42 -110.10
N GLY AB 366 -19.37 75.31 -111.39
CA GLY AB 366 -18.42 74.33 -111.85
C GLY AB 366 -16.99 74.68 -111.52
N ASP AB 367 -16.06 74.18 -112.33
CA ASP AB 367 -14.65 74.34 -112.00
C ASP AB 367 -13.84 74.91 -113.16
N LEU AB 368 -14.25 74.64 -114.39
CA LEU AB 368 -13.56 75.17 -115.55
C LEU AB 368 -13.83 76.68 -115.66
N ALA AB 369 -13.26 77.29 -116.69
CA ALA AB 369 -13.44 78.71 -116.94
C ALA AB 369 -13.90 78.90 -118.37
N LYS AB 370 -14.50 80.07 -118.62
CA LYS AB 370 -14.92 80.40 -119.98
C LYS AB 370 -13.70 80.81 -120.79
N VAL AB 371 -13.50 80.13 -121.91
CA VAL AB 371 -12.37 80.38 -122.81
C VAL AB 371 -12.90 80.49 -124.23
N GLN AB 372 -12.05 80.93 -125.14
CA GLN AB 372 -12.42 81.09 -126.53
C GLN AB 372 -11.80 80.04 -127.43
N ARG AB 373 -11.02 79.10 -126.88
CA ARG AB 373 -10.43 78.04 -127.66
C ARG AB 373 -10.34 76.79 -126.80
N ALA AB 374 -10.40 75.63 -127.47
CA ALA AB 374 -10.31 74.35 -126.77
C ALA AB 374 -10.05 73.26 -127.80
N VAL AB 375 -9.29 72.25 -127.40
CA VAL AB 375 -8.99 71.12 -128.27
C VAL AB 375 -9.35 69.84 -127.53
N CYS AB 376 -9.78 68.85 -128.30
CA CYS AB 376 -10.03 67.51 -127.79
C CYS AB 376 -9.26 66.54 -128.67
N MET AB 377 -8.36 65.78 -128.05
CA MET AB 377 -7.45 64.91 -128.78
C MET AB 377 -7.83 63.45 -128.52
N ILE AB 378 -8.07 62.71 -129.59
CA ILE AB 378 -8.32 61.27 -129.53
C ILE AB 378 -7.28 60.59 -130.39
N SER AB 379 -6.42 59.79 -129.78
CA SER AB 379 -5.28 59.19 -130.46
C SER AB 379 -5.33 57.69 -130.34
N ASN AB 380 -5.09 57.00 -131.45
CA ASN AB 380 -4.95 55.55 -131.48
C ASN AB 380 -3.45 55.28 -131.46
N SER AB 381 -2.91 55.07 -130.26
CA SER AB 381 -1.48 54.81 -130.07
C SER AB 381 -1.26 53.36 -129.71
N THR AB 382 -0.08 52.86 -130.05
CA THR AB 382 0.27 51.48 -129.73
C THR AB 382 0.80 51.32 -128.32
N ALA AB 383 1.02 52.42 -127.59
CA ALA AB 383 1.43 52.31 -126.21
C ALA AB 383 0.30 51.83 -125.31
N ILE AB 384 -0.95 51.95 -125.75
CA ILE AB 384 -2.10 51.56 -124.94
C ILE AB 384 -2.04 50.09 -124.55
N GLY AB 385 -1.25 49.29 -125.26
CA GLY AB 385 -1.05 47.91 -124.86
C GLY AB 385 -0.41 47.73 -123.51
N GLU AB 386 0.18 48.79 -122.95
CA GLU AB 386 0.78 48.69 -121.63
C GLU AB 386 -0.27 48.39 -120.56
N ILE AB 387 -1.28 49.26 -120.44
CA ILE AB 387 -2.29 49.07 -119.41
C ILE AB 387 -3.02 47.76 -119.59
N PHE AB 388 -2.93 47.15 -120.77
CA PHE AB 388 -3.50 45.84 -120.98
C PHE AB 388 -2.59 44.72 -120.47
N SER AB 389 -1.34 45.03 -120.13
CA SER AB 389 -0.41 44.03 -119.65
C SER AB 389 -0.45 43.86 -118.14
N ARG AB 390 -0.68 44.96 -117.40
CA ARG AB 390 -0.87 44.83 -115.96
C ARG AB 390 -2.07 43.97 -115.64
N LEU AB 391 -3.18 44.21 -116.33
CA LEU AB 391 -4.37 43.40 -116.09
C LEU AB 391 -4.16 41.94 -116.49
N ASP AB 392 -3.33 41.68 -117.51
CA ASP AB 392 -2.92 40.32 -117.77
C ASP AB 392 -2.24 39.72 -116.56
N HIS AB 393 -1.48 40.54 -115.84
CA HIS AB 393 -0.70 40.05 -114.71
C HIS AB 393 -1.57 39.77 -113.51
N LYS AB 394 -2.34 40.78 -113.07
CA LYS AB 394 -3.14 40.63 -111.85
C LYS AB 394 -4.10 39.47 -111.95
N PHE AB 395 -4.81 39.35 -113.08
CA PHE AB 395 -5.63 38.18 -113.33
C PHE AB 395 -4.81 36.91 -113.18
N ASP AB 396 -3.63 36.88 -113.80
CA ASP AB 396 -2.75 35.74 -113.67
C ASP AB 396 -2.24 35.56 -112.24
N LEU AB 397 -2.26 36.62 -111.44
CA LEU AB 397 -1.74 36.54 -110.08
C LEU AB 397 -2.72 35.91 -109.10
N MET AB 398 -4.01 36.03 -109.37
CA MET AB 398 -5.03 35.46 -108.49
C MET AB 398 -5.69 34.22 -109.05
N TYR AB 399 -5.78 34.11 -110.38
CA TYR AB 399 -6.33 32.91 -111.00
C TYR AB 399 -5.50 31.67 -110.71
N ALA AB 400 -4.24 31.83 -110.31
CA ALA AB 400 -3.44 30.70 -109.90
C ALA AB 400 -4.08 29.97 -108.73
N LYS AB 401 -4.38 30.70 -107.66
CA LYS AB 401 -5.05 30.12 -106.52
C LYS AB 401 -6.54 29.94 -106.73
N ARG AB 402 -7.09 30.47 -107.83
CA ARG AB 402 -8.52 30.47 -108.08
C ARG AB 402 -9.28 31.13 -106.93
N ALA AB 403 -8.91 32.36 -106.63
CA ALA AB 403 -9.59 33.13 -105.61
C ALA AB 403 -10.85 33.77 -106.18
N PHE AB 404 -11.88 33.86 -105.35
CA PHE AB 404 -13.17 34.44 -105.69
C PHE AB 404 -13.86 33.74 -106.85
N VAL AB 405 -13.34 32.59 -107.29
CA VAL AB 405 -13.95 31.93 -108.43
C VAL AB 405 -15.23 31.23 -108.02
N HIS AB 406 -15.32 30.78 -106.77
CA HIS AB 406 -16.53 30.07 -106.34
C HIS AB 406 -17.77 30.96 -106.43
N TRP AB 407 -17.59 32.27 -106.47
CA TRP AB 407 -18.73 33.15 -106.71
C TRP AB 407 -19.20 33.04 -108.15
N TYR AB 408 -18.29 33.27 -109.11
CA TYR AB 408 -18.67 33.31 -110.51
C TYR AB 408 -19.26 31.99 -110.98
N VAL AB 409 -18.71 30.87 -110.50
CA VAL AB 409 -19.30 29.58 -110.85
C VAL AB 409 -20.57 29.33 -110.06
N GLY AB 410 -20.76 30.04 -108.95
CA GLY AB 410 -22.01 29.93 -108.21
C GLY AB 410 -23.16 30.68 -108.82
N GLU AB 411 -22.89 31.54 -109.81
CA GLU AB 411 -23.93 32.32 -110.48
C GLU AB 411 -24.02 31.92 -111.96
N GLY AB 412 -23.98 30.62 -112.24
CA GLY AB 412 -24.18 30.15 -113.59
C GLY AB 412 -23.07 30.47 -114.57
N MET AB 413 -21.86 30.02 -114.26
CA MET AB 413 -20.74 30.07 -115.18
C MET AB 413 -19.97 28.77 -115.08
N GLU AB 414 -18.83 28.71 -115.76
CA GLU AB 414 -17.88 27.64 -115.57
C GLU AB 414 -16.49 28.22 -115.72
N GLU AB 415 -15.49 27.45 -115.26
CA GLU AB 415 -14.12 27.94 -115.29
C GLU AB 415 -13.61 28.19 -116.71
N GLY AB 416 -14.30 27.66 -117.72
CA GLY AB 416 -13.87 27.91 -119.09
C GLY AB 416 -13.81 29.38 -119.42
N GLU AB 417 -14.88 30.12 -119.12
CA GLU AB 417 -14.97 31.52 -119.51
C GLU AB 417 -13.83 32.36 -118.95
N PHE AB 418 -13.15 31.89 -117.92
CA PHE AB 418 -11.99 32.63 -117.42
C PHE AB 418 -10.81 32.53 -118.39
N SER AB 419 -10.49 31.31 -118.82
CA SER AB 419 -9.44 31.15 -119.83
C SER AB 419 -9.93 31.56 -121.21
N GLU AB 420 -11.23 31.40 -121.48
CA GLU AB 420 -11.81 31.90 -122.73
C GLU AB 420 -11.41 33.34 -122.96
N ALA AB 421 -11.60 34.18 -121.95
CA ALA AB 421 -11.24 35.59 -122.07
C ALA AB 421 -9.75 35.82 -121.91
N ARG AB 422 -9.07 34.97 -121.14
CA ARG AB 422 -7.65 35.19 -120.88
C ARG AB 422 -6.85 35.10 -122.17
N GLU AB 423 -7.12 34.09 -123.00
CA GLU AB 423 -6.34 33.91 -124.21
C GLU AB 423 -6.55 35.07 -125.18
N ASP AB 424 -7.70 35.74 -125.09
CA ASP AB 424 -7.96 36.83 -126.01
C ASP AB 424 -7.13 38.06 -125.68
N LEU AB 425 -6.76 38.27 -124.41
CA LEU AB 425 -5.96 39.45 -124.08
C LEU AB 425 -4.53 39.29 -124.58
N ALA AB 426 -3.93 38.14 -124.30
CA ALA AB 426 -2.63 37.83 -124.89
C ALA AB 426 -2.70 37.86 -126.41
N ALA AB 427 -3.81 37.40 -126.99
CA ALA AB 427 -3.99 37.55 -128.42
C ALA AB 427 -4.06 39.00 -128.83
N LEU AB 428 -4.67 39.84 -127.99
CA LEU AB 428 -4.74 41.27 -128.29
C LEU AB 428 -3.40 41.95 -128.08
N GLU AB 429 -2.58 41.45 -127.17
CA GLU AB 429 -1.29 42.07 -126.91
C GLU AB 429 -0.38 42.00 -128.12
N LYS AB 430 -0.15 40.79 -128.63
CA LYS AB 430 0.72 40.62 -129.78
C LYS AB 430 0.22 41.42 -130.98
N ASP AB 431 -1.08 41.69 -131.04
CA ASP AB 431 -1.60 42.57 -132.09
C ASP AB 431 -0.98 43.95 -131.98
N PHE AB 432 -0.74 44.42 -130.75
CA PHE AB 432 -0.09 45.71 -130.59
C PHE AB 432 1.40 45.63 -130.90
N GLU AB 433 2.01 44.46 -130.71
CA GLU AB 433 3.38 44.27 -131.15
C GLU AB 433 3.45 43.90 -132.63
N GLU AB 434 2.39 43.32 -133.19
CA GLU AB 434 2.40 42.96 -134.61
C GLU AB 434 2.50 44.19 -135.50
N VAL AB 435 2.04 45.34 -135.02
CA VAL AB 435 2.06 46.55 -135.82
C VAL AB 435 3.41 47.25 -135.71
N GLY AB 436 4.37 46.59 -135.09
CA GLY AB 436 5.71 47.14 -134.96
C GLY AB 436 6.70 46.56 -135.95
N MET BB 1 67.87 -17.62 -98.41
CA MET BB 1 67.83 -18.27 -99.72
C MET BB 1 68.71 -19.52 -99.69
N ARG BB 2 69.86 -19.40 -99.04
CA ARG BB 2 70.79 -20.52 -98.86
C ARG BB 2 70.85 -20.80 -97.36
N GLU BB 3 69.95 -21.65 -96.88
CA GLU BB 3 69.79 -21.89 -95.46
C GLU BB 3 70.14 -23.35 -95.14
N VAL BB 4 70.62 -23.57 -93.93
CA VAL BB 4 70.94 -24.92 -93.46
C VAL BB 4 70.21 -25.17 -92.15
N ILE BB 5 70.19 -26.42 -91.74
CA ILE BB 5 69.50 -26.86 -90.54
C ILE BB 5 70.52 -27.60 -89.69
N SER BB 6 71.03 -26.94 -88.66
CA SER BB 6 72.03 -27.55 -87.78
C SER BB 6 71.34 -28.30 -86.66
N ILE BB 7 71.56 -29.61 -86.61
CA ILE BB 7 70.95 -30.47 -85.60
C ILE BB 7 72.02 -30.89 -84.60
N HIS BB 8 71.70 -30.76 -83.32
CA HIS BB 8 72.63 -31.09 -82.24
C HIS BB 8 71.99 -32.18 -81.38
N ILE BB 9 72.57 -33.37 -81.41
CA ILE BB 9 72.03 -34.53 -80.71
C ILE BB 9 73.02 -34.96 -79.63
N GLY BB 10 72.50 -35.53 -78.55
CA GLY BB 10 73.35 -35.96 -77.46
C GLY BB 10 73.84 -34.78 -76.66
N GLN BB 11 74.73 -35.07 -75.71
CA GLN BB 11 75.27 -34.00 -74.87
C GLN BB 11 76.33 -33.20 -75.62
N ALA BB 12 77.33 -33.89 -76.19
CA ALA BB 12 78.38 -33.19 -76.91
C ALA BB 12 77.81 -32.38 -78.07
N GLY BB 13 76.81 -32.93 -78.77
CA GLY BB 13 76.18 -32.18 -79.84
C GLY BB 13 75.62 -30.85 -79.37
N ILE BB 14 74.86 -30.87 -78.27
CA ILE BB 14 74.33 -29.63 -77.71
C ILE BB 14 75.36 -28.91 -76.87
N GLN BB 15 76.58 -29.43 -76.77
CA GLN BB 15 77.68 -28.67 -76.19
C GLN BB 15 78.32 -27.75 -77.23
N VAL BB 16 78.82 -28.34 -78.32
CA VAL BB 16 79.36 -27.53 -79.40
C VAL BB 16 78.29 -26.60 -79.96
N GLY BB 17 77.03 -27.03 -79.92
CA GLY BB 17 75.94 -26.16 -80.33
C GLY BB 17 75.89 -24.88 -79.52
N ASN BB 18 76.41 -24.91 -78.30
CA ASN BB 18 76.54 -23.68 -77.54
C ASN BB 18 77.69 -22.84 -78.07
N ALA BB 19 78.78 -23.48 -78.48
CA ALA BB 19 79.94 -22.75 -78.97
C ALA BB 19 79.68 -22.16 -80.37
N CYS BB 20 79.22 -22.99 -81.30
CA CYS BB 20 78.90 -22.51 -82.63
C CYS BB 20 77.89 -21.38 -82.57
N TRP BB 21 76.75 -21.61 -81.92
CA TRP BB 21 75.73 -20.58 -81.82
C TRP BB 21 76.14 -19.45 -80.89
N GLU BB 22 77.30 -19.56 -80.23
CA GLU BB 22 77.92 -18.36 -79.67
C GLU BB 22 78.69 -17.61 -80.74
N LEU BB 23 79.42 -18.34 -81.59
CA LEU BB 23 80.26 -17.70 -82.60
C LEU BB 23 79.41 -16.92 -83.60
N TYR BB 24 78.42 -17.57 -84.20
CA TYR BB 24 77.65 -16.95 -85.27
C TYR BB 24 77.02 -15.65 -84.81
N CYS BB 25 76.27 -15.69 -83.70
CA CYS BB 25 75.60 -14.49 -83.22
C CYS BB 25 76.58 -13.37 -82.91
N LEU BB 26 77.83 -13.72 -82.61
CA LEU BB 26 78.84 -12.71 -82.44
C LEU BB 26 79.39 -12.22 -83.77
N GLU BB 27 79.51 -13.12 -84.75
CA GLU BB 27 80.12 -12.77 -86.03
C GLU BB 27 79.25 -11.81 -86.84
N HIS BB 28 77.94 -11.78 -86.62
CA HIS BB 28 77.04 -10.94 -87.38
C HIS BB 28 76.48 -9.78 -86.58
N GLY BB 29 76.86 -9.65 -85.31
CA GLY BB 29 76.33 -8.61 -84.46
C GLY BB 29 75.04 -8.96 -83.75
N ILE BB 30 74.58 -10.21 -83.87
CA ILE BB 30 73.34 -10.62 -83.23
C ILE BB 30 73.53 -10.58 -81.72
N GLN BB 31 72.69 -9.80 -81.04
CA GLN BB 31 72.71 -9.79 -79.60
C GLN BB 31 72.03 -11.05 -79.05
N PRO BB 32 72.31 -11.42 -77.80
CA PRO BB 32 71.66 -12.60 -77.22
C PRO BB 32 70.14 -12.51 -77.22
N ASP BB 33 69.56 -11.32 -77.26
CA ASP BB 33 68.11 -11.20 -77.33
C ASP BB 33 67.62 -11.13 -78.77
N GLY BB 34 68.06 -12.08 -79.60
CA GLY BB 34 67.49 -12.23 -80.92
C GLY BB 34 67.86 -11.15 -81.93
N GLN BB 35 67.81 -9.90 -81.49
CA GLN BB 35 67.96 -8.75 -82.37
C GLN BB 35 69.40 -8.25 -82.38
N MET BB 36 69.64 -7.31 -83.28
CA MET BB 36 70.94 -6.65 -83.44
C MET BB 36 70.69 -5.19 -83.73
N PRO BB 37 71.67 -4.32 -83.49
CA PRO BB 37 71.50 -2.91 -83.85
C PRO BB 37 71.46 -2.74 -85.37
N SER BB 38 70.77 -1.68 -85.79
CA SER BB 38 70.55 -1.38 -87.21
C SER BB 38 70.01 -2.61 -87.95
N ASP BB 39 69.07 -3.31 -87.31
CA ASP BB 39 68.53 -4.54 -87.87
C ASP BB 39 67.69 -4.27 -89.11
N LYS BB 40 67.19 -3.06 -89.27
CA LYS BB 40 66.15 -2.78 -90.25
C LYS BB 40 66.79 -2.29 -91.56
N THR BB 41 65.96 -1.75 -92.45
CA THR BB 41 66.46 -1.21 -93.72
C THR BB 41 67.54 -0.15 -93.50
N ILE BB 42 67.51 0.51 -92.34
CA ILE BB 42 68.56 1.45 -91.95
C ILE BB 42 69.93 0.80 -92.03
N GLY BB 43 70.00 -0.52 -91.77
CA GLY BB 43 71.29 -1.18 -91.77
C GLY BB 43 71.86 -1.42 -93.15
N GLY BB 44 70.99 -1.60 -94.14
CA GLY BB 44 71.46 -1.84 -95.50
C GLY BB 44 72.24 -3.12 -95.67
N GLY BB 45 71.84 -4.18 -94.97
CA GLY BB 45 72.53 -5.44 -95.05
C GLY BB 45 71.60 -6.64 -94.91
N ASP BB 46 71.69 -7.59 -95.83
CA ASP BB 46 70.81 -8.75 -95.82
C ASP BB 46 71.59 -9.97 -96.29
N ASP BB 47 70.99 -11.14 -96.06
CA ASP BB 47 71.47 -12.42 -96.56
C ASP BB 47 72.77 -12.81 -95.87
N ALA BB 48 73.32 -11.91 -95.05
CA ALA BB 48 74.52 -12.23 -94.30
C ALA BB 48 74.26 -13.27 -93.24
N PHE BB 49 73.01 -13.42 -92.80
CA PHE BB 49 72.66 -14.32 -91.73
C PHE BB 49 71.56 -15.29 -92.08
N ASN BB 50 70.87 -15.10 -93.21
CA ASN BB 50 69.74 -15.96 -93.55
C ASN BB 50 70.12 -17.44 -93.54
N THR BB 51 71.40 -17.75 -93.72
CA THR BB 51 71.84 -19.13 -93.62
C THR BB 51 71.67 -19.67 -92.21
N PHE BB 52 71.60 -18.79 -91.21
CA PHE BB 52 71.60 -19.20 -89.82
C PHE BB 52 70.49 -18.56 -89.00
N PHE BB 53 69.59 -17.79 -89.60
CA PHE BB 53 68.60 -17.07 -88.81
C PHE BB 53 67.32 -16.90 -89.60
N SER BB 54 66.33 -16.34 -88.91
CA SER BB 54 65.03 -16.04 -89.49
C SER BB 54 64.51 -14.77 -88.83
N GLU BB 55 64.58 -13.65 -89.54
CA GLU BB 55 64.05 -12.42 -89.00
C GLU BB 55 62.56 -12.58 -88.69
N THR BB 56 62.16 -12.12 -87.51
CA THR BB 56 60.79 -12.29 -87.06
C THR BB 56 59.90 -11.27 -87.76
N GLY BB 57 58.69 -11.08 -87.24
CA GLY BB 57 57.85 -10.01 -87.74
C GLY BB 57 58.55 -8.67 -87.73
N ALA BB 58 59.41 -8.44 -86.74
CA ALA BB 58 60.19 -7.20 -86.68
C ALA BB 58 61.37 -7.42 -85.74
N GLY BB 59 62.57 -7.21 -86.25
CA GLY BB 59 63.75 -7.12 -85.39
C GLY BB 59 64.48 -8.41 -85.07
N LYS BB 60 63.90 -9.23 -84.21
CA LYS BB 60 64.63 -10.38 -83.66
C LYS BB 60 65.01 -11.37 -84.75
N HIS BB 61 66.03 -12.18 -84.46
CA HIS BB 61 66.47 -13.25 -85.33
C HIS BB 61 66.52 -14.53 -84.51
N VAL BB 62 65.71 -15.52 -84.87
CA VAL BB 62 65.75 -16.80 -84.20
C VAL BB 62 66.71 -17.71 -84.97
N PRO BB 63 67.64 -18.38 -84.30
CA PRO BB 63 68.53 -19.29 -85.01
C PRO BB 63 67.80 -20.55 -85.46
N ARG BB 64 68.21 -21.06 -86.62
CA ARG BB 64 67.59 -22.25 -87.20
C ARG BB 64 68.41 -23.48 -86.81
N CYS BB 65 68.09 -24.02 -85.64
CA CYS BB 65 68.76 -25.19 -85.12
C CYS BB 65 67.78 -26.01 -84.29
N ILE BB 66 68.25 -27.16 -83.82
CA ILE BB 66 67.44 -28.05 -82.99
C ILE BB 66 68.34 -28.69 -81.94
N PHE BB 67 68.02 -28.47 -80.67
CA PHE BB 67 68.75 -29.08 -79.56
C PHE BB 67 67.94 -30.26 -79.05
N LEU BB 68 68.37 -31.47 -79.39
CA LEU BB 68 67.70 -32.69 -78.97
C LEU BB 68 68.55 -33.40 -77.93
N ASP BB 69 67.89 -33.88 -76.89
CA ASP BB 69 68.56 -34.63 -75.84
C ASP BB 69 67.51 -35.31 -74.97
N LEU BB 70 67.89 -36.43 -74.36
CA LEU BB 70 67.03 -37.13 -73.43
C LEU BB 70 67.38 -36.84 -71.98
N GLU BB 71 68.58 -36.31 -71.71
CA GLU BB 71 68.91 -35.86 -70.37
C GLU BB 71 68.43 -34.43 -70.21
N PRO BB 72 67.49 -34.15 -69.31
CA PRO BB 72 66.96 -32.78 -69.20
C PRO BB 72 68.00 -31.76 -68.75
N THR BB 73 69.05 -32.18 -68.06
CA THR BB 73 69.83 -31.25 -67.26
C THR BB 73 70.55 -30.22 -68.11
N VAL BB 74 70.98 -30.59 -69.31
CA VAL BB 74 71.74 -29.66 -70.13
C VAL BB 74 70.80 -28.73 -70.89
N VAL BB 75 69.84 -29.30 -71.63
CA VAL BB 75 68.87 -28.46 -72.34
C VAL BB 75 68.15 -27.54 -71.37
N ASP BB 76 68.00 -27.95 -70.11
CA ASP BB 76 67.45 -27.04 -69.11
C ASP BB 76 68.43 -25.96 -68.72
N GLU BB 77 69.74 -26.22 -68.89
CA GLU BB 77 70.72 -25.20 -68.56
C GLU BB 77 70.66 -24.04 -69.53
N VAL BB 78 70.68 -24.34 -70.83
CA VAL BB 78 70.58 -23.28 -71.84
C VAL BB 78 69.27 -22.51 -71.68
N ARG BB 79 68.20 -23.23 -71.31
CA ARG BB 79 66.95 -22.56 -70.97
C ARG BB 79 67.13 -21.52 -69.89
N THR BB 80 68.09 -21.74 -68.99
CA THR BB 80 68.38 -20.80 -67.92
C THR BB 80 69.55 -19.87 -68.25
N GLY BB 81 70.45 -20.31 -69.12
CA GLY BB 81 71.64 -19.54 -69.43
C GLY BB 81 71.39 -18.21 -70.11
N THR BB 82 72.46 -17.55 -70.55
CA THR BB 82 72.31 -16.25 -71.19
C THR BB 82 71.64 -16.35 -72.55
N TYR BB 83 71.79 -17.47 -73.23
CA TYR BB 83 71.22 -17.64 -74.57
C TYR BB 83 69.87 -18.34 -74.49
N ARG BB 84 68.97 -17.75 -73.72
CA ARG BB 84 67.59 -18.20 -73.66
C ARG BB 84 66.62 -17.29 -74.41
N GLN BB 85 66.91 -16.00 -74.48
CA GLN BB 85 66.10 -15.10 -75.30
C GLN BB 85 66.22 -15.42 -76.78
N LEU BB 86 67.27 -16.15 -77.17
CA LEU BB 86 67.45 -16.47 -78.58
C LEU BB 86 66.47 -17.54 -79.04
N PHE BB 87 66.55 -18.73 -78.45
CA PHE BB 87 65.90 -19.89 -79.01
C PHE BB 87 64.41 -19.92 -78.72
N HIS BB 88 63.63 -20.40 -79.69
CA HIS BB 88 62.22 -20.66 -79.44
C HIS BB 88 62.10 -21.98 -78.69
N PRO BB 89 61.33 -22.02 -77.59
CA PRO BB 89 61.20 -23.27 -76.84
C PRO BB 89 60.66 -24.46 -77.62
N GLU BB 90 60.08 -24.27 -78.81
CA GLU BB 90 59.73 -25.44 -79.63
C GLU BB 90 60.98 -26.14 -80.15
N GLN BB 91 62.13 -25.46 -80.14
CA GLN BB 91 63.36 -26.06 -80.64
C GLN BB 91 63.99 -26.97 -79.59
N LEU BB 92 64.18 -26.44 -78.38
CA LEU BB 92 64.84 -27.20 -77.34
C LEU BB 92 63.95 -28.37 -76.93
N ILE BB 93 64.40 -29.58 -77.23
CA ILE BB 93 63.66 -30.81 -76.92
C ILE BB 93 64.36 -31.51 -75.77
N SER BB 94 63.58 -32.14 -74.91
CA SER BB 94 64.12 -32.88 -73.79
C SER BB 94 63.35 -34.18 -73.64
N GLY BB 95 63.66 -34.91 -72.59
CA GLY BB 95 62.90 -36.10 -72.23
C GLY BB 95 63.12 -36.39 -70.76
N LYS BB 96 62.07 -36.92 -70.11
CA LYS BB 96 62.16 -37.20 -68.69
C LYS BB 96 63.31 -38.14 -68.37
N GLU BB 97 63.46 -39.19 -69.17
CA GLU BB 97 64.47 -40.21 -68.95
C GLU BB 97 65.49 -40.16 -70.07
N ASP BB 98 66.68 -40.67 -69.79
CA ASP BB 98 67.80 -40.63 -70.72
C ASP BB 98 68.05 -42.03 -71.27
N ALA BB 99 69.09 -42.13 -72.11
CA ALA BB 99 69.42 -43.39 -72.76
C ALA BB 99 70.43 -44.21 -71.97
N ALA BB 100 71.25 -43.57 -71.14
CA ALA BB 100 72.14 -44.26 -70.21
C ALA BB 100 73.12 -45.19 -70.94
N ASN BB 101 73.59 -44.74 -72.10
CA ASN BB 101 74.58 -45.48 -72.88
C ASN BB 101 74.08 -46.85 -73.32
N ASN BB 102 72.83 -46.91 -73.76
CA ASN BB 102 72.26 -48.10 -74.38
C ASN BB 102 71.73 -47.72 -75.75
N PHE BB 103 72.08 -48.52 -76.76
CA PHE BB 103 71.61 -48.25 -78.11
C PHE BB 103 70.10 -48.40 -78.19
N ALA BB 104 69.57 -49.55 -77.76
CA ALA BB 104 68.15 -49.82 -77.90
C ALA BB 104 67.30 -48.80 -77.14
N ARG BB 105 67.80 -48.33 -76.00
CA ARG BB 105 67.08 -47.30 -75.26
C ARG BB 105 66.91 -46.05 -76.11
N GLY BB 106 68.00 -45.56 -76.70
CA GLY BB 106 67.89 -44.44 -77.62
C GLY BB 106 67.21 -44.80 -78.92
N HIS BB 107 67.38 -46.04 -79.38
CA HIS BB 107 66.91 -46.45 -80.70
C HIS BB 107 65.57 -47.16 -80.66
N TYR BB 108 65.40 -48.13 -79.78
CA TYR BB 108 64.30 -49.10 -79.94
C TYR BB 108 63.10 -48.79 -79.07
N THR BB 109 63.27 -48.14 -77.93
CA THR BB 109 62.18 -47.95 -76.98
C THR BB 109 61.81 -46.49 -76.77
N ILE BB 110 62.76 -45.66 -76.35
CA ILE BB 110 62.43 -44.28 -76.00
C ILE BB 110 62.35 -43.41 -77.25
N GLY BB 111 63.29 -43.58 -78.18
CA GLY BB 111 63.39 -42.69 -79.31
C GLY BB 111 62.10 -42.57 -80.10
N LYS BB 112 61.43 -43.71 -80.36
CA LYS BB 112 60.30 -43.72 -81.27
C LYS BB 112 59.14 -42.87 -80.76
N GLU BB 113 59.16 -42.45 -79.50
CA GLU BB 113 58.08 -41.63 -78.97
C GLU BB 113 58.31 -40.14 -79.15
N ILE BB 114 59.55 -39.71 -79.38
CA ILE BB 114 59.85 -38.29 -79.55
C ILE BB 114 60.34 -37.94 -80.94
N VAL BB 115 60.75 -38.92 -81.76
CA VAL BB 115 61.15 -38.60 -83.12
C VAL BB 115 60.02 -37.90 -83.87
N ASP BB 116 58.78 -38.37 -83.65
CA ASP BB 116 57.64 -37.68 -84.24
C ASP BB 116 57.61 -36.22 -83.84
N LEU BB 117 57.92 -35.94 -82.57
CA LEU BB 117 58.01 -34.55 -82.14
C LEU BB 117 59.14 -33.83 -82.84
N ALA BB 118 60.30 -34.48 -82.95
CA ALA BB 118 61.43 -33.86 -83.64
C ALA BB 118 61.11 -33.63 -85.12
N LEU BB 119 60.57 -34.66 -85.78
CA LEU BB 119 60.20 -34.50 -87.18
C LEU BB 119 59.15 -33.40 -87.37
N ASP BB 120 58.23 -33.25 -86.41
CA ASP BB 120 57.23 -32.20 -86.51
C ASP BB 120 57.86 -30.82 -86.45
N ARG BB 121 59.02 -30.70 -85.79
CA ARG BB 121 59.67 -29.40 -85.70
C ARG BB 121 60.53 -29.12 -86.92
N ILE BB 122 61.10 -30.16 -87.53
CA ILE BB 122 61.87 -29.96 -88.76
C ILE BB 122 60.96 -29.50 -89.88
N ARG BB 123 59.84 -30.18 -90.08
CA ARG BB 123 58.83 -29.70 -91.02
C ARG BB 123 58.44 -28.27 -90.69
N LYS BB 124 58.31 -27.96 -89.40
CA LYS BB 124 58.03 -26.59 -88.99
C LYS BB 124 59.19 -25.66 -89.29
N LEU BB 125 60.36 -26.20 -89.64
CA LEU BB 125 61.53 -25.37 -89.92
C LEU BB 125 61.93 -25.39 -91.39
N ALA BB 126 61.86 -26.54 -92.06
CA ALA BB 126 62.24 -26.59 -93.46
C ALA BB 126 61.24 -25.85 -94.33
N ASP BB 127 59.95 -25.89 -93.99
CA ASP BB 127 58.95 -25.16 -94.75
C ASP BB 127 59.23 -23.67 -94.75
N ASN BB 128 59.78 -23.15 -93.65
CA ASN BB 128 60.16 -21.74 -93.62
C ASN BB 128 61.28 -21.46 -94.61
N CYS BB 129 62.08 -22.46 -94.93
CA CYS BB 129 63.21 -22.27 -95.83
C CYS BB 129 62.77 -22.31 -97.28
N THR BB 130 63.29 -21.37 -98.08
CA THR BB 130 63.04 -21.37 -99.52
C THR BB 130 64.00 -22.32 -100.22
N GLY BB 131 65.30 -22.04 -100.12
CA GLY BB 131 66.31 -22.94 -100.67
C GLY BB 131 67.14 -23.58 -99.58
N LEU BB 132 66.95 -24.87 -99.36
CA LEU BB 132 67.62 -25.59 -98.28
C LEU BB 132 68.88 -26.24 -98.82
N GLN BB 133 70.03 -25.84 -98.27
CA GLN BB 133 71.30 -26.43 -98.71
C GLN BB 133 71.41 -27.88 -98.28
N GLY BB 134 71.36 -28.13 -96.96
CA GLY BB 134 71.44 -29.48 -96.46
C GLY BB 134 71.45 -29.56 -94.94
N PHE BB 135 71.14 -30.74 -94.41
CA PHE BB 135 71.13 -30.93 -92.97
C PHE BB 135 72.55 -30.99 -92.43
N LEU BB 136 72.73 -30.45 -91.23
CA LEU BB 136 74.04 -30.34 -90.59
C LEU BB 136 73.95 -30.98 -89.21
N VAL BB 137 74.31 -32.25 -89.13
CA VAL BB 137 74.12 -33.05 -87.92
C VAL BB 137 75.35 -32.92 -87.03
N PHE BB 138 75.13 -32.89 -85.73
CA PHE BB 138 76.20 -32.88 -84.74
C PHE BB 138 75.97 -34.04 -83.79
N ASN BB 139 76.53 -35.20 -84.11
CA ASN BB 139 76.34 -36.40 -83.32
C ASN BB 139 77.53 -36.61 -82.39
N ALA BB 140 77.34 -37.46 -81.39
CA ALA BB 140 78.39 -37.84 -80.45
C ALA BB 140 78.32 -39.36 -80.31
N VAL BB 141 79.13 -40.06 -81.08
CA VAL BB 141 79.11 -41.51 -81.06
C VAL BB 141 79.76 -42.02 -79.79
N GLY BB 142 79.14 -43.00 -79.14
CA GLY BB 142 79.64 -43.53 -77.90
C GLY BB 142 78.64 -43.47 -76.78
N GLY BB 143 77.48 -42.88 -77.04
CA GLY BB 143 76.44 -42.80 -76.04
C GLY BB 143 75.16 -43.49 -76.46
N GLY BB 144 74.11 -43.36 -75.66
CA GLY BB 144 72.84 -43.97 -76.01
C GLY BB 144 71.99 -43.07 -76.87
N THR BB 145 71.97 -41.77 -76.55
CA THR BB 145 71.21 -40.83 -77.35
C THR BB 145 71.86 -40.59 -78.71
N GLY BB 146 73.16 -40.32 -78.71
CA GLY BB 146 73.89 -40.09 -79.94
C GLY BB 146 73.73 -41.22 -80.94
N SER BB 147 74.19 -42.41 -80.57
CA SER BB 147 74.10 -43.55 -81.48
C SER BB 147 72.67 -44.04 -81.60
N GLY BB 148 72.05 -44.42 -80.49
CA GLY BB 148 70.74 -45.05 -80.54
C GLY BB 148 69.69 -44.18 -81.20
N LEU BB 149 69.54 -42.95 -80.71
CA LEU BB 149 68.50 -42.06 -81.21
C LEU BB 149 68.89 -41.45 -82.56
N GLY BB 150 70.05 -40.82 -82.64
CA GLY BB 150 70.44 -40.13 -83.85
C GLY BB 150 70.37 -41.01 -85.09
N SER BB 151 70.78 -42.27 -84.95
CA SER BB 151 70.69 -43.19 -86.09
C SER BB 151 69.25 -43.43 -86.49
N LEU BB 152 68.31 -43.37 -85.54
CA LEU BB 152 66.91 -43.52 -85.88
C LEU BB 152 66.41 -42.32 -86.67
N LEU BB 153 66.98 -41.14 -86.43
CA LEU BB 153 66.60 -39.96 -87.20
C LEU BB 153 67.00 -40.09 -88.66
N LEU BB 154 68.28 -40.34 -88.93
CA LEU BB 154 68.77 -40.35 -90.31
C LEU BB 154 67.94 -41.27 -91.20
N GLU BB 155 67.42 -42.35 -90.63
CA GLU BB 155 66.44 -43.16 -91.34
C GLU BB 155 65.16 -42.39 -91.59
N ARG BB 156 64.66 -41.70 -90.55
CA ARG BB 156 63.44 -40.91 -90.72
C ARG BB 156 63.65 -39.76 -91.71
N LEU BB 157 64.84 -39.15 -91.67
CA LEU BB 157 65.13 -38.07 -92.59
C LEU BB 157 65.14 -38.55 -94.03
N SER BB 158 65.91 -39.62 -94.31
CA SER BB 158 66.11 -40.05 -95.68
C SER BB 158 64.81 -40.50 -96.33
N VAL BB 159 63.97 -41.23 -95.59
CA VAL BB 159 62.70 -41.67 -96.16
C VAL BB 159 61.78 -40.49 -96.42
N ASP BB 160 62.02 -39.35 -95.78
CA ASP BB 160 61.21 -38.17 -96.06
C ASP BB 160 61.78 -37.38 -97.23
N TYR BB 161 63.07 -37.03 -97.18
CA TYR BB 161 63.69 -36.26 -98.24
C TYR BB 161 64.36 -37.16 -99.27
N GLY BB 162 65.47 -37.79 -98.88
CA GLY BB 162 66.23 -38.57 -99.82
C GLY BB 162 66.99 -37.72 -100.82
N LYS BB 163 66.27 -36.87 -101.55
CA LYS BB 163 66.92 -35.97 -102.50
C LYS BB 163 67.83 -34.97 -101.77
N LYS BB 164 67.48 -34.60 -100.55
CA LYS BB 164 68.30 -33.69 -99.79
C LYS BB 164 69.63 -34.35 -99.39
N SER BB 165 70.61 -33.51 -99.07
CA SER BB 165 71.93 -33.98 -98.69
C SER BB 165 72.05 -34.00 -97.17
N LYS BB 166 72.71 -35.04 -96.65
CA LYS BB 166 73.01 -35.16 -95.23
C LYS BB 166 74.50 -34.96 -95.02
N LEU BB 167 74.84 -34.13 -94.03
CA LEU BB 167 76.23 -33.83 -93.70
C LEU BB 167 76.35 -33.70 -92.19
N GLY BB 168 77.30 -34.39 -91.59
CA GLY BB 168 77.40 -34.40 -90.15
C GLY BB 168 78.80 -34.50 -89.58
N PHE BB 169 79.01 -33.87 -88.42
CA PHE BB 169 80.25 -33.98 -87.67
C PHE BB 169 79.99 -34.85 -86.45
N THR BB 170 80.56 -36.05 -86.43
CA THR BB 170 80.35 -37.00 -85.35
C THR BB 170 81.68 -37.25 -84.66
N VAL BB 171 81.73 -36.96 -83.35
CA VAL BB 171 82.91 -37.28 -82.57
C VAL BB 171 82.98 -38.79 -82.38
N TYR BB 172 84.11 -39.36 -82.71
CA TYR BB 172 84.27 -40.80 -82.72
C TYR BB 172 84.96 -41.27 -81.45
N PRO BB 173 84.68 -42.50 -80.99
CA PRO BB 173 85.41 -43.03 -79.82
C PRO BB 173 86.92 -43.08 -80.05
N SER BB 174 87.66 -42.30 -79.28
CA SER BB 174 89.10 -42.26 -79.42
C SER BB 174 89.70 -43.62 -79.07
N PRO BB 175 90.85 -43.97 -79.66
CA PRO BB 175 91.48 -45.26 -79.32
C PRO BB 175 91.87 -45.37 -77.86
N GLN BB 176 92.64 -44.40 -77.35
CA GLN BB 176 93.18 -44.50 -75.99
C GLN BB 176 92.22 -43.94 -74.94
N VAL BB 177 91.89 -42.66 -75.03
CA VAL BB 177 91.03 -42.04 -74.04
C VAL BB 177 89.59 -42.49 -74.25
N SER BB 178 88.95 -42.99 -73.19
CA SER BB 178 87.59 -43.50 -73.29
C SER BB 178 86.88 -43.26 -71.97
N THR BB 179 85.93 -42.33 -71.98
CA THR BB 179 85.11 -42.07 -70.80
C THR BB 179 83.97 -43.07 -70.65
N ALA BB 180 83.77 -43.93 -71.62
CA ALA BB 180 82.74 -44.97 -71.57
C ALA BB 180 83.43 -46.33 -71.54
N VAL BB 181 82.62 -47.39 -71.39
CA VAL BB 181 83.16 -48.73 -71.42
C VAL BB 181 82.45 -49.56 -72.48
N VAL BB 182 81.21 -49.20 -72.78
CA VAL BB 182 80.40 -49.95 -73.73
C VAL BB 182 80.14 -49.11 -74.98
N GLU BB 183 80.96 -48.10 -75.21
CA GLU BB 183 80.88 -47.35 -76.47
C GLU BB 183 81.20 -48.18 -77.71
N PRO BB 184 82.03 -49.24 -77.68
CA PRO BB 184 82.15 -50.07 -78.88
C PRO BB 184 80.83 -50.57 -79.43
N TYR BB 185 79.95 -51.06 -78.55
CA TYR BB 185 78.69 -51.66 -79.01
C TYR BB 185 77.85 -50.66 -79.78
N ASN BB 186 77.44 -49.58 -79.13
CA ASN BB 186 76.56 -48.62 -79.79
C ASN BB 186 77.24 -47.96 -80.97
N SER BB 187 78.56 -47.75 -80.89
CA SER BB 187 79.28 -47.18 -82.02
C SER BB 187 79.19 -48.09 -83.25
N VAL BB 188 79.47 -49.37 -83.07
CA VAL BB 188 79.27 -50.34 -84.15
C VAL BB 188 77.85 -50.24 -84.67
N LEU BB 189 76.88 -50.25 -83.76
CA LEU BB 189 75.48 -50.15 -84.16
C LEU BB 189 75.18 -48.80 -84.81
N SER BB 190 75.99 -47.78 -84.52
CA SER BB 190 75.75 -46.47 -85.11
C SER BB 190 76.22 -46.41 -86.56
N THR BB 191 77.44 -46.89 -86.82
CA THR BB 191 78.05 -46.75 -88.14
C THR BB 191 77.17 -47.30 -89.24
N HIS BB 192 76.59 -48.48 -89.02
CA HIS BB 192 75.79 -49.12 -90.05
C HIS BB 192 74.58 -48.27 -90.42
N SER BB 193 73.70 -48.02 -89.46
CA SER BB 193 72.45 -47.33 -89.75
C SER BB 193 72.67 -45.89 -90.19
N LEU BB 194 73.85 -45.31 -89.96
CA LEU BB 194 74.11 -43.99 -90.49
C LEU BB 194 74.64 -44.05 -91.92
N LEU BB 195 75.55 -44.99 -92.21
CA LEU BB 195 76.21 -45.03 -93.51
C LEU BB 195 75.21 -45.11 -94.64
N GLU BB 196 74.26 -46.04 -94.53
CA GLU BB 196 73.25 -46.23 -95.57
C GLU BB 196 72.26 -45.08 -95.64
N HIS BB 197 72.40 -44.07 -94.79
CA HIS BB 197 71.49 -42.93 -94.79
C HIS BB 197 72.19 -41.59 -94.87
N THR BB 198 73.36 -41.45 -94.25
CA THR BB 198 74.13 -40.23 -94.42
C THR BB 198 74.77 -40.21 -95.80
N ASP BB 199 75.01 -39.00 -96.31
CA ASP BB 199 75.63 -38.82 -97.61
C ASP BB 199 77.08 -38.39 -97.53
N VAL BB 200 77.53 -37.94 -96.35
CA VAL BB 200 78.94 -37.65 -96.10
C VAL BB 200 79.11 -37.60 -94.59
N ALA BB 201 80.30 -37.94 -94.11
CA ALA BB 201 80.55 -38.04 -92.68
C ALA BB 201 81.96 -37.54 -92.38
N VAL BB 202 82.05 -36.52 -91.54
CA VAL BB 202 83.33 -36.04 -91.04
C VAL BB 202 83.48 -36.51 -89.60
N MET BB 203 84.71 -36.82 -89.21
CA MET BB 203 84.97 -37.35 -87.88
C MET BB 203 86.08 -36.55 -87.22
N LEU BB 204 86.16 -36.70 -85.90
CA LEU BB 204 87.18 -36.08 -85.06
C LEU BB 204 87.06 -36.66 -83.65
N ASP BB 205 88.18 -36.71 -82.95
CA ASP BB 205 88.24 -37.24 -81.59
C ASP BB 205 88.86 -36.21 -80.65
N ASN BB 206 88.34 -36.18 -79.43
CA ASN BB 206 88.80 -35.19 -78.45
C ASN BB 206 90.27 -35.39 -78.10
N GLU BB 207 90.75 -36.63 -78.18
CA GLU BB 207 92.16 -36.90 -77.86
C GLU BB 207 93.08 -36.08 -78.76
N ALA BB 208 92.80 -36.08 -80.06
CA ALA BB 208 93.64 -35.32 -80.98
C ALA BB 208 93.59 -33.83 -80.66
N ILE BB 209 92.38 -33.30 -80.49
CA ILE BB 209 92.24 -31.87 -80.26
C ILE BB 209 92.81 -31.48 -78.91
N TYR BB 210 92.89 -32.43 -77.97
CA TYR BB 210 93.63 -32.20 -76.74
C TYR BB 210 95.06 -31.79 -77.05
N ASP BB 211 95.71 -32.52 -77.96
CA ASP BB 211 97.07 -32.17 -78.36
C ASP BB 211 97.11 -30.83 -79.08
N ILE BB 212 96.07 -30.53 -79.87
CA ILE BB 212 96.02 -29.28 -80.61
C ILE BB 212 96.22 -28.10 -79.67
N CYS BB 213 95.34 -27.97 -78.68
CA CYS BB 213 95.47 -26.91 -77.69
C CYS BB 213 96.66 -27.13 -76.76
N ARG BB 214 97.35 -28.25 -76.86
CA ARG BB 214 98.51 -28.51 -75.99
C ARG BB 214 99.80 -27.96 -76.59
N ARG BB 215 100.13 -28.35 -77.82
CA ARG BB 215 101.41 -27.94 -78.40
C ARG BB 215 101.37 -26.46 -78.83
N SER BB 216 100.44 -26.10 -79.71
CA SER BB 216 100.47 -24.78 -80.33
C SER BB 216 99.94 -23.71 -79.38
N LEU BB 217 98.66 -23.81 -78.99
CA LEU BB 217 98.09 -22.82 -78.09
C LEU BB 217 98.75 -22.85 -76.72
N ASP BB 218 99.35 -23.98 -76.36
CA ASP BB 218 100.05 -24.14 -75.09
C ASP BB 218 99.15 -23.75 -73.92
N ILE BB 219 98.08 -24.53 -73.76
CA ILE BB 219 97.20 -24.43 -72.60
C ILE BB 219 97.22 -25.77 -71.89
N GLU BB 220 97.56 -25.74 -70.61
CA GLU BB 220 97.66 -26.94 -69.79
C GLU BB 220 96.33 -27.31 -69.15
N ARG BB 221 95.29 -26.50 -69.35
CA ARG BB 221 93.97 -26.71 -68.77
C ARG BB 221 92.95 -26.83 -69.89
N PRO BB 222 92.97 -27.93 -70.64
CA PRO BB 222 91.98 -28.11 -71.69
C PRO BB 222 90.69 -28.70 -71.16
N THR BB 223 89.60 -27.96 -71.29
CA THR BB 223 88.28 -28.41 -70.89
C THR BB 223 87.40 -28.51 -72.12
N TYR BB 224 86.24 -29.14 -71.95
CA TYR BB 224 85.35 -29.39 -73.08
C TYR BB 224 84.95 -28.12 -73.80
N THR BB 225 85.02 -26.95 -73.13
CA THR BB 225 84.66 -25.72 -73.82
C THR BB 225 85.69 -25.33 -74.87
N ASN BB 226 86.96 -25.68 -74.66
CA ASN BB 226 87.99 -25.31 -75.62
C ASN BB 226 87.81 -26.07 -76.92
N LEU BB 227 87.64 -27.39 -76.83
CA LEU BB 227 87.44 -28.20 -78.02
C LEU BB 227 86.25 -27.66 -78.79
N ASN BB 228 85.13 -27.43 -78.10
CA ASN BB 228 83.95 -26.88 -78.75
C ASN BB 228 84.21 -25.50 -79.34
N ARG BB 229 85.09 -24.70 -78.72
CA ARG BB 229 85.45 -23.42 -79.31
C ARG BB 229 86.11 -23.60 -80.66
N LEU BB 230 86.94 -24.64 -80.81
CA LEU BB 230 87.59 -24.88 -82.08
C LEU BB 230 86.60 -25.32 -83.15
N ILE BB 231 85.74 -26.29 -82.81
CA ILE BB 231 84.79 -26.81 -83.79
C ILE BB 231 83.86 -25.70 -84.26
N ALA BB 232 83.63 -24.68 -83.42
CA ALA BB 232 82.93 -23.49 -83.88
C ALA BB 232 83.72 -22.78 -84.98
N GLN BB 233 85.04 -22.69 -84.81
CA GLN BB 233 85.87 -22.03 -85.80
C GLN BB 233 85.91 -22.81 -87.11
N VAL BB 234 85.96 -24.14 -87.03
CA VAL BB 234 86.04 -24.97 -88.23
C VAL BB 234 84.82 -24.74 -89.10
N ILE BB 235 83.63 -24.88 -88.52
CA ILE BB 235 82.41 -24.81 -89.30
C ILE BB 235 82.16 -23.40 -89.81
N SER BB 236 82.52 -22.38 -89.03
CA SER BB 236 82.42 -21.01 -89.52
C SER BB 236 83.21 -20.84 -90.81
N SER BB 237 84.37 -21.50 -90.90
CA SER BB 237 85.15 -21.45 -92.13
C SER BB 237 84.42 -22.14 -93.27
N LEU BB 238 83.73 -23.24 -92.97
CA LEU BB 238 83.07 -24.01 -94.02
C LEU BB 238 81.93 -23.20 -94.65
N THR BB 239 80.98 -22.76 -93.83
CA THR BB 239 79.80 -22.07 -94.33
C THR BB 239 80.06 -20.63 -94.72
N ALA BB 240 81.30 -20.14 -94.56
CA ALA BB 240 81.60 -18.77 -94.96
C ALA BB 240 81.26 -18.54 -96.42
N SER BB 241 81.58 -19.50 -97.29
CA SER BB 241 81.21 -19.38 -98.70
C SER BB 241 79.70 -19.36 -98.87
N LEU BB 242 78.97 -20.09 -98.03
CA LEU BB 242 77.51 -20.03 -98.07
C LEU BB 242 76.99 -18.66 -97.72
N ARG BB 243 77.66 -17.96 -96.80
CA ARG BB 243 77.13 -16.73 -96.23
C ARG BB 243 78.04 -15.53 -96.42
N PHE BB 244 79.02 -15.61 -97.32
CA PHE BB 244 79.89 -14.48 -97.59
C PHE BB 244 80.39 -14.57 -99.03
N ASP BB 245 81.11 -13.54 -99.45
CA ASP BB 245 81.70 -13.51 -100.77
C ASP BB 245 83.14 -14.00 -100.69
N GLY BB 246 83.89 -13.81 -101.77
CA GLY BB 246 85.24 -14.32 -101.87
C GLY BB 246 85.34 -15.14 -103.13
N ALA BB 247 86.47 -15.03 -103.81
CA ALA BB 247 86.69 -15.79 -105.03
C ALA BB 247 86.56 -17.27 -104.75
N LEU BB 248 86.07 -18.01 -105.75
CA LEU BB 248 85.91 -19.46 -105.66
C LEU BB 248 84.96 -19.84 -104.50
N ASN BB 249 83.72 -19.38 -104.61
CA ASN BB 249 82.69 -19.75 -103.65
C ASN BB 249 82.40 -21.24 -103.75
N VAL BB 250 81.97 -21.82 -102.63
CA VAL BB 250 81.66 -23.24 -102.54
C VAL BB 250 80.33 -23.41 -101.83
N ASP BB 251 79.49 -24.28 -102.38
CA ASP BB 251 78.29 -24.74 -101.68
C ASP BB 251 78.48 -26.20 -101.32
N ILE BB 252 77.47 -26.78 -100.68
CA ILE BB 252 77.57 -28.18 -100.28
C ILE BB 252 77.65 -29.09 -101.49
N THR BB 253 76.79 -28.86 -102.49
CA THR BB 253 76.77 -29.71 -103.67
C THR BB 253 78.12 -29.71 -104.37
N GLU BB 254 78.66 -28.52 -104.65
CA GLU BB 254 80.01 -28.42 -105.19
C GLU BB 254 81.02 -29.12 -104.29
N PHE BB 255 80.86 -28.97 -102.98
CA PHE BB 255 81.77 -29.57 -102.02
C PHE BB 255 81.64 -31.09 -101.99
N GLN BB 256 80.42 -31.59 -102.19
CA GLN BB 256 80.15 -33.01 -101.98
C GLN BB 256 80.42 -33.85 -103.22
N THR BB 257 80.26 -33.27 -104.42
CA THR BB 257 80.44 -34.05 -105.64
C THR BB 257 81.91 -34.40 -105.87
N ASN BB 258 82.82 -33.46 -105.59
CA ASN BB 258 84.23 -33.65 -105.85
C ASN BB 258 85.00 -34.10 -104.61
N LEU BB 259 84.33 -34.79 -103.69
CA LEU BB 259 84.99 -35.35 -102.52
C LEU BB 259 84.60 -36.79 -102.23
N VAL BB 260 83.54 -37.30 -102.85
CA VAL BB 260 83.07 -38.65 -102.61
C VAL BB 260 83.04 -39.39 -103.94
N PRO BB 261 84.09 -40.14 -104.27
CA PRO BB 261 84.13 -40.87 -105.54
C PRO BB 261 83.14 -42.04 -105.55
N TYR BB 262 83.06 -42.75 -104.44
CA TYR BB 262 82.18 -43.90 -104.36
C TYR BB 262 81.11 -43.69 -103.30
N PRO BB 263 79.88 -44.14 -103.55
CA PRO BB 263 78.79 -43.90 -102.58
C PRO BB 263 79.13 -44.35 -101.17
N ARG BB 264 79.90 -45.41 -101.02
CA ARG BB 264 80.26 -45.89 -99.68
C ARG BB 264 81.31 -45.01 -99.04
N ILE BB 265 82.42 -44.77 -99.76
CA ILE BB 265 83.54 -44.03 -99.19
C ILE BB 265 83.18 -42.56 -99.08
N HIS BB 266 82.84 -42.11 -97.88
CA HIS BB 266 82.60 -40.70 -97.63
C HIS BB 266 83.19 -40.20 -96.32
N PHE BB 267 83.77 -41.06 -95.50
CA PHE BB 267 84.36 -40.62 -94.25
C PHE BB 267 85.63 -39.83 -94.53
N MET BB 268 85.83 -38.75 -93.79
CA MET BB 268 86.94 -37.85 -94.07
C MET BB 268 87.39 -37.16 -92.79
N LEU BB 269 88.54 -36.52 -92.87
CA LEU BB 269 89.20 -35.91 -91.72
C LEU BB 269 89.05 -34.39 -91.77
N SER BB 270 89.74 -33.70 -90.88
CA SER BB 270 89.72 -32.25 -90.83
C SER BB 270 91.07 -31.74 -90.35
N SER BB 271 91.22 -30.41 -90.39
CA SER BB 271 92.43 -29.71 -89.96
C SER BB 271 92.12 -28.23 -89.93
N TYR BB 272 92.90 -27.49 -89.14
CA TYR BB 272 92.74 -26.05 -89.07
C TYR BB 272 94.07 -25.40 -88.71
N ALA BB 273 94.29 -24.21 -89.27
CA ALA BB 273 95.50 -23.43 -89.03
C ALA BB 273 95.26 -22.02 -89.53
N PRO BB 274 95.84 -20.99 -88.90
CA PRO BB 274 96.73 -21.06 -87.75
C PRO BB 274 95.99 -21.27 -86.43
N ILE BB 275 96.68 -21.87 -85.47
CA ILE BB 275 96.14 -22.15 -84.14
C ILE BB 275 97.15 -21.59 -83.14
N ILE BB 276 96.97 -20.33 -82.76
CA ILE BB 276 98.02 -19.53 -82.15
C ILE BB 276 97.43 -18.60 -81.10
N SER BB 277 98.19 -18.34 -80.05
CA SER BB 277 97.78 -17.43 -79.00
C SER BB 277 98.05 -16.00 -79.44
N ALA BB 278 97.91 -15.05 -78.50
CA ALA BB 278 98.03 -13.64 -78.87
C ALA BB 278 99.49 -13.26 -79.10
N GLU BB 279 100.41 -13.86 -78.36
CA GLU BB 279 101.79 -13.39 -78.41
C GLU BB 279 102.55 -13.89 -79.64
N LYS BB 280 102.41 -15.17 -79.99
CA LYS BB 280 103.10 -15.66 -81.19
C LYS BB 280 102.59 -14.96 -82.43
N ALA BB 281 101.31 -14.60 -82.47
CA ALA BB 281 100.77 -13.83 -83.58
C ALA BB 281 101.52 -12.52 -83.77
N TYR BB 282 102.14 -12.02 -82.70
CA TYR BB 282 102.97 -10.83 -82.84
C TYR BB 282 104.32 -11.17 -83.45
N HIS BB 283 104.90 -12.30 -83.07
CA HIS BB 283 106.15 -12.77 -83.67
C HIS BB 283 105.88 -13.72 -84.83
N GLU BB 284 105.03 -13.30 -85.76
CA GLU BB 284 104.69 -14.11 -86.92
C GLU BB 284 104.27 -13.21 -88.06
N GLN BB 285 104.29 -13.79 -89.26
CA GLN BB 285 103.80 -13.11 -90.47
C GLN BB 285 102.65 -13.85 -91.15
N LEU BB 286 102.51 -15.15 -90.90
CA LEU BB 286 101.39 -15.94 -91.38
C LEU BB 286 101.27 -15.87 -92.92
N SER BB 287 102.36 -16.27 -93.57
CA SER BB 287 102.32 -16.38 -95.02
C SER BB 287 101.48 -17.59 -95.41
N VAL BB 288 100.87 -17.50 -96.59
CA VAL BB 288 99.96 -18.55 -97.03
C VAL BB 288 100.66 -19.90 -97.10
N ALA BB 289 101.98 -19.90 -97.29
CA ALA BB 289 102.70 -21.16 -97.43
C ALA BB 289 102.67 -21.95 -96.12
N GLU BB 290 103.01 -21.30 -95.01
CA GLU BB 290 103.04 -21.99 -93.73
C GLU BB 290 101.66 -22.52 -93.35
N ILE BB 291 100.63 -21.69 -93.52
CA ILE BB 291 99.29 -22.09 -93.09
C ILE BB 291 98.84 -23.31 -93.88
N THR BB 292 99.02 -23.30 -95.21
CA THR BB 292 98.73 -24.48 -96.01
C THR BB 292 99.61 -25.65 -95.64
N ASN BB 293 100.83 -25.40 -95.14
CA ASN BB 293 101.66 -26.50 -94.69
C ASN BB 293 101.14 -27.07 -93.37
N ALA BB 294 100.77 -26.19 -92.44
CA ALA BB 294 100.22 -26.65 -91.17
C ALA BB 294 98.94 -27.44 -91.37
N ALA BB 295 98.14 -27.05 -92.37
CA ALA BB 295 96.89 -27.77 -92.63
C ALA BB 295 97.16 -29.20 -93.05
N PHE BB 296 98.20 -29.42 -93.85
CA PHE BB 296 98.54 -30.76 -94.31
C PHE BB 296 99.40 -31.53 -93.31
N GLU BB 297 99.76 -30.90 -92.20
CA GLU BB 297 100.51 -31.61 -91.17
C GLU BB 297 99.61 -32.62 -90.47
N PRO BB 298 100.00 -33.89 -90.40
CA PRO BB 298 99.16 -34.87 -89.69
C PRO BB 298 98.98 -34.56 -88.20
N ALA BB 299 99.88 -33.78 -87.60
CA ALA BB 299 99.69 -33.39 -86.21
C ALA BB 299 98.49 -32.47 -86.04
N SER BB 300 98.27 -31.56 -87.00
CA SER BB 300 97.19 -30.59 -86.91
C SER BB 300 95.84 -31.18 -87.18
N MET BB 301 95.75 -32.50 -87.35
CA MET BB 301 94.46 -33.13 -87.57
C MET BB 301 93.66 -33.19 -86.27
N MET BB 302 92.35 -33.33 -86.41
CA MET BB 302 91.47 -33.50 -85.26
C MET BB 302 91.08 -34.96 -85.06
N VAL BB 303 91.68 -35.86 -85.81
CA VAL BB 303 91.46 -37.30 -85.67
C VAL BB 303 92.80 -37.94 -85.33
N LYS BB 304 92.76 -39.00 -84.53
CA LYS BB 304 93.97 -39.78 -84.26
C LYS BB 304 94.17 -40.82 -85.38
N CYS BB 305 94.27 -40.30 -86.59
CA CYS BB 305 94.52 -41.11 -87.78
C CYS BB 305 95.76 -40.58 -88.48
N ASP BB 306 96.58 -41.50 -88.98
CA ASP BB 306 97.81 -41.12 -89.65
C ASP BB 306 97.60 -41.18 -91.16
N PRO BB 307 97.61 -40.05 -91.86
CA PRO BB 307 97.40 -40.09 -93.32
C PRO BB 307 98.61 -40.57 -94.09
N ARG BB 308 99.80 -40.55 -93.49
CA ARG BB 308 101.01 -41.01 -94.15
C ARG BB 308 101.05 -42.51 -94.35
N HIS BB 309 100.00 -43.23 -93.92
CA HIS BB 309 99.87 -44.66 -94.16
C HIS BB 309 98.79 -44.96 -95.19
N GLY BB 310 98.25 -43.93 -95.83
CA GLY BB 310 97.28 -44.10 -96.89
C GLY BB 310 97.45 -43.05 -97.97
N LYS BB 311 96.48 -42.95 -98.88
CA LYS BB 311 96.56 -42.01 -99.98
C LYS BB 311 95.39 -41.05 -99.92
N TYR BB 312 95.64 -39.81 -100.33
CA TYR BB 312 94.60 -38.79 -100.39
C TYR BB 312 93.74 -39.05 -101.63
N MET BB 313 92.51 -39.52 -101.41
CA MET BB 313 91.59 -39.65 -102.53
C MET BB 313 91.25 -38.28 -103.12
N ALA BB 314 91.07 -37.28 -102.25
CA ALA BB 314 90.75 -35.92 -102.66
C ALA BB 314 90.89 -35.01 -101.45
N CYS BB 315 90.90 -33.70 -101.70
CA CYS BB 315 91.07 -32.72 -100.65
C CYS BB 315 90.11 -31.56 -100.88
N CYS BB 316 89.88 -30.79 -99.82
CA CYS BB 316 89.14 -29.54 -99.90
C CYS BB 316 89.72 -28.54 -98.92
N LEU BB 317 90.08 -27.36 -99.41
CA LEU BB 317 90.78 -26.35 -98.63
C LEU BB 317 90.00 -25.05 -98.69
N MET BB 318 89.46 -24.62 -97.56
CA MET BB 318 88.68 -23.39 -97.47
C MET BB 318 89.48 -22.39 -96.66
N TYR BB 319 90.04 -21.38 -97.32
CA TYR BB 319 90.86 -20.40 -96.62
C TYR BB 319 89.95 -19.34 -96.03
N ARG BB 320 90.55 -18.24 -95.59
CA ARG BB 320 89.79 -17.18 -94.96
C ARG BB 320 90.67 -15.93 -94.93
N GLY BB 321 90.03 -14.78 -94.76
CA GLY BB 321 90.75 -13.54 -94.64
C GLY BB 321 91.36 -13.06 -95.93
N ASP BB 322 92.60 -12.58 -95.86
CA ASP BB 322 93.28 -12.00 -97.01
C ASP BB 322 94.08 -13.07 -97.74
N VAL BB 323 93.56 -13.51 -98.88
CA VAL BB 323 94.26 -14.45 -99.77
C VAL BB 323 93.98 -14.02 -101.20
N VAL BB 324 94.96 -14.25 -102.08
CA VAL BB 324 94.74 -14.11 -103.51
C VAL BB 324 94.99 -15.46 -104.17
N PRO BB 325 94.24 -15.82 -105.21
CA PRO BB 325 94.27 -17.21 -105.69
C PRO BB 325 95.60 -17.66 -106.24
N LYS BB 326 96.48 -16.73 -106.63
CA LYS BB 326 97.78 -17.13 -107.14
C LYS BB 326 98.63 -17.77 -106.04
N ASP BB 327 98.54 -17.23 -104.82
CA ASP BB 327 99.31 -17.80 -103.72
C ASP BB 327 98.91 -19.24 -103.45
N VAL BB 328 97.60 -19.49 -103.36
CA VAL BB 328 97.11 -20.86 -103.29
C VAL BB 328 97.68 -21.68 -104.44
N ASN BB 329 97.47 -21.18 -105.67
CA ASN BB 329 98.02 -21.80 -106.86
C ASN BB 329 99.50 -22.10 -106.70
N ALA BB 330 100.24 -21.17 -106.09
CA ALA BB 330 101.65 -21.40 -105.84
C ALA BB 330 101.87 -22.43 -104.75
N SER BB 331 101.08 -22.35 -103.68
CA SER BB 331 101.31 -23.24 -102.54
C SER BB 331 100.86 -24.66 -102.81
N VAL BB 332 99.70 -24.85 -103.45
CA VAL BB 332 99.23 -26.20 -103.72
C VAL BB 332 100.20 -26.91 -104.66
N ALA BB 333 100.94 -26.15 -105.47
CA ALA BB 333 101.99 -26.75 -106.27
C ALA BB 333 103.05 -27.37 -105.39
N THR BB 334 103.56 -26.60 -104.42
CA THR BB 334 104.61 -27.10 -103.53
C THR BB 334 104.21 -28.40 -102.85
N ILE BB 335 102.94 -28.52 -102.47
CA ILE BB 335 102.48 -29.72 -101.78
C ILE BB 335 102.58 -30.92 -102.71
N LYS BB 336 102.07 -30.80 -103.94
CA LYS BB 336 102.15 -31.89 -104.89
C LYS BB 336 103.58 -32.23 -105.29
N THR BB 337 104.53 -31.33 -105.01
CA THR BB 337 105.94 -31.68 -105.22
C THR BB 337 106.43 -32.66 -104.17
N LYS BB 338 105.97 -32.51 -102.93
CA LYS BB 338 106.48 -33.34 -101.84
C LYS BB 338 106.14 -34.80 -102.05
N ARG BB 339 106.88 -35.66 -101.35
CA ARG BB 339 106.79 -37.11 -101.52
C ARG BB 339 106.02 -37.80 -100.41
N THR BB 340 106.09 -37.26 -99.18
CA THR BB 340 105.38 -37.83 -98.05
C THR BB 340 103.88 -37.91 -98.30
N ILE BB 341 103.34 -37.06 -99.17
CA ILE BB 341 101.91 -36.96 -99.41
C ILE BB 341 101.58 -37.75 -100.67
N GLN BB 342 100.79 -38.80 -100.52
CA GLN BB 342 100.48 -39.71 -101.60
C GLN BB 342 99.06 -39.48 -102.10
N PHE BB 343 98.82 -39.90 -103.35
CA PHE BB 343 97.52 -39.80 -103.98
C PHE BB 343 97.28 -41.04 -104.81
N VAL BB 344 96.05 -41.57 -104.75
CA VAL BB 344 95.72 -42.76 -105.52
C VAL BB 344 95.77 -42.42 -107.00
N ASP BB 345 96.02 -43.45 -107.82
CA ASP BB 345 96.35 -43.23 -109.23
C ASP BB 345 95.23 -42.53 -109.97
N TRP BB 346 93.98 -42.98 -109.78
CA TRP BB 346 92.90 -42.52 -110.67
C TRP BB 346 92.49 -41.07 -110.43
N CYS BB 347 93.16 -40.27 -109.60
CA CYS BB 347 92.83 -38.84 -109.46
C CYS BB 347 94.09 -38.03 -109.69
N PRO BB 348 94.34 -37.55 -110.91
CA PRO BB 348 95.40 -36.55 -111.09
C PRO BB 348 95.04 -35.21 -110.51
N THR BB 349 93.75 -34.92 -110.38
CA THR BB 349 93.22 -33.75 -109.70
C THR BB 349 93.23 -34.03 -108.20
N GLY BB 350 92.53 -33.20 -107.42
CA GLY BB 350 92.44 -33.47 -106.00
C GLY BB 350 92.37 -32.27 -105.08
N PHE BB 351 92.32 -31.06 -105.64
CA PHE BB 351 92.26 -29.84 -104.83
C PHE BB 351 91.05 -29.02 -105.25
N LYS BB 352 90.03 -29.00 -104.41
CA LYS BB 352 88.89 -28.10 -104.57
C LYS BB 352 89.06 -27.01 -103.54
N CYS BB 353 89.65 -25.90 -103.96
CA CYS BB 353 89.97 -24.82 -103.03
C CYS BB 353 88.82 -23.82 -102.92
N GLY BB 354 88.98 -22.88 -102.00
CA GLY BB 354 88.01 -21.82 -101.82
C GLY BB 354 88.61 -20.70 -101.00
N ILE BB 355 88.22 -19.47 -101.32
CA ILE BB 355 88.70 -18.29 -100.63
C ILE BB 355 87.50 -17.51 -100.12
N ASN BB 356 87.70 -16.77 -99.03
CA ASN BB 356 86.70 -15.84 -98.53
C ASN BB 356 87.40 -14.61 -97.99
N TYR BB 357 86.90 -13.43 -98.33
CA TYR BB 357 87.50 -12.19 -97.88
C TYR BB 357 87.05 -11.81 -96.47
N GLN BB 358 86.11 -12.53 -95.90
CA GLN BB 358 85.62 -12.27 -94.55
C GLN BB 358 86.58 -12.89 -93.54
N PRO BB 359 87.32 -12.07 -92.80
CA PRO BB 359 88.34 -12.61 -91.88
C PRO BB 359 87.72 -13.42 -90.77
N PRO BB 360 88.52 -14.21 -90.05
CA PRO BB 360 87.98 -14.93 -88.89
C PRO BB 360 87.74 -13.99 -87.73
N THR BB 361 86.62 -14.19 -87.06
CA THR BB 361 86.28 -13.42 -85.87
C THR BB 361 86.69 -14.20 -84.62
N VAL BB 362 87.08 -13.46 -83.59
CA VAL BB 362 87.55 -14.02 -82.33
C VAL BB 362 86.54 -13.71 -81.25
N VAL BB 363 86.27 -14.69 -80.39
CA VAL BB 363 85.30 -14.53 -79.32
C VAL BB 363 85.98 -13.89 -78.11
N PRO BB 364 85.36 -12.88 -77.49
CA PRO BB 364 85.95 -12.30 -76.29
C PRO BB 364 86.15 -13.34 -75.20
N GLY BB 365 87.21 -13.17 -74.43
CA GLY BB 365 87.59 -14.14 -73.42
C GLY BB 365 88.04 -15.45 -74.04
N GLY BB 366 88.08 -15.50 -75.36
CA GLY BB 366 88.43 -16.71 -76.06
C GLY BB 366 89.90 -17.06 -75.91
N ASP BB 367 90.27 -18.16 -76.56
CA ASP BB 367 91.63 -18.69 -76.52
C ASP BB 367 92.46 -18.31 -77.73
N LEU BB 368 91.88 -18.34 -78.93
CA LEU BB 368 92.62 -17.97 -80.13
C LEU BB 368 92.92 -16.48 -80.16
N ALA BB 369 93.65 -16.07 -81.19
CA ALA BB 369 94.05 -14.69 -81.38
C ALA BB 369 93.30 -14.07 -82.56
N LYS BB 370 93.64 -12.82 -82.87
CA LYS BB 370 93.09 -12.13 -84.03
C LYS BB 370 94.09 -12.17 -85.16
N VAL BB 371 93.65 -12.63 -86.33
CA VAL BB 371 94.51 -12.82 -87.50
C VAL BB 371 93.72 -12.41 -88.73
N GLN BB 372 94.45 -12.03 -89.78
CA GLN BB 372 93.84 -11.70 -91.06
C GLN BB 372 93.78 -12.90 -92.00
N ARG BB 373 94.20 -14.09 -91.55
CA ARG BB 373 94.20 -15.27 -92.40
C ARG BB 373 93.83 -16.50 -91.58
N ALA BB 374 93.43 -17.56 -92.28
CA ALA BB 374 93.08 -18.83 -91.67
C ALA BB 374 92.88 -19.86 -92.76
N VAL BB 375 93.01 -21.13 -92.40
CA VAL BB 375 92.86 -22.25 -93.33
C VAL BB 375 92.15 -23.39 -92.62
N CYS BB 376 91.25 -24.05 -93.34
CA CYS BB 376 90.61 -25.26 -92.87
C CYS BB 376 90.62 -26.28 -93.99
N MET BB 377 91.04 -27.50 -93.70
CA MET BB 377 91.24 -28.53 -94.71
C MET BB 377 90.42 -29.76 -94.37
N ILE BB 378 89.71 -30.27 -95.38
CA ILE BB 378 88.94 -31.50 -95.28
C ILE BB 378 89.38 -32.42 -96.41
N SER BB 379 89.88 -33.60 -96.06
CA SER BB 379 90.39 -34.54 -97.05
C SER BB 379 89.83 -35.94 -96.83
N ASN BB 380 89.47 -36.60 -97.92
CA ASN BB 380 89.05 -37.99 -97.91
C ASN BB 380 90.27 -38.84 -98.24
N SER BB 381 90.76 -39.61 -97.28
CA SER BB 381 91.92 -40.46 -97.45
C SER BB 381 91.59 -41.87 -96.97
N THR BB 382 92.15 -42.87 -97.67
CA THR BB 382 91.88 -44.26 -97.33
C THR BB 382 92.53 -44.70 -96.04
N ALA BB 383 93.40 -43.89 -95.44
CA ALA BB 383 94.06 -44.26 -94.20
C ALA BB 383 93.11 -44.32 -93.02
N ILE BB 384 91.86 -43.88 -93.19
CA ILE BB 384 90.89 -43.87 -92.10
C ILE BB 384 90.56 -45.26 -91.60
N GLY BB 385 90.82 -46.29 -92.40
CA GLY BB 385 90.41 -47.63 -92.01
C GLY BB 385 91.05 -48.10 -90.72
N GLU BB 386 92.19 -47.52 -90.35
CA GLU BB 386 92.89 -47.98 -89.15
C GLU BB 386 92.05 -47.74 -87.90
N ILE BB 387 91.59 -46.50 -87.69
CA ILE BB 387 90.75 -46.21 -86.54
C ILE BB 387 89.43 -46.93 -86.65
N PHE BB 388 89.04 -47.34 -87.86
CA PHE BB 388 87.88 -48.21 -88.01
C PHE BB 388 88.21 -49.64 -87.65
N SER BB 389 89.48 -50.03 -87.76
CA SER BB 389 89.88 -51.40 -87.47
C SER BB 389 90.02 -51.66 -85.98
N ARG BB 390 90.38 -50.64 -85.20
CA ARG BB 390 90.43 -50.80 -83.75
C ARG BB 390 89.08 -51.21 -83.20
N LEU BB 391 88.04 -50.43 -83.53
CA LEU BB 391 86.68 -50.81 -83.15
C LEU BB 391 86.34 -52.19 -83.66
N ASP BB 392 86.84 -52.56 -84.84
CA ASP BB 392 86.62 -53.90 -85.36
C ASP BB 392 87.11 -54.95 -84.37
N HIS BB 393 88.22 -54.67 -83.69
CA HIS BB 393 88.81 -55.64 -82.78
C HIS BB 393 88.09 -55.66 -81.44
N LYS BB 394 87.79 -54.48 -80.90
CA LYS BB 394 87.23 -54.41 -79.56
C LYS BB 394 85.84 -55.03 -79.49
N PHE BB 395 85.10 -55.00 -80.59
CA PHE BB 395 83.77 -55.60 -80.59
C PHE BB 395 83.85 -57.10 -80.32
N ASP BB 396 84.57 -57.83 -81.19
CA ASP BB 396 84.69 -59.27 -81.02
C ASP BB 396 85.34 -59.63 -79.69
N LEU BB 397 86.33 -58.84 -79.26
CA LEU BB 397 86.99 -59.07 -77.98
C LEU BB 397 85.99 -59.10 -76.83
N MET BB 398 84.95 -58.28 -76.91
CA MET BB 398 83.88 -58.30 -75.91
C MET BB 398 82.70 -59.15 -76.34
N TYR BB 399 82.40 -59.21 -77.64
CA TYR BB 399 81.21 -59.91 -78.09
C TYR BB 399 81.30 -61.41 -77.85
N ALA BB 400 82.49 -62.00 -78.04
CA ALA BB 400 82.65 -63.42 -77.76
C ALA BB 400 82.28 -63.75 -76.33
N LYS BB 401 82.56 -62.83 -75.41
CA LYS BB 401 82.19 -63.00 -74.01
C LYS BB 401 80.71 -62.75 -73.76
N ARG BB 402 79.99 -62.20 -74.74
CA ARG BB 402 78.59 -61.81 -74.59
C ARG BB 402 78.40 -60.86 -73.41
N ALA BB 403 79.42 -60.06 -73.12
CA ALA BB 403 79.37 -59.15 -71.99
C ALA BB 403 78.42 -58.00 -72.27
N PHE BB 404 77.70 -57.57 -71.24
CA PHE BB 404 76.78 -56.44 -71.30
C PHE BB 404 75.63 -56.68 -72.27
N VAL BB 405 75.54 -57.89 -72.82
CA VAL BB 405 74.57 -58.13 -73.88
C VAL BB 405 73.14 -58.20 -73.34
N HIS BB 406 72.97 -58.69 -72.11
CA HIS BB 406 71.62 -58.81 -71.56
C HIS BB 406 70.91 -57.47 -71.49
N TRP BB 407 71.67 -56.37 -71.41
CA TRP BB 407 71.07 -55.05 -71.54
C TRP BB 407 70.39 -54.88 -72.89
N TYR BB 408 71.12 -55.16 -73.97
CA TYR BB 408 70.59 -54.92 -75.30
C TYR BB 408 69.41 -55.82 -75.62
N VAL BB 409 69.60 -57.14 -75.46
CA VAL BB 409 68.51 -58.07 -75.74
C VAL BB 409 67.32 -57.86 -74.83
N GLY BB 410 67.53 -57.20 -73.69
CA GLY BB 410 66.41 -56.91 -72.80
C GLY BB 410 65.60 -55.71 -73.22
N GLU BB 411 66.22 -54.75 -73.90
CA GLU BB 411 65.58 -53.51 -74.31
C GLU BB 411 64.96 -53.60 -75.72
N GLY BB 412 64.54 -54.78 -76.12
CA GLY BB 412 63.90 -54.94 -77.42
C GLY BB 412 64.87 -55.11 -78.56
N MET BB 413 66.01 -55.77 -78.33
CA MET BB 413 66.97 -56.08 -79.37
C MET BB 413 67.19 -57.59 -79.39
N GLU BB 414 68.01 -58.03 -80.34
CA GLU BB 414 68.37 -59.44 -80.46
C GLU BB 414 69.86 -59.50 -80.76
N GLU BB 415 70.33 -60.68 -81.17
CA GLU BB 415 71.74 -60.83 -81.46
C GLU BB 415 72.07 -60.60 -82.94
N GLY BB 416 71.09 -60.74 -83.82
CA GLY BB 416 71.35 -60.49 -85.23
C GLY BB 416 71.99 -59.14 -85.48
N GLU BB 417 71.50 -58.09 -84.81
CA GLU BB 417 72.01 -56.75 -85.03
C GLU BB 417 73.51 -56.66 -84.73
N PHE BB 418 74.03 -57.54 -83.89
CA PHE BB 418 75.45 -57.50 -83.57
C PHE BB 418 76.27 -58.08 -84.71
N SER BB 419 75.85 -59.23 -85.24
CA SER BB 419 76.56 -59.81 -86.37
C SER BB 419 76.24 -59.07 -87.67
N GLU BB 420 74.99 -58.63 -87.85
CA GLU BB 420 74.65 -57.85 -89.02
C GLU BB 420 75.47 -56.57 -89.08
N ALA BB 421 75.63 -55.90 -87.93
CA ALA BB 421 76.52 -54.76 -87.86
C ALA BB 421 77.98 -55.18 -87.94
N ARG BB 422 78.30 -56.42 -87.57
CA ARG BB 422 79.67 -56.89 -87.64
C ARG BB 422 80.12 -57.09 -89.08
N GLU BB 423 79.24 -57.64 -89.92
CA GLU BB 423 79.65 -57.91 -91.30
C GLU BB 423 79.91 -56.63 -92.07
N ASP BB 424 79.08 -55.60 -91.87
CA ASP BB 424 79.26 -54.38 -92.64
C ASP BB 424 80.53 -53.63 -92.24
N LEU BB 425 80.95 -53.75 -90.98
CA LEU BB 425 82.24 -53.18 -90.58
C LEU BB 425 83.39 -53.79 -91.37
N ALA BB 426 83.34 -55.10 -91.63
CA ALA BB 426 84.37 -55.72 -92.44
C ALA BB 426 84.18 -55.41 -93.92
N ALA BB 427 82.95 -55.52 -94.41
CA ALA BB 427 82.66 -55.21 -95.81
C ALA BB 427 83.06 -53.78 -96.14
N LEU BB 428 82.85 -52.85 -95.20
CA LEU BB 428 83.38 -51.51 -95.38
C LEU BB 428 84.89 -51.52 -95.49
N GLU BB 429 85.55 -52.32 -94.66
CA GLU BB 429 87.01 -52.27 -94.60
C GLU BB 429 87.63 -52.73 -95.90
N LYS BB 430 87.12 -53.81 -96.49
CA LYS BB 430 87.67 -54.27 -97.76
C LYS BB 430 87.43 -53.25 -98.86
N ASP BB 431 86.37 -52.46 -98.75
CA ASP BB 431 86.17 -51.36 -99.69
C ASP BB 431 87.25 -50.30 -99.52
N PHE BB 432 87.80 -50.15 -98.31
CA PHE BB 432 88.95 -49.28 -98.11
C PHE BB 432 90.22 -49.88 -98.70
N GLU BB 433 90.24 -51.20 -98.92
CA GLU BB 433 91.44 -51.85 -99.43
C GLU BB 433 91.41 -52.09 -100.93
N GLU BB 434 90.22 -52.19 -101.54
CA GLU BB 434 90.17 -52.35 -102.98
C GLU BB 434 90.67 -51.12 -103.72
N VAL BB 435 90.68 -49.96 -103.07
CA VAL BB 435 91.10 -48.73 -103.73
C VAL BB 435 92.59 -48.69 -104.01
N GLY BB 436 93.37 -49.58 -103.41
CA GLY BB 436 94.81 -49.58 -103.61
C GLY BB 436 95.27 -49.98 -105.00
N ASN CB 2 -14.22 -32.09 -30.95
CA ASN CB 2 -12.98 -31.56 -31.50
C ASN CB 2 -11.78 -32.28 -30.86
N GLY CB 3 -10.65 -31.59 -30.78
CA GLY CB 3 -9.47 -32.18 -30.19
C GLY CB 3 -9.62 -32.35 -28.68
N ASP CB 4 -8.91 -33.34 -28.15
CA ASP CB 4 -8.95 -33.60 -26.72
C ASP CB 4 -8.13 -32.56 -25.97
N VAL CB 5 -8.42 -32.46 -24.66
CA VAL CB 5 -7.73 -31.52 -23.79
C VAL CB 5 -6.80 -32.22 -22.81
N ALA CB 6 -6.89 -33.54 -22.67
CA ALA CB 6 -6.10 -34.23 -21.66
C ALA CB 6 -4.62 -34.27 -22.05
N GLY CB 7 -4.32 -34.71 -23.26
CA GLY CB 7 -2.93 -34.88 -23.67
C GLY CB 7 -2.18 -33.59 -23.84
N SER CB 8 -2.79 -32.64 -24.54
CA SER CB 8 -2.13 -31.40 -24.94
C SER CB 8 -1.48 -30.65 -23.77
N LEU CB 9 -2.04 -30.78 -22.56
CA LEU CB 9 -1.69 -29.88 -21.47
C LEU CB 9 -0.27 -30.13 -20.96
N PHE CB 10 0.09 -31.39 -20.74
CA PHE CB 10 1.42 -31.66 -20.20
C PHE CB 10 2.50 -31.26 -21.19
N THR CB 11 2.36 -31.67 -22.46
CA THR CB 11 3.35 -31.31 -23.46
C THR CB 11 3.46 -29.81 -23.61
N SER CB 12 2.33 -29.10 -23.53
CA SER CB 12 2.37 -27.64 -23.61
C SER CB 12 3.14 -27.05 -22.45
N THR CB 13 2.87 -27.54 -21.24
CA THR CB 13 3.53 -26.95 -20.07
C THR CB 13 5.03 -27.20 -20.14
N TYR CB 14 5.44 -28.38 -20.59
CA TYR CB 14 6.86 -28.68 -20.73
C TYR CB 14 7.51 -27.83 -21.81
N ARG CB 15 6.85 -27.71 -22.98
CA ARG CB 15 7.40 -26.88 -24.05
C ARG CB 15 7.54 -25.43 -23.59
N ASN CB 16 6.62 -24.95 -22.76
CA ASN CB 16 6.67 -23.55 -22.34
C ASN CB 16 7.75 -23.31 -21.30
N VAL CB 17 7.83 -24.20 -20.30
CA VAL CB 17 8.69 -23.93 -19.15
C VAL CB 17 10.14 -24.35 -19.45
N LYS CB 18 10.35 -25.53 -20.04
CA LYS CB 18 11.70 -25.98 -20.33
C LYS CB 18 12.25 -25.31 -21.58
N LEU CB 19 11.59 -25.54 -22.72
CA LEU CB 19 12.15 -25.14 -24.02
C LEU CB 19 12.34 -23.63 -24.09
N ALA CB 20 11.26 -22.88 -23.98
CA ALA CB 20 11.42 -21.44 -23.85
C ALA CB 20 11.80 -21.07 -22.41
N GLY CB 21 12.27 -19.85 -22.24
CA GLY CB 21 12.53 -19.32 -20.91
C GLY CB 21 11.29 -18.80 -20.23
N LYS CB 22 10.11 -19.24 -20.66
CA LYS CB 22 8.86 -18.74 -20.14
C LYS CB 22 8.63 -19.26 -18.71
N ALA CB 23 7.76 -18.54 -18.01
CA ALA CB 23 7.48 -18.73 -16.60
C ALA CB 23 6.30 -19.68 -16.38
N PRO CB 24 6.11 -20.16 -15.16
CA PRO CB 24 5.00 -21.10 -14.90
C PRO CB 24 3.64 -20.44 -15.10
N PRO CB 25 3.43 -19.18 -14.67
CA PRO CB 25 4.13 -18.25 -13.79
C PRO CB 25 3.57 -18.16 -12.36
N ALA CB 26 4.40 -18.55 -11.39
CA ALA CB 26 4.17 -18.32 -9.96
C ALA CB 26 2.76 -18.77 -9.53
N ALA CB 27 2.55 -20.08 -9.61
CA ALA CB 27 1.33 -20.70 -9.11
C ALA CB 27 1.43 -20.87 -7.60
N ASN CB 28 0.60 -20.12 -6.86
CA ASN CB 28 0.61 -20.17 -5.40
C ASN CB 28 0.19 -21.55 -4.89
N LEU CB 29 1.01 -22.12 -4.03
CA LEU CB 29 0.79 -23.44 -3.46
C LEU CB 29 0.79 -23.38 -1.94
N SER CB 30 0.22 -22.32 -1.39
CA SER CB 30 0.14 -22.17 0.05
C SER CB 30 -0.79 -23.23 0.63
N GLY CB 31 -0.52 -23.62 1.88
CA GLY CB 31 -1.33 -24.59 2.57
C GLY CB 31 -1.20 -26.01 2.08
N THR CB 32 -0.65 -26.23 0.88
CA THR CB 32 -0.49 -27.56 0.32
C THR CB 32 0.93 -28.03 0.56
N GLY CB 33 1.07 -29.14 1.29
CA GLY CB 33 2.37 -29.70 1.58
C GLY CB 33 2.72 -30.88 0.69
N SER CB 34 2.92 -32.04 1.30
CA SER CB 34 3.24 -33.24 0.54
C SER CB 34 1.98 -33.74 -0.16
N CYS CB 35 2.09 -34.88 -0.83
CA CYS CB 35 0.92 -35.50 -1.43
C CYS CB 35 0.06 -36.22 -0.41
N PHE CB 36 0.54 -36.37 0.83
CA PHE CB 36 -0.19 -37.09 1.86
C PHE CB 36 -1.03 -36.18 2.74
N ASP CB 37 -0.46 -35.07 3.22
CA ASP CB 37 -1.19 -34.17 4.09
C ASP CB 37 -2.25 -33.40 3.32
N THR CB 38 -3.48 -33.44 3.82
CA THR CB 38 -4.56 -32.65 3.22
C THR CB 38 -4.30 -31.18 3.43
N THR CB 39 -4.59 -30.40 2.40
CA THR CB 39 -4.39 -28.96 2.44
C THR CB 39 -5.41 -28.29 3.35
N SER CB 40 -5.07 -27.07 3.77
CA SER CB 40 -5.95 -26.22 4.56
C SER CB 40 -6.60 -25.23 3.60
N LEU CB 41 -7.89 -25.43 3.33
CA LEU CB 41 -8.59 -24.65 2.31
C LEU CB 41 -8.76 -23.21 2.78
N SER CB 42 -8.28 -22.26 1.98
CA SER CB 42 -8.41 -20.86 2.35
C SER CB 42 -9.83 -20.38 2.14
N PRO CB 43 -10.28 -19.39 2.93
CA PRO CB 43 -11.65 -18.89 2.79
C PRO CB 43 -11.87 -18.00 1.59
N ALA CB 44 -10.81 -17.55 0.93
CA ALA CB 44 -10.94 -16.66 -0.20
C ALA CB 44 -11.69 -17.35 -1.34
N ARG CB 45 -12.10 -16.54 -2.31
CA ARG CB 45 -12.81 -17.02 -3.49
C ARG CB 45 -12.10 -16.50 -4.73
N ALA CB 46 -12.17 -17.29 -5.80
CA ALA CB 46 -11.41 -17.01 -7.00
C ALA CB 46 -12.22 -16.18 -7.99
N GLY CB 47 -11.52 -15.40 -8.81
CA GLY CB 47 -12.19 -14.49 -9.72
C GLY CB 47 -12.90 -13.37 -8.98
N ALA CB 48 -12.35 -12.94 -7.85
CA ALA CB 48 -12.97 -11.92 -7.04
C ALA CB 48 -12.42 -10.56 -7.40
N HIS CB 49 -13.31 -9.60 -7.64
CA HIS CB 49 -12.89 -8.25 -7.95
C HIS CB 49 -12.24 -7.62 -6.73
N LYS CB 50 -11.05 -7.05 -6.93
CA LYS CB 50 -10.28 -6.47 -5.85
C LYS CB 50 -10.61 -5.00 -5.69
N ALA CB 51 -10.59 -4.52 -4.45
CA ALA CB 51 -10.87 -3.13 -4.17
C ALA CB 51 -9.77 -2.24 -4.75
N LEU CB 52 -10.06 -0.95 -4.82
CA LEU CB 52 -9.10 0.03 -5.32
C LEU CB 52 -8.09 0.37 -4.25
N ASP CB 53 -6.80 0.27 -4.60
CA ASP CB 53 -5.73 0.44 -3.63
C ASP CB 53 -5.10 1.82 -3.67
N VAL CB 54 -5.45 2.64 -4.67
CA VAL CB 54 -4.88 3.97 -4.81
C VAL CB 54 -5.04 4.78 -3.52
N GLN CB 55 -3.99 5.51 -3.17
CA GLN CB 55 -3.89 6.28 -1.94
C GLN CB 55 -5.01 7.33 -1.86
N LYS CB 56 -5.04 8.04 -0.72
CA LYS CB 56 -5.89 9.21 -0.52
C LYS CB 56 -5.48 10.37 -1.43
N ASP CB 57 -4.23 10.79 -1.28
CA ASP CB 57 -3.76 12.06 -1.80
C ASP CB 57 -3.38 11.97 -3.27
N GLU CB 58 -2.92 10.80 -3.72
CA GLU CB 58 -2.53 10.66 -5.11
C GLU CB 58 -3.66 11.03 -6.06
N LEU CB 59 -4.90 10.93 -5.61
CA LEU CB 59 -6.04 11.46 -6.36
C LEU CB 59 -5.84 12.95 -6.61
N PRO CB 60 -5.75 13.38 -7.86
CA PRO CB 60 -5.59 14.81 -8.13
C PRO CB 60 -6.84 15.58 -7.75
N VAL CB 61 -6.67 16.86 -7.46
CA VAL CB 61 -7.78 17.72 -7.11
C VAL CB 61 -8.17 18.54 -8.34
N TRP CB 62 -9.44 18.91 -8.40
CA TRP CB 62 -9.98 19.60 -9.56
C TRP CB 62 -9.86 21.11 -9.35
N SER CB 63 -9.10 21.78 -10.21
CA SER CB 63 -8.92 23.22 -10.11
C SER CB 63 -10.09 23.93 -10.76
N LYS CB 64 -10.87 24.66 -9.95
CA LYS CB 64 -12.03 25.38 -10.46
C LYS CB 64 -11.68 26.40 -11.51
N SER CB 65 -10.41 26.81 -11.57
CA SER CB 65 -9.99 27.89 -12.46
C SER CB 65 -9.47 27.41 -13.81
N THR CB 66 -8.94 26.19 -13.89
CA THR CB 66 -8.36 25.70 -15.13
C THR CB 66 -9.15 24.55 -15.72
N LEU CB 67 -10.16 24.03 -15.01
CA LEU CB 67 -10.97 22.90 -15.47
C LEU CB 67 -10.10 21.67 -15.69
N SER CB 68 -9.18 21.42 -14.76
CA SER CB 68 -8.24 20.32 -14.91
C SER CB 68 -7.96 19.67 -13.57
N TYR CB 69 -7.77 18.36 -13.61
CA TYR CB 69 -7.32 17.61 -12.44
C TYR CB 69 -5.81 17.73 -12.33
N LYS CB 70 -5.34 18.43 -11.32
CA LYS CB 70 -3.92 18.61 -11.11
C LYS CB 70 -3.53 18.07 -9.74
N TYR CB 71 -2.28 17.63 -9.63
CA TYR CB 71 -1.81 17.06 -8.38
C TYR CB 71 -1.58 18.18 -7.36
N PRO CB 72 -1.84 17.90 -6.08
CA PRO CB 72 -1.66 18.94 -5.06
C PRO CB 72 -0.21 19.37 -4.93
N ALA CB 73 -0.02 20.61 -4.49
CA ALA CB 73 1.32 21.14 -4.31
C ALA CB 73 2.03 20.44 -3.15
N GLY CB 74 3.31 20.75 -2.99
CA GLY CB 74 4.12 20.11 -1.97
C GLY CB 74 4.15 20.89 -0.68
N ARG CB 75 3.79 20.22 0.41
CA ARG CB 75 3.94 20.83 1.73
C ARG CB 75 5.40 21.14 1.99
N PRO CB 76 5.71 22.30 2.59
CA PRO CB 76 7.09 22.62 2.90
C PRO CB 76 7.72 21.60 3.85
N ASN CB 77 9.04 21.70 3.97
CA ASN CB 77 9.82 20.82 4.81
C ASN CB 77 11.04 21.60 5.28
N PRO CB 78 11.33 21.57 6.59
CA PRO CB 78 12.44 22.39 7.09
C PRO CB 78 13.79 22.02 6.50
N THR CB 79 14.00 20.74 6.17
CA THR CB 79 15.28 20.34 5.60
C THR CB 79 15.49 20.99 4.24
N GLY CB 80 14.42 21.13 3.46
CA GLY CB 80 14.51 21.73 2.15
C GLY CB 80 14.22 23.22 2.15
N PHE CB 81 15.06 23.99 2.84
CA PHE CB 81 14.92 25.43 2.88
C PHE CB 81 15.75 26.08 1.79
N LEU CB 82 15.32 27.27 1.37
CA LEU CB 82 16.03 27.99 0.32
C LEU CB 82 17.31 28.61 0.87
N LYS CB 83 18.27 28.82 0.00
CA LYS CB 83 19.55 29.40 0.37
C LYS CB 83 19.85 30.61 -0.51
N LYS CB 84 21.09 31.08 -0.42
CA LYS CB 84 21.52 32.31 -1.08
C LYS CB 84 21.08 32.41 -2.53
N GLY CB 85 21.35 31.37 -3.32
CA GLY CB 85 21.12 31.45 -4.74
C GLY CB 85 19.71 31.11 -5.19
N ASP CB 86 19.02 32.07 -5.81
CA ASP CB 86 17.76 31.77 -6.48
C ASP CB 86 17.57 32.76 -7.63
N GLY CB 87 17.98 32.35 -8.82
CA GLY CB 87 17.80 33.15 -10.01
C GLY CB 87 16.74 32.66 -10.96
N GLU CB 88 16.23 31.46 -10.73
CA GLU CB 88 15.19 30.91 -11.58
C GLU CB 88 13.86 31.64 -11.36
N PRO CB 102 -1.97 13.11 -15.22
CA PRO CB 102 -2.92 12.73 -14.16
C PRO CB 102 -3.98 11.75 -14.65
N SER CB 103 -3.54 10.61 -15.15
CA SER CB 103 -4.46 9.59 -15.61
C SER CB 103 -5.18 8.98 -14.42
N PRO CB 104 -6.37 8.41 -14.64
CA PRO CB 104 -7.08 7.75 -13.54
C PRO CB 104 -6.47 6.39 -13.26
N PRO CB 105 -6.66 5.87 -12.05
CA PRO CB 105 -6.15 4.53 -11.74
C PRO CB 105 -6.90 3.48 -12.56
N GLN CB 106 -6.16 2.77 -13.40
CA GLN CB 106 -6.76 1.79 -14.29
C GLN CB 106 -7.33 0.62 -13.49
N ALA CB 107 -8.43 0.07 -13.99
CA ALA CB 107 -9.08 -1.05 -13.35
C ALA CB 107 -8.50 -2.35 -13.88
N GLY CB 108 -8.43 -3.36 -13.01
CA GLY CB 108 -7.87 -4.63 -13.40
C GLY CB 108 -8.79 -5.41 -14.31
N ALA CB 109 -9.00 -4.90 -15.52
CA ALA CB 109 -9.84 -5.61 -16.48
C ALA CB 109 -9.17 -6.89 -16.96
N TYR CB 110 -7.90 -6.81 -17.34
CA TYR CB 110 -7.17 -7.96 -17.86
C TYR CB 110 -6.15 -8.49 -16.89
N LYS CB 111 -6.29 -8.18 -15.63
CA LYS CB 111 -5.34 -8.64 -14.65
C LYS CB 111 -5.80 -9.96 -14.11
N ARG CB 112 -4.90 -10.93 -14.10
CA ARG CB 112 -5.21 -12.27 -13.66
C ARG CB 112 -5.62 -12.25 -12.20
N ARG CB 113 -6.84 -12.69 -11.93
CA ARG CB 113 -7.28 -12.73 -10.55
C ARG CB 113 -6.49 -13.80 -9.81
N GLU CB 114 -6.58 -13.78 -8.48
CA GLU CB 114 -5.87 -14.75 -7.66
C GLU CB 114 -6.71 -16.02 -7.63
N ASN CB 115 -6.09 -17.15 -7.95
CA ASN CB 115 -6.76 -18.44 -8.00
C ASN CB 115 -6.23 -19.31 -6.86
N PRO CB 116 -6.87 -19.31 -5.70
CA PRO CB 116 -6.39 -20.15 -4.60
C PRO CB 116 -6.74 -21.60 -4.84
N PRO CB 117 -6.04 -22.53 -4.21
CA PRO CB 117 -6.30 -23.95 -4.45
C PRO CB 117 -7.49 -24.48 -3.66
N ASN CB 118 -8.33 -23.58 -3.16
CA ASN CB 118 -9.45 -23.97 -2.28
C ASN CB 118 -10.68 -24.39 -3.08
N THR CB 119 -10.51 -25.27 -4.05
CA THR CB 119 -11.64 -25.80 -4.78
C THR CB 119 -12.29 -26.94 -3.99
N ALA CB 120 -13.38 -27.47 -4.53
CA ALA CB 120 -14.04 -28.60 -3.90
C ALA CB 120 -13.54 -29.94 -4.44
N PHE CB 121 -13.09 -29.97 -5.69
CA PHE CB 121 -12.56 -31.20 -6.24
C PHE CB 121 -11.30 -31.64 -5.51
N ARG CB 122 -10.40 -30.71 -5.21
CA ARG CB 122 -9.19 -31.05 -4.47
C ARG CB 122 -9.53 -31.64 -3.12
N ARG CB 123 -10.46 -31.02 -2.40
CA ARG CB 123 -10.90 -31.50 -1.09
C ARG CB 123 -11.52 -32.88 -1.16
N PHE CB 124 -12.36 -33.13 -2.17
CA PHE CB 124 -12.96 -34.46 -2.30
C PHE CB 124 -11.91 -35.51 -2.66
N TYR CB 125 -11.01 -35.18 -3.58
CA TYR CB 125 -9.96 -36.11 -3.95
C TYR CB 125 -9.02 -36.38 -2.77
N GLU CB 126 -8.74 -35.36 -1.97
CA GLU CB 126 -7.94 -35.56 -0.78
C GLU CB 126 -8.58 -36.57 0.16
N ARG CB 127 -9.87 -36.37 0.46
CA ARG CB 127 -10.59 -37.35 1.27
C ARG CB 127 -10.72 -38.70 0.59
N GLY CB 128 -10.42 -38.78 -0.71
CA GLY CB 128 -10.37 -40.05 -1.40
C GLY CB 128 -11.71 -40.62 -1.78
N ASP CB 129 -12.73 -39.77 -1.92
CA ASP CB 129 -14.06 -40.24 -2.27
C ASP CB 129 -14.26 -40.42 -3.76
N LEU CB 130 -13.22 -40.20 -4.57
CA LEU CB 130 -13.50 -40.27 -6.00
C LEU CB 130 -13.07 -41.62 -6.56
N PRO CB 131 -13.86 -42.16 -7.49
CA PRO CB 131 -13.54 -43.48 -8.06
C PRO CB 131 -12.53 -43.41 -9.21
N ILE CB 132 -11.78 -42.32 -9.32
CA ILE CB 132 -10.85 -42.15 -10.42
C ILE CB 132 -9.44 -42.53 -9.98
N ALA CB 133 -8.60 -42.80 -10.97
CA ALA CB 133 -7.17 -42.97 -10.77
C ALA CB 133 -6.48 -42.76 -12.10
N VAL CB 134 -5.18 -42.50 -12.04
CA VAL CB 134 -4.40 -42.35 -13.26
C VAL CB 134 -4.03 -43.73 -13.79
N ASP CB 135 -4.07 -43.90 -15.10
CA ASP CB 135 -3.83 -45.19 -15.75
C ASP CB 135 -2.54 -45.08 -16.54
N HIS CB 136 -1.42 -45.35 -15.87
CA HIS CB 136 -0.12 -45.25 -16.53
C HIS CB 136 0.13 -46.40 -17.49
N ARG CB 137 -0.62 -47.50 -17.36
CA ARG CB 137 -0.39 -48.64 -18.24
C ARG CB 137 -0.76 -48.35 -19.69
N GLY CB 138 -1.54 -47.31 -19.94
CA GLY CB 138 -1.82 -46.91 -21.30
C GLY CB 138 -0.60 -46.28 -21.96
N SER CB 139 -0.71 -46.10 -23.28
CA SER CB 139 0.36 -45.49 -24.06
C SER CB 139 0.61 -44.03 -23.67
N LYS CB 140 -0.25 -43.44 -22.84
CA LYS CB 140 -0.09 -42.09 -22.35
C LYS CB 140 -0.85 -41.99 -21.03
N ASN CB 141 -1.03 -40.77 -20.53
CA ASN CB 141 -1.85 -40.57 -19.35
C ASN CB 141 -3.31 -40.78 -19.72
N MET CB 142 -3.95 -41.75 -19.09
CA MET CB 142 -5.36 -42.03 -19.27
C MET CB 142 -6.02 -42.10 -17.90
N ILE CB 143 -7.35 -42.19 -17.91
CA ILE CB 143 -8.10 -42.31 -16.67
C ILE CB 143 -8.41 -43.78 -16.44
N ALA CB 144 -8.60 -44.12 -15.17
CA ALA CB 144 -8.92 -45.49 -14.77
C ALA CB 144 -10.03 -45.42 -13.73
N TRP CB 145 -11.18 -45.99 -14.06
CA TRP CB 145 -12.35 -45.90 -13.19
C TRP CB 145 -12.47 -47.14 -12.31
N LYS CB 146 -12.70 -46.91 -11.03
CA LYS CB 146 -12.93 -47.98 -10.09
C LYS CB 146 -14.27 -48.65 -10.32
N VAL CB 147 -15.20 -47.95 -10.97
CA VAL CB 147 -16.54 -48.44 -11.23
C VAL CB 147 -16.89 -48.10 -12.69
N ASP CB 148 -18.15 -48.28 -13.03
CA ASP CB 148 -18.64 -48.03 -14.38
C ASP CB 148 -19.19 -46.61 -14.50
N ILE CB 149 -18.73 -45.88 -15.50
CA ILE CB 149 -19.10 -44.48 -15.61
C ILE CB 149 -20.60 -44.30 -15.85
N GLU CB 150 -21.18 -45.10 -16.75
CA GLU CB 150 -22.55 -44.80 -17.18
C GLU CB 150 -23.60 -45.08 -16.10
N LYS CB 151 -23.20 -45.53 -14.92
CA LYS CB 151 -24.13 -45.76 -13.83
C LYS CB 151 -23.86 -44.86 -12.64
N LEU CB 152 -22.96 -43.89 -12.76
CA LEU CB 152 -22.69 -42.96 -11.69
C LEU CB 152 -23.87 -42.02 -11.46
N ASP CB 153 -23.80 -41.31 -10.34
CA ASP CB 153 -24.75 -40.24 -10.04
C ASP CB 153 -24.16 -38.94 -10.56
N TYR CB 154 -24.63 -38.51 -11.74
CA TYR CB 154 -24.08 -37.29 -12.32
C TYR CB 154 -24.36 -36.08 -11.44
N HIS CB 155 -25.55 -36.02 -10.82
CA HIS CB 155 -25.91 -34.90 -9.97
C HIS CB 155 -24.86 -34.65 -8.90
N HIS CB 156 -24.28 -35.71 -8.35
CA HIS CB 156 -23.27 -35.52 -7.31
C HIS CB 156 -21.87 -35.35 -7.87
N TYR CB 157 -21.52 -36.05 -8.96
CA TYR CB 157 -20.13 -36.05 -9.38
C TYR CB 157 -19.80 -34.98 -10.42
N LEU CB 158 -20.68 -34.76 -11.40
CA LEU CB 158 -20.33 -33.88 -12.51
C LEU CB 158 -20.00 -32.46 -12.07
N PRO CB 159 -20.76 -31.81 -11.18
CA PRO CB 159 -20.32 -30.49 -10.72
C PRO CB 159 -18.98 -30.52 -10.01
N ILE CB 160 -18.71 -31.57 -9.24
CA ILE CB 160 -17.41 -31.68 -8.57
C ILE CB 160 -16.28 -31.68 -9.60
N PHE CB 161 -16.46 -32.40 -10.71
CA PHE CB 161 -15.41 -32.46 -11.71
C PHE CB 161 -15.24 -31.14 -12.44
N PHE CB 162 -16.32 -30.45 -12.73
CA PHE CB 162 -16.18 -29.10 -13.30
C PHE CB 162 -15.48 -28.15 -12.34
N ASP CB 163 -15.66 -28.32 -11.04
CA ASP CB 163 -15.06 -27.38 -10.10
C ASP CB 163 -13.54 -27.57 -9.99
N GLY CB 164 -12.98 -28.57 -10.64
CA GLY CB 164 -11.54 -28.78 -10.59
C GLY CB 164 -10.82 -28.27 -11.81
N ILE CB 165 -11.59 -27.74 -12.77
CA ILE CB 165 -10.99 -27.17 -13.97
C ILE CB 165 -10.11 -25.99 -13.62
N ARG CB 166 -10.54 -25.19 -12.65
CA ARG CB 166 -9.79 -24.02 -12.21
C ARG CB 166 -8.41 -24.37 -11.63
N GLU CB 167 -8.16 -25.65 -11.37
CA GLU CB 167 -6.91 -26.05 -10.73
C GLU CB 167 -5.74 -25.92 -11.69
N THR CB 168 -4.55 -25.71 -11.12
CA THR CB 168 -3.31 -25.68 -11.88
C THR CB 168 -2.26 -26.66 -11.38
N GLN CB 169 -2.35 -27.12 -10.14
CA GLN CB 169 -1.38 -28.05 -9.59
C GLN CB 169 -1.67 -29.45 -10.10
N GLU CB 170 -0.63 -30.12 -10.56
CA GLU CB 170 -0.76 -31.51 -10.99
C GLU CB 170 -0.88 -32.41 -9.77
N PRO CB 171 -1.58 -33.55 -9.89
CA PRO CB 171 -2.30 -34.04 -11.06
C PRO CB 171 -3.77 -33.65 -11.03
N TYR CB 172 -4.13 -32.67 -10.19
CA TYR CB 172 -5.54 -32.35 -10.01
C TYR CB 172 -6.18 -31.86 -11.30
N ARG CB 173 -5.51 -30.95 -12.00
CA ARG CB 173 -6.12 -30.37 -13.18
C ARG CB 173 -6.21 -31.40 -14.30
N PHE CB 174 -5.20 -32.27 -14.44
CA PHE CB 174 -5.31 -33.34 -15.42
C PHE CB 174 -6.48 -34.25 -15.09
N LEU CB 175 -6.59 -34.66 -13.84
CA LEU CB 175 -7.68 -35.56 -13.45
C LEU CB 175 -9.03 -34.90 -13.69
N ALA CB 176 -9.17 -33.62 -13.35
CA ALA CB 176 -10.45 -32.95 -13.47
C ALA CB 176 -10.87 -32.81 -14.93
N VAL CB 177 -9.94 -32.36 -15.78
CA VAL CB 177 -10.25 -32.22 -17.21
C VAL CB 177 -10.59 -33.58 -17.81
N LYS CB 178 -9.81 -34.61 -17.49
CA LYS CB 178 -10.08 -35.92 -18.05
C LYS CB 178 -11.37 -36.50 -17.50
N GLY CB 179 -11.73 -36.16 -16.26
CA GLY CB 179 -12.98 -36.61 -15.71
C GLY CB 179 -14.18 -36.11 -16.49
N VAL CB 180 -14.24 -34.79 -16.72
CA VAL CB 180 -15.37 -34.25 -17.46
C VAL CB 180 -15.34 -34.75 -18.90
N GLU CB 181 -14.14 -34.86 -19.49
CA GLU CB 181 -14.02 -35.29 -20.88
C GLU CB 181 -14.61 -36.69 -21.07
N ASP CB 182 -14.37 -37.59 -20.13
CA ASP CB 182 -14.89 -38.95 -20.24
C ASP CB 182 -16.34 -39.07 -19.80
N MET CB 183 -16.81 -38.23 -18.87
CA MET CB 183 -18.20 -38.35 -18.46
C MET CB 183 -19.14 -37.78 -19.49
N LEU CB 184 -18.72 -36.75 -20.23
CA LEU CB 184 -19.59 -36.17 -21.24
C LEU CB 184 -19.81 -37.10 -22.42
N ARG CB 185 -18.89 -38.03 -22.68
CA ARG CB 185 -19.08 -38.95 -23.80
C ARG CB 185 -20.19 -39.94 -23.53
N VAL CB 186 -20.20 -40.55 -22.34
CA VAL CB 186 -21.17 -41.59 -22.02
C VAL CB 186 -22.40 -41.02 -21.32
N GLY CB 187 -22.44 -39.72 -21.05
CA GLY CB 187 -23.57 -39.13 -20.36
C GLY CB 187 -24.89 -39.35 -21.06
N GLY CB 188 -25.06 -38.69 -22.21
CA GLY CB 188 -26.34 -38.77 -22.89
C GLY CB 188 -27.39 -37.95 -22.17
N SER CB 189 -28.56 -38.56 -21.96
CA SER CB 189 -29.70 -37.88 -21.35
C SER CB 189 -29.47 -37.55 -19.88
N LYS CB 190 -28.58 -38.27 -19.21
CA LYS CB 190 -28.31 -38.03 -17.80
C LYS CB 190 -27.69 -36.67 -17.53
N ILE CB 191 -27.29 -35.94 -18.57
CA ILE CB 191 -26.57 -34.69 -18.41
C ILE CB 191 -27.51 -33.49 -18.37
N LEU CB 192 -28.56 -33.51 -19.18
CA LEU CB 192 -29.46 -32.37 -19.30
C LEU CB 192 -29.97 -31.82 -17.98
N PRO CB 193 -30.50 -32.63 -17.05
CA PRO CB 193 -31.01 -32.04 -15.80
C PRO CB 193 -29.94 -31.48 -14.89
N VAL CB 194 -28.66 -31.68 -15.20
CA VAL CB 194 -27.58 -31.22 -14.33
C VAL CB 194 -27.12 -29.80 -14.69
N ILE CB 195 -27.60 -29.26 -15.82
CA ILE CB 195 -27.10 -27.97 -16.29
C ILE CB 195 -27.20 -26.85 -15.24
N PRO CB 196 -28.34 -26.70 -14.54
CA PRO CB 196 -28.41 -25.59 -13.57
C PRO CB 196 -27.33 -25.61 -12.50
N GLN CB 197 -26.66 -26.74 -12.30
CA GLN CB 197 -25.63 -26.83 -11.28
C GLN CB 197 -24.22 -26.65 -11.84
N LEU CB 198 -24.07 -26.51 -13.15
CA LEU CB 198 -22.76 -26.38 -13.77
C LEU CB 198 -22.37 -24.93 -14.04
N ILE CB 199 -23.30 -23.99 -13.87
CA ILE CB 199 -23.06 -22.60 -14.27
C ILE CB 199 -22.09 -21.93 -13.32
N ILE CB 200 -22.21 -22.19 -12.01
CA ILE CB 200 -21.34 -21.53 -11.05
C ILE CB 200 -19.87 -21.89 -11.23
N PRO CB 201 -19.50 -23.18 -11.34
CA PRO CB 201 -18.07 -23.48 -11.55
C PRO CB 201 -17.55 -23.01 -12.89
N ILE CB 202 -18.36 -23.07 -13.94
CA ILE CB 202 -17.95 -22.56 -15.24
C ILE CB 202 -17.65 -21.07 -15.15
N LYS CB 203 -18.57 -20.31 -14.56
CA LYS CB 203 -18.38 -18.88 -14.42
C LYS CB 203 -17.16 -18.57 -13.55
N THR CB 204 -16.96 -19.36 -12.49
CA THR CB 204 -15.81 -19.14 -11.61
C THR CB 204 -14.50 -19.44 -12.32
N ALA CB 205 -14.48 -20.46 -13.17
CA ALA CB 205 -13.27 -20.78 -13.92
C ALA CB 205 -12.96 -19.68 -14.92
N LEU CB 206 -13.98 -19.14 -15.58
CA LEU CB 206 -13.75 -18.06 -16.54
C LEU CB 206 -13.34 -16.77 -15.85
N ASN CB 207 -13.86 -16.49 -14.66
CA ASN CB 207 -13.57 -15.27 -13.95
C ASN CB 207 -12.12 -15.15 -13.50
N THR CB 208 -11.29 -16.17 -13.70
CA THR CB 208 -9.91 -16.12 -13.23
C THR CB 208 -8.98 -15.33 -14.13
N ARG CB 209 -9.38 -15.04 -15.36
CA ARG CB 209 -8.59 -14.29 -16.33
C ARG CB 209 -7.32 -15.01 -16.74
N ASP CB 210 -7.10 -16.21 -16.25
CA ASP CB 210 -5.88 -16.95 -16.56
C ASP CB 210 -6.03 -17.71 -17.86
N HIS CB 211 -5.02 -17.60 -18.72
CA HIS CB 211 -5.12 -18.14 -20.08
C HIS CB 211 -5.27 -19.66 -20.05
N SER CB 212 -4.51 -20.34 -19.20
CA SER CB 212 -4.54 -21.79 -19.21
C SER CB 212 -5.94 -22.32 -18.91
N VAL CB 213 -6.54 -21.86 -17.79
CA VAL CB 213 -7.86 -22.35 -17.42
C VAL CB 213 -8.91 -21.91 -18.45
N MET CB 214 -8.75 -20.73 -19.05
CA MET CB 214 -9.76 -20.25 -19.99
C MET CB 214 -9.73 -21.07 -21.28
N CYS CB 215 -8.54 -21.31 -21.83
CA CYS CB 215 -8.45 -22.12 -23.04
C CYS CB 215 -8.91 -23.54 -22.80
N ILE CB 216 -8.83 -24.04 -21.56
CA ILE CB 216 -9.32 -25.38 -21.28
C ILE CB 216 -10.84 -25.39 -21.19
N THR CB 217 -11.42 -24.44 -20.45
CA THR CB 217 -12.86 -24.46 -20.23
C THR CB 217 -13.63 -24.16 -21.51
N LEU CB 218 -13.04 -23.41 -22.45
CA LEU CB 218 -13.74 -23.16 -23.69
C LEU CB 218 -13.86 -24.41 -24.53
N GLN CB 219 -12.81 -25.23 -24.59
CA GLN CB 219 -12.92 -26.50 -25.28
C GLN CB 219 -13.88 -27.44 -24.57
N LEU CB 220 -13.90 -27.42 -23.24
CA LEU CB 220 -14.87 -28.23 -22.51
C LEU CB 220 -16.30 -27.75 -22.77
N LEU CB 221 -16.50 -26.45 -22.91
CA LEU CB 221 -17.83 -25.93 -23.20
C LEU CB 221 -18.30 -26.37 -24.58
N GLN CB 222 -17.40 -26.37 -25.56
CA GLN CB 222 -17.74 -26.93 -26.87
C GLN CB 222 -18.17 -28.39 -26.73
N LYS CB 223 -17.36 -29.19 -26.05
CA LYS CB 223 -17.71 -30.60 -25.83
C LYS CB 223 -19.04 -30.71 -25.09
N LEU CB 224 -19.35 -29.75 -24.23
CA LEU CB 224 -20.58 -29.81 -23.45
C LEU CB 224 -21.81 -29.64 -24.34
N VAL CB 225 -21.82 -28.62 -25.21
CA VAL CB 225 -22.97 -28.46 -26.09
C VAL CB 225 -23.07 -29.60 -27.09
N LEU CB 226 -21.96 -30.25 -27.41
CA LEU CB 226 -22.02 -31.36 -28.37
C LEU CB 226 -22.34 -32.69 -27.72
N SER CB 227 -22.17 -32.81 -26.41
CA SER CB 227 -22.30 -34.10 -25.75
C SER CB 227 -23.67 -34.73 -25.93
N ALA CB 228 -24.72 -33.93 -26.00
CA ALA CB 228 -26.05 -34.47 -26.16
C ALA CB 228 -26.89 -33.52 -27.00
N ASP CB 229 -28.15 -33.88 -27.18
CA ASP CB 229 -29.12 -33.02 -27.84
C ASP CB 229 -29.90 -32.23 -26.79
N LEU CB 230 -30.60 -31.20 -27.26
CA LEU CB 230 -31.44 -30.33 -26.43
C LEU CB 230 -30.66 -29.62 -25.34
N VAL CB 231 -29.33 -29.76 -25.31
CA VAL CB 231 -28.53 -29.06 -24.33
C VAL CB 231 -28.42 -27.57 -24.70
N GLY CB 232 -28.47 -27.26 -25.99
CA GLY CB 232 -28.36 -25.89 -26.44
C GLY CB 232 -29.46 -24.98 -25.94
N GLU CB 233 -30.72 -25.34 -26.20
CA GLU CB 233 -31.84 -24.54 -25.73
C GLU CB 233 -31.82 -24.41 -24.21
N ALA CB 234 -31.50 -25.50 -23.53
CA ALA CB 234 -31.46 -25.50 -22.08
C ALA CB 234 -30.36 -24.57 -21.56
N LEU CB 235 -29.29 -24.40 -22.31
CA LEU CB 235 -28.22 -23.51 -21.86
C LEU CB 235 -28.54 -22.05 -22.15
N VAL CB 236 -29.29 -21.79 -23.22
CA VAL CB 236 -29.57 -20.43 -23.69
C VAL CB 236 -29.96 -19.46 -22.57
N PRO CB 237 -30.84 -19.81 -21.62
CA PRO CB 237 -31.17 -18.84 -20.56
C PRO CB 237 -29.99 -18.43 -19.71
N TYR CB 238 -28.88 -19.17 -19.74
CA TYR CB 238 -27.74 -18.89 -18.88
C TYR CB 238 -26.62 -18.15 -19.59
N TYR CB 239 -26.92 -17.48 -20.70
CA TYR CB 239 -25.89 -16.73 -21.40
C TYR CB 239 -25.45 -15.51 -20.63
N ARG CB 240 -26.37 -14.88 -19.90
CA ARG CB 240 -26.06 -13.65 -19.17
C ARG CB 240 -25.01 -13.85 -18.08
N GLN CB 241 -24.63 -15.08 -17.78
CA GLN CB 241 -23.67 -15.36 -16.73
C GLN CB 241 -22.39 -16.01 -17.24
N ILE CB 242 -22.30 -16.31 -18.53
CA ILE CB 242 -21.11 -16.93 -19.08
C ILE CB 242 -20.51 -16.16 -20.25
N LEU CB 243 -21.27 -15.34 -20.95
CA LEU CB 243 -20.76 -14.52 -22.05
C LEU CB 243 -19.96 -13.28 -21.61
N PRO CB 244 -20.27 -12.64 -20.47
CA PRO CB 244 -19.51 -11.44 -20.08
C PRO CB 244 -18.00 -11.55 -20.21
N ILE CB 245 -17.42 -12.74 -20.05
CA ILE CB 245 -15.98 -12.88 -20.22
C ILE CB 245 -15.64 -13.04 -21.71
N PHE CB 246 -16.51 -13.71 -22.47
CA PHE CB 246 -16.30 -13.82 -23.91
C PHE CB 246 -16.08 -12.46 -24.53
N ASN CB 247 -16.82 -11.46 -24.05
CA ASN CB 247 -16.74 -10.13 -24.64
C ASN CB 247 -15.37 -9.51 -24.46
N LEU CB 248 -14.61 -9.92 -23.45
CA LEU CB 248 -13.28 -9.36 -23.25
C LEU CB 248 -12.29 -9.90 -24.29
N TYR CB 249 -12.06 -11.20 -24.28
CA TYR CB 249 -11.01 -11.81 -25.08
C TYR CB 249 -11.47 -12.16 -26.49
N LYS CB 250 -12.63 -11.68 -26.92
CA LYS CB 250 -13.07 -11.96 -28.28
C LYS CB 250 -12.10 -11.44 -29.33
N ASN CB 251 -11.40 -10.34 -29.03
CA ASN CB 251 -10.47 -9.76 -30.00
C ASN CB 251 -9.02 -9.84 -29.52
N LYS CB 252 -8.66 -10.94 -28.86
CA LYS CB 252 -7.26 -11.22 -28.55
C LYS CB 252 -6.75 -12.23 -29.57
N ASN CB 253 -6.19 -11.72 -30.66
CA ASN CB 253 -5.66 -12.55 -31.74
C ASN CB 253 -4.22 -12.16 -32.02
N LYS CB 254 -3.57 -12.95 -32.86
CA LYS CB 254 -2.20 -12.72 -33.27
C LYS CB 254 -2.17 -12.23 -34.70
N ASN CB 255 -1.50 -11.12 -34.93
CA ASN CB 255 -1.39 -10.50 -36.26
C ASN CB 255 0.00 -10.81 -36.80
N LEU CB 256 0.13 -11.97 -37.45
CA LEU CB 256 1.42 -12.42 -37.94
C LEU CB 256 1.71 -11.98 -39.38
N GLY CB 257 0.69 -11.59 -40.13
CA GLY CB 257 0.90 -11.25 -41.53
C GLY CB 257 1.24 -12.47 -42.37
N ASP CB 258 2.49 -12.58 -42.78
CA ASP CB 258 2.96 -13.71 -43.56
C ASP CB 258 3.44 -14.87 -42.72
N GLY CB 259 3.60 -14.68 -41.41
CA GLY CB 259 4.13 -15.73 -40.56
C GLY CB 259 3.09 -16.81 -40.35
N ILE CB 260 3.36 -18.02 -40.87
CA ILE CB 260 2.45 -19.13 -40.66
C ILE CB 260 2.46 -19.50 -39.18
N ASP CB 261 1.28 -19.81 -38.64
CA ASP CB 261 1.10 -20.04 -37.21
C ASP CB 261 1.31 -21.51 -36.91
N TYR CB 262 2.56 -21.87 -36.60
CA TYR CB 262 2.83 -23.25 -36.19
C TYR CB 262 2.07 -23.62 -34.93
N GLY CB 263 1.90 -22.65 -34.03
CA GLY CB 263 1.14 -22.88 -32.82
C GLY CB 263 -0.27 -23.39 -33.06
N GLN CB 264 -0.80 -23.22 -34.28
CA GLN CB 264 -2.13 -23.73 -34.59
C GLN CB 264 -2.24 -25.22 -34.31
N ARG CB 265 -1.12 -25.93 -34.19
CA ARG CB 265 -1.16 -27.35 -33.88
C ARG CB 265 -1.97 -27.61 -32.62
N ASN CB 266 -1.79 -26.77 -31.60
CA ASN CB 266 -2.61 -26.82 -30.41
C ASN CB 266 -3.50 -25.59 -30.34
N TYR CB 267 -4.45 -25.60 -29.42
CA TYR CB 267 -5.45 -24.54 -29.31
C TYR CB 267 -5.00 -23.59 -28.20
N ASP CB 268 -4.53 -22.41 -28.60
CA ASP CB 268 -4.09 -21.40 -27.65
C ASP CB 268 -4.67 -20.02 -27.91
N CYS CB 269 -5.11 -19.73 -29.14
CA CYS CB 269 -5.56 -18.39 -29.48
C CYS CB 269 -7.01 -18.21 -29.07
N LEU CB 270 -7.22 -17.39 -28.03
CA LEU CB 270 -8.56 -17.13 -27.53
C LEU CB 270 -9.42 -16.43 -28.59
N GLY CB 271 -8.83 -15.52 -29.35
CA GLY CB 271 -9.62 -14.72 -30.28
C GLY CB 271 -10.45 -15.54 -31.24
N GLU CB 272 -10.02 -16.78 -31.52
CA GLU CB 272 -10.81 -17.69 -32.34
C GLU CB 272 -11.35 -18.89 -31.57
N LEU CB 273 -10.74 -19.26 -30.45
CA LEU CB 273 -11.38 -20.25 -29.59
C LEU CB 273 -12.71 -19.75 -29.07
N ILE CB 274 -12.88 -18.43 -29.00
CA ILE CB 274 -14.16 -17.85 -28.64
C ILE CB 274 -15.09 -17.78 -29.85
N ALA CB 275 -14.54 -17.48 -31.02
CA ALA CB 275 -15.37 -17.41 -32.22
C ALA CB 275 -15.98 -18.77 -32.55
N ASP CB 276 -15.18 -19.83 -32.48
CA ASP CB 276 -15.71 -21.17 -32.72
C ASP CB 276 -16.80 -21.52 -31.71
N THR CB 277 -16.61 -21.16 -30.44
CA THR CB 277 -17.60 -21.52 -29.42
C THR CB 277 -18.89 -20.74 -29.59
N LEU CB 278 -18.81 -19.47 -30.01
CA LEU CB 278 -20.02 -18.69 -30.22
C LEU CB 278 -20.78 -19.19 -31.44
N ALA CB 279 -20.05 -19.55 -32.49
CA ALA CB 279 -20.70 -20.19 -33.64
C ALA CB 279 -21.43 -21.45 -33.21
N LEU CB 280 -20.80 -22.26 -32.35
CA LEU CB 280 -21.42 -23.49 -31.89
C LEU CB 280 -22.66 -23.21 -31.05
N PHE CB 281 -22.59 -22.19 -30.18
CA PHE CB 281 -23.76 -21.82 -29.40
C PHE CB 281 -24.92 -21.42 -30.30
N GLU CB 282 -24.67 -20.58 -31.30
CA GLU CB 282 -25.72 -20.21 -32.23
C GLU CB 282 -26.21 -21.42 -33.02
N GLN CB 283 -25.32 -22.37 -33.29
CA GLN CB 283 -25.69 -23.58 -34.01
C GLN CB 283 -26.72 -24.38 -33.22
N LYS CB 284 -26.51 -24.54 -31.92
CA LYS CB 284 -27.33 -25.44 -31.13
C LYS CB 284 -28.48 -24.76 -30.38
N GLY CB 285 -28.40 -23.45 -30.17
CA GLY CB 285 -29.38 -22.80 -29.32
C GLY CB 285 -30.78 -22.73 -29.89
N GLY CB 286 -30.93 -22.87 -31.20
CA GLY CB 286 -32.24 -22.83 -31.81
C GLY CB 286 -32.49 -21.58 -32.62
N ASP CB 287 -33.68 -21.01 -32.50
CA ASP CB 287 -34.10 -19.89 -33.31
C ASP CB 287 -34.01 -18.56 -32.58
N ASP CB 288 -33.45 -18.55 -31.37
CA ASP CB 288 -33.41 -17.35 -30.56
C ASP CB 288 -32.08 -17.16 -29.85
N ALA CB 289 -31.14 -18.07 -30.00
CA ALA CB 289 -29.84 -17.94 -29.36
C ALA CB 289 -29.07 -16.73 -29.89
N PHE CB 290 -29.32 -16.32 -31.13
CA PHE CB 290 -28.53 -15.24 -31.70
C PHE CB 290 -28.78 -13.93 -30.96
N ILE CB 291 -30.03 -13.63 -30.63
CA ILE CB 291 -30.31 -12.36 -29.96
C ILE CB 291 -29.80 -12.39 -28.53
N ASN CB 292 -29.90 -13.54 -27.86
CA ASN CB 292 -29.35 -13.63 -26.50
C ASN CB 292 -27.83 -13.51 -26.51
N ILE CB 293 -27.18 -13.89 -27.60
CA ILE CB 293 -25.75 -13.68 -27.72
C ILE CB 293 -25.46 -12.21 -28.01
N LYS CB 294 -26.07 -11.67 -29.07
CA LYS CB 294 -25.89 -10.28 -29.46
C LYS CB 294 -26.16 -9.32 -28.32
N TYR CB 295 -27.00 -9.70 -27.36
CA TYR CB 295 -27.27 -8.83 -26.22
C TYR CB 295 -26.05 -8.71 -25.31
N MET CB 296 -25.33 -9.81 -25.10
CA MET CB 296 -24.18 -9.81 -24.21
C MET CB 296 -22.91 -9.36 -24.92
N VAL CB 297 -22.56 -10.02 -26.01
CA VAL CB 297 -21.44 -9.62 -26.85
C VAL CB 297 -22.00 -8.88 -28.06
N PRO CB 298 -21.86 -7.55 -28.13
CA PRO CB 298 -22.50 -6.81 -29.22
C PRO CB 298 -21.79 -6.95 -30.54
N THR CB 299 -20.50 -7.23 -30.54
CA THR CB 299 -19.74 -7.35 -31.78
C THR CB 299 -20.11 -8.60 -32.58
N TYR CB 300 -20.89 -9.51 -32.01
CA TYR CB 300 -21.14 -10.79 -32.65
C TYR CB 300 -21.96 -10.62 -33.92
N GLU CB 301 -21.76 -11.55 -34.85
CA GLU CB 301 -22.40 -11.55 -36.14
C GLU CB 301 -23.05 -12.90 -36.39
N SER CB 302 -24.29 -12.88 -36.88
CA SER CB 302 -25.02 -14.12 -37.13
C SER CB 302 -24.27 -14.99 -38.11
N SER CB 303 -24.10 -16.26 -37.77
CA SER CB 303 -23.38 -17.24 -38.57
C SER CB 303 -24.32 -18.22 -39.27
N VAL CB 304 -25.46 -17.75 -39.73
CA VAL CB 304 -26.38 -18.61 -40.45
C VAL CB 304 -26.80 -17.97 -41.77
N MET DB 1 4.72 -2.35 -63.31
CA MET DB 1 4.82 -3.65 -62.64
C MET DB 1 3.91 -4.67 -63.32
N PHE DB 2 4.46 -5.86 -63.56
CA PHE DB 2 3.87 -6.92 -64.36
C PHE DB 2 3.78 -6.51 -65.82
N LYS DB 3 4.19 -5.30 -66.15
CA LYS DB 3 4.44 -4.92 -67.53
C LYS DB 3 5.60 -5.74 -68.07
N ASN DB 4 5.68 -5.84 -69.39
CA ASN DB 4 6.76 -6.53 -70.10
C ASN DB 4 7.08 -7.89 -69.48
N ALA DB 5 6.09 -8.50 -68.86
CA ALA DB 5 6.14 -9.88 -68.40
C ALA DB 5 5.39 -10.75 -69.39
N PHE DB 6 5.19 -12.01 -69.02
CA PHE DB 6 4.53 -12.96 -69.91
C PHE DB 6 3.29 -13.53 -69.22
N GLN DB 7 2.12 -13.18 -69.73
CA GLN DB 7 0.85 -13.71 -69.25
C GLN DB 7 0.13 -14.36 -70.41
N SER DB 8 0.07 -15.67 -70.43
CA SER DB 8 -0.61 -16.31 -71.54
C SER DB 8 -1.73 -17.24 -71.13
N GLY DB 9 -1.54 -18.06 -70.09
CA GLY DB 9 -2.58 -18.98 -69.69
C GLY DB 9 -3.07 -18.75 -68.28
N PHE DB 10 -2.16 -18.33 -67.40
CA PHE DB 10 -2.52 -18.06 -66.02
C PHE DB 10 -1.58 -17.02 -65.47
N LEU DB 11 -1.97 -16.42 -64.36
CA LEU DB 11 -1.10 -15.47 -63.66
C LEU DB 11 -1.55 -15.45 -62.21
N SER DB 12 -0.74 -16.07 -61.34
CA SER DB 12 -1.08 -16.18 -59.93
C SER DB 12 -0.44 -15.02 -59.18
N VAL DB 13 -1.27 -14.23 -58.51
CA VAL DB 13 -0.78 -13.04 -57.82
C VAL DB 13 -0.56 -13.35 -56.34
N LEU DB 14 -1.36 -14.28 -55.81
CA LEU DB 14 -1.26 -14.62 -54.40
C LEU DB 14 -1.43 -16.12 -54.23
N TYR DB 15 -0.59 -16.71 -53.38
CA TYR DB 15 -0.65 -18.13 -53.09
C TYR DB 15 -0.28 -18.32 -51.63
N SER DB 16 -1.15 -18.99 -50.87
CA SER DB 16 -0.88 -19.18 -49.45
C SER DB 16 0.37 -20.01 -49.22
N ILE DB 17 0.69 -20.92 -50.14
CA ILE DB 17 1.85 -21.79 -50.02
C ILE DB 17 3.06 -21.09 -50.61
N GLY DB 18 4.03 -20.78 -49.77
CA GLY DB 18 5.23 -20.12 -50.22
C GLY DB 18 6.01 -19.55 -49.07
N SER DB 19 7.26 -19.22 -49.34
CA SER DB 19 8.13 -18.64 -48.31
C SER DB 19 7.63 -17.29 -47.83
N LYS DB 20 7.02 -16.50 -48.70
CA LYS DB 20 6.47 -15.21 -48.34
C LYS DB 20 5.39 -14.81 -49.35
N PRO DB 21 4.12 -15.08 -49.05
CA PRO DB 21 3.07 -14.83 -50.06
C PRO DB 21 2.79 -13.36 -50.29
N LEU DB 22 2.85 -12.55 -49.24
CA LEU DB 22 2.61 -11.11 -49.39
C LEU DB 22 3.89 -10.39 -49.79
N GLU DB 23 4.50 -10.87 -50.87
CA GLU DB 23 5.64 -10.17 -51.45
C GLU DB 23 5.25 -8.79 -51.95
N ILE DB 24 4.25 -8.73 -52.81
CA ILE DB 24 3.86 -7.48 -53.45
C ILE DB 24 2.71 -6.79 -52.74
N TRP DB 25 1.98 -7.49 -51.88
CA TRP DB 25 0.80 -6.93 -51.25
C TRP DB 25 1.17 -6.03 -50.08
N ASP DB 26 0.44 -4.93 -49.95
CA ASP DB 26 0.48 -4.11 -48.75
C ASP DB 26 -0.67 -4.54 -47.85
N LYS DB 27 -0.40 -4.59 -46.54
CA LYS DB 27 -1.41 -5.02 -45.59
C LYS DB 27 -1.64 -3.93 -44.56
N GLN DB 28 -2.90 -3.61 -44.32
CA GLN DB 28 -3.29 -2.60 -43.35
C GLN DB 28 -4.36 -3.19 -42.45
N VAL DB 29 -4.08 -3.26 -41.15
CA VAL DB 29 -4.98 -3.78 -40.15
C VAL DB 29 -5.19 -2.72 -39.08
N SER DB 30 -6.43 -2.55 -38.65
CA SER DB 30 -6.78 -1.61 -37.60
C SER DB 30 -7.35 -2.29 -36.37
N ASN DB 31 -8.35 -3.15 -36.54
CA ASN DB 31 -8.90 -3.92 -35.45
C ASN DB 31 -9.02 -5.38 -35.87
N GLY DB 32 -7.98 -5.90 -36.51
CA GLY DB 32 -8.03 -7.25 -37.03
C GLY DB 32 -6.70 -7.97 -36.97
N HIS DB 33 -6.53 -8.96 -37.83
CA HIS DB 33 -5.34 -9.81 -37.79
C HIS DB 33 -5.23 -10.60 -39.07
N ILE DB 34 -3.99 -10.80 -39.51
CA ILE DB 34 -3.68 -11.62 -40.67
C ILE DB 34 -2.71 -12.71 -40.23
N LYS DB 35 -2.90 -13.92 -40.73
CA LYS DB 35 -2.04 -15.04 -40.39
C LYS DB 35 -2.21 -16.12 -41.45
N ARG DB 36 -1.43 -17.18 -41.33
CA ARG DB 36 -1.52 -18.34 -42.19
C ARG DB 36 -1.76 -19.57 -41.33
N ILE DB 37 -2.91 -20.21 -41.52
CA ILE DB 37 -3.28 -21.38 -40.72
C ILE DB 37 -3.60 -22.52 -41.65
N THR DB 38 -3.58 -23.73 -41.11
CA THR DB 38 -3.95 -24.91 -41.90
C THR DB 38 -5.45 -25.11 -41.84
N ASP DB 39 -6.12 -24.99 -42.98
CA ASP DB 39 -7.54 -25.23 -43.06
C ASP DB 39 -7.83 -26.72 -42.83
N ALA DB 40 -9.08 -27.00 -42.46
CA ALA DB 40 -9.53 -28.36 -42.19
C ALA DB 40 -10.12 -29.03 -43.43
N ASP DB 41 -11.02 -28.35 -44.13
CA ASP DB 41 -11.63 -28.93 -45.33
C ASP DB 41 -10.57 -29.20 -46.39
N ILE DB 42 -9.95 -28.14 -46.91
CA ILE DB 42 -8.81 -28.27 -47.81
C ILE DB 42 -7.56 -28.33 -46.92
N GLN DB 43 -7.09 -29.55 -46.65
CA GLN DB 43 -6.08 -29.74 -45.63
C GLN DB 43 -4.73 -29.19 -46.08
N SER DB 44 -4.63 -27.86 -46.13
CA SER DB 44 -3.40 -27.18 -46.49
C SER DB 44 -3.44 -25.81 -45.82
N SER DB 45 -2.45 -24.97 -46.12
CA SER DB 45 -2.40 -23.64 -45.55
C SER DB 45 -3.29 -22.68 -46.32
N VAL DB 46 -3.98 -21.82 -45.58
CA VAL DB 46 -4.75 -20.73 -46.15
C VAL DB 46 -4.39 -19.48 -45.38
N LEU DB 47 -4.22 -18.38 -46.11
CA LEU DB 47 -3.92 -17.09 -45.49
C LEU DB 47 -5.24 -16.44 -45.11
N GLU DB 48 -5.50 -16.30 -43.82
CA GLU DB 48 -6.74 -15.71 -43.35
C GLU DB 48 -6.53 -14.29 -42.87
N ILE DB 49 -7.50 -13.45 -43.16
CA ILE DB 49 -7.56 -12.08 -42.66
C ILE DB 49 -8.94 -11.88 -42.08
N MET DB 50 -9.00 -11.32 -40.88
CA MET DB 50 -10.26 -11.10 -40.21
C MET DB 50 -10.15 -9.84 -39.37
N GLY DB 51 -11.25 -9.44 -38.78
CA GLY DB 51 -11.31 -8.27 -37.94
C GLY DB 51 -12.61 -7.52 -38.14
N GLN DB 52 -12.94 -6.68 -37.17
CA GLN DB 52 -14.11 -5.84 -37.30
C GLN DB 52 -13.87 -4.74 -38.32
N ASN DB 53 -14.94 -4.04 -38.66
CA ASN DB 53 -14.86 -2.85 -39.51
C ASN DB 53 -14.22 -3.19 -40.85
N VAL DB 54 -14.98 -3.96 -41.64
CA VAL DB 54 -14.54 -4.49 -42.93
C VAL DB 54 -13.82 -3.47 -43.77
N SER DB 55 -14.37 -2.25 -43.83
CA SER DB 55 -13.83 -1.22 -44.71
C SER DB 55 -12.42 -0.78 -44.32
N THR DB 56 -11.88 -1.23 -43.17
CA THR DB 56 -10.56 -0.81 -42.73
C THR DB 56 -9.51 -1.91 -42.78
N THR DB 57 -9.88 -3.17 -42.68
CA THR DB 57 -8.92 -4.28 -42.73
C THR DB 57 -8.90 -4.85 -44.15
N TYR DB 58 -7.79 -4.65 -44.86
CA TYR DB 58 -7.72 -5.10 -46.25
C TYR DB 58 -6.25 -5.26 -46.64
N ILE DB 59 -6.05 -5.68 -47.89
CA ILE DB 59 -4.72 -5.80 -48.49
C ILE DB 59 -4.79 -5.33 -49.95
N THR DB 60 -3.90 -4.43 -50.33
CA THR DB 60 -3.85 -3.91 -51.68
C THR DB 60 -2.78 -4.65 -52.48
N CYS DB 61 -3.05 -4.87 -53.76
CA CYS DB 61 -2.16 -5.72 -54.52
C CYS DB 61 -0.84 -5.04 -54.85
N PRO DB 62 -0.82 -3.84 -55.44
CA PRO DB 62 0.47 -3.15 -55.59
C PRO DB 62 0.96 -2.66 -54.23
N ALA DB 63 2.27 -2.81 -54.00
CA ALA DB 63 2.84 -2.53 -52.69
C ALA DB 63 2.53 -1.11 -52.22
N ASP DB 64 2.42 -0.16 -53.14
CA ASP DB 64 2.21 1.23 -52.77
C ASP DB 64 1.40 1.89 -53.86
N PRO DB 65 0.72 3.01 -53.53
CA PRO DB 65 0.05 3.78 -54.58
C PRO DB 65 1.06 4.35 -55.57
N ASN DB 66 0.53 4.93 -56.63
CA ASN DB 66 1.30 5.45 -57.76
C ASN DB 66 2.06 4.34 -58.49
N LYS DB 67 1.70 3.08 -58.24
CA LYS DB 67 2.31 1.96 -58.92
C LYS DB 67 1.20 1.01 -59.34
N THR DB 68 1.07 0.75 -60.64
CA THR DB 68 -0.05 -0.02 -61.14
C THR DB 68 0.35 -1.47 -61.38
N LEU DB 69 -0.65 -2.34 -61.34
CA LEU DB 69 -0.48 -3.77 -61.61
C LEU DB 69 -0.92 -4.06 -63.04
N GLY DB 70 -0.04 -3.72 -64.00
CA GLY DB 70 -0.43 -3.92 -65.38
C GLY DB 70 -0.64 -5.38 -65.74
N ILE DB 71 -1.90 -5.78 -65.88
CA ILE DB 71 -2.27 -7.16 -66.20
C ILE DB 71 -3.44 -7.14 -67.16
N LYS DB 72 -3.32 -7.85 -68.28
CA LYS DB 72 -4.30 -7.78 -69.35
C LYS DB 72 -5.14 -9.05 -69.48
N LEU DB 73 -5.17 -9.88 -68.46
CA LEU DB 73 -5.94 -11.10 -68.64
C LEU DB 73 -7.39 -10.87 -68.23
N PRO DB 74 -8.36 -11.23 -69.08
CA PRO DB 74 -9.76 -10.93 -68.78
C PRO DB 74 -10.28 -11.54 -67.48
N PHE DB 75 -10.23 -12.85 -67.36
CA PHE DB 75 -10.88 -13.52 -66.25
C PHE DB 75 -10.04 -13.45 -64.98
N LEU DB 76 -10.70 -13.22 -63.86
CA LEU DB 76 -10.07 -13.16 -62.55
C LEU DB 76 -10.78 -14.10 -61.61
N VAL DB 77 -10.04 -14.98 -60.94
CA VAL DB 77 -10.63 -16.04 -60.14
C VAL DB 77 -10.01 -16.02 -58.74
N LEU DB 78 -10.85 -16.07 -57.73
CA LEU DB 78 -10.42 -16.17 -56.34
C LEU DB 78 -10.94 -17.48 -55.75
N ILE DB 79 -10.19 -18.01 -54.79
CA ILE DB 79 -10.59 -19.21 -54.06
C ILE DB 79 -10.72 -18.82 -52.60
N ILE DB 80 -11.95 -18.75 -52.11
CA ILE DB 80 -12.22 -18.18 -50.80
C ILE DB 80 -13.15 -19.11 -50.02
N LYS DB 81 -12.96 -19.13 -48.70
CA LYS DB 81 -13.90 -19.77 -47.81
C LYS DB 81 -14.93 -18.75 -47.34
N ASN DB 82 -16.16 -19.21 -47.17
CA ASN DB 82 -17.26 -18.33 -46.76
C ASN DB 82 -17.49 -18.51 -45.27
N LEU DB 83 -17.06 -17.52 -44.49
CA LEU DB 83 -17.17 -17.56 -43.04
C LEU DB 83 -18.50 -17.03 -42.52
N ASN DB 84 -19.46 -16.78 -43.41
CA ASN DB 84 -20.76 -16.22 -43.04
C ASN DB 84 -20.61 -14.90 -42.30
N LYS DB 85 -19.79 -14.02 -42.86
CA LYS DB 85 -19.57 -12.69 -42.31
C LYS DB 85 -19.55 -11.68 -43.44
N TYR DB 86 -19.29 -10.43 -43.10
CA TYR DB 86 -19.22 -9.36 -44.10
C TYR DB 86 -17.90 -9.47 -44.86
N PHE DB 87 -17.99 -9.76 -46.15
CA PHE DB 87 -16.81 -9.86 -46.99
C PHE DB 87 -17.00 -9.08 -48.28
N SER DB 88 -15.97 -8.35 -48.68
CA SER DB 88 -16.05 -7.53 -49.87
C SER DB 88 -14.67 -7.44 -50.52
N PHE DB 89 -14.66 -7.21 -51.83
CA PHE DB 89 -13.40 -7.00 -52.51
C PHE DB 89 -13.62 -6.12 -53.73
N GLU DB 90 -12.56 -5.40 -54.10
CA GLU DB 90 -12.62 -4.38 -55.13
C GLU DB 90 -11.50 -4.59 -56.13
N VAL DB 91 -11.79 -4.27 -57.39
CA VAL DB 91 -10.82 -4.38 -58.47
C VAL DB 91 -10.95 -3.16 -59.37
N GLN DB 92 -9.85 -2.44 -59.56
CA GLN DB 92 -9.83 -1.26 -60.41
C GLN DB 92 -9.40 -1.65 -61.82
N VAL DB 93 -10.00 -0.99 -62.80
CA VAL DB 93 -9.87 -1.38 -64.20
C VAL DB 93 -9.60 -0.14 -65.03
N LEU DB 94 -8.76 -0.27 -66.05
CA LEU DB 94 -8.53 0.79 -67.01
C LEU DB 94 -9.32 0.48 -68.27
N ASP DB 95 -10.15 1.42 -68.70
CA ASP DB 95 -10.94 1.17 -69.90
C ASP DB 95 -10.12 1.49 -71.14
N ASP DB 96 -10.72 1.32 -72.31
CA ASP DB 96 -10.03 1.68 -73.55
C ASP DB 96 -9.76 3.18 -73.61
N LYS DB 97 -10.72 3.98 -73.18
CA LYS DB 97 -10.50 5.38 -72.85
C LYS DB 97 -9.76 5.47 -71.52
N ASN DB 98 -8.92 6.49 -71.39
CA ASN DB 98 -8.07 6.64 -70.21
C ASN DB 98 -8.94 7.08 -69.02
N VAL DB 99 -9.72 6.13 -68.51
CA VAL DB 99 -10.55 6.34 -67.33
C VAL DB 99 -10.48 5.09 -66.48
N ARG DB 100 -10.20 5.25 -65.18
CA ARG DB 100 -10.01 4.14 -64.25
C ARG DB 100 -11.33 3.85 -63.56
N ARG DB 101 -12.08 2.89 -64.08
CA ARG DB 101 -13.26 2.43 -63.38
C ARG DB 101 -12.85 1.56 -62.21
N ARG DB 102 -13.83 1.21 -61.39
CA ARG DB 102 -13.56 0.21 -60.35
C ARG DB 102 -14.86 -0.47 -59.95
N PHE DB 103 -14.83 -1.79 -59.89
CA PHE DB 103 -15.99 -2.58 -59.51
C PHE DB 103 -15.70 -3.22 -58.17
N ARG DB 104 -16.72 -3.30 -57.33
CA ARG DB 104 -16.56 -4.00 -56.07
C ARG DB 104 -17.76 -4.90 -55.83
N ALA DB 105 -17.51 -5.99 -55.13
CA ALA DB 105 -18.54 -6.97 -54.83
C ALA DB 105 -18.58 -7.18 -53.32
N SER DB 106 -19.77 -7.06 -52.75
CA SER DB 106 -19.97 -7.15 -51.31
C SER DB 106 -21.02 -8.19 -51.01
N ASN DB 107 -20.88 -8.89 -49.89
CA ASN DB 107 -21.89 -9.85 -49.48
C ASN DB 107 -22.92 -9.25 -48.54
N TYR DB 108 -22.70 -8.02 -48.09
CA TYR DB 108 -23.66 -7.29 -47.26
C TYR DB 108 -24.44 -6.25 -48.06
N GLN DB 109 -24.48 -6.40 -49.38
CA GLN DB 109 -25.19 -5.48 -50.24
C GLN DB 109 -26.25 -6.24 -51.04
N SER DB 110 -27.30 -5.53 -51.45
CA SER DB 110 -28.44 -6.16 -52.10
C SER DB 110 -28.84 -5.52 -53.42
N THR DB 111 -28.22 -4.41 -53.82
CA THR DB 111 -28.57 -3.77 -55.07
C THR DB 111 -27.33 -3.28 -55.78
N THR DB 112 -27.35 -3.38 -57.11
CA THR DB 112 -26.28 -2.87 -57.95
C THR DB 112 -26.64 -1.49 -58.47
N ARG DB 113 -25.67 -0.58 -58.44
CA ARG DB 113 -25.89 0.81 -58.81
C ARG DB 113 -24.67 1.31 -59.57
N VAL DB 114 -24.80 1.45 -60.89
CA VAL DB 114 -23.70 1.93 -61.70
C VAL DB 114 -23.49 3.41 -61.44
N LYS DB 115 -22.23 3.82 -61.34
CA LYS DB 115 -21.84 5.19 -61.06
C LYS DB 115 -20.69 5.56 -61.99
N PRO DB 116 -20.31 6.83 -62.11
CA PRO DB 116 -19.27 7.19 -63.10
C PRO DB 116 -17.95 6.49 -62.87
N PHE DB 117 -17.50 6.36 -61.61
CA PHE DB 117 -16.23 5.71 -61.32
C PHE DB 117 -16.37 4.42 -60.55
N ILE DB 118 -17.55 4.08 -60.05
CA ILE DB 118 -17.70 2.91 -59.20
C ILE DB 118 -18.86 2.06 -59.69
N CYS DB 119 -18.80 0.75 -59.43
CA CYS DB 119 -19.95 -0.11 -59.64
C CYS DB 119 -19.97 -1.11 -58.49
N THR DB 120 -20.86 -0.88 -57.49
CA THR DB 120 -21.05 -1.83 -56.40
C THR DB 120 -22.07 -2.86 -56.82
N MET DB 121 -21.81 -4.10 -56.43
CA MET DB 121 -22.70 -5.18 -56.80
C MET DB 121 -22.70 -6.24 -55.72
N PRO DB 122 -23.83 -6.89 -55.49
CA PRO DB 122 -23.89 -7.94 -54.47
C PRO DB 122 -23.19 -9.19 -54.95
N MET DB 123 -22.80 -10.00 -53.97
CA MET DB 123 -22.23 -11.31 -54.26
C MET DB 123 -22.96 -12.37 -53.43
N ARG DB 124 -23.40 -13.42 -54.11
CA ARG DB 124 -24.16 -14.49 -53.48
C ARG DB 124 -23.19 -15.66 -53.28
N LEU DB 125 -22.47 -15.60 -52.16
CA LEU DB 125 -21.50 -16.62 -51.83
C LEU DB 125 -22.19 -17.92 -51.43
N ASP DB 126 -21.52 -19.02 -51.70
CA ASP DB 126 -22.00 -20.33 -51.30
C ASP DB 126 -21.54 -20.61 -49.87
N SER DB 127 -21.70 -21.86 -49.42
CA SER DB 127 -21.29 -22.26 -48.08
C SER DB 127 -19.92 -22.90 -48.14
N GLY DB 128 -19.03 -22.48 -47.25
CA GLY DB 128 -17.72 -23.09 -47.16
C GLY DB 128 -16.80 -22.62 -48.26
N TRP DB 129 -16.09 -23.55 -48.88
CA TRP DB 129 -15.13 -23.22 -49.91
C TRP DB 129 -15.80 -23.06 -51.26
N ASN DB 130 -15.35 -22.06 -52.02
CA ASN DB 130 -15.84 -21.87 -53.37
C ASN DB 130 -14.89 -20.97 -54.12
N GLN DB 131 -14.80 -21.21 -55.42
CA GLN DB 131 -14.06 -20.34 -56.31
C GLN DB 131 -15.03 -19.43 -57.07
N ILE DB 132 -14.69 -18.16 -57.14
CA ILE DB 132 -15.51 -17.16 -57.83
C ILE DB 132 -14.72 -16.63 -59.01
N GLN DB 133 -15.36 -16.56 -60.17
CA GLN DB 133 -14.73 -16.11 -61.40
C GLN DB 133 -15.43 -14.86 -61.89
N PHE DB 134 -14.65 -13.83 -62.23
CA PHE DB 134 -15.16 -12.59 -62.78
C PHE DB 134 -14.74 -12.51 -64.23
N ASN DB 135 -15.72 -12.21 -65.10
CA ASN DB 135 -15.38 -11.99 -66.50
C ASN DB 135 -14.51 -10.76 -66.65
N LEU DB 136 -14.89 -9.65 -66.00
CA LEU DB 136 -14.05 -8.47 -65.85
C LEU DB 136 -13.85 -7.77 -67.19
N SER DB 137 -14.35 -8.37 -68.26
CA SER DB 137 -14.43 -7.74 -69.57
C SER DB 137 -15.85 -7.67 -70.09
N ASP DB 138 -16.70 -8.62 -69.72
CA ASP DB 138 -18.13 -8.44 -69.90
C ASP DB 138 -18.67 -7.37 -68.95
N PHE DB 139 -18.07 -7.26 -67.76
CA PHE DB 139 -18.57 -6.31 -66.78
C PHE DB 139 -18.39 -4.87 -67.26
N THR DB 140 -17.21 -4.54 -67.79
CA THR DB 140 -16.99 -3.19 -68.28
C THR DB 140 -17.92 -2.89 -69.45
N ARG DB 141 -18.10 -3.86 -70.34
CA ARG DB 141 -18.99 -3.65 -71.48
C ARG DB 141 -20.44 -3.51 -71.03
N ARG DB 142 -20.85 -4.28 -70.03
CA ARG DB 142 -22.23 -4.22 -69.57
C ARG DB 142 -22.51 -2.97 -68.76
N ALA DB 143 -21.49 -2.45 -68.05
CA ALA DB 143 -21.71 -1.27 -67.21
C ALA DB 143 -21.56 0.01 -68.01
N TYR DB 144 -20.39 0.23 -68.61
CA TYR DB 144 -20.10 1.49 -69.27
C TYR DB 144 -20.06 1.38 -70.79
N GLY DB 145 -20.32 0.20 -71.35
CA GLY DB 145 -20.32 0.05 -72.79
C GLY DB 145 -18.97 0.27 -73.43
N THR DB 146 -17.89 -0.01 -72.71
CA THR DB 146 -16.53 0.17 -73.22
C THR DB 146 -15.81 -1.16 -73.22
N ASN DB 147 -14.51 -1.12 -73.49
CA ASN DB 147 -13.68 -2.31 -73.58
C ASN DB 147 -12.70 -2.36 -72.42
N TYR DB 148 -12.36 -3.59 -72.04
CA TYR DB 148 -11.37 -3.84 -70.99
C TYR DB 148 -9.97 -3.73 -71.57
N ILE DB 149 -9.07 -3.08 -70.84
CA ILE DB 149 -7.67 -3.02 -71.25
C ILE DB 149 -6.79 -3.80 -70.31
N GLU DB 150 -6.72 -3.38 -69.05
CA GLU DB 150 -5.81 -4.01 -68.10
C GLU DB 150 -6.18 -3.60 -66.68
N THR DB 151 -6.14 -4.56 -65.78
CA THR DB 151 -6.36 -4.29 -64.36
C THR DB 151 -5.26 -3.38 -63.84
N LEU DB 152 -5.58 -2.62 -62.79
CA LEU DB 152 -4.60 -1.74 -62.15
C LEU DB 152 -4.34 -2.10 -60.70
N ARG DB 153 -5.39 -2.31 -59.90
CA ARG DB 153 -5.22 -2.64 -58.50
C ARG DB 153 -6.28 -3.64 -58.08
N VAL DB 154 -5.93 -4.47 -57.10
CA VAL DB 154 -6.85 -5.42 -56.50
C VAL DB 154 -6.80 -5.21 -55.00
N GLN DB 155 -7.93 -5.43 -54.32
CA GLN DB 155 -8.02 -5.16 -52.90
C GLN DB 155 -9.08 -6.08 -52.31
N VAL DB 156 -8.75 -6.72 -51.18
CA VAL DB 156 -9.62 -7.71 -50.55
C VAL DB 156 -9.75 -7.34 -49.08
N HIS DB 157 -10.99 -7.16 -48.62
CA HIS DB 157 -11.25 -6.72 -47.27
C HIS DB 157 -11.40 -7.91 -46.33
N ALA DB 158 -11.85 -7.67 -45.11
CA ALA DB 158 -11.69 -8.61 -44.02
C ALA DB 158 -12.71 -9.73 -44.08
N ASN DB 159 -12.58 -10.65 -43.11
CA ASN DB 159 -13.50 -11.77 -42.91
C ASN DB 159 -13.53 -12.70 -44.13
N CYS DB 160 -12.36 -13.23 -44.46
CA CYS DB 160 -12.26 -14.24 -45.51
C CYS DB 160 -10.95 -15.00 -45.34
N ARG DB 161 -10.88 -16.15 -46.01
CA ARG DB 161 -9.70 -17.01 -46.00
C ARG DB 161 -9.27 -17.27 -47.43
N ILE DB 162 -8.16 -16.68 -47.83
CA ILE DB 162 -7.72 -16.73 -49.21
C ILE DB 162 -6.81 -17.93 -49.42
N ARG DB 163 -6.91 -18.54 -50.58
CA ARG DB 163 -6.03 -19.61 -51.00
C ARG DB 163 -5.38 -19.36 -52.34
N ARG DB 164 -6.10 -18.76 -53.28
CA ARG DB 164 -5.61 -18.54 -54.63
C ARG DB 164 -6.23 -17.27 -55.19
N ILE DB 165 -5.41 -16.46 -55.85
CA ILE DB 165 -5.87 -15.33 -56.64
C ILE DB 165 -5.12 -15.39 -57.95
N TYR DB 166 -5.85 -15.56 -59.05
CA TYR DB 166 -5.16 -15.71 -60.32
C TYR DB 166 -6.02 -15.24 -61.47
N PHE DB 167 -5.38 -14.61 -62.45
CA PHE DB 167 -6.01 -14.27 -63.70
C PHE DB 167 -5.89 -15.45 -64.66
N SER DB 168 -6.94 -15.65 -65.45
CA SER DB 168 -7.13 -16.89 -66.21
C SER DB 168 -7.05 -16.71 -67.71
N ASP DB 169 -7.38 -15.53 -68.23
CA ASP DB 169 -7.31 -15.21 -69.65
C ASP DB 169 -8.43 -15.91 -70.44
N ARG DB 170 -9.17 -16.79 -69.78
CA ARG DB 170 -10.34 -17.45 -70.35
C ARG DB 170 -10.93 -18.36 -69.29
N LEU DB 171 -12.19 -18.74 -69.49
CA LEU DB 171 -12.88 -19.60 -68.53
C LEU DB 171 -12.44 -21.03 -68.78
N TYR DB 172 -11.45 -21.49 -68.00
CA TYR DB 172 -11.04 -22.89 -68.06
C TYR DB 172 -11.99 -23.75 -67.25
N SER DB 173 -12.10 -25.01 -67.66
CA SER DB 173 -12.95 -25.97 -66.99
C SER DB 173 -12.20 -26.68 -65.87
N GLU DB 174 -12.96 -27.39 -65.03
CA GLU DB 174 -12.35 -28.14 -63.94
C GLU DB 174 -11.34 -29.15 -64.47
N GLU DB 175 -11.54 -29.66 -65.69
CA GLU DB 175 -10.56 -30.58 -66.24
C GLU DB 175 -9.29 -29.84 -66.68
N GLU DB 176 -9.44 -28.77 -67.47
CA GLU DB 176 -8.29 -28.11 -68.06
C GLU DB 176 -7.39 -27.46 -67.03
N LEU DB 177 -7.91 -27.14 -65.85
CA LEU DB 177 -7.09 -26.50 -64.84
C LEU DB 177 -5.98 -27.44 -64.40
N PRO DB 178 -4.78 -26.92 -64.13
CA PRO DB 178 -3.73 -27.77 -63.55
C PRO DB 178 -4.05 -28.13 -62.12
N ALA DB 179 -3.18 -28.89 -61.46
CA ALA DB 179 -3.48 -29.39 -60.13
C ALA DB 179 -3.51 -28.26 -59.11
N GLU DB 180 -2.56 -27.34 -59.20
CA GLU DB 180 -2.48 -26.21 -58.29
C GLU DB 180 -3.62 -25.23 -58.47
N PHE DB 181 -4.12 -25.08 -59.69
CA PHE DB 181 -5.19 -24.11 -59.96
C PHE DB 181 -6.57 -24.79 -59.92
N LYS DB 182 -6.84 -25.50 -58.84
CA LYS DB 182 -8.18 -26.07 -58.69
C LYS DB 182 -8.46 -26.38 -57.23
N LEU DB 183 -9.73 -26.69 -56.97
CA LEU DB 183 -10.22 -27.06 -55.65
C LEU DB 183 -10.31 -28.56 -55.57
N PHE DB 184 -9.36 -29.18 -54.87
CA PHE DB 184 -9.40 -30.59 -54.55
C PHE DB 184 -9.70 -30.71 -53.06
N LEU DB 185 -10.97 -30.83 -52.72
CA LEU DB 185 -11.38 -30.99 -51.34
C LEU DB 185 -11.26 -32.47 -50.94
N PRO DB 186 -10.36 -32.82 -50.04
CA PRO DB 186 -10.24 -34.24 -49.65
C PRO DB 186 -11.40 -34.67 -48.76
N ILE DB 187 -11.35 -35.91 -48.28
CA ILE DB 187 -12.40 -36.44 -47.42
C ILE DB 187 -12.30 -35.81 -46.02
N MET EB 1 73.75 -2.78 -139.30
CA MET EB 1 74.10 -4.14 -139.67
C MET EB 1 75.22 -4.68 -138.79
N ARG EB 2 75.50 -5.97 -138.97
CA ARG EB 2 76.59 -6.68 -138.29
C ARG EB 2 76.43 -6.67 -136.78
N GLU EB 3 75.24 -6.35 -136.28
CA GLU EB 3 74.99 -6.40 -134.85
C GLU EB 3 75.32 -7.78 -134.31
N ILE EB 4 76.05 -7.81 -133.20
CA ILE EB 4 76.47 -9.06 -132.59
C ILE EB 4 75.78 -9.19 -131.24
N VAL EB 5 75.31 -10.38 -130.95
CA VAL EB 5 74.72 -10.73 -129.67
C VAL EB 5 75.78 -11.41 -128.83
N HIS EB 6 75.81 -11.10 -127.54
CA HIS EB 6 76.83 -11.61 -126.62
C HIS EB 6 76.19 -12.44 -125.52
N ILE EB 7 76.88 -13.50 -125.09
CA ILE EB 7 76.43 -14.35 -124.01
C ILE EB 7 77.49 -14.33 -122.92
N GLN EB 8 77.07 -14.60 -121.69
CA GLN EB 8 77.99 -14.76 -120.56
C GLN EB 8 77.49 -15.91 -119.71
N GLY EB 9 78.24 -17.01 -119.69
CA GLY EB 9 77.85 -18.21 -118.97
C GLY EB 9 78.82 -18.52 -117.84
N GLY EB 10 78.29 -19.06 -116.75
CA GLY EB 10 79.12 -19.42 -115.62
C GLY EB 10 79.52 -18.23 -114.77
N GLN EB 11 80.29 -18.53 -113.73
CA GLN EB 11 80.82 -17.47 -112.88
C GLN EB 11 81.83 -16.62 -113.63
N CYS EB 12 82.85 -17.26 -114.18
CA CYS EB 12 83.88 -16.56 -114.93
C CYS EB 12 83.28 -15.78 -116.10
N GLY EB 13 82.49 -16.46 -116.93
CA GLY EB 13 81.89 -15.79 -118.08
C GLY EB 13 81.08 -14.58 -117.69
N ASN EB 14 80.25 -14.71 -116.65
CA ASN EB 14 79.53 -13.56 -116.12
C ASN EB 14 80.49 -12.49 -115.59
N GLN EB 15 81.70 -12.90 -115.23
CA GLN EB 15 82.64 -11.98 -114.58
C GLN EB 15 83.53 -11.26 -115.58
N ILE EB 16 84.03 -11.96 -116.61
CA ILE EB 16 84.84 -11.27 -117.61
C ILE EB 16 83.98 -10.31 -118.42
N GLY EB 17 82.76 -10.72 -118.75
CA GLY EB 17 81.86 -9.83 -119.48
C GLY EB 17 81.62 -8.53 -118.75
N ALA EB 18 81.73 -8.52 -117.43
CA ALA EB 18 81.67 -7.27 -116.68
C ALA EB 18 82.79 -6.33 -117.11
N LYS EB 19 83.96 -6.88 -117.40
CA LYS EB 19 85.07 -6.05 -117.88
C LYS EB 19 84.89 -5.71 -119.35
N PHE EB 20 84.66 -6.73 -120.19
CA PHE EB 20 84.39 -6.53 -121.60
C PHE EB 20 83.37 -5.42 -121.81
N TRP EB 21 82.22 -5.52 -121.15
CA TRP EB 21 81.20 -4.48 -121.26
C TRP EB 21 81.56 -3.23 -120.50
N GLU EB 22 82.65 -3.23 -119.73
CA GLU EB 22 83.14 -1.99 -119.15
C GLU EB 22 84.16 -1.32 -120.05
N VAL EB 23 85.02 -2.09 -120.69
CA VAL EB 23 86.01 -1.51 -121.59
C VAL EB 23 85.33 -0.86 -122.79
N VAL EB 24 84.50 -1.62 -123.51
CA VAL EB 24 83.86 -1.08 -124.69
C VAL EB 24 82.98 0.11 -124.35
N SER EB 25 82.32 0.06 -123.18
CA SER EB 25 81.45 1.17 -122.81
C SER EB 25 82.22 2.48 -122.72
N ASP EB 26 83.52 2.41 -122.46
CA ASP EB 26 84.33 3.61 -122.43
C ASP EB 26 84.97 3.92 -123.78
N GLU EB 27 85.20 2.89 -124.61
CA GLU EB 27 85.64 3.13 -125.98
C GLU EB 27 84.69 4.07 -126.70
N HIS EB 28 83.43 3.68 -126.80
CA HIS EB 28 82.42 4.49 -127.48
C HIS EB 28 81.92 5.65 -126.64
N GLY EB 29 82.53 5.90 -125.48
CA GLY EB 29 82.25 7.11 -124.72
C GLY EB 29 80.85 7.23 -124.14
N ILE EB 30 80.31 6.15 -123.60
CA ILE EB 30 79.03 6.20 -122.91
C ILE EB 30 79.27 6.01 -121.42
N ASP EB 31 78.33 6.51 -120.64
CA ASP EB 31 78.46 6.59 -119.20
C ASP EB 31 77.75 5.42 -118.52
N PRO EB 32 78.07 5.13 -117.26
CA PRO EB 32 77.31 4.11 -116.52
C PRO EB 32 75.83 4.40 -116.46
N THR EB 33 75.41 5.64 -116.69
CA THR EB 33 73.99 5.98 -116.81
C THR EB 33 73.40 5.57 -118.15
N GLY EB 34 74.19 4.96 -119.03
CA GLY EB 34 73.70 4.51 -120.32
C GLY EB 34 73.67 5.54 -121.41
N THR EB 35 73.99 6.80 -121.10
CA THR EB 35 73.99 7.87 -122.08
C THR EB 35 75.41 8.12 -122.60
N TYR EB 36 75.48 8.66 -123.80
CA TYR EB 36 76.76 8.84 -124.50
C TYR EB 36 77.36 10.20 -124.16
N HIS EB 37 78.66 10.19 -123.87
CA HIS EB 37 79.37 11.44 -123.59
C HIS EB 37 80.77 11.45 -124.20
N GLY EB 38 80.95 10.82 -125.36
CA GLY EB 38 82.21 10.87 -126.07
C GLY EB 38 82.41 12.20 -126.77
N ASP EB 39 83.25 12.17 -127.80
CA ASP EB 39 83.53 13.40 -128.53
C ASP EB 39 83.33 13.28 -130.03
N SER EB 40 83.71 12.16 -130.63
CA SER EB 40 83.66 12.00 -132.08
C SER EB 40 82.30 11.45 -132.51
N ASP EB 41 82.07 11.50 -133.82
CA ASP EB 41 80.91 10.83 -134.39
C ASP EB 41 81.14 9.33 -134.49
N LEU EB 42 82.40 8.92 -134.60
CA LEU EB 42 82.74 7.53 -134.88
C LEU EB 42 82.23 6.58 -133.81
N GLN EB 43 82.28 6.99 -132.54
CA GLN EB 43 81.74 6.16 -131.47
C GLN EB 43 80.25 5.90 -131.67
N LEU EB 44 79.58 6.70 -132.49
CA LEU EB 44 78.17 6.50 -132.80
C LEU EB 44 77.96 5.81 -134.14
N GLU EB 45 78.97 5.76 -135.00
CA GLU EB 45 78.76 5.27 -136.36
C GLU EB 45 78.46 3.78 -136.37
N ARG EB 46 79.27 2.99 -135.67
CA ARG EB 46 79.03 1.55 -135.56
C ARG EB 46 78.73 1.15 -134.12
N ILE EB 47 78.11 2.06 -133.35
CA ILE EB 47 77.66 1.73 -132.01
C ILE EB 47 76.61 0.64 -132.02
N ASN EB 48 75.91 0.47 -133.15
CA ASN EB 48 74.81 -0.47 -133.24
C ASN EB 48 75.24 -1.92 -133.06
N VAL EB 49 76.53 -2.21 -133.16
CA VAL EB 49 76.96 -3.61 -133.09
C VAL EB 49 76.88 -4.13 -131.65
N TYR EB 50 77.03 -3.25 -130.66
CA TYR EB 50 77.11 -3.68 -129.27
C TYR EB 50 75.97 -3.20 -128.40
N PHE EB 51 75.05 -2.40 -128.93
CA PHE EB 51 74.07 -1.78 -128.07
C PHE EB 51 72.73 -1.71 -128.78
N ASN EB 52 71.72 -1.31 -128.03
CA ASN EB 52 70.41 -1.02 -128.59
C ASN EB 52 70.07 0.40 -128.20
N GLU EB 53 69.15 0.99 -128.96
CA GLU EB 53 68.68 2.30 -128.59
C GLU EB 53 67.77 2.20 -127.37
N ALA EB 54 67.51 3.33 -126.74
CA ALA EB 54 66.63 3.39 -125.59
C ALA EB 54 65.99 4.76 -125.52
N THR EB 55 65.01 4.90 -124.64
CA THR EB 55 64.40 6.20 -124.40
C THR EB 55 65.42 7.15 -123.78
N GLY EB 56 65.28 8.43 -124.11
CA GLY EB 56 66.19 9.42 -123.59
C GLY EB 56 67.62 9.27 -124.07
N GLY EB 57 67.81 8.73 -125.26
CA GLY EB 57 69.14 8.60 -125.84
C GLY EB 57 70.09 7.78 -125.01
N ARG EB 58 69.65 6.59 -124.58
CA ARG EB 58 70.49 5.68 -123.82
C ARG EB 58 70.86 4.48 -124.69
N TYR EB 59 71.94 3.81 -124.29
CA TYR EB 59 72.42 2.63 -124.99
C TYR EB 59 72.66 1.52 -123.96
N VAL EB 60 71.96 0.42 -124.12
CA VAL EB 60 72.12 -0.73 -123.23
C VAL EB 60 72.85 -1.82 -124.00
N PRO EB 61 73.73 -2.58 -123.33
CA PRO EB 61 74.45 -3.64 -124.04
C PRO EB 61 73.54 -4.76 -124.48
N ARG EB 62 73.87 -5.33 -125.65
CA ARG EB 62 73.13 -6.48 -126.18
C ARG EB 62 73.75 -7.78 -125.68
N ALA EB 63 73.72 -7.95 -124.37
CA ALA EB 63 74.33 -9.09 -123.72
C ALA EB 63 73.30 -9.89 -122.95
N ILE EB 64 73.57 -11.19 -122.78
CA ILE EB 64 72.70 -12.09 -122.04
C ILE EB 64 73.54 -12.74 -120.95
N LEU EB 65 73.06 -12.64 -119.71
CA LEU EB 65 73.81 -13.09 -118.54
C LEU EB 65 73.04 -14.24 -117.90
N MET EB 66 73.57 -15.45 -118.03
CA MET EB 66 72.89 -16.64 -117.53
C MET EB 66 73.80 -17.37 -116.55
N ASP EB 67 73.25 -17.71 -115.39
CA ASP EB 67 73.98 -18.47 -114.38
C ASP EB 67 73.05 -18.94 -113.27
N LEU EB 68 73.11 -20.22 -112.92
CA LEU EB 68 72.47 -20.67 -111.69
C LEU EB 68 73.14 -19.99 -110.49
N GLU EB 69 72.47 -20.08 -109.34
CA GLU EB 69 73.04 -19.47 -108.13
C GLU EB 69 73.21 -17.97 -108.36
N PRO EB 70 72.13 -17.20 -108.26
CA PRO EB 70 72.16 -15.80 -108.71
C PRO EB 70 72.95 -14.88 -107.80
N GLY EB 71 73.72 -15.46 -106.86
CA GLY EB 71 74.54 -14.63 -105.98
C GLY EB 71 75.48 -13.71 -106.74
N THR EB 72 76.17 -14.23 -107.75
CA THR EB 72 77.18 -13.44 -108.44
C THR EB 72 76.56 -12.36 -109.32
N MET EB 73 75.35 -12.59 -109.85
CA MET EB 73 74.71 -11.57 -110.66
C MET EB 73 74.38 -10.33 -109.83
N ASP EB 74 74.37 -10.45 -108.51
CA ASP EB 74 74.29 -9.28 -107.66
C ASP EB 74 75.61 -8.50 -107.71
N SER EB 75 76.73 -9.19 -107.83
CA SER EB 75 78.03 -8.53 -107.87
C SER EB 75 78.13 -7.60 -109.07
N VAL EB 76 77.85 -8.12 -110.27
CA VAL EB 76 77.91 -7.29 -111.46
C VAL EB 76 76.88 -6.18 -111.39
N ARG EB 77 75.66 -6.49 -110.94
CA ARG EB 77 74.66 -5.46 -110.79
C ARG EB 77 75.06 -4.44 -109.73
N SER EB 78 75.85 -4.86 -108.75
CA SER EB 78 76.47 -3.89 -107.85
C SER EB 78 77.78 -3.35 -108.39
N GLY EB 79 78.29 -3.93 -109.47
CA GLY EB 79 79.46 -3.40 -110.13
C GLY EB 79 79.18 -2.01 -110.67
N PRO EB 80 80.24 -1.23 -110.90
CA PRO EB 80 80.04 0.16 -111.32
C PRO EB 80 79.34 0.32 -112.66
N TYR EB 81 79.25 -0.74 -113.46
CA TYR EB 81 78.58 -0.68 -114.75
C TYR EB 81 77.50 -1.75 -114.87
N GLY EB 82 76.88 -2.11 -113.75
CA GLY EB 82 75.76 -3.02 -113.80
C GLY EB 82 74.43 -2.36 -114.10
N GLN EB 83 74.38 -1.03 -114.01
CA GLN EB 83 73.15 -0.30 -114.24
C GLN EB 83 72.74 -0.26 -115.71
N ILE EB 84 73.66 -0.60 -116.62
CA ILE EB 84 73.35 -0.52 -118.05
C ILE EB 84 72.68 -1.78 -118.59
N PHE EB 85 72.71 -2.88 -117.85
CA PHE EB 85 72.14 -4.12 -118.34
C PHE EB 85 70.64 -4.14 -118.13
N ARG EB 86 69.92 -4.62 -119.14
CA ARG EB 86 68.49 -4.80 -119.03
C ARG EB 86 68.20 -5.87 -117.98
N PRO EB 87 67.54 -5.53 -116.86
CA PRO EB 87 67.31 -6.53 -115.82
C PRO EB 87 66.46 -7.70 -116.26
N ASP EB 88 65.79 -7.61 -117.42
CA ASP EB 88 65.17 -8.79 -117.98
C ASP EB 88 66.18 -9.70 -118.65
N ASN EB 89 67.39 -9.20 -118.91
CA ASN EB 89 68.50 -10.02 -119.40
C ASN EB 89 69.32 -10.56 -118.24
N PHE EB 90 68.64 -11.21 -117.30
CA PHE EB 90 69.29 -11.87 -116.18
C PHE EB 90 68.54 -13.18 -115.94
N VAL EB 91 69.08 -14.28 -116.45
CA VAL EB 91 68.50 -15.60 -116.26
C VAL EB 91 69.29 -16.31 -115.18
N PHE EB 92 68.60 -16.76 -114.13
CA PHE EB 92 69.30 -17.44 -113.06
C PHE EB 92 68.38 -18.47 -112.41
N GLY EB 93 69.01 -19.44 -111.78
CA GLY EB 93 68.30 -20.42 -110.98
C GLY EB 93 68.93 -20.52 -109.61
N GLN EB 94 68.10 -20.75 -108.60
CA GLN EB 94 68.59 -20.73 -107.23
C GLN EB 94 69.46 -21.95 -106.92
N THR EB 95 69.07 -23.11 -107.43
CA THR EB 95 69.86 -24.32 -107.20
C THR EB 95 71.24 -24.18 -107.81
N GLY EB 96 72.26 -24.60 -107.06
CA GLY EB 96 73.63 -24.46 -107.49
C GLY EB 96 73.97 -25.35 -108.66
N ALA EB 97 75.23 -25.24 -109.09
CA ALA EB 97 75.69 -26.01 -110.25
C ALA EB 97 76.10 -27.41 -109.85
N GLY EB 98 76.91 -27.54 -108.81
CA GLY EB 98 77.40 -28.83 -108.41
C GLY EB 98 78.52 -29.38 -109.26
N ASN EB 99 79.06 -28.60 -110.19
CA ASN EB 99 80.13 -29.04 -111.09
C ASN EB 99 79.80 -30.34 -111.82
N ASN EB 100 78.53 -30.75 -111.79
CA ASN EB 100 78.08 -31.92 -112.49
C ASN EB 100 77.63 -31.49 -113.89
N TRP EB 101 78.32 -31.98 -114.91
CA TRP EB 101 77.93 -31.65 -116.27
C TRP EB 101 76.51 -32.09 -116.56
N ALA EB 102 76.08 -33.21 -115.98
CA ALA EB 102 74.75 -33.74 -116.29
C ALA EB 102 73.65 -32.76 -115.91
N LYS EB 103 73.55 -32.44 -114.61
CA LYS EB 103 72.52 -31.49 -114.20
C LYS EB 103 72.69 -30.15 -114.88
N GLY EB 104 73.94 -29.72 -115.11
CA GLY EB 104 74.18 -28.55 -115.93
C GLY EB 104 73.77 -28.71 -117.38
N HIS EB 105 73.48 -29.93 -117.82
CA HIS EB 105 73.14 -30.19 -119.21
C HIS EB 105 71.94 -31.11 -119.38
N TYR EB 106 71.44 -31.75 -118.32
CA TYR EB 106 70.31 -32.68 -118.47
C TYR EB 106 69.07 -32.25 -117.71
N THR EB 107 69.14 -32.05 -116.40
CA THR EB 107 67.92 -31.69 -115.68
C THR EB 107 67.78 -30.17 -115.53
N GLU EB 108 68.78 -29.50 -114.95
CA GLU EB 108 68.69 -28.07 -114.75
C GLU EB 108 68.89 -27.28 -116.03
N GLY EB 109 69.49 -27.90 -117.05
CA GLY EB 109 69.55 -27.25 -118.35
C GLY EB 109 68.18 -27.01 -118.93
N ALA EB 110 67.37 -28.07 -119.00
CA ALA EB 110 66.05 -27.98 -119.62
C ALA EB 110 65.14 -26.98 -118.92
N GLU EB 111 65.41 -26.67 -117.65
CA GLU EB 111 64.54 -25.75 -116.92
C GLU EB 111 64.74 -24.31 -117.37
N LEU EB 112 65.97 -23.95 -117.76
CA LEU EB 112 66.28 -22.56 -118.09
C LEU EB 112 66.43 -22.30 -119.58
N ILE EB 113 66.60 -23.33 -120.40
CA ILE EB 113 66.79 -23.12 -121.83
C ILE EB 113 65.57 -22.46 -122.45
N ASP EB 114 64.37 -22.93 -122.09
CA ASP EB 114 63.15 -22.33 -122.61
C ASP EB 114 63.07 -20.85 -122.25
N SER EB 115 63.52 -20.50 -121.04
CA SER EB 115 63.58 -19.10 -120.65
C SER EB 115 64.62 -18.35 -121.48
N VAL EB 116 65.83 -18.90 -121.55
CA VAL EB 116 66.92 -18.23 -122.27
C VAL EB 116 66.54 -18.06 -123.74
N LEU EB 117 66.00 -19.10 -124.35
CA LEU EB 117 65.68 -19.03 -125.77
C LEU EB 117 64.61 -17.97 -126.05
N ASP EB 118 63.71 -17.73 -125.10
CA ASP EB 118 62.79 -16.61 -125.23
C ASP EB 118 63.55 -15.29 -125.22
N VAL EB 119 64.63 -15.23 -124.45
CA VAL EB 119 65.43 -14.01 -124.38
C VAL EB 119 66.24 -13.82 -125.66
N VAL EB 120 66.92 -14.89 -126.11
CA VAL EB 120 67.81 -14.73 -127.25
C VAL EB 120 67.04 -14.34 -128.51
N ARG EB 121 65.83 -14.90 -128.68
CA ARG EB 121 65.01 -14.51 -129.81
C ARG EB 121 64.48 -13.10 -129.64
N LYS EB 122 64.24 -12.68 -128.39
CA LYS EB 122 63.63 -11.39 -128.13
C LYS EB 122 64.50 -10.25 -128.64
N GLU EB 123 65.81 -10.47 -128.75
CA GLU EB 123 66.72 -9.48 -129.27
C GLU EB 123 67.49 -9.97 -130.50
N ALA EB 124 67.31 -11.22 -130.92
CA ALA EB 124 67.83 -11.62 -132.22
C ALA EB 124 67.08 -10.92 -133.34
N GLU EB 125 65.76 -10.73 -133.16
CA GLU EB 125 64.99 -9.94 -134.12
C GLU EB 125 65.37 -8.47 -134.09
N SER EB 126 65.89 -7.97 -132.97
CA SER EB 126 66.26 -6.57 -132.86
C SER EB 126 67.42 -6.20 -133.79
N CYS EB 127 68.06 -7.17 -134.42
CA CYS EB 127 69.20 -6.93 -135.29
C CYS EB 127 68.74 -6.90 -136.74
N ASP EB 128 69.09 -5.84 -137.45
CA ASP EB 128 68.75 -5.78 -138.87
C ASP EB 128 69.52 -6.84 -139.64
N CYS EB 129 70.81 -7.00 -139.35
CA CYS EB 129 71.65 -8.00 -139.99
C CYS EB 129 72.54 -8.59 -138.90
N LEU EB 130 72.06 -9.67 -138.28
CA LEU EB 130 72.80 -10.32 -137.21
C LEU EB 130 74.06 -10.96 -137.77
N GLN EB 131 75.23 -10.51 -137.30
CA GLN EB 131 76.48 -11.09 -137.76
C GLN EB 131 76.68 -12.48 -137.18
N GLY EB 132 76.76 -12.57 -135.86
CA GLY EB 132 76.90 -13.88 -135.25
C GLY EB 132 76.83 -13.79 -133.74
N PHE EB 133 76.98 -14.95 -133.11
CA PHE EB 133 76.98 -15.07 -131.66
C PHE EB 133 78.41 -15.06 -131.15
N GLN EB 134 78.55 -14.85 -129.83
CA GLN EB 134 79.82 -14.98 -129.15
C GLN EB 134 79.54 -15.20 -127.68
N VAL EB 135 80.36 -16.03 -127.04
CA VAL EB 135 80.06 -16.52 -125.70
C VAL EB 135 81.35 -16.74 -124.92
N CYS EB 136 81.26 -16.54 -123.60
CA CYS EB 136 82.40 -16.67 -122.69
C CYS EB 136 82.11 -17.81 -121.72
N HIS EB 137 82.98 -18.84 -121.73
CA HIS EB 137 82.72 -20.12 -121.08
C HIS EB 137 83.64 -20.34 -119.90
N SER EB 138 83.45 -21.51 -119.28
CA SER EB 138 84.41 -22.09 -118.36
C SER EB 138 84.14 -23.59 -118.37
N LEU EB 139 85.05 -24.36 -119.00
CA LEU EB 139 84.79 -25.78 -119.20
C LEU EB 139 84.92 -26.58 -117.90
N GLY EB 140 85.50 -26.00 -116.86
CA GLY EB 140 85.65 -26.72 -115.61
C GLY EB 140 84.33 -26.88 -114.86
N GLY EB 141 83.54 -25.80 -114.79
CA GLY EB 141 82.33 -25.80 -114.00
C GLY EB 141 81.17 -26.51 -114.67
N GLY EB 142 80.03 -26.47 -113.98
CA GLY EB 142 78.83 -27.14 -114.44
C GLY EB 142 77.92 -26.26 -115.25
N THR EB 143 77.77 -25.00 -114.83
CA THR EB 143 77.00 -24.04 -115.61
C THR EB 143 77.69 -23.74 -116.93
N GLY EB 144 78.93 -23.30 -116.89
CA GLY EB 144 79.68 -22.94 -118.08
C GLY EB 144 79.66 -24.01 -119.15
N SER EB 145 80.24 -25.17 -118.85
CA SER EB 145 80.26 -26.27 -119.80
C SER EB 145 78.85 -26.76 -120.10
N GLY EB 146 78.16 -27.27 -119.10
CA GLY EB 146 76.86 -27.88 -119.28
C GLY EB 146 75.83 -27.02 -119.98
N MET EB 147 75.49 -25.88 -119.37
CA MET EB 147 74.46 -25.03 -119.93
C MET EB 147 74.83 -24.57 -121.33
N GLY EB 148 76.05 -24.02 -121.49
CA GLY EB 148 76.43 -23.40 -122.75
C GLY EB 148 76.34 -24.35 -123.93
N THR EB 149 76.92 -25.54 -123.78
CA THR EB 149 76.83 -26.56 -124.83
C THR EB 149 75.38 -26.90 -125.13
N LEU EB 150 74.58 -27.08 -124.08
CA LEU EB 150 73.14 -27.27 -124.30
C LEU EB 150 72.54 -26.07 -124.99
N LEU EB 151 72.89 -24.86 -124.54
CA LEU EB 151 72.41 -23.64 -125.19
C LEU EB 151 72.95 -23.53 -126.60
N ILE EB 152 74.23 -23.87 -126.80
CA ILE EB 152 74.84 -23.75 -128.13
C ILE EB 152 74.13 -24.67 -129.12
N SER EB 153 73.82 -25.89 -128.70
CA SER EB 153 73.15 -26.84 -129.59
C SER EB 153 71.81 -26.28 -130.06
N LYS EB 154 71.06 -25.64 -129.16
CA LYS EB 154 69.75 -25.10 -129.55
C LYS EB 154 69.90 -23.95 -130.53
N ILE EB 155 70.87 -23.07 -130.28
CA ILE EB 155 71.11 -21.94 -131.18
C ILE EB 155 71.45 -22.44 -132.57
N ARG EB 156 72.32 -23.45 -132.65
CA ARG EB 156 72.75 -23.97 -133.94
C ARG EB 156 71.59 -24.48 -134.77
N GLU EB 157 70.54 -24.96 -134.12
CA GLU EB 157 69.41 -25.55 -134.86
C GLU EB 157 68.36 -24.51 -135.27
N GLU EB 158 68.56 -23.24 -134.95
CA GLU EB 158 67.70 -22.18 -135.43
C GLU EB 158 68.45 -21.07 -136.13
N TYR EB 159 69.75 -20.91 -135.86
CA TYR EB 159 70.61 -19.99 -136.59
C TYR EB 159 71.83 -20.76 -137.10
N PRO EB 160 71.61 -21.74 -137.99
CA PRO EB 160 72.75 -22.53 -138.46
C PRO EB 160 73.65 -21.76 -139.40
N ASP EB 161 73.10 -20.81 -140.15
CA ASP EB 161 73.90 -20.05 -141.10
C ASP EB 161 74.91 -19.16 -140.39
N ARG EB 162 74.51 -18.55 -139.28
CA ARG EB 162 75.39 -17.65 -138.56
C ARG EB 162 76.60 -18.41 -137.98
N MET EB 163 77.52 -17.65 -137.42
CA MET EB 163 78.75 -18.20 -136.86
C MET EB 163 78.71 -18.12 -135.34
N MET EB 164 79.28 -19.13 -134.69
CA MET EB 164 79.24 -19.26 -133.23
C MET EB 164 80.67 -19.20 -132.71
N LEU EB 165 81.14 -18.00 -132.36
CA LEU EB 165 82.42 -17.86 -131.70
C LEU EB 165 82.32 -18.39 -130.26
N THR EB 166 83.47 -18.56 -129.63
CA THR EB 166 83.56 -19.19 -128.32
C THR EB 166 84.87 -18.77 -127.65
N PHE EB 167 84.77 -17.95 -126.61
CA PHE EB 167 85.93 -17.56 -125.81
C PHE EB 167 86.09 -18.45 -124.58
N SER EB 168 86.08 -19.76 -124.79
CA SER EB 168 86.10 -20.69 -123.67
C SER EB 168 87.46 -20.70 -123.00
N VAL EB 169 87.45 -20.68 -121.67
CA VAL EB 169 88.67 -20.89 -120.89
C VAL EB 169 88.81 -22.37 -120.60
N VAL EB 170 90.01 -22.90 -120.76
CA VAL EB 170 90.27 -24.33 -120.73
C VAL EB 170 90.72 -24.68 -119.32
N PRO EB 171 90.54 -25.93 -118.86
CA PRO EB 171 91.19 -26.34 -117.61
C PRO EB 171 92.70 -26.25 -117.73
N SER EB 172 93.35 -26.20 -116.57
CA SER EB 172 94.80 -26.07 -116.55
C SER EB 172 95.46 -27.44 -116.52
N PRO EB 173 96.58 -27.56 -117.23
CA PRO EB 173 97.34 -28.81 -117.13
C PRO EB 173 97.87 -29.08 -115.73
N LYS EB 174 98.49 -28.09 -115.09
CA LYS EB 174 99.08 -28.32 -113.79
C LYS EB 174 98.11 -28.07 -112.64
N VAL EB 175 97.28 -27.04 -112.73
CA VAL EB 175 96.38 -26.67 -111.65
C VAL EB 175 94.99 -27.24 -111.93
N SER EB 176 94.32 -27.67 -110.87
CA SER EB 176 92.95 -28.15 -110.92
C SER EB 176 92.22 -27.51 -109.74
N ASP EB 177 91.61 -26.34 -109.97
CA ASP EB 177 90.84 -25.67 -108.92
C ASP EB 177 89.71 -26.55 -108.43
N THR EB 178 89.25 -27.48 -109.26
CA THR EB 178 88.28 -28.50 -108.91
C THR EB 178 88.92 -29.88 -109.08
N VAL EB 179 88.12 -30.93 -108.96
CA VAL EB 179 88.61 -32.29 -109.03
C VAL EB 179 88.06 -33.04 -110.23
N VAL EB 180 86.77 -32.87 -110.53
CA VAL EB 180 86.11 -33.64 -111.58
C VAL EB 180 86.33 -32.92 -112.91
N GLU EB 181 87.22 -31.93 -112.90
CA GLU EB 181 87.45 -31.03 -114.04
C GLU EB 181 87.47 -31.70 -115.41
N PRO EB 182 88.26 -32.75 -115.65
CA PRO EB 182 88.31 -33.30 -117.02
C PRO EB 182 86.97 -33.80 -117.53
N TYR EB 183 86.13 -34.35 -116.66
CA TYR EB 183 84.83 -34.86 -117.08
C TYR EB 183 84.03 -33.80 -117.81
N ASN EB 184 83.79 -32.66 -117.14
CA ASN EB 184 83.05 -31.57 -117.78
C ASN EB 184 83.76 -31.08 -119.03
N ALA EB 185 85.10 -31.18 -119.07
CA ALA EB 185 85.85 -30.74 -120.24
C ALA EB 185 85.53 -31.62 -121.44
N THR EB 186 85.73 -32.93 -121.31
CA THR EB 186 85.47 -33.84 -122.42
C THR EB 186 84.02 -33.79 -122.85
N LEU EB 187 83.10 -33.80 -121.89
CA LEU EB 187 81.68 -33.76 -122.22
C LEU EB 187 81.30 -32.46 -122.92
N SER EB 188 82.11 -31.41 -122.78
CA SER EB 188 81.89 -30.18 -123.54
C SER EB 188 82.55 -30.26 -124.90
N VAL EB 189 83.77 -30.80 -124.97
CA VAL EB 189 84.47 -30.90 -126.24
C VAL EB 189 83.70 -31.77 -127.22
N HIS EB 190 83.05 -32.82 -126.70
CA HIS EB 190 82.17 -33.62 -127.54
C HIS EB 190 81.01 -32.80 -128.10
N GLN EB 191 80.74 -31.64 -127.53
CA GLN EB 191 79.71 -30.74 -128.04
C GLN EB 191 80.28 -29.57 -128.82
N LEU EB 192 81.48 -29.09 -128.47
CA LEU EB 192 82.03 -27.92 -129.14
C LEU EB 192 82.35 -28.21 -130.60
N VAL EB 193 82.92 -29.38 -130.89
CA VAL EB 193 83.42 -29.67 -132.23
C VAL EB 193 82.29 -29.59 -133.24
N GLU EB 194 81.10 -30.07 -132.88
CA GLU EB 194 80.01 -30.21 -133.82
C GLU EB 194 79.13 -28.98 -133.92
N ASN EB 195 79.15 -28.11 -132.91
CA ASN EB 195 78.24 -26.98 -132.86
C ASN EB 195 79.00 -25.69 -132.66
N ALA EB 196 80.11 -25.51 -133.37
CA ALA EB 196 80.85 -24.28 -133.29
C ALA EB 196 81.60 -24.05 -134.59
N ASP EB 197 82.01 -22.80 -134.82
CA ASP EB 197 82.79 -22.43 -135.98
C ASP EB 197 84.18 -21.92 -135.62
N GLU EB 198 84.34 -21.24 -134.50
CA GLU EB 198 85.64 -20.76 -134.03
C GLU EB 198 85.66 -20.89 -132.52
N CYS EB 199 86.74 -21.45 -131.97
CA CYS EB 199 86.84 -21.71 -130.53
C CYS EB 199 88.21 -21.26 -130.04
N MET EB 200 88.28 -20.07 -129.47
CA MET EB 200 89.51 -19.61 -128.83
C MET EB 200 89.66 -20.30 -127.48
N VAL EB 201 90.77 -20.99 -127.28
CA VAL EB 201 91.05 -21.68 -126.03
C VAL EB 201 92.12 -20.90 -125.28
N LEU EB 202 91.85 -20.60 -124.00
CA LEU EB 202 92.74 -19.79 -123.18
C LEU EB 202 92.81 -20.41 -121.80
N ASP EB 203 93.97 -20.26 -121.15
CA ASP EB 203 94.19 -20.85 -119.83
C ASP EB 203 94.87 -19.85 -118.91
N ASN EB 204 94.35 -19.75 -117.68
CA ASN EB 204 94.79 -18.72 -116.75
C ASN EB 204 96.25 -18.89 -116.35
N GLU EB 205 96.86 -20.04 -116.63
CA GLU EB 205 98.28 -20.21 -116.34
C GLU EB 205 99.12 -19.21 -117.13
N ALA EB 206 99.08 -19.32 -118.46
CA ALA EB 206 99.79 -18.34 -119.28
C ALA EB 206 99.32 -16.93 -118.96
N LEU EB 207 98.03 -16.78 -118.60
CA LEU EB 207 97.56 -15.51 -118.10
C LEU EB 207 98.30 -15.09 -116.85
N TYR EB 208 98.74 -16.04 -116.03
CA TYR EB 208 99.50 -15.68 -114.84
C TYR EB 208 100.92 -15.26 -115.20
N ASP EB 209 101.57 -15.97 -116.13
CA ASP EB 209 102.93 -15.62 -116.51
C ASP EB 209 102.96 -14.25 -117.19
N ILE EB 210 102.11 -14.06 -118.19
CA ILE EB 210 102.04 -12.78 -118.88
C ILE EB 210 101.77 -11.64 -117.90
N CYS EB 211 101.00 -11.91 -116.85
CA CYS EB 211 100.88 -10.93 -115.78
C CYS EB 211 102.19 -10.78 -115.00
N PHE EB 212 102.98 -11.85 -114.90
CA PHE EB 212 104.16 -11.81 -114.06
C PHE EB 212 105.34 -11.16 -114.77
N ARG EB 213 105.78 -11.74 -115.89
CA ARG EB 213 107.01 -11.31 -116.52
C ARG EB 213 106.87 -9.93 -117.15
N THR EB 214 105.96 -9.79 -118.11
CA THR EB 214 105.91 -8.59 -118.93
C THR EB 214 105.37 -7.39 -118.15
N LEU EB 215 104.13 -7.49 -117.66
CA LEU EB 215 103.54 -6.37 -116.95
C LEU EB 215 104.14 -6.17 -115.57
N LYS EB 216 104.98 -7.09 -115.10
CA LYS EB 216 105.65 -6.98 -113.81
C LYS EB 216 104.67 -6.87 -112.66
N LEU EB 217 103.53 -7.56 -112.77
CA LEU EB 217 102.51 -7.45 -111.73
C LEU EB 217 102.93 -8.21 -110.48
N THR EB 218 102.77 -7.55 -109.33
CA THR EB 218 103.03 -8.19 -108.05
C THR EB 218 101.91 -9.14 -107.68
N THR EB 219 100.67 -8.66 -107.67
CA THR EB 219 99.51 -9.43 -107.25
C THR EB 219 98.40 -9.25 -108.27
N PRO EB 220 98.29 -10.16 -109.25
CA PRO EB 220 97.21 -10.08 -110.22
C PRO EB 220 95.93 -10.67 -109.64
N THR EB 221 94.91 -9.83 -109.48
CA THR EB 221 93.59 -10.34 -109.16
C THR EB 221 92.96 -10.93 -110.42
N PHE EB 222 91.78 -11.51 -110.26
CA PHE EB 222 91.04 -11.95 -111.43
C PHE EB 222 90.62 -10.77 -112.31
N GLY EB 223 90.51 -9.58 -111.73
CA GLY EB 223 90.15 -8.42 -112.52
C GLY EB 223 91.16 -8.08 -113.59
N ASP EB 224 92.42 -8.46 -113.37
CA ASP EB 224 93.48 -8.20 -114.35
C ASP EB 224 93.48 -9.24 -115.47
N LEU EB 225 93.35 -10.52 -115.10
CA LEU EB 225 93.16 -11.56 -116.12
C LEU EB 225 92.01 -11.20 -117.04
N ASN EB 226 90.84 -10.95 -116.45
CA ASN EB 226 89.69 -10.53 -117.24
C ASN EB 226 89.95 -9.20 -117.93
N HIS EB 227 90.80 -8.36 -117.36
CA HIS EB 227 91.21 -7.13 -118.06
C HIS EB 227 91.91 -7.45 -119.37
N LEU EB 228 92.67 -8.54 -119.39
CA LEU EB 228 93.34 -8.95 -120.62
C LEU EB 228 92.33 -9.51 -121.62
N ILE EB 229 91.50 -10.46 -121.18
CA ILE EB 229 90.53 -11.07 -122.09
C ILE EB 229 89.61 -9.99 -122.66
N SER EB 230 89.29 -8.98 -121.86
CA SER EB 230 88.50 -7.87 -122.37
C SER EB 230 89.22 -7.18 -123.52
N ALA EB 231 90.54 -7.01 -123.39
CA ALA EB 231 91.31 -6.33 -124.44
C ALA EB 231 91.25 -7.09 -125.75
N VAL EB 232 91.59 -8.39 -125.73
CA VAL EB 232 91.62 -9.16 -126.97
C VAL EB 232 90.21 -9.33 -127.53
N MET EB 233 89.21 -9.48 -126.66
CA MET EB 233 87.83 -9.58 -127.15
C MET EB 233 87.38 -8.26 -127.75
N SER EB 234 87.90 -7.15 -127.25
CA SER EB 234 87.66 -5.87 -127.91
C SER EB 234 88.62 -5.65 -129.08
N GLY EB 235 89.65 -6.48 -129.21
CA GLY EB 235 90.58 -6.37 -130.31
C GLY EB 235 90.12 -7.05 -131.59
N ILE EB 236 89.23 -8.03 -131.47
CA ILE EB 236 88.78 -8.76 -132.66
C ILE EB 236 87.91 -7.87 -133.53
N THR EB 237 86.97 -7.15 -132.93
CA THR EB 237 85.90 -6.50 -133.66
C THR EB 237 86.16 -5.05 -133.99
N CYS EB 238 87.43 -4.61 -133.99
CA CYS EB 238 87.72 -3.25 -134.42
C CYS EB 238 87.33 -3.03 -135.87
N CYS EB 239 87.33 -4.09 -136.68
CA CYS EB 239 86.92 -3.96 -138.07
C CYS EB 239 85.43 -3.64 -138.18
N LEU EB 240 84.60 -4.43 -137.49
CA LEU EB 240 83.16 -4.20 -137.53
C LEU EB 240 82.76 -2.90 -136.84
N ARG EB 241 83.64 -2.34 -136.01
CA ARG EB 241 83.32 -1.14 -135.24
C ARG EB 241 83.97 0.11 -135.79
N PHE EB 242 85.14 0.00 -136.41
CA PHE EB 242 85.93 1.15 -136.77
C PHE EB 242 86.37 1.07 -138.22
N PRO EB 243 86.79 2.19 -138.81
CA PRO EB 243 87.35 2.14 -140.17
C PRO EB 243 88.62 1.32 -140.22
N GLY EB 244 89.12 1.08 -141.43
CA GLY EB 244 90.35 0.36 -141.61
C GLY EB 244 90.68 0.21 -143.07
N GLN EB 245 91.94 0.47 -143.43
CA GLN EB 245 92.35 0.30 -144.82
C GLN EB 245 92.24 -1.14 -145.27
N LEU EB 246 92.14 -2.08 -144.33
CA LEU EB 246 91.90 -3.48 -144.65
C LEU EB 246 91.11 -4.08 -143.48
N ASN EB 247 89.79 -4.11 -143.65
CA ASN EB 247 88.91 -4.60 -142.60
C ASN EB 247 88.76 -6.11 -142.67
N ALA EB 248 88.33 -6.71 -141.57
CA ALA EB 248 88.25 -8.17 -141.47
C ALA EB 248 87.03 -8.53 -140.63
N ASP EB 249 85.96 -8.95 -141.31
CA ASP EB 249 84.82 -9.52 -140.63
C ASP EB 249 85.19 -10.89 -140.05
N LEU EB 250 84.40 -11.34 -139.08
CA LEU EB 250 84.64 -12.65 -138.49
C LEU EB 250 84.56 -13.76 -139.53
N ARG EB 251 83.56 -13.69 -140.42
CA ARG EB 251 83.34 -14.78 -141.36
C ARG EB 251 84.50 -14.94 -142.33
N LYS EB 252 85.24 -13.86 -142.61
CA LYS EB 252 86.42 -14.01 -143.46
C LYS EB 252 87.62 -14.49 -142.66
N LEU EB 253 87.66 -14.22 -141.36
CA LEU EB 253 88.66 -14.85 -140.51
C LEU EB 253 88.42 -16.35 -140.43
N ALA EB 254 87.16 -16.76 -140.30
CA ALA EB 254 86.84 -18.18 -140.19
C ALA EB 254 87.28 -18.94 -141.43
N VAL EB 255 86.91 -18.44 -142.61
CA VAL EB 255 87.29 -19.11 -143.85
C VAL EB 255 88.80 -19.09 -144.03
N ASN EB 256 89.43 -17.99 -143.63
CA ASN EB 256 90.88 -17.87 -143.75
C ASN EB 256 91.65 -18.64 -142.69
N LEU EB 257 90.98 -19.29 -141.75
CA LEU EB 257 91.69 -19.93 -140.65
C LEU EB 257 91.41 -21.42 -140.51
N ILE EB 258 90.20 -21.88 -140.78
CA ILE EB 258 89.93 -23.30 -140.71
C ILE EB 258 89.79 -23.82 -142.15
N PRO EB 259 90.79 -24.56 -142.65
CA PRO EB 259 90.62 -25.26 -143.93
C PRO EB 259 89.70 -26.45 -143.83
N PHE EB 260 89.43 -26.95 -142.63
CA PHE EB 260 88.62 -28.13 -142.42
C PHE EB 260 87.63 -27.87 -141.30
N PRO EB 261 86.46 -28.53 -141.33
CA PRO EB 261 85.38 -28.14 -140.42
C PRO EB 261 85.66 -28.43 -138.95
N ARG EB 262 86.66 -29.24 -138.64
CA ARG EB 262 86.90 -29.65 -137.27
C ARG EB 262 88.15 -29.06 -136.64
N LEU EB 263 88.95 -28.32 -137.40
CA LEU EB 263 90.15 -27.69 -136.85
C LEU EB 263 89.88 -26.26 -136.40
N HIS EB 264 88.85 -26.08 -135.58
CA HIS EB 264 88.40 -24.76 -135.19
C HIS EB 264 88.80 -24.39 -133.76
N PHE EB 265 89.95 -24.88 -133.32
CA PHE EB 265 90.45 -24.60 -131.97
C PHE EB 265 91.70 -23.73 -132.12
N PHE EB 266 91.62 -22.52 -131.58
CA PHE EB 266 92.54 -21.44 -131.91
C PHE EB 266 93.44 -21.08 -130.71
N MET EB 267 94.17 -19.98 -130.84
CA MET EB 267 95.13 -19.55 -129.83
C MET EB 267 95.39 -18.06 -130.02
N VAL EB 268 95.26 -17.28 -128.94
CA VAL EB 268 95.23 -15.83 -129.07
C VAL EB 268 96.39 -15.16 -128.34
N GLY EB 269 96.44 -13.84 -128.41
CA GLY EB 269 97.46 -13.08 -127.70
C GLY EB 269 97.35 -11.61 -128.06
N PHE EB 270 97.79 -10.77 -127.12
CA PHE EB 270 97.66 -9.33 -127.25
C PHE EB 270 99.04 -8.69 -127.35
N THR EB 271 99.07 -7.49 -127.95
CA THR EB 271 100.30 -6.73 -128.15
C THR EB 271 99.93 -5.28 -128.41
N PRO EB 272 100.60 -4.30 -127.78
CA PRO EB 272 101.76 -4.43 -126.92
C PRO EB 272 101.37 -4.72 -125.49
N LEU EB 273 102.39 -4.79 -124.62
CA LEU EB 273 102.17 -5.01 -123.19
C LEU EB 273 103.49 -4.68 -122.50
N THR EB 274 103.43 -3.80 -121.51
CA THR EB 274 104.65 -3.30 -120.90
C THR EB 274 104.31 -2.61 -119.58
N SER EB 275 105.25 -2.66 -118.63
CA SER EB 275 105.13 -1.93 -117.39
C SER EB 275 105.30 -0.44 -117.64
N ARG EB 276 105.08 0.35 -116.58
CA ARG EB 276 105.20 1.80 -116.71
C ARG EB 276 106.63 2.23 -116.99
N GLY EB 277 107.61 1.46 -116.51
CA GLY EB 277 109.00 1.84 -116.70
C GLY EB 277 109.48 1.71 -118.12
N SER EB 278 109.49 0.49 -118.66
CA SER EB 278 109.94 0.27 -120.03
C SER EB 278 109.05 0.97 -121.04
N GLN EB 279 107.80 1.27 -120.67
CA GLN EB 279 106.95 2.08 -121.55
C GLN EB 279 107.56 3.45 -121.77
N GLN EB 280 108.35 3.94 -120.83
CA GLN EB 280 109.09 5.18 -120.99
C GLN EB 280 110.39 4.98 -121.77
N TYR EB 281 110.82 3.74 -121.96
CA TYR EB 281 111.94 3.41 -122.83
C TYR EB 281 111.50 2.93 -124.20
N ARG EB 282 110.57 1.97 -124.24
CA ARG EB 282 110.17 1.35 -125.50
C ARG EB 282 109.60 2.37 -126.47
N ALA EB 283 109.75 2.09 -127.75
CA ALA EB 283 109.15 2.88 -128.82
C ALA EB 283 108.10 2.03 -129.53
N LEU EB 284 107.02 2.69 -129.94
CA LEU EB 284 105.90 2.00 -130.59
C LEU EB 284 106.15 2.00 -132.10
N THR EB 285 106.62 0.87 -132.61
CA THR EB 285 106.77 0.67 -134.04
C THR EB 285 106.27 -0.73 -134.38
N VAL EB 286 105.88 -0.90 -135.64
CA VAL EB 286 105.31 -2.17 -136.09
C VAL EB 286 106.28 -3.35 -135.92
N PRO EB 287 107.61 -3.17 -135.98
CA PRO EB 287 108.46 -4.33 -135.60
C PRO EB 287 108.27 -4.76 -134.17
N GLU EB 288 108.10 -3.81 -133.25
CA GLU EB 288 107.83 -4.15 -131.85
C GLU EB 288 106.59 -5.02 -131.74
N LEU EB 289 105.51 -4.59 -132.40
CA LEU EB 289 104.21 -5.22 -132.23
C LEU EB 289 104.19 -6.65 -132.76
N THR EB 290 105.02 -6.95 -133.75
CA THR EB 290 104.95 -8.25 -134.40
C THR EB 290 105.85 -9.30 -133.76
N GLN EB 291 106.98 -8.91 -133.18
CA GLN EB 291 107.81 -9.89 -132.48
C GLN EB 291 107.16 -10.30 -131.17
N GLN EB 292 106.53 -9.36 -130.48
CA GLN EB 292 105.92 -9.65 -129.18
C GLN EB 292 104.75 -10.61 -129.31
N MET EB 293 104.03 -10.55 -130.44
CA MET EB 293 102.91 -11.46 -130.65
C MET EB 293 103.36 -12.79 -131.23
N TRP EB 294 104.41 -12.79 -132.05
CA TRP EB 294 104.88 -14.04 -132.63
C TRP EB 294 105.61 -14.91 -131.62
N ASP EB 295 106.03 -14.32 -130.50
CA ASP EB 295 106.71 -15.04 -129.45
C ASP EB 295 105.83 -16.17 -128.89
N ALA EB 296 106.46 -17.09 -128.17
CA ALA EB 296 105.77 -18.25 -127.64
C ALA EB 296 105.31 -18.09 -126.19
N LYS EB 297 105.42 -16.87 -125.63
CA LYS EB 297 104.90 -16.61 -124.30
C LYS EB 297 103.49 -16.05 -124.34
N ASN EB 298 103.27 -15.00 -125.15
CA ASN EB 298 102.00 -14.29 -125.17
C ASN EB 298 100.80 -15.19 -125.41
N MET EB 299 101.02 -16.43 -125.84
CA MET EB 299 99.93 -17.36 -126.12
C MET EB 299 99.18 -17.67 -124.83
N MET EB 300 97.98 -17.11 -124.70
CA MET EB 300 97.21 -17.25 -123.48
C MET EB 300 96.88 -18.70 -123.15
N CYS EB 301 96.84 -19.58 -124.14
CA CYS EB 301 96.64 -20.99 -123.88
C CYS EB 301 97.96 -21.64 -123.48
N ALA EB 302 97.87 -22.67 -122.64
CA ALA EB 302 99.05 -23.33 -122.10
C ALA EB 302 99.63 -24.34 -123.11
N ALA EB 303 100.06 -23.79 -124.25
CA ALA EB 303 100.64 -24.60 -125.30
C ALA EB 303 101.87 -23.91 -125.86
N ASP EB 304 102.83 -24.71 -126.34
CA ASP EB 304 104.04 -24.20 -126.94
C ASP EB 304 103.93 -24.32 -128.45
N PRO EB 305 103.86 -23.21 -129.20
CA PRO EB 305 103.71 -23.33 -130.66
C PRO EB 305 104.89 -23.98 -131.34
N ARG EB 306 106.07 -23.99 -130.70
CA ARG EB 306 107.25 -24.55 -131.34
C ARG EB 306 107.14 -26.07 -131.47
N HIS EB 307 106.38 -26.72 -130.60
CA HIS EB 307 106.21 -28.16 -130.70
C HIS EB 307 105.29 -28.55 -131.86
N GLY EB 308 104.47 -27.64 -132.34
CA GLY EB 308 103.51 -27.95 -133.38
C GLY EB 308 103.84 -27.27 -134.69
N ARG EB 309 102.82 -26.74 -135.37
CA ARG EB 309 103.02 -26.10 -136.65
C ARG EB 309 101.80 -25.23 -136.96
N TYR EB 310 102.06 -23.98 -137.37
CA TYR EB 310 100.97 -23.05 -137.69
C TYR EB 310 100.31 -23.47 -138.99
N LEU EB 311 99.10 -24.00 -138.91
CA LEU EB 311 98.29 -24.18 -140.11
C LEU EB 311 97.95 -22.83 -140.72
N THR EB 312 97.27 -21.97 -139.96
CA THR EB 312 96.97 -20.61 -140.36
C THR EB 312 97.31 -19.66 -139.21
N ALA EB 313 97.29 -18.37 -139.52
CA ALA EB 313 97.53 -17.33 -138.52
C ALA EB 313 96.90 -16.04 -139.03
N SER EB 314 96.87 -15.03 -138.15
CA SER EB 314 96.40 -13.71 -138.52
C SER EB 314 96.87 -12.70 -137.50
N ALA EB 315 96.79 -11.42 -137.87
CA ALA EB 315 97.19 -10.32 -137.02
C ALA EB 315 96.26 -9.15 -137.26
N LEU EB 316 95.79 -8.54 -136.17
CA LEU EB 316 94.83 -7.44 -136.24
C LEU EB 316 95.45 -6.22 -135.57
N PHE EB 317 95.87 -5.25 -136.37
CA PHE EB 317 96.49 -4.03 -135.88
C PHE EB 317 95.47 -2.90 -135.81
N ARG EB 318 95.72 -1.96 -134.91
CA ARG EB 318 94.91 -0.75 -134.84
C ARG EB 318 95.81 0.42 -134.50
N GLY EB 319 95.75 1.45 -135.34
CA GLY EB 319 96.61 2.60 -135.20
C GLY EB 319 97.14 3.04 -136.56
N ARG EB 320 97.33 4.34 -136.74
CA ARG EB 320 97.80 4.84 -138.02
C ARG EB 320 99.22 4.37 -138.28
N MET EB 321 99.42 3.72 -139.42
CA MET EB 321 100.71 3.12 -139.75
C MET EB 321 100.78 2.95 -141.27
N SER EB 322 101.88 2.36 -141.73
CA SER EB 322 102.04 1.99 -143.13
C SER EB 322 101.86 0.49 -143.25
N THR EB 323 100.89 0.08 -144.07
CA THR EB 323 100.54 -1.33 -144.12
C THR EB 323 101.59 -2.18 -144.83
N LYS EB 324 102.44 -1.57 -145.68
CA LYS EB 324 103.52 -2.34 -146.27
C LYS EB 324 104.44 -2.89 -145.21
N GLU EB 325 104.74 -2.09 -144.18
CA GLU EB 325 105.49 -2.58 -143.03
C GLU EB 325 104.88 -3.88 -142.52
N VAL EB 326 103.60 -3.83 -142.15
CA VAL EB 326 102.89 -5.05 -141.76
C VAL EB 326 103.00 -6.11 -142.83
N ASP EB 327 102.94 -5.70 -144.10
CA ASP EB 327 103.01 -6.68 -145.18
C ASP EB 327 104.37 -7.36 -145.23
N GLU EB 328 105.45 -6.59 -145.13
CA GLU EB 328 106.77 -7.19 -145.18
C GLU EB 328 107.14 -7.91 -143.88
N GLN EB 329 106.62 -7.42 -142.75
CA GLN EB 329 106.89 -8.08 -141.47
C GLN EB 329 106.39 -9.52 -141.50
N MET EB 330 105.12 -9.72 -141.84
CA MET EB 330 104.57 -11.07 -141.91
C MET EB 330 105.28 -11.91 -142.95
N LEU EB 331 105.86 -11.26 -143.96
CA LEU EB 331 106.62 -12.02 -144.95
C LEU EB 331 107.94 -12.52 -144.38
N ASN EB 332 108.60 -11.71 -143.55
CA ASN EB 332 109.86 -12.14 -142.95
C ASN EB 332 109.66 -13.37 -142.09
N VAL EB 333 108.67 -13.34 -141.19
CA VAL EB 333 108.48 -14.44 -140.26
C VAL EB 333 108.15 -15.73 -141.00
N GLN EB 334 107.33 -15.64 -142.05
CA GLN EB 334 107.05 -16.83 -142.85
C GLN EB 334 108.30 -17.41 -143.49
N ASN EB 335 109.39 -16.63 -143.57
CA ASN EB 335 110.63 -17.09 -144.16
C ASN EB 335 111.59 -17.66 -143.11
N LYS EB 336 111.74 -16.97 -141.98
CA LYS EB 336 112.79 -17.34 -141.02
C LYS EB 336 112.48 -18.67 -140.36
N ASN EB 337 111.39 -18.74 -139.60
CA ASN EB 337 111.02 -19.98 -138.93
C ASN EB 337 110.11 -20.82 -139.81
N SER EB 338 110.58 -21.08 -141.03
CA SER EB 338 109.77 -21.74 -142.05
C SER EB 338 109.29 -23.14 -141.65
N SER EB 339 109.85 -23.71 -140.59
CA SER EB 339 109.41 -25.04 -140.16
C SER EB 339 108.18 -24.98 -139.26
N TYR EB 340 107.87 -23.82 -138.68
CA TYR EB 340 106.66 -23.68 -137.88
C TYR EB 340 105.42 -23.49 -138.74
N PHE EB 341 105.57 -23.56 -140.07
CA PHE EB 341 104.47 -23.38 -141.00
C PHE EB 341 104.36 -24.59 -141.91
N VAL EB 342 103.26 -24.66 -142.66
CA VAL EB 342 102.99 -25.79 -143.52
C VAL EB 342 103.44 -25.45 -144.95
N GLU EB 343 103.47 -26.47 -145.81
CA GLU EB 343 103.93 -26.32 -147.19
C GLU EB 343 102.77 -26.17 -148.16
N TRP EB 344 101.73 -27.01 -148.05
CA TRP EB 344 100.61 -26.96 -148.97
C TRP EB 344 99.80 -25.68 -148.88
N ILE EB 345 100.22 -24.74 -148.04
CA ILE EB 345 99.61 -23.42 -147.96
C ILE EB 345 100.69 -22.38 -148.25
N PRO EB 346 100.65 -21.71 -149.39
CA PRO EB 346 101.74 -20.78 -149.75
C PRO EB 346 101.88 -19.63 -148.76
N ASN EB 347 100.81 -18.88 -148.54
CA ASN EB 347 100.77 -17.84 -147.52
C ASN EB 347 99.69 -18.21 -146.52
N ASN EB 348 100.10 -18.55 -145.31
CA ASN EB 348 99.19 -19.02 -144.27
C ASN EB 348 98.93 -17.97 -143.20
N VAL EB 349 98.98 -16.69 -143.56
CA VAL EB 349 98.70 -15.60 -142.64
C VAL EB 349 97.75 -14.61 -143.32
N LYS EB 350 97.02 -13.87 -142.49
CA LYS EB 350 96.20 -12.76 -142.92
C LYS EB 350 96.59 -11.53 -142.12
N SER EB 351 96.78 -10.41 -142.81
CA SER EB 351 97.31 -9.19 -142.20
C SER EB 351 96.24 -8.11 -142.30
N SER EB 352 95.49 -7.93 -141.23
CA SER EB 352 94.49 -6.88 -141.17
C SER EB 352 95.05 -5.65 -140.46
N VAL EB 353 94.25 -4.58 -140.47
CA VAL EB 353 94.66 -3.33 -139.84
C VAL EB 353 93.41 -2.48 -139.69
N CYS EB 354 93.38 -1.67 -138.63
CA CYS EB 354 92.31 -0.72 -138.42
C CYS EB 354 92.91 0.67 -138.27
N ASP EB 355 92.17 1.68 -138.73
CA ASP EB 355 92.63 3.05 -138.66
C ASP EB 355 92.35 3.71 -137.34
N ILE EB 356 91.74 2.99 -136.39
CA ILE EB 356 91.37 3.58 -135.11
C ILE EB 356 92.18 2.90 -134.01
N PRO EB 357 92.97 3.64 -133.25
CA PRO EB 357 93.79 3.04 -132.21
C PRO EB 357 92.99 2.88 -130.92
N PRO EB 358 93.57 2.24 -129.91
CA PRO EB 358 92.91 2.20 -128.59
C PRO EB 358 92.72 3.58 -127.97
N LYS EB 359 92.03 3.63 -126.84
CA LYS EB 359 91.62 4.88 -126.22
C LYS EB 359 92.82 5.77 -125.87
N GLY EB 360 93.67 5.29 -124.96
CA GLY EB 360 94.80 6.07 -124.52
C GLY EB 360 96.06 5.75 -125.30
N LEU EB 361 96.13 4.53 -125.83
CA LEU EB 361 97.26 4.13 -126.66
C LEU EB 361 97.19 4.81 -128.03
N LYS EB 362 98.13 4.47 -128.90
CA LYS EB 362 98.07 4.87 -130.30
C LYS EB 362 98.39 3.75 -131.29
N MET EB 363 99.10 2.70 -130.86
CA MET EB 363 99.33 1.53 -131.68
C MET EB 363 99.15 0.29 -130.83
N SER EB 364 98.61 -0.76 -131.44
CA SER EB 364 98.38 -2.04 -130.77
C SER EB 364 98.12 -3.09 -131.83
N ALA EB 365 98.14 -4.35 -131.40
CA ALA EB 365 97.94 -5.48 -132.30
C ALA EB 365 97.29 -6.61 -131.53
N THR EB 366 96.97 -7.68 -132.25
CA THR EB 366 96.41 -8.88 -131.65
C THR EB 366 96.78 -10.07 -132.51
N PHE EB 367 97.12 -11.18 -131.87
CA PHE EB 367 97.52 -12.39 -132.58
C PHE EB 367 96.40 -13.42 -132.53
N ILE EB 368 96.43 -14.31 -133.52
CA ILE EB 368 95.57 -15.49 -133.54
C ILE EB 368 96.25 -16.51 -134.44
N GLY EB 369 96.20 -17.78 -134.01
CA GLY EB 369 96.82 -18.83 -134.78
C GLY EB 369 96.19 -20.19 -134.55
N ASN EB 370 96.03 -20.96 -135.61
CA ASN EB 370 95.50 -22.32 -135.55
C ASN EB 370 96.66 -23.27 -135.77
N SER EB 371 97.34 -23.62 -134.67
CA SER EB 371 98.45 -24.55 -134.71
C SER EB 371 98.00 -25.92 -134.24
N THR EB 372 98.80 -26.93 -134.60
CA THR EB 372 98.55 -28.28 -134.09
C THR EB 372 99.13 -28.51 -132.72
N ALA EB 373 99.93 -27.57 -132.20
CA ALA EB 373 100.44 -27.70 -130.84
C ALA EB 373 99.31 -27.65 -129.82
N ILE EB 374 98.12 -27.21 -130.22
CA ILE EB 374 96.97 -27.17 -129.31
C ILE EB 374 96.54 -28.59 -128.94
N GLN EB 375 96.81 -29.57 -129.80
CA GLN EB 375 96.46 -30.96 -129.47
C GLN EB 375 97.14 -31.43 -128.19
N GLU EB 376 98.20 -30.74 -127.75
CA GLU EB 376 98.83 -31.07 -126.49
C GLU EB 376 97.83 -30.98 -125.34
N MET EB 377 96.96 -29.98 -125.37
CA MET EB 377 95.95 -29.83 -124.32
C MET EB 377 95.03 -31.03 -124.28
N PHE EB 378 94.45 -31.40 -125.43
CA PHE EB 378 93.54 -32.53 -125.47
C PHE EB 378 94.23 -33.84 -125.15
N LYS EB 379 95.55 -33.91 -125.30
CA LYS EB 379 96.30 -35.05 -124.79
C LYS EB 379 96.23 -35.09 -123.27
N ARG EB 380 96.56 -33.98 -122.62
CA ARG EB 380 96.57 -33.92 -121.16
C ARG EB 380 95.23 -34.32 -120.57
N VAL EB 381 94.16 -33.66 -121.03
CA VAL EB 381 92.83 -33.91 -120.47
C VAL EB 381 92.41 -35.35 -120.70
N SER EB 382 92.80 -35.93 -121.83
CA SER EB 382 92.45 -37.31 -122.12
C SER EB 382 93.05 -38.27 -121.09
N GLU EB 383 94.27 -37.98 -120.63
CA GLU EB 383 94.86 -38.79 -119.57
C GLU EB 383 94.05 -38.70 -118.29
N GLN EB 384 93.78 -37.47 -117.84
CA GLN EB 384 92.99 -37.29 -116.63
C GLN EB 384 91.62 -37.95 -116.76
N PHE EB 385 91.02 -37.88 -117.95
CA PHE EB 385 89.73 -38.52 -118.15
C PHE EB 385 89.87 -40.04 -118.05
N THR EB 386 90.85 -40.61 -118.75
CA THR EB 386 90.95 -42.07 -118.80
C THR EB 386 91.42 -42.65 -117.47
N ALA EB 387 92.18 -41.89 -116.68
CA ALA EB 387 92.64 -42.40 -115.40
C ALA EB 387 91.47 -42.65 -114.45
N MET EB 388 90.61 -41.63 -114.27
CA MET EB 388 89.47 -41.79 -113.39
C MET EB 388 88.41 -42.71 -113.99
N PHE EB 389 88.16 -42.58 -115.30
CA PHE EB 389 87.17 -43.45 -115.95
C PHE EB 389 87.61 -44.90 -115.89
N ARG EB 390 88.91 -45.16 -115.93
CA ARG EB 390 89.41 -46.51 -115.71
C ARG EB 390 88.93 -47.07 -114.38
N ARG EB 391 88.74 -46.20 -113.39
CA ARG EB 391 88.26 -46.62 -112.08
C ARG EB 391 86.89 -46.07 -111.74
N LYS EB 392 86.24 -45.36 -112.65
CA LYS EB 392 84.88 -44.84 -112.46
C LYS EB 392 84.81 -43.95 -111.23
N ALA EB 393 85.74 -43.00 -111.14
CA ALA EB 393 85.75 -42.07 -110.03
C ALA EB 393 84.64 -41.03 -110.19
N PHE EB 394 83.98 -40.70 -109.07
CA PHE EB 394 82.95 -39.67 -109.02
C PHE EB 394 81.84 -39.93 -110.03
N LEU EB 395 81.72 -41.17 -110.49
CA LEU EB 395 80.89 -41.47 -111.64
C LEU EB 395 79.42 -41.55 -111.29
N HIS EB 396 79.09 -41.99 -110.07
CA HIS EB 396 77.69 -42.10 -109.67
C HIS EB 396 76.97 -40.77 -109.77
N TRP EB 397 77.67 -39.66 -109.53
CA TRP EB 397 77.06 -38.35 -109.69
C TRP EB 397 76.48 -38.19 -111.08
N TYR EB 398 77.22 -38.61 -112.10
CA TYR EB 398 76.78 -38.42 -113.47
C TYR EB 398 75.59 -39.32 -113.79
N THR EB 399 75.69 -40.60 -113.42
CA THR EB 399 74.56 -41.49 -113.60
C THR EB 399 73.34 -41.06 -112.79
N GLY EB 400 73.52 -40.22 -111.77
CA GLY EB 400 72.42 -39.75 -110.97
C GLY EB 400 71.44 -38.85 -111.69
N GLU EB 401 71.77 -38.42 -112.91
CA GLU EB 401 70.90 -37.56 -113.70
C GLU EB 401 70.53 -38.21 -115.03
N GLY EB 402 70.30 -39.53 -115.01
CA GLY EB 402 69.94 -40.25 -116.21
C GLY EB 402 71.06 -40.53 -117.18
N MET EB 403 72.27 -40.06 -116.90
CA MET EB 403 73.38 -40.28 -117.82
C MET EB 403 73.87 -41.73 -117.75
N ASP EB 404 74.54 -42.15 -118.82
CA ASP EB 404 75.12 -43.48 -118.91
C ASP EB 404 76.59 -43.39 -119.26
N GLU EB 405 77.25 -44.53 -119.48
CA GLU EB 405 78.68 -44.56 -119.71
C GLU EB 405 79.08 -44.36 -121.16
N MET EB 406 78.18 -44.65 -122.10
CA MET EB 406 78.51 -44.51 -123.51
C MET EB 406 78.91 -43.07 -123.83
N GLU EB 407 78.17 -42.10 -123.30
CA GLU EB 407 78.45 -40.69 -123.57
C GLU EB 407 79.88 -40.32 -123.20
N PHE EB 408 80.47 -41.01 -122.21
CA PHE EB 408 81.87 -40.78 -121.90
C PHE EB 408 82.78 -41.44 -122.93
N THR EB 409 82.40 -42.61 -123.42
CA THR EB 409 83.26 -43.33 -124.36
C THR EB 409 83.38 -42.57 -125.68
N GLU EB 410 82.26 -42.11 -126.24
CA GLU EB 410 82.32 -41.38 -127.50
C GLU EB 410 83.01 -40.03 -127.31
N ALA EB 411 82.67 -39.30 -126.26
CA ALA EB 411 83.35 -38.04 -125.97
C ALA EB 411 84.86 -38.24 -125.89
N GLU EB 412 85.29 -39.35 -125.28
CA GLU EB 412 86.71 -39.69 -125.30
C GLU EB 412 87.19 -39.93 -126.72
N SER EB 413 86.45 -40.74 -127.48
CA SER EB 413 86.87 -41.07 -128.84
C SER EB 413 86.96 -39.82 -129.71
N ASN EB 414 86.00 -38.89 -129.54
CA ASN EB 414 85.97 -37.71 -130.38
C ASN EB 414 87.23 -36.87 -130.19
N MET EB 415 87.68 -36.71 -128.95
CA MET EB 415 88.96 -36.05 -128.71
C MET EB 415 90.10 -36.84 -129.33
N ASN EB 416 90.05 -38.17 -129.21
CA ASN EB 416 91.10 -39.01 -129.79
C ASN EB 416 91.18 -38.83 -131.30
N ASP EB 417 90.03 -38.83 -131.97
CA ASP EB 417 90.03 -38.52 -133.40
C ASP EB 417 90.53 -37.11 -133.64
N LEU EB 418 90.02 -36.15 -132.86
CA LEU EB 418 90.43 -34.75 -133.02
C LEU EB 418 91.94 -34.61 -132.92
N VAL EB 419 92.51 -35.07 -131.80
CA VAL EB 419 93.96 -34.98 -131.63
C VAL EB 419 94.68 -35.77 -132.72
N SER EB 420 94.02 -36.81 -133.25
CA SER EB 420 94.60 -37.53 -134.37
C SER EB 420 94.68 -36.66 -135.62
N GLU EB 421 93.63 -35.87 -135.87
CA GLU EB 421 93.64 -34.97 -137.02
C GLU EB 421 94.77 -33.96 -136.91
N TYR EB 422 94.98 -33.38 -135.72
CA TYR EB 422 96.05 -32.43 -135.54
C TYR EB 422 97.42 -33.06 -135.70
N GLN EB 423 97.50 -34.39 -135.73
CA GLN EB 423 98.78 -35.04 -135.95
C GLN EB 423 99.10 -35.16 -137.43
N GLN EB 424 98.11 -35.53 -138.24
CA GLN EB 424 98.33 -35.74 -139.68
C GLN EB 424 98.97 -34.52 -140.32
N TYR EB 425 98.32 -33.37 -140.19
CA TYR EB 425 98.88 -32.15 -140.77
C TYR EB 425 100.07 -31.63 -139.99
N GLN EB 426 100.46 -32.31 -138.91
CA GLN EB 426 101.69 -32.02 -138.19
C GLN EB 426 102.69 -33.11 -138.60
N ASP EB 427 103.37 -32.87 -139.73
CA ASP EB 427 104.38 -33.79 -140.22
C ASP EB 427 105.74 -33.52 -139.61
N ALA EB 428 105.78 -32.88 -138.45
CA ALA EB 428 107.03 -32.54 -137.77
C ALA EB 428 107.90 -31.66 -138.65
N MET FB 1 20.45 -5.06 -90.17
CA MET FB 1 20.41 -5.57 -91.53
C MET FB 1 20.95 -6.99 -91.61
N ARG FB 2 22.12 -7.19 -91.02
CA ARG FB 2 22.76 -8.50 -90.98
C ARG FB 2 22.91 -8.86 -89.50
N GLU FB 3 21.87 -9.47 -88.93
CA GLU FB 3 21.82 -9.73 -87.50
C GLU FB 3 21.58 -11.21 -87.25
N VAL FB 4 22.02 -11.67 -86.08
CA VAL FB 4 21.84 -13.05 -85.66
C VAL FB 4 21.15 -13.09 -84.31
N ILE FB 5 20.54 -14.24 -84.02
CA ILE FB 5 19.87 -14.47 -82.74
C ILE FB 5 20.61 -15.61 -82.06
N SER FB 6 21.26 -15.32 -80.93
CA SER FB 6 22.14 -16.30 -80.28
C SER FB 6 21.47 -16.86 -79.03
N ILE FB 7 21.07 -18.13 -79.09
CA ILE FB 7 20.52 -18.79 -77.92
C ILE FB 7 21.64 -19.50 -77.16
N HIS FB 8 21.50 -19.56 -75.84
CA HIS FB 8 22.39 -20.38 -75.03
C HIS FB 8 21.51 -21.19 -74.09
N ILE FB 9 21.45 -22.51 -74.29
CA ILE FB 9 20.64 -23.39 -73.45
C ILE FB 9 21.58 -24.18 -72.57
N GLY FB 10 21.05 -24.73 -71.49
CA GLY FB 10 21.89 -25.53 -70.62
C GLY FB 10 22.91 -24.70 -69.87
N GLN FB 11 23.84 -25.39 -69.21
CA GLN FB 11 24.89 -24.70 -68.49
C GLN FB 11 26.08 -24.34 -69.36
N ALA FB 12 26.57 -25.29 -70.17
CA ALA FB 12 27.71 -25.01 -71.03
C ALA FB 12 27.37 -23.92 -72.03
N GLY FB 13 26.15 -23.94 -72.54
CA GLY FB 13 25.75 -22.90 -73.47
C GLY FB 13 25.90 -21.53 -72.87
N ILE FB 14 25.31 -21.32 -71.69
CA ILE FB 14 25.35 -19.99 -71.08
C ILE FB 14 26.66 -19.72 -70.36
N GLN FB 15 27.52 -20.72 -70.20
CA GLN FB 15 28.87 -20.43 -69.77
C GLN FB 15 29.72 -19.89 -70.90
N VAL FB 16 29.69 -20.57 -72.05
CA VAL FB 16 30.39 -20.07 -73.23
C VAL FB 16 29.82 -18.73 -73.67
N GLY FB 17 28.53 -18.50 -73.41
CA GLY FB 17 27.95 -17.21 -73.72
C GLY FB 17 28.54 -16.09 -72.89
N ASN FB 18 28.95 -16.40 -71.65
CA ASN FB 18 29.68 -15.39 -70.89
C ASN FB 18 30.88 -14.87 -71.67
N ALA FB 19 31.74 -15.76 -72.15
CA ALA FB 19 32.90 -15.34 -72.92
C ALA FB 19 32.48 -14.67 -74.22
N CYS FB 20 31.46 -15.20 -74.88
CA CYS FB 20 31.07 -14.68 -76.19
C CYS FB 20 30.60 -13.23 -76.07
N TRP FB 21 29.74 -12.96 -75.09
CA TRP FB 21 29.20 -11.62 -74.92
C TRP FB 21 30.11 -10.73 -74.12
N GLU FB 22 31.21 -11.26 -73.59
CA GLU FB 22 32.30 -10.38 -73.19
C GLU FB 22 33.19 -10.01 -74.36
N LEU FB 23 33.53 -10.98 -75.20
CA LEU FB 23 34.39 -10.71 -76.35
C LEU FB 23 33.75 -9.70 -77.27
N TYR FB 24 32.45 -9.84 -77.54
CA TYR FB 24 31.78 -8.92 -78.46
C TYR FB 24 31.76 -7.51 -77.90
N CYS FB 25 31.36 -7.35 -76.64
CA CYS FB 25 31.27 -6.02 -76.07
C CYS FB 25 32.64 -5.39 -75.95
N LEU FB 26 33.70 -6.22 -75.88
CA LEU FB 26 35.04 -5.65 -75.91
C LEU FB 26 35.50 -5.30 -77.32
N GLU FB 27 35.24 -6.17 -78.29
CA GLU FB 27 35.64 -5.95 -79.67
C GLU FB 27 34.98 -4.71 -80.26
N HIS FB 28 33.77 -4.40 -79.82
CA HIS FB 28 33.06 -3.22 -80.32
C HIS FB 28 33.13 -2.05 -79.35
N GLY FB 29 33.92 -2.15 -78.30
CA GLY FB 29 34.09 -1.05 -77.36
C GLY FB 29 32.93 -0.83 -76.42
N ILE FB 30 31.89 -1.67 -76.46
CA ILE FB 30 30.77 -1.50 -75.56
C ILE FB 30 31.22 -1.71 -74.13
N GLN FB 31 30.85 -0.79 -73.26
CA GLN FB 31 31.13 -0.95 -71.85
C GLN FB 31 30.21 -1.99 -71.24
N PRO FB 32 30.55 -2.52 -70.07
CA PRO FB 32 29.63 -3.46 -69.41
C PRO FB 32 28.28 -2.85 -69.08
N ASP FB 33 28.19 -1.52 -69.00
CA ASP FB 33 26.92 -0.85 -68.70
C ASP FB 33 26.19 -0.43 -69.96
N GLY FB 34 26.00 -1.35 -70.90
CA GLY FB 34 25.08 -1.12 -72.00
C GLY FB 34 25.60 -0.20 -73.09
N GLN FB 35 26.19 0.93 -72.71
CA GLN FB 35 26.52 1.99 -73.65
C GLN FB 35 28.02 2.13 -73.82
N MET FB 36 28.44 2.47 -75.03
CA MET FB 36 29.81 2.80 -75.29
C MET FB 36 30.04 4.30 -75.09
N PRO FB 37 31.26 4.71 -74.77
CA PRO FB 37 31.52 6.14 -74.59
C PRO FB 37 31.34 6.92 -75.88
N SER FB 38 31.42 8.25 -75.79
CA SER FB 38 31.24 9.09 -76.97
C SER FB 38 32.46 9.14 -77.87
N ASP FB 39 33.63 8.77 -77.36
CA ASP FB 39 34.84 8.84 -78.16
C ASP FB 39 34.84 7.78 -79.26
N LYS FB 40 34.52 6.54 -78.90
CA LYS FB 40 34.60 5.43 -79.84
C LYS FB 40 33.73 5.64 -81.08
N THR FB 41 32.79 6.55 -81.03
CA THR FB 41 31.98 6.84 -82.22
C THR FB 41 32.85 7.39 -83.33
N ILE FB 42 32.54 6.99 -84.55
CA ILE FB 42 33.21 7.50 -85.75
C ILE FB 42 32.14 8.16 -86.60
N GLY FB 43 31.95 9.47 -86.43
CA GLY FB 43 30.98 10.21 -87.20
C GLY FB 43 29.63 9.53 -87.25
N GLY FB 44 29.22 9.12 -88.45
CA GLY FB 44 28.02 8.31 -88.60
C GLY FB 44 28.37 6.90 -89.05
N GLY FB 45 28.22 5.93 -88.15
CA GLY FB 45 28.56 4.56 -88.48
C GLY FB 45 27.72 3.54 -87.76
N ASP FB 46 27.32 2.48 -88.46
CA ASP FB 46 26.49 1.43 -87.88
C ASP FB 46 26.96 0.11 -88.48
N ASP FB 47 26.17 -0.94 -88.24
CA ASP FB 47 26.41 -2.28 -88.74
C ASP FB 47 27.69 -2.88 -88.18
N ALA FB 48 28.39 -2.12 -87.34
CA ALA FB 48 29.52 -2.66 -86.62
C ALA FB 48 29.10 -3.45 -85.39
N PHE FB 49 27.96 -3.10 -84.80
CA PHE FB 49 27.36 -3.84 -83.71
C PHE FB 49 25.94 -4.27 -84.01
N ASN FB 50 25.30 -3.69 -85.02
CA ASN FB 50 23.92 -4.04 -85.36
C ASN FB 50 23.72 -5.55 -85.40
N THR FB 51 24.75 -6.27 -85.86
CA THR FB 51 24.68 -7.73 -85.96
C THR FB 51 24.51 -8.38 -84.59
N PHE FB 52 25.06 -7.78 -83.54
CA PHE FB 52 25.11 -8.40 -82.22
C PHE FB 52 24.45 -7.54 -81.16
N PHE FB 53 23.79 -6.46 -81.54
CA PHE FB 53 23.19 -5.56 -80.56
C PHE FB 53 21.97 -4.90 -81.18
N SER FB 54 21.20 -4.25 -80.32
CA SER FB 54 20.22 -3.28 -80.77
C SER FB 54 20.43 -2.04 -79.93
N GLU FB 55 20.62 -0.90 -80.59
CA GLU FB 55 20.73 0.35 -79.87
C GLU FB 55 19.36 0.81 -79.41
N THR FB 56 19.27 1.20 -78.14
CA THR FB 56 18.01 1.60 -77.56
C THR FB 56 17.66 3.02 -78.04
N GLY FB 57 16.63 3.62 -77.44
CA GLY FB 57 16.29 4.98 -77.78
C GLY FB 57 17.36 5.99 -77.42
N ALA FB 58 18.20 5.68 -76.43
CA ALA FB 58 19.25 6.60 -76.03
C ALA FB 58 20.33 5.84 -75.28
N GLY FB 59 21.51 5.71 -75.88
CA GLY FB 59 22.67 5.24 -75.17
C GLY FB 59 22.91 3.74 -75.17
N LYS FB 60 22.08 3.01 -74.45
CA LYS FB 60 22.34 1.60 -74.19
C LYS FB 60 22.33 0.76 -75.48
N HIS FB 61 23.18 -0.25 -75.50
CA HIS FB 61 23.15 -1.31 -76.51
C HIS FB 61 22.76 -2.60 -75.81
N VAL FB 62 21.60 -3.14 -76.13
CA VAL FB 62 21.21 -4.40 -75.50
C VAL FB 62 21.52 -5.54 -76.46
N PRO FB 63 22.19 -6.60 -75.98
CA PRO FB 63 22.57 -7.69 -76.87
C PRO FB 63 21.36 -8.52 -77.28
N ARG FB 64 21.34 -8.90 -78.55
CA ARG FB 64 20.24 -9.69 -79.12
C ARG FB 64 20.51 -11.17 -78.88
N CYS FB 65 20.40 -11.56 -77.61
CA CYS FB 65 20.69 -12.93 -77.20
C CYS FB 65 19.59 -13.45 -76.28
N ILE FB 66 19.69 -14.74 -75.98
CA ILE FB 66 18.81 -15.38 -75.01
C ILE FB 66 19.63 -16.34 -74.17
N PHE FB 67 19.39 -16.34 -72.86
CA PHE FB 67 20.03 -17.24 -71.90
C PHE FB 67 18.95 -18.06 -71.24
N LEU FB 68 18.70 -19.28 -71.74
CA LEU FB 68 17.63 -20.09 -71.19
C LEU FB 68 18.25 -21.17 -70.31
N ASP FB 69 17.65 -21.40 -69.13
CA ASP FB 69 18.19 -22.44 -68.27
C ASP FB 69 17.11 -22.87 -67.29
N LEU FB 70 17.22 -24.10 -66.81
CA LEU FB 70 16.31 -24.62 -65.82
C LEU FB 70 16.89 -24.62 -64.42
N GLU FB 71 18.21 -24.60 -64.29
CA GLU FB 71 18.85 -24.46 -62.99
C GLU FB 71 18.93 -22.97 -62.68
N PRO FB 72 18.34 -22.51 -61.58
CA PRO FB 72 18.34 -21.06 -61.32
C PRO FB 72 19.72 -20.50 -61.09
N THR FB 73 20.71 -21.34 -60.77
CA THR FB 73 21.91 -20.86 -60.09
C THR FB 73 22.87 -20.17 -61.02
N VAL FB 74 22.88 -20.51 -62.31
CA VAL FB 74 23.81 -19.85 -63.22
C VAL FB 74 23.20 -18.57 -63.78
N VAL FB 75 21.90 -18.59 -64.08
CA VAL FB 75 21.27 -17.34 -64.45
C VAL FB 75 21.32 -16.35 -63.30
N ASP FB 76 21.32 -16.83 -62.04
CA ASP FB 76 21.46 -15.89 -60.94
C ASP FB 76 22.87 -15.32 -60.85
N GLU FB 77 23.89 -16.16 -61.09
CA GLU FB 77 25.25 -15.65 -61.14
C GLU FB 77 25.40 -14.61 -62.24
N VAL FB 78 24.75 -14.83 -63.37
CA VAL FB 78 24.80 -13.85 -64.45
C VAL FB 78 24.09 -12.56 -64.03
N ARG FB 79 22.88 -12.67 -63.48
CA ARG FB 79 22.14 -11.50 -63.00
C ARG FB 79 22.91 -10.70 -61.98
N THR FB 80 23.72 -11.35 -61.16
CA THR FB 80 24.49 -10.62 -60.16
C THR FB 80 25.90 -10.24 -60.61
N GLY FB 81 26.39 -10.80 -61.72
CA GLY FB 81 27.73 -10.50 -62.17
C GLY FB 81 27.89 -9.09 -62.71
N THR FB 82 29.09 -8.85 -63.25
CA THR FB 82 29.39 -7.53 -63.80
C THR FB 82 28.63 -7.25 -65.09
N TYR FB 83 28.31 -8.28 -65.86
CA TYR FB 83 27.57 -8.09 -67.09
C TYR FB 83 26.07 -8.27 -66.84
N ARG FB 84 25.55 -7.44 -65.93
CA ARG FB 84 24.13 -7.42 -65.62
C ARG FB 84 23.43 -6.16 -66.11
N GLN FB 85 24.15 -5.05 -66.22
CA GLN FB 85 23.58 -3.87 -66.85
C GLN FB 85 23.36 -4.06 -68.34
N LEU FB 86 24.02 -5.05 -68.93
CA LEU FB 86 23.83 -5.32 -70.36
C LEU FB 86 22.46 -5.93 -70.62
N PHE FB 87 22.17 -7.05 -70.00
CA PHE FB 87 20.97 -7.81 -70.31
C PHE FB 87 19.77 -7.20 -69.63
N HIS FB 88 18.70 -6.98 -70.38
CA HIS FB 88 17.43 -6.69 -69.77
C HIS FB 88 16.94 -7.94 -69.06
N PRO FB 89 16.53 -7.84 -67.78
CA PRO FB 89 16.24 -9.04 -67.00
C PRO FB 89 15.31 -10.04 -67.68
N GLU FB 90 14.41 -9.59 -68.55
CA GLU FB 90 13.51 -10.52 -69.19
C GLU FB 90 14.18 -11.41 -70.23
N GLN FB 91 15.46 -11.18 -70.53
CA GLN FB 91 16.17 -12.08 -71.43
C GLN FB 91 16.48 -13.40 -70.73
N LEU FB 92 17.07 -13.33 -69.55
CA LEU FB 92 17.55 -14.51 -68.83
C LEU FB 92 16.37 -15.29 -68.28
N ILE FB 93 16.04 -16.40 -68.93
CA ILE FB 93 14.90 -17.22 -68.54
C ILE FB 93 15.41 -18.33 -67.63
N SER FB 94 14.72 -18.54 -66.53
CA SER FB 94 15.14 -19.48 -65.51
C SER FB 94 13.99 -20.45 -65.22
N GLY FB 95 14.15 -21.25 -64.18
CA GLY FB 95 13.13 -22.19 -63.78
C GLY FB 95 13.41 -22.69 -62.37
N LYS FB 96 12.34 -22.97 -61.64
CA LYS FB 96 12.49 -23.42 -60.26
C LYS FB 96 13.24 -24.73 -60.17
N GLU FB 97 13.14 -25.58 -61.19
CA GLU FB 97 13.62 -26.95 -61.12
C GLU FB 97 14.40 -27.28 -62.39
N ASP FB 98 15.40 -28.15 -62.24
CA ASP FB 98 16.26 -28.56 -63.33
C ASP FB 98 15.79 -29.89 -63.92
N ALA FB 99 16.47 -30.31 -64.99
CA ALA FB 99 16.16 -31.57 -65.64
C ALA FB 99 16.88 -32.75 -65.02
N ALA FB 100 18.01 -32.50 -64.36
CA ALA FB 100 18.76 -33.54 -63.65
C ALA FB 100 19.22 -34.64 -64.61
N ASN FB 101 19.79 -34.21 -65.74
CA ASN FB 101 20.39 -35.12 -66.72
C ASN FB 101 19.40 -36.16 -67.25
N ASN FB 102 18.12 -35.81 -67.29
CA ASN FB 102 17.10 -36.68 -67.84
C ASN FB 102 16.55 -36.05 -69.11
N PHE FB 103 16.74 -36.75 -70.24
CA PHE FB 103 16.19 -36.24 -71.49
C PHE FB 103 14.68 -36.19 -71.43
N ALA FB 104 14.05 -37.13 -70.72
CA ALA FB 104 12.61 -37.07 -70.57
C ALA FB 104 12.18 -35.82 -69.82
N ARG FB 105 12.80 -35.56 -68.67
CA ARG FB 105 12.45 -34.35 -67.92
C ARG FB 105 12.71 -33.10 -68.74
N GLY FB 106 13.69 -33.14 -69.63
CA GLY FB 106 13.94 -31.99 -70.49
C GLY FB 106 12.94 -31.82 -71.61
N HIS FB 107 12.52 -32.92 -72.24
CA HIS FB 107 11.74 -32.85 -73.47
C HIS FB 107 10.25 -33.06 -73.30
N TYR FB 108 9.78 -33.72 -72.25
CA TYR FB 108 8.38 -34.08 -72.13
C TYR FB 108 7.67 -33.43 -70.95
N THR FB 109 8.38 -33.08 -69.88
CA THR FB 109 7.73 -32.70 -68.63
C THR FB 109 7.91 -31.22 -68.31
N ILE FB 110 9.14 -30.71 -68.34
CA ILE FB 110 9.43 -29.41 -67.76
C ILE FB 110 9.59 -28.36 -68.84
N GLY FB 111 10.25 -28.71 -69.93
CA GLY FB 111 10.43 -27.75 -71.00
C GLY FB 111 9.14 -27.47 -71.76
N LYS FB 112 8.18 -28.39 -71.68
CA LYS FB 112 6.91 -28.22 -72.40
C LYS FB 112 6.15 -27.00 -71.91
N GLU FB 113 6.46 -26.52 -70.70
CA GLU FB 113 5.74 -25.40 -70.11
C GLU FB 113 6.52 -24.10 -70.15
N ILE FB 114 7.72 -24.09 -70.73
CA ILE FB 114 8.48 -22.86 -70.81
C ILE FB 114 8.88 -22.56 -72.24
N VAL FB 115 8.69 -23.54 -73.14
CA VAL FB 115 8.89 -23.22 -74.56
C VAL FB 115 7.96 -22.10 -75.00
N ASP FB 116 6.77 -22.00 -74.41
CA ASP FB 116 5.85 -20.95 -74.81
C ASP FB 116 6.44 -19.57 -74.54
N LEU FB 117 7.01 -19.35 -73.37
CA LEU FB 117 7.61 -18.04 -73.14
C LEU FB 117 8.93 -17.89 -73.89
N ALA FB 118 9.67 -18.98 -74.12
CA ALA FB 118 10.86 -18.89 -74.95
C ALA FB 118 10.51 -18.44 -76.36
N LEU FB 119 9.49 -19.06 -76.96
CA LEU FB 119 9.04 -18.68 -78.29
C LEU FB 119 8.49 -17.26 -78.31
N ASP FB 120 7.83 -16.81 -77.24
CA ASP FB 120 7.38 -15.42 -77.24
C ASP FB 120 8.56 -14.45 -77.17
N ARG FB 121 9.57 -14.77 -76.36
CA ARG FB 121 10.77 -13.93 -76.34
C ARG FB 121 11.43 -13.92 -77.71
N ILE FB 122 11.48 -15.08 -78.37
CA ILE FB 122 12.09 -15.16 -79.69
C ILE FB 122 11.29 -14.36 -80.72
N ARG FB 123 9.95 -14.45 -80.64
CA ARG FB 123 9.10 -13.63 -81.48
C ARG FB 123 9.42 -12.16 -81.33
N LYS FB 124 9.43 -11.69 -80.09
CA LYS FB 124 9.71 -10.28 -79.83
C LYS FB 124 11.10 -9.88 -80.25
N LEU FB 125 12.05 -10.80 -80.19
CA LEU FB 125 13.41 -10.48 -80.59
C LEU FB 125 13.66 -10.61 -82.09
N ALA FB 126 12.91 -11.46 -82.79
CA ALA FB 126 13.16 -11.61 -84.21
C ALA FB 126 12.35 -10.67 -85.06
N ASP FB 127 11.21 -10.17 -84.56
CA ASP FB 127 10.53 -9.10 -85.29
C ASP FB 127 11.37 -7.84 -85.31
N ASN FB 128 12.23 -7.66 -84.32
CA ASN FB 128 13.11 -6.51 -84.27
C ASN FB 128 14.18 -6.54 -85.35
N CYS FB 129 14.45 -7.72 -85.91
CA CYS FB 129 15.50 -7.89 -86.90
C CYS FB 129 14.95 -7.74 -88.31
N THR FB 130 15.49 -6.80 -89.08
CA THR FB 130 15.04 -6.63 -90.46
C THR FB 130 15.51 -7.78 -91.33
N GLY FB 131 16.81 -7.96 -91.47
CA GLY FB 131 17.35 -9.10 -92.18
C GLY FB 131 17.97 -10.10 -91.23
N LEU FB 132 17.26 -11.20 -90.97
CA LEU FB 132 17.72 -12.18 -90.00
C LEU FB 132 18.59 -13.20 -90.71
N GLN FB 133 19.90 -13.16 -90.44
CA GLN FB 133 20.80 -14.11 -91.05
C GLN FB 133 20.55 -15.51 -90.50
N GLY FB 134 20.37 -15.63 -89.18
CA GLY FB 134 19.98 -16.89 -88.63
C GLY FB 134 20.03 -17.00 -87.12
N PHE FB 135 19.52 -18.11 -86.62
CA PHE FB 135 19.69 -18.48 -85.23
C PHE FB 135 20.97 -19.29 -85.06
N LEU FB 136 21.70 -18.94 -84.01
CA LEU FB 136 22.88 -19.68 -83.57
C LEU FB 136 22.55 -20.30 -82.21
N VAL FB 137 22.42 -21.59 -82.21
CA VAL FB 137 22.14 -22.33 -80.99
C VAL FB 137 23.44 -22.71 -80.32
N PHE FB 138 23.45 -22.60 -78.99
CA PHE FB 138 24.54 -23.08 -78.14
C PHE FB 138 23.90 -24.10 -77.22
N ASN FB 139 23.81 -25.33 -77.72
CA ASN FB 139 23.38 -26.49 -76.98
C ASN FB 139 24.56 -27.10 -76.25
N ALA FB 140 24.27 -28.09 -75.41
CA ALA FB 140 25.31 -28.90 -74.76
C ALA FB 140 24.75 -30.30 -74.58
N VAL FB 141 24.95 -31.14 -75.59
CA VAL FB 141 24.49 -32.52 -75.51
C VAL FB 141 25.19 -33.22 -74.36
N GLY FB 142 24.45 -34.02 -73.63
CA GLY FB 142 24.96 -34.69 -72.45
C GLY FB 142 24.41 -34.20 -71.14
N GLY FB 143 23.56 -33.17 -71.16
CA GLY FB 143 22.86 -32.75 -69.96
C GLY FB 143 21.36 -32.75 -70.21
N GLY FB 144 20.62 -32.72 -69.11
CA GLY FB 144 19.17 -32.88 -69.23
C GLY FB 144 18.53 -31.71 -69.95
N THR FB 145 18.77 -30.49 -69.44
CA THR FB 145 18.29 -29.31 -70.12
C THR FB 145 18.66 -29.36 -71.60
N GLY FB 146 19.94 -29.23 -71.90
CA GLY FB 146 20.38 -29.24 -73.28
C GLY FB 146 19.65 -30.26 -74.12
N SER FB 147 19.83 -31.55 -73.80
CA SER FB 147 19.21 -32.63 -74.56
C SER FB 147 17.73 -32.41 -74.81
N GLY FB 148 16.92 -32.16 -73.77
CA GLY FB 148 15.48 -32.10 -74.00
C GLY FB 148 15.03 -30.78 -74.56
N LEU FB 149 15.51 -29.68 -73.99
CA LEU FB 149 15.12 -28.36 -74.45
C LEU FB 149 15.57 -28.14 -75.89
N GLY FB 150 16.87 -28.10 -76.17
CA GLY FB 150 17.28 -27.77 -77.51
C GLY FB 150 16.50 -28.53 -78.55
N SER FB 151 16.19 -29.80 -78.26
CA SER FB 151 15.38 -30.60 -79.16
C SER FB 151 13.96 -30.06 -79.30
N LEU FB 152 13.26 -29.82 -78.18
CA LEU FB 152 11.89 -29.31 -78.25
C LEU FB 152 11.86 -27.92 -78.86
N LEU FB 153 12.85 -27.12 -78.51
CA LEU FB 153 13.05 -25.79 -79.11
C LEU FB 153 13.16 -25.87 -80.62
N LEU FB 154 14.03 -26.75 -81.13
CA LEU FB 154 14.23 -26.83 -82.58
C LEU FB 154 13.01 -27.37 -83.29
N GLU FB 155 12.27 -28.28 -82.64
CA GLU FB 155 11.01 -28.73 -83.23
C GLU FB 155 10.06 -27.56 -83.42
N ARG FB 156 9.87 -26.77 -82.37
CA ARG FB 156 9.01 -25.59 -82.49
C ARG FB 156 9.57 -24.60 -83.49
N LEU FB 157 10.89 -24.42 -83.52
CA LEU FB 157 11.47 -23.44 -84.42
C LEU FB 157 11.28 -23.86 -85.87
N SER FB 158 11.41 -25.14 -86.17
CA SER FB 158 11.20 -25.62 -87.52
C SER FB 158 9.74 -25.60 -87.91
N VAL FB 159 8.83 -25.87 -86.96
CA VAL FB 159 7.42 -25.79 -87.33
C VAL FB 159 6.99 -24.34 -87.51
N ASP FB 160 7.70 -23.41 -86.89
CA ASP FB 160 7.42 -22.00 -87.14
C ASP FB 160 8.03 -21.52 -88.46
N TYR FB 161 9.36 -21.54 -88.56
CA TYR FB 161 10.03 -21.01 -89.75
C TYR FB 161 10.25 -22.07 -90.81
N GLY FB 162 10.99 -23.12 -90.47
CA GLY FB 162 11.35 -24.13 -91.45
C GLY FB 162 12.44 -23.67 -92.40
N LYS FB 163 12.09 -22.76 -93.30
CA LYS FB 163 13.05 -22.29 -94.30
C LYS FB 163 14.24 -21.59 -93.66
N LYS FB 164 14.03 -20.90 -92.55
CA LYS FB 164 15.14 -20.23 -91.88
C LYS FB 164 16.18 -21.25 -91.44
N SER FB 165 17.44 -20.81 -91.43
CA SER FB 165 18.57 -21.70 -91.18
C SER FB 165 19.00 -21.61 -89.71
N LYS FB 166 19.25 -22.77 -89.12
CA LYS FB 166 19.71 -22.88 -87.74
C LYS FB 166 21.11 -23.47 -87.76
N LEU FB 167 22.08 -22.74 -87.19
CA LEU FB 167 23.39 -23.31 -86.96
C LEU FB 167 23.59 -23.57 -85.48
N GLY FB 168 24.11 -24.74 -85.17
CA GLY FB 168 24.32 -25.13 -83.79
C GLY FB 168 25.77 -25.35 -83.50
N PHE FB 169 26.20 -25.01 -82.28
CA PHE FB 169 27.55 -25.27 -81.80
C PHE FB 169 27.42 -26.16 -80.58
N THR FB 170 27.38 -27.47 -80.78
CA THR FB 170 27.16 -28.41 -79.70
C THR FB 170 28.50 -28.96 -79.20
N VAL FB 171 28.60 -29.11 -77.87
CA VAL FB 171 29.62 -29.97 -77.30
C VAL FB 171 29.13 -31.41 -77.30
N TYR FB 172 30.00 -32.28 -77.58
CA TYR FB 172 29.67 -33.69 -77.72
C TYR FB 172 30.36 -34.50 -76.62
N PRO FB 173 29.72 -35.55 -76.11
CA PRO FB 173 30.36 -36.36 -75.06
C PRO FB 173 31.70 -36.91 -75.54
N SER FB 174 32.77 -36.44 -74.93
CA SER FB 174 34.09 -36.92 -75.29
C SER FB 174 34.20 -38.41 -75.00
N PRO FB 175 34.90 -39.18 -75.83
CA PRO FB 175 34.93 -40.64 -75.60
C PRO FB 175 35.58 -41.03 -74.30
N GLN FB 176 36.75 -40.46 -74.01
CA GLN FB 176 37.45 -40.82 -72.77
C GLN FB 176 36.91 -40.05 -71.57
N VAL FB 177 37.03 -38.73 -71.59
CA VAL FB 177 36.59 -37.91 -70.47
C VAL FB 177 35.09 -37.70 -70.57
N SER FB 178 34.36 -38.16 -69.56
CA SER FB 178 32.91 -38.02 -69.53
C SER FB 178 32.48 -37.84 -68.08
N THR FB 179 31.70 -36.80 -67.80
CA THR FB 179 31.28 -36.49 -66.44
C THR FB 179 29.83 -36.89 -66.19
N ALA FB 180 29.34 -37.86 -66.97
CA ALA FB 180 28.02 -38.43 -66.75
C ALA FB 180 28.11 -39.94 -66.89
N VAL FB 181 27.04 -40.61 -66.49
CA VAL FB 181 26.95 -42.05 -66.59
C VAL FB 181 25.85 -42.51 -67.54
N VAL FB 182 24.85 -41.68 -67.79
CA VAL FB 182 23.73 -42.03 -68.65
C VAL FB 182 23.75 -41.25 -69.96
N GLU FB 183 24.73 -40.36 -70.14
CA GLU FB 183 24.76 -39.41 -71.23
C GLU FB 183 24.72 -40.02 -72.63
N PRO FB 184 25.18 -41.26 -72.87
CA PRO FB 184 24.90 -41.87 -74.17
C PRO FB 184 23.44 -41.92 -74.52
N TYR FB 185 22.60 -42.23 -73.53
CA TYR FB 185 21.16 -42.23 -73.74
C TYR FB 185 20.71 -40.90 -74.32
N ASN FB 186 21.02 -39.80 -73.63
CA ASN FB 186 20.44 -38.53 -74.04
C ASN FB 186 21.07 -38.04 -75.34
N SER FB 187 22.34 -38.39 -75.60
CA SER FB 187 22.93 -38.04 -76.89
C SER FB 187 22.19 -38.72 -78.04
N VAL FB 188 21.98 -40.03 -77.91
CA VAL FB 188 21.24 -40.76 -78.94
C VAL FB 188 19.86 -40.17 -79.12
N LEU FB 189 19.22 -39.81 -78.01
CA LEU FB 189 17.86 -39.30 -78.09
C LEU FB 189 17.81 -37.91 -78.73
N SER FB 190 18.83 -37.09 -78.47
CA SER FB 190 18.83 -35.73 -79.02
C SER FB 190 19.12 -35.73 -80.51
N THR FB 191 19.94 -36.68 -80.98
CA THR FB 191 20.36 -36.65 -82.38
C THR FB 191 19.20 -36.84 -83.34
N HIS FB 192 18.31 -37.80 -83.04
CA HIS FB 192 17.20 -38.07 -83.96
C HIS FB 192 16.36 -36.82 -84.19
N SER FB 193 16.16 -36.04 -83.14
CA SER FB 193 15.34 -34.86 -83.27
C SER FB 193 16.11 -33.69 -83.87
N LEU FB 194 17.43 -33.59 -83.61
CA LEU FB 194 18.14 -32.42 -84.11
C LEU FB 194 18.46 -32.56 -85.60
N LEU FB 195 18.93 -33.72 -86.04
CA LEU FB 195 19.29 -33.89 -87.44
C LEU FB 195 18.17 -33.43 -88.36
N GLU FB 196 16.95 -33.86 -88.09
CA GLU FB 196 15.82 -33.54 -88.96
C GLU FB 196 15.45 -32.06 -88.94
N HIS FB 197 15.89 -31.30 -87.94
CA HIS FB 197 15.42 -29.93 -87.76
C HIS FB 197 16.49 -28.88 -88.00
N THR FB 198 17.63 -28.98 -87.32
CA THR FB 198 18.70 -28.04 -87.55
C THR FB 198 19.19 -28.13 -89.00
N ASP FB 199 19.83 -27.06 -89.45
CA ASP FB 199 20.31 -27.00 -90.84
C ASP FB 199 21.82 -27.17 -90.96
N VAL FB 200 22.61 -26.66 -90.02
CA VAL FB 200 24.04 -26.95 -89.94
C VAL FB 200 24.38 -27.10 -88.46
N ALA FB 201 25.30 -28.00 -88.14
CA ALA FB 201 25.61 -28.31 -86.75
C ALA FB 201 27.10 -28.66 -86.62
N VAL FB 202 27.89 -27.70 -86.11
CA VAL FB 202 29.27 -28.03 -85.79
C VAL FB 202 29.30 -28.91 -84.55
N MET FB 203 30.43 -29.53 -84.31
CA MET FB 203 30.59 -30.40 -83.15
C MET FB 203 31.97 -30.19 -82.56
N LEU FB 204 32.03 -30.17 -81.23
CA LEU FB 204 33.33 -30.08 -80.59
C LEU FB 204 33.25 -30.73 -79.22
N ASP FB 205 34.40 -31.03 -78.64
CA ASP FB 205 34.42 -31.69 -77.34
C ASP FB 205 35.53 -31.11 -76.47
N ASN FB 206 35.39 -31.31 -75.17
CA ASN FB 206 36.32 -30.68 -74.24
C ASN FB 206 37.70 -31.31 -74.30
N GLU FB 207 37.78 -32.59 -74.69
CA GLU FB 207 39.05 -33.31 -74.68
C GLU FB 207 40.05 -32.68 -75.64
N ALA FB 208 39.62 -32.50 -76.89
CA ALA FB 208 40.52 -31.92 -77.89
C ALA FB 208 40.99 -30.54 -77.48
N ILE FB 209 40.12 -29.75 -76.86
CA ILE FB 209 40.50 -28.39 -76.52
C ILE FB 209 41.38 -28.34 -75.29
N TYR FB 210 41.19 -29.25 -74.32
CA TYR FB 210 42.18 -29.44 -73.26
C TYR FB 210 43.55 -29.72 -73.85
N ASP FB 211 43.58 -30.64 -74.82
CA ASP FB 211 44.86 -31.01 -75.43
C ASP FB 211 45.49 -29.83 -76.14
N ILE FB 212 44.67 -29.06 -76.84
CA ILE FB 212 45.15 -27.89 -77.57
C ILE FB 212 45.78 -26.88 -76.62
N CYS FB 213 45.08 -26.57 -75.53
CA CYS FB 213 45.60 -25.62 -74.54
C CYS FB 213 46.84 -26.17 -73.85
N ARG FB 214 46.96 -27.49 -73.73
CA ARG FB 214 48.19 -28.07 -73.19
C ARG FB 214 49.36 -27.94 -74.17
N ARG FB 215 49.16 -28.39 -75.41
CA ARG FB 215 50.19 -28.35 -76.44
C ARG FB 215 50.67 -26.93 -76.69
N SER FB 216 49.77 -26.07 -77.19
CA SER FB 216 50.20 -24.79 -77.74
C SER FB 216 50.46 -23.76 -76.64
N LEU FB 217 49.42 -23.41 -75.87
CA LEU FB 217 49.57 -22.34 -74.90
C LEU FB 217 50.38 -22.75 -73.69
N ASP FB 218 50.53 -24.05 -73.46
CA ASP FB 218 51.28 -24.60 -72.33
C ASP FB 218 50.70 -24.06 -71.00
N ILE FB 219 49.48 -24.52 -70.73
CA ILE FB 219 48.80 -24.24 -69.47
C ILE FB 219 48.50 -25.58 -68.81
N GLU FB 220 49.18 -25.84 -67.69
CA GLU FB 220 48.95 -27.06 -66.91
C GLU FB 220 47.69 -26.99 -66.06
N ARG FB 221 47.01 -25.84 -66.01
CA ARG FB 221 45.84 -25.64 -65.15
C ARG FB 221 44.68 -25.11 -65.98
N PRO FB 222 44.16 -25.90 -66.90
CA PRO FB 222 43.01 -25.43 -67.69
C PRO FB 222 41.71 -25.62 -66.94
N THR FB 223 40.79 -24.68 -67.14
CA THR FB 223 39.44 -24.78 -66.61
C THR FB 223 38.46 -24.51 -67.74
N TYR FB 224 37.17 -24.53 -67.39
CA TYR FB 224 36.13 -24.38 -68.41
C TYR FB 224 36.16 -22.99 -69.05
N THR FB 225 36.66 -21.99 -68.33
CA THR FB 225 36.73 -20.67 -68.93
C THR FB 225 37.75 -20.62 -70.06
N ASN FB 226 38.79 -21.46 -70.01
CA ASN FB 226 39.75 -21.49 -71.10
C ASN FB 226 39.13 -22.04 -72.37
N LEU FB 227 38.26 -23.04 -72.23
CA LEU FB 227 37.60 -23.57 -73.41
C LEU FB 227 36.58 -22.58 -73.94
N ASN FB 228 35.89 -21.88 -73.03
CA ASN FB 228 34.91 -20.86 -73.43
C ASN FB 228 35.57 -19.75 -74.24
N ARG FB 229 36.77 -19.34 -73.83
CA ARG FB 229 37.47 -18.28 -74.55
C ARG FB 229 37.77 -18.69 -76.00
N LEU FB 230 38.20 -19.92 -76.21
CA LEU FB 230 38.48 -20.39 -77.57
C LEU FB 230 37.20 -20.48 -78.39
N ILE FB 231 36.11 -20.93 -77.76
CA ILE FB 231 34.85 -21.00 -78.51
C ILE FB 231 34.41 -19.61 -78.94
N ALA FB 232 34.60 -18.63 -78.05
CA ALA FB 232 34.22 -17.26 -78.38
C ALA FB 232 35.10 -16.72 -79.50
N GLN FB 233 36.39 -17.06 -79.47
CA GLN FB 233 37.28 -16.62 -80.54
C GLN FB 233 36.88 -17.20 -81.89
N VAL FB 234 36.54 -18.49 -81.91
CA VAL FB 234 36.08 -19.14 -83.14
C VAL FB 234 34.85 -18.44 -83.68
N ILE FB 235 33.90 -18.13 -82.79
CA ILE FB 235 32.66 -17.53 -83.26
C ILE FB 235 32.88 -16.09 -83.71
N SER FB 236 33.79 -15.38 -83.07
CA SER FB 236 34.11 -14.03 -83.54
C SER FB 236 34.73 -14.09 -84.92
N SER FB 237 35.64 -15.03 -85.15
CA SER FB 237 36.25 -15.17 -86.47
C SER FB 237 35.22 -15.56 -87.52
N LEU FB 238 34.22 -16.34 -87.13
CA LEU FB 238 33.17 -16.71 -88.08
C LEU FB 238 32.30 -15.52 -88.43
N THR FB 239 31.79 -14.79 -87.43
CA THR FB 239 30.83 -13.71 -87.66
C THR FB 239 31.50 -12.39 -88.03
N ALA FB 240 32.82 -12.37 -88.08
CA ALA FB 240 33.50 -11.26 -88.72
C ALA FB 240 32.90 -10.89 -90.07
N SER FB 241 32.90 -11.80 -91.05
CA SER FB 241 32.47 -11.44 -92.41
C SER FB 241 31.08 -10.81 -92.43
N LEU FB 242 30.21 -11.18 -91.49
CA LEU FB 242 28.93 -10.50 -91.38
C LEU FB 242 29.09 -9.08 -90.86
N ARG FB 243 29.94 -8.88 -89.85
CA ARG FB 243 29.97 -7.56 -89.21
C ARG FB 243 31.16 -6.70 -89.62
N PHE FB 244 31.91 -7.08 -90.64
CA PHE FB 244 33.06 -6.30 -91.05
C PHE FB 244 33.24 -6.37 -92.55
N ASP FB 245 34.21 -5.60 -93.03
CA ASP FB 245 34.52 -5.50 -94.45
C ASP FB 245 35.72 -6.38 -94.78
N GLY FB 246 36.08 -6.43 -96.05
CA GLY FB 246 37.19 -7.24 -96.49
C GLY FB 246 36.89 -8.02 -97.74
N ALA FB 247 37.91 -8.38 -98.50
CA ALA FB 247 37.71 -9.16 -99.72
C ALA FB 247 37.07 -10.51 -99.38
N LEU FB 248 36.23 -10.98 -100.30
CA LEU FB 248 35.57 -12.28 -100.18
C LEU FB 248 34.74 -12.35 -98.89
N ASN FB 249 33.73 -11.51 -98.81
CA ASN FB 249 32.80 -11.55 -97.68
C ASN FB 249 32.08 -12.90 -97.67
N VAL FB 250 31.54 -13.25 -96.49
CA VAL FB 250 30.91 -14.53 -96.26
C VAL FB 250 29.59 -14.32 -95.54
N ASP FB 251 28.51 -14.82 -96.11
CA ASP FB 251 27.20 -14.79 -95.47
C ASP FB 251 26.69 -16.22 -95.27
N ILE FB 252 25.93 -16.39 -94.19
CA ILE FB 252 25.50 -17.72 -93.75
C ILE FB 252 24.82 -18.48 -94.88
N THR FB 253 24.04 -17.78 -95.70
CA THR FB 253 23.34 -18.43 -96.80
C THR FB 253 24.33 -19.17 -97.71
N GLU FB 254 25.29 -18.43 -98.28
CA GLU FB 254 26.28 -19.03 -99.15
C GLU FB 254 27.13 -20.05 -98.41
N PHE FB 255 27.49 -19.73 -97.16
CA PHE FB 255 28.37 -20.61 -96.39
C PHE FB 255 27.74 -21.98 -96.19
N GLN FB 256 26.43 -22.04 -96.01
CA GLN FB 256 25.75 -23.30 -95.86
C GLN FB 256 25.41 -23.94 -97.19
N THR FB 257 25.23 -23.15 -98.26
CA THR FB 257 25.04 -23.75 -99.58
C THR FB 257 26.27 -24.57 -99.98
N ASN FB 258 27.44 -23.96 -99.88
CA ASN FB 258 28.66 -24.56 -100.41
C ASN FB 258 29.47 -25.31 -99.37
N LEU FB 259 28.83 -25.87 -98.34
CA LEU FB 259 29.46 -26.84 -97.44
C LEU FB 259 28.61 -28.07 -97.14
N VAL FB 260 27.32 -28.07 -97.46
CA VAL FB 260 26.47 -29.21 -97.12
C VAL FB 260 25.95 -29.82 -98.43
N PRO FB 261 26.68 -30.75 -99.03
CA PRO FB 261 26.24 -31.29 -100.33
C PRO FB 261 24.94 -32.06 -100.24
N TYR FB 262 24.77 -32.87 -99.22
CA TYR FB 262 23.56 -33.65 -99.09
C TYR FB 262 22.75 -33.19 -97.88
N PRO FB 263 21.43 -33.33 -97.92
CA PRO FB 263 20.61 -32.85 -96.80
C PRO FB 263 21.03 -33.41 -95.45
N ARG FB 264 21.32 -34.72 -95.38
CA ARG FB 264 21.64 -35.33 -94.10
C ARG FB 264 23.02 -34.89 -93.62
N ILE FB 265 24.02 -34.99 -94.49
CA ILE FB 265 25.43 -34.82 -94.08
C ILE FB 265 25.67 -33.33 -93.88
N HIS FB 266 25.61 -32.87 -92.63
CA HIS FB 266 25.99 -31.50 -92.32
C HIS FB 266 26.88 -31.37 -91.09
N PHE FB 267 27.02 -32.42 -90.27
CA PHE FB 267 27.98 -32.38 -89.18
C PHE FB 267 29.37 -32.09 -89.72
N MET FB 268 30.11 -31.26 -88.99
CA MET FB 268 31.39 -30.80 -89.50
C MET FB 268 32.35 -30.53 -88.36
N LEU FB 269 33.63 -30.55 -88.69
CA LEU FB 269 34.70 -30.33 -87.73
C LEU FB 269 34.99 -28.84 -87.60
N SER FB 270 35.94 -28.52 -86.71
CA SER FB 270 36.38 -27.15 -86.53
C SER FB 270 37.86 -27.14 -86.21
N SER FB 271 38.48 -25.98 -86.36
CA SER FB 271 39.90 -25.82 -86.11
C SER FB 271 40.23 -24.34 -86.13
N TYR FB 272 41.22 -23.95 -85.33
CA TYR FB 272 41.60 -22.55 -85.20
C TYR FB 272 43.10 -22.44 -85.08
N ALA FB 273 43.67 -21.42 -85.71
CA ALA FB 273 45.10 -21.19 -85.73
C ALA FB 273 45.38 -19.77 -86.21
N PRO FB 274 46.43 -19.10 -85.71
CA PRO FB 274 47.36 -19.59 -84.71
C PRO FB 274 46.79 -19.42 -83.32
N ILE FB 275 47.23 -20.25 -82.39
CA ILE FB 275 46.74 -20.18 -81.02
C ILE FB 275 47.91 -20.34 -80.06
N ILE FB 276 48.47 -19.22 -79.60
CA ILE FB 276 49.75 -19.24 -78.89
C ILE FB 276 49.76 -18.15 -77.82
N SER FB 277 50.76 -18.24 -76.94
CA SER FB 277 50.96 -17.24 -75.89
C SER FB 277 51.71 -16.05 -76.45
N ALA FB 278 52.24 -15.20 -75.55
CA ALA FB 278 52.97 -14.01 -75.98
C ALA FB 278 54.40 -14.34 -76.38
N GLU FB 279 55.10 -15.11 -75.54
CA GLU FB 279 56.49 -15.44 -75.82
C GLU FB 279 56.64 -16.21 -77.13
N LYS FB 280 55.69 -17.10 -77.43
CA LYS FB 280 55.77 -17.85 -78.66
C LYS FB 280 55.62 -16.94 -79.87
N ALA FB 281 54.57 -16.13 -79.89
CA ALA FB 281 54.39 -15.18 -80.98
C ALA FB 281 55.57 -14.24 -81.13
N TYR FB 282 56.30 -13.98 -80.05
CA TYR FB 282 57.45 -13.11 -80.17
C TYR FB 282 58.57 -13.75 -80.99
N HIS FB 283 58.75 -15.06 -80.92
CA HIS FB 283 59.69 -15.76 -81.79
C HIS FB 283 59.00 -16.35 -83.02
N GLU FB 284 58.18 -15.61 -83.74
CA GLU FB 284 57.53 -16.14 -84.94
C GLU FB 284 57.25 -15.01 -85.92
N GLN FB 285 56.89 -15.40 -87.14
CA GLN FB 285 56.47 -14.47 -88.18
C GLN FB 285 55.02 -14.67 -88.61
N LEU FB 286 54.49 -15.88 -88.45
CA LEU FB 286 53.08 -16.18 -88.70
C LEU FB 286 52.69 -15.87 -90.15
N SER FB 287 53.31 -16.61 -91.07
CA SER FB 287 52.90 -16.55 -92.45
C SER FB 287 51.52 -17.17 -92.60
N VAL FB 288 50.83 -16.77 -93.68
CA VAL FB 288 49.54 -17.38 -93.97
C VAL FB 288 49.70 -18.87 -94.24
N ALA FB 289 50.83 -19.28 -94.83
CA ALA FB 289 51.06 -20.69 -95.09
C ALA FB 289 51.28 -21.47 -93.80
N GLU FB 290 52.06 -20.91 -92.89
CA GLU FB 290 52.20 -21.51 -91.56
C GLU FB 290 50.86 -21.66 -90.89
N ILE FB 291 50.03 -20.62 -90.94
CA ILE FB 291 48.76 -20.66 -90.21
C ILE FB 291 47.83 -21.69 -90.85
N THR FB 292 47.82 -21.77 -92.18
CA THR FB 292 46.93 -22.75 -92.80
C THR FB 292 47.41 -24.17 -92.57
N ASN FB 293 48.73 -24.40 -92.48
CA ASN FB 293 49.20 -25.73 -92.13
C ASN FB 293 48.82 -26.09 -90.70
N ALA FB 294 48.95 -25.12 -89.78
CA ALA FB 294 48.50 -25.34 -88.41
C ALA FB 294 47.00 -25.65 -88.36
N ALA FB 295 46.21 -24.89 -89.11
CA ALA FB 295 44.77 -25.11 -89.13
C ALA FB 295 44.44 -26.50 -89.65
N PHE FB 296 45.07 -26.92 -90.74
CA PHE FB 296 44.79 -28.21 -91.35
C PHE FB 296 45.43 -29.37 -90.61
N GLU FB 297 46.33 -29.10 -89.68
CA GLU FB 297 46.87 -30.16 -88.84
C GLU FB 297 45.74 -30.87 -88.09
N PRO FB 298 45.64 -32.21 -88.17
CA PRO FB 298 44.58 -32.90 -87.42
C PRO FB 298 44.70 -32.80 -85.91
N ALA FB 299 45.88 -32.52 -85.36
CA ALA FB 299 45.99 -32.39 -83.91
C ALA FB 299 45.39 -31.08 -83.42
N SER FB 300 45.28 -30.07 -84.28
CA SER FB 300 44.73 -28.78 -83.89
C SER FB 300 43.21 -28.73 -83.95
N MET FB 301 42.54 -29.84 -84.28
CA MET FB 301 41.09 -29.86 -84.30
C MET FB 301 40.54 -29.73 -82.88
N MET FB 302 39.25 -29.41 -82.81
CA MET FB 302 38.54 -29.33 -81.54
C MET FB 302 37.55 -30.47 -81.35
N VAL FB 303 37.78 -31.58 -82.03
CA VAL FB 303 36.97 -32.78 -81.86
C VAL FB 303 37.90 -33.98 -82.00
N LYS FB 304 37.68 -35.00 -81.15
CA LYS FB 304 38.54 -36.18 -81.16
C LYS FB 304 38.22 -37.07 -82.35
N CYS FB 305 38.48 -36.54 -83.53
CA CYS FB 305 38.29 -37.27 -84.78
C CYS FB 305 39.58 -37.25 -85.57
N ASP FB 306 39.79 -38.31 -86.33
CA ASP FB 306 40.96 -38.42 -87.20
C ASP FB 306 40.51 -38.19 -88.64
N PRO FB 307 40.90 -37.08 -89.28
CA PRO FB 307 40.46 -36.86 -90.66
C PRO FB 307 41.16 -37.76 -91.66
N ARG FB 308 42.36 -38.23 -91.33
CA ARG FB 308 43.11 -39.09 -92.24
C ARG FB 308 42.50 -40.47 -92.39
N HIS FB 309 41.49 -40.81 -91.60
CA HIS FB 309 40.70 -42.01 -91.81
C HIS FB 309 39.53 -41.76 -92.74
N GLY FB 310 39.34 -40.53 -93.19
CA GLY FB 310 38.30 -40.21 -94.15
C GLY FB 310 38.80 -39.22 -95.19
N LYS FB 311 37.88 -38.66 -95.96
CA LYS FB 311 38.21 -37.66 -96.96
C LYS FB 311 37.55 -36.35 -96.59
N TYR FB 312 37.70 -35.35 -97.46
CA TYR FB 312 37.10 -34.04 -97.26
C TYR FB 312 36.06 -33.84 -98.35
N MET FB 313 34.78 -33.86 -97.96
CA MET FB 313 33.72 -33.59 -98.92
C MET FB 313 33.73 -32.13 -99.37
N ALA FB 314 34.25 -31.24 -98.54
CA ALA FB 314 34.43 -29.80 -98.79
C ALA FB 314 35.18 -29.26 -97.58
N CYS FB 315 35.52 -27.96 -97.62
CA CYS FB 315 36.07 -27.31 -96.45
C CYS FB 315 35.71 -25.84 -96.53
N CYS FB 316 36.19 -25.09 -95.54
CA CYS FB 316 35.93 -23.65 -95.51
C CYS FB 316 36.95 -22.95 -94.63
N LEU FB 317 37.54 -21.87 -95.13
CA LEU FB 317 38.54 -21.12 -94.41
C LEU FB 317 38.07 -19.68 -94.25
N MET FB 318 38.28 -19.12 -93.07
CA MET FB 318 37.93 -17.73 -92.80
C MET FB 318 39.14 -17.07 -92.17
N TYR FB 319 39.96 -16.39 -92.96
CA TYR FB 319 41.13 -15.74 -92.42
C TYR FB 319 40.71 -14.46 -91.71
N ARG FB 320 41.70 -13.70 -91.28
CA ARG FB 320 41.40 -12.53 -90.47
C ARG FB 320 42.66 -11.71 -90.33
N GLY FB 321 42.54 -10.39 -90.42
CA GLY FB 321 43.70 -9.59 -90.15
C GLY FB 321 44.40 -9.24 -91.44
N ASP FB 322 45.73 -9.27 -91.43
CA ASP FB 322 46.54 -8.88 -92.59
C ASP FB 322 46.70 -10.09 -93.50
N VAL FB 323 45.87 -10.17 -94.54
CA VAL FB 323 45.94 -11.25 -95.53
C VAL FB 323 45.66 -10.65 -96.91
N VAL FB 324 46.24 -11.27 -97.94
CA VAL FB 324 45.93 -10.93 -99.33
C VAL FB 324 45.57 -12.21 -100.07
N PRO FB 325 44.78 -12.15 -101.14
CA PRO FB 325 44.23 -13.39 -101.75
C PRO FB 325 45.26 -14.27 -102.43
N LYS FB 326 46.36 -13.71 -102.94
CA LYS FB 326 47.37 -14.55 -103.60
C LYS FB 326 47.98 -15.53 -102.61
N ASP FB 327 48.16 -15.09 -101.37
CA ASP FB 327 48.71 -15.98 -100.34
C ASP FB 327 47.79 -17.16 -100.09
N VAL FB 328 46.48 -16.89 -99.99
CA VAL FB 328 45.52 -17.96 -99.77
C VAL FB 328 45.50 -18.90 -100.97
N ASN FB 329 45.55 -18.34 -102.18
CA ASN FB 329 45.54 -19.18 -103.37
C ASN FB 329 46.80 -20.03 -103.49
N ALA FB 330 47.92 -19.55 -102.97
CA ALA FB 330 49.13 -20.36 -102.97
C ALA FB 330 49.09 -21.44 -101.90
N SER FB 331 48.55 -21.10 -100.73
CA SER FB 331 48.47 -22.07 -99.65
C SER FB 331 47.52 -23.21 -99.99
N VAL FB 332 46.37 -22.89 -100.59
CA VAL FB 332 45.44 -23.95 -100.95
C VAL FB 332 46.03 -24.84 -102.02
N ALA FB 333 46.86 -24.28 -102.91
CA ALA FB 333 47.47 -25.09 -103.96
C ALA FB 333 48.48 -26.06 -103.36
N THR FB 334 49.30 -25.57 -102.44
CA THR FB 334 50.21 -26.46 -101.70
C THR FB 334 49.44 -27.58 -101.01
N ILE FB 335 48.34 -27.22 -100.33
CA ILE FB 335 47.59 -28.21 -99.58
C ILE FB 335 46.96 -29.25 -100.51
N LYS FB 336 46.42 -28.82 -101.65
CA LYS FB 336 45.81 -29.75 -102.58
C LYS FB 336 46.83 -30.62 -103.30
N THR FB 337 48.07 -30.16 -103.47
CA THR FB 337 49.12 -31.05 -103.94
C THR FB 337 49.55 -32.08 -102.90
N LYS FB 338 49.49 -31.71 -101.63
CA LYS FB 338 49.82 -32.65 -100.56
C LYS FB 338 49.03 -33.95 -100.71
N ARG FB 339 49.54 -35.02 -100.07
CA ARG FB 339 49.00 -36.36 -100.24
C ARG FB 339 48.27 -36.89 -99.03
N THR FB 340 48.66 -36.48 -97.81
CA THR FB 340 47.99 -36.99 -96.61
C THR FB 340 46.52 -36.63 -96.58
N ILE FB 341 46.14 -35.50 -97.19
CA ILE FB 341 44.78 -35.02 -97.17
C ILE FB 341 44.05 -35.58 -98.39
N GLN FB 342 42.92 -36.25 -98.16
CA GLN FB 342 42.13 -36.82 -99.23
C GLN FB 342 40.94 -35.93 -99.53
N PHE FB 343 40.42 -36.08 -100.75
CA PHE FB 343 39.22 -35.38 -101.19
C PHE FB 343 38.40 -36.34 -102.02
N VAL FB 344 37.10 -36.41 -101.75
CA VAL FB 344 36.26 -37.32 -102.50
C VAL FB 344 36.25 -36.88 -103.96
N ASP FB 345 36.12 -37.87 -104.86
CA ASP FB 345 36.28 -37.61 -106.30
C ASP FB 345 35.35 -36.50 -106.78
N TRP FB 346 34.10 -36.51 -106.34
CA TRP FB 346 33.09 -35.68 -106.97
C TRP FB 346 33.17 -34.21 -106.59
N CYS FB 347 34.23 -33.78 -105.92
CA CYS FB 347 34.41 -32.37 -105.57
C CYS FB 347 35.84 -31.98 -105.92
N PRO FB 348 36.10 -31.73 -107.20
CA PRO FB 348 37.46 -31.27 -107.59
C PRO FB 348 37.82 -29.94 -107.00
N THR FB 349 36.82 -29.07 -106.85
CA THR FB 349 36.94 -27.84 -106.06
C THR FB 349 36.85 -28.21 -104.59
N GLY FB 350 36.60 -27.24 -103.72
CA GLY FB 350 36.30 -27.61 -102.36
C GLY FB 350 36.83 -26.70 -101.27
N PHE FB 351 37.31 -25.51 -101.64
CA PHE FB 351 37.86 -24.55 -100.69
C PHE FB 351 37.11 -23.24 -100.82
N LYS FB 352 36.17 -22.97 -99.92
CA LYS FB 352 35.56 -21.66 -99.82
C LYS FB 352 36.37 -20.81 -98.84
N CYS FB 353 37.04 -19.79 -99.35
CA CYS FB 353 37.90 -18.95 -98.55
C CYS FB 353 37.29 -17.57 -98.40
N GLY FB 354 37.39 -17.03 -97.20
CA GLY FB 354 36.94 -15.69 -96.93
C GLY FB 354 38.02 -14.93 -96.18
N ILE FB 355 38.06 -13.63 -96.39
CA ILE FB 355 39.07 -12.76 -95.81
C ILE FB 355 38.37 -11.56 -95.17
N ASN FB 356 39.08 -10.87 -94.29
CA ASN FB 356 38.67 -9.56 -93.80
C ASN FB 356 39.84 -8.89 -93.11
N TYR FB 357 39.73 -7.57 -92.96
CA TYR FB 357 40.83 -6.74 -92.51
C TYR FB 357 40.76 -6.41 -91.02
N GLN FB 358 39.78 -6.92 -90.27
CA GLN FB 358 39.68 -6.63 -88.85
C GLN FB 358 40.50 -7.65 -88.08
N PRO FB 359 41.62 -7.27 -87.49
CA PRO FB 359 42.47 -8.24 -86.80
C PRO FB 359 41.76 -8.84 -85.59
N PRO FB 360 42.25 -9.95 -85.07
CA PRO FB 360 41.64 -10.52 -83.86
C PRO FB 360 42.00 -9.72 -82.63
N THR FB 361 41.04 -9.65 -81.72
CA THR FB 361 41.23 -8.94 -80.46
C THR FB 361 41.51 -9.93 -79.34
N VAL FB 362 42.21 -9.45 -78.31
CA VAL FB 362 42.53 -10.23 -77.14
C VAL FB 362 41.83 -9.63 -75.94
N VAL FB 363 41.20 -10.47 -75.14
CA VAL FB 363 40.53 -10.01 -73.92
C VAL FB 363 41.57 -9.88 -72.81
N PRO FB 364 41.65 -8.74 -72.13
CA PRO FB 364 42.60 -8.59 -71.03
C PRO FB 364 42.37 -9.65 -69.96
N GLY FB 365 43.47 -10.18 -69.43
CA GLY FB 365 43.41 -11.31 -68.52
C GLY FB 365 43.23 -12.65 -69.19
N GLY FB 366 42.98 -12.67 -70.50
CA GLY FB 366 42.78 -13.91 -71.21
C GLY FB 366 44.08 -14.69 -71.34
N ASP FB 367 44.01 -15.71 -72.21
CA ASP FB 367 45.14 -16.61 -72.43
C ASP FB 367 45.85 -16.40 -73.75
N LEU FB 368 45.12 -16.06 -74.82
CA LEU FB 368 45.75 -15.82 -76.11
C LEU FB 368 46.51 -14.49 -76.08
N ALA FB 369 47.35 -14.30 -77.08
CA ALA FB 369 48.13 -13.07 -77.26
C ALA FB 369 47.61 -12.32 -78.48
N LYS FB 370 48.14 -11.12 -78.69
CA LYS FB 370 47.73 -10.34 -79.84
C LYS FB 370 48.46 -10.80 -81.10
N VAL FB 371 47.72 -10.87 -82.20
CA VAL FB 371 48.26 -11.30 -83.48
C VAL FB 371 47.62 -10.46 -84.57
N GLN FB 372 48.30 -10.36 -85.71
CA GLN FB 372 47.76 -9.66 -86.86
C GLN FB 372 47.09 -10.60 -87.85
N ARG FB 373 47.02 -11.89 -87.54
CA ARG FB 373 46.41 -12.86 -88.42
C ARG FB 373 45.73 -13.93 -87.58
N ALA FB 374 44.83 -14.67 -88.24
CA ALA FB 374 44.10 -15.76 -87.60
C ALA FB 374 43.38 -16.53 -88.69
N VAL FB 375 43.16 -17.81 -88.44
CA VAL FB 375 42.45 -18.68 -89.38
C VAL FB 375 41.54 -19.60 -88.59
N CYS FB 376 40.28 -19.67 -88.98
CA CYS FB 376 39.37 -20.69 -88.49
C CYS FB 376 39.02 -21.61 -89.65
N MET FB 377 39.19 -22.90 -89.44
CA MET FB 377 38.94 -23.90 -90.46
C MET FB 377 37.70 -24.71 -90.10
N ILE FB 378 36.80 -24.83 -91.06
CA ILE FB 378 35.59 -25.62 -90.89
C ILE FB 378 35.48 -26.56 -92.08
N SER FB 379 35.32 -27.85 -91.81
CA SER FB 379 35.39 -28.85 -92.86
C SER FB 379 34.31 -29.90 -92.64
N ASN FB 380 33.64 -30.28 -93.72
CA ASN FB 380 32.63 -31.33 -93.70
C ASN FB 380 33.30 -32.60 -94.23
N SER FB 381 34.00 -33.30 -93.35
CA SER FB 381 34.75 -34.50 -93.70
C SER FB 381 33.99 -35.75 -93.29
N THR FB 382 34.07 -36.78 -94.12
CA THR FB 382 33.35 -38.03 -93.89
C THR FB 382 34.00 -38.92 -92.83
N ALA FB 383 35.05 -38.45 -92.17
CA ALA FB 383 35.74 -39.25 -91.18
C ALA FB 383 35.06 -39.22 -89.82
N ILE FB 384 34.11 -38.31 -89.61
CA ILE FB 384 33.57 -38.07 -88.27
C ILE FB 384 32.70 -39.22 -87.79
N GLY FB 385 32.37 -40.18 -88.66
CA GLY FB 385 31.53 -41.30 -88.27
C GLY FB 385 32.05 -42.12 -87.11
N GLU FB 386 33.33 -41.96 -86.75
CA GLU FB 386 33.87 -42.73 -85.63
C GLU FB 386 33.31 -42.27 -84.29
N ILE FB 387 33.12 -40.96 -84.10
CA ILE FB 387 32.58 -40.47 -82.85
C ILE FB 387 31.08 -40.69 -82.77
N PHE FB 388 30.45 -41.04 -83.90
CA PHE FB 388 29.08 -41.51 -83.85
C PHE FB 388 29.01 -42.99 -83.51
N SER FB 389 29.93 -43.78 -84.08
CA SER FB 389 29.93 -45.22 -83.81
C SER FB 389 30.28 -45.53 -82.35
N ARG FB 390 31.16 -44.72 -81.75
CA ARG FB 390 31.43 -44.86 -80.32
C ARG FB 390 30.14 -44.87 -79.52
N LEU FB 391 29.36 -43.80 -79.66
CA LEU FB 391 28.11 -43.70 -78.93
C LEU FB 391 27.09 -44.72 -79.42
N ASP FB 392 27.11 -45.09 -80.71
CA ASP FB 392 26.22 -46.17 -81.15
C ASP FB 392 26.49 -47.44 -80.37
N HIS FB 393 27.75 -47.75 -80.15
CA HIS FB 393 28.13 -48.94 -79.41
C HIS FB 393 27.70 -48.82 -77.95
N LYS FB 394 27.99 -47.67 -77.36
CA LYS FB 394 27.72 -47.45 -75.93
C LYS FB 394 26.23 -47.51 -75.60
N PHE FB 395 25.39 -46.94 -76.47
CA PHE FB 395 23.97 -46.96 -76.23
C PHE FB 395 23.47 -48.37 -76.04
N ASP FB 396 23.80 -49.26 -76.98
CA ASP FB 396 23.28 -50.62 -76.87
C ASP FB 396 24.01 -51.42 -75.79
N LEU FB 397 25.28 -51.13 -75.50
CA LEU FB 397 25.93 -51.80 -74.40
C LEU FB 397 25.22 -51.57 -73.08
N MET FB 398 24.64 -50.38 -72.92
CA MET FB 398 23.79 -50.11 -71.75
C MET FB 398 22.34 -50.55 -71.93
N TYR FB 399 21.76 -50.38 -73.11
CA TYR FB 399 20.37 -50.72 -73.33
C TYR FB 399 20.11 -52.21 -73.23
N ALA FB 400 21.14 -53.04 -73.47
CA ALA FB 400 20.96 -54.47 -73.33
C ALA FB 400 20.56 -54.84 -71.90
N LYS FB 401 21.18 -54.21 -70.92
CA LYS FB 401 20.80 -54.39 -69.53
C LYS FB 401 19.60 -53.52 -69.16
N ARG FB 402 19.30 -52.50 -69.96
CA ARG FB 402 18.13 -51.64 -69.73
C ARG FB 402 18.27 -50.87 -68.44
N ALA FB 403 19.50 -50.47 -68.13
CA ALA FB 403 19.74 -49.66 -66.96
C ALA FB 403 19.21 -48.25 -67.17
N PHE FB 404 18.79 -47.63 -66.08
CA PHE FB 404 18.29 -46.25 -66.06
C PHE FB 404 17.03 -46.07 -66.90
N VAL FB 405 16.53 -47.15 -67.50
CA VAL FB 405 15.36 -47.03 -68.37
C VAL FB 405 14.13 -46.65 -67.56
N HIS FB 406 14.14 -46.93 -66.25
CA HIS FB 406 12.96 -46.68 -65.44
C HIS FB 406 12.70 -45.20 -65.27
N TRP FB 407 13.75 -44.40 -65.10
CA TRP FB 407 13.57 -42.95 -65.06
C TRP FB 407 12.82 -42.47 -66.30
N TYR FB 408 13.27 -42.89 -67.47
CA TYR FB 408 12.72 -42.38 -68.71
C TYR FB 408 11.30 -42.88 -68.91
N VAL FB 409 11.02 -44.13 -68.53
CA VAL FB 409 9.67 -44.64 -68.73
C VAL FB 409 8.71 -44.11 -67.68
N GLY FB 410 9.21 -43.60 -66.55
CA GLY FB 410 8.32 -42.93 -65.61
C GLY FB 410 8.13 -41.45 -65.88
N GLU FB 411 9.07 -40.83 -66.59
CA GLU FB 411 8.96 -39.39 -66.86
C GLU FB 411 8.33 -39.10 -68.21
N GLY FB 412 7.35 -39.89 -68.62
CA GLY FB 412 6.61 -39.61 -69.84
C GLY FB 412 7.37 -40.00 -71.10
N MET FB 413 7.84 -41.23 -71.14
CA MET FB 413 8.42 -41.81 -72.33
C MET FB 413 8.13 -43.30 -72.31
N GLU FB 414 8.49 -43.98 -73.41
CA GLU FB 414 8.41 -45.43 -73.45
C GLU FB 414 9.73 -46.00 -73.94
N GLU FB 415 9.70 -47.25 -74.41
CA GLU FB 415 10.91 -47.89 -74.93
C GLU FB 415 11.17 -47.57 -76.40
N GLY FB 416 10.11 -47.27 -77.16
CA GLY FB 416 10.26 -47.16 -78.60
C GLY FB 416 11.15 -46.01 -79.04
N GLU FB 417 11.25 -44.97 -78.21
CA GLU FB 417 12.13 -43.84 -78.53
C GLU FB 417 13.57 -44.29 -78.70
N PHE FB 418 14.05 -45.14 -77.79
CA PHE FB 418 15.40 -45.68 -77.89
C PHE FB 418 15.60 -46.40 -79.21
N SER FB 419 14.66 -47.29 -79.55
CA SER FB 419 14.79 -48.08 -80.77
C SER FB 419 14.78 -47.19 -82.01
N GLU FB 420 13.93 -46.16 -82.01
CA GLU FB 420 13.86 -45.28 -83.18
C GLU FB 420 15.14 -44.46 -83.30
N ALA FB 421 15.68 -43.96 -82.20
CA ALA FB 421 16.95 -43.24 -82.26
C ALA FB 421 18.10 -44.16 -82.65
N ARG FB 422 18.04 -45.43 -82.24
CA ARG FB 422 19.05 -46.40 -82.66
C ARG FB 422 19.00 -46.63 -84.16
N GLU FB 423 17.81 -46.83 -84.69
CA GLU FB 423 17.65 -47.02 -86.13
C GLU FB 423 18.14 -45.79 -86.89
N ASP FB 424 17.85 -44.60 -86.35
CA ASP FB 424 18.29 -43.37 -87.02
C ASP FB 424 19.81 -43.30 -87.06
N LEU FB 425 20.47 -43.65 -85.95
CA LEU FB 425 21.93 -43.60 -85.92
C LEU FB 425 22.54 -44.64 -86.86
N ALA FB 426 21.93 -45.83 -86.93
CA ALA FB 426 22.40 -46.84 -87.87
C ALA FB 426 22.27 -46.35 -89.31
N ALA FB 427 21.12 -45.76 -89.64
CA ALA FB 427 20.92 -45.19 -90.98
C ALA FB 427 21.93 -44.08 -91.26
N LEU FB 428 22.22 -43.25 -90.25
CA LEU FB 428 23.18 -42.17 -90.44
C LEU FB 428 24.57 -42.72 -90.75
N GLU FB 429 24.96 -43.77 -90.05
CA GLU FB 429 26.27 -44.39 -90.31
C GLU FB 429 26.31 -45.03 -91.69
N LYS FB 430 25.24 -45.71 -92.08
CA LYS FB 430 25.15 -46.24 -93.43
C LYS FB 430 25.27 -45.14 -94.48
N ASP FB 431 24.60 -44.01 -94.25
CA ASP FB 431 24.68 -42.89 -95.18
C ASP FB 431 26.10 -42.36 -95.30
N PHE FB 432 26.75 -42.14 -94.15
CA PHE FB 432 28.15 -41.72 -94.16
C PHE FB 432 29.03 -42.66 -94.97
N GLU FB 433 28.83 -43.96 -94.81
CA GLU FB 433 29.58 -44.94 -95.61
C GLU FB 433 29.29 -44.82 -97.10
N GLU FB 434 28.02 -44.60 -97.45
CA GLU FB 434 27.60 -44.58 -98.85
C GLU FB 434 28.37 -43.61 -99.73
N VAL FB 435 29.08 -42.63 -99.15
CA VAL FB 435 29.69 -41.57 -99.95
C VAL FB 435 31.11 -41.89 -100.40
N GLY FB 436 31.57 -43.12 -100.19
CA GLY FB 436 32.93 -43.48 -100.55
C GLY FB 436 33.07 -44.04 -101.95
N MET GB 1 79.11 13.56 -175.56
CA MET GB 1 79.77 13.14 -176.80
C MET GB 1 80.66 11.92 -176.56
N ARG GB 2 81.70 12.11 -175.75
CA ARG GB 2 82.68 11.07 -175.46
C ARG GB 2 82.72 10.87 -173.96
N GLU GB 3 82.10 9.80 -173.47
CA GLU GB 3 81.94 9.60 -172.05
C GLU GB 3 82.33 8.18 -171.66
N VAL GB 4 82.67 8.02 -170.39
CA VAL GB 4 83.08 6.76 -169.80
C VAL GB 4 82.35 6.58 -168.48
N ILE GB 5 82.12 5.33 -168.11
CA ILE GB 5 81.41 4.99 -166.88
C ILE GB 5 82.39 4.23 -165.99
N SER GB 6 82.92 4.92 -164.98
CA SER GB 6 83.90 4.32 -164.09
C SER GB 6 83.19 3.56 -162.97
N ILE GB 7 83.51 2.27 -162.86
CA ILE GB 7 82.94 1.39 -161.85
C ILE GB 7 84.01 1.05 -160.83
N HIS GB 8 83.59 0.91 -159.57
CA HIS GB 8 84.51 0.62 -158.48
C HIS GB 8 83.91 -0.47 -157.60
N ILE GB 9 84.44 -1.68 -157.71
CA ILE GB 9 83.96 -2.83 -156.97
C ILE GB 9 84.97 -3.18 -155.89
N GLY GB 10 84.49 -3.86 -154.84
CA GLY GB 10 85.36 -4.28 -153.77
C GLY GB 10 85.92 -3.10 -152.99
N GLN GB 11 86.83 -3.43 -152.08
CA GLN GB 11 87.42 -2.41 -151.21
C GLN GB 11 88.40 -1.54 -151.97
N ALA GB 12 89.31 -2.16 -152.72
CA ALA GB 12 90.32 -1.39 -153.44
C ALA GB 12 89.69 -0.47 -154.48
N GLY GB 13 88.64 -0.94 -155.16
CA GLY GB 13 88.01 -0.11 -156.18
C GLY GB 13 87.47 1.19 -155.61
N ILE GB 14 86.67 1.09 -154.55
CA ILE GB 14 86.16 2.29 -153.90
C ILE GB 14 87.24 3.05 -153.15
N GLN GB 15 88.42 2.45 -152.99
CA GLN GB 15 89.56 3.16 -152.44
C GLN GB 15 90.21 4.06 -153.48
N VAL GB 16 90.57 3.50 -154.63
CA VAL GB 16 91.20 4.30 -155.68
C VAL GB 16 90.21 5.30 -156.25
N GLY GB 17 88.92 4.93 -156.32
CA GLY GB 17 87.92 5.87 -156.79
C GLY GB 17 87.89 7.15 -155.99
N ASN GB 18 88.25 7.07 -154.71
CA ASN GB 18 88.37 8.28 -153.90
C ASN GB 18 89.53 9.13 -154.39
N ALA GB 19 90.58 8.50 -154.90
CA ALA GB 19 91.74 9.23 -155.38
C ALA GB 19 91.49 9.85 -156.76
N CYS GB 20 91.05 9.02 -157.72
CA CYS GB 20 90.82 9.52 -159.07
C CYS GB 20 89.80 10.66 -159.08
N TRP GB 21 88.68 10.46 -158.40
CA TRP GB 21 87.65 11.50 -158.37
C TRP GB 21 88.05 12.68 -157.51
N GLU GB 22 89.07 12.53 -156.67
CA GLU GB 22 89.71 13.70 -156.08
C GLU GB 22 90.53 14.43 -157.13
N LEU GB 23 91.27 13.68 -157.96
CA LEU GB 23 92.14 14.29 -158.96
C LEU GB 23 91.32 15.06 -159.99
N TYR GB 24 90.29 14.43 -160.55
CA TYR GB 24 89.54 15.07 -161.62
C TYR GB 24 88.87 16.35 -161.14
N CYS GB 25 88.11 16.27 -160.05
CA CYS GB 25 87.47 17.46 -159.51
C CYS GB 25 88.48 18.55 -159.21
N LEU GB 26 89.72 18.17 -158.91
CA LEU GB 26 90.79 19.14 -158.74
C LEU GB 26 91.27 19.67 -160.08
N GLU GB 27 91.40 18.79 -161.07
CA GLU GB 27 91.99 19.19 -162.35
C GLU GB 27 91.09 20.16 -163.12
N HIS GB 28 89.77 20.02 -162.99
CA HIS GB 28 88.84 20.81 -163.78
C HIS GB 28 88.20 21.94 -162.98
N GLY GB 29 88.70 22.22 -161.79
CA GLY GB 29 88.14 23.29 -160.98
C GLY GB 29 86.85 22.94 -160.27
N ILE GB 30 86.46 21.67 -160.27
CA ILE GB 30 85.22 21.26 -159.62
C ILE GB 30 85.38 21.36 -158.11
N GLN GB 31 84.52 22.13 -157.46
CA GLN GB 31 84.55 22.18 -156.02
C GLN GB 31 83.82 20.97 -155.45
N PRO GB 32 84.15 20.59 -154.20
CA PRO GB 32 83.48 19.42 -153.59
C PRO GB 32 81.96 19.53 -153.55
N ASP GB 33 81.44 20.75 -153.65
CA ASP GB 33 79.99 20.95 -153.66
C ASP GB 33 79.44 21.03 -155.09
N GLY GB 34 79.77 20.04 -155.90
CA GLY GB 34 79.12 19.87 -157.20
C GLY GB 34 79.49 20.88 -158.28
N GLN GB 35 79.49 22.16 -157.94
CA GLN GB 35 79.69 23.22 -158.90
C GLN GB 35 81.12 23.73 -158.89
N MET GB 36 81.48 24.42 -159.97
CA MET GB 36 82.76 25.07 -160.22
C MET GB 36 82.56 26.58 -160.33
N PRO GB 37 83.45 27.39 -159.71
CA PRO GB 37 83.30 28.84 -159.75
C PRO GB 37 83.45 29.42 -161.15
N ASP GB 46 82.99 23.70 -172.89
CA ASP GB 46 82.31 22.45 -172.55
C ASP GB 46 83.12 21.23 -173.01
N ASP GB 47 82.65 20.05 -172.61
CA ASP GB 47 83.22 18.74 -172.91
C ASP GB 47 84.55 18.53 -172.19
N ALA GB 48 85.10 19.55 -171.52
CA ALA GB 48 86.28 19.34 -170.70
C ALA GB 48 85.98 18.43 -169.52
N PHE GB 49 84.72 18.39 -169.08
CA PHE GB 49 84.31 17.54 -167.99
C PHE GB 49 83.21 16.55 -168.36
N ASN GB 50 82.48 16.78 -169.45
CA ASN GB 50 81.38 15.89 -169.81
C ASN GB 50 81.83 14.44 -169.92
N THR GB 51 83.11 14.21 -170.19
CA THR GB 51 83.62 12.84 -170.17
C THR GB 51 83.52 12.21 -168.79
N PHE GB 52 83.50 13.03 -167.73
CA PHE GB 52 83.43 12.53 -166.38
C PHE GB 52 82.31 13.13 -165.54
N PHE GB 53 81.49 14.01 -166.10
CA PHE GB 53 80.51 14.71 -165.29
C PHE GB 53 79.26 14.98 -166.09
N SER GB 54 78.20 15.33 -165.37
CA SER GB 54 76.92 15.70 -165.97
C SER GB 54 76.48 16.99 -165.31
N GLU GB 55 76.64 18.11 -166.01
CA GLU GB 55 76.13 19.37 -165.48
C GLU GB 55 74.64 19.28 -165.27
N THR GB 56 74.19 19.54 -164.06
CA THR GB 56 72.79 19.42 -163.72
C THR GB 56 72.02 20.60 -164.32
N GLY GB 57 70.74 20.72 -163.96
CA GLY GB 57 69.96 21.84 -164.43
C GLY GB 57 70.57 23.19 -164.11
N ALA GB 58 71.40 23.27 -163.07
CA ALA GB 58 72.05 24.53 -162.71
C ALA GB 58 73.25 24.24 -161.82
N GLY GB 59 74.43 24.59 -162.30
CA GLY GB 59 75.61 24.65 -161.45
C GLY GB 59 76.34 23.35 -161.17
N LYS GB 60 75.66 22.39 -160.55
CA LYS GB 60 76.33 21.21 -160.03
C LYS GB 60 76.84 20.31 -161.16
N HIS GB 61 77.95 19.64 -160.89
CA HIS GB 61 78.51 18.62 -161.78
C HIS GB 61 78.58 17.31 -161.00
N VAL GB 62 77.79 16.33 -161.41
CA VAL GB 62 77.80 15.03 -160.75
C VAL GB 62 78.78 14.11 -161.48
N PRO GB 63 79.69 13.45 -160.78
CA PRO GB 63 80.61 12.52 -161.44
C PRO GB 63 79.90 11.25 -161.87
N ARG GB 64 80.15 10.85 -163.12
CA ARG GB 64 79.48 9.69 -163.70
C ARG GB 64 80.21 8.39 -163.32
N CYS GB 65 80.24 8.13 -162.03
CA CYS GB 65 80.85 6.93 -161.47
C CYS GB 65 79.80 6.10 -160.75
N ILE GB 66 80.26 5.01 -160.15
CA ILE GB 66 79.38 4.15 -159.36
C ILE GB 66 80.25 3.39 -158.35
N PHE GB 67 79.79 3.30 -157.11
CA PHE GB 67 80.54 2.65 -156.04
C PHE GB 67 79.73 1.46 -155.55
N LEU GB 68 80.31 0.26 -155.69
CA LEU GB 68 79.65 -0.97 -155.27
C LEU GB 68 80.47 -1.62 -154.16
N ASP GB 69 79.77 -2.26 -153.23
CA ASP GB 69 80.41 -2.91 -152.09
C ASP GB 69 79.36 -3.70 -151.34
N LEU GB 70 79.83 -4.70 -150.59
CA LEU GB 70 78.99 -5.41 -149.64
C LEU GB 70 79.32 -5.06 -148.20
N GLU GB 71 80.50 -4.54 -147.93
CA GLU GB 71 80.83 -4.00 -146.62
C GLU GB 71 80.33 -2.56 -146.55
N PRO GB 72 79.40 -2.24 -145.65
CA PRO GB 72 78.92 -0.85 -145.57
C PRO GB 72 79.99 0.12 -145.11
N THR GB 73 81.06 -0.36 -144.48
CA THR GB 73 81.91 0.54 -143.70
C THR GB 73 82.57 1.60 -144.56
N VAL GB 74 83.04 1.25 -145.76
CA VAL GB 74 83.83 2.19 -146.54
C VAL GB 74 82.93 3.16 -147.28
N VAL GB 75 81.88 2.65 -147.95
CA VAL GB 75 80.96 3.53 -148.65
C VAL GB 75 80.29 4.47 -147.67
N ASP GB 76 80.20 4.06 -146.40
CA ASP GB 76 79.70 4.97 -145.37
C ASP GB 76 80.68 6.11 -145.13
N GLU GB 77 81.99 5.86 -145.28
CA GLU GB 77 82.97 6.90 -145.06
C GLU GB 77 82.86 8.01 -146.10
N VAL GB 78 82.71 7.63 -147.37
CA VAL GB 78 82.47 8.65 -148.40
C VAL GB 78 81.21 9.43 -148.09
N ARG GB 79 80.19 8.75 -147.56
CA ARG GB 79 78.94 9.44 -147.22
C ARG GB 79 79.16 10.48 -146.14
N THR GB 80 80.10 10.25 -145.24
CA THR GB 80 80.45 11.24 -144.23
C THR GB 80 81.73 12.00 -144.56
N GLY GB 81 82.50 11.52 -145.54
CA GLY GB 81 83.68 12.24 -145.97
C GLY GB 81 83.31 13.56 -146.62
N THR GB 82 84.35 14.30 -147.01
CA THR GB 82 84.12 15.61 -147.61
C THR GB 82 83.36 15.50 -148.93
N TYR GB 83 83.55 14.42 -149.67
CA TYR GB 83 82.93 14.26 -150.98
C TYR GB 83 81.61 13.49 -150.86
N ARG GB 84 80.72 14.05 -150.04
CA ARG GB 84 79.33 13.63 -150.02
C ARG GB 84 78.44 14.55 -150.84
N GLN GB 85 78.86 15.78 -151.07
CA GLN GB 85 78.12 16.72 -151.90
C GLN GB 85 78.40 16.53 -153.38
N LEU GB 86 79.09 15.47 -153.76
CA LEU GB 86 79.38 15.17 -155.16
C LEU GB 86 78.54 14.02 -155.70
N PHE GB 87 78.33 12.98 -154.91
CA PHE GB 87 77.75 11.74 -155.39
C PHE GB 87 76.26 11.68 -155.04
N HIS GB 88 75.43 11.57 -156.07
CA HIS GB 88 74.03 11.26 -155.85
C HIS GB 88 73.94 9.96 -155.08
N PRO GB 89 73.33 9.96 -153.89
CA PRO GB 89 73.35 8.75 -153.04
C PRO GB 89 72.82 7.51 -153.75
N GLU GB 90 72.15 7.70 -154.88
CA GLU GB 90 71.77 6.56 -155.72
C GLU GB 90 73.00 5.80 -156.22
N GLN GB 91 74.16 6.46 -156.27
CA GLN GB 91 75.36 5.81 -156.80
C GLN GB 91 76.02 4.91 -155.76
N LEU GB 92 76.19 5.43 -154.54
CA LEU GB 92 76.89 4.68 -153.50
C LEU GB 92 76.04 3.50 -153.05
N ILE GB 93 76.42 2.31 -153.47
CA ILE GB 93 75.70 1.09 -153.12
C ILE GB 93 76.48 0.36 -152.03
N SER GB 94 75.75 -0.33 -151.16
CA SER GB 94 76.34 -1.11 -150.10
C SER GB 94 75.56 -2.41 -149.96
N GLY GB 95 75.79 -3.12 -148.87
CA GLY GB 95 75.07 -4.34 -148.59
C GLY GB 95 75.10 -4.63 -147.11
N LYS GB 96 74.03 -5.28 -146.62
CA LYS GB 96 73.94 -5.57 -145.20
C LYS GB 96 75.09 -6.48 -144.75
N GLU GB 97 75.41 -7.48 -145.56
CA GLU GB 97 76.46 -8.43 -145.25
C GLU GB 97 77.54 -8.36 -146.32
N ASP GB 98 78.75 -8.79 -145.98
CA ASP GB 98 79.85 -8.84 -146.91
C ASP GB 98 80.02 -10.26 -147.45
N ALA GB 99 81.05 -10.45 -148.28
CA ALA GB 99 81.29 -11.74 -148.91
C ALA GB 99 82.31 -12.59 -148.17
N ALA GB 100 83.16 -11.98 -147.35
CA ALA GB 100 84.11 -12.71 -146.52
C ALA GB 100 85.05 -13.59 -147.34
N ASN GB 101 85.53 -13.03 -148.46
CA ASN GB 101 86.55 -13.65 -149.30
C ASN GB 101 86.12 -14.99 -149.88
N ASN GB 102 84.82 -15.29 -149.86
CA ASN GB 102 84.29 -16.46 -150.53
C ASN GB 102 83.73 -16.04 -151.87
N PHE GB 103 84.20 -16.69 -152.94
CA PHE GB 103 83.72 -16.36 -154.27
C PHE GB 103 82.21 -16.58 -154.38
N ALA GB 104 81.74 -17.73 -153.91
CA ALA GB 104 80.33 -18.08 -154.05
C ALA GB 104 79.43 -17.06 -153.35
N ARG GB 105 79.85 -16.56 -152.19
CA ARG GB 105 79.06 -15.55 -151.49
C ARG GB 105 78.91 -14.30 -152.33
N GLY GB 106 80.01 -13.81 -152.91
CA GLY GB 106 79.94 -12.67 -153.79
C GLY GB 106 79.39 -12.97 -155.16
N HIS GB 107 79.33 -14.24 -155.55
CA HIS GB 107 78.91 -14.63 -156.89
C HIS GB 107 77.58 -15.36 -156.91
N TYR GB 108 77.38 -16.34 -156.04
CA TYR GB 108 76.17 -17.15 -156.12
C TYR GB 108 75.07 -16.67 -155.19
N THR GB 109 75.38 -16.42 -153.93
CA THR GB 109 74.34 -16.18 -152.93
C THR GB 109 73.94 -14.71 -152.85
N ILE GB 110 74.88 -13.84 -152.50
CA ILE GB 110 74.54 -12.44 -152.23
C ILE GB 110 74.59 -11.59 -153.50
N GLY GB 111 75.50 -11.90 -154.42
CA GLY GB 111 75.64 -11.08 -155.61
C GLY GB 111 74.38 -11.03 -156.45
N LYS GB 112 73.67 -12.16 -156.57
CA LYS GB 112 72.56 -12.25 -157.49
C LYS GB 112 71.43 -11.29 -157.11
N GLU GB 113 71.20 -11.09 -155.82
CA GLU GB 113 70.02 -10.35 -155.38
C GLU GB 113 70.21 -8.84 -155.42
N ILE GB 114 71.39 -8.35 -155.81
CA ILE GB 114 71.64 -6.92 -155.84
C ILE GB 114 72.04 -6.41 -157.22
N VAL GB 115 72.43 -7.28 -158.15
CA VAL GB 115 72.84 -6.80 -159.47
C VAL GB 115 71.69 -6.10 -160.17
N ASP GB 116 70.46 -6.55 -159.92
CA ASP GB 116 69.30 -5.87 -160.48
C ASP GB 116 69.24 -4.41 -160.04
N LEU GB 117 69.81 -4.11 -158.88
CA LEU GB 117 69.90 -2.71 -158.44
C LEU GB 117 71.01 -1.98 -159.19
N ALA GB 118 72.16 -2.62 -159.38
CA ALA GB 118 73.26 -1.99 -160.09
C ALA GB 118 72.89 -1.72 -161.55
N LEU GB 119 72.45 -2.75 -162.27
CA LEU GB 119 72.08 -2.58 -163.66
C LEU GB 119 70.97 -1.54 -163.82
N ASP GB 120 70.11 -1.40 -162.81
CA ASP GB 120 69.16 -0.30 -162.80
C ASP GB 120 69.89 1.04 -162.78
N ARG GB 121 70.86 1.18 -161.88
CA ARG GB 121 71.61 2.42 -161.80
C ARG GB 121 72.43 2.65 -163.06
N ILE GB 122 72.95 1.58 -163.66
CA ILE GB 122 73.74 1.73 -164.87
C ILE GB 122 72.85 2.10 -166.05
N ARG GB 123 71.72 1.40 -166.21
CA ARG GB 123 70.77 1.80 -167.24
C ARG GB 123 70.39 3.26 -167.10
N LYS GB 124 70.27 3.74 -165.87
CA LYS GB 124 70.05 5.16 -165.62
C LYS GB 124 71.29 5.99 -165.90
N LEU GB 125 72.45 5.37 -166.06
CA LEU GB 125 73.69 6.12 -166.25
C LEU GB 125 74.19 6.11 -167.69
N ALA GB 126 73.82 5.12 -168.48
CA ALA GB 126 74.22 5.08 -169.88
C ALA GB 126 73.30 5.91 -170.78
N ASP GB 127 72.01 5.99 -170.45
CA ASP GB 127 71.08 6.75 -171.26
C ASP GB 127 71.44 8.23 -171.28
N ASN GB 128 72.06 8.72 -170.20
CA ASN GB 128 72.44 10.12 -170.15
C ASN GB 128 73.54 10.45 -171.15
N CYS GB 129 74.40 9.48 -171.45
CA CYS GB 129 75.48 9.68 -172.40
C CYS GB 129 74.96 9.49 -173.81
N THR GB 130 75.32 10.40 -174.71
CA THR GB 130 74.93 10.27 -176.11
C THR GB 130 75.89 9.37 -176.88
N GLY GB 131 77.19 9.43 -176.58
CA GLY GB 131 78.14 8.48 -177.10
C GLY GB 131 78.94 7.84 -175.99
N LEU GB 132 78.71 6.56 -175.74
CA LEU GB 132 79.38 5.85 -174.65
C LEU GB 132 80.63 5.20 -175.19
N GLN GB 133 81.79 5.65 -174.71
CA GLN GB 133 83.05 5.07 -175.14
C GLN GB 133 83.22 3.65 -174.60
N GLY GB 134 82.95 3.46 -173.32
CA GLY GB 134 83.09 2.16 -172.71
C GLY GB 134 83.07 2.27 -171.20
N PHE GB 135 82.91 1.11 -170.57
CA PHE GB 135 82.95 1.02 -169.11
C PHE GB 135 84.39 0.97 -168.62
N LEU GB 136 84.60 1.41 -167.38
CA LEU GB 136 85.91 1.45 -166.75
C LEU GB 136 85.80 0.78 -165.39
N VAL GB 137 86.39 -0.40 -165.26
CA VAL GB 137 86.21 -1.24 -164.07
C VAL GB 137 87.44 -1.12 -163.18
N PHE GB 138 87.21 -0.96 -161.89
CA PHE GB 138 88.27 -1.00 -160.87
C PHE GB 138 87.95 -2.18 -159.96
N ASN GB 139 88.50 -3.34 -160.28
CA ASN GB 139 88.22 -4.56 -159.52
C ASN GB 139 89.34 -4.82 -158.52
N ALA GB 140 89.06 -5.72 -157.59
CA ALA GB 140 90.03 -6.15 -156.57
C ALA GB 140 89.97 -7.67 -156.53
N VAL GB 141 90.84 -8.32 -157.29
CA VAL GB 141 90.87 -9.77 -157.32
C VAL GB 141 91.50 -10.29 -156.04
N GLY GB 142 90.95 -11.38 -155.51
CA GLY GB 142 91.41 -11.96 -154.26
C GLY GB 142 90.40 -11.90 -153.13
N GLY GB 143 89.32 -11.12 -153.28
CA GLY GB 143 88.29 -11.04 -152.28
C GLY GB 143 86.98 -11.64 -152.77
N GLY GB 144 85.99 -11.62 -151.88
CA GLY GB 144 84.70 -12.19 -152.21
C GLY GB 144 83.83 -11.26 -153.01
N THR GB 145 83.92 -9.96 -152.71
CA THR GB 145 83.14 -8.98 -153.45
C THR GB 145 83.76 -8.70 -154.81
N GLY GB 146 85.03 -8.27 -154.83
CA GLY GB 146 85.67 -7.92 -156.08
C GLY GB 146 85.63 -9.04 -157.10
N SER GB 147 86.05 -10.23 -156.70
CA SER GB 147 86.08 -11.35 -157.64
C SER GB 147 84.69 -11.91 -157.89
N GLY GB 148 83.97 -12.24 -156.81
CA GLY GB 148 82.66 -12.85 -156.94
C GLY GB 148 81.64 -11.96 -157.63
N LEU GB 149 81.48 -10.74 -157.12
CA LEU GB 149 80.51 -9.82 -157.71
C LEU GB 149 80.97 -9.32 -159.06
N GLY GB 150 82.23 -8.85 -159.14
CA GLY GB 150 82.72 -8.28 -160.38
C GLY GB 150 82.54 -9.19 -161.58
N SER GB 151 82.88 -10.47 -161.43
CA SER GB 151 82.64 -11.44 -162.49
C SER GB 151 81.14 -11.55 -162.78
N LEU GB 152 80.33 -11.66 -161.73
CA LEU GB 152 78.88 -11.73 -161.91
C LEU GB 152 78.36 -10.50 -162.64
N LEU GB 153 78.98 -9.35 -162.43
CA LEU GB 153 78.53 -8.13 -163.11
C LEU GB 153 78.84 -8.18 -164.59
N LEU GB 154 80.07 -8.52 -164.96
CA LEU GB 154 80.49 -8.43 -166.35
C LEU GB 154 79.64 -9.31 -167.25
N GLU GB 155 79.23 -10.48 -166.76
CA GLU GB 155 78.29 -11.30 -167.53
C GLU GB 155 76.99 -10.55 -167.77
N ARG GB 156 76.48 -9.87 -166.74
CA ARG GB 156 75.27 -9.08 -166.90
C ARG GB 156 75.49 -7.89 -167.83
N LEU GB 157 76.74 -7.44 -167.96
CA LEU GB 157 77.04 -6.34 -168.86
C LEU GB 157 77.11 -6.81 -170.31
N SER GB 158 77.85 -7.91 -170.55
CA SER GB 158 78.03 -8.38 -171.91
C SER GB 158 76.75 -8.96 -172.49
N VAL GB 159 75.87 -9.52 -171.65
CA VAL GB 159 74.59 -9.96 -172.18
C VAL GB 159 73.75 -8.75 -172.57
N ASP GB 160 74.04 -7.60 -171.98
CA ASP GB 160 73.28 -6.39 -172.28
C ASP GB 160 73.80 -5.73 -173.55
N TYR GB 161 75.07 -5.36 -173.57
CA TYR GB 161 75.63 -4.57 -174.67
C TYR GB 161 76.42 -5.43 -175.65
N GLY GB 162 77.45 -6.12 -175.17
CA GLY GB 162 78.28 -6.93 -176.04
C GLY GB 162 79.13 -6.09 -176.97
N LYS GB 163 78.46 -5.28 -177.80
CA LYS GB 163 79.17 -4.39 -178.73
C LYS GB 163 80.03 -3.39 -177.98
N LYS GB 164 79.63 -3.00 -176.78
CA LYS GB 164 80.42 -2.07 -175.99
C LYS GB 164 81.74 -2.72 -175.56
N SER GB 165 82.75 -1.88 -175.37
CA SER GB 165 84.05 -2.33 -174.90
C SER GB 165 84.09 -2.33 -173.38
N LYS GB 166 84.72 -3.36 -172.82
CA LYS GB 166 84.89 -3.48 -171.37
C LYS GB 166 86.37 -3.41 -171.05
N LEU GB 167 86.77 -2.43 -170.26
CA LEU GB 167 88.15 -2.26 -169.83
C LEU GB 167 88.23 -2.48 -168.33
N GLY GB 168 89.26 -3.20 -167.89
CA GLY GB 168 89.37 -3.55 -166.49
C GLY GB 168 90.72 -3.32 -165.86
N PHE GB 169 90.78 -2.47 -164.85
CA PHE GB 169 91.97 -2.29 -164.02
C PHE GB 169 91.75 -3.11 -162.75
N THR GB 170 92.30 -4.32 -162.74
CA THR GB 170 92.16 -5.21 -161.60
C THR GB 170 93.50 -5.34 -160.89
N VAL GB 171 93.47 -5.31 -159.57
CA VAL GB 171 94.66 -5.63 -158.79
C VAL GB 171 94.79 -7.15 -158.72
N TYR GB 172 96.02 -7.63 -158.85
CA TYR GB 172 96.21 -9.06 -158.95
C TYR GB 172 96.94 -9.58 -157.72
N PRO GB 173 96.62 -10.80 -157.25
CA PRO GB 173 97.29 -11.32 -156.06
C PRO GB 173 98.79 -11.35 -156.22
N SER GB 174 99.49 -10.53 -155.46
CA SER GB 174 100.94 -10.49 -155.54
C SER GB 174 101.53 -11.78 -155.00
N PRO GB 175 102.57 -12.32 -155.63
CA PRO GB 175 103.09 -13.63 -155.20
C PRO GB 175 103.68 -13.62 -153.80
N GLN GB 176 104.50 -12.63 -153.46
CA GLN GB 176 105.10 -12.59 -152.13
C GLN GB 176 104.13 -12.02 -151.10
N VAL GB 177 103.80 -10.74 -151.22
CA VAL GB 177 102.90 -10.11 -150.26
C VAL GB 177 101.49 -10.66 -150.50
N SER GB 178 100.93 -11.29 -149.46
CA SER GB 178 99.63 -11.95 -149.59
C SER GB 178 98.85 -11.68 -148.30
N THR GB 179 97.93 -10.73 -148.38
CA THR GB 179 97.10 -10.38 -147.22
C THR GB 179 96.03 -11.42 -146.93
N ALA GB 180 95.75 -12.33 -147.85
CA ALA GB 180 94.74 -13.35 -147.68
C ALA GB 180 95.40 -14.72 -147.62
N VAL GB 181 94.57 -15.75 -147.45
CA VAL GB 181 95.07 -17.12 -147.41
C VAL GB 181 94.43 -17.93 -148.53
N VAL GB 182 93.21 -17.55 -148.92
CA VAL GB 182 92.45 -18.29 -149.92
C VAL GB 182 92.42 -17.56 -151.25
N GLU GB 183 93.09 -16.42 -151.36
CA GLU GB 183 92.97 -15.61 -152.57
C GLU GB 183 93.35 -16.33 -153.87
N PRO GB 184 94.21 -17.36 -153.90
CA PRO GB 184 94.36 -18.12 -155.15
C PRO GB 184 93.04 -18.68 -155.67
N TYR GB 185 92.16 -19.15 -154.78
CA TYR GB 185 90.91 -19.78 -155.19
C TYR GB 185 90.03 -18.84 -155.98
N ASN GB 186 89.55 -17.77 -155.33
CA ASN GB 186 88.60 -16.87 -155.99
C ASN GB 186 89.25 -16.13 -157.15
N SER GB 187 90.56 -15.90 -157.09
CA SER GB 187 91.26 -15.31 -158.24
C SER GB 187 91.16 -16.22 -159.45
N VAL GB 188 91.44 -17.51 -159.25
CA VAL GB 188 91.28 -18.49 -160.32
C VAL GB 188 89.85 -18.46 -160.85
N LEU GB 189 88.87 -18.54 -159.95
CA LEU GB 189 87.48 -18.52 -160.37
C LEU GB 189 87.11 -17.21 -161.06
N SER GB 190 87.80 -16.12 -160.72
CA SER GB 190 87.50 -14.84 -161.35
C SER GB 190 88.06 -14.79 -162.77
N THR GB 191 89.35 -15.10 -162.94
CA THR GB 191 90.00 -14.96 -164.23
C THR GB 191 89.26 -15.74 -165.33
N HIS GB 192 88.86 -16.97 -165.02
CA HIS GB 192 88.11 -17.77 -165.98
C HIS GB 192 86.79 -17.09 -166.36
N SER GB 193 85.99 -16.73 -165.36
CA SER GB 193 84.68 -16.17 -165.63
C SER GB 193 84.73 -14.80 -166.29
N LEU GB 194 85.79 -14.03 -166.05
CA LEU GB 194 85.85 -12.68 -166.62
C LEU GB 194 86.40 -12.66 -168.04
N LEU GB 195 87.30 -13.59 -168.37
CA LEU GB 195 88.06 -13.53 -169.61
C LEU GB 195 87.16 -13.34 -170.81
N GLU GB 196 86.21 -14.25 -171.01
CA GLU GB 196 85.37 -14.25 -172.20
C GLU GB 196 84.42 -13.06 -172.26
N HIS GB 197 84.43 -12.19 -171.25
CA HIS GB 197 83.52 -11.05 -171.20
C HIS GB 197 84.25 -9.71 -171.31
N THR GB 198 85.37 -9.55 -170.60
CA THR GB 198 86.15 -8.34 -170.74
C THR GB 198 86.90 -8.36 -172.07
N ASP GB 199 86.97 -7.19 -172.71
CA ASP GB 199 87.67 -7.06 -173.98
C ASP GB 199 89.15 -6.79 -173.79
N VAL GB 200 89.53 -6.10 -172.72
CA VAL GB 200 90.93 -5.89 -172.35
C VAL GB 200 91.03 -6.00 -170.84
N ALA GB 201 92.21 -6.35 -170.36
CA ALA GB 201 92.45 -6.51 -168.94
C ALA GB 201 93.84 -6.01 -168.59
N VAL GB 202 93.92 -5.04 -167.70
CA VAL GB 202 95.17 -4.55 -167.16
C VAL GB 202 95.25 -5.00 -165.70
N MET GB 203 96.39 -5.55 -165.30
CA MET GB 203 96.59 -6.01 -163.93
C MET GB 203 97.76 -5.29 -163.31
N LEU GB 204 97.60 -4.92 -162.04
CA LEU GB 204 98.63 -4.24 -161.27
C LEU GB 204 98.71 -4.91 -159.90
N ASP GB 205 99.88 -4.81 -159.28
CA ASP GB 205 100.10 -5.38 -157.95
C ASP GB 205 100.66 -4.33 -157.01
N ASN GB 206 100.22 -4.39 -155.75
CA ASN GB 206 100.57 -3.36 -154.78
C ASN GB 206 102.05 -3.42 -154.41
N GLU GB 207 102.60 -4.63 -154.31
CA GLU GB 207 103.99 -4.79 -153.86
C GLU GB 207 104.96 -4.09 -154.80
N ALA GB 208 104.72 -4.18 -156.12
CA ALA GB 208 105.59 -3.49 -157.06
C ALA GB 208 105.57 -1.99 -156.82
N ILE GB 209 104.36 -1.40 -156.74
CA ILE GB 209 104.24 0.04 -156.52
C ILE GB 209 104.88 0.44 -155.19
N TYR GB 210 104.83 -0.45 -154.20
CA TYR GB 210 105.54 -0.19 -152.95
C TYR GB 210 107.02 0.05 -153.21
N ASP GB 211 107.64 -0.83 -153.99
CA ASP GB 211 109.05 -0.64 -154.33
C ASP GB 211 109.23 0.66 -155.11
N ILE GB 212 108.27 0.99 -155.97
CA ILE GB 212 108.34 2.24 -156.73
C ILE GB 212 108.38 3.43 -155.79
N CYS GB 213 107.50 3.43 -154.76
CA CYS GB 213 107.53 4.48 -153.76
C CYS GB 213 108.91 4.61 -153.12
N ARG GB 214 109.58 3.48 -152.93
CA ARG GB 214 110.87 3.49 -152.24
C ARG GB 214 111.96 4.13 -153.08
N ARG GB 215 112.17 3.62 -154.29
CA ARG GB 215 113.31 4.06 -155.10
C ARG GB 215 113.18 5.53 -155.51
N SER GB 216 112.04 5.89 -156.10
CA SER GB 216 111.91 7.20 -156.73
C SER GB 216 111.45 8.27 -155.75
N LEU GB 217 110.29 8.07 -155.13
CA LEU GB 217 109.74 9.08 -154.23
C LEU GB 217 110.42 9.04 -152.87
N ASP GB 218 110.97 7.89 -152.48
CA ASP GB 218 111.70 7.73 -151.22
C ASP GB 218 110.79 8.01 -150.02
N ILE GB 219 109.75 7.19 -149.89
CA ILE GB 219 108.84 7.25 -148.75
C ILE GB 219 108.86 5.88 -148.09
N GLU GB 220 109.48 5.80 -146.92
CA GLU GB 220 109.53 4.55 -146.16
C GLU GB 220 108.22 4.26 -145.44
N ARG GB 221 107.21 5.12 -145.59
CA ARG GB 221 105.88 4.92 -145.00
C ARG GB 221 104.84 4.91 -146.11
N PRO GB 222 104.80 3.86 -146.93
CA PRO GB 222 103.80 3.82 -147.99
C PRO GB 222 102.48 3.22 -147.53
N THR GB 223 101.40 3.96 -147.72
CA THR GB 223 100.07 3.51 -147.35
C THR GB 223 99.27 3.25 -148.60
N TYR GB 224 98.09 2.63 -148.41
CA TYR GB 224 97.19 2.41 -149.52
C TYR GB 224 96.80 3.72 -150.21
N THR GB 225 96.90 4.84 -149.51
CA THR GB 225 96.55 6.14 -150.11
C THR GB 225 97.51 6.50 -151.23
N ASN GB 226 98.82 6.45 -150.95
CA ASN GB 226 99.82 6.84 -151.95
C ASN GB 226 99.71 5.99 -153.20
N LEU GB 227 99.54 4.68 -153.02
CA LEU GB 227 99.34 3.81 -154.18
C LEU GB 227 98.10 4.24 -154.97
N ASN GB 228 97.01 4.52 -154.27
CA ASN GB 228 95.81 5.01 -154.95
C ASN GB 228 96.05 6.35 -155.63
N ARG GB 229 96.99 7.15 -155.11
CA ARG GB 229 97.33 8.40 -155.78
C ARG GB 229 97.93 8.16 -157.15
N LEU GB 230 98.87 7.21 -157.23
CA LEU GB 230 99.61 7.00 -158.47
C LEU GB 230 98.69 6.49 -159.57
N ILE GB 231 97.77 5.58 -159.24
CA ILE GB 231 96.83 5.09 -160.23
C ILE GB 231 96.04 6.24 -160.83
N ALA GB 232 95.67 7.22 -160.00
CA ALA GB 232 94.94 8.38 -160.50
C ALA GB 232 95.74 9.12 -161.56
N GLN GB 233 97.05 9.25 -161.37
CA GLN GB 233 97.88 9.92 -162.36
C GLN GB 233 97.92 9.13 -163.65
N VAL GB 234 98.04 7.80 -163.55
CA VAL GB 234 98.05 6.96 -164.74
C VAL GB 234 96.77 7.18 -165.55
N ILE GB 235 95.61 6.98 -164.92
CA ILE GB 235 94.36 7.04 -165.65
C ILE GB 235 94.09 8.45 -166.13
N SER GB 236 94.46 9.46 -165.35
CA SER GB 236 94.31 10.84 -165.79
C SER GB 236 95.09 11.10 -167.06
N SER GB 237 96.27 10.48 -167.19
CA SER GB 237 97.05 10.62 -168.41
C SER GB 237 96.45 9.83 -169.56
N LEU GB 238 95.75 8.73 -169.25
CA LEU GB 238 95.16 7.91 -170.31
C LEU GB 238 93.94 8.58 -170.91
N THR GB 239 92.97 8.95 -170.06
CA THR GB 239 91.76 9.61 -170.50
C THR GB 239 92.05 11.00 -171.01
N ALA GB 240 93.30 11.45 -170.86
CA ALA GB 240 93.69 12.80 -171.27
C ALA GB 240 93.30 13.08 -172.72
N SER GB 241 93.56 12.13 -173.62
CA SER GB 241 93.16 12.31 -175.01
C SER GB 241 91.65 12.42 -175.16
N LEU GB 242 90.90 11.69 -174.34
CA LEU GB 242 89.45 11.69 -174.46
C LEU GB 242 88.86 13.03 -174.07
N ARG GB 243 89.47 13.73 -173.12
CA ARG GB 243 88.90 14.94 -172.55
C ARG GB 243 89.76 16.17 -172.78
N PHE GB 244 90.70 16.11 -173.70
CA PHE GB 244 91.57 17.25 -173.96
C PHE GB 244 92.02 17.22 -175.41
N ASP GB 245 92.72 18.28 -175.79
CA ASP GB 245 93.27 18.46 -177.14
C ASP GB 245 94.63 17.77 -177.22
N GLY GB 246 95.40 18.10 -178.24
CA GLY GB 246 96.74 17.57 -178.38
C GLY GB 246 96.87 16.71 -179.61
N ALA GB 247 98.04 16.83 -180.27
CA ALA GB 247 98.27 16.04 -181.47
C ALA GB 247 98.26 14.55 -181.15
N LEU GB 248 97.81 13.76 -182.13
CA LEU GB 248 97.75 12.30 -182.02
C LEU GB 248 96.85 11.86 -180.87
N ASN GB 249 95.64 12.39 -180.84
CA ASN GB 249 94.66 11.97 -179.83
C ASN GB 249 94.34 10.49 -180.01
N VAL GB 250 93.95 9.85 -178.90
CA VAL GB 250 93.66 8.42 -178.89
C VAL GB 250 92.27 8.20 -178.29
N ASP GB 251 91.51 7.31 -178.92
CA ASP GB 251 90.20 6.89 -178.44
C ASP GB 251 90.22 5.40 -178.18
N ILE GB 252 89.31 4.95 -177.31
CA ILE GB 252 89.32 3.58 -176.83
C ILE GB 252 89.18 2.58 -177.98
N THR GB 253 88.39 2.94 -179.00
CA THR GB 253 88.17 2.05 -180.12
C THR GB 253 89.47 1.73 -180.83
N GLU GB 254 90.12 2.75 -181.40
CA GLU GB 254 91.38 2.51 -182.10
C GLU GB 254 92.49 2.10 -181.15
N PHE GB 255 92.42 2.53 -179.88
CA PHE GB 255 93.40 2.11 -178.90
C PHE GB 255 93.33 0.60 -178.66
N GLN GB 256 92.12 0.05 -178.55
CA GLN GB 256 91.97 -1.36 -178.24
C GLN GB 256 92.35 -2.23 -179.44
N THR GB 257 92.03 -1.79 -180.65
CA THR GB 257 92.22 -2.64 -181.82
C THR GB 257 93.69 -2.79 -182.19
N ASN GB 258 94.51 -1.78 -181.94
CA ASN GB 258 95.94 -1.86 -182.22
C ASN GB 258 96.73 -2.45 -181.06
N LEU GB 259 96.06 -3.04 -180.09
CA LEU GB 259 96.72 -3.59 -178.90
C LEU GB 259 96.35 -5.03 -178.59
N VAL GB 260 95.18 -5.50 -179.02
CA VAL GB 260 94.78 -6.89 -178.78
C VAL GB 260 94.76 -7.62 -180.13
N PRO GB 261 95.82 -8.39 -180.43
CA PRO GB 261 95.81 -9.14 -181.70
C PRO GB 261 94.90 -10.35 -181.65
N TYR GB 262 94.90 -11.09 -180.55
CA TYR GB 262 94.07 -12.27 -180.42
C TYR GB 262 93.04 -12.08 -179.31
N PRO GB 263 91.84 -12.60 -179.48
CA PRO GB 263 90.77 -12.36 -178.48
C PRO GB 263 91.16 -12.74 -177.06
N ARG GB 264 91.95 -13.80 -176.89
CA ARG GB 264 92.29 -14.23 -175.54
C ARG GB 264 93.37 -13.37 -174.92
N ILE GB 265 94.42 -13.06 -175.67
CA ILE GB 265 95.52 -12.28 -175.12
C ILE GB 265 95.13 -10.82 -175.08
N HIS GB 266 94.56 -10.39 -173.96
CA HIS GB 266 94.28 -8.99 -173.72
C HIS GB 266 94.88 -8.54 -172.39
N PHE GB 267 95.68 -9.39 -171.77
CA PHE GB 267 96.28 -9.08 -170.48
C PHE GB 267 97.55 -8.27 -170.68
N MET GB 268 97.65 -7.15 -169.98
CA MET GB 268 98.69 -6.17 -170.28
C MET GB 268 99.25 -5.57 -169.00
N LEU GB 269 100.46 -5.03 -169.10
CA LEU GB 269 101.14 -4.36 -168.01
C LEU GB 269 101.00 -2.85 -168.16
N SER GB 270 101.65 -2.11 -167.26
CA SER GB 270 101.65 -0.65 -167.29
C SER GB 270 102.94 -0.12 -166.72
N SER GB 271 103.12 1.20 -166.84
CA SER GB 271 104.29 1.91 -166.33
C SER GB 271 104.04 3.40 -166.43
N TYR GB 272 104.66 4.17 -165.53
CA TYR GB 272 104.54 5.61 -165.53
C TYR GB 272 105.89 6.24 -165.26
N ALA GB 273 106.08 7.44 -165.79
CA ALA GB 273 107.29 8.24 -165.61
C ALA GB 273 107.02 9.66 -166.11
N PRO GB 274 107.59 10.70 -165.47
CA PRO GB 274 108.47 10.59 -164.31
C PRO GB 274 107.70 10.44 -163.01
N ILE GB 275 108.40 9.93 -161.99
CA ILE GB 275 107.84 9.73 -160.66
C ILE GB 275 108.89 10.29 -159.69
N ILE GB 276 108.77 11.56 -159.34
CA ILE GB 276 109.86 12.27 -158.67
C ILE GB 276 109.24 13.22 -157.65
N SER GB 277 109.96 13.42 -156.54
CA SER GB 277 109.55 14.36 -155.50
C SER GB 277 109.85 15.78 -155.96
N ALA GB 278 109.78 16.74 -155.03
CA ALA GB 278 110.00 18.13 -155.37
C ALA GB 278 111.47 18.54 -155.30
N GLU GB 279 112.33 17.71 -154.73
CA GLU GB 279 113.74 18.07 -154.60
C GLU GB 279 114.57 17.53 -155.77
N LYS GB 280 114.46 16.23 -156.06
CA LYS GB 280 115.13 15.69 -157.24
C LYS GB 280 114.65 16.37 -158.51
N ALA GB 281 113.40 16.86 -158.51
CA ALA GB 281 112.88 17.54 -159.69
C ALA GB 281 113.64 18.82 -159.99
N TYR GB 282 114.18 19.49 -158.96
CA TYR GB 282 114.90 20.73 -159.20
C TYR GB 282 116.26 20.47 -159.82
N HIS GB 283 116.90 19.34 -159.51
CA HIS GB 283 118.18 18.98 -160.12
C HIS GB 283 117.99 18.07 -161.33
N GLU GB 284 117.09 18.42 -162.23
CA GLU GB 284 116.78 17.61 -163.40
C GLU GB 284 116.11 18.50 -164.44
N GLN GB 285 116.17 18.05 -165.70
CA GLN GB 285 115.57 18.79 -166.81
C GLN GB 285 114.53 18.00 -167.60
N LEU GB 286 114.46 16.69 -167.42
CA LEU GB 286 113.34 15.86 -167.89
C LEU GB 286 113.18 15.90 -169.41
N SER GB 287 114.19 15.38 -170.11
CA SER GB 287 114.05 15.17 -171.54
C SER GB 287 113.19 13.93 -171.82
N VAL GB 288 112.59 13.90 -173.01
CA VAL GB 288 111.63 12.86 -173.34
C VAL GB 288 112.28 11.48 -173.32
N ALA GB 289 113.56 11.41 -173.69
CA ALA GB 289 114.21 10.10 -173.81
C ALA GB 289 114.26 9.38 -172.46
N GLU GB 290 114.85 10.02 -171.45
CA GLU GB 290 114.98 9.39 -170.14
C GLU GB 290 113.64 9.00 -169.55
N ILE GB 291 112.59 9.79 -169.83
CA ILE GB 291 111.26 9.43 -169.36
C ILE GB 291 110.79 8.15 -170.04
N THR GB 292 110.99 8.07 -171.37
CA THR GB 292 110.64 6.87 -172.10
C THR GB 292 111.56 5.72 -171.73
N ASN GB 293 112.82 6.00 -171.42
CA ASN GB 293 113.71 4.96 -170.94
C ASN GB 293 113.23 4.38 -169.62
N ALA GB 294 112.92 5.25 -168.65
CA ALA GB 294 112.39 4.79 -167.38
C ALA GB 294 111.05 4.07 -167.58
N ALA GB 295 110.24 4.53 -168.52
CA ALA GB 295 108.94 3.90 -168.75
C ALA GB 295 109.08 2.49 -169.30
N PHE GB 296 110.19 2.19 -169.97
CA PHE GB 296 110.47 0.84 -170.44
C PHE GB 296 111.35 0.07 -169.48
N GLU GB 297 111.79 0.69 -168.40
CA GLU GB 297 112.55 -0.03 -167.38
C GLU GB 297 111.65 -1.05 -166.70
N PRO GB 298 112.04 -2.32 -166.66
CA PRO GB 298 111.21 -3.32 -165.97
C PRO GB 298 110.96 -3.01 -164.50
N ALA GB 299 111.90 -2.32 -163.83
CA ALA GB 299 111.67 -1.99 -162.43
C ALA GB 299 110.52 -1.00 -162.27
N SER GB 300 110.40 -0.04 -163.18
CA SER GB 300 109.37 0.99 -163.09
C SER GB 300 107.97 0.47 -163.40
N MET GB 301 107.82 -0.82 -163.68
CA MET GB 301 106.50 -1.39 -163.85
C MET GB 301 105.73 -1.36 -162.54
N MET GB 302 104.44 -1.67 -162.63
CA MET GB 302 103.59 -1.78 -161.45
C MET GB 302 103.18 -3.22 -161.17
N VAL GB 303 103.78 -4.18 -161.87
CA VAL GB 303 103.53 -5.61 -161.66
C VAL GB 303 104.86 -6.25 -161.29
N LYS GB 304 104.79 -7.34 -160.53
CA LYS GB 304 105.98 -8.16 -160.29
C LYS GB 304 106.12 -9.16 -161.43
N CYS GB 305 106.32 -8.61 -162.63
CA CYS GB 305 106.48 -9.38 -163.86
C CYS GB 305 107.69 -8.84 -164.60
N ASP GB 306 108.60 -9.74 -164.98
CA ASP GB 306 109.80 -9.32 -165.69
C ASP GB 306 109.55 -9.42 -167.18
N PRO GB 307 109.52 -8.31 -167.91
CA PRO GB 307 109.29 -8.39 -169.36
C PRO GB 307 110.47 -8.91 -170.14
N ARG GB 308 111.67 -8.92 -169.56
CA ARG GB 308 112.86 -9.36 -170.28
C ARG GB 308 112.92 -10.87 -170.46
N HIS GB 309 111.91 -11.61 -169.99
CA HIS GB 309 111.84 -13.05 -170.21
C HIS GB 309 110.82 -13.41 -171.29
N GLY GB 310 110.22 -12.42 -171.93
CA GLY GB 310 109.31 -12.65 -173.03
C GLY GB 310 109.45 -11.57 -174.09
N LYS GB 311 108.43 -11.39 -174.91
CA LYS GB 311 108.46 -10.42 -175.99
C LYS GB 311 107.30 -9.46 -175.85
N TYR GB 312 107.43 -8.29 -176.47
CA TYR GB 312 106.37 -7.30 -176.50
C TYR GB 312 105.51 -7.53 -177.73
N MET GB 313 104.26 -7.93 -177.53
CA MET GB 313 103.37 -8.12 -178.67
C MET GB 313 102.87 -6.79 -179.21
N ALA GB 314 102.82 -5.75 -178.37
CA ALA GB 314 102.43 -4.41 -178.77
C ALA GB 314 102.69 -3.48 -177.59
N CYS GB 315 102.57 -2.18 -177.85
CA CYS GB 315 102.87 -1.19 -176.82
C CYS GB 315 102.20 0.13 -177.18
N CYS GB 316 101.84 0.90 -176.15
CA CYS GB 316 101.17 2.18 -176.35
C CYS GB 316 101.69 3.20 -175.36
N LEU GB 317 102.02 4.38 -175.86
CA LEU GB 317 102.64 5.43 -175.06
C LEU GB 317 101.75 6.66 -175.08
N MET GB 318 101.33 7.11 -173.90
CA MET GB 318 100.51 8.31 -173.77
C MET GB 318 101.34 9.36 -173.04
N TYR GB 319 101.77 10.40 -173.76
CA TYR GB 319 102.59 11.42 -173.15
C TYR GB 319 101.71 12.49 -172.55
N ARG GB 320 102.32 13.54 -172.02
CA ARG GB 320 101.57 14.59 -171.36
C ARG GB 320 102.43 15.84 -171.31
N GLY GB 321 101.77 17.00 -171.26
CA GLY GB 321 102.49 18.25 -171.16
C GLY GB 321 103.16 18.62 -172.47
N ASP GB 322 104.31 19.28 -172.34
CA ASP GB 322 105.03 19.82 -173.50
C ASP GB 322 105.85 18.70 -174.13
N VAL GB 323 105.34 18.13 -175.22
CA VAL GB 323 106.07 17.17 -176.03
C VAL GB 323 105.81 17.52 -177.49
N VAL GB 324 106.80 17.29 -178.35
CA VAL GB 324 106.62 17.46 -179.78
C VAL GB 324 106.77 16.09 -180.44
N PRO GB 325 105.99 15.80 -181.48
CA PRO GB 325 106.03 14.45 -182.08
C PRO GB 325 107.40 14.04 -182.59
N LYS GB 326 108.24 14.99 -182.99
CA LYS GB 326 109.58 14.62 -183.46
C LYS GB 326 110.44 14.11 -182.32
N ASP GB 327 110.23 14.61 -181.10
CA ASP GB 327 110.91 14.05 -179.94
C ASP GB 327 110.42 12.64 -179.65
N VAL GB 328 109.14 12.37 -179.90
CA VAL GB 328 108.59 11.04 -179.66
C VAL GB 328 109.27 10.02 -180.57
N ASN GB 329 109.11 10.19 -181.89
CA ASN GB 329 109.65 9.22 -182.84
C ASN GB 329 111.15 9.07 -182.72
N ALA GB 330 111.85 10.08 -182.18
CA ALA GB 330 113.27 9.94 -181.93
C ALA GB 330 113.52 9.04 -180.72
N SER GB 331 112.79 9.27 -179.63
CA SER GB 331 113.02 8.50 -178.41
C SER GB 331 112.62 7.04 -178.60
N VAL GB 332 111.49 6.80 -179.24
CA VAL GB 332 111.06 5.43 -179.53
C VAL GB 332 112.09 4.72 -180.40
N ALA GB 333 112.73 5.45 -181.32
CA ALA GB 333 113.78 4.86 -182.12
C ALA GB 333 114.99 4.47 -181.28
N THR GB 334 115.23 5.17 -180.16
CA THR GB 334 116.26 4.76 -179.23
C THR GB 334 115.90 3.44 -178.56
N ILE GB 335 114.62 3.08 -178.53
CA ILE GB 335 114.20 1.84 -177.87
C ILE GB 335 114.28 0.66 -178.83
N LYS GB 336 113.65 0.77 -180.00
CA LYS GB 336 113.63 -0.32 -180.97
C LYS GB 336 115.02 -0.71 -181.45
N THR GB 337 116.04 0.11 -181.19
CA THR GB 337 117.42 -0.26 -181.44
C THR GB 337 118.03 -1.04 -180.28
N LYS GB 338 117.51 -0.84 -179.07
CA LYS GB 338 118.05 -1.53 -177.90
C LYS GB 338 117.84 -3.04 -178.01
N ARG GB 339 118.72 -3.79 -177.37
CA ARG GB 339 118.66 -5.25 -177.37
C ARG GB 339 117.91 -5.81 -176.17
N THR GB 340 117.90 -5.09 -175.06
CA THR GB 340 117.26 -5.58 -173.84
C THR GB 340 115.75 -5.78 -174.01
N ILE GB 341 115.15 -5.14 -175.02
CA ILE GB 341 113.73 -5.27 -175.28
C ILE GB 341 113.53 -6.27 -176.41
N GLN GB 342 112.46 -7.05 -176.32
CA GLN GB 342 112.15 -8.07 -177.30
C GLN GB 342 110.71 -7.95 -177.75
N PHE GB 343 110.48 -8.22 -179.03
CA PHE GB 343 109.16 -8.14 -179.62
C PHE GB 343 108.88 -9.42 -180.41
N VAL GB 344 107.60 -9.65 -180.70
CA VAL GB 344 107.21 -10.79 -181.51
C VAL GB 344 107.46 -10.48 -182.98
N ASP GB 345 107.51 -11.54 -183.79
CA ASP GB 345 107.95 -11.38 -185.18
C ASP GB 345 106.85 -10.77 -186.05
N TRP GB 346 105.59 -11.10 -185.79
CA TRP GB 346 104.52 -10.74 -186.71
C TRP GB 346 104.07 -9.29 -186.57
N CYS GB 347 104.82 -8.43 -185.88
CA CYS GB 347 104.52 -7.01 -185.82
C CYS GB 347 105.79 -6.19 -186.01
N PRO GB 348 105.99 -5.58 -187.18
CA PRO GB 348 107.06 -4.58 -187.29
C PRO GB 348 106.74 -3.33 -186.52
N THR GB 349 105.48 -2.90 -186.54
CA THR GB 349 104.98 -1.82 -185.69
C THR GB 349 104.65 -2.37 -184.30
N GLY GB 350 103.91 -1.61 -183.52
CA GLY GB 350 103.65 -2.01 -182.15
C GLY GB 350 103.65 -0.85 -181.18
N PHE GB 351 103.79 0.37 -181.71
CA PHE GB 351 103.80 1.58 -180.89
C PHE GB 351 102.67 2.49 -181.35
N LYS GB 352 101.63 2.60 -180.54
CA LYS GB 352 100.55 3.56 -180.76
C LYS GB 352 100.75 4.69 -179.75
N CYS GB 353 101.32 5.79 -180.21
CA CYS GB 353 101.70 6.90 -179.35
C CYS GB 353 100.63 7.99 -179.38
N GLY GB 354 100.54 8.71 -178.27
CA GLY GB 354 99.59 9.81 -178.17
C GLY GB 354 100.17 10.96 -177.36
N ILE GB 355 99.78 12.17 -177.74
CA ILE GB 355 100.27 13.39 -177.11
C ILE GB 355 99.07 14.22 -176.67
N ASN GB 356 99.25 14.93 -175.56
CA ASN GB 356 98.25 15.88 -175.07
C ASN GB 356 98.99 17.10 -174.52
N TYR GB 357 98.30 18.23 -174.53
CA TYR GB 357 98.94 19.51 -174.25
C TYR GB 357 98.73 19.99 -172.82
N GLN GB 358 97.88 19.33 -172.05
CA GLN GB 358 97.66 19.72 -170.66
C GLN GB 358 98.65 18.98 -169.77
N PRO GB 359 99.44 19.67 -168.95
CA PRO GB 359 100.42 18.98 -168.10
C PRO GB 359 99.71 18.20 -167.00
N PRO GB 360 100.43 17.30 -166.32
CA PRO GB 360 99.82 16.60 -165.19
C PRO GB 360 99.57 17.55 -164.03
N THR GB 361 98.48 17.30 -163.31
CA THR GB 361 98.14 18.08 -162.14
C THR GB 361 98.67 17.39 -160.90
N VAL GB 362 98.87 18.17 -159.85
CA VAL GB 362 99.35 17.65 -158.57
C VAL GB 362 98.31 17.97 -157.51
N VAL GB 363 98.24 17.10 -156.50
CA VAL GB 363 97.29 17.27 -155.42
C VAL GB 363 97.97 17.89 -154.21
N PRO GB 364 97.44 19.00 -153.68
CA PRO GB 364 98.00 19.57 -152.45
C PRO GB 364 97.91 18.58 -151.30
N GLY GB 365 98.99 18.52 -150.52
CA GLY GB 365 99.13 17.49 -149.52
C GLY GB 365 99.45 16.12 -150.09
N GLY GB 366 99.63 16.03 -151.40
CA GLY GB 366 99.98 14.78 -152.04
C GLY GB 366 101.48 14.57 -152.12
N ASP GB 367 101.85 13.47 -152.75
CA ASP GB 367 103.23 13.00 -152.75
C ASP GB 367 103.99 13.34 -154.02
N LEU GB 368 103.30 13.52 -155.14
CA LEU GB 368 103.95 13.87 -156.39
C LEU GB 368 104.39 15.34 -156.36
N ALA GB 369 105.10 15.75 -157.41
CA ALA GB 369 105.58 17.11 -157.57
C ALA GB 369 105.13 17.67 -158.92
N LYS GB 370 105.24 18.98 -159.07
CA LYS GB 370 104.79 19.65 -160.28
C LYS GB 370 105.81 19.45 -161.40
N VAL GB 371 105.39 18.76 -162.46
CA VAL GB 371 106.23 18.50 -163.63
C VAL GB 371 105.41 18.85 -164.86
N GLN GB 372 106.07 19.38 -165.88
CA GLN GB 372 105.41 19.73 -167.13
C GLN GB 372 105.45 18.61 -168.16
N ARG GB 373 106.14 17.51 -167.88
CA ARG GB 373 106.17 16.36 -168.77
C ARG GB 373 105.80 15.10 -168.00
N ALA GB 374 105.19 14.16 -168.70
CA ALA GB 374 104.72 12.94 -168.08
C ALA GB 374 104.43 11.91 -169.17
N VAL GB 375 104.76 10.66 -168.90
CA VAL GB 375 104.56 9.55 -169.83
C VAL GB 375 103.99 8.37 -169.08
N CYS GB 376 102.99 7.72 -169.67
CA CYS GB 376 102.51 6.43 -169.20
C CYS GB 376 102.61 5.44 -170.35
N MET GB 377 102.99 4.22 -170.02
CA MET GB 377 103.20 3.17 -171.02
C MET GB 377 102.31 1.98 -170.69
N ILE GB 378 101.72 1.39 -171.73
CA ILE GB 378 100.94 0.16 -171.59
C ILE GB 378 101.40 -0.78 -172.70
N SER GB 379 101.89 -1.96 -172.31
CA SER GB 379 102.39 -2.94 -173.26
C SER GB 379 101.69 -4.28 -173.04
N ASN GB 380 101.52 -5.02 -174.13
CA ASN GB 380 101.04 -6.39 -174.09
C ASN GB 380 102.21 -7.31 -174.39
N SER GB 381 102.58 -8.13 -173.41
CA SER GB 381 103.71 -9.04 -173.55
C SER GB 381 103.26 -10.46 -173.24
N THR GB 382 103.96 -11.42 -173.84
CA THR GB 382 103.69 -12.82 -173.54
C THR GB 382 104.37 -13.30 -172.27
N ALA GB 383 105.26 -12.49 -171.69
CA ALA GB 383 105.95 -12.89 -170.47
C ALA GB 383 105.01 -12.96 -169.27
N ILE GB 384 103.83 -12.34 -169.35
CA ILE GB 384 102.92 -12.29 -168.22
C ILE GB 384 102.52 -13.67 -167.73
N GLY GB 385 102.66 -14.69 -168.57
CA GLY GB 385 102.37 -16.05 -168.14
C GLY GB 385 103.18 -16.52 -166.96
N GLU GB 386 104.29 -15.83 -166.65
CA GLU GB 386 105.11 -16.21 -165.51
C GLU GB 386 104.34 -16.05 -164.20
N ILE GB 387 103.77 -14.87 -163.98
CA ILE GB 387 102.98 -14.65 -162.78
C ILE GB 387 101.66 -15.39 -162.85
N PHE GB 388 101.22 -15.73 -164.05
CA PHE GB 388 100.07 -16.62 -164.19
C PHE GB 388 100.42 -18.04 -163.76
N SER GB 389 101.69 -18.42 -163.89
CA SER GB 389 102.09 -19.78 -163.56
C SER GB 389 102.07 -20.02 -162.06
N ARG GB 390 102.43 -19.01 -161.27
CA ARG GB 390 102.43 -19.17 -159.82
C ARG GB 390 101.06 -19.56 -159.31
N LEU GB 391 100.02 -18.84 -159.73
CA LEU GB 391 98.66 -19.17 -159.31
C LEU GB 391 98.27 -20.57 -159.77
N ASP GB 392 98.83 -21.02 -160.89
CA ASP GB 392 98.58 -22.39 -161.34
C ASP GB 392 99.10 -23.39 -160.33
N HIS GB 393 100.29 -23.16 -159.79
CA HIS GB 393 100.87 -24.10 -158.83
C HIS GB 393 100.13 -24.06 -157.51
N LYS GB 394 99.84 -22.86 -157.00
CA LYS GB 394 99.26 -22.73 -155.68
C LYS GB 394 97.88 -23.36 -155.58
N PHE GB 395 97.11 -23.35 -156.68
CA PHE GB 395 95.76 -23.88 -156.64
C PHE GB 395 95.74 -25.37 -156.31
N ASP GB 396 96.38 -26.17 -157.16
CA ASP GB 396 96.45 -27.61 -156.90
C ASP GB 396 97.20 -27.91 -155.61
N LEU GB 397 98.13 -27.03 -155.22
CA LEU GB 397 98.85 -27.21 -153.97
C LEU GB 397 97.90 -27.25 -152.78
N MET GB 398 96.75 -26.60 -152.88
CA MET GB 398 95.71 -26.64 -151.86
C MET GB 398 94.46 -27.39 -152.29
N TYR GB 399 94.24 -27.56 -153.60
CA TYR GB 399 93.06 -28.27 -154.06
C TYR GB 399 93.20 -29.77 -153.87
N ALA GB 400 94.41 -30.31 -153.99
CA ALA GB 400 94.62 -31.71 -153.68
C ALA GB 400 94.24 -32.00 -152.22
N LYS GB 401 94.54 -31.07 -151.33
CA LYS GB 401 94.11 -31.17 -149.93
C LYS GB 401 92.65 -30.80 -149.74
N ARG GB 402 92.01 -30.21 -150.76
CA ARG GB 402 90.61 -29.78 -150.70
C ARG GB 402 90.37 -28.84 -149.53
N ALA GB 403 91.37 -28.04 -149.20
CA ALA GB 403 91.24 -27.10 -148.10
C ALA GB 403 90.24 -26.00 -148.43
N PHE GB 404 89.53 -25.53 -147.41
CA PHE GB 404 88.60 -24.41 -147.52
C PHE GB 404 87.45 -24.72 -148.46
N VAL GB 405 87.40 -25.93 -149.00
CA VAL GB 405 86.40 -26.25 -150.01
C VAL GB 405 85.01 -26.38 -149.40
N HIS GB 406 84.93 -26.90 -148.18
CA HIS GB 406 83.64 -27.06 -147.52
C HIS GB 406 82.89 -25.73 -147.42
N TRP GB 407 83.61 -24.61 -147.40
CA TRP GB 407 82.97 -23.31 -147.53
C TRP GB 407 82.26 -23.18 -148.88
N TYR GB 408 83.01 -23.41 -149.97
CA TYR GB 408 82.49 -23.14 -151.30
C TYR GB 408 81.30 -24.05 -151.63
N VAL GB 409 81.48 -25.35 -151.46
CA VAL GB 409 80.38 -26.29 -151.72
C VAL GB 409 79.23 -26.07 -150.76
N GLY GB 410 79.46 -25.36 -149.66
CA GLY GB 410 78.40 -25.03 -148.74
C GLY GB 410 77.74 -23.70 -149.06
N GLU GB 411 78.45 -22.85 -149.82
CA GLU GB 411 77.96 -21.53 -150.19
C GLU GB 411 77.36 -21.51 -151.60
N GLY GB 412 76.85 -22.65 -152.07
CA GLY GB 412 76.27 -22.70 -153.39
C GLY GB 412 77.30 -22.80 -154.49
N MET GB 413 78.23 -23.73 -154.33
CA MET GB 413 79.18 -24.05 -155.39
C MET GB 413 79.39 -25.56 -155.41
N GLU GB 414 80.18 -26.01 -156.38
CA GLU GB 414 80.46 -27.43 -156.55
C GLU GB 414 81.96 -27.57 -156.80
N GLU GB 415 82.38 -28.79 -157.14
CA GLU GB 415 83.78 -29.07 -157.40
C GLU GB 415 84.15 -28.93 -158.86
N GLY GB 416 83.18 -28.98 -159.77
CA GLY GB 416 83.48 -28.78 -161.17
C GLY GB 416 84.18 -27.45 -161.42
N GLU GB 417 83.61 -26.36 -160.88
CA GLU GB 417 84.14 -25.02 -161.12
C GLU GB 417 85.63 -24.97 -160.81
N PHE GB 418 86.08 -25.64 -159.75
CA PHE GB 418 87.51 -25.74 -159.49
C PHE GB 418 88.23 -26.38 -160.67
N SER GB 419 87.71 -27.51 -161.14
CA SER GB 419 88.35 -28.21 -162.27
C SER GB 419 88.15 -27.44 -163.57
N GLU GB 420 86.94 -26.91 -163.80
CA GLU GB 420 86.66 -26.20 -165.04
C GLU GB 420 87.54 -24.97 -165.18
N ALA GB 421 87.57 -24.12 -164.15
CA ALA GB 421 88.48 -22.97 -164.17
C ALA GB 421 89.93 -23.43 -164.25
N ARG GB 422 90.24 -24.59 -163.67
CA ARG GB 422 91.61 -25.09 -163.71
C ARG GB 422 92.10 -25.28 -165.14
N GLU GB 423 91.26 -25.89 -165.99
CA GLU GB 423 91.68 -26.18 -167.36
C GLU GB 423 91.95 -24.92 -168.14
N ASP GB 424 91.08 -23.91 -168.00
CA ASP GB 424 91.26 -22.68 -168.76
C ASP GB 424 92.50 -21.92 -168.31
N LEU GB 425 92.92 -22.10 -167.05
CA LEU GB 425 94.23 -21.57 -166.66
C LEU GB 425 95.34 -22.29 -167.39
N ALA GB 426 95.26 -23.62 -167.47
CA ALA GB 426 96.19 -24.35 -168.32
C ALA GB 426 96.06 -23.89 -169.77
N ALA GB 427 94.82 -23.82 -170.27
CA ALA GB 427 94.59 -23.45 -171.66
C ALA GB 427 95.21 -22.09 -171.98
N LEU GB 428 94.95 -21.09 -171.13
CA LEU GB 428 95.53 -19.77 -171.35
C LEU GB 428 97.05 -19.83 -171.36
N GLU GB 429 97.63 -20.59 -170.43
CA GLU GB 429 99.09 -20.62 -170.32
C GLU GB 429 99.74 -21.15 -171.59
N LYS GB 430 99.13 -22.15 -172.22
CA LYS GB 430 99.65 -22.64 -173.50
C LYS GB 430 99.51 -21.58 -174.58
N ASP GB 431 98.43 -20.81 -174.56
CA ASP GB 431 98.25 -19.75 -175.55
C ASP GB 431 99.39 -18.74 -175.45
N PHE GB 432 99.81 -18.40 -174.23
CA PHE GB 432 100.97 -17.54 -174.07
C PHE GB 432 102.25 -18.20 -174.56
N GLU GB 433 102.25 -19.51 -174.72
CA GLU GB 433 103.40 -20.22 -175.27
C GLU GB 433 103.32 -20.36 -176.79
N GLU GB 434 102.11 -20.46 -177.34
CA GLU GB 434 101.97 -20.60 -178.78
C GLU GB 434 102.40 -19.35 -179.53
N VAL GB 435 102.42 -18.19 -178.88
CA VAL GB 435 102.87 -16.97 -179.52
C VAL GB 435 104.38 -16.89 -179.60
N GLY GB 436 105.09 -17.79 -178.93
CA GLY GB 436 106.55 -17.82 -178.99
C GLY GB 436 107.06 -18.24 -180.35
N MET HB 1 31.71 26.66 -167.26
CA MET HB 1 31.88 26.08 -168.58
C MET HB 1 32.61 24.73 -168.51
N ARG HB 2 33.66 24.68 -167.69
CA ARG HB 2 34.46 23.46 -167.52
C ARG HB 2 34.69 23.28 -166.01
N GLU HB 3 33.78 22.57 -165.35
CA GLU HB 3 33.87 22.33 -163.92
C GLU HB 3 33.57 20.87 -163.64
N VAL HB 4 33.94 20.42 -162.43
CA VAL HB 4 33.78 19.03 -162.03
C VAL HB 4 33.23 18.96 -160.62
N ILE HB 5 32.50 17.89 -160.34
CA ILE HB 5 31.90 17.65 -159.03
C ILE HB 5 32.67 16.52 -158.38
N SER HB 6 33.39 16.83 -157.31
CA SER HB 6 34.25 15.87 -156.63
C SER HB 6 33.55 15.37 -155.38
N ILE HB 7 33.19 14.09 -155.39
CA ILE HB 7 32.54 13.45 -154.26
C ILE HB 7 33.58 12.68 -153.46
N HIS HB 8 33.33 12.52 -152.16
CA HIS HB 8 34.25 11.80 -151.29
C HIS HB 8 33.43 10.93 -150.34
N ILE HB 9 33.33 9.65 -150.65
CA ILE HB 9 32.60 8.70 -149.82
C ILE HB 9 33.59 7.96 -148.95
N GLY HB 10 33.19 7.71 -147.70
CA GLY HB 10 34.04 6.92 -146.82
C GLY HB 10 35.23 7.69 -146.29
N GLN HB 11 35.89 7.05 -145.31
CA GLN HB 11 36.97 7.72 -144.58
C GLN HB 11 38.16 8.01 -145.47
N ALA HB 12 38.63 7.01 -146.21
CA ALA HB 12 39.77 7.24 -147.09
C ALA HB 12 39.43 8.26 -148.16
N GLY HB 13 38.20 8.21 -148.67
CA GLY HB 13 37.77 9.19 -149.65
C GLY HB 13 37.92 10.61 -149.13
N ILE HB 14 37.29 10.90 -147.99
CA ILE HB 14 37.37 12.27 -147.48
C ILE HB 14 38.75 12.60 -146.94
N GLN HB 15 39.54 11.60 -146.54
CA GLN HB 15 40.92 11.84 -146.16
C GLN HB 15 41.72 12.35 -147.35
N VAL HB 16 41.69 11.61 -148.45
CA VAL HB 16 42.35 12.05 -149.68
C VAL HB 16 41.82 13.40 -150.11
N GLY HB 17 40.52 13.63 -149.94
CA GLY HB 17 39.97 14.93 -150.25
C GLY HB 17 40.56 16.03 -149.40
N ASN HB 18 40.86 15.74 -148.14
CA ASN HB 18 41.51 16.71 -147.28
C ASN HB 18 42.92 17.06 -147.77
N ALA HB 19 43.45 16.30 -148.72
CA ALA HB 19 44.72 16.63 -149.37
C ALA HB 19 44.52 17.28 -150.73
N CYS HB 20 43.56 16.81 -151.52
CA CYS HB 20 43.29 17.43 -152.81
C CYS HB 20 42.83 18.87 -152.63
N TRP HB 21 41.85 19.09 -151.75
CA TRP HB 21 41.36 20.44 -151.49
C TRP HB 21 42.32 21.24 -150.63
N GLU HB 22 43.37 20.61 -150.11
CA GLU HB 22 44.52 21.32 -149.57
C GLU HB 22 45.44 21.80 -150.68
N LEU HB 23 45.61 20.97 -151.72
CA LEU HB 23 46.52 21.31 -152.79
C LEU HB 23 45.94 22.39 -153.70
N TYR HB 24 44.63 22.32 -153.98
CA TYR HB 24 44.05 23.22 -154.98
C TYR HB 24 44.05 24.67 -154.50
N CYS HB 25 43.72 24.89 -153.23
CA CYS HB 25 43.70 26.26 -152.72
C CYS HB 25 45.09 26.88 -152.78
N LEU HB 26 46.13 26.06 -152.69
CA LEU HB 26 47.50 26.52 -152.87
C LEU HB 26 47.89 26.67 -154.34
N GLU HB 27 47.36 25.81 -155.20
CA GLU HB 27 47.63 25.90 -156.63
C GLU HB 27 47.03 27.17 -157.21
N HIS HB 28 45.97 27.69 -156.60
CA HIS HB 28 45.32 28.90 -157.09
C HIS HB 28 45.39 30.05 -156.10
N GLY HB 29 46.15 29.93 -155.01
CA GLY HB 29 46.32 31.03 -154.08
C GLY HB 29 45.19 31.22 -153.11
N ILE HB 30 44.19 30.35 -153.10
CA ILE HB 30 43.03 30.51 -152.22
C ILE HB 30 43.48 30.31 -150.78
N GLN HB 31 43.34 31.36 -149.97
CA GLN HB 31 43.64 31.23 -148.55
C GLN HB 31 42.72 30.20 -147.92
N PRO HB 32 43.10 29.68 -146.75
CA PRO HB 32 42.17 28.78 -146.04
C PRO HB 32 40.83 29.41 -145.71
N ASP HB 33 40.72 30.72 -145.73
CA ASP HB 33 39.45 31.39 -145.48
C ASP HB 33 38.72 31.75 -146.77
N GLY HB 34 38.66 30.81 -147.70
CA GLY HB 34 37.73 30.91 -148.80
C GLY HB 34 38.09 31.87 -149.91
N GLN HB 35 38.85 32.92 -149.57
CA GLN HB 35 39.09 34.03 -150.48
C GLN HB 35 40.57 34.26 -150.67
N MET HB 36 40.97 34.49 -151.91
CA MET HB 36 42.32 34.90 -152.24
C MET HB 36 42.47 36.40 -152.00
N PRO HB 37 43.71 36.89 -151.85
CA PRO HB 37 43.91 38.33 -151.78
C PRO HB 37 43.60 39.03 -153.10
N ASP HB 46 40.09 34.41 -164.58
CA ASP HB 46 38.86 33.61 -164.55
C ASP HB 46 39.10 32.22 -165.13
N ASP HB 47 38.25 31.28 -164.74
CA ASP HB 47 38.29 29.87 -165.13
C ASP HB 47 39.51 29.16 -164.58
N ALA HB 48 40.41 29.87 -163.88
CA ALA HB 48 41.54 29.21 -163.24
C ALA HB 48 41.14 28.48 -161.97
N PHE HB 49 39.95 28.78 -161.45
CA PHE HB 49 39.43 28.11 -160.26
C PHE HB 49 37.98 27.67 -160.40
N ASN HB 50 37.24 28.22 -161.37
CA ASN HB 50 35.83 27.85 -161.51
C ASN HB 50 35.64 26.36 -161.64
N THR HB 51 36.62 25.66 -162.23
CA THR HB 51 36.54 24.21 -162.33
C THR HB 51 36.48 23.55 -160.96
N PHE HB 52 37.06 24.19 -159.95
CA PHE HB 52 37.12 23.63 -158.61
C PHE HB 52 36.52 24.56 -157.57
N PHE HB 53 35.92 25.66 -157.98
CA PHE HB 53 35.35 26.62 -157.05
C PHE HB 53 34.15 27.28 -157.69
N SER HB 54 33.52 28.17 -156.93
CA SER HB 54 32.44 29.00 -157.45
C SER HB 54 32.41 30.24 -156.59
N GLU HB 55 32.88 31.36 -157.15
CA GLU HB 55 32.91 32.61 -156.39
C GLU HB 55 31.51 32.96 -155.91
N THR HB 56 31.40 33.31 -154.64
CA THR HB 56 30.12 33.65 -154.05
C THR HB 56 29.71 35.05 -154.51
N GLY HB 57 28.66 35.59 -153.89
CA GLY HB 57 28.26 36.96 -154.19
C GLY HB 57 29.38 37.96 -153.99
N ALA HB 58 30.29 37.69 -153.05
CA ALA HB 58 31.41 38.59 -152.81
C ALA HB 58 32.49 37.85 -152.04
N GLY HB 59 33.68 37.72 -152.65
CA GLY HB 59 34.86 37.28 -151.93
C GLY HB 59 35.13 35.79 -151.87
N LYS HB 60 34.34 35.07 -151.08
CA LYS HB 60 34.65 33.69 -150.78
C LYS HB 60 34.53 32.81 -152.02
N HIS HB 61 35.33 31.74 -152.04
CA HIS HB 61 35.23 30.68 -153.03
C HIS HB 61 34.92 29.38 -152.29
N VAL HB 62 33.77 28.79 -152.58
CA VAL HB 62 33.44 27.50 -151.98
C VAL HB 62 33.95 26.40 -152.90
N PRO HB 63 34.52 25.32 -152.35
CA PRO HB 63 34.95 24.20 -153.20
C PRO HB 63 33.75 23.36 -153.60
N ARG HB 64 33.56 23.19 -154.90
CA ARG HB 64 32.40 22.46 -155.40
C ARG HB 64 32.56 20.96 -155.18
N CYS HB 65 32.63 20.56 -153.90
CA CYS HB 65 32.83 19.18 -153.51
C CYS HB 65 31.70 18.73 -152.58
N ILE HB 66 31.71 17.46 -152.23
CA ILE HB 66 30.77 16.88 -151.29
C ILE HB 66 31.51 15.89 -150.41
N PHE HB 67 31.45 16.09 -149.11
CA PHE HB 67 32.07 15.19 -148.15
C PHE HB 67 30.97 14.39 -147.48
N LEU HB 68 30.92 13.09 -147.77
CA LEU HB 68 29.87 12.21 -147.32
C LEU HB 68 30.48 11.10 -146.49
N ASP HB 69 29.79 10.74 -145.40
CA ASP HB 69 30.27 9.65 -144.54
C ASP HB 69 29.17 9.29 -143.57
N LEU HB 70 29.25 8.06 -143.06
CA LEU HB 70 28.35 7.59 -142.01
C LEU HB 70 29.01 7.60 -140.63
N GLU HB 71 30.33 7.59 -140.57
CA GLU HB 71 31.05 7.73 -139.31
C GLU HB 71 31.20 9.22 -139.02
N PRO HB 72 30.59 9.74 -137.96
CA PRO HB 72 30.75 11.18 -137.68
C PRO HB 72 32.16 11.55 -137.25
N THR HB 73 32.96 10.57 -136.81
CA THR HB 73 34.18 10.85 -136.07
C THR HB 73 35.29 11.46 -136.91
N VAL HB 74 35.12 11.57 -138.22
CA VAL HB 74 36.15 12.11 -139.10
C VAL HB 74 35.67 13.35 -139.86
N VAL HB 75 34.42 13.35 -140.31
CA VAL HB 75 33.88 14.56 -140.92
C VAL HB 75 33.88 15.70 -139.92
N ASP HB 76 33.54 15.41 -138.67
CA ASP HB 76 33.58 16.44 -137.63
C ASP HB 76 34.98 16.97 -137.38
N GLU HB 77 36.01 16.31 -137.92
CA GLU HB 77 37.36 16.82 -137.78
C GLU HB 77 37.63 17.95 -138.78
N VAL HB 78 37.18 17.77 -140.03
CA VAL HB 78 37.20 18.89 -140.97
C VAL HB 78 36.30 20.01 -140.47
N ARG HB 79 35.19 19.64 -139.83
CA ARG HB 79 34.28 20.63 -139.25
C ARG HB 79 34.97 21.50 -138.21
N THR HB 80 36.07 21.01 -137.62
CA THR HB 80 36.83 21.80 -136.67
C THR HB 80 38.27 22.03 -137.09
N GLY HB 81 38.72 21.43 -138.20
CA GLY HB 81 40.06 21.67 -138.68
C GLY HB 81 40.25 23.10 -139.17
N THR HB 82 41.45 23.35 -139.71
CA THR HB 82 41.71 24.66 -140.27
C THR HB 82 40.87 24.92 -141.51
N TYR HB 83 40.49 23.87 -142.22
CA TYR HB 83 39.70 24.02 -143.44
C TYR HB 83 38.22 23.82 -143.15
N ARG HB 84 37.71 24.66 -142.25
CA ARG HB 84 36.26 24.79 -142.08
C ARG HB 84 35.73 26.06 -142.72
N GLN HB 85 36.54 27.12 -142.76
CA GLN HB 85 36.14 28.35 -143.45
C GLN HB 85 35.95 28.13 -144.93
N LEU HB 86 36.58 27.12 -145.52
CA LEU HB 86 36.37 26.83 -146.93
C LEU HB 86 34.97 26.27 -147.17
N PHE HB 87 34.61 25.21 -146.46
CA PHE HB 87 33.41 24.46 -146.76
C PHE HB 87 32.19 25.05 -146.07
N HIS HB 88 31.13 25.25 -146.84
CA HIS HB 88 29.84 25.51 -146.24
C HIS HB 88 29.35 24.23 -145.57
N PRO HB 89 28.88 24.30 -144.32
CA PRO HB 89 28.50 23.06 -143.62
C PRO HB 89 27.43 22.26 -144.32
N GLU HB 90 26.65 22.87 -145.21
CA GLU HB 90 25.65 22.10 -145.96
C GLU HB 90 26.30 21.06 -146.86
N GLN HB 91 27.61 21.16 -147.11
CA GLN HB 91 28.30 20.14 -147.89
C GLN HB 91 28.57 18.91 -147.07
N LEU HB 92 29.17 19.09 -145.89
CA LEU HB 92 29.67 17.98 -145.09
C LEU HB 92 28.50 17.20 -144.50
N ILE HB 93 28.24 16.01 -145.01
CA ILE HB 93 27.18 15.15 -144.52
C ILE HB 93 27.78 14.17 -143.52
N SER HB 94 26.96 13.73 -142.57
CA SER HB 94 27.39 12.78 -141.56
C SER HB 94 26.26 11.79 -141.33
N GLY HB 95 26.36 11.02 -140.24
CA GLY HB 95 25.35 10.05 -139.90
C GLY HB 95 25.54 9.49 -138.51
N LYS HB 96 24.43 9.23 -137.80
CA LYS HB 96 24.54 8.77 -136.42
C LYS HB 96 25.27 7.44 -136.31
N GLU HB 97 25.11 6.58 -137.30
CA GLU HB 97 25.68 5.24 -137.29
C GLU HB 97 26.41 5.00 -138.60
N ASP HB 98 27.36 4.07 -138.59
CA ASP HB 98 28.15 3.75 -139.76
C ASP HB 98 27.75 2.39 -140.33
N ALA HB 99 28.50 1.93 -141.33
CA ALA HB 99 28.20 0.67 -141.99
C ALA HB 99 28.94 -0.51 -141.36
N ALA HB 100 30.05 -0.26 -140.68
CA ALA HB 100 30.79 -1.32 -139.95
C ALA HB 100 31.26 -2.42 -140.88
N ASN HB 101 31.85 -2.02 -142.01
CA ASN HB 101 32.50 -2.91 -142.96
C ASN HB 101 31.55 -3.93 -143.57
N ASN HB 102 30.25 -3.76 -143.40
CA ASN HB 102 29.26 -4.61 -144.02
C ASN HB 102 28.75 -3.92 -145.28
N PHE HB 103 28.83 -4.61 -146.41
CA PHE HB 103 28.33 -4.05 -147.65
C PHE HB 103 26.83 -3.84 -147.59
N ALA HB 104 26.10 -4.74 -146.92
CA ALA HB 104 24.65 -4.63 -146.84
C ALA HB 104 24.24 -3.41 -146.01
N ARG HB 105 24.89 -3.21 -144.86
CA ARG HB 105 24.58 -2.05 -144.03
C ARG HB 105 24.88 -0.76 -144.76
N GLY HB 106 25.85 -0.76 -145.68
CA GLY HB 106 26.12 0.42 -146.47
C GLY HB 106 25.20 0.57 -147.66
N HIS HB 107 24.69 -0.53 -148.20
CA HIS HB 107 23.95 -0.50 -149.45
C HIS HB 107 22.45 -0.75 -149.29
N TYR HB 108 22.02 -1.38 -148.20
CA TYR HB 108 20.64 -1.79 -148.08
C TYR HB 108 19.90 -1.13 -146.92
N THR HB 109 20.47 -1.15 -145.72
CA THR HB 109 19.71 -0.71 -144.56
C THR HB 109 19.90 0.77 -144.25
N ILE HB 110 21.14 1.25 -144.25
CA ILE HB 110 21.43 2.62 -143.84
C ILE HB 110 21.59 3.54 -145.04
N GLY HB 111 22.37 3.13 -146.04
CA GLY HB 111 22.60 3.97 -147.19
C GLY HB 111 21.34 4.38 -147.93
N LYS HB 112 20.26 3.61 -147.80
CA LYS HB 112 19.02 3.91 -148.52
C LYS HB 112 18.36 5.18 -148.03
N GLU HB 113 18.67 5.63 -146.81
CA GLU HB 113 17.93 6.71 -146.20
C GLU HB 113 18.60 8.07 -146.32
N ILE HB 114 19.81 8.14 -146.86
CA ILE HB 114 20.50 9.42 -147.01
C ILE HB 114 20.90 9.73 -148.44
N VAL HB 115 20.71 8.80 -149.38
CA VAL HB 115 20.99 9.11 -150.78
C VAL HB 115 20.09 10.25 -151.26
N ASP HB 116 18.81 10.22 -150.88
CA ASP HB 116 17.89 11.28 -151.27
C ASP HB 116 18.38 12.64 -150.78
N LEU HB 117 19.06 12.67 -149.64
CA LEU HB 117 19.64 13.91 -149.15
C LEU HB 117 20.77 14.37 -150.06
N ALA HB 118 21.80 13.54 -150.21
CA ALA HB 118 22.94 13.91 -151.03
C ALA HB 118 22.52 14.18 -152.47
N LEU HB 119 21.59 13.39 -153.00
CA LEU HB 119 21.09 13.62 -154.36
C LEU HB 119 20.53 15.03 -154.50
N ASP HB 120 20.00 15.61 -153.43
CA ASP HB 120 19.56 16.99 -153.51
C ASP HB 120 20.73 17.96 -153.35
N ARG HB 121 21.77 17.57 -152.60
CA ARG HB 121 22.97 18.39 -152.56
C ARG HB 121 23.62 18.46 -153.93
N ILE HB 122 23.67 17.33 -154.64
CA ILE HB 122 24.18 17.31 -156.01
C ILE HB 122 23.30 18.16 -156.91
N ARG HB 123 21.99 17.89 -156.89
CA ARG HB 123 21.06 18.67 -157.70
C ARG HB 123 21.17 20.15 -157.41
N LYS HB 124 21.48 20.52 -156.16
CA LYS HB 124 21.76 21.90 -155.82
C LYS HB 124 23.16 22.32 -156.26
N LEU HB 125 23.98 21.39 -156.73
CA LEU HB 125 25.34 21.70 -157.13
C LEU HB 125 25.58 21.53 -158.64
N ALA HB 126 24.88 20.60 -159.28
CA ALA HB 126 24.97 20.48 -160.73
C ALA HB 126 24.35 21.69 -161.42
N ASP HB 127 23.28 22.25 -160.86
CA ASP HB 127 22.61 23.38 -161.49
C ASP HB 127 23.50 24.61 -161.54
N ASN HB 128 24.36 24.78 -160.54
CA ASN HB 128 25.28 25.91 -160.56
C ASN HB 128 26.32 25.78 -161.67
N CYS HB 129 26.69 24.55 -162.02
CA CYS HB 129 27.66 24.33 -163.08
C CYS HB 129 27.00 24.47 -164.45
N THR HB 130 27.57 25.33 -165.29
CA THR HB 130 27.02 25.53 -166.63
C THR HB 130 27.38 24.36 -167.54
N GLY HB 131 28.67 24.15 -167.76
CA GLY HB 131 29.13 22.99 -168.51
C GLY HB 131 29.68 21.92 -167.60
N LEU HB 132 28.87 20.90 -167.32
CA LEU HB 132 29.24 19.86 -166.36
C LEU HB 132 30.11 18.84 -167.09
N GLN HB 133 31.42 18.90 -166.84
CA GLN HB 133 32.34 17.95 -167.45
C GLN HB 133 32.04 16.53 -166.99
N GLY HB 134 32.11 16.31 -165.68
CA GLY HB 134 31.82 15.00 -165.14
C GLY HB 134 32.07 14.97 -163.65
N PHE HB 135 31.51 13.93 -163.02
CA PHE HB 135 31.71 13.73 -161.60
C PHE HB 135 33.09 13.15 -161.34
N LEU HB 136 33.49 13.18 -160.07
CA LEU HB 136 34.84 12.77 -159.68
C LEU HB 136 34.75 12.04 -158.35
N VAL HB 137 34.62 10.73 -158.39
CA VAL HB 137 34.37 9.92 -157.22
C VAL HB 137 35.69 9.54 -156.55
N PHE HB 138 35.66 9.41 -155.22
CA PHE HB 138 36.79 8.90 -154.44
C PHE HB 138 36.27 7.76 -153.58
N ASN HB 139 36.17 6.58 -154.17
CA ASN HB 139 35.72 5.41 -153.44
C ASN HB 139 36.91 4.72 -152.79
N ALA HB 140 36.64 4.07 -151.67
CA ALA HB 140 37.66 3.32 -150.92
C ALA HB 140 37.10 1.92 -150.68
N VAL HB 141 37.30 1.04 -151.67
CA VAL HB 141 36.78 -0.31 -151.54
C VAL HB 141 37.44 -1.01 -150.38
N GLY HB 142 36.69 -1.84 -149.67
CA GLY HB 142 37.15 -2.50 -148.48
C GLY HB 142 36.41 -2.08 -147.22
N GLY HB 143 35.55 -1.07 -147.31
CA GLY HB 143 34.72 -0.67 -146.20
C GLY HB 143 33.25 -0.86 -146.51
N GLY HB 144 32.42 -0.47 -145.56
CA GLY HB 144 30.98 -0.55 -145.75
C GLY HB 144 30.43 0.67 -146.45
N THR HB 145 30.93 1.84 -146.05
CA THR HB 145 30.48 3.08 -146.66
C THR HB 145 30.90 3.17 -148.11
N GLY HB 146 32.20 3.13 -148.38
CA GLY HB 146 32.67 3.27 -149.75
C GLY HB 146 32.08 2.26 -150.70
N SER HB 147 31.98 1.01 -150.27
CA SER HB 147 31.48 -0.05 -151.15
C SER HB 147 29.96 -0.06 -151.20
N GLY HB 148 29.33 -0.28 -150.04
CA GLY HB 148 27.88 -0.42 -150.03
C GLY HB 148 27.16 0.85 -150.47
N LEU HB 149 27.52 1.96 -149.85
CA LEU HB 149 26.84 3.22 -150.17
C LEU HB 149 27.25 3.73 -151.54
N GLY HB 150 28.56 3.86 -151.79
CA GLY HB 150 29.03 4.36 -153.07
C GLY HB 150 28.40 3.66 -154.25
N SER HB 151 28.23 2.34 -154.15
CA SER HB 151 27.57 1.61 -155.23
C SER HB 151 26.10 1.95 -155.31
N LEU HB 152 25.43 2.08 -154.16
CA LEU HB 152 24.03 2.49 -154.17
C LEU HB 152 23.87 3.87 -154.78
N LEU HB 153 24.83 4.76 -154.53
CA LEU HB 153 24.75 6.11 -155.05
C LEU HB 153 24.85 6.13 -156.57
N LEU HB 154 25.86 5.46 -157.12
CA LEU HB 154 26.07 5.49 -158.57
C LEU HB 154 24.88 4.93 -159.33
N GLU HB 155 24.19 3.95 -158.77
CA GLU HB 155 22.93 3.51 -159.37
C GLU HB 155 21.96 4.67 -159.49
N ARG HB 156 21.80 5.44 -158.41
CA ARG HB 156 20.91 6.59 -158.44
C ARG HB 156 21.40 7.68 -159.37
N LEU HB 157 22.67 7.65 -159.75
CA LEU HB 157 23.20 8.67 -160.65
C LEU HB 157 22.92 8.35 -162.10
N SER HB 158 23.21 7.11 -162.51
CA SER HB 158 23.03 6.73 -163.91
C SER HB 158 21.57 6.75 -164.33
N VAL HB 159 20.64 6.60 -163.41
CA VAL HB 159 19.23 6.76 -163.77
C VAL HB 159 18.86 8.22 -163.97
N ASP HB 160 19.62 9.15 -163.39
CA ASP HB 160 19.38 10.56 -163.61
C ASP HB 160 20.03 11.05 -164.90
N TYR HB 161 21.35 10.86 -165.01
CA TYR HB 161 22.11 11.40 -166.13
C TYR HB 161 22.29 10.37 -167.24
N GLY HB 162 22.93 9.25 -166.92
CA GLY HB 162 23.15 8.23 -167.92
C GLY HB 162 24.20 8.62 -168.94
N LYS HB 163 23.89 9.65 -169.73
CA LYS HB 163 24.83 10.13 -170.74
C LYS HB 163 26.05 10.80 -170.13
N LYS HB 164 25.96 11.27 -168.89
CA LYS HB 164 27.10 11.91 -168.24
C LYS HB 164 28.16 10.86 -167.89
N SER HB 165 29.37 11.34 -167.62
CA SER HB 165 30.51 10.49 -167.32
C SER HB 165 30.76 10.46 -165.82
N LYS HB 166 30.87 9.25 -165.27
CA LYS HB 166 31.17 9.03 -163.85
C LYS HB 166 32.54 8.39 -163.74
N LEU HB 167 33.50 9.15 -163.23
CA LEU HB 167 34.86 8.64 -163.05
C LEU HB 167 34.95 7.89 -161.74
N GLY HB 168 36.17 7.57 -161.31
CA GLY HB 168 36.38 6.90 -160.04
C GLY HB 168 37.83 6.60 -159.73
N PHE HB 169 38.23 6.88 -158.50
CA PHE HB 169 39.58 6.59 -158.00
C PHE HB 169 39.41 5.67 -156.81
N THR HB 170 39.31 4.38 -157.07
CA THR HB 170 38.97 3.39 -156.05
C THR HB 170 40.23 2.73 -155.54
N VAL HB 171 40.55 2.95 -154.27
CA VAL HB 171 41.59 2.16 -153.62
C VAL HB 171 41.12 0.71 -153.56
N TYR HB 172 42.00 -0.21 -153.93
CA TYR HB 172 41.58 -1.60 -154.00
C TYR HB 172 42.22 -2.39 -152.86
N PRO HB 173 41.57 -3.45 -152.39
CA PRO HB 173 42.19 -4.28 -151.34
C PRO HB 173 43.50 -4.87 -151.81
N SER HB 174 44.58 -4.42 -151.17
CA SER HB 174 45.90 -4.90 -151.52
C SER HB 174 46.02 -6.40 -151.25
N PRO HB 175 46.83 -7.12 -152.04
CA PRO HB 175 47.00 -8.56 -151.83
C PRO HB 175 47.61 -8.89 -150.47
N GLN HB 176 48.79 -8.35 -150.19
CA GLN HB 176 49.48 -8.70 -148.95
C GLN HB 176 48.96 -7.90 -147.76
N VAL HB 177 49.13 -6.58 -147.81
CA VAL HB 177 48.72 -5.72 -146.71
C VAL HB 177 47.21 -5.51 -146.79
N SER HB 178 46.50 -5.85 -145.72
CA SER HB 178 45.06 -5.68 -145.68
C SER HB 178 44.61 -5.54 -144.24
N THR HB 179 43.78 -4.54 -143.98
CA THR HB 179 43.31 -4.23 -142.63
C THR HB 179 41.87 -4.64 -142.40
N ALA HB 180 41.35 -5.54 -143.24
CA ALA HB 180 40.01 -6.08 -143.04
C ALA HB 180 40.05 -7.57 -143.32
N VAL HB 181 39.16 -8.29 -142.67
CA VAL HB 181 39.13 -9.75 -142.74
C VAL HB 181 38.05 -10.18 -143.74
N VAL HB 182 37.04 -9.33 -143.94
CA VAL HB 182 35.91 -9.65 -144.78
C VAL HB 182 35.93 -8.89 -146.08
N GLU HB 183 36.92 -8.01 -146.29
CA GLU HB 183 36.89 -7.13 -147.45
C GLU HB 183 36.92 -7.84 -148.80
N PRO HB 184 37.44 -9.06 -148.94
CA PRO HB 184 37.17 -9.78 -150.20
C PRO HB 184 35.70 -9.97 -150.49
N TYR HB 185 34.84 -9.97 -149.47
CA TYR HB 185 33.41 -10.12 -149.71
C TYR HB 185 32.84 -8.86 -150.36
N ASN HB 186 32.95 -7.72 -149.69
CA ASN HB 186 32.30 -6.51 -150.18
C ASN HB 186 32.90 -6.04 -151.50
N SER HB 187 34.22 -6.19 -151.66
CA SER HB 187 34.88 -5.78 -152.89
C SER HB 187 34.22 -6.37 -154.11
N VAL HB 188 34.04 -7.70 -154.11
CA VAL HB 188 33.36 -8.36 -155.23
C VAL HB 188 31.98 -7.77 -155.44
N LEU HB 189 31.22 -7.60 -154.36
CA LEU HB 189 29.86 -7.08 -154.47
C LEU HB 189 29.85 -5.68 -155.07
N SER HB 190 30.82 -4.84 -154.67
CA SER HB 190 30.88 -3.49 -155.20
C SER HB 190 31.12 -3.49 -156.70
N THR HB 191 32.12 -4.26 -157.15
CA THR HB 191 32.45 -4.27 -158.57
C THR HB 191 31.30 -4.81 -159.41
N HIS HB 192 30.62 -5.86 -158.91
CA HIS HB 192 29.49 -6.42 -159.64
C HIS HB 192 28.42 -5.38 -159.94
N SER HB 193 28.33 -4.32 -159.15
CA SER HB 193 27.30 -3.32 -159.32
C SER HB 193 27.82 -2.00 -159.91
N LEU HB 194 29.05 -1.62 -159.61
CA LEU HB 194 29.58 -0.37 -160.15
C LEU HB 194 29.95 -0.50 -161.62
N LEU HB 195 30.35 -1.69 -162.05
CA LEU HB 195 30.87 -1.88 -163.39
C LEU HB 195 29.87 -1.41 -164.45
N GLU HB 196 28.64 -1.91 -164.39
CA GLU HB 196 27.65 -1.55 -165.39
C GLU HB 196 27.15 -0.12 -165.25
N HIS HB 197 27.60 0.61 -164.23
CA HIS HB 197 27.17 1.99 -164.01
C HIS HB 197 28.26 2.99 -164.37
N THR HB 198 29.45 2.88 -163.80
CA THR HB 198 30.52 3.77 -164.19
C THR HB 198 30.99 3.45 -165.60
N ASP HB 199 31.75 4.38 -166.17
CA ASP HB 199 32.30 4.23 -167.51
C ASP HB 199 33.81 4.13 -167.54
N VAL HB 200 34.50 4.67 -166.53
CA VAL HB 200 35.93 4.53 -166.38
C VAL HB 200 36.24 4.52 -164.89
N ALA HB 201 37.25 3.75 -164.51
CA ALA HB 201 37.54 3.56 -163.09
C ALA HB 201 39.03 3.32 -162.90
N VAL HB 202 39.72 4.32 -162.35
CA VAL HB 202 41.11 4.14 -161.97
C VAL HB 202 41.19 3.22 -160.76
N MET HB 203 42.25 2.41 -160.72
CA MET HB 203 42.45 1.48 -159.62
C MET HB 203 43.83 1.68 -159.02
N LEU HB 204 43.93 1.50 -157.70
CA LEU HB 204 45.22 1.55 -157.03
C LEU HB 204 45.07 0.90 -155.65
N ASP HB 205 46.20 0.78 -154.95
CA ASP HB 205 46.23 0.16 -153.64
C ASP HB 205 47.34 0.78 -152.81
N ASN HB 206 47.34 0.48 -151.52
CA ASN HB 206 48.20 1.19 -150.58
C ASN HB 206 49.66 0.76 -150.68
N GLU HB 207 49.91 -0.54 -150.58
CA GLU HB 207 51.30 -1.02 -150.48
C GLU HB 207 52.14 -0.57 -151.66
N ALA HB 208 51.55 -0.56 -152.86
CA ALA HB 208 52.28 -0.09 -154.04
C ALA HB 208 52.78 1.33 -153.85
N ILE HB 209 52.05 2.14 -153.08
CA ILE HB 209 52.49 3.49 -152.79
C ILE HB 209 53.39 3.54 -151.56
N TYR HB 210 53.21 2.60 -150.62
CA TYR HB 210 54.11 2.52 -149.48
C TYR HB 210 55.55 2.34 -149.94
N ASP HB 211 55.79 1.42 -150.87
CA ASP HB 211 57.12 1.18 -151.37
C ASP HB 211 57.70 2.42 -152.05
N ILE HB 212 56.88 3.11 -152.86
CA ILE HB 212 57.36 4.27 -153.59
C ILE HB 212 57.93 5.31 -152.63
N CYS HB 213 57.29 5.49 -151.47
CA CYS HB 213 57.82 6.40 -150.47
C CYS HB 213 59.14 5.88 -149.89
N ARG HB 214 59.34 4.57 -149.88
CA ARG HB 214 60.59 3.98 -149.41
C ARG HB 214 61.66 4.00 -150.49
N ARG HB 215 61.32 3.60 -151.72
CA ARG HB 215 62.29 3.63 -152.81
C ARG HB 215 62.75 5.05 -153.11
N SER HB 216 61.79 5.92 -153.43
CA SER HB 216 62.08 7.16 -154.13
C SER HB 216 62.27 8.35 -153.18
N LEU HB 217 61.29 8.60 -152.31
CA LEU HB 217 61.41 9.69 -151.35
C LEU HB 217 62.20 9.29 -150.11
N ASP HB 218 62.28 7.99 -149.81
CA ASP HB 218 63.09 7.46 -148.73
C ASP HB 218 62.68 8.05 -147.38
N ILE HB 219 61.42 7.78 -147.03
CA ILE HB 219 60.89 8.09 -145.70
C ILE HB 219 60.46 6.78 -145.06
N GLU HB 220 61.10 6.44 -143.94
CA GLU HB 220 60.85 5.18 -143.28
C GLU HB 220 59.56 5.16 -142.48
N ARG HB 221 58.94 6.31 -142.26
CA ARG HB 221 57.72 6.43 -141.47
C ARG HB 221 56.61 7.05 -142.32
N PRO HB 222 56.14 6.37 -143.34
CA PRO HB 222 55.00 6.90 -144.09
C PRO HB 222 53.69 6.57 -143.41
N THR HB 223 52.81 7.56 -143.40
CA THR HB 223 51.49 7.45 -142.80
C THR HB 223 50.46 7.67 -143.89
N TYR HB 224 49.18 7.51 -143.53
CA TYR HB 224 48.12 7.74 -144.50
C TYR HB 224 48.18 9.15 -145.05
N THR HB 225 48.76 10.10 -144.30
CA THR HB 225 48.84 11.47 -144.80
C THR HB 225 49.86 11.60 -145.92
N ASN HB 226 50.86 10.72 -145.99
CA ASN HB 226 51.84 10.80 -147.06
C ASN HB 226 51.27 10.31 -148.38
N LEU HB 227 50.65 9.13 -148.36
CA LEU HB 227 50.01 8.62 -149.57
C LEU HB 227 48.98 9.61 -150.10
N ASN HB 228 48.26 10.27 -149.20
CA ASN HB 228 47.21 11.19 -149.64
C ASN HB 228 47.78 12.37 -150.40
N ARG HB 229 48.99 12.82 -150.06
CA ARG HB 229 49.61 13.89 -150.82
C ARG HB 229 49.95 13.44 -152.23
N LEU HB 230 50.25 12.16 -152.41
CA LEU HB 230 50.62 11.66 -153.73
C LEU HB 230 49.40 11.46 -154.61
N ILE HB 231 48.27 11.06 -154.02
CA ILE HB 231 47.03 11.01 -154.79
C ILE HB 231 46.62 12.42 -155.20
N ALA HB 232 46.96 13.42 -154.39
CA ALA HB 232 46.68 14.80 -154.76
C ALA HB 232 47.43 15.19 -156.03
N GLN HB 233 48.68 14.75 -156.15
CA GLN HB 233 49.47 15.11 -157.32
C GLN HB 233 48.96 14.44 -158.59
N VAL HB 234 48.48 13.21 -158.47
CA VAL HB 234 47.97 12.49 -159.64
C VAL HB 234 46.82 13.26 -160.28
N ILE HB 235 45.89 13.74 -159.45
CA ILE HB 235 44.69 14.36 -159.99
C ILE HB 235 44.98 15.74 -160.54
N SER HB 236 45.78 16.52 -159.82
CA SER HB 236 46.11 17.87 -160.28
C SER HB 236 46.66 17.84 -161.70
N SER HB 237 47.67 17.01 -161.94
CA SER HB 237 48.22 16.88 -163.28
C SER HB 237 47.20 16.33 -164.26
N LEU HB 238 46.21 15.56 -163.78
CA LEU HB 238 45.19 15.06 -164.68
C LEU HB 238 44.22 16.16 -165.10
N THR HB 239 43.79 16.98 -164.15
CA THR HB 239 42.76 17.98 -164.40
C THR HB 239 43.31 19.35 -164.74
N ALA HB 240 44.63 19.48 -164.91
CA ALA HB 240 45.19 20.81 -165.16
C ALA HB 240 44.69 21.37 -166.48
N SER HB 241 44.62 20.55 -167.53
CA SER HB 241 44.16 21.04 -168.81
C SER HB 241 42.71 21.51 -168.76
N LEU HB 242 41.90 20.92 -167.87
CA LEU HB 242 40.56 21.44 -167.64
C LEU HB 242 40.59 22.87 -167.11
N ARG HB 243 41.70 23.28 -166.50
CA ARG HB 243 41.80 24.58 -165.88
C ARG HB 243 43.01 25.39 -166.33
N PHE HB 244 43.92 24.81 -167.11
CA PHE HB 244 45.08 25.52 -167.59
C PHE HB 244 45.19 25.36 -169.10
N ASP HB 245 46.07 26.16 -169.68
CA ASP HB 245 46.33 26.12 -171.12
C ASP HB 245 47.41 25.08 -171.40
N GLY HB 246 47.88 25.03 -172.63
CA GLY HB 246 48.93 24.11 -173.00
C GLY HB 246 48.59 23.37 -174.28
N ALA HB 247 49.62 23.01 -175.04
CA ALA HB 247 49.41 22.24 -176.26
C ALA HB 247 48.81 20.88 -175.93
N LEU HB 248 47.95 20.40 -176.83
CA LEU HB 248 47.28 19.12 -176.67
C LEU HB 248 46.45 19.09 -175.39
N ASN HB 249 45.55 20.07 -175.27
CA ASN HB 249 44.66 20.10 -174.13
C ASN HB 249 43.76 18.86 -174.12
N VAL HB 250 43.55 18.30 -172.93
CA VAL HB 250 42.84 17.05 -172.78
C VAL HB 250 41.56 17.28 -171.98
N ASP HB 251 40.47 16.71 -172.46
CA ASP HB 251 39.17 16.79 -171.80
C ASP HB 251 38.65 15.39 -171.52
N ILE HB 252 37.78 15.29 -170.51
CA ILE HB 252 37.31 13.99 -170.03
C ILE HB 252 36.69 13.19 -171.16
N THR HB 253 35.88 13.85 -172.00
CA THR HB 253 35.29 13.17 -173.15
C THR HB 253 36.37 12.59 -174.06
N GLU HB 254 37.29 13.44 -174.53
CA GLU HB 254 38.40 12.95 -175.34
C GLU HB 254 39.38 12.11 -174.54
N PHE HB 255 39.32 12.18 -173.20
CA PHE HB 255 40.11 11.29 -172.36
C PHE HB 255 39.51 9.91 -172.28
N GLN HB 256 38.20 9.79 -172.49
CA GLN HB 256 37.46 8.56 -172.27
C GLN HB 256 37.21 7.77 -173.54
N THR HB 257 36.94 8.46 -174.66
CA THR HB 257 36.62 7.77 -175.90
C THR HB 257 37.76 6.87 -176.37
N ASN HB 258 39.00 7.34 -176.25
CA ASN HB 258 40.16 6.64 -176.79
C ASN HB 258 40.94 5.87 -175.73
N LEU HB 259 40.28 5.47 -174.64
CA LEU HB 259 40.92 4.63 -173.64
C LEU HB 259 40.10 3.41 -173.22
N VAL HB 260 38.83 3.34 -173.56
CA VAL HB 260 38.02 2.18 -173.19
C VAL HB 260 37.43 1.58 -174.47
N PRO HB 261 38.18 0.72 -175.16
CA PRO HB 261 37.66 0.17 -176.42
C PRO HB 261 36.40 -0.65 -176.26
N TYR HB 262 36.28 -1.38 -175.16
CA TYR HB 262 35.10 -2.19 -174.93
C TYR HB 262 34.36 -1.72 -173.68
N PRO HB 263 33.03 -1.84 -173.65
CA PRO HB 263 32.28 -1.29 -172.51
C PRO HB 263 32.65 -1.91 -171.18
N ARG HB 264 32.82 -3.23 -171.14
CA ARG HB 264 33.15 -3.89 -169.88
C ARG HB 264 34.54 -3.49 -169.41
N ILE HB 265 35.52 -3.53 -170.30
CA ILE HB 265 36.91 -3.26 -169.95
C ILE HB 265 37.06 -1.74 -169.80
N HIS HB 266 37.09 -1.27 -168.55
CA HIS HB 266 37.40 0.13 -168.29
C HIS HB 266 38.38 0.34 -167.16
N PHE HB 267 38.67 -0.68 -166.34
CA PHE HB 267 39.67 -0.53 -165.29
C PHE HB 267 41.02 -0.22 -165.90
N MET HB 268 41.87 0.47 -165.12
CA MET HB 268 43.18 0.84 -165.60
C MET HB 268 44.07 1.18 -164.42
N LEU HB 269 45.36 1.16 -164.66
CA LEU HB 269 46.36 1.44 -163.63
C LEU HB 269 46.68 2.94 -163.64
N SER HB 270 47.73 3.32 -162.92
CA SER HB 270 48.21 4.70 -162.93
C SER HB 270 49.69 4.70 -162.60
N SER HB 271 50.30 5.87 -162.74
CA SER HB 271 51.72 6.06 -162.44
C SER HB 271 52.01 7.55 -162.42
N TYR HB 272 53.19 7.89 -161.92
CA TYR HB 272 53.57 9.29 -161.82
C TYR HB 272 55.09 9.38 -161.71
N ALA HB 273 55.64 10.45 -162.27
CA ALA HB 273 57.08 10.68 -162.28
C ALA HB 273 57.35 12.14 -162.66
N PRO HB 274 58.39 12.76 -162.10
CA PRO HB 274 59.38 12.18 -161.19
C PRO HB 274 58.89 12.12 -159.75
N ILE HB 275 59.44 11.19 -158.98
CA ILE HB 275 59.13 11.04 -157.55
C ILE HB 275 60.47 11.04 -156.84
N ILE HB 276 60.92 12.21 -156.39
CA ILE HB 276 62.22 12.36 -155.74
C ILE HB 276 62.12 13.45 -154.68
N SER HB 277 63.01 13.35 -153.69
CA SER HB 277 63.07 14.36 -152.63
C SER HB 277 63.87 15.56 -153.13
N ALA HB 278 64.24 16.45 -152.21
CA ALA HB 278 64.95 17.67 -152.60
C ALA HB 278 66.40 17.40 -152.93
N GLU HB 279 67.09 16.63 -152.08
CA GLU HB 279 68.51 16.38 -152.30
C GLU HB 279 68.74 15.58 -153.59
N LYS HB 280 67.88 14.62 -153.88
CA LYS HB 280 67.96 13.91 -155.15
C LYS HB 280 67.54 14.78 -156.33
N ALA HB 281 67.03 15.98 -156.08
CA ALA HB 281 66.63 16.86 -157.17
C ALA HB 281 67.77 17.73 -157.67
N TYR HB 282 68.84 17.88 -156.89
CA TYR HB 282 69.93 18.74 -157.32
C TYR HB 282 70.98 17.98 -158.10
N HIS HB 283 71.10 16.67 -157.89
CA HIS HB 283 72.01 15.84 -158.68
C HIS HB 283 71.28 15.21 -159.87
N GLU HB 284 70.54 16.01 -160.63
CA GLU HB 284 69.77 15.48 -161.75
C GLU HB 284 69.55 16.58 -162.78
N GLN HB 285 69.03 16.17 -163.93
CA GLN HB 285 68.54 17.09 -164.95
C GLN HB 285 67.08 16.84 -165.32
N LEU HB 286 66.60 15.60 -165.17
CA LEU HB 286 65.21 15.24 -165.36
C LEU HB 286 64.75 15.55 -166.79
N SER HB 287 65.44 14.92 -167.74
CA SER HB 287 65.05 15.03 -169.13
C SER HB 287 63.71 14.33 -169.37
N VAL HB 288 63.02 14.77 -170.41
CA VAL HB 288 61.73 14.17 -170.76
C VAL HB 288 61.89 12.69 -171.05
N ALA HB 289 63.09 12.26 -171.44
CA ALA HB 289 63.34 10.83 -171.67
C ALA HB 289 63.44 10.09 -170.34
N GLU HB 290 64.05 10.71 -169.35
CA GLU HB 290 64.12 10.10 -168.03
C GLU HB 290 62.73 9.82 -167.48
N ILE HB 291 61.87 10.83 -167.51
CA ILE HB 291 60.56 10.71 -166.87
C ILE HB 291 59.72 9.64 -167.57
N THR HB 292 59.64 9.69 -168.90
CA THR HB 292 58.82 8.72 -169.62
C THR HB 292 59.32 7.30 -169.40
N ASN HB 293 60.62 7.13 -169.13
CA ASN HB 293 61.12 5.81 -168.77
C ASN HB 293 60.75 5.46 -167.34
N ALA HB 294 60.91 6.40 -166.41
CA ALA HB 294 60.48 6.18 -165.03
C ALA HB 294 58.98 5.96 -164.95
N ALA HB 295 58.23 6.69 -165.77
CA ALA HB 295 56.77 6.53 -165.78
C ALA HB 295 56.38 5.13 -166.24
N PHE HB 296 57.11 4.58 -167.21
CA PHE HB 296 56.79 3.26 -167.72
C PHE HB 296 57.39 2.14 -166.87
N GLU HB 297 58.01 2.47 -165.74
CA GLU HB 297 58.59 1.45 -164.89
C GLU HB 297 57.50 0.70 -164.14
N PRO HB 298 57.45 -0.64 -164.23
CA PRO HB 298 56.45 -1.40 -163.46
C PRO HB 298 56.55 -1.21 -161.95
N ALA HB 299 57.69 -0.75 -161.44
CA ALA HB 299 57.79 -0.46 -160.01
C ALA HB 299 57.20 0.89 -159.64
N SER HB 300 57.12 1.83 -160.58
CA SER HB 300 56.55 3.14 -160.32
C SER HB 300 55.03 3.14 -160.39
N MET HB 301 54.40 1.99 -160.62
CA MET HB 301 52.95 1.94 -160.67
C MET HB 301 52.35 2.22 -159.29
N MET HB 302 51.06 2.50 -159.29
CA MET HB 302 50.30 2.68 -158.05
C MET HB 302 49.44 1.47 -157.73
N VAL HB 303 49.61 0.38 -158.48
CA VAL HB 303 48.88 -0.86 -158.23
C VAL HB 303 49.86 -2.02 -158.33
N LYS HB 304 49.70 -3.00 -157.45
CA LYS HB 304 50.61 -4.15 -157.40
C LYS HB 304 50.23 -5.13 -158.51
N CYS HB 305 50.47 -4.71 -159.74
CA CYS HB 305 50.27 -5.52 -160.92
C CYS HB 305 51.56 -5.60 -161.72
N ASP HB 306 51.69 -6.67 -162.49
CA ASP HB 306 52.84 -6.83 -163.37
C ASP HB 306 52.40 -6.52 -164.80
N PRO HB 307 52.73 -5.36 -165.36
CA PRO HB 307 52.33 -5.08 -166.74
C PRO HB 307 52.96 -6.01 -167.74
N ARG HB 308 54.20 -6.45 -167.48
CA ARG HB 308 54.89 -7.36 -168.39
C ARG HB 308 54.21 -8.71 -168.48
N HIS HB 309 53.31 -9.03 -167.56
CA HIS HB 309 52.48 -10.22 -167.70
C HIS HB 309 51.31 -10.01 -168.63
N GLY HB 310 51.19 -8.83 -169.22
CA GLY HB 310 50.18 -8.55 -170.22
C GLY HB 310 50.67 -7.53 -171.23
N LYS HB 311 49.76 -7.01 -172.03
CA LYS HB 311 50.08 -5.97 -173.01
C LYS HB 311 49.33 -4.70 -172.64
N TYR HB 312 49.49 -3.68 -173.47
CA TYR HB 312 48.82 -2.40 -173.26
C TYR HB 312 47.73 -2.25 -174.31
N MET HB 313 46.48 -2.37 -173.87
CA MET HB 313 45.37 -2.11 -174.79
C MET HB 313 45.35 -0.65 -175.23
N ALA HB 314 45.77 0.26 -174.34
CA ALA HB 314 45.87 1.68 -174.65
C ALA HB 314 46.59 2.36 -173.50
N CYS HB 315 47.20 3.51 -173.80
CA CYS HB 315 47.97 4.26 -172.82
C CYS HB 315 47.66 5.74 -172.99
N CYS HB 316 48.01 6.53 -171.97
CA CYS HB 316 47.73 7.95 -172.01
C CYS HB 316 48.75 8.68 -171.14
N LEU HB 317 49.14 9.87 -171.57
CA LEU HB 317 50.17 10.65 -170.90
C LEU HB 317 49.74 12.09 -170.77
N MET HB 318 49.79 12.61 -169.54
CA MET HB 318 49.56 14.02 -169.28
C MET HB 318 50.84 14.58 -168.68
N TYR HB 319 51.66 15.22 -169.51
CA TYR HB 319 52.87 15.85 -169.03
C TYR HB 319 52.53 17.14 -168.28
N ARG HB 320 53.57 17.85 -167.86
CA ARG HB 320 53.38 19.06 -167.08
C ARG HB 320 54.71 19.81 -167.03
N GLY HB 321 54.62 21.14 -166.97
CA GLY HB 321 55.83 21.94 -166.91
C GLY HB 321 56.41 22.22 -168.28
N ASP HB 322 57.73 22.24 -168.35
CA ASP HB 322 58.44 22.62 -169.57
C ASP HB 322 58.67 21.39 -170.44
N VAL HB 323 57.85 21.25 -171.48
CA VAL HB 323 57.97 20.18 -172.46
C VAL HB 323 57.75 20.79 -173.84
N VAL HB 324 58.30 20.14 -174.86
CA VAL HB 324 57.99 20.50 -176.24
C VAL HB 324 57.46 19.25 -176.93
N PRO HB 325 56.54 19.38 -177.89
CA PRO HB 325 55.85 18.19 -178.42
C PRO HB 325 56.74 17.23 -179.17
N LYS HB 326 57.89 17.69 -179.70
CA LYS HB 326 58.71 16.80 -180.52
C LYS HB 326 59.38 15.73 -179.68
N ASP HB 327 59.84 16.08 -178.47
CA ASP HB 327 60.58 15.13 -177.67
C ASP HB 327 59.67 13.99 -177.20
N VAL HB 328 58.43 14.31 -176.84
CA VAL HB 328 57.46 13.27 -176.53
C VAL HB 328 57.30 12.34 -177.71
N ASN HB 329 57.17 12.91 -178.92
CA ASN HB 329 57.15 12.11 -180.13
C ASN HB 329 58.42 11.28 -180.24
N ALA HB 330 59.56 11.83 -179.81
CA ALA HB 330 60.81 11.08 -179.84
C ALA HB 330 60.82 10.02 -178.75
N SER HB 331 60.49 10.40 -177.51
CA SER HB 331 60.53 9.45 -176.40
C SER HB 331 59.52 8.34 -176.58
N VAL HB 332 58.31 8.65 -177.07
CA VAL HB 332 57.33 7.60 -177.28
C VAL HB 332 57.80 6.66 -178.37
N ALA HB 333 58.59 7.16 -179.32
CA ALA HB 333 59.19 6.27 -180.32
C ALA HB 333 60.18 5.32 -179.68
N THR HB 334 60.96 5.80 -178.72
CA THR HB 334 61.88 4.93 -178.00
C THR HB 334 61.14 3.86 -177.22
N ILE HB 335 59.96 4.18 -176.70
CA ILE HB 335 59.22 3.21 -175.89
C ILE HB 335 58.65 2.11 -176.77
N LYS HB 336 58.07 2.47 -177.92
CA LYS HB 336 57.56 1.48 -178.85
C LYS HB 336 58.65 0.58 -179.42
N THR HB 337 59.93 0.95 -179.24
CA THR HB 337 61.02 0.12 -179.75
C THR HB 337 61.38 -1.02 -178.79
N LYS HB 338 61.30 -0.77 -177.49
CA LYS HB 338 61.71 -1.78 -176.53
C LYS HB 338 60.79 -2.99 -176.59
N ARG HB 339 61.31 -4.13 -176.12
CA ARG HB 339 60.61 -5.40 -176.23
C ARG HB 339 59.90 -5.82 -174.94
N THR HB 340 60.31 -5.28 -173.79
CA THR HB 340 59.61 -5.60 -172.56
C THR HB 340 58.15 -5.19 -172.61
N ILE HB 341 57.84 -4.14 -173.35
CA ILE HB 341 56.48 -3.62 -173.43
C ILE HB 341 55.79 -4.24 -174.63
N GLN HB 342 54.55 -4.68 -174.43
CA GLN HB 342 53.78 -5.33 -175.47
C GLN HB 342 52.49 -4.57 -175.73
N PHE HB 343 51.95 -4.76 -176.92
CA PHE HB 343 50.69 -4.16 -177.33
C PHE HB 343 49.91 -5.19 -178.12
N VAL HB 344 48.60 -5.24 -177.91
CA VAL HB 344 47.77 -6.17 -178.65
C VAL HB 344 47.75 -5.76 -180.12
N ASP HB 345 47.50 -6.73 -181.00
CA ASP HB 345 47.57 -6.47 -182.44
C ASP HB 345 46.59 -5.39 -182.87
N TRP HB 346 45.36 -5.43 -182.37
CA TRP HB 346 44.31 -4.58 -182.92
C TRP HB 346 44.43 -3.13 -182.50
N CYS HB 347 45.56 -2.71 -181.94
CA CYS HB 347 45.78 -1.31 -181.60
C CYS HB 347 47.19 -0.92 -182.07
N PRO HB 348 47.32 -0.34 -183.27
CA PRO HB 348 48.64 0.16 -183.68
C PRO HB 348 49.05 1.40 -182.92
N THR HB 349 48.12 2.31 -182.70
CA THR HB 349 48.33 3.51 -181.89
C THR HB 349 48.10 3.09 -180.44
N GLY HB 350 47.92 4.06 -179.55
CA GLY HB 350 47.74 3.74 -178.15
C GLY HB 350 48.31 4.80 -177.24
N PHE HB 351 48.81 5.87 -177.83
CA PHE HB 351 49.39 6.99 -177.07
C PHE HB 351 48.65 8.27 -177.43
N LYS HB 352 47.71 8.67 -176.58
CA LYS HB 352 47.04 9.96 -176.68
C LYS HB 352 47.62 10.86 -175.59
N CYS HB 353 48.50 11.77 -175.99
CA CYS HB 353 49.31 12.52 -175.05
C CYS HB 353 48.68 13.89 -174.76
N GLY HB 354 49.42 14.71 -174.02
CA GLY HB 354 48.93 16.02 -173.63
C GLY HB 354 49.94 16.82 -172.81
N ILE HB 355 49.90 18.15 -172.94
CA ILE HB 355 50.85 19.03 -172.28
C ILE HB 355 50.07 20.15 -171.62
N ASN HB 356 50.64 20.68 -170.54
CA ASN HB 356 50.25 22.00 -170.04
C ASN HB 356 51.51 22.75 -169.67
N TYR HB 357 51.40 24.07 -169.58
CA TYR HB 357 52.57 24.91 -169.32
C TYR HB 357 52.68 25.32 -167.86
N GLN HB 358 51.73 24.92 -167.02
CA GLN HB 358 51.79 25.23 -165.60
C GLN HB 358 52.54 24.11 -164.87
N PRO HB 359 53.63 24.41 -164.18
CA PRO HB 359 54.40 23.36 -163.50
C PRO HB 359 53.64 22.78 -162.34
N PRO HB 360 54.10 21.67 -161.79
CA PRO HB 360 53.47 21.15 -160.55
C PRO HB 360 53.87 22.01 -159.37
N THR HB 361 52.89 22.29 -158.52
CA THR HB 361 53.08 23.12 -157.34
C THR HB 361 53.23 22.22 -156.12
N VAL HB 362 54.24 22.49 -155.31
CA VAL HB 362 54.54 21.70 -154.13
C VAL HB 362 53.89 22.33 -152.92
N VAL HB 363 53.50 21.50 -151.97
CA VAL HB 363 52.89 21.98 -150.74
C VAL HB 363 53.95 22.06 -149.65
N PRO HB 364 54.03 23.17 -148.92
CA PRO HB 364 54.93 23.21 -147.75
C PRO HB 364 54.54 22.12 -146.76
N GLY HB 365 55.55 21.47 -146.19
CA GLY HB 365 55.35 20.29 -145.41
C GLY HB 365 55.17 19.03 -146.22
N GLY HB 366 55.34 19.10 -147.53
CA GLY HB 366 55.22 17.93 -148.37
C GLY HB 366 56.54 17.20 -148.53
N ASP HB 367 56.44 15.98 -149.07
CA ASP HB 367 57.60 15.13 -149.25
C ASP HB 367 58.26 15.30 -150.61
N LEU HB 368 57.49 15.57 -151.65
CA LEU HB 368 58.07 15.82 -152.97
C LEU HB 368 58.86 17.13 -152.95
N ALA HB 369 59.55 17.39 -154.06
CA ALA HB 369 60.33 18.61 -154.22
C ALA HB 369 59.87 19.33 -155.48
N LYS HB 370 60.36 20.56 -155.64
CA LYS HB 370 59.95 21.37 -156.78
C LYS HB 370 60.59 20.85 -158.07
N VAL HB 371 59.76 20.60 -159.07
CA VAL HB 371 60.22 20.12 -160.36
C VAL HB 371 59.51 20.93 -161.45
N GLN HB 372 60.23 21.23 -162.52
CA GLN HB 372 59.66 21.92 -163.66
C GLN HB 372 59.10 20.97 -164.70
N ARG HB 373 59.06 19.67 -164.40
CA ARG HB 373 58.52 18.68 -165.31
C ARG HB 373 57.86 17.57 -164.50
N ALA HB 374 56.88 16.92 -165.12
CA ALA HB 374 56.16 15.83 -164.47
C ALA HB 374 55.35 15.10 -165.51
N VAL HB 375 55.07 13.83 -165.25
CA VAL HB 375 54.27 12.99 -166.14
C VAL HB 375 53.36 12.12 -165.28
N CYS HB 376 52.12 11.99 -165.72
CA CYS HB 376 51.15 11.08 -165.10
C CYS HB 376 50.68 10.12 -166.17
N MET HB 377 51.03 8.86 -166.05
CA MET HB 377 50.72 7.85 -167.05
C MET HB 377 49.51 7.03 -166.60
N ILE HB 378 48.49 6.97 -167.45
CA ILE HB 378 47.33 6.13 -167.25
C ILE HB 378 47.22 5.21 -168.45
N SER HB 379 46.94 3.93 -168.20
CA SER HB 379 46.91 2.95 -169.28
C SER HB 379 45.98 1.80 -168.93
N ASN HB 380 45.20 1.36 -169.91
CA ASN HB 380 44.33 0.21 -169.77
C ASN HB 380 45.07 -1.01 -170.28
N SER HB 381 45.54 -1.86 -169.37
CA SER HB 381 46.32 -3.04 -169.70
C SER HB 381 45.55 -4.30 -169.35
N THR HB 382 45.64 -5.30 -170.22
CA THR HB 382 45.01 -6.58 -169.93
C THR HB 382 45.74 -7.37 -168.85
N ALA HB 383 46.87 -6.86 -168.38
CA ALA HB 383 47.59 -7.53 -167.30
C ALA HB 383 46.88 -7.40 -165.96
N ILE HB 384 45.97 -6.44 -165.83
CA ILE HB 384 45.36 -6.15 -164.54
C ILE HB 384 44.45 -7.26 -164.05
N GLY HB 385 44.04 -8.18 -164.92
CA GLY HB 385 43.13 -9.23 -164.51
C GLY HB 385 43.69 -10.19 -163.48
N GLU HB 386 44.99 -10.12 -163.19
CA GLU HB 386 45.55 -11.00 -162.19
C GLU HB 386 45.10 -10.61 -160.79
N ILE HB 387 45.07 -9.30 -160.50
CA ILE HB 387 44.65 -8.87 -159.16
C ILE HB 387 43.15 -9.13 -158.97
N PHE HB 388 42.38 -9.09 -160.06
CA PHE HB 388 40.99 -9.53 -159.96
C PHE HB 388 40.91 -11.02 -159.65
N SER HB 389 41.92 -11.79 -160.08
CA SER HB 389 41.92 -13.23 -159.82
C SER HB 389 42.20 -13.53 -158.35
N ARG HB 390 42.93 -12.66 -157.65
CA ARG HB 390 43.13 -12.84 -156.23
C ARG HB 390 41.80 -12.78 -155.48
N LEU HB 391 41.11 -11.65 -155.60
CA LEU HB 391 39.76 -11.54 -155.03
C LEU HB 391 38.85 -12.62 -155.56
N ASP HB 392 39.05 -13.01 -156.82
CA ASP HB 392 38.39 -14.19 -157.39
C ASP HB 392 38.67 -15.44 -156.57
N HIS HB 393 39.85 -15.52 -155.96
CA HIS HB 393 40.21 -16.70 -155.20
C HIS HB 393 39.72 -16.62 -153.75
N LYS HB 394 40.08 -15.55 -153.04
CA LYS HB 394 39.77 -15.46 -151.63
C LYS HB 394 38.27 -15.53 -151.36
N PHE HB 395 37.45 -15.02 -152.28
CA PHE HB 395 36.00 -15.06 -152.09
C PHE HB 395 35.53 -16.50 -151.94
N ASP HB 396 35.75 -17.33 -152.95
CA ASP HB 396 35.35 -18.74 -152.86
C ASP HB 396 36.11 -19.47 -151.77
N LEU HB 397 37.31 -18.99 -151.42
CA LEU HB 397 38.06 -19.59 -150.32
C LEU HB 397 37.33 -19.45 -148.99
N MET HB 398 36.51 -18.41 -148.84
CA MET HB 398 35.70 -18.21 -147.63
C MET HB 398 34.24 -18.54 -147.84
N TYR HB 399 33.67 -18.18 -149.00
CA TYR HB 399 32.29 -18.54 -149.29
C TYR HB 399 32.07 -20.04 -149.26
N ALA HB 400 33.13 -20.83 -149.46
CA ALA HB 400 33.02 -22.28 -149.26
C ALA HB 400 32.63 -22.61 -147.84
N LYS HB 401 33.10 -21.82 -146.88
CA LYS HB 401 32.73 -21.98 -145.48
C LYS HB 401 31.50 -21.17 -145.09
N ARG HB 402 30.99 -20.33 -146.00
CA ARG HB 402 29.87 -19.44 -145.71
C ARG HB 402 30.15 -18.60 -144.47
N ALA HB 403 31.41 -18.20 -144.31
CA ALA HB 403 31.79 -17.41 -143.16
C ALA HB 403 31.28 -15.98 -143.30
N PHE HB 404 30.88 -15.40 -142.17
CA PHE HB 404 30.41 -14.02 -142.07
C PHE HB 404 29.13 -13.78 -142.86
N VAL HB 405 28.61 -14.81 -143.52
CA VAL HB 405 27.43 -14.63 -144.36
C VAL HB 405 26.21 -14.29 -143.52
N HIS HB 406 26.22 -14.66 -142.24
CA HIS HB 406 25.08 -14.35 -141.38
C HIS HB 406 24.90 -12.85 -141.20
N TRP HB 407 25.99 -12.08 -141.33
CA TRP HB 407 25.85 -10.63 -141.30
C TRP HB 407 25.09 -10.13 -142.52
N TYR HB 408 25.43 -10.66 -143.70
CA TYR HB 408 24.85 -10.15 -144.94
C TYR HB 408 23.39 -10.57 -145.07
N VAL HB 409 23.10 -11.86 -144.90
CA VAL HB 409 21.71 -12.30 -144.94
C VAL HB 409 20.93 -11.70 -143.77
N GLY HB 410 21.61 -11.32 -142.69
CA GLY HB 410 20.95 -10.65 -141.59
C GLY HB 410 20.73 -9.17 -141.78
N GLU HB 411 21.19 -8.61 -142.90
CA GLU HB 411 21.11 -7.19 -143.17
C GLU HB 411 20.50 -6.90 -144.53
N GLY HB 412 19.38 -7.56 -144.85
CA GLY HB 412 18.71 -7.27 -146.10
C GLY HB 412 19.45 -7.76 -147.33
N MET HB 413 20.01 -8.96 -147.27
CA MET HB 413 20.66 -9.58 -148.42
C MET HB 413 20.35 -11.07 -148.39
N GLU HB 414 20.80 -11.77 -149.44
CA GLU HB 414 20.63 -13.20 -149.52
C GLU HB 414 21.83 -13.79 -150.24
N GLU HB 415 21.85 -15.12 -150.37
CA GLU HB 415 22.95 -15.79 -151.04
C GLU HB 415 22.97 -15.52 -152.54
N GLY HB 416 21.81 -15.16 -153.12
CA GLY HB 416 21.75 -14.96 -154.55
C GLY HB 416 22.76 -13.94 -155.05
N GLU HB 417 22.90 -12.82 -154.34
CA GLU HB 417 23.81 -11.77 -154.79
C GLU HB 417 25.26 -12.27 -154.84
N PHE HB 418 25.65 -13.08 -153.86
CA PHE HB 418 27.01 -13.63 -153.86
C PHE HB 418 27.25 -14.44 -155.12
N SER HB 419 26.40 -15.44 -155.37
CA SER HB 419 26.53 -16.24 -156.58
C SER HB 419 26.45 -15.35 -157.82
N GLU HB 420 25.56 -14.36 -157.81
CA GLU HB 420 25.43 -13.50 -158.98
C GLU HB 420 26.60 -12.53 -159.10
N ALA HB 421 27.15 -12.08 -157.98
CA ALA HB 421 28.41 -11.33 -158.05
C ALA HB 421 29.54 -12.24 -158.48
N ARG HB 422 29.45 -13.53 -158.16
CA ARG HB 422 30.49 -14.46 -158.56
C ARG HB 422 30.59 -14.58 -160.07
N GLU HB 423 29.48 -14.91 -160.73
CA GLU HB 423 29.51 -15.17 -162.17
C GLU HB 423 30.07 -13.98 -162.93
N ASP HB 424 29.74 -12.76 -162.50
CA ASP HB 424 30.19 -11.58 -163.23
C ASP HB 424 31.71 -11.52 -163.30
N LEU HB 425 32.39 -11.94 -162.23
CA LEU HB 425 33.85 -11.89 -162.23
C LEU HB 425 34.44 -12.90 -163.20
N ALA HB 426 33.98 -14.16 -163.15
CA ALA HB 426 34.44 -15.14 -164.11
C ALA HB 426 34.18 -14.68 -165.54
N ALA HB 427 33.01 -14.09 -165.78
CA ALA HB 427 32.72 -13.52 -167.09
C ALA HB 427 33.67 -12.36 -167.40
N LEU HB 428 33.97 -11.53 -166.41
CA LEU HB 428 34.91 -10.43 -166.62
C LEU HB 428 36.31 -10.95 -166.84
N GLU HB 429 36.70 -12.00 -166.12
CA GLU HB 429 38.05 -12.53 -166.26
C GLU HB 429 38.29 -13.09 -167.65
N LYS HB 430 37.32 -13.85 -168.18
CA LYS HB 430 37.46 -14.37 -169.54
C LYS HB 430 37.57 -13.25 -170.56
N ASP HB 431 36.90 -12.13 -170.31
CA ASP HB 431 36.98 -11.00 -171.24
C ASP HB 431 38.41 -10.51 -171.39
N PHE HB 432 39.17 -10.48 -170.30
CA PHE HB 432 40.57 -10.10 -170.39
C PHE HB 432 41.39 -11.10 -171.19
N GLU HB 433 40.89 -12.34 -171.29
CA GLU HB 433 41.56 -13.35 -172.10
C GLU HB 433 41.08 -13.37 -173.53
N GLU HB 434 39.91 -12.83 -173.81
CA GLU HB 434 39.41 -12.79 -175.18
C GLU HB 434 40.15 -11.77 -176.03
N VAL HB 435 40.87 -10.83 -175.40
CA VAL HB 435 41.58 -9.81 -176.17
C VAL HB 435 42.84 -10.35 -176.80
N GLY HB 436 43.38 -11.46 -176.29
CA GLY HB 436 44.60 -12.03 -176.83
C GLY HB 436 44.35 -13.00 -177.97
N MET IB 1 -86.63 40.74 -102.00
CA MET IB 1 -86.56 39.32 -102.34
C MET IB 1 -85.51 38.61 -101.50
N ARG IB 2 -85.43 37.29 -101.67
CA ARG IB 2 -84.40 36.46 -101.05
C ARG IB 2 -84.51 36.47 -99.52
N GLU IB 3 -85.73 36.31 -99.01
CA GLU IB 3 -85.90 36.28 -97.56
C GLU IB 3 -85.27 35.04 -96.98
N ILE IB 4 -84.98 35.10 -95.68
CA ILE IB 4 -84.35 34.00 -94.96
C ILE IB 4 -85.06 33.85 -93.61
N VAL IB 5 -85.57 32.67 -93.34
CA VAL IB 5 -86.11 32.33 -92.03
C VAL IB 5 -85.02 31.66 -91.22
N HIS IB 6 -85.07 31.85 -89.90
CA HIS IB 6 -84.05 31.35 -89.00
C HIS IB 6 -84.71 30.46 -87.97
N ILE IB 7 -84.07 29.36 -87.65
CA ILE IB 7 -84.53 28.46 -86.61
C ILE IB 7 -83.40 28.29 -85.61
N GLN IB 8 -83.71 28.40 -84.32
CA GLN IB 8 -82.75 28.06 -83.27
C GLN IB 8 -83.37 27.02 -82.36
N GLY IB 9 -82.79 25.80 -82.34
CA GLY IB 9 -83.27 24.80 -81.41
C GLY IB 9 -82.22 24.47 -80.35
N GLY IB 10 -82.66 23.93 -79.23
CA GLY IB 10 -81.76 23.59 -78.14
C GLY IB 10 -81.16 24.81 -77.47
N GLN IB 11 -80.50 24.61 -76.33
CA GLN IB 11 -80.05 25.72 -75.50
C GLN IB 11 -78.87 26.45 -76.15
N CYS IB 12 -77.87 25.69 -76.58
CA CYS IB 12 -76.75 26.28 -77.31
C CYS IB 12 -77.25 27.12 -78.48
N GLY IB 13 -78.18 26.57 -79.26
CA GLY IB 13 -78.67 27.26 -80.42
C GLY IB 13 -79.44 28.51 -80.06
N ASN IB 14 -80.25 28.44 -79.00
CA ASN IB 14 -81.01 29.62 -78.61
C ASN IB 14 -80.09 30.76 -78.19
N GLN IB 15 -79.05 30.44 -77.42
CA GLN IB 15 -78.06 31.45 -77.03
C GLN IB 15 -77.34 32.04 -78.24
N ILE IB 16 -76.92 31.19 -79.17
CA ILE IB 16 -76.22 31.68 -80.35
C ILE IB 16 -77.13 32.54 -81.20
N GLY IB 17 -78.42 32.17 -81.33
CA GLY IB 17 -79.32 32.95 -82.16
C GLY IB 17 -79.67 34.29 -81.54
N ALA IB 18 -79.79 34.34 -80.21
CA ALA IB 18 -80.01 35.62 -79.55
C ALA IB 18 -78.85 36.56 -79.84
N LYS IB 19 -77.63 36.03 -79.76
CA LYS IB 19 -76.45 36.84 -80.05
C LYS IB 19 -76.43 37.27 -81.52
N PHE IB 20 -76.75 36.34 -82.42
CA PHE IB 20 -76.78 36.64 -83.84
C PHE IB 20 -77.80 37.72 -84.17
N TRP IB 21 -78.97 37.65 -83.54
CA TRP IB 21 -79.99 38.63 -83.81
C TRP IB 21 -79.61 39.99 -83.25
N GLU IB 22 -78.96 40.03 -82.09
CA GLU IB 22 -78.52 41.32 -81.55
C GLU IB 22 -77.41 41.94 -82.40
N VAL IB 23 -76.52 41.12 -82.94
CA VAL IB 23 -75.48 41.64 -83.83
C VAL IB 23 -76.09 42.20 -85.12
N VAL IB 24 -77.04 41.47 -85.71
CA VAL IB 24 -77.60 41.93 -86.97
C VAL IB 24 -78.47 43.17 -86.74
N SER IB 25 -79.15 43.27 -85.59
CA SER IB 25 -79.93 44.46 -85.32
C SER IB 25 -79.03 45.67 -85.14
N ASP IB 26 -77.89 45.49 -84.49
CA ASP IB 26 -76.96 46.61 -84.36
C ASP IB 26 -76.39 46.98 -85.73
N GLU IB 27 -76.04 46.00 -86.55
CA GLU IB 27 -75.52 46.28 -87.87
C GLU IB 27 -76.52 47.09 -88.69
N HIS IB 28 -77.78 46.64 -88.75
CA HIS IB 28 -78.80 47.31 -89.54
C HIS IB 28 -79.30 48.59 -88.89
N GLY IB 29 -79.00 48.84 -87.63
CA GLY IB 29 -79.27 50.16 -87.09
C GLY IB 29 -80.62 50.26 -86.41
N ILE IB 30 -81.16 49.15 -85.94
CA ILE IB 30 -82.45 49.14 -85.26
C ILE IB 30 -82.22 48.87 -83.78
N ASP IB 31 -83.13 49.38 -82.96
CA ASP IB 31 -83.00 49.37 -81.52
C ASP IB 31 -83.78 48.20 -80.92
N PRO IB 32 -83.54 47.87 -79.64
CA PRO IB 32 -84.32 46.80 -79.00
C PRO IB 32 -85.82 47.02 -79.03
N THR IB 33 -86.28 48.20 -79.42
CA THR IB 33 -87.69 48.48 -79.58
C THR IB 33 -88.29 47.90 -80.86
N GLY IB 34 -87.45 47.36 -81.75
CA GLY IB 34 -87.89 47.02 -83.09
C GLY IB 34 -87.89 48.17 -84.06
N THR IB 35 -87.62 49.39 -83.58
CA THR IB 35 -87.61 50.58 -84.42
C THR IB 35 -86.22 50.86 -84.95
N TYR IB 36 -86.18 51.51 -86.11
CA TYR IB 36 -84.94 51.79 -86.81
C TYR IB 36 -84.43 53.18 -86.47
N HIS IB 37 -83.12 53.29 -86.29
CA HIS IB 37 -82.50 54.58 -85.97
C HIS IB 37 -81.19 54.80 -86.72
N GLY IB 38 -80.88 53.98 -87.72
CA GLY IB 38 -79.65 54.11 -88.46
C GLY IB 38 -79.64 55.35 -89.34
N ASP IB 39 -78.65 55.40 -90.23
CA ASP IB 39 -78.39 56.58 -91.04
C ASP IB 39 -78.70 56.36 -92.52
N SER IB 40 -78.08 55.37 -93.15
CA SER IB 40 -78.20 55.20 -94.59
C SER IB 40 -79.48 54.46 -94.96
N ASP IB 41 -79.77 54.43 -96.26
CA ASP IB 41 -80.90 53.67 -96.76
C ASP IB 41 -80.57 52.21 -97.03
N LEU IB 42 -79.29 51.84 -96.98
CA LEU IB 42 -78.90 50.45 -97.15
C LEU IB 42 -79.37 49.59 -95.98
N GLN IB 43 -79.47 50.20 -94.79
CA GLN IB 43 -80.03 49.52 -93.64
C GLN IB 43 -81.48 49.09 -93.85
N LEU IB 44 -82.14 49.60 -94.89
CA LEU IB 44 -83.52 49.23 -95.17
C LEU IB 44 -83.71 48.57 -96.53
N GLU IB 45 -82.87 48.92 -97.51
CA GLU IB 45 -83.08 48.41 -98.86
C GLU IB 45 -83.23 46.90 -98.88
N ARG IB 46 -82.47 46.19 -98.05
CA ARG IB 46 -82.60 44.75 -97.95
C ARG IB 46 -82.78 44.32 -96.50
N ILE IB 47 -83.52 45.13 -95.72
CA ILE IB 47 -83.86 44.73 -94.36
C ILE IB 47 -84.83 43.56 -94.36
N ASN IB 48 -85.59 43.37 -95.44
CA ASN IB 48 -86.67 42.39 -95.46
C ASN IB 48 -86.17 40.95 -95.51
N VAL IB 49 -84.86 40.72 -95.58
CA VAL IB 49 -84.36 39.35 -95.59
C VAL IB 49 -84.50 38.71 -94.22
N TYR IB 50 -84.24 39.48 -93.16
CA TYR IB 50 -84.29 38.97 -91.81
C TYR IB 50 -85.52 39.44 -91.03
N PHE IB 51 -86.25 40.44 -91.51
CA PHE IB 51 -87.22 41.10 -90.67
C PHE IB 51 -88.57 41.23 -91.35
N ASN IB 52 -89.58 41.41 -90.51
CA ASN IB 52 -90.95 41.72 -90.94
C ASN IB 52 -91.34 43.05 -90.31
N GLU IB 53 -91.84 43.96 -91.12
CA GLU IB 53 -92.40 45.19 -90.59
C GLU IB 53 -93.70 44.90 -89.85
N ALA IB 54 -93.95 45.68 -88.79
CA ALA IB 54 -95.21 45.61 -88.06
C ALA IB 54 -95.68 47.03 -87.79
N THR IB 55 -96.86 47.15 -87.19
CA THR IB 55 -97.45 48.46 -86.94
C THR IB 55 -96.53 49.31 -86.07
N GLY IB 56 -96.56 50.61 -86.31
CA GLY IB 56 -95.77 51.55 -85.54
C GLY IB 56 -94.35 51.72 -86.00
N GLY IB 57 -93.97 51.16 -87.15
CA GLY IB 57 -92.60 51.28 -87.62
C GLY IB 57 -91.61 50.41 -86.89
N ARG IB 58 -92.06 49.25 -86.40
CA ARG IB 58 -91.20 48.29 -85.73
C ARG IB 58 -90.83 47.16 -86.69
N TYR IB 59 -89.68 46.55 -86.43
CA TYR IB 59 -89.22 45.41 -87.21
C TYR IB 59 -89.00 44.22 -86.29
N VAL IB 60 -89.53 43.07 -86.66
CA VAL IB 60 -89.42 41.86 -85.85
C VAL IB 60 -88.68 40.78 -86.63
N PRO IB 61 -87.81 40.01 -85.98
CA PRO IB 61 -87.07 38.96 -86.69
C PRO IB 61 -87.98 37.90 -87.26
N ARG IB 62 -87.48 37.23 -88.31
CA ARG IB 62 -88.14 36.05 -88.86
C ARG IB 62 -87.49 34.79 -88.31
N ALA IB 63 -87.55 34.67 -86.98
CA ALA IB 63 -86.88 33.61 -86.24
C ALA IB 63 -87.86 32.79 -85.41
N ILE IB 64 -87.51 31.51 -85.30
CA ILE IB 64 -88.31 30.54 -84.57
C ILE IB 64 -87.45 29.87 -83.51
N LEU IB 65 -87.85 30.03 -82.28
CA LEU IB 65 -87.13 29.63 -81.09
C LEU IB 65 -87.80 28.39 -80.53
N MET IB 66 -87.21 27.20 -80.76
CA MET IB 66 -87.83 25.97 -80.29
C MET IB 66 -86.94 25.33 -79.22
N ASP IB 67 -87.53 25.02 -78.07
CA ASP IB 67 -86.79 24.33 -77.02
C ASP IB 67 -87.68 23.85 -75.89
N LEU IB 68 -87.58 22.57 -75.54
CA LEU IB 68 -88.17 22.11 -74.30
C LEU IB 68 -87.49 22.80 -73.12
N GLU IB 69 -88.14 22.75 -71.95
CA GLU IB 69 -87.58 23.35 -70.75
C GLU IB 69 -87.37 24.85 -70.93
N PRO IB 70 -88.44 25.64 -70.82
CA PRO IB 70 -88.37 27.04 -71.26
C PRO IB 70 -87.51 27.93 -70.38
N GLY IB 71 -86.68 27.35 -69.52
CA GLY IB 71 -85.70 28.15 -68.80
C GLY IB 71 -84.90 29.07 -69.69
N THR IB 72 -84.34 28.51 -70.76
CA THR IB 72 -83.57 29.34 -71.68
C THR IB 72 -84.45 30.31 -72.47
N MET IB 73 -85.69 29.92 -72.78
CA MET IB 73 -86.61 30.86 -73.40
C MET IB 73 -86.81 32.09 -72.53
N ASP IB 74 -87.11 31.88 -71.25
CA ASP IB 74 -87.30 33.00 -70.34
C ASP IB 74 -86.03 33.84 -70.23
N SER IB 75 -84.88 33.19 -70.19
CA SER IB 75 -83.63 33.94 -70.05
C SER IB 75 -83.39 34.83 -71.27
N VAL IB 76 -83.62 34.29 -72.47
CA VAL IB 76 -83.40 35.07 -73.69
C VAL IB 76 -84.44 36.18 -73.81
N ARG IB 77 -85.65 35.97 -73.29
CA ARG IB 77 -86.64 37.04 -73.28
C ARG IB 77 -86.22 38.15 -72.34
N SER IB 78 -85.80 37.80 -71.12
CA SER IB 78 -85.34 38.78 -70.15
C SER IB 78 -84.08 39.52 -70.62
N GLY IB 79 -83.24 38.85 -71.40
CA GLY IB 79 -82.11 39.52 -72.00
C GLY IB 79 -82.43 40.79 -72.76
N PRO IB 80 -81.39 41.53 -73.14
CA PRO IB 80 -81.60 42.91 -73.62
C PRO IB 80 -82.40 43.00 -74.91
N TYR IB 81 -82.27 42.02 -75.81
CA TYR IB 81 -82.97 42.06 -77.09
C TYR IB 81 -84.06 41.00 -77.16
N GLY IB 82 -84.57 40.57 -76.02
CA GLY IB 82 -85.67 39.62 -76.00
C GLY IB 82 -87.02 40.21 -76.32
N GLN IB 83 -87.10 41.53 -76.47
CA GLN IB 83 -88.36 42.21 -76.70
C GLN IB 83 -88.72 42.32 -78.17
N ILE IB 84 -87.83 41.92 -79.07
CA ILE IB 84 -88.08 42.11 -80.50
C ILE IB 84 -88.81 40.94 -81.14
N PHE IB 85 -88.67 39.74 -80.60
CA PHE IB 85 -89.30 38.58 -81.21
C PHE IB 85 -90.82 38.64 -81.02
N ARG IB 86 -91.53 37.99 -81.92
CA ARG IB 86 -92.96 37.80 -81.73
C ARG IB 86 -93.15 36.82 -80.59
N PRO IB 87 -93.83 37.19 -79.51
CA PRO IB 87 -94.09 36.23 -78.43
C PRO IB 87 -94.78 34.97 -78.91
N ASP IB 88 -95.42 35.00 -80.07
CA ASP IB 88 -95.94 33.78 -80.68
C ASP IB 88 -94.82 32.89 -81.19
N ASN IB 89 -93.65 33.47 -81.47
CA ASN IB 89 -92.53 32.70 -81.99
C ASN IB 89 -91.68 32.10 -80.88
N PHE IB 90 -92.31 31.45 -79.92
CA PHE IB 90 -91.62 30.64 -78.94
C PHE IB 90 -92.40 29.35 -78.85
N VAL IB 91 -91.73 28.20 -78.95
CA VAL IB 91 -92.38 26.93 -78.66
C VAL IB 91 -91.54 26.15 -77.66
N PHE IB 92 -92.20 25.50 -76.72
CA PHE IB 92 -91.52 24.76 -75.67
C PHE IB 92 -92.45 23.68 -75.15
N GLY IB 93 -91.84 22.67 -74.56
CA GLY IB 93 -92.57 21.61 -73.89
C GLY IB 93 -92.23 21.61 -72.42
N GLN IB 94 -93.17 21.11 -71.61
CA GLN IB 94 -92.99 21.17 -70.17
C GLN IB 94 -91.97 20.16 -69.69
N THR IB 95 -91.84 19.04 -70.40
CA THR IB 95 -90.89 18.00 -70.02
C THR IB 95 -89.50 18.32 -70.55
N GLY IB 96 -88.52 17.64 -69.98
CA GLY IB 96 -87.15 17.84 -70.41
C GLY IB 96 -86.76 16.91 -71.54
N ALA IB 97 -85.71 17.31 -72.27
CA ALA IB 97 -85.21 16.48 -73.35
C ALA IB 97 -84.61 15.19 -72.80
N GLY IB 98 -83.63 15.29 -71.92
CA GLY IB 98 -83.00 14.13 -71.33
C GLY IB 98 -81.77 13.64 -72.04
N ASN IB 99 -81.39 14.28 -73.15
CA ASN IB 99 -80.23 13.97 -73.98
C ASN IB 99 -80.42 12.68 -74.77
N ASN IB 100 -81.53 11.97 -74.60
CA ASN IB 100 -81.86 10.86 -75.48
C ASN IB 100 -82.23 11.43 -76.84
N TRP IB 101 -81.35 11.26 -77.83
CA TRP IB 101 -81.75 11.52 -79.21
C TRP IB 101 -83.06 10.84 -79.51
N ALA IB 102 -83.30 9.67 -78.92
CA ALA IB 102 -84.57 8.98 -79.14
C ALA IB 102 -85.72 9.87 -78.72
N LYS IB 103 -85.89 10.11 -77.43
CA LYS IB 103 -87.10 10.82 -77.01
C LYS IB 103 -87.11 12.26 -77.49
N GLY IB 104 -85.99 12.77 -78.01
CA GLY IB 104 -86.02 14.06 -78.69
C GLY IB 104 -86.56 13.99 -80.10
N HIS IB 105 -86.27 12.91 -80.83
CA HIS IB 105 -86.74 12.78 -82.20
C HIS IB 105 -88.01 11.96 -82.36
N TYR IB 106 -88.20 10.96 -81.50
CA TYR IB 106 -89.28 10.00 -81.65
C TYR IB 106 -90.54 10.46 -80.94
N THR IB 107 -90.47 10.60 -79.62
CA THR IB 107 -91.68 10.76 -78.82
C THR IB 107 -92.00 12.22 -78.53
N GLU IB 108 -91.11 12.90 -77.81
CA GLU IB 108 -91.35 14.29 -77.46
C GLU IB 108 -91.09 15.23 -78.61
N GLY IB 109 -90.37 14.77 -79.63
CA GLY IB 109 -90.28 15.54 -80.85
C GLY IB 109 -91.57 15.53 -81.63
N ALA IB 110 -92.25 14.38 -81.66
CA ALA IB 110 -93.46 14.25 -82.47
C ALA IB 110 -94.54 15.24 -82.05
N GLU IB 111 -94.65 15.52 -80.76
CA GLU IB 111 -95.76 16.30 -80.22
C GLU IB 111 -95.60 17.80 -80.43
N LEU IB 112 -94.41 18.30 -80.73
CA LEU IB 112 -94.20 19.72 -80.96
C LEU IB 112 -93.99 20.08 -82.42
N ILE IB 113 -93.76 19.09 -83.28
CA ILE IB 113 -93.59 19.36 -84.70
C ILE IB 113 -94.87 19.93 -85.29
N ASP IB 114 -96.02 19.44 -84.82
CA ASP IB 114 -97.29 19.92 -85.39
C ASP IB 114 -97.43 21.42 -85.20
N SER IB 115 -96.94 21.94 -84.09
CA SER IB 115 -97.01 23.38 -83.84
C SER IB 115 -95.89 24.12 -84.57
N VAL IB 116 -94.69 23.53 -84.60
CA VAL IB 116 -93.57 24.25 -85.19
C VAL IB 116 -93.77 24.38 -86.69
N LEU IB 117 -94.40 23.39 -87.34
CA LEU IB 117 -94.57 23.46 -88.77
C LEU IB 117 -95.66 24.47 -89.13
N ASP IB 118 -96.72 24.53 -88.32
CA ASP IB 118 -97.70 25.60 -88.56
C ASP IB 118 -97.07 26.96 -88.40
N VAL IB 119 -96.17 27.12 -87.44
CA VAL IB 119 -95.50 28.41 -87.24
C VAL IB 119 -94.60 28.72 -88.44
N VAL IB 120 -93.80 27.74 -88.87
CA VAL IB 120 -92.97 27.91 -90.05
C VAL IB 120 -93.79 28.24 -91.28
N ARG IB 121 -94.95 27.61 -91.46
CA ARG IB 121 -95.75 27.87 -92.65
C ARG IB 121 -96.33 29.28 -92.62
N LYS IB 122 -96.84 29.71 -91.46
CA LYS IB 122 -97.43 31.04 -91.37
C LYS IB 122 -96.37 32.11 -91.58
N GLU IB 123 -95.13 31.85 -91.21
CA GLU IB 123 -94.10 32.86 -91.43
C GLU IB 123 -93.31 32.69 -92.72
N ALA IB 124 -93.43 31.57 -93.41
CA ALA IB 124 -92.93 31.52 -94.77
C ALA IB 124 -93.93 32.12 -95.75
N GLU IB 125 -95.21 32.12 -95.40
CA GLU IB 125 -96.19 32.83 -96.21
C GLU IB 125 -95.81 34.31 -96.34
N SER IB 126 -95.35 34.92 -95.25
CA SER IB 126 -95.04 36.35 -95.22
C SER IB 126 -93.91 36.72 -96.15
N CYS IB 127 -93.34 35.73 -96.82
CA CYS IB 127 -92.16 35.89 -97.66
C CYS IB 127 -92.57 35.84 -99.12
N ASP IB 128 -92.01 36.75 -99.93
CA ASP IB 128 -92.35 36.76 -101.34
C ASP IB 128 -91.43 35.84 -102.15
N CYS IB 129 -90.13 35.93 -101.90
CA CYS IB 129 -89.13 35.08 -102.56
C CYS IB 129 -88.32 34.41 -101.45
N LEU IB 130 -88.81 33.27 -100.97
CA LEU IB 130 -88.12 32.57 -99.90
C LEU IB 130 -86.82 31.96 -100.42
N GLN IB 131 -85.70 32.47 -99.92
CA GLN IB 131 -84.41 31.93 -100.32
C GLN IB 131 -84.15 30.59 -99.65
N GLY IB 132 -84.15 30.56 -98.33
CA GLY IB 132 -83.93 29.30 -97.67
C GLY IB 132 -84.06 29.39 -96.16
N PHE IB 133 -83.82 28.26 -95.52
CA PHE IB 133 -83.90 28.11 -94.08
C PHE IB 133 -82.50 28.08 -93.51
N GLN IB 134 -82.33 28.59 -92.29
CA GLN IB 134 -81.04 28.42 -91.65
C GLN IB 134 -81.22 28.06 -90.19
N VAL IB 135 -80.61 26.96 -89.77
CA VAL IB 135 -80.88 26.41 -88.46
C VAL IB 135 -79.59 26.41 -87.63
N CYS IB 136 -79.80 26.60 -86.33
CA CYS IB 136 -78.72 26.61 -85.34
C CYS IB 136 -78.96 25.55 -84.27
N HIS IB 137 -78.03 24.58 -84.21
CA HIS IB 137 -78.14 23.34 -83.45
C HIS IB 137 -77.12 23.21 -82.33
N SER IB 138 -77.05 22.00 -81.77
CA SER IB 138 -75.91 21.54 -80.96
C SER IB 138 -75.93 20.02 -81.03
N LEU IB 139 -74.92 19.45 -81.69
CA LEU IB 139 -74.95 18.02 -81.99
C LEU IB 139 -74.89 17.12 -80.77
N GLY IB 140 -74.47 17.64 -79.61
CA GLY IB 140 -74.30 16.80 -78.43
C GLY IB 140 -75.56 16.59 -77.63
N GLY IB 141 -76.17 17.68 -77.19
CA GLY IB 141 -77.38 17.59 -76.40
C GLY IB 141 -78.49 16.88 -77.15
N GLY IB 142 -79.53 16.55 -76.39
CA GLY IB 142 -80.64 15.81 -76.95
C GLY IB 142 -81.64 16.65 -77.72
N THR IB 143 -82.08 17.78 -77.13
CA THR IB 143 -83.11 18.60 -77.78
C THR IB 143 -82.69 18.88 -79.21
N GLY IB 144 -81.72 19.79 -79.37
CA GLY IB 144 -81.31 20.17 -80.71
C GLY IB 144 -81.14 18.96 -81.59
N SER IB 145 -80.21 18.07 -81.24
CA SER IB 145 -79.94 16.92 -82.08
C SER IB 145 -81.21 16.31 -82.65
N GLY IB 146 -82.06 15.72 -81.79
CA GLY IB 146 -83.24 15.05 -82.30
C GLY IB 146 -84.27 15.97 -82.90
N MET IB 147 -84.59 17.09 -82.23
CA MET IB 147 -85.63 17.96 -82.70
C MET IB 147 -85.26 18.61 -84.01
N GLY IB 148 -84.05 19.19 -84.13
CA GLY IB 148 -83.61 19.64 -85.42
C GLY IB 148 -83.64 18.56 -86.48
N THR IB 149 -83.27 17.30 -86.24
CA THR IB 149 -83.33 16.34 -87.36
C THR IB 149 -84.76 16.06 -87.78
N LEU IB 150 -85.65 15.86 -86.80
CA LEU IB 150 -87.09 15.78 -87.07
C LEU IB 150 -87.57 16.98 -87.90
N LEU IB 151 -87.20 18.19 -87.49
CA LEU IB 151 -87.69 19.38 -88.18
C LEU IB 151 -87.08 19.49 -89.55
N ILE IB 152 -85.83 19.08 -89.71
CA ILE IB 152 -85.20 19.18 -91.02
C ILE IB 152 -85.85 18.20 -91.99
N SER IB 153 -86.18 17.00 -91.51
CA SER IB 153 -86.83 16.02 -92.37
C SER IB 153 -88.21 16.53 -92.81
N LYS IB 154 -88.92 17.16 -91.88
CA LYS IB 154 -90.22 17.75 -92.23
C LYS IB 154 -90.04 18.87 -93.26
N ILE IB 155 -89.03 19.72 -93.07
CA ILE IB 155 -88.82 20.82 -94.02
C ILE IB 155 -88.37 20.28 -95.36
N ARG IB 156 -87.59 19.19 -95.37
CA ARG IB 156 -87.17 18.62 -96.65
C ARG IB 156 -88.36 18.12 -97.44
N GLU IB 157 -89.19 17.32 -96.78
CA GLU IB 157 -90.38 16.79 -97.46
C GLU IB 157 -91.37 17.88 -97.84
N GLU IB 158 -91.41 19.01 -97.13
CA GLU IB 158 -92.34 20.07 -97.55
C GLU IB 158 -91.77 21.04 -98.59
N TYR IB 159 -90.54 21.55 -98.42
CA TYR IB 159 -89.94 22.50 -99.35
C TYR IB 159 -88.71 21.84 -99.95
N PRO IB 160 -88.89 20.92 -100.91
CA PRO IB 160 -87.71 20.23 -101.47
C PRO IB 160 -86.83 21.15 -102.30
N ASP IB 161 -87.36 22.26 -102.81
CA ASP IB 161 -86.61 23.12 -103.72
C ASP IB 161 -85.60 23.98 -102.97
N ARG IB 162 -85.99 24.55 -101.84
CA ARG IB 162 -85.20 25.57 -101.16
C ARG IB 162 -83.91 24.97 -100.57
N MET IB 163 -83.11 25.83 -99.96
CA MET IB 163 -81.86 25.46 -99.34
C MET IB 163 -82.01 25.49 -97.83
N MET IB 164 -81.23 24.67 -97.13
CA MET IB 164 -81.37 24.49 -95.68
C MET IB 164 -79.99 24.37 -95.07
N LEU IB 165 -79.51 25.47 -94.49
CA LEU IB 165 -78.19 25.56 -93.91
C LEU IB 165 -78.22 25.21 -92.42
N THR IB 166 -77.17 24.56 -91.95
CA THR IB 166 -77.15 24.19 -90.52
C THR IB 166 -75.80 24.48 -89.90
N PHE IB 167 -75.79 25.28 -88.84
CA PHE IB 167 -74.55 25.69 -88.17
C PHE IB 167 -74.30 24.87 -86.91
N SER IB 168 -73.94 23.60 -87.07
CA SER IB 168 -73.99 22.71 -85.93
C SER IB 168 -72.69 22.83 -85.12
N VAL IB 169 -72.83 23.10 -83.84
CA VAL IB 169 -71.73 22.96 -82.90
C VAL IB 169 -71.46 21.48 -82.69
N VAL IB 170 -70.26 21.03 -83.05
CA VAL IB 170 -70.00 19.60 -83.10
C VAL IB 170 -69.45 19.10 -81.76
N PRO IB 171 -69.51 17.80 -81.47
CA PRO IB 171 -68.84 17.30 -80.25
C PRO IB 171 -67.36 17.63 -80.25
N SER IB 172 -66.89 17.99 -79.07
CA SER IB 172 -65.49 18.23 -78.86
C SER IB 172 -64.70 16.94 -79.05
N PRO IB 173 -63.49 17.01 -79.61
CA PRO IB 173 -62.72 15.77 -79.81
C PRO IB 173 -62.12 15.25 -78.52
N LYS IB 174 -61.71 16.14 -77.62
CA LYS IB 174 -61.03 15.74 -76.39
C LYS IB 174 -61.95 15.74 -75.17
N VAL IB 175 -62.62 16.85 -74.92
CA VAL IB 175 -63.49 16.98 -73.76
C VAL IB 175 -64.89 16.52 -74.14
N SER IB 176 -65.62 15.99 -73.15
CA SER IB 176 -66.99 15.52 -73.35
C SER IB 176 -67.89 16.23 -72.35
N ASP IB 177 -68.72 17.15 -72.84
CA ASP IB 177 -69.69 17.80 -71.97
C ASP IB 177 -70.93 16.96 -71.76
N THR IB 178 -71.02 15.81 -72.41
CA THR IB 178 -72.12 14.87 -72.24
C THR IB 178 -71.56 13.47 -72.46
N VAL IB 179 -72.24 12.47 -71.89
CA VAL IB 179 -71.70 11.12 -71.97
C VAL IB 179 -72.30 10.34 -73.14
N VAL IB 180 -73.51 10.71 -73.57
CA VAL IB 180 -74.16 10.00 -74.66
C VAL IB 180 -73.98 10.85 -75.92
N GLU IB 181 -72.95 11.70 -75.85
CA GLU IB 181 -72.56 12.61 -76.91
C GLU IB 181 -72.33 11.92 -78.25
N PRO IB 182 -71.54 10.83 -78.35
CA PRO IB 182 -71.35 10.20 -79.67
C PRO IB 182 -72.58 9.49 -80.18
N TYR IB 183 -73.35 8.85 -79.31
CA TYR IB 183 -74.61 8.28 -79.73
C TYR IB 183 -75.47 9.34 -80.42
N ASN IB 184 -75.62 10.49 -79.76
CA ASN IB 184 -76.42 11.56 -80.32
C ASN IB 184 -75.85 12.07 -81.63
N ALA IB 185 -74.53 12.20 -81.70
CA ALA IB 185 -73.90 12.72 -82.91
C ALA IB 185 -74.16 11.81 -84.09
N THR IB 186 -74.01 10.50 -83.88
CA THR IB 186 -74.22 9.54 -84.96
C THR IB 186 -75.66 9.58 -85.45
N LEU IB 187 -76.61 9.60 -84.50
CA LEU IB 187 -78.02 9.57 -84.89
C LEU IB 187 -78.41 10.87 -85.57
N SER IB 188 -77.72 11.97 -85.27
CA SER IB 188 -78.01 13.20 -85.98
C SER IB 188 -77.41 13.20 -87.38
N VAL IB 189 -76.18 12.70 -87.51
CA VAL IB 189 -75.49 12.71 -88.81
C VAL IB 189 -76.23 11.81 -89.80
N HIS IB 190 -76.76 10.68 -89.31
CA HIS IB 190 -77.44 9.77 -90.22
C HIS IB 190 -78.68 10.40 -90.84
N GLN IB 191 -79.23 11.44 -90.22
CA GLN IB 191 -80.31 12.19 -90.83
C GLN IB 191 -79.81 13.38 -91.64
N LEU IB 192 -78.76 14.04 -91.14
CA LEU IB 192 -78.25 15.24 -91.79
C LEU IB 192 -77.74 14.92 -93.19
N VAL IB 193 -77.02 13.81 -93.34
CA VAL IB 193 -76.43 13.43 -94.62
C VAL IB 193 -77.47 13.49 -95.74
N GLU IB 194 -78.68 13.02 -95.46
CA GLU IB 194 -79.75 13.07 -96.45
C GLU IB 194 -80.52 14.37 -96.44
N ASN IB 195 -80.67 15.03 -95.29
CA ASN IB 195 -81.65 16.11 -95.27
C ASN IB 195 -81.02 17.49 -95.21
N ALA IB 196 -79.72 17.61 -95.41
CA ALA IB 196 -79.12 18.94 -95.45
C ALA IB 196 -78.36 19.10 -96.76
N ASP IB 197 -78.02 20.36 -97.07
CA ASP IB 197 -77.21 20.68 -98.23
C ASP IB 197 -75.95 21.47 -97.90
N GLU IB 198 -75.92 22.17 -96.77
CA GLU IB 198 -74.73 22.88 -96.30
C GLU IB 198 -74.70 22.75 -94.79
N CYS IB 199 -73.59 22.25 -94.27
CA CYS IB 199 -73.44 22.00 -92.84
C CYS IB 199 -72.14 22.62 -92.38
N MET IB 200 -72.23 23.74 -91.68
CA MET IB 200 -71.03 24.28 -91.06
C MET IB 200 -70.84 23.54 -89.76
N VAL IB 201 -69.60 23.15 -89.47
CA VAL IB 201 -69.26 22.42 -88.26
C VAL IB 201 -68.34 23.30 -87.41
N LEU IB 202 -68.72 23.48 -86.15
CA LEU IB 202 -67.99 24.40 -85.29
C LEU IB 202 -67.74 23.71 -83.95
N ASP IB 203 -66.66 24.09 -83.28
CA ASP IB 203 -66.24 23.37 -82.08
C ASP IB 203 -65.66 24.30 -81.03
N ASN IB 204 -66.04 24.04 -79.77
CA ASN IB 204 -65.66 24.89 -78.67
C ASN IB 204 -64.17 24.83 -78.37
N GLU IB 205 -63.52 23.69 -78.63
CA GLU IB 205 -62.09 23.61 -78.40
C GLU IB 205 -61.33 24.63 -79.25
N ALA IB 206 -61.59 24.62 -80.57
CA ALA IB 206 -60.94 25.58 -81.43
C ALA IB 206 -61.39 27.00 -81.14
N LEU IB 207 -62.65 27.17 -80.73
CA LEU IB 207 -63.13 28.50 -80.36
C LEU IB 207 -62.34 29.06 -79.18
N TYR IB 208 -62.17 28.25 -78.12
CA TYR IB 208 -61.36 28.63 -76.98
C TYR IB 208 -59.94 28.93 -77.38
N ASP IB 209 -59.37 28.08 -78.25
CA ASP IB 209 -57.98 28.28 -78.66
C ASP IB 209 -57.82 29.61 -79.37
N ILE IB 210 -58.75 29.94 -80.26
CA ILE IB 210 -58.75 31.24 -80.93
C ILE IB 210 -58.82 32.36 -79.91
N CYS IB 211 -59.89 32.37 -79.12
CA CYS IB 211 -60.09 33.43 -78.13
C CYS IB 211 -58.94 33.54 -77.14
N PHE IB 212 -58.18 32.48 -76.92
CA PHE IB 212 -56.99 32.62 -76.08
C PHE IB 212 -55.79 33.18 -76.84
N ARG IB 213 -55.30 32.47 -77.86
CA ARG IB 213 -54.09 32.90 -78.56
C ARG IB 213 -54.29 34.27 -79.18
N THR IB 214 -55.21 34.39 -80.14
CA THR IB 214 -55.26 35.59 -80.97
C THR IB 214 -55.91 36.74 -80.22
N LEU IB 215 -57.09 36.50 -79.65
CA LEU IB 215 -57.81 37.56 -78.95
C LEU IB 215 -57.16 37.92 -77.61
N LYS IB 216 -56.27 37.08 -77.11
CA LYS IB 216 -55.57 37.28 -75.85
C LYS IB 216 -56.53 37.42 -74.67
N LEU IB 217 -57.78 37.03 -74.85
CA LEU IB 217 -58.75 37.08 -73.76
C LEU IB 217 -58.30 36.17 -72.63
N THR IB 218 -58.48 36.65 -71.39
CA THR IB 218 -58.12 35.83 -70.24
C THR IB 218 -59.20 34.79 -69.95
N THR IB 219 -60.46 35.13 -70.18
CA THR IB 219 -61.58 34.25 -69.85
C THR IB 219 -62.67 34.37 -70.90
N PRO IB 220 -62.52 33.66 -72.02
CA PRO IB 220 -63.61 33.61 -73.00
C PRO IB 220 -64.87 33.00 -72.43
N THR IB 221 -65.91 33.80 -72.33
CA THR IB 221 -67.19 33.25 -71.91
C THR IB 221 -67.96 32.70 -73.10
N PHE IB 222 -69.09 32.08 -72.79
CA PHE IB 222 -70.03 31.77 -73.84
C PHE IB 222 -70.46 33.02 -74.58
N GLY IB 223 -70.37 34.19 -73.93
CA GLY IB 223 -70.60 35.44 -74.64
C GLY IB 223 -69.72 35.59 -75.86
N ASP IB 224 -68.40 35.49 -75.70
CA ASP IB 224 -67.52 35.67 -76.84
C ASP IB 224 -67.57 34.48 -77.79
N LEU IB 225 -67.80 33.29 -77.26
CA LEU IB 225 -68.01 32.15 -78.15
C LEU IB 225 -69.14 32.43 -79.14
N ASN IB 226 -70.30 32.82 -78.62
CA ASN IB 226 -71.43 33.13 -79.47
C ASN IB 226 -71.21 34.39 -80.28
N HIS IB 227 -70.43 35.36 -79.78
CA HIS IB 227 -70.15 36.55 -80.56
C HIS IB 227 -69.40 36.18 -81.84
N LEU IB 228 -68.40 35.33 -81.71
CA LEU IB 228 -67.66 34.82 -82.87
C LEU IB 228 -68.58 34.06 -83.82
N ILE IB 229 -69.37 33.15 -83.26
CA ILE IB 229 -70.34 32.40 -84.06
C ILE IB 229 -71.23 33.34 -84.85
N SER IB 230 -71.73 34.39 -84.18
CA SER IB 230 -72.69 35.28 -84.82
C SER IB 230 -72.02 36.14 -85.86
N ALA IB 231 -70.79 36.57 -85.62
CA ALA IB 231 -70.09 37.38 -86.61
C ALA IB 231 -69.90 36.59 -87.89
N VAL IB 232 -69.53 35.31 -87.76
CA VAL IB 232 -69.40 34.45 -88.93
C VAL IB 232 -70.75 34.29 -89.63
N MET IB 233 -71.80 34.01 -88.86
CA MET IB 233 -73.11 33.79 -89.44
C MET IB 233 -73.60 35.03 -90.16
N SER IB 234 -73.28 36.21 -89.63
CA SER IB 234 -73.71 37.44 -90.26
C SER IB 234 -72.94 37.70 -91.54
N GLY IB 235 -71.59 37.69 -91.49
CA GLY IB 235 -70.80 37.87 -92.67
C GLY IB 235 -71.13 36.93 -93.81
N ILE IB 236 -71.67 35.75 -93.48
CA ILE IB 236 -72.13 34.86 -94.55
C ILE IB 236 -73.06 35.59 -95.54
N THR IB 237 -74.05 36.33 -95.04
CA THR IB 237 -75.14 36.82 -95.88
C THR IB 237 -74.96 38.29 -96.26
N CYS IB 238 -73.74 38.81 -96.20
CA CYS IB 238 -73.48 40.16 -96.66
C CYS IB 238 -73.86 40.35 -98.11
N CYS IB 239 -73.74 39.29 -98.92
CA CYS IB 239 -74.04 39.43 -100.34
C CYS IB 239 -75.53 39.64 -100.58
N LEU IB 240 -76.38 38.90 -99.87
CA LEU IB 240 -77.81 39.16 -99.94
C LEU IB 240 -78.17 40.52 -99.39
N ARG IB 241 -77.48 40.95 -98.34
CA ARG IB 241 -77.96 42.15 -97.66
C ARG IB 241 -77.48 43.47 -98.28
N PHE IB 242 -76.21 43.59 -98.63
CA PHE IB 242 -75.66 44.84 -99.12
C PHE IB 242 -75.26 44.73 -100.58
N PRO IB 243 -74.91 45.84 -101.22
CA PRO IB 243 -74.33 45.76 -102.57
C PRO IB 243 -72.97 45.10 -102.52
N GLY IB 244 -72.48 44.77 -103.72
CA GLY IB 244 -71.18 44.13 -103.82
C GLY IB 244 -70.74 43.99 -105.26
N GLN IB 245 -69.48 44.32 -105.53
CA GLN IB 245 -68.99 44.23 -106.90
C GLN IB 245 -68.98 42.80 -107.42
N LEU IB 246 -69.02 41.82 -106.52
CA LEU IB 246 -69.19 40.42 -106.91
C LEU IB 246 -70.05 39.75 -105.84
N ASN IB 247 -71.36 39.71 -106.09
CA ASN IB 247 -72.29 39.16 -105.11
C ASN IB 247 -72.26 37.63 -105.16
N ALA IB 248 -72.54 37.02 -104.01
CA ALA IB 248 -72.49 35.56 -103.85
C ALA IB 248 -73.73 35.10 -103.08
N ASP IB 249 -74.68 34.51 -103.79
CA ASP IB 249 -75.87 33.98 -103.15
C ASP IB 249 -75.57 32.63 -102.49
N LEU IB 250 -76.50 32.17 -101.66
CA LEU IB 250 -76.30 30.90 -100.99
C LEU IB 250 -76.28 29.74 -101.99
N ARG IB 251 -77.15 29.79 -103.00
CA ARG IB 251 -77.15 28.71 -103.98
C ARG IB 251 -75.85 28.68 -104.78
N LYS IB 252 -75.34 29.84 -105.17
CA LYS IB 252 -74.10 29.86 -105.94
C LYS IB 252 -72.89 29.57 -105.07
N LEU IB 253 -73.00 29.73 -103.74
CA LEU IB 253 -71.93 29.22 -102.89
C LEU IB 253 -71.98 27.71 -102.81
N ALA IB 254 -73.17 27.15 -102.65
CA ALA IB 254 -73.31 25.70 -102.49
C ALA IB 254 -72.90 24.96 -103.76
N VAL IB 255 -73.29 25.48 -104.92
CA VAL IB 255 -72.97 24.78 -106.17
C VAL IB 255 -71.48 24.84 -106.44
N ASN IB 256 -70.82 25.95 -106.09
CA ASN IB 256 -69.38 26.01 -106.23
C ASN IB 256 -68.65 25.16 -105.20
N LEU IB 257 -69.23 24.95 -104.02
CA LEU IB 257 -68.51 24.17 -103.03
C LEU IB 257 -68.67 22.66 -103.14
N ILE IB 258 -69.90 22.16 -103.20
CA ILE IB 258 -70.09 20.71 -103.09
C ILE IB 258 -70.11 20.05 -104.46
N PRO IB 259 -69.08 19.28 -104.83
CA PRO IB 259 -69.11 18.56 -106.10
C PRO IB 259 -69.98 17.32 -106.07
N PHE IB 260 -70.04 16.63 -104.93
CA PHE IB 260 -70.85 15.44 -104.75
C PHE IB 260 -71.89 15.69 -103.66
N PRO IB 261 -73.09 15.13 -103.80
CA PRO IB 261 -74.20 15.52 -102.92
C PRO IB 261 -73.96 15.23 -101.45
N ARG IB 262 -72.90 14.50 -101.09
CA ARG IB 262 -72.68 14.10 -99.71
C ARG IB 262 -71.47 14.75 -99.06
N LEU IB 263 -70.70 15.55 -99.80
CA LEU IB 263 -69.52 16.19 -99.23
C LEU IB 263 -69.84 17.61 -98.79
N HIS IB 264 -70.82 17.76 -97.90
CA HIS IB 264 -71.33 19.06 -97.54
C HIS IB 264 -71.09 19.41 -96.07
N PHE IB 265 -69.90 19.10 -95.56
CA PHE IB 265 -69.52 19.41 -94.19
C PHE IB 265 -68.33 20.36 -94.23
N PHE IB 266 -68.59 21.65 -94.02
CA PHE IB 266 -67.62 22.69 -94.33
C PHE IB 266 -66.75 23.01 -93.12
N MET IB 267 -66.00 24.10 -93.21
CA MET IB 267 -65.06 24.50 -92.17
C MET IB 267 -64.85 26.00 -92.30
N VAL IB 268 -65.13 26.75 -91.24
CA VAL IB 268 -65.28 28.19 -91.35
C VAL IB 268 -64.22 28.90 -90.51
N GLY IB 269 -64.16 30.21 -90.68
CA GLY IB 269 -63.22 31.03 -89.94
C GLY IB 269 -63.44 32.48 -90.30
N PHE IB 270 -63.07 33.36 -89.36
CA PHE IB 270 -63.32 34.79 -89.50
C PHE IB 270 -62.03 35.57 -89.38
N THR IB 271 -61.96 36.69 -90.12
CA THR IB 271 -60.83 37.59 -90.13
C THR IB 271 -61.36 39.00 -90.32
N PRO IB 272 -60.70 40.02 -89.74
CA PRO IB 272 -59.51 39.90 -88.90
C PRO IB 272 -59.84 39.79 -87.42
N LEU IB 273 -58.97 39.13 -86.67
CA LEU IB 273 -59.10 39.00 -85.24
C LEU IB 273 -57.80 39.46 -84.60
N THR IB 274 -57.90 40.31 -83.58
CA THR IB 274 -56.71 40.84 -82.94
C THR IB 274 -57.08 41.38 -81.56
N SER IB 275 -56.06 41.51 -80.73
CA SER IB 275 -56.23 42.07 -79.39
C SER IB 275 -56.10 43.58 -79.43
N ARG IB 276 -56.45 44.22 -78.31
CA ARG IB 276 -56.35 45.67 -78.26
C ARG IB 276 -54.89 46.12 -78.23
N GLY IB 277 -53.99 45.28 -77.74
CA GLY IB 277 -52.58 45.59 -77.83
C GLY IB 277 -52.08 45.51 -79.26
N SER IB 278 -52.48 44.48 -79.99
CA SER IB 278 -51.90 44.23 -81.30
C SER IB 278 -52.54 45.07 -82.40
N GLN IB 279 -53.81 45.45 -82.27
CA GLN IB 279 -54.43 46.29 -83.27
C GLN IB 279 -53.74 47.64 -83.37
N GLN IB 280 -53.08 48.07 -82.29
CA GLN IB 280 -52.36 49.33 -82.31
C GLN IB 280 -51.31 49.36 -83.41
N TYR IB 281 -50.77 48.20 -83.77
CA TYR IB 281 -49.76 48.09 -84.82
C TYR IB 281 -50.35 47.54 -86.12
N ARG IB 282 -51.16 46.49 -86.01
CA ARG IB 282 -51.51 45.70 -87.20
C ARG IB 282 -52.19 46.53 -88.25
N ALA IB 283 -51.62 46.53 -89.45
CA ALA IB 283 -52.22 47.20 -90.59
C ALA IB 283 -53.30 46.32 -91.20
N LEU IB 284 -54.33 46.97 -91.74
CA LEU IB 284 -55.47 46.27 -92.35
C LEU IB 284 -55.32 46.33 -93.85
N THR IB 285 -54.88 45.23 -94.45
CA THR IB 285 -54.80 45.11 -95.89
C THR IB 285 -55.28 43.72 -96.30
N VAL IB 286 -55.59 43.60 -97.59
CA VAL IB 286 -56.04 42.35 -98.19
C VAL IB 286 -55.01 41.24 -97.97
N PRO IB 287 -53.70 41.49 -98.11
CA PRO IB 287 -52.74 40.40 -97.84
C PRO IB 287 -52.76 39.92 -96.40
N GLU IB 288 -52.78 40.82 -95.42
CA GLU IB 288 -52.95 40.44 -94.03
C GLU IB 288 -54.19 39.57 -93.86
N LEU IB 289 -55.30 40.05 -94.38
CA LEU IB 289 -56.56 39.33 -94.24
C LEU IB 289 -56.47 37.94 -94.84
N THR IB 290 -55.89 37.83 -96.04
CA THR IB 290 -55.81 36.56 -96.72
C THR IB 290 -54.87 35.61 -96.00
N GLN IB 291 -53.77 36.11 -95.45
CA GLN IB 291 -52.86 35.24 -94.72
C GLN IB 291 -53.53 34.71 -93.47
N GLN IB 292 -54.25 35.56 -92.75
CA GLN IB 292 -54.88 35.12 -91.52
C GLN IB 292 -56.01 34.15 -91.80
N MET IB 293 -56.70 34.32 -92.93
CA MET IB 293 -57.77 33.38 -93.24
C MET IB 293 -57.22 32.04 -93.70
N TRP IB 294 -56.11 32.03 -94.44
CA TRP IB 294 -55.57 30.76 -94.91
C TRP IB 294 -54.72 30.05 -93.88
N ASP IB 295 -54.32 30.73 -92.82
CA ASP IB 295 -53.69 30.01 -91.71
C ASP IB 295 -54.66 28.95 -91.15
N ALA IB 296 -54.08 27.93 -90.52
CA ALA IB 296 -54.83 26.77 -90.08
C ALA IB 296 -55.32 26.86 -88.64
N LYS IB 297 -55.21 28.03 -88.02
CA LYS IB 297 -55.70 28.19 -86.65
C LYS IB 297 -57.14 28.70 -86.63
N ASN IB 298 -57.47 29.66 -87.49
CA ASN IB 298 -58.80 30.26 -87.50
C ASN IB 298 -59.88 29.25 -87.84
N MET IB 299 -59.49 28.03 -88.18
CA MET IB 299 -60.48 27.00 -88.49
C MET IB 299 -61.18 26.64 -87.19
N MET IB 300 -62.37 27.21 -86.99
CA MET IB 300 -63.10 27.02 -85.74
C MET IB 300 -63.49 25.58 -85.50
N CYS IB 301 -63.24 24.68 -86.44
CA CYS IB 301 -63.46 23.26 -86.24
C CYS IB 301 -62.15 22.56 -85.91
N ALA IB 302 -62.22 21.60 -85.00
CA ALA IB 302 -61.04 20.87 -84.53
C ALA IB 302 -60.61 19.81 -85.55
N ALA IB 303 -60.23 20.29 -86.72
CA ALA IB 303 -59.63 19.45 -87.75
C ALA IB 303 -58.52 20.25 -88.41
N ASP IB 304 -57.34 19.65 -88.51
CA ASP IB 304 -56.17 20.34 -89.03
C ASP IB 304 -56.17 20.24 -90.54
N PRO IB 305 -56.36 21.35 -91.27
CA PRO IB 305 -56.44 21.25 -92.73
C PRO IB 305 -55.15 20.79 -93.39
N ARG IB 306 -54.01 20.88 -92.69
CA ARG IB 306 -52.77 20.36 -93.24
C ARG IB 306 -52.81 18.84 -93.40
N HIS IB 307 -53.70 18.16 -92.68
CA HIS IB 307 -53.87 16.73 -92.81
C HIS IB 307 -54.75 16.34 -93.99
N GLY IB 308 -55.15 17.30 -94.82
CA GLY IB 308 -56.00 17.00 -95.95
C GLY IB 308 -55.73 17.86 -97.16
N ARG IB 309 -56.71 17.95 -98.06
CA ARG IB 309 -56.60 18.79 -99.23
C ARG IB 309 -57.93 19.50 -99.43
N TYR IB 310 -57.86 20.82 -99.61
CA TYR IB 310 -59.07 21.60 -99.84
C TYR IB 310 -59.69 21.20 -101.16
N LEU IB 311 -60.87 20.58 -101.10
CA LEU IB 311 -61.63 20.35 -102.33
C LEU IB 311 -62.05 21.67 -102.94
N THR IB 312 -62.76 22.49 -102.16
CA THR IB 312 -63.13 23.84 -102.57
C THR IB 312 -62.98 24.78 -101.38
N ALA IB 313 -62.81 26.06 -101.68
CA ALA IB 313 -62.71 27.07 -100.65
C ALA IB 313 -63.41 28.35 -101.11
N SER IB 314 -63.79 29.18 -100.15
CA SER IB 314 -64.50 30.41 -100.44
C SER IB 314 -64.07 31.50 -99.49
N ALA IB 315 -63.88 32.69 -100.07
CA ALA IB 315 -63.54 33.89 -99.31
C ALA IB 315 -64.52 35.00 -99.59
N LEU IB 316 -65.27 35.40 -98.57
CA LEU IB 316 -66.22 36.50 -98.69
C LEU IB 316 -65.56 37.70 -98.01
N PHE IB 317 -65.12 38.69 -98.80
CA PHE IB 317 -64.58 39.91 -98.25
C PHE IB 317 -65.67 40.96 -98.14
N ARG IB 318 -65.53 41.88 -97.20
CA ARG IB 318 -66.45 43.00 -97.13
C ARG IB 318 -65.68 44.25 -96.73
N GLY IB 319 -65.76 45.25 -97.59
CA GLY IB 319 -65.05 46.50 -97.41
C GLY IB 319 -64.48 46.93 -98.76
N ARG IB 320 -64.32 48.24 -98.93
CA ARG IB 320 -63.84 48.77 -100.20
C ARG IB 320 -62.38 48.39 -100.39
N MET IB 321 -62.09 47.65 -101.46
CA MET IB 321 -60.74 47.18 -101.73
C MET IB 321 -60.59 46.94 -103.23
N SER IB 322 -59.34 46.73 -103.65
CA SER IB 322 -59.05 46.50 -105.06
C SER IB 322 -59.17 45.00 -105.34
N THR IB 323 -60.10 44.63 -106.23
CA THR IB 323 -60.39 43.22 -106.46
C THR IB 323 -59.26 42.48 -107.16
N LYS IB 324 -58.34 43.19 -107.84
CA LYS IB 324 -57.17 42.51 -108.35
C LYS IB 324 -56.41 41.83 -107.23
N GLU IB 325 -56.30 42.51 -106.08
CA GLU IB 325 -55.57 41.96 -104.95
C GLU IB 325 -56.21 40.66 -104.47
N VAL IB 326 -57.53 40.65 -104.32
CA VAL IB 326 -58.18 39.46 -103.79
C VAL IB 326 -58.14 38.33 -104.81
N ASP IB 327 -58.08 38.65 -106.10
CA ASP IB 327 -57.87 37.61 -107.10
C ASP IB 327 -56.47 37.02 -106.98
N GLU IB 328 -55.48 37.91 -106.86
CA GLU IB 328 -54.09 37.48 -106.93
C GLU IB 328 -53.67 36.76 -105.66
N GLN IB 329 -54.26 37.10 -104.52
CA GLN IB 329 -53.92 36.39 -103.29
C GLN IB 329 -54.35 34.93 -103.35
N MET IB 330 -55.59 34.69 -103.79
CA MET IB 330 -56.05 33.32 -103.96
C MET IB 330 -55.20 32.57 -104.97
N LEU IB 331 -54.84 33.23 -106.07
CA LEU IB 331 -53.98 32.59 -107.06
C LEU IB 331 -52.63 32.21 -106.46
N ASN IB 332 -52.01 33.13 -105.72
CA ASN IB 332 -50.71 32.85 -105.12
C ASN IB 332 -50.80 31.71 -104.12
N VAL IB 333 -51.88 31.66 -103.34
CA VAL IB 333 -51.98 30.62 -102.31
C VAL IB 333 -52.10 29.25 -102.97
N GLN IB 334 -52.97 29.14 -103.99
CA GLN IB 334 -53.08 27.90 -104.75
C GLN IB 334 -51.75 27.51 -105.38
N ASN IB 335 -50.98 28.48 -105.86
CA ASN IB 335 -49.69 28.15 -106.45
C ASN IB 335 -48.68 27.69 -105.42
N LYS IB 336 -48.53 28.44 -104.33
CA LYS IB 336 -47.53 28.13 -103.31
C LYS IB 336 -47.78 26.75 -102.71
N ASN IB 337 -48.87 26.59 -101.97
CA ASN IB 337 -49.11 25.28 -101.37
C ASN IB 337 -50.09 24.47 -102.21
N SER IB 338 -49.65 24.13 -103.42
CA SER IB 338 -50.50 23.40 -104.35
C SER IB 338 -50.78 21.98 -103.90
N SER IB 339 -50.00 21.47 -102.94
CA SER IB 339 -50.27 20.13 -102.42
C SER IB 339 -51.60 20.07 -101.69
N TYR IB 340 -51.93 21.12 -100.94
CA TYR IB 340 -53.15 21.17 -100.14
C TYR IB 340 -54.40 21.33 -100.99
N PHE IB 341 -54.29 21.29 -102.31
CA PHE IB 341 -55.44 21.43 -103.19
C PHE IB 341 -55.41 20.31 -104.22
N VAL IB 342 -56.60 19.80 -104.55
CA VAL IB 342 -56.69 18.69 -105.49
C VAL IB 342 -56.31 19.15 -106.89
N GLU IB 343 -55.99 18.19 -107.75
CA GLU IB 343 -55.61 18.49 -109.12
C GLU IB 343 -56.79 18.52 -110.06
N TRP IB 344 -57.74 17.59 -109.91
CA TRP IB 344 -58.86 17.54 -110.84
C TRP IB 344 -59.80 18.74 -110.72
N ILE IB 345 -59.46 19.71 -109.87
CA ILE IB 345 -60.12 21.00 -109.83
C ILE IB 345 -59.06 22.06 -110.14
N PRO IB 346 -59.12 22.73 -111.29
CA PRO IB 346 -58.06 23.67 -111.66
C PRO IB 346 -57.92 24.84 -110.72
N ASN IB 347 -59.00 25.61 -110.55
CA ASN IB 347 -59.06 26.70 -109.59
C ASN IB 347 -60.23 26.42 -108.65
N ASN IB 348 -59.91 26.18 -107.38
CA ASN IB 348 -60.90 25.72 -106.41
C ASN IB 348 -61.30 26.78 -105.39
N VAL IB 349 -60.86 28.03 -105.56
CA VAL IB 349 -61.21 29.09 -104.64
C VAL IB 349 -62.19 30.03 -105.31
N LYS IB 350 -63.32 30.25 -104.65
CA LYS IB 350 -64.24 31.32 -105.01
C LYS IB 350 -63.92 32.54 -104.17
N SER IB 351 -63.99 33.71 -104.77
CA SER IB 351 -63.79 34.96 -104.05
C SER IB 351 -64.96 35.87 -104.37
N SER IB 352 -65.72 36.26 -103.36
CA SER IB 352 -66.69 37.31 -103.57
C SER IB 352 -66.36 38.48 -102.65
N VAL IB 353 -66.85 39.66 -103.03
CA VAL IB 353 -66.52 40.91 -102.34
C VAL IB 353 -67.78 41.77 -102.28
N CYS IB 354 -68.12 42.22 -101.08
CA CYS IB 354 -69.18 43.20 -100.86
C CYS IB 354 -68.58 44.54 -100.47
N ASP IB 355 -69.33 45.61 -100.76
CA ASP IB 355 -68.80 46.96 -100.65
C ASP IB 355 -69.16 47.65 -99.35
N ILE IB 356 -69.80 46.94 -98.41
CA ILE IB 356 -70.17 47.52 -97.13
C ILE IB 356 -69.42 46.76 -96.04
N PRO IB 357 -68.50 47.39 -95.33
CA PRO IB 357 -67.77 46.70 -94.27
C PRO IB 357 -68.66 46.47 -93.06
N PRO IB 358 -68.14 45.90 -91.98
CA PRO IB 358 -68.92 45.83 -90.75
C PRO IB 358 -69.15 47.20 -90.13
N LYS IB 359 -69.81 47.23 -88.98
CA LYS IB 359 -70.14 48.50 -88.34
C LYS IB 359 -68.88 49.25 -87.92
N GLY IB 360 -67.92 48.55 -87.32
CA GLY IB 360 -66.79 49.23 -86.72
C GLY IB 360 -65.50 49.17 -87.52
N LEU IB 361 -65.29 48.11 -88.27
CA LEU IB 361 -64.06 47.92 -89.00
C LEU IB 361 -64.12 48.63 -90.35
N LYS IB 362 -63.06 48.44 -91.15
CA LYS IB 362 -63.02 48.92 -92.51
C LYS IB 362 -62.90 47.81 -93.54
N MET IB 363 -62.24 46.70 -93.18
CA MET IB 363 -62.17 45.52 -94.03
C MET IB 363 -62.35 44.30 -93.16
N SER IB 364 -63.08 43.32 -93.68
CA SER IB 364 -63.22 42.05 -92.95
C SER IB 364 -63.39 40.93 -93.95
N ALA IB 365 -63.24 39.71 -93.47
CA ALA IB 365 -63.28 38.59 -94.38
C ALA IB 365 -63.70 37.33 -93.64
N THR IB 366 -64.44 36.49 -94.34
CA THR IB 366 -64.90 35.21 -93.83
C THR IB 366 -64.42 34.10 -94.77
N PHE IB 367 -64.08 32.95 -94.19
CA PHE IB 367 -63.48 31.85 -94.91
C PHE IB 367 -64.29 30.58 -94.71
N ILE IB 368 -64.47 29.82 -95.79
CA ILE IB 368 -65.12 28.52 -95.74
C ILE IB 368 -64.30 27.54 -96.58
N GLY IB 369 -64.17 26.31 -96.13
CA GLY IB 369 -63.45 25.30 -96.90
C GLY IB 369 -64.03 23.91 -96.71
N ASN IB 370 -64.22 23.20 -97.83
CA ASN IB 370 -64.70 21.82 -97.80
C ASN IB 370 -63.45 20.94 -97.88
N SER IB 371 -62.77 20.79 -96.75
CA SER IB 371 -61.50 20.08 -96.69
C SER IB 371 -61.71 18.63 -96.33
N THR IB 372 -60.81 17.78 -96.84
CA THR IB 372 -60.81 16.36 -96.52
C THR IB 372 -60.39 16.09 -95.08
N ALA IB 373 -59.79 17.06 -94.40
CA ALA IB 373 -59.37 16.85 -93.02
C ALA IB 373 -60.53 16.66 -92.07
N ILE IB 374 -61.75 17.00 -92.49
CA ILE IB 374 -62.91 16.90 -91.61
C ILE IB 374 -63.20 15.46 -91.24
N GLN IB 375 -62.65 14.50 -91.99
CA GLN IB 375 -62.94 13.10 -91.72
C GLN IB 375 -62.42 12.65 -90.37
N GLU IB 376 -61.46 13.37 -89.79
CA GLU IB 376 -60.92 12.97 -88.49
C GLU IB 376 -61.95 13.15 -87.38
N MET IB 377 -62.71 14.25 -87.45
CA MET IB 377 -63.83 14.45 -86.53
C MET IB 377 -64.75 13.24 -86.53
N PHE IB 378 -65.16 12.81 -87.73
CA PHE IB 378 -66.09 11.70 -87.83
C PHE IB 378 -65.45 10.38 -87.41
N LYS IB 379 -64.17 10.19 -87.72
CA LYS IB 379 -63.49 8.98 -87.28
C LYS IB 379 -63.47 8.88 -85.77
N ARG IB 380 -63.19 10.00 -85.09
CA ARG IB 380 -63.18 10.02 -83.63
C ARG IB 380 -64.58 9.73 -83.08
N VAL IB 381 -65.58 10.39 -83.67
CA VAL IB 381 -66.96 10.17 -83.24
C VAL IB 381 -67.34 8.71 -83.38
N SER IB 382 -66.98 8.08 -84.51
CA SER IB 382 -67.37 6.72 -84.77
C SER IB 382 -66.61 5.74 -83.89
N GLU IB 383 -65.34 6.01 -83.60
CA GLU IB 383 -64.61 5.17 -82.67
C GLU IB 383 -65.28 5.18 -81.31
N GLN IB 384 -65.67 6.37 -80.83
CA GLN IB 384 -66.32 6.47 -79.53
C GLN IB 384 -67.67 5.75 -79.55
N PHE IB 385 -68.45 5.95 -80.61
CA PHE IB 385 -69.72 5.28 -80.73
C PHE IB 385 -69.52 3.78 -80.69
N THR IB 386 -68.53 3.25 -81.41
CA THR IB 386 -68.42 1.81 -81.50
C THR IB 386 -67.86 1.22 -80.22
N ALA IB 387 -66.95 1.91 -79.53
CA ALA IB 387 -66.47 1.43 -78.23
C ALA IB 387 -67.62 1.29 -77.26
N MET IB 388 -68.56 2.23 -77.30
CA MET IB 388 -69.67 2.14 -76.36
C MET IB 388 -70.83 1.29 -76.87
N PHE IB 389 -70.94 1.09 -78.19
CA PHE IB 389 -71.95 0.16 -78.67
C PHE IB 389 -71.52 -1.29 -78.49
N ARG IB 390 -70.22 -1.55 -78.46
CA ARG IB 390 -69.75 -2.91 -78.27
C ARG IB 390 -70.14 -3.46 -76.91
N ARG IB 391 -70.39 -2.58 -75.95
CA ARG IB 391 -70.84 -2.98 -74.63
C ARG IB 391 -72.31 -2.64 -74.38
N LYS IB 392 -72.98 -2.03 -75.35
CA LYS IB 392 -74.41 -1.67 -75.24
C LYS IB 392 -74.66 -0.79 -74.02
N ALA IB 393 -73.69 0.06 -73.69
CA ALA IB 393 -73.85 0.98 -72.57
C ALA IB 393 -74.84 2.07 -72.93
N PHE IB 394 -75.62 2.49 -71.93
CA PHE IB 394 -76.62 3.55 -72.04
C PHE IB 394 -77.67 3.26 -73.10
N LEU IB 395 -77.68 2.05 -73.65
CA LEU IB 395 -78.57 1.73 -74.76
C LEU IB 395 -79.99 1.44 -74.31
N HIS IB 396 -80.18 1.09 -73.03
CA HIS IB 396 -81.53 0.86 -72.56
C HIS IB 396 -82.36 2.13 -72.55
N TRP IB 397 -81.73 3.29 -72.39
CA TRP IB 397 -82.47 4.56 -72.45
C TRP IB 397 -83.08 4.77 -73.84
N TYR IB 398 -82.30 4.47 -74.88
CA TYR IB 398 -82.82 4.64 -76.24
C TYR IB 398 -83.85 3.56 -76.57
N THR IB 399 -83.61 2.33 -76.12
CA THR IB 399 -84.55 1.27 -76.45
C THR IB 399 -85.88 1.44 -75.73
N GLY IB 400 -85.89 2.10 -74.56
CA GLY IB 400 -87.15 2.41 -73.92
C GLY IB 400 -88.01 3.39 -74.68
N GLU IB 401 -87.51 3.95 -75.78
CA GLU IB 401 -88.28 4.86 -76.62
C GLU IB 401 -88.70 4.20 -77.93
N GLY IB 402 -88.73 2.87 -77.97
CA GLY IB 402 -89.14 2.16 -79.16
C GLY IB 402 -88.07 2.00 -80.22
N MET IB 403 -86.88 2.53 -80.00
CA MET IB 403 -85.81 2.36 -80.98
C MET IB 403 -85.31 0.92 -81.00
N ASP IB 404 -84.44 0.63 -81.95
CA ASP IB 404 -83.78 -0.67 -82.04
C ASP IB 404 -82.29 -0.49 -82.25
N GLU IB 405 -81.56 -1.57 -82.52
CA GLU IB 405 -80.12 -1.47 -82.77
C GLU IB 405 -79.80 -1.40 -84.26
N MET IB 406 -80.76 -1.77 -85.11
CA MET IB 406 -80.58 -1.59 -86.55
C MET IB 406 -80.36 -0.13 -86.88
N GLU IB 407 -80.98 0.77 -86.13
CA GLU IB 407 -80.84 2.20 -86.36
C GLU IB 407 -79.42 2.66 -86.07
N PHE IB 408 -78.84 2.23 -84.96
CA PHE IB 408 -77.45 2.56 -84.68
C PHE IB 408 -76.51 1.96 -85.71
N THR IB 409 -76.77 0.73 -86.13
CA THR IB 409 -75.90 0.10 -87.12
C THR IB 409 -75.95 0.83 -88.45
N GLU IB 410 -77.15 1.24 -88.89
CA GLU IB 410 -77.29 1.98 -90.13
C GLU IB 410 -76.65 3.36 -90.02
N ALA IB 411 -76.73 4.01 -88.86
CA ALA IB 411 -76.07 5.29 -88.69
C ALA IB 411 -74.55 5.14 -88.73
N GLU IB 412 -74.04 4.08 -88.11
CA GLU IB 412 -72.61 3.82 -88.17
C GLU IB 412 -72.17 3.51 -89.60
N SER IB 413 -72.98 2.73 -90.33
CA SER IB 413 -72.65 2.41 -91.72
C SER IB 413 -72.65 3.66 -92.58
N ASN IB 414 -73.62 4.56 -92.35
CA ASN IB 414 -73.67 5.78 -93.14
C ASN IB 414 -72.46 6.66 -92.86
N MET IB 415 -72.08 6.79 -91.59
CA MET IB 415 -70.89 7.57 -91.25
C MET IB 415 -69.63 6.93 -91.83
N ASN IB 416 -69.56 5.61 -91.86
CA ASN IB 416 -68.40 4.95 -92.45
C ASN IB 416 -68.36 5.15 -93.96
N ASP IB 417 -69.51 5.07 -94.63
CA ASP IB 417 -69.59 5.40 -96.04
C ASP IB 417 -69.15 6.84 -96.30
N LEU IB 418 -69.60 7.78 -95.46
CA LEU IB 418 -69.24 9.18 -95.61
C LEU IB 418 -67.73 9.39 -95.47
N VAL IB 419 -67.13 8.76 -94.45
CA VAL IB 419 -65.69 8.89 -94.25
C VAL IB 419 -64.92 8.17 -95.37
N SER IB 420 -65.46 7.08 -95.92
CA SER IB 420 -64.82 6.44 -97.07
C SER IB 420 -64.83 7.34 -98.29
N GLU IB 421 -65.99 7.93 -98.59
CA GLU IB 421 -66.09 8.90 -99.68
C GLU IB 421 -65.10 10.04 -99.50
N TYR IB 422 -64.98 10.55 -98.28
CA TYR IB 422 -64.03 11.64 -98.03
C TYR IB 422 -62.58 11.21 -98.27
N GLN IB 423 -62.23 10.01 -97.81
CA GLN IB 423 -60.89 9.47 -98.08
C GLN IB 423 -60.63 9.31 -99.57
N GLN IB 424 -61.64 8.83 -100.30
CA GLN IB 424 -61.49 8.60 -101.74
C GLN IB 424 -60.77 9.73 -102.45
N TYR IB 425 -61.37 10.91 -102.43
CA TYR IB 425 -60.88 12.03 -103.22
C TYR IB 425 -59.69 12.68 -102.63
N GLN IB 426 -59.11 12.04 -101.62
CA GLN IB 426 -57.82 12.43 -101.07
C GLN IB 426 -56.82 11.37 -101.47
N ASP IB 427 -55.88 11.74 -102.35
CA ASP IB 427 -54.80 10.85 -102.75
C ASP IB 427 -53.56 11.02 -101.88
N ALA IB 428 -53.75 11.44 -100.63
CA ALA IB 428 -52.66 11.68 -99.68
C ALA IB 428 -51.71 12.76 -100.21
N MET JB 1 -110.05 -22.46 50.06
CA MET JB 1 -109.95 -23.86 49.63
C MET JB 1 -108.96 -24.62 50.49
N ARG JB 2 -108.93 -25.94 50.31
CA ARG JB 2 -107.93 -26.81 50.92
C ARG JB 2 -108.04 -26.82 52.45
N GLU JB 3 -109.27 -26.82 52.97
CA GLU JB 3 -109.46 -26.85 54.41
C GLU JB 3 -108.89 -28.14 55.00
N ILE JB 4 -108.49 -28.06 56.26
CA ILE JB 4 -107.91 -29.19 56.98
C ILE JB 4 -108.62 -29.35 58.31
N VAL JB 5 -109.20 -30.52 58.53
CA VAL JB 5 -109.76 -30.90 59.82
C VAL JB 5 -108.67 -31.58 60.63
N HIS JB 6 -108.66 -31.34 61.94
CA HIS JB 6 -107.60 -31.80 62.83
C HIS JB 6 -108.21 -32.56 64.00
N ILE JB 7 -107.66 -33.73 64.30
CA ILE JB 7 -108.17 -34.59 65.35
C ILE JB 7 -107.10 -34.75 66.42
N GLN JB 8 -107.51 -34.69 67.69
CA GLN JB 8 -106.61 -34.87 68.82
C GLN JB 8 -107.11 -36.05 69.64
N GLY JB 9 -106.33 -37.13 69.68
CA GLY JB 9 -106.68 -38.32 70.40
C GLY JB 9 -105.73 -38.57 71.56
N GLY JB 10 -106.20 -39.32 72.55
CA GLY JB 10 -105.37 -39.67 73.69
C GLY JB 10 -105.00 -38.48 74.55
N GLN JB 11 -104.35 -38.76 75.68
CA GLN JB 11 -103.86 -37.67 76.53
C GLN JB 11 -102.76 -36.89 75.84
N CYS JB 12 -101.76 -37.60 75.30
CA CYS JB 12 -100.66 -36.96 74.61
C CYS JB 12 -101.14 -36.06 73.48
N GLY JB 13 -101.89 -36.63 72.54
CA GLY JB 13 -102.37 -35.85 71.41
C GLY JB 13 -103.20 -34.66 71.84
N ASN JB 14 -104.00 -34.82 72.90
CA ASN JB 14 -104.77 -33.70 73.41
C ASN JB 14 -103.88 -32.65 74.05
N GLN JB 15 -102.69 -33.05 74.51
CA GLN JB 15 -101.78 -32.11 75.15
C GLN JB 15 -100.90 -31.38 74.14
N ILE JB 16 -100.37 -32.09 73.16
CA ILE JB 16 -99.65 -31.43 72.08
C ILE JB 16 -100.59 -30.57 71.26
N GLY JB 17 -101.78 -31.09 70.96
CA GLY JB 17 -102.75 -30.32 70.19
C GLY JB 17 -103.14 -29.02 70.86
N ALA JB 18 -103.03 -28.95 72.18
CA ALA JB 18 -103.24 -27.69 72.87
C ALA JB 18 -102.19 -26.67 72.44
N LYS JB 19 -100.92 -27.09 72.38
CA LYS JB 19 -99.87 -26.17 71.96
C LYS JB 19 -99.99 -25.84 70.49
N PHE JB 20 -100.34 -26.83 69.66
CA PHE JB 20 -100.50 -26.58 68.23
C PHE JB 20 -101.48 -25.44 67.99
N TRP JB 21 -102.63 -25.47 68.67
CA TRP JB 21 -103.62 -24.42 68.50
C TRP JB 21 -103.27 -23.15 69.23
N GLU JB 22 -102.14 -23.12 69.94
CA GLU JB 22 -101.67 -21.87 70.52
C GLU JB 22 -100.64 -21.20 69.62
N VAL JB 23 -99.84 -21.99 68.91
CA VAL JB 23 -98.86 -21.41 67.98
C VAL JB 23 -99.57 -20.88 66.74
N VAL JB 24 -100.42 -21.71 66.13
CA VAL JB 24 -101.20 -21.26 64.97
C VAL JB 24 -101.97 -19.99 65.30
N SER JB 25 -102.78 -20.03 66.36
CA SER JB 25 -103.59 -18.87 66.71
C SER JB 25 -102.75 -17.64 66.94
N ASP JB 26 -101.50 -17.81 67.39
CA ASP JB 26 -100.63 -16.66 67.54
C ASP JB 26 -100.09 -16.21 66.19
N GLU JB 27 -99.61 -17.16 65.38
CA GLU JB 27 -99.06 -16.82 64.08
C GLU JB 27 -100.07 -16.06 63.23
N HIS JB 28 -101.33 -16.48 63.26
CA HIS JB 28 -102.39 -15.78 62.54
C HIS JB 28 -102.91 -14.56 63.29
N GLY JB 29 -102.30 -14.24 64.44
CA GLY JB 29 -102.64 -13.01 65.13
C GLY JB 29 -104.03 -12.95 65.73
N ILE JB 30 -104.60 -14.08 66.09
CA ILE JB 30 -105.90 -14.09 66.75
C ILE JB 30 -105.68 -14.34 68.23
N ASP JB 31 -106.60 -13.86 69.04
CA ASP JB 31 -106.49 -13.88 70.49
C ASP JB 31 -107.29 -15.04 71.07
N PRO JB 32 -107.03 -15.41 72.33
CA PRO JB 32 -107.83 -16.49 72.97
C PRO JB 32 -109.32 -16.20 73.00
N THR JB 33 -109.75 -14.99 72.66
CA THR JB 33 -111.16 -14.68 72.52
C THR JB 33 -111.76 -15.22 71.23
N GLY JB 34 -110.93 -15.62 70.27
CA GLY JB 34 -111.40 -15.97 68.95
C GLY JB 34 -111.41 -14.82 67.97
N THR JB 35 -111.01 -13.63 68.40
CA THR JB 35 -111.03 -12.44 67.57
C THR JB 35 -109.63 -12.16 67.00
N TYR JB 36 -109.61 -11.60 65.80
CA TYR JB 36 -108.37 -11.32 65.09
C TYR JB 36 -107.83 -9.95 65.46
N HIS JB 37 -106.51 -9.89 65.67
CA HIS JB 37 -105.87 -8.63 66.05
C HIS JB 37 -104.56 -8.38 65.31
N GLY JB 38 -104.31 -9.11 64.22
CA GLY JB 38 -103.07 -8.95 63.48
C GLY JB 38 -103.06 -7.69 62.64
N ASP JB 39 -102.14 -7.66 61.67
CA ASP JB 39 -101.92 -6.47 60.86
C ASP JB 39 -102.23 -6.71 59.39
N SER JB 40 -101.62 -7.69 58.75
CA SER JB 40 -101.77 -7.87 57.32
C SER JB 40 -103.02 -8.68 57.00
N ASP JB 41 -103.43 -8.64 55.73
CA ASP JB 41 -104.50 -9.51 55.26
C ASP JB 41 -104.03 -10.94 55.09
N LEU JB 42 -102.72 -11.17 55.06
CA LEU JB 42 -102.20 -12.52 54.89
C LEU JB 42 -102.61 -13.42 56.05
N GLN JB 43 -102.85 -12.84 57.24
CA GLN JB 43 -103.45 -13.59 58.32
C GLN JB 43 -104.88 -13.99 58.03
N LEU JB 44 -105.51 -13.40 57.02
CA LEU JB 44 -106.91 -13.66 56.72
C LEU JB 44 -107.15 -14.28 55.36
N GLU JB 45 -106.22 -14.16 54.42
CA GLU JB 45 -106.48 -14.68 53.08
C GLU JB 45 -106.75 -16.18 53.11
N ARG JB 46 -105.99 -16.91 53.92
CA ARG JB 46 -106.12 -18.36 54.02
C ARG JB 46 -106.25 -18.79 55.46
N ILE JB 47 -106.94 -17.99 56.28
CA ILE JB 47 -107.22 -18.39 57.65
C ILE JB 47 -108.24 -19.52 57.69
N ASN JB 48 -109.06 -19.66 56.65
CA ASN JB 48 -110.15 -20.62 56.61
C ASN JB 48 -109.69 -22.06 56.52
N VAL JB 49 -108.38 -22.33 56.48
CA VAL JB 49 -107.92 -23.71 56.37
C VAL JB 49 -108.04 -24.43 57.70
N TYR JB 50 -107.86 -23.72 58.82
CA TYR JB 50 -107.87 -24.32 60.14
C TYR JB 50 -109.08 -23.97 60.98
N PHE JB 51 -109.82 -22.93 60.63
CA PHE JB 51 -110.82 -22.37 61.53
C PHE JB 51 -112.18 -22.32 60.87
N ASN JB 52 -113.15 -21.84 61.63
CA ASN JB 52 -114.48 -21.53 61.14
C ASN JB 52 -114.89 -20.20 61.73
N GLU JB 53 -115.28 -19.27 60.87
CA GLU JB 53 -115.78 -17.99 61.35
C GLU JB 53 -116.97 -18.20 62.27
N ALA JB 54 -117.06 -17.40 63.32
CA ALA JB 54 -118.14 -17.48 64.29
C ALA JB 54 -118.78 -16.11 64.44
N THR JB 55 -119.96 -16.11 65.03
CA THR JB 55 -120.72 -14.87 65.18
C THR JB 55 -119.94 -13.87 66.01
N GLY JB 56 -119.99 -12.60 65.58
CA GLY JB 56 -119.29 -11.55 66.28
C GLY JB 56 -117.83 -11.41 65.93
N GLY JB 57 -117.43 -11.84 64.74
CA GLY JB 57 -116.03 -11.78 64.36
C GLY JB 57 -115.14 -12.70 65.15
N ARG JB 58 -115.67 -13.82 65.63
CA ARG JB 58 -114.89 -14.82 66.33
C ARG JB 58 -114.34 -15.83 65.34
N TYR JB 59 -113.27 -16.51 65.76
CA TYR JB 59 -112.66 -17.58 64.97
C TYR JB 59 -112.43 -18.76 65.89
N VAL JB 60 -113.01 -19.90 65.54
CA VAL JB 60 -112.90 -21.09 66.36
C VAL JB 60 -112.16 -22.17 65.58
N PRO JB 61 -111.36 -23.00 66.24
CA PRO JB 61 -110.61 -24.04 65.53
C PRO JB 61 -111.52 -25.10 64.93
N ARG JB 62 -111.02 -25.74 63.88
CA ARG JB 62 -111.68 -26.90 63.29
C ARG JB 62 -111.07 -28.19 63.86
N ALA JB 63 -111.13 -28.31 65.18
CA ALA JB 63 -110.50 -29.42 65.88
C ALA JB 63 -111.53 -30.28 66.58
N ILE JB 64 -111.14 -31.53 66.86
CA ILE JB 64 -111.94 -32.49 67.60
C ILE JB 64 -111.06 -33.09 68.68
N LEU JB 65 -111.50 -33.00 69.93
CA LEU JB 65 -110.71 -33.42 71.08
C LEU JB 65 -111.33 -34.68 71.66
N MET JB 66 -110.90 -35.84 71.15
CA MET JB 66 -111.41 -37.13 71.61
C MET JB 66 -110.45 -37.71 72.63
N ASP JB 67 -111.01 -38.18 73.74
CA ASP JB 67 -110.26 -38.93 74.74
C ASP JB 67 -111.22 -39.48 75.77
N LEU JB 68 -110.95 -40.69 76.27
CA LEU JB 68 -111.61 -41.17 77.47
C LEU JB 68 -111.10 -40.40 78.67
N GLU JB 69 -111.67 -40.71 79.85
CA GLU JB 69 -111.12 -40.20 81.11
C GLU JB 69 -111.08 -38.68 81.09
N PRO JB 70 -112.20 -38.00 81.28
CA PRO JB 70 -112.29 -36.60 80.86
C PRO JB 70 -111.46 -35.64 81.69
N GLY JB 71 -110.60 -36.17 82.56
CA GLY JB 71 -109.79 -35.31 83.41
C GLY JB 71 -108.93 -34.34 82.62
N THR JB 72 -108.31 -34.81 81.53
CA THR JB 72 -107.37 -33.96 80.80
C THR JB 72 -108.08 -32.87 80.00
N MET JB 73 -109.24 -33.17 79.41
CA MET JB 73 -109.97 -32.12 78.69
C MET JB 73 -110.34 -30.96 79.60
N ASP JB 74 -110.49 -31.20 80.90
CA ASP JB 74 -110.63 -30.08 81.82
C ASP JB 74 -109.39 -29.21 81.82
N SER JB 75 -108.21 -29.83 81.70
CA SER JB 75 -106.97 -29.09 81.79
C SER JB 75 -106.80 -28.13 80.63
N VAL JB 76 -107.02 -28.61 79.40
CA VAL JB 76 -106.88 -27.74 78.24
C VAL JB 76 -107.96 -26.65 78.26
N ARG JB 77 -109.16 -26.96 78.75
CA ARG JB 77 -110.18 -25.94 78.86
C ARG JB 77 -109.82 -24.89 79.90
N SER JB 78 -109.05 -25.28 80.92
CA SER JB 78 -108.51 -24.30 81.86
C SER JB 78 -107.26 -23.62 81.34
N GLY JB 79 -106.70 -24.10 80.23
CA GLY JB 79 -105.52 -23.50 79.66
C GLY JB 79 -105.80 -22.11 79.12
N PRO JB 80 -104.74 -21.39 78.74
CA PRO JB 80 -104.94 -20.03 78.24
C PRO JB 80 -105.79 -19.95 77.00
N TYR JB 81 -105.68 -20.92 76.09
CA TYR JB 81 -106.43 -20.92 74.85
C TYR JB 81 -107.52 -21.99 74.85
N GLY JB 82 -108.03 -22.35 76.03
CA GLY JB 82 -109.09 -23.33 76.09
C GLY JB 82 -110.46 -22.82 75.73
N GLN JB 83 -110.63 -21.50 75.62
CA GLN JB 83 -111.93 -20.92 75.34
C GLN JB 83 -112.26 -20.88 73.86
N ILE JB 84 -111.30 -21.16 72.98
CA ILE JB 84 -111.55 -20.99 71.56
C ILE JB 84 -112.27 -22.18 70.94
N PHE JB 85 -112.17 -23.35 71.53
CA PHE JB 85 -112.80 -24.53 70.95
C PHE JB 85 -114.30 -24.50 71.12
N ARG JB 86 -115.00 -25.14 70.20
CA ARG JB 86 -116.42 -25.36 70.38
C ARG JB 86 -116.60 -26.36 71.51
N PRO JB 87 -117.28 -25.99 72.60
CA PRO JB 87 -117.53 -26.98 73.67
C PRO JB 87 -118.24 -28.22 73.18
N ASP JB 88 -118.92 -28.15 72.04
CA ASP JB 88 -119.47 -29.35 71.43
C ASP JB 88 -118.37 -30.26 70.89
N ASN JB 89 -117.22 -29.70 70.54
CA ASN JB 89 -116.13 -30.49 70.01
C ASN JB 89 -115.34 -31.15 71.13
N PHE JB 90 -116.06 -31.82 72.04
CA PHE JB 90 -115.47 -32.58 73.12
C PHE JB 90 -116.26 -33.87 73.26
N VAL JB 91 -115.63 -34.99 72.92
CA VAL JB 91 -116.23 -36.30 73.12
C VAL JB 91 -115.38 -37.05 74.13
N PHE JB 92 -116.00 -37.54 75.19
CA PHE JB 92 -115.28 -38.30 76.19
C PHE JB 92 -116.20 -39.32 76.82
N GLY JB 93 -115.59 -40.33 77.44
CA GLY JB 93 -116.29 -41.33 78.21
C GLY JB 93 -115.93 -41.20 79.69
N GLN JB 94 -116.68 -41.92 80.50
CA GLN JB 94 -116.44 -41.90 81.94
C GLN JB 94 -115.35 -42.86 82.36
N THR JB 95 -115.30 -44.04 81.75
CA THR JB 95 -114.42 -45.12 82.18
C THR JB 95 -112.97 -44.80 81.83
N GLY JB 96 -112.09 -45.74 82.22
CA GLY JB 96 -110.67 -45.60 81.96
C GLY JB 96 -110.21 -46.32 80.71
N ALA JB 97 -109.05 -45.92 80.22
CA ALA JB 97 -108.51 -46.50 78.99
C ALA JB 97 -107.98 -47.90 79.24
N GLY JB 98 -106.97 -48.03 80.10
CA GLY JB 98 -106.47 -49.31 80.53
C GLY JB 98 -105.24 -49.79 79.80
N ASN JB 99 -104.79 -49.07 78.78
CA ASN JB 99 -103.65 -49.41 77.93
C ASN JB 99 -103.92 -50.66 77.10
N ASN JB 100 -105.08 -51.27 77.22
CA ASN JB 100 -105.46 -52.38 76.35
C ASN JB 100 -105.85 -51.79 75.00
N TRP JB 101 -104.98 -51.96 74.00
CA TRP JB 101 -105.40 -51.64 72.64
C TRP JB 101 -106.71 -52.29 72.29
N ALA JB 102 -107.02 -53.43 72.90
CA ALA JB 102 -108.30 -54.11 72.69
C ALA JB 102 -109.47 -53.19 73.04
N LYS JB 103 -109.62 -52.85 74.32
CA LYS JB 103 -110.82 -52.16 74.74
C LYS JB 103 -110.87 -50.74 74.20
N GLY JB 104 -109.72 -50.07 74.07
CA GLY JB 104 -109.71 -48.79 73.41
C GLY JB 104 -110.11 -48.85 71.95
N HIS JB 105 -110.10 -50.04 71.37
CA HIS JB 105 -110.48 -50.26 69.97
C HIS JB 105 -111.66 -51.19 69.82
N TYR JB 106 -111.79 -52.21 70.65
CA TYR JB 106 -112.87 -53.18 70.51
C TYR JB 106 -114.13 -52.73 71.25
N THR JB 107 -114.03 -52.52 72.56
CA THR JB 107 -115.23 -52.30 73.37
C THR JB 107 -115.56 -50.82 73.55
N GLU JB 108 -114.66 -50.08 74.20
CA GLU JB 108 -114.96 -48.69 74.54
C GLU JB 108 -114.73 -47.75 73.37
N GLY JB 109 -114.02 -48.19 72.33
CA GLY JB 109 -113.98 -47.42 71.10
C GLY JB 109 -115.31 -47.47 70.37
N ALA JB 110 -115.93 -48.65 70.32
CA ALA JB 110 -117.15 -48.82 69.55
C ALA JB 110 -118.28 -47.94 70.04
N GLU JB 111 -118.28 -47.60 71.33
CA GLU JB 111 -119.38 -46.85 71.93
C GLU JB 111 -119.25 -45.35 71.78
N LEU JB 112 -118.08 -44.84 71.42
CA LEU JB 112 -117.90 -43.40 71.22
C LEU JB 112 -117.78 -43.01 69.76
N ILE JB 113 -117.30 -43.90 68.90
CA ILE JB 113 -117.11 -43.59 67.49
C ILE JB 113 -118.41 -43.08 66.87
N ASP JB 114 -119.55 -43.65 67.28
CA ASP JB 114 -120.84 -43.23 66.73
C ASP JB 114 -121.05 -41.74 66.90
N SER JB 115 -120.73 -41.19 68.07
CA SER JB 115 -120.83 -39.75 68.25
C SER JB 115 -119.71 -39.02 67.54
N VAL JB 116 -118.50 -39.59 67.57
CA VAL JB 116 -117.35 -38.93 66.96
C VAL JB 116 -117.58 -38.70 65.48
N LEU JB 117 -117.95 -39.75 64.74
CA LEU JB 117 -118.22 -39.58 63.31
C LEU JB 117 -119.31 -38.54 63.07
N ASP JB 118 -120.32 -38.50 63.93
CA ASP JB 118 -121.35 -37.48 63.79
C ASP JB 118 -120.81 -36.09 64.07
N VAL JB 119 -119.65 -35.98 64.70
CA VAL JB 119 -119.01 -34.68 64.83
C VAL JB 119 -118.18 -34.36 63.59
N VAL JB 120 -117.33 -35.29 63.17
CA VAL JB 120 -116.46 -35.01 62.02
C VAL JB 120 -117.29 -34.77 60.77
N ARG JB 121 -118.45 -35.41 60.65
CA ARG JB 121 -119.35 -35.07 59.55
C ARG JB 121 -119.95 -33.70 59.73
N LYS JB 122 -120.25 -33.31 60.96
CA LYS JB 122 -120.95 -32.05 61.19
C LYS JB 122 -120.12 -30.86 60.73
N GLU JB 123 -118.80 -30.99 60.73
CA GLU JB 123 -117.90 -29.94 60.28
C GLU JB 123 -117.26 -30.23 58.93
N ALA JB 124 -117.24 -31.49 58.49
CA ALA JB 124 -116.74 -31.78 57.15
C ALA JB 124 -117.60 -31.11 56.09
N GLU JB 125 -118.86 -30.80 56.42
CA GLU JB 125 -119.69 -30.03 55.50
C GLU JB 125 -119.23 -28.58 55.45
N SER JB 126 -118.67 -28.05 56.54
CA SER JB 126 -118.27 -26.65 56.58
C SER JB 126 -117.14 -26.35 55.60
N CYS JB 127 -116.41 -27.36 55.16
CA CYS JB 127 -115.30 -27.18 54.23
C CYS JB 127 -115.85 -27.19 52.80
N ASP JB 128 -115.45 -26.21 52.01
CA ASP JB 128 -115.87 -26.20 50.61
C ASP JB 128 -115.14 -27.26 49.82
N CYS JB 129 -113.81 -27.36 49.99
CA CYS JB 129 -113.01 -28.38 49.32
C CYS JB 129 -112.08 -28.96 50.37
N LEU JB 130 -112.53 -30.04 51.01
CA LEU JB 130 -111.75 -30.68 52.06
C LEU JB 130 -110.49 -31.30 51.46
N GLN JB 131 -109.34 -30.99 52.05
CA GLN JB 131 -108.08 -31.52 51.58
C GLN JB 131 -107.76 -32.86 52.23
N GLY JB 132 -107.68 -32.88 53.55
CA GLY JB 132 -107.40 -34.11 54.24
C GLY JB 132 -107.57 -33.98 55.72
N PHE JB 133 -107.22 -35.05 56.42
CA PHE JB 133 -107.26 -35.11 57.88
C PHE JB 133 -105.85 -35.04 58.43
N GLN JB 134 -105.76 -34.75 59.71
CA GLN JB 134 -104.50 -34.84 60.43
C GLN JB 134 -104.81 -35.14 61.89
N VAL JB 135 -104.05 -36.06 62.47
CA VAL JB 135 -104.36 -36.60 63.78
C VAL JB 135 -103.09 -36.65 64.63
N CYS JB 136 -103.27 -36.49 65.94
CA CYS JB 136 -102.18 -36.54 66.90
C CYS JB 136 -102.37 -37.77 67.79
N HIS JB 137 -101.31 -38.56 67.93
CA HIS JB 137 -101.42 -39.86 68.59
C HIS JB 137 -100.45 -40.03 69.74
N SER JB 138 -100.44 -41.26 70.26
CA SER JB 138 -99.37 -41.75 71.13
C SER JB 138 -99.43 -43.27 71.03
N LEU JB 139 -98.51 -43.85 70.26
CA LEU JB 139 -98.58 -45.26 69.94
C LEU JB 139 -98.55 -46.17 71.16
N GLY JB 140 -98.23 -45.63 72.33
CA GLY JB 140 -98.17 -46.44 73.53
C GLY JB 140 -99.47 -46.70 74.25
N GLY JB 141 -100.15 -45.64 74.69
CA GLY JB 141 -101.33 -45.79 75.51
C GLY JB 141 -102.47 -46.48 74.77
N GLY JB 142 -103.54 -46.73 75.53
CA GLY JB 142 -104.71 -47.38 74.99
C GLY JB 142 -105.59 -46.48 74.16
N THR JB 143 -105.79 -45.25 74.63
CA THR JB 143 -106.68 -44.33 73.92
C THR JB 143 -106.10 -43.96 72.56
N GLY JB 144 -104.89 -43.41 72.55
CA GLY JB 144 -104.29 -42.97 71.30
C GLY JB 144 -104.20 -44.08 70.27
N SER JB 145 -103.64 -45.22 70.66
CA SER JB 145 -103.54 -46.35 69.74
C SER JB 145 -104.91 -46.93 69.43
N GLY JB 146 -105.63 -47.36 70.47
CA GLY JB 146 -106.91 -48.01 70.29
C GLY JB 146 -107.96 -47.15 69.61
N MET JB 147 -108.33 -46.04 70.23
CA MET JB 147 -109.44 -45.24 69.69
C MET JB 147 -109.05 -44.58 68.38
N GLY JB 148 -107.78 -44.17 68.24
CA GLY JB 148 -107.32 -43.57 67.01
C GLY JB 148 -107.47 -44.46 65.80
N THR JB 149 -106.81 -45.62 65.83
CA THR JB 149 -106.85 -46.55 64.70
C THR JB 149 -108.28 -46.95 64.36
N LEU JB 150 -109.09 -47.24 65.38
CA LEU JB 150 -110.49 -47.54 65.13
C LEU JB 150 -111.18 -46.38 64.42
N LEU JB 151 -110.97 -45.16 64.91
CA LEU JB 151 -111.48 -43.98 64.22
C LEU JB 151 -110.91 -43.91 62.80
N ILE JB 152 -109.62 -44.15 62.67
CA ILE JB 152 -108.95 -44.06 61.37
C ILE JB 152 -109.65 -44.94 60.35
N SER JB 153 -109.88 -46.20 60.71
CA SER JB 153 -110.54 -47.13 59.80
C SER JB 153 -111.88 -46.58 59.32
N LYS JB 154 -112.63 -45.94 60.20
CA LYS JB 154 -113.92 -45.36 59.80
C LYS JB 154 -113.73 -44.30 58.73
N ILE JB 155 -112.72 -43.44 58.90
CA ILE JB 155 -112.51 -42.36 57.94
C ILE JB 155 -112.05 -42.92 56.60
N ARG JB 156 -111.16 -43.91 56.60
CA ARG JB 156 -110.67 -44.46 55.35
C ARG JB 156 -111.82 -44.98 54.50
N GLU JB 157 -112.80 -45.62 55.12
CA GLU JB 157 -113.90 -46.21 54.37
C GLU JB 157 -114.99 -45.22 54.02
N GLU JB 158 -114.98 -44.02 54.61
CA GLU JB 158 -115.89 -42.97 54.19
C GLU JB 158 -115.23 -41.95 53.29
N TYR JB 159 -113.99 -41.58 53.57
CA TYR JB 159 -113.22 -40.65 52.75
C TYR JB 159 -112.01 -41.37 52.19
N PRO JB 160 -112.21 -42.27 51.23
CA PRO JB 160 -111.06 -42.97 50.64
C PRO JB 160 -110.21 -42.07 49.78
N ASP JB 161 -110.80 -40.99 49.23
CA ASP JB 161 -110.09 -40.13 48.30
C ASP JB 161 -109.19 -39.11 49.01
N ARG JB 162 -109.55 -38.72 50.23
CA ARG JB 162 -108.80 -37.70 50.95
C ARG JB 162 -107.48 -38.26 51.44
N MET JB 163 -106.72 -37.45 52.16
CA MET JB 163 -105.39 -37.80 52.64
C MET JB 163 -105.35 -37.68 54.16
N MET JB 164 -105.03 -38.79 54.81
CA MET JB 164 -105.09 -38.90 56.27
C MET JB 164 -103.67 -38.92 56.82
N LEU JB 165 -103.24 -37.78 57.33
CA LEU JB 165 -101.94 -37.64 57.97
C LEU JB 165 -102.00 -38.21 59.39
N THR JB 166 -100.82 -38.36 60.00
CA THR JB 166 -100.75 -38.94 61.34
C THR JB 166 -99.42 -38.54 61.98
N PHE JB 167 -99.48 -37.81 63.09
CA PHE JB 167 -98.31 -37.45 63.88
C PHE JB 167 -98.15 -38.37 65.09
N SER JB 168 -97.98 -39.66 64.87
CA SER JB 168 -97.94 -40.61 65.98
C SER JB 168 -96.60 -40.53 66.70
N VAL JB 169 -96.66 -40.33 68.01
CA VAL JB 169 -95.48 -40.41 68.87
C VAL JB 169 -95.14 -41.87 69.11
N VAL JB 170 -93.88 -42.23 68.90
CA VAL JB 170 -93.47 -43.63 68.95
C VAL JB 170 -92.97 -43.93 70.35
N PRO JB 171 -93.12 -45.16 70.83
CA PRO JB 171 -92.44 -45.56 72.07
C PRO JB 171 -90.93 -45.41 71.93
N SER JB 172 -90.31 -45.11 73.06
CA SER JB 172 -88.87 -44.93 73.14
C SER JB 172 -88.15 -46.27 72.97
N PRO JB 173 -86.96 -46.27 72.36
CA PRO JB 173 -86.24 -47.54 72.22
C PRO JB 173 -85.61 -48.01 73.50
N LYS JB 174 -85.10 -47.09 74.32
CA LYS JB 174 -84.39 -47.46 75.54
C LYS JB 174 -85.31 -47.49 76.76
N VAL JB 175 -86.00 -46.38 77.03
CA VAL JB 175 -86.84 -46.25 78.21
C VAL JB 175 -88.26 -46.65 77.84
N SER JB 176 -89.01 -47.15 78.83
CA SER JB 176 -90.37 -47.61 78.65
C SER JB 176 -91.28 -46.92 79.64
N ASP JB 177 -92.20 -46.11 79.15
CA ASP JB 177 -93.15 -45.43 80.02
C ASP JB 177 -94.36 -46.28 80.38
N THR JB 178 -94.68 -47.29 79.57
CA THR JB 178 -95.72 -48.25 79.87
C THR JB 178 -95.14 -49.65 79.68
N VAL JB 179 -95.75 -50.65 80.32
CA VAL JB 179 -95.24 -52.00 80.24
C VAL JB 179 -95.82 -52.77 79.05
N VAL JB 180 -97.00 -52.37 78.58
CA VAL JB 180 -97.66 -53.11 77.51
C VAL JB 180 -97.43 -52.33 76.22
N GLU JB 181 -96.38 -51.50 76.21
CA GLU JB 181 -96.00 -50.73 75.03
C GLU JB 181 -95.84 -51.58 73.77
N PRO JB 182 -95.02 -52.65 73.76
CA PRO JB 182 -94.82 -53.38 72.50
C PRO JB 182 -96.08 -54.00 71.95
N TYR JB 183 -97.04 -54.36 72.81
CA TYR JB 183 -98.31 -54.86 72.32
C TYR JB 183 -99.08 -53.77 71.59
N ASN JB 184 -99.30 -52.65 72.28
CA ASN JB 184 -100.12 -51.57 71.71
C ASN JB 184 -99.46 -50.95 70.49
N ALA JB 185 -98.14 -51.06 70.37
CA ALA JB 185 -97.46 -50.58 69.18
C ALA JB 185 -97.86 -51.41 67.97
N THR JB 186 -97.67 -52.73 68.06
CA THR JB 186 -97.90 -53.60 66.90
C THR JB 186 -99.36 -53.57 66.47
N LEU JB 187 -100.28 -53.80 67.41
CA LEU JB 187 -101.69 -53.84 67.07
C LEU JB 187 -102.17 -52.56 66.41
N SER JB 188 -101.46 -51.45 66.62
CA SER JB 188 -101.79 -50.21 65.93
C SER JB 188 -101.23 -50.20 64.51
N VAL JB 189 -99.93 -50.46 64.38
CA VAL JB 189 -99.27 -50.39 63.07
C VAL JB 189 -100.01 -51.25 62.05
N HIS JB 190 -100.45 -52.44 62.47
CA HIS JB 190 -101.24 -53.29 61.60
C HIS JB 190 -102.51 -52.61 61.12
N GLN JB 191 -102.88 -51.48 61.71
CA GLN JB 191 -103.98 -50.67 61.19
C GLN JB 191 -103.51 -49.46 60.40
N LEU JB 192 -102.31 -48.95 60.68
CA LEU JB 192 -101.82 -47.79 59.96
C LEU JB 192 -101.44 -48.13 58.53
N VAL JB 193 -100.71 -49.24 58.33
CA VAL JB 193 -100.18 -49.59 57.02
C VAL JB 193 -101.29 -49.64 55.98
N GLU JB 194 -102.50 -50.02 56.38
CA GLU JB 194 -103.63 -50.10 55.47
C GLU JB 194 -104.52 -48.87 55.53
N ASN JB 195 -104.39 -48.04 56.55
CA ASN JB 195 -105.32 -46.94 56.78
C ASN JB 195 -104.57 -45.64 57.02
N ALA JB 196 -103.46 -45.43 56.31
CA ALA JB 196 -102.74 -44.18 56.42
C ALA JB 196 -102.04 -43.89 55.10
N ASP JB 197 -101.88 -42.60 54.83
CA ASP JB 197 -101.17 -42.14 53.64
C ASP JB 197 -99.81 -41.54 53.96
N GLU JB 198 -99.71 -40.79 55.06
CA GLU JB 198 -98.43 -40.29 55.56
C GLU JB 198 -98.47 -40.39 57.08
N CYS JB 199 -97.45 -41.00 57.66
CA CYS JB 199 -97.39 -41.19 59.11
C CYS JB 199 -96.03 -40.75 59.62
N MET JB 200 -95.96 -39.53 60.16
CA MET JB 200 -94.74 -39.08 60.83
C MET JB 200 -94.54 -39.89 62.10
N VAL JB 201 -93.28 -40.11 62.46
CA VAL JB 201 -92.93 -40.84 63.67
C VAL JB 201 -92.10 -39.91 64.54
N LEU JB 202 -92.38 -39.92 65.84
CA LEU JB 202 -91.76 -38.98 66.77
C LEU JB 202 -91.45 -39.67 68.08
N ASP JB 203 -90.31 -39.34 68.66
CA ASP JB 203 -89.82 -40.02 69.85
C ASP JB 203 -89.45 -38.99 70.91
N ASN JB 204 -89.68 -39.35 72.18
CA ASN JB 204 -89.37 -38.45 73.27
C ASN JB 204 -87.89 -38.39 73.56
N GLU JB 205 -87.16 -39.49 73.33
CA GLU JB 205 -85.74 -39.54 73.66
C GLU JB 205 -84.96 -38.50 72.87
N ALA JB 206 -84.99 -38.59 71.53
CA ALA JB 206 -84.33 -37.59 70.70
C ALA JB 206 -84.85 -36.19 71.01
N LEU JB 207 -86.12 -36.08 71.41
CA LEU JB 207 -86.65 -34.78 71.79
C LEU JB 207 -85.95 -34.23 73.03
N TYR JB 208 -85.47 -35.10 73.91
CA TYR JB 208 -84.71 -34.62 75.06
C TYR JB 208 -83.31 -34.18 74.64
N ASP JB 209 -82.70 -34.93 73.73
CA ASP JB 209 -81.35 -34.58 73.27
C ASP JB 209 -81.34 -33.22 72.59
N ILE JB 210 -82.23 -33.03 71.60
CA ILE JB 210 -82.36 -31.74 70.95
C ILE JB 210 -82.55 -30.64 71.97
N CYS JB 211 -83.43 -30.87 72.95
CA CYS JB 211 -83.63 -29.87 73.99
C CYS JB 211 -82.44 -29.77 74.93
N PHE JB 212 -81.54 -30.75 74.94
CA PHE JB 212 -80.39 -30.70 75.84
C PHE JB 212 -79.15 -30.15 75.15
N ARG JB 213 -78.68 -30.80 74.10
CA ARG JB 213 -77.47 -30.36 73.40
C ARG JB 213 -77.66 -29.00 72.74
N THR JB 214 -78.55 -28.96 71.73
CA THR JB 214 -78.70 -27.76 70.94
C THR JB 214 -79.41 -26.66 71.72
N LEU JB 215 -80.62 -26.94 72.18
CA LEU JB 215 -81.41 -25.93 72.88
C LEU JB 215 -80.80 -25.50 74.20
N LYS JB 216 -79.83 -26.25 74.73
CA LYS JB 216 -79.15 -25.94 75.97
C LYS JB 216 -80.08 -25.87 77.17
N LEU JB 217 -81.33 -26.29 77.01
CA LEU JB 217 -82.29 -26.22 78.10
C LEU JB 217 -81.82 -27.07 79.27
N THR JB 218 -82.10 -26.59 80.49
CA THR JB 218 -81.73 -27.36 81.67
C THR JB 218 -82.79 -28.41 82.02
N THR JB 219 -84.07 -28.08 81.87
CA THR JB 219 -85.16 -28.98 82.26
C THR JB 219 -86.25 -28.93 81.21
N PRO JB 220 -86.22 -29.81 80.22
CA PRO JB 220 -87.33 -29.90 79.27
C PRO JB 220 -88.62 -30.41 79.89
N THR JB 221 -89.59 -29.52 80.05
CA THR JB 221 -90.93 -29.85 80.48
C THR JB 221 -91.79 -30.12 79.25
N PHE JB 222 -92.86 -30.88 79.45
CA PHE JB 222 -93.77 -31.16 78.35
C PHE JB 222 -94.33 -29.89 77.73
N GLY JB 223 -94.11 -28.73 78.33
CA GLY JB 223 -94.38 -27.48 77.65
C GLY JB 223 -93.41 -27.23 76.51
N ASP JB 224 -92.20 -27.80 76.59
CA ASP JB 224 -91.19 -27.55 75.58
C ASP JB 224 -91.24 -28.58 74.45
N LEU JB 225 -91.37 -29.86 74.79
CA LEU JB 225 -91.46 -30.88 73.76
C LEU JB 225 -92.67 -30.64 72.86
N ASN JB 226 -93.84 -30.47 73.46
CA ASN JB 226 -95.03 -30.15 72.67
C ASN JB 226 -94.87 -28.82 71.95
N HIS JB 227 -94.03 -27.92 72.46
CA HIS JB 227 -93.71 -26.71 71.71
C HIS JB 227 -92.98 -27.05 70.42
N LEU JB 228 -92.07 -28.02 70.48
CA LEU JB 228 -91.37 -28.45 69.27
C LEU JB 228 -92.31 -29.11 68.29
N ILE JB 229 -93.05 -30.12 68.74
CA ILE JB 229 -94.02 -30.78 67.88
C ILE JB 229 -94.98 -29.76 67.27
N SER JB 230 -95.28 -28.68 68.01
CA SER JB 230 -96.09 -27.62 67.44
C SER JB 230 -95.38 -26.96 66.26
N ALA JB 231 -94.06 -26.78 66.36
CA ALA JB 231 -93.34 -26.06 65.33
C ALA JB 231 -93.36 -26.80 64.01
N VAL JB 232 -93.02 -28.09 64.02
CA VAL JB 232 -92.98 -28.83 62.76
C VAL JB 232 -94.37 -29.03 62.19
N MET JB 233 -95.38 -29.15 63.06
CA MET JB 233 -96.75 -29.32 62.56
C MET JB 233 -97.21 -28.09 61.79
N SER JB 234 -96.96 -26.90 62.34
CA SER JB 234 -97.30 -25.68 61.63
C SER JB 234 -96.44 -25.50 60.39
N GLY JB 235 -95.18 -25.96 60.44
CA GLY JB 235 -94.28 -25.82 59.31
C GLY JB 235 -94.66 -26.64 58.10
N ILE JB 236 -95.61 -27.56 58.23
CA ILE JB 236 -95.96 -28.42 57.11
C ILE JB 236 -96.89 -27.72 56.13
N THR JB 237 -97.81 -26.90 56.63
CA THR JB 237 -98.84 -26.32 55.79
C THR JB 237 -98.62 -24.84 55.49
N CYS JB 238 -97.39 -24.36 55.65
CA CYS JB 238 -97.08 -22.99 55.26
C CYS JB 238 -97.45 -22.74 53.79
N CYS JB 239 -97.31 -23.77 52.95
CA CYS JB 239 -97.72 -23.64 51.56
C CYS JB 239 -99.24 -23.66 51.41
N LEU JB 240 -99.94 -24.15 52.42
CA LEU JB 240 -101.40 -24.14 52.37
C LEU JB 240 -101.97 -22.78 52.79
N ARG JB 241 -101.25 -22.05 53.64
CA ARG JB 241 -101.74 -20.79 54.20
C ARG JB 241 -101.12 -19.57 53.55
N PHE JB 242 -99.81 -19.55 53.39
CA PHE JB 242 -99.09 -18.38 52.92
C PHE JB 242 -98.70 -18.52 51.46
N PRO JB 243 -98.33 -17.41 50.82
CA PRO JB 243 -97.79 -17.51 49.46
C PRO JB 243 -96.45 -18.23 49.45
N GLY JB 244 -95.98 -18.54 48.26
CA GLY JB 244 -94.71 -19.20 48.10
C GLY JB 244 -94.24 -19.17 46.68
N GLN JB 245 -92.95 -18.87 46.47
CA GLN JB 245 -92.40 -18.93 45.13
C GLN JB 245 -92.47 -20.34 44.57
N LEU JB 246 -92.41 -21.35 45.44
CA LEU JB 246 -92.64 -22.74 45.06
C LEU JB 246 -93.56 -23.34 46.10
N ASN JB 247 -94.86 -23.40 45.80
CA ASN JB 247 -95.84 -23.91 46.75
C ASN JB 247 -95.81 -25.43 46.75
N ALA JB 248 -96.14 -26.01 47.90
CA ALA JB 248 -96.09 -27.46 48.10
C ALA JB 248 -97.35 -27.89 48.85
N ASP JB 249 -98.39 -28.22 48.09
CA ASP JB 249 -99.62 -28.77 48.66
C ASP JB 249 -99.30 -30.08 49.38
N LEU JB 250 -100.24 -30.51 50.24
CA LEU JB 250 -100.00 -31.70 51.03
C LEU JB 250 -99.90 -32.94 50.14
N ARG JB 251 -100.76 -33.04 49.13
CA ARG JB 251 -100.76 -34.24 48.30
C ARG JB 251 -99.47 -34.36 47.49
N LYS JB 252 -98.97 -33.24 46.96
CA LYS JB 252 -97.72 -33.27 46.20
C LYS JB 252 -96.50 -33.48 47.09
N LEU JB 253 -96.67 -33.46 48.41
CA LEU JB 253 -95.59 -33.94 49.27
C LEU JB 253 -95.55 -35.46 49.29
N ALA JB 254 -96.72 -36.11 49.33
CA ALA JB 254 -96.76 -37.57 49.40
C ALA JB 254 -96.22 -38.21 48.12
N VAL JB 255 -96.76 -37.81 46.97
CA VAL JB 255 -96.36 -38.44 45.71
C VAL JB 255 -94.87 -38.28 45.47
N ASN JB 256 -94.28 -37.19 45.96
CA ASN JB 256 -92.84 -36.99 45.89
C ASN JB 256 -92.09 -37.71 46.99
N LEU JB 257 -92.78 -38.47 47.83
CA LEU JB 257 -92.12 -39.00 49.01
C LEU JB 257 -92.21 -40.52 49.12
N ILE JB 258 -93.37 -41.12 48.83
CA ILE JB 258 -93.55 -42.54 49.05
C ILE JB 258 -93.58 -43.27 47.71
N PRO JB 259 -92.48 -43.94 47.33
CA PRO JB 259 -92.49 -44.69 46.07
C PRO JB 259 -93.48 -45.84 46.09
N PHE JB 260 -93.54 -46.61 47.17
CA PHE JB 260 -94.38 -47.77 47.27
C PHE JB 260 -95.46 -47.56 48.33
N PRO JB 261 -96.63 -48.17 48.16
CA PRO JB 261 -97.80 -47.79 48.98
C PRO JB 261 -97.65 -48.09 50.46
N ARG JB 262 -96.54 -48.66 50.92
CA ARG JB 262 -96.41 -49.07 52.31
C ARG JB 262 -95.24 -48.44 53.04
N LEU JB 263 -94.41 -47.67 52.37
CA LEU JB 263 -93.23 -47.06 53.01
C LEU JB 263 -93.53 -45.62 53.41
N HIS JB 264 -94.56 -45.45 54.23
CA HIS JB 264 -95.07 -44.13 54.57
C HIS JB 264 -94.82 -43.75 56.03
N PHE JB 265 -93.66 -44.13 56.56
CA PHE JB 265 -93.22 -43.69 57.88
C PHE JB 265 -92.04 -42.76 57.70
N PHE JB 266 -92.21 -41.50 58.08
CA PHE JB 266 -91.24 -40.46 57.77
C PHE JB 266 -90.38 -40.17 59.00
N MET JB 267 -89.55 -39.14 58.90
CA MET JB 267 -88.61 -38.77 59.95
C MET JB 267 -88.34 -37.28 59.81
N VAL JB 268 -88.65 -36.51 60.85
CA VAL JB 268 -88.73 -35.05 60.69
C VAL JB 268 -87.73 -34.33 61.57
N GLY JB 269 -87.71 -33.01 61.46
CA GLY JB 269 -86.81 -32.19 62.24
C GLY JB 269 -87.04 -30.74 61.88
N PHE JB 270 -86.57 -29.86 62.77
CA PHE JB 270 -86.82 -28.44 62.63
C PHE JB 270 -85.52 -27.65 62.69
N THR JB 271 -85.50 -26.53 61.97
CA THR JB 271 -84.38 -25.61 61.92
C THR JB 271 -84.91 -24.20 61.77
N PRO JB 272 -84.23 -23.19 62.33
CA PRO JB 272 -83.02 -23.32 63.13
C PRO JB 272 -83.32 -23.44 64.61
N LEU JB 273 -82.48 -24.18 65.33
CA LEU JB 273 -82.62 -24.33 66.77
C LEU JB 273 -81.32 -23.89 67.42
N THR JB 274 -81.41 -23.00 68.40
CA THR JB 274 -80.23 -22.50 69.08
C THR JB 274 -80.64 -21.94 70.43
N SER JB 275 -79.69 -21.93 71.35
CA SER JB 275 -79.91 -21.38 72.67
C SER JB 275 -79.89 -19.87 72.60
N ARG JB 276 -79.92 -19.21 73.76
CA ARG JB 276 -79.83 -17.75 73.77
C ARG JB 276 -78.39 -17.28 73.72
N GLY JB 277 -77.44 -18.16 74.06
CA GLY JB 277 -76.04 -17.79 73.93
C GLY JB 277 -75.60 -17.71 72.48
N SER JB 278 -75.76 -18.81 71.74
CA SER JB 278 -75.24 -18.86 70.38
C SER JB 278 -76.09 -18.08 69.39
N GLN JB 279 -77.37 -17.86 69.68
CA GLN JB 279 -78.19 -17.02 68.82
C GLN JB 279 -77.57 -15.64 68.66
N GLN JB 280 -76.82 -15.20 69.67
CA GLN JB 280 -76.08 -13.95 69.55
C GLN JB 280 -75.02 -14.01 68.46
N TYR JB 281 -74.45 -15.20 68.22
CA TYR JB 281 -73.39 -15.38 67.23
C TYR JB 281 -73.93 -15.87 65.89
N ARG JB 282 -74.61 -17.02 65.89
CA ARG JB 282 -74.95 -17.72 64.65
C ARG JB 282 -75.65 -16.81 63.66
N ALA JB 283 -75.14 -16.78 62.43
CA ALA JB 283 -75.74 -16.02 61.35
C ALA JB 283 -76.79 -16.84 60.64
N LEU JB 284 -77.87 -16.17 60.22
CA LEU JB 284 -79.01 -16.85 59.59
C LEU JB 284 -78.85 -16.76 58.09
N THR JB 285 -78.35 -17.85 57.48
CA THR JB 285 -78.22 -17.96 56.04
C THR JB 285 -78.62 -19.36 55.62
N VAL JB 286 -79.13 -19.48 54.40
CA VAL JB 286 -79.56 -20.75 53.83
C VAL JB 286 -78.52 -21.85 54.02
N PRO JB 287 -77.21 -21.59 53.84
CA PRO JB 287 -76.23 -22.64 54.15
C PRO JB 287 -76.35 -23.17 55.57
N GLU JB 288 -76.62 -22.32 56.55
CA GLU JB 288 -76.77 -22.79 57.93
C GLU JB 288 -77.93 -23.76 58.06
N LEU JB 289 -79.13 -23.32 57.66
CA LEU JB 289 -80.31 -24.15 57.80
C LEU JB 289 -80.13 -25.48 57.07
N THR JB 290 -79.66 -25.44 55.82
CA THR JB 290 -79.49 -26.68 55.06
C THR JB 290 -78.42 -27.57 55.67
N GLN JB 291 -77.43 -26.98 56.33
CA GLN JB 291 -76.43 -27.81 57.01
C GLN JB 291 -77.03 -28.45 58.25
N GLN JB 292 -77.68 -27.64 59.09
CA GLN JB 292 -78.23 -28.14 60.34
C GLN JB 292 -79.37 -29.13 60.10
N MET JB 293 -80.19 -28.86 59.08
CA MET JB 293 -81.34 -29.74 58.83
C MET JB 293 -80.88 -31.13 58.38
N TRP JB 294 -79.80 -31.20 57.61
CA TRP JB 294 -79.33 -32.48 57.11
C TRP JB 294 -78.49 -33.23 58.14
N ASP JB 295 -78.38 -32.71 59.35
CA ASP JB 295 -77.67 -33.39 60.40
C ASP JB 295 -78.42 -34.66 60.82
N ALA JB 296 -77.72 -35.55 61.52
CA ALA JB 296 -78.31 -36.77 62.02
C ALA JB 296 -78.90 -36.61 63.41
N LYS JB 297 -78.72 -35.45 64.04
CA LYS JB 297 -79.22 -35.21 65.39
C LYS JB 297 -80.63 -34.61 65.37
N ASN JB 298 -80.88 -33.64 64.49
CA ASN JB 298 -82.18 -32.98 64.46
C ASN JB 298 -83.34 -33.93 64.16
N MET JB 299 -83.05 -35.16 63.76
CA MET JB 299 -84.10 -36.14 63.50
C MET JB 299 -84.77 -36.48 64.83
N MET JB 300 -85.93 -35.89 65.07
CA MET JB 300 -86.63 -36.09 66.34
C MET JB 300 -86.96 -37.55 66.61
N CYS JB 301 -86.86 -38.43 65.62
CA CYS JB 301 -86.99 -39.86 65.86
C CYS JB 301 -85.62 -40.45 66.17
N ALA JB 302 -85.59 -41.37 67.13
CA ALA JB 302 -84.34 -42.00 67.56
C ALA JB 302 -83.96 -43.10 66.56
N ALA JB 303 -83.56 -42.66 65.37
CA ALA JB 303 -83.05 -43.55 64.34
C ALA JB 303 -81.93 -42.81 63.62
N ASP JB 304 -80.76 -43.43 63.58
CA ASP JB 304 -79.62 -42.79 62.93
C ASP JB 304 -79.72 -42.98 61.43
N PRO JB 305 -79.91 -41.91 60.66
CA PRO JB 305 -80.02 -42.06 59.20
C PRO JB 305 -78.74 -42.54 58.56
N ARG JB 306 -77.60 -42.40 59.25
CA ARG JB 306 -76.35 -42.92 58.73
C ARG JB 306 -76.37 -44.43 58.57
N HIS JB 307 -77.29 -45.11 59.26
CA HIS JB 307 -77.49 -46.54 59.07
C HIS JB 307 -78.45 -46.85 57.94
N GLY JB 308 -78.80 -45.86 57.13
CA GLY JB 308 -79.70 -46.10 56.02
C GLY JB 308 -79.45 -45.18 54.86
N ARG JB 309 -80.25 -45.30 53.81
CA ARG JB 309 -80.14 -44.45 52.63
C ARG JB 309 -81.49 -43.80 52.39
N TYR JB 310 -81.51 -42.48 52.43
CA TYR JB 310 -82.75 -41.74 52.22
C TYR JB 310 -83.37 -42.11 50.89
N LEU JB 311 -84.54 -42.73 50.91
CA LEU JB 311 -85.26 -42.96 49.66
C LEU JB 311 -85.58 -41.61 49.03
N THR JB 312 -86.39 -40.82 49.72
CA THR JB 312 -86.72 -39.46 49.32
C THR JB 312 -86.81 -38.61 50.58
N ALA JB 313 -86.38 -37.35 50.47
CA ALA JB 313 -86.46 -36.39 51.56
C ALA JB 313 -87.15 -35.12 51.07
N SER JB 314 -87.42 -34.21 51.99
CA SER JB 314 -88.09 -32.96 51.64
C SER JB 314 -87.70 -31.89 52.64
N ALA JB 315 -87.70 -30.64 52.18
CA ALA JB 315 -87.35 -29.50 53.00
C ALA JB 315 -88.29 -28.35 52.69
N LEU JB 316 -88.86 -27.76 53.73
CA LEU JB 316 -89.82 -26.67 53.59
C LEU JB 316 -89.23 -25.42 54.24
N PHE JB 317 -88.65 -24.55 53.42
CA PHE JB 317 -88.13 -23.29 53.92
C PHE JB 317 -89.26 -22.27 54.04
N ARG JB 318 -89.01 -21.22 54.82
CA ARG JB 318 -89.91 -20.08 54.86
C ARG JB 318 -89.12 -18.86 55.30
N GLY JB 319 -89.18 -17.82 54.50
CA GLY JB 319 -88.41 -16.61 54.72
C GLY JB 319 -87.91 -16.13 53.38
N ARG JB 320 -87.71 -14.81 53.27
CA ARG JB 320 -87.24 -14.23 52.02
C ARG JB 320 -85.81 -14.65 51.76
N MET JB 321 -85.60 -15.46 50.72
CA MET JB 321 -84.29 -16.00 50.43
C MET JB 321 -84.17 -16.21 48.92
N SER JB 322 -82.93 -16.38 48.47
CA SER JB 322 -82.64 -16.61 47.06
C SER JB 322 -82.84 -18.10 46.79
N THR JB 323 -83.83 -18.42 45.95
CA THR JB 323 -84.17 -19.81 45.72
C THR JB 323 -83.04 -20.58 45.04
N LYS JB 324 -82.07 -19.90 44.43
CA LYS JB 324 -80.97 -20.62 43.83
C LYS JB 324 -80.15 -21.35 44.87
N GLU JB 325 -79.94 -20.73 46.03
CA GLU JB 325 -79.17 -21.37 47.09
C GLU JB 325 -79.78 -22.71 47.45
N VAL JB 326 -81.08 -22.74 47.76
CA VAL JB 326 -81.70 -23.99 48.18
C VAL JB 326 -81.64 -25.03 47.07
N ASP JB 327 -81.57 -24.60 45.81
CA ASP JB 327 -81.41 -25.57 44.73
C ASP JB 327 -80.04 -26.21 44.77
N GLU JB 328 -78.99 -25.40 44.74
CA GLU JB 328 -77.64 -25.96 44.72
C GLU JB 328 -77.26 -26.57 46.05
N GLN JB 329 -77.82 -26.08 47.16
CA GLN JB 329 -77.51 -26.63 48.47
C GLN JB 329 -77.90 -28.11 48.54
N MET JB 330 -79.18 -28.41 48.30
CA MET JB 330 -79.63 -29.80 48.27
C MET JB 330 -78.85 -30.61 47.24
N LEU JB 331 -78.40 -29.96 46.16
CA LEU JB 331 -77.59 -30.67 45.18
C LEU JB 331 -76.21 -30.98 45.74
N ASN JB 332 -75.61 -30.05 46.46
CA ASN JB 332 -74.28 -30.28 47.02
C ASN JB 332 -74.30 -31.41 48.05
N VAL JB 333 -75.42 -31.57 48.76
CA VAL JB 333 -75.53 -32.67 49.71
C VAL JB 333 -75.57 -34.00 48.97
N GLN JB 334 -76.48 -34.13 47.99
CA GLN JB 334 -76.60 -35.36 47.25
C GLN JB 334 -75.28 -35.77 46.59
N ASN JB 335 -74.46 -34.79 46.22
CA ASN JB 335 -73.19 -35.10 45.57
C ASN JB 335 -72.16 -35.59 46.58
N LYS JB 336 -72.02 -34.89 47.70
CA LYS JB 336 -70.97 -35.20 48.68
C LYS JB 336 -71.13 -36.60 49.26
N ASN JB 337 -72.21 -36.84 49.99
CA ASN JB 337 -72.47 -38.18 50.53
C ASN JB 337 -73.49 -38.92 49.67
N SER JB 338 -73.09 -39.19 48.42
CA SER JB 338 -73.96 -39.91 47.51
C SER JB 338 -74.19 -41.36 47.91
N SER JB 339 -73.57 -41.81 49.00
CA SER JB 339 -73.83 -43.16 49.50
C SER JB 339 -75.14 -43.23 50.28
N TYR JB 340 -75.50 -42.17 50.98
CA TYR JB 340 -76.70 -42.14 51.80
C TYR JB 340 -77.97 -41.97 50.98
N PHE JB 341 -77.89 -42.10 49.67
CA PHE JB 341 -79.03 -41.89 48.79
C PHE JB 341 -79.08 -42.97 47.74
N VAL JB 342 -80.25 -43.56 47.55
CA VAL JB 342 -80.39 -44.64 46.58
C VAL JB 342 -80.06 -44.13 45.18
N GLU JB 343 -79.68 -45.06 44.31
CA GLU JB 343 -79.26 -44.73 42.96
C GLU JB 343 -80.43 -44.66 41.99
N TRP JB 344 -81.38 -45.59 42.09
CA TRP JB 344 -82.49 -45.62 41.17
C TRP JB 344 -83.41 -44.43 41.31
N ILE JB 345 -83.12 -43.50 42.21
CA ILE JB 345 -83.76 -42.20 42.27
C ILE JB 345 -82.69 -41.14 41.99
N PRO JB 346 -82.67 -40.54 40.81
CA PRO JB 346 -81.58 -39.61 40.46
C PRO JB 346 -81.53 -38.41 41.38
N ASN JB 347 -82.63 -37.67 41.47
CA ASN JB 347 -82.75 -36.55 42.40
C ASN JB 347 -83.86 -36.89 43.38
N ASN JB 348 -83.50 -37.06 44.65
CA ASN JB 348 -84.41 -37.61 45.63
C ASN JB 348 -84.82 -36.62 46.72
N VAL JB 349 -84.50 -35.35 46.58
CA VAL JB 349 -84.95 -34.35 47.53
C VAL JB 349 -85.88 -33.39 46.83
N LYS JB 350 -86.86 -32.88 47.58
CA LYS JB 350 -87.74 -31.82 47.11
C LYS JB 350 -87.52 -30.58 47.97
N SER JB 351 -87.49 -29.43 47.32
CA SER JB 351 -87.23 -28.16 47.98
C SER JB 351 -88.46 -27.27 47.82
N SER JB 352 -89.11 -26.96 48.93
CA SER JB 352 -90.24 -26.04 48.94
C SER JB 352 -89.83 -24.75 49.64
N VAL JB 353 -90.31 -23.62 49.12
CA VAL JB 353 -89.98 -22.32 49.68
C VAL JB 353 -91.26 -21.52 49.83
N CYS JB 354 -91.44 -20.92 51.01
CA CYS JB 354 -92.56 -20.04 51.28
C CYS JB 354 -92.04 -18.63 51.52
N ASP JB 355 -92.91 -17.65 51.25
CA ASP JB 355 -92.52 -16.26 51.26
C ASP JB 355 -92.75 -15.58 52.59
N ILE JB 356 -93.40 -16.24 53.54
CA ILE JB 356 -93.72 -15.64 54.84
C ILE JB 356 -92.98 -16.41 55.92
N PRO JB 357 -92.11 -15.77 56.69
CA PRO JB 357 -91.35 -16.48 57.72
C PRO JB 357 -92.24 -16.78 58.91
N PRO JB 358 -91.70 -17.39 59.96
CA PRO JB 358 -92.45 -17.47 61.21
C PRO JB 358 -92.62 -16.10 61.84
N LYS JB 359 -93.26 -16.04 63.00
CA LYS JB 359 -93.55 -14.74 63.60
C LYS JB 359 -92.28 -14.01 63.97
N GLY JB 360 -91.41 -14.66 64.73
CA GLY JB 360 -90.28 -13.95 65.31
C GLY JB 360 -89.00 -13.97 64.50
N LEU JB 361 -88.79 -15.03 63.73
CA LEU JB 361 -87.53 -15.20 63.01
C LEU JB 361 -87.60 -14.54 61.64
N LYS JB 362 -86.50 -14.68 60.88
CA LYS JB 362 -86.46 -14.26 59.49
C LYS JB 362 -86.30 -15.42 58.53
N MET JB 363 -85.66 -16.51 58.97
CA MET JB 363 -85.52 -17.71 58.15
C MET JB 363 -85.77 -18.93 59.02
N SER JB 364 -86.43 -19.92 58.45
CA SER JB 364 -86.67 -21.18 59.14
C SER JB 364 -86.89 -22.26 58.10
N ALA JB 365 -86.76 -23.51 58.54
CA ALA JB 365 -86.89 -24.63 57.63
C ALA JB 365 -87.27 -25.87 58.40
N THR JB 366 -87.96 -26.77 57.72
CA THR JB 366 -88.42 -28.02 58.32
C THR JB 366 -87.98 -29.17 57.44
N PHE JB 367 -87.50 -30.24 58.06
CA PHE JB 367 -86.93 -31.38 57.36
C PHE JB 367 -87.88 -32.56 57.46
N ILE JB 368 -87.96 -33.33 56.39
CA ILE JB 368 -88.73 -34.57 56.35
C ILE JB 368 -87.95 -35.58 55.54
N GLY JB 369 -87.71 -36.75 56.11
CA GLY JB 369 -86.96 -37.79 55.45
C GLY JB 369 -87.62 -39.13 55.55
N ASN JB 370 -87.69 -39.83 54.42
CA ASN JB 370 -88.20 -41.20 54.35
C ASN JB 370 -86.98 -42.09 54.15
N SER JB 371 -86.35 -42.47 55.26
CA SER JB 371 -85.11 -43.22 55.24
C SER JB 371 -85.35 -44.66 55.62
N THR JB 372 -84.46 -45.54 55.16
CA THR JB 372 -84.53 -46.95 55.52
C THR JB 372 -84.12 -47.19 56.97
N ALA JB 373 -83.43 -46.22 57.60
CA ALA JB 373 -83.03 -46.39 58.99
C ALA JB 373 -84.21 -46.52 59.93
N ILE JB 374 -85.39 -46.04 59.53
CA ILE JB 374 -86.58 -46.17 60.37
C ILE JB 374 -86.93 -47.63 60.59
N GLN JB 375 -86.47 -48.52 59.72
CA GLN JB 375 -86.69 -49.96 59.92
C GLN JB 375 -86.17 -50.43 61.27
N GLU JB 376 -85.26 -49.68 61.89
CA GLU JB 376 -84.72 -50.10 63.17
C GLU JB 376 -85.74 -50.00 64.29
N MET JB 377 -86.53 -48.92 64.30
CA MET JB 377 -87.55 -48.75 65.33
C MET JB 377 -88.49 -49.95 65.36
N PHE JB 378 -88.90 -50.42 64.19
CA PHE JB 378 -89.79 -51.58 64.14
C PHE JB 378 -89.06 -52.86 64.56
N LYS JB 379 -87.77 -52.97 64.23
CA LYS JB 379 -87.03 -54.17 64.61
C LYS JB 379 -86.89 -54.28 66.12
N ARG JB 380 -86.71 -53.13 66.79
CA ARG JB 380 -86.65 -53.15 68.25
C ARG JB 380 -87.99 -53.54 68.84
N VAL JB 381 -89.06 -52.89 68.40
CA VAL JB 381 -90.39 -53.18 68.94
C VAL JB 381 -90.77 -54.63 68.70
N SER JB 382 -90.55 -55.13 67.49
CA SER JB 382 -90.94 -56.49 67.16
C SER JB 382 -90.18 -57.52 67.98
N GLU JB 383 -89.02 -57.16 68.53
CA GLU JB 383 -88.33 -58.07 69.44
C GLU JB 383 -89.03 -58.10 70.79
N GLN JB 384 -89.36 -56.93 71.33
CA GLN JB 384 -90.03 -56.89 72.63
C GLN JB 384 -91.37 -57.59 72.58
N PHE JB 385 -92.11 -57.42 71.48
CA PHE JB 385 -93.39 -58.11 71.34
C PHE JB 385 -93.20 -59.62 71.34
N THR JB 386 -92.27 -60.11 70.52
CA THR JB 386 -92.06 -61.56 70.45
C THR JB 386 -91.45 -62.11 71.74
N ALA JB 387 -90.88 -61.24 72.58
CA ALA JB 387 -90.40 -61.69 73.88
C ALA JB 387 -91.56 -62.08 74.80
N MET JB 388 -92.45 -61.13 75.08
CA MET JB 388 -93.53 -61.42 76.01
C MET JB 388 -94.57 -62.33 75.39
N PHE JB 389 -94.81 -62.21 74.08
CA PHE JB 389 -95.76 -63.12 73.45
C PHE JB 389 -95.24 -64.55 73.45
N ARG JB 390 -93.92 -64.72 73.52
CA ARG JB 390 -93.36 -66.06 73.67
C ARG JB 390 -93.77 -66.67 75.01
N ARG JB 391 -93.99 -65.84 76.03
CA ARG JB 391 -94.44 -66.31 77.33
C ARG JB 391 -95.90 -65.99 77.58
N LYS JB 392 -96.57 -65.30 76.66
CA LYS JB 392 -97.97 -64.95 76.78
C LYS JB 392 -98.24 -64.12 78.04
N ALA JB 393 -97.27 -63.28 78.39
CA ALA JB 393 -97.43 -62.39 79.53
C ALA JB 393 -98.42 -61.28 79.20
N PHE JB 394 -99.21 -60.88 80.20
CA PHE JB 394 -100.21 -59.84 80.10
C PHE JB 394 -101.28 -60.15 79.05
N LEU JB 395 -101.23 -61.34 78.45
CA LEU JB 395 -102.12 -61.65 77.33
C LEU JB 395 -103.55 -61.89 77.78
N HIS JB 396 -103.77 -62.18 79.06
CA HIS JB 396 -105.12 -62.42 79.54
C HIS JB 396 -105.98 -61.17 79.49
N TRP JB 397 -105.36 -59.98 79.51
CA TRP JB 397 -106.14 -58.75 79.40
C TRP JB 397 -106.79 -58.62 78.03
N TYR JB 398 -105.98 -58.70 76.97
CA TYR JB 398 -106.51 -58.52 75.63
C TYR JB 398 -107.51 -59.61 75.27
N THR JB 399 -107.18 -60.86 75.59
CA THR JB 399 -108.15 -61.93 75.39
C THR JB 399 -109.39 -61.74 76.24
N GLY JB 400 -109.28 -61.02 77.35
CA GLY JB 400 -110.44 -60.63 78.11
C GLY JB 400 -111.38 -59.67 77.41
N GLU JB 401 -111.03 -59.22 76.20
CA GLU JB 401 -111.88 -58.35 75.40
C GLU JB 401 -112.33 -59.02 74.12
N GLY JB 402 -112.34 -60.35 74.07
CA GLY JB 402 -112.73 -61.07 72.89
C GLY JB 402 -111.66 -61.23 71.84
N MET JB 403 -110.47 -60.68 72.06
CA MET JB 403 -109.40 -60.80 71.09
C MET JB 403 -108.87 -62.23 71.04
N ASP JB 404 -108.14 -62.54 69.97
CA ASP JB 404 -107.51 -63.84 69.82
C ASP JB 404 -106.03 -63.64 69.56
N GLU JB 405 -105.31 -64.70 69.20
CA GLU JB 405 -103.86 -64.63 69.05
C GLU JB 405 -103.42 -64.44 67.61
N MET JB 406 -104.19 -64.92 66.64
CA MET JB 406 -103.90 -64.64 65.24
C MET JB 406 -103.77 -63.13 65.02
N GLU JB 407 -104.57 -62.35 65.73
CA GLU JB 407 -104.45 -60.89 65.66
C GLU JB 407 -103.05 -60.44 66.02
N PHE JB 408 -102.42 -61.12 66.97
CA PHE JB 408 -101.04 -60.79 67.33
C PHE JB 408 -100.07 -61.30 66.28
N THR JB 409 -100.26 -62.54 65.83
CA THR JB 409 -99.39 -63.10 64.79
C THR JB 409 -99.51 -62.30 63.49
N GLU JB 410 -100.72 -62.14 62.98
CA GLU JB 410 -100.93 -61.37 61.75
C GLU JB 410 -100.30 -60.00 61.85
N ALA JB 411 -100.49 -59.32 62.98
CA ALA JB 411 -99.88 -58.01 63.18
C ALA JB 411 -98.36 -58.11 63.12
N GLU JB 412 -97.79 -59.06 63.86
CA GLU JB 412 -96.34 -59.25 63.80
C GLU JB 412 -95.89 -59.61 62.39
N SER JB 413 -96.64 -60.48 61.72
CA SER JB 413 -96.33 -60.78 60.33
C SER JB 413 -96.34 -59.51 59.49
N ASN JB 414 -97.37 -58.69 59.63
CA ASN JB 414 -97.44 -57.43 58.90
C ASN JB 414 -96.23 -56.56 59.19
N MET JB 415 -95.71 -56.61 60.42
CA MET JB 415 -94.51 -55.87 60.74
C MET JB 415 -93.31 -56.40 59.98
N ASN JB 416 -93.06 -57.70 60.06
CA ASN JB 416 -91.89 -58.28 59.40
C ASN JB 416 -91.94 -58.07 57.90
N ASP JB 417 -93.14 -58.08 57.31
CA ASP JB 417 -93.27 -57.69 55.91
C ASP JB 417 -92.77 -56.27 55.69
N LEU JB 418 -93.12 -55.36 56.60
CA LEU JB 418 -92.76 -53.96 56.42
C LEU JB 418 -91.27 -53.74 56.55
N VAL JB 419 -90.66 -54.29 57.60
CA VAL JB 419 -89.23 -54.06 57.81
C VAL JB 419 -88.42 -54.72 56.70
N SER JB 420 -88.88 -55.85 56.18
CA SER JB 420 -88.17 -56.48 55.07
C SER JB 420 -88.21 -55.60 53.83
N GLU JB 421 -89.37 -55.00 53.55
CA GLU JB 421 -89.46 -54.05 52.45
C GLU JB 421 -88.48 -52.90 52.62
N TYR JB 422 -88.16 -52.55 53.86
CA TYR JB 422 -87.13 -51.54 54.12
C TYR JB 422 -85.72 -52.08 53.94
N GLN JB 423 -85.56 -53.39 53.79
CA GLN JB 423 -84.25 -53.97 53.53
C GLN JB 423 -83.99 -54.16 52.04
N GLN JB 424 -85.01 -54.55 51.28
CA GLN JB 424 -84.87 -54.71 49.84
C GLN JB 424 -84.26 -53.47 49.22
N TYR JB 425 -84.93 -52.34 49.36
CA TYR JB 425 -84.51 -51.09 48.74
C TYR JB 425 -83.37 -50.42 49.48
N GLN JB 426 -82.76 -51.11 50.42
CA GLN JB 426 -81.48 -50.71 51.00
C GLN JB 426 -80.45 -51.74 50.55
N ASP JB 427 -79.59 -51.35 49.60
CA ASP JB 427 -78.54 -52.24 49.11
C ASP JB 427 -77.25 -52.05 49.87
N ALA JB 428 -77.32 -51.63 51.13
CA ALA JB 428 -76.17 -51.48 52.00
C ALA JB 428 -75.10 -50.57 51.39
#